data_2MLS
#
_entry.id   2MLS
#
loop_
_entity.id
_entity.type
_entity.pdbx_description
1 polymer 'Macrophage metalloelastase'
2 non-polymer 'ZINC ION'
3 non-polymer 'CALCIUM ION'
4 non-polymer 1,2-DIMYRISTOYL-SN-GLYCERO-3-PHOSPHOCHOLINE
#
_entity_poly.entity_id   1
_entity_poly.type   'polypeptide(L)'
_entity_poly.pdbx_seq_one_letter_code
;FREMPGGPVWRKHYITYRINNYTPDMNREDVDYAIRKAFQVWSNVTPLKFSKINTGMADILVVFARGAHGDFHAFDGKGG
ILAHAFGPGSGIGGDAHFDEDEFWTTHSGGTNLFLTAVHAIGHSLGLGHSSDPKAVMFPTYKYVDINTFRLSADDIRGIQ
SLYG
;
_entity_poly.pdbx_strand_id   A
#
loop_
_chem_comp.id
_chem_comp.type
_chem_comp.name
_chem_comp.formula
CA non-polymer 'CALCIUM ION' 'Ca 2'
PX4 non-polymer 1,2-DIMYRISTOYL-SN-GLYCERO-3-PHOSPHOCHOLINE 'C36 H73 N O8 P 1'
ZN non-polymer 'ZINC ION' 'Zn 2'
#
# COMPACT_ATOMS: atom_id res chain seq x y z
N PHE A 1 15.37 -2.76 -12.83
CA PHE A 1 14.93 -3.66 -11.75
C PHE A 1 13.80 -3.00 -10.96
N ARG A 2 12.69 -3.70 -10.68
CA ARG A 2 11.51 -3.06 -10.14
C ARG A 2 11.40 -3.39 -8.66
N GLU A 3 12.12 -4.45 -8.27
CA GLU A 3 12.47 -4.87 -6.93
C GLU A 3 13.14 -3.81 -6.09
N MET A 4 12.91 -3.86 -4.77
CA MET A 4 13.77 -3.18 -3.82
C MET A 4 15.11 -3.89 -3.77
N PRO A 5 16.25 -3.21 -3.89
CA PRO A 5 17.58 -3.71 -3.59
C PRO A 5 17.71 -3.94 -2.10
N GLY A 6 18.57 -4.92 -1.79
CA GLY A 6 18.81 -5.52 -0.50
C GLY A 6 18.40 -6.99 -0.54
N GLY A 7 17.97 -7.60 0.57
CA GLY A 7 17.34 -8.90 0.63
C GLY A 7 15.99 -8.80 1.30
N PRO A 8 14.97 -8.19 0.70
CA PRO A 8 13.59 -8.12 1.15
C PRO A 8 13.12 -9.57 1.12
N VAL A 9 12.72 -10.08 2.28
CA VAL A 9 12.06 -11.37 2.45
C VAL A 9 11.25 -11.42 3.72
N TRP A 10 10.03 -11.97 3.66
CA TRP A 10 9.15 -12.03 4.81
C TRP A 10 9.30 -13.42 5.42
N ARG A 11 9.53 -14.43 4.57
CA ARG A 11 9.41 -15.84 4.86
C ARG A 11 8.05 -16.28 5.39
N LYS A 12 7.00 -15.50 5.20
CA LYS A 12 5.63 -15.62 5.65
C LYS A 12 4.77 -15.60 4.40
N HIS A 13 3.66 -16.34 4.30
CA HIS A 13 2.86 -16.60 3.13
C HIS A 13 1.40 -16.22 3.30
N TYR A 14 0.88 -16.54 4.49
CA TYR A 14 -0.46 -16.24 4.93
C TYR A 14 -0.35 -14.97 5.76
N ILE A 15 -0.83 -13.89 5.17
CA ILE A 15 -0.67 -12.54 5.68
C ILE A 15 -2.01 -11.99 6.13
N THR A 16 -2.05 -11.19 7.19
CA THR A 16 -3.27 -10.56 7.63
C THR A 16 -3.08 -9.08 7.92
N TYR A 17 -4.19 -8.35 8.02
CA TYR A 17 -4.31 -6.94 8.35
C TYR A 17 -5.51 -6.60 9.22
N ARG A 18 -5.42 -5.46 9.90
CA ARG A 18 -6.49 -4.69 10.52
C ARG A 18 -6.24 -3.24 10.13
N ILE A 19 -7.33 -2.52 9.85
CA ILE A 19 -7.39 -1.09 9.64
C ILE A 19 -7.50 -0.58 11.07
N ASN A 20 -6.44 0.10 11.51
CA ASN A 20 -6.36 0.53 12.89
C ASN A 20 -7.45 1.49 13.35
N ASN A 21 -7.65 2.51 12.52
CA ASN A 21 -8.41 3.70 12.83
C ASN A 21 -9.02 4.20 11.53
N TYR A 22 -10.20 4.82 11.54
CA TYR A 22 -10.99 5.26 10.40
C TYR A 22 -10.94 6.77 10.38
N THR A 23 -10.56 7.28 9.20
CA THR A 23 -10.51 8.66 8.79
C THR A 23 -11.85 9.36 8.64
N PRO A 24 -12.00 10.64 8.98
CA PRO A 24 -13.15 11.50 8.76
C PRO A 24 -13.37 11.84 7.29
N ASP A 25 -12.33 11.73 6.47
CA ASP A 25 -12.21 12.36 5.17
C ASP A 25 -13.06 11.58 4.19
N MET A 26 -12.96 10.25 4.19
CA MET A 26 -13.78 9.25 3.54
C MET A 26 -14.14 8.20 4.58
N ASN A 27 -15.40 7.75 4.63
CA ASN A 27 -15.97 6.98 5.71
C ASN A 27 -15.54 5.52 5.71
N ARG A 28 -15.68 4.84 6.85
CA ARG A 28 -15.21 3.53 7.23
C ARG A 28 -15.53 2.36 6.31
N GLU A 29 -16.73 2.42 5.72
CA GLU A 29 -17.09 1.43 4.72
C GLU A 29 -16.26 1.62 3.46
N ASP A 30 -16.02 2.86 3.04
CA ASP A 30 -15.35 3.27 1.83
C ASP A 30 -13.83 3.17 1.93
N VAL A 31 -13.34 3.20 3.17
CA VAL A 31 -11.99 2.78 3.53
C VAL A 31 -11.66 1.29 3.47
N ASP A 32 -12.56 0.52 4.08
CA ASP A 32 -12.42 -0.92 4.20
C ASP A 32 -12.64 -1.65 2.88
N TYR A 33 -13.43 -1.06 1.98
CA TYR A 33 -13.56 -1.41 0.58
C TYR A 33 -12.31 -1.01 -0.19
N ALA A 34 -11.74 0.16 0.09
CA ALA A 34 -10.63 0.58 -0.74
C ALA A 34 -9.40 -0.26 -0.47
N ILE A 35 -9.25 -0.72 0.78
CA ILE A 35 -8.13 -1.49 1.27
C ILE A 35 -8.30 -2.98 1.02
N ARG A 36 -9.53 -3.50 1.04
CA ARG A 36 -9.85 -4.75 0.38
C ARG A 36 -9.49 -4.84 -1.08
N LYS A 37 -9.87 -3.80 -1.82
CA LYS A 37 -9.66 -3.76 -3.26
C LYS A 37 -8.19 -3.57 -3.60
N ALA A 38 -7.45 -2.83 -2.78
CA ALA A 38 -6.01 -2.72 -2.87
C ALA A 38 -5.26 -4.04 -2.76
N PHE A 39 -5.48 -4.77 -1.67
CA PHE A 39 -4.99 -6.11 -1.41
C PHE A 39 -5.32 -7.13 -2.50
N GLN A 40 -6.55 -6.99 -3.02
CA GLN A 40 -7.01 -7.93 -4.02
C GLN A 40 -6.44 -7.75 -5.42
N VAL A 41 -5.67 -6.69 -5.62
CA VAL A 41 -4.81 -6.56 -6.78
C VAL A 41 -3.75 -7.66 -6.79
N TRP A 42 -3.03 -7.80 -5.68
CA TRP A 42 -1.74 -8.43 -5.74
C TRP A 42 -1.99 -9.92 -5.56
N SER A 43 -3.12 -10.39 -5.03
CA SER A 43 -3.55 -11.78 -4.98
C SER A 43 -3.82 -12.44 -6.33
N ASN A 44 -4.32 -11.65 -7.28
CA ASN A 44 -4.50 -12.07 -8.65
C ASN A 44 -3.18 -12.29 -9.38
N VAL A 45 -2.06 -11.81 -8.83
CA VAL A 45 -0.72 -12.02 -9.32
C VAL A 45 0.30 -12.55 -8.30
N THR A 46 -0.07 -13.16 -7.19
CA THR A 46 0.75 -13.74 -6.14
C THR A 46 0.24 -15.10 -5.69
N PRO A 47 1.07 -15.98 -5.11
CA PRO A 47 0.56 -17.19 -4.50
C PRO A 47 0.22 -16.96 -3.03
N LEU A 48 0.67 -15.80 -2.52
CA LEU A 48 0.25 -15.36 -1.20
C LEU A 48 -1.25 -15.25 -0.99
N LYS A 49 -1.63 -15.49 0.27
CA LYS A 49 -3.01 -15.52 0.73
C LYS A 49 -3.14 -14.37 1.72
N PHE A 50 -4.12 -13.47 1.55
CA PHE A 50 -4.34 -12.27 2.33
C PHE A 50 -5.74 -12.39 2.92
N SER A 51 -5.81 -12.18 4.24
CA SER A 51 -7.04 -12.17 5.00
C SER A 51 -7.15 -11.00 5.98
N LYS A 52 -8.36 -10.66 6.42
CA LYS A 52 -8.64 -9.65 7.41
C LYS A 52 -9.10 -10.32 8.70
N ILE A 53 -8.57 -9.95 9.87
CA ILE A 53 -8.96 -10.46 11.16
C ILE A 53 -9.63 -9.26 11.83
N ASN A 54 -10.30 -9.49 12.97
CA ASN A 54 -10.80 -8.48 13.88
C ASN A 54 -10.28 -8.74 15.29
N THR A 55 -9.53 -9.82 15.53
CA THR A 55 -8.84 -10.15 16.76
C THR A 55 -7.49 -10.78 16.46
N GLY A 56 -6.49 -10.41 17.27
CA GLY A 56 -5.10 -10.78 17.07
C GLY A 56 -4.24 -9.67 16.50
N MET A 57 -3.13 -10.02 15.84
CA MET A 57 -2.19 -9.05 15.31
C MET A 57 -2.25 -8.94 13.80
N ALA A 58 -2.20 -7.70 13.31
CA ALA A 58 -2.09 -7.43 11.90
C ALA A 58 -0.62 -7.49 11.53
N ASP A 59 -0.37 -8.07 10.35
CA ASP A 59 0.98 -8.23 9.85
C ASP A 59 1.39 -6.88 9.25
N ILE A 60 0.46 -6.33 8.48
CA ILE A 60 0.56 -5.02 7.86
C ILE A 60 -0.42 -4.12 8.61
N LEU A 61 0.14 -3.30 9.49
CA LEU A 61 -0.65 -2.44 10.35
C LEU A 61 -0.93 -1.26 9.43
N VAL A 62 -2.19 -1.10 9.00
CA VAL A 62 -2.69 0.08 8.31
C VAL A 62 -3.14 1.01 9.42
N VAL A 63 -2.61 2.23 9.44
CA VAL A 63 -2.78 3.24 10.48
C VAL A 63 -2.73 4.58 9.77
N PHE A 64 -3.65 5.46 10.17
CA PHE A 64 -3.87 6.79 9.63
C PHE A 64 -3.47 7.77 10.72
N ALA A 65 -2.30 8.42 10.57
CA ALA A 65 -1.64 9.32 11.50
C ALA A 65 -1.07 10.56 10.82
N ARG A 66 -0.83 11.60 11.62
CA ARG A 66 -0.22 12.86 11.24
C ARG A 66 0.94 13.18 12.18
N GLY A 67 1.94 13.99 11.83
CA GLY A 67 2.95 14.59 12.68
C GLY A 67 4.26 13.80 12.75
N ALA A 68 5.07 14.28 13.70
CA ALA A 68 6.11 13.52 14.36
C ALA A 68 5.31 12.61 15.27
N HIS A 69 5.24 11.33 14.92
CA HIS A 69 4.27 10.44 15.53
C HIS A 69 4.90 9.23 16.21
N GLY A 70 6.22 9.09 16.07
CA GLY A 70 6.97 7.87 16.31
C GLY A 70 7.70 7.46 15.04
N ASP A 71 8.80 6.72 15.16
CA ASP A 71 9.58 6.21 14.04
C ASP A 71 10.47 7.27 13.43
N PHE A 72 10.60 8.42 14.11
CA PHE A 72 11.46 9.55 13.82
C PHE A 72 10.92 10.31 12.62
N HIS A 73 10.62 9.61 11.53
CA HIS A 73 10.25 10.08 10.20
C HIS A 73 9.60 11.45 10.06
N ALA A 74 8.37 11.53 10.57
CA ALA A 74 7.40 12.60 10.42
C ALA A 74 6.52 12.52 9.18
N PHE A 75 5.21 12.75 9.34
CA PHE A 75 4.32 13.12 8.27
C PHE A 75 4.09 14.62 8.20
N ASP A 76 3.91 15.14 6.99
CA ASP A 76 4.32 16.44 6.49
C ASP A 76 3.22 17.46 6.74
N GLY A 77 1.94 17.09 6.58
CA GLY A 77 0.91 18.06 6.27
C GLY A 77 0.11 17.64 5.04
N LYS A 78 -0.82 18.44 4.53
CA LYS A 78 -1.47 18.29 3.23
C LYS A 78 -0.45 18.37 2.11
N GLY A 79 -0.36 17.38 1.21
CA GLY A 79 0.61 17.30 0.15
C GLY A 79 1.69 16.26 0.42
N GLY A 80 2.90 16.63 -0.03
CA GLY A 80 4.10 15.87 0.24
C GLY A 80 4.09 14.35 0.32
N ILE A 81 4.40 13.75 1.47
CA ILE A 81 4.31 12.35 1.81
C ILE A 81 2.85 11.93 1.86
N LEU A 82 2.50 10.80 1.28
CA LEU A 82 1.20 10.14 1.34
C LEU A 82 1.16 8.95 2.27
N ALA A 83 2.28 8.23 2.39
CA ALA A 83 2.46 7.05 3.21
C ALA A 83 3.91 6.98 3.65
N HIS A 84 4.20 6.40 4.82
CA HIS A 84 5.36 5.64 5.26
C HIS A 84 5.05 4.15 5.23
N ALA A 85 5.33 3.57 4.07
CA ALA A 85 5.46 2.12 3.92
C ALA A 85 6.91 1.77 4.16
N PHE A 86 7.02 0.70 4.96
CA PHE A 86 8.21 -0.04 5.35
C PHE A 86 8.55 -1.10 4.31
N GLY A 87 9.44 -2.04 4.65
CA GLY A 87 9.69 -3.24 3.86
C GLY A 87 9.43 -4.48 4.70
N PRO A 88 9.59 -5.68 4.14
CA PRO A 88 8.87 -6.82 4.64
C PRO A 88 9.51 -7.42 5.89
N GLY A 89 8.64 -8.05 6.69
CA GLY A 89 9.00 -8.90 7.80
C GLY A 89 8.16 -8.72 9.05
N SER A 90 8.49 -9.55 10.04
CA SER A 90 7.81 -9.65 11.32
C SER A 90 8.25 -8.50 12.20
N GLY A 91 7.29 -7.98 12.98
CA GLY A 91 7.50 -6.89 13.91
C GLY A 91 6.98 -5.56 13.36
N ILE A 92 7.57 -4.49 13.90
CA ILE A 92 7.51 -3.15 13.37
C ILE A 92 8.30 -3.08 12.07
N GLY A 93 7.64 -2.93 10.92
CA GLY A 93 8.03 -3.23 9.56
C GLY A 93 7.05 -4.25 9.01
N GLY A 94 6.87 -4.21 7.69
CA GLY A 94 5.92 -4.98 6.91
C GLY A 94 4.61 -4.23 6.75
N ASP A 95 4.63 -2.95 7.15
CA ASP A 95 3.51 -2.09 7.47
C ASP A 95 3.40 -0.87 6.57
N ALA A 96 2.25 -0.18 6.53
CA ALA A 96 2.04 0.93 5.63
C ALA A 96 1.18 1.90 6.42
N HIS A 97 1.86 2.96 6.86
CA HIS A 97 1.31 4.05 7.63
C HIS A 97 0.99 5.25 6.75
N PHE A 98 -0.25 5.73 6.64
CA PHE A 98 -0.74 6.78 5.77
C PHE A 98 -0.74 8.06 6.59
N ASP A 99 -0.69 9.19 5.88
CA ASP A 99 -0.77 10.52 6.45
C ASP A 99 -2.24 10.90 6.55
N GLU A 100 -2.73 11.33 7.72
CA GLU A 100 -4.06 11.84 8.00
C GLU A 100 -4.26 13.35 7.99
N ASP A 101 -3.22 14.17 7.83
CA ASP A 101 -3.29 15.57 7.46
C ASP A 101 -3.47 15.60 5.95
N GLU A 102 -3.29 14.48 5.26
CA GLU A 102 -3.80 14.33 3.90
C GLU A 102 -5.32 14.31 3.90
N PHE A 103 -6.06 14.77 2.89
CA PHE A 103 -7.49 14.92 2.77
C PHE A 103 -7.87 13.95 1.65
N TRP A 104 -8.19 12.72 2.06
CA TRP A 104 -8.34 11.61 1.14
C TRP A 104 -9.76 11.60 0.58
N THR A 105 -9.90 11.52 -0.74
CA THR A 105 -11.11 11.68 -1.51
C THR A 105 -11.26 10.67 -2.64
N THR A 106 -12.45 10.16 -2.94
CA THR A 106 -12.82 9.30 -4.04
C THR A 106 -13.22 9.97 -5.35
N HIS A 107 -13.01 11.28 -5.42
CA HIS A 107 -13.18 12.13 -6.59
C HIS A 107 -11.91 12.05 -7.43
N SER A 108 -12.05 12.12 -8.76
CA SER A 108 -11.05 11.93 -9.78
C SER A 108 -9.79 12.78 -9.67
N GLY A 109 -9.86 14.04 -9.21
CA GLY A 109 -8.73 14.93 -9.15
C GLY A 109 -8.48 15.24 -7.68
N GLY A 110 -8.73 14.32 -6.75
CA GLY A 110 -8.38 14.48 -5.36
C GLY A 110 -7.61 13.25 -4.89
N THR A 111 -7.00 13.27 -3.72
CA THR A 111 -6.00 12.29 -3.31
C THR A 111 -6.73 10.97 -3.11
N ASN A 112 -6.25 9.99 -3.86
CA ASN A 112 -6.73 8.62 -3.92
C ASN A 112 -5.93 7.73 -2.98
N LEU A 113 -6.70 7.05 -2.12
CA LEU A 113 -6.18 6.00 -1.27
C LEU A 113 -5.93 4.67 -1.97
N PHE A 114 -6.81 4.22 -2.87
CA PHE A 114 -6.72 2.96 -3.59
C PHE A 114 -5.38 2.82 -4.30
N LEU A 115 -5.10 3.70 -5.25
CA LEU A 115 -3.90 3.75 -6.07
C LEU A 115 -2.62 3.86 -5.26
N THR A 116 -2.60 4.41 -4.05
CA THR A 116 -1.43 4.58 -3.20
C THR A 116 -1.23 3.27 -2.46
N ALA A 117 -2.31 2.72 -1.87
CA ALA A 117 -2.27 1.57 -0.99
C ALA A 117 -1.71 0.33 -1.66
N VAL A 118 -2.02 0.29 -2.95
CA VAL A 118 -1.54 -0.73 -3.88
C VAL A 118 -0.02 -0.68 -3.88
N HIS A 119 0.65 0.45 -4.10
CA HIS A 119 2.09 0.50 -4.19
C HIS A 119 2.71 0.38 -2.81
N ALA A 120 2.02 0.84 -1.76
CA ALA A 120 2.44 0.85 -0.37
C ALA A 120 2.42 -0.59 0.12
N ILE A 121 1.48 -1.45 -0.27
CA ILE A 121 1.51 -2.87 0.01
C ILE A 121 2.66 -3.50 -0.77
N GLY A 122 2.96 -2.93 -1.93
CA GLY A 122 4.05 -3.34 -2.80
C GLY A 122 5.43 -3.05 -2.24
N HIS A 123 5.68 -1.84 -1.73
CA HIS A 123 6.80 -1.37 -0.94
C HIS A 123 7.05 -2.32 0.22
N SER A 124 5.95 -2.78 0.83
CA SER A 124 5.96 -3.66 1.99
C SER A 124 6.27 -5.10 1.63
N LEU A 125 6.06 -5.49 0.37
CA LEU A 125 6.42 -6.81 -0.12
C LEU A 125 7.81 -6.93 -0.72
N GLY A 126 8.42 -5.76 -0.96
CA GLY A 126 9.78 -5.63 -1.45
C GLY A 126 9.91 -5.01 -2.84
N LEU A 127 8.87 -4.29 -3.26
CA LEU A 127 8.92 -3.68 -4.57
C LEU A 127 9.41 -2.25 -4.39
N GLY A 128 10.15 -1.74 -5.38
CA GLY A 128 10.59 -0.37 -5.46
C GLY A 128 9.79 0.44 -6.47
N HIS A 129 10.45 1.16 -7.38
CA HIS A 129 9.76 1.81 -8.46
C HIS A 129 10.06 1.11 -9.78
N SER A 130 9.14 1.34 -10.72
CA SER A 130 9.27 0.96 -12.10
C SER A 130 9.73 2.18 -12.89
N SER A 131 10.06 2.02 -14.17
CA SER A 131 10.65 2.95 -15.12
C SER A 131 10.03 2.86 -16.50
N ASP A 132 8.94 2.11 -16.74
CA ASP A 132 8.29 2.07 -18.03
C ASP A 132 7.24 3.16 -17.84
N PRO A 133 7.02 4.05 -18.81
CA PRO A 133 6.10 5.16 -18.70
C PRO A 133 4.68 4.70 -18.98
N LYS A 134 4.27 3.51 -18.53
CA LYS A 134 2.91 3.05 -18.33
C LYS A 134 2.59 2.36 -17.02
N ALA A 135 3.60 2.32 -16.13
CA ALA A 135 3.57 1.45 -14.96
C ALA A 135 2.94 2.18 -13.79
N VAL A 136 2.46 1.43 -12.79
CA VAL A 136 1.93 2.03 -11.59
C VAL A 136 3.05 2.37 -10.62
N MET A 137 4.17 1.65 -10.61
CA MET A 137 5.30 1.92 -9.74
C MET A 137 6.29 2.93 -10.29
N PHE A 138 5.96 3.56 -11.41
CA PHE A 138 6.48 4.80 -11.97
C PHE A 138 6.39 5.90 -10.92
N PRO A 139 7.29 6.89 -10.83
CA PRO A 139 7.22 7.89 -9.78
C PRO A 139 6.05 8.87 -9.76
N THR A 140 5.76 9.39 -10.94
CA THR A 140 4.69 10.33 -11.22
C THR A 140 3.38 9.55 -11.18
N TYR A 141 2.32 10.20 -10.68
CA TYR A 141 1.00 9.65 -10.49
C TYR A 141 0.25 9.85 -11.81
N LYS A 142 -0.68 8.95 -12.16
CA LYS A 142 -1.63 9.01 -13.24
C LYS A 142 -2.85 8.37 -12.59
N TYR A 143 -4.02 9.00 -12.67
CA TYR A 143 -5.24 8.54 -12.01
C TYR A 143 -5.87 7.47 -12.89
N VAL A 144 -6.42 6.43 -12.27
CA VAL A 144 -7.09 5.28 -12.86
C VAL A 144 -8.16 4.90 -11.85
N ASP A 145 -9.41 4.83 -12.29
CA ASP A 145 -10.55 4.35 -11.52
C ASP A 145 -10.30 2.99 -10.90
N ILE A 146 -10.91 2.85 -9.72
CA ILE A 146 -10.74 1.75 -8.80
C ILE A 146 -10.96 0.39 -9.44
N ASN A 147 -12.07 0.24 -10.17
CA ASN A 147 -12.58 -1.00 -10.71
C ASN A 147 -12.14 -1.26 -12.15
N THR A 148 -11.89 -0.22 -12.93
CA THR A 148 -11.27 -0.38 -14.23
C THR A 148 -9.75 -0.44 -14.07
N PHE A 149 -9.16 -0.23 -12.90
CA PHE A 149 -7.78 -0.54 -12.59
C PHE A 149 -7.29 -1.87 -13.14
N ARG A 150 -6.03 -1.99 -13.55
CA ARG A 150 -5.18 -3.06 -14.05
C ARG A 150 -3.72 -2.69 -13.74
N LEU A 151 -2.88 -3.62 -13.30
CA LEU A 151 -1.44 -3.42 -13.19
C LEU A 151 -0.89 -3.48 -14.61
N SER A 152 0.24 -2.87 -14.97
CA SER A 152 0.92 -2.77 -16.24
C SER A 152 1.96 -3.87 -16.23
N ALA A 153 2.39 -4.29 -17.42
CA ALA A 153 3.20 -5.45 -17.71
C ALA A 153 4.51 -5.47 -16.94
N ASP A 154 5.15 -4.30 -16.84
CA ASP A 154 6.32 -4.02 -16.03
C ASP A 154 6.09 -4.27 -14.54
N ASP A 155 4.92 -3.92 -14.02
CA ASP A 155 4.64 -4.02 -12.60
C ASP A 155 4.45 -5.47 -12.16
N ILE A 156 3.86 -6.30 -13.01
CA ILE A 156 3.49 -7.71 -12.94
C ILE A 156 4.81 -8.48 -13.05
N ARG A 157 5.65 -8.02 -13.97
CA ARG A 157 7.01 -8.48 -14.16
C ARG A 157 7.88 -8.32 -12.91
N GLY A 158 7.61 -7.37 -12.04
CA GLY A 158 8.39 -7.02 -10.87
C GLY A 158 7.93 -7.84 -9.67
N ILE A 159 6.63 -8.00 -9.44
CA ILE A 159 6.19 -8.96 -8.46
C ILE A 159 6.46 -10.40 -8.88
N GLN A 160 6.53 -10.75 -10.16
CA GLN A 160 6.86 -12.09 -10.58
C GLN A 160 8.34 -12.45 -10.65
N SER A 161 9.19 -11.44 -10.82
CA SER A 161 10.61 -11.45 -10.57
C SER A 161 11.03 -11.71 -9.13
N LEU A 162 10.19 -11.30 -8.17
CA LEU A 162 10.41 -11.29 -6.74
C LEU A 162 9.89 -12.57 -6.11
N TYR A 163 8.70 -13.03 -6.51
CA TYR A 163 8.01 -14.17 -5.95
C TYR A 163 8.09 -15.32 -6.96
N GLY A 164 9.02 -15.31 -7.91
CA GLY A 164 9.24 -16.42 -8.82
C GLY A 164 10.67 -16.91 -8.66
ZN ZN B . 4.37 5.27 -6.30
ZN ZN C . 6.46 6.94 10.40
CA CA D . 1.12 14.57 3.31
CA CA E . 4.16 -5.34 10.96
CA CA F . -7.57 13.65 6.80
O1 PX4 G . 2.97 22.46 17.25
O2 PX4 G . 3.85 24.18 19.04
P1 PX4 G . 4.04 23.17 17.98
O3 PX4 G . 4.81 24.01 16.84
C1 PX4 G . 3.98 25.01 16.23
C2 PX4 G . 4.43 25.52 14.86
N1 PX4 G . 4.41 24.60 13.71
C3 PX4 G . 5.36 23.50 13.93
C4 PX4 G . 3.06 24.06 13.61
C5 PX4 G . 4.68 25.39 12.50
O4 PX4 G . 5.20 22.14 18.37
C6 PX4 G . 5.14 21.76 19.75
C7 PX4 G . 6.39 20.99 20.23
C8 PX4 G . 7.40 22.01 20.74
O5 PX4 G . 6.88 23.27 21.16
C9 PX4 G . 7.75 24.26 21.48
O6 PX4 G . 8.97 24.07 21.61
C10 PX4 G . 7.06 25.58 21.85
C11 PX4 G . 7.73 26.18 23.07
C12 PX4 G . 7.27 27.52 23.66
C13 PX4 G . 7.97 27.89 24.98
C14 PX4 G . 7.65 26.95 26.15
C15 PX4 G . 8.36 27.80 27.22
C16 PX4 G . 7.86 27.42 28.61
C17 PX4 G . 6.33 27.36 28.51
C18 PX4 G . 5.74 26.93 29.86
C19 PX4 G . 4.21 26.90 29.74
C20 PX4 G . 3.81 26.36 31.12
C21 PX4 G . 2.31 26.20 31.33
C22 PX4 G . 1.74 27.62 31.29
O7 PX4 G . 6.12 19.93 21.14
C23 PX4 G . 6.91 18.85 20.86
O8 PX4 G . 7.70 18.87 19.93
C24 PX4 G . 6.92 17.68 21.84
C25 PX4 G . 7.16 18.05 23.32
C26 PX4 G . 6.95 16.86 24.25
C27 PX4 G . 7.18 17.12 25.74
C28 PX4 G . 6.35 18.37 26.06
C29 PX4 G . 4.87 18.02 26.03
C30 PX4 G . 3.91 19.08 26.58
C31 PX4 G . 2.51 18.44 26.56
C32 PX4 G . 1.46 19.53 26.79
C33 PX4 G . 0.04 19.00 26.66
C34 PX4 G . -1.03 20.09 26.82
C35 PX4 G . -2.40 19.47 26.56
C36 PX4 G . -3.58 20.40 26.28
O1 PX4 H . 10.24 12.03 16.66
O2 PX4 H . 8.18 11.06 15.66
P1 PX4 H . 9.20 10.96 16.72
O3 PX4 H . 8.39 11.13 18.09
C1 PX4 H . 7.64 12.31 18.43
C2 PX4 H . 7.03 12.05 19.81
N1 PX4 H . 5.82 11.22 19.89
C3 PX4 H . 5.29 11.30 21.25
C4 PX4 H . 4.84 11.83 18.98
C5 PX4 H . 6.09 9.82 19.52
O4 PX4 H . 9.84 9.48 16.77
C6 PX4 H . 10.19 9.34 18.15
C7 PX4 H . 10.38 7.86 18.47
C8 PX4 H . 11.61 7.64 19.36
O5 PX4 H . 11.93 8.54 20.43
C9 PX4 H . 13.24 8.40 20.80
O6 PX4 H . 13.99 7.58 20.30
C10 PX4 H . 13.64 9.28 21.99
C11 PX4 H . 14.48 8.61 23.08
C12 PX4 H . 13.77 7.43 23.75
C13 PX4 H . 14.72 6.46 24.45
C14 PX4 H . 13.97 5.41 25.27
C15 PX4 H . 15.12 4.75 26.02
C16 PX4 H . 15.85 5.52 27.13
C17 PX4 H . 16.55 4.63 28.15
C18 PX4 H . 17.05 5.43 29.35
C19 PX4 H . 17.94 6.58 28.88
C20 PX4 H . 18.47 7.42 30.04
C21 PX4 H . 19.43 8.55 29.64
C22 PX4 H . 19.61 9.36 30.92
O7 PX4 H . 9.19 7.38 19.10
C23 PX4 H . 8.91 6.05 18.97
O8 PX4 H . 9.10 5.58 17.85
C24 PX4 H . 7.80 5.50 19.85
C25 PX4 H . 7.86 3.97 19.97
C26 PX4 H . 8.91 3.59 21.02
C27 PX4 H . 8.86 2.10 21.35
C28 PX4 H . 9.68 1.85 22.61
C29 PX4 H . 9.82 0.37 22.97
C30 PX4 H . 10.81 0.05 24.08
C31 PX4 H . 10.76 -1.47 24.15
C32 PX4 H . 11.72 -1.88 25.27
C33 PX4 H . 11.56 -3.33 25.74
C34 PX4 H . 12.83 -3.53 26.56
C35 PX4 H . 12.87 -2.87 27.95
C36 PX4 H . 13.94 -3.41 28.89
O1 PX4 I . 22.61 -3.19 19.97
O2 PX4 I . 21.04 -1.69 18.54
P1 PX4 I . 22.27 -1.90 19.33
O3 PX4 I . 23.28 -1.87 18.08
C1 PX4 I . 22.98 -3.02 17.28
C2 PX4 I . 24.16 -3.43 16.40
N1 PX4 I . 25.49 -3.79 16.94
C3 PX4 I . 26.21 -2.59 17.40
C4 PX4 I . 25.32 -4.80 17.99
C5 PX4 I . 26.39 -4.28 15.89
O4 PX4 I . 22.94 -0.54 19.89
C6 PX4 I . 24.23 -0.85 20.42
C7 PX4 I . 24.97 0.41 20.87
C8 PX4 I . 24.07 1.18 21.84
O5 PX4 I . 23.44 0.51 22.94
C9 PX4 I . 22.71 1.29 23.78
O6 PX4 I . 22.88 2.51 23.77
C10 PX4 I . 22.08 0.52 24.94
C11 PX4 I . 22.81 0.82 26.25
C12 PX4 I . 22.04 0.55 27.54
C13 PX4 I . 22.83 0.89 28.81
C14 PX4 I . 24.23 0.27 28.78
C15 PX4 I . 24.69 0.11 30.23
C16 PX4 I . 26.07 -0.55 30.34
C17 PX4 I . 26.41 -0.64 31.84
C18 PX4 I . 25.40 -1.44 32.66
C19 PX4 I . 25.88 -1.69 34.10
C20 PX4 I . 26.05 -0.44 34.98
C21 PX4 I . 26.54 -0.85 36.37
C22 PX4 I . 28.06 -0.89 36.13
O7 PX4 I . 26.25 0.12 21.44
C23 PX4 I . 27.32 -0.08 20.62
O8 PX4 I . 27.15 -0.01 19.41
C24 PX4 I . 28.70 -0.30 21.23
C25 PX4 I . 29.21 -1.61 20.66
C26 PX4 I . 30.64 -1.80 21.19
C27 PX4 I . 30.44 -2.44 22.56
C28 PX4 I . 31.73 -2.86 23.26
C29 PX4 I . 31.43 -3.46 24.63
C30 PX4 I . 30.28 -4.47 24.68
C31 PX4 I . 29.82 -4.55 26.14
C32 PX4 I . 31.00 -5.12 26.93
C33 PX4 I . 30.79 -5.30 28.43
C34 PX4 I . 30.35 -3.97 29.08
C35 PX4 I . 30.31 -4.20 30.59
C36 PX4 I . 30.02 -2.83 31.20
O1 PX4 J . 32.12 8.94 11.51
O2 PX4 J . 34.49 9.73 10.69
P1 PX4 J . 33.54 9.30 11.74
O3 PX4 J . 34.05 7.84 12.20
C1 PX4 J . 35.30 7.61 11.55
C2 PX4 J . 35.91 6.21 11.75
N1 PX4 J . 36.14 5.61 13.07
C3 PX4 J . 34.87 5.08 13.57
C4 PX4 J . 37.07 4.50 12.83
C5 PX4 J . 36.51 6.65 14.04
O4 PX4 J . 33.73 9.89 13.23
C6 PX4 J . 32.97 9.21 14.22
C7 PX4 J . 33.36 9.52 15.68
C8 PX4 J . 34.76 10.11 15.74
O5 PX4 J . 35.52 9.52 16.79
C9 PX4 J . 36.69 10.16 17.06
O6 PX4 J . 37.21 10.79 16.16
C10 PX4 J . 37.50 9.65 18.25
C11 PX4 J . 38.56 8.69 17.70
C12 PX4 J . 38.01 7.28 18.01
C13 PX4 J . 38.17 6.97 19.50
C14 PX4 J . 37.85 5.51 19.85
C15 PX4 J . 37.63 5.21 21.32
C16 PX4 J . 37.10 3.78 21.49
C17 PX4 J . 37.12 3.54 23.00
C18 PX4 J . 35.71 3.40 23.58
C19 PX4 J . 35.64 3.01 25.06
C20 PX4 J . 36.28 4.00 26.05
C21 PX4 J . 36.06 3.51 27.48
C22 PX4 J . 37.21 4.11 28.30
O7 PX4 J . 32.41 10.34 16.36
C23 PX4 J . 31.15 9.94 16.67
O8 PX4 J . 30.77 8.82 16.32
C24 PX4 J . 30.25 10.94 17.41
C25 PX4 J . 30.60 10.94 18.91
C26 PX4 J . 29.68 11.93 19.61
C27 PX4 J . 30.30 12.25 20.97
C28 PX4 J . 30.63 13.73 20.83
C29 PX4 J . 31.12 14.43 22.09
C30 PX4 J . 30.07 14.22 23.19
C31 PX4 J . 30.30 14.77 24.60
C32 PX4 J . 28.99 14.96 25.38
C33 PX4 J . 29.21 15.79 26.65
C34 PX4 J . 27.99 15.68 27.57
C35 PX4 J . 28.31 16.21 28.98
C36 PX4 J . 27.02 15.94 29.77
O1 PX4 K . 25.45 -15.27 18.76
O2 PX4 K . 22.79 -14.99 18.99
P1 PX4 K . 24.20 -14.56 19.07
O3 PX4 K . 24.23 -13.31 18.06
C1 PX4 K . 24.09 -13.90 16.76
C2 PX4 K . 23.72 -12.91 15.66
N1 PX4 K . 24.83 -12.36 14.86
C3 PX4 K . 26.08 -11.95 15.52
C4 PX4 K . 25.10 -13.29 13.75
C5 PX4 K . 24.45 -11.10 14.20
O4 PX4 K . 24.62 -13.73 20.39
C6 PX4 K . 23.57 -12.85 20.80
C7 PX4 K . 24.09 -12.13 22.04
C8 PX4 K . 25.00 -13.15 22.71
O5 PX4 K . 24.54 -13.61 23.98
C9 PX4 K . 25.48 -14.41 24.57
O6 PX4 K . 26.37 -14.97 23.93
C10 PX4 K . 25.12 -14.85 25.98
C11 PX4 K . 26.17 -15.63 26.77
C12 PX4 K . 25.82 -15.68 28.26
C13 PX4 K . 26.05 -14.32 28.90
C14 PX4 K . 25.53 -14.17 30.33
C15 PX4 K . 25.87 -12.73 30.74
C16 PX4 K . 25.46 -12.58 32.20
C17 PX4 K . 25.79 -11.17 32.68
C18 PX4 K . 25.53 -10.86 34.16
C19 PX4 K . 25.80 -9.39 34.42
C20 PX4 K . 25.98 -9.08 35.91
C21 PX4 K . 26.27 -7.58 36.13
C22 PX4 K . 27.43 -7.10 35.26
O7 PX4 K . 24.83 -10.95 21.75
C23 PX4 K . 24.19 -9.77 21.96
O8 PX4 K . 23.17 -9.76 22.67
C24 PX4 K . 24.95 -8.45 21.73
C25 PX4 K . 24.22 -7.14 22.05
C26 PX4 K . 25.05 -5.92 21.63
C27 PX4 K . 25.54 -5.14 22.85
C28 PX4 K . 25.46 -3.61 22.75
C29 PX4 K . 26.04 -3.11 24.08
C30 PX4 K . 25.98 -1.60 24.28
C31 PX4 K . 26.74 -1.07 25.50
C32 PX4 K . 28.25 -1.16 25.27
C33 PX4 K . 28.68 -0.44 26.56
C34 PX4 K . 30.21 -0.34 26.55
C35 PX4 K . 30.83 0.50 25.43
C36 PX4 K . 32.31 0.16 25.35
O1 PX4 L . 31.01 -0.81 14.31
O2 PX4 L . 28.91 -1.57 15.60
P1 PX4 L . 30.38 -1.48 15.47
O3 PX4 L . 30.59 -0.49 16.72
C1 PX4 L . 30.05 0.74 16.24
C2 PX4 L . 29.72 1.49 17.54
N1 PX4 L . 29.47 2.93 17.43
C3 PX4 L . 28.49 3.33 16.41
C4 PX4 L . 28.83 3.38 18.68
C5 PX4 L . 30.70 3.72 17.35
O4 PX4 L . 31.18 -2.77 16.00
C6 PX4 L . 30.81 -3.05 17.36
C7 PX4 L . 30.39 -4.52 17.49
C8 PX4 L . 31.62 -5.42 17.51
O5 PX4 L . 32.44 -5.37 18.69
C9 PX4 L . 32.92 -6.60 18.98
O6 PX4 L . 32.75 -7.61 18.29
C10 PX4 L . 33.91 -6.66 20.15
C11 PX4 L . 34.98 -5.58 20.07
C12 PX4 L . 35.92 -5.51 21.26
C13 PX4 L . 35.01 -5.38 22.49
C14 PX4 L . 35.80 -5.33 23.79
C15 PX4 L . 36.59 -6.58 24.18
C16 PX4 L . 37.30 -6.59 25.53
C17 PX4 L . 38.38 -5.51 25.64
C18 PX4 L . 39.33 -5.20 24.48
C19 PX4 L . 40.45 -4.18 24.71
C20 PX4 L . 41.27 -4.13 23.43
C21 PX4 L . 40.59 -3.42 22.26
C22 PX4 L . 41.51 -3.40 21.03
O7 PX4 L . 29.49 -4.64 18.59
C23 PX4 L . 28.94 -5.86 18.77
O8 PX4 L . 28.71 -6.64 17.84
C24 PX4 L . 28.56 -6.09 20.23
C25 PX4 L . 29.62 -6.94 20.95
C26 PX4 L . 29.21 -6.97 22.42
C27 PX4 L . 30.10 -8.00 23.14
C28 PX4 L . 31.48 -7.48 23.50
C29 PX4 L . 32.16 -8.60 24.29
C30 PX4 L . 32.27 -9.89 23.48
C31 PX4 L . 32.88 -10.89 24.48
C32 PX4 L . 33.98 -11.77 23.88
C33 PX4 L . 34.89 -12.56 24.83
C34 PX4 L . 35.43 -11.62 25.90
C35 PX4 L . 36.45 -12.37 26.77
C36 PX4 L . 37.07 -11.45 27.82
O1 PX4 M . -12.29 25.25 19.20
O2 PX4 M . -13.47 24.85 17.07
P1 PX4 M . -13.20 25.80 18.16
O3 PX4 M . -12.49 27.06 17.45
C1 PX4 M . -11.91 26.67 16.21
C2 PX4 M . -11.86 27.84 15.22
N1 PX4 M . -13.07 28.52 14.73
C3 PX4 M . -13.35 29.69 15.56
C4 PX4 M . -12.77 29.07 13.39
C5 PX4 M . -14.27 27.70 14.49
O4 PX4 M . -14.52 26.46 18.80
C6 PX4 M . -13.98 27.37 19.75
C7 PX4 M . -15.04 28.28 20.38
C8 PX4 M . -15.56 27.60 21.65
O5 PX4 M . -14.77 27.52 22.83
C9 PX4 M . -15.33 27.13 24.01
O6 PX4 M . -16.55 27.11 24.21
C10 PX4 M . -14.43 27.04 25.24
C11 PX4 M . -13.69 25.70 25.36
C12 PX4 M . -12.60 25.48 26.40
C13 PX4 M . -12.13 24.02 26.43
C14 PX4 M . -11.29 23.86 27.70
C15 PX4 M . -11.20 22.39 28.10
C16 PX4 M . -12.59 21.84 28.38
C17 PX4 M . -12.59 20.33 28.62
C18 PX4 M . -13.78 19.90 29.51
C19 PX4 M . -13.25 18.85 30.49
C20 PX4 M . -14.32 18.55 31.55
C21 PX4 M . -14.00 17.34 32.43
C22 PX4 M . -13.78 16.10 31.57
O7 PX4 M . -14.68 29.67 20.32
C23 PX4 M . -15.26 30.38 19.31
O8 PX4 M . -15.79 29.90 18.32
C24 PX4 M . -15.21 31.90 19.50
C25 PX4 M . -16.43 32.67 18.97
C26 PX4 M . -16.41 34.15 19.38
C27 PX4 M . -16.19 34.22 20.90
C28 PX4 M . -16.50 35.70 21.17
C29 PX4 M . -16.50 36.08 22.65
C30 PX4 M . -17.22 37.41 22.83
C31 PX4 M . -17.29 37.84 24.29
C32 PX4 M . -18.09 39.14 24.32
C33 PX4 M . -18.77 39.47 25.64
C34 PX4 M . -19.84 40.54 25.41
C35 PX4 M . -20.65 40.78 26.70
C36 PX4 M . -21.82 41.72 26.46
O1 PX4 N . -0.10 30.14 13.59
O2 PX4 N . -2.19 28.61 13.96
P1 PX4 N . -1.18 29.59 14.43
O3 PX4 N . -2.07 30.93 14.55
C1 PX4 N . -2.47 31.38 13.26
C2 PX4 N . -2.21 32.88 13.07
N1 PX4 N . -2.96 33.95 13.74
C3 PX4 N . -2.69 33.96 15.18
C4 PX4 N . -2.25 35.19 13.40
C5 PX4 N . -4.35 34.10 13.29
O4 PX4 N . -0.94 29.58 16.02
C6 PX4 N . -0.21 30.71 16.48
C7 PX4 N . -0.47 31.24 17.90
C8 PX4 N . -1.87 30.72 18.21
O5 PX4 N . -2.50 31.42 19.28
C9 PX4 N . -3.74 30.98 19.61
O6 PX4 N . -4.09 29.88 19.18
C10 PX4 N . -4.40 31.71 20.76
C11 PX4 N . -5.12 30.74 21.71
C12 PX4 N . -5.73 31.56 22.85
C13 PX4 N . -6.54 30.57 23.69
C14 PX4 N . -5.76 30.07 24.91
C15 PX4 N . -5.32 31.12 25.93
C16 PX4 N . -4.50 30.49 27.06
C17 PX4 N . -4.33 31.53 28.16
C18 PX4 N . -3.06 31.30 28.98
C19 PX4 N . -3.04 29.86 29.49
C20 PX4 N . -2.00 29.54 30.58
C21 PX4 N . -2.45 28.14 31.02
C22 PX4 N . -2.18 27.25 29.81
O7 PX4 N . 0.51 31.07 18.93
C23 PX4 N . 1.63 31.82 19.04
O8 PX4 N . 2.08 32.45 18.09
C24 PX4 N . 2.61 31.22 20.07
C25 PX4 N . 2.77 31.96 21.39
C26 PX4 N . 3.60 31.20 22.42
C27 PX4 N . 3.71 31.92 23.77
C28 PX4 N . 4.46 33.24 23.53
C29 PX4 N . 4.78 34.02 24.81
C30 PX4 N . 3.60 34.71 25.47
C31 PX4 N . 4.09 35.19 26.85
C32 PX4 N . 5.04 36.39 26.76
C33 PX4 N . 5.19 36.95 28.17
C34 PX4 N . 6.12 38.17 28.12
C35 PX4 N . 6.17 38.82 29.51
C36 PX4 N . 7.09 40.01 29.76
O1 PX4 O . 14.59 -1.81 16.80
O2 PX4 O . 12.81 -3.66 16.65
P1 PX4 O . 13.22 -2.25 16.46
O3 PX4 O . 12.89 -1.89 14.93
C1 PX4 O . 13.09 -3.05 14.10
C2 PX4 O . 12.49 -2.88 12.71
N1 PX4 O . 12.81 -1.76 11.80
C3 PX4 O . 14.08 -1.09 12.13
C4 PX4 O . 12.86 -2.29 10.44
C5 PX4 O . 11.74 -0.75 11.90
O4 PX4 O . 12.14 -1.30 17.18
C6 PX4 O . 12.57 0.05 17.01
C7 PX4 O . 11.97 1.13 17.92
C8 PX4 O . 10.64 0.57 18.42
O5 PX4 O . 9.58 0.78 17.49
C9 PX4 O . 8.38 0.35 17.96
O6 PX4 O . 8.35 -0.42 18.92
C10 PX4 O . 7.11 0.57 17.13
C11 PX4 O . 6.71 2.05 17.18
C12 PX4 O . 6.30 2.55 15.80
C13 PX4 O . 6.34 4.08 15.82
C14 PX4 O . 5.08 4.51 16.57
C15 PX4 O . 3.98 4.54 15.51
C16 PX4 O . 2.55 4.72 16.01
C17 PX4 O . 1.60 4.27 14.89
C18 PX4 O . 0.28 4.49 15.61
C19 PX4 O . 0.26 3.74 16.94
C20 PX4 O . -1.18 3.92 17.41
C21 PX4 O . -1.40 3.35 18.82
C22 PX4 O . -0.54 3.74 20.03
O7 PX4 O . 12.88 1.25 19.02
C23 PX4 O . 13.15 2.49 19.52
O8 PX4 O . 12.31 3.35 19.27
C24 PX4 O . 14.27 2.58 20.55
C25 PX4 O . 13.83 2.53 22.02
C26 PX4 O . 14.99 2.42 23.01
C27 PX4 O . 15.35 0.95 23.22
C28 PX4 O . 16.56 0.81 24.15
C29 PX4 O . 16.82 -0.64 24.57
C30 PX4 O . 15.74 -1.32 25.40
C31 PX4 O . 16.34 -2.57 26.03
C32 PX4 O . 17.55 -2.10 26.84
C33 PX4 O . 18.21 -3.39 27.36
C34 PX4 O . 19.26 -2.97 28.39
C35 PX4 O . 20.02 -4.20 28.88
C36 PX4 O . 21.00 -3.92 30.03
O1 PX4 P . 20.14 9.17 19.57
O2 PX4 P . 21.21 10.16 17.41
P1 PX4 P . 21.30 9.53 18.74
O3 PX4 P . 22.26 8.23 18.66
C1 PX4 P . 22.42 7.76 19.99
C2 PX4 P . 23.38 6.61 20.27
N1 PX4 P . 23.39 5.93 21.57
C3 PX4 P . 23.50 6.95 22.63
C4 PX4 P . 22.13 5.21 21.83
C5 PX4 P . 24.43 4.90 21.68
O4 PX4 P . 22.19 10.47 19.70
C6 PX4 P . 21.99 11.88 19.47
C7 PX4 P . 21.89 12.77 20.71
C8 PX4 P . 22.10 11.83 21.90
O5 PX4 P . 20.83 11.39 22.41
C9 PX4 P . 20.83 10.25 23.14
O6 PX4 P . 21.88 9.63 23.37
C10 PX4 P . 19.48 9.83 23.74
C11 PX4 P . 19.68 8.99 25.00
C12 PX4 P . 18.35 8.55 25.64
C13 PX4 P . 17.44 9.61 26.25
C14 PX4 P . 17.93 10.63 27.27
C15 PX4 P . 17.24 11.99 27.08
C16 PX4 P . 17.80 13.07 28.00
C17 PX4 P . 17.05 14.37 27.69
C18 PX4 P . 17.48 14.88 26.30
C19 PX4 P . 19.00 15.04 26.35
C20 PX4 P . 19.38 15.67 25.02
C21 PX4 P . 20.91 15.78 25.06
C22 PX4 P . 21.59 16.41 23.85
O7 PX4 P . 22.76 13.90 20.75
C23 PX4 P . 22.21 15.08 20.37
O8 PX4 P . 20.98 15.16 20.28
C24 PX4 P . 23.06 16.34 20.51
C25 PX4 P . 22.46 17.61 19.90
C26 PX4 P . 23.12 18.86 20.47
C27 PX4 P . 22.34 20.04 19.91
C28 PX4 P . 22.87 21.34 20.51
C29 PX4 P . 22.57 21.25 22.01
C30 PX4 P . 23.22 22.38 22.81
C31 PX4 P . 22.66 22.38 24.23
C32 PX4 P . 22.98 23.68 24.99
C33 PX4 P . 22.35 23.57 26.39
C34 PX4 P . 22.70 24.86 27.14
C35 PX4 P . 21.82 25.02 28.38
C36 PX4 P . 22.29 26.09 29.37
O1 PX4 Q . 27.06 9.49 15.11
O2 PX4 Q . 26.55 7.54 16.75
P1 PX4 Q . 26.20 8.84 16.12
O3 PX4 Q . 25.02 8.37 15.13
C1 PX4 Q . 25.50 7.52 14.09
C2 PX4 Q . 24.34 6.85 13.36
N1 PX4 Q . 23.52 7.70 12.49
C3 PX4 Q . 22.45 6.84 11.95
C4 PX4 Q . 22.91 8.89 13.12
C5 PX4 Q . 24.37 8.00 11.34
O4 PX4 Q . 25.28 9.86 16.95
C6 PX4 Q . 26.17 10.86 17.45
C7 PX4 Q . 25.72 11.57 18.73
C8 PX4 Q . 25.76 10.43 19.76
O5 PX4 Q . 26.95 9.65 19.89
C9 PX4 Q . 26.92 8.68 20.85
O6 PX4 Q . 25.87 8.31 21.39
C10 PX4 Q . 28.31 8.09 21.07
C11 PX4 Q . 28.97 8.78 22.27
C12 PX4 Q . 28.37 8.47 23.64
C13 PX4 Q . 29.27 8.89 24.80
C14 PX4 Q . 28.43 8.86 26.08
C15 PX4 Q . 29.13 9.70 27.16
C16 PX4 Q . 28.29 9.90 28.40
C17 PX4 Q . 28.78 10.90 29.46
C18 PX4 Q . 27.63 11.24 30.41
C19 PX4 Q . 28.11 12.23 31.48
C20 PX4 Q . 27.07 12.90 32.38
C21 PX4 Q . 27.78 13.72 33.44
C22 PX4 Q . 28.84 14.58 32.74
O7 PX4 Q . 26.44 12.74 19.10
C23 PX4 Q . 25.94 13.97 18.78
O8 PX4 Q . 24.84 14.19 18.27
C24 PX4 Q . 26.84 15.16 19.06
C25 PX4 Q . 26.91 15.59 20.53
C26 PX4 Q . 27.59 16.95 20.51
C27 PX4 Q . 27.82 17.13 22.01
C28 PX4 Q . 26.55 17.53 22.76
C29 PX4 Q . 26.62 18.04 24.21
C30 PX4 Q . 25.15 18.35 24.51
C31 PX4 Q . 24.87 18.66 25.99
C32 PX4 Q . 23.37 18.48 26.24
C33 PX4 Q . 23.06 18.86 27.69
C34 PX4 Q . 21.61 19.33 27.86
C35 PX4 Q . 21.46 19.93 29.25
C36 PX4 Q . 22.14 21.30 29.36
O1 PX4 R . 1.90 -33.07 18.69
O2 PX4 R . -0.36 -31.75 18.62
P1 PX4 R . 1.05 -31.92 19.05
O3 PX4 R . 1.73 -30.61 18.39
C1 PX4 R . 2.56 -30.90 17.26
C2 PX4 R . 2.69 -29.69 16.31
N1 PX4 R . 3.86 -29.59 15.44
C3 PX4 R . 5.08 -29.81 16.23
C4 PX4 R . 3.84 -30.65 14.43
C5 PX4 R . 3.99 -28.26 14.80
O4 PX4 R . 1.17 -31.52 20.60
C6 PX4 R . 2.51 -31.90 20.97
C7 PX4 R . 3.15 -31.12 22.12
C8 PX4 R . 2.05 -30.19 22.67
O5 PX4 R . 2.20 -28.82 22.33
C9 PX4 R . 1.43 -27.92 22.99
O6 PX4 R . 0.55 -28.31 23.76
C10 PX4 R . 1.56 -26.42 22.70
C11 PX4 R . 2.41 -25.62 23.68
C12 PX4 R . 1.83 -25.62 25.10
C13 PX4 R . 2.76 -24.76 25.96
C14 PX4 R . 2.93 -23.39 25.31
C15 PX4 R . 3.99 -22.41 25.83
C16 PX4 R . 3.68 -21.94 27.25
C17 PX4 R . 4.76 -21.06 27.89
C18 PX4 R . 4.45 -21.00 29.39
C19 PX4 R . 5.26 -19.96 30.17
C20 PX4 R . 4.66 -19.88 31.58
C21 PX4 R . 3.26 -19.25 31.65
C22 PX4 R . 2.80 -19.31 33.12
O7 PX4 R . 3.94 -31.80 23.08
C23 PX4 R . 5.19 -32.24 22.77
O8 PX4 R . 5.74 -31.84 21.74
C24 PX4 R . 5.97 -32.92 23.89
C25 PX4 R . 6.43 -31.85 24.88
C26 PX4 R . 7.04 -32.60 26.06
C27 PX4 R . 7.38 -31.51 27.08
C28 PX4 R . 8.38 -30.51 26.50
C29 PX4 R . 8.74 -29.45 27.54
C30 PX4 R . 9.65 -28.34 27.01
C31 PX4 R . 10.09 -27.41 28.14
C32 PX4 R . 10.65 -26.08 27.61
C33 PX4 R . 11.20 -25.23 28.75
C34 PX4 R . 11.89 -23.93 28.32
C35 PX4 R . 11.06 -22.94 27.51
C36 PX4 R . 11.84 -21.63 27.36
O1 PX4 S . -5.44 41.12 13.98
O2 PX4 S . -7.90 40.57 14.52
P1 PX4 S . -6.64 41.30 14.83
O3 PX4 S . -7.02 42.84 14.58
C1 PX4 S . -6.83 43.16 13.20
C2 PX4 S . -7.46 44.47 12.74
N1 PX4 S . -7.50 45.71 13.52
C3 PX4 S . -6.19 45.99 14.15
C4 PX4 S . -7.76 46.86 12.65
C5 PX4 S . -8.63 45.70 14.46
O4 PX4 S . -6.28 41.35 16.39
C6 PX4 S . -5.01 41.99 16.37
C7 PX4 S . -4.58 42.80 17.60
C8 PX4 S . -5.91 42.94 18.33
O5 PX4 S . -6.64 44.15 18.07
C9 PX4 S . -7.90 44.15 18.59
O6 PX4 S . -8.46 43.13 18.98
C10 PX4 S . -8.79 45.38 18.38
C11 PX4 S . -8.51 46.45 19.44
C12 PX4 S . -9.35 47.74 19.39
C13 PX4 S . -8.74 48.76 20.35
C14 PX4 S . -9.44 50.10 20.53
C15 PX4 S . -10.41 50.13 21.71
C16 PX4 S . -10.77 51.60 21.97
C17 PX4 S . -9.67 52.48 22.55
C18 PX4 S . -10.32 53.87 22.44
C19 PX4 S . -9.42 54.85 23.20
C20 PX4 S . -10.05 56.24 23.22
C21 PX4 S . -9.12 57.23 23.91
C22 PX4 S . -9.10 58.62 23.27
O7 PX4 S . -3.63 42.16 18.46
C23 PX4 S . -2.36 41.88 18.09
O8 PX4 S . -1.85 42.49 17.14
C24 PX4 S . -1.56 41.01 19.05
C25 PX4 S . -0.83 41.71 20.21
C26 PX4 S . -1.83 42.01 21.34
C27 PX4 S . -1.18 42.56 22.60
C28 PX4 S . -2.13 43.23 23.59
C29 PX4 S . -1.44 43.54 24.91
C30 PX4 S . -1.97 44.83 25.56
C31 PX4 S . -1.00 44.96 26.74
C32 PX4 S . 0.44 45.04 26.25
C33 PX4 S . 1.37 45.05 27.47
C34 PX4 S . 2.80 45.40 27.07
C35 PX4 S . 3.73 45.40 28.27
C36 PX4 S . 4.15 44.05 28.87
O1 PX4 T . 33.20 14.83 9.57
O2 PX4 T . 31.74 12.78 10.03
P1 PX4 T . 32.46 13.96 10.52
O3 PX4 T . 31.55 15.18 11.06
C1 PX4 T . 30.20 14.90 10.63
C2 PX4 T . 29.26 15.85 11.37
N1 PX4 T . 27.85 15.46 11.27
C3 PX4 T . 27.60 14.07 11.67
C4 PX4 T . 27.03 16.35 12.10
C5 PX4 T . 27.45 15.72 9.88
O4 PX4 T . 33.30 13.73 11.88
C6 PX4 T . 32.33 13.39 12.88
C7 PX4 T . 32.85 13.49 14.32
C8 PX4 T . 34.37 13.67 14.29
O5 PX4 T . 35.04 13.42 15.53
C9 PX4 T . 35.01 14.33 16.54
O6 PX4 T . 34.85 15.54 16.34
C10 PX4 T . 35.28 13.71 17.91
C11 PX4 T . 33.96 13.09 18.36
C12 PX4 T . 34.31 12.12 19.50
C13 PX4 T . 34.76 13.01 20.66
C14 PX4 T . 35.43 12.03 21.64
C15 PX4 T . 35.89 12.89 22.82
C16 PX4 T . 36.91 12.25 23.77
C17 PX4 T . 37.07 13.00 25.10
C18 PX4 T . 38.14 14.10 25.13
C19 PX4 T . 39.47 13.44 24.80
C20 PX4 T . 40.64 14.36 24.43
C21 PX4 T . 41.84 13.45 24.23
C22 PX4 T . 42.99 14.08 23.42
O7 PX4 T . 32.13 14.45 15.10
C23 PX4 T . 30.95 14.12 15.69
O8 PX4 T . 30.07 13.45 15.15
C24 PX4 T . 30.74 14.94 16.96
C25 PX4 T . 31.00 16.41 16.66
C26 PX4 T . 30.74 17.23 17.91
C27 PX4 T . 31.68 16.78 19.03
C28 PX4 T . 33.09 17.28 18.73
C29 PX4 T . 34.02 17.04 19.93
C30 PX4 T . 35.29 17.89 20.00
C31 PX4 T . 36.01 17.73 21.33
C32 PX4 T . 37.28 18.58 21.38
C33 PX4 T . 38.02 18.31 22.69
C34 PX4 T . 38.88 19.42 23.27
C35 PX4 T . 39.62 18.91 24.52
C36 PX4 T . 40.74 19.88 24.90
O1 PX4 U . 37.50 -0.65 14.87
O2 PX4 U . 35.19 -0.23 13.65
P1 PX4 U . 36.53 0.19 14.11
O3 PX4 U . 37.25 0.58 12.73
C1 PX4 U . 38.59 0.87 13.17
C2 PX4 U . 39.60 0.07 12.35
N1 PX4 U . 40.90 -0.24 12.95
C3 PX4 U . 41.75 0.96 13.04
C4 PX4 U . 40.81 -0.94 14.24
C5 PX4 U . 41.68 -1.08 12.02
O4 PX4 U . 36.46 1.70 14.64
C6 PX4 U . 36.51 1.57 16.07
C7 PX4 U . 37.17 2.77 16.74
C8 PX4 U . 36.08 3.35 17.63
O5 PX4 U . 35.53 4.63 17.26
C9 PX4 U . 34.43 5.01 17.96
O6 PX4 U . 33.74 4.19 18.57
C10 PX4 U . 33.91 6.37 17.47
C11 PX4 U . 33.00 6.94 18.56
C12 PX4 U . 33.82 7.56 19.69
C13 PX4 U . 32.75 8.37 20.42
C14 PX4 U . 33.37 8.73 21.78
C15 PX4 U . 32.55 9.66 22.69
C16 PX4 U . 33.20 9.94 24.05
C17 PX4 U . 32.24 10.93 24.71
C18 PX4 U . 32.78 11.27 26.10
C19 PX4 U . 32.21 12.58 26.64
C20 PX4 U . 32.49 12.59 28.16
C21 PX4 U . 32.08 13.90 28.82
C22 PX4 U . 32.28 13.68 30.32
O7 PX4 U . 38.35 2.47 17.49
C23 PX4 U . 39.51 2.17 16.85
O8 PX4 U . 39.72 2.66 15.74
C24 PX4 U . 40.69 1.67 17.67
C25 PX4 U . 40.68 2.32 19.06
C26 PX4 U . 41.65 1.57 19.98
C27 PX4 U . 41.43 2.02 21.43
C28 PX4 U . 42.37 1.15 22.28
C29 PX4 U . 42.14 1.18 23.79
C30 PX4 U . 40.66 1.09 24.18
C31 PX4 U . 40.49 1.33 25.68
C32 PX4 U . 39.02 1.33 26.09
C33 PX4 U . 38.82 1.20 27.61
C34 PX4 U . 39.67 0.07 28.19
C35 PX4 U . 39.65 0.26 29.71
C36 PX4 U . 40.77 1.25 30.02
O1 PX4 V . 0.74 20.01 18.16
O2 PX4 V . 3.02 18.84 18.11
P1 PX4 V . 1.72 19.09 18.77
O3 PX4 V . 0.88 17.76 18.46
C1 PX4 V . 0.90 17.50 17.06
C2 PX4 V . 0.15 16.22 16.69
N1 PX4 V . 0.62 14.91 17.17
C3 PX4 V . -0.09 14.01 16.26
C4 PX4 V . 2.06 14.63 17.16
C5 PX4 V . 0.10 14.59 18.51
O4 PX4 V . 1.84 18.98 20.37
C6 PX4 V . 2.91 18.08 20.68
C7 PX4 V . 2.92 17.74 22.17
C8 PX4 V . 2.27 18.94 22.84
O5 PX4 V . 3.13 20.08 22.82
C9 PX4 V . 2.56 21.24 23.27
O6 PX4 V . 1.36 21.32 23.54
C10 PX4 V . 3.53 22.37 23.59
C11 PX4 V . 4.82 21.75 24.12
C12 PX4 V . 5.80 22.79 24.68
C13 PX4 V . 6.92 22.10 25.47
C14 PX4 V . 6.50 21.98 26.93
C15 PX4 V . 6.32 23.40 27.48
C16 PX4 V . 5.93 23.28 28.95
C17 PX4 V . 4.68 22.42 29.07
C18 PX4 V . 4.50 22.32 30.59
C19 PX4 V . 3.37 21.33 30.85
C20 PX4 V . 2.20 21.93 31.62
C21 PX4 V . 1.55 20.81 32.45
C22 PX4 V . 1.10 19.75 31.45
O7 PX4 V . 2.44 16.46 22.60
C23 PX4 V . 3.14 15.31 22.40
O8 PX4 V . 4.14 15.19 21.69
C24 PX4 V . 2.46 14.12 23.08
C25 PX4 V . 3.38 13.53 24.14
C26 PX4 V . 3.13 12.04 24.38
C27 PX4 V . 4.04 11.46 25.48
C28 PX4 V . 3.58 10.01 25.69
C29 PX4 V . 4.47 9.33 26.72
C30 PX4 V . 5.88 9.45 26.13
C31 PX4 V . 6.93 9.35 27.24
C32 PX4 V . 6.58 8.13 28.11
C33 PX4 V . 7.77 7.64 28.93
C34 PX4 V . 7.31 6.43 29.73
C35 PX4 V . 8.46 5.86 30.56
C36 PX4 V . 8.98 6.99 31.44
O1 PX4 W . 14.14 20.67 17.23
O2 PX4 W . 14.73 18.64 18.78
P1 PX4 W . 14.15 19.98 18.53
O3 PX4 W . 12.62 19.85 19.03
C1 PX4 W . 12.09 18.70 18.35
C2 PX4 W . 10.94 17.90 18.98
N1 PX4 W . 11.09 17.31 20.32
C3 PX4 W . 12.37 16.65 20.59
C4 PX4 W . 10.86 18.29 21.39
C5 PX4 W . 9.99 16.34 20.46
O4 PX4 W . 14.46 21.08 19.67
C6 PX4 W . 14.58 20.38 20.91
C7 PX4 W . 14.67 21.26 22.17
C8 PX4 W . 14.82 22.70 21.69
O5 PX4 W . 16.04 23.28 22.18
C9 PX4 W . 16.21 24.60 21.93
O6 PX4 W . 15.37 25.28 21.33
C10 PX4 W . 17.42 25.26 22.57
C11 PX4 W . 17.41 25.38 24.09
C12 PX4 W . 16.35 26.30 24.69
C13 PX4 W . 16.57 26.79 26.12
C14 PX4 W . 15.64 27.92 26.57
C15 PX4 W . 15.98 28.70 27.84
C16 PX4 W . 15.06 29.89 28.11
C17 PX4 W . 15.67 30.55 29.34
C18 PX4 W . 14.63 31.36 30.11
C19 PX4 W . 14.85 31.67 31.59
C20 PX4 W . 13.74 32.57 32.13
C21 PX4 W . 14.11 32.90 33.58
C22 PX4 W . 14.02 31.83 34.65
O7 PX4 W . 13.46 21.25 22.92
C23 PX4 W . 13.24 20.22 23.78
O8 PX4 W . 13.42 19.04 23.49
C24 PX4 W . 12.33 20.61 24.94
C25 PX4 W . 11.55 19.51 25.66
C26 PX4 W . 10.61 20.10 26.71
C27 PX4 W . 10.19 18.92 27.59
C28 PX4 W . 9.34 19.37 28.77
C29 PX4 W . 8.86 18.06 29.40
C30 PX4 W . 7.81 18.27 30.49
C31 PX4 W . 7.36 17.01 31.23
C32 PX4 W . 6.23 17.25 32.22
C33 PX4 W . 5.79 16.00 32.98
C34 PX4 W . 4.81 16.25 34.13
C35 PX4 W . 3.44 16.78 33.71
C36 PX4 W . 2.84 15.60 32.95
O1 PX4 X . 20.15 18.98 16.95
O2 PX4 X . 18.37 17.17 17.48
P1 PX4 X . 18.74 18.55 17.12
O3 PX4 X . 18.09 18.78 15.65
C1 PX4 X . 18.69 17.79 14.81
C2 PX4 X . 17.93 17.66 13.48
N1 PX4 X . 16.54 17.21 13.60
C3 PX4 X . 16.45 15.96 14.36
C4 PX4 X . 15.56 18.23 13.97
C5 PX4 X . 16.12 16.97 12.21
O4 PX4 X . 17.97 19.67 17.97
C6 PX4 X . 18.65 19.70 19.22
C7 PX4 X . 18.72 21.07 19.89
C8 PX4 X . 18.23 22.12 18.89
O5 PX4 X . 19.22 22.83 18.15
C9 PX4 X . 18.84 24.14 18.13
O6 PX4 X . 17.74 24.62 18.40
C10 PX4 X . 19.88 25.05 17.47
C11 PX4 X . 21.07 25.29 18.40
C12 PX4 X . 20.71 25.65 19.85
C13 PX4 X . 22.00 26.13 20.51
C14 PX4 X . 22.01 25.97 22.03
C15 PX4 X . 21.10 26.94 22.79
C16 PX4 X . 21.29 27.00 24.31
C17 PX4 X . 20.66 28.28 24.88
C18 PX4 X . 20.83 28.50 26.39
C19 PX4 X . 20.34 29.74 27.14
C20 PX4 X . 20.40 29.52 28.65
C21 PX4 X . 19.79 30.71 29.38
C22 PX4 X . 19.45 30.32 30.83
O7 PX4 X . 18.16 21.09 21.21
C23 PX4 X . 18.76 20.38 22.20
O8 PX4 X . 19.55 19.45 22.01
C24 PX4 X . 18.19 20.63 23.59
C25 PX4 X . 17.24 19.56 24.13
C26 PX4 X . 17.10 19.70 25.64
C27 PX4 X . 16.02 18.73 26.09
C28 PX4 X . 15.94 18.61 27.62
C29 PX4 X . 15.72 19.94 28.34
C30 PX4 X . 14.47 20.79 28.15
C31 PX4 X . 14.62 22.28 28.49
C32 PX4 X . 13.24 22.81 28.10
C33 PX4 X . 13.00 24.29 28.42
C34 PX4 X . 11.68 24.71 27.78
C35 PX4 X . 10.38 24.04 28.24
C36 PX4 X . 10.00 24.41 29.67
O1 PX4 Y . 5.01 -34.33 18.74
O2 PX4 Y . 6.62 -36.27 18.96
P1 PX4 Y . 5.24 -35.74 19.12
O3 PX4 Y . 4.30 -36.57 18.12
C1 PX4 Y . 2.93 -36.16 18.26
C2 PX4 Y . 1.79 -36.94 17.60
N1 PX4 Y . 0.44 -36.36 17.61
C3 PX4 Y . 0.14 -35.73 18.91
C4 PX4 Y . 0.39 -35.28 16.60
C5 PX4 Y . -0.51 -37.37 17.12
O4 PX4 Y . 4.48 -36.20 20.46
C6 PX4 Y . 4.78 -35.43 21.64
C7 PX4 Y . 4.18 -36.20 22.82
C8 PX4 Y . 5.27 -37.18 23.26
O5 PX4 Y . 6.55 -36.53 23.31
C9 PX4 Y . 7.52 -37.49 23.28
O6 PX4 Y . 7.20 -38.64 22.96
C10 PX4 Y . 8.96 -37.02 23.46
C11 PX4 Y . 9.10 -36.06 24.65
C12 PX4 Y . 9.11 -36.82 25.98
C13 PX4 Y . 8.91 -36.03 27.28
C14 PX4 Y . 9.20 -36.94 28.47
C15 PX4 Y . 8.91 -36.30 29.82
C16 PX4 Y . 9.85 -35.12 30.06
C17 PX4 Y . 9.67 -34.18 31.26
C18 PX4 Y . 8.39 -33.36 31.02
C19 PX4 Y . 8.55 -32.03 31.78
C20 PX4 Y . 9.71 -31.24 31.18
C21 PX4 Y . 9.53 -29.87 31.84
C22 PX4 Y . 9.58 -30.05 33.35
O7 PX4 Y . 3.63 -35.40 23.87
C23 PX4 Y . 2.42 -34.79 23.92
O8 PX4 Y . 1.65 -34.78 22.96
C24 PX4 Y . 2.02 -34.28 25.30
C25 PX4 Y . 1.78 -32.76 25.36
C26 PX4 Y . 1.88 -32.00 26.68
C27 PX4 Y . 1.26 -30.62 26.40
C28 PX4 Y . 1.63 -29.85 27.66
C29 PX4 Y . 1.44 -28.33 27.54
C30 PX4 Y . 1.93 -27.56 28.77
C31 PX4 Y . 1.36 -28.06 30.08
C32 PX4 Y . 2.04 -27.31 31.22
C33 PX4 Y . 1.32 -27.49 32.55
C34 PX4 Y . 2.05 -26.75 33.68
C35 PX4 Y . 1.58 -27.27 35.05
C36 PX4 Y . 0.06 -27.37 35.15
O1 PX4 Z . 0.90 -22.37 16.32
O2 PX4 Z . -1.66 -22.69 16.03
P1 PX4 Z . -0.49 -21.84 16.35
O3 PX4 Z . -0.71 -20.42 15.62
C1 PX4 Z . -2.11 -20.16 15.52
C2 PX4 Z . -2.53 -19.09 14.51
N1 PX4 Z . -2.47 -19.42 13.08
C3 PX4 Z . -1.12 -19.52 12.50
C4 PX4 Z . -3.20 -20.68 12.83
C5 PX4 Z . -3.30 -18.29 12.65
O4 PX4 Z . -0.93 -21.38 17.83
C6 PX4 Z . -1.33 -22.55 18.54
C7 PX4 Z . -1.66 -22.27 20.01
C8 PX4 Z . -2.56 -21.03 19.99
O5 PX4 Z . -2.24 -20.11 21.04
C9 PX4 Z . -3.15 -20.13 22.06
O6 PX4 Z . -4.17 -20.81 22.11
C10 PX4 Z . -2.85 -19.03 23.07
C11 PX4 Z . -1.75 -19.64 23.93
C12 PX4 Z . -1.22 -18.76 25.07
C13 PX4 Z . 0.07 -19.44 25.52
C14 PX4 Z . 0.93 -18.70 26.55
C15 PX4 Z . 0.23 -18.37 27.87
C16 PX4 Z . 1.20 -17.49 28.64
C17 PX4 Z . 0.57 -17.03 29.97
C18 PX4 Z . 1.41 -15.90 30.56
C19 PX4 Z . 0.96 -15.41 31.93
C20 PX4 Z . 1.55 -14.03 32.25
C21 PX4 Z . 1.28 -13.68 33.71
C22 PX4 Z . -0.22 -13.87 33.94
O7 PX4 Z . -2.27 -23.37 20.69
C23 PX4 Z . -1.54 -24.42 21.17
O8 PX4 Z . -0.40 -24.57 20.73
C24 PX4 Z . -2.10 -25.28 22.29
C25 PX4 Z . -3.24 -24.58 23.04
C26 PX4 Z . -4.00 -25.38 24.10
C27 PX4 Z . -3.07 -25.67 25.29
C28 PX4 Z . -2.46 -24.44 25.94
C29 PX4 Z . -1.41 -24.81 26.99
C30 PX4 Z . -1.35 -23.80 28.14
C31 PX4 Z . -0.09 -24.04 28.98
C32 PX4 Z . -0.13 -23.30 30.32
C33 PX4 Z . 1.13 -23.65 31.13
C34 PX4 Z . 1.17 -22.94 32.47
C35 PX4 Z . 0.10 -23.36 33.50
C36 PX4 Z . 0.67 -22.97 34.86
O1 PX4 AA . 4.08 -19.84 18.11
O2 PX4 AA . 6.56 -19.07 18.01
P1 PX4 AA . 5.34 -19.40 18.77
O3 PX4 AA . 5.81 -20.54 19.81
C1 PX4 AA . 6.22 -21.56 18.88
C2 PX4 AA . 7.10 -22.71 19.38
N1 PX4 AA . 6.58 -23.70 20.33
C3 PX4 AA . 5.82 -23.19 21.48
C4 PX4 AA . 5.75 -24.72 19.66
C5 PX4 AA . 7.71 -24.50 20.81
O4 PX4 AA . 5.03 -18.30 19.90
C6 PX4 AA . 6.24 -17.87 20.53
C7 PX4 AA . 6.02 -17.11 21.84
C8 PX4 AA . 4.56 -17.37 22.21
O5 PX4 AA . 3.88 -16.22 22.73
C9 PX4 AA . 2.69 -16.53 23.30
O6 PX4 AA . 2.42 -17.71 23.55
C10 PX4 AA . 1.90 -15.32 23.79
C11 PX4 AA . 0.39 -15.61 23.78
C12 PX4 AA . -0.14 -14.54 24.72
C13 PX4 AA . -1.67 -14.59 24.60
C14 PX4 AA . -2.12 -13.48 25.56
C15 PX4 AA . -1.74 -13.73 27.02
C16 PX4 AA . -1.85 -12.49 27.91
C17 PX4 AA . -1.35 -12.49 29.35
C18 PX4 AA . -1.38 -11.09 29.97
C19 PX4 AA . -0.54 -10.17 29.08
C20 PX4 AA . -0.09 -8.92 29.84
C21 PX4 AA . 0.68 -7.99 28.90
C22 PX4 AA . 2.14 -8.42 28.75
O7 PX4 AA . 6.87 -17.68 22.85
C23 PX4 AA . 8.13 -17.21 23.04
O8 PX4 AA . 8.76 -16.49 22.28
C24 PX4 AA . 8.75 -17.73 24.33
C25 PX4 AA . 10.27 -17.48 24.36
C26 PX4 AA . 10.83 -18.14 25.61
C27 PX4 AA . 10.33 -17.26 26.76
C28 PX4 AA . 11.12 -17.78 27.97
C29 PX4 AA . 10.64 -17.11 29.26
C30 PX4 AA . 9.11 -17.18 29.38
C31 PX4 AA . 8.62 -16.30 30.54
C32 PX4 AA . 7.12 -16.58 30.63
C33 PX4 AA . 6.36 -15.65 31.58
C34 PX4 AA . 6.81 -15.86 33.03
C35 PX4 AA . 6.55 -14.72 34.01
C36 PX4 AA . 5.04 -14.51 34.03
O1 PX4 BA . -3.58 38.24 13.64
O2 PX4 BA . -1.87 40.22 14.08
P1 PX4 BA . -2.61 38.99 14.46
O3 PX4 BA . -1.51 37.89 14.88
C1 PX4 BA . -0.56 38.63 15.66
C2 PX4 BA . 0.68 37.76 15.88
N1 PX4 BA . 1.87 38.48 16.34
C3 PX4 BA . 3.02 37.58 16.58
C4 PX4 BA . 2.32 39.24 15.17
C5 PX4 BA . 1.67 39.32 17.53
O4 PX4 BA . -3.07 39.30 15.98
C6 PX4 BA . -4.21 38.51 16.29
C7 PX4 BA . -4.35 38.20 17.78
C8 PX4 BA . -2.97 38.06 18.46
O5 PX4 BA . -2.22 36.91 18.11
C9 PX4 BA . -1.14 36.66 18.89
O6 PX4 BA . -0.61 37.56 19.56
C10 PX4 BA . -0.89 35.19 19.22
C11 PX4 BA . -1.92 34.67 20.23
C12 PX4 BA . -1.56 34.88 21.70
C13 PX4 BA . -0.51 33.86 22.10
C14 PX4 BA . -0.26 33.89 23.61
C15 PX4 BA . -1.27 33.08 24.42
C16 PX4 BA . -0.91 33.13 25.91
C17 PX4 BA . -0.76 34.59 26.35
C18 PX4 BA . -0.11 34.70 27.73
C19 PX4 BA . -0.02 36.09 28.37
C20 PX4 BA . 0.79 36.03 29.67
C21 PX4 BA . 0.95 37.40 30.34
C22 PX4 BA . 2.15 37.39 31.29
O7 PX4 BA . -5.17 39.12 18.50
C23 PX4 BA . -6.13 38.74 19.37
O8 PX4 BA . -6.86 37.76 19.21
C24 PX4 BA . -6.80 39.82 20.21
C25 PX4 BA . -5.98 40.22 21.44
C26 PX4 BA . -6.62 41.42 22.15
C27 PX4 BA . -5.77 41.82 23.36
C28 PX4 BA . -6.66 42.54 24.37
C29 PX4 BA . -6.42 42.34 25.87
C30 PX4 BA . -5.99 43.57 26.68
C31 PX4 BA . -5.71 43.18 28.13
C32 PX4 BA . -4.77 44.21 28.74
C33 PX4 BA . -4.13 43.66 30.02
C34 PX4 BA . -3.21 44.76 30.57
C35 PX4 BA . -2.49 44.30 31.83
C36 PX4 BA . -1.38 45.22 32.36
O1 PX4 CA . -2.63 25.84 17.29
O2 PX4 CA . -0.22 26.04 16.43
P1 PX4 CA . -1.18 26.01 17.56
O3 PX4 CA . -0.77 24.69 18.38
C1 PX4 CA . -1.70 24.40 19.44
C2 PX4 CA . -1.60 22.98 19.99
N1 PX4 CA . -0.49 22.66 20.90
C3 PX4 CA . -0.80 21.28 21.32
C4 PX4 CA . 0.78 22.83 20.18
C5 PX4 CA . -0.56 23.56 22.06
O4 PX4 CA . -0.82 27.00 18.78
C6 PX4 CA . 0.59 27.22 18.77
C7 PX4 CA . 1.23 27.73 20.07
C8 PX4 CA . 0.22 27.28 21.13
O5 PX4 CA . -0.13 28.26 22.10
C9 PX4 CA . -1.46 28.18 22.36
O6 PX4 CA . -2.12 27.24 21.94
C10 PX4 CA . -1.89 29.21 23.42
C11 PX4 CA . -2.46 28.42 24.60
C12 PX4 CA . -1.37 27.82 25.50
C13 PX4 CA . -0.56 29.01 26.03
C14 PX4 CA . 0.77 28.71 26.72
C15 PX4 CA . 1.57 29.97 27.05
C16 PX4 CA . 3.04 29.71 27.39
C17 PX4 CA . 3.85 30.99 27.60
C18 PX4 CA . 5.36 30.70 27.48
C19 PX4 CA . 6.20 31.96 27.69
C20 PX4 CA . 6.21 32.21 29.20
C21 PX4 CA . 6.29 33.70 29.50
C22 PX4 CA . 6.33 33.89 31.00
O7 PX4 CA . 2.59 27.33 20.20
C23 PX4 CA . 3.54 27.74 19.33
O8 PX4 CA . 3.34 27.94 18.13
C24 PX4 CA . 4.99 27.70 19.81
C25 PX4 CA . 5.71 28.91 19.18
C26 PX4 CA . 7.19 28.90 19.54
C27 PX4 CA . 7.87 30.00 18.72
C28 PX4 CA . 9.22 30.33 19.37
C29 PX4 CA . 9.23 31.16 20.66
C30 PX4 CA . 8.79 32.57 20.26
C31 PX4 CA . 8.40 33.30 21.55
C32 PX4 CA . 8.02 34.76 21.26
C33 PX4 CA . 7.97 35.44 22.63
C34 PX4 CA . 7.72 36.94 22.62
C35 PX4 CA . 7.43 37.36 24.07
C36 PX4 CA . 7.16 38.85 23.85
O1 PX4 DA . 9.74 27.96 15.96
O2 PX4 DA . 10.92 27.74 13.66
P1 PX4 DA . 10.71 28.44 14.95
O3 PX4 DA . 12.10 28.04 15.65
C1 PX4 DA . 11.99 26.68 16.10
C2 PX4 DA . 13.34 25.96 16.14
N1 PX4 DA . 13.32 24.51 16.45
C3 PX4 DA . 12.16 24.12 17.27
C4 PX4 DA . 13.22 23.71 15.22
C5 PX4 DA . 14.56 24.01 17.05
O4 PX4 DA . 10.87 30.04 14.89
C6 PX4 DA . 10.88 30.61 16.19
C7 PX4 DA . 11.47 32.02 16.39
C8 PX4 DA . 10.34 33.04 16.52
O5 PX4 DA . 9.07 32.44 16.32
C9 PX4 DA . 8.03 33.33 16.30
O6 PX4 DA . 8.20 34.51 16.06
C10 PX4 DA . 6.63 32.73 16.51
C11 PX4 DA . 5.58 33.74 16.99
C12 PX4 DA . 5.12 33.69 18.44
C13 PX4 DA . 4.69 35.11 18.80
C14 PX4 DA . 4.01 35.13 20.18
C15 PX4 DA . 3.52 36.54 20.52
C16 PX4 DA . 2.50 36.42 21.64
C17 PX4 DA . 2.92 37.34 22.80
C18 PX4 DA . 1.86 37.31 23.91
C19 PX4 DA . 0.62 37.99 23.34
C20 PX4 DA . -0.54 38.08 24.32
C21 PX4 DA . -1.80 38.80 23.83
C22 PX4 DA . -2.88 38.56 24.89
O7 PX4 DA . 12.47 31.95 17.41
C23 PX4 DA . 13.43 32.89 17.58
O8 PX4 DA . 13.80 33.46 16.55
C24 PX4 DA . 14.30 32.56 18.79
C25 PX4 DA . 13.62 32.63 20.16
C26 PX4 DA . 13.24 34.04 20.57
C27 PX4 DA . 12.44 34.02 21.88
C28 PX4 DA . 13.51 33.95 22.98
C29 PX4 DA . 12.93 34.04 24.39
C30 PX4 DA . 11.84 33.01 24.69
C31 PX4 DA . 12.32 31.57 24.76
C32 PX4 DA . 11.27 30.54 25.19
C33 PX4 DA . 11.81 29.13 25.00
C34 PX4 DA . 12.32 29.00 23.56
C35 PX4 DA . 13.30 27.85 23.33
C36 PX4 DA . 12.53 26.60 23.77
O1 PX4 EA . -27.43 -4.34 20.13
O2 PX4 EA . -25.46 -2.67 20.07
P1 PX4 EA . -26.14 -3.85 20.66
O3 PX4 EA . -25.16 -5.09 20.99
C1 PX4 EA . -25.94 -6.20 20.56
C2 PX4 EA . -25.10 -7.47 20.70
N1 PX4 EA . -25.42 -8.59 19.81
C3 PX4 EA . -26.81 -9.09 19.87
C4 PX4 EA . -25.11 -8.19 18.43
C5 PX4 EA . -24.54 -9.72 20.13
O4 PX4 EA . -26.25 -3.37 22.19
C6 PX4 EA . -25.09 -3.20 23.01
C7 PX4 EA . -25.61 -2.68 24.36
C8 PX4 EA . -25.83 -3.97 25.15
O5 PX4 EA . -27.18 -4.02 25.62
C9 PX4 EA . -27.16 -4.26 26.96
O6 PX4 EA . -26.16 -4.77 27.49
C10 PX4 EA . -28.51 -4.02 27.63
C11 PX4 EA . -28.49 -4.32 29.12
C12 PX4 EA . -29.86 -4.44 29.79
C13 PX4 EA . -29.64 -4.65 31.29
C14 PX4 EA . -30.95 -4.66 32.07
C15 PX4 EA . -30.68 -5.00 33.54
C16 PX4 EA . -29.73 -6.19 33.65
C17 PX4 EA . -29.56 -6.63 35.10
C18 PX4 EA . -28.49 -7.70 35.31
C19 PX4 EA . -28.51 -7.88 36.82
C20 PX4 EA . -28.41 -6.50 37.46
C21 PX4 EA . -28.20 -6.71 38.97
C22 PX4 EA . -26.78 -6.46 39.48
O7 PX4 EA . -24.69 -1.73 24.88
C23 PX4 EA . -24.98 -0.44 24.53
O8 PX4 EA . -25.97 -0.11 23.89
C24 PX4 EA . -23.90 0.46 25.12
C25 PX4 EA . -24.39 1.81 25.66
C26 PX4 EA . -23.32 2.60 26.42
C27 PX4 EA . -22.87 1.90 27.70
C28 PX4 EA . -21.66 2.64 28.28
C29 PX4 EA . -21.37 2.51 29.78
C30 PX4 EA . -20.49 3.63 30.36
C31 PX4 EA . -20.02 3.34 31.78
C32 PX4 EA . -19.25 4.50 32.41
C33 PX4 EA . -18.40 4.00 33.58
C34 PX4 EA . -17.76 5.17 34.34
C35 PX4 EA . -16.91 4.67 35.51
C36 PX4 EA . -16.65 5.87 36.43
O1 PX4 FA . -9.39 -9.69 23.19
O2 PX4 FA . -9.66 -9.61 20.63
P1 PX4 FA . -10.22 -9.85 21.98
O3 PX4 FA . -11.59 -9.00 22.05
C1 PX4 FA . -12.32 -9.13 20.82
C2 PX4 FA . -13.41 -8.08 20.63
N1 PX4 FA . -13.00 -6.69 20.39
C3 PX4 FA . -12.37 -6.06 21.56
C4 PX4 FA . -12.15 -6.56 19.19
C5 PX4 FA . -14.23 -5.93 20.17
O4 PX4 FA . -10.90 -11.32 21.99
C6 PX4 FA . -11.31 -11.69 23.30
C7 PX4 FA . -12.47 -12.68 23.19
C8 PX4 FA . -11.95 -13.80 22.28
O5 PX4 FA . -10.95 -14.62 22.88
C9 PX4 FA . -11.07 -15.97 22.72
O6 PX4 FA . -11.90 -16.45 21.96
C10 PX4 FA . -10.33 -16.80 23.77
C11 PX4 FA . -11.29 -17.73 24.50
C12 PX4 FA . -10.55 -18.65 25.47
C13 PX4 FA . -9.74 -17.98 26.58
C14 PX4 FA . -9.69 -18.95 27.76
C15 PX4 FA . -9.03 -18.39 29.03
C16 PX4 FA . -8.80 -19.49 30.06
C17 PX4 FA . -7.97 -19.02 31.25
C18 PX4 FA . -8.11 -19.95 32.45
C19 PX4 FA . -7.03 -19.93 33.54
C20 PX4 FA . -7.47 -20.78 34.75
C21 PX4 FA . -6.44 -20.66 35.88
C22 PX4 FA . -7.06 -21.53 36.97
O7 PX4 FA . -12.98 -13.02 24.48
C23 PX4 FA . -14.18 -13.66 24.49
O8 PX4 FA . -14.85 -13.47 23.49
C24 PX4 FA . -14.72 -14.06 25.86
C25 PX4 FA . -14.33 -15.46 26.34
C26 PX4 FA . -14.27 -15.65 27.85
C27 PX4 FA . -13.57 -16.97 28.19
C28 PX4 FA . -13.85 -17.36 29.64
C29 PX4 FA . -13.39 -18.80 29.84
C30 PX4 FA . -13.60 -19.10 31.32
C31 PX4 FA . -12.82 -20.33 31.76
C32 PX4 FA . -12.39 -20.29 33.23
C33 PX4 FA . -11.75 -21.60 33.71
C34 PX4 FA . -11.61 -21.65 35.23
C35 PX4 FA . -10.95 -20.33 35.65
C36 PX4 FA . -11.09 -20.46 37.16
O1 PX4 GA . -3.91 -8.22 23.92
O2 PX4 GA . -5.07 -10.43 23.04
P1 PX4 GA . -4.62 -9.51 24.10
O3 PX4 GA . -6.05 -9.01 24.64
C1 PX4 GA . -6.71 -8.13 23.72
C2 PX4 GA . -7.64 -7.14 24.41
N1 PX4 GA . -7.11 -6.16 25.37
C3 PX4 GA . -5.77 -5.71 25.02
C4 PX4 GA . -8.13 -5.10 25.54
C5 PX4 GA . -7.04 -6.89 26.64
O4 PX4 GA . -4.13 -10.20 25.47
C6 PX4 GA . -3.85 -9.27 26.51
C7 PX4 GA . -4.80 -9.32 27.72
C8 PX4 GA . -5.28 -10.76 27.90
O5 PX4 GA . -6.60 -10.95 27.39
C9 PX4 GA . -6.71 -11.86 26.39
O6 PX4 GA . -5.86 -12.72 26.14
C10 PX4 GA . -8.05 -11.95 25.65
C11 PX4 GA . -8.94 -13.16 25.93
C12 PX4 GA . -9.48 -13.01 27.35
C13 PX4 GA . -10.56 -14.06 27.64
C14 PX4 GA . -11.01 -14.03 29.10
C15 PX4 GA . -9.77 -14.31 29.95
C16 PX4 GA . -10.22 -14.47 31.40
C17 PX4 GA . -10.50 -15.95 31.62
C18 PX4 GA . -10.95 -16.25 33.05
C19 PX4 GA . -12.28 -15.52 33.25
C20 PX4 GA . -12.75 -15.57 34.71
C21 PX4 GA . -13.34 -16.96 34.94
C22 PX4 GA . -13.89 -17.20 36.35
O7 PX4 GA . -4.13 -8.73 28.84
C23 PX4 GA . -3.92 -7.39 28.89
O8 PX4 GA . -4.37 -6.63 28.04
C24 PX4 GA . -3.43 -6.81 30.23
C25 PX4 GA . -4.52 -6.80 31.31
C26 PX4 GA . -4.08 -6.15 32.63
C27 PX4 GA . -3.70 -4.70 32.30
C28 PX4 GA . -2.87 -4.11 33.44
C29 PX4 GA . -2.45 -2.69 33.03
C30 PX4 GA . -1.43 -2.10 34.02
C31 PX4 GA . -0.02 -2.67 33.81
C32 PX4 GA . 0.98 -2.11 34.83
C33 PX4 GA . 2.30 -2.87 34.78
C34 PX4 GA . 3.08 -2.73 33.48
C35 PX4 GA . 4.40 -3.50 33.34
C36 PX4 GA . 4.48 -4.09 31.93
O1 PX4 HA . 21.09 24.00 9.32
O2 PX4 HA . 18.69 25.05 9.04
P1 PX4 HA . 20.06 25.03 9.60
O3 PX4 HA . 20.59 26.51 9.21
C1 PX4 HA . 19.57 27.43 8.83
C2 PX4 HA . 20.10 28.85 8.56
N1 PX4 HA . 19.08 29.92 8.55
C3 PX4 HA . 18.72 30.35 9.91
C4 PX4 HA . 19.65 31.12 7.91
C5 PX4 HA . 17.88 29.66 7.74
O4 PX4 HA . 20.15 25.39 11.17
C6 PX4 HA . 21.51 25.27 11.61
C7 PX4 HA . 21.87 25.70 13.03
C8 PX4 HA . 20.81 26.80 13.16
O5 PX4 HA . 21.42 27.99 13.69
C9 PX4 HA . 20.66 29.12 13.60
O6 PX4 HA . 19.62 29.15 12.96
C10 PX4 HA . 21.12 30.37 14.36
C11 PX4 HA . 20.35 30.90 15.57
C12 PX4 HA . 20.07 29.82 16.60
C13 PX4 HA . 19.27 30.33 17.80
C14 PX4 HA . 19.24 29.36 18.98
C15 PX4 HA . 18.23 29.78 20.05
C16 PX4 HA . 18.16 28.64 21.07
C17 PX4 HA . 17.22 29.05 22.20
C18 PX4 HA . 17.53 30.44 22.75
C19 PX4 HA . 16.43 30.72 23.78
C20 PX4 HA . 16.52 32.16 24.31
C21 PX4 HA . 17.90 32.39 24.95
C22 PX4 HA . 18.15 33.81 25.45
O7 PX4 HA . 22.01 24.73 14.07
C23 PX4 HA . 23.12 23.98 14.23
O8 PX4 HA . 23.91 23.97 13.29
C24 PX4 HA . 23.29 23.11 15.48
C25 PX4 HA . 24.43 23.64 16.35
C26 PX4 HA . 24.72 22.52 17.36
C27 PX4 HA . 25.70 22.85 18.49
C28 PX4 HA . 26.54 21.62 18.85
C29 PX4 HA . 27.50 21.98 19.98
C30 PX4 HA . 28.44 20.79 20.18
C31 PX4 HA . 29.53 21.06 21.21
C32 PX4 HA . 30.38 19.81 21.45
C33 PX4 HA . 31.39 19.99 22.59
C34 PX4 HA . 32.44 18.89 22.66
C35 PX4 HA . 33.42 19.23 23.78
C36 PX4 HA . 32.80 19.29 25.18
O1 PX4 IA . 0.65 -13.58 16.12
O2 PX4 IA . 2.99 -14.35 16.86
P1 PX4 IA . 1.60 -13.96 17.19
O3 PX4 IA . 0.90 -15.22 17.89
C1 PX4 IA . 1.77 -15.61 18.96
C2 PX4 IA . 1.89 -17.13 19.11
N1 PX4 IA . 0.74 -18.03 19.37
C3 PX4 IA . 0.04 -17.52 20.56
C4 PX4 IA . -0.05 -18.29 18.16
C5 PX4 IA . 1.44 -19.30 19.60
O4 PX4 IA . 1.46 -12.86 18.36
C6 PX4 IA . 1.09 -11.60 17.80
C7 PX4 IA . 0.89 -10.54 18.89
C8 PX4 IA . 0.75 -11.36 20.17
O5 PX4 IA . 0.21 -10.60 21.24
C9 PX4 IA . 0.05 -11.28 22.41
O6 PX4 IA . 0.19 -12.50 22.48
C10 PX4 IA . -0.67 -10.55 23.55
C11 PX4 IA . -0.31 -9.08 23.70
C12 PX4 IA . -0.86 -8.60 25.04
C13 PX4 IA . -0.39 -7.18 25.36
C14 PX4 IA . -1.46 -6.46 26.17
C15 PX4 IA . -0.93 -5.13 26.71
C16 PX4 IA . -2.03 -4.64 27.65
C17 PX4 IA . -2.09 -3.12 27.66
C18 PX4 IA . -3.15 -2.67 28.67
C19 PX4 IA . -4.58 -3.15 28.43
C20 PX4 IA . -5.52 -2.84 29.60
C21 PX4 IA . -6.97 -3.34 29.51
C22 PX4 IA . -7.78 -3.13 30.78
O7 PX4 IA . 2.10 -9.76 18.97
C23 PX4 IA . 2.01 -8.52 19.50
O8 PX4 IA . 1.10 -7.74 19.23
C24 PX4 IA . 3.42 -8.12 19.94
C25 PX4 IA . 3.52 -7.83 21.44
C26 PX4 IA . 3.05 -6.47 21.96
C27 PX4 IA . 3.59 -6.25 23.37
C28 PX4 IA . 2.85 -5.09 24.05
C29 PX4 IA . 3.23 -5.21 25.52
C30 PX4 IA . 2.82 -4.06 26.43
C31 PX4 IA . 3.35 -4.10 27.87
C32 PX4 IA . 3.01 -2.80 28.58
C33 PX4 IA . 1.50 -2.66 28.74
C34 PX4 IA . 1.28 -1.33 29.46
C35 PX4 IA . -0.23 -1.05 29.49
C36 PX4 IA . -0.44 0.26 30.25
O1 PX4 JA . -32.92 -6.16 22.82
O2 PX4 JA . -35.18 -7.00 23.93
P1 PX4 JA . -34.26 -5.96 23.42
O3 PX4 JA . -35.13 -5.18 22.32
C1 PX4 JA . -35.88 -5.91 21.36
C2 PX4 JA . -36.78 -5.04 20.47
N1 PX4 JA . -36.28 -3.87 19.73
C3 PX4 JA . -34.88 -4.08 19.32
C4 PX4 JA . -36.99 -3.57 18.48
C5 PX4 JA . -36.34 -2.62 20.49
O4 PX4 JA . -34.21 -4.76 24.49
C6 PX4 JA . -35.57 -4.58 24.90
C7 PX4 JA . -35.85 -3.46 25.92
C8 PX4 JA . -34.61 -2.56 25.83
O5 PX4 JA . -34.24 -1.87 27.03
C9 PX4 JA . -33.01 -1.30 27.07
O6 PX4 JA . -32.04 -1.95 26.68
C10 PX4 JA . -32.98 -0.06 27.98
C11 PX4 JA . -32.18 -0.21 29.28
C12 PX4 JA . -31.93 1.16 29.92
C13 PX4 JA . -31.17 0.93 31.23
C14 PX4 JA . -29.89 0.19 30.84
C15 PX4 JA . -29.25 -0.02 32.21
C16 PX4 JA . -28.25 -1.17 32.33
C17 PX4 JA . -27.63 -1.24 33.72
C18 PX4 JA . -26.81 -2.53 33.80
C19 PX4 JA . -26.05 -2.79 35.11
C20 PX4 JA . -27.02 -2.94 36.28
C21 PX4 JA . -26.11 -2.80 37.52
C22 PX4 JA . -26.92 -2.86 38.81
O7 PX4 JA . -37.10 -2.84 25.62
C23 PX4 JA . -38.28 -3.28 26.12
O8 PX4 JA . -39.21 -3.46 25.33
C24 PX4 JA . -38.15 -4.04 27.44
C25 PX4 JA . -39.34 -3.70 28.35
C26 PX4 JA . -39.29 -4.58 29.61
C27 PX4 JA . -40.46 -4.07 30.45
C28 PX4 JA . -40.43 -4.80 31.80
C29 PX4 JA . -41.68 -4.79 32.69
C30 PX4 JA . -42.11 -3.38 33.06
C31 PX4 JA . -43.33 -3.44 33.99
C32 PX4 JA . -44.43 -4.27 33.32
C33 PX4 JA . -45.63 -4.42 34.26
C34 PX4 JA . -46.17 -3.04 34.67
C35 PX4 JA . -47.48 -3.17 35.45
C36 PX4 JA . -47.41 -4.29 36.48
O1 PX4 KA . -27.66 -12.35 21.62
O2 PX4 KA . -25.54 -11.43 22.79
P1 PX4 KA . -26.77 -12.25 22.80
O3 PX4 KA . -26.18 -13.70 23.16
C1 PX4 KA . -27.17 -14.66 22.76
C2 PX4 KA . -26.59 -16.07 22.88
N1 PX4 KA . -27.39 -17.16 22.31
C3 PX4 KA . -26.95 -18.42 22.95
C4 PX4 KA . -28.81 -17.04 22.69
C5 PX4 KA . -27.23 -17.29 20.86
O4 PX4 KA . -27.64 -12.26 24.15
C6 PX4 KA . -26.74 -12.08 25.27
C7 PX4 KA . -27.49 -12.55 26.51
C8 PX4 KA . -26.47 -13.43 27.24
O5 PX4 KA . -25.11 -12.99 27.17
C9 PX4 KA . -24.29 -13.94 27.68
O6 PX4 KA . -24.73 -15.00 28.11
C10 PX4 KA . -22.78 -13.63 27.59
C11 PX4 KA . -22.30 -12.38 28.33
C12 PX4 KA . -22.65 -12.27 29.81
C13 PX4 KA . -22.21 -10.99 30.52
C14 PX4 KA . -23.19 -10.50 31.59
C15 PX4 KA . -23.13 -11.60 32.65
C16 PX4 KA . -24.18 -11.26 33.71
C17 PX4 KA . -24.16 -12.39 34.73
C18 PX4 KA . -25.37 -12.34 35.67
C19 PX4 KA . -25.36 -13.56 36.61
C20 PX4 KA . -26.52 -13.54 37.60
C21 PX4 KA . -26.42 -14.70 38.58
C22 PX4 KA . -26.33 -15.98 37.74
O7 PX4 KA . -28.06 -11.53 27.33
C23 PX4 KA . -29.39 -11.31 27.42
O8 PX4 KA . -30.15 -11.92 26.67
C24 PX4 KA . -29.95 -10.27 28.41
C25 PX4 KA . -29.77 -10.53 29.91
C26 PX4 KA . -30.38 -9.41 30.75
C27 PX4 KA . -31.87 -9.33 30.41
C28 PX4 KA . -32.79 -8.61 31.41
C29 PX4 KA . -32.39 -9.04 32.82
C30 PX4 KA . -33.29 -8.68 34.01
C31 PX4 KA . -33.00 -9.56 35.23
C32 PX4 KA . -33.91 -9.21 36.42
C33 PX4 KA . -33.72 -10.01 37.71
C34 PX4 KA . -34.76 -9.52 38.71
C35 PX4 KA . -36.16 -9.68 38.12
C36 PX4 KA . -37.20 -9.09 39.08
O1 PX4 LA . -24.49 6.01 19.62
O2 PX4 LA . -23.53 3.64 19.57
P1 PX4 LA . -24.51 4.61 20.12
O3 PX4 LA . -25.96 3.96 19.90
C1 PX4 LA . -26.01 2.75 20.66
C2 PX4 LA . -27.47 2.36 20.88
N1 PX4 LA . -28.38 3.05 21.80
C3 PX4 LA . -29.65 2.30 21.77
C4 PX4 LA . -27.75 2.81 23.11
C5 PX4 LA . -28.61 4.48 21.52
O4 PX4 LA . -24.37 4.64 21.72
C6 PX4 LA . -23.49 5.67 22.14
C7 PX4 LA . -23.30 5.71 23.66
C8 PX4 LA . -24.67 5.32 24.21
O5 PX4 LA . -24.92 5.58 25.60
C9 PX4 LA . -26.24 5.45 25.91
O6 PX4 LA . -27.02 5.16 24.99
C10 PX4 LA . -26.55 5.64 27.39
C11 PX4 LA . -26.03 4.50 28.27
C12 PX4 LA . -26.61 4.54 29.69
C13 PX4 LA . -26.22 3.22 30.34
C14 PX4 LA . -24.71 3.25 30.57
C15 PX4 LA . -24.40 2.99 32.04
C16 PX4 LA . -24.79 1.53 32.24
C17 PX4 LA . -24.31 1.06 33.63
C18 PX4 LA . -22.83 1.37 33.84
C19 PX4 LA . -22.36 1.26 35.30
C20 PX4 LA . -21.00 1.91 35.53
C21 PX4 LA . -20.60 1.73 37.00
C22 PX4 LA . -19.25 2.42 37.22
O7 PX4 LA . -22.26 4.80 24.05
C23 PX4 LA . -20.93 5.07 23.91
O8 PX4 LA . -20.47 6.02 23.27
C24 PX4 LA . -20.06 4.12 24.72
C25 PX4 LA . -19.67 4.55 26.14
C26 PX4 LA . -18.20 4.16 26.38
C27 PX4 LA . -17.90 4.80 27.74
C28 PX4 LA . -16.61 4.33 28.42
C29 PX4 LA . -16.53 5.03 29.78
C30 PX4 LA . -15.14 4.88 30.38
C31 PX4 LA . -14.79 3.42 30.64
C32 PX4 LA . -13.43 3.38 31.33
C33 PX4 LA . -13.49 4.37 32.50
C34 PX4 LA . -12.11 4.70 33.05
C35 PX4 LA . -12.05 5.72 34.19
C36 PX4 LA . -12.80 7.04 34.01
O1 PX4 MA . -16.30 4.23 16.40
O2 PX4 MA . -15.98 1.65 16.82
P1 PX4 MA . -16.49 2.99 17.19
O3 PX4 MA . -18.03 2.91 17.62
C1 PX4 MA . -18.38 4.27 17.89
C2 PX4 MA . -19.84 4.66 17.70
N1 PX4 MA . -20.61 4.32 16.48
C3 PX4 MA . -21.81 5.16 16.37
C4 PX4 MA . -19.83 4.35 15.23
C5 PX4 MA . -21.08 2.95 16.71
O4 PX4 MA . -15.98 3.17 18.70
C6 PX4 MA . -16.12 1.92 19.40
C7 PX4 MA . -16.00 2.24 20.88
C8 PX4 MA . -17.39 2.13 21.52
O5 PX4 MA . -18.12 0.96 21.12
C9 PX4 MA . -19.12 0.45 21.88
O6 PX4 MA . -19.62 1.23 22.70
C10 PX4 MA . -19.45 -1.04 21.76
C11 PX4 MA . -19.50 -1.66 23.16
C12 PX4 MA . -20.90 -1.48 23.74
C13 PX4 MA . -20.88 -1.71 25.25
C14 PX4 MA . -19.89 -0.68 25.78
C15 PX4 MA . -19.80 -0.96 27.28
C16 PX4 MA . -18.83 0.00 27.97
C17 PX4 MA . -18.70 -0.51 29.42
C18 PX4 MA . -17.84 0.43 30.26
C19 PX4 MA . -17.81 -0.04 31.71
C20 PX4 MA . -17.16 1.02 32.60
C21 PX4 MA . -16.97 0.58 34.06
C22 PX4 MA . -15.75 1.26 34.69
O7 PX4 MA . -14.96 1.51 21.56
C23 PX4 MA . -13.70 1.99 21.39
O8 PX4 MA . -13.33 2.82 20.56
C24 PX4 MA . -12.77 1.46 22.49
C25 PX4 MA . -12.50 2.60 23.47
C26 PX4 MA . -11.87 2.00 24.73
C27 PX4 MA . -11.32 3.05 25.69
C28 PX4 MA . -12.31 4.07 26.26
C29 PX4 MA . -11.71 4.83 27.44
C30 PX4 MA . -12.68 5.94 27.84
C31 PX4 MA . -12.04 6.78 28.96
C32 PX4 MA . -13.01 7.87 29.44
C33 PX4 MA . -12.31 9.02 30.16
C34 PX4 MA . -13.26 10.16 30.50
C35 PX4 MA . -12.64 11.21 31.42
C36 PX4 MA . -12.11 10.54 32.70
O1 PX4 NA . -23.91 -14.74 20.71
O2 PX4 NA . -24.03 -12.58 19.33
P1 PX4 NA . -23.26 -13.52 20.19
O3 PX4 NA . -22.06 -14.08 19.28
C1 PX4 NA . -22.30 -13.57 17.96
C2 PX4 NA . -21.36 -14.21 16.95
N1 PX4 NA . -21.21 -13.59 15.63
C3 PX4 NA . -21.01 -12.14 15.78
C4 PX4 NA . -20.04 -14.25 15.05
C5 PX4 NA . -22.32 -13.81 14.69
O4 PX4 NA . -22.41 -12.67 21.27
C6 PX4 NA . -22.85 -13.16 22.54
C7 PX4 NA . -22.14 -12.65 23.81
C8 PX4 NA . -23.04 -11.70 24.60
O5 PX4 NA . -22.32 -10.75 25.39
C9 PX4 NA . -21.38 -9.95 24.81
O6 PX4 NA . -21.48 -9.85 23.58
C10 PX4 NA . -20.32 -9.24 25.64
C11 PX4 NA . -19.79 -10.07 26.80
C12 PX4 NA . -18.53 -9.38 27.36
C13 PX4 NA . -17.40 -10.40 27.26
C14 PX4 NA . -16.54 -10.10 28.50
C15 PX4 NA . -15.51 -11.16 28.85
C16 PX4 NA . -15.25 -11.22 30.35
C17 PX4 NA . -14.13 -12.15 30.85
C18 PX4 NA . -14.13 -12.24 32.38
C19 PX4 NA . -15.54 -12.65 32.82
C20 PX4 NA . -15.36 -13.06 34.29
C21 PX4 NA . -15.02 -11.85 35.16
C22 PX4 NA . -14.68 -12.36 36.57
O7 PX4 NA . -21.65 -13.73 24.60
C23 PX4 NA . -20.40 -14.17 24.30
O8 PX4 NA . -19.79 -13.86 23.28
C24 PX4 NA . -19.87 -15.26 25.22
C25 PX4 NA . -19.26 -14.54 26.42
C26 PX4 NA . -18.86 -15.51 27.54
C27 PX4 NA . -18.41 -14.76 28.80
C28 PX4 NA . -17.98 -15.79 29.84
C29 PX4 NA . -17.79 -15.29 31.26
C30 PX4 NA . -19.04 -14.59 31.80
C31 PX4 NA . -18.75 -14.01 33.19
C32 PX4 NA . -20.00 -13.90 34.07
C33 PX4 NA . -19.66 -13.19 35.37
C34 PX4 NA . -20.94 -13.18 36.22
C35 PX4 NA . -20.61 -12.66 37.63
C36 PX4 NA . -21.71 -13.02 38.61
O1 PX4 OA . -8.62 -20.39 18.04
O2 PX4 OA . -9.74 -18.08 18.63
P1 PX4 OA . -8.81 -19.20 18.90
O3 PX4 OA . -7.39 -18.51 19.24
C1 PX4 OA . -7.56 -17.17 19.69
C2 PX4 OA . -6.50 -16.13 19.30
N1 PX4 OA . -6.42 -15.66 17.92
C3 PX4 OA . -6.11 -16.58 16.82
C4 PX4 OA . -7.65 -14.88 17.65
C5 PX4 OA . -5.38 -14.63 17.75
O4 PX4 OA . -9.14 -19.61 20.41
C6 PX4 OA . -8.82 -20.94 20.83
C7 PX4 OA . -8.91 -21.19 22.34
C8 PX4 OA . -8.37 -19.89 22.90
O5 PX4 OA . -7.47 -19.99 24.01
C9 PX4 OA . -6.87 -18.82 24.35
O6 PX4 OA . -6.95 -17.88 23.55
C10 PX4 OA . -5.86 -18.98 25.48
C11 PX4 OA . -5.67 -17.58 26.05
C12 PX4 OA . -4.49 -17.47 27.02
C13 PX4 OA . -4.64 -16.18 27.81
C14 PX4 OA . -3.87 -16.07 29.13
C15 PX4 OA . -4.15 -14.83 29.99
C16 PX4 OA . -5.64 -14.64 30.24
C17 PX4 OA . -6.05 -13.22 30.63
C18 PX4 OA . -5.26 -12.65 31.81
C19 PX4 OA . -5.59 -11.18 32.08
C20 PX4 OA . -7.03 -11.07 32.60
C21 PX4 OA . -7.39 -9.62 32.89
C22 PX4 OA . -6.72 -8.97 34.10
O7 PX4 OA . -10.13 -21.63 22.96
C23 PX4 OA . -10.10 -22.63 23.88
O8 PX4 OA . -9.46 -23.64 23.59
C24 PX4 OA . -11.38 -22.78 24.71
C25 PX4 OA . -11.41 -22.33 26.17
C26 PX4 OA . -10.66 -23.21 27.16
C27 PX4 OA . -10.41 -22.76 28.59
C28 PX4 OA . -9.96 -23.93 29.46
C29 PX4 OA . -9.60 -23.53 30.89
C30 PX4 OA . -9.13 -24.78 31.63
C31 PX4 OA . -8.91 -24.73 33.15
C32 PX4 OA . -8.60 -26.11 33.73
C33 PX4 OA . -8.41 -26.33 35.22
C34 PX4 OA . -8.08 -27.79 35.58
C35 PX4 OA . -7.87 -27.87 37.09
C36 PX4 OA . -7.50 -29.30 37.50
O1 PX4 PA . -7.69 -33.01 24.85
O2 PX4 PA . -7.10 -31.33 22.98
P1 PX4 PA . -6.71 -32.12 24.17
O3 PX4 PA . -5.33 -32.92 23.97
C1 PX4 PA . -4.20 -32.15 23.57
C2 PX4 PA . -3.02 -33.10 23.42
N1 PX4 PA . -2.15 -32.72 22.28
C3 PX4 PA . -2.93 -32.66 21.04
C4 PX4 PA . -1.33 -31.55 22.62
C5 PX4 PA . -1.31 -33.91 22.10
O4 PX4 PA . -6.04 -31.13 25.24
C6 PX4 PA . -7.12 -30.43 25.86
C7 PX4 PA . -6.68 -29.38 26.88
C8 PX4 PA . -5.15 -29.34 26.95
O5 PX4 PA . -4.59 -29.32 28.26
C9 PX4 PA . -3.25 -29.52 28.36
O6 PX4 PA . -2.80 -30.40 27.62
C10 PX4 PA . -2.49 -29.11 29.62
C11 PX4 PA . -3.16 -28.02 30.46
C12 PX4 PA . -3.10 -26.62 29.86
C13 PX4 PA . -3.94 -25.70 30.75
C14 PX4 PA . -3.44 -25.78 32.19
C15 PX4 PA . -4.32 -25.06 33.21
C16 PX4 PA . -3.75 -25.15 34.63
C17 PX4 PA . -4.65 -24.44 35.65
C18 PX4 PA . -4.30 -24.79 37.09
C19 PX4 PA . -4.05 -26.28 37.39
C20 PX4 PA . -3.61 -26.43 38.84
C21 PX4 PA . -3.35 -27.89 39.21
C22 PX4 PA . -2.14 -28.53 38.51
O7 PX4 PA . -7.22 -28.08 26.61
C23 PX4 PA . -6.89 -27.30 25.54
O8 PX4 PA . -6.30 -27.76 24.56
C24 PX4 PA . -7.65 -25.98 25.44
C25 PX4 PA . -6.78 -24.96 26.17
C26 PX4 PA . -6.78 -25.02 27.69
C27 PX4 PA . -5.74 -24.01 28.18
C28 PX4 PA . -6.21 -22.60 27.80
C29 PX4 PA . -5.18 -21.56 28.25
C30 PX4 PA . -4.97 -21.75 29.75
C31 PX4 PA . -3.85 -20.78 30.17
C32 PX4 PA . -3.35 -21.09 31.58
C33 PX4 PA . -2.26 -20.06 31.90
C34 PX4 PA . -2.25 -20.17 33.43
C35 PX4 PA . -1.27 -19.05 33.78
C36 PX4 PA . -1.13 -19.04 35.30
O1 PX4 QA . 9.17 -29.21 16.71
O2 PX4 QA . 11.09 -30.80 17.34
P1 PX4 QA . 9.66 -30.49 17.27
O3 PX4 QA . 8.89 -31.72 16.56
C1 PX4 QA . 8.63 -32.84 17.41
C2 PX4 QA . 7.92 -34.02 16.73
N1 PX4 QA . 8.69 -34.63 15.64
C3 PX4 QA . 8.98 -33.84 14.44
C4 PX4 QA . 9.97 -35.18 16.09
C5 PX4 QA . 7.90 -35.79 15.19
O4 PX4 QA . 9.05 -30.61 18.75
C6 PX4 QA . 10.12 -30.21 19.60
C7 PX4 QA . 9.71 -29.87 21.03
C8 PX4 QA . 8.28 -29.34 20.91
O5 PX4 QA . 7.63 -28.92 22.11
C9 PX4 QA . 6.55 -28.08 22.07
O6 PX4 QA . 6.26 -27.45 21.06
C10 PX4 QA . 5.67 -27.97 23.31
C11 PX4 QA . 6.47 -27.13 24.31
C12 PX4 QA . 5.58 -27.14 25.56
C13 PX4 QA . 6.30 -26.27 26.59
C14 PX4 QA . 5.46 -25.95 27.82
C15 PX4 QA . 6.27 -25.10 28.80
C16 PX4 QA . 5.35 -25.06 30.03
C17 PX4 QA . 5.70 -24.02 31.08
C18 PX4 QA . 4.80 -24.07 32.31
C19 PX4 QA . 5.21 -22.96 33.29
C20 PX4 QA . 6.72 -22.92 33.53
C21 PX4 QA . 7.11 -21.93 34.62
C22 PX4 QA . 8.55 -22.11 35.09
O7 PX4 QA . 9.89 -30.94 21.96
C23 PX4 QA . 11.14 -31.20 22.46
O8 PX4 QA . 12.13 -30.72 21.91
C24 PX4 QA . 11.26 -32.31 23.50
C25 PX4 QA . 11.44 -31.67 24.88
C26 PX4 QA . 11.69 -32.79 25.90
C27 PX4 QA . 11.67 -32.27 27.33
C28 PX4 QA . 12.84 -31.30 27.47
C29 PX4 QA . 12.77 -30.67 28.87
C30 PX4 QA . 13.63 -29.41 29.04
C31 PX4 QA . 13.58 -28.55 30.30
C32 PX4 QA . 14.43 -27.30 30.08
C33 PX4 QA . 14.83 -26.45 31.30
C34 PX4 QA . 13.63 -26.07 32.17
C35 PX4 QA . 14.03 -24.95 33.12
C36 PX4 QA . 12.92 -24.94 34.17
O1 PX4 RA . -34.23 -0.90 23.41
O2 PX4 RA . -33.85 -0.65 20.93
P1 PX4 RA . -33.29 -0.59 22.30
O3 PX4 RA . -31.96 -1.47 22.44
C1 PX4 RA . -32.23 -2.87 22.54
C2 PX4 RA . -31.01 -3.78 22.36
N1 PX4 RA . -30.08 -3.93 23.49
C3 PX4 RA . -29.26 -2.72 23.54
C4 PX4 RA . -30.75 -4.14 24.78
C5 PX4 RA . -29.24 -5.08 23.12
O4 PX4 RA . -32.76 0.91 22.55
C6 PX4 RA . -32.76 1.14 23.96
C7 PX4 RA . -33.28 2.52 24.40
C8 PX4 RA . -34.75 2.41 24.77
O5 PX4 RA . -35.14 1.59 25.88
C9 PX4 RA . -36.48 1.54 26.03
O6 PX4 RA . -37.34 2.19 25.43
C10 PX4 RA . -37.00 0.49 27.02
C11 PX4 RA . -36.74 0.99 28.44
C12 PX4 RA . -37.18 -0.12 29.41
C13 PX4 RA . -37.19 0.27 30.89
C14 PX4 RA . -35.78 0.68 31.33
C15 PX4 RA . -35.89 1.35 32.70
C16 PX4 RA . -34.56 1.41 33.44
C17 PX4 RA . -34.72 1.45 34.96
C18 PX4 RA . -33.34 1.60 35.59
C19 PX4 RA . -32.58 0.28 35.36
C20 PX4 RA . -31.19 0.29 36.01
C21 PX4 RA . -30.64 -1.14 35.93
C22 PX4 RA . -31.65 -2.08 36.60
O7 PX4 RA . -32.39 3.04 25.40
C23 PX4 RA . -31.54 4.01 24.98
O8 PX4 RA . -31.33 4.14 23.77
C24 PX4 RA . -30.56 4.55 26.02
C25 PX4 RA . -30.03 3.69 27.17
C26 PX4 RA . -29.34 2.45 26.62
C27 PX4 RA . -28.87 1.60 27.81
C28 PX4 RA . -28.42 0.19 27.45
C29 PX4 RA . -27.60 -0.52 28.54
C30 PX4 RA . -26.16 -0.92 28.27
C31 PX4 RA . -25.48 -1.57 29.48
C32 PX4 RA . -24.05 -1.81 29.00
C33 PX4 RA . -23.42 -2.86 29.92
C34 PX4 RA . -23.03 -2.29 31.29
C35 PX4 RA . -22.42 -3.41 32.14
C36 PX4 RA . -22.10 -3.06 33.59
O1 PX4 SA . -31.48 -11.16 20.61
O2 PX4 SA . -31.63 -12.34 22.86
P1 PX4 SA . -31.99 -11.20 22.00
O3 PX4 SA . -33.59 -11.08 21.90
C1 PX4 SA . -34.05 -10.35 20.77
C2 PX4 SA . -35.57 -10.50 20.73
N1 PX4 SA . -36.12 -11.81 20.29
C3 PX4 SA . -37.43 -11.37 19.79
C4 PX4 SA . -35.35 -12.56 19.29
C5 PX4 SA . -36.27 -12.69 21.46
O4 PX4 SA . -31.65 -9.81 22.72
C6 PX4 SA . -30.24 -9.66 22.93
C7 PX4 SA . -29.74 -8.64 23.95
C8 PX4 SA . -30.81 -8.86 25.03
O5 PX4 SA . -31.21 -7.66 25.71
C9 PX4 SA . -32.09 -7.81 26.72
O6 PX4 SA . -32.48 -8.89 27.18
C10 PX4 SA . -32.40 -6.50 27.46
C11 PX4 SA . -33.81 -6.37 28.06
C12 PX4 SA . -33.75 -5.28 29.14
C13 PX4 SA . -35.07 -5.01 29.87
C14 PX4 SA . -34.88 -4.20 31.15
C15 PX4 SA . -36.13 -4.02 32.03
C16 PX4 SA . -35.91 -3.18 33.29
C17 PX4 SA . -37.25 -2.82 33.95
C18 PX4 SA . -37.00 -2.08 35.26
C19 PX4 SA . -38.24 -1.46 35.90
C20 PX4 SA . -39.37 -2.49 36.02
C21 PX4 SA . -40.57 -1.91 36.78
C22 PX4 SA . -41.40 -3.08 37.32
O7 PX4 SA . -28.40 -8.81 24.38
C23 PX4 SA . -27.36 -8.27 23.69
O8 PX4 SA . -27.58 -7.81 22.57
C24 PX4 SA . -25.95 -8.24 24.31
C25 PX4 SA . -25.99 -7.78 25.77
C26 PX4 SA . -24.66 -7.93 26.49
C27 PX4 SA . -24.78 -7.89 28.02
C28 PX4 SA . -25.81 -8.95 28.44
C29 PX4 SA . -26.02 -8.74 29.94
C30 PX4 SA . -26.92 -7.55 30.30
C31 PX4 SA . -26.62 -7.13 31.74
C32 PX4 SA . -25.46 -6.14 31.64
C33 PX4 SA . -24.80 -5.94 32.99
C34 PX4 SA . -23.89 -7.09 33.42
C35 PX4 SA . -23.22 -6.83 34.76
C36 PX4 SA . -24.20 -6.93 35.93
O1 PX4 TA . -10.72 11.41 13.16
O2 PX4 TA . -12.87 10.07 12.80
P1 PX4 TA . -12.18 11.26 13.35
O3 PX4 TA . -13.05 12.59 13.19
C1 PX4 TA . -13.22 13.42 14.35
C2 PX4 TA . -14.43 14.35 14.23
N1 PX4 TA . -15.74 13.86 13.77
C3 PX4 TA . -16.76 14.74 14.37
C4 PX4 TA . -15.93 14.00 12.32
C5 PX4 TA . -16.13 12.47 14.09
O4 PX4 TA . -12.38 11.02 14.94
C6 PX4 TA . -11.93 9.68 15.17
C7 PX4 TA . -12.16 9.26 16.63
C8 PX4 TA . -12.56 10.54 17.36
O5 PX4 TA . -12.07 10.61 18.70
C9 PX4 TA . -12.47 11.76 19.31
O6 PX4 TA . -13.23 12.56 18.77
C10 PX4 TA . -11.99 11.94 20.75
C11 PX4 TA . -12.75 11.02 21.70
C12 PX4 TA . -12.03 10.88 23.04
C13 PX4 TA . -13.18 10.49 23.99
C14 PX4 TA . -12.67 10.42 25.42
C15 PX4 TA . -11.99 11.76 25.74
C16 PX4 TA . -11.76 11.92 27.25
C17 PX4 TA . -11.18 13.33 27.45
C18 PX4 TA . -10.57 13.51 28.85
C19 PX4 TA . -10.05 14.93 29.03
C20 PX4 TA . -9.23 15.11 30.32
C21 PX4 TA . -8.61 16.52 30.32
C22 PX4 TA . -9.63 17.67 30.36
O7 PX4 TA . -13.03 8.14 16.81
C23 PX4 TA . -12.42 6.93 16.96
O8 PX4 TA . -11.29 6.72 16.53
C24 PX4 TA . -13.37 5.81 17.40
C25 PX4 TA . -13.37 5.51 18.90
C26 PX4 TA . -14.72 6.03 19.40
C27 PX4 TA . -14.88 6.05 20.92
C28 PX4 TA . -16.25 6.66 21.23
C29 PX4 TA . -16.29 6.67 22.75
C30 PX4 TA . -17.28 7.60 23.45
C31 PX4 TA . -17.19 7.65 24.98
C32 PX4 TA . -16.25 8.80 25.38
C33 PX4 TA . -16.02 8.73 26.88
C34 PX4 TA . -17.42 8.71 27.51
C35 PX4 TA . -17.49 9.12 28.98
C36 PX4 TA . -18.86 9.71 29.32
O1 PX4 UA . -8.00 13.70 15.66
O2 PX4 UA . -10.42 14.06 16.23
P1 PX4 UA . -9.00 14.36 16.54
O3 PX4 UA . -8.84 15.94 16.31
C1 PX4 UA . -9.60 16.64 17.30
C2 PX4 UA . -9.53 18.14 17.05
N1 PX4 UA . -10.35 18.97 17.96
C3 PX4 UA . -9.66 18.95 19.26
C4 PX4 UA . -10.29 20.31 17.38
C5 PX4 UA . -11.76 18.57 18.06
O4 PX4 UA . -8.77 14.17 18.12
C6 PX4 UA . -8.70 12.75 18.35
C7 PX4 UA . -7.55 12.34 19.26
C8 PX4 UA . -7.03 13.61 19.95
O5 PX4 UA . -5.80 13.58 20.67
C9 PX4 UA . -4.77 12.86 20.14
O6 PX4 UA . -4.83 12.24 19.08
C10 PX4 UA . -3.43 13.16 20.79
C11 PX4 UA . -2.56 11.90 20.71
C12 PX4 UA . -1.22 12.21 21.39
C13 PX4 UA . -0.40 10.91 21.42
C14 PX4 UA . -0.92 10.03 22.56
C15 PX4 UA . 0.05 8.85 22.66
C16 PX4 UA . -0.50 7.89 23.72
C17 PX4 UA . 0.10 6.48 23.72
C18 PX4 UA . -0.59 5.65 24.82
C19 PX4 UA . -2.01 5.15 24.58
C20 PX4 UA . -2.18 4.10 23.48
C21 PX4 UA . -3.59 3.54 23.42
C22 PX4 UA . -3.66 2.34 22.47
O7 PX4 UA . -7.92 11.23 20.09
C23 PX4 UA . -7.83 9.97 19.60
O8 PX4 UA . -7.80 9.87 18.38
C24 PX4 UA . -8.41 8.90 20.53
C25 PX4 UA . -8.51 7.52 19.87
C26 PX4 UA . -9.25 6.63 20.88
C27 PX4 UA . -10.62 7.24 21.16
C28 PX4 UA . -11.18 6.32 22.24
C29 PX4 UA . -10.18 6.27 23.39
C30 PX4 UA . -9.97 7.59 24.14
C31 PX4 UA . -9.65 7.53 25.63
C32 PX4 UA . -9.24 8.81 26.34
C33 PX4 UA . -8.63 8.53 27.72
C34 PX4 UA . -7.96 9.73 28.36
C35 PX4 UA . -7.22 9.43 29.67
C36 PX4 UA . -6.58 10.71 30.21
O1 PX4 VA . -19.57 -5.79 17.01
O2 PX4 VA . -21.85 -6.87 16.41
P1 PX4 VA . -21.01 -5.99 17.25
O3 PX4 VA . -21.61 -4.52 16.97
C1 PX4 VA . -23.04 -4.55 17.07
C2 PX4 VA . -23.79 -3.24 16.86
N1 PX4 VA . -23.50 -2.31 15.77
C3 PX4 VA . -23.03 -2.99 14.55
C4 PX4 VA . -24.79 -1.65 15.49
C5 PX4 VA . -22.52 -1.28 16.18
O4 PX4 VA . -21.33 -6.05 18.83
C6 PX4 VA . -20.26 -5.36 19.48
C7 PX4 VA . -19.89 -5.74 20.91
C8 PX4 VA . -21.15 -5.44 21.73
O5 PX4 VA . -20.77 -5.20 23.09
C9 PX4 VA . -21.68 -5.52 24.05
O6 PX4 VA . -22.73 -6.10 23.81
C10 PX4 VA . -21.15 -5.38 25.48
C11 PX4 VA . -22.30 -4.99 26.42
C12 PX4 VA . -21.93 -5.15 27.90
C13 PX4 VA . -21.45 -6.58 28.17
C14 PX4 VA . -21.05 -6.82 29.63
C15 PX4 VA . -20.24 -8.06 30.02
C16 PX4 VA . -19.63 -8.13 31.42
C17 PX4 VA . -18.46 -9.11 31.58
C18 PX4 VA . -17.59 -8.95 32.82
C19 PX4 VA . -18.54 -9.22 33.99
C20 PX4 VA . -17.64 -9.02 35.21
C21 PX4 VA . -18.29 -9.49 36.52
C22 PX4 VA . -19.62 -8.73 36.52
O7 PX4 VA . -19.43 -7.09 20.99
C23 PX4 VA . -18.10 -7.33 21.02
O8 PX4 VA . -17.38 -6.54 20.41
C24 PX4 VA . -17.63 -8.78 21.25
C25 PX4 VA . -16.91 -8.81 22.59
C26 PX4 VA . -15.98 -10.01 22.80
C27 PX4 VA . -15.38 -10.01 24.21
C28 PX4 VA . -14.42 -8.83 24.42
C29 PX4 VA . -14.29 -8.44 25.90
C30 PX4 VA . -12.96 -8.88 26.53
C31 PX4 VA . -11.69 -8.54 25.75
C32 PX4 VA . -10.57 -9.17 26.58
C33 PX4 VA . -10.65 -8.59 27.98
C34 PX4 VA . -9.39 -8.91 28.79
C35 PX4 VA . -9.35 -8.20 30.14
C36 PX4 VA . -8.92 -6.74 30.02
O1 PX4 WA . -11.61 -2.77 19.53
O2 PX4 WA . -14.15 -2.91 18.83
P1 PX4 WA . -13.04 -2.36 19.62
O3 PX4 WA . -13.23 -0.79 19.30
C1 PX4 WA . -12.45 -0.41 18.15
C2 PX4 WA . -12.62 1.02 17.64
N1 PX4 WA . -11.98 1.35 16.36
C3 PX4 WA . -12.45 2.64 15.81
C4 PX4 WA . -10.53 1.48 16.49
C5 PX4 WA . -12.22 0.32 15.34
O4 PX4 WA . -13.38 -2.34 21.19
C6 PX4 WA . -14.69 -1.85 21.50
C7 PX4 WA . -15.18 -2.26 22.89
C8 PX4 WA . -15.70 -0.94 23.46
O5 PX4 WA . -15.06 -0.82 24.74
C9 PX4 WA . -15.58 0.11 25.59
O6 PX4 WA . -16.60 0.71 25.29
C10 PX4 WA . -14.92 0.34 26.96
C11 PX4 WA . -15.15 -0.82 27.93
C12 PX4 WA . -14.34 -0.47 29.19
C13 PX4 WA . -14.07 -1.79 29.91
C14 PX4 WA . -13.38 -1.56 31.26
C15 PX4 WA . -13.39 -2.72 32.26
C16 PX4 WA . -12.97 -2.22 33.65
C17 PX4 WA . -12.63 -3.37 34.59
C18 PX4 WA . -13.85 -4.11 35.12
C19 PX4 WA . -13.45 -5.43 35.78
C20 PX4 WA . -13.29 -5.19 37.29
C21 PX4 WA . -13.11 -6.58 37.92
C22 PX4 WA . -14.39 -7.37 37.65
O7 PX4 WA . -16.24 -3.20 22.83
C23 PX4 WA . -16.05 -4.43 23.37
O8 PX4 WA . -15.04 -5.12 23.25
C24 PX4 WA . -17.32 -5.12 23.88
C25 PX4 WA . -17.37 -5.18 25.40
C26 PX4 WA . -17.44 -3.76 25.99
C27 PX4 WA . -17.70 -3.72 27.50
C28 PX4 WA . -16.76 -4.52 28.40
C29 PX4 WA . -17.01 -4.29 29.89
C30 PX4 WA . -18.47 -4.59 30.16
C31 PX4 WA . -18.61 -4.13 31.61
C32 PX4 WA . -17.40 -4.51 32.47
C33 PX4 WA . -17.67 -4.45 33.97
C34 PX4 WA . -18.42 -3.21 34.49
C35 PX4 WA . -18.68 -3.21 36.00
C36 PX4 WA . -19.55 -1.95 36.15
O1 PX4 XA . 5.57 -5.36 18.53
O2 PX4 XA . 4.85 -3.52 16.82
P1 PX4 XA . 5.71 -4.01 17.92
O3 PX4 XA . 7.26 -3.68 17.64
C1 PX4 XA . 7.91 -3.54 18.90
C2 PX4 XA . 9.42 -3.61 18.73
N1 PX4 XA . 10.25 -3.60 19.95
C3 PX4 XA . 10.20 -2.31 20.67
C4 PX4 XA . 10.00 -4.60 21.00
C5 PX4 XA . 11.59 -3.94 19.45
O4 PX4 XA . 5.53 -3.03 19.18
C6 PX4 XA . 4.16 -3.10 19.60
C7 PX4 XA . 3.92 -2.95 21.10
C8 PX4 XA . 5.26 -2.45 21.64
O5 PX4 XA . 5.52 -3.08 22.89
C9 PX4 XA . 6.83 -3.00 23.28
O6 PX4 XA . 7.64 -2.32 22.65
C10 PX4 XA . 7.12 -3.84 24.52
C11 PX4 XA . 8.15 -4.93 24.18
C12 PX4 XA . 8.53 -5.46 25.56
C13 PX4 XA . 7.28 -6.10 26.21
C14 PX4 XA . 7.47 -6.12 27.72
C15 PX4 XA . 8.25 -7.32 28.28
C16 PX4 XA . 8.12 -7.24 29.80
C17 PX4 XA . 6.70 -7.18 30.37
C18 PX4 XA . 6.68 -7.19 31.90
C19 PX4 XA . 7.08 -8.60 32.32
C20 PX4 XA . 7.32 -8.72 33.82
C21 PX4 XA . 7.71 -10.15 34.21
C22 PX4 XA . 8.00 -10.40 35.69
O7 PX4 XA . 2.79 -2.11 21.35
C23 PX4 XA . 1.49 -2.37 21.05
O8 PX4 XA . 1.21 -3.49 20.64
C24 PX4 XA . 0.42 -1.37 21.51
C25 PX4 XA . -0.04 -1.31 22.97
C26 PX4 XA . -0.72 -0.05 23.49
C27 PX4 XA . -1.08 -0.19 24.96
C28 PX4 XA . -1.70 1.05 25.62
C29 PX4 XA . -2.24 0.79 27.02
C30 PX4 XA . -2.75 2.10 27.63
C31 PX4 XA . -3.48 1.88 28.96
C32 PX4 XA . -4.73 1.04 28.68
C33 PX4 XA . -5.69 1.05 29.86
C34 PX4 XA . -5.10 0.41 31.13
C35 PX4 XA . -6.27 0.44 32.13
C36 PX4 XA . -5.85 -0.26 33.42
O1 PX4 YA . 5.63 -12.73 14.44
O2 PX4 YA . 5.68 -10.33 15.18
P1 PX4 YA . 5.98 -11.75 15.49
O3 PX4 YA . 7.53 -12.03 15.85
C1 PX4 YA . 7.69 -13.44 16.02
C2 PX4 YA . 9.11 -13.92 16.27
N1 PX4 YA . 9.55 -13.88 17.67
C3 PX4 YA . 8.51 -14.29 18.63
C4 PX4 YA . 10.75 -14.72 17.86
C5 PX4 YA . 9.95 -12.52 18.09
O4 PX4 YA . 5.52 -12.17 16.98
C6 PX4 YA . 5.44 -11.03 17.83
C7 PX4 YA . 5.66 -11.31 19.32
C8 PX4 YA . 4.99 -12.66 19.58
O5 PX4 YA . 4.47 -12.78 20.92
C9 PX4 YA . 5.28 -12.84 22.00
O6 PX4 YA . 6.50 -12.98 21.87
C10 PX4 YA . 4.62 -12.82 23.39
C11 PX4 YA . 4.18 -11.38 23.63
C12 PX4 YA . 3.78 -11.13 25.08
C13 PX4 YA . 2.64 -11.93 25.71
C14 PX4 YA . 2.54 -11.76 27.22
C15 PX4 YA . 3.76 -12.36 27.93
C16 PX4 YA . 3.69 -12.28 29.45
C17 PX4 YA . 4.95 -12.91 30.07
C18 PX4 YA . 6.20 -12.10 29.70
C19 PX4 YA . 7.49 -12.60 30.34
C20 PX4 YA . 8.62 -11.87 29.61
C21 PX4 YA . 10.03 -12.31 29.99
C22 PX4 YA . 10.88 -11.80 28.82
O7 PX4 YA . 7.05 -11.20 19.61
C23 PX4 YA . 7.47 -10.14 20.33
O8 PX4 YA . 6.76 -9.13 20.39
C24 PX4 YA . 8.86 -10.21 20.97
C25 PX4 YA . 8.86 -9.34 22.22
C26 PX4 YA . 10.16 -9.50 23.00
C27 PX4 YA . 10.43 -8.74 24.30
C28 PX4 YA . 11.86 -8.97 24.80
C29 PX4 YA . 12.31 -8.14 26.00
C30 PX4 YA . 13.73 -8.43 26.52
C31 PX4 YA . 13.99 -7.39 27.63
C32 PX4 YA . 15.32 -7.79 28.27
C33 PX4 YA . 15.10 -9.08 29.05
C34 PX4 YA . 16.47 -9.53 29.57
C35 PX4 YA . 16.37 -10.97 30.08
C36 PX4 YA . 17.56 -11.43 30.93
O1 PX4 ZA . 12.30 -24.88 19.50
O2 PX4 ZA . 10.80 -23.60 18.00
P1 PX4 ZA . 11.75 -23.56 19.14
O3 PX4 ZA . 12.96 -22.53 18.84
C1 PX4 ZA . 14.08 -23.10 18.15
C2 PX4 ZA . 14.93 -22.04 17.46
N1 PX4 ZA . 15.19 -20.76 18.13
C3 PX4 ZA . 14.14 -19.76 17.98
C4 PX4 ZA . 15.47 -20.80 19.58
C5 PX4 ZA . 16.48 -20.43 17.51
O4 PX4 ZA . 11.14 -22.91 20.48
C6 PX4 ZA . 12.23 -22.73 21.39
C7 PX4 ZA . 11.85 -22.12 22.74
C8 PX4 ZA . 11.35 -23.22 23.68
O5 PX4 ZA . 11.89 -24.51 23.39
C9 PX4 ZA . 11.07 -25.60 23.34
O6 PX4 ZA . 9.86 -25.45 23.28
C10 PX4 ZA . 11.67 -26.99 23.20
C11 PX4 ZA . 12.68 -27.10 24.35
C12 PX4 ZA . 13.51 -28.37 24.49
C13 PX4 ZA . 14.42 -28.42 25.72
C14 PX4 ZA . 15.74 -27.68 25.54
C15 PX4 ZA . 16.59 -27.63 26.80
C16 PX4 ZA . 17.82 -26.73 26.66
C17 PX4 ZA . 18.53 -26.47 27.98
C18 PX4 ZA . 18.96 -27.79 28.62
C19 PX4 ZA . 19.45 -27.49 30.05
C20 PX4 ZA . 18.52 -26.86 31.08
C21 PX4 ZA . 19.46 -26.59 32.27
C22 PX4 ZA . 18.60 -25.98 33.38
O7 PX4 ZA . 12.88 -21.27 23.24
C23 PX4 ZA . 13.13 -20.03 22.73
O8 PX4 ZA . 12.60 -19.60 21.71
C24 PX4 ZA . 14.19 -19.27 23.54
C25 PX4 ZA . 14.03 -19.54 25.03
C26 PX4 ZA . 15.16 -18.79 25.73
C27 PX4 ZA . 15.11 -18.64 27.25
C28 PX4 ZA . 16.17 -17.79 27.96
C29 PX4 ZA . 15.94 -17.63 29.46
C30 PX4 ZA . 17.28 -17.14 30.02
C31 PX4 ZA . 17.17 -16.86 31.52
C32 PX4 ZA . 16.98 -18.19 32.25
C33 PX4 ZA . 17.33 -18.14 33.75
C34 PX4 ZA . 17.09 -19.45 34.51
C35 PX4 ZA . 17.33 -19.33 36.02
C36 PX4 ZA . 16.35 -18.26 36.50
O1 PX4 AB . 17.44 -24.65 16.98
O2 PX4 AB . 17.20 -27.25 17.08
P1 PX4 AB . 16.73 -25.88 17.40
O3 PX4 AB . 15.23 -25.82 16.85
C1 PX4 AB . 14.65 -27.09 17.16
C2 PX4 AB . 13.19 -27.06 16.72
N1 PX4 AB . 12.77 -27.10 15.31
C3 PX4 AB . 12.90 -25.82 14.59
C4 PX4 AB . 13.46 -28.17 14.57
C5 PX4 AB . 11.34 -27.43 15.31
O4 PX4 AB . 16.13 -25.77 18.89
C6 PX4 AB . 16.90 -26.65 19.72
C7 PX4 AB . 16.44 -26.86 21.15
C8 PX4 AB . 15.28 -25.88 21.37
O5 PX4 AB . 15.43 -25.17 22.61
C9 PX4 AB . 15.61 -23.84 22.39
O6 PX4 AB . 15.79 -23.44 21.24
C10 PX4 AB . 15.64 -22.90 23.59
C11 PX4 AB . 15.88 -23.70 24.88
C12 PX4 AB . 15.85 -22.74 26.06
C13 PX4 AB . 15.84 -23.41 27.44
C14 PX4 AB . 15.65 -22.40 28.59
C15 PX4 AB . 15.85 -22.98 30.00
C16 PX4 AB . 15.66 -22.05 31.19
C17 PX4 AB . 14.22 -21.54 31.10
C18 PX4 AB . 13.91 -20.53 32.20
C19 PX4 AB . 12.58 -19.86 31.81
C20 PX4 AB . 11.54 -20.93 31.47
C21 PX4 AB . 10.34 -20.35 30.72
C22 PX4 AB . 9.28 -21.43 30.58
O7 PX4 AB . 16.20 -28.22 21.51
C23 PX4 AB . 17.12 -29.17 21.84
O8 PX4 AB . 18.26 -29.14 21.40
C24 PX4 AB . 16.57 -30.52 22.29
C25 PX4 AB . 16.39 -30.65 23.80
C26 PX4 AB . 16.17 -32.14 24.09
C27 PX4 AB . 16.14 -32.40 25.59
C28 PX4 AB . 17.33 -31.84 26.39
C29 PX4 AB . 17.21 -32.05 27.90
C30 PX4 AB . 18.29 -31.29 28.65
C31 PX4 AB . 18.12 -31.44 30.17
C32 PX4 AB . 16.82 -31.01 30.85
C33 PX4 AB . 16.99 -31.33 32.34
C34 PX4 AB . 15.69 -31.26 33.15
C35 PX4 AB . 14.39 -31.91 32.68
C36 PX4 AB . 13.36 -31.86 33.81
O1 PX4 BB . -15.97 15.84 17.75
O2 PX4 BB . -16.39 13.20 17.81
P1 PX4 BB . -16.40 14.57 18.38
O3 PX4 BB . -17.92 14.55 18.89
C1 PX4 BB . -18.24 13.41 19.69
C2 PX4 BB . -19.52 12.63 19.38
N1 PX4 BB . -19.69 11.99 18.07
C3 PX4 BB . -20.97 11.28 18.18
C4 PX4 BB . -19.71 12.85 16.87
C5 PX4 BB . -18.76 10.87 17.87
O4 PX4 BB . -15.77 14.58 19.87
C6 PX4 BB . -14.51 15.24 20.01
C7 PX4 BB . -13.88 15.44 21.39
C8 PX4 BB . -14.64 14.55 22.38
O5 PX4 BB . -15.81 15.05 23.02
C9 PX4 BB . -16.63 14.12 23.58
O6 PX4 BB . -16.38 12.93 23.40
C10 PX4 BB . -17.83 14.58 24.41
C11 PX4 BB . -18.99 13.59 24.42
C12 PX4 BB . -20.06 14.05 25.41
C13 PX4 BB . -19.45 13.86 26.80
C14 PX4 BB . -19.99 14.96 27.71
C15 PX4 BB . -20.10 14.50 29.17
C16 PX4 BB . -18.69 14.40 29.73
C17 PX4 BB . -18.79 14.04 31.22
C18 PX4 BB . -17.50 14.47 31.93
C19 PX4 BB . -17.41 14.05 33.40
C20 PX4 BB . -17.31 12.54 33.58
C21 PX4 BB . -16.20 11.95 32.70
C22 PX4 BB . -16.01 10.46 32.97
O7 PX4 BB . -12.48 15.16 21.48
C23 PX4 BB . -11.57 16.16 21.63
O8 PX4 BB . -11.90 17.33 21.47
C24 PX4 BB . -10.14 15.76 22.00
C25 PX4 BB . -10.10 14.53 22.92
C26 PX4 BB . -8.70 14.12 23.36
C27 PX4 BB . -8.63 12.66 23.83
C28 PX4 BB . -7.28 12.46 24.53
C29 PX4 BB . -7.45 13.37 25.76
C30 PX4 BB . -6.12 13.45 26.51
C31 PX4 BB . -6.31 14.35 27.74
C32 PX4 BB . -5.00 14.34 28.55
C33 PX4 BB . -5.07 15.46 29.58
C34 PX4 BB . -4.96 16.88 29.00
C35 PX4 BB . -4.96 18.00 30.04
C36 PX4 BB . -4.59 19.35 29.42
O1 PX4 CB . -4.17 14.31 16.33
O2 PX4 CB . -5.68 15.65 17.97
P1 PX4 CB . -4.39 15.44 17.27
O3 PX4 CB . -4.25 16.72 16.30
C1 PX4 CB . -5.42 17.53 16.24
C2 PX4 CB . -5.50 18.47 15.04
N1 PX4 CB . -5.82 17.95 13.71
C3 PX4 CB . -7.15 17.39 13.46
C4 PX4 CB . -5.65 19.06 12.75
C5 PX4 CB . -4.81 16.99 13.23
O4 PX4 CB . -3.16 15.84 18.23
C6 PX4 CB . -3.38 17.10 18.89
C7 PX4 CB . -3.18 16.90 20.40
C8 PX4 CB . -1.74 17.40 20.58
O5 PX4 CB . -0.93 16.62 21.46
C9 PX4 CB . -0.96 17.25 22.67
O6 PX4 CB . -1.24 18.44 22.83
C10 PX4 CB . -0.73 16.41 23.92
C11 PX4 CB . -2.01 15.85 24.56
C12 PX4 CB . -1.78 15.51 26.03
C13 PX4 CB . -1.71 14.05 26.47
C14 PX4 CB . -0.96 13.91 27.79
C15 PX4 CB . 0.53 14.19 27.54
C16 PX4 CB . 1.43 13.87 28.73
C17 PX4 CB . 2.90 13.85 28.36
C18 PX4 CB . 3.84 13.55 29.53
C19 PX4 CB . 3.57 12.20 30.19
C20 PX4 CB . 4.54 12.11 31.37
C21 PX4 CB . 4.20 10.86 32.19
C22 PX4 CB . 4.21 9.60 31.32
O7 PX4 CB . -4.24 17.36 21.24
C23 PX4 CB . -4.57 18.66 21.40
O8 PX4 CB . -3.96 19.57 20.81
C24 PX4 CB . -5.65 18.87 22.47
C25 PX4 CB . -5.31 18.24 23.83
C26 PX4 CB . -6.67 18.22 24.54
C27 PX4 CB . -6.64 17.74 26.00
C28 PX4 CB . -7.99 18.02 26.67
C29 PX4 CB . -9.19 17.42 25.91
C30 PX4 CB . -10.50 17.79 26.60
C31 PX4 CB . -11.56 17.06 25.78
C32 PX4 CB . -12.99 17.46 26.18
C33 PX4 CB . -13.94 16.61 25.32
C34 PX4 CB . -13.97 15.26 26.04
C35 PX4 CB . -14.57 15.68 27.38
C36 PX4 CB . -15.01 14.48 28.21
O1 PX4 DB . -6.82 -1.46 18.10
O2 PX4 DB . -9.37 -1.09 17.69
P1 PX4 DB . -8.16 -0.99 18.51
O3 PX4 DB . -7.97 0.62 18.64
C1 PX4 DB . -6.98 1.18 17.78
C2 PX4 DB . -6.95 2.68 17.58
N1 PX4 DB . -6.27 3.55 18.56
C3 PX4 DB . -4.83 3.27 18.47
C4 PX4 DB . -6.61 4.93 18.19
C5 PX4 DB . -6.81 3.24 19.89
O4 PX4 DB . -8.44 -1.24 20.08
C6 PX4 DB . -9.25 -0.21 20.64
C7 PX4 DB . -9.38 -0.13 22.16
C8 PX4 DB . -9.48 -1.59 22.59
O5 PX4 DB . -10.55 -1.66 23.54
C9 PX4 DB . -10.92 -2.92 23.85
O6 PX4 DB . -10.21 -3.85 23.48
C10 PX4 DB . -11.88 -2.83 25.04
C11 PX4 DB . -11.61 -3.84 26.16
C12 PX4 DB . -12.84 -4.12 27.01
C13 PX4 DB . -12.29 -5.02 28.12
C14 PX4 DB . -13.43 -5.76 28.85
C15 PX4 DB . -12.98 -6.28 30.22
C16 PX4 DB . -14.16 -6.77 31.07
C17 PX4 DB . -13.73 -7.24 32.46
C18 PX4 DB . -12.73 -8.40 32.40
C19 PX4 DB . -12.46 -9.06 33.76
C20 PX4 DB . -11.38 -10.13 33.62
C21 PX4 DB . -11.20 -10.90 34.93
C22 PX4 DB . -10.21 -12.06 34.76
O7 PX4 DB . -8.47 0.76 22.83
C23 PX4 DB . -8.72 2.09 22.80
O8 PX4 DB . -9.52 2.55 21.99
C24 PX4 DB . -7.60 2.97 23.38
C25 PX4 DB . -7.81 3.20 24.86
C26 PX4 DB . -6.73 4.06 25.52
C27 PX4 DB . -6.88 4.13 27.04
C28 PX4 DB . -5.63 4.91 27.48
C29 PX4 DB . -5.58 5.25 28.97
C30 PX4 DB . -4.20 5.87 29.17
C31 PX4 DB . -4.08 6.62 30.50
C32 PX4 DB . -4.40 5.63 31.62
C33 PX4 DB . -3.29 4.61 31.86
C34 PX4 DB . -3.38 3.70 33.10
C35 PX4 DB . -2.35 2.56 33.18
C36 PX4 DB . -2.63 1.60 34.34
O1 PX4 EB . -7.56 -4.63 22.05
O2 PX4 EB . -6.98 -6.01 19.83
P1 PX4 EB . -6.65 -5.17 21.01
O3 PX4 EB . -5.43 -5.94 21.72
C1 PX4 EB . -4.50 -6.55 20.82
C2 PX4 EB . -3.09 -6.78 21.37
N1 PX4 EB . -2.15 -5.67 21.61
C3 PX4 EB . -2.40 -5.25 23.00
C4 PX4 EB . -0.77 -6.14 21.47
C5 PX4 EB . -2.36 -4.48 20.77
O4 PX4 EB . -5.78 -3.91 20.53
C6 PX4 EB . -6.08 -2.79 21.36
C7 PX4 EB . -4.79 -2.05 21.72
C8 PX4 EB . -4.51 -1.30 20.41
O5 PX4 EB . -3.27 -1.65 19.77
C9 PX4 EB . -2.99 -1.00 18.61
O6 PX4 EB . -3.51 0.09 18.34
C10 PX4 EB . -1.75 -1.49 17.86
C11 PX4 EB . -0.54 -0.57 17.90
C12 PX4 EB . 0.72 -1.12 17.24
C13 PX4 EB . 1.84 -0.07 17.26
C14 PX4 EB . 2.11 0.40 18.69
C15 PX4 EB . 3.19 1.50 18.68
C16 PX4 EB . 3.53 2.12 20.03
C17 PX4 EB . 4.05 1.03 20.95
C18 PX4 EB . 4.83 1.71 22.08
C19 PX4 EB . 5.13 0.75 23.24
C20 PX4 EB . 5.78 1.40 24.47
C21 PX4 EB . 5.91 0.42 25.62
C22 PX4 EB . 6.41 1.11 26.89
O7 PX4 EB . -4.88 -1.12 22.81
C23 PX4 EB . -4.64 -1.59 24.06
O8 PX4 EB . -4.37 -2.77 24.21
C24 PX4 EB . -5.10 -0.79 25.28
C25 PX4 EB . -6.54 -0.26 25.25
C26 PX4 EB . -7.33 -1.05 26.29
C27 PX4 EB . -8.63 -0.28 26.55
C28 PX4 EB . -9.53 -1.05 27.51
C29 PX4 EB . -10.61 -0.32 28.31
C30 PX4 EB . -10.01 0.51 29.45
C31 PX4 EB . -9.91 2.02 29.21
C32 PX4 EB . -9.56 2.75 30.51
C33 PX4 EB . -9.28 4.25 30.32
C34 PX4 EB . -8.52 4.72 31.56
C35 PX4 EB . -8.57 6.24 31.61
C36 PX4 EB . -7.84 6.82 32.82
O1 PX4 FB . -26.74 13.55 18.45
O2 PX4 FB . -24.34 12.71 18.12
P1 PX4 FB . -25.79 12.43 18.32
O3 PX4 FB . -26.40 11.41 17.23
C1 PX4 FB . -27.72 11.20 17.73
C2 PX4 FB . -28.69 10.74 16.64
N1 PX4 FB . -30.15 10.85 16.88
C3 PX4 FB . -30.71 10.25 18.10
C4 PX4 FB . -30.62 12.24 16.86
C5 PX4 FB . -30.84 10.07 15.84
O4 PX4 FB . -25.82 11.45 19.59
C6 PX4 FB . -24.63 10.67 19.66
C7 PX4 FB . -24.41 9.96 21.00
C8 PX4 FB . -25.51 8.90 21.16
O5 PX4 FB . -26.32 9.38 22.24
C9 PX4 FB . -26.91 8.33 22.89
O6 PX4 FB . -26.50 7.22 22.56
C10 PX4 FB . -27.96 8.72 23.92
C11 PX4 FB . -27.32 8.81 25.31
C12 PX4 FB . -26.27 9.93 25.27
C13 PX4 FB . -25.93 10.16 26.74
C14 PX4 FB . -25.41 11.56 27.03
C15 PX4 FB . -24.99 11.75 28.48
C16 PX4 FB . -25.02 13.19 29.01
C17 PX4 FB . -24.59 13.25 30.47
C18 PX4 FB . -23.09 12.92 30.51
C19 PX4 FB . -22.42 12.99 31.88
C20 PX4 FB . -22.73 11.60 32.47
C21 PX4 FB . -22.03 11.36 33.80
C22 PX4 FB . -22.27 12.53 34.77
O7 PX4 FB . -23.08 9.45 21.12
C23 PX4 FB . -22.19 10.26 21.75
O8 PX4 FB . -22.56 11.42 21.98
C24 PX4 FB . -20.86 9.73 22.29
C25 PX4 FB . -20.86 9.29 23.75
C26 PX4 FB . -21.45 10.34 24.69
C27 PX4 FB . -21.44 10.11 26.20
C28 PX4 FB . -22.12 8.75 26.44
C29 PX4 FB . -21.93 8.53 27.94
C30 PX4 FB . -22.40 7.09 28.10
C31 PX4 FB . -22.21 6.63 29.55
C32 PX4 FB . -23.22 7.28 30.49
C33 PX4 FB . -23.31 6.60 31.86
C34 PX4 FB . -22.72 7.49 32.95
C35 PX4 FB . -22.68 6.89 34.36
C36 PX4 FB . -21.85 5.61 34.45
O1 PX4 GB . -30.85 15.54 20.77
O2 PX4 GB . -30.06 17.75 21.89
P1 PX4 GB . -30.31 16.30 21.92
O3 PX4 GB . -28.97 15.53 22.41
C1 PX4 GB . -28.12 15.30 21.28
C2 PX4 GB . -26.69 14.94 21.64
N1 PX4 GB . -26.40 14.07 22.79
C3 PX4 GB . -24.94 13.81 22.77
C4 PX4 GB . -26.56 14.74 24.09
C5 PX4 GB . -27.22 12.86 22.66
O4 PX4 GB . -31.28 15.86 23.13
C6 PX4 GB . -31.19 14.52 23.61
C7 PX4 GB . -31.00 14.34 25.12
C8 PX4 GB . -31.58 15.60 25.75
O5 PX4 GB . -30.96 16.02 26.96
C9 PX4 GB . -31.76 16.91 27.59
O6 PX4 GB . -32.68 17.47 27.00
C10 PX4 GB . -31.60 17.11 29.10
C11 PX4 GB . -31.60 15.76 29.83
C12 PX4 GB . -31.15 15.99 31.27
C13 PX4 GB . -30.72 14.62 31.81
C14 PX4 GB . -30.56 14.50 33.32
C15 PX4 GB . -29.12 14.66 33.83
C16 PX4 GB . -28.07 13.69 33.25
C17 PX4 GB . -26.70 14.16 33.73
C18 PX4 GB . -26.61 13.85 35.23
C19 PX4 GB . -26.52 12.34 35.46
C20 PX4 GB . -26.49 12.13 36.97
C21 PX4 GB . -26.17 10.71 37.44
C22 PX4 GB . -24.77 10.29 36.97
O7 PX4 GB . -31.40 13.08 25.66
C23 PX4 GB . -30.73 11.91 25.46
O8 PX4 GB . -29.88 11.83 24.56
C24 PX4 GB . -30.86 10.78 26.46
C25 PX4 GB . -29.78 10.75 27.54
C26 PX4 GB . -29.69 12.00 28.40
C27 PX4 GB . -28.55 11.91 29.43
C28 PX4 GB . -28.80 10.74 30.37
C29 PX4 GB . -27.58 10.47 31.26
C30 PX4 GB . -27.79 9.49 32.42
C31 PX4 GB . -26.49 9.20 33.17
C32 PX4 GB . -26.71 7.96 34.04
C33 PX4 GB . -26.96 6.79 33.10
C34 PX4 GB . -27.22 5.41 33.73
C35 PX4 GB . -28.50 5.27 34.54
C36 PX4 GB . -28.56 3.76 34.80
O1 PX4 HB . -9.10 32.44 17.46
O2 PX4 HB . -6.61 32.50 17.02
P1 PX4 HB . -7.71 32.35 17.99
O3 PX4 HB . -7.67 31.04 18.92
C1 PX4 HB . -7.40 29.86 18.17
C2 PX4 HB . -7.59 28.56 18.97
N1 PX4 HB . -8.87 28.29 19.62
C3 PX4 HB . -8.91 28.94 20.93
C4 PX4 HB . -10.08 28.72 18.89
C5 PX4 HB . -9.10 26.85 19.76
O4 PX4 HB . -7.66 33.46 19.16
C6 PX4 HB . -8.75 33.29 20.06
C7 PX4 HB . -9.03 34.42 21.05
C8 PX4 HB . -7.84 35.40 21.08
O5 PX4 HB . -6.82 34.99 22.00
C9 PX4 HB . -6.10 35.99 22.55
O6 PX4 HB . -6.18 37.16 22.16
C10 PX4 HB . -5.10 35.65 23.66
C11 PX4 HB . -5.65 35.84 25.08
C12 PX4 HB . -4.60 35.63 26.17
C13 PX4 HB . -5.22 35.77 27.56
C14 PX4 HB . -6.24 34.64 27.77
C15 PX4 HB . -7.05 35.08 28.99
C16 PX4 HB . -6.20 34.81 30.23
C17 PX4 HB . -7.09 35.01 31.47
C18 PX4 HB . -6.22 34.83 32.71
C19 PX4 HB . -5.24 35.99 32.91
C20 PX4 HB . -4.20 35.69 33.98
C21 PX4 HB . -3.09 34.72 33.53
C22 PX4 HB . -2.38 35.20 32.28
O7 PX4 HB . -10.27 35.10 20.93
C23 PX4 HB . -11.37 34.65 21.59
O8 PX4 HB . -11.59 33.48 21.88
C24 PX4 HB . -12.51 35.63 21.89
C25 PX4 HB . -12.43 35.92 23.39
C26 PX4 HB . -13.23 37.12 23.89
C27 PX4 HB . -13.31 37.33 25.40
C28 PX4 HB . -14.36 36.38 25.97
C29 PX4 HB . -14.69 36.71 27.43
C30 PX4 HB . -14.75 35.42 28.25
C31 PX4 HB . -15.04 35.74 29.73
C32 PX4 HB . -15.11 34.50 30.62
C33 PX4 HB . -15.66 34.95 31.97
C34 PX4 HB . -15.93 33.88 33.03
C35 PX4 HB . -16.44 34.38 34.39
C36 PX4 HB . -16.90 33.23 35.29
O1 PX4 IB . -9.49 24.54 16.92
O2 PX4 IB . -8.69 26.83 16.21
P1 PX4 IB . -8.41 25.38 16.38
O3 PX4 IB . -8.03 24.83 14.91
C1 PX4 IB . -7.16 25.79 14.32
C2 PX4 IB . -7.12 25.61 12.81
N1 PX4 IB . -6.59 24.42 12.10
C3 PX4 IB . -7.63 23.39 11.96
C4 PX4 IB . -6.20 24.86 10.75
C5 PX4 IB . -5.40 23.74 12.63
O4 PX4 IB . -7.06 25.09 17.21
C6 PX4 IB . -7.16 23.93 18.05
C7 PX4 IB . -6.30 23.65 19.28
C8 PX4 IB . -5.46 24.91 19.49
O5 PX4 IB . -4.71 25.08 20.69
C9 PX4 IB . -5.35 25.87 21.60
O6 PX4 IB . -6.32 26.54 21.25
C10 PX4 IB . -4.79 25.83 23.02
C11 PX4 IB . -5.25 24.61 23.83
C12 PX4 IB . -4.63 24.49 25.23
C13 PX4 IB . -3.13 24.22 25.19
C14 PX4 IB . -2.59 24.22 26.63
C15 PX4 IB . -1.08 23.96 26.58
C16 PX4 IB . -0.37 24.10 27.92
C17 PX4 IB . 1.15 24.00 27.77
C18 PX4 IB . 1.65 25.14 26.88
C19 PX4 IB . 3.14 24.84 26.71
C20 PX4 IB . 3.79 26.00 25.94
C21 PX4 IB . 3.27 26.12 24.51
C22 PX4 IB . 3.97 27.34 23.90
O7 PX4 IB . -7.18 23.40 20.39
C23 PX4 IB . -7.63 22.15 20.66
O8 PX4 IB . -7.58 21.24 19.81
C24 PX4 IB . -8.78 22.16 21.66
C25 PX4 IB . -8.24 21.83 23.04
C26 PX4 IB . -9.29 21.97 24.15
C27 PX4 IB . -8.83 21.48 25.53
C28 PX4 IB . -7.66 22.32 26.06
C29 PX4 IB . -7.50 21.78 27.48
C30 PX4 IB . -6.39 22.53 28.22
C31 PX4 IB . -6.83 23.98 28.49
C32 PX4 IB . -7.84 23.89 29.64
C33 PX4 IB . -8.12 25.30 30.19
C34 PX4 IB . -9.09 25.30 31.37
C35 PX4 IB . -9.24 26.67 32.04
C36 PX4 IB . -10.13 26.57 33.28
O1 PX4 JB . 14.08 11.25 19.38
O2 PX4 JB . 13.32 13.22 17.82
P1 PX4 JB . 13.34 12.51 19.13
O3 PX4 JB . 14.16 13.53 20.06
C1 PX4 JB . 15.56 13.67 19.75
C2 PX4 JB . 16.51 14.04 20.89
N1 PX4 JB . 17.25 13.00 21.63
C3 PX4 JB . 17.85 13.61 22.81
C4 PX4 JB . 16.37 11.86 21.96
C5 PX4 JB . 18.42 12.51 20.90
O4 PX4 JB . 11.95 12.69 19.92
C6 PX4 JB . 12.01 12.33 21.30
C7 PX4 JB . 10.92 13.06 22.10
C8 PX4 JB . 9.82 12.02 22.29
O5 PX4 JB . 10.32 10.72 22.59
C9 PX4 JB . 9.33 9.80 22.41
O6 PX4 JB . 8.35 9.99 21.70
C10 PX4 JB . 9.76 8.40 22.82
C11 PX4 JB . 9.26 7.80 24.14
C12 PX4 JB . 9.68 6.33 24.15
C13 PX4 JB . 9.26 5.69 25.47
C14 PX4 JB . 9.40 4.19 25.15
C15 PX4 JB . 9.28 3.38 26.45
C16 PX4 JB . 10.52 3.55 27.32
C17 PX4 JB . 10.49 3.00 28.74
C18 PX4 JB . 11.63 3.77 29.39
C19 PX4 JB . 11.91 3.28 30.82
C20 PX4 JB . 11.91 4.48 31.77
C21 PX4 JB . 12.25 4.09 33.20
C22 PX4 JB . 12.22 5.28 34.16
O7 PX4 JB . 11.30 13.60 23.37
C23 PX4 JB . 10.41 14.32 24.12
O8 PX4 JB . 9.31 14.61 23.66
C24 PX4 JB . 10.81 14.85 25.49
C25 PX4 JB . 12.16 15.57 25.54
C26 PX4 JB . 12.58 16.00 26.95
C27 PX4 JB . 13.13 14.91 27.87
C28 PX4 JB . 13.66 15.48 29.19
C29 PX4 JB . 12.52 15.94 30.09
C30 PX4 JB . 12.96 16.65 31.37
C31 PX4 JB . 11.76 16.89 32.28
C32 PX4 JB . 12.15 16.95 33.75
C33 PX4 JB . 10.88 17.31 34.51
C34 PX4 JB . 10.30 18.54 33.80
C35 PX4 JB . 9.12 18.86 34.71
C36 PX4 JB . 8.30 20.04 34.17
O1 PX4 KB . -0.61 11.15 17.06
O2 PX4 KB . -1.36 10.68 14.68
P1 PX4 KB . -1.23 10.24 16.08
O3 PX4 KB . -2.73 9.89 16.57
C1 PX4 KB . -3.49 11.10 16.55
C2 PX4 KB . -5.00 10.83 16.49
N1 PX4 KB . -5.53 10.14 15.31
C3 PX4 KB . -4.94 10.58 14.03
C4 PX4 KB . -5.52 8.68 15.32
C5 PX4 KB . -6.99 10.30 15.28
O4 PX4 KB . -0.42 8.85 16.15
C6 PX4 KB . -1.23 7.85 16.78
C7 PX4 KB . -1.11 7.59 18.28
C8 PX4 KB . 0.18 8.27 18.73
O5 PX4 KB . 1.22 7.33 19.01
C9 PX4 KB . 2.39 7.90 19.40
O6 PX4 KB . 2.52 9.12 19.50
C10 PX4 KB . 3.46 6.96 19.97
C11 PX4 KB . 3.28 7.00 21.49
C12 PX4 KB . 4.23 5.94 22.04
C13 PX4 KB . 4.35 5.92 23.56
C14 PX4 KB . 5.29 4.93 24.26
C15 PX4 KB . 5.07 4.91 25.77
C16 PX4 KB . 3.69 4.32 26.10
C17 PX4 KB . 3.58 4.03 27.60
C18 PX4 KB . 2.19 3.61 28.07
C19 PX4 KB . 2.10 3.34 29.57
C20 PX4 KB . 3.17 2.31 29.98
C21 PX4 KB . 2.92 1.91 31.43
C22 PX4 KB . 4.15 1.37 32.18
O7 PX4 KB . -2.20 7.95 19.15
C23 PX4 KB . -3.46 7.45 19.07
O8 PX4 KB . -3.76 6.59 18.24
C24 PX4 KB . -4.45 7.81 20.18
C25 PX4 KB . -4.49 6.74 21.27
C26 PX4 KB . -5.39 7.12 22.45
C27 PX4 KB . -4.67 8.21 23.27
C28 PX4 KB . -5.63 8.77 24.30
C29 PX4 KB . -4.95 9.75 25.26
C30 PX4 KB . -3.97 9.16 26.28
C31 PX4 KB . -3.61 10.21 27.32
C32 PX4 KB . -2.71 9.54 28.36
C33 PX4 KB . -1.38 9.01 27.84
C34 PX4 KB . -0.59 8.31 28.95
C35 PX4 KB . 0.85 7.94 28.60
C36 PX4 KB . 1.59 7.41 29.82
O1 PX4 LB . 14.73 -9.73 22.59
O2 PX4 LB . 15.19 -7.23 23.02
P1 PX4 LB . 15.65 -8.63 22.99
O3 PX4 LB . 16.83 -8.46 21.90
C1 PX4 LB . 16.15 -8.18 20.67
C2 PX4 LB . 17.01 -7.56 19.56
N1 PX4 LB . 17.63 -6.24 19.77
C3 PX4 LB . 16.62 -5.18 19.83
C4 PX4 LB . 18.41 -6.05 21.00
C5 PX4 LB . 18.66 -6.00 18.76
O4 PX4 LB . 16.71 -9.17 24.07
C6 PX4 LB . 16.94 -10.57 23.90
C7 PX4 LB . 17.96 -11.14 24.90
C8 PX4 LB . 18.54 -9.98 25.71
O5 PX4 LB . 19.95 -9.88 25.93
C9 PX4 LB . 20.29 -8.77 26.62
O6 PX4 LB . 19.43 -7.99 27.04
C10 PX4 LB . 21.79 -8.47 26.74
C11 PX4 LB . 22.71 -9.63 26.37
C12 PX4 LB . 24.10 -9.01 26.48
C13 PX4 LB . 25.13 -10.04 26.96
C14 PX4 LB . 26.02 -10.37 25.76
C15 PX4 LB . 27.11 -11.40 26.05
C16 PX4 LB . 28.02 -11.67 24.84
C17 PX4 LB . 28.87 -12.91 25.11
C18 PX4 LB . 29.67 -12.91 26.42
C19 PX4 LB . 30.67 -14.06 26.49
C20 PX4 LB . 31.67 -14.02 27.65
C21 PX4 LB . 32.63 -15.22 27.66
C22 PX4 LB . 33.58 -15.13 28.85
O7 PX4 LB . 17.59 -12.38 25.47
C23 PX4 LB . 17.28 -13.48 24.73
O8 PX4 LB . 17.42 -13.51 23.51
C24 PX4 LB . 16.92 -14.76 25.49
C25 PX4 LB . 15.65 -14.45 26.29
C26 PX4 LB . 14.49 -13.99 25.42
C27 PX4 LB . 13.20 -13.53 26.10
C28 PX4 LB . 12.07 -13.33 25.08
C29 PX4 LB . 10.78 -12.96 25.80
C30 PX4 LB . 9.84 -12.62 24.64
C31 PX4 LB . 8.42 -12.58 25.19
C32 PX4 LB . 8.17 -13.97 25.79
C33 PX4 LB . 6.71 -14.39 25.99
C34 PX4 LB . 6.52 -15.86 26.38
C35 PX4 LB . 5.04 -16.12 26.63
C36 PX4 LB . 4.80 -17.42 27.40
O1 PX4 MB . 22.70 2.56 19.55
O2 PX4 MB . 21.58 2.46 17.13
P1 PX4 MB . 21.56 2.59 18.61
O3 PX4 MB . 21.02 4.09 18.78
C1 PX4 MB . 19.96 4.33 17.84
C2 PX4 MB . 19.07 5.55 18.07
N1 PX4 MB . 18.23 5.92 16.91
C3 PX4 MB . 18.98 5.96 15.63
C4 PX4 MB . 17.04 5.08 16.85
C5 PX4 MB . 17.83 7.32 17.07
O4 PX4 MB . 20.26 1.85 19.19
C6 PX4 MB . 20.45 1.61 20.59
C7 PX4 MB . 19.20 1.37 21.42
C8 PX4 MB . 18.88 -0.12 21.52
O5 PX4 MB . 20.04 -0.94 21.66
C9 PX4 MB . 19.77 -2.06 22.40
O6 PX4 MB . 18.65 -2.45 22.68
C10 PX4 MB . 21.02 -2.88 22.72
C11 PX4 MB . 20.97 -3.27 24.21
C12 PX4 MB . 22.18 -4.13 24.58
C13 PX4 MB . 22.53 -4.20 26.07
C14 PX4 MB . 23.89 -4.89 26.13
C15 PX4 MB . 24.12 -5.19 27.61
C16 PX4 MB . 25.51 -5.74 27.87
C17 PX4 MB . 25.62 -6.23 29.32
C18 PX4 MB . 26.97 -6.58 29.94
C19 PX4 MB . 27.44 -7.89 29.31
C20 PX4 MB . 28.60 -8.53 30.07
C21 PX4 MB . 29.34 -9.57 29.22
C22 PX4 MB . 30.67 -10.01 29.82
O7 PX4 MB . 19.35 2.04 22.67
C23 PX4 MB . 19.05 3.35 22.83
O8 PX4 MB . 18.70 3.98 21.83
C24 PX4 MB . 18.93 3.83 24.28
C25 PX4 MB . 20.30 3.73 24.96
C26 PX4 MB . 20.33 4.32 26.37
C27 PX4 MB . 21.78 4.44 26.82
C28 PX4 MB . 21.94 5.03 28.22
C29 PX4 MB . 20.95 4.31 29.15
C30 PX4 MB . 21.28 4.64 30.61
C31 PX4 MB . 20.17 4.19 31.55
C32 PX4 MB . 20.56 4.40 33.02
C33 PX4 MB . 20.95 5.84 33.30
C34 PX4 MB . 21.44 6.06 34.74
C35 PX4 MB . 21.91 7.50 35.00
C36 PX4 MB . 22.34 7.47 36.46
O1 PX4 NB . 27.31 -20.55 16.07
O2 PX4 NB . 25.06 -19.71 15.14
P1 PX4 NB . 26.27 -19.51 15.97
O3 PX4 NB . 26.98 -18.08 15.76
C1 PX4 NB . 28.12 -18.45 14.99
C2 PX4 NB . 28.90 -17.28 14.40
N1 PX4 NB . 30.21 -17.46 13.75
C3 PX4 NB . 31.17 -18.17 14.61
C4 PX4 NB . 30.18 -18.26 12.52
C5 PX4 NB . 30.78 -16.12 13.53
O4 PX4 NB . 25.70 -19.19 17.44
C6 PX4 NB . 26.75 -18.82 18.34
C7 PX4 NB . 26.05 -18.77 19.71
C8 PX4 NB . 24.54 -18.58 19.55
O5 PX4 NB . 23.98 -17.61 20.45
C9 PX4 NB . 23.47 -18.06 21.63
O6 PX4 NB . 23.33 -19.23 21.97
C10 PX4 NB . 22.76 -16.97 22.44
C11 PX4 NB . 21.41 -17.47 22.95
C12 PX4 NB . 20.57 -16.43 23.69
C13 PX4 NB . 20.81 -16.24 25.19
C14 PX4 NB . 20.73 -14.78 25.67
C15 PX4 NB . 20.95 -14.56 27.17
C16 PX4 NB . 20.70 -13.15 27.70
C17 PX4 NB . 21.22 -13.05 29.13
C18 PX4 NB . 20.87 -11.71 29.80
C19 PX4 NB . 21.45 -11.56 31.20
C20 PX4 NB . 21.28 -10.10 31.62
C21 PX4 NB . 22.24 -9.25 30.79
C22 PX4 NB . 21.84 -7.80 31.06
O7 PX4 NB . 26.37 -19.78 20.66
C23 PX4 NB . 27.52 -19.71 21.38
O8 PX4 NB . 28.02 -18.59 21.43
C24 PX4 NB . 27.84 -20.95 22.23
C25 PX4 NB . 27.73 -20.68 23.73
C26 PX4 NB . 26.28 -20.34 24.08
C27 PX4 NB . 26.06 -19.79 25.49
C28 PX4 NB . 24.63 -19.33 25.77
C29 PX4 NB . 24.44 -19.20 27.29
C30 PX4 NB . 23.00 -18.77 27.53
C31 PX4 NB . 22.71 -18.70 29.03
C32 PX4 NB . 21.22 -18.46 29.26
C33 PX4 NB . 21.05 -18.29 30.77
C34 PX4 NB . 21.97 -17.15 31.22
C35 PX4 NB . 21.50 -16.83 32.65
C36 PX4 NB . 22.32 -15.64 33.17
O1 PX4 OB . -17.63 25.52 19.98
O2 PX4 OB . -16.80 23.31 18.85
P1 PX4 OB . -16.85 24.26 19.98
O3 PX4 OB . -17.40 23.38 21.20
C1 PX4 OB . -18.83 23.41 21.26
C2 PX4 OB . -19.41 23.36 22.67
N1 PX4 OB . -19.02 24.42 23.62
C3 PX4 OB . -19.03 25.78 23.07
C4 PX4 OB . -20.04 24.30 24.68
C5 PX4 OB . -17.69 24.20 24.20
O4 PX4 OB . -15.43 24.43 20.72
C6 PX4 OB . -14.93 23.16 21.14
C7 PX4 OB . -13.79 23.27 22.16
C8 PX4 OB . -13.07 24.61 22.03
O5 PX4 OB . -11.66 24.56 22.31
C9 PX4 OB . -11.06 25.74 22.59
O6 PX4 OB . -11.54 26.83 22.28
C10 PX4 OB . -9.66 25.69 23.20
C11 PX4 OB . -9.80 26.29 24.60
C12 PX4 OB . -8.43 26.67 25.16
C13 PX4 OB . -8.58 27.25 26.57
C14 PX4 OB . -9.67 28.32 26.60
C15 PX4 OB . -9.78 28.86 28.02
C16 PX4 OB . -8.44 29.37 28.56
C17 PX4 OB . -8.40 29.53 30.08
C18 PX4 OB . -7.07 30.14 30.53
C19 PX4 OB . -7.01 30.45 32.02
C20 PX4 OB . -5.61 31.00 32.32
C21 PX4 OB . -5.42 31.07 33.84
C22 PX4 OB . -3.99 31.33 34.32
O7 PX4 OB . -14.18 22.99 23.50
C23 PX4 OB . -13.95 21.70 23.86
O8 PX4 OB . -13.29 21.02 23.07
C24 PX4 OB . -14.26 21.20 25.27
C25 PX4 OB . -15.75 20.94 25.47
C26 PX4 OB . -16.17 20.40 26.84
C27 PX4 OB . -17.67 20.49 27.15
C28 PX4 OB . -17.84 19.70 28.45
C29 PX4 OB . -19.31 19.57 28.85
C30 PX4 OB . -19.41 18.51 29.96
C31 PX4 OB . -20.75 18.54 30.68
C32 PX4 OB . -20.44 17.62 31.86
C33 PX4 OB . -21.76 17.37 32.61
C34 PX4 OB . -22.31 18.70 33.15
C35 PX4 OB . -23.05 18.44 34.46
C36 PX4 OB . -24.25 17.50 34.26
O1 PX4 PB . 9.29 23.40 49.76
O2 PX4 PB . 6.72 23.16 49.53
P1 PX4 PB . 8.10 22.95 49.02
O3 PX4 PB . 8.55 21.52 48.43
C1 PX4 PB . 7.68 21.18 47.35
C2 PX4 PB . 8.17 19.97 46.56
N1 PX4 PB . 9.16 20.22 45.50
C3 PX4 PB . 8.57 20.48 44.18
C4 PX4 PB . 10.06 21.35 45.72
C5 PX4 PB . 9.96 18.99 45.33
O4 PX4 PB . 8.40 23.61 47.59
C6 PX4 PB . 8.59 25.02 47.79
C7 PX4 PB . 8.37 26.03 46.66
C8 PX4 PB . 8.70 25.23 45.40
O5 PX4 PB . 9.26 25.80 44.21
C9 PX4 PB . 9.45 24.84 43.27
O6 PX4 PB . 9.18 23.64 43.43
C10 PX4 PB . 10.10 25.41 42.01
C11 PX4 PB . 9.33 26.60 41.45
C12 PX4 PB . 9.89 27.01 40.08
C13 PX4 PB . 9.40 28.32 39.46
C14 PX4 PB . 10.03 28.32 38.07
C15 PX4 PB . 9.67 29.59 37.30
C16 PX4 PB . 10.17 29.46 35.86
C17 PX4 PB . 10.13 30.62 34.87
C18 PX4 PB . 9.94 30.10 33.45
C19 PX4 PB . 9.76 31.24 32.45
C20 PX4 PB . 9.69 30.75 31.00
C21 PX4 PB . 11.02 30.07 30.68
C22 PX4 PB . 11.12 29.88 29.16
O7 PX4 PB . 7.05 26.56 46.65
C23 PX4 PB . 6.91 27.62 45.80
O8 PX4 PB . 7.84 28.39 45.59
C24 PX4 PB . 5.48 28.15 45.70
C25 PX4 PB . 4.80 27.51 44.48
C26 PX4 PB . 3.31 27.39 44.79
C27 PX4 PB . 2.69 26.64 43.62
C28 PX4 PB . 1.19 26.95 43.56
C29 PX4 PB . 0.57 26.43 42.26
C30 PX4 PB . 1.37 26.91 41.04
C31 PX4 PB . 0.76 26.36 39.74
C32 PX4 PB . 1.49 26.97 38.55
C33 PX4 PB . 0.97 26.30 37.27
C34 PX4 PB . 1.77 26.80 36.07
C35 PX4 PB . 1.33 25.96 34.86
C36 PX4 PB . -0.18 26.17 34.76
O1 PX4 QB . 24.76 20.61 44.50
O2 PX4 QB . 22.27 20.32 44.15
P1 PX4 QB . 23.63 20.31 43.58
O3 PX4 QB . 23.89 18.83 42.99
C1 PX4 QB . 23.41 17.86 43.91
C2 PX4 QB . 23.56 16.40 43.47
N1 PX4 QB . 22.81 15.95 42.31
C3 PX4 QB . 23.00 14.50 42.12
C4 PX4 QB . 21.35 16.15 42.46
C5 PX4 QB . 23.33 16.57 41.08
O4 PX4 QB . 23.71 21.12 42.20
C6 PX4 QB . 22.61 20.68 41.40
C7 PX4 QB . 22.46 21.44 40.08
C8 PX4 QB . 23.62 21.05 39.14
O5 PX4 QB . 23.97 19.67 39.26
C9 PX4 QB . 25.16 19.38 38.66
O6 PX4 QB . 26.06 20.21 38.63
C10 PX4 QB . 25.41 17.91 38.35
C11 PX4 QB . 26.90 17.73 38.10
C12 PX4 QB . 27.16 17.91 36.60
C13 PX4 QB . 26.04 17.19 35.85
C14 PX4 QB . 25.90 17.76 34.43
C15 PX4 QB . 24.66 17.17 33.78
C16 PX4 QB . 24.35 18.10 32.59
C17 PX4 QB . 23.19 17.60 31.72
C18 PX4 QB . 21.97 17.67 32.64
C19 PX4 QB . 20.78 16.97 31.99
C20 PX4 QB . 19.59 17.14 32.92
C21 PX4 QB . 18.39 16.48 32.22
C22 PX4 QB . 17.11 16.37 33.07
O7 PX4 QB . 21.19 21.43 39.43
C23 PX4 QB . 20.10 22.16 39.78
O8 PX4 QB . 19.95 22.42 40.97
C24 PX4 QB . 18.95 22.19 38.77
C25 PX4 QB . 18.73 20.78 38.21
C26 PX4 QB . 17.49 20.88 37.33
C27 PX4 QB . 17.27 19.61 36.51
C28 PX4 QB . 15.84 19.61 35.97
C29 PX4 QB . 14.95 19.64 37.22
C30 PX4 QB . 13.57 19.23 36.72
C31 PX4 QB . 12.36 19.24 37.67
C32 PX4 QB . 12.04 20.68 38.09
C33 PX4 QB . 11.61 21.39 36.81
C34 PX4 QB . 11.00 22.78 36.95
C35 PX4 QB . 9.73 22.74 37.81
C36 PX4 QB . 9.10 24.12 37.98
O1 PX4 RB . 17.82 12.05 41.38
O2 PX4 RB . 20.15 12.10 42.61
P1 PX4 RB . 18.91 12.74 42.10
O3 PX4 RB . 18.14 13.62 43.20
C1 PX4 RB . 17.31 12.72 43.94
C2 PX4 RB . 15.80 13.03 44.02
N1 PX4 RB . 14.93 12.04 44.66
C3 PX4 RB . 14.85 10.80 43.86
C4 PX4 RB . 15.34 11.54 45.99
C5 PX4 RB . 13.62 12.69 44.72
O4 PX4 RB . 19.41 13.91 41.12
C6 PX4 RB . 18.23 14.28 40.39
C7 PX4 RB . 18.33 15.16 39.15
C8 PX4 RB . 19.74 14.99 38.60
O5 PX4 RB . 20.60 16.12 38.44
C9 PX4 RB . 21.00 16.18 37.14
O6 PX4 RB . 20.82 15.26 36.34
C10 PX4 RB . 22.01 17.27 36.81
C11 PX4 RB . 21.20 18.55 36.53
C12 PX4 RB . 22.09 19.63 35.92
C13 PX4 RB . 21.37 20.95 35.69
C14 PX4 RB . 20.31 20.87 34.59
C15 PX4 RB . 19.76 22.24 34.16
C16 PX4 RB . 19.23 22.09 32.73
C17 PX4 RB . 17.93 21.32 32.60
C18 PX4 RB . 16.77 22.27 32.90
C19 PX4 RB . 15.44 21.53 32.88
C20 PX4 RB . 14.26 22.44 33.25
C21 PX4 RB . 12.99 21.58 33.27
C22 PX4 RB . 11.82 22.20 32.49
O7 PX4 RB . 17.16 15.08 38.34
C23 PX4 RB . 15.99 15.68 38.70
O8 PX4 RB . 15.76 16.18 39.79
C24 PX4 RB . 14.78 15.21 37.88
C25 PX4 RB . 14.77 13.69 37.67
C26 PX4 RB . 13.43 13.24 37.09
C27 PX4 RB . 13.49 11.80 36.56
C28 PX4 RB . 13.72 10.80 37.70
C29 PX4 RB . 13.90 9.45 37.00
C30 PX4 RB . 15.29 9.40 36.38
C31 PX4 RB . 15.53 8.08 35.64
C32 PX4 RB . 16.92 8.10 35.00
C33 PX4 RB . 17.14 6.86 34.14
C34 PX4 RB . 16.81 5.64 35.00
C35 PX4 RB . 16.99 4.44 34.07
C36 PX4 RB . 15.88 4.39 33.02
O1 PX4 SB . -19.52 25.57 56.70
O2 PX4 SB . -21.91 26.02 55.89
P1 PX4 SB . -20.64 25.26 55.77
O3 PX4 SB . -20.96 23.69 55.93
C1 PX4 SB . -22.20 23.56 56.62
C2 PX4 SB . -22.61 22.10 56.82
N1 PX4 SB . -21.82 21.06 57.51
C3 PX4 SB . -21.37 21.61 58.80
C4 PX4 SB . -22.66 19.89 57.83
C5 PX4 SB . -20.68 20.60 56.70
O4 PX4 SB . -20.36 24.95 54.21
C6 PX4 SB . -21.54 24.72 53.43
C7 PX4 SB . -21.29 24.78 51.92
C8 PX4 SB . -20.21 25.84 51.62
O5 PX4 SB . -20.21 26.20 50.24
C9 PX4 SB . -19.01 25.96 49.64
O6 PX4 SB . -18.13 25.26 50.17
C10 PX4 SB . -18.73 26.76 48.38
C11 PX4 SB . -18.79 25.80 47.19
C12 PX4 SB . -18.48 26.35 45.79
C13 PX4 SB . -18.59 25.06 44.97
C14 PX4 SB . -18.29 25.33 43.49
C15 PX4 SB . -18.29 24.02 42.71
C16 PX4 SB . -17.44 23.99 41.45
C17 PX4 SB . -17.49 22.62 40.78
C18 PX4 SB . -16.73 22.46 39.45
C19 PX4 SB . -16.90 21.01 38.98
C20 PX4 SB . -16.26 20.77 37.61
C21 PX4 SB . -16.31 19.29 37.23
C22 PX4 SB . -15.56 19.08 35.91
O7 PX4 SB . -21.11 23.50 51.32
C23 PX4 SB . -21.97 23.23 50.30
O8 PX4 SB . -22.92 23.96 50.03
C24 PX4 SB . -21.67 22.02 49.41
C25 PX4 SB . -20.31 22.01 48.71
C26 PX4 SB . -20.25 20.73 47.88
C27 PX4 SB . -19.97 19.60 48.87
C28 PX4 SB . -19.57 18.36 48.07
C29 PX4 SB . -20.73 17.94 47.17
C30 PX4 SB . -20.29 17.03 46.03
C31 PX4 SB . -21.50 16.75 45.14
C32 PX4 SB . -22.70 16.37 46.00
C33 PX4 SB . -24.03 16.29 45.25
C34 PX4 SB . -24.23 17.58 44.45
C35 PX4 SB . -25.59 17.57 43.74
C36 PX4 SB . -25.75 18.73 42.75
O1 PX4 TB . 43.75 10.82 43.20
O2 PX4 TB . 45.64 12.56 42.72
P1 PX4 TB . 44.23 12.12 42.71
O3 PX4 TB . 43.32 13.34 43.23
C1 PX4 TB . 43.20 14.44 42.34
C2 PX4 TB . 42.05 15.38 42.71
N1 PX4 TB . 41.66 16.48 41.82
C3 PX4 TB . 42.51 17.67 41.93
C4 PX4 TB . 41.62 16.02 40.42
C5 PX4 TB . 40.30 16.93 42.17
O4 PX4 TB . 43.88 12.15 41.13
C6 PX4 TB . 44.70 11.23 40.42
C7 PX4 TB . 44.19 11.06 38.98
C8 PX4 TB . 44.53 12.37 38.26
O5 PX4 TB . 43.57 12.71 37.24
C9 PX4 TB . 42.98 13.93 37.30
O6 PX4 TB . 43.44 14.83 38.00
C10 PX4 TB . 41.78 14.04 36.37
C11 PX4 TB . 41.96 15.07 35.26
C12 PX4 TB . 40.80 15.06 34.25
C13 PX4 TB . 40.99 16.19 33.24
C14 PX4 TB . 39.66 16.74 32.69
C15 PX4 TB . 39.74 17.99 31.81
C16 PX4 TB . 38.32 17.98 31.23
C17 PX4 TB . 38.15 19.24 30.37
C18 PX4 TB . 36.90 18.99 29.51
C19 PX4 TB . 37.12 17.89 28.47
C20 PX4 TB . 35.80 17.60 27.75
C21 PX4 TB . 35.82 16.19 27.15
C22 PX4 TB . 34.44 15.96 26.53
O7 PX4 TB . 44.72 9.89 38.37
C23 PX4 TB . 44.01 8.76 38.68
O8 PX4 TB . 43.01 8.78 39.41
C24 PX4 TB . 44.37 7.48 37.92
C25 PX4 TB . 43.76 7.58 36.52
C26 PX4 TB . 43.99 6.23 35.83
C27 PX4 TB . 43.24 6.39 34.51
C28 PX4 TB . 43.78 5.23 33.66
C29 PX4 TB . 43.31 5.20 32.20
C30 PX4 TB . 44.10 4.11 31.47
C31 PX4 TB . 43.69 3.98 30.00
C32 PX4 TB . 44.49 2.87 29.31
C33 PX4 TB . 44.22 2.62 27.83
C34 PX4 TB . 45.47 2.05 27.17
C35 PX4 TB . 45.33 2.18 25.64
C36 PX4 TB . 46.71 1.97 25.02
O1 PX4 UB . -36.39 -1.09 59.38
O2 PX4 UB . -33.99 -1.55 58.37
P1 PX4 UB . -35.33 -0.92 58.35
O3 PX4 UB . -35.06 0.67 58.20
C1 PX4 UB . -34.44 1.03 59.42
C2 PX4 UB . -33.56 2.28 59.35
N1 PX4 UB . -34.14 3.54 58.86
C3 PX4 UB . -35.47 3.91 59.34
C4 PX4 UB . -33.23 4.67 59.15
C5 PX4 UB . -34.07 3.47 57.39
O4 PX4 UB . -35.96 -1.03 56.88
C6 PX4 UB . -34.90 -0.86 55.94
C7 PX4 UB . -35.32 -0.81 54.48
C8 PX4 UB . -36.73 -1.37 54.30
O5 PX4 UB . -37.08 -2.23 53.20
C9 PX4 UB . -38.39 -2.60 53.12
O6 PX4 UB . -39.14 -2.58 54.09
C10 PX4 UB . -38.83 -3.36 51.87
C11 PX4 UB . -39.00 -2.36 50.73
C12 PX4 UB . -39.67 -3.07 49.55
C13 PX4 UB . -39.82 -2.10 48.36
C14 PX4 UB . -40.98 -1.13 48.52
C15 PX4 UB . -41.49 -0.89 47.09
C16 PX4 UB . -42.38 0.34 46.99
C17 PX4 UB . -42.82 0.67 45.56
C18 PX4 UB . -43.69 -0.50 45.11
C19 PX4 UB . -44.18 -0.24 43.68
C20 PX4 UB . -44.89 1.13 43.56
C21 PX4 UB . -45.35 1.39 42.12
C22 PX4 UB . -45.95 2.79 41.99
O7 PX4 UB . -34.95 0.36 53.72
C23 PX4 UB . -33.77 0.26 53.06
O8 PX4 UB . -32.81 -0.36 53.51
C24 PX4 UB . -33.39 1.33 52.04
C25 PX4 UB . -33.86 0.74 50.71
C26 PX4 UB . -33.70 1.59 49.45
C27 PX4 UB . -34.36 0.82 48.30
C28 PX4 UB . -34.40 1.77 47.09
C29 PX4 UB . -34.77 0.96 45.84
C30 PX4 UB . -34.81 1.85 44.59
C31 PX4 UB . -35.14 1.03 43.34
C32 PX4 UB . -35.05 1.82 42.03
C33 PX4 UB . -35.04 0.91 40.79
C34 PX4 UB . -35.20 1.64 39.46
C35 PX4 UB . -36.65 2.08 39.25
C36 PX4 UB . -37.71 1.04 38.88
O1 PX4 VB . -26.63 -4.13 58.76
O2 PX4 VB . -28.12 -2.46 57.53
P1 PX4 VB . -27.34 -3.72 57.52
O3 PX4 VB . -28.46 -4.87 57.42
C1 PX4 VB . -29.54 -4.57 58.31
C2 PX4 VB . -30.78 -5.45 58.20
N1 PX4 VB . -31.65 -5.23 57.03
C3 PX4 VB . -32.71 -6.26 57.02
C4 PX4 VB . -32.28 -3.92 57.11
C5 PX4 VB . -30.98 -5.41 55.74
O4 PX4 VB . -26.81 -4.06 56.04
C6 PX4 VB . -27.84 -3.75 55.10
C7 PX4 VB . -27.50 -3.59 53.62
C8 PX4 VB . -25.99 -3.43 53.60
O5 PX4 VB . -25.65 -2.13 53.09
C9 PX4 VB . -24.35 -1.89 52.77
O6 PX4 VB . -23.51 -2.45 53.48
C10 PX4 VB . -24.09 -0.71 51.84
C11 PX4 VB . -23.09 -1.06 50.73
C12 PX4 VB . -23.20 0.05 49.69
C13 PX4 VB . -24.14 -0.44 48.59
C14 PX4 VB . -24.12 0.38 47.30
C15 PX4 VB . -24.94 -0.34 46.24
C16 PX4 VB . -24.81 0.37 44.89
C17 PX4 VB . -26.12 0.27 44.10
C18 PX4 VB . -25.96 1.10 42.83
C19 PX4 VB . -27.27 1.29 42.06
C20 PX4 VB . -26.82 1.68 40.66
C21 PX4 VB . -27.99 1.39 39.72
C22 PX4 VB . -27.53 1.90 38.35
O7 PX4 VB . -27.85 -4.74 52.84
C23 PX4 VB . -29.11 -4.77 52.33
O8 PX4 VB . -29.92 -3.96 52.77
C24 PX4 VB . -29.39 -6.09 51.61
C25 PX4 VB . -30.69 -6.08 50.81
C26 PX4 VB . -30.87 -7.40 50.06
C27 PX4 VB . -32.00 -7.17 49.07
C28 PX4 VB . -32.68 -8.45 48.58
C29 PX4 VB . -33.79 -8.26 47.55
C30 PX4 VB . -33.31 -7.64 46.23
C31 PX4 VB . -34.60 -7.44 45.44
C32 PX4 VB . -34.36 -6.89 44.03
C33 PX4 VB . -33.79 -5.47 43.99
C34 PX4 VB . -33.60 -4.91 42.58
C35 PX4 VB . -33.40 -3.39 42.58
C36 PX4 VB . -33.37 -2.62 41.25
O1 PX4 WB . -0.38 42.27 46.88
O2 PX4 WB . -0.84 44.12 45.15
P1 PX4 WB . -0.31 42.79 45.49
O3 PX4 WB . -1.05 41.82 44.45
C1 PX4 WB . -1.69 40.88 45.31
C2 PX4 WB . -1.41 39.49 44.75
N1 PX4 WB . -2.04 38.33 45.40
C3 PX4 WB . -1.97 37.16 44.52
C4 PX4 WB . -1.30 38.03 46.63
C5 PX4 WB . -3.47 38.39 45.74
O4 PX4 WB . 1.20 42.72 44.94
C6 PX4 WB . 1.00 43.35 43.67
C7 PX4 WB . 2.33 43.48 42.93
C8 PX4 WB . 2.54 42.07 42.35
O5 PX4 WB . 1.39 41.44 41.78
C9 PX4 WB . 1.09 40.19 42.23
O6 PX4 WB . 1.67 39.75 43.22
C10 PX4 WB . 0.04 39.45 41.38
C11 PX4 WB . 0.48 37.98 41.45
C12 PX4 WB . -0.52 37.01 40.81
C13 PX4 WB . -0.18 35.52 40.91
C14 PX4 WB . -1.25 34.74 40.14
C15 PX4 WB . -1.20 35.02 38.64
C16 PX4 WB . -2.22 34.15 37.89
C17 PX4 WB . -3.55 34.13 38.66
C18 PX4 WB . -4.38 35.40 38.51
C19 PX4 WB . -5.77 35.21 39.13
C20 PX4 WB . -6.73 36.35 38.77
C21 PX4 WB . -6.84 36.66 37.29
C22 PX4 WB . -7.65 37.93 37.00
O7 PX4 WB . 2.47 44.60 42.05
C23 PX4 WB . 2.23 45.88 42.43
O8 PX4 WB . 2.33 46.21 43.61
C24 PX4 WB . 2.08 46.89 41.28
C25 PX4 WB . 1.20 46.35 40.14
C26 PX4 WB . 1.02 47.30 38.96
C27 PX4 WB . 0.50 46.57 37.71
C28 PX4 WB . 0.40 47.60 36.58
C29 PX4 WB . -0.28 47.08 35.31
C30 PX4 WB . -0.54 48.26 34.36
C31 PX4 WB . -1.44 49.27 35.07
C32 PX4 WB . -1.99 50.20 33.98
C33 PX4 WB . -2.87 49.37 33.03
C34 PX4 WB . -3.53 50.21 31.94
C35 PX4 WB . -3.98 49.37 30.75
C36 PX4 WB . -4.90 50.20 29.87
O1 PX4 XB . -21.36 -7.62 57.56
O2 PX4 XB . -23.39 -7.98 59.14
P1 PX4 XB . -22.38 -8.48 58.19
O3 PX4 XB . -21.47 -9.50 59.04
C1 PX4 XB . -20.72 -8.61 59.87
C2 PX4 XB . -19.48 -9.31 60.42
N1 PX4 XB . -19.42 -9.85 61.78
C3 PX4 XB . -19.77 -8.80 62.76
C4 PX4 XB . -20.41 -10.92 61.99
C5 PX4 XB . -18.04 -10.34 61.88
O4 PX4 XB . -22.83 -9.74 57.28
C6 PX4 XB . -21.78 -10.16 56.41
C7 PX4 XB . -22.16 -11.51 55.82
C8 PX4 XB . -23.67 -11.56 55.54
O5 PX4 XB . -24.14 -10.74 54.47
C9 PX4 XB . -25.45 -10.99 54.19
O6 PX4 XB . -26.00 -12.01 54.63
C10 PX4 XB . -26.03 -10.22 53.01
C11 PX4 XB . -25.37 -10.88 51.79
C12 PX4 XB . -25.20 -9.68 50.85
C13 PX4 XB . -26.64 -9.22 50.60
C14 PX4 XB . -26.68 -8.39 49.32
C15 PX4 XB . -26.04 -9.16 48.17
C16 PX4 XB . -26.29 -8.42 46.85
C17 PX4 XB . -27.80 -8.20 46.72
C18 PX4 XB . -28.04 -7.53 45.36
C19 PX4 XB . -29.55 -7.37 45.21
C20 PX4 XB . -29.87 -6.88 43.80
C21 PX4 XB . -29.56 -5.38 43.77
C22 PX4 XB . -29.84 -4.82 42.37
O7 PX4 XB . -21.33 -12.02 54.77
C23 PX4 XB . -20.08 -12.44 55.09
O8 PX4 XB . -19.71 -12.53 56.26
C24 PX4 XB . -19.12 -12.76 53.96
C25 PX4 XB . -19.33 -14.18 53.44
C26 PX4 XB . -18.69 -14.40 52.06
C27 PX4 XB . -18.90 -15.72 51.35
C28 PX4 XB . -18.40 -15.69 49.90
C29 PX4 XB . -19.27 -14.70 49.12
C30 PX4 XB . -18.79 -14.73 47.66
C31 PX4 XB . -19.16 -16.13 47.19
C32 PX4 XB . -18.80 -16.32 45.71
C33 PX4 XB . -17.29 -16.18 45.56
C34 PX4 XB . -17.06 -16.20 44.05
C35 PX4 XB . -15.57 -15.97 43.80
C36 PX4 XB . -15.18 -16.49 42.41
O1 PX4 YB . 35.09 20.92 44.88
O2 PX4 YB . 35.81 18.48 44.40
P1 PX4 YB . 36.05 19.93 44.35
O3 PX4 YB . 37.41 20.21 45.15
C1 PX4 YB . 37.71 19.22 46.14
C2 PX4 YB . 38.33 19.83 47.39
N1 PX4 YB . 38.37 19.07 48.64
C3 PX4 YB . 39.48 19.63 49.43
C4 PX4 YB . 37.17 19.21 49.46
C5 PX4 YB . 38.46 17.60 48.52
O4 PX4 YB . 36.43 20.26 42.81
C6 PX4 YB . 37.63 19.56 42.50
C7 PX4 YB . 37.99 19.82 41.03
C8 PX4 YB . 36.62 19.70 40.37
O5 PX4 YB . 36.49 18.48 39.62
C9 PX4 YB . 35.51 18.39 38.70
O6 PX4 YB . 34.61 19.22 38.80
C10 PX4 YB . 35.34 17.17 37.79
C11 PX4 YB . 33.91 16.62 37.91
C12 PX4 YB . 33.69 15.35 37.08
C13 PX4 YB . 33.19 15.83 35.71
C14 PX4 YB . 33.32 14.81 34.58
C15 PX4 YB . 34.71 14.95 33.96
C16 PX4 YB . 34.98 14.04 32.76
C17 PX4 YB . 36.25 14.27 31.95
C18 PX4 YB . 36.48 13.10 31.00
C19 PX4 YB . 37.44 13.60 29.91
C20 PX4 YB . 37.83 12.66 28.76
C21 PX4 YB . 38.76 11.58 29.29
C22 PX4 YB . 39.09 10.77 28.04
O7 PX4 YB . 38.77 20.98 40.74
C23 PX4 YB . 40.10 21.05 40.98
O8 PX4 YB . 40.58 20.32 41.86
C24 PX4 YB . 40.82 22.30 40.50
C25 PX4 YB . 41.47 21.89 39.18
C26 PX4 YB . 42.30 23.04 38.59
C27 PX4 YB . 42.92 22.63 37.26
C28 PX4 YB . 43.51 23.85 36.55
C29 PX4 YB . 42.55 24.99 36.18
C30 PX4 YB . 43.22 26.29 35.72
C31 PX4 YB . 42.24 27.43 35.46
C32 PX4 YB . 43.01 28.61 34.87
C33 PX4 YB . 42.07 29.76 34.47
C34 PX4 YB . 42.78 30.96 33.81
C35 PX4 YB . 41.63 31.92 33.46
C36 PX4 YB . 42.13 33.03 32.55
O1 PX4 ZB . 39.20 13.90 42.05
O2 PX4 ZB . 36.78 13.49 41.14
P1 PX4 ZB . 38.25 13.47 41.00
O3 PX4 ZB . 38.76 12.15 40.22
C1 PX4 ZB . 39.60 11.40 41.10
C2 PX4 ZB . 40.20 10.07 40.62
N1 PX4 ZB . 39.22 9.00 40.40
C3 PX4 ZB . 40.02 7.81 40.12
C4 PX4 ZB . 38.29 8.78 41.52
C5 PX4 ZB . 38.37 9.14 39.20
O4 PX4 ZB . 38.72 14.35 39.74
C6 PX4 ZB . 37.61 14.30 38.85
C7 PX4 ZB . 38.08 14.76 37.46
C8 PX4 ZB . 39.09 15.86 37.80
O5 PX4 ZB . 38.78 17.15 37.26
C9 PX4 ZB . 39.44 18.18 37.86
O6 PX4 ZB . 40.12 17.96 38.86
C10 PX4 ZB . 39.12 19.56 37.28
C11 PX4 ZB . 39.59 19.96 35.89
C12 PX4 ZB . 39.31 21.41 35.46
C13 PX4 ZB . 38.69 21.44 34.06
C14 PX4 ZB . 38.19 22.86 33.77
C15 PX4 ZB . 37.56 23.09 32.40
C16 PX4 ZB . 36.62 24.31 32.37
C17 PX4 ZB . 36.58 24.94 30.98
C18 PX4 ZB . 35.53 26.05 30.87
C19 PX4 ZB . 35.53 26.79 29.53
C20 PX4 ZB . 34.42 27.83 29.52
C21 PX4 ZB . 34.34 28.84 28.38
C22 PX4 ZB . 33.07 29.71 28.44
O7 PX4 ZB . 38.59 13.66 36.70
C23 PX4 ZB . 37.77 12.75 36.10
O8 PX4 ZB . 36.68 12.48 36.61
C24 PX4 ZB . 38.49 11.82 35.12
C25 PX4 ZB . 39.63 11.06 35.81
C26 PX4 ZB . 40.55 10.47 34.73
C27 PX4 ZB . 39.82 9.60 33.71
C28 PX4 ZB . 40.66 9.36 32.46
C29 PX4 ZB . 39.97 8.46 31.43
C30 PX4 ZB . 40.75 8.17 30.15
C31 PX4 ZB . 40.01 7.25 29.18
C32 PX4 ZB . 40.92 6.84 28.02
C33 PX4 ZB . 39.99 6.26 26.94
C34 PX4 ZB . 40.68 6.02 25.60
C35 PX4 ZB . 39.82 5.62 24.41
C36 PX4 ZB . 40.69 5.67 23.13
O1 PX4 AC . 36.22 7.36 46.43
O2 PX4 AC . 34.17 8.86 45.98
P1 PX4 AC . 35.04 7.71 45.62
O3 PX4 AC . 34.02 6.46 45.46
C1 PX4 AC . 33.37 6.29 46.72
C2 PX4 AC . 32.25 5.24 46.84
N1 PX4 AC . 32.52 3.83 47.15
C3 PX4 AC . 32.89 3.10 45.93
C4 PX4 AC . 33.59 3.68 48.13
C5 PX4 AC . 31.29 3.29 47.75
O4 PX4 AC . 35.48 7.79 44.07
C6 PX4 AC . 34.40 7.58 43.14
C7 PX4 AC . 34.74 7.51 41.66
C8 PX4 AC . 35.37 6.12 41.53
O5 PX4 AC . 36.24 6.01 40.40
C9 PX4 AC . 36.63 4.76 39.99
O6 PX4 AC . 36.22 3.69 40.45
C10 PX4 AC . 37.55 4.65 38.78
C11 PX4 AC . 36.90 5.34 37.58
C12 PX4 AC . 37.65 5.25 36.24
C13 PX4 AC . 36.92 6.22 35.32
C14 PX4 AC . 37.47 5.82 33.96
C15 PX4 AC . 36.69 6.57 32.88
C16 PX4 AC . 35.20 6.20 32.87
C17 PX4 AC . 35.06 4.69 32.72
C18 PX4 AC . 35.15 4.16 31.29
C19 PX4 AC . 34.80 2.67 31.20
C20 PX4 AC . 35.87 1.98 32.03
C21 PX4 AC . 35.48 0.50 32.15
C22 PX4 AC . 36.55 -0.31 32.90
O7 PX4 AC . 33.61 7.66 40.80
C23 PX4 AC . 33.90 8.46 39.75
O8 PX4 AC . 34.82 9.28 39.76
C24 PX4 AC . 32.71 8.45 38.78
C25 PX4 AC . 33.20 8.14 37.36
C26 PX4 AC . 31.92 7.76 36.62
C27 PX4 AC . 32.15 7.11 35.24
C28 PX4 AC . 30.90 6.87 34.38
C29 PX4 AC . 31.25 6.22 33.04
C30 PX4 AC . 29.97 5.84 32.30
C31 PX4 AC . 30.27 5.27 30.91
C32 PX4 AC . 31.00 6.32 30.07
C33 PX4 AC . 31.18 5.58 28.75
C34 PX4 AC . 31.58 6.63 27.71
C35 PX4 AC . 31.92 5.80 26.47
C36 PX4 AC . 32.50 6.62 25.31
O1 PX4 BC . 13.99 -30.26 54.96
O2 PX4 BC . 13.24 -29.50 52.50
P1 PX4 BC . 13.58 -30.47 53.55
O3 PX4 BC . 12.13 -31.05 53.95
C1 PX4 BC . 11.37 -29.98 54.52
C2 PX4 BC . 9.86 -30.13 54.34
N1 PX4 BC . 8.99 -29.23 55.12
C3 PX4 BC . 9.15 -29.24 56.58
C4 PX4 BC . 9.20 -27.86 54.63
C5 PX4 BC . 7.62 -29.72 54.93
O4 PX4 BC . 14.03 -31.91 52.98
C6 PX4 BC . 13.71 -31.90 51.59
C7 PX4 BC . 12.99 -33.21 51.23
C8 PX4 BC . 11.53 -32.77 51.32
O5 PX4 BC . 11.14 -31.63 50.54
C9 PX4 BC . 9.83 -31.30 50.41
O6 PX4 BC . 9.00 -31.31 51.32
C10 PX4 BC . 9.59 -30.45 49.16
C11 PX4 BC . 9.04 -31.52 48.21
C12 PX4 BC . 8.86 -30.91 46.81
C13 PX4 BC . 8.47 -31.98 45.77
C14 PX4 BC . 8.23 -31.21 44.47
C15 PX4 BC . 8.20 -32.09 43.22
C16 PX4 BC . 7.69 -31.31 42.00
C17 PX4 BC . 7.45 -32.14 40.74
C18 PX4 BC . 7.11 -31.41 39.45
C19 PX4 BC . 5.97 -30.42 39.73
C20 PX4 BC . 5.45 -29.46 38.68
C21 PX4 BC . 4.61 -28.50 39.51
C22 PX4 BC . 4.20 -27.33 38.61
O7 PX4 BC . 13.42 -33.76 49.99
C23 PX4 BC . 13.00 -35.03 49.78
O8 PX4 BC . 12.65 -35.74 50.72
C24 PX4 BC . 13.05 -35.48 48.31
C25 PX4 BC . 11.95 -35.01 47.36
C26 PX4 BC . 12.47 -35.44 45.99
C27 PX4 BC . 11.54 -35.01 44.86
C28 PX4 BC . 12.31 -34.81 43.54
C29 PX4 BC . 11.37 -34.31 42.45
C30 PX4 BC . 12.16 -34.04 41.16
C31 PX4 BC . 11.34 -33.54 39.97
C32 PX4 BC . 12.30 -33.17 38.84
C33 PX4 BC . 11.53 -32.41 37.75
C34 PX4 BC . 10.58 -33.34 36.99
C35 PX4 BC . 9.39 -32.55 36.47
C36 PX4 BC . 8.30 -33.49 35.95
O1 PX4 CC . -24.43 7.44 58.75
O2 PX4 CC . -21.88 6.69 58.71
P1 PX4 CC . -23.08 7.35 58.16
O3 PX4 CC . -22.57 8.81 57.72
C1 PX4 CC . -22.11 9.46 58.92
C2 PX4 CC . -21.28 10.74 58.90
N1 PX4 CC . -19.88 10.64 58.50
C3 PX4 CC . -19.38 12.03 58.50
C4 PX4 CC . -19.02 9.83 59.37
C5 PX4 CC . -19.77 10.14 57.12
O4 PX4 CC . -23.22 6.96 56.60
C6 PX4 CC . -21.95 6.75 55.97
C7 PX4 CC . -22.01 6.92 54.45
C8 PX4 CC . -23.47 6.83 54.01
O5 PX4 CC . -23.85 5.66 53.29
C9 PX4 CC . -25.18 5.43 53.13
O6 PX4 CC . -26.03 6.04 53.78
C10 PX4 CC . -25.52 4.26 52.19
C11 PX4 CC . -25.41 4.83 50.78
C12 PX4 CC . -25.68 3.96 49.56
C13 PX4 CC . -26.05 4.85 48.37
C14 PX4 CC . -26.41 3.95 47.19
C15 PX4 CC . -26.79 4.79 45.96
C16 PX4 CC . -25.65 5.69 45.49
C17 PX4 CC . -26.08 6.58 44.33
C18 PX4 CC . -26.49 5.80 43.07
C19 PX4 CC . -26.74 6.88 42.02
C20 PX4 CC . -27.15 6.16 40.73
C21 PX4 CC . -27.45 7.21 39.64
C22 PX4 CC . -27.56 6.77 38.18
O7 PX4 CC . -21.32 8.02 53.85
C23 PX4 CC . -19.97 8.14 53.96
O8 PX4 CC . -19.24 7.42 54.64
C24 PX4 CC . -19.35 9.17 53.02
C25 PX4 CC . -18.87 8.56 51.70
C26 PX4 CC . -19.97 7.89 50.88
C27 PX4 CC . -21.00 9.00 50.66
C28 PX4 CC . -22.30 8.49 50.02
C29 PX4 CC . -23.45 9.49 50.07
C30 PX4 CC . -24.64 8.82 49.39
C31 PX4 CC . -26.01 9.50 49.42
C32 PX4 CC . -27.01 8.79 48.49
C33 PX4 CC . -28.35 9.52 48.37
C34 PX4 CC . -29.19 8.85 47.28
C35 PX4 CC . -28.63 9.05 45.88
C36 PX4 CC . -29.54 8.32 44.88
O1 PX4 DC . -23.04 2.56 60.25
O2 PX4 DC . -23.18 5.03 61.07
P1 PX4 DC . -23.55 3.94 60.15
O3 PX4 DC . -25.13 3.82 60.45
C1 PX4 DC . -25.40 2.45 60.74
C2 PX4 DC . -26.86 2.10 61.04
N1 PX4 DC . -27.16 0.69 61.31
C3 PX4 DC . -28.53 0.49 61.80
C4 PX4 DC . -27.15 0.02 60.01
C5 PX4 DC . -26.27 0.06 62.30
O4 PX4 DC . -23.71 4.28 58.58
C6 PX4 DC . -22.95 3.38 57.78
C7 PX4 DC . -23.41 3.30 56.32
C8 PX4 DC . -24.82 3.89 56.25
O5 PX4 DC . -25.76 3.18 55.43
C9 PX4 DC . -26.59 2.29 56.05
O6 PX4 DC . -26.30 1.87 57.16
C10 PX4 DC . -27.56 1.65 55.06
C11 PX4 DC . -26.97 0.55 54.17
C12 PX4 DC . -28.01 0.03 53.18
C13 PX4 DC . -28.61 1.11 52.28
C14 PX4 DC . -28.76 0.45 50.91
C15 PX4 DC . -29.71 -0.75 50.89
C16 PX4 DC . -29.68 -1.35 49.48
C17 PX4 DC . -30.70 -2.43 49.17
C18 PX4 DC . -30.52 -2.89 47.72
C19 PX4 DC . -30.41 -1.63 46.86
C20 PX4 DC . -30.17 -1.90 45.37
C21 PX4 DC . -30.31 -0.62 44.54
C22 PX4 DC . -30.17 -1.03 43.08
O7 PX4 DC . -22.48 3.72 55.33
C23 PX4 DC . -21.50 2.95 54.81
O8 PX4 DC . -20.99 1.93 55.28
C24 PX4 DC . -20.87 3.58 53.57
C25 PX4 DC . -21.16 2.80 52.29
C26 PX4 DC . -20.78 3.78 51.18
C27 PX4 DC . -20.93 3.02 49.87
C28 PX4 DC . -20.51 4.03 48.80
C29 PX4 DC . -20.78 3.45 47.42
C30 PX4 DC . -20.61 4.65 46.48
C31 PX4 DC . -21.35 4.35 45.19
C32 PX4 DC . -20.99 3.05 44.47
C33 PX4 DC . -21.47 3.06 43.02
C34 PX4 DC . -21.08 1.71 42.39
C35 PX4 DC . -21.61 1.79 40.95
C36 PX4 DC . -23.13 1.66 40.99
O1 PX4 EC . 9.47 39.29 48.91
O2 PX4 EC . 9.46 40.75 51.05
P1 PX4 EC . 9.09 40.53 49.63
O3 PX4 EC . 7.53 40.31 49.94
C1 PX4 EC . 7.52 39.08 50.67
C2 PX4 EC . 6.21 38.29 50.74
N1 PX4 EC . 5.03 38.94 51.33
C3 PX4 EC . 5.23 39.94 52.39
C4 PX4 EC . 4.20 39.46 50.23
C5 PX4 EC . 4.27 37.88 52.00
O4 PX4 EC . 9.17 41.82 48.67
C6 PX4 EC . 9.14 41.48 47.28
C7 PX4 EC . 8.59 42.55 46.34
C8 PX4 EC . 9.72 43.55 46.11
O5 PX4 EC . 10.72 43.08 45.19
C9 PX4 EC . 11.79 43.90 45.24
O6 PX4 EC . 11.90 44.72 46.15
C10 PX4 EC . 12.91 43.92 44.20
C11 PX4 EC . 12.74 45.00 43.13
C12 PX4 EC . 13.29 44.48 41.79
C13 PX4 EC . 12.83 45.37 40.63
C14 PX4 EC . 11.31 45.28 40.48
C15 PX4 EC . 11.06 46.29 39.36
C16 PX4 EC . 9.57 46.50 39.01
C17 PX4 EC . 9.47 47.30 37.72
C18 PX4 EC . 9.73 46.36 36.54
C19 PX4 EC . 10.11 47.03 35.21
C20 PX4 EC . 10.75 46.08 34.20
C21 PX4 EC . 11.12 46.69 32.85
C22 PX4 EC . 9.80 47.03 32.13
O7 PX4 EC . 7.91 42.01 45.20
C23 PX4 EC . 6.59 41.71 45.27
O8 PX4 EC . 5.87 42.09 46.19
C24 PX4 EC . 5.92 41.43 43.92
C25 PX4 EC . 5.59 39.94 43.89
C26 PX4 EC . 4.85 39.56 42.61
C27 PX4 EC . 5.74 39.87 41.40
C28 PX4 EC . 5.22 39.28 40.08
C29 PX4 EC . 6.29 39.14 39.01
C30 PX4 EC . 7.42 38.31 39.64
C31 PX4 EC . 8.25 37.87 38.44
C32 PX4 EC . 9.44 37.01 38.90
C33 PX4 EC . 10.31 36.36 37.83
C34 PX4 EC . 11.06 35.16 38.41
C35 PX4 EC . 12.10 34.65 37.41
C36 PX4 EC . 13.11 35.78 37.30
O1 PX4 FC . -4.26 -23.24 56.56
O2 PX4 FC . -3.56 -25.66 55.91
P1 PX4 FC . -3.62 -24.21 55.64
O3 PX4 FC . -2.08 -23.79 55.67
C1 PX4 FC . -1.86 -22.77 54.68
C2 PX4 FC . -0.53 -22.05 54.84
N1 PX4 FC . -0.08 -21.53 56.15
C3 PX4 FC . 0.21 -22.65 57.05
C4 PX4 FC . 1.20 -20.82 55.99
C5 PX4 FC . -1.07 -20.60 56.74
O4 PX4 FC . -4.02 -24.02 54.09
C6 PX4 FC . -4.07 -25.30 53.45
C7 PX4 FC . -3.79 -25.22 51.94
C8 PX4 FC . -4.15 -23.80 51.52
O5 PX4 FC . -5.19 -23.82 50.53
C9 PX4 FC . -5.89 -22.66 50.51
O6 PX4 FC . -5.44 -21.62 51.01
C10 PX4 FC . -7.04 -22.68 49.50
C11 PX4 FC . -6.43 -21.89 48.34
C12 PX4 FC . -7.53 -21.49 47.35
C13 PX4 FC . -6.91 -20.38 46.49
C14 PX4 FC . -7.86 -19.48 45.72
C15 PX4 FC . -8.98 -18.89 46.58
C16 PX4 FC . -9.52 -17.56 46.04
C17 PX4 FC . -10.31 -17.79 44.75
C18 PX4 FC . -10.39 -16.57 43.84
C19 PX4 FC . -11.33 -16.71 42.65
C20 PX4 FC . -11.01 -15.54 41.71
C21 PX4 FC . -12.02 -15.33 40.58
C22 PX4 FC . -12.15 -16.58 39.70
O7 PX4 FC . -2.43 -25.60 51.67
C23 PX4 FC . -2.05 -26.90 51.60
O8 PX4 FC . -2.87 -27.77 51.90
C24 PX4 FC . -0.64 -27.14 51.05
C25 PX4 FC . -0.34 -26.83 49.58
C26 PX4 FC . -1.14 -27.81 48.71
C27 PX4 FC . -0.66 -28.00 47.27
C28 PX4 FC . -1.69 -28.94 46.61
C29 PX4 FC . -1.00 -29.83 45.59
C30 PX4 FC . -2.03 -30.73 44.89
C31 PX4 FC . -1.46 -31.26 43.58
C32 PX4 FC . -2.41 -32.26 42.92
C33 PX4 FC . -3.33 -31.75 41.81
C34 PX4 FC . -4.20 -32.91 41.32
C35 PX4 FC . -4.50 -32.75 39.82
C36 PX4 FC . -5.58 -31.67 39.74
O1 PX4 GC . 17.16 -29.79 53.94
O2 PX4 GC . 19.10 -30.04 52.41
P1 PX4 GC . 17.64 -29.77 52.54
O3 PX4 GC . 17.20 -28.45 51.74
C1 PX4 GC . 17.33 -27.25 52.50
C2 PX4 GC . 16.56 -26.04 51.98
N1 PX4 GC . 15.10 -26.04 51.86
C3 PX4 GC . 14.59 -26.99 50.87
C4 PX4 GC . 14.40 -26.25 53.15
C5 PX4 GC . 14.62 -24.72 51.45
O4 PX4 GC . 16.87 -30.81 51.60
C6 PX4 GC . 17.57 -30.58 50.37
C7 PX4 GC . 17.85 -31.84 49.55
C8 PX4 GC . 16.62 -32.16 48.68
O5 PX4 GC . 15.61 -31.16 48.72
C9 PX4 GC . 14.58 -31.44 47.86
O6 PX4 GC . 14.65 -32.46 47.19
C10 PX4 GC . 13.87 -30.16 47.45
C11 PX4 GC . 13.31 -30.31 46.04
C12 PX4 GC . 12.45 -29.12 45.61
C13 PX4 GC . 11.58 -29.29 44.36
C14 PX4 GC . 10.77 -28.03 44.04
C15 PX4 GC . 9.84 -28.17 42.83
C16 PX4 GC . 8.61 -27.35 43.22
C17 PX4 GC . 7.56 -27.48 42.11
C18 PX4 GC . 6.31 -26.64 42.35
C19 PX4 GC . 6.51 -25.12 42.30
C20 PX4 GC . 7.10 -24.76 40.93
C21 PX4 GC . 7.94 -23.49 40.87
C22 PX4 GC . 8.40 -22.98 39.49
O7 PX4 GC . 19.06 -31.89 48.79
C23 PX4 GC . 20.07 -32.71 49.18
O8 PX4 GC . 19.99 -33.45 50.16
C24 PX4 GC . 21.33 -32.59 48.31
C25 PX4 GC . 21.01 -32.09 46.89
C26 PX4 GC . 20.40 -33.18 46.00
C27 PX4 GC . 20.60 -32.72 44.55
C28 PX4 GC . 20.24 -33.77 43.50
C29 PX4 GC . 20.33 -33.03 42.17
C30 PX4 GC . 19.82 -34.10 41.19
C31 PX4 GC . 20.04 -33.61 39.76
C32 PX4 GC . 19.44 -32.23 39.48
C33 PX4 GC . 19.57 -31.79 38.02
C34 PX4 GC . 18.94 -32.90 37.19
C35 PX4 GC . 19.13 -32.57 35.71
C36 PX4 GC . 18.57 -33.66 34.79
O1 PX4 HC . 9.02 -24.34 54.73
O2 PX4 HC . 11.44 -25.10 54.72
P1 PX4 HC . 10.34 -24.38 54.05
O3 PX4 HC . 10.92 -22.88 53.97
C1 PX4 HC . 11.38 -22.49 55.26
C2 PX4 HC . 11.90 -21.05 55.37
N1 PX4 HC . 11.03 -19.91 55.05
C3 PX4 HC . 11.73 -18.69 55.49
C4 PX4 HC . 10.85 -19.80 53.61
C5 PX4 HC . 9.81 -19.93 55.87
O4 PX4 HC . 10.02 -24.89 52.55
C6 PX4 HC . 9.72 -23.70 51.82
C7 PX4 HC . 9.02 -23.88 50.47
C8 PX4 HC . 9.59 -25.24 50.03
O5 PX4 HC . 10.20 -25.15 48.73
C9 PX4 HC . 11.49 -25.55 48.61
O6 PX4 HC . 11.98 -26.15 49.56
C10 PX4 HC . 12.01 -25.51 47.17
C11 PX4 HC . 13.39 -26.13 46.94
C12 PX4 HC . 13.81 -25.70 45.53
C13 PX4 HC . 15.26 -26.07 45.20
C14 PX4 HC . 15.63 -25.82 43.74
C15 PX4 HC . 17.09 -26.24 43.59
C16 PX4 HC . 17.60 -26.05 42.15
C17 PX4 HC . 16.80 -26.98 41.23
C18 PX4 HC . 17.20 -26.73 39.78
C19 PX4 HC . 18.71 -26.75 39.58
C20 PX4 HC . 18.96 -26.93 38.08
C21 PX4 HC . 20.47 -26.91 37.81
C22 PX4 HC . 20.69 -26.78 36.30
O7 PX4 HC . 7.60 -23.83 50.58
C23 PX4 HC . 6.84 -22.76 50.95
O8 PX4 HC . 7.42 -21.81 51.47
C24 PX4 HC . 5.33 -22.87 50.84
C25 PX4 HC . 4.89 -23.25 49.42
C26 PX4 HC . 3.36 -23.33 49.25
C27 PX4 HC . 3.13 -23.32 47.74
C28 PX4 HC . 1.80 -23.89 47.26
C29 PX4 HC . 1.90 -23.99 45.73
C30 PX4 HC . 2.11 -22.59 45.15
C31 PX4 HC . 2.22 -22.81 43.65
C32 PX4 HC . 2.40 -21.50 42.90
C33 PX4 HC . 2.17 -21.57 41.40
C34 PX4 HC . 3.26 -22.51 40.88
C35 PX4 HC . 2.94 -22.85 39.42
C36 PX4 HC . 3.96 -23.90 38.97
O1 PX4 IC . -27.67 12.61 56.82
O2 PX4 IC . -30.19 12.56 56.97
P1 PX4 IC . -28.96 12.21 56.23
O3 PX4 IC . -29.12 10.60 56.13
C1 PX4 IC . -28.90 9.90 57.36
C2 PX4 IC . -28.73 8.39 57.16
N1 PX4 IC . -28.09 7.78 55.99
C3 PX4 IC . -28.20 6.32 56.16
C4 PX4 IC . -28.72 8.08 54.68
C5 PX4 IC . -26.69 8.21 55.86
O4 PX4 IC . -28.90 12.56 54.66
C6 PX4 IC . -27.65 12.01 54.24
C7 PX4 IC . -27.49 11.44 52.83
C8 PX4 IC . -28.89 11.31 52.22
O5 PX4 IC . -29.30 10.07 51.64
C9 PX4 IC . -30.65 10.05 51.53
O6 PX4 IC . -31.34 10.90 52.09
C10 PX4 IC . -31.20 8.73 51.01
C11 PX4 IC . -32.16 8.81 49.81
C12 PX4 IC . -32.36 7.39 49.29
C13 PX4 IC . -33.70 7.27 48.57
C14 PX4 IC . -33.87 5.92 47.87
C15 PX4 IC . -35.20 5.85 47.10
C16 PX4 IC . -35.01 6.64 45.81
C17 PX4 IC . -36.30 6.80 45.00
C18 PX4 IC . -36.19 7.51 43.65
C19 PX4 IC . -35.48 6.66 42.58
C20 PX4 IC . -35.44 7.39 41.24
C21 PX4 IC . -36.83 7.98 41.01
C22 PX4 IC . -36.57 8.89 39.81
O7 PX4 IC . -26.71 12.33 52.02
C23 PX4 IC . -25.36 12.22 51.91
O8 PX4 IC . -24.85 11.17 52.28
C24 PX4 IC . -24.61 13.27 51.09
C25 PX4 IC . -25.40 14.03 50.01
C26 PX4 IC . -25.85 13.07 48.93
C27 PX4 IC . -26.23 13.74 47.60
C28 PX4 IC . -26.92 12.83 46.58
C29 PX4 IC . -27.12 13.66 45.31
C30 PX4 IC . -27.66 12.76 44.21
C31 PX4 IC . -27.73 13.54 42.90
C32 PX4 IC . -26.30 13.80 42.42
C33 PX4 IC . -26.34 14.60 41.11
C34 PX4 IC . -24.97 14.82 40.46
C35 PX4 IC . -25.10 15.25 39.01
C36 PX4 IC . -23.73 15.60 38.43
O1 PX4 JC . -26.50 18.06 58.26
O2 PX4 JC . -28.73 18.77 57.11
P1 PX4 JC . -27.48 17.99 57.15
O3 PX4 JC . -28.22 16.61 57.52
C1 PX4 JC . -29.00 16.70 58.71
C2 PX4 JC . -29.17 15.36 59.44
N1 PX4 JC . -27.97 14.77 60.03
C3 PX4 JC . -27.51 15.63 61.14
C4 PX4 JC . -28.48 13.53 60.63
C5 PX4 JC . -26.81 14.51 59.16
O4 PX4 JC . -26.92 17.41 55.76
C6 PX4 JC . -25.79 16.52 55.83
C7 PX4 JC . -25.83 15.34 54.85
C8 PX4 JC . -26.60 15.85 53.63
O5 PX4 JC . -27.90 15.32 53.33
C9 PX4 JC . -28.29 15.61 52.05
O6 PX4 JC . -27.69 16.45 51.39
C10 PX4 JC . -29.67 15.02 51.74
C11 PX4 JC . -29.74 14.58 50.28
C12 PX4 JC . -30.98 13.80 49.83
C13 PX4 JC . -30.82 13.35 48.37
C14 PX4 JC . -30.90 14.54 47.42
C15 PX4 JC . -30.99 13.84 46.06
C16 PX4 JC . -31.23 14.82 44.91
C17 PX4 JC . -31.24 14.08 43.56
C18 PX4 JC . -31.07 14.97 42.33
C19 PX4 JC . -31.54 14.27 41.06
C20 PX4 JC . -32.99 13.83 41.24
C21 PX4 JC . -33.57 13.47 39.87
C22 PX4 JC . -35.08 13.25 39.79
O7 PX4 JC . -24.53 14.83 54.52
C23 PX4 JC . -23.94 13.93 55.36
O8 PX4 JC . -24.15 14.00 56.57
C24 PX4 JC . -22.63 13.30 54.91
C25 PX4 JC . -21.96 13.87 53.65
C26 PX4 JC . -20.75 13.06 53.18
C27 PX4 JC . -20.02 13.45 51.89
C28 PX4 JC . -21.03 13.46 50.75
C29 PX4 JC . -20.05 13.72 49.60
C30 PX4 JC . -20.79 13.86 48.28
C31 PX4 JC . -21.76 12.70 48.01
C32 PX4 JC . -22.13 12.69 46.52
C33 PX4 JC . -22.74 11.34 46.17
C34 PX4 JC . -23.44 11.34 44.81
C35 PX4 JC . -24.09 9.96 44.64
C36 PX4 JC . -25.04 10.02 43.44
O1 PX4 KC . -5.96 6.08 52.30
O2 PX4 KC . -7.65 7.94 51.94
P1 PX4 KC . -7.37 6.50 52.13
O3 PX4 KC . -7.64 6.09 53.66
C1 PX4 KC . -9.04 5.78 53.70
C2 PX4 KC . -9.66 4.96 54.84
N1 PX4 KC . -11.07 4.56 54.78
C3 PX4 KC . -11.32 3.71 55.96
C4 PX4 KC . -12.05 5.64 54.83
C5 PX4 KC . -11.33 3.73 53.59
O4 PX4 KC . -8.33 5.63 51.18
C6 PX4 KC . -8.51 6.35 49.97
C7 PX4 KC . -9.63 5.70 49.12
C8 PX4 KC . -9.82 4.34 49.78
O5 PX4 KC . -9.82 3.25 48.86
C9 PX4 KC . -10.21 2.09 49.45
O6 PX4 KC . -9.89 1.83 50.60
C10 PX4 KC . -10.72 1.03 48.46
C11 PX4 KC . -12.01 1.58 47.85
C12 PX4 KC . -12.43 0.71 46.66
C13 PX4 KC . -13.77 1.26 46.16
C14 PX4 KC . -14.35 0.47 44.99
C15 PX4 KC . -15.22 1.30 44.04
C16 PX4 KC . -14.40 2.40 43.36
C17 PX4 KC . -13.18 1.94 42.57
C18 PX4 KC . -12.53 3.10 41.82
C19 PX4 KC . -13.42 3.78 40.77
C20 PX4 KC . -12.90 5.12 40.28
C21 PX4 KC . -13.50 5.52 38.93
C22 PX4 KC . -13.04 4.81 37.66
O7 PX4 KC . -10.81 6.49 49.02
C23 PX4 KC . -10.87 7.65 48.31
O8 PX4 KC . -9.87 8.20 47.85
C24 PX4 KC . -12.21 8.38 48.42
C25 PX4 KC . -12.50 9.34 47.25
C26 PX4 KC . -12.66 8.54 45.95
C27 PX4 KC . -13.07 9.55 44.87
C28 PX4 KC . -14.54 9.30 44.62
C29 PX4 KC . -15.22 10.27 43.65
C30 PX4 KC . -15.71 9.62 42.35
C31 PX4 KC . -16.43 10.67 41.50
C32 PX4 KC . -16.82 10.19 40.10
C33 PX4 KC . -17.55 11.35 39.41
C34 PX4 KC . -17.80 10.88 37.97
C35 PX4 KC . -19.31 10.96 37.71
C36 PX4 KC . -19.70 10.00 36.58
O1 PX4 LC . -16.42 -7.52 60.25
O2 PX4 LC . -14.74 -9.00 59.03
P1 PX4 LC . -15.93 -8.11 58.98
O3 PX4 LC . -15.62 -6.81 58.07
C1 PX4 LC . -16.41 -5.64 58.27
C2 PX4 LC . -15.67 -4.32 58.03
N1 PX4 LC . -14.69 -3.79 59.00
C3 PX4 LC . -15.22 -3.49 60.33
C4 PX4 LC . -13.60 -4.76 59.17
C5 PX4 LC . -14.14 -2.58 58.38
O4 PX4 LC . -17.03 -8.89 58.11
C6 PX4 LC . -16.31 -8.97 56.86
C7 PX4 LC . -17.10 -9.77 55.84
C8 PX4 LC . -18.30 -8.84 55.60
O5 PX4 LC . -19.36 -9.33 54.79
C9 PX4 LC . -19.38 -8.74 53.56
O6 PX4 LC . -18.89 -7.62 53.44
C10 PX4 LC . -20.50 -9.35 52.70
C11 PX4 LC . -19.98 -9.59 51.28
C12 PX4 LC . -20.95 -10.29 50.32
C13 PX4 LC . -20.19 -10.61 49.02
C14 PX4 LC . -21.08 -11.15 47.91
C15 PX4 LC . -20.19 -10.96 46.67
C16 PX4 LC . -20.76 -11.91 45.62
C17 PX4 LC . -19.99 -11.84 44.30
C18 PX4 LC . -20.49 -12.79 43.21
C19 PX4 LC . -19.32 -13.57 42.60
C20 PX4 LC . -19.86 -14.47 41.48
C21 PX4 LC . -18.68 -15.23 40.86
C22 PX4 LC . -19.12 -16.07 39.65
O7 PX4 LC . -16.35 -10.06 54.66
C23 PX4 LC . -15.42 -11.07 54.74
O8 PX4 LC . -15.48 -11.86 55.67
C24 PX4 LC . -14.63 -11.31 53.46
C25 PX4 LC . -15.10 -12.62 52.83
C26 PX4 LC . -14.55 -12.79 51.41
C27 PX4 LC . -14.97 -11.74 50.38
C28 PX4 LC . -14.74 -12.24 48.96
C29 PX4 LC . -14.89 -11.18 47.86
C30 PX4 LC . -15.17 -11.99 46.59
C31 PX4 LC . -15.40 -11.22 45.29
C32 PX4 LC . -16.13 -12.07 44.25
C33 PX4 LC . -15.70 -11.40 42.93
C34 PX4 LC . -15.79 -12.50 41.86
C35 PX4 LC . -15.97 -11.81 40.50
C36 PX4 LC . -16.43 -12.92 39.55
O1 PX4 MC . 22.83 32.16 45.27
O2 PX4 MC . 24.78 32.24 47.01
P1 PX4 MC . 24.15 31.71 45.77
O3 PX4 MC . 25.26 32.26 44.74
C1 PX4 MC . 25.05 33.61 44.32
C2 PX4 MC . 26.18 34.36 43.64
N1 PX4 MC . 26.06 35.81 43.43
C3 PX4 MC . 27.22 36.46 42.81
C4 PX4 MC . 25.03 36.10 42.41
C5 PX4 MC . 25.76 36.50 44.69
O4 PX4 MC . 24.53 30.15 45.69
C6 PX4 MC . 24.05 29.74 44.41
C7 PX4 MC . 23.80 28.23 44.34
C8 PX4 MC . 22.32 28.03 44.03
O5 PX4 MC . 21.73 28.99 43.14
C9 PX4 MC . 20.82 28.41 42.32
O6 PX4 MC . 20.48 27.25 42.53
C10 PX4 MC . 20.02 29.38 41.45
C11 PX4 MC . 20.74 30.14 40.33
C12 PX4 MC . 21.59 31.29 40.87
C13 PX4 MC . 21.69 32.35 39.78
C14 PX4 MC . 22.62 33.42 40.36
C15 PX4 MC . 22.94 34.54 39.36
C16 PX4 MC . 23.67 33.90 38.17
C17 PX4 MC . 23.81 34.95 37.06
C18 PX4 MC . 24.51 36.13 37.71
C19 PX4 MC . 24.77 37.19 36.62
C20 PX4 MC . 25.77 38.21 37.14
C21 PX4 MC . 26.04 39.21 36.01
C22 PX4 MC . 26.42 38.55 34.68
O7 PX4 MC . 24.63 27.48 43.46
C23 PX4 MC . 24.59 26.12 43.47
O8 PX4 MC . 24.13 25.47 44.40
C24 PX4 MC . 25.46 25.45 42.39
C25 PX4 MC . 24.63 24.48 41.55
C26 PX4 MC . 25.51 23.68 40.59
C27 PX4 MC . 25.91 24.57 39.42
C28 PX4 MC . 26.89 24.01 38.39
C29 PX4 MC . 27.35 25.06 37.39
C30 PX4 MC . 28.38 24.36 36.49
C31 PX4 MC . 29.68 24.09 37.25
C32 PX4 MC . 30.65 23.43 36.27
C33 PX4 MC . 29.89 22.29 35.58
C34 PX4 MC . 30.66 21.86 34.33
C35 PX4 MC . 29.86 20.75 33.65
C36 PX4 MC . 29.71 19.49 34.50
O1 PX4 NC . 7.72 -10.05 47.54
O2 PX4 NC . 6.64 -8.88 49.60
P1 PX4 NC . 6.59 -9.85 48.49
O3 PX4 NC . 6.09 -11.26 49.11
C1 PX4 NC . 5.01 -10.83 49.95
C2 PX4 NC . 4.27 -12.03 50.56
N1 PX4 NC . 3.16 -11.66 51.46
C3 PX4 NC . 2.46 -12.94 51.61
C4 PX4 NC . 3.71 -11.43 52.80
C5 PX4 NC . 2.31 -10.54 51.04
O4 PX4 NC . 5.26 -9.39 47.70
C6 PX4 NC . 5.11 -10.40 46.69
C7 PX4 NC . 4.42 -10.14 45.37
C8 PX4 NC . 3.39 -9.04 45.65
O5 PX4 NC . 2.04 -9.46 45.85
C9 PX4 NC . 1.19 -8.49 45.43
O6 PX4 NC . 1.54 -7.39 45.00
C10 PX4 NC . -0.31 -8.76 45.56
C11 PX4 NC . -0.77 -10.08 44.92
C12 PX4 NC . -0.74 -9.80 43.42
C13 PX4 NC . -1.93 -8.99 42.91
C14 PX4 NC . -1.83 -8.82 41.39
C15 PX4 NC . -3.17 -8.26 40.90
C16 PX4 NC . -2.88 -7.74 39.49
C17 PX4 NC . -3.95 -6.68 39.20
C18 PX4 NC . -4.05 -5.86 40.49
C19 PX4 NC . -5.03 -4.70 40.31
C20 PX4 NC . -4.90 -3.92 41.62
C21 PX4 NC . -5.95 -2.80 41.69
C22 PX4 NC . -5.74 -2.04 43.01
O7 PX4 NC . 5.24 -9.76 44.27
C23 PX4 NC . 6.11 -10.61 43.65
O8 PX4 NC . 6.42 -11.68 44.18
C24 PX4 NC . 6.67 -10.10 42.32
C25 PX4 NC . 8.17 -10.39 42.19
C26 PX4 NC . 8.78 -9.62 41.02
C27 PX4 NC . 10.26 -9.99 41.04
C28 PX4 NC . 10.84 -10.45 39.69
C29 PX4 NC . 12.37 -10.44 39.63
C30 PX4 NC . 12.85 -10.46 38.19
C31 PX4 NC . 12.37 -11.74 37.50
C32 PX4 NC . 13.15 -11.96 36.18
C33 PX4 NC . 12.67 -13.19 35.42
C34 PX4 NC . 13.50 -13.34 34.14
C35 PX4 NC . 13.32 -14.62 33.33
C36 PX4 NC . 13.93 -14.51 31.93
O1 PX4 OC . 1.57 -16.86 55.71
O2 PX4 OC . 2.82 -15.56 53.90
P1 PX4 OC . 1.65 -16.37 54.31
O3 PX4 OC . 0.36 -15.43 54.03
C1 PX4 OC . -0.72 -16.15 54.61
C2 PX4 OC . -2.09 -15.46 54.56
N1 PX4 OC . -2.52 -15.19 53.18
C3 PX4 OC . -2.40 -16.20 52.13
C4 PX4 OC . -3.88 -14.65 53.30
C5 PX4 OC . -1.84 -13.98 52.68
O4 PX4 OC . 1.06 -17.34 53.17
C6 PX4 OC . 1.72 -16.96 51.96
C7 PX4 OC . 1.05 -17.51 50.69
C8 PX4 OC . 0.77 -18.98 51.00
O5 PX4 OC . 0.74 -19.73 49.79
C9 PX4 OC . -0.20 -20.72 49.85
O6 PX4 OC . -0.45 -21.30 50.91
C10 PX4 OC . -0.49 -21.30 48.47
C11 PX4 OC . -1.45 -22.50 48.42
C12 PX4 OC . -1.63 -23.10 47.03
C13 PX4 OC . -2.78 -24.08 47.21
C14 PX4 OC . -3.83 -24.11 46.09
C15 PX4 OC . -3.19 -24.36 44.73
C16 PX4 OC . -4.18 -24.27 43.56
C17 PX4 OC . -4.74 -22.85 43.57
C18 PX4 OC . -5.65 -22.49 42.38
C19 PX4 OC . -6.17 -21.06 42.56
C20 PX4 OC . -7.02 -20.67 41.35
C21 PX4 OC . -7.87 -19.43 41.65
C22 PX4 OC . -8.91 -19.21 40.55
O7 PX4 OC . -0.01 -16.70 50.21
C23 PX4 OC . 0.33 -15.83 49.21
O8 PX4 OC . 1.51 -15.54 49.10
C24 PX4 OC . -0.85 -15.22 48.45
C25 PX4 OC . -0.49 -14.78 47.04
C26 PX4 OC . -1.79 -14.23 46.44
C27 PX4 OC . -1.46 -13.98 44.96
C28 PX4 OC . -2.74 -13.59 44.21
C29 PX4 OC . -2.33 -13.19 42.80
C30 PX4 OC . -1.51 -14.16 41.95
C31 PX4 OC . -1.46 -13.79 40.48
C32 PX4 OC . -0.78 -12.42 40.26
C33 PX4 OC . -0.93 -11.96 38.80
C34 PX4 OC . -2.42 -11.99 38.48
C35 PX4 OC . -2.52 -11.87 36.95
C36 PX4 OC . -3.96 -11.95 36.45
O1 PX4 PC . 9.27 -17.34 51.46
O2 PX4 PC . 11.88 -17.57 51.31
P1 PX4 PC . 10.53 -17.49 50.70
O3 PX4 PC . 10.42 -16.22 49.72
C1 PX4 PC . 11.04 -15.15 50.44
C2 PX4 PC . 10.37 -13.88 49.93
N1 PX4 PC . 11.11 -13.12 48.91
C3 PX4 PC . 11.53 -13.83 47.69
C4 PX4 PC . 10.25 -12.07 48.33
C5 PX4 PC . 12.31 -12.52 49.53
O4 PX4 PC . 10.10 -18.66 49.68
C6 PX4 PC . 8.82 -18.38 49.12
C7 PX4 PC . 8.20 -19.48 48.27
C8 PX4 PC . 9.18 -20.65 48.17
O5 PX4 PC . 9.76 -20.97 46.91
C9 PX4 PC . 10.67 -21.97 46.97
O6 PX4 PC . 11.03 -22.49 48.02
C10 PX4 PC . 11.25 -22.20 45.57
C11 PX4 PC . 10.14 -22.18 44.52
C12 PX4 PC . 10.74 -22.43 43.13
C13 PX4 PC . 11.23 -23.88 43.10
C14 PX4 PC . 11.83 -24.04 41.70
C15 PX4 PC . 12.56 -25.39 41.61
C16 PX4 PC . 13.23 -25.58 40.25
C17 PX4 PC . 12.28 -25.40 39.07
C18 PX4 PC . 11.27 -26.50 38.73
C19 PX4 PC . 10.35 -26.23 37.53
C20 PX4 PC . 9.35 -27.37 37.56
C21 PX4 PC . 8.57 -27.67 36.28
C22 PX4 PC . 7.65 -26.54 35.82
O7 PX4 PC . 6.95 -19.86 48.83
C23 PX4 PC . 5.88 -19.04 48.59
O8 PX4 PC . 6.07 -17.92 48.15
C24 PX4 PC . 4.50 -19.51 49.07
C25 PX4 PC . 3.47 -19.70 47.96
C26 PX4 PC . 3.27 -18.50 47.04
C27 PX4 PC . 1.97 -18.68 46.25
C28 PX4 PC . 1.90 -17.84 44.97
C29 PX4 PC . 2.07 -16.35 45.28
C30 PX4 PC . 1.97 -15.66 43.92
C31 PX4 PC . 2.28 -14.16 43.92
C32 PX4 PC . 2.39 -13.51 42.54
C33 PX4 PC . 2.39 -12.00 42.74
C34 PX4 PC . 2.57 -11.36 41.37
C35 PX4 PC . 2.63 -9.87 41.72
C36 PX4 PC . 3.12 -9.09 40.51
O1 PX4 QC . 15.50 -15.10 47.66
O2 PX4 QC . 14.92 -15.00 50.14
P1 PX4 QC . 14.97 -15.77 48.88
O3 PX4 QC . 15.99 -17.00 49.09
C1 PX4 QC . 16.99 -16.55 49.99
C2 PX4 QC . 18.23 -17.43 50.13
N1 PX4 QC . 18.12 -18.55 51.08
C3 PX4 QC . 16.90 -19.35 50.85
C4 PX4 QC . 19.19 -19.52 50.84
C5 PX4 QC . 18.30 -18.21 52.51
O4 PX4 QC . 13.62 -16.56 48.52
C6 PX4 QC . 13.75 -17.01 47.17
C7 PX4 QC . 12.88 -18.25 46.96
C8 PX4 QC . 11.48 -17.79 46.54
O5 PX4 QC . 11.45 -16.62 45.71
C9 PX4 QC . 10.20 -16.18 45.44
O6 PX4 QC . 9.20 -16.56 46.06
C10 PX4 QC . 10.12 -15.20 44.27
C11 PX4 QC . 8.72 -15.09 43.66
C12 PX4 QC . 8.72 -14.44 42.28
C13 PX4 QC . 7.30 -14.42 41.72
C14 PX4 QC . 7.25 -13.86 40.29
C15 PX4 QC . 5.80 -13.66 39.89
C16 PX4 QC . 5.66 -12.67 38.73
C17 PX4 QC . 4.18 -12.40 38.39
C18 PX4 QC . 4.08 -11.47 37.18
C19 PX4 QC . 2.64 -11.01 36.92
C20 PX4 QC . 2.62 -10.00 35.77
C21 PX4 QC . 3.17 -10.62 34.49
C22 PX4 QC . 2.98 -9.62 33.34
O7 PX4 QC . 13.44 -19.24 46.11
C23 PX4 QC . 14.36 -20.07 46.66
O8 PX4 QC . 14.62 -19.93 47.85
C24 PX4 QC . 14.94 -21.12 45.70
C25 PX4 QC . 15.15 -20.50 44.32
C26 PX4 QC . 15.91 -21.47 43.40
C27 PX4 QC . 16.15 -20.90 42.00
C28 PX4 QC . 14.93 -21.18 41.10
C29 PX4 QC . 14.82 -20.30 39.85
C30 PX4 QC . 13.68 -20.90 39.01
C31 PX4 QC . 13.58 -20.08 37.72
C32 PX4 QC . 12.60 -20.62 36.68
C33 PX4 QC . 11.98 -19.56 35.77
C34 PX4 QC . 11.32 -18.53 36.68
C35 PX4 QC . 10.30 -17.58 36.03
C36 PX4 QC . 9.87 -16.32 36.79
O1 PX4 RC . -4.29 9.60 50.89
O2 PX4 RC . -2.81 9.87 48.79
P1 PX4 RC . -4.15 9.72 49.42
O3 PX4 RC . -4.99 11.05 49.09
C1 PX4 RC . -6.01 11.32 50.07
C2 PX4 RC . -7.06 12.38 49.70
N1 PX4 RC . -7.91 12.35 48.51
C3 PX4 RC . -8.83 13.47 48.69
C4 PX4 RC . -7.07 12.51 47.31
C5 PX4 RC . -8.75 11.15 48.57
O4 PX4 RC . -5.06 8.72 48.55
C6 PX4 RC . -4.67 8.93 47.19
C7 PX4 RC . -5.37 8.02 46.18
C8 PX4 RC . -6.15 7.00 47.02
O5 PX4 RC . -6.36 5.79 46.29
C9 PX4 RC . -6.63 4.75 47.13
O6 PX4 RC . -6.19 4.84 48.27
C10 PX4 RC . -7.03 3.43 46.46
C11 PX4 RC . -5.84 2.80 45.74
C12 PX4 RC . -6.40 1.70 44.82
C13 PX4 RC . -6.93 2.34 43.53
C14 PX4 RC . -7.48 1.33 42.53
C15 PX4 RC . -8.00 2.05 41.30
C16 PX4 RC . -9.00 1.16 40.55
C17 PX4 RC . -9.79 2.04 39.57
C18 PX4 RC . -10.43 1.35 38.36
C19 PX4 RC . -9.75 1.85 37.07
C20 PX4 RC . -10.44 1.05 35.97
C21 PX4 RC . -10.06 1.52 34.56
C22 PX4 RC . -11.04 0.95 33.54
O7 PX4 RC . -6.09 8.66 45.14
C23 PX4 RC . -5.41 9.17 44.07
O8 PX4 RC . -4.20 9.29 44.20
C24 PX4 RC . -6.17 9.97 43.02
C25 PX4 RC . -5.30 10.34 41.82
C26 PX4 RC . -6.07 11.18 40.80
C27 PX4 RC . -5.17 11.38 39.59
C28 PX4 RC . -4.79 10.16 38.73
C29 PX4 RC . -3.99 10.63 37.50
C30 PX4 RC . -4.37 9.61 36.42
C31 PX4 RC . -3.65 9.88 35.10
C32 PX4 RC . -3.76 11.28 34.50
C33 PX4 RC . -3.18 11.21 33.09
C34 PX4 RC . -3.19 12.59 32.42
C35 PX4 RC . -2.23 12.60 31.23
C36 PX4 RC . -0.76 12.35 31.57
O1 PX4 SC . -9.59 0.98 56.09
O2 PX4 SC . -7.97 -0.66 54.88
P1 PX4 SC . -8.78 0.58 54.92
O3 PX4 SC . -8.01 1.89 54.39
C1 PX4 SC . -7.30 1.47 53.22
C2 PX4 SC . -6.49 2.57 52.56
N1 PX4 SC . -5.71 2.26 51.35
C3 PX4 SC . -5.04 3.52 51.02
C4 PX4 SC . -4.68 1.24 51.64
C5 PX4 SC . -6.58 1.84 50.23
O4 PX4 SC . -9.79 0.37 53.67
C6 PX4 SC . -10.16 -1.00 53.53
C7 PX4 SC . -11.13 -1.17 52.36
C8 PX4 SC . -11.90 0.14 52.26
O5 PX4 SC . -13.28 -0.08 51.96
C9 PX4 SC . -13.85 0.97 51.32
O6 PX4 SC . -13.18 1.94 50.96
C10 PX4 SC . -15.31 0.71 50.98
C11 PX4 SC . -15.61 1.45 49.68
C12 PX4 SC . -16.88 0.88 49.06
C13 PX4 SC . -17.37 1.70 47.87
C14 PX4 SC . -18.06 0.84 46.80
C15 PX4 SC . -19.12 -0.03 47.49
C16 PX4 SC . -19.91 -0.90 46.51
C17 PX4 SC . -19.14 -1.89 45.63
C18 PX4 SC . -20.02 -2.70 44.68
C19 PX4 SC . -20.40 -1.99 43.37
C20 PX4 SC . -21.22 -2.91 42.46
C21 PX4 SC . -21.54 -2.23 41.13
C22 PX4 SC . -22.50 -3.04 40.25
O7 PX4 SC . -10.44 -1.66 51.20
C23 PX4 SC . -10.35 -3.01 51.10
O8 PX4 SC . -10.51 -3.72 52.10
C24 PX4 SC . -9.82 -3.61 49.80
C25 PX4 SC . -10.63 -4.88 49.60
C26 PX4 SC . -11.29 -4.64 48.23
C27 PX4 SC . -12.24 -3.43 48.23
C28 PX4 SC . -13.57 -3.99 47.72
C29 PX4 SC . -14.61 -2.87 47.59
C30 PX4 SC . -15.70 -3.30 46.61
C31 PX4 SC . -15.09 -3.55 45.23
C32 PX4 SC . -16.09 -4.21 44.28
C33 PX4 SC . -15.55 -4.23 42.84
C34 PX4 SC . -16.83 -4.33 42.03
C35 PX4 SC . -16.27 -4.46 40.61
C36 PX4 SC . -17.30 -4.59 39.49
O1 PX4 TC . -15.96 -1.10 56.31
O2 PX4 TC . -16.89 -0.60 58.59
P1 PX4 TC . -17.12 -0.69 57.12
O3 PX4 TC . -18.17 -1.89 56.89
C1 PX4 TC . -19.34 -1.33 57.49
C2 PX4 TC . -20.53 -2.29 57.39
N1 PX4 TC . -21.37 -2.38 56.19
C3 PX4 TC . -20.74 -3.22 55.15
C4 PX4 TC . -22.69 -2.93 56.51
C5 PX4 TC . -21.61 -1.02 55.67
O4 PX4 TC . -17.83 0.66 56.61
C6 PX4 TC . -16.69 1.39 56.16
C7 PX4 TC . -16.85 1.73 54.67
C8 PX4 TC . -18.01 0.92 54.09
O5 PX4 TC . -17.65 -0.28 53.38
C9 PX4 TC . -18.55 -1.17 52.89
O6 PX4 TC . -19.73 -0.85 53.01
C10 PX4 TC . -17.99 -2.29 52.00
C11 PX4 TC . -19.07 -3.03 51.21
C12 PX4 TC . -18.57 -3.83 50.01
C13 PX4 TC . -19.67 -4.11 49.00
C14 PX4 TC . -19.92 -5.61 48.85
C15 PX4 TC . -21.17 -5.88 48.01
C16 PX4 TC . -21.32 -7.35 47.58
C17 PX4 TC . -22.41 -7.54 46.53
C18 PX4 TC . -21.96 -7.08 45.14
C19 PX4 TC . -22.90 -7.29 43.95
C20 PX4 TC . -22.38 -6.77 42.61
C21 PX4 TC . -23.35 -7.02 41.44
C22 PX4 TC . -23.52 -8.48 40.99
O7 PX4 TC . -16.80 3.14 54.44
C23 PX4 TC . -15.71 3.73 53.89
O8 PX4 TC . -14.61 3.16 53.84
C24 PX4 TC . -15.89 5.22 53.63
C25 PX4 TC . -15.53 5.73 52.24
C26 PX4 TC . -16.32 4.91 51.22
C27 PX4 TC . -15.99 5.16 49.74
C28 PX4 TC . -14.50 5.14 49.41
C29 PX4 TC . -14.23 4.99 47.91
C30 PX4 TC . -14.95 5.95 46.97
C31 PX4 TC . -14.85 5.57 45.50
C32 PX4 TC . -16.25 5.40 44.89
C33 PX4 TC . -16.26 5.27 43.37
C34 PX4 TC . -17.67 4.96 42.90
C35 PX4 TC . -17.97 4.69 41.43
C36 PX4 TC . -17.69 5.94 40.61
O1 PX4 UC . -11.27 -11.37 59.66
O2 PX4 UC . -11.48 -12.41 57.32
P1 PX4 UC . -10.74 -11.57 58.30
O3 PX4 UC . -9.14 -11.81 58.38
C1 PX4 UC . -9.04 -12.67 59.52
C2 PX4 UC . -7.58 -13.07 59.77
N1 PX4 UC . -7.19 -13.45 61.14
C3 PX4 UC . -6.70 -12.22 61.79
C4 PX4 UC . -8.16 -14.06 62.06
C5 PX4 UC . -6.12 -14.45 61.06
O4 PX4 UC . -10.76 -10.24 57.42
C6 PX4 UC . -12.10 -9.78 57.22
C7 PX4 UC . -12.09 -8.97 55.93
C8 PX4 UC . -11.47 -9.84 54.83
O5 PX4 UC . -11.19 -9.12 53.63
C9 PX4 UC . -10.78 -9.97 52.65
O6 PX4 UC . -10.92 -11.19 52.76
C10 PX4 UC . -10.52 -9.19 51.36
C11 PX4 UC . -11.56 -9.35 50.24
C12 PX4 UC . -11.11 -8.49 49.05
C13 PX4 UC . -12.31 -8.50 48.09
C14 PX4 UC . -12.10 -7.79 46.76
C15 PX4 UC . -13.53 -7.64 46.23
C16 PX4 UC . -13.46 -7.27 44.76
C17 PX4 UC . -12.61 -8.31 44.02
C18 PX4 UC . -12.63 -8.20 42.50
C19 PX4 UC . -11.88 -9.40 41.93
C20 PX4 UC . -11.87 -9.26 40.40
C21 PX4 UC . -11.25 -10.46 39.68
C22 PX4 UC . -12.18 -11.68 39.71
O7 PX4 UC . -13.36 -8.38 55.64
C23 PX4 UC . -13.37 -7.24 54.89
O8 PX4 UC . -12.62 -6.30 55.15
C24 PX4 UC . -14.69 -7.10 54.13
C25 PX4 UC . -14.64 -7.33 52.61
C26 PX4 UC . -15.99 -7.57 51.96
C27 PX4 UC . -15.81 -7.59 50.44
C28 PX4 UC . -17.07 -7.94 49.66
C29 PX4 UC . -16.64 -7.51 48.27
C30 PX4 UC . -17.71 -7.69 47.19
C31 PX4 UC . -17.22 -7.68 45.74
C32 PX4 UC . -18.40 -7.43 44.80
C33 PX4 UC . -18.07 -7.69 43.32
C34 PX4 UC . -19.15 -8.48 42.57
C35 PX4 UC . -18.96 -8.65 41.07
C36 PX4 UC . -19.65 -9.93 40.61
O1 PX4 VC . -4.82 -17.67 54.59
O2 PX4 VC . -6.70 -15.92 54.84
P1 PX4 VC . -6.16 -17.17 54.25
O3 PX4 VC . -7.26 -18.36 54.19
C1 PX4 VC . -7.28 -18.96 55.48
C2 PX4 VC . -7.89 -20.35 55.59
N1 PX4 VC . -7.53 -21.46 54.70
C3 PX4 VC . -8.53 -21.62 53.63
C4 PX4 VC . -6.13 -21.46 54.27
C5 PX4 VC . -7.62 -22.70 55.48
O4 PX4 VC . -6.14 -17.08 52.64
C6 PX4 VC . -5.63 -18.33 52.19
C7 PX4 VC . -6.07 -18.74 50.79
C8 PX4 VC . -7.52 -18.25 50.77
O5 PX4 VC . -8.46 -19.32 50.91
C9 PX4 VC . -9.74 -18.89 50.95
O6 PX4 VC . -9.97 -17.69 51.06
C10 PX4 VC . -10.80 -19.97 50.70
C11 PX4 VC . -10.87 -20.43 49.25
C12 PX4 VC . -11.77 -21.65 49.00
C13 PX4 VC . -11.79 -22.01 47.50
C14 PX4 VC . -12.39 -20.95 46.60
C15 PX4 VC . -12.39 -21.44 45.15
C16 PX4 VC . -10.97 -21.83 44.77
C17 PX4 VC . -11.01 -22.15 43.28
C18 PX4 VC . -9.81 -23.00 42.83
C19 PX4 VC . -9.98 -23.83 41.55
C20 PX4 VC . -8.60 -24.43 41.23
C21 PX4 VC . -8.29 -25.43 42.35
C22 PX4 VC . -6.94 -26.06 42.02
O7 PX4 VC . -5.30 -18.04 49.80
C23 PX4 VC . -4.05 -18.42 49.43
O8 PX4 VC . -3.30 -18.85 50.30
C24 PX4 VC . -3.57 -18.04 48.02
C25 PX4 VC . -2.29 -18.64 47.44
C26 PX4 VC . -2.30 -18.38 45.93
C27 PX4 VC . -3.11 -19.39 45.11
C28 PX4 VC . -3.10 -18.87 43.67
C29 PX4 VC . -1.68 -18.67 43.15
C30 PX4 VC . -1.68 -18.37 41.66
C31 PX4 VC . -0.25 -17.96 41.27
C32 PX4 VC . -0.35 -17.43 39.84
C33 PX4 VC . 0.91 -16.73 39.34
C34 PX4 VC . 0.78 -16.11 37.94
C35 PX4 VC . 2.14 -15.55 37.51
C36 PX4 VC . 3.11 -16.72 37.57
O1 PX4 WC . 18.13 -7.53 48.25
O2 PX4 WC . 18.35 -5.73 46.41
P1 PX4 WC . 18.46 -7.14 46.86
O3 PX4 WC . 17.59 -7.94 45.76
C1 PX4 WC . 17.47 -9.31 46.14
C2 PX4 WC . 16.61 -10.17 45.20
N1 PX4 WC . 15.23 -9.82 44.84
C3 PX4 WC . 15.27 -8.63 43.98
C4 PX4 WC . 14.49 -10.71 43.95
C5 PX4 WC . 14.31 -9.66 45.98
O4 PX4 WC . 19.90 -7.83 46.61
C6 PX4 WC . 20.40 -7.20 45.44
C7 PX4 WC . 21.77 -7.72 44.99
C8 PX4 WC . 21.36 -9.11 44.50
O5 PX4 WC . 20.20 -9.18 43.67
C9 PX4 WC . 19.75 -10.45 43.44
O6 PX4 WC . 19.55 -11.18 44.41
C10 PX4 WC . 18.97 -10.65 42.15
C11 PX4 WC . 19.92 -11.33 41.17
C12 PX4 WC . 20.14 -12.78 41.60
C13 PX4 WC . 21.25 -13.43 40.77
C14 PX4 WC . 21.20 -14.96 40.79
C15 PX4 WC . 21.94 -15.73 39.68
C16 PX4 WC . 21.53 -15.17 38.32
C17 PX4 WC . 21.98 -15.97 37.10
C18 PX4 WC . 21.66 -17.46 37.17
C19 PX4 WC . 22.10 -18.33 35.99
C20 PX4 WC . 21.89 -19.84 36.08
C21 PX4 WC . 22.36 -20.50 34.78
C22 PX4 WC . 21.52 -21.77 34.59
O7 PX4 WC . 22.54 -6.93 44.08
C23 PX4 WC . 23.84 -7.20 43.78
O8 PX4 WC . 24.53 -8.05 44.34
C24 PX4 WC . 24.42 -6.39 42.62
C25 PX4 WC . 24.96 -7.28 41.49
C26 PX4 WC . 23.73 -7.92 40.84
C27 PX4 WC . 24.18 -8.80 39.66
C28 PX4 WC . 23.39 -10.11 39.69
C29 PX4 WC . 23.49 -11.06 38.49
C30 PX4 WC . 24.89 -11.68 38.54
C31 PX4 WC . 25.27 -12.57 37.36
C32 PX4 WC . 26.58 -13.27 37.73
C33 PX4 WC . 27.28 -14.00 36.58
C34 PX4 WC . 26.43 -15.18 36.13
C35 PX4 WC . 27.18 -16.01 35.09
C36 PX4 WC . 26.27 -17.13 34.59
O1 PX4 XC . 17.22 -11.48 48.79
O2 PX4 XC . 18.40 -13.58 49.66
P1 PX4 XC . 18.32 -12.45 48.72
O3 PX4 XC . 19.56 -11.45 49.02
C1 PX4 XC . 19.31 -10.79 50.27
C2 PX4 XC . 20.59 -10.35 51.00
N1 PX4 XC . 21.73 -11.26 51.16
C3 PX4 XC . 22.77 -10.94 50.17
C4 PX4 XC . 22.22 -10.96 52.50
C5 PX4 XC . 21.38 -12.70 51.05
O4 PX4 XC . 18.59 -12.98 47.21
C6 PX4 XC . 19.53 -14.05 47.14
C7 PX4 XC . 19.65 -14.70 45.77
C8 PX4 XC . 18.46 -14.11 45.01
O5 PX4 XC . 17.36 -15.01 44.96
C9 PX4 XC . 16.26 -14.35 44.51
O6 PX4 XC . 16.45 -13.32 43.88
C10 PX4 XC . 14.89 -15.03 44.40
C11 PX4 XC . 14.81 -15.55 42.96
C12 PX4 XC . 13.40 -15.98 42.55
C13 PX4 XC . 13.32 -16.29 41.06
C14 PX4 XC . 11.93 -16.72 40.60
C15 PX4 XC . 11.59 -18.11 41.16
C16 PX4 XC . 10.41 -18.82 40.50
C17 PX4 XC . 9.13 -17.99 40.42
C18 PX4 XC . 8.19 -19.11 39.99
C19 PX4 XC . 7.04 -18.40 39.27
C20 PX4 XC . 6.01 -19.46 38.88
C21 PX4 XC . 5.83 -19.53 37.36
C22 PX4 XC . 4.73 -20.56 37.09
O7 PX4 XC . 20.87 -14.48 45.06
C23 PX4 XC . 22.00 -15.18 45.27
O8 PX4 XC . 22.06 -15.96 46.22
C24 PX4 XC . 23.25 -14.63 44.57
C25 PX4 XC . 23.39 -13.11 44.63
C26 PX4 XC . 24.27 -12.51 43.54
C27 PX4 XC . 25.71 -13.01 43.50
C28 PX4 XC . 26.59 -12.33 42.45
C29 PX4 XC . 28.03 -12.88 42.43
C30 PX4 XC . 28.08 -14.22 41.70
C31 PX4 XC . 29.52 -14.62 41.43
C32 PX4 XC . 29.44 -16.01 40.80
C33 PX4 XC . 30.80 -16.54 40.32
C34 PX4 XC . 30.70 -17.88 39.57
C35 PX4 XC . 29.54 -17.73 38.59
C36 PX4 XC . 29.43 -18.97 37.71
O1 PX4 YC . -17.38 14.25 54.38
O2 PX4 YC . -15.93 12.07 54.35
P1 PX4 YC . -16.28 13.42 53.85
O3 PX4 YC . -14.80 14.00 54.13
C1 PX4 YC . -14.48 13.85 55.52
C2 PX4 YC . -12.99 13.86 55.82
N1 PX4 YC . -12.30 12.56 55.94
C3 PX4 YC . -11.01 13.08 56.43
C4 PX4 YC . -12.91 11.56 56.82
C5 PX4 YC . -12.13 12.04 54.58
O4 PX4 YC . -16.23 13.36 52.24
C6 PX4 YC . -15.06 12.68 51.81
C7 PX4 YC . -15.06 12.14 50.37
C8 PX4 YC . -16.56 11.96 50.13
O5 PX4 YC . -16.96 10.90 49.26
C9 PX4 YC . -16.44 9.66 49.02
O6 PX4 YC . -15.55 9.29 49.78
C10 PX4 YC . -17.28 8.68 48.20
C11 PX4 YC . -17.64 9.27 46.84
C12 PX4 YC . -18.56 8.38 46.02
C13 PX4 YC . -19.00 9.14 44.76
C14 PX4 YC . -20.10 8.36 44.04
C15 PX4 YC . -20.23 8.87 42.59
C16 PX4 YC . -21.31 8.13 41.82
C17 PX4 YC . -21.42 8.54 40.35
C18 PX4 YC . -22.57 7.91 39.55
C19 PX4 YC . -22.59 6.37 39.53
C20 PX4 YC . -23.51 5.70 38.50
C21 PX4 YC . -23.53 4.17 38.56
C22 PX4 YC . -24.41 3.63 37.44
O7 PX4 YC . -14.41 13.03 49.47
C23 PX4 YC . -13.07 13.17 49.32
O8 PX4 YC . -12.26 12.57 50.02
C24 PX4 YC . -12.59 14.23 48.33
C25 PX4 YC . -12.88 13.73 46.91
C26 PX4 YC . -12.78 14.96 46.01
C27 PX4 YC . -13.19 14.72 44.55
C28 PX4 YC . -12.32 13.58 44.02
C29 PX4 YC . -12.83 13.03 42.70
C30 PX4 YC . -11.77 12.12 42.08
C31 PX4 YC . -12.46 11.24 41.04
C32 PX4 YC . -11.54 10.11 40.54
C33 PX4 YC . -12.32 9.39 39.44
C34 PX4 YC . -12.84 10.38 38.38
C35 PX4 YC . -13.53 9.52 37.32
C36 PX4 YC . -13.70 10.35 36.05
O1 PX4 ZC . -12.24 25.19 53.09
O2 PX4 ZC . -14.74 24.71 52.99
P1 PX4 ZC . -13.35 24.32 52.64
O3 PX4 ZC . -12.95 22.82 53.05
C1 PX4 ZC . -13.88 21.88 52.51
C2 PX4 ZC . -13.50 20.41 52.60
N1 PX4 ZC . -12.44 20.02 51.65
C3 PX4 ZC . -12.12 18.59 51.72
C4 PX4 ZC . -12.78 20.24 50.23
C5 PX4 ZC . -11.15 20.67 51.87
O4 PX4 ZC . -13.33 24.17 51.04
C6 PX4 ZC . -14.26 25.16 50.57
C7 PX4 ZC . -14.50 25.02 49.06
C8 PX4 ZC . -15.42 23.80 49.01
O5 PX4 ZC . -14.81 22.90 48.08
C9 PX4 ZC . -15.50 21.79 47.72
O6 PX4 ZC . -16.51 21.44 48.32
C10 PX4 ZC . -14.86 20.99 46.59
C11 PX4 ZC . -15.97 20.31 45.79
C12 PX4 ZC . -15.56 19.57 44.51
C13 PX4 ZC . -14.53 18.49 44.83
C14 PX4 ZC . -14.15 17.85 43.50
C15 PX4 ZC . -15.40 17.35 42.77
C16 PX4 ZC . -15.12 16.39 41.61
C17 PX4 ZC . -16.34 15.51 41.31
C18 PX4 ZC . -15.86 14.61 40.17
C19 PX4 ZC . -15.19 15.45 39.07
C20 PX4 ZC . -14.55 14.43 38.14
C21 PX4 ZC . -13.99 15.13 36.90
C22 PX4 ZC . -15.07 15.68 35.96
O7 PX4 ZC . -15.16 26.16 48.51
C23 PX4 ZC . -14.59 27.38 48.25
O8 PX4 ZC . -13.80 27.86 49.07
C24 PX4 ZC . -15.38 28.20 47.26
C25 PX4 ZC . -14.58 29.08 46.28
C26 PX4 ZC . -15.51 29.49 45.14
C27 PX4 ZC . -16.78 30.20 45.63
C28 PX4 ZC . -17.46 30.61 44.33
C29 PX4 ZC . -18.66 31.51 44.68
C30 PX4 ZC . -19.61 31.73 43.51
C31 PX4 ZC . -20.82 32.62 43.78
C32 PX4 ZC . -21.95 32.73 42.76
C33 PX4 ZC . -23.08 33.46 43.48
C34 PX4 ZC . -24.28 33.09 42.62
C35 PX4 ZC . -25.53 33.81 43.12
C36 PX4 ZC . -26.72 33.38 42.25
O1 PX4 AD . -9.00 24.78 51.45
O2 PX4 AD . -8.48 22.40 50.66
P1 PX4 AD . -8.77 23.82 50.35
O3 PX4 AD . -7.58 24.52 49.51
C1 PX4 AD . -6.40 24.45 50.30
C2 PX4 AD . -5.09 24.79 49.59
N1 PX4 AD . -4.68 24.17 48.32
C3 PX4 AD . -4.41 22.73 48.28
C4 PX4 AD . -5.61 24.47 47.22
C5 PX4 AD . -3.43 24.87 48.03
O4 PX4 AD . -10.03 23.97 49.36
C6 PX4 AD . -9.67 23.01 48.37
C7 PX4 AD . -10.77 22.71 47.34
C8 PX4 AD . -11.11 24.09 46.78
O5 PX4 AD . -12.39 24.21 46.13
C9 PX4 AD . -12.77 25.36 45.51
O6 PX4 AD . -12.18 26.42 45.69
C10 PX4 AD . -14.05 25.17 44.68
C11 PX4 AD . -14.13 23.90 43.84
C12 PX4 AD . -13.00 23.61 42.86
C13 PX4 AD . -13.35 22.36 42.05
C14 PX4 AD . -12.40 22.09 40.89
C15 PX4 AD . -12.81 20.78 40.19
C16 PX4 AD . -12.01 20.68 38.89
C17 PX4 AD . -12.34 19.37 38.18
C18 PX4 AD . -11.36 19.21 37.02
C19 PX4 AD . -11.41 17.81 36.38
C20 PX4 AD . -10.18 17.56 35.51
C21 PX4 AD . -10.12 16.04 35.31
C22 PX4 AD . -8.63 15.87 34.99
O7 PX4 AD . -10.33 21.87 46.28
C23 PX4 AD . -10.77 20.59 46.38
O8 PX4 AD . -11.39 20.22 47.37
C24 PX4 AD . -10.14 19.72 45.28
C25 PX4 AD . -11.10 19.80 44.10
C26 PX4 AD . -10.64 19.13 42.79
C27 PX4 AD . -10.66 17.62 42.99
C28 PX4 AD . -10.00 16.72 41.95
C29 PX4 AD . -10.77 16.88 40.64
C30 PX4 AD . -9.77 16.25 39.66
C31 PX4 AD . -9.79 14.73 39.47
C32 PX4 AD . -8.61 14.34 38.57
C33 PX4 AD . -8.56 12.85 38.24
C34 PX4 AD . -9.84 12.32 37.60
C35 PX4 AD . -9.50 10.91 37.10
C36 PX4 AD . -9.58 10.86 35.58
O1 PX4 BD . -1.40 -1.38 50.46
O2 PX4 BD . -3.78 -2.29 50.70
P1 PX4 BD . -2.63 -1.92 49.83
O3 PX4 BD . -2.27 -3.13 48.83
C1 PX4 BD . -0.89 -3.37 48.60
C2 PX4 BD . -0.30 -3.02 47.24
N1 PX4 BD . 1.12 -3.35 47.05
C3 PX4 BD . 1.30 -4.75 46.63
C4 PX4 BD . 1.63 -2.55 45.93
C5 PX4 BD . 1.97 -3.04 48.20
O4 PX4 BD . -3.11 -1.00 48.60
C6 PX4 BD . -4.40 -1.50 48.25
C7 PX4 BD . -4.93 -0.86 46.97
C8 PX4 BD . -3.84 -0.98 45.90
O5 PX4 BD . -3.11 0.24 45.70
C9 PX4 BD . -1.97 0.18 44.98
O6 PX4 BD . -1.36 -0.89 44.98
C10 PX4 BD . -1.19 1.48 44.72
C11 PX4 BD . -1.88 2.15 43.53
C12 PX4 BD . -2.13 1.30 42.28
C13 PX4 BD . -2.89 2.15 41.27
C14 PX4 BD . -3.76 1.24 40.39
C15 PX4 BD . -4.40 1.98 39.22
C16 PX4 BD . -5.38 1.20 38.33
C17 PX4 BD . -5.82 2.13 37.19
C18 PX4 BD . -6.37 3.42 37.81
C19 PX4 BD . -6.43 4.46 36.69
C20 PX4 BD . -7.32 5.67 36.98
C21 PX4 BD . -8.76 5.24 37.26
C22 PX4 BD . -9.59 6.39 37.82
O7 PX4 BD . -6.19 -1.41 46.57
C23 PX4 BD . -7.36 -1.16 47.22
O8 PX4 BD . -7.31 -0.84 48.41
C24 PX4 BD . -8.56 -1.88 46.62
C25 PX4 BD . -8.99 -1.48 45.21
C26 PX4 BD . -10.02 -2.41 44.60
C27 PX4 BD . -10.30 -1.94 43.17
C28 PX4 BD . -11.73 -1.91 42.64
C29 PX4 BD . -11.87 -1.38 41.21
C30 PX4 BD . -13.28 -1.22 40.66
C31 PX4 BD . -13.14 -1.00 39.15
C32 PX4 BD . -14.54 -1.28 38.57
C33 PX4 BD . -15.65 -0.58 39.38
C34 PX4 BD . -17.06 -1.03 39.00
C35 PX4 BD . -18.13 -0.27 39.78
C36 PX4 BD . -17.84 -0.41 41.27
O1 PX4 CD . 0.63 2.54 51.54
O2 PX4 CD . 3.18 2.70 51.63
P1 PX4 CD . 1.89 3.18 51.09
O3 PX4 CD . 1.91 4.75 51.45
C1 PX4 CD . 1.75 4.83 52.87
C2 PX4 CD . 1.80 6.26 53.42
N1 PX4 CD . 0.71 7.23 53.35
C3 PX4 CD . 0.45 7.51 51.94
C4 PX4 CD . -0.54 6.76 53.95
C5 PX4 CD . 1.13 8.45 54.07
O4 PX4 CD . 1.78 3.41 49.50
C6 PX4 CD . 0.53 4.00 49.18
C7 PX4 CD . 0.34 4.66 47.81
C8 PX4 CD . 1.64 4.22 47.13
O5 PX4 CD . 1.64 4.65 45.76
C9 PX4 CD . 2.49 3.93 44.98
O6 PX4 CD . 3.03 2.89 45.37
C10 PX4 CD . 2.51 4.44 43.54
C11 PX4 CD . 1.15 4.79 42.92
C12 PX4 CD . 1.29 5.46 41.56
C13 PX4 CD . 2.08 6.78 41.55
C14 PX4 CD . 2.39 7.32 40.15
C15 PX4 CD . 3.11 8.66 40.21
C16 PX4 CD . 3.58 9.10 38.82
C17 PX4 CD . 4.47 8.04 38.17
C18 PX4 CD . 4.77 8.33 36.70
C19 PX4 CD . 5.38 7.09 36.04
C20 PX4 CD . 5.66 7.32 34.56
C21 PX4 CD . 6.14 6.02 33.92
C22 PX4 CD . 7.45 5.67 34.63
O7 PX4 CD . -0.79 4.26 47.04
C23 PX4 CD . -1.82 5.15 47.08
O8 PX4 CD . -1.86 6.08 47.90
C24 PX4 CD . -2.91 4.96 46.03
C25 PX4 CD . -2.65 5.77 44.77
C26 PX4 CD . -3.68 5.62 43.64
C27 PX4 CD . -3.17 6.08 42.28
C28 PX4 CD . -4.16 5.72 41.18
C29 PX4 CD . -5.55 6.08 41.69
C30 PX4 CD . -6.66 5.74 40.70
C31 PX4 CD . -7.78 6.72 41.06
C32 PX4 CD . -8.09 6.54 42.56
C33 PX4 CD . -9.23 7.48 43.01
C34 PX4 CD . -9.60 6.98 44.41
C35 PX4 CD . -10.09 5.56 44.18
C36 PX4 CD . -10.59 4.75 45.38
O1 PX4 DD . -7.43 -11.51 54.83
O2 PX4 DD . -5.35 -10.24 53.78
P1 PX4 DD . -6.77 -10.66 53.81
O3 PX4 DD . -7.63 -9.30 53.96
C1 PX4 DD . -7.56 -8.90 55.33
C2 PX4 DD . -8.25 -7.56 55.63
N1 PX4 DD . -7.96 -6.40 54.79
C3 PX4 DD . -6.51 -6.30 54.53
C4 PX4 DD . -8.69 -6.41 53.51
C5 PX4 DD . -8.34 -5.17 55.49
O4 PX4 DD . -7.08 -11.01 52.27
C6 PX4 DD . -7.09 -9.83 51.47
C7 PX4 DD . -7.01 -10.34 50.03
C8 PX4 DD . -7.81 -11.64 49.90
O5 PX4 DD . -6.93 -12.71 49.57
C9 PX4 DD . -7.60 -13.86 49.31
O6 PX4 DD . -8.71 -14.16 49.73
C10 PX4 DD . -6.91 -14.88 48.40
C11 PX4 DD . -6.98 -14.56 46.91
C12 PX4 DD . -6.10 -15.53 46.11
C13 PX4 DD . -6.29 -15.34 44.60
C14 PX4 DD . -5.62 -16.39 43.72
C15 PX4 DD . -5.24 -15.70 42.41
C16 PX4 DD . -4.89 -16.69 41.29
C17 PX4 DD . -4.72 -15.97 39.94
C18 PX4 DD . -4.35 -17.07 38.94
C19 PX4 DD . -4.17 -16.48 37.54
C20 PX4 DD . -4.12 -17.53 36.43
C21 PX4 DD . -4.03 -16.92 35.03
C22 PX4 DD . -5.36 -16.36 34.52
O7 PX4 DD . -7.73 -9.36 49.26
C23 PX4 DD . -7.12 -8.19 48.96
O8 PX4 DD . -6.28 -7.77 49.75
C24 PX4 DD . -7.99 -7.29 48.08
C25 PX4 DD . -7.64 -7.70 46.65
C26 PX4 DD . -8.05 -6.77 45.52
C27 PX4 DD . -7.65 -7.30 44.14
C28 PX4 DD . -8.14 -6.39 43.02
C29 PX4 DD . -7.93 -7.06 41.65
C30 PX4 DD . -8.43 -6.39 40.38
C31 PX4 DD . -8.32 -7.28 39.14
C32 PX4 DD . -8.74 -6.35 37.99
C33 PX4 DD . -8.64 -7.23 36.74
C34 PX4 DD . -8.64 -6.47 35.40
C35 PX4 DD . -10.06 -6.10 34.98
C36 PX4 DD . -9.95 -5.31 33.66
O1 PX4 ED . 8.51 -5.27 49.60
O2 PX4 ED . 9.39 -7.71 49.18
P1 PX4 ED . 9.05 -6.33 48.74
O3 PX4 ED . 10.55 -5.80 48.50
C1 PX4 ED . 11.23 -5.96 49.76
C2 PX4 ED . 12.18 -4.84 50.19
N1 PX4 ED . 12.75 -4.83 51.54
C3 PX4 ED . 13.55 -3.61 51.64
C4 PX4 ED . 11.60 -4.83 52.47
C5 PX4 ED . 13.59 -6.02 51.72
O4 PX4 ED . 8.53 -6.34 47.21
C6 PX4 ED . 9.27 -7.39 46.57
C7 PX4 ED . 9.16 -7.28 45.04
C8 PX4 ED . 7.76 -6.68 44.85
O5 PX4 ED . 7.08 -7.18 43.70
C9 PX4 ED . 5.93 -6.50 43.41
O6 PX4 ED . 5.46 -5.72 44.24
C10 PX4 ED . 5.13 -6.80 42.15
C11 PX4 ED . 6.07 -6.58 40.96
C12 PX4 ED . 5.48 -6.82 39.57
C13 PX4 ED . 6.69 -7.30 38.75
C14 PX4 ED . 6.17 -7.45 37.32
C15 PX4 ED . 5.87 -6.11 36.65
C16 PX4 ED . 7.09 -5.23 36.42
C17 PX4 ED . 6.73 -3.75 36.24
C18 PX4 ED . 7.96 -2.93 35.83
C19 PX4 ED . 7.64 -1.48 35.44
C20 PX4 ED . 8.82 -0.83 34.72
C21 PX4 ED . 8.47 0.64 34.48
C22 PX4 ED . 9.57 1.49 33.85
O7 PX4 ED . 10.20 -6.48 44.50
C23 PX4 ED . 11.23 -7.20 43.98
O8 PX4 ED . 11.50 -8.37 44.26
C24 PX4 ED . 12.20 -6.40 43.11
C25 PX4 ED . 12.89 -7.29 42.09
C26 PX4 ED . 13.86 -6.41 41.30
C27 PX4 ED . 14.41 -7.33 40.22
C28 PX4 ED . 15.52 -6.70 39.36
C29 PX4 ED . 16.04 -7.80 38.43
C30 PX4 ED . 16.69 -8.94 39.20
C31 PX4 ED . 17.07 -10.04 38.20
C32 PX4 ED . 17.21 -11.39 38.92
C33 PX4 ED . 17.20 -12.42 37.77
C34 PX4 ED . 18.42 -12.25 36.86
C35 PX4 ED . 18.43 -13.27 35.72
C36 PX4 ED . 19.71 -12.98 34.93
O1 PX4 FD . 13.43 -6.81 47.26
O2 PX4 FD . 15.23 -5.19 48.19
P1 PX4 FD . 14.31 -5.64 47.12
O3 PX4 FD . 13.40 -4.33 46.88
C1 PX4 FD . 12.16 -4.64 46.24
C2 PX4 FD . 11.44 -3.43 45.63
N1 PX4 FD . 10.69 -2.43 46.40
C3 PX4 FD . 10.43 -1.26 45.57
C4 PX4 FD . 9.46 -3.09 46.86
C5 PX4 FD . 11.37 -1.88 47.59
O4 PX4 FD . 15.04 -5.70 45.68
C6 PX4 FD . 15.80 -4.50 45.58
C7 PX4 FD . 16.23 -4.13 44.16
C8 PX4 FD . 16.84 -5.47 43.73
O5 PX4 FD . 18.13 -5.42 43.13
C9 PX4 FD . 18.47 -6.50 42.39
O6 PX4 FD . 17.81 -7.54 42.46
C10 PX4 FD . 19.88 -6.53 41.77
C11 PX4 FD . 19.57 -6.45 40.28
C12 PX4 FD . 20.71 -6.50 39.26
C13 PX4 FD . 20.05 -6.71 37.89
C14 PX4 FD . 21.03 -7.46 36.99
C15 PX4 FD . 20.37 -7.81 35.66
C16 PX4 FD . 18.99 -8.49 35.69
C17 PX4 FD . 18.26 -8.24 34.37
C18 PX4 FD . 16.78 -8.46 34.70
C19 PX4 FD . 15.97 -8.47 33.41
C20 PX4 FD . 14.49 -8.77 33.62
C21 PX4 FD . 13.66 -8.78 32.33
C22 PX4 FD . 12.23 -9.27 32.54
O7 PX4 FD . 15.20 -3.71 43.27
C23 PX4 FD . 14.59 -2.50 43.40
O8 PX4 FD . 14.84 -1.74 44.34
C24 PX4 FD . 13.75 -1.96 42.25
C25 PX4 FD . 14.73 -1.52 41.16
C26 PX4 FD . 14.02 -1.36 39.81
C27 PX4 FD . 13.41 -2.67 39.32
C28 PX4 FD . 12.78 -2.52 37.93
C29 PX4 FD . 13.68 -1.98 36.82
C30 PX4 FD . 12.99 -2.01 35.46
C31 PX4 FD . 13.87 -1.34 34.41
C32 PX4 FD . 13.30 -1.12 33.01
C33 PX4 FD . 14.17 -0.09 32.29
C34 PX4 FD . 13.90 -0.16 30.79
C35 PX4 FD . 14.78 0.86 30.06
C36 PX4 FD . 14.33 1.19 28.63
O1 PX4 GD . 26.37 10.40 43.68
O2 PX4 GD . 27.29 10.31 46.15
P1 PX4 GD . 27.24 9.83 44.74
O3 PX4 GD . 28.72 10.14 44.18
C1 PX4 GD . 28.95 11.47 43.72
C2 PX4 GD . 30.41 11.61 43.25
N1 PX4 GD . 31.56 11.51 44.15
C3 PX4 GD . 32.82 12.02 43.58
C4 PX4 GD . 31.35 12.16 45.44
C5 PX4 GD . 31.94 10.11 44.36
O4 PX4 GD . 27.39 8.23 44.54
C6 PX4 GD . 27.87 7.92 43.24
C7 PX4 GD . 28.20 6.46 42.95
C8 PX4 GD . 27.22 5.98 41.88
O5 PX4 GD . 27.07 7.00 40.89
C9 PX4 GD . 26.07 6.75 40.01
O6 PX4 GD . 25.05 6.10 40.23
C10 PX4 GD . 26.11 7.64 38.77
C11 PX4 GD . 27.53 7.46 38.21
C12 PX4 GD . 27.43 7.93 36.75
C13 PX4 GD . 26.98 9.38 36.65
C14 PX4 GD . 26.88 9.81 35.18
C15 PX4 GD . 25.86 8.90 34.51
C16 PX4 GD . 26.07 8.95 32.99
C17 PX4 GD . 25.13 8.05 32.18
C18 PX4 GD . 25.39 8.15 30.67
C19 PX4 GD . 24.08 7.72 30.01
C20 PX4 GD . 24.19 7.86 28.49
C21 PX4 GD . 25.09 6.85 27.78
C22 PX4 GD . 25.29 7.12 26.28
O7 PX4 GD . 29.54 6.35 42.47
C23 PX4 GD . 30.49 5.75 43.24
O8 PX4 GD . 30.41 5.84 44.47
C24 PX4 GD . 31.70 5.13 42.55
C25 PX4 GD . 31.22 4.71 41.16
C26 PX4 GD . 32.29 4.50 40.09
C27 PX4 GD . 31.77 3.68 38.89
C28 PX4 GD . 30.75 4.50 38.09
C29 PX4 GD . 29.96 3.67 37.08
C30 PX4 GD . 30.95 3.05 36.09
C31 PX4 GD . 30.07 2.42 35.01
C32 PX4 GD . 30.94 1.62 34.04
C33 PX4 GD . 30.24 1.11 32.78
C34 PX4 GD . 31.27 0.53 31.82
C35 PX4 GD . 31.56 1.56 30.71
C36 PX4 GD . 30.31 1.78 29.86
O1 PX4 HD . -17.77 19.18 56.32
O2 PX4 HD . -15.44 18.04 56.16
P1 PX4 HD . -16.62 18.66 55.52
O3 PX4 HD . -16.00 19.98 54.83
C1 PX4 HD . -15.77 20.90 55.90
C2 PX4 HD . -15.51 22.38 55.61
N1 PX4 HD . -15.84 23.24 56.75
C3 PX4 HD . -17.17 23.09 57.37
C4 PX4 HD . -14.82 23.23 57.80
C5 PX4 HD . -16.09 24.58 56.21
O4 PX4 HD . -16.91 17.84 54.17
C6 PX4 HD . -18.05 18.56 53.70
C7 PX4 HD . -18.69 18.04 52.41
C8 PX4 HD . -17.45 17.41 51.76
O5 PX4 HD . -17.33 17.29 50.34
C9 PX4 HD . -16.21 16.84 49.71
O6 PX4 HD . -15.14 16.75 50.33
C10 PX4 HD . -16.35 16.75 48.19
C11 PX4 HD . -16.52 15.27 47.82
C12 PX4 HD . -17.03 15.03 46.39
C13 PX4 HD . -17.12 13.52 46.16
C14 PX4 HD . -17.53 13.10 44.75
C15 PX4 HD . -18.87 13.68 44.32
C16 PX4 HD . -19.03 13.24 42.87
C17 PX4 HD . -20.48 13.46 42.42
C18 PX4 HD . -20.74 13.27 40.93
C19 PX4 HD . -19.87 14.36 40.29
C20 PX4 HD . -20.18 14.63 38.81
C21 PX4 HD . -19.45 15.89 38.34
C22 PX4 HD . -19.37 15.68 36.83
O7 PX4 HD . -19.99 17.45 52.46
C23 PX4 HD . -21.03 18.33 52.50
O8 PX4 HD . -20.92 19.54 52.66
C24 PX4 HD . -22.40 17.65 52.66
C25 PX4 HD . -23.05 17.31 51.33
C26 PX4 HD . -23.48 18.56 50.56
C27 PX4 HD . -24.33 18.14 49.37
C28 PX4 HD . -24.66 19.46 48.65
C29 PX4 HD . -25.78 19.14 47.67
C30 PX4 HD . -26.86 18.34 48.39
C31 PX4 HD . -27.77 17.70 47.33
C32 PX4 HD . -28.68 18.64 46.53
C33 PX4 HD . -29.94 18.93 47.33
C34 PX4 HD . -30.93 19.79 46.53
C35 PX4 HD . -31.64 18.95 45.47
C36 PX4 HD . -32.90 19.62 44.93
O1 PX4 ID . -3.22 32.17 48.03
O2 PX4 ID . -3.63 30.57 50.02
P1 PX4 ID . -2.84 31.00 48.85
O3 PX4 ID . -1.47 31.48 49.55
C1 PX4 ID . -1.68 32.84 49.97
C2 PX4 ID . -0.48 33.57 50.59
N1 PX4 ID . 0.68 33.86 49.75
C3 PX4 ID . 0.48 34.19 48.33
C4 PX4 ID . 1.34 34.99 50.41
C5 PX4 ID . 1.66 32.77 49.88
O4 PX4 ID . -1.98 29.90 48.06
C6 PX4 ID . -1.98 30.16 46.65
C7 PX4 ID . -0.98 29.31 45.87
C8 PX4 ID . -1.76 28.09 45.33
O5 PX4 ID . -3.12 28.34 44.99
C9 PX4 ID . -3.76 27.28 44.43
O6 PX4 ID . -3.47 26.13 44.76
C10 PX4 ID . -5.09 27.57 43.74
C11 PX4 ID . -4.84 28.14 42.35
C12 PX4 ID . -6.07 28.99 42.03
C13 PX4 ID . -5.85 29.47 40.59
C14 PX4 ID . -6.69 30.71 40.27
C15 PX4 ID . -8.17 30.39 40.03
C16 PX4 ID . -8.75 31.73 39.60
C17 PX4 ID . -8.38 32.23 38.21
C18 PX4 ID . -8.99 31.30 37.16
C19 PX4 ID . -8.67 31.98 35.83
C20 PX4 ID . -9.87 31.77 34.90
C21 PX4 ID . -9.63 32.48 33.56
C22 PX4 ID . -10.87 32.37 32.68
O7 PX4 ID . -0.36 30.00 44.79
C23 PX4 ID . 0.88 30.54 44.83
O8 PX4 ID . 1.51 30.62 45.89
C24 PX4 ID . 1.37 31.20 43.54
C25 PX4 ID . 2.69 30.52 43.19
C26 PX4 ID . 2.95 30.81 41.70
C27 PX4 ID . 2.90 32.31 41.44
C28 PX4 ID . 2.99 32.49 39.91
C29 PX4 ID . 1.75 31.96 39.20
C30 PX4 ID . 1.80 32.39 37.73
C31 PX4 ID . 0.50 31.90 37.06
C32 PX4 ID . 0.88 31.25 35.73
C33 PX4 ID . 1.38 32.40 34.84
C34 PX4 ID . 1.81 32.05 33.42
C35 PX4 ID . 0.63 31.66 32.53
C36 PX4 ID . 1.15 31.43 31.10
O1 PX4 JD . -6.17 19.69 49.48
O2 PX4 JD . -6.63 17.82 47.78
P1 PX4 JD . -6.12 19.18 48.10
O3 PX4 JD . -4.54 18.98 47.87
C1 PX4 JD . -3.85 18.67 49.08
C2 PX4 JD . -2.40 19.14 48.89
N1 PX4 JD . -1.51 18.45 47.95
C3 PX4 JD . -1.65 19.10 46.64
C4 PX4 JD . -0.12 18.80 48.30
C5 PX4 JD . -1.54 16.98 47.92
O4 PX4 JD . -6.24 20.09 46.77
C6 PX4 JD . -5.98 19.34 45.58
C7 PX4 JD . -5.61 20.17 44.35
C8 PX4 JD . -6.18 21.57 44.62
O5 PX4 JD . -7.45 21.65 43.97
C9 PX4 JD . -8.15 22.81 43.99
O6 PX4 JD . -7.71 23.74 44.67
C10 PX4 JD . -9.38 22.98 43.10
C11 PX4 JD . -8.98 22.59 41.67
C12 PX4 JD . -7.68 23.14 41.06
C13 PX4 JD . -7.03 22.15 40.09
C14 PX4 JD . -6.91 20.75 40.67
C15 PX4 JD . -6.10 19.75 39.84
C16 PX4 JD . -6.76 19.38 38.51
C17 PX4 JD . -5.80 18.65 37.56
C18 PX4 JD . -6.55 18.53 36.24
C19 PX4 JD . -6.13 19.58 35.20
C20 PX4 JD . -6.61 19.18 33.80
C21 PX4 JD . -5.90 20.15 32.84
C22 PX4 JD . -6.69 21.45 32.81
O7 PX4 JD . -4.23 20.06 44.02
C23 PX4 JD . -3.82 18.96 43.33
O8 PX4 JD . -4.63 18.07 43.09
C24 PX4 JD . -2.37 18.91 42.84
C25 PX4 JD . -2.21 19.17 41.34
C26 PX4 JD . -0.86 18.75 40.76
C27 PX4 JD . -0.89 18.32 39.30
C28 PX4 JD . 0.28 17.44 38.84
C29 PX4 JD . 0.96 17.75 37.50
C30 PX4 JD . 2.05 16.72 37.18
C31 PX4 JD . 3.20 16.82 38.17
C32 PX4 JD . 3.97 18.08 37.77
C33 PX4 JD . 5.17 18.52 38.61
C34 PX4 JD . 6.06 19.45 37.78
C35 PX4 JD . 7.15 20.00 38.70
C36 PX4 JD . 7.97 19.02 39.55
O1 PX4 KD . 1.34 -7.49 51.29
O2 PX4 KD . 1.17 -7.25 48.75
P1 PX4 KD . 0.66 -6.93 50.10
O3 PX4 KD . 0.63 -5.36 50.45
C1 PX4 KD . -0.10 -5.29 51.68
C2 PX4 KD . 0.02 -3.93 52.35
N1 PX4 KD . 1.33 -3.57 52.93
C3 PX4 KD . 2.40 -3.37 51.95
C4 PX4 KD . 1.16 -2.31 53.65
C5 PX4 KD . 1.84 -4.43 54.01
O4 PX4 KD . -0.93 -7.13 49.99
C6 PX4 KD . -1.32 -8.09 49.00
C7 PX4 KD . -2.85 -8.09 48.95
C8 PX4 KD . -3.36 -6.65 48.87
O5 PX4 KD . -3.08 -6.13 47.57
C9 PX4 KD . -4.08 -5.40 46.98
O6 PX4 KD . -5.00 -4.88 47.60
C10 PX4 KD . -3.72 -4.95 45.56
C11 PX4 KD . -2.25 -5.25 45.26
C12 PX4 KD . -1.82 -5.01 43.81
C13 PX4 KD . -0.37 -5.39 43.48
C14 PX4 KD . -0.13 -4.99 42.02
C15 PX4 KD . 1.21 -5.68 41.77
C16 PX4 KD . 1.74 -5.26 40.41
C17 PX4 KD . 0.88 -5.78 39.26
C18 PX4 KD . 1.63 -5.86 37.92
C19 PX4 KD . 0.56 -6.42 36.98
C20 PX4 KD . 0.93 -6.43 35.49
C21 PX4 KD . -0.36 -6.98 34.89
C22 PX4 KD . -0.86 -8.25 35.59
O7 PX4 KD . -3.50 -8.97 48.02
C23 PX4 KD . -3.77 -10.25 48.40
O8 PX4 KD . -3.24 -10.77 49.38
C24 PX4 KD . -4.70 -11.03 47.47
C25 PX4 KD . -4.58 -10.42 46.07
C26 PX4 KD . -5.54 -11.03 45.05
C27 PX4 KD . -5.51 -10.26 43.73
C28 PX4 KD . -6.59 -10.79 42.79
C29 PX4 KD . -6.13 -10.51 41.35
C30 PX4 KD . -7.13 -10.87 40.25
C31 PX4 KD . -7.11 -12.40 40.22
C32 PX4 KD . -7.88 -12.80 38.96
C33 PX4 KD . -7.86 -14.33 39.07
C34 PX4 KD . -8.23 -14.95 37.71
C35 PX4 KD . -8.19 -16.47 37.88
C36 PX4 KD . -8.84 -17.07 36.63
O1 PX4 LD . 5.61 0.26 48.22
O2 PX4 LD . 7.30 -1.62 48.89
P1 PX4 LD . 6.77 -0.61 47.94
O3 PX4 LD . 7.90 0.54 47.89
C1 PX4 LD . 7.76 1.18 49.16
C2 PX4 LD . 8.02 2.66 48.85
N1 PX4 LD . 6.93 3.55 48.42
C3 PX4 LD . 7.19 4.99 48.62
C4 PX4 LD . 6.65 3.60 46.97
C5 PX4 LD . 5.66 3.31 49.11
O4 PX4 LD . 6.65 -1.08 46.42
C6 PX4 LD . 5.79 -0.30 45.57
C7 PX4 LD . 5.71 -0.75 44.11
C8 PX4 LD . 6.33 -2.16 43.97
O5 PX4 LD . 7.27 -2.16 42.90
C9 PX4 LD . 8.21 -3.14 42.91
O6 PX4 LD . 8.33 -3.88 43.90
C10 PX4 LD . 9.25 -2.97 41.81
C11 PX4 LD . 9.40 -4.33 41.11
C12 PX4 LD . 10.20 -4.16 39.81
C13 PX4 LD . 10.32 -5.55 39.17
C14 PX4 LD . 10.83 -5.30 37.75
C15 PX4 LD . 10.92 -6.56 36.89
C16 PX4 LD . 12.06 -6.54 35.86
C17 PX4 LD . 11.80 -5.36 34.91
C18 PX4 LD . 10.47 -5.52 34.17
C19 PX4 LD . 10.48 -4.36 33.16
C20 PX4 LD . 9.20 -4.26 32.33
C21 PX4 LD . 9.24 -3.08 31.36
C22 PX4 LD . 8.06 -3.26 30.41
O7 PX4 LD . 4.45 -0.51 43.49
C23 PX4 LD . 4.25 0.74 42.98
O8 PX4 LD . 5.20 1.52 43.00
C24 PX4 LD . 2.91 1.11 42.36
C25 PX4 LD . 2.42 0.22 41.22
C26 PX4 LD . 0.90 0.09 41.14
C27 PX4 LD . 0.65 -0.76 39.90
C28 PX4 LD . -0.85 -1.03 39.73
C29 PX4 LD . -1.16 -2.20 38.80
C30 PX4 LD . -2.68 -2.32 38.59
C31 PX4 LD . -3.11 -3.13 37.37
C32 PX4 LD . -4.33 -2.42 36.77
C33 PX4 LD . -5.58 -2.84 37.53
C34 PX4 LD . -6.90 -2.46 36.85
C35 PX4 LD . -8.14 -2.74 37.70
C36 PX4 LD . -9.32 -2.57 36.73
O1 PX4 MD . 23.60 6.25 45.30
O2 PX4 MD . 21.11 6.63 45.98
P1 PX4 MD . 22.19 5.82 45.35
O3 PX4 MD . 22.08 4.35 46.00
C1 PX4 MD . 23.21 4.16 46.85
C2 PX4 MD . 23.38 2.78 47.45
N1 PX4 MD . 22.26 2.17 48.19
C3 PX4 MD . 22.80 1.32 49.26
C4 PX4 MD . 21.26 3.03 48.83
C5 PX4 MD . 21.45 1.24 47.38
O4 PX4 MD . 21.54 5.57 43.91
C6 PX4 MD . 20.25 4.99 44.15
C7 PX4 MD . 19.46 4.47 42.95
C8 PX4 MD . 19.98 5.23 41.72
O5 PX4 MD . 19.21 5.16 40.52
C9 PX4 MD . 19.84 5.51 39.37
O6 PX4 MD . 20.93 6.09 39.36
C10 PX4 MD . 19.14 4.94 38.12
C11 PX4 MD . 19.80 3.80 37.35
C12 PX4 MD . 20.46 2.73 38.23
C13 PX4 MD . 21.05 1.59 37.38
C14 PX4 MD . 21.61 0.43 38.20
C15 PX4 MD . 22.17 -0.73 37.36
C16 PX4 MD . 21.13 -1.34 36.43
C17 PX4 MD . 21.79 -2.43 35.59
C18 PX4 MD . 20.89 -2.99 34.50
C19 PX4 MD . 21.67 -3.49 33.28
C20 PX4 MD . 22.61 -4.60 33.72
C21 PX4 MD . 23.58 -5.00 32.60
C22 PX4 MD . 24.98 -5.16 33.16
O7 PX4 MD . 19.41 3.05 42.82
C23 PX4 MD . 18.73 2.36 43.76
O8 PX4 MD . 18.50 2.87 44.85
C24 PX4 MD . 18.29 0.92 43.45
C25 PX4 MD . 19.57 0.08 43.37
C26 PX4 MD . 19.29 -1.24 42.66
C27 PX4 MD . 18.66 -1.01 41.28
C28 PX4 MD . 18.60 -2.28 40.45
C29 PX4 MD . 17.97 -2.14 39.06
C30 PX4 MD . 18.20 -3.37 38.19
C31 PX4 MD . 17.11 -3.40 37.10
C32 PX4 MD . 17.28 -4.50 36.05
C33 PX4 MD . 16.33 -4.44 34.86
C34 PX4 MD . 17.12 -4.00 33.63
C35 PX4 MD . 16.16 -3.94 32.44
C36 PX4 MD . 17.03 -4.03 31.17
O1 PX4 ND . 28.34 -5.05 49.04
O2 PX4 ND . 29.25 -7.50 49.22
P1 PX4 ND . 29.28 -6.13 48.68
O3 PX4 ND . 30.50 -5.61 49.59
C1 PX4 ND . 29.99 -5.22 50.87
C2 PX4 ND . 31.12 -4.53 51.63
N1 PX4 ND . 32.17 -5.46 52.11
C3 PX4 ND . 33.11 -5.94 51.08
C4 PX4 ND . 33.09 -4.72 52.98
C5 PX4 ND . 31.70 -6.60 52.90
O4 PX4 ND . 29.99 -5.71 47.28
C6 PX4 ND . 31.11 -6.59 47.17
C7 PX4 ND . 31.94 -6.37 45.91
C8 PX4 ND . 30.87 -6.17 44.83
O5 PX4 ND . 30.46 -7.40 44.21
C9 PX4 ND . 29.23 -7.26 43.66
O6 PX4 ND . 28.62 -6.20 43.81
C10 PX4 ND . 28.76 -8.44 42.81
C11 PX4 ND . 29.28 -8.21 41.38
C12 PX4 ND . 28.80 -9.26 40.37
C13 PX4 ND . 29.71 -9.15 39.14
C14 PX4 ND . 29.29 -10.23 38.13
C15 PX4 ND . 30.05 -10.04 36.82
C16 PX4 ND . 29.58 -11.11 35.83
C17 PX4 ND . 30.12 -10.70 34.47
C18 PX4 ND . 31.34 -11.56 34.20
C19 PX4 ND . 31.00 -13.04 33.94
C20 PX4 ND . 30.18 -13.30 32.69
C21 PX4 ND . 29.67 -14.75 32.59
C22 PX4 ND . 30.67 -15.88 32.83
O7 PX4 ND . 32.95 -5.37 46.01
C23 PX4 ND . 34.16 -5.69 46.57
O8 PX4 ND . 34.22 -6.78 47.13
C24 PX4 ND . 35.19 -4.57 46.72
C25 PX4 ND . 36.48 -4.88 45.93
C26 PX4 ND . 36.27 -4.75 44.42
C27 PX4 ND . 36.19 -3.32 43.89
C28 PX4 ND . 35.67 -3.20 42.46
C29 PX4 ND . 35.48 -1.72 42.10
C30 PX4 ND . 35.30 -1.64 40.59
C31 PX4 ND . 36.62 -1.90 39.87
C32 PX4 ND . 36.63 -1.34 38.45
C33 PX4 ND . 36.09 0.09 38.48
C34 PX4 ND . 36.13 0.60 37.04
C35 PX4 ND . 35.23 1.82 37.07
C36 PX4 ND . 35.09 2.45 35.69
O1 PX4 OD . 26.38 14.42 43.27
O2 PX4 OD . 28.59 14.62 41.85
P1 PX4 OD . 27.12 14.68 42.01
O3 PX4 OD . 26.94 16.27 41.77
C1 PX4 OD . 26.94 16.95 43.04
C2 PX4 OD . 27.51 18.36 42.98
N1 PX4 OD . 28.96 18.54 42.77
C3 PX4 OD . 29.71 17.64 43.65
C4 PX4 OD . 29.37 18.32 41.38
C5 PX4 OD . 29.32 19.93 43.09
O4 PX4 OD . 26.40 14.28 40.62
C6 PX4 OD . 27.46 14.21 39.66
C7 PX4 OD . 27.16 13.27 38.50
C8 PX4 OD . 25.70 13.57 38.12
O5 PX4 OD . 24.76 12.56 37.77
C9 PX4 OD . 23.51 13.03 37.47
O6 PX4 OD . 23.14 14.09 37.96
C10 PX4 OD . 22.49 11.99 37.01
C11 PX4 OD . 22.72 11.52 35.57
C12 PX4 OD . 22.45 12.70 34.65
C13 PX4 OD . 22.50 12.11 33.25
C14 PX4 OD . 22.45 13.17 32.15
C15 PX4 OD . 22.86 12.58 30.80
C16 PX4 OD . 23.17 13.66 29.75
C17 PX4 OD . 23.87 13.05 28.54
C18 PX4 OD . 23.08 11.93 27.86
C19 PX4 OD . 23.91 11.14 26.83
C20 PX4 OD . 24.52 12.14 25.85
C21 PX4 OD . 25.64 11.32 25.19
C22 PX4 OD . 26.34 12.25 24.19
O7 PX4 OD . 28.10 13.39 37.43
C23 PX4 OD . 29.27 12.72 37.55
O8 PX4 OD . 29.73 12.40 38.65
C24 PX4 OD . 30.03 12.59 36.23
C25 PX4 OD . 31.30 11.75 36.45
C26 PX4 OD . 31.91 11.45 35.08
C27 PX4 OD . 30.89 10.72 34.20
C28 PX4 OD . 31.26 10.85 32.73
C29 PX4 OD . 32.41 9.86 32.52
C30 PX4 OD . 32.93 9.96 31.09
C31 PX4 OD . 34.04 8.94 30.86
C32 PX4 OD . 34.79 8.99 29.52
C33 PX4 OD . 36.06 8.13 29.51
C34 PX4 OD . 36.66 8.11 28.10
C35 PX4 OD . 35.75 7.55 27.00
C36 PX4 OD . 36.19 7.70 25.55
O1 PX4 PD . -6.41 27.72 46.89
O2 PX4 PD . -4.35 28.15 48.30
P1 PX4 PD . -5.75 28.49 47.97
O3 PX4 PD . -6.52 28.07 49.31
C1 PX4 PD . -7.91 28.34 49.06
C2 PX4 PD . -8.80 27.68 50.11
N1 PX4 PD . -10.23 27.80 49.83
C3 PX4 PD . -10.72 29.19 49.91
C4 PX4 PD . -10.63 27.25 48.53
C5 PX4 PD . -11.03 27.07 50.82
O4 PX4 PD . -6.15 30.04 47.97
C6 PX4 PD . -6.23 30.47 46.61
C7 PX4 PD . -7.41 31.37 46.22
C8 PX4 PD . -6.81 32.59 45.50
O5 PX4 PD . -5.55 32.29 44.91
C9 PX4 PD . -4.82 33.31 44.39
O6 PX4 PD . -4.93 34.44 44.85
C10 PX4 PD . -3.42 32.94 43.87
C11 PX4 PD . -3.44 32.28 42.49
C12 PX4 PD . -2.19 31.52 42.06
C13 PX4 PD . -2.41 30.83 40.71
C14 PX4 PD . -1.26 29.90 40.36
C15 PX4 PD . -1.39 29.20 39.00
C16 PX4 PD . -2.74 28.48 38.95
C17 PX4 PD . -3.16 28.28 37.50
C18 PX4 PD . -4.34 27.32 37.42
C19 PX4 PD . -4.89 27.15 36.00
C20 PX4 PD . -3.80 26.81 34.98
C21 PX4 PD . -4.23 26.61 33.53
C22 PX4 PD . -5.16 25.39 33.51
O7 PX4 PD . -8.45 30.82 45.42
C23 PX4 PD . -9.63 30.26 45.82
O8 PX4 PD . -10.08 30.47 46.94
C24 PX4 PD . -10.46 29.54 44.77
C25 PX4 PD . -9.59 28.57 43.96
C26 PX4 PD . -10.43 27.97 42.83
C27 PX4 PD . -9.62 27.28 41.73
C28 PX4 PD . -10.57 26.55 40.77
C29 PX4 PD . -9.78 25.90 39.62
C30 PX4 PD . -10.63 25.27 38.52
C31 PX4 PD . -9.66 24.44 37.67
C32 PX4 PD . -10.43 23.74 36.55
C33 PX4 PD . -9.58 22.77 35.75
C34 PX4 PD . -10.25 22.55 34.39
C35 PX4 PD . -11.69 22.05 34.52
C36 PX4 PD . -12.25 22.12 33.09
O1 PX4 QD . -5.80 42.23 48.21
O2 PX4 QD . -3.69 40.72 48.12
P1 PX4 QD . -4.65 41.64 47.48
O3 PX4 QD . -3.76 42.94 47.12
C1 PX4 QD . -3.39 43.72 48.27
C2 PX4 QD . -2.56 44.93 47.85
N1 PX4 QD . -3.25 46.11 47.29
C3 PX4 QD . -2.20 47.12 47.07
C4 PX4 QD . -3.88 45.64 46.04
C5 PX4 QD . -4.41 46.59 48.05
O4 PX4 QD . -4.79 41.23 45.94
C6 PX4 QD . -5.70 42.08 45.25
C7 PX4 QD . -6.05 41.92 43.76
C8 PX4 QD . -4.62 41.67 43.28
O5 PX4 QD . -4.09 42.84 42.65
C9 PX4 QD . -2.86 42.55 42.12
O6 PX4 QD . -2.43 41.40 42.01
C10 PX4 QD . -2.06 43.65 41.42
C11 PX4 QD . -1.47 43.27 40.06
C12 PX4 QD . -2.57 43.31 38.99
C13 PX4 QD . -1.86 42.85 37.72
C14 PX4 QD . -2.85 42.99 36.56
C15 PX4 QD . -3.32 44.45 36.50
C16 PX4 QD . -4.31 44.69 35.36
C17 PX4 QD . -5.27 45.82 35.77
C18 PX4 QD . -6.37 45.98 34.72
C19 PX4 QD . -5.91 46.30 33.29
C20 PX4 QD . -7.06 46.62 32.33
C21 PX4 QD . -6.76 46.92 30.87
C22 PX4 QD . -8.09 46.78 30.14
O7 PX4 QD . -7.05 40.99 43.38
C23 PX4 QD . -8.36 41.37 43.37
O8 PX4 QD . -8.72 42.43 43.88
C24 PX4 QD . -9.41 40.40 42.82
C25 PX4 QD . -9.13 40.29 41.32
C26 PX4 QD . -10.24 39.67 40.47
C27 PX4 QD . -10.40 38.19 40.88
C28 PX4 QD . -11.29 37.52 39.83
C29 PX4 QD . -11.20 36.00 40.01
C30 PX4 QD . -12.22 35.37 39.05
C31 PX4 QD . -12.11 33.85 38.96
C32 PX4 QD . -12.67 33.31 37.64
C33 PX4 QD . -12.76 31.79 37.70
C34 PX4 QD . -13.94 31.39 36.80
C35 PX4 QD . -14.15 29.88 36.71
C36 PX4 QD . -12.85 29.13 36.45
O1 PX4 RD . 4.68 15.95 47.28
O2 PX4 RD . 2.15 15.35 47.52
P1 PX4 RD . 3.38 15.53 46.71
O3 PX4 RD . 3.49 14.35 45.62
C1 PX4 RD . 4.63 13.54 45.86
C2 PX4 RD . 4.61 12.48 44.75
N1 PX4 RD . 3.97 11.19 45.06
C3 PX4 RD . 4.68 10.53 46.17
C4 PX4 RD . 2.54 11.24 45.43
C5 PX4 RD . 4.24 10.39 43.86
O4 PX4 RD . 2.98 16.67 45.65
C6 PX4 RD . 1.73 16.16 45.18
C7 PX4 RD . 0.90 16.80 44.07
C8 PX4 RD . 1.91 17.50 43.16
O5 PX4 RD . 1.87 18.93 43.07
C9 PX4 RD . 2.42 19.45 41.94
O6 PX4 RD . 3.07 18.71 41.20
C10 PX4 RD . 2.20 20.94 41.67
C11 PX4 RD . 2.45 21.24 40.19
C12 PX4 RD . 2.06 22.66 39.79
C13 PX4 RD . 1.73 22.79 38.30
C14 PX4 RD . 2.95 22.52 37.42
C15 PX4 RD . 2.56 22.61 35.93
C16 PX4 RD . 3.75 22.32 35.01
C17 PX4 RD . 4.81 23.40 35.14
C18 PX4 RD . 6.02 23.21 34.21
C19 PX4 RD . 7.06 24.22 34.69
C20 PX4 RD . 8.35 24.35 33.87
C21 PX4 RD . 9.35 25.20 34.65
C22 PX4 RD . 10.36 25.80 33.66
O7 PX4 RD . 0.13 15.88 43.30
C23 PX4 RD . -1.02 15.27 43.68
O8 PX4 RD . -1.60 15.58 44.72
C24 PX4 RD . -1.74 14.52 42.56
C25 PX4 RD . -2.60 15.40 41.66
C26 PX4 RD . -3.04 14.52 40.49
C27 PX4 RD . -3.50 15.37 39.30
C28 PX4 RD . -3.67 14.56 38.02
C29 PX4 RD . -3.73 15.57 36.87
C30 PX4 RD . -4.20 15.08 35.49
C31 PX4 RD . -3.63 16.08 34.49
C32 PX4 RD . -2.13 16.18 34.75
C33 PX4 RD . -1.53 17.46 34.18
C34 PX4 RD . -1.65 17.46 32.66
C35 PX4 RD . -0.64 16.46 32.06
C36 PX4 RD . -0.64 16.65 30.55
O1 PX4 SD . 10.36 6.21 46.76
O2 PX4 SD . 9.85 3.69 46.20
P1 PX4 SD . 10.48 5.00 45.92
O3 PX4 SD . 11.87 4.36 46.44
C1 PX4 SD . 12.12 4.68 47.81
C2 PX4 SD . 13.54 5.11 48.17
N1 PX4 SD . 14.61 4.10 48.15
C3 PX4 SD . 15.84 4.84 48.51
C4 PX4 SD . 14.36 3.08 49.18
C5 PX4 SD . 14.80 3.45 46.85
O4 PX4 SD . 11.15 5.46 44.53
C6 PX4 SD . 11.50 4.24 43.86
C7 PX4 SD . 11.99 4.37 42.42
C8 PX4 SD . 11.13 5.46 41.76
O5 PX4 SD . 10.30 5.02 40.69
C9 PX4 SD . 9.76 6.08 40.03
O6 PX4 SD . 9.96 7.29 40.14
C10 PX4 SD . 8.85 5.52 38.93
C11 PX4 SD . 7.48 5.09 39.47
C12 PX4 SD . 6.73 4.49 38.27
C13 PX4 SD . 5.38 4.01 38.80
C14 PX4 SD . 4.75 3.22 37.66
C15 PX4 SD . 3.40 2.75 38.21
C16 PX4 SD . 2.49 2.15 37.13
C17 PX4 SD . 2.29 3.17 36.01
C18 PX4 SD . 1.02 2.93 35.18
C19 PX4 SD . 0.90 3.92 34.03
C20 PX4 SD . 1.08 5.35 34.53
C21 PX4 SD . 0.77 6.37 33.43
C22 PX4 SD . 0.91 7.75 34.09
O7 PX4 SD . 13.40 4.47 42.33
C23 PX4 SD . 13.97 3.23 42.25
O8 PX4 SD . 13.32 2.20 42.38
C24 PX4 SD . 15.49 3.21 42.30
C25 PX4 SD . 16.13 3.36 40.91
C26 PX4 SD . 15.90 2.15 40.00
C27 PX4 SD . 16.64 2.30 38.66
C28 PX4 SD . 16.40 1.11 37.73
C29 PX4 SD . 17.46 0.96 36.64
C30 PX4 SD . 17.04 0.21 35.37
C31 PX4 SD . 18.19 0.51 34.41
C32 PX4 SD . 17.92 -0.17 33.06
C33 PX4 SD . 19.18 -0.27 32.19
C34 PX4 SD . 19.17 0.70 31.00
C35 PX4 SD . 18.20 0.48 29.85
C36 PX4 SD . 18.44 1.38 28.63
O1 PX4 TD . 8.24 9.97 46.44
O2 PX4 TD . 10.03 11.84 46.08
P1 PX4 TD . 8.66 11.30 45.95
O3 PX4 TD . 7.60 12.26 46.69
C1 PX4 TD . 8.15 12.65 47.95
C2 PX4 TD . 7.19 13.67 48.57
N1 PX4 TD . 7.42 13.89 50.00
C3 PX4 TD . 8.69 14.62 50.19
C4 PX4 TD . 6.40 14.85 50.48
C5 PX4 TD . 7.27 12.72 50.88
O4 PX4 TD . 7.86 11.51 44.57
C6 PX4 TD . 8.14 12.78 43.94
C7 PX4 TD . 7.70 12.82 42.48
C8 PX4 TD . 7.78 11.46 41.77
O5 PX4 TD . 8.79 11.20 40.79
C9 PX4 TD . 8.53 10.35 39.77
O6 PX4 TD . 7.51 9.67 39.77
C10 PX4 TD . 9.64 10.12 38.73
C11 PX4 TD . 9.17 9.30 37.52
C12 PX4 TD . 10.30 9.38 36.49
C13 PX4 TD . 9.72 8.74 35.23
C14 PX4 TD . 10.82 8.88 34.18
C15 PX4 TD . 11.41 10.26 33.86
C16 PX4 TD . 10.31 11.20 33.36
C17 PX4 TD . 10.89 12.57 32.97
C18 PX4 TD . 9.92 13.43 32.16
C19 PX4 TD . 9.43 12.74 30.90
C20 PX4 TD . 8.81 13.75 29.93
C21 PX4 TD . 8.48 13.15 28.56
C22 PX4 TD . 7.67 14.25 27.84
O7 PX4 TD . 6.35 13.28 42.49
C23 PX4 TD . 5.99 14.47 41.94
O8 PX4 TD . 6.82 15.27 41.51
C24 PX4 TD . 4.50 14.82 41.94
C25 PX4 TD . 3.70 13.88 41.02
C26 PX4 TD . 2.33 14.54 40.92
C27 PX4 TD . 1.39 13.52 40.28
C28 PX4 TD . 1.11 12.55 41.45
C29 PX4 TD . 0.24 11.44 40.87
C30 PX4 TD . -0.05 10.19 41.69
C31 PX4 TD . -1.16 9.29 41.12
C32 PX4 TD . -0.76 8.87 39.71
C33 PX4 TD . -1.64 7.68 39.31
C34 PX4 TD . -1.30 7.37 37.85
C35 PX4 TD . -2.18 6.35 37.13
C36 PX4 TD . -2.08 4.91 37.62
O1 PX4 UD . 12.99 19.29 47.23
O2 PX4 UD . 14.37 17.55 45.93
P1 PX4 UD . 13.89 18.93 46.11
O3 PX4 UD . 15.16 19.94 46.11
C1 PX4 UD . 14.88 21.14 46.84
C2 PX4 UD . 16.13 21.88 47.35
N1 PX4 UD . 16.93 22.68 46.40
C3 PX4 UD . 17.47 21.81 45.33
C4 PX4 UD . 16.17 23.71 45.68
C5 PX4 UD . 18.05 23.35 47.08
O4 PX4 UD . 13.25 19.43 44.72
C6 PX4 UD . 14.30 19.20 43.77
C7 PX4 UD . 14.01 19.79 42.39
C8 PX4 UD . 12.56 19.38 42.13
O5 PX4 UD . 12.27 18.36 41.18
C9 PX4 UD . 11.11 17.67 41.27
O6 PX4 UD . 10.24 18.11 42.03
C10 PX4 UD . 10.91 16.62 40.18
C11 PX4 UD . 9.84 15.58 40.55
C12 PX4 UD . 9.73 14.60 39.38
C13 PX4 UD . 9.53 15.42 38.11
C14 PX4 UD . 9.07 14.46 37.00
C15 PX4 UD . 7.65 13.92 37.19
C16 PX4 UD . 7.31 12.97 36.04
C17 PX4 UD . 5.80 12.78 35.88
C18 PX4 UD . 5.01 12.38 37.13
C19 PX4 UD . 3.52 12.65 37.03
C20 PX4 UD . 2.94 11.75 35.94
C21 PX4 UD . 1.43 11.62 35.98
C22 PX4 UD . 0.63 12.93 35.96
O7 PX4 UD . 14.24 21.21 42.36
C23 PX4 UD . 15.14 21.62 41.45
O8 PX4 UD . 15.66 20.69 40.81
C24 PX4 UD . 15.04 23.08 41.01
C25 PX4 UD . 15.23 23.28 39.50
C26 PX4 UD . 14.77 24.64 38.96
C27 PX4 UD . 14.72 24.86 37.44
C28 PX4 UD . 14.12 26.21 37.07
C29 PX4 UD . 13.98 26.41 35.55
C30 PX4 UD . 14.01 27.91 35.21
C31 PX4 UD . 13.84 27.99 33.69
C32 PX4 UD . 14.91 27.21 32.92
C33 PX4 UD . 14.43 26.79 31.53
C34 PX4 UD . 15.42 25.85 30.86
C35 PX4 UD . 16.83 26.43 30.78
C36 PX4 UD . 17.74 25.27 30.36
O1 PX4 VD . 17.95 9.31 44.96
O2 PX4 VD . 17.63 6.85 44.11
P1 PX4 VD . 18.17 8.23 43.97
O3 PX4 VD . 19.71 8.23 43.53
C1 PX4 VD . 20.49 9.34 44.01
C2 PX4 VD . 22.01 9.41 43.83
N1 PX4 VD . 22.67 9.33 42.53
C3 PX4 VD . 21.91 8.67 41.45
C4 PX4 VD . 22.82 10.72 42.06
C5 PX4 VD . 23.92 8.57 42.57
O4 PX4 VD . 17.76 8.92 42.58
C6 PX4 VD . 17.83 7.83 41.65
C7 PX4 VD . 17.32 8.28 40.28
C8 PX4 VD . 18.56 9.03 39.75
O5 PX4 VD . 18.02 10.01 38.86
C9 PX4 VD . 18.94 10.94 38.50
O6 PX4 VD . 20.08 10.95 38.98
C10 PX4 VD . 18.57 11.90 37.38
C11 PX4 VD . 18.59 11.39 35.93
C12 PX4 VD . 17.88 12.33 34.96
C13 PX4 VD . 17.68 11.67 33.61
C14 PX4 VD . 16.83 12.57 32.70
C15 PX4 VD . 16.33 11.74 31.52
C16 PX4 VD . 15.42 10.64 32.09
C17 PX4 VD . 14.67 9.81 31.05
C18 PX4 VD . 13.64 10.70 30.34
C19 PX4 VD . 13.11 9.96 29.11
C20 PX4 VD . 11.95 10.70 28.44
C21 PX4 VD . 11.44 10.04 27.16
C22 PX4 VD . 11.85 10.80 25.90
O7 PX4 VD . 16.77 7.31 39.41
C23 PX4 VD . 15.44 6.98 39.45
O8 PX4 VD . 14.67 7.62 40.16
C24 PX4 VD . 14.94 5.98 38.43
C25 PX4 VD . 13.63 5.30 38.85
C26 PX4 VD . 13.13 4.47 37.67
C27 PX4 VD . 12.31 3.30 38.23
C28 PX4 VD . 11.92 2.31 37.13
C29 PX4 VD . 11.14 1.22 37.86
C30 PX4 VD . 9.97 1.80 38.66
C31 PX4 VD . 9.17 0.73 39.40
C32 PX4 VD . 7.89 0.30 38.68
C33 PX4 VD . 7.11 -0.62 39.63
C34 PX4 VD . 5.74 -1.01 39.07
C35 PX4 VD . 5.26 -2.34 39.63
C36 PX4 VD . 3.98 -2.73 38.88
O1 PX4 WD . 30.60 2.39 43.90
O2 PX4 WD . 28.07 2.93 43.95
P1 PX4 WD . 29.20 1.99 44.10
O3 PX4 WD . 29.26 1.25 45.52
C1 PX4 WD . 29.87 -0.03 45.32
C2 PX4 WD . 30.14 -0.75 46.63
N1 PX4 WD . 29.09 -1.60 47.22
C3 PX4 WD . 27.76 -0.99 47.17
C4 PX4 WD . 28.94 -2.93 46.61
C5 PX4 WD . 29.32 -2.02 48.61
O4 PX4 WD . 28.89 0.77 43.09
C6 PX4 WD . 28.93 1.34 41.78
C7 PX4 WD . 28.76 0.22 40.75
C8 PX4 WD . 27.30 0.34 40.34
O5 PX4 WD . 26.76 1.63 40.04
C9 PX4 WD . 25.45 1.55 39.70
O6 PX4 WD . 24.84 0.49 39.83
C10 PX4 WD . 24.85 2.83 39.12
C11 PX4 WD . 25.69 3.28 37.92
C12 PX4 WD . 24.77 3.53 36.72
C13 PX4 WD . 25.74 3.84 35.58
C14 PX4 WD . 25.13 3.53 34.20
C15 PX4 WD . 25.89 4.14 33.02
C16 PX4 WD . 25.36 3.76 31.64
C17 PX4 WD . 26.38 4.24 30.61
C18 PX4 WD . 26.20 3.56 29.26
C19 PX4 WD . 27.37 3.93 28.34
C20 PX4 WD . 27.44 2.96 27.16
C21 PX4 WD . 26.16 3.15 26.33
C22 PX4 WD . 26.26 2.46 24.96
O7 PX4 WD . 29.61 0.33 39.60
C23 PX4 WD . 30.87 -0.17 39.66
O8 PX4 WD . 31.35 -0.55 40.73
C24 PX4 WD . 31.61 -0.18 38.33
C25 PX4 WD . 31.60 -1.53 37.59
C26 PX4 WD . 32.71 -1.48 36.56
C27 PX4 WD . 32.62 -2.75 35.70
C28 PX4 WD . 33.19 -3.79 36.66
C29 PX4 WD . 33.16 -5.15 35.96
C30 PX4 WD . 31.77 -5.42 35.37
C31 PX4 WD . 31.68 -6.84 34.80
C32 PX4 WD . 32.54 -6.93 33.54
C33 PX4 WD . 32.62 -8.33 32.93
C34 PX4 WD . 33.63 -8.23 31.77
C35 PX4 WD . 33.07 -7.35 30.66
C36 PX4 WD . 33.99 -7.18 29.44
O1 PX4 XD . -7.70 35.83 47.47
O2 PX4 XD . -5.68 37.38 47.89
P1 PX4 XD . -6.95 37.07 47.17
O3 PX4 XD . -8.04 38.22 47.43
C1 PX4 XD . -8.01 38.52 48.83
C2 PX4 XD . -7.95 40.03 49.10
N1 PX4 XD . -7.69 40.65 50.42
C3 PX4 XD . -8.65 40.15 51.41
C4 PX4 XD . -6.33 40.38 50.90
C5 PX4 XD . -7.98 42.08 50.33
O4 PX4 XD . -6.69 37.20 45.58
C6 PX4 XD . -7.97 36.93 45.02
C7 PX4 XD . -7.96 36.36 43.60
C8 PX4 XD . -6.53 36.73 43.24
O5 PX4 XD . -6.40 37.78 42.28
C9 PX4 XD . -5.15 38.02 41.78
O6 PX4 XD . -4.15 37.51 42.28
C10 PX4 XD . -5.06 39.10 40.71
C11 PX4 XD . -3.82 38.77 39.86
C12 PX4 XD . -3.71 39.51 38.52
C13 PX4 XD . -2.54 38.92 37.74
C14 PX4 XD . -2.50 39.45 36.31
C15 PX4 XD . -1.44 38.60 35.62
C16 PX4 XD . -0.31 38.66 36.64
C17 PX4 XD . 1.09 38.15 36.27
C18 PX4 XD . 1.96 38.30 37.51
C19 PX4 XD . 3.42 37.97 37.20
C20 PX4 XD . 3.75 38.64 35.86
C21 PX4 XD . 5.28 38.71 35.70
C22 PX4 XD . 5.74 39.53 34.49
O7 PX4 XD . -8.39 35.02 43.34
C23 PX4 XD . -9.70 34.66 43.40
O8 PX4 XD . -10.55 35.34 43.97
C24 PX4 XD . -9.88 33.22 42.93
C25 PX4 XD . -11.39 33.12 42.79
C26 PX4 XD . -11.79 31.74 42.25
C27 PX4 XD . -13.28 31.52 41.97
C28 PX4 XD . -13.45 30.04 41.62
C29 PX4 XD . -14.78 29.73 40.93
C30 PX4 XD . -14.81 28.31 40.38
C31 PX4 XD . -16.14 27.89 39.76
C32 PX4 XD . -15.98 26.51 39.12
C33 PX4 XD . -15.15 26.55 37.85
C34 PX4 XD . -15.52 25.53 36.77
C35 PX4 XD . -14.54 25.57 35.61
C36 PX4 XD . -14.94 24.44 34.65
O1 PX4 YD . 9.66 34.00 46.25
O2 PX4 YD . 7.59 32.81 47.35
P1 PX4 YD . 8.79 32.83 46.48
O3 PX4 YD . 9.77 32.07 47.50
C1 PX4 YD . 10.24 32.98 48.50
C2 PX4 YD . 10.62 32.21 49.77
N1 PX4 YD . 10.94 32.95 51.00
C3 PX4 YD . 9.65 33.63 51.25
C4 PX4 YD . 11.17 32.00 52.08
C5 PX4 YD . 12.00 33.94 50.78
O4 PX4 YD . 8.69 31.73 45.32
C6 PX4 YD . 9.91 31.42 44.63
C7 PX4 YD . 10.18 29.97 44.19
C8 PX4 YD . 9.10 29.63 43.16
O5 PX4 YD . 8.87 30.64 42.19
C9 PX4 YD . 7.64 30.83 41.62
O6 PX4 YD . 6.65 30.42 42.20
C10 PX4 YD . 7.44 31.53 40.28
C11 PX4 YD . 6.58 32.78 40.45
C12 PX4 YD . 6.68 33.83 39.34
C13 PX4 YD . 6.22 33.37 37.96
C14 PX4 YD . 6.72 34.35 36.90
C15 PX4 YD . 6.30 33.87 35.51
C16 PX4 YD . 6.74 34.79 34.37
C17 PX4 YD . 8.25 35.05 34.44
C18 PX4 YD . 8.60 35.89 33.22
C19 PX4 YD . 10.07 36.34 33.29
C20 PX4 YD . 10.39 37.27 34.46
C21 PX4 YD . 9.76 38.60 34.05
C22 PX4 YD . 10.55 39.20 32.90
O7 PX4 YD . 11.52 29.91 43.70
C23 PX4 YD . 12.08 28.77 43.19
O8 PX4 YD . 11.96 27.79 43.92
C24 PX4 YD . 13.30 28.94 42.29
C25 PX4 YD . 13.31 30.28 41.55
C26 PX4 YD . 12.67 30.22 40.16
C27 PX4 YD . 13.21 31.50 39.52
C28 PX4 YD . 14.72 31.32 39.41
C29 PX4 YD . 14.99 30.02 38.65
C30 PX4 YD . 16.47 29.73 38.37
C31 PX4 YD . 16.59 28.99 37.03
C32 PX4 YD . 18.07 28.73 36.75
C33 PX4 YD . 18.21 28.39 35.26
C34 PX4 YD . 19.63 28.13 34.76
C35 PX4 YD . 19.55 27.30 33.48
C36 PX4 YD . 20.74 26.35 33.27
O1 PX4 ZD . 18.49 27.67 47.91
O2 PX4 ZD . 20.81 28.59 47.35
P1 PX4 ZD . 19.34 28.70 47.28
O3 PX4 ZD . 19.13 30.09 48.06
C1 PX4 ZD . 20.01 31.00 47.39
C2 PX4 ZD . 20.33 32.20 48.28
N1 PX4 ZD . 19.48 33.40 48.28
C3 PX4 ZD . 18.06 33.10 48.00
C4 PX4 ZD . 19.45 34.04 49.60
C5 PX4 ZD . 20.02 34.46 47.42
O4 PX4 ZD . 18.81 29.30 45.88
C6 PX4 ZD . 17.82 28.36 45.44
C7 PX4 ZD . 16.92 29.07 44.43
C8 PX4 ZD . 17.08 30.59 44.49
O5 PX4 ZD . 15.84 31.30 44.38
C9 PX4 ZD . 15.94 32.66 44.44
O6 PX4 ZD . 17.00 33.14 44.85
C10 PX4 ZD . 14.56 33.32 44.44
C11 PX4 ZD . 13.87 33.42 43.09
C12 PX4 ZD . 12.84 34.54 43.09
C13 PX4 ZD . 12.19 34.91 41.76
C14 PX4 ZD . 10.84 35.57 42.04
C15 PX4 ZD . 9.85 34.71 42.80
C16 PX4 ZD . 8.51 35.44 42.85
C17 PX4 ZD . 7.41 34.64 43.56
C18 PX4 ZD . 6.14 35.42 43.25
C19 PX4 ZD . 4.87 34.84 43.91
C20 PX4 ZD . 3.78 35.83 43.55
C21 PX4 ZD . 2.37 35.24 43.63
C22 PX4 ZD . 1.86 35.25 45.07
O7 PX4 ZD . 16.93 28.58 43.09
C23 PX4 ZD . 16.50 27.41 42.58
O8 PX4 ZD . 16.02 26.59 43.37
C24 PX4 ZD . 16.54 27.16 41.07
C25 PX4 ZD . 17.80 26.39 40.66
C26 PX4 ZD . 17.94 26.35 39.13
C27 PX4 ZD . 19.26 25.69 38.73
C28 PX4 ZD . 20.57 26.31 39.20
C29 PX4 ZD . 21.76 25.39 38.97
C30 PX4 ZD . 21.81 25.27 37.44
C31 PX4 ZD . 22.97 24.38 37.01
C32 PX4 ZD . 23.08 24.47 35.49
C33 PX4 ZD . 23.97 23.40 34.84
C34 PX4 ZD . 24.07 23.46 33.31
C35 PX4 ZD . 24.90 22.34 32.71
C36 PX4 ZD . 24.93 22.43 31.18
O1 PX4 AE . -1.25 23.56 50.84
O2 PX4 AE . 0.38 21.63 50.13
P1 PX4 AE . -0.13 23.01 50.05
O3 PX4 AE . 1.20 23.84 50.41
C1 PX4 AE . 1.22 24.33 51.75
C2 PX4 AE . 2.16 25.52 51.86
N1 PX4 AE . 2.17 26.31 53.10
C3 PX4 AE . 3.32 27.21 53.00
C4 PX4 AE . 0.87 26.96 53.34
C5 PX4 AE . 2.47 25.47 54.28
O4 PX4 AE . -0.31 23.31 48.47
C6 PX4 AE . 0.79 22.81 47.70
C7 PX4 AE . 0.97 23.29 46.27
C8 PX4 AE . -0.23 24.17 45.91
O5 PX4 AE . -0.84 23.92 44.65
C9 PX4 AE . -1.79 22.95 44.66
O6 PX4 AE . -2.43 22.66 45.66
C10 PX4 AE . -2.16 22.40 43.27
C11 PX4 AE . -2.50 23.65 42.46
C12 PX4 AE . -3.39 23.22 41.29
C13 PX4 AE . -3.48 24.49 40.44
C14 PX4 AE . -3.79 24.10 38.99
C15 PX4 AE . -2.62 23.32 38.38
C16 PX4 AE . -3.01 22.68 37.05
C17 PX4 AE . -1.99 21.57 36.76
C18 PX4 AE . -2.16 21.06 35.34
C19 PX4 AE . -1.88 22.18 34.33
C20 PX4 AE . -2.08 21.64 32.91
C21 PX4 AE . -2.21 22.86 32.01
C22 PX4 AE . -2.40 22.38 30.57
O7 PX4 AE . 2.20 24.01 46.10
C23 PX4 AE . 3.28 23.27 45.77
O8 PX4 AE . 3.22 22.04 45.86
C24 PX4 AE . 4.56 24.09 45.69
C25 PX4 AE . 5.52 23.54 44.62
C26 PX4 AE . 4.91 23.84 43.25
C27 PX4 AE . 5.93 23.59 42.13
C28 PX4 AE . 5.51 24.07 40.74
C29 PX4 AE . 5.51 25.58 40.94
C30 PX4 AE . 5.11 26.37 39.69
C31 PX4 AE . 5.24 27.89 39.91
C32 PX4 AE . 4.84 28.76 38.72
C33 PX4 AE . 5.97 28.75 37.70
C34 PX4 AE . 5.72 29.36 36.32
C35 PX4 AE . 5.17 28.34 35.32
C36 PX4 AE . 4.98 29.01 33.95
N PHE A 1 15.03 -2.38 -12.09
CA PHE A 1 14.52 -3.47 -11.25
C PHE A 1 13.22 -2.96 -10.62
N ARG A 2 12.28 -3.80 -10.18
CA ARG A 2 11.06 -3.31 -9.58
C ARG A 2 10.87 -3.70 -8.12
N GLU A 3 11.68 -4.70 -7.76
CA GLU A 3 12.18 -4.98 -6.43
C GLU A 3 12.75 -3.86 -5.57
N MET A 4 12.58 -3.98 -4.26
CA MET A 4 13.20 -3.13 -3.27
C MET A 4 14.67 -3.53 -3.26
N PRO A 5 15.60 -2.59 -3.16
CA PRO A 5 17.00 -2.90 -2.93
C PRO A 5 17.22 -3.36 -1.50
N GLY A 6 18.11 -4.33 -1.25
CA GLY A 6 18.27 -4.99 0.03
C GLY A 6 18.16 -6.50 -0.11
N GLY A 7 17.58 -7.15 0.91
CA GLY A 7 16.92 -8.43 0.76
C GLY A 7 15.45 -8.31 1.14
N PRO A 8 14.59 -8.11 0.15
CA PRO A 8 13.16 -8.21 0.41
C PRO A 8 12.69 -9.66 0.48
N VAL A 9 12.71 -10.22 1.68
CA VAL A 9 12.16 -11.53 2.01
C VAL A 9 11.48 -11.32 3.36
N TRP A 10 10.28 -11.89 3.55
CA TRP A 10 9.39 -11.84 4.69
C TRP A 10 9.32 -13.24 5.27
N ARG A 11 9.33 -14.33 4.49
CA ARG A 11 9.34 -15.73 4.86
C ARG A 11 8.01 -16.37 5.22
N LYS A 12 6.95 -15.56 5.08
CA LYS A 12 5.60 -15.93 5.45
C LYS A 12 4.84 -16.01 4.14
N HIS A 13 3.80 -16.87 4.18
CA HIS A 13 2.92 -17.13 3.08
C HIS A 13 1.55 -16.54 3.41
N TYR A 14 1.14 -16.42 4.67
CA TYR A 14 -0.17 -15.87 4.96
C TYR A 14 0.04 -14.57 5.73
N ILE A 15 -0.65 -13.47 5.42
CA ILE A 15 -0.49 -12.11 5.88
C ILE A 15 -1.91 -11.70 6.25
N THR A 16 -1.99 -10.80 7.22
CA THR A 16 -3.24 -10.18 7.62
C THR A 16 -3.07 -8.72 8.00
N TYR A 17 -4.22 -8.06 8.12
CA TYR A 17 -4.40 -6.63 8.33
C TYR A 17 -5.63 -6.39 9.18
N ARG A 18 -5.62 -5.38 10.06
CA ARG A 18 -6.68 -4.78 10.83
C ARG A 18 -6.64 -3.30 10.43
N ILE A 19 -7.77 -2.62 10.22
CA ILE A 19 -7.80 -1.19 9.97
C ILE A 19 -7.95 -0.51 11.33
N ASN A 20 -6.82 -0.11 11.91
CA ASN A 20 -6.58 0.18 13.31
C ASN A 20 -7.31 1.46 13.66
N ASN A 21 -7.37 2.45 12.78
CA ASN A 21 -8.13 3.69 12.88
C ASN A 21 -8.69 4.09 11.52
N TYR A 22 -9.90 4.65 11.58
CA TYR A 22 -10.66 5.11 10.43
C TYR A 22 -10.54 6.61 10.49
N THR A 23 -10.07 7.23 9.41
CA THR A 23 -10.08 8.65 9.14
C THR A 23 -11.47 9.26 9.13
N PRO A 24 -11.65 10.54 9.48
CA PRO A 24 -12.88 11.24 9.26
C PRO A 24 -13.18 11.59 7.81
N ASP A 25 -12.16 11.57 6.95
CA ASP A 25 -12.18 12.10 5.60
C ASP A 25 -13.20 11.44 4.68
N MET A 26 -13.28 10.10 4.81
CA MET A 26 -14.12 9.18 4.08
C MET A 26 -14.48 7.99 4.98
N ASN A 27 -15.75 7.60 5.11
CA ASN A 27 -16.31 6.76 6.15
C ASN A 27 -15.80 5.33 6.05
N ARG A 28 -15.87 4.52 7.11
CA ARG A 28 -15.20 3.25 7.23
C ARG A 28 -15.36 2.21 6.11
N GLU A 29 -16.51 2.07 5.47
CA GLU A 29 -16.78 1.04 4.50
C GLU A 29 -15.91 1.23 3.26
N ASP A 30 -15.80 2.50 2.86
CA ASP A 30 -15.10 3.10 1.76
C ASP A 30 -13.59 2.98 1.96
N VAL A 31 -13.13 3.30 3.17
CA VAL A 31 -11.75 3.06 3.48
C VAL A 31 -11.47 1.57 3.33
N ASP A 32 -12.33 0.77 3.97
CA ASP A 32 -12.11 -0.66 4.07
C ASP A 32 -12.12 -1.36 2.72
N TYR A 33 -12.98 -0.82 1.86
CA TYR A 33 -13.11 -1.17 0.47
C TYR A 33 -11.81 -0.89 -0.30
N ALA A 34 -11.17 0.26 -0.11
CA ALA A 34 -10.02 0.68 -0.86
C ALA A 34 -8.81 -0.21 -0.57
N ILE A 35 -8.56 -0.57 0.68
CA ILE A 35 -7.62 -1.52 1.22
C ILE A 35 -7.86 -2.96 0.78
N ARG A 36 -9.11 -3.41 0.90
CA ARG A 36 -9.52 -4.70 0.38
C ARG A 36 -9.33 -4.84 -1.12
N LYS A 37 -9.70 -3.77 -1.85
CA LYS A 37 -9.69 -3.80 -3.30
C LYS A 37 -8.27 -3.66 -3.81
N ALA A 38 -7.35 -3.11 -3.02
CA ALA A 38 -5.94 -3.10 -3.37
C ALA A 38 -5.39 -4.50 -3.12
N PHE A 39 -5.73 -5.15 -2.01
CA PHE A 39 -5.23 -6.48 -1.74
C PHE A 39 -5.49 -7.50 -2.85
N GLN A 40 -6.68 -7.38 -3.46
CA GLN A 40 -7.09 -8.14 -4.63
C GLN A 40 -6.35 -7.96 -5.94
N VAL A 41 -5.63 -6.83 -6.02
CA VAL A 41 -4.67 -6.65 -7.09
C VAL A 41 -3.42 -7.52 -6.96
N TRP A 42 -2.88 -7.55 -5.73
CA TRP A 42 -1.63 -8.21 -5.40
C TRP A 42 -1.76 -9.70 -5.15
N SER A 43 -2.89 -10.20 -4.65
CA SER A 43 -3.07 -11.63 -4.48
C SER A 43 -3.23 -12.34 -5.83
N ASN A 44 -3.69 -11.60 -6.85
CA ASN A 44 -3.87 -12.04 -8.22
C ASN A 44 -2.57 -12.16 -8.99
N VAL A 45 -1.45 -11.79 -8.39
CA VAL A 45 -0.09 -11.79 -8.90
C VAL A 45 0.84 -12.54 -7.94
N THR A 46 0.39 -13.10 -6.82
CA THR A 46 1.15 -13.63 -5.71
C THR A 46 0.85 -15.05 -5.25
N PRO A 47 1.83 -15.79 -4.76
CA PRO A 47 1.46 -16.98 -4.00
C PRO A 47 0.83 -16.61 -2.67
N LEU A 48 1.18 -15.50 -2.02
CA LEU A 48 0.69 -14.98 -0.77
C LEU A 48 -0.83 -14.91 -0.66
N LYS A 49 -1.40 -15.13 0.52
CA LYS A 49 -2.82 -14.98 0.80
C LYS A 49 -3.01 -13.97 1.92
N PHE A 50 -3.86 -12.97 1.74
CA PHE A 50 -4.24 -11.83 2.54
C PHE A 50 -5.60 -12.11 3.17
N SER A 51 -5.86 -11.73 4.42
CA SER A 51 -7.16 -11.79 5.05
C SER A 51 -7.22 -10.66 6.07
N LYS A 52 -8.42 -10.29 6.51
CA LYS A 52 -8.73 -9.27 7.50
C LYS A 52 -9.28 -9.96 8.74
N ILE A 53 -9.01 -9.52 9.97
CA ILE A 53 -9.27 -10.21 11.21
C ILE A 53 -9.90 -9.15 12.12
N ASN A 54 -10.60 -9.58 13.17
CA ASN A 54 -11.09 -8.68 14.18
C ASN A 54 -10.73 -9.20 15.57
N THR A 55 -9.60 -9.92 15.59
CA THR A 55 -8.96 -10.41 16.79
C THR A 55 -7.59 -10.90 16.36
N GLY A 56 -6.49 -10.46 16.98
CA GLY A 56 -5.16 -10.96 16.65
C GLY A 56 -4.24 -9.81 16.26
N MET A 57 -3.06 -10.12 15.72
CA MET A 57 -1.96 -9.25 15.35
C MET A 57 -1.90 -9.16 13.84
N ALA A 58 -2.05 -7.95 13.31
CA ALA A 58 -1.87 -7.48 11.95
C ALA A 58 -0.41 -7.59 11.54
N ASP A 59 -0.24 -8.11 10.33
CA ASP A 59 1.11 -8.11 9.77
C ASP A 59 1.42 -6.73 9.21
N ILE A 60 0.47 -6.30 8.39
CA ILE A 60 0.46 -4.97 7.81
C ILE A 60 -0.50 -4.17 8.70
N LEU A 61 0.02 -3.37 9.62
CA LEU A 61 -0.71 -2.54 10.56
C LEU A 61 -1.05 -1.25 9.82
N VAL A 62 -2.27 -1.24 9.30
CA VAL A 62 -2.84 -0.06 8.69
C VAL A 62 -3.30 0.89 9.78
N VAL A 63 -2.53 1.96 9.97
CA VAL A 63 -2.75 3.12 10.82
C VAL A 63 -2.63 4.35 9.94
N PHE A 64 -3.42 5.37 10.26
CA PHE A 64 -3.50 6.65 9.58
C PHE A 64 -3.05 7.74 10.56
N ALA A 65 -1.88 8.36 10.48
CA ALA A 65 -1.23 9.13 11.52
C ALA A 65 -0.62 10.42 11.01
N ARG A 66 -0.52 11.48 11.82
CA ARG A 66 -0.09 12.81 11.43
C ARG A 66 1.12 13.18 12.30
N GLY A 67 1.99 13.86 11.56
CA GLY A 67 3.18 14.43 12.14
C GLY A 67 4.28 13.41 12.36
N ALA A 68 5.10 13.61 13.39
CA ALA A 68 6.05 12.69 13.98
C ALA A 68 5.26 11.68 14.79
N HIS A 69 5.15 10.39 14.40
CA HIS A 69 4.31 9.41 15.05
C HIS A 69 5.04 8.28 15.75
N GLY A 70 6.37 8.31 15.62
CA GLY A 70 7.22 7.14 15.70
C GLY A 70 7.85 6.93 14.34
N ASP A 71 9.00 6.23 14.41
CA ASP A 71 9.72 5.75 13.25
C ASP A 71 10.58 6.86 12.68
N PHE A 72 10.61 8.06 13.26
CA PHE A 72 11.59 9.11 13.03
C PHE A 72 11.24 10.05 11.91
N HIS A 73 10.39 9.56 11.02
CA HIS A 73 10.23 10.07 9.66
C HIS A 73 9.48 11.38 9.64
N ALA A 74 8.35 11.55 10.36
CA ALA A 74 7.47 12.70 10.33
C ALA A 74 6.67 12.92 9.05
N PHE A 75 5.36 12.69 9.05
CA PHE A 75 4.47 13.19 8.02
C PHE A 75 4.42 14.71 7.93
N ASP A 76 4.24 15.23 6.72
CA ASP A 76 4.39 16.62 6.32
C ASP A 76 3.24 17.59 6.54
N GLY A 77 2.04 17.03 6.71
CA GLY A 77 0.85 17.84 6.54
C GLY A 77 0.16 17.41 5.25
N LYS A 78 -0.76 18.28 4.81
CA LYS A 78 -1.49 18.05 3.58
C LYS A 78 -0.63 18.46 2.40
N GLY A 79 -0.22 17.56 1.51
CA GLY A 79 0.78 17.77 0.48
C GLY A 79 1.79 16.63 0.56
N GLY A 80 3.02 16.98 0.19
CA GLY A 80 4.24 16.20 0.10
C GLY A 80 4.05 14.69 0.12
N ILE A 81 4.42 14.03 1.23
CA ILE A 81 4.29 12.61 1.44
C ILE A 81 2.83 12.21 1.57
N LEU A 82 2.50 11.15 0.83
CA LEU A 82 1.16 10.61 0.89
C LEU A 82 0.94 9.53 1.93
N ALA A 83 1.99 8.74 2.19
CA ALA A 83 2.05 7.52 2.97
C ALA A 83 3.51 7.08 3.00
N HIS A 84 4.03 6.56 4.11
CA HIS A 84 5.36 6.09 4.43
C HIS A 84 5.24 4.62 4.75
N ALA A 85 5.38 3.74 3.76
CA ALA A 85 5.54 2.31 3.87
C ALA A 85 6.96 1.87 4.17
N PHE A 86 7.09 0.76 4.93
CA PHE A 86 8.27 -0.05 5.12
C PHE A 86 8.46 -1.14 4.08
N GLY A 87 9.34 -2.12 4.25
CA GLY A 87 9.62 -3.26 3.38
C GLY A 87 9.19 -4.49 4.14
N PRO A 88 9.46 -5.70 3.64
CA PRO A 88 9.02 -6.92 4.27
C PRO A 88 9.70 -7.26 5.59
N GLY A 89 9.17 -8.19 6.39
CA GLY A 89 9.78 -8.52 7.66
C GLY A 89 8.72 -8.36 8.75
N SER A 90 8.77 -9.19 9.79
CA SER A 90 8.04 -9.08 11.05
C SER A 90 8.36 -7.81 11.85
N GLY A 91 7.45 -7.35 12.71
CA GLY A 91 7.65 -6.27 13.65
C GLY A 91 6.91 -5.01 13.21
N ILE A 92 7.54 -3.86 13.50
CA ILE A 92 7.53 -2.55 12.88
C ILE A 92 8.24 -2.67 11.53
N GLY A 93 7.48 -2.57 10.44
CA GLY A 93 7.86 -3.30 9.24
C GLY A 93 6.77 -4.11 8.55
N GLY A 94 6.78 -4.15 7.22
CA GLY A 94 5.71 -4.77 6.47
C GLY A 94 4.43 -3.94 6.37
N ASP A 95 4.44 -2.72 6.90
CA ASP A 95 3.34 -1.86 7.29
C ASP A 95 3.14 -0.70 6.33
N ALA A 96 1.90 -0.43 5.92
CA ALA A 96 1.47 0.72 5.15
C ALA A 96 0.83 1.69 6.14
N HIS A 97 1.37 2.88 6.35
CA HIS A 97 0.96 3.86 7.33
C HIS A 97 0.71 5.07 6.45
N PHE A 98 -0.44 5.76 6.52
CA PHE A 98 -0.89 6.79 5.62
C PHE A 98 -0.86 8.13 6.34
N ASP A 99 -0.54 9.23 5.65
CA ASP A 99 -0.65 10.58 6.18
C ASP A 99 -2.11 10.96 6.37
N GLU A 100 -2.40 11.44 7.59
CA GLU A 100 -3.77 11.72 8.04
C GLU A 100 -4.01 13.20 7.82
N ASP A 101 -2.99 14.07 7.70
CA ASP A 101 -3.30 15.46 7.47
C ASP A 101 -3.55 15.61 5.98
N GLU A 102 -3.27 14.65 5.10
CA GLU A 102 -3.87 14.40 3.80
C GLU A 102 -5.36 14.21 3.95
N PHE A 103 -6.10 14.70 2.95
CA PHE A 103 -7.54 14.67 2.73
C PHE A 103 -7.90 13.55 1.76
N TRP A 104 -8.08 12.32 2.24
CA TRP A 104 -8.47 11.15 1.49
C TRP A 104 -9.93 11.21 1.09
N THR A 105 -10.08 11.23 -0.24
CA THR A 105 -11.32 11.46 -0.95
C THR A 105 -11.46 10.52 -2.16
N THR A 106 -12.64 10.43 -2.76
CA THR A 106 -12.82 9.68 -3.99
C THR A 106 -12.88 10.41 -5.32
N HIS A 107 -12.70 11.74 -5.25
CA HIS A 107 -12.70 12.61 -6.40
C HIS A 107 -11.40 12.50 -7.17
N SER A 108 -11.49 12.45 -8.49
CA SER A 108 -10.44 12.31 -9.48
C SER A 108 -9.34 13.36 -9.57
N GLY A 109 -9.52 14.50 -8.89
CA GLY A 109 -8.57 15.58 -8.73
C GLY A 109 -8.25 15.82 -7.26
N GLY A 110 -8.43 14.79 -6.43
CA GLY A 110 -8.08 14.87 -5.02
C GLY A 110 -7.35 13.57 -4.71
N THR A 111 -6.85 13.41 -3.48
CA THR A 111 -5.85 12.47 -3.01
C THR A 111 -6.57 11.14 -2.81
N ASN A 112 -6.23 10.19 -3.67
CA ASN A 112 -6.90 8.91 -3.76
C ASN A 112 -6.17 7.90 -2.88
N LEU A 113 -6.85 7.15 -2.00
CA LEU A 113 -6.40 6.12 -1.08
C LEU A 113 -6.24 4.79 -1.80
N PHE A 114 -7.03 4.30 -2.75
CA PHE A 114 -6.79 3.08 -3.51
C PHE A 114 -5.49 3.08 -4.29
N LEU A 115 -5.11 4.10 -5.05
CA LEU A 115 -3.86 4.10 -5.77
C LEU A 115 -2.68 4.30 -4.82
N THR A 116 -2.89 4.88 -3.65
CA THR A 116 -1.82 5.05 -2.68
C THR A 116 -1.73 3.69 -2.00
N ALA A 117 -2.81 2.97 -1.70
CA ALA A 117 -2.92 1.71 -0.98
C ALA A 117 -2.27 0.50 -1.64
N VAL A 118 -2.49 0.40 -2.95
CA VAL A 118 -1.88 -0.51 -3.91
C VAL A 118 -0.38 -0.33 -3.86
N HIS A 119 0.17 0.87 -4.10
CA HIS A 119 1.59 1.09 -4.02
C HIS A 119 2.20 1.00 -2.63
N ALA A 120 1.42 1.38 -1.61
CA ALA A 120 1.85 1.21 -0.24
C ALA A 120 2.09 -0.20 0.26
N ILE A 121 1.17 -1.10 -0.08
CA ILE A 121 1.22 -2.52 0.17
C ILE A 121 2.27 -3.20 -0.70
N GLY A 122 2.25 -2.82 -1.98
CA GLY A 122 3.33 -3.09 -2.89
C GLY A 122 4.71 -2.85 -2.30
N HIS A 123 4.94 -1.65 -1.75
CA HIS A 123 6.16 -1.16 -1.14
C HIS A 123 6.61 -2.03 0.04
N SER A 124 5.70 -2.53 0.89
CA SER A 124 5.92 -3.47 1.95
C SER A 124 6.00 -4.90 1.45
N LEU A 125 5.41 -5.26 0.31
CA LEU A 125 5.62 -6.55 -0.32
C LEU A 125 7.06 -6.71 -0.84
N GLY A 126 7.83 -5.62 -0.96
CA GLY A 126 9.24 -5.73 -1.31
C GLY A 126 9.56 -5.30 -2.73
N LEU A 127 8.62 -4.53 -3.29
CA LEU A 127 8.74 -3.77 -4.52
C LEU A 127 9.21 -2.38 -4.14
N GLY A 128 9.63 -1.63 -5.16
CA GLY A 128 9.93 -0.21 -5.05
C GLY A 128 9.23 0.56 -6.16
N HIS A 129 9.96 0.83 -7.25
CA HIS A 129 9.46 1.53 -8.42
C HIS A 129 9.81 0.77 -9.69
N SER A 130 8.95 0.90 -10.70
CA SER A 130 9.24 0.54 -12.09
C SER A 130 9.82 1.79 -12.73
N SER A 131 10.39 1.71 -13.94
CA SER A 131 10.92 2.84 -14.66
C SER A 131 10.38 2.87 -16.08
N ASP A 132 9.30 2.12 -16.27
CA ASP A 132 8.52 2.09 -17.50
C ASP A 132 7.31 3.00 -17.35
N PRO A 133 7.18 4.06 -18.16
CA PRO A 133 6.20 5.12 -18.06
C PRO A 133 4.75 4.71 -17.91
N LYS A 134 4.32 3.61 -18.54
CA LYS A 134 2.97 3.10 -18.38
C LYS A 134 2.71 2.22 -17.16
N ALA A 135 3.72 1.98 -16.32
CA ALA A 135 3.67 1.16 -15.12
C ALA A 135 3.02 1.85 -13.93
N VAL A 136 2.29 1.11 -13.10
CA VAL A 136 1.61 1.70 -11.97
C VAL A 136 2.67 2.07 -10.94
N MET A 137 3.78 1.34 -10.77
CA MET A 137 4.87 1.65 -9.87
C MET A 137 5.82 2.74 -10.37
N PHE A 138 5.53 3.39 -11.50
CA PHE A 138 6.29 4.47 -12.11
C PHE A 138 5.99 5.70 -11.26
N PRO A 139 6.93 6.59 -10.98
CA PRO A 139 6.96 7.61 -9.94
C PRO A 139 6.18 8.83 -10.37
N THR A 140 5.67 8.91 -11.61
CA THR A 140 4.72 9.92 -12.00
C THR A 140 3.31 9.39 -11.71
N TYR A 141 2.46 10.22 -11.11
CA TYR A 141 1.07 9.90 -10.80
C TYR A 141 0.21 9.83 -12.06
N LYS A 142 -0.86 9.03 -12.03
CA LYS A 142 -1.88 8.98 -13.06
C LYS A 142 -3.03 8.45 -12.22
N TYR A 143 -4.22 9.09 -12.28
CA TYR A 143 -5.52 8.62 -11.86
C TYR A 143 -6.07 7.60 -12.85
N VAL A 144 -6.48 6.41 -12.44
CA VAL A 144 -7.34 5.50 -13.16
C VAL A 144 -8.44 5.08 -12.20
N ASP A 145 -9.59 4.68 -12.73
CA ASP A 145 -10.73 4.09 -12.04
C ASP A 145 -10.40 2.81 -11.29
N ILE A 146 -10.97 2.69 -10.08
CA ILE A 146 -10.91 1.54 -9.20
C ILE A 146 -11.30 0.26 -9.93
N ASN A 147 -12.41 0.29 -10.68
CA ASN A 147 -13.05 -0.86 -11.27
C ASN A 147 -12.53 -1.29 -12.65
N THR A 148 -11.90 -0.35 -13.36
CA THR A 148 -11.10 -0.69 -14.51
C THR A 148 -9.59 -0.64 -14.33
N PHE A 149 -9.09 -0.70 -13.09
CA PHE A 149 -7.68 -0.54 -12.78
C PHE A 149 -6.98 -1.86 -13.13
N ARG A 150 -5.80 -1.81 -13.75
CA ARG A 150 -4.92 -2.95 -14.01
C ARG A 150 -3.54 -2.59 -13.46
N LEU A 151 -2.65 -3.59 -13.44
CA LEU A 151 -1.20 -3.61 -13.46
C LEU A 151 -0.71 -3.71 -14.90
N SER A 152 0.40 -3.11 -15.34
CA SER A 152 0.83 -3.22 -16.71
C SER A 152 2.03 -4.14 -16.64
N ALA A 153 2.43 -4.64 -17.81
CA ALA A 153 3.44 -5.68 -17.88
C ALA A 153 4.76 -5.56 -17.11
N ASP A 154 5.33 -4.35 -17.09
CA ASP A 154 6.44 -4.07 -16.20
C ASP A 154 6.20 -4.34 -14.73
N ASP A 155 5.00 -4.06 -14.24
CA ASP A 155 4.69 -4.20 -12.83
C ASP A 155 4.45 -5.65 -12.47
N ILE A 156 3.76 -6.34 -13.39
CA ILE A 156 3.57 -7.79 -13.39
C ILE A 156 4.90 -8.54 -13.50
N ARG A 157 5.88 -8.09 -14.27
CA ARG A 157 7.20 -8.71 -14.27
C ARG A 157 7.89 -8.50 -12.94
N GLY A 158 7.56 -7.52 -12.08
CA GLY A 158 8.34 -7.18 -10.91
C GLY A 158 8.04 -8.11 -9.75
N ILE A 159 6.77 -8.31 -9.40
CA ILE A 159 6.28 -9.26 -8.41
C ILE A 159 6.61 -10.72 -8.69
N GLN A 160 6.75 -11.03 -9.97
CA GLN A 160 7.07 -12.36 -10.47
C GLN A 160 8.58 -12.51 -10.42
N SER A 161 9.37 -11.43 -10.47
CA SER A 161 10.81 -11.58 -10.29
C SER A 161 11.15 -11.77 -8.81
N LEU A 162 10.32 -11.23 -7.92
CA LEU A 162 10.43 -11.25 -6.47
C LEU A 162 9.98 -12.56 -5.84
N TYR A 163 8.88 -13.16 -6.28
CA TYR A 163 8.30 -14.30 -5.62
C TYR A 163 8.19 -15.53 -6.51
N GLY A 164 9.02 -15.56 -7.57
CA GLY A 164 9.33 -16.75 -8.34
C GLY A 164 10.83 -16.67 -8.56
ZN ZN B . 3.84 5.20 -6.73
ZN ZN C . 6.77 6.54 9.51
CA CA D . 1.33 14.77 3.34
CA CA E . 4.14 -4.88 10.90
CA CA F . -7.53 13.33 7.11
O1 PX4 G . 4.77 20.67 17.83
O2 PX4 G . 4.45 22.18 19.82
P1 PX4 G . 5.38 21.49 18.90
O3 PX4 G . 6.29 22.57 18.11
C1 PX4 G . 5.44 23.59 17.58
C2 PX4 G . 5.94 24.49 16.44
N1 PX4 G . 5.83 23.91 15.08
C3 PX4 G . 6.70 22.74 14.95
C4 PX4 G . 4.44 23.56 14.71
C5 PX4 G . 6.28 25.00 14.20
O4 PX4 G . 6.56 20.77 19.73
C6 PX4 G . 6.97 21.56 20.85
C7 PX4 G . 8.14 20.84 21.53
C8 PX4 G . 9.02 21.89 22.22
O5 PX4 G . 8.50 23.22 22.27
C9 PX4 G . 9.14 24.03 23.17
O6 PX4 G . 10.31 23.79 23.48
C10 PX4 G . 8.42 25.37 23.31
C11 PX4 G . 8.72 25.88 24.72
C12 PX4 G . 7.92 27.19 24.86
C13 PX4 G . 8.30 27.98 26.12
C14 PX4 G . 7.81 27.24 27.36
C15 PX4 G . 8.23 27.98 28.63
C16 PX4 G . 7.79 27.24 29.89
C17 PX4 G . 6.30 26.90 29.88
C18 PX4 G . 5.83 26.35 31.23
C19 PX4 G . 4.31 26.23 31.33
C20 PX4 G . 3.90 25.75 32.71
C21 PX4 G . 2.41 25.41 32.81
C22 PX4 G . 1.58 26.69 32.82
O7 PX4 G . 7.68 19.68 22.22
C23 PX4 G . 8.64 18.78 22.54
O8 PX4 G . 9.87 18.89 22.51
C24 PX4 G . 8.02 17.54 23.19
C25 PX4 G . 8.13 17.71 24.71
C26 PX4 G . 7.43 16.54 25.42
C27 PX4 G . 7.27 16.75 26.93
C28 PX4 G . 6.05 17.62 27.27
C29 PX4 G . 4.80 16.77 27.08
C30 PX4 G . 3.53 17.58 27.34
C31 PX4 G . 2.38 16.57 27.38
C32 PX4 G . 1.03 17.22 27.70
C33 PX4 G . 0.68 18.48 26.92
C34 PX4 G . -0.75 18.86 27.30
C35 PX4 G . -1.35 19.94 26.41
C36 PX4 G . -2.65 20.47 27.02
O1 PX4 H . 10.57 11.16 16.47
O2 PX4 H . 8.72 9.95 15.02
P1 PX4 H . 9.69 10.02 16.15
O3 PX4 H . 8.74 10.06 17.45
C1 PX4 H . 7.69 11.01 17.40
C2 PX4 H . 7.07 11.53 18.69
N1 PX4 H . 6.14 10.76 19.51
C3 PX4 H . 6.13 11.22 20.91
C4 PX4 H . 4.81 11.00 18.91
C5 PX4 H . 6.30 9.30 19.50
O4 PX4 H . 10.40 8.58 16.33
C6 PX4 H . 10.62 8.20 17.68
C7 PX4 H . 10.59 6.67 17.86
C8 PX4 H . 11.85 6.27 18.62
O5 PX4 H . 12.26 7.33 19.51
C9 PX4 H . 13.54 7.09 19.93
O6 PX4 H . 14.05 5.98 19.79
C10 PX4 H . 14.21 8.10 20.86
C11 PX4 H . 14.74 7.57 22.19
C12 PX4 H . 13.69 7.38 23.28
C13 PX4 H . 14.37 6.80 24.53
C14 PX4 H . 13.35 6.36 25.57
C15 PX4 H . 14.01 5.86 26.87
C16 PX4 H . 14.94 6.93 27.45
C17 PX4 H . 15.61 6.37 28.71
C18 PX4 H . 16.56 7.38 29.36
C19 PX4 H . 17.24 6.77 30.58
C20 PX4 H . 18.35 7.81 30.82
C21 PX4 H . 17.94 8.59 32.07
C22 PX4 H . 18.92 9.67 32.55
O7 PX4 H . 9.37 6.22 18.47
C23 PX4 H . 8.85 5.12 17.87
O8 PX4 H . 9.27 4.82 16.76
C24 PX4 H . 7.53 4.65 18.47
C25 PX4 H . 7.51 3.27 19.12
C26 PX4 H . 8.54 2.98 20.21
C27 PX4 H . 8.18 1.74 21.03
C28 PX4 H . 9.34 1.35 21.93
C29 PX4 H . 9.03 0.09 22.76
C30 PX4 H . 10.11 -0.34 23.75
C31 PX4 H . 9.69 -1.65 24.41
C32 PX4 H . 10.80 -2.34 25.21
C33 PX4 H . 10.29 -3.55 25.99
C34 PX4 H . 11.47 -4.41 26.47
C35 PX4 H . 10.91 -5.61 27.23
C36 PX4 H . 12.10 -6.36 27.82
O1 PX4 I . 21.68 -3.19 20.61
O2 PX4 I . 21.44 -1.62 18.59
P1 PX4 I . 22.12 -1.98 19.85
O3 PX4 I . 23.43 -2.60 19.14
C1 PX4 I . 23.18 -3.87 18.55
C2 PX4 I . 23.88 -4.10 17.21
N1 PX4 I . 25.27 -4.55 17.42
C3 PX4 I . 26.16 -3.64 18.16
C4 PX4 I . 25.28 -5.79 18.18
C5 PX4 I . 25.91 -4.67 16.09
O4 PX4 I . 22.93 -0.75 20.50
C6 PX4 I . 24.04 -1.26 21.22
C7 PX4 I . 25.19 -0.34 21.62
C8 PX4 I . 24.63 0.70 22.59
O5 PX4 I . 23.48 0.25 23.34
C9 PX4 I . 23.05 1.15 24.25
O6 PX4 I . 23.26 2.35 24.07
C10 PX4 I . 22.21 0.58 25.39
C11 PX4 I . 23.02 0.69 26.70
C12 PX4 I . 22.17 0.50 27.95
C13 PX4 I . 23.08 0.11 29.10
C14 PX4 I . 23.69 -1.28 28.89
C15 PX4 I . 24.49 -1.68 30.13
C16 PX4 I . 23.71 -1.50 31.45
C17 PX4 I . 24.09 -2.44 32.58
C18 PX4 I . 25.37 -1.93 33.23
C19 PX4 I . 25.92 -2.73 34.42
C20 PX4 I . 27.15 -1.97 34.91
C21 PX4 I . 27.91 -2.57 36.11
C22 PX4 I . 28.65 -3.89 35.88
O7 PX4 I . 26.41 -1.00 21.98
C23 PX4 I . 27.37 -1.06 21.01
O8 PX4 I . 27.14 -0.86 19.82
C24 PX4 I . 28.75 -1.52 21.46
C25 PX4 I . 28.98 -2.98 21.05
C26 PX4 I . 30.32 -3.57 21.50
C27 PX4 I . 30.30 -3.54 23.04
C28 PX4 I . 31.53 -4.24 23.64
C29 PX4 I . 31.15 -4.42 25.11
C30 PX4 I . 30.22 -5.62 24.98
C31 PX4 I . 29.24 -5.80 26.13
C32 PX4 I . 30.06 -5.50 27.40
C33 PX4 I . 29.26 -5.64 28.71
C34 PX4 I . 28.06 -4.77 28.35
C35 PX4 I . 27.20 -4.50 29.57
C36 PX4 I . 28.12 -4.05 30.71
O1 PX4 J . 32.92 7.58 11.73
O2 PX4 J . 34.91 9.10 11.00
P1 PX4 J . 34.07 8.47 12.04
O3 PX4 J . 35.12 7.48 12.75
C1 PX4 J . 35.23 6.36 11.87
C2 PX4 J . 36.48 5.51 12.06
N1 PX4 J . 36.45 4.47 13.09
C3 PX4 J . 35.34 3.54 12.95
C4 PX4 J . 37.67 3.69 12.86
C5 PX4 J . 36.60 5.12 14.41
O4 PX4 J . 33.93 9.23 13.45
C6 PX4 J . 33.02 8.55 14.31
C7 PX4 J . 33.52 8.52 15.77
C8 PX4 J . 35.00 8.90 15.68
O5 PX4 J . 35.73 8.11 16.63
C9 PX4 J . 37.06 8.36 16.76
O6 PX4 J . 37.69 8.92 15.86
C10 PX4 J . 37.72 7.81 18.03
C11 PX4 J . 38.54 6.56 17.64
C12 PX4 J . 37.71 5.35 18.03
C13 PX4 J . 37.83 5.22 19.54
C14 PX4 J . 37.31 3.87 20.03
C15 PX4 J . 37.10 3.74 21.54
C16 PX4 J . 36.77 2.27 21.80
C17 PX4 J . 36.98 1.80 23.24
C18 PX4 J . 36.04 2.55 24.19
C19 PX4 J . 35.92 1.85 25.54
C20 PX4 J . 37.33 1.84 26.16
C21 PX4 J . 37.15 1.53 27.64
C22 PX4 J . 38.50 1.46 28.36
O7 PX4 J . 32.84 9.34 16.71
C23 PX4 J . 31.65 8.98 17.28
O8 PX4 J . 31.09 7.96 16.91
C24 PX4 J . 30.82 10.11 17.91
C25 PX4 J . 31.18 10.41 19.36
C26 PX4 J . 30.24 11.50 19.88
C27 PX4 J . 30.69 11.92 21.27
C28 PX4 J . 32.03 12.64 21.22
C29 PX4 J . 32.28 13.01 22.68
C30 PX4 J . 31.43 14.20 23.16
C31 PX4 J . 31.77 14.42 24.64
C32 PX4 J . 30.89 15.46 25.34
C33 PX4 J . 29.66 14.85 26.00
C34 PX4 J . 28.68 15.86 26.60
C35 PX4 J . 29.08 16.02 28.07
C36 PX4 J . 28.03 16.80 28.86
O1 PX4 K . 23.83 -15.84 18.03
O2 PX4 K . 21.98 -14.76 19.32
P1 PX4 K . 23.45 -14.84 19.04
O3 PX4 K . 23.86 -13.44 18.36
C1 PX4 K . 22.83 -13.23 17.39
C2 PX4 K . 23.24 -12.27 16.26
N1 PX4 K . 24.44 -12.55 15.47
C3 PX4 K . 24.34 -11.72 14.25
C4 PX4 K . 25.64 -12.08 16.15
C5 PX4 K . 24.60 -13.97 15.10
O4 PX4 K . 24.18 -14.83 20.47
C6 PX4 K . 23.79 -13.50 20.86
C7 PX4 K . 24.13 -13.08 22.28
C8 PX4 K . 24.77 -14.28 22.99
O5 PX4 K . 24.60 -14.37 24.40
C9 PX4 K . 25.30 -15.42 24.91
O6 PX4 K . 25.63 -16.38 24.23
C10 PX4 K . 25.34 -15.62 26.43
C11 PX4 K . 26.76 -15.86 26.94
C12 PX4 K . 26.92 -15.77 28.46
C13 PX4 K . 26.33 -14.43 28.93
C14 PX4 K . 26.92 -14.25 30.34
C15 PX4 K . 26.53 -12.95 31.04
C16 PX4 K . 27.05 -12.71 32.46
C17 PX4 K . 26.53 -11.38 33.05
C18 PX4 K . 26.98 -11.14 34.48
C19 PX4 K . 26.83 -9.65 34.82
C20 PX4 K . 27.78 -8.81 33.97
C21 PX4 K . 27.45 -7.40 34.48
C22 PX4 K . 26.30 -6.69 33.78
O7 PX4 K . 24.98 -11.92 22.30
C23 PX4 K . 24.48 -10.72 21.95
O8 PX4 K . 23.34 -10.52 21.53
C24 PX4 K . 25.49 -9.56 21.92
C25 PX4 K . 24.74 -8.21 22.05
C26 PX4 K . 25.58 -6.96 22.19
C27 PX4 K . 24.82 -5.63 22.17
C28 PX4 K . 25.83 -4.48 22.12
C29 PX4 K . 26.25 -4.18 23.56
C30 PX4 K . 25.31 -3.25 24.34
C31 PX4 K . 25.98 -2.66 25.58
C32 PX4 K . 27.21 -1.90 25.09
C33 PX4 K . 28.11 -1.58 26.29
C34 PX4 K . 29.43 -1.05 25.73
C35 PX4 K . 30.30 -0.65 26.92
C36 PX4 K . 31.51 0.24 26.61
O1 PX4 L . 31.36 -2.75 15.37
O2 PX4 L . 29.00 -2.16 14.59
P1 PX4 L . 29.91 -2.61 15.65
O3 PX4 L . 29.68 -1.59 16.89
C1 PX4 L . 29.69 -0.23 16.44
C2 PX4 L . 29.16 0.60 17.61
N1 PX4 L . 28.79 2.02 17.44
C3 PX4 L . 29.60 2.85 16.55
C4 PX4 L . 27.38 2.19 17.00
C5 PX4 L . 28.96 2.67 18.75
O4 PX4 L . 29.42 -3.97 16.34
C6 PX4 L . 30.31 -4.48 17.33
C7 PX4 L . 30.03 -5.93 17.74
C8 PX4 L . 31.26 -6.81 17.56
O5 PX4 L . 32.38 -6.70 18.45
C9 PX4 L . 32.61 -7.61 19.42
O6 PX4 L . 31.83 -8.57 19.45
C10 PX4 L . 33.81 -7.50 20.38
C11 PX4 L . 33.63 -6.38 21.39
C12 PX4 L . 34.84 -6.51 22.33
C13 PX4 L . 34.79 -7.86 23.03
C14 PX4 L . 35.95 -8.03 24.02
C15 PX4 L . 37.34 -7.92 23.41
C16 PX4 L . 38.41 -8.06 24.48
C17 PX4 L . 38.98 -6.72 24.96
C18 PX4 L . 39.46 -5.99 23.69
C19 PX4 L . 40.70 -6.72 23.17
C20 PX4 L . 41.20 -6.08 21.87
C21 PX4 L . 41.87 -4.73 22.12
C22 PX4 L . 42.42 -4.11 20.85
O7 PX4 L . 29.38 -5.93 19.01
C23 PX4 L . 28.73 -7.11 19.24
O8 PX4 L . 28.49 -7.95 18.39
C24 PX4 L . 28.64 -7.30 20.77
C25 PX4 L . 29.30 -8.63 21.16
C26 PX4 L . 29.72 -8.73 22.63
C27 PX4 L . 30.94 -9.61 22.85
C28 PX4 L . 31.36 -9.55 24.33
C29 PX4 L . 32.37 -10.66 24.61
C30 PX4 L . 32.90 -10.50 26.04
C31 PX4 L . 34.39 -10.82 25.90
C32 PX4 L . 35.23 -10.68 27.18
C33 PX4 L . 34.77 -11.69 28.23
C34 PX4 L . 35.51 -11.33 29.52
C35 PX4 L . 34.91 -11.93 30.79
C36 PX4 L . 35.69 -11.48 32.03
O1 PX4 M . -11.25 24.94 20.70
O2 PX4 M . -12.63 23.83 18.89
P1 PX4 M . -12.40 25.00 19.77
O3 PX4 M . -12.10 26.25 18.83
C1 PX4 M . -12.53 26.06 17.48
C2 PX4 M . -11.81 26.92 16.43
N1 PX4 M . -12.49 28.15 16.03
C3 PX4 M . -12.62 29.16 17.09
C4 PX4 M . -11.64 28.82 15.04
C5 PX4 M . -13.78 27.96 15.35
O4 PX4 M . -13.74 25.53 20.50
C6 PX4 M . -13.45 26.74 21.19
C7 PX4 M . -14.73 27.57 21.37
C8 PX4 M . -15.40 27.00 22.62
O5 PX4 M . -14.60 27.05 23.80
C9 PX4 M . -15.13 26.61 24.98
O6 PX4 M . -16.35 26.47 25.01
C10 PX4 M . -14.17 26.42 26.16
C11 PX4 M . -14.13 25.01 26.73
C12 PX4 M . -13.13 24.84 27.87
C13 PX4 M . -13.06 23.31 28.03
C14 PX4 M . -11.83 22.99 28.88
C15 PX4 M . -11.72 21.47 29.03
C16 PX4 M . -12.87 20.81 29.78
C17 PX4 M . -12.56 19.33 30.06
C18 PX4 M . -13.27 18.83 31.32
C19 PX4 M . -13.54 17.33 31.25
C20 PX4 M . -14.59 16.89 32.28
C21 PX4 M . -15.49 15.74 31.83
C22 PX4 M . -16.74 15.69 32.71
O7 PX4 M . -14.48 28.98 21.32
C23 PX4 M . -14.75 29.70 20.21
O8 PX4 M . -15.25 29.20 19.19
C24 PX4 M . -14.27 31.15 20.11
C25 PX4 M . -15.27 32.20 20.57
C26 PX4 M . -14.84 33.66 20.64
C27 PX4 M . -15.85 34.55 21.35
C28 PX4 M . -15.98 34.07 22.80
C29 PX4 M . -17.01 34.99 23.46
C30 PX4 M . -16.28 36.16 24.14
C31 PX4 M . -17.36 37.24 24.25
C32 PX4 M . -16.86 38.33 25.19
C33 PX4 M . -17.95 39.39 25.23
C34 PX4 M . -17.51 40.73 25.81
C35 PX4 M . -18.57 41.82 25.63
C36 PX4 M . -19.73 41.69 26.63
O1 PX4 N . -1.42 27.99 13.93
O2 PX4 N . -2.62 28.98 15.95
P1 PX4 N . -1.35 28.60 15.28
O3 PX4 N . -0.57 29.97 14.94
C1 PX4 N . -1.53 30.73 14.21
C2 PX4 N . -1.14 32.15 13.82
N1 PX4 N . -1.51 33.22 14.75
C3 PX4 N . -1.13 32.90 16.12
C4 PX4 N . -0.67 34.37 14.36
C5 PX4 N . -2.91 33.68 14.82
O4 PX4 N . -0.26 27.98 16.28
C6 PX4 N . 0.74 28.81 16.87
C7 PX4 N . 0.33 29.52 18.17
C8 PX4 N . -0.98 29.06 18.82
O5 PX4 N . -1.81 30.03 19.47
C9 PX4 N . -2.71 29.47 20.32
O6 PX4 N . -3.26 28.40 20.05
C10 PX4 N . -3.21 30.43 21.39
C11 PX4 N . -4.09 29.67 22.39
C12 PX4 N . -4.84 30.69 23.23
C13 PX4 N . -5.92 30.02 24.10
C14 PX4 N . -5.38 28.97 25.08
C15 PX4 N . -4.49 29.76 26.04
C16 PX4 N . -4.01 28.88 27.19
C17 PX4 N . -3.30 29.69 28.28
C18 PX4 N . -2.68 28.69 29.27
C19 PX4 N . -3.61 27.70 29.98
C20 PX4 N . -2.84 26.70 30.85
C21 PX4 N . -3.79 25.89 31.74
C22 PX4 N . -4.37 24.67 31.00
O7 PX4 N . 1.45 29.37 19.03
C23 PX4 N . 2.34 30.39 18.83
O8 PX4 N . 2.04 31.52 18.50
C24 PX4 N . 3.57 30.05 19.67
C25 PX4 N . 3.35 30.38 21.16
C26 PX4 N . 4.59 30.01 21.98
C27 PX4 N . 4.28 30.65 23.34
C28 PX4 N . 5.35 30.47 24.41
C29 PX4 N . 5.09 31.48 25.54
C30 PX4 N . 5.40 32.91 25.15
C31 PX4 N . 5.13 33.84 26.34
C32 PX4 N . 4.88 35.28 25.89
C33 PX4 N . 4.83 36.10 27.18
C34 PX4 N . 6.28 36.31 27.65
C35 PX4 N . 6.35 37.02 28.99
C36 PX4 N . 7.77 37.30 29.48
O1 PX4 O . 14.65 -1.86 17.08
O2 PX4 O . 13.60 -3.99 16.14
P1 PX4 O . 13.55 -2.52 16.33
O3 PX4 O . 13.48 -1.91 14.84
C1 PX4 O . 14.17 -2.78 13.94
C2 PX4 O . 13.50 -2.97 12.58
N1 PX4 O . 13.38 -1.79 11.70
C3 PX4 O . 14.62 -1.18 11.21
C4 PX4 O . 12.58 -2.24 10.54
C5 PX4 O . 12.52 -0.73 12.24
O4 PX4 O . 12.14 -1.85 16.74
C6 PX4 O . 12.45 -0.47 16.84
C7 PX4 O . 11.68 0.24 17.97
C8 PX4 O . 10.47 -0.65 18.23
O5 PX4 O . 9.31 -0.12 17.57
C9 PX4 O . 8.14 -0.79 17.70
O6 PX4 O . 8.12 -1.88 18.26
C10 PX4 O . 6.96 -0.17 16.93
C11 PX4 O . 7.24 1.24 16.39
C12 PX4 O . 5.92 1.83 15.92
C13 PX4 O . 6.01 3.21 15.25
C14 PX4 O . 4.71 3.97 15.54
C15 PX4 O . 3.51 3.30 14.90
C16 PX4 O . 2.21 3.92 15.41
C17 PX4 O . 0.99 2.99 15.20
C18 PX4 O . -0.13 3.30 16.19
C19 PX4 O . 0.43 3.02 17.59
C20 PX4 O . -0.86 3.16 18.39
C21 PX4 O . -0.97 3.23 19.91
C22 PX4 O . -0.09 4.35 20.42
O7 PX4 O . 12.42 0.61 19.13
C23 PX4 O . 13.08 1.78 19.00
O8 PX4 O . 12.85 2.50 18.03
C24 PX4 O . 13.91 2.37 20.15
C25 PX4 O . 13.04 2.90 21.29
C26 PX4 O . 13.93 3.53 22.37
C27 PX4 O . 14.88 2.65 23.16
C28 PX4 O . 14.09 1.78 24.13
C29 PX4 O . 15.05 1.24 25.19
C30 PX4 O . 16.20 0.53 24.48
C31 PX4 O . 17.27 0.13 25.50
C32 PX4 O . 17.18 -1.29 26.05
C33 PX4 O . 18.15 -1.53 27.21
C34 PX4 O . 17.95 -2.96 27.72
C35 PX4 O . 18.75 -3.34 28.97
C36 PX4 O . 18.48 -4.72 29.58
O1 PX4 P . 20.58 8.80 19.10
O2 PX4 P . 22.33 9.50 17.25
P1 PX4 P . 21.96 8.98 18.58
O3 PX4 P . 22.87 7.73 19.02
C1 PX4 P . 22.49 7.33 20.34
C2 PX4 P . 23.49 6.31 20.87
N1 PX4 P . 23.44 6.05 22.32
C3 PX4 P . 23.37 7.29 23.07
C4 PX4 P . 22.31 5.17 22.70
C5 PX4 P . 24.66 5.34 22.74
O4 PX4 P . 22.57 9.98 19.68
C6 PX4 P . 22.22 11.35 19.46
C7 PX4 P . 21.83 12.02 20.78
C8 PX4 P . 21.89 10.91 21.84
O5 PX4 P . 20.62 10.62 22.41
C9 PX4 P . 20.69 9.92 23.58
O6 PX4 P . 21.76 9.56 24.08
C10 PX4 P . 19.34 9.56 24.18
C11 PX4 P . 19.46 8.46 25.23
C12 PX4 P . 18.05 8.38 25.83
C13 PX4 P . 17.74 9.69 26.56
C14 PX4 P . 18.90 10.07 27.49
C15 PX4 P . 18.41 11.34 28.20
C16 PX4 P . 19.66 11.93 28.86
C17 PX4 P . 19.35 13.32 29.44
C18 PX4 P . 18.90 14.14 28.23
C19 PX4 P . 20.04 14.44 27.23
C20 PX4 P . 19.37 15.19 26.09
C21 PX4 P . 20.34 15.62 24.98
C22 PX4 P . 20.83 14.43 24.16
O7 PX4 P . 22.59 13.21 21.06
C23 PX4 P . 22.25 14.32 20.37
O8 PX4 P . 21.11 14.59 19.99
C24 PX4 P . 23.13 15.50 20.78
C25 PX4 P . 23.10 16.77 19.93
C26 PX4 P . 23.34 17.87 20.97
C27 PX4 P . 23.56 19.22 20.28
C28 PX4 P . 23.87 20.35 21.25
C29 PX4 P . 22.68 20.40 22.22
C30 PX4 P . 23.04 21.23 23.43
C31 PX4 P . 21.96 21.49 24.46
C32 PX4 P . 22.46 22.48 25.53
C33 PX4 P . 21.39 22.73 26.59
C34 PX4 P . 22.00 23.75 27.55
C35 PX4 P . 22.42 25.08 26.94
C36 PX4 P . 23.25 25.84 27.96
O1 PX4 Q . 27.48 8.66 14.85
O2 PX4 Q . 27.19 6.71 16.50
P1 PX4 Q . 26.63 7.88 15.79
O3 PX4 Q . 25.35 7.34 14.98
C1 PX4 Q . 25.69 6.77 13.72
C2 PX4 Q . 24.54 6.02 13.04
N1 PX4 Q . 24.65 5.79 11.59
C3 PX4 Q . 25.81 4.99 11.15
C4 PX4 Q . 23.43 5.11 11.15
C5 PX4 Q . 24.76 7.10 10.94
O4 PX4 Q . 25.89 8.79 16.87
C6 PX4 Q . 26.94 9.64 17.31
C7 PX4 Q . 26.36 10.83 18.10
C8 PX4 Q . 26.33 10.35 19.56
O5 PX4 Q . 27.40 9.54 20.05
C9 PX4 Q . 27.30 8.85 21.21
O6 PX4 Q . 26.25 8.81 21.84
C10 PX4 Q . 28.57 8.13 21.69
C11 PX4 Q . 29.24 8.92 22.81
C12 PX4 Q . 28.43 8.88 24.11
C13 PX4 Q . 28.94 9.94 25.09
C14 PX4 Q . 28.04 9.81 26.33
C15 PX4 Q . 28.66 10.62 27.46
C16 PX4 Q . 27.68 10.74 28.62
C17 PX4 Q . 28.22 11.67 29.72
C18 PX4 Q . 27.16 11.53 30.82
C19 PX4 Q . 27.63 12.24 32.10
C20 PX4 Q . 26.74 13.26 32.80
C21 PX4 Q . 27.53 13.82 33.98
C22 PX4 Q . 28.88 14.46 33.63
O7 PX4 Q . 27.12 12.02 17.86
C23 PX4 Q . 26.50 13.17 18.18
O8 PX4 Q . 25.28 13.21 18.19
C24 PX4 Q . 27.36 14.44 18.28
C25 PX4 Q . 27.61 14.87 19.72
C26 PX4 Q . 28.30 16.22 19.93
C27 PX4 Q . 28.49 16.74 21.37
C28 PX4 Q . 27.11 16.75 22.02
C29 PX4 Q . 27.00 17.45 23.37
C30 PX4 Q . 25.70 17.11 24.08
C31 PX4 Q . 25.69 17.78 25.46
C32 PX4 Q . 24.22 17.52 25.79
C33 PX4 Q . 23.83 18.34 27.01
C34 PX4 Q . 22.31 18.34 27.17
C35 PX4 Q . 21.81 19.38 28.18
C36 PX4 Q . 20.30 19.23 28.31
O1 PX4 R . 1.42 -32.43 19.61
O2 PX4 R . -0.37 -30.61 20.25
P1 PX4 R . 1.01 -31.16 20.23
O3 PX4 R . 2.07 -29.99 19.91
C1 PX4 R . 2.01 -29.62 18.52
C2 PX4 R . 3.15 -28.66 18.17
N1 PX4 R . 4.46 -29.31 17.99
C3 PX4 R . 5.27 -29.19 19.22
C4 PX4 R . 4.48 -30.69 17.47
C5 PX4 R . 5.09 -28.44 16.99
O4 PX4 R . 1.49 -31.13 21.77
C6 PX4 R . 2.84 -31.50 21.97
C7 PX4 R . 3.46 -30.77 23.15
C8 PX4 R . 2.50 -29.73 23.74
O5 PX4 R . 2.96 -28.39 23.82
C9 PX4 R . 1.95 -27.49 23.98
O6 PX4 R . 0.76 -27.80 23.89
C10 PX4 R . 2.32 -26.05 23.61
C11 PX4 R . 3.23 -25.38 24.64
C12 PX4 R . 3.62 -23.96 24.24
C13 PX4 R . 4.61 -23.37 25.24
C14 PX4 R . 5.41 -22.14 24.80
C15 PX4 R . 6.63 -21.83 25.66
C16 PX4 R . 6.05 -21.47 27.04
C17 PX4 R . 7.01 -21.03 28.15
C18 PX4 R . 6.25 -20.31 29.25
C19 PX4 R . 5.18 -21.17 29.91
C20 PX4 R . 4.48 -20.39 31.01
C21 PX4 R . 5.45 -19.96 32.12
C22 PX4 R . 4.73 -19.30 33.28
O7 PX4 R . 4.14 -31.67 24.04
C23 PX4 R . 5.21 -32.31 23.52
O8 PX4 R . 5.86 -32.10 22.49
C24 PX4 R . 5.71 -33.33 24.55
C25 PX4 R . 6.70 -32.66 25.50
C26 PX4 R . 7.25 -33.63 26.53
C27 PX4 R . 8.15 -32.84 27.48
C28 PX4 R . 9.00 -31.80 26.74
C29 PX4 R . 8.97 -30.61 27.71
C30 PX4 R . 9.86 -29.44 27.32
C31 PX4 R . 9.68 -28.20 28.19
C32 PX4 R . 10.51 -26.93 27.90
C33 PX4 R . 12.02 -27.01 28.12
C34 PX4 R . 12.58 -25.71 27.54
C35 PX4 R . 11.95 -24.50 28.23
C36 PX4 R . 12.33 -23.17 27.57
O1 PX4 S . -4.83 40.88 13.13
O2 PX4 S . -7.15 40.44 14.24
P1 PX4 S . -5.79 41.03 14.25
O3 PX4 S . -5.95 42.62 14.44
C1 PX4 S . -6.89 43.15 13.50
C2 PX4 S . -7.62 44.39 14.02
N1 PX4 S . -6.84 45.63 14.05
C3 PX4 S . -6.26 45.96 12.73
C4 PX4 S . -7.75 46.68 14.52
C5 PX4 S . -5.78 45.66 15.06
O4 PX4 S . -5.06 40.74 15.65
C6 PX4 S . -4.23 41.85 15.98
C7 PX4 S . -4.08 42.37 17.41
C8 PX4 S . -5.46 42.24 18.08
O5 PX4 S . -6.07 43.53 18.19
C9 PX4 S . -7.31 43.51 18.76
O6 PX4 S . -7.88 42.46 19.02
C10 PX4 S . -8.11 44.81 18.77
C11 PX4 S . -8.06 45.52 20.12
C12 PX4 S . -8.95 46.76 20.22
C13 PX4 S . -8.81 47.24 21.67
C14 PX4 S . -9.57 48.55 21.84
C15 PX4 S . -9.05 49.08 23.16
C16 PX4 S . -9.82 50.30 23.69
C17 PX4 S . -9.17 51.59 23.15
C18 PX4 S . -9.62 52.81 23.94
C19 PX4 S . -8.88 54.03 23.40
C20 PX4 S . -9.41 55.19 24.24
C21 PX4 S . -8.65 56.49 23.96
C22 PX4 S . -9.04 57.70 24.83
O7 PX4 S . -3.07 41.71 18.16
C23 PX4 S . -1.81 42.19 18.30
O8 PX4 S . -1.29 42.79 17.35
C24 PX4 S . -0.99 41.49 19.37
C25 PX4 S . -1.80 41.35 20.68
C26 PX4 S . -0.81 40.55 21.52
C27 PX4 S . 0.11 41.48 22.32
C28 PX4 S . -0.81 42.31 23.21
C29 PX4 S . -0.29 42.51 24.64
C30 PX4 S . -1.28 43.32 25.48
C31 PX4 S . -0.65 43.52 26.85
C32 PX4 S . 0.63 44.36 26.79
C33 PX4 S . 1.38 44.30 28.12
C34 PX4 S . 2.33 45.50 28.23
C35 PX4 S . 3.15 45.33 29.52
C36 PX4 S . 3.92 44.01 29.37
O1 PX4 T . 33.46 13.54 9.72
O2 PX4 T . 32.10 11.34 10.40
P1 PX4 T . 32.87 12.58 10.67
O3 PX4 T . 31.52 13.27 11.25
C1 PX4 T . 30.27 13.06 10.60
C2 PX4 T . 29.32 14.18 11.00
N1 PX4 T . 27.92 14.07 10.58
C3 PX4 T . 27.33 12.85 11.16
C4 PX4 T . 27.26 15.23 11.18
C5 PX4 T . 27.77 14.07 9.12
O4 PX4 T . 33.66 12.44 12.08
C6 PX4 T . 32.73 12.05 13.09
C7 PX4 T . 33.26 12.46 14.47
C8 PX4 T . 34.79 12.53 14.40
O5 PX4 T . 35.42 12.00 15.58
C9 PX4 T . 35.53 12.82 16.65
O6 PX4 T . 35.14 13.99 16.69
C10 PX4 T . 36.24 12.11 17.79
C11 PX4 T . 35.30 11.51 18.85
C12 PX4 T . 35.98 10.77 19.99
C13 PX4 T . 36.05 11.70 21.22
C14 PX4 T . 37.04 11.12 22.25
C15 PX4 T . 37.13 12.14 23.39
C16 PX4 T . 38.27 11.92 24.37
C17 PX4 T . 38.33 12.77 25.64
C18 PX4 T . 39.08 14.08 25.31
C19 PX4 T . 40.52 13.69 24.95
C20 PX4 T . 41.29 14.89 24.40
C21 PX4 T . 42.67 14.33 24.03
C22 PX4 T . 43.53 15.42 23.39
O7 PX4 T . 32.60 13.60 15.02
C23 PX4 T . 31.41 13.50 15.67
O8 PX4 T . 30.56 12.73 15.25
C24 PX4 T . 31.07 14.75 16.48
C25 PX4 T . 31.74 14.68 17.85
C26 PX4 T . 32.01 16.15 18.16
C27 PX4 T . 32.78 16.31 19.47
C28 PX4 T . 34.17 15.67 19.50
C29 PX4 T . 34.90 16.26 20.70
C30 PX4 T . 36.40 16.05 20.68
C31 PX4 T . 37.12 16.38 22.00
C32 PX4 T . 36.97 17.87 22.32
C33 PX4 T . 37.79 18.23 23.57
C34 PX4 T . 37.99 19.73 23.80
C35 PX4 T . 38.85 20.06 25.03
C36 PX4 T . 40.19 20.62 24.54
O1 PX4 U . 36.76 -2.31 13.55
O2 PX4 U . 34.64 -1.24 12.50
P1 PX4 U . 35.97 -1.14 13.15
O3 PX4 U . 37.03 -0.54 12.09
C1 PX4 U . 38.41 -0.40 12.43
C2 PX4 U . 39.35 -1.10 11.44
N1 PX4 U . 40.69 -1.36 12.00
C3 PX4 U . 41.39 -0.06 11.96
C4 PX4 U . 40.91 -1.92 13.35
C5 PX4 U . 41.28 -2.22 10.96
O4 PX4 U . 36.28 0.10 14.13
C6 PX4 U . 36.15 -0.30 15.49
C7 PX4 U . 36.46 0.85 16.42
C8 PX4 U . 35.16 1.30 17.08
O5 PX4 U . 34.79 2.59 16.57
C9 PX4 U . 33.49 2.90 16.79
O6 PX4 U . 32.66 2.32 17.51
C10 PX4 U . 33.05 4.27 16.27
C11 PX4 U . 32.83 5.32 17.37
C12 PX4 U . 33.98 5.52 18.37
C13 PX4 U . 33.58 6.75 19.17
C14 PX4 U . 34.37 6.86 20.47
C15 PX4 U . 33.59 7.97 21.19
C16 PX4 U . 34.07 8.03 22.64
C17 PX4 U . 33.41 9.29 23.23
C18 PX4 U . 33.70 9.32 24.72
C19 PX4 U . 33.16 10.56 25.42
C20 PX4 U . 33.58 10.69 26.89
C21 PX4 U . 33.05 12.06 27.32
C22 PX4 U . 34.22 13.05 27.25
O7 PX4 U . 37.54 0.63 17.34
C23 PX4 U . 38.78 0.93 16.84
O8 PX4 U . 38.89 1.73 15.93
C24 PX4 U . 39.99 0.62 17.74
C25 PX4 U . 39.77 0.94 19.21
C26 PX4 U . 40.99 0.33 19.89
C27 PX4 U . 41.04 0.53 21.40
C28 PX4 U . 42.33 -0.02 22.04
C29 PX4 U . 42.13 -0.18 23.54
C30 PX4 U . 41.10 -1.27 23.89
C31 PX4 U . 40.83 -1.29 25.39
C32 PX4 U . 39.77 -2.38 25.59
C33 PX4 U . 39.20 -2.22 26.99
C34 PX4 U . 40.45 -2.38 27.88
C35 PX4 U . 39.89 -2.15 29.29
C36 PX4 U . 40.94 -2.57 30.32
O1 PX4 V . 1.63 19.37 19.35
O2 PX4 V . 3.95 18.23 19.33
P1 PX4 V . 2.55 18.29 19.77
O3 PX4 V . 1.93 16.89 19.25
C1 PX4 V . 2.10 16.65 17.86
C2 PX4 V . 1.05 15.68 17.34
N1 PX4 V . 1.06 14.24 17.66
C3 PX4 V . -0.17 13.72 17.07
C4 PX4 V . 2.10 13.44 16.99
C5 PX4 V . 1.04 13.87 19.08
O4 PX4 V . 2.61 18.10 21.37
C6 PX4 V . 3.45 16.98 21.67
C7 PX4 V . 3.77 16.70 23.14
C8 PX4 V . 3.02 17.83 23.85
O5 PX4 V . 4.01 18.76 24.30
C9 PX4 V . 3.75 20.07 24.15
O6 PX4 V . 2.67 20.48 23.71
C10 PX4 V . 4.95 21.02 24.38
C11 PX4 V . 5.16 21.12 25.89
C12 PX4 V . 6.61 21.57 26.08
C13 PX4 V . 7.01 21.44 27.54
C14 PX4 V . 6.16 22.51 28.23
C15 PX4 V . 6.18 22.16 29.72
C16 PX4 V . 5.21 20.98 29.88
C17 PX4 V . 5.21 20.65 31.37
C18 PX4 V . 3.79 20.74 31.93
C19 PX4 V . 3.44 20.29 33.35
C20 PX4 V . 2.17 21.08 33.69
C21 PX4 V . 1.71 20.84 35.13
C22 PX4 V . 1.51 19.34 35.35
O7 PX4 V . 3.69 15.39 23.71
C23 PX4 V . 4.67 14.46 23.56
O8 PX4 V . 5.16 14.27 22.45
C24 PX4 V . 4.50 13.28 24.54
C25 PX4 V . 5.74 12.71 25.21
C26 PX4 V . 5.49 11.40 25.96
C27 PX4 V . 6.93 10.97 26.32
C28 PX4 V . 6.96 9.48 26.66
C29 PX4 V . 8.32 9.16 27.29
C30 PX4 V . 8.42 7.70 27.73
C31 PX4 V . 9.83 7.36 28.20
C32 PX4 V . 10.32 8.20 29.38
C33 PX4 V . 11.61 7.72 30.07
C34 PX4 V . 11.64 6.26 30.53
C35 PX4 V . 12.93 6.17 31.34
C36 PX4 V . 13.10 7.17 32.48
O1 PX4 W . 15.11 19.55 17.96
O2 PX4 W . 15.54 17.81 19.81
P1 PX4 W . 15.09 19.14 19.39
O3 PX4 W . 13.51 18.94 19.62
C1 PX4 W . 12.98 18.08 18.60
C2 PX4 W . 11.70 17.40 19.11
N1 PX4 W . 11.78 16.46 20.24
C3 PX4 W . 12.63 15.29 19.97
C4 PX4 W . 12.18 17.08 21.50
C5 PX4 W . 10.42 15.93 20.41
O4 PX4 W . 15.29 20.34 20.46
C6 PX4 W . 14.86 19.85 21.73
C7 PX4 W . 14.89 20.73 22.98
C8 PX4 W . 15.43 22.08 22.48
O5 PX4 W . 16.36 22.72 23.34
C9 PX4 W . 16.93 23.85 22.86
O6 PX4 W . 16.87 24.18 21.68
C10 PX4 W . 17.93 24.58 23.77
C11 PX4 W . 17.88 24.48 25.28
C12 PX4 W . 16.79 25.21 26.08
C13 PX4 W . 16.98 26.72 26.12
C14 PX4 W . 16.18 27.53 27.16
C15 PX4 W . 16.97 27.83 28.43
C16 PX4 W . 16.05 28.42 29.49
C17 PX4 W . 17.02 28.69 30.64
C18 PX4 W . 16.34 29.36 31.84
C19 PX4 W . 15.62 30.61 31.33
C20 PX4 W . 14.84 31.16 32.53
C21 PX4 W . 15.84 31.54 33.62
C22 PX4 W . 15.19 32.32 34.76
O7 PX4 W . 13.63 20.75 23.67
C23 PX4 W . 13.30 19.74 24.50
O8 PX4 W . 13.86 18.65 24.43
C24 PX4 W . 12.04 19.94 25.36
C25 PX4 W . 12.14 19.15 26.67
C26 PX4 W . 10.85 19.21 27.49
C27 PX4 W . 11.07 20.33 28.51
C28 PX4 W . 9.77 20.27 29.34
C29 PX4 W . 9.62 18.89 29.98
C30 PX4 W . 8.36 18.79 30.85
C31 PX4 W . 8.16 17.35 31.32
C32 PX4 W . 6.75 17.11 31.86
C33 PX4 W . 6.49 15.66 32.24
C34 PX4 W . 5.27 15.74 33.14
C35 PX4 W . 5.00 14.34 33.67
C36 PX4 W . 3.70 14.25 34.47
O1 PX4 X . 20.37 17.41 17.25
O2 PX4 X . 18.29 15.87 17.41
P1 PX4 X . 18.91 17.22 17.40
O3 PX4 X . 18.45 17.86 16.00
C1 PX4 X . 19.00 16.97 15.04
C2 PX4 X . 18.15 16.76 13.79
N1 PX4 X . 16.90 15.99 13.70
C3 PX4 X . 16.95 14.75 14.49
C4 PX4 X . 15.76 16.79 14.12
C5 PX4 X . 16.65 15.64 12.29
O4 PX4 X . 18.24 18.31 18.37
C6 PX4 X . 18.90 18.23 19.64
C7 PX4 X . 18.98 19.59 20.33
C8 PX4 X . 18.48 20.66 19.37
O5 PX4 X . 19.42 21.43 18.60
C9 PX4 X . 18.95 22.65 18.21
O6 PX4 X . 17.76 22.87 18.44
C10 PX4 X . 19.93 23.64 17.59
C11 PX4 X . 21.22 23.88 18.37
C12 PX4 X . 21.03 24.42 19.80
C13 PX4 X . 22.27 24.68 20.66
C14 PX4 X . 21.86 25.12 22.06
C15 PX4 X . 21.90 26.60 22.45
C16 PX4 X . 21.59 26.87 23.92
C17 PX4 X . 21.22 28.34 24.10
C18 PX4 X . 20.59 28.49 25.49
C19 PX4 X . 20.33 29.96 25.81
C20 PX4 X . 19.51 30.13 27.09
C21 PX4 X . 19.58 31.45 27.88
C22 PX4 X . 19.19 32.69 27.07
O7 PX4 X . 18.37 19.69 21.60
C23 PX4 X . 19.13 19.32 22.67
O8 PX4 X . 20.09 18.56 22.50
C24 PX4 X . 18.71 19.77 24.07
C25 PX4 X . 17.61 18.89 24.65
C26 PX4 X . 17.35 19.32 26.10
C27 PX4 X . 16.09 18.66 26.66
C28 PX4 X . 16.00 18.77 28.19
C29 PX4 X . 16.19 20.17 28.78
C30 PX4 X . 15.06 21.04 28.24
C31 PX4 X . 14.90 22.35 29.02
C32 PX4 X . 13.72 23.10 28.37
C33 PX4 X . 13.27 24.22 29.30
C34 PX4 X . 12.15 25.00 28.59
C35 PX4 X . 10.76 24.35 28.62
C36 PX4 X . 10.38 24.15 30.08
O1 PX4 Y . 4.87 -34.93 19.52
O2 PX4 Y . 6.51 -36.96 19.83
P1 PX4 Y . 5.16 -36.37 19.70
O3 PX4 Y . 4.38 -37.23 18.57
C1 PX4 Y . 3.00 -36.83 18.46
C2 PX4 Y . 2.22 -37.89 17.69
N1 PX4 Y . 0.91 -37.63 17.10
C3 PX4 Y . -0.26 -37.39 17.96
C4 PX4 Y . 1.06 -36.44 16.24
C5 PX4 Y . 0.66 -38.82 16.27
O4 PX4 Y . 4.15 -36.91 20.84
C6 PX4 Y . 4.12 -36.11 22.03
C7 PX4 Y . 3.50 -36.76 23.26
C8 PX4 Y . 4.39 -37.96 23.57
O5 PX4 Y . 5.75 -37.57 23.35
C9 PX4 Y . 6.67 -38.57 23.43
O6 PX4 Y . 6.35 -39.76 23.44
C10 PX4 Y . 8.13 -38.17 23.70
C11 PX4 Y . 8.04 -37.34 24.99
C12 PX4 Y . 8.04 -38.21 26.24
C13 PX4 Y . 8.30 -37.27 27.43
C14 PX4 Y . 8.49 -38.02 28.74
C15 PX4 Y . 8.59 -37.05 29.92
C16 PX4 Y . 9.72 -36.01 29.80
C17 PX4 Y . 9.57 -34.91 30.85
C18 PX4 Y . 10.75 -33.93 30.76
C19 PX4 Y . 10.64 -32.68 31.63
C20 PX4 Y . 9.39 -31.87 31.32
C21 PX4 Y . 9.40 -30.55 32.09
C22 PX4 Y . 8.09 -29.76 31.98
O7 PX4 Y . 3.25 -35.86 24.34
C23 PX4 Y . 1.98 -35.37 24.40
O8 PX4 Y . 1.28 -35.26 23.40
C24 PX4 Y . 1.51 -34.63 25.65
C25 PX4 Y . 1.20 -33.15 25.37
C26 PX4 Y . 1.19 -32.38 26.68
C27 PX4 Y . 0.91 -30.88 26.68
C28 PX4 Y . 1.39 -30.02 27.84
C29 PX4 Y . 1.41 -28.53 27.52
C30 PX4 Y . 1.90 -27.72 28.72
C31 PX4 Y . 1.00 -27.91 29.95
C32 PX4 Y . 1.40 -27.11 31.18
C33 PX4 Y . 0.25 -27.07 32.20
C34 PX4 Y . 0.82 -26.37 33.43
C35 PX4 Y . -0.38 -25.98 34.30
C36 PX4 Y . -1.16 -24.84 33.60
O1 PX4 Z . 0.02 -22.73 15.91
O2 PX4 Z . -2.50 -23.29 15.83
P1 PX4 Z . -1.39 -22.34 16.06
O3 PX4 Z . -1.64 -21.17 14.96
C1 PX4 Z . -2.92 -20.57 15.17
C2 PX4 Z . -2.94 -19.16 14.56
N1 PX4 Z . -2.93 -19.04 13.10
C3 PX4 Z . -1.82 -19.48 12.25
C4 PX4 Z . -4.09 -19.70 12.46
C5 PX4 Z . -3.09 -17.63 12.74
O4 PX4 Z . -1.55 -21.67 17.53
C6 PX4 Z . -1.90 -22.75 18.39
C7 PX4 Z . -1.85 -22.32 19.86
C8 PX4 Z . -2.95 -21.38 20.36
O5 PX4 Z . -2.49 -20.26 21.11
C9 PX4 Z . -3.18 -20.13 22.29
O6 PX4 Z . -4.30 -20.56 22.56
C10 PX4 Z . -2.19 -19.53 23.29
C11 PX4 Z . -1.35 -20.63 23.94
C12 PX4 Z . -0.19 -19.95 24.68
C13 PX4 Z . 0.70 -21.06 25.27
C14 PX4 Z . 1.47 -20.39 26.41
C15 PX4 Z . 0.35 -19.70 27.21
C16 PX4 Z . 1.02 -18.81 28.25
C17 PX4 Z . 0.09 -17.74 28.82
C18 PX4 Z . 0.71 -17.17 30.09
C19 PX4 Z . 0.04 -15.90 30.59
C20 PX4 Z . 0.08 -16.01 32.12
C21 PX4 Z . -0.61 -14.90 32.94
C22 PX4 Z . -0.62 -15.19 34.43
O7 PX4 Z . -1.75 -23.49 20.66
C23 PX4 Z . -0.84 -23.34 21.66
O8 PX4 Z . 0.14 -22.60 21.54
C24 PX4 Z . -0.98 -24.49 22.67
C25 PX4 Z . -1.93 -24.10 23.80
C26 PX4 Z . -2.23 -25.31 24.69
C27 PX4 Z . -1.18 -25.54 25.78
C28 PX4 Z . -0.89 -24.20 26.47
C29 PX4 Z . 0.37 -24.33 27.32
C30 PX4 Z . 0.30 -23.18 28.33
C31 PX4 Z . 1.38 -23.24 29.41
C32 PX4 Z . 1.18 -22.42 30.68
C33 PX4 Z . 2.04 -22.82 31.87
C34 PX4 Z . 1.83 -21.99 33.13
C35 PX4 Z . 2.58 -22.69 34.27
C36 PX4 Z . 2.74 -21.89 35.56
O1 PX4 AA . 4.51 -19.51 18.00
O2 PX4 AA . 6.80 -18.23 18.05
P1 PX4 AA . 5.64 -18.87 18.70
O3 PX4 AA . 6.32 -20.17 19.36
C1 PX4 AA . 7.03 -20.92 18.37
C2 PX4 AA . 7.90 -21.98 19.04
N1 PX4 AA . 7.44 -22.84 20.15
C3 PX4 AA . 7.78 -22.15 21.39
C4 PX4 AA . 6.03 -23.23 20.03
C5 PX4 AA . 8.17 -24.13 20.14
O4 PX4 AA . 5.21 -18.09 20.04
C6 PX4 AA . 6.43 -17.54 20.52
C7 PX4 AA . 6.29 -17.13 21.98
C8 PX4 AA . 4.88 -17.54 22.41
O5 PX4 AA . 4.03 -16.51 22.90
C9 PX4 AA . 2.75 -16.78 23.27
O6 PX4 AA . 2.09 -17.65 22.71
C10 PX4 AA . 1.98 -15.75 24.11
C11 PX4 AA . 0.67 -16.17 24.77
C12 PX4 AA . 0.10 -14.98 25.55
C13 PX4 AA . 0.98 -14.45 26.68
C14 PX4 AA . 0.33 -13.28 27.41
C15 PX4 AA . 0.95 -12.85 28.74
C16 PX4 AA . -0.04 -11.94 29.50
C17 PX4 AA . 0.47 -10.50 29.57
C18 PX4 AA . 0.21 -9.91 30.96
C19 PX4 AA . 0.93 -8.57 31.11
C20 PX4 AA . 0.41 -7.99 32.43
C21 PX4 AA . 1.02 -6.61 32.67
C22 PX4 AA . 0.60 -5.78 31.46
O7 PX4 AA . 7.32 -17.77 22.75
C23 PX4 AA . 8.59 -17.28 22.87
O8 PX4 AA . 8.90 -16.50 21.97
C24 PX4 AA . 9.49 -17.86 23.95
C25 PX4 AA . 8.78 -18.93 24.80
C26 PX4 AA . 9.88 -19.57 25.66
C27 PX4 AA . 10.19 -18.59 26.79
C28 PX4 AA . 11.12 -19.12 27.88
C29 PX4 AA . 11.27 -18.06 28.97
C30 PX4 AA . 9.81 -17.95 29.42
C31 PX4 AA . 9.73 -16.94 30.57
C32 PX4 AA . 8.50 -17.33 31.40
C33 PX4 AA . 8.44 -16.34 32.57
C34 PX4 AA . 9.62 -16.48 33.53
C35 PX4 AA . 9.27 -16.24 35.00
C36 PX4 AA . 8.26 -17.20 35.65
O1 PX4 BA . -3.26 37.92 14.39
O2 PX4 BA . -1.54 39.84 14.45
P1 PX4 BA . -2.08 38.57 14.99
O3 PX4 BA . -0.86 37.52 15.11
C1 PX4 BA . 0.20 38.11 15.87
C2 PX4 BA . 1.26 37.10 16.27
N1 PX4 BA . 2.45 37.67 16.95
C3 PX4 BA . 3.25 36.58 17.50
C4 PX4 BA . 3.18 38.48 15.96
C5 PX4 BA . 2.07 38.61 18.02
O4 PX4 BA . -2.12 38.53 16.59
C6 PX4 BA . -3.41 38.23 17.11
C7 PX4 BA . -3.41 37.80 18.57
C8 PX4 BA . -2.01 37.44 19.08
O5 PX4 BA . -1.69 36.04 19.04
C9 PX4 BA . -0.75 35.68 19.96
O6 PX4 BA . 0.10 36.52 20.26
C10 PX4 BA . -0.52 34.18 20.16
C11 PX4 BA . -1.41 33.68 21.29
C12 PX4 BA . -0.79 33.84 22.69
C13 PX4 BA . 0.04 32.60 23.03
C14 PX4 BA . 0.47 32.77 24.48
C15 PX4 BA . -0.76 32.47 25.35
C16 PX4 BA . -0.51 32.65 26.85
C17 PX4 BA . -0.49 34.15 27.18
C18 PX4 BA . -0.35 34.39 28.68
C19 PX4 BA . -0.48 35.84 29.14
C20 PX4 BA . -1.22 35.97 30.48
C21 PX4 BA . -1.07 37.32 31.17
C22 PX4 BA . -0.97 37.05 32.67
O7 PX4 BA . -4.15 38.58 19.50
C23 PX4 BA . -5.47 38.26 19.61
O8 PX4 BA . -5.95 37.44 18.84
C24 PX4 BA . -6.14 38.98 20.77
C25 PX4 BA . -5.50 40.35 21.00
C26 PX4 BA . -6.03 41.03 22.27
C27 PX4 BA . -5.25 40.42 23.43
C28 PX4 BA . -5.86 40.81 24.79
C29 PX4 BA . -4.87 40.61 25.94
C30 PX4 BA . -5.43 41.30 27.18
C31 PX4 BA . -4.12 41.34 27.99
C32 PX4 BA . -4.18 41.98 29.39
C33 PX4 BA . -3.02 41.70 30.35
C34 PX4 BA . -3.35 42.33 31.69
C35 PX4 BA . -2.39 42.08 32.86
C36 PX4 BA . -2.32 40.58 33.17
O1 PX4 CA . -1.37 25.22 18.00
O2 PX4 CA . 1.02 25.07 17.02
P1 PX4 CA . 0.09 25.10 18.18
O3 PX4 CA . 0.38 23.87 19.18
C1 PX4 CA . -0.68 23.90 20.14
C2 PX4 CA . -0.86 22.61 20.96
N1 PX4 CA . 0.25 22.12 21.78
C3 PX4 CA . -0.15 20.74 22.11
C4 PX4 CA . 1.51 21.91 21.06
C5 PX4 CA . 0.31 22.91 23.01
O4 PX4 CA . 0.71 26.06 19.32
C6 PX4 CA . 2.13 25.90 19.27
C7 PX4 CA . 2.89 26.61 20.39
C8 PX4 CA . 2.00 26.25 21.58
O5 PX4 CA . 1.42 27.41 22.19
C9 PX4 CA . 0.13 27.30 22.62
O6 PX4 CA . -0.48 26.24 22.50
C10 PX4 CA . -0.51 28.48 23.35
C11 PX4 CA . -0.53 28.28 24.87
C12 PX4 CA . 0.83 28.62 25.49
C13 PX4 CA . 0.84 28.45 27.01
C14 PX4 CA . 2.18 28.97 27.54
C15 PX4 CA . 2.06 29.29 29.03
C16 PX4 CA . 3.32 29.90 29.65
C17 PX4 CA . 3.35 31.42 29.80
C18 PX4 CA . 4.55 31.98 30.55
C19 PX4 CA . 4.35 33.49 30.72
C20 PX4 CA . 3.00 33.91 31.31
C21 PX4 CA . 2.67 35.38 31.08
C22 PX4 CA . 3.92 36.21 31.45
O7 PX4 CA . 4.27 26.24 20.48
C23 PX4 CA . 5.14 26.74 19.57
O8 PX4 CA . 4.85 26.86 18.39
C24 PX4 CA . 6.59 26.72 20.06
C25 PX4 CA . 7.20 28.07 19.73
C26 PX4 CA . 8.65 28.41 20.12
C27 PX4 CA . 8.54 28.95 21.54
C28 PX4 CA . 9.74 29.55 22.28
C29 PX4 CA . 9.36 30.66 23.28
C30 PX4 CA . 8.92 31.95 22.60
C31 PX4 CA . 8.99 33.22 23.44
C32 PX4 CA . 8.18 34.40 22.87
C33 PX4 CA . 8.54 35.75 23.50
C34 PX4 CA . 7.21 36.50 23.38
C35 PX4 CA . 7.49 37.94 23.84
C36 PX4 CA . 8.70 38.47 23.06
O1 PX4 DA . 10.34 27.38 16.06
O2 PX4 DA . 12.23 26.69 14.33
P1 PX4 DA . 11.74 27.33 15.58
O3 PX4 DA . 12.80 26.88 16.70
C1 PX4 DA . 12.70 25.47 16.87
C2 PX4 DA . 13.84 24.79 17.62
N1 PX4 DA . 13.76 23.34 17.48
C3 PX4 DA . 12.44 22.77 17.81
C4 PX4 DA . 14.10 22.84 16.14
C5 PX4 DA . 14.64 22.71 18.48
O4 PX4 DA . 12.11 28.89 15.63
C6 PX4 DA . 11.49 29.34 16.84
C7 PX4 DA . 12.19 30.61 17.32
C8 PX4 DA . 11.17 31.75 17.44
O5 PX4 DA . 9.82 31.29 17.46
C9 PX4 DA . 8.91 32.28 17.22
O6 PX4 DA . 9.27 33.27 16.58
C10 PX4 DA . 7.46 32.09 17.64
C11 PX4 DA . 7.09 33.37 18.36
C12 PX4 DA . 5.84 33.21 19.25
C13 PX4 DA . 5.57 34.63 19.73
C14 PX4 DA . 4.30 34.44 20.55
C15 PX4 DA . 3.80 35.83 20.94
C16 PX4 DA . 2.83 35.56 22.09
C17 PX4 DA . 2.33 36.87 22.70
C18 PX4 DA . 1.45 36.78 23.95
C19 PX4 DA . 0.99 38.15 24.44
C20 PX4 DA . 0.06 37.95 25.63
C21 PX4 DA . -0.26 39.34 26.19
C22 PX4 DA . -0.94 39.34 27.57
O7 PX4 DA . 12.95 30.43 18.51
C23 PX4 DA . 14.07 31.17 18.74
O8 PX4 DA . 14.39 32.04 17.93
C24 PX4 DA . 14.87 31.09 20.05
C25 PX4 DA . 13.83 31.02 21.18
C26 PX4 DA . 13.25 32.42 21.44
C27 PX4 DA . 12.61 32.38 22.83
C28 PX4 DA . 13.74 32.24 23.85
C29 PX4 DA . 13.23 31.96 25.26
C30 PX4 DA . 12.20 30.83 25.33
C31 PX4 DA . 12.91 29.48 25.20
C32 PX4 DA . 11.99 28.40 25.77
C33 PX4 DA . 12.72 27.06 25.66
C34 PX4 DA . 12.97 26.70 24.19
C35 PX4 DA . 13.77 25.43 24.00
C36 PX4 DA . 13.12 24.32 24.83
O1 PX4 EA . -26.27 -4.70 20.80
O2 PX4 EA . -23.88 -3.79 21.04
P1 PX4 EA . -24.93 -4.77 21.41
O3 PX4 EA . -24.33 -6.26 21.30
C1 PX4 EA . -25.26 -7.11 21.97
C2 PX4 EA . -24.47 -8.40 22.20
N1 PX4 EA . -24.32 -9.40 21.14
C3 PX4 EA . -25.53 -10.15 20.75
C4 PX4 EA . -23.69 -8.83 19.94
C5 PX4 EA . -23.44 -10.36 21.80
O4 PX4 EA . -25.05 -4.71 23.01
C6 PX4 EA . -24.73 -3.41 23.49
C7 PX4 EA . -25.23 -3.05 24.90
C8 PX4 EA . -25.26 -4.26 25.85
O5 PX4 EA . -26.50 -4.87 26.20
C9 PX4 EA . -26.59 -5.39 27.45
O6 PX4 EA . -25.60 -5.59 28.15
C10 PX4 EA . -27.97 -5.68 28.05
C11 PX4 EA . -28.60 -4.51 28.79
C12 PX4 EA . -29.91 -4.84 29.49
C13 PX4 EA . -29.71 -4.96 31.00
C14 PX4 EA . -31.07 -5.35 31.58
C15 PX4 EA . -30.93 -5.74 33.05
C16 PX4 EA . -29.87 -6.83 33.19
C17 PX4 EA . -29.87 -7.27 34.66
C18 PX4 EA . -28.76 -8.28 34.90
C19 PX4 EA . -28.91 -9.02 36.22
C20 PX4 EA . -29.14 -8.22 37.49
C21 PX4 EA . -29.70 -9.02 38.67
C22 PX4 EA . -29.94 -8.13 39.90
O7 PX4 EA . -24.54 -1.89 25.39
C23 PX4 EA . -25.17 -0.71 25.17
O8 PX4 EA . -26.36 -0.73 24.86
C24 PX4 EA . -24.46 0.57 25.62
C25 PX4 EA . -23.48 0.42 26.79
C26 PX4 EA . -23.11 1.66 27.62
C27 PX4 EA . -22.07 1.48 28.73
C28 PX4 EA . -21.85 2.75 29.52
C29 PX4 EA . -20.84 2.43 30.63
C30 PX4 EA . -20.77 3.53 31.69
C31 PX4 EA . -19.52 3.49 32.56
C32 PX4 EA . -19.39 4.69 33.49
C33 PX4 EA . -17.96 5.27 33.52
C34 PX4 EA . -17.88 6.38 34.57
C35 PX4 EA . -16.51 6.30 35.24
C36 PX4 EA . -15.47 6.37 34.12
O1 PX4 FA . -9.56 -10.00 22.96
O2 PX4 FA . -9.44 -9.70 20.38
P1 PX4 FA . -10.19 -9.95 21.62
O3 PX4 FA . -11.50 -9.02 21.46
C1 PX4 FA . -12.00 -9.04 20.13
C2 PX4 FA . -13.00 -7.95 19.75
N1 PX4 FA . -12.65 -6.52 19.82
C3 PX4 FA . -12.44 -6.05 21.19
C4 PX4 FA . -11.50 -6.28 18.94
C5 PX4 FA . -13.79 -5.81 19.21
O4 PX4 FA . -11.04 -11.31 21.49
C6 PX4 FA . -11.85 -11.53 22.65
C7 PX4 FA . -12.95 -12.58 22.50
C8 PX4 FA . -12.42 -13.87 21.87
O5 PX4 FA . -11.45 -14.62 22.59
C9 PX4 FA . -11.61 -15.97 22.68
O6 PX4 FA . -12.56 -16.53 22.13
C10 PX4 FA . -10.58 -16.79 23.44
C11 PX4 FA . -11.14 -17.52 24.67
C12 PX4 FA . -9.99 -17.86 25.60
C13 PX4 FA . -10.41 -18.31 26.99
C14 PX4 FA . -9.08 -18.58 27.73
C15 PX4 FA . -9.25 -18.89 29.22
C16 PX4 FA . -8.02 -19.61 29.79
C17 PX4 FA . -8.25 -19.78 31.29
C18 PX4 FA . -7.12 -20.63 31.87
C19 PX4 FA . -7.20 -20.53 33.40
C20 PX4 FA . -6.12 -21.35 34.11
C21 PX4 FA . -6.61 -21.47 35.56
C22 PX4 FA . -6.88 -20.10 36.18
O7 PX4 FA . -13.71 -12.68 23.69
C23 PX4 FA . -14.99 -13.11 23.73
O8 PX4 FA . -15.66 -13.36 22.73
C24 PX4 FA . -15.37 -13.63 25.12
C25 PX4 FA . -14.23 -14.47 25.69
C26 PX4 FA . -14.81 -15.13 26.94
C27 PX4 FA . -13.89 -16.28 27.38
C28 PX4 FA . -14.27 -16.70 28.79
C29 PX4 FA . -13.39 -17.89 29.18
C30 PX4 FA . -13.69 -18.49 30.56
C31 PX4 FA . -12.73 -19.63 30.85
C32 PX4 FA . -12.81 -20.08 32.31
C33 PX4 FA . -11.82 -21.23 32.52
C34 PX4 FA . -11.40 -21.44 33.97
C35 PX4 FA . -10.64 -22.77 33.90
C36 PX4 FA . -10.31 -23.21 35.33
O1 PX4 GA . -3.80 -8.66 24.33
O2 PX4 GA . -4.70 -10.51 22.74
P1 PX4 GA . -4.66 -9.84 24.05
O3 PX4 GA . -6.16 -9.34 24.31
C1 PX4 GA . -6.57 -8.40 23.33
C2 PX4 GA . -7.40 -7.33 24.03
N1 PX4 GA . -6.85 -6.39 25.02
C3 PX4 GA . -5.42 -6.15 24.80
C4 PX4 GA . -7.44 -5.08 24.73
C5 PX4 GA . -7.34 -6.81 26.34
O4 PX4 GA . -4.70 -10.78 25.36
C6 PX4 GA . -4.88 -9.91 26.48
C7 PX4 GA . -5.28 -10.49 27.83
C8 PX4 GA . -5.14 -12.01 27.75
O5 PX4 GA . -6.48 -12.49 27.91
C9 PX4 GA . -6.93 -13.19 26.85
O6 PX4 GA . -6.10 -13.93 26.30
C10 PX4 GA . -8.44 -13.33 26.69
C11 PX4 GA . -9.01 -14.65 27.21
C12 PX4 GA . -8.81 -14.73 28.72
C13 PX4 GA . -9.71 -13.70 29.40
C14 PX4 GA . -9.54 -13.86 30.92
C15 PX4 GA . -10.01 -15.28 31.27
C16 PX4 GA . -10.02 -15.38 32.80
C17 PX4 GA . -10.47 -16.81 33.15
C18 PX4 GA . -10.49 -17.17 34.64
C19 PX4 GA . -11.42 -16.10 35.22
C20 PX4 GA . -11.85 -16.50 36.63
C21 PX4 GA . -12.47 -17.90 36.58
C22 PX4 GA . -12.87 -18.44 37.95
O7 PX4 GA . -4.48 -10.06 28.93
C23 PX4 GA . -4.65 -8.76 29.33
O8 PX4 GA . -5.26 -8.00 28.55
C24 PX4 GA . -3.82 -8.27 30.51
C25 PX4 GA . -4.63 -7.56 31.60
C26 PX4 GA . -3.69 -6.80 32.55
C27 PX4 GA . -4.44 -5.68 33.27
C28 PX4 GA . -3.55 -4.85 34.21
C29 PX4 GA . -2.94 -3.77 33.33
C30 PX4 GA . -2.06 -2.93 34.27
C31 PX4 GA . -0.81 -3.65 34.77
C32 PX4 GA . 0.04 -2.85 35.76
C33 PX4 GA . 1.34 -3.66 35.85
C34 PX4 GA . 2.15 -3.32 34.59
C35 PX4 GA . 3.42 -4.14 34.52
C36 PX4 GA . 4.42 -3.70 33.45
O1 PX4 HA . 22.04 23.12 9.47
O2 PX4 HA . 19.80 23.59 10.76
P1 PX4 HA . 20.92 23.98 9.90
O3 PX4 HA . 20.52 25.00 8.72
C1 PX4 HA . 19.13 25.31 8.91
C2 PX4 HA . 18.97 26.58 9.75
N1 PX4 HA . 19.08 27.87 9.06
C3 PX4 HA . 18.43 27.89 7.74
C4 PX4 HA . 18.27 28.81 9.86
C5 PX4 HA . 20.42 28.45 8.93
O4 PX4 HA . 21.59 25.26 10.62
C6 PX4 HA . 22.56 24.74 11.52
C7 PX4 HA . 22.84 25.56 12.79
C8 PX4 HA . 21.76 26.64 12.80
O5 PX4 HA . 22.25 27.97 12.94
C9 PX4 HA . 21.38 29.02 12.91
O6 PX4 HA . 20.24 28.71 12.55
C10 PX4 HA . 21.80 30.46 13.18
C11 PX4 HA . 21.49 31.03 14.57
C12 PX4 HA . 22.25 30.41 15.74
C13 PX4 HA . 21.24 29.48 16.41
C14 PX4 HA . 21.80 28.62 17.56
C15 PX4 HA . 20.80 27.75 18.31
C16 PX4 HA . 19.83 28.59 19.15
C17 PX4 HA . 18.96 27.71 20.06
C18 PX4 HA . 17.91 28.44 20.87
C19 PX4 HA . 17.08 27.44 21.69
C20 PX4 HA . 16.24 28.23 22.69
C21 PX4 HA . 17.12 29.30 23.34
C22 PX4 HA . 16.46 30.29 24.30
O7 PX4 HA . 22.85 24.78 13.99
C23 PX4 HA . 23.99 24.30 14.56
O8 PX4 HA . 24.91 23.94 13.82
C24 PX4 HA . 23.90 23.87 16.02
C25 PX4 HA . 23.75 22.35 15.82
C26 PX4 HA . 24.45 21.57 16.92
C27 PX4 HA . 25.98 21.56 17.00
C28 PX4 HA . 26.35 20.66 18.16
C29 PX4 HA . 27.83 20.83 18.47
C30 PX4 HA . 28.13 20.65 19.97
C31 PX4 HA . 29.63 20.61 20.26
C32 PX4 HA . 29.82 20.35 21.76
C33 PX4 HA . 31.22 19.93 22.19
C34 PX4 HA . 31.67 19.89 23.66
C35 PX4 HA . 33.15 19.56 23.91
C36 PX4 HA . 33.92 20.82 23.52
O1 PX4 IA . -0.37 -13.93 16.73
O2 PX4 IA . 2.27 -14.03 17.11
P1 PX4 IA . 0.86 -14.11 17.54
O3 PX4 IA . 0.75 -15.64 18.06
C1 PX4 IA . 1.67 -15.87 19.13
C2 PX4 IA . 2.06 -17.34 19.20
N1 PX4 IA . 1.02 -18.38 19.36
C3 PX4 IA . -0.22 -17.98 20.06
C4 PX4 IA . 0.73 -18.98 18.05
C5 PX4 IA . 1.65 -19.42 20.17
O4 PX4 IA . 0.83 -13.22 18.88
C6 PX4 IA . 0.88 -11.86 18.40
C7 PX4 IA . 0.98 -10.84 19.52
C8 PX4 IA . 0.99 -11.68 20.80
O5 PX4 IA . 0.41 -11.02 21.94
C9 PX4 IA . 0.07 -11.78 23.02
O6 PX4 IA . 0.29 -12.99 23.10
C10 PX4 IA . -0.78 -11.01 24.02
C11 PX4 IA . 0.04 -10.07 24.89
C12 PX4 IA . -0.95 -9.30 25.76
C13 PX4 IA . -0.24 -8.20 26.51
C14 PX4 IA . -1.28 -7.33 27.22
C15 PX4 IA . -0.53 -6.18 27.90
C16 PX4 IA . -1.63 -5.27 28.44
C17 PX4 IA . -2.60 -4.86 27.32
C18 PX4 IA . -3.69 -4.02 27.97
C19 PX4 IA . -4.91 -4.76 28.55
C20 PX4 IA . -6.00 -3.79 29.02
C21 PX4 IA . -7.23 -4.51 29.55
C22 PX4 IA . -8.32 -3.52 29.99
O7 PX4 IA . 2.16 -10.06 19.35
C23 PX4 IA . 2.15 -8.71 19.55
O8 PX4 IA . 1.06 -8.15 19.34
C24 PX4 IA . 3.48 -8.01 19.80
C25 PX4 IA . 3.95 -7.95 21.26
C26 PX4 IA . 3.11 -7.10 22.22
C27 PX4 IA . 3.30 -7.28 23.73
C28 PX4 IA . 2.82 -6.04 24.48
C29 PX4 IA . 3.04 -6.30 25.96
C30 PX4 IA . 2.82 -5.02 26.77
C31 PX4 IA . 3.42 -5.14 28.17
C32 PX4 IA . 3.68 -3.74 28.72
C33 PX4 IA . 2.37 -3.09 29.17
C34 PX4 IA . 2.73 -1.97 30.14
C35 PX4 IA . 1.37 -1.39 30.50
C36 PX4 IA . 1.61 -0.04 31.18
O1 PX4 JA . -32.84 -6.32 23.22
O2 PX4 JA . -35.21 -7.01 23.89
P1 PX4 JA . -34.16 -5.98 23.77
O3 PX4 JA . -34.89 -4.99 22.72
C1 PX4 JA . -35.31 -5.91 21.70
C2 PX4 JA . -36.43 -5.29 20.86
N1 PX4 JA . -36.15 -4.13 20.01
C3 PX4 JA . -34.90 -4.24 19.25
C4 PX4 JA . -37.18 -3.98 18.97
C5 PX4 JA . -36.12 -2.85 20.73
O4 PX4 JA . -34.12 -5.01 25.05
C6 PX4 JA . -35.49 -4.63 25.31
C7 PX4 JA . -35.66 -3.37 26.17
C8 PX4 JA . -34.32 -2.62 26.16
O5 PX4 JA . -33.99 -2.23 27.50
C9 PX4 JA . -32.77 -1.66 27.70
O6 PX4 JA . -31.80 -2.03 27.03
C10 PX4 JA . -32.61 -0.80 28.96
C11 PX4 JA . -31.83 -1.55 30.05
C12 PX4 JA . -32.61 -1.20 31.32
C13 PX4 JA . -31.65 -1.27 32.51
C14 PX4 JA . -30.50 -0.28 32.31
C15 PX4 JA . -29.46 -0.41 33.42
C16 PX4 JA . -28.76 -1.75 33.16
C17 PX4 JA . -27.72 -2.03 34.23
C18 PX4 JA . -27.05 -3.41 34.09
C19 PX4 JA . -26.70 -3.86 35.50
C20 PX4 JA . -27.91 -3.92 36.44
C21 PX4 JA . -27.73 -4.93 37.59
C22 PX4 JA . -28.82 -4.75 38.65
O7 PX4 JA . -36.85 -2.63 25.95
C23 PX4 JA . -37.98 -2.66 26.71
O8 PX4 JA . -39.01 -2.45 26.08
C24 PX4 JA . -37.96 -3.47 28.02
C25 PX4 JA . -39.24 -3.37 28.85
C26 PX4 JA . -39.14 -4.22 30.12
C27 PX4 JA . -40.42 -4.18 30.97
C28 PX4 JA . -40.17 -5.32 31.94
C29 PX4 JA . -41.37 -5.75 32.78
C30 PX4 JA . -42.03 -4.51 33.35
C31 PX4 JA . -42.98 -4.96 34.46
C32 PX4 JA . -43.96 -6.10 34.11
C33 PX4 JA . -44.96 -6.32 35.23
C34 PX4 JA . -45.78 -5.04 35.48
C35 PX4 JA . -46.68 -5.23 36.69
C36 PX4 JA . -47.68 -4.12 37.01
O1 PX4 KA . 9.15 36.86 12.26
O2 PX4 KA . 10.88 38.12 13.62
P1 PX4 KA . 9.85 37.07 13.56
O3 PX4 KA . 10.56 35.66 13.82
C1 PX4 KA . 9.67 34.68 13.29
C2 PX4 KA . 9.99 33.24 13.71
N1 PX4 KA . 9.20 32.17 13.05
C3 PX4 KA . 9.99 30.98 13.35
C4 PX4 KA . 7.88 32.05 13.71
C5 PX4 KA . 8.98 32.38 11.62
O4 PX4 KA . 8.85 37.12 14.84
C6 PX4 KA . 9.75 37.34 15.93
C7 PX4 KA . 9.04 37.10 17.27
C8 PX4 KA . 9.88 36.13 18.09
O5 PX4 KA . 11.23 36.56 18.23
C9 PX4 KA . 12.12 35.62 18.62
O6 PX4 KA . 11.62 34.55 18.98
C10 PX4 KA . 13.60 35.99 18.73
C11 PX4 KA . 13.80 37.24 19.59
C12 PX4 KA . 13.01 37.06 20.89
C13 PX4 KA . 13.24 38.27 21.80
C14 PX4 KA . 12.38 38.18 23.07
C15 PX4 KA . 12.63 37.03 24.06
C16 PX4 KA . 11.73 37.07 25.29
C17 PX4 KA . 11.39 35.67 25.81
C18 PX4 KA . 10.74 35.56 27.19
C19 PX4 KA . 10.35 34.07 27.26
C20 PX4 KA . 9.75 33.67 28.61
C21 PX4 KA . 9.30 32.21 28.66
C22 PX4 KA . 8.06 31.87 27.83
O7 PX4 KA . 8.56 38.31 17.87
C23 PX4 KA . 7.24 38.52 18.12
O8 PX4 KA . 6.45 37.67 17.74
C24 PX4 KA . 6.88 39.67 19.08
C25 PX4 KA . 5.53 39.67 19.77
C26 PX4 KA . 5.35 40.56 21.01
C27 PX4 KA . 3.84 40.52 21.27
C28 PX4 KA . 3.55 41.24 22.58
C29 PX4 KA . 4.14 40.52 23.79
C30 PX4 KA . 3.42 40.99 25.07
C31 PX4 KA . 3.74 40.23 26.35
C32 PX4 KA . 2.77 40.82 27.38
C33 PX4 KA . 2.95 40.18 28.76
C34 PX4 KA . 1.94 40.63 29.82
C35 PX4 KA . 2.31 39.98 31.15
C36 PX4 KA . 1.65 40.80 32.27
O1 PX4 LA . -24.33 6.34 20.44
O2 PX4 LA . -23.63 3.87 20.23
P1 PX4 LA . -24.47 4.92 20.84
O3 PX4 LA . -25.99 4.38 20.69
C1 PX4 LA . -26.08 2.99 21.04
C2 PX4 LA . -27.49 2.44 21.26
N1 PX4 LA . -28.13 2.86 22.51
C3 PX4 LA . -29.53 2.47 22.41
C4 PX4 LA . -27.54 2.09 23.62
C5 PX4 LA . -28.14 4.28 22.91
O4 PX4 LA . -24.39 4.75 22.44
C6 PX4 LA . -23.21 5.43 22.88
C7 PX4 LA . -22.63 4.99 24.22
C8 PX4 LA . -23.78 4.29 24.93
O5 PX4 LA . -24.32 5.01 26.03
C9 PX4 LA . -25.52 4.55 26.45
O6 PX4 LA . -26.02 3.55 25.97
C10 PX4 LA . -26.08 5.16 27.74
C11 PX4 LA . -26.07 4.26 28.99
C12 PX4 LA . -26.76 4.95 30.16
C13 PX4 LA . -26.75 4.13 31.46
C14 PX4 LA . -25.38 3.85 32.09
C15 PX4 LA . -25.44 2.74 33.13
C16 PX4 LA . -25.48 1.38 32.44
C17 PX4 LA . -25.26 0.30 33.51
C18 PX4 LA . -24.22 0.94 34.42
C19 PX4 LA . -23.58 0.02 35.46
C20 PX4 LA . -22.53 0.65 36.38
C21 PX4 LA . -21.29 1.17 35.66
C22 PX4 LA . -20.13 1.37 36.63
O7 PX4 LA . -21.43 4.22 24.27
C23 PX4 LA . -20.22 4.77 24.02
O8 PX4 LA . -20.19 5.31 22.92
C24 PX4 LA . -19.05 3.96 24.59
C25 PX4 LA . -18.86 4.27 26.07
C26 PX4 LA . -17.53 3.75 26.61
C27 PX4 LA . -17.36 4.14 28.07
C28 PX4 LA . -15.96 3.83 28.59
C29 PX4 LA . -15.88 4.04 30.10
C30 PX4 LA . -14.47 4.06 30.68
C31 PX4 LA . -13.64 2.81 30.37
C32 PX4 LA . -12.36 2.80 31.22
C33 PX4 LA . -12.72 2.74 32.71
C34 PX4 LA . -11.43 2.38 33.44
C35 PX4 LA . -11.79 2.33 34.94
C36 PX4 LA . -12.26 3.72 35.35
O1 PX4 MA . -15.86 2.03 16.39
O2 PX4 MA . -16.20 0.25 18.22
P1 PX4 MA . -16.27 1.65 17.76
O3 PX4 MA . -17.75 2.23 17.91
C1 PX4 MA . -17.60 3.52 17.32
C2 PX4 MA . -18.95 4.18 17.02
N1 PX4 MA . -19.52 4.22 15.66
C3 PX4 MA . -20.87 4.80 15.77
C4 PX4 MA . -18.71 5.11 14.82
C5 PX4 MA . -19.69 2.90 15.03
O4 PX4 MA . -15.49 2.65 18.76
C6 PX4 MA . -14.85 1.85 19.77
C7 PX4 MA . -14.83 2.55 21.13
C8 PX4 MA . -16.19 2.27 21.76
O5 PX4 MA . -16.66 0.95 21.48
C9 PX4 MA . -17.96 0.69 21.76
O6 PX4 MA . -18.72 1.62 21.99
C10 PX4 MA . -18.45 -0.77 21.76
C11 PX4 MA . -18.68 -1.21 23.21
C12 PX4 MA . -19.91 -0.59 23.88
C13 PX4 MA . -20.08 -1.23 25.27
C14 PX4 MA . -19.01 -0.80 26.26
C15 PX4 MA . -19.27 -1.29 27.69
C16 PX4 MA . -18.20 -0.74 28.63
C17 PX4 MA . -18.65 -0.65 30.08
C18 PX4 MA . -17.50 0.15 30.73
C19 PX4 MA . -17.62 0.20 32.25
C20 PX4 MA . -16.22 0.57 32.77
C21 PX4 MA . -16.15 0.47 34.30
C22 PX4 MA . -16.39 -0.98 34.69
O7 PX4 MA . -13.76 2.16 22.00
C23 PX4 MA . -12.47 2.54 21.85
O8 PX4 MA . -12.16 2.98 20.74
C24 PX4 MA . -11.54 2.04 22.97
C25 PX4 MA . -11.47 3.02 24.15
C26 PX4 MA . -11.23 2.21 25.42
C27 PX4 MA . -10.89 3.14 26.60
C28 PX4 MA . -11.92 4.25 26.71
C29 PX4 MA . -11.78 4.97 28.03
C30 PX4 MA . -12.45 6.36 27.89
C31 PX4 MA . -12.51 7.04 29.26
C32 PX4 MA . -13.35 8.30 29.05
C33 PX4 MA . -13.36 9.09 30.37
C34 PX4 MA . -11.96 9.37 30.89
C35 PX4 MA . -11.97 10.26 32.13
C36 PX4 MA . -12.79 11.54 31.83
O1 PX4 NA . -24.14 -15.59 21.33
O2 PX4 NA . -24.60 -13.41 20.02
P1 PX4 NA . -23.76 -14.22 20.93
O3 PX4 NA . -22.35 -14.32 20.15
C1 PX4 NA . -22.52 -15.44 19.28
C2 PX4 NA . -21.87 -15.13 17.92
N1 PX4 NA . -22.51 -15.83 16.81
C3 PX4 NA . -22.09 -15.16 15.57
C4 PX4 NA . -22.03 -17.23 16.85
C5 PX4 NA . -23.98 -15.82 16.74
O4 PX4 NA . -23.12 -13.38 22.16
C6 PX4 NA . -22.31 -14.26 22.93
C7 PX4 NA . -21.74 -13.72 24.25
C8 PX4 NA . -22.85 -12.80 24.74
O5 PX4 NA . -22.51 -12.07 25.93
C9 PX4 NA . -21.95 -10.83 25.82
O6 PX4 NA . -21.60 -10.34 24.76
C10 PX4 NA . -21.60 -10.12 27.13
C11 PX4 NA . -20.17 -10.45 27.57
C12 PX4 NA . -19.13 -9.67 26.76
C13 PX4 NA . -17.71 -10.17 27.04
C14 PX4 NA . -17.28 -10.28 28.51
C15 PX4 NA . -15.95 -11.03 28.61
C16 PX4 NA . -15.73 -11.54 30.04
C17 PX4 NA . -14.40 -12.31 30.02
C18 PX4 NA . -14.05 -12.70 31.45
C19 PX4 NA . -15.07 -13.56 32.19
C20 PX4 NA . -14.69 -13.70 33.67
C21 PX4 NA . -15.62 -14.53 34.55
C22 PX4 NA . -15.24 -16.00 34.50
O7 PX4 NA . -21.40 -14.77 25.16
C23 PX4 NA . -20.13 -14.65 25.59
O8 PX4 NA . -19.34 -13.83 25.11
C24 PX4 NA . -19.72 -15.76 26.56
C25 PX4 NA . -19.58 -15.06 27.91
C26 PX4 NA . -19.32 -16.03 29.07
C27 PX4 NA . -19.44 -15.23 30.37
C28 PX4 NA . -18.75 -15.76 31.62
C29 PX4 NA . -18.77 -14.63 32.66
C30 PX4 NA . -19.73 -14.92 33.82
C31 PX4 NA . -19.83 -13.74 34.77
C32 PX4 NA . -20.89 -13.94 35.86
C33 PX4 NA . -21.18 -12.77 36.80
C34 PX4 NA . -21.77 -13.64 37.91
C35 PX4 NA . -21.96 -12.81 39.18
C36 PX4 NA . -22.84 -13.51 40.23
O1 PX4 OA . -8.34 -20.90 19.34
O2 PX4 OA . -9.46 -18.62 19.27
P1 PX4 OA . -8.27 -19.44 19.58
O3 PX4 OA . -7.03 -18.88 18.73
C1 PX4 OA . -7.03 -17.47 19.01
C2 PX4 OA . -5.88 -16.82 18.24
N1 PX4 OA . -5.90 -15.35 18.11
C3 PX4 OA . -7.01 -14.74 17.37
C4 PX4 OA . -5.68 -14.57 19.33
C5 PX4 OA . -4.73 -15.19 17.22
O4 PX4 OA . -7.76 -19.12 21.07
C6 PX4 OA . -7.79 -20.39 21.73
C7 PX4 OA . -7.85 -20.45 23.27
C8 PX4 OA . -7.21 -19.10 23.61
O5 PX4 OA . -6.51 -19.26 24.85
C9 PX4 OA . -5.78 -18.20 25.29
O6 PX4 OA . -5.19 -17.48 24.49
C10 PX4 OA . -5.35 -18.32 26.75
C11 PX4 OA . -5.15 -16.94 27.38
C12 PX4 OA . -5.24 -17.11 28.89
C13 PX4 OA . -5.09 -15.78 29.61
C14 PX4 OA . -5.73 -15.81 31.00
C15 PX4 OA . -5.36 -14.52 31.71
C16 PX4 OA . -6.04 -13.26 31.12
C17 PX4 OA . -5.80 -12.04 32.01
C18 PX4 OA . -5.84 -12.43 33.50
C19 PX4 OA . -5.54 -11.22 34.41
C20 PX4 OA . -6.03 -11.61 35.81
C21 PX4 OA . -5.56 -10.49 36.73
C22 PX4 OA . -6.04 -10.63 38.18
O7 PX4 OA . -9.15 -20.76 23.78
C23 PX4 OA . -9.51 -22.07 23.80
O8 PX4 OA . -8.97 -22.83 23.01
C24 PX4 OA . -10.90 -22.34 24.36
C25 PX4 OA . -10.85 -22.32 25.89
C26 PX4 OA . -10.29 -23.56 26.59
C27 PX4 OA . -10.42 -23.34 28.10
C28 PX4 OA . -10.17 -24.68 28.77
C29 PX4 OA . -10.50 -24.67 30.26
C30 PX4 OA . -10.14 -26.02 30.90
C31 PX4 OA . -10.30 -26.11 32.41
C32 PX4 OA . -9.56 -27.33 32.96
C33 PX4 OA . -10.07 -27.20 34.40
C34 PX4 OA . -9.51 -28.20 35.43
C35 PX4 OA . -10.21 -28.08 36.77
C36 PX4 OA . -9.78 -29.27 37.62
O1 PX4 PA . -7.51 -33.49 24.30
O2 PX4 PA . -7.73 -31.73 22.45
P1 PX4 PA . -6.89 -32.56 23.35
O3 PX4 PA . -5.74 -33.22 22.45
C1 PX4 PA . -4.71 -33.70 23.33
C2 PX4 PA . -3.49 -34.21 22.56
N1 PX4 PA . -2.70 -33.30 21.72
C3 PX4 PA . -3.28 -33.03 20.38
C4 PX4 PA . -2.47 -31.98 22.31
C5 PX4 PA . -1.37 -33.91 21.58
O4 PX4 PA . -6.00 -31.66 24.36
C6 PX4 PA . -6.93 -31.03 25.22
C7 PX4 PA . -6.37 -29.85 26.02
C8 PX4 PA . -4.85 -29.93 25.93
O5 PX4 PA . -4.25 -30.19 27.20
C9 PX4 PA . -2.96 -29.72 27.24
O6 PX4 PA . -2.29 -29.70 26.21
C10 PX4 PA . -2.42 -29.70 28.67
C11 PX4 PA . -3.16 -28.62 29.46
C12 PX4 PA . -2.46 -27.28 29.25
C13 PX4 PA . -3.26 -26.06 29.72
C14 PX4 PA . -3.78 -26.27 31.15
C15 PX4 PA . -4.78 -25.20 31.57
C16 PX4 PA . -4.77 -24.90 33.07
C17 PX4 PA . -5.29 -26.09 33.86
C18 PX4 PA . -5.22 -25.95 35.38
C19 PX4 PA . -5.88 -27.16 36.05
C20 PX4 PA . -5.74 -26.84 37.55
C21 PX4 PA . -6.57 -27.69 38.50
C22 PX4 PA . -6.23 -29.18 38.49
O7 PX4 PA . -6.95 -28.60 25.63
C23 PX4 PA . -7.12 -27.91 24.47
O8 PX4 PA . -6.84 -28.39 23.38
C24 PX4 PA . -7.77 -26.53 24.64
C25 PX4 PA . -6.88 -25.43 25.18
C26 PX4 PA . -6.35 -25.70 26.58
C27 PX4 PA . -5.32 -24.59 26.87
C28 PX4 PA . -6.01 -23.23 26.99
C29 PX4 PA . -4.89 -22.21 27.23
C30 PX4 PA . -4.13 -22.15 28.56
C31 PX4 PA . -3.06 -21.06 28.48
C32 PX4 PA . -2.23 -21.15 29.75
C33 PX4 PA . -3.09 -20.61 30.88
C34 PX4 PA . -2.53 -20.61 32.30
C35 PX4 PA . -2.91 -19.31 33.01
C36 PX4 PA . -2.61 -19.49 34.49
O1 PX4 QA . 8.21 -28.90 17.10
O2 PX4 QA . 10.10 -30.57 17.59
P1 PX4 QA . 8.68 -30.16 17.71
O3 PX4 QA . 7.74 -31.38 17.23
C1 PX4 QA . 8.24 -32.46 18.03
C2 PX4 QA . 7.70 -33.83 17.65
N1 PX4 QA . 8.07 -34.39 16.34
C3 PX4 QA . 7.79 -33.43 15.25
C4 PX4 QA . 9.46 -34.85 16.22
C5 PX4 QA . 7.26 -35.59 16.06
O4 PX4 QA . 8.35 -30.13 19.28
C6 PX4 QA . 9.60 -29.76 19.85
C7 PX4 QA . 9.76 -30.00 21.36
C8 PX4 QA . 8.30 -29.88 21.81
O5 PX4 QA . 8.07 -29.34 23.10
C9 PX4 QA . 6.74 -29.13 23.30
O6 PX4 QA . 5.87 -28.91 22.46
C10 PX4 QA . 6.31 -28.87 24.75
C11 PX4 QA . 6.77 -27.54 25.34
C12 PX4 QA . 6.13 -27.34 26.72
C13 PX4 QA . 6.37 -26.04 27.51
C14 PX4 QA . 5.52 -26.25 28.76
C15 PX4 QA . 6.14 -25.64 30.03
C16 PX4 QA . 5.38 -25.94 31.33
C17 PX4 QA . 5.84 -25.18 32.57
C18 PX4 QA . 7.37 -25.26 32.60
C19 PX4 QA . 7.76 -24.57 33.91
C20 PX4 QA . 7.31 -23.11 33.98
C21 PX4 QA . 8.35 -22.25 34.71
C22 PX4 QA . 7.81 -20.87 35.01
O7 PX4 QA . 10.36 -31.23 21.79
C23 PX4 QA . 11.69 -31.48 21.88
O8 PX4 QA . 12.46 -30.93 21.10
C24 PX4 QA . 12.06 -32.63 22.81
C25 PX4 QA . 11.91 -32.25 24.30
C26 PX4 QA . 12.35 -33.39 25.20
C27 PX4 QA . 12.35 -32.99 26.69
C28 PX4 QA . 13.45 -32.02 27.12
C29 PX4 QA . 13.16 -31.43 28.51
C30 PX4 QA . 14.08 -30.23 28.73
C31 PX4 QA . 13.77 -29.68 30.13
C32 PX4 QA . 14.40 -28.30 30.33
C33 PX4 QA . 14.57 -27.86 31.78
C34 PX4 QA . 13.27 -27.58 32.55
C35 PX4 QA . 12.61 -26.29 32.09
C36 PX4 QA . 11.14 -26.14 32.50
O1 PX4 RA . -34.36 -0.89 23.39
O2 PX4 RA . -32.77 -1.08 21.32
P1 PX4 RA . -33.05 -0.65 22.71
O3 PX4 RA . -32.16 -1.60 23.66
C1 PX4 RA . -32.09 -2.90 23.08
C2 PX4 RA . -30.69 -3.51 23.02
N1 PX4 RA . -29.89 -3.86 24.21
C3 PX4 RA . -29.47 -2.65 24.95
C4 PX4 RA . -30.63 -4.76 25.10
C5 PX4 RA . -28.69 -4.48 23.64
O4 PX4 RA . -32.47 0.76 23.24
C6 PX4 RA . -32.86 0.88 24.60
C7 PX4 RA . -32.77 2.34 25.03
C8 PX4 RA . -34.22 2.68 25.37
O5 PX4 RA . -34.83 1.66 26.19
C9 PX4 RA . -36.18 1.76 26.27
O6 PX4 RA . -36.83 2.59 25.65
C10 PX4 RA . -36.89 0.73 27.16
C11 PX4 RA . -36.48 0.82 28.63
C12 PX4 RA . -37.26 -0.23 29.43
C13 PX4 RA . -37.50 0.39 30.80
C14 PX4 RA . -36.18 0.78 31.48
C15 PX4 RA . -36.65 1.44 32.78
C16 PX4 RA . -35.51 1.59 33.77
C17 PX4 RA . -35.35 0.24 34.45
C18 PX4 RA . -34.32 0.20 35.57
C19 PX4 RA . -34.60 -0.84 36.67
C20 PX4 RA . -33.40 -1.03 37.62
C21 PX4 RA . -32.10 -1.06 36.83
C22 PX4 RA . -30.98 -1.58 37.73
O7 PX4 RA . -31.82 2.70 26.04
C23 PX4 RA . -30.99 3.77 25.87
O8 PX4 RA . -30.93 4.44 24.85
C24 PX4 RA . -30.06 4.12 27.04
C25 PX4 RA . -29.80 3.02 28.08
C26 PX4 RA . -28.99 1.79 27.65
C27 PX4 RA . -28.75 0.85 28.83
C28 PX4 RA . -27.52 0.09 28.34
C29 PX4 RA . -27.17 -0.97 29.39
C30 PX4 RA . -25.72 -1.46 29.25
C31 PX4 RA . -25.44 -2.40 30.42
C32 PX4 RA . -24.22 -3.16 29.88
C33 PX4 RA . -23.81 -4.17 30.96
C34 PX4 RA . -23.25 -3.56 32.25
C35 PX4 RA . -21.85 -3.08 31.85
C36 PX4 RA . -21.35 -2.20 32.99
O1 PX4 SA . -31.51 -10.85 20.90
O2 PX4 SA . -31.53 -12.41 23.02
P1 PX4 SA . -31.90 -11.17 22.29
O3 PX4 SA . -33.50 -11.27 22.40
C1 PX4 SA . -34.07 -10.05 21.93
C2 PX4 SA . -35.54 -10.20 21.50
N1 PX4 SA . -35.90 -11.20 20.50
C3 PX4 SA . -37.28 -10.87 20.11
C4 PX4 SA . -35.01 -11.03 19.34
C5 PX4 SA . -35.91 -12.63 20.86
O4 PX4 SA . -31.67 -9.87 23.19
C6 PX4 SA . -30.33 -9.67 23.67
C7 PX4 SA . -30.23 -8.55 24.70
C8 PX4 SA . -31.53 -8.47 25.50
O5 PX4 SA . -31.93 -7.26 26.13
C9 PX4 SA . -32.66 -7.52 27.26
O6 PX4 SA . -32.85 -8.69 27.59
C10 PX4 SA . -33.06 -6.30 28.11
C11 PX4 SA . -34.33 -6.64 28.87
C12 PX4 SA . -34.92 -5.37 29.47
C13 PX4 SA . -34.38 -5.08 30.86
C14 PX4 SA . -35.16 -3.94 31.53
C15 PX4 SA . -36.18 -4.21 32.63
C16 PX4 SA . -36.82 -2.98 33.24
C17 PX4 SA . -37.82 -3.23 34.39
C18 PX4 SA . -38.57 -1.97 34.80
C19 PX4 SA . -39.82 -2.45 35.54
C20 PX4 SA . -39.58 -3.50 36.63
C21 PX4 SA . -40.76 -3.57 37.59
C22 PX4 SA . -40.38 -4.14 38.97
O7 PX4 SA . -29.03 -8.82 25.44
C23 PX4 SA . -27.87 -8.36 24.89
O8 PX4 SA . -27.93 -7.81 23.80
C24 PX4 SA . -26.53 -8.81 25.48
C25 PX4 SA . -26.44 -8.60 26.99
C26 PX4 SA . -25.12 -9.10 27.58
C27 PX4 SA . -25.13 -8.85 29.09
C28 PX4 SA . -26.33 -9.37 29.85
C29 PX4 SA . -26.32 -8.87 31.30
C30 PX4 SA . -26.18 -7.33 31.37
C31 PX4 SA . -26.15 -6.97 32.86
C32 PX4 SA . -24.97 -7.69 33.53
C33 PX4 SA . -24.97 -7.68 35.06
C34 PX4 SA . -24.95 -9.06 35.73
C35 PX4 SA . -24.85 -8.83 37.24
C36 PX4 SA . -24.99 -10.20 37.90
O1 PX4 TA . -10.40 11.38 13.57
O2 PX4 TA . -12.66 10.23 13.05
P1 PX4 TA . -11.85 11.24 13.78
O3 PX4 TA . -12.59 12.67 13.82
C1 PX4 TA . -14.02 12.64 13.76
C2 PX4 TA . -14.55 14.04 14.06
N1 PX4 TA . -14.37 15.17 13.13
C3 PX4 TA . -15.31 16.12 13.75
C4 PX4 TA . -13.02 15.74 13.11
C5 PX4 TA . -14.76 14.96 11.74
O4 PX4 TA . -11.97 10.91 15.35
C6 PX4 TA . -11.38 9.61 15.45
C7 PX4 TA . -11.34 8.95 16.83
C8 PX4 TA . -11.79 10.04 17.82
O5 PX4 TA . -11.16 9.94 19.09
C9 PX4 TA . -11.41 10.99 19.91
O6 PX4 TA . -12.32 11.75 19.58
C10 PX4 TA . -10.77 10.85 21.29
C11 PX4 TA . -11.91 10.43 22.23
C12 PX4 TA . -11.39 10.22 23.66
C13 PX4 TA . -12.53 10.04 24.64
C14 PX4 TA . -12.00 10.11 26.07
C15 PX4 TA . -11.14 11.34 26.39
C16 PX4 TA . -11.39 11.89 27.80
C17 PX4 TA . -10.50 13.12 27.98
C18 PX4 TA . -10.61 13.64 29.42
C19 PX4 TA . -9.57 14.71 29.76
C20 PX4 TA . -9.85 15.26 31.17
C21 PX4 TA . -9.03 16.53 31.41
C22 PX4 TA . -9.27 17.63 30.38
O7 PX4 TA . -12.17 7.81 16.87
C23 PX4 TA . -11.66 6.77 17.60
O8 PX4 TA . -10.53 6.42 17.30
C24 PX4 TA . -12.60 5.60 17.91
C25 PX4 TA . -12.92 5.58 19.40
C26 PX4 TA . -14.22 6.25 19.83
C27 PX4 TA . -14.45 6.10 21.34
C28 PX4 TA . -15.36 7.21 21.86
C29 PX4 TA . -15.09 7.36 23.36
C30 PX4 TA . -16.00 6.71 24.39
C31 PX4 TA . -15.87 7.44 25.73
C32 PX4 TA . -16.24 8.91 25.75
C33 PX4 TA . -16.04 9.35 27.21
C34 PX4 TA . -17.11 8.63 28.02
C35 PX4 TA . -17.24 9.31 29.39
C36 PX4 TA . -17.98 8.52 30.47
O1 PX4 UA . -7.51 12.53 16.28
O2 PX4 UA . -9.11 12.86 18.16
P1 PX4 UA . -7.87 13.33 17.47
O3 PX4 UA . -7.85 14.91 17.16
C1 PX4 UA . -8.22 15.60 18.36
C2 PX4 UA . -8.32 17.12 18.17
N1 PX4 UA . -8.94 17.92 19.23
C3 PX4 UA . -8.28 17.65 20.51
C4 PX4 UA . -8.73 19.32 18.84
C5 PX4 UA . -10.38 17.64 19.36
O4 PX4 UA . -6.73 13.08 18.58
C6 PX4 UA . -6.92 11.70 18.86
C7 PX4 UA . -5.85 11.11 19.81
C8 PX4 UA . -5.41 12.21 20.76
O5 PX4 UA . -4.22 11.97 21.53
C9 PX4 UA . -3.02 12.22 20.97
O6 PX4 UA . -2.82 12.62 19.82
C10 PX4 UA . -1.85 11.95 21.92
C11 PX4 UA . -0.95 10.76 21.63
C12 PX4 UA . 0.32 10.77 22.48
C13 PX4 UA . 1.25 9.58 22.34
C14 PX4 UA . 0.67 8.41 23.15
C15 PX4 UA . 1.49 7.11 23.20
C16 PX4 UA . 0.93 6.04 24.13
C17 PX4 UA . 1.74 4.75 23.95
C18 PX4 UA . 1.27 3.62 24.87
C19 PX4 UA . -0.19 3.15 24.80
C20 PX4 UA . -0.33 2.08 23.72
C21 PX4 UA . -1.73 1.48 23.68
C22 PX4 UA . -1.76 0.62 22.41
O7 PX4 UA . -6.35 9.96 20.50
C23 PX4 UA . -6.90 8.89 19.86
O8 PX4 UA . -6.98 8.62 18.66
C24 PX4 UA . -7.26 7.72 20.78
C25 PX4 UA . -8.77 7.62 21.00
C26 PX4 UA . -9.25 6.57 22.01
C27 PX4 UA . -8.49 6.67 23.35
C28 PX4 UA . -8.94 5.55 24.29
C29 PX4 UA . -8.37 5.87 25.68
C30 PX4 UA . -9.03 7.08 26.37
C31 PX4 UA . -8.27 7.24 27.67
C32 PX4 UA . -8.47 8.50 28.52
C33 PX4 UA . -7.33 8.81 29.48
C34 PX4 UA . -7.47 10.00 30.42
C35 PX4 UA . -6.25 10.29 31.30
C36 PX4 UA . -6.53 11.63 32.01
O1 PX4 VA . -19.25 -5.19 17.03
O2 PX4 VA . -21.62 -6.04 16.36
P1 PX4 VA . -20.66 -5.52 17.35
O3 PX4 VA . -21.33 -4.08 17.66
C1 PX4 VA . -22.75 -4.16 17.48
C2 PX4 VA . -23.62 -2.91 17.68
N1 PX4 VA . -23.49 -1.88 16.64
C3 PX4 VA . -23.95 -2.54 15.41
C4 PX4 VA . -24.38 -0.74 16.85
C5 PX4 VA . -22.12 -1.41 16.41
O4 PX4 VA . -20.86 -6.03 18.87
C6 PX4 VA . -19.96 -5.21 19.62
C7 PX4 VA . -19.59 -5.83 20.97
C8 PX4 VA . -20.95 -6.12 21.60
O5 PX4 VA . -21.01 -6.27 23.03
C9 PX4 VA . -20.65 -5.24 23.86
O6 PX4 VA . -20.57 -4.09 23.45
C10 PX4 VA . -20.71 -5.68 25.32
C11 PX4 VA . -21.54 -4.74 26.19
C12 PX4 VA . -21.16 -4.85 27.66
C13 PX4 VA . -21.54 -6.18 28.30
C14 PX4 VA . -21.24 -6.25 29.81
C15 PX4 VA . -21.55 -7.64 30.38
C16 PX4 VA . -20.27 -8.25 30.93
C17 PX4 VA . -20.56 -9.67 31.43
C18 PX4 VA . -19.27 -10.33 31.86
C19 PX4 VA . -18.51 -9.37 32.79
C20 PX4 VA . -17.25 -10.05 33.31
C21 PX4 VA . -16.29 -9.05 33.97
C22 PX4 VA . -14.93 -9.69 34.28
O7 PX4 VA . -18.65 -6.91 20.89
C23 PX4 VA . -17.34 -6.75 20.54
O8 PX4 VA . -16.85 -5.73 20.07
C24 PX4 VA . -16.54 -7.97 20.97
C25 PX4 VA . -16.22 -8.04 22.46
C26 PX4 VA . -15.54 -9.37 22.80
C27 PX4 VA . -15.25 -9.35 24.30
C28 PX4 VA . -14.39 -8.11 24.59
C29 PX4 VA . -14.20 -8.06 26.11
C30 PX4 VA . -12.95 -8.81 26.59
C31 PX4 VA . -11.68 -8.26 25.91
C32 PX4 VA . -10.54 -9.17 26.37
C33 PX4 VA . -10.39 -9.04 27.90
C34 PX4 VA . -9.22 -9.83 28.48
C35 PX4 VA . -8.91 -9.88 29.98
C36 PX4 VA . -8.61 -8.47 30.50
O1 PX4 WA . -11.63 -1.12 21.42
O2 PX4 WA . -10.93 -2.63 19.41
P1 PX4 WA . -11.94 -1.88 20.18
O3 PX4 WA . -12.42 -0.81 19.08
C1 PX4 WA . -11.35 0.12 18.85
C2 PX4 WA . -11.78 1.33 18.00
N1 PX4 WA . -12.07 1.14 16.57
C3 PX4 WA . -12.48 2.47 16.11
C4 PX4 WA . -10.91 0.74 15.76
C5 PX4 WA . -13.19 0.27 16.21
O4 PX4 WA . -13.35 -2.66 20.11
C6 PX4 WA . -14.28 -1.83 20.84
C7 PX4 WA . -14.43 -2.22 22.31
C8 PX4 WA . -14.55 -0.84 22.96
O5 PX4 WA . -14.17 -0.83 24.35
C9 PX4 WA . -14.75 0.13 25.12
O6 PX4 WA . -15.78 0.75 24.90
C10 PX4 WA . -14.25 0.24 26.56
C11 PX4 WA . -14.55 -0.92 27.50
C12 PX4 WA . -14.05 -0.43 28.86
C13 PX4 WA . -13.85 -1.58 29.86
C14 PX4 WA . -13.02 -1.10 31.05
C15 PX4 WA . -12.95 -2.20 32.11
C16 PX4 WA . -12.03 -1.89 33.28
C17 PX4 WA . -11.94 -3.17 34.11
C18 PX4 WA . -13.32 -3.72 34.46
C19 PX4 WA . -13.21 -4.99 35.30
C20 PX4 WA . -14.50 -5.59 35.89
C21 PX4 WA . -14.19 -6.62 36.98
C22 PX4 WA . -15.37 -6.75 37.93
O7 PX4 WA . -15.49 -3.12 22.63
C23 PX4 WA . -15.25 -4.13 23.50
O8 PX4 WA . -14.13 -4.61 23.75
C24 PX4 WA . -16.61 -4.78 23.81
C25 PX4 WA . -16.81 -5.27 25.25
C26 PX4 WA . -16.31 -4.38 26.39
C27 PX4 WA . -17.03 -4.56 27.73
C28 PX4 WA . -16.50 -5.90 28.25
C29 PX4 WA . -17.20 -6.27 29.56
C30 PX4 WA . -16.82 -5.19 30.57
C31 PX4 WA . -17.47 -5.58 31.90
C32 PX4 WA . -17.37 -4.63 33.10
C33 PX4 WA . -18.25 -5.11 34.26
C34 PX4 WA . -19.76 -5.11 34.11
C35 PX4 WA . -20.31 -6.03 35.21
C36 PX4 WA . -21.80 -5.83 35.41
O1 PX4 XA . 5.61 -6.24 16.63
O2 PX4 XA . 4.87 -3.87 15.92
P1 PX4 XA . 5.78 -4.77 16.68
O3 PX4 XA . 7.34 -4.51 16.36
C1 PX4 XA . 8.03 -5.06 17.47
C2 PX4 XA . 9.53 -4.71 17.44
N1 PX4 XA . 10.18 -5.26 18.64
C3 PX4 XA . 9.64 -4.62 19.86
C4 PX4 XA . 10.02 -6.72 18.76
C5 PX4 XA . 11.63 -5.10 18.48
O4 PX4 XA . 5.70 -4.43 18.25
C6 PX4 XA . 4.38 -4.08 18.67
C7 PX4 XA . 4.10 -3.92 20.17
C8 PX4 XA . 5.44 -3.46 20.76
O5 PX4 XA . 5.88 -4.37 21.78
C9 PX4 XA . 6.83 -3.95 22.66
O6 PX4 XA . 7.76 -3.21 22.33
C10 PX4 XA . 6.93 -4.90 23.86
C11 PX4 XA . 8.20 -5.75 23.78
C12 PX4 XA . 8.24 -6.75 24.94
C13 PX4 XA . 6.97 -7.57 25.14
C14 PX4 XA . 7.30 -8.55 26.26
C15 PX4 XA . 7.40 -7.93 27.65
C16 PX4 XA . 7.56 -9.08 28.66
C17 PX4 XA . 7.50 -8.69 30.13
C18 PX4 XA . 8.29 -9.61 31.07
C19 PX4 XA . 7.60 -9.78 32.42
C20 PX4 XA . 8.29 -10.85 33.27
C21 PX4 XA . 7.47 -11.12 34.53
C22 PX4 XA . 8.31 -11.88 35.56
O7 PX4 XA . 3.12 -2.93 20.54
C23 PX4 XA . 1.82 -3.27 20.78
O8 PX4 XA . 1.39 -4.38 20.50
C24 PX4 XA . 0.84 -2.29 21.44
C25 PX4 XA . 0.90 -2.15 22.96
C26 PX4 XA . -0.39 -2.67 23.58
C27 PX4 XA . -0.26 -2.65 25.10
C28 PX4 XA . -0.07 -1.24 25.66
C29 PX4 XA . -0.64 -1.05 27.07
C30 PX4 XA . -0.99 0.42 27.30
C31 PX4 XA . -1.22 0.63 28.79
C32 PX4 XA . -2.26 -0.44 29.14
C33 PX4 XA . -2.90 -0.10 30.49
C34 PX4 XA . -4.14 -0.91 30.83
C35 PX4 XA . -4.73 -0.35 32.13
C36 PX4 XA . -6.02 -1.13 32.46
O1 PX4 YA . 4.72 -12.83 13.81
O2 PX4 YA . 5.55 -10.47 14.52
P1 PX4 YA . 5.46 -11.93 14.73
O3 PX4 YA . 6.95 -12.56 14.82
C1 PX4 YA . 6.78 -13.98 14.81
C2 PX4 YA . 8.14 -14.56 15.19
N1 PX4 YA . 8.70 -14.60 16.54
C3 PX4 YA . 7.80 -15.30 17.46
C4 PX4 YA . 10.02 -15.27 16.57
C5 PX4 YA . 8.73 -13.24 17.12
O4 PX4 YA . 5.27 -12.26 16.29
C6 PX4 YA . 5.23 -11.09 17.11
C7 PX4 YA . 5.49 -11.38 18.59
C8 PX4 YA . 4.54 -12.50 19.00
O5 PX4 YA . 4.00 -12.52 20.32
C9 PX4 YA . 4.81 -13.01 21.30
O6 PX4 YA . 5.63 -13.90 21.07
C10 PX4 YA . 4.50 -12.70 22.76
C11 PX4 YA . 5.34 -11.48 23.19
C12 PX4 YA . 5.15 -11.22 24.67
C13 PX4 YA . 3.67 -10.95 25.01
C14 PX4 YA . 3.50 -10.54 26.46
C15 PX4 YA . 4.27 -11.54 27.33
C16 PX4 YA . 4.29 -11.14 28.81
C17 PX4 YA . 4.93 -12.19 29.71
C18 PX4 YA . 6.37 -12.40 29.21
C19 PX4 YA . 7.11 -13.30 30.22
C20 PX4 YA . 8.60 -12.97 30.24
C21 PX4 YA . 9.14 -12.93 28.82
C22 PX4 YA . 10.67 -13.00 28.89
O7 PX4 YA . 6.86 -11.51 18.98
C23 PX4 YA . 7.41 -10.51 19.72
O8 PX4 YA . 6.85 -9.42 19.80
C24 PX4 YA . 8.82 -10.71 20.27
C25 PX4 YA . 8.95 -10.29 21.74
C26 PX4 YA . 10.39 -10.50 22.22
C27 PX4 YA . 10.55 -10.25 23.71
C28 PX4 YA . 11.96 -10.55 24.28
C29 PX4 YA . 11.87 -10.52 25.82
C30 PX4 YA . 13.24 -10.86 26.39
C31 PX4 YA . 13.17 -10.51 27.88
C32 PX4 YA . 14.57 -10.69 28.49
C33 PX4 YA . 14.94 -12.17 28.38
C34 PX4 YA . 16.30 -12.48 28.99
C35 PX4 YA . 16.62 -13.98 29.09
C36 PX4 YA . 15.76 -14.65 30.14
O1 PX4 ZA . 12.05 -24.53 19.62
O2 PX4 ZA . 11.11 -22.68 18.14
P1 PX4 ZA . 11.75 -23.09 19.42
O3 PX4 ZA . 13.18 -22.38 19.29
C1 PX4 ZA . 13.90 -22.80 18.13
C2 PX4 ZA . 15.31 -22.23 18.04
N1 PX4 ZA . 15.46 -20.76 18.07
C3 PX4 ZA . 14.48 -20.17 17.15
C4 PX4 ZA . 15.31 -20.16 19.40
C5 PX4 ZA . 16.66 -20.15 17.51
O4 PX4 ZA . 11.17 -22.38 20.75
C6 PX4 ZA . 12.21 -22.45 21.71
C7 PX4 ZA . 11.92 -21.64 22.97
C8 PX4 ZA . 11.20 -22.64 23.89
O5 PX4 ZA . 11.53 -23.99 23.57
C9 PX4 ZA . 10.73 -25.02 23.97
O6 PX4 ZA . 9.65 -24.69 24.45
C10 PX4 ZA . 10.99 -26.36 23.29
C11 PX4 ZA . 11.94 -27.11 24.24
C12 PX4 ZA . 12.37 -28.45 23.63
C13 PX4 ZA . 13.29 -29.12 24.65
C14 PX4 ZA . 14.53 -28.21 24.70
C15 PX4 ZA . 15.46 -28.41 25.90
C16 PX4 ZA . 16.89 -27.85 25.78
C17 PX4 ZA . 17.71 -27.99 27.06
C18 PX4 ZA . 18.09 -29.44 27.36
C19 PX4 ZA . 19.06 -29.32 28.54
C20 PX4 ZA . 18.43 -28.67 29.77
C21 PX4 ZA . 19.45 -28.23 30.83
C22 PX4 ZA . 18.70 -27.75 32.08
O7 PX4 ZA . 13.00 -20.97 23.60
C23 PX4 ZA . 13.60 -19.83 23.13
O8 PX4 ZA . 13.34 -19.46 21.98
C24 PX4 ZA . 14.75 -19.29 23.98
C25 PX4 ZA . 14.50 -19.46 25.48
C26 PX4 ZA . 15.79 -19.12 26.26
C27 PX4 ZA . 15.59 -19.48 27.74
C28 PX4 ZA . 16.84 -19.13 28.55
C29 PX4 ZA . 16.60 -19.20 30.05
C30 PX4 ZA . 17.81 -18.79 30.89
C31 PX4 ZA . 17.27 -18.48 32.28
C32 PX4 ZA . 18.39 -18.57 33.30
C33 PX4 ZA . 18.04 -18.31 34.78
C34 PX4 ZA . 17.17 -19.39 35.42
C35 PX4 ZA . 17.26 -19.36 36.96
C36 PX4 ZA . 17.01 -17.93 37.39
O1 PX4 AB . 17.00 -25.49 16.32
O2 PX4 AB . 15.74 -27.63 16.61
P1 PX4 AB . 15.86 -26.20 16.95
O3 PX4 AB . 14.45 -25.60 16.49
C1 PX4 AB . 13.46 -26.55 16.93
C2 PX4 AB . 12.25 -26.49 16.00
N1 PX4 AB . 12.47 -26.97 14.64
C3 PX4 AB . 13.41 -26.15 13.82
C4 PX4 AB . 13.08 -28.29 14.73
C5 PX4 AB . 11.25 -27.16 13.84
O4 PX4 AB . 15.68 -25.89 18.53
C6 PX4 AB . 16.73 -26.54 19.22
C7 PX4 AB . 16.51 -26.79 20.72
C8 PX4 AB . 15.41 -25.78 21.00
O5 PX4 AB . 15.41 -24.95 22.17
C9 PX4 AB . 16.07 -23.76 22.14
O6 PX4 AB . 16.46 -23.35 21.05
C10 PX4 AB . 16.00 -23.01 23.46
C11 PX4 AB . 16.35 -23.93 24.64
C12 PX4 AB . 15.97 -23.22 25.94
C13 PX4 AB . 16.71 -23.82 27.15
C14 PX4 AB . 16.29 -23.21 28.48
C15 PX4 AB . 16.67 -23.99 29.75
C16 PX4 AB . 16.25 -23.09 30.90
C17 PX4 AB . 14.76 -22.80 30.76
C18 PX4 AB . 14.45 -21.85 31.92
C19 PX4 AB . 13.16 -21.10 31.58
C20 PX4 AB . 12.14 -22.18 31.26
C21 PX4 AB . 10.77 -21.60 30.91
C22 PX4 AB . 9.67 -22.65 30.93
O7 PX4 AB . 16.15 -28.16 20.93
C23 PX4 AB . 17.10 -29.13 21.08
O8 PX4 AB . 18.22 -28.95 20.60
C24 PX4 AB . 16.59 -30.54 21.35
C25 PX4 AB . 16.53 -30.75 22.86
C26 PX4 AB . 16.15 -32.19 23.29
C27 PX4 AB . 16.44 -32.49 24.75
C28 PX4 AB . 16.24 -34.00 24.88
C29 PX4 AB . 16.69 -34.37 26.29
C30 PX4 AB . 18.13 -33.99 26.62
C31 PX4 AB . 18.52 -34.08 28.11
C32 PX4 AB . 17.49 -33.30 28.94
C33 PX4 AB . 17.54 -33.51 30.44
C34 PX4 AB . 16.41 -32.80 31.21
C35 PX4 AB . 16.77 -32.30 32.62
C36 PX4 AB . 15.64 -31.49 33.29
O1 PX4 BB . -14.67 15.31 17.13
O2 PX4 BB . -14.59 12.70 17.19
P1 PX4 BB . -14.98 14.00 17.76
O3 PX4 BB . -16.59 13.93 17.78
C1 PX4 BB . -16.97 13.24 18.97
C2 PX4 BB . -18.45 12.84 19.11
N1 PX4 BB . -19.21 12.26 18.01
C3 PX4 BB . -20.52 11.83 18.53
C4 PX4 BB . -19.37 13.16 16.87
C5 PX4 BB . -18.64 10.95 17.63
O4 PX4 BB . -14.80 14.27 19.33
C6 PX4 BB . -13.52 14.87 19.57
C7 PX4 BB . -13.27 14.78 21.07
C8 PX4 BB . -14.14 13.64 21.60
O5 PX4 BB . -14.68 13.88 22.91
C9 PX4 BB . -15.71 13.01 23.09
O6 PX4 BB . -15.87 12.06 22.35
C10 PX4 BB . -16.45 13.15 24.43
C11 PX4 BB . -17.87 13.62 24.09
C12 PX4 BB . -18.69 14.06 25.30
C13 PX4 BB . -18.61 13.06 26.44
C14 PX4 BB . -19.21 13.59 27.74
C15 PX4 BB . -18.86 12.69 28.91
C16 PX4 BB . -19.28 13.27 30.26
C17 PX4 BB . -18.84 12.20 31.26
C18 PX4 BB . -19.22 12.79 32.63
C19 PX4 BB . -18.77 11.82 33.72
C20 PX4 BB . -17.25 11.65 33.60
C21 PX4 BB . -16.85 10.42 34.43
C22 PX4 BB . -17.19 10.44 35.91
O7 PX4 BB . -11.86 14.51 21.27
C23 PX4 BB . -11.55 15.03 22.49
O8 PX4 BB . -11.80 16.19 22.77
C24 PX4 BB . -10.45 14.30 23.24
C25 PX4 BB . -9.06 14.53 22.66
C26 PX4 BB . -7.88 13.83 23.35
C27 PX4 BB . -8.11 12.32 23.49
C28 PX4 BB . -6.83 11.83 24.19
C29 PX4 BB . -6.77 12.49 25.56
C30 PX4 BB . -5.53 12.21 26.41
C31 PX4 BB . -5.61 12.86 27.79
C32 PX4 BB . -4.32 12.71 28.59
C33 PX4 BB . -4.30 13.64 29.82
C34 PX4 BB . -4.11 15.08 29.32
C35 PX4 BB . -4.53 16.08 30.39
C36 PX4 BB . -4.69 17.54 29.95
O1 PX4 CB . -3.74 14.34 16.64
O2 PX4 CB . -4.65 15.83 18.58
P1 PX4 CB . -3.56 15.38 17.68
O3 PX4 CB . -3.61 16.67 16.71
C1 PX4 CB . -4.95 16.82 16.23
C2 PX4 CB . -5.35 17.96 15.28
N1 PX4 CB . -5.12 17.74 13.85
C3 PX4 CB . -5.69 16.46 13.41
C4 PX4 CB . -5.77 18.92 13.24
C5 PX4 CB . -3.72 17.77 13.39
O4 PX4 CB . -2.09 15.79 18.17
C6 PX4 CB . -2.26 16.87 19.09
C7 PX4 CB . -2.25 16.43 20.56
C8 PX4 CB . -0.82 16.78 21.03
O5 PX4 CB . -0.19 15.79 21.84
C9 PX4 CB . -0.12 16.26 23.10
O6 PX4 CB . -0.02 17.48 23.31
C10 PX4 CB . -0.27 15.27 24.26
C11 PX4 CB . -1.70 15.18 24.78
C12 PX4 CB . -1.55 14.47 26.13
C13 PX4 CB . -1.00 13.07 25.86
C14 PX4 CB . -0.79 12.28 27.16
C15 PX4 CB . 0.24 12.88 28.13
C16 PX4 CB . 0.42 12.11 29.43
C17 PX4 CB . 1.19 12.90 30.50
C18 PX4 CB . 1.23 12.03 31.75
C19 PX4 CB . 1.88 10.66 31.53
C20 PX4 CB . 1.68 9.89 32.83
C21 PX4 CB . 2.45 8.59 32.60
C22 PX4 CB . 3.80 8.87 33.28
O7 PX4 CB . -3.28 16.91 21.44
C23 PX4 CB . -3.50 18.23 21.65
O8 PX4 CB . -2.91 19.13 21.09
C24 PX4 CB . -4.72 18.58 22.52
C25 PX4 CB . -4.89 17.41 23.50
C26 PX4 CB . -5.88 17.80 24.60
C27 PX4 CB . -6.12 16.60 25.52
C28 PX4 CB . -7.05 17.05 26.64
C29 PX4 CB . -8.41 17.20 25.96
C30 PX4 CB . -9.57 17.45 26.93
C31 PX4 CB . -10.95 17.54 26.28
C32 PX4 CB . -11.64 16.17 26.29
C33 PX4 CB . -13.05 16.34 25.74
C34 PX4 CB . -14.00 15.22 26.18
C35 PX4 CB . -14.06 15.04 27.69
C36 PX4 CB . -15.05 13.92 28.03
O1 PX4 DB . -6.26 -1.57 18.56
O2 PX4 DB . -8.59 -1.31 17.80
P1 PX4 DB . -7.60 -1.08 18.90
O3 PX4 DB . -7.26 0.49 18.94
C1 PX4 DB . -7.09 0.98 17.60
C2 PX4 DB . -6.91 2.51 17.57
N1 PX4 DB . -5.87 3.19 18.35
C3 PX4 DB . -4.81 2.31 18.90
C4 PX4 DB . -4.96 3.90 17.44
C5 PX4 DB . -6.49 4.03 19.39
O4 PX4 DB . -7.94 -1.30 20.46
C6 PX4 DB . -8.53 -0.18 21.15
C7 PX4 DB . -8.35 -0.20 22.66
C8 PX4 DB . -8.24 -1.69 22.98
O5 PX4 DB . -9.12 -2.19 24.00
C9 PX4 DB . -10.15 -2.94 23.51
O6 PX4 DB . -10.02 -3.57 22.46
C10 PX4 DB . -11.19 -3.38 24.52
C11 PX4 DB . -10.77 -3.52 26.00
C12 PX4 DB . -11.81 -4.42 26.67
C13 PX4 DB . -11.46 -4.90 28.08
C14 PX4 DB . -12.54 -5.77 28.71
C15 PX4 DB . -12.28 -6.28 30.14
C16 PX4 DB . -13.39 -7.23 30.61
C17 PX4 DB . -12.98 -7.67 32.02
C18 PX4 DB . -11.70 -8.47 32.22
C19 PX4 DB . -11.52 -9.04 33.62
C20 PX4 DB . -10.54 -10.22 33.63
C21 PX4 DB . -10.91 -10.99 34.90
C22 PX4 DB . -10.16 -12.30 35.13
O7 PX4 DB . -7.33 0.70 23.13
C23 PX4 DB . -7.23 2.02 22.82
O8 PX4 DB . -7.99 2.54 22.00
C24 PX4 DB . -5.91 2.72 23.19
C25 PX4 DB . -5.81 2.82 24.71
C26 PX4 DB . -4.77 3.82 25.21
C27 PX4 DB . -4.31 3.31 26.59
C28 PX4 DB . -3.29 4.27 27.22
C29 PX4 DB . -3.11 3.85 28.68
C30 PX4 DB . -4.37 4.32 29.40
C31 PX4 DB . -4.59 3.80 30.81
C32 PX4 DB . -3.83 4.60 31.86
C33 PX4 DB . -3.93 4.19 33.34
C34 PX4 DB . -3.35 2.78 33.31
C35 PX4 DB . -2.36 2.55 34.46
C36 PX4 DB . -1.69 1.18 34.39
O1 PX4 EB . -6.84 -4.95 21.88
O2 PX4 EB . -6.45 -6.50 19.86
P1 PX4 EB . -5.94 -5.52 20.84
O3 PX4 EB . -4.74 -6.32 21.53
C1 PX4 EB . -4.05 -7.26 20.71
C2 PX4 EB . -2.76 -7.63 21.45
N1 PX4 EB . -1.82 -6.54 21.75
C3 PX4 EB . -1.86 -5.95 23.09
C4 PX4 EB . -0.58 -7.32 21.75
C5 PX4 EB . -1.57 -5.46 20.79
O4 PX4 EB . -4.91 -4.43 20.27
C6 PX4 EB . -5.10 -3.28 21.10
C7 PX4 EB . -3.80 -2.55 21.43
C8 PX4 EB . -3.49 -1.86 20.10
O5 PX4 EB . -2.23 -2.23 19.54
C9 PX4 EB . -1.96 -1.55 18.39
O6 PX4 EB . -2.74 -0.69 17.94
C10 PX4 EB . -0.55 -1.83 17.85
C11 PX4 EB . 0.51 -0.74 17.99
C12 PX4 EB . 1.84 -1.35 17.55
C13 PX4 EB . 2.93 -0.29 17.65
C14 PX4 EB . 2.96 0.02 19.16
C15 PX4 EB . 3.81 1.29 19.36
C16 PX4 EB . 3.75 1.64 20.84
C17 PX4 EB . 4.35 0.44 21.59
C18 PX4 EB . 4.30 0.73 23.09
C19 PX4 EB . 4.85 -0.53 23.74
C20 PX4 EB . 5.09 -0.18 25.20
C21 PX4 EB . 5.48 -1.45 25.99
C22 PX4 EB . 5.84 -1.08 27.43
O7 PX4 EB . -3.79 -1.75 22.60
C23 PX4 EB . -4.04 -2.40 23.77
O8 PX4 EB . -3.84 -3.61 23.85
C24 PX4 EB . -4.13 -1.51 25.01
C25 PX4 EB . -5.61 -1.25 25.31
C26 PX4 EB . -5.68 -0.91 26.80
C27 PX4 EB . -7.09 -0.51 27.19
C28 PX4 EB . -7.48 -0.36 28.67
C29 PX4 EB . -8.95 -0.17 29.02
C30 PX4 EB . -9.25 1.33 29.12
C31 PX4 EB . -8.28 1.77 30.21
C32 PX4 EB . -8.02 3.27 30.08
C33 PX4 EB . -8.29 4.08 31.35
C34 PX4 EB . -8.07 5.58 31.16
C35 PX4 EB . -8.53 6.38 32.37
C36 PX4 EB . -9.98 6.05 32.72
O1 PX4 FB . -26.55 14.30 19.38
O2 PX4 FB . -24.95 12.66 18.18
P1 PX4 FB . -26.00 12.93 19.19
O3 PX4 FB . -27.19 11.86 19.17
C1 PX4 FB . -27.86 11.71 17.91
C2 PX4 FB . -28.86 10.56 17.80
N1 PX4 FB . -30.27 10.78 18.16
C3 PX4 FB . -30.43 10.72 19.62
C4 PX4 FB . -30.74 12.11 17.79
C5 PX4 FB . -30.92 9.64 17.50
O4 PX4 FB . -25.48 12.26 20.56
C6 PX4 FB . -24.84 11.06 20.13
C7 PX4 FB . -24.10 10.52 21.36
C8 PX4 FB . -24.94 9.36 21.92
O5 PX4 FB . -25.68 9.68 23.10
C9 PX4 FB . -26.24 8.75 23.92
O6 PX4 FB . -26.08 7.57 23.63
C10 PX4 FB . -27.22 9.25 24.99
C11 PX4 FB . -26.45 9.53 26.29
C12 PX4 FB . -25.24 10.47 26.16
C13 PX4 FB . -24.61 10.67 27.54
C14 PX4 FB . -23.28 11.41 27.55
C15 PX4 FB . -23.05 11.78 29.01
C16 PX4 FB . -24.16 12.74 29.44
C17 PX4 FB . -23.99 13.09 30.91
C18 PX4 FB . -25.03 12.35 31.76
C19 PX4 FB . -24.63 12.52 33.22
C20 PX4 FB . -24.61 14.01 33.58
C21 PX4 FB . -24.24 13.98 35.07
C22 PX4 FB . -23.00 13.11 35.15
O7 PX4 FB . -22.70 10.32 21.12
C23 PX4 FB . -21.97 11.07 22.00
O8 PX4 FB . -22.22 12.27 22.19
C24 PX4 FB . -20.57 10.52 22.30
C25 PX4 FB . -20.66 9.58 23.49
C26 PX4 FB . -20.76 10.41 24.77
C27 PX4 FB . -20.48 9.49 25.96
C28 PX4 FB . -21.40 8.27 26.04
C29 PX4 FB . -21.30 7.90 27.54
C30 PX4 FB . -22.25 6.72 27.77
C31 PX4 FB . -22.38 6.62 29.29
C32 PX4 FB . -23.22 7.79 29.80
C33 PX4 FB . -22.93 7.92 31.30
C34 PX4 FB . -22.06 9.17 31.53
C35 PX4 FB . -21.45 9.20 32.94
C36 PX4 FB . -22.53 8.89 33.99
O1 PX4 GB . -30.02 15.54 21.56
O2 PX4 GB . -29.65 18.03 22.04
P1 PX4 GB . -29.71 16.63 22.51
O3 PX4 GB . -28.33 16.18 23.24
C1 PX4 GB . -27.56 15.51 22.24
C2 PX4 GB . -26.23 14.90 22.70
N1 PX4 GB . -26.19 13.97 23.85
C3 PX4 GB . -24.80 13.49 23.94
C4 PX4 GB . -26.63 14.53 25.13
C5 PX4 GB . -26.95 12.77 23.51
O4 PX4 GB . -30.84 16.55 23.66
C6 PX4 GB . -30.81 15.28 24.33
C7 PX4 GB . -30.19 15.20 25.72
C8 PX4 GB . -30.24 16.62 26.30
O5 PX4 GB . -29.89 16.72 27.69
C9 PX4 GB . -30.76 17.27 28.57
O6 PX4 GB . -31.64 18.01 28.13
C10 PX4 GB . -30.40 17.25 30.05
C11 PX4 GB . -30.06 15.89 30.65
C12 PX4 GB . -29.51 15.94 32.08
C13 PX4 GB . -29.21 14.50 32.49
C14 PX4 GB . -28.76 14.52 33.96
C15 PX4 GB . -28.47 13.07 34.40
C16 PX4 GB . -27.80 12.97 35.77
C17 PX4 GB . -27.47 11.52 36.10
C18 PX4 GB . -26.57 11.52 37.35
C19 PX4 GB . -26.28 10.08 37.74
C20 PX4 GB . -25.53 10.15 39.07
C21 PX4 GB . -25.14 8.72 39.42
C22 PX4 GB . -24.53 8.51 40.81
O7 PX4 GB . -30.73 14.22 26.60
C23 PX4 GB . -30.21 12.97 26.61
O8 PX4 GB . -29.52 12.52 25.70
C24 PX4 GB . -30.83 12.10 27.69
C25 PX4 GB . -29.71 11.23 28.27
C26 PX4 GB . -29.10 11.89 29.51
C27 PX4 GB . -27.99 10.89 29.86
C28 PX4 GB . -28.35 10.25 31.19
C29 PX4 GB . -27.14 9.33 31.44
C30 PX4 GB . -27.30 8.81 32.87
C31 PX4 GB . -26.23 7.73 33.04
C32 PX4 GB . -26.44 6.92 34.32
C33 PX4 GB . -27.82 6.25 34.40
C34 PX4 GB . -27.93 5.30 35.59
C35 PX4 GB . -29.25 4.57 35.81
C36 PX4 GB . -29.26 3.59 36.98
O1 PX4 HB . -7.81 31.37 17.59
O2 PX4 HB . -5.31 31.75 17.91
P1 PX4 HB . -6.67 31.62 18.50
O3 PX4 HB . -6.79 30.31 19.42
C1 PX4 HB . -6.64 29.11 18.64
C2 PX4 HB . -6.95 27.81 19.40
N1 PX4 HB . -8.29 27.75 19.98
C3 PX4 HB . -8.27 28.35 21.32
C4 PX4 HB . -9.46 28.11 19.16
C5 PX4 HB . -8.46 26.32 20.27
O4 PX4 HB . -6.79 32.87 19.49
C6 PX4 HB . -7.70 32.63 20.56
C7 PX4 HB . -7.99 33.86 21.39
C8 PX4 HB . -6.88 34.87 21.07
O5 PX4 HB . -6.20 35.38 22.21
C9 PX4 HB . -4.87 35.51 21.98
O6 PX4 HB . -4.38 35.00 20.98
C10 PX4 HB . -4.07 36.04 23.18
C11 PX4 HB . -4.35 35.14 24.37
C12 PX4 HB . -4.19 35.81 25.75
C13 PX4 HB . -4.91 35.04 26.84
C14 PX4 HB . -4.26 33.73 27.29
C15 PX4 HB . -4.92 33.10 28.52
C16 PX4 HB . -4.55 34.00 29.70
C17 PX4 HB . -4.79 33.46 31.11
C18 PX4 HB . -4.44 34.45 32.22
C19 PX4 HB . -4.34 33.88 33.63
C20 PX4 HB . -4.23 34.99 34.68
C21 PX4 HB . -5.50 35.82 34.57
C22 PX4 HB . -5.90 36.46 35.91
O7 PX4 HB . -9.35 34.32 21.34
C23 PX4 HB . -10.48 33.62 21.62
O8 PX4 HB . -10.34 32.41 21.65
C24 PX4 HB . -11.79 34.41 21.63
C25 PX4 HB . -12.03 35.18 22.93
C26 PX4 HB . -11.90 34.28 24.16
C27 PX4 HB . -12.65 34.99 25.28
C28 PX4 HB . -12.87 34.10 26.50
C29 PX4 HB . -13.65 34.88 27.56
C30 PX4 HB . -13.98 33.98 28.76
C31 PX4 HB . -15.06 34.54 29.69
C32 PX4 HB . -15.08 33.87 31.06
C33 PX4 HB . -16.22 34.51 31.84
C34 PX4 HB . -16.44 33.84 33.20
C35 PX4 HB . -17.69 34.39 33.89
C36 PX4 HB . -17.87 33.72 35.26
O1 PX4 IB . -8.89 23.41 17.79
O2 PX4 IB . -8.09 25.71 16.86
P1 PX4 IB . -7.82 24.33 17.32
O3 PX4 IB . -7.24 23.58 16.03
C1 PX4 IB . -6.11 24.32 15.56
C2 PX4 IB . -6.22 24.88 14.13
N1 PX4 IB . -6.08 24.12 12.88
C3 PX4 IB . -7.03 23.02 12.70
C4 PX4 IB . -6.57 25.04 11.84
C5 PX4 IB . -4.70 23.70 12.64
O4 PX4 IB . -6.59 24.12 18.33
C6 PX4 IB . -6.75 22.94 19.11
C7 PX4 IB . -5.75 22.86 20.27
C8 PX4 IB . -4.78 24.02 20.09
O5 PX4 IB . -3.91 24.44 21.13
C9 PX4 IB . -4.46 25.42 21.91
O6 PX4 IB . -5.47 26.05 21.63
C10 PX4 IB . -3.80 25.64 23.27
C11 PX4 IB . -4.85 25.17 24.26
C12 PX4 IB . -4.33 25.14 25.70
C13 PX4 IB . -2.96 24.47 25.93
C14 PX4 IB . -2.43 24.71 27.35
C15 PX4 IB . -1.09 24.02 27.53
C16 PX4 IB . -0.61 24.35 28.94
C17 PX4 IB . 0.90 24.09 29.09
C18 PX4 IB . 1.67 24.91 28.06
C19 PX4 IB . 3.19 24.73 28.13
C20 PX4 IB . 3.82 25.63 27.07
C21 PX4 IB . 3.23 25.25 25.71
C22 PX4 IB . 4.05 26.18 24.81
O7 PX4 IB . -6.33 22.81 21.57
C23 PX4 IB . -6.92 21.70 22.11
O8 PX4 IB . -7.02 20.76 21.31
C24 PX4 IB . -7.78 21.76 23.36
C25 PX4 IB . -7.00 21.87 24.67
C26 PX4 IB . -7.74 21.53 25.95
C27 PX4 IB . -6.78 21.59 27.14
C28 PX4 IB . -7.66 21.18 28.33
C29 PX4 IB . -6.76 21.12 29.56
C30 PX4 IB . -6.83 22.46 30.30
C31 PX4 IB . -8.21 22.78 30.90
C32 PX4 IB . -8.18 24.16 31.56
C33 PX4 IB . -9.54 24.48 32.17
C34 PX4 IB . -9.43 25.59 33.21
C35 PX4 IB . -10.62 26.03 34.06
C36 PX4 IB . -10.21 27.07 35.10
O1 PX4 JB . 14.26 10.45 18.27
O2 PX4 JB . 13.34 12.73 17.48
P1 PX4 JB . 13.37 11.61 18.45
O3 PX4 JB . 14.16 12.26 19.69
C1 PX4 JB . 15.54 12.45 19.33
C2 PX4 JB . 16.40 13.13 20.40
N1 PX4 JB . 16.92 12.22 21.43
C3 PX4 JB . 17.91 12.86 22.33
C4 PX4 JB . 15.80 11.78 22.24
C5 PX4 JB . 17.60 11.07 20.81
O4 PX4 JB . 11.97 11.31 19.20
C6 PX4 JB . 12.20 11.10 20.60
C7 PX4 JB . 11.07 11.69 21.42
C8 PX4 JB . 9.97 10.64 21.31
O5 PX4 JB . 10.54 9.35 21.52
C9 PX4 JB . 9.65 8.32 21.60
O6 PX4 JB . 8.44 8.54 21.64
C10 PX4 JB . 10.17 6.91 21.93
C11 PX4 JB . 9.66 6.45 23.31
C12 PX4 JB . 10.54 5.29 23.75
C13 PX4 JB . 9.86 4.83 25.04
C14 PX4 JB . 10.73 3.87 25.88
C15 PX4 JB . 10.05 3.83 27.25
C16 PX4 JB . 10.82 3.10 28.36
C17 PX4 JB . 9.98 2.83 29.60
C18 PX4 JB . 10.98 2.31 30.64
C19 PX4 JB . 10.23 2.00 31.94
C20 PX4 JB . 11.31 1.58 32.96
C21 PX4 JB . 12.32 2.71 33.14
C22 PX4 JB . 13.17 2.23 34.31
O7 PX4 JB . 11.46 12.10 22.75
C23 PX4 JB . 10.83 13.18 23.28
O8 PX4 JB . 9.91 13.77 22.72
C24 PX4 JB . 11.29 13.59 24.67
C25 PX4 JB . 11.24 15.10 24.96
C26 PX4 JB . 11.54 15.48 26.41
C27 PX4 JB . 12.91 14.91 26.79
C28 PX4 JB . 13.53 15.66 27.96
C29 PX4 JB . 12.66 15.63 29.21
C30 PX4 JB . 13.29 16.40 30.37
C31 PX4 JB . 12.45 16.30 31.65
C32 PX4 JB . 13.18 16.86 32.89
C33 PX4 JB . 12.69 16.08 34.11
C34 PX4 JB . 11.18 16.27 34.18
C35 PX4 JB . 10.67 15.50 35.41
C36 PX4 JB . 9.18 15.20 35.39
O1 PX4 KB . -0.31 10.32 17.02
O2 PX4 KB . -0.75 10.56 14.54
P1 PX4 KB . -0.61 9.67 15.72
O3 PX4 KB . -2.13 9.19 15.87
C1 PX4 KB . -2.85 10.34 16.31
C2 PX4 KB . -4.33 10.09 16.54
N1 PX4 KB . -5.06 9.32 15.51
C3 PX4 KB . -4.61 9.68 14.15
C4 PX4 KB . -4.99 7.89 15.82
C5 PX4 KB . -6.46 9.74 15.58
O4 PX4 KB . -0.01 8.19 15.49
C6 PX4 KB . -0.64 7.10 16.15
C7 PX4 KB . -0.15 6.85 17.58
C8 PX4 KB . 1.37 6.95 17.37
O5 PX4 KB . 2.05 5.90 18.07
C9 PX4 KB . 2.95 6.37 18.97
O6 PX4 KB . 3.02 7.58 19.21
C10 PX4 KB . 3.63 5.36 19.88
C11 PX4 KB . 4.31 5.91 21.14
C12 PX4 KB . 5.08 4.75 21.77
C13 PX4 KB . 5.38 5.02 23.25
C14 PX4 KB . 6.25 4.01 23.99
C15 PX4 KB . 6.29 4.21 25.50
C16 PX4 KB . 4.98 3.88 26.23
C17 PX4 KB . 5.16 3.70 27.74
C18 PX4 KB . 3.86 3.09 28.28
C19 PX4 KB . 4.04 2.96 29.80
C20 PX4 KB . 5.10 1.86 29.98
C21 PX4 KB . 5.66 1.92 31.40
C22 PX4 KB . 6.77 0.88 31.51
O7 PX4 KB . -0.83 7.51 18.65
C23 PX4 KB . -2.11 7.11 18.91
O8 PX4 KB . -2.80 6.38 18.19
C24 PX4 KB . -2.71 7.93 20.05
C25 PX4 KB . -3.55 7.21 21.12
C26 PX4 KB . -3.84 8.06 22.34
C27 PX4 KB . -4.62 7.35 23.48
C28 PX4 KB . -4.94 8.35 24.58
C29 PX4 KB . -3.63 8.93 25.15
C30 PX4 KB . -2.94 7.79 25.91
C31 PX4 KB . -1.58 8.20 26.49
C32 PX4 KB . -0.96 7.13 27.39
C33 PX4 KB . 0.48 7.65 27.62
C34 PX4 KB . 1.35 6.72 28.45
C35 PX4 KB . 2.63 7.53 28.45
C36 PX4 KB . 3.60 6.98 29.52
O1 PX4 LB . 14.56 -10.15 21.47
O2 PX4 LB . 14.20 -7.94 22.93
P1 PX4 LB . 15.01 -9.03 22.34
O3 PX4 LB . 15.74 -8.20 21.15
C1 PX4 LB . 16.13 -6.91 21.64
C2 PX4 LB . 16.91 -5.95 20.74
N1 PX4 LB . 16.59 -4.54 21.04
C3 PX4 LB . 15.30 -4.24 20.41
C4 PX4 LB . 16.55 -4.19 22.46
C5 PX4 LB . 17.77 -3.84 20.50
O4 PX4 LB . 16.39 -9.33 23.11
C6 PX4 LB . 16.60 -10.74 23.02
C7 PX4 LB . 17.76 -11.47 23.73
C8 PX4 LB . 18.43 -10.45 24.64
O5 PX4 LB . 19.78 -10.08 24.36
C9 PX4 LB . 20.33 -9.15 25.18
O6 PX4 LB . 19.61 -8.44 25.87
C10 PX4 LB . 21.79 -8.73 24.97
C11 PX4 LB . 22.69 -9.93 25.28
C12 PX4 LB . 23.14 -10.07 26.73
C13 PX4 LB . 24.24 -11.12 26.60
C14 PX4 LB . 25.36 -10.68 25.67
C15 PX4 LB . 26.38 -11.82 25.48
C16 PX4 LB . 27.76 -11.41 24.95
C17 PX4 LB . 28.74 -12.52 24.57
C18 PX4 LB . 29.63 -13.01 25.71
C19 PX4 LB . 30.45 -14.26 25.38
C20 PX4 LB . 31.73 -14.16 26.22
C21 PX4 LB . 32.66 -15.36 26.02
C22 PX4 LB . 33.80 -15.05 27.01
O7 PX4 LB . 17.28 -12.60 24.48
C23 PX4 LB . 16.83 -13.72 23.83
O8 PX4 LB . 16.76 -13.79 22.61
C24 PX4 LB . 16.53 -14.95 24.70
C25 PX4 LB . 15.28 -14.85 25.58
C26 PX4 LB . 14.06 -14.79 24.66
C27 PX4 LB . 12.74 -14.49 25.38
C28 PX4 LB . 11.58 -14.40 24.40
C29 PX4 LB . 10.27 -14.25 25.18
C30 PX4 LB . 9.13 -14.07 24.17
C31 PX4 LB . 7.84 -13.95 24.99
C32 PX4 LB . 7.80 -15.27 25.75
C33 PX4 LB . 6.36 -15.48 26.27
C34 PX4 LB . 6.27 -16.90 26.83
C35 PX4 LB . 4.89 -17.27 27.38
C36 PX4 LB . 4.56 -16.29 28.51
O1 PX4 MB . 23.31 2.84 20.62
O2 PX4 MB . 22.45 2.15 18.22
P1 PX4 MB . 22.25 2.52 19.64
O3 PX4 MB . 21.41 3.85 19.30
C1 PX4 MB . 20.81 3.88 18.01
C2 PX4 MB . 20.36 5.30 17.68
N1 PX4 MB . 19.68 5.49 16.41
C3 PX4 MB . 20.48 5.34 15.19
C4 PX4 MB . 18.58 4.52 16.29
C5 PX4 MB . 19.13 6.86 16.41
O4 PX4 MB . 20.98 1.73 20.26
C6 PX4 MB . 20.88 1.96 21.66
C7 PX4 MB . 19.51 1.74 22.32
C8 PX4 MB . 19.35 0.22 22.29
O5 PX4 MB . 20.45 -0.59 22.69
C9 PX4 MB . 20.10 -1.86 22.99
O6 PX4 MB . 18.95 -2.29 22.92
C10 PX4 MB . 21.23 -2.68 23.64
C11 PX4 MB . 20.80 -3.55 24.82
C12 PX4 MB . 22.02 -4.10 25.54
C13 PX4 MB . 21.79 -4.97 26.78
C14 PX4 MB . 23.08 -5.56 27.33
C15 PX4 MB . 22.97 -6.46 28.56
C16 PX4 MB . 24.34 -6.85 29.11
C17 PX4 MB . 24.26 -7.89 30.22
C18 PX4 MB . 25.64 -8.49 30.49
C19 PX4 MB . 26.32 -9.28 29.36
C20 PX4 MB . 27.68 -9.80 29.80
C21 PX4 MB . 28.56 -10.26 28.64
C22 PX4 MB . 29.76 -11.01 29.23
O7 PX4 MB . 19.22 2.39 23.57
C23 PX4 MB . 18.77 3.67 23.50
O8 PX4 MB . 18.73 4.28 22.43
C24 PX4 MB . 18.60 4.43 24.82
C25 PX4 MB . 19.75 3.95 25.70
C26 PX4 MB . 20.01 4.75 26.97
C27 PX4 MB . 21.37 4.42 27.61
C28 PX4 MB . 21.57 5.21 28.89
C29 PX4 MB . 20.87 4.39 29.98
C30 PX4 MB . 21.31 5.00 31.31
C31 PX4 MB . 21.16 4.06 32.52
C32 PX4 MB . 21.86 4.70 33.72
C33 PX4 MB . 21.10 5.75 34.52
C34 PX4 MB . 21.92 6.74 35.36
C35 PX4 MB . 21.04 7.60 36.28
C36 PX4 MB . 21.88 8.67 36.99
O1 PX4 NB . 28.51 -21.03 17.46
O2 PX4 NB . 26.82 -21.10 15.60
P1 PX4 NB . 27.26 -20.50 16.86
O3 PX4 NB . 27.54 -18.91 16.76
C1 PX4 NB . 28.59 -18.95 15.79
C2 PX4 NB . 29.37 -17.72 15.33
N1 PX4 NB . 30.50 -17.92 14.40
C3 PX4 NB . 31.50 -18.80 15.00
C4 PX4 NB . 30.04 -18.47 13.12
C5 PX4 NB . 31.24 -16.69 14.11
O4 PX4 NB . 26.12 -20.27 17.98
C6 PX4 NB . 26.77 -19.60 19.08
C7 PX4 NB . 25.89 -19.43 20.31
C8 PX4 NB . 24.44 -19.33 19.83
O5 PX4 NB . 23.76 -18.21 20.41
C9 PX4 NB . 23.39 -18.42 21.70
O6 PX4 NB . 23.41 -19.52 22.24
C10 PX4 NB . 22.76 -17.20 22.37
C11 PX4 NB . 21.24 -17.28 22.24
C12 PX4 NB . 20.45 -16.10 22.82
C13 PX4 NB . 20.94 -16.06 24.25
C14 PX4 NB . 20.29 -14.76 24.74
C15 PX4 NB . 20.84 -14.35 26.10
C16 PX4 NB . 20.10 -13.17 26.70
C17 PX4 NB . 20.68 -13.04 28.12
C18 PX4 NB . 20.20 -11.75 28.77
C19 PX4 NB . 20.97 -11.63 30.09
C20 PX4 NB . 20.19 -10.76 31.10
C21 PX4 NB . 19.81 -9.49 30.32
C22 PX4 NB . 18.94 -8.72 31.31
O7 PX4 NB . 26.13 -20.47 21.26
C23 PX4 NB . 27.16 -20.25 22.12
O8 PX4 NB . 27.91 -19.31 21.90
C24 PX4 NB . 27.47 -21.27 23.21
C25 PX4 NB . 27.20 -20.83 24.65
C26 PX4 NB . 25.84 -20.19 24.91
C27 PX4 NB . 25.44 -19.88 26.36
C28 PX4 NB . 24.00 -19.44 26.58
C29 PX4 NB . 23.76 -19.21 28.07
C30 PX4 NB . 22.95 -17.91 28.13
C31 PX4 NB . 22.35 -17.81 29.55
C32 PX4 NB . 21.25 -16.75 29.60
C33 PX4 NB . 21.06 -16.12 30.98
C34 PX4 NB . 22.24 -15.22 31.32
C35 PX4 NB . 22.17 -14.68 32.76
C36 PX4 NB . 23.33 -13.68 32.80
O1 PX4 OB . -17.16 24.68 21.39
O2 PX4 OB . -16.17 22.49 20.19
P1 PX4 OB . -16.37 23.44 21.30
O3 PX4 OB . -17.13 22.43 22.28
C1 PX4 OB . -18.52 22.76 22.22
C2 PX4 OB . -19.11 22.68 23.63
N1 PX4 OB . -18.80 23.63 24.72
C3 PX4 OB . -19.01 24.96 24.13
C4 PX4 OB . -19.90 23.60 25.71
C5 PX4 OB . -17.49 23.45 25.35
O4 PX4 OB . -15.05 23.56 22.21
C6 PX4 OB . -14.28 22.36 22.20
C7 PX4 OB . -13.52 22.28 23.53
C8 PX4 OB . -12.85 23.64 23.75
O5 PX4 OB . -11.47 23.78 24.09
C9 PX4 OB . -10.80 24.97 24.04
O6 PX4 OB . -11.38 26.07 23.97
C10 PX4 OB . -9.43 24.94 24.69
C11 PX4 OB . -9.46 25.21 26.19
C12 PX4 OB . -8.03 25.62 26.59
C13 PX4 OB . -7.94 25.93 28.09
C14 PX4 OB . -8.84 27.14 28.39
C15 PX4 OB . -8.90 27.50 29.88
C16 PX4 OB . -7.81 28.50 30.24
C17 PX4 OB . -8.03 29.03 31.66
C18 PX4 OB . -6.71 29.59 32.22
C19 PX4 OB . -6.77 29.83 33.72
C20 PX4 OB . -5.32 29.98 34.22
C21 PX4 OB . -5.10 30.17 35.73
C22 PX4 OB . -3.61 30.22 36.03
O7 PX4 OB . -14.37 21.94 24.62
C23 PX4 OB . -14.26 20.62 24.86
O8 PX4 OB . -13.71 19.88 24.04
C24 PX4 OB . -14.85 20.05 26.15
C25 PX4 OB . -15.60 18.74 25.92
C26 PX4 OB . -16.29 18.29 27.21
C27 PX4 OB . -17.45 17.30 27.13
C28 PX4 OB . -17.92 16.99 28.55
C29 PX4 OB . -18.78 18.11 29.14
C30 PX4 OB . -19.18 17.59 30.52
C31 PX4 OB . -20.18 18.48 31.26
C32 PX4 OB . -20.80 17.62 32.37
C33 PX4 OB . -21.87 18.38 33.14
C34 PX4 OB . -22.43 17.60 34.34
C35 PX4 OB . -23.44 18.54 35.04
C36 PX4 OB . -24.36 17.76 35.98
O1 PX4 PB . 9.02 22.17 50.44
O2 PX4 PB . 6.90 20.85 49.90
P1 PX4 PB . 8.22 21.36 49.49
O3 PX4 PB . 9.11 20.06 49.15
C1 PX4 PB . 8.30 19.09 48.47
C2 PX4 PB . 9.17 18.25 47.54
N1 PX4 PB . 9.65 18.85 46.29
C3 PX4 PB . 8.63 19.22 45.31
C4 PX4 PB . 10.57 19.98 46.45
C5 PX4 PB . 10.28 17.66 45.67
O4 PX4 PB . 8.24 21.92 47.98
C6 PX4 PB . 8.26 23.33 48.09
C7 PX4 PB . 8.32 24.14 46.78
C8 PX4 PB . 8.78 23.20 45.65
O5 PX4 PB . 9.71 23.78 44.73
C9 PX4 PB . 10.10 22.89 43.80
O6 PX4 PB . 9.94 21.68 43.98
C10 PX4 PB . 10.77 23.36 42.51
C11 PX4 PB . 10.13 24.61 41.91
C12 PX4 PB . 10.94 24.99 40.67
C13 PX4 PB . 10.42 26.25 39.96
C14 PX4 PB . 11.28 26.59 38.74
C15 PX4 PB . 10.77 27.79 37.95
C16 PX4 PB . 11.47 28.24 36.67
C17 PX4 PB . 10.49 28.97 35.76
C18 PX4 PB . 11.16 29.52 34.50
C19 PX4 PB . 10.11 30.05 33.52
C20 PX4 PB . 10.82 30.10 32.15
C21 PX4 PB . 11.01 28.68 31.62
C22 PX4 PB . 11.92 28.64 30.40
O7 PX4 PB . 7.12 24.85 46.47
C23 PX4 PB . 6.94 26.05 47.09
O8 PX4 PB . 7.90 26.70 47.52
C24 PX4 PB . 5.59 26.76 46.97
C25 PX4 PB . 4.82 26.28 45.73
C26 PX4 PB . 3.36 26.64 45.98
C27 PX4 PB . 2.72 25.94 44.77
C28 PX4 PB . 1.19 25.92 44.74
C29 PX4 PB . 0.47 25.48 43.48
C30 PX4 PB . 0.96 26.27 42.27
C31 PX4 PB . 0.44 25.72 40.94
C32 PX4 PB . 1.14 26.38 39.74
C33 PX4 PB . 0.89 25.66 38.42
C34 PX4 PB . 0.72 26.48 37.15
C35 PX4 PB . 0.41 25.47 36.06
C36 PX4 PB . -1.03 25.01 36.23
O1 PX4 QB . 24.82 19.45 45.12
O2 PX4 QB . 22.32 18.92 44.80
P1 PX4 QB . 23.65 19.26 44.24
O3 PX4 QB . 23.90 17.87 43.47
C1 PX4 QB . 23.64 16.67 44.22
C2 PX4 QB . 23.87 15.38 43.45
N1 PX4 QB . 23.13 15.11 42.21
C3 PX4 QB . 23.21 13.66 41.96
C4 PX4 QB . 21.71 15.47 42.27
C5 PX4 QB . 23.71 15.91 41.11
O4 PX4 QB . 23.62 20.31 43.01
C6 PX4 QB . 22.87 19.82 41.90
C7 PX4 QB . 22.79 20.71 40.66
C8 PX4 QB . 24.20 20.77 40.10
O5 PX4 QB . 24.45 19.39 39.81
C9 PX4 QB . 25.56 19.16 39.06
O6 PX4 QB . 26.37 20.06 38.86
C10 PX4 QB . 25.92 17.72 38.74
C11 PX4 QB . 27.35 17.48 38.25
C12 PX4 QB . 27.55 17.93 36.80
C13 PX4 QB . 26.57 17.15 35.92
C14 PX4 QB . 26.61 17.62 34.47
C15 PX4 QB . 25.44 17.04 33.66
C16 PX4 QB . 25.38 17.76 32.32
C17 PX4 QB . 24.17 17.33 31.49
C18 PX4 QB . 22.81 17.71 32.08
C19 PX4 QB . 21.59 16.96 31.52
C20 PX4 QB . 20.38 17.36 32.35
C21 PX4 QB . 19.15 16.83 31.61
C22 PX4 QB . 17.79 17.27 32.15
O7 PX4 QB . 21.67 20.46 39.79
C23 PX4 QB . 20.45 21.01 40.08
O8 PX4 QB . 20.04 21.32 41.21
C24 PX4 QB . 19.45 21.05 38.92
C25 PX4 QB . 18.39 19.97 39.09
C26 PX4 QB . 17.31 20.20 38.04
C27 PX4 QB . 16.14 19.23 38.30
C28 PX4 QB . 15.06 19.32 37.23
C29 PX4 QB . 13.70 18.68 37.51
C30 PX4 QB . 12.56 19.18 36.63
C31 PX4 QB . 11.25 18.87 37.36
C32 PX4 QB . 11.06 19.55 38.72
C33 PX4 QB . 10.73 21.01 38.36
C34 PX4 QB . 10.04 21.55 39.62
C35 PX4 QB . 8.77 20.79 39.98
C36 PX4 QB . 8.21 21.16 41.33
O1 PX4 RB . 17.92 11.17 41.67
O2 PX4 RB . 20.23 11.74 42.77
P1 PX4 RB . 18.86 12.11 42.34
O3 PX4 RB . 18.04 12.54 43.65
C1 PX4 RB . 17.64 11.41 44.43
C2 PX4 RB . 16.40 11.56 45.31
N1 PX4 RB . 15.43 10.46 45.37
C3 PX4 RB . 15.12 9.73 44.13
C4 PX4 RB . 15.96 9.46 46.32
C5 PX4 RB . 14.26 11.03 46.04
O4 PX4 RB . 18.95 13.47 41.48
C6 PX4 RB . 17.68 14.14 41.44
C7 PX4 RB . 17.47 15.09 40.26
C8 PX4 RB . 18.73 14.96 39.40
O5 PX4 RB . 19.66 16.05 39.29
C9 PX4 RB . 20.82 15.78 38.66
O6 PX4 RB . 21.27 14.63 38.66
C10 PX4 RB . 21.51 17.10 38.30
C11 PX4 RB . 21.59 17.18 36.78
C12 PX4 RB . 22.52 18.28 36.27
C13 PX4 RB . 21.74 19.59 36.06
C14 PX4 RB . 20.53 19.37 35.15
C15 PX4 RB . 19.50 20.50 35.32
C16 PX4 RB . 18.33 19.97 34.48
C17 PX4 RB . 17.15 20.93 34.38
C18 PX4 RB . 16.03 20.51 33.40
C19 PX4 RB . 14.65 21.16 33.50
C20 PX4 RB . 13.71 20.57 32.44
C21 PX4 RB . 12.34 21.27 32.45
C22 PX4 RB . 11.44 21.14 33.68
O7 PX4 RB . 16.33 14.76 39.47
C23 PX4 RB . 15.10 15.25 39.81
O8 PX4 RB . 14.98 15.68 40.94
C24 PX4 RB . 13.94 14.93 38.87
C25 PX4 RB . 14.17 13.57 38.19
C26 PX4 RB . 12.84 13.12 37.56
C27 PX4 RB . 13.20 11.81 36.86
C28 PX4 RB . 13.87 10.76 37.76
C29 PX4 RB . 14.02 9.47 36.97
C30 PX4 RB . 14.83 9.59 35.67
C31 PX4 RB . 15.29 8.20 35.26
C32 PX4 RB . 16.13 7.38 36.25
C33 PX4 RB . 16.72 6.21 35.45
C34 PX4 RB . 15.73 5.08 35.12
C35 PX4 RB . 16.51 3.80 34.77
C36 PX4 RB . 17.48 3.90 33.58
O1 PX4 SB . -18.65 25.56 57.24
O2 PX4 SB . -21.09 25.29 56.65
P1 PX4 SB . -19.69 24.92 56.39
O3 PX4 SB . -19.62 23.33 56.65
C1 PX4 SB . -20.70 22.94 57.50
C2 PX4 SB . -21.20 21.52 57.17
N1 PX4 SB . -20.43 20.29 57.39
C3 PX4 SB . -19.99 20.28 58.80
C4 PX4 SB . -21.26 19.07 57.32
C5 PX4 SB . -19.29 20.08 56.47
O4 PX4 SB . -19.36 24.95 54.82
C6 PX4 SB . -20.64 24.72 54.22
C7 PX4 SB . -20.65 24.68 52.69
C8 PX4 SB . -19.65 25.75 52.26
O5 PX4 SB . -19.40 26.05 50.89
C9 PX4 SB . -18.31 25.44 50.35
O6 PX4 SB . -17.54 24.73 50.99
C10 PX4 SB . -18.28 25.62 48.83
C11 PX4 SB . -18.40 24.27 48.15
C12 PX4 SB . -18.11 24.39 46.66
C13 PX4 SB . -17.81 23.08 45.91
C14 PX4 SB . -17.78 23.32 44.40
C15 PX4 SB . -18.09 21.99 43.73
C16 PX4 SB . -17.87 22.02 42.21
C17 PX4 SB . -18.13 20.71 41.47
C18 PX4 SB . -18.04 20.95 39.95
C19 PX4 SB . -18.37 19.63 39.26
C20 PX4 SB . -18.08 19.72 37.77
C21 PX4 SB . -18.53 18.46 37.03
C22 PX4 SB . -18.16 18.36 35.55
O7 PX4 SB . -20.42 23.39 52.16
C23 PX4 SB . -21.29 22.87 51.25
O8 PX4 SB . -22.35 23.46 50.99
C24 PX4 SB . -20.98 21.48 50.71
C25 PX4 SB . -19.94 21.65 49.60
C26 PX4 SB . -19.75 20.25 49.03
C27 PX4 SB . -18.95 19.35 49.99
C28 PX4 SB . -18.73 18.02 49.26
C29 PX4 SB . -19.99 17.46 48.61
C30 PX4 SB . -19.64 16.26 47.73
C31 PX4 SB . -20.71 15.93 46.69
C32 PX4 SB . -22.01 15.51 47.36
C33 PX4 SB . -23.05 15.02 46.34
C34 PX4 SB . -23.76 16.05 45.46
C35 PX4 SB . -25.06 15.44 44.94
C36 PX4 SB . -25.85 16.38 44.02
O1 PX4 TB . 43.76 10.51 43.67
O2 PX4 TB . 45.61 11.84 42.44
P1 PX4 TB . 44.20 11.66 42.84
O3 PX4 TB . 43.37 12.99 43.21
C1 PX4 TB . 43.29 13.94 42.15
C2 PX4 TB . 43.21 15.43 42.46
N1 PX4 TB . 42.03 16.11 43.04
C3 PX4 TB . 42.49 17.50 43.17
C4 PX4 TB . 40.80 16.09 42.23
C5 PX4 TB . 41.64 15.58 44.35
O4 PX4 TB . 43.56 11.39 41.38
C6 PX4 TB . 44.12 10.24 40.73
C7 PX4 TB . 43.76 10.05 39.25
C8 PX4 TB . 43.89 11.46 38.66
O5 PX4 TB . 42.74 11.59 37.83
C9 PX4 TB . 42.92 12.60 36.92
O6 PX4 TB . 43.82 13.42 37.08
C10 PX4 TB . 42.14 12.50 35.61
C11 PX4 TB . 41.44 13.84 35.41
C12 PX4 TB . 40.49 13.77 34.21
C13 PX4 TB . 39.59 15.00 34.32
C14 PX4 TB . 38.83 15.33 33.04
C15 PX4 TB . 38.47 16.81 32.93
C16 PX4 TB . 37.91 16.91 31.50
C17 PX4 TB . 37.33 18.29 31.20
C18 PX4 TB . 36.28 18.02 30.14
C19 PX4 TB . 36.87 17.45 28.84
C20 PX4 TB . 35.70 17.22 27.87
C21 PX4 TB . 36.16 16.43 26.64
C22 PX4 TB . 35.08 16.55 25.57
O7 PX4 TB . 44.48 9.01 38.58
C23 PX4 TB . 43.96 7.80 38.86
O8 PX4 TB . 43.16 7.65 39.78
C24 PX4 TB . 44.64 6.59 38.20
C25 PX4 TB . 44.04 6.37 36.81
C26 PX4 TB . 42.63 5.76 36.85
C27 PX4 TB . 42.06 5.54 35.45
C28 PX4 TB . 42.77 4.42 34.69
C29 PX4 TB . 42.18 4.07 33.32
C30 PX4 TB . 43.05 3.14 32.47
C31 PX4 TB . 42.33 2.96 31.15
C32 PX4 TB . 43.41 2.22 30.34
C33 PX4 TB . 43.08 1.97 28.86
C34 PX4 TB . 44.24 1.29 28.17
C35 PX4 TB . 43.94 1.07 26.68
C36 PX4 TB . 45.09 0.26 26.06
O1 PX4 UB . -36.00 0.76 59.45
O2 PX4 UB . -35.00 -1.56 58.90
P1 PX4 UB . -35.09 -0.09 58.64
O3 PX4 UB . -33.68 0.68 58.66
C1 PX4 UB . -33.44 1.57 59.77
C2 PX4 UB . -32.73 2.84 59.29
N1 PX4 UB . -33.52 3.88 58.62
C3 PX4 UB . -34.87 4.02 59.20
C4 PX4 UB . -32.76 5.14 58.69
C5 PX4 UB . -33.77 3.48 57.24
O4 PX4 UB . -35.63 0.03 57.14
C6 PX4 UB . -34.69 -0.59 56.23
C7 PX4 UB . -35.09 -0.91 54.79
C8 PX4 UB . -36.56 -1.29 54.67
O5 PX4 UB . -36.92 -2.03 53.50
C9 PX4 UB . -38.17 -2.57 53.50
O6 PX4 UB . -38.87 -2.76 54.51
C10 PX4 UB . -38.55 -3.23 52.17
C11 PX4 UB . -39.65 -2.50 51.38
C12 PX4 UB . -39.95 -3.42 50.20
C13 PX4 UB . -41.24 -3.05 49.45
C14 PX4 UB . -40.90 -1.89 48.51
C15 PX4 UB . -42.21 -1.52 47.79
C16 PX4 UB . -41.97 -0.24 46.98
C17 PX4 UB . -43.21 0.17 46.18
C18 PX4 UB . -43.12 1.53 45.48
C19 PX4 UB . -44.16 1.70 44.37
C20 PX4 UB . -43.85 3.02 43.65
C21 PX4 UB . -44.74 3.07 42.39
C22 PX4 UB . -44.98 4.51 41.94
O7 PX4 UB . -34.66 0.17 53.96
C23 PX4 UB . -33.39 0.18 53.43
O8 PX4 UB . -32.43 -0.14 54.12
C24 PX4 UB . -33.21 1.27 52.37
C25 PX4 UB . -34.01 0.85 51.14
C26 PX4 UB . -33.87 1.97 50.11
C27 PX4 UB . -34.66 1.48 48.89
C28 PX4 UB . -34.37 2.27 47.63
C29 PX4 UB . -34.98 1.76 46.32
C30 PX4 UB . -34.83 2.62 45.07
C31 PX4 UB . -35.33 2.00 43.76
C32 PX4 UB . -35.41 3.05 42.66
C33 PX4 UB . -36.09 2.44 41.43
C34 PX4 UB . -36.43 3.54 40.42
C35 PX4 UB . -37.16 2.78 39.32
C36 PX4 UB . -36.31 1.61 38.83
O1 PX4 VB . -27.08 -3.48 59.39
O2 PX4 VB . -28.89 -1.89 58.23
P1 PX4 VB . -27.84 -2.93 58.25
O3 PX4 VB . -28.60 -4.27 57.80
C1 PX4 VB . -29.76 -4.33 58.64
C2 PX4 VB . -30.82 -5.30 58.12
N1 PX4 VB . -31.65 -4.98 56.95
C3 PX4 VB . -32.65 -6.07 57.03
C4 PX4 VB . -32.29 -3.66 57.06
C5 PX4 VB . -30.93 -5.17 55.67
O4 PX4 VB . -26.97 -2.92 56.92
C6 PX4 VB . -27.74 -2.83 55.71
C7 PX4 VB . -26.92 -3.11 54.43
C8 PX4 VB . -25.46 -2.98 54.84
O5 PX4 VB . -24.90 -1.86 54.16
C9 PX4 VB . -23.57 -1.63 54.40
O6 PX4 VB . -22.95 -2.50 55.01
C10 PX4 VB . -23.04 -0.27 53.94
C11 PX4 VB . -23.29 0.10 52.48
C12 PX4 VB . -22.07 -0.32 51.66
C13 PX4 VB . -22.16 0.04 50.17
C14 PX4 VB . -23.47 -0.46 49.56
C15 PX4 VB . -23.54 -0.21 48.05
C16 PX4 VB . -24.92 -0.46 47.47
C17 PX4 VB . -25.00 0.02 46.01
C18 PX4 VB . -26.23 -0.42 45.22
C19 PX4 VB . -26.06 0.07 43.80
C20 PX4 VB . -27.06 -0.52 42.80
C21 PX4 VB . -26.77 -0.20 41.33
C22 PX4 VB . -27.85 -0.69 40.35
O7 PX4 VB . -27.20 -4.31 53.72
C23 PX4 VB . -28.25 -4.33 52.84
O8 PX4 VB . -29.26 -3.67 53.06
C24 PX4 VB . -28.16 -5.48 51.85
C25 PX4 VB . -29.61 -5.97 51.83
C26 PX4 VB . -29.95 -6.41 50.41
C27 PX4 VB . -31.46 -6.57 50.17
C28 PX4 VB . -31.86 -6.46 48.69
C29 PX4 VB . -33.35 -6.84 48.63
C30 PX4 VB . -33.80 -6.86 47.16
C31 PX4 VB . -35.27 -7.24 47.12
C32 PX4 VB . -35.71 -7.28 45.66
C33 PX4 VB . -36.15 -5.89 45.14
C34 PX4 VB . -36.53 -5.80 43.67
C35 PX4 VB . -36.97 -4.43 43.19
C36 PX4 VB . -37.70 -4.40 41.85
O1 PX4 WB . 0.92 41.85 47.64
O2 PX4 WB . 0.20 43.74 46.08
P1 PX4 WB . 0.66 42.34 46.27
O3 PX4 WB . -0.41 41.40 45.53
C1 PX4 WB . -0.19 40.01 45.77
C2 PX4 WB . -1.43 39.12 45.66
N1 PX4 WB . -1.26 37.67 45.79
C3 PX4 WB . -0.65 36.99 44.64
C4 PX4 WB . -0.40 37.43 46.97
C5 PX4 WB . -2.60 37.11 46.09
O4 PX4 WB . 1.90 42.26 45.26
C6 PX4 WB . 1.59 43.11 44.16
C7 PX4 WB . 2.86 43.28 43.31
C8 PX4 WB . 3.13 41.93 42.63
O5 PX4 WB . 2.06 41.26 41.96
C9 PX4 WB . 1.84 40.02 42.48
O6 PX4 WB . 2.34 39.64 43.53
C10 PX4 WB . 0.84 39.12 41.77
C11 PX4 WB . 1.52 38.03 40.92
C12 PX4 WB . 0.52 37.03 40.35
C13 PX4 WB . 1.33 35.98 39.58
C14 PX4 WB . 0.50 34.82 38.98
C15 PX4 WB . -0.35 35.36 37.83
C16 PX4 WB . -1.57 34.47 37.51
C17 PX4 WB . -2.53 34.18 38.66
C18 PX4 WB . -3.59 33.09 38.43
C19 PX4 WB . -4.47 32.90 39.66
C20 PX4 WB . -5.48 33.97 40.08
C21 PX4 WB . -6.74 33.98 39.22
C22 PX4 WB . -7.87 34.71 39.94
O7 PX4 WB . 2.76 44.35 42.36
C23 PX4 WB . 2.92 45.64 42.74
O8 PX4 WB . 3.33 45.86 43.88
C24 PX4 WB . 2.80 46.64 41.57
C25 PX4 WB . 1.62 46.51 40.61
C26 PX4 WB . 1.48 47.60 39.55
C27 PX4 WB . 0.35 47.21 38.58
C28 PX4 WB . 0.19 48.14 37.38
C29 PX4 WB . -0.84 47.67 36.36
C30 PX4 WB . -1.04 48.81 35.35
C31 PX4 WB . -1.68 50.07 35.91
C32 PX4 WB . -2.08 50.99 34.75
C33 PX4 WB . -3.05 50.31 33.77
C34 PX4 WB . -3.06 51.01 32.41
C35 PX4 WB . -4.33 50.66 31.64
C36 PX4 WB . -4.07 50.62 30.13
O1 PX4 XB . -21.09 -8.89 56.66
O2 PX4 XB . -22.90 -8.49 58.51
P1 PX4 XB . -22.08 -9.37 57.66
O3 PX4 XB . -21.08 -10.28 58.53
C1 PX4 XB . -20.37 -9.46 59.44
C2 PX4 XB . -20.02 -10.30 60.67
N1 PX4 XB . -20.90 -11.15 61.48
C3 PX4 XB . -20.94 -10.81 62.92
C4 PX4 XB . -22.30 -11.18 61.05
C5 PX4 XB . -20.34 -12.50 61.40
O4 PX4 XB . -22.86 -10.64 57.07
C6 PX4 XB . -22.33 -10.86 55.75
C7 PX4 XB . -22.59 -12.24 55.16
C8 PX4 XB . -24.05 -12.07 54.70
O5 PX4 XB . -24.23 -11.08 53.70
C9 PX4 XB . -25.33 -11.30 52.92
O6 PX4 XB . -26.10 -12.23 53.19
C10 PX4 XB . -25.46 -10.30 51.78
C11 PX4 XB . -24.55 -10.66 50.60
C12 PX4 XB . -24.93 -9.74 49.43
C13 PX4 XB . -26.41 -9.94 49.13
C14 PX4 XB . -26.71 -9.20 47.83
C15 PX4 XB . -28.21 -9.17 47.52
C16 PX4 XB . -28.40 -8.33 46.25
C17 PX4 XB . -29.83 -7.84 45.97
C18 PX4 XB . -29.95 -6.96 44.73
C19 PX4 XB . -31.31 -6.26 44.67
C20 PX4 XB . -31.52 -5.45 43.39
C21 PX4 XB . -30.60 -4.23 43.21
C22 PX4 XB . -30.86 -3.47 41.91
O7 PX4 XB . -21.67 -12.62 54.14
C23 PX4 XB . -20.77 -13.57 54.51
O8 PX4 XB . -20.75 -14.04 55.65
C24 PX4 XB . -19.75 -14.04 53.47
C25 PX4 XB . -20.32 -14.76 52.24
C26 PX4 XB . -19.18 -14.80 51.21
C27 PX4 XB . -19.45 -15.60 49.93
C28 PX4 XB . -18.45 -15.16 48.87
C29 PX4 XB . -18.57 -16.17 47.72
C30 PX4 XB . -17.44 -16.02 46.69
C31 PX4 XB . -17.06 -17.21 45.83
C32 PX4 XB . -16.08 -16.90 44.67
C33 PX4 XB . -15.89 -18.18 43.86
C34 PX4 XB . -15.03 -17.81 42.64
C35 PX4 XB . -14.60 -18.98 41.77
C36 PX4 XB . -15.79 -19.48 40.94
O1 PX4 YB . -1.21 -30.14 56.35
O2 PX4 YB . -0.21 -32.51 56.15
P1 PX4 YB . -0.30 -31.11 55.68
O3 PX4 YB . 1.10 -30.52 56.21
C1 PX4 YB . 1.10 -30.82 57.62
C2 PX4 YB . 1.98 -29.98 58.56
N1 PX4 YB . 1.92 -30.30 60.00
C3 PX4 YB . 2.86 -29.48 60.76
C4 PX4 YB . 0.52 -30.17 60.44
C5 PX4 YB . 2.44 -31.67 60.16
O4 PX4 YB . -0.24 -30.76 54.11
C6 PX4 YB . 1.11 -30.85 53.65
C7 PX4 YB . 1.39 -31.21 52.19
C8 PX4 YB . 0.04 -31.47 51.52
O5 PX4 YB . 0.25 -32.41 50.47
C9 PX4 YB . -0.89 -32.84 49.85
O6 PX4 YB . -2.01 -32.65 50.34
C10 PX4 YB . -0.71 -33.48 48.46
C11 PX4 YB . -1.74 -34.49 47.97
C12 PX4 YB . -1.38 -35.14 46.63
C13 PX4 YB . -2.48 -36.03 46.08
C14 PX4 YB . -2.24 -36.81 44.77
C15 PX4 YB . -1.85 -35.71 43.77
C16 PX4 YB . -1.38 -36.39 42.51
C17 PX4 YB . -0.40 -37.57 42.67
C18 PX4 YB . -0.06 -38.28 41.36
C19 PX4 YB . 0.42 -37.27 40.32
C20 PX4 YB . 1.47 -37.89 39.40
C21 PX4 YB . 2.76 -38.13 40.19
C22 PX4 YB . 3.79 -38.88 39.35
O7 PX4 YB . 2.02 -30.11 51.53
C23 PX4 YB . 3.33 -29.87 51.81
O8 PX4 YB . 3.82 -30.31 52.84
C24 PX4 YB . 3.93 -28.75 50.95
C25 PX4 YB . 4.78 -29.38 49.85
C26 PX4 YB . 5.43 -28.19 49.16
C27 PX4 YB . 6.52 -28.52 48.14
C28 PX4 YB . 7.05 -27.28 47.41
C29 PX4 YB . 5.97 -26.30 46.94
C30 PX4 YB . 6.71 -25.05 46.45
C31 PX4 YB . 5.63 -24.10 45.97
C32 PX4 YB . 6.21 -22.82 45.32
C33 PX4 YB . 5.12 -21.88 44.80
C34 PX4 YB . 5.98 -20.82 44.13
C35 PX4 YB . 5.38 -19.77 43.21
C36 PX4 YB . 6.36 -18.64 42.88
O1 PX4 ZB . 39.92 12.55 43.31
O2 PX4 ZB . 37.47 12.38 42.50
P1 PX4 ZB . 38.91 12.53 42.22
O3 PX4 ZB . 39.06 11.35 41.13
C1 PX4 ZB . 40.28 10.62 41.22
C2 PX4 ZB . 40.45 9.46 40.25
N1 PX4 ZB . 39.49 8.35 40.37
C3 PX4 ZB . 39.95 7.13 39.72
C4 PX4 ZB . 39.07 8.02 41.74
C5 PX4 ZB . 38.21 8.72 39.74
O4 PX4 ZB . 39.15 13.67 41.12
C6 PX4 ZB . 38.24 13.49 40.04
C7 PX4 ZB . 38.74 13.75 38.62
C8 PX4 ZB . 39.98 14.65 38.75
O5 PX4 ZB . 39.85 15.96 38.17
C9 PX4 ZB . 40.74 16.95 38.49
O6 PX4 ZB . 41.59 16.72 39.35
C10 PX4 ZB . 40.57 18.30 37.80
C11 PX4 ZB . 39.90 18.26 36.42
C12 PX4 ZB . 39.73 19.72 35.99
C13 PX4 ZB . 38.70 19.90 34.88
C14 PX4 ZB . 38.56 21.26 34.22
C15 PX4 ZB . 37.47 21.24 33.14
C16 PX4 ZB . 37.35 22.58 32.41
C17 PX4 ZB . 36.17 22.73 31.45
C18 PX4 ZB . 36.40 23.97 30.60
C19 PX4 ZB . 35.37 24.07 29.48
C20 PX4 ZB . 35.24 25.55 29.17
C21 PX4 ZB . 34.51 25.73 27.83
C22 PX4 ZB . 34.29 27.17 27.35
O7 PX4 ZB . 39.00 12.64 37.76
C23 PX4 ZB . 37.95 11.83 37.43
O8 PX4 ZB . 36.88 11.92 38.00
C24 PX4 ZB . 38.08 10.78 36.32
C25 PX4 ZB . 39.47 10.14 36.23
C26 PX4 ZB . 39.87 9.90 34.77
C27 PX4 ZB . 39.52 8.58 34.06
C28 PX4 ZB . 39.89 8.57 32.58
C29 PX4 ZB . 39.93 7.14 32.03
C30 PX4 ZB . 39.85 7.17 30.50
C31 PX4 ZB . 39.63 5.83 29.81
C32 PX4 ZB . 40.09 6.07 28.38
C33 PX4 ZB . 40.53 4.78 27.68
C34 PX4 ZB . 41.37 5.13 26.45
C35 PX4 ZB . 41.62 3.91 25.56
C36 PX4 ZB . 40.43 3.69 24.63
O1 PX4 AC . 36.78 5.40 45.52
O2 PX4 AC . 35.52 7.56 45.90
P1 PX4 AC . 35.84 6.42 45.02
O3 PX4 AC . 34.43 5.61 45.00
C1 PX4 AC . 34.12 5.14 46.32
C2 PX4 AC . 32.86 4.29 46.19
N1 PX4 AC . 32.97 2.84 46.11
C3 PX4 AC . 33.17 2.58 44.68
C4 PX4 AC . 34.05 2.18 46.88
C5 PX4 AC . 31.73 2.15 46.55
O4 PX4 AC . 36.10 6.77 43.47
C6 PX4 AC . 34.82 7.06 42.91
C7 PX4 AC . 34.99 7.17 41.40
C8 PX4 AC . 35.38 5.70 41.21
O5 PX4 AC . 36.06 5.53 39.98
C9 PX4 AC . 35.97 4.29 39.38
O6 PX4 AC . 35.15 3.53 39.90
C10 PX4 AC . 36.26 4.45 37.88
C11 PX4 AC . 37.73 4.74 37.58
C12 PX4 AC . 37.68 4.88 36.05
C13 PX4 AC . 36.66 5.99 35.77
C14 PX4 AC . 36.64 6.30 34.27
C15 PX4 AC . 35.49 7.27 34.04
C16 PX4 AC . 34.16 6.56 34.33
C17 PX4 AC . 33.92 5.65 33.11
C18 PX4 AC . 32.64 4.82 33.12
C19 PX4 AC . 32.72 3.64 32.15
C20 PX4 AC . 33.04 4.22 30.76
C21 PX4 AC . 33.32 3.20 29.66
C22 PX4 AC . 34.60 2.48 30.01
O7 PX4 AC . 33.85 7.48 40.58
C23 PX4 AC . 34.07 8.54 39.75
O8 PX4 AC . 35.06 9.24 39.97
C24 PX4 AC . 33.05 8.73 38.62
C25 PX4 AC . 32.51 7.45 37.98
C26 PX4 AC . 31.72 7.79 36.72
C27 PX4 AC . 30.84 6.68 36.15
C28 PX4 AC . 30.26 7.17 34.83
C29 PX4 AC . 29.41 6.14 34.08
C30 PX4 AC . 28.76 6.66 32.79
C31 PX4 AC . 29.78 6.71 31.65
C32 PX4 AC . 29.19 6.73 30.24
C33 PX4 AC . 30.26 6.46 29.17
C34 PX4 AC . 29.71 6.04 27.81
C35 PX4 AC . 30.74 5.71 26.73
C36 PX4 AC . 31.54 6.86 26.14
O1 PX4 BC . 13.97 -30.87 54.39
O2 PX4 BC . 12.99 -29.64 52.33
P1 PX4 BC . 13.30 -30.87 53.07
O3 PX4 BC . 11.85 -31.19 53.67
C1 PX4 BC . 11.31 -29.96 54.16
C2 PX4 BC . 10.07 -30.22 55.03
N1 PX4 BC . 9.37 -29.22 55.84
C3 PX4 BC . 10.39 -28.62 56.73
C4 PX4 BC . 8.87 -28.22 54.89
C5 PX4 BC . 8.30 -29.92 56.56
O4 PX4 BC . 13.47 -32.33 52.42
C6 PX4 BC . 12.69 -32.37 51.22
C7 PX4 BC . 12.17 -33.72 50.75
C8 PX4 BC . 10.66 -33.52 50.86
O5 PX4 BC . 10.07 -32.65 49.89
C9 PX4 BC . 8.75 -32.40 50.05
O6 PX4 BC . 8.25 -32.25 51.16
C10 PX4 BC . 7.93 -31.83 48.89
C11 PX4 BC . 8.00 -32.69 47.63
C12 PX4 BC . 7.66 -31.79 46.44
C13 PX4 BC . 7.59 -32.71 45.21
C14 PX4 BC . 7.35 -31.80 44.00
C15 PX4 BC . 6.29 -32.53 43.17
C16 PX4 BC . 5.96 -31.88 41.82
C17 PX4 BC . 5.15 -30.59 41.88
C18 PX4 BC . 4.94 -30.05 40.46
C19 PX4 BC . 4.30 -28.66 40.49
C20 PX4 BC . 4.39 -28.27 39.01
C21 PX4 BC . 3.39 -27.16 38.67
C22 PX4 BC . 3.46 -26.68 37.21
O7 PX4 BC . 12.82 -34.29 49.61
C23 PX4 BC . 12.58 -35.62 49.39
O8 PX4 BC . 12.22 -36.20 50.39
C24 PX4 BC . 12.83 -36.14 47.97
C25 PX4 BC . 11.58 -35.88 47.12
C26 PX4 BC . 11.66 -36.65 45.80
C27 PX4 BC . 10.84 -35.94 44.72
C28 PX4 BC . 11.53 -34.64 44.26
C29 PX4 BC . 10.75 -34.02 43.11
C30 PX4 BC . 11.38 -32.68 42.75
C31 PX4 BC . 10.56 -32.00 41.65
C32 PX4 BC . 10.99 -32.66 40.35
C33 PX4 BC . 9.73 -32.58 39.46
C34 PX4 BC . 10.03 -32.97 38.01
C35 PX4 BC . 8.84 -32.70 37.09
C36 PX4 BC . 9.05 -33.26 35.67
O1 PX4 CC . -24.75 7.20 60.38
O2 PX4 CC . -22.72 5.63 60.75
P1 PX4 CC . -23.47 6.62 59.93
O3 PX4 CC . -22.44 7.85 59.93
C1 PX4 CC . -22.57 8.49 61.20
C2 PX4 CC . -22.19 9.98 61.24
N1 PX4 CC . -20.83 10.26 60.77
C3 PX4 CC . -20.43 11.61 61.18
C4 PX4 CC . -19.75 9.41 61.29
C5 PX4 CC . -20.75 10.30 59.30
O4 PX4 CC . -23.50 6.33 58.35
C6 PX4 CC . -22.16 6.28 57.85
C7 PX4 CC . -22.12 6.49 56.33
C8 PX4 CC . -23.54 6.29 55.79
O5 PX4 CC . -23.70 5.34 54.74
C9 PX4 CC . -24.93 5.02 54.28
O6 PX4 CC . -25.89 5.68 54.67
C10 PX4 CC . -24.89 3.89 53.25
C11 PX4 CC . -25.14 4.44 51.84
C12 PX4 CC . -25.28 3.35 50.77
C13 PX4 CC . -25.52 3.88 49.36
C14 PX4 CC . -26.12 2.79 48.47
C15 PX4 CC . -26.50 3.41 47.12
C16 PX4 CC . -25.27 4.17 46.63
C17 PX4 CC . -25.88 4.92 45.44
C18 PX4 CC . -26.37 3.99 44.31
C19 PX4 CC . -25.98 4.69 43.01
C20 PX4 CC . -26.10 3.73 41.81
C21 PX4 CC . -25.62 4.48 40.55
C22 PX4 CC . -25.81 3.63 39.31
O7 PX4 CC . -21.41 7.69 56.01
C23 PX4 CC . -20.08 7.72 55.74
O8 PX4 CC . -19.23 7.29 56.51
C24 PX4 CC . -19.68 8.82 54.74
C25 PX4 CC . -19.20 8.21 53.41
C26 PX4 CC . -20.38 7.51 52.74
C27 PX4 CC . -21.50 8.52 52.46
C28 PX4 CC . -22.61 7.78 51.73
C29 PX4 CC . -23.66 8.68 51.05
C30 PX4 CC . -24.60 7.80 50.23
C31 PX4 CC . -26.05 8.28 50.30
C32 PX4 CC . -26.90 7.89 49.08
C33 PX4 CC . -28.19 8.72 48.92
C34 PX4 CC . -29.18 7.93 48.06
C35 PX4 CC . -28.61 7.62 46.67
C36 PX4 CC . -29.86 7.39 45.81
O1 PX4 DC . -24.00 2.79 62.36
O2 PX4 DC . -26.28 4.08 62.51
P1 PX4 DC . -25.32 3.18 61.84
O3 PX4 DC . -26.04 1.76 61.62
C1 PX4 DC . -27.43 2.05 61.55
C2 PX4 DC . -28.24 0.77 61.38
N1 PX4 DC . -28.07 -0.47 62.17
C3 PX4 DC . -28.21 -0.17 63.59
C4 PX4 DC . -29.17 -1.36 61.80
C5 PX4 DC . -26.77 -1.14 62.08
O4 PX4 DC . -25.38 3.49 60.26
C6 PX4 DC . -24.31 2.79 59.60
C7 PX4 DC . -24.39 2.63 58.07
C8 PX4 DC . -25.85 2.90 57.74
O5 PX4 DC . -26.24 2.44 56.44
C9 PX4 DC . -26.40 1.15 56.04
O6 PX4 DC . -26.07 0.21 56.75
C10 PX4 DC . -26.93 1.11 54.61
C11 PX4 DC . -28.43 0.83 54.72
C12 PX4 DC . -29.03 0.76 53.31
C13 PX4 DC . -28.34 -0.29 52.43
C14 PX4 DC . -28.99 -0.39 51.06
C15 PX4 DC . -28.11 -1.05 49.99
C16 PX4 DC . -29.06 -1.44 48.86
C17 PX4 DC . -29.53 -2.91 48.81
C18 PX4 DC . -30.14 -3.01 47.42
C19 PX4 DC . -31.35 -2.08 47.22
C20 PX4 DC . -31.94 -2.23 45.82
C21 PX4 DC . -32.99 -1.17 45.53
C22 PX4 DC . -33.74 -1.64 44.28
O7 PX4 DC . -23.25 3.21 57.42
C23 PX4 DC . -22.27 2.33 57.11
O8 PX4 DC . -22.17 1.19 57.61
C24 PX4 DC . -21.08 2.90 56.35
C25 PX4 DC . -21.35 2.77 54.84
C26 PX4 DC . -20.59 3.79 53.96
C27 PX4 DC . -21.28 3.63 52.61
C28 PX4 DC . -20.55 4.37 51.49
C29 PX4 DC . -21.10 4.22 50.06
C30 PX4 DC . -20.55 5.31 49.16
C31 PX4 DC . -21.31 5.25 47.82
C32 PX4 DC . -21.08 3.92 47.10
C33 PX4 DC . -21.87 3.90 45.79
C34 PX4 DC . -21.54 2.62 45.02
C35 PX4 DC . -22.40 2.57 43.76
C36 PX4 DC . -22.06 1.37 42.90
O1 PX4 EC . 10.49 38.40 47.20
O2 PX4 EC . 11.27 39.04 49.62
P1 PX4 EC . 10.70 39.37 48.30
O3 PX4 EC . 9.12 39.43 48.68
C1 PX4 EC . 8.75 38.13 49.13
C2 PX4 EC . 7.44 38.14 49.92
N1 PX4 EC . 7.39 38.41 51.36
C3 PX4 EC . 6.13 39.15 51.51
C4 PX4 EC . 7.33 37.28 52.31
C5 PX4 EC . 8.39 39.40 51.78
O4 PX4 EC . 10.61 40.93 47.93
C6 PX4 EC . 10.26 40.84 46.55
C7 PX4 EC . 9.25 41.92 46.16
C8 PX4 EC . 10.13 43.12 45.77
O5 PX4 EC . 11.21 42.78 44.90
C9 PX4 EC . 12.26 43.63 44.77
O6 PX4 EC . 12.54 44.43 45.66
C10 PX4 EC . 13.04 43.54 43.47
C11 PX4 EC . 12.52 43.90 42.06
C12 PX4 EC . 12.31 45.40 41.94
C13 PX4 EC . 11.89 45.79 40.53
C14 PX4 EC . 12.81 45.05 39.55
C15 PX4 EC . 12.25 45.53 38.21
C16 PX4 EC . 10.77 45.12 38.23
C17 PX4 EC . 10.21 45.46 36.86
C18 PX4 EC . 11.15 45.09 35.71
C19 PX4 EC . 10.32 45.26 34.42
C20 PX4 EC . 11.05 44.71 33.21
C21 PX4 EC . 10.32 44.74 31.87
C22 PX4 EC . 11.30 44.26 30.78
O7 PX4 EC . 8.51 41.54 45.00
C23 PX4 EC . 7.28 41.00 45.25
O8 PX4 EC . 6.81 41.29 46.36
C24 PX4 EC . 6.46 40.62 44.00
C25 PX4 EC . 7.07 39.42 43.31
C26 PX4 EC . 6.49 39.18 41.91
C27 PX4 EC . 7.42 38.29 41.09
C28 PX4 EC . 6.67 37.92 39.80
C29 PX4 EC . 7.63 37.66 38.63
C30 PX4 EC . 8.14 36.22 38.77
C31 PX4 EC . 9.14 35.90 37.65
C32 PX4 EC . 9.69 34.49 37.87
C33 PX4 EC . 11.22 34.44 38.01
C34 PX4 EC . 11.50 32.99 38.42
C35 PX4 EC . 12.85 32.44 37.94
C36 PX4 EC . 14.03 33.00 38.74
O1 PX4 FC . -3.98 -23.68 58.09
O2 PX4 FC . -3.10 -26.12 57.96
P1 PX4 FC . -3.29 -24.77 57.36
O3 PX4 FC . -1.79 -24.29 57.01
C1 PX4 FC . -1.62 -22.88 57.13
C2 PX4 FC . -0.51 -22.44 56.17
N1 PX4 FC . 0.91 -22.79 56.32
C3 PX4 FC . 1.23 -24.19 56.04
C4 PX4 FC . 1.68 -22.02 55.34
C5 PX4 FC . 1.47 -22.44 57.63
O4 PX4 FC . -3.89 -24.89 55.86
C6 PX4 FC . -3.37 -26.04 55.18
C7 PX4 FC . -3.24 -25.96 53.66
C8 PX4 FC . -3.83 -24.63 53.21
O5 PX4 FC . -4.94 -24.68 52.32
C9 PX4 FC . -5.62 -23.50 52.15
O6 PX4 FC . -5.64 -22.62 53.01
C10 PX4 FC . -6.59 -23.67 50.98
C11 PX4 FC . -5.99 -23.26 49.65
C12 PX4 FC . -7.03 -23.29 48.52
C13 PX4 FC . -6.33 -23.26 47.17
C14 PX4 FC . -7.19 -22.64 46.06
C15 PX4 FC . -7.69 -21.24 46.41
C16 PX4 FC . -8.13 -20.41 45.20
C17 PX4 FC . -8.69 -19.02 45.52
C18 PX4 FC . -9.20 -18.28 44.27
C19 PX4 FC . -10.23 -17.27 44.81
C20 PX4 FC . -10.44 -16.30 43.65
C21 PX4 FC . -11.84 -15.68 43.60
C22 PX4 FC . -11.98 -14.47 42.65
O7 PX4 FC . -1.98 -26.26 53.06
C23 PX4 FC . -1.88 -27.49 52.48
O8 PX4 FC . -2.85 -28.22 52.33
C24 PX4 FC . -0.58 -27.67 51.69
C25 PX4 FC . -0.82 -27.55 50.18
C26 PX4 FC . -1.29 -28.87 49.57
C27 PX4 FC . -1.36 -28.58 48.07
C28 PX4 FC . -2.01 -29.82 47.46
C29 PX4 FC . -2.22 -29.89 45.94
C30 PX4 FC . -3.11 -31.05 45.53
C31 PX4 FC . -2.85 -31.63 44.13
C32 PX4 FC . -3.85 -32.65 43.61
C33 PX4 FC . -3.50 -33.28 42.25
C34 PX4 FC . -4.73 -34.02 41.74
C35 PX4 FC . -4.53 -34.60 40.35
C36 PX4 FC . -3.98 -33.46 39.49
O1 PX4 GC . 17.44 -29.03 53.23
O2 PX4 GC . 19.04 -30.16 51.59
P1 PX4 GC . 17.69 -29.65 51.92
O3 PX4 GC . 17.33 -28.52 50.84
C1 PX4 GC . 17.55 -27.18 51.32
C2 PX4 GC . 16.65 -26.12 50.70
N1 PX4 GC . 15.25 -26.16 51.14
C3 PX4 GC . 14.35 -27.16 50.52
C4 PX4 GC . 15.05 -26.37 52.59
C5 PX4 GC . 14.70 -24.84 50.81
O4 PX4 GC . 16.61 -30.72 51.42
C6 PX4 GC . 16.85 -30.91 50.03
C7 PX4 GC . 16.90 -32.35 49.51
C8 PX4 GC . 15.67 -32.76 48.70
O5 PX4 GC . 14.62 -31.80 48.59
C9 PX4 GC . 13.70 -31.95 47.60
O6 PX4 GC . 13.84 -32.86 46.78
C10 PX4 GC . 12.52 -31.00 47.68
C11 PX4 GC . 12.27 -30.41 46.28
C12 PX4 GC . 11.07 -29.47 46.24
C13 PX4 GC . 10.82 -28.99 44.81
C14 PX4 GC . 9.58 -28.11 44.69
C15 PX4 GC . 9.18 -27.90 43.23
C16 PX4 GC . 8.15 -26.79 43.27
C17 PX4 GC . 6.91 -26.94 42.39
C18 PX4 GC . 6.09 -25.66 42.57
C19 PX4 GC . 6.57 -24.57 41.60
C20 PX4 GC . 6.26 -24.99 40.17
C21 PX4 GC . 6.45 -23.84 39.20
C22 PX4 GC . 6.91 -24.34 37.82
O7 PX4 GC . 18.05 -32.58 48.69
C23 PX4 GC . 19.18 -33.13 49.21
O8 PX4 GC . 19.12 -33.77 50.25
C24 PX4 GC . 20.53 -32.77 48.59
C25 PX4 GC . 20.54 -32.60 47.07
C26 PX4 GC . 20.09 -33.84 46.29
C27 PX4 GC . 20.00 -33.42 44.82
C28 PX4 GC . 19.51 -34.70 44.15
C29 PX4 GC . 19.54 -34.60 42.62
C30 PX4 GC . 19.27 -35.96 41.99
C31 PX4 GC . 19.66 -36.21 40.53
C32 PX4 GC . 19.12 -35.14 39.58
C33 PX4 GC . 19.43 -35.57 38.15
C34 PX4 GC . 19.15 -34.43 37.16
C35 PX4 GC . 19.85 -33.13 37.54
C36 PX4 GC . 19.26 -32.15 36.53
O1 PX4 HC . 9.39 -23.92 53.38
O2 PX4 HC . 11.10 -25.78 53.93
P1 PX4 HC . 10.54 -24.75 53.04
O3 PX4 HC . 11.77 -23.72 52.86
C1 PX4 HC . 11.91 -22.96 54.06
C2 PX4 HC . 12.03 -21.44 53.94
N1 PX4 HC . 10.79 -20.67 53.71
C3 PX4 HC . 11.22 -19.27 53.76
C4 PX4 HC . 10.35 -20.90 52.33
C5 PX4 HC . 9.75 -20.86 54.72
O4 PX4 HC . 10.38 -25.32 51.54
C6 PX4 HC . 10.06 -24.15 50.79
C7 PX4 HC . 9.19 -24.58 49.61
C8 PX4 HC . 10.01 -25.64 48.86
O5 PX4 HC . 11.19 -25.13 48.22
C9 PX4 HC . 12.12 -26.06 47.83
O6 PX4 HC . 12.16 -27.14 48.40
C10 PX4 HC . 13.34 -25.44 47.13
C11 PX4 HC . 14.17 -26.41 46.29
C12 PX4 HC . 15.43 -25.68 45.83
C13 PX4 HC . 16.17 -26.52 44.78
C14 PX4 HC . 17.48 -25.80 44.51
C15 PX4 HC . 18.14 -26.53 43.34
C16 PX4 HC . 17.45 -26.28 42.01
C17 PX4 HC . 18.51 -26.83 41.06
C18 PX4 HC . 17.95 -26.76 39.63
C19 PX4 HC . 18.99 -26.83 38.50
C20 PX4 HC . 19.51 -28.25 38.33
C21 PX4 HC . 20.43 -28.33 37.11
C22 PX4 HC . 21.64 -29.24 37.41
O7 PX4 HC . 7.85 -24.95 49.94
C23 PX4 HC . 7.03 -23.89 50.17
O8 PX4 HC . 7.34 -22.72 50.04
C24 PX4 HC . 5.55 -24.30 50.17
C25 PX4 HC . 4.47 -23.41 50.84
C26 PX4 HC . 3.19 -24.21 50.61
C27 PX4 HC . 3.10 -24.58 49.13
C28 PX4 HC . 2.10 -25.70 48.89
C29 PX4 HC . 2.02 -25.86 47.36
C30 PX4 HC . 1.47 -24.56 46.76
C31 PX4 HC . 1.60 -24.71 45.26
C32 PX4 HC . 1.00 -23.38 44.81
C33 PX4 HC . 0.92 -23.44 43.28
C34 PX4 HC . 1.83 -22.35 42.71
C35 PX4 HC . 1.96 -22.12 41.20
C36 PX4 HC . 2.64 -23.40 40.68
O1 PX4 IC . -27.47 12.10 57.85
O2 PX4 IC . -29.95 12.76 57.79
P1 PX4 IC . -28.77 12.18 57.12
O3 PX4 IC . -29.04 10.64 56.75
C1 PX4 IC . -29.09 10.00 58.04
C2 PX4 IC . -28.95 8.48 57.90
N1 PX4 IC . -27.86 7.94 57.06
C3 PX4 IC . -27.88 6.58 57.62
C4 PX4 IC . -28.17 7.96 55.62
C5 PX4 IC . -26.51 8.47 57.15
O4 PX4 IC . -28.49 12.60 55.59
C6 PX4 IC . -27.12 12.27 55.34
C7 PX4 IC . -26.93 11.73 53.91
C8 PX4 IC . -28.34 11.71 53.33
O5 PX4 IC . -28.81 10.41 52.96
C9 PX4 IC . -30.13 10.41 52.62
O6 PX4 IC . -30.63 11.50 52.38
C10 PX4 IC . -30.77 9.02 52.42
C11 PX4 IC . -31.51 8.96 51.08
C12 PX4 IC . -31.91 7.49 50.86
C13 PX4 IC . -32.86 7.35 49.68
C14 PX4 IC . -33.53 6.01 49.41
C15 PX4 IC . -34.76 6.21 48.52
C16 PX4 IC . -34.31 6.93 47.24
C17 PX4 IC . -35.37 6.93 46.16
C18 PX4 IC . -34.64 7.29 44.88
C19 PX4 IC . -35.63 7.49 43.73
C20 PX4 IC . -34.97 7.89 42.40
C21 PX4 IC . -35.96 8.44 41.38
C22 PX4 IC . -35.16 8.88 40.15
O7 PX4 IC . -25.97 12.50 53.17
C23 PX4 IC . -24.67 12.12 53.26
O8 PX4 IC . -24.17 11.29 54.02
C24 PX4 IC . -23.70 13.05 52.53
C25 PX4 IC . -24.24 13.49 51.17
C26 PX4 IC . -24.36 12.26 50.28
C27 PX4 IC . -24.86 12.82 48.94
C28 PX4 IC . -25.09 11.62 48.02
C29 PX4 IC . -25.50 11.96 46.58
C30 PX4 IC . -26.03 10.67 45.94
C31 PX4 IC . -26.40 10.94 44.49
C32 PX4 IC . -25.31 11.72 43.74
C33 PX4 IC . -26.15 12.42 42.66
C34 PX4 IC . -25.21 13.19 41.73
C35 PX4 IC . -25.86 13.88 40.53
C36 PX4 IC . -24.74 14.34 39.58
O1 PX4 JC . -25.58 18.40 58.38
O2 PX4 JC . -27.64 19.41 57.25
P1 PX4 JC . -26.55 18.40 57.27
O3 PX4 JC . -27.35 17.03 57.57
C1 PX4 JC . -28.38 17.21 58.56
C2 PX4 JC . -28.82 15.89 59.21
N1 PX4 JC . -27.79 15.24 60.03
C3 PX4 JC . -27.16 16.01 61.12
C4 PX4 JC . -28.51 14.07 60.59
C5 PX4 JC . -26.69 14.63 59.26
O4 PX4 JC . -25.96 17.76 55.93
C6 PX4 JC . -25.12 16.68 56.36
C7 PX4 JC . -25.06 15.41 55.54
C8 PX4 JC . -25.46 15.85 54.12
O5 PX4 JC . -26.73 15.36 53.73
C9 PX4 JC . -27.14 15.89 52.55
O6 PX4 JC . -26.83 17.04 52.25
C10 PX4 JC . -28.33 15.21 51.87
C11 PX4 JC . -27.89 14.59 50.54
C12 PX4 JC . -29.00 13.59 50.13
C13 PX4 JC . -28.78 12.91 48.78
C14 PX4 JC . -28.91 13.99 47.72
C15 PX4 JC . -28.95 13.39 46.31
C16 PX4 JC . -29.14 14.52 45.28
C17 PX4 JC . -29.17 13.83 43.92
C18 PX4 JC . -29.66 14.75 42.79
C19 PX4 JC . -29.80 13.97 41.48
C20 PX4 JC . -30.44 14.74 40.33
C21 PX4 JC . -30.58 13.73 39.19
C22 PX4 JC . -31.36 14.49 38.11
O7 PX4 JC . -23.78 14.77 55.46
C23 PX4 JC . -23.34 14.13 56.58
O8 PX4 JC . -23.79 14.30 57.71
C24 PX4 JC . -22.09 13.28 56.40
C25 PX4 JC . -21.11 13.73 55.30
C26 PX4 JC . -20.05 12.64 55.21
C27 PX4 JC . -19.20 12.90 53.95
C28 PX4 JC . -20.13 12.85 52.73
C29 PX4 JC . -19.41 13.52 51.54
C30 PX4 JC . -20.26 13.41 50.28
C31 PX4 JC . -20.54 11.92 50.07
C32 PX4 JC . -20.93 11.60 48.62
C33 PX4 JC . -21.40 10.14 48.64
C34 PX4 JC . -21.78 9.85 47.18
C35 PX4 JC . -22.66 8.60 47.09
C36 PX4 JC . -23.20 8.38 45.68
O1 PX4 KC . -6.60 5.04 53.36
O2 PX4 KC . -8.44 6.89 53.59
P1 PX4 KC . -8.02 5.47 53.54
O3 PX4 KC . -8.68 4.77 54.84
C1 PX4 KC . -10.09 4.64 54.69
C2 PX4 KC . -10.74 3.88 55.84
N1 PX4 KC . -12.14 3.50 55.69
C3 PX4 KC . -12.65 2.88 56.92
C4 PX4 KC . -13.04 4.66 55.61
C5 PX4 KC . -12.36 2.67 54.49
O4 PX4 KC . -8.81 4.68 52.38
C6 PX4 KC . -8.52 5.31 51.12
C7 PX4 KC . -9.60 4.89 50.12
C8 PX4 KC . -10.16 3.60 50.72
O5 PX4 KC . -9.93 2.42 49.93
C9 PX4 KC . -10.69 1.39 50.38
O6 PX4 KC . -10.75 1.24 51.61
C10 PX4 KC . -10.86 0.18 49.47
C11 PX4 KC . -12.01 0.43 48.49
C12 PX4 KC . -12.16 -0.58 47.34
C13 PX4 KC . -13.23 -0.19 46.32
C14 PX4 KC . -13.07 -1.11 45.11
C15 PX4 KC . -14.09 -1.00 43.98
C16 PX4 KC . -14.10 0.40 43.36
C17 PX4 KC . -12.70 0.91 43.01
C18 PX4 KC . -12.73 2.39 42.65
C19 PX4 KC . -13.35 2.47 41.26
C20 PX4 KC . -13.14 3.85 40.63
C21 PX4 KC . -13.63 4.11 39.21
C22 PX4 KC . -14.43 5.40 39.11
O7 PX4 KC . -10.61 5.90 50.03
C23 PX4 KC . -10.29 6.97 49.25
O8 PX4 KC . -9.23 7.09 48.64
C24 PX4 KC . -11.23 8.18 49.32
C25 PX4 KC . -11.64 8.71 47.94
C26 PX4 KC . -12.40 7.63 47.21
C27 PX4 KC . -12.86 8.24 45.88
C28 PX4 KC . -14.20 8.81 46.39
C29 PX4 KC . -14.84 9.58 45.23
C30 PX4 KC . -15.17 8.61 44.08
C31 PX4 KC . -16.24 9.36 43.29
C32 PX4 KC . -16.42 8.64 41.94
C33 PX4 KC . -17.63 9.03 41.10
C34 PX4 KC . -17.82 8.41 39.71
C35 PX4 KC . -19.15 8.69 39.00
C36 PX4 KC . -19.25 7.88 37.70
O1 PX4 LC . -16.93 -9.45 60.33
O2 PX4 LC . -15.49 -11.43 59.41
P1 PX4 LC . -16.09 -10.07 59.29
O3 PX4 LC . -14.98 -8.92 59.10
C1 PX4 LC . -15.59 -7.77 58.51
C2 PX4 LC . -14.65 -6.56 58.40
N1 PX4 LC . -14.51 -5.61 59.52
C3 PX4 LC . -15.85 -5.03 59.68
C4 PX4 LC . -13.83 -6.09 60.74
C5 PX4 LC . -13.56 -4.65 58.91
O4 PX4 LC . -16.86 -9.93 57.88
C6 PX4 LC . -16.96 -11.27 57.39
C7 PX4 LC . -17.51 -11.35 55.95
C8 PX4 LC . -18.16 -9.99 55.71
O5 PX4 LC . -18.64 -9.89 54.35
C9 PX4 LC . -19.03 -8.64 54.01
O6 PX4 LC . -18.57 -7.63 54.56
C10 PX4 LC . -19.91 -8.63 52.77
C11 PX4 LC . -19.91 -10.01 52.08
C12 PX4 LC . -20.92 -9.93 50.94
C13 PX4 LC . -20.74 -11.18 50.07
C14 PX4 LC . -20.87 -10.87 48.58
C15 PX4 LC . -20.75 -12.18 47.79
C16 PX4 LC . -20.83 -11.95 46.28
C17 PX4 LC . -20.20 -13.19 45.65
C18 PX4 LC . -20.25 -13.23 44.12
C19 PX4 LC . -19.55 -14.51 43.64
C20 PX4 LC . -19.43 -14.42 42.12
C21 PX4 LC . -19.58 -15.83 41.56
C22 PX4 LC . -19.57 -15.74 40.04
O7 PX4 LC . -16.54 -11.68 54.96
C23 PX4 LC . -16.16 -12.98 54.73
O8 PX4 LC . -16.41 -13.77 55.64
C24 PX4 LC . -15.44 -13.38 53.44
C25 PX4 LC . -15.62 -12.68 52.09
C26 PX4 LC . -15.21 -13.40 50.81
C27 PX4 LC . -15.52 -12.43 49.68
C28 PX4 LC . -14.94 -12.98 48.36
C29 PX4 LC . -15.38 -12.16 47.15
C30 PX4 LC . -15.11 -12.85 45.81
C31 PX4 LC . -15.77 -12.28 44.56
C32 PX4 LC . -15.54 -13.22 43.37
C33 PX4 LC . -15.83 -12.36 42.15
C34 PX4 LC . -15.63 -13.28 40.96
C35 PX4 LC . -16.18 -12.69 39.66
C36 PX4 LC . -15.99 -13.65 38.49
O1 PX4 MC . 23.24 29.97 45.72
O2 PX4 MC . 24.95 30.04 47.58
P1 PX4 MC . 24.55 29.54 46.26
O3 PX4 MC . 25.52 30.11 45.10
C1 PX4 MC . 25.35 31.53 45.23
C2 PX4 MC . 26.31 32.25 44.30
N1 PX4 MC . 26.09 33.68 44.00
C3 PX4 MC . 27.23 34.24 43.29
C4 PX4 MC . 24.94 33.96 43.12
C5 PX4 MC . 26.03 34.53 45.19
O4 PX4 MC . 24.62 27.94 46.10
C6 PX4 MC . 24.28 27.68 44.74
C7 PX4 MC . 24.20 26.21 44.38
C8 PX4 MC . 22.78 25.91 43.89
O5 PX4 MC . 22.14 27.10 43.42
C9 PX4 MC . 21.05 26.94 42.63
O6 PX4 MC . 20.47 25.86 42.47
C10 PX4 MC . 20.49 28.18 41.90
C11 PX4 MC . 21.51 28.98 41.11
C12 PX4 MC . 20.75 30.14 40.46
C13 PX4 MC . 21.75 30.81 39.51
C14 PX4 MC . 21.49 32.32 39.54
C15 PX4 MC . 22.56 33.06 38.73
C16 PX4 MC . 23.92 32.60 39.25
C17 PX4 MC . 25.15 33.10 38.49
C18 PX4 MC . 25.08 34.64 38.44
C19 PX4 MC . 26.16 35.19 37.51
C20 PX4 MC . 25.92 36.70 37.43
C21 PX4 MC . 26.85 37.37 36.42
C22 PX4 MC . 28.29 37.21 36.89
O7 PX4 MC . 25.22 25.83 43.47
C23 PX4 MC . 25.54 24.52 43.20
O8 PX4 MC . 24.96 23.59 43.71
C24 PX4 MC . 26.53 24.48 42.03
C25 PX4 MC . 26.72 23.02 41.60
C26 PX4 MC . 27.70 23.04 40.41
C27 PX4 MC . 27.10 23.90 39.30
C28 PX4 MC . 27.37 23.56 37.84
C29 PX4 MC . 26.25 24.25 37.07
C30 PX4 MC . 26.40 23.95 35.58
C31 PX4 MC . 27.71 24.59 35.09
C32 PX4 MC . 27.99 24.20 33.63
C33 PX4 MC . 28.05 22.68 33.58
C34 PX4 MC . 28.34 22.17 32.18
C35 PX4 MC . 28.66 20.69 32.43
C36 PX4 MC . 29.89 20.54 33.34
O1 PX4 NC . 7.87 -10.76 46.78
O2 PX4 NC . 6.93 -9.16 48.60
P1 PX4 NC . 6.75 -10.10 47.48
O3 PX4 NC . 6.05 -11.31 48.27
C1 PX4 NC . 5.26 -10.97 49.42
C2 PX4 NC . 4.59 -12.26 49.93
N1 PX4 NC . 3.61 -12.27 51.02
C3 PX4 NC . 4.26 -12.12 52.32
C4 PX4 NC . 2.66 -11.15 50.86
C5 PX4 NC . 2.82 -13.52 51.05
O4 PX4 NC . 5.47 -9.81 46.52
C6 PX4 NC . 5.47 -10.94 45.65
C7 PX4 NC . 4.65 -10.80 44.36
C8 PX4 NC . 3.55 -9.74 44.61
O5 PX4 NC . 2.32 -10.32 45.01
C9 PX4 NC . 1.39 -9.36 45.23
O6 PX4 NC . 1.74 -8.18 45.17
C10 PX4 NC . 0.06 -9.82 45.84
C11 PX4 NC . -0.49 -10.92 44.96
C12 PX4 NC . -0.83 -10.46 43.53
C13 PX4 NC . -1.93 -9.40 43.55
C14 PX4 NC . -2.20 -9.11 42.08
C15 PX4 NC . -3.43 -8.21 42.05
C16 PX4 NC . -3.94 -7.97 40.63
C17 PX4 NC . -5.20 -7.10 40.73
C18 PX4 NC . -5.02 -5.70 41.31
C19 PX4 NC . -6.37 -5.03 41.51
C20 PX4 NC . -6.19 -3.51 41.65
C21 PX4 NC . -5.10 -3.33 42.70
C22 PX4 NC . -4.99 -1.86 43.09
O7 PX4 NC . 5.37 -10.69 43.13
C23 PX4 NC . 6.43 -11.44 42.74
O8 PX4 NC . 7.00 -12.26 43.48
C24 PX4 NC . 7.12 -10.89 41.50
C25 PX4 NC . 8.29 -9.98 41.83
C26 PX4 NC . 8.97 -9.58 40.53
C27 PX4 NC . 9.47 -10.95 40.04
C28 PX4 NC . 10.94 -11.06 40.46
C29 PX4 NC . 11.32 -12.52 40.18
C30 PX4 NC . 12.76 -12.72 40.67
C31 PX4 NC . 13.35 -13.89 39.87
C32 PX4 NC . 13.25 -13.36 38.44
C33 PX4 NC . 13.96 -14.23 37.40
C34 PX4 NC . 13.23 -13.92 36.10
C35 PX4 NC . 13.65 -14.93 35.03
C36 PX4 NC . 15.15 -14.71 34.78
O1 PX4 OC . -0.92 -19.04 57.22
O2 PX4 OC . 1.00 -17.24 57.09
P1 PX4 OC . -0.19 -17.94 56.56
O3 PX4 OC . -1.18 -16.96 55.76
C1 PX4 OC . -2.57 -17.27 55.73
C2 PX4 OC . -3.49 -16.28 54.99
N1 PX4 OC . -3.35 -16.00 53.55
C3 PX4 OC . -3.06 -17.29 52.90
C4 PX4 OC . -4.58 -15.41 53.01
C5 PX4 OC . -2.24 -15.05 53.38
O4 PX4 OC . 0.34 -18.73 55.26
C6 PX4 OC . 1.08 -17.76 54.52
C7 PX4 OC . 1.30 -17.84 53.01
C8 PX4 OC . 1.12 -19.33 52.68
O5 PX4 OC . 0.44 -19.62 51.46
C9 PX4 OC . 0.29 -20.95 51.30
O6 PX4 OC . 0.19 -21.68 52.29
C10 PX4 OC . -0.53 -21.26 50.05
C11 PX4 OC . -1.11 -22.67 50.11
C12 PX4 OC . -1.82 -23.13 48.83
C13 PX4 OC . -2.29 -24.58 48.96
C14 PX4 OC . -3.00 -25.17 47.73
C15 PX4 OC . -2.18 -25.35 46.45
C16 PX4 OC . -2.77 -26.38 45.49
C17 PX4 OC . -4.26 -26.19 45.23
C18 PX4 OC . -4.56 -25.16 44.15
C19 PX4 OC . -4.07 -25.51 42.73
C20 PX4 OC . -4.17 -24.20 41.97
C21 PX4 OC . -5.58 -23.78 41.56
C22 PX4 OC . -5.45 -22.40 40.90
O7 PX4 OC . 0.35 -17.07 52.27
C23 PX4 OC . 0.78 -16.76 51.02
O8 PX4 OC . 1.98 -16.71 50.71
C24 PX4 OC . -0.27 -16.16 50.08
C25 PX4 OC . 0.01 -15.82 48.61
C26 PX4 OC . -1.24 -15.26 47.95
C27 PX4 OC . -0.82 -15.08 46.49
C28 PX4 OC . -1.95 -14.64 45.56
C29 PX4 OC . -1.39 -14.29 44.17
C30 PX4 OC . -2.52 -13.82 43.27
C31 PX4 OC . -2.26 -13.44 41.82
C32 PX4 OC . -1.63 -14.61 41.05
C33 PX4 OC . -1.46 -14.18 39.58
C34 PX4 OC . -0.74 -12.90 39.18
C35 PX4 OC . -0.46 -12.81 37.67
C36 PX4 OC . -1.67 -12.13 37.01
O1 PX4 PC . 9.43 -16.90 51.34
O2 PX4 PC . 11.70 -18.06 51.02
P1 PX4 PC . 10.46 -17.49 50.45
O3 PX4 PC . 10.97 -16.54 49.25
C1 PX4 PC . 11.59 -15.36 49.79
C2 PX4 PC . 10.67 -14.15 49.89
N1 PX4 PC . 10.25 -13.53 48.61
C3 PX4 PC . 9.55 -14.47 47.72
C4 PX4 PC . 9.24 -12.57 49.06
C5 PX4 PC . 11.21 -12.65 47.94
O4 PX4 PC . 9.74 -18.66 49.59
C6 PX4 PC . 8.48 -18.17 49.13
C7 PX4 PC . 7.72 -19.22 48.33
C8 PX4 PC . 8.58 -20.46 48.20
O5 PX4 PC . 8.85 -20.85 46.85
C9 PX4 PC . 9.69 -21.89 46.67
O6 PX4 PC . 10.48 -22.25 47.54
C10 PX4 PC . 10.07 -21.98 45.20
C11 PX4 PC . 10.53 -23.41 44.86
C12 PX4 PC . 10.93 -23.65 43.40
C13 PX4 PC . 11.95 -24.78 43.25
C14 PX4 PC . 12.38 -25.20 41.86
C15 PX4 PC . 11.34 -25.62 40.81
C16 PX4 PC . 11.94 -25.96 39.45
C17 PX4 PC . 10.82 -26.59 38.64
C18 PX4 PC . 11.29 -26.85 37.22
C19 PX4 PC . 10.18 -27.31 36.26
C20 PX4 PC . 9.74 -28.72 36.68
C21 PX4 PC . 8.70 -29.12 35.63
C22 PX4 PC . 7.35 -28.46 35.94
O7 PX4 PC . 6.49 -19.60 48.98
C23 PX4 PC . 5.40 -18.79 49.10
O8 PX4 PC . 5.35 -17.73 48.49
C24 PX4 PC . 4.09 -19.35 49.65
C25 PX4 PC . 3.58 -20.55 48.83
C26 PX4 PC . 3.22 -20.17 47.38
C27 PX4 PC . 1.71 -20.01 47.43
C28 PX4 PC . 1.28 -19.55 46.02
C29 PX4 PC . 2.21 -18.38 45.76
C30 PX4 PC . 1.85 -17.81 44.39
C31 PX4 PC . 2.81 -16.68 44.02
C32 PX4 PC . 2.50 -16.03 42.67
C33 PX4 PC . 3.08 -14.63 42.60
C34 PX4 PC . 2.38 -13.98 41.42
C35 PX4 PC . 2.67 -12.48 41.34
C36 PX4 PC . 3.27 -11.94 40.04
O1 PX4 QC . 15.11 -15.61 47.85
O2 PX4 QC . 15.42 -16.24 50.33
P1 PX4 QC . 15.21 -16.64 48.92
O3 PX4 QC . 16.55 -17.47 48.64
C1 PX4 QC . 17.08 -18.02 49.85
C2 PX4 QC . 18.61 -18.13 49.85
N1 PX4 QC . 19.21 -19.07 50.81
C3 PX4 QC . 18.70 -20.44 50.66
C4 PX4 QC . 20.62 -19.20 50.41
C5 PX4 QC . 19.10 -18.54 52.17
O4 PX4 QC . 14.06 -17.77 48.95
C6 PX4 QC . 13.97 -18.01 47.54
C7 PX4 QC . 12.97 -19.12 47.23
C8 PX4 QC . 11.61 -18.52 46.83
O5 PX4 QC . 11.72 -17.40 45.95
C9 PX4 QC . 10.58 -17.00 45.34
O6 PX4 QC . 9.49 -17.42 45.71
C10 PX4 QC . 10.65 -15.90 44.28
C11 PX4 QC . 9.40 -16.03 43.40
C12 PX4 QC . 9.15 -14.87 42.43
C13 PX4 QC . 7.93 -15.19 41.56
C14 PX4 QC . 7.69 -14.13 40.49
C15 PX4 QC . 6.64 -14.62 39.49
C16 PX4 QC . 6.15 -13.58 38.48
C17 PX4 QC . 5.31 -14.39 37.49
C18 PX4 QC . 4.53 -13.56 36.49
C19 PX4 QC . 3.28 -14.32 36.05
C20 PX4 QC . 2.81 -13.56 34.81
C21 PX4 QC . 3.91 -13.24 33.79
C22 PX4 QC . 3.34 -12.25 32.77
O7 PX4 QC . 13.48 -20.03 46.24
C23 PX4 QC . 14.11 -21.17 46.63
O8 PX4 QC . 14.40 -21.39 47.80
C24 PX4 QC . 14.70 -22.02 45.49
C25 PX4 QC . 15.96 -21.47 44.83
C26 PX4 QC . 16.40 -22.07 43.50
C27 PX4 QC . 17.32 -21.22 42.63
C28 PX4 QC . 17.57 -21.99 41.34
C29 PX4 QC . 16.45 -21.71 40.33
C30 PX4 QC . 16.45 -22.69 39.15
C31 PX4 QC . 15.35 -22.37 38.13
C32 PX4 QC . 15.26 -23.59 37.21
C33 PX4 QC . 14.04 -23.36 36.32
C34 PX4 QC . 12.87 -23.03 37.24
C35 PX4 QC . 11.57 -22.56 36.56
C36 PX4 QC . 11.85 -21.12 36.09
O1 PX4 RC . -3.57 8.27 51.58
O2 PX4 RC . -2.56 9.14 49.33
P1 PX4 RC . -3.68 8.97 50.27
O3 PX4 RC . -4.56 10.31 50.31
C1 PX4 RC . -5.78 9.98 50.97
C2 PX4 RC . -6.84 11.08 50.97
N1 PX4 RC . -7.48 11.45 49.70
C3 PX4 RC . -8.32 12.58 50.09
C4 PX4 RC . -6.49 11.89 48.71
C5 PX4 RC . -8.22 10.31 49.13
O4 PX4 RC . -4.72 8.08 49.42
C6 PX4 RC . -4.49 8.44 48.07
C7 PX4 RC . -5.06 7.50 46.99
C8 PX4 RC . -5.72 6.40 47.83
O5 PX4 RC . -6.00 5.17 47.16
C9 PX4 RC . -6.55 4.19 47.93
O6 PX4 RC . -6.35 4.15 49.15
C10 PX4 RC . -6.98 2.97 47.12
C11 PX4 RC . -5.91 1.89 46.92
C12 PX4 RC . -6.42 0.93 45.84
C13 PX4 RC . -6.82 1.69 44.59
C14 PX4 RC . -7.41 0.71 43.57
C15 PX4 RC . -7.90 1.44 42.33
C16 PX4 RC . -8.60 0.48 41.38
C17 PX4 RC . -9.25 1.27 40.26
C18 PX4 RC . -10.12 0.44 39.30
C19 PX4 RC . -9.15 -0.59 38.70
C20 PX4 RC . -8.19 -0.01 37.66
C21 PX4 RC . -8.79 0.04 36.25
C22 PX4 RC . -7.67 0.60 35.38
O7 PX4 RC . -5.78 7.97 45.86
C23 PX4 RC . -5.12 8.66 44.90
O8 PX4 RC . -3.95 9.02 44.97
C24 PX4 RC . -5.94 9.21 43.73
C25 PX4 RC . -5.17 9.53 42.44
C26 PX4 RC . -6.13 10.22 41.48
C27 PX4 RC . -5.60 10.21 40.06
C28 PX4 RC . -5.36 8.82 39.47
C29 PX4 RC . -5.09 8.96 37.97
C30 PX4 RC . -4.79 7.57 37.42
C31 PX4 RC . -3.69 7.39 36.37
C32 PX4 RC . -4.07 8.13 35.10
C33 PX4 RC . -2.96 8.17 34.04
C34 PX4 RC . -3.17 9.26 32.99
C35 PX4 RC . -2.12 9.06 31.89
C36 PX4 RC . -2.54 8.07 30.81
O1 PX4 SC . -9.99 -0.17 56.89
O2 PX4 SC . -8.03 -1.38 55.62
P1 PX4 SC . -9.24 -0.52 55.66
O3 PX4 SC . -8.61 0.82 55.00
C1 PX4 SC . -7.78 0.40 53.90
C2 PX4 SC . -6.91 1.57 53.43
N1 PX4 SC . -6.12 1.46 52.20
C3 PX4 SC . -5.28 2.67 52.09
C4 PX4 SC . -5.26 0.27 52.14
C5 PX4 SC . -6.99 1.47 51.01
O4 PX4 SC . -10.20 -0.93 54.45
C6 PX4 SC . -10.44 -2.31 54.18
C7 PX4 SC . -11.18 -2.63 52.88
C8 PX4 SC . -12.28 -1.57 52.82
O5 PX4 SC . -13.47 -2.01 52.15
C9 PX4 SC . -14.09 -0.92 51.62
O6 PX4 SC . -13.91 0.27 51.87
C10 PX4 SC . -15.34 -1.26 50.80
C11 PX4 SC . -15.73 -0.16 49.81
C12 PX4 SC . -16.70 -0.85 48.84
C13 PX4 SC . -17.07 0.19 47.76
C14 PX4 SC . -17.86 -0.41 46.59
C15 PX4 SC . -19.10 -1.26 46.85
C16 PX4 SC . -19.66 -2.00 45.62
C17 PX4 SC . -21.17 -2.26 45.70
C18 PX4 SC . -21.93 -2.17 44.39
C19 PX4 SC . -21.36 -3.18 43.39
C20 PX4 SC . -21.97 -3.33 42.01
C21 PX4 SC . -21.11 -4.41 41.35
C22 PX4 SC . -21.65 -4.62 39.93
O7 PX4 SC . -10.42 -2.99 51.72
C23 PX4 SC . -10.26 -4.32 51.49
O8 PX4 SC . -10.28 -5.11 52.43
C24 PX4 SC . -9.78 -4.64 50.08
C25 PX4 SC . -10.99 -5.08 49.23
C26 PX4 SC . -12.02 -3.94 49.09
C27 PX4 SC . -13.30 -4.61 48.57
C28 PX4 SC . -14.44 -3.62 48.31
C29 PX4 SC . -15.54 -4.34 47.51
C30 PX4 SC . -15.01 -4.68 46.11
C31 PX4 SC . -16.15 -5.44 45.42
C32 PX4 SC . -15.87 -5.86 43.98
C33 PX4 SC . -15.88 -4.82 42.87
C34 PX4 SC . -17.14 -3.98 42.63
C35 PX4 SC . -16.98 -2.93 41.54
C36 PX4 SC . -17.12 -3.42 40.09
O1 PX4 TC . -15.25 -1.98 56.78
O2 PX4 TC . -16.17 -0.08 58.36
P1 PX4 TC . -16.33 -1.27 57.51
O3 PX4 TC . -17.32 -2.43 58.03
C1 PX4 TC . -18.50 -1.91 58.68
C2 PX4 TC . -19.71 -2.83 58.72
N1 PX4 TC . -20.42 -2.96 57.44
C3 PX4 TC . -19.80 -3.81 56.41
C4 PX4 TC . -21.73 -3.60 57.58
C5 PX4 TC . -20.63 -1.66 56.81
O4 PX4 TC . -17.24 -0.85 56.26
C6 PX4 TC . -16.41 0.02 55.47
C7 PX4 TC . -17.17 0.52 54.25
C8 PX4 TC . -18.50 -0.20 54.07
O5 PX4 TC . -18.16 -1.28 53.19
C9 PX4 TC . -19.06 -2.26 52.90
O6 PX4 TC . -20.11 -2.41 53.53
C10 PX4 TC . -18.45 -3.40 52.07
C11 PX4 TC . -19.51 -3.85 51.06
C12 PX4 TC . -19.02 -4.86 50.04
C13 PX4 TC . -20.16 -5.61 49.35
C14 PX4 TC . -19.93 -5.95 47.87
C15 PX4 TC . -21.27 -6.55 47.46
C16 PX4 TC . -21.35 -6.96 45.99
C17 PX4 TC . -22.81 -7.35 45.75
C18 PX4 TC . -22.75 -7.66 44.25
C19 PX4 TC . -22.13 -9.05 44.09
C20 PX4 TC . -22.18 -9.47 42.62
C21 PX4 TC . -23.58 -9.18 42.08
C22 PX4 TC . -24.51 -10.24 42.64
O7 PX4 TC . -17.34 1.94 54.22
C23 PX4 TC . -16.32 2.85 54.20
O8 PX4 TC . -15.49 2.66 55.10
C24 PX4 TC . -16.62 4.22 53.62
C25 PX4 TC . -16.11 4.44 52.20
C26 PX4 TC . -16.74 3.45 51.23
C27 PX4 TC . -16.59 3.90 49.78
C28 PX4 TC . -15.12 3.84 49.35
C29 PX4 TC . -14.87 3.85 47.83
C30 PX4 TC . -15.32 5.13 47.15
C31 PX4 TC . -15.21 4.94 45.64
C32 PX4 TC . -16.27 3.92 45.22
C33 PX4 TC . -16.27 3.64 43.72
C34 PX4 TC . -17.29 2.53 43.51
C35 PX4 TC . -17.17 2.02 42.06
C36 PX4 TC . -17.30 3.14 41.03
O1 PX4 UC . -12.17 -12.19 60.10
O2 PX4 UC . -13.29 -13.98 58.61
P1 PX4 UC . -12.13 -13.13 58.96
O3 PX4 UC . -10.92 -14.15 59.17
C1 PX4 UC . -11.11 -15.25 60.07
C2 PX4 UC . -9.93 -16.15 60.42
N1 PX4 UC . -8.96 -15.71 61.44
C3 PX4 UC . -8.26 -14.46 61.09
C4 PX4 UC . -9.56 -15.51 62.76
C5 PX4 UC . -7.91 -16.70 61.68
O4 PX4 UC . -11.69 -12.31 57.65
C6 PX4 UC . -12.62 -11.22 57.69
C7 PX4 UC . -12.47 -10.29 56.49
C8 PX4 UC . -12.19 -11.32 55.37
O5 PX4 UC . -11.44 -10.80 54.28
C9 PX4 UC . -11.20 -11.60 53.21
O6 PX4 UC . -11.58 -12.77 53.17
C10 PX4 UC . -10.62 -11.11 51.89
C11 PX4 UC . -11.72 -10.71 50.89
C12 PX4 UC . -11.21 -9.98 49.65
C13 PX4 UC . -12.36 -9.45 48.81
C14 PX4 UC . -12.06 -8.79 47.45
C15 PX4 UC . -13.33 -8.56 46.62
C16 PX4 UC . -13.19 -8.13 45.17
C17 PX4 UC . -12.62 -9.39 44.54
C18 PX4 UC . -12.71 -9.03 43.06
C19 PX4 UC . -12.56 -10.28 42.20
C20 PX4 UC . -12.64 -9.92 40.70
C21 PX4 UC . -12.29 -11.11 39.81
C22 PX4 UC . -12.41 -10.47 38.42
O7 PX4 UC . -13.65 -9.53 56.24
C23 PX4 UC . -13.60 -8.58 55.28
O8 PX4 UC . -12.53 -7.98 55.21
C24 PX4 UC . -14.80 -8.13 54.45
C25 PX4 UC . -14.49 -8.63 53.05
C26 PX4 UC . -15.71 -8.40 52.13
C27 PX4 UC . -15.45 -8.72 50.66
C28 PX4 UC . -16.76 -8.58 49.90
C29 PX4 UC . -16.58 -8.94 48.42
C30 PX4 UC . -17.83 -8.57 47.63
C31 PX4 UC . -17.55 -9.16 46.25
C32 PX4 UC . -18.30 -8.40 45.15
C33 PX4 UC . -18.07 -9.01 43.77
C34 PX4 UC . -18.64 -8.06 42.73
C35 PX4 UC . -18.34 -8.32 41.25
C36 PX4 UC . -19.09 -7.55 40.16
O1 PX4 VC . -5.38 -18.80 54.93
O2 PX4 VC . -7.17 -17.06 55.50
P1 PX4 VC . -6.76 -18.28 54.78
O3 PX4 VC . -7.68 -19.55 55.19
C1 PX4 VC . -7.34 -20.23 56.39
C2 PX4 VC . -8.13 -21.45 56.84
N1 PX4 VC . -8.19 -22.69 56.07
C3 PX4 VC . -8.64 -22.52 54.68
C4 PX4 VC . -6.84 -23.26 56.12
C5 PX4 VC . -9.21 -23.65 56.55
O4 PX4 VC . -7.07 -18.33 53.19
C6 PX4 VC . -6.32 -19.43 52.68
C7 PX4 VC . -6.60 -19.90 51.24
C8 PX4 VC . -8.07 -19.56 51.03
O5 PX4 VC . -8.96 -20.69 51.07
C9 PX4 VC . -10.27 -20.39 51.16
O6 PX4 VC . -10.62 -19.29 51.58
C10 PX4 VC . -11.26 -21.51 50.85
C11 PX4 VC . -11.39 -21.44 49.32
C12 PX4 VC . -12.52 -22.34 48.81
C13 PX4 VC . -12.48 -22.46 47.28
C14 PX4 VC . -12.41 -21.08 46.64
C15 PX4 VC . -12.69 -21.02 45.13
C16 PX4 VC . -11.67 -21.84 44.34
C17 PX4 VC . -11.80 -21.65 42.83
C18 PX4 VC . -10.59 -22.16 42.04
C19 PX4 VC . -11.09 -22.13 40.59
C20 PX4 VC . -10.10 -22.86 39.68
C21 PX4 VC . -9.89 -24.23 40.32
C22 PX4 VC . -9.29 -25.11 39.22
O7 PX4 VC . -5.74 -19.37 50.23
C23 PX4 VC . -4.43 -19.71 50.12
O8 PX4 VC . -3.94 -20.54 50.91
C24 PX4 VC . -3.73 -19.08 48.92
C25 PX4 VC . -3.70 -20.17 47.85
C26 PX4 VC . -3.14 -19.89 46.46
C27 PX4 VC . -3.00 -21.18 45.65
C28 PX4 VC . -3.02 -20.84 44.16
C29 PX4 VC . -1.68 -20.20 43.75
C30 PX4 VC . -1.68 -20.11 42.23
C31 PX4 VC . -0.42 -19.39 41.69
C32 PX4 VC . -0.52 -19.35 40.16
C33 PX4 VC . 0.65 -18.81 39.33
C34 PX4 VC . 0.41 -18.78 37.82
C35 PX4 VC . 1.54 -18.08 37.07
C36 PX4 VC . 1.21 -18.13 35.58
O1 PX4 WC . 18.71 -9.06 48.27
O2 PX4 WC . 19.06 -7.14 46.50
P1 PX4 WC . 19.08 -8.56 46.93
O3 PX4 WC . 18.09 -9.40 45.98
C1 PX4 WC . 18.12 -10.80 46.28
C2 PX4 WC . 17.31 -11.68 45.32
N1 PX4 WC . 15.96 -11.15 45.08
C3 PX4 WC . 15.85 -10.07 44.08
C4 PX4 WC . 15.18 -12.13 44.33
C5 PX4 WC . 15.22 -10.82 46.31
O4 PX4 WC . 20.47 -9.26 46.52
C6 PX4 WC . 21.16 -8.25 45.79
C7 PX4 WC . 22.55 -8.58 45.23
C8 PX4 WC . 22.40 -10.05 44.83
O5 PX4 WC . 21.71 -10.29 43.60
C9 PX4 WC . 21.06 -11.48 43.65
O6 PX4 WC . 20.81 -12.00 44.75
C10 PX4 WC . 20.24 -11.79 42.40
C11 PX4 WC . 21.03 -12.35 41.22
C12 PX4 WC . 21.75 -13.62 41.67
C13 PX4 WC . 22.61 -14.36 40.64
C14 PX4 WC . 23.09 -15.71 41.15
C15 PX4 WC . 23.66 -16.53 39.98
C16 PX4 WC . 22.63 -16.95 38.92
C17 PX4 WC . 23.25 -17.72 37.75
C18 PX4 WC . 22.13 -18.33 36.92
C19 PX4 WC . 22.80 -19.05 35.75
C20 PX4 WC . 21.81 -19.58 34.71
C21 PX4 WC . 22.61 -20.12 33.53
C22 PX4 WC . 21.77 -20.41 32.27
O7 PX4 WC . 23.13 -7.86 44.14
C23 PX4 WC . 24.45 -8.10 43.87
O8 PX4 WC . 25.18 -8.70 44.65
C24 PX4 WC . 24.96 -7.35 42.63
C25 PX4 WC . 25.64 -8.35 41.70
C26 PX4 WC . 24.72 -9.29 40.94
C27 PX4 WC . 25.27 -10.29 39.91
C28 PX4 WC . 24.15 -10.94 39.10
C29 PX4 WC . 24.58 -11.74 37.87
C30 PX4 WC . 25.59 -12.82 38.27
C31 PX4 WC . 26.11 -13.74 37.15
C32 PX4 WC . 26.68 -15.07 37.65
C33 PX4 WC . 27.38 -15.89 36.57
C34 PX4 WC . 26.33 -16.30 35.53
C35 PX4 WC . 26.80 -17.30 34.49
C36 PX4 WC . 27.93 -16.63 33.70
O1 PX4 XC . 17.65 -12.34 48.70
O2 PX4 XC . 18.70 -14.58 49.42
P1 PX4 XC . 18.70 -13.37 48.57
O3 PX4 XC . 20.10 -12.63 48.86
C1 PX4 XC . 19.77 -11.78 49.95
C2 PX4 XC . 20.36 -12.17 51.29
N1 PX4 XC . 21.80 -12.10 51.56
C3 PX4 XC . 22.32 -10.75 51.75
C4 PX4 XC . 22.11 -12.61 52.89
C5 PX4 XC . 22.68 -12.76 50.59
O4 PX4 XC . 19.05 -13.64 47.01
C6 PX4 XC . 20.27 -14.38 47.02
C7 PX4 XC . 20.45 -15.16 45.71
C8 PX4 XC . 19.27 -14.85 44.81
O5 PX4 XC . 18.18 -15.79 44.79
C9 PX4 XC . 17.19 -15.56 43.88
O6 PX4 XC . 17.10 -14.48 43.31
C10 PX4 XC . 15.96 -16.46 43.96
C11 PX4 XC . 15.19 -16.22 42.66
C12 PX4 XC . 13.96 -17.09 42.43
C13 PX4 XC . 14.19 -18.59 42.24
C14 PX4 XC . 13.07 -19.27 41.45
C15 PX4 XC . 11.81 -19.25 42.34
C16 PX4 XC . 10.71 -20.23 41.92
C17 PX4 XC . 10.31 -20.10 40.47
C18 PX4 XC . 9.44 -21.27 40.02
C19 PX4 XC . 8.48 -20.89 38.89
C20 PX4 XC . 7.36 -20.01 39.46
C21 PX4 XC . 6.34 -19.70 38.35
C22 PX4 XC . 5.22 -18.80 38.85
O7 PX4 XC . 21.71 -15.01 45.04
C23 PX4 XC . 22.70 -15.86 45.36
O8 PX4 XC . 22.48 -16.94 45.93
C24 PX4 XC . 23.85 -15.69 44.36
C25 PX4 XC . 24.54 -14.34 44.52
C26 PX4 XC . 25.52 -14.10 43.36
C27 PX4 XC . 26.50 -15.28 43.32
C28 PX4 XC . 27.25 -15.35 42.00
C29 PX4 XC . 28.09 -16.61 42.08
C30 PX4 XC . 28.25 -17.15 40.65
C31 PX4 XC . 29.24 -18.28 40.35
C32 PX4 XC . 28.95 -18.81 38.95
C33 PX4 XC . 29.06 -20.33 38.85
C34 PX4 XC . 28.63 -20.92 37.51
C35 PX4 XC . 29.66 -20.89 36.38
C36 PX4 XC . 28.97 -20.82 35.02
O1 PX4 YC . -15.84 14.46 54.94
O2 PX4 YC . -16.25 11.84 54.95
P1 PX4 YC . -15.68 13.10 54.41
O3 PX4 YC . -14.10 12.86 54.65
C1 PX4 YC . -13.80 12.93 56.04
C2 PX4 YC . -12.34 12.93 56.50
N1 PX4 YC . -11.25 11.96 56.32
C3 PX4 YC . -10.04 12.49 56.97
C4 PX4 YC . -11.70 10.70 56.96
C5 PX4 YC . -11.00 11.73 54.90
O4 PX4 YC . -15.79 12.99 52.81
C6 PX4 YC . -14.89 12.00 52.31
C7 PX4 YC . -14.92 11.71 50.81
C8 PX4 YC . -16.44 11.71 50.60
O5 PX4 YC . -16.87 10.54 49.92
C9 PX4 YC . -16.71 9.27 50.39
O6 PX4 YC . -16.26 9.05 51.51
C10 PX4 YC . -17.36 8.16 49.58
C11 PX4 YC . -17.88 8.65 48.21
C12 PX4 YC . -17.89 7.53 47.17
C13 PX4 YC . -18.67 7.84 45.89
C14 PX4 YC . -18.65 6.61 44.98
C15 PX4 YC . -19.81 6.63 43.99
C16 PX4 YC . -19.82 5.62 42.83
C17 PX4 YC . -21.10 5.73 42.01
C18 PX4 YC . -20.91 5.37 40.54
C19 PX4 YC . -22.14 5.75 39.70
C20 PX4 YC . -22.05 5.51 38.19
C21 PX4 YC . -23.23 5.90 37.30
C22 PX4 YC . -23.04 5.22 35.93
O7 PX4 YC . -14.25 12.68 50.01
C23 PX4 YC . -12.91 12.76 49.80
O8 PX4 YC . -12.06 12.12 50.42
C24 PX4 YC . -12.50 14.01 49.03
C25 PX4 YC . -12.09 13.67 47.60
C26 PX4 YC . -11.75 14.89 46.72
C27 PX4 YC . -12.11 14.32 45.34
C28 PX4 YC . -11.42 13.00 45.01
C29 PX4 YC . -12.02 12.38 43.72
C30 PX4 YC . -11.31 11.09 43.34
C31 PX4 YC . -11.84 10.40 42.09
C32 PX4 YC . -11.03 9.18 41.62
C33 PX4 YC . -11.65 8.58 40.35
C34 PX4 YC . -11.52 9.62 39.25
C35 PX4 YC . -12.49 9.44 38.08
C36 PX4 YC . -12.56 10.67 37.19
O1 PX4 ZC . -12.08 24.92 54.05
O2 PX4 ZC . -14.34 23.57 53.92
P1 PX4 ZC . -12.91 23.77 53.61
O3 PX4 ZC . -12.14 22.45 54.13
C1 PX4 ZC . -12.89 21.32 53.69
C2 PX4 ZC . -11.84 20.31 53.24
N1 PX4 ZC . -12.25 19.44 52.12
C3 PX4 ZC . -11.66 18.11 52.37
C4 PX4 ZC . -13.71 19.24 52.06
C5 PX4 ZC . -11.78 19.89 50.80
O4 PX4 ZC . -12.77 23.48 52.03
C6 PX4 ZC . -13.31 24.64 51.40
C7 PX4 ZC . -13.62 24.59 49.90
C8 PX4 ZC . -14.14 23.15 49.70
O5 PX4 ZC . -13.57 22.41 48.62
C9 PX4 ZC . -14.46 21.40 48.38
O6 PX4 ZC . -15.49 21.36 49.07
C10 PX4 ZC . -14.13 20.30 47.37
C11 PX4 ZC . -15.23 19.25 47.22
C12 PX4 ZC . -15.22 18.77 45.76
C13 PX4 ZC . -13.94 17.98 45.50
C14 PX4 ZC . -13.94 17.39 44.07
C15 PX4 ZC . -14.80 16.17 43.80
C16 PX4 ZC . -14.66 15.64 42.38
C17 PX4 ZC . -15.15 14.20 42.18
C18 PX4 ZC . -14.79 13.75 40.77
C19 PX4 ZC . -15.58 14.47 39.68
C20 PX4 ZC . -15.15 13.70 38.42
C21 PX4 ZC . -15.40 14.45 37.11
C22 PX4 ZC . -16.87 14.75 36.79
O7 PX4 ZC . -14.55 25.57 49.46
C23 PX4 ZC . -14.18 26.88 49.39
O8 PX4 ZC . -13.18 27.32 49.96
C24 PX4 ZC . -15.17 27.74 48.59
C25 PX4 ZC . -14.85 27.67 47.09
C26 PX4 ZC . -16.00 28.31 46.33
C27 PX4 ZC . -16.52 29.64 46.91
C28 PX4 ZC . -17.33 30.29 45.79
C29 PX4 ZC . -17.72 31.76 46.02
C30 PX4 ZC . -18.65 32.53 45.09
C31 PX4 ZC . -20.00 31.80 44.97
C32 PX4 ZC . -21.00 32.62 44.17
C33 PX4 ZC . -22.44 32.10 44.08
C34 PX4 ZC . -23.42 33.06 43.38
C35 PX4 ZC . -24.71 32.31 43.06
C36 PX4 ZC . -25.79 33.15 42.39
O1 PX4 AD . -9.38 24.24 51.88
O2 PX4 AD . -8.70 21.79 51.73
P1 PX4 AD . -8.99 23.08 51.06
O3 PX4 AD . -7.66 23.58 50.31
C1 PX4 AD . -6.51 23.73 51.18
C2 PX4 AD . -5.29 24.42 50.57
N1 PX4 AD . -4.68 23.93 49.33
C3 PX4 AD . -4.67 22.47 49.18
C4 PX4 AD . -5.53 24.43 48.25
C5 PX4 AD . -3.42 24.61 49.02
O4 PX4 AD . -9.82 23.07 49.67
C6 PX4 AD . -9.27 22.13 48.75
C7 PX4 AD . -10.24 21.78 47.62
C8 PX4 AD . -10.50 23.19 47.07
O5 PX4 AD . -11.66 23.23 46.21
C9 PX4 AD . -12.45 24.33 46.10
O6 PX4 AD . -12.01 25.40 46.55
C10 PX4 AD . -13.74 24.27 45.29
C11 PX4 AD . -13.97 22.90 44.70
C12 PX4 AD . -13.08 22.63 43.48
C13 PX4 AD . -13.58 21.30 42.90
C14 PX4 AD . -12.80 20.85 41.67
C15 PX4 AD . -13.29 19.56 41.01
C16 PX4 AD . -12.38 19.24 39.82
C17 PX4 AD . -12.50 17.76 39.46
C18 PX4 AD . -12.12 17.47 38.01
C19 PX4 AD . -11.81 15.98 37.89
C20 PX4 AD . -11.41 15.68 36.43
C21 PX4 AD . -11.13 14.19 36.21
C22 PX4 AD . -10.79 13.87 34.75
O7 PX4 AD . -9.64 20.85 46.72
C23 PX4 AD . -10.04 19.58 46.95
O8 PX4 AD . -10.63 19.25 47.98
C24 PX4 AD . -9.43 18.57 45.98
C25 PX4 AD . -9.59 19.19 44.59
C26 PX4 AD . -9.26 18.25 43.43
C27 PX4 AD . -10.35 17.19 43.20
C28 PX4 AD . -9.63 16.01 42.53
C29 PX4 AD . -8.97 16.60 41.28
C30 PX4 AD . -7.96 15.61 40.70
C31 PX4 AD . -8.69 14.47 39.96
C32 PX4 AD . -7.67 13.41 39.59
C33 PX4 AD . -8.45 12.31 38.87
C34 PX4 AD . -7.87 12.15 37.47
C35 PX4 AD . -8.31 10.77 36.97
C36 PX4 AD . -8.04 10.39 35.51
O1 PX4 BD . -1.06 -2.75 51.24
O2 PX4 BD . -3.10 -4.28 51.07
P1 PX4 BD . -2.24 -3.22 50.49
O3 PX4 BD . -1.76 -3.78 49.05
C1 PX4 BD . -0.35 -3.96 48.93
C2 PX4 BD . 0.25 -3.66 47.56
N1 PX4 BD . 1.67 -3.81 47.22
C3 PX4 BD . 1.87 -5.25 47.03
C4 PX4 BD . 2.09 -3.07 46.03
C5 PX4 BD . 2.58 -3.29 48.24
O4 PX4 BD . -3.16 -1.98 50.05
C6 PX4 BD . -4.23 -2.39 49.20
C7 PX4 BD . -4.55 -1.48 48.02
C8 PX4 BD . -3.40 -1.68 47.05
O5 PX4 BD . -2.52 -0.55 46.90
C9 PX4 BD . -1.64 -0.67 45.87
O6 PX4 BD . -1.14 -1.74 45.51
C10 PX4 BD . -0.91 0.65 45.60
C11 PX4 BD . -1.76 1.43 44.61
C12 PX4 BD . -2.01 0.72 43.29
C13 PX4 BD . -3.01 1.46 42.39
C14 PX4 BD . -2.87 0.98 40.95
C15 PX4 BD . -3.86 1.71 40.03
C16 PX4 BD . -3.78 1.22 38.59
C17 PX4 BD . -4.50 2.14 37.59
C18 PX4 BD . -5.80 2.54 38.31
C19 PX4 BD . -6.42 3.66 37.46
C20 PX4 BD . -7.72 4.22 38.04
C21 PX4 BD . -8.05 5.49 37.24
C22 PX4 BD . -9.25 6.23 37.82
O7 PX4 BD . -5.84 -1.76 47.45
C23 PX4 BD . -6.91 -1.64 48.27
O8 PX4 BD . -6.92 -1.11 49.38
C24 PX4 BD . -8.23 -2.15 47.67
C25 PX4 BD . -7.99 -2.85 46.33
C26 PX4 BD . -9.26 -2.75 45.47
C27 PX4 BD . -9.12 -3.49 44.15
C28 PX4 BD . -10.44 -3.27 43.41
C29 PX4 BD . -10.40 -3.72 41.94
C30 PX4 BD . -11.68 -3.47 41.17
C31 PX4 BD . -11.55 -4.26 39.87
C32 PX4 BD . -12.67 -3.79 38.96
C33 PX4 BD . -12.84 -2.27 39.01
C34 PX4 BD . -14.13 -1.82 38.35
C35 PX4 BD . -14.27 -0.34 38.69
C36 PX4 BD . -15.71 0.03 38.34
O1 PX4 CD . 0.41 1.81 51.78
O2 PX4 CD . 3.00 1.85 51.63
P1 PX4 CD . 1.67 2.30 51.17
O3 PX4 CD . 1.72 3.70 51.98
C1 PX4 CD . 1.41 3.41 53.34
C2 PX4 CD . 1.24 4.70 54.14
N1 PX4 CD . 0.00 5.50 53.99
C3 PX4 CD . -0.10 6.29 52.76
C4 PX4 CD . -1.14 4.60 54.21
C5 PX4 CD . -0.06 6.46 55.10
O4 PX4 CD . 1.57 2.72 49.62
C6 PX4 CD . 0.37 3.41 49.26
C7 PX4 CD . 0.46 4.11 47.90
C8 PX4 CD . 1.64 3.56 47.08
O5 PX4 CD . 2.03 4.14 45.84
C9 PX4 CD . 3.15 3.64 45.25
O6 PX4 CD . 3.80 2.71 45.75
C10 PX4 CD . 3.49 4.16 43.86
C11 PX4 CD . 2.30 4.96 43.32
C12 PX4 CD . 2.29 5.15 41.80
C13 PX4 CD . 3.60 5.71 41.25
C14 PX4 CD . 3.42 5.84 39.74
C15 PX4 CD . 4.58 6.43 38.96
C16 PX4 CD . 4.51 6.08 37.48
C17 PX4 CD . 5.60 6.64 36.57
C18 PX4 CD . 5.56 5.95 35.19
C19 PX4 CD . 6.64 6.59 34.31
C20 PX4 CD . 6.98 5.87 33.00
C21 PX4 CD . 8.03 6.69 32.23
C22 PX4 CD . 7.54 8.12 32.06
O7 PX4 CD . -0.70 3.91 47.08
C23 PX4 CD . -1.82 4.63 47.34
O8 PX4 CD . -1.95 5.32 48.36
C24 PX4 CD . -2.97 4.33 46.38
C25 PX4 CD . -2.70 4.98 45.04
C26 PX4 CD . -3.93 4.91 44.14
C27 PX4 CD . -3.53 5.29 42.72
C28 PX4 CD . -4.74 5.10 41.81
C29 PX4 CD . -5.90 5.78 42.52
C30 PX4 CD . -7.04 5.86 41.52
C31 PX4 CD . -8.33 6.46 42.08
C32 PX4 CD . -8.71 5.64 43.33
C33 PX4 CD . -10.18 5.91 43.67
C34 PX4 CD . -10.56 5.23 44.99
C35 PX4 CD . -10.18 3.74 45.05
C36 PX4 CD . -10.87 3.12 46.27
O1 PX4 DD . -8.52 -13.19 55.23
O2 PX4 DD . -6.19 -12.05 54.64
P1 PX4 DD . -7.65 -12.25 54.50
O3 PX4 DD . -8.37 -10.81 54.36
C1 PX4 DD . -8.39 -10.15 55.63
C2 PX4 DD . -8.92 -8.73 55.46
N1 PX4 DD . -7.97 -7.77 54.87
C3 PX4 DD . -6.57 -7.81 55.33
C4 PX4 DD . -8.06 -7.83 53.41
C5 PX4 DD . -8.48 -6.42 55.16
O4 PX4 DD . -7.73 -12.69 52.97
C6 PX4 DD . -7.00 -11.69 52.27
C7 PX4 DD . -6.92 -11.89 50.75
C8 PX4 DD . -7.41 -13.34 50.55
O5 PX4 DD . -6.68 -14.24 49.71
C9 PX4 DD . -7.31 -15.45 49.71
O6 PX4 DD . -7.82 -15.93 50.73
C10 PX4 DD . -6.60 -16.41 48.76
C11 PX4 DD . -6.21 -15.76 47.43
C12 PX4 DD . -5.54 -16.76 46.48
C13 PX4 DD . -5.55 -16.26 45.04
C14 PX4 DD . -5.15 -17.34 44.04
C15 PX4 DD . -4.98 -16.69 42.67
C16 PX4 DD . -4.41 -17.64 41.60
C17 PX4 DD . -4.15 -16.90 40.28
C18 PX4 DD . -3.27 -17.72 39.32
C19 PX4 DD . -3.19 -17.02 37.97
C20 PX4 DD . -4.46 -17.02 37.12
C21 PX4 DD . -4.35 -16.47 35.69
C22 PX4 DD . -5.70 -16.44 34.97
O7 PX4 DD . -7.57 -10.91 49.95
C23 PX4 DD . -7.31 -9.59 49.81
O8 PX4 DD . -6.28 -9.21 50.37
C24 PX4 DD . -8.07 -8.97 48.63
C25 PX4 DD . -7.50 -7.59 48.26
C26 PX4 DD . -8.25 -6.95 47.10
C27 PX4 DD . -8.28 -7.88 45.87
C28 PX4 DD . -8.85 -7.18 44.64
C29 PX4 DD . -8.89 -8.08 43.42
C30 PX4 DD . -9.22 -7.24 42.19
C31 PX4 DD . -9.12 -8.20 41.01
C32 PX4 DD . -8.92 -7.42 39.71
C33 PX4 DD . -8.95 -8.34 38.48
C34 PX4 DD . -8.92 -7.50 37.20
C35 PX4 DD . -8.51 -8.24 35.92
C36 PX4 DD . -8.30 -7.18 34.84
O1 PX4 ED . 9.04 -6.53 50.44
O2 PX4 ED . 10.26 -8.70 49.81
P1 PX4 ED . 9.42 -7.54 49.42
O3 PX4 ED . 10.84 -6.80 49.19
C1 PX4 ED . 11.63 -6.77 50.40
C2 PX4 ED . 13.00 -6.14 50.15
N1 PX4 ED . 13.96 -6.37 51.24
C3 PX4 ED . 14.98 -5.34 50.99
C4 PX4 ED . 13.45 -6.21 52.61
C5 PX4 ED . 14.57 -7.70 51.22
O4 PX4 ED . 9.19 -7.32 47.84
C6 PX4 ED . 9.92 -8.20 46.97
C7 PX4 ED . 9.61 -8.03 45.49
C8 PX4 ED . 8.34 -7.18 45.35
O5 PX4 ED . 7.47 -7.75 44.39
C9 PX4 ED . 6.42 -6.92 44.10
O6 PX4 ED . 6.09 -6.10 44.96
C10 PX4 ED . 5.51 -7.37 42.94
C11 PX4 ED . 5.95 -6.98 41.52
C12 PX4 ED . 5.05 -7.37 40.36
C13 PX4 ED . 5.71 -6.88 39.07
C14 PX4 ED . 4.96 -7.49 37.88
C15 PX4 ED . 5.24 -6.92 36.50
C16 PX4 ED . 6.74 -6.99 36.15
C17 PX4 ED . 7.19 -5.86 35.22
C18 PX4 ED . 7.33 -4.53 35.96
C19 PX4 ED . 8.02 -3.51 35.06
C20 PX4 ED . 8.05 -2.13 35.73
C21 PX4 ED . 8.33 -1.07 34.65
C22 PX4 ED . 8.20 0.28 35.36
O7 PX4 ED . 10.74 -7.52 44.78
C23 PX4 ED . 11.75 -8.39 44.52
O8 PX4 ED . 11.67 -9.57 44.87
C24 PX4 ED . 12.73 -8.05 43.39
C25 PX4 ED . 12.00 -7.20 42.36
C26 PX4 ED . 12.85 -6.80 41.15
C27 PX4 ED . 13.48 -8.00 40.45
C28 PX4 ED . 14.72 -7.52 39.70
C29 PX4 ED . 15.42 -8.71 39.01
C30 PX4 ED . 15.97 -9.64 40.09
C31 PX4 ED . 16.48 -10.89 39.33
C32 PX4 ED . 17.12 -11.95 40.23
C33 PX4 ED . 17.69 -13.13 39.46
C34 PX4 ED . 18.76 -12.73 38.43
C35 PX4 ED . 19.27 -13.97 37.70
C36 PX4 ED . 20.35 -13.80 36.62
O1 PX4 FD . 13.89 -7.98 46.98
O2 PX4 FD . 16.13 -7.01 47.80
P1 PX4 FD . 14.98 -6.99 46.87
O3 PX4 FD . 14.18 -5.59 46.92
C1 PX4 FD . 13.05 -5.63 46.06
C2 PX4 FD . 12.26 -4.37 45.69
N1 PX4 FD . 11.64 -3.45 46.64
C3 PX4 FD . 11.11 -2.34 45.83
C4 PX4 FD . 10.47 -3.96 47.37
C5 PX4 FD . 12.73 -2.92 47.48
O4 PX4 FD . 15.46 -6.88 45.34
C6 PX4 FD . 16.44 -5.84 45.29
C7 PX4 FD . 16.81 -5.46 43.86
C8 PX4 FD . 17.34 -6.80 43.33
O5 PX4 FD . 18.66 -6.69 42.82
C9 PX4 FD . 19.27 -7.86 42.49
O6 PX4 FD . 18.62 -8.88 42.80
C10 PX4 FD . 20.49 -7.85 41.58
C11 PX4 FD . 20.03 -7.83 40.13
C12 PX4 FD . 21.17 -8.08 39.15
C13 PX4 FD . 20.63 -8.04 37.72
C14 PX4 FD . 19.49 -9.08 37.62
C15 PX4 FD . 18.88 -8.94 36.22
C16 PX4 FD . 17.68 -9.90 36.19
C17 PX4 FD . 16.92 -9.71 34.88
C18 PX4 FD . 15.55 -10.40 34.81
C19 PX4 FD . 15.32 -10.80 33.36
C20 PX4 FD . 13.82 -11.05 33.35
C21 PX4 FD . 13.33 -11.60 31.99
C22 PX4 FD . 11.95 -12.22 32.19
O7 PX4 FD . 15.66 -4.96 43.16
C23 PX4 FD . 15.32 -3.67 43.43
O8 PX4 FD . 15.88 -3.04 44.32
C24 PX4 FD . 14.15 -3.10 42.63
C25 PX4 FD . 14.56 -3.06 41.16
C26 PX4 FD . 13.32 -3.01 40.27
C27 PX4 FD . 13.53 -2.22 38.97
C28 PX4 FD . 12.46 -2.57 37.92
C29 PX4 FD . 12.89 -1.98 36.58
C30 PX4 FD . 11.93 -2.37 35.44
C31 PX4 FD . 12.66 -1.92 34.17
C32 PX4 FD . 12.11 -2.41 32.83
C33 PX4 FD . 12.86 -1.74 31.66
C34 PX4 FD . 12.46 -2.32 30.30
C35 PX4 FD . 13.27 -1.64 29.18
C36 PX4 FD . 13.05 -0.14 29.05
O1 PX4 GD . 27.36 9.70 44.04
O2 PX4 GD . 28.38 9.41 46.43
P1 PX4 GD . 28.23 9.01 45.02
O3 PX4 GD . 29.69 9.41 44.44
C1 PX4 GD . 29.72 10.84 44.42
C2 PX4 GD . 30.86 11.48 43.64
N1 PX4 GD . 32.29 11.17 43.86
C3 PX4 GD . 33.18 12.26 43.51
C4 PX4 GD . 32.67 10.73 45.22
C5 PX4 GD . 32.67 10.14 42.88
O4 PX4 GD . 28.53 7.50 44.56
C6 PX4 GD . 28.35 7.35 43.15
C7 PX4 GD . 28.43 5.89 42.66
C8 PX4 GD . 27.07 5.55 42.06
O5 PX4 GD . 26.73 6.52 41.06
C9 PX4 GD . 25.87 5.95 40.19
O6 PX4 GD . 24.97 5.18 40.55
C10 PX4 GD . 25.78 6.92 39.00
C11 PX4 GD . 26.79 6.40 37.98
C12 PX4 GD . 26.61 7.14 36.66
C13 PX4 GD . 26.97 8.60 36.93
C14 PX4 GD . 26.80 9.45 35.67
C15 PX4 GD . 25.35 9.30 35.25
C16 PX4 GD . 25.31 9.65 33.76
C17 PX4 GD . 23.97 9.32 33.07
C18 PX4 GD . 24.19 9.61 31.58
C19 PX4 GD . 23.02 9.00 30.79
C20 PX4 GD . 23.24 9.13 29.28
C21 PX4 GD . 24.26 8.14 28.71
C22 PX4 GD . 24.61 8.39 27.24
O7 PX4 GD . 29.56 5.66 41.81
C23 PX4 GD . 30.63 4.96 42.27
O8 PX4 GD . 30.93 5.12 43.45
C24 PX4 GD . 31.63 4.43 41.23
C25 PX4 GD . 30.87 3.52 40.26
C26 PX4 GD . 31.81 2.87 39.23
C27 PX4 GD . 30.96 2.03 38.28
C28 PX4 GD . 29.87 2.87 37.59
C29 PX4 GD . 29.19 2.17 36.42
C30 PX4 GD . 30.25 1.51 35.52
C31 PX4 GD . 29.61 0.97 34.24
C32 PX4 GD . 30.55 0.19 33.32
C33 PX4 GD . 29.77 -0.55 32.22
C34 PX4 GD . 29.01 0.41 31.29
C35 PX4 GD . 30.07 1.17 30.49
C36 PX4 GD . 29.48 2.33 29.70
O1 PX4 HD . -15.73 18.34 56.99
O2 PX4 HD . -13.33 17.90 56.07
P1 PX4 HD . -14.67 18.49 55.96
O3 PX4 HD . -14.49 20.08 55.85
C1 PX4 HD . -14.40 20.73 57.12
C2 PX4 HD . -14.44 22.22 56.77
N1 PX4 HD . -14.86 23.17 57.82
C3 PX4 HD . -16.21 22.81 58.29
C4 PX4 HD . -14.06 23.16 59.04
C5 PX4 HD . -14.91 24.55 57.29
O4 PX4 HD . -15.33 18.01 54.57
C6 PX4 HD . -16.75 18.25 54.61
C7 PX4 HD . -17.40 17.75 53.32
C8 PX4 HD . -16.51 16.72 52.64
O5 PX4 HD . -16.38 16.92 51.23
C9 PX4 HD . -15.34 16.30 50.64
O6 PX4 HD . -14.24 16.34 51.18
C10 PX4 HD . -15.56 16.14 49.13
C11 PX4 HD . -16.37 14.86 48.95
C12 PX4 HD . -16.37 14.48 47.46
C13 PX4 HD . -17.21 13.23 47.27
C14 PX4 HD . -17.48 12.97 45.79
C15 PX4 HD . -18.58 11.92 45.69
C16 PX4 HD . -18.91 11.77 44.21
C17 PX4 HD . -20.40 11.51 44.00
C18 PX4 HD . -20.70 11.15 42.54
C19 PX4 HD . -20.06 12.22 41.68
C20 PX4 HD . -20.51 12.14 40.21
C21 PX4 HD . -19.80 13.19 39.34
C22 PX4 HD . -20.19 12.78 37.92
O7 PX4 HD . -18.65 17.07 53.55
C23 PX4 HD . -19.81 17.78 53.56
O8 PX4 HD . -19.91 18.98 53.82
C24 PX4 HD . -21.06 16.90 53.68
C25 PX4 HD . -21.80 16.45 52.42
C26 PX4 HD . -22.23 17.69 51.62
C27 PX4 HD . -23.27 17.40 50.54
C28 PX4 HD . -23.63 18.71 49.83
C29 PX4 HD . -24.60 18.55 48.65
C30 PX4 HD . -25.94 17.90 48.99
C31 PX4 HD . -26.58 17.25 47.77
C32 PX4 HD . -27.52 18.25 47.08
C33 PX4 HD . -28.83 18.61 47.78
C34 PX4 HD . -29.70 19.46 46.85
C35 PX4 HD . -29.95 18.98 45.43
C36 PX4 HD . -30.96 19.98 44.85
O1 PX4 ID . -2.23 32.02 48.46
O2 PX4 ID . -2.40 30.44 50.52
P1 PX4 ID . -1.76 30.86 49.25
O3 PX4 ID . -0.19 30.86 49.60
C1 PX4 ID . 0.04 32.10 50.29
C2 PX4 ID . 1.48 32.40 50.71
N1 PX4 ID . 2.53 32.56 49.68
C3 PX4 ID . 3.45 33.60 50.16
C4 PX4 ID . 3.33 31.32 49.67
C5 PX4 ID . 2.09 32.95 48.34
O4 PX4 ID . -1.48 29.73 48.12
C6 PX4 ID . -1.29 30.23 46.80
C7 PX4 ID . -0.65 29.20 45.84
C8 PX4 ID . -1.50 27.94 45.70
O5 PX4 ID . -2.90 28.13 45.50
C9 PX4 ID . -3.48 26.93 45.21
O6 PX4 ID . -3.17 25.89 45.75
C10 PX4 ID . -4.76 27.00 44.37
C11 PX4 ID . -4.88 28.27 43.52
C12 PX4 ID . -6.16 28.22 42.69
C13 PX4 ID . -6.37 29.42 41.76
C14 PX4 ID . -7.37 29.02 40.68
C15 PX4 ID . -7.77 30.30 39.96
C16 PX4 ID . -8.44 30.07 38.61
C17 PX4 ID . -8.74 31.20 37.63
C18 PX4 ID . -9.48 30.59 36.44
C19 PX4 ID . -10.08 31.55 35.41
C20 PX4 ID . -10.74 30.63 34.37
C21 PX4 ID . -11.56 31.48 33.39
C22 PX4 ID . -12.67 32.23 34.13
O7 PX4 ID . -0.06 29.69 44.64
C23 PX4 ID . 1.28 29.95 44.70
O8 PX4 ID . 1.85 30.25 45.74
C24 PX4 ID . 1.77 30.38 43.30
C25 PX4 ID . 2.96 29.56 42.82
C26 PX4 ID . 3.05 29.86 41.33
C27 PX4 ID . 2.99 31.36 41.00
C28 PX4 ID . 2.80 31.44 39.49
C29 PX4 ID . 1.71 30.50 38.95
C30 PX4 ID . 1.67 30.80 37.44
C31 PX4 ID . 0.50 30.02 36.85
C32 PX4 ID . 0.53 30.23 35.32
C33 PX4 ID . 0.75 31.72 35.16
C34 PX4 ID . 0.74 32.02 33.65
C35 PX4 ID . -0.67 31.87 33.09
C36 PX4 ID . -0.64 32.18 31.58
O1 PX4 JD . -6.51 19.66 50.08
O2 PX4 JD . -6.78 17.61 48.41
P1 PX4 JD . -6.35 18.97 48.78
O3 PX4 JD . -4.75 18.87 48.84
C1 PX4 JD . -4.37 17.84 49.77
C2 PX4 JD . -2.91 17.97 50.23
N1 PX4 JD . -1.88 17.63 49.24
C3 PX4 JD . -1.92 18.51 48.06
C4 PX4 JD . -0.55 17.72 49.84
C5 PX4 JD . -1.87 16.22 48.78
O4 PX4 JD . -6.36 20.02 47.55
C6 PX4 JD . -5.78 19.34 46.43
C7 PX4 JD . -5.87 20.02 45.06
C8 PX4 JD . -6.23 21.47 45.41
O5 PX4 JD . -6.96 22.00 44.29
C9 PX4 JD . -7.72 23.12 44.41
O6 PX4 JD . -7.39 24.02 45.19
C10 PX4 JD . -8.82 23.39 43.39
C11 PX4 JD . -8.69 22.70 42.02
C12 PX4 JD . -7.38 22.99 41.27
C13 PX4 JD . -7.03 21.82 40.33
C14 PX4 JD . -7.10 20.49 41.05
C15 PX4 JD . -6.38 19.41 40.23
C16 PX4 JD . -7.18 19.05 38.97
C17 PX4 JD . -6.45 18.09 38.03
C18 PX4 JD . -7.24 17.62 36.82
C19 PX4 JD . -7.45 18.85 35.95
C20 PX4 JD . -8.06 18.41 34.62
C21 PX4 JD . -8.35 19.70 33.83
C22 PX4 JD . -9.45 20.46 34.58
O7 PX4 JD . -4.76 19.91 44.17
C23 PX4 JD . -4.28 18.75 43.66
O8 PX4 JD . -4.64 17.65 44.07
C24 PX4 JD . -3.19 18.84 42.59
C25 PX4 JD . -3.06 17.69 41.59
C26 PX4 JD . -2.03 18.16 40.55
C27 PX4 JD . -1.80 17.08 39.50
C28 PX4 JD . -0.95 17.70 38.39
C29 PX4 JD . -0.76 16.64 37.31
C30 PX4 JD . 0.05 15.42 37.79
C31 PX4 JD . 1.42 15.74 38.34
C32 PX4 JD . 2.41 16.24 37.27
C33 PX4 JD . 3.60 16.71 38.10
C34 PX4 JD . 4.79 17.08 37.21
C35 PX4 JD . 5.99 17.24 38.14
C36 PX4 JD . 7.17 17.80 37.38
O1 PX4 KD . 0.96 -8.36 51.53
O2 PX4 KD . 1.20 -7.56 49.02
P1 PX4 KD . 0.66 -7.46 50.40
O3 PX4 KD . 0.78 -5.96 50.97
C1 PX4 KD . 0.61 -6.01 52.39
C2 PX4 KD . 0.93 -4.77 53.24
N1 PX4 KD . 2.34 -4.41 53.44
C3 PX4 KD . 3.18 -4.12 52.26
C4 PX4 KD . 2.44 -3.30 54.40
C5 PX4 KD . 2.91 -5.62 54.02
O4 PX4 KD . -0.94 -7.41 50.26
C6 PX4 KD . -1.10 -8.18 49.07
C7 PX4 KD . -2.42 -8.94 49.08
C8 PX4 KD . -3.41 -7.77 48.97
O5 PX4 KD . -3.31 -7.09 47.72
C9 PX4 KD . -4.17 -6.07 47.44
O6 PX4 KD . -5.07 -5.78 48.22
C10 PX4 KD . -3.69 -5.16 46.31
C11 PX4 KD . -2.67 -5.98 45.52
C12 PX4 KD . -1.75 -4.96 44.84
C13 PX4 KD . -0.85 -5.77 43.89
C14 PX4 KD . 0.31 -4.91 43.39
C15 PX4 KD . 1.32 -5.64 42.50
C16 PX4 KD . 0.42 -5.93 41.31
C17 PX4 KD . 1.14 -7.03 40.55
C18 PX4 KD . 0.53 -7.05 39.14
C19 PX4 KD . 1.10 -8.22 38.32
C20 PX4 KD . 0.49 -8.19 36.92
C21 PX4 KD . -1.04 -8.20 36.97
C22 PX4 KD . -1.66 -8.42 35.58
O7 PX4 KD . -2.59 -10.06 48.20
C23 PX4 KD . -3.55 -11.00 48.44
O8 PX4 KD . -3.89 -11.36 49.57
C24 PX4 KD . -3.95 -11.89 47.25
C25 PX4 KD . -4.33 -11.03 46.04
C26 PX4 KD . -5.25 -11.88 45.18
C27 PX4 KD . -5.58 -11.11 43.90
C28 PX4 KD . -6.48 -11.90 42.97
C29 PX4 KD . -6.89 -11.22 41.67
C30 PX4 KD . -7.94 -11.98 40.88
C31 PX4 KD . -7.51 -13.41 40.49
C32 PX4 KD . -8.50 -14.09 39.54
C33 PX4 KD . -8.21 -15.55 39.14
C34 PX4 KD . -8.32 -16.47 40.35
C35 PX4 KD . -8.28 -17.90 39.80
C36 PX4 KD . -8.04 -19.04 40.78
O1 PX4 LD . 5.15 -1.53 47.34
O2 PX4 LD . 7.28 -2.53 48.56
P1 PX4 LD . 6.59 -1.88 47.42
O3 PX4 LD . 7.22 -0.45 47.75
C1 PX4 LD . 6.47 0.24 48.77
C2 PX4 LD . 6.95 1.64 49.17
N1 PX4 LD . 6.63 2.84 48.38
C3 PX4 LD . 7.58 3.86 48.83
C4 PX4 LD . 6.69 2.60 46.92
C5 PX4 LD . 5.32 3.40 48.77
O4 PX4 LD . 7.36 -1.92 46.01
C6 PX4 LD . 6.79 -0.96 45.11
C7 PX4 LD . 6.46 -1.48 43.72
C8 PX4 LD . 7.00 -2.90 43.62
O5 PX4 LD . 7.98 -2.96 42.57
C9 PX4 LD . 8.93 -3.93 42.76
O6 PX4 LD . 9.34 -4.32 43.85
C10 PX4 LD . 9.83 -4.13 41.55
C11 PX4 LD . 9.26 -5.15 40.56
C12 PX4 LD . 10.07 -5.32 39.29
C13 PX4 LD . 9.67 -6.56 38.48
C14 PX4 LD . 10.74 -6.88 37.44
C15 PX4 LD . 10.37 -8.22 36.79
C16 PX4 LD . 11.14 -8.52 35.50
C17 PX4 LD . 11.05 -7.34 34.53
C18 PX4 LD . 11.83 -7.52 33.24
C19 PX4 LD . 11.62 -6.28 32.36
C20 PX4 LD . 10.12 -6.19 32.08
C21 PX4 LD . 9.76 -5.04 31.13
C22 PX4 LD . 8.33 -5.21 30.60
O7 PX4 LD . 5.13 -1.27 43.18
C23 PX4 LD . 4.62 -0.02 43.14
O8 PX4 LD . 5.25 0.99 43.44
C24 PX4 LD . 3.10 -0.03 42.85
C25 PX4 LD . 2.83 0.44 41.41
C26 PX4 LD . 1.44 0.17 40.88
C27 PX4 LD . 1.06 -1.32 40.87
C28 PX4 LD . -0.36 -1.40 40.29
C29 PX4 LD . -0.83 -2.84 40.02
C30 PX4 LD . -2.19 -2.91 39.36
C31 PX4 LD . -2.50 -4.32 38.88
C32 PX4 LD . -3.63 -4.32 37.84
C33 PX4 LD . -4.98 -3.89 38.40
C34 PX4 LD . -6.00 -4.07 37.28
C35 PX4 LD . -7.41 -3.86 37.83
C36 PX4 LD . -8.35 -3.87 36.61
O1 PX4 MD . 24.32 5.16 43.96
O2 PX4 MD . 22.40 6.00 45.55
P1 PX4 MD . 23.03 5.02 44.63
O3 PX4 MD . 23.31 3.69 45.49
C1 PX4 MD . 23.42 4.10 46.85
C2 PX4 MD . 23.55 2.84 47.72
N1 PX4 MD . 22.39 2.12 48.25
C3 PX4 MD . 22.82 1.18 49.29
C4 PX4 MD . 21.61 3.20 48.87
C5 PX4 MD . 21.61 1.45 47.18
O4 PX4 MD . 22.06 4.23 43.60
C6 PX4 MD . 20.87 3.73 44.20
C7 PX4 MD . 19.85 3.23 43.18
C8 PX4 MD . 20.41 3.74 41.86
O5 PX4 MD . 19.68 3.40 40.68
C9 PX4 MD . 19.99 4.15 39.58
O6 PX4 MD . 20.68 5.15 39.70
C10 PX4 MD . 19.22 3.93 38.28
C11 PX4 MD . 19.99 3.01 37.31
C12 PX4 MD . 20.28 1.61 37.87
C13 PX4 MD . 21.04 0.83 36.79
C14 PX4 MD . 21.29 -0.60 37.28
C15 PX4 MD . 21.84 -1.56 36.22
C16 PX4 MD . 20.56 -2.16 35.62
C17 PX4 MD . 20.98 -3.36 34.77
C18 PX4 MD . 19.79 -4.08 34.14
C19 PX4 MD . 20.27 -5.17 33.19
C20 PX4 MD . 21.06 -6.20 34.01
C21 PX4 MD . 21.76 -7.20 33.07
C22 PX4 MD . 22.40 -8.35 33.84
O7 PX4 MD . 19.82 1.81 43.26
C23 PX4 MD . 18.97 1.20 44.12
O8 PX4 MD . 18.58 1.83 45.10
C24 PX4 MD . 18.70 -0.28 43.89
C25 PX4 MD . 19.97 -1.11 43.71
C26 PX4 MD . 19.89 -2.45 42.97
C27 PX4 MD . 19.26 -2.25 41.59
C28 PX4 MD . 18.93 -3.57 40.90
C29 PX4 MD . 18.20 -3.14 39.61
C30 PX4 MD . 17.85 -4.43 38.86
C31 PX4 MD . 17.10 -4.07 37.58
C32 PX4 MD . 16.79 -5.26 36.68
C33 PX4 MD . 15.96 -4.80 35.48
C34 PX4 MD . 16.05 -5.74 34.29
C35 PX4 MD . 15.13 -5.39 33.12
C36 PX4 MD . 15.53 -6.19 31.89
O1 PX4 ND . 28.83 -5.30 49.50
O2 PX4 ND . 29.51 -7.76 49.46
P1 PX4 ND . 29.67 -6.38 48.95
O3 PX4 ND . 31.15 -5.93 49.38
C1 PX4 ND . 31.09 -5.88 50.81
C2 PX4 ND . 32.32 -5.19 51.42
N1 PX4 ND . 33.54 -5.97 51.55
C3 PX4 ND . 34.18 -6.46 50.32
C4 PX4 ND . 34.60 -5.22 52.23
C5 PX4 ND . 33.38 -7.08 52.51
O4 PX4 ND . 30.02 -6.39 47.37
C6 PX4 ND . 30.98 -7.42 47.20
C7 PX4 ND . 31.69 -7.43 45.84
C8 PX4 ND . 30.65 -7.28 44.73
O5 PX4 ND . 30.19 -8.56 44.27
C9 PX4 ND . 29.04 -8.60 43.56
O6 PX4 ND . 28.29 -7.63 43.60
C10 PX4 ND . 28.75 -9.93 42.85
C11 PX4 ND . 29.54 -9.93 41.54
C12 PX4 ND . 29.15 -11.11 40.66
C13 PX4 ND . 29.87 -11.05 39.32
C14 PX4 ND . 29.51 -12.05 38.21
C15 PX4 ND . 30.50 -12.02 37.05
C16 PX4 ND . 30.04 -12.66 35.74
C17 PX4 ND . 31.25 -12.61 34.80
C18 PX4 ND . 31.06 -13.70 33.75
C19 PX4 ND . 32.12 -13.59 32.65
C20 PX4 ND . 32.03 -14.70 31.59
C21 PX4 ND . 30.61 -14.89 31.06
C22 PX4 ND . 30.45 -16.13 30.17
O7 PX4 ND . 32.80 -6.55 45.69
C23 PX4 ND . 33.90 -6.87 46.41
O8 PX4 ND . 33.95 -8.00 46.90
C24 PX4 ND . 34.87 -5.73 46.72
C25 PX4 ND . 36.19 -5.80 45.96
C26 PX4 ND . 36.05 -5.52 44.46
C27 PX4 ND . 35.39 -4.17 44.14
C28 PX4 ND . 35.55 -3.87 42.64
C29 PX4 ND . 34.95 -2.47 42.49
C30 PX4 ND . 35.04 -2.13 41.00
C31 PX4 ND . 36.38 -1.46 40.72
C32 PX4 ND . 36.59 -1.09 39.25
C33 PX4 ND . 35.33 -0.40 38.74
C34 PX4 ND . 35.55 -0.19 37.24
C35 PX4 ND . 34.84 1.10 36.82
C36 PX4 ND . 35.11 1.48 35.36
O1 PX4 OD . 26.85 13.96 42.92
O2 PX4 OD . 28.96 15.26 42.22
P1 PX4 OD . 27.50 15.00 42.11
O3 PX4 OD . 26.85 16.43 42.49
C1 PX4 OD . 27.82 17.13 43.28
C2 PX4 OD . 27.84 18.65 43.05
N1 PX4 OD . 29.10 19.34 43.38
C3 PX4 OD . 29.45 19.20 44.81
C4 PX4 OD . 30.15 18.72 42.58
C5 PX4 OD . 29.29 20.79 43.29
O4 PX4 OD . 27.08 14.70 40.58
C6 PX4 OD . 28.11 13.93 39.96
C7 PX4 OD . 27.54 13.09 38.82
C8 PX4 OD . 26.23 13.72 38.37
O5 PX4 OD . 25.17 12.79 38.18
C9 PX4 OD . 24.12 13.27 37.45
O6 PX4 OD . 24.09 14.49 37.25
C10 PX4 OD . 23.15 12.18 37.04
C11 PX4 OD . 22.69 12.10 35.58
C12 PX4 OD . 21.98 13.34 35.04
C13 PX4 OD . 21.58 13.21 33.57
C14 PX4 OD . 22.82 13.24 32.68
C15 PX4 OD . 22.51 13.64 31.24
C16 PX4 OD . 23.77 13.62 30.37
C17 PX4 OD . 23.39 13.71 28.90
C18 PX4 OD . 24.67 13.67 28.07
C19 PX4 OD . 24.29 13.55 26.59
C20 PX4 OD . 25.58 13.45 25.78
C21 PX4 OD . 25.16 13.17 24.33
C22 PX4 OD . 26.46 13.16 23.54
O7 PX4 OD . 28.45 13.05 37.71
C23 PX4 OD . 29.63 12.36 37.75
O8 PX4 OD . 29.88 11.74 38.78
C24 PX4 OD . 30.44 12.27 36.47
C25 PX4 OD . 30.40 10.85 35.90
C26 PX4 OD . 31.40 10.69 34.74
C27 PX4 OD . 30.91 11.52 33.56
C28 PX4 OD . 31.96 11.47 32.44
C29 PX4 OD . 32.23 10.01 32.11
C30 PX4 OD . 33.33 9.94 31.05
C31 PX4 OD . 33.81 8.56 30.64
C32 PX4 OD . 34.68 8.60 29.39
C33 PX4 OD . 35.15 7.16 29.15
C34 PX4 OD . 35.99 7.10 27.87
C35 PX4 OD . 36.30 5.66 27.47
C36 PX4 OD . 36.98 5.81 26.10
O1 PX4 PD . -5.34 27.42 47.78
O2 PX4 PD . -3.43 27.88 49.54
P1 PX4 PD . -4.68 28.24 48.83
O3 PX4 PD . -5.82 27.95 49.94
C1 PX4 PD . -7.14 27.86 49.40
C2 PX4 PD . -8.16 27.55 50.49
N1 PX4 PD . -9.60 27.58 50.17
C3 PX4 PD . -10.23 28.90 50.03
C4 PX4 PD . -9.79 26.80 48.94
C5 PX4 PD . -10.24 26.95 51.33
O4 PX4 PD . -4.97 29.82 48.83
C6 PX4 PD . -4.85 30.23 47.46
C7 PX4 PD . -6.00 31.10 46.92
C8 PX4 PD . -5.37 32.30 46.21
O5 PX4 PD . -4.16 32.03 45.50
C9 PX4 PD . -3.59 33.00 44.74
O6 PX4 PD . -3.90 34.17 44.96
C10 PX4 PD . -2.50 32.59 43.74
C11 PX4 PD . -3.03 31.76 42.56
C12 PX4 PD . -1.98 30.89 41.88
C13 PX4 PD . -2.57 29.96 40.81
C14 PX4 PD . -1.62 29.08 39.99
C15 PX4 PD . -2.28 28.47 38.75
C16 PX4 PD . -3.52 27.65 39.09
C17 PX4 PD . -3.90 26.90 37.82
C18 PX4 PD . -5.05 26.00 38.28
C19 PX4 PD . -5.82 25.48 37.06
C20 PX4 PD . -4.99 24.74 36.00
C21 PX4 PD . -5.84 24.28 34.83
C22 PX4 PD . -6.91 23.26 35.21
O7 PX4 PD . -6.89 30.35 46.09
C23 PX4 PD . -8.03 30.98 45.67
O8 PX4 PD . -8.52 31.87 46.34
C24 PX4 PD . -8.90 30.07 44.81
C25 PX4 PD . -9.76 29.12 45.63
C26 PX4 PD . -10.79 28.49 44.70
C27 PX4 PD . -9.99 27.86 43.57
C28 PX4 PD . -10.96 27.01 42.74
C29 PX4 PD . -10.24 26.37 41.55
C30 PX4 PD . -11.24 25.69 40.61
C31 PX4 PD . -10.37 24.98 39.58
C32 PX4 PD . -11.16 24.26 38.49
C33 PX4 PD . -10.21 23.53 37.54
C34 PX4 PD . -10.88 23.35 36.17
C35 PX4 PD . -12.21 22.60 36.15
C36 PX4 PD . -12.87 22.72 34.78
O1 PX4 QD . -4.82 41.33 48.97
O2 PX4 QD . -2.71 39.78 48.65
P1 PX4 QD . -3.79 40.67 48.13
O3 PX4 QD . -3.01 42.01 47.70
C1 PX4 QD . -2.51 42.86 48.75
C2 PX4 QD . -1.98 44.21 48.28
N1 PX4 QD . -2.99 44.98 47.55
C3 PX4 QD . -2.46 46.35 47.48
C4 PX4 QD . -3.30 44.57 46.17
C5 PX4 QD . -4.20 45.28 48.34
O4 PX4 QD . -4.18 40.26 46.62
C6 PX4 QD . -5.45 40.83 46.33
C7 PX4 QD . -5.73 40.86 44.83
C8 PX4 QD . -4.45 40.61 44.03
O5 PX4 QD . -3.69 41.77 43.69
C9 PX4 QD . -2.58 41.56 42.96
O6 PX4 QD . -2.22 40.42 42.65
C10 PX4 QD . -1.84 42.87 42.67
C11 PX4 QD . -1.19 42.86 41.29
C12 PX4 QD . -2.28 43.17 40.27
C13 PX4 QD . -1.73 43.63 38.91
C14 PX4 QD . -2.93 43.67 37.96
C15 PX4 QD . -2.91 44.60 36.75
C16 PX4 QD . -4.25 44.60 36.02
C17 PX4 QD . -4.26 45.58 34.84
C18 PX4 QD . -5.58 45.46 34.07
C19 PX4 QD . -5.41 46.60 33.06
C20 PX4 QD . -6.53 46.53 32.01
C21 PX4 QD . -6.70 47.88 31.32
C22 PX4 QD . -7.83 47.59 30.34
O7 PX4 QD . -6.79 40.01 44.40
C23 PX4 QD . -8.03 40.56 44.30
O8 PX4 QD . -8.22 41.63 44.91
C24 PX4 QD . -9.15 39.62 43.84
C25 PX4 QD . -9.90 40.36 42.74
C26 PX4 QD . -10.70 39.29 42.01
C27 PX4 QD . -9.85 38.02 41.92
C28 PX4 QD . -10.60 36.91 41.17
C29 PX4 QD . -10.75 37.29 39.70
C30 PX4 QD . -11.91 36.44 39.16
C31 PX4 QD . -11.37 35.01 39.20
C32 PX4 QD . -12.49 34.16 38.62
C33 PX4 QD . -12.21 32.67 38.89
C34 PX4 QD . -13.35 31.85 38.29
C35 PX4 QD . -13.20 30.35 38.54
C36 PX4 QD . -14.22 29.76 37.57
O1 PX4 RD . 2.97 15.04 47.81
O2 PX4 RD . 0.47 14.48 47.97
P1 PX4 RD . 1.70 14.63 47.17
O3 PX4 RD . 1.92 13.41 46.15
C1 PX4 RD . 3.32 13.32 45.92
C2 PX4 RD . 3.66 11.95 45.30
N1 PX4 RD . 3.31 10.73 46.02
C3 PX4 RD . 3.20 10.88 47.48
C4 PX4 RD . 1.93 10.34 45.66
C5 PX4 RD . 4.10 9.52 45.71
O4 PX4 RD . 1.42 15.78 46.08
C6 PX4 RD . 0.16 15.46 45.44
C7 PX4 RD . 0.01 16.23 44.14
C8 PX4 RD . 1.16 17.20 43.88
O5 PX4 RD . 0.68 18.52 43.66
C9 PX4 RD . 1.73 19.40 43.57
O6 PX4 RD . 2.86 19.09 43.93
C10 PX4 RD . 1.45 20.69 42.82
C11 PX4 RD . 1.58 20.43 41.31
C12 PX4 RD . 1.30 21.75 40.58
C13 PX4 RD . 2.03 21.70 39.23
C14 PX4 RD . 3.55 21.86 39.24
C15 PX4 RD . 4.08 21.98 37.80
C16 PX4 RD . 5.62 21.90 37.80
C17 PX4 RD . 6.11 21.88 36.36
C18 PX4 RD . 7.59 22.21 36.11
C19 PX4 RD . 7.92 23.60 36.70
C20 PX4 RD . 9.25 24.15 36.20
C21 PX4 RD . 9.37 24.38 34.69
C22 PX4 RD . 10.73 25.04 34.43
O7 PX4 RD . -0.27 15.39 43.01
C23 PX4 RD . -1.44 14.72 42.92
O8 PX4 RD . -2.28 14.89 43.82
C24 PX4 RD . -1.71 14.10 41.56
C25 PX4 RD . -2.48 12.78 41.60
C26 PX4 RD . -2.75 12.39 40.14
C27 PX4 RD . -3.45 13.42 39.28
C28 PX4 RD . -3.92 12.93 37.90
C29 PX4 RD . -2.68 12.43 37.15
C30 PX4 RD . -3.16 12.00 35.76
C31 PX4 RD . -3.71 13.21 34.98
C32 PX4 RD . -2.57 14.07 34.44
C33 PX4 RD . -2.95 15.37 33.72
C34 PX4 RD . -1.68 16.15 33.37
C35 PX4 RD . -0.75 15.55 32.32
C36 PX4 RD . 0.46 16.45 32.14
O1 PX4 SD . 10.18 4.23 46.85
O2 PX4 SD . 10.83 1.84 46.17
P1 PX4 SD . 11.08 3.29 46.14
O3 PX4 SD . 12.60 3.40 46.65
C1 PX4 SD . 12.81 4.43 47.61
C2 PX4 SD . 14.27 4.75 47.93
N1 PX4 SD . 15.11 3.69 48.54
C3 PX4 SD . 16.37 4.29 49.03
C4 PX4 SD . 14.44 2.95 49.60
C5 PX4 SD . 15.55 2.87 47.41
O4 PX4 SD . 11.38 3.81 44.63
C6 PX4 SD . 12.13 2.77 43.99
C7 PX4 SD . 12.44 2.85 42.49
C8 PX4 SD . 11.73 4.16 42.13
O5 PX4 SD . 10.75 4.01 41.11
C9 PX4 SD . 9.73 4.91 41.05
O6 PX4 SD . 9.58 5.77 41.91
C10 PX4 SD . 8.72 4.67 39.93
C11 PX4 SD . 7.68 3.59 40.20
C12 PX4 SD . 7.04 3.26 38.84
C13 PX4 SD . 6.10 2.06 38.90
C14 PX4 SD . 5.37 1.92 37.57
C15 PX4 SD . 4.31 0.82 37.55
C16 PX4 SD . 3.67 0.83 36.16
C17 PX4 SD . 3.19 2.22 35.78
C18 PX4 SD . 2.54 2.18 34.38
C19 PX4 SD . 2.31 3.64 33.98
C20 PX4 SD . 1.30 4.26 34.95
C21 PX4 SD . 0.65 5.60 34.63
C22 PX4 SD . -0.01 5.55 33.26
O7 PX4 SD . 13.83 2.76 42.15
C23 PX4 SD . 14.62 1.66 42.33
O8 PX4 SD . 14.18 0.57 42.68
C24 PX4 SD . 16.11 1.98 42.24
C25 PX4 SD . 16.62 2.13 40.80
C26 PX4 SD . 16.40 0.83 40.04
C27 PX4 SD . 16.87 0.95 38.59
C28 PX4 SD . 16.57 -0.33 37.83
C29 PX4 SD . 16.92 -0.12 36.36
C30 PX4 SD . 16.35 -1.12 35.34
C31 PX4 SD . 17.05 -0.63 34.07
C32 PX4 SD . 16.95 -1.66 32.94
C33 PX4 SD . 17.66 -1.11 31.70
C34 PX4 SD . 16.96 0.11 31.11
C35 PX4 SD . 17.68 0.74 29.91
C36 PX4 SD . 16.89 1.82 29.17
O1 PX4 TD . 8.95 11.12 46.31
O2 PX4 TD . 7.68 13.27 46.56
P1 PX4 TD . 7.66 11.84 46.17
O3 PX4 TD . 6.69 11.05 47.18
C1 PX4 TD . 7.18 11.22 48.51
C2 PX4 TD . 6.31 10.48 49.52
N1 PX4 TD . 6.74 10.39 50.92
C3 PX4 TD . 6.69 11.75 51.50
C4 PX4 TD . 5.78 9.68 51.77
C5 PX4 TD . 8.05 9.74 50.90
O4 PX4 TD . 6.92 11.69 44.73
C6 PX4 TD . 7.59 12.41 43.71
C7 PX4 TD . 6.77 12.39 42.41
C8 PX4 TD . 6.87 10.90 42.07
O5 PX4 TD . 8.22 10.55 41.76
C9 PX4 TD . 8.63 9.26 41.69
O6 PX4 TD . 7.86 8.31 41.84
C10 PX4 TD . 10.11 8.99 41.42
C11 PX4 TD . 10.60 9.16 39.99
C12 PX4 TD . 9.99 8.40 38.81
C13 PX4 TD . 10.54 8.70 37.42
C14 PX4 TD . 9.86 7.76 36.42
C15 PX4 TD . 10.46 8.08 35.05
C16 PX4 TD . 10.39 9.58 34.73
C17 PX4 TD . 10.67 9.84 33.24
C18 PX4 TD . 10.36 11.24 32.75
C19 PX4 TD . 10.59 11.46 31.25
C20 PX4 TD . 10.29 12.90 30.84
C21 PX4 TD . 9.82 12.91 29.39
C22 PX4 TD . 9.31 14.19 28.72
O7 PX4 TD . 5.43 12.89 42.44
C23 PX4 TD . 5.17 14.22 42.48
O8 PX4 TD . 6.11 14.97 42.72
C24 PX4 TD . 3.73 14.74 42.46
C25 PX4 TD . 2.88 13.86 41.55
C26 PX4 TD . 2.27 12.60 42.19
C27 PX4 TD . 1.67 11.52 41.28
C28 PX4 TD . 0.77 10.57 42.07
C29 PX4 TD . -0.12 9.70 41.18
C30 PX4 TD . -1.03 8.73 41.95
C31 PX4 TD . -1.98 7.89 41.10
C32 PX4 TD . -1.08 6.79 40.55
C33 PX4 TD . -1.73 5.91 39.48
C34 PX4 TD . -0.75 4.74 39.35
C35 PX4 TD . -1.23 3.75 38.30
C36 PX4 TD . -0.08 2.82 37.89
O1 PX4 UD . 13.50 19.16 47.70
O2 PX4 UD . 15.18 17.30 46.77
P1 PX4 UD . 14.34 18.52 46.66
O3 PX4 UD . 15.50 19.51 46.16
C1 PX4 UD . 16.18 20.01 47.32
C2 PX4 UD . 17.46 20.76 47.04
N1 PX4 UD . 17.41 22.12 46.49
C3 PX4 UD . 16.88 22.00 45.11
C4 PX4 UD . 16.56 23.02 47.28
C5 PX4 UD . 18.81 22.62 46.54
O4 PX4 UD . 13.54 18.50 45.25
C6 PX4 UD . 14.40 18.58 44.11
C7 PX4 UD . 13.55 18.95 42.89
C8 PX4 UD . 12.16 18.33 42.78
O5 PX4 UD . 11.84 17.38 41.76
C9 PX4 UD . 10.52 17.07 41.75
O6 PX4 UD . 9.67 17.41 42.58
C10 PX4 UD . 10.17 16.02 40.70
C11 PX4 UD . 10.20 14.61 41.31
C12 PX4 UD . 10.02 13.57 40.21
C13 PX4 UD . 8.61 13.69 39.65
C14 PX4 UD . 8.31 12.58 38.65
C15 PX4 UD . 6.89 12.61 38.12
C16 PX4 UD . 6.50 11.37 37.32
C17 PX4 UD . 5.00 11.41 37.08
C18 PX4 UD . 4.19 11.67 38.35
C19 PX4 UD . 2.71 11.75 38.00
C20 PX4 UD . 2.24 10.34 37.63
C21 PX4 UD . 0.74 10.20 37.34
C22 PX4 UD . 0.37 11.12 36.18
O7 PX4 UD . 13.52 20.36 42.66
C23 PX4 UD . 14.55 20.93 41.97
O8 PX4 UD . 15.63 20.34 41.90
C24 PX4 UD . 14.57 22.40 41.54
C25 PX4 UD . 14.26 22.38 40.05
C26 PX4 UD . 14.27 23.72 39.28
C27 PX4 UD . 14.27 23.48 37.77
C28 PX4 UD . 14.35 24.79 37.00
C29 PX4 UD . 14.58 24.55 35.51
C30 PX4 UD . 14.72 25.89 34.79
C31 PX4 UD . 15.33 25.72 33.40
C32 PX4 UD . 16.67 24.96 33.48
C33 PX4 UD . 17.01 24.56 32.05
C34 PX4 UD . 18.24 23.67 31.84
C35 PX4 UD . 18.19 23.42 30.34
C36 PX4 UD . 19.27 22.44 29.86
O1 PX4 VD . 18.53 8.45 44.73
O2 PX4 VD . 18.21 6.03 43.78
P1 PX4 VD . 18.57 7.46 43.64
O3 PX4 VD . 20.15 7.41 43.40
C1 PX4 VD . 20.92 8.54 43.81
C2 PX4 VD . 22.40 8.42 43.46
N1 PX4 VD . 22.78 8.38 42.05
C3 PX4 VD . 22.52 7.12 41.34
C4 PX4 VD . 22.26 9.52 41.29
C5 PX4 VD . 24.23 8.62 42.05
O4 PX4 VD . 18.27 7.87 42.11
C6 PX4 VD . 17.78 6.74 41.37
C7 PX4 VD . 17.05 7.15 40.10
C8 PX4 VD . 18.14 7.93 39.34
O5 PX4 VD . 17.85 9.27 38.93
C9 PX4 VD . 18.86 10.17 38.88
O6 PX4 VD . 19.92 9.70 39.30
C10 PX4 VD . 18.48 11.57 38.39
C11 PX4 VD . 17.93 11.47 36.96
C12 PX4 VD . 17.60 12.80 36.29
C13 PX4 VD . 17.37 12.62 34.78
C14 PX4 VD . 16.95 13.98 34.22
C15 PX4 VD . 16.91 13.83 32.70
C16 PX4 VD . 15.74 12.93 32.31
C17 PX4 VD . 15.94 12.58 30.83
C18 PX4 VD . 14.94 11.46 30.54
C19 PX4 VD . 15.02 11.17 29.03
C20 PX4 VD . 13.91 10.20 28.61
C21 PX4 VD . 13.83 10.33 27.08
C22 PX4 VD . 12.53 9.82 26.47
O7 PX4 VD . 16.64 6.02 39.33
C23 PX4 VD . 15.39 5.57 39.62
O8 PX4 VD . 14.92 5.92 40.70
C24 PX4 VD . 14.69 4.52 38.76
C25 PX4 VD . 13.26 5.00 38.56
C26 PX4 VD . 12.54 3.93 37.73
C27 PX4 VD . 12.23 2.65 38.50
C28 PX4 VD . 11.32 1.76 37.63
C29 PX4 VD . 10.83 0.51 38.35
C30 PX4 VD . 10.06 0.83 39.64
C31 PX4 VD . 9.19 -0.34 40.10
C32 PX4 VD . 8.05 -0.77 39.17
C33 PX4 VD . 7.12 -1.74 39.89
C34 PX4 VD . 5.74 -1.85 39.25
C35 PX4 VD . 4.93 -2.94 39.95
C36 PX4 VD . 3.83 -3.51 39.05
O1 PX4 WD . 30.16 1.45 43.10
O2 PX4 WD . 27.95 2.60 43.93
P1 PX4 WD . 28.80 1.41 43.67
O3 PX4 WD . 28.71 0.64 45.09
C1 PX4 WD . 28.87 -0.76 44.83
C2 PX4 WD . 29.20 -1.71 45.97
N1 PX4 WD . 28.21 -2.25 46.92
C3 PX4 WD . 26.89 -1.62 46.75
C4 PX4 WD . 28.08 -3.68 46.63
C5 PX4 WD . 28.57 -1.90 48.30
O4 PX4 WD . 27.93 0.34 42.82
C6 PX4 WD . 28.22 0.62 41.44
C7 PX4 WD . 28.18 -0.56 40.46
C8 PX4 WD . 26.94 -0.53 39.57
O5 PX4 WD . 26.50 0.81 39.30
C9 PX4 WD . 25.29 0.88 38.72
O6 PX4 WD . 24.61 -0.09 38.40
C10 PX4 WD . 24.79 2.29 38.33
C11 PX4 WD . 25.57 3.07 37.28
C12 PX4 WD . 25.26 2.46 35.93
C13 PX4 WD . 25.61 3.41 34.80
C14 PX4 WD . 25.09 2.83 33.47
C15 PX4 WD . 25.38 3.77 32.30
C16 PX4 WD . 25.34 2.98 30.98
C17 PX4 WD . 25.67 4.08 29.97
C18 PX4 WD . 26.03 3.55 28.58
C19 PX4 WD . 26.10 4.67 27.55
C20 PX4 WD . 26.82 4.27 26.26
C21 PX4 WD . 26.10 3.03 25.73
C22 PX4 WD . 27.00 2.23 24.78
O7 PX4 WD . 29.36 -0.72 39.67
C23 PX4 WD . 30.44 -1.46 40.04
O8 PX4 WD . 30.42 -2.12 41.09
C24 PX4 WD . 31.61 -1.46 39.06
C25 PX4 WD . 31.69 -2.69 38.16
C26 PX4 WD . 32.61 -2.44 36.97
C27 PX4 WD . 32.60 -3.75 36.18
C28 PX4 WD . 33.21 -4.89 37.03
C29 PX4 WD . 33.11 -6.28 36.40
C30 PX4 WD . 31.68 -6.78 36.56
C31 PX4 WD . 31.34 -8.08 35.84
C32 PX4 WD . 31.76 -8.03 34.36
C33 PX4 WD . 31.71 -9.36 33.61
C34 PX4 WD . 32.33 -9.34 32.21
C35 PX4 WD . 31.80 -8.28 31.23
C36 PX4 WD . 32.50 -8.31 29.87
O1 PX4 XD . -7.12 35.61 47.98
O2 PX4 XD . -4.50 35.83 48.33
P1 PX4 XD . -5.82 36.30 47.87
O3 PX4 XD . -6.17 37.76 48.47
C1 PX4 XD . -6.16 37.48 49.88
C2 PX4 XD . -6.52 38.66 50.78
N1 PX4 XD . -6.19 38.48 52.21
C3 PX4 XD . -6.70 37.29 52.90
C4 PX4 XD . -4.72 38.56 52.30
C5 PX4 XD . -6.68 39.60 53.02
O4 PX4 XD . -5.65 36.69 46.32
C6 PX4 XD . -6.95 36.46 45.78
C7 PX4 XD . -7.06 36.31 44.26
C8 PX4 XD . -5.63 36.54 43.76
O5 PX4 XD . -5.38 37.13 42.49
C9 PX4 XD . -4.07 37.20 42.11
O6 PX4 XD . -3.18 36.96 42.92
C10 PX4 XD . -3.83 37.61 40.66
C11 PX4 XD . -4.12 39.10 40.49
C12 PX4 XD . -3.93 39.52 39.03
C13 PX4 XD . -2.59 39.05 38.45
C14 PX4 XD . -2.51 39.50 36.98
C15 PX4 XD . -1.29 38.89 36.28
C16 PX4 XD . 0.02 39.12 37.03
C17 PX4 XD . 1.25 38.64 36.26
C18 PX4 XD . 2.55 38.79 37.05
C19 PX4 XD . 3.65 38.16 36.20
C20 PX4 XD . 3.98 38.84 34.86
C21 PX4 XD . 5.39 38.51 34.39
C22 PX4 XD . 5.51 39.14 33.00
O7 PX4 XD . -7.66 35.08 43.83
C23 PX4 XD . -8.98 34.79 44.03
O8 PX4 XD . -9.58 35.26 44.99
C24 PX4 XD . -9.64 33.74 43.13
C25 PX4 XD . -11.13 33.59 43.40
C26 PX4 XD . -11.61 32.35 42.65
C27 PX4 XD . -13.03 31.89 42.99
C28 PX4 XD . -13.50 30.64 42.26
C29 PX4 XD . -14.67 29.86 42.88
C30 PX4 XD . -14.81 28.52 42.16
C31 PX4 XD . -16.14 27.88 42.58
C32 PX4 XD . -15.96 26.39 42.24
C33 PX4 XD . -15.57 26.10 40.80
C34 PX4 XD . -15.30 24.61 40.53
C35 PX4 XD . -15.16 24.33 39.02
C36 PX4 XD . -15.20 22.82 38.79
O1 PX4 YD . 10.05 32.55 46.67
O2 PX4 YD . 8.07 31.38 47.85
P1 PX4 YD . 9.33 31.32 47.08
O3 PX4 YD . 10.42 30.52 47.98
C1 PX4 YD . 10.66 31.44 49.06
C2 PX4 YD . 11.57 30.84 50.12
N1 PX4 YD . 12.01 31.85 51.10
C3 PX4 YD . 10.89 32.49 51.81
C4 PX4 YD . 12.90 31.22 52.10
C5 PX4 YD . 12.87 32.79 50.37
O4 PX4 YD . 9.32 30.21 45.93
C6 PX4 YD . 10.49 30.33 45.12
C7 PX4 YD . 10.97 29.00 44.51
C8 PX4 YD . 9.87 28.74 43.49
O5 PX4 YD . 9.68 29.76 42.52
C9 PX4 YD . 8.42 29.70 41.99
O6 PX4 YD . 7.43 29.14 42.46
C10 PX4 YD . 8.15 30.80 40.96
C11 PX4 YD . 7.28 30.39 39.76
C12 PX4 YD . 7.30 31.69 38.93
C13 PX4 YD . 6.49 31.38 37.68
C14 PX4 YD . 6.39 32.69 36.90
C15 PX4 YD . 5.65 32.41 35.59
C16 PX4 YD . 5.96 33.52 34.58
C17 PX4 YD . 7.43 33.56 34.17
C18 PX4 YD . 7.80 34.53 33.05
C19 PX4 YD . 9.14 34.11 32.43
C20 PX4 YD . 10.13 34.71 33.42
C21 PX4 YD . 11.62 34.54 33.15
C22 PX4 YD . 12.48 35.38 34.12
O7 PX4 YD . 12.26 29.02 43.90
C23 PX4 YD . 12.85 27.88 43.46
O8 PX4 YD . 12.72 26.77 43.98
C24 PX4 YD . 13.90 28.15 42.37
C25 PX4 YD . 13.40 28.61 41.01
C26 PX4 YD . 14.62 28.83 40.12
C27 PX4 YD . 15.56 29.99 40.50
C28 PX4 YD . 16.87 29.81 39.74
C29 PX4 YD . 16.68 29.65 38.23
C30 PX4 YD . 18.06 29.30 37.68
C31 PX4 YD . 17.86 28.97 36.21
C32 PX4 YD . 19.12 28.27 35.67
C33 PX4 YD . 18.91 27.95 34.20
C34 PX4 YD . 19.96 27.02 33.59
C35 PX4 YD . 19.98 26.97 32.06
C36 PX4 YD . 21.18 26.26 31.43
O1 PX4 ZD . 18.96 25.87 47.41
O2 PX4 ZD . 21.41 26.52 46.95
P1 PX4 ZD . 19.95 26.81 46.87
O3 PX4 ZD . 19.70 28.07 47.86
C1 PX4 ZD . 20.80 28.98 47.78
C2 PX4 ZD . 20.60 30.19 48.70
N1 PX4 ZD . 19.74 31.33 48.37
C3 PX4 ZD . 18.30 31.07 48.52
C4 PX4 ZD . 20.06 32.45 49.28
C5 PX4 ZD . 20.06 31.91 47.07
O4 PX4 ZD . 19.40 27.53 45.55
C6 PX4 ZD . 17.96 27.45 45.54
C7 PX4 ZD . 17.30 27.67 44.18
C8 PX4 ZD . 17.54 29.16 43.92
O5 PX4 ZD . 16.61 30.08 44.47
C9 PX4 ZD . 16.72 31.31 43.90
O6 PX4 ZD . 17.76 31.61 43.31
C10 PX4 ZD . 15.59 32.31 44.09
C11 PX4 ZD . 14.36 31.84 43.30
C12 PX4 ZD . 13.32 32.95 43.40
C13 PX4 ZD . 12.28 32.68 42.32
C14 PX4 ZD . 11.31 33.87 42.25
C15 PX4 ZD . 10.31 34.00 43.41
C16 PX4 ZD . 9.14 34.89 42.97
C17 PX4 ZD . 7.80 34.19 43.23
C18 PX4 ZD . 6.54 34.97 42.89
C19 PX4 ZD . 5.24 34.23 43.23
C20 PX4 ZD . 4.07 35.13 42.83
C21 PX4 ZD . 2.70 34.44 42.90
C22 PX4 ZD . 2.30 34.01 44.31
O7 PX4 ZD . 17.74 26.96 43.01
C23 PX4 ZD . 17.42 25.64 42.89
O8 PX4 ZD . 16.87 25.05 43.80
C24 PX4 ZD . 17.76 24.95 41.55
C25 PX4 ZD . 17.56 25.90 40.34
C26 PX4 ZD . 17.81 25.13 39.05
C27 PX4 ZD . 19.20 24.50 38.89
C28 PX4 ZD . 20.42 25.42 38.73
C29 PX4 ZD . 21.58 24.46 38.56
C30 PX4 ZD . 21.51 24.05 37.09
C31 PX4 ZD . 22.68 23.26 36.51
C32 PX4 ZD . 22.57 23.25 34.98
C33 PX4 ZD . 23.38 22.15 34.28
C34 PX4 ZD . 23.26 22.32 32.77
C35 PX4 ZD . 24.13 21.38 31.94
C36 PX4 ZD . 23.86 21.55 30.44
O1 PX4 AE . -2.46 21.46 51.45
O2 PX4 AE . -0.25 20.27 51.58
P1 PX4 AE . -1.02 21.43 51.09
O3 PX4 AE . -0.28 22.75 51.66
C1 PX4 AE . 0.60 22.38 52.73
C2 PX4 AE . 1.62 23.48 53.04
N1 PX4 AE . 2.62 23.22 54.08
C3 PX4 AE . 3.46 24.43 54.06
C4 PX4 AE . 1.89 23.06 55.35
C5 PX4 AE . 3.60 22.16 53.81
O4 PX4 AE . -0.94 21.56 49.49
C6 PX4 AE . 0.41 21.90 49.20
C7 PX4 AE . 0.69 21.92 47.69
C8 PX4 AE . -0.57 22.53 47.04
O5 PX4 AE . -0.70 22.14 45.67
C9 PX4 AE . -1.96 22.49 45.30
O6 PX4 AE . -2.80 22.81 46.13
C10 PX4 AE . -2.23 22.38 43.79
C11 PX4 AE . -3.40 23.27 43.39
C12 PX4 AE . -3.80 23.09 41.92
C13 PX4 AE . -2.52 23.51 41.21
C14 PX4 AE . -2.69 23.35 39.70
C15 PX4 AE . -2.93 21.87 39.37
C16 PX4 AE . -3.01 21.77 37.85
C17 PX4 AE . -3.68 20.48 37.38
C18 PX4 AE . -4.03 20.57 35.89
C19 PX4 AE . -2.77 20.35 35.03
C20 PX4 AE . -3.25 20.15 33.59
C21 PX4 AE . -2.21 20.17 32.47
C22 PX4 AE . -2.69 20.84 31.18
O7 PX4 AE . 1.86 22.64 47.30
C23 PX4 AE . 3.04 22.00 47.51
O8 PX4 AE . 2.99 20.89 48.05
C24 PX4 AE . 4.38 22.71 47.29
C25 PX4 AE . 5.13 22.09 46.12
C26 PX4 AE . 4.50 22.59 44.82
C27 PX4 AE . 5.50 22.64 43.67
C28 PX4 AE . 4.87 23.26 42.42
C29 PX4 AE . 5.77 24.45 42.09
C30 PX4 AE . 5.19 25.20 40.87
C31 PX4 AE . 6.28 25.79 39.97
C32 PX4 AE . 5.67 26.86 39.07
C33 PX4 AE . 4.93 26.30 37.85
C34 PX4 AE . 4.66 27.51 36.95
C35 PX4 AE . 5.91 28.11 36.29
C36 PX4 AE . 6.65 27.13 35.39
N PHE A 1 16.32 -5.07 -11.71
CA PHE A 1 15.23 -5.48 -10.80
C PHE A 1 14.33 -4.27 -10.55
N ARG A 2 13.10 -4.48 -10.07
CA ARG A 2 12.16 -3.51 -9.55
C ARG A 2 11.93 -3.76 -8.06
N GLU A 3 12.47 -4.83 -7.48
CA GLU A 3 12.61 -5.28 -6.12
C GLU A 3 13.34 -4.33 -5.18
N MET A 4 13.02 -4.25 -3.88
CA MET A 4 13.71 -3.57 -2.79
C MET A 4 15.15 -4.03 -2.83
N PRO A 5 16.18 -3.16 -2.90
CA PRO A 5 17.56 -3.54 -3.16
C PRO A 5 18.23 -4.14 -1.93
N GLY A 6 18.95 -5.24 -2.17
CA GLY A 6 19.34 -6.09 -1.06
C GLY A 6 18.49 -7.35 -1.27
N GLY A 7 18.00 -8.05 -0.25
CA GLY A 7 17.23 -9.28 -0.25
C GLY A 7 15.96 -9.00 0.56
N PRO A 8 14.83 -8.74 -0.09
CA PRO A 8 13.57 -8.70 0.60
C PRO A 8 13.06 -10.09 0.95
N VAL A 9 12.76 -10.43 2.20
CA VAL A 9 12.41 -11.72 2.75
C VAL A 9 11.29 -11.51 3.77
N TRP A 10 10.64 -12.61 4.11
CA TRP A 10 9.54 -12.64 5.05
C TRP A 10 9.21 -14.05 5.52
N ARG A 11 8.95 -14.94 4.56
CA ARG A 11 8.72 -16.37 4.63
C ARG A 11 7.39 -16.75 5.28
N LYS A 12 6.44 -15.81 5.14
CA LYS A 12 5.02 -16.02 5.34
C LYS A 12 4.39 -15.97 3.96
N HIS A 13 3.63 -17.03 3.64
CA HIS A 13 2.78 -17.12 2.47
C HIS A 13 1.40 -16.62 2.83
N TYR A 14 0.89 -16.77 4.06
CA TYR A 14 -0.33 -16.20 4.56
C TYR A 14 0.01 -14.86 5.21
N ILE A 15 -0.35 -13.75 4.57
CA ILE A 15 -0.30 -12.40 5.06
C ILE A 15 -1.71 -11.99 5.44
N THR A 16 -1.84 -11.23 6.54
CA THR A 16 -3.09 -10.72 7.06
C THR A 16 -2.95 -9.23 7.37
N TYR A 17 -4.05 -8.46 7.35
CA TYR A 17 -3.97 -7.06 7.69
C TYR A 17 -5.01 -6.63 8.72
N ARG A 18 -4.83 -5.42 9.23
CA ARG A 18 -5.82 -4.74 10.04
C ARG A 18 -5.86 -3.26 9.69
N ILE A 19 -7.05 -2.69 9.50
CA ILE A 19 -7.25 -1.25 9.51
C ILE A 19 -7.44 -0.94 10.99
N ASN A 20 -6.51 -0.14 11.51
CA ASN A 20 -6.38 0.22 12.91
C ASN A 20 -7.34 1.30 13.38
N ASN A 21 -7.70 2.21 12.47
CA ASN A 21 -8.37 3.48 12.72
C ASN A 21 -9.01 3.96 11.42
N TYR A 22 -10.20 4.57 11.53
CA TYR A 22 -11.00 5.26 10.53
C TYR A 22 -10.93 6.77 10.48
N THR A 23 -10.63 7.41 9.34
CA THR A 23 -10.55 8.85 9.24
C THR A 23 -11.89 9.57 9.33
N PRO A 24 -11.97 10.85 9.73
CA PRO A 24 -13.14 11.67 9.54
C PRO A 24 -13.36 12.14 8.11
N ASP A 25 -12.42 11.96 7.18
CA ASP A 25 -12.47 12.55 5.85
C ASP A 25 -13.53 11.88 4.99
N MET A 26 -13.78 10.59 5.13
CA MET A 26 -14.75 9.85 4.36
C MET A 26 -15.28 8.75 5.29
N ASN A 27 -16.35 8.06 4.94
CA ASN A 27 -16.97 7.03 5.75
C ASN A 27 -16.40 5.66 5.44
N ARG A 28 -16.36 4.81 6.48
CA ARG A 28 -15.60 3.59 6.67
C ARG A 28 -15.64 2.48 5.63
N GLU A 29 -16.70 2.45 4.84
CA GLU A 29 -17.00 1.49 3.80
C GLU A 29 -16.20 1.77 2.52
N ASP A 30 -15.90 3.05 2.31
CA ASP A 30 -15.09 3.50 1.21
C ASP A 30 -13.65 3.27 1.63
N VAL A 31 -13.33 3.48 2.92
CA VAL A 31 -11.99 3.14 3.37
C VAL A 31 -11.72 1.64 3.30
N ASP A 32 -12.63 0.78 3.75
CA ASP A 32 -12.53 -0.65 3.91
C ASP A 32 -12.39 -1.32 2.54
N TYR A 33 -13.20 -0.85 1.60
CA TYR A 33 -13.15 -1.08 0.17
C TYR A 33 -11.84 -0.68 -0.49
N ALA A 34 -11.25 0.46 -0.11
CA ALA A 34 -10.06 0.98 -0.74
C ALA A 34 -8.87 0.09 -0.36
N ILE A 35 -8.80 -0.54 0.81
CA ILE A 35 -7.67 -1.35 1.23
C ILE A 35 -7.88 -2.79 0.78
N ARG A 36 -9.10 -3.35 0.82
CA ARG A 36 -9.45 -4.66 0.35
C ARG A 36 -9.17 -4.78 -1.14
N LYS A 37 -9.66 -3.82 -1.92
CA LYS A 37 -9.45 -3.86 -3.36
C LYS A 37 -8.01 -3.70 -3.81
N ALA A 38 -7.21 -3.01 -2.99
CA ALA A 38 -5.77 -2.91 -3.14
C ALA A 38 -5.04 -4.23 -2.96
N PHE A 39 -5.41 -5.14 -2.04
CA PHE A 39 -4.85 -6.46 -1.93
C PHE A 39 -5.13 -7.32 -3.15
N GLN A 40 -6.38 -7.32 -3.58
CA GLN A 40 -6.95 -8.11 -4.65
C GLN A 40 -6.16 -7.96 -5.94
N VAL A 41 -5.61 -6.77 -6.18
CA VAL A 41 -4.96 -6.40 -7.44
C VAL A 41 -3.63 -7.09 -7.66
N TRP A 42 -2.92 -7.21 -6.55
CA TRP A 42 -1.76 -8.06 -6.29
C TRP A 42 -2.14 -9.51 -6.07
N SER A 43 -3.24 -9.94 -5.43
CA SER A 43 -3.66 -11.33 -5.25
C SER A 43 -3.93 -12.03 -6.58
N ASN A 44 -4.31 -11.23 -7.58
CA ASN A 44 -4.57 -11.56 -8.96
C ASN A 44 -3.30 -11.99 -9.66
N VAL A 45 -2.11 -11.58 -9.22
CA VAL A 45 -0.84 -11.87 -9.87
C VAL A 45 0.20 -12.41 -8.90
N THR A 46 -0.17 -12.94 -7.74
CA THR A 46 0.66 -13.70 -6.82
C THR A 46 -0.17 -14.90 -6.36
N PRO A 47 0.50 -16.01 -6.03
CA PRO A 47 -0.11 -17.13 -5.35
C PRO A 47 -0.27 -16.87 -3.85
N LEU A 48 0.06 -15.69 -3.34
CA LEU A 48 -0.14 -15.38 -1.94
C LEU A 48 -1.60 -15.15 -1.59
N LYS A 49 -1.91 -15.35 -0.32
CA LYS A 49 -3.19 -15.13 0.33
C LYS A 49 -3.05 -13.92 1.22
N PHE A 50 -4.11 -13.10 1.14
CA PHE A 50 -4.36 -11.94 1.96
C PHE A 50 -5.72 -12.15 2.61
N SER A 51 -5.87 -11.68 3.85
CA SER A 51 -7.10 -11.77 4.63
C SER A 51 -7.17 -10.54 5.52
N LYS A 52 -8.38 -10.20 5.98
CA LYS A 52 -8.70 -9.24 7.02
C LYS A 52 -9.09 -9.93 8.31
N ILE A 53 -8.38 -9.63 9.41
CA ILE A 53 -8.70 -10.24 10.69
C ILE A 53 -9.24 -9.23 11.69
N ASN A 54 -9.87 -9.70 12.77
CA ASN A 54 -10.29 -8.95 13.92
C ASN A 54 -9.84 -9.68 15.18
N THR A 55 -8.91 -10.63 15.11
CA THR A 55 -7.98 -11.01 16.16
C THR A 55 -6.67 -11.42 15.53
N GLY A 56 -5.54 -11.18 16.22
CA GLY A 56 -4.18 -11.38 15.78
C GLY A 56 -3.43 -10.07 15.50
N MET A 57 -2.14 -10.22 15.22
CA MET A 57 -1.32 -9.09 14.85
C MET A 57 -1.45 -8.91 13.34
N ALA A 58 -1.60 -7.66 12.94
CA ALA A 58 -1.47 -7.32 11.52
C ALA A 58 -0.01 -7.51 11.13
N ASP A 59 0.19 -8.15 9.98
CA ASP A 59 1.47 -8.13 9.30
C ASP A 59 1.77 -6.78 8.65
N ILE A 60 0.87 -6.43 7.74
CA ILE A 60 0.74 -5.15 7.07
C ILE A 60 -0.36 -4.42 7.84
N LEU A 61 0.07 -3.41 8.62
CA LEU A 61 -0.81 -2.63 9.47
C LEU A 61 -1.06 -1.26 8.83
N VAL A 62 -2.31 -0.83 8.76
CA VAL A 62 -2.83 0.36 8.10
C VAL A 62 -3.39 1.28 9.17
N VAL A 63 -2.71 2.41 9.35
CA VAL A 63 -2.77 3.29 10.51
C VAL A 63 -2.59 4.73 10.06
N PHE A 64 -3.29 5.63 10.78
CA PHE A 64 -3.41 7.01 10.36
C PHE A 64 -2.99 7.83 11.56
N ALA A 65 -2.00 8.68 11.35
CA ALA A 65 -1.39 9.59 12.31
C ALA A 65 -1.11 10.92 11.63
N ARG A 66 -0.73 11.94 12.40
CA ARG A 66 -0.33 13.24 11.89
C ARG A 66 0.86 13.76 12.67
N GLY A 67 1.89 14.32 12.02
CA GLY A 67 3.04 14.96 12.62
C GLY A 67 4.24 14.04 12.70
N ALA A 68 5.09 14.38 13.67
CA ALA A 68 6.16 13.57 14.23
C ALA A 68 5.51 12.70 15.32
N HIS A 69 5.18 11.48 14.89
CA HIS A 69 4.21 10.53 15.38
C HIS A 69 4.85 9.37 16.14
N GLY A 70 6.18 9.25 16.09
CA GLY A 70 6.91 8.05 16.42
C GLY A 70 7.38 7.44 15.11
N ASP A 71 8.58 6.88 14.97
CA ASP A 71 9.16 6.29 13.78
C ASP A 71 10.20 7.15 13.07
N PHE A 72 10.43 8.37 13.55
CA PHE A 72 11.41 9.34 13.12
C PHE A 72 10.91 10.18 11.97
N HIS A 73 10.45 9.54 10.89
CA HIS A 73 10.07 10.05 9.58
C HIS A 73 9.34 11.39 9.64
N ALA A 74 8.15 11.42 10.24
CA ALA A 74 7.24 12.54 10.27
C ALA A 74 6.36 12.81 9.05
N PHE A 75 5.09 13.14 9.28
CA PHE A 75 4.02 13.44 8.34
C PHE A 75 3.85 14.95 8.37
N ASP A 76 3.71 15.52 7.17
CA ASP A 76 4.23 16.83 6.82
C ASP A 76 3.18 17.94 6.88
N GLY A 77 1.89 17.60 6.94
CA GLY A 77 0.75 18.49 6.77
C GLY A 77 -0.01 18.15 5.50
N LYS A 78 -1.10 18.83 5.18
CA LYS A 78 -1.89 18.63 3.97
C LYS A 78 -1.05 19.14 2.82
N GLY A 79 -0.69 18.25 1.89
CA GLY A 79 0.48 18.45 1.06
C GLY A 79 1.56 17.40 1.22
N GLY A 80 2.70 17.48 0.51
CA GLY A 80 3.77 16.54 0.25
C GLY A 80 3.40 15.09 0.56
N ILE A 81 4.01 14.51 1.60
CA ILE A 81 4.02 13.11 2.00
C ILE A 81 2.60 12.57 2.13
N LEU A 82 2.17 11.52 1.41
CA LEU A 82 0.88 10.87 1.46
C LEU A 82 0.90 9.64 2.34
N ALA A 83 2.03 8.92 2.36
CA ALA A 83 2.09 7.59 2.94
C ALA A 83 3.55 7.36 3.24
N HIS A 84 3.88 6.56 4.24
CA HIS A 84 5.15 6.02 4.66
C HIS A 84 4.88 4.53 4.64
N ALA A 85 5.22 3.91 3.51
CA ALA A 85 5.25 2.46 3.45
C ALA A 85 6.65 2.07 3.88
N PHE A 86 6.68 0.95 4.62
CA PHE A 86 7.89 0.29 5.07
C PHE A 86 8.29 -0.75 4.03
N GLY A 87 9.15 -1.71 4.39
CA GLY A 87 9.67 -2.86 3.67
C GLY A 87 9.29 -4.19 4.33
N PRO A 88 9.59 -5.36 3.78
CA PRO A 88 8.98 -6.60 4.17
C PRO A 88 9.74 -7.13 5.37
N GLY A 89 9.09 -7.96 6.19
CA GLY A 89 9.59 -8.45 7.47
C GLY A 89 8.63 -8.33 8.64
N SER A 90 8.83 -9.21 9.62
CA SER A 90 8.01 -9.23 10.81
C SER A 90 8.22 -7.96 11.64
N GLY A 91 7.17 -7.42 12.25
CA GLY A 91 7.27 -6.45 13.33
C GLY A 91 6.77 -5.08 12.89
N ILE A 92 7.40 -3.99 13.37
CA ILE A 92 7.49 -2.73 12.65
C ILE A 92 8.40 -2.85 11.42
N GLY A 93 7.85 -2.68 10.23
CA GLY A 93 8.28 -3.26 8.97
C GLY A 93 7.01 -3.94 8.45
N GLY A 94 6.79 -4.02 7.13
CA GLY A 94 5.65 -4.61 6.44
C GLY A 94 4.48 -3.66 6.21
N ASP A 95 4.55 -2.47 6.78
CA ASP A 95 3.43 -1.64 7.19
C ASP A 95 3.17 -0.40 6.34
N ALA A 96 1.90 -0.07 6.09
CA ALA A 96 1.56 0.95 5.12
C ALA A 96 0.81 1.99 5.92
N HIS A 97 1.48 3.04 6.40
CA HIS A 97 0.94 4.08 7.25
C HIS A 97 0.64 5.33 6.41
N PHE A 98 -0.36 6.11 6.82
CA PHE A 98 -0.84 7.27 6.11
C PHE A 98 -0.84 8.55 6.92
N ASP A 99 -0.71 9.73 6.33
CA ASP A 99 -0.92 11.03 6.92
C ASP A 99 -2.41 11.34 7.06
N GLU A 100 -2.87 11.84 8.20
CA GLU A 100 -4.23 12.21 8.52
C GLU A 100 -4.48 13.65 8.13
N ASP A 101 -3.48 14.52 7.96
CA ASP A 101 -3.74 15.90 7.60
C ASP A 101 -4.08 16.03 6.13
N GLU A 102 -3.87 14.95 5.37
CA GLU A 102 -4.45 14.76 4.06
C GLU A 102 -5.97 14.63 4.11
N PHE A 103 -6.69 14.89 3.01
CA PHE A 103 -8.12 14.91 2.92
C PHE A 103 -8.44 13.77 1.95
N TRP A 104 -8.55 12.55 2.46
CA TRP A 104 -8.79 11.34 1.70
C TRP A 104 -10.22 11.29 1.23
N THR A 105 -10.40 11.46 -0.09
CA THR A 105 -11.64 11.62 -0.83
C THR A 105 -11.63 10.68 -2.03
N THR A 106 -12.69 10.58 -2.84
CA THR A 106 -12.83 9.71 -3.99
C THR A 106 -13.12 10.63 -5.17
N HIS A 107 -12.36 11.66 -5.54
CA HIS A 107 -12.68 12.57 -6.62
C HIS A 107 -11.47 12.46 -7.55
N SER A 108 -11.63 12.48 -8.87
CA SER A 108 -10.57 12.47 -9.86
C SER A 108 -9.46 13.48 -9.71
N GLY A 109 -9.66 14.60 -9.00
CA GLY A 109 -8.70 15.59 -8.57
C GLY A 109 -8.57 15.70 -7.05
N GLY A 110 -9.21 14.81 -6.28
CA GLY A 110 -8.90 14.62 -4.88
C GLY A 110 -8.02 13.40 -4.61
N THR A 111 -7.53 13.34 -3.36
CA THR A 111 -6.53 12.42 -2.86
C THR A 111 -7.17 11.10 -2.46
N ASN A 112 -6.69 10.02 -3.08
CA ASN A 112 -7.23 8.68 -3.14
C ASN A 112 -6.36 7.72 -2.33
N LEU A 113 -7.01 7.02 -1.40
CA LEU A 113 -6.44 6.07 -0.49
C LEU A 113 -6.10 4.81 -1.26
N PHE A 114 -7.01 4.22 -2.04
CA PHE A 114 -6.75 3.11 -2.91
C PHE A 114 -5.49 3.22 -3.76
N LEU A 115 -5.29 4.30 -4.49
CA LEU A 115 -4.19 4.46 -5.43
C LEU A 115 -2.84 4.70 -4.75
N THR A 116 -2.85 5.42 -3.63
CA THR A 116 -1.66 5.59 -2.82
C THR A 116 -1.36 4.25 -2.16
N ALA A 117 -2.36 3.49 -1.71
CA ALA A 117 -2.34 2.25 -0.96
C ALA A 117 -1.86 1.06 -1.77
N VAL A 118 -2.09 0.94 -3.07
CA VAL A 118 -1.71 -0.27 -3.77
C VAL A 118 -0.21 -0.38 -3.94
N HIS A 119 0.50 0.72 -4.23
CA HIS A 119 1.93 0.68 -4.42
C HIS A 119 2.67 0.63 -3.10
N ALA A 120 2.05 1.14 -2.03
CA ALA A 120 2.47 1.10 -0.64
C ALA A 120 2.49 -0.31 -0.07
N ILE A 121 1.40 -1.01 -0.41
CA ILE A 121 1.23 -2.42 -0.16
C ILE A 121 2.18 -3.27 -1.00
N GLY A 122 2.71 -2.73 -2.10
CA GLY A 122 3.71 -3.37 -2.94
C GLY A 122 5.13 -3.00 -2.56
N HIS A 123 5.38 -1.83 -1.98
CA HIS A 123 6.63 -1.42 -1.36
C HIS A 123 6.89 -2.37 -0.19
N SER A 124 5.85 -2.56 0.62
CA SER A 124 5.70 -3.46 1.75
C SER A 124 5.97 -4.90 1.32
N LEU A 125 5.48 -5.38 0.18
CA LEU A 125 5.79 -6.63 -0.49
C LEU A 125 7.22 -6.87 -0.98
N GLY A 126 8.03 -5.82 -1.10
CA GLY A 126 9.45 -5.85 -1.35
C GLY A 126 9.98 -5.31 -2.66
N LEU A 127 9.30 -4.27 -3.17
CA LEU A 127 9.45 -3.61 -4.45
C LEU A 127 9.92 -2.19 -4.17
N GLY A 128 10.40 -1.44 -5.16
CA GLY A 128 10.60 0.00 -5.15
C GLY A 128 9.75 0.52 -6.29
N HIS A 129 10.42 0.71 -7.44
CA HIS A 129 9.86 1.28 -8.65
C HIS A 129 10.11 0.48 -9.92
N SER A 130 9.12 0.57 -10.81
CA SER A 130 9.38 0.24 -12.21
C SER A 130 9.96 1.54 -12.74
N SER A 131 10.42 1.49 -13.99
CA SER A 131 10.99 2.52 -14.85
C SER A 131 10.54 2.31 -16.30
N ASP A 132 9.47 1.55 -16.52
CA ASP A 132 8.65 1.32 -17.69
C ASP A 132 7.50 2.30 -17.60
N PRO A 133 7.41 3.24 -18.55
CA PRO A 133 6.40 4.28 -18.47
C PRO A 133 4.92 3.97 -18.34
N LYS A 134 4.41 2.88 -18.92
CA LYS A 134 3.03 2.49 -18.72
C LYS A 134 2.67 1.83 -17.40
N ALA A 135 3.59 1.54 -16.47
CA ALA A 135 3.38 0.79 -15.26
C ALA A 135 2.78 1.57 -14.09
N VAL A 136 2.33 0.84 -13.07
CA VAL A 136 1.75 1.35 -11.84
C VAL A 136 2.83 1.79 -10.85
N MET A 137 3.92 1.02 -10.72
CA MET A 137 5.07 1.46 -9.96
C MET A 137 5.98 2.43 -10.70
N PHE A 138 5.58 2.94 -11.88
CA PHE A 138 6.24 4.12 -12.41
C PHE A 138 6.03 5.30 -11.48
N PRO A 139 7.08 6.06 -11.15
CA PRO A 139 7.07 7.17 -10.22
C PRO A 139 5.83 8.08 -10.17
N THR A 140 5.50 8.67 -11.32
CA THR A 140 4.48 9.68 -11.52
C THR A 140 3.09 9.09 -11.36
N TYR A 141 2.27 9.81 -10.60
CA TYR A 141 0.87 9.49 -10.33
C TYR A 141 0.00 9.72 -11.54
N LYS A 142 -1.12 8.99 -11.62
CA LYS A 142 -2.20 9.21 -12.56
C LYS A 142 -3.43 8.50 -12.03
N TYR A 143 -4.61 9.12 -12.19
CA TYR A 143 -5.81 8.49 -11.68
C TYR A 143 -6.44 7.53 -12.68
N VAL A 144 -6.88 6.35 -12.24
CA VAL A 144 -7.49 5.27 -12.98
C VAL A 144 -8.61 4.77 -12.07
N ASP A 145 -9.77 4.47 -12.64
CA ASP A 145 -10.92 3.86 -12.00
C ASP A 145 -10.75 2.62 -11.12
N ILE A 146 -11.10 2.68 -9.84
CA ILE A 146 -10.93 1.66 -8.82
C ILE A 146 -11.48 0.28 -9.18
N ASN A 147 -12.68 0.21 -9.77
CA ASN A 147 -13.50 -0.94 -10.10
C ASN A 147 -12.86 -1.66 -11.26
N THR A 148 -11.89 -1.11 -12.00
CA THR A 148 -11.25 -1.75 -13.13
C THR A 148 -9.74 -1.69 -13.07
N PHE A 149 -9.11 -1.41 -11.91
CA PHE A 149 -7.70 -1.15 -11.79
C PHE A 149 -6.95 -2.47 -11.95
N ARG A 150 -5.81 -2.40 -12.66
CA ARG A 150 -4.90 -3.50 -12.79
C ARG A 150 -3.44 -3.07 -12.69
N LEU A 151 -2.52 -4.02 -12.72
CA LEU A 151 -1.07 -3.85 -12.79
C LEU A 151 -0.59 -4.12 -14.21
N SER A 152 0.60 -3.60 -14.54
CA SER A 152 1.15 -3.69 -15.88
C SER A 152 2.26 -4.74 -15.86
N ALA A 153 2.76 -5.13 -17.04
CA ALA A 153 3.64 -6.26 -17.22
C ALA A 153 4.97 -6.08 -16.47
N ASP A 154 5.54 -4.89 -16.42
CA ASP A 154 6.77 -4.60 -15.72
C ASP A 154 6.59 -4.62 -14.21
N ASP A 155 5.46 -4.16 -13.66
CA ASP A 155 4.97 -4.37 -12.32
C ASP A 155 4.93 -5.85 -11.97
N ILE A 156 4.24 -6.62 -12.79
CA ILE A 156 4.08 -8.06 -12.68
C ILE A 156 5.45 -8.74 -12.68
N ARG A 157 6.38 -8.38 -13.57
CA ARG A 157 7.69 -8.97 -13.70
C ARG A 157 8.56 -8.77 -12.47
N GLY A 158 8.18 -7.80 -11.63
CA GLY A 158 8.88 -7.41 -10.42
C GLY A 158 8.47 -8.32 -9.28
N ILE A 159 7.16 -8.51 -9.09
CA ILE A 159 6.61 -9.35 -8.05
C ILE A 159 6.78 -10.79 -8.49
N GLN A 160 6.86 -11.13 -9.78
CA GLN A 160 6.91 -12.49 -10.26
C GLN A 160 8.34 -13.01 -10.12
N SER A 161 9.34 -12.11 -10.07
CA SER A 161 10.71 -12.45 -9.76
C SER A 161 10.95 -12.80 -8.29
N LEU A 162 9.92 -12.47 -7.48
CA LEU A 162 9.96 -12.42 -6.03
C LEU A 162 9.04 -13.48 -5.46
N TYR A 163 7.87 -13.73 -6.06
CA TYR A 163 6.92 -14.74 -5.62
C TYR A 163 6.44 -15.55 -6.82
N GLY A 164 7.15 -15.66 -7.95
CA GLY A 164 6.97 -16.75 -8.89
C GLY A 164 8.30 -17.37 -9.28
ZN ZN B . 3.91 5.08 -6.70
ZN ZN C . 6.24 7.02 10.08
CA CA D . 1.04 15.06 3.77
CA CA E . 4.13 -4.87 10.55
CA CA F . -7.82 13.98 7.31
O1 PX4 G . 3.22 22.68 18.92
O2 PX4 G . 3.44 23.97 21.13
P1 PX4 G . 4.06 23.36 19.93
O3 PX4 G . 4.77 24.55 19.12
C1 PX4 G . 3.75 25.55 18.94
C2 PX4 G . 4.02 26.51 17.78
N1 PX4 G . 3.91 26.08 16.37
C3 PX4 G . 2.76 25.20 16.12
C4 PX4 G . 3.79 27.17 15.40
C5 PX4 G . 5.15 25.33 16.17
O4 PX4 G . 5.32 22.41 20.26
C6 PX4 G . 5.61 22.46 21.65
C7 PX4 G . 7.07 21.97 21.81
C8 PX4 G . 7.79 23.11 22.54
O5 PX4 G . 7.07 24.30 22.81
C9 PX4 G . 7.89 25.33 23.19
O6 PX4 G . 9.10 25.21 23.31
C10 PX4 G . 7.16 26.58 23.70
C11 PX4 G . 7.91 27.54 24.62
C12 PX4 G . 7.11 28.80 24.96
C13 PX4 G . 7.99 29.79 25.72
C14 PX4 G . 7.29 31.13 25.95
C15 PX4 G . 6.15 31.16 26.96
C16 PX4 G . 5.84 32.62 27.27
C17 PX4 G . 4.93 32.86 28.48
C18 PX4 G . 5.58 32.33 29.74
C19 PX4 G . 4.47 32.19 30.81
C20 PX4 G . 5.13 31.94 32.17
C21 PX4 G . 4.15 32.46 33.22
C22 PX4 G . 3.24 31.33 33.73
O7 PX4 G . 7.16 20.73 22.52
C23 PX4 G . 8.42 20.22 22.60
O8 PX4 G . 9.26 20.64 21.80
C24 PX4 G . 8.47 18.91 23.42
C25 PX4 G . 7.96 19.05 24.85
C26 PX4 G . 7.87 17.62 25.42
C27 PX4 G . 7.30 17.79 26.82
C28 PX4 G . 5.97 18.53 26.83
C29 PX4 G . 5.42 18.36 28.25
C30 PX4 G . 4.07 19.07 28.41
C31 PX4 G . 3.45 18.80 29.80
C32 PX4 G . 2.11 19.54 29.82
C33 PX4 G . 1.24 19.10 28.63
C34 PX4 G . 0.29 20.20 28.16
C35 PX4 G . -0.21 19.81 26.77
C36 PX4 G . -1.33 20.70 26.27
O1 PX4 H . 10.52 11.96 16.62
O2 PX4 H . 8.44 10.94 15.37
P1 PX4 H . 9.38 11.02 16.52
O3 PX4 H . 8.61 11.07 17.94
C1 PX4 H . 7.56 12.04 18.06
C2 PX4 H . 7.01 12.34 19.45
N1 PX4 H . 6.05 11.34 19.92
C3 PX4 H . 5.84 11.58 21.36
C4 PX4 H . 4.72 11.43 19.30
C5 PX4 H . 6.58 9.97 19.78
O4 PX4 H . 9.91 9.51 16.64
C6 PX4 H . 10.52 9.30 17.91
C7 PX4 H . 10.86 7.81 18.06
C8 PX4 H . 12.25 7.70 18.67
O5 PX4 H . 12.80 8.84 19.37
C9 PX4 H . 13.92 8.58 20.08
O6 PX4 H . 14.47 7.48 19.98
C10 PX4 H . 14.57 9.76 20.80
C11 PX4 H . 15.57 9.37 21.91
C12 PX4 H . 14.88 8.78 23.13
C13 PX4 H . 15.94 8.68 24.22
C14 PX4 H . 15.45 7.72 25.32
C15 PX4 H . 16.40 7.51 26.48
C16 PX4 H . 16.98 8.78 27.09
C17 PX4 H . 17.98 8.50 28.22
C18 PX4 H . 18.60 9.73 28.89
C19 PX4 H . 19.41 9.33 30.12
C20 PX4 H . 20.17 10.50 30.75
C21 PX4 H . 21.27 11.01 29.82
C22 PX4 H . 21.85 12.11 30.71
O7 PX4 H . 9.84 7.01 18.67
C23 PX4 H . 9.77 5.82 18.03
O8 PX4 H . 10.38 5.70 16.96
C24 PX4 H . 9.05 4.66 18.72
C25 PX4 H . 10.03 3.70 19.39
C26 PX4 H . 9.20 2.75 20.25
C27 PX4 H . 10.03 1.83 21.13
C28 PX4 H . 9.16 1.11 22.18
C29 PX4 H . 10.15 0.39 23.10
C30 PX4 H . 11.22 -0.49 22.45
C31 PX4 H . 12.39 -0.91 23.33
C32 PX4 H . 11.84 -1.78 24.45
C33 PX4 H . 13.04 -2.07 25.35
C34 PX4 H . 12.57 -3.04 26.44
C35 PX4 H . 13.54 -3.48 27.53
C36 PX4 H . 12.84 -4.45 28.50
O1 PX4 I . 21.76 -1.55 18.63
O2 PX4 I . 20.68 -0.04 16.84
P1 PX4 I . 21.81 -0.37 17.73
O3 PX4 I . 22.99 -0.66 16.68
C1 PX4 I . 22.61 -1.78 15.87
C2 PX4 I . 23.63 -1.98 14.74
N1 PX4 I . 25.00 -2.39 15.07
C3 PX4 I . 25.85 -1.44 15.80
C4 PX4 I . 25.17 -3.71 15.71
C5 PX4 I . 25.63 -2.56 13.76
O4 PX4 I . 22.42 1.00 18.33
C6 PX4 I . 23.70 0.67 18.87
C7 PX4 I . 24.73 1.78 18.66
C8 PX4 I . 24.61 2.77 19.83
O5 PX4 I . 24.04 2.35 21.06
C9 PX4 I . 23.78 3.32 21.98
O6 PX4 I . 23.99 4.46 21.56
C10 PX4 I . 23.25 2.86 23.33
C11 PX4 I . 24.25 3.17 24.45
C12 PX4 I . 23.78 2.82 25.88
C13 PX4 I . 24.79 3.22 26.93
C14 PX4 I . 26.04 2.34 26.81
C15 PX4 I . 27.19 2.74 27.72
C16 PX4 I . 26.47 3.05 29.03
C17 PX4 I . 27.32 3.69 30.13
C18 PX4 I . 26.59 3.65 31.47
C19 PX4 I . 26.98 2.36 32.21
C20 PX4 I . 28.45 2.23 32.59
C21 PX4 I . 28.65 1.17 33.68
C22 PX4 I . 30.13 1.21 34.05
O7 PX4 I . 26.07 1.27 18.57
C23 PX4 I . 27.07 2.10 18.18
O8 PX4 I . 26.74 3.25 17.91
C24 PX4 I . 28.52 1.62 18.24
C25 PX4 I . 28.65 0.10 18.33
C26 PX4 I . 30.06 -0.34 18.69
C27 PX4 I . 30.41 0.32 20.03
C28 PX4 I . 31.54 -0.47 20.70
C29 PX4 I . 31.94 0.29 21.97
C30 PX4 I . 30.82 0.23 23.01
C31 PX4 I . 31.31 0.31 24.47
C32 PX4 I . 30.20 -0.07 25.45
C33 PX4 I . 30.58 0.30 26.89
C34 PX4 I . 29.40 0.13 27.85
C35 PX4 I . 29.96 -0.17 29.24
C36 PX4 I . 29.00 -0.96 30.13
O1 PX4 J . 31.93 10.02 8.79
O2 PX4 J . 33.46 12.02 8.01
P1 PX4 J . 32.86 11.14 9.04
O3 PX4 J . 34.12 10.31 9.59
C1 PX4 J . 34.52 9.23 8.73
C2 PX4 J . 35.58 8.25 9.27
N1 PX4 J . 35.22 7.48 10.47
C3 PX4 J . 33.92 6.79 10.36
C4 PX4 J . 36.23 6.43 10.58
C5 PX4 J . 35.20 8.37 11.65
O4 PX4 J . 32.53 11.81 10.46
C6 PX4 J . 32.38 10.80 11.47
C7 PX4 J . 32.92 11.23 12.84
C8 PX4 J . 34.27 11.85 12.59
O5 PX4 J . 35.24 11.39 13.54
C9 PX4 J . 36.39 12.11 13.48
O6 PX4 J . 36.52 13.11 12.76
C10 PX4 J . 37.40 11.72 14.56
C11 PX4 J . 38.22 10.52 14.11
C12 PX4 J . 38.54 9.60 15.30
C13 PX4 J . 39.53 10.13 16.34
C14 PX4 J . 39.82 8.90 17.19
C15 PX4 J . 38.65 8.30 17.97
C16 PX4 J . 38.84 6.83 18.40
C17 PX4 J . 37.52 6.21 18.85
C18 PX4 J . 37.31 6.78 20.25
C19 PX4 J . 35.91 6.61 20.85
C20 PX4 J . 35.92 7.26 22.23
C21 PX4 J . 37.00 6.59 23.08
C22 PX4 J . 36.85 7.16 24.49
O7 PX4 J . 32.00 11.95 13.66
C23 PX4 J . 31.23 11.26 14.53
O8 PX4 J . 31.26 10.02 14.50
C24 PX4 J . 30.56 12.13 15.60
C25 PX4 J . 31.30 13.46 15.74
C26 PX4 J . 30.52 14.46 16.61
C27 PX4 J . 30.09 13.89 17.96
C28 PX4 J . 29.93 15.10 18.89
C29 PX4 J . 29.77 14.57 20.32
C30 PX4 J . 29.48 15.72 21.29
C31 PX4 J . 28.86 15.18 22.57
C32 PX4 J . 28.84 16.36 23.54
C33 PX4 J . 28.42 15.91 24.94
C34 PX4 J . 28.56 17.05 25.96
C35 PX4 J . 27.90 16.82 27.32
C36 PX4 J . 28.50 17.64 28.47
O1 PX4 K . 26.51 -13.42 18.22
O2 PX4 K . 24.45 -14.77 18.85
P1 PX4 K . 25.17 -13.48 18.84
O3 PX4 K . 24.27 -12.45 17.99
C1 PX4 K . 24.34 -12.84 16.61
C2 PX4 K . 23.38 -12.00 15.77
N1 PX4 K . 23.59 -10.55 15.65
C3 PX4 K . 22.70 -10.14 14.55
C4 PX4 K . 23.20 -9.81 16.85
C5 PX4 K . 24.98 -10.21 15.31
O4 PX4 K . 25.35 -12.82 20.30
C6 PX4 K . 24.62 -11.59 20.21
C7 PX4 K . 24.86 -10.74 21.46
C8 PX4 K . 25.76 -11.54 22.40
O5 PX4 K . 25.74 -11.18 23.79
C9 PX4 K . 26.62 -11.90 24.52
O6 PX4 K . 27.45 -12.59 23.92
C10 PX4 K . 26.80 -11.72 26.03
C11 PX4 K . 26.37 -10.40 26.68
C12 PX4 K . 26.60 -10.47 28.19
C13 PX4 K . 26.37 -9.12 28.87
C14 PX4 K . 26.76 -9.24 30.34
C15 PX4 K . 26.17 -8.00 31.03
C16 PX4 K . 26.04 -8.19 32.55
C17 PX4 K . 25.65 -6.79 33.03
C18 PX4 K . 26.66 -5.78 32.47
C19 PX4 K . 26.29 -4.40 32.99
C20 PX4 K . 27.42 -3.46 32.58
C21 PX4 K . 27.15 -2.00 33.01
C22 PX4 K . 25.96 -1.46 32.21
O7 PX4 K . 25.51 -9.51 21.15
C23 PX4 K . 24.60 -8.58 20.76
O8 PX4 K . 23.50 -8.98 20.34
C24 PX4 K . 25.22 -7.24 20.37
C25 PX4 K . 24.18 -6.45 19.55
C26 PX4 K . 24.88 -5.11 19.33
C27 PX4 K . 25.21 -4.35 20.62
C28 PX4 K . 25.86 -2.99 20.38
C29 PX4 K . 26.09 -2.34 21.74
C30 PX4 K . 26.43 -0.89 21.37
C31 PX4 K . 26.64 -0.11 22.68
C32 PX4 K . 27.40 1.13 22.21
C33 PX4 K . 27.42 2.32 23.18
C34 PX4 K . 28.19 3.49 22.55
C35 PX4 K . 27.98 4.67 23.52
C36 PX4 K . 28.49 4.31 24.92
O1 PX4 L . 29.51 0.80 11.88
O2 PX4 L . 27.74 -0.15 13.53
P1 PX4 L . 29.15 0.15 13.16
O3 PX4 L . 29.62 1.16 14.32
C1 PX4 L . 28.75 2.25 14.06
C2 PX4 L . 29.23 3.30 15.06
N1 PX4 L . 29.76 4.53 14.47
C3 PX4 L . 30.96 4.33 13.66
C4 PX4 L . 28.83 5.33 13.66
C5 PX4 L . 30.23 5.30 15.64
O4 PX4 L . 29.88 -1.26 13.49
C6 PX4 L . 29.79 -1.56 14.89
C7 PX4 L . 29.97 -3.03 15.22
C8 PX4 L . 31.45 -3.35 15.03
O5 PX4 L . 32.39 -2.66 15.86
C9 PX4 L . 33.38 -3.39 16.45
O6 PX4 L . 33.71 -4.51 16.06
C10 PX4 L . 34.26 -2.81 17.54
C11 PX4 L . 34.00 -3.50 18.87
C12 PX4 L . 35.08 -3.17 19.89
C13 PX4 L . 34.69 -3.66 21.30
C14 PX4 L . 35.65 -3.20 22.40
C15 PX4 L . 37.02 -3.84 22.15
C16 PX4 L . 38.19 -3.25 22.95
C17 PX4 L . 38.94 -2.10 22.27
C18 PX4 L . 39.38 -2.64 20.91
C19 PX4 L . 40.26 -1.65 20.15
C20 PX4 L . 40.65 -2.19 18.77
C21 PX4 L . 41.24 -3.60 18.95
C22 PX4 L . 41.83 -4.30 17.73
O7 PX4 L . 29.37 -3.48 16.44
C23 PX4 L . 28.91 -4.75 16.60
O8 PX4 L . 28.40 -5.13 15.54
C24 PX4 L . 28.56 -5.15 18.03
C25 PX4 L . 29.81 -5.47 18.82
C26 PX4 L . 30.79 -6.44 18.18
C27 PX4 L . 31.99 -6.70 19.09
C28 PX4 L . 31.61 -7.39 20.40
C29 PX4 L . 32.90 -7.32 21.23
C30 PX4 L . 32.79 -8.37 22.33
C31 PX4 L . 33.93 -8.41 23.36
C32 PX4 L . 33.61 -9.33 24.52
C33 PX4 L . 34.77 -9.63 25.47
C34 PX4 L . 35.73 -10.71 24.95
C35 PX4 L . 37.02 -10.79 25.79
C36 PX4 L . 37.51 -12.23 25.86
O1 PX4 M . -12.58 23.90 21.08
O2 PX4 M . -14.72 23.47 19.64
P1 PX4 M . -13.67 24.36 20.18
O3 PX4 M . -12.88 25.04 18.97
C1 PX4 M . -12.44 23.87 18.25
C2 PX4 M . -12.05 24.26 16.82
N1 PX4 M . -13.13 24.43 15.85
C3 PX4 M . -14.09 25.48 16.23
C4 PX4 M . -12.62 24.81 14.53
C5 PX4 M . -13.83 23.21 15.44
O4 PX4 M . -14.41 25.72 20.62
C6 PX4 M . -15.26 26.19 19.57
C7 PX4 M . -16.44 27.04 20.03
C8 PX4 M . -16.74 26.78 21.50
O5 PX4 M . -16.18 27.54 22.58
C9 PX4 M . -16.75 27.40 23.82
O6 PX4 M . -17.55 26.48 24.02
C10 PX4 M . -16.14 28.17 24.99
C11 PX4 M . -15.50 27.25 26.03
C12 PX4 M . -15.00 28.12 27.18
C13 PX4 M . -14.77 27.17 28.37
C14 PX4 M . -13.87 26.00 28.02
C15 PX4 M . -14.05 24.87 29.05
C16 PX4 M . -13.39 23.55 28.65
C17 PX4 M . -13.49 22.40 29.65
C18 PX4 M . -12.48 21.35 29.21
C19 PX4 M . -12.79 20.00 29.86
C20 PX4 M . -12.96 19.91 31.38
C21 PX4 M . -12.80 18.45 31.83
C22 PX4 M . -11.34 18.06 31.54
O7 PX4 M . -16.18 28.45 19.99
C23 PX4 M . -17.22 29.34 19.88
O8 PX4 M . -18.35 28.86 19.88
C24 PX4 M . -16.76 30.79 19.77
C25 PX4 M . -17.71 31.88 19.27
C26 PX4 M . -17.72 33.08 20.19
C27 PX4 M . -18.21 34.37 19.56
C28 PX4 M . -17.91 35.70 20.27
C29 PX4 M . -18.70 35.75 21.57
C30 PX4 M . -18.29 36.97 22.41
C31 PX4 M . -19.10 36.96 23.71
C32 PX4 M . -18.64 37.99 24.73
C33 PX4 M . -19.57 38.03 25.94
C34 PX4 M . -19.14 38.87 27.16
C35 PX4 M . -20.06 38.78 28.37
C36 PX4 M . -19.97 40.09 29.17
O1 PX4 N . -0.99 30.28 15.94
O2 PX4 N . -3.51 29.78 15.68
P1 PX4 N . -2.37 30.33 16.45
O3 PX4 N . -2.64 31.89 16.72
C1 PX4 N . -2.93 32.48 15.44
C2 PX4 N . -3.65 33.83 15.43
N1 PX4 N . -4.84 34.12 16.25
C3 PX4 N . -5.71 32.99 16.59
C4 PX4 N . -4.38 34.77 17.49
C5 PX4 N . -5.70 35.05 15.50
O4 PX4 N . -2.40 29.97 18.03
C6 PX4 N . -1.41 30.86 18.52
C7 PX4 N . -1.62 31.24 20.00
C8 PX4 N . -2.66 30.25 20.54
O5 PX4 N . -3.59 30.89 21.43
C9 PX4 N . -4.58 30.17 22.01
O6 PX4 N . -4.60 28.94 22.00
C10 PX4 N . -5.47 30.97 22.96
C11 PX4 N . -5.30 30.53 24.42
C12 PX4 N . -6.40 29.48 24.68
C13 PX4 N . -6.31 29.10 26.16
C14 PX4 N . -6.36 30.31 27.09
C15 PX4 N . -6.18 29.82 28.54
C16 PX4 N . -5.04 28.82 28.65
C17 PX4 N . -4.97 28.32 30.10
C18 PX4 N . -3.83 27.32 30.26
C19 PX4 N . -3.83 26.63 31.63
C20 PX4 N . -5.18 25.93 31.82
C21 PX4 N . -5.39 25.58 33.29
C22 PX4 N . -5.41 26.76 34.26
O7 PX4 N . -0.44 31.30 20.80
C23 PX4 N . 0.40 32.34 20.63
O8 PX4 N . 0.28 33.07 19.64
C24 PX4 N . 1.58 32.32 21.60
C25 PX4 N . 1.48 33.35 22.73
C26 PX4 N . 2.81 33.62 23.43
C27 PX4 N . 2.51 34.74 24.44
C28 PX4 N . 3.76 35.09 25.24
C29 PX4 N . 3.60 36.46 25.92
C30 PX4 N . 4.89 36.71 26.70
C31 PX4 N . 4.91 37.94 27.59
C32 PX4 N . 6.32 37.88 28.19
C33 PX4 N . 6.54 38.96 29.25
C34 PX4 N . 8.00 39.14 29.66
C35 PX4 N . 8.78 40.12 28.78
C36 PX4 N . 10.18 40.17 29.41
O1 PX4 O . 14.73 -2.09 15.24
O2 PX4 O . 12.86 -3.67 14.90
P1 PX4 O . 13.26 -2.29 15.18
O3 PX4 O . 12.69 -1.41 13.96
C1 PX4 O . 12.78 -2.09 12.70
C2 PX4 O . 12.11 -1.25 11.61
N1 PX4 O . 12.93 -0.28 10.86
C3 PX4 O . 14.11 -0.86 10.19
C4 PX4 O . 12.09 0.17 9.74
C5 PX4 O . 13.23 0.88 11.68
O4 PX4 O . 12.46 -1.59 16.38
C6 PX4 O . 12.83 -0.21 16.26
C7 PX4 O . 12.12 0.81 17.15
C8 PX4 O . 10.76 0.35 17.70
O5 PX4 O . 9.54 0.60 17.00
C9 PX4 O . 8.49 -0.03 17.58
O6 PX4 O . 8.75 -0.71 18.57
C10 PX4 O . 7.10 0.37 17.06
C11 PX4 O . 7.18 1.89 16.85
C12 PX4 O . 5.86 2.43 16.27
C13 PX4 O . 5.93 3.94 16.09
C14 PX4 O . 4.50 4.50 16.07
C15 PX4 O . 3.74 3.90 14.88
C16 PX4 O . 2.35 4.54 14.88
C17 PX4 O . 1.40 3.97 15.94
C18 PX4 O . 0.11 4.77 16.00
C19 PX4 O . -0.91 4.02 16.87
C20 PX4 O . -0.35 3.77 18.27
C21 PX4 O . -1.19 2.84 19.15
C22 PX4 O . -0.48 2.38 20.42
O7 PX4 O . 12.88 1.47 18.15
C23 PX4 O . 13.50 2.65 17.86
O8 PX4 O . 13.95 2.86 16.74
C24 PX4 O . 13.77 3.65 18.99
C25 PX4 O . 14.50 2.98 20.15
C26 PX4 O . 14.89 3.87 21.34
C27 PX4 O . 15.65 3.06 22.40
C28 PX4 O . 15.83 3.91 23.66
C29 PX4 O . 16.83 3.16 24.54
C30 PX4 O . 17.00 3.71 25.96
C31 PX4 O . 18.00 2.76 26.63
C32 PX4 O . 17.44 1.35 26.84
C33 PX4 O . 18.42 0.27 27.26
C34 PX4 O . 17.66 -1.04 27.46
C35 PX4 O . 18.64 -2.12 27.97
C36 PX4 O . 17.77 -3.34 28.27
O1 PX4 P . 20.56 11.49 17.18
O2 PX4 P . 22.05 11.97 15.19
P1 PX4 P . 21.91 11.46 16.57
O3 PX4 P . 22.31 9.92 16.77
C1 PX4 P . 22.90 9.63 18.04
C2 PX4 P . 23.27 8.15 18.19
N1 PX4 P . 23.39 7.42 19.46
C3 PX4 P . 24.00 8.13 20.61
C4 PX4 P . 22.05 7.15 19.97
C5 PX4 P . 24.17 6.21 19.17
O4 PX4 P . 22.87 12.23 17.62
C6 PX4 P . 22.54 13.63 17.53
C7 PX4 P . 22.12 14.11 18.93
C8 PX4 P . 22.47 13.15 20.07
O5 PX4 P . 21.36 12.79 20.88
C9 PX4 P . 21.41 11.53 21.39
O6 PX4 P . 22.35 10.79 21.11
C10 PX4 P . 20.21 11.11 22.23
C11 PX4 P . 20.67 10.63 23.61
C12 PX4 P . 19.55 9.99 24.42
C13 PX4 P . 18.56 11.15 24.63
C14 PX4 P . 19.25 12.20 25.51
C15 PX4 P . 18.34 13.42 25.38
C16 PX4 P . 18.89 14.60 26.18
C17 PX4 P . 18.08 15.82 25.74
C18 PX4 P . 18.66 16.40 24.44
C19 PX4 P . 20.03 17.09 24.57
C20 PX4 P . 20.40 17.87 23.31
C21 PX4 P . 21.80 18.46 23.55
C22 PX4 P . 22.28 19.34 22.40
O7 PX4 P . 22.48 15.46 19.18
C23 PX4 P . 21.72 16.52 18.77
O8 PX4 P . 20.53 16.52 18.45
C24 PX4 P . 22.50 17.83 18.54
C25 PX4 P . 21.81 18.77 17.55
C26 PX4 P . 22.36 20.17 17.81
C27 PX4 P . 21.82 21.23 16.86
C28 PX4 P . 22.55 22.56 17.06
C29 PX4 P . 22.27 23.27 18.38
C30 PX4 P . 23.41 24.23 18.68
C31 PX4 P . 23.27 24.76 20.10
C32 PX4 P . 24.32 25.81 20.48
C33 PX4 P . 23.96 26.31 21.88
C34 PX4 P . 25.05 27.18 22.52
C35 PX4 P . 24.42 27.53 23.86
C36 PX4 P . 25.21 28.54 24.71
O1 PX4 Q . 27.54 11.15 14.03
O2 PX4 Q . 25.93 9.09 14.45
P1 PX4 Q . 26.40 10.47 14.67
O3 PX4 Q . 25.26 11.22 13.81
C1 PX4 Q . 25.65 10.98 12.45
C2 PX4 Q . 24.78 11.39 11.27
N1 PX4 Q . 23.38 10.93 11.14
C3 PX4 Q . 23.23 9.48 11.19
C4 PX4 Q . 22.50 11.76 11.97
C5 PX4 Q . 22.92 11.29 9.79
O4 PX4 Q . 26.00 11.15 16.09
C6 PX4 Q . 26.61 12.44 16.11
C7 PX4 Q . 26.11 13.23 17.33
C8 PX4 Q . 26.45 12.36 18.53
O5 PX4 Q . 27.51 11.40 18.46
C9 PX4 Q . 27.39 10.30 19.25
O6 PX4 Q . 26.33 9.90 19.71
C10 PX4 Q . 28.71 9.59 19.58
C11 PX4 Q . 29.74 10.43 20.34
C12 PX4 Q . 30.81 9.53 20.98
C13 PX4 Q . 31.57 10.36 22.02
C14 PX4 Q . 30.56 11.00 22.99
C15 PX4 Q . 31.35 11.69 24.10
C16 PX4 Q . 30.45 11.99 25.31
C17 PX4 Q . 31.14 12.92 26.32
C18 PX4 Q . 30.30 13.40 27.50
C19 PX4 Q . 31.23 13.95 28.60
C20 PX4 Q . 30.80 13.33 29.95
C21 PX4 Q . 31.64 13.86 31.10
C22 PX4 Q . 31.15 15.17 31.74
O7 PX4 Q . 26.67 14.54 17.44
C23 PX4 Q . 26.02 15.52 16.75
O8 PX4 Q . 25.05 15.36 16.01
C24 PX4 Q . 26.46 16.92 17.16
C25 PX4 Q . 26.18 17.14 18.64
C26 PX4 Q . 26.43 18.55 19.20
C27 PX4 Q . 26.14 18.47 20.69
C28 PX4 Q . 26.41 19.78 21.44
C29 PX4 Q . 25.54 20.88 20.80
C30 PX4 Q . 25.58 22.19 21.59
C31 PX4 Q . 25.13 22.19 23.05
C32 PX4 Q . 25.46 23.59 23.54
C33 PX4 Q . 24.93 23.74 24.96
C34 PX4 Q . 23.43 23.48 25.12
C35 PX4 Q . 22.88 23.55 26.54
C36 PX4 Q . 21.36 23.35 26.53
O1 PX4 R . 3.40 -32.68 19.42
O2 PX4 R . 1.90 -30.60 19.62
P1 PX4 R . 3.17 -31.30 19.90
O3 PX4 R . 4.06 -30.43 18.87
C1 PX4 R . 3.81 -29.03 18.98
C2 PX4 R . 4.24 -28.17 17.79
N1 PX4 R . 5.64 -28.06 17.35
C3 PX4 R . 6.62 -27.76 18.42
C4 PX4 R . 6.01 -29.19 16.47
C5 PX4 R . 5.73 -26.89 16.47
O4 PX4 R . 4.02 -30.90 21.21
C6 PX4 R . 5.37 -31.36 21.06
C7 PX4 R . 6.44 -30.52 21.78
C8 PX4 R . 5.60 -29.41 22.40
O5 PX4 R . 5.72 -28.16 21.71
C9 PX4 R . 4.95 -27.29 22.40
O6 PX4 R . 4.03 -27.70 23.10
C10 PX4 R . 5.30 -25.80 22.46
C11 PX4 R . 5.98 -25.53 23.80
C12 PX4 R . 6.36 -24.05 23.94
C13 PX4 R . 6.54 -23.69 25.41
C14 PX4 R . 6.78 -22.19 25.63
C15 PX4 R . 7.97 -21.61 24.85
C16 PX4 R . 9.27 -22.37 25.12
C17 PX4 R . 9.98 -21.70 26.31
C18 PX4 R . 11.05 -22.58 26.96
C19 PX4 R . 11.55 -21.80 28.17
C20 PX4 R . 12.76 -22.35 28.93
C21 PX4 R . 13.49 -21.46 29.95
C22 PX4 R . 14.75 -22.06 30.59
O7 PX4 R . 7.23 -31.29 22.70
C23 PX4 R . 8.31 -31.98 22.27
O8 PX4 R . 8.61 -32.13 21.08
C24 PX4 R . 9.07 -32.64 23.41
C25 PX4 R . 9.76 -31.65 24.35
C26 PX4 R . 10.71 -32.42 25.28
C27 PX4 R . 11.34 -31.45 26.27
C28 PX4 R . 12.17 -30.28 25.72
C29 PX4 R . 12.85 -29.42 26.79
C30 PX4 R . 13.51 -28.16 26.22
C31 PX4 R . 14.09 -27.37 27.40
C32 PX4 R . 14.88 -26.16 26.89
C33 PX4 R . 15.74 -25.45 27.92
C34 PX4 R . 16.16 -24.13 27.27
C35 PX4 R . 15.07 -23.53 26.37
C36 PX4 R . 15.55 -22.22 25.70
O1 PX4 S . -9.22 40.06 15.56
O2 PX4 S . -11.34 41.18 16.49
P1 PX4 S . -9.89 41.18 16.26
O3 PX4 S . -9.53 42.56 15.52
C1 PX4 S . -10.72 43.33 15.34
C2 PX4 S . -10.53 44.77 14.82
N1 PX4 S . -9.76 45.76 15.60
C3 PX4 S . -8.33 45.57 15.86
C4 PX4 S . -9.87 47.06 14.93
C5 PX4 S . -10.33 45.87 16.95
O4 PX4 S . -9.07 41.45 17.61
C6 PX4 S . -7.76 41.97 17.33
C7 PX4 S . -7.06 42.86 18.34
C8 PX4 S . -7.89 43.06 19.61
O5 PX4 S . -8.68 44.25 19.38
C9 PX4 S . -9.60 44.46 20.35
O6 PX4 S . -9.97 43.46 20.96
C10 PX4 S . -10.22 45.85 20.59
C11 PX4 S . -9.53 46.61 21.72
C12 PX4 S . -10.08 48.03 21.82
C13 PX4 S . -9.52 48.88 22.95
C14 PX4 S . -10.44 50.11 23.11
C15 PX4 S . -9.65 50.87 24.15
C16 PX4 S . -10.27 52.25 24.33
C17 PX4 S . -9.36 53.17 25.14
C18 PX4 S . -9.88 54.61 25.08
C19 PX4 S . -9.09 55.55 25.99
C20 PX4 S . -9.52 55.44 27.46
C21 PX4 S . -8.78 56.54 28.20
C22 PX4 S . -7.26 56.33 28.13
O7 PX4 S . -5.74 42.34 18.56
C23 PX4 S . -4.70 42.82 17.83
O8 PX4 S . -4.93 43.61 16.90
C24 PX4 S . -3.25 42.44 18.14
C25 PX4 S . -2.99 42.96 19.56
C26 PX4 S . -1.65 42.44 20.02
C27 PX4 S . -1.43 42.99 21.44
C28 PX4 S . -2.53 42.53 22.39
C29 PX4 S . -2.16 42.47 23.87
C30 PX4 S . -1.68 43.85 24.29
C31 PX4 S . -1.24 43.66 25.74
C32 PX4 S . -0.42 44.89 26.16
C33 PX4 S . -0.12 44.99 27.66
C34 PX4 S . 0.72 46.20 28.03
C35 PX4 S . 1.07 46.27 29.52
C36 PX4 S . -0.28 46.29 30.24
O1 PX4 T . 31.37 14.90 6.53
O2 PX4 T . 29.82 13.18 7.60
P1 PX4 T . 30.56 14.45 7.70
O3 PX4 T . 29.55 15.63 8.14
C1 PX4 T . 28.60 15.76 7.09
C2 PX4 T . 27.47 16.79 7.25
N1 PX4 T . 26.34 16.57 8.15
C3 PX4 T . 26.79 16.36 9.53
C4 PX4 T . 25.49 17.76 8.09
C5 PX4 T . 25.51 15.40 7.83
O4 PX4 T . 31.32 14.64 9.11
C6 PX4 T . 30.50 14.43 10.27
C7 PX4 T . 31.10 15.07 11.53
C8 PX4 T . 32.58 15.20 11.19
O5 PX4 T . 33.39 15.20 12.37
C9 PX4 T . 33.95 16.41 12.70
O6 PX4 T . 33.91 17.40 11.98
C10 PX4 T . 34.57 16.48 14.10
C11 PX4 T . 34.24 15.37 15.10
C12 PX4 T . 34.93 15.66 16.44
C13 PX4 T . 36.28 14.96 16.29
C14 PX4 T . 37.13 15.05 17.56
C15 PX4 T . 38.01 13.80 17.50
C16 PX4 T . 38.65 13.34 18.82
C17 PX4 T . 39.66 14.43 19.19
C18 PX4 T . 40.18 14.21 20.61
C19 PX4 T . 41.12 15.32 21.10
C20 PX4 T . 42.42 15.21 20.29
C21 PX4 T . 43.32 16.40 20.62
C22 PX4 T . 44.77 16.20 20.16
O7 PX4 T . 30.58 16.34 11.92
C23 PX4 T . 29.63 16.46 12.89
O8 PX4 T . 28.95 15.49 13.19
C24 PX4 T . 29.65 17.74 13.74
C25 PX4 T . 30.76 17.81 14.79
C26 PX4 T . 30.50 18.76 15.96
C27 PX4 T . 31.65 18.70 16.97
C28 PX4 T . 31.23 19.12 18.37
C29 PX4 T . 32.55 19.09 19.13
C30 PX4 T . 33.68 19.81 18.38
C31 PX4 T . 34.95 20.04 19.21
C32 PX4 T . 36.01 20.87 18.49
C33 PX4 T . 36.89 21.46 19.60
C34 PX4 T . 37.76 20.48 20.40
C35 PX4 T . 38.60 19.58 19.51
C36 PX4 T . 39.23 18.40 20.27
O1 PX4 U . 37.05 1.26 11.64
O2 PX4 U . 35.74 2.82 10.04
P1 PX4 U . 36.77 2.59 11.07
O3 PX4 U . 38.19 3.01 10.41
C1 PX4 U . 38.75 1.95 9.65
C2 PX4 U . 40.20 2.17 9.24
N1 PX4 U . 41.19 2.22 10.33
C3 PX4 U . 41.05 3.49 11.06
C4 PX4 U . 41.19 1.12 11.31
C5 PX4 U . 42.48 2.42 9.67
O4 PX4 U . 36.64 3.63 12.30
C6 PX4 U . 37.87 3.99 12.91
C7 PX4 U . 37.77 4.47 14.37
C8 PX4 U . 36.29 4.78 14.62
O5 PX4 U . 35.84 6.13 14.54
C9 PX4 U . 34.52 6.39 14.79
O6 PX4 U . 33.62 5.54 14.81
C10 PX4 U . 34.11 7.82 15.12
C11 PX4 U . 34.25 8.11 16.62
C12 PX4 U . 33.95 9.59 16.81
C13 PX4 U . 33.96 10.08 18.26
C14 PX4 U . 33.70 11.59 18.32
C15 PX4 U . 33.76 12.06 19.77
C16 PX4 U . 33.97 13.57 19.65
C17 PX4 U . 34.03 14.31 20.99
C18 PX4 U . 34.20 15.83 20.90
C19 PX4 U . 33.35 16.41 22.04
C20 PX4 U . 33.71 17.86 22.33
C21 PX4 U . 33.05 18.43 23.59
C22 PX4 U . 33.77 17.76 24.77
O7 PX4 U . 38.43 3.60 15.29
C23 PX4 U . 39.80 3.56 15.30
O8 PX4 U . 40.54 4.19 14.53
C24 PX4 U . 40.62 2.62 16.18
C25 PX4 U . 40.65 3.08 17.64
C26 PX4 U . 41.59 2.20 18.47
C27 PX4 U . 41.85 2.78 19.86
C28 PX4 U . 40.56 2.76 20.69
C29 PX4 U . 41.03 2.80 22.14
C30 PX4 U . 40.21 3.77 22.99
C31 PX4 U . 40.86 3.80 24.38
C32 PX4 U . 40.12 4.94 25.07
C33 PX4 U . 40.63 5.07 26.51
C34 PX4 U . 40.23 3.88 27.39
C35 PX4 U . 40.85 4.04 28.77
C36 PX4 U . 42.34 4.25 28.58
O1 PX4 V . 0.79 19.82 19.38
O2 PX4 V . 3.34 19.36 18.87
P1 PX4 V . 2.13 19.30 19.72
O3 PX4 V . 1.71 17.79 19.37
C1 PX4 V . 1.55 17.66 17.95
C2 PX4 V . 0.58 16.55 17.57
N1 PX4 V . 0.92 15.14 17.83
C3 PX4 V . -0.29 14.42 17.38
C4 PX4 V . 2.05 14.70 17.01
C5 PX4 V . 1.06 14.77 19.24
O4 PX4 V . 2.49 19.08 21.28
C6 PX4 V . 3.71 18.33 21.38
C7 PX4 V . 4.43 18.22 22.73
C8 PX4 V . 3.61 19.23 23.53
O5 PX4 V . 4.10 20.54 23.79
C9 PX4 V . 3.53 21.39 24.68
O6 PX4 V . 2.56 20.99 25.32
C10 PX4 V . 4.07 22.81 24.90
C11 PX4 V . 5.01 22.93 26.10
C12 PX4 V . 6.45 22.58 25.73
C13 PX4 V . 7.36 22.80 26.95
C14 PX4 V . 7.58 24.26 27.37
C15 PX4 V . 8.69 24.33 28.44
C16 PX4 V . 8.72 25.82 28.79
C17 PX4 V . 7.32 26.34 29.09
C18 PX4 V . 7.48 27.82 29.49
C19 PX4 V . 6.09 28.47 29.50
C20 PX4 V . 5.16 27.68 30.40
C21 PX4 V . 3.90 28.51 30.69
C22 PX4 V . 2.74 27.79 31.37
O7 PX4 V . 4.46 16.96 23.39
C23 PX4 V . 4.87 15.89 22.66
O8 PX4 V . 5.53 15.99 21.63
C24 PX4 V . 4.96 14.56 23.43
C25 PX4 V . 5.02 14.78 24.94
C26 PX4 V . 5.30 13.44 25.62
C27 PX4 V . 6.65 12.84 25.23
C28 PX4 V . 6.83 11.59 26.11
C29 PX4 V . 8.22 11.00 25.86
C30 PX4 V . 8.74 10.11 26.99
C31 PX4 V . 10.11 9.52 26.65
C32 PX4 V . 10.93 9.20 27.91
C33 PX4 V . 12.15 8.33 27.62
C34 PX4 V . 12.70 7.96 28.98
C35 PX4 V . 12.81 9.24 29.82
C36 PX4 V . 13.10 8.91 31.28
O1 PX4 W . 13.72 21.54 17.29
O2 PX4 W . 14.74 19.99 18.95
P1 PX4 W . 13.67 20.98 18.66
O3 PX4 W . 12.32 20.30 19.19
C1 PX4 W . 11.99 19.15 18.38
C2 PX4 W . 10.84 18.31 18.94
N1 PX4 W . 11.13 17.51 20.13
C3 PX4 W . 12.29 16.61 19.96
C4 PX4 W . 11.39 18.40 21.28
C5 PX4 W . 9.98 16.61 20.27
O4 PX4 W . 13.88 22.09 19.81
C6 PX4 W . 14.15 21.35 21.00
C7 PX4 W . 14.29 22.18 22.29
C8 PX4 W . 14.57 23.60 21.79
O5 PX4 W . 15.96 23.91 21.67
C9 PX4 W . 16.32 25.18 21.32
O6 PX4 W . 15.48 25.89 20.77
C10 PX4 W . 17.80 25.50 21.14
C11 PX4 W . 18.36 25.83 22.54
C12 PX4 W . 19.89 25.78 22.48
C13 PX4 W . 20.50 25.85 23.89
C14 PX4 W . 19.92 27.06 24.62
C15 PX4 W . 20.44 27.20 26.06
C16 PX4 W . 19.37 28.01 26.80
C17 PX4 W . 18.06 27.23 26.69
C18 PX4 W . 16.78 28.04 26.93
C19 PX4 W . 16.67 28.68 28.32
C20 PX4 W . 15.58 29.75 28.28
C21 PX4 W . 15.39 30.39 29.66
C22 PX4 W . 14.23 31.39 29.79
O7 PX4 W . 13.18 22.21 23.18
C23 PX4 W . 12.84 21.04 23.76
O8 PX4 W . 13.35 19.97 23.43
C24 PX4 W . 11.65 21.04 24.72
C25 PX4 W . 12.09 20.48 26.07
C26 PX4 W . 10.86 20.46 26.99
C27 PX4 W . 11.21 20.47 28.48
C28 PX4 W . 9.91 20.23 29.26
C29 PX4 W . 10.18 19.98 30.75
C30 PX4 W . 8.83 19.81 31.47
C31 PX4 W . 8.02 18.57 31.09
C32 PX4 W . 8.58 17.22 31.55
C33 PX4 W . 7.54 16.13 31.33
C34 PX4 W . 6.26 16.46 32.12
C35 PX4 W . 5.05 15.56 31.89
C36 PX4 W . 3.76 16.18 32.42
O1 PX4 X . 18.99 20.39 14.50
O2 PX4 X . 17.62 18.76 15.93
P1 PX4 X . 17.72 20.02 15.17
O3 PX4 X . 16.57 20.06 14.04
C1 PX4 X . 16.47 18.74 13.47
C2 PX4 X . 15.60 18.87 12.22
N1 PX4 X . 14.19 19.23 12.35
C3 PX4 X . 13.34 18.60 11.31
C4 PX4 X . 13.52 19.07 13.66
C5 PX4 X . 14.14 20.64 11.95
O4 PX4 X . 17.24 21.16 16.20
C6 PX4 X . 17.84 20.88 17.46
C7 PX4 X . 17.72 22.06 18.43
C8 PX4 X . 16.87 23.09 17.69
O5 PX4 X . 17.59 24.34 17.79
C9 PX4 X . 17.02 25.33 17.05
O6 PX4 X . 16.13 25.14 16.20
C10 PX4 X . 17.74 26.67 17.19
C11 PX4 X . 19.07 26.48 16.47
C12 PX4 X . 19.98 27.68 16.73
C13 PX4 X . 21.37 27.44 16.16
C14 PX4 X . 22.29 28.61 16.48
C15 PX4 X . 22.54 28.59 17.99
C16 PX4 X . 23.03 29.91 18.63
C17 PX4 X . 23.46 29.52 20.03
C18 PX4 X . 22.20 29.10 20.79
C19 PX4 X . 21.47 30.38 21.20
C20 PX4 X . 20.43 29.97 22.24
C21 PX4 X . 19.79 31.23 22.82
C22 PX4 X . 20.43 31.68 24.13
O7 PX4 X . 17.35 21.77 19.77
C23 PX4 X . 18.29 21.13 20.52
O8 PX4 X . 19.28 20.56 20.06
C24 PX4 X . 17.95 20.87 21.99
C25 PX4 X . 18.57 21.95 22.88
C26 PX4 X . 18.46 21.54 24.35
C27 PX4 X . 16.95 21.34 24.53
C28 PX4 X . 16.86 21.16 26.04
C29 PX4 X . 17.13 22.54 26.68
C30 PX4 X . 15.86 23.12 27.33
C31 PX4 X . 16.16 24.12 28.45
C32 PX4 X . 14.89 24.63 29.13
C33 PX4 X . 15.08 25.66 30.25
C34 PX4 X . 13.81 26.41 30.67
C35 PX4 X . 14.13 27.33 31.86
C36 PX4 X . 12.79 27.94 32.24
O1 PX4 Y . 7.11 -33.95 18.50
O2 PX4 Y . 8.47 -36.06 18.44
P1 PX4 Y . 7.13 -35.43 18.47
O3 PX4 Y . 6.14 -35.99 17.34
C1 PX4 Y . 4.82 -35.67 17.79
C2 PX4 Y . 3.80 -36.28 16.81
N1 PX4 Y . 2.39 -35.87 16.92
C3 PX4 Y . 1.74 -36.61 18.02
C4 PX4 Y . 2.31 -34.42 17.09
C5 PX4 Y . 1.66 -36.27 15.70
O4 PX4 Y . 6.49 -36.08 19.80
C6 PX4 Y . 6.75 -35.30 20.97
C7 PX4 Y . 6.39 -36.20 22.13
C8 PX4 Y . 7.52 -37.23 22.15
O5 PX4 Y . 8.83 -36.66 22.17
C9 PX4 Y . 9.81 -37.60 22.13
O6 PX4 Y . 9.58 -38.73 21.71
C10 PX4 Y . 11.20 -36.99 22.02
C11 PX4 Y . 11.78 -36.51 23.35
C12 PX4 Y . 12.77 -35.36 23.20
C13 PX4 Y . 13.34 -34.90 24.55
C14 PX4 Y . 13.81 -36.05 25.46
C15 PX4 Y . 14.18 -35.65 26.88
C16 PX4 Y . 13.04 -34.96 27.63
C17 PX4 Y . 13.53 -33.85 28.56
C18 PX4 Y . 14.41 -34.44 29.65
C19 PX4 Y . 14.84 -33.32 30.61
C20 PX4 Y . 15.83 -33.80 31.67
C21 PX4 Y . 16.09 -32.65 32.63
C22 PX4 Y . 14.82 -32.29 33.41
O7 PX4 Y . 6.13 -35.57 23.40
C23 PX4 Y . 4.81 -35.44 23.70
O8 PX4 Y . 3.90 -35.63 22.90
C24 PX4 Y . 4.48 -34.76 25.03
C25 PX4 Y . 5.43 -33.56 25.16
C26 PX4 Y . 4.82 -32.49 26.06
C27 PX4 Y . 5.85 -31.36 26.08
C28 PX4 Y . 5.45 -30.31 27.12
C29 PX4 Y . 6.46 -29.17 26.89
C30 PX4 Y . 6.38 -27.98 27.85
C31 PX4 Y . 6.41 -28.51 29.29
C32 PX4 Y . 6.11 -27.32 30.23
C33 PX4 Y . 6.16 -27.90 31.63
C34 PX4 Y . 5.79 -26.85 32.67
C35 PX4 Y . 4.52 -26.02 32.45
C36 PX4 Y . 4.37 -24.81 33.39
O1 PX4 Z . 2.18 -20.62 17.50
O2 PX4 Z . 0.41 -22.47 17.92
P1 PX4 Z . 0.97 -21.12 18.19
O3 PX4 Z . -0.26 -20.16 17.83
C1 PX4 Z . -0.05 -19.26 16.75
C2 PX4 Z . -1.34 -18.51 16.41
N1 PX4 Z . -1.52 -17.82 15.12
C3 PX4 Z . -2.95 -17.47 15.20
C4 PX4 Z . -0.81 -16.54 15.00
C5 PX4 Z . -1.14 -18.57 13.93
O4 PX4 Z . 0.84 -20.74 19.73
C6 PX4 Z . 0.04 -21.69 20.45
C7 PX4 Z . 0.36 -21.69 21.96
C8 PX4 Z . -0.37 -20.50 22.58
O5 PX4 Z . 0.50 -19.61 23.29
C9 PX4 Z . -0.06 -18.62 24.02
O6 PX4 Z . -1.20 -18.25 23.76
C10 PX4 Z . 0.92 -17.81 24.89
C11 PX4 Z . 1.04 -18.63 26.17
C12 PX4 Z . 1.88 -17.93 27.24
C13 PX4 Z . 1.78 -18.74 28.53
C14 PX4 Z . 2.34 -17.93 29.71
C15 PX4 Z . 2.29 -18.65 31.06
C16 PX4 Z . 2.74 -17.72 32.19
C17 PX4 Z . 3.45 -18.50 33.30
C18 PX4 Z . 4.84 -18.91 32.83
C19 PX4 Z . 5.48 -19.56 34.06
C20 PX4 Z . 5.48 -18.78 35.38
C21 PX4 Z . 6.13 -19.57 36.50
C22 PX4 Z . 5.51 -20.96 36.71
O7 PX4 Z . 0.00 -22.92 22.58
C23 PX4 Z . 0.96 -23.88 22.55
O8 PX4 Z . 1.92 -23.75 21.80
C24 PX4 Z . 0.80 -25.02 23.54
C25 PX4 Z . 1.89 -25.19 24.57
C26 PX4 Z . 1.93 -23.95 25.49
C27 PX4 Z . 3.01 -24.07 26.56
C28 PX4 Z . 2.67 -23.16 27.74
C29 PX4 Z . 3.91 -23.26 28.65
C30 PX4 Z . 3.50 -22.44 29.88
C31 PX4 Z . 4.75 -22.13 30.70
C32 PX4 Z . 5.84 -21.24 30.08
C33 PX4 Z . 7.02 -21.12 31.05
C34 PX4 Z . 7.42 -22.54 31.46
C35 PX4 Z . 8.55 -22.44 32.47
C36 PX4 Z . 9.69 -21.87 31.63
O1 PX4 AA . 6.25 -19.27 19.23
O2 PX4 AA . 6.76 -16.78 19.36
P1 PX4 AA . 7.11 -18.16 19.73
O3 PX4 AA . 8.64 -18.39 19.26
C1 PX4 AA . 8.83 -19.43 18.30
C2 PX4 AA . 10.01 -20.34 18.67
N1 PX4 AA . 9.66 -21.42 19.60
C3 PX4 AA . 9.58 -20.87 20.97
C4 PX4 AA . 8.37 -22.10 19.50
C5 PX4 AA . 10.75 -22.40 19.43
O4 PX4 AA . 7.26 -18.28 21.32
C6 PX4 AA . 8.34 -17.40 21.65
C7 PX4 AA . 8.57 -17.31 23.16
C8 PX4 AA . 7.24 -17.53 23.87
O5 PX4 AA . 6.62 -16.29 24.23
C9 PX4 AA . 5.51 -16.31 25.02
O6 PX4 AA . 4.94 -17.39 25.07
C10 PX4 AA . 4.80 -15.04 25.47
C11 PX4 AA . 4.62 -15.04 27.00
C12 PX4 AA . 3.36 -14.20 27.16
C13 PX4 AA . 2.85 -14.22 28.60
C14 PX4 AA . 1.39 -13.87 28.88
C15 PX4 AA . 1.20 -13.24 30.27
C16 PX4 AA . 1.98 -11.92 30.20
C17 PX4 AA . 2.03 -11.26 31.58
C18 PX4 AA . 2.46 -9.78 31.59
C19 PX4 AA . 2.91 -9.29 32.97
C20 PX4 AA . 4.30 -9.79 33.36
C21 PX4 AA . 4.81 -8.99 34.55
C22 PX4 AA . 6.04 -9.69 35.14
O7 PX4 AA . 9.59 -18.18 23.65
C23 PX4 AA . 10.93 -18.03 23.46
O8 PX4 AA . 11.36 -17.26 22.62
C24 PX4 AA . 11.78 -19.16 24.03
C25 PX4 AA . 12.93 -18.81 24.99
C26 PX4 AA . 12.43 -17.90 26.12
C27 PX4 AA . 13.61 -17.64 27.06
C28 PX4 AA . 13.10 -16.86 28.26
C29 PX4 AA . 12.10 -17.77 28.97
C30 PX4 AA . 11.39 -17.39 30.29
C31 PX4 AA . 10.46 -18.57 30.62
C32 PX4 AA . 9.44 -18.16 31.68
C33 PX4 AA . 10.07 -18.24 33.08
C34 PX4 AA . 9.10 -18.17 34.27
C35 PX4 AA . 8.57 -16.74 34.16
C36 PX4 AA . 9.67 -15.68 34.16
O1 PX4 BA . -4.02 38.07 14.86
O2 PX4 BA . -5.01 40.38 15.18
P1 PX4 BA . -4.05 39.34 15.63
O3 PX4 BA . -2.58 39.91 15.27
C1 PX4 BA . -1.67 39.29 16.19
C2 PX4 BA . -0.24 39.68 15.83
N1 PX4 BA . 0.79 39.32 16.82
C3 PX4 BA . 1.14 37.92 17.07
C4 PX4 BA . 2.01 39.95 16.29
C5 PX4 BA . 0.75 40.06 18.09
O4 PX4 BA . -4.09 39.25 17.24
C6 PX4 BA . -5.39 39.06 17.81
C7 PX4 BA . -5.46 38.89 19.33
C8 PX4 BA . -4.04 38.84 19.88
O5 PX4 BA . -3.49 37.52 19.77
C9 PX4 BA . -2.14 37.55 19.94
O6 PX4 BA . -1.59 38.64 20.12
C10 PX4 BA . -1.49 36.17 20.12
C11 PX4 BA . -1.54 35.62 21.55
C12 PX4 BA . -2.96 35.16 21.92
C13 PX4 BA . -3.23 34.75 23.37
C14 PX4 BA . -2.14 33.82 23.91
C15 PX4 BA . -2.41 33.58 25.40
C16 PX4 BA . -2.33 34.88 26.20
C17 PX4 BA . -2.90 34.86 27.63
C18 PX4 BA . -2.62 36.20 28.31
C19 PX4 BA . -3.43 36.32 29.61
C20 PX4 BA . -3.11 37.72 30.15
C21 PX4 BA . -3.85 37.93 31.47
C22 PX4 BA . -3.35 39.20 32.16
O7 PX4 BA . -6.34 39.75 20.05
C23 PX4 BA . -7.54 39.18 20.32
O8 PX4 BA . -7.88 38.05 19.95
C24 PX4 BA . -8.50 40.02 21.17
C25 PX4 BA . -7.80 40.40 22.47
C26 PX4 BA . -8.69 41.20 23.43
C27 PX4 BA . -8.06 41.24 24.83
C28 PX4 BA . -8.68 42.42 25.60
C29 PX4 BA . -7.96 42.62 26.94
C30 PX4 BA . -6.45 42.56 26.60
C31 PX4 BA . -5.58 42.65 27.86
C32 PX4 BA . -4.08 42.58 27.55
C33 PX4 BA . -3.32 42.56 28.87
C34 PX4 BA . -3.59 43.77 29.77
C35 PX4 BA . -3.54 43.45 31.26
C36 PX4 BA . -3.90 44.65 32.14
O1 PX4 CA . -1.61 26.56 19.77
O2 PX4 CA . -0.63 26.52 17.38
P1 PX4 CA . -0.55 26.20 18.81
O3 PX4 CA . -0.25 24.62 18.86
C1 PX4 CA . -0.08 24.46 20.28
C2 PX4 CA . 0.16 23.02 20.77
N1 PX4 CA . -0.15 22.79 22.19
C3 PX4 CA . 0.22 21.37 22.36
C4 PX4 CA . 0.78 23.51 23.07
C5 PX4 CA . -1.49 23.11 22.70
O4 PX4 CA . 0.84 26.65 19.50
C6 PX4 CA . 0.80 28.04 19.74
C7 PX4 CA . 1.59 28.46 20.99
C8 PX4 CA . 1.02 27.59 22.12
O5 PX4 CA . -0.27 28.07 22.55
C9 PX4 CA . -0.86 27.45 23.62
O6 PX4 CA . -0.27 26.43 23.96
C10 PX4 CA . -2.10 28.12 24.22
C11 PX4 CA . -2.01 28.24 25.74
C12 PX4 CA . -0.79 29.03 26.19
C13 PX4 CA . -0.95 29.14 27.71
C14 PX4 CA . 0.15 29.95 28.37
C15 PX4 CA . -0.08 31.44 28.14
C16 PX4 CA . 0.98 32.28 28.88
C17 PX4 CA . 0.80 33.77 28.58
C18 PX4 CA . 1.86 34.75 29.11
C19 PX4 CA . 1.90 34.77 30.63
C20 PX4 CA . 2.76 35.92 31.17
C21 PX4 CA . 2.13 37.29 30.87
C22 PX4 CA . 3.02 38.40 31.44
O7 PX4 CA . 3.01 28.54 20.85
C23 PX4 CA . 3.57 29.50 20.05
O8 PX4 CA . 2.91 30.25 19.32
C24 PX4 CA . 5.11 29.63 20.07
C25 PX4 CA . 5.63 30.55 21.19
C26 PX4 CA . 7.13 30.43 21.39
C27 PX4 CA . 7.63 31.46 22.40
C28 PX4 CA . 7.23 32.81 21.82
C29 PX4 CA . 7.90 33.99 22.54
C30 PX4 CA . 7.38 35.18 21.74
C31 PX4 CA . 7.84 36.53 22.29
C32 PX4 CA . 7.27 37.71 21.51
C33 PX4 CA . 7.71 39.10 21.96
C34 PX4 CA . 7.39 39.41 23.43
C35 PX4 CA . 7.83 40.85 23.77
C36 PX4 CA . 7.45 41.18 25.21
O1 PX4 DA . 8.91 28.45 18.83
O2 PX4 DA . 6.50 28.21 17.75
P1 PX4 DA . 7.94 28.52 17.71
O3 PX4 DA . 8.49 27.59 16.52
C1 PX4 DA . 9.09 26.44 17.10
C2 PX4 DA . 10.61 26.29 17.10
N1 PX4 DA . 11.10 24.96 17.49
C3 PX4 DA . 10.23 23.91 16.94
C4 PX4 DA . 12.48 24.73 17.07
C5 PX4 DA . 11.03 24.93 18.97
O4 PX4 DA . 8.01 29.98 17.03
C6 PX4 DA . 8.41 31.00 17.94
C7 PX4 DA . 9.09 32.21 17.29
C8 PX4 DA . 7.91 33.12 16.96
O5 PX4 DA . 6.73 33.11 17.77
C9 PX4 DA . 5.96 34.24 17.74
O6 PX4 DA . 6.10 35.06 16.84
C10 PX4 DA . 4.81 34.28 18.76
C11 PX4 DA . 4.67 35.73 19.23
C12 PX4 DA . 3.58 35.78 20.31
C13 PX4 DA . 3.32 37.18 20.86
C14 PX4 DA . 1.99 37.36 21.57
C15 PX4 DA . 1.95 38.84 21.96
C16 PX4 DA . 0.71 39.08 22.81
C17 PX4 DA . 0.62 38.16 24.03
C18 PX4 DA . -0.61 38.48 24.87
C19 PX4 DA . -1.89 38.38 24.00
C20 PX4 DA . -3.14 38.57 24.85
C21 PX4 DA . -4.45 38.47 24.07
C22 PX4 DA . -5.53 37.64 24.76
O7 PX4 DA . 10.21 32.81 17.95
C23 PX4 DA . 11.34 32.08 17.96
O8 PX4 DA . 11.46 31.12 17.20
C24 PX4 DA . 12.56 32.59 18.76
C25 PX4 DA . 12.54 32.00 20.16
C26 PX4 DA . 11.40 32.66 20.92
C27 PX4 DA . 11.49 32.26 22.40
C28 PX4 DA . 12.90 32.51 22.92
C29 PX4 DA . 12.87 32.47 24.44
C30 PX4 DA . 12.60 30.97 24.59
C31 PX4 DA . 12.59 30.76 26.10
C32 PX4 DA . 11.95 29.43 26.51
C33 PX4 DA . 12.79 28.28 25.94
C34 PX4 DA . 12.16 26.96 26.42
C35 PX4 DA . 12.90 25.72 25.89
C36 PX4 DA . 12.24 24.36 26.12
O1 PX4 EA . -25.51 -6.73 21.16
O2 PX4 EA . -24.01 -4.68 20.64
P1 PX4 EA . -24.40 -5.80 21.52
O3 PX4 EA . -23.19 -6.85 21.23
C1 PX4 EA . -23.37 -7.74 22.34
C2 PX4 EA . -22.70 -9.07 21.97
N1 PX4 EA . -22.96 -10.32 22.70
C3 PX4 EA . -24.39 -10.63 22.53
C4 PX4 EA . -22.25 -11.44 22.10
C5 PX4 EA . -22.74 -10.23 24.17
O4 PX4 EA . -24.20 -5.37 23.06
C6 PX4 EA . -23.55 -4.11 23.11
C7 PX4 EA . -23.63 -3.35 24.44
C8 PX4 EA . -23.65 -4.44 25.49
O5 PX4 EA . -24.85 -4.53 26.25
C9 PX4 EA . -24.83 -5.29 27.38
O6 PX4 EA . -23.93 -6.09 27.63
C10 PX4 EA . -25.93 -5.01 28.41
C11 PX4 EA . -27.09 -6.00 28.27
C12 PX4 EA . -28.13 -5.76 29.35
C13 PX4 EA . -27.48 -5.98 30.71
C14 PX4 EA . -28.43 -5.89 31.90
C15 PX4 EA . -27.62 -6.15 33.17
C16 PX4 EA . -28.51 -6.30 34.42
C17 PX4 EA . -27.64 -6.75 35.59
C18 PX4 EA . -28.54 -6.85 36.82
C19 PX4 EA . -27.72 -7.13 38.09
C20 PX4 EA . -28.63 -7.46 39.28
C21 PX4 EA . -28.02 -8.06 40.53
C22 PX4 EA . -29.05 -8.60 41.50
O7 PX4 EA . -22.52 -2.50 24.72
C23 PX4 EA . -22.62 -1.25 24.20
O8 PX4 EA . -23.62 -0.84 23.60
C24 PX4 EA . -21.40 -0.35 24.40
C25 PX4 EA . -21.76 1.12 24.56
C26 PX4 EA . -20.86 1.83 25.60
C27 PX4 EA . -21.15 1.38 27.03
C28 PX4 EA . -19.97 1.87 27.85
C29 PX4 EA . -20.52 1.56 29.24
C30 PX4 EA . -19.54 1.81 30.39
C31 PX4 EA . -19.21 3.30 30.54
C32 PX4 EA . -18.49 3.39 31.88
C33 PX4 EA . -19.48 3.02 33.00
C34 PX4 EA . -18.83 3.07 34.38
C35 PX4 EA . -18.31 4.45 34.78
C36 PX4 EA . -19.47 5.42 35.01
O1 PX4 FA . -8.44 -10.39 22.55
O2 PX4 FA . -8.04 -10.40 19.96
P1 PX4 FA . -8.89 -10.65 21.16
O3 PX4 FA . -10.10 -9.60 20.99
C1 PX4 FA . -10.49 -9.59 19.63
C2 PX4 FA . -11.74 -8.72 19.44
N1 PX4 FA . -11.38 -7.31 19.32
C3 PX4 FA . -12.67 -6.62 19.18
C4 PX4 FA . -10.80 -6.63 20.50
C5 PX4 FA . -10.45 -7.00 18.21
O4 PX4 FA . -9.60 -12.08 21.15
C6 PX4 FA . -10.43 -12.15 22.33
C7 PX4 FA . -11.16 -13.45 22.59
C8 PX4 FA . -10.46 -14.41 21.62
O5 PX4 FA . -10.71 -15.73 22.10
C9 PX4 FA . -9.59 -16.29 22.62
O6 PX4 FA . -8.45 -16.10 22.22
C10 PX4 FA . -9.83 -17.49 23.56
C11 PX4 FA . -9.12 -17.12 24.86
C12 PX4 FA . -8.94 -18.30 25.81
C13 PX4 FA . -8.23 -18.03 27.13
C14 PX4 FA . -7.66 -19.17 27.96
C15 PX4 FA . -7.04 -18.96 29.35
C16 PX4 FA . -6.67 -20.34 29.89
C17 PX4 FA . -6.23 -20.32 31.35
C18 PX4 FA . -4.82 -19.73 31.60
C19 PX4 FA . -4.61 -19.38 33.06
C20 PX4 FA . -4.63 -20.55 34.03
C21 PX4 FA . -4.68 -20.15 35.52
C22 PX4 FA . -3.43 -20.75 36.17
O7 PX4 FA . -11.29 -13.61 24.00
C23 PX4 FA . -12.46 -14.16 24.41
O8 PX4 FA . -13.38 -14.30 23.60
C24 PX4 FA . -12.63 -14.41 25.92
C25 PX4 FA . -11.21 -14.82 26.33
C26 PX4 FA . -11.24 -15.13 27.83
C27 PX4 FA . -12.23 -16.27 28.05
C28 PX4 FA . -12.13 -16.40 29.57
C29 PX4 FA . -12.86 -17.59 30.19
C30 PX4 FA . -12.32 -17.71 31.62
C31 PX4 FA . -10.84 -18.07 31.65
C32 PX4 FA . -10.26 -17.98 33.06
C33 PX4 FA . -8.78 -18.35 33.11
C34 PX4 FA . -8.40 -18.53 34.57
C35 PX4 FA . -8.37 -17.20 35.32
C36 PX4 FA . -7.23 -16.25 34.93
O1 PX4 GA . -3.07 -7.96 25.24
O2 PX4 GA . -2.00 -9.74 23.80
P1 PX4 GA . -2.87 -9.39 24.94
O3 PX4 GA . -4.34 -9.89 24.52
C1 PX4 GA . -4.65 -9.18 23.32
C2 PX4 GA . -6.13 -8.78 23.35
N1 PX4 GA . -6.66 -7.68 24.17
C3 PX4 GA . -5.94 -6.43 23.91
C4 PX4 GA . -8.05 -7.45 23.69
C5 PX4 GA . -6.71 -7.98 25.60
O4 PX4 GA . -2.80 -10.22 26.32
C6 PX4 GA . -3.06 -9.35 27.42
C7 PX4 GA . -3.18 -10.12 28.75
C8 PX4 GA . -3.42 -11.61 28.48
O5 PX4 GA . -4.73 -12.06 28.83
C9 PX4 GA . -4.90 -13.34 28.37
O6 PX4 GA . -4.02 -13.97 27.80
C10 PX4 GA . -6.31 -13.88 28.59
C11 PX4 GA . -6.20 -15.26 29.22
C12 PX4 GA . -6.65 -15.40 30.67
C13 PX4 GA . -8.15 -15.15 30.59
C14 PX4 GA . -8.69 -14.86 31.99
C15 PX4 GA . -9.89 -13.94 31.80
C16 PX4 GA . -10.56 -13.48 33.11
C17 PX4 GA . -9.62 -12.51 33.83
C18 PX4 GA . -10.06 -12.07 35.23
C19 PX4 GA . -9.51 -13.08 36.24
C20 PX4 GA . -9.98 -12.64 37.62
C21 PX4 GA . -9.61 -13.76 38.60
C22 PX4 GA . -10.10 -13.55 40.03
O7 PX4 GA . -2.18 -9.83 29.73
C23 PX4 GA . -2.21 -8.62 30.35
O8 PX4 GA . -2.75 -7.64 29.82
C24 PX4 GA . -1.37 -8.36 31.60
C25 PX4 GA . -2.30 -7.66 32.60
C26 PX4 GA . -1.85 -7.73 34.05
C27 PX4 GA . -1.28 -6.36 34.46
C28 PX4 GA . -0.01 -6.10 33.68
C29 PX4 GA . 0.53 -4.66 33.68
C30 PX4 GA . 2.01 -4.55 33.30
C31 PX4 GA . 2.33 -5.36 32.05
C32 PX4 GA . 3.84 -5.62 31.97
C33 PX4 GA . 4.27 -6.56 30.83
C34 PX4 GA . 5.77 -6.88 30.77
C35 PX4 GA . 5.98 -7.44 29.36
C36 PX4 GA . 5.86 -6.41 28.23
O1 PX4 HA . 24.46 26.40 6.94
O2 PX4 HA . 22.28 25.24 7.64
P1 PX4 HA . 23.21 26.39 7.76
O3 PX4 HA . 22.38 27.71 7.34
C1 PX4 HA . 23.02 28.44 6.28
C2 PX4 HA . 22.25 29.72 5.91
N1 PX4 HA . 22.29 30.81 6.91
C3 PX4 HA . 23.62 31.25 7.33
C4 PX4 HA . 21.70 32.00 6.26
C5 PX4 HA . 21.41 30.54 8.05
O4 PX4 HA . 23.28 26.63 9.34
C6 PX4 HA . 23.32 25.36 10.00
C7 PX4 HA . 23.58 25.45 11.50
C8 PX4 HA . 22.52 26.37 12.08
O5 PX4 HA . 23.02 27.71 12.04
C9 PX4 HA . 21.90 28.48 12.07
O6 PX4 HA . 20.76 28.02 12.12
C10 PX4 HA . 22.18 29.96 12.36
C11 PX4 HA . 21.04 30.60 13.16
C12 PX4 HA . 21.51 32.00 13.56
C13 PX4 HA . 20.42 32.59 14.46
C14 PX4 HA . 20.21 31.67 15.66
C15 PX4 HA . 19.13 32.37 16.47
C16 PX4 HA . 18.80 31.60 17.75
C17 PX4 HA . 17.53 32.20 18.34
C18 PX4 HA . 17.19 31.65 19.72
C19 PX4 HA . 17.39 30.14 19.74
C20 PX4 HA . 16.91 29.44 21.03
C21 PX4 HA . 15.43 29.75 21.25
C22 PX4 HA . 14.96 29.43 22.66
O7 PX4 HA . 23.76 24.19 12.14
C23 PX4 HA . 25.01 23.69 12.22
O8 PX4 HA . 26.01 24.26 11.79
C24 PX4 HA . 25.13 22.30 12.87
C25 PX4 HA . 25.68 22.34 14.29
C26 PX4 HA . 26.02 20.91 14.69
C27 PX4 HA . 26.38 20.84 16.18
C28 PX4 HA . 27.59 21.70 16.55
C29 PX4 HA . 27.84 21.52 18.05
C30 PX4 HA . 29.07 22.35 18.46
C31 PX4 HA . 29.72 22.01 19.79
C32 PX4 HA . 31.10 22.65 19.89
C33 PX4 HA . 31.84 22.14 21.11
C34 PX4 HA . 31.33 22.54 22.49
C35 PX4 HA . 32.40 22.52 23.60
C36 PX4 HA . 31.81 22.72 25.01
O1 PX4 IA . 0.59 -14.42 19.66
O2 PX4 IA . 1.46 -13.68 17.25
P1 PX4 IA . 1.60 -13.90 18.71
O3 PX4 IA . 2.96 -14.73 18.94
C1 PX4 IA . 3.19 -14.75 20.35
C2 PX4 IA . 3.90 -15.95 20.98
N1 PX4 IA . 3.15 -17.21 20.98
C3 PX4 IA . 1.78 -17.09 21.52
C4 PX4 IA . 3.01 -17.86 19.65
C5 PX4 IA . 3.71 -18.32 21.75
O4 PX4 IA . 1.89 -12.53 19.49
C6 PX4 IA . 1.51 -11.35 18.78
C7 PX4 IA . 1.56 -10.03 19.56
C8 PX4 IA . 1.51 -10.59 20.98
O5 PX4 IA . 1.26 -9.70 22.07
C9 PX4 IA . 1.67 -10.11 23.30
O6 PX4 IA . 2.40 -11.10 23.45
C10 PX4 IA . 1.40 -9.17 24.47
C11 PX4 IA . 1.02 -10.09 25.64
C12 PX4 IA . 0.69 -9.29 26.89
C13 PX4 IA . 1.80 -8.24 27.07
C14 PX4 IA . 1.34 -7.25 28.14
C15 PX4 IA . 0.18 -6.51 27.48
C16 PX4 IA . -0.41 -5.31 28.21
C17 PX4 IA . -1.46 -4.62 27.34
C18 PX4 IA . -2.87 -4.91 27.87
C19 PX4 IA . -3.91 -4.29 26.95
C20 PX4 IA . -5.32 -4.70 27.39
C21 PX4 IA . -5.45 -4.43 28.89
C22 PX4 IA . -6.91 -4.73 29.23
O7 PX4 IA . 2.78 -9.34 19.30
C23 PX4 IA . 2.72 -8.02 19.62
O8 PX4 IA . 1.70 -7.39 19.37
C24 PX4 IA . 4.10 -7.40 19.82
C25 PX4 IA . 4.42 -7.30 21.32
C26 PX4 IA . 3.77 -6.18 22.11
C27 PX4 IA . 4.08 -6.00 23.60
C28 PX4 IA . 3.31 -4.85 24.23
C29 PX4 IA . 3.71 -4.61 25.70
C30 PX4 IA . 2.85 -3.51 26.32
C31 PX4 IA . 3.59 -3.11 27.60
C32 PX4 IA . 2.61 -2.35 28.50
C33 PX4 IA . 3.38 -1.61 29.61
C34 PX4 IA . 2.49 -0.66 30.41
C35 PX4 IA . 1.49 -1.36 31.33
C36 PX4 IA . 0.73 -0.26 32.08
O1 PX4 JA . -31.71 -6.90 24.00
O2 PX4 JA . -33.86 -7.62 25.28
P1 PX4 JA . -32.98 -6.59 24.68
O3 PX4 JA . -33.94 -5.82 23.65
C1 PX4 JA . -33.87 -6.33 22.31
C2 PX4 JA . -35.05 -5.88 21.43
N1 PX4 JA . -35.28 -4.44 21.22
C3 PX4 JA . -34.07 -3.73 20.75
C4 PX4 JA . -36.23 -4.24 20.11
C5 PX4 JA . -35.75 -3.61 22.34
O4 PX4 JA . -32.77 -5.47 25.83
C6 PX4 JA . -34.05 -5.13 26.36
C7 PX4 JA . -34.05 -3.93 27.28
C8 PX4 JA . -32.69 -3.24 27.09
O5 PX4 JA . -32.09 -2.44 28.11
C9 PX4 JA . -30.76 -2.22 28.00
O6 PX4 JA . -30.02 -2.82 27.20
C10 PX4 JA . -30.12 -1.43 29.15
C11 PX4 JA . -30.20 -2.13 30.50
C12 PX4 JA . -29.76 -1.28 31.69
C13 PX4 JA . -29.76 -2.10 32.98
C14 PX4 JA . -29.01 -1.48 34.15
C15 PX4 JA . -28.96 -2.61 35.17
C16 PX4 JA . -28.36 -2.32 36.56
C17 PX4 JA . -26.85 -2.11 36.41
C18 PX4 JA . -26.22 -2.09 37.80
C19 PX4 JA . -24.94 -2.91 37.97
C20 PX4 JA . -24.47 -2.82 39.42
C21 PX4 JA . -25.54 -3.11 40.46
C22 PX4 JA . -25.85 -4.60 40.63
O7 PX4 JA . -35.26 -3.16 27.13
C23 PX4 JA . -36.37 -3.54 27.82
O8 PX4 JA . -37.39 -3.32 27.17
C24 PX4 JA . -36.39 -4.57 28.95
C25 PX4 JA . -37.74 -4.66 29.67
C26 PX4 JA . -37.48 -5.64 30.81
C27 PX4 JA . -38.45 -5.38 31.96
C28 PX4 JA . -37.94 -6.21 33.14
C29 PX4 JA . -38.84 -6.19 34.37
C30 PX4 JA . -39.13 -4.73 34.70
C31 PX4 JA . -39.65 -4.63 36.15
C32 PX4 JA . -40.96 -5.40 36.28
C33 PX4 JA . -41.58 -5.25 37.68
C34 PX4 JA . -40.63 -5.93 38.68
C35 PX4 JA . -41.23 -5.64 40.06
C36 PX4 JA . -40.58 -6.56 41.07
O1 PX4 KA . 9.23 38.33 12.01
O2 PX4 KA . 10.08 37.01 14.09
P1 PX4 KA . 9.27 38.09 13.48
O3 PX4 KA . 7.74 37.63 13.58
C1 PX4 KA . 7.43 36.56 12.69
C2 PX4 KA . 6.06 36.56 12.00
N1 PX4 KA . 5.65 37.56 11.01
C3 PX4 KA . 6.15 37.20 9.70
C4 PX4 KA . 4.18 37.48 10.99
C5 PX4 KA . 6.00 38.97 11.27
O4 PX4 KA . 9.03 39.44 14.32
C6 PX4 KA . 9.14 39.11 15.70
C7 PX4 KA . 7.81 38.74 16.36
C8 PX4 KA . 8.16 37.57 17.28
O5 PX4 KA . 9.56 37.50 17.63
C9 PX4 KA . 9.79 36.28 18.17
O6 PX4 KA . 8.94 35.56 18.70
C10 PX4 KA . 11.27 35.93 18.25
C11 PX4 KA . 12.15 36.66 19.27
C12 PX4 KA . 11.47 36.73 20.64
C13 PX4 KA . 12.32 37.30 21.77
C14 PX4 KA . 11.49 37.44 23.04
C15 PX4 KA . 11.24 36.06 23.67
C16 PX4 KA . 10.60 36.21 25.04
C17 PX4 KA . 10.07 34.93 25.68
C18 PX4 KA . 10.46 34.78 27.15
C19 PX4 KA . 9.92 33.43 27.64
C20 PX4 KA . 10.09 33.14 29.13
C21 PX4 KA . 9.41 31.81 29.49
C22 PX4 KA . 9.64 31.37 30.94
O7 PX4 KA . 7.34 39.89 17.07
C23 PX4 KA . 5.99 39.91 17.28
O8 PX4 KA . 5.27 39.12 16.67
C24 PX4 KA . 5.39 41.26 17.71
C25 PX4 KA . 5.52 41.31 19.22
C26 PX4 KA . 4.27 42.05 19.74
C27 PX4 KA . 4.18 42.10 21.25
C28 PX4 KA . 2.91 42.83 21.71
C29 PX4 KA . 2.89 43.03 23.23
C30 PX4 KA . 3.25 41.79 24.05
C31 PX4 KA . 2.56 41.87 25.43
C32 PX4 KA . 3.52 41.08 26.32
C33 PX4 KA . 3.02 41.18 27.76
C34 PX4 KA . 1.60 40.62 27.81
C35 PX4 KA . 0.98 40.61 29.21
C36 PX4 KA . -0.46 40.13 29.37
O1 PX4 LA . -24.26 6.48 18.78
O2 PX4 LA . -24.54 3.89 18.96
P1 PX4 LA . -24.72 5.27 19.49
O3 PX4 LA . -26.29 5.53 19.71
C1 PX4 LA . -27.12 4.40 19.40
C2 PX4 LA . -28.26 4.10 20.38
N1 PX4 LA . -28.02 3.39 21.65
C3 PX4 LA . -29.24 2.76 22.17
C4 PX4 LA . -26.92 2.41 21.60
C5 PX4 LA . -27.61 4.42 22.61
O4 PX4 LA . -24.26 5.18 21.02
C6 PX4 LA . -22.84 5.27 20.90
C7 PX4 LA . -22.03 5.10 22.19
C8 PX4 LA . -23.01 4.32 23.06
O5 PX4 LA . -23.13 4.93 24.36
C9 PX4 LA . -24.19 4.44 25.06
O6 PX4 LA . -24.92 3.60 24.56
C10 PX4 LA . -24.43 5.13 26.41
C11 PX4 LA . -24.71 4.08 27.50
C12 PX4 LA . -24.92 4.87 28.79
C13 PX4 LA . -25.55 4.06 29.92
C14 PX4 LA . -24.65 2.91 30.35
C15 PX4 LA . -25.29 1.99 31.40
C16 PX4 LA . -24.50 0.69 31.44
C17 PX4 LA . -23.24 0.91 32.28
C18 PX4 LA . -23.58 1.19 33.74
C19 PX4 LA . -22.38 0.89 34.64
C20 PX4 LA . -22.67 0.89 36.13
C21 PX4 LA . -22.22 -0.45 36.73
C22 PX4 LA . -20.71 -0.39 37.00
O7 PX4 LA . -20.68 4.64 21.99
C23 PX4 LA . -19.67 5.53 21.74
O8 PX4 LA . -19.87 6.68 21.32
C24 PX4 LA . -18.34 4.80 21.59
C25 PX4 LA . -18.31 3.61 22.55
C26 PX4 LA . -17.68 4.07 23.86
C27 PX4 LA . -17.40 2.84 24.75
C28 PX4 LA . -16.61 3.39 25.94
C29 PX4 LA . -16.39 2.23 26.90
C30 PX4 LA . -15.50 2.80 28.01
C31 PX4 LA . -15.23 1.91 29.23
C32 PX4 LA . -14.99 2.86 30.40
C33 PX4 LA . -14.73 2.21 31.76
C34 PX4 LA . -14.55 3.41 32.69
C35 PX4 LA . -14.25 2.96 34.12
C36 PX4 LA . -13.98 4.04 35.16
O1 PX4 MA . -15.48 2.31 16.52
O2 PX4 MA . -15.56 -0.26 16.74
P1 PX4 MA . -16.15 1.08 17.00
O3 PX4 MA . -17.70 1.00 16.58
C1 PX4 MA . -18.21 -0.34 16.52
C2 PX4 MA . -19.72 -0.38 16.25
N1 PX4 MA . -20.24 0.23 15.03
C3 PX4 MA . -21.67 -0.14 15.11
C4 PX4 MA . -20.23 1.69 14.91
C5 PX4 MA . -19.57 -0.33 13.83
O4 PX4 MA . -16.37 1.18 18.59
C6 PX4 MA . -15.11 1.06 19.27
C7 PX4 MA . -14.94 1.59 20.69
C8 PX4 MA . -16.19 1.07 21.37
O5 PX4 MA . -16.44 -0.34 21.22
C9 PX4 MA . -17.67 -0.64 21.74
O6 PX4 MA . -18.44 0.27 21.98
C10 PX4 MA . -17.95 -2.12 22.00
C11 PX4 MA . -17.35 -2.64 23.33
C12 PX4 MA . -17.86 -1.84 24.52
C13 PX4 MA . -17.36 -2.56 25.77
C14 PX4 MA . -17.62 -1.74 27.03
C15 PX4 MA . -17.24 -2.51 28.30
C16 PX4 MA . -17.52 -1.62 29.52
C17 PX4 MA . -17.34 -2.51 30.75
C18 PX4 MA . -17.75 -1.58 31.90
C19 PX4 MA . -17.32 -2.06 33.28
C20 PX4 MA . -17.92 -1.03 34.24
C21 PX4 MA . -17.41 -1.16 35.68
C22 PX4 MA . -15.89 -0.98 35.75
O7 PX4 MA . -13.79 1.05 21.36
C23 PX4 MA . -12.65 1.78 21.37
O8 PX4 MA . -12.31 2.27 20.29
C24 PX4 MA . -11.62 1.48 22.46
C25 PX4 MA . -11.76 2.69 23.41
C26 PX4 MA . -10.96 2.58 24.71
C27 PX4 MA . -11.05 3.88 25.52
C28 PX4 MA . -12.55 4.11 25.77
C29 PX4 MA . -12.71 5.37 26.64
C30 PX4 MA . -11.90 5.24 27.92
C31 PX4 MA . -12.04 6.40 28.91
C32 PX4 MA . -11.11 6.13 30.10
C33 PX4 MA . -11.38 7.29 31.09
C34 PX4 MA . -12.81 7.14 31.60
C35 PX4 MA . -13.06 8.05 32.80
C36 PX4 MA . -14.47 8.05 33.37
O1 PX4 NA . -20.69 -17.21 23.83
O2 PX4 NA . -21.53 -15.84 21.73
P1 PX4 NA . -20.80 -15.97 23.02
O3 PX4 NA . -19.34 -16.25 22.40
C1 PX4 NA . -19.09 -15.22 21.43
C2 PX4 NA . -17.87 -15.41 20.54
N1 PX4 NA . -17.93 -16.42 19.49
C3 PX4 NA . -19.24 -16.67 18.87
C4 PX4 NA . -16.92 -16.04 18.51
C5 PX4 NA . -17.62 -17.80 19.95
O4 PX4 NA . -20.18 -14.70 23.78
C6 PX4 NA . -19.37 -15.18 24.85
C7 PX4 NA . -18.26 -14.20 25.24
C8 PX4 NA . -18.77 -12.77 24.97
O5 PX4 NA . -17.86 -11.76 24.57
C9 PX4 NA . -18.41 -10.53 24.72
O6 PX4 NA . -19.60 -10.38 24.44
C10 PX4 NA . -17.53 -9.29 24.91
C11 PX4 NA . -16.39 -9.75 25.81
C12 PX4 NA . -16.83 -10.01 27.26
C13 PX4 NA . -15.74 -10.73 28.05
C14 PX4 NA . -16.26 -11.18 29.41
C15 PX4 NA . -15.12 -11.86 30.14
C16 PX4 NA . -15.62 -12.36 31.50
C17 PX4 NA . -14.54 -13.03 32.37
C18 PX4 NA . -15.03 -13.46 33.75
C19 PX4 NA . -13.80 -14.09 34.41
C20 PX4 NA . -14.28 -14.78 35.70
C21 PX4 NA . -13.03 -15.33 36.40
C22 PX4 NA . -13.37 -16.45 37.40
O7 PX4 NA . -17.79 -14.49 26.56
C23 PX4 NA . -16.75 -15.35 26.65
O8 PX4 NA . -16.25 -15.72 25.59
C24 PX4 NA . -16.19 -15.82 27.99
C25 PX4 NA . -17.32 -16.15 28.98
C26 PX4 NA . -16.72 -16.10 30.39
C27 PX4 NA . -17.61 -16.66 31.49
C28 PX4 NA . -17.04 -16.42 32.89
C29 PX4 NA . -17.42 -17.62 33.78
C30 PX4 NA . -17.12 -17.27 35.24
C31 PX4 NA . -17.49 -18.43 36.16
C32 PX4 NA . -17.94 -17.90 37.53
C33 PX4 NA . -19.05 -16.85 37.34
C34 PX4 NA . -19.12 -16.06 38.64
C35 PX4 NA . -19.79 -16.96 39.68
C36 PX4 NA . -19.63 -16.38 41.10
O1 PX4 OA . -3.58 -19.87 20.64
O2 PX4 OA . -5.97 -19.22 19.97
P1 PX4 OA . -4.82 -19.12 20.92
O3 PX4 OA . -4.50 -17.57 21.13
C1 PX4 OA . -5.69 -16.84 21.45
C2 PX4 OA . -5.52 -15.31 21.51
N1 PX4 OA . -5.64 -14.54 20.26
C3 PX4 OA . -4.45 -14.82 19.47
C4 PX4 OA . -6.80 -14.90 19.43
C5 PX4 OA . -5.56 -13.09 20.49
O4 PX4 OA . -5.41 -19.32 22.40
C6 PX4 OA . -4.89 -20.58 22.85
C7 PX4 OA . -5.34 -20.84 24.29
C8 PX4 OA . -5.31 -19.48 24.99
O5 PX4 OA . -4.00 -19.10 25.43
C9 PX4 OA . -3.97 -17.98 26.21
O6 PX4 OA . -4.86 -17.15 26.31
C10 PX4 OA . -2.68 -17.77 27.01
C11 PX4 OA . -2.98 -17.29 28.44
C12 PX4 OA . -1.61 -17.10 29.10
C13 PX4 OA . -1.78 -16.69 30.56
C14 PX4 OA . -2.35 -15.27 30.64
C15 PX4 OA . -2.70 -14.91 32.09
C16 PX4 OA . -3.08 -13.44 32.31
C17 PX4 OA . -3.43 -13.09 33.76
C18 PX4 OA . -4.20 -11.78 33.90
C19 PX4 OA . -4.23 -11.21 35.33
C20 PX4 OA . -4.81 -9.81 35.30
C21 PX4 OA . -4.93 -9.33 36.75
C22 PX4 OA . -3.52 -9.55 37.32
O7 PX4 OA . -6.57 -21.58 24.35
C23 PX4 OA . -6.61 -22.91 24.10
O8 PX4 OA . -5.97 -23.35 23.15
C24 PX4 OA . -7.76 -23.73 24.69
C25 PX4 OA . -7.42 -24.27 26.09
C26 PX4 OA . -8.30 -25.36 26.70
C27 PX4 OA . -7.72 -25.62 28.09
C28 PX4 OA . -6.28 -26.09 27.76
C29 PX4 OA . -5.46 -26.39 29.00
C30 PX4 OA . -5.45 -25.18 29.95
C31 PX4 OA . -4.47 -25.38 31.11
C32 PX4 OA . -4.27 -24.12 31.95
C33 PX4 OA . -3.50 -24.41 33.25
C34 PX4 OA . -4.33 -25.24 34.22
C35 PX4 OA . -3.62 -25.87 35.42
C36 PX4 OA . -4.57 -26.91 36.01
O1 PX4 PA . -6.02 -32.76 22.56
O2 PX4 PA . -5.81 -30.66 21.02
P1 PX4 PA . -5.22 -31.75 21.84
O3 PX4 PA . -4.27 -32.43 20.73
C1 PX4 PA . -3.52 -33.52 21.29
C2 PX4 PA . -2.25 -33.79 20.51
N1 PX4 PA . -1.22 -32.73 20.52
C3 PX4 PA . -0.98 -32.12 21.83
C4 PX4 PA . 0.03 -33.44 20.18
C5 PX4 PA . -1.55 -31.76 19.47
O4 PX4 PA . -4.11 -31.24 22.89
C6 PX4 PA . -4.60 -30.10 23.61
C7 PX4 PA . -3.82 -29.81 24.89
C8 PX4 PA . -2.48 -30.51 24.68
O5 PX4 PA . -1.65 -30.14 25.78
C9 PX4 PA . -0.40 -30.67 25.79
O6 PX4 PA . -0.01 -31.55 25.02
C10 PX4 PA . 0.54 -30.25 26.93
C11 PX4 PA . 0.42 -28.75 27.18
C12 PX4 PA . 0.96 -28.34 28.57
C13 PX4 PA . 1.38 -26.87 28.60
C14 PX4 PA . 1.68 -26.28 29.97
C15 PX4 PA . 0.45 -26.15 30.86
C16 PX4 PA . 0.97 -26.13 32.30
C17 PX4 PA . -0.20 -26.37 33.27
C18 PX4 PA . 0.34 -26.24 34.70
C19 PX4 PA . 1.55 -27.16 34.95
C20 PX4 PA . 2.27 -26.87 36.27
C21 PX4 PA . 3.57 -27.67 36.37
C22 PX4 PA . 4.30 -27.30 37.68
O7 PX4 PA . -4.05 -28.44 25.23
C23 PX4 PA . -3.37 -27.40 24.66
O8 PX4 PA . -2.80 -27.48 23.58
C24 PX4 PA . -3.96 -26.08 25.16
C25 PX4 PA . -2.91 -25.11 25.71
C26 PX4 PA . -3.51 -23.81 26.25
C27 PX4 PA . -2.52 -23.00 27.10
C28 PX4 PA . -3.23 -21.75 27.66
C29 PX4 PA . -2.20 -21.07 28.55
C30 PX4 PA . -1.86 -21.97 29.76
C31 PX4 PA . -0.90 -21.30 30.76
C32 PX4 PA . -0.40 -22.25 31.84
C33 PX4 PA . 0.48 -21.56 32.88
C34 PX4 PA . 0.91 -22.37 34.10
C35 PX4 PA . 1.91 -21.55 34.93
C36 PX4 PA . 2.14 -22.28 36.25
O1 PX4 QA . 10.35 -26.85 16.15
O2 PX4 QA . 12.32 -28.44 16.09
P1 PX4 QA . 10.88 -28.21 16.36
O3 PX4 QA . 10.06 -29.28 15.48
C1 PX4 QA . 10.09 -30.51 16.22
C2 PX4 QA . 11.21 -31.38 15.67
N1 PX4 QA . 11.28 -31.95 14.32
C3 PX4 QA . 11.36 -31.05 13.16
C4 PX4 QA . 12.42 -32.89 14.25
C5 PX4 QA . 10.11 -32.83 14.18
O4 PX4 QA . 10.69 -28.60 17.91
C6 PX4 QA . 11.90 -28.37 18.62
C7 PX4 QA . 11.83 -28.73 20.11
C8 PX4 QA . 10.48 -28.43 20.74
O5 PX4 QA . 10.65 -28.35 22.15
C9 PX4 QA . 9.69 -27.68 22.85
O6 PX4 QA . 9.08 -26.78 22.30
C10 PX4 QA . 9.84 -27.70 24.37
C11 PX4 QA . 9.94 -26.29 24.95
C12 PX4 QA . 10.56 -26.34 26.36
C13 PX4 QA . 9.75 -27.25 27.28
C14 PX4 QA . 10.25 -27.26 28.73
C15 PX4 QA . 10.13 -25.87 29.34
C16 PX4 QA . 11.13 -25.96 30.51
C17 PX4 QA . 11.04 -27.09 31.53
C18 PX4 QA . 11.92 -26.81 32.76
C19 PX4 QA . 11.33 -25.54 33.38
C20 PX4 QA . 12.28 -24.91 34.41
C21 PX4 QA . 13.64 -24.68 33.77
C22 PX4 QA . 14.59 -24.63 34.96
O7 PX4 QA . 12.28 -30.06 20.38
C23 PX4 QA . 13.58 -30.18 20.78
O8 PX4 QA . 14.45 -29.47 20.25
C24 PX4 QA . 13.87 -31.55 21.39
C25 PX4 QA . 14.21 -31.60 22.88
C26 PX4 QA . 15.66 -31.17 23.13
C27 PX4 QA . 15.95 -30.90 24.60
C28 PX4 QA . 17.36 -30.32 24.64
C29 PX4 QA . 17.78 -30.56 26.10
C30 PX4 QA . 16.84 -29.89 27.09
C31 PX4 QA . 17.24 -30.03 28.55
C32 PX4 QA . 16.55 -29.09 29.54
C33 PX4 QA . 17.27 -29.41 30.86
C34 PX4 QA . 16.98 -28.46 32.02
C35 PX4 QA . 18.12 -27.50 32.34
C36 PX4 QA . 17.72 -26.51 33.43
O1 PX4 RA . -33.10 -2.16 23.76
O2 PX4 RA . -32.39 -1.14 21.46
P1 PX4 RA . -32.19 -1.35 22.92
O3 PX4 RA . -30.77 -2.07 23.14
C1 PX4 RA . -30.87 -3.49 23.27
C2 PX4 RA . -29.53 -4.21 23.07
N1 PX4 RA . -28.59 -4.19 24.19
C3 PX4 RA . -28.16 -2.86 24.66
C4 PX4 RA . -29.11 -5.01 25.29
C5 PX4 RA . -27.33 -4.77 23.71
O4 PX4 RA . -31.72 0.05 23.56
C6 PX4 RA . -31.30 -0.26 24.88
C7 PX4 RA . -30.78 0.98 25.62
C8 PX4 RA . -31.95 1.65 26.36
O5 PX4 RA . -32.95 0.88 27.01
C9 PX4 RA . -34.19 1.37 27.25
O6 PX4 RA . -34.52 2.48 26.82
C10 PX4 RA . -35.12 0.46 28.07
C11 PX4 RA . -34.33 -0.15 29.22
C12 PX4 RA . -35.33 -0.50 30.32
C13 PX4 RA . -34.58 -0.71 31.64
C14 PX4 RA . -33.80 0.58 31.95
C15 PX4 RA . -33.01 0.47 33.27
C16 PX4 RA . -33.99 0.15 34.41
C17 PX4 RA . -33.41 0.41 35.80
C18 PX4 RA . -32.82 -0.81 36.50
C19 PX4 RA . -32.02 -0.48 37.75
C20 PX4 RA . -31.98 -1.64 38.74
C21 PX4 RA . -31.52 -1.14 40.11
C22 PX4 RA . -31.50 -2.16 41.25
O7 PX4 RA . -29.62 0.64 26.38
C23 PX4 RA . -28.41 0.37 25.81
O8 PX4 RA . -28.38 0.34 24.59
C24 PX4 RA . -27.23 0.15 26.76
C25 PX4 RA . -25.90 0.05 26.01
C26 PX4 RA . -24.73 -0.12 26.96
C27 PX4 RA . -24.65 -1.37 27.84
C28 PX4 RA . -23.26 -1.57 28.44
C29 PX4 RA . -23.17 -2.78 29.37
C30 PX4 RA . -21.72 -2.94 29.88
C31 PX4 RA . -21.82 -2.71 31.38
C32 PX4 RA . -22.62 -3.85 32.01
C33 PX4 RA . -22.93 -3.62 33.50
C34 PX4 RA . -21.57 -3.84 34.19
C35 PX4 RA . -21.08 -5.28 34.13
C36 PX4 RA . -19.57 -5.41 34.38
O1 PX4 SA . -31.63 -9.91 22.61
O2 PX4 SA . -30.49 -12.05 23.66
P1 PX4 SA . -31.37 -10.86 23.71
O3 PX4 SA . -32.74 -11.54 24.21
C1 PX4 SA . -33.80 -10.62 23.90
C2 PX4 SA . -35.17 -11.24 23.62
N1 PX4 SA . -36.34 -10.40 23.32
C3 PX4 SA . -36.48 -9.51 24.49
C4 PX4 SA . -36.23 -9.70 22.03
C5 PX4 SA . -37.53 -11.26 23.24
O4 PX4 SA . -30.94 -10.10 25.07
C6 PX4 SA . -29.70 -9.52 24.67
C7 PX4 SA . -29.14 -8.53 25.70
C8 PX4 SA . -30.10 -8.68 26.89
O5 PX4 SA . -30.55 -7.40 27.37
C9 PX4 SA . -31.29 -7.49 28.50
O6 PX4 SA . -31.78 -8.58 28.79
C10 PX4 SA . -31.59 -6.21 29.28
C11 PX4 SA . -32.61 -6.47 30.39
C12 PX4 SA . -32.83 -5.33 31.38
C13 PX4 SA . -32.99 -5.83 32.82
C14 PX4 SA . -33.45 -4.79 33.83
C15 PX4 SA . -34.77 -4.18 33.33
C16 PX4 SA . -35.29 -3.29 34.45
C17 PX4 SA . -35.25 -4.09 35.74
C18 PX4 SA . -35.77 -3.22 36.89
C19 PX4 SA . -36.20 -4.11 38.06
C20 PX4 SA . -36.76 -3.31 39.24
C21 PX4 SA . -37.44 -4.22 40.27
C22 PX4 SA . -37.74 -3.46 41.55
O7 PX4 SA . -27.83 -8.92 26.14
C23 PX4 SA . -26.79 -8.91 25.29
O8 PX4 SA . -26.79 -8.71 24.07
C24 PX4 SA . -25.46 -9.30 25.95
C25 PX4 SA . -25.24 -9.03 27.44
C26 PX4 SA . -23.91 -9.56 27.99
C27 PX4 SA . -23.63 -9.21 29.45
C28 PX4 SA . -24.82 -9.62 30.33
C29 PX4 SA . -24.48 -9.29 31.79
C30 PX4 SA . -24.02 -7.86 32.07
C31 PX4 SA . -24.14 -7.52 33.56
C32 PX4 SA . -23.51 -8.52 34.53
C33 PX4 SA . -23.68 -7.96 35.94
C34 PX4 SA . -22.67 -8.55 36.91
C35 PX4 SA . -22.77 -7.88 38.28
C36 PX4 SA . -22.38 -6.40 38.28
O1 PX4 TA . -9.97 11.26 14.36
O2 PX4 TA . -12.55 10.79 13.86
P1 PX4 TA . -11.42 11.38 14.62
O3 PX4 TA . -11.74 12.95 14.56
C1 PX4 TA . -12.91 13.17 15.38
C2 PX4 TA . -13.45 14.59 15.51
N1 PX4 TA . -14.35 15.25 14.53
C3 PX4 TA . -14.69 16.57 15.08
C4 PX4 TA . -13.84 15.29 13.16
C5 PX4 TA . -15.59 14.47 14.54
O4 PX4 TA . -11.81 10.96 16.12
C6 PX4 TA . -10.75 10.42 16.91
C7 PX4 TA . -11.44 9.83 18.14
C8 PX4 TA . -12.23 11.02 18.66
O5 PX4 TA . -12.09 11.39 20.04
C9 PX4 TA . -12.87 10.82 21.01
O6 PX4 TA . -14.01 10.43 20.74
C10 PX4 TA . -12.50 11.08 22.46
C11 PX4 TA . -12.92 9.96 23.43
C12 PX4 TA . -12.60 10.26 24.89
C13 PX4 TA . -13.29 11.59 25.19
C14 PX4 TA . -13.06 11.87 26.70
C15 PX4 TA . -11.77 12.60 27.02
C16 PX4 TA . -11.59 12.88 28.52
C17 PX4 TA . -10.17 13.44 28.58
C18 PX4 TA . -9.97 13.93 30.02
C19 PX4 TA . -8.83 14.94 30.15
C20 PX4 TA . -8.54 15.39 31.58
C21 PX4 TA . -7.39 16.39 31.56
C22 PX4 TA . -6.23 16.00 30.64
O7 PX4 TA . -12.35 8.75 17.91
C23 PX4 TA . -12.01 7.46 17.70
O8 PX4 TA . -10.84 7.07 17.58
C24 PX4 TA . -13.18 6.48 17.71
C25 PX4 TA . -13.29 5.62 18.98
C26 PX4 TA . -13.75 6.45 20.17
C27 PX4 TA . -13.76 5.60 21.44
C28 PX4 TA . -14.22 6.45 22.63
C29 PX4 TA . -15.59 7.10 22.42
C30 PX4 TA . -16.00 8.19 23.40
C31 PX4 TA . -16.15 7.50 24.76
C32 PX4 TA . -16.08 8.52 25.90
C33 PX4 TA . -16.25 7.75 27.21
C34 PX4 TA . -16.32 8.66 28.44
C35 PX4 TA . -16.03 8.05 29.80
C36 PX4 TA . -16.91 6.82 30.02
O1 PX4 UA . -7.96 14.24 16.32
O2 PX4 UA . -10.08 14.00 17.72
P1 PX4 UA . -8.72 14.55 17.56
O3 PX4 UA . -8.76 16.15 17.57
C1 PX4 UA . -9.32 16.56 18.83
C2 PX4 UA . -9.59 18.05 19.03
N1 PX4 UA . -10.20 18.63 20.24
C3 PX4 UA . -9.54 18.40 21.53
C4 PX4 UA . -10.28 20.09 20.09
C5 PX4 UA . -11.55 18.07 20.41
O4 PX4 UA . -7.71 14.10 18.74
C6 PX4 UA . -7.62 12.67 18.64
C7 PX4 UA . -6.73 12.00 19.69
C8 PX4 UA . -6.36 13.18 20.60
O5 PX4 UA . -5.10 13.27 21.28
C9 PX4 UA . -3.95 13.30 20.58
O6 PX4 UA . -3.91 13.30 19.35
C10 PX4 UA . -2.63 13.58 21.29
C11 PX4 UA . -1.54 12.56 20.91
C12 PX4 UA . -0.25 12.79 21.70
C13 PX4 UA . 0.56 11.53 22.02
C14 PX4 UA . 1.71 11.93 22.93
C15 PX4 UA . 2.75 10.83 23.05
C16 PX4 UA . 2.03 9.58 23.54
C17 PX4 UA . 3.07 8.46 23.73
C18 PX4 UA . 2.24 7.26 24.19
C19 PX4 UA . 1.03 7.14 23.26
C20 PX4 UA . 0.36 5.83 23.71
C21 PX4 UA . -1.10 5.55 23.39
C22 PX4 UA . -1.59 4.19 23.85
O7 PX4 UA . -7.43 10.90 20.29
C23 PX4 UA . -7.46 9.67 19.75
O8 PX4 UA . -7.21 9.33 18.59
C24 PX4 UA . -8.23 8.64 20.56
C25 PX4 UA . -8.85 9.11 21.89
C26 PX4 UA . -9.42 8.01 22.79
C27 PX4 UA . -8.62 8.08 24.10
C28 PX4 UA . -9.49 7.35 25.13
C29 PX4 UA . -8.89 7.27 26.52
C30 PX4 UA . -8.61 8.67 27.05
C31 PX4 UA . -8.14 8.76 28.51
C32 PX4 UA . -7.69 10.20 28.78
C33 PX4 UA . -7.29 10.45 30.23
C34 PX4 UA . -8.58 10.25 31.03
C35 PX4 UA . -8.21 10.14 32.51
C36 PX4 UA . -9.54 10.13 33.27
O1 PX4 VA . -19.85 -9.11 17.71
O2 PX4 VA . -22.17 -9.00 18.71
P1 PX4 VA . -20.87 -8.35 18.45
O3 PX4 VA . -21.23 -6.89 17.86
C1 PX4 VA . -22.54 -6.93 17.28
C2 PX4 VA . -23.33 -5.63 17.19
N1 PX4 VA . -24.75 -5.67 16.78
C3 PX4 VA . -25.02 -6.48 15.57
C4 PX4 VA . -25.61 -6.10 17.89
C5 PX4 VA . -25.20 -4.28 16.62
O4 PX4 VA . -20.12 -8.06 19.85
C6 PX4 VA . -18.78 -7.67 19.65
C7 PX4 VA . -18.14 -7.56 21.04
C8 PX4 VA . -19.21 -7.40 22.13
O5 PX4 VA . -18.80 -6.74 23.33
C9 PX4 VA . -19.86 -6.49 24.14
O6 PX4 VA . -20.97 -6.98 23.91
C10 PX4 VA . -19.52 -5.98 25.54
C11 PX4 VA . -20.30 -6.74 26.62
C12 PX4 VA . -19.72 -6.24 27.96
C13 PX4 VA . -20.42 -6.88 29.16
C14 PX4 VA . -19.64 -8.05 29.76
C15 PX4 VA . -20.25 -8.65 31.02
C16 PX4 VA . -19.39 -9.87 31.38
C17 PX4 VA . -20.09 -10.84 32.34
C18 PX4 VA . -20.27 -10.39 33.80
C19 PX4 VA . -20.81 -11.53 34.68
C20 PX4 VA . -19.65 -12.41 35.17
C21 PX4 VA . -19.27 -11.85 36.55
C22 PX4 VA . -18.10 -12.69 37.08
O7 PX4 VA . -17.14 -8.56 21.28
C23 PX4 VA . -15.91 -8.45 20.71
O8 PX4 VA . -15.68 -7.74 19.73
C24 PX4 VA . -15.02 -9.59 21.24
C25 PX4 VA . -14.55 -9.31 22.65
C26 PX4 VA . -13.68 -10.49 23.11
C27 PX4 VA . -13.30 -10.28 24.58
C28 PX4 VA . -12.44 -9.05 24.84
C29 PX4 VA . -12.40 -8.80 26.35
C30 PX4 VA . -11.80 -10.05 27.01
C31 PX4 VA . -11.78 -9.94 28.54
C32 PX4 VA . -11.06 -11.11 29.23
C33 PX4 VA . -9.55 -11.08 29.01
C34 PX4 VA . -9.12 -9.73 29.58
C35 PX4 VA . -7.61 -9.48 29.49
C36 PX4 VA . -7.04 -8.43 30.46
O1 PX4 WA . -10.35 -2.69 19.64
O2 PX4 WA . -11.38 -3.76 17.55
P1 PX4 WA . -11.51 -2.98 18.79
O3 PX4 WA . -12.17 -1.61 18.24
C1 PX4 WA . -11.44 -0.45 18.69
C2 PX4 WA . -11.77 0.78 17.84
N1 PX4 WA . -11.49 0.94 16.40
C3 PX4 WA . -12.10 2.22 16.04
C4 PX4 WA . -10.06 0.89 16.07
C5 PX4 WA . -12.23 -0.09 15.64
O4 PX4 WA . -12.65 -3.69 19.69
C6 PX4 WA . -12.99 -2.75 20.73
C7 PX4 WA . -13.34 -3.25 22.13
C8 PX4 WA . -13.54 -1.93 22.88
O5 PX4 WA . -13.29 -1.98 24.29
C9 PX4 WA . -13.63 -0.88 25.01
O6 PX4 WA . -14.33 0.01 24.51
C10 PX4 WA . -12.87 -0.64 26.31
C11 PX4 WA . -13.56 -1.39 27.44
C12 PX4 WA . -12.63 -1.48 28.66
C13 PX4 WA . -13.30 -2.02 29.94
C14 PX4 WA . -12.50 -1.86 31.23
C15 PX4 WA . -13.04 -2.70 32.38
C16 PX4 WA . -12.44 -2.33 33.74
C17 PX4 WA . -12.82 -3.34 34.84
C18 PX4 WA . -11.90 -3.40 36.06
C19 PX4 WA . -12.10 -4.70 36.83
C20 PX4 WA . -11.18 -4.85 38.04
C21 PX4 WA . -11.42 -6.21 38.72
C22 PX4 WA . -12.87 -6.24 39.19
O7 PX4 WA . -14.34 -4.26 22.25
C23 PX4 WA . -13.97 -5.34 22.99
O8 PX4 WA . -12.84 -5.81 22.88
C24 PX4 WA . -14.89 -6.05 23.99
C25 PX4 WA . -14.82 -5.50 25.43
C26 PX4 WA . -15.57 -6.33 26.47
C27 PX4 WA . -15.21 -5.90 27.90
C28 PX4 WA . -15.92 -6.79 28.90
C29 PX4 WA . -15.62 -6.47 30.37
C30 PX4 WA . -16.35 -7.38 31.38
C31 PX4 WA . -16.11 -6.97 32.83
C32 PX4 WA . -16.51 -7.97 33.94
C33 PX4 WA . -16.43 -7.41 35.37
C34 PX4 WA . -17.02 -8.32 36.44
C35 PX4 WA . -16.58 -7.73 37.77
C36 PX4 WA . -17.19 -8.64 38.83
O1 PX4 XA . 6.23 -5.23 17.62
O2 PX4 XA . 4.88 -3.66 16.19
P1 PX4 XA . 5.97 -3.84 17.17
O3 PX4 XA . 7.47 -3.37 16.82
C1 PX4 XA . 8.23 -3.95 17.87
C2 PX4 XA . 9.72 -4.05 17.51
N1 PX4 XA . 10.72 -4.36 18.53
C3 PX4 XA . 10.95 -3.28 19.52
C4 PX4 XA . 10.32 -5.52 19.33
C5 PX4 XA . 12.00 -4.58 17.87
O4 PX4 XA . 5.67 -2.84 18.38
C6 PX4 XA . 4.79 -3.52 19.30
C7 PX4 XA . 4.63 -2.65 20.56
C8 PX4 XA . 6.02 -2.07 20.86
O5 PX4 XA . 6.52 -2.44 22.15
C9 PX4 XA . 7.69 -3.11 22.00
O6 PX4 XA . 8.23 -3.19 20.90
C10 PX4 XA . 8.24 -3.70 23.31
C11 PX4 XA . 9.47 -4.59 23.22
C12 PX4 XA . 9.78 -5.27 24.56
C13 PX4 XA . 8.67 -6.33 24.73
C14 PX4 XA . 8.79 -6.82 26.17
C15 PX4 XA . 9.84 -7.93 26.23
C16 PX4 XA . 9.78 -8.84 27.46
C17 PX4 XA . 9.78 -8.09 28.79
C18 PX4 XA . 11.19 -8.15 29.37
C19 PX4 XA . 11.52 -9.64 29.41
C20 PX4 XA . 12.97 -9.90 29.85
C21 PX4 XA . 12.98 -11.40 30.10
C22 PX4 XA . 12.75 -12.30 28.88
O7 PX4 XA . 3.45 -1.84 20.58
C23 PX4 XA . 2.20 -2.34 20.83
O8 PX4 XA . 1.87 -3.48 20.60
C24 PX4 XA . 1.15 -1.38 21.41
C25 PX4 XA . 0.85 -1.75 22.86
C26 PX4 XA . -0.22 -0.80 23.41
C27 PX4 XA . -0.68 -1.26 24.80
C28 PX4 XA . -1.43 -0.09 25.44
C29 PX4 XA . -1.87 -0.46 26.86
C30 PX4 XA . -2.26 0.81 27.62
C31 PX4 XA . -2.96 0.43 28.93
C32 PX4 XA . -4.22 -0.43 28.81
C33 PX4 XA . -4.96 -0.54 30.13
C34 PX4 XA . -5.10 0.74 30.99
C35 PX4 XA . -5.92 0.28 32.20
C36 PX4 XA . -6.00 1.36 33.28
O1 PX4 YA . 5.38 -13.42 14.87
O2 PX4 YA . 6.13 -10.95 14.60
P1 PX4 YA . 6.08 -12.21 15.35
O3 PX4 YA . 7.57 -12.75 15.66
C1 PX4 YA . 7.51 -14.13 16.07
C2 PX4 YA . 8.83 -14.76 16.53
N1 PX4 YA . 9.43 -14.47 17.85
C3 PX4 YA . 8.34 -14.29 18.81
C4 PX4 YA . 10.29 -15.60 18.21
C5 PX4 YA . 10.24 -13.24 17.77
O4 PX4 YA . 5.63 -12.06 16.89
C6 PX4 YA . 5.97 -10.75 17.31
C7 PX4 YA . 6.23 -10.75 18.82
C8 PX4 YA . 5.37 -11.90 19.33
O5 PX4 YA . 5.01 -11.74 20.70
C9 PX4 YA . 5.94 -12.24 21.57
O6 PX4 YA . 6.49 -13.30 21.28
C10 PX4 YA . 5.66 -11.92 23.03
C11 PX4 YA . 6.25 -10.57 23.48
C12 PX4 YA . 6.20 -10.51 25.00
C13 PX4 YA . 4.88 -10.78 25.71
C14 PX4 YA . 4.89 -10.45 27.21
C15 PX4 YA . 5.95 -11.23 27.97
C16 PX4 YA . 5.70 -10.99 29.45
C17 PX4 YA . 6.58 -12.00 30.21
C18 PX4 YA . 6.29 -11.70 31.68
C19 PX4 YA . 7.16 -12.67 32.48
C20 PX4 YA . 8.61 -12.41 32.02
C21 PX4 YA . 9.26 -12.02 33.35
C22 PX4 YA . 10.70 -11.50 33.22
O7 PX4 YA . 7.62 -10.88 19.09
C23 PX4 YA . 8.25 -9.71 19.45
O8 PX4 YA . 7.65 -8.65 19.39
C24 PX4 YA . 9.70 -9.83 19.93
C25 PX4 YA . 10.02 -9.30 21.33
C26 PX4 YA . 11.54 -9.39 21.47
C27 PX4 YA . 11.91 -9.20 22.94
C28 PX4 YA . 13.27 -9.74 23.38
C29 PX4 YA . 13.65 -9.42 24.81
C30 PX4 YA . 15.11 -9.79 25.09
C31 PX4 YA . 15.54 -9.69 26.56
C32 PX4 YA . 16.92 -10.29 26.78
C33 PX4 YA . 16.97 -11.49 27.73
C34 PX4 YA . 18.46 -11.81 27.69
C35 PX4 YA . 18.37 -13.21 28.27
C36 PX4 YA . 17.70 -13.05 29.65
O1 PX4 ZA . 14.10 -23.10 17.97
O2 PX4 ZA . 13.36 -20.88 16.97
P1 PX4 ZA . 14.16 -21.62 17.96
O3 PX4 ZA . 15.72 -21.27 17.83
C1 PX4 ZA . 15.86 -20.78 16.49
C2 PX4 ZA . 17.21 -20.08 16.46
N1 PX4 ZA . 17.37 -18.76 17.12
C3 PX4 ZA . 17.63 -18.78 18.56
C4 PX4 ZA . 18.59 -18.24 16.48
C5 PX4 ZA . 16.29 -17.80 16.89
O4 PX4 ZA . 13.72 -21.09 19.43
C6 PX4 ZA . 14.64 -21.74 20.32
C7 PX4 ZA . 14.32 -21.45 21.80
C8 PX4 ZA . 13.73 -22.68 22.46
O5 PX4 ZA . 14.31 -23.89 21.97
C9 PX4 ZA . 13.87 -25.05 22.53
O6 PX4 ZA . 12.76 -25.05 23.05
C10 PX4 ZA . 14.72 -26.33 22.47
C11 PX4 ZA . 16.13 -26.16 23.05
C12 PX4 ZA . 17.03 -27.34 22.65
C13 PX4 ZA . 18.46 -27.01 23.08
C14 PX4 ZA . 18.57 -26.84 24.60
C15 PX4 ZA . 20.03 -26.45 24.84
C16 PX4 ZA . 20.24 -26.23 26.35
C17 PX4 ZA . 20.18 -27.51 27.18
C18 PX4 ZA . 20.22 -27.17 28.68
C19 PX4 ZA . 21.51 -26.42 29.04
C20 PX4 ZA . 21.38 -25.77 30.42
C21 PX4 ZA . 22.77 -25.19 30.66
C22 PX4 ZA . 23.87 -26.26 30.50
O7 PX4 ZA . 15.42 -20.81 22.44
C23 PX4 ZA . 15.69 -19.48 22.25
O8 PX4 ZA . 15.03 -18.84 21.43
C24 PX4 ZA . 17.05 -19.01 22.77
C25 PX4 ZA . 16.98 -18.62 24.26
C26 PX4 ZA . 18.41 -18.38 24.73
C27 PX4 ZA . 18.43 -18.06 26.22
C28 PX4 ZA . 19.88 -17.83 26.65
C29 PX4 ZA . 20.14 -17.69 28.16
C30 PX4 ZA . 21.51 -17.04 28.39
C31 PX4 ZA . 21.51 -15.54 28.71
C32 PX4 ZA . 21.09 -15.41 30.18
C33 PX4 ZA . 21.17 -13.95 30.60
C34 PX4 ZA . 20.73 -13.82 32.06
C35 PX4 ZA . 20.70 -12.36 32.53
C36 PX4 ZA . 21.96 -11.59 32.14
O1 PX4 AB . 18.16 -23.01 14.82
O2 PX4 AB . 17.47 -25.41 14.49
P1 PX4 AB . 17.18 -24.09 15.09
O3 PX4 AB . 15.69 -23.53 14.86
C1 PX4 AB . 14.83 -24.57 15.30
C2 PX4 AB . 13.35 -24.29 14.98
N1 PX4 AB . 12.62 -24.68 13.76
C3 PX4 AB . 13.39 -24.26 12.57
C4 PX4 AB . 12.46 -26.11 13.53
C5 PX4 AB . 11.27 -24.10 13.71
O4 PX4 AB . 16.98 -24.28 16.68
C6 PX4 AB . 18.23 -24.63 17.27
C7 PX4 AB . 18.04 -25.29 18.64
C8 PX4 AB . 17.10 -24.32 19.33
O5 PX4 AB . 17.53 -23.70 20.55
C9 PX4 AB . 18.51 -22.76 20.51
O6 PX4 AB . 19.02 -22.30 19.49
C10 PX4 AB . 18.71 -21.86 21.73
C11 PX4 AB . 19.21 -22.70 22.90
C12 PX4 AB . 19.45 -21.85 24.15
C13 PX4 AB . 20.02 -22.71 25.27
C14 PX4 AB . 20.39 -22.04 26.60
C15 PX4 AB . 21.04 -22.92 27.67
C16 PX4 AB . 21.27 -22.18 28.98
C17 PX4 AB . 19.99 -21.71 29.65
C18 PX4 AB . 20.24 -20.89 30.92
C19 PX4 AB . 18.92 -20.37 31.50
C20 PX4 AB . 18.28 -19.24 30.70
C21 PX4 AB . 16.86 -18.97 31.19
C22 PX4 AB . 16.26 -17.73 30.51
O7 PX4 AB . 17.78 -26.71 18.65
C23 PX4 AB . 18.72 -27.66 18.41
O8 PX4 AB . 19.85 -27.33 18.00
C24 PX4 AB . 18.26 -29.10 18.58
C25 PX4 AB . 18.34 -29.64 20.01
C26 PX4 AB . 19.72 -29.87 20.61
C27 PX4 AB . 19.70 -30.64 21.94
C28 PX4 AB . 21.14 -31.04 22.25
C29 PX4 AB . 21.29 -31.71 23.62
C30 PX4 AB . 22.80 -31.88 23.88
C31 PX4 AB . 22.78 -32.52 25.26
C32 PX4 AB . 21.87 -31.63 26.14
C33 PX4 AB . 21.75 -32.31 27.51
C34 PX4 AB . 21.05 -31.39 28.50
C35 PX4 AB . 21.14 -32.07 29.88
C36 PX4 AB . 20.52 -31.12 30.90
O1 PX4 BB . -15.75 15.27 18.15
O2 PX4 BB . -15.31 12.84 17.40
P1 PX4 BB . -15.81 13.81 18.40
O3 PX4 BB . -17.38 13.52 18.59
C1 PX4 BB . -17.52 12.10 18.63
C2 PX4 BB . -18.88 11.48 18.95
N1 PX4 BB . -19.97 11.59 17.98
C3 PX4 BB . -21.23 11.63 18.75
C4 PX4 BB . -20.04 12.89 17.29
C5 PX4 BB . -19.99 10.50 17.00
O4 PX4 BB . -15.33 13.33 19.86
C6 PX4 BB . -15.12 14.52 20.62
C7 PX4 BB . -15.06 14.23 22.12
C8 PX4 BB . -15.91 12.96 22.27
O5 PX4 BB . -17.25 13.09 22.73
C9 PX4 BB . -17.91 11.92 22.95
O6 PX4 BB . -17.56 10.92 22.31
C10 PX4 BB . -19.22 11.92 23.74
C11 PX4 BB . -18.87 11.63 25.21
C12 PX4 BB . -20.11 11.77 26.08
C13 PX4 BB . -19.87 11.40 27.54
C14 PX4 BB . -18.94 12.45 28.18
C15 PX4 BB . -18.97 12.17 29.68
C16 PX4 BB . -18.05 13.14 30.43
C17 PX4 BB . -16.63 12.89 29.91
C18 PX4 BB . -15.60 13.97 30.28
C19 PX4 BB . -15.15 13.74 31.72
C20 PX4 BB . -14.01 14.73 32.02
C21 PX4 BB . -13.23 14.23 33.23
C22 PX4 BB . -12.87 12.81 32.82
O7 PX4 BB . -13.72 14.24 22.64
C23 PX4 BB . -13.12 15.42 22.86
O8 PX4 BB . -13.68 16.51 22.80
C24 PX4 BB . -11.63 15.22 23.16
C25 PX4 BB . -10.76 14.67 22.03
C26 PX4 BB . -9.45 14.13 22.62
C27 PX4 BB . -9.72 12.92 23.53
C28 PX4 BB . -8.49 12.19 24.07
C29 PX4 BB . -7.93 12.98 25.26
C30 PX4 BB . -6.66 12.29 25.80
C31 PX4 BB . -5.66 13.17 26.56
C32 PX4 BB . -4.89 13.99 25.53
C33 PX4 BB . -3.69 14.76 26.10
C34 PX4 BB . -4.13 15.61 27.31
C35 PX4 BB . -3.08 16.67 27.65
C36 PX4 BB . -3.64 17.61 28.73
O1 PX4 CB . -3.94 15.16 16.91
O2 PX4 CB . -5.19 15.86 19.05
P1 PX4 CB . -4.08 16.05 18.08
O3 PX4 CB . -4.41 17.44 17.36
C1 PX4 CB . -5.78 17.30 16.96
C2 PX4 CB . -6.38 18.55 16.30
N1 PX4 CB . -5.73 19.12 15.11
C3 PX4 CB . -6.62 20.23 14.70
C4 PX4 CB . -4.46 19.77 15.48
C5 PX4 CB . -5.52 18.16 14.02
O4 PX4 CB . -2.84 16.59 18.95
C6 PX4 CB . -3.39 17.69 19.68
C7 PX4 CB . -2.99 17.39 21.12
C8 PX4 CB . -1.51 17.75 21.18
O5 PX4 CB . -0.76 16.71 21.83
C9 PX4 CB . 0.09 17.15 22.78
O6 PX4 CB . 0.20 18.37 23.01
C10 PX4 CB . 0.91 16.14 23.58
C11 PX4 CB . 0.64 16.14 25.08
C12 PX4 CB . 1.53 15.09 25.75
C13 PX4 CB . 1.21 15.01 27.25
C14 PX4 CB . 2.16 13.90 27.71
C15 PX4 CB . 1.89 12.53 27.12
C16 PX4 CB . 2.78 11.54 27.88
C17 PX4 CB . 2.36 10.11 27.49
C18 PX4 CB . 3.16 9.09 28.32
C19 PX4 CB . 4.44 8.65 27.61
C20 PX4 CB . 5.19 7.73 28.58
C21 PX4 CB . 5.64 8.39 29.88
C22 PX4 CB . 6.22 7.36 30.84
O7 PX4 CB . -3.82 17.90 22.19
C23 PX4 CB . -3.74 19.12 22.80
O8 PX4 CB . -3.19 20.09 22.32
C24 PX4 CB . -4.83 19.35 23.86
C25 PX4 CB . -5.39 18.09 24.54
C26 PX4 CB . -6.74 18.30 25.23
C27 PX4 CB . -7.31 16.92 25.53
C28 PX4 CB . -8.55 17.12 26.42
C29 PX4 CB . -9.43 18.09 25.65
C30 PX4 CB . -10.77 18.34 26.34
C31 PX4 CB . -11.52 17.00 26.48
C32 PX4 CB . -12.86 17.39 27.14
C33 PX4 CB . -13.89 16.29 27.35
C34 PX4 CB . -14.37 15.45 26.17
C35 PX4 CB . -15.53 14.52 26.52
C36 PX4 CB . -16.82 15.26 26.84
O1 PX4 DB . -5.81 -2.09 17.65
O2 PX4 DB . -8.10 -0.93 17.27
P1 PX4 DB . -6.88 -1.15 18.07
O3 PX4 DB . -6.37 0.30 18.57
C1 PX4 DB . -6.45 1.19 17.45
C2 PX4 DB . -6.90 2.58 17.91
N1 PX4 DB . -6.03 3.71 18.27
C3 PX4 DB . -5.03 3.24 19.24
C4 PX4 DB . -5.44 4.29 17.06
C5 PX4 DB . -6.88 4.78 18.79
O4 PX4 DB . -7.46 -1.60 19.51
C6 PX4 DB . -8.07 -0.45 20.10
C7 PX4 DB . -8.25 -0.38 21.62
C8 PX4 DB . -8.23 -1.85 22.06
O5 PX4 DB . -9.30 -2.30 22.90
C9 PX4 DB . -9.05 -3.50 23.49
O6 PX4 DB . -7.95 -4.03 23.55
C10 PX4 DB . -10.23 -4.18 24.17
C11 PX4 DB . -9.87 -4.42 25.64
C12 PX4 DB . -10.99 -5.15 26.41
C13 PX4 DB . -10.69 -5.01 27.90
C14 PX4 DB . -11.72 -5.86 28.65
C15 PX4 DB . -11.34 -5.93 30.13
C16 PX4 DB . -12.03 -7.03 30.95
C17 PX4 DB . -11.60 -7.11 32.40
C18 PX4 DB . -12.14 -8.43 32.92
C19 PX4 DB . -11.98 -8.38 34.43
C20 PX4 DB . -12.55 -9.69 34.98
C21 PX4 DB . -12.99 -9.62 36.46
C22 PX4 DB . -13.37 -11.01 36.94
O7 PX4 DB . -7.13 0.27 22.23
C23 PX4 DB . -7.17 1.62 22.11
O8 PX4 DB . -7.95 2.24 21.38
C24 PX4 DB . -6.15 2.38 22.96
C25 PX4 DB . -6.81 2.71 24.29
C26 PX4 DB . -5.85 3.15 25.40
C27 PX4 DB . -6.81 3.65 26.49
C28 PX4 DB . -5.96 4.06 27.69
C29 PX4 DB . -5.46 5.50 27.57
C30 PX4 DB . -5.07 6.23 28.87
C31 PX4 DB . -3.99 5.40 29.57
C32 PX4 DB . -3.43 6.29 30.68
C33 PX4 DB . -2.43 5.48 31.49
C34 PX4 DB . -3.01 4.20 32.10
C35 PX4 DB . -1.85 3.41 32.72
C36 PX4 DB . -2.00 2.16 33.60
O1 PX4 EB . -6.41 -5.76 20.74
O2 PX4 EB . -5.02 -7.04 18.89
P1 PX4 EB . -5.15 -6.15 20.07
O3 PX4 EB . -4.03 -6.88 20.98
C1 PX4 EB . -2.83 -7.12 20.26
C2 PX4 EB . -1.52 -7.15 21.05
N1 PX4 EB . -1.18 -5.95 21.86
C3 PX4 EB . -2.01 -5.87 23.07
C4 PX4 EB . 0.21 -6.09 22.31
C5 PX4 EB . -1.23 -4.77 20.99
O4 PX4 EB . -4.23 -4.85 19.82
C6 PX4 EB . -4.83 -3.67 20.36
C7 PX4 EB . -3.94 -2.57 20.95
C8 PX4 EB . -3.42 -1.70 19.81
O5 PX4 EB . -2.19 -2.15 19.27
C9 PX4 EB . -1.77 -1.42 18.20
O6 PX4 EB . -2.53 -0.59 17.71
C10 PX4 EB . -0.47 -1.79 17.48
C11 PX4 EB . 0.46 -0.58 17.57
C12 PX4 EB . 1.90 -0.73 17.09
C13 PX4 EB . 2.62 0.60 17.29
C14 PX4 EB . 2.61 0.95 18.78
C15 PX4 EB . 3.32 2.26 19.12
C16 PX4 EB . 3.57 2.55 20.60
C17 PX4 EB . 4.43 1.41 21.17
C18 PX4 EB . 4.39 1.46 22.70
C19 PX4 EB . 5.32 0.36 23.18
C20 PX4 EB . 5.64 0.51 24.68
C21 PX4 EB . 6.88 -0.31 25.03
C22 PX4 EB . 7.52 0.06 26.36
O7 PX4 EB . -4.51 -1.92 22.08
C23 PX4 EB . -4.48 -2.58 23.27
O8 PX4 EB . -3.87 -3.64 23.38
C24 PX4 EB . -4.60 -1.68 24.49
C25 PX4 EB . -6.05 -1.72 24.95
C26 PX4 EB . -6.37 -0.85 26.18
C27 PX4 EB . -7.87 -0.89 26.47
C28 PX4 EB . -8.16 0.19 27.52
C29 PX4 EB . -9.60 0.62 27.80
C30 PX4 EB . -9.76 1.56 29.00
C31 PX4 EB . -9.76 0.90 30.38
C32 PX4 EB . -9.94 1.95 31.49
C33 PX4 EB . -8.78 2.95 31.65
C34 PX4 EB . -9.10 4.00 32.70
C35 PX4 EB . -7.86 4.89 32.95
C36 PX4 EB . -7.62 5.82 31.76
O1 PX4 FB . -25.71 9.39 17.98
O2 PX4 FB . -27.93 7.98 18.47
P1 PX4 FB . -26.94 9.04 18.73
O3 PX4 FB . -27.64 10.49 18.75
C1 PX4 FB . -28.76 10.25 19.62
C2 PX4 FB . -29.87 11.31 19.68
N1 PX4 FB . -30.36 11.91 18.43
C3 PX4 FB . -31.65 12.56 18.71
C4 PX4 FB . -29.43 12.98 18.03
C5 PX4 FB . -30.59 10.91 17.39
O4 PX4 FB . -26.51 8.92 20.27
C6 PX4 FB . -25.09 8.91 20.34
C7 PX4 FB . -24.60 8.81 21.79
C8 PX4 FB . -25.63 8.06 22.63
O5 PX4 FB . -25.72 8.76 23.87
C9 PX4 FB . -26.19 8.02 24.91
O6 PX4 FB . -26.46 6.84 24.72
C10 PX4 FB . -26.37 8.76 26.23
C11 PX4 FB . -25.03 9.16 26.88
C12 PX4 FB . -25.30 9.90 28.19
C13 PX4 FB . -24.03 10.17 28.97
C14 PX4 FB . -24.15 11.11 30.17
C15 PX4 FB . -22.76 11.50 30.71
C16 PX4 FB . -22.95 12.20 32.06
C17 PX4 FB . -21.57 12.31 32.70
C18 PX4 FB . -21.59 12.97 34.08
C19 PX4 FB . -20.18 13.29 34.56
C20 PX4 FB . -19.28 12.07 34.40
C21 PX4 FB . -17.81 12.47 34.25
C22 PX4 FB . -16.89 11.27 34.07
O7 PX4 FB . -23.26 8.33 21.99
C23 PX4 FB . -22.57 9.09 22.89
O8 PX4 FB . -22.72 10.31 22.84
C24 PX4 FB . -21.35 8.52 23.58
C25 PX4 FB . -21.60 7.83 24.92
C26 PX4 FB . -20.30 7.28 25.49
C27 PX4 FB . -20.44 6.64 26.87
C28 PX4 FB . -20.85 7.77 27.81
C29 PX4 FB . -20.76 7.14 29.19
C30 PX4 FB . -20.78 8.15 30.33
C31 PX4 FB . -21.23 7.48 31.63
C32 PX4 FB . -21.46 8.41 32.82
C33 PX4 FB . -22.41 7.86 33.88
C34 PX4 FB . -22.32 8.72 35.14
C35 PX4 FB . -20.87 8.82 35.59
C36 PX4 FB . -20.73 9.68 36.86
O1 PX4 GB . -30.27 14.24 23.93
O2 PX4 GB . -29.06 16.43 24.63
P1 PX4 GB . -29.13 14.95 24.55
O3 PX4 GB . -27.93 14.34 23.65
C1 PX4 GB . -26.79 15.09 24.09
C2 PX4 GB . -25.43 14.39 24.00
N1 PX4 GB . -25.28 13.09 24.65
C3 PX4 GB . -23.83 12.87 24.74
C4 PX4 GB . -25.78 12.88 26.01
C5 PX4 GB . -25.88 12.08 23.76
O4 PX4 GB . -28.68 14.23 25.94
C6 PX4 GB . -29.65 13.20 26.17
C7 PX4 GB . -29.33 12.57 27.52
C8 PX4 GB . -29.41 13.70 28.56
O5 PX4 GB . -28.42 13.74 29.59
C9 PX4 GB . -28.77 14.56 30.63
O6 PX4 GB . -29.83 15.19 30.56
C10 PX4 GB . -27.87 14.71 31.85
C11 PX4 GB . -27.72 13.45 32.73
C12 PX4 GB . -26.63 13.66 33.77
C13 PX4 GB . -26.75 12.55 34.81
C14 PX4 GB . -25.60 12.84 35.78
C15 PX4 GB . -25.40 11.71 36.78
C16 PX4 GB . -24.11 12.07 37.52
C17 PX4 GB . -24.06 11.44 38.91
C18 PX4 GB . -24.16 9.92 38.74
C19 PX4 GB . -24.02 9.11 40.04
C20 PX4 GB . -24.29 7.62 39.84
C21 PX4 GB . -23.84 6.71 40.98
C22 PX4 GB . -24.45 5.30 40.97
O7 PX4 GB . -30.01 11.36 27.86
C23 PX4 GB . -29.74 10.23 27.18
O8 PX4 GB . -29.16 10.23 26.09
C24 PX4 GB . -30.26 8.96 27.87
C25 PX4 GB . -29.25 8.47 28.91
C26 PX4 GB . -29.19 9.15 30.28
C27 PX4 GB . -27.85 8.80 30.92
C28 PX4 GB . -27.53 9.93 31.90
C29 PX4 GB . -26.71 9.21 32.97
C30 PX4 GB . -27.36 7.91 33.45
C31 PX4 GB . -26.60 7.41 34.69
C32 PX4 GB . -26.95 5.95 35.00
C33 PX4 GB . -26.35 5.50 36.33
C34 PX4 GB . -26.74 4.05 36.62
C35 PX4 GB . -25.74 3.41 37.58
C36 PX4 GB . -26.04 1.95 37.94
O1 PX4 HB . -9.29 30.89 18.98
O2 PX4 HB . -6.83 31.37 19.64
P1 PX4 HB . -8.27 31.27 19.98
O3 PX4 HB . -8.23 30.10 21.08
C1 PX4 HB . -8.00 28.91 20.35
C2 PX4 HB . -8.09 27.54 21.04
N1 PX4 HB . -9.39 27.16 21.64
C3 PX4 HB . -9.71 27.93 22.84
C4 PX4 HB . -10.52 27.50 20.74
C5 PX4 HB . -9.42 25.71 21.89
O4 PX4 HB . -8.76 32.55 20.83
C6 PX4 HB . -10.05 32.50 21.41
C7 PX4 HB . -10.40 33.68 22.33
C8 PX4 HB . -9.22 34.57 22.74
O5 PX4 HB . -8.70 34.33 24.05
C9 PX4 HB . -7.36 34.13 24.16
O6 PX4 HB . -6.64 34.10 23.16
C10 PX4 HB . -6.82 33.82 25.55
C11 PX4 HB . -7.53 34.57 26.69
C12 PX4 HB . -7.07 34.06 28.05
C13 PX4 HB . -7.63 34.88 29.21
C14 PX4 HB . -7.49 34.25 30.59
C15 PX4 HB . -7.89 35.29 31.64
C16 PX4 HB . -7.82 34.67 33.05
C17 PX4 HB . -7.88 35.84 34.04
C18 PX4 HB . -7.90 35.13 35.41
C19 PX4 HB . -9.14 34.26 35.57
C20 PX4 HB . -10.40 35.09 35.39
C21 PX4 HB . -11.66 34.26 35.71
C22 PX4 HB . -11.85 33.36 34.48
O7 PX4 HB . -11.53 34.39 21.85
C23 PX4 HB . -12.74 33.90 22.21
O8 PX4 HB . -12.91 32.69 22.36
C24 PX4 HB . -13.88 34.89 21.97
C25 PX4 HB . -14.84 34.81 23.17
C26 PX4 HB . -14.35 35.48 24.46
C27 PX4 HB . -15.56 35.55 25.38
C28 PX4 HB . -15.17 36.34 26.65
C29 PX4 HB . -16.30 36.44 27.65
C30 PX4 HB . -16.02 37.40 28.83
C31 PX4 HB . -17.04 37.38 29.96
C32 PX4 HB . -16.84 38.47 31.04
C33 PX4 HB . -17.32 38.10 32.44
C34 PX4 HB . -16.51 36.85 32.82
C35 PX4 HB . -15.05 37.11 33.17
C36 PX4 HB . -14.08 35.92 33.16
O1 PX4 IB . -9.16 23.43 17.93
O2 PX4 IB . -9.12 26.03 18.12
P1 PX4 IB . -8.47 24.71 18.21
O3 PX4 IB . -7.27 24.83 17.15
C1 PX4 IB . -6.63 26.10 17.35
C2 PX4 IB . -6.06 26.72 16.08
N1 PX4 IB . -4.72 26.30 15.66
C3 PX4 IB . -4.66 24.84 15.47
C4 PX4 IB . -4.38 26.85 14.34
C5 PX4 IB . -3.74 26.76 16.64
O4 PX4 IB . -7.50 24.59 19.50
C6 PX4 IB . -7.36 23.26 20.01
C7 PX4 IB . -6.63 23.26 21.36
C8 PX4 IB . -5.73 24.49 21.44
O5 PX4 IB . -5.00 24.80 22.63
C9 PX4 IB . -5.43 25.78 23.47
O6 PX4 IB . -6.55 26.26 23.49
C10 PX4 IB . -4.51 25.87 24.68
C11 PX4 IB . -4.98 25.00 25.84
C12 PX4 IB . -4.05 25.11 27.06
C13 PX4 IB . -2.63 24.74 26.64
C14 PX4 IB . -1.90 24.74 27.99
C15 PX4 IB . -0.40 24.74 27.65
C16 PX4 IB . 0.48 25.02 28.86
C17 PX4 IB . 1.98 25.14 28.54
C18 PX4 IB . 2.26 26.51 27.91
C19 PX4 IB . 3.62 26.57 27.20
C20 PX4 IB . 3.79 27.96 26.57
C21 PX4 IB . 2.73 28.19 25.50
C22 PX4 IB . 3.22 29.37 24.64
O7 PX4 IB . -7.56 23.18 22.44
C23 PX4 IB . -7.51 22.00 23.11
O8 PX4 IB . -7.33 20.98 22.46
C24 PX4 IB . -7.97 22.02 24.59
C25 PX4 IB . -6.71 21.71 25.39
C26 PX4 IB . -6.81 21.57 26.91
C27 PX4 IB . -5.45 21.65 27.62
C28 PX4 IB . -5.80 21.74 29.10
C29 PX4 IB . -6.77 20.68 29.62
C30 PX4 IB . -6.98 20.70 31.13
C31 PX4 IB . -8.03 21.79 31.39
C32 PX4 IB . -8.64 21.36 32.73
C33 PX4 IB . -9.72 22.33 33.21
C34 PX4 IB . -9.01 23.67 33.28
C35 PX4 IB . -9.98 24.84 33.43
C36 PX4 IB . -9.35 26.07 34.09
O1 PX4 JB . 14.26 12.22 18.20
O2 PX4 JB . 13.54 14.63 17.35
P1 PX4 JB . 13.78 13.61 18.39
O3 PX4 JB . 14.63 14.30 19.58
C1 PX4 JB . 15.58 15.20 19.01
C2 PX4 JB . 16.86 15.45 19.81
N1 PX4 JB . 17.79 14.33 20.01
C3 PX4 JB . 18.86 14.98 20.78
C4 PX4 JB . 17.25 13.19 20.75
C5 PX4 JB . 18.36 13.87 18.74
O4 PX4 JB . 12.38 13.51 19.18
C6 PX4 JB . 12.59 12.76 20.36
C7 PX4 JB . 11.62 13.02 21.54
C8 PX4 JB . 10.68 11.85 21.77
O5 PX4 JB . 11.10 10.52 22.10
C9 PX4 JB . 10.10 9.61 22.21
O6 PX4 JB . 9.00 9.69 21.67
C10 PX4 JB . 10.42 8.39 23.06
C11 PX4 JB . 10.46 7.14 22.16
C12 PX4 JB . 11.45 6.12 22.71
C13 PX4 JB . 11.02 5.63 24.10
C14 PX4 JB . 12.11 4.68 24.58
C15 PX4 JB . 11.56 3.86 25.75
C16 PX4 JB . 12.64 3.02 26.39
C17 PX4 JB . 12.18 2.26 27.64
C18 PX4 JB . 12.08 3.30 28.76
C19 PX4 JB . 11.64 2.83 30.16
C20 PX4 JB . 11.59 3.93 31.22
C21 PX4 JB . 10.29 4.71 30.98
C22 PX4 JB . 10.04 5.85 31.96
O7 PX4 JB . 12.22 13.63 22.68
C23 PX4 JB . 11.47 14.42 23.48
O8 PX4 JB . 10.29 14.62 23.17
C24 PX4 JB . 12.15 14.88 24.78
C25 PX4 JB . 12.24 16.41 24.78
C26 PX4 JB . 12.33 17.02 26.19
C27 PX4 JB . 13.62 16.40 26.75
C28 PX4 JB . 13.88 17.21 28.01
C29 PX4 JB . 15.04 16.59 28.79
C30 PX4 JB . 15.11 17.21 30.19
C31 PX4 JB . 13.95 16.69 31.03
C32 PX4 JB . 13.66 17.43 32.33
C33 PX4 JB . 12.55 16.70 33.09
C34 PX4 JB . 12.44 17.18 34.53
C35 PX4 JB . 11.26 16.51 35.22
C36 PX4 JB . 10.01 17.21 34.68
O1 PX4 KB . -0.82 11.39 17.48
O2 PX4 KB . -1.65 11.03 15.09
P1 PX4 KB . -1.42 10.50 16.45
O3 PX4 KB . -2.96 10.29 16.83
C1 PX4 KB . -3.79 11.45 16.70
C2 PX4 KB . -5.28 11.11 16.78
N1 PX4 KB . -5.90 10.22 15.79
C3 PX4 KB . -5.45 10.42 14.41
C4 PX4 KB . -5.65 8.80 16.10
C5 PX4 KB . -7.35 10.44 15.79
O4 PX4 KB . -0.73 9.05 16.31
C6 PX4 KB . -1.65 8.07 16.81
C7 PX4 KB . -1.26 7.53 18.19
C8 PX4 KB . 0.13 8.05 18.52
O5 PX4 KB . 1.17 7.08 18.51
C9 PX4 KB . 2.21 7.60 19.22
O6 PX4 KB . 2.30 8.79 19.49
C10 PX4 KB . 3.25 6.52 19.51
C11 PX4 KB . 4.52 7.15 20.08
C12 PX4 KB . 5.51 6.11 20.63
C13 PX4 KB . 5.39 6.10 22.15
C14 PX4 KB . 6.54 5.28 22.73
C15 PX4 KB . 6.69 5.41 24.24
C16 PX4 KB . 7.77 4.59 24.95
C17 PX4 KB . 7.88 4.93 26.43
C18 PX4 KB . 6.58 4.44 27.05
C19 PX4 KB . 6.71 4.20 28.56
C20 PX4 KB . 5.39 3.74 29.18
C21 PX4 KB . 5.57 3.61 30.69
C22 PX4 KB . 4.18 3.39 31.29
O7 PX4 KB . -2.21 7.81 19.22
C23 PX4 KB . -3.49 7.38 19.34
O8 PX4 KB . -4.04 6.73 18.46
C24 PX4 KB . -4.17 7.67 20.69
C25 PX4 KB . -4.35 9.17 20.85
C26 PX4 KB . -4.77 9.44 22.29
C27 PX4 KB . -3.60 9.06 23.20
C28 PX4 KB . -3.95 9.52 24.62
C29 PX4 KB . -2.80 8.94 25.45
C30 PX4 KB . -2.98 9.40 26.90
C31 PX4 KB . -1.78 8.83 27.63
C32 PX4 KB . -1.60 7.35 27.24
C33 PX4 KB . -0.33 6.91 27.95
C34 PX4 KB . -0.44 5.40 28.24
C35 PX4 KB . 0.75 5.05 29.12
C36 PX4 KB . 0.83 3.54 29.39
O1 PX4 LB . 15.30 -9.37 20.36
O2 PX4 LB . 15.33 -7.55 22.17
P1 PX4 LB . 16.05 -8.49 21.29
O3 PX4 LB . 17.10 -7.75 20.31
C1 PX4 LB . 16.59 -6.54 19.75
C2 PX4 LB . 17.80 -5.69 19.35
N1 PX4 LB . 18.78 -6.16 18.37
C3 PX4 LB . 19.76 -7.06 18.99
C4 PX4 LB . 18.32 -6.77 17.10
C5 PX4 LB . 19.34 -4.88 17.93
O4 PX4 LB . 17.26 -9.15 22.13
C6 PX4 LB . 17.58 -10.47 21.70
C7 PX4 LB . 18.54 -11.10 22.71
C8 PX4 LB . 18.97 -9.95 23.62
O5 PX4 LB . 20.29 -9.46 23.33
C9 PX4 LB . 20.75 -8.40 24.06
O6 PX4 LB . 20.12 -8.06 25.07
C10 PX4 LB . 22.09 -7.82 23.65
C11 PX4 LB . 23.11 -7.91 24.79
C12 PX4 LB . 24.43 -7.33 24.30
C13 PX4 LB . 25.51 -7.07 25.36
C14 PX4 LB . 26.81 -7.20 24.57
C15 PX4 LB . 27.99 -6.90 25.50
C16 PX4 LB . 29.32 -7.27 24.82
C17 PX4 LB . 29.51 -8.69 24.30
C18 PX4 LB . 29.92 -9.60 25.46
C19 PX4 LB . 30.26 -11.05 25.07
C20 PX4 LB . 31.01 -11.70 26.23
C21 PX4 LB . 31.60 -13.08 25.96
C22 PX4 LB . 32.47 -13.11 24.70
O7 PX4 LB . 18.02 -12.16 23.52
C23 PX4 LB . 18.03 -13.41 22.97
O8 PX4 LB . 18.62 -13.85 21.99
C24 PX4 LB . 17.42 -14.40 23.95
C25 PX4 LB . 16.01 -14.88 23.57
C26 PX4 LB . 15.04 -13.93 24.27
C27 PX4 LB . 13.60 -14.14 23.81
C28 PX4 LB . 12.58 -13.46 24.75
C29 PX4 LB . 11.19 -14.01 24.43
C30 PX4 LB . 10.04 -13.18 24.97
C31 PX4 LB . 9.75 -13.36 26.46
C32 PX4 LB . 9.26 -14.77 26.78
C33 PX4 LB . 8.53 -14.58 28.10
C34 PX4 LB . 7.98 -15.97 28.39
C35 PX4 LB . 6.98 -16.15 29.52
C36 PX4 LB . 6.19 -17.43 29.25
O1 PX4 MB . 22.76 3.75 17.71
O2 PX4 MB . 20.55 3.57 16.32
P1 PX4 MB . 21.39 4.18 17.38
O3 PX4 MB . 21.37 5.72 16.90
C1 PX4 MB . 20.11 6.09 16.36
C2 PX4 MB . 20.25 7.40 15.56
N1 PX4 MB . 19.04 8.06 15.04
C3 PX4 MB . 17.95 7.14 14.67
C4 PX4 MB . 18.59 9.03 16.04
C5 PX4 MB . 19.56 8.80 13.87
O4 PX4 MB . 20.40 4.12 18.66
C6 PX4 MB . 20.90 3.50 19.85
C7 PX4 MB . 19.98 3.83 21.03
C8 PX4 MB . 19.52 2.50 21.60
O5 PX4 MB . 20.56 1.52 21.73
C9 PX4 MB . 20.26 0.32 22.30
O6 PX4 MB . 19.19 0.19 22.87
C10 PX4 MB . 21.48 -0.58 22.53
C11 PX4 MB . 21.83 -0.83 23.99
C12 PX4 MB . 22.98 -1.82 24.19
C13 PX4 MB . 22.52 -3.16 24.79
C14 PX4 MB . 21.69 -3.18 26.08
C15 PX4 MB . 21.59 -4.65 26.46
C16 PX4 MB . 22.96 -5.09 26.95
C17 PX4 MB . 23.33 -4.49 28.30
C18 PX4 MB . 24.85 -4.70 28.43
C19 PX4 MB . 25.72 -3.83 27.51
C20 PX4 MB . 27.17 -4.00 27.92
C21 PX4 MB . 28.05 -3.40 26.83
C22 PX4 MB . 29.42 -3.97 27.16
O7 PX4 MB . 20.53 4.74 22.00
C23 PX4 MB . 19.66 5.45 22.77
O8 PX4 MB . 18.55 5.72 22.29
C24 PX4 MB . 20.26 6.36 23.84
C25 PX4 MB . 20.76 5.62 25.10
C26 PX4 MB . 20.97 6.51 26.32
C27 PX4 MB . 21.41 5.67 27.51
C28 PX4 MB . 22.08 6.51 28.59
C29 PX4 MB . 23.09 5.70 29.42
C30 PX4 MB . 23.93 6.64 30.30
C31 PX4 MB . 23.03 7.27 31.36
C32 PX4 MB . 23.84 8.28 32.16
C33 PX4 MB . 23.00 8.87 33.30
C34 PX4 MB . 23.81 9.97 33.99
C35 PX4 MB . 22.95 10.80 34.95
C36 PX4 MB . 23.92 11.70 35.72
O1 PX4 NB . -20.42 15.90 22.26
O2 PX4 NB . -22.81 14.90 21.84
P1 PX4 NB . -21.87 15.84 22.49
O3 PX4 NB . -22.38 17.30 22.03
C1 PX4 NB . -21.76 17.47 20.77
C2 PX4 NB . -21.67 18.92 20.26
N1 PX4 NB . -20.91 19.88 21.09
C3 PX4 NB . -20.96 21.21 20.45
C4 PX4 NB . -21.49 20.09 22.43
C5 PX4 NB . -19.53 19.47 21.37
O4 PX4 NB . -22.36 15.75 24.02
C6 PX4 NB . -21.60 16.74 24.72
C7 PX4 NB . -22.05 17.17 26.12
C8 PX4 NB . -23.55 16.92 26.18
O5 PX4 NB . -24.29 17.64 27.18
C9 PX4 NB . -25.40 17.04 27.68
O6 PX4 NB . -25.44 15.82 27.69
C10 PX4 NB . -26.49 17.86 28.37
C11 PX4 NB . -25.87 18.62 29.54
C12 PX4 NB . -26.83 19.47 30.37
C13 PX4 NB . -28.02 18.70 30.95
C14 PX4 NB . -29.08 19.71 31.38
C15 PX4 NB . -28.73 20.54 32.62
C16 PX4 NB . -29.69 21.67 32.94
C17 PX4 NB . -29.11 22.42 34.14
C18 PX4 NB . -29.85 23.74 34.33
C19 PX4 NB . -29.54 24.45 35.64
C20 PX4 NB . -30.51 25.60 35.95
C21 PX4 NB . -30.10 26.43 37.17
C22 PX4 NB . -31.19 27.44 37.51
O7 PX4 NB . -21.40 16.43 27.14
C23 PX4 NB . -20.27 16.99 27.68
O8 PX4 NB . -19.80 18.07 27.35
C24 PX4 NB . -20.02 16.38 29.06
C25 PX4 NB . -21.13 16.69 30.07
C26 PX4 NB . -21.10 15.92 31.39
C27 PX4 NB . -22.14 16.42 32.40
C28 PX4 NB . -23.52 16.24 31.75
C29 PX4 NB . -24.63 16.82 32.61
C30 PX4 NB . -24.29 18.24 33.08
C31 PX4 NB . -25.43 18.87 33.90
C32 PX4 NB . -24.95 19.74 35.07
C33 PX4 NB . -26.11 20.19 35.97
C34 PX4 NB . -25.65 21.00 37.18
C35 PX4 NB . -26.84 21.33 38.09
C36 PX4 NB . -26.60 22.14 39.37
O1 PX4 OB . -17.86 23.94 20.47
O2 PX4 OB . -17.03 21.52 21.06
P1 PX4 OB . -17.43 22.89 21.44
O3 PX4 OB . -18.69 22.85 22.43
C1 PX4 OB . -19.12 24.16 22.82
C2 PX4 OB . -20.18 24.09 23.91
N1 PX4 OB . -19.91 23.59 25.27
C3 PX4 OB . -21.14 23.83 26.02
C4 PX4 OB . -19.56 22.16 25.28
C5 PX4 OB . -18.84 24.33 25.98
O4 PX4 OB . -16.40 23.43 22.55
C6 PX4 OB . -15.95 22.25 23.27
C7 PX4 OB . -15.09 22.48 24.51
C8 PX4 OB . -14.39 23.83 24.38
O5 PX4 OB . -12.98 23.61 24.42
C9 PX4 OB . -12.21 24.69 24.75
O6 PX4 OB . -12.59 25.82 24.44
C10 PX4 OB . -10.74 24.43 25.08
C11 PX4 OB . -10.16 24.79 26.45
C12 PX4 OB . -10.38 26.26 26.81
C13 PX4 OB . -9.87 26.31 28.26
C14 PX4 OB . -9.88 27.77 28.73
C15 PX4 OB . -9.15 27.88 30.07
C16 PX4 OB . -9.34 29.22 30.77
C17 PX4 OB . -8.50 29.23 32.05
C18 PX4 OB . -8.83 30.55 32.76
C19 PX4 OB . -8.15 30.63 34.13
C20 PX4 OB . -6.66 30.30 34.22
C21 PX4 OB . -6.31 30.72 35.66
C22 PX4 OB . -4.94 30.19 36.06
O7 PX4 OB . -15.82 22.11 25.69
C23 PX4 OB . -15.74 20.81 26.05
O8 PX4 OB . -15.23 19.97 25.32
C24 PX4 OB . -16.51 20.42 27.32
C25 PX4 OB . -15.90 19.37 28.25
C26 PX4 OB . -16.94 19.03 29.31
C27 PX4 OB . -16.49 18.12 30.46
C28 PX4 OB . -17.50 18.11 31.60
C29 PX4 OB . -16.83 17.52 32.84
C30 PX4 OB . -17.78 16.98 33.92
C31 PX4 OB . -18.78 18.03 34.43
C32 PX4 OB . -19.85 17.47 35.36
C33 PX4 OB . -20.59 18.67 35.97
C34 PX4 OB . -21.58 18.21 37.05
C35 PX4 OB . -22.50 17.04 36.68
C36 PX4 OB . -23.00 16.19 37.85
O1 PX4 PB . 11.37 25.58 48.81
O2 PX4 PB . 9.76 23.63 49.54
P1 PX4 PB . 10.52 24.41 48.53
O3 PX4 PB . 11.50 23.46 47.68
C1 PX4 PB . 10.77 22.26 47.40
C2 PX4 PB . 11.58 21.46 46.39
N1 PX4 PB . 11.05 20.14 46.02
C3 PX4 PB . 10.74 19.39 47.24
C4 PX4 PB . 9.89 20.35 45.15
C5 PX4 PB . 12.11 19.35 45.38
O4 PX4 PB . 9.53 24.72 47.30
C6 PX4 PB . 9.71 26.06 46.89
C7 PX4 PB . 9.32 26.32 45.42
C8 PX4 PB . 9.93 25.24 44.55
O5 PX4 PB . 10.80 25.68 43.49
C9 PX4 PB . 11.43 24.68 42.83
O6 PX4 PB . 11.45 23.50 43.18
C10 PX4 PB . 12.29 25.22 41.68
C11 PX4 PB . 11.28 25.98 40.81
C12 PX4 PB . 11.92 26.47 39.53
C13 PX4 PB . 11.09 27.65 38.98
C14 PX4 PB . 11.59 28.21 37.65
C15 PX4 PB . 10.83 29.44 37.15
C16 PX4 PB . 11.52 30.05 35.93
C17 PX4 PB . 10.81 31.33 35.49
C18 PX4 PB . 11.01 32.34 36.63
C19 PX4 PB . 10.44 33.70 36.24
C20 PX4 PB . 10.79 34.71 37.34
C21 PX4 PB . 9.97 35.98 37.09
C22 PX4 PB . 10.45 36.93 38.19
O7 PX4 PB . 7.88 26.40 45.35
C23 PX4 PB . 7.20 27.37 44.69
O8 PX4 PB . 7.69 28.51 44.69
C24 PX4 PB . 5.71 27.18 44.42
C25 PX4 PB . 5.21 27.35 42.99
C26 PX4 PB . 3.68 27.29 43.03
C27 PX4 PB . 3.01 27.18 41.65
C28 PX4 PB . 1.49 27.04 41.82
C29 PX4 PB . 1.00 26.86 40.38
C30 PX4 PB . 0.97 28.10 39.48
C31 PX4 PB . 0.52 27.62 38.10
C32 PX4 PB . 0.26 28.82 37.17
C33 PX4 PB . -0.15 28.26 35.81
C34 PX4 PB . -0.20 29.42 34.80
C35 PX4 PB . -1.11 29.16 33.60
C36 PX4 PB . -0.71 30.07 32.43
O1 PX4 QB . 26.82 23.50 42.87
O2 PX4 QB . 24.37 23.18 42.18
P1 PX4 QB . 25.81 23.16 41.84
O3 PX4 QB . 25.99 21.65 41.31
C1 PX4 QB . 26.22 20.67 42.33
C2 PX4 QB . 26.23 19.23 41.81
N1 PX4 QB . 25.03 18.94 41.01
C3 PX4 QB . 24.82 17.48 41.00
C4 PX4 QB . 23.82 19.59 41.52
C5 PX4 QB . 25.33 19.24 39.60
O4 PX4 QB . 25.96 23.87 40.38
C6 PX4 QB . 24.84 23.37 39.66
C7 PX4 QB . 24.46 24.22 38.44
C8 PX4 QB . 25.59 24.00 37.43
O5 PX4 QB . 26.13 22.72 37.11
C9 PX4 QB . 27.36 22.68 36.51
O6 PX4 QB . 28.11 23.65 36.53
C10 PX4 QB . 27.92 21.27 36.51
C11 PX4 QB . 28.97 21.07 35.40
C12 PX4 QB . 28.41 21.23 33.98
C13 PX4 QB . 27.17 20.41 33.64
C14 PX4 QB . 26.88 20.66 32.17
C15 PX4 QB . 25.51 20.09 31.70
C16 PX4 QB . 25.10 20.42 30.26
C17 PX4 QB . 23.83 19.69 29.81
C18 PX4 QB . 23.45 20.02 28.36
C19 PX4 QB . 22.27 19.17 27.88
C20 PX4 QB . 21.15 19.17 28.92
C21 PX4 QB . 19.91 18.57 28.27
C22 PX4 QB . 18.80 18.76 29.29
O7 PX4 QB . 23.20 23.96 37.84
C23 PX4 QB . 22.02 24.50 38.24
O8 PX4 QB . 21.95 25.30 39.17
C24 PX4 QB . 20.81 24.00 37.46
C25 PX4 QB . 19.51 24.00 38.27
C26 PX4 QB . 18.42 23.28 37.46
C27 PX4 QB . 17.25 22.92 38.37
C28 PX4 QB . 16.29 21.90 37.73
C29 PX4 QB . 14.84 21.88 38.21
C30 PX4 QB . 13.76 21.39 37.22
C31 PX4 QB . 12.42 21.94 37.71
C32 PX4 QB . 11.36 21.73 36.62
C33 PX4 QB . 9.96 22.01 37.12
C34 PX4 QB . 8.97 22.17 35.94
C35 PX4 QB . 7.59 22.67 36.37
C36 PX4 QB . 7.05 21.78 37.49
O1 PX4 RB . 20.42 14.29 40.53
O2 PX4 RB . 22.66 15.17 41.56
P1 PX4 RB . 21.27 15.37 41.07
O3 PX4 RB . 20.22 16.05 42.09
C1 PX4 RB . 19.78 15.12 43.08
C2 PX4 RB . 18.59 15.53 43.95
N1 PX4 RB . 17.25 15.73 43.38
C3 PX4 RB . 17.15 16.84 42.43
C4 PX4 RB . 16.76 14.48 42.77
C5 PX4 RB . 16.42 15.95 44.58
O4 PX4 RB . 21.32 16.41 39.83
C6 PX4 RB . 19.97 16.78 39.55
C7 PX4 RB . 19.66 17.49 38.24
C8 PX4 RB . 20.94 17.26 37.44
O5 PX4 RB . 21.40 18.31 36.57
C9 PX4 RB . 22.03 19.28 37.30
O6 PX4 RB . 22.59 19.00 38.37
C10 PX4 RB . 22.37 20.56 36.55
C11 PX4 RB . 23.14 20.23 35.26
C12 PX4 RB . 22.72 21.27 34.22
C13 PX4 RB . 21.20 21.12 34.00
C14 PX4 RB . 20.82 19.73 33.49
C15 PX4 RB . 19.34 19.87 33.15
C16 PX4 RB . 18.50 20.34 34.34
C17 PX4 RB . 17.00 20.27 34.08
C18 PX4 RB . 16.58 21.32 33.04
C19 PX4 RB . 15.06 21.50 33.01
C20 PX4 RB . 14.63 22.28 31.76
C21 PX4 RB . 13.13 22.49 31.58
C22 PX4 RB . 12.49 23.16 32.80
O7 PX4 RB . 18.50 16.95 37.59
C23 PX4 RB . 17.24 17.26 38.00
O8 PX4 RB . 17.08 18.06 38.93
C24 PX4 RB . 16.14 16.63 37.17
C25 PX4 RB . 16.81 15.50 36.37
C26 PX4 RB . 15.76 14.89 35.44
C27 PX4 RB . 16.21 13.77 34.51
C28 PX4 RB . 16.87 12.51 35.08
C29 PX4 RB . 16.50 11.33 34.15
C30 PX4 RB . 17.19 10.05 34.64
C31 PX4 RB . 16.79 8.90 33.73
C32 PX4 RB . 17.35 7.54 34.19
C33 PX4 RB . 17.24 6.37 33.22
C34 PX4 RB . 18.33 6.44 32.14
C35 PX4 RB . 18.28 5.03 31.56
C36 PX4 RB . 16.83 4.56 31.35
O1 PX4 SB . -18.73 26.39 58.28
O2 PX4 SB . -21.31 26.75 58.18
P1 PX4 SB . -20.06 26.11 57.72
O3 PX4 SB . -20.16 24.53 57.99
C1 PX4 SB . -20.51 24.19 59.34
C2 PX4 SB . -21.12 22.80 59.54
N1 PX4 SB . -20.38 21.58 59.24
C3 PX4 SB . -21.29 20.41 59.20
C4 PX4 SB . -19.68 21.54 57.96
C5 PX4 SB . -19.38 21.19 60.24
O4 PX4 SB . -19.73 26.08 56.14
C6 PX4 SB . -20.62 25.26 55.36
C7 PX4 SB . -20.26 25.23 53.87
C8 PX4 SB . -18.99 26.08 53.78
O5 PX4 SB . -18.66 26.48 52.44
C9 PX4 SB . -17.42 26.99 52.23
O6 PX4 SB . -16.94 27.41 53.27
C10 PX4 SB . -17.24 27.67 50.86
C11 PX4 SB . -17.45 26.75 49.68
C12 PX4 SB . -17.27 27.41 48.32
C13 PX4 SB . -17.39 26.43 47.15
C14 PX4 SB . -17.12 27.28 45.92
C15 PX4 SB . -16.56 26.44 44.77
C16 PX4 SB . -16.60 27.33 43.53
C17 PX4 SB . -16.23 26.37 42.39
C18 PX4 SB . -16.34 26.97 40.98
C19 PX4 SB . -16.10 25.84 39.99
C20 PX4 SB . -16.28 26.41 38.58
C21 PX4 SB . -16.03 25.31 37.56
C22 PX4 SB . -14.57 24.91 37.73
O7 PX4 SB . -20.05 23.90 53.40
C23 PX4 SB . -20.24 23.75 52.06
O8 PX4 SB . -21.11 24.41 51.51
C24 PX4 SB . -19.68 22.50 51.38
C25 PX4 SB . -18.54 22.91 50.46
C26 PX4 SB . -18.16 21.96 49.32
C27 PX4 SB . -18.00 20.52 49.81
C28 PX4 SB . -17.94 19.61 48.57
C29 PX4 SB . -17.56 18.13 48.69
C30 PX4 SB . -17.95 17.64 47.30
C31 PX4 SB . -17.61 16.17 47.09
C32 PX4 SB . -18.39 15.53 45.95
C33 PX4 SB . -19.84 15.89 46.21
C34 PX4 SB . -20.79 15.48 45.08
C35 PX4 SB . -22.22 15.98 45.30
C36 PX4 SB . -22.89 15.56 46.63
O1 PX4 TB . 42.96 15.37 43.18
O2 PX4 TB . 45.28 14.38 42.54
P1 PX4 TB . 44.02 15.06 42.19
O3 PX4 TB . 44.58 16.56 42.16
C1 PX4 TB . 43.53 17.49 41.85
C2 PX4 TB . 44.02 18.90 42.17
N1 PX4 TB . 43.05 19.99 42.10
C3 PX4 TB . 42.49 20.01 40.74
C4 PX4 TB . 42.01 19.99 43.13
C5 PX4 TB . 43.79 21.26 42.22
O4 PX4 TB . 43.46 14.92 40.69
C6 PX4 TB . 44.45 14.25 39.91
C7 PX4 TB . 44.19 14.24 38.41
C8 PX4 TB . 45.10 15.45 38.12
O5 PX4 TB . 44.72 16.30 37.04
C9 PX4 TB . 44.57 17.57 37.50
O6 PX4 TB . 44.58 17.80 38.70
C10 PX4 TB . 44.29 18.73 36.55
C11 PX4 TB . 43.09 18.49 35.64
C12 PX4 TB . 43.17 19.34 34.35
C13 PX4 TB . 42.20 18.83 33.28
C14 PX4 TB . 42.17 19.82 32.11
C15 PX4 TB . 40.74 20.10 31.64
C16 PX4 TB . 40.78 20.76 30.26
C17 PX4 TB . 39.37 21.31 30.02
C18 PX4 TB . 39.26 21.73 28.55
C19 PX4 TB . 39.39 20.52 27.63
C20 PX4 TB . 39.42 20.71 26.11
C21 PX4 TB . 38.81 19.51 25.37
C22 PX4 TB . 37.90 20.05 24.26
O7 PX4 TB . 44.65 13.04 37.77
C23 PX4 TB . 43.99 11.86 37.84
O8 PX4 TB . 43.11 11.72 38.68
C24 PX4 TB . 44.50 10.76 36.90
C25 PX4 TB . 44.37 11.14 35.42
C26 PX4 TB . 45.22 10.19 34.57
C27 PX4 TB . 45.02 10.36 33.07
C28 PX4 TB . 44.30 9.29 32.25
C29 PX4 TB . 44.49 9.45 30.75
C30 PX4 TB . 43.82 8.36 29.89
C31 PX4 TB . 44.47 8.51 28.51
C32 PX4 TB . 44.13 7.33 27.60
C33 PX4 TB . 44.41 7.63 26.13
C34 PX4 TB . 44.07 6.54 25.10
C35 PX4 TB . 44.22 7.06 23.66
C36 PX4 TB . 43.52 6.17 22.64
O1 PX4 UB . 17.38 -35.68 54.75
O2 PX4 UB . 18.28 -38.04 54.01
P1 PX4 UB . 18.00 -36.61 53.76
O3 PX4 UB . 19.49 -36.05 53.96
C1 PX4 UB . 19.48 -34.65 53.65
C2 PX4 UB . 20.81 -34.07 53.15
N1 PX4 UB . 20.74 -32.65 52.83
C3 PX4 UB . 19.72 -32.19 51.88
C4 PX4 UB . 20.64 -31.91 54.10
C5 PX4 UB . 22.02 -32.30 52.21
O4 PX4 UB . 17.86 -36.01 52.28
C6 PX4 UB . 18.60 -36.84 51.37
C7 PX4 UB . 18.37 -36.71 49.88
C8 PX4 UB . 16.85 -36.79 49.66
O5 PX4 UB . 16.34 -37.69 48.69
C9 PX4 UB . 15.02 -38.00 48.84
O6 PX4 UB . 14.43 -37.95 49.93
C10 PX4 UB . 14.45 -38.79 47.67
C11 PX4 UB . 13.65 -37.87 46.76
C12 PX4 UB . 14.15 -38.24 45.35
C13 PX4 UB . 13.13 -37.70 44.33
C14 PX4 UB . 12.79 -36.25 44.72
C15 PX4 UB . 11.55 -35.86 43.93
C16 PX4 UB . 11.82 -35.65 42.45
C17 PX4 UB . 10.56 -35.13 41.74
C18 PX4 UB . 10.89 -34.95 40.26
C19 PX4 UB . 9.68 -34.52 39.41
C20 PX4 UB . 10.16 -34.14 38.01
C21 PX4 UB . 8.98 -33.84 37.07
C22 PX4 UB . 9.59 -33.61 35.68
O7 PX4 UB . 18.90 -35.51 49.32
C23 PX4 UB . 20.23 -35.50 49.03
O8 PX4 UB . 20.95 -36.38 49.49
C24 PX4 UB . 20.95 -34.41 48.24
C25 PX4 UB . 20.32 -33.96 46.91
C26 PX4 UB . 21.32 -33.74 45.77
C27 PX4 UB . 20.60 -33.31 44.49
C28 PX4 UB . 20.34 -31.81 44.55
C29 PX4 UB . 19.78 -31.36 43.20
C30 PX4 UB . 18.53 -32.18 42.86
C31 PX4 UB . 17.90 -31.81 41.51
C32 PX4 UB . 18.75 -32.40 40.37
C33 PX4 UB . 18.19 -31.92 39.03
C34 PX4 UB . 18.82 -32.74 37.90
C35 PX4 UB . 18.05 -32.33 36.64
C36 PX4 UB . 18.66 -32.91 35.36
O1 PX4 VB . -24.97 -3.72 62.50
O2 PX4 VB . -26.26 -2.01 60.98
P1 PX4 VB . -25.64 -3.33 61.23
O3 PX4 VB . -26.89 -4.35 61.16
C1 PX4 VB . -27.95 -4.18 62.09
C2 PX4 VB . -29.27 -4.87 61.71
N1 PX4 VB . -30.04 -4.70 60.48
C3 PX4 VB . -31.40 -5.25 60.62
C4 PX4 VB . -30.10 -3.29 60.08
C5 PX4 VB . -29.40 -5.44 59.37
O4 PX4 VB . -24.86 -3.82 59.91
C6 PX4 VB . -25.85 -3.79 58.89
C7 PX4 VB . -25.29 -3.81 57.47
C8 PX4 VB . -23.80 -3.46 57.51
O5 PX4 VB . -23.46 -2.13 57.09
C9 PX4 VB . -22.12 -1.98 56.86
O6 PX4 VB . -21.30 -2.64 57.47
C10 PX4 VB . -21.70 -0.84 55.93
C11 PX4 VB . -22.29 -1.26 54.57
C12 PX4 VB . -21.95 -0.08 53.65
C13 PX4 VB . -22.38 -0.59 52.27
C14 PX4 VB . -21.25 -1.00 51.33
C15 PX4 VB . -21.90 -1.21 49.96
C16 PX4 VB . -20.80 -1.36 48.92
C17 PX4 VB . -21.62 -1.48 47.63
C18 PX4 VB . -20.78 -1.83 46.40
C19 PX4 VB . -21.76 -2.32 45.34
C20 PX4 VB . -20.90 -2.57 44.11
C21 PX4 VB . -21.75 -3.24 43.03
C22 PX4 VB . -20.70 -3.50 41.94
O7 PX4 VB . -25.56 -5.02 56.73
C23 PX4 VB . -26.71 -5.02 56.00
O8 PX4 VB . -27.56 -4.13 56.11
C24 PX4 VB . -26.94 -6.17 55.03
C25 PX4 VB . -27.79 -5.74 53.83
C26 PX4 VB . -28.44 -6.88 53.05
C27 PX4 VB . -28.88 -6.40 51.66
C28 PX4 VB . -29.90 -7.38 51.07
C29 PX4 VB . -30.37 -7.17 49.64
C30 PX4 VB . -31.07 -5.80 49.51
C31 PX4 VB . -31.88 -5.82 48.19
C32 PX4 VB . -32.90 -6.94 48.03
C33 PX4 VB . -33.31 -6.60 46.60
C34 PX4 VB . -33.97 -5.23 46.57
C35 PX4 VB . -34.15 -4.74 45.13
C36 PX4 VB . -34.84 -3.41 44.79
O1 PX4 WB . 0.69 42.45 48.65
O2 PX4 WB . -0.72 43.89 46.94
P1 PX4 WB . 0.50 43.19 47.40
O3 PX4 WB . 0.72 41.91 46.44
C1 PX4 WB . -0.49 41.32 45.96
C2 PX4 WB . -0.21 40.01 45.23
N1 PX4 WB . -0.45 38.76 45.98
C3 PX4 WB . -0.36 37.57 45.11
C4 PX4 WB . 0.54 38.59 47.04
C5 PX4 WB . -1.85 38.66 46.42
O4 PX4 WB . 1.85 43.98 46.99
C6 PX4 WB . 1.53 44.59 45.73
C7 PX4 WB . 2.75 45.35 45.24
C8 PX4 WB . 3.74 44.25 44.90
O5 PX4 WB . 3.23 43.11 44.21
C9 PX4 WB . 3.83 41.90 44.32
O6 PX4 WB . 4.54 41.78 45.33
C10 PX4 WB . 3.44 40.79 43.35
C11 PX4 WB . 2.35 41.24 42.38
C12 PX4 WB . 1.75 40.01 41.70
C13 PX4 WB . 0.60 40.40 40.77
C14 PX4 WB . 0.06 39.07 40.26
C15 PX4 WB . -0.66 39.34 38.95
C16 PX4 WB . -1.18 38.00 38.42
C17 PX4 WB . -1.89 38.16 37.08
C18 PX4 WB . -2.74 36.90 36.89
C19 PX4 WB . -3.78 36.88 38.01
C20 PX4 WB . -4.57 35.60 38.25
C21 PX4 WB . -5.56 35.75 39.41
C22 PX4 WB . -6.44 34.52 39.67
O7 PX4 WB . 2.46 46.26 44.16
C23 PX4 WB . 1.83 47.40 44.55
O8 PX4 WB . 1.49 47.57 45.72
C24 PX4 WB . 1.54 48.44 43.47
C25 PX4 WB . 1.38 47.81 42.09
C26 PX4 WB . 0.99 48.79 40.97
C27 PX4 WB . -0.37 49.44 41.21
C28 PX4 WB . -0.68 50.40 40.07
C29 PX4 WB . -0.94 49.70 38.73
C30 PX4 WB . -1.43 50.89 37.88
C31 PX4 WB . -2.85 51.33 38.21
C32 PX4 WB . -3.16 52.41 37.17
C33 PX4 WB . -3.13 51.66 35.83
C34 PX4 WB . -3.70 52.48 34.68
C35 PX4 WB . -3.74 51.77 33.33
C36 PX4 WB . -4.49 52.57 32.27
O1 PX4 XB . -17.59 -9.01 57.58
O2 PX4 XB . -19.44 -9.35 59.37
P1 PX4 XB . -18.52 -9.88 58.34
O3 PX4 XB . -17.54 -10.63 59.36
C1 PX4 XB . -16.89 -9.65 60.16
C2 PX4 XB . -16.47 -10.05 61.57
N1 PX4 XB . -17.43 -10.61 62.54
C3 PX4 XB . -16.79 -10.56 63.85
C4 PX4 XB . -18.73 -9.93 62.74
C5 PX4 XB . -17.65 -12.02 62.20
O4 PX4 XB . -18.96 -11.26 57.63
C6 PX4 XB . -18.34 -11.24 56.34
C7 PX4 XB . -18.58 -12.56 55.63
C8 PX4 XB . -20.02 -12.53 55.13
O5 PX4 XB . -20.34 -11.33 54.41
C9 PX4 XB . -21.44 -11.50 53.63
O6 PX4 XB . -22.23 -12.44 53.79
C10 PX4 XB . -21.71 -10.29 52.74
C11 PX4 XB . -21.75 -10.76 51.28
C12 PX4 XB . -22.05 -9.68 50.24
C13 PX4 XB . -23.56 -9.37 50.17
C14 PX4 XB . -23.80 -8.29 49.13
C15 PX4 XB . -25.32 -8.08 49.05
C16 PX4 XB . -25.58 -7.19 47.83
C17 PX4 XB . -27.09 -6.98 47.68
C18 PX4 XB . -27.38 -6.26 46.36
C19 PX4 XB . -26.93 -7.06 45.12
C20 PX4 XB . -27.09 -5.91 44.11
C21 PX4 XB . -28.59 -5.60 44.24
C22 PX4 XB . -29.06 -4.48 43.31
O7 PX4 XB . -17.65 -12.85 54.59
C23 PX4 XB . -16.37 -13.21 54.87
O8 PX4 XB . -16.16 -13.68 55.98
C24 PX4 XB . -15.43 -13.36 53.68
C25 PX4 XB . -16.17 -13.93 52.46
C26 PX4 XB . -15.17 -13.94 51.29
C27 PX4 XB . -15.89 -14.84 50.29
C28 PX4 XB . -15.29 -15.15 48.92
C29 PX4 XB . -14.36 -16.36 48.92
C30 PX4 XB . -14.66 -17.36 47.79
C31 PX4 XB . -15.07 -16.64 46.51
C32 PX4 XB . -15.10 -17.75 45.47
C33 PX4 XB . -15.33 -17.33 44.01
C34 PX4 XB . -15.39 -18.33 42.86
C35 PX4 XB . -15.32 -17.81 41.43
C36 PX4 XB . -15.14 -18.92 40.40
O1 PX4 YB . 1.38 -29.36 55.41
O2 PX4 YB . 1.97 -31.82 55.04
P1 PX4 YB . 2.28 -30.40 54.81
O3 PX4 YB . 3.64 -30.25 55.68
C1 PX4 YB . 3.20 -29.99 57.02
C2 PX4 YB . 4.37 -29.29 57.72
N1 PX4 YB . 4.21 -28.68 59.04
C3 PX4 YB . 3.34 -27.50 58.91
C4 PX4 YB . 3.77 -29.70 60.01
C5 PX4 YB . 5.49 -28.29 59.65
O4 PX4 YB . 2.74 -29.95 53.34
C6 PX4 YB . 3.87 -30.72 52.96
C7 PX4 YB . 4.47 -30.34 51.61
C8 PX4 YB . 3.17 -30.44 50.80
O5 PX4 YB . 3.20 -31.39 49.75
C9 PX4 YB . 2.09 -31.57 48.98
O6 PX4 YB . 1.08 -30.89 49.14
C10 PX4 YB . 1.96 -32.73 47.98
C11 PX4 YB . 3.03 -32.61 46.89
C12 PX4 YB . 2.66 -33.42 45.65
C13 PX4 YB . 3.89 -33.69 44.78
C14 PX4 YB . 3.40 -34.50 43.58
C15 PX4 YB . 4.53 -34.92 42.63
C16 PX4 YB . 4.05 -35.49 41.30
C17 PX4 YB . 5.23 -35.87 40.40
C18 PX4 YB . 4.84 -36.39 39.02
C19 PX4 YB . 5.99 -36.94 38.17
C20 PX4 YB . 5.37 -37.53 36.91
C21 PX4 YB . 4.57 -36.46 36.16
C22 PX4 YB . 4.10 -36.85 34.77
O7 PX4 YB . 5.21 -29.12 51.52
C23 PX4 YB . 6.52 -29.14 51.92
O8 PX4 YB . 6.88 -29.98 52.75
C24 PX4 YB . 7.20 -27.78 51.78
C25 PX4 YB . 7.99 -27.58 50.50
C26 PX4 YB . 8.58 -26.18 50.32
C27 PX4 YB . 9.19 -26.02 48.93
C28 PX4 YB . 9.93 -24.73 48.56
C29 PX4 YB . 10.33 -24.87 47.08
C30 PX4 YB . 10.90 -23.51 46.69
C31 PX4 YB . 10.53 -23.34 45.22
C32 PX4 YB . 10.97 -21.98 44.65
C33 PX4 YB . 10.33 -21.64 43.32
C34 PX4 YB . 10.71 -20.25 42.81
C35 PX4 YB . 10.36 -19.20 43.87
C36 PX4 YB . 10.34 -17.75 43.38
O1 PX4 ZB . 39.60 17.81 42.70
O2 PX4 ZB . 37.53 17.28 41.34
P1 PX4 ZB . 39.00 17.45 41.40
O3 PX4 ZB . 39.74 16.09 40.95
C1 PX4 ZB . 39.71 15.00 41.88
C2 PX4 ZB . 40.39 13.65 41.69
N1 PX4 ZB . 40.13 12.72 40.57
C3 PX4 ZB . 41.11 11.67 40.82
C4 PX4 ZB . 38.78 12.18 40.45
C5 PX4 ZB . 40.38 13.24 39.22
O4 PX4 ZB . 39.45 18.41 40.19
C6 PX4 ZB . 38.94 17.74 39.03
C7 PX4 ZB . 39.68 18.03 37.73
C8 PX4 ZB . 40.35 19.40 37.89
O5 PX4 ZB . 39.84 20.41 37.04
C9 PX4 ZB . 40.54 21.57 37.16
O6 PX4 ZB . 41.61 21.68 37.76
C10 PX4 ZB . 40.01 22.73 36.30
C11 PX4 ZB . 39.56 22.30 34.90
C12 PX4 ZB . 38.77 23.45 34.29
C13 PX4 ZB . 38.09 23.00 33.00
C14 PX4 ZB . 37.52 24.27 32.38
C15 PX4 ZB . 36.64 23.84 31.21
C16 PX4 ZB . 35.73 24.94 30.63
C17 PX4 ZB . 34.84 24.47 29.48
C18 PX4 ZB . 34.12 25.68 28.89
C19 PX4 ZB . 32.77 25.36 28.23
C20 PX4 ZB . 32.36 26.50 27.30
C21 PX4 ZB . 32.37 27.79 28.12
C22 PX4 ZB . 31.86 28.99 27.32
O7 PX4 ZB . 40.51 16.96 37.26
C23 PX4 ZB . 39.82 16.09 36.48
O8 PX4 ZB . 38.59 15.98 36.59
C24 PX4 ZB . 40.63 15.06 35.70
C25 PX4 ZB . 40.33 14.91 34.21
C26 PX4 ZB . 40.56 13.55 33.56
C27 PX4 ZB . 40.80 13.89 32.07
C28 PX4 ZB . 41.06 12.63 31.23
C29 PX4 ZB . 41.21 12.88 29.73
C30 PX4 ZB . 41.24 11.59 28.93
C31 PX4 ZB . 40.79 11.82 27.47
C32 PX4 ZB . 40.99 10.61 26.56
C33 PX4 ZB . 40.33 10.88 25.20
C34 PX4 ZB . 40.37 9.58 24.38
C35 PX4 ZB . 40.03 9.98 22.95
C36 PX4 ZB . 40.33 8.84 21.97
O1 PX4 AC . 36.50 9.44 44.89
O2 PX4 AC . 34.19 10.25 43.98
P1 PX4 AC . 35.52 9.63 43.80
O3 PX4 AC . 35.12 8.12 43.37
C1 PX4 AC . 34.49 7.45 44.46
C2 PX4 AC . 34.58 5.93 44.35
N1 PX4 AC . 35.67 5.23 45.06
C3 PX4 AC . 37.01 5.69 44.67
C4 PX4 AC . 35.59 5.45 46.53
C5 PX4 AC . 35.59 3.80 44.77
O4 PX4 AC . 36.13 10.00 42.36
C6 PX4 AC . 35.06 9.79 41.44
C7 PX4 AC . 35.20 10.42 40.05
C8 PX4 AC . 35.89 9.33 39.22
O5 PX4 AC . 37.21 9.61 38.78
C9 PX4 AC . 37.90 8.42 38.72
O6 PX4 AC . 37.34 7.33 38.75
C10 PX4 AC . 39.37 8.67 38.37
C11 PX4 AC . 39.47 8.76 36.85
C12 PX4 AC . 40.65 9.63 36.36
C13 PX4 AC . 40.74 9.77 34.84
C14 PX4 AC . 40.85 8.32 34.34
C15 PX4 AC . 40.75 8.34 32.81
C16 PX4 AC . 40.81 6.90 32.32
C17 PX4 AC . 40.50 6.98 30.83
C18 PX4 AC . 39.08 7.49 30.49
C19 PX4 AC . 38.98 7.27 28.97
C20 PX4 AC . 37.64 7.75 28.40
C21 PX4 AC . 36.44 7.11 29.09
C22 PX4 AC . 36.28 5.61 28.87
O7 PX4 AC . 33.97 10.82 39.47
C23 PX4 AC . 34.13 11.64 38.38
O8 PX4 AC . 35.09 12.40 38.29
C24 PX4 AC . 32.99 11.61 37.36
C25 PX4 AC . 32.86 10.37 36.45
C26 PX4 AC . 31.99 10.58 35.21
C27 PX4 AC . 31.75 9.47 34.19
C28 PX4 AC . 31.98 9.89 32.72
C29 PX4 AC . 31.94 8.73 31.74
C30 PX4 AC . 31.86 9.05 30.23
C31 PX4 AC . 33.13 9.72 29.71
C32 PX4 AC . 33.06 9.87 28.19
C33 PX4 AC . 32.62 8.59 27.47
C34 PX4 AC . 32.67 8.76 25.94
C35 PX4 AC . 32.06 7.57 25.19
C36 PX4 AC . 32.91 6.34 25.51
O1 PX4 BC . 18.67 -27.96 54.55
O2 PX4 BC . 17.00 -27.09 52.68
P1 PX4 BC . 17.85 -28.12 53.32
O3 PX4 BC . 16.47 -28.47 54.06
C1 PX4 BC . 16.06 -27.46 54.99
C2 PX4 BC . 14.54 -27.55 55.20
N1 PX4 BC . 13.78 -26.53 55.92
C3 PX4 BC . 14.56 -25.95 57.02
C4 PX4 BC . 13.17 -25.59 54.97
C5 PX4 BC . 12.71 -27.34 56.52
O4 PX4 BC . 17.80 -29.50 52.50
C6 PX4 BC . 16.92 -29.43 51.39
C7 PX4 BC . 16.31 -30.83 51.21
C8 PX4 BC . 14.84 -30.49 50.98
O5 PX4 BC . 14.55 -29.67 49.83
C9 PX4 BC . 13.26 -29.55 49.43
O6 PX4 BC . 12.39 -29.68 50.30
C10 PX4 BC . 13.08 -28.95 48.03
C11 PX4 BC . 11.59 -28.76 47.69
C12 PX4 BC . 11.55 -28.32 46.23
C13 PX4 BC . 10.78 -29.30 45.33
C14 PX4 BC . 10.35 -28.56 44.05
C15 PX4 BC . 9.55 -27.28 44.33
C16 PX4 BC . 8.94 -26.66 43.07
C17 PX4 BC . 8.01 -27.60 42.28
C18 PX4 BC . 7.30 -26.85 41.16
C19 PX4 BC . 8.19 -26.54 39.95
C20 PX4 BC . 7.49 -25.63 38.93
C21 PX4 BC . 8.38 -25.51 37.68
C22 PX4 BC . 7.67 -24.67 36.60
O7 PX4 BC . 16.82 -31.53 50.08
C23 PX4 BC . 16.44 -32.79 49.78
O8 PX4 BC . 15.82 -33.57 50.51
C24 PX4 BC . 16.43 -33.05 48.26
C25 PX4 BC . 15.01 -32.72 47.80
C26 PX4 BC . 14.95 -32.79 46.27
C27 PX4 BC . 13.76 -32.12 45.59
C28 PX4 BC . 13.93 -32.11 44.06
C29 PX4 BC . 12.60 -31.79 43.36
C30 PX4 BC . 12.66 -31.39 41.89
C31 PX4 BC . 11.28 -30.84 41.57
C32 PX4 BC . 11.18 -30.85 40.04
C33 PX4 BC . 10.08 -29.99 39.43
C34 PX4 BC . 10.42 -29.81 37.95
C35 PX4 BC . 9.31 -29.06 37.21
C36 PX4 BC . 9.63 -28.95 35.72
O1 PX4 CC . -22.45 8.68 60.92
O2 PX4 CC . -20.21 7.22 60.92
P1 PX4 CC . -21.22 8.12 60.32
O3 PX4 CC . -20.44 9.55 60.25
C1 PX4 CC . -19.75 9.71 61.51
C2 PX4 CC . -19.03 11.03 61.77
N1 PX4 CC . -18.45 11.86 60.70
C3 PX4 CC . -17.74 11.04 59.71
C4 PX4 CC . -19.45 12.62 59.93
C5 PX4 CC . -17.56 12.75 61.46
O4 PX4 CC . -21.25 7.93 58.73
C6 PX4 CC . -19.94 7.66 58.22
C7 PX4 CC . -19.83 7.21 56.77
C8 PX4 CC . -21.22 6.62 56.50
O5 PX4 CC . -21.42 5.56 55.56
C9 PX4 CC . -22.64 5.06 55.34
O6 PX4 CC . -23.66 5.61 55.78
C10 PX4 CC . -22.59 3.93 54.30
C11 PX4 CC . -22.68 4.41 52.85
C12 PX4 CC . -22.30 3.28 51.89
C13 PX4 CC . -22.78 3.63 50.49
C14 PX4 CC . -22.44 2.61 49.39
C15 PX4 CC . -22.73 3.22 48.03
C16 PX4 CC . -22.73 2.15 46.93
C17 PX4 CC . -22.72 2.93 45.62
C18 PX4 CC . -22.61 2.01 44.40
C19 PX4 CC . -22.44 2.92 43.18
C20 PX4 CC . -22.64 2.01 41.97
C21 PX4 CC . -21.73 0.79 42.04
C22 PX4 CC . -21.76 0.14 40.65
O7 PX4 CC . -19.52 8.33 55.95
C23 PX4 CC . -18.21 8.56 55.68
O8 PX4 CC . -17.31 8.33 56.48
C24 PX4 CC . -18.06 9.51 54.49
C25 PX4 CC . -17.63 8.80 53.21
C26 PX4 CC . -18.74 7.96 52.56
C27 PX4 CC . -20.08 8.69 52.46
C28 PX4 CC . -21.06 7.64 51.93
C29 PX4 CC . -22.49 8.21 52.04
C30 PX4 CC . -23.37 7.73 50.87
C31 PX4 CC . -24.74 8.38 51.01
C32 PX4 CC . -25.81 7.76 50.10
C33 PX4 CC . -25.42 8.17 48.67
C34 PX4 CC . -25.79 7.13 47.61
C35 PX4 CC . -25.67 7.76 46.21
C36 PX4 CC . -25.46 6.58 45.26
O1 PX4 DC . -21.57 4.20 62.89
O2 PX4 DC . -23.79 5.68 62.50
P1 PX4 DC . -22.67 4.78 62.12
O3 PX4 DC . -23.50 3.40 62.10
C1 PX4 DC . -23.83 2.99 63.43
C2 PX4 DC . -24.27 1.54 63.43
N1 PX4 DC . -23.56 0.45 62.73
C3 PX4 DC . -22.10 0.61 62.73
C4 PX4 DC . -23.91 -0.82 63.37
C5 PX4 DC . -23.97 0.34 61.33
O4 PX4 DC . -22.43 4.70 60.53
C6 PX4 DC . -21.33 3.79 60.45
C7 PX4 DC . -21.50 3.03 59.13
C8 PX4 DC . -22.92 3.03 58.59
O5 PX4 DC . -23.24 2.18 57.48
C9 PX4 DC . -24.57 2.04 57.22
O6 PX4 DC . -25.41 2.54 57.97
C10 PX4 DC . -24.96 1.22 55.98
C11 PX4 DC . -26.33 0.57 56.18
C12 PX4 DC . -26.85 0.14 54.81
C13 PX4 DC . -26.03 -1.10 54.40
C14 PX4 DC . -26.68 -1.66 53.12
C15 PX4 DC . -28.13 -2.07 53.35
C16 PX4 DC . -28.89 -2.46 52.09
C17 PX4 DC . -28.86 -1.35 51.03
C18 PX4 DC . -29.56 -1.86 49.76
C19 PX4 DC . -29.97 -0.69 48.87
C20 PX4 DC . -30.64 -1.18 47.58
C21 PX4 DC . -29.75 -1.25 46.34
C22 PX4 DC . -30.63 -1.58 45.13
O7 PX4 DC . -20.54 3.52 58.18
C23 PX4 DC . -19.47 2.84 57.70
O8 PX4 DC . -18.71 2.24 58.45
C24 PX4 DC . -18.80 3.43 56.46
C25 PX4 DC . -19.27 2.71 55.21
C26 PX4 DC . -18.62 3.31 53.97
C27 PX4 DC . -18.79 2.37 52.78
C28 PX4 DC . -18.17 2.97 51.51
C29 PX4 DC . -18.31 2.02 50.32
C30 PX4 DC . -18.21 2.61 48.92
C31 PX4 DC . -18.51 1.59 47.81
C32 PX4 DC . -18.06 2.07 46.43
C33 PX4 DC . -18.62 1.19 45.32
C34 PX4 DC . -17.75 1.32 44.07
C35 PX4 DC . -18.25 0.24 43.11
C36 PX4 DC . -17.84 0.54 41.68
O1 PX4 EC . -22.34 -12.37 60.70
O2 PX4 EC . -21.82 -10.53 62.32
P1 PX4 EC . -22.78 -11.12 61.37
O3 PX4 EC . -24.09 -11.38 62.26
C1 PX4 EC . -24.15 -10.48 63.36
C2 PX4 EC . -25.46 -10.82 64.10
N1 PX4 EC . -26.79 -10.47 63.56
C3 PX4 EC . -27.13 -11.34 62.43
C4 PX4 EC . -27.60 -10.57 64.79
C5 PX4 EC . -26.85 -9.13 62.99
O4 PX4 EC . -23.17 -10.00 60.28
C6 PX4 EC . -22.73 -10.42 58.98
C7 PX4 EC . -23.52 -9.61 57.96
C8 PX4 EC . -22.69 -8.40 57.51
O5 PX4 EC . -21.49 -8.58 56.76
C9 PX4 EC . -20.83 -7.38 56.71
O6 PX4 EC . -21.09 -6.44 57.46
C10 PX4 EC . -19.67 -7.35 55.73
C11 PX4 EC . -20.22 -6.76 54.44
C12 PX4 EC . -20.69 -5.31 54.55
C13 PX4 EC . -21.40 -4.90 53.27
C14 PX4 EC . -22.77 -5.55 53.46
C15 PX4 EC . -23.50 -5.66 52.12
C16 PX4 EC . -23.94 -4.31 51.57
C17 PX4 EC . -24.91 -4.49 50.41
C18 PX4 EC . -25.16 -3.10 49.84
C19 PX4 EC . -25.77 -3.12 48.43
C20 PX4 EC . -25.58 -1.91 47.52
C21 PX4 EC . -25.96 -2.17 46.07
C22 PX4 EC . -25.75 -0.88 45.26
O7 PX4 EC . -24.06 -10.38 56.88
C23 PX4 EC . -24.87 -9.75 55.99
O8 PX4 EC . -25.72 -8.98 56.44
C24 PX4 EC . -24.91 -10.13 54.51
C25 PX4 EC . -26.00 -11.09 54.03
C26 PX4 EC . -26.18 -11.02 52.52
C27 PX4 EC . -27.31 -11.81 51.87
C28 PX4 EC . -27.67 -11.39 50.43
C29 PX4 EC . -26.62 -12.01 49.52
C30 PX4 EC . -26.79 -11.50 48.10
C31 PX4 EC . -25.72 -12.17 47.22
C32 PX4 EC . -26.02 -11.85 45.76
C33 PX4 EC . -24.80 -12.15 44.88
C34 PX4 EC . -23.54 -11.49 45.49
C35 PX4 EC . -22.37 -11.86 44.60
C36 PX4 EC . -21.14 -11.01 44.96
O1 PX4 FC . 0.65 -22.00 56.76
O2 PX4 FC . 2.14 -23.97 55.82
P1 PX4 FC . 1.59 -22.60 55.79
O3 PX4 FC . 2.80 -21.61 56.15
C1 PX4 FC . 3.27 -21.98 57.45
C2 PX4 FC . 4.70 -21.56 57.83
N1 PX4 FC . 5.83 -22.38 57.39
C3 PX4 FC . 5.58 -23.72 57.96
C4 PX4 FC . 5.81 -22.47 55.93
C5 PX4 FC . 7.10 -21.86 57.93
O4 PX4 FC . 1.17 -22.30 54.26
C6 PX4 FC . 0.94 -23.58 53.63
C7 PX4 FC . 0.92 -23.51 52.11
C8 PX4 FC . 0.64 -22.07 51.70
O5 PX4 FC . -0.48 -21.91 50.81
C9 PX4 FC . -0.75 -20.60 50.58
O6 PX4 FC . -0.53 -19.75 51.43
C10 PX4 FC . -1.62 -20.20 49.38
C11 PX4 FC . -2.05 -21.43 48.57
C12 PX4 FC . -2.51 -20.94 47.20
C13 PX4 FC . -3.71 -20.00 47.15
C14 PX4 FC . -4.23 -20.00 45.71
C15 PX4 FC . -5.22 -18.85 45.47
C16 PX4 FC . -5.68 -18.98 44.03
C17 PX4 FC . -6.75 -17.91 43.78
C18 PX4 FC . -6.36 -16.47 44.09
C19 PX4 FC . -7.52 -15.57 43.68
C20 PX4 FC . -8.81 -15.97 44.40
C21 PX4 FC . -10.00 -15.09 44.00
C22 PX4 FC . -11.28 -15.59 44.68
O7 PX4 FC . 2.11 -24.07 51.58
C23 PX4 FC . 2.31 -25.42 51.50
O8 PX4 FC . 1.51 -26.22 51.96
C24 PX4 FC . 3.56 -25.88 50.74
C25 PX4 FC . 3.51 -26.14 49.22
C26 PX4 FC . 2.37 -27.14 48.98
C27 PX4 FC . 2.41 -27.66 47.55
C28 PX4 FC . 1.06 -28.26 47.14
C29 PX4 FC . 1.18 -29.11 45.88
C30 PX4 FC . -0.04 -29.97 45.57
C31 PX4 FC . -0.02 -30.56 44.15
C32 PX4 FC . -1.38 -31.21 43.89
C33 PX4 FC . -1.55 -31.82 42.49
C34 PX4 FC . -1.46 -30.76 41.40
C35 PX4 FC . -1.70 -31.44 40.05
C36 PX4 FC . -0.55 -32.37 39.67
O1 PX4 GC . 22.32 -28.12 52.54
O2 PX4 GC . 22.08 -27.12 50.06
P1 PX4 GC . 21.63 -27.87 51.25
O3 PX4 GC . 20.38 -26.92 51.65
C1 PX4 GC . 20.76 -25.53 51.61
C2 PX4 GC . 19.64 -24.50 51.52
N1 PX4 GC . 18.91 -24.25 50.27
C3 PX4 GC . 17.78 -23.30 50.34
C4 PX4 GC . 19.85 -23.65 49.32
C5 PX4 GC . 18.24 -25.45 49.76
O4 PX4 GC . 20.74 -29.15 50.86
C6 PX4 GC . 20.51 -28.97 49.46
C7 PX4 GC . 20.49 -30.16 48.50
C8 PX4 GC . 19.04 -30.32 48.04
O5 PX4 GC . 18.43 -29.11 47.62
C9 PX4 GC . 17.61 -29.49 46.60
O6 PX4 GC . 17.41 -30.64 46.24
C10 PX4 GC . 16.87 -28.33 45.91
C11 PX4 GC . 16.66 -28.66 44.42
C12 PX4 GC . 15.49 -27.76 44.02
C13 PX4 GC . 15.11 -27.75 42.52
C14 PX4 GC . 13.90 -26.83 42.41
C15 PX4 GC . 13.30 -26.78 40.98
C16 PX4 GC . 12.14 -25.82 40.76
C17 PX4 GC . 12.66 -24.39 40.87
C18 PX4 GC . 11.63 -23.38 40.35
C19 PX4 GC . 11.45 -23.56 38.85
C20 PX4 GC . 10.51 -22.46 38.37
C21 PX4 GC . 10.46 -22.35 36.84
C22 PX4 GC . 9.52 -21.37 36.13
O7 PX4 GC . 21.46 -29.99 47.46
C23 PX4 GC . 22.75 -30.04 47.87
O8 PX4 GC . 23.00 -30.72 48.87
C24 PX4 GC . 23.75 -29.16 47.12
C25 PX4 GC . 24.15 -29.52 45.69
C26 PX4 GC . 24.44 -31.01 45.47
C27 PX4 GC . 24.84 -31.25 44.01
C28 PX4 GC . 25.00 -32.73 43.71
C29 PX4 GC . 25.23 -33.06 42.22
C30 PX4 GC . 24.12 -32.55 41.30
C31 PX4 GC . 24.54 -32.85 39.85
C32 PX4 GC . 23.49 -32.37 38.86
C33 PX4 GC . 23.91 -32.72 37.43
C34 PX4 GC . 22.79 -32.48 36.43
C35 PX4 GC . 23.40 -32.86 35.08
C36 PX4 GC . 24.83 -32.34 34.85
O1 PX4 HC . 15.07 -22.75 54.86
O2 PX4 HC . 17.17 -23.23 53.42
P1 PX4 HC . 15.78 -22.72 53.57
O3 PX4 HC . 15.80 -21.15 53.22
C1 PX4 HC . 16.28 -20.48 54.38
C2 PX4 HC . 16.38 -18.97 54.43
N1 PX4 HC . 15.14 -18.21 54.60
C3 PX4 HC . 13.96 -18.99 54.96
C4 PX4 HC . 15.44 -17.22 55.65
C5 PX4 HC . 14.73 -17.51 53.37
O4 PX4 HC . 14.84 -23.30 52.40
C6 PX4 HC . 13.81 -22.32 52.22
C7 PX4 HC . 12.87 -22.59 51.04
C8 PX4 HC . 13.33 -23.91 50.43
O5 PX4 HC . 13.70 -23.83 49.05
C9 PX4 HC . 14.34 -24.91 48.52
O6 PX4 HC . 15.04 -25.74 49.12
C10 PX4 HC . 14.48 -24.77 47.02
C11 PX4 HC . 15.94 -24.45 46.68
C12 PX4 HC . 16.05 -24.25 45.16
C13 PX4 HC . 17.53 -24.19 44.77
C14 PX4 HC . 18.06 -22.78 45.01
C15 PX4 HC . 19.50 -22.59 44.52
C16 PX4 HC . 19.60 -22.46 43.00
C17 PX4 HC . 21.02 -22.15 42.53
C18 PX4 HC . 22.02 -23.18 43.00
C19 PX4 HC . 22.33 -24.09 41.80
C20 PX4 HC . 23.07 -23.31 40.73
C21 PX4 HC . 23.09 -24.12 39.43
C22 PX4 HC . 21.67 -24.35 38.92
O7 PX4 HC . 11.48 -22.36 51.22
C23 PX4 HC . 11.05 -21.07 51.09
O8 PX4 HC . 11.87 -20.17 51.00
C24 PX4 HC . 9.58 -20.73 51.36
C25 PX4 HC . 8.68 -21.81 50.77
C26 PX4 HC . 7.25 -21.27 50.57
C27 PX4 HC . 6.48 -22.29 49.76
C28 PX4 HC . 6.95 -22.14 48.31
C29 PX4 HC . 6.00 -23.02 47.48
C30 PX4 HC . 6.47 -23.37 46.08
C31 PX4 HC . 5.48 -24.42 45.58
C32 PX4 HC . 5.51 -24.46 44.05
C33 PX4 HC . 5.33 -23.13 43.32
C34 PX4 HC . 5.49 -23.34 41.81
C35 PX4 HC . 4.24 -24.01 41.27
C36 PX4 HC . 4.24 -24.21 39.75
O1 PX4 IC . -26.69 12.47 58.74
O2 PX4 IC . -29.15 11.99 58.28
P1 PX4 IC . -27.74 11.78 57.93
O3 PX4 IC . -27.50 10.20 58.02
C1 PX4 IC . -26.91 9.99 59.30
C2 PX4 IC . -26.61 8.51 59.61
N1 PX4 IC . -25.66 7.88 58.69
C3 PX4 IC . -25.00 6.67 59.18
C4 PX4 IC . -26.35 7.47 57.46
C5 PX4 IC . -24.55 8.73 58.22
O4 PX4 IC . -27.45 12.12 56.37
C6 PX4 IC . -26.36 11.35 55.90
C7 PX4 IC . -26.32 11.32 54.37
C8 PX4 IC . -27.78 11.29 53.92
O5 PX4 IC . -28.39 10.01 54.05
C9 PX4 IC . -29.73 10.16 54.12
O6 PX4 IC . -30.25 11.28 54.29
C10 PX4 IC . -30.53 8.86 54.17
C11 PX4 IC . -31.04 8.43 52.80
C12 PX4 IC . -30.08 8.01 51.68
C13 PX4 IC . -30.91 7.44 50.53
C14 PX4 IC . -30.09 7.20 49.27
C15 PX4 IC . -31.00 6.53 48.24
C16 PX4 IC . -30.37 6.45 46.86
C17 PX4 IC . -31.30 6.02 45.72
C18 PX4 IC . -30.62 6.26 44.37
C19 PX4 IC . -31.59 5.81 43.28
C20 PX4 IC . -31.04 6.15 41.89
C21 PX4 IC . -29.56 5.82 42.01
C22 PX4 IC . -28.88 6.27 40.71
O7 PX4 IC . -25.39 12.28 53.85
C23 PX4 IC . -24.06 12.02 53.83
O8 PX4 IC . -23.61 11.00 54.36
C24 PX4 IC . -23.22 13.14 53.19
C25 PX4 IC . -22.46 12.74 51.93
C26 PX4 IC . -23.46 12.52 50.78
C27 PX4 IC . -22.71 12.29 49.47
C28 PX4 IC . -23.72 11.75 48.44
C29 PX4 IC . -23.01 11.50 47.09
C30 PX4 IC . -24.04 11.04 46.07
C31 PX4 IC . -23.38 11.09 44.68
C32 PX4 IC . -22.13 10.20 44.66
C33 PX4 IC . -21.85 10.20 43.16
C34 PX4 IC . -20.79 9.13 42.89
C35 PX4 IC . -20.17 9.33 41.50
C36 PX4 IC . -18.98 8.37 41.45
O1 PX4 JC . -23.87 18.64 59.68
O2 PX4 JC . -25.21 20.57 58.58
P1 PX4 JC . -24.82 19.14 58.67
O3 PX4 JC . -26.11 18.18 58.63
C1 PX4 JC . -26.06 17.55 59.92
C2 PX4 JC . -26.94 16.33 60.12
N1 PX4 JC . -26.83 15.65 61.42
C3 PX4 JC . -27.99 14.73 61.38
C4 PX4 JC . -25.61 14.86 61.55
C5 PX4 JC . -27.03 16.56 62.57
O4 PX4 JC . -24.22 18.83 57.21
C6 PX4 JC . -23.40 17.66 57.37
C7 PX4 JC . -23.34 16.74 56.16
C8 PX4 JC . -23.75 17.56 54.92
O5 PX4 JC . -24.83 17.14 54.07
C9 PX4 JC . -24.83 17.70 52.83
O6 PX4 JC . -24.09 18.63 52.55
C10 PX4 JC . -25.92 17.14 51.92
C11 PX4 JC . -25.31 16.57 50.63
C12 PX4 JC . -26.39 15.88 49.80
C13 PX4 JC . -26.02 15.60 48.33
C14 PX4 JC . -27.07 14.71 47.65
C15 PX4 JC . -26.50 14.28 46.31
C16 PX4 JC . -26.55 15.47 45.32
C17 PX4 JC . -25.97 15.06 43.97
C18 PX4 JC . -26.83 13.95 43.36
C19 PX4 JC . -26.24 13.43 42.05
C20 PX4 JC . -27.02 12.16 41.65
C21 PX4 JC . -26.76 11.12 42.74
C22 PX4 JC . -27.34 9.73 42.52
O7 PX4 JC . -22.12 16.03 55.97
C23 PX4 JC . -21.73 14.92 56.65
O8 PX4 JC . -22.38 14.35 57.53
C24 PX4 JC . -20.35 14.36 56.37
C25 PX4 JC . -19.89 14.55 54.93
C26 PX4 JC . -18.42 14.17 54.90
C27 PX4 JC . -17.79 14.35 53.53
C28 PX4 JC . -18.62 13.55 52.52
C29 PX4 JC . -17.88 13.62 51.19
C30 PX4 JC . -18.58 12.97 50.00
C31 PX4 JC . -18.75 11.46 50.06
C32 PX4 JC . -19.22 10.72 48.80
C33 PX4 JC . -18.93 9.22 48.98
C34 PX4 JC . -19.75 8.32 48.05
C35 PX4 JC . -19.29 6.87 48.08
C36 PX4 JC . -20.30 6.05 47.27
O1 PX4 KC . -4.68 7.32 54.62
O2 PX4 KC . -7.13 8.21 54.07
P1 PX4 KC . -6.14 7.17 54.43
O3 PX4 KC . -6.53 6.26 55.69
C1 PX4 KC . -7.76 5.56 55.44
C2 PX4 KC . -8.19 4.78 56.68
N1 PX4 KC . -9.64 4.58 56.80
C3 PX4 KC . -9.89 4.50 58.25
C4 PX4 KC . -10.50 5.62 56.20
C5 PX4 KC . -9.98 3.29 56.18
O4 PX4 KC . -6.33 5.97 53.39
C6 PX4 KC . -6.33 6.59 52.11
C7 PX4 KC . -7.36 6.08 51.12
C8 PX4 KC . -7.49 4.58 51.35
O5 PX4 KC . -7.37 3.83 50.13
C9 PX4 KC . -7.66 2.50 50.24
O6 PX4 KC . -7.45 1.88 51.28
C10 PX4 KC . -7.77 1.72 48.93
C11 PX4 KC . -8.10 2.55 47.68
C12 PX4 KC . -8.77 1.56 46.74
C13 PX4 KC . -9.07 2.13 45.36
C14 PX4 KC . -9.87 1.32 44.33
C15 PX4 KC . -10.32 2.19 43.15
C16 PX4 KC . -9.23 2.80 42.25
C17 PX4 KC . -9.95 3.78 41.30
C18 PX4 KC . -8.79 4.52 40.62
C19 PX4 KC . -9.14 5.36 39.39
C20 PX4 KC . -9.38 4.57 38.11
C21 PX4 KC . -9.69 5.38 36.84
C22 PX4 KC . -11.01 6.13 37.01
O7 PX4 KC . -8.65 6.72 51.19
C23 PX4 KC . -8.84 7.98 50.72
O8 PX4 KC . -7.87 8.48 50.16
C24 PX4 KC . -10.12 8.74 51.10
C25 PX4 KC . -10.60 9.71 50.03
C26 PX4 KC . -11.09 8.86 48.84
C27 PX4 KC . -11.14 9.69 47.56
C28 PX4 KC . -11.45 8.67 46.45
C29 PX4 KC . -11.91 9.54 45.27
C30 PX4 KC . -12.43 8.69 44.11
C31 PX4 KC . -12.88 9.52 42.90
C32 PX4 KC . -13.25 8.67 41.69
C33 PX4 KC . -13.59 9.63 40.56
C34 PX4 KC . -14.11 8.94 39.30
C35 PX4 KC . -14.50 10.13 38.41
C36 PX4 KC . -14.77 9.58 37.02
O1 PX4 LC . -13.04 -8.38 60.89
O2 PX4 LC . -11.55 -10.36 60.24
P1 PX4 LC . -12.56 -9.34 59.87
O3 PX4 LC . -11.75 -8.36 58.89
C1 PX4 LC . -10.87 -7.50 59.61
C2 PX4 LC . -10.49 -6.21 58.88
N1 PX4 LC . -11.46 -5.10 58.85
C3 PX4 LC . -10.79 -3.86 58.40
C4 PX4 LC . -12.65 -5.39 58.03
C5 PX4 LC . -11.97 -4.82 60.19
O4 PX4 LC . -13.58 -9.65 58.66
C6 PX4 LC . -12.84 -10.14 57.54
C7 PX4 LC . -13.53 -10.74 56.30
C8 PX4 LC . -14.29 -9.55 55.71
O5 PX4 LC . -15.33 -9.83 54.78
C9 PX4 LC . -16.07 -8.75 54.37
O6 PX4 LC . -15.95 -7.62 54.83
C10 PX4 LC . -17.10 -9.23 53.35
C11 PX4 LC . -16.49 -9.39 51.96
C12 PX4 LC . -17.66 -9.42 50.97
C13 PX4 LC . -17.06 -9.50 49.57
C14 PX4 LC . -17.93 -10.27 48.58
C15 PX4 LC . -18.27 -11.71 48.97
C16 PX4 LC . -19.10 -12.39 47.89
C17 PX4 LC . -18.93 -13.90 47.99
C18 PX4 LC . -19.59 -14.69 46.85
C19 PX4 LC . -19.73 -16.16 47.21
C20 PX4 LC . -19.56 -16.98 45.93
C21 PX4 LC . -19.58 -18.50 46.16
C22 PX4 LC . -19.33 -19.20 44.83
O7 PX4 LC . -12.63 -11.35 55.36
C23 PX4 LC . -12.12 -12.58 55.54
O8 PX4 LC . -12.54 -13.20 56.54
C24 PX4 LC . -11.36 -13.24 54.39
C25 PX4 LC . -10.78 -12.33 53.31
C26 PX4 LC . -11.77 -11.86 52.25
C27 PX4 LC . -11.28 -10.65 51.42
C28 PX4 LC . -12.45 -10.25 50.53
C29 PX4 LC . -12.83 -11.38 49.57
C30 PX4 LC . -13.99 -11.02 48.66
C31 PX4 LC . -14.07 -12.05 47.53
C32 PX4 LC . -15.24 -11.55 46.71
C33 PX4 LC . -15.68 -12.69 45.79
C34 PX4 LC . -16.60 -12.28 44.63
C35 PX4 LC . -17.08 -13.62 44.07
C36 PX4 LC . -18.27 -13.42 43.12
O1 PX4 MC . -8.31 -17.84 55.13
O2 PX4 MC . -6.03 -17.41 56.11
P1 PX4 MC . -6.87 -18.16 55.15
O3 PX4 MC . -6.43 -17.48 53.75
C1 PX4 MC . -6.97 -16.16 53.60
C2 PX4 MC . -5.83 -15.12 53.48
N1 PX4 MC . -6.12 -13.71 53.22
C3 PX4 MC . -4.82 -13.15 52.82
C4 PX4 MC . -7.02 -13.46 52.08
C5 PX4 MC . -6.71 -12.88 54.28
O4 PX4 MC . -6.36 -19.67 54.94
C6 PX4 MC . -6.85 -20.02 53.64
C7 PX4 MC . -6.88 -21.48 53.17
C8 PX4 MC . -8.35 -21.73 52.87
O5 PX4 MC . -9.17 -20.62 52.48
C9 PX4 MC . -10.47 -20.92 52.18
O6 PX4 MC . -10.84 -22.08 52.03
C10 PX4 MC . -11.27 -19.68 51.77
C11 PX4 MC . -10.84 -18.29 52.21
C12 PX4 MC . -11.07 -17.18 51.19
C13 PX4 MC . -10.49 -15.84 51.64
C14 PX4 MC . -10.44 -14.91 50.41
C15 PX4 MC . -9.34 -15.27 49.42
C16 PX4 MC . -9.72 -14.42 48.23
C17 PX4 MC . -9.54 -12.91 48.50
C18 PX4 MC . -10.07 -12.03 47.36
C19 PX4 MC . -9.22 -10.75 47.35
C20 PX4 MC . -7.85 -10.90 46.69
C21 PX4 MC . -7.91 -11.25 45.22
C22 PX4 MC . -6.46 -11.39 44.72
O7 PX4 MC . -6.08 -21.68 51.99
C23 PX4 MC . -5.21 -22.70 52.12
O8 PX4 MC . -4.70 -23.06 53.19
C24 PX4 MC . -4.95 -23.50 50.84
C25 PX4 MC . -5.78 -24.81 50.77
C26 PX4 MC . -5.53 -25.48 49.43
C27 PX4 MC . -6.00 -24.48 48.36
C28 PX4 MC . -6.32 -25.20 47.04
C29 PX4 MC . -5.02 -25.65 46.38
C30 PX4 MC . -5.49 -26.40 45.13
C31 PX4 MC . -4.35 -26.79 44.18
C32 PX4 MC . -4.76 -26.90 42.72
C33 PX4 MC . -3.49 -27.28 41.96
C34 PX4 MC . -3.81 -27.96 40.63
C35 PX4 MC . -4.65 -29.22 40.83
C36 PX4 MC . -5.44 -29.64 39.59
O1 PX4 NC . 9.38 -7.92 47.51
O2 PX4 NC . 8.27 -5.60 47.69
P1 PX4 NC . 8.19 -7.05 47.48
O3 PX4 NC . 7.44 -7.58 48.81
C1 PX4 NC . 8.14 -7.24 50.01
C2 PX4 NC . 7.69 -8.03 51.25
N1 PX4 NC . 7.94 -9.49 51.33
C3 PX4 NC . 6.83 -10.15 50.62
C4 PX4 NC . 9.23 -9.92 50.80
C5 PX4 NC . 7.90 -9.83 52.76
O4 PX4 NC . 7.22 -7.40 46.24
C6 PX4 NC . 7.16 -8.75 45.81
C7 PX4 NC . 6.85 -8.82 44.31
C8 PX4 NC . 5.81 -7.69 44.13
O5 PX4 NC . 4.43 -8.05 44.02
C9 PX4 NC . 3.67 -7.00 43.62
O6 PX4 NC . 4.15 -5.86 43.51
C10 PX4 NC . 2.19 -7.31 43.52
C11 PX4 NC . 1.87 -8.78 43.27
C12 PX4 NC . 1.46 -8.94 41.79
C13 PX4 NC . 0.31 -7.93 41.79
C14 PX4 NC . -0.47 -7.96 40.47
C15 PX4 NC . -1.35 -6.72 40.30
C16 PX4 NC . -1.35 -6.23 38.86
C17 PX4 NC . -2.44 -5.15 38.71
C18 PX4 NC . -2.08 -3.96 39.59
C19 PX4 NC . -3.04 -2.77 39.46
C20 PX4 NC . -2.54 -1.56 40.26
C21 PX4 NC . -2.46 -1.94 41.73
C22 PX4 NC . -3.82 -2.13 42.40
O7 PX4 NC . 7.97 -8.66 43.44
C23 PX4 NC . 8.88 -9.66 43.27
O8 PX4 NC . 8.91 -10.62 44.03
C24 PX4 NC . 9.80 -9.70 42.04
C25 PX4 NC . 10.58 -8.40 41.75
C26 PX4 NC . 11.27 -8.55 40.38
C27 PX4 NC . 12.40 -9.56 40.35
C28 PX4 NC . 12.77 -10.08 38.96
C29 PX4 NC . 13.39 -11.48 39.08
C30 PX4 NC . 13.96 -11.98 37.74
C31 PX4 NC . 14.73 -13.28 38.02
C32 PX4 NC . 15.13 -13.75 36.62
C33 PX4 NC . 15.65 -15.20 36.59
C34 PX4 NC . 15.63 -15.73 35.15
C35 PX4 NC . 14.24 -15.68 34.51
C36 PX4 NC . 14.13 -16.16 33.05
O1 PX4 OC . 5.72 -16.96 55.16
O2 PX4 OC . 7.39 -15.57 53.68
P1 PX4 OC . 6.04 -16.12 53.97
O3 PX4 OC . 5.20 -14.75 54.03
C1 PX4 OC . 3.85 -15.02 54.42
C2 PX4 OC . 2.87 -13.88 54.12
N1 PX4 OC . 2.66 -13.63 52.69
C3 PX4 OC . 2.07 -14.77 51.95
C4 PX4 OC . 1.57 -12.65 52.76
C5 PX4 OC . 3.77 -12.89 52.08
O4 PX4 OC . 5.23 -16.67 52.71
C6 PX4 OC . 5.83 -15.91 51.67
C7 PX4 OC . 5.31 -16.39 50.31
C8 PX4 OC . 4.61 -17.74 50.45
O5 PX4 OC . 4.29 -18.47 49.26
C9 PX4 OC . 3.40 -19.49 49.46
O6 PX4 OC . 3.12 -19.89 50.59
C10 PX4 OC . 2.60 -19.95 48.24
C11 PX4 OC . 2.21 -21.42 48.37
C12 PX4 OC . 1.82 -22.01 47.03
C13 PX4 OC . 1.18 -23.40 47.06
C14 PX4 OC . 0.35 -23.64 45.79
C15 PX4 OC . 1.08 -23.64 44.45
C16 PX4 OC . 0.11 -23.91 43.29
C17 PX4 OC . -1.12 -23.01 43.44
C18 PX4 OC . -2.27 -23.39 42.49
C19 PX4 OC . -3.56 -22.57 42.62
C20 PX4 OC . -4.37 -22.72 41.34
C21 PX4 OC . -5.54 -21.74 41.34
C22 PX4 OC . -6.53 -22.25 42.38
O7 PX4 OC . 4.41 -15.49 49.65
C23 PX4 OC . 4.83 -14.36 49.03
O8 PX4 OC . 5.90 -13.83 49.34
C24 PX4 OC . 3.88 -13.62 48.09
C25 PX4 OC . 4.17 -12.14 47.80
C26 PX4 OC . 3.00 -11.65 46.95
C27 PX4 OC . 3.01 -12.50 45.68
C28 PX4 OC . 1.81 -12.21 44.80
C29 PX4 OC . 1.72 -13.34 43.76
C30 PX4 OC . 0.33 -13.29 43.13
C31 PX4 OC . 0.33 -14.39 42.06
C32 PX4 OC . 1.26 -14.24 40.84
C33 PX4 OC . 1.32 -15.48 39.96
C34 PX4 OC . 2.14 -15.36 38.67
C35 PX4 OC . 2.30 -16.77 38.11
C36 PX4 OC . 3.29 -17.57 38.97
O1 PX4 PC . 13.32 -16.01 50.48
O2 PX4 PC . 15.81 -16.05 49.94
P1 PX4 PC . 14.41 -16.09 49.48
O3 PX4 PC . 14.15 -14.66 48.75
C1 PX4 PC . 14.60 -13.55 49.53
C2 PX4 PC . 14.81 -12.27 48.71
N1 PX4 PC . 13.78 -11.65 47.88
C3 PX4 PC . 14.37 -10.32 47.67
C4 PX4 PC . 13.72 -12.35 46.58
C5 PX4 PC . 12.51 -11.47 48.60
O4 PX4 PC . 13.98 -17.02 48.23
C6 PX4 PC . 12.60 -16.78 47.96
C7 PX4 PC . 11.88 -17.82 47.11
C8 PX4 PC . 12.87 -18.97 46.91
O5 PX4 PC . 13.40 -19.04 45.58
C9 PX4 PC . 14.16 -20.12 45.27
O6 PX4 PC . 14.43 -20.92 46.14
C10 PX4 PC . 14.76 -20.17 43.85
C11 PX4 PC . 14.97 -21.60 43.32
C12 PX4 PC . 15.66 -21.42 41.98
C13 PX4 PC . 16.17 -22.79 41.48
C14 PX4 PC . 16.45 -22.81 39.97
C15 PX4 PC . 17.16 -24.12 39.70
C16 PX4 PC . 17.28 -24.25 38.17
C17 PX4 PC . 17.60 -25.64 37.62
C18 PX4 PC . 16.56 -26.61 38.19
C19 PX4 PC . 16.66 -27.99 37.54
C20 PX4 PC . 15.64 -29.01 38.07
C21 PX4 PC . 15.52 -30.19 37.11
C22 PX4 PC . 14.26 -31.04 37.21
O7 PX4 PC . 10.65 -18.28 47.69
C23 PX4 PC . 9.55 -17.49 47.62
O8 PX4 PC . 9.75 -16.29 47.54
C24 PX4 PC . 8.25 -18.11 48.14
C25 PX4 PC . 7.46 -18.90 47.10
C26 PX4 PC . 7.13 -18.07 45.85
C27 PX4 PC . 5.83 -17.29 46.05
C28 PX4 PC . 5.44 -16.55 44.77
C29 PX4 PC . 6.32 -15.33 44.53
C30 PX4 PC . 5.56 -14.51 43.49
C31 PX4 PC . 6.21 -13.20 43.06
C32 PX4 PC . 5.27 -12.40 42.17
C33 PX4 PC . 5.87 -11.05 41.79
C34 PX4 PC . 4.76 -10.28 41.07
C35 PX4 PC . 5.32 -9.01 40.45
C36 PX4 PC . 6.44 -9.41 39.49
O1 PX4 QC . 17.75 -12.70 46.08
O2 PX4 QC . 18.24 -13.17 48.51
P1 PX4 QC . 18.14 -13.69 47.11
O3 PX4 QC . 19.44 -14.54 46.69
C1 PX4 QC . 19.87 -15.29 47.83
C2 PX4 QC . 21.35 -15.69 47.66
N1 PX4 QC . 22.12 -16.31 48.75
C3 PX4 QC . 22.08 -15.54 50.00
C4 PX4 QC . 21.69 -17.64 49.20
C5 PX4 QC . 23.50 -16.41 48.26
O4 PX4 QC . 16.95 -14.79 47.08
C6 PX4 QC . 16.71 -15.09 45.70
C7 PX4 QC . 15.82 -16.33 45.58
C8 PX4 QC . 14.51 -15.92 44.91
O5 PX4 QC . 14.31 -14.67 44.26
C9 PX4 QC . 13.03 -14.59 43.82
O6 PX4 QC . 12.14 -15.15 44.45
C10 PX4 QC . 12.82 -13.31 42.99
C11 PX4 QC . 11.44 -13.00 42.40
C12 PX4 QC . 10.93 -13.97 41.35
C13 PX4 QC . 9.89 -13.45 40.36
C14 PX4 QC . 9.23 -14.56 39.55
C15 PX4 QC . 8.45 -13.94 38.40
C16 PX4 QC . 7.43 -14.82 37.66
C17 PX4 QC . 6.63 -14.01 36.64
C18 PX4 QC . 5.50 -14.75 35.92
C19 PX4 QC . 4.68 -13.82 35.03
C20 PX4 QC . 3.35 -14.61 35.04
C21 PX4 QC . 2.32 -13.92 34.16
C22 PX4 QC . 0.97 -14.57 34.51
O7 PX4 QC . 16.49 -17.31 44.78
C23 PX4 QC . 17.39 -18.16 45.30
O8 PX4 QC . 17.43 -18.51 46.50
C24 PX4 QC . 18.26 -18.85 44.26
C25 PX4 QC . 19.69 -18.33 44.47
C26 PX4 QC . 20.52 -18.53 43.21
C27 PX4 QC . 19.97 -17.76 41.99
C28 PX4 QC . 21.02 -17.61 40.89
C29 PX4 QC . 21.24 -19.04 40.39
C30 PX4 QC . 20.06 -19.55 39.58
C31 PX4 QC . 19.97 -19.04 38.15
C32 PX4 QC . 18.86 -19.83 37.44
C33 PX4 QC . 19.52 -21.10 36.90
C34 PX4 QC . 20.71 -20.80 35.98
C35 PX4 QC . 21.25 -22.18 35.65
C36 PX4 QC . 20.25 -22.91 34.76
O1 PX4 RC . -1.54 8.57 51.74
O2 PX4 RC . -2.29 10.87 50.88
P1 PX4 RC . -2.63 9.49 51.32
O3 PX4 RC . -3.70 9.68 52.51
C1 PX4 RC . -4.63 10.72 52.23
C2 PX4 RC . -5.67 10.74 53.36
N1 PX4 RC . -6.82 11.67 53.30
C3 PX4 RC . -7.55 11.66 54.57
C4 PX4 RC . -6.42 13.07 53.10
C5 PX4 RC . -7.70 11.26 52.20
O4 PX4 RC . -3.63 8.71 50.33
C6 PX4 RC . -3.12 8.95 49.03
C7 PX4 RC . -3.81 8.35 47.79
C8 PX4 RC . -4.57 7.09 48.21
O5 PX4 RC . -4.22 5.96 47.40
C9 PX4 RC . -4.18 4.77 48.05
O6 PX4 RC . -4.12 4.80 49.28
C10 PX4 RC . -4.05 3.53 47.19
C11 PX4 RC . -4.89 3.79 45.94
C12 PX4 RC . -4.53 2.76 44.85
C13 PX4 RC . -5.55 2.72 43.70
C14 PX4 RC . -5.10 1.58 42.77
C15 PX4 RC . -5.90 1.78 41.49
C16 PX4 RC . -6.06 0.51 40.68
C17 PX4 RC . -6.68 0.88 39.33
C18 PX4 RC . -6.26 -0.26 38.39
C19 PX4 RC . -6.90 0.27 37.11
C20 PX4 RC . -8.32 0.62 37.54
C21 PX4 RC . -9.19 0.66 36.28
C22 PX4 RC . -10.59 1.28 36.47
O7 PX4 RC . -4.61 9.26 47.04
C23 PX4 RC . -4.06 9.73 45.90
O8 PX4 RC . -2.86 9.71 45.62
C24 PX4 RC . -4.94 10.65 45.03
C25 PX4 RC . -4.56 10.72 43.54
C26 PX4 RC . -5.80 11.13 42.74
C27 PX4 RC . -5.47 11.17 41.24
C28 PX4 RC . -6.57 11.94 40.51
C29 PX4 RC . -6.56 11.56 39.04
C30 PX4 RC . -5.29 12.25 38.51
C31 PX4 RC . -4.91 12.23 37.03
C32 PX4 RC . -5.96 12.90 36.13
C33 PX4 RC . -5.46 12.91 34.67
C34 PX4 RC . -5.09 11.51 34.16
C35 PX4 RC . -4.46 11.46 32.78
C36 PX4 RC . -3.26 12.40 32.91
O1 PX4 SC . -6.43 2.02 56.63
O2 PX4 SC . -5.54 0.43 54.81
P1 PX4 SC . -6.52 1.44 55.26
O3 PX4 SC . -6.07 2.73 54.40
C1 PX4 SC . -4.76 3.06 54.83
C2 PX4 SC . -3.93 3.83 53.81
N1 PX4 SC . -3.21 3.00 52.84
C3 PX4 SC . -2.57 1.81 53.45
C4 PX4 SC . -4.21 2.57 51.86
C5 PX4 SC . -2.20 3.74 52.09
O4 PX4 SC . -8.01 1.22 54.71
C6 PX4 SC . -8.03 0.20 53.72
C7 PX4 SC . -9.43 0.02 53.10
C8 PX4 SC . -10.15 1.34 52.79
O5 PX4 SC . -11.57 1.12 52.69
C9 PX4 SC . -12.24 2.13 52.10
O6 PX4 SC . -11.68 3.22 51.91
C10 PX4 SC . -13.67 1.77 51.71
C11 PX4 SC . -13.62 0.60 50.72
C12 PX4 SC . -14.96 0.28 50.05
C13 PX4 SC . -14.78 -0.74 48.93
C14 PX4 SC . -16.16 -1.29 48.57
C15 PX4 SC . -16.06 -2.39 47.52
C16 PX4 SC . -17.44 -2.42 46.85
C17 PX4 SC . -17.42 -3.13 45.50
C18 PX4 SC . -17.35 -4.65 45.48
C19 PX4 SC . -17.31 -5.27 44.08
C20 PX4 SC . -17.67 -6.75 44.03
C21 PX4 SC . -17.63 -7.50 42.68
C22 PX4 SC . -18.46 -8.79 42.82
O7 PX4 SC . -9.40 -0.79 51.93
C23 PX4 SC . -10.22 -1.87 51.84
O8 PX4 SC . -10.60 -2.43 52.88
C24 PX4 SC . -10.07 -2.70 50.56
C25 PX4 SC . -10.97 -2.15 49.46
C26 PX4 SC . -10.62 -2.61 48.05
C27 PX4 SC . -11.69 -2.08 47.07
C28 PX4 SC . -11.88 -2.89 45.80
C29 PX4 SC . -13.07 -2.32 45.02
C30 PX4 SC . -13.19 -2.85 43.58
C31 PX4 SC . -14.53 -2.30 43.09
C32 PX4 SC . -14.88 -3.21 41.90
C33 PX4 SC . -16.29 -2.93 41.37
C34 PX4 SC . -16.48 -3.79 40.11
C35 PX4 SC . -17.49 -3.13 39.16
C36 PX4 SC . -17.79 -4.10 38.02
O1 PX4 TC . -12.55 -0.87 57.96
O2 PX4 TC . -14.54 -0.12 59.57
P1 PX4 TC . -13.93 -0.93 58.49
O3 PX4 TC . -14.48 -2.44 58.54
C1 PX4 TC . -15.88 -2.30 58.73
C2 PX4 TC . -16.61 -3.63 58.97
N1 PX4 TC . -18.07 -3.76 58.79
C3 PX4 TC . -18.36 -3.80 57.34
C4 PX4 TC . -18.56 -5.03 59.35
C5 PX4 TC . -18.87 -2.85 59.59
O4 PX4 TC . -14.82 -0.50 57.22
C6 PX4 TC . -14.65 0.92 57.10
C7 PX4 TC . -15.07 1.47 55.73
C8 PX4 TC . -16.23 0.56 55.34
O5 PX4 TC . -16.39 0.14 53.98
C9 PX4 TC . -17.46 -0.68 53.84
O6 PX4 TC . -18.39 -0.54 54.65
C10 PX4 TC . -17.53 -1.68 52.69
C11 PX4 TC . -17.43 -3.16 53.10
C12 PX4 TC . -17.28 -4.21 52.00
C13 PX4 TC . -18.48 -4.08 51.07
C14 PX4 TC . -18.44 -5.24 50.07
C15 PX4 TC . -19.63 -5.06 49.12
C16 PX4 TC . -19.82 -6.06 47.99
C17 PX4 TC . -20.99 -5.58 47.12
C18 PX4 TC . -21.57 -6.58 46.12
C19 PX4 TC . -22.86 -5.96 45.59
C20 PX4 TC . -23.55 -6.91 44.61
C21 PX4 TC . -22.80 -7.14 43.28
C22 PX4 TC . -23.41 -8.08 42.23
O7 PX4 TC . -15.33 2.87 55.69
C23 PX4 TC . -14.26 3.72 55.73
O8 PX4 TC . -13.17 3.43 56.24
C24 PX4 TC . -14.78 5.16 55.73
C25 PX4 TC . -14.55 5.89 54.41
C26 PX4 TC . -15.18 5.27 53.16
C27 PX4 TC . -14.49 5.88 51.93
C28 PX4 TC . -15.34 5.70 50.66
C29 PX4 TC . -14.39 6.05 49.51
C30 PX4 TC . -13.32 4.97 49.56
C31 PX4 TC . -12.25 5.32 48.53
C32 PX4 TC . -11.47 4.02 48.29
C33 PX4 TC . -12.34 2.86 47.80
C34 PX4 TC . -12.69 2.94 46.29
C35 PX4 TC . -13.61 1.80 45.83
C36 PX4 TC . -13.97 2.03 44.35
O1 PX4 UC . -8.46 -9.49 58.45
O2 PX4 UC . -9.60 -11.76 57.64
P1 PX4 UC . -8.69 -10.60 57.48
O3 PX4 UC . -7.28 -11.36 57.56
C1 PX4 UC . -6.81 -11.46 58.90
C2 PX4 UC . -5.47 -12.17 58.99
N1 PX4 UC . -4.76 -12.06 60.27
C3 PX4 UC . -4.21 -10.70 60.43
C4 PX4 UC . -5.64 -12.26 61.43
C5 PX4 UC . -3.64 -13.01 60.36
O4 PX4 UC . -8.58 -10.00 56.00
C6 PX4 UC . -9.71 -9.17 55.70
C7 PX4 UC . -9.56 -8.15 54.57
C8 PX4 UC . -8.62 -8.90 53.63
O5 PX4 UC . -8.35 -8.16 52.43
C9 PX4 UC . -8.01 -8.90 51.35
O6 PX4 UC . -7.96 -10.11 51.49
C10 PX4 UC . -8.19 -8.21 49.99
C11 PX4 UC . -9.43 -7.32 49.99
C12 PX4 UC . -9.47 -6.35 48.79
C13 PX4 UC . -9.76 -7.10 47.51
C14 PX4 UC . -9.58 -6.28 46.23
C15 PX4 UC . -9.74 -7.16 44.99
C16 PX4 UC . -9.84 -6.45 43.64
C17 PX4 UC . -10.06 -7.37 42.43
C18 PX4 UC . -8.94 -8.40 42.58
C19 PX4 UC . -8.82 -9.40 41.42
C20 PX4 UC . -8.66 -8.58 40.14
C21 PX4 UC . -8.90 -9.40 38.87
C22 PX4 UC . -8.87 -8.47 37.66
O7 PX4 UC . -10.79 -7.74 53.98
C23 PX4 UC . -11.25 -6.57 54.48
O8 PX4 UC . -10.85 -6.05 55.53
C24 PX4 UC . -12.43 -5.99 53.67
C25 PX4 UC . -12.31 -5.99 52.15
C26 PX4 UC . -13.49 -5.21 51.58
C27 PX4 UC . -13.36 -4.89 50.10
C28 PX4 UC . -13.29 -6.20 49.30
C29 PX4 UC . -13.29 -5.95 47.80
C30 PX4 UC . -13.62 -7.23 47.02
C31 PX4 UC . -13.51 -7.24 45.49
C32 PX4 UC . -13.86 -8.60 44.89
C33 PX4 UC . -13.56 -8.64 43.39
C34 PX4 UC . -13.90 -10.02 42.86
C35 PX4 UC . -13.62 -9.84 41.38
C36 PX4 UC . -13.91 -11.05 40.49
O1 PX4 VC . -0.59 -15.93 54.12
O2 PX4 VC . -2.69 -14.52 54.70
P1 PX4 VC . -2.01 -15.58 53.91
O3 PX4 VC . -2.87 -16.89 54.31
C1 PX4 VC . -2.72 -17.55 55.57
C2 PX4 VC . -3.15 -19.01 55.63
N1 PX4 VC . -2.53 -20.01 54.74
C3 PX4 VC . -3.04 -19.95 53.37
C4 PX4 VC . -1.07 -19.87 54.70
C5 PX4 VC . -2.87 -21.33 55.27
O4 PX4 VC . -2.29 -15.38 52.35
C6 PX4 VC . -1.81 -16.64 51.86
C7 PX4 VC . -2.22 -16.71 50.39
C8 PX4 VC . -3.74 -16.45 50.32
O5 PX4 VC . -4.43 -17.68 50.54
C9 PX4 VC . -5.77 -17.63 50.26
O6 PX4 VC . -6.36 -16.55 50.24
C10 PX4 VC . -6.39 -19.03 50.24
C11 PX4 VC . -7.24 -19.34 49.02
C12 PX4 VC . -7.60 -20.82 48.90
C13 PX4 VC . -8.41 -21.19 47.65
C14 PX4 VC . -9.69 -20.34 47.66
C15 PX4 VC . -10.75 -20.56 46.58
C16 PX4 VC . -10.01 -20.31 45.26
C17 PX4 VC . -10.93 -20.29 44.05
C18 PX4 VC . -10.07 -19.88 42.86
C19 PX4 VC . -11.06 -20.07 41.71
C20 PX4 VC . -10.53 -19.49 40.40
C21 PX4 VC . -11.40 -19.79 39.19
C22 PX4 VC . -11.64 -21.26 38.90
O7 PX4 VC . -1.50 -16.01 49.38
C23 PX4 VC . -0.19 -16.26 49.11
O8 PX4 VC . 0.52 -16.98 49.82
C24 PX4 VC . 0.38 -15.42 47.96
C25 PX4 VC . 1.22 -16.20 46.96
C26 PX4 VC . 0.34 -17.31 46.37
C27 PX4 VC . 1.20 -17.74 45.18
C28 PX4 VC . 0.68 -19.10 44.73
C29 PX4 VC . 1.38 -19.57 43.45
C30 PX4 VC . 2.89 -19.57 43.68
C31 PX4 VC . 3.55 -19.62 42.31
C32 PX4 VC . 5.06 -19.42 42.31
C33 PX4 VC . 5.78 -19.53 40.97
C34 PX4 VC . 7.20 -18.97 40.95
C35 PX4 VC . 8.02 -19.48 39.77
C36 PX4 VC . 8.66 -18.43 38.85
O1 PX4 WC . 20.12 -6.50 46.66
O2 PX4 WC . 20.85 -4.48 45.26
P1 PX4 WC . 20.71 -5.94 45.42
O3 PX4 WC . 19.79 -6.53 44.25
C1 PX4 WC . 19.70 -7.95 44.41
C2 PX4 WC . 18.70 -8.41 43.34
N1 PX4 WC . 17.34 -8.68 43.81
C3 PX4 WC . 17.25 -9.83 44.73
C4 PX4 WC . 16.74 -7.48 44.42
C5 PX4 WC . 16.44 -9.03 42.71
O4 PX4 WC . 22.09 -6.60 44.88
C6 PX4 WC . 22.27 -6.17 43.53
C7 PX4 WC . 23.68 -6.45 43.00
C8 PX4 WC . 23.85 -7.96 42.85
O5 PX4 WC . 24.01 -8.42 41.51
C9 PX4 WC . 22.89 -8.48 40.74
O6 PX4 WC . 21.80 -8.41 41.29
C10 PX4 WC . 23.02 -8.85 39.25
C11 PX4 WC . 22.69 -10.35 39.14
C12 PX4 WC . 23.06 -10.87 37.74
C13 PX4 WC . 23.11 -12.40 37.74
C14 PX4 WC . 23.50 -12.90 36.33
C15 PX4 WC . 23.31 -14.42 36.18
C16 PX4 WC . 24.16 -15.21 35.18
C17 PX4 WC . 23.69 -16.66 35.22
C18 PX4 WC . 24.30 -17.46 34.08
C19 PX4 WC . 23.62 -16.87 32.84
C20 PX4 WC . 24.41 -17.12 31.56
C21 PX4 WC . 24.41 -18.64 31.33
C22 PX4 WC . 24.92 -18.99 29.93
O7 PX4 WC . 23.88 -5.61 41.85
C23 PX4 WC . 25.16 -5.43 41.43
O8 PX4 WC . 26.16 -5.31 42.14
C24 PX4 WC . 25.30 -5.08 39.95
C25 PX4 WC . 26.15 -6.05 39.12
C26 PX4 WC . 25.71 -5.84 37.66
C27 PX4 WC . 26.61 -6.79 36.87
C28 PX4 WC . 26.33 -8.21 37.38
C29 PX4 WC . 27.18 -9.19 36.57
C30 PX4 WC . 26.57 -10.59 36.44
C31 PX4 WC . 27.44 -11.36 35.45
C32 PX4 WC . 27.22 -12.88 35.25
C33 PX4 WC . 28.24 -13.19 34.14
C34 PX4 WC . 28.28 -14.73 34.12
C35 PX4 WC . 29.17 -15.28 32.99
C36 PX4 WC . 29.04 -16.79 33.03
O1 PX4 XC . 20.06 -10.40 46.20
O2 PX4 XC . 21.87 -12.19 46.49
P1 PX4 XC . 21.34 -11.03 45.74
O3 PX4 XC . 22.46 -9.92 46.10
C1 PX4 XC . 22.10 -8.97 47.11
C2 PX4 XC . 23.33 -8.21 47.61
N1 PX4 XC . 23.68 -8.43 49.02
C3 PX4 XC . 22.68 -8.04 50.02
C4 PX4 XC . 24.21 -9.79 49.25
C5 PX4 XC . 24.80 -7.50 49.24
O4 PX4 XC . 21.27 -11.24 44.16
C6 PX4 XC . 22.59 -11.61 43.74
C7 PX4 XC . 22.70 -12.43 42.46
C8 PX4 XC . 21.35 -12.30 41.77
O5 PX4 XC . 20.28 -13.18 42.08
C9 PX4 XC . 19.08 -12.61 41.81
O6 PX4 XC . 18.85 -11.42 41.63
C10 PX4 XC . 17.85 -13.53 42.01
C11 PX4 XC . 17.89 -14.53 40.85
C12 PX4 XC . 16.67 -15.40 41.14
C13 PX4 XC . 16.48 -16.39 39.98
C14 PX4 XC . 15.21 -17.21 40.16
C15 PX4 XC . 13.89 -16.45 40.14
C16 PX4 XC . 12.72 -17.38 40.41
C17 PX4 XC . 12.53 -18.61 39.49
C18 PX4 XC . 12.47 -18.04 38.07
C19 PX4 XC . 12.48 -19.03 36.91
C20 PX4 XC . 13.83 -19.74 36.86
C21 PX4 XC . 13.78 -20.74 35.70
C22 PX4 XC . 13.42 -20.03 34.39
O7 PX4 XC . 23.68 -11.84 41.60
C23 PX4 XC . 24.98 -12.18 41.87
O8 PX4 XC . 25.35 -13.06 42.63
C24 PX4 XC . 25.99 -11.47 40.96
C25 PX4 XC . 26.86 -10.51 41.75
C26 PX4 XC . 27.83 -9.80 40.81
C27 PX4 XC . 28.79 -10.88 40.33
C28 PX4 XC . 29.96 -10.48 39.42
C29 PX4 XC . 30.86 -11.63 38.94
C30 PX4 XC . 32.13 -11.08 38.29
C31 PX4 XC . 33.15 -12.18 37.99
C32 PX4 XC . 32.71 -13.13 36.88
C33 PX4 XC . 33.37 -14.51 36.88
C34 PX4 XC . 32.69 -15.25 35.73
C35 PX4 XC . 33.50 -16.48 35.29
C36 PX4 XC . 32.88 -17.15 34.07
O1 PX4 YC . -15.66 14.53 56.33
O2 PX4 YC . -15.93 12.12 57.10
P1 PX4 YC . -15.14 13.15 56.41
O3 PX4 YC . -13.78 13.12 57.27
C1 PX4 YC . -13.91 13.13 58.69
C2 PX4 YC . -12.57 13.33 59.41
N1 PX4 YC . -11.33 12.61 59.10
C3 PX4 YC . -11.43 11.17 58.85
C4 PX4 YC . -10.66 13.27 57.96
C5 PX4 YC . -10.39 12.70 60.23
O4 PX4 YC . -14.47 12.76 55.01
C6 PX4 YC . -13.49 13.64 54.42
C7 PX4 YC . -12.97 13.34 53.02
C8 PX4 YC . -14.22 13.19 52.14
O5 PX4 YC . -14.07 12.37 50.97
C9 PX4 YC . -14.20 11.02 50.95
O6 PX4 YC . -14.29 10.31 51.96
C10 PX4 YC . -14.29 10.33 49.59
C11 PX4 YC . -15.10 10.99 48.47
C12 PX4 YC . -15.24 10.14 47.20
C13 PX4 YC . -15.96 8.80 47.34
C14 PX4 YC . -16.08 8.22 45.93
C15 PX4 YC . -15.82 6.72 45.97
C16 PX4 YC . -15.77 6.06 44.57
C17 PX4 YC . -17.12 5.60 44.05
C18 PX4 YC . -17.07 5.18 42.58
C19 PX4 YC . -18.42 4.78 42.00
C20 PX4 YC . -18.42 4.38 40.52
C21 PX4 YC . -19.90 4.40 40.11
C22 PX4 YC . -20.03 3.89 38.68
O7 PX4 YC . -12.02 14.18 52.39
C23 PX4 YC . -10.94 13.46 51.95
O8 PX4 YC . -10.62 12.39 52.48
C24 PX4 YC . -10.02 14.42 51.22
C25 PX4 YC . -10.48 14.55 49.77
C26 PX4 YC . -9.91 13.48 48.82
C27 PX4 YC . -10.27 14.04 47.44
C28 PX4 YC . -9.65 13.13 46.37
C29 PX4 YC . -9.71 13.86 45.03
C30 PX4 YC . -8.95 13.04 43.99
C31 PX4 YC . -9.80 12.45 42.86
C32 PX4 YC . -10.66 13.46 42.09
C33 PX4 YC . -11.30 12.88 40.83
C34 PX4 YC . -10.27 12.30 39.86
C35 PX4 YC . -11.02 11.85 38.61
C36 PX4 YC . -9.99 11.15 37.71
O1 PX4 ZC . -11.94 26.36 54.07
O2 PX4 ZC . -14.26 25.31 54.88
P1 PX4 ZC . -13.01 25.33 54.09
O3 PX4 ZC . -12.18 24.04 54.60
C1 PX4 ZC . -13.04 23.00 54.11
C2 PX4 ZC . -12.28 21.68 53.85
N1 PX4 ZC . -11.02 21.51 53.12
C3 PX4 ZC . -10.43 20.18 53.28
C4 PX4 ZC . -11.12 21.61 51.65
C5 PX4 ZC . -9.81 22.31 53.39
O4 PX4 ZC . -13.55 24.92 52.63
C6 PX4 ZC . -13.12 25.91 51.69
C7 PX4 ZC . -13.43 25.66 50.21
C8 PX4 ZC . -14.40 24.49 50.08
O5 PX4 ZC . -13.71 23.37 49.51
C9 PX4 ZC . -14.30 22.19 49.85
O6 PX4 ZC . -15.00 22.16 50.84
C10 PX4 ZC . -13.59 20.94 49.30
C11 PX4 ZC . -14.44 20.52 48.11
C12 PX4 ZC . -13.57 20.12 46.92
C13 PX4 ZC . -14.57 19.79 45.81
C14 PX4 ZC . -13.83 18.93 44.77
C15 PX4 ZC . -14.79 18.15 43.88
C16 PX4 ZC . -14.05 17.52 42.71
C17 PX4 ZC . -14.99 16.78 41.73
C18 PX4 ZC . -14.11 16.20 40.63
C19 PX4 ZC . -14.86 15.53 39.48
C20 PX4 ZC . -13.90 14.76 38.58
C21 PX4 ZC . -14.75 14.24 37.43
C22 PX4 ZC . -15.54 15.27 36.61
O7 PX4 ZC . -14.10 26.85 49.78
C23 PX4 ZC . -13.37 27.92 49.38
O8 PX4 ZC . -12.15 27.85 49.46
C24 PX4 ZC . -14.14 29.08 48.78
C25 PX4 ZC . -13.83 29.07 47.27
C26 PX4 ZC . -14.55 30.14 46.49
C27 PX4 ZC . -14.25 30.22 44.99
C28 PX4 ZC . -15.09 31.36 44.39
C29 PX4 ZC . -16.54 30.91 44.58
C30 PX4 ZC . -17.53 32.09 44.52
C31 PX4 ZC . -18.93 31.45 44.43
C32 PX4 ZC . -19.76 32.70 44.70
C33 PX4 ZC . -21.26 32.36 44.82
C34 PX4 ZC . -22.09 32.28 43.54
C35 PX4 ZC . -23.49 31.83 43.97
C36 PX4 ZC . -24.22 32.94 44.75
O1 PX4 AD . -5.85 26.03 52.71
O2 PX4 AD . -4.44 23.82 52.43
P1 PX4 AD . -5.60 24.69 52.12
O3 PX4 AD . -5.20 24.78 50.56
C1 PX4 AD . -4.14 25.70 50.32
C2 PX4 AD . -3.20 25.32 49.18
N1 PX4 AD . -2.03 26.10 48.75
C3 PX4 AD . -1.43 26.81 49.89
C4 PX4 AD . -1.09 25.10 48.28
C5 PX4 AD . -2.32 27.08 47.69
O4 PX4 AD . -6.90 23.85 51.68
C6 PX4 AD . -6.50 22.65 51.01
C7 PX4 AD . -7.62 22.33 50.02
C8 PX4 AD . -7.89 23.76 49.53
O5 PX4 AD . -8.71 23.93 48.38
C9 PX4 AD . -10.04 23.92 48.67
O6 PX4 AD . -10.52 24.13 49.79
C10 PX4 AD . -10.99 23.77 47.47
C11 PX4 AD . -11.60 25.07 46.93
C12 PX4 AD . -12.18 24.85 45.53
C13 PX4 AD . -13.54 24.15 45.57
C14 PX4 AD . -14.14 23.91 44.19
C15 PX4 AD . -13.38 22.94 43.29
C16 PX4 AD . -14.27 22.67 42.07
C17 PX4 AD . -13.59 21.61 41.20
C18 PX4 AD . -14.45 21.52 39.93
C19 PX4 AD . -13.87 20.24 39.32
C20 PX4 AD . -14.45 20.00 37.93
C21 PX4 AD . -13.50 19.05 37.22
C22 PX4 AD . -13.48 19.36 35.71
O7 PX4 AD . -7.26 21.46 48.95
C23 PX4 AD . -8.26 20.61 48.66
O8 PX4 AD . -9.10 20.40 49.54
C24 PX4 AD . -8.34 20.00 47.25
C25 PX4 AD . -9.23 20.82 46.32
C26 PX4 AD . -9.20 20.09 44.97
C27 PX4 AD . -9.93 18.75 45.10
C28 PX4 AD . -9.72 17.59 44.12
C29 PX4 AD . -10.47 17.78 42.81
C30 PX4 AD . -9.89 16.99 41.63
C31 PX4 AD . -10.63 17.27 40.31
C32 PX4 AD . -9.99 16.45 39.19
C33 PX4 AD . -10.47 16.86 37.79
C34 PX4 AD . -9.50 16.27 36.76
C35 PX4 AD . -9.71 16.82 35.36
C36 PX4 AD . -9.36 18.28 35.10
O1 PX4 BD . 1.13 -1.24 48.86
O2 PX4 BD . -0.55 -3.06 49.31
P1 PX4 BD . 0.31 -2.35 48.34
O3 PX4 BD . 1.39 -3.41 47.77
C1 PX4 BD . 2.26 -2.74 46.86
C2 PX4 BD . 3.61 -3.44 46.74
N1 PX4 BD . 4.75 -2.80 46.07
C3 PX4 BD . 5.36 -1.82 46.97
C4 PX4 BD . 5.72 -3.90 45.89
C5 PX4 BD . 4.54 -2.41 44.67
O4 PX4 BD . -0.29 -1.83 46.94
C6 PX4 BD . -1.61 -1.33 47.07
C7 PX4 BD . -2.18 -0.39 45.99
C8 PX4 BD . -1.21 -0.35 44.79
O5 PX4 BD . -0.85 0.94 44.29
C9 PX4 BD . 0.41 1.08 43.79
O6 PX4 BD . 1.16 0.12 43.68
C10 PX4 BD . 0.84 2.43 43.19
C11 PX4 BD . 0.37 2.50 41.73
C12 PX4 BD . -1.11 2.43 41.36
C13 PX4 BD . -1.23 2.07 39.89
C14 PX4 BD . -2.69 2.08 39.45
C15 PX4 BD . -2.74 2.17 37.93
C16 PX4 BD . -4.16 2.25 37.35
C17 PX4 BD . -5.00 3.44 37.81
C18 PX4 BD . -4.41 4.75 37.30
C19 PX4 BD . -5.58 5.73 37.18
C20 PX4 BD . -5.10 7.06 36.59
C21 PX4 BD . -4.52 6.63 35.25
C22 PX4 BD . -4.08 7.85 34.43
O7 PX4 BD . -3.47 -0.92 45.66
C23 PX4 BD . -4.53 -0.65 46.47
O8 PX4 BD . -4.35 0.08 47.45
C24 PX4 BD . -5.86 -1.02 45.81
C25 PX4 BD . -6.56 -2.24 46.39
C26 PX4 BD . -7.79 -2.50 45.52
C27 PX4 BD . -7.42 -2.63 44.04
C28 PX4 BD . -8.76 -2.78 43.32
C29 PX4 BD . -8.53 -2.97 41.83
C30 PX4 BD . -9.83 -2.81 41.04
C31 PX4 BD . -10.34 -1.37 41.08
C32 PX4 BD . -11.53 -1.11 40.15
C33 PX4 BD . -11.91 0.36 40.15
C34 PX4 BD . -13.30 0.48 39.52
C35 PX4 BD . -13.73 1.89 39.14
C36 PX4 BD . -15.12 2.12 38.55
O1 PX4 CD . 4.41 3.04 50.06
O2 PX4 CD . 5.80 5.18 50.19
P1 PX4 CD . 4.57 4.47 49.76
O3 PX4 CD . 3.36 5.26 50.46
C1 PX4 CD . 3.74 6.33 51.35
C2 PX4 CD . 2.71 7.17 52.10
N1 PX4 CD . 2.19 6.53 53.31
C3 PX4 CD . 1.34 5.43 52.85
C4 PX4 CD . 3.11 6.14 54.39
C5 PX4 CD . 1.28 7.56 53.84
O4 PX4 CD . 4.34 4.63 48.17
C6 PX4 CD . 2.93 4.77 47.99
C7 PX4 CD . 2.48 4.95 46.55
C8 PX4 CD . 3.25 3.97 45.66
O5 PX4 CD . 3.49 4.61 44.39
C9 PX4 CD . 4.26 3.82 43.60
O6 PX4 CD . 4.73 2.78 44.05
C10 PX4 CD . 4.54 4.37 42.20
C11 PX4 CD . 3.51 5.42 41.80
C12 PX4 CD . 3.88 6.15 40.51
C13 PX4 CD . 2.77 7.19 40.29
C14 PX4 CD . 3.04 7.93 38.99
C15 PX4 CD . 4.24 8.85 39.21
C16 PX4 CD . 4.60 9.70 38.00
C17 PX4 CD . 5.17 8.76 36.92
C18 PX4 CD . 5.34 9.67 35.70
C19 PX4 CD . 5.90 8.96 34.47
C20 PX4 CD . 6.18 10.00 33.38
C21 PX4 CD . 7.28 11.02 33.72
C22 PX4 CD . 7.55 11.90 32.51
O7 PX4 CD . 1.06 4.84 46.39
C23 PX4 CD . 0.29 5.95 46.52
O8 PX4 CD . 0.30 6.64 47.53
C24 PX4 CD . -0.90 5.85 45.57
C25 PX4 CD . -0.72 6.39 44.16
C26 PX4 CD . -1.97 6.14 43.31
C27 PX4 CD . -1.67 6.51 41.86
C28 PX4 CD . -2.90 5.98 41.11
C29 PX4 CD . -4.06 6.61 41.89
C30 PX4 CD . -5.36 6.42 41.10
C31 PX4 CD . -6.58 7.14 41.68
C32 PX4 CD . -6.52 7.06 43.22
C33 PX4 CD . -7.70 7.83 43.79
C34 PX4 CD . -7.99 7.57 45.27
C35 PX4 CD . -8.46 6.14 45.55
C36 PX4 CD . -8.81 6.12 47.05
O1 PX4 DD . -5.61 -9.91 53.68
O2 PX4 DD . -3.31 -8.90 52.83
P1 PX4 DD . -4.74 -9.29 52.67
O3 PX4 DD . -5.22 -7.76 52.45
C1 PX4 DD . -5.30 -6.98 53.63
C2 PX4 DD . -5.06 -5.49 53.33
N1 PX4 DD . -5.83 -4.73 52.34
C3 PX4 DD . -5.19 -3.40 52.28
C4 PX4 DD . -5.73 -5.18 50.94
C5 PX4 DD . -7.27 -4.57 52.60
O4 PX4 DD . -5.00 -9.84 51.18
C6 PX4 DD . -4.41 -8.87 50.30
C7 PX4 DD . -4.55 -9.39 48.87
C8 PX4 DD . -4.97 -10.87 48.96
O5 PX4 DD . -3.76 -11.56 48.64
C9 PX4 DD . -3.76 -12.92 48.82
O6 PX4 DD . -4.55 -13.42 49.62
C10 PX4 DD . -2.79 -13.64 47.89
C11 PX4 DD . -3.42 -14.12 46.59
C12 PX4 DD . -2.65 -15.19 45.78
C13 PX4 DD . -3.19 -15.32 44.36
C14 PX4 DD . -2.39 -16.39 43.60
C15 PX4 DD . -2.83 -16.76 42.19
C16 PX4 DD . -1.74 -17.52 41.44
C17 PX4 DD . -2.07 -17.50 39.93
C18 PX4 DD . -0.85 -18.17 39.31
C19 PX4 DD . -1.20 -18.37 37.82
C20 PX4 DD . -1.59 -17.02 37.22
C21 PX4 DD . -2.07 -17.18 35.77
C22 PX4 DD . -1.04 -17.96 34.97
O7 PX4 DD . -5.38 -8.60 48.02
C23 PX4 DD . -4.99 -7.40 47.52
O8 PX4 DD . -3.88 -6.95 47.77
C24 PX4 DD . -6.01 -6.73 46.59
C25 PX4 DD . -5.88 -6.88 45.08
C26 PX4 DD . -4.74 -6.03 44.48
C27 PX4 DD . -4.58 -6.35 42.99
C28 PX4 DD . -5.85 -5.95 42.24
C29 PX4 DD . -5.38 -6.12 40.79
C30 PX4 DD . -6.49 -5.59 39.88
C31 PX4 DD . -6.03 -5.71 38.43
C32 PX4 DD . -6.75 -4.78 37.46
C33 PX4 DD . -6.11 -4.87 36.08
C34 PX4 DD . -6.84 -5.99 35.30
C35 PX4 DD . -6.57 -6.08 33.80
C36 PX4 DD . -7.14 -4.89 33.03
O1 PX4 ED . 10.82 -5.18 49.49
O2 PX4 ED . 12.58 -6.71 48.34
P1 PX4 ED . 11.68 -5.54 48.34
O3 PX4 ED . 12.72 -4.31 48.24
C1 PX4 ED . 13.13 -4.01 49.57
C2 PX4 ED . 14.65 -4.13 49.78
N1 PX4 ED . 15.15 -4.16 51.16
C3 PX4 ED . 14.83 -5.41 51.86
C4 PX4 ED . 16.61 -4.18 51.04
C5 PX4 ED . 14.83 -2.86 51.78
O4 PX4 ED . 11.08 -5.53 46.84
C6 PX4 ED . 12.05 -6.15 45.97
C7 PX4 ED . 11.80 -6.01 44.47
C8 PX4 ED . 10.47 -5.31 44.29
O5 PX4 ED . 9.77 -5.48 43.04
C9 PX4 ED . 8.44 -5.23 43.09
O6 PX4 ED . 8.05 -4.46 43.96
C10 PX4 ED . 7.85 -5.30 41.68
C11 PX4 ED . 6.82 -4.20 41.37
C12 PX4 ED . 6.09 -4.38 40.03
C13 PX4 ED . 7.08 -4.50 38.88
C14 PX4 ED . 6.25 -4.77 37.61
C15 PX4 ED . 7.27 -5.15 36.53
C16 PX4 ED . 6.40 -5.51 35.31
C17 PX4 ED . 5.71 -4.30 34.70
C18 PX4 ED . 6.84 -3.32 34.37
C19 PX4 ED . 6.31 -2.11 33.58
C20 PX4 ED . 7.46 -1.20 33.16
C21 PX4 ED . 6.97 -0.02 32.34
C22 PX4 ED . 8.16 0.74 31.77
O7 PX4 ED . 12.84 -5.25 43.82
C23 PX4 ED . 13.66 -5.93 43.00
O8 PX4 ED . 13.76 -7.15 43.16
C24 PX4 ED . 14.60 -5.19 42.05
C25 PX4 ED . 14.67 -5.93 40.71
C26 PX4 ED . 15.50 -5.13 39.71
C27 PX4 ED . 15.48 -6.02 38.46
C28 PX4 ED . 16.45 -7.20 38.57
C29 PX4 ED . 16.05 -8.35 37.64
C30 PX4 ED . 16.85 -9.60 37.98
C31 PX4 ED . 18.38 -9.55 37.81
C32 PX4 ED . 19.29 -10.74 38.17
C33 PX4 ED . 18.87 -11.84 37.18
C34 PX4 ED . 19.33 -13.17 37.78
C35 PX4 ED . 19.08 -14.10 36.60
C36 PX4 ED . 19.30 -15.58 36.96
O1 PX4 FD . 15.85 -4.85 46.38
O2 PX4 FD . 17.92 -3.51 47.07
P1 PX4 FD . 16.86 -3.80 46.07
O3 PX4 FD . 16.00 -2.45 45.85
C1 PX4 FD . 14.74 -2.87 45.33
C2 PX4 FD . 13.87 -1.73 44.79
N1 PX4 FD . 12.92 -1.12 45.73
C3 PX4 FD . 11.85 -2.02 46.18
C4 PX4 FD . 13.54 -0.73 47.00
C5 PX4 FD . 12.36 0.11 45.13
O4 PX4 FD . 17.35 -3.99 44.56
C6 PX4 FD . 18.23 -2.91 44.27
C7 PX4 FD . 18.52 -2.58 42.79
C8 PX4 FD . 18.53 -3.99 42.19
O5 PX4 FD . 19.61 -4.41 41.37
C9 PX4 FD . 19.36 -5.58 40.73
O6 PX4 FD . 18.30 -6.21 40.77
C10 PX4 FD . 20.43 -6.12 39.77
C11 PX4 FD . 20.31 -5.52 38.36
C12 PX4 FD . 21.40 -6.08 37.44
C13 PX4 FD . 20.86 -6.42 36.04
C14 PX4 FD . 22.07 -6.94 35.25
C15 PX4 FD . 21.33 -7.57 34.07
C16 PX4 FD . 20.19 -8.46 34.59
C17 PX4 FD . 19.22 -8.78 33.46
C18 PX4 FD . 18.36 -9.85 34.16
C19 PX4 FD . 17.15 -10.19 33.29
C20 PX4 FD . 16.18 -11.13 34.01
C21 PX4 FD . 14.85 -11.31 33.29
C22 PX4 FD . 14.22 -9.92 33.42
O7 PX4 FD . 17.66 -1.67 42.10
C23 PX4 FD . 17.94 -0.34 42.22
O8 PX4 FD . 18.57 -0.03 43.23
C24 PX4 FD . 17.07 0.62 41.41
C25 PX4 FD . 15.58 0.26 41.27
C26 PX4 FD . 15.36 -0.29 39.87
C27 PX4 FD . 13.95 -0.43 39.30
C28 PX4 FD . 14.21 -0.87 37.85
C29 PX4 FD . 12.89 -1.22 37.19
C30 PX4 FD . 12.96 -1.58 35.70
C31 PX4 FD . 11.57 -1.62 35.05
C32 PX4 FD . 11.80 -1.91 33.56
C33 PX4 FD . 12.72 -0.80 33.04
C34 PX4 FD . 12.92 -1.14 31.55
C35 PX4 FD . 13.77 -0.17 30.73
C36 PX4 FD . 15.24 -0.27 31.17
O1 PX4 GD . 28.05 12.82 43.14
O2 PX4 GD . 28.27 11.90 45.56
P1 PX4 GD . 28.66 11.90 44.14
O3 PX4 GD . 30.21 12.38 44.16
C1 PX4 GD . 30.46 13.71 44.61
C2 PX4 GD . 31.93 14.13 44.46
N1 PX4 GD . 32.45 14.24 43.09
C3 PX4 GD . 33.62 15.12 43.11
C4 PX4 GD . 32.88 12.92 42.61
C5 PX4 GD . 31.48 14.83 42.13
O4 PX4 GD . 28.56 10.49 43.39
C6 PX4 GD . 29.82 10.17 42.79
C7 PX4 GD . 29.62 8.79 42.13
C8 PX4 GD . 28.36 8.82 41.28
O5 PX4 GD . 28.49 9.36 39.96
C9 PX4 GD . 27.37 9.27 39.20
O6 PX4 GD . 26.35 8.73 39.64
C10 PX4 GD . 27.47 9.68 37.73
C11 PX4 GD . 27.61 11.18 37.46
C12 PX4 GD . 28.27 11.47 36.12
C13 PX4 GD . 28.32 12.98 35.96
C14 PX4 GD . 28.59 13.31 34.48
C15 PX4 GD . 27.47 12.61 33.73
C16 PX4 GD . 27.68 12.39 32.22
C17 PX4 GD . 26.37 11.84 31.65
C18 PX4 GD . 26.44 11.78 30.12
C19 PX4 GD . 25.24 11.02 29.55
C20 PX4 GD . 25.23 10.95 28.02
C21 PX4 GD . 24.03 10.10 27.62
C22 PX4 GD . 24.04 9.61 26.17
O7 PX4 GD . 30.78 8.41 41.36
C23 PX4 GD . 31.77 7.75 42.03
O8 PX4 GD . 31.71 7.58 43.25
C24 PX4 GD . 32.92 7.28 41.14
C25 PX4 GD . 32.68 6.65 39.78
C26 PX4 GD . 34.03 6.35 39.11
C27 PX4 GD . 34.04 5.31 37.98
C28 PX4 GD . 33.01 5.92 37.01
C29 PX4 GD . 33.04 5.10 35.71
C30 PX4 GD . 32.22 5.96 34.75
C31 PX4 GD . 32.30 5.54 33.29
C32 PX4 GD . 31.81 4.11 33.06
C33 PX4 GD . 32.15 3.58 31.65
C34 PX4 GD . 31.29 4.35 30.65
C35 PX4 GD . 31.23 3.82 29.22
C36 PX4 GD . 30.52 4.88 28.39
O1 PX4 HD . -14.21 19.55 58.93
O2 PX4 HD . -11.92 20.36 57.97
P1 PX4 HD . -13.40 20.25 57.90
O3 PX4 HD . -13.84 21.76 58.23
C1 PX4 HD . -13.36 22.09 59.53
C2 PX4 HD . -13.71 23.42 60.21
N1 PX4 HD . -13.06 24.56 59.54
C3 PX4 HD . -11.62 24.51 59.83
C4 PX4 HD . -13.33 24.79 58.12
C5 PX4 HD . -13.56 25.76 60.24
O4 PX4 HD . -13.94 20.22 56.39
C6 PX4 HD . -15.35 20.04 56.32
C7 PX4 HD . -15.87 19.48 54.99
C8 PX4 HD . -14.75 18.61 54.43
O5 PX4 HD . -14.61 18.60 53.01
C9 PX4 HD . -14.84 17.47 52.27
O6 PX4 HD . -15.44 16.51 52.78
C10 PX4 HD . -14.56 17.63 50.79
C11 PX4 HD . -14.19 16.38 50.01
C12 PX4 HD . -13.81 16.69 48.55
C13 PX4 HD . -13.75 15.50 47.59
C14 PX4 HD . -13.34 15.92 46.18
C15 PX4 HD . -13.40 14.76 45.19
C16 PX4 HD . -14.75 14.07 45.22
C17 PX4 HD . -15.02 13.13 44.05
C18 PX4 HD . -16.38 12.44 44.24
C19 PX4 HD . -16.65 11.70 42.93
C20 PX4 HD . -16.97 12.68 41.80
C21 PX4 HD . -17.12 11.86 40.51
C22 PX4 HD . -17.57 12.74 39.36
O7 PX4 HD . -17.15 18.87 55.13
C23 PX4 HD . -17.95 19.18 54.07
O8 PX4 HD . -17.90 20.26 53.51
C24 PX4 HD . -19.24 18.38 53.86
C25 PX4 HD . -19.32 17.83 52.44
C26 PX4 HD . -20.76 17.35 52.24
C27 PX4 HD . -21.46 17.28 50.88
C28 PX4 HD . -21.33 18.57 50.07
C29 PX4 HD . -22.08 18.38 48.76
C30 PX4 HD . -21.84 19.71 48.04
C31 PX4 HD . -22.43 19.61 46.63
C32 PX4 HD . -23.91 19.31 46.82
C33 PX4 HD . -24.73 19.63 45.56
C34 PX4 HD . -26.11 19.13 46.00
C35 PX4 HD . -26.37 19.84 47.34
C36 PX4 HD . -27.70 19.32 47.87
O1 PX4 ID . -0.09 34.13 46.08
O2 PX4 ID . -0.99 33.26 48.36
P1 PX4 ID . -0.17 33.12 47.14
O3 PX4 ID . 1.37 33.06 47.62
C1 PX4 ID . 2.02 34.31 47.86
C2 PX4 ID . 3.38 33.98 48.48
N1 PX4 ID . 4.15 35.09 49.04
C3 PX4 ID . 4.57 36.08 48.03
C4 PX4 ID . 3.47 35.63 50.24
C5 PX4 ID . 5.35 34.43 49.57
O4 PX4 ID . -0.11 31.64 46.50
C6 PX4 ID . -0.92 31.52 45.34
C7 PX4 ID . -0.52 30.39 44.39
C8 PX4 ID . -1.76 29.50 44.25
O5 PX4 ID . -3.06 30.06 44.53
C9 PX4 ID . -4.07 29.23 44.21
O6 PX4 ID . -3.94 28.01 44.15
C10 PX4 ID . -5.42 29.95 44.27
C11 PX4 ID . -5.59 31.23 43.45
C12 PX4 ID . -5.86 30.97 41.97
C13 PX4 ID . -7.21 30.32 41.67
C14 PX4 ID . -7.69 30.55 40.23
C15 PX4 ID . -8.84 29.61 39.84
C16 PX4 ID . -9.20 29.63 38.36
C17 PX4 ID . -10.30 28.72 37.80
C18 PX4 ID . -10.73 29.20 36.41
C19 PX4 ID . -11.78 28.23 35.86
C20 PX4 ID . -12.31 28.63 34.48
C21 PX4 ID . -13.33 27.61 33.96
C22 PX4 ID . -13.84 27.89 32.54
O7 PX4 ID . -0.13 30.89 43.12
C23 PX4 ID . 1.13 31.38 43.02
O8 PX4 ID . 1.95 31.14 43.91
C24 PX4 ID . 1.38 32.12 41.70
C25 PX4 ID . 2.23 31.37 40.70
C26 PX4 ID . 2.18 31.94 39.28
C27 PX4 ID . 2.40 33.45 39.31
C28 PX4 ID . 2.39 33.98 37.87
C29 PX4 ID . 1.05 33.70 37.19
C30 PX4 ID . 0.91 34.48 35.87
C31 PX4 ID . -0.51 34.18 35.35
C32 PX4 ID . -0.58 34.96 34.04
C33 PX4 ID . -1.91 34.69 33.34
C34 PX4 ID . -2.26 33.27 32.89
C35 PX4 ID . -3.48 33.37 31.98
C36 PX4 ID . -4.04 31.95 31.84
O1 PX4 JD . -1.41 22.10 51.23
O2 PX4 JD . -3.38 20.45 51.27
P1 PX4 JD . -2.37 21.23 50.52
O3 PX4 JD . -1.48 20.09 49.82
C1 PX4 JD . -0.71 19.55 50.90
C2 PX4 JD . 0.35 18.61 50.34
N1 PX4 JD . 1.31 19.06 49.32
C3 PX4 JD . 2.51 18.20 49.31
C4 PX4 JD . 0.76 18.97 47.96
C5 PX4 JD . 1.80 20.45 49.51
O4 PX4 JD . -2.86 22.01 49.20
C6 PX4 JD . -3.28 20.93 48.37
C7 PX4 JD . -3.66 21.15 46.90
C8 PX4 JD . -4.10 22.60 47.03
O5 PX4 JD . -5.16 22.91 46.12
C9 PX4 JD . -5.55 24.20 45.86
O6 PX4 JD . -5.01 25.13 46.45
C10 PX4 JD . -6.62 24.34 44.78
C11 PX4 JD . -5.99 25.06 43.57
C12 PX4 JD . -7.10 25.27 42.53
C13 PX4 JD . -7.60 23.84 42.30
C14 PX4 JD . -6.54 23.00 41.58
C15 PX4 JD . -7.19 21.67 41.18
C16 PX4 JD . -6.38 20.40 40.93
C17 PX4 JD . -5.20 20.74 39.98
C18 PX4 JD . -5.80 21.09 38.62
C19 PX4 JD . -4.62 21.21 37.64
C20 PX4 JD . -5.00 21.42 36.17
C21 PX4 JD . -3.85 21.23 35.18
C22 PX4 JD . -4.23 21.79 33.81
O7 PX4 JD . -2.58 20.88 46.00
C23 PX4 JD . -2.33 19.56 45.75
O8 PX4 JD . -2.53 18.72 46.62
C24 PX4 JD . -1.76 19.24 44.36
C25 PX4 JD . -2.75 19.50 43.22
C26 PX4 JD . -2.33 18.73 41.97
C27 PX4 JD . -1.07 19.39 41.42
C28 PX4 JD . -0.74 18.94 39.99
C29 PX4 JD . -1.87 18.95 38.98
C30 PX4 JD . -1.38 18.36 37.66
C31 PX4 JD . -0.09 19.11 37.31
C32 PX4 JD . 0.83 18.34 36.36
C33 PX4 JD . 2.09 19.18 36.18
C34 PX4 JD . 3.18 18.52 35.31
C35 PX4 JD . 4.42 19.42 35.32
C36 PX4 JD . 5.69 18.93 34.60
O1 PX4 KD . 3.93 -7.99 49.58
O2 PX4 KD . 4.53 -6.61 47.42
P1 PX4 KD . 3.89 -6.77 48.75
O3 PX4 KD . 4.14 -5.40 49.57
C1 PX4 KD . 3.19 -5.26 50.62
C2 PX4 KD . 2.65 -3.89 51.01
N1 PX4 KD . 3.42 -2.87 51.74
C3 PX4 KD . 4.74 -2.56 51.16
C4 PX4 KD . 2.71 -1.59 51.73
C5 PX4 KD . 3.60 -3.23 53.16
O4 PX4 KD . 2.35 -6.33 48.51
C6 PX4 KD . 1.95 -6.99 47.31
C7 PX4 KD . 0.44 -7.09 47.11
C8 PX4 KD . -0.12 -5.82 46.45
O5 PX4 KD . 0.38 -5.37 45.20
C9 PX4 KD . -0.43 -4.40 44.72
O6 PX4 KD . -1.49 -4.11 45.30
C10 PX4 KD . -0.08 -3.86 43.33
C11 PX4 KD . 1.36 -3.35 43.29
C12 PX4 KD . 1.79 -3.11 41.82
C13 PX4 KD . 1.94 -4.45 41.12
C14 PX4 KD . 2.04 -4.26 39.60
C15 PX4 KD . 2.49 -5.57 38.95
C16 PX4 KD . 2.49 -5.47 37.42
C17 PX4 KD . 2.63 -6.78 36.64
C18 PX4 KD . 1.52 -7.79 36.93
C19 PX4 KD . 1.58 -9.19 36.32
C20 PX4 KD . 0.40 -10.10 36.66
C21 PX4 KD . 0.54 -10.42 38.15
C22 PX4 KD . -0.35 -11.57 38.67
O7 PX4 KD . 0.01 -8.31 46.51
C23 PX4 KD . -0.80 -9.20 47.15
O8 PX4 KD . -0.95 -9.09 48.37
C24 PX4 KD . -1.39 -10.30 46.27
C25 PX4 KD . -1.94 -9.76 44.96
C26 PX4 KD . -2.36 -10.88 44.02
C27 PX4 KD . -3.10 -10.44 42.77
C28 PX4 KD . -3.75 -11.62 42.05
C29 PX4 KD . -4.80 -11.09 41.06
C30 PX4 KD . -5.36 -12.28 40.30
C31 PX4 KD . -4.27 -13.01 39.50
C32 PX4 KD . -4.80 -14.24 38.80
C33 PX4 KD . -5.43 -15.27 39.75
C34 PX4 KD . -6.10 -16.39 38.95
C35 PX4 KD . -6.88 -17.38 39.83
C36 PX4 KD . -7.24 -18.58 38.97
O1 PX4 LD . 6.27 1.06 46.89
O2 PX4 LD . 8.74 1.17 47.38
P1 PX4 LD . 7.65 1.17 46.38
O3 PX4 LD . 7.69 2.64 45.73
C1 PX4 LD . 7.29 3.48 46.81
C2 PX4 LD . 7.33 5.00 46.59
N1 PX4 LD . 8.54 5.71 47.02
C3 PX4 LD . 9.74 5.16 46.41
C4 PX4 LD . 8.45 7.12 46.58
C5 PX4 LD . 8.69 5.72 48.48
O4 PX4 LD . 8.06 0.13 45.22
C6 PX4 LD . 7.81 0.83 44.00
C7 PX4 LD . 7.69 -0.10 42.80
C8 PX4 LD . 8.81 -1.15 42.92
O5 PX4 LD . 9.67 -1.22 41.79
C9 PX4 LD . 10.70 -2.10 41.94
O6 PX4 LD . 11.24 -2.36 43.02
C10 PX4 LD . 11.41 -2.54 40.66
C11 PX4 LD . 11.07 -3.90 40.04
C12 PX4 LD . 11.46 -4.13 38.57
C13 PX4 LD . 11.13 -5.54 38.07
C14 PX4 LD . 11.44 -5.76 36.60
C15 PX4 LD . 10.94 -7.13 36.08
C16 PX4 LD . 10.98 -7.25 34.56
C17 PX4 LD . 10.14 -6.10 34.00
C18 PX4 LD . 10.45 -5.96 32.50
C19 PX4 LD . 9.35 -5.13 31.86
C20 PX4 LD . 9.75 -4.36 30.59
C21 PX4 LD . 8.59 -3.71 29.86
C22 PX4 LD . 9.19 -2.58 28.99
O7 PX4 LD . 6.34 -0.40 42.42
C23 PX4 LD . 5.72 0.49 41.62
O8 PX4 LD . 6.37 1.47 41.21
C24 PX4 LD . 4.26 0.27 41.23
C25 PX4 LD . 3.98 -0.63 40.01
C26 PX4 LD . 4.13 0.10 38.67
C27 PX4 LD . 3.35 -0.66 37.60
C28 PX4 LD . 1.90 -0.23 37.66
C29 PX4 LD . 1.11 -1.25 36.84
C30 PX4 LD . -0.34 -0.85 36.56
C31 PX4 LD . -1.22 -1.94 35.94
C32 PX4 LD . -2.67 -1.47 35.97
C33 PX4 LD . -3.51 -2.40 35.10
C34 PX4 LD . -2.85 -2.46 33.72
C35 PX4 LD . -3.44 -3.38 32.64
C36 PX4 LD . -2.61 -3.27 31.36
O1 PX4 MD . 26.11 6.56 42.03
O2 PX4 MD . 24.77 7.86 43.81
P1 PX4 MD . 24.83 7.08 42.56
O3 PX4 MD . 24.04 5.79 43.07
C1 PX4 MD . 24.84 5.40 44.19
C2 PX4 MD . 24.64 3.92 44.58
N1 PX4 MD . 23.40 3.44 45.21
C3 PX4 MD . 23.81 2.14 45.76
C4 PX4 MD . 22.69 4.39 46.09
C5 PX4 MD . 22.48 3.20 44.09
O4 PX4 MD . 23.84 7.60 41.40
C6 PX4 MD . 23.73 6.65 40.33
C7 PX4 MD . 22.29 6.10 40.38
C8 PX4 MD . 21.40 7.22 39.86
O5 PX4 MD . 21.85 7.76 38.61
C9 PX4 MD . 21.38 7.13 37.50
O6 PX4 MD . 20.26 6.63 37.54
C10 PX4 MD . 22.16 7.44 36.22
C11 PX4 MD . 23.34 6.48 36.00
C12 PX4 MD . 22.88 5.15 35.40
C13 PX4 MD . 23.95 4.06 35.37
C14 PX4 MD . 23.27 2.68 35.27
C15 PX4 MD . 24.18 1.71 34.52
C16 PX4 MD . 23.72 0.25 34.44
C17 PX4 MD . 23.64 -0.43 35.81
C18 PX4 MD . 23.38 -1.92 35.69
C19 PX4 MD . 22.00 -2.15 35.06
C20 PX4 MD . 22.19 -2.96 33.77
C21 PX4 MD . 20.94 -3.20 32.93
C22 PX4 MD . 21.41 -3.75 31.57
O7 PX4 MD . 22.19 4.80 39.78
C23 PX4 MD . 21.13 4.14 40.31
O8 PX4 MD . 20.58 4.63 41.30
C24 PX4 MD . 20.69 2.88 39.56
C25 PX4 MD . 21.71 1.78 39.25
C26 PX4 MD . 21.01 0.65 38.50
C27 PX4 MD . 20.18 -0.22 39.45
C28 PX4 MD . 19.83 -1.64 38.95
C29 PX4 MD . 19.00 -1.39 37.69
C30 PX4 MD . 18.41 -2.71 37.18
C31 PX4 MD . 17.68 -2.52 35.85
C32 PX4 MD . 17.27 -3.91 35.32
C33 PX4 MD . 16.38 -3.84 34.07
C34 PX4 MD . 15.82 -5.19 33.69
C35 PX4 MD . 15.18 -5.20 32.30
C36 PX4 MD . 14.47 -6.52 32.01
O1 PX4 ND . 32.66 -1.89 46.29
O2 PX4 ND . 32.96 -4.39 45.79
P1 PX4 ND . 33.38 -2.98 45.59
O3 PX4 ND . 34.90 -2.71 46.02
C1 PX4 ND . 34.89 -2.23 47.36
C2 PX4 ND . 36.14 -1.43 47.77
N1 PX4 ND . 37.54 -1.75 47.56
C3 PX4 ND . 38.25 -0.78 48.40
C4 PX4 ND . 37.70 -3.12 48.08
C5 PX4 ND . 37.90 -1.70 46.13
O4 PX4 ND . 33.65 -2.50 44.09
C6 PX4 ND . 34.22 -3.57 43.32
C7 PX4 ND . 34.48 -3.25 41.84
C8 PX4 ND . 33.11 -2.98 41.25
O5 PX4 ND . 32.17 -4.06 41.33
C9 PX4 ND . 30.87 -3.95 40.94
O6 PX4 ND . 30.42 -2.84 40.61
C10 PX4 ND . 30.05 -5.23 41.00
C11 PX4 ND . 30.65 -6.23 40.02
C12 PX4 ND . 30.34 -6.02 38.54
C13 PX4 ND . 30.97 -7.17 37.75
C14 PX4 ND . 30.59 -7.08 36.27
C15 PX4 ND . 30.99 -8.39 35.59
C16 PX4 ND . 30.39 -8.51 34.19
C17 PX4 ND . 31.20 -9.49 33.36
C18 PX4 ND . 30.58 -9.87 32.02
C19 PX4 ND . 31.36 -10.79 31.08
C20 PX4 ND . 31.43 -12.18 31.73
C21 PX4 ND . 32.20 -13.06 30.74
C22 PX4 ND . 32.29 -14.47 31.32
O7 PX4 ND . 35.46 -2.31 41.45
C23 PX4 ND . 36.74 -2.50 41.88
O8 PX4 ND . 37.01 -3.21 42.87
C24 PX4 ND . 37.87 -1.68 41.26
C25 PX4 ND . 37.41 -0.84 40.05
C26 PX4 ND . 38.68 -0.16 39.54
C27 PX4 ND . 38.24 0.39 38.18
C28 PX4 ND . 39.07 1.58 37.70
C29 PX4 ND . 38.47 2.33 36.52
C30 PX4 ND . 39.39 3.55 36.32
C31 PX4 ND . 38.90 4.66 35.39
C32 PX4 ND . 37.65 5.40 35.89
C33 PX4 ND . 37.44 6.56 34.91
C34 PX4 ND . 36.15 7.24 35.39
C35 PX4 ND . 35.78 8.32 34.37
C36 PX4 ND . 36.02 7.66 33.00
O1 PX4 OD . 29.52 17.84 41.52
O2 PX4 OD . 31.26 18.86 39.80
P1 PX4 OD . 29.92 18.79 40.46
O3 PX4 OD . 29.24 20.23 40.71
C1 PX4 OD . 29.86 21.12 39.78
C2 PX4 OD . 29.46 22.58 39.98
N1 PX4 OD . 30.28 23.34 40.94
C3 PX4 OD . 30.30 22.72 42.27
C4 PX4 OD . 31.62 23.61 40.38
C5 PX4 OD . 29.70 24.67 41.20
O4 PX4 OD . 29.15 18.40 39.09
C6 PX4 OD . 29.51 17.05 38.82
C7 PX4 OD . 29.41 16.56 37.36
C8 PX4 OD . 28.11 17.19 36.84
O5 PX4 OD . 26.92 16.39 36.82
C9 PX4 OD . 25.89 17.21 36.47
O6 PX4 OD . 25.99 18.43 36.37
C10 PX4 OD . 24.54 16.49 36.36
C11 PX4 OD . 23.85 16.72 35.01
C12 PX4 OD . 24.35 15.88 33.85
C13 PX4 OD . 23.32 15.99 32.72
C14 PX4 OD . 24.06 15.51 31.47
C15 PX4 OD . 23.23 15.53 30.19
C16 PX4 OD . 24.12 15.09 29.01
C17 PX4 OD . 23.36 15.45 27.73
C18 PX4 OD . 24.01 15.12 26.37
C19 PX4 OD . 23.13 15.46 25.17
C20 PX4 OD . 23.96 15.07 23.95
C21 PX4 OD . 24.30 13.60 24.13
C22 PX4 OD . 25.39 13.19 23.14
O7 PX4 OD . 30.59 16.86 36.62
C23 PX4 OD . 31.46 15.83 36.47
O8 PX4 OD . 31.72 15.22 37.51
C24 PX4 OD . 32.28 15.74 35.19
C25 PX4 OD . 33.73 15.45 35.58
C26 PX4 OD . 34.65 14.97 34.46
C27 PX4 OD . 36.00 14.43 34.97
C28 PX4 OD . 36.70 13.65 33.87
C29 PX4 OD . 35.78 12.48 33.48
C30 PX4 OD . 36.26 11.67 32.28
C31 PX4 OD . 36.38 12.66 31.12
C32 PX4 OD . 36.86 11.96 29.83
C33 PX4 OD . 36.12 12.54 28.63
C34 PX4 OD . 36.53 11.76 27.38
C35 PX4 OD . 35.91 12.30 26.08
C36 PX4 OD . 36.20 11.32 24.94
O1 PX4 PD . -4.58 29.16 48.07
O2 PX4 PD . -3.02 30.18 49.91
P1 PX4 PD . -4.32 30.03 49.23
O3 PX4 PD . -5.14 29.31 50.40
C1 PX4 PD . -6.56 29.37 50.18
C2 PX4 PD . -7.39 28.40 51.03
N1 PX4 PD . -8.82 28.23 50.77
C3 PX4 PD . -9.02 27.75 49.40
C4 PX4 PD . -9.37 27.25 51.71
C5 PX4 PD . -9.53 29.52 50.92
O4 PX4 PD . -5.06 31.46 49.03
C6 PX4 PD . -5.40 31.70 47.67
C7 PX4 PD . -6.35 32.84 47.34
C8 PX4 PD . -5.56 33.94 46.62
O5 PX4 PD . -4.45 33.46 45.84
C9 PX4 PD . -3.81 34.49 45.21
O6 PX4 PD . -3.72 35.55 45.79
C10 PX4 PD . -2.91 34.19 44.02
C11 PX4 PD . -2.76 35.17 42.84
C12 PX4 PD . -1.73 34.82 41.77
C13 PX4 PD . -2.20 33.47 41.24
C14 PX4 PD . -1.61 33.24 39.84
C15 PX4 PD . -2.21 32.04 39.08
C16 PX4 PD . -1.98 30.75 39.88
C17 PX4 PD . -3.21 29.85 39.70
C18 PX4 PD . -2.84 28.56 40.42
C19 PX4 PD . -4.15 27.80 40.59
C20 PX4 PD . -4.76 27.52 39.21
C21 PX4 PD . -5.93 26.55 39.35
C22 PX4 PD . -6.25 25.96 37.98
O7 PX4 PD . -7.57 32.38 46.75
C23 PX4 PD . -8.59 32.04 47.59
O8 PX4 PD . -8.46 32.10 48.80
C24 PX4 PD . -9.84 31.35 47.05
C25 PX4 PD . -9.47 30.29 46.00
C26 PX4 PD . -10.67 29.57 45.39
C27 PX4 PD . -10.19 28.41 44.50
C28 PX4 PD . -11.28 27.95 43.53
C29 PX4 PD . -10.85 26.76 42.68
C30 PX4 PD . -11.96 26.28 41.75
C31 PX4 PD . -11.60 25.16 40.78
C32 PX4 PD . -10.50 25.54 39.78
C33 PX4 PD . -9.85 24.32 39.12
C34 PX4 PD . -10.89 23.73 38.15
C35 PX4 PD . -10.32 22.56 37.36
C36 PX4 PD . -9.80 21.46 38.28
O1 PX4 QD . -4.82 41.69 50.10
O2 PX4 QD . -2.56 40.51 49.40
P1 PX4 QD . -3.78 41.30 49.12
O3 PX4 QD . -3.32 42.79 48.74
C1 PX4 QD . -2.93 43.48 49.93
C2 PX4 QD . -2.81 45.01 49.82
N1 PX4 QD . -3.86 45.84 49.23
C3 PX4 QD . -3.48 47.24 49.48
C4 PX4 QD . -4.08 45.68 47.78
C5 PX4 QD . -4.99 45.42 50.07
O4 PX4 QD . -4.39 40.91 47.69
C6 PX4 QD . -5.56 41.74 47.67
C7 PX4 QD . -6.01 41.95 46.23
C8 PX4 QD . -4.69 42.09 45.46
O5 PX4 QD . -4.24 43.40 45.07
C9 PX4 QD . -3.12 43.42 44.30
O6 PX4 QD . -2.60 42.38 43.85
C10 PX4 QD . -2.55 44.81 44.08
C11 PX4 QD . -1.61 44.98 42.87
C12 PX4 QD . -2.42 44.92 41.58
C13 PX4 QD . -1.56 45.55 40.49
C14 PX4 QD . -2.06 45.36 39.06
C15 PX4 QD . -3.26 46.31 38.93
C16 PX4 QD . -3.43 46.57 37.43
C17 PX4 QD . -4.87 47.01 37.15
C18 PX4 QD . -5.01 47.41 35.67
C19 PX4 QD . -6.48 47.63 35.30
C20 PX4 QD . -6.40 47.99 33.80
C21 PX4 QD . -7.76 48.13 33.14
C22 PX4 QD . -7.91 49.61 32.77
O7 PX4 QD . -6.88 40.94 45.70
C23 PX4 QD . -8.16 41.32 45.43
O8 PX4 QD . -8.63 42.26 46.07
C24 PX4 QD . -9.01 40.30 44.66
C25 PX4 QD . -8.59 40.47 43.20
C26 PX4 QD . -9.19 39.28 42.42
C27 PX4 QD . -8.62 39.16 41.01
C28 PX4 QD . -9.26 37.88 40.49
C29 PX4 QD . -10.79 37.89 40.51
C30 PX4 QD . -11.38 36.66 39.82
C31 PX4 QD . -12.67 37.14 39.17
C32 PX4 QD . -13.39 35.97 38.49
C33 PX4 QD . -14.60 36.61 37.79
C34 PX4 QD . -15.69 35.61 37.39
C35 PX4 QD . -16.97 36.32 36.94
C36 PX4 QD . -18.20 35.41 37.03
O1 PX4 RD . 3.32 13.94 48.86
O2 PX4 RD . 0.80 13.42 49.00
P1 PX4 RD . 2.00 13.81 48.21
O3 PX4 RD . 2.15 12.79 46.97
C1 PX4 RD . 3.41 12.91 46.30
C2 PX4 RD . 3.45 12.41 44.85
N1 PX4 RD . 3.53 10.96 44.61
C3 PX4 RD . 2.35 10.26 45.11
C4 PX4 RD . 3.58 10.66 43.17
C5 PX4 RD . 4.75 10.55 45.34
O4 PX4 RD . 1.76 15.08 47.23
C6 PX4 RD . 0.45 14.82 46.71
C7 PX4 RD . -0.01 15.64 45.52
C8 PX4 RD . 1.27 16.34 45.07
O5 PX4 RD . 1.17 17.74 44.89
C9 PX4 RD . 2.36 18.37 44.66
O6 PX4 RD . 3.38 17.69 44.60
C10 PX4 RD . 2.39 19.82 44.18
C11 PX4 RD . 2.70 20.06 42.69
C12 PX4 RD . 2.53 21.55 42.35
C13 PX4 RD . 2.36 21.63 40.84
C14 PX4 RD . 2.78 22.99 40.28
C15 PX4 RD . 2.41 23.08 38.81
C16 PX4 RD . 3.36 24.06 38.12
C17 PX4 RD . 3.20 23.98 36.60
C18 PX4 RD . 3.79 25.20 35.89
C19 PX4 RD . 3.72 25.14 34.36
C20 PX4 RD . 4.64 24.04 33.82
C21 PX4 RD . 5.58 24.52 32.70
C22 PX4 RD . 5.07 23.91 31.39
O7 PX4 RD . -0.65 14.87 44.51
C23 PX4 RD . -2.01 14.71 44.50
O8 PX4 RD . -2.64 14.84 45.54
C24 PX4 RD . -2.70 14.28 43.20
C25 PX4 RD . -3.93 15.18 43.07
C26 PX4 RD . -4.47 15.25 41.64
C27 PX4 RD . -5.57 16.31 41.63
C28 PX4 RD . -6.18 16.49 40.22
C29 PX4 RD . -5.20 16.97 39.16
C30 PX4 RD . -5.97 17.25 37.87
C31 PX4 RD . -5.03 17.31 36.68
C32 PX4 RD . -5.64 17.33 35.27
C33 PX4 RD . -4.51 17.05 34.27
C34 PX4 RD . -3.30 17.98 34.23
C35 PX4 RD . -2.45 17.59 33.03
C36 PX4 RD . -1.27 18.55 32.77
O1 PX4 SD . 9.94 9.20 42.74
O2 PX4 SD . 10.28 6.79 43.46
P1 PX4 SD . 10.51 7.87 42.47
O3 PX4 SD . 12.10 8.07 42.51
C1 PX4 SD . 12.20 8.68 43.79
C2 PX4 SD . 13.70 8.72 44.17
N1 PX4 SD . 14.51 7.50 44.04
C3 PX4 SD . 15.68 7.65 44.92
C4 PX4 SD . 13.75 6.31 44.42
C5 PX4 SD . 15.02 7.36 42.67
O4 PX4 SD . 10.44 7.32 40.95
C6 PX4 SD . 11.15 6.07 40.98
C7 PX4 SD . 11.29 5.30 39.67
C8 PX4 SD . 10.78 6.27 38.59
O5 PX4 SD . 9.69 5.84 37.79
C9 PX4 SD . 8.40 5.64 38.19
O6 PX4 SD . 8.15 5.39 39.37
C10 PX4 SD . 7.46 5.27 37.06
C11 PX4 SD . 6.15 4.79 37.69
C12 PX4 SD . 5.30 4.09 36.61
C13 PX4 SD . 5.24 5.16 35.51
C14 PX4 SD . 3.82 5.61 35.17
C15 PX4 SD . 3.66 6.41 33.87
C16 PX4 SD . 2.17 6.55 33.59
C17 PX4 SD . 2.00 7.80 32.72
C18 PX4 SD . 0.55 7.91 32.21
C19 PX4 SD . 0.38 9.07 31.23
C20 PX4 SD . 0.83 10.41 31.81
C21 PX4 SD . 0.46 11.56 30.87
C22 PX4 SD . 0.96 12.85 31.50
O7 PX4 SD . 12.60 4.88 39.28
C23 PX4 SD . 13.32 3.93 39.91
O8 PX4 SD . 12.91 3.30 40.89
C24 PX4 SD . 14.79 3.84 39.49
C25 PX4 SD . 14.91 3.13 38.15
C26 PX4 SD . 16.37 2.96 37.73
C27 PX4 SD . 16.46 2.53 36.26
C28 PX4 SD . 17.92 2.17 35.96
C29 PX4 SD . 18.19 2.08 34.45
C30 PX4 SD . 19.57 1.54 34.07
C31 PX4 SD . 19.58 1.51 32.53
C32 PX4 SD . 20.71 0.59 32.08
C33 PX4 SD . 20.91 0.44 30.59
C34 PX4 SD . 22.21 -0.25 30.17
C35 PX4 SD . 22.41 -0.28 28.65
C36 PX4 SD . 23.86 -0.30 28.16
O1 PX4 TD . 8.26 14.65 46.05
O2 PX4 TD . 6.62 13.01 47.10
P1 PX4 TD . 7.62 13.32 46.05
O3 PX4 TD . 8.72 12.14 46.17
C1 PX4 TD . 9.68 12.36 47.20
C2 PX4 TD . 10.32 11.18 47.94
N1 PX4 TD . 11.05 11.47 49.17
C3 PX4 TD . 10.59 12.56 50.06
C4 PX4 TD . 11.00 10.27 50.01
C5 PX4 TD . 12.47 11.76 48.88
O4 PX4 TD . 7.15 12.76 44.61
C6 PX4 TD . 7.98 13.49 43.72
C7 PX4 TD . 7.43 13.64 42.29
C8 PX4 TD . 7.25 12.19 41.87
O5 PX4 TD . 7.96 11.78 40.69
C9 PX4 TD . 7.78 10.45 40.46
O6 PX4 TD . 6.83 9.91 41.05
C10 PX4 TD . 8.70 9.68 39.52
C11 PX4 TD . 8.78 10.35 38.15
C12 PX4 TD . 9.83 9.61 37.34
C13 PX4 TD . 10.14 10.45 36.10
C14 PX4 TD . 10.84 11.79 36.33
C15 PX4 TD . 11.29 12.52 35.06
C16 PX4 TD . 12.33 11.61 34.41
C17 PX4 TD . 12.94 12.11 33.07
C18 PX4 TD . 11.77 12.42 32.15
C19 PX4 TD . 11.97 13.12 30.81
C20 PX4 TD . 10.71 13.40 29.98
C21 PX4 TD . 10.94 14.39 28.83
C22 PX4 TD . 9.68 14.29 27.96
O7 PX4 TD . 6.22 14.40 42.22
C23 PX4 TD . 6.28 15.56 41.51
O8 PX4 TD . 7.35 16.13 41.73
C24 PX4 TD . 4.94 16.27 41.24
C25 PX4 TD . 3.90 15.25 40.79
C26 PX4 TD . 2.49 15.80 40.88
C27 PX4 TD . 1.48 14.78 40.38
C28 PX4 TD . 0.05 15.31 40.55
C29 PX4 TD . -0.92 14.41 39.81
C30 PX4 TD . -0.76 12.95 40.26
C31 PX4 TD . -1.62 11.97 39.44
C32 PX4 TD . -1.15 10.53 39.70
C33 PX4 TD . -1.86 9.72 38.61
C34 PX4 TD . -1.12 8.41 38.31
C35 PX4 TD . -1.40 7.88 36.89
C36 PX4 TD . -0.45 6.81 36.40
O1 PX4 UD . 15.55 20.13 46.70
O2 PX4 UD . 17.29 19.48 44.89
P1 PX4 UD . 16.16 20.31 45.36
O3 PX4 UD . 16.64 21.84 45.27
C1 PX4 UD . 17.32 22.20 46.49
C2 PX4 UD . 18.76 22.69 46.40
N1 PX4 UD . 19.07 23.98 45.77
C3 PX4 UD . 18.31 25.04 46.46
C4 PX4 UD . 20.50 24.23 45.98
C5 PX4 UD . 18.81 23.95 44.32
O4 PX4 UD . 15.04 20.44 44.20
C6 PX4 UD . 15.75 20.87 43.03
C7 PX4 UD . 14.89 21.70 42.08
C8 PX4 UD . 13.43 21.23 42.17
O5 PX4 UD . 12.95 20.41 41.09
C9 PX4 UD . 11.68 19.93 41.15
O6 PX4 UD . 11.10 19.87 42.22
C10 PX4 UD . 11.16 19.15 39.93
C11 PX4 UD . 9.63 19.16 39.92
C12 PX4 UD . 9.22 18.47 38.63
C13 PX4 UD . 7.78 17.97 38.50
C14 PX4 UD . 7.73 16.76 37.56
C15 PX4 UD . 6.52 15.85 37.66
C16 PX4 UD . 6.75 14.65 36.76
C17 PX4 UD . 5.61 13.64 36.90
C18 PX4 UD . 4.22 14.21 36.64
C19 PX4 UD . 3.05 13.24 36.41
C20 PX4 UD . 1.74 13.96 36.10
C21 PX4 UD . 0.51 13.08 35.87
C22 PX4 UD . -0.67 13.97 35.51
O7 PX4 UD . 14.99 23.11 42.31
C23 PX4 UD . 16.05 23.83 41.86
O8 PX4 UD . 17.19 23.36 41.72
C24 PX4 UD . 15.87 25.34 41.91
C25 PX4 UD . 16.28 26.13 40.66
C26 PX4 UD . 15.44 25.83 39.41
C27 PX4 UD . 16.01 26.34 38.08
C28 PX4 UD . 15.14 25.94 36.89
C29 PX4 UD . 15.89 26.37 35.61
C30 PX4 UD . 17.21 25.61 35.59
C31 PX4 UD . 17.78 25.62 34.17
C32 PX4 UD . 19.21 25.08 34.07
C33 PX4 UD . 19.68 25.29 32.63
C34 PX4 UD . 18.85 24.56 31.58
C35 PX4 UD . 19.72 24.54 30.32
C36 PX4 UD . 20.85 23.52 30.35
O1 PX4 VD . 18.43 9.30 43.30
O2 PX4 VD . 20.83 8.38 42.94
P1 PX4 VD . 19.69 9.25 42.53
O3 PX4 VD . 20.38 10.70 42.48
C1 PX4 VD . 21.55 10.49 41.68
C2 PX4 VD . 22.38 11.75 41.49
N1 PX4 VD . 23.79 11.57 41.15
C3 PX4 VD . 24.70 11.23 42.25
C4 PX4 VD . 23.99 10.74 39.96
C5 PX4 VD . 24.40 12.84 40.71
O4 PX4 VD . 19.39 9.11 40.95
C6 PX4 VD . 18.05 9.47 40.64
C7 PX4 VD . 17.82 9.68 39.15
C8 PX4 VD . 19.12 10.31 38.62
O5 PX4 VD . 19.06 11.70 38.25
C9 PX4 VD . 20.30 12.26 38.14
O6 PX4 VD . 21.34 11.62 38.31
C10 PX4 VD . 20.36 13.56 37.36
C11 PX4 VD . 20.60 13.30 35.87
C12 PX4 VD . 20.44 14.60 35.08
C13 PX4 VD . 20.23 14.31 33.59
C14 PX4 VD . 19.79 15.58 32.84
C15 PX4 VD . 19.52 15.17 31.40
C16 PX4 VD . 18.23 14.35 31.32
C17 PX4 VD . 18.00 13.77 29.93
C18 PX4 VD . 16.52 13.36 29.82
C19 PX4 VD . 16.07 12.96 28.41
C20 PX4 VD . 14.61 12.50 28.39
C21 PX4 VD . 14.26 11.68 27.15
C22 PX4 VD . 14.92 12.14 25.83
O7 PX4 VD . 17.16 8.61 38.45
C23 PX4 VD . 15.82 8.49 38.64
O8 PX4 VD . 15.21 9.16 39.48
C24 PX4 VD . 15.12 7.55 37.66
C25 PX4 VD . 14.02 8.18 36.83
C26 PX4 VD . 13.88 7.52 35.46
C27 PX4 VD . 13.75 6.02 35.73
C28 PX4 VD . 13.80 5.37 34.33
C29 PX4 VD . 13.41 3.95 34.70
C30 PX4 VD . 11.95 3.88 35.14
C31 PX4 VD . 11.50 2.50 35.61
C32 PX4 VD . 10.14 2.66 36.30
C33 PX4 VD . 9.93 1.43 37.17
C34 PX4 VD . 8.47 1.37 37.65
C35 PX4 VD . 8.25 0.32 38.71
C36 PX4 VD . 8.50 -1.05 38.08
O1 PX4 WD . 32.79 3.98 41.66
O2 PX4 WD . 30.36 4.71 41.10
P1 PX4 WD . 31.36 3.68 41.50
O3 PX4 WD . 30.88 3.32 43.01
C1 PX4 WD . 31.78 2.31 43.48
C2 PX4 WD . 31.17 1.51 44.64
N1 PX4 WD . 30.10 0.55 44.36
C3 PX4 WD . 30.33 -0.18 43.10
C4 PX4 WD . 29.91 -0.40 45.46
C5 PX4 WD . 28.75 1.15 44.23
O4 PX4 WD . 31.21 2.26 40.76
C6 PX4 WD . 31.27 2.55 39.37
C7 PX4 WD . 31.32 1.26 38.56
C8 PX4 WD . 29.94 1.14 37.91
O5 PX4 WD . 29.38 2.42 37.59
C9 PX4 WD . 28.05 2.50 37.36
O6 PX4 WD . 27.32 1.51 37.45
C10 PX4 WD . 27.31 3.81 37.09
C11 PX4 WD . 28.14 4.69 36.16
C12 PX4 WD . 27.55 6.12 36.07
C13 PX4 WD . 27.95 7.06 34.95
C14 PX4 WD . 27.76 6.55 33.51
C15 PX4 WD . 28.08 7.60 32.45
C16 PX4 WD . 27.76 7.14 31.03
C17 PX4 WD . 28.12 8.10 29.90
C18 PX4 WD . 27.64 7.73 28.49
C19 PX4 WD . 28.41 8.42 27.36
C20 PX4 WD . 27.81 8.06 26.00
C21 PX4 WD . 28.00 8.96 24.77
C22 PX4 WD . 27.23 8.44 23.56
O7 PX4 WD . 32.44 1.09 37.68
C23 PX4 WD . 33.71 1.13 38.14
O8 PX4 WD . 33.98 1.07 39.34
C24 PX4 WD . 34.82 1.09 37.09
C25 PX4 WD . 34.29 0.82 35.67
C26 PX4 WD . 35.42 0.42 34.71
C27 PX4 WD . 34.84 -0.09 33.38
C28 PX4 WD . 33.84 -1.23 33.56
C29 PX4 WD . 33.66 -2.08 32.30
C30 PX4 WD . 32.47 -3.02 32.50
C31 PX4 WD . 32.03 -3.92 31.35
C32 PX4 WD . 30.94 -4.92 31.75
C33 PX4 WD . 30.48 -5.91 30.67
C34 PX4 WD . 31.68 -6.77 30.26
C35 PX4 WD . 31.36 -7.55 28.99
C36 PX4 WD . 32.66 -8.02 28.34
O1 PX4 XD . -6.07 36.53 49.18
O2 PX4 XD . -3.47 36.71 49.09
P1 PX4 XD . -4.83 37.29 48.95
O3 PX4 XD . -5.02 38.58 49.92
C1 PX4 XD . -4.43 38.32 51.20
C2 PX4 XD . -4.77 39.39 52.26
N1 PX4 XD . -4.02 39.65 53.48
C3 PX4 XD . -4.48 40.77 54.31
C4 PX4 XD . -4.12 38.54 54.44
C5 PX4 XD . -2.57 39.90 53.29
O4 PX4 XD . -4.99 37.96 47.50
C6 PX4 XD . -6.29 37.69 46.97
C7 PX4 XD . -6.69 37.87 45.50
C8 PX4 XD . -5.27 38.12 44.97
O5 PX4 XD . -5.29 39.03 43.88
C9 PX4 XD . -4.14 39.11 43.15
O6 PX4 XD . -3.11 38.56 43.57
C10 PX4 XD . -4.04 39.94 41.88
C11 PX4 XD . -5.22 40.88 41.58
C12 PX4 XD . -4.99 41.52 40.21
C13 PX4 XD . -4.74 40.53 39.08
C14 PX4 XD . -4.41 41.31 37.81
C15 PX4 XD . -3.20 42.23 38.00
C16 PX4 XD . -2.82 42.65 36.57
C17 PX4 XD . -2.58 41.54 35.56
C18 PX4 XD . -1.17 41.64 34.95
C19 PX4 XD . -0.10 41.40 36.01
C20 PX4 XD . 1.31 41.45 35.46
C21 PX4 XD . 2.43 41.04 36.42
C22 PX4 XD . 2.39 39.59 36.93
O7 PX4 XD . -7.03 36.65 44.82
C23 PX4 XD . -8.20 36.09 45.24
O8 PX4 XD . -8.90 36.66 46.07
C24 PX4 XD . -8.63 34.81 44.52
C25 PX4 XD . -9.65 35.14 43.43
C26 PX4 XD . -10.24 33.83 42.91
C27 PX4 XD . -11.33 33.92 41.83
C28 PX4 XD . -11.89 32.57 41.38
C29 PX4 XD . -12.59 32.58 40.03
C30 PX4 XD . -13.28 31.23 39.77
C31 PX4 XD . -14.02 31.32 38.44
C32 PX4 XD . -14.95 30.12 38.29
C33 PX4 XD . -15.42 29.95 36.85
C34 PX4 XD . -16.37 31.10 36.44
C35 PX4 XD . -17.00 30.68 35.11
C36 PX4 XD . -17.86 31.82 34.55
O1 PX4 YD . 11.44 33.86 45.02
O2 PX4 YD . 8.96 33.24 44.91
P1 PX4 YD . 10.27 33.19 45.60
O3 PX4 YD . 10.35 33.28 47.21
C1 PX4 YD . 11.69 33.57 47.64
C2 PX4 YD . 11.81 33.64 49.17
N1 PX4 YD . 13.10 33.86 49.83
C3 PX4 YD . 13.02 33.76 51.30
C4 PX4 YD . 14.24 32.98 49.51
C5 PX4 YD . 13.59 35.21 49.57
O4 PX4 YD . 10.62 31.61 45.57
C6 PX4 YD . 10.48 31.22 44.20
C7 PX4 YD . 11.31 29.98 43.87
C8 PX4 YD . 10.39 29.08 43.04
O5 PX4 YD . 9.75 29.82 42.00
C9 PX4 YD . 8.60 29.34 41.46
O6 PX4 YD . 8.22 28.20 41.72
C10 PX4 YD . 7.91 30.10 40.32
C11 PX4 YD . 6.78 31.09 40.68
C12 PX4 YD . 6.13 31.75 39.46
C13 PX4 YD . 7.17 32.37 38.54
C14 PX4 YD . 6.54 32.92 37.24
C15 PX4 YD . 6.43 34.44 37.36
C16 PX4 YD . 5.61 35.16 36.30
C17 PX4 YD . 6.55 35.65 35.17
C18 PX4 YD . 5.78 36.33 34.04
C19 PX4 YD . 6.66 36.56 32.80
C20 PX4 YD . 7.09 35.21 32.21
C21 PX4 YD . 8.35 35.26 31.35
C22 PX4 YD . 9.37 36.13 32.07
O7 PX4 YD . 12.56 30.23 43.22
C23 PX4 YD . 13.45 29.21 43.19
O8 PX4 YD . 13.48 28.48 44.17
C24 PX4 YD . 14.47 29.17 42.03
C25 PX4 YD . 14.04 30.04 40.85
C26 PX4 YD . 15.16 30.19 39.80
C27 PX4 YD . 14.67 30.69 38.45
C28 PX4 YD . 15.85 30.95 37.50
C29 PX4 YD . 15.66 30.56 36.04
C30 PX4 YD . 17.10 30.66 35.52
C31 PX4 YD . 17.20 30.24 34.04
C32 PX4 YD . 18.63 30.05 33.54
C33 PX4 YD . 18.62 29.47 32.13
C34 PX4 YD . 20.08 29.17 31.77
C35 PX4 YD . 20.24 28.50 30.40
C36 PX4 YD . 21.67 28.06 30.07
O1 PX4 ZD . 21.88 28.96 45.45
O2 PX4 ZD . 23.95 30.31 44.80
P1 PX4 ZD . 22.49 30.24 45.01
O3 PX4 ZD . 22.04 31.40 46.03
C1 PX4 ZD . 22.58 32.65 45.58
C2 PX4 ZD . 22.08 33.95 46.21
N1 PX4 ZD . 22.52 34.46 47.52
C3 PX4 ZD . 21.94 35.80 47.73
C4 PX4 ZD . 22.00 33.50 48.50
C5 PX4 ZD . 23.99 34.50 47.57
O4 PX4 ZD . 21.43 30.94 44.02
C6 PX4 ZD . 20.41 30.01 43.60
C7 PX4 ZD . 19.23 30.61 42.87
C8 PX4 ZD . 19.28 32.10 43.25
O5 PX4 ZD . 18.14 32.88 42.90
C9 PX4 ZD . 18.42 33.68 41.84
O6 PX4 ZD . 19.55 34.13 41.62
C10 PX4 ZD . 17.26 34.23 41.01
C11 PX4 ZD . 16.04 33.36 41.31
C12 PX4 ZD . 14.82 33.89 40.55
C13 PX4 ZD . 14.07 34.64 41.65
C14 PX4 ZD . 12.77 35.38 41.32
C15 PX4 ZD . 11.51 34.52 41.40
C16 PX4 ZD . 10.15 35.25 41.35
C17 PX4 ZD . 8.90 34.48 41.74
C18 PX4 ZD . 7.57 35.26 41.75
C19 PX4 ZD . 6.38 34.48 42.30
C20 PX4 ZD . 5.06 35.22 42.03
C21 PX4 ZD . 5.00 36.70 42.34
C22 PX4 ZD . 3.50 37.03 42.48
O7 PX4 ZD . 19.34 30.38 41.46
C23 PX4 ZD . 19.13 29.16 40.89
O8 PX4 ZD . 19.10 28.17 41.62
C24 PX4 ZD . 19.07 29.05 39.36
C25 PX4 ZD . 20.27 29.61 38.60
C26 PX4 ZD . 20.42 29.15 37.15
C27 PX4 ZD . 21.55 28.14 37.00
C28 PX4 ZD . 21.77 27.81 35.53
C29 PX4 ZD . 22.63 26.56 35.35
C30 PX4 ZD . 22.86 26.18 33.88
C31 PX4 ZD . 23.95 25.12 33.82
C32 PX4 ZD . 24.21 24.75 32.34
C33 PX4 ZD . 24.65 26.01 31.61
C34 PX4 ZD . 25.11 25.58 30.21
C35 PX4 ZD . 25.76 26.75 29.46
C36 PX4 ZD . 26.37 26.19 28.17
O1 PX4 AE . 1.37 24.86 50.22
O2 PX4 AE . 3.63 23.69 49.66
P1 PX4 AE . 2.56 24.67 49.35
O3 PX4 AE . 3.45 26.00 49.50
C1 PX4 AE . 4.25 26.13 50.68
C2 PX4 AE . 5.40 27.14 50.59
N1 PX4 AE . 6.66 26.77 49.93
C3 PX4 AE . 7.61 27.87 50.10
C4 PX4 AE . 7.34 25.62 50.57
C5 PX4 AE . 6.40 26.48 48.52
O4 PX4 AE . 2.28 24.69 47.77
C6 PX4 AE . 3.02 23.63 47.16
C7 PX4 AE . 2.96 23.72 45.64
C8 PX4 AE . 1.86 24.74 45.35
O5 PX4 AE . 0.60 24.08 45.11
C9 PX4 AE . -0.39 24.86 44.59
O6 PX4 AE . -0.59 25.96 45.10
C10 PX4 AE . -1.55 24.10 43.95
C11 PX4 AE . -1.40 24.12 42.42
C12 PX4 AE . -2.54 23.33 41.78
C13 PX4 AE . -2.62 23.49 40.25
C14 PX4 AE . -1.30 22.98 39.68
C15 PX4 AE . -1.42 23.18 38.18
C16 PX4 AE . -1.85 24.60 37.83
C17 PX4 AE . -2.29 24.71 36.38
C18 PX4 AE . -1.18 24.31 35.39
C19 PX4 AE . -1.70 24.53 33.96
C20 PX4 AE . -0.43 24.11 33.23
C21 PX4 AE . -0.02 22.64 33.45
C22 PX4 AE . 1.13 22.15 32.58
O7 PX4 AE . 4.20 24.05 45.00
C23 PX4 AE . 5.02 23.05 44.62
O8 PX4 AE . 5.10 22.11 45.40
C24 PX4 AE . 6.16 23.56 43.74
C25 PX4 AE . 6.64 22.51 42.74
C26 PX4 AE . 7.57 23.06 41.66
C27 PX4 AE . 6.57 23.99 40.96
C28 PX4 AE . 7.24 24.93 39.96
C29 PX4 AE . 6.20 25.99 39.58
C30 PX4 AE . 6.79 26.95 38.54
C31 PX4 AE . 5.80 27.87 37.81
C32 PX4 AE . 6.44 28.67 36.67
C33 PX4 AE . 7.02 27.57 35.77
C34 PX4 AE . 7.86 28.20 34.65
C35 PX4 AE . 8.46 27.05 33.84
C36 PX4 AE . 9.51 26.27 34.62
N PHE A 1 15.51 -2.69 -12.44
CA PHE A 1 14.70 -3.58 -11.60
C PHE A 1 13.59 -2.87 -10.83
N ARG A 2 12.59 -3.64 -10.39
CA ARG A 2 11.41 -3.27 -9.64
C ARG A 2 11.54 -3.72 -8.19
N GLU A 3 12.24 -4.83 -7.95
CA GLU A 3 12.52 -5.45 -6.66
C GLU A 3 13.24 -4.46 -5.76
N MET A 4 13.02 -4.59 -4.45
CA MET A 4 13.66 -3.76 -3.45
C MET A 4 15.13 -4.10 -3.41
N PRO A 5 16.03 -3.11 -3.28
CA PRO A 5 17.39 -3.38 -2.88
C PRO A 5 17.48 -3.86 -1.44
N GLY A 6 18.24 -4.93 -1.22
CA GLY A 6 18.38 -5.64 0.04
C GLY A 6 17.84 -7.04 -0.19
N GLY A 7 17.36 -7.73 0.87
CA GLY A 7 16.80 -9.06 0.83
C GLY A 7 15.28 -9.06 1.02
N PRO A 8 14.40 -8.95 0.02
CA PRO A 8 12.97 -9.08 0.14
C PRO A 8 12.60 -10.46 0.66
N VAL A 9 12.70 -10.72 1.98
CA VAL A 9 12.33 -11.91 2.70
C VAL A 9 11.32 -11.65 3.80
N TRP A 10 10.21 -12.42 3.85
CA TRP A 10 9.12 -12.32 4.80
C TRP A 10 8.83 -13.76 5.24
N ARG A 11 8.67 -14.71 4.34
CA ARG A 11 8.54 -16.16 4.48
C ARG A 11 7.11 -16.56 4.84
N LYS A 12 6.12 -15.74 4.46
CA LYS A 12 4.77 -16.11 4.80
C LYS A 12 3.96 -16.62 3.62
N HIS A 13 2.83 -17.29 3.85
CA HIS A 13 1.87 -17.54 2.80
C HIS A 13 0.49 -17.02 3.21
N TYR A 14 0.19 -17.02 4.50
CA TYR A 14 -1.01 -16.45 5.04
C TYR A 14 -0.57 -15.14 5.68
N ILE A 15 -1.05 -13.99 5.22
CA ILE A 15 -0.64 -12.69 5.69
C ILE A 15 -1.94 -12.03 6.19
N THR A 16 -1.74 -11.14 7.16
CA THR A 16 -2.90 -10.57 7.80
C THR A 16 -2.83 -9.06 8.03
N TYR A 17 -3.89 -8.29 7.77
CA TYR A 17 -3.84 -6.85 7.93
C TYR A 17 -4.76 -6.33 9.02
N ARG A 18 -4.48 -5.13 9.52
CA ARG A 18 -5.41 -4.34 10.29
C ARG A 18 -5.40 -2.87 9.91
N ILE A 19 -6.56 -2.21 9.98
CA ILE A 19 -6.79 -0.78 9.82
C ILE A 19 -6.88 -0.33 11.27
N ASN A 20 -5.73 0.07 11.80
CA ASN A 20 -5.54 0.41 13.20
C ASN A 20 -6.36 1.60 13.64
N ASN A 21 -6.55 2.58 12.77
CA ASN A 21 -7.50 3.65 12.99
C ASN A 21 -8.04 3.96 11.61
N TYR A 22 -9.31 4.38 11.60
CA TYR A 22 -10.07 4.70 10.41
C TYR A 22 -10.00 6.23 10.40
N THR A 23 -9.81 6.81 9.21
CA THR A 23 -9.83 8.22 8.94
C THR A 23 -11.28 8.66 8.74
N PRO A 24 -11.67 9.81 9.32
CA PRO A 24 -13.02 10.34 9.18
C PRO A 24 -13.24 11.21 7.96
N ASP A 25 -12.33 11.17 7.00
CA ASP A 25 -12.54 11.85 5.74
C ASP A 25 -13.43 11.09 4.77
N MET A 26 -13.59 9.78 4.94
CA MET A 26 -14.59 8.98 4.27
C MET A 26 -15.12 7.82 5.11
N ASN A 27 -16.28 7.26 4.78
CA ASN A 27 -16.94 6.23 5.55
C ASN A 27 -16.45 4.82 5.28
N ARG A 28 -16.84 3.88 6.14
CA ARG A 28 -16.27 2.57 6.35
C ARG A 28 -16.18 1.76 5.07
N GLU A 29 -17.20 1.69 4.22
CA GLU A 29 -17.36 1.00 2.95
C GLU A 29 -16.28 1.35 1.94
N ASP A 30 -15.90 2.63 1.91
CA ASP A 30 -14.91 3.27 1.06
C ASP A 30 -13.52 2.82 1.47
N VAL A 31 -13.19 3.02 2.74
CA VAL A 31 -11.92 2.69 3.34
C VAL A 31 -11.80 1.18 3.19
N ASP A 32 -12.86 0.39 3.42
CA ASP A 32 -12.87 -1.05 3.28
C ASP A 32 -12.57 -1.41 1.83
N TYR A 33 -13.35 -0.96 0.84
CA TYR A 33 -13.20 -1.20 -0.60
C TYR A 33 -11.88 -0.74 -1.18
N ALA A 34 -11.30 0.32 -0.59
CA ALA A 34 -10.02 0.82 -1.00
C ALA A 34 -8.84 -0.12 -0.74
N ILE A 35 -8.85 -0.67 0.46
CA ILE A 35 -7.84 -1.60 0.96
C ILE A 35 -8.06 -2.94 0.29
N ARG A 36 -9.31 -3.40 0.15
CA ARG A 36 -9.78 -4.69 -0.35
C ARG A 36 -9.72 -4.85 -1.85
N LYS A 37 -9.87 -3.81 -2.66
CA LYS A 37 -9.57 -3.78 -4.08
C LYS A 37 -8.07 -3.96 -4.24
N ALA A 38 -7.27 -3.23 -3.48
CA ALA A 38 -5.82 -3.14 -3.53
C ALA A 38 -5.14 -4.48 -3.27
N PHE A 39 -5.61 -5.28 -2.31
CA PHE A 39 -5.21 -6.65 -2.10
C PHE A 39 -5.64 -7.65 -3.18
N GLN A 40 -6.74 -7.46 -3.91
CA GLN A 40 -7.27 -8.41 -4.87
C GLN A 40 -6.39 -8.53 -6.10
N VAL A 41 -5.88 -7.38 -6.52
CA VAL A 41 -4.96 -7.23 -7.65
C VAL A 41 -3.67 -7.97 -7.33
N TRP A 42 -3.06 -7.72 -6.19
CA TRP A 42 -1.84 -8.39 -5.79
C TRP A 42 -1.98 -9.87 -5.41
N SER A 43 -3.16 -10.27 -4.93
CA SER A 43 -3.47 -11.64 -4.61
C SER A 43 -3.97 -12.52 -5.77
N ASN A 44 -4.41 -11.96 -6.89
CA ASN A 44 -4.82 -12.67 -8.09
C ASN A 44 -3.62 -13.24 -8.83
N VAL A 45 -2.43 -12.67 -8.62
CA VAL A 45 -1.19 -12.98 -9.30
C VAL A 45 -0.13 -13.33 -8.27
N THR A 46 -0.50 -13.62 -7.01
CA THR A 46 0.39 -14.28 -6.07
C THR A 46 -0.35 -15.32 -5.26
N PRO A 47 0.29 -16.31 -4.62
CA PRO A 47 -0.34 -17.30 -3.78
C PRO A 47 -0.65 -16.86 -2.36
N LEU A 48 -0.25 -15.62 -2.03
CA LEU A 48 -0.42 -14.99 -0.74
C LEU A 48 -1.88 -14.64 -0.49
N LYS A 49 -2.42 -15.29 0.55
CA LYS A 49 -3.72 -15.06 1.13
C LYS A 49 -3.66 -13.95 2.18
N PHE A 50 -4.51 -12.94 1.95
CA PHE A 50 -4.63 -11.70 2.70
C PHE A 50 -6.00 -11.74 3.35
N SER A 51 -6.11 -11.38 4.63
CA SER A 51 -7.30 -11.38 5.47
C SER A 51 -7.11 -10.15 6.35
N LYS A 52 -8.26 -9.64 6.77
CA LYS A 52 -8.62 -8.59 7.70
C LYS A 52 -9.08 -9.29 8.97
N ILE A 53 -8.62 -8.83 10.13
CA ILE A 53 -8.79 -9.36 11.47
C ILE A 53 -9.04 -8.19 12.42
N ASN A 54 -9.57 -8.53 13.60
CA ASN A 54 -10.01 -7.55 14.58
C ASN A 54 -9.49 -8.00 15.94
N THR A 55 -8.75 -9.12 16.04
CA THR A 55 -8.01 -9.65 17.18
C THR A 55 -6.83 -10.40 16.58
N GLY A 56 -5.63 -10.18 17.12
CA GLY A 56 -4.41 -10.87 16.72
C GLY A 56 -3.52 -9.70 16.38
N MET A 57 -2.26 -9.98 15.99
CA MET A 57 -1.27 -9.09 15.44
C MET A 57 -1.50 -8.81 13.96
N ALA A 58 -1.41 -7.54 13.55
CA ALA A 58 -1.40 -7.20 12.13
C ALA A 58 -0.01 -7.53 11.60
N ASP A 59 0.08 -8.09 10.39
CA ASP A 59 1.35 -8.21 9.71
C ASP A 59 1.52 -6.92 8.92
N ILE A 60 0.53 -6.43 8.16
CA ILE A 60 0.47 -5.13 7.53
C ILE A 60 -0.36 -4.30 8.50
N LEU A 61 0.23 -3.33 9.22
CA LEU A 61 -0.50 -2.29 9.89
C LEU A 61 -0.86 -1.28 8.80
N VAL A 62 -2.10 -0.81 8.76
CA VAL A 62 -2.56 0.32 7.98
C VAL A 62 -2.97 1.26 9.11
N VAL A 63 -2.25 2.36 9.26
CA VAL A 63 -2.33 3.35 10.32
C VAL A 63 -2.38 4.69 9.61
N PHE A 64 -3.03 5.65 10.29
CA PHE A 64 -3.43 6.97 9.88
C PHE A 64 -3.00 7.91 10.99
N ALA A 65 -1.94 8.70 10.80
CA ALA A 65 -1.20 9.45 11.79
C ALA A 65 -0.90 10.80 11.18
N ARG A 66 -0.74 11.84 12.01
CA ARG A 66 -0.31 13.14 11.52
C ARG A 66 0.76 13.70 12.46
N GLY A 67 1.57 14.65 11.99
CA GLY A 67 2.66 15.19 12.78
C GLY A 67 3.85 14.23 12.80
N ALA A 68 4.74 14.52 13.76
CA ALA A 68 5.79 13.66 14.24
C ALA A 68 5.10 12.70 15.21
N HIS A 69 4.85 11.48 14.71
CA HIS A 69 3.94 10.54 15.36
C HIS A 69 4.73 9.37 15.93
N GLY A 70 6.05 9.42 15.88
CA GLY A 70 6.99 8.35 16.16
C GLY A 70 7.54 7.85 14.84
N ASP A 71 8.59 7.03 14.91
CA ASP A 71 9.33 6.54 13.76
C ASP A 71 10.45 7.37 13.16
N PHE A 72 10.49 8.67 13.47
CA PHE A 72 11.38 9.74 13.04
C PHE A 72 10.89 10.47 11.80
N HIS A 73 10.15 9.86 10.87
CA HIS A 73 10.00 10.33 9.51
C HIS A 73 9.25 11.64 9.36
N ALA A 74 8.20 11.78 10.18
CA ALA A 74 7.29 12.90 10.34
C ALA A 74 6.27 12.97 9.22
N PHE A 75 4.95 12.90 9.44
CA PHE A 75 3.95 13.39 8.51
C PHE A 75 3.84 14.90 8.53
N ASP A 76 3.42 15.53 7.44
CA ASP A 76 3.84 16.83 6.93
C ASP A 76 2.79 17.92 6.73
N GLY A 77 1.49 17.61 6.70
CA GLY A 77 0.41 18.50 6.31
C GLY A 77 -0.21 18.20 4.94
N LYS A 78 -1.20 18.97 4.52
CA LYS A 78 -1.95 18.67 3.32
C LYS A 78 -1.00 18.72 2.13
N GLY A 79 -0.84 17.63 1.35
CA GLY A 79 0.06 17.53 0.22
C GLY A 79 1.38 16.94 0.72
N GLY A 80 2.29 16.77 -0.24
CA GLY A 80 3.62 16.27 0.02
C GLY A 80 3.63 14.76 0.24
N ILE A 81 4.19 14.33 1.36
CA ILE A 81 4.11 12.95 1.77
C ILE A 81 2.63 12.56 1.92
N LEU A 82 2.30 11.37 1.44
CA LEU A 82 0.97 10.81 1.39
C LEU A 82 1.00 9.55 2.26
N ALA A 83 2.10 8.79 2.14
CA ALA A 83 2.40 7.51 2.76
C ALA A 83 3.87 7.22 2.98
N HIS A 84 4.21 6.63 4.14
CA HIS A 84 5.50 6.16 4.60
C HIS A 84 5.26 4.65 4.63
N ALA A 85 5.62 4.02 3.50
CA ALA A 85 5.75 2.59 3.32
C ALA A 85 7.03 1.97 3.85
N PHE A 86 6.90 0.75 4.39
CA PHE A 86 8.04 -0.09 4.74
C PHE A 86 8.23 -1.24 3.78
N GLY A 87 9.19 -2.12 4.04
CA GLY A 87 9.49 -3.31 3.28
C GLY A 87 9.40 -4.53 4.18
N PRO A 88 9.52 -5.73 3.62
CA PRO A 88 9.13 -6.96 4.27
C PRO A 88 10.06 -7.34 5.41
N GLY A 89 9.50 -7.97 6.46
CA GLY A 89 10.13 -8.15 7.75
C GLY A 89 9.06 -8.04 8.82
N SER A 90 9.38 -8.62 9.97
CA SER A 90 8.52 -8.77 11.14
C SER A 90 8.47 -7.48 11.93
N GLY A 91 7.34 -7.13 12.56
CA GLY A 91 7.14 -6.07 13.53
C GLY A 91 6.61 -4.81 12.85
N ILE A 92 7.04 -3.60 13.21
CA ILE A 92 6.97 -2.44 12.35
C ILE A 92 7.90 -2.70 11.16
N GLY A 93 7.30 -2.65 9.97
CA GLY A 93 7.76 -3.27 8.74
C GLY A 93 6.63 -4.06 8.10
N GLY A 94 6.61 -4.13 6.77
CA GLY A 94 5.48 -4.70 6.07
C GLY A 94 4.24 -3.80 6.16
N ASP A 95 4.38 -2.52 6.54
CA ASP A 95 3.28 -1.67 6.98
C ASP A 95 3.16 -0.49 6.05
N ALA A 96 1.94 -0.01 5.78
CA ALA A 96 1.63 1.18 5.01
C ALA A 96 1.05 2.25 5.93
N HIS A 97 1.88 3.17 6.41
CA HIS A 97 1.41 4.23 7.28
C HIS A 97 1.03 5.35 6.32
N PHE A 98 0.06 6.13 6.81
CA PHE A 98 -0.69 7.09 6.05
C PHE A 98 -0.75 8.42 6.81
N ASP A 99 -0.72 9.51 6.05
CA ASP A 99 -0.75 10.86 6.59
C ASP A 99 -2.23 11.23 6.66
N GLU A 100 -2.75 11.50 7.85
CA GLU A 100 -4.13 11.86 8.10
C GLU A 100 -4.40 13.35 7.91
N ASP A 101 -3.37 14.18 7.71
CA ASP A 101 -3.51 15.58 7.36
C ASP A 101 -3.96 15.76 5.91
N GLU A 102 -3.90 14.65 5.17
CA GLU A 102 -4.61 14.53 3.91
C GLU A 102 -6.10 14.43 4.14
N PHE A 103 -6.89 14.92 3.17
CA PHE A 103 -8.30 14.63 3.04
C PHE A 103 -8.41 13.51 2.02
N TRP A 104 -8.48 12.24 2.46
CA TRP A 104 -8.66 11.06 1.65
C TRP A 104 -10.10 11.01 1.14
N THR A 105 -10.28 10.96 -0.17
CA THR A 105 -11.56 11.16 -0.84
C THR A 105 -11.84 10.25 -2.03
N THR A 106 -13.01 10.35 -2.65
CA THR A 106 -13.35 9.52 -3.81
C THR A 106 -13.76 10.33 -5.02
N HIS A 107 -13.40 11.61 -4.93
CA HIS A 107 -13.34 12.60 -5.99
C HIS A 107 -12.12 12.29 -6.85
N SER A 108 -12.26 12.16 -8.17
CA SER A 108 -11.20 11.74 -9.07
C SER A 108 -10.01 12.69 -9.15
N GLY A 109 -10.13 13.95 -8.72
CA GLY A 109 -9.02 14.87 -8.54
C GLY A 109 -8.61 15.21 -7.12
N GLY A 110 -9.19 14.39 -6.24
CA GLY A 110 -8.97 14.51 -4.81
C GLY A 110 -8.12 13.32 -4.42
N THR A 111 -7.44 13.41 -3.28
CA THR A 111 -6.46 12.43 -2.89
C THR A 111 -7.14 11.08 -2.67
N ASN A 112 -6.62 10.05 -3.35
CA ASN A 112 -7.17 8.71 -3.41
C ASN A 112 -6.41 7.79 -2.46
N LEU A 113 -7.07 6.98 -1.64
CA LEU A 113 -6.39 6.00 -0.80
C LEU A 113 -6.00 4.78 -1.64
N PHE A 114 -6.90 4.17 -2.39
CA PHE A 114 -6.65 2.99 -3.20
C PHE A 114 -5.37 3.03 -4.03
N LEU A 115 -5.05 4.17 -4.67
CA LEU A 115 -3.90 4.30 -5.54
C LEU A 115 -2.61 4.48 -4.77
N THR A 116 -2.67 5.07 -3.57
CA THR A 116 -1.59 5.17 -2.62
C THR A 116 -1.35 3.85 -1.90
N ALA A 117 -2.42 3.09 -1.61
CA ALA A 117 -2.45 1.85 -0.89
C ALA A 117 -1.71 0.73 -1.63
N VAL A 118 -2.22 0.34 -2.80
CA VAL A 118 -1.71 -0.76 -3.57
C VAL A 118 -0.21 -0.81 -3.77
N HIS A 119 0.50 0.23 -4.24
CA HIS A 119 1.95 0.26 -4.27
C HIS A 119 2.68 0.10 -2.95
N ALA A 120 2.08 0.58 -1.85
CA ALA A 120 2.63 0.40 -0.51
C ALA A 120 2.45 -1.03 0.00
N ILE A 121 1.44 -1.78 -0.43
CA ILE A 121 1.35 -3.22 -0.34
C ILE A 121 2.53 -3.81 -1.14
N GLY A 122 2.95 -3.23 -2.27
CA GLY A 122 3.89 -3.69 -3.25
C GLY A 122 5.30 -3.48 -2.70
N HIS A 123 5.65 -2.26 -2.25
CA HIS A 123 6.67 -1.90 -1.30
C HIS A 123 6.86 -2.82 -0.08
N SER A 124 5.79 -3.28 0.55
CA SER A 124 5.80 -4.11 1.74
C SER A 124 6.02 -5.57 1.35
N LEU A 125 5.65 -5.94 0.12
CA LEU A 125 5.88 -7.27 -0.39
C LEU A 125 7.32 -7.53 -0.86
N GLY A 126 8.06 -6.43 -1.00
CA GLY A 126 9.45 -6.44 -1.41
C GLY A 126 9.74 -5.76 -2.74
N LEU A 127 8.99 -4.74 -3.16
CA LEU A 127 9.17 -3.98 -4.39
C LEU A 127 9.73 -2.61 -4.05
N GLY A 128 10.22 -1.88 -5.06
CA GLY A 128 10.58 -0.48 -5.17
C GLY A 128 9.82 0.20 -6.30
N HIS A 129 10.46 1.11 -7.03
CA HIS A 129 9.88 1.71 -8.21
C HIS A 129 10.22 1.00 -9.51
N SER A 130 9.29 1.07 -10.46
CA SER A 130 9.54 0.88 -11.88
C SER A 130 10.13 2.14 -12.51
N SER A 131 10.71 2.06 -13.70
CA SER A 131 11.24 3.11 -14.53
C SER A 131 10.57 3.21 -15.87
N ASP A 132 9.49 2.44 -16.05
CA ASP A 132 8.69 2.56 -17.25
C ASP A 132 7.42 3.39 -17.03
N PRO A 133 7.15 4.47 -17.74
CA PRO A 133 6.09 5.39 -17.38
C PRO A 133 4.68 4.82 -17.31
N LYS A 134 4.27 3.88 -18.17
CA LYS A 134 2.97 3.27 -18.13
C LYS A 134 2.76 2.32 -16.95
N ALA A 135 3.73 2.12 -16.07
CA ALA A 135 3.75 1.28 -14.90
C ALA A 135 3.06 2.02 -13.77
N VAL A 136 2.47 1.21 -12.89
CA VAL A 136 1.90 1.75 -11.67
C VAL A 136 2.97 2.33 -10.75
N MET A 137 4.05 1.55 -10.54
CA MET A 137 5.10 1.78 -9.56
C MET A 137 6.11 2.83 -9.96
N PHE A 138 5.88 3.72 -10.92
CA PHE A 138 6.74 4.75 -11.45
C PHE A 138 6.61 5.95 -10.52
N PRO A 139 7.61 6.73 -10.12
CA PRO A 139 7.59 7.79 -9.13
C PRO A 139 6.67 8.96 -9.41
N THR A 140 6.25 9.19 -10.65
CA THR A 140 5.23 10.14 -11.05
C THR A 140 3.83 9.54 -10.98
N TYR A 141 2.89 10.24 -10.33
CA TYR A 141 1.48 9.99 -10.15
C TYR A 141 0.69 9.93 -11.44
N LYS A 142 -0.38 9.13 -11.40
CA LYS A 142 -1.43 8.98 -12.38
C LYS A 142 -2.72 8.58 -11.69
N TYR A 143 -3.87 9.20 -12.01
CA TYR A 143 -5.13 8.68 -11.54
C TYR A 143 -5.58 7.57 -12.47
N VAL A 144 -6.16 6.49 -11.94
CA VAL A 144 -6.67 5.29 -12.54
C VAL A 144 -8.01 5.08 -11.82
N ASP A 145 -8.98 4.52 -12.55
CA ASP A 145 -10.36 4.31 -12.15
C ASP A 145 -10.32 3.01 -11.37
N ILE A 146 -10.84 2.87 -10.15
CA ILE A 146 -10.68 1.68 -9.31
C ILE A 146 -11.36 0.49 -9.97
N ASN A 147 -12.46 0.64 -10.70
CA ASN A 147 -13.32 -0.33 -11.35
C ASN A 147 -12.49 -0.98 -12.45
N THR A 148 -11.68 -0.26 -13.24
CA THR A 148 -10.87 -0.76 -14.34
C THR A 148 -9.38 -0.84 -14.07
N PHE A 149 -8.93 -1.00 -12.83
CA PHE A 149 -7.52 -0.84 -12.53
C PHE A 149 -6.82 -2.13 -12.88
N ARG A 150 -5.64 -2.00 -13.48
CA ARG A 150 -4.79 -3.11 -13.85
C ARG A 150 -3.32 -2.70 -13.78
N LEU A 151 -2.42 -3.49 -13.18
CA LEU A 151 -0.99 -3.33 -13.19
C LEU A 151 -0.47 -3.44 -14.62
N SER A 152 0.66 -2.80 -14.94
CA SER A 152 1.26 -2.99 -16.25
C SER A 152 2.19 -4.20 -16.29
N ALA A 153 2.70 -4.42 -17.51
CA ALA A 153 3.64 -5.48 -17.75
C ALA A 153 4.80 -5.51 -16.75
N ASP A 154 5.42 -4.33 -16.57
CA ASP A 154 6.62 -4.17 -15.79
C ASP A 154 6.43 -4.34 -14.28
N ASP A 155 5.22 -3.96 -13.83
CA ASP A 155 4.84 -4.16 -12.45
C ASP A 155 4.69 -5.63 -12.12
N ILE A 156 4.16 -6.41 -13.07
CA ILE A 156 3.93 -7.83 -12.99
C ILE A 156 5.25 -8.57 -13.14
N ARG A 157 6.14 -8.09 -14.01
CA ARG A 157 7.50 -8.55 -14.21
C ARG A 157 8.27 -8.51 -12.90
N GLY A 158 7.90 -7.62 -11.96
CA GLY A 158 8.46 -7.38 -10.65
C GLY A 158 8.05 -8.46 -9.65
N ILE A 159 6.74 -8.65 -9.52
CA ILE A 159 6.16 -9.53 -8.52
C ILE A 159 6.35 -10.97 -8.99
N GLN A 160 6.36 -11.25 -10.28
CA GLN A 160 6.80 -12.52 -10.84
C GLN A 160 8.24 -12.94 -10.52
N SER A 161 9.08 -11.92 -10.32
CA SER A 161 10.49 -12.10 -10.02
C SER A 161 10.68 -12.65 -8.61
N LEU A 162 9.76 -12.31 -7.70
CA LEU A 162 9.86 -12.61 -6.29
C LEU A 162 8.78 -13.56 -5.79
N TYR A 163 7.71 -13.78 -6.54
CA TYR A 163 6.48 -14.50 -6.25
C TYR A 163 5.98 -15.27 -7.48
N GLY A 164 6.84 -15.58 -8.44
CA GLY A 164 6.51 -16.42 -9.58
C GLY A 164 7.36 -17.68 -9.58
ZN ZN B . 4.04 4.85 -6.02
ZN ZN C . 6.44 7.26 9.89
CA CA D . 0.92 15.20 3.54
CA CA E . 4.10 -4.92 10.53
CA CA F . -7.92 13.86 7.20
O1 PX4 G . 2.55 21.66 21.16
O2 PX4 G . 3.65 23.87 21.88
P1 PX4 G . 3.58 22.71 20.97
O3 PX4 G . 3.21 23.25 19.50
C1 PX4 G . 3.08 22.17 18.56
C2 PX4 G . 3.25 22.63 17.10
N1 PX4 G . 4.47 23.38 16.75
C3 PX4 G . 4.38 24.81 17.06
C4 PX4 G . 5.67 22.82 17.36
C5 PX4 G . 4.68 23.36 15.30
O4 PX4 G . 4.97 21.94 20.68
C6 PX4 G . 5.51 21.43 21.90
C7 PX4 G . 6.96 21.00 21.77
C8 PX4 G . 7.91 22.15 22.14
O5 PX4 G . 7.35 23.07 23.07
C9 PX4 G . 8.20 24.13 23.30
O6 PX4 G . 9.38 24.13 22.98
C10 PX4 G . 7.49 25.19 24.14
C11 PX4 G . 8.12 26.54 23.78
C12 PX4 G . 7.35 27.59 24.59
C13 PX4 G . 8.05 28.94 24.41
C14 PX4 G . 7.37 30.08 25.16
C15 PX4 G . 7.11 29.80 26.64
C16 PX4 G . 6.53 31.06 27.25
C17 PX4 G . 6.13 30.99 28.73
C18 PX4 G . 7.30 31.19 29.70
C19 PX4 G . 6.87 31.97 30.95
C20 PX4 G . 8.14 32.23 31.75
C21 PX4 G . 9.32 32.65 30.87
C22 PX4 G . 10.73 32.48 31.46
O7 PX4 G . 7.29 19.87 22.58
C23 PX4 G . 7.58 18.72 21.91
O8 PX4 G . 7.75 18.82 20.69
C24 PX4 G . 7.77 17.44 22.70
C25 PX4 G . 8.17 17.78 24.14
C26 PX4 G . 7.60 16.78 25.14
C27 PX4 G . 7.83 17.18 26.59
C28 PX4 G . 6.43 17.17 27.20
C29 PX4 G . 6.37 16.88 28.70
C30 PX4 G . 4.92 16.74 29.15
C31 PX4 G . 4.12 15.65 28.44
C32 PX4 G . 2.78 15.60 29.18
C33 PX4 G . 2.06 16.93 28.95
C34 PX4 G . 1.35 17.18 27.61
C35 PX4 G . 0.91 18.64 27.64
C36 PX4 G . 0.16 19.05 26.36
O1 PX4 H . 10.48 12.52 16.74
O2 PX4 H . 8.60 11.55 15.15
P1 PX4 H . 9.50 11.49 16.33
O3 PX4 H . 8.59 11.11 17.60
C1 PX4 H . 8.10 12.33 18.17
C2 PX4 H . 7.57 12.24 19.60
N1 PX4 H . 6.35 11.50 19.96
C3 PX4 H . 6.30 11.66 21.42
C4 PX4 H . 5.17 12.24 19.48
C5 PX4 H . 6.39 10.10 19.49
O4 PX4 H . 10.28 10.08 16.16
C6 PX4 H . 10.72 9.70 17.45
C7 PX4 H . 10.67 8.18 17.60
C8 PX4 H . 12.10 7.72 17.89
O5 PX4 H . 12.82 8.50 18.84
C9 PX4 H . 14.07 8.11 19.17
O6 PX4 H . 14.46 7.03 18.75
C10 PX4 H . 14.89 9.04 20.08
C11 PX4 H . 14.72 8.49 21.50
C12 PX4 H . 15.41 9.47 22.46
C13 PX4 H . 15.99 8.76 23.68
C14 PX4 H . 14.88 8.40 24.67
C15 PX4 H . 15.47 7.91 26.00
C16 PX4 H . 14.33 7.75 27.01
C17 PX4 H . 15.03 7.20 28.24
C18 PX4 H . 15.99 8.28 28.78
C19 PX4 H . 16.43 8.01 30.22
C20 PX4 H . 17.53 8.94 30.75
C21 PX4 H . 18.87 8.33 30.35
C22 PX4 H . 19.89 9.20 31.09
O7 PX4 H . 9.80 7.63 18.59
C23 PX4 H . 9.38 6.36 18.34
O8 PX4 H . 9.59 5.88 17.23
C24 PX4 H . 8.49 5.69 19.39
C25 PX4 H . 9.25 4.70 20.28
C26 PX4 H . 8.33 3.95 21.26
C27 PX4 H . 9.10 2.99 22.15
C28 PX4 H . 9.42 1.89 21.14
C29 PX4 H . 10.55 1.06 21.77
C30 PX4 H . 10.30 0.66 23.22
C31 PX4 H . 11.45 -0.32 23.47
C32 PX4 H . 11.75 -1.33 22.37
C33 PX4 H . 12.62 -2.48 22.89
C34 PX4 H . 13.89 -2.19 23.67
C35 PX4 H . 14.88 -1.65 22.63
C36 PX4 H . 15.71 -2.68 21.88
O1 PX4 I . 22.41 -2.18 18.29
O2 PX4 I . 20.98 -0.55 16.83
P1 PX4 I . 22.10 -0.85 17.75
O3 PX4 I . 23.14 -0.82 16.51
C1 PX4 I . 23.01 -2.11 15.89
C2 PX4 I . 24.19 -2.64 15.07
N1 PX4 I . 25.41 -2.98 15.83
C3 PX4 I . 26.01 -1.83 16.50
C4 PX4 I . 25.23 -3.81 17.03
C5 PX4 I . 26.37 -3.60 14.89
O4 PX4 I . 22.82 0.42 18.44
C6 PX4 I . 23.93 -0.05 19.20
C7 PX4 I . 25.05 1.00 19.28
C8 PX4 I . 24.82 1.96 20.44
O5 PX4 I . 23.82 1.66 21.43
C9 PX4 I . 23.54 2.71 22.25
O6 PX4 I . 24.20 3.73 22.37
C10 PX4 I . 22.29 2.51 23.11
C11 PX4 I . 22.54 1.63 24.34
C12 PX4 I . 21.26 1.59 25.18
C13 PX4 I . 21.30 0.51 26.27
C14 PX4 I . 22.37 0.77 27.34
C15 PX4 I . 22.26 -0.24 28.47
C16 PX4 I . 23.39 0.16 29.42
C17 PX4 I . 23.53 -0.82 30.58
C18 PX4 I . 24.93 -0.76 31.20
C19 PX4 I . 25.17 0.61 31.83
C20 PX4 I . 26.57 0.73 32.43
C21 PX4 I . 27.65 0.57 31.38
C22 PX4 I . 29.04 0.82 31.99
O7 PX4 I . 26.31 0.33 19.29
C23 PX4 I . 27.39 1.14 19.09
O8 PX4 I . 27.37 2.37 19.03
C24 PX4 I . 28.77 0.48 19.19
C25 PX4 I . 29.32 0.53 20.62
C26 PX4 I . 30.72 -0.07 20.77
C27 PX4 I . 31.08 -0.04 22.26
C28 PX4 I . 31.15 1.38 22.82
C29 PX4 I . 31.36 1.22 24.33
C30 PX4 I . 32.65 0.42 24.58
C31 PX4 I . 32.59 -0.29 25.93
C32 PX4 I . 31.25 -0.98 25.98
C33 PX4 I . 30.90 -1.39 27.41
C34 PX4 I . 29.56 -2.14 27.39
C35 PX4 I . 29.13 -2.28 28.84
C36 PX4 I . 27.83 -3.08 28.90
O1 PX4 J . 33.31 10.68 10.62
O2 PX4 J . 35.00 12.27 9.46
P1 PX4 J . 34.58 11.44 10.60
O3 PX4 J . 35.71 10.31 10.87
C1 PX4 J . 35.66 9.41 9.75
C2 PX4 J . 36.83 8.44 9.82
N1 PX4 J . 37.06 7.44 10.87
C3 PX4 J . 35.80 6.98 11.49
C4 PX4 J . 37.65 6.29 10.17
C5 PX4 J . 37.92 7.86 11.99
O4 PX4 J . 34.90 12.21 11.97
C6 PX4 J . 34.27 11.57 13.08
C7 PX4 J . 34.69 12.06 14.48
C8 PX4 J . 36.16 12.49 14.36
O5 PX4 J . 37.03 11.40 14.08
C9 PX4 J . 38.31 11.77 14.36
O6 PX4 J . 38.61 12.96 14.48
C10 PX4 J . 39.34 10.65 14.46
C11 PX4 J . 40.08 10.80 15.79
C12 PX4 J . 41.11 9.68 15.97
C13 PX4 J . 40.54 8.27 16.17
C14 PX4 J . 39.82 8.19 17.52
C15 PX4 J . 39.45 6.73 17.70
C16 PX4 J . 38.72 6.52 19.03
C17 PX4 J . 38.14 5.10 19.09
C18 PX4 J . 37.70 4.88 20.54
C19 PX4 J . 38.97 4.88 21.41
C20 PX4 J . 38.60 4.88 22.90
C21 PX4 J . 39.82 4.93 23.82
C22 PX4 J . 39.86 3.87 24.92
O7 PX4 J . 33.92 13.08 15.10
C23 PX4 J . 32.68 12.79 15.61
O8 PX4 J . 32.21 11.67 15.38
C24 PX4 J . 31.80 13.83 16.32
C25 PX4 J . 32.23 13.95 17.79
C26 PX4 J . 31.87 15.33 18.37
C27 PX4 J . 32.27 15.35 19.85
C28 PX4 J . 31.98 16.76 20.38
C29 PX4 J . 32.60 17.06 21.75
C30 PX4 J . 32.24 18.50 22.12
C31 PX4 J . 32.82 18.94 23.45
C32 PX4 J . 32.33 20.33 23.82
C33 PX4 J . 32.91 20.83 25.15
C34 PX4 J . 32.53 22.29 25.41
C35 PX4 J . 33.41 22.70 26.59
C36 PX4 J . 33.24 24.16 27.02
O1 PX4 K . 27.27 -12.61 14.05
O2 PX4 K . 24.86 -11.82 14.43
P1 PX4 K . 26.29 -11.75 14.79
O3 PX4 K . 26.73 -10.27 14.35
C1 PX4 K . 26.83 -10.29 12.92
C2 PX4 K . 27.41 -9.03 12.27
N1 PX4 K . 27.69 -9.04 10.82
C3 PX4 K . 28.71 -10.07 10.53
C4 PX4 K . 26.38 -9.27 10.21
C5 PX4 K . 28.15 -7.74 10.34
O4 PX4 K . 26.68 -11.64 16.33
C6 PX4 K . 25.81 -10.87 17.15
C7 PX4 K . 26.26 -10.58 18.59
C8 PX4 K . 27.27 -11.69 18.90
O5 PX4 K . 26.96 -12.49 20.04
C9 PX4 K . 28.01 -13.29 20.37
O6 PX4 K . 29.03 -13.38 19.69
C10 PX4 K . 27.82 -14.06 21.68
C11 PX4 K . 28.56 -15.37 21.95
C12 PX4 K . 27.71 -16.16 22.94
C13 PX4 K . 27.49 -15.43 24.27
C14 PX4 K . 26.61 -16.09 25.35
C15 PX4 K . 26.70 -15.20 26.59
C16 PX4 K . 26.18 -13.82 26.25
C17 PX4 K . 26.15 -13.03 27.55
C18 PX4 K . 25.72 -11.60 27.18
C19 PX4 K . 26.09 -10.53 28.19
C20 PX4 K . 25.76 -9.22 27.47
C21 PX4 K . 26.14 -8.08 28.43
C22 PX4 K . 27.63 -8.08 28.76
O7 PX4 K . 26.70 -9.24 18.88
C23 PX4 K . 25.65 -8.37 18.91
O8 PX4 K . 24.46 -8.58 18.75
C24 PX4 K . 26.08 -6.94 19.27
C25 PX4 K . 25.00 -6.31 20.13
C26 PX4 K . 25.27 -4.84 20.46
C27 PX4 K . 24.13 -4.15 21.23
C28 PX4 K . 24.35 -2.72 21.66
C29 PX4 K . 25.66 -2.68 22.46
C30 PX4 K . 25.76 -1.23 22.92
C31 PX4 K . 27.14 -1.00 23.56
C32 PX4 K . 27.35 0.37 24.22
C33 PX4 K . 27.17 1.54 23.26
C34 PX4 K . 27.54 2.94 23.76
C35 PX4 K . 27.71 3.77 22.49
C36 PX4 K . 28.23 5.18 22.78
O1 PX4 L . 30.54 0.37 13.74
O2 PX4 L . 28.23 1.31 14.15
P1 PX4 L . 29.42 0.63 14.68
O3 PX4 L . 29.97 1.58 15.85
C1 PX4 L . 31.27 2.09 15.48
C2 PX4 L . 31.51 3.49 16.04
N1 PX4 L . 30.62 4.61 15.71
C3 PX4 L . 31.00 5.78 16.52
C4 PX4 L . 30.78 4.95 14.28
C5 PX4 L . 29.17 4.49 15.92
O4 PX4 L . 29.05 -0.75 15.40
C6 PX4 L . 30.15 -1.38 16.06
C7 PX4 L . 29.76 -2.71 16.74
C8 PX4 L . 31.05 -3.51 16.67
O5 PX4 L . 32.24 -2.90 17.17
C9 PX4 L . 33.19 -3.78 17.59
O6 PX4 L . 33.05 -4.95 17.21
C10 PX4 L . 34.17 -3.41 18.71
C11 PX4 L . 33.63 -2.55 19.85
C12 PX4 L . 34.88 -2.40 20.74
C13 PX4 L . 35.12 -3.75 21.42
C14 PX4 L . 36.22 -3.81 22.48
C15 PX4 L . 37.62 -3.39 22.09
C16 PX4 L . 38.69 -3.75 23.12
C17 PX4 L . 40.09 -3.60 22.53
C18 PX4 L . 40.50 -4.51 21.38
C19 PX4 L . 41.75 -3.83 20.78
C20 PX4 L . 42.21 -4.38 19.43
C21 PX4 L . 41.06 -4.21 18.43
C22 PX4 L . 41.81 -4.55 17.13
O7 PX4 L . 29.10 -2.64 18.00
C23 PX4 L . 28.78 -3.74 18.74
O8 PX4 L . 28.58 -4.75 18.06
C24 PX4 L . 28.52 -3.53 20.23
C25 PX4 L . 29.82 -3.66 21.02
C26 PX4 L . 30.30 -5.10 20.92
C27 PX4 L . 31.33 -5.51 21.96
C28 PX4 L . 31.61 -7.02 22.01
C29 PX4 L . 32.77 -7.37 22.96
C30 PX4 L . 33.57 -8.65 22.71
C31 PX4 L . 33.81 -9.31 24.08
C32 PX4 L . 34.72 -10.52 23.95
C33 PX4 L . 34.93 -11.18 25.30
C34 PX4 L . 35.88 -12.39 25.27
C35 PX4 L . 36.17 -12.85 26.69
C36 PX4 L . 37.21 -13.98 26.76
O1 PX4 M . -14.22 26.45 17.54
O2 PX4 M . -16.80 26.19 17.71
P1 PX4 M . -15.55 26.92 17.98
O3 PX4 M . -15.71 28.28 17.15
C1 PX4 M . -16.35 28.14 15.87
C2 PX4 M . -16.33 29.30 14.89
N1 PX4 M . -16.94 29.06 13.56
C3 PX4 M . -15.85 28.49 12.76
C4 PX4 M . -18.12 28.19 13.53
C5 PX4 M . -17.25 30.40 13.06
O4 PX4 M . -15.43 27.49 19.48
C6 PX4 M . -16.73 28.01 19.80
C7 PX4 M . -16.90 28.81 21.09
C8 PX4 M . -15.57 28.44 21.78
O5 PX4 M . -15.73 28.13 23.17
C9 PX4 M . -14.68 27.51 23.77
O6 PX4 M . -13.62 27.39 23.15
C10 PX4 M . -14.93 27.09 25.22
C11 PX4 M . -14.20 27.96 26.24
C12 PX4 M . -15.13 27.97 27.44
C13 PX4 M . -15.32 26.56 28.00
C14 PX4 M . -14.29 26.09 29.03
C15 PX4 M . -14.55 24.64 29.46
C16 PX4 M . -13.50 24.25 30.49
C17 PX4 M . -13.49 22.73 30.67
C18 PX4 M . -12.23 22.30 31.43
C19 PX4 M . -12.30 20.77 31.60
C20 PX4 M . -11.12 20.40 32.51
C21 PX4 M . -10.95 18.88 32.42
C22 PX4 M . -9.66 18.44 33.15
O7 PX4 M . -17.18 30.19 20.80
C23 PX4 M . -18.01 30.88 21.61
O8 PX4 M . -18.88 30.30 22.26
C24 PX4 M . -18.27 32.35 21.26
C25 PX4 M . -17.37 33.25 22.10
C26 PX4 M . -18.01 33.55 23.46
C27 PX4 M . -17.47 34.81 24.14
C28 PX4 M . -17.99 34.84 25.57
C29 PX4 M . -17.46 36.08 26.29
C30 PX4 M . -18.17 35.93 27.66
C31 PX4 M . -17.91 37.14 28.56
C32 PX4 M . -18.39 38.41 27.86
C33 PX4 M . -18.65 39.60 28.77
C34 PX4 M . -19.32 40.66 27.88
C35 PX4 M . -19.79 41.84 28.74
C36 PX4 M . -20.31 43.04 27.94
O1 PX4 N . -0.29 28.51 16.02
O2 PX4 N . -2.00 26.61 15.74
P1 PX4 N . -1.69 28.01 16.11
O3 PX4 N . -2.44 29.13 15.24
C1 PX4 N . -3.43 28.38 14.54
C2 PX4 N . -4.40 29.15 13.66
N1 PX4 N . -5.50 29.86 14.32
C3 PX4 N . -5.05 30.93 15.22
C4 PX4 N . -6.26 30.59 13.29
C5 PX4 N . -6.44 29.05 15.09
O4 PX4 N . -2.34 28.46 17.51
C6 PX4 N . -1.89 29.73 17.99
C7 PX4 N . -2.16 29.90 19.49
C8 PX4 N . -3.09 28.78 19.95
O5 PX4 N . -4.35 29.17 20.48
C9 PX4 N . -4.97 28.30 21.33
O6 PX4 N . -4.53 27.17 21.51
C10 PX4 N . -6.04 28.81 22.30
C11 PX4 N . -5.72 28.28 23.70
C12 PX4 N . -6.61 29.07 24.66
C13 PX4 N . -6.65 28.42 26.05
C14 PX4 N . -5.39 28.03 26.80
C15 PX4 N . -5.57 27.62 28.25
C16 PX4 N . -4.23 27.31 28.92
C17 PX4 N . -4.48 26.52 30.21
C18 PX4 N . -3.24 25.83 30.79
C19 PX4 N . -3.83 25.52 32.16
C20 PX4 N . -2.88 24.60 32.92
C21 PX4 N . -3.06 23.18 32.40
C22 PX4 N . -4.49 22.71 32.61
O7 PX4 N . -0.98 30.15 20.26
C23 PX4 N . -0.41 31.37 20.14
O8 PX4 N . -0.69 32.13 19.20
C24 PX4 N . 0.97 31.54 20.77
C25 PX4 N . 0.88 31.15 22.25
C26 PX4 N . 2.15 31.72 22.89
C27 PX4 N . 1.82 32.63 24.06
C28 PX4 N . 3.08 32.94 24.88
C29 PX4 N . 2.85 32.24 26.23
C30 PX4 N . 1.71 33.05 26.84
C31 PX4 N . 1.38 32.42 28.18
C32 PX4 N . 2.30 33.06 29.22
C33 PX4 N . 1.74 34.38 29.73
C34 PX4 N . 2.85 34.99 30.59
C35 PX4 N . 3.11 34.12 31.82
C36 PX4 N . 4.17 34.55 32.84
O1 PX4 O . 15.29 -0.12 15.44
O2 PX4 O . 13.52 -1.31 13.98
P1 PX4 O . 13.92 -0.19 14.89
O3 PX4 O . 13.75 1.09 13.95
C1 PX4 O . 14.77 0.89 12.99
C2 PX4 O . 14.54 1.62 11.66
N1 PX4 O . 13.56 0.96 10.78
C3 PX4 O . 13.20 1.70 9.55
C4 PX4 O . 14.11 -0.23 10.15
C5 PX4 O . 12.28 0.60 11.41
O4 PX4 O . 12.80 0.12 15.99
C6 PX4 O . 13.01 1.50 16.34
C7 PX4 O . 12.18 1.93 17.54
C8 PX4 O . 11.07 0.89 17.66
O5 PX4 O . 9.75 1.46 17.68
C9 PX4 O . 8.76 0.57 17.94
O6 PX4 O . 9.05 -0.62 18.11
C10 PX4 O . 7.35 1.12 17.64
C11 PX4 O . 7.23 2.47 16.92
C12 PX4 O . 5.82 2.87 16.49
C13 PX4 O . 6.07 4.14 15.68
C14 PX4 O . 4.73 4.71 15.20
C15 PX4 O . 3.87 3.67 14.48
C16 PX4 O . 2.41 4.06 14.69
C17 PX4 O . 1.71 3.85 16.04
C18 PX4 O . 0.20 3.95 15.91
C19 PX4 O . -0.44 3.39 17.20
C20 PX4 O . 0.17 4.15 18.36
C21 PX4 O . -0.40 3.65 19.69
C22 PX4 O . 0.53 4.29 20.73
O7 PX4 O . 12.98 2.16 18.71
C23 PX4 O . 13.66 3.34 18.77
O8 PX4 O . 13.87 3.98 17.75
C24 PX4 O . 14.33 3.47 20.15
C25 PX4 O . 13.49 4.25 21.17
C26 PX4 O . 14.36 4.57 22.39
C27 PX4 O . 14.78 3.21 22.93
C28 PX4 O . 15.92 3.33 23.93
C29 PX4 O . 16.35 1.90 24.26
C30 PX4 O . 16.72 1.85 25.74
C31 PX4 O . 17.16 0.47 26.21
C32 PX4 O . 15.99 -0.51 26.25
C33 PX4 O . 14.81 0.11 26.99
C34 PX4 O . 13.66 -0.90 26.99
C35 PX4 O . 12.36 -0.22 27.45
C36 PX4 O . 11.22 -1.19 27.20
O1 PX4 P . 20.66 11.48 18.62
O2 PX4 P . 23.15 11.75 18.18
P1 PX4 P . 22.04 11.00 18.83
O3 PX4 P . 22.30 9.43 18.65
C1 PX4 P . 23.69 9.10 18.59
C2 PX4 P . 24.23 7.76 19.10
N1 PX4 P . 24.03 7.47 20.53
C3 PX4 P . 24.81 8.51 21.22
C4 PX4 P . 22.62 7.50 20.93
C5 PX4 P . 24.73 6.22 20.79
O4 PX4 P . 22.21 11.22 20.42
C6 PX4 P . 22.49 12.62 20.60
C7 PX4 P . 22.50 13.20 22.01
C8 PX4 P . 23.02 12.02 22.84
O5 PX4 P . 22.10 11.66 23.88
C9 PX4 P . 21.96 10.33 24.07
O6 PX4 P . 22.67 9.58 23.38
C10 PX4 P . 21.00 9.81 25.12
C11 PX4 P . 19.68 10.60 25.12
C12 PX4 P . 19.01 10.62 26.49
C13 PX4 P . 17.67 11.37 26.37
C14 PX4 P . 17.85 12.88 26.35
C15 PX4 P . 16.43 13.39 26.63
C16 PX4 P . 16.25 14.91 26.59
C17 PX4 P . 16.36 15.71 25.28
C18 PX4 P . 16.00 17.18 25.51
C19 PX4 P . 16.45 17.90 24.25
C20 PX4 P . 17.96 18.08 24.36
C21 PX4 P . 18.46 18.77 25.63
C22 PX4 P . 19.99 18.90 25.68
O7 PX4 P . 23.31 14.36 22.19
C23 PX4 P . 23.10 15.56 21.56
O8 PX4 P . 22.14 15.66 20.80
C24 PX4 P . 23.92 16.78 22.01
C25 PX4 P . 23.44 18.04 21.28
C26 PX4 P . 23.66 19.36 22.02
C27 PX4 P . 23.04 20.55 21.28
C28 PX4 P . 23.39 21.96 21.74
C29 PX4 P . 22.77 22.95 20.75
C30 PX4 P . 23.09 24.41 21.09
C31 PX4 P . 24.57 24.75 21.16
C32 PX4 P . 24.87 26.21 21.48
C33 PX4 P . 24.19 26.65 22.79
C34 PX4 P . 24.60 28.11 23.06
C35 PX4 P . 24.08 28.65 24.40
C36 PX4 P . 24.82 27.66 25.32
O1 PX4 Q . 29.38 8.51 16.45
O2 PX4 Q . 27.23 7.02 16.37
P1 PX4 Q . 27.93 8.32 16.17
O3 PX4 Q . 27.80 8.69 14.61
C1 PX4 Q . 26.42 8.71 14.25
C2 PX4 Q . 26.07 8.99 12.79
N1 PX4 Q . 26.38 10.23 12.08
C3 PX4 Q . 25.40 10.48 11.01
C4 PX4 Q . 26.37 11.43 12.93
C5 PX4 Q . 27.71 10.20 11.43
O4 PX4 Q . 27.15 9.52 16.88
C6 PX4 Q . 27.89 10.74 16.99
C7 PX4 Q . 26.93 11.93 17.02
C8 PX4 Q . 26.24 11.98 18.39
O5 PX4 Q . 27.25 11.81 19.40
C9 PX4 Q . 26.81 11.86 20.68
O6 PX4 Q . 25.64 11.68 21.01
C10 PX4 Q . 27.85 11.96 21.81
C11 PX4 Q . 28.82 13.12 21.56
C12 PX4 Q . 30.00 13.02 22.54
C13 PX4 Q . 29.56 13.48 23.94
C14 PX4 Q . 30.68 13.64 24.95
C15 PX4 Q . 30.16 14.39 26.20
C16 PX4 Q . 31.09 14.24 27.41
C17 PX4 Q . 30.46 14.94 28.61
C18 PX4 Q . 31.45 15.06 29.75
C19 PX4 Q . 30.80 15.68 30.99
C20 PX4 Q . 31.79 15.97 32.13
C21 PX4 Q . 31.17 16.62 33.37
C22 PX4 Q . 32.30 16.66 34.39
O7 PX4 Q . 27.57 13.01 16.32
C23 PX4 Q . 26.77 13.98 15.79
O8 PX4 Q . 25.55 13.94 15.67
C24 PX4 Q . 27.53 15.23 15.34
C25 PX4 Q . 28.33 15.91 16.47
C26 PX4 Q . 27.42 17.06 16.87
C27 PX4 Q . 27.97 17.74 18.12
C28 PX4 Q . 27.74 16.81 19.30
C29 PX4 Q . 28.19 17.36 20.65
C30 PX4 Q . 27.69 16.67 21.92
C31 PX4 Q . 28.35 17.60 22.94
C32 PX4 Q . 28.34 17.00 24.34
C33 PX4 Q . 28.90 17.95 25.40
C34 PX4 Q . 28.23 19.34 25.45
C35 PX4 Q . 28.53 20.03 26.78
C36 PX4 Q . 27.99 21.45 26.93
O1 PX4 R . 6.26 -30.92 21.65
O2 PX4 R . 4.15 -29.37 21.73
P1 PX4 R . 5.61 -29.58 21.64
O3 PX4 R . 6.22 -28.73 20.43
C1 PX4 R . 5.49 -27.56 20.08
C2 PX4 R . 6.04 -27.07 18.74
N1 PX4 R . 7.42 -26.61 18.54
C3 PX4 R . 7.72 -25.59 19.56
C4 PX4 R . 8.43 -27.69 18.60
C5 PX4 R . 7.60 -25.97 17.24
O4 PX4 R . 6.33 -28.66 22.74
C6 PX4 R . 7.66 -29.16 22.82
C7 PX4 R . 8.48 -28.76 24.05
C8 PX4 R . 7.41 -28.15 24.98
O5 PX4 R . 7.65 -26.78 24.61
C9 PX4 R . 6.51 -26.07 24.85
O6 PX4 R . 5.54 -26.54 25.43
C10 PX4 R . 6.55 -24.59 24.49
C11 PX4 R . 6.39 -23.52 25.57
C12 PX4 R . 6.58 -22.08 25.11
C13 PX4 R . 7.98 -21.81 24.54
C14 PX4 R . 8.42 -20.35 24.36
C15 PX4 R . 9.74 -20.18 23.61
C16 PX4 R . 10.86 -20.52 24.61
C17 PX4 R . 12.22 -20.66 23.95
C18 PX4 R . 13.33 -20.95 24.96
C19 PX4 R . 13.18 -19.96 26.11
C20 PX4 R . 14.03 -20.39 27.31
C21 PX4 R . 13.96 -19.44 28.50
C22 PX4 R . 15.20 -19.74 29.34
O7 PX4 R . 9.16 -29.86 24.65
C23 PX4 R . 10.14 -30.51 23.96
O8 PX4 R . 10.42 -30.23 22.80
C24 PX4 R . 10.98 -31.48 24.79
C25 PX4 R . 12.46 -31.14 24.76
C26 PX4 R . 12.63 -29.81 25.48
C27 PX4 R . 13.93 -29.17 25.00
C28 PX4 R . 14.04 -27.67 25.32
C29 PX4 R . 15.29 -26.90 24.88
C30 PX4 R . 15.33 -25.46 25.44
C31 PX4 R . 16.39 -24.66 24.69
C32 PX4 R . 16.51 -23.34 25.45
C33 PX4 R . 17.56 -22.48 24.75
C34 PX4 R . 17.33 -20.97 24.87
C35 PX4 R . 18.45 -20.07 24.34
C36 PX4 R . 18.12 -18.60 24.63
O1 PX4 S . -8.86 40.98 16.31
O2 PX4 S . -10.52 42.19 18.04
P1 PX4 S . -9.20 41.82 17.48
O3 PX4 S . -8.70 43.22 16.87
C1 PX4 S . -9.58 43.71 15.85
C2 PX4 S . -9.30 45.11 15.34
N1 PX4 S . -9.18 46.22 16.30
C3 PX4 S . -7.84 46.16 16.91
C4 PX4 S . -9.36 47.47 15.54
C5 PX4 S . -10.19 46.31 17.36
O4 PX4 S . -8.12 42.03 18.64
C6 PX4 S . -6.79 41.82 18.13
C7 PX4 S . -5.73 42.72 18.74
C8 PX4 S . -6.29 43.16 20.09
O5 PX4 S . -6.73 44.51 20.28
C9 PX4 S . -7.76 44.86 21.09
O6 PX4 S . -8.50 43.99 21.54
C10 PX4 S . -8.23 46.32 20.99
C11 PX4 S . -9.19 46.64 22.13
C12 PX4 S . -9.43 48.14 22.22
C13 PX4 S . -10.55 48.34 23.24
C14 PX4 S . -11.04 49.80 23.24
C15 PX4 S . -11.33 50.08 24.72
C16 PX4 S . -11.59 51.58 24.91
C17 PX4 S . -10.48 52.61 24.68
C18 PX4 S . -10.94 54.01 25.06
C19 PX4 S . -9.79 55.01 25.01
C20 PX4 S . -8.69 54.71 26.03
C21 PX4 S . -7.48 55.43 25.42
C22 PX4 S . -6.47 55.36 26.56
O7 PX4 S . -4.50 42.03 18.92
C23 PX4 S . -3.69 42.13 17.84
O8 PX4 S . -3.98 42.83 16.88
C24 PX4 S . -2.53 41.12 17.82
C25 PX4 S . -1.69 41.10 19.09
C26 PX4 S . -1.83 39.68 19.65
C27 PX4 S . -1.17 39.48 21.02
C28 PX4 S . -1.77 40.53 21.96
C29 PX4 S . -1.02 40.46 23.29
C30 PX4 S . -1.17 41.64 24.24
C31 PX4 S . -0.61 41.52 25.67
C32 PX4 S . -1.02 42.71 26.54
C33 PX4 S . -0.26 42.69 27.87
C34 PX4 S . -0.88 43.74 28.80
C35 PX4 S . -1.01 45.07 28.08
C36 PX4 S . -1.84 46.18 28.74
O1 PX4 T . 32.14 15.83 7.49
O2 PX4 T . 31.21 13.91 8.89
P1 PX4 T . 31.76 15.29 8.81
O3 PX4 T . 30.81 16.31 9.63
C1 PX4 T . 29.44 16.37 9.24
C2 PX4 T . 28.58 16.72 10.45
N1 PX4 T . 27.14 16.38 10.40
C3 PX4 T . 26.49 16.89 11.64
C4 PX4 T . 26.40 16.75 9.20
C5 PX4 T . 26.96 14.93 10.57
O4 PX4 T . 33.04 15.31 9.80
C6 PX4 T . 32.64 14.72 11.04
C7 PX4 T . 33.27 15.37 12.27
C8 PX4 T . 34.76 15.58 11.97
O5 PX4 T . 35.74 15.50 13.02
C9 PX4 T . 35.97 16.56 13.84
O6 PX4 T . 35.45 17.67 13.72
C10 PX4 T . 36.88 16.25 15.02
C11 PX4 T . 36.16 15.58 16.22
C12 PX4 T . 37.18 15.37 17.34
C13 PX4 T . 36.56 14.95 18.67
C14 PX4 T . 37.48 14.83 19.88
C15 PX4 T . 38.57 13.78 19.68
C16 PX4 T . 39.51 13.61 20.87
C17 PX4 T . 40.33 14.87 21.07
C18 PX4 T . 41.59 14.42 21.81
C19 PX4 T . 42.66 15.52 21.94
C20 PX4 T . 43.12 16.01 20.56
C21 PX4 T . 44.14 17.13 20.57
C22 PX4 T . 44.61 17.58 19.18
O7 PX4 T . 32.51 16.52 12.67
C23 PX4 T . 31.44 16.47 13.51
O8 PX4 T . 30.58 15.62 13.32
C24 PX4 T . 31.07 17.71 14.33
C25 PX4 T . 31.60 17.93 15.75
C26 PX4 T . 31.39 19.39 16.11
C27 PX4 T . 32.16 19.72 17.39
C28 PX4 T . 33.64 19.42 17.26
C29 PX4 T . 34.42 19.36 18.57
C30 PX4 T . 35.93 19.11 18.42
C31 PX4 T . 36.52 19.04 19.84
C32 PX4 T . 38.00 18.73 20.01
C33 PX4 T . 38.50 19.16 21.39
C34 PX4 T . 37.63 18.61 22.54
C35 PX4 T . 38.37 18.80 23.86
C36 PX4 T . 39.68 18.02 23.94
O1 PX4 U . 37.61 0.45 12.12
O2 PX4 U . 35.51 1.60 11.17
P1 PX4 U . 36.89 1.67 11.72
O3 PX4 U . 37.72 2.46 10.58
C1 PX4 U . 38.33 1.44 9.78
C2 PX4 U . 39.47 2.14 9.01
N1 PX4 U . 40.13 1.22 8.05
C3 PX4 U . 41.17 1.96 7.33
C4 PX4 U . 40.79 0.08 8.71
C5 PX4 U . 39.27 0.60 7.05
O4 PX4 U . 36.67 2.61 13.01
C6 PX4 U . 37.99 2.76 13.50
C7 PX4 U . 38.31 3.88 14.48
C8 PX4 U . 36.91 4.37 14.80
O5 PX4 U . 36.60 5.76 14.70
C9 PX4 U . 35.46 6.10 15.35
O6 PX4 U . 34.64 5.29 15.77
C10 PX4 U . 35.39 7.63 15.48
C11 PX4 U . 35.28 8.09 16.93
C12 PX4 U . 35.42 9.59 17.11
C13 PX4 U . 35.36 9.85 18.62
C14 PX4 U . 35.35 11.32 19.07
C15 PX4 U . 35.05 11.44 20.57
C16 PX4 U . 35.26 12.73 21.35
C17 PX4 U . 34.78 12.70 22.81
C18 PX4 U . 34.79 14.14 23.33
C19 PX4 U . 34.87 13.98 24.85
C20 PX4 U . 34.73 15.30 25.60
C21 PX4 U . 35.87 16.30 25.41
C22 PX4 U . 35.73 17.58 26.24
O7 PX4 U . 39.00 3.51 15.68
C23 PX4 U . 40.35 3.46 15.54
O8 PX4 U . 40.87 3.54 14.45
C24 PX4 U . 41.09 3.14 16.86
C25 PX4 U . 42.53 3.61 16.87
C26 PX4 U . 43.15 3.47 18.27
C27 PX4 U . 42.53 4.31 19.37
C28 PX4 U . 43.42 4.40 20.61
C29 PX4 U . 44.03 3.09 21.10
C30 PX4 U . 44.97 3.30 22.28
C31 PX4 U . 44.13 3.74 23.48
C32 PX4 U . 45.01 4.19 24.66
C33 PX4 U . 44.17 4.22 25.94
C34 PX4 U . 44.98 4.56 27.20
C35 PX4 U . 44.13 4.47 28.47
C36 PX4 U . 42.94 5.40 28.32
O1 PX4 V . -0.03 19.12 19.20
O2 PX4 V . 2.45 19.15 18.57
P1 PX4 V . 1.35 18.64 19.41
O3 PX4 V . 1.27 17.06 19.07
C1 PX4 V . 1.37 17.03 17.64
C2 PX4 V . 0.36 16.05 17.04
N1 PX4 V . 0.55 14.63 17.36
C3 PX4 V . -0.43 13.77 16.68
C4 PX4 V . 1.88 14.06 17.07
C5 PX4 V . 0.29 14.32 18.76
O4 PX4 V . 1.71 18.59 20.98
C6 PX4 V . 2.93 17.86 20.88
C7 PX4 V . 3.34 17.30 22.25
C8 PX4 V . 2.95 18.28 23.34
O5 PX4 V . 4.09 19.03 23.77
C9 PX4 V . 3.75 19.99 24.66
O6 PX4 V . 2.63 20.47 24.82
C10 PX4 V . 4.91 20.72 25.33
C11 PX4 V . 4.83 20.72 26.86
C12 PX4 V . 6.03 21.58 27.27
C13 PX4 V . 5.53 23.02 27.24
C14 PX4 V . 6.64 24.02 27.57
C15 PX4 V . 6.13 25.43 27.87
C16 PX4 V . 5.73 25.73 29.31
C17 PX4 V . 5.48 27.21 29.62
C18 PX4 V . 5.05 27.43 31.07
C19 PX4 V . 4.68 28.88 31.39
C20 PX4 V . 3.88 29.01 32.68
C21 PX4 V . 3.65 30.50 32.91
C22 PX4 V . 2.69 30.76 34.06
O7 PX4 V . 2.83 15.99 22.53
C23 PX4 V . 3.21 14.87 21.89
O8 PX4 V . 3.88 14.83 20.87
C24 PX4 V . 2.70 13.56 22.53
C25 PX4 V . 3.85 13.38 23.53
C26 PX4 V . 3.76 12.21 24.50
C27 PX4 V . 4.97 12.19 25.42
C28 PX4 V . 5.22 10.88 26.18
C29 PX4 V . 6.64 10.92 26.72
C30 PX4 V . 6.81 9.79 27.74
C31 PX4 V . 8.18 9.74 28.40
C32 PX4 V . 9.27 9.32 27.40
C33 PX4 V . 10.59 9.13 28.13
C34 PX4 V . 10.50 8.16 29.32
C35 PX4 V . 11.87 7.71 29.83
C36 PX4 V . 11.50 6.75 30.96
O1 PX4 W . 12.74 21.67 15.20
O2 PX4 W . 14.73 20.58 16.50
P1 PX4 W . 13.46 21.34 16.45
O3 PX4 W . 12.49 20.19 17.05
C1 PX4 W . 12.75 18.99 16.32
C2 PX4 W . 11.73 17.87 16.55
N1 PX4 W . 11.61 17.26 17.89
C3 PX4 W . 12.88 16.94 18.55
C4 PX4 W . 10.74 17.99 18.80
C5 PX4 W . 11.02 15.94 17.63
O4 PX4 W . 13.13 22.24 17.74
C6 PX4 W . 13.73 21.63 18.88
C7 PX4 W . 13.55 22.23 20.28
C8 PX4 W . 13.47 23.74 20.06
O5 PX4 W . 14.79 24.25 19.83
C9 PX4 W . 14.95 25.41 19.14
O6 PX4 W . 13.94 26.02 18.83
C10 PX4 W . 16.39 25.91 18.95
C11 PX4 W . 17.41 25.71 20.07
C12 PX4 W . 18.39 26.87 19.93
C13 PX4 W . 19.53 26.89 20.94
C14 PX4 W . 19.03 27.18 22.35
C15 PX4 W . 20.22 27.35 23.30
C16 PX4 W . 19.65 27.58 24.70
C17 PX4 W . 18.84 26.36 25.16
C18 PX4 W . 18.33 26.53 26.59
C19 PX4 W . 17.59 27.88 26.72
C20 PX4 W . 17.12 28.11 28.16
C21 PX4 W . 16.12 29.26 28.33
C22 PX4 W . 15.63 29.18 29.77
O7 PX4 W . 12.47 21.70 21.04
C23 PX4 W . 12.56 20.45 21.58
O8 PX4 W . 13.23 19.57 21.05
C24 PX4 W . 11.71 20.17 22.82
C25 PX4 W . 11.68 21.26 23.90
C26 PX4 W . 10.53 20.94 24.86
C27 PX4 W . 10.99 21.59 26.17
C28 PX4 W . 10.06 21.27 27.33
C29 PX4 W . 10.39 22.03 28.63
C30 PX4 W . 9.51 21.79 29.84
C31 PX4 W . 9.38 20.31 30.14
C32 PX4 W . 8.37 20.11 31.28
C33 PX4 W . 7.96 18.65 31.52
C34 PX4 W . 6.50 18.62 32.00
C35 PX4 W . 6.18 17.27 32.64
C36 PX4 W . 4.74 17.26 33.13
O1 PX4 X . 20.92 21.82 14.04
O2 PX4 X . 21.40 19.79 15.50
P1 PX4 X . 20.44 20.80 14.98
O3 PX4 X . 19.24 20.09 14.18
C1 PX4 X . 17.99 20.07 14.90
C2 PX4 X . 16.84 19.92 13.89
N1 PX4 X . 16.51 21.06 13.01
C3 PX4 X . 15.42 20.55 12.17
C4 PX4 X . 16.25 22.32 13.70
C5 PX4 X . 17.54 21.32 12.00
O4 PX4 X . 19.71 21.55 16.20
C6 PX4 X . 20.67 21.70 17.24
C7 PX4 X . 20.25 22.56 18.44
C8 PX4 X . 20.32 23.96 17.83
O5 PX4 X . 21.62 24.51 17.66
C9 PX4 X . 21.73 25.74 17.09
O6 PX4 X . 20.98 26.04 16.15
C10 PX4 X . 22.85 26.62 17.61
C11 PX4 X . 22.32 28.05 17.83
C12 PX4 X . 23.41 28.99 18.34
C13 PX4 X . 22.66 30.07 19.12
C14 PX4 X . 23.71 31.08 19.54
C15 PX4 X . 22.93 32.09 20.39
C16 PX4 X . 23.25 31.86 21.88
C17 PX4 X . 24.76 31.88 22.03
C18 PX4 X . 25.23 32.03 23.49
C19 PX4 X . 26.57 32.70 23.77
C20 PX4 X . 26.57 34.12 23.22
C21 PX4 X . 25.51 34.94 23.96
C22 PX4 X . 25.79 36.41 23.64
O7 PX4 X . 19.08 22.14 19.15
C23 PX4 X . 19.16 21.09 20.01
O8 PX4 X . 19.87 20.13 19.75
C24 PX4 X . 18.01 20.79 20.98
C25 PX4 X . 17.83 21.95 21.96
C26 PX4 X . 16.54 21.85 22.78
C27 PX4 X . 16.26 23.05 23.70
C28 PX4 X . 15.98 22.70 25.15
C29 PX4 X . 15.72 24.00 25.92
C30 PX4 X . 14.95 23.65 27.21
C31 PX4 X . 14.54 24.94 27.92
C32 PX4 X . 14.10 24.64 29.36
C33 PX4 X . 13.91 26.01 30.01
C34 PX4 X . 13.63 25.83 31.51
C35 PX4 X . 12.43 24.89 31.64
C36 PX4 X . 11.90 24.71 33.06
O1 PX4 Y . 7.28 -33.76 17.93
O2 PX4 Y . 9.36 -35.33 17.47
P1 PX4 Y . 8.02 -35.04 18.03
O3 PX4 Y . 7.22 -36.29 17.40
C1 PX4 Y . 5.89 -35.92 17.06
C2 PX4 Y . 4.80 -36.59 17.90
N1 PX4 Y . 3.39 -36.53 17.49
C3 PX4 Y . 3.05 -35.13 17.19
C4 PX4 Y . 3.06 -37.26 16.25
C5 PX4 Y . 2.63 -37.13 18.60
O4 PX4 Y . 7.92 -35.64 19.52
C6 PX4 Y . 8.48 -34.66 20.40
C7 PX4 Y . 8.37 -35.17 21.84
C8 PX4 Y . 9.55 -36.12 22.08
O5 PX4 Y . 10.82 -35.47 22.02
C9 PX4 Y . 11.84 -36.29 22.40
O6 PX4 Y . 11.69 -37.52 22.45
C10 PX4 Y . 13.21 -35.61 22.33
C11 PX4 Y . 13.83 -35.18 23.66
C12 PX4 Y . 14.05 -36.33 24.64
C13 PX4 Y . 13.90 -35.88 26.09
C14 PX4 Y . 15.18 -35.13 26.48
C15 PX4 Y . 15.12 -34.75 27.96
C16 PX4 Y . 16.42 -34.19 28.54
C17 PX4 Y . 16.33 -33.75 30.01
C18 PX4 Y . 17.60 -33.18 30.65
C19 PX4 Y . 17.28 -32.40 31.92
C20 PX4 Y . 18.41 -31.54 32.47
C21 PX4 Y . 17.88 -30.66 33.61
C22 PX4 Y . 16.83 -29.67 33.08
O7 PX4 Y . 8.06 -34.17 22.82
C23 PX4 Y . 7.17 -34.41 23.81
O8 PX4 Y . 6.37 -35.33 23.70
C24 PX4 Y . 7.11 -33.39 24.96
C25 PX4 Y . 5.86 -32.51 24.92
C26 PX4 Y . 5.73 -31.69 26.19
C27 PX4 Y . 4.37 -30.99 26.25
C28 PX4 Y . 3.90 -30.56 27.64
C29 PX4 Y . 4.93 -29.57 28.17
C30 PX4 Y . 5.57 -30.27 29.37
C31 PX4 Y . 6.27 -29.17 30.17
C32 PX4 Y . 7.17 -28.46 29.15
C33 PX4 Y . 7.80 -27.20 29.74
C34 PX4 Y . 8.63 -27.57 30.97
C35 PX4 Y . 9.04 -26.36 31.81
C36 PX4 Y . 7.82 -25.58 32.34
O1 PX4 Z . 0.59 -18.85 18.01
O2 PX4 Z . 1.34 -21.37 17.78
P1 PX4 Z . 0.64 -20.27 18.47
O3 PX4 Z . -0.89 -20.77 18.49
C1 PX4 Z . -1.33 -20.52 17.16
C2 PX4 Z . -2.37 -21.54 16.66
N1 PX4 Z . -3.80 -21.28 16.87
C3 PX4 Z . -4.27 -20.12 16.11
C4 PX4 Z . -4.73 -22.37 16.49
C5 PX4 Z . -4.18 -21.13 18.27
O4 PX4 Z . 0.90 -20.43 20.04
C6 PX4 Z . 1.50 -21.70 20.27
C7 PX4 Z . 1.82 -21.96 21.74
C8 PX4 Z . 1.10 -20.81 22.46
O5 PX4 Z . 2.09 -20.04 23.16
C9 PX4 Z . 1.73 -19.79 24.45
O6 PX4 Z . 0.65 -20.16 24.89
C10 PX4 Z . 2.87 -19.03 25.15
C11 PX4 Z . 3.25 -19.67 26.50
C12 PX4 Z . 3.97 -18.77 27.48
C13 PX4 Z . 4.15 -19.54 28.79
C14 PX4 Z . 4.47 -18.54 29.90
C15 PX4 Z . 4.99 -19.12 31.21
C16 PX4 Z . 5.16 -17.99 32.24
C17 PX4 Z . 5.35 -18.66 33.60
C18 PX4 Z . 5.97 -17.65 34.58
C19 PX4 Z . 6.33 -18.36 35.89
C20 PX4 Z . 7.46 -17.64 36.65
C21 PX4 Z . 7.92 -18.57 37.77
C22 PX4 Z . 9.10 -18.09 38.63
O7 PX4 Z . 1.42 -23.27 22.14
C23 PX4 Z . 2.39 -23.89 22.87
O8 PX4 Z . 3.53 -23.49 23.01
C24 PX4 Z . 1.75 -24.75 23.95
C25 PX4 Z . 2.49 -24.71 25.30
C26 PX4 Z . 1.97 -25.69 26.36
C27 PX4 Z . 2.61 -25.30 27.69
C28 PX4 Z . 1.84 -25.93 28.86
C29 PX4 Z . 2.61 -25.78 30.18
C30 PX4 Z . 3.03 -24.32 30.39
C31 PX4 Z . 4.09 -24.11 31.46
C32 PX4 Z . 4.42 -22.62 31.55
C33 PX4 Z . 5.48 -22.24 32.59
C34 PX4 Z . 5.15 -22.64 34.04
C35 PX4 Z . 6.27 -22.34 35.01
C36 PX4 Z . 5.91 -22.46 36.50
O1 PX4 AA . 6.71 -17.94 19.17
O2 PX4 AA . 7.23 -15.37 18.91
P1 PX4 AA . 7.52 -16.73 19.44
O3 PX4 AA . 8.95 -17.08 18.77
C1 PX4 AA . 8.93 -18.43 18.32
C2 PX4 AA . 10.29 -18.87 17.78
N1 PX4 AA . 11.39 -19.03 18.76
C3 PX4 AA . 12.23 -20.18 18.37
C4 PX4 AA . 12.31 -17.91 18.54
C5 PX4 AA . 11.00 -19.13 20.17
O4 PX4 AA . 8.08 -16.82 20.95
C6 PX4 AA . 9.27 -16.04 21.16
C7 PX4 AA . 9.72 -16.23 22.61
C8 PX4 AA . 8.63 -16.78 23.53
O5 PX4 AA . 7.78 -15.73 24.02
C9 PX4 AA . 6.62 -16.12 24.63
O6 PX4 AA . 6.28 -17.30 24.48
C10 PX4 AA . 5.80 -14.90 25.03
C11 PX4 AA . 5.49 -14.85 26.53
C12 PX4 AA . 4.12 -14.20 26.75
C13 PX4 AA . 2.97 -15.05 26.21
C14 PX4 AA . 1.65 -14.38 26.55
C15 PX4 AA . 1.64 -13.79 27.97
C16 PX4 AA . 0.50 -12.80 28.20
C17 PX4 AA . 0.80 -11.85 29.35
C18 PX4 AA . 2.02 -10.99 29.04
C19 PX4 AA . 2.09 -10.14 30.31
C20 PX4 AA . 3.06 -8.97 30.06
C21 PX4 AA . 2.94 -8.26 31.41
C22 PX4 AA . 3.77 -6.97 31.37
O7 PX4 AA . 10.97 -16.91 22.70
C23 PX4 AA . 12.09 -16.17 22.49
O8 PX4 AA . 12.02 -14.98 22.15
C24 PX4 AA . 13.43 -16.85 22.68
C25 PX4 AA . 13.91 -16.92 24.13
C26 PX4 AA . 15.01 -15.87 24.38
C27 PX4 AA . 15.62 -15.95 25.77
C28 PX4 AA . 14.63 -15.52 26.86
C29 PX4 AA . 15.23 -15.35 28.27
C30 PX4 AA . 14.06 -15.05 29.21
C31 PX4 AA . 14.63 -15.61 30.52
C32 PX4 AA . 13.50 -15.52 31.54
C33 PX4 AA . 12.47 -16.60 31.25
C34 PX4 AA . 11.51 -16.96 32.38
C35 PX4 AA . 10.50 -18.09 32.09
C36 PX4 AA . 9.66 -18.55 33.28
O1 PX4 BA . -5.28 36.78 15.39
O2 PX4 BA . -4.83 39.34 15.63
P1 PX4 BA . -4.40 37.93 15.71
O3 PX4 BA . -2.92 37.60 15.16
C1 PX4 BA . -2.72 36.18 15.16
C2 PX4 BA . -1.29 35.67 15.38
N1 PX4 BA . -0.41 35.84 16.54
C3 PX4 BA . -0.31 37.20 17.08
C4 PX4 BA . -0.89 34.84 17.52
C5 PX4 BA . 0.96 35.50 16.12
O4 PX4 BA . -4.19 37.66 17.28
C6 PX4 BA . -5.37 38.05 17.99
C7 PX4 BA . -5.71 37.06 19.08
C8 PX4 BA . -4.33 36.67 19.61
O5 PX4 BA . -4.38 35.50 20.41
C9 PX4 BA . -3.24 34.79 20.68
O6 PX4 BA . -2.19 35.41 20.70
C10 PX4 BA . -3.44 33.44 21.39
C11 PX4 BA . -3.64 33.54 22.90
C12 PX4 BA . -4.30 32.26 23.42
C13 PX4 BA . -4.60 32.38 24.91
C14 PX4 BA . -3.40 32.40 25.86
C15 PX4 BA . -3.89 31.96 27.24
C16 PX4 BA . -2.94 32.05 28.42
C17 PX4 BA . -2.28 33.43 28.61
C18 PX4 BA . -3.36 34.45 28.99
C19 PX4 BA . -2.76 35.82 29.26
C20 PX4 BA . -1.91 35.98 30.53
C21 PX4 BA . -1.73 37.48 30.70
C22 PX4 BA . -0.91 37.82 31.95
O7 PX4 BA . -6.48 37.76 20.06
C23 PX4 BA . -7.80 38.03 19.86
O8 PX4 BA . -8.22 37.91 18.71
C24 PX4 BA . -8.48 38.78 21.00
C25 PX4 BA . -7.53 39.35 22.06
C26 PX4 BA . -8.32 40.29 22.98
C27 PX4 BA . -7.50 40.94 24.10
C28 PX4 BA . -6.62 42.06 23.56
C29 PX4 BA . -6.18 42.86 24.79
C30 PX4 BA . -5.39 42.10 25.85
C31 PX4 BA . -4.98 43.09 26.94
C32 PX4 BA . -4.39 42.23 28.04
C33 PX4 BA . -5.39 41.28 28.71
C34 PX4 BA . -4.66 40.58 29.86
C35 PX4 BA . -4.06 41.61 30.81
C36 PX4 BA . -3.28 40.95 31.95
O1 PX4 CA . -1.62 25.29 18.85
O2 PX4 CA . 0.26 25.12 16.98
P1 PX4 CA . -0.31 24.84 18.32
O3 PX4 CA . -0.21 23.31 18.81
C1 PX4 CA . -0.29 23.29 20.24
C2 PX4 CA . -0.47 21.87 20.79
N1 PX4 CA . -0.70 21.76 22.24
C3 PX4 CA . -0.84 20.34 22.64
C4 PX4 CA . 0.34 22.37 23.07
C5 PX4 CA . -2.04 22.27 22.58
O4 PX4 CA . 0.78 25.51 19.30
C6 PX4 CA . 0.72 26.93 19.07
C7 PX4 CA . 1.38 27.78 20.16
C8 PX4 CA . 0.86 27.08 21.42
O5 PX4 CA . -0.45 27.44 21.89
C9 PX4 CA . -0.87 26.59 22.85
O6 PX4 CA . -0.51 25.41 22.92
C10 PX4 CA . -2.02 27.02 23.78
C11 PX4 CA . -1.86 27.54 25.20
C12 PX4 CA . -0.79 28.62 25.26
C13 PX4 CA . -0.37 29.14 26.63
C14 PX4 CA . 0.40 28.07 27.42
C15 PX4 CA . 0.87 28.67 28.74
C16 PX4 CA . -0.31 29.08 29.64
C17 PX4 CA . 0.20 29.90 30.82
C18 PX4 CA . -1.07 30.40 31.51
C19 PX4 CA . -0.72 31.41 32.59
C20 PX4 CA . -2.03 31.96 33.15
C21 PX4 CA . -1.70 33.12 34.10
C22 PX4 CA . -0.81 34.17 33.43
O7 PX4 CA . 2.80 27.90 20.03
C23 PX4 CA . 3.28 29.00 19.42
O8 PX4 CA . 2.65 29.65 18.60
C24 PX4 CA . 4.82 29.09 19.47
C25 PX4 CA . 5.35 29.73 20.74
C26 PX4 CA . 6.50 30.72 20.55
C27 PX4 CA . 6.56 31.51 21.87
C28 PX4 CA . 7.61 32.61 21.73
C29 PX4 CA . 7.27 33.68 20.69
C30 PX4 CA . 8.10 34.95 20.76
C31 PX4 CA . 7.81 35.87 21.95
C32 PX4 CA . 6.49 36.63 21.88
C33 PX4 CA . 6.24 37.05 23.33
C34 PX4 CA . 5.88 35.89 24.27
C35 PX4 CA . 5.79 36.45 25.70
C36 PX4 CA . 5.57 35.17 26.53
O1 PX4 DA . 7.73 27.53 18.10
O2 PX4 DA . 6.83 26.49 15.93
P1 PX4 DA . 7.45 27.62 16.65
O3 PX4 DA . 8.82 27.70 15.80
C1 PX4 DA . 9.47 26.44 15.96
C2 PX4 DA . 10.65 26.22 15.01
N1 PX4 DA . 11.29 24.91 15.00
C3 PX4 DA . 12.06 24.57 16.21
C4 PX4 DA . 10.35 23.86 14.58
C5 PX4 DA . 12.25 24.92 13.88
O4 PX4 DA . 6.74 28.91 16.01
C6 PX4 DA . 7.04 29.96 16.94
C7 PX4 DA . 8.16 30.87 16.44
C8 PX4 DA . 7.53 32.25 16.36
O5 PX4 DA . 6.17 32.46 16.75
C9 PX4 DA . 5.61 33.66 16.42
O6 PX4 DA . 6.19 34.33 15.56
C10 PX4 DA . 4.22 34.02 16.95
C11 PX4 DA . 4.55 34.50 18.37
C12 PX4 DA . 3.33 35.26 18.87
C13 PX4 DA . 3.41 35.31 20.40
C14 PX4 DA . 2.24 36.04 21.08
C15 PX4 DA . 2.18 36.11 22.60
C16 PX4 DA . 0.86 36.72 23.10
C17 PX4 DA . 0.69 36.54 24.61
C18 PX4 DA . -0.52 37.25 25.21
C19 PX4 DA . -1.74 36.67 24.51
C20 PX4 DA . -3.04 37.08 25.20
C21 PX4 DA . -4.34 36.67 24.51
C22 PX4 DA . -5.45 36.75 25.58
O7 PX4 DA . 9.33 30.86 17.26
C23 PX4 DA . 10.63 31.10 16.93
O8 PX4 DA . 11.08 30.81 15.81
C24 PX4 DA . 11.48 31.18 18.20
C25 PX4 DA . 11.35 32.62 18.73
C26 PX4 DA . 12.13 32.69 20.03
C27 PX4 DA . 11.48 31.94 21.19
C28 PX4 DA . 12.28 32.07 22.48
C29 PX4 DA . 11.54 31.62 23.74
C30 PX4 DA . 12.32 31.66 25.06
C31 PX4 DA . 11.35 31.28 26.19
C32 PX4 DA . 12.14 31.23 27.51
C33 PX4 DA . 11.34 30.28 28.38
C34 PX4 DA . 11.19 28.96 27.60
C35 PX4 DA . 10.40 27.89 28.33
C36 PX4 DA . 10.15 26.66 27.45
O1 PX4 EA . -26.67 -7.32 20.62
O2 PX4 EA . -25.34 -5.37 19.64
P1 PX4 EA . -25.62 -6.29 20.76
O3 PX4 EA . -24.25 -7.06 21.10
C1 PX4 EA . -24.56 -8.25 21.82
C2 PX4 EA . -23.29 -9.08 22.01
N1 PX4 EA . -23.44 -10.51 22.26
C3 PX4 EA . -24.06 -11.06 21.06
C4 PX4 EA . -22.17 -11.25 22.43
C5 PX4 EA . -24.28 -10.89 23.41
O4 PX4 EA . -25.69 -5.37 22.08
C6 PX4 EA . -24.50 -4.59 22.26
C7 PX4 EA . -24.42 -3.79 23.56
C8 PX4 EA . -24.32 -4.80 24.71
O5 PX4 EA . -25.53 -4.84 25.47
C9 PX4 EA . -25.43 -4.46 26.77
O6 PX4 EA . -24.40 -3.96 27.20
C10 PX4 EA . -26.57 -4.84 27.71
C11 PX4 EA . -26.10 -5.72 28.86
C12 PX4 EA . -27.27 -6.06 29.79
C13 PX4 EA . -26.71 -6.76 31.03
C14 PX4 EA . -27.88 -7.36 31.85
C15 PX4 EA . -27.19 -7.92 33.10
C16 PX4 EA . -26.73 -6.81 34.03
C17 PX4 EA . -25.98 -7.49 35.17
C18 PX4 EA . -25.36 -6.44 36.08
C19 PX4 EA . -24.60 -7.07 37.24
C20 PX4 EA . -23.75 -5.98 37.90
C21 PX4 EA . -23.07 -6.67 39.08
C22 PX4 EA . -22.20 -5.74 39.94
O7 PX4 EA . -23.31 -2.90 23.44
C23 PX4 EA . -23.60 -1.58 23.39
O8 PX4 EA . -24.61 -1.17 22.81
C24 PX4 EA . -22.34 -0.70 23.34
C25 PX4 EA . -22.46 0.66 24.02
C26 PX4 EA . -21.13 1.41 24.02
C27 PX4 EA . -20.31 1.25 25.31
C28 PX4 EA . -21.17 1.45 26.57
C29 PX4 EA . -20.20 1.88 27.66
C30 PX4 EA . -21.06 2.15 28.90
C31 PX4 EA . -20.19 2.20 30.15
C32 PX4 EA . -21.02 2.43 31.41
C33 PX4 EA . -20.26 2.44 32.74
C34 PX4 EA . -21.19 2.87 33.86
C35 PX4 EA . -20.61 2.70 35.28
C36 PX4 EA . -21.52 3.11 36.43
O1 PX4 FA . -8.42 -9.38 23.89
O2 PX4 FA . -8.24 -9.61 21.32
P1 PX4 FA . -8.84 -10.00 22.62
O3 PX4 FA . -10.39 -9.66 22.31
C1 PX4 FA . -10.57 -8.25 22.43
C2 PX4 FA . -11.96 -7.82 21.92
N1 PX4 FA . -12.26 -8.02 20.50
C3 PX4 FA . -12.42 -9.42 20.10
C4 PX4 FA . -13.49 -7.22 20.39
C5 PX4 FA . -11.21 -7.36 19.70
O4 PX4 FA . -9.33 -11.54 22.76
C6 PX4 FA . -9.51 -11.87 24.14
C7 PX4 FA . -10.55 -12.96 24.40
C8 PX4 FA . -10.03 -14.23 23.73
O5 PX4 FA . -9.04 -14.87 24.52
C9 PX4 FA . -8.60 -16.02 23.97
O6 PX4 FA . -9.04 -16.50 22.91
C10 PX4 FA . -7.98 -16.92 25.03
C11 PX4 FA . -9.11 -17.69 25.72
C12 PX4 FA . -8.61 -18.40 26.98
C13 PX4 FA . -7.50 -19.42 26.70
C14 PX4 FA . -6.89 -19.95 27.98
C15 PX4 FA . -6.31 -18.74 28.71
C16 PX4 FA . -6.10 -19.14 30.18
C17 PX4 FA . -4.91 -20.03 30.49
C18 PX4 FA . -4.86 -20.13 32.01
C19 PX4 FA . -3.60 -20.83 32.53
C20 PX4 FA . -2.43 -19.87 32.73
C21 PX4 FA . -1.25 -20.60 33.37
C22 PX4 FA . -1.66 -20.79 34.82
O7 PX4 FA . -10.93 -13.15 25.76
C23 PX4 FA . -12.04 -13.87 26.04
O8 PX4 FA . -12.68 -14.32 25.09
C24 PX4 FA . -12.35 -14.05 27.53
C25 PX4 FA . -13.82 -14.40 27.76
C26 PX4 FA . -13.97 -14.63 29.26
C27 PX4 FA . -12.92 -15.70 29.55
C28 PX4 FA . -12.91 -15.93 31.06
C29 PX4 FA . -12.01 -17.05 31.55
C30 PX4 FA . -12.30 -17.55 32.96
C31 PX4 FA . -12.12 -16.41 33.97
C32 PX4 FA . -11.72 -17.07 35.29
C33 PX4 FA . -12.63 -18.19 35.79
C34 PX4 FA . -11.92 -18.95 36.91
C35 PX4 FA . -12.93 -19.98 37.43
C36 PX4 FA . -13.23 -20.96 36.29
O1 PX4 GA . -2.14 -10.35 23.98
O2 PX4 GA . -4.39 -10.94 22.93
P1 PX4 GA . -3.61 -10.18 23.95
O3 PX4 GA . -3.94 -8.64 23.60
C1 PX4 GA . -5.34 -8.58 23.28
C2 PX4 GA . -6.04 -7.26 23.57
N1 PX4 GA . -5.96 -6.73 24.94
C3 PX4 GA . -6.29 -7.70 25.98
C4 PX4 GA . -4.73 -5.98 25.21
C5 PX4 GA . -6.97 -5.65 24.96
O4 PX4 GA . -4.24 -10.04 25.42
C6 PX4 GA . -3.19 -9.89 26.36
C7 PX4 GA . -3.71 -9.79 27.78
C8 PX4 GA . -4.16 -11.23 27.99
O5 PX4 GA . -5.57 -11.41 27.85
C9 PX4 GA . -5.87 -12.63 27.32
O6 PX4 GA . -5.06 -13.16 26.55
C10 PX4 GA . -7.31 -13.11 27.24
C11 PX4 GA . -7.54 -14.55 27.69
C12 PX4 GA . -7.79 -14.66 29.19
C13 PX4 GA . -9.10 -13.98 29.51
C14 PX4 GA . -9.49 -13.75 30.98
C15 PX4 GA . -10.74 -12.88 31.11
C16 PX4 GA . -11.03 -12.68 32.60
C17 PX4 GA . -9.75 -12.20 33.30
C18 PX4 GA . -10.05 -11.89 34.77
C19 PX4 GA . -9.13 -10.99 35.62
C20 PX4 GA . -7.75 -11.58 35.89
C21 PX4 GA . -7.00 -10.62 36.83
C22 PX4 GA . -5.73 -11.32 37.32
O7 PX4 GA . -2.88 -9.19 28.79
C23 PX4 GA . -3.35 -7.97 29.11
O8 PX4 GA . -4.20 -7.44 28.39
C24 PX4 GA . -2.65 -7.29 30.29
C25 PX4 GA . -1.15 -7.49 30.33
C26 PX4 GA . -0.43 -7.06 31.62
C27 PX4 GA . -0.94 -7.74 32.89
C28 PX4 GA . -0.62 -6.93 34.15
C29 PX4 GA . 0.90 -6.80 34.30
C30 PX4 GA . 1.17 -5.73 35.35
C31 PX4 GA . 2.56 -5.13 35.12
C32 PX4 GA . 2.71 -4.18 33.93
C33 PX4 GA . 4.12 -3.57 33.95
C34 PX4 GA . 4.07 -2.55 32.81
C35 PX4 GA . 5.41 -1.80 32.86
C36 PX4 GA . 5.41 -0.59 31.94
O1 PX4 HA . 23.15 25.06 8.59
O2 PX4 HA . 20.83 24.97 9.52
P1 PX4 HA . 21.95 25.81 9.02
O3 PX4 HA . 21.33 26.70 7.83
C1 PX4 HA . 20.07 27.30 8.20
C2 PX4 HA . 19.07 27.42 7.07
N1 PX4 HA . 18.54 26.24 6.38
C3 PX4 HA . 17.22 26.74 5.95
C4 PX4 HA . 19.32 25.80 5.21
C5 PX4 HA . 18.37 25.02 7.18
O4 PX4 HA . 22.34 26.90 10.13
C6 PX4 HA . 23.12 26.03 10.96
C7 PX4 HA . 23.23 26.42 12.44
C8 PX4 HA . 21.86 26.96 12.88
O5 PX4 HA . 21.81 28.38 12.94
C9 PX4 HA . 20.72 28.86 13.62
O6 PX4 HA . 19.68 28.23 13.48
C10 PX4 HA . 20.76 30.34 13.99
C11 PX4 HA . 20.15 30.68 15.35
C12 PX4 HA . 20.00 32.19 15.63
C13 PX4 HA . 19.74 32.24 17.14
C14 PX4 HA . 18.48 31.42 17.41
C15 PX4 HA . 17.97 31.57 18.85
C16 PX4 HA . 16.52 31.08 19.05
C17 PX4 HA . 16.50 30.40 20.41
C18 PX4 HA . 15.12 29.85 20.75
C19 PX4 HA . 15.29 28.79 21.85
C20 PX4 HA . 14.00 28.02 22.06
C21 PX4 HA . 14.07 26.83 23.02
C22 PX4 HA . 12.69 26.26 23.36
O7 PX4 HA . 23.49 25.36 13.37
C23 PX4 HA . 24.79 24.98 13.53
O8 PX4 HA . 25.68 25.07 12.69
C24 PX4 HA . 24.98 24.25 14.86
C25 PX4 HA . 24.93 22.73 14.75
C26 PX4 HA . 25.42 21.93 15.95
C27 PX4 HA . 26.90 22.25 16.19
C28 PX4 HA . 27.30 21.57 17.49
C29 PX4 HA . 26.80 22.40 18.68
C30 PX4 HA . 27.11 21.84 20.07
C31 PX4 HA . 28.58 21.85 20.48
C32 PX4 HA . 28.67 21.38 21.93
C33 PX4 HA . 27.85 22.25 22.87
C34 PX4 HA . 28.54 23.60 23.11
C35 PX4 HA . 27.71 24.56 23.97
C36 PX4 HA . 28.30 25.96 24.09
O1 PX4 IA . -1.18 -13.33 17.45
O2 PX4 IA . 1.25 -13.25 16.46
P1 PX4 IA . 0.28 -13.12 17.57
O3 PX4 IA . 0.50 -14.35 18.57
C1 PX4 IA . -0.21 -14.30 19.81
C2 PX4 IA . 0.53 -15.03 20.92
N1 PX4 IA . 0.79 -16.49 20.98
C3 PX4 IA . 1.34 -16.71 22.31
C4 PX4 IA . -0.47 -17.23 20.80
C5 PX4 IA . 1.87 -16.84 20.05
O4 PX4 IA . 0.61 -12.02 18.71
C6 PX4 IA . 1.83 -11.36 18.36
C7 PX4 IA . 2.47 -10.59 19.51
C8 PX4 IA . 2.72 -11.58 20.64
O5 PX4 IA . 2.34 -11.10 21.94
C9 PX4 IA . 2.87 -11.84 22.97
O6 PX4 IA . 3.43 -12.92 22.86
C10 PX4 IA . 2.54 -11.27 24.36
C11 PX4 IA . 1.82 -9.93 24.33
C12 PX4 IA . 1.65 -9.46 25.79
C13 PX4 IA . 0.99 -8.09 25.82
C14 PX4 IA . 0.69 -7.61 27.25
C15 PX4 IA . 0.27 -6.12 27.20
C16 PX4 IA . -1.15 -5.89 26.68
C17 PX4 IA . -1.27 -4.42 26.32
C18 PX4 IA . -1.63 -3.56 27.54
C19 PX4 IA . -2.89 -4.02 28.28
C20 PX4 IA . -3.30 -3.04 29.37
C21 PX4 IA . -4.22 -3.63 30.45
C22 PX4 IA . -5.54 -4.09 29.81
O7 PX4 IA . 3.52 -9.67 19.17
C23 PX4 IA . 3.22 -8.38 19.46
O8 PX4 IA . 2.06 -7.99 19.45
C24 PX4 IA . 4.34 -7.35 19.58
C25 PX4 IA . 4.96 -7.13 20.97
C26 PX4 IA . 3.97 -6.73 22.07
C27 PX4 IA . 4.91 -6.47 23.26
C28 PX4 IA . 4.01 -5.93 24.38
C29 PX4 IA . 4.84 -5.59 25.62
C30 PX4 IA . 3.93 -5.06 26.74
C31 PX4 IA . 4.75 -4.65 27.97
C32 PX4 IA . 3.77 -3.97 28.93
C33 PX4 IA . 3.18 -2.68 28.34
C34 PX4 IA . 2.16 -2.17 29.36
C35 PX4 IA . 1.14 -3.28 29.56
C36 PX4 IA . 0.21 -3.00 30.74
O1 PX4 JA . -32.87 -8.76 24.01
O2 PX4 JA . -35.35 -8.46 24.76
P1 PX4 JA . -33.93 -8.08 24.78
O3 PX4 JA . -34.03 -6.65 24.03
C1 PX4 JA . -35.05 -6.72 23.04
C2 PX4 JA . -35.25 -5.46 22.20
N1 PX4 JA . -36.64 -5.14 21.83
C3 PX4 JA . -37.53 -4.89 22.98
C4 PX4 JA . -36.52 -3.88 21.09
C5 PX4 JA . -37.32 -6.11 20.95
O4 PX4 JA . -33.57 -7.47 26.22
C6 PX4 JA . -34.73 -6.89 26.79
C7 PX4 JA . -34.60 -5.50 27.40
C8 PX4 JA . -33.40 -4.87 26.68
O5 PX4 JA . -32.40 -4.37 27.57
C9 PX4 JA . -31.41 -3.57 27.09
O6 PX4 JA . -30.78 -3.88 26.08
C10 PX4 JA . -30.69 -2.88 28.26
C11 PX4 JA . -30.74 -3.66 29.57
C12 PX4 JA . -29.86 -2.91 30.58
C13 PX4 JA . -29.85 -3.52 31.97
C14 PX4 JA . -29.11 -2.79 33.08
C15 PX4 JA . -29.30 -3.60 34.36
C16 PX4 JA . -28.69 -2.76 35.48
C17 PX4 JA . -28.50 -3.63 36.72
C18 PX4 JA . -27.80 -2.83 37.82
C19 PX4 JA . -27.72 -3.67 39.09
C20 PX4 JA . -26.47 -3.17 39.81
C21 PX4 JA . -26.02 -4.05 40.98
C22 PX4 JA . -24.71 -3.54 41.58
O7 PX4 JA . -35.75 -4.65 27.36
C23 PX4 JA . -36.79 -4.85 28.20
O8 PX4 JA . -37.75 -4.09 28.13
C24 PX4 JA . -36.64 -5.80 29.40
C25 PX4 JA . -36.14 -5.18 30.71
C26 PX4 JA . -36.54 -6.07 31.88
C27 PX4 JA . -35.97 -5.57 33.20
C28 PX4 JA . -36.59 -6.56 34.18
C29 PX4 JA . -36.22 -6.08 35.59
C30 PX4 JA . -37.14 -5.13 36.35
C31 PX4 JA . -36.70 -4.66 37.74
C32 PX4 JA . -37.84 -4.24 38.64
C33 PX4 JA . -38.67 -5.50 38.88
C34 PX4 JA . -40.18 -5.33 38.76
C35 PX4 JA . -40.94 -6.66 38.63
C36 PX4 JA . -42.44 -6.30 38.72
O1 PX4 KA . 7.67 38.18 11.77
O2 PX4 KA . 8.50 37.34 14.16
P1 PX4 KA . 7.52 37.93 13.21
O3 PX4 KA . 6.32 36.88 13.38
C1 PX4 KA . 6.72 35.61 12.84
C2 PX4 KA . 5.69 34.61 12.31
N1 PX4 KA . 4.93 34.93 11.10
C3 PX4 KA . 5.68 34.68 9.85
C4 PX4 KA . 3.80 33.98 11.03
C5 PX4 KA . 4.29 36.27 11.11
O4 PX4 KA . 6.82 39.12 14.03
C6 PX4 KA . 7.11 39.27 15.42
C7 PX4 KA . 6.35 38.30 16.32
C8 PX4 KA . 7.28 37.28 16.98
O5 PX4 KA . 8.57 37.68 17.49
C9 PX4 KA . 9.37 36.66 17.85
O6 PX4 KA . 9.14 35.50 17.51
C10 PX4 KA . 10.59 37.00 18.73
C11 PX4 KA . 10.35 38.32 19.46
C12 PX4 KA . 11.56 38.71 20.32
C13 PX4 KA . 11.33 39.97 21.14
C14 PX4 KA . 12.30 40.16 22.31
C15 PX4 KA . 12.30 38.91 23.21
C16 PX4 KA . 11.08 38.59 24.08
C17 PX4 KA . 11.19 37.32 24.92
C18 PX4 KA . 9.75 37.12 25.39
C19 PX4 KA . 9.52 36.03 26.44
C20 PX4 KA . 10.23 36.48 27.71
C21 PX4 KA . 10.22 35.53 28.90
C22 PX4 KA . 10.73 36.36 30.08
O7 PX4 KA . 5.56 39.00 17.29
C23 PX4 KA . 4.23 38.73 17.29
O8 PX4 KA . 3.65 37.93 16.56
C24 PX4 KA . 3.51 39.49 18.40
C25 PX4 KA . 4.20 39.49 19.77
C26 PX4 KA . 3.35 40.11 20.87
C27 PX4 KA . 4.07 39.94 22.19
C28 PX4 KA . 3.16 40.19 23.40
C29 PX4 KA . 3.63 39.65 24.76
C30 PX4 KA . 2.52 39.78 25.81
C31 PX4 KA . 3.09 39.25 27.12
C32 PX4 KA . 2.09 39.30 28.28
C33 PX4 KA . 3.02 39.16 29.48
C34 PX4 KA . 2.30 39.44 30.80
C35 PX4 KA . 1.62 40.82 30.80
C36 PX4 KA . 1.08 41.20 32.18
O1 PX4 LA . -21.73 6.88 19.64
O2 PX4 LA . -22.52 4.46 19.07
P1 PX4 LA . -22.41 5.61 20.00
O3 PX4 LA . -23.93 5.84 20.51
C1 PX4 LA . -24.37 4.65 21.14
C2 PX4 LA . -25.67 4.82 21.95
N1 PX4 LA . -26.60 3.69 22.10
C3 PX4 LA . -27.21 3.23 20.85
C4 PX4 LA . -25.85 2.62 22.77
C5 PX4 LA . -27.73 4.03 22.98
O4 PX4 LA . -21.68 5.17 21.36
C6 PX4 LA . -20.84 6.26 21.74
C7 PX4 LA . -20.09 5.99 23.05
C8 PX4 LA . -21.08 5.17 23.87
O5 PX4 LA . -21.95 5.85 24.79
C9 PX4 LA . -23.02 5.10 25.20
O6 PX4 LA . -23.51 4.26 24.45
C10 PX4 LA . -23.85 5.70 26.33
C11 PX4 LA . -23.85 4.66 27.45
C12 PX4 LA . -25.12 3.87 27.17
C13 PX4 LA . -25.75 3.36 28.46
C14 PX4 LA . -24.83 2.61 29.43
C15 PX4 LA . -25.61 2.44 30.74
C16 PX4 LA . -24.81 1.90 31.93
C17 PX4 LA . -25.70 1.63 33.13
C18 PX4 LA . -25.09 0.76 34.22
C19 PX4 LA . -25.87 0.91 35.52
C20 PX4 LA . -25.15 0.42 36.78
C21 PX4 LA . -25.88 0.56 38.12
C22 PX4 LA . -25.03 0.19 39.34
O7 PX4 LA . -18.83 5.36 22.84
C23 PX4 LA . -17.76 6.20 22.73
O8 PX4 LA . -18.02 7.40 22.73
C24 PX4 LA . -16.35 5.64 22.52
C25 PX4 LA . -16.24 4.18 22.97
C26 PX4 LA . -16.28 4.09 24.50
C27 PX4 LA . -16.23 2.59 24.84
C28 PX4 LA . -16.61 2.34 26.29
C29 PX4 LA . -15.71 3.16 27.20
C30 PX4 LA . -16.14 2.77 28.61
C31 PX4 LA . -15.16 3.49 29.54
C32 PX4 LA . -14.96 2.65 30.80
C33 PX4 LA . -14.01 3.26 31.84
C34 PX4 LA . -14.09 2.35 33.07
C35 PX4 LA . -12.81 2.50 33.91
C36 PX4 LA . -12.64 1.19 34.65
O1 PX4 MA . -14.88 -0.12 16.07
O2 PX4 MA . -16.62 -1.92 16.81
P1 PX4 MA . -16.19 -0.52 16.62
O3 PX4 MA . -17.35 0.16 15.71
C1 PX4 MA . -17.30 1.57 15.92
C2 PX4 MA . -18.32 2.36 15.12
N1 PX4 MA . -19.74 2.28 15.54
C3 PX4 MA . -20.43 1.03 15.21
C4 PX4 MA . -20.04 2.52 16.96
C5 PX4 MA . -20.45 3.31 14.77
O4 PX4 MA . -16.37 0.30 17.98
C6 PX4 MA . -15.40 -0.21 18.90
C7 PX4 MA . -15.14 0.84 19.96
C8 PX4 MA . -16.34 0.67 20.89
O5 PX4 MA . -17.01 -0.56 21.22
C9 PX4 MA . -17.87 -0.43 22.26
O6 PX4 MA . -18.35 0.65 22.57
C10 PX4 MA . -18.33 -1.78 22.81
C11 PX4 MA . -18.93 -1.52 24.20
C12 PX4 MA . -19.43 -2.80 24.87
C13 PX4 MA . -20.10 -2.56 26.24
C14 PX4 MA . -18.97 -2.03 27.14
C15 PX4 MA . -19.36 -1.94 28.62
C16 PX4 MA . -18.19 -1.34 29.41
C17 PX4 MA . -18.50 -1.37 30.91
C18 PX4 MA . -17.34 -0.90 31.77
C19 PX4 MA . -17.92 -0.59 33.15
C20 PX4 MA . -16.89 -0.30 34.25
C21 PX4 MA . -17.72 0.44 35.31
C22 PX4 MA . -16.68 0.91 36.34
O7 PX4 MA . -13.89 0.68 20.63
C23 PX4 MA . -13.25 1.73 21.21
O8 PX4 MA . -13.90 2.78 21.30
C24 PX4 MA . -11.99 1.33 21.96
C25 PX4 MA . -12.34 1.21 23.45
C26 PX4 MA . -11.36 0.44 24.34
C27 PX4 MA . -11.42 0.80 25.83
C28 PX4 MA . -10.81 2.15 26.18
C29 PX4 MA . -10.79 2.47 27.68
C30 PX4 MA . -10.03 3.78 27.90
C31 PX4 MA . -8.51 3.76 27.73
C32 PX4 MA . -7.91 4.99 28.41
C33 PX4 MA . -7.56 4.75 29.87
C34 PX4 MA . -7.41 6.10 30.58
C35 PX4 MA . -7.35 6.04 32.10
C36 PX4 MA . -8.71 5.43 32.44
O1 PX4 NA . -22.55 -17.15 23.43
O2 PX4 NA . -21.76 -15.03 21.95
P1 PX4 NA . -21.64 -16.05 23.01
O3 PX4 NA . -20.17 -16.68 22.81
C1 PX4 NA . -19.46 -15.96 21.80
C2 PX4 NA . -18.06 -16.45 21.42
N1 PX4 NA . -16.93 -16.39 22.34
C3 PX4 NA . -15.71 -15.76 21.80
C4 PX4 NA . -17.12 -15.94 23.72
C5 PX4 NA . -16.38 -17.74 22.54
O4 PX4 NA . -21.45 -15.27 24.41
C6 PX4 NA . -20.99 -16.09 25.48
C7 PX4 NA . -20.24 -15.25 26.51
C8 PX4 NA . -21.08 -14.00 26.76
O5 PX4 NA . -20.46 -12.74 26.46
C9 PX4 NA . -21.24 -11.64 26.45
O6 PX4 NA . -22.42 -11.80 26.16
C10 PX4 NA . -20.49 -10.31 26.51
C11 PX4 NA . -19.04 -10.45 26.99
C12 PX4 NA . -18.20 -9.17 26.94
C13 PX4 NA . -16.76 -9.52 27.31
C14 PX4 NA . -16.81 -10.14 28.71
C15 PX4 NA . -15.45 -10.60 29.27
C16 PX4 NA . -15.60 -11.62 30.40
C17 PX4 NA . -16.09 -11.03 31.73
C18 PX4 NA . -15.85 -12.05 32.84
C19 PX4 NA . -16.42 -11.47 34.14
C20 PX4 NA . -16.21 -12.58 35.16
C21 PX4 NA . -14.78 -13.11 34.99
C22 PX4 NA . -14.29 -14.04 36.10
O7 PX4 NA . -19.91 -15.99 27.68
C23 PX4 NA . -18.60 -16.35 27.79
O8 PX4 NA . -17.87 -16.19 26.81
C24 PX4 NA . -18.20 -17.11 29.06
C25 PX4 NA . -17.54 -16.07 29.97
C26 PX4 NA . -16.76 -16.73 31.11
C27 PX4 NA . -17.60 -16.80 32.39
C28 PX4 NA . -16.96 -17.67 33.47
C29 PX4 NA . -17.59 -17.59 34.86
C30 PX4 NA . -16.70 -18.21 35.93
C31 PX4 NA . -17.40 -17.97 37.27
C32 PX4 NA . -17.60 -16.50 37.61
C33 PX4 NA . -17.98 -16.39 39.10
C34 PX4 NA . -18.10 -14.95 39.62
C35 PX4 NA . -16.74 -14.28 39.43
C36 PX4 NA . -16.95 -12.79 39.72
O1 PX4 OA . -7.34 -21.04 19.27
O2 PX4 OA . -9.03 -19.37 20.18
P1 PX4 OA . -7.62 -19.79 20.00
O3 PX4 OA . -7.09 -18.55 19.12
C1 PX4 OA . -6.89 -17.41 19.97
C2 PX4 OA . -6.43 -16.20 19.16
N1 PX4 OA . -7.46 -15.24 18.78
C3 PX4 OA . -8.35 -15.71 17.70
C4 PX4 OA . -8.28 -14.91 19.95
C5 PX4 OA . -6.98 -13.91 18.38
O4 PX4 OA . -6.71 -19.56 21.32
C6 PX4 OA . -6.10 -20.81 21.64
C7 PX4 OA . -5.42 -20.93 23.02
C8 PX4 OA . -5.10 -19.52 23.54
O5 PX4 OA . -3.81 -19.31 24.11
C9 PX4 OA . -3.47 -17.99 24.11
O6 PX4 OA . -3.86 -17.35 23.14
C10 PX4 OA . -2.13 -17.64 24.78
C11 PX4 OA . -2.14 -16.34 25.56
C12 PX4 OA . -3.18 -16.44 26.69
C13 PX4 OA . -2.89 -15.36 27.75
C14 PX4 OA . -3.82 -15.71 28.93
C15 PX4 OA . -3.33 -15.18 30.27
C16 PX4 OA . -4.29 -15.62 31.36
C17 PX4 OA . -4.00 -14.86 32.66
C18 PX4 OA . -3.91 -13.39 32.21
C19 PX4 OA . -3.39 -12.36 33.21
C20 PX4 OA . -2.03 -12.81 33.75
C21 PX4 OA . -1.59 -12.01 34.98
C22 PX4 OA . -2.49 -12.25 36.19
O7 PX4 OA . -6.12 -21.67 24.02
C23 PX4 OA . -6.07 -23.03 23.96
O8 PX4 OA . -5.90 -23.60 22.89
C24 PX4 OA . -6.65 -23.81 25.14
C25 PX4 OA . -5.63 -23.78 26.29
C26 PX4 OA . -5.93 -24.74 27.44
C27 PX4 OA . -4.99 -24.58 28.62
C28 PX4 OA . -5.34 -25.55 29.74
C29 PX4 OA . -4.36 -25.54 30.91
C30 PX4 OA . -3.01 -26.22 30.59
C31 PX4 OA . -1.97 -26.01 31.67
C32 PX4 OA . -1.74 -24.53 31.93
C33 PX4 OA . -0.47 -24.29 32.77
C34 PX4 OA . -0.81 -24.84 34.17
C35 PX4 OA . 0.47 -25.35 34.84
C36 PX4 OA . 0.17 -25.72 36.30
O1 PX4 PA . -4.99 -30.78 24.18
O2 PX4 PA . -3.50 -30.09 22.27
P1 PX4 PA . -3.63 -30.45 23.70
O3 PX4 PA . -2.76 -31.73 24.12
C1 PX4 PA . -1.35 -31.55 23.91
C2 PX4 PA . -0.76 -32.82 23.29
N1 PX4 PA . 0.63 -32.73 22.84
C3 PX4 PA . 1.56 -32.71 23.98
C4 PX4 PA . 0.91 -33.98 22.10
C5 PX4 PA . 0.95 -31.52 22.05
O4 PX4 PA . -2.89 -29.31 24.57
C6 PX4 PA . -3.68 -28.12 24.62
C7 PX4 PA . -3.12 -27.19 25.70
C8 PX4 PA . -1.85 -27.75 26.33
O5 PX4 PA . -1.86 -27.99 27.75
C9 PX4 PA . -0.95 -28.89 28.13
O6 PX4 PA . -0.14 -29.32 27.31
C10 PX4 PA . -0.86 -29.06 29.65
C11 PX4 PA . 0.57 -28.86 30.19
C12 PX4 PA . 0.79 -29.52 31.55
C13 PX4 PA . 2.09 -28.94 32.10
C14 PX4 PA . 2.38 -29.50 33.50
C15 PX4 PA . 3.82 -29.14 33.87
C16 PX4 PA . 4.33 -29.73 35.19
C17 PX4 PA . 5.69 -29.18 35.60
C18 PX4 PA . 6.10 -29.71 36.97
C19 PX4 PA . 5.05 -29.47 38.04
C20 PX4 PA . 5.48 -30.24 39.31
C21 PX4 PA . 5.51 -31.73 38.98
C22 PX4 PA . 5.90 -32.55 40.21
O7 PX4 PA . -2.96 -25.81 25.36
C23 PX4 PA . -2.28 -25.23 24.33
O8 PX4 PA . -1.69 -25.90 23.49
C24 PX4 PA . -2.12 -23.72 24.47
C25 PX4 PA . -1.05 -23.16 25.42
C26 PX4 PA . -1.41 -23.35 26.89
C27 PX4 PA . -0.45 -22.66 27.86
C28 PX4 PA . -0.59 -21.13 27.88
C29 PX4 PA . 0.56 -20.36 28.54
C30 PX4 PA . 0.08 -18.94 28.84
C31 PX4 PA . 0.70 -18.46 30.14
C32 PX4 PA . 0.47 -16.94 30.25
C33 PX4 PA . 1.18 -16.55 31.55
C34 PX4 PA . 0.76 -17.50 32.68
C35 PX4 PA . 1.61 -17.24 33.91
C36 PX4 PA . 1.41 -18.41 34.89
O1 PX4 QA . 11.50 -26.21 16.29
O2 PX4 QA . 12.72 -28.14 15.35
P1 PX4 QA . 11.65 -27.68 16.26
O3 PX4 QA . 10.18 -28.23 15.88
C1 PX4 QA . 10.30 -29.65 15.83
C2 PX4 QA . 10.39 -30.18 14.41
N1 PX4 QA . 9.09 -30.31 13.72
C3 PX4 QA . 8.37 -29.02 13.71
C4 PX4 QA . 9.32 -30.82 12.36
C5 PX4 QA . 8.25 -31.27 14.45
O4 PX4 QA . 11.69 -28.23 17.76
C6 PX4 QA . 13.03 -28.05 18.26
C7 PX4 QA . 13.28 -28.61 19.66
C8 PX4 QA . 12.09 -28.09 20.48
O5 PX4 QA . 12.31 -27.59 21.80
C9 PX4 QA . 11.18 -27.00 22.26
O6 PX4 QA . 10.21 -26.77 21.55
C10 PX4 QA . 11.27 -26.41 23.67
C11 PX4 QA . 11.44 -24.89 23.72
C12 PX4 QA . 11.61 -24.38 25.16
C13 PX4 QA . 10.34 -24.70 25.93
C14 PX4 QA . 10.55 -24.67 27.45
C15 PX4 QA . 11.71 -25.55 27.92
C16 PX4 QA . 11.92 -25.70 29.43
C17 PX4 QA . 13.25 -26.45 29.69
C18 PX4 QA . 13.27 -26.81 31.18
C19 PX4 QA . 13.55 -25.77 32.26
C20 PX4 QA . 13.35 -26.41 33.63
C21 PX4 QA . 13.93 -25.58 34.78
C22 PX4 QA . 14.06 -26.47 36.02
O7 PX4 QA . 13.60 -29.99 19.82
C23 PX4 QA . 14.90 -30.30 19.56
O8 PX4 QA . 15.55 -29.66 18.74
C24 PX4 QA . 15.23 -31.75 19.91
C25 PX4 QA . 15.27 -32.10 21.40
C26 PX4 QA . 16.30 -31.12 21.95
C27 PX4 QA . 16.63 -31.58 23.37
C28 PX4 QA . 17.83 -30.86 23.97
C29 PX4 QA . 18.13 -31.37 25.38
C30 PX4 QA . 17.08 -30.96 26.40
C31 PX4 QA . 17.64 -29.75 27.14
C32 PX4 QA . 16.76 -29.45 28.35
C33 PX4 QA . 17.29 -28.19 29.02
C34 PX4 QA . 18.55 -28.56 29.82
C35 PX4 QA . 19.19 -27.29 30.37
C36 PX4 QA . 20.42 -27.79 31.11
O1 PX4 RA . -33.27 -3.42 23.79
O2 PX4 RA . -33.15 -2.79 21.23
P1 PX4 RA . -32.55 -2.96 22.57
O3 PX4 RA . -31.20 -3.84 22.63
C1 PX4 RA . -31.61 -5.21 22.67
C2 PX4 RA . -30.54 -6.30 22.66
N1 PX4 RA . -29.61 -6.42 23.80
C3 PX4 RA . -28.74 -5.25 23.98
C4 PX4 RA . -30.36 -6.94 24.95
C5 PX4 RA . -28.62 -7.46 23.52
O4 PX4 RA . -31.90 -1.52 22.89
C6 PX4 RA . -31.25 -1.67 24.16
C7 PX4 RA . -30.80 -0.38 24.84
C8 PX4 RA . -32.00 0.26 25.52
O5 PX4 RA . -32.67 -0.68 26.36
C9 PX4 RA . -33.70 -0.13 27.06
O6 PX4 RA . -34.22 0.95 26.81
C10 PX4 RA . -34.44 -0.93 28.15
C11 PX4 RA . -33.75 -0.66 29.50
C12 PX4 RA . -34.20 -1.69 30.53
C13 PX4 RA . -33.34 -1.26 31.71
C14 PX4 RA . -33.48 -2.41 32.72
C15 PX4 RA . -32.92 -1.96 34.08
C16 PX4 RA . -33.20 -2.97 35.19
C17 PX4 RA . -32.48 -2.52 36.47
C18 PX4 RA . -32.95 -3.45 37.58
C19 PX4 RA . -32.93 -2.73 38.93
C20 PX4 RA . -31.52 -2.16 39.12
C21 PX4 RA . -31.32 -1.25 40.33
C22 PX4 RA . -29.95 -0.56 40.31
O7 PX4 RA . -29.64 -0.58 25.66
C23 PX4 RA . -28.50 0.06 25.33
O8 PX4 RA . -28.25 0.44 24.18
C24 PX4 RA . -27.50 0.09 26.49
C25 PX4 RA . -26.33 -0.88 26.41
C26 PX4 RA . -25.58 -0.85 27.74
C27 PX4 RA . -26.49 -1.09 28.93
C28 PX4 RA . -25.44 -1.38 30.00
C29 PX4 RA . -26.10 -2.19 31.12
C30 PX4 RA . -24.99 -2.70 32.05
C31 PX4 RA . -24.13 -3.59 31.16
C32 PX4 RA . -22.98 -4.20 31.98
C33 PX4 RA . -21.98 -3.12 32.39
C34 PX4 RA . -20.80 -3.61 33.23
C35 PX4 RA . -21.34 -3.80 34.64
C36 PX4 RA . -21.37 -2.52 35.48
O1 PX4 SA . -29.25 -13.39 24.50
O2 PX4 SA . -30.98 -14.50 26.04
P1 PX4 SA . -30.15 -13.33 25.68
O3 PX4 SA . -31.28 -12.34 25.11
C1 PX4 SA . -32.54 -12.65 25.72
C2 PX4 SA . -33.67 -12.08 24.85
N1 PX4 SA . -34.15 -12.60 23.56
C3 PX4 SA . -35.60 -12.32 23.50
C4 PX4 SA . -33.46 -11.93 22.44
C5 PX4 SA . -34.04 -14.05 23.45
O4 PX4 SA . -29.86 -12.20 26.78
C6 PX4 SA . -28.70 -11.54 26.27
C7 PX4 SA . -28.46 -10.14 26.85
C8 PX4 SA . -29.58 -10.05 27.89
O5 PX4 SA . -30.27 -8.80 27.88
C9 PX4 SA . -31.48 -8.99 28.47
O6 PX4 SA . -32.18 -9.93 28.11
C10 PX4 SA . -31.96 -7.74 29.21
C11 PX4 SA . -31.72 -7.91 30.71
C12 PX4 SA . -32.16 -6.62 31.42
C13 PX4 SA . -31.59 -6.58 32.85
C14 PX4 SA . -32.17 -7.77 33.60
C15 PX4 SA . -31.13 -8.37 34.56
C16 PX4 SA . -30.87 -7.44 35.76
C17 PX4 SA . -29.78 -8.04 36.63
C18 PX4 SA . -29.72 -7.18 37.89
C19 PX4 SA . -28.83 -7.85 38.95
C20 PX4 SA . -28.67 -7.09 40.26
C21 PX4 SA . -28.00 -7.96 41.33
C22 PX4 SA . -28.24 -7.59 42.78
O7 PX4 SA . -27.11 -9.92 27.29
C23 PX4 SA . -26.25 -9.38 26.38
O8 PX4 SA . -26.60 -9.16 25.22
C24 PX4 SA . -24.81 -9.09 26.80
C25 PX4 SA . -24.40 -8.86 28.26
C26 PX4 SA . -24.53 -9.97 29.31
C27 PX4 SA . -24.34 -9.55 30.77
C28 PX4 SA . -24.50 -10.75 31.71
C29 PX4 SA . -23.97 -10.38 33.10
C30 PX4 SA . -24.23 -11.46 34.15
C31 PX4 SA . -23.92 -10.99 35.58
C32 PX4 SA . -24.57 -12.01 36.51
C33 PX4 SA . -24.42 -11.49 37.95
C34 PX4 SA . -25.12 -12.45 38.90
C35 PX4 SA . -25.14 -12.04 40.38
C36 PX4 SA . -23.73 -11.75 40.88
O1 PX4 TA . -10.40 10.60 13.60
O2 PX4 TA . -12.76 9.52 13.76
P1 PX4 TA . -11.67 10.34 14.32
O3 PX4 TA . -12.40 11.74 14.60
C1 PX4 TA . -13.40 11.63 15.62
C2 PX4 TA . -14.48 12.70 15.55
N1 PX4 TA . -15.26 12.79 14.30
C3 PX4 TA . -14.64 13.34 13.09
C4 PX4 TA . -15.78 11.45 14.00
C5 PX4 TA . -16.41 13.65 14.61
O4 PX4 TA . -11.42 9.83 15.83
C6 PX4 TA . -11.08 8.46 16.08
C7 PX4 TA . -10.88 8.09 17.54
C8 PX4 TA . -11.75 9.10 18.30
O5 PX4 TA . -11.32 9.26 19.65
C9 PX4 TA . -11.93 10.34 20.23
O6 PX4 TA . -12.89 10.94 19.76
C10 PX4 TA . -11.47 10.51 21.68
C11 PX4 TA . -12.43 9.88 22.67
C12 PX4 TA . -12.26 10.29 24.14
C13 PX4 TA . -13.41 9.80 25.01
C14 PX4 TA . -13.34 10.41 26.41
C15 PX4 TA . -14.54 9.78 27.13
C16 PX4 TA . -14.74 10.31 28.53
C17 PX4 TA . -15.17 11.79 28.60
C18 PX4 TA . -14.94 12.49 29.93
C19 PX4 TA . -13.51 12.48 30.47
C20 PX4 TA . -13.48 13.48 31.64
C21 PX4 TA . -12.06 13.71 32.16
C22 PX4 TA . -12.00 14.67 33.35
O7 PX4 TA . -11.12 6.73 17.88
C23 PX4 TA . -10.17 5.77 17.70
O8 PX4 TA . -9.43 5.89 16.73
C24 PX4 TA . -10.51 4.43 18.35
C25 PX4 TA . -10.22 4.47 19.86
C26 PX4 TA . -11.35 4.91 20.79
C27 PX4 TA . -10.89 5.27 22.20
C28 PX4 TA . -12.01 5.28 23.25
C29 PX4 TA . -11.53 6.01 24.52
C30 PX4 TA . -12.51 5.98 25.69
C31 PX4 TA . -11.82 6.63 26.90
C32 PX4 TA . -12.60 6.55 28.22
C33 PX4 TA . -11.88 7.09 29.46
C34 PX4 TA . -12.94 7.06 30.55
C35 PX4 TA . -12.39 7.84 31.75
C36 PX4 TA . -11.94 9.24 31.35
O1 PX4 UA . -7.49 12.73 16.28
O2 PX4 UA . -9.92 12.48 17.06
P1 PX4 UA . -8.61 13.17 17.14
O3 PX4 UA . -8.76 14.77 17.11
C1 PX4 UA . -9.78 15.18 18.02
C2 PX4 UA . -10.57 16.41 17.57
N1 PX4 UA . -11.62 17.01 18.41
C3 PX4 UA . -11.22 17.43 19.76
C4 PX4 UA . -12.01 18.27 17.75
C5 PX4 UA . -12.85 16.25 18.68
O4 PX4 UA . -8.14 13.13 18.69
C6 PX4 UA . -8.26 11.75 19.09
C7 PX4 UA . -7.01 11.17 19.75
C8 PX4 UA . -6.14 12.30 20.32
O5 PX4 UA . -4.77 12.08 19.97
C9 PX4 UA . -3.97 12.53 20.97
O6 PX4 UA . -4.30 13.40 21.75
C10 PX4 UA . -2.48 12.24 20.70
C11 PX4 UA . -1.67 11.60 21.84
C12 PX4 UA . -0.24 11.27 21.37
C13 PX4 UA . 0.33 10.37 22.47
C14 PX4 UA . 1.73 9.91 22.03
C15 PX4 UA . 2.32 9.07 23.16
C16 PX4 UA . 1.62 7.71 23.35
C17 PX4 UA . 1.85 7.09 24.73
C18 PX4 UA . 1.06 7.93 25.76
C19 PX4 UA . 1.08 7.30 27.14
C20 PX4 UA . 2.51 7.30 27.69
C21 PX4 UA . 2.53 6.64 29.06
C22 PX4 UA . 3.90 6.59 29.75
O7 PX4 UA . -7.46 10.21 20.71
C23 PX4 UA . -7.71 8.96 20.24
O8 PX4 UA . -7.43 8.68 19.08
C24 PX4 UA . -8.17 8.02 21.35
C25 PX4 UA . -6.95 7.28 21.89
C26 PX4 UA . -7.40 6.86 23.27
C27 PX4 UA . -7.62 8.14 24.10
C28 PX4 UA . -7.70 7.83 25.59
C29 PX4 UA . -7.91 9.20 26.25
C30 PX4 UA . -7.58 9.18 27.75
C31 PX4 UA . -7.78 10.54 28.41
C32 PX4 UA . -7.69 10.21 29.90
C33 PX4 UA . -7.90 11.40 30.83
C34 PX4 UA . -7.98 10.99 32.30
C35 PX4 UA . -8.32 12.14 33.25
C36 PX4 UA . -8.20 11.83 34.76
O1 PX4 VA . -19.50 -9.48 18.39
O2 PX4 VA . -22.11 -9.47 18.92
P1 PX4 VA . -20.69 -9.10 19.17
O3 PX4 VA . -20.55 -7.50 19.09
C1 PX4 VA . -21.20 -6.97 17.95
C2 PX4 VA . -21.61 -5.50 18.04
N1 PX4 VA . -22.05 -4.84 16.81
C3 PX4 VA . -22.22 -3.39 16.99
C4 PX4 VA . -21.17 -5.12 15.66
C5 PX4 VA . -23.38 -5.26 16.39
O4 PX4 VA . -20.30 -9.18 20.73
C6 PX4 VA . -18.93 -8.87 20.97
C7 PX4 VA . -18.52 -8.51 22.41
C8 PX4 VA . -19.79 -7.98 23.09
O5 PX4 VA . -19.64 -7.39 24.37
C9 PX4 VA . -20.78 -6.96 24.98
O6 PX4 VA . -21.82 -7.06 24.32
C10 PX4 VA . -20.70 -6.24 26.32
C11 PX4 VA . -21.90 -6.58 27.19
C12 PX4 VA . -21.85 -6.19 28.66
C13 PX4 VA . -20.76 -7.11 29.21
C14 PX4 VA . -20.61 -7.05 30.72
C15 PX4 VA . -19.52 -8.05 31.13
C16 PX4 VA . -19.19 -8.12 32.62
C17 PX4 VA . -20.38 -8.60 33.45
C18 PX4 VA . -19.88 -8.57 34.89
C19 PX4 VA . -20.95 -8.96 35.90
C20 PX4 VA . -20.53 -8.91 37.37
C21 PX4 VA . -19.21 -9.69 37.30
C22 PX4 VA . -18.47 -9.59 38.64
O7 PX4 VA . -17.88 -9.64 23.01
C23 PX4 VA . -16.55 -9.71 22.75
O8 PX4 VA . -16.15 -9.51 21.62
C24 PX4 VA . -15.68 -10.47 23.75
C25 PX4 VA . -14.51 -9.57 24.14
C26 PX4 VA . -13.84 -9.97 25.46
C27 PX4 VA . -12.49 -9.35 25.81
C28 PX4 VA . -11.94 -9.96 27.10
C29 PX4 VA . -10.53 -9.45 27.41
C30 PX4 VA . -9.86 -9.96 28.69
C31 PX4 VA . -8.47 -9.45 29.06
C32 PX4 VA . -8.10 -9.77 30.51
C33 PX4 VA . -6.74 -9.15 30.79
C34 PX4 VA . -6.57 -9.42 32.28
C35 PX4 VA . -5.17 -9.01 32.74
C36 PX4 VA . -4.83 -8.54 34.17
O1 PX4 WA . -10.70 -3.41 18.27
O2 PX4 WA . -13.24 -3.94 17.84
P1 PX4 WA . -12.15 -3.18 18.49
O3 PX4 WA . -12.38 -1.60 18.34
C1 PX4 WA . -11.84 -1.32 17.04
C2 PX4 WA . -11.40 0.11 16.73
N1 PX4 WA . -10.96 0.58 15.41
C3 PX4 WA . -10.28 1.86 15.46
C4 PX4 WA . -10.00 -0.39 14.84
C5 PX4 WA . -12.11 0.72 14.51
O4 PX4 WA . -12.47 -3.26 20.06
C6 PX4 WA . -13.87 -3.26 20.39
C7 PX4 WA . -14.22 -3.32 21.86
C8 PX4 WA . -13.96 -1.91 22.38
O5 PX4 WA . -13.71 -1.93 23.78
C9 PX4 WA . -14.65 -1.46 24.63
O6 PX4 WA . -15.53 -0.63 24.36
C10 PX4 WA . -14.51 -2.03 26.04
C11 PX4 WA . -14.99 -1.04 27.10
C12 PX4 WA . -14.62 -1.61 28.48
C13 PX4 WA . -13.21 -1.04 28.59
C14 PX4 WA . -12.64 -1.79 29.81
C15 PX4 WA . -13.49 -1.71 31.07
C16 PX4 WA . -13.00 -2.71 32.12
C17 PX4 WA . -13.42 -2.46 33.57
C18 PX4 WA . -12.93 -3.71 34.31
C19 PX4 WA . -11.40 -3.83 34.18
C20 PX4 WA . -10.80 -5.14 34.72
C21 PX4 WA . -9.41 -5.32 34.13
C22 PX4 WA . -8.77 -6.63 34.60
O7 PX4 WA . -15.45 -3.91 22.32
C23 PX4 WA . -15.45 -5.13 22.90
O8 PX4 WA . -14.43 -5.83 23.01
C24 PX4 WA . -16.82 -5.63 23.38
C25 PX4 WA . -16.63 -6.21 24.78
C26 PX4 WA . -16.34 -5.24 25.93
C27 PX4 WA . -16.87 -5.86 27.24
C28 PX4 WA . -16.57 -4.95 28.44
C29 PX4 WA . -17.19 -5.43 29.76
C30 PX4 WA . -16.54 -4.66 30.90
C31 PX4 WA . -17.36 -5.03 32.13
C32 PX4 WA . -16.63 -4.71 33.44
C33 PX4 WA . -17.58 -5.02 34.59
C34 PX4 WA . -17.02 -4.60 35.95
C35 PX4 WA . -17.89 -5.09 37.10
C36 PX4 WA . -17.10 -5.01 38.41
O1 PX4 XA . 5.69 -5.28 16.53
O2 PX4 XA . 4.65 -3.20 15.42
P1 PX4 XA . 5.68 -3.80 16.31
O3 PX4 XA . 7.15 -3.48 15.77
C1 PX4 XA . 8.06 -3.88 16.79
C2 PX4 XA . 9.45 -3.32 16.49
N1 PX4 XA . 10.59 -3.68 17.35
C3 PX4 XA . 10.40 -3.24 18.73
C4 PX4 XA . 10.75 -5.14 17.53
C5 PX4 XA . 11.77 -3.01 16.80
O4 PX4 XA . 5.72 -3.21 17.81
C6 PX4 XA . 4.76 -3.96 18.55
C7 PX4 XA . 4.73 -3.62 20.04
C8 PX4 XA . 6.09 -2.94 20.26
O5 PX4 XA . 6.68 -3.32 21.50
C9 PX4 XA . 7.70 -2.59 21.99
O6 PX4 XA . 7.87 -1.45 21.55
C10 PX4 XA . 8.59 -3.18 23.09
C11 PX4 XA . 7.61 -4.09 23.85
C12 PX4 XA . 8.44 -4.99 24.77
C13 PX4 XA . 9.28 -4.07 25.64
C14 PX4 XA . 10.52 -4.83 26.12
C15 PX4 XA . 10.24 -6.05 26.99
C16 PX4 XA . 11.56 -6.61 27.52
C17 PX4 XA . 11.37 -7.99 28.15
C18 PX4 XA . 12.75 -8.45 28.61
C19 PX4 XA . 12.35 -9.68 29.43
C20 PX4 XA . 13.59 -10.11 30.23
C21 PX4 XA . 13.42 -11.41 31.01
C22 PX4 XA . 14.64 -11.94 31.78
O7 PX4 XA . 3.65 -2.80 20.47
C23 PX4 XA . 2.45 -3.39 20.67
O8 PX4 XA . 2.26 -4.50 20.16
C24 PX4 XA . 1.31 -2.43 21.03
C25 PX4 XA . 1.17 -2.23 22.53
C26 PX4 XA . -0.09 -1.44 22.88
C27 PX4 XA . -0.02 -0.11 22.12
C28 PX4 XA . 0.62 1.03 22.89
C29 PX4 XA . -0.20 1.45 24.12
C30 PX4 XA . 0.62 2.38 24.99
C31 PX4 XA . -0.02 2.50 26.38
C32 PX4 XA . 0.15 1.21 27.19
C33 PX4 XA . -0.27 1.59 28.62
C34 PX4 XA . 0.19 0.80 29.84
C35 PX4 XA . -0.11 1.32 31.26
C36 PX4 XA . 0.54 0.40 32.31
O1 PX4 YA . 4.91 -12.03 14.08
O2 PX4 YA . 6.16 -9.76 14.39
P1 PX4 YA . 5.94 -11.19 14.72
O3 PX4 YA . 7.28 -12.03 14.42
C1 PX4 YA . 7.03 -13.42 14.27
C2 PX4 YA . 8.25 -14.23 13.79
N1 PX4 YA . 9.15 -14.81 14.80
C3 PX4 YA . 10.03 -13.90 15.52
C4 PX4 YA . 8.39 -15.57 15.80
C5 PX4 YA . 10.06 -15.75 14.12
O4 PX4 YA . 5.98 -11.36 16.33
C6 PX4 YA . 7.08 -10.55 16.74
C7 PX4 YA . 7.03 -10.20 18.22
C8 PX4 YA . 6.40 -11.35 19.02
O5 PX4 YA . 6.05 -11.37 20.40
C9 PX4 YA . 7.04 -11.67 21.29
O6 PX4 YA . 8.17 -11.90 20.89
C10 PX4 YA . 6.65 -11.71 22.77
C11 PX4 YA . 7.19 -10.59 23.67
C12 PX4 YA . 7.03 -10.81 25.17
C13 PX4 YA . 7.32 -9.58 26.04
C14 PX4 YA . 6.55 -9.84 27.33
C15 PX4 YA . 7.20 -9.11 28.51
C16 PX4 YA . 6.68 -9.71 29.81
C17 PX4 YA . 7.75 -9.44 30.87
C18 PX4 YA . 7.08 -9.69 32.23
C19 PX4 YA . 8.08 -9.31 33.33
C20 PX4 YA . 7.74 -9.92 34.70
C21 PX4 YA . 8.84 -9.58 35.71
C22 PX4 YA . 8.41 -10.07 37.10
O7 PX4 YA . 8.34 -9.94 18.75
C23 PX4 YA . 8.50 -8.80 19.47
O8 PX4 YA . 7.76 -7.81 19.40
C24 PX4 YA . 9.80 -8.53 20.24
C25 PX4 YA . 9.71 -7.86 21.61
C26 PX4 YA . 11.14 -7.90 22.15
C27 PX4 YA . 12.09 -7.24 21.14
C28 PX4 YA . 13.50 -7.35 21.71
C29 PX4 YA . 13.54 -6.79 23.14
C30 PX4 YA . 14.98 -6.58 23.61
C31 PX4 YA . 15.15 -6.13 25.06
C32 PX4 YA . 16.62 -5.82 25.36
C33 PX4 YA . 16.84 -5.55 26.85
C34 PX4 YA . 16.59 -6.79 27.71
C35 PX4 YA . 16.72 -6.58 29.23
C36 PX4 YA . 16.66 -7.92 29.98
O1 PX4 ZA . 15.39 -20.64 16.69
O2 PX4 ZA . 14.96 -18.38 15.40
P1 PX4 ZA . 15.72 -19.24 16.33
O3 PX4 ZA . 17.25 -19.16 15.82
C1 PX4 ZA . 17.20 -18.91 14.42
C2 PX4 ZA . 18.52 -18.60 13.74
N1 PX4 ZA . 19.17 -17.27 13.73
C3 PX4 ZA . 18.41 -16.26 12.97
C4 PX4 ZA . 19.49 -16.82 15.09
C5 PX4 ZA . 20.41 -17.42 12.98
O4 PX4 ZA . 15.97 -18.45 17.72
C6 PX4 ZA . 17.08 -18.89 18.51
C7 PX4 ZA . 17.24 -18.26 19.90
C8 PX4 ZA . 16.36 -19.14 20.81
O5 PX4 ZA . 16.33 -20.53 20.47
C9 PX4 ZA . 15.12 -21.12 20.75
O6 PX4 ZA . 14.11 -20.45 20.88
C10 PX4 ZA . 15.05 -22.59 20.32
C11 PX4 ZA . 14.25 -23.49 21.25
C12 PX4 ZA . 14.48 -24.87 20.65
C13 PX4 ZA . 15.96 -25.19 20.86
C14 PX4 ZA . 16.39 -26.55 20.33
C15 PX4 ZA . 17.89 -26.74 20.52
C16 PX4 ZA . 18.32 -26.60 21.98
C17 PX4 ZA . 19.81 -26.73 22.29
C18 PX4 ZA . 20.06 -26.51 23.78
C19 PX4 ZA . 19.30 -27.35 24.82
C20 PX4 ZA . 20.10 -27.33 26.13
C21 PX4 ZA . 21.57 -27.58 25.80
C22 PX4 ZA . 22.25 -27.80 27.16
O7 PX4 ZA . 18.59 -18.15 20.35
C23 PX4 ZA . 19.50 -17.39 19.69
O8 PX4 ZA . 19.30 -16.51 18.85
C24 PX4 ZA . 20.90 -17.61 20.23
C25 PX4 ZA . 20.96 -17.47 21.76
C26 PX4 ZA . 22.23 -17.96 22.43
C27 PX4 ZA . 22.18 -17.91 23.96
C28 PX4 ZA . 23.21 -18.76 24.70
C29 PX4 ZA . 23.01 -18.60 26.21
C30 PX4 ZA . 24.24 -18.73 27.11
C31 PX4 ZA . 23.63 -18.44 28.47
C32 PX4 ZA . 22.56 -19.47 28.81
C33 PX4 ZA . 21.97 -19.12 30.18
C34 PX4 ZA . 20.91 -18.02 30.01
C35 PX4 ZA . 19.77 -18.45 29.10
C36 PX4 ZA . 18.71 -17.34 29.03
O1 PX4 AB . 15.52 -23.90 14.10
O2 PX4 AB . 17.23 -22.12 13.41
P1 PX4 AB . 16.89 -23.32 14.20
O3 PX4 AB . 17.62 -24.57 13.49
C1 PX4 AB . 17.12 -25.02 12.23
C2 PX4 AB . 17.90 -26.18 11.60
N1 PX4 AB . 17.47 -27.54 11.98
C3 PX4 AB . 17.56 -27.83 13.41
C4 PX4 AB . 16.21 -27.90 11.32
C5 PX4 AB . 18.46 -28.46 11.37
O4 PX4 AB . 17.58 -23.53 15.64
C6 PX4 AB . 18.89 -24.09 15.67
C7 PX4 AB . 19.27 -24.64 17.05
C8 PX4 AB . 18.29 -23.94 17.99
O5 PX4 AB . 18.91 -23.39 19.17
C9 PX4 AB . 19.60 -22.23 19.11
O6 PX4 AB . 20.18 -21.87 18.09
C10 PX4 AB . 19.99 -21.64 20.47
C11 PX4 AB . 21.22 -22.36 21.04
C12 PX4 AB . 21.63 -21.98 22.46
C13 PX4 AB . 22.91 -22.77 22.74
C14 PX4 AB . 23.35 -22.82 24.19
C15 PX4 AB . 22.29 -23.56 25.01
C16 PX4 AB . 22.66 -23.40 26.50
C17 PX4 AB . 21.51 -23.78 27.42
C18 PX4 AB . 20.41 -22.71 27.47
C19 PX4 AB . 19.27 -23.24 28.34
C20 PX4 AB . 18.17 -22.23 28.71
C21 PX4 AB . 17.35 -22.80 29.87
C22 PX4 AB . 16.72 -24.18 29.61
O7 PX4 AB . 19.16 -26.06 17.01
C23 PX4 AB . 20.13 -26.83 16.44
O8 PX4 AB . 20.90 -26.31 15.64
C24 PX4 AB . 20.11 -28.36 16.64
C25 PX4 AB . 21.08 -28.79 17.74
C26 PX4 AB . 21.62 -30.21 17.54
C27 PX4 AB . 22.32 -30.48 18.88
C28 PX4 AB . 21.36 -30.45 20.06
C29 PX4 AB . 21.99 -30.87 21.39
C30 PX4 AB . 22.36 -32.34 21.27
C31 PX4 AB . 23.05 -32.76 22.57
C32 PX4 AB . 22.03 -32.71 23.71
C33 PX4 AB . 22.76 -32.72 25.06
C34 PX4 AB . 21.78 -32.96 26.19
C35 PX4 AB . 22.43 -32.61 27.52
C36 PX4 AB . 21.56 -31.89 28.54
O1 PX4 BB . -15.79 14.15 18.60
O2 PX4 BB . -15.61 11.50 18.61
P1 PX4 BB . -16.11 12.80 19.11
O3 PX4 BB . -17.69 12.67 18.84
C1 PX4 BB . -18.35 11.96 19.89
C2 PX4 BB . -19.55 11.13 19.38
N1 PX4 BB . -19.42 9.84 18.70
C3 PX4 BB . -18.43 9.82 17.62
C4 PX4 BB . -19.02 8.82 19.70
C5 PX4 BB . -20.74 9.55 18.13
O4 PX4 BB . -15.92 12.70 20.71
C6 PX4 BB . -14.73 13.43 20.98
C7 PX4 BB . -14.31 13.52 22.45
C8 PX4 BB . -15.13 12.45 23.18
O5 PX4 BB . -16.18 12.98 23.99
C9 PX4 BB . -16.96 12.09 24.65
O6 PX4 BB . -16.64 10.90 24.65
C10 PX4 BB . -18.20 12.59 25.42
C11 PX4 BB . -18.61 11.86 26.69
C12 PX4 BB . -19.87 12.41 27.34
C13 PX4 BB . -20.19 11.58 28.57
C14 PX4 BB . -19.04 11.90 29.54
C15 PX4 BB . -18.92 11.02 30.79
C16 PX4 BB . -17.66 11.23 31.63
C17 PX4 BB . -17.67 10.61 33.02
C18 PX4 BB . -16.21 10.40 33.45
C19 PX4 BB . -16.10 10.40 34.98
C20 PX4 BB . -14.94 9.55 35.52
C21 PX4 BB . -13.62 9.93 34.88
C22 PX4 BB . -13.17 11.27 35.45
O7 PX4 BB . -12.90 13.46 22.68
C23 PX4 BB . -12.21 14.62 22.58
O8 PX4 BB . -12.65 15.52 21.87
C24 PX4 BB . -10.79 14.72 23.13
C25 PX4 BB . -9.84 13.53 22.95
C26 PX4 BB . -8.71 13.73 23.96
C27 PX4 BB . -7.72 12.56 23.88
C28 PX4 BB . -6.47 13.10 24.56
C29 PX4 BB . -5.31 12.12 24.48
C30 PX4 BB . -4.31 12.44 25.60
C31 PX4 BB . -4.91 12.38 27.01
C32 PX4 BB . -3.88 12.86 28.05
C33 PX4 BB . -4.62 13.20 29.34
C34 PX4 BB . -3.66 13.22 30.52
C35 PX4 BB . -4.49 13.60 31.75
C36 PX4 BB . -4.75 15.10 31.81
O1 PX4 CB . -3.64 13.67 17.00
O2 PX4 CB . -5.34 14.82 18.66
P1 PX4 CB . -4.12 14.80 17.81
O3 PX4 CB . -4.40 15.79 16.56
C1 PX4 CB . -5.71 16.30 16.79
C2 PX4 CB . -6.13 17.53 15.98
N1 PX4 CB . -6.13 17.54 14.50
C3 PX4 CB . -7.01 16.43 14.10
C4 PX4 CB . -6.60 18.89 14.15
C5 PX4 CB . -4.80 17.40 13.89
O4 PX4 CB . -2.83 15.55 18.41
C6 PX4 CB . -3.12 16.48 19.46
C7 PX4 CB . -2.93 16.11 20.92
C8 PX4 CB . -1.47 16.47 21.25
O5 PX4 CB . -0.80 15.73 22.28
C9 PX4 CB . -0.93 16.35 23.50
O6 PX4 CB . -1.38 17.48 23.67
C10 PX4 CB . -0.27 15.51 24.60
C11 PX4 CB . -0.64 14.01 24.62
C12 PX4 CB . 0.17 13.33 25.71
C13 PX4 CB . -0.34 11.88 25.83
C14 PX4 CB . 0.65 11.25 26.81
C15 PX4 CB . 0.40 11.75 28.24
C16 PX4 CB . 1.32 10.90 29.12
C17 PX4 CB . 2.80 11.14 28.81
C18 PX4 CB . 3.66 10.29 29.76
C19 PX4 CB . 3.64 10.82 31.20
C20 PX4 CB . 4.06 12.29 31.07
C21 PX4 CB . 4.03 12.94 32.46
C22 PX4 CB . 2.61 13.00 33.04
O7 PX4 CB . -3.87 16.68 21.83
C23 PX4 CB . -4.18 17.98 22.10
O8 PX4 CB . -3.99 18.80 21.22
C24 PX4 CB . -5.45 18.00 22.98
C25 PX4 CB . -5.01 17.52 24.35
C26 PX4 CB . -6.34 17.15 25.01
C27 PX4 CB . -6.38 16.20 26.20
C28 PX4 CB . -7.84 16.05 26.62
C29 PX4 CB . -7.80 15.23 27.91
C30 PX4 CB . -9.23 14.80 28.27
C31 PX4 CB . -9.61 13.80 27.19
C32 PX4 CB . -11.13 13.64 27.26
C33 PX4 CB . -11.91 14.88 26.84
C34 PX4 CB . -13.39 14.64 26.54
C35 PX4 CB . -14.20 15.91 26.32
C36 PX4 CB . -15.65 15.72 26.80
O1 PX4 DB . -6.78 -2.66 16.97
O2 PX4 DB . -8.35 -0.67 17.35
P1 PX4 DB . -7.27 -1.56 17.86
O3 PX4 DB . -6.16 -0.65 18.59
C1 PX4 DB . -6.23 0.65 18.00
C2 PX4 DB . -5.15 1.65 18.45
N1 PX4 DB . -5.39 3.08 18.37
C3 PX4 DB . -4.76 3.80 19.48
C4 PX4 DB . -4.88 3.83 17.20
C5 PX4 DB . -6.81 3.40 18.53
O4 PX4 DB . -7.88 -2.28 19.16
C6 PX4 DB . -8.78 -1.40 19.86
C7 PX4 DB . -8.62 -1.33 21.38
C8 PX4 DB . -8.61 -2.77 21.88
O5 PX4 DB . -9.73 -2.97 22.76
C9 PX4 DB . -10.10 -4.26 22.98
O6 PX4 DB . -9.49 -5.22 22.51
C10 PX4 DB . -11.38 -4.56 23.75
C11 PX4 DB . -11.12 -4.98 25.20
C12 PX4 DB . -12.38 -5.27 26.02
C13 PX4 DB . -11.82 -5.67 27.38
C14 PX4 DB . -12.89 -6.05 28.41
C15 PX4 DB . -12.23 -6.54 29.71
C16 PX4 DB . -13.27 -7.00 30.74
C17 PX4 DB . -12.52 -7.73 31.86
C18 PX4 DB . -13.41 -7.98 33.07
C19 PX4 DB . -12.75 -8.88 34.11
C20 PX4 DB . -13.61 -9.02 35.37
C21 PX4 DB . -13.69 -7.83 36.33
C22 PX4 DB . -14.51 -8.04 37.61
O7 PX4 DB . -7.52 -0.53 21.85
C23 PX4 DB . -7.35 0.79 21.58
O8 PX4 DB . -8.11 1.44 20.84
C24 PX4 DB . -6.31 1.51 22.42
C25 PX4 DB . -6.47 2.99 22.76
C26 PX4 DB . -5.41 3.58 23.69
C27 PX4 DB . -5.34 3.04 25.11
C28 PX4 DB . -4.46 3.93 25.99
C29 PX4 DB . -4.54 3.23 27.36
C30 PX4 DB . -3.88 4.11 28.43
C31 PX4 DB . -3.83 3.41 29.78
C32 PX4 DB . -3.20 4.35 30.80
C33 PX4 DB . -1.78 4.55 30.25
C34 PX4 DB . -0.99 5.53 31.13
C35 PX4 DB . -0.73 5.05 32.56
C36 PX4 DB . -0.01 6.17 33.31
O1 PX4 EB . -6.68 -5.04 21.35
O2 PX4 EB . -5.55 -6.19 19.34
P1 PX4 EB . -5.54 -5.14 20.39
O3 PX4 EB . -4.29 -5.52 21.33
C1 PX4 EB . -3.59 -6.62 20.74
C2 PX4 EB . -2.25 -6.91 21.42
N1 PX4 EB . -1.20 -5.87 21.52
C3 PX4 EB . -1.27 -4.98 22.69
C4 PX4 EB . 0.04 -6.66 21.54
C5 PX4 EB . -1.06 -5.08 20.30
O4 PX4 EB . -4.84 -3.72 20.05
C6 PX4 EB . -5.00 -2.82 21.15
C7 PX4 EB . -3.69 -2.08 21.44
C8 PX4 EB . -3.28 -1.53 20.08
O5 PX4 EB . -1.97 -1.90 19.63
C9 PX4 EB . -1.55 -1.20 18.54
O6 PX4 EB . -2.30 -0.31 18.12
C10 PX4 EB . -0.24 -1.62 17.88
C11 PX4 EB . 0.77 -0.49 18.04
C12 PX4 EB . 2.11 -0.79 17.36
C13 PX4 EB . 2.98 0.44 17.64
C14 PX4 EB . 2.88 0.68 19.15
C15 PX4 EB . 4.08 1.58 19.42
C16 PX4 EB . 4.18 1.74 20.95
C17 PX4 EB . 4.40 0.39 21.66
C18 PX4 EB . 4.78 0.45 23.13
C19 PX4 EB . 4.83 -0.91 23.84
C20 PX4 EB . 5.15 -1.00 25.32
C21 PX4 EB . 6.54 -0.34 25.47
C22 PX4 EB . 7.02 -0.36 26.91
O7 PX4 EB . -3.78 -1.13 22.51
C23 PX4 EB . -3.71 -1.59 23.77
O8 PX4 EB . -3.28 -2.73 24.04
C24 PX4 EB . -4.14 -0.66 24.91
C25 PX4 EB . -4.60 -1.38 26.20
C26 PX4 EB . -5.89 -2.18 26.00
C27 PX4 EB . -7.09 -1.25 25.77
C28 PX4 EB . -8.43 -1.97 25.68
C29 PX4 EB . -8.69 -2.26 27.16
C30 PX4 EB . -8.76 -0.97 27.99
C31 PX4 EB . -8.89 -1.38 29.46
C32 PX4 EB . -9.03 -0.14 30.34
C33 PX4 EB . -9.24 -0.38 31.84
C34 PX4 EB . -8.92 0.90 32.60
C35 PX4 EB . -7.66 0.74 33.45
C36 PX4 EB . -7.75 -0.45 34.42
O1 PX4 FB . -24.31 10.63 17.31
O2 PX4 FB . -24.25 8.21 18.24
P1 PX4 FB . -24.45 9.66 18.43
O3 PX4 FB . -26.04 9.72 18.57
C1 PX4 FB . -26.76 9.44 17.36
C2 PX4 FB . -28.21 9.89 17.38
N1 PX4 FB . -29.31 8.93 17.18
C3 PX4 FB . -29.13 8.16 15.93
C4 PX4 FB . -29.49 8.01 18.31
C5 PX4 FB . -30.57 9.68 17.13
O4 PX4 FB . -24.11 10.23 19.91
C6 PX4 FB . -24.06 9.10 20.78
C7 PX4 FB . -23.70 9.39 22.23
C8 PX4 FB . -24.64 8.40 22.92
O5 PX4 FB . -24.61 8.47 24.35
C9 PX4 FB . -25.39 9.49 24.80
O6 PX4 FB . -25.93 10.32 24.06
C10 PX4 FB . -25.53 9.55 26.32
C11 PX4 FB . -24.32 10.11 27.08
C12 PX4 FB . -24.45 9.82 28.59
C13 PX4 FB . -23.82 8.48 28.97
C14 PX4 FB . -23.75 8.45 30.49
C15 PX4 FB . -22.91 7.25 30.95
C16 PX4 FB . -22.60 7.46 32.43
C17 PX4 FB . -21.47 6.56 32.96
C18 PX4 FB . -21.36 6.74 34.48
C19 PX4 FB . -21.10 8.23 34.74
C20 PX4 FB . -20.05 8.63 35.78
C21 PX4 FB . -20.71 8.69 37.16
C22 PX4 FB . -19.82 8.22 38.30
O7 PX4 FB . -22.34 9.16 22.58
C23 PX4 FB . -21.90 10.00 23.55
O8 PX4 FB . -22.43 11.09 23.78
C24 PX4 FB . -20.55 9.65 24.19
C25 PX4 FB . -20.69 8.92 25.53
C26 PX4 FB . -19.35 8.28 25.90
C27 PX4 FB . -19.44 7.83 27.35
C28 PX4 FB . -18.10 7.56 28.06
C29 PX4 FB . -18.34 7.50 29.57
C30 PX4 FB . -17.23 6.79 30.34
C31 PX4 FB . -17.59 6.56 31.82
C32 PX4 FB . -16.35 6.03 32.55
C33 PX4 FB . -16.57 6.26 34.05
C34 PX4 FB . -17.66 5.24 34.40
C35 PX4 FB . -18.16 5.44 35.84
C36 PX4 FB . -17.02 5.11 36.81
O1 PX4 GB . -29.16 9.80 21.75
O2 PX4 GB . -30.71 11.77 22.24
P1 PX4 GB . -29.35 11.22 22.17
O3 PX4 GB . -28.41 12.10 21.21
C1 PX4 GB . -27.09 11.62 21.43
C2 PX4 GB . -26.05 12.71 21.19
N1 PX4 GB . -25.93 13.80 22.18
C3 PX4 GB . -26.94 14.84 21.90
C4 PX4 GB . -26.14 13.41 23.58
C5 PX4 GB . -24.56 14.32 22.10
O4 PX4 GB . -28.68 11.40 23.62
C6 PX4 GB . -29.63 10.85 24.55
C7 PX4 GB . -28.95 10.82 25.92
C8 PX4 GB . -28.87 12.29 26.32
O5 PX4 GB . -27.67 12.58 27.03
C9 PX4 GB . -27.58 13.87 27.45
O6 PX4 GB . -28.36 14.71 27.02
C10 PX4 GB . -26.33 14.18 28.28
C11 PX4 GB . -26.27 13.49 29.64
C12 PX4 GB . -25.20 14.16 30.49
C13 PX4 GB . -25.33 13.72 31.95
C14 PX4 GB . -25.08 12.21 32.03
C15 PX4 GB . -25.44 11.73 33.44
C16 PX4 GB . -25.03 10.29 33.74
C17 PX4 GB . -25.42 9.99 35.20
C18 PX4 GB . -25.00 8.60 35.68
C19 PX4 GB . -25.24 8.51 37.19
C20 PX4 GB . -26.71 8.52 37.59
C21 PX4 GB . -27.07 8.44 39.07
C22 PX4 GB . -28.55 8.82 39.21
O7 PX4 GB . -29.44 9.82 26.83
C23 PX4 GB . -29.02 8.55 26.65
O8 PX4 GB . -28.27 8.19 25.74
C24 PX4 GB . -29.33 7.64 27.86
C25 PX4 GB . -28.10 7.61 28.77
C26 PX4 GB . -28.31 6.73 30.00
C27 PX4 GB . -27.22 6.86 31.07
C28 PX4 GB . -27.34 5.73 32.09
C29 PX4 GB . -26.22 5.92 33.12
C30 PX4 GB . -26.51 5.13 34.39
C31 PX4 GB . -25.29 5.22 35.31
C32 PX4 GB . -25.65 4.73 36.72
C33 PX4 GB . -24.37 4.82 37.56
C34 PX4 GB . -24.66 4.17 38.92
C35 PX4 GB . -23.47 4.28 39.86
C36 PX4 GB . -22.96 5.72 39.86
O1 PX4 HB . -9.24 29.22 17.31
O2 PX4 HB . -6.95 28.33 18.43
P1 PX4 HB . -8.24 29.08 18.38
O3 PX4 HB . -9.05 28.39 19.59
C1 PX4 HB . -9.23 27.04 19.15
C2 PX4 HB . -9.75 26.11 20.25
N1 PX4 HB . -10.96 26.37 21.05
C3 PX4 HB . -10.66 27.14 22.26
C4 PX4 HB . -11.98 27.03 20.23
C5 PX4 HB . -11.65 25.17 21.54
O4 PX4 HB . -7.96 30.51 19.06
C6 PX4 HB . -9.21 31.16 19.28
C7 PX4 HB . -9.65 31.14 20.75
C8 PX4 HB . -8.45 31.62 21.57
O5 PX4 HB . -8.80 32.07 22.89
C9 PX4 HB . -8.92 33.37 23.23
O6 PX4 HB . -8.40 34.28 22.59
C10 PX4 HB . -9.38 33.55 24.69
C11 PX4 HB . -8.38 32.88 25.62
C12 PX4 HB . -8.44 33.28 27.09
C13 PX4 HB . -7.48 32.60 28.07
C14 PX4 HB . -7.62 33.36 29.39
C15 PX4 HB . -6.57 32.85 30.38
C16 PX4 HB . -6.98 33.54 31.68
C17 PX4 HB . -5.91 33.50 32.77
C18 PX4 HB . -6.35 34.09 34.10
C19 PX4 HB . -5.28 34.10 35.19
C20 PX4 HB . -5.72 34.87 36.45
C21 PX4 HB . -6.98 34.23 37.03
C22 PX4 HB . -7.43 34.87 38.35
O7 PX4 HB . -10.88 31.81 21.08
C23 PX4 HB . -11.94 30.97 21.07
O8 PX4 HB . -11.95 29.95 20.40
C24 PX4 HB . -13.21 31.48 21.78
C25 PX4 HB . -13.19 31.54 23.30
C26 PX4 HB . -14.51 32.13 23.83
C27 PX4 HB . -14.39 31.99 25.35
C28 PX4 HB . -13.22 32.89 25.74
C29 PX4 HB . -13.34 33.35 27.19
C30 PX4 HB . -12.47 34.58 27.43
C31 PX4 HB . -12.55 35.03 28.88
C32 PX4 HB . -11.57 34.28 29.78
C33 PX4 HB . -11.91 34.41 31.27
C34 PX4 HB . -10.91 33.62 32.12
C35 PX4 HB . -11.12 34.01 33.58
C36 PX4 HB . -10.17 33.21 34.49
O1 PX4 IB . -9.52 21.23 17.99
O2 PX4 IB . -11.06 23.30 18.05
P1 PX4 IB . -10.14 22.35 18.73
O3 PX4 IB . -8.77 23.17 18.89
C1 PX4 IB . -8.32 23.42 17.55
C2 PX4 IB . -6.81 23.67 17.46
N1 PX4 IB . -5.81 22.64 17.81
C3 PX4 IB . -5.81 22.33 19.25
C4 PX4 IB . -6.06 21.40 17.07
C5 PX4 IB . -4.49 23.17 17.43
O4 PX4 IB . -10.28 22.15 20.33
C6 PX4 IB . -9.75 20.86 20.69
C7 PX4 IB . -9.29 20.87 22.15
C8 PX4 IB . -9.01 22.35 22.40
O5 PX4 IB . -7.83 22.62 23.17
C9 PX4 IB . -7.69 23.93 23.54
O6 PX4 IB . -8.47 24.75 23.07
C10 PX4 IB . -6.82 24.17 24.79
C11 PX4 IB . -5.36 24.51 24.51
C12 PX4 IB . -4.51 24.22 25.75
C13 PX4 IB . -4.71 22.77 26.20
C14 PX4 IB . -3.58 22.62 27.24
C15 PX4 IB . -2.23 22.72 26.57
C16 PX4 IB . -1.19 22.69 27.70
C17 PX4 IB . 0.25 22.82 27.23
C18 PX4 IB . 0.47 24.15 26.50
C19 PX4 IB . 1.93 24.35 26.09
C20 PX4 IB . 1.98 25.47 25.07
C21 PX4 IB . 3.47 25.76 24.84
C22 PX4 IB . 3.82 26.96 23.94
O7 PX4 IB . -10.29 20.20 22.92
C23 PX4 IB . -9.98 19.01 23.52
O8 PX4 IB . -9.62 18.10 22.78
C24 PX4 IB . -11.04 18.66 24.57
C25 PX4 IB . -11.26 19.80 25.59
C26 PX4 IB . -10.12 19.79 26.61
C27 PX4 IB . -10.13 21.15 27.30
C28 PX4 IB . -10.07 20.96 28.81
C29 PX4 IB . -8.76 20.43 29.39
C30 PX4 IB . -7.55 21.33 29.09
C31 PX4 IB . -6.31 20.70 29.74
C32 PX4 IB . -5.88 19.37 29.12
C33 PX4 IB . -4.55 18.86 29.71
C34 PX4 IB . -3.99 17.73 28.83
C35 PX4 IB . -2.49 17.46 29.02
C36 PX4 IB . -2.24 16.34 28.00
O1 PX4 JB . 15.91 12.21 18.82
O2 PX4 JB . 14.72 13.60 16.97
P1 PX4 JB . 14.84 13.13 18.37
O3 PX4 JB . 15.08 14.38 19.34
C1 PX4 JB . 16.42 14.86 19.25
C2 PX4 JB . 17.02 15.41 20.55
N1 PX4 JB . 18.44 15.77 20.50
C3 PX4 JB . 19.07 16.08 21.79
C4 PX4 JB . 19.30 14.72 19.93
C5 PX4 JB . 18.57 17.02 19.74
O4 PX4 JB . 13.35 12.68 18.76
C6 PX4 JB . 13.40 12.47 20.17
C7 PX4 JB . 12.40 13.42 20.84
C8 PX4 JB . 11.17 12.61 21.22
O5 PX4 JB . 11.48 11.30 21.70
C9 PX4 JB . 10.48 10.39 21.92
O6 PX4 JB . 9.31 10.77 21.76
C10 PX4 JB . 10.98 8.96 21.85
C11 PX4 JB . 10.45 8.18 23.05
C12 PX4 JB . 11.48 7.25 23.71
C13 PX4 JB . 10.90 6.39 24.82
C14 PX4 JB . 11.62 5.06 24.95
C15 PX4 JB . 10.97 4.16 26.02
C16 PX4 JB . 10.76 4.95 27.31
C17 PX4 JB . 10.06 4.19 28.44
C18 PX4 JB . 10.92 3.06 29.01
C19 PX4 JB . 10.02 2.26 29.96
C20 PX4 JB . 10.94 1.22 30.59
C21 PX4 JB . 10.33 0.21 31.57
C22 PX4 JB . 9.31 -0.64 30.79
O7 PX4 JB . 12.92 14.18 21.94
C23 PX4 JB . 12.57 15.49 21.89
O8 PX4 JB . 11.61 15.84 21.20
C24 PX4 JB . 13.02 16.42 23.02
C25 PX4 JB . 11.98 16.27 24.13
C26 PX4 JB . 12.52 16.62 25.51
C27 PX4 JB . 11.44 16.43 26.58
C28 PX4 JB . 11.87 17.05 27.91
C29 PX4 JB . 12.91 16.19 28.62
C30 PX4 JB . 13.18 16.59 30.08
C31 PX4 JB . 11.84 16.71 30.82
C32 PX4 JB . 12.09 17.18 32.25
C33 PX4 JB . 10.80 17.18 33.09
C34 PX4 JB . 10.33 15.74 33.25
C35 PX4 JB . 9.16 15.61 34.24
C36 PX4 JB . 8.97 14.13 34.63
O1 PX4 KB . -0.15 10.85 17.26
O2 PX4 KB . -1.09 10.95 14.78
P1 PX4 KB . -0.79 10.27 16.05
O3 PX4 KB . -2.22 9.72 16.51
C1 PX4 KB . -3.18 10.72 16.83
C2 PX4 KB . -4.62 10.23 16.91
N1 PX4 KB . -5.12 9.46 15.76
C3 PX4 KB . -4.86 10.15 14.48
C4 PX4 KB . -4.65 8.05 15.73
C5 PX4 KB . -6.57 9.43 15.93
O4 PX4 KB . -0.05 8.91 15.60
C6 PX4 KB . -0.71 7.85 16.30
C7 PX4 KB . -0.27 7.41 17.70
C8 PX4 KB . 1.12 8.00 17.94
O5 PX4 KB . 2.07 6.99 18.31
C9 PX4 KB . 3.08 7.48 19.06
O6 PX4 KB . 3.18 8.65 19.44
C10 PX4 KB . 4.21 6.46 19.11
C11 PX4 KB . 4.69 6.03 20.51
C12 PX4 KB . 5.25 7.18 21.36
C13 PX4 KB . 5.45 6.66 22.78
C14 PX4 KB . 6.05 7.83 23.57
C15 PX4 KB . 5.96 7.47 25.05
C16 PX4 KB . 7.00 6.44 25.51
C17 PX4 KB . 6.53 5.71 26.76
C18 PX4 KB . 5.76 4.47 26.33
C19 PX4 KB . 5.29 3.73 27.58
C20 PX4 KB . 4.52 2.46 27.14
C21 PX4 KB . 4.21 1.65 28.39
C22 PX4 KB . 3.60 2.60 29.43
O7 PX4 KB . -1.08 7.99 18.73
C23 PX4 KB . -2.24 7.36 19.09
O8 PX4 KB . -2.62 6.43 18.37
C24 PX4 KB . -3.16 8.12 20.05
C25 PX4 KB . -2.86 7.55 21.43
C26 PX4 KB . -3.51 8.41 22.53
C27 PX4 KB . -2.95 7.94 23.88
C28 PX4 KB . -3.35 8.79 25.08
C29 PX4 KB . -3.25 7.94 26.35
C30 PX4 KB . -3.65 8.82 27.56
C31 PX4 KB . -3.48 8.02 28.85
C32 PX4 KB . -3.84 8.86 30.08
C33 PX4 KB . -3.49 8.13 31.38
C34 PX4 KB . -3.19 9.11 32.52
C35 PX4 KB . -2.01 10.03 32.20
C36 PX4 KB . -0.51 9.74 32.32
O1 PX4 LB . 15.83 -8.04 19.38
O2 PX4 LB . 17.24 -5.93 19.81
P1 PX4 LB . 16.93 -7.35 20.08
O3 PX4 LB . 18.11 -8.19 19.38
C1 PX4 LB . 17.93 -8.02 17.98
C2 PX4 LB . 19.17 -8.36 17.13
N1 PX4 LB . 19.39 -9.78 16.82
C3 PX4 LB . 19.31 -10.74 17.94
C4 PX4 LB . 18.47 -10.24 15.77
C5 PX4 LB . 20.72 -9.86 16.18
O4 PX4 LB . 17.11 -7.84 21.60
C6 PX4 LB . 17.34 -9.25 21.51
C7 PX4 LB . 18.19 -9.75 22.70
C8 PX4 LB . 19.12 -8.60 23.06
O5 PX4 LB . 20.47 -8.73 22.63
C9 PX4 LB . 21.17 -7.57 22.82
O6 PX4 LB . 20.61 -6.48 22.97
C10 PX4 LB . 22.69 -7.58 22.60
C11 PX4 LB . 23.28 -8.91 23.07
C12 PX4 LB . 24.77 -8.98 22.76
C13 PX4 LB . 25.52 -10.26 23.11
C14 PX4 LB . 26.95 -9.69 23.09
C15 PX4 LB . 27.91 -10.83 23.41
C16 PX4 LB . 29.27 -10.23 23.79
C17 PX4 LB . 30.35 -11.21 24.28
C18 PX4 LB . 30.00 -11.98 25.55
C19 PX4 LB . 31.16 -12.87 25.98
C20 PX4 LB . 31.68 -13.71 24.80
C21 PX4 LB . 32.41 -15.00 25.21
C22 PX4 LB . 31.69 -15.85 26.24
O7 PX4 LB . 17.48 -10.30 23.81
C23 PX4 LB . 16.67 -11.38 23.61
O8 PX4 LB . 16.82 -12.04 22.59
C24 PX4 LB . 15.63 -11.73 24.70
C25 PX4 LB . 14.18 -11.40 24.39
C26 PX4 LB . 13.07 -12.03 25.25
C27 PX4 LB . 11.73 -12.03 24.47
C28 PX4 LB . 10.67 -12.66 25.36
C29 PX4 LB . 10.89 -14.18 25.40
C30 PX4 LB . 9.99 -14.90 26.41
C31 PX4 LB . 10.41 -16.37 26.35
C32 PX4 LB . 9.47 -17.09 27.30
C33 PX4 LB . 10.02 -18.49 27.60
C34 PX4 LB . 9.02 -19.32 28.40
C35 PX4 LB . 9.71 -20.64 28.78
C36 PX4 LB . 8.75 -21.45 29.66
O1 PX4 MB . 23.69 3.45 17.89
O2 PX4 MB . 22.48 3.57 15.64
P1 PX4 MB . 22.50 3.85 17.11
O3 PX4 MB . 22.26 5.44 17.29
C1 PX4 MB . 21.36 5.89 16.28
C2 PX4 MB . 21.08 7.40 16.45
N1 PX4 MB . 20.08 8.09 15.62
C3 PX4 MB . 20.11 7.58 14.24
C4 PX4 MB . 18.70 7.99 16.13
C5 PX4 MB . 20.39 9.53 15.57
O4 PX4 MB . 21.10 3.40 17.73
C6 PX4 MB . 21.09 3.51 19.15
C7 PX4 MB . 19.76 4.01 19.71
C8 PX4 MB . 18.82 2.81 19.82
O5 PX4 MB . 19.47 1.62 20.29
C9 PX4 MB . 18.94 0.39 20.05
O6 PX4 MB . 17.88 0.14 19.50
C10 PX4 MB . 19.70 -0.78 20.68
C11 PX4 MB . 19.10 -1.13 22.03
C12 PX4 MB . 19.88 -2.17 22.84
C13 PX4 MB . 19.33 -2.55 24.23
C14 PX4 MB . 20.26 -3.56 24.90
C15 PX4 MB . 20.15 -3.56 26.43
C16 PX4 MB . 21.24 -4.43 27.05
C17 PX4 MB . 22.71 -4.02 26.84
C18 PX4 MB . 23.52 -4.89 25.86
C19 PX4 MB . 24.99 -4.48 25.75
C20 PX4 MB . 25.71 -5.47 24.84
C21 PX4 MB . 27.17 -5.02 24.66
C22 PX4 MB . 28.00 -5.86 23.69
O7 PX4 MB . 20.00 4.78 20.89
C23 PX4 MB . 19.03 5.52 21.51
O8 PX4 MB . 18.05 5.82 20.86
C24 PX4 MB . 19.43 6.04 22.90
C25 PX4 MB . 19.62 5.04 24.03
C26 PX4 MB . 19.98 5.84 25.28
C27 PX4 MB . 20.02 4.90 26.49
C28 PX4 MB . 20.61 5.61 27.71
C29 PX4 MB . 20.75 4.59 28.83
C30 PX4 MB . 21.62 5.24 29.92
C31 PX4 MB . 21.65 4.27 31.11
C32 PX4 MB . 22.53 4.96 32.16
C33 PX4 MB . 21.80 6.25 32.50
C34 PX4 MB . 22.68 7.11 33.41
C35 PX4 MB . 23.81 7.72 32.58
C36 PX4 MB . 24.82 8.61 33.30
O1 PX4 NB . -19.35 14.75 22.81
O2 PX4 NB . -21.48 14.40 21.34
P1 PX4 NB . -20.73 15.13 22.40
O3 PX4 NB . -20.50 16.56 21.70
C1 PX4 NB . -19.56 16.14 20.71
C2 PX4 NB . -19.01 17.30 19.88
N1 PX4 NB . -17.86 18.07 20.36
C3 PX4 NB . -17.60 19.19 19.44
C4 PX4 NB . -18.09 18.70 21.68
C5 PX4 NB . -16.64 17.26 20.33
O4 PX4 NB . -21.48 15.51 23.77
C6 PX4 NB . -20.65 16.37 24.54
C7 PX4 NB . -21.33 16.90 25.80
C8 PX4 NB . -22.81 16.60 25.62
O5 PX4 NB . -23.55 17.75 25.22
C9 PX4 NB . -24.84 17.43 24.98
O6 PX4 NB . -25.24 16.30 24.70
C10 PX4 NB . -25.74 18.64 24.68
C11 PX4 NB . -27.10 18.64 25.40
C12 PX4 NB . -26.83 18.76 26.90
C13 PX4 NB . -28.15 18.91 27.65
C14 PX4 NB . -27.97 19.52 29.04
C15 PX4 NB . -29.32 19.74 29.72
C16 PX4 NB . -29.16 20.63 30.96
C17 PX4 NB . -30.48 20.77 31.72
C18 PX4 NB . -30.36 21.77 32.87
C19 PX4 NB . -31.52 21.88 33.85
C20 PX4 NB . -31.32 22.94 34.93
C21 PX4 NB . -30.08 22.86 35.84
C22 PX4 NB . -30.10 23.99 36.87
O7 PX4 NB . -20.85 16.29 27.01
C23 PX4 NB . -19.89 16.93 27.74
O8 PX4 NB . -19.72 18.13 27.70
C24 PX4 NB . -19.46 16.17 29.00
C25 PX4 NB . -20.47 16.07 30.16
C26 PX4 NB . -20.03 15.13 31.29
C27 PX4 NB . -21.23 14.78 32.18
C28 PX4 NB . -20.78 13.81 33.28
C29 PX4 NB . -22.01 13.48 34.12
C30 PX4 NB . -22.25 14.73 34.98
C31 PX4 NB . -23.24 14.50 36.14
C32 PX4 NB . -23.84 15.84 36.56
C33 PX4 NB . -24.85 15.67 37.70
C34 PX4 NB . -25.06 17.02 38.38
C35 PX4 NB . -26.23 16.93 39.37
C36 PX4 NB . -26.30 18.27 40.11
O1 PX4 OB . -17.44 23.85 21.30
O2 PX4 OB . -15.82 21.88 20.98
P1 PX4 OB . -16.67 22.73 21.86
O3 PX4 OB . -17.92 21.81 22.27
C1 PX4 OB . -18.88 22.56 23.02
C2 PX4 OB . -20.08 21.68 23.40
N1 PX4 OB . -20.88 22.12 24.55
C3 PX4 OB . -20.05 22.54 25.69
C4 PX4 OB . -22.02 23.00 24.25
C5 PX4 OB . -21.54 20.91 25.06
O4 PX4 OB . -16.01 23.06 23.29
C6 PX4 OB . -15.25 21.99 23.85
C7 PX4 OB . -14.64 22.25 25.22
C8 PX4 OB . -13.88 23.57 25.21
O5 PX4 OB . -12.83 23.66 26.17
C9 PX4 OB . -11.88 24.59 25.91
O6 PX4 OB . -11.96 25.32 24.92
C10 PX4 OB . -10.75 24.66 26.95
C11 PX4 OB . -9.95 25.97 26.97
C12 PX4 OB . -8.81 26.11 27.98
C13 PX4 OB . -9.49 26.19 29.35
C14 PX4 OB . -8.44 26.19 30.44
C15 PX4 OB . -9.15 26.89 31.61
C16 PX4 OB . -10.43 26.14 31.94
C17 PX4 OB . -11.53 27.04 32.50
C18 PX4 OB . -11.05 27.64 33.81
C19 PX4 OB . -12.19 28.40 34.50
C20 PX4 OB . -11.89 28.86 35.93
C21 PX4 OB . -10.59 29.65 35.95
C22 PX4 OB . -10.17 30.10 37.36
O7 PX4 OB . -15.55 22.06 26.33
C23 PX4 OB . -16.06 20.85 26.67
O8 PX4 OB . -16.15 19.92 25.86
C24 PX4 OB . -16.76 20.83 28.02
C25 PX4 OB . -16.80 19.44 28.68
C26 PX4 OB . -15.46 19.08 29.35
C27 PX4 OB . -15.42 17.74 30.07
C28 PX4 OB . -15.98 17.76 31.49
C29 PX4 OB . -16.20 16.36 32.07
C30 PX4 OB . -16.94 16.48 33.41
C31 PX4 OB . -16.68 15.32 34.37
C32 PX4 OB . -17.54 15.47 35.64
C33 PX4 OB . -17.46 14.13 36.39
C34 PX4 OB . -18.57 13.96 37.41
C35 PX4 OB . -18.71 12.53 37.95
C36 PX4 OB . -19.72 12.46 39.09
O1 PX4 PB . 10.72 24.49 47.39
O2 PX4 PB . 8.44 23.23 47.41
P1 PX4 PB . 9.82 23.42 46.90
O3 PX4 PB . 10.57 22.02 47.20
C1 PX4 PB . 10.09 21.12 46.19
C2 PX4 PB . 10.93 19.85 46.22
N1 PX4 PB . 10.23 18.57 46.21
C3 PX4 PB . 9.49 18.36 47.46
C4 PX4 PB . 9.31 18.36 45.10
C5 PX4 PB . 11.25 17.51 46.09
O4 PX4 PB . 10.00 23.49 45.32
C6 PX4 PB . 9.56 24.77 44.87
C7 PX4 PB . 9.11 24.81 43.40
C8 PX4 PB . 9.88 23.71 42.67
O5 PX4 PB . 10.38 23.92 41.34
C9 PX4 PB . 10.86 22.78 40.79
O6 PX4 PB . 11.16 21.82 41.49
C10 PX4 PB . 10.99 22.84 39.26
C11 PX4 PB . 10.86 24.24 38.66
C12 PX4 PB . 10.98 24.38 37.15
C13 PX4 PB . 10.78 25.76 36.52
C14 PX4 PB . 11.80 26.78 37.02
C15 PX4 PB . 11.76 28.06 36.15
C16 PX4 PB . 10.67 29.07 36.53
C17 PX4 PB . 10.58 30.32 35.66
C18 PX4 PB . 11.91 31.07 35.87
C19 PX4 PB . 11.80 32.38 35.08
C20 PX4 PB . 12.95 33.23 35.64
C21 PX4 PB . 12.68 33.58 37.10
C22 PX4 PB . 13.91 34.46 37.41
O7 PX4 PB . 7.70 24.67 43.15
C23 PX4 PB . 6.82 25.65 43.43
O8 PX4 PB . 7.07 26.60 44.17
C24 PX4 PB . 5.36 25.36 43.03
C25 PX4 PB . 4.52 24.68 44.10
C26 PX4 PB . 3.04 24.96 43.81
C27 PX4 PB . 2.46 24.25 42.57
C28 PX4 PB . 1.01 24.68 42.37
C29 PX4 PB . 0.55 24.40 40.94
C30 PX4 PB . 1.47 24.87 39.82
C31 PX4 PB . 0.64 24.86 38.55
C32 PX4 PB . 1.51 24.96 37.28
C33 PX4 PB . 0.72 25.11 35.97
C34 PX4 PB . 1.64 25.31 34.76
C35 PX4 PB . 0.89 25.48 33.43
C36 PX4 PB . 1.88 25.72 32.29
O1 PX4 QB . 24.13 20.26 41.53
O2 PX4 QB . 22.26 19.29 39.84
P1 PX4 QB . 23.50 20.01 40.22
O3 PX4 QB . 24.48 18.88 39.61
C1 PX4 QB . 24.53 17.68 40.41
C2 PX4 QB . 25.24 16.44 39.86
N1 PX4 QB . 24.71 15.91 38.59
C3 PX4 QB . 25.18 16.66 37.42
C4 PX4 QB . 25.29 14.57 38.41
C5 PX4 QB . 23.25 15.90 38.63
O4 PX4 QB . 24.04 21.08 39.15
C6 PX4 QB . 23.65 20.55 37.88
C7 PX4 QB . 23.32 21.73 36.95
C8 PX4 QB . 24.57 22.03 36.14
O5 PX4 QB . 25.16 20.91 35.48
C9 PX4 QB . 26.51 20.99 35.57
O6 PX4 QB . 26.96 21.87 36.31
C10 PX4 QB . 27.31 19.72 35.27
C11 PX4 QB . 28.72 20.01 34.71
C12 PX4 QB . 28.82 20.37 33.23
C13 PX4 QB . 28.29 19.28 32.30
C14 PX4 QB . 28.65 19.62 30.86
C15 PX4 QB . 28.11 18.45 30.05
C16 PX4 QB . 26.58 18.44 30.12
C17 PX4 QB . 25.95 17.35 29.24
C18 PX4 QB . 24.42 17.34 29.38
C19 PX4 QB . 23.69 18.64 29.03
C20 PX4 QB . 23.85 18.97 27.55
C21 PX4 QB . 23.54 20.44 27.26
C22 PX4 QB . 23.84 20.70 25.79
O7 PX4 QB . 22.16 21.63 36.12
C23 PX4 QB . 20.93 21.58 36.70
O8 PX4 QB . 20.85 21.73 37.91
C24 PX4 QB . 19.77 21.56 35.69
C25 PX4 QB . 18.47 20.93 36.19
C26 PX4 QB . 17.51 20.83 35.01
C27 PX4 QB . 16.21 20.21 35.56
C28 PX4 QB . 14.94 20.34 34.71
C29 PX4 QB . 13.60 19.99 35.37
C30 PX4 QB . 12.43 20.72 34.70
C31 PX4 QB . 11.16 20.17 35.36
C32 PX4 QB . 9.98 21.11 35.08
C33 PX4 QB . 8.73 20.28 35.33
C34 PX4 QB . 8.45 20.24 36.84
C35 PX4 QB . 7.20 19.44 37.20
C36 PX4 QB . 7.33 18.03 36.63
O1 PX4 RB . 18.29 12.15 39.29
O2 PX4 RB . 20.83 11.97 38.86
P1 PX4 RB . 19.56 12.72 38.81
O3 PX4 RB . 19.68 13.97 39.83
C1 PX4 RB . 19.97 13.44 41.13
C2 PX4 RB . 19.31 14.23 42.28
N1 PX4 RB . 17.88 14.05 42.53
C3 PX4 RB . 17.45 12.67 42.82
C4 PX4 RB . 17.48 14.77 43.73
C5 PX4 RB . 17.01 14.59 41.47
O4 PX4 RB . 19.33 13.55 37.44
C6 PX4 RB . 18.47 14.65 37.75
C7 PX4 RB . 18.31 15.57 36.54
C8 PX4 RB . 19.32 15.14 35.47
O5 PX4 RB . 20.12 16.15 34.84
C9 PX4 RB . 21.47 16.02 34.93
O6 PX4 RB . 21.89 15.01 35.49
C10 PX4 RB . 22.32 16.97 34.07
C11 PX4 RB . 23.04 18.20 34.63
C12 PX4 RB . 23.20 19.15 33.43
C13 PX4 RB . 21.77 19.44 32.92
C14 PX4 RB . 21.75 20.45 31.77
C15 PX4 RB . 20.35 20.50 31.18
C16 PX4 RB . 19.93 19.15 30.58
C17 PX4 RB . 18.51 19.22 30.02
C18 PX4 RB . 17.64 19.27 31.28
C19 PX4 RB . 16.13 19.24 31.00
C20 PX4 RB . 15.76 20.42 30.10
C21 PX4 RB . 14.25 20.54 29.97
C22 PX4 RB . 13.60 21.04 31.27
O7 PX4 RB . 16.96 15.40 36.10
C23 PX4 RB . 15.89 16.07 36.59
O8 PX4 RB . 16.01 16.88 37.51
C24 PX4 RB . 14.66 16.00 35.70
C25 PX4 RB . 14.11 14.55 35.64
C26 PX4 RB . 13.34 14.33 36.93
C27 PX4 RB . 12.53 13.05 36.77
C28 PX4 RB . 13.40 12.10 35.95
C29 PX4 RB . 12.78 10.71 35.79
C30 PX4 RB . 13.62 9.98 34.74
C31 PX4 RB . 15.11 9.80 35.02
C32 PX4 RB . 15.58 8.66 34.11
C33 PX4 RB . 16.80 7.94 34.66
C34 PX4 RB . 17.40 6.90 33.72
C35 PX4 RB . 18.60 6.15 34.30
C36 PX4 RB . 18.19 5.52 35.63
O1 PX4 SB . -18.63 25.71 57.07
O2 PX4 SB . -20.78 24.19 57.06
P1 PX4 SB . -19.40 24.51 56.62
O3 PX4 SB . -18.55 23.29 57.23
C1 PX4 SB . -18.79 23.12 58.64
C2 PX4 SB . -18.14 21.86 59.23
N1 PX4 SB . -18.50 20.54 58.67
C3 PX4 SB . -18.12 20.26 57.27
C4 PX4 SB . -18.11 19.49 59.59
C5 PX4 SB . -19.96 20.44 58.78
O4 PX4 SB . -19.28 24.09 55.08
C6 PX4 SB . -20.09 22.95 54.77
C7 PX4 SB . -20.10 22.53 53.29
C8 PX4 SB . -19.03 23.48 52.74
O5 PX4 SB . -19.06 23.59 51.30
C9 PX4 SB . -17.83 23.51 50.75
O6 PX4 SB . -16.92 23.74 51.54
C10 PX4 SB . -17.62 23.31 49.24
C11 PX4 SB . -16.67 22.15 48.91
C12 PX4 SB . -16.39 22.17 47.40
C13 PX4 SB . -15.25 21.16 47.17
C14 PX4 SB . -14.72 20.93 45.76
C15 PX4 SB . -13.47 20.03 45.67
C16 PX4 SB . -12.88 19.75 44.30
C17 PX4 SB . -14.07 19.25 43.47
C18 PX4 SB . -13.67 18.80 42.08
C19 PX4 SB . -14.73 18.01 41.28
C20 PX4 SB . -14.08 17.42 40.02
C21 PX4 SB . -15.01 16.48 39.25
C22 PX4 SB . -14.25 16.22 37.95
O7 PX4 SB . -19.61 21.21 53.07
C23 PX4 SB . -20.25 20.03 53.23
O8 PX4 SB . -21.16 19.90 54.05
C24 PX4 SB . -19.63 18.82 52.55
C25 PX4 SB . -18.91 19.29 51.28
C26 PX4 SB . -18.39 18.08 50.49
C27 PX4 SB . -17.70 18.44 49.18
C28 PX4 SB . -17.46 17.16 48.37
C29 PX4 SB . -16.53 16.12 49.00
C30 PX4 SB . -16.31 14.97 47.99
C31 PX4 SB . -17.66 14.51 47.45
C32 PX4 SB . -17.47 13.18 46.70
C33 PX4 SB . -18.78 12.79 46.04
C34 PX4 SB . -18.59 11.49 45.25
C35 PX4 SB . -19.92 10.72 45.20
C36 PX4 SB . -19.78 9.53 44.24
O1 PX4 TB . 44.20 11.19 40.61
O2 PX4 TB . 45.74 13.25 41.29
P1 PX4 TB . 44.88 12.47 40.35
O3 PX4 TB . 43.62 13.34 39.83
C1 PX4 TB . 43.74 14.66 40.38
C2 PX4 TB . 43.21 15.59 39.30
N1 PX4 TB . 43.56 16.99 39.54
C3 PX4 TB . 43.00 17.63 40.74
C4 PX4 TB . 45.00 17.30 39.58
C5 PX4 TB . 42.97 17.77 38.44
O4 PX4 TB . 45.62 12.36 38.92
C6 PX4 TB . 44.84 11.62 37.96
C7 PX4 TB . 45.09 11.92 36.48
C8 PX4 TB . 45.50 13.39 36.33
O5 PX4 TB . 44.67 14.23 35.52
C9 PX4 TB . 44.89 15.57 35.56
O6 PX4 TB . 45.37 16.04 36.59
C10 PX4 TB . 43.91 16.46 34.79
C11 PX4 TB . 44.40 16.55 33.34
C12 PX4 TB . 43.38 17.38 32.55
C13 PX4 TB . 43.89 17.75 31.16
C14 PX4 TB . 42.88 18.21 30.11
C15 PX4 TB . 43.51 18.31 28.72
C16 PX4 TB . 42.51 18.92 27.74
C17 PX4 TB . 43.20 19.42 26.46
C18 PX4 TB . 42.38 19.94 25.29
C19 PX4 TB . 43.13 20.87 24.32
C20 PX4 TB . 42.16 21.05 23.17
C21 PX4 TB . 42.69 22.05 22.13
C22 PX4 TB . 41.79 21.86 20.91
O7 PX4 TB . 45.91 11.01 35.75
C23 PX4 TB . 45.29 9.87 35.34
O8 PX4 TB . 44.36 9.42 36.01
C24 PX4 TB . 45.98 9.24 34.12
C25 PX4 TB . 45.12 9.33 32.86
C26 PX4 TB . 45.90 9.16 31.56
C27 PX4 TB . 44.86 9.28 30.44
C28 PX4 TB . 45.51 9.14 29.06
C29 PX4 TB . 44.42 9.50 28.04
C30 PX4 TB . 44.76 9.06 26.61
C31 PX4 TB . 43.59 8.95 25.62
C32 PX4 TB . 44.09 8.16 24.40
C33 PX4 TB . 43.02 7.94 23.34
C34 PX4 TB . 42.74 9.33 22.74
C35 PX4 TB . 41.81 9.27 21.52
C36 PX4 TB . 42.61 8.37 20.59
O1 PX4 UB . -32.16 -4.01 63.07
O2 PX4 UB . -29.98 -5.02 61.97
P1 PX4 UB . -31.25 -4.25 61.93
O3 PX4 UB . -30.91 -2.76 61.43
C1 PX4 UB . -31.56 -1.74 62.18
C2 PX4 UB . -31.77 -0.33 61.62
N1 PX4 UB . -30.63 0.56 61.33
C3 PX4 UB . -30.01 0.22 60.05
C4 PX4 UB . -31.17 1.90 61.05
C5 PX4 UB . -29.61 0.84 62.37
O4 PX4 UB . -32.01 -4.55 60.55
C6 PX4 UB . -31.07 -4.42 59.50
C7 PX4 UB . -31.59 -4.23 58.07
C8 PX4 UB . -33.02 -4.75 58.22
O5 PX4 UB . -33.45 -5.50 57.08
C9 PX4 UB . -34.72 -5.99 57.01
O6 PX4 UB . -35.54 -5.75 57.88
C10 PX4 UB . -35.14 -6.79 55.78
C11 PX4 UB . -35.44 -5.84 54.63
C12 PX4 UB . -36.21 -6.39 53.42
C13 PX4 UB . -36.49 -5.19 52.52
C14 PX4 UB . -37.03 -5.76 51.21
C15 PX4 UB . -37.71 -4.64 50.44
C16 PX4 UB . -38.38 -5.18 49.18
C17 PX4 UB . -38.89 -4.08 48.24
C18 PX4 UB . -37.74 -3.31 47.57
C19 PX4 UB . -38.22 -2.12 46.73
C20 PX4 UB . -37.26 -1.52 45.70
C21 PX4 UB . -37.99 -0.50 44.83
C22 PX4 UB . -37.02 -0.09 43.71
O7 PX4 UB . -31.29 -2.89 57.70
C23 PX4 UB . -30.33 -2.66 56.76
O8 PX4 UB . -29.43 -3.48 56.66
C24 PX4 UB . -30.23 -1.29 56.09
C25 PX4 UB . -30.67 -1.21 54.62
C26 PX4 UB . -31.14 0.15 54.12
C27 PX4 UB . -31.74 0.20 52.71
C28 PX4 UB . -32.21 1.62 52.42
C29 PX4 UB . -32.66 1.85 50.98
C30 PX4 UB . -32.92 3.33 50.72
C31 PX4 UB . -33.05 3.62 49.23
C32 PX4 UB . -33.48 5.06 48.89
C33 PX4 UB . -33.68 5.19 47.38
C34 PX4 UB . -34.33 6.50 46.93
C35 PX4 UB . -34.38 6.32 45.41
C36 PX4 UB . -33.05 6.13 44.70
O1 PX4 VB . -23.80 -8.95 62.04
O2 PX4 VB . -24.48 -6.41 62.29
P1 PX4 VB . -24.34 -7.67 61.53
O3 PX4 VB . -25.78 -8.10 60.95
C1 PX4 VB . -26.78 -8.07 61.95
C2 PX4 VB . -27.97 -9.03 61.96
N1 PX4 VB . -28.74 -9.20 60.73
C3 PX4 VB . -29.79 -10.17 61.10
C4 PX4 VB . -29.34 -8.00 60.14
C5 PX4 VB . -27.91 -9.83 59.69
O4 PX4 VB . -23.66 -7.12 60.17
C6 PX4 VB . -24.66 -6.66 59.29
C7 PX4 VB . -24.33 -6.29 57.84
C8 PX4 VB . -23.05 -5.46 57.84
O5 PX4 VB . -22.79 -4.43 56.89
C9 PX4 VB . -21.75 -3.58 57.09
O6 PX4 VB . -21.18 -3.64 58.18
C10 PX4 VB . -21.47 -2.67 55.90
C11 PX4 VB . -19.96 -2.54 55.65
C12 PX4 VB . -19.78 -2.38 54.13
C13 PX4 VB . -18.28 -2.53 53.85
C14 PX4 VB . -17.91 -2.24 52.40
C15 PX4 VB . -16.41 -2.10 52.15
C16 PX4 VB . -16.16 -2.19 50.64
C17 PX4 VB . -15.87 -3.61 50.17
C18 PX4 VB . -15.92 -3.76 48.65
C19 PX4 VB . -17.16 -3.08 48.04
C20 PX4 VB . -17.23 -3.35 46.54
C21 PX4 VB . -16.17 -2.47 45.85
C22 PX4 VB . -16.67 -2.45 44.41
O7 PX4 VB . -24.36 -7.42 56.95
C23 PX4 VB . -25.53 -8.03 56.61
O8 PX4 VB . -26.50 -7.94 57.36
C24 PX4 VB . -25.35 -9.01 55.45
C25 PX4 VB . -26.21 -8.59 54.26
C26 PX4 VB . -26.17 -9.62 53.13
C27 PX4 VB . -27.42 -9.44 52.26
C28 PX4 VB . -27.26 -10.21 50.96
C29 PX4 VB . -28.32 -9.91 49.89
C30 PX4 VB . -28.35 -10.84 48.67
C31 PX4 VB . -27.24 -10.53 47.67
C32 PX4 VB . -27.28 -11.25 46.31
C33 PX4 VB . -25.90 -11.37 45.70
C34 PX4 VB . -25.85 -11.88 44.26
C35 PX4 VB . -26.38 -13.33 44.19
C36 PX4 VB . -25.46 -14.36 43.53
O1 PX4 WB . 0.81 39.70 47.59
O2 PX4 WB . -0.76 41.26 46.24
P1 PX4 WB . 0.38 40.32 46.30
O3 PX4 WB . 0.15 39.19 45.18
C1 PX4 WB . -1.19 38.71 45.32
C2 PX4 WB . -1.51 37.47 44.47
N1 PX4 WB . -0.82 36.19 44.69
C3 PX4 WB . -0.67 35.80 46.08
C4 PX4 WB . -1.68 35.18 44.04
C5 PX4 WB . 0.53 36.21 44.12
O4 PX4 WB . 1.61 41.14 45.67
C6 PX4 WB . 1.19 41.74 44.44
C7 PX4 WB . 2.39 42.30 43.67
C8 PX4 WB . 2.78 41.14 42.72
O5 PX4 WB . 1.82 40.43 41.96
C9 PX4 WB . 2.38 39.45 41.20
O6 PX4 WB . 3.45 38.97 41.57
C10 PX4 WB . 1.41 38.80 40.22
C11 PX4 WB . 1.15 37.34 40.55
C12 PX4 WB . 0.04 36.78 39.63
C13 PX4 WB . -0.77 35.65 40.27
C14 PX4 WB . -1.41 34.83 39.13
C15 PX4 WB . -2.19 33.66 39.73
C16 PX4 WB . -3.01 33.11 38.55
C17 PX4 WB . -3.68 31.86 39.12
C18 PX4 WB . -4.81 32.34 40.05
C19 PX4 WB . -5.42 31.11 40.71
C20 PX4 WB . -6.42 31.55 41.80
C21 PX4 WB . -7.06 30.32 42.44
C22 PX4 WB . -5.98 29.47 43.14
O7 PX4 WB . 2.14 43.59 43.10
C23 PX4 WB . 1.87 44.64 43.91
O8 PX4 WB . 1.60 44.59 45.10
C24 PX4 WB . 1.85 46.00 43.21
C25 PX4 WB . 0.61 46.33 42.37
C26 PX4 WB . 0.73 47.72 41.75
C27 PX4 WB . 0.21 47.75 40.31
C28 PX4 WB . 0.15 49.18 39.79
C29 PX4 WB . -0.56 49.10 38.43
C30 PX4 WB . -0.79 50.45 37.74
C31 PX4 WB . -1.59 50.36 36.44
C32 PX4 WB . -0.87 49.43 35.46
C33 PX4 WB . -1.69 49.44 34.17
C34 PX4 WB . -0.85 48.44 33.35
C35 PX4 WB . -1.48 48.24 31.98
C36 PX4 WB . -1.43 49.57 31.20
O1 PX4 XB . -17.59 -9.50 58.96
O2 PX4 XB . -18.83 -10.18 61.18
P1 PX4 XB . -18.06 -10.48 59.96
O3 PX4 XB . -16.57 -10.88 60.45
C1 PX4 XB . -16.69 -11.58 61.69
C2 PX4 XB . -15.44 -12.23 62.28
N1 PX4 XB . -14.96 -13.47 61.65
C3 PX4 XB . -14.69 -13.34 60.21
C4 PX4 XB . -13.67 -13.77 62.30
C5 PX4 XB . -15.87 -14.61 61.75
O4 PX4 XB . -18.30 -11.87 59.16
C6 PX4 XB . -17.55 -12.06 57.97
C7 PX4 XB . -17.81 -13.42 57.30
C8 PX4 XB . -19.34 -13.33 57.18
O5 PX4 XB . -19.96 -12.41 56.28
C9 PX4 XB . -21.30 -12.45 56.05
O6 PX4 XB . -21.91 -13.31 56.69
C10 PX4 XB . -21.89 -11.54 54.97
C11 PX4 XB . -21.19 -11.61 53.61
C12 PX4 XB . -22.11 -11.11 52.48
C13 PX4 XB . -21.46 -11.15 51.10
C14 PX4 XB . -22.45 -10.95 49.95
C15 PX4 XB . -23.28 -9.68 50.14
C16 PX4 XB . -23.70 -9.21 48.75
C17 PX4 XB . -24.26 -7.79 48.74
C18 PX4 XB . -25.07 -7.55 47.47
C19 PX4 XB . -24.15 -7.83 46.28
C20 PX4 XB . -24.84 -7.40 44.98
C21 PX4 XB . -23.78 -7.27 43.88
C22 PX4 XB . -23.13 -8.61 43.51
O7 PX4 XB . -17.12 -13.71 56.08
C23 PX4 XB . -15.90 -14.32 56.16
O8 PX4 XB . -15.44 -14.58 57.26
C24 PX4 XB . -15.28 -14.78 54.84
C25 PX4 XB . -15.37 -16.30 54.71
C26 PX4 XB . -15.15 -16.64 53.24
C27 PX4 XB . -14.86 -18.14 53.07
C28 PX4 XB . -14.76 -18.55 51.59
C29 PX4 XB . -13.48 -18.10 50.89
C30 PX4 XB . -13.33 -18.66 49.47
C31 PX4 XB . -12.12 -18.10 48.72
C32 PX4 XB . -12.07 -18.74 47.34
C33 PX4 XB . -10.92 -18.10 46.55
C34 PX4 XB . -10.78 -18.69 45.15
C35 PX4 XB . -9.77 -18.00 44.22
C36 PX4 XB . -9.69 -18.72 42.87
O1 PX4 YB . 38.12 17.00 43.92
O2 PX4 YB . 39.67 19.05 43.69
P1 PX4 YB . 38.52 18.23 43.21
O3 PX4 YB . 37.25 19.21 43.30
C1 PX4 YB . 37.30 19.80 44.60
C2 PX4 YB . 35.90 20.04 45.21
N1 PX4 YB . 35.21 18.95 45.90
C3 PX4 YB . 36.09 18.36 46.90
C4 PX4 YB . 34.16 19.68 46.65
C5 PX4 YB . 34.57 18.07 44.91
O4 PX4 YB . 38.69 17.94 41.64
C6 PX4 YB . 39.10 19.13 40.98
C7 PX4 YB . 39.03 19.15 39.46
C8 PX4 YB . 37.70 18.48 39.10
O5 PX4 YB . 37.58 17.63 37.97
C9 PX4 YB . 36.33 17.31 37.56
O6 PX4 YB . 35.29 17.68 38.11
C10 PX4 YB . 36.26 16.56 36.22
C11 PX4 YB . 36.04 17.51 35.04
C12 PX4 YB . 36.15 16.73 33.73
C13 PX4 YB . 35.87 17.63 32.52
C14 PX4 YB . 35.78 16.78 31.26
C15 PX4 YB . 37.09 16.12 30.84
C16 PX4 YB . 37.01 15.67 29.39
C17 PX4 YB . 38.25 15.02 28.76
C18 PX4 YB . 39.40 16.02 28.82
C19 PX4 YB . 39.95 15.90 27.39
C20 PX4 YB . 40.81 14.66 27.16
C21 PX4 YB . 41.27 14.61 25.70
C22 PX4 YB . 42.34 13.52 25.64
O7 PX4 YB . 39.23 20.41 38.81
C23 PX4 YB . 40.51 20.86 38.65
O8 PX4 YB . 41.48 20.32 39.17
C24 PX4 YB . 40.71 21.99 37.63
C25 PX4 YB . 40.85 23.35 38.33
C26 PX4 YB . 41.13 24.46 37.32
C27 PX4 YB . 42.48 24.31 36.63
C28 PX4 YB . 42.62 25.47 35.64
C29 PX4 YB . 44.00 25.38 35.01
C30 PX4 YB . 44.21 26.53 34.00
C31 PX4 YB . 44.28 27.92 34.60
C32 PX4 YB . 43.52 28.99 33.82
C33 PX4 YB . 44.07 29.25 32.42
C34 PX4 YB . 43.19 30.39 31.92
C35 PX4 YB . 43.80 31.23 30.79
C36 PX4 YB . 43.02 32.53 30.57
O1 PX4 ZB . 40.52 15.55 41.79
O2 PX4 ZB . 38.15 14.90 41.05
P1 PX4 ZB . 39.60 14.98 40.79
O3 PX4 ZB . 40.15 13.54 40.32
C1 PX4 ZB . 40.49 12.74 41.46
C2 PX4 ZB . 41.11 11.40 41.05
N1 PX4 ZB . 40.48 10.50 40.09
C3 PX4 ZB . 41.18 9.21 40.12
C4 PX4 ZB . 39.03 10.51 40.36
C5 PX4 ZB . 40.91 11.02 38.77
O4 PX4 ZB . 39.90 15.60 39.33
C6 PX4 ZB . 39.32 14.80 38.31
C7 PX4 ZB . 39.69 15.14 36.85
C8 PX4 ZB . 40.25 16.57 36.82
O5 PX4 ZB . 39.62 17.19 35.70
C9 PX4 ZB . 40.07 18.42 35.34
O6 PX4 ZB . 41.12 18.91 35.75
C10 PX4 ZB . 39.36 19.01 34.13
C11 PX4 ZB . 40.44 19.44 33.12
C12 PX4 ZB . 40.08 20.76 32.44
C13 PX4 ZB . 40.04 21.88 33.48
C14 PX4 ZB . 39.40 23.09 32.81
C15 PX4 ZB . 37.90 22.94 32.58
C16 PX4 ZB . 37.57 24.18 31.75
C17 PX4 ZB . 36.06 24.24 31.54
C18 PX4 ZB . 35.73 25.56 30.84
C19 PX4 ZB . 36.40 25.69 29.46
C20 PX4 ZB . 36.06 27.13 29.01
C21 PX4 ZB . 36.31 27.14 27.50
C22 PX4 ZB . 35.49 28.27 26.85
O7 PX4 ZB . 40.68 14.28 36.30
C23 PX4 ZB . 40.30 13.12 35.70
O8 PX4 ZB . 39.15 12.69 35.68
C24 PX4 ZB . 41.49 12.25 35.26
C25 PX4 ZB . 41.79 12.38 33.76
C26 PX4 ZB . 41.92 13.79 33.22
C27 PX4 ZB . 42.30 13.66 31.75
C28 PX4 ZB . 41.04 13.01 31.15
C29 PX4 ZB . 41.35 12.36 29.80
C30 PX4 ZB . 40.16 11.72 29.09
C31 PX4 ZB . 40.35 11.28 27.63
C32 PX4 ZB . 39.00 10.89 27.03
C33 PX4 ZB . 39.13 10.63 25.53
C34 PX4 ZB . 37.85 9.97 25.01
C35 PX4 ZB . 38.06 9.72 23.52
C36 PX4 ZB . 36.80 9.12 22.89
O1 PX4 AC . 38.10 6.50 43.27
O2 PX4 AC . 35.54 6.08 42.70
P1 PX4 AC . 36.95 6.39 42.35
O3 PX4 AC . 37.49 5.31 41.27
C1 PX4 AC . 37.76 4.12 42.01
C2 PX4 AC . 38.57 3.19 41.09
N1 PX4 AC . 40.03 3.14 41.24
C3 PX4 AC . 40.63 4.47 41.28
C4 PX4 AC . 40.54 2.50 42.45
C5 PX4 AC . 40.52 2.41 40.07
O4 PX4 AC . 37.02 7.56 41.26
C6 PX4 AC . 35.80 7.54 40.51
C7 PX4 AC . 36.13 8.03 39.10
C8 PX4 AC . 37.22 7.00 38.75
O5 PX4 AC . 38.35 7.64 38.15
C9 PX4 AC . 39.28 6.73 37.76
O6 PX4 AC . 39.30 5.59 38.26
C10 PX4 AC . 40.28 7.26 36.74
C11 PX4 AC . 39.70 7.64 35.38
C12 PX4 AC . 40.84 8.28 34.58
C13 PX4 AC . 40.37 8.76 33.20
C14 PX4 AC . 39.76 7.62 32.40
C15 PX4 AC . 39.25 8.19 31.07
C16 PX4 AC . 38.61 7.14 30.16
C17 PX4 AC . 38.40 7.59 28.71
C18 PX4 AC . 37.65 6.46 28.01
C19 PX4 AC . 36.40 7.24 27.58
C20 PX4 AC . 35.31 6.39 26.94
C21 PX4 AC . 35.81 5.39 25.89
C22 PX4 AC . 34.69 4.71 25.10
O7 PX4 AC . 35.01 7.95 38.21
C23 PX4 AC . 35.12 8.75 37.11
O8 PX4 AC . 35.86 9.74 37.14
C24 PX4 AC . 33.99 8.83 36.08
C25 PX4 AC . 34.43 7.95 34.90
C26 PX4 AC . 33.57 8.03 33.64
C27 PX4 AC . 34.44 7.60 32.46
C28 PX4 AC . 33.62 7.15 31.25
C29 PX4 AC . 32.75 8.29 30.71
C30 PX4 AC . 32.04 7.72 29.49
C31 PX4 AC . 30.87 8.62 29.06
C32 PX4 AC . 30.06 8.06 27.89
C33 PX4 AC . 28.80 8.94 27.75
C34 PX4 AC . 28.19 8.87 26.35
C35 PX4 AC . 27.11 9.95 26.21
C36 PX4 AC . 26.57 9.93 24.78
O1 PX4 BC . 19.53 -28.01 54.87
O2 PX4 BC . 17.76 -27.69 53.02
P1 PX4 BC . 18.56 -28.57 53.91
O3 PX4 BC . 17.42 -29.49 54.56
C1 PX4 BC . 16.57 -28.55 55.26
C2 PX4 BC . 15.34 -29.43 55.59
N1 PX4 BC . 14.28 -28.80 56.37
C3 PX4 BC . 13.53 -27.71 55.72
C4 PX4 BC . 13.35 -29.86 56.80
C5 PX4 BC . 14.81 -28.26 57.63
O4 PX4 BC . 19.10 -29.87 53.13
C6 PX4 BC . 18.34 -30.01 51.93
C7 PX4 BC . 17.52 -31.29 51.81
C8 PX4 BC . 16.08 -30.85 51.54
O5 PX4 BC . 15.63 -30.93 50.19
C9 PX4 BC . 14.30 -30.62 50.10
O6 PX4 BC . 13.58 -30.70 51.08
C10 PX4 BC . 13.64 -30.54 48.72
C11 PX4 BC . 13.06 -31.89 48.31
C12 PX4 BC . 12.94 -32.08 46.80
C13 PX4 BC . 12.26 -30.94 46.04
C14 PX4 BC . 12.41 -31.10 44.54
C15 PX4 BC . 11.63 -29.98 43.85
C16 PX4 BC . 11.83 -29.89 42.34
C17 PX4 BC . 10.96 -28.75 41.83
C18 PX4 BC . 11.08 -28.57 40.31
C19 PX4 BC . 10.20 -27.47 39.74
C20 PX4 BC . 10.60 -27.35 38.27
C21 PX4 BC . 9.49 -26.64 37.49
C22 PX4 BC . 9.80 -26.54 36.01
O7 PX4 BC . 18.06 -32.23 50.88
C23 PX4 BC . 17.85 -33.57 50.97
O8 PX4 BC . 17.46 -33.97 52.06
C24 PX4 BC . 18.59 -34.50 50.01
C25 PX4 BC . 17.58 -34.86 48.91
C26 PX4 BC . 18.21 -35.57 47.71
C27 PX4 BC . 17.27 -36.41 46.86
C28 PX4 BC . 16.28 -35.41 46.27
C29 PX4 BC . 16.72 -35.16 44.84
C30 PX4 BC . 15.70 -34.24 44.16
C31 PX4 BC . 16.06 -33.93 42.69
C32 PX4 BC . 15.32 -32.76 42.09
C33 PX4 BC . 15.43 -32.73 40.56
C34 PX4 BC . 14.63 -31.69 39.76
C35 PX4 BC . 15.31 -31.58 38.40
C36 PX4 BC . 14.51 -30.55 37.60
O1 PX4 CC . -20.69 5.21 61.04
O2 PX4 CC . -18.44 4.20 60.35
P1 PX4 CC . -19.75 4.76 59.98
O3 PX4 CC . -19.21 6.15 59.42
C1 PX4 CC . -18.43 6.84 60.41
C2 PX4 CC . -18.07 8.26 59.95
N1 PX4 CC . -17.01 8.26 58.93
C3 PX4 CC . -16.70 9.70 58.82
C4 PX4 CC . -15.84 7.48 59.31
C5 PX4 CC . -17.51 7.90 57.59
O4 PX4 CC . -20.47 4.42 58.58
C6 PX4 CC . -19.47 4.55 57.57
C7 PX4 CC . -19.98 4.01 56.23
C8 PX4 CC . -21.27 3.25 56.55
O5 PX4 CC . -21.53 2.11 55.72
C9 PX4 CC . -22.33 2.36 54.66
O6 PX4 CC . -23.08 3.32 54.67
C10 PX4 CC . -22.64 1.08 53.85
C11 PX4 CC . -21.70 0.87 52.66
C12 PX4 CC . -21.94 -0.48 51.99
C13 PX4 CC . -23.18 -0.28 51.11
C14 PX4 CC . -23.40 -1.59 50.35
C15 PX4 CC . -24.59 -1.27 49.41
C16 PX4 CC . -24.94 -2.47 48.53
C17 PX4 CC . -26.15 -2.23 47.60
C18 PX4 CC . -26.59 -3.51 46.89
C19 PX4 CC . -27.94 -3.13 46.28
C20 PX4 CC . -27.72 -2.40 44.96
C21 PX4 CC . -29.03 -2.30 44.16
C22 PX4 CC . -29.40 -3.59 43.42
O7 PX4 CC . -20.10 5.14 55.36
C23 PX4 CC . -19.04 5.46 54.59
O8 PX4 CC . -17.91 5.23 55.04
C24 PX4 CC . -19.37 6.47 53.51
C25 PX4 CC . -18.83 6.18 52.11
C26 PX4 CC . -19.56 5.05 51.40
C27 PX4 CC . -20.95 5.44 50.88
C28 PX4 CC . -21.49 4.20 50.14
C29 PX4 CC . -23.01 4.12 50.02
C30 PX4 CC . -23.49 3.28 48.85
C31 PX4 CC . -25.00 3.13 48.65
C32 PX4 CC . -25.37 2.03 47.66
C33 PX4 CC . -25.50 2.72 46.29
C34 PX4 CC . -26.31 1.81 45.35
C35 PX4 CC . -26.58 2.53 44.02
C36 PX4 CC . -27.54 1.64 43.22
O1 PX4 DC . -20.65 2.34 63.41
O2 PX4 DC . -23.06 3.19 62.87
P1 PX4 DC . -21.87 2.36 62.56
O3 PX4 DC . -22.34 0.89 63.03
C1 PX4 DC . -23.64 0.61 62.53
C2 PX4 DC . -24.12 -0.82 62.85
N1 PX4 DC . -24.66 -1.14 64.16
C3 PX4 DC . -25.88 -0.48 64.63
C4 PX4 DC . -24.93 -2.59 64.22
C5 PX4 DC . -23.60 -1.00 65.19
O4 PX4 DC . -21.65 2.01 61.01
C6 PX4 DC . -20.67 0.98 60.87
C7 PX4 DC . -20.54 0.46 59.44
C8 PX4 DC . -21.94 0.64 58.83
O5 PX4 DC . -22.84 -0.45 58.68
C9 PX4 DC . -23.95 -0.17 57.97
O6 PX4 DC . -24.13 0.97 57.49
C10 PX4 DC . -24.67 -1.41 57.42
C11 PX4 DC . -25.71 -0.87 56.43
C12 PX4 DC . -26.22 -2.12 55.69
C13 PX4 DC . -25.09 -2.77 54.89
C14 PX4 DC . -25.67 -4.00 54.19
C15 PX4 DC . -26.83 -3.65 53.25
C16 PX4 DC . -27.17 -4.76 52.25
C17 PX4 DC . -28.37 -4.30 51.43
C18 PX4 DC . -28.59 -5.46 50.45
C19 PX4 DC . -29.86 -5.46 49.57
C20 PX4 DC . -29.85 -6.75 48.76
C21 PX4 DC . -31.09 -6.85 47.85
C22 PX4 DC . -30.94 -8.24 47.23
O7 PX4 DC . -19.52 1.08 58.65
C23 PX4 DC . -18.31 0.53 58.38
O8 PX4 DC . -17.94 -0.53 58.86
C24 PX4 DC . -17.46 1.24 57.34
C25 PX4 DC . -17.92 1.01 55.89
C26 PX4 DC . -17.03 1.77 54.92
C27 PX4 DC . -17.61 1.43 53.54
C28 PX4 DC . -16.72 2.16 52.54
C29 PX4 DC . -16.85 1.41 51.21
C30 PX4 DC . -18.29 1.58 50.73
C31 PX4 DC . -18.43 0.97 49.33
C32 PX4 DC . -19.74 1.24 48.60
C33 PX4 DC . -19.92 0.05 47.65
C34 PX4 DC . -21.13 0.32 46.73
C35 PX4 DC . -20.98 -0.61 45.53
C36 PX4 DC . -21.85 -0.29 44.32
O1 PX4 EC . 11.95 37.90 48.54
O2 PX4 EC . 12.78 39.28 50.61
P1 PX4 EC . 11.77 38.90 49.61
O3 PX4 EC . 10.77 38.02 50.54
C1 PX4 EC . 10.05 38.97 51.35
C2 PX4 EC . 10.36 38.53 52.78
N1 PX4 EC . 9.81 39.34 53.90
C3 PX4 EC . 10.72 40.47 54.18
C4 PX4 EC . 8.45 39.83 53.67
C5 PX4 EC . 9.63 38.43 55.04
O4 PX4 EC . 10.79 40.12 49.19
C6 PX4 EC . 10.21 39.92 47.90
C7 PX4 EC . 9.17 41.00 47.64
C8 PX4 EC . 9.93 42.31 47.37
O5 PX4 EC . 10.86 42.35 46.29
C9 PX4 EC . 11.30 43.62 46.05
O6 PX4 EC . 11.42 44.48 46.92
C10 PX4 EC . 12.06 43.79 44.75
C11 PX4 EC . 11.25 44.73 43.86
C12 PX4 EC . 11.78 44.70 42.43
C13 PX4 EC . 11.24 45.95 41.72
C14 PX4 EC . 11.48 45.84 40.21
C15 PX4 EC . 10.62 46.58 39.17
C16 PX4 EC . 11.48 46.68 37.92
C17 PX4 EC . 10.67 47.27 36.77
C18 PX4 EC . 11.43 47.07 35.45
C19 PX4 EC . 11.01 47.96 34.27
C20 PX4 EC . 11.83 47.40 33.10
C21 PX4 EC . 11.43 48.24 31.90
C22 PX4 EC . 12.27 47.69 30.73
O7 PX4 EC . 8.25 40.55 46.64
C23 PX4 EC . 7.09 39.94 47.01
O8 PX4 EC . 6.61 40.08 48.13
C24 PX4 EC . 6.44 39.13 45.89
C25 PX4 EC . 5.39 39.96 45.17
C26 PX4 EC . 6.10 40.14 43.82
C27 PX4 EC . 6.45 38.74 43.31
C28 PX4 EC . 7.11 38.78 41.92
C29 PX4 EC . 7.39 37.56 41.06
C30 PX4 EC . 8.01 37.86 39.71
C31 PX4 EC . 8.30 36.52 39.04
C32 PX4 EC . 9.34 35.64 39.76
C33 PX4 EC . 10.66 36.43 39.83
C34 PX4 EC . 11.35 36.24 41.17
C35 PX4 EC . 12.84 36.55 41.25
C36 PX4 EC . 13.38 36.32 42.67
O1 PX4 FC . 1.88 -26.38 59.89
O2 PX4 FC . 4.37 -27.13 59.98
P1 PX4 FC . 3.31 -26.20 59.54
O3 PX4 FC . 3.68 -24.66 59.87
C1 PX4 FC . 2.86 -24.10 60.89
C2 PX4 FC . 3.13 -22.61 61.07
N1 PX4 FC . 4.36 -22.19 61.75
C3 PX4 FC . 4.44 -20.73 61.84
C4 PX4 FC . 4.43 -22.58 63.16
C5 PX4 FC . 5.64 -22.54 61.11
O4 PX4 FC . 3.49 -26.01 57.96
C6 PX4 FC . 2.69 -27.01 57.30
C7 PX4 FC . 2.88 -27.01 55.79
C8 PX4 FC . 2.54 -25.57 55.42
O5 PX4 FC . 1.59 -25.45 54.36
C9 PX4 FC . 0.65 -24.51 54.66
O6 PX4 FC . 0.43 -24.10 55.80
C10 PX4 FC . -0.29 -24.08 53.53
C11 PX4 FC . -1.68 -23.57 53.93
C12 PX4 FC . -2.62 -23.71 52.74
C13 PX4 FC . -2.05 -22.96 51.53
C14 PX4 FC . -2.64 -23.44 50.21
C15 PX4 FC . -2.17 -22.73 48.94
C16 PX4 FC . -2.90 -21.40 48.87
C17 PX4 FC . -4.34 -21.62 48.39
C18 PX4 FC . -5.06 -20.29 48.17
C19 PX4 FC . -5.45 -20.29 46.70
C20 PX4 FC . -5.78 -18.84 46.39
C21 PX4 FC . -5.47 -18.48 44.94
C22 PX4 FC . -5.95 -17.06 44.58
O7 PX4 FC . 4.07 -27.58 55.22
C23 PX4 FC . 4.00 -28.90 54.91
O8 PX4 FC . 3.05 -29.57 55.30
C24 PX4 FC . 5.17 -29.64 54.28
C25 PX4 FC . 5.24 -29.52 52.77
C26 PX4 FC . 4.11 -30.24 52.02
C27 PX4 FC . 4.32 -30.24 50.52
C28 PX4 FC . 3.20 -30.85 49.68
C29 PX4 FC . 3.44 -30.66 48.18
C30 PX4 FC . 2.30 -31.19 47.32
C31 PX4 FC . 2.42 -31.14 45.78
C32 PX4 FC . 1.18 -31.42 44.94
C33 PX4 FC . 1.48 -31.63 43.46
C34 PX4 FC . 0.53 -32.50 42.62
C35 PX4 FC . 1.14 -33.28 41.45
C36 PX4 FC . 0.21 -34.09 40.55
O1 PX4 GC . 22.84 -28.04 52.41
O2 PX4 GC . 22.98 -27.66 49.83
P1 PX4 GC . 22.22 -27.91 51.07
O3 PX4 GC . 21.02 -26.84 51.07
C1 PX4 GC . 21.86 -25.67 51.18
C2 PX4 GC . 21.08 -24.43 50.74
N1 PX4 GC . 19.75 -24.06 51.27
C3 PX4 GC . 18.75 -24.89 50.58
C4 PX4 GC . 19.64 -24.34 52.71
C5 PX4 GC . 19.28 -22.69 51.02
O4 PX4 GC . 21.36 -29.22 50.69
C6 PX4 GC . 21.00 -29.36 49.32
C7 PX4 GC . 20.95 -30.82 48.85
C8 PX4 GC . 19.59 -31.14 48.25
O5 PX4 GC . 18.71 -30.10 47.81
C9 PX4 GC . 17.52 -30.46 47.31
O6 PX4 GC . 17.22 -31.65 47.16
C10 PX4 GC . 16.53 -29.33 47.01
C11 PX4 GC . 16.27 -29.30 45.50
C12 PX4 GC . 15.22 -28.24 45.16
C13 PX4 GC . 15.37 -28.19 43.63
C14 PX4 GC . 14.50 -27.05 43.11
C15 PX4 GC . 14.56 -26.75 41.61
C16 PX4 GC . 13.54 -25.68 41.23
C17 PX4 GC . 13.63 -25.25 39.76
C18 PX4 GC . 12.48 -24.39 39.25
C19 PX4 GC . 13.09 -23.04 38.83
C20 PX4 GC . 11.98 -22.24 38.16
C21 PX4 GC . 11.52 -22.96 36.90
C22 PX4 GC . 10.55 -22.10 36.10
O7 PX4 GC . 22.10 -31.15 48.06
C23 PX4 GC . 23.22 -31.67 48.65
O8 PX4 GC . 23.28 -31.67 49.89
C24 PX4 GC . 24.48 -31.81 47.81
C25 PX4 GC . 24.06 -31.87 46.33
C26 PX4 GC . 25.27 -32.08 45.40
C27 PX4 GC . 24.99 -32.53 43.96
C28 PX4 GC . 24.58 -34.00 44.04
C29 PX4 GC . 24.15 -34.60 42.70
C30 PX4 GC . 23.17 -33.61 42.10
C31 PX4 GC . 22.70 -34.18 40.75
C32 PX4 GC . 21.74 -33.29 39.96
C33 PX4 GC . 21.48 -33.90 38.58
C34 PX4 GC . 20.42 -33.15 37.77
C35 PX4 GC . 20.39 -33.88 36.42
C36 PX4 GC . 19.49 -33.28 35.33
O1 PX4 HC . 16.10 -25.52 54.93
O2 PX4 HC . 16.10 -23.53 53.27
P1 PX4 HC . 15.39 -24.58 54.03
O3 PX4 HC . 14.49 -23.70 55.01
C1 PX4 HC . 15.32 -22.88 55.85
C2 PX4 HC . 14.51 -22.31 57.01
N1 PX4 HC . 13.66 -21.16 56.66
C3 PX4 HC . 12.61 -21.53 55.71
C4 PX4 HC . 12.99 -20.81 57.92
C5 PX4 HC . 14.41 -19.97 56.22
O4 PX4 HC . 14.29 -25.15 52.99
C6 PX4 HC . 13.77 -23.98 52.36
C7 PX4 HC . 13.09 -24.19 51.01
C8 PX4 HC . 13.94 -25.14 50.16
O5 PX4 HC . 14.81 -24.46 49.25
C9 PX4 HC . 15.70 -25.25 48.59
O6 PX4 HC . 15.77 -26.43 48.95
C10 PX4 HC . 16.61 -24.52 47.59
C11 PX4 HC . 17.36 -25.42 46.62
C12 PX4 HC . 18.09 -24.62 45.55
C13 PX4 HC . 18.66 -25.57 44.50
C14 PX4 HC . 18.97 -24.82 43.22
C15 PX4 HC . 19.74 -25.73 42.25
C16 PX4 HC . 19.97 -24.95 40.94
C17 PX4 HC . 21.14 -25.56 40.19
C18 PX4 HC . 21.23 -24.78 38.87
C19 PX4 HC . 22.51 -25.18 38.14
C20 PX4 HC . 22.58 -24.33 36.86
C21 PX4 HC . 23.55 -24.84 35.80
C22 PX4 HC . 23.92 -23.84 34.71
O7 PX4 HC . 11.71 -24.59 51.02
C23 PX4 HC . 10.93 -23.49 50.86
O8 PX4 HC . 11.27 -22.35 51.20
C24 PX4 HC . 9.48 -23.63 50.41
C25 PX4 HC . 9.09 -22.52 49.44
C26 PX4 HC . 7.57 -22.62 49.29
C27 PX4 HC . 7.15 -23.94 48.61
C28 PX4 HC . 7.66 -24.07 47.18
C29 PX4 HC . 7.14 -25.40 46.60
C30 PX4 HC . 7.68 -25.67 45.19
C31 PX4 HC . 7.42 -24.46 44.30
C32 PX4 HC . 7.91 -24.66 42.87
C33 PX4 HC . 7.33 -23.49 42.08
C34 PX4 HC . 7.61 -23.69 40.60
C35 PX4 HC . 7.26 -22.46 39.77
C36 PX4 HC . 8.29 -21.39 40.13
O1 PX4 IC . -24.96 10.71 59.05
O2 PX4 IC . -27.48 9.88 59.09
P1 PX4 IC . -26.10 9.90 58.58
O3 PX4 IC . -25.46 8.43 58.52
C1 PX4 IC . -26.27 7.43 59.14
C2 PX4 IC . -25.56 6.09 59.33
N1 PX4 IC . -25.07 5.43 58.10
C3 PX4 IC . -25.01 3.97 58.30
C4 PX4 IC . -25.97 5.72 56.98
C5 PX4 IC . -23.78 5.94 57.65
O4 PX4 IC . -26.07 10.31 57.02
C6 PX4 IC . -24.79 10.13 56.42
C7 PX4 IC . -24.77 9.54 55.00
C8 PX4 IC . -26.22 9.51 54.53
O5 PX4 IC . -26.96 8.37 54.93
C9 PX4 IC . -28.25 8.41 54.53
O6 PX4 IC . -28.57 9.21 53.64
C10 PX4 IC . -29.38 7.58 55.15
C11 PX4 IC . -30.17 6.78 54.12
C12 PX4 IC . -29.38 5.54 53.71
C13 PX4 IC . -29.86 4.73 52.49
C14 PX4 IC . -29.09 5.31 51.31
C15 PX4 IC . -29.39 4.48 50.05
C16 PX4 IC . -28.92 5.20 48.79
C17 PX4 IC . -29.53 4.50 47.58
C18 PX4 IC . -29.40 5.19 46.23
C19 PX4 IC . -30.13 4.35 45.17
C20 PX4 IC . -29.70 4.88 43.81
C21 PX4 IC . -30.44 4.06 42.72
C22 PX4 IC . -29.75 4.16 41.37
O7 PX4 IC . -23.91 10.26 54.11
C23 PX4 IC . -22.89 9.51 53.63
O8 PX4 IC . -22.44 8.58 54.31
C24 PX4 IC . -22.08 10.12 52.48
C25 PX4 IC . -22.37 9.40 51.16
C26 PX4 IC . -23.81 9.43 50.65
C27 PX4 IC . -23.99 8.56 49.40
C28 PX4 IC . -25.44 8.38 48.96
C29 PX4 IC . -25.53 7.17 48.02
C30 PX4 IC . -25.26 7.66 46.60
C31 PX4 IC . -25.44 6.58 45.52
C32 PX4 IC . -24.99 7.18 44.17
C33 PX4 IC . -23.55 7.67 44.05
C34 PX4 IC . -23.24 8.34 42.70
C35 PX4 IC . -23.97 9.68 42.58
C36 PX4 IC . -23.32 10.42 41.42
O1 PX4 JC . -21.94 16.33 59.15
O2 PX4 JC . -24.29 17.39 58.72
P1 PX4 JC . -23.31 16.28 58.59
O3 PX4 JC . -24.11 15.06 59.27
C1 PX4 JC . -23.81 15.02 60.67
C2 PX4 JC . -24.61 14.01 61.48
N1 PX4 JC . -26.02 14.24 61.87
C3 PX4 JC . -26.85 14.96 60.91
C4 PX4 JC . -26.67 12.98 62.25
C5 PX4 JC . -25.97 15.02 63.13
O4 PX4 JC . -23.44 15.49 57.20
C6 PX4 JC . -22.89 14.18 57.36
C7 PX4 JC . -22.57 13.27 56.18
C8 PX4 JC . -23.08 13.91 54.89
O5 PX4 JC . -24.33 13.38 54.41
C9 PX4 JC . -24.82 13.87 53.24
O6 PX4 JC . -24.37 14.92 52.78
C10 PX4 JC . -26.13 13.19 52.81
C11 PX4 JC . -26.14 12.45 51.47
C12 PX4 JC . -26.00 13.35 50.25
C13 PX4 JC . -25.99 12.54 48.95
C14 PX4 JC . -25.69 13.41 47.72
C15 PX4 JC . -26.22 12.68 46.49
C16 PX4 JC . -25.66 13.36 45.24
C17 PX4 JC . -26.27 12.88 43.93
C18 PX4 JC . -26.59 14.08 43.03
C19 PX4 JC . -27.27 13.65 41.72
C20 PX4 JC . -26.17 13.16 40.80
C21 PX4 JC . -26.63 12.56 39.46
C22 PX4 JC . -25.47 12.06 38.62
O7 PX4 JC . -21.19 12.93 56.11
C23 PX4 JC . -20.86 11.61 56.15
O8 PX4 JC . -21.49 10.90 56.92
C24 PX4 JC . -19.36 11.46 55.91
C25 PX4 JC . -19.12 10.87 54.52
C26 PX4 JC . -17.62 10.61 54.35
C27 PX4 JC . -17.19 10.85 52.91
C28 PX4 JC . -18.06 10.21 51.84
C29 PX4 JC . -17.85 10.86 50.46
C30 PX4 JC . -18.74 10.22 49.38
C31 PX4 JC . -18.44 8.75 49.09
C32 PX4 JC . -19.57 8.17 48.24
C33 PX4 JC . -19.21 6.73 47.85
C34 PX4 JC . -20.39 6.26 47.00
C35 PX4 JC . -20.40 4.78 46.61
C36 PX4 JC . -21.77 4.64 45.97
O1 PX4 KC . -3.37 5.22 54.49
O2 PX4 KC . -5.67 6.34 54.14
P1 PX4 KC . -4.82 5.14 54.22
O3 PX4 KC . -5.38 4.35 55.50
C1 PX4 KC . -6.78 4.19 55.36
C2 PX4 KC . -7.41 3.26 56.40
N1 PX4 KC . -8.79 2.77 56.36
C3 PX4 KC . -8.96 2.18 57.70
C4 PX4 KC . -9.71 3.90 56.26
C5 PX4 KC . -9.02 1.82 55.26
O4 PX4 KC . -5.20 4.14 53.00
C6 PX4 KC . -5.24 5.07 51.91
C7 PX4 KC . -6.18 4.55 50.82
C8 PX4 KC . -6.29 3.02 50.95
O5 PX4 KC . -6.34 2.35 49.70
C9 PX4 KC . -6.01 1.03 49.71
O6 PX4 KC . -5.53 0.50 50.70
C10 PX4 KC . -6.49 0.14 48.55
C11 PX4 KC . -7.82 -0.55 48.89
C12 PX4 KC . -8.26 -0.95 47.48
C13 PX4 KC . -8.51 0.39 46.79
C14 PX4 KC . -9.02 0.22 45.36
C15 PX4 KC . -9.29 1.54 44.64
C16 PX4 KC . -9.38 1.05 43.19
C17 PX4 KC . -9.81 2.23 42.30
C18 PX4 KC . -9.84 1.67 40.87
C19 PX4 KC . -10.28 2.81 39.93
C20 PX4 KC . -9.95 2.35 38.51
C21 PX4 KC . -10.40 3.29 37.41
C22 PX4 KC . -9.49 4.52 37.50
O7 PX4 KC . -7.45 5.19 50.78
C23 PX4 KC . -7.65 6.44 50.26
O8 PX4 KC . -6.66 7.16 50.19
C24 PX4 KC . -9.08 6.95 50.06
C25 PX4 KC . -10.05 5.82 49.73
C26 PX4 KC . -11.46 6.41 49.79
C27 PX4 KC . -11.61 7.48 48.70
C28 PX4 KC . -11.35 7.00 47.27
C29 PX4 KC . -12.52 6.12 46.81
C30 PX4 KC . -12.18 5.59 45.43
C31 PX4 KC . -13.31 4.75 44.83
C32 PX4 KC . -12.93 4.50 43.37
C33 PX4 KC . -14.00 3.59 42.73
C34 PX4 KC . -13.72 3.50 41.23
C35 PX4 KC . -14.74 2.50 40.70
C36 PX4 KC . -14.78 2.52 39.17
O1 PX4 LC . -13.02 -8.33 60.25
O2 PX4 LC . -12.13 -10.81 60.52
P1 PX4 LC . -12.29 -9.53 59.79
O3 PX4 LC . -10.80 -8.95 59.70
C1 PX4 LC . -10.88 -7.66 59.09
C2 PX4 LC . -9.60 -6.85 59.29
N1 PX4 LC . -9.47 -6.10 60.54
C3 PX4 LC . -9.42 -6.95 61.74
C4 PX4 LC . -8.30 -5.22 60.35
C5 PX4 LC . -10.65 -5.24 60.65
O4 PX4 LC . -12.67 -9.70 58.23
C6 PX4 LC . -12.31 -11.00 57.79
C7 PX4 LC . -12.98 -11.46 56.49
C8 PX4 LC . -14.19 -10.63 56.08
O5 PX4 LC . -15.15 -11.30 55.26
C9 PX4 LC . -16.16 -10.48 54.87
O6 PX4 LC . -16.03 -9.25 54.92
C10 PX4 LC . -17.27 -10.98 53.95
C11 PX4 LC . -16.72 -11.91 52.89
C12 PX4 LC . -17.74 -12.43 51.88
C13 PX4 LC . -16.97 -13.28 50.86
C14 PX4 LC . -17.92 -13.88 49.82
C15 PX4 LC . -17.21 -14.21 48.50
C16 PX4 LC . -18.05 -15.01 47.49
C17 PX4 LC . -17.18 -15.49 46.33
C18 PX4 LC . -17.89 -15.39 44.97
C19 PX4 LC . -16.82 -15.71 43.91
C20 PX4 LC . -16.27 -17.12 44.11
C21 PX4 LC . -17.31 -18.24 44.15
C22 PX4 LC . -16.76 -19.66 44.22
O7 PX4 LC . -11.95 -11.50 55.48
C23 PX4 LC . -11.54 -12.75 55.14
O8 PX4 LC . -11.73 -13.66 55.95
C24 PX4 LC . -10.72 -12.96 53.86
C25 PX4 LC . -11.73 -13.28 52.76
C26 PX4 LC . -10.87 -13.37 51.50
C27 PX4 LC . -11.74 -13.66 50.29
C28 PX4 LC . -11.14 -13.61 48.88
C29 PX4 LC . -12.26 -13.95 47.90
C30 PX4 LC . -11.63 -13.92 46.51
C31 PX4 LC . -12.57 -13.90 45.31
C32 PX4 LC . -12.17 -14.73 44.09
C33 PX4 LC . -13.17 -14.56 42.94
C34 PX4 LC . -12.62 -15.46 41.82
C35 PX4 LC . -13.42 -15.29 40.52
C36 PX4 LC . -13.08 -16.39 39.49
O1 PX4 MC . 24.52 32.38 45.58
O2 PX4 MC . 26.85 32.45 46.72
P1 PX4 MC . 25.95 31.97 45.64
O3 PX4 MC . 26.58 32.70 44.34
C1 PX4 MC . 26.62 34.09 44.70
C2 PX4 MC . 26.95 34.74 43.35
N1 PX4 MC . 26.93 36.20 43.19
C3 PX4 MC . 27.72 36.89 44.22
C4 PX4 MC . 27.36 36.65 41.86
C5 PX4 MC . 25.59 36.77 43.37
O4 PX4 MC . 26.30 30.44 45.30
C6 PX4 MC . 26.00 30.23 43.91
C7 PX4 MC . 25.97 28.72 43.77
C8 PX4 MC . 24.74 28.17 44.52
O5 PX4 MC . 23.48 28.72 44.16
C9 PX4 MC . 22.68 28.27 43.16
O6 PX4 MC . 22.68 27.06 42.94
C10 PX4 MC . 21.62 29.20 42.58
C11 PX4 MC . 22.22 30.43 41.89
C12 PX4 MC . 20.98 31.28 41.59
C13 PX4 MC . 21.30 32.70 41.11
C14 PX4 MC . 22.23 33.34 42.13
C15 PX4 MC . 22.59 34.81 41.90
C16 PX4 MC . 23.22 34.80 40.51
C17 PX4 MC . 23.61 36.21 40.02
C18 PX4 MC . 24.07 36.13 38.57
C19 PX4 MC . 25.61 36.18 38.38
C20 PX4 MC . 25.85 36.52 36.91
C21 PX4 MC . 27.26 36.99 36.57
C22 PX4 MC . 27.36 37.86 35.31
O7 PX4 MC . 26.32 28.32 42.45
C23 PX4 MC . 26.46 27.01 42.16
O8 PX4 MC . 26.71 26.16 43.03
C24 PX4 MC . 26.60 26.59 40.69
C25 PX4 MC . 25.17 26.52 40.16
C26 PX4 MC . 25.18 25.95 38.74
C27 PX4 MC . 25.87 26.91 37.78
C28 PX4 MC . 25.99 26.27 36.39
C29 PX4 MC . 26.75 27.01 35.29
C30 PX4 MC . 26.92 26.22 33.99
C31 PX4 MC . 27.44 24.78 34.09
C32 PX4 MC . 27.74 24.08 32.76
C33 PX4 MC . 29.04 24.74 32.28
C34 PX4 MC . 29.50 23.97 31.05
C35 PX4 MC . 30.58 24.53 30.12
C36 PX4 MC . 31.81 25.13 30.82
O1 PX4 NC . 10.67 -9.26 46.10
O2 PX4 NC . 9.16 -7.39 47.11
P1 PX4 NC . 9.37 -8.77 46.61
O3 PX4 NC . 9.02 -9.73 47.87
C1 PX4 NC . 10.20 -9.86 48.68
C2 PX4 NC . 9.90 -10.48 50.05
N1 PX4 NC . 9.55 -11.91 50.11
C3 PX4 NC . 8.37 -12.28 49.34
C4 PX4 NC . 10.73 -12.71 49.75
C5 PX4 NC . 9.26 -12.27 51.51
O4 PX4 NC . 8.27 -9.46 45.68
C6 PX4 NC . 8.65 -10.80 45.37
C7 PX4 NC . 7.88 -11.50 44.25
C8 PX4 NC . 6.66 -10.63 43.91
O5 PX4 NC . 5.32 -11.13 43.98
C9 PX4 NC . 4.47 -10.29 43.33
O6 PX4 NC . 4.79 -9.16 43.00
C10 PX4 NC . 3.04 -10.81 43.39
C11 PX4 NC . 2.40 -10.74 42.00
C12 PX4 NC . 0.98 -11.27 42.10
C13 PX4 NC . 0.22 -11.29 40.78
C14 PX4 NC . -1.25 -10.88 40.99
C15 PX4 NC . -1.94 -10.69 39.65
C16 PX4 NC . -1.16 -9.58 38.92
C17 PX4 NC . -2.11 -8.46 38.52
C18 PX4 NC . -1.34 -7.21 38.11
C19 PX4 NC . -2.26 -5.98 38.02
C20 PX4 NC . -2.67 -5.63 39.46
C21 PX4 NC . -1.65 -4.79 40.21
C22 PX4 NC . -1.98 -4.69 41.69
O7 PX4 NC . 8.74 -11.73 43.13
C23 PX4 NC . 9.67 -12.73 43.27
O8 PX4 NC . 9.75 -13.46 44.25
C24 PX4 NC . 10.74 -12.78 42.18
C25 PX4 NC . 11.83 -11.74 42.43
C26 PX4 NC . 12.81 -11.83 41.25
C27 PX4 NC . 14.01 -10.92 41.52
C28 PX4 NC . 14.98 -11.07 40.34
C29 PX4 NC . 15.54 -12.48 40.41
C30 PX4 NC . 16.35 -12.81 39.16
C31 PX4 NC . 15.48 -12.78 37.90
C32 PX4 NC . 16.35 -13.20 36.71
C33 PX4 NC . 15.41 -13.43 35.52
C34 PX4 NC . 16.38 -13.73 34.36
C35 PX4 NC . 17.23 -14.97 34.59
C36 PX4 NC . 17.94 -15.41 33.32
O1 PX4 OC . 6.68 -19.08 57.12
O2 PX4 OC . 8.19 -17.88 55.37
P1 PX4 OC . 6.89 -18.43 55.81
O3 PX4 OC . 5.82 -17.24 55.72
C1 PX4 OC . 4.50 -17.78 55.58
C2 PX4 OC . 3.40 -16.72 55.72
N1 PX4 OC . 3.00 -15.93 54.54
C3 PX4 OC . 4.16 -15.22 53.97
C4 PX4 OC . 2.34 -16.77 53.54
C5 PX4 OC . 2.13 -14.82 54.93
O4 PX4 OC . 6.23 -19.32 54.61
C6 PX4 OC . 6.68 -18.90 53.33
C7 PX4 OC . 5.99 -19.69 52.21
C8 PX4 OC . 5.45 -20.95 52.88
O5 PX4 OC . 5.95 -22.19 52.35
C9 PX4 OC . 5.52 -23.23 53.11
O6 PX4 OC . 4.84 -23.20 54.13
C10 PX4 OC . 5.98 -24.54 52.46
C11 PX4 OC . 4.93 -24.80 51.38
C12 PX4 OC . 5.19 -26.13 50.66
C13 PX4 OC . 3.99 -26.54 49.83
C14 PX4 OC . 2.72 -26.76 50.67
C15 PX4 OC . 1.56 -27.31 49.85
C16 PX4 OC . 1.31 -26.23 48.79
C17 PX4 OC . 0.99 -26.82 47.41
C18 PX4 OC . 1.11 -25.64 46.45
C19 PX4 OC . -0.32 -25.13 46.23
C20 PX4 OC . -0.39 -23.79 45.52
C21 PX4 OC . -1.85 -23.35 45.28
C22 PX4 OC . -1.82 -22.05 44.48
O7 PX4 OC . 4.97 -19.04 51.47
C23 PX4 OC . 5.29 -18.23 50.43
O8 PX4 OC . 6.38 -17.66 50.46
C24 PX4 OC . 4.12 -17.61 49.65
C25 PX4 OC . 4.59 -17.29 48.23
C26 PX4 OC . 3.50 -16.58 47.44
C27 PX4 OC . 4.00 -16.17 46.06
C28 PX4 OC . 2.77 -15.76 45.24
C29 PX4 OC . 3.10 -15.31 43.82
C30 PX4 OC . 1.82 -15.10 43.01
C31 PX4 OC . 2.21 -14.87 41.55
C32 PX4 OC . 1.04 -14.69 40.57
C33 PX4 OC . 1.64 -14.76 39.16
C34 PX4 OC . 0.53 -14.84 38.12
C35 PX4 OC . -0.30 -16.14 38.05
C36 PX4 OC . -1.37 -16.12 36.95
O1 PX4 PC . 14.58 -17.17 50.12
O2 PX4 PC . 16.90 -18.16 49.65
P1 PX4 PC . 15.59 -17.66 49.15
O3 PX4 PC . 15.96 -16.38 48.26
C1 PX4 PC . 16.57 -15.51 49.21
C2 PX4 PC . 16.80 -14.15 48.55
N1 PX4 PC . 15.69 -13.41 47.94
C3 PX4 PC . 14.47 -13.47 48.77
C4 PX4 PC . 16.04 -11.98 47.95
C5 PX4 PC . 15.32 -13.75 46.57
O4 PX4 PC . 14.90 -18.55 48.00
C6 PX4 PC . 13.62 -17.98 47.70
C7 PX4 PC . 12.68 -18.77 46.79
C8 PX4 PC . 13.32 -20.04 46.21
O5 PX4 PC . 14.41 -19.83 45.31
C9 PX4 PC . 15.25 -20.92 45.37
O6 PX4 PC . 15.20 -21.60 46.40
C10 PX4 PC . 16.34 -21.04 44.31
C11 PX4 PC . 15.89 -21.84 43.08
C12 PX4 PC . 15.38 -20.84 42.04
C13 PX4 PC . 16.49 -19.93 41.54
C14 PX4 PC . 17.58 -20.73 40.79
C15 PX4 PC . 17.06 -21.35 39.50
C16 PX4 PC . 18.13 -22.01 38.65
C17 PX4 PC . 17.43 -22.59 37.42
C18 PX4 PC . 18.37 -23.29 36.44
C19 PX4 PC . 17.48 -23.68 35.24
C20 PX4 PC . 18.39 -24.26 34.16
C21 PX4 PC . 19.43 -23.23 33.76
C22 PX4 PC . 20.46 -23.83 32.79
O7 PX4 PC . 11.41 -19.11 47.36
C23 PX4 PC . 10.42 -18.18 47.31
O8 PX4 PC . 10.61 -16.97 47.19
C24 PX4 PC . 9.04 -18.85 47.40
C25 PX4 PC . 8.82 -19.97 46.39
C26 PX4 PC . 8.30 -19.37 45.09
C27 PX4 PC . 7.01 -18.60 45.41
C28 PX4 PC . 6.30 -17.94 44.22
C29 PX4 PC . 7.15 -16.79 43.67
C30 PX4 PC . 6.52 -16.19 42.42
C31 PX4 PC . 7.39 -15.22 41.64
C32 PX4 PC . 6.47 -14.61 40.59
C33 PX4 PC . 7.32 -13.72 39.69
C34 PX4 PC . 6.45 -13.20 38.54
C35 PX4 PC . 5.26 -12.35 38.99
C36 PX4 PC . 5.69 -11.05 39.69
O1 PX4 QC . 19.25 -13.60 45.36
O2 PX4 QC . 19.88 -13.85 47.86
P1 PX4 QC . 19.65 -14.45 46.52
O3 PX4 QC . 20.95 -15.34 46.23
C1 PX4 QC . 21.52 -15.66 47.49
C2 PX4 QC . 22.90 -16.32 47.61
N1 PX4 QC . 23.28 -16.83 48.94
C3 PX4 QC . 24.74 -17.01 49.02
C4 PX4 QC . 22.94 -15.90 50.03
C5 PX4 QC . 22.76 -18.18 49.19
O4 PX4 QC . 18.69 -15.72 46.75
C6 PX4 QC . 18.60 -16.29 45.44
C7 PX4 QC . 17.88 -17.64 45.52
C8 PX4 QC . 16.45 -17.24 45.13
O5 PX4 QC . 16.24 -16.40 44.00
C9 PX4 QC . 14.93 -16.11 43.71
O6 PX4 QC . 14.06 -16.34 44.52
C10 PX4 QC . 14.58 -15.49 42.36
C11 PX4 QC . 13.53 -16.31 41.62
C12 PX4 QC . 13.41 -15.78 40.18
C13 PX4 QC . 12.23 -16.27 39.35
C14 PX4 QC . 12.01 -15.63 37.98
C15 PX4 QC . 11.35 -14.26 38.08
C16 PX4 QC . 10.87 -13.78 36.72
C17 PX4 QC . 10.10 -14.72 35.79
C18 PX4 QC . 9.70 -13.88 34.57
C19 PX4 QC . 8.66 -14.64 33.74
C20 PX4 QC . 8.36 -13.88 32.46
C21 PX4 QC . 9.67 -13.76 31.66
C22 PX4 QC . 9.40 -12.74 30.54
O7 PX4 QC . 18.46 -18.63 44.66
C23 PX4 QC . 19.64 -19.25 44.95
O8 PX4 QC . 20.24 -19.10 46.01
C24 PX4 QC . 20.00 -20.31 43.91
C25 PX4 QC . 21.44 -20.10 43.43
C26 PX4 QC . 22.02 -21.42 42.90
C27 PX4 QC . 21.72 -21.43 41.40
C28 PX4 QC . 22.16 -20.17 40.66
C29 PX4 QC . 21.88 -20.27 39.16
C30 PX4 QC . 22.35 -19.10 38.28
C31 PX4 QC . 22.17 -19.47 36.81
C32 PX4 QC . 20.71 -19.57 36.36
C33 PX4 QC . 20.62 -19.55 34.84
C34 PX4 QC . 19.16 -19.39 34.40
C35 PX4 QC . 19.18 -19.58 32.89
C36 PX4 QC . 17.79 -19.75 32.26
O1 PX4 RC . -1.24 5.83 51.26
O2 PX4 RC . -1.05 8.43 51.04
P1 PX4 RC . -1.83 7.18 51.09
O3 PX4 RC . -2.80 7.44 52.34
C1 PX4 RC . -3.76 8.45 52.04
C2 PX4 RC . -4.32 9.00 53.36
N1 PX4 RC . -5.32 10.09 53.50
C3 PX4 RC . -5.75 10.21 54.89
C4 PX4 RC . -4.78 11.38 53.05
C5 PX4 RC . -6.48 9.64 52.70
O4 PX4 RC . -2.97 7.29 49.96
C6 PX4 RC . -2.12 7.29 48.81
C7 PX4 RC . -2.65 7.12 47.38
C8 PX4 RC . -3.59 5.92 47.59
O5 PX4 RC . -3.06 4.70 47.07
C9 PX4 RC . -3.52 3.62 47.74
O6 PX4 RC . -3.73 3.68 48.95
C10 PX4 RC . -3.46 2.22 47.12
C11 PX4 RC . -3.86 2.17 45.65
C12 PX4 RC . -3.66 0.77 45.08
C13 PX4 RC . -4.04 0.52 43.61
C14 PX4 RC . -3.79 -0.94 43.21
C15 PX4 RC . -4.23 -1.20 41.76
C16 PX4 RC . -5.69 -0.87 41.44
C17 PX4 RC . -5.97 -0.76 39.94
C18 PX4 RC . -5.50 -2.06 39.28
C19 PX4 RC . -6.29 -2.49 38.04
C20 PX4 RC . -5.49 -3.43 37.13
C21 PX4 RC . -6.14 -3.46 35.75
C22 PX4 RC . -5.60 -4.70 35.01
O7 PX4 RC . -3.34 8.25 46.83
C23 PX4 RC . -2.61 9.30 46.37
O8 PX4 RC . -1.39 9.16 46.22
C24 PX4 RC . -3.34 10.60 46.06
C25 PX4 RC . -4.80 10.30 45.72
C26 PX4 RC . -5.40 11.67 45.44
C27 PX4 RC . -6.46 11.50 44.34
C28 PX4 RC . -5.64 11.05 43.13
C29 PX4 RC . -6.56 10.62 41.98
C30 PX4 RC . -6.94 9.15 42.18
C31 PX4 RC . -7.74 8.54 41.04
C32 PX4 RC . -6.80 8.43 39.83
C33 PX4 RC . -7.76 7.78 38.82
C34 PX4 RC . -7.04 7.48 37.51
C35 PX4 RC . -6.39 8.78 37.08
C36 PX4 RC . -5.71 8.74 35.72
O1 PX4 SC . -6.21 0.19 56.60
O2 PX4 SC . -4.25 -1.07 57.41
P1 PX4 SC . -5.17 -0.82 56.28
O3 PX4 SC . -4.59 -0.20 54.91
C1 PX4 SC . -3.97 1.07 55.09
C2 PX4 SC . -3.28 1.54 53.81
N1 PX4 SC . -2.26 0.70 53.13
C3 PX4 SC . -1.07 0.52 53.98
C4 PX4 SC . -2.68 -0.60 52.58
C5 PX4 SC . -1.88 1.51 51.98
O4 PX4 SC . -5.90 -2.18 55.80
C6 PX4 SC . -5.80 -2.28 54.37
C7 PX4 SC . -6.97 -3.05 53.77
C8 PX4 SC . -8.16 -2.12 53.97
O5 PX4 SC . -9.40 -2.82 54.00
C9 PX4 SC . -10.48 -2.10 54.39
O6 PX4 SC . -10.36 -0.88 54.31
C10 PX4 SC . -11.81 -2.84 54.24
C11 PX4 SC . -12.61 -2.60 52.96
C12 PX4 SC . -11.87 -3.15 51.75
C13 PX4 SC . -12.33 -2.82 50.33
C14 PX4 SC . -11.62 -3.81 49.43
C15 PX4 SC . -12.35 -3.65 48.09
C16 PX4 SC . -11.72 -4.58 47.05
C17 PX4 SC . -12.15 -4.40 45.60
C18 PX4 SC . -11.28 -5.28 44.71
C19 PX4 SC . -12.19 -6.27 44.00
C20 PX4 SC . -13.15 -5.51 43.07
C21 PX4 SC . -13.62 -6.48 41.99
C22 PX4 SC . -14.50 -5.73 40.97
O7 PX4 SC . -6.75 -3.35 52.38
C23 PX4 SC . -7.36 -4.48 51.96
O8 PX4 SC . -7.46 -5.37 52.81
C24 PX4 SC . -7.49 -4.73 50.46
C25 PX4 SC . -8.44 -5.91 50.21
C26 PX4 SC . -8.20 -6.34 48.75
C27 PX4 SC . -8.98 -7.53 48.23
C28 PX4 SC . -8.72 -7.83 46.75
C29 PX4 SC . -9.66 -8.88 46.16
C30 PX4 SC . -9.55 -8.95 44.64
C31 PX4 SC . -10.72 -9.82 44.15
C32 PX4 SC . -10.81 -9.76 42.63
C33 PX4 SC . -12.06 -10.52 42.18
C34 PX4 SC . -12.51 -10.52 40.72
C35 PX4 SC . -11.59 -11.42 39.91
C36 PX4 SC . -12.03 -11.43 38.45
O1 PX4 TC . -13.60 -4.11 61.44
O2 PX4 TC . -13.97 -1.67 61.16
P1 PX4 TC . -14.42 -3.04 60.85
O3 PX4 TC . -15.95 -3.39 61.24
C1 PX4 TC . -16.05 -4.77 61.61
C2 PX4 TC . -17.49 -5.29 61.55
N1 PX4 TC . -18.21 -5.34 60.27
C3 PX4 TC . -17.63 -6.34 59.37
C4 PX4 TC . -19.54 -5.76 60.72
C5 PX4 TC . -18.37 -4.10 59.48
O4 PX4 TC . -14.59 -3.20 59.26
C6 PX4 TC . -13.86 -2.18 58.57
C7 PX4 TC . -14.02 -2.26 57.06
C8 PX4 TC . -15.38 -2.92 56.80
O5 PX4 TC . -15.27 -4.08 55.96
C9 PX4 TC . -16.34 -4.91 55.83
O6 PX4 TC . -17.44 -4.67 56.34
C10 PX4 TC . -16.15 -6.16 54.96
C11 PX4 TC . -15.38 -5.70 53.72
C12 PX4 TC . -15.18 -6.80 52.69
C13 PX4 TC . -16.56 -7.30 52.28
C14 PX4 TC . -16.39 -8.37 51.21
C15 PX4 TC . -17.50 -8.38 50.15
C16 PX4 TC . -17.32 -9.56 49.20
C17 PX4 TC . -18.53 -9.63 48.26
C18 PX4 TC . -18.39 -10.84 47.35
C19 PX4 TC . -19.54 -10.89 46.36
C20 PX4 TC . -19.45 -12.11 45.45
C21 PX4 TC . -20.56 -12.18 44.42
C22 PX4 TC . -20.39 -10.94 43.54
O7 PX4 TC . -14.10 -0.99 56.42
C23 PX4 TC . -13.15 -0.03 56.60
O8 PX4 TC . -12.04 -0.19 57.09
C24 PX4 TC . -13.57 1.21 55.81
C25 PX4 TC . -12.88 1.31 54.44
C26 PX4 TC . -12.72 2.75 53.96
C27 PX4 TC . -11.98 2.89 52.63
C28 PX4 TC . -12.70 1.96 51.65
C29 PX4 TC . -12.02 1.98 50.28
C30 PX4 TC . -12.77 1.03 49.36
C31 PX4 TC . -12.35 1.33 47.93
C32 PX4 TC . -13.12 0.32 47.06
C33 PX4 TC . -12.73 0.56 45.60
C34 PX4 TC . -13.39 -0.43 44.65
C35 PX4 TC . -12.73 -0.52 43.26
C36 PX4 TC . -13.55 -1.43 42.35
O1 PX4 UC . -8.52 -12.68 59.29
O2 PX4 UC . -6.81 -14.72 58.91
P1 PX4 UC . -7.27 -13.32 58.81
O3 PX4 UC . -6.10 -12.48 59.53
C1 PX4 UC . -6.05 -12.57 60.96
C2 PX4 UC . -4.64 -12.50 61.53
N1 PX4 UC . -3.71 -13.58 61.18
C3 PX4 UC . -2.45 -13.46 61.92
C4 PX4 UC . -4.26 -14.92 61.40
C5 PX4 UC . -3.23 -13.67 59.79
O4 PX4 UC . -7.01 -12.56 57.41
C6 PX4 UC . -7.70 -11.31 57.26
C7 PX4 UC . -7.72 -10.60 55.91
C8 PX4 UC . -7.11 -11.64 54.98
O5 PX4 UC . -6.93 -11.30 53.61
C9 PX4 UC . -6.73 -12.33 52.74
O6 PX4 UC . -7.11 -13.46 53.03
C10 PX4 UC . -6.48 -11.89 51.30
C11 PX4 UC . -7.58 -10.92 50.88
C12 PX4 UC . -7.59 -10.62 49.38
C13 PX4 UC . -7.89 -11.90 48.59
C14 PX4 UC . -7.87 -11.50 47.11
C15 PX4 UC . -7.98 -12.83 46.35
C16 PX4 UC . -8.00 -12.50 44.86
C17 PX4 UC . -8.21 -13.65 43.87
C18 PX4 UC . -8.20 -13.11 42.43
C19 PX4 UC . -8.50 -14.36 41.61
C20 PX4 UC . -8.56 -13.98 40.13
C21 PX4 UC . -9.13 -15.09 39.25
C22 PX4 UC . -9.47 -14.69 37.81
O7 PX4 UC . -9.03 -10.16 55.53
C23 PX4 UC . -9.13 -8.82 55.40
O8 PX4 UC . -8.40 -8.03 55.99
C24 PX4 UC . -10.42 -8.31 54.75
C25 PX4 UC . -10.29 -8.53 53.24
C26 PX4 UC . -11.40 -7.85 52.45
C27 PX4 UC . -11.45 -8.55 51.09
C28 PX4 UC . -12.32 -7.70 50.16
C29 PX4 UC . -12.33 -8.38 48.78
C30 PX4 UC . -13.05 -9.73 48.96
C31 PX4 UC . -13.20 -10.30 47.55
C32 PX4 UC . -14.16 -9.39 46.78
C33 PX4 UC . -14.38 -10.02 45.41
C34 PX4 UC . -15.39 -9.13 44.69
C35 PX4 UC . -15.89 -9.76 43.40
C36 PX4 UC . -16.44 -11.18 43.60
O1 PX4 VC . -0.03 -17.44 56.40
O2 PX4 VC . -2.48 -17.47 57.17
P1 PX4 VC . -1.44 -17.80 56.16
O3 PX4 VC . -1.34 -19.41 56.20
C1 PX4 VC . -0.64 -19.74 57.38
C2 PX4 VC . -0.57 -21.22 57.82
N1 PX4 VC . -1.80 -21.98 58.07
C3 PX4 VC . -2.80 -21.88 56.99
C4 PX4 VC . -1.50 -23.41 58.09
C5 PX4 VC . -2.51 -21.46 59.24
O4 PX4 VC . -1.91 -17.89 54.63
C6 PX4 VC . -0.87 -18.50 53.86
C7 PX4 VC . -1.33 -19.65 52.94
C8 PX4 VC . -2.66 -19.19 52.35
O5 PX4 VC . -3.63 -20.23 52.45
C9 PX4 VC . -4.91 -19.87 52.13
O6 PX4 VC . -5.23 -18.69 51.98
C10 PX4 VC . -5.94 -20.98 52.26
C11 PX4 VC . -6.97 -21.15 51.14
C12 PX4 VC . -7.88 -22.38 51.25
C13 PX4 VC . -8.65 -22.72 49.98
C14 PX4 VC . -9.67 -21.63 49.63
C15 PX4 VC . -9.91 -21.95 48.16
C16 PX4 VC . -8.59 -22.00 47.41
C17 PX4 VC . -8.96 -22.41 45.97
C18 PX4 VC . -7.77 -22.64 45.05
C19 PX4 VC . -8.23 -22.66 43.58
C20 PX4 VC . -6.98 -22.57 42.71
C21 PX4 VC . -6.05 -23.79 42.83
C22 PX4 VC . -5.08 -23.82 41.64
O7 PX4 VC . -0.46 -19.93 51.84
C23 PX4 VC . 0.73 -20.58 51.98
O8 PX4 VC . 1.40 -20.53 53.01
C24 PX4 VC . 1.42 -20.88 50.65
C25 PX4 VC . 1.55 -22.40 50.45
C26 PX4 VC . 2.67 -22.67 49.44
C27 PX4 VC . 2.13 -22.12 48.12
C28 PX4 VC . 3.03 -22.31 46.90
C29 PX4 VC . 2.41 -21.67 45.67
C30 PX4 VC . 3.47 -21.46 44.58
C31 PX4 VC . 2.85 -20.81 43.35
C32 PX4 VC . 3.34 -19.41 43.01
C33 PX4 VC . 2.82 -18.71 41.74
C34 PX4 VC . 3.16 -19.39 40.42
C35 PX4 VC . 2.94 -18.57 39.14
C36 PX4 VC . 3.24 -19.50 37.97
O1 PX4 WC . 22.78 -7.26 46.54
O2 PX4 WC . 22.69 -5.20 44.90
P1 PX4 WC . 22.79 -6.66 45.19
O3 PX4 WC . 21.67 -7.44 44.35
C1 PX4 WC . 21.70 -8.85 44.55
C2 PX4 WC . 20.76 -9.65 43.64
N1 PX4 WC . 19.31 -9.72 43.89
C3 PX4 WC . 19.18 -10.61 45.05
C4 PX4 WC . 18.59 -8.46 44.11
C5 PX4 WC . 18.74 -10.39 42.71
O4 PX4 WC . 24.10 -7.20 44.44
C6 PX4 WC . 24.09 -6.71 43.10
C7 PX4 WC . 25.48 -6.59 42.48
C8 PX4 WC . 25.93 -8.05 42.31
O5 PX4 WC . 25.16 -8.70 41.30
C9 PX4 WC . 25.39 -10.04 41.20
O6 PX4 WC . 26.07 -10.64 42.02
C10 PX4 WC . 24.38 -10.62 40.20
C11 PX4 WC . 24.90 -11.32 38.95
C12 PX4 WC . 25.63 -10.31 38.04
C13 PX4 WC . 27.06 -10.72 37.72
C14 PX4 WC . 27.05 -11.96 36.81
C15 PX4 WC . 28.47 -12.45 36.45
C16 PX4 WC . 28.43 -13.51 35.36
C17 PX4 WC . 29.87 -13.77 34.94
C18 PX4 WC . 29.95 -14.89 33.90
C19 PX4 WC . 29.24 -16.14 34.46
C20 PX4 WC . 29.72 -17.25 33.51
C21 PX4 WC . 29.10 -18.54 34.04
C22 PX4 WC . 29.77 -19.75 33.37
O7 PX4 WC . 25.54 -5.75 41.33
C23 PX4 WC . 26.68 -5.21 40.84
O8 PX4 WC . 27.79 -5.54 41.28
C24 PX4 WC . 26.44 -4.32 39.62
C25 PX4 WC . 27.10 -4.84 38.33
C26 PX4 WC . 26.21 -5.85 37.61
C27 PX4 WC . 27.11 -6.39 36.50
C28 PX4 WC . 28.48 -6.86 36.97
C29 PX4 WC . 29.29 -7.35 35.78
C30 PX4 WC . 28.43 -8.43 35.10
C31 PX4 WC . 29.39 -9.26 34.26
C32 PX4 WC . 30.25 -8.42 33.32
C33 PX4 WC . 31.37 -9.22 32.65
C34 PX4 WC . 30.61 -10.29 31.87
C35 PX4 WC . 31.30 -11.23 30.89
C36 PX4 WC . 30.24 -12.10 30.20
O1 PX4 XC . 21.59 -10.89 47.36
O2 PX4 XC . 23.17 -12.84 47.90
P1 PX4 XC . 22.75 -11.74 47.00
O3 PX4 XC . 23.96 -10.69 46.79
C1 PX4 XC . 24.81 -10.91 47.91
C2 PX4 XC . 26.24 -10.39 47.82
N1 PX4 XC . 26.44 -9.04 48.38
C3 PX4 XC . 25.69 -8.09 47.56
C4 PX4 XC . 26.11 -8.93 49.81
C5 PX4 XC . 27.89 -8.81 48.41
O4 PX4 XC . 22.85 -12.12 45.45
C6 PX4 XC . 23.74 -13.23 45.26
C7 PX4 XC . 23.64 -13.91 43.90
C8 PX4 XC . 22.30 -13.52 43.28
O5 PX4 XC . 21.54 -14.52 42.60
C9 PX4 XC . 20.61 -14.02 41.74
O6 PX4 XC . 20.63 -12.86 41.37
C10 PX4 XC . 19.83 -14.98 40.84
C11 PX4 XC . 18.58 -15.54 41.53
C12 PX4 XC . 17.97 -16.76 40.82
C13 PX4 XC . 17.69 -16.24 39.40
C14 PX4 XC . 16.96 -17.38 38.67
C15 PX4 XC . 16.00 -16.87 37.59
C16 PX4 XC . 15.37 -18.03 36.81
C17 PX4 XC . 14.34 -17.57 35.77
C18 PX4 XC . 13.65 -18.74 35.05
C19 PX4 XC . 14.72 -19.77 34.69
C20 PX4 XC . 14.17 -21.08 34.13
C21 PX4 XC . 13.71 -20.91 32.68
C22 PX4 XC . 13.31 -22.25 32.03
O7 PX4 XC . 24.80 -13.59 43.14
C23 PX4 XC . 25.96 -14.24 43.43
O8 PX4 XC . 26.02 -15.13 44.29
C24 PX4 XC . 27.15 -13.77 42.59
C25 PX4 XC . 28.52 -13.80 43.28
C26 PX4 XC . 29.56 -13.29 42.28
C27 PX4 XC . 29.66 -14.10 40.98
C28 PX4 XC . 30.76 -13.51 40.11
C29 PX4 XC . 30.93 -14.27 38.79
C30 PX4 XC . 32.32 -14.04 38.19
C31 PX4 XC . 32.56 -14.89 36.94
C32 PX4 XC . 34.02 -14.84 36.52
C33 PX4 XC . 34.23 -15.82 35.37
C34 PX4 XC . 33.64 -17.20 35.64
C35 PX4 XC . 33.89 -18.26 34.57
C36 PX4 XC . 33.19 -17.82 33.30
O1 PX4 YC . -15.01 11.56 56.43
O2 PX4 YC . -14.01 9.27 56.89
P1 PX4 YC . -14.19 10.42 55.98
O3 PX4 YC . -12.64 10.83 56.18
C1 PX4 YC . -12.26 10.90 57.56
C2 PX4 YC . -10.85 11.45 57.76
N1 PX4 YC . -10.12 11.05 58.97
C3 PX4 YC . -10.67 11.66 60.21
C4 PX4 YC . -10.21 9.61 59.17
C5 PX4 YC . -8.67 11.34 58.94
O4 PX4 YC . -14.19 10.20 54.39
C6 PX4 YC . -12.98 9.57 53.96
C7 PX4 YC . -12.88 9.29 52.45
C8 PX4 YC . -14.27 8.97 51.87
O5 PX4 YC . -14.39 7.70 51.25
C9 PX4 YC . -14.97 6.75 52.02
O6 PX4 YC . -15.19 6.92 53.22
C10 PX4 YC . -15.25 5.45 51.26
C11 PX4 YC . -15.25 5.55 49.73
C12 PX4 YC . -15.64 4.17 49.19
C13 PX4 YC . -15.90 4.41 47.71
C14 PX4 YC . -16.44 3.16 47.02
C15 PX4 YC . -16.74 3.25 45.51
C16 PX4 YC . -17.16 1.94 44.86
C17 PX4 YC . -17.66 2.23 43.44
C18 PX4 YC . -17.88 0.88 42.73
C19 PX4 YC . -18.18 1.07 41.25
C20 PX4 YC . -18.42 -0.24 40.53
C21 PX4 YC . -19.86 -0.67 40.80
C22 PX4 YC . -20.80 0.22 39.99
O7 PX4 YC . -12.09 10.17 51.66
C23 PX4 YC . -10.74 10.17 51.82
O8 PX4 YC . -10.23 9.56 52.75
C24 PX4 YC . -9.87 11.04 50.90
C25 PX4 YC . -9.98 10.73 49.41
C26 PX4 YC . -9.16 11.75 48.62
C27 PX4 YC . -9.16 11.29 47.17
C28 PX4 YC . -10.44 11.22 46.33
C29 PX4 YC . -10.10 10.48 45.05
C30 PX4 YC . -11.29 10.36 44.09
C31 PX4 YC . -11.10 9.37 42.94
C32 PX4 YC . -12.27 9.22 41.97
C33 PX4 YC . -11.73 8.37 40.82
C34 PX4 YC . -12.73 8.05 39.70
C35 PX4 YC . -11.95 7.46 38.53
C36 PX4 YC . -12.83 6.69 37.54
O1 PX4 ZC . -10.42 21.94 53.81
O2 PX4 ZC . -12.69 22.46 55.02
P1 PX4 ZC . -11.88 21.73 54.02
O3 PX4 ZC . -12.15 20.18 54.35
C1 PX4 ZC . -11.38 19.46 53.36
C2 PX4 ZC . -11.40 17.94 53.26
N1 PX4 ZC . -10.13 17.31 52.84
C3 PX4 ZC . -8.93 17.99 53.35
C4 PX4 ZC . -9.98 15.93 53.30
C5 PX4 ZC . -10.15 17.13 51.37
O4 PX4 ZC . -12.60 21.91 52.61
C6 PX4 ZC . -11.78 22.81 51.86
C7 PX4 ZC . -12.09 22.87 50.36
C8 PX4 ZC . -12.00 21.45 49.79
O5 PX4 ZC . -11.04 21.31 48.74
C9 PX4 ZC . -10.07 20.38 48.98
O6 PX4 ZC . -9.93 19.93 50.12
C10 PX4 ZC . -9.29 19.93 47.75
C11 PX4 ZC . -10.21 19.05 46.92
C12 PX4 ZC . -10.51 17.64 47.46
C13 PX4 ZC . -11.00 16.71 46.36
C14 PX4 ZC . -11.08 15.24 46.77
C15 PX4 ZC . -11.81 14.45 45.69
C16 PX4 ZC . -13.07 15.15 45.19
C17 PX4 ZC . -13.40 14.55 43.82
C18 PX4 ZC . -14.25 13.28 43.84
C19 PX4 ZC . -14.52 12.85 42.38
C20 PX4 ZC . -15.58 11.75 42.31
C21 PX4 ZC . -15.76 11.47 40.82
C22 PX4 ZC . -16.98 10.55 40.65
O7 PX4 ZC . -13.34 23.46 50.02
C23 PX4 ZC . -13.44 24.80 49.83
O8 PX4 ZC . -12.50 25.53 50.17
C24 PX4 ZC . -14.67 25.36 49.10
C25 PX4 ZC . -14.48 25.31 47.59
C26 PX4 ZC . -15.71 25.82 46.82
C27 PX4 ZC . -15.46 26.06 45.34
C28 PX4 ZC . -16.71 26.44 44.56
C29 PX4 ZC . -17.45 27.64 45.16
C30 PX4 ZC . -18.62 28.09 44.29
C31 PX4 ZC . -19.27 29.38 44.76
C32 PX4 ZC . -20.68 29.48 44.16
C33 PX4 ZC . -21.39 30.79 44.53
C34 PX4 ZC . -22.72 30.80 43.78
C35 PX4 ZC . -22.49 30.87 42.26
C36 PX4 ZC . -23.78 30.35 41.62
O1 PX4 AD . -3.73 24.63 53.95
O2 PX4 AD . -3.48 22.12 53.56
P1 PX4 AD . -3.69 23.48 53.03
O3 PX4 AD . -2.59 23.88 51.91
C1 PX4 AD . -1.28 24.01 52.44
C2 PX4 AD . -0.36 24.79 51.52
N1 PX4 AD . 0.05 24.23 50.22
C3 PX4 AD . 0.66 22.89 50.29
C4 PX4 AD . -1.09 24.23 49.30
C5 PX4 AD . 1.01 25.18 49.64
O4 PX4 AD . -4.97 23.35 52.04
C6 PX4 AD . -4.76 22.28 51.12
C7 PX4 AD . -5.82 21.17 51.12
C8 PX4 AD . -7.11 21.97 50.98
O5 PX4 AD . -7.26 22.90 49.90
C9 PX4 AD . -8.16 23.89 50.09
O6 PX4 AD . -9.00 23.82 50.99
C10 PX4 AD . -8.37 24.91 48.96
C11 PX4 AD . -9.65 24.81 48.15
C12 PX4 AD . -9.74 23.83 46.99
C13 PX4 AD . -11.06 24.08 46.27
C14 PX4 AD . -11.06 23.41 44.89
C15 PX4 AD . -12.20 23.88 43.98
C16 PX4 AD . -11.96 23.49 42.53
C17 PX4 AD . -13.05 23.71 41.48
C18 PX4 AD . -12.55 23.13 40.15
C19 PX4 AD . -12.07 21.68 40.23
C20 PX4 AD . -11.81 21.29 38.77
C21 PX4 AD . -11.60 19.77 38.74
C22 PX4 AD . -11.11 19.38 37.35
O7 PX4 AD . -5.48 20.21 50.13
C23 PX4 AD . -6.19 19.04 50.14
O8 PX4 AD . -6.55 18.61 51.23
C24 PX4 AD . -6.02 18.07 48.97
C25 PX4 AD . -7.12 17.01 48.90
C26 PX4 AD . -6.82 16.16 47.68
C27 PX4 AD . -6.81 17.10 46.49
C28 PX4 AD . -6.48 16.43 45.15
C29 PX4 AD . -7.51 15.38 44.72
C30 PX4 AD . -7.85 15.31 43.22
C31 PX4 AD . -8.97 14.29 43.00
C32 PX4 AD . -9.35 14.09 41.55
C33 PX4 AD . -10.41 12.98 41.37
C34 PX4 AD . -10.68 12.65 39.91
C35 PX4 AD . -9.87 11.52 39.25
C36 PX4 AD . -10.31 11.34 37.79
O1 PX4 BD . 2.61 -2.94 49.01
O2 PX4 BD . 1.34 -5.15 49.42
P1 PX4 BD . 2.12 -4.25 48.55
O3 PX4 BD . 3.41 -5.08 48.08
C1 PX4 BD . 4.27 -4.44 47.12
C2 PX4 BD . 5.03 -5.52 46.35
N1 PX4 BD . 5.83 -5.42 45.13
C3 PX4 BD . 7.06 -4.64 45.36
C4 PX4 BD . 6.32 -6.77 44.80
C5 PX4 BD . 5.23 -4.84 43.92
O4 PX4 BD . 1.44 -3.98 47.10
C6 PX4 BD . 0.02 -4.15 47.23
C7 PX4 BD . -0.75 -3.58 46.04
C8 PX4 BD . 0.29 -3.41 44.93
O5 PX4 BD . 0.68 -2.08 44.57
C9 PX4 BD . 1.97 -2.07 44.16
O6 PX4 BD . 2.69 -3.05 44.24
C10 PX4 BD . 2.65 -0.75 43.76
C11 PX4 BD . 2.42 -0.38 42.30
C12 PX4 BD . 0.91 -0.39 41.98
C13 PX4 BD . 0.62 0.07 40.55
C14 PX4 BD . -0.90 0.08 40.40
C15 PX4 BD . -1.14 0.56 38.98
C16 PX4 BD . -2.63 0.55 38.60
C17 PX4 BD . -2.76 0.74 37.09
C18 PX4 BD . -4.21 1.10 36.75
C19 PX4 BD . -4.31 2.50 36.16
C20 PX4 BD . -5.73 3.04 35.95
C21 PX4 BD . -5.70 4.46 35.40
C22 PX4 BD . -4.81 4.40 34.15
O7 PX4 BD . -1.77 -4.47 45.59
C23 PX4 BD . -3.04 -4.40 46.10
O8 PX4 BD . -3.24 -4.01 47.25
C24 PX4 BD . -3.92 -5.37 45.35
C25 PX4 BD . -5.35 -4.86 45.51
C26 PX4 BD . -6.24 -5.89 44.81
C27 PX4 BD . -6.59 -5.40 43.40
C28 PX4 BD . -7.48 -4.18 43.60
C29 PX4 BD . -8.33 -3.99 42.35
C30 PX4 BD . -9.23 -2.78 42.59
C31 PX4 BD . -10.38 -2.70 41.59
C32 PX4 BD . -10.01 -2.06 40.24
C33 PX4 BD . -11.27 -1.94 39.38
C34 PX4 BD . -10.89 -1.53 37.96
C35 PX4 BD . -12.25 -1.42 37.29
C36 PX4 BD . -12.94 -2.74 37.69
O1 PX4 CD . 3.40 1.29 50.57
O2 PX4 CD . 6.06 1.50 50.28
P1 PX4 CD . 4.64 1.82 49.97
O3 PX4 CD . 4.62 3.35 50.45
C1 PX4 CD . 4.86 3.31 51.86
C2 PX4 CD . 5.75 4.43 52.40
N1 PX4 CD . 6.19 4.23 53.78
C3 PX4 CD . 7.08 5.33 54.14
C4 PX4 CD . 5.04 4.32 54.69
C5 PX4 CD . 6.96 2.98 53.99
O4 PX4 CD . 4.46 1.93 48.38
C6 PX4 CD . 3.10 2.21 48.02
C7 PX4 CD . 2.68 3.15 46.89
C8 PX4 CD . 3.94 3.21 46.03
O5 PX4 CD . 3.74 3.67 44.69
C9 PX4 CD . 4.61 3.21 43.74
O6 PX4 CD . 5.20 2.18 44.04
C10 PX4 CD . 4.29 3.72 42.33
C11 PX4 CD . 2.95 3.27 41.75
C12 PX4 CD . 2.87 3.84 40.32
C13 PX4 CD . 2.72 5.35 40.47
C14 PX4 CD . 2.54 6.05 39.11
C15 PX4 CD . 3.64 5.56 38.18
C16 PX4 CD . 3.42 6.07 36.75
C17 PX4 CD . 4.68 5.93 35.90
C18 PX4 CD . 4.46 6.38 34.46
C19 PX4 CD . 5.74 6.13 33.65
C20 PX4 CD . 6.00 4.63 33.42
C21 PX4 CD . 7.01 4.49 32.27
C22 PX4 CD . 8.37 5.15 32.46
O7 PX4 CD . 1.40 2.85 46.33
C23 PX4 CD . 0.73 3.88 45.75
O8 PX4 CD . 0.82 5.00 46.21
C24 PX4 CD . -0.48 3.49 44.88
C25 PX4 CD . -0.39 4.23 43.56
C26 PX4 CD . -1.46 3.69 42.61
C27 PX4 CD . -1.46 4.26 41.19
C28 PX4 CD . -2.67 3.87 40.35
C29 PX4 CD . -3.95 4.51 40.88
C30 PX4 CD . -5.20 4.07 40.12
C31 PX4 CD . -6.39 4.66 40.86
C32 PX4 CD . -6.24 4.42 42.36
C33 PX4 CD . -7.40 4.94 43.24
C34 PX4 CD . -7.08 4.58 44.69
C35 PX4 CD . -7.95 5.17 45.80
C36 PX4 CD . -7.93 6.71 45.91
O1 PX4 DD . -4.03 -12.44 54.82
O2 PX4 DD . -1.50 -11.88 54.88
P1 PX4 DD . -2.80 -11.94 54.16
O3 PX4 DD . -3.06 -10.43 53.66
C1 PX4 DD . -3.48 -9.56 54.71
C2 PX4 DD . -3.38 -8.09 54.30
N1 PX4 DD . -4.33 -7.54 53.32
C3 PX4 DD . -4.40 -6.09 53.49
C4 PX4 DD . -3.69 -7.64 52.01
C5 PX4 DD . -5.67 -8.14 53.35
O4 PX4 DD . -2.59 -12.50 52.66
C6 PX4 DD . -2.13 -11.64 51.63
C7 PX4 DD . -1.93 -12.22 50.22
C8 PX4 DD . -2.19 -13.70 50.49
O5 PX4 DD . -1.10 -14.60 50.31
C9 PX4 DD . -1.18 -15.89 50.76
O6 PX4 DD . -1.89 -16.14 51.75
C10 PX4 DD . -0.08 -16.86 50.31
C11 PX4 DD . -0.55 -17.62 49.08
C12 PX4 DD . -0.07 -17.17 47.70
C13 PX4 DD . -0.85 -17.98 46.68
C14 PX4 DD . -0.54 -17.50 45.26
C15 PX4 DD . -1.13 -18.31 44.12
C16 PX4 DD . -0.98 -17.54 42.82
C17 PX4 DD . -1.97 -18.07 41.78
C18 PX4 DD . -1.60 -19.44 41.25
C19 PX4 DD . -2.62 -19.88 40.19
C20 PX4 DD . -2.33 -21.31 39.73
C21 PX4 DD . -3.40 -21.79 38.73
C22 PX4 DD . -3.10 -23.24 38.40
O7 PX4 DD . -2.71 -11.72 49.14
C23 PX4 DD . -2.47 -10.49 48.62
O8 PX4 DD . -1.55 -9.81 49.06
C24 PX4 DD . -3.50 -9.94 47.62
C25 PX4 DD . -3.91 -10.96 46.58
C26 PX4 DD . -4.71 -10.29 45.47
C27 PX4 DD . -3.68 -9.47 44.68
C28 PX4 DD . -4.21 -8.97 43.33
C29 PX4 DD . -4.83 -10.12 42.55
C30 PX4 DD . -5.42 -9.82 41.16
C31 PX4 DD . -6.82 -9.26 41.37
C32 PX4 DD . -6.99 -8.41 40.10
C33 PX4 DD . -8.35 -7.70 40.15
C34 PX4 DD . -8.48 -6.60 39.08
C35 PX4 DD . -9.87 -5.98 39.18
C36 PX4 DD . -11.09 -6.81 38.75
O1 PX4 ED . 13.03 -6.90 49.42
O2 PX4 ED . 14.83 -8.28 48.13
P1 PX4 ED . 13.86 -7.17 48.22
O3 PX4 ED . 14.74 -5.81 48.09
C1 PX4 ED . 15.74 -5.86 49.11
C2 PX4 ED . 16.58 -4.58 49.26
N1 PX4 ED . 17.54 -4.61 50.36
C3 PX4 ED . 16.94 -4.94 51.67
C4 PX4 ED . 18.64 -5.51 49.99
C5 PX4 ED . 18.05 -3.23 50.46
O4 PX4 ED . 13.17 -7.08 46.78
C6 PX4 ED . 14.17 -7.47 45.82
C7 PX4 ED . 13.71 -7.47 44.35
C8 PX4 ED . 12.20 -7.21 44.35
O5 PX4 ED . 11.58 -7.96 43.29
C9 PX4 ED . 10.22 -7.82 43.29
O6 PX4 ED . 9.62 -7.04 44.04
C10 PX4 ED . 9.47 -8.51 42.15
C11 PX4 ED . 9.23 -7.40 41.13
C12 PX4 ED . 7.80 -7.57 40.60
C13 PX4 ED . 7.52 -6.40 39.65
C14 PX4 ED . 6.40 -6.77 38.66
C15 PX4 ED . 6.77 -6.26 37.26
C16 PX4 ED . 6.83 -4.74 37.37
C17 PX4 ED . 7.03 -4.33 35.91
C18 PX4 ED . 8.13 -5.20 35.30
C19 PX4 ED . 8.33 -4.88 33.82
C20 PX4 ED . 9.26 -5.91 33.18
C21 PX4 ED . 9.40 -5.54 31.70
C22 PX4 ED . 8.01 -5.37 31.09
O7 PX4 ED . 14.42 -6.69 43.39
C23 PX4 ED . 15.21 -7.49 42.64
O8 PX4 ED . 15.50 -8.64 42.95
C24 PX4 ED . 16.07 -6.75 41.61
C25 PX4 ED . 16.09 -7.38 40.21
C26 PX4 ED . 17.09 -6.74 39.23
C27 PX4 ED . 16.85 -7.09 37.77
C28 PX4 ED . 17.02 -8.55 37.35
C29 PX4 ED . 18.42 -9.09 37.63
C30 PX4 ED . 18.66 -10.56 37.28
C31 PX4 ED . 20.03 -11.17 37.61
C32 PX4 ED . 20.26 -12.38 36.70
C33 PX4 ED . 21.48 -13.21 37.10
C34 PX4 ED . 21.67 -14.12 35.86
C35 PX4 ED . 22.90 -14.97 36.15
C36 PX4 ED . 23.34 -15.99 35.09
O1 PX4 FD . 17.61 -5.90 46.47
O2 PX4 FD . 19.25 -4.00 46.51
P1 PX4 FD . 18.14 -4.67 45.80
O3 PX4 FD . 16.84 -3.72 45.79
C1 PX4 FD . 15.86 -4.14 44.84
C2 PX4 FD . 15.03 -2.95 44.40
N1 PX4 FD . 14.10 -2.31 45.34
C3 PX4 FD . 13.17 -1.42 44.63
C4 PX4 FD . 13.23 -3.36 45.90
C5 PX4 FD . 14.64 -1.62 46.53
O4 PX4 FD . 18.60 -5.05 44.32
C6 PX4 FD . 19.06 -3.94 43.54
C7 PX4 FD . 19.26 -4.19 42.04
C8 PX4 FD . 19.98 -5.55 41.99
O5 PX4 FD . 21.14 -5.59 41.14
C9 PX4 FD . 21.23 -6.83 40.58
O6 PX4 FD . 20.75 -7.84 41.10
C10 PX4 FD . 22.24 -6.93 39.44
C11 PX4 FD . 21.77 -7.67 38.19
C12 PX4 FD . 22.97 -8.02 37.30
C13 PX4 FD . 22.44 -8.63 36.01
C14 PX4 FD . 23.50 -9.07 35.00
C15 PX4 FD . 22.85 -10.00 33.96
C16 PX4 FD . 23.91 -10.39 32.93
C17 PX4 FD . 23.13 -11.20 31.89
C18 PX4 FD . 22.96 -12.67 32.30
C19 PX4 FD . 22.22 -13.59 31.33
C20 PX4 FD . 22.95 -13.85 30.01
C21 PX4 FD . 21.93 -14.64 29.19
C22 PX4 FD . 22.46 -14.93 27.79
O7 PX4 FD . 18.05 -4.10 41.29
C23 PX4 FD . 17.43 -2.89 41.17
O8 PX4 FD . 17.78 -1.80 41.61
C24 PX4 FD . 16.22 -2.82 40.23
C25 PX4 FD . 16.36 -3.22 38.76
C26 PX4 FD . 15.10 -2.85 38.00
C27 PX4 FD . 15.09 -3.51 36.61
C28 PX4 FD . 13.87 -3.37 35.70
C29 PX4 FD . 13.58 -1.93 35.25
C30 PX4 FD . 14.51 -1.55 34.09
C31 PX4 FD . 14.20 -0.12 33.63
C32 PX4 FD . 14.89 0.29 32.33
C33 PX4 FD . 14.66 1.74 31.88
C34 PX4 FD . 15.22 1.96 30.47
C35 PX4 FD . 15.02 3.38 29.93
C36 PX4 FD . 15.76 3.52 28.60
O1 PX4 GD . 26.98 10.01 42.70
O2 PX4 GD . 28.05 7.98 43.97
P1 PX4 GD . 28.12 9.11 43.01
O3 PX4 GD . 29.51 9.86 43.31
C1 PX4 GD . 29.44 10.80 44.38
C2 PX4 GD . 29.26 12.26 43.99
N1 PX4 GD . 30.32 13.05 43.34
C3 PX4 GD . 31.64 12.89 43.97
C4 PX4 GD . 30.39 12.61 41.94
C5 PX4 GD . 29.93 14.47 43.40
O4 PX4 GD . 28.52 8.37 41.64
C6 PX4 GD . 29.61 7.48 41.93
C7 PX4 GD . 29.99 6.53 40.78
C8 PX4 GD . 29.06 6.76 39.60
O5 PX4 GD . 29.56 7.58 38.53
C9 PX4 GD . 28.81 7.63 37.40
O6 PX4 GD . 27.64 7.28 37.30
C10 PX4 GD . 29.59 8.11 36.17
C11 PX4 GD . 28.71 8.61 35.03
C12 PX4 GD . 29.49 8.64 33.71
C13 PX4 GD . 28.74 9.43 32.63
C14 PX4 GD . 28.74 10.93 32.95
C15 PX4 GD . 27.79 11.62 31.97
C16 PX4 GD . 28.54 11.85 30.65
C17 PX4 GD . 27.56 12.36 29.58
C18 PX4 GD . 26.44 11.31 29.66
C19 PX4 GD . 25.33 11.82 28.74
C20 PX4 GD . 24.17 10.89 29.04
C21 PX4 GD . 24.62 9.45 28.80
C22 PX4 GD . 23.52 8.40 28.74
O7 PX4 GD . 31.39 6.50 40.51
C23 PX4 GD . 31.92 5.25 40.31
O8 PX4 GD . 31.11 4.34 40.16
C24 PX4 GD . 33.38 5.03 39.94
C25 PX4 GD . 33.62 4.01 38.82
C26 PX4 GD . 32.68 4.39 37.68
C27 PX4 GD . 32.89 3.39 36.53
C28 PX4 GD . 31.90 3.86 35.48
C29 PX4 GD . 32.18 2.91 34.32
C30 PX4 GD . 31.14 3.22 33.23
C31 PX4 GD . 31.25 4.63 32.62
C32 PX4 GD . 30.45 4.82 31.34
C33 PX4 GD . 31.00 3.97 30.19
C34 PX4 GD . 30.09 4.27 29.00
C35 PX4 GD . 30.62 3.42 27.83
C36 PX4 GD . 31.97 4.10 27.68
O1 PX4 HD . -12.34 15.15 57.82
O2 PX4 HD . -10.27 15.71 56.29
P1 PX4 HD . -11.72 15.57 56.56
O3 PX4 HD . -12.14 17.12 56.39
C1 PX4 HD . -11.46 17.75 57.50
C2 PX4 HD . -11.46 19.27 57.45
N1 PX4 HD . -10.90 20.02 58.58
C3 PX4 HD . -9.49 19.65 58.79
C4 PX4 HD . -11.02 21.47 58.38
C5 PX4 HD . -11.54 19.75 59.87
O4 PX4 HD . -12.52 15.00 55.28
C6 PX4 HD . -13.93 15.10 55.50
C7 PX4 HD . -14.69 14.76 54.20
C8 PX4 HD . -14.15 13.41 53.69
O5 PX4 HD . -14.22 13.24 52.27
C9 PX4 HD . -13.23 13.71 51.46
O6 PX4 HD . -12.22 14.23 51.94
C10 PX4 HD . -13.44 13.33 50.00
C11 PX4 HD . -13.94 11.94 49.63
C12 PX4 HD . -13.78 11.74 48.12
C13 PX4 HD . -14.28 10.36 47.72
C14 PX4 HD . -14.63 10.39 46.22
C15 PX4 HD . -14.89 8.94 45.80
C16 PX4 HD . -16.39 8.80 45.58
C17 PX4 HD . -16.79 7.52 44.85
C18 PX4 HD . -16.15 7.36 43.46
C19 PX4 HD . -17.04 6.41 42.67
C20 PX4 HD . -16.70 6.37 41.17
C21 PX4 HD . -17.51 5.31 40.44
C22 PX4 HD . -19.03 5.43 40.62
O7 PX4 HD . -16.11 14.80 54.34
C23 PX4 HD . -16.74 15.41 53.29
O8 PX4 HD . -16.17 16.18 52.50
C24 PX4 HD . -18.25 15.31 53.36
C25 PX4 HD . -18.80 14.24 52.41
C26 PX4 HD . -20.32 14.43 52.37
C27 PX4 HD . -20.82 13.71 51.13
C28 PX4 HD . -20.42 14.58 49.94
C29 PX4 HD . -21.47 14.54 48.82
C30 PX4 HD . -20.99 15.51 47.75
C31 PX4 HD . -22.08 15.92 46.76
C32 PX4 HD . -23.29 16.29 47.63
C33 PX4 HD . -24.54 16.71 46.85
C34 PX4 HD . -25.49 17.30 47.89
C35 PX4 HD . -26.70 17.88 47.17
C36 PX4 HD . -27.78 18.37 48.14
O1 PX4 ID . 0.80 33.06 44.11
O2 PX4 ID . 0.13 31.84 46.37
P1 PX4 ID . 1.08 32.52 45.47
O3 PX4 ID . 1.85 33.69 46.26
C1 PX4 ID . 2.34 33.04 47.42
C2 PX4 ID . 3.13 33.97 48.35
N1 PX4 ID . 4.52 34.29 48.03
C3 PX4 ID . 5.37 33.25 47.43
C4 PX4 ID . 4.56 35.54 47.25
C5 PX4 ID . 5.06 34.77 49.31
O4 PX4 ID . 2.25 31.41 45.47
C6 PX4 ID . 1.76 30.32 44.68
C7 PX4 ID . 2.87 29.46 44.08
C8 PX4 ID . 2.55 28.14 44.81
O5 PX4 ID . 1.18 27.90 45.02
C9 PX4 ID . 0.79 27.04 45.99
O6 PX4 ID . 1.57 26.21 46.45
C10 PX4 ID . -0.73 26.88 46.15
C11 PX4 ID . -1.18 25.56 45.53
C12 PX4 ID . -2.67 25.24 45.68
C13 PX4 ID . -3.51 25.69 44.49
C14 PX4 ID . -4.98 25.56 44.87
C15 PX4 ID . -5.76 25.83 43.57
C16 PX4 ID . -7.27 25.88 43.86
C17 PX4 ID . -8.00 26.19 42.56
C18 PX4 ID . -9.52 26.40 42.65
C19 PX4 ID . -10.14 26.93 41.37
C20 PX4 ID . -9.74 25.97 40.25
C21 PX4 ID . -10.32 26.54 38.94
C22 PX4 ID . -10.33 25.33 37.99
O7 PX4 ID . 2.97 29.27 42.67
C23 PX4 ID . 3.46 30.24 41.85
O8 PX4 ID . 3.95 31.31 42.19
C24 PX4 ID . 3.55 29.92 40.34
C25 PX4 ID . 2.27 30.17 39.57
C26 PX4 ID . 1.14 29.12 39.57
C27 PX4 ID . -0.07 29.49 38.72
C28 PX4 ID . 0.05 29.68 37.20
C29 PX4 ID . -1.25 29.72 36.42
C30 PX4 ID . -2.07 28.43 36.39
C31 PX4 ID . -3.23 28.59 35.39
C32 PX4 ID . -4.08 29.74 35.92
C33 PX4 ID . -5.03 30.34 34.88
C34 PX4 ID . -6.01 29.25 34.44
C35 PX4 ID . -6.72 29.59 33.12
C36 PX4 ID . -5.76 29.85 31.97
O1 PX4 JD . -0.36 20.65 52.47
O2 PX4 JD . -2.51 19.21 52.59
P1 PX4 JD . -1.31 19.68 51.89
O3 PX4 JD . -0.57 18.25 51.70
C1 PX4 JD . 0.85 18.46 51.62
C2 PX4 JD . 1.50 17.08 51.51
N1 PX4 JD . 2.89 16.68 51.33
C3 PX4 JD . 3.18 15.28 51.68
C4 PX4 JD . 3.29 16.85 49.92
C5 PX4 JD . 3.70 17.62 52.12
O4 PX4 JD . -1.62 19.92 50.33
C6 PX4 JD . -2.32 18.86 49.69
C7 PX4 JD . -2.56 19.17 48.21
C8 PX4 JD . -2.95 20.64 48.06
O5 PX4 JD . -4.08 20.77 47.19
C9 PX4 JD . -4.91 21.85 47.14
O6 PX4 JD . -4.62 22.87 47.75
C10 PX4 JD . -6.05 21.75 46.11
C11 PX4 JD . -5.74 20.82 44.95
C12 PX4 JD . -7.05 20.79 44.16
C13 PX4 JD . -7.01 19.59 43.21
C14 PX4 JD . -8.31 19.74 42.40
C15 PX4 JD . -8.34 18.83 41.17
C16 PX4 JD . -7.16 19.27 40.29
C17 PX4 JD . -6.76 18.37 39.10
C18 PX4 JD . -5.50 18.91 38.43
C19 PX4 JD . -5.10 18.19 37.15
C20 PX4 JD . -6.29 18.36 36.20
C21 PX4 JD . -6.09 17.72 34.83
C22 PX4 JD . -6.02 16.20 34.90
O7 PX4 JD . -1.57 18.80 47.24
C23 PX4 JD . -1.40 17.47 47.06
O8 PX4 JD . -1.90 16.63 47.79
C24 PX4 JD . -0.56 16.98 45.87
C25 PX4 JD . -1.04 17.70 44.62
C26 PX4 JD . -2.43 17.19 44.21
C27 PX4 JD . -2.72 18.03 42.96
C28 PX4 JD . -1.58 17.82 41.95
C29 PX4 JD . -2.13 17.95 40.53
C30 PX4 JD . -0.94 17.73 39.61
C31 PX4 JD . -0.28 16.35 39.75
C32 PX4 JD . 0.79 16.01 38.70
C33 PX4 JD . 0.99 14.50 38.55
C34 PX4 JD . 2.07 14.30 37.49
C35 PX4 JD . 3.31 15.06 37.99
C36 PX4 JD . 4.19 15.51 36.82
O1 PX4 KD . 5.28 -10.84 48.84
O2 PX4 KD . 6.47 -8.66 49.71
P1 PX4 KD . 5.41 -9.37 48.95
O3 PX4 KD . 4.21 -8.88 49.91
C1 PX4 KD . 4.21 -7.44 49.95
C2 PX4 KD . 3.48 -6.86 51.15
N1 PX4 KD . 4.11 -6.69 52.47
C3 PX4 KD . 3.61 -5.43 53.02
C4 PX4 KD . 3.71 -7.79 53.34
C5 PX4 KD . 5.58 -6.64 52.32
O4 PX4 KD . 4.62 -8.67 47.74
C6 PX4 KD . 3.93 -9.59 46.87
C7 PX4 KD . 2.56 -10.02 47.37
C8 PX4 KD . 1.82 -8.70 47.11
O5 PX4 KD . 1.70 -8.31 45.73
C9 PX4 KD . 0.62 -7.50 45.53
O6 PX4 KD . -0.17 -7.14 46.40
C10 PX4 KD . 0.39 -7.35 44.02
C11 PX4 KD . 1.63 -6.91 43.23
C12 PX4 KD . 1.49 -7.11 41.71
C13 PX4 KD . 2.73 -6.76 40.89
C14 PX4 KD . 2.63 -6.86 39.37
C15 PX4 KD . 2.67 -8.37 39.07
C16 PX4 KD . 2.88 -8.60 37.57
C17 PX4 KD . 2.91 -10.06 37.15
C18 PX4 KD . 2.84 -10.22 35.63
C19 PX4 KD . 2.95 -11.68 35.20
C20 PX4 KD . 3.02 -11.91 33.69
C21 PX4 KD . 3.30 -13.38 33.34
C22 PX4 KD . 3.24 -13.57 31.83
O7 PX4 KD . 1.91 -11.08 46.65
C23 PX4 KD . 1.26 -12.05 47.32
O8 PX4 KD . 1.48 -12.21 48.52
C24 PX4 KD . 0.44 -13.05 46.52
C25 PX4 KD . -0.28 -12.28 45.40
C26 PX4 KD . -0.98 -13.11 44.31
C27 PX4 KD . -2.00 -14.02 44.98
C28 PX4 KD . -2.83 -14.81 43.95
C29 PX4 KD . -3.48 -13.73 43.10
C30 PX4 KD . -4.54 -14.24 42.12
C31 PX4 KD . -3.97 -14.67 40.76
C32 PX4 KD . -4.87 -15.60 39.95
C33 PX4 KD . -5.25 -16.89 40.68
C34 PX4 KD . -6.30 -17.65 39.85
C35 PX4 KD . -6.38 -19.00 40.55
C36 PX4 KD . -6.95 -20.03 39.58
O1 PX4 LD . 8.49 -2.33 47.16
O2 PX4 LD . 10.78 -1.28 47.51
P1 PX4 LD . 9.67 -1.65 46.61
O3 PX4 LD . 9.11 -0.18 46.19
C1 PX4 LD . 8.43 0.27 47.37
C2 PX4 LD . 7.56 1.48 47.04
N1 PX4 LD . 8.24 2.74 46.68
C3 PX4 LD . 8.97 2.71 45.40
C4 PX4 LD . 7.25 3.81 46.51
C5 PX4 LD . 9.24 3.06 47.71
O4 PX4 LD . 10.06 -2.20 45.16
C6 PX4 LD . 9.31 -1.55 44.12
C7 PX4 LD . 9.20 -2.38 42.85
C8 PX4 LD . 10.08 -3.61 43.03
O5 PX4 LD . 10.50 -4.21 41.80
C9 PX4 LD . 11.86 -4.26 41.66
O6 PX4 LD . 12.65 -3.77 42.47
C10 PX4 LD . 12.40 -4.98 40.42
C11 PX4 LD . 11.38 -5.02 39.26
C12 PX4 LD . 11.78 -5.99 38.16
C13 PX4 LD . 11.86 -7.42 38.67
C14 PX4 LD . 12.78 -8.32 37.84
C15 PX4 LD . 12.24 -8.29 36.41
C16 PX4 LD . 13.25 -8.85 35.42
C17 PX4 LD . 13.06 -8.52 33.94
C18 PX4 LD . 13.66 -7.15 33.64
C19 PX4 LD . 13.24 -6.62 32.26
C20 PX4 LD . 13.92 -5.28 31.89
C21 PX4 LD . 13.12 -4.55 30.82
C22 PX4 LD . 14.00 -3.41 30.29
O7 PX4 LD . 7.87 -2.77 42.48
C23 PX4 LD . 7.21 -2.01 41.57
O8 PX4 LD . 7.62 -0.86 41.54
C24 PX4 LD . 5.73 -2.41 41.32
C25 PX4 LD . 5.39 -2.17 39.84
C26 PX4 LD . 3.89 -2.44 39.75
C27 PX4 LD . 3.40 -2.08 38.34
C28 PX4 LD . 1.90 -2.36 38.11
C29 PX4 LD . 1.37 -1.89 36.76
C30 PX4 LD . -0.04 -2.40 36.47
C31 PX4 LD . -0.29 -2.34 34.96
C32 PX4 LD . -1.68 -2.90 34.63
C33 PX4 LD . -2.77 -1.86 34.45
C34 PX4 LD . -2.91 -1.33 33.01
C35 PX4 LD . -4.09 -0.37 32.88
C36 PX4 LD . -4.17 0.04 31.41
O1 PX4 MD . 26.14 6.25 41.09
O2 PX4 MD . 24.42 7.08 42.90
P1 PX4 MD . 25.24 6.04 42.24
O3 PX4 MD . 25.79 5.09 43.42
C1 PX4 MD . 26.84 4.36 42.80
C2 PX4 MD . 27.30 3.06 43.49
N1 PX4 MD . 26.65 1.77 43.20
C3 PX4 MD . 27.30 1.26 41.99
C4 PX4 MD . 27.05 0.85 44.27
C5 PX4 MD . 25.18 1.86 43.16
O4 PX4 MD . 24.27 4.93 41.58
C6 PX4 MD . 22.91 5.15 41.96
C7 PX4 MD . 21.75 4.23 41.62
C8 PX4 MD . 21.15 4.85 40.35
O5 PX4 MD . 21.85 4.36 39.20
C9 PX4 MD . 21.28 4.70 38.01
O6 PX4 MD . 20.14 5.15 37.99
C10 PX4 MD . 22.23 4.53 36.82
C11 PX4 MD . 22.43 3.06 36.45
C12 PX4 MD . 22.52 2.58 34.99
C13 PX4 MD . 22.41 1.07 34.87
C14 PX4 MD . 23.68 0.36 35.38
C15 PX4 MD . 23.48 -1.15 35.33
C16 PX4 MD . 24.67 -1.92 35.92
C17 PX4 MD . 24.27 -3.38 35.67
C18 PX4 MD . 24.34 -3.73 34.18
C19 PX4 MD . 23.74 -5.06 33.73
C20 PX4 MD . 23.86 -5.01 32.21
C21 PX4 MD . 23.03 -6.15 31.61
C22 PX4 MD . 23.17 -6.33 30.10
O7 PX4 MD . 22.03 2.83 41.56
C23 PX4 MD . 21.04 1.92 41.64
O8 PX4 MD . 19.91 2.31 41.94
C24 PX4 MD . 21.53 0.48 41.72
C25 PX4 MD . 20.88 -0.62 40.88
C26 PX4 MD . 21.22 -0.36 39.40
C27 PX4 MD . 20.38 -1.39 38.63
C28 PX4 MD . 20.82 -2.83 38.93
C29 PX4 MD . 20.05 -3.93 38.22
C30 PX4 MD . 20.41 -4.01 36.73
C31 PX4 MD . 19.59 -4.98 35.89
C32 PX4 MD . 19.71 -4.65 34.40
C33 PX4 MD . 19.07 -5.70 33.51
C34 PX4 MD . 19.39 -7.13 33.93
C35 PX4 MD . 18.26 -7.92 33.24
C36 PX4 MD . 18.52 -9.43 33.19
O1 PX4 ND . 33.97 -4.63 45.23
O2 PX4 ND . 32.53 -6.71 45.66
P1 PX4 ND . 33.58 -6.01 44.88
O3 PX4 ND . 34.97 -6.81 45.11
C1 PX4 ND . 35.08 -6.83 46.54
C2 PX4 ND . 36.57 -7.05 46.87
N1 PX4 ND . 37.12 -8.39 46.60
C3 PX4 ND . 38.32 -8.56 47.43
C4 PX4 ND . 36.23 -9.48 47.03
C5 PX4 ND . 37.49 -8.72 45.22
O4 PX4 ND . 33.44 -6.15 43.28
C6 PX4 ND . 34.76 -6.05 42.75
C7 PX4 ND . 34.89 -6.07 41.22
C8 PX4 ND . 33.42 -6.17 40.83
O5 PX4 ND . 32.92 -7.45 40.46
C9 PX4 ND . 31.69 -7.50 39.87
O6 PX4 ND . 31.05 -6.47 39.65
C10 PX4 ND . 31.21 -8.90 39.49
C11 PX4 ND . 31.87 -9.26 38.14
C12 PX4 ND . 31.27 -10.56 37.59
C13 PX4 ND . 31.81 -10.90 36.20
C14 PX4 ND . 33.35 -11.04 36.16
C15 PX4 ND . 33.73 -11.11 34.68
C16 PX4 ND . 35.22 -11.35 34.46
C17 PX4 ND . 35.63 -11.49 32.99
C18 PX4 ND . 34.78 -12.55 32.29
C19 PX4 ND . 35.24 -12.72 30.84
C20 PX4 ND . 34.26 -13.55 30.01
C21 PX4 ND . 34.09 -14.97 30.53
C22 PX4 ND . 32.89 -15.60 29.84
O7 PX4 ND . 35.41 -4.90 40.58
C23 PX4 ND . 36.72 -4.54 40.56
O8 PX4 ND . 37.59 -5.16 41.19
C24 PX4 ND . 37.08 -3.32 39.72
C25 PX4 ND . 36.23 -2.85 38.55
C26 PX4 ND . 36.55 -1.40 38.20
C27 PX4 ND . 38.00 -1.04 37.90
C28 PX4 ND . 38.02 0.49 37.84
C29 PX4 ND . 38.10 0.73 36.34
C30 PX4 ND . 38.13 2.20 35.90
C31 PX4 ND . 36.78 2.82 36.27
C32 PX4 ND . 36.60 4.29 35.90
C33 PX4 ND . 36.83 4.59 34.41
C34 PX4 ND . 35.75 3.95 33.53
C35 PX4 ND . 36.06 4.02 32.03
C36 PX4 ND . 34.85 3.80 31.11
O1 PX4 OD . 28.92 16.07 39.95
O2 PX4 OD . 30.58 17.37 38.35
P1 PX4 OD . 29.24 16.82 38.72
O3 PX4 OD . 28.01 17.84 38.63
C1 PX4 OD . 28.53 18.94 39.39
C2 PX4 OD . 27.42 19.95 39.66
N1 PX4 OD . 27.88 21.31 39.97
C3 PX4 OD . 28.48 21.17 41.32
C4 PX4 OD . 28.85 21.86 39.02
C5 PX4 OD . 26.81 22.29 40.20
O4 PX4 OD . 28.95 15.86 37.47
C6 PX4 OD . 29.65 14.62 37.68
C7 PX4 OD . 29.22 13.55 36.67
C8 PX4 OD . 28.14 14.09 35.73
O5 PX4 OD . 27.03 13.22 35.50
C9 PX4 OD . 25.95 13.70 34.83
O6 PX4 OD . 25.70 14.90 34.90
C10 PX4 OD . 25.03 12.64 34.20
C11 PX4 OD . 23.94 13.44 33.49
C12 PX4 OD . 22.97 12.48 32.80
C13 PX4 OD . 21.72 13.25 32.37
C14 PX4 OD . 21.98 13.87 30.99
C15 PX4 OD . 20.76 14.71 30.61
C16 PX4 OD . 20.95 15.42 29.26
C17 PX4 OD . 20.96 14.37 28.15
C18 PX4 OD . 20.72 14.86 26.71
C19 PX4 OD . 21.93 15.49 26.04
C20 PX4 OD . 23.07 14.47 26.03
C21 PX4 OD . 24.35 15.15 25.52
C22 PX4 OD . 25.55 14.27 25.85
O7 PX4 OD . 30.29 13.05 35.84
C23 PX4 OD . 31.29 12.22 36.20
O8 PX4 OD . 31.21 11.60 37.27
C24 PX4 OD . 32.22 11.87 35.04
C25 PX4 OD . 33.23 12.99 34.77
C26 PX4 OD . 34.14 12.67 33.60
C27 PX4 OD . 33.35 12.33 32.32
C28 PX4 OD . 34.35 11.82 31.31
C29 PX4 OD . 33.96 11.97 29.83
C30 PX4 OD . 35.28 11.77 29.07
C31 PX4 OD . 34.87 11.58 27.60
C32 PX4 OD . 33.95 10.37 27.47
C33 PX4 OD . 33.33 10.28 26.06
C34 PX4 OD . 32.74 8.88 25.82
C35 PX4 OD . 32.44 8.61 24.35
C36 PX4 OD . 31.86 7.20 24.21
O1 PX4 PD . -2.74 26.66 48.91
O2 PX4 PD . -0.76 28.31 48.76
P1 PX4 PD . -2.08 27.92 49.30
O3 PX4 PD . -2.11 27.99 50.91
C1 PX4 PD . -3.44 28.32 51.34
C2 PX4 PD . -4.22 27.13 51.89
N1 PX4 PD . -5.65 27.40 52.13
C3 PX4 PD . -5.85 28.54 53.03
C4 PX4 PD . -6.29 27.60 50.82
C5 PX4 PD . -6.22 26.25 52.84
O4 PX4 PD . -2.99 29.17 48.87
C6 PX4 PD . -3.72 28.87 47.69
C7 PX4 PD . -5.04 29.59 47.40
C8 PX4 PD . -4.62 30.61 46.33
O5 PX4 PD . -3.51 30.30 45.49
C9 PX4 PD . -3.19 31.28 44.60
O6 PX4 PD . -3.86 32.30 44.46
C10 PX4 PD . -1.94 30.97 43.78
C11 PX4 PD . -1.94 29.46 43.53
C12 PX4 PD . -2.57 29.06 42.19
C13 PX4 PD . -1.80 27.83 41.70
C14 PX4 PD . -2.30 27.44 40.31
C15 PX4 PD . -3.65 26.70 40.30
C16 PX4 PD . -3.91 26.29 38.84
C17 PX4 PD . -5.17 25.42 39.02
C18 PX4 PD . -5.35 24.47 37.85
C19 PX4 PD . -6.54 23.58 38.23
C20 PX4 PD . -7.07 22.83 37.01
C21 PX4 PD . -8.42 22.12 37.03
C22 PX4 PD . -8.62 21.50 35.64
O7 PX4 PD . -6.02 28.70 46.86
C23 PX4 PD . -7.30 29.14 46.97
O8 PX4 PD . -7.56 30.28 47.38
C24 PX4 PD . -8.39 28.17 46.55
C25 PX4 PD . -9.64 28.99 46.18
C26 PX4 PD . -10.71 28.08 45.53
C27 PX4 PD . -11.95 28.90 45.24
C28 PX4 PD . -12.76 28.39 44.04
C29 PX4 PD . -13.95 29.25 43.67
C30 PX4 PD . -14.90 28.62 42.65
C31 PX4 PD . -14.14 28.30 41.36
C32 PX4 PD . -14.99 27.31 40.54
C33 PX4 PD . -14.37 26.82 39.23
C34 PX4 PD . -15.17 25.96 38.25
C35 PX4 PD . -14.19 25.67 37.11
C36 PX4 PD . -15.02 25.08 35.99
O1 PX4 QD . -5.67 38.64 48.13
O2 PX4 QD . -3.19 37.91 47.60
P1 PX4 QD . -4.54 38.37 47.22
O3 PX4 QD . -4.20 39.89 46.82
C1 PX4 QD . -3.59 40.47 47.96
C2 PX4 QD . -3.29 41.96 47.92
N1 PX4 QD . -4.34 42.97 47.77
C3 PX4 QD . -3.79 44.30 48.08
C4 PX4 QD . -4.79 43.11 46.37
C5 PX4 QD . -5.59 42.73 48.51
O4 PX4 QD . -4.97 37.80 45.78
C6 PX4 QD . -6.20 38.47 45.50
C7 PX4 QD . -6.12 39.43 44.30
C8 PX4 QD . -4.66 39.57 43.88
O5 PX4 QD . -4.04 40.85 43.71
C9 PX4 QD . -2.80 40.79 43.14
O6 PX4 QD . -2.39 39.73 42.67
C10 PX4 QD . -2.25 42.10 42.61
C11 PX4 QD . -1.57 41.81 41.28
C12 PX4 QD . -0.67 42.97 40.91
C13 PX4 QD . 0.20 42.78 39.66
C14 PX4 QD . -0.66 42.40 38.46
C15 PX4 QD . -1.50 43.65 38.17
C16 PX4 QD . -2.59 43.43 37.13
C17 PX4 QD . -2.99 44.73 36.41
C18 PX4 QD . -3.82 44.34 35.17
C19 PX4 QD . -3.79 45.66 34.41
C20 PX4 QD . -4.61 45.55 33.12
C21 PX4 QD . -4.88 46.97 32.63
C22 PX4 QD . -5.68 46.81 31.35
O7 PX4 QD . -6.99 39.19 43.20
C23 PX4 QD . -8.35 39.29 43.30
O8 PX4 QD . -8.87 39.64 44.36
C24 PX4 QD . -9.15 39.09 42.01
C25 PX4 QD . -9.88 37.75 41.97
C26 PX4 QD . -10.49 37.60 40.58
C27 PX4 QD . -10.95 36.16 40.40
C28 PX4 QD . -11.71 36.03 39.07
C29 PX4 QD . -12.88 37.01 39.02
C30 PX4 QD . -13.47 37.07 37.61
C31 PX4 QD . -13.68 35.61 37.18
C32 PX4 QD . -14.38 35.76 35.84
C33 PX4 QD . -14.80 34.36 35.41
C34 PX4 QD . -14.86 34.19 33.88
C35 PX4 QD . -15.73 35.31 33.32
C36 PX4 QD . -15.57 35.30 31.81
O1 PX4 RD . 6.60 13.49 49.00
O2 PX4 RD . 4.85 11.53 49.35
P1 PX4 RD . 5.38 12.71 48.64
O3 PX4 RD . 5.91 12.19 47.20
C1 PX4 RD . 6.66 10.98 47.32
C2 PX4 RD . 7.16 10.42 45.98
N1 PX4 RD . 6.23 9.71 45.08
C3 PX4 RD . 5.09 10.46 44.55
C4 PX4 RD . 6.93 9.19 43.91
C5 PX4 RD . 5.76 8.47 45.71
O4 PX4 RD . 4.24 13.73 48.16
C6 PX4 RD . 3.25 13.22 47.25
C7 PX4 RD . 2.83 14.25 46.21
C8 PX4 RD . 4.10 15.06 45.91
O5 PX4 RD . 3.96 16.27 45.14
C9 PX4 RD . 3.29 17.32 45.69
O6 PX4 RD . 2.87 17.26 46.84
C10 PX4 RD . 3.09 18.45 44.68
C11 PX4 RD . 2.62 17.90 43.33
C12 PX4 RD . 2.71 19.02 42.29
C13 PX4 RD . 2.51 18.63 40.82
C14 PX4 RD . 2.55 19.92 39.99
C15 PX4 RD . 2.61 19.60 38.49
C16 PX4 RD . 2.90 20.85 37.67
C17 PX4 RD . 3.14 20.47 36.21
C18 PX4 RD . 3.53 21.69 35.38
C19 PX4 RD . 3.99 21.37 33.96
C20 PX4 RD . 4.30 22.64 33.17
C21 PX4 RD . 4.92 22.32 31.79
C22 PX4 RD . 3.84 21.57 31.03
O7 PX4 RD . 2.08 13.62 45.16
C23 PX4 RD . 0.81 13.22 45.38
O8 PX4 RD . 0.20 13.45 46.42
C24 PX4 RD . 0.08 12.37 44.33
C25 PX4 RD . -0.82 13.37 43.60
C26 PX4 RD . -1.78 12.75 42.58
C27 PX4 RD . -2.46 14.05 42.12
C28 PX4 RD . -3.32 13.68 40.91
C29 PX4 RD . -2.53 13.40 39.64
C30 PX4 RD . -3.41 13.07 38.42
C31 PX4 RD . -2.52 12.92 37.19
C32 PX4 RD . -1.91 14.29 36.83
C33 PX4 RD . -1.10 14.19 35.55
C34 PX4 RD . -0.97 15.58 34.90
C35 PX4 RD . -0.04 15.57 33.68
C36 PX4 RD . -0.59 14.63 32.61
O1 PX4 SD . 11.24 7.87 43.34
O2 PX4 SD . 9.96 5.70 44.04
P1 PX4 SD . 10.95 6.43 43.21
O3 PX4 SD . 12.37 5.94 43.80
C1 PX4 SD . 13.32 6.98 44.01
C2 PX4 SD . 14.71 6.43 44.37
N1 PX4 SD . 15.50 5.57 43.49
C3 PX4 SD . 15.04 4.18 43.52
C4 PX4 SD . 15.36 5.94 42.07
C5 PX4 SD . 16.90 5.68 43.93
O4 PX4 SD . 11.01 5.82 41.73
C6 PX4 SD . 11.14 4.39 41.73
C7 PX4 SD . 11.35 3.64 40.41
C8 PX4 SD . 10.25 4.19 39.50
O5 PX4 SD . 9.09 3.36 39.53
C9 PX4 SD . 7.92 4.00 39.21
O6 PX4 SD . 7.91 5.18 38.90
C10 PX4 SD . 6.63 3.19 39.07
C11 PX4 SD . 6.91 1.70 38.88
C12 PX4 SD . 5.58 0.98 38.60
C13 PX4 SD . 5.02 1.35 37.22
C14 PX4 SD . 3.56 0.93 36.97
C15 PX4 SD . 3.19 1.16 35.51
C16 PX4 SD . 1.71 1.49 35.31
C17 PX4 SD . 1.43 2.92 35.78
C18 PX4 SD . -0.08 3.11 35.83
C19 PX4 SD . -0.30 4.44 36.60
C20 PX4 SD . -1.79 4.73 36.80
C21 PX4 SD . -2.07 6.11 37.43
C22 PX4 SD . -3.57 6.39 37.35
O7 PX4 SD . 12.65 3.41 39.88
C23 PX4 SD . 13.60 2.72 40.58
O8 PX4 SD . 13.34 2.19 41.65
C24 PX4 SD . 14.92 2.51 39.81
C25 PX4 SD . 15.34 1.05 39.61
C26 PX4 SD . 16.59 0.85 38.77
C27 PX4 SD . 16.31 1.25 37.32
C28 PX4 SD . 17.55 1.02 36.47
C29 PX4 SD . 17.62 -0.44 36.02
C30 PX4 SD . 18.86 -0.71 35.15
C31 PX4 SD . 18.59 -0.14 33.76
C32 PX4 SD . 19.82 -0.35 32.86
C33 PX4 SD . 19.70 0.10 31.39
C34 PX4 SD . 18.68 -0.73 30.59
C35 PX4 SD . 19.03 -2.21 30.60
C36 PX4 SD . 17.97 -3.07 29.93
O1 PX4 TD . 11.95 12.81 46.13
O2 PX4 TD . 9.89 14.33 45.91
P1 PX4 TD . 10.50 12.98 45.93
O3 PX4 TD . 9.70 12.14 47.05
C1 PX4 TD . 9.89 12.84 48.28
C2 PX4 TD . 10.72 12.15 49.37
N1 PX4 TD . 10.79 12.71 50.74
C3 PX4 TD . 11.10 14.14 50.79
C4 PX4 TD . 9.58 12.37 51.50
C5 PX4 TD . 11.94 12.17 51.49
O4 PX4 TD . 10.21 12.25 44.52
C6 PX4 TD . 10.46 13.09 43.40
C7 PX4 TD . 9.49 12.93 42.22
C8 PX4 TD . 9.32 11.45 41.95
O5 PX4 TD . 9.85 10.90 40.74
C9 PX4 TD . 9.55 9.60 40.48
O6 PX4 TD . 8.56 9.03 40.93
C10 PX4 TD . 10.32 8.93 39.35
C11 PX4 TD . 9.45 8.53 38.15
C12 PX4 TD . 10.24 7.78 37.08
C13 PX4 TD . 9.18 6.98 36.31
C14 PX4 TD . 8.18 7.87 35.60
C15 PX4 TD . 8.89 8.65 34.48
C16 PX4 TD . 7.92 9.61 33.78
C17 PX4 TD . 8.78 10.55 32.93
C18 PX4 TD . 7.84 11.43 32.10
C19 PX4 TD . 8.59 12.46 31.24
C20 PX4 TD . 7.71 13.11 30.20
C21 PX4 TD . 8.53 14.22 29.53
C22 PX4 TD . 9.52 13.56 28.58
O7 PX4 TD . 8.26 13.51 42.68
C23 PX4 TD . 8.09 14.86 42.60
O8 PX4 TD . 9.02 15.65 42.39
C24 PX4 TD . 6.77 15.26 43.25
C25 PX4 TD . 5.86 15.67 42.08
C26 PX4 TD . 5.13 14.50 41.39
C27 PX4 TD . 3.85 13.96 42.01
C28 PX4 TD . 3.44 12.74 41.19
C29 PX4 TD . 2.38 11.81 41.79
C30 PX4 TD . 2.80 10.44 41.23
C31 PX4 TD . 1.75 9.38 41.56
C32 PX4 TD . 0.42 9.87 40.99
C33 PX4 TD . -0.69 8.81 40.91
C34 PX4 TD . -1.93 9.58 40.47
C35 PX4 TD . -3.13 8.65 40.72
C36 PX4 TD . -3.13 8.02 42.12
O1 PX4 UD . 14.36 18.25 44.26
O2 PX4 UD . 16.25 17.90 42.39
P1 PX4 UD . 15.01 18.48 42.95
O3 PX4 UD . 15.51 19.95 43.33
C1 PX4 UD . 16.87 19.96 43.74
C2 PX4 UD . 17.24 21.43 44.06
N1 PX4 UD . 17.84 22.29 43.04
C3 PX4 UD . 18.46 23.47 43.66
C4 PX4 UD . 18.91 21.64 42.28
C5 PX4 UD . 16.75 22.78 42.18
O4 PX4 UD . 13.96 18.99 41.86
C6 PX4 UD . 14.72 19.19 40.67
C7 PX4 UD . 14.02 19.93 39.53
C8 PX4 UD . 12.62 19.33 39.55
O5 PX4 UD . 12.44 17.94 39.21
C9 PX4 UD . 11.17 17.50 39.10
O6 PX4 UD . 10.24 18.31 39.22
C10 PX4 UD . 10.95 15.99 38.89
C11 PX4 UD . 9.48 15.59 38.95
C12 PX4 UD . 9.25 14.08 38.85
C13 PX4 UD . 7.77 13.75 38.67
C14 PX4 UD . 7.54 12.27 39.01
C15 PX4 UD . 6.19 11.75 38.56
C16 PX4 UD . 5.90 10.28 38.88
C17 PX4 UD . 4.67 9.77 38.11
C18 PX4 UD . 4.85 9.77 36.59
C19 PX4 UD . 3.46 9.37 36.06
C20 PX4 UD . 2.41 10.47 36.30
C21 PX4 UD . 0.99 9.95 36.02
C22 PX4 UD . 0.90 8.64 36.81
O7 PX4 UD . 14.20 21.35 39.63
C23 PX4 UD . 15.28 21.92 39.04
O8 PX4 UD . 16.34 21.32 38.84
C24 PX4 UD . 15.16 23.42 38.89
C25 PX4 UD . 15.79 23.90 37.58
C26 PX4 UD . 15.63 25.37 37.18
C27 PX4 UD . 16.52 25.59 35.95
C28 PX4 UD . 16.30 24.76 34.69
C29 PX4 UD . 17.06 25.21 33.43
C30 PX4 UD . 17.31 24.04 32.48
C31 PX4 UD . 18.05 24.54 31.22
C32 PX4 UD . 18.20 23.41 30.20
C33 PX4 UD . 18.99 23.90 28.97
C34 PX4 UD . 19.32 22.84 27.91
C35 PX4 UD . 20.08 23.66 26.86
C36 PX4 UD . 20.40 22.81 25.63
O1 PX4 VD . 20.26 10.42 42.27
O2 PX4 VD . 19.10 8.20 42.63
P1 PX4 VD . 19.93 9.06 41.78
O3 PX4 VD . 21.31 8.30 41.43
C1 PX4 VD . 22.07 9.17 40.57
C2 PX4 VD . 23.55 8.86 40.46
N1 PX4 VD . 24.37 9.66 39.54
C3 PX4 VD . 25.79 9.37 39.83
C4 PX4 VD . 24.01 9.26 38.17
C5 PX4 VD . 24.30 11.10 39.81
O4 PX4 VD . 19.36 9.13 40.27
C6 PX4 VD . 18.01 8.66 40.13
C7 PX4 VD . 17.61 8.60 38.67
C8 PX4 VD . 18.88 8.46 37.82
O5 PX4 VD . 19.06 9.53 36.87
C9 PX4 VD . 20.24 9.47 36.20
O6 PX4 VD . 21.11 8.64 36.51
C10 PX4 VD . 20.40 10.49 35.07
C11 PX4 VD . 19.20 11.40 34.83
C12 PX4 VD . 19.03 11.88 33.39
C13 PX4 VD . 17.54 12.21 33.22
C14 PX4 VD . 17.31 13.15 32.03
C15 PX4 VD . 15.81 13.50 32.02
C16 PX4 VD . 14.90 12.30 31.80
C17 PX4 VD . 13.48 12.85 31.65
C18 PX4 VD . 12.67 11.64 31.21
C19 PX4 VD . 13.28 11.11 29.92
C20 PX4 VD . 12.83 12.10 28.83
C21 PX4 VD . 13.42 11.68 27.48
C22 PX4 VD . 12.61 12.07 26.22
O7 PX4 VD . 16.69 7.52 38.46
C23 PX4 VD . 15.40 7.86 38.29
O8 PX4 VD . 14.93 8.95 38.68
C24 PX4 VD . 14.43 6.69 38.18
C25 PX4 VD . 14.16 6.30 36.72
C26 PX4 VD . 13.14 5.25 36.27
C27 PX4 VD . 12.91 5.37 34.77
C28 PX4 VD . 12.04 4.19 34.32
C29 PX4 VD . 10.77 3.91 35.12
C30 PX4 VD . 10.17 2.57 34.69
C31 PX4 VD . 8.93 2.33 35.54
C32 PX4 VD . 8.63 0.84 35.31
C33 PX4 VD . 9.59 -0.08 36.04
C34 PX4 VD . 9.95 0.30 37.49
C35 PX4 VD . 10.63 -0.91 38.13
C36 PX4 VD . 11.02 -0.45 39.53
O1 PX4 WD . 32.75 1.70 41.44
O2 PX4 WD . 30.44 2.10 42.59
P1 PX4 WD . 31.35 1.31 41.73
O3 PX4 WD . 31.42 -0.06 42.57
C1 PX4 WD . 32.08 -1.19 41.99
C2 PX4 WD . 31.76 -2.56 42.58
N1 PX4 WD . 30.48 -3.23 42.31
C3 PX4 WD . 30.31 -3.41 40.86
C4 PX4 WD . 30.59 -4.50 43.04
C5 PX4 WD . 29.35 -2.42 42.80
O4 PX4 WD . 30.70 0.46 40.54
C6 PX4 WD . 31.10 1.07 39.31
C7 PX4 WD . 30.76 0.22 38.09
C8 PX4 WD . 29.29 0.37 37.71
O5 PX4 WD . 28.65 1.63 37.88
C9 PX4 WD . 27.40 1.77 37.35
O6 PX4 WD . 26.83 0.76 36.92
C10 PX4 WD . 26.71 3.11 37.53
C11 PX4 WD . 26.53 3.84 36.21
C12 PX4 WD . 27.84 4.18 35.49
C13 PX4 WD . 27.63 5.03 34.22
C14 PX4 WD . 26.63 4.45 33.23
C15 PX4 WD . 26.74 5.18 31.89
C16 PX4 WD . 26.23 4.31 30.73
C17 PX4 WD . 26.49 5.07 29.42
C18 PX4 WD . 26.21 4.14 28.24
C19 PX4 WD . 26.36 4.81 26.87
C20 PX4 WD . 25.15 5.69 26.58
C21 PX4 WD . 25.21 6.08 25.11
C22 PX4 WD . 23.95 6.85 24.73
O7 PX4 WD . 31.69 0.34 37.01
C23 PX4 WD . 32.95 -0.12 37.25
O8 PX4 WD . 33.10 -1.00 38.10
C24 PX4 WD . 33.95 0.12 36.11
C25 PX4 WD . 33.51 -0.54 34.81
C26 PX4 WD . 34.44 -0.37 33.61
C27 PX4 WD . 33.68 -1.05 32.47
C28 PX4 WD . 33.48 -2.57 32.52
C29 PX4 WD . 32.55 -2.93 31.37
C30 PX4 WD . 32.34 -4.45 31.35
C31 PX4 WD . 31.21 -4.94 30.45
C32 PX4 WD . 31.28 -6.47 30.46
C33 PX4 WD . 32.45 -7.02 29.65
C34 PX4 WD . 31.99 -8.14 28.70
C35 PX4 WD . 31.39 -7.50 27.44
C36 PX4 WD . 30.93 -8.64 26.54
O1 PX4 XD . -4.47 32.94 48.76
O2 PX4 XD . -2.53 34.65 48.35
P1 PX4 XD . -3.95 34.24 48.26
O3 PX4 XD . -4.75 35.28 49.20
C1 PX4 XD . -3.79 35.94 50.04
C2 PX4 XD . -3.67 35.35 51.45
N1 PX4 XD . -4.64 35.40 52.56
C3 PX4 XD . -4.09 34.46 53.56
C4 PX4 XD . -4.82 36.70 53.20
C5 PX4 XD . -5.87 34.74 52.11
O4 PX4 XD . -4.63 34.63 46.86
C6 PX4 XD . -5.83 33.88 46.71
C7 PX4 XD . -6.76 34.34 45.58
C8 PX4 XD . -5.88 34.81 44.43
O5 PX4 XD . -6.55 35.61 43.44
C9 PX4 XD . -5.64 36.08 42.55
O6 PX4 XD . -4.42 35.91 42.68
C10 PX4 XD . -6.24 36.70 41.30
C11 PX4 XD . -5.30 37.74 40.68
C12 PX4 XD . -6.11 38.36 39.54
C13 PX4 XD . -5.20 39.34 38.77
C14 PX4 XD . -4.05 38.55 38.16
C15 PX4 XD . -3.32 39.56 37.28
C16 PX4 XD . -2.30 39.06 36.27
C17 PX4 XD . -0.93 38.87 36.91
C18 PX4 XD . 0.14 38.45 35.91
C19 PX4 XD . 1.50 38.38 36.59
C20 PX4 XD . 2.64 38.02 35.63
C21 PX4 XD . 3.92 37.79 36.44
C22 PX4 XD . 5.12 37.06 35.81
O7 PX4 XD . -7.73 33.39 45.12
C23 PX4 XD . -8.93 33.30 45.76
O8 PX4 XD . -9.17 34.03 46.72
C24 PX4 XD . -10.07 32.59 45.04
C25 PX4 XD . -9.90 32.84 43.53
C26 PX4 XD . -11.19 32.38 42.85
C27 PX4 XD . -10.97 32.36 41.34
C28 PX4 XD . -12.12 31.83 40.48
C29 PX4 XD . -13.30 32.81 40.49
C30 PX4 XD . -14.55 32.10 40.01
C31 PX4 XD . -14.38 31.27 38.73
C32 PX4 XD . -15.75 30.80 38.25
C33 PX4 XD . -15.69 30.40 36.78
C34 PX4 XD . -17.10 30.09 36.30
C35 PX4 XD . -17.19 29.62 34.86
C36 PX4 XD . -16.60 28.27 34.43
O1 PX4 YD . 9.43 29.87 43.98
O2 PX4 YD . 9.94 28.24 45.97
P1 PX4 YD . 10.29 28.89 44.69
O3 PX4 YD . 11.74 29.56 44.93
C1 PX4 YD . 11.72 30.43 46.05
C2 PX4 YD . 13.07 31.13 46.27
N1 PX4 YD . 13.20 31.90 47.51
C3 PX4 YD . 14.58 32.37 47.58
C4 PX4 YD . 12.23 32.99 47.60
C5 PX4 YD . 13.20 31.07 48.73
O4 PX4 YD . 11.07 27.84 43.74
C6 PX4 YD . 11.18 28.50 42.47
C7 PX4 YD . 11.84 27.55 41.48
C8 PX4 YD . 10.74 27.25 40.46
O5 PX4 YD . 9.42 27.37 41.00
C9 PX4 YD . 8.56 27.25 39.94
O6 PX4 YD . 8.88 26.60 38.94
C10 PX4 YD . 7.09 27.52 40.25
C11 PX4 YD . 6.25 27.83 39.01
C12 PX4 YD . 6.86 28.63 37.88
C13 PX4 YD . 5.91 29.03 36.74
C14 PX4 YD . 6.57 29.96 35.72
C15 PX4 YD . 6.99 31.25 36.42
C16 PX4 YD . 7.48 32.27 35.38
C17 PX4 YD . 7.90 33.51 36.17
C18 PX4 YD . 8.50 34.44 35.11
C19 PX4 YD . 8.77 35.87 35.60
C20 PX4 YD . 9.23 36.75 34.44
C21 PX4 YD . 9.17 38.23 34.81
C22 PX4 YD . 10.29 38.53 35.82
O7 PX4 YD . 12.99 28.12 40.84
C23 PX4 YD . 14.02 27.39 40.34
O8 PX4 YD . 14.17 26.21 40.65
C24 PX4 YD . 15.05 28.15 39.49
C25 PX4 YD . 14.54 29.51 39.00
C26 PX4 YD . 15.64 30.27 38.26
C27 PX4 YD . 15.90 29.55 36.94
C28 PX4 YD . 17.19 30.11 36.32
C29 PX4 YD . 17.20 29.95 34.80
C30 PX4 YD . 18.63 30.12 34.26
C31 PX4 YD . 18.69 29.91 32.75
C32 PX4 YD . 19.96 30.31 31.99
C33 PX4 YD . 19.67 30.16 30.49
C34 PX4 YD . 20.85 30.44 29.55
C35 PX4 YD . 20.69 30.05 28.08
C36 PX4 YD . 22.05 29.68 27.50
O1 PX4 ZD . 17.76 28.78 47.03
O2 PX4 ZD . 19.43 27.73 45.37
P1 PX4 ZD . 18.67 28.90 45.87
O3 PX4 ZD . 19.76 30.06 46.06
C1 PX4 ZD . 20.99 29.50 46.57
C2 PX4 ZD . 21.98 30.58 47.04
N1 PX4 ZD . 21.75 31.31 48.31
C3 PX4 ZD . 22.96 32.05 48.67
C4 PX4 ZD . 20.58 32.21 48.26
C5 PX4 ZD . 21.59 30.35 49.41
O4 PX4 ZD . 17.89 29.50 44.61
C6 PX4 ZD . 18.18 28.77 43.42
C7 PX4 ZD . 17.55 29.17 42.09
C8 PX4 ZD . 16.91 30.53 42.38
O5 PX4 ZD . 15.57 30.74 41.94
C9 PX4 ZD . 15.00 31.92 42.28
O6 PX4 ZD . 15.29 32.55 43.30
C10 PX4 ZD . 13.77 32.33 41.46
C11 PX4 ZD . 12.45 31.92 42.13
C12 PX4 ZD . 11.24 32.35 41.31
C13 PX4 ZD . 10.99 31.43 40.12
C14 PX4 ZD . 9.57 31.64 39.59
C15 PX4 ZD . 8.58 31.52 40.77
C16 PX4 ZD . 7.13 31.69 40.33
C17 PX4 ZD . 6.73 33.07 39.81
C18 PX4 ZD . 5.33 33.15 39.21
C19 PX4 ZD . 5.00 34.46 38.50
C20 PX4 ZD . 3.50 34.59 38.25
C21 PX4 ZD . 2.93 33.50 37.33
C22 PX4 ZD . 1.44 33.54 37.00
O7 PX4 ZD . 18.37 29.15 40.92
C23 PX4 ZD . 18.75 27.94 40.41
O8 PX4 ZD . 18.24 26.93 40.88
C24 PX4 ZD . 19.66 28.07 39.19
C25 PX4 ZD . 19.03 27.41 37.96
C26 PX4 ZD . 20.06 27.11 36.86
C27 PX4 ZD . 21.07 26.01 37.24
C28 PX4 ZD . 22.14 25.87 36.15
C29 PX4 ZD . 21.48 25.84 34.76
C30 PX4 ZD . 22.55 25.75 33.67
C31 PX4 ZD . 21.84 25.82 32.31
C32 PX4 ZD . 22.64 25.46 31.05
C33 PX4 ZD . 22.76 23.97 30.79
C34 PX4 ZD . 23.90 23.84 29.77
C35 PX4 ZD . 23.71 24.69 28.51
C36 PX4 ZD . 25.04 24.59 27.74
O1 PX4 AE . 3.48 21.88 51.33
O2 PX4 AE . 5.04 19.98 50.49
P1 PX4 AE . 4.51 21.37 50.40
O3 PX4 AE . 5.76 22.38 50.49
C1 PX4 AE . 5.23 23.70 50.43
C2 PX4 AE . 6.32 24.73 50.21
N1 PX4 AE . 7.14 25.13 51.38
C3 PX4 AE . 6.31 25.86 52.35
C4 PX4 AE . 7.84 24.07 52.09
C5 PX4 AE . 8.20 25.97 50.80
O4 PX4 AE . 3.93 21.67 48.93
C6 PX4 AE . 4.86 21.05 48.02
C7 PX4 AE . 4.51 21.11 46.54
C8 PX4 AE . 3.24 21.95 46.49
O5 PX4 AE . 1.99 21.31 46.20
C9 PX4 AE . 0.88 22.08 46.37
O6 PX4 AE . 0.92 23.04 47.13
C10 PX4 AE . -0.41 21.56 45.74
C11 PX4 AE . -0.49 21.86 44.25
C12 PX4 AE . -1.88 21.77 43.61
C13 PX4 AE . -1.80 22.20 42.15
C14 PX4 AE . -3.19 22.10 41.52
C15 PX4 AE . -3.11 22.38 40.02
C16 PX4 AE . -2.15 21.38 39.34
C17 PX4 AE . -2.11 21.65 37.85
C18 PX4 AE . -1.24 20.55 37.22
C19 PX4 AE . -1.39 20.69 35.70
C20 PX4 AE . -0.60 19.68 34.87
C21 PX4 AE . -0.85 19.96 33.38
C22 PX4 AE . 0.22 19.13 32.65
O7 PX4 AE . 5.49 21.53 45.60
C23 PX4 AE . 6.38 20.68 45.00
O8 PX4 AE . 6.42 19.51 45.37
C24 PX4 AE . 7.17 21.22 43.80
C25 PX4 AE . 6.30 21.28 42.55
C26 PX4 AE . 6.83 22.12 41.39
C27 PX4 AE . 5.87 22.32 40.22
C28 PX4 AE . 6.66 23.28 39.32
C29 PX4 AE . 5.75 23.67 38.15
C30 PX4 AE . 6.52 24.36 37.02
C31 PX4 AE . 5.59 24.99 35.98
C32 PX4 AE . 6.26 25.90 34.94
C33 PX4 AE . 7.34 25.11 34.21
C34 PX4 AE . 7.86 25.91 33.01
C35 PX4 AE . 8.27 27.31 33.45
C36 PX4 AE . 8.77 28.20 32.29
N PHE A 1 15.33 -3.21 -12.44
CA PHE A 1 14.74 -3.99 -11.33
C PHE A 1 13.62 -3.13 -10.78
N ARG A 2 12.45 -3.75 -10.57
CA ARG A 2 11.30 -3.27 -9.85
C ARG A 2 11.39 -3.52 -8.34
N GLU A 3 12.30 -4.41 -7.95
CA GLU A 3 12.65 -4.84 -6.61
C GLU A 3 13.35 -3.76 -5.81
N MET A 4 13.08 -3.82 -4.51
CA MET A 4 13.84 -3.06 -3.53
C MET A 4 15.19 -3.73 -3.41
N PRO A 5 16.31 -3.00 -3.41
CA PRO A 5 17.60 -3.67 -3.33
C PRO A 5 17.92 -4.43 -2.05
N GLY A 6 18.86 -5.38 -2.10
CA GLY A 6 19.17 -6.15 -0.92
C GLY A 6 18.83 -7.60 -1.22
N GLY A 7 18.31 -8.25 -0.18
CA GLY A 7 17.46 -9.41 -0.36
C GLY A 7 16.28 -9.32 0.60
N PRO A 8 15.24 -8.52 0.34
CA PRO A 8 14.09 -8.31 1.19
C PRO A 8 13.19 -9.52 1.26
N VAL A 9 12.91 -9.98 2.48
CA VAL A 9 12.13 -11.19 2.69
C VAL A 9 11.25 -11.11 3.93
N TRP A 10 10.18 -11.92 3.87
CA TRP A 10 9.17 -12.00 4.90
C TRP A 10 8.96 -13.47 5.25
N ARG A 11 8.70 -14.32 4.27
CA ARG A 11 8.65 -15.77 4.39
C ARG A 11 7.30 -16.32 4.81
N LYS A 12 6.22 -15.61 4.50
CA LYS A 12 4.85 -16.02 4.76
C LYS A 12 4.30 -16.12 3.34
N HIS A 13 3.34 -17.05 3.19
CA HIS A 13 2.45 -17.28 2.07
C HIS A 13 1.07 -16.69 2.33
N TYR A 14 0.73 -16.48 3.61
CA TYR A 14 -0.51 -15.94 4.13
C TYR A 14 -0.10 -14.79 5.05
N ILE A 15 -0.49 -13.55 4.80
CA ILE A 15 -0.27 -12.39 5.63
C ILE A 15 -1.62 -12.01 6.20
N THR A 16 -1.69 -11.20 7.26
CA THR A 16 -2.89 -10.60 7.82
C THR A 16 -2.76 -9.10 8.07
N TYR A 17 -3.82 -8.29 8.09
CA TYR A 17 -3.91 -6.90 8.45
C TYR A 17 -5.09 -6.66 9.39
N ARG A 18 -5.10 -5.49 10.02
CA ARG A 18 -6.17 -4.84 10.75
C ARG A 18 -6.13 -3.34 10.50
N ILE A 19 -7.19 -2.67 10.05
CA ILE A 19 -7.26 -1.23 9.79
C ILE A 19 -7.42 -0.68 11.19
N ASN A 20 -6.55 0.24 11.60
CA ASN A 20 -6.31 0.57 13.01
C ASN A 20 -7.18 1.73 13.47
N ASN A 21 -7.52 2.59 12.50
CA ASN A 21 -8.28 3.80 12.76
C ASN A 21 -8.83 4.34 11.46
N TYR A 22 -9.96 5.04 11.58
CA TYR A 22 -10.84 5.31 10.45
C TYR A 22 -10.94 6.83 10.44
N THR A 23 -10.41 7.42 9.38
CA THR A 23 -10.35 8.80 8.97
C THR A 23 -11.70 9.49 8.87
N PRO A 24 -11.84 10.77 9.26
CA PRO A 24 -13.11 11.42 9.10
C PRO A 24 -13.43 11.95 7.71
N ASP A 25 -12.54 11.81 6.73
CA ASP A 25 -12.58 12.43 5.42
C ASP A 25 -13.56 11.82 4.43
N MET A 26 -13.73 10.49 4.47
CA MET A 26 -14.48 9.69 3.54
C MET A 26 -14.99 8.55 4.42
N ASN A 27 -16.00 7.86 3.92
CA ASN A 27 -16.71 6.83 4.63
C ASN A 27 -15.98 5.53 4.86
N ARG A 28 -16.39 4.66 5.80
CA ARG A 28 -15.70 3.53 6.38
C ARG A 28 -15.68 2.42 5.34
N GLU A 29 -16.71 2.24 4.51
CA GLU A 29 -16.80 1.28 3.43
C GLU A 29 -15.93 1.68 2.23
N ASP A 30 -15.55 2.95 2.07
CA ASP A 30 -14.70 3.47 1.00
C ASP A 30 -13.24 3.17 1.28
N VAL A 31 -12.78 3.43 2.51
CA VAL A 31 -11.51 3.11 3.14
C VAL A 31 -11.20 1.61 3.15
N ASP A 32 -12.19 0.83 3.58
CA ASP A 32 -12.09 -0.61 3.61
C ASP A 32 -11.87 -1.23 2.24
N TYR A 33 -12.69 -0.75 1.29
CA TYR A 33 -12.58 -1.17 -0.09
C TYR A 33 -11.28 -0.85 -0.84
N ALA A 34 -10.82 0.40 -0.74
CA ALA A 34 -9.51 0.82 -1.21
C ALA A 34 -8.39 -0.12 -0.81
N ILE A 35 -8.40 -0.56 0.46
CA ILE A 35 -7.39 -1.36 1.14
C ILE A 35 -7.63 -2.85 0.91
N ARG A 36 -8.86 -3.33 0.68
CA ARG A 36 -9.08 -4.67 0.20
C ARG A 36 -8.67 -4.76 -1.26
N LYS A 37 -8.88 -3.71 -2.06
CA LYS A 37 -8.68 -3.69 -3.50
C LYS A 37 -7.20 -3.71 -3.83
N ALA A 38 -6.41 -2.99 -3.02
CA ALA A 38 -4.97 -2.99 -3.13
C ALA A 38 -4.37 -4.40 -3.02
N PHE A 39 -4.89 -5.18 -2.08
CA PHE A 39 -4.36 -6.46 -1.68
C PHE A 39 -4.84 -7.44 -2.74
N GLN A 40 -6.12 -7.37 -3.14
CA GLN A 40 -6.86 -8.10 -4.17
C GLN A 40 -6.16 -8.11 -5.51
N VAL A 41 -5.64 -6.95 -5.92
CA VAL A 41 -4.90 -6.72 -7.14
C VAL A 41 -3.58 -7.49 -7.16
N TRP A 42 -2.75 -7.38 -6.13
CA TRP A 42 -1.53 -8.17 -6.02
C TRP A 42 -1.66 -9.65 -5.70
N SER A 43 -2.69 -10.06 -4.97
CA SER A 43 -3.11 -11.42 -4.71
C SER A 43 -3.75 -12.15 -5.88
N ASN A 44 -4.19 -11.44 -6.92
CA ASN A 44 -4.52 -11.96 -8.23
C ASN A 44 -3.38 -12.50 -9.08
N VAL A 45 -2.16 -12.03 -8.82
CA VAL A 45 -0.96 -12.35 -9.57
C VAL A 45 0.19 -12.96 -8.79
N THR A 46 -0.15 -13.55 -7.62
CA THR A 46 0.82 -14.22 -6.77
C THR A 46 0.19 -15.43 -6.11
N PRO A 47 0.94 -16.26 -5.38
CA PRO A 47 0.31 -17.13 -4.42
C PRO A 47 -0.14 -16.59 -3.07
N LEU A 48 0.10 -15.31 -2.82
CA LEU A 48 -0.01 -14.62 -1.56
C LEU A 48 -1.45 -14.30 -1.16
N LYS A 49 -1.72 -14.04 0.13
CA LYS A 49 -3.05 -13.73 0.59
C LYS A 49 -2.97 -12.79 1.79
N PHE A 50 -3.85 -11.79 1.80
CA PHE A 50 -4.00 -10.82 2.86
C PHE A 50 -5.39 -11.06 3.41
N SER A 51 -5.51 -11.24 4.73
CA SER A 51 -6.81 -11.37 5.37
C SER A 51 -6.90 -10.40 6.55
N LYS A 52 -8.13 -9.94 6.78
CA LYS A 52 -8.58 -9.15 7.90
C LYS A 52 -8.91 -10.06 9.06
N ILE A 53 -8.74 -9.57 10.30
CA ILE A 53 -8.88 -10.29 11.56
C ILE A 53 -9.51 -9.36 12.60
N ASN A 54 -10.26 -9.86 13.59
CA ASN A 54 -10.85 -9.17 14.72
C ASN A 54 -10.00 -9.24 15.99
N THR A 55 -8.93 -10.00 16.00
CA THR A 55 -8.07 -10.20 17.16
C THR A 55 -6.73 -10.79 16.73
N GLY A 56 -5.65 -10.42 17.42
CA GLY A 56 -4.31 -10.87 17.06
C GLY A 56 -3.52 -9.71 16.49
N MET A 57 -2.22 -9.93 16.32
CA MET A 57 -1.30 -9.01 15.67
C MET A 57 -1.53 -9.07 14.16
N ALA A 58 -1.77 -7.90 13.55
CA ALA A 58 -1.72 -7.59 12.15
C ALA A 58 -0.24 -7.59 11.77
N ASP A 59 0.08 -8.16 10.61
CA ASP A 59 1.41 -8.27 10.03
C ASP A 59 1.64 -6.95 9.31
N ILE A 60 0.62 -6.44 8.60
CA ILE A 60 0.55 -5.13 8.03
C ILE A 60 -0.40 -4.27 8.86
N LEU A 61 0.21 -3.41 9.68
CA LEU A 61 -0.46 -2.35 10.41
C LEU A 61 -0.81 -1.24 9.43
N VAL A 62 -2.10 -0.95 9.27
CA VAL A 62 -2.77 0.07 8.46
C VAL A 62 -3.33 1.04 9.50
N VAL A 63 -2.56 2.10 9.76
CA VAL A 63 -2.80 3.11 10.77
C VAL A 63 -2.84 4.47 10.08
N PHE A 64 -3.56 5.44 10.66
CA PHE A 64 -3.74 6.77 10.09
C PHE A 64 -3.39 7.76 11.20
N ALA A 65 -2.22 8.36 11.01
CA ALA A 65 -1.66 9.28 11.98
C ALA A 65 -1.34 10.63 11.35
N ARG A 66 -0.90 11.64 12.10
CA ARG A 66 -0.53 12.95 11.59
C ARG A 66 0.70 13.40 12.38
N GLY A 67 1.74 13.94 11.76
CA GLY A 67 2.87 14.60 12.44
C GLY A 67 4.06 13.66 12.57
N ALA A 68 4.80 14.01 13.63
CA ALA A 68 5.78 13.06 14.13
C ALA A 68 5.10 12.35 15.29
N HIS A 69 4.76 11.09 15.04
CA HIS A 69 3.60 10.38 15.54
C HIS A 69 4.09 9.13 16.26
N GLY A 70 5.42 9.03 16.39
CA GLY A 70 6.18 7.82 16.62
C GLY A 70 6.75 7.33 15.30
N ASP A 71 7.92 6.67 15.33
CA ASP A 71 8.61 6.04 14.22
C ASP A 71 9.61 6.95 13.56
N PHE A 72 9.71 8.22 13.96
CA PHE A 72 10.68 9.30 13.76
C PHE A 72 10.64 9.78 12.33
N HIS A 73 9.84 9.20 11.42
CA HIS A 73 9.92 9.63 10.04
C HIS A 73 9.33 11.00 9.77
N ALA A 74 8.36 11.46 10.56
CA ALA A 74 7.64 12.71 10.36
C ALA A 74 6.78 12.65 9.11
N PHE A 75 5.47 12.81 9.28
CA PHE A 75 4.46 13.30 8.37
C PHE A 75 4.44 14.83 8.33
N ASP A 76 4.27 15.32 7.10
CA ASP A 76 4.48 16.68 6.65
C ASP A 76 3.24 17.55 6.84
N GLY A 77 1.98 17.09 6.74
CA GLY A 77 0.79 17.90 6.63
C GLY A 77 0.14 17.54 5.30
N LYS A 78 -0.50 18.52 4.66
CA LYS A 78 -1.07 18.27 3.35
C LYS A 78 -0.05 18.42 2.24
N GLY A 79 0.19 17.31 1.54
CA GLY A 79 1.04 17.09 0.38
C GLY A 79 2.12 16.08 0.77
N GLY A 80 3.41 16.34 0.52
CA GLY A 80 4.62 15.56 0.46
C GLY A 80 4.44 14.06 0.66
N ILE A 81 4.62 13.46 1.86
CA ILE A 81 4.39 12.06 2.15
C ILE A 81 2.89 11.89 2.34
N LEU A 82 2.17 10.90 1.78
CA LEU A 82 0.78 10.52 1.94
C LEU A 82 0.65 9.15 2.61
N ALA A 83 1.61 8.23 2.45
CA ALA A 83 1.85 6.99 3.14
C ALA A 83 3.33 6.67 3.36
N HIS A 84 3.65 6.20 4.57
CA HIS A 84 4.94 5.71 4.97
C HIS A 84 4.81 4.20 4.78
N ALA A 85 5.47 3.70 3.74
CA ALA A 85 5.60 2.27 3.50
C ALA A 85 6.91 1.81 4.14
N PHE A 86 7.06 0.49 4.24
CA PHE A 86 8.13 -0.20 4.90
C PHE A 86 8.90 -1.16 4.01
N GLY A 87 9.68 -2.06 4.61
CA GLY A 87 10.18 -3.23 3.91
C GLY A 87 9.69 -4.45 4.69
N PRO A 88 9.85 -5.68 4.19
CA PRO A 88 9.10 -6.82 4.67
C PRO A 88 9.73 -7.31 5.98
N GLY A 89 8.98 -8.04 6.81
CA GLY A 89 9.44 -8.68 8.01
C GLY A 89 8.50 -8.34 9.15
N SER A 90 8.61 -9.21 10.17
CA SER A 90 7.98 -9.22 11.47
C SER A 90 8.28 -8.01 12.35
N GLY A 91 7.22 -7.44 12.91
CA GLY A 91 7.30 -6.32 13.83
C GLY A 91 7.03 -5.08 12.98
N ILE A 92 7.83 -4.03 13.16
CA ILE A 92 7.82 -2.87 12.30
C ILE A 92 8.51 -3.23 10.98
N GLY A 93 7.75 -3.14 9.89
CA GLY A 93 8.03 -3.95 8.71
C GLY A 93 6.71 -4.48 8.17
N GLY A 94 6.52 -4.47 6.86
CA GLY A 94 5.28 -5.03 6.36
C GLY A 94 4.11 -4.06 6.26
N ASP A 95 4.35 -2.87 6.85
CA ASP A 95 3.30 -1.96 7.23
C ASP A 95 3.13 -0.84 6.21
N ALA A 96 1.97 -0.18 6.20
CA ALA A 96 1.66 0.87 5.25
C ALA A 96 0.82 1.84 6.09
N HIS A 97 1.42 2.91 6.63
CA HIS A 97 0.82 3.80 7.60
C HIS A 97 0.55 5.07 6.80
N PHE A 98 -0.54 5.81 7.04
CA PHE A 98 -1.03 6.84 6.15
C PHE A 98 -1.15 8.18 6.87
N ASP A 99 -1.00 9.34 6.21
CA ASP A 99 -1.00 10.67 6.75
C ASP A 99 -2.46 11.10 6.77
N GLU A 100 -2.95 11.47 7.95
CA GLU A 100 -4.34 11.82 8.20
C GLU A 100 -4.53 13.28 7.82
N ASP A 101 -3.48 14.09 7.66
CA ASP A 101 -3.61 15.48 7.33
C ASP A 101 -3.84 15.67 5.85
N GLU A 102 -3.88 14.60 5.07
CA GLU A 102 -4.52 14.54 3.76
C GLU A 102 -6.04 14.50 3.85
N PHE A 103 -6.69 15.00 2.80
CA PHE A 103 -8.13 15.04 2.66
C PHE A 103 -8.47 13.96 1.64
N TRP A 104 -8.53 12.70 2.08
CA TRP A 104 -8.66 11.50 1.30
C TRP A 104 -10.13 11.32 0.90
N THR A 105 -10.40 11.13 -0.39
CA THR A 105 -11.74 10.95 -0.92
C THR A 105 -11.80 9.97 -2.08
N THR A 106 -12.97 9.63 -2.64
CA THR A 106 -13.06 8.75 -3.79
C THR A 106 -13.28 9.50 -5.09
N HIS A 107 -13.21 10.84 -5.08
CA HIS A 107 -13.40 11.88 -6.08
C HIS A 107 -12.21 11.78 -7.00
N SER A 108 -12.49 11.92 -8.31
CA SER A 108 -11.65 11.82 -9.49
C SER A 108 -10.48 12.78 -9.46
N GLY A 109 -10.70 13.93 -8.85
CA GLY A 109 -9.84 15.10 -8.74
C GLY A 109 -9.36 15.29 -7.31
N GLY A 110 -9.30 14.31 -6.40
CA GLY A 110 -8.87 14.36 -5.02
C GLY A 110 -7.89 13.24 -4.66
N THR A 111 -7.23 13.29 -3.50
CA THR A 111 -6.30 12.36 -2.91
C THR A 111 -6.93 11.01 -2.62
N ASN A 112 -6.42 9.95 -3.26
CA ASN A 112 -7.01 8.64 -3.42
C ASN A 112 -6.15 7.69 -2.62
N LEU A 113 -6.79 6.98 -1.69
CA LEU A 113 -6.18 5.97 -0.86
C LEU A 113 -5.72 4.74 -1.62
N PHE A 114 -6.45 4.15 -2.58
CA PHE A 114 -6.14 2.96 -3.34
C PHE A 114 -4.85 3.12 -4.13
N LEU A 115 -4.63 4.28 -4.79
CA LEU A 115 -3.53 4.50 -5.71
C LEU A 115 -2.29 4.87 -4.90
N THR A 116 -2.39 5.44 -3.69
CA THR A 116 -1.32 5.45 -2.71
C THR A 116 -1.09 4.09 -2.08
N ALA A 117 -2.11 3.40 -1.55
CA ALA A 117 -2.12 2.17 -0.81
C ALA A 117 -1.47 1.02 -1.57
N VAL A 118 -1.79 0.91 -2.87
CA VAL A 118 -1.38 -0.26 -3.62
C VAL A 118 0.12 -0.46 -3.78
N HIS A 119 0.78 0.67 -4.03
CA HIS A 119 2.23 0.80 -4.00
C HIS A 119 2.81 0.83 -2.59
N ALA A 120 2.11 1.33 -1.57
CA ALA A 120 2.46 1.38 -0.16
C ALA A 120 2.49 0.00 0.45
N ILE A 121 1.50 -0.86 0.19
CA ILE A 121 1.60 -2.30 0.33
C ILE A 121 2.70 -2.97 -0.47
N GLY A 122 3.04 -2.40 -1.62
CA GLY A 122 3.85 -3.00 -2.66
C GLY A 122 5.34 -2.79 -2.51
N HIS A 123 5.78 -1.61 -2.06
CA HIS A 123 6.95 -1.26 -1.30
C HIS A 123 7.24 -2.23 -0.17
N SER A 124 6.25 -2.46 0.70
CA SER A 124 6.41 -3.25 1.91
C SER A 124 6.60 -4.74 1.67
N LEU A 125 6.20 -5.25 0.50
CA LEU A 125 6.43 -6.58 -0.05
C LEU A 125 7.76 -6.66 -0.78
N GLY A 126 8.37 -5.52 -1.14
CA GLY A 126 9.74 -5.47 -1.60
C GLY A 126 9.88 -5.06 -3.07
N LEU A 127 8.94 -4.23 -3.53
CA LEU A 127 9.05 -3.49 -4.76
C LEU A 127 9.76 -2.20 -4.38
N GLY A 128 10.11 -1.50 -5.46
CA GLY A 128 10.68 -0.17 -5.62
C GLY A 128 9.84 0.59 -6.64
N HIS A 129 10.45 1.02 -7.75
CA HIS A 129 9.79 1.71 -8.85
C HIS A 129 10.09 1.01 -10.15
N SER A 130 9.12 1.06 -11.08
CA SER A 130 9.26 0.65 -12.45
C SER A 130 9.77 1.83 -13.27
N SER A 131 10.47 1.60 -14.38
CA SER A 131 11.02 2.52 -15.37
C SER A 131 10.28 2.29 -16.66
N ASP A 132 9.11 1.63 -16.62
CA ASP A 132 8.27 1.55 -17.80
C ASP A 132 7.23 2.66 -17.74
N PRO A 133 7.17 3.65 -18.62
CA PRO A 133 6.38 4.84 -18.41
C PRO A 133 4.89 4.68 -18.71
N LYS A 134 4.38 3.48 -18.44
CA LYS A 134 2.97 3.16 -18.47
C LYS A 134 2.60 2.16 -17.38
N ALA A 135 3.40 1.86 -16.38
CA ALA A 135 3.15 0.96 -15.27
C ALA A 135 2.76 1.85 -14.09
N VAL A 136 2.08 1.28 -13.10
CA VAL A 136 1.48 1.87 -11.91
C VAL A 136 2.59 2.23 -10.94
N MET A 137 3.59 1.35 -10.90
CA MET A 137 4.77 1.43 -10.04
C MET A 137 5.79 2.43 -10.53
N PHE A 138 5.64 2.99 -11.74
CA PHE A 138 6.36 4.14 -12.23
C PHE A 138 6.08 5.40 -11.39
N PRO A 139 7.10 6.24 -11.16
CA PRO A 139 7.14 7.33 -10.21
C PRO A 139 6.15 8.48 -10.45
N THR A 140 6.01 8.98 -11.67
CA THR A 140 4.97 9.92 -12.06
C THR A 140 3.58 9.36 -11.81
N TYR A 141 2.79 10.22 -11.16
CA TYR A 141 1.45 9.81 -10.76
C TYR A 141 0.58 9.79 -12.01
N LYS A 142 -0.46 8.94 -12.01
CA LYS A 142 -1.58 9.07 -12.91
C LYS A 142 -2.72 8.69 -11.97
N TYR A 143 -3.82 9.45 -12.01
CA TYR A 143 -5.10 9.06 -11.47
C TYR A 143 -5.65 8.10 -12.53
N VAL A 144 -6.12 7.00 -11.96
CA VAL A 144 -6.65 5.81 -12.63
C VAL A 144 -7.90 5.41 -11.84
N ASP A 145 -8.97 5.13 -12.58
CA ASP A 145 -10.31 4.78 -12.10
C ASP A 145 -10.28 3.38 -11.49
N ILE A 146 -10.58 3.21 -10.21
CA ILE A 146 -10.59 2.03 -9.37
C ILE A 146 -11.27 0.85 -10.02
N ASN A 147 -12.32 1.07 -10.82
CA ASN A 147 -13.12 0.06 -11.46
C ASN A 147 -12.47 -0.43 -12.75
N THR A 148 -11.97 0.49 -13.60
CA THR A 148 -11.29 0.25 -14.84
C THR A 148 -9.78 0.13 -14.67
N PHE A 149 -9.33 -0.05 -13.44
CA PHE A 149 -7.91 -0.27 -13.20
C PHE A 149 -7.41 -1.61 -13.72
N ARG A 150 -6.18 -1.52 -14.19
CA ARG A 150 -5.31 -2.68 -14.42
C ARG A 150 -3.92 -2.39 -13.88
N LEU A 151 -3.19 -3.45 -13.56
CA LEU A 151 -1.74 -3.49 -13.64
C LEU A 151 -1.35 -3.52 -15.11
N SER A 152 -0.17 -2.91 -15.32
CA SER A 152 0.50 -3.09 -16.59
C SER A 152 1.48 -4.22 -16.31
N ALA A 153 2.04 -4.71 -17.43
CA ALA A 153 2.83 -5.92 -17.42
C ALA A 153 4.19 -5.93 -16.75
N ASP A 154 4.77 -4.72 -16.64
CA ASP A 154 5.99 -4.50 -15.90
C ASP A 154 5.71 -4.53 -14.41
N ASP A 155 4.54 -4.15 -13.86
CA ASP A 155 4.11 -4.24 -12.48
C ASP A 155 4.03 -5.71 -12.08
N ILE A 156 3.39 -6.53 -12.92
CA ILE A 156 3.25 -7.95 -12.70
C ILE A 156 4.57 -8.70 -12.67
N ARG A 157 5.42 -8.59 -13.69
CA ARG A 157 6.77 -9.11 -13.77
C ARG A 157 7.59 -8.67 -12.56
N GLY A 158 7.24 -7.56 -11.91
CA GLY A 158 7.88 -6.97 -10.76
C GLY A 158 7.68 -7.86 -9.53
N ILE A 159 6.40 -8.00 -9.17
CA ILE A 159 6.05 -8.88 -8.07
C ILE A 159 6.28 -10.37 -8.35
N GLN A 160 6.13 -10.75 -9.63
CA GLN A 160 6.41 -12.09 -10.07
C GLN A 160 7.91 -12.33 -9.99
N SER A 161 8.81 -11.34 -9.93
CA SER A 161 10.25 -11.50 -9.73
C SER A 161 10.53 -11.83 -8.26
N LEU A 162 9.66 -11.41 -7.36
CA LEU A 162 9.77 -11.64 -5.92
C LEU A 162 8.99 -12.91 -5.62
N TYR A 163 7.72 -13.04 -6.01
CA TYR A 163 6.70 -14.02 -5.69
C TYR A 163 6.16 -14.85 -6.84
N GLY A 164 6.94 -15.00 -7.90
CA GLY A 164 6.64 -15.92 -8.97
C GLY A 164 7.85 -16.78 -9.32
ZN ZN B . 4.05 5.13 -6.54
ZN ZN C . 5.89 6.93 10.43
CA CA D . 1.37 14.75 3.64
CA CA E . 4.28 -5.00 10.83
CA CA F . -7.96 13.64 7.00
O1 PX4 G . 1.84 21.76 20.75
O2 PX4 G . 2.84 24.05 21.39
P1 PX4 G . 2.87 22.81 20.60
O3 PX4 G . 2.93 23.35 19.07
C1 PX4 G . 1.79 24.11 18.70
C2 PX4 G . 1.78 24.66 17.28
N1 PX4 G . 2.83 25.61 16.87
C3 PX4 G . 2.59 25.87 15.44
C4 PX4 G . 2.61 26.89 17.57
C5 PX4 G . 4.21 25.09 16.95
O4 PX4 G . 4.39 22.30 20.61
C6 PX4 G . 4.80 21.90 21.94
C7 PX4 G . 6.28 21.57 22.08
C8 PX4 G . 6.98 22.85 22.53
O5 PX4 G . 6.12 23.76 23.24
C9 PX4 G . 6.47 25.07 23.24
O6 PX4 G . 7.65 25.31 22.99
C10 PX4 G . 5.51 26.08 23.86
C11 PX4 G . 6.18 27.06 24.83
C12 PX4 G . 5.23 28.10 25.43
C13 PX4 G . 5.92 28.88 26.54
C14 PX4 G . 7.12 29.70 26.07
C15 PX4 G . 7.73 30.45 27.25
C16 PX4 G . 8.93 31.30 26.87
C17 PX4 G . 9.10 32.35 27.97
C18 PX4 G . 9.31 31.91 29.42
C19 PX4 G . 10.53 31.00 29.53
C20 PX4 G . 11.03 30.83 30.96
C21 PX4 G . 10.00 30.17 31.88
C22 PX4 G . 10.39 30.26 33.35
O7 PX4 G . 6.46 20.54 23.07
C23 PX4 G . 6.67 19.28 22.60
O8 PX4 G . 6.30 19.01 21.46
C24 PX4 G . 6.98 18.19 23.63
C25 PX4 G . 5.90 17.89 24.67
C26 PX4 G . 6.35 16.84 25.70
C27 PX4 G . 5.36 16.94 26.86
C28 PX4 G . 3.94 16.87 26.29
C29 PX4 G . 2.82 17.29 27.24
C30 PX4 G . 1.49 17.15 26.50
C31 PX4 G . 0.30 17.58 27.35
C32 PX4 G . -0.99 17.58 26.55
C33 PX4 G . -2.22 17.70 27.46
C34 PX4 G . -2.33 16.58 28.50
C35 PX4 G . -3.65 16.68 29.26
C36 PX4 G . -3.80 15.56 30.28
O1 PX4 H . 9.22 11.84 17.10
O2 PX4 H . 7.63 10.51 15.57
P1 PX4 H . 8.33 10.68 16.86
O3 PX4 H . 7.35 10.72 18.13
C1 PX4 H . 7.13 12.05 18.58
C2 PX4 H . 6.56 12.23 19.99
N1 PX4 H . 5.17 11.82 20.23
C3 PX4 H . 4.25 12.58 19.38
C4 PX4 H . 4.88 10.40 19.97
C5 PX4 H . 4.78 12.03 21.64
O4 PX4 H . 9.10 9.27 17.03
C6 PX4 H . 9.72 9.40 18.31
C7 PX4 H . 10.05 7.98 18.75
C8 PX4 H . 11.39 8.38 19.39
O5 PX4 H . 11.41 9.51 20.25
C9 PX4 H . 12.65 9.54 20.84
O6 PX4 H . 13.60 8.82 20.52
C10 PX4 H . 12.77 10.44 22.08
C11 PX4 H . 13.32 9.69 23.29
C12 PX4 H . 13.20 10.54 24.56
C13 PX4 H . 13.39 9.56 25.71
C14 PX4 H . 13.60 10.34 27.03
C15 PX4 H . 13.70 9.29 28.13
C16 PX4 H . 14.14 9.93 29.45
C17 PX4 H . 15.55 10.52 29.29
C18 PX4 H . 16.21 11.16 30.51
C19 PX4 H . 17.60 11.61 30.08
C20 PX4 H . 18.34 12.11 31.32
C21 PX4 H . 19.84 11.85 31.31
C22 PX4 H . 20.34 12.87 32.35
O7 PX4 H . 9.17 7.16 19.54
C23 PX4 H . 8.88 5.96 18.97
O8 PX4 H . 9.11 5.70 17.78
C24 PX4 H . 8.05 4.96 19.77
C25 PX4 H . 8.71 4.73 21.13
C26 PX4 H . 7.96 3.63 21.90
C27 PX4 H . 8.67 2.33 21.55
C28 PX4 H . 10.05 2.30 22.17
C29 PX4 H . 10.66 0.90 22.27
C30 PX4 H . 11.80 1.02 23.29
C31 PX4 H . 12.50 -0.32 23.08
C32 PX4 H . 13.68 -0.53 24.04
C33 PX4 H . 14.19 -1.97 23.90
C34 PX4 H . 14.92 -2.51 25.13
C35 PX4 H . 15.38 -3.94 24.86
C36 PX4 H . 16.84 -4.23 25.27
O1 PX4 I . 20.85 0.17 18.02
O2 PX4 I . 19.37 1.94 16.78
P1 PX4 I . 20.54 1.55 17.61
O3 PX4 I . 21.82 1.91 16.71
C1 PX4 I . 21.66 1.24 15.46
C2 PX4 I . 22.89 0.68 14.72
N1 PX4 I . 23.57 -0.52 15.23
C3 PX4 I . 24.38 -0.14 16.40
C4 PX4 I . 22.77 -1.61 15.81
C5 PX4 I . 24.47 -1.04 14.20
O4 PX4 I . 20.84 2.60 18.79
C6 PX4 I . 21.79 2.02 19.68
C7 PX4 I . 23.04 2.86 19.96
C8 PX4 I . 22.75 3.95 20.98
O5 PX4 I . 21.97 3.38 22.03
C9 PX4 I . 21.46 4.23 22.95
O6 PX4 I . 21.73 5.43 23.02
C10 PX4 I . 20.76 3.51 24.12
C11 PX4 I . 20.10 4.44 25.12
C12 PX4 I . 20.06 3.53 26.35
C13 PX4 I . 21.51 3.13 26.63
C14 PX4 I . 21.60 2.56 28.05
C15 PX4 I . 23.04 2.43 28.56
C16 PX4 I . 23.21 2.16 30.05
C17 PX4 I . 24.60 1.61 30.37
C18 PX4 I . 24.77 1.28 31.86
C19 PX4 I . 26.20 0.84 32.16
C20 PX4 I . 26.58 1.17 33.61
C21 PX4 I . 25.90 0.29 34.66
C22 PX4 I . 26.26 0.90 36.02
O7 PX4 I . 24.28 2.17 20.19
C23 PX4 I . 25.43 2.61 19.63
O8 PX4 I . 25.43 3.48 18.76
C24 PX4 I . 26.64 1.84 20.14
C25 PX4 I . 27.62 2.75 20.90
C26 PX4 I . 28.32 1.72 21.79
C27 PX4 I . 29.27 2.52 22.69
C28 PX4 I . 29.99 1.72 23.78
C29 PX4 I . 29.07 0.84 24.62
C30 PX4 I . 29.76 0.39 25.92
C31 PX4 I . 28.83 -0.08 27.04
C32 PX4 I . 29.75 -0.23 28.27
C33 PX4 I . 28.90 -0.41 29.52
C34 PX4 I . 29.78 -0.93 30.66
C35 PX4 I . 30.84 0.16 30.89
C36 PX4 I . 31.88 -0.19 31.94
O1 PX4 J . 33.31 13.68 11.68
O2 PX4 J . 35.43 15.15 11.24
P1 PX4 J . 34.74 14.02 11.90
O3 PX4 J . 35.66 12.71 11.63
C1 PX4 J . 35.16 11.94 10.53
C2 PX4 J . 35.77 10.58 10.20
N1 PX4 J . 35.87 9.52 11.21
C3 PX4 J . 34.48 9.21 11.58
C4 PX4 J . 36.46 8.30 10.61
C5 PX4 J . 36.70 9.89 12.38
O4 PX4 J . 35.03 14.09 13.48
C6 PX4 J . 34.34 13.05 14.17
C7 PX4 J . 34.59 13.17 15.67
C8 PX4 J . 36.02 13.67 15.90
O5 PX4 J . 36.94 12.81 16.58
C9 PX4 J . 37.80 11.98 15.93
O6 PX4 J . 37.83 12.01 14.69
C10 PX4 J . 38.73 11.13 16.78
C11 PX4 J . 38.93 9.78 16.11
C12 PX4 J . 39.80 8.85 17.00
C13 PX4 J . 38.95 8.51 18.21
C14 PX4 J . 39.67 7.50 19.11
C15 PX4 J . 38.88 7.32 20.40
C16 PX4 J . 37.42 6.99 20.05
C17 PX4 J . 36.42 6.75 21.18
C18 PX4 J . 35.07 6.33 20.61
C19 PX4 J . 34.14 6.46 21.81
C20 PX4 J . 34.28 7.90 22.34
C21 PX4 J . 33.21 8.08 23.42
C22 PX4 J . 33.37 9.50 23.97
O7 PX4 J . 33.60 13.93 16.35
C23 PX4 J . 32.39 13.45 16.70
O8 PX4 J . 32.08 12.33 16.29
C24 PX4 J . 31.41 14.33 17.49
C25 PX4 J . 31.87 14.21 18.95
C26 PX4 J . 31.10 15.32 19.68
C27 PX4 J . 31.56 16.68 19.17
C28 PX4 J . 31.06 17.82 20.07
C29 PX4 J . 31.44 17.65 21.55
C30 PX4 J . 31.17 18.98 22.26
C31 PX4 J . 31.72 19.18 23.67
C32 PX4 J . 31.14 20.50 24.20
C33 PX4 J . 31.43 20.61 25.70
C34 PX4 J . 32.92 20.70 26.08
C35 PX4 J . 33.05 20.85 27.59
C36 PX4 J . 32.36 22.11 28.13
O1 PX4 K . 27.20 -11.49 13.84
O2 PX4 K . 24.94 -10.26 13.49
P1 PX4 K . 26.28 -10.35 14.08
O3 PX4 K . 27.08 -9.04 13.58
C1 PX4 K . 27.62 -9.15 12.26
C2 PX4 K . 26.69 -8.83 11.09
N1 PX4 K . 26.15 -7.46 11.00
C3 PX4 K . 27.13 -6.42 11.31
C4 PX4 K . 25.82 -7.25 9.58
C5 PX4 K . 24.91 -7.33 11.78
O4 PX4 K . 26.37 -9.86 15.61
C6 PX4 K . 25.17 -9.26 16.10
C7 PX4 K . 25.35 -8.84 17.55
C8 PX4 K . 26.52 -9.61 18.18
O5 PX4 K . 26.34 -10.19 19.47
C9 PX4 K . 26.85 -11.35 19.99
O6 PX4 K . 27.76 -11.77 19.26
C10 PX4 K . 26.44 -11.94 21.34
C11 PX4 K . 27.59 -12.77 21.89
C12 PX4 K . 27.05 -13.15 23.27
C13 PX4 K . 26.80 -11.92 24.14
C14 PX4 K . 25.69 -12.23 25.16
C15 PX4 K . 25.55 -11.12 26.22
C16 PX4 K . 24.32 -11.37 27.07
C17 PX4 K . 24.39 -10.34 28.19
C18 PX4 K . 23.78 -8.97 27.88
C19 PX4 K . 24.12 -7.89 28.90
C20 PX4 K . 23.35 -6.63 28.49
C21 PX4 K . 23.19 -5.74 29.74
C22 PX4 K . 22.02 -6.03 30.67
O7 PX4 K . 25.27 -7.44 17.80
C23 PX4 K . 24.06 -6.91 18.13
O8 PX4 K . 23.05 -7.62 18.20
C24 PX4 K . 24.02 -5.42 18.46
C25 PX4 K . 22.75 -5.09 19.21
C26 PX4 K . 22.78 -3.62 19.62
C27 PX4 K . 21.55 -3.21 20.43
C28 PX4 K . 21.83 -1.76 20.86
C29 PX4 K . 22.92 -1.56 21.91
C30 PX4 K . 22.95 -0.13 22.47
C31 PX4 K . 23.92 -0.03 23.66
C32 PX4 K . 24.47 1.38 23.88
C33 PX4 K . 25.55 1.47 24.95
C34 PX4 K . 25.58 2.93 25.39
C35 PX4 K . 25.69 3.88 24.20
C36 PX4 K . 25.78 5.34 24.68
O1 PX4 L . 28.54 1.91 13.73
O2 PX4 L . 26.02 1.71 14.04
P1 PX4 L . 27.38 1.63 14.61
O3 PX4 L . 27.87 2.65 15.77
C1 PX4 L . 27.30 3.92 15.45
C2 PX4 L . 27.69 5.07 16.39
N1 PX4 L . 27.37 6.37 15.79
C3 PX4 L . 28.14 7.41 16.50
C4 PX4 L . 27.70 6.56 14.37
C5 PX4 L . 25.98 6.81 15.94
O4 PX4 L . 27.51 0.21 15.36
C6 PX4 L . 28.04 0.33 16.68
C7 PX4 L . 28.32 -1.00 17.39
C8 PX4 L . 29.82 -1.31 17.31
O5 PX4 L . 30.61 -0.29 17.94
C9 PX4 L . 31.18 -0.80 19.06
O6 PX4 L . 31.30 -2.01 19.29
C10 PX4 L . 32.13 0.18 19.75
C11 PX4 L . 32.03 0.18 21.28
C12 PX4 L . 32.95 -0.90 21.88
C13 PX4 L . 32.98 -0.71 23.39
C14 PX4 L . 33.97 -1.61 24.13
C15 PX4 L . 35.42 -1.42 23.62
C16 PX4 L . 36.47 -1.94 24.57
C17 PX4 L . 37.83 -1.40 24.16
C18 PX4 L . 38.39 -2.27 23.02
C19 PX4 L . 39.30 -1.30 22.26
C20 PX4 L . 39.72 -2.07 21.01
C21 PX4 L . 39.42 -1.24 19.76
C22 PX4 L . 40.09 -2.16 18.73
O7 PX4 L . 27.74 -1.10 18.69
C23 PX4 L . 26.90 -2.15 18.96
O8 PX4 L . 26.73 -3.00 18.08
C24 PX4 L . 26.33 -2.25 20.37
C25 PX4 L . 27.41 -2.17 21.45
C26 PX4 L . 28.18 -3.49 21.35
C27 PX4 L . 29.40 -3.33 22.26
C28 PX4 L . 30.39 -4.49 22.18
C29 PX4 L . 31.47 -4.33 23.26
C30 PX4 L . 32.34 -5.59 23.20
C31 PX4 L . 33.22 -5.71 24.44
C32 PX4 L . 32.31 -5.92 25.67
C33 PX4 L . 33.17 -5.89 26.94
C34 PX4 L . 32.25 -6.17 28.13
C35 PX4 L . 32.91 -6.00 29.50
C36 PX4 L . 33.19 -4.58 29.96
O1 PX4 M . -17.12 27.06 19.32
O2 PX4 M . -19.52 27.20 20.48
P1 PX4 M . -18.20 27.72 20.10
O3 PX4 M . -18.72 28.89 19.11
C1 PX4 M . -19.36 28.23 18.01
C2 PX4 M . -19.54 29.19 16.82
N1 PX4 M . -20.07 30.55 17.00
C3 PX4 M . -21.37 30.53 17.68
C4 PX4 M . -19.14 31.45 17.71
C5 PX4 M . -20.25 31.05 15.62
O4 PX4 M . -17.66 28.69 21.26
C6 PX4 M . -18.69 29.66 21.51
C7 PX4 M . -18.48 30.85 22.43
C8 PX4 M . -17.32 30.52 23.38
O5 PX4 M . -17.57 30.44 24.78
C9 PX4 M . -16.51 30.02 25.49
O6 PX4 M . -15.42 29.70 25.00
C10 PX4 M . -16.68 30.10 27.01
C11 PX4 M . -17.13 28.75 27.57
C12 PX4 M . -15.97 27.84 28.00
C13 PX4 M . -16.59 26.53 28.46
C14 PX4 M . -15.47 25.67 29.07
C15 PX4 M . -15.96 24.26 29.38
C16 PX4 M . -15.05 23.33 30.19
C17 PX4 M . -13.79 23.08 29.35
C18 PX4 M . -12.73 22.32 30.13
C19 PX4 M . -13.32 21.01 30.70
C20 PX4 M . -12.38 20.40 31.74
C21 PX4 M . -12.65 18.90 31.86
C22 PX4 M . -11.70 18.31 32.90
O7 PX4 M . -18.23 32.12 21.84
C23 PX4 M . -19.26 32.86 21.33
O8 PX4 M . -20.13 32.29 20.66
C24 PX4 M . -18.98 34.35 21.15
C25 PX4 M . -20.04 35.02 22.01
C26 PX4 M . -19.81 36.52 22.19
C27 PX4 M . -20.81 36.98 23.25
C28 PX4 M . -20.51 36.42 24.65
C29 PX4 M . -21.26 37.17 25.74
C30 PX4 M . -20.75 38.62 25.77
C31 PX4 M . -21.83 39.43 26.49
C32 PX4 M . -21.51 40.90 26.22
C33 PX4 M . -22.39 41.73 27.16
C34 PX4 M . -22.05 43.22 27.07
C35 PX4 M . -23.04 44.04 27.89
C36 PX4 M . -23.00 45.51 27.48
O1 PX4 N . -2.16 30.29 16.87
O2 PX4 N . -4.32 28.78 16.33
P1 PX4 N . -3.56 29.83 17.03
O3 PX4 N . -4.41 31.18 16.89
C1 PX4 N . -3.80 32.02 15.90
C2 PX4 N . -4.69 33.15 15.41
N1 PX4 N . -6.02 32.82 14.87
C3 PX4 N . -6.34 33.77 13.78
C4 PX4 N . -6.16 31.52 14.22
C5 PX4 N . -7.12 33.01 15.81
O4 PX4 N . -3.96 29.58 18.56
C6 PX4 N . -3.28 30.56 19.37
C7 PX4 N . -3.99 30.78 20.71
C8 PX4 N . -4.93 29.59 20.90
O5 PX4 N . -6.13 29.87 21.62
C9 PX4 N . -6.86 28.80 22.00
O6 PX4 N . -6.38 27.66 21.93
C10 PX4 N . -8.21 28.95 22.70
C11 PX4 N . -8.53 27.92 23.77
C12 PX4 N . -7.49 27.75 24.88
C13 PX4 N . -8.09 26.91 26.00
C14 PX4 N . -7.15 26.97 27.20
C15 PX4 N . -7.48 25.88 28.24
C16 PX4 N . -6.46 25.94 29.39
C17 PX4 N . -6.77 24.91 30.47
C18 PX4 N . -8.27 25.02 30.74
C19 PX4 N . -8.53 24.19 31.99
C20 PX4 N . -10.05 24.12 32.19
C21 PX4 N . -10.22 23.45 33.55
C22 PX4 N . -11.70 23.55 33.94
O7 PX4 N . -3.19 30.96 21.88
C23 PX4 N . -2.71 32.14 22.32
O8 PX4 N . -3.09 33.23 21.88
C24 PX4 N . -2.18 31.91 23.75
C25 PX4 N . -0.69 32.25 23.56
C26 PX4 N . -0.03 31.79 24.87
C27 PX4 N . 1.43 32.24 24.87
C28 PX4 N . 2.17 31.70 26.10
C29 PX4 N . 3.56 32.31 26.32
C30 PX4 N . 3.43 33.81 26.61
C31 PX4 N . 4.80 34.50 26.67
C32 PX4 N . 4.84 35.82 27.41
C33 PX4 N . 5.98 36.71 26.88
C34 PX4 N . 6.46 37.65 27.98
C35 PX4 N . 5.43 38.61 28.55
C36 PX4 N . 4.98 39.64 27.52
O1 PX4 O . 15.63 -1.18 16.35
O2 PX4 O . 13.62 -2.68 15.70
P1 PX4 O . 14.20 -1.36 15.99
O3 PX4 O . 13.95 -0.19 14.90
C1 PX4 O . 14.57 -0.54 13.68
C2 PX4 O . 14.29 0.17 12.36
N1 PX4 O . 14.14 1.63 12.26
C3 PX4 O . 14.20 1.83 10.81
C4 PX4 O . 12.84 2.12 12.72
C5 PX4 O . 15.18 2.45 12.90
O4 PX4 O . 13.24 -0.62 17.05
C6 PX4 O . 13.72 0.73 17.17
C7 PX4 O . 12.80 1.67 17.94
C8 PX4 O . 11.49 0.90 18.12
O5 PX4 O . 10.36 1.76 17.89
C9 PX4 O . 9.16 1.11 17.94
O6 PX4 O . 9.18 -0.11 17.73
C10 PX4 O . 7.91 1.98 18.03
C11 PX4 O . 7.15 2.15 16.71
C12 PX4 O . 6.09 3.22 17.02
C13 PX4 O . 5.16 3.45 15.84
C14 PX4 O . 3.84 4.10 16.27
C15 PX4 O . 2.95 4.10 15.03
C16 PX4 O . 1.61 4.66 15.49
C17 PX4 O . 1.04 3.90 16.69
C18 PX4 O . -0.40 4.36 16.93
C19 PX4 O . -0.86 3.69 18.23
C20 PX4 O . 0.12 3.96 19.37
C21 PX4 O . -0.47 3.63 20.74
C22 PX4 O . 0.13 4.40 21.92
O7 PX4 O . 13.36 2.05 19.19
C23 PX4 O . 13.31 3.38 19.44
O8 PX4 O . 12.98 4.18 18.53
C24 PX4 O . 13.88 3.86 20.76
C25 PX4 O . 13.04 4.82 21.62
C26 PX4 O . 13.91 5.61 22.58
C27 PX4 O . 14.75 4.88 23.63
C28 PX4 O . 15.21 5.77 24.77
C29 PX4 O . 16.19 4.99 25.65
C30 PX4 O . 15.50 3.72 26.16
C31 PX4 O . 16.38 2.85 27.05
C32 PX4 O . 15.62 1.57 27.41
C33 PX4 O . 14.23 1.98 27.87
C34 PX4 O . 13.31 0.82 28.29
C35 PX4 O . 14.08 0.18 29.45
C36 PX4 O . 13.89 0.95 30.75
O1 PX4 P . 20.00 13.70 17.99
O2 PX4 P . 22.47 13.36 17.55
P1 PX4 P . 21.32 13.20 18.45
O3 PX4 P . 21.20 11.61 18.77
C1 PX4 P . 22.56 11.30 19.12
C2 PX4 P . 22.79 9.89 19.63
N1 PX4 P . 22.35 9.34 20.91
C3 PX4 P . 23.11 10.07 21.94
C4 PX4 P . 20.92 9.57 21.17
C5 PX4 P . 22.66 7.91 21.04
O4 PX4 P . 21.62 13.66 19.96
C6 PX4 P . 21.13 15.00 20.12
C7 PX4 P . 20.48 15.38 21.45
C8 PX4 P . 20.21 14.13 22.28
O5 PX4 P . 18.83 13.76 22.41
C9 PX4 P . 18.64 12.45 22.72
O6 PX4 P . 19.64 11.72 22.80
C10 PX4 P . 17.21 12.01 23.05
C11 PX4 P . 16.48 13.12 23.81
C12 PX4 P . 16.76 13.12 25.30
C13 PX4 P . 16.12 14.43 25.78
C14 PX4 P . 16.17 14.67 27.28
C15 PX4 P . 16.10 16.20 27.44
C16 PX4 P . 17.03 16.94 26.47
C17 PX4 P . 17.28 18.44 26.64
C18 PX4 P . 17.91 18.80 27.99
C19 PX4 P . 18.07 20.31 28.16
C20 PX4 P . 19.04 20.90 27.12
C21 PX4 P . 19.38 22.34 27.49
C22 PX4 P . 19.85 23.21 26.32
O7 PX4 P . 21.03 16.51 22.11
C23 PX4 P . 20.57 17.76 21.81
O8 PX4 P . 19.60 17.91 21.07
C24 PX4 P . 21.31 18.90 22.50
C25 PX4 P . 21.73 19.99 21.51
C26 PX4 P . 22.38 21.18 22.23
C27 PX4 P . 23.57 20.78 23.12
C28 PX4 P . 24.11 22.03 23.81
C29 PX4 P . 24.35 23.15 22.78
C30 PX4 P . 25.01 24.37 23.44
C31 PX4 P . 25.43 25.38 22.36
C32 PX4 P . 25.82 26.70 23.02
C33 PX4 P . 24.73 27.49 23.75
C34 PX4 P . 25.41 28.43 24.75
C35 PX4 P . 26.46 29.34 24.07
C36 PX4 P . 27.15 30.29 25.03
O1 PX4 Q . 28.35 11.18 17.26
O2 PX4 Q . 26.19 9.88 17.86
P1 PX4 Q . 26.92 10.87 17.03
O3 PX4 Q . 26.68 10.55 15.47
C1 PX4 Q . 25.30 10.63 15.10
C2 PX4 Q . 25.02 11.06 13.67
N1 PX4 Q . 24.98 12.49 13.29
C3 PX4 Q . 26.39 12.89 13.27
C4 PX4 Q . 24.48 12.70 11.93
C5 PX4 Q . 24.11 13.26 14.19
O4 PX4 Q . 26.10 12.25 16.90
C6 PX4 Q . 26.86 13.27 17.57
C7 PX4 Q . 26.09 14.58 17.82
C8 PX4 Q . 25.26 14.38 19.09
O5 PX4 Q . 25.93 14.46 20.35
C9 PX4 Q . 25.22 14.09 21.44
O6 PX4 Q . 24.24 13.36 21.28
C10 PX4 Q . 25.93 14.30 22.78
C11 PX4 Q . 25.28 14.00 24.13
C12 PX4 Q . 26.33 14.11 25.25
C13 PX4 Q . 27.33 12.96 25.24
C14 PX4 Q . 28.34 13.14 26.37
C15 PX4 Q . 27.71 13.21 27.76
C16 PX4 Q . 28.80 13.35 28.83
C17 PX4 Q . 28.30 13.53 30.25
C18 PX4 Q . 29.52 13.28 31.13
C19 PX4 Q . 29.45 13.68 32.61
C20 PX4 Q . 29.07 15.14 32.81
C21 PX4 Q . 28.37 15.50 34.13
C22 PX4 Q . 28.15 17.00 34.36
O7 PX4 Q . 26.92 15.74 17.70
C23 PX4 Q . 26.32 16.95 17.86
O8 PX4 Q . 25.10 17.05 17.92
C24 PX4 Q . 27.27 18.15 17.94
C25 PX4 Q . 26.67 19.27 18.82
C26 PX4 Q . 26.28 18.76 20.20
C27 PX4 Q . 27.30 18.74 21.34
C28 PX4 Q . 26.63 18.53 22.69
C29 PX4 Q . 27.64 19.04 23.72
C30 PX4 Q . 27.01 18.88 25.11
C31 PX4 Q . 27.90 19.35 26.26
C32 PX4 Q . 27.29 19.31 27.66
C33 PX4 Q . 26.85 17.95 28.17
C34 PX4 Q . 26.44 17.97 29.65
C35 PX4 Q . 25.83 16.72 30.30
C36 PX4 Q . 25.63 16.88 31.80
O1 PX4 R . 5.19 -30.24 19.45
O2 PX4 R . 4.03 -29.82 21.70
P1 PX4 R . 4.64 -29.29 20.46
O3 PX4 R . 3.77 -28.08 19.87
C1 PX4 R . 3.58 -27.10 20.88
C2 PX4 R . 3.23 -25.72 20.31
N1 PX4 R . 4.21 -24.90 19.59
C3 PX4 R . 5.20 -24.60 20.63
C4 PX4 R . 4.79 -25.50 18.38
C5 PX4 R . 3.44 -23.72 19.18
O4 PX4 R . 5.85 -28.41 21.00
C6 PX4 R . 7.00 -29.25 21.03
C7 PX4 R . 8.20 -28.52 21.66
C8 PX4 R . 7.55 -28.06 22.97
O5 PX4 R . 7.90 -26.79 23.53
C9 PX4 R . 6.94 -26.28 24.34
O6 PX4 R . 5.85 -26.83 24.48
C10 PX4 R . 7.33 -24.97 25.04
C11 PX4 R . 6.30 -24.43 26.03
C12 PX4 R . 6.34 -22.90 26.15
C13 PX4 R . 7.68 -22.28 26.50
C14 PX4 R . 7.70 -20.77 26.74
C15 PX4 R . 9.10 -20.16 26.68
C16 PX4 R . 9.65 -20.25 25.24
C17 PX4 R . 11.02 -19.55 25.20
C18 PX4 R . 11.98 -20.14 26.23
C19 PX4 R . 13.26 -19.32 26.04
C20 PX4 R . 14.40 -19.80 26.94
C21 PX4 R . 14.67 -21.29 26.81
C22 PX4 R . 15.95 -21.70 27.55
O7 PX4 R . 9.34 -29.36 21.81
C23 PX4 R . 10.51 -28.71 21.95
O8 PX4 R . 10.67 -27.52 21.63
C24 PX4 R . 11.71 -29.59 22.34
C25 PX4 R . 12.30 -29.25 23.71
C26 PX4 R . 11.12 -29.39 24.66
C27 PX4 R . 11.41 -29.59 26.15
C28 PX4 R . 12.42 -28.48 26.48
C29 PX4 R . 12.70 -28.72 27.98
C30 PX4 R . 13.67 -27.62 28.40
C31 PX4 R . 13.76 -27.58 29.92
C32 PX4 R . 14.71 -26.41 30.22
C33 PX4 R . 14.74 -26.16 31.73
C34 PX4 R . 15.87 -25.18 32.05
C35 PX4 R . 16.04 -25.12 33.57
C36 PX4 R . 14.75 -25.04 34.39
O1 PX4 S . -8.25 41.31 15.12
O2 PX4 S . -10.49 42.74 15.10
P1 PX4 S . -9.05 42.52 15.39
O3 PX4 S . -8.41 43.62 14.43
C1 PX4 S . -9.19 44.82 14.60
C2 PX4 S . -8.45 45.96 13.91
N1 PX4 S . -7.20 46.45 14.49
C3 PX4 S . -6.10 45.63 13.98
C4 PX4 S . -7.03 47.76 13.84
C5 PX4 S . -7.16 46.51 15.95
O4 PX4 S . -8.55 43.26 16.72
C6 PX4 S . -7.21 42.92 17.02
C7 PX4 S . -6.53 43.57 18.25
C8 PX4 S . -7.78 43.63 19.13
O5 PX4 S . -8.30 44.97 19.19
C9 PX4 S . -9.54 44.99 19.75
O6 PX4 S . -10.09 43.91 19.97
C10 PX4 S . -10.12 46.41 19.84
C11 PX4 S . -10.96 46.60 21.09
C12 PX4 S . -11.21 48.12 21.13
C13 PX4 S . -11.95 48.49 22.41
C14 PX4 S . -12.04 49.99 22.68
C15 PX4 S . -12.68 50.25 24.04
C16 PX4 S . -12.50 51.70 24.49
C17 PX4 S . -11.05 52.08 24.79
C18 PX4 S . -10.86 53.48 25.38
C19 PX4 S . -11.73 53.73 26.62
C20 PX4 S . -11.50 55.19 27.06
C21 PX4 S . -12.26 55.53 28.34
C22 PX4 S . -11.75 56.88 28.87
O7 PX4 S . -5.43 42.92 18.88
C23 PX4 S . -4.19 43.31 18.42
O8 PX4 S . -4.12 44.06 17.45
C24 PX4 S . -3.00 42.81 19.21
C25 PX4 S . -3.22 41.55 20.04
C26 PX4 S . -3.62 41.88 21.47
C27 PX4 S . -2.51 42.65 22.18
C28 PX4 S . -2.84 42.94 23.65
C29 PX4 S . -1.70 43.85 24.15
C30 PX4 S . -1.79 43.94 25.68
C31 PX4 S . -2.80 45.07 25.86
C32 PX4 S . -3.04 45.42 27.34
C33 PX4 S . -4.20 46.37 27.62
C34 PX4 S . -5.52 45.69 28.04
C35 PX4 S . -6.47 46.71 28.65
C36 PX4 S . -7.83 46.08 28.87
O1 PX4 T . 30.80 17.68 8.28
O2 PX4 T . 29.15 16.18 9.74
P1 PX4 T . 30.10 17.27 9.51
O3 PX4 T . 29.28 18.53 10.09
C1 PX4 T . 28.53 19.13 9.02
C2 PX4 T . 27.61 20.26 9.46
N1 PX4 T . 26.36 20.01 10.17
C3 PX4 T . 26.58 19.43 11.50
C4 PX4 T . 25.62 21.24 10.49
C5 PX4 T . 25.40 19.17 9.45
O4 PX4 T . 31.14 17.30 10.75
C6 PX4 T . 30.41 17.03 11.94
C7 PX4 T . 31.19 17.12 13.25
C8 PX4 T . 32.66 16.91 12.98
O5 PX4 T . 33.53 17.07 14.12
C9 PX4 T . 34.79 17.46 13.80
O6 PX4 T . 35.07 18.10 12.77
C10 PX4 T . 35.82 17.53 14.92
C11 PX4 T . 35.08 17.61 16.25
C12 PX4 T . 36.00 17.25 17.41
C13 PX4 T . 35.27 17.53 18.74
C14 PX4 T . 36.21 17.14 19.87
C15 PX4 T . 36.48 15.63 19.75
C16 PX4 T . 37.95 15.27 20.00
C17 PX4 T . 38.05 13.75 19.89
C18 PX4 T . 39.45 13.29 20.27
C19 PX4 T . 40.40 14.08 19.36
C20 PX4 T . 41.87 14.07 19.82
C21 PX4 T . 42.40 15.48 19.53
C22 PX4 T . 43.90 15.47 19.28
O7 PX4 T . 30.99 18.32 14.02
C23 PX4 T . 29.72 18.46 14.49
O8 PX4 T . 28.83 17.64 14.26
C24 PX4 T . 29.47 19.63 15.45
C25 PX4 T . 30.73 19.94 16.27
C26 PX4 T . 30.62 21.33 16.93
C27 PX4 T . 31.73 21.33 17.99
C28 PX4 T . 33.11 20.84 17.52
C29 PX4 T . 34.12 21.28 18.57
C30 PX4 T . 33.78 20.71 19.95
C31 PX4 T . 35.00 20.86 20.84
C32 PX4 T . 34.68 21.33 22.26
C33 PX4 T . 35.83 21.59 23.25
C34 PX4 T . 36.49 20.27 23.64
C35 PX4 T . 37.58 20.51 24.69
C36 PX4 T . 36.94 21.11 25.94
O1 PX4 U . 35.05 3.32 10.50
O2 PX4 U . 34.00 5.54 9.63
P1 PX4 U . 35.08 4.78 10.30
O3 PX4 U . 36.49 4.88 9.52
C1 PX4 U . 36.28 4.47 8.17
C2 PX4 U . 37.57 4.15 7.41
N1 PX4 U . 38.39 2.98 7.78
C3 PX4 U . 39.25 2.95 6.58
C4 PX4 U . 39.28 3.23 8.93
C5 PX4 U . 37.60 1.76 7.90
O4 PX4 U . 35.40 5.42 11.74
C6 PX4 U . 36.73 5.11 12.18
C7 PX4 U . 37.16 5.88 13.44
C8 PX4 U . 35.87 6.08 14.25
O5 PX4 U . 35.84 7.47 14.60
C9 PX4 U . 34.78 7.71 15.41
O6 PX4 U . 33.82 6.97 15.55
C10 PX4 U . 34.82 9.14 15.97
C11 PX4 U . 34.42 9.21 17.44
C12 PX4 U . 34.90 10.50 18.11
C13 PX4 U . 34.36 10.70 19.53
C14 PX4 U . 34.63 12.07 20.16
C15 PX4 U . 33.74 12.27 21.39
C16 PX4 U . 33.94 13.57 22.16
C17 PX4 U . 32.96 13.63 23.33
C18 PX4 U . 33.40 14.80 24.21
C19 PX4 U . 32.50 14.98 25.43
C20 PX4 U . 33.00 16.10 26.33
C21 PX4 U . 32.12 15.96 27.59
C22 PX4 U . 32.50 17.20 28.41
O7 PX4 U . 38.17 5.15 14.14
C23 PX4 U . 39.43 5.67 14.12
O8 PX4 U . 39.76 6.49 13.27
C24 PX4 U . 40.34 5.33 15.30
C25 PX4 U . 39.91 4.05 16.02
C26 PX4 U . 40.49 4.02 17.44
C27 PX4 U . 40.70 2.52 17.66
C28 PX4 U . 41.36 2.31 19.02
C29 PX4 U . 40.47 3.02 20.05
C30 PX4 U . 40.88 2.96 21.52
C31 PX4 U . 41.97 3.92 22.01
C32 PX4 U . 42.18 3.69 23.50
C33 PX4 U . 42.99 4.86 24.08
C34 PX4 U . 43.24 4.55 25.55
C35 PX4 U . 44.02 5.73 26.15
C36 PX4 U . 45.48 5.63 25.74
O1 PX4 V . 0.35 19.70 18.78
O2 PX4 V . 2.88 19.19 19.01
P1 PX4 V . 1.47 18.92 19.35
O3 PX4 V . 1.17 17.39 19.06
C1 PX4 V . 0.80 17.33 17.69
C2 PX4 V . -0.06 16.25 16.99
N1 PX4 V . 0.29 14.82 17.10
C3 PX4 V . 0.60 14.38 18.47
C4 PX4 V . -0.79 14.03 16.51
C5 PX4 V . 1.49 14.46 16.32
O4 PX4 V . 1.43 18.73 20.95
C6 PX4 V . 2.32 17.64 21.26
C7 PX4 V . 2.57 17.53 22.76
C8 PX4 V . 2.02 18.82 23.36
O5 PX4 V . 2.98 19.56 24.14
C9 PX4 V . 2.41 20.49 24.97
O6 PX4 V . 1.26 20.91 25.02
C10 PX4 V . 3.49 21.40 25.55
C11 PX4 V . 3.84 20.89 26.93
C12 PX4 V . 4.98 21.73 27.53
C13 PX4 V . 4.47 23.13 27.82
C14 PX4 V . 5.61 23.80 28.56
C15 PX4 V . 5.14 25.14 29.16
C16 PX4 V . 4.06 24.85 30.21
C17 PX4 V . 2.94 25.90 30.22
C18 PX4 V . 1.62 25.31 30.74
C19 PX4 V . 0.43 26.26 30.60
C20 PX4 V . -0.72 25.54 31.28
C21 PX4 V . -2.03 26.32 31.15
C22 PX4 V . -2.35 26.23 29.65
O7 PX4 V . 2.12 16.27 23.24
C23 PX4 V . 3.01 15.25 23.46
O8 PX4 V . 4.04 15.32 22.78
C24 PX4 V . 2.38 13.95 23.93
C25 PX4 V . 3.10 13.51 25.21
C26 PX4 V . 4.48 12.86 25.12
C27 PX4 V . 4.91 12.34 26.49
C28 PX4 V . 6.37 11.91 26.65
C29 PX4 V . 6.64 11.54 28.12
C30 PX4 V . 8.07 11.06 28.28
C31 PX4 V . 8.39 10.85 29.76
C32 PX4 V . 9.89 10.63 29.93
C33 PX4 V . 10.28 10.13 31.32
C34 PX4 V . 9.65 8.80 31.72
C35 PX4 V . 9.76 8.51 33.23
C36 PX4 V . 11.09 7.84 33.61
O1 PX4 W . 11.53 21.29 15.88
O2 PX4 W . 13.13 19.29 15.77
P1 PX4 W . 12.51 20.39 16.54
O3 PX4 W . 11.53 19.78 17.65
C1 PX4 W . 11.13 18.43 17.39
C2 PX4 W . 9.70 18.08 17.80
N1 PX4 W . 9.28 18.03 19.20
C3 PX4 W . 10.37 17.67 20.12
C4 PX4 W . 8.76 19.36 19.62
C5 PX4 W . 8.25 16.98 19.24
O4 PX4 W . 13.55 21.14 17.53
C6 PX4 W . 12.80 22.24 18.04
C7 PX4 W . 13.22 22.87 19.38
C8 PX4 W . 13.72 24.28 18.97
O5 PX4 W . 15.13 24.38 19.16
C9 PX4 W . 15.84 25.42 18.65
O6 PX4 W . 15.35 25.98 17.66
C10 PX4 W . 17.22 25.73 19.21
C11 PX4 W . 17.38 25.52 20.72
C12 PX4 W . 18.74 25.91 21.33
C13 PX4 W . 18.65 26.08 22.85
C14 PX4 W . 19.80 26.96 23.32
C15 PX4 W . 19.41 27.47 24.71
C16 PX4 W . 20.52 28.44 25.13
C17 PX4 W . 20.07 28.91 26.51
C18 PX4 W . 18.75 29.67 26.34
C19 PX4 W . 18.52 30.46 27.62
C20 PX4 W . 18.20 29.61 28.84
C21 PX4 W . 18.16 30.54 30.05
C22 PX4 W . 16.93 31.44 30.12
O7 PX4 W . 12.09 22.96 20.24
C23 PX4 W . 11.90 21.92 21.10
O8 PX4 W . 12.75 21.03 21.07
C24 PX4 W . 10.89 22.18 22.22
C25 PX4 W . 11.00 21.27 23.45
C26 PX4 W . 10.01 21.77 24.51
C27 PX4 W . 10.04 20.79 25.69
C28 PX4 W . 9.13 21.27 26.80
C29 PX4 W . 9.58 20.61 28.10
C30 PX4 W . 8.46 20.59 29.16
C31 PX4 W . 8.49 19.54 30.28
C32 PX4 W . 7.28 19.68 31.20
C33 PX4 W . 7.28 18.66 32.34
C34 PX4 W . 6.41 19.15 33.51
C35 PX4 W . 7.07 20.32 34.21
C36 PX4 W . 6.08 20.93 35.23
O1 PX4 X . 17.15 23.83 10.98
O2 PX4 X . 19.55 22.76 11.21
P1 PX4 X . 18.26 23.24 11.76
O3 PX4 X . 17.64 21.88 12.36
C1 PX4 X . 16.83 21.34 11.33
C2 PX4 X . 16.32 19.92 11.62
N1 PX4 X . 15.60 19.54 12.84
C3 PX4 X . 14.92 18.23 12.72
C4 PX4 X . 16.44 19.56 14.04
C5 PX4 X . 14.43 20.42 12.95
O4 PX4 X . 18.37 24.00 13.18
C6 PX4 X . 19.04 23.19 14.15
C7 PX4 X . 18.80 23.66 15.58
C8 PX4 X . 18.60 25.17 15.54
O5 PX4 X . 19.42 25.78 16.53
C9 PX4 X . 19.45 27.13 16.65
O6 PX4 X . 18.57 27.83 16.16
C10 PX4 X . 20.73 27.74 17.26
C11 PX4 X . 20.67 28.01 18.78
C12 PX4 X . 21.74 28.93 19.35
C13 PX4 X . 21.46 29.52 20.74
C14 PX4 X . 22.70 30.34 21.13
C15 PX4 X . 22.43 31.14 22.42
C16 PX4 X . 23.77 31.71 22.88
C17 PX4 X . 23.57 32.67 24.05
C18 PX4 X . 24.86 33.48 24.15
C19 PX4 X . 25.04 34.37 25.38
C20 PX4 X . 26.38 35.09 25.53
C21 PX4 X . 26.53 35.77 26.89
C22 PX4 X . 27.88 36.51 26.94
O7 PX4 X . 17.83 22.89 16.31
C23 PX4 X . 18.29 21.76 16.93
O8 PX4 X . 19.51 21.60 16.95
C24 PX4 X . 17.30 20.82 17.59
C25 PX4 X . 17.07 21.18 19.07
C26 PX4 X . 18.26 21.35 20.01
C27 PX4 X . 17.86 21.77 21.43
C28 PX4 X . 17.37 20.48 22.10
C29 PX4 X . 17.09 20.87 23.54
C30 PX4 X . 15.66 21.39 23.44
C31 PX4 X . 15.00 21.94 24.71
C32 PX4 X . 15.96 22.90 25.40
C33 PX4 X . 15.37 23.58 26.64
C34 PX4 X . 16.23 24.79 26.99
C35 PX4 X . 16.19 24.99 28.50
C36 PX4 X . 16.99 26.25 28.83
O1 PX4 Y . 9.38 -30.20 18.95
O2 PX4 Y . 10.87 -32.29 18.94
P1 PX4 Y . 9.52 -31.67 18.89
O3 PX4 Y . 8.77 -32.08 17.53
C1 PX4 Y . 7.37 -31.92 17.73
C2 PX4 Y . 6.35 -32.77 16.95
N1 PX4 Y . 6.33 -34.23 17.06
C3 PX4 Y . 7.24 -34.87 16.09
C4 PX4 Y . 6.72 -34.69 18.39
C5 PX4 Y . 4.93 -34.66 16.89
O4 PX4 Y . 8.50 -32.36 19.92
C6 PX4 Y . 9.17 -32.33 21.17
C7 PX4 Y . 8.41 -33.13 22.23
C8 PX4 Y . 9.33 -34.31 22.48
O5 PX4 Y . 10.73 -33.98 22.63
C9 PX4 Y . 11.57 -35.01 22.89
O6 PX4 Y . 11.35 -36.12 22.43
C10 PX4 Y . 12.92 -34.64 23.51
C11 PX4 Y . 12.95 -34.68 25.03
C12 PX4 Y . 14.32 -34.85 25.67
C13 PX4 Y . 14.15 -34.84 27.19
C14 PX4 Y . 13.59 -33.47 27.57
C15 PX4 Y . 13.68 -33.43 29.10
C16 PX4 Y . 13.59 -31.98 29.60
C17 PX4 Y . 13.57 -31.98 31.13
C18 PX4 Y . 13.32 -30.54 31.63
C19 PX4 Y . 12.95 -30.60 33.11
C20 PX4 Y . 12.60 -29.20 33.60
C21 PX4 Y . 12.43 -29.17 35.11
C22 PX4 Y . 12.10 -27.76 35.61
O7 PX4 Y . 7.93 -32.44 23.37
C23 PX4 Y . 6.58 -32.42 23.50
O8 PX4 Y . 5.76 -32.95 22.76
C24 PX4 Y . 5.99 -31.46 24.55
C25 PX4 Y . 7.01 -30.91 25.53
C26 PX4 Y . 6.50 -29.67 26.29
C27 PX4 Y . 7.48 -29.31 27.41
C28 PX4 Y . 7.02 -28.11 28.24
C29 PX4 Y . 5.61 -28.44 28.72
C30 PX4 Y . 4.86 -27.12 28.84
C31 PX4 Y . 5.48 -26.25 29.93
C32 PX4 Y . 4.91 -24.88 30.34
C33 PX4 Y . 5.53 -24.21 31.55
C34 PX4 Y . 5.38 -22.69 31.46
C35 PX4 Y . 6.76 -22.01 31.51
C36 PX4 Y . 7.50 -22.39 32.79
O1 PX4 Z . 0.00 -20.67 17.70
O2 PX4 Z . 0.09 -23.14 18.73
P1 PX4 Z . 0.11 -21.66 18.80
O3 PX4 Z . -1.26 -21.41 19.61
C1 PX4 Z . -2.25 -21.93 18.72
C2 PX4 Z . -3.71 -21.69 19.13
N1 PX4 Z . -4.56 -20.87 18.24
C3 PX4 Z . -5.18 -21.77 17.24
C4 PX4 Z . -5.61 -20.31 19.10
C5 PX4 Z . -3.80 -19.93 17.42
O4 PX4 Z . 1.07 -21.13 19.98
C6 PX4 Z . 0.81 -22.21 20.89
C7 PX4 Z . 1.60 -22.26 22.21
C8 PX4 Z . 1.23 -20.92 22.83
O5 PX4 Z . 2.03 -20.31 23.84
C9 PX4 Z . 1.70 -19.07 24.28
O6 PX4 Z . 0.60 -18.58 23.95
C10 PX4 Z . 2.55 -18.49 25.40
C11 PX4 Z . 3.11 -19.49 26.41
C12 PX4 Z . 3.86 -18.84 27.57
C13 PX4 Z . 4.54 -19.88 28.47
C14 PX4 Z . 4.74 -19.19 29.81
C15 PX4 Z . 5.59 -17.91 29.74
C16 PX4 Z . 5.75 -17.37 31.15
C17 PX4 Z . 6.71 -18.25 31.95
C18 PX4 Z . 6.64 -17.90 33.44
C19 PX4 Z . 5.24 -18.27 33.97
C20 PX4 Z . 5.29 -17.64 35.37
C21 PX4 Z . 3.95 -17.86 36.08
C22 PX4 Z . 4.08 -16.99 37.33
O7 PX4 Z . 1.28 -23.39 23.02
C23 PX4 Z . 2.31 -23.82 23.80
O8 PX4 Z . 3.44 -23.69 23.32
C24 PX4 Z . 1.91 -24.84 24.86
C25 PX4 Z . 2.29 -24.32 26.26
C26 PX4 Z . 1.22 -23.54 27.01
C27 PX4 Z . 1.86 -22.84 28.21
C28 PX4 Z . 0.99 -21.97 29.10
C29 PX4 Z . 1.75 -21.70 30.40
C30 PX4 Z . 1.18 -20.60 31.29
C31 PX4 Z . 1.94 -20.41 32.60
C32 PX4 Z . 2.09 -21.71 33.39
C33 PX4 Z . 2.62 -21.74 34.83
C34 PX4 Z . 3.92 -22.54 35.00
C35 PX4 Z . 4.02 -22.97 36.47
C36 PX4 Z . 5.32 -23.75 36.55
O1 PX4 AA . 5.35 -17.74 20.21
O2 PX4 AA . 7.14 -16.27 18.94
P1 PX4 AA . 6.71 -17.20 20.01
O3 PX4 AA . 7.61 -18.46 19.52
C1 PX4 AA . 7.37 -19.74 20.12
C2 PX4 AA . 8.40 -20.79 19.72
N1 PX4 AA . 9.84 -20.55 19.86
C3 PX4 AA . 10.30 -19.80 21.04
C4 PX4 AA . 10.49 -21.85 19.99
C5 PX4 AA . 10.38 -19.80 18.70
O4 PX4 AA . 7.57 -17.25 21.37
C6 PX4 AA . 8.72 -16.39 21.35
C7 PX4 AA . 9.33 -16.19 22.74
C8 PX4 AA . 8.18 -16.62 23.66
O5 PX4 AA . 7.82 -15.61 24.61
C9 PX4 AA . 6.82 -16.03 25.43
O6 PX4 AA . 6.46 -17.20 25.32
C10 PX4 AA . 6.23 -15.07 26.46
C11 PX4 AA . 4.71 -15.20 26.50
C12 PX4 AA . 4.00 -14.36 27.59
C13 PX4 AA . 2.51 -14.48 27.35
C14 PX4 AA . 1.83 -13.18 27.80
C15 PX4 AA . 2.36 -12.66 29.13
C16 PX4 AA . 1.59 -11.49 29.77
C17 PX4 AA . 2.06 -11.30 31.21
C18 PX4 AA . 3.49 -10.76 31.29
C19 PX4 AA . 3.55 -9.34 30.73
C20 PX4 AA . 4.88 -8.63 31.02
C21 PX4 AA . 4.85 -7.17 30.57
C22 PX4 AA . 4.64 -7.05 29.06
O7 PX4 AA . 10.61 -16.79 22.86
C23 PX4 AA . 11.64 -16.02 22.41
O8 PX4 AA . 11.41 -15.03 21.72
C24 PX4 AA . 13.01 -16.71 22.27
C25 PX4 AA . 14.19 -15.81 21.90
C26 PX4 AA . 15.49 -16.58 22.14
C27 PX4 AA . 15.72 -16.83 23.62
C28 PX4 AA . 17.09 -17.48 23.82
C29 PX4 AA . 17.32 -17.84 25.29
C30 PX4 AA . 16.93 -16.67 26.22
C31 PX4 AA . 16.67 -17.21 27.62
C32 PX4 AA . 15.68 -16.28 28.36
C33 PX4 AA . 15.17 -16.81 29.70
C34 PX4 AA . 14.51 -15.70 30.54
C35 PX4 AA . 14.35 -16.07 32.02
C36 PX4 AA . 13.14 -15.28 32.52
O1 PX4 BA . -5.75 38.48 15.11
O2 PX4 BA . -5.21 41.03 15.04
P1 PX4 BA . -5.10 39.70 15.67
O3 PX4 BA . -3.54 39.31 15.66
C1 PX4 BA . -3.37 38.09 16.39
C2 PX4 BA . -1.90 37.74 16.64
N1 PX4 BA . -0.89 38.54 17.35
C3 PX4 BA . -1.08 38.36 18.79
C4 PX4 BA . 0.40 37.95 17.02
C5 PX4 BA . -0.78 39.98 17.06
O4 PX4 BA . -5.26 39.57 17.27
C6 PX4 BA . -6.54 38.94 17.43
C7 PX4 BA . -6.83 38.71 18.92
C8 PX4 BA . -5.46 38.50 19.55
O5 PX4 BA . -5.50 38.16 20.94
C9 PX4 BA . -4.40 37.59 21.49
O6 PX4 BA . -3.42 37.23 20.82
C10 PX4 BA . -4.45 37.33 23.00
C11 PX4 BA . -4.31 35.87 23.45
C12 PX4 BA . -3.66 35.99 24.84
C13 PX4 BA . -4.03 34.68 25.54
C14 PX4 BA . -3.47 34.52 26.95
C15 PX4 BA . -1.95 34.44 26.95
C16 PX4 BA . -1.37 34.99 28.27
C17 PX4 BA . 0.13 35.14 28.15
C18 PX4 BA . 0.82 35.78 29.36
C19 PX4 BA . 0.55 37.27 29.63
C20 PX4 BA . 1.19 37.44 31.01
C21 PX4 BA . 0.85 38.74 31.73
C22 PX4 BA . 1.87 39.31 32.70
O7 PX4 BA . -7.51 39.81 19.54
C23 PX4 BA . -8.63 39.59 20.27
O8 PX4 BA . -9.30 38.56 20.23
C24 PX4 BA . -9.05 40.71 21.21
C25 PX4 BA . -8.03 40.94 22.33
C26 PX4 BA . -8.12 39.82 23.38
C27 PX4 BA . -7.16 40.13 24.52
C28 PX4 BA . -7.37 39.20 25.72
C29 PX4 BA . -7.09 37.76 25.26
C30 PX4 BA . -7.23 36.92 26.53
C31 PX4 BA . -6.19 37.17 27.63
C32 PX4 BA . -6.37 36.12 28.74
C33 PX4 BA . -5.45 36.10 29.95
C34 PX4 BA . -5.55 34.66 30.48
C35 PX4 BA . -4.72 34.27 31.70
C36 PX4 BA . -3.22 34.44 31.58
O1 PX4 CA . -2.49 26.92 20.04
O2 PX4 CA . -0.98 26.86 17.97
P1 PX4 CA . -1.34 26.34 19.31
O3 PX4 CA . -1.34 24.73 19.28
C1 PX4 CA . -1.26 24.52 20.70
C2 PX4 CA . -0.94 23.04 20.94
N1 PX4 CA . -1.25 22.44 22.24
C3 PX4 CA . -0.80 21.04 22.24
C4 PX4 CA . -0.58 23.16 23.34
C5 PX4 CA . -2.72 22.41 22.42
O4 PX4 CA . -0.08 26.72 20.22
C6 PX4 CA . 0.03 28.15 20.35
C7 PX4 CA . 0.39 28.56 21.78
C8 PX4 CA . -0.28 27.53 22.68
O5 PX4 CA . -1.59 27.91 23.13
C9 PX4 CA . -2.43 26.94 23.57
O6 PX4 CA . -2.12 25.74 23.59
C10 PX4 CA . -3.71 27.36 24.31
C11 PX4 CA . -3.46 27.64 25.79
C12 PX4 CA . -2.45 28.75 26.09
C13 PX4 CA . -2.60 29.17 27.56
C14 PX4 CA . -1.34 29.92 27.94
C15 PX4 CA . -1.43 30.45 29.37
C16 PX4 CA . -0.14 31.25 29.47
C17 PX4 CA . 0.99 30.30 29.12
C18 PX4 CA . 2.20 31.05 29.68
C19 PX4 CA . 3.41 30.15 29.96
C20 PX4 CA . 4.76 30.73 30.39
C21 PX4 CA . 5.72 29.54 30.36
C22 PX4 CA . 5.31 28.46 31.36
O7 PX4 CA . 1.77 28.65 22.13
C23 PX4 CA . 2.34 29.84 21.81
O8 PX4 CA . 1.73 30.72 21.21
C24 PX4 CA . 3.87 29.87 21.84
C25 PX4 CA . 4.60 31.19 22.08
C26 PX4 CA . 6.10 30.90 22.18
C27 PX4 CA . 6.64 32.01 23.08
C28 PX4 CA . 6.25 33.38 22.52
C29 PX4 CA . 6.89 34.53 23.32
C30 PX4 CA . 6.50 35.86 22.65
C31 PX4 CA . 7.11 35.91 21.24
C32 PX4 CA . 6.90 37.30 20.68
C33 PX4 CA . 7.64 38.40 21.45
C34 PX4 CA . 7.20 39.74 20.86
C35 PX4 CA . 7.38 40.72 22.02
C36 PX4 CA . 6.30 40.55 23.10
O1 PX4 DA . 6.53 29.75 17.15
O2 PX4 DA . 5.25 30.48 14.99
P1 PX4 DA . 6.35 30.62 15.96
O3 PX4 DA . 7.81 30.87 15.30
C1 PX4 DA . 7.89 29.96 14.18
C2 PX4 DA . 9.31 29.61 13.74
N1 PX4 DA . 10.23 28.90 14.62
C3 PX4 DA . 10.36 29.25 16.04
C4 PX4 DA . 9.96 27.45 14.59
C5 PX4 DA . 11.55 29.07 13.96
O4 PX4 DA . 6.14 32.16 16.39
C6 PX4 DA . 6.44 32.29 17.79
C7 PX4 DA . 7.38 33.49 17.95
C8 PX4 DA . 6.44 34.66 17.64
O5 PX4 DA . 5.18 34.59 18.31
C9 PX4 DA . 4.38 35.67 18.04
O6 PX4 DA . 4.51 36.44 17.09
C10 PX4 DA . 3.04 35.78 18.76
C11 PX4 DA . 3.24 35.62 20.27
C12 PX4 DA . 2.02 36.21 20.96
C13 PX4 DA . 2.22 36.05 22.47
C14 PX4 DA . 0.88 36.48 23.05
C15 PX4 DA . 0.91 37.02 24.48
C16 PX4 DA . -0.47 37.68 24.63
C17 PX4 DA . -0.50 38.45 25.95
C18 PX4 DA . -1.90 39.00 26.20
C19 PX4 DA . -2.02 39.89 27.44
C20 PX4 DA . -3.40 40.55 27.42
C21 PX4 DA . -3.58 41.53 28.58
C22 PX4 DA . -5.09 41.84 28.54
O7 PX4 DA . 8.11 33.54 19.17
C23 PX4 DA . 9.41 33.11 19.20
O8 PX4 DA . 9.80 32.34 18.33
C24 PX4 DA . 10.10 33.37 20.54
C25 PX4 DA . 9.96 32.17 21.48
C26 PX4 DA . 11.18 31.96 22.37
C27 PX4 DA . 10.90 30.79 23.32
C28 PX4 DA . 11.18 29.46 22.63
C29 PX4 DA . 10.43 28.41 23.45
C30 PX4 DA . 10.87 28.21 24.90
C31 PX4 DA . 10.13 27.00 25.48
C32 PX4 DA . 10.66 26.71 26.89
C33 PX4 DA . 9.89 25.64 27.66
C34 PX4 DA . 10.44 25.44 29.08
C35 PX4 DA . 10.27 26.81 29.76
C36 PX4 DA . 11.19 26.98 30.96
O1 PX4 EA . -24.97 -4.10 20.59
O2 PX4 EA . -22.76 -3.09 19.59
P1 PX4 EA . -23.51 -3.99 20.50
O3 PX4 EA . -22.76 -5.41 20.69
C1 PX4 EA . -23.45 -6.03 21.79
C2 PX4 EA . -22.84 -7.43 21.93
N1 PX4 EA . -23.29 -8.60 21.17
C3 PX4 EA . -24.63 -9.04 21.58
C4 PX4 EA . -23.31 -8.39 19.71
C5 PX4 EA . -22.27 -9.59 21.57
O4 PX4 EA . -22.98 -3.41 21.91
C6 PX4 EA . -23.13 -1.99 22.03
C7 PX4 EA . -23.67 -1.58 23.40
C8 PX4 EA . -23.78 -2.64 24.49
O5 PX4 EA . -25.08 -3.21 24.65
C9 PX4 EA . -25.02 -4.41 25.27
O6 PX4 EA . -23.98 -5.07 25.33
C10 PX4 EA . -26.22 -4.98 26.04
C11 PX4 EA . -25.81 -5.15 27.50
C12 PX4 EA . -26.89 -5.92 28.26
C13 PX4 EA . -26.33 -6.52 29.56
C14 PX4 EA . -26.23 -5.45 30.64
C15 PX4 EA . -25.93 -6.16 31.97
C16 PX4 EA . -27.03 -7.17 32.33
C17 PX4 EA . -26.67 -7.87 33.65
C18 PX4 EA . -26.46 -6.92 34.83
C19 PX4 EA . -25.91 -7.52 36.12
C20 PX4 EA . -24.59 -8.27 35.96
C21 PX4 EA . -24.05 -8.88 37.24
C22 PX4 EA . -23.92 -7.83 38.36
O7 PX4 EA . -23.05 -0.35 23.79
C23 PX4 EA . -23.36 0.90 23.36
O8 PX4 EA . -24.26 1.23 22.61
C24 PX4 EA . -22.38 1.91 23.94
C25 PX4 EA . -22.10 1.91 25.45
C26 PX4 EA . -23.35 2.37 26.19
C27 PX4 EA . -23.02 2.46 27.68
C28 PX4 EA . -22.25 3.64 28.25
C29 PX4 EA . -22.75 3.86 29.68
C30 PX4 EA . -21.57 3.93 30.65
C31 PX4 EA . -22.19 4.14 32.03
C32 PX4 EA . -22.89 5.50 31.97
C33 PX4 EA . -23.67 5.81 33.26
C34 PX4 EA . -22.74 5.61 34.47
C35 PX4 EA . -23.40 6.24 35.70
C36 PX4 EA . -22.53 6.11 36.95
O1 PX4 FA . -9.58 -8.63 25.31
O2 PX4 FA . -8.82 -9.58 23.03
P1 PX4 FA . -9.83 -9.45 24.10
O3 PX4 FA . -11.24 -9.20 23.37
C1 PX4 FA . -11.21 -7.78 23.21
C2 PX4 FA . -11.91 -7.26 21.97
N1 PX4 FA . -11.48 -7.58 20.60
C3 PX4 FA . -12.21 -8.72 20.00
C4 PX4 FA . -12.10 -6.48 19.86
C5 PX4 FA . -10.03 -7.55 20.39
O4 PX4 FA . -10.14 -10.97 24.52
C6 PX4 FA . -11.14 -11.21 25.53
C7 PX4 FA . -12.13 -12.33 25.26
C8 PX4 FA . -11.40 -13.68 25.22
O5 PX4 FA . -10.68 -14.10 26.39
C9 PX4 FA . -10.20 -15.36 26.29
O6 PX4 FA . -10.22 -16.02 25.24
C10 PX4 FA . -9.59 -15.87 27.60
C11 PX4 FA . -9.35 -17.37 27.68
C12 PX4 FA . -8.76 -17.77 29.04
C13 PX4 FA . -7.42 -17.05 29.21
C14 PX4 FA . -6.85 -17.56 30.54
C15 PX4 FA . -5.49 -18.13 30.17
C16 PX4 FA . -4.80 -18.55 31.46
C17 PX4 FA . -3.45 -19.27 31.34
C18 PX4 FA . -2.79 -19.61 32.66
C19 PX4 FA . -2.45 -18.40 33.54
C20 PX4 FA . -1.73 -18.92 34.80
C21 PX4 FA . -1.44 -17.71 35.70
C22 PX4 FA . -0.60 -18.19 36.89
O7 PX4 FA . -13.26 -12.44 26.12
C23 PX4 FA . -14.41 -12.90 25.54
O8 PX4 FA . -14.45 -13.45 24.43
C24 PX4 FA . -15.60 -13.08 26.48
C25 PX4 FA . -15.20 -13.41 27.93
C26 PX4 FA . -14.62 -14.83 28.00
C27 PX4 FA . -14.25 -15.15 29.44
C28 PX4 FA . -13.42 -16.45 29.51
C29 PX4 FA . -12.88 -16.57 30.93
C30 PX4 FA . -11.85 -17.68 31.11
C31 PX4 FA . -11.38 -17.87 32.56
C32 PX4 FA . -12.52 -18.34 33.48
C33 PX4 FA . -12.14 -18.56 34.94
C34 PX4 FA . -13.13 -17.88 35.88
C35 PX4 FA . -12.67 -18.04 37.35
C36 PX4 FA . -13.73 -17.36 38.23
O1 PX4 GA . -1.74 -8.97 24.33
O2 PX4 GA . -3.83 -10.21 23.36
P1 PX4 GA . -3.09 -9.56 24.46
O3 PX4 GA . -4.12 -8.42 24.93
C1 PX4 GA . -5.46 -8.62 24.45
C2 PX4 GA . -6.27 -7.32 24.44
N1 PX4 GA . -6.66 -6.55 25.63
C3 PX4 GA . -7.20 -7.42 26.69
C4 PX4 GA . -5.56 -5.83 26.28
C5 PX4 GA . -7.54 -5.53 25.02
O4 PX4 GA . -3.12 -10.44 25.80
C6 PX4 GA . -2.90 -9.63 26.97
C7 PX4 GA . -3.94 -9.88 28.06
C8 PX4 GA . -4.57 -11.28 27.95
O5 PX4 GA . -5.96 -11.41 28.25
C9 PX4 GA . -6.97 -11.18 27.38
O6 PX4 GA . -6.67 -11.01 26.19
C10 PX4 GA . -8.43 -11.16 27.83
C11 PX4 GA . -8.64 -12.08 29.03
C12 PX4 GA . -10.07 -12.15 29.58
C13 PX4 GA . -10.05 -13.18 30.72
C14 PX4 GA . -11.39 -12.97 31.43
C15 PX4 GA . -11.44 -13.82 32.70
C16 PX4 GA . -10.21 -13.68 33.60
C17 PX4 GA . -10.42 -14.64 34.77
C18 PX4 GA . -9.23 -14.66 35.74
C19 PX4 GA . -8.78 -13.27 36.18
C20 PX4 GA . -7.60 -13.30 37.16
C21 PX4 GA . -7.08 -11.88 37.37
C22 PX4 GA . -5.81 -11.77 38.21
O7 PX4 GA . -3.42 -9.51 29.34
C23 PX4 GA . -3.81 -8.29 29.78
O8 PX4 GA . -4.61 -7.65 29.08
C24 PX4 GA . -3.29 -7.85 31.15
C25 PX4 GA . -1.98 -7.08 30.90
C26 PX4 GA . -1.23 -6.69 32.17
C27 PX4 GA . 0.05 -5.94 31.79
C28 PX4 GA . 0.60 -5.08 32.94
C29 PX4 GA . 1.64 -4.17 32.29
C30 PX4 GA . 2.25 -3.17 33.28
C31 PX4 GA . 2.63 -3.94 34.54
C32 PX4 GA . 3.44 -3.05 35.50
C33 PX4 GA . 4.78 -2.59 34.94
C34 PX4 GA . 5.46 -1.62 35.91
C35 PX4 GA . 4.85 -0.23 35.82
C36 PX4 GA . 5.30 0.79 36.86
O1 PX4 HA . 21.76 25.21 9.21
O2 PX4 HA . 19.23 25.68 9.00
P1 PX4 HA . 20.56 26.02 9.56
O3 PX4 HA . 21.02 27.39 8.86
C1 PX4 HA . 19.97 28.11 8.21
C2 PX4 HA . 20.33 29.58 7.93
N1 PX4 HA . 19.43 30.57 7.32
C3 PX4 HA . 19.58 30.43 5.87
C4 PX4 HA . 18.02 30.38 7.68
C5 PX4 HA . 19.77 31.98 7.57
O4 PX4 HA . 20.38 26.50 11.08
C6 PX4 HA . 21.67 26.82 11.59
C7 PX4 HA . 21.71 27.30 13.05
C8 PX4 HA . 20.69 28.42 13.22
O5 PX4 HA . 21.14 29.69 13.71
C9 PX4 HA . 20.13 30.59 13.86
O6 PX4 HA . 18.99 30.32 13.49
C10 PX4 HA . 20.40 31.87 14.66
C11 PX4 HA . 20.40 31.81 16.19
C12 PX4 HA . 19.01 31.77 16.83
C13 PX4 HA . 19.08 31.35 18.30
C14 PX4 HA . 17.65 30.94 18.68
C15 PX4 HA . 17.71 30.39 20.11
C16 PX4 HA . 16.41 29.69 20.50
C17 PX4 HA . 16.62 29.40 21.99
C18 PX4 HA . 15.44 28.60 22.56
C19 PX4 HA . 15.60 27.82 23.87
C20 PX4 HA . 14.42 26.86 24.02
C21 PX4 HA . 14.41 25.93 22.79
C22 PX4 HA . 13.44 24.81 23.15
O7 PX4 HA . 21.75 26.28 14.04
C23 PX4 HA . 22.95 25.68 14.18
O8 PX4 HA . 23.99 26.07 13.66
C24 PX4 HA . 23.07 24.66 15.33
C25 PX4 HA . 23.85 25.26 16.50
C26 PX4 HA . 24.58 24.12 17.22
C27 PX4 HA . 25.53 24.61 18.31
C28 PX4 HA . 26.79 23.75 18.43
C29 PX4 HA . 27.76 24.38 19.42
C30 PX4 HA . 28.75 23.28 19.81
C31 PX4 HA . 29.53 23.63 21.09
C32 PX4 HA . 28.61 24.14 22.19
C33 PX4 HA . 29.33 24.10 23.55
C34 PX4 HA . 28.47 24.68 24.68
C35 PX4 HA . 29.24 24.89 25.99
C36 PX4 HA . 28.49 25.89 26.87
O1 PX4 IA . 1.13 -13.27 17.94
O2 PX4 IA . 3.74 -13.92 18.03
P1 PX4 IA . 2.43 -13.51 18.58
O3 PX4 IA . 2.15 -14.76 19.56
C1 PX4 IA . 0.92 -14.48 20.25
C2 PX4 IA . 0.39 -15.61 21.14
N1 PX4 IA . 0.00 -16.83 20.44
C3 PX4 IA . -0.84 -17.57 21.38
C4 PX4 IA . -0.76 -16.63 19.18
C5 PX4 IA . 1.17 -17.67 20.11
O4 PX4 IA . 2.52 -12.50 19.83
C6 PX4 IA . 2.43 -11.17 19.27
C7 PX4 IA . 2.39 -10.01 20.26
C8 PX4 IA . 2.16 -10.63 21.64
O5 PX4 IA . 2.09 -9.70 22.71
C9 PX4 IA . 2.00 -10.19 23.98
O6 PX4 IA . 1.96 -11.38 24.30
C10 PX4 IA . 2.07 -9.18 25.14
C11 PX4 IA . 0.90 -9.44 26.09
C12 PX4 IA . 1.01 -8.36 27.16
C13 PX4 IA . 0.46 -7.03 26.66
C14 PX4 IA . 0.69 -6.00 27.76
C15 PX4 IA . -0.03 -4.71 27.35
C16 PX4 IA . -1.48 -4.81 27.80
C17 PX4 IA . -2.19 -3.44 27.90
C18 PX4 IA . -3.53 -3.66 28.61
C19 PX4 IA . -3.31 -3.81 30.12
C20 PX4 IA . -4.60 -4.04 30.90
C21 PX4 IA . -4.41 -3.89 32.41
C22 PX4 IA . -5.77 -3.97 33.10
O7 PX4 IA . 3.62 -9.26 20.13
C23 PX4 IA . 3.33 -7.94 20.03
O8 PX4 IA . 2.16 -7.57 19.88
C24 PX4 IA . 4.45 -6.93 20.24
C25 PX4 IA . 4.44 -6.11 21.54
C26 PX4 IA . 4.68 -6.97 22.78
C27 PX4 IA . 5.27 -6.06 23.85
C28 PX4 IA . 4.14 -5.66 24.82
C29 PX4 IA . 4.81 -4.61 25.71
C30 PX4 IA . 3.75 -3.93 26.58
C31 PX4 IA . 4.35 -2.94 27.57
C32 PX4 IA . 3.32 -2.12 28.36
C33 PX4 IA . 4.21 -1.23 29.22
C34 PX4 IA . 3.36 -0.33 30.14
C35 PX4 IA . 4.25 0.49 31.07
C36 PX4 IA . 5.34 1.10 30.19
O1 PX4 JA . -31.24 -7.36 22.00
O2 PX4 JA . -33.70 -7.87 22.47
P1 PX4 JA . -32.54 -6.97 22.59
O3 PX4 JA . -32.98 -5.67 21.76
C1 PX4 JA . -33.36 -6.16 20.48
C2 PX4 JA . -34.02 -4.98 19.77
N1 PX4 JA . -34.85 -5.15 18.57
C3 PX4 JA . -35.94 -6.11 18.87
C4 PX4 JA . -35.55 -3.88 18.33
C5 PX4 JA . -34.09 -5.39 17.35
O4 PX4 JA . -32.27 -6.40 24.07
C6 PX4 JA . -33.54 -6.44 24.71
C7 PX4 JA . -33.75 -5.68 26.03
C8 PX4 JA . -32.49 -4.82 26.07
O5 PX4 JA . -32.03 -4.34 27.33
C9 PX4 JA . -30.86 -3.67 27.25
O6 PX4 JA . -30.17 -3.56 26.22
C10 PX4 JA . -30.33 -3.21 28.61
C11 PX4 JA . -29.94 -1.74 28.63
C12 PX4 JA . -29.97 -1.36 30.11
C13 PX4 JA . -28.89 -2.06 30.93
C14 PX4 JA . -29.02 -1.74 32.42
C15 PX4 JA . -28.16 -2.62 33.32
C16 PX4 JA . -27.85 -1.95 34.66
C17 PX4 JA . -27.30 -2.81 35.80
C18 PX4 JA . -27.10 -1.97 37.07
C19 PX4 JA . -26.53 -2.95 38.09
C20 PX4 JA . -27.64 -3.68 38.84
C21 PX4 JA . -27.13 -4.60 39.94
C22 PX4 JA . -26.64 -3.98 41.26
O7 PX4 JA . -34.95 -4.90 26.17
C23 PX4 JA . -35.54 -4.69 27.36
O8 PX4 JA . -36.46 -3.87 27.48
C24 PX4 JA . -34.78 -5.09 28.62
C25 PX4 JA . -35.69 -5.28 29.83
C26 PX4 JA . -34.93 -5.53 31.13
C27 PX4 JA . -35.86 -5.30 32.32
C28 PX4 JA . -36.99 -6.32 32.21
C29 PX4 JA . -37.72 -6.13 33.55
C30 PX4 JA . -38.69 -7.29 33.81
C31 PX4 JA . -39.31 -7.34 35.20
C32 PX4 JA . -40.04 -8.64 35.57
C33 PX4 JA . -40.78 -8.45 36.90
C34 PX4 JA . -41.34 -9.70 37.57
C35 PX4 JA . -41.74 -9.27 38.98
C36 PX4 JA . -42.11 -10.41 39.93
O1 PX4 KA . -23.02 -12.38 20.38
O2 PX4 KA . -22.96 -14.42 22.07
P1 PX4 KA . -23.62 -13.29 21.39
O3 PX4 KA . -25.09 -13.84 21.04
C1 PX4 KA . -25.00 -15.23 20.78
C2 PX4 KA . -26.25 -15.97 20.28
N1 PX4 KA . -26.51 -16.18 18.85
C3 PX4 KA . -25.68 -17.23 18.23
C4 PX4 KA . -27.91 -16.64 18.85
C5 PX4 KA . -26.62 -14.96 18.04
O4 PX4 KA . -24.16 -12.28 22.52
C6 PX4 KA . -24.08 -12.78 23.86
C7 PX4 KA . -25.25 -13.65 24.34
C8 PX4 KA . -24.65 -14.47 25.47
O5 PX4 KA . -23.43 -13.91 25.98
C9 PX4 KA . -22.79 -14.53 27.01
O6 PX4 KA . -23.17 -15.64 27.41
C10 PX4 KA . -21.61 -13.77 27.61
C11 PX4 KA . -20.72 -14.74 28.39
C12 PX4 KA . -19.58 -13.93 29.02
C13 PX4 KA . -19.00 -14.49 30.33
C14 PX4 KA . -20.24 -14.67 31.23
C15 PX4 KA . -19.80 -15.43 32.48
C16 PX4 KA . -20.89 -15.34 33.55
C17 PX4 KA . -20.27 -15.24 34.94
C18 PX4 KA . -21.33 -15.65 35.97
C19 PX4 KA . -20.75 -15.40 37.37
C20 PX4 KA . -21.80 -16.02 38.30
C21 PX4 KA . -21.25 -16.13 39.73
C22 PX4 KA . -22.51 -16.42 40.57
O7 PX4 KA . -26.42 -12.89 24.70
C23 PX4 KA . -27.55 -13.57 25.04
O8 PX4 KA . -27.72 -14.75 24.75
C24 PX4 KA . -28.39 -12.96 26.17
C25 PX4 KA . -27.69 -12.44 27.42
C26 PX4 KA . -28.69 -11.60 28.22
C27 PX4 KA . -27.88 -11.10 29.41
C28 PX4 KA . -28.90 -10.60 30.43
C29 PX4 KA . -29.68 -11.74 31.08
C30 PX4 KA . -30.61 -11.21 32.17
C31 PX4 KA . -29.89 -10.80 33.46
C32 PX4 KA . -29.40 -11.96 34.34
C33 PX4 KA . -29.03 -11.45 35.73
C34 PX4 KA . -30.26 -10.73 36.27
C35 PX4 KA . -30.22 -10.00 37.61
C36 PX4 KA . -29.09 -8.96 37.69
O1 PX4 LA . -22.39 5.66 19.14
O2 PX4 LA . -23.44 3.32 19.07
P1 PX4 LA . -23.07 4.53 19.82
O3 PX4 LA . -24.43 5.22 20.32
C1 PX4 LA . -25.26 4.23 20.97
C2 PX4 LA . -26.34 4.86 21.86
N1 PX4 LA . -27.21 3.97 22.63
C3 PX4 LA . -27.95 3.05 21.75
C4 PX4 LA . -26.47 3.18 23.63
C5 PX4 LA . -28.15 4.75 23.45
O4 PX4 LA . -22.49 4.32 21.31
C6 PX4 LA . -21.44 5.29 21.39
C7 PX4 LA . -21.24 5.72 22.84
C8 PX4 LA . -22.45 5.40 23.74
O5 PX4 LA . -22.75 6.45 24.67
C9 PX4 LA . -23.94 6.29 25.32
O6 PX4 LA . -24.76 5.54 24.82
C10 PX4 LA . -24.22 7.04 26.62
C11 PX4 LA . -25.11 6.28 27.59
C12 PX4 LA . -26.60 6.43 27.27
C13 PX4 LA . -27.46 5.35 27.94
C14 PX4 LA . -26.77 4.00 27.67
C15 PX4 LA . -27.22 3.03 28.75
C16 PX4 LA . -26.60 3.32 30.12
C17 PX4 LA . -27.00 2.28 31.18
C18 PX4 LA . -26.45 2.75 32.52
C19 PX4 LA . -26.84 1.89 33.74
C20 PX4 LA . -26.14 2.40 35.01
C21 PX4 LA . -26.50 1.71 36.33
C22 PX4 LA . -25.67 2.35 37.43
O7 PX4 LA . -20.05 5.02 23.24
C23 PX4 LA . -18.84 5.63 23.19
O8 PX4 LA . -18.70 6.64 22.50
C24 PX4 LA . -17.66 4.79 23.69
C25 PX4 LA . -17.84 4.28 25.11
C26 PX4 LA . -17.86 5.44 26.09
C27 PX4 LA . -18.04 4.88 27.51
C28 PX4 LA . -17.02 3.84 27.96
C29 PX4 LA . -17.48 3.60 29.41
C30 PX4 LA . -16.43 2.78 30.16
C31 PX4 LA . -16.95 2.36 31.54
C32 PX4 LA . -17.33 3.59 32.35
C33 PX4 LA . -17.63 3.08 33.76
C34 PX4 LA . -18.37 4.29 34.35
C35 PX4 LA . -18.18 4.32 35.86
C36 PX4 LA . -16.74 4.07 36.30
O1 PX4 MA . -14.78 0.27 16.35
O2 PX4 MA . -16.94 -0.33 17.67
P1 PX4 MA . -15.98 0.66 17.13
O3 PX4 MA . -16.89 1.77 16.40
C1 PX4 MA . -17.73 2.50 17.29
C2 PX4 MA . -19.14 2.85 16.83
N1 PX4 MA . -20.31 1.95 16.78
C3 PX4 MA . -20.21 1.07 15.62
C4 PX4 MA . -20.57 1.12 17.96
C5 PX4 MA . -21.48 2.82 16.56
O4 PX4 MA . -15.47 1.57 18.35
C6 PX4 MA . -14.99 0.94 19.55
C7 PX4 MA . -14.70 1.99 20.61
C8 PX4 MA . -16.05 2.36 21.22
O5 PX4 MA . -16.75 1.16 21.58
C9 PX4 MA . -18.01 1.32 22.03
O6 PX4 MA . -18.59 2.39 21.85
C10 PX4 MA . -18.71 0.05 22.53
C11 PX4 MA . -18.57 -0.11 24.04
C12 PX4 MA . -19.08 -1.42 24.62
C13 PX4 MA . -19.17 -1.39 26.16
C14 PX4 MA . -17.78 -1.24 26.78
C15 PX4 MA . -17.95 -1.27 28.31
C16 PX4 MA . -18.76 -0.09 28.85
C17 PX4 MA . -19.58 -0.43 30.09
C18 PX4 MA . -18.64 -1.10 31.09
C19 PX4 MA . -19.50 -1.50 32.29
C20 PX4 MA . -18.61 -1.84 33.49
C21 PX4 MA . -19.43 -1.89 34.79
C22 PX4 MA . -18.40 -2.15 35.89
O7 PX4 MA . -13.59 1.59 21.41
C23 PX4 MA . -12.30 1.77 21.04
O8 PX4 MA . -12.07 2.43 20.02
C24 PX4 MA . -11.23 1.32 22.03
C25 PX4 MA . -10.89 2.50 22.94
C26 PX4 MA . -10.44 1.95 24.30
C27 PX4 MA . -9.99 3.11 25.19
C28 PX4 MA . -9.34 2.55 26.47
C29 PX4 MA . -9.16 3.46 27.67
C30 PX4 MA . -8.67 2.61 28.84
C31 PX4 MA . -8.03 3.56 29.85
C32 PX4 MA . -9.09 4.62 30.20
C33 PX4 MA . -8.64 5.67 31.22
C34 PX4 MA . -8.65 5.23 32.69
C35 PX4 MA . -8.23 6.45 33.52
C36 PX4 MA . -7.93 6.09 34.97
O1 PX4 NA . -19.51 -18.11 21.06
O2 PX4 NA . -20.62 -15.96 20.03
P1 PX4 NA . -19.72 -16.66 20.99
O3 PX4 NA . -18.29 -16.08 20.51
C1 PX4 NA . -18.08 -16.78 19.29
C2 PX4 NA . -17.04 -16.15 18.35
N1 PX4 NA . -17.40 -14.96 17.57
C3 PX4 NA . -18.49 -15.29 16.66
C4 PX4 NA . -17.46 -13.82 18.49
C5 PX4 NA . -16.18 -14.57 16.85
O4 PX4 NA . -19.72 -15.90 22.41
C6 PX4 NA . -18.51 -16.07 23.15
C7 PX4 NA . -18.43 -15.30 24.46
C8 PX4 NA . -19.32 -14.06 24.31
O5 PX4 NA . -18.98 -12.97 25.18
C9 PX4 NA . -19.42 -11.74 24.81
O6 PX4 NA . -19.48 -11.52 23.61
C10 PX4 NA . -19.59 -10.62 25.85
C11 PX4 NA . -18.30 -10.23 26.55
C12 PX4 NA . -18.63 -9.09 27.52
C13 PX4 NA . -17.42 -8.51 28.22
C14 PX4 NA . -16.95 -9.57 29.23
C15 PX4 NA . -15.69 -8.99 29.87
C16 PX4 NA . -15.13 -9.94 30.95
C17 PX4 NA . -16.18 -9.98 32.06
C18 PX4 NA . -15.51 -10.77 33.18
C19 PX4 NA . -15.59 -12.27 32.90
C20 PX4 NA . -14.63 -13.07 33.78
C21 PX4 NA . -15.10 -13.10 35.23
C22 PX4 NA . -14.14 -13.92 36.09
O7 PX4 NA . -18.70 -16.08 25.64
C23 PX4 NA . -17.76 -16.95 26.07
O8 PX4 NA . -16.78 -17.19 25.36
C24 PX4 NA . -18.11 -17.63 27.39
C25 PX4 NA . -16.97 -18.54 27.88
C26 PX4 NA . -17.08 -19.18 29.25
C27 PX4 NA . -16.80 -18.17 30.38
C28 PX4 NA . -17.33 -18.71 31.70
C29 PX4 NA . -16.80 -17.73 32.75
C30 PX4 NA . -17.31 -18.01 34.17
C31 PX4 NA . -16.53 -17.13 35.16
C32 PX4 NA . -17.19 -17.47 36.49
C33 PX4 NA . -16.96 -18.95 36.79
C34 PX4 NA . -17.80 -19.35 38.01
C35 PX4 NA . -17.57 -20.82 38.32
C36 PX4 NA . -18.19 -21.67 37.20
O1 PX4 OA . -8.02 -18.39 20.18
O2 PX4 OA . -10.25 -17.13 20.76
P1 PX4 OA . -8.93 -17.68 21.12
O3 PX4 OA . -8.05 -16.36 21.47
C1 PX4 OA . -8.80 -15.54 22.34
C2 PX4 OA . -8.04 -14.41 23.06
N1 PX4 OA . -7.78 -13.18 22.30
C3 PX4 OA . -6.94 -13.55 21.14
C4 PX4 OA . -9.01 -12.53 21.84
C5 PX4 OA . -6.99 -12.21 23.06
O4 PX4 OA . -8.94 -18.25 22.62
C6 PX4 OA . -7.81 -19.11 22.81
C7 PX4 OA . -7.31 -19.18 24.26
C8 PX4 OA . -7.24 -17.76 24.82
O5 PX4 OA . -5.87 -17.45 25.04
C9 PX4 OA . -5.67 -16.26 25.68
O6 PX4 OA . -6.58 -15.43 25.54
C10 PX4 OA . -4.36 -16.01 26.42
C11 PX4 OA . -4.62 -15.28 27.73
C12 PX4 OA . -3.37 -14.70 28.40
C13 PX4 OA . -3.58 -14.34 29.86
C14 PX4 OA . -2.32 -13.66 30.41
C15 PX4 OA . -2.46 -13.30 31.88
C16 PX4 OA . -1.48 -12.19 32.25
C17 PX4 OA . -1.67 -11.57 33.64
C18 PX4 OA . -0.48 -10.65 33.86
C19 PX4 OA . -0.38 -10.14 35.30
C20 PX4 OA . 0.57 -8.97 35.55
C21 PX4 OA . 2.04 -9.33 35.39
C22 PX4 OA . 2.27 -10.56 36.29
O7 PX4 OA . -7.95 -20.18 25.05
C23 PX4 OA . -7.24 -21.34 25.16
O8 PX4 OA . -6.64 -21.84 24.21
C24 PX4 OA . -7.63 -22.29 26.27
C25 PX4 OA . -6.59 -22.28 27.39
C26 PX4 OA . -7.14 -23.14 28.55
C27 PX4 OA . -6.07 -23.28 29.63
C28 PX4 OA . -4.79 -23.81 29.00
C29 PX4 OA . -3.54 -23.63 29.87
C30 PX4 OA . -3.53 -24.36 31.22
C31 PX4 OA . -2.45 -23.63 32.02
C32 PX4 OA . -2.17 -24.29 33.38
C33 PX4 OA . -1.16 -23.57 34.27
C34 PX4 OA . -1.30 -24.15 35.69
C35 PX4 OA . -0.43 -23.32 36.66
C36 PX4 OA . -0.93 -21.89 36.89
O1 PX4 PA . -5.19 -29.69 24.90
O2 PX4 PA . -4.05 -28.62 22.89
P1 PX4 PA . -3.96 -29.23 24.24
O3 PX4 PA . -3.02 -30.49 23.89
C1 PX4 PA . -1.66 -30.09 23.74
C2 PX4 PA . -0.92 -31.22 23.00
N1 PX4 PA . 0.52 -31.13 22.73
C3 PX4 PA . 1.35 -31.37 23.93
C4 PX4 PA . 0.98 -32.05 21.68
C5 PX4 PA . 0.93 -29.77 22.35
O4 PX4 PA . -3.10 -28.33 25.27
C6 PX4 PA . -4.06 -27.35 25.69
C7 PX4 PA . -3.41 -26.29 26.58
C8 PX4 PA . -2.01 -26.77 27.01
O5 PX4 PA . -1.66 -26.50 28.37
C9 PX4 PA . -0.38 -26.72 28.74
O6 PX4 PA . 0.54 -26.96 27.94
C10 PX4 PA . 0.02 -26.23 30.13
C11 PX4 PA . 1.12 -27.10 30.74
C12 PX4 PA . 1.51 -26.54 32.11
C13 PX4 PA . 2.73 -27.27 32.66
C14 PX4 PA . 3.00 -26.82 34.11
C15 PX4 PA . 1.79 -27.16 34.97
C16 PX4 PA . 1.98 -26.78 36.45
C17 PX4 PA . 2.96 -27.78 37.09
C18 PX4 PA . 2.87 -27.49 38.58
C19 PX4 PA . 3.95 -28.39 39.19
C20 PX4 PA . 3.85 -28.68 40.68
C21 PX4 PA . 4.98 -29.62 41.10
C22 PX4 PA . 4.43 -30.21 42.40
O7 PX4 PA . -3.56 -24.92 26.20
C23 PX4 PA . -2.99 -24.39 25.09
O8 PX4 PA . -2.28 -25.15 24.41
C24 PX4 PA . -2.97 -22.89 24.83
C25 PX4 PA . -2.55 -22.00 26.00
C26 PX4 PA . -2.85 -20.53 25.68
C27 PX4 PA . -2.71 -19.54 26.83
C28 PX4 PA . -1.26 -19.26 27.21
C29 PX4 PA . -1.33 -18.36 28.45
C30 PX4 PA . 0.04 -17.83 28.88
C31 PX4 PA . -0.05 -16.94 30.14
C32 PX4 PA . 1.31 -16.36 30.56
C33 PX4 PA . 1.46 -16.05 32.04
C34 PX4 PA . 2.68 -15.17 32.28
C35 PX4 PA . 2.72 -14.96 33.80
C36 PX4 PA . 3.84 -13.98 34.13
O1 PX4 QA . 11.22 -24.71 18.04
O2 PX4 QA . 13.70 -24.01 18.06
P1 PX4 QA . 12.58 -24.79 18.64
O3 PX4 QA . 13.06 -26.30 18.39
C1 PX4 QA . 11.95 -27.20 18.29
C2 PX4 QA . 12.34 -28.68 18.27
N1 PX4 QA . 13.01 -29.15 17.04
C3 PX4 QA . 13.00 -30.62 17.15
C4 PX4 QA . 12.40 -28.68 15.78
C5 PX4 QA . 14.44 -28.89 16.85
O4 PX4 QA . 12.62 -24.88 20.24
C6 PX4 QA . 13.88 -25.47 20.54
C7 PX4 QA . 14.05 -25.87 22.01
C8 PX4 QA . 12.69 -25.66 22.68
O5 PX4 QA . 12.69 -25.03 23.95
C9 PX4 QA . 11.68 -24.14 24.15
O6 PX4 QA . 11.10 -23.66 23.18
C10 PX4 QA . 11.53 -23.72 25.61
C11 PX4 QA . 10.75 -24.79 26.40
C12 PX4 QA . 10.52 -24.19 27.77
C13 PX4 QA . 9.94 -25.20 28.76
C14 PX4 QA . 9.97 -24.50 30.11
C15 PX4 QA . 11.09 -25.12 30.96
C16 PX4 QA . 11.15 -24.75 32.45
C17 PX4 QA . 11.35 -23.24 32.60
C18 PX4 QA . 11.41 -22.85 34.08
C19 PX4 QA . 10.32 -23.63 34.81
C20 PX4 QA . 10.36 -23.33 36.31
C21 PX4 QA . 9.13 -23.99 36.94
C22 PX4 QA . 9.10 -23.57 38.41
O7 PX4 QA . 14.64 -27.16 22.15
C23 PX4 QA . 15.95 -27.43 21.84
O8 PX4 QA . 16.58 -26.95 20.90
C24 PX4 QA . 16.47 -28.60 22.67
C25 PX4 QA . 15.89 -29.94 22.20
C26 PX4 QA . 16.37 -30.97 23.23
C27 PX4 QA . 16.07 -30.23 24.53
C28 PX4 QA . 16.57 -31.04 25.72
C29 PX4 QA . 16.56 -30.22 27.02
C30 PX4 QA . 17.06 -31.06 28.19
C31 PX4 QA . 17.07 -30.15 29.42
C32 PX4 QA . 17.73 -30.71 30.68
C33 PX4 QA . 17.25 -29.85 31.85
C34 PX4 QA . 17.71 -30.62 33.08
C35 PX4 QA . 18.29 -29.59 34.07
C36 PX4 QA . 19.81 -29.65 33.92
O1 PX4 RA . -32.93 -2.67 23.25
O2 PX4 RA . -32.68 -1.29 21.06
P1 PX4 RA . -32.28 -1.62 22.43
O3 PX4 RA . -30.80 -2.25 22.29
C1 PX4 RA . -30.91 -3.55 21.70
C2 PX4 RA . -29.63 -4.15 21.11
N1 PX4 RA . -28.58 -4.65 22.02
C3 PX4 RA . -29.13 -5.29 23.21
C4 PX4 RA . -28.10 -5.78 21.19
C5 PX4 RA . -27.54 -3.65 22.28
O4 PX4 RA . -31.76 -0.34 23.28
C6 PX4 RA . -30.98 -0.75 24.39
C7 PX4 RA . -30.34 0.40 25.16
C8 PX4 RA . -31.42 0.96 26.08
O5 PX4 RA . -32.15 -0.14 26.66
C9 PX4 RA . -33.51 -0.03 26.71
O6 PX4 RA . -34.03 1.00 26.28
C10 PX4 RA . -34.27 -1.02 27.59
C11 PX4 RA . -33.81 -0.70 29.03
C12 PX4 RA . -34.04 -1.86 30.00
C13 PX4 RA . -33.21 -1.47 31.23
C14 PX4 RA . -33.76 -2.05 32.53
C15 PX4 RA . -33.13 -1.55 33.84
C16 PX4 RA . -33.87 -2.12 35.04
C17 PX4 RA . -33.21 -1.48 36.28
C18 PX4 RA . -33.97 -1.86 37.56
C19 PX4 RA . -33.23 -1.19 38.72
C20 PX4 RA . -33.94 -1.40 40.06
C21 PX4 RA . -35.45 -1.22 40.02
C22 PX4 RA . -36.12 -1.81 41.25
O7 PX4 RA . -29.07 0.06 25.72
C23 PX4 RA . -27.91 -0.27 25.10
O8 PX4 RA . -27.68 0.00 23.91
C24 PX4 RA . -26.80 -0.85 25.96
C25 PX4 RA . -26.57 -0.20 27.32
C26 PX4 RA . -25.75 -0.96 28.38
C27 PX4 RA . -24.27 -1.15 28.05
C28 PX4 RA . -23.57 -1.86 29.22
C29 PX4 RA . -23.98 -1.08 30.47
C30 PX4 RA . -23.70 -1.77 31.80
C31 PX4 RA . -23.88 -0.86 33.01
C32 PX4 RA . -23.78 -1.85 34.17
C33 PX4 RA . -23.92 -1.06 35.48
C34 PX4 RA . -22.80 -0.03 35.61
C35 PX4 RA . -22.54 0.23 37.09
C36 PX4 RA . -21.50 1.34 37.23
O1 PX4 SA . -30.49 -12.42 22.98
O2 PX4 SA . -32.41 -12.99 24.60
P1 PX4 SA . -31.56 -11.99 23.91
O3 PX4 SA . -32.61 -11.29 22.91
C1 PX4 SA . -33.85 -11.18 23.59
C2 PX4 SA . -35.10 -11.19 22.71
N1 PX4 SA . -35.62 -12.38 22.04
C3 PX4 SA . -36.70 -12.11 21.06
C4 PX4 SA . -34.56 -12.99 21.22
C5 PX4 SA . -36.18 -13.24 23.09
O4 PX4 SA . -31.29 -10.94 25.09
C6 PX4 SA . -30.71 -9.79 24.45
C7 PX4 SA . -29.96 -8.95 25.46
C8 PX4 SA . -30.94 -8.89 26.64
O5 PX4 SA . -30.79 -7.83 27.58
C9 PX4 SA . -31.28 -8.05 28.84
O6 PX4 SA . -31.75 -9.14 29.12
C10 PX4 SA . -31.34 -6.83 29.75
C11 PX4 SA . -30.82 -7.19 31.15
C12 PX4 SA . -31.10 -6.16 32.25
C13 PX4 SA . -30.43 -6.37 33.61
C14 PX4 SA . -31.15 -5.59 34.72
C15 PX4 SA . -30.70 -5.83 36.16
C16 PX4 SA . -31.65 -5.04 37.08
C17 PX4 SA . -31.12 -5.16 38.50
C18 PX4 SA . -31.05 -6.56 39.12
C19 PX4 SA . -30.44 -6.35 40.50
C20 PX4 SA . -31.38 -5.72 41.54
C21 PX4 SA . -32.62 -6.61 41.67
C22 PX4 SA . -33.36 -6.33 42.97
O7 PX4 SA . -28.68 -9.50 25.74
C23 PX4 SA . -27.58 -9.08 25.04
O8 PX4 SA . -27.67 -8.56 23.93
C24 PX4 SA . -26.26 -9.60 25.62
C25 PX4 SA . -25.02 -8.85 25.14
C26 PX4 SA . -23.82 -9.58 25.74
C27 PX4 SA . -23.88 -9.29 27.25
C28 PX4 SA . -22.80 -9.95 28.11
C29 PX4 SA . -23.09 -9.81 29.60
C30 PX4 SA . -21.92 -10.45 30.35
C31 PX4 SA . -21.70 -9.72 31.68
C32 PX4 SA . -20.64 -10.45 32.51
C33 PX4 SA . -20.32 -9.84 33.87
C34 PX4 SA . -19.18 -10.48 34.67
C35 PX4 SA . -18.86 -9.51 35.80
C36 PX4 SA . -20.10 -9.27 36.67
O1 PX4 TA . -10.08 10.73 13.27
O2 PX4 TA . -12.70 10.73 13.11
P1 PX4 TA . -11.42 11.12 13.76
O3 PX4 TA . -11.39 12.72 13.91
C1 PX4 TA . -12.40 13.04 14.86
C2 PX4 TA . -12.51 14.55 15.11
N1 PX4 TA . -13.52 15.28 14.32
C3 PX4 TA . -13.49 15.01 12.88
C4 PX4 TA . -14.77 14.80 14.93
C5 PX4 TA . -13.53 16.72 14.59
O4 PX4 TA . -11.48 10.67 15.30
C6 PX4 TA . -11.70 9.25 15.29
C7 PX4 TA . -11.57 8.87 16.77
C8 PX4 TA . -12.02 9.96 17.74
O5 PX4 TA . -11.31 9.89 18.97
C9 PX4 TA . -12.13 10.04 20.06
O6 PX4 TA . -13.30 9.76 19.87
C10 PX4 TA . -11.43 9.93 21.41
C11 PX4 TA . -12.49 9.72 22.47
C12 PX4 TA . -12.24 10.62 23.68
C13 PX4 TA . -13.07 10.13 24.87
C14 PX4 TA . -14.52 10.52 24.66
C15 PX4 TA . -15.50 9.90 25.69
C16 PX4 TA . -14.95 9.84 27.11
C17 PX4 TA . -15.96 9.09 27.99
C18 PX4 TA . -15.73 9.33 29.48
C19 PX4 TA . -15.65 10.85 29.60
C20 PX4 TA . -15.06 11.26 30.95
C21 PX4 TA . -14.18 12.46 30.62
C22 PX4 TA . -12.90 12.06 29.88
O7 PX4 TA . -12.23 7.62 16.99
C23 PX4 TA . -11.54 6.45 17.13
O8 PX4 TA . -10.53 6.24 16.48
C24 PX4 TA . -12.11 5.52 18.21
C25 PX4 TA . -12.41 6.38 19.45
C26 PX4 TA . -13.03 5.59 20.62
C27 PX4 TA . -13.07 6.23 22.01
C28 PX4 TA . -13.74 5.38 23.08
C29 PX4 TA . -13.46 5.92 24.48
C30 PX4 TA . -14.12 5.15 25.63
C31 PX4 TA . -13.40 5.73 26.85
C32 PX4 TA . -13.48 4.79 28.07
C33 PX4 TA . -12.81 5.28 29.37
C34 PX4 TA . -13.46 6.47 30.08
C35 PX4 TA . -12.58 6.95 31.24
C36 PX4 TA . -12.50 6.00 32.45
O1 PX4 UA . -8.03 13.33 16.20
O2 PX4 UA . -10.34 12.89 17.30
P1 PX4 UA . -8.99 13.52 17.29
O3 PX4 UA . -9.16 15.06 17.74
C1 PX4 UA . -9.85 15.09 18.99
C2 PX4 UA . -10.54 16.43 19.24
N1 PX4 UA . -9.89 17.52 19.98
C3 PX4 UA . -8.53 17.83 19.49
C4 PX4 UA . -10.62 18.78 19.78
C5 PX4 UA . -9.76 17.34 21.43
O4 PX4 UA . -8.26 13.06 18.66
C6 PX4 UA . -8.39 11.64 18.50
C7 PX4 UA . -7.41 10.80 19.31
C8 PX4 UA . -6.58 11.73 20.18
O5 PX4 UA . -5.22 11.71 19.73
C9 PX4 UA . -4.45 12.50 20.52
O6 PX4 UA . -4.94 13.28 21.35
C10 PX4 UA . -2.99 12.39 20.10
C11 PX4 UA . -2.17 11.63 21.16
C12 PX4 UA . -0.64 11.69 20.98
C13 PX4 UA . 0.12 10.92 22.06
C14 PX4 UA . -0.45 9.51 22.19
C15 PX4 UA . 0.24 8.77 23.34
C16 PX4 UA . -0.58 7.64 23.97
C17 PX4 UA . 0.25 6.99 25.07
C18 PX4 UA . -0.61 6.07 25.96
C19 PX4 UA . 0.34 5.62 27.08
C20 PX4 UA . 1.45 4.68 26.60
C21 PX4 UA . 2.45 4.57 27.75
C22 PX4 UA . 3.21 3.24 27.59
O7 PX4 UA . -8.06 9.73 20.03
C23 PX4 UA . -8.27 8.55 19.38
O8 PX4 UA . -7.69 8.27 18.32
C24 PX4 UA . -8.79 7.39 20.23
C25 PX4 UA . -8.54 7.64 21.72
C26 PX4 UA . -9.41 6.74 22.59
C27 PX4 UA . -9.00 6.87 24.07
C28 PX4 UA . -9.43 8.24 24.61
C29 PX4 UA . -9.25 8.26 26.14
C30 PX4 UA . -10.19 9.31 26.74
C31 PX4 UA . -10.07 9.29 28.26
C32 PX4 UA . -8.77 10.00 28.66
C33 PX4 UA . -8.90 10.08 30.17
C34 PX4 UA . -7.78 10.89 30.83
C35 PX4 UA . -7.88 11.08 32.35
C36 PX4 UA . -6.71 11.73 33.10
O1 PX4 VA . -17.69 -9.27 18.62
O2 PX4 VA . -20.13 -9.90 19.01
P1 PX4 VA . -18.94 -9.08 19.36
O3 PX4 VA . -19.26 -7.63 18.71
C1 PX4 VA . -19.95 -7.76 17.46
C2 PX4 VA . -19.44 -6.81 16.38
N1 PX4 VA . -19.36 -5.37 16.68
C3 PX4 VA . -19.33 -4.71 15.37
C4 PX4 VA . -20.38 -4.82 17.58
C5 PX4 VA . -18.07 -5.08 17.34
O4 PX4 VA . -18.90 -8.71 20.93
C6 PX4 VA . -17.61 -9.01 21.48
C7 PX4 VA . -17.46 -8.28 22.81
C8 PX4 VA . -18.90 -8.06 23.30
O5 PX4 VA . -19.10 -6.71 23.73
C9 PX4 VA . -20.21 -6.62 24.51
O6 PX4 VA . -21.01 -7.55 24.48
C10 PX4 VA . -20.28 -5.47 25.53
C11 PX4 VA . -20.45 -5.94 26.99
C12 PX4 VA . -20.78 -4.78 27.92
C13 PX4 VA . -21.13 -5.47 29.25
C14 PX4 VA . -21.43 -4.47 30.36
C15 PX4 VA . -21.73 -5.43 31.52
C16 PX4 VA . -21.62 -4.80 32.90
C17 PX4 VA . -21.47 -5.90 33.97
C18 PX4 VA . -21.79 -5.11 35.23
C19 PX4 VA . -21.46 -5.75 36.57
C20 PX4 VA . -21.51 -4.67 37.66
C21 PX4 VA . -22.92 -4.08 37.67
C22 PX4 VA . -22.87 -3.00 38.75
O7 PX4 VA . -16.66 -8.99 23.77
C23 PX4 VA . -15.31 -9.01 23.65
O8 PX4 VA . -14.78 -8.89 22.55
C24 PX4 VA . -14.63 -9.42 24.97
C25 PX4 VA . -14.09 -8.12 25.56
C26 PX4 VA . -13.05 -8.39 26.66
C27 PX4 VA . -12.43 -7.38 27.63
C28 PX4 VA . -11.32 -8.01 28.49
C29 PX4 VA . -10.55 -7.05 29.40
C30 PX4 VA . -9.39 -7.82 30.03
C31 PX4 VA . -8.36 -7.10 30.92
C32 PX4 VA . -7.16 -8.05 31.13
C33 PX4 VA . -7.45 -9.32 31.92
C34 PX4 VA . -6.22 -10.15 32.26
C35 PX4 VA . -6.59 -11.56 32.74
C36 PX4 VA . -5.52 -12.45 33.37
O1 PX4 WA . -11.07 -3.00 19.43
O2 PX4 WA . -13.64 -2.52 19.28
P1 PX4 WA . -12.29 -2.30 19.87
O3 PX4 WA . -11.85 -0.80 19.46
C1 PX4 WA . -11.73 -0.69 18.04
C2 PX4 WA . -11.02 0.63 17.82
N1 PX4 WA . -10.87 1.23 16.48
C3 PX4 WA . -12.09 1.91 15.98
C4 PX4 WA . -10.03 2.42 16.68
C5 PX4 WA . -10.31 0.42 15.41
O4 PX4 WA . -12.32 -2.28 21.48
C6 PX4 WA . -13.66 -1.86 21.78
C7 PX4 WA . -14.33 -1.93 23.14
C8 PX4 WA . -14.74 -0.51 23.51
O5 PX4 WA . -14.17 -0.10 24.76
C9 PX4 WA . -14.64 1.10 25.21
O6 PX4 WA . -15.46 1.70 24.50
C10 PX4 WA . -14.30 1.42 26.67
C11 PX4 WA . -13.00 0.72 27.10
C12 PX4 WA . -12.75 1.09 28.56
C13 PX4 WA . -13.70 0.26 29.41
C14 PX4 WA . -13.19 0.61 30.82
C15 PX4 WA . -14.04 -0.14 31.85
C16 PX4 WA . -13.32 -0.62 33.12
C17 PX4 WA . -14.36 -1.21 34.09
C18 PX4 WA . -13.67 -1.49 35.43
C19 PX4 WA . -14.67 -1.81 36.55
C20 PX4 WA . -13.88 -1.93 37.85
C21 PX4 WA . -14.59 -2.30 39.15
C22 PX4 WA . -13.54 -2.53 40.24
O7 PX4 WA . -15.31 -2.97 23.27
C23 PX4 WA . -14.97 -4.20 23.68
O8 PX4 WA . -14.21 -4.79 22.90
C24 PX4 WA . -15.84 -5.00 24.67
C25 PX4 WA . -15.47 -4.42 26.03
C26 PX4 WA . -15.96 -5.28 27.19
C27 PX4 WA . -15.72 -4.54 28.51
C28 PX4 WA . -16.48 -5.17 29.68
C29 PX4 WA . -15.89 -4.86 31.07
C30 PX4 WA . -16.58 -5.67 32.17
C31 PX4 WA . -15.77 -5.35 33.42
C32 PX4 WA . -16.14 -6.22 34.62
C33 PX4 WA . -15.34 -5.77 35.84
C34 PX4 WA . -15.68 -6.71 36.99
C35 PX4 WA . -15.43 -8.20 36.69
C36 PX4 WA . -15.84 -8.98 37.95
O1 PX4 XA . 5.08 -4.91 17.94
O2 PX4 XA . 3.99 -3.01 16.60
P1 PX4 XA . 5.11 -3.53 17.42
O3 PX4 XA . 6.53 -3.47 16.66
C1 PX4 XA . 7.55 -3.68 17.64
C2 PX4 XA . 8.91 -3.99 17.05
N1 PX4 XA . 10.09 -4.19 17.90
C3 PX4 XA . 10.32 -2.92 18.63
C4 PX4 XA . 9.88 -5.24 18.90
C5 PX4 XA . 11.24 -4.43 17.01
O4 PX4 XA . 5.37 -2.63 18.75
C6 PX4 XA . 4.24 -2.92 19.58
C7 PX4 XA . 4.51 -2.61 21.04
C8 PX4 XA . 5.87 -1.92 21.10
O5 PX4 XA . 6.83 -2.56 21.95
C9 PX4 XA . 8.10 -2.30 21.56
O6 PX4 XA . 8.41 -1.73 20.51
C10 PX4 XA . 9.16 -2.84 22.50
C11 PX4 XA . 8.62 -4.07 23.26
C12 PX4 XA . 9.66 -4.67 24.21
C13 PX4 XA . 8.98 -5.70 25.11
C14 PX4 XA . 9.85 -5.83 26.37
C15 PX4 XA . 9.32 -6.89 27.33
C16 PX4 XA . 10.23 -6.80 28.55
C17 PX4 XA . 9.64 -7.61 29.70
C18 PX4 XA . 10.56 -7.38 30.90
C19 PX4 XA . 10.56 -8.55 31.90
C20 PX4 XA . 11.62 -8.58 33.00
C21 PX4 XA . 11.35 -7.51 34.08
C22 PX4 XA . 10.14 -8.02 34.86
O7 PX4 XA . 3.47 -1.79 21.57
C23 PX4 XA . 2.21 -2.23 21.84
O8 PX4 XA . 1.88 -3.31 21.39
C24 PX4 XA . 1.33 -1.49 22.85
C25 PX4 XA . 0.59 -2.45 23.80
C26 PX4 XA . -0.60 -1.78 24.49
C27 PX4 XA . -0.04 -0.67 25.37
C28 PX4 XA . -1.09 0.15 26.10
C29 PX4 XA . -0.39 0.89 27.26
C30 PX4 XA . -1.47 1.59 28.08
C31 PX4 XA . -0.88 2.45 29.20
C32 PX4 XA . 0.02 1.81 30.25
C33 PX4 XA . 0.42 2.84 31.32
C34 PX4 XA . 1.28 1.97 32.23
C35 PX4 XA . 1.43 2.74 33.54
C36 PX4 XA . 2.03 1.77 34.57
O1 PX4 YA . 5.90 -11.69 14.75
O2 PX4 YA . 6.13 -9.10 15.19
P1 PX4 YA . 6.32 -10.53 15.55
O3 PX4 YA . 7.90 -10.74 15.78
C1 PX4 YA . 8.06 -12.15 15.86
C2 PX4 YA . 9.47 -12.72 15.94
N1 PX4 YA . 10.33 -12.65 17.14
C3 PX4 YA . 10.63 -11.23 17.45
C4 PX4 YA . 9.60 -13.29 18.26
C5 PX4 YA . 11.59 -13.35 16.91
O4 PX4 YA . 5.90 -10.86 17.08
C6 PX4 YA . 6.35 -9.96 18.08
C7 PX4 YA . 6.65 -10.41 19.51
C8 PX4 YA . 6.34 -11.91 19.64
O5 PX4 YA . 6.12 -12.27 21.00
C9 PX4 YA . 7.12 -12.34 21.92
O6 PX4 YA . 8.19 -12.86 21.66
C10 PX4 YA . 6.70 -11.87 23.32
C11 PX4 YA . 7.56 -10.71 23.82
C12 PX4 YA . 6.82 -9.72 24.71
C13 PX4 YA . 6.13 -10.27 25.97
C14 PX4 YA . 7.14 -10.94 26.93
C15 PX4 YA . 6.46 -11.23 28.26
C16 PX4 YA . 7.46 -12.11 29.02
C17 PX4 YA . 7.07 -12.38 30.48
C18 PX4 YA . 8.03 -13.35 31.19
C19 PX4 YA . 7.50 -13.73 32.59
C20 PX4 YA . 8.43 -14.61 33.41
C21 PX4 YA . 9.70 -13.83 33.80
C22 PX4 YA . 9.30 -12.63 34.68
O7 PX4 YA . 7.97 -10.16 19.99
C23 PX4 YA . 8.42 -8.93 20.32
O8 PX4 YA . 7.75 -7.93 20.05
C24 PX4 YA . 9.88 -8.73 20.75
C25 PX4 YA . 9.89 -8.28 22.22
C26 PX4 YA . 11.34 -8.15 22.70
C27 PX4 YA . 12.14 -9.43 22.43
C28 PX4 YA . 13.55 -9.26 22.99
C29 PX4 YA . 13.55 -8.96 24.49
C30 PX4 YA . 14.99 -8.89 24.96
C31 PX4 YA . 14.98 -8.54 26.45
C32 PX4 YA . 14.06 -9.40 27.29
C33 PX4 YA . 14.14 -9.05 28.78
C34 PX4 YA . 13.05 -9.88 29.45
C35 PX4 YA . 13.19 -11.40 29.44
C36 PX4 YA . 12.01 -11.92 30.28
O1 PX4 ZA . 14.54 -18.67 14.32
O2 PX4 ZA . 15.80 -16.93 12.86
P1 PX4 ZA . 15.74 -17.85 14.03
O3 PX4 ZA . 16.99 -18.86 13.93
C1 PX4 ZA . 18.11 -18.06 13.58
C2 PX4 ZA . 19.24 -18.82 12.87
N1 PX4 ZA . 20.10 -18.05 11.97
C3 PX4 ZA . 21.15 -17.30 12.67
C4 PX4 ZA . 20.69 -19.11 11.14
C5 PX4 ZA . 19.42 -17.11 11.06
O4 PX4 ZA . 16.34 -17.12 15.33
C6 PX4 ZA . 16.39 -17.99 16.47
C7 PX4 ZA . 16.48 -17.11 17.72
C8 PX4 ZA . 15.51 -17.71 18.75
O5 PX4 ZA . 15.69 -19.11 18.89
C9 PX4 ZA . 14.63 -19.69 19.52
O6 PX4 ZA . 13.55 -19.12 19.53
C10 PX4 ZA . 14.77 -21.13 20.03
C11 PX4 ZA . 13.91 -21.55 21.22
C12 PX4 ZA . 14.26 -20.71 22.44
C13 PX4 ZA . 15.64 -21.15 22.95
C14 PX4 ZA . 15.61 -22.62 23.35
C15 PX4 ZA . 16.90 -23.21 23.92
C16 PX4 ZA . 16.86 -24.74 23.97
C17 PX4 ZA . 17.92 -25.12 25.01
C18 PX4 ZA . 18.07 -26.62 25.25
C19 PX4 ZA . 19.03 -27.04 26.36
C20 PX4 ZA . 18.51 -26.52 27.70
C21 PX4 ZA . 19.34 -27.09 28.84
C22 PX4 ZA . 18.60 -26.80 30.15
O7 PX4 ZA . 17.86 -16.94 18.04
C23 PX4 ZA . 18.06 -15.88 18.88
O8 PX4 ZA . 17.13 -15.15 19.21
C24 PX4 ZA . 19.50 -15.59 19.29
C25 PX4 ZA . 19.75 -16.09 20.71
C26 PX4 ZA . 21.24 -16.03 21.03
C27 PX4 ZA . 21.76 -16.64 22.34
C28 PX4 ZA . 21.26 -15.85 23.55
C29 PX4 ZA . 21.99 -16.25 24.82
C30 PX4 ZA . 21.40 -15.68 26.11
C31 PX4 ZA . 22.34 -16.10 27.25
C32 PX4 ZA . 21.70 -15.78 28.60
C33 PX4 ZA . 20.89 -16.91 29.25
C34 PX4 ZA . 20.11 -16.53 30.50
C35 PX4 ZA . 19.11 -17.63 30.85
C36 PX4 ZA . 18.87 -17.53 32.36
O1 PX4 AB . -31.50 9.76 18.82
O2 PX4 AB . -31.13 7.54 20.02
P1 PX4 AB . -31.85 8.83 19.91
O3 PX4 AB . -33.35 8.30 19.68
C1 PX4 AB . -33.32 7.41 18.56
C2 PX4 AB . -34.23 6.19 18.74
N1 PX4 AB . -33.74 5.09 19.60
C3 PX4 AB . -32.44 4.61 19.10
C4 PX4 AB . -33.73 5.45 21.03
C5 PX4 AB . -34.58 3.90 19.41
O4 PX4 AB . -32.11 9.38 21.40
C6 PX4 AB . -31.33 8.65 22.36
C7 PX4 AB . -31.86 8.73 23.78
C8 PX4 AB . -32.96 9.81 23.73
O5 PX4 AB . -32.83 10.74 24.81
C9 PX4 AB . -33.40 11.98 24.80
O6 PX4 AB . -33.59 12.62 23.76
C10 PX4 AB . -33.31 12.75 26.13
C11 PX4 AB . -32.41 12.13 27.21
C12 PX4 AB . -32.38 13.02 28.46
C13 PX4 AB . -31.64 12.23 29.53
C14 PX4 AB . -31.49 13.05 30.81
C15 PX4 AB . -31.50 12.21 32.08
C16 PX4 AB . -32.18 12.87 33.29
C17 PX4 AB . -31.77 12.16 34.57
C18 PX4 AB . -32.06 10.67 34.51
C19 PX4 AB . -31.79 9.83 35.77
C20 PX4 AB . -32.82 10.08 36.86
C21 PX4 AB . -32.14 9.88 38.22
C22 PX4 AB . -33.07 9.93 39.45
O7 PX4 AB . -32.17 7.50 24.43
C23 PX4 AB . -31.24 6.71 25.02
O8 PX4 AB . -30.06 7.05 25.22
C24 PX4 AB . -31.77 5.47 25.75
C25 PX4 AB . -31.26 5.42 27.19
C26 PX4 AB . -31.41 4.12 27.98
C27 PX4 AB . -31.12 4.41 29.45
C28 PX4 AB . -31.27 3.18 30.33
C29 PX4 AB . -31.05 3.50 31.80
C30 PX4 AB . -31.18 2.29 32.74
C31 PX4 AB . -30.76 2.47 34.19
C32 PX4 AB . -31.19 1.38 35.17
C33 PX4 AB . -30.44 1.64 36.47
C34 PX4 AB . -30.41 0.46 37.45
C35 PX4 AB . -29.65 0.87 38.71
C36 PX4 AB . -29.58 -0.29 39.70
O1 PX4 BB . -17.40 15.83 18.42
O2 PX4 BB . -14.84 15.53 17.95
P1 PX4 BB . -16.11 15.12 18.59
O3 PX4 BB . -16.45 13.56 18.35
C1 PX4 BB . -17.82 13.21 18.50
C2 PX4 BB . -18.15 11.83 17.93
N1 PX4 BB . -19.55 11.36 17.98
C3 PX4 BB . -19.47 9.90 17.79
C4 PX4 BB . -20.32 11.69 19.18
C5 PX4 BB . -20.44 11.75 16.88
O4 PX4 BB . -15.98 14.78 20.16
C6 PX4 BB . -14.69 14.27 20.51
C7 PX4 BB . -14.70 13.86 21.97
C8 PX4 BB . -15.69 12.69 21.94
O5 PX4 BB . -16.71 12.92 22.94
C9 PX4 BB . -17.87 12.23 22.77
O6 PX4 BB . -18.17 11.63 21.74
C10 PX4 BB . -18.97 12.60 23.76
C11 PX4 BB . -18.31 12.86 25.13
C12 PX4 BB . -19.45 12.96 26.14
C13 PX4 BB . -19.03 12.90 27.62
C14 PX4 BB . -20.17 13.11 28.61
C15 PX4 BB . -19.62 12.93 30.03
C16 PX4 BB . -18.46 13.87 30.35
C17 PX4 BB . -17.99 13.39 31.72
C18 PX4 BB . -16.98 14.43 32.24
C19 PX4 BB . -16.19 14.01 33.48
C20 PX4 BB . -15.15 15.09 33.76
C21 PX4 BB . -14.46 14.96 35.11
C22 PX4 BB . -13.63 16.20 35.39
O7 PX4 BB . -13.44 13.44 22.54
C23 PX4 BB . -12.51 14.40 22.71
O8 PX4 BB . -12.66 15.55 22.29
C24 PX4 BB . -11.21 13.97 23.40
C25 PX4 BB . -10.19 13.48 22.36
C26 PX4 BB . -8.82 13.31 23.02
C27 PX4 BB . -8.84 12.14 24.01
C28 PX4 BB . -7.37 12.01 24.43
C29 PX4 BB . -6.99 13.13 25.38
C30 PX4 BB . -7.80 13.05 26.68
C31 PX4 BB . -7.63 14.28 27.57
C32 PX4 BB . -8.72 14.25 28.63
C33 PX4 BB . -8.25 15.20 29.74
C34 PX4 BB . -9.39 15.44 30.72
C35 PX4 BB . -9.66 14.28 31.69
C36 PX4 BB . -10.95 14.37 32.51
O1 PX4 CB . -4.80 14.19 16.86
O2 PX4 CB . -5.91 15.89 18.56
P1 PX4 CB . -4.93 15.52 17.51
O3 PX4 CB . -5.16 16.52 16.27
C1 PX4 CB . -6.52 16.89 16.06
C2 PX4 CB . -6.85 18.18 15.29
N1 PX4 CB . -6.61 18.23 13.84
C3 PX4 CB . -7.16 19.47 13.25
C4 PX4 CB . -5.20 18.23 13.44
C5 PX4 CB . -7.34 17.30 12.97
O4 PX4 CB . -3.52 16.19 17.85
C6 PX4 CB . -3.73 17.29 18.74
C7 PX4 CB . -3.50 16.86 20.18
C8 PX4 CB . -1.99 16.97 20.49
O5 PX4 CB . -1.58 15.88 21.30
C9 PX4 CB . -1.38 16.27 22.60
O6 PX4 CB . -1.04 17.41 22.88
C10 PX4 CB . -1.13 15.09 23.52
C11 PX4 CB . -2.44 14.51 24.08
C12 PX4 CB . -2.41 13.37 25.09
C13 PX4 CB . -1.30 13.74 26.07
C14 PX4 CB . -0.78 12.54 26.89
C15 PX4 CB . 0.48 12.99 27.63
C16 PX4 CB . 1.02 11.92 28.57
C17 PX4 CB . 1.66 10.70 27.92
C18 PX4 CB . 2.32 9.79 28.96
C19 PX4 CB . 3.30 10.64 29.78
C20 PX4 CB . 3.97 9.79 30.86
C21 PX4 CB . 5.24 10.40 31.45
C22 PX4 CB . 5.78 9.86 32.78
O7 PX4 CB . -4.39 17.44 21.14
C23 PX4 CB . -4.48 18.74 21.50
O8 PX4 CB . -3.77 19.59 20.95
C24 PX4 CB . -5.42 18.95 22.69
C25 PX4 CB . -4.81 18.52 24.03
C26 PX4 CB . -5.84 18.53 25.15
C27 PX4 CB . -6.99 17.53 25.03
C28 PX4 CB . -8.06 17.88 26.07
C29 PX4 CB . -9.36 17.19 25.68
C30 PX4 CB . -10.52 17.52 26.62
C31 PX4 CB . -11.81 17.00 25.97
C32 PX4 CB . -12.77 16.90 27.17
C33 PX4 CB . -14.11 16.36 26.65
C34 PX4 CB . -14.91 16.05 27.90
C35 PX4 CB . -16.33 15.57 27.59
C36 PX4 CB . -17.24 16.58 26.88
O1 PX4 DB . -5.66 -1.41 17.54
O2 PX4 DB . -8.15 -2.11 17.36
P1 PX4 DB . -7.08 -1.25 17.92
O3 PX4 DB . -7.55 0.28 17.71
C1 PX4 DB . -6.36 1.08 17.86
C2 PX4 DB . -6.74 2.54 18.15
N1 PX4 DB . -5.67 3.54 18.36
C3 PX4 DB . -5.32 4.15 17.06
C4 PX4 DB . -6.17 4.57 19.29
C5 PX4 DB . -4.50 3.15 19.15
O4 PX4 DB . -7.21 -1.30 19.52
C6 PX4 DB . -8.38 -0.71 20.10
C7 PX4 DB . -8.45 -0.67 21.64
C8 PX4 DB . -8.65 -2.11 22.06
O5 PX4 DB . -9.60 -2.22 23.13
C9 PX4 DB . -10.23 -3.41 23.37
O6 PX4 DB . -10.20 -4.28 22.50
C10 PX4 DB . -11.16 -3.54 24.58
C11 PX4 DB . -10.63 -3.13 25.95
C12 PX4 DB . -11.56 -3.56 27.09
C13 PX4 DB . -10.82 -3.11 28.35
C14 PX4 DB . -11.77 -3.40 29.52
C15 PX4 DB . -10.93 -3.60 30.78
C16 PX4 DB . -11.74 -4.15 31.96
C17 PX4 DB . -10.73 -4.60 33.01
C18 PX4 DB . -11.55 -5.39 34.04
C19 PX4 DB . -10.72 -6.05 35.13
C20 PX4 DB . -11.12 -7.53 35.22
C21 PX4 DB . -10.86 -8.29 33.92
C22 PX4 DB . -11.21 -9.77 34.05
O7 PX4 DB . -7.32 0.01 22.19
C23 PX4 DB . -7.10 1.34 22.06
O8 PX4 DB . -7.33 1.91 20.98
C24 PX4 DB . -5.97 1.87 22.94
C25 PX4 DB . -6.44 2.57 24.22
C26 PX4 DB . -5.28 3.17 24.99
C27 PX4 DB . -5.74 3.69 26.36
C28 PX4 DB . -4.58 4.32 27.13
C29 PX4 DB . -4.96 5.01 28.44
C30 PX4 DB . -3.79 5.63 29.18
C31 PX4 DB . -4.20 6.42 30.44
C32 PX4 DB . -3.10 7.13 31.23
C33 PX4 DB . -2.13 6.06 31.75
C34 PX4 DB . -0.86 6.57 32.43
C35 PX4 DB . 0.26 6.97 31.47
C36 PX4 DB . 1.57 6.98 32.26
O1 PX4 EB . -7.04 -5.21 21.82
O2 PX4 EB . -5.89 -6.01 19.67
P1 PX4 EB . -5.84 -5.28 20.95
O3 PX4 EB . -4.61 -5.81 21.82
C1 PX4 EB . -3.71 -6.52 20.96
C2 PX4 EB . -2.44 -7.00 21.69
N1 PX4 EB . -1.46 -6.07 22.30
C3 PX4 EB . -2.03 -5.66 23.59
C4 PX4 EB . -0.23 -6.87 22.38
C5 PX4 EB . -1.25 -4.87 21.48
O4 PX4 EB . -5.17 -3.85 20.67
C6 PX4 EB . -5.42 -2.93 21.74
C7 PX4 EB . -4.25 -2.00 22.07
C8 PX4 EB . -3.97 -1.18 20.79
O5 PX4 EB . -2.87 -1.58 19.99
C9 PX4 EB . -2.57 -0.87 18.86
O6 PX4 EB . -3.09 0.20 18.58
C10 PX4 EB . -1.28 -1.36 18.21
C11 PX4 EB . -0.09 -0.44 18.47
C12 PX4 EB . 1.14 -0.82 17.63
C13 PX4 EB . 2.07 0.35 17.92
C14 PX4 EB . 2.30 0.70 19.39
C15 PX4 EB . 3.57 1.55 19.53
C16 PX4 EB . 3.57 2.29 20.88
C17 PX4 EB . 4.19 1.36 21.93
C18 PX4 EB . 4.07 1.98 23.32
C19 PX4 EB . 4.44 0.98 24.43
C20 PX4 EB . 5.87 0.48 24.32
C21 PX4 EB . 6.21 -0.21 25.65
C22 PX4 EB . 7.57 -0.90 25.74
O7 PX4 EB . -4.50 -1.39 23.33
C23 PX4 EB . -4.47 -2.12 24.47
O8 PX4 EB . -4.41 -3.35 24.46
C24 PX4 EB . -4.90 -1.34 25.72
C25 PX4 EB . -6.34 -0.82 25.67
C26 PX4 EB . -6.99 -0.41 26.99
C27 PX4 EB . -6.84 -1.37 28.16
C28 PX4 EB . -7.71 -0.71 29.23
C29 PX4 EB . -7.69 -1.56 30.50
C30 PX4 EB . -8.56 -0.90 31.56
C31 PX4 EB . -8.39 -1.25 33.05
C32 PX4 EB . -9.45 -0.64 33.98
C33 PX4 EB . -9.44 0.89 34.00
C34 PX4 EB . -10.22 1.57 35.12
C35 PX4 EB . -10.24 3.10 35.11
C36 PX4 EB . -11.02 3.72 36.28
O1 PX4 FB . -24.60 11.41 17.69
O2 PX4 FB . -22.61 9.70 17.78
P1 PX4 FB . -24.00 10.10 18.06
O3 PX4 FB . -25.04 8.89 17.86
C1 PX4 FB . -26.35 9.44 17.99
C2 PX4 FB . -27.45 8.38 17.95
N1 PX4 FB . -28.04 7.80 16.74
C3 PX4 FB . -29.43 7.42 17.02
C4 PX4 FB . -27.89 8.59 15.51
C5 PX4 FB . -27.20 6.61 16.60
O4 PX4 FB . -24.14 10.21 19.66
C6 PX4 FB . -23.25 9.23 20.19
C7 PX4 FB . -23.24 9.17 21.72
C8 PX4 FB . -24.59 8.58 22.13
O5 PX4 FB . -24.91 8.94 23.47
C9 PX4 FB . -25.30 10.25 23.51
O6 PX4 FB . -25.70 10.85 22.52
C10 PX4 FB . -25.28 10.95 24.87
C11 PX4 FB . -23.92 11.60 25.08
C12 PX4 FB . -23.96 12.09 26.53
C13 PX4 FB . -24.08 11.02 27.61
C14 PX4 FB . -23.76 11.53 29.02
C15 PX4 FB . -23.92 10.36 30.00
C16 PX4 FB . -23.86 10.84 31.46
C17 PX4 FB . -24.59 9.99 32.49
C18 PX4 FB . -24.40 10.63 33.86
C19 PX4 FB . -25.00 9.76 34.97
C20 PX4 FB . -24.72 10.33 36.37
C21 PX4 FB . -25.23 9.29 37.38
C22 PX4 FB . -24.81 9.79 38.76
O7 PX4 FB . -22.03 8.65 22.28
C23 PX4 FB . -21.39 9.68 22.88
O8 PX4 FB . -21.46 10.86 22.54
C24 PX4 FB . -20.25 9.43 23.88
C25 PX4 FB . -20.89 9.27 25.28
C26 PX4 FB . -19.88 8.97 26.40
C27 PX4 FB . -20.73 8.35 27.50
C28 PX4 FB . -19.99 7.84 28.74
C29 PX4 FB . -19.67 8.97 29.71
C30 PX4 FB . -19.13 8.26 30.97
C31 PX4 FB . -18.77 9.20 32.12
C32 PX4 FB . -18.23 8.30 33.23
C33 PX4 FB . -17.85 9.10 34.49
C34 PX4 FB . -17.35 8.20 35.62
C35 PX4 FB . -16.93 8.90 36.91
C36 PX4 FB . -16.17 7.78 37.63
O1 PX4 GB . -28.86 10.58 20.92
O2 PX4 GB . -30.82 12.35 20.89
P1 PX4 GB . -29.40 11.96 21.00
O3 PX4 GB . -28.46 12.89 20.06
C1 PX4 GB . -27.12 12.54 20.36
C2 PX4 GB . -26.08 13.64 20.22
N1 PX4 GB . -25.99 14.76 21.18
C3 PX4 GB . -27.20 15.60 21.25
C4 PX4 GB . -25.72 14.17 22.48
C5 PX4 GB . -24.82 15.57 20.79
O4 PX4 GB . -28.79 12.52 22.38
C6 PX4 GB . -28.97 11.59 23.44
C7 PX4 GB . -28.79 12.05 24.89
C8 PX4 GB . -28.91 13.57 24.98
O5 PX4 GB . -27.71 14.25 25.37
C9 PX4 GB . -27.80 15.58 25.61
O6 PX4 GB . -28.60 16.31 25.03
C10 PX4 GB . -26.57 16.16 26.32
C11 PX4 GB . -26.28 15.58 27.70
C12 PX4 GB . -27.05 16.28 28.83
C13 PX4 GB . -26.76 15.60 30.16
C14 PX4 GB . -27.38 14.20 30.09
C15 PX4 GB . -26.87 13.33 31.23
C16 PX4 GB . -27.40 13.91 32.54
C17 PX4 GB . -27.11 12.96 33.71
C18 PX4 GB . -27.70 13.52 35.00
C19 PX4 GB . -27.72 12.38 36.02
C20 PX4 GB . -28.31 12.71 37.41
C21 PX4 GB . -28.27 11.41 38.21
C22 PX4 GB . -29.01 11.79 39.50
O7 PX4 GB . -29.60 11.36 25.83
C23 PX4 GB . -28.96 10.27 26.36
O8 PX4 GB . -27.90 9.83 25.92
C24 PX4 GB . -29.73 9.58 27.48
C25 PX4 GB . -28.70 9.40 28.61
C26 PX4 GB . -29.25 8.47 29.70
C27 PX4 GB . -28.22 8.15 30.78
C28 PX4 GB . -28.78 7.26 31.90
C29 PX4 GB . -27.83 7.27 33.09
C30 PX4 GB . -28.52 6.58 34.26
C31 PX4 GB . -27.62 6.59 35.49
C32 PX4 GB . -28.30 6.20 36.80
C33 PX4 GB . -27.42 6.40 38.03
C34 PX4 GB . -28.36 6.19 39.22
C35 PX4 GB . -27.60 6.74 40.43
C36 PX4 GB . -26.38 5.83 40.55
O1 PX4 HB . -11.20 30.18 18.39
O2 PX4 HB . -9.07 28.87 18.93
P1 PX4 HB . -10.20 29.73 19.38
O3 PX4 HB . -10.86 28.98 20.64
C1 PX4 HB . -11.57 27.82 20.21
C2 PX4 HB . -12.60 27.26 21.18
N1 PX4 HB . -13.75 28.05 21.64
C3 PX4 HB . -13.31 29.04 22.64
C4 PX4 HB . -14.48 28.71 20.56
C5 PX4 HB . -14.64 27.16 22.40
O4 PX4 HB . -9.80 31.09 20.15
C6 PX4 HB . -11.02 31.81 20.28
C7 PX4 HB . -11.20 32.49 21.63
C8 PX4 HB . -9.78 33.02 21.87
O5 PX4 HB . -9.28 32.81 23.19
C9 PX4 HB . -8.05 33.35 23.41
O6 PX4 HB . -7.52 34.22 22.73
C10 PX4 HB . -7.42 32.97 24.75
C11 PX4 HB . -8.31 32.37 25.83
C12 PX4 HB . -7.70 32.51 27.22
C13 PX4 HB . -8.73 32.12 28.29
C14 PX4 HB . -8.07 32.15 29.67
C15 PX4 HB . -9.20 32.12 30.72
C16 PX4 HB . -8.75 32.15 32.17
C17 PX4 HB . -9.67 32.79 33.22
C18 PX4 HB . -9.04 33.00 34.61
C19 PX4 HB . -8.46 34.39 34.77
C20 PX4 HB . -7.71 34.60 36.08
C21 PX4 HB . -6.96 35.93 35.96
C22 PX4 HB . -6.03 35.86 34.74
O7 PX4 HB . -12.25 33.47 21.63
C23 PX4 HB . -13.56 33.11 21.49
O8 PX4 HB . -13.97 31.96 21.57
C24 PX4 HB . -14.54 34.26 21.65
C25 PX4 HB . -15.05 34.35 23.09
C26 PX4 HB . -15.78 35.65 23.44
C27 PX4 HB . -16.62 35.34 24.68
C28 PX4 HB . -15.78 35.51 25.95
C29 PX4 HB . -16.53 35.28 27.25
C30 PX4 HB . -15.66 35.57 28.47
C31 PX4 HB . -16.32 35.50 29.86
C32 PX4 HB . -15.26 35.68 30.96
C33 PX4 HB . -14.82 37.13 30.83
C34 PX4 HB . -13.76 37.61 31.82
C35 PX4 HB . -13.32 39.05 31.52
C36 PX4 HB . -12.55 39.54 32.75
O1 PX4 IB . -11.84 23.15 17.66
O2 PX4 IB . -11.04 25.61 17.81
P1 PX4 IB . -10.96 24.20 18.21
O3 PX4 IB . -9.43 23.72 18.08
C1 PX4 IB . -8.61 24.87 18.12
C2 PX4 IB . -7.14 24.73 17.73
N1 PX4 IB . -6.39 25.95 17.40
C3 PX4 IB . -5.06 25.54 16.94
C4 PX4 IB . -7.06 26.57 16.25
C5 PX4 IB . -6.31 26.97 18.47
O4 PX4 IB . -11.01 24.25 19.82
C6 PX4 IB . -11.45 23.02 20.41
C7 PX4 IB . -10.51 22.75 21.59
C8 PX4 IB . -9.97 24.07 22.12
O5 PX4 IB . -8.93 24.17 23.09
C9 PX4 IB . -7.75 23.58 22.74
O6 PX4 IB . -7.43 23.21 21.61
C10 PX4 IB . -6.64 23.78 23.78
C11 PX4 IB . -6.80 22.78 24.92
C12 PX4 IB . -5.69 23.18 25.90
C13 PX4 IB . -5.65 22.28 27.12
C14 PX4 IB . -4.39 22.51 27.98
C15 PX4 IB . -3.36 21.44 27.61
C16 PX4 IB . -2.04 21.41 28.37
C17 PX4 IB . -1.22 22.70 28.40
C18 PX4 IB . -0.55 22.93 27.03
C19 PX4 IB . 0.61 23.91 27.23
C20 PX4 IB . 0.28 25.22 26.53
C21 PX4 IB . 1.46 26.19 26.44
C22 PX4 IB . 1.09 27.57 25.89
O7 PX4 IB . -11.17 21.90 22.55
C23 PX4 IB . -10.31 21.24 23.38
O8 PX4 IB . -9.42 20.61 22.81
C24 PX4 IB . -10.78 20.80 24.77
C25 PX4 IB . -10.33 21.83 25.82
C26 PX4 IB . -10.56 21.29 27.22
C27 PX4 IB . -9.16 20.99 27.76
C28 PX4 IB . -9.29 20.25 29.11
C29 PX4 IB . -7.97 20.01 29.82
C30 PX4 IB . -8.36 19.29 31.12
C31 PX4 IB . -7.09 18.71 31.75
C32 PX4 IB . -7.35 18.03 33.10
C33 PX4 IB . -6.32 17.05 33.65
C34 PX4 IB . -6.74 16.46 34.99
C35 PX4 IB . -5.91 15.19 35.15
C36 PX4 IB . -6.00 14.66 36.58
O1 PX4 JB . 12.51 12.70 19.69
O2 PX4 JB . 11.86 14.45 17.90
P1 PX4 JB . 11.72 13.86 19.25
O3 PX4 JB . 12.35 15.09 20.07
C1 PX4 JB . 13.69 15.24 19.62
C2 PX4 JB . 14.49 16.12 20.58
N1 PX4 JB . 15.95 16.16 20.48
C3 PX4 JB . 16.59 16.80 21.63
C4 PX4 JB . 16.60 14.87 20.21
C5 PX4 JB . 16.21 16.94 19.26
O4 PX4 JB . 10.29 13.96 20.00
C6 PX4 JB . 10.55 13.18 21.17
C7 PX4 JB . 9.87 13.73 22.43
C8 PX4 JB . 9.11 12.61 23.12
O5 PX4 JB . 9.53 11.30 22.72
C9 PX4 JB . 8.52 10.39 22.84
O6 PX4 JB . 7.35 10.81 22.92
C10 PX4 JB . 8.92 8.92 22.75
C11 PX4 JB . 9.73 8.55 23.97
C12 PX4 JB . 10.05 7.06 24.02
C13 PX4 JB . 10.66 6.79 25.40
C14 PX4 JB . 10.50 5.32 25.77
C15 PX4 JB . 9.06 4.82 25.89
C16 PX4 JB . 9.09 3.33 26.29
C17 PX4 JB . 9.47 3.15 27.77
C18 PX4 JB . 9.59 1.64 27.95
C19 PX4 JB . 9.80 1.08 29.36
C20 PX4 JB . 9.73 -0.44 29.15
C21 PX4 JB . 9.97 -1.09 30.51
C22 PX4 JB . 10.03 -2.61 30.40
O7 PX4 JB . 10.70 14.53 23.27
C23 PX4 JB . 10.39 15.85 23.22
O8 PX4 JB . 9.25 16.12 22.84
C24 PX4 JB . 11.16 16.83 24.11
C25 PX4 JB . 12.59 16.30 24.21
C26 PX4 JB . 13.34 17.44 24.88
C27 PX4 JB . 12.63 17.89 26.17
C28 PX4 JB . 13.44 19.04 26.78
C29 PX4 JB . 12.92 19.54 28.12
C30 PX4 JB . 13.31 18.64 29.30
C31 PX4 JB . 12.55 19.18 30.50
C32 PX4 JB . 12.60 18.25 31.72
C33 PX4 JB . 11.39 18.62 32.56
C34 PX4 JB . 11.06 17.48 33.52
C35 PX4 JB . 10.49 18.12 34.79
C36 PX4 JB . 10.13 17.01 35.78
O1 PX4 KB . -1.17 10.96 17.36
O2 PX4 KB . -1.58 11.15 14.87
P1 PX4 KB . -1.61 10.34 16.10
O3 PX4 KB . -3.14 9.89 16.22
C1 PX4 KB . -4.11 10.89 16.56
C2 PX4 KB . -5.52 10.32 16.50
N1 PX4 KB . -6.02 9.61 15.31
C3 PX4 KB . -5.56 10.13 14.01
C4 PX4 KB . -5.69 8.19 15.51
C5 PX4 KB . -7.49 9.54 15.29
O4 PX4 KB . -0.90 8.90 15.92
C6 PX4 KB . -1.68 7.91 16.60
C7 PX4 KB . -1.40 7.58 18.06
C8 PX4 KB . 0.03 8.07 18.26
O5 PX4 KB . 0.93 7.06 18.72
C9 PX4 KB . 2.14 7.55 19.08
O6 PX4 KB . 2.26 8.77 19.24
C10 PX4 KB . 3.21 6.68 19.74
C11 PX4 KB . 3.35 6.95 21.23
C12 PX4 KB . 4.59 6.19 21.70
C13 PX4 KB . 4.97 6.28 23.18
C14 PX4 KB . 5.24 7.77 23.36
C15 PX4 KB . 4.82 8.25 24.75
C16 PX4 KB . 5.51 7.54 25.91
C17 PX4 KB . 5.14 8.22 27.23
C18 PX4 KB . 5.91 7.72 28.46
C19 PX4 KB . 5.74 6.20 28.55
C20 PX4 KB . 6.55 5.55 29.67
C21 PX4 KB . 6.46 6.30 30.98
C22 PX4 KB . 7.19 5.58 32.11
O7 PX4 KB . -2.40 8.12 18.94
C23 PX4 KB . -3.51 7.38 19.20
O8 PX4 KB . -3.57 6.22 18.79
C24 PX4 KB . -4.53 8.11 20.07
C25 PX4 KB . -4.36 7.60 21.51
C26 PX4 KB . -5.26 8.33 22.51
C27 PX4 KB . -4.57 7.99 23.84
C28 PX4 KB . -5.18 8.78 25.00
C29 PX4 KB . -4.20 8.74 26.17
C30 PX4 KB . -4.52 9.83 27.20
C31 PX4 KB . -3.40 9.84 28.23
C32 PX4 KB . -3.65 10.95 29.25
C33 PX4 KB . -2.79 10.73 30.51
C34 PX4 KB . -3.15 11.78 31.56
C35 PX4 KB . -2.46 11.37 32.86
C36 PX4 KB . -2.67 12.45 33.93
O1 PX4 LB . 15.04 -6.81 21.32
O2 PX4 LB . 16.27 -4.56 20.49
P1 PX4 LB . 16.17 -6.01 20.75
O3 PX4 LB . 16.51 -6.72 19.35
C1 PX4 LB . 17.50 -5.98 18.62
C2 PX4 LB . 18.41 -6.83 17.73
N1 PX4 LB . 17.76 -7.53 16.61
C3 PX4 LB . 18.80 -7.89 15.64
C4 PX4 LB . 16.93 -8.66 17.02
C5 PX4 LB . 16.80 -6.68 15.88
O4 PX4 LB . 17.53 -6.40 21.51
C6 PX4 LB . 17.37 -7.73 22.00
C7 PX4 LB . 18.67 -8.52 22.16
C8 PX4 LB . 19.59 -7.48 22.82
O5 PX4 LB . 20.95 -7.80 22.51
C9 PX4 LB . 21.86 -7.16 23.29
O6 PX4 LB . 21.62 -6.27 24.10
C10 PX4 LB . 23.32 -7.63 23.23
C11 PX4 LB . 24.13 -6.71 22.33
C12 PX4 LB . 25.49 -7.24 21.88
C13 PX4 LB . 26.49 -7.51 23.01
C14 PX4 LB . 27.67 -8.38 22.58
C15 PX4 LB . 28.85 -8.38 23.58
C16 PX4 LB . 29.99 -9.30 23.19
C17 PX4 LB . 31.18 -9.13 24.14
C18 PX4 LB . 32.10 -10.31 23.84
C19 PX4 LB . 33.26 -10.41 24.82
C20 PX4 LB . 32.38 -10.57 26.06
C21 PX4 LB . 33.11 -10.88 27.37
C22 PX4 LB . 34.10 -9.74 27.71
O7 PX4 LB . 18.41 -9.72 22.89
C23 PX4 LB . 17.99 -10.84 22.24
O8 PX4 LB . 17.80 -10.75 21.02
C24 PX4 LB . 17.46 -12.08 22.97
C25 PX4 LB . 15.96 -12.09 23.23
C26 PX4 LB . 15.53 -13.09 24.31
C27 PX4 LB . 14.06 -12.96 24.72
C28 PX4 LB . 13.75 -13.96 25.85
C29 PX4 LB . 12.29 -14.27 26.15
C30 PX4 LB . 11.95 -15.27 27.26
C31 PX4 LB . 10.46 -15.45 27.58
C32 PX4 LB . 10.10 -16.14 28.90
C33 PX4 LB . 10.82 -17.48 28.94
C34 PX4 LB . 10.52 -18.08 30.32
C35 PX4 LB . 11.36 -19.35 30.44
C36 PX4 LB . 10.76 -20.58 29.76
O1 PX4 MB . 22.25 5.96 18.65
O2 PX4 MB . 20.68 6.01 16.63
P1 PX4 MB . 20.90 6.18 18.09
O3 PX4 MB . 20.31 7.59 18.60
C1 PX4 MB . 19.96 8.33 17.42
C2 PX4 MB . 19.07 9.50 17.79
N1 PX4 MB . 18.42 10.24 16.70
C3 PX4 MB . 19.56 10.96 16.10
C4 PX4 MB . 17.51 9.52 15.77
C5 PX4 MB . 17.68 11.35 17.33
O4 PX4 MB . 19.75 5.22 18.67
C6 PX4 MB . 19.64 5.67 20.03
C7 PX4 MB . 18.44 5.31 20.90
C8 PX4 MB . 18.16 3.82 20.66
O5 PX4 MB . 18.78 2.83 21.49
C9 PX4 MB . 18.15 1.63 21.54
O6 PX4 MB . 17.14 1.51 20.87
C10 PX4 MB . 18.75 0.54 22.45
C11 PX4 MB . 18.23 0.39 23.88
C12 PX4 MB . 19.10 -0.46 24.80
C13 PX4 MB . 18.35 -1.01 26.02
C14 PX4 MB . 19.44 -1.91 26.62
C15 PX4 MB . 20.64 -1.08 27.06
C16 PX4 MB . 21.73 -1.96 27.64
C17 PX4 MB . 22.80 -2.13 26.56
C18 PX4 MB . 23.99 -2.88 27.16
C19 PX4 MB . 25.08 -3.20 26.12
C20 PX4 MB . 26.18 -3.96 26.86
C21 PX4 MB . 27.34 -4.04 25.87
C22 PX4 MB . 28.63 -4.75 26.32
O7 PX4 MB . 18.57 5.80 22.22
C23 PX4 MB . 18.28 7.10 22.53
O8 PX4 MB . 17.66 7.89 21.83
C24 PX4 MB . 18.79 7.53 23.91
C25 PX4 MB . 18.01 8.69 24.53
C26 PX4 MB . 18.72 9.24 25.77
C27 PX4 MB . 19.09 8.12 26.75
C28 PX4 MB . 19.50 8.77 28.08
C29 PX4 MB . 20.01 7.67 29.00
C30 PX4 MB . 20.53 8.25 30.32
C31 PX4 MB . 21.26 7.24 31.21
C32 PX4 MB . 21.88 7.87 32.46
C33 PX4 MB . 20.74 8.62 33.14
C34 PX4 MB . 21.22 9.55 34.27
C35 PX4 MB . 20.16 10.31 35.06
C36 PX4 MB . 20.64 10.37 36.50
O1 PX4 NB . -18.96 16.25 23.66
O2 PX4 NB . -20.33 14.87 21.89
P1 PX4 NB . -20.19 15.95 22.88
O3 PX4 NB . -20.05 17.15 21.81
C1 PX4 NB . -18.91 16.82 21.01
C2 PX4 NB . -18.47 18.10 20.29
N1 PX4 NB . -17.35 18.89 20.81
C3 PX4 NB . -17.02 19.71 19.63
C4 PX4 NB . -17.74 19.74 21.95
C5 PX4 NB . -16.11 18.17 21.13
O4 PX4 NB . -21.56 16.36 23.64
C6 PX4 NB . -21.11 17.45 24.45
C7 PX4 NB . -22.11 18.04 25.44
C8 PX4 NB . -23.49 17.61 24.92
O5 PX4 NB . -24.33 18.70 24.54
C9 PX4 NB . -25.33 18.52 23.64
O6 PX4 NB . -25.63 17.42 23.18
C10 PX4 NB . -26.46 19.56 23.64
C11 PX4 NB . -27.45 19.39 24.79
C12 PX4 NB . -28.55 20.45 24.90
C13 PX4 NB . -29.35 20.51 26.21
C14 PX4 NB . -29.32 21.85 26.96
C15 PX4 NB . -30.09 21.72 28.27
C16 PX4 NB . -29.32 21.08 29.42
C17 PX4 NB . -30.17 21.17 30.70
C18 PX4 NB . -30.66 22.53 31.21
C19 PX4 NB . -31.71 22.47 32.30
C20 PX4 NB . -32.02 23.82 32.94
C21 PX4 NB . -32.87 23.69 34.23
C22 PX4 NB . -32.98 25.06 34.91
O7 PX4 NB . -21.83 17.58 26.77
C23 PX4 NB . -21.03 18.33 27.58
O8 PX4 NB . -20.77 19.48 27.26
C24 PX4 NB . -20.53 17.62 28.84
C25 PX4 NB . -21.63 17.55 29.90
C26 PX4 NB . -21.13 17.04 31.26
C27 PX4 NB . -22.16 16.44 32.23
C28 PX4 NB . -23.10 17.57 32.63
C29 PX4 NB . -24.19 16.98 33.53
C30 PX4 NB . -24.92 18.03 34.38
C31 PX4 NB . -25.67 17.37 35.53
C32 PX4 NB . -26.52 18.37 36.31
C33 PX4 NB . -27.22 17.80 37.53
C34 PX4 NB . -27.93 18.89 38.34
C35 PX4 NB . -28.27 18.46 39.77
C36 PX4 NB . -29.02 17.13 39.71
O1 PX4 OB . -17.13 25.27 21.92
O2 PX4 OB . -16.20 23.46 20.17
P1 PX4 OB . -16.89 23.90 21.40
O3 PX4 OB . -18.29 23.11 21.57
C1 PX4 OB . -19.22 23.96 20.89
C2 PX4 OB . -20.64 23.77 21.41
N1 PX4 OB . -21.00 24.29 22.75
C3 PX4 OB . -20.38 23.46 23.79
C4 PX4 OB . -20.76 25.73 22.90
C5 PX4 OB . -22.40 23.89 22.86
O4 PX4 OB . -15.95 23.17 22.51
C6 PX4 OB . -16.49 23.15 23.83
C7 PX4 OB . -15.65 22.21 24.69
C8 PX4 OB . -14.23 22.75 24.45
O5 PX4 OB . -13.94 23.91 25.22
C9 PX4 OB . -12.95 24.77 24.82
O6 PX4 OB . -12.67 24.90 23.63
C10 PX4 OB . -12.84 25.95 25.77
C11 PX4 OB . -11.54 26.13 26.56
C12 PX4 OB . -11.56 27.32 27.54
C13 PX4 OB . -11.72 26.81 28.98
C14 PX4 OB . -11.34 28.02 29.85
C15 PX4 OB . -11.18 27.65 31.32
C16 PX4 OB . -11.00 28.94 32.13
C17 PX4 OB . -10.56 28.73 33.58
C18 PX4 OB . -9.18 28.08 33.73
C19 PX4 OB . -8.90 27.42 35.07
C20 PX4 OB . -8.95 28.49 36.17
C21 PX4 OB . -8.02 29.70 36.04
C22 PX4 OB . -8.18 30.62 37.25
O7 PX4 OB . -16.10 22.06 26.04
C23 PX4 OB . -16.94 21.01 26.26
O8 PX4 OB . -17.32 20.18 25.44
C24 PX4 OB . -17.54 20.94 27.67
C25 PX4 OB . -16.70 20.10 28.63
C26 PX4 OB . -17.57 20.05 29.89
C27 PX4 OB . -16.70 19.41 30.99
C28 PX4 OB . -17.44 19.38 32.32
C29 PX4 OB . -16.68 18.58 33.36
C30 PX4 OB . -17.49 18.24 34.61
C31 PX4 OB . -18.61 17.23 34.36
C32 PX4 OB . -19.32 16.88 35.67
C33 PX4 OB . -20.51 15.92 35.59
C34 PX4 OB . -20.80 15.45 37.01
C35 PX4 OB . -21.88 14.37 37.12
C36 PX4 OB . -21.55 13.25 36.13
O1 PX4 PB . 8.40 26.32 48.37
O2 PX4 PB . 7.17 24.05 48.02
P1 PX4 PB . 8.17 25.07 47.62
O3 PX4 PB . 9.61 24.37 47.66
C1 PX4 PB . 10.15 23.95 46.40
C2 PX4 PB . 10.54 22.47 46.35
N1 PX4 PB . 9.47 21.45 46.25
C3 PX4 PB . 10.02 20.19 45.75
C4 PX4 PB . 9.05 21.17 47.62
C5 PX4 PB . 8.40 21.79 45.30
O4 PX4 PB . 8.15 25.40 46.04
C6 PX4 PB . 6.96 26.14 45.73
C7 PX4 PB . 6.89 26.48 44.23
C8 PX4 PB . 7.98 25.71 43.45
O5 PX4 PB . 8.14 26.17 42.12
C9 PX4 PB . 8.81 25.40 41.20
O6 PX4 PB . 9.02 24.20 41.43
C10 PX4 PB . 9.25 25.95 39.86
C11 PX4 PB . 8.29 25.32 38.85
C12 PX4 PB . 8.72 25.62 37.41
C13 PX4 PB . 8.22 27.04 37.09
C14 PX4 PB . 8.51 27.64 35.72
C15 PX4 PB . 7.56 28.82 35.49
C16 PX4 PB . 7.44 29.88 36.59
C17 PX4 PB . 6.30 30.88 36.39
C18 PX4 PB . 6.34 31.51 35.00
C19 PX4 PB . 7.53 32.48 34.95
C20 PX4 PB . 7.54 33.35 33.70
C21 PX4 PB . 8.70 34.33 33.56
C22 PX4 PB . 10.05 33.60 33.63
O7 PX4 PB . 5.54 26.22 43.86
C23 PX4 PB . 4.75 27.30 43.59
O8 PX4 PB . 4.72 28.32 44.31
C24 PX4 PB . 3.51 26.73 42.90
C25 PX4 PB . 2.20 27.44 43.22
C26 PX4 PB . 1.15 26.77 42.33
C27 PX4 PB . 1.02 25.28 42.67
C28 PX4 PB . -0.17 24.60 42.01
C29 PX4 PB . -0.12 24.61 40.48
C30 PX4 PB . -1.39 23.98 39.90
C31 PX4 PB . -1.41 23.88 38.37
C32 PX4 PB . -1.61 25.32 37.89
C33 PX4 PB . -1.69 25.47 36.37
C34 PX4 PB . -1.90 26.95 36.03
C35 PX4 PB . -2.74 26.98 34.75
C36 PX4 PB . -4.14 26.43 34.98
O1 PX4 QB . 23.56 22.00 45.44
O2 PX4 QB . 21.64 20.50 44.67
P1 PX4 QB . 22.68 21.51 44.35
O3 PX4 QB . 23.71 20.54 43.57
C1 PX4 QB . 23.93 19.35 44.35
C2 PX4 QB . 24.80 18.45 43.46
N1 PX4 QB . 24.29 17.87 42.22
C3 PX4 QB . 24.44 18.73 41.03
C4 PX4 QB . 24.90 16.55 41.98
C5 PX4 QB . 22.84 17.60 42.29
O4 PX4 QB . 22.20 22.57 43.24
C6 PX4 QB . 21.51 21.76 42.26
C7 PX4 QB . 20.86 22.56 41.13
C8 PX4 QB . 22.08 23.29 40.58
O5 PX4 QB . 23.23 22.56 40.15
C9 PX4 QB . 24.50 23.06 40.14
O6 PX4 QB . 24.76 23.96 40.93
C10 PX4 QB . 25.55 22.29 39.34
C11 PX4 QB . 25.97 23.07 38.08
C12 PX4 QB . 27.22 22.41 37.50
C13 PX4 QB . 26.97 21.17 36.65
C14 PX4 QB . 26.07 21.56 35.47
C15 PX4 QB . 25.97 20.29 34.62
C16 PX4 QB . 25.05 20.50 33.41
C17 PX4 QB . 25.43 21.67 32.51
C18 PX4 QB . 24.35 21.65 31.43
C19 PX4 QB . 24.70 22.73 30.40
C20 PX4 QB . 23.45 22.83 29.52
C21 PX4 QB . 23.66 23.96 28.50
C22 PX4 QB . 24.92 23.57 27.73
O7 PX4 QB . 20.00 21.90 40.21
C23 PX4 QB . 19.18 22.53 39.33
O8 PX4 QB . 18.89 23.72 39.52
C24 PX4 QB . 18.38 21.56 38.46
C25 PX4 QB . 16.88 21.85 38.36
C26 PX4 QB . 16.04 20.91 37.50
C27 PX4 QB . 14.60 21.44 37.47
C28 PX4 QB . 13.73 20.62 36.50
C29 PX4 QB . 12.23 20.94 36.64
C30 PX4 QB . 11.65 20.42 37.96
C31 PX4 QB . 10.19 20.89 37.87
C32 PX4 QB . 9.48 20.40 39.14
C33 PX4 QB . 8.11 21.08 39.26
C34 PX4 QB . 7.33 20.68 40.52
C35 PX4 QB . 6.51 19.38 40.45
C36 PX4 QB . 5.46 19.42 39.34
O1 PX4 RB . 18.50 14.37 42.78
O2 PX4 RB . 21.07 14.79 43.39
P1 PX4 RB . 19.72 15.19 42.94
O3 PX4 RB . 19.31 16.31 44.02
C1 PX4 RB . 18.84 15.72 45.25
C2 PX4 RB . 18.06 16.77 46.03
N1 PX4 RB . 17.46 16.38 47.33
C3 PX4 RB . 18.50 16.18 48.36
C4 PX4 RB . 16.52 17.44 47.70
C5 PX4 RB . 16.62 15.19 47.28
O4 PX4 RB . 19.83 16.36 41.82
C6 PX4 RB . 18.48 16.61 41.43
C7 PX4 RB . 18.42 17.51 40.20
C8 PX4 RB . 19.77 17.63 39.48
O5 PX4 RB . 19.88 18.61 38.45
C9 PX4 RB . 21.12 18.75 37.92
O6 PX4 RB . 21.99 18.01 38.38
C10 PX4 RB . 21.25 19.84 36.85
C11 PX4 RB . 22.09 21.08 37.15
C12 PX4 RB . 22.03 21.86 35.84
C13 PX4 RB . 20.57 22.30 35.67
C14 PX4 RB . 20.33 23.10 34.39
C15 PX4 RB . 18.87 23.32 33.98
C16 PX4 RB . 18.07 22.24 33.26
C17 PX4 RB . 16.67 22.81 33.08
C18 PX4 RB . 16.00 21.95 32.02
C19 PX4 RB . 14.74 22.71 31.65
C20 PX4 RB . 13.77 22.82 32.83
C21 PX4 RB . 12.42 23.28 32.26
C22 PX4 RB . 11.39 23.50 33.36
O7 PX4 RB . 17.28 17.10 39.42
C23 PX4 RB . 16.04 17.58 39.70
O8 PX4 RB . 15.81 18.35 40.63
C24 PX4 RB . 15.04 17.13 38.65
C25 PX4 RB . 14.72 15.64 38.88
C26 PX4 RB . 13.64 15.20 37.91
C27 PX4 RB . 13.10 13.77 38.12
C28 PX4 RB . 14.31 12.84 38.02
C29 PX4 RB . 14.59 12.32 36.62
C30 PX4 RB . 15.93 11.61 36.58
C31 PX4 RB . 16.15 11.07 35.18
C32 PX4 RB . 14.90 10.20 34.96
C33 PX4 RB . 14.88 9.15 33.86
C34 PX4 RB . 15.91 8.05 34.04
C35 PX4 RB . 16.56 7.57 32.75
C36 PX4 RB . 15.51 7.06 31.76
O1 PX4 SB . -17.78 26.70 57.76
O2 PX4 SB . -20.31 25.90 57.97
P1 PX4 SB . -18.95 25.84 57.40
O3 PX4 SB . -18.41 24.32 57.61
C1 PX4 SB . -18.65 23.85 58.94
C2 PX4 SB . -18.70 22.33 59.07
N1 PX4 SB . -19.37 21.46 58.09
C3 PX4 SB . -19.39 20.22 58.86
C4 PX4 SB . -20.77 21.79 57.77
C5 PX4 SB . -18.45 21.19 56.97
O4 PX4 SB . -18.94 25.64 55.81
C6 PX4 SB . -20.01 24.73 55.56
C7 PX4 SB . -20.08 24.07 54.20
C8 PX4 SB . -18.92 24.67 53.38
O5 PX4 SB . -18.67 24.31 52.02
C9 PX4 SB . -17.68 24.94 51.31
O6 PX4 SB . -17.58 26.14 51.52
C10 PX4 SB . -17.08 24.06 50.21
C11 PX4 SB . -18.20 23.30 49.50
C12 PX4 SB . -17.52 22.64 48.29
C13 PX4 SB . -16.35 21.73 48.67
C14 PX4 SB . -15.64 21.62 47.31
C15 PX4 SB . -16.52 20.83 46.35
C16 PX4 SB . -15.98 20.51 44.94
C17 PX4 SB . -17.08 20.28 43.92
C18 PX4 SB . -16.49 20.38 42.51
C19 PX4 SB . -15.19 19.56 42.50
C20 PX4 SB . -14.94 19.18 41.04
C21 PX4 SB . -15.97 18.19 40.51
C22 PX4 SB . -15.72 17.86 39.03
O7 PX4 SB . -20.02 22.65 54.29
C23 PX4 SB . -21.06 22.14 53.58
O8 PX4 SB . -22.06 22.81 53.33
C24 PX4 SB . -21.20 20.64 53.36
C25 PX4 SB . -20.62 20.28 51.97
C26 PX4 SB . -19.18 19.82 51.94
C27 PX4 SB . -18.90 19.49 50.47
C28 PX4 SB . -19.53 18.19 49.99
C29 PX4 SB . -18.73 16.93 50.31
C30 PX4 SB . -19.28 15.62 49.75
C31 PX4 SB . -19.45 15.79 48.24
C32 PX4 SB . -19.98 14.62 47.39
C33 PX4 SB . -21.51 14.70 47.47
C34 PX4 SB . -22.26 13.74 46.56
C35 PX4 SB . -21.83 14.13 45.14
C36 PX4 SB . -22.71 13.40 44.11
O1 PX4 TB . 42.38 12.30 42.82
O2 PX4 TB . 44.11 14.03 43.68
P1 PX4 TB . 43.03 13.63 42.75
O3 PX4 TB . 42.09 14.93 42.64
C1 PX4 TB . 42.83 16.12 42.83
C2 PX4 TB . 42.32 17.38 42.11
N1 PX4 TB . 43.15 18.60 42.11
C3 PX4 TB . 43.08 19.35 43.36
C4 PX4 TB . 44.56 18.33 41.85
C5 PX4 TB . 42.61 19.48 41.07
O4 PX4 TB . 43.68 13.66 41.26
C6 PX4 TB . 42.63 13.26 40.36
C7 PX4 TB . 42.97 13.14 38.88
C8 PX4 TB . 43.91 14.32 38.71
O5 PX4 TB . 43.54 15.12 37.58
C9 PX4 TB . 43.12 16.32 38.05
O6 PX4 TB . 43.30 16.80 39.17
C10 PX4 TB . 42.62 17.30 36.99
C11 PX4 TB . 42.37 16.67 35.62
C12 PX4 TB . 41.56 17.69 34.81
C13 PX4 TB . 41.40 17.09 33.40
C14 PX4 TB . 41.03 18.08 32.30
C15 PX4 TB . 41.16 17.67 30.84
C16 PX4 TB . 40.99 18.83 29.86
C17 PX4 TB . 40.59 18.34 28.47
C18 PX4 TB . 40.87 19.42 27.42
C19 PX4 TB . 40.82 18.69 26.08
C20 PX4 TB . 41.00 19.63 24.89
C21 PX4 TB . 40.66 19.13 23.48
C22 PX4 TB . 41.72 18.08 23.08
O7 PX4 TB . 43.64 11.91 38.53
C23 PX4 TB . 42.98 10.73 38.55
O8 PX4 TB . 42.18 10.45 39.44
C24 PX4 TB . 43.46 9.67 37.56
C25 PX4 TB . 43.39 10.09 36.09
C26 PX4 TB . 43.43 8.83 35.21
C27 PX4 TB . 43.13 9.47 33.86
C28 PX4 TB . 42.84 8.49 32.71
C29 PX4 TB . 41.97 9.24 31.71
C30 PX4 TB . 41.50 8.22 30.68
C31 PX4 TB . 42.84 7.85 30.03
C32 PX4 TB . 43.09 8.97 29.01
C33 PX4 TB . 44.45 8.76 28.37
C34 PX4 TB . 44.56 9.84 27.29
C35 PX4 TB . 43.59 9.89 26.11
C36 PX4 TB . 44.17 10.64 24.91
O1 PX4 UB . 17.16 -35.71 54.80
O2 PX4 UB . 19.43 -36.88 54.39
P1 PX4 UB . 18.51 -35.74 54.20
O3 PX4 UB . 19.49 -34.49 54.49
C1 PX4 UB . 18.96 -33.22 54.13
C2 PX4 UB . 19.73 -32.02 54.67
N1 PX4 UB . 19.21 -30.65 54.78
C3 PX4 UB . 20.10 -29.77 55.54
C4 PX4 UB . 19.13 -30.03 53.45
C5 PX4 UB . 17.87 -30.63 55.39
O4 PX4 UB . 18.27 -35.53 52.63
C6 PX4 UB . 19.33 -36.11 51.86
C7 PX4 UB . 18.99 -36.30 50.38
C8 PX4 UB . 17.47 -36.38 50.25
O5 PX4 UB . 17.08 -37.50 49.46
C9 PX4 UB . 15.77 -37.89 49.42
O6 PX4 UB . 15.01 -37.62 50.34
C10 PX4 UB . 15.48 -38.87 48.29
C11 PX4 UB . 14.89 -38.15 47.06
C12 PX4 UB . 14.18 -39.18 46.19
C13 PX4 UB . 13.50 -38.48 45.00
C14 PX4 UB . 12.60 -39.29 44.05
C15 PX4 UB . 12.33 -38.31 42.91
C16 PX4 UB . 11.46 -38.91 41.80
C17 PX4 UB . 11.58 -37.87 40.68
C18 PX4 UB . 10.58 -38.01 39.54
C19 PX4 UB . 10.97 -37.51 38.15
C20 PX4 UB . 9.87 -37.90 37.14
C21 PX4 UB . 10.07 -37.47 35.70
C22 PX4 UB . 9.03 -38.21 34.86
O7 PX4 UB . 19.57 -35.27 49.56
C23 PX4 UB . 20.79 -35.61 49.08
O8 PX4 UB . 21.64 -36.16 49.78
C24 PX4 UB . 21.12 -34.70 47.88
C25 PX4 UB . 19.86 -34.43 47.07
C26 PX4 UB . 19.71 -33.07 46.37
C27 PX4 UB . 18.50 -32.95 45.45
C28 PX4 UB . 18.27 -31.58 44.82
C29 PX4 UB . 17.06 -31.64 43.87
C30 PX4 UB . 16.94 -30.32 43.13
C31 PX4 UB . 15.55 -30.05 42.52
C32 PX4 UB . 15.38 -28.71 41.80
C33 PX4 UB . 14.00 -28.49 41.17
C34 PX4 UB . 13.92 -27.09 40.57
C35 PX4 UB . 12.54 -26.91 39.92
C36 PX4 UB . 12.67 -25.66 39.04
O1 PX4 VB . -23.57 -6.45 60.51
O2 PX4 VB . -25.75 -5.04 60.03
P1 PX4 VB . -24.75 -6.09 59.69
O3 PX4 VB . -25.57 -7.46 59.49
C1 PX4 VB . -26.49 -7.80 60.52
C2 PX4 VB . -27.41 -8.88 59.95
N1 PX4 VB . -28.56 -8.48 59.12
C3 PX4 VB . -29.44 -9.62 58.83
C4 PX4 VB . -29.36 -7.41 59.73
C5 PX4 VB . -28.24 -7.92 57.79
O4 PX4 VB . -24.18 -5.72 58.23
C6 PX4 VB . -25.24 -5.49 57.29
C7 PX4 VB . -24.88 -5.48 55.81
C8 PX4 VB . -23.43 -4.96 55.81
O5 PX4 VB . -23.18 -3.74 55.13
C9 PX4 VB . -22.27 -2.93 55.73
O6 PX4 VB . -22.06 -3.05 56.93
C10 PX4 VB . -21.67 -1.83 54.86
C11 PX4 VB . -21.32 -2.46 53.52
C12 PX4 VB . -20.28 -1.59 52.81
C13 PX4 VB . -19.94 -2.10 51.43
C14 PX4 VB . -19.02 -1.14 50.68
C15 PX4 VB . -19.26 -1.27 49.18
C16 PX4 VB . -18.49 -0.34 48.23
C17 PX4 VB . -18.97 -0.49 46.78
C18 PX4 VB . -18.24 0.34 45.73
C19 PX4 VB . -19.03 0.33 44.41
C20 PX4 VB . -18.02 0.30 43.26
C21 PX4 VB . -18.72 0.20 41.91
C22 PX4 VB . -17.81 -0.41 40.85
O7 PX4 VB . -24.97 -6.76 55.17
C23 PX4 VB . -26.20 -7.21 54.80
O8 PX4 VB . -27.25 -6.62 55.03
C24 PX4 VB . -26.24 -8.42 53.88
C25 PX4 VB . -27.18 -8.12 52.70
C26 PX4 VB . -27.44 -9.44 51.99
C27 PX4 VB . -28.59 -9.16 51.01
C28 PX4 VB . -29.01 -10.39 50.21
C29 PX4 VB . -28.07 -10.89 49.10
C30 PX4 VB . -28.77 -11.73 48.05
C31 PX4 VB . -27.98 -11.61 46.73
C32 PX4 VB . -26.91 -12.68 46.86
C33 PX4 VB . -25.96 -12.53 45.66
C34 PX4 VB . -24.92 -13.64 45.56
C35 PX4 VB . -23.98 -13.34 44.38
C36 PX4 VB . -24.60 -13.69 43.04
O1 PX4 WB . -1.62 40.09 48.55
O2 PX4 WB . -2.44 42.38 47.76
P1 PX4 WB . -1.96 41.00 47.44
O3 PX4 WB . -3.06 40.15 46.62
C1 PX4 WB . -2.69 38.79 46.46
C2 PX4 WB . -3.88 37.87 46.14
N1 PX4 WB . -3.70 36.43 45.81
C3 PX4 WB . -3.70 35.64 47.05
C4 PX4 WB . -4.90 35.94 45.13
C5 PX4 WB . -2.51 36.17 44.99
O4 PX4 WB . -0.93 40.83 46.22
C6 PX4 WB . -1.12 41.89 45.27
C7 PX4 WB . 0.18 42.26 44.56
C8 PX4 WB . 0.36 41.05 43.64
O5 PX4 WB . -0.82 40.59 42.97
C9 PX4 WB . -0.67 39.32 42.50
O6 PX4 WB . 0.40 38.72 42.66
C10 PX4 WB . -1.91 38.66 41.91
C11 PX4 WB . -1.37 37.58 40.98
C12 PX4 WB . -2.52 36.61 40.71
C13 PX4 WB . -2.48 36.02 39.31
C14 PX4 WB . -3.88 35.44 39.09
C15 PX4 WB . -4.24 34.36 40.09
C16 PX4 WB . -5.57 33.60 39.90
C17 PX4 WB . -5.82 32.57 40.99
C18 PX4 WB . -7.26 32.07 40.81
C19 PX4 WB . -7.82 31.34 42.03
C20 PX4 WB . -7.60 32.22 43.27
C21 PX4 WB . -7.93 31.50 44.58
C22 PX4 WB . -9.39 31.05 44.55
O7 PX4 WB . 0.13 43.51 43.87
C23 PX4 WB . 0.42 44.60 44.62
O8 PX4 WB . 0.59 44.37 45.83
C24 PX4 WB . 0.92 45.79 43.80
C25 PX4 WB . -0.40 46.41 43.33
C26 PX4 WB . -0.29 47.36 42.15
C27 PX4 WB . -1.64 47.70 41.53
C28 PX4 WB . -1.45 48.76 40.42
C29 PX4 WB . -2.73 48.84 39.59
C30 PX4 WB . -2.84 47.47 38.91
C31 PX4 WB . -4.07 47.29 38.02
C32 PX4 WB . -3.89 45.96 37.27
C33 PX4 WB . -4.96 45.85 36.20
C34 PX4 WB . -4.83 46.94 35.13
C35 PX4 WB . -5.82 46.79 33.97
C36 PX4 WB . -5.46 47.75 32.85
O1 PX4 XB . -18.45 -8.89 57.57
O2 PX4 XB . -19.51 -9.45 59.78
P1 PX4 XB . -18.91 -9.92 58.52
O3 PX4 XB . -17.57 -10.79 58.74
C1 PX4 XB . -16.87 -10.27 59.87
C2 PX4 XB . -15.93 -11.26 60.55
N1 PX4 XB . -16.40 -12.51 61.14
C3 PX4 XB . -17.23 -13.31 60.24
C4 PX4 XB . -15.29 -13.37 61.56
C5 PX4 XB . -17.22 -12.35 62.36
O4 PX4 XB . -19.67 -11.17 57.84
C6 PX4 XB . -19.17 -11.48 56.54
C7 PX4 XB . -19.33 -12.99 56.33
C8 PX4 XB . -20.76 -13.21 55.83
O5 PX4 XB . -21.30 -12.11 55.11
C9 PX4 XB . -22.65 -12.19 54.95
O6 PX4 XB . -23.30 -13.11 55.49
C10 PX4 XB . -23.33 -11.16 54.05
C11 PX4 XB . -22.66 -11.03 52.69
C12 PX4 XB . -23.35 -9.95 51.87
C13 PX4 XB . -22.69 -9.84 50.49
C14 PX4 XB . -23.65 -9.89 49.30
C15 PX4 XB . -22.73 -9.83 48.08
C16 PX4 XB . -23.68 -9.63 46.89
C17 PX4 XB . -24.54 -8.36 46.98
C18 PX4 XB . -25.40 -8.38 45.71
C19 PX4 XB . -24.67 -8.47 44.37
C20 PX4 XB . -25.62 -8.35 43.19
C21 PX4 XB . -25.70 -9.73 42.50
C22 PX4 XB . -26.69 -9.74 41.34
O7 PX4 XB . -18.36 -13.46 55.39
C23 PX4 XB . -17.51 -14.32 56.02
O8 PX4 XB . -17.61 -14.57 57.21
C24 PX4 XB . -16.26 -14.65 55.20
C25 PX4 XB . -16.40 -15.46 53.91
C26 PX4 XB . -15.13 -15.81 53.12
C27 PX4 XB . -15.41 -16.67 51.89
C28 PX4 XB . -16.42 -16.15 50.87
C29 PX4 XB . -16.84 -17.16 49.81
C30 PX4 XB . -17.90 -16.63 48.84
C31 PX4 XB . -18.21 -17.77 47.86
C32 PX4 XB . -18.81 -17.20 46.56
C33 PX4 XB . -17.70 -17.29 45.50
C34 PX4 XB . -18.32 -17.22 44.11
C35 PX4 XB . -17.28 -17.33 43.00
C36 PX4 XB . -18.03 -17.10 41.69
O1 PX4 YB . 34.31 18.64 45.49
O2 PX4 YB . 36.37 17.26 44.92
P1 PX4 YB . 35.54 18.46 44.68
O3 PX4 YB . 36.30 19.74 45.32
C1 PX4 YB . 37.23 19.23 46.27
C2 PX4 YB . 37.67 20.35 47.23
N1 PX4 YB . 36.86 20.76 48.39
C3 PX4 YB . 35.53 21.23 47.96
C4 PX4 YB . 36.74 19.63 49.31
C5 PX4 YB . 37.53 21.96 48.95
O4 PX4 YB . 35.36 18.82 43.12
C6 PX4 YB . 36.75 18.98 42.85
C7 PX4 YB . 37.11 19.27 41.39
C8 PX4 YB . 35.86 18.83 40.60
O5 PX4 YB . 36.21 18.01 39.49
C9 PX4 YB . 35.17 17.72 38.67
O6 PX4 YB . 34.07 18.17 39.01
C10 PX4 YB . 35.29 16.87 37.40
C11 PX4 YB . 35.68 17.72 36.18
C12 PX4 YB . 36.16 16.78 35.09
C13 PX4 YB . 36.65 17.55 33.86
C14 PX4 YB . 36.99 16.44 32.85
C15 PX4 YB . 37.36 16.92 31.45
C16 PX4 YB . 36.06 17.60 31.01
C17 PX4 YB . 36.30 18.17 29.62
C18 PX4 YB . 36.92 17.04 28.79
C19 PX4 YB . 37.13 17.30 27.31
C20 PX4 YB . 37.69 16.08 26.57
C21 PX4 YB . 38.15 16.39 25.14
C22 PX4 YB . 37.07 16.61 24.07
O7 PX4 YB . 37.58 20.61 41.21
C23 PX4 YB . 38.90 20.86 41.41
O8 PX4 YB . 39.44 20.08 42.20
C24 PX4 YB . 39.53 22.12 40.82
C25 PX4 YB . 38.68 22.80 39.76
C26 PX4 YB . 39.24 24.23 39.60
C27 PX4 YB . 38.66 24.84 38.32
C28 PX4 YB . 39.47 25.97 37.70
C29 PX4 YB . 39.80 27.08 38.70
C30 PX4 YB . 41.21 27.62 38.41
C31 PX4 YB . 41.53 28.27 37.07
C32 PX4 YB . 42.69 29.26 37.19
C33 PX4 YB . 43.13 29.99 35.91
C34 PX4 YB . 44.13 31.05 36.38
C35 PX4 YB . 44.78 31.49 35.07
C36 PX4 YB . 45.81 32.57 35.45
O1 PX4 ZB . 38.99 16.22 43.41
O2 PX4 ZB . 36.86 15.58 42.12
P1 PX4 ZB . 38.33 15.65 42.21
O3 PX4 ZB . 38.83 14.11 42.20
C1 PX4 ZB . 38.45 13.47 43.42
C2 PX4 ZB . 39.03 12.06 43.48
N1 PX4 ZB . 38.17 11.01 42.89
C3 PX4 ZB . 38.76 9.68 43.01
C4 PX4 ZB . 36.90 10.95 43.64
C5 PX4 ZB . 37.83 11.21 41.48
O4 PX4 ZB . 38.93 16.22 40.84
C6 PX4 ZB . 38.55 15.30 39.83
C7 PX4 ZB . 38.96 15.70 38.41
C8 PX4 ZB . 39.37 17.16 38.50
O5 PX4 ZB . 38.92 17.98 37.41
C9 PX4 ZB . 39.04 19.25 37.84
O6 PX4 ZB . 40.02 19.71 38.44
C10 PX4 ZB . 38.22 20.15 36.92
C11 PX4 ZB . 38.97 20.58 35.65
C12 PX4 ZB . 38.00 21.51 34.89
C13 PX4 ZB . 37.41 22.60 35.77
C14 PX4 ZB . 36.45 23.45 34.93
C15 PX4 ZB . 35.65 24.40 35.85
C16 PX4 ZB . 34.79 25.34 35.03
C17 PX4 ZB . 33.75 24.61 34.15
C18 PX4 ZB . 33.38 25.56 33.01
C19 PX4 ZB . 32.60 24.81 31.94
C20 PX4 ZB . 32.15 25.62 30.72
C21 PX4 ZB . 31.03 26.61 31.05
C22 PX4 ZB . 30.60 27.15 29.69
O7 PX4 ZB . 39.91 14.74 37.92
C23 PX4 ZB . 39.35 13.77 37.15
O8 PX4 ZB . 38.17 13.49 37.24
C24 PX4 ZB . 40.38 12.92 36.41
C25 PX4 ZB . 40.34 13.42 34.96
C26 PX4 ZB . 39.10 13.01 34.15
C27 PX4 ZB . 39.41 13.26 32.68
C28 PX4 ZB . 38.12 12.98 31.91
C29 PX4 ZB . 38.01 12.86 30.41
C30 PX4 ZB . 39.04 11.81 29.98
C31 PX4 ZB . 39.10 11.74 28.44
C32 PX4 ZB . 40.01 10.65 27.89
C33 PX4 ZB . 40.03 10.86 26.37
C34 PX4 ZB . 38.58 10.87 25.92
C35 PX4 ZB . 38.76 10.58 24.43
C36 PX4 ZB . 37.41 10.42 23.75
O1 PX4 AC . 36.62 6.90 42.79
O2 PX4 AC . 34.02 7.12 42.62
P1 PX4 AC . 35.38 7.29 42.07
O3 PX4 AC . 35.30 6.38 40.75
C1 PX4 AC . 35.57 5.08 41.33
C2 PX4 AC . 35.56 3.95 40.31
N1 PX4 AC . 36.42 4.02 39.11
C3 PX4 AC . 37.68 4.74 39.29
C4 PX4 AC . 36.82 2.66 38.71
C5 PX4 AC . 35.67 4.67 38.03
O4 PX4 AC . 35.47 8.66 41.24
C6 PX4 AC . 34.17 8.82 40.65
C7 PX4 AC . 34.17 9.41 39.24
C8 PX4 AC . 35.22 8.57 38.51
O5 PX4 AC . 36.39 9.29 38.11
C9 PX4 AC . 37.39 8.55 37.55
O6 PX4 AC . 37.07 7.40 37.25
C10 PX4 AC . 38.63 9.32 37.12
C11 PX4 AC . 39.21 9.01 35.73
C12 PX4 AC . 38.24 9.37 34.60
C13 PX4 AC . 38.76 8.68 33.34
C14 PX4 AC . 37.63 8.61 32.31
C15 PX4 AC . 37.80 7.34 31.45
C16 PX4 AC . 36.57 7.37 30.55
C17 PX4 AC . 36.61 6.29 29.47
C18 PX4 AC . 35.26 6.21 28.75
C19 PX4 AC . 35.43 5.42 27.45
C20 PX4 AC . 34.02 5.35 26.85
C21 PX4 AC . 34.09 4.49 25.57
C22 PX4 AC . 32.79 4.49 24.77
O7 PX4 AC . 32.93 9.26 38.57
C23 PX4 AC . 31.91 10.16 38.42
O8 PX4 AC . 31.94 11.18 39.12
C24 PX4 AC . 30.70 9.73 37.62
C25 PX4 AC . 30.20 10.83 36.71
C26 PX4 AC . 29.10 10.41 35.72
C27 PX4 AC . 29.74 9.53 34.64
C28 PX4 AC . 28.76 9.49 33.47
C29 PX4 AC . 29.40 8.83 32.24
C30 PX4 AC . 28.46 8.97 31.05
C31 PX4 AC . 29.19 8.53 29.78
C32 PX4 AC . 28.22 8.43 28.61
C33 PX4 AC . 28.87 7.81 27.38
C34 PX4 AC . 29.99 8.71 26.83
C35 PX4 AC . 29.66 9.15 25.40
C36 PX4 AC . 29.89 7.89 24.57
O1 PX4 BC . 16.72 -25.47 54.60
O2 PX4 BC . 15.31 -25.62 52.51
P1 PX4 BC . 15.84 -26.27 53.72
O3 PX4 BC . 14.51 -26.73 54.52
C1 PX4 BC . 13.53 -25.70 54.54
C2 PX4 BC . 12.11 -25.92 55.08
N1 PX4 BC . 12.03 -25.84 56.56
C3 PX4 BC . 12.61 -24.58 57.05
C4 PX4 BC . 10.59 -26.01 56.81
C5 PX4 BC . 12.69 -27.00 57.17
O4 PX4 BC . 16.20 -27.84 53.56
C6 PX4 BC . 15.66 -28.26 52.31
C7 PX4 BC . 15.14 -29.70 52.35
C8 PX4 BC . 13.61 -29.59 52.20
O5 PX4 BC . 13.14 -29.96 50.91
C9 PX4 BC . 12.66 -28.98 50.08
O6 PX4 BC . 12.57 -27.86 50.57
C10 PX4 BC . 12.33 -29.25 48.60
C11 PX4 BC . 10.90 -29.75 48.55
C12 PX4 BC . 10.51 -29.83 47.07
C13 PX4 BC . 11.59 -30.57 46.28
C14 PX4 BC . 11.19 -31.14 44.92
C15 PX4 BC . 10.57 -30.05 44.04
C16 PX4 BC . 10.06 -30.51 42.68
C17 PX4 BC . 9.81 -29.27 41.81
C18 PX4 BC . 9.25 -29.54 40.42
C19 PX4 BC . 8.70 -28.34 39.64
C20 PX4 BC . 8.09 -28.74 38.31
C21 PX4 BC . 7.46 -27.51 37.66
C22 PX4 BC . 6.93 -27.99 36.30
O7 PX4 BC . 15.83 -30.53 51.42
C23 PX4 BC . 16.10 -31.80 51.83
O8 PX4 BC . 16.18 -32.24 52.99
C24 PX4 BC . 16.34 -32.83 50.73
C25 PX4 BC . 15.31 -32.70 49.60
C26 PX4 BC . 15.82 -33.25 48.26
C27 PX4 BC . 14.71 -33.30 47.22
C28 PX4 BC . 15.02 -34.00 45.89
C29 PX4 BC . 13.83 -33.69 44.99
C30 PX4 BC . 14.06 -34.30 43.61
C31 PX4 BC . 13.14 -33.77 42.52
C32 PX4 BC . 13.20 -34.53 41.19
C33 PX4 BC . 12.59 -33.73 40.04
C34 PX4 BC . 13.40 -32.46 39.73
C35 PX4 BC . 12.91 -31.61 38.58
C36 PX4 BC . 13.23 -32.34 37.27
O1 PX4 CC . -22.27 5.28 60.73
O2 PX4 CC . -19.99 4.38 59.99
P1 PX4 CC . -21.07 5.39 59.87
O3 PX4 CC . -20.39 6.81 60.16
C1 PX4 CC . -21.31 7.85 59.83
C2 PX4 CC . -20.88 9.24 60.32
N1 PX4 CC . -19.58 9.74 59.86
C3 PX4 CC . -18.48 9.16 60.65
C4 PX4 CC . -19.29 9.52 58.43
C5 PX4 CC . -19.66 11.19 60.10
O4 PX4 CC . -21.53 5.63 58.35
C6 PX4 CC . -20.36 5.35 57.56
C7 PX4 CC . -20.68 5.68 56.11
C8 PX4 CC . -22.12 5.20 55.87
O5 PX4 CC . -22.30 4.58 54.60
C9 PX4 CC . -23.53 4.08 54.35
O6 PX4 CC . -24.48 4.52 54.98
C10 PX4 CC . -23.94 3.45 53.00
C11 PX4 CC . -22.99 2.31 52.64
C12 PX4 CC . -23.67 1.50 51.53
C13 PX4 CC . -22.85 0.32 51.00
C14 PX4 CC . -23.76 -0.58 50.13
C15 PX4 CC . -24.06 0.02 48.76
C16 PX4 CC . -25.15 -0.81 48.10
C17 PX4 CC . -25.66 -0.28 46.76
C18 PX4 CC . -26.99 -0.95 46.40
C19 PX4 CC . -27.37 -0.75 44.93
C20 PX4 CC . -27.67 0.72 44.66
C21 PX4 CC . -27.73 0.92 43.14
C22 PX4 CC . -27.99 2.38 42.81
O7 PX4 CC . -20.23 6.94 55.59
C23 PX4 CC . -18.94 6.87 55.17
O8 PX4 CC . -18.05 6.42 55.90
C24 PX4 CC . -18.53 7.99 54.20
C25 PX4 CC . -18.30 7.48 52.78
C26 PX4 CC . -19.58 6.73 52.33
C27 PX4 CC . -20.58 7.87 52.14
C28 PX4 CC . -21.98 7.23 52.21
C29 PX4 CC . -23.02 8.26 51.77
C30 PX4 CC . -24.38 7.59 51.58
C31 PX4 CC . -24.22 6.57 50.45
C32 PX4 CC . -25.49 5.74 50.30
C33 PX4 CC . -25.36 4.85 49.07
C34 PX4 CC . -26.71 4.35 48.56
C35 PX4 CC . -26.47 3.74 47.18
C36 PX4 CC . -25.61 4.63 46.26
O1 PX4 DC . -22.44 1.94 61.45
O2 PX4 DC . -24.64 3.31 60.92
P1 PX4 DC . -23.44 2.53 60.54
O3 PX4 DC . -24.17 1.12 60.34
C1 PX4 DC . -25.07 0.96 61.42
C2 PX4 DC . -26.19 -0.09 61.39
N1 PX4 DC . -25.82 -1.49 61.16
C3 PX4 DC . -24.62 -2.04 61.82
C4 PX4 DC . -26.89 -2.21 61.85
C5 PX4 DC . -25.83 -1.95 59.76
O4 PX4 DC . -23.14 2.44 58.95
C6 PX4 DC . -22.31 1.31 58.64
C7 PX4 DC . -22.42 0.96 57.15
C8 PX4 DC . -23.88 1.20 56.76
O5 PX4 DC . -24.44 -0.11 56.57
C9 PX4 DC . -25.73 -0.13 56.17
O6 PX4 DC . -26.35 0.89 55.83
C10 PX4 DC . -26.23 -1.50 55.69
C11 PX4 DC . -26.43 -1.56 54.19
C12 PX4 DC . -27.12 -2.83 53.70
C13 PX4 DC . -27.21 -2.91 52.17
C14 PX4 DC . -28.16 -4.07 51.89
C15 PX4 DC . -28.24 -4.33 50.39
C16 PX4 DC . -29.16 -5.50 50.05
C17 PX4 DC . -29.11 -5.79 48.55
C18 PX4 DC . -29.35 -4.46 47.83
C19 PX4 DC . -29.56 -4.61 46.32
C20 PX4 DC . -29.94 -3.30 45.65
C21 PX4 DC . -30.35 -3.46 44.18
C22 PX4 DC . -30.87 -2.13 43.66
O7 PX4 DC . -21.58 1.82 56.37
C23 PX4 DC . -20.28 1.48 56.17
O8 PX4 DC . -19.81 0.59 56.87
C24 PX4 DC . -19.28 2.32 55.37
C25 PX4 DC . -19.48 2.18 53.85
C26 PX4 DC . -18.21 2.80 53.25
C27 PX4 DC . -18.23 2.80 51.72
C28 PX4 DC . -19.64 3.21 51.25
C29 PX4 DC . -19.59 3.05 49.73
C30 PX4 DC . -20.92 3.51 49.13
C31 PX4 DC . -20.97 2.99 47.69
C32 PX4 DC . -22.23 3.19 46.85
C33 PX4 DC . -21.88 2.79 45.42
C34 PX4 DC . -23.06 3.09 44.49
C35 PX4 DC . -22.93 2.19 43.27
C36 PX4 DC . -24.24 2.27 42.49
O1 PX4 EC . -21.97 -13.34 59.60
O2 PX4 EC . -20.80 -11.84 61.36
P1 PX4 EC . -21.95 -12.15 60.49
O3 PX4 EC . -23.15 -12.49 61.53
C1 PX4 EC . -22.92 -11.80 62.75
C2 PX4 EC . -23.95 -12.19 63.83
N1 PX4 EC . -23.94 -11.45 65.11
C3 PX4 EC . -24.29 -10.05 64.86
C4 PX4 EC . -24.91 -12.04 66.04
C5 PX4 EC . -22.62 -11.61 65.74
O4 PX4 EC . -22.58 -10.80 59.88
C6 PX4 EC . -22.94 -10.88 58.49
C7 PX4 EC . -23.81 -9.70 58.08
C8 PX4 EC . -22.85 -8.60 57.62
O5 PX4 EC . -21.98 -9.03 56.56
C9 PX4 EC . -21.26 -8.01 56.02
O6 PX4 EC . -21.25 -6.95 56.66
C10 PX4 EC . -20.35 -8.23 54.81
C11 PX4 EC . -20.27 -7.07 53.81
C12 PX4 EC . -21.68 -7.00 53.21
C13 PX4 EC . -21.87 -6.05 52.02
C14 PX4 EC . -23.36 -6.06 51.68
C15 PX4 EC . -23.56 -4.82 50.81
C16 PX4 EC . -22.80 -5.04 49.51
C17 PX4 EC . -23.23 -4.04 48.45
C18 PX4 EC . -22.13 -3.79 47.42
C19 PX4 EC . -22.59 -2.84 46.32
C20 PX4 EC . -21.49 -2.51 45.29
C21 PX4 EC . -22.21 -1.92 44.08
C22 PX4 EC . -23.15 -2.94 43.42
O7 PX4 EC . -24.77 -10.03 57.07
C23 PX4 EC . -25.72 -10.98 57.35
O8 PX4 EC . -25.92 -11.37 58.50
C24 PX4 EC . -26.73 -11.05 56.21
C25 PX4 EC . -26.82 -12.37 55.44
C26 PX4 EC . -27.96 -12.39 54.44
C27 PX4 EC . -28.03 -13.70 53.63
C28 PX4 EC . -26.70 -13.80 52.88
C29 PX4 EC . -26.94 -14.67 51.64
C30 PX4 EC . -25.66 -14.77 50.81
C31 PX4 EC . -25.14 -13.44 50.31
C32 PX4 EC . -24.02 -13.93 49.36
C33 PX4 EC . -23.07 -14.89 50.09
C34 PX4 EC . -21.94 -15.14 49.08
C35 PX4 EC . -22.29 -16.00 47.86
C36 PX4 EC . -22.44 -17.47 48.29
O1 PX4 FC . 1.80 -25.20 58.76
O2 PX4 FC . 3.30 -26.93 57.68
P1 PX4 FC . 2.36 -25.80 57.53
O3 PX4 FC . 3.25 -24.64 56.85
C1 PX4 FC . 2.55 -23.39 56.88
C2 PX4 FC . 3.62 -22.29 56.93
N1 PX4 FC . 3.17 -20.92 57.23
C3 PX4 FC . 2.71 -20.13 56.09
C4 PX4 FC . 2.14 -20.93 58.29
C5 PX4 FC . 4.37 -20.23 57.70
O4 PX4 FC . 1.39 -26.02 56.27
C6 PX4 FC . 2.18 -26.77 55.36
C7 PX4 FC . 1.87 -26.72 53.86
C8 PX4 FC . 1.96 -25.23 53.51
O5 PX4 FC . 0.69 -24.60 53.32
C9 PX4 FC . 0.83 -23.24 53.38
O6 PX4 FC . 1.79 -22.65 53.85
C10 PX4 FC . -0.45 -22.48 53.04
C11 PX4 FC . -0.66 -22.29 51.55
C12 PX4 FC . -1.61 -21.12 51.28
C13 PX4 FC . -1.75 -20.91 49.77
C14 PX4 FC . -2.81 -19.85 49.46
C15 PX4 FC . -3.23 -19.89 47.99
C16 PX4 FC . -4.20 -18.77 47.65
C17 PX4 FC . -4.63 -18.81 46.18
C18 PX4 FC . -5.64 -17.74 45.75
C19 PX4 FC . -6.96 -18.10 46.43
C20 PX4 FC . -8.02 -17.11 45.95
C21 PX4 FC . -9.42 -17.21 46.54
C22 PX4 FC . -10.24 -15.96 46.25
O7 PX4 FC . 2.68 -27.53 53.01
C23 PX4 FC . 2.08 -28.67 52.55
O8 PX4 FC . 1.00 -29.08 52.95
C24 PX4 FC . 2.93 -29.42 51.52
C25 PX4 FC . 1.97 -30.02 50.49
C26 PX4 FC . 2.76 -30.56 49.29
C27 PX4 FC . 1.77 -30.81 48.15
C28 PX4 FC . 0.61 -31.77 48.47
C29 PX4 FC . -0.37 -31.97 47.30
C30 PX4 FC . 0.26 -32.97 46.31
C31 PX4 FC . -0.62 -33.17 45.08
C32 PX4 FC . -0.94 -31.79 44.52
C33 PX4 FC . -1.78 -31.91 43.24
C34 PX4 FC . -1.92 -30.63 42.41
C35 PX4 FC . -2.42 -31.12 41.06
C36 PX4 FC . -3.22 -30.08 40.27
O1 PX4 GC . 19.53 -26.92 53.06
O2 PX4 GC . 21.78 -27.62 51.99
P1 PX4 GC . 20.39 -27.11 51.88
O3 PX4 GC . 20.45 -25.76 51.00
C1 PX4 GC . 20.71 -24.61 51.80
C2 PX4 GC . 20.31 -23.25 51.20
N1 PX4 GC . 18.89 -23.12 50.82
C3 PX4 GC . 18.51 -21.70 50.78
C4 PX4 GC . 18.62 -23.69 49.50
C5 PX4 GC . 17.85 -23.71 51.68
O4 PX4 GC . 19.67 -28.24 50.99
C6 PX4 GC . 20.08 -28.43 49.64
C7 PX4 GC . 19.89 -29.90 49.26
C8 PX4 GC . 18.41 -29.99 48.86
O5 PX4 GC . 18.00 -29.26 47.70
C9 PX4 GC . 16.68 -28.93 47.66
O6 PX4 GC . 16.11 -28.72 48.73
C10 PX4 GC . 16.04 -28.51 46.35
C11 PX4 GC . 14.91 -27.49 46.54
C12 PX4 GC . 14.14 -27.31 45.23
C13 PX4 GC . 12.80 -26.62 45.49
C14 PX4 GC . 11.90 -26.34 44.30
C15 PX4 GC . 10.63 -25.63 44.74
C16 PX4 GC . 9.62 -25.52 43.57
C17 PX4 GC . 10.28 -24.92 42.32
C18 PX4 GC . 10.59 -23.44 42.51
C19 PX4 GC . 11.40 -22.88 41.34
C20 PX4 GC . 12.36 -21.73 41.67
C21 PX4 GC . 13.29 -21.49 40.48
C22 PX4 GC . 12.52 -21.06 39.23
O7 PX4 GC . 20.81 -30.30 48.25
C23 PX4 GC . 21.95 -30.92 48.65
O8 PX4 GC . 22.11 -31.27 49.82
C24 PX4 GC . 23.00 -31.34 47.63
C25 PX4 GC . 23.71 -30.18 46.93
C26 PX4 GC . 24.36 -30.89 45.75
C27 PX4 GC . 23.34 -31.43 44.75
C28 PX4 GC . 24.24 -32.00 43.64
C29 PX4 GC . 23.38 -32.51 42.50
C30 PX4 GC . 22.44 -33.63 42.97
C31 PX4 GC . 21.49 -33.97 41.81
C32 PX4 GC . 20.39 -32.93 41.63
C33 PX4 GC . 19.33 -33.54 40.72
C34 PX4 GC . 18.17 -32.60 40.35
C35 PX4 GC . 17.43 -33.23 39.18
C36 PX4 GC . 17.02 -34.67 39.48
O1 PX4 HC . 15.19 -22.86 55.68
O2 PX4 HC . 15.91 -21.41 53.59
P1 PX4 HC . 14.90 -22.09 54.45
O3 PX4 HC . 13.94 -20.93 54.99
C1 PX4 HC . 14.67 -19.95 55.72
C2 PX4 HC . 13.80 -18.70 55.92
N1 PX4 HC . 13.90 -17.60 54.95
C3 PX4 HC . 13.12 -16.40 55.28
C4 PX4 HC . 15.29 -17.16 54.74
C5 PX4 HC . 13.45 -18.09 53.64
O4 PX4 HC . 13.71 -22.71 53.56
C6 PX4 HC . 13.68 -21.88 52.40
C7 PX4 HC . 12.66 -22.32 51.35
C8 PX4 HC . 13.05 -23.77 51.10
O5 PX4 HC . 13.27 -24.12 49.73
C9 PX4 HC . 14.43 -23.75 49.14
O6 PX4 HC . 15.22 -23.03 49.75
C10 PX4 HC . 14.70 -24.17 47.69
C11 PX4 HC . 15.52 -22.99 47.16
C12 PX4 HC . 15.92 -23.49 45.76
C13 PX4 HC . 16.42 -22.41 44.79
C14 PX4 HC . 16.35 -23.12 43.43
C15 PX4 HC . 17.30 -24.30 43.52
C16 PX4 HC . 17.21 -25.07 42.20
C17 PX4 HC . 17.40 -24.13 41.01
C18 PX4 HC . 17.52 -24.71 39.59
C19 PX4 HC . 17.89 -23.70 38.51
C20 PX4 HC . 18.17 -24.32 37.14
C21 PX4 HC . 18.47 -23.15 36.20
C22 PX4 HC . 19.83 -22.57 36.60
O7 PX4 HC . 11.32 -22.00 51.76
C23 PX4 HC . 10.73 -20.80 51.55
O8 PX4 HC . 11.32 -19.76 51.24
C24 PX4 HC . 9.27 -20.70 51.98
C25 PX4 HC . 8.29 -20.84 50.81
C26 PX4 HC . 8.30 -19.65 49.85
C27 PX4 HC . 7.16 -19.69 48.82
C28 PX4 HC . 7.16 -20.95 47.98
C29 PX4 HC . 5.94 -20.97 47.06
C30 PX4 HC . 6.08 -22.31 46.33
C31 PX4 HC . 4.89 -22.48 45.37
C32 PX4 HC . 5.29 -23.64 44.45
C33 PX4 HC . 4.30 -23.83 43.30
C34 PX4 HC . 4.45 -25.21 42.68
C35 PX4 HC . 5.79 -25.61 42.05
C36 PX4 HC . 5.86 -24.75 40.79
O1 PX4 IC . -26.10 10.63 59.74
O2 PX4 IC . -28.41 9.49 60.17
P1 PX4 IC . -27.19 9.70 59.38
O3 PX4 IC . -26.64 8.19 59.38
C1 PX4 IC . -27.69 7.23 59.22
C2 PX4 IC . -27.17 5.79 59.10
N1 PX4 IC . -26.44 5.45 57.86
C3 PX4 IC . -27.07 5.86 56.59
C4 PX4 IC . -25.08 5.97 58.03
C5 PX4 IC . -26.40 4.02 57.52
O4 PX4 IC . -27.54 9.82 57.80
C6 PX4 IC . -26.36 10.03 57.02
C7 PX4 IC . -26.60 10.17 55.51
C8 PX4 IC . -28.12 10.15 55.40
O5 PX4 IC . -28.62 8.99 54.72
C9 PX4 IC . -29.98 8.92 54.79
O6 PX4 IC . -30.69 9.88 55.08
C10 PX4 IC . -30.54 7.58 54.29
C11 PX4 IC . -29.80 7.15 53.03
C12 PX4 IC . -30.56 5.98 52.41
C13 PX4 IC . -30.10 5.77 50.95
C14 PX4 IC . -31.05 4.78 50.30
C15 PX4 IC . -30.47 4.72 48.90
C16 PX4 IC . -31.23 3.86 47.89
C17 PX4 IC . -30.81 4.11 46.44
C18 PX4 IC . -31.64 3.39 45.37
C19 PX4 IC . -33.10 3.79 45.56
C20 PX4 IC . -33.97 3.28 44.41
C21 PX4 IC . -35.46 3.63 44.55
C22 PX4 IC . -35.82 5.10 44.37
O7 PX4 IC . -25.89 11.22 54.82
C23 PX4 IC . -24.58 11.12 54.55
O8 PX4 IC . -23.90 10.17 54.97
C24 PX4 IC . -23.88 12.41 54.10
C25 PX4 IC . -23.38 12.14 52.68
C26 PX4 IC . -24.65 12.22 51.83
C27 PX4 IC . -24.41 11.88 50.35
C28 PX4 IC . -25.77 11.97 49.67
C29 PX4 IC . -25.61 11.84 48.15
C30 PX4 IC . -26.95 12.06 47.46
C31 PX4 IC . -26.71 11.93 45.95
C32 PX4 IC . -27.86 12.05 44.94
C33 PX4 IC . -27.28 11.76 43.57
C34 PX4 IC . -26.52 10.43 43.62
C35 PX4 IC . -25.88 10.03 42.29
C36 PX4 IC . -25.17 8.69 42.46
O1 PX4 JC . -24.12 16.68 60.74
O2 PX4 JC . -26.61 17.34 60.98
P1 PX4 JC . -25.56 16.38 60.59
O3 PX4 JC . -25.95 15.06 61.42
C1 PX4 JC . -25.54 15.30 62.78
C2 PX4 JC . -25.64 14.15 63.79
N1 PX4 JC . -26.75 13.19 63.86
C3 PX4 JC . -28.07 13.79 63.63
C4 PX4 JC . -26.50 12.11 62.90
C5 PX4 JC . -26.84 12.58 65.18
O4 PX4 JC . -25.80 15.83 59.10
C6 PX4 JC . -24.71 14.97 58.79
C7 PX4 JC . -24.45 14.65 57.33
C8 PX4 JC . -25.22 15.65 56.45
O5 PX4 JC . -25.94 15.16 55.31
C9 PX4 JC . -26.64 16.14 54.68
O6 PX4 JC . -26.79 17.29 55.08
C10 PX4 JC . -27.34 15.58 53.43
C11 PX4 JC . -27.81 14.13 53.55
C12 PX4 JC . -28.29 13.61 52.19
C13 PX4 JC . -29.08 12.31 52.34
C14 PX4 JC . -29.62 11.83 51.00
C15 PX4 JC . -30.45 10.56 51.18
C16 PX4 JC . -30.78 9.85 49.86
C17 PX4 JC . -29.46 9.63 49.11
C18 PX4 JC . -29.71 8.76 47.88
C19 PX4 JC . -28.37 8.36 47.25
C20 PX4 JC . -28.78 7.54 46.02
C21 PX4 JC . -29.69 8.45 45.19
C22 PX4 JC . -30.22 7.64 44.01
O7 PX4 JC . -23.10 14.61 56.86
C23 PX4 JC . -22.24 13.60 57.15
O8 PX4 JC . -22.49 12.70 57.95
C24 PX4 JC . -20.79 13.82 56.71
C25 PX4 JC . -20.10 12.50 56.33
C26 PX4 JC . -18.67 12.79 55.85
C27 PX4 JC . -18.81 13.25 54.39
C28 PX4 JC . -19.37 12.16 53.48
C29 PX4 JC . -19.00 12.51 52.04
C30 PX4 JC . -19.37 11.43 51.03
C31 PX4 JC . -18.91 11.79 49.62
C32 PX4 JC . -19.15 10.58 48.71
C33 PX4 JC . -20.62 10.16 48.71
C34 PX4 JC . -21.08 9.22 47.60
C35 PX4 JC . -22.54 8.82 47.79
C36 PX4 JC . -22.92 7.67 46.84
O1 PX4 KC . -6.31 6.08 55.87
O2 PX4 KC . -7.90 8.11 56.33
P1 PX4 KC . -7.66 6.66 56.12
O3 PX4 KC . -8.11 5.89 57.46
C1 PX4 KC . -9.44 6.29 57.78
C2 PX4 KC . -10.42 5.19 58.22
N1 PX4 KC . -10.82 4.21 57.21
C3 PX4 KC . -11.70 3.25 57.90
C4 PX4 KC . -11.50 4.75 56.03
C5 PX4 KC . -9.75 3.43 56.58
O4 PX4 KC . -8.55 6.12 54.90
C6 PX4 KC . -8.59 7.19 53.95
C7 PX4 KC . -9.13 6.84 52.57
C8 PX4 KC . -9.76 5.45 52.68
O5 PX4 KC . -9.10 4.28 52.17
C9 PX4 KC . -9.62 3.06 52.45
O6 PX4 KC . -10.39 2.91 53.41
C10 PX4 KC . -8.93 1.82 51.89
C11 PX4 KC . -9.83 1.24 50.80
C12 PX4 KC . -9.02 0.12 50.15
C13 PX4 KC . -9.85 -0.92 49.41
C14 PX4 KC . -10.42 -0.36 48.11
C15 PX4 KC . -11.11 -1.38 47.20
C16 PX4 KC . -11.82 -0.52 46.16
C17 PX4 KC . -10.59 0.08 45.44
C18 PX4 KC . -11.05 0.80 44.16
C19 PX4 KC . -9.92 0.81 43.15
C20 PX4 KC . -10.09 2.07 42.29
C21 PX4 KC . -9.03 2.10 41.19
C22 PX4 KC . -8.81 3.38 40.39
O7 PX4 KC . -10.08 7.79 52.09
C23 PX4 KC . -9.77 8.65 51.07
O8 PX4 KC . -8.62 8.95 50.75
C24 PX4 KC . -10.98 9.09 50.26
C25 PX4 KC . -11.14 7.99 49.21
C26 PX4 KC . -12.19 8.51 48.22
C27 PX4 KC . -12.35 7.51 47.07
C28 PX4 KC . -13.14 8.05 45.87
C29 PX4 KC . -13.38 6.97 44.81
C30 PX4 KC . -14.57 7.44 43.98
C31 PX4 KC . -14.73 6.54 42.74
C32 PX4 KC . -13.40 6.70 42.01
C33 PX4 KC . -13.27 5.97 40.67
C34 PX4 KC . -13.11 4.47 40.90
C35 PX4 KC . -13.23 3.70 39.60
C36 PX4 KC . -13.10 2.19 39.71
O1 PX4 LC . -11.96 -7.45 59.01
O2 PX4 LC . -14.27 -6.76 59.64
P1 PX4 LC . -13.35 -7.88 59.34
O3 PX4 LC . -13.18 -8.66 60.73
C1 PX4 LC . -12.70 -7.71 61.69
C2 PX4 LC . -12.56 -8.43 63.03
N1 PX4 LC . -12.17 -7.65 64.21
C3 PX4 LC . -12.24 -8.58 65.35
C4 PX4 LC . -10.76 -7.26 64.07
C5 PX4 LC . -13.08 -6.51 64.39
O4 PX4 LC . -13.97 -9.00 58.37
C6 PX4 LC . -13.14 -9.92 57.69
C7 PX4 LC . -13.77 -10.81 56.60
C8 PX4 LC . -14.92 -9.91 56.16
O5 PX4 LC . -15.88 -10.53 55.29
C9 PX4 LC . -16.38 -9.90 54.21
O6 PX4 LC . -16.33 -8.66 54.07
C10 PX4 LC . -17.13 -10.77 53.20
C11 PX4 LC . -17.21 -10.31 51.74
C12 PX4 LC . -18.01 -11.23 50.79
C13 PX4 LC . -18.00 -10.86 49.31
C14 PX4 LC . -18.67 -12.01 48.57
C15 PX4 LC . -18.90 -11.77 47.08
C16 PX4 LC . -19.52 -12.88 46.22
C17 PX4 LC . -19.82 -12.27 44.84
C18 PX4 LC . -20.11 -13.40 43.86
C19 PX4 LC . -20.68 -13.07 42.48
C20 PX4 LC . -19.94 -11.91 41.78
C21 PX4 LC . -20.10 -11.88 40.27
C22 PX4 LC . -21.29 -10.97 39.98
O7 PX4 LC . -12.90 -11.10 55.50
C23 PX4 LC . -13.02 -12.32 54.91
O8 PX4 LC . -13.44 -13.25 55.60
C24 PX4 LC . -12.33 -12.48 53.56
C25 PX4 LC . -13.28 -12.66 52.37
C26 PX4 LC . -12.61 -13.01 51.04
C27 PX4 LC . -13.75 -13.35 50.05
C28 PX4 LC . -13.35 -13.58 48.61
C29 PX4 LC . -14.64 -13.89 47.85
C30 PX4 LC . -14.17 -14.28 46.44
C31 PX4 LC . -15.34 -14.03 45.50
C32 PX4 LC . -14.93 -14.32 44.05
C33 PX4 LC . -16.02 -13.79 43.11
C34 PX4 LC . -15.56 -14.04 41.68
C35 PX4 LC . -16.63 -13.47 40.74
C36 PX4 LC . -16.36 -13.57 39.24
O1 PX4 MC . -10.64 -19.21 55.44
O2 PX4 MC . -9.39 -19.09 57.67
P1 PX4 MC . -9.52 -19.62 56.29
O3 PX4 MC . -8.36 -18.84 55.46
C1 PX4 MC . -8.68 -17.45 55.62
C2 PX4 MC . -8.00 -16.59 54.55
N1 PX4 MC . -8.06 -15.13 54.80
C3 PX4 MC . -7.62 -14.66 56.12
C4 PX4 MC . -7.19 -14.56 53.77
C5 PX4 MC . -9.42 -14.63 54.67
O4 PX4 MC . -8.84 -21.08 56.20
C6 PX4 MC . -9.35 -21.46 54.92
C7 PX4 MC . -8.94 -22.78 54.29
C8 PX4 MC . -10.18 -23.33 53.59
O5 PX4 MC . -11.18 -22.37 53.27
C9 PX4 MC . -12.02 -22.95 52.37
O6 PX4 MC . -11.85 -23.98 51.75
C10 PX4 MC . -13.10 -22.00 51.84
C11 PX4 MC . -12.55 -20.69 51.30
C12 PX4 MC . -13.45 -19.89 50.34
C13 PX4 MC . -12.55 -18.81 49.75
C14 PX4 MC . -11.74 -18.18 50.87
C15 PX4 MC . -10.94 -17.08 50.16
C16 PX4 MC . -10.15 -16.24 51.15
C17 PX4 MC . -9.33 -15.13 50.49
C18 PX4 MC . -8.22 -15.55 49.53
C19 PX4 MC . -7.63 -14.27 48.94
C20 PX4 MC . -6.42 -14.52 48.03
C21 PX4 MC . -5.65 -13.34 47.45
C22 PX4 MC . -6.57 -12.59 46.49
O7 PX4 MC . -7.73 -22.58 53.54
C23 PX4 MC . -6.72 -23.49 53.59
O8 PX4 MC . -6.84 -24.43 54.38
C24 PX4 MC . -5.61 -23.34 52.54
C25 PX4 MC . -5.37 -24.74 51.96
C26 PX4 MC . -4.32 -24.71 50.84
C27 PX4 MC . -4.86 -24.15 49.53
C28 PX4 MC . -3.79 -24.23 48.45
C29 PX4 MC . -4.24 -23.76 47.06
C30 PX4 MC . -3.00 -23.57 46.16
C31 PX4 MC . -3.29 -22.60 45.02
C32 PX4 MC . -4.32 -23.25 44.09
C33 PX4 MC . -4.44 -22.81 42.63
C34 PX4 MC . -5.40 -23.75 41.88
C35 PX4 MC . -5.21 -23.59 40.37
C36 PX4 MC . -6.44 -24.26 39.76
O1 PX4 NC . 10.19 -6.74 49.29
O2 PX4 NC . 8.56 -4.83 49.68
P1 PX4 NC . 8.81 -6.28 49.53
O3 PX4 NC . 8.66 -7.20 50.84
C1 PX4 NC . 8.96 -6.38 51.99
C2 PX4 NC . 9.40 -7.13 53.24
N1 PX4 NC . 8.62 -8.24 53.82
C3 PX4 NC . 7.20 -7.85 53.79
C4 PX4 NC . 8.98 -9.56 53.31
C5 PX4 NC . 8.99 -8.28 55.25
O4 PX4 NC . 7.75 -6.97 48.55
C6 PX4 NC . 8.08 -8.36 48.41
C7 PX4 NC . 7.27 -8.96 47.26
C8 PX4 NC . 6.05 -8.07 47.00
O5 PX4 NC . 4.88 -8.83 46.69
C9 PX4 NC . 3.77 -8.20 46.24
O6 PX4 NC . 3.77 -6.98 46.06
C10 PX4 NC . 2.61 -9.15 45.93
C11 PX4 NC . 2.18 -9.04 44.47
C12 PX4 NC . 3.36 -9.54 43.62
C13 PX4 NC . 2.86 -9.61 42.18
C14 PX4 NC . 1.80 -10.69 41.94
C15 PX4 NC . 1.11 -10.59 40.58
C16 PX4 NC . 0.38 -9.27 40.38
C17 PX4 NC . -0.66 -9.15 41.50
C18 PX4 NC . -1.58 -7.95 41.25
C19 PX4 NC . -2.70 -7.84 42.29
C20 PX4 NC . -2.41 -6.60 43.15
C21 PX4 NC . -3.56 -6.57 44.16
C22 PX4 NC . -3.57 -5.22 44.89
O7 PX4 NC . 8.04 -9.26 46.09
C23 PX4 NC . 8.97 -10.27 46.03
O8 PX4 NC . 9.43 -10.70 47.08
C24 PX4 NC . 9.44 -10.77 44.66
C25 PX4 NC . 10.87 -10.35 44.35
C26 PX4 NC . 10.95 -8.88 43.94
C27 PX4 NC . 12.38 -8.35 44.06
C28 PX4 NC . 13.17 -9.08 42.97
C29 PX4 NC . 14.67 -8.79 43.11
C30 PX4 NC . 15.29 -9.79 42.15
C31 PX4 NC . 14.98 -9.42 40.69
C32 PX4 NC . 15.53 -10.43 39.69
C33 PX4 NC . 15.16 -9.97 38.27
C34 PX4 NC . 15.42 -10.98 37.16
C35 PX4 NC . 14.66 -10.43 35.95
C36 PX4 NC . 14.75 -11.55 34.92
O1 PX4 OC . 4.18 -17.07 57.22
O2 PX4 OC . 6.70 -17.08 56.47
P1 PX4 OC . 5.25 -16.81 56.23
O3 PX4 OC . 5.17 -15.22 55.99
C1 PX4 OC . 3.80 -14.82 55.85
C2 PX4 OC . 3.66 -13.30 55.69
N1 PX4 OC . 2.38 -12.65 56.00
C3 PX4 OC . 2.61 -11.25 56.39
C4 PX4 OC . 1.62 -12.60 54.74
C5 PX4 OC . 1.75 -13.35 57.13
O4 PX4 OC . 4.77 -17.49 54.86
C6 PX4 OC . 5.97 -17.63 54.09
C7 PX4 OC . 5.63 -18.02 52.65
C8 PX4 OC . 4.36 -18.87 52.78
O5 PX4 OC . 4.58 -20.10 52.11
C9 PX4 OC . 4.87 -21.20 52.87
O6 PX4 OC . 4.99 -21.03 54.08
C10 PX4 OC . 4.86 -22.55 52.15
C11 PX4 OC . 4.40 -22.40 50.70
C12 PX4 OC . 3.16 -23.27 50.50
C13 PX4 OC . 2.58 -23.12 49.09
C14 PX4 OC . 1.41 -24.03 48.74
C15 PX4 OC . 1.19 -23.96 47.22
C16 PX4 OC . 1.07 -22.47 46.88
C17 PX4 OC . 1.13 -22.22 45.38
C18 PX4 OC . 1.35 -20.80 44.87
C19 PX4 OC . 1.08 -20.66 43.36
C20 PX4 OC . 2.05 -21.27 42.36
C21 PX4 OC . 1.55 -21.12 40.93
C22 PX4 OC . 2.26 -22.08 39.98
O7 PX4 OC . 5.70 -17.05 51.61
C23 PX4 OC . 6.94 -16.63 51.25
O8 PX4 OC . 7.96 -16.70 51.94
C24 PX4 OC . 6.98 -15.60 50.11
C25 PX4 OC . 7.29 -16.16 48.71
C26 PX4 OC . 7.11 -15.07 47.65
C27 PX4 OC . 7.34 -15.59 46.23
C28 PX4 OC . 7.21 -14.48 45.18
C29 PX4 OC . 5.79 -13.93 45.30
C30 PX4 OC . 5.56 -12.84 44.24
C31 PX4 OC . 5.15 -13.45 42.89
C32 PX4 OC . 3.70 -13.92 42.92
C33 PX4 OC . 3.32 -14.65 41.64
C34 PX4 OC . 1.87 -15.13 41.58
C35 PX4 OC . 1.49 -15.58 40.16
C36 PX4 OC . -0.02 -15.74 40.02
O1 PX4 PC . 15.28 -15.24 52.32
O2 PX4 PC . 17.81 -15.68 52.34
P1 PX4 PC . 16.53 -15.57 51.60
O3 PX4 PC . 16.77 -14.13 50.89
C1 PX4 PC . 17.36 -13.18 51.79
C2 PX4 PC . 17.41 -11.77 51.22
N1 PX4 PC . 16.23 -10.93 50.94
C3 PX4 PC . 15.61 -10.35 52.12
C4 PX4 PC . 16.78 -9.84 50.11
C5 PX4 PC . 15.18 -11.53 50.10
O4 PX4 PC . 16.26 -16.41 50.26
C6 PX4 PC . 15.02 -15.90 49.79
C7 PX4 PC . 14.71 -16.24 48.31
C8 PX4 PC . 15.88 -16.99 47.67
O5 PX4 PC . 16.17 -16.67 46.31
C9 PX4 PC . 17.05 -17.42 45.58
O6 PX4 PC . 17.78 -18.21 46.18
C10 PX4 PC . 16.94 -17.32 44.06
C11 PX4 PC . 16.42 -18.67 43.56
C12 PX4 PC . 16.14 -18.85 42.08
C13 PX4 PC . 17.40 -18.68 41.22
C14 PX4 PC . 17.15 -18.63 39.71
C15 PX4 PC . 18.35 -18.22 38.85
C16 PX4 PC . 18.43 -18.86 37.46
C17 PX4 PC . 17.15 -18.46 36.73
C18 PX4 PC . 16.89 -19.06 35.35
C19 PX4 PC . 15.59 -18.55 34.73
C20 PX4 PC . 15.23 -19.22 33.40
C21 PX4 PC . 15.12 -20.74 33.55
C22 PX4 PC . 14.94 -21.43 32.19
O7 PX4 PC . 13.53 -17.03 48.28
C23 PX4 PC . 12.31 -16.42 48.16
O8 PX4 PC . 12.05 -15.36 48.72
C24 PX4 PC . 11.19 -17.37 47.75
C25 PX4 PC . 10.64 -17.11 46.34
C26 PX4 PC . 9.68 -18.22 45.92
C27 PX4 PC . 9.15 -18.11 44.49
C28 PX4 PC . 10.32 -18.22 43.52
C29 PX4 PC . 9.66 -18.07 42.14
C30 PX4 PC . 9.15 -16.64 41.99
C31 PX4 PC . 8.19 -16.41 40.84
C32 PX4 PC . 7.99 -14.93 40.48
C33 PX4 PC . 7.31 -14.80 39.12
C34 PX4 PC . 7.28 -13.40 38.52
C35 PX4 PC . 6.51 -13.17 37.22
C36 PX4 PC . 5.00 -13.12 37.48
O1 PX4 QC . 21.48 -10.64 48.17
O2 PX4 QC . 20.03 -9.65 50.08
P1 PX4 QC . 20.52 -10.79 49.29
O3 PX4 QC . 21.24 -11.80 50.32
C1 PX4 QC . 22.52 -11.18 50.45
C2 PX4 QC . 23.56 -11.96 51.26
N1 PX4 QC . 24.02 -13.25 50.74
C3 PX4 QC . 25.30 -13.59 51.39
C4 PX4 QC . 23.07 -14.34 51.03
C5 PX4 QC . 24.15 -13.27 49.28
O4 PX4 QC . 19.44 -11.96 49.01
C6 PX4 QC . 20.12 -12.80 48.07
C7 PX4 QC . 19.35 -14.08 47.79
C8 PX4 QC . 17.85 -13.80 47.66
O5 PX4 QC . 17.44 -13.36 46.37
C9 PX4 QC . 16.08 -13.22 46.30
O6 PX4 QC . 15.36 -13.08 47.29
C10 PX4 QC . 15.47 -12.97 44.93
C11 PX4 QC . 14.01 -13.40 44.75
C12 PX4 QC . 13.62 -13.16 43.29
C13 PX4 QC . 12.38 -13.97 42.91
C14 PX4 QC . 11.98 -13.98 41.43
C15 PX4 QC . 11.38 -12.62 41.06
C16 PX4 QC . 11.60 -12.45 39.55
C17 PX4 QC . 11.40 -11.05 38.95
C18 PX4 QC . 9.93 -10.69 39.16
C19 PX4 QC . 9.76 -9.18 38.95
C20 PX4 QC . 8.28 -8.80 38.99
C21 PX4 QC . 7.76 -9.24 40.35
C22 PX4 QC . 6.42 -8.55 40.62
O7 PX4 QC . 19.91 -14.92 46.77
C23 PX4 QC . 20.90 -15.79 47.12
O8 PX4 QC . 21.19 -15.98 48.30
C24 PX4 QC . 21.11 -16.92 46.11
C25 PX4 QC . 20.87 -16.49 44.66
C26 PX4 QC . 21.22 -17.53 43.59
C27 PX4 QC . 20.90 -16.95 42.20
C28 PX4 QC . 21.76 -17.73 41.22
C29 PX4 QC . 21.52 -17.26 39.79
C30 PX4 QC . 21.76 -15.75 39.67
C31 PX4 QC . 21.79 -15.19 38.25
C32 PX4 QC . 20.45 -15.32 37.55
C33 PX4 QC . 20.50 -14.45 36.29
C34 PX4 QC . 19.09 -14.42 35.69
C35 PX4 QC . 19.23 -13.65 34.39
C36 PX4 QC . 17.89 -13.67 33.63
O1 PX4 RC . -4.00 6.42 53.60
O2 PX4 RC . -3.94 7.83 51.31
P1 PX4 RC . -4.57 7.12 52.42
O3 PX4 RC . -5.83 7.99 52.92
C1 PX4 RC . -5.32 9.29 53.24
C2 PX4 RC . -6.53 10.19 53.51
N1 PX4 RC . -6.34 11.50 54.15
C3 PX4 RC . -7.61 12.24 54.24
C4 PX4 RC . -5.77 11.47 55.50
C5 PX4 RC . -5.45 12.28 53.28
O4 PX4 RC . -5.40 6.05 51.56
C6 PX4 RC . -6.20 6.76 50.60
C7 PX4 RC . -6.11 6.26 49.17
C8 PX4 RC . -6.16 4.72 49.22
O5 PX4 RC . -5.26 3.99 48.38
C9 PX4 RC . -5.44 2.65 48.27
O6 PX4 RC . -6.14 1.98 49.03
C10 PX4 RC . -4.62 1.87 47.25
C11 PX4 RC . -5.48 1.11 46.24
C12 PX4 RC . -4.57 0.58 45.14
C13 PX4 RC . -5.39 0.06 43.96
C14 PX4 RC . -4.51 -0.52 42.85
C15 PX4 RC . -3.66 -1.69 43.33
C16 PX4 RC . -2.64 -2.17 42.28
C17 PX4 RC . -3.39 -2.58 41.01
C18 PX4 RC . -2.48 -3.25 39.99
C19 PX4 RC . -3.28 -3.90 38.87
C20 PX4 RC . -2.48 -4.20 37.59
C21 PX4 RC . -1.47 -5.34 37.73
C22 PX4 RC . -2.10 -6.71 37.63
O7 PX4 RC . -7.10 6.87 48.31
C23 PX4 RC . -6.82 8.02 47.65
O8 PX4 RC . -5.87 8.73 47.97
C24 PX4 RC . -8.02 8.54 46.83
C25 PX4 RC . -7.67 8.56 45.33
C26 PX4 RC . -8.94 8.61 44.47
C27 PX4 RC . -8.48 8.52 43.01
C28 PX4 RC . -9.57 8.29 41.95
C29 PX4 RC . -9.13 8.48 40.50
C30 PX4 RC . -10.04 7.86 39.42
C31 PX4 RC . -10.06 8.72 38.16
C32 PX4 RC . -11.05 8.23 37.12
C33 PX4 RC . -11.30 9.03 35.83
C34 PX4 RC . -11.96 10.26 36.47
C35 PX4 RC . -12.55 11.17 35.41
C36 PX4 RC . -13.78 10.47 34.81
O1 PX4 SC . -7.25 1.46 57.44
O2 PX4 SC . -5.95 -0.49 56.17
P1 PX4 SC . -7.00 0.55 56.30
O3 PX4 SC . -6.90 1.46 54.97
C1 PX4 SC . -6.21 2.67 55.27
C2 PX4 SC . -5.47 3.24 54.06
N1 PX4 SC . -4.17 2.63 53.76
C3 PX4 SC . -3.95 1.17 53.76
C4 PX4 SC . -3.95 2.94 52.36
C5 PX4 SC . -3.06 3.24 54.51
O4 PX4 SC . -8.35 -0.26 56.01
C6 PX4 SC . -8.28 -0.78 54.69
C7 PX4 SC . -9.55 -1.54 54.31
C8 PX4 SC . -10.69 -0.68 54.90
O5 PX4 SC . -11.91 -1.01 54.24
C9 PX4 SC . -12.79 0.02 54.07
O6 PX4 SC . -12.90 0.93 54.90
C10 PX4 SC . -13.92 -0.41 53.16
C11 PX4 SC . -13.41 -1.25 51.97
C12 PX4 SC . -14.64 -1.73 51.18
C13 PX4 SC . -14.05 -2.58 50.05
C14 PX4 SC . -15.29 -2.91 49.21
C15 PX4 SC . -14.77 -3.42 47.86
C16 PX4 SC . -16.01 -3.40 46.96
C17 PX4 SC . -15.70 -3.84 45.52
C18 PX4 SC . -16.93 -3.89 44.63
C19 PX4 SC . -16.49 -4.38 43.25
C20 PX4 SC . -17.67 -4.25 42.29
C21 PX4 SC . -17.51 -4.91 40.91
C22 PX4 SC . -18.70 -4.69 39.99
O7 PX4 SC . -9.72 -1.84 52.92
C23 PX4 SC . -9.05 -2.91 52.43
O8 PX4 SC . -7.93 -3.24 52.80
C24 PX4 SC . -9.78 -3.63 51.29
C25 PX4 SC . -10.35 -5.03 51.53
C26 PX4 SC . -10.47 -6.02 50.38
C27 PX4 SC . -11.03 -5.29 49.14
C28 PX4 SC . -11.14 -6.30 48.00
C29 PX4 SC . -11.61 -5.62 46.72
C30 PX4 SC . -11.86 -6.58 45.55
C31 PX4 SC . -12.57 -5.79 44.45
C32 PX4 SC . -12.35 -6.64 43.20
C33 PX4 SC . -13.39 -6.27 42.15
C34 PX4 SC . -13.13 -7.23 40.98
C35 PX4 SC . -11.73 -6.82 40.49
C36 PX4 SC . -11.53 -7.38 39.07
O1 PX4 TC . -15.25 -2.89 61.17
O2 PX4 TC . -15.87 -0.31 61.29
P1 PX4 TC . -15.94 -1.67 60.71
O3 PX4 TC . -17.51 -2.03 60.77
C1 PX4 TC . -17.56 -3.38 60.32
C2 PX4 TC . -18.86 -4.17 60.31
N1 PX4 TC . -19.03 -5.23 59.31
C3 PX4 TC . -18.02 -6.26 59.62
C4 PX4 TC . -20.34 -5.86 59.56
C5 PX4 TC . -19.06 -4.91 57.86
O4 PX4 TC . -16.00 -1.55 59.11
C6 PX4 TC . -16.66 -0.38 58.61
C7 PX4 TC . -16.38 -0.20 57.12
C8 PX4 TC . -17.24 -1.29 56.51
O5 PX4 TC . -16.53 -2.15 55.62
C9 PX4 TC . -17.25 -3.06 54.91
O6 PX4 TC . -18.39 -3.39 55.17
C10 PX4 TC . -16.41 -3.77 53.84
C11 PX4 TC . -17.21 -4.52 52.77
C12 PX4 TC . -16.43 -5.41 51.80
C13 PX4 TC . -17.32 -6.24 50.89
C14 PX4 TC . -18.36 -5.38 50.18
C15 PX4 TC . -18.50 -5.84 48.72
C16 PX4 TC . -19.02 -7.26 48.52
C17 PX4 TC . -18.98 -7.63 47.03
C18 PX4 TC . -19.86 -6.75 46.16
C19 PX4 TC . -19.99 -7.30 44.73
C20 PX4 TC . -20.97 -6.37 43.97
C21 PX4 TC . -21.08 -6.76 42.50
C22 PX4 TC . -22.36 -6.17 41.90
O7 PX4 TC . -16.54 1.15 56.68
C23 PX4 TC . -15.77 2.13 57.22
O8 PX4 TC . -14.77 1.91 57.91
C24 PX4 TC . -16.28 3.57 56.98
C25 PX4 TC . -15.35 4.55 56.27
C26 PX4 TC . -15.01 4.05 54.87
C27 PX4 TC . -14.53 5.12 53.88
C28 PX4 TC . -13.67 4.48 52.79
C29 PX4 TC . -13.68 5.42 51.58
C30 PX4 TC . -13.24 4.75 50.27
C31 PX4 TC . -14.28 3.71 49.84
C32 PX4 TC . -14.57 3.84 48.34
C33 PX4 TC . -15.72 2.89 47.97
C34 PX4 TC . -16.09 3.13 46.52
C35 PX4 TC . -14.85 2.91 45.65
C36 PX4 TC . -15.37 2.80 44.21
O1 PX4 UC . -10.71 -11.34 58.68
O2 PX4 UC . -10.13 -13.77 57.98
P1 PX4 UC . -9.91 -12.31 57.92
O3 PX4 UC . -8.45 -12.15 58.57
C1 PX4 UC . -8.44 -12.73 59.87
C2 PX4 UC . -7.11 -12.66 60.62
N1 PX4 UC . -6.78 -11.41 61.32
C3 PX4 UC . -7.84 -11.01 62.27
C4 PX4 UC . -5.57 -11.68 62.11
C5 PX4 UC . -6.56 -10.37 60.30
O4 PX4 UC . -9.61 -11.64 56.49
C6 PX4 UC . -9.27 -10.26 56.62
C7 PX4 UC . -9.39 -9.64 55.22
C8 PX4 UC . -9.23 -10.75 54.18
O5 PX4 UC . -8.83 -10.33 52.87
C9 PX4 UC . -8.64 -11.31 51.94
O6 PX4 UC . -8.85 -12.46 52.31
C10 PX4 UC . -8.31 -10.92 50.50
C11 PX4 UC . -9.05 -9.62 50.15
C12 PX4 UC . -10.42 -9.96 49.58
C13 PX4 UC . -10.32 -10.86 48.33
C14 PX4 UC . -10.65 -10.13 47.04
C15 PX4 UC . -10.73 -11.15 45.92
C16 PX4 UC . -11.03 -10.56 44.53
C17 PX4 UC . -11.38 -11.59 43.45
C18 PX4 UC . -11.85 -11.10 42.09
C19 PX4 UC . -12.34 -12.32 41.30
C20 PX4 UC . -12.66 -11.92 39.86
C21 PX4 UC . -11.46 -11.54 39.00
C22 PX4 UC . -11.77 -11.10 37.57
O7 PX4 UC . -10.59 -8.88 55.10
C23 PX4 UC . -10.79 -7.60 55.46
O8 PX4 UC . -9.85 -7.06 56.07
C24 PX4 UC . -12.24 -7.09 55.42
C25 PX4 UC . -12.83 -6.77 54.04
C26 PX4 UC . -12.87 -8.04 53.18
C27 PX4 UC . -13.67 -7.62 51.95
C28 PX4 UC . -13.95 -8.82 51.04
C29 PX4 UC . -14.41 -8.35 49.67
C30 PX4 UC . -14.71 -9.50 48.71
C31 PX4 UC . -14.88 -8.94 47.29
C32 PX4 UC . -14.69 -9.96 46.18
C33 PX4 UC . -14.88 -9.42 44.76
C34 PX4 UC . -16.27 -9.09 44.21
C35 PX4 UC . -16.15 -9.10 42.68
C36 PX4 UC . -17.46 -8.57 42.10
O1 PX4 VC . -2.78 -16.68 57.33
O2 PX4 VC . -5.43 -17.00 57.51
P1 PX4 VC . -4.11 -17.09 56.84
O3 PX4 VC . -4.01 -18.69 56.56
C1 PX4 VC . -5.27 -19.25 56.22
C2 PX4 VC . -5.60 -20.63 56.75
N1 PX4 VC . -5.80 -20.74 58.20
C3 PX4 VC . -4.55 -20.78 58.98
C4 PX4 VC . -6.48 -19.54 58.73
C5 PX4 VC . -6.59 -21.94 58.48
O4 PX4 VC . -4.45 -16.69 55.31
C6 PX4 VC . -3.27 -16.47 54.54
C7 PX4 VC . -3.05 -17.55 53.48
C8 PX4 VC . -4.28 -17.59 52.58
O5 PX4 VC . -5.12 -18.76 52.59
C9 PX4 VC . -6.28 -18.59 51.92
O6 PX4 VC . -6.62 -17.41 51.81
C10 PX4 VC . -7.30 -19.73 51.81
C11 PX4 VC . -7.15 -20.42 50.45
C12 PX4 VC . -8.21 -21.50 50.19
C13 PX4 VC . -8.09 -22.20 48.83
C14 PX4 VC . -8.50 -21.46 47.56
C15 PX4 VC . -8.56 -22.40 46.35
C16 PX4 VC . -8.90 -21.63 45.09
C17 PX4 VC . -8.83 -22.58 43.88
C18 PX4 VC . -8.93 -21.74 42.60
C19 PX4 VC . -7.74 -20.83 42.32
C20 PX4 VC . -8.05 -20.21 40.97
C21 PX4 VC . -9.09 -19.08 40.86
C22 PX4 VC . -9.30 -18.74 39.38
O7 PX4 VC . -1.85 -17.35 52.72
C23 PX4 VC . -0.65 -17.69 53.27
O8 PX4 VC . -0.61 -18.21 54.38
C24 PX4 VC . 0.65 -17.39 52.52
C25 PX4 VC . 0.53 -17.41 50.99
C26 PX4 VC . 1.90 -17.23 50.34
C27 PX4 VC . 1.69 -17.04 48.84
C28 PX4 VC . 3.02 -17.31 48.12
C29 PX4 VC . 2.99 -17.36 46.59
C30 PX4 VC . 4.31 -17.93 46.03
C31 PX4 VC . 4.09 -18.45 44.61
C32 PX4 VC . 5.34 -19.13 44.04
C33 PX4 VC . 5.08 -18.92 42.55
C34 PX4 VC . 6.20 -19.65 41.82
C35 PX4 VC . 6.09 -19.64 40.30
C36 PX4 VC . 7.25 -20.44 39.67
O1 PX4 WC . 22.79 -3.57 47.59
O2 PX4 WC . 22.06 -1.66 46.15
P1 PX4 WC . 22.57 -3.06 46.23
O3 PX4 WC . 21.51 -4.10 45.59
C1 PX4 WC . 22.05 -5.42 45.75
C2 PX4 WC . 21.30 -6.38 44.84
N1 PX4 WC . 20.05 -7.10 45.21
C3 PX4 WC . 20.32 -8.08 46.26
C4 PX4 WC . 19.04 -6.17 45.76
C5 PX4 WC . 19.29 -7.62 44.08
O4 PX4 WC . 23.75 -3.26 45.15
C6 PX4 WC . 23.38 -2.49 44.00
C7 PX4 WC . 24.02 -2.95 42.69
C8 PX4 WC . 23.79 -4.47 42.65
O5 PX4 WC . 24.55 -5.35 41.83
C9 PX4 WC . 24.18 -6.65 41.91
O6 PX4 WC . 23.23 -7.01 42.62
C10 PX4 WC . 25.00 -7.67 41.14
C11 PX4 WC . 24.87 -7.27 39.66
C12 PX4 WC . 25.79 -8.14 38.80
C13 PX4 WC . 25.32 -9.57 38.49
C14 PX4 WC . 26.25 -10.29 37.52
C15 PX4 WC . 25.99 -11.78 37.31
C16 PX4 WC . 26.99 -12.49 36.40
C17 PX4 WC . 26.55 -13.92 36.05
C18 PX4 WC . 27.42 -14.69 35.06
C19 PX4 WC . 26.82 -16.08 34.83
C20 PX4 WC . 27.21 -16.76 33.52
C21 PX4 WC . 26.67 -18.19 33.36
C22 PX4 WC . 27.35 -19.16 34.31
O7 PX4 WC . 23.45 -2.27 41.57
C23 PX4 WC . 24.35 -1.87 40.64
O8 PX4 WC . 25.46 -1.50 41.02
C24 PX4 WC . 23.84 -1.41 39.28
C25 PX4 WC . 24.87 -1.62 38.18
C26 PX4 WC . 25.00 -3.13 37.94
C27 PX4 WC . 26.11 -3.57 36.99
C28 PX4 WC . 25.84 -5.03 36.67
C29 PX4 WC . 26.79 -5.69 35.67
C30 PX4 WC . 26.50 -7.15 35.31
C31 PX4 WC . 27.74 -7.79 34.68
C32 PX4 WC . 27.33 -9.20 34.25
C33 PX4 WC . 28.31 -9.92 33.31
C34 PX4 WC . 27.80 -11.29 32.87
C35 PX4 WC . 28.68 -11.95 31.79
C36 PX4 WC . 28.22 -13.36 31.42
O1 PX4 XC . 22.53 -7.43 48.83
O2 PX4 XC . 24.62 -8.97 49.13
P1 PX4 XC . 23.70 -8.16 48.30
O3 PX4 XC . 24.66 -7.03 47.70
C1 PX4 XC . 24.50 -5.83 48.46
C2 PX4 XC . 25.78 -5.02 48.50
N1 PX4 XC . 26.76 -5.42 49.52
C3 PX4 XC . 27.88 -4.48 49.55
C4 PX4 XC . 26.14 -5.22 50.85
C5 PX4 XC . 27.31 -6.78 49.38
O4 PX4 XC . 23.40 -8.98 46.95
C6 PX4 XC . 24.47 -9.91 46.72
C7 PX4 XC . 24.45 -10.98 45.62
C8 PX4 XC . 23.22 -10.76 44.72
O5 PX4 XC . 22.42 -11.94 44.78
C9 PX4 XC . 21.15 -11.77 44.33
O6 PX4 XC . 20.43 -10.76 44.37
C10 PX4 XC . 20.45 -13.04 43.84
C11 PX4 XC . 19.35 -12.66 42.86
C12 PX4 XC . 18.35 -13.78 42.54
C13 PX4 XC . 17.86 -13.47 41.13
C14 PX4 XC . 16.84 -14.47 40.59
C15 PX4 XC . 16.63 -14.21 39.09
C16 PX4 XC . 15.36 -14.93 38.65
C17 PX4 XC . 14.82 -14.72 37.22
C18 PX4 XC . 13.98 -15.89 36.72
C19 PX4 XC . 12.73 -16.31 37.48
C20 PX4 XC . 11.90 -17.24 36.59
C21 PX4 XC . 10.72 -17.91 37.30
C22 PX4 XC . 10.01 -18.95 36.43
O7 PX4 XC . 25.56 -10.89 44.73
C23 PX4 XC . 26.79 -11.30 45.15
O8 PX4 XC . 26.93 -12.00 46.16
C24 PX4 XC . 27.85 -10.92 44.11
C25 PX4 XC . 27.69 -11.57 42.74
C26 PX4 XC . 29.08 -11.70 42.12
C27 PX4 XC . 29.12 -12.55 40.84
C28 PX4 XC . 30.56 -12.64 40.35
C29 PX4 XC . 30.57 -13.44 39.04
C30 PX4 XC . 30.03 -14.86 39.03
C31 PX4 XC . 30.37 -15.47 37.66
C32 PX4 XC . 31.89 -15.42 37.61
C33 PX4 XC . 32.32 -15.57 36.14
C34 PX4 XC . 31.88 -17.01 35.82
C35 PX4 XC . 31.92 -17.06 34.29
C36 PX4 XC . 31.34 -18.30 33.62
O1 PX4 YC . -15.73 12.76 57.80
O2 PX4 YC . -16.13 10.24 58.29
P1 PX4 YC . -15.43 11.33 57.58
O3 PX4 YC . -13.92 11.37 58.12
C1 PX4 YC . -13.82 11.63 59.52
C2 PX4 YC . -12.39 11.64 60.10
N1 PX4 YC . -11.62 10.39 60.07
C3 PX4 YC . -10.30 10.68 60.66
C4 PX4 YC . -12.19 9.35 60.93
C5 PX4 YC . -11.42 9.85 58.72
O4 PX4 YC . -15.28 10.96 56.01
C6 PX4 YC . -13.94 11.10 55.55
C7 PX4 YC . -13.83 11.42 54.07
C8 PX4 YC . -15.26 11.28 53.59
O5 PX4 YC . -15.34 10.82 52.24
C9 PX4 YC . -15.02 9.54 51.89
O6 PX4 YC . -14.87 8.70 52.79
C10 PX4 YC . -14.95 9.16 50.41
C11 PX4 YC . -16.03 8.14 50.07
C12 PX4 YC . -15.88 7.95 48.55
C13 PX4 YC . -16.93 7.03 47.94
C14 PX4 YC . -17.19 7.32 46.46
C15 PX4 YC . -18.41 6.59 45.90
C16 PX4 YC . -18.42 6.73 44.38
C17 PX4 YC . -19.62 5.95 43.84
C18 PX4 YC . -19.65 5.80 42.31
C19 PX4 YC . -19.28 4.35 42.03
C20 PX4 YC . -19.42 4.22 40.50
C21 PX4 YC . -18.37 5.06 39.76
C22 PX4 YC . -17.06 4.36 40.09
O7 PX4 YC . -13.07 12.61 53.83
C23 PX4 YC . -11.77 12.37 53.51
O8 PX4 YC . -11.35 11.28 53.91
C24 PX4 YC . -10.94 13.51 52.93
C25 PX4 YC . -10.49 13.13 51.52
C26 PX4 YC . -9.87 14.29 50.75
C27 PX4 YC . -9.50 13.86 49.35
C28 PX4 YC . -10.73 13.45 48.54
C29 PX4 YC . -10.35 13.20 47.08
C30 PX4 YC . -11.64 12.95 46.30
C31 PX4 YC . -11.27 12.69 44.83
C32 PX4 YC . -12.44 12.01 44.11
C33 PX4 YC . -11.95 11.78 42.68
C34 PX4 YC . -12.91 10.83 41.96
C35 PX4 YC . -12.56 10.57 40.50
C36 PX4 YC . -13.52 9.54 39.93
O1 PX4 ZC . -11.42 23.56 54.78
O2 PX4 ZC . -12.56 21.44 55.84
P1 PX4 ZC . -12.04 22.22 54.70
O3 PX4 ZC . -10.96 21.25 53.99
C1 PX4 ZC . -10.23 20.49 54.95
C2 PX4 ZC . -9.87 19.05 54.57
N1 PX4 ZC . -10.89 18.13 54.05
C3 PX4 ZC . -11.20 18.30 52.63
C4 PX4 ZC . -10.45 16.75 54.35
C5 PX4 ZC . -12.25 18.24 54.64
O4 PX4 ZC . -13.04 22.29 53.43
C6 PX4 ZC . -12.25 22.96 52.44
C7 PX4 ZC . -12.82 22.74 51.04
C8 PX4 ZC . -13.58 21.41 51.20
O5 PX4 ZC . -13.09 20.49 50.23
C9 PX4 ZC . -13.61 19.23 50.19
O6 PX4 ZC . -14.45 18.90 51.02
C10 PX4 ZC . -13.07 18.13 49.26
C11 PX4 ZC . -13.69 17.98 47.88
C12 PX4 ZC . -13.14 16.91 46.92
C13 PX4 ZC . -14.04 16.91 45.68
C14 PX4 ZC . -15.42 16.38 46.04
C15 PX4 ZC . -16.36 16.31 44.84
C16 PX4 ZC . -15.53 15.44 43.90
C17 PX4 ZC . -16.26 15.29 42.55
C18 PX4 ZC . -15.61 14.16 41.74
C19 PX4 ZC . -16.38 13.92 40.44
C20 PX4 ZC . -16.13 12.48 39.97
C21 PX4 ZC . -16.84 12.00 38.71
C22 PX4 ZC . -16.67 13.03 37.61
O7 PX4 ZC . -13.58 23.85 50.57
C23 PX4 ZC . -12.86 24.84 49.98
O8 PX4 ZC . -11.69 25.07 50.30
C24 PX4 ZC . -13.75 26.01 49.54
C25 PX4 ZC . -14.21 25.55 48.15
C26 PX4 ZC . -15.52 26.32 47.90
C27 PX4 ZC . -16.03 25.82 46.55
C28 PX4 ZC . -17.38 26.49 46.29
C29 PX4 ZC . -17.88 25.95 44.95
C30 PX4 ZC . -19.18 26.58 44.44
C31 PX4 ZC . -18.99 28.06 44.12
C32 PX4 ZC . -20.31 28.80 44.30
C33 PX4 ZC . -20.66 28.68 45.78
C34 PX4 ZC . -22.17 28.91 45.87
C35 PX4 ZC . -22.44 28.73 47.37
C36 PX4 ZC . -23.97 28.74 47.45
O1 PX4 AD . -6.35 24.57 54.29
O2 PX4 AD . -5.33 22.17 54.30
P1 PX4 AD . -6.03 23.29 53.62
O3 PX4 AD . -4.95 23.63 52.46
C1 PX4 AD . -3.62 23.89 52.89
C2 PX4 AD . -2.70 24.52 51.86
N1 PX4 AD . -2.23 23.77 50.68
C3 PX4 AD . -1.78 22.40 50.94
C4 PX4 AD . -3.34 23.69 49.71
C5 PX4 AD . -1.09 24.48 50.11
O4 PX4 AD . -7.21 22.62 52.74
C6 PX4 AD . -7.20 21.19 52.69
C7 PX4 AD . -8.22 20.61 51.71
C8 PX4 AD . -8.85 21.78 50.95
O5 PX4 AD . -10.01 21.47 50.17
C9 PX4 AD . -10.04 22.30 49.09
O6 PX4 AD . -9.14 23.10 48.86
C10 PX4 AD . -11.06 21.91 48.01
C11 PX4 AD . -11.53 23.08 47.14
C12 PX4 AD . -12.19 22.62 45.85
C13 PX4 AD . -12.81 23.83 45.12
C14 PX4 AD . -13.61 23.36 43.93
C15 PX4 AD . -14.37 24.46 43.19
C16 PX4 AD . -15.08 23.86 41.96
C17 PX4 AD . -15.86 24.86 41.12
C18 PX4 AD . -16.73 24.05 40.14
C19 PX4 AD . -17.60 24.96 39.28
C20 PX4 AD . -18.51 25.80 40.17
C21 PX4 AD . -19.80 26.09 39.41
C22 PX4 AD . -20.58 27.04 40.33
O7 PX4 AD . -7.70 19.63 50.80
C23 PX4 AD . -8.06 18.33 50.67
O8 PX4 AD . -8.08 17.59 51.65
C24 PX4 AD . -7.74 17.85 49.25
C25 PX4 AD . -8.91 17.97 48.26
C26 PX4 AD . -8.59 17.41 46.88
C27 PX4 AD . -9.81 17.62 45.96
C28 PX4 AD . -9.45 17.06 44.57
C29 PX4 AD . -10.42 17.61 43.51
C30 PX4 AD . -10.27 16.93 42.14
C31 PX4 AD . -11.70 17.06 41.59
C32 PX4 AD . -11.73 16.36 40.23
C33 PX4 AD . -11.93 14.84 40.30
C34 PX4 AD . -11.84 14.35 38.86
C35 PX4 AD . -10.57 14.82 38.15
C36 PX4 AD . -10.54 14.54 36.65
O1 PX4 BD . 2.18 -0.79 50.83
O2 PX4 BD . 0.57 -2.51 51.77
P1 PX4 BD . 1.54 -2.12 50.71
O3 PX4 BD . 2.60 -3.33 50.75
C1 PX4 BD . 3.84 -2.91 50.16
C2 PX4 BD . 3.78 -3.05 48.62
N1 PX4 BD . 4.81 -2.36 47.84
C3 PX4 BD . 4.43 -0.98 47.49
C4 PX4 BD . 6.20 -2.42 48.32
C5 PX4 BD . 4.78 -3.08 46.56
O4 PX4 BD . 0.78 -2.05 49.29
C6 PX4 BD . -0.63 -2.03 49.42
C7 PX4 BD . -1.26 -1.54 48.11
C8 PX4 BD . -0.18 -1.32 47.05
O5 PX4 BD . -0.16 0.02 46.56
C9 PX4 BD . 0.87 0.43 45.79
O6 PX4 BD . 1.91 -0.22 45.59
C10 PX4 BD . 0.73 1.77 45.07
C11 PX4 BD . -0.21 1.49 43.89
C12 PX4 BD . -0.80 2.79 43.35
C13 PX4 BD . -1.72 2.45 42.19
C14 PX4 BD . -1.13 1.56 41.08
C15 PX4 BD . -2.14 0.77 40.26
C16 PX4 BD . -3.23 1.72 39.77
C17 PX4 BD . -4.24 0.95 38.93
C18 PX4 BD . -5.11 2.03 38.32
C19 PX4 BD . -4.26 2.94 37.41
C20 PX4 BD . -5.18 3.84 36.59
C21 PX4 BD . -4.32 4.82 35.80
C22 PX4 BD . -3.23 4.15 34.95
O7 PX4 BD . -2.26 -2.49 47.77
C23 PX4 BD . -3.54 -2.13 48.09
O8 PX4 BD . -3.69 -1.14 48.81
C24 PX4 BD . -4.61 -3.16 47.80
C25 PX4 BD . -6.01 -2.71 48.23
C26 PX4 BD . -7.12 -3.35 47.41
C27 PX4 BD . -7.10 -2.78 45.98
C28 PX4 BD . -7.85 -3.75 45.07
C29 PX4 BD . -7.65 -3.37 43.60
C30 PX4 BD . -8.71 -4.08 42.74
C31 PX4 BD . -8.56 -3.86 41.24
C32 PX4 BD . -8.38 -2.34 41.12
C33 PX4 BD . -8.24 -1.84 39.68
C34 PX4 BD . -6.88 -2.06 38.99
C35 PX4 BD . -7.08 -1.57 37.56
C36 PX4 BD . -5.88 -2.03 36.71
O1 PX4 CD . 4.44 2.77 51.09
O2 PX4 CD . 6.69 4.12 50.78
P1 PX4 CD . 5.22 3.96 50.73
O3 PX4 CD . 4.69 4.86 51.97
C1 PX4 CD . 5.03 4.15 53.16
C2 PX4 CD . 4.81 5.04 54.40
N1 PX4 CD . 3.60 5.84 54.63
C3 PX4 CD . 3.50 6.33 56.01
C4 PX4 CD . 3.65 7.10 53.90
C5 PX4 CD . 2.32 5.17 54.38
O4 PX4 CD . 4.48 4.91 49.66
C6 PX4 CD . 3.11 5.00 50.04
C7 PX4 CD . 2.26 5.62 48.91
C8 PX4 CD . 2.76 5.04 47.59
O5 PX4 CD . 2.74 5.94 46.46
C9 PX4 CD . 3.50 5.49 45.43
O6 PX4 CD . 4.50 4.79 45.57
C10 PX4 CD . 3.24 6.26 44.14
C11 PX4 CD . 2.13 5.57 43.34
C12 PX4 CD . 1.74 6.34 42.08
C13 PX4 CD . 1.31 7.75 42.47
C14 PX4 CD . 1.21 8.52 41.16
C15 PX4 CD . 2.47 8.37 40.30
C16 PX4 CD . 2.61 9.36 39.15
C17 PX4 CD . 3.87 9.32 38.27
C18 PX4 CD . 4.10 7.88 37.82
C19 PX4 CD . 5.48 7.82 37.16
C20 PX4 CD . 5.76 6.35 36.82
C21 PX4 CD . 4.69 5.75 35.93
C22 PX4 CD . 5.03 4.28 35.74
O7 PX4 CD . 0.89 5.27 49.04
C23 PX4 CD . -0.04 6.08 49.63
O8 PX4 CD . 0.20 7.26 49.88
C24 PX4 CD . -1.41 5.44 49.82
C25 PX4 CD . -2.31 5.52 48.56
C26 PX4 CD . -2.08 6.63 47.54
C27 PX4 CD . -3.20 6.79 46.52
C28 PX4 CD . -3.52 5.52 45.72
C29 PX4 CD . -4.92 5.61 45.11
C30 PX4 CD . -5.26 4.46 44.16
C31 PX4 CD . -6.71 4.52 43.66
C32 PX4 CD . -7.55 4.58 44.94
C33 PX4 CD . -9.07 4.75 44.75
C34 PX4 CD . -9.75 4.99 46.12
C35 PX4 CD . -9.27 3.92 47.09
C36 PX4 CD . -10.09 4.02 48.37
O1 PX4 DD . -6.37 -10.99 55.02
O2 PX4 DD . -3.97 -10.19 54.94
P1 PX4 DD . -5.32 -10.23 54.31
O3 PX4 DD . -5.70 -8.66 54.23
C1 PX4 DD . -5.72 -8.27 55.60
C2 PX4 DD . -5.51 -6.75 55.79
N1 PX4 DD . -5.96 -5.81 54.76
C3 PX4 DD . -7.34 -5.97 54.27
C4 PX4 DD . -5.83 -4.42 55.18
C5 PX4 DD . -5.04 -5.77 53.61
O4 PX4 DD . -5.18 -10.68 52.78
C6 PX4 DD . -4.45 -9.64 52.12
C7 PX4 DD . -4.25 -9.96 50.63
C8 PX4 DD . -4.48 -11.47 50.57
O5 PX4 DD . -3.26 -12.22 50.60
C9 PX4 DD . -3.47 -13.53 50.93
O6 PX4 DD . -4.56 -13.85 51.41
C10 PX4 DD . -2.36 -14.56 50.73
C11 PX4 DD . -2.35 -15.17 49.33
C12 PX4 DD . -1.92 -14.22 48.22
C13 PX4 DD . -1.75 -15.02 46.92
C14 PX4 DD . -0.54 -14.50 46.14
C15 PX4 DD . 0.08 -15.53 45.21
C16 PX4 DD . -1.10 -16.11 44.45
C17 PX4 DD . -1.01 -17.64 44.26
C18 PX4 DD . -2.25 -18.18 43.56
C19 PX4 DD . -2.13 -18.18 42.04
C20 PX4 DD . -3.32 -18.73 41.24
C21 PX4 DD . -3.01 -19.00 39.76
C22 PX4 DD . -3.81 -20.09 39.05
O7 PX4 DD . -5.16 -9.26 49.78
C23 PX4 DD . -5.01 -7.92 49.52
O8 PX4 DD . -4.26 -7.19 50.15
C24 PX4 DD . -5.97 -7.27 48.53
C25 PX4 DD . -6.41 -8.17 47.37
C26 PX4 DD . -7.21 -7.59 46.21
C27 PX4 DD . -7.36 -8.60 45.07
C28 PX4 DD . -7.77 -7.85 43.80
C29 PX4 DD . -7.84 -8.83 42.64
C30 PX4 DD . -7.88 -8.12 41.28
C31 PX4 DD . -6.67 -7.21 41.09
C32 PX4 DD . -6.68 -6.72 39.64
C33 PX4 DD . -6.74 -7.82 38.59
C34 PX4 DD . -6.60 -7.27 37.17
C35 PX4 DD . -5.91 -8.13 36.10
C36 PX4 DD . -5.31 -7.30 34.99
O1 PX4 ED . 11.64 -4.24 51.68
O2 PX4 ED . 13.04 -6.17 50.69
P1 PX4 ED . 12.46 -4.82 50.59
O3 PX4 ED . 13.83 -3.98 50.45
C1 PX4 ED . 14.32 -4.00 51.80
C2 PX4 ED . 15.75 -3.45 51.81
N1 PX4 ED . 16.48 -3.31 53.08
C3 PX4 ED . 17.81 -2.82 52.70
C4 PX4 ED . 15.83 -2.26 53.89
C5 PX4 ED . 16.48 -4.56 53.85
O4 PX4 ED . 12.09 -4.55 49.04
C6 PX4 ED . 13.08 -5.29 48.30
C7 PX4 ED . 12.87 -5.45 46.80
C8 PX4 ED . 11.46 -4.91 46.64
O5 PX4 ED . 10.55 -5.71 45.88
C9 PX4 ED . 9.29 -5.23 45.65
O6 PX4 ED . 9.01 -4.16 46.17
C10 PX4 ED . 8.28 -6.13 44.94
C11 PX4 ED . 8.03 -5.73 43.49
C12 PX4 ED . 6.88 -4.72 43.34
C13 PX4 ED . 6.85 -4.42 41.85
C14 PX4 ED . 8.12 -3.85 41.20
C15 PX4 ED . 7.78 -3.38 39.79
C16 PX4 ED . 9.04 -2.79 39.17
C17 PX4 ED . 9.14 -2.51 37.67
C18 PX4 ED . 10.47 -1.84 37.30
C19 PX4 ED . 10.50 -1.69 35.79
C20 PX4 ED . 9.42 -0.70 35.35
C21 PX4 ED . 8.69 -1.26 34.12
C22 PX4 ED . 7.77 -0.17 33.57
O7 PX4 ED . 13.69 -4.64 45.95
C23 PX4 ED . 14.78 -5.14 45.32
O8 PX4 ED . 15.20 -6.20 45.76
C24 PX4 ED . 15.40 -4.23 44.25
C25 PX4 ED . 15.71 -4.93 42.92
C26 PX4 ED . 16.33 -4.03 41.86
C27 PX4 ED . 16.32 -4.97 40.64
C28 PX4 ED . 17.24 -6.17 40.89
C29 PX4 ED . 17.74 -6.96 39.67
C30 PX4 ED . 18.53 -8.19 40.12
C31 PX4 ED . 19.13 -8.96 38.94
C32 PX4 ED . 19.93 -10.07 39.59
C33 PX4 ED . 21.23 -9.44 40.12
C34 PX4 ED . 22.07 -10.45 40.90
C35 PX4 ED . 22.56 -11.60 40.01
C36 PX4 ED . 23.52 -12.47 40.81
O1 PX4 FD . 16.78 -3.74 48.26
O2 PX4 FD . 18.48 -1.77 48.53
P1 PX4 FD . 17.42 -2.49 47.78
O3 PX4 FD . 16.26 -1.39 47.71
C1 PX4 FD . 15.01 -2.11 47.84
C2 PX4 FD . 13.83 -1.47 47.14
N1 PX4 FD . 13.08 -0.38 47.81
C3 PX4 FD . 12.06 0.08 46.86
C4 PX4 FD . 12.48 -0.77 49.09
C5 PX4 FD . 13.95 0.78 48.02
O4 PX4 FD . 17.89 -2.53 46.25
C6 PX4 FD . 18.29 -1.20 45.92
C7 PX4 FD . 18.53 -0.97 44.42
C8 PX4 FD . 19.12 -2.29 43.92
O5 PX4 FD . 20.03 -2.20 42.82
C9 PX4 FD . 20.11 -3.35 42.10
O6 PX4 FD . 19.79 -4.42 42.61
C10 PX4 FD . 20.66 -3.40 40.67
C11 PX4 FD . 20.94 -4.78 40.08
C12 PX4 FD . 21.05 -4.70 38.55
C13 PX4 FD . 21.67 -5.95 37.92
C14 PX4 FD . 21.44 -5.87 36.41
C15 PX4 FD . 22.39 -6.88 35.76
C16 PX4 FD . 22.16 -8.37 35.94
C17 PX4 FD . 22.98 -9.29 35.02
C18 PX4 FD . 22.47 -9.39 33.58
C19 PX4 FD . 21.32 -10.39 33.59
C20 PX4 FD . 20.62 -10.51 32.23
C21 PX4 FD . 21.58 -10.93 31.12
C22 PX4 FD . 20.96 -12.04 30.29
O7 PX4 FD . 17.46 -0.42 43.66
C23 PX4 FD . 16.89 0.80 43.89
O8 PX4 FD . 16.97 1.35 44.98
C24 PX4 FD . 15.79 1.08 42.88
C25 PX4 FD . 15.63 0.07 41.76
C26 PX4 FD . 14.54 0.40 40.74
C27 PX4 FD . 14.45 -0.73 39.71
C28 PX4 FD . 13.54 -0.50 38.50
C29 PX4 FD . 13.97 0.76 37.76
C30 PX4 FD . 13.25 0.87 36.42
C31 PX4 FD . 13.62 2.14 35.66
C32 PX4 FD . 12.67 2.51 34.52
C33 PX4 FD . 13.17 3.80 33.88
C34 PX4 FD . 12.60 4.06 32.47
C35 PX4 FD . 11.09 4.05 32.56
C36 PX4 FD . 10.34 4.30 31.25
O1 PX4 GD . 27.77 13.99 43.64
O2 PX4 GD . 28.80 12.06 45.04
P1 PX4 GD . 28.35 12.63 43.76
O3 PX4 GD . 29.74 12.76 42.96
C1 PX4 GD . 30.42 13.98 43.30
C2 PX4 GD . 31.59 14.30 42.37
N1 PX4 GD . 32.44 15.47 42.64
C3 PX4 GD . 33.15 15.24 43.91
C4 PX4 GD . 33.43 15.70 41.59
C5 PX4 GD . 31.74 16.76 42.74
O4 PX4 GD . 27.72 11.59 42.71
C6 PX4 GD . 28.65 10.54 42.41
C7 PX4 GD . 28.30 9.57 41.29
C8 PX4 GD . 27.85 10.52 40.19
O5 PX4 GD . 27.27 9.99 39.00
C9 PX4 GD . 25.95 9.72 38.89
O6 PX4 GD . 25.12 9.64 39.80
C10 PX4 GD . 25.56 9.60 37.42
C11 PX4 GD . 25.03 10.91 36.82
C12 PX4 GD . 25.22 10.73 35.31
C13 PX4 GD . 24.73 12.00 34.59
C14 PX4 GD . 24.88 11.90 33.08
C15 PX4 GD . 23.61 11.56 32.32
C16 PX4 GD . 23.74 11.59 30.79
C17 PX4 GD . 23.96 13.04 30.36
C18 PX4 GD . 24.16 13.04 28.85
C19 PX4 GD . 22.71 12.95 28.35
C20 PX4 GD . 21.88 14.17 28.80
C21 PX4 GD . 20.42 14.18 28.34
C22 PX4 GD . 20.28 14.31 26.82
O7 PX4 GD . 29.35 8.74 40.79
C23 PX4 GD . 29.62 7.49 41.27
O8 PX4 GD . 29.12 7.27 42.38
C24 PX4 GD . 30.87 6.90 40.63
C25 PX4 GD . 30.46 6.08 39.41
C26 PX4 GD . 31.53 5.03 39.15
C27 PX4 GD . 31.25 4.23 37.87
C28 PX4 GD . 31.27 5.02 36.56
C29 PX4 GD . 30.77 4.20 35.37
C30 PX4 GD . 30.67 5.03 34.08
C31 PX4 GD . 30.24 4.22 32.87
C32 PX4 GD . 30.43 5.06 31.61
C33 PX4 GD . 30.31 4.14 30.39
C34 PX4 GD . 30.41 4.94 29.09
C35 PX4 GD . 30.18 4.28 27.72
C36 PX4 GD . 28.73 3.80 27.73
O1 PX4 HD . -12.84 15.05 59.01
O2 PX4 HD . -11.28 13.84 57.37
P1 PX4 HD . -12.27 14.91 57.65
O3 PX4 HD . -11.47 16.27 57.39
C1 PX4 HD . -10.75 16.31 58.64
C2 PX4 HD . -10.24 17.69 59.06
N1 PX4 HD . -11.22 18.68 59.57
C3 PX4 HD . -11.95 18.26 60.76
C4 PX4 HD . -10.57 19.86 60.14
C5 PX4 HD . -12.02 19.17 58.44
O4 PX4 HD . -13.30 15.32 56.49
C6 PX4 HD . -14.45 16.09 56.88
C7 PX4 HD . -15.38 16.13 55.67
C8 PX4 HD . -15.05 14.89 54.84
O5 PX4 HD . -15.61 14.75 53.54
C9 PX4 HD . -15.03 15.43 52.52
O6 PX4 HD . -14.07 16.18 52.72
C10 PX4 HD . -15.69 15.29 51.15
C11 PX4 HD . -14.93 14.24 50.35
C12 PX4 HD . -15.69 14.00 49.05
C13 PX4 HD . -15.16 12.72 48.41
C14 PX4 HD . -15.82 12.49 47.03
C15 PX4 HD . -15.24 11.19 46.46
C16 PX4 HD . -15.75 11.04 45.03
C17 PX4 HD . -17.27 10.94 45.00
C18 PX4 HD . -17.74 10.65 43.57
C19 PX4 HD . -19.08 11.35 43.33
C20 PX4 HD . -19.28 11.32 41.81
C21 PX4 HD . -19.46 9.87 41.32
C22 PX4 HD . -20.97 9.65 41.48
O7 PX4 HD . -16.74 16.36 56.00
C23 PX4 HD . -17.17 17.60 55.61
O8 PX4 HD . -16.43 18.55 55.39
C24 PX4 HD . -18.68 17.83 55.66
C25 PX4 HD . -19.19 16.90 54.54
C26 PX4 HD . -20.72 16.90 54.67
C27 PX4 HD . -21.54 16.02 53.73
C28 PX4 HD . -23.01 16.43 53.66
C29 PX4 HD . -23.64 16.08 52.32
C30 PX4 HD . -23.05 16.84 51.13
C31 PX4 HD . -23.67 16.37 49.83
C32 PX4 HD . -25.18 16.59 49.99
C33 PX4 HD . -25.77 17.40 48.83
C34 PX4 HD . -25.78 16.50 47.60
C35 PX4 HD . -26.59 17.16 46.48
C36 PX4 HD . -26.80 16.10 45.41
O1 PX4 ID . -1.42 32.21 49.59
O2 PX4 ID . 0.31 31.08 51.27
P1 PX4 ID . -0.17 31.50 49.92
O3 PX4 ID . 0.83 32.64 49.37
C1 PX4 ID . 0.86 33.81 50.20
C2 PX4 ID . 1.83 34.89 49.75
N1 PX4 ID . 3.26 34.58 49.66
C3 PX4 ID . 3.89 35.86 49.32
C4 PX4 ID . 3.78 33.97 50.90
C5 PX4 ID . 3.49 33.68 48.51
O4 PX4 ID . 0.42 30.53 48.79
C6 PX4 ID . -0.25 30.79 47.56
C7 PX4 ID . 0.54 30.17 46.40
C8 PX4 ID . 0.32 28.66 46.60
O5 PX4 ID . -1.05 28.21 46.52
C9 PX4 ID . -1.24 26.90 46.78
O6 PX4 ID . -0.32 26.17 47.17
C10 PX4 ID . -2.72 26.54 46.71
C11 PX4 ID . -3.20 26.17 45.31
C12 PX4 ID . -4.57 25.53 45.58
C13 PX4 ID . -5.63 26.61 45.79
C14 PX4 ID . -7.00 26.07 46.17
C15 PX4 ID . -7.79 25.29 45.12
C16 PX4 ID . -8.06 26.01 43.80
C17 PX4 ID . -8.44 24.92 42.82
C18 PX4 ID . -9.09 25.48 41.55
C19 PX4 ID . -10.19 26.45 41.97
C20 PX4 ID . -10.92 27.01 40.74
C21 PX4 ID . -11.23 25.99 39.64
C22 PX4 ID . -11.79 26.61 38.35
O7 PX4 ID . 0.56 30.71 45.08
C23 PX4 ID . 0.86 32.00 44.75
O8 PX4 ID . 1.04 32.85 45.61
C24 PX4 ID . 1.07 32.32 43.27
C25 PX4 ID . -0.26 32.13 42.55
C26 PX4 ID . -0.25 32.32 41.02
C27 PX4 ID . -1.56 31.87 40.35
C28 PX4 ID . -1.29 31.93 38.84
C29 PX4 ID . -2.39 31.13 38.13
C30 PX4 ID . -2.01 31.32 36.66
C31 PX4 ID . -3.17 30.69 35.90
C32 PX4 ID . -3.13 30.85 34.38
C33 PX4 ID . -4.39 30.20 33.79
C34 PX4 ID . -4.56 30.26 32.27
C35 PX4 ID . -5.88 29.73 31.74
C36 PX4 ID . -5.45 29.50 30.29
O1 PX4 JD . -2.24 20.23 53.71
O2 PX4 JD . -4.14 18.49 53.90
P1 PX4 JD . -3.05 19.13 53.14
O3 PX4 JD . -2.06 17.94 52.69
C1 PX4 JD . -1.22 17.55 53.77
C2 PX4 JD . 0.10 16.95 53.29
N1 PX4 JD . 1.06 17.76 52.54
C3 PX4 JD . 2.39 17.11 52.58
C4 PX4 JD . 0.61 17.88 51.16
C5 PX4 JD . 1.19 19.10 53.12
O4 PX4 JD . -3.58 19.58 51.68
C6 PX4 JD . -4.05 18.42 50.98
C7 PX4 JD . -4.31 18.63 49.49
C8 PX4 JD . -4.71 20.09 49.31
O5 PX4 JD . -5.45 20.45 48.14
C9 PX4 JD . -6.14 21.61 48.20
O6 PX4 JD . -6.30 22.25 49.25
C10 PX4 JD . -6.76 22.04 46.87
C11 PX4 JD . -6.68 20.96 45.80
C12 PX4 JD . -7.52 21.50 44.63
C13 PX4 JD . -7.53 20.72 43.32
C14 PX4 JD . -8.44 21.30 42.25
C15 PX4 JD . -9.85 21.42 42.83
C16 PX4 JD . -10.82 22.10 41.85
C17 PX4 JD . -11.21 21.20 40.66
C18 PX4 JD . -12.23 21.97 39.83
C19 PX4 JD . -12.40 21.09 38.57
C20 PX4 JD . -13.55 21.61 37.71
C21 PX4 JD . -13.66 20.89 36.35
C22 PX4 JD . -14.79 21.48 35.51
O7 PX4 JD . -3.27 18.13 48.66
C23 PX4 JD . -3.64 16.85 48.37
O8 PX4 JD . -4.09 16.10 49.22
C24 PX4 JD . -2.87 16.28 47.17
C25 PX4 JD . -3.49 16.65 45.83
C26 PX4 JD . -2.83 15.94 44.65
C27 PX4 JD . -3.57 16.20 43.34
C28 PX4 JD . -3.00 15.34 42.22
C29 PX4 JD . -3.56 15.89 40.90
C30 PX4 JD . -2.92 15.39 39.60
C31 PX4 JD . -1.48 15.88 39.49
C32 PX4 JD . -0.76 15.28 38.26
C33 PX4 JD . 0.44 16.09 37.83
C34 PX4 JD . 0.91 15.68 36.43
C35 PX4 JD . 2.17 16.43 35.96
C36 PX4 JD . 2.48 16.07 34.50
O1 PX4 KD . 5.00 -7.95 50.42
O2 PX4 KD . 5.40 -5.52 51.18
P1 PX4 KD . 4.50 -6.66 50.92
O3 PX4 KD . 3.74 -6.95 52.32
C1 PX4 KD . 3.31 -5.71 52.86
C2 PX4 KD . 2.99 -5.90 54.35
N1 PX4 KD . 2.42 -4.72 55.02
C3 PX4 KD . 1.25 -4.24 54.28
C4 PX4 KD . 1.88 -5.05 56.34
C5 PX4 KD . 3.39 -3.61 55.14
O4 PX4 KD . 3.16 -6.14 50.20
C6 PX4 KD . 2.56 -7.31 49.61
C7 PX4 KD . 1.05 -7.20 49.41
C8 PX4 KD . 0.73 -5.74 49.09
O5 PX4 KD . 1.01 -5.25 47.78
C9 PX4 KD . 0.13 -5.65 46.82
O6 PX4 KD . -1.08 -5.70 47.08
C10 PX4 KD . 0.57 -5.63 45.36
C11 PX4 KD . 0.15 -4.32 44.68
C12 PX4 KD . 1.02 -4.09 43.45
C13 PX4 KD . 1.02 -5.23 42.42
C14 PX4 KD . 1.93 -4.89 41.26
C15 PX4 KD . 1.74 -6.08 40.32
C16 PX4 KD . 2.44 -5.73 38.99
C17 PX4 KD . 3.91 -5.50 39.35
C18 PX4 KD . 4.83 -5.34 38.14
C19 PX4 KD . 5.09 -6.78 37.66
C20 PX4 KD . 5.85 -6.72 36.32
C21 PX4 KD . 6.05 -8.10 35.71
C22 PX4 KD . 6.51 -7.87 34.27
O7 PX4 KD . 0.62 -8.12 48.41
C23 PX4 KD . -0.24 -9.07 48.86
O8 PX4 KD . -0.24 -9.24 50.07
C24 PX4 KD . -1.07 -9.98 47.94
C25 PX4 KD . -1.67 -9.10 46.85
C26 PX4 KD . -2.73 -9.90 46.09
C27 PX4 KD . -2.06 -11.02 45.26
C28 PX4 KD . -3.11 -11.80 44.47
C29 PX4 KD . -2.39 -12.73 43.47
C30 PX4 KD . -3.40 -13.15 42.40
C31 PX4 KD . -4.60 -13.96 42.89
C32 PX4 KD . -5.34 -14.42 41.64
C33 PX4 KD . -6.54 -15.26 42.12
C34 PX4 KD . -7.68 -14.75 42.99
C35 PX4 KD . -8.59 -13.90 42.11
C36 PX4 KD . -9.35 -14.92 41.25
O1 PX4 LD . 7.10 1.02 48.52
O2 PX4 LD . 9.54 1.81 48.09
P1 PX4 LD . 8.19 1.43 47.61
O3 PX4 LD . 7.80 2.80 46.86
C1 PX4 LD . 7.80 3.81 47.87
C2 PX4 LD . 7.20 5.19 47.66
N1 PX4 LD . 7.63 6.24 46.71
C3 PX4 LD . 7.46 5.81 45.31
C4 PX4 LD . 6.79 7.42 46.93
C5 PX4 LD . 9.05 6.62 46.83
O4 PX4 LD . 8.30 0.21 46.57
C6 PX4 LD . 7.41 0.55 45.48
C7 PX4 LD . 7.63 -0.33 44.26
C8 PX4 LD . 8.77 -1.32 44.50
O5 PX4 LD . 9.76 -1.35 43.47
C9 PX4 LD . 10.95 -2.00 43.58
O6 PX4 LD . 11.53 -2.01 44.67
C10 PX4 LD . 11.57 -2.40 42.24
C11 PX4 LD . 11.56 -3.88 41.93
C12 PX4 LD . 12.32 -4.27 40.67
C13 PX4 LD . 12.11 -5.76 40.37
C14 PX4 LD . 12.86 -6.22 39.11
C15 PX4 LD . 12.44 -5.42 37.87
C16 PX4 LD . 13.31 -5.77 36.67
C17 PX4 LD . 14.81 -5.68 36.93
C18 PX4 LD . 15.54 -5.98 35.62
C19 PX4 LD . 17.01 -5.54 35.66
C20 PX4 LD . 17.60 -6.30 34.47
C21 PX4 LD . 17.48 -7.74 34.98
C22 PX4 LD . 17.92 -8.74 33.91
O7 PX4 LD . 6.48 -1.03 43.74
C23 PX4 LD . 5.66 -0.30 42.92
O8 PX4 LD . 5.71 0.93 43.00
C24 PX4 LD . 4.37 -1.03 42.54
C25 PX4 LD . 4.11 -0.82 41.05
C26 PX4 LD . 2.64 -1.02 40.66
C27 PX4 LD . 2.44 -1.07 39.15
C28 PX4 LD . 0.98 -1.35 38.76
C29 PX4 LD . 0.68 -0.72 37.40
C30 PX4 LD . -0.71 -1.13 36.94
C31 PX4 LD . -1.03 -0.65 35.53
C32 PX4 LD . -2.51 -0.89 35.26
C33 PX4 LD . -2.89 -0.19 33.95
C34 PX4 LD . -4.36 0.20 34.07
C35 PX4 LD . -4.70 1.01 32.82
C36 PX4 LD . -5.80 2.06 32.94
O1 PX4 MD . 23.96 6.99 46.26
O2 PX4 MD . 22.37 5.61 47.76
P1 PX4 MD . 23.06 5.84 46.47
O3 PX4 MD . 24.08 4.60 46.36
C1 PX4 MD . 23.36 3.38 46.26
C2 PX4 MD . 23.63 2.71 44.90
N1 PX4 MD . 24.99 2.36 44.48
C3 PX4 MD . 25.65 1.63 45.56
C4 PX4 MD . 24.78 1.46 43.33
C5 PX4 MD . 25.70 3.56 44.00
O4 PX4 MD . 22.05 5.52 45.24
C6 PX4 MD . 21.70 6.65 44.46
C7 PX4 MD . 20.55 6.25 43.53
C8 PX4 MD . 20.11 7.59 42.94
O5 PX4 MD . 20.69 8.04 41.71
C9 PX4 MD . 20.01 7.72 40.58
O6 PX4 MD . 18.82 7.45 40.65
C10 PX4 MD . 20.70 7.96 39.24
C11 PX4 MD . 21.80 6.89 39.13
C12 PX4 MD . 21.52 5.99 37.91
C13 PX4 MD . 22.57 4.89 37.65
C14 PX4 MD . 21.72 3.83 36.95
C15 PX4 MD . 22.44 2.69 36.23
C16 PX4 MD . 21.49 1.98 35.26
C17 PX4 MD . 22.21 0.75 34.67
C18 PX4 MD . 21.19 0.10 33.73
C19 PX4 MD . 21.87 -1.09 33.02
C20 PX4 MD . 22.13 -2.06 34.17
C21 PX4 MD . 22.93 -3.19 33.53
C22 PX4 MD . 24.27 -2.69 32.99
O7 PX4 MD . 20.70 5.19 42.56
C23 PX4 MD . 19.59 4.61 42.08
O8 PX4 MD . 18.44 4.83 42.49
C24 PX4 MD . 20.05 3.38 41.31
C25 PX4 MD . 19.08 2.34 40.75
C26 PX4 MD . 19.90 1.26 40.06
C27 PX4 MD . 18.99 0.26 39.31
C28 PX4 MD . 18.79 0.64 37.85
C29 PX4 MD . 17.82 -0.30 37.15
C30 PX4 MD . 17.48 0.16 35.73
C31 PX4 MD . 16.56 -0.80 34.98
C32 PX4 MD . 16.07 -0.40 33.58
C33 PX4 MD . 16.22 -1.48 32.53
C34 PX4 MD . 17.71 -1.86 32.59
C35 PX4 MD . 17.88 -3.09 31.70
C36 PX4 MD . 17.41 -2.90 30.24
O1 PX4 ND . 36.52 -2.27 43.98
O2 PX4 ND . 35.05 -1.75 46.00
P1 PX4 ND . 35.55 -2.71 44.99
O3 PX4 ND . 35.95 -3.92 45.97
C1 PX4 ND . 37.08 -3.59 46.79
C2 PX4 ND . 37.32 -4.64 47.86
N1 PX4 ND . 37.45 -6.09 47.60
C3 PX4 ND . 38.19 -6.77 48.67
C4 PX4 ND . 36.16 -6.79 47.59
C5 PX4 ND . 38.21 -6.27 46.35
O4 PX4 ND . 34.32 -3.37 44.20
C6 PX4 ND . 34.94 -4.12 43.15
C7 PX4 ND . 33.99 -4.42 42.00
C8 PX4 ND . 32.68 -4.86 42.66
O5 PX4 ND . 32.37 -6.25 42.77
C9 PX4 ND . 31.23 -6.53 43.46
O6 PX4 ND . 30.43 -5.63 43.65
C10 PX4 ND . 30.80 -8.01 43.47
C11 PX4 ND . 29.78 -8.13 42.33
C12 PX4 ND . 30.45 -8.16 40.95
C13 PX4 ND . 29.27 -8.11 39.97
C14 PX4 ND . 29.81 -8.19 38.53
C15 PX4 ND . 30.50 -9.53 38.28
C16 PX4 ND . 31.04 -9.54 36.84
C17 PX4 ND . 30.97 -10.99 36.33
C18 PX4 ND . 31.82 -11.04 35.06
C19 PX4 ND . 31.54 -12.34 34.31
C20 PX4 ND . 32.67 -12.29 33.28
C21 PX4 ND . 32.48 -13.37 32.23
C22 PX4 ND . 33.53 -13.21 31.13
O7 PX4 ND . 33.72 -3.32 41.12
C23 PX4 ND . 34.69 -3.14 40.20
O8 PX4 ND . 35.84 -3.56 40.28
C24 PX4 ND . 34.27 -1.94 39.33
C25 PX4 ND . 35.33 -1.13 38.59
C26 PX4 ND . 34.66 -0.56 37.32
C27 PX4 ND . 35.66 0.25 36.51
C28 PX4 ND . 34.96 0.95 35.34
C29 PX4 ND . 36.03 1.64 34.49
C30 PX4 ND . 35.50 2.43 33.30
C31 PX4 ND . 36.40 3.60 32.90
C32 PX4 ND . 36.42 4.75 33.91
C33 PX4 ND . 35.08 5.43 33.70
C34 PX4 ND . 35.15 6.81 34.38
C35 PX4 ND . 33.77 7.48 34.49
C36 PX4 ND . 33.72 8.87 35.10
O1 PX4 OD . 29.65 19.14 42.20
O2 PX4 OD . 29.97 20.95 40.47
P1 PX4 OD . 29.11 19.91 41.05
O3 PX4 OD . 27.73 20.57 41.58
C1 PX4 OD . 28.06 21.57 42.55
C2 PX4 OD . 26.82 22.24 43.15
N1 PX4 OD . 27.25 23.35 44.01
C3 PX4 OD . 27.90 24.40 43.20
C4 PX4 OD . 26.07 23.96 44.62
C5 PX4 OD . 28.21 22.92 45.03
O4 PX4 OD . 28.47 18.89 39.96
C6 PX4 OD . 29.49 17.93 39.68
C7 PX4 OD . 29.12 16.85 38.67
C8 PX4 OD . 27.75 17.30 38.20
O5 PX4 OD . 27.04 16.28 37.49
C9 PX4 OD . 25.76 16.73 37.35
O6 PX4 OD . 25.34 17.73 37.95
C10 PX4 OD . 24.74 15.74 36.81
C11 PX4 OD . 23.60 16.48 36.12
C12 PX4 OD . 22.59 15.48 35.54
C13 PX4 OD . 21.41 16.31 35.05
C14 PX4 OD . 21.70 17.32 33.93
C15 PX4 OD . 20.44 18.04 33.43
C16 PX4 OD . 20.92 19.06 32.41
C17 PX4 OD . 21.56 18.50 31.14
C18 PX4 OD . 21.72 19.39 29.90
C19 PX4 OD . 22.43 18.57 28.82
C20 PX4 OD . 22.80 19.41 27.60
C21 PX4 OD . 23.41 18.63 26.44
C22 PX4 OD . 22.42 17.58 25.95
O7 PX4 OD . 30.09 16.71 37.63
C23 PX4 OD . 31.11 15.85 37.91
O8 PX4 OD . 31.26 15.49 39.07
C24 PX4 OD . 31.82 15.28 36.69
C25 PX4 OD . 32.35 13.84 36.73
C26 PX4 OD . 32.57 13.47 35.26
C27 PX4 OD . 33.88 14.09 34.77
C28 PX4 OD . 34.06 13.71 33.30
C29 PX4 OD . 33.07 14.50 32.47
C30 PX4 OD . 33.20 13.81 31.10
C31 PX4 OD . 33.05 12.29 31.21
C32 PX4 OD . 32.84 11.71 29.81
C33 PX4 OD . 34.09 11.98 28.96
C34 PX4 OD . 33.75 11.53 27.53
C35 PX4 OD . 34.96 11.52 26.59
C36 PX4 OD . 35.42 12.97 26.67
O1 PX4 PD . -4.00 26.93 49.82
O2 PX4 PD . -1.66 27.92 50.43
P1 PX4 PD . -3.13 27.86 50.59
O3 PX4 PD . -3.62 27.70 52.11
C1 PX4 PD . -4.99 28.09 52.16
C2 PX4 PD . -5.73 27.57 53.39
N1 PX4 PD . -7.05 28.05 53.80
C3 PX4 PD . -7.66 27.46 54.99
C4 PX4 PD . -7.21 29.51 53.94
C5 PX4 PD . -7.92 27.79 52.65
O4 PX4 PD . -3.62 29.39 50.46
C6 PX4 PD . -3.99 29.67 49.12
C7 PX4 PD . -4.95 30.86 48.95
C8 PX4 PD . -4.21 31.86 48.08
O5 PX4 PD . -3.33 31.40 47.06
C9 PX4 PD . -3.91 31.69 45.86
O6 PX4 PD . -4.57 32.71 45.64
C10 PX4 PD . -3.26 30.81 44.79
C11 PX4 PD . -4.31 30.31 43.80
C12 PX4 PD . -3.65 29.39 42.77
C13 PX4 PD . -4.58 28.96 41.64
C14 PX4 PD . -3.92 27.84 40.83
C15 PX4 PD . -4.82 27.55 39.63
C16 PX4 PD . -5.26 26.09 39.65
C17 PX4 PD . -6.22 25.82 38.50
C18 PX4 PD . -6.51 24.33 38.25
C19 PX4 PD . -7.26 24.08 36.95
C20 PX4 PD . -7.29 22.58 36.75
C21 PX4 PD . -7.91 21.93 37.99
C22 PX4 PD . -7.84 20.40 38.01
O7 PX4 PD . -6.13 30.38 48.34
C23 PX4 PD . -6.97 29.60 49.09
O8 PX4 PD . -6.95 29.83 50.31
C24 PX4 PD . -8.11 28.98 48.29
C25 PX4 PD . -8.94 27.93 49.06
C26 PX4 PD . -10.04 27.40 48.14
C27 PX4 PD . -10.78 28.62 47.62
C28 PX4 PD . -11.95 28.31 46.66
C29 PX4 PD . -12.61 29.61 46.19
C30 PX4 PD . -13.85 29.33 45.33
C31 PX4 PD . -13.40 28.35 44.26
C32 PX4 PD . -14.54 28.15 43.26
C33 PX4 PD . -14.74 29.46 42.50
C34 PX4 PD . -15.78 29.35 41.40
C35 PX4 PD . -15.77 30.54 40.43
C36 PX4 PD . -17.06 30.60 39.61
O1 PX4 QD . -8.10 39.04 49.17
O2 PX4 QD . -5.81 37.84 48.73
P1 PX4 QD . -7.03 38.55 48.27
O3 PX4 QD . -6.36 39.92 47.80
C1 PX4 QD . -6.24 40.92 48.82
C2 PX4 QD . -5.88 42.27 48.24
N1 PX4 QD . -5.83 43.46 49.11
C3 PX4 QD . -4.61 43.46 49.95
C4 PX4 QD . -5.87 44.65 48.25
C5 PX4 QD . -7.01 43.62 49.97
O4 PX4 QD . -7.51 37.99 46.83
C6 PX4 QD . -8.54 38.93 46.52
C7 PX4 QD . -8.64 39.49 45.09
C8 PX4 QD . -7.26 39.40 44.41
O5 PX4 QD . -6.43 40.57 44.42
C9 PX4 QD . -5.18 40.52 43.91
O6 PX4 QD . -4.72 39.45 43.48
C10 PX4 QD . -4.39 41.83 43.83
C11 PX4 QD . -4.11 42.07 42.34
C12 PX4 QD . -3.12 43.21 42.03
C13 PX4 QD . -2.71 43.04 40.55
C14 PX4 QD . -1.42 43.80 40.24
C15 PX4 QD . -1.26 43.81 38.73
C16 PX4 QD . -0.21 44.75 38.14
C17 PX4 QD . -0.34 44.66 36.61
C18 PX4 QD . 0.28 43.35 36.13
C19 PX4 QD . -0.09 42.89 34.71
C20 PX4 QD . -1.62 42.84 34.55
C21 PX4 QD . -1.93 42.15 33.21
C22 PX4 QD . -3.44 42.20 33.03
O7 PX4 QD . -9.53 38.84 44.19
C23 PX4 QD . -10.84 39.18 44.28
O8 PX4 QD . -11.28 40.05 45.02
C24 PX4 QD . -11.65 38.63 43.09
C25 PX4 QD . -10.87 38.75 41.78
C26 PX4 QD . -11.67 38.43 40.52
C27 PX4 QD . -10.95 37.56 39.50
C28 PX4 QD . -11.91 37.23 38.34
C29 PX4 QD . -11.38 36.42 37.15
C30 PX4 QD . -12.46 36.26 36.07
C31 PX4 QD . -13.65 35.62 36.79
C32 PX4 QD . -14.25 34.52 35.90
C33 PX4 QD . -15.63 34.02 36.33
C34 PX4 QD . -16.11 32.91 35.39
C35 PX4 QD . -17.48 33.05 34.73
C36 PX4 QD . -18.18 31.70 34.53
O1 PX4 RD . 4.87 15.54 49.38
O2 PX4 RD . 2.92 14.33 50.54
P1 PX4 RD . 3.77 14.56 49.34
O3 PX4 RD . 4.53 13.18 49.01
C1 PX4 RD . 3.62 12.07 48.98
C2 PX4 RD . 4.09 10.91 48.11
N1 PX4 RD . 4.07 11.10 46.65
C3 PX4 RD . 4.99 12.16 46.21
C4 PX4 RD . 4.42 9.93 45.83
C5 PX4 RD . 2.74 11.38 46.10
O4 PX4 RD . 3.01 14.65 47.93
C6 PX4 RD . 1.69 15.15 48.12
C7 PX4 RD . 0.86 15.02 46.84
C8 PX4 RD . 1.73 15.54 45.68
O5 PX4 RD . 0.99 16.13 44.62
C9 PX4 RD . 0.53 17.39 44.89
O6 PX4 RD . 0.44 17.83 46.04
C10 PX4 RD . 0.23 18.16 43.61
C11 PX4 RD . 1.58 18.81 43.32
C12 PX4 RD . 1.58 19.88 42.24
C13 PX4 RD . 1.27 19.38 40.82
C14 PX4 RD . 1.23 20.41 39.68
C15 PX4 RD . 0.76 19.87 38.34
C16 PX4 RD . 0.94 20.78 37.12
C17 PX4 RD . 1.26 20.04 35.82
C18 PX4 RD . 1.34 21.12 34.75
C19 PX4 RD . 1.57 20.64 33.31
C20 PX4 RD . 1.74 21.79 32.32
C21 PX4 RD . 2.05 21.42 30.87
C22 PX4 RD . 1.26 20.22 30.34
O7 PX4 RD . 0.29 13.74 46.66
C23 PX4 RD . -0.80 13.34 47.37
O8 PX4 RD . -0.78 13.54 48.59
C24 PX4 RD . -1.56 12.15 46.79
C25 PX4 RD . -3.08 12.23 46.88
C26 PX4 RD . -3.70 10.99 46.21
C27 PX4 RD . -4.76 11.57 45.27
C28 PX4 RD . -5.71 12.54 46.00
C29 PX4 RD . -6.26 13.52 44.96
C30 PX4 RD . -6.90 12.77 43.79
C31 PX4 RD . -7.42 13.75 42.75
C32 PX4 RD . -7.85 13.15 41.42
C33 PX4 RD . -6.77 12.29 40.77
C34 PX4 RD . -7.35 11.47 39.60
C35 PX4 RD . -6.17 10.64 39.06
C36 PX4 RD . -6.61 9.71 37.94
O1 PX4 SD . 11.36 10.03 43.03
O2 PX4 SD . 9.80 10.32 45.02
P1 PX4 SD . 10.52 9.43 44.08
O3 PX4 SD . 11.53 8.71 45.10
C1 PX4 SD . 12.36 9.72 45.69
C2 PX4 SD . 13.59 9.34 46.52
N1 PX4 SD . 14.57 8.53 45.80
C3 PX4 SD . 15.27 9.05 44.62
C4 PX4 SD . 15.66 8.38 46.78
C5 PX4 SD . 14.23 7.14 45.47
O4 PX4 SD . 9.71 8.07 43.72
C6 PX4 SD . 10.65 7.30 42.96
C7 PX4 SD . 10.01 6.14 42.19
C8 PX4 SD . 8.59 6.59 41.83
O5 PX4 SD . 7.52 5.62 41.81
C9 PX4 SD . 6.43 6.09 41.16
O6 PX4 SD . 6.44 7.28 40.89
C10 PX4 SD . 5.21 5.21 40.93
C11 PX4 SD . 5.64 3.88 40.27
C12 PX4 SD . 4.40 3.01 40.08
C13 PX4 SD . 3.35 3.71 39.21
C14 PX4 SD . 2.15 2.83 38.86
C15 PX4 SD . 1.04 3.52 38.06
C16 PX4 SD . 0.41 4.65 38.86
C17 PX4 SD . -0.51 5.41 37.91
C18 PX4 SD . -1.20 6.60 38.60
C19 PX4 SD . -1.87 7.54 37.59
C20 PX4 SD . -2.06 8.90 38.25
C21 PX4 SD . -2.59 9.90 37.20
C22 PX4 SD . -2.35 11.35 37.61
O7 PX4 SD . 10.76 5.51 41.14
C23 PX4 SD . 11.74 4.68 41.57
O8 PX4 SD . 11.93 4.58 42.79
C24 PX4 SD . 12.68 3.97 40.61
C25 PX4 SD . 14.10 4.54 40.70
C26 PX4 SD . 14.95 4.11 39.50
C27 PX4 SD . 16.36 4.73 39.53
C28 PX4 SD . 17.21 4.08 38.45
C29 PX4 SD . 16.66 4.43 37.07
C30 PX4 SD . 17.69 3.93 36.08
C31 PX4 SD . 17.36 4.31 34.62
C32 PX4 SD . 18.57 4.01 33.73
C33 PX4 SD . 18.21 4.03 32.25
C34 PX4 SD . 19.35 3.52 31.36
C35 PX4 SD . 19.38 2.01 31.50
C36 PX4 SD . 18.20 1.42 30.72
O1 PX4 TD . 11.09 14.70 47.88
O2 PX4 TD . 9.64 16.60 46.92
P1 PX4 TD . 10.07 15.18 46.91
O3 PX4 TD . 8.76 14.40 47.43
C1 PX4 TD . 8.97 14.27 48.83
C2 PX4 TD . 8.20 13.04 49.34
N1 PX4 TD . 8.47 12.60 50.70
C3 PX4 TD . 7.81 13.41 51.74
C4 PX4 TD . 7.90 11.24 50.73
C5 PX4 TD . 9.86 12.22 51.07
O4 PX4 TD . 10.21 14.58 45.42
C6 PX4 TD . 8.92 14.67 44.81
C7 PX4 TD . 8.80 14.12 43.39
C8 PX4 TD . 10.00 13.21 43.17
O5 PX4 TD . 10.31 12.84 41.82
C9 PX4 TD . 9.70 11.80 41.21
O6 PX4 TD . 8.59 11.37 41.53
C10 PX4 TD . 10.32 11.29 39.91
C11 PX4 TD . 9.72 11.75 38.59
C12 PX4 TD . 9.82 10.71 37.49
C13 PX4 TD . 9.11 11.14 36.19
C14 PX4 TD . 9.90 12.19 35.41
C15 PX4 TD . 9.10 12.79 34.23
C16 PX4 TD . 9.85 13.81 33.38
C17 PX4 TD . 9.01 14.25 32.19
C18 PX4 TD . 7.68 14.74 32.76
C19 PX4 TD . 6.86 15.11 31.54
C20 PX4 TD . 5.40 15.19 31.98
C21 PX4 TD . 4.33 15.52 30.94
C22 PX4 TD . 4.28 14.45 29.85
O7 PX4 TD . 7.52 13.66 43.01
C23 PX4 TD . 6.64 14.58 42.54
O8 PX4 TD . 6.86 15.77 42.70
C24 PX4 TD . 5.28 14.00 42.09
C25 PX4 TD . 4.28 15.03 41.56
C26 PX4 TD . 2.97 14.42 41.08
C27 PX4 TD . 2.23 13.59 42.13
C28 PX4 TD . 0.86 13.15 41.59
C29 PX4 TD . 0.06 12.38 42.65
C30 PX4 TD . -1.18 11.72 42.05
C31 PX4 TD . -1.70 10.60 42.95
C32 PX4 TD . -2.90 9.91 42.30
C33 PX4 TD . -3.41 8.82 43.25
C34 PX4 TD . -4.49 8.13 42.41
C35 PX4 TD . -4.07 7.70 40.99
C36 PX4 TD . -5.25 6.85 40.51
O1 PX4 UD . 13.66 21.13 46.92
O2 PX4 UD . 15.56 20.00 45.54
P1 PX4 UD . 14.42 20.94 45.65
O3 PX4 UD . 14.74 22.36 44.97
C1 PX4 UD . 15.94 22.99 45.44
C2 PX4 UD . 16.40 24.12 44.49
N1 PX4 UD . 17.69 24.76 44.74
C3 PX4 UD . 17.56 25.59 45.95
C4 PX4 UD . 18.85 23.85 44.72
C5 PX4 UD . 17.91 25.61 43.56
O4 PX4 UD . 13.34 20.44 44.58
C6 PX4 UD . 13.85 20.65 43.25
C7 PX4 UD . 12.92 20.50 42.05
C8 PX4 UD . 11.83 19.46 42.31
O5 PX4 UD . 11.66 18.34 41.45
C9 PX4 UD . 10.69 17.47 41.80
O6 PX4 UD . 10.02 17.60 42.83
C10 PX4 UD . 10.37 16.37 40.79
C11 PX4 UD . 9.08 16.61 40.00
C12 PX4 UD . 8.70 15.57 38.96
C13 PX4 UD . 7.28 15.84 38.42
C14 PX4 UD . 6.78 14.70 37.53
C15 PX4 UD . 6.07 13.68 38.42
C16 PX4 UD . 5.63 12.56 37.48
C17 PX4 UD . 4.42 13.07 36.71
C18 PX4 UD . 3.87 11.93 35.84
C19 PX4 UD . 2.73 12.41 34.97
C20 PX4 UD . 1.82 11.25 34.50
C21 PX4 UD . 1.34 10.39 35.67
C22 PX4 UD . 0.67 9.06 35.33
O7 PX4 UD . 12.46 21.79 41.61
C23 PX4 UD . 13.35 22.51 40.89
O8 PX4 UD . 14.55 22.28 40.80
C24 PX4 UD . 12.71 23.81 40.37
C25 PX4 UD . 13.42 24.10 39.05
C26 PX4 UD . 12.83 25.22 38.19
C27 PX4 UD . 13.42 25.20 36.78
C28 PX4 UD . 13.07 26.44 35.95
C29 PX4 UD . 13.69 26.47 34.56
C30 PX4 UD . 15.21 26.41 34.70
C31 PX4 UD . 16.01 26.59 33.41
C32 PX4 UD . 17.51 26.63 33.76
C33 PX4 UD . 18.43 27.10 32.64
C34 PX4 UD . 19.88 26.75 32.95
C35 PX4 UD . 20.80 27.10 31.78
C36 PX4 UD . 20.48 26.34 30.49
O1 PX4 VD . 18.62 11.99 45.44
O2 PX4 VD . 18.46 9.51 44.77
P1 PX4 VD . 19.07 10.85 44.61
O3 PX4 VD . 20.64 10.65 44.96
C1 PX4 VD . 21.30 11.88 44.66
C2 PX4 VD . 22.77 11.82 44.23
N1 PX4 VD . 23.15 11.35 42.89
C3 PX4 VD . 22.42 11.99 41.78
C4 PX4 VD . 24.50 11.79 42.56
C5 PX4 VD . 23.12 9.87 42.85
O4 PX4 VD . 19.28 11.12 43.05
C6 PX4 VD . 17.96 11.04 42.52
C7 PX4 VD . 17.68 11.34 41.05
C8 PX4 VD . 18.77 12.31 40.61
O5 PX4 VD . 18.79 12.55 39.21
C9 PX4 VD . 19.40 13.70 38.80
O6 PX4 VD . 20.18 14.26 39.56
C10 PX4 VD . 19.31 14.03 37.31
C11 PX4 VD . 18.02 14.76 37.01
C12 PX4 VD . 17.83 15.20 35.55
C13 PX4 VD . 16.60 16.04 35.21
C14 PX4 VD . 16.55 16.40 33.73
C15 PX4 VD . 15.98 15.22 32.95
C16 PX4 VD . 15.03 15.64 31.82
C17 PX4 VD . 14.30 14.39 31.30
C18 PX4 VD . 13.19 14.78 30.34
C19 PX4 VD . 12.26 13.60 30.04
C20 PX4 VD . 11.82 13.66 28.57
C21 PX4 VD . 10.58 14.54 28.40
C22 PX4 VD . 9.86 14.42 27.07
O7 PX4 VD . 17.38 10.19 40.24
C23 PX4 VD . 16.09 9.77 40.31
O8 PX4 VD . 15.26 10.26 41.09
C24 PX4 VD . 15.62 8.70 39.33
C25 PX4 VD . 14.11 8.55 39.47
C26 PX4 VD . 13.49 7.48 38.57
C27 PX4 VD . 11.96 7.64 38.69
C28 PX4 VD . 11.22 6.68 37.76
C29 PX4 VD . 9.78 6.53 38.19
C30 PX4 VD . 9.12 5.39 37.39
C31 PX4 VD . 9.45 4.10 38.14
C32 PX4 VD . 8.74 2.95 37.42
C33 PX4 VD . 9.07 1.63 38.15
C34 PX4 VD . 8.50 1.66 39.58
C35 PX4 VD . 9.25 0.69 40.52
C36 PX4 VD . 10.75 0.97 40.72
O1 PX4 WD . 30.80 3.98 43.40
O2 PX4 WD . 28.87 3.54 45.13
P1 PX4 WD . 29.63 3.22 43.90
O3 PX4 WD . 30.40 1.85 44.21
C1 PX4 WD . 29.50 0.90 44.78
C2 PX4 WD . 30.03 -0.43 45.32
N1 PX4 WD . 30.72 -1.30 44.35
C3 PX4 WD . 32.13 -0.87 44.25
C4 PX4 WD . 30.80 -2.64 44.96
C5 PX4 WD . 30.18 -1.40 42.99
O4 PX4 WD . 28.77 2.46 42.77
C6 PX4 WD . 29.47 2.49 41.52
C7 PX4 WD . 28.75 1.54 40.56
C8 PX4 WD . 27.30 2.03 40.46
O5 PX4 WD . 27.25 3.44 40.18
C9 PX4 WD . 26.33 3.95 39.33
O6 PX4 WD . 25.45 3.23 38.88
C10 PX4 WD . 26.60 5.40 38.87
C11 PX4 WD . 27.56 5.42 37.69
C12 PX4 WD . 27.33 6.67 36.82
C13 PX4 WD . 26.22 6.49 35.79
C14 PX4 WD . 26.66 5.38 34.81
C15 PX4 WD . 25.70 5.16 33.64
C16 PX4 WD . 25.96 6.18 32.54
C17 PX4 WD . 24.99 6.00 31.39
C18 PX4 WD . 25.12 7.07 30.32
C19 PX4 WD . 24.18 6.77 29.14
C20 PX4 WD . 24.45 7.87 28.10
C21 PX4 WD . 23.59 7.45 26.88
C22 PX4 WD . 23.90 8.41 25.73
O7 PX4 WD . 29.39 1.25 39.31
C23 PX4 WD . 30.51 0.48 39.30
O8 PX4 WD . 31.08 0.17 40.35
C24 PX4 WD . 30.98 -0.09 37.96
C25 PX4 WD . 29.88 -0.65 37.07
C26 PX4 WD . 30.24 -1.63 35.95
C27 PX4 WD . 29.04 -1.91 35.05
C28 PX4 WD . 29.17 -2.98 33.96
C29 PX4 WD . 27.82 -3.01 33.26
C30 PX4 WD . 27.55 -4.25 32.40
C31 PX4 WD . 28.64 -4.40 31.35
C32 PX4 WD . 28.34 -5.42 30.24
C33 PX4 WD . 27.91 -6.71 30.93
C34 PX4 WD . 27.97 -7.76 29.82
C35 PX4 WD . 29.35 -8.43 29.79
C36 PX4 WD . 29.59 -9.57 28.79
O1 PX4 XD . -8.56 33.54 49.07
O2 PX4 XD . -6.16 34.52 49.20
P1 PX4 XD . -7.47 34.39 48.51
O3 PX4 XD . -8.18 35.64 49.25
C1 PX4 XD . -8.35 35.46 50.65
C2 PX4 XD . -9.19 36.58 51.26
N1 PX4 XD . -10.66 36.53 51.17
C3 PX4 XD . -11.03 37.01 49.84
C4 PX4 XD . -11.30 35.22 51.38
C5 PX4 XD . -11.09 37.52 52.16
O4 PX4 XD . -7.68 34.76 46.95
C6 PX4 XD . -9.08 35.01 46.79
C7 PX4 XD . -9.69 35.46 45.47
C8 PX4 XD . -8.62 35.44 44.38
O5 PX4 XD . -8.88 35.97 43.09
C9 PX4 XD . -7.76 35.83 42.32
O6 PX4 XD . -6.68 35.45 42.78
C10 PX4 XD . -7.96 36.54 40.99
C11 PX4 XD . -6.75 37.40 40.64
C12 PX4 XD . -6.88 38.42 39.50
C13 PX4 XD . -5.47 38.86 39.08
C14 PX4 XD . -5.67 39.84 37.94
C15 PX4 XD . -4.39 40.66 37.69
C16 PX4 XD . -3.30 39.62 37.44
C17 PX4 XD . -1.94 40.22 37.08
C18 PX4 XD . -0.93 39.09 36.82
C19 PX4 XD . -1.51 38.14 35.80
C20 PX4 XD . -0.38 37.33 35.14
C21 PX4 XD . -0.96 36.25 34.22
C22 PX4 XD . -1.92 35.31 34.97
O7 PX4 XD . -10.55 34.41 45.00
C23 PX4 XD . -11.68 34.80 44.34
O8 PX4 XD . -12.41 35.75 44.62
C24 PX4 XD . -12.19 33.63 43.48
C25 PX4 XD . -11.58 33.76 42.08
C26 PX4 XD . -12.09 32.55 41.28
C27 PX4 XD . -11.61 32.59 39.81
C28 PX4 XD . -12.25 31.40 39.08
C29 PX4 XD . -12.05 31.44 37.57
C30 PX4 XD . -13.01 30.50 36.82
C31 PX4 XD . -12.88 30.61 35.30
C32 PX4 XD . -14.02 29.72 34.80
C33 PX4 XD . -13.79 28.27 35.26
C34 PX4 XD . -15.01 27.65 34.58
C35 PX4 XD . -15.54 26.31 35.13
C36 PX4 XD . -14.43 25.25 34.98
O1 PX4 YD . 7.26 31.73 45.13
O2 PX4 YD . 7.39 29.50 46.52
P1 PX4 YD . 7.55 30.28 45.27
O3 PX4 YD . 9.08 30.66 45.55
C1 PX4 YD . 9.20 31.41 46.78
C2 PX4 YD . 10.56 31.09 47.43
N1 PX4 YD . 10.96 31.53 48.77
C3 PX4 YD . 10.92 33.00 48.77
C4 PX4 YD . 10.03 31.09 49.82
C5 PX4 YD . 12.26 30.91 49.07
O4 PX4 YD . 7.78 29.53 43.87
C6 PX4 YD . 7.90 30.45 42.79
C7 PX4 YD . 8.18 29.70 41.48
C8 PX4 YD . 6.86 29.09 41.01
O5 PX4 YD . 5.68 29.86 40.85
C9 PX4 YD . 4.99 29.44 39.75
O6 PX4 YD . 5.29 28.40 39.19
C10 PX4 YD . 3.66 30.20 39.65
C11 PX4 YD . 2.46 29.50 39.02
C12 PX4 YD . 2.48 29.69 37.50
C13 PX4 YD . 1.35 28.80 36.98
C14 PX4 YD . 1.29 28.51 35.48
C15 PX4 YD . 1.38 29.94 34.95
C16 PX4 YD . 0.96 29.93 33.48
C17 PX4 YD . 1.00 31.42 33.13
C18 PX4 YD . 2.35 32.07 33.43
C19 PX4 YD . 2.69 33.44 32.83
C20 PX4 YD . 3.90 34.10 33.47
C21 PX4 YD . 4.18 35.37 32.68
C22 PX4 YD . 4.44 35.15 31.18
O7 PX4 YD . 8.96 30.40 40.51
C23 PX4 YD . 10.30 30.33 40.71
O8 PX4 YD . 10.76 29.96 41.79
C24 PX4 YD . 11.21 30.80 39.57
C25 PX4 YD . 10.94 30.10 38.24
C26 PX4 YD . 11.58 30.62 36.96
C27 PX4 YD . 13.11 30.53 37.07
C28 PX4 YD . 13.76 30.86 35.73
C29 PX4 YD . 15.29 30.90 35.86
C30 PX4 YD . 15.83 31.29 34.49
C31 PX4 YD . 17.34 31.07 34.34
C32 PX4 YD . 18.15 31.84 35.39
C33 PX4 YD . 19.57 31.90 34.82
C34 PX4 YD . 19.55 32.53 33.42
C35 PX4 YD . 19.42 34.05 33.30
C36 PX4 YD . 19.34 34.47 31.84
O1 PX4 ZD . 15.44 29.90 45.41
O2 PX4 ZD . 17.62 28.71 44.74
P1 PX4 ZD . 16.68 29.84 44.61
O3 PX4 ZD . 17.44 31.10 45.27
C1 PX4 ZD . 18.02 30.54 46.46
C2 PX4 ZD . 18.89 31.63 47.09
N1 PX4 ZD . 18.30 32.76 47.84
C3 PX4 ZD . 18.12 33.84 46.86
C4 PX4 ZD . 16.96 32.48 48.41
C5 PX4 ZD . 19.27 33.16 48.86
O4 PX4 ZD . 16.44 30.36 43.11
C6 PX4 ZD . 15.29 29.70 42.60
C7 PX4 ZD . 14.74 30.29 41.30
C8 PX4 ZD . 14.83 31.80 41.49
O5 PX4 ZD . 13.52 32.34 41.76
C9 PX4 ZD . 13.40 33.37 42.61
O6 PX4 ZD . 14.24 33.66 43.47
C10 PX4 ZD . 12.06 34.12 42.65
C11 PX4 ZD . 11.56 34.62 44.00
C12 PX4 ZD . 10.24 35.37 43.81
C13 PX4 ZD . 9.28 34.34 43.20
C14 PX4 ZD . 7.93 35.05 43.04
C15 PX4 ZD . 7.00 34.22 42.16
C16 PX4 ZD . 7.70 34.05 40.81
C17 PX4 ZD . 6.71 33.31 39.89
C18 PX4 ZD . 5.58 34.29 39.59
C19 PX4 ZD . 4.46 33.60 38.81
C20 PX4 ZD . 3.52 34.67 38.28
C21 PX4 ZD . 2.25 33.83 38.10
C22 PX4 ZD . 1.24 34.65 37.30
O7 PX4 ZD . 15.43 29.86 40.13
C23 PX4 ZD . 15.08 28.63 39.66
O8 PX4 ZD . 14.06 28.03 39.99
C24 PX4 ZD . 15.95 28.09 38.53
C25 PX4 ZD . 16.79 26.89 39.00
C26 PX4 ZD . 17.64 26.42 37.82
C27 PX4 ZD . 18.99 27.12 37.99
C28 PX4 ZD . 20.01 26.12 37.44
C29 PX4 ZD . 21.49 26.52 37.48
C30 PX4 ZD . 22.49 25.73 36.64
C31 PX4 ZD . 23.81 26.49 36.43
C32 PX4 ZD . 24.81 25.64 35.65
C33 PX4 ZD . 24.40 25.64 34.18
C34 PX4 ZD . 25.55 24.97 33.40
C35 PX4 ZD . 26.95 25.56 33.62
C36 PX4 ZD . 27.94 24.78 32.76
O1 PX4 AE . 1.14 22.00 51.85
O2 PX4 AE . 3.40 22.05 50.67
P1 PX4 AE . 2.01 22.49 50.76
O3 PX4 AE . 2.02 24.11 50.82
C1 PX4 AE . 2.88 24.59 51.84
C2 PX4 AE . 3.22 26.08 51.81
N1 PX4 AE . 3.71 26.73 50.59
C3 PX4 AE . 4.39 25.85 49.62
C4 PX4 AE . 2.69 27.43 49.80
C5 PX4 AE . 4.58 27.83 51.00
O4 PX4 AE . 1.28 22.19 49.35
C6 PX4 AE . 2.28 22.00 48.34
C7 PX4 AE . 1.77 21.82 46.92
C8 PX4 AE . 0.26 21.92 47.08
O5 PX4 AE . -0.61 21.27 46.14
C9 PX4 AE . -1.90 21.14 46.53
O6 PX4 AE . -2.31 21.96 47.36
C10 PX4 AE . -2.91 20.61 45.50
C11 PX4 AE . -2.31 20.80 44.10
C12 PX4 AE . -3.30 20.02 43.22
C13 PX4 AE . -3.20 20.52 41.77
C14 PX4 AE . -3.45 19.50 40.67
C15 PX4 AE . -3.38 20.21 39.31
C16 PX4 AE . -3.72 19.34 38.11
C17 PX4 AE . -3.48 20.13 36.82
C18 PX4 AE . -3.83 19.34 35.55
C19 PX4 AE . -3.66 20.09 34.23
C20 PX4 AE . -4.35 21.44 34.21
C21 PX4 AE . -4.00 22.29 32.99
C22 PX4 AE . -4.74 21.68 31.79
O7 PX4 AE . 2.39 22.70 45.98
C23 PX4 AE . 3.53 22.10 45.52
O8 PX4 AE . 3.91 20.99 45.89
C24 PX4 AE . 4.27 23.06 44.58
C25 PX4 AE . 3.86 22.70 43.16
C26 PX4 AE . 4.71 23.48 42.16
C27 PX4 AE . 4.20 23.20 40.75
C28 PX4 AE . 4.75 24.26 39.79
C29 PX4 AE . 4.25 24.08 38.35
C30 PX4 AE . 2.80 24.57 38.24
C31 PX4 AE . 2.24 24.24 36.85
C32 PX4 AE . 3.09 24.94 35.77
C33 PX4 AE . 3.80 23.95 34.86
C34 PX4 AE . 4.97 24.73 34.23
C35 PX4 AE . 5.72 23.85 33.22
C36 PX4 AE . 6.90 24.67 32.70
N PHE A 1 16.14 -2.71 -11.60
CA PHE A 1 15.54 -3.31 -10.39
C PHE A 1 14.22 -2.61 -10.04
N ARG A 2 13.12 -3.37 -10.08
CA ARG A 2 11.78 -3.05 -9.63
C ARG A 2 11.59 -3.70 -8.26
N GLU A 3 12.35 -4.75 -7.94
CA GLU A 3 12.48 -5.40 -6.66
C GLU A 3 13.38 -4.51 -5.79
N MET A 4 13.08 -4.46 -4.49
CA MET A 4 13.85 -3.87 -3.42
C MET A 4 15.24 -4.49 -3.33
N PRO A 5 16.26 -3.64 -3.28
CA PRO A 5 17.63 -4.06 -3.05
C PRO A 5 17.78 -4.60 -1.64
N GLY A 6 18.66 -5.61 -1.52
CA GLY A 6 18.99 -6.44 -0.39
C GLY A 6 18.47 -7.83 -0.73
N GLY A 7 17.72 -8.44 0.20
CA GLY A 7 17.02 -9.67 -0.05
C GLY A 7 15.58 -9.57 0.47
N PRO A 8 14.65 -8.95 -0.23
CA PRO A 8 13.34 -8.74 0.38
C PRO A 8 12.43 -9.96 0.39
N VAL A 9 12.32 -10.55 1.60
CA VAL A 9 11.72 -11.83 1.90
C VAL A 9 10.83 -11.64 3.11
N TRP A 10 9.65 -12.28 3.19
CA TRP A 10 8.72 -12.18 4.30
C TRP A 10 8.64 -13.50 5.05
N ARG A 11 8.43 -14.59 4.29
CA ARG A 11 8.37 -15.96 4.75
C ARG A 11 7.05 -16.19 5.45
N LYS A 12 5.94 -15.50 5.18
CA LYS A 12 4.57 -15.87 5.55
C LYS A 12 3.80 -15.96 4.25
N HIS A 13 3.00 -17.02 4.10
CA HIS A 13 2.18 -17.37 2.96
C HIS A 13 0.78 -16.79 3.19
N TYR A 14 0.25 -16.90 4.41
CA TYR A 14 -1.01 -16.35 4.89
C TYR A 14 -0.54 -15.14 5.69
N ILE A 15 -0.79 -13.90 5.27
CA ILE A 15 -0.38 -12.61 5.82
C ILE A 15 -1.71 -11.94 6.13
N THR A 16 -1.82 -11.38 7.34
CA THR A 16 -3.06 -10.80 7.80
C THR A 16 -2.93 -9.33 8.16
N TYR A 17 -4.07 -8.70 8.45
CA TYR A 17 -4.17 -7.27 8.71
C TYR A 17 -5.34 -6.89 9.60
N ARG A 18 -5.21 -5.74 10.26
CA ARG A 18 -6.22 -5.02 11.02
C ARG A 18 -6.02 -3.54 10.82
N ILE A 19 -7.13 -2.80 10.71
CA ILE A 19 -7.17 -1.36 10.55
C ILE A 19 -7.21 -0.86 11.99
N ASN A 20 -6.32 0.07 12.31
CA ASN A 20 -5.96 0.58 13.62
C ASN A 20 -6.96 1.67 13.95
N ASN A 21 -7.24 2.57 13.01
CA ASN A 21 -8.10 3.72 13.19
C ASN A 21 -8.77 4.03 11.87
N TYR A 22 -9.91 4.71 11.99
CA TYR A 22 -10.75 5.10 10.87
C TYR A 22 -10.82 6.62 10.75
N THR A 23 -10.62 7.13 9.54
CA THR A 23 -10.50 8.55 9.31
C THR A 23 -11.79 9.35 9.31
N PRO A 24 -11.78 10.63 9.68
CA PRO A 24 -12.97 11.42 9.51
C PRO A 24 -13.30 11.77 8.06
N ASP A 25 -12.28 11.93 7.21
CA ASP A 25 -12.38 12.31 5.82
C ASP A 25 -13.31 11.51 4.93
N MET A 26 -13.39 10.19 5.14
CA MET A 26 -14.09 9.19 4.35
C MET A 26 -15.19 8.51 5.16
N ASN A 27 -16.02 7.76 4.45
CA ASN A 27 -16.93 6.79 5.03
C ASN A 27 -16.11 5.59 5.51
N ARG A 28 -16.52 4.87 6.54
CA ARG A 28 -15.93 3.69 7.11
C ARG A 28 -15.78 2.51 6.17
N GLU A 29 -16.93 2.18 5.57
CA GLU A 29 -17.00 1.14 4.56
C GLU A 29 -16.07 1.39 3.38
N ASP A 30 -15.88 2.64 2.97
CA ASP A 30 -15.14 3.05 1.79
C ASP A 30 -13.64 2.87 1.98
N VAL A 31 -13.17 3.11 3.21
CA VAL A 31 -11.78 2.80 3.56
C VAL A 31 -11.50 1.30 3.53
N ASP A 32 -12.41 0.47 4.07
CA ASP A 32 -12.24 -0.96 4.10
C ASP A 32 -12.36 -1.57 2.71
N TYR A 33 -13.18 -0.98 1.83
CA TYR A 33 -13.33 -1.20 0.41
C TYR A 33 -12.04 -0.87 -0.30
N ALA A 34 -11.57 0.38 -0.24
CA ALA A 34 -10.39 0.74 -1.00
C ALA A 34 -9.16 -0.08 -0.61
N ILE A 35 -8.98 -0.44 0.66
CA ILE A 35 -7.94 -1.24 1.26
C ILE A 35 -8.04 -2.69 0.80
N ARG A 36 -9.21 -3.27 0.61
CA ARG A 36 -9.41 -4.60 0.03
C ARG A 36 -9.04 -4.55 -1.45
N LYS A 37 -9.41 -3.49 -2.19
CA LYS A 37 -9.18 -3.37 -3.61
C LYS A 37 -7.67 -3.35 -3.85
N ALA A 38 -6.89 -2.78 -2.94
CA ALA A 38 -5.44 -2.89 -3.00
C ALA A 38 -4.86 -4.29 -2.93
N PHE A 39 -5.18 -5.09 -1.91
CA PHE A 39 -4.81 -6.46 -1.69
C PHE A 39 -5.16 -7.40 -2.84
N GLN A 40 -6.31 -7.10 -3.45
CA GLN A 40 -6.84 -7.67 -4.67
C GLN A 40 -6.00 -7.48 -5.91
N VAL A 41 -5.06 -6.52 -5.94
CA VAL A 41 -4.13 -6.37 -7.04
C VAL A 41 -2.83 -7.14 -6.87
N TRP A 42 -2.42 -7.48 -5.65
CA TRP A 42 -1.22 -8.27 -5.44
C TRP A 42 -1.51 -9.75 -5.32
N SER A 43 -2.65 -10.23 -4.81
CA SER A 43 -2.98 -11.63 -4.70
C SER A 43 -3.20 -12.35 -6.03
N ASN A 44 -3.50 -11.57 -7.07
CA ASN A 44 -3.60 -11.93 -8.48
C ASN A 44 -2.24 -12.28 -9.03
N VAL A 45 -1.13 -11.91 -8.39
CA VAL A 45 0.26 -11.99 -8.78
C VAL A 45 1.22 -12.55 -7.72
N THR A 46 0.69 -13.23 -6.70
CA THR A 46 1.43 -13.84 -5.61
C THR A 46 0.76 -15.15 -5.19
N PRO A 47 1.47 -16.15 -4.65
CA PRO A 47 0.83 -17.21 -3.90
C PRO A 47 0.21 -16.87 -2.54
N LEU A 48 0.33 -15.64 -2.04
CA LEU A 48 -0.01 -15.17 -0.71
C LEU A 48 -1.51 -15.05 -0.52
N LYS A 49 -1.99 -15.10 0.73
CA LYS A 49 -3.40 -14.94 1.03
C LYS A 49 -3.53 -13.81 2.04
N PHE A 50 -4.37 -12.84 1.70
CA PHE A 50 -4.68 -11.73 2.58
C PHE A 50 -6.12 -11.85 3.03
N SER A 51 -6.30 -11.84 4.35
CA SER A 51 -7.57 -11.93 5.04
C SER A 51 -7.50 -10.98 6.21
N LYS A 52 -8.63 -10.43 6.67
CA LYS A 52 -8.71 -9.57 7.84
C LYS A 52 -8.86 -10.40 9.10
N ILE A 53 -8.40 -10.05 10.31
CA ILE A 53 -8.62 -10.80 11.53
C ILE A 53 -9.24 -9.93 12.60
N ASN A 54 -10.13 -10.46 13.45
CA ASN A 54 -10.82 -9.85 14.57
C ASN A 54 -9.92 -9.70 15.80
N THR A 55 -8.86 -10.48 15.96
CA THR A 55 -8.08 -10.75 17.16
C THR A 55 -6.76 -11.35 16.72
N GLY A 56 -5.62 -10.93 17.27
CA GLY A 56 -4.27 -11.30 16.86
C GLY A 56 -3.56 -10.06 16.37
N MET A 57 -2.33 -10.27 15.91
CA MET A 57 -1.47 -9.20 15.44
C MET A 57 -1.54 -9.02 13.93
N ALA A 58 -1.58 -7.74 13.54
CA ALA A 58 -1.67 -7.42 12.13
C ALA A 58 -0.27 -7.46 11.52
N ASP A 59 -0.02 -8.26 10.49
CA ASP A 59 1.19 -8.18 9.68
C ASP A 59 1.35 -6.87 8.93
N ILE A 60 0.27 -6.51 8.22
CA ILE A 60 0.17 -5.15 7.73
C ILE A 60 -0.61 -4.34 8.77
N LEU A 61 0.08 -3.49 9.56
CA LEU A 61 -0.67 -2.45 10.23
C LEU A 61 -1.12 -1.33 9.30
N VAL A 62 -2.39 -0.92 9.32
CA VAL A 62 -3.11 -0.01 8.45
C VAL A 62 -3.62 1.05 9.39
N VAL A 63 -2.95 2.19 9.29
CA VAL A 63 -3.00 3.25 10.29
C VAL A 63 -2.93 4.66 9.72
N PHE A 64 -3.72 5.59 10.23
CA PHE A 64 -3.87 6.94 9.71
C PHE A 64 -3.40 7.89 10.78
N ALA A 65 -2.25 8.56 10.63
CA ALA A 65 -1.46 9.28 11.62
C ALA A 65 -1.19 10.68 11.10
N ARG A 66 -0.85 11.64 11.98
CA ARG A 66 -0.57 13.00 11.62
C ARG A 66 0.61 13.60 12.38
N GLY A 67 1.65 14.07 11.68
CA GLY A 67 2.75 14.84 12.23
C GLY A 67 4.05 14.06 12.41
N ALA A 68 4.83 14.50 13.38
CA ALA A 68 5.75 13.65 14.13
C ALA A 68 4.89 12.81 15.06
N HIS A 69 4.61 11.54 14.73
CA HIS A 69 3.57 10.66 15.16
C HIS A 69 4.06 9.50 16.01
N GLY A 70 5.38 9.42 16.08
CA GLY A 70 6.17 8.29 16.53
C GLY A 70 6.90 7.64 15.37
N ASP A 71 8.02 6.91 15.48
CA ASP A 71 8.77 6.23 14.44
C ASP A 71 9.77 7.18 13.81
N PHE A 72 9.84 8.46 14.18
CA PHE A 72 10.74 9.55 13.89
C PHE A 72 10.77 10.09 12.46
N HIS A 73 10.07 9.45 11.52
CA HIS A 73 10.11 9.86 10.12
C HIS A 73 9.48 11.23 9.90
N ALA A 74 8.40 11.53 10.62
CA ALA A 74 7.59 12.73 10.56
C ALA A 74 6.85 12.88 9.24
N PHE A 75 5.54 13.14 9.35
CA PHE A 75 4.62 13.58 8.31
C PHE A 75 4.41 15.07 8.35
N ASP A 76 4.46 15.57 7.11
CA ASP A 76 4.75 16.92 6.64
C ASP A 76 3.50 17.78 6.81
N GLY A 77 2.28 17.32 6.58
CA GLY A 77 1.00 18.01 6.55
C GLY A 77 0.24 17.68 5.27
N LYS A 78 -0.53 18.66 4.77
CA LYS A 78 -1.27 18.33 3.57
C LYS A 78 -0.38 18.61 2.37
N GLY A 79 -0.11 17.59 1.54
CA GLY A 79 0.85 17.76 0.47
C GLY A 79 1.95 16.70 0.53
N GLY A 80 2.79 16.49 -0.48
CA GLY A 80 4.06 15.79 -0.44
C GLY A 80 3.96 14.30 -0.14
N ILE A 81 4.40 13.95 1.07
CA ILE A 81 4.39 12.60 1.59
C ILE A 81 2.93 12.31 1.94
N LEU A 82 2.34 11.27 1.35
CA LEU A 82 1.00 10.78 1.55
C LEU A 82 1.12 9.61 2.54
N ALA A 83 2.15 8.75 2.48
CA ALA A 83 2.23 7.44 3.08
C ALA A 83 3.69 7.07 3.32
N HIS A 84 4.02 6.70 4.56
CA HIS A 84 5.28 6.07 4.92
C HIS A 84 5.13 4.55 4.80
N ALA A 85 5.64 3.99 3.70
CA ALA A 85 5.68 2.57 3.35
C ALA A 85 6.97 1.98 3.89
N PHE A 86 6.92 0.73 4.36
CA PHE A 86 8.04 0.01 4.92
C PHE A 86 8.47 -1.10 3.96
N GLY A 87 9.00 -2.26 4.38
CA GLY A 87 9.32 -3.44 3.59
C GLY A 87 8.71 -4.70 4.19
N PRO A 88 9.04 -5.88 3.67
CA PRO A 88 8.69 -7.15 4.27
C PRO A 88 9.61 -7.42 5.46
N GLY A 89 9.06 -8.09 6.47
CA GLY A 89 9.60 -8.34 7.79
C GLY A 89 8.57 -8.27 8.92
N SER A 90 8.83 -8.95 10.03
CA SER A 90 7.96 -9.00 11.19
C SER A 90 8.18 -7.76 12.04
N GLY A 91 7.10 -7.30 12.66
CA GLY A 91 7.21 -6.22 13.63
C GLY A 91 6.88 -4.91 12.92
N ILE A 92 7.74 -3.91 13.11
CA ILE A 92 7.55 -2.70 12.32
C ILE A 92 8.24 -2.91 10.97
N GLY A 93 7.36 -3.01 9.98
CA GLY A 93 7.70 -3.56 8.68
C GLY A 93 6.46 -4.36 8.34
N GLY A 94 6.20 -4.55 7.05
CA GLY A 94 5.04 -5.19 6.44
C GLY A 94 3.86 -4.26 6.39
N ASP A 95 3.94 -3.14 7.11
CA ASP A 95 2.95 -2.14 7.47
C ASP A 95 2.81 -0.99 6.50
N ALA A 96 1.67 -0.29 6.48
CA ALA A 96 1.48 0.89 5.69
C ALA A 96 0.71 1.96 6.47
N HIS A 97 1.39 3.06 6.81
CA HIS A 97 0.95 4.18 7.61
C HIS A 97 0.70 5.32 6.65
N PHE A 98 -0.44 5.98 6.83
CA PHE A 98 -1.05 6.99 5.98
C PHE A 98 -1.01 8.37 6.63
N ASP A 99 -0.88 9.50 5.95
CA ASP A 99 -0.87 10.82 6.57
C ASP A 99 -2.33 11.26 6.61
N GLU A 100 -2.83 11.43 7.84
CA GLU A 100 -4.16 11.90 8.12
C GLU A 100 -4.24 13.39 7.82
N ASP A 101 -3.19 14.19 7.78
CA ASP A 101 -3.37 15.60 7.48
C ASP A 101 -3.76 15.97 6.05
N GLU A 102 -3.66 15.02 5.11
CA GLU A 102 -4.33 15.04 3.84
C GLU A 102 -5.84 14.97 3.91
N PHE A 103 -6.62 15.31 2.87
CA PHE A 103 -8.06 15.17 2.78
C PHE A 103 -8.20 14.01 1.80
N TRP A 104 -8.49 12.81 2.31
CA TRP A 104 -8.56 11.61 1.52
C TRP A 104 -9.94 11.52 0.89
N THR A 105 -10.00 11.07 -0.37
CA THR A 105 -11.18 11.18 -1.20
C THR A 105 -11.53 9.90 -1.97
N THR A 106 -12.58 9.91 -2.81
CA THR A 106 -12.81 8.93 -3.86
C THR A 106 -13.13 9.69 -5.15
N HIS A 107 -12.67 10.94 -5.27
CA HIS A 107 -12.92 11.82 -6.40
C HIS A 107 -11.76 11.60 -7.36
N SER A 108 -11.96 11.66 -8.68
CA SER A 108 -10.92 11.69 -9.69
C SER A 108 -9.82 12.74 -9.54
N GLY A 109 -9.96 13.85 -8.83
CA GLY A 109 -9.04 14.97 -8.87
C GLY A 109 -8.44 15.25 -7.49
N GLY A 110 -8.64 14.52 -6.41
CA GLY A 110 -8.06 14.74 -5.10
C GLY A 110 -7.10 13.61 -4.77
N THR A 111 -6.79 13.55 -3.47
CA THR A 111 -5.93 12.60 -2.81
C THR A 111 -6.66 11.27 -2.67
N ASN A 112 -6.20 10.27 -3.40
CA ASN A 112 -6.86 8.98 -3.50
C ASN A 112 -6.14 7.92 -2.67
N LEU A 113 -6.83 7.30 -1.73
CA LEU A 113 -6.32 6.27 -0.84
C LEU A 113 -5.99 5.01 -1.62
N PHE A 114 -6.70 4.64 -2.69
CA PHE A 114 -6.53 3.36 -3.36
C PHE A 114 -5.16 3.32 -4.00
N LEU A 115 -4.85 4.36 -4.79
CA LEU A 115 -3.69 4.43 -5.66
C LEU A 115 -2.41 4.70 -4.89
N THR A 116 -2.52 5.26 -3.68
CA THR A 116 -1.51 5.33 -2.64
C THR A 116 -1.42 3.99 -1.96
N ALA A 117 -2.48 3.21 -1.72
CA ALA A 117 -2.42 2.03 -0.89
C ALA A 117 -1.68 0.86 -1.49
N VAL A 118 -2.11 0.55 -2.71
CA VAL A 118 -1.63 -0.48 -3.61
C VAL A 118 -0.11 -0.57 -3.68
N HIS A 119 0.57 0.54 -3.97
CA HIS A 119 1.99 0.57 -4.20
C HIS A 119 2.60 0.62 -2.82
N ALA A 120 1.99 1.31 -1.83
CA ALA A 120 2.57 1.34 -0.52
C ALA A 120 2.61 -0.04 0.12
N ILE A 121 1.53 -0.82 -0.04
CA ILE A 121 1.45 -2.24 0.25
C ILE A 121 2.50 -3.03 -0.50
N GLY A 122 2.87 -2.63 -1.72
CA GLY A 122 3.76 -3.26 -2.67
C GLY A 122 5.23 -2.91 -2.43
N HIS A 123 5.43 -1.74 -1.84
CA HIS A 123 6.65 -1.20 -1.25
C HIS A 123 7.07 -2.08 -0.10
N SER A 124 6.07 -2.25 0.78
CA SER A 124 5.98 -3.17 1.90
C SER A 124 5.99 -4.65 1.55
N LEU A 125 5.77 -5.04 0.30
CA LEU A 125 5.86 -6.42 -0.14
C LEU A 125 7.24 -6.73 -0.68
N GLY A 126 8.00 -5.65 -0.96
CA GLY A 126 9.42 -5.71 -1.20
C GLY A 126 9.74 -5.24 -2.61
N LEU A 127 9.07 -4.17 -3.05
CA LEU A 127 9.25 -3.68 -4.40
C LEU A 127 9.61 -2.22 -4.20
N GLY A 128 9.94 -1.57 -5.32
CA GLY A 128 10.33 -0.20 -5.62
C GLY A 128 9.45 0.35 -6.73
N HIS A 129 10.06 0.90 -7.78
CA HIS A 129 9.41 1.51 -8.93
C HIS A 129 9.66 0.73 -10.22
N SER A 130 8.78 0.80 -11.23
CA SER A 130 9.01 0.58 -12.64
C SER A 130 9.66 1.83 -13.22
N SER A 131 10.17 1.75 -14.45
CA SER A 131 10.59 2.91 -15.23
C SER A 131 10.02 2.85 -16.63
N ASP A 132 8.88 2.22 -16.90
CA ASP A 132 8.06 2.20 -18.10
C ASP A 132 6.94 3.21 -17.85
N PRO A 133 6.69 4.26 -18.61
CA PRO A 133 5.71 5.31 -18.34
C PRO A 133 4.26 4.86 -18.23
N LYS A 134 3.85 3.65 -18.59
CA LYS A 134 2.49 3.15 -18.60
C LYS A 134 2.18 2.26 -17.41
N ALA A 135 3.22 1.92 -16.65
CA ALA A 135 3.19 1.09 -15.46
C ALA A 135 2.52 1.78 -14.28
N VAL A 136 1.94 1.02 -13.35
CA VAL A 136 1.43 1.48 -12.06
C VAL A 136 2.56 1.86 -11.10
N MET A 137 3.64 1.07 -11.01
CA MET A 137 4.78 1.41 -10.19
C MET A 137 5.69 2.49 -10.75
N PHE A 138 5.22 3.29 -11.71
CA PHE A 138 5.95 4.38 -12.33
C PHE A 138 5.89 5.59 -11.39
N PRO A 139 7.01 6.24 -11.06
CA PRO A 139 7.16 7.38 -10.17
C PRO A 139 6.23 8.58 -10.35
N THR A 140 5.97 9.08 -11.56
CA THR A 140 5.08 10.20 -11.78
C THR A 140 3.65 9.70 -11.68
N TYR A 141 2.81 10.56 -11.09
CA TYR A 141 1.44 10.25 -10.70
C TYR A 141 0.52 10.27 -11.92
N LYS A 142 -0.46 9.35 -11.92
CA LYS A 142 -1.60 9.34 -12.81
C LYS A 142 -2.80 8.97 -11.95
N TYR A 143 -4.00 9.47 -12.21
CA TYR A 143 -5.29 8.89 -11.90
C TYR A 143 -5.62 7.71 -12.80
N VAL A 144 -5.85 6.51 -12.25
CA VAL A 144 -6.60 5.48 -12.96
C VAL A 144 -7.83 5.21 -12.11
N ASP A 145 -8.91 4.91 -12.82
CA ASP A 145 -10.18 4.37 -12.37
C ASP A 145 -10.18 2.96 -11.79
N ILE A 146 -10.84 2.78 -10.66
CA ILE A 146 -10.91 1.62 -9.80
C ILE A 146 -11.66 0.48 -10.48
N ASN A 147 -12.62 0.69 -11.38
CA ASN A 147 -13.32 -0.34 -12.11
C ASN A 147 -12.63 -0.81 -13.38
N THR A 148 -11.78 0.04 -13.95
CA THR A 148 -11.02 -0.22 -15.17
C THR A 148 -9.52 -0.25 -14.97
N PHE A 149 -9.04 -0.61 -13.77
CA PHE A 149 -7.65 -0.70 -13.36
C PHE A 149 -7.18 -2.09 -13.77
N ARG A 150 -5.93 -2.07 -14.20
CA ARG A 150 -5.01 -3.15 -14.51
C ARG A 150 -3.62 -2.69 -14.12
N LEU A 151 -2.75 -3.64 -13.71
CA LEU A 151 -1.32 -3.44 -13.74
C LEU A 151 -0.77 -3.66 -15.14
N SER A 152 0.35 -3.03 -15.49
CA SER A 152 0.98 -3.19 -16.79
C SER A 152 1.92 -4.40 -16.77
N ALA A 153 2.44 -4.90 -17.89
CA ALA A 153 3.31 -6.05 -17.97
C ALA A 153 4.59 -5.85 -17.16
N ASP A 154 5.11 -4.63 -17.08
CA ASP A 154 6.28 -4.32 -16.27
C ASP A 154 6.18 -4.53 -14.78
N ASP A 155 5.00 -4.23 -14.23
CA ASP A 155 4.62 -4.37 -12.83
C ASP A 155 4.55 -5.86 -12.52
N ILE A 156 3.85 -6.64 -13.35
CA ILE A 156 3.67 -8.07 -13.39
C ILE A 156 5.05 -8.72 -13.37
N ARG A 157 6.00 -8.30 -14.21
CA ARG A 157 7.36 -8.82 -14.24
C ARG A 157 8.20 -8.56 -13.00
N GLY A 158 7.79 -7.52 -12.26
CA GLY A 158 8.61 -7.07 -11.14
C GLY A 158 8.39 -7.92 -9.90
N ILE A 159 7.12 -8.16 -9.57
CA ILE A 159 6.69 -8.98 -8.48
C ILE A 159 6.89 -10.47 -8.75
N GLN A 160 6.80 -10.93 -10.00
CA GLN A 160 7.23 -12.22 -10.49
C GLN A 160 8.70 -12.50 -10.16
N SER A 161 9.60 -11.57 -9.87
CA SER A 161 10.99 -11.79 -9.49
C SER A 161 11.05 -12.13 -8.00
N LEU A 162 9.97 -12.21 -7.21
CA LEU A 162 9.92 -12.40 -5.78
C LEU A 162 8.90 -13.48 -5.45
N TYR A 163 7.86 -13.55 -6.29
CA TYR A 163 6.64 -14.31 -6.06
C TYR A 163 6.03 -15.00 -7.27
N GLY A 164 6.87 -15.33 -8.26
CA GLY A 164 6.60 -16.20 -9.39
C GLY A 164 7.74 -17.22 -9.48
ZN ZN B . 3.63 5.07 -6.67
ZN ZN C . 6.44 7.17 10.25
CA CA D . 1.61 15.10 3.72
CA CA E . 3.97 -5.25 10.77
CA CA F . -7.57 14.00 6.93
O1 PX4 G . 1.66 21.58 21.46
O2 PX4 G . 2.21 24.08 21.67
P1 PX4 G . 2.54 22.73 21.14
O3 PX4 G . 2.80 22.97 19.57
C1 PX4 G . 1.51 23.43 19.17
C2 PX4 G . 1.42 23.90 17.71
N1 PX4 G . 2.14 25.10 17.26
C3 PX4 G . 1.53 25.40 15.96
C4 PX4 G . 1.96 26.19 18.23
C5 PX4 G . 3.57 24.82 17.13
O4 PX4 G . 4.08 22.39 21.41
C6 PX4 G . 4.06 21.83 22.73
C7 PX4 G . 5.51 21.56 23.15
C8 PX4 G . 5.99 22.94 23.61
O5 PX4 G . 4.97 23.79 24.16
C9 PX4 G . 5.38 25.06 24.40
O6 PX4 G . 6.58 25.34 24.36
C10 PX4 G . 4.33 26.03 24.91
C11 PX4 G . 4.65 26.63 26.29
C12 PX4 G . 3.53 27.59 26.66
C13 PX4 G . 4.07 28.68 27.61
C14 PX4 G . 5.15 29.47 26.86
C15 PX4 G . 5.76 30.50 27.81
C16 PX4 G . 6.78 29.97 28.81
C17 PX4 G . 7.38 31.12 29.64
C18 PX4 G . 8.30 30.53 30.71
C19 PX4 G . 9.40 29.65 30.10
C20 PX4 G . 10.19 28.88 31.16
C21 PX4 G . 11.35 28.19 30.44
C22 PX4 G . 12.27 29.17 29.71
O7 PX4 G . 5.84 20.41 23.92
C23 PX4 G . 5.91 19.17 23.37
O8 PX4 G . 6.12 19.07 22.16
C24 PX4 G . 6.29 17.98 24.26
C25 PX4 G . 5.25 17.60 25.32
C26 PX4 G . 5.77 16.69 26.43
C27 PX4 G . 4.71 16.69 27.54
C28 PX4 G . 3.32 16.37 26.96
C29 PX4 G . 2.31 16.37 28.10
C30 PX4 G . 0.98 16.33 27.35
C31 PX4 G . -0.17 16.53 28.35
C32 PX4 G . -1.50 16.75 27.63
C33 PX4 G . -2.47 17.32 28.66
C34 PX4 G . -3.84 16.90 28.10
C35 PX4 G . -4.96 17.25 29.07
C36 PX4 G . -6.31 17.24 28.34
O1 PX4 H . 9.87 12.12 16.47
O2 PX4 H . 7.79 10.99 15.55
P1 PX4 H . 8.80 11.10 16.62
O3 PX4 H . 8.06 11.53 17.98
C1 PX4 H . 7.17 12.66 17.98
C2 PX4 H . 6.46 12.84 19.32
N1 PX4 H . 5.48 11.84 19.75
C3 PX4 H . 4.35 11.73 18.82
C4 PX4 H . 6.10 10.50 19.84
C5 PX4 H . 5.04 12.14 21.12
O4 PX4 H . 9.39 9.67 17.07
C6 PX4 H . 9.71 9.64 18.47
C7 PX4 H . 10.06 8.21 18.86
C8 PX4 H . 11.48 8.22 19.44
O5 PX4 H . 11.59 9.14 20.52
C9 PX4 H . 12.86 9.37 20.94
O6 PX4 H . 13.76 8.60 20.61
C10 PX4 H . 12.91 10.15 22.26
C11 PX4 H . 14.19 10.92 22.58
C12 PX4 H . 14.09 11.40 24.03
C13 PX4 H . 13.81 10.23 24.95
C14 PX4 H . 13.39 10.76 26.32
C15 PX4 H . 14.53 11.52 27.00
C16 PX4 H . 14.31 11.89 28.45
C17 PX4 H . 15.39 12.69 29.18
C18 PX4 H . 14.81 13.18 30.52
C19 PX4 H . 15.66 14.14 31.36
C20 PX4 H . 16.77 13.30 31.99
C21 PX4 H . 17.71 14.26 32.73
C22 PX4 H . 18.80 13.51 33.50
O7 PX4 H . 9.10 7.52 19.67
C23 PX4 H . 8.93 6.23 19.26
O8 PX4 H . 9.23 5.86 18.14
C24 PX4 H . 8.30 5.30 20.29
C25 PX4 H . 8.60 3.83 20.04
C26 PX4 H . 8.03 3.04 21.20
C27 PX4 H . 8.49 1.58 21.09
C28 PX4 H . 10.00 1.46 21.29
C29 PX4 H . 10.55 0.03 21.29
C30 PX4 H . 11.98 0.10 21.87
C31 PX4 H . 12.61 -1.26 22.13
C32 PX4 H . 13.94 -1.14 22.87
C33 PX4 H . 14.64 -2.50 22.96
C34 PX4 H . 13.94 -3.29 24.06
C35 PX4 H . 14.20 -4.80 24.14
C36 PX4 H . 15.67 -4.91 24.55
O1 PX4 I . 20.84 0.76 19.14
O2 PX4 I . 19.95 2.30 17.27
P1 PX4 I . 20.83 2.06 18.44
O3 PX4 I . 22.28 1.84 17.77
C1 PX4 I . 22.28 0.94 16.67
C2 PX4 I . 23.69 0.40 16.42
N1 PX4 I . 24.29 -0.41 17.48
C3 PX4 I . 24.83 0.47 18.52
C4 PX4 I . 23.44 -1.38 18.22
C5 PX4 I . 25.41 -1.16 16.91
O4 PX4 I . 21.36 3.30 19.32
C6 PX4 I . 22.18 2.63 20.30
C7 PX4 I . 23.22 3.69 20.74
C8 PX4 I . 22.74 4.35 22.03
O5 PX4 I . 21.99 3.54 22.94
C9 PX4 I . 21.37 4.32 23.87
O6 PX4 I . 21.39 5.53 23.64
C10 PX4 I . 20.52 3.70 24.97
C11 PX4 I . 21.19 2.80 26.02
C12 PX4 I . 20.14 2.19 26.93
C13 PX4 I . 20.91 1.53 28.09
C14 PX4 I . 21.83 2.52 28.78
C15 PX4 I . 22.74 1.70 29.71
C16 PX4 I . 23.92 2.54 30.17
C17 PX4 I . 24.78 1.69 31.12
C18 PX4 I . 25.88 2.58 31.74
C19 PX4 I . 26.91 1.82 32.58
C20 PX4 I . 26.25 1.19 33.80
C21 PX4 I . 26.10 2.13 35.00
C22 PX4 I . 25.40 1.33 36.09
O7 PX4 I . 24.52 3.10 20.77
C23 PX4 I . 25.62 3.89 20.89
O8 PX4 I . 25.54 5.09 21.10
C24 PX4 I . 26.98 3.18 20.78
C25 PX4 I . 27.98 3.53 21.87
C26 PX4 I . 29.23 2.64 21.69
C27 PX4 I . 30.21 2.90 22.84
C28 PX4 I . 29.73 2.36 24.19
C29 PX4 I . 30.81 2.25 25.27
C30 PX4 I . 30.10 2.13 26.61
C31 PX4 I . 31.10 2.45 27.72
C32 PX4 I . 30.24 2.45 28.99
C33 PX4 I . 30.97 2.47 30.35
C34 PX4 I . 31.74 3.80 30.30
C35 PX4 I . 32.46 4.07 31.61
C36 PX4 I . 32.99 5.51 31.73
O1 PX4 J . 31.76 13.69 11.88
O2 PX4 J . 34.00 14.73 11.13
P1 PX4 J . 33.24 13.74 11.92
O3 PX4 J . 33.75 12.27 11.51
C1 PX4 J . 35.17 12.24 11.63
C2 PX4 J . 35.70 10.81 11.74
N1 PX4 J . 35.29 9.90 12.82
C3 PX4 J . 33.97 9.31 12.60
C4 PX4 J . 36.34 8.88 12.82
C5 PX4 J . 35.30 10.48 14.17
O4 PX4 J . 33.85 13.68 13.41
C6 PX4 J . 32.91 13.97 14.45
C7 PX4 J . 33.45 13.89 15.87
C8 PX4 J . 34.97 14.10 15.83
O5 PX4 J . 35.75 13.02 16.35
C9 PX4 J . 37.01 13.48 16.62
O6 PX4 J . 37.50 14.43 16.03
C10 PX4 J . 37.81 12.48 17.45
C11 PX4 J . 37.69 11.07 16.86
C12 PX4 J . 38.71 10.08 17.39
C13 PX4 J . 38.50 10.02 18.90
C14 PX4 J . 39.46 9.10 19.66
C15 PX4 J . 38.95 9.15 21.11
C16 PX4 J . 37.60 8.46 21.32
C17 PX4 J . 37.13 8.60 22.77
C18 PX4 J . 35.68 8.16 23.00
C19 PX4 J . 35.23 8.16 24.45
C20 PX4 J . 33.82 7.66 24.78
C21 PX4 J . 33.58 6.24 24.29
C22 PX4 J . 32.08 6.13 24.48
O7 PX4 J . 32.89 14.65 16.94
C23 PX4 J . 31.63 14.47 17.41
O8 PX4 J . 30.84 13.71 16.84
C24 PX4 J . 31.27 15.42 18.57
C25 PX4 J . 30.28 16.47 18.03
C26 PX4 J . 28.89 15.97 18.40
C27 PX4 J . 28.77 16.18 19.91
C28 PX4 J . 28.93 17.60 20.44
C29 PX4 J . 29.06 17.40 21.94
C30 PX4 J . 29.32 18.77 22.61
C31 PX4 J . 29.35 18.81 24.14
C32 PX4 J . 29.49 20.23 24.69
C33 PX4 J . 30.21 20.34 26.04
C34 PX4 J . 30.34 21.86 26.21
C35 PX4 J . 31.30 22.37 27.29
C36 PX4 J . 31.27 23.90 27.40
O1 PX4 K . 27.00 -11.07 16.76
O2 PX4 K . 24.73 -10.29 17.59
P1 PX4 K . 26.16 -10.00 17.34
O3 PX4 K . 26.26 -8.94 16.12
C1 PX4 K . 25.56 -9.53 15.02
C2 PX4 K . 25.17 -8.44 14.03
N1 PX4 K . 26.15 -7.71 13.18
C3 PX4 K . 27.19 -8.64 12.73
C4 PX4 K . 25.53 -7.22 11.95
C5 PX4 K . 26.86 -6.65 13.91
O4 PX4 K . 26.84 -9.21 18.57
C6 PX4 K . 25.77 -8.67 19.33
C7 PX4 K . 26.33 -7.92 20.55
C8 PX4 K . 27.67 -8.56 20.92
O5 PX4 K . 27.46 -9.53 21.95
C9 PX4 K . 28.58 -10.19 22.34
O6 PX4 K . 29.67 -9.98 21.81
C10 PX4 K . 28.40 -11.13 23.54
C11 PX4 K . 28.01 -10.21 24.70
C12 PX4 K . 27.89 -11.04 25.99
C13 PX4 K . 27.86 -10.03 27.14
C14 PX4 K . 26.47 -9.53 27.51
C15 PX4 K . 26.37 -8.49 28.62
C16 PX4 K . 24.87 -8.31 28.88
C17 PX4 K . 24.64 -7.17 29.87
C18 PX4 K . 23.14 -6.88 29.79
C19 PX4 K . 22.84 -5.64 30.65
C20 PX4 K . 21.33 -5.48 30.81
C21 PX4 K . 20.76 -4.63 31.95
C22 PX4 K . 19.29 -4.46 31.62
O7 PX4 K . 26.33 -6.50 20.46
C23 PX4 K . 25.14 -5.89 20.77
O8 PX4 K . 24.10 -6.48 20.50
C24 PX4 K . 25.29 -4.45 21.23
C25 PX4 K . 23.98 -3.85 21.78
C26 PX4 K . 24.36 -2.51 22.41
C27 PX4 K . 23.14 -1.61 22.30
C28 PX4 K . 23.30 -0.33 23.15
C29 PX4 K . 23.88 -0.83 24.47
C30 PX4 K . 23.88 0.17 25.64
C31 PX4 K . 25.16 0.99 25.55
C32 PX4 K . 24.90 2.42 25.08
C33 PX4 K . 26.21 3.22 25.12
C34 PX4 K . 26.03 4.69 24.76
C35 PX4 K . 27.42 5.29 24.95
C36 PX4 K . 27.54 6.78 24.63
O1 PX4 L . 29.09 2.65 15.07
O2 PX4 L . 26.62 1.95 15.14
P1 PX4 L . 27.92 2.16 15.83
O3 PX4 L . 27.50 3.14 17.03
C1 PX4 L . 27.37 4.48 16.55
C2 PX4 L . 27.18 5.46 17.72
N1 PX4 L . 27.06 6.85 17.29
C3 PX4 L . 26.97 7.66 18.52
C4 PX4 L . 28.26 7.28 16.57
C5 PX4 L . 25.87 7.12 16.46
O4 PX4 L . 28.23 0.90 16.78
C6 PX4 L . 28.46 1.00 18.19
C7 PX4 L . 28.77 -0.39 18.73
C8 PX4 L . 30.30 -0.47 18.74
O5 PX4 L . 30.93 0.63 19.41
C9 PX4 L . 32.16 0.25 19.83
O6 PX4 L . 32.41 -0.95 19.89
C10 PX4 L . 32.78 1.11 20.93
C11 PX4 L . 33.76 0.41 21.87
C12 PX4 L . 34.30 1.25 23.03
C13 PX4 L . 35.27 0.43 23.88
C14 PX4 L . 36.13 1.30 24.80
C15 PX4 L . 36.92 0.41 25.79
C16 PX4 L . 38.20 1.06 26.30
C17 PX4 L . 39.24 1.04 25.18
C18 PX4 L . 39.53 -0.41 24.77
C19 PX4 L . 40.48 -0.25 23.59
C20 PX4 L . 39.66 -0.05 22.32
C21 PX4 L . 40.61 0.44 21.21
C22 PX4 L . 40.25 -0.14 19.85
O7 PX4 L . 28.05 -0.54 19.96
C23 PX4 L . 28.20 -1.69 20.65
O8 PX4 L . 28.46 -2.75 20.07
C24 PX4 L . 28.07 -1.63 22.18
C25 PX4 L . 29.42 -1.29 22.81
C26 PX4 L . 30.33 -2.53 22.73
C27 PX4 L . 31.67 -2.20 23.37
C28 PX4 L . 31.35 -1.91 24.84
C29 PX4 L . 32.65 -1.57 25.56
C30 PX4 L . 32.39 -1.15 27.02
C31 PX4 L . 33.71 -0.66 27.65
C32 PX4 L . 33.52 -0.38 29.13
C33 PX4 L . 34.82 -0.10 29.87
C34 PX4 L . 34.65 0.08 31.39
C35 PX4 L . 35.92 0.59 32.07
C36 PX4 L . 35.82 0.82 33.59
O1 PX4 M . -17.67 25.89 18.93
O2 PX4 M . -20.13 25.97 19.70
P1 PX4 M . -18.81 26.61 19.50
O3 PX4 M . -19.17 27.80 18.49
C1 PX4 M . -19.53 27.40 17.16
C2 PX4 M . -19.61 28.59 16.19
N1 PX4 M . -20.75 29.49 16.24
C3 PX4 M . -22.06 28.83 16.15
C4 PX4 M . -20.69 30.28 17.49
C5 PX4 M . -20.70 30.49 15.15
O4 PX4 M . -18.51 27.64 20.70
C6 PX4 M . -19.74 28.24 21.13
C7 PX4 M . -19.47 29.40 22.11
C8 PX4 M . -18.22 29.06 22.90
O5 PX4 M . -18.39 29.01 24.31
C9 PX4 M . -17.28 28.72 25.05
O6 PX4 M . -16.27 28.27 24.51
C10 PX4 M . -17.54 28.77 26.56
C11 PX4 M . -17.91 27.45 27.23
C12 PX4 M . -18.17 27.75 28.71
C13 PX4 M . -18.81 26.52 29.37
C14 PX4 M . -18.24 25.14 29.06
C15 PX4 M . -17.04 24.75 29.92
C16 PX4 M . -16.20 23.57 29.45
C17 PX4 M . -15.41 22.92 30.60
C18 PX4 M . -16.22 22.25 31.71
C19 PX4 M . -15.29 21.65 32.75
C20 PX4 M . -15.91 20.75 33.82
C21 PX4 M . -17.01 21.30 34.71
C22 PX4 M . -17.68 20.14 35.44
O7 PX4 M . -19.44 30.70 21.53
C23 PX4 M . -20.57 31.44 21.31
O8 PX4 M . -21.64 30.87 21.12
C24 PX4 M . -20.28 32.93 21.10
C25 PX4 M . -21.25 33.84 21.86
C26 PX4 M . -21.09 35.17 21.14
C27 PX4 M . -22.05 36.18 21.80
C28 PX4 M . -21.55 36.18 23.23
C29 PX4 M . -22.36 37.03 24.22
C30 PX4 M . -21.84 37.10 25.64
C31 PX4 M . -22.86 37.94 26.42
C32 PX4 M . -22.98 39.30 25.73
C33 PX4 M . -23.78 40.19 26.70
C34 PX4 M . -23.93 41.67 26.33
C35 PX4 M . -24.79 42.46 27.31
C36 PX4 M . -25.19 43.82 26.75
O1 PX4 N . -3.26 28.83 16.79
O2 PX4 N . -4.65 26.66 16.49
P1 PX4 N . -4.47 28.03 17.04
O3 PX4 N . -5.68 28.88 16.40
C1 PX4 N . -5.25 29.24 15.08
C2 PX4 N . -5.91 30.52 14.57
N1 PX4 N . -7.36 30.56 14.34
C3 PX4 N . -7.65 31.75 13.51
C4 PX4 N . -7.86 29.37 13.61
C5 PX4 N . -8.10 30.76 15.58
O4 PX4 N . -4.70 28.30 18.61
C6 PX4 N . -4.42 29.67 18.90
C7 PX4 N . -4.59 30.07 20.37
C8 PX4 N . -5.35 28.93 21.03
O5 PX4 N . -6.68 29.23 21.46
C9 PX4 N . -7.66 28.31 21.34
O6 PX4 N . -7.43 27.17 20.95
C10 PX4 N . -8.99 28.79 21.96
C11 PX4 N . -9.35 27.80 23.06
C12 PX4 N . -8.50 27.95 24.31
C13 PX4 N . -9.00 27.00 25.42
C14 PX4 N . -8.06 27.10 26.61
C15 PX4 N . -8.61 26.04 27.56
C16 PX4 N . -7.84 25.92 28.88
C17 PX4 N . -8.31 24.80 29.81
C18 PX4 N . -7.68 24.99 31.19
C19 PX4 N . -7.98 23.86 32.17
C20 PX4 N . -9.49 23.58 32.16
C21 PX4 N . -9.87 22.48 33.16
C22 PX4 N . -11.38 22.26 33.02
O7 PX4 N . -3.26 30.30 20.85
C23 PX4 N . -2.68 31.52 20.61
O8 PX4 N . -3.07 32.20 19.67
C24 PX4 N . -1.31 31.81 21.24
C25 PX4 N . -1.30 31.50 22.73
C26 PX4 N . -0.13 32.15 23.45
C27 PX4 N . -0.24 31.69 24.89
C28 PX4 N . 1.03 32.01 25.68
C29 PX4 N . 1.06 31.64 27.16
C30 PX4 N . 2.28 32.11 27.95
C31 PX4 N . 2.17 31.70 29.42
C32 PX4 N . 3.08 32.53 30.32
C33 PX4 N . 2.95 32.10 31.79
C34 PX4 N . 3.77 32.91 32.78
C35 PX4 N . 5.29 32.92 32.60
C36 PX4 N . 5.93 33.56 33.82
O1 PX4 O . 14.30 1.95 14.59
O2 PX4 O . 14.29 -0.47 15.22
P1 PX4 O . 13.52 0.72 14.86
O3 PX4 O . 12.69 0.40 13.51
C1 PX4 O . 13.63 -0.29 12.70
C2 PX4 O . 13.03 -0.98 11.46
N1 PX4 O . 12.83 -0.25 10.20
C3 PX4 O . 12.08 -1.12 9.28
C4 PX4 O . 11.87 0.83 10.36
C5 PX4 O . 14.07 0.22 9.57
O4 PX4 O . 12.21 0.92 15.78
C6 PX4 O . 12.09 2.28 16.20
C7 PX4 O . 11.32 2.58 17.48
C8 PX4 O . 10.34 1.40 17.45
O5 PX4 O . 8.97 1.77 17.31
C9 PX4 O . 8.12 0.71 17.28
O6 PX4 O . 8.44 -0.40 17.70
C10 PX4 O . 6.69 1.20 17.07
C11 PX4 O . 6.60 2.69 16.74
C12 PX4 O . 5.18 3.17 16.44
C13 PX4 O . 5.10 4.69 16.22
C14 PX4 O . 3.64 5.11 16.00
C15 PX4 O . 3.02 4.32 14.85
C16 PX4 O . 1.50 4.48 14.87
C17 PX4 O . 1.04 3.98 16.25
C18 PX4 O . -0.49 4.09 16.30
C19 PX4 O . -0.88 3.73 17.74
C20 PX4 O . -0.07 4.48 18.79
C21 PX4 O . -0.75 4.08 20.11
C22 PX4 O . -0.16 4.85 21.30
O7 PX4 O . 12.02 2.76 18.72
C23 PX4 O . 12.81 3.85 19.00
O8 PX4 O . 13.01 4.69 18.13
C24 PX4 O . 13.54 3.94 20.32
C25 PX4 O . 12.63 4.39 21.47
C26 PX4 O . 13.35 4.99 22.68
C27 PX4 O . 14.23 3.91 23.30
C28 PX4 O . 14.56 4.25 24.77
C29 PX4 O . 15.42 3.13 25.35
C30 PX4 O . 15.57 3.54 26.82
C31 PX4 O . 16.21 2.36 27.56
C32 PX4 O . 15.70 0.96 27.22
C33 PX4 O . 16.59 -0.08 27.88
C34 PX4 O . 16.03 -1.48 27.58
C35 PX4 O . 17.03 -2.52 28.09
C36 PX4 O . 16.30 -3.63 28.83
O1 PX4 P . 19.29 13.14 18.22
O2 PX4 P . 21.89 13.14 17.78
P1 PX4 P . 20.69 12.76 18.55
O3 PX4 P . 20.83 11.26 19.07
C1 PX4 P . 22.09 10.91 19.65
C2 PX4 P . 22.07 9.62 20.49
N1 PX4 P . 21.43 9.70 21.80
C3 PX4 P . 21.95 10.77 22.66
C4 PX4 P . 19.97 9.76 21.69
C5 PX4 P . 21.82 8.45 22.51
O4 PX4 P . 20.90 13.32 20.06
C6 PX4 P . 20.80 14.74 19.88
C7 PX4 P . 20.25 15.42 21.13
C8 PX4 P . 20.50 14.47 22.32
O5 PX4 P . 19.26 13.99 22.84
C9 PX4 P . 19.18 13.11 23.87
O6 PX4 P . 20.13 12.53 24.40
C10 PX4 P . 17.80 12.83 24.48
C11 PX4 P . 17.35 14.00 25.36
C12 PX4 P . 18.16 14.39 26.60
C13 PX4 P . 17.57 15.66 27.24
C14 PX4 P . 18.21 15.93 28.60
C15 PX4 P . 17.55 17.22 29.15
C16 PX4 P . 18.14 17.61 30.50
C17 PX4 P . 17.58 18.92 31.07
C18 PX4 P . 17.94 20.15 30.24
C19 PX4 P . 17.90 21.48 30.98
C20 PX4 P . 18.35 22.65 30.07
C21 PX4 P . 18.48 23.94 30.88
C22 PX4 P . 18.96 24.96 29.83
O7 PX4 P . 20.81 16.72 21.32
C23 PX4 P . 20.39 17.66 20.43
O8 PX4 P . 19.46 17.40 19.66
C24 PX4 P . 21.07 19.02 20.49
C25 PX4 P . 20.97 19.58 21.91
C26 PX4 P . 21.61 20.96 22.08
C27 PX4 P . 21.32 21.54 23.46
C28 PX4 P . 22.16 22.81 23.62
C29 PX4 P . 21.16 23.97 23.65
C30 PX4 P . 21.86 25.32 23.49
C31 PX4 P . 22.80 25.66 24.66
C32 PX4 P . 22.14 25.82 26.03
C33 PX4 P . 23.22 26.32 27.00
C34 PX4 P . 23.62 27.69 26.48
C35 PX4 P . 24.64 28.40 27.37
C36 PX4 P . 24.73 29.82 26.82
O1 PX4 Q . 27.61 10.88 18.26
O2 PX4 Q . 25.18 11.30 19.08
P1 PX4 Q . 26.24 11.39 18.06
O3 PX4 Q . 25.60 10.64 16.79
C1 PX4 Q . 24.32 11.24 16.67
C2 PX4 Q . 23.70 11.00 15.29
N1 PX4 Q . 24.37 11.34 14.02
C3 PX4 Q . 25.25 10.27 13.51
C4 PX4 Q . 23.34 11.49 12.97
C5 PX4 Q . 25.05 12.63 14.03
O4 PX4 Q . 26.23 12.92 17.57
C6 PX4 Q . 26.27 13.74 18.74
C7 PX4 Q . 25.12 14.73 18.79
C8 PX4 Q . 24.44 14.33 20.11
O5 PX4 Q . 25.41 14.35 21.14
C9 PX4 Q . 24.81 14.11 22.34
O6 PX4 Q . 23.61 13.90 22.41
C10 PX4 Q . 25.76 13.74 23.48
C11 PX4 Q . 25.99 14.95 24.39
C12 PX4 Q . 26.20 14.50 25.83
C13 PX4 Q . 26.41 15.71 26.75
C14 PX4 Q . 26.50 15.28 28.22
C15 PX4 Q . 26.62 16.53 29.10
C16 PX4 Q . 26.59 16.12 30.57
C17 PX4 Q . 26.94 17.32 31.45
C18 PX4 Q . 26.69 16.97 32.91
C19 PX4 Q . 26.62 18.26 33.73
C20 PX4 Q . 25.82 18.04 35.02
C21 PX4 Q . 25.91 19.30 35.88
C22 PX4 Q . 27.29 19.38 36.54
O7 PX4 Q . 25.56 16.08 18.57
C23 PX4 Q . 24.58 16.99 18.35
O8 PX4 Q . 23.45 16.66 17.97
C24 PX4 Q . 25.11 18.42 18.17
C25 PX4 Q . 24.83 19.29 19.40
C26 PX4 Q . 25.24 18.63 20.72
C27 PX4 Q . 24.71 19.36 21.95
C28 PX4 Q . 25.33 18.90 23.26
C29 PX4 Q . 25.07 20.04 24.26
C30 PX4 Q . 25.82 19.72 25.55
C31 PX4 Q . 25.56 20.69 26.70
C32 PX4 Q . 26.31 20.31 27.98
C33 PX4 Q . 25.94 21.33 29.06
C34 PX4 Q . 26.70 21.19 30.37
C35 PX4 Q . 25.94 21.82 31.55
C36 PX4 Q . 26.76 21.50 32.80
O1 PX4 R . 4.67 -32.28 19.13
O2 PX4 R . 2.94 -31.16 20.81
P1 PX4 R . 4.06 -31.12 19.83
O3 PX4 R . 3.94 -29.97 18.74
C1 PX4 R . 3.31 -29.01 19.61
C2 PX4 R . 3.02 -27.73 18.82
N1 PX4 R . 4.16 -26.99 18.26
C3 PX4 R . 5.27 -26.98 19.22
C4 PX4 R . 4.53 -27.52 16.94
C5 PX4 R . 3.71 -25.60 18.10
O4 PX4 R . 5.19 -30.33 20.66
C6 PX4 R . 6.44 -30.75 20.12
C7 PX4 R . 7.63 -30.06 20.78
C8 PX4 R . 7.19 -29.97 22.24
O5 PX4 R . 7.38 -28.68 22.80
C9 PX4 R . 6.43 -28.23 23.66
O6 PX4 R . 5.42 -28.93 23.81
C10 PX4 R . 6.87 -27.00 24.46
C11 PX4 R . 5.84 -25.89 24.37
C12 PX4 R . 6.48 -24.64 24.96
C13 PX4 R . 5.50 -23.48 24.76
C14 PX4 R . 6.10 -22.29 24.00
C15 PX4 R . 7.31 -21.85 24.84
C16 PX4 R . 7.67 -20.39 24.54
C17 PX4 R . 8.65 -19.97 25.64
C18 PX4 R . 9.76 -21.04 25.66
C19 PX4 R . 10.75 -20.67 26.76
C20 PX4 R . 11.81 -21.78 26.86
C21 PX4 R . 12.88 -21.36 27.88
C22 PX4 R . 12.44 -21.34 29.34
O7 PX4 R . 8.85 -30.81 20.65
C23 PX4 R . 10.08 -30.26 20.81
O8 PX4 R . 10.31 -29.11 20.42
C24 PX4 R . 11.18 -31.25 21.19
C25 PX4 R . 11.29 -31.20 22.71
C26 PX4 R . 10.44 -32.21 23.49
C27 PX4 R . 10.36 -32.02 25.00
C28 PX4 R . 9.78 -30.69 25.46
C29 PX4 R . 10.55 -30.18 26.69
C30 PX4 R . 12.05 -30.02 26.44
C31 PX4 R . 12.87 -29.95 27.72
C32 PX4 R . 12.78 -31.23 28.56
C33 PX4 R . 13.53 -30.97 29.87
C34 PX4 R . 12.82 -29.89 30.69
C35 PX4 R . 13.70 -29.54 31.88
C36 PX4 R . 13.04 -28.61 32.91
O1 PX4 S . -10.65 40.21 16.19
O2 PX4 S . -13.14 40.44 16.90
P1 PX4 S . -11.73 40.82 17.01
O3 PX4 S . -11.69 42.41 16.73
C1 PX4 S . -12.83 42.98 16.07
C2 PX4 S . -12.76 44.47 15.74
N1 PX4 S . -11.54 44.96 15.10
C3 PX4 S . -10.92 44.10 14.08
C4 PX4 S . -11.87 46.18 14.33
C5 PX4 S . -10.53 45.29 16.11
O4 PX4 S . -11.25 41.06 18.53
C6 PX4 S . -9.89 41.51 18.53
C7 PX4 S . -9.56 42.64 19.50
C8 PX4 S . -10.90 43.10 20.06
O5 PX4 S . -11.06 44.50 19.83
C9 PX4 S . -12.34 44.87 20.08
O6 PX4 S . -13.24 44.04 20.33
C10 PX4 S . -12.59 46.36 20.27
C11 PX4 S . -12.82 46.71 21.75
C12 PX4 S . -13.12 48.20 21.95
C13 PX4 S . -13.46 48.51 23.41
C14 PX4 S . -13.29 50.00 23.78
C15 PX4 S . -13.75 50.16 25.24
C16 PX4 S . -13.79 51.64 25.56
C17 PX4 S . -14.20 51.89 27.01
C18 PX4 S . -14.53 53.38 26.85
C19 PX4 S . -15.05 53.98 28.17
C20 PX4 S . -15.30 55.46 27.92
C21 PX4 S . -15.47 56.07 29.32
C22 PX4 S . -15.73 57.57 29.28
O7 PX4 S . -8.58 42.28 20.47
C23 PX4 S . -7.32 41.92 20.07
O8 PX4 S . -6.88 42.19 18.94
C24 PX4 S . -6.33 41.72 21.21
C25 PX4 S . -5.13 40.80 20.90
C26 PX4 S . -4.76 39.89 22.07
C27 PX4 S . -4.66 40.75 23.33
C28 PX4 S . -4.65 39.88 24.58
C29 PX4 S . -4.66 40.77 25.82
C30 PX4 S . -3.23 41.28 26.06
C31 PX4 S . -3.47 42.15 27.29
C32 PX4 S . -2.08 42.56 27.78
C33 PX4 S . -2.18 43.82 28.63
C34 PX4 S . -0.80 44.07 29.26
C35 PX4 S . -0.60 45.44 29.92
C36 PX4 S . -0.66 46.72 29.08
O1 PX4 T . 28.20 18.38 8.61
O2 PX4 T . 27.12 16.17 9.49
P1 PX4 T . 27.70 17.51 9.70
O3 PX4 T . 26.51 18.33 10.42
C1 PX4 T . 25.41 18.60 9.55
C2 PX4 T . 24.41 19.65 10.07
N1 PX4 T . 23.62 19.38 11.28
C3 PX4 T . 24.42 19.32 12.51
C4 PX4 T . 22.67 20.49 11.43
C5 PX4 T . 22.91 18.10 11.24
O4 PX4 T . 28.69 17.50 10.98
C6 PX4 T . 28.31 16.59 12.02
C7 PX4 T . 29.12 16.76 13.31
C8 PX4 T . 30.60 16.56 12.97
O5 PX4 T . 31.63 16.68 13.95
C9 PX4 T . 32.10 17.95 14.17
O6 PX4 T . 31.63 18.85 13.48
C10 PX4 T . 33.44 18.20 14.86
C11 PX4 T . 33.24 18.09 16.37
C12 PX4 T . 34.60 17.88 17.06
C13 PX4 T . 34.43 17.30 18.46
C14 PX4 T . 35.73 16.84 19.11
C15 PX4 T . 35.46 16.31 20.53
C16 PX4 T . 36.83 16.13 21.18
C17 PX4 T . 37.53 14.94 20.49
C18 PX4 T . 38.96 14.93 21.03
C19 PX4 T . 39.73 13.71 20.50
C20 PX4 T . 41.18 13.97 20.89
C21 PX4 T . 42.21 12.91 20.54
C22 PX4 T . 41.83 12.44 19.13
O7 PX4 T . 28.73 17.91 14.09
C23 PX4 T . 27.71 17.67 14.97
O8 PX4 T . 27.11 16.60 14.96
C24 PX4 T . 27.24 18.88 15.77
C25 PX4 T . 28.39 19.60 16.46
C26 PX4 T . 27.90 20.57 17.52
C27 PX4 T . 29.10 20.89 18.42
C28 PX4 T . 30.39 21.41 17.77
C29 PX4 T . 31.46 21.48 18.86
C30 PX4 T . 31.66 20.24 19.76
C31 PX4 T . 32.64 20.77 20.80
C32 PX4 T . 32.87 19.59 21.76
C33 PX4 T . 34.10 19.97 22.60
C34 PX4 T . 33.76 21.19 23.45
C35 PX4 T . 35.08 21.68 24.09
C36 PX4 T . 34.96 23.04 24.76
O1 PX4 U . 35.45 3.71 13.48
O2 PX4 U . 34.34 5.76 12.46
P1 PX4 U . 35.35 5.19 13.38
O3 PX4 U . 36.62 5.61 12.50
C1 PX4 U . 36.67 4.64 11.46
C2 PX4 U . 37.64 5.25 10.44
N1 PX4 U . 39.08 5.27 10.64
C3 PX4 U . 39.74 6.09 9.61
C4 PX4 U . 39.50 5.85 11.93
C5 PX4 U . 39.67 3.94 10.46
O4 PX4 U . 35.53 5.92 14.79
C6 PX4 U . 36.89 5.63 15.09
C7 PX4 U . 37.43 6.32 16.34
C8 PX4 U . 36.19 6.81 17.09
O5 PX4 U . 35.68 8.12 16.81
C9 PX4 U . 34.74 8.37 17.75
O6 PX4 U . 34.39 7.61 18.66
C10 PX4 U . 34.04 9.73 17.71
C11 PX4 U . 34.46 10.37 19.04
C12 PX4 U . 33.80 11.74 19.19
C13 PX4 U . 33.81 12.12 20.66
C14 PX4 U . 33.22 13.51 20.94
C15 PX4 U . 33.00 13.66 22.44
C16 PX4 U . 32.69 15.14 22.63
C17 PX4 U . 32.21 15.41 24.07
C18 PX4 U . 30.89 14.70 24.42
C19 PX4 U . 30.52 14.71 25.90
C20 PX4 U . 30.67 16.12 26.45
C21 PX4 U . 30.06 16.27 27.84
C22 PX4 U . 30.22 17.56 28.64
O7 PX4 U . 38.48 5.57 16.93
C23 PX4 U . 39.74 5.62 16.39
O8 PX4 U . 39.84 6.06 15.25
C24 PX4 U . 40.75 4.66 17.02
C25 PX4 U . 40.96 5.06 18.48
C26 PX4 U . 41.95 4.26 19.32
C27 PX4 U . 41.80 4.81 20.73
C28 PX4 U . 42.57 4.17 21.88
C29 PX4 U . 42.35 4.99 23.14
C30 PX4 U . 43.27 4.37 24.18
C31 PX4 U . 43.09 5.00 25.57
C32 PX4 U . 44.14 4.31 26.43
C33 PX4 U . 44.32 4.96 27.80
C34 PX4 U . 44.97 6.34 27.66
C35 PX4 U . 46.45 6.18 27.25
C36 PX4 U . 47.18 7.51 27.41
O1 PX4 V . -0.13 20.20 19.14
O2 PX4 V . 2.26 19.04 18.83
P1 PX4 V . 0.97 19.28 19.54
O3 PX4 V . 0.37 17.84 19.14
C1 PX4 V . 0.50 17.77 17.73
C2 PX4 V . 0.08 16.43 17.13
N1 PX4 V . 0.91 15.23 17.29
C3 PX4 V . 1.23 14.81 18.67
C4 PX4 V . 0.28 14.05 16.69
C5 PX4 V . 2.09 15.50 16.46
O4 PX4 V . 1.07 18.84 21.07
C6 PX4 V . 1.87 17.68 21.34
C7 PX4 V . 2.11 17.44 22.84
C8 PX4 V . 1.45 18.59 23.56
O5 PX4 V . 2.13 19.22 24.66
C9 PX4 V . 1.36 19.81 25.63
O6 PX4 V . 0.13 19.80 25.60
C10 PX4 V . 2.18 20.44 26.76
C11 PX4 V . 3.44 21.18 26.35
C12 PX4 V . 4.06 21.97 27.52
C13 PX4 V . 4.23 21.00 28.70
C14 PX4 V . 4.85 21.69 29.90
C15 PX4 V . 3.91 22.87 30.24
C16 PX4 V . 2.71 22.33 31.00
C17 PX4 V . 1.60 23.30 31.41
C18 PX4 V . 0.55 22.63 32.29
C19 PX4 V . -0.50 23.64 32.75
C20 PX4 V . -1.59 23.10 33.67
C21 PX4 V . -2.56 24.17 34.14
C22 PX4 V . -3.30 24.56 32.85
O7 PX4 V . 1.76 16.11 23.25
C23 PX4 V . 2.79 15.25 23.41
O8 PX4 V . 3.79 15.31 22.69
C24 PX4 V . 2.42 13.90 24.02
C25 PX4 V . 3.51 13.31 24.89
C26 PX4 V . 3.34 11.82 25.19
C27 PX4 V . 4.48 11.44 26.14
C28 PX4 V . 5.85 11.83 25.60
C29 PX4 V . 7.00 11.31 26.49
C30 PX4 V . 6.91 9.78 26.60
C31 PX4 V . 7.74 9.23 27.77
C32 PX4 V . 9.19 9.36 27.30
C33 PX4 V . 9.97 8.88 28.54
C34 PX4 V . 9.40 7.49 28.83
C35 PX4 V . 9.79 6.91 30.20
C36 PX4 V . 9.29 7.55 31.48
O1 PX4 W . 12.66 20.34 16.82
O2 PX4 W . 13.58 18.19 18.05
P1 PX4 W . 12.77 19.42 17.97
O3 PX4 W . 11.28 19.19 18.52
C1 PX4 W . 11.31 17.82 18.92
C2 PX4 W . 9.93 17.47 19.52
N1 PX4 W . 9.55 17.68 20.92
C3 PX4 W . 10.51 17.06 21.85
C4 PX4 W . 9.46 19.14 21.12
C5 PX4 W . 8.24 17.07 21.18
O4 PX4 W . 13.31 20.30 19.20
C6 PX4 W . 12.68 21.58 19.30
C7 PX4 W . 12.93 22.42 20.56
C8 PX4 W . 13.56 23.77 20.21
O5 PX4 W . 14.82 24.06 20.80
C9 PX4 W . 15.14 25.36 20.53
O6 PX4 W . 14.60 25.84 19.54
C10 PX4 W . 16.32 26.04 21.23
C11 PX4 W . 16.12 26.83 22.53
C12 PX4 W . 17.33 27.22 23.38
C13 PX4 W . 16.93 28.20 24.48
C14 PX4 W . 18.18 28.35 25.34
C15 PX4 W . 17.91 29.26 26.56
C16 PX4 W . 19.26 29.52 27.22
C17 PX4 W . 19.14 30.49 28.39
C18 PX4 W . 18.54 31.84 28.01
C19 PX4 W . 18.45 32.70 29.26
C20 PX4 W . 17.73 34.01 28.93
C21 PX4 W . 17.46 34.88 30.16
C22 PX4 W . 16.94 36.24 29.72
O7 PX4 W . 11.86 22.54 21.49
C23 PX4 W . 11.87 21.70 22.57
O8 PX4 W . 12.28 20.55 22.46
C24 PX4 W . 10.96 22.21 23.69
C25 PX4 W . 10.20 21.08 24.37
C26 PX4 W . 9.37 21.33 25.64
C27 PX4 W . 9.22 20.00 26.38
C28 PX4 W . 8.47 20.29 27.69
C29 PX4 W . 8.27 18.87 28.23
C30 PX4 W . 7.75 19.00 29.67
C31 PX4 W . 7.68 17.66 30.41
C32 PX4 W . 7.04 18.12 31.72
C33 PX4 W . 6.68 16.96 32.66
C34 PX4 W . 6.05 17.35 34.00
C35 PX4 W . 4.78 18.20 33.87
C36 PX4 W . 4.15 18.33 35.26
O1 PX4 X . 15.30 25.01 10.86
O2 PX4 X . 17.63 23.97 11.39
P1 PX4 X . 16.23 24.24 11.72
O3 PX4 X . 15.56 22.78 11.74
C1 PX4 X . 14.91 22.28 10.56
C2 PX4 X . 14.03 21.06 10.85
N1 PX4 X . 12.96 21.18 11.85
C3 PX4 X . 13.42 21.09 13.26
C4 PX4 X . 12.01 22.29 11.71
C5 PX4 X . 12.20 19.95 11.65
O4 PX4 X . 15.98 24.32 13.32
C6 PX4 X . 16.88 23.42 13.97
C7 PX4 X . 17.22 23.54 15.45
C8 PX4 X . 16.74 24.95 15.81
O5 PX4 X . 17.68 25.78 16.50
C9 PX4 X . 17.32 27.10 16.59
O6 PX4 X . 16.34 27.51 15.99
C10 PX4 X . 18.21 28.03 17.40
C11 PX4 X . 17.67 28.45 18.77
C12 PX4 X . 18.57 29.62 19.19
C13 PX4 X . 18.09 30.22 20.52
C14 PX4 X . 19.19 31.11 21.12
C15 PX4 X . 20.17 30.17 21.82
C16 PX4 X . 21.46 30.92 22.20
C17 PX4 X . 22.34 29.99 23.02
C18 PX4 X . 23.46 30.83 23.67
C19 PX4 X . 22.71 31.99 24.32
C20 PX4 X . 23.57 32.98 25.12
C21 PX4 X . 23.05 34.40 24.95
C22 PX4 X . 21.53 34.44 25.17
O7 PX4 X . 16.72 22.45 16.22
C23 PX4 X . 17.47 21.32 16.36
O8 PX4 X . 18.56 21.24 15.81
C24 PX4 X . 16.97 20.27 17.37
C25 PX4 X . 16.85 20.77 18.81
C26 PX4 X . 18.18 21.21 19.41
C27 PX4 X . 17.88 21.82 20.78
C28 PX4 X . 17.11 20.96 21.78
C29 PX4 X . 17.24 21.40 23.25
C30 PX4 X . 16.22 22.51 23.47
C31 PX4 X . 16.09 22.98 24.93
C32 PX4 X . 15.01 24.06 24.99
C33 PX4 X . 15.15 24.72 26.38
C34 PX4 X . 13.81 25.35 26.75
C35 PX4 X . 14.02 25.91 28.18
C36 PX4 X . 15.37 26.62 28.40
O1 PX4 Y . 7.46 -32.22 17.59
O2 PX4 Y . 9.43 -33.78 17.30
P1 PX4 Y . 7.97 -33.59 17.37
O3 PX4 Y . 7.15 -34.12 16.08
C1 PX4 Y . 5.74 -33.90 16.20
C2 PX4 Y . 4.93 -33.93 14.91
N1 PX4 Y . 4.38 -35.24 14.54
C3 PX4 Y . 5.33 -36.34 14.39
C4 PX4 Y . 3.29 -35.65 15.43
C5 PX4 Y . 3.78 -35.03 13.20
O4 PX4 Y . 7.38 -34.43 18.61
C6 PX4 Y . 8.18 -34.02 19.72
C7 PX4 Y . 7.79 -34.69 21.04
C8 PX4 Y . 8.95 -35.64 21.39
O5 PX4 Y . 10.22 -35.16 20.95
C9 PX4 Y . 11.24 -36.04 21.09
O6 PX4 Y . 11.03 -37.25 21.28
C10 PX4 Y . 12.65 -35.46 21.02
C11 PX4 Y . 13.55 -36.05 22.11
C12 PX4 Y . 13.08 -35.64 23.51
C13 PX4 Y . 14.21 -35.98 24.49
C14 PX4 Y . 13.97 -35.65 25.96
C15 PX4 Y . 15.14 -36.00 26.86
C16 PX4 Y . 15.22 -35.27 28.21
C17 PX4 Y . 13.98 -35.74 28.96
C18 PX4 Y . 14.40 -35.87 30.44
C19 PX4 Y . 13.24 -35.64 31.41
C20 PX4 Y . 13.73 -35.92 32.82
C21 PX4 Y . 12.62 -35.50 33.78
C22 PX4 Y . 12.86 -34.09 34.30
O7 PX4 Y . 7.39 -33.85 22.13
C23 PX4 Y . 6.66 -34.38 23.16
O8 PX4 Y . 6.35 -35.57 23.18
C24 PX4 Y . 6.50 -33.40 24.31
C25 PX4 Y . 5.33 -32.43 24.12
C26 PX4 Y . 4.85 -31.98 25.50
C27 PX4 Y . 6.00 -31.42 26.35
C28 PX4 Y . 5.56 -31.04 27.75
C29 PX4 Y . 5.27 -29.53 27.73
C30 PX4 Y . 4.73 -29.05 29.08
C31 PX4 Y . 4.57 -27.54 28.91
C32 PX4 Y . 5.89 -26.82 29.12
C33 PX4 Y . 5.73 -25.30 29.15
C34 PX4 Y . 4.72 -24.75 30.18
C35 PX4 Y . 4.94 -23.23 30.07
C36 PX4 Y . 4.70 -22.59 31.43
O1 PX4 Z . 0.01 -21.00 17.37
O2 PX4 Z . 1.83 -22.66 17.24
P1 PX4 Z . 0.62 -22.21 17.95
O3 PX4 Z . -0.45 -23.37 18.28
C1 PX4 Z . -1.16 -23.74 17.10
C2 PX4 Z . -2.50 -24.43 17.39
N1 PX4 Z . -3.17 -25.20 16.33
C3 PX4 Z . -2.36 -26.39 16.03
C4 PX4 Z . -4.46 -25.74 16.72
C5 PX4 Z . -3.37 -24.51 15.05
O4 PX4 Z . 1.01 -21.75 19.44
C6 PX4 Z . 2.15 -22.48 19.87
C7 PX4 Z . 2.33 -22.47 21.39
C8 PX4 Z . 1.55 -21.21 21.80
O5 PX4 Z . 2.05 -20.57 22.97
C9 PX4 Z . 1.07 -20.32 23.87
O6 PX4 Z . -0.10 -20.33 23.49
C10 PX4 Z . 1.47 -19.93 25.29
C11 PX4 Z . 2.76 -20.59 25.79
C12 PX4 Z . 3.10 -19.90 27.11
C13 PX4 Z . 4.52 -20.15 27.67
C14 PX4 Z . 4.67 -19.35 28.95
C15 PX4 Z . 5.96 -19.83 29.64
C16 PX4 Z . 6.21 -18.91 30.83
C17 PX4 Z . 7.26 -19.50 31.77
C18 PX4 Z . 7.82 -18.48 32.75
C19 PX4 Z . 8.60 -19.31 33.78
C20 PX4 Z . 9.00 -18.41 34.95
C21 PX4 Z . 9.33 -19.26 36.17
C22 PX4 Z . 9.36 -18.29 37.36
O7 PX4 Z . 1.86 -23.56 22.17
C23 PX4 Z . 2.51 -24.75 22.11
O8 PX4 Z . 3.49 -24.76 21.35
C24 PX4 Z . 1.92 -25.99 22.78
C25 PX4 Z . 2.11 -26.04 24.31
C26 PX4 Z . 1.55 -24.76 24.94
C27 PX4 Z . 1.58 -24.81 26.47
C28 PX4 Z . 0.66 -23.87 27.24
C29 PX4 Z . 0.97 -24.06 28.73
C30 PX4 Z . 0.34 -22.89 29.48
C31 PX4 Z . 0.65 -22.93 30.97
C32 PX4 Z . -0.16 -21.87 31.73
C33 PX4 Z . 0.33 -21.81 33.19
C34 PX4 Z . 1.67 -21.15 33.46
C35 PX4 Z . 1.47 -19.62 33.56
C36 PX4 Z . 2.90 -19.10 33.81
O1 PX4 AA . 4.78 -17.70 19.24
O2 PX4 AA . 6.48 -15.83 18.52
P1 PX4 AA . 5.96 -16.84 19.47
O3 PX4 AA . 7.03 -18.04 19.43
C1 PX4 AA . 6.97 -18.85 18.26
C2 PX4 AA . 7.44 -20.28 18.57
N1 PX4 AA . 8.72 -20.57 19.22
C3 PX4 AA . 8.54 -20.56 20.70
C4 PX4 AA . 9.09 -21.89 18.70
C5 PX4 AA . 9.73 -19.59 18.82
O4 PX4 AA . 6.16 -16.39 20.99
C6 PX4 AA . 7.57 -16.30 21.26
C7 PX4 AA . 8.07 -16.44 22.69
C8 PX4 AA . 6.81 -16.81 23.47
O5 PX4 AA . 6.18 -15.79 24.27
C9 PX4 AA . 5.07 -16.23 24.92
O6 PX4 AA . 4.63 -17.39 24.95
C10 PX4 AA . 4.62 -15.10 25.86
C11 PX4 AA . 3.17 -15.39 26.23
C12 PX4 AA . 2.58 -14.13 26.88
C13 PX4 AA . 1.19 -14.33 27.49
C14 PX4 AA . 0.52 -13.06 28.04
C15 PX4 AA . 1.53 -12.33 28.93
C16 PX4 AA . 0.89 -11.06 29.49
C17 PX4 AA . 1.98 -10.19 30.10
C18 PX4 AA . 3.03 -9.83 29.06
C19 PX4 AA . 4.24 -9.08 29.64
C20 PX4 AA . 5.03 -8.31 28.57
C21 PX4 AA . 6.03 -7.31 29.15
C22 PX4 AA . 6.52 -6.39 28.02
O7 PX4 AA . 9.10 -17.40 22.95
C23 PX4 AA . 10.40 -17.04 22.80
O8 PX4 AA . 10.72 -16.22 21.93
C24 PX4 AA . 11.36 -18.21 23.08
C25 PX4 AA . 12.52 -17.77 23.98
C26 PX4 AA . 13.96 -18.09 23.54
C27 PX4 AA . 14.88 -18.23 24.76
C28 PX4 AA . 15.30 -16.86 25.29
C29 PX4 AA . 16.56 -17.00 26.16
C30 PX4 AA . 16.29 -17.69 27.50
C31 PX4 AA . 15.23 -17.00 28.37
C32 PX4 AA . 14.99 -17.93 29.56
C33 PX4 AA . 13.79 -17.35 30.31
C34 PX4 AA . 13.21 -18.12 31.51
C35 PX4 AA . 12.51 -17.15 32.47
C36 PX4 AA . 11.40 -16.32 31.82
O1 PX4 BA . -7.29 37.20 15.29
O2 PX4 BA . -6.61 39.70 15.36
P1 PX4 BA . -6.48 38.31 15.82
O3 PX4 BA . -4.95 37.92 15.49
C1 PX4 BA . -4.50 36.91 16.41
C2 PX4 BA . -3.09 36.46 16.09
N1 PX4 BA . -1.91 37.26 16.47
C3 PX4 BA . -1.95 37.64 17.89
C4 PX4 BA . -0.78 36.35 16.30
C5 PX4 BA . -1.76 38.40 15.56
O4 PX4 BA . -6.68 38.34 17.42
C6 PX4 BA . -8.00 38.06 17.89
C7 PX4 BA . -8.10 37.72 19.38
C8 PX4 BA . -6.77 37.08 19.76
O5 PX4 BA . -6.74 36.36 21.00
C9 PX4 BA . -5.58 35.68 21.23
O6 PX4 BA . -4.70 35.76 20.36
C10 PX4 BA . -5.38 35.02 22.59
C11 PX4 BA . -5.23 33.51 22.46
C12 PX4 BA . -5.07 32.96 23.88
C13 PX4 BA . -4.70 31.49 23.97
C14 PX4 BA . -4.64 30.96 25.40
C15 PX4 BA . -3.73 31.77 26.33
C16 PX4 BA . -3.49 31.13 27.70
C17 PX4 BA . -2.67 32.08 28.56
C18 PX4 BA . -2.39 31.66 30.01
C19 PX4 BA . -1.47 32.58 30.82
C20 PX4 BA . -2.13 33.95 30.75
C21 PX4 BA . -1.24 34.99 31.44
C22 PX4 BA . 0.10 35.03 30.69
O7 PX4 BA . -8.54 38.78 20.23
C23 PX4 BA . -9.30 38.30 21.25
O8 PX4 BA . -9.87 37.23 21.05
C24 PX4 BA . -9.65 39.27 22.37
C25 PX4 BA . -8.71 39.19 23.57
C26 PX4 BA . -8.76 37.79 24.19
C27 PX4 BA . -7.95 37.82 25.48
C28 PX4 BA . -7.56 36.42 25.94
C29 PX4 BA . -6.61 36.49 27.14
C30 PX4 BA . -6.52 35.12 27.81
C31 PX4 BA . -5.60 35.12 29.02
C32 PX4 BA . -6.27 34.34 30.14
C33 PX4 BA . -5.51 34.33 31.46
C34 PX4 BA . -6.18 33.49 32.55
C35 PX4 BA . -5.43 33.77 33.85
C36 PX4 BA . -6.03 33.15 35.11
O1 PX4 CA . -3.38 25.58 19.30
O2 PX4 CA . -1.38 25.34 17.70
P1 PX4 CA . -2.03 25.07 19.00
O3 PX4 CA . -1.99 23.49 19.34
C1 PX4 CA . -2.55 23.31 20.64
C2 PX4 CA . -2.07 22.01 21.32
N1 PX4 CA . -2.00 21.76 22.76
C3 PX4 CA . -1.72 20.34 23.02
C4 PX4 CA . -0.87 22.46 23.38
C5 PX4 CA . -3.22 22.21 23.47
O4 PX4 CA . -1.15 25.79 20.15
C6 PX4 CA . -1.15 27.17 19.77
C7 PX4 CA . -0.84 28.02 21.00
C8 PX4 CA . -1.22 27.22 22.26
O5 PX4 CA . -2.51 27.46 22.81
C9 PX4 CA . -3.02 26.37 23.45
O6 PX4 CA . -2.38 25.31 23.48
C10 PX4 CA . -4.32 26.64 24.19
C11 PX4 CA . -4.13 26.23 25.66
C12 PX4 CA . -3.28 27.20 26.47
C13 PX4 CA . -2.98 26.70 27.87
C14 PX4 CA . -2.03 27.59 28.69
C15 PX4 CA . -1.72 27.27 30.14
C16 PX4 CA . -0.51 28.03 30.70
C17 PX4 CA . 0.70 27.19 30.27
C18 PX4 CA . 1.92 27.90 30.88
C19 PX4 CA . 3.08 26.91 30.78
C20 PX4 CA . 4.27 27.50 31.56
C21 PX4 CA . 5.35 26.44 31.48
C22 PX4 CA . 5.73 26.12 30.04
O7 PX4 CA . 0.53 28.45 21.03
C23 PX4 CA . 0.99 29.22 19.99
O8 PX4 CA . 0.31 29.70 19.11
C24 PX4 CA . 2.44 29.66 20.18
C25 PX4 CA . 2.77 30.85 21.06
C26 PX4 CA . 4.24 31.26 21.08
C27 PX4 CA . 4.63 32.04 22.35
C28 PX4 CA . 3.77 33.29 22.43
C29 PX4 CA . 4.37 34.09 23.58
C30 PX4 CA . 3.96 35.54 23.86
C31 PX4 CA . 4.37 36.51 22.75
C32 PX4 CA . 3.85 37.94 22.87
C33 PX4 CA . 4.56 38.87 21.90
C34 PX4 CA . 4.59 38.28 20.48
C35 PX4 CA . 5.54 39.05 19.57
C36 PX4 CA . 5.06 40.42 19.10
O1 PX4 DA . 5.12 30.66 17.36
O2 PX4 DA . 2.96 31.37 16.12
P1 PX4 DA . 4.39 31.58 16.47
O3 PX4 DA . 5.19 31.59 15.07
C1 PX4 DA . 5.23 30.25 14.57
C2 PX4 DA . 6.08 30.02 13.32
N1 PX4 DA . 7.55 29.98 13.44
C3 PX4 DA . 8.11 28.74 13.99
C4 PX4 DA . 8.11 30.06 12.08
C5 PX4 DA . 8.07 31.15 14.13
O4 PX4 DA . 4.62 33.12 16.90
C6 PX4 DA . 5.73 33.17 17.80
C7 PX4 DA . 5.97 34.54 18.44
C8 PX4 DA . 4.61 35.23 18.34
O5 PX4 DA . 3.54 34.78 19.18
C9 PX4 DA . 2.36 35.24 18.71
O6 PX4 DA . 2.24 36.01 17.75
C10 PX4 DA . 1.14 34.93 19.58
C11 PX4 DA . 0.66 36.17 20.34
C12 PX4 DA . -0.39 35.89 21.42
C13 PX4 DA . -0.65 37.16 22.22
C14 PX4 DA . -1.73 37.17 23.32
C15 PX4 DA . -1.32 36.01 24.23
C16 PX4 DA . -2.10 36.03 25.55
C17 PX4 DA . -1.75 37.27 26.38
C18 PX4 DA . -2.29 37.07 27.79
C19 PX4 DA . -2.35 38.38 28.54
C20 PX4 DA . -2.83 38.11 29.97
C21 PX4 DA . -3.13 39.42 30.71
C22 PX4 DA . -1.93 40.34 30.52
O7 PX4 DA . 6.68 34.63 19.67
C23 PX4 DA . 7.93 34.12 19.68
O8 PX4 DA . 8.49 33.53 18.74
C24 PX4 DA . 8.78 34.28 20.93
C25 PX4 DA . 8.26 33.35 22.02
C26 PX4 DA . 8.92 33.71 23.36
C27 PX4 DA . 8.79 32.65 24.46
C28 PX4 DA . 9.54 31.32 24.33
C29 PX4 DA . 8.99 30.43 25.43
C30 PX4 DA . 9.35 28.95 25.22
C31 PX4 DA . 8.85 28.27 26.51
C32 PX4 DA . 8.81 26.77 26.25
C33 PX4 DA . 8.60 25.96 27.53
C34 PX4 DA . 8.51 24.43 27.38
C35 PX4 DA . 8.52 23.74 28.73
C36 PX4 DA . 9.86 24.00 29.43
O1 PX4 EA . -24.38 -4.81 19.42
O2 PX4 EA . -22.35 -3.36 19.95
P1 PX4 EA . -23.13 -4.59 20.19
O3 PX4 EA . -22.15 -5.85 20.42
C1 PX4 EA . -23.09 -6.90 20.73
C2 PX4 EA . -22.38 -8.25 20.58
N1 PX4 EA . -23.11 -9.48 20.90
C3 PX4 EA . -24.07 -9.28 22.00
C4 PX4 EA . -23.57 -9.91 19.56
C5 PX4 EA . -22.10 -10.37 21.51
O4 PX4 EA . -23.65 -4.56 21.72
C6 PX4 EA . -24.13 -3.28 22.09
C7 PX4 EA . -24.51 -3.06 23.55
C8 PX4 EA . -24.43 -4.42 24.22
O5 PX4 EA . -25.49 -4.78 25.12
C9 PX4 EA . -25.23 -5.90 25.83
O6 PX4 EA . -24.70 -6.86 25.28
C10 PX4 EA . -26.25 -6.14 26.97
C11 PX4 EA . -25.38 -6.64 28.12
C12 PX4 EA . -26.17 -7.20 29.32
C13 PX4 EA . -27.13 -8.31 28.90
C14 PX4 EA . -27.87 -9.14 29.96
C15 PX4 EA . -27.06 -10.27 30.59
C16 PX4 EA . -26.10 -9.88 31.73
C17 PX4 EA . -25.64 -11.15 32.44
C18 PX4 EA . -24.50 -10.85 33.41
C19 PX4 EA . -24.41 -12.07 34.32
C20 PX4 EA . -23.35 -12.02 35.45
C21 PX4 EA . -23.36 -13.30 36.28
C22 PX4 EA . -22.13 -13.47 37.18
O7 PX4 EA . -23.71 -2.06 24.21
C23 PX4 EA . -23.74 -0.73 23.89
O8 PX4 EA . -24.61 -0.27 23.13
C24 PX4 EA . -22.80 0.22 24.60
C25 PX4 EA . -23.34 0.27 26.03
C26 PX4 EA . -22.28 1.06 26.79
C27 PX4 EA . -22.26 0.89 28.30
C28 PX4 EA . -22.75 2.18 28.98
C29 PX4 EA . -22.44 2.17 30.49
C30 PX4 EA . -22.59 3.49 31.26
C31 PX4 EA . -22.08 3.46 32.69
C32 PX4 EA . -22.70 2.27 33.45
C33 PX4 EA . -22.02 2.15 34.81
C34 PX4 EA . -22.37 3.34 35.70
C35 PX4 EA . -21.79 3.07 37.09
C36 PX4 EA . -22.16 4.10 38.15
O1 PX4 FA . -9.27 -8.66 24.73
O2 PX4 FA . -8.11 -9.48 22.59
P1 PX4 FA . -9.23 -9.54 23.55
O3 PX4 FA . -10.50 -9.27 22.59
C1 PX4 FA . -10.68 -7.86 22.64
C2 PX4 FA . -11.66 -7.35 21.60
N1 PX4 FA . -11.47 -7.72 20.19
C3 PX4 FA . -12.09 -9.02 19.88
C4 PX4 FA . -12.08 -6.74 19.27
C5 PX4 FA . -10.07 -7.82 19.77
O4 PX4 FA . -9.58 -11.10 23.81
C6 PX4 FA . -10.73 -11.32 24.63
C7 PX4 FA . -11.45 -12.64 24.45
C8 PX4 FA . -10.45 -13.65 23.88
O5 PX4 FA . -9.52 -14.24 24.79
C9 PX4 FA . -9.35 -15.60 24.81
O6 PX4 FA . -10.00 -16.27 24.03
C10 PX4 FA . -8.32 -16.20 25.78
C11 PX4 FA . -8.56 -17.57 26.42
C12 PX4 FA . -7.63 -17.82 27.61
C13 PX4 FA . -8.19 -18.77 28.67
C14 PX4 FA . -7.08 -18.76 29.72
C15 PX4 FA . -5.86 -19.37 29.03
C16 PX4 FA . -4.86 -19.80 30.09
C17 PX4 FA . -4.52 -18.54 30.91
C18 PX4 FA . -3.42 -18.92 31.89
C19 PX4 FA . -3.00 -17.70 32.72
C20 PX4 FA . -1.85 -18.24 33.57
C21 PX4 FA . -1.31 -17.09 34.42
C22 PX4 FA . -2.34 -16.40 35.31
O7 PX4 FA . -12.01 -13.25 25.62
C23 PX4 FA . -13.06 -14.10 25.53
O8 PX4 FA . -13.43 -14.48 24.42
C24 PX4 FA . -13.29 -14.93 26.79
C25 PX4 FA . -12.69 -16.34 26.82
C26 PX4 FA . -13.02 -17.17 28.06
C27 PX4 FA . -12.02 -18.32 28.25
C28 PX4 FA . -12.32 -18.94 29.61
C29 PX4 FA . -12.25 -17.86 30.69
C30 PX4 FA . -12.95 -18.27 31.99
C31 PX4 FA . -12.40 -19.56 32.59
C32 PX4 FA . -13.32 -20.27 33.59
C33 PX4 FA . -14.63 -20.74 32.94
C34 PX4 FA . -15.37 -21.47 34.06
C35 PX4 FA . -16.71 -22.07 33.63
C36 PX4 FA . -17.34 -22.91 34.73
O1 PX4 GA . -1.71 -9.85 24.17
O2 PX4 GA . -3.88 -10.34 22.78
P1 PX4 GA . -3.16 -10.12 24.06
O3 PX4 GA . -3.88 -8.78 24.62
C1 PX4 GA . -5.23 -8.78 24.16
C2 PX4 GA . -5.93 -7.42 24.07
N1 PX4 GA . -6.22 -6.58 25.22
C3 PX4 GA . -6.93 -7.34 26.26
C4 PX4 GA . -4.95 -6.03 25.68
C5 PX4 GA . -7.03 -5.44 24.78
O4 PX4 GA . -3.59 -10.97 25.37
C6 PX4 GA . -2.73 -10.57 26.44
C7 PX4 GA . -3.69 -10.27 27.58
C8 PX4 GA . -4.56 -11.51 27.78
O5 PX4 GA . -5.99 -11.48 27.78
C9 PX4 GA . -6.69 -12.36 27.03
O6 PX4 GA . -6.14 -13.12 26.24
C10 PX4 GA . -8.21 -12.22 27.21
C11 PX4 GA . -8.77 -13.23 28.23
C12 PX4 GA . -10.01 -12.58 28.84
C13 PX4 GA . -10.45 -13.48 30.00
C14 PX4 GA . -9.22 -13.71 30.87
C15 PX4 GA . -9.51 -14.78 31.92
C16 PX4 GA . -8.48 -14.94 33.04
C17 PX4 GA . -7.07 -15.00 32.44
C18 PX4 GA . -5.91 -14.85 33.42
C19 PX4 GA . -6.10 -13.63 34.32
C20 PX4 GA . -5.08 -13.79 35.45
C21 PX4 GA . -5.18 -12.63 36.44
C22 PX4 GA . -4.30 -12.92 37.65
O7 PX4 GA . -3.03 -9.77 28.76
C23 PX4 GA . -3.57 -8.60 29.20
O8 PX4 GA . -4.44 -8.09 28.49
C24 PX4 GA . -2.84 -7.84 30.30
C25 PX4 GA . -1.55 -8.56 30.70
C26 PX4 GA . -0.84 -7.81 31.83
C27 PX4 GA . -0.46 -6.43 31.30
C28 PX4 GA . 0.29 -5.75 32.44
C29 PX4 GA . 0.85 -4.37 32.15
C30 PX4 GA . 1.76 -3.91 33.30
C31 PX4 GA . 2.95 -4.85 33.61
C32 PX4 GA . 3.83 -4.15 34.64
C33 PX4 GA . 4.65 -3.01 34.03
C34 PX4 GA . 5.05 -1.98 35.09
C35 PX4 GA . 6.06 -1.04 34.43
C36 PX4 GA . 7.30 -1.79 33.93
O1 PX4 HA . 21.20 26.35 9.60
O2 PX4 HA . 18.79 26.04 8.78
P1 PX4 HA . 19.77 26.72 9.65
O3 PX4 HA . 19.56 28.25 9.18
C1 PX4 HA . 18.24 28.78 9.34
C2 PX4 HA . 18.08 30.16 8.71
N1 PX4 HA . 16.90 31.02 8.95
C3 PX4 HA . 16.83 31.12 10.42
C4 PX4 HA . 17.09 32.36 8.38
C5 PX4 HA . 15.73 30.27 8.48
O4 PX4 HA . 19.05 26.84 11.07
C6 PX4 HA . 20.19 26.84 11.91
C7 PX4 HA . 19.95 27.08 13.41
C8 PX4 HA . 18.53 27.60 13.42
O5 PX4 HA . 18.30 28.95 13.85
C9 PX4 HA . 17.05 29.47 13.67
O6 PX4 HA . 16.13 28.78 13.28
C10 PX4 HA . 16.82 30.92 14.06
C11 PX4 HA . 16.81 31.25 15.56
C12 PX4 HA . 16.68 32.74 15.88
C13 PX4 HA . 16.38 33.05 17.35
C14 PX4 HA . 15.15 32.37 17.96
C15 PX4 HA . 15.23 32.65 19.45
C16 PX4 HA . 14.02 32.01 20.12
C17 PX4 HA . 14.03 30.48 19.98
C18 PX4 HA . 12.75 29.91 20.61
C19 PX4 HA . 12.67 28.38 20.52
C20 PX4 HA . 11.72 27.80 21.58
C21 PX4 HA . 11.63 26.27 21.62
C22 PX4 HA . 10.87 25.98 22.92
O7 PX4 HA . 20.15 25.96 14.28
C23 PX4 HA . 21.45 25.95 14.72
O8 PX4 HA . 22.33 26.46 14.04
C24 PX4 HA . 21.73 25.54 16.16
C25 PX4 HA . 21.14 24.24 16.69
C26 PX4 HA . 21.65 24.10 18.13
C27 PX4 HA . 23.17 24.20 18.23
C28 PX4 HA . 23.59 23.66 19.61
C29 PX4 HA . 25.10 23.72 19.80
C30 PX4 HA . 25.53 23.28 21.20
C31 PX4 HA . 27.04 23.35 21.45
C32 PX4 HA . 27.43 23.10 22.91
C33 PX4 HA . 26.92 24.09 23.96
C34 PX4 HA . 27.49 23.95 25.37
C35 PX4 HA . 26.87 25.02 26.27
C36 PX4 HA . 27.10 24.73 27.76
O1 PX4 IA . 1.55 -12.84 16.33
O2 PX4 IA . 2.57 -15.02 17.08
P1 PX4 IA . 2.04 -13.69 17.43
O3 PX4 IA . 0.63 -14.00 18.16
C1 PX4 IA . 0.81 -15.13 19.03
C2 PX4 IA . -0.20 -16.25 18.79
N1 PX4 IA . -0.23 -17.43 19.66
C3 PX4 IA . -0.73 -17.07 21.00
C4 PX4 IA . -1.36 -18.22 19.11
C5 PX4 IA . 0.93 -18.32 19.67
O4 PX4 IA . 2.76 -12.86 18.62
C6 PX4 IA . 2.25 -11.53 18.66
C7 PX4 IA . 2.62 -10.59 19.81
C8 PX4 IA . 2.58 -11.49 21.06
O5 PX4 IA . 2.03 -10.75 22.16
C9 PX4 IA . 1.94 -11.45 23.32
O6 PX4 IA . 2.16 -12.66 23.36
C10 PX4 IA . 1.54 -10.69 24.59
C11 PX4 IA . 1.66 -9.16 24.56
C12 PX4 IA . 1.18 -8.62 25.90
C13 PX4 IA . 0.60 -7.22 25.68
C14 PX4 IA . -0.18 -6.91 26.96
C15 PX4 IA . -0.78 -5.53 26.73
C16 PX4 IA . -1.09 -4.82 28.05
C17 PX4 IA . -1.87 -3.53 27.80
C18 PX4 IA . -2.31 -2.87 29.10
C19 PX4 IA . -3.29 -3.80 29.84
C20 PX4 IA . -4.69 -3.86 29.23
C21 PX4 IA . -5.52 -4.94 29.93
C22 PX4 IA . -7.00 -4.86 29.58
O7 PX4 IA . 3.72 -9.71 19.66
C23 PX4 IA . 3.56 -8.37 19.47
O8 PX4 IA . 2.48 -7.76 19.53
C24 PX4 IA . 4.88 -7.62 19.61
C25 PX4 IA . 5.12 -6.74 20.84
C26 PX4 IA . 5.18 -7.60 22.10
C27 PX4 IA . 5.44 -6.81 23.37
C28 PX4 IA . 4.11 -6.13 23.72
C29 PX4 IA . 4.40 -5.25 24.93
C30 PX4 IA . 3.21 -4.33 25.16
C31 PX4 IA . 3.46 -3.63 26.50
C32 PX4 IA . 2.35 -2.72 27.04
C33 PX4 IA . 2.65 -2.34 28.50
C34 PX4 IA . 3.73 -1.26 28.45
C35 PX4 IA . 4.46 -1.11 29.78
C36 PX4 IA . 5.66 -0.16 29.73
O1 PX4 JA . -32.03 -7.85 21.44
O2 PX4 JA . -33.90 -9.44 22.39
P1 PX4 JA . -33.28 -8.11 22.19
O3 PX4 JA . -34.42 -7.24 21.46
C1 PX4 JA . -34.30 -7.30 20.04
C2 PX4 JA . -35.25 -6.41 19.24
N1 PX4 JA . -35.61 -5.07 19.73
C3 PX4 JA . -36.43 -5.12 20.96
C4 PX4 JA . -34.47 -4.15 19.93
C5 PX4 JA . -36.41 -4.44 18.67
O4 PX4 JA . -33.18 -7.44 23.64
C6 PX4 JA . -34.23 -7.90 24.50
C7 PX4 JA . -34.22 -7.31 25.90
C8 PX4 JA . -32.94 -6.50 26.15
O5 PX4 JA . -32.34 -6.55 27.45
C9 PX4 JA . -31.07 -6.07 27.63
O6 PX4 JA . -30.31 -5.97 26.67
C10 PX4 JA . -30.72 -6.05 29.12
C11 PX4 JA . -30.94 -4.59 29.54
C12 PX4 JA . -30.19 -4.35 30.85
C13 PX4 JA . -28.67 -4.40 30.74
C14 PX4 JA . -28.02 -4.06 32.09
C15 PX4 JA . -27.01 -5.18 32.32
C16 PX4 JA . -26.06 -4.73 33.43
C17 PX4 JA . -26.79 -4.75 34.78
C18 PX4 JA . -25.89 -4.28 35.93
C19 PX4 JA . -26.55 -4.38 37.30
C20 PX4 JA . -25.62 -4.04 38.47
C21 PX4 JA . -26.54 -4.21 39.69
C22 PX4 JA . -26.05 -3.26 40.79
O7 PX4 JA . -35.41 -6.54 26.06
C23 PX4 JA . -36.55 -7.08 26.53
O8 PX4 JA . -37.56 -7.01 25.84
C24 PX4 JA . -36.35 -8.24 27.52
C25 PX4 JA . -37.32 -8.26 28.69
C26 PX4 JA . -36.65 -8.17 30.07
C27 PX4 JA . -37.66 -8.31 31.20
C28 PX4 JA . -36.92 -8.41 32.54
C29 PX4 JA . -37.85 -8.89 33.67
C30 PX4 JA . -37.34 -8.78 35.11
C31 PX4 JA . -38.45 -9.48 35.87
C32 PX4 JA . -38.13 -9.42 37.37
C33 PX4 JA . -39.12 -10.06 38.36
C34 PX4 JA . -39.23 -11.57 38.15
C35 PX4 JA . -40.19 -12.29 39.10
C36 PX4 JA . -40.04 -13.76 38.69
O1 PX4 KA . -21.73 -13.30 20.31
O2 PX4 KA . -22.82 -15.34 21.47
P1 PX4 KA . -22.91 -14.00 20.85
O3 PX4 KA . -24.05 -14.03 19.71
C1 PX4 KA . -24.31 -15.31 19.14
C2 PX4 KA . -25.43 -15.37 18.09
N1 PX4 KA . -25.32 -14.69 16.80
C3 PX4 KA . -26.61 -14.86 16.10
C4 PX4 KA . -25.08 -13.25 16.84
C5 PX4 KA . -24.32 -15.26 15.88
O4 PX4 KA . -23.80 -13.00 21.75
C6 PX4 KA . -23.83 -13.37 23.11
C7 PX4 KA . -24.88 -14.43 23.50
C8 PX4 KA . -24.37 -15.62 24.32
O5 PX4 KA . -23.18 -15.15 24.95
C9 PX4 KA . -22.38 -16.12 25.49
O6 PX4 KA . -22.86 -17.23 25.73
C10 PX4 KA . -21.02 -15.70 26.06
C11 PX4 KA . -20.88 -14.20 26.28
C12 PX4 KA . -20.07 -14.26 27.57
C13 PX4 KA . -20.84 -14.99 28.68
C14 PX4 KA . -20.35 -14.83 30.11
C15 PX4 KA . -21.24 -15.70 31.00
C16 PX4 KA . -21.17 -15.48 32.51
C17 PX4 KA . -22.31 -16.29 33.14
C18 PX4 KA . -22.37 -16.28 34.66
C19 PX4 KA . -23.51 -17.16 35.18
C20 PX4 KA . -23.07 -18.19 36.21
C21 PX4 KA . -24.25 -19.04 36.69
C22 PX4 KA . -25.29 -18.08 37.25
O7 PX4 KA . -26.03 -13.88 24.17
C23 PX4 KA . -27.22 -14.54 24.06
O8 PX4 KA . -27.41 -15.51 23.32
C24 PX4 KA . -28.38 -13.91 24.83
C25 PX4 KA . -28.35 -14.40 26.29
C26 PX4 KA . -29.22 -13.44 27.10
C27 PX4 KA . -29.20 -13.75 28.60
C28 PX4 KA . -29.96 -12.68 29.38
C29 PX4 KA . -29.67 -12.76 30.88
C30 PX4 KA . -30.86 -12.16 31.61
C31 PX4 KA . -30.53 -12.03 33.09
C32 PX4 KA . -30.31 -13.36 33.81
C33 PX4 KA . -29.72 -13.03 35.19
C34 PX4 KA . -28.77 -14.08 35.76
C35 PX4 KA . -28.62 -13.96 37.28
C36 PX4 KA . -28.18 -15.20 38.06
O1 PX4 LA . -25.47 5.41 20.97
O2 PX4 LA . -25.72 2.91 20.87
P1 PX4 LA . -25.20 4.10 21.59
O3 PX4 LA . -26.10 4.16 22.93
C1 PX4 LA . -27.50 4.08 22.68
C2 PX4 LA . -28.12 3.72 24.03
N1 PX4 LA . -28.24 2.29 24.36
C3 PX4 LA . -29.15 1.51 23.53
C4 PX4 LA . -26.94 1.60 24.39
C5 PX4 LA . -28.75 2.15 25.72
O4 PX4 LA . -23.74 3.91 22.27
C6 PX4 LA . -23.21 5.12 22.81
C7 PX4 LA . -22.79 4.93 24.27
C8 PX4 LA . -24.04 4.54 25.06
O5 PX4 LA . -24.40 5.37 26.16
C9 PX4 LA . -25.42 4.77 26.81
O6 PX4 LA . -25.87 3.65 26.62
C10 PX4 LA . -25.96 5.57 28.01
C11 PX4 LA . -26.00 4.83 29.35
C12 PX4 LA . -27.34 4.09 29.42
C13 PX4 LA . -27.64 3.64 30.85
C14 PX4 LA . -26.58 2.87 31.62
C15 PX4 LA . -27.05 2.15 32.88
C16 PX4 LA . -26.30 0.96 33.48
C17 PX4 LA . -27.01 0.24 34.62
C18 PX4 LA . -27.16 1.21 35.79
C19 PX4 LA . -27.95 0.60 36.96
C20 PX4 LA . -28.02 1.58 38.13
C21 PX4 LA . -28.87 1.18 39.35
C22 PX4 LA . -28.36 0.00 40.17
O7 PX4 LA . -21.64 4.12 24.54
C23 PX4 LA . -20.38 4.61 24.42
O8 PX4 LA . -19.99 5.18 23.41
C24 PX4 LA . -19.39 3.81 25.26
C25 PX4 LA . -19.45 4.18 26.74
C26 PX4 LA . -18.70 3.03 27.43
C27 PX4 LA . -18.24 3.41 28.83
C28 PX4 LA . -17.32 2.36 29.46
C29 PX4 LA . -16.97 2.66 30.92
C30 PX4 LA . -18.29 2.76 31.68
C31 PX4 LA . -17.93 3.13 33.13
C32 PX4 LA . -18.22 1.93 34.03
C33 PX4 LA . -17.62 2.25 35.40
C34 PX4 LA . -16.62 1.23 35.98
C35 PX4 LA . -16.26 1.62 37.41
C36 PX4 LA . -15.17 0.84 38.15
O1 PX4 MA . -15.72 0.34 17.47
O2 PX4 MA . -16.59 -0.97 19.56
P1 PX4 MA . -16.43 0.26 18.76
O3 PX4 MA . -17.88 0.91 18.45
C1 PX4 MA . -18.79 0.89 19.56
C2 PX4 MA . -20.14 1.54 19.26
N1 PX4 MA . -20.98 2.22 20.23
C3 PX4 MA . -22.14 2.74 19.47
C4 PX4 MA . -21.47 1.24 21.21
C5 PX4 MA . -20.21 3.34 20.80
O4 PX4 MA . -15.97 1.35 19.86
C6 PX4 MA . -15.15 0.73 20.85
C7 PX4 MA . -14.93 1.61 22.08
C8 PX4 MA . -16.08 1.46 23.09
O5 PX4 MA . -16.69 0.17 23.16
C9 PX4 MA . -18.02 0.33 23.40
O6 PX4 MA . -18.67 1.27 22.96
C10 PX4 MA . -18.69 -0.97 23.83
C11 PX4 MA . -18.55 -1.23 25.33
C12 PX4 MA . -19.32 -2.44 25.87
C13 PX4 MA . -19.44 -2.26 27.38
C14 PX4 MA . -18.08 -2.03 28.04
C15 PX4 MA . -18.10 -2.08 29.57
C16 PX4 MA . -16.67 -2.12 30.13
C17 PX4 MA . -16.77 -2.55 31.58
C18 PX4 MA . -17.47 -1.51 32.46
C19 PX4 MA . -17.43 -1.91 33.94
C20 PX4 MA . -17.88 -3.30 34.36
C21 PX4 MA . -16.98 -3.61 35.56
C22 PX4 MA . -17.52 -2.80 36.74
O7 PX4 MA . -13.75 1.08 22.70
C23 PX4 MA . -12.48 1.50 22.41
O8 PX4 MA . -12.34 2.20 21.41
C24 PX4 MA . -11.33 1.18 23.35
C25 PX4 MA . -11.22 2.27 24.43
C26 PX4 MA . -10.08 1.99 25.40
C27 PX4 MA . -10.19 3.11 26.45
C28 PX4 MA . -8.94 2.92 27.31
C29 PX4 MA . -9.21 3.61 28.65
C30 PX4 MA . -8.09 3.45 29.67
C31 PX4 MA . -8.51 3.98 31.05
C32 PX4 MA . -9.68 3.18 31.64
C33 PX4 MA . -9.88 3.55 33.10
C34 PX4 MA . -11.15 2.95 33.74
C35 PX4 MA . -11.15 3.47 35.18
C36 PX4 MA . -12.45 3.03 35.81
O1 PX4 NA . -18.53 -18.27 20.15
O2 PX4 NA . -20.40 -17.05 18.87
P1 PX4 NA . -19.23 -17.03 19.77
O3 PX4 NA . -18.15 -16.13 18.97
C1 PX4 NA . -17.97 -16.55 17.62
C2 PX4 NA . -16.82 -15.86 16.88
N1 PX4 NA . -16.90 -14.40 16.77
C3 PX4 NA . -15.68 -13.95 16.08
C4 PX4 NA . -18.08 -14.08 15.95
C5 PX4 NA . -16.98 -13.63 18.01
O4 PX4 NA . -19.37 -16.16 21.12
C6 PX4 NA . -18.05 -16.03 21.67
C7 PX4 NA . -17.94 -15.32 23.01
C8 PX4 NA . -18.93 -14.16 22.83
O5 PX4 NA . -18.34 -12.99 23.40
C9 PX4 NA . -19.30 -12.12 23.79
O6 PX4 NA . -20.49 -12.24 23.54
C10 PX4 NA . -18.65 -10.92 24.51
C11 PX4 NA . -18.36 -11.23 25.98
C12 PX4 NA . -18.01 -9.97 26.77
C13 PX4 NA . -17.94 -10.40 28.25
C14 PX4 NA . -16.94 -11.55 28.29
C15 PX4 NA . -16.81 -11.87 29.78
C16 PX4 NA . -15.66 -12.87 29.90
C17 PX4 NA . -15.65 -13.43 31.33
C18 PX4 NA . -14.29 -14.05 31.62
C19 PX4 NA . -14.13 -14.56 33.04
C20 PX4 NA . -14.53 -13.50 34.08
C21 PX4 NA . -14.02 -13.72 35.49
C22 PX4 NA . -14.62 -14.99 36.12
O7 PX4 NA . -18.28 -16.11 24.16
C23 PX4 NA . -17.46 -17.14 24.50
O8 PX4 NA . -16.36 -17.28 23.97
C24 PX4 NA . -17.82 -17.87 25.81
C25 PX4 NA . -16.88 -17.29 26.87
C26 PX4 NA . -17.40 -17.86 28.20
C27 PX4 NA . -16.85 -17.10 29.41
C28 PX4 NA . -17.58 -17.58 30.68
C29 PX4 NA . -17.03 -16.96 31.96
C30 PX4 NA . -17.69 -17.64 33.18
C31 PX4 NA . -17.16 -16.98 34.45
C32 PX4 NA . -18.10 -17.40 35.58
C33 PX4 NA . -17.89 -18.92 35.61
C34 PX4 NA . -18.85 -19.73 36.47
C35 PX4 NA . -18.96 -19.22 37.90
C36 PX4 NA . -20.08 -19.89 38.70
O1 PX4 OA . -6.05 -17.67 19.70
O2 PX4 OA . -8.41 -18.37 19.10
P1 PX4 OA . -7.50 -17.71 20.06
O3 PX4 OA . -8.20 -16.29 20.35
C1 PX4 OA . -7.11 -15.67 21.04
C2 PX4 OA . -7.23 -14.24 21.55
N1 PX4 OA . -6.05 -13.46 21.98
C3 PX4 OA . -5.22 -14.17 22.97
C4 PX4 OA . -5.26 -12.90 20.87
C5 PX4 OA . -6.55 -12.24 22.63
O4 PX4 OA . -7.57 -18.52 21.45
C6 PX4 OA . -6.91 -19.80 21.48
C7 PX4 OA . -6.87 -20.53 22.81
C8 PX4 OA . -6.85 -19.42 23.86
O5 PX4 OA . -5.53 -19.04 24.32
C9 PX4 OA . -5.28 -17.71 24.25
O6 PX4 OA . -6.02 -16.98 23.58
C10 PX4 OA . -4.12 -17.24 25.14
C11 PX4 OA . -4.45 -16.36 26.34
C12 PX4 OA . -3.28 -16.07 27.28
C13 PX4 OA . -3.85 -15.14 28.36
C14 PX4 OA . -2.78 -14.84 29.40
C15 PX4 OA . -3.35 -13.89 30.48
C16 PX4 OA . -2.30 -13.65 31.54
C17 PX4 OA . -2.86 -12.65 32.54
C18 PX4 OA . -1.82 -12.14 33.55
C19 PX4 OA . -2.15 -11.26 34.75
C20 PX4 OA . -0.89 -11.12 35.60
C21 PX4 OA . -0.27 -12.49 35.85
C22 PX4 OA . 1.00 -12.47 36.73
O7 PX4 OA . -7.86 -21.54 22.90
C23 PX4 OA . -7.43 -22.83 23.06
O8 PX4 OA . -6.54 -23.24 22.32
C24 PX4 OA . -8.59 -23.69 23.58
C25 PX4 OA . -9.05 -23.52 25.02
C26 PX4 OA . -7.90 -23.47 26.03
C27 PX4 OA . -8.35 -23.38 27.48
C28 PX4 OA . -7.08 -23.14 28.29
C29 PX4 OA . -6.25 -24.37 27.91
C30 PX4 OA . -4.81 -24.40 28.46
C31 PX4 OA . -4.90 -24.49 29.97
C32 PX4 OA . -3.49 -24.48 30.53
C33 PX4 OA . -3.60 -24.73 32.03
C34 PX4 OA . -2.21 -24.77 32.66
C35 PX4 OA . -2.23 -25.15 34.14
C36 PX4 OA . -0.82 -25.11 34.68
O1 PX4 PA . -6.67 -30.72 23.49
O2 PX4 PA . -5.21 -29.46 21.76
P1 PX4 PA . -5.36 -30.29 22.98
O3 PX4 PA . -4.36 -31.53 22.85
C1 PX4 PA . -3.06 -31.06 22.46
C2 PX4 PA . -2.28 -32.16 21.74
N1 PX4 PA . -0.91 -31.91 21.27
C3 PX4 PA . 0.05 -31.75 22.37
C4 PX4 PA . -0.43 -33.14 20.60
C5 PX4 PA . -0.70 -30.84 20.29
O4 PX4 PA . -4.44 -29.63 24.13
C6 PX4 PA . -5.05 -28.40 24.56
C7 PX4 PA . -4.31 -27.51 25.57
C8 PX4 PA . -2.97 -28.24 25.80
O5 PX4 PA . -2.64 -28.15 27.19
C9 PX4 PA . -1.34 -28.22 27.56
O6 PX4 PA . -0.47 -28.35 26.70
C10 PX4 PA . -1.02 -28.19 29.07
C11 PX4 PA . 0.40 -27.89 29.54
C12 PX4 PA . 0.58 -27.87 31.06
C13 PX4 PA . 1.77 -27.01 31.52
C14 PX4 PA . 2.06 -27.65 32.87
C15 PX4 PA . 2.87 -26.79 33.83
C16 PX4 PA . 2.95 -27.27 35.27
C17 PX4 PA . 4.11 -26.78 36.14
C18 PX4 PA . 3.97 -27.34 37.55
C19 PX4 PA . 5.19 -26.93 38.41
C20 PX4 PA . 5.18 -27.66 39.75
C21 PX4 PA . 5.22 -29.19 39.81
C22 PX4 PA . 5.14 -29.52 41.30
O7 PX4 PA . -4.28 -26.13 25.17
C23 PX4 PA . -3.44 -25.52 24.29
O8 PX4 PA . -2.88 -26.16 23.40
C24 PX4 PA . -3.48 -23.99 24.18
C25 PX4 PA . -3.44 -23.23 25.50
C26 PX4 PA . -3.24 -21.73 25.28
C27 PX4 PA . -3.14 -20.95 26.59
C28 PX4 PA . -1.91 -20.07 26.63
C29 PX4 PA . -1.70 -19.48 28.03
C30 PX4 PA . -0.46 -18.58 28.10
C31 PX4 PA . -0.38 -18.00 29.51
C32 PX4 PA . 0.82 -17.05 29.60
C33 PX4 PA . 0.98 -16.54 31.04
C34 PX4 PA . 2.11 -15.52 31.09
C35 PX4 PA . 2.80 -15.39 32.45
C36 PX4 PA . 3.29 -13.94 32.36
O1 PX4 QA . 10.26 -24.35 16.61
O2 PX4 QA . 12.46 -25.58 16.14
P1 PX4 QA . 11.23 -25.41 16.95
O3 PX4 QA . 10.59 -26.88 16.93
C1 PX4 QA . 10.44 -27.26 15.55
C2 PX4 QA . 9.46 -28.38 15.19
N1 PX4 QA . 10.04 -29.72 15.41
C3 PX4 QA . 9.05 -30.62 14.81
C4 PX4 QA . 11.26 -29.93 14.61
C5 PX4 QA . 10.14 -30.05 16.83
O4 PX4 QA . 11.64 -25.50 18.51
C6 PX4 QA . 12.26 -26.77 18.77
C7 PX4 QA . 12.77 -26.89 20.21
C8 PX4 QA . 11.56 -26.56 21.09
O5 PX4 QA . 11.87 -25.98 22.36
C9 PX4 QA . 10.86 -25.60 23.20
O6 PX4 QA . 9.72 -25.55 22.74
C10 PX4 QA . 11.09 -25.06 24.62
C11 PX4 QA . 10.73 -26.12 25.66
C12 PX4 QA . 10.48 -25.42 27.01
C13 PX4 QA . 10.09 -26.49 28.04
C14 PX4 QA . 10.03 -25.91 29.47
C15 PX4 QA . 11.31 -25.19 29.87
C16 PX4 QA . 11.06 -24.39 31.15
C17 PX4 QA . 9.83 -23.51 30.82
C18 PX4 QA . 9.37 -22.85 32.12
C19 PX4 QA . 9.09 -23.85 33.25
C20 PX4 QA . 8.47 -23.13 34.45
C21 PX4 QA . 7.49 -24.14 35.05
C22 PX4 QA . 7.41 -23.81 36.55
O7 PX4 QA . 13.27 -28.21 20.37
C23 PX4 QA . 14.60 -28.47 20.57
O8 PX4 QA . 15.42 -27.68 20.12
C24 PX4 QA . 14.81 -29.97 20.75
C25 PX4 QA . 14.97 -30.37 22.21
C26 PX4 QA . 14.88 -31.87 22.51
C27 PX4 QA . 14.86 -31.88 24.03
C28 PX4 QA . 16.28 -31.71 24.58
C29 PX4 QA . 16.34 -31.88 26.10
C30 PX4 QA . 17.77 -31.76 26.64
C31 PX4 QA . 17.74 -31.58 28.15
C32 PX4 QA . 19.06 -31.06 28.71
C33 PX4 QA . 18.80 -30.67 30.17
C34 PX4 QA . 18.64 -31.82 31.17
C35 PX4 QA . 17.63 -31.48 32.27
C36 PX4 QA . 17.47 -32.52 33.38
O1 PX4 RA . -33.23 -3.75 23.48
O2 PX4 RA . -32.59 -2.29 21.46
P1 PX4 RA . -32.33 -2.76 22.85
O3 PX4 RA . -30.93 -3.55 22.80
C1 PX4 RA . -31.05 -4.72 21.99
C2 PX4 RA . -29.69 -5.34 21.73
N1 PX4 RA . -28.92 -5.87 22.88
C3 PX4 RA . -29.69 -6.78 23.76
C4 PX4 RA . -27.76 -6.62 22.37
C5 PX4 RA . -28.23 -4.78 23.58
O4 PX4 RA . -31.85 -1.55 23.79
C6 PX4 RA . -31.68 -1.96 25.14
C7 PX4 RA . -31.20 -0.98 26.22
C8 PX4 RA . -32.52 -0.59 26.87
O5 PX4 RA . -33.31 -1.75 27.14
C9 PX4 RA . -34.66 -1.62 27.24
O6 PX4 RA . -35.28 -0.67 26.77
C10 PX4 RA . -35.29 -2.92 27.79
C11 PX4 RA . -34.71 -3.31 29.15
C12 PX4 RA . -35.34 -4.62 29.65
C13 PX4 RA . -34.62 -5.05 30.94
C14 PX4 RA . -34.54 -3.95 31.99
C15 PX4 RA . -33.87 -4.52 33.24
C16 PX4 RA . -34.83 -4.73 34.41
C17 PX4 RA . -34.17 -4.94 35.78
C18 PX4 RA . -35.30 -5.24 36.77
C19 PX4 RA . -34.70 -5.88 38.01
C20 PX4 RA . -35.77 -6.01 39.09
C21 PX4 RA . -35.15 -6.90 40.17
C22 PX4 RA . -33.90 -6.16 40.64
O7 PX4 RA . -30.25 -1.51 27.17
C23 PX4 RA . -28.95 -1.52 26.76
O8 PX4 RA . -28.52 -1.07 25.71
C24 PX4 RA . -28.01 -2.16 27.78
C25 PX4 RA . -26.57 -2.33 27.32
C26 PX4 RA . -25.64 -2.67 28.49
C27 PX4 RA . -24.17 -2.31 28.23
C28 PX4 RA . -23.32 -2.76 29.41
C29 PX4 RA . -23.53 -2.00 30.70
C30 PX4 RA . -22.61 -2.37 31.88
C31 PX4 RA . -23.20 -1.90 33.21
C32 PX4 RA . -22.19 -1.96 34.36
C33 PX4 RA . -22.78 -1.41 35.66
C34 PX4 RA . -21.87 -1.80 36.84
C35 PX4 RA . -22.47 -1.30 38.16
C36 PX4 RA . -21.64 -1.98 39.24
O1 PX4 SA . -30.16 -11.20 20.27
O2 PX4 SA . -29.99 -13.80 20.81
P1 PX4 SA . -30.60 -12.46 20.90
O3 PX4 SA . -32.07 -12.54 20.25
C1 PX4 SA . -32.95 -13.39 20.97
C2 PX4 SA . -34.10 -13.94 20.14
N1 PX4 SA . -35.34 -14.46 20.71
C3 PX4 SA . -36.20 -13.56 21.52
C4 PX4 SA . -36.26 -14.84 19.61
C5 PX4 SA . -35.07 -15.78 21.31
O4 PX4 SA . -30.97 -12.07 22.43
C6 PX4 SA . -30.82 -10.68 22.69
C7 PX4 SA . -30.72 -10.36 24.18
C8 PX4 SA . -31.77 -11.14 24.97
O5 PX4 SA . -32.69 -10.55 25.88
C9 PX4 SA . -33.01 -11.43 26.88
O6 PX4 SA . -32.76 -12.62 26.78
C10 PX4 SA . -33.74 -10.64 27.96
C11 PX4 SA . -32.79 -10.08 29.00
C12 PX4 SA . -33.52 -9.50 30.22
C13 PX4 SA . -32.61 -8.75 31.18
C14 PX4 SA . -33.37 -8.23 32.41
C15 PX4 SA . -32.45 -7.60 33.45
C16 PX4 SA . -31.37 -8.63 33.79
C17 PX4 SA . -30.29 -8.09 34.73
C18 PX4 SA . -29.23 -9.13 35.09
C19 PX4 SA . -28.02 -8.64 35.89
C20 PX4 SA . -27.30 -9.89 36.41
C21 PX4 SA . -26.81 -9.78 37.86
C22 PX4 SA . -26.19 -11.10 38.36
O7 PX4 SA . -29.51 -10.70 24.87
C23 PX4 SA . -28.28 -10.16 24.69
O8 PX4 SA . -28.06 -9.47 23.69
C24 PX4 SA . -27.14 -10.55 25.64
C25 PX4 SA . -25.74 -10.16 25.18
C26 PX4 SA . -24.72 -10.55 26.25
C27 PX4 SA . -23.42 -9.78 25.95
C28 PX4 SA . -22.25 -10.16 26.88
C29 PX4 SA . -22.63 -10.15 28.36
C30 PX4 SA . -21.51 -10.82 29.19
C31 PX4 SA . -22.17 -11.17 30.52
C32 PX4 SA . -21.38 -11.85 31.64
C33 PX4 SA . -20.18 -10.97 31.99
C34 PX4 SA . -19.69 -11.31 33.39
C35 PX4 SA . -18.95 -12.66 33.38
C36 PX4 SA . -18.40 -13.03 34.75
O1 PX4 TA . -11.26 11.01 13.44
O2 PX4 TA . -13.67 10.12 12.98
P1 PX4 TA . -12.70 10.87 13.79
O3 PX4 TA . -13.34 12.32 14.04
C1 PX4 TA . -14.76 12.27 14.16
C2 PX4 TA . -15.40 13.62 14.46
N1 PX4 TA . -16.10 14.28 13.36
C3 PX4 TA . -15.21 14.87 12.35
C4 PX4 TA . -17.03 13.34 12.71
C5 PX4 TA . -16.94 15.31 14.00
O4 PX4 TA . -12.75 10.30 15.29
C6 PX4 TA . -12.23 8.97 15.48
C7 PX4 TA . -12.00 8.68 16.96
C8 PX4 TA . -12.13 10.01 17.71
O5 PX4 TA . -11.73 9.90 19.07
C9 PX4 TA . -12.64 9.84 20.08
O6 PX4 TA . -13.83 10.07 19.85
C10 PX4 TA . -12.09 9.54 21.47
C11 PX4 TA . -13.13 9.31 22.58
C12 PX4 TA . -12.39 9.29 23.91
C13 PX4 TA . -13.54 9.21 24.92
C14 PX4 TA . -14.44 10.44 24.97
C15 PX4 TA . -15.82 9.98 25.47
C16 PX4 TA . -15.55 9.22 26.77
C17 PX4 TA . -16.73 9.09 27.73
C18 PX4 TA . -16.13 8.68 29.09
C19 PX4 TA . -15.01 9.57 29.60
C20 PX4 TA . -14.66 9.36 31.08
C21 PX4 TA . -15.86 9.79 31.92
C22 PX4 TA . -16.20 11.25 31.64
O7 PX4 TA . -12.80 7.62 17.49
C23 PX4 TA . -12.34 6.36 17.70
O8 PX4 TA . -11.39 6.06 16.97
C24 PX4 TA . -13.20 5.48 18.60
C25 PX4 TA . -13.00 5.86 20.08
C26 PX4 TA . -13.98 5.11 20.99
C27 PX4 TA . -13.54 5.37 22.43
C28 PX4 TA . -14.65 5.09 23.45
C29 PX4 TA . -14.06 5.10 24.88
C30 PX4 TA . -15.00 4.65 26.00
C31 PX4 TA . -14.30 4.49 27.34
C32 PX4 TA . -13.63 5.82 27.65
C33 PX4 TA . -12.91 5.73 28.99
C34 PX4 TA . -13.90 5.40 30.11
C35 PX4 TA . -13.23 5.28 31.48
C36 PX4 TA . -14.39 5.14 32.48
O1 PX4 UA . -7.95 12.12 16.38
O2 PX4 UA . -10.29 12.58 17.37
P1 PX4 UA . -8.86 12.93 17.22
O3 PX4 UA . -8.73 14.52 17.12
C1 PX4 UA . -9.63 15.08 18.08
C2 PX4 UA . -9.87 16.59 18.05
N1 PX4 UA . -10.78 17.13 19.07
C3 PX4 UA . -10.42 16.91 20.49
C4 PX4 UA . -10.47 18.58 19.00
C5 PX4 UA . -12.20 16.83 18.83
O4 PX4 UA . -8.09 12.61 18.61
C6 PX4 UA . -8.44 11.26 18.98
C7 PX4 UA . -7.33 10.47 19.68
C8 PX4 UA . -6.44 11.46 20.46
O5 PX4 UA . -5.10 11.52 19.98
C9 PX4 UA . -4.12 11.98 20.80
O6 PX4 UA . -4.37 12.34 21.95
C10 PX4 UA . -2.74 12.04 20.14
C11 PX4 UA . -1.60 11.69 21.10
C12 PX4 UA . -1.62 10.34 21.81
C13 PX4 UA . -0.32 10.17 22.60
C14 PX4 UA . -0.43 8.97 23.54
C15 PX4 UA . 0.78 8.74 24.44
C16 PX4 UA . 0.51 7.75 25.58
C17 PX4 UA . 1.78 7.60 26.45
C18 PX4 UA . 1.72 6.33 27.29
C19 PX4 UA . 2.88 6.09 28.27
C20 PX4 UA . 2.46 5.02 29.29
C21 PX4 UA . 3.63 4.43 30.07
C22 PX4 UA . 2.93 3.50 31.07
O7 PX4 UA . -7.76 9.29 20.36
C23 PX4 UA . -8.31 8.24 19.70
O8 PX4 UA . -8.17 8.21 18.49
C24 PX4 UA . -9.04 7.15 20.49
C25 PX4 UA . -8.57 6.94 21.93
C26 PX4 UA . -9.39 5.93 22.74
C27 PX4 UA . -8.97 5.86 24.22
C28 PX4 UA . -9.18 7.14 25.02
C29 PX4 UA . -8.74 6.91 26.46
C30 PX4 UA . -9.18 8.16 27.22
C31 PX4 UA . -8.77 8.06 28.69
C32 PX4 UA . -9.51 9.24 29.35
C33 PX4 UA . -9.73 8.78 30.79
C34 PX4 UA . -10.28 9.92 31.66
C35 PX4 UA . -10.94 9.43 32.95
C36 PX4 UA . -11.45 10.54 33.89
O1 PX4 VA . -18.16 -10.05 18.03
O2 PX4 VA . -20.70 -9.44 17.82
P1 PX4 VA . -19.32 -9.20 18.31
O3 PX4 VA . -18.90 -7.84 17.53
C1 PX4 VA . -18.53 -8.03 16.17
C2 PX4 VA . -17.29 -7.17 15.91
N1 PX4 VA . -17.39 -5.72 15.67
C3 PX4 VA . -16.06 -5.39 15.15
C4 PX4 VA . -18.40 -5.33 14.68
C5 PX4 VA . -17.59 -5.06 16.98
O4 PX4 VA . -19.26 -8.65 19.82
C6 PX4 VA . -17.90 -8.43 20.18
C7 PX4 VA . -17.63 -8.15 21.66
C8 PX4 VA . -19.07 -7.96 22.16
O5 PX4 VA . -19.20 -6.85 23.04
C9 PX4 VA . -20.31 -6.93 23.82
O6 PX4 VA . -21.19 -7.76 23.61
C10 PX4 VA . -20.43 -5.97 25.03
C11 PX4 VA . -21.25 -6.64 26.14
C12 PX4 VA . -21.16 -5.82 27.43
C13 PX4 VA . -21.33 -6.81 28.57
C14 PX4 VA . -21.45 -6.03 29.88
C15 PX4 VA . -21.82 -6.99 31.02
C16 PX4 VA . -21.56 -6.23 32.33
C17 PX4 VA . -22.48 -6.94 33.32
C18 PX4 VA . -22.28 -6.32 34.69
C19 PX4 VA . -22.91 -7.07 35.85
C20 PX4 VA . -22.43 -6.57 37.22
C21 PX4 VA . -21.45 -7.46 37.95
C22 PX4 VA . -20.79 -6.39 38.83
O7 PX4 VA . -16.92 -9.17 22.34
C23 PX4 VA . -15.57 -9.11 22.28
O8 PX4 VA . -15.07 -9.13 21.15
C24 PX4 VA . -14.88 -9.84 23.43
C25 PX4 VA . -14.04 -8.89 24.30
C26 PX4 VA . -13.97 -9.47 25.71
C27 PX4 VA . -13.00 -8.78 26.67
C28 PX4 VA . -13.18 -9.45 28.03
C29 PX4 VA . -12.25 -8.71 29.00
C30 PX4 VA . -10.81 -8.79 28.48
C31 PX4 VA . -9.77 -8.35 29.52
C32 PX4 VA . -8.43 -8.88 28.99
C33 PX4 VA . -7.40 -8.77 30.11
C34 PX4 VA . -8.05 -9.42 31.34
C35 PX4 VA . -7.24 -9.59 32.63
C36 PX4 VA . -6.01 -10.49 32.48
O1 PX4 WA . -10.76 -3.54 19.65
O2 PX4 WA . -13.27 -3.20 19.20
P1 PX4 WA . -12.05 -2.91 20.00
O3 PX4 WA . -11.93 -1.33 19.74
C1 PX4 WA . -12.27 -1.05 18.38
C2 PX4 WA . -11.77 0.37 18.10
N1 PX4 WA . -11.67 0.83 16.70
C3 PX4 WA . -12.74 0.30 15.84
C4 PX4 WA . -11.72 2.28 16.75
C5 PX4 WA . -10.37 0.58 16.08
O4 PX4 WA . -12.46 -2.89 21.55
C6 PX4 WA . -13.81 -2.52 21.84
C7 PX4 WA . -14.16 -2.96 23.27
C8 PX4 WA . -14.32 -1.65 24.07
O5 PX4 WA . -13.66 -1.69 25.33
C9 PX4 WA . -13.72 -0.65 26.19
O6 PX4 WA . -14.51 0.29 26.10
C10 PX4 WA . -12.72 -0.74 27.34
C11 PX4 WA . -13.38 -0.16 28.59
C12 PX4 WA . -12.58 0.97 29.26
C13 PX4 WA . -13.29 1.59 30.46
C14 PX4 WA . -13.70 0.64 31.59
C15 PX4 WA . -12.54 -0.09 32.26
C16 PX4 WA . -13.02 -1.03 33.37
C17 PX4 WA . -11.93 -1.69 34.22
C18 PX4 WA . -12.53 -2.15 35.56
C19 PX4 WA . -11.48 -2.84 36.43
C20 PX4 WA . -12.23 -3.33 37.67
C21 PX4 WA . -13.29 -4.40 37.42
C22 PX4 WA . -14.23 -4.63 38.59
O7 PX4 WA . -15.43 -3.60 23.39
C23 PX4 WA . -15.43 -4.84 23.92
O8 PX4 WA . -14.75 -5.75 23.42
C24 PX4 WA . -16.49 -5.24 24.95
C25 PX4 WA . -16.16 -4.92 26.40
C26 PX4 WA . -17.08 -5.78 27.27
C27 PX4 WA . -16.59 -5.76 28.72
C28 PX4 WA . -17.46 -6.70 29.57
C29 PX4 WA . -17.07 -6.37 31.00
C30 PX4 WA . -17.72 -7.34 31.98
C31 PX4 WA . -17.05 -7.07 33.33
C32 PX4 WA . -17.63 -7.94 34.44
C33 PX4 WA . -16.62 -8.17 35.57
C34 PX4 WA . -17.16 -8.79 36.87
C35 PX4 WA . -17.73 -10.19 36.67
C36 PX4 WA . -18.30 -10.78 37.96
O1 PX4 XA . 5.38 -5.20 17.22
O2 PX4 XA . 4.00 -3.24 16.37
P1 PX4 XA . 5.23 -3.75 17.00
O3 PX4 XA . 6.62 -3.35 16.28
C1 PX4 XA . 7.68 -3.49 17.23
C2 PX4 XA . 9.01 -4.03 16.73
N1 PX4 XA . 10.10 -4.20 17.72
C3 PX4 XA . 10.40 -2.85 18.21
C4 PX4 XA . 9.64 -5.07 18.81
C5 PX4 XA . 11.29 -4.82 17.12
O4 PX4 XA . 5.29 -2.99 18.43
C6 PX4 XA . 4.10 -3.31 19.14
C7 PX4 XA . 4.09 -2.79 20.58
C8 PX4 XA . 5.48 -2.26 20.95
O5 PX4 XA . 6.20 -3.05 21.90
C9 PX4 XA . 7.55 -3.18 21.78
O6 PX4 XA . 8.00 -3.10 20.64
C10 PX4 XA . 8.31 -3.77 22.98
C11 PX4 XA . 9.44 -4.64 22.43
C12 PX4 XA . 10.22 -5.30 23.57
C13 PX4 XA . 9.42 -6.54 23.99
C14 PX4 XA . 10.06 -7.14 25.25
C15 PX4 XA . 9.44 -8.48 25.66
C16 PX4 XA . 10.07 -8.97 26.96
C17 PX4 XA . 10.22 -7.73 27.83
C18 PX4 XA . 10.90 -8.06 29.16
C19 PX4 XA . 9.97 -8.95 29.98
C20 PX4 XA . 10.74 -9.36 31.24
C21 PX4 XA . 9.91 -10.39 32.00
C22 PX4 XA . 10.59 -10.81 33.32
O7 PX4 XA . 3.02 -1.92 20.95
C23 PX4 XA . 1.74 -2.40 21.09
O8 PX4 XA . 1.43 -3.54 20.74
C24 PX4 XA . 0.70 -1.39 21.60
C25 PX4 XA . 0.74 -1.47 23.12
C26 PX4 XA . -0.34 -0.49 23.56
C27 PX4 XA . -0.04 0.13 24.94
C28 PX4 XA . -0.69 1.51 24.94
C29 PX4 XA . -0.37 2.21 26.26
C30 PX4 XA . -0.82 1.25 27.37
C31 PX4 XA . -0.85 1.82 28.80
C32 PX4 XA . -1.21 0.82 29.89
C33 PX4 XA . -0.13 0.97 30.96
C34 PX4 XA . -0.06 -0.18 31.96
C35 PX4 XA . 1.08 0.03 32.98
C36 PX4 XA . 0.90 1.26 33.86
O1 PX4 YA . 5.17 -12.54 14.70
O2 PX4 YA . 5.61 -10.06 15.33
P1 PX4 YA . 5.81 -11.51 15.54
O3 PX4 YA . 7.40 -11.70 15.37
C1 PX4 YA . 7.79 -13.05 15.12
C2 PX4 YA . 9.29 -13.39 15.13
N1 PX4 YA . 9.89 -13.33 16.46
C3 PX4 YA . 10.01 -11.98 17.05
C4 PX4 YA . 9.35 -14.28 17.45
C5 PX4 YA . 11.27 -13.72 16.15
O4 PX4 YA . 5.78 -11.65 17.14
C6 PX4 YA . 6.50 -10.58 17.77
C7 PX4 YA . 6.72 -10.69 19.27
C8 PX4 YA . 6.09 -12.04 19.63
O5 PX4 YA . 5.82 -12.30 21.01
C9 PX4 YA . 6.95 -12.44 21.75
O6 PX4 YA . 7.87 -13.06 21.23
C10 PX4 YA . 6.66 -12.44 23.26
C11 PX4 YA . 6.61 -10.94 23.63
C12 PX4 YA . 6.17 -10.75 25.09
C13 PX4 YA . 7.09 -11.50 26.05
C14 PX4 YA . 6.48 -11.53 27.46
C15 PX4 YA . 7.48 -12.06 28.47
C16 PX4 YA . 6.84 -12.81 29.65
C17 PX4 YA . 7.73 -13.10 30.87
C18 PX4 YA . 6.94 -13.79 31.98
C19 PX4 YA . 7.85 -14.10 33.19
C20 PX4 YA . 7.01 -14.63 34.36
C21 PX4 YA . 7.86 -14.72 35.62
C22 PX4 YA . 6.91 -15.43 36.60
O7 PX4 YA . 8.03 -10.46 19.78
C23 PX4 YA . 8.66 -9.27 19.57
O8 PX4 YA . 8.15 -8.36 18.91
C24 PX4 YA . 10.09 -9.02 20.04
C25 PX4 YA . 10.15 -9.58 21.47
C26 PX4 YA . 11.60 -9.61 21.95
C27 PX4 YA . 12.30 -8.26 21.94
C28 PX4 YA . 13.66 -8.21 22.66
C29 PX4 YA . 13.63 -8.68 24.11
C30 PX4 YA . 14.87 -8.47 24.98
C31 PX4 YA . 14.66 -8.98 26.41
C32 PX4 YA . 14.43 -10.49 26.31
C33 PX4 YA . 14.30 -11.20 27.67
C34 PX4 YA . 14.49 -12.70 27.82
C35 PX4 YA . 14.28 -12.94 29.33
C36 PX4 YA . 12.78 -12.71 29.50
O1 PX4 ZA . 16.49 -22.96 16.50
O2 PX4 ZA . 14.47 -21.82 15.35
P1 PX4 ZA . 15.78 -21.74 16.03
O3 PX4 ZA . 16.78 -21.06 14.97
C1 PX4 ZA . 18.12 -20.96 15.48
C2 PX4 ZA . 19.12 -19.91 14.99
N1 PX4 ZA . 18.86 -18.51 15.34
C3 PX4 ZA . 18.78 -18.32 16.79
C4 PX4 ZA . 20.01 -17.77 14.81
C5 PX4 ZA . 17.67 -17.98 14.63
O4 PX4 ZA . 15.88 -20.40 16.93
C6 PX4 ZA . 15.80 -20.37 18.36
C7 PX4 ZA . 15.23 -19.04 18.89
C8 PX4 ZA . 14.04 -19.58 19.69
O5 PX4 ZA . 14.38 -20.46 20.76
C9 PX4 ZA . 13.27 -21.13 21.17
O6 PX4 ZA . 12.19 -20.97 20.60
C10 PX4 ZA . 13.33 -22.03 22.41
C11 PX4 ZA . 14.30 -23.16 22.05
C12 PX4 ZA . 14.64 -23.95 23.31
C13 PX4 ZA . 15.70 -25.00 23.00
C14 PX4 ZA . 16.03 -25.74 24.30
C15 PX4 ZA . 14.79 -26.39 24.91
C16 PX4 ZA . 15.01 -26.96 26.30
C17 PX4 ZA . 16.23 -27.89 26.39
C18 PX4 ZA . 16.63 -27.92 27.87
C19 PX4 ZA . 17.32 -26.68 28.44
C20 PX4 ZA . 17.70 -26.82 29.91
C21 PX4 ZA . 16.43 -27.14 30.72
C22 PX4 ZA . 16.81 -27.05 32.19
O7 PX4 ZA . 16.19 -18.27 19.60
C23 PX4 ZA . 15.97 -17.09 20.21
O8 PX4 ZA . 14.84 -16.60 20.27
C24 PX4 ZA . 17.15 -16.33 20.83
C25 PX4 ZA . 18.48 -17.06 20.85
C26 PX4 ZA . 19.61 -16.03 20.90
C27 PX4 ZA . 20.93 -16.71 21.26
C28 PX4 ZA . 20.81 -17.09 22.73
C29 PX4 ZA . 20.95 -15.95 23.74
C30 PX4 ZA . 20.38 -16.49 25.06
C31 PX4 ZA . 20.58 -15.44 26.14
C32 PX4 ZA . 20.15 -15.90 27.53
C33 PX4 ZA . 20.59 -14.89 28.59
C34 PX4 ZA . 20.00 -15.30 29.95
C35 PX4 ZA . 20.40 -14.35 31.09
C36 PX4 ZA . 20.04 -12.92 30.71
O1 PX4 AB . 19.74 -23.37 14.10
O2 PX4 AB . 21.10 -25.55 14.59
P1 PX4 AB . 20.03 -24.57 14.90
O3 PX4 AB . 18.80 -25.60 14.69
C1 PX4 AB . 19.02 -25.97 13.33
C2 PX4 AB . 18.47 -27.33 12.92
N1 PX4 AB . 18.87 -28.61 13.55
C3 PX4 AB . 20.32 -28.83 13.45
C4 PX4 AB . 18.48 -28.80 14.95
C5 PX4 AB . 18.37 -29.56 12.53
O4 PX4 AB . 19.87 -24.30 16.49
C6 PX4 AB . 19.85 -25.45 17.35
C7 PX4 AB . 19.54 -24.99 18.78
C8 PX4 AB . 18.94 -23.58 18.65
O5 PX4 AB . 18.98 -22.84 19.86
C9 PX4 AB . 18.98 -21.49 19.76
O6 PX4 AB . 19.07 -20.85 18.71
C10 PX4 AB . 19.02 -20.61 21.01
C11 PX4 AB . 18.24 -21.19 22.19
C12 PX4 AB . 17.98 -20.18 23.30
C13 PX4 AB . 17.70 -20.73 24.70
C14 PX4 AB . 18.99 -21.36 25.21
C15 PX4 AB . 18.66 -22.28 26.40
C16 PX4 AB . 18.19 -21.42 27.58
C17 PX4 AB . 18.07 -22.25 28.85
C18 PX4 AB . 17.55 -21.36 29.97
C19 PX4 AB . 17.45 -22.17 31.27
C20 PX4 AB . 16.62 -21.31 32.22
C21 PX4 AB . 16.57 -22.01 33.57
C22 PX4 AB . 15.86 -21.12 34.60
O7 PX4 AB . 18.79 -25.98 19.50
C23 PX4 AB . 19.56 -26.89 20.16
O8 PX4 AB . 20.77 -26.98 20.02
C24 PX4 AB . 18.79 -27.75 21.17
C25 PX4 AB . 19.38 -27.50 22.57
C26 PX4 AB . 18.70 -28.36 23.63
C27 PX4 AB . 19.42 -28.59 24.96
C28 PX4 AB . 20.82 -29.12 24.65
C29 PX4 AB . 21.55 -29.25 25.99
C30 PX4 AB . 22.42 -30.49 25.95
C31 PX4 AB . 23.13 -30.72 27.31
C32 PX4 AB . 22.83 -32.13 27.80
C33 PX4 AB . 23.25 -32.24 29.27
C34 PX4 AB . 23.01 -33.70 29.66
C35 PX4 AB . 23.03 -33.87 31.19
C36 PX4 AB . 21.94 -33.06 31.88
O1 PX4 BB . -17.39 14.64 17.58
O2 PX4 BB . -15.50 12.92 17.50
P1 PX4 BB . -16.72 13.47 18.16
O3 PX4 BB . -17.76 12.32 18.59
C1 PX4 BB . -18.97 12.87 19.07
C2 PX4 BB . -19.89 12.07 19.99
N1 PX4 BB . -20.30 10.74 19.51
C3 PX4 BB . -19.27 9.71 19.60
C4 PX4 BB . -21.45 10.31 20.33
C5 PX4 BB . -20.72 10.88 18.10
O4 PX4 BB . -16.25 13.80 19.68
C6 PX4 BB . -14.94 13.34 20.06
C7 PX4 BB . -14.79 13.24 21.58
C8 PX4 BB . -15.80 12.15 21.90
O5 PX4 BB . -16.93 12.56 22.67
C9 PX4 BB . -17.89 11.67 23.06
O6 PX4 BB . -17.78 10.61 22.44
C10 PX4 BB . -18.98 12.10 24.04
C11 PX4 BB . -18.85 13.43 24.83
C12 PX4 BB . -19.69 13.45 26.10
C13 PX4 BB . -19.47 12.24 27.00
C14 PX4 BB . -20.28 12.43 28.30
C15 PX4 BB . -19.50 12.04 29.56
C16 PX4 BB . -20.47 12.26 30.71
C17 PX4 BB . -20.04 11.86 32.12
C18 PX4 BB . -21.05 12.35 33.17
C19 PX4 BB . -20.50 11.74 34.46
C20 PX4 BB . -19.03 12.03 34.75
C21 PX4 BB . -18.52 11.55 36.11
C22 PX4 BB . -17.08 12.00 36.38
O7 PX4 BB . -13.46 12.82 21.94
C23 PX4 BB . -12.39 13.67 21.89
O8 PX4 BB . -12.43 14.70 21.22
C24 PX4 BB . -11.17 13.11 22.63
C25 PX4 BB . -9.92 13.20 21.77
C26 PX4 BB . -8.70 13.28 22.71
C27 PX4 BB . -8.27 12.02 23.45
C28 PX4 BB . -7.38 12.42 24.63
C29 PX4 BB . -8.19 13.26 25.62
C30 PX4 BB . -7.25 13.66 26.75
C31 PX4 BB . -8.16 14.32 27.79
C32 PX4 BB . -9.22 13.29 28.20
C33 PX4 BB . -10.23 13.72 29.25
C34 PX4 BB . -11.27 12.64 29.57
C35 PX4 BB . -12.30 13.33 30.45
C36 PX4 BB . -11.70 13.93 31.73
O1 PX4 CB . -4.75 13.89 16.78
O2 PX4 CB . -5.77 15.34 18.68
P1 PX4 CB . -4.67 15.02 17.74
O3 PX4 CB . -4.67 16.39 16.89
C1 PX4 CB . -5.54 16.12 15.81
C2 PX4 CB . -5.83 17.30 14.86
N1 PX4 CB . -6.94 17.25 13.91
C3 PX4 CB . -7.08 18.66 13.54
C4 PX4 CB . -6.41 16.40 12.83
C5 PX4 CB . -8.19 16.72 14.50
O4 PX4 CB . -3.24 15.13 18.47
C6 PX4 CB . -3.43 16.33 19.21
C7 PX4 CB . -3.17 16.15 20.71
C8 PX4 CB . -1.71 16.51 20.99
O5 PX4 CB . -1.09 15.51 21.82
C9 PX4 CB . -1.28 15.80 23.13
O6 PX4 CB . -1.50 16.95 23.52
C10 PX4 CB . -1.11 14.65 24.13
C11 PX4 CB . -2.44 13.94 24.37
C12 PX4 CB . -2.38 12.64 25.20
C13 PX4 CB . -1.77 12.91 26.57
C14 PX4 CB . -1.15 11.71 27.29
C15 PX4 CB . -1.07 11.89 28.80
C16 PX4 CB . -0.17 10.83 29.42
C17 PX4 CB . 1.33 11.07 29.32
C18 PX4 CB . 2.13 9.85 29.82
C19 PX4 CB . 3.61 10.16 29.62
C20 PX4 CB . 4.53 8.98 30.00
C21 PX4 CB . 4.32 8.39 31.39
C22 PX4 CB . 5.51 7.48 31.68
O7 PX4 CB . -4.12 16.70 21.62
C23 PX4 CB . -4.33 18.05 21.68
O8 PX4 CB . -3.56 18.80 21.09
C24 PX4 CB . -5.43 18.50 22.63
C25 PX4 CB . -5.09 18.28 24.12
C26 PX4 CB . -6.43 18.21 24.86
C27 PX4 CB . -7.44 17.25 24.22
C28 PX4 CB . -8.74 17.36 25.01
C29 PX4 CB . -9.85 16.42 24.54
C30 PX4 CB . -10.96 16.57 25.58
C31 PX4 CB . -12.12 15.64 25.20
C32 PX4 CB . -13.04 15.26 26.36
C33 PX4 CB . -14.14 14.37 25.78
C34 PX4 CB . -15.33 14.29 26.72
C35 PX4 CB . -16.23 15.54 26.63
C36 PX4 CB . -17.30 15.47 27.71
O1 PX4 DB . -5.37 -1.20 18.12
O2 PX4 DB . -7.71 -2.08 17.47
P1 PX4 DB . -6.83 -1.27 18.35
O3 PX4 DB . -7.56 0.16 18.39
C1 PX4 DB . -6.47 1.08 18.22
C2 PX4 DB . -7.05 2.49 18.35
N1 PX4 DB . -6.14 3.60 18.65
C3 PX4 DB . -6.24 4.57 17.54
C4 PX4 DB . -6.63 4.14 19.91
C5 PX4 DB . -4.72 3.26 18.89
O4 PX4 DB . -7.14 -1.69 19.88
C6 PX4 DB . -8.44 -1.32 20.35
C7 PX4 DB . -8.59 -1.16 21.86
C8 PX4 DB . -8.89 -2.62 22.21
O5 PX4 DB . -9.70 -2.78 23.38
C9 PX4 DB . -10.26 -4.00 23.58
O6 PX4 DB . -9.95 -4.93 22.86
C10 PX4 DB . -11.04 -4.17 24.90
C11 PX4 DB . -10.43 -5.34 25.68
C12 PX4 DB . -11.22 -5.51 26.98
C13 PX4 DB . -10.97 -4.36 27.96
C14 PX4 DB . -11.85 -4.72 29.16
C15 PX4 DB . -12.16 -3.46 29.97
C16 PX4 DB . -12.95 -3.97 31.16
C17 PX4 DB . -12.16 -5.02 31.94
C18 PX4 DB . -13.07 -5.51 33.07
C19 PX4 DB . -12.53 -6.69 33.86
C20 PX4 DB . -13.07 -7.98 33.24
C21 PX4 DB . -12.08 -9.11 33.55
C22 PX4 DB . -12.60 -10.44 32.99
O7 PX4 DB . -7.44 -0.58 22.48
C23 PX4 DB . -7.19 0.75 22.41
O8 PX4 DB . -7.98 1.44 21.77
C24 PX4 DB . -6.28 1.33 23.48
C25 PX4 DB . -5.05 1.99 22.85
C26 PX4 DB . -4.26 2.63 23.99
C27 PX4 DB . -5.00 3.82 24.57
C28 PX4 DB . -4.35 4.20 25.91
C29 PX4 DB . -5.32 4.90 26.87
C30 PX4 DB . -4.53 5.67 27.93
C31 PX4 DB . -3.67 4.73 28.77
C32 PX4 DB . -2.81 5.42 29.83
C33 PX4 DB . -1.93 6.54 29.26
C34 PX4 DB . -1.23 7.26 30.40
C35 PX4 DB . -0.14 6.43 31.12
C36 PX4 DB . 0.75 7.38 31.92
O1 PX4 EB . -6.49 -4.96 21.53
O2 PX4 EB . -5.66 -6.05 19.31
P1 PX4 EB . -5.43 -5.27 20.55
O3 PX4 EB . -4.41 -6.22 21.35
C1 PX4 EB . -3.43 -6.96 20.62
C2 PX4 EB . -2.12 -7.16 21.36
N1 PX4 EB . -1.31 -6.09 21.96
C3 PX4 EB . -1.90 -5.69 23.25
C4 PX4 EB . 0.06 -6.53 22.21
C5 PX4 EB . -1.21 -4.93 21.08
O4 PX4 EB . -4.50 -3.98 20.28
C6 PX4 EB . -4.80 -3.19 21.43
C7 PX4 EB . -3.76 -2.13 21.83
C8 PX4 EB . -3.50 -1.20 20.65
O5 PX4 EB . -2.37 -1.45 19.81
C9 PX4 EB . -1.90 -0.42 19.06
O6 PX4 EB . -2.41 0.70 19.11
C10 PX4 EB . -0.68 -0.70 18.20
C11 PX4 EB . 0.46 0.28 18.44
C12 PX4 EB . 1.91 -0.04 18.04
C13 PX4 EB . 2.90 1.07 18.39
C14 PX4 EB . 2.84 1.48 19.85
C15 PX4 EB . 3.85 2.55 20.30
C16 PX4 EB . 3.43 3.10 21.67
C17 PX4 EB . 3.68 1.94 22.62
C18 PX4 EB . 5.18 1.86 22.95
C19 PX4 EB . 5.44 0.58 23.75
C20 PX4 EB . 6.92 0.58 24.16
C21 PX4 EB . 7.05 0.20 25.64
C22 PX4 EB . 6.59 -1.25 25.79
O7 PX4 EB . -4.07 -1.45 23.05
C23 PX4 EB . -4.05 -2.14 24.23
O8 PX4 EB . -3.57 -3.26 24.40
C24 PX4 EB . -4.63 -1.45 25.46
C25 PX4 EB . -6.11 -1.72 25.70
C26 PX4 EB . -6.69 -0.94 26.89
C27 PX4 EB . -8.10 -1.47 27.18
C28 PX4 EB . -8.72 -0.64 28.30
C29 PX4 EB . -8.20 -0.99 29.69
C30 PX4 EB . -8.87 -0.24 30.84
C31 PX4 EB . -8.17 -0.67 32.13
C32 PX4 EB . -8.68 0.07 33.37
C33 PX4 EB . -7.94 -0.64 34.49
C34 PX4 EB . -8.31 0.02 35.82
C35 PX4 EB . -8.28 1.54 35.91
C36 PX4 EB . -8.75 1.94 37.31
O1 PX4 FB . -24.77 10.74 17.67
O2 PX4 FB . -24.50 8.24 18.20
P1 PX4 FB . -25.09 9.57 18.50
O3 PX4 FB . -26.69 9.33 18.58
C1 PX4 FB . -27.01 9.00 17.23
C2 PX4 FB . -28.50 8.64 17.15
N1 PX4 FB . -28.90 7.29 17.59
C3 PX4 FB . -30.36 7.22 17.81
C4 PX4 FB . -28.62 6.24 16.59
C5 PX4 FB . -28.33 6.90 18.89
O4 PX4 FB . -24.87 9.81 20.08
C6 PX4 FB . -25.21 8.69 20.89
C7 PX4 FB . -25.26 8.87 22.41
C8 PX4 FB . -26.07 7.70 23.00
O5 PX4 FB . -26.59 7.78 24.32
C9 PX4 FB . -27.31 8.88 24.66
O6 PX4 FB . -27.61 9.80 23.90
C10 PX4 FB . -27.57 9.05 26.15
C11 PX4 FB . -26.36 9.05 27.09
C12 PX4 FB . -26.85 9.53 28.46
C13 PX4 FB . -25.62 9.47 29.37
C14 PX4 FB . -25.83 10.41 30.56
C15 PX4 FB . -24.69 10.52 31.58
C16 PX4 FB . -24.17 9.17 32.07
C17 PX4 FB . -25.25 8.35 32.80
C18 PX4 FB . -24.49 7.15 33.37
C19 PX4 FB . -25.35 6.17 34.16
C20 PX4 FB . -25.57 6.44 35.66
C21 PX4 FB . -26.53 5.38 36.20
C22 PX4 FB . -26.39 5.13 37.71
O7 PX4 FB . -23.99 8.74 23.06
C23 PX4 FB . -23.63 9.72 23.93
O8 PX4 FB . -24.25 10.77 23.84
C24 PX4 FB . -22.42 9.43 24.83
C25 PX4 FB . -22.95 8.68 26.06
C26 PX4 FB . -21.67 8.40 26.85
C27 PX4 FB . -21.81 7.82 28.27
C28 PX4 FB . -20.55 7.79 29.14
C29 PX4 FB . -20.86 7.38 30.58
C30 PX4 FB . -19.62 7.52 31.48
C31 PX4 FB . -19.86 6.94 32.87
C32 PX4 FB . -18.94 7.54 33.94
C33 PX4 FB . -19.63 7.27 35.27
C34 PX4 FB . -20.93 8.01 35.52
C35 PX4 FB . -21.28 7.86 37.02
C36 PX4 FB . -22.66 8.47 37.25
O1 PX4 GB . -29.64 8.98 21.31
O2 PX4 GB . -31.64 10.22 20.25
P1 PX4 GB . -30.38 10.24 21.04
O3 PX4 GB . -29.35 11.28 20.37
C1 PX4 GB . -28.07 11.08 20.99
C2 PX4 GB . -27.16 12.29 20.88
N1 PX4 GB . -27.20 13.42 21.83
C3 PX4 GB . -26.25 14.44 21.36
C4 PX4 GB . -28.48 14.13 21.78
C5 PX4 GB . -26.89 13.02 23.20
O4 PX4 GB . -30.56 11.02 22.44
C6 PX4 GB . -30.96 10.01 23.38
C7 PX4 GB . -30.60 10.31 24.84
C8 PX4 GB . -30.42 11.82 24.89
O5 PX4 GB . -29.51 12.20 25.92
C9 PX4 GB . -29.10 13.48 26.13
O6 PX4 GB . -29.45 14.38 25.36
C10 PX4 GB . -27.89 13.67 27.04
C11 PX4 GB . -27.91 12.97 28.40
C12 PX4 GB . -29.16 13.30 29.21
C13 PX4 GB . -29.13 12.52 30.53
C14 PX4 GB . -29.82 11.17 30.26
C15 PX4 GB . -29.89 10.42 31.59
C16 PX4 GB . -30.84 11.03 32.62
C17 PX4 GB . -31.15 10.03 33.74
C18 PX4 GB . -31.99 10.50 34.93
C19 PX4 GB . -32.00 9.39 35.99
C20 PX4 GB . -32.63 9.86 37.30
C21 PX4 GB . -32.81 8.70 38.27
C22 PX4 GB . -31.39 8.19 38.53
O7 PX4 GB . -31.41 9.67 25.84
C23 PX4 GB . -31.14 8.36 26.06
O8 PX4 GB . -30.68 7.63 25.20
C24 PX4 GB . -31.92 7.76 27.23
C25 PX4 GB . -31.19 7.23 28.47
C26 PX4 GB . -32.15 6.94 29.62
C27 PX4 GB . -31.25 6.54 30.79
C28 PX4 GB . -32.08 6.17 32.02
C29 PX4 GB . -31.30 5.70 33.25
C30 PX4 GB . -31.96 4.48 33.92
C31 PX4 GB . -31.29 4.11 35.23
C32 PX4 GB . -31.88 2.79 35.73
C33 PX4 GB . -31.53 2.61 37.22
C34 PX4 GB . -32.30 3.68 37.99
C35 PX4 GB . -32.27 3.36 39.48
C36 PX4 GB . -33.52 3.97 40.11
O1 PX4 HB . -13.02 29.35 17.95
O2 PX4 HB . -10.38 29.03 17.91
P1 PX4 HB . -11.69 29.17 18.59
O3 PX4 HB . -11.87 27.97 19.65
C1 PX4 HB . -12.76 27.02 19.02
C2 PX4 HB . -13.63 26.38 20.10
N1 PX4 HB . -14.44 27.15 21.06
C3 PX4 HB . -13.66 27.76 22.14
C4 PX4 HB . -15.30 28.15 20.41
C5 PX4 HB . -15.33 26.16 21.71
O4 PX4 HB . -11.43 30.40 19.60
C6 PX4 HB . -12.62 31.13 19.87
C7 PX4 HB . -12.77 31.89 21.19
C8 PX4 HB . -11.32 32.26 21.53
O5 PX4 HB . -11.05 31.96 22.91
C9 PX4 HB . -9.80 32.22 23.36
O6 PX4 HB . -8.96 32.62 22.55
C10 PX4 HB . -9.57 32.48 24.85
C11 PX4 HB . -9.53 31.15 25.61
C12 PX4 HB . -9.00 31.40 27.03
C13 PX4 HB . -9.10 30.08 27.80
C14 PX4 HB . -8.47 30.24 29.19
C15 PX4 HB . -9.39 31.01 30.12
C16 PX4 HB . -8.94 30.80 31.57
C17 PX4 HB . -9.83 31.63 32.48
C18 PX4 HB . -9.51 31.62 33.98
C19 PX4 HB . -10.45 32.50 34.81
C20 PX4 HB . -9.80 32.68 36.17
C21 PX4 HB . -10.30 33.83 37.07
C22 PX4 HB . -11.28 33.57 38.20
O7 PX4 HB . -13.85 32.83 21.29
C23 PX4 HB . -14.90 32.21 21.86
O8 PX4 HB . -15.11 31.00 21.79
C24 PX4 HB . -16.00 33.21 22.24
C25 PX4 HB . -16.33 33.34 23.74
C26 PX4 HB . -17.09 34.65 23.98
C27 PX4 HB . -17.44 34.64 25.47
C28 PX4 HB . -16.15 34.67 26.30
C29 PX4 HB . -16.40 35.52 27.54
C30 PX4 HB . -15.03 35.57 28.22
C31 PX4 HB . -14.83 36.84 29.02
C32 PX4 HB . -15.61 36.66 30.32
C33 PX4 HB . -15.44 37.66 31.46
C34 PX4 HB . -14.00 37.72 31.97
C35 PX4 HB . -13.78 38.83 33.00
C36 PX4 HB . -12.32 39.28 32.93
O1 PX4 IB . -13.39 22.19 17.06
O2 PX4 IB . -12.56 24.57 16.65
P1 PX4 IB . -12.36 23.24 17.25
O3 PX4 IB . -10.88 22.95 16.66
C1 PX4 IB . -10.00 24.09 16.68
C2 PX4 IB . -8.62 23.86 17.29
N1 PX4 IB . -7.68 24.99 17.14
C3 PX4 IB . -6.47 24.64 17.89
C4 PX4 IB . -7.47 25.13 15.69
C5 PX4 IB . -8.29 26.21 17.68
O4 PX4 IB . -11.70 23.38 18.71
C6 PX4 IB . -12.27 22.41 19.59
C7 PX4 IB . -11.38 22.25 20.81
C8 PX4 IB . -11.19 23.68 21.34
O5 PX4 IB . -10.17 24.00 22.29
C9 PX4 IB . -8.91 23.99 21.82
O6 PX4 IB . -8.58 23.98 20.63
C10 PX4 IB . -7.83 24.08 22.90
C11 PX4 IB . -7.89 23.04 24.03
C12 PX4 IB . -6.82 23.30 25.09
C13 PX4 IB . -6.94 22.32 26.25
C14 PX4 IB . -5.69 22.07 27.08
C15 PX4 IB . -4.70 21.07 26.47
C16 PX4 IB . -3.46 20.78 27.33
C17 PX4 IB . -2.71 22.10 27.40
C18 PX4 IB . -1.49 21.92 28.31
C19 PX4 IB . -0.73 23.25 28.33
C20 PX4 IB . -0.11 23.54 26.95
C21 PX4 IB . 0.27 25.02 26.91
C22 PX4 IB . 0.26 25.66 25.52
O7 PX4 IB . -12.01 21.41 21.79
C23 PX4 IB . -11.05 20.98 22.63
O8 PX4 IB . -9.96 20.73 22.11
C24 PX4 IB . -11.50 20.29 23.93
C25 PX4 IB . -10.94 20.96 25.19
C26 PX4 IB . -11.53 20.46 26.50
C27 PX4 IB . -10.82 21.38 27.50
C28 PX4 IB . -10.98 20.95 28.96
C29 PX4 IB . -10.37 19.56 29.21
C30 PX4 IB . -10.03 19.39 30.68
C31 PX4 IB . -9.73 17.90 30.93
C32 PX4 IB . -9.57 17.69 32.44
C33 PX4 IB . -8.99 16.36 32.94
C34 PX4 IB . -9.15 16.36 34.46
C35 PX4 IB . -8.34 15.22 35.10
C36 PX4 IB . -8.50 15.33 36.61
O1 PX4 JB . 12.26 12.46 19.04
O2 PX4 JB . 11.41 14.73 18.06
P1 PX4 JB . 11.40 13.65 19.07
O3 PX4 JB . 12.16 14.59 20.15
C1 PX4 JB . 13.54 14.51 19.84
C2 PX4 JB . 14.41 15.39 20.71
N1 PX4 JB . 15.82 15.61 20.32
C3 PX4 JB . 16.37 16.54 21.31
C4 PX4 JB . 16.73 14.46 20.22
C5 PX4 JB . 15.90 16.34 19.05
O4 PX4 JB . 10.19 13.60 20.12
C6 PX4 JB . 10.51 12.83 21.28
C7 PX4 JB . 9.84 13.40 22.51
C8 PX4 JB . 9.04 12.25 23.15
O5 PX4 JB . 9.47 10.92 22.82
C9 PX4 JB . 8.49 10.01 22.99
O6 PX4 JB . 7.31 10.34 22.89
C10 PX4 JB . 8.76 8.52 22.83
C11 PX4 JB . 9.54 7.81 23.94
C12 PX4 JB . 9.61 6.30 23.73
C13 PX4 JB . 10.44 5.59 24.78
C14 PX4 JB . 10.13 4.09 24.75
C15 PX4 JB . 11.22 3.37 25.52
C16 PX4 JB . 10.90 1.88 25.33
C17 PX4 JB . 12.05 1.01 25.82
C18 PX4 JB . 11.54 -0.38 26.23
C19 PX4 JB . 10.70 -0.24 27.49
C20 PX4 JB . 10.35 -1.61 28.12
C21 PX4 JB . 9.44 -1.54 29.34
C22 PX4 JB . 9.01 -2.97 29.72
O7 PX4 JB . 10.71 13.91 23.53
C23 PX4 JB . 10.28 14.83 24.42
O8 PX4 JB . 9.12 15.26 24.35
C24 PX4 JB . 11.30 15.33 25.44
C25 PX4 JB . 12.63 14.58 25.49
C26 PX4 JB . 13.71 15.47 24.87
C27 PX4 JB . 13.81 16.80 25.61
C28 PX4 JB . 14.61 17.83 24.81
C29 PX4 JB . 14.35 19.28 25.22
C30 PX4 JB . 14.26 19.40 26.76
C31 PX4 JB . 13.61 20.73 27.08
C32 PX4 JB . 13.41 20.81 28.59
C33 PX4 JB . 12.55 19.65 29.11
C34 PX4 JB . 11.95 19.89 30.50
C35 PX4 JB . 11.35 18.62 31.13
C36 PX4 JB . 12.50 17.68 31.42
O1 PX4 KB . -1.14 11.15 17.14
O2 PX4 KB . -0.89 11.22 14.54
P1 PX4 KB . -1.00 10.50 15.83
O3 PX4 KB . -2.47 9.85 15.67
C1 PX4 KB . -3.43 10.66 16.35
C2 PX4 KB . -4.70 9.83 16.56
N1 PX4 KB . -5.37 9.15 15.46
C3 PX4 KB . -5.34 9.91 14.21
C4 PX4 KB . -4.91 7.76 15.48
C5 PX4 KB . -6.75 9.06 15.99
O4 PX4 KB . -0.27 9.07 16.04
C6 PX4 KB . -1.01 8.01 16.63
C7 PX4 KB . -1.04 7.87 18.16
C8 PX4 KB . 0.24 8.56 18.64
O5 PX4 KB . 1.19 7.60 19.14
C9 PX4 KB . 2.20 8.23 19.77
O6 PX4 KB . 2.18 9.44 19.97
C10 PX4 KB . 3.33 7.34 20.28
C11 PX4 KB . 3.70 7.67 21.72
C12 PX4 KB . 4.77 6.75 22.31
C13 PX4 KB . 4.73 6.74 23.84
C14 PX4 KB . 5.68 5.67 24.35
C15 PX4 KB . 5.92 5.93 25.84
C16 PX4 KB . 6.59 4.69 26.45
C17 PX4 KB . 6.64 4.89 27.96
C18 PX4 KB . 7.47 3.74 28.53
C19 PX4 KB . 7.58 3.88 30.05
C20 PX4 KB . 8.67 2.87 30.40
C21 PX4 KB . 9.03 2.66 31.88
C22 PX4 KB . 7.93 2.08 32.74
O7 PX4 KB . -2.26 8.35 18.73
C23 PX4 KB . -3.33 7.51 18.87
O8 PX4 KB . -3.42 6.48 18.21
C24 PX4 KB . -4.36 7.87 19.94
C25 PX4 KB . -3.97 7.30 21.30
C26 PX4 KB . -4.70 8.11 22.37
C27 PX4 KB . -3.99 8.10 23.74
C28 PX4 KB . -4.92 8.95 24.60
C29 PX4 KB . -4.37 8.90 26.03
C30 PX4 KB . -5.34 9.84 26.75
C31 PX4 KB . -4.95 9.96 28.23
C32 PX4 KB . -5.74 10.90 29.12
C33 PX4 KB . -5.31 10.68 30.57
C34 PX4 KB . -5.81 11.68 31.60
C35 PX4 KB . -7.29 12.07 31.48
C36 PX4 KB . -7.52 12.79 32.81
O1 PX4 LB . 16.00 -9.20 19.73
O2 PX4 LB . 15.88 -6.68 20.42
P1 PX4 LB . 16.61 -7.95 20.26
O3 PX4 LB . 17.55 -7.70 18.97
C1 PX4 LB . 16.72 -7.10 17.97
C2 PX4 LB . 17.50 -6.71 16.71
N1 PX4 LB . 18.63 -5.77 16.74
C3 PX4 LB . 18.95 -5.27 15.41
C4 PX4 LB . 18.43 -4.54 17.53
C5 PX4 LB . 19.86 -6.44 17.18
O4 PX4 LB . 17.73 -8.40 21.33
C6 PX4 LB . 18.57 -9.49 20.95
C7 PX4 LB . 19.57 -9.83 22.07
C8 PX4 LB . 19.59 -8.61 22.99
O5 PX4 LB . 20.80 -7.90 23.26
C9 PX4 LB . 20.51 -6.72 23.88
O6 PX4 LB . 19.44 -6.13 23.79
C10 PX4 LB . 21.68 -6.19 24.69
C11 PX4 LB . 22.98 -6.85 24.22
C12 PX4 LB . 24.27 -6.29 24.83
C13 PX4 LB . 25.41 -7.22 24.44
C14 PX4 LB . 26.79 -6.76 24.92
C15 PX4 LB . 27.84 -6.35 23.88
C16 PX4 LB . 29.16 -5.99 24.55
C17 PX4 LB . 29.87 -7.15 25.25
C18 PX4 LB . 30.95 -6.54 26.14
C19 PX4 LB . 31.67 -7.66 26.90
C20 PX4 LB . 32.13 -8.59 25.77
C21 PX4 LB . 33.00 -9.77 26.20
C22 PX4 LB . 33.37 -10.48 24.89
O7 PX4 LB . 19.16 -10.92 22.92
C23 PX4 LB . 19.07 -12.16 22.37
O8 PX4 LB . 19.74 -12.51 21.40
C24 PX4 LB . 18.37 -13.21 23.23
C25 PX4 LB . 16.90 -12.85 23.50
C26 PX4 LB . 15.92 -12.60 22.36
C27 PX4 LB . 14.52 -12.41 22.94
C28 PX4 LB . 13.84 -13.76 23.16
C29 PX4 LB . 12.38 -13.53 23.55
C30 PX4 LB . 12.06 -12.61 24.75
C31 PX4 LB . 10.56 -12.32 24.81
C32 PX4 LB . 9.83 -13.64 25.02
C33 PX4 LB . 10.13 -14.24 26.40
C34 PX4 LB . 9.32 -15.52 26.62
C35 PX4 LB . 10.00 -16.49 27.59
C36 PX4 LB . 8.92 -17.26 28.33
O1 PX4 MB . 21.69 6.41 19.71
O2 PX4 MB . 20.93 6.00 17.29
P1 PX4 MB . 20.61 6.19 18.71
O3 PX4 MB . 20.20 7.74 18.82
C1 PX4 MB . 19.42 8.08 17.68
C2 PX4 MB . 18.45 9.24 17.95
N1 PX4 MB . 17.95 9.80 16.68
C3 PX4 MB . 18.92 9.96 15.59
C4 PX4 MB . 17.02 8.83 16.07
C5 PX4 MB . 17.22 11.05 16.92
O4 PX4 MB . 19.21 5.65 19.27
C6 PX4 MB . 19.22 5.74 20.70
C7 PX4 MB . 17.79 5.49 21.21
C8 PX4 MB . 17.47 3.99 21.07
O5 PX4 MB . 18.60 3.21 21.49
C9 PX4 MB . 18.46 1.86 21.48
O6 PX4 MB . 17.58 1.32 20.81
C10 PX4 MB . 19.53 1.03 22.19
C11 PX4 MB . 18.83 0.38 23.39
C12 PX4 MB . 19.79 -0.69 23.93
C13 PX4 MB . 19.47 -0.92 25.41
C14 PX4 MB . 20.37 -2.07 25.87
C15 PX4 MB . 20.14 -2.26 27.37
C16 PX4 MB . 21.24 -3.21 27.90
C17 PX4 MB . 22.61 -2.55 27.65
C18 PX4 MB . 23.81 -3.28 28.25
C19 PX4 MB . 25.06 -2.52 27.81
C20 PX4 MB . 26.42 -2.84 28.42
C21 PX4 MB . 27.55 -1.97 27.85
C22 PX4 MB . 27.53 -2.28 26.36
O7 PX4 MB . 17.50 5.98 22.52
C23 PX4 MB . 17.05 7.25 22.74
O8 PX4 MB . 16.91 8.02 21.79
C24 PX4 MB . 16.75 7.51 24.22
C25 PX4 MB . 18.05 8.08 24.83
C26 PX4 MB . 17.86 8.56 26.26
C27 PX4 MB . 19.06 9.46 26.58
C28 PX4 MB . 18.85 10.22 27.89
C29 PX4 MB . 18.96 9.16 29.00
C30 PX4 MB . 18.90 9.97 30.29
C31 PX4 MB . 18.46 8.89 31.30
C32 PX4 MB . 18.33 9.39 32.75
C33 PX4 MB . 17.94 8.22 33.64
C34 PX4 MB . 17.55 8.78 35.02
C35 PX4 MB . 16.86 7.66 35.78
C36 PX4 MB . 16.67 8.12 37.23
O1 PX4 NB . -19.84 15.19 21.49
O2 PX4 NB . -21.63 15.45 19.63
P1 PX4 NB . -21.12 15.76 20.99
O3 PX4 NB . -20.51 17.22 20.77
C1 PX4 NB . -19.66 17.16 19.63
C2 PX4 NB . -18.85 18.41 19.26
N1 PX4 NB . -17.52 18.52 19.90
C3 PX4 NB . -16.85 19.66 19.25
C4 PX4 NB . -17.61 18.81 21.33
C5 PX4 NB . -16.59 17.41 19.65
O4 PX4 NB . -22.25 16.09 22.08
C6 PX4 NB . -21.59 16.57 23.25
C7 PX4 NB . -22.44 17.15 24.39
C8 PX4 NB . -23.86 16.71 24.10
O5 PX4 NB . -24.88 17.53 24.67
C9 PX4 NB . -26.12 17.07 24.35
O6 PX4 NB . -26.41 15.89 24.36
C10 PX4 NB . -27.25 18.03 24.73
C11 PX4 NB . -27.87 17.56 26.05
C12 PX4 NB . -28.83 18.65 26.50
C13 PX4 NB . -29.56 18.32 27.81
C14 PX4 NB . -29.86 19.63 28.52
C15 PX4 NB . -30.71 19.36 29.75
C16 PX4 NB . -30.89 20.71 30.44
C17 PX4 NB . -31.82 20.71 31.66
C18 PX4 NB . -33.29 20.39 31.32
C19 PX4 NB . -34.35 20.85 32.32
C20 PX4 NB . -34.47 22.37 32.34
C21 PX4 NB . -35.40 22.78 33.49
C22 PX4 NB . -35.50 24.30 33.30
O7 PX4 NB . -21.95 16.75 25.68
C23 PX4 NB . -21.20 17.55 26.48
O8 PX4 NB . -20.66 18.51 25.94
C24 PX4 NB . -20.92 16.99 27.87
C25 PX4 NB . -21.97 17.66 28.78
C26 PX4 NB . -22.25 16.82 30.04
C27 PX4 NB . -23.03 15.61 29.52
C28 PX4 NB . -24.52 15.91 29.38
C29 PX4 NB . -25.13 16.17 30.75
C30 PX4 NB . -26.63 16.47 30.71
C31 PX4 NB . -27.27 16.64 32.09
C32 PX4 NB . -28.79 16.56 31.99
C33 PX4 NB . -29.30 16.40 33.42
C34 PX4 NB . -28.84 15.02 33.89
C35 PX4 NB . -29.34 14.86 35.34
C36 PX4 NB . -28.74 13.57 35.90
O1 PX4 OB . -17.86 24.14 22.10
O2 PX4 OB . -17.39 22.64 19.97
P1 PX4 OB . -17.61 22.84 21.42
O3 PX4 OB . -19.02 22.10 21.63
C1 PX4 OB . -20.15 22.90 21.30
C2 PX4 OB . -21.48 22.20 21.55
N1 PX4 OB . -21.86 21.70 22.89
C3 PX4 OB . -21.01 20.67 23.51
C4 PX4 OB . -22.12 22.85 23.75
C5 PX4 OB . -23.09 20.93 22.65
O4 PX4 OB . -16.53 22.00 22.29
C6 PX4 OB . -17.15 21.91 23.57
C7 PX4 OB . -16.15 21.21 24.49
C8 PX4 OB . -14.75 21.81 24.34
O5 PX4 OB . -14.41 22.97 25.08
C9 PX4 OB . -13.49 23.88 24.65
O6 PX4 OB . -13.34 24.08 23.44
C10 PX4 OB . -13.01 24.77 25.79
C11 PX4 OB . -13.30 26.22 25.45
C12 PX4 OB . -13.23 27.09 26.70
C13 PX4 OB . -14.31 26.50 27.61
C14 PX4 OB . -14.29 27.32 28.90
C15 PX4 OB . -13.12 26.77 29.69
C16 PX4 OB . -12.61 27.71 30.80
C17 PX4 OB . -11.71 26.90 31.74
C18 PX4 OB . -11.27 27.91 32.80
C19 PX4 OB . -10.38 27.29 33.89
C20 PX4 OB . -10.26 28.32 35.00
C21 PX4 OB . -9.60 27.58 36.17
C22 PX4 OB . -10.67 26.59 36.63
O7 PX4 OB . -16.63 21.01 25.82
C23 PX4 OB . -16.30 19.96 26.63
O8 PX4 OB . -15.95 18.94 26.04
C24 PX4 OB . -17.03 19.99 27.97
C25 PX4 OB . -16.41 19.13 29.08
C26 PX4 OB . -17.53 19.08 30.12
C27 PX4 OB . -17.19 18.03 31.20
C28 PX4 OB . -18.30 17.35 31.98
C29 PX4 OB . -17.93 16.89 33.38
C30 PX4 OB . -19.08 16.22 34.15
C31 PX4 OB . -20.17 17.16 34.68
C32 PX4 OB . -21.49 16.46 34.99
C33 PX4 OB . -22.49 17.47 35.55
C34 PX4 OB . -22.47 18.55 34.47
C35 PX4 OB . -23.38 19.61 35.10
C36 PX4 OB . -22.69 19.99 36.40
O1 PX4 PB . 6.47 24.54 49.41
O2 PX4 PB . 4.11 24.13 50.40
P1 PX4 PB . 5.13 23.93 49.34
O3 PX4 PB . 5.42 22.35 49.27
C1 PX4 PB . 6.58 22.04 48.49
C2 PX4 PB . 6.84 20.54 48.34
N1 PX4 PB . 6.55 20.00 47.00
C3 PX4 PB . 7.24 18.72 46.87
C4 PX4 PB . 5.14 19.66 46.74
C5 PX4 PB . 7.07 20.89 45.94
O4 PX4 PB . 4.62 23.97 47.81
C6 PX4 PB . 4.32 25.25 47.25
C7 PX4 PB . 3.41 25.19 46.03
C8 PX4 PB . 3.92 23.88 45.40
O5 PX4 PB . 4.44 23.99 44.07
C9 PX4 PB . 4.56 22.78 43.46
O6 PX4 PB . 4.58 21.77 44.17
C10 PX4 PB . 4.78 22.67 41.96
C11 PX4 PB . 6.25 22.82 41.54
C12 PX4 PB . 6.34 22.45 40.05
C13 PX4 PB . 5.52 23.38 39.15
C14 PX4 PB . 5.80 24.88 39.10
C15 PX4 PB . 4.67 25.55 38.31
C16 PX4 PB . 5.11 26.98 37.98
C17 PX4 PB . 3.93 27.73 37.36
C18 PX4 PB . 4.35 29.12 36.85
C19 PX4 PB . 5.41 28.92 35.75
C20 PX4 PB . 6.08 30.19 35.24
C21 PX4 PB . 7.20 29.64 34.35
C22 PX4 PB . 8.09 28.71 35.18
O7 PX4 PB . 2.02 25.07 46.33
C23 PX4 PB . 1.27 26.15 45.98
O8 PX4 PB . 1.85 27.22 45.81
C24 PX4 PB . -0.22 25.95 45.71
C25 PX4 PB . -0.50 24.57 45.09
C26 PX4 PB . -1.98 24.36 44.69
C27 PX4 PB . -2.17 22.89 44.33
C28 PX4 PB . -3.65 22.58 44.08
C29 PX4 PB . -4.14 23.25 42.79
C30 PX4 PB . -3.56 22.51 41.58
C31 PX4 PB . -3.82 23.27 40.28
C32 PX4 PB . -3.39 22.82 38.89
C33 PX4 PB . -3.76 23.71 37.71
C34 PX4 PB . -5.23 23.79 37.28
C35 PX4 PB . -5.34 24.58 35.98
C36 PX4 PB . -6.81 24.84 35.62
O1 PX4 QB . 20.51 20.57 46.71
O2 PX4 QB . 18.97 18.46 46.82
P1 PX4 QB . 19.79 19.45 46.07
O3 PX4 QB . 20.86 18.75 45.08
C1 PX4 QB . 20.77 17.33 45.14
C2 PX4 QB . 21.56 16.72 43.98
N1 PX4 QB . 20.98 16.77 42.63
C3 PX4 QB . 21.62 17.91 41.96
C4 PX4 QB . 21.26 15.49 41.93
C5 PX4 QB . 19.55 17.03 42.54
O4 PX4 QB . 18.88 20.01 44.86
C6 PX4 QB . 19.72 20.53 43.85
C7 PX4 QB . 19.02 21.59 43.01
C8 PX4 QB . 20.23 22.41 42.54
O5 PX4 QB . 21.33 21.73 41.95
C9 PX4 QB . 22.47 22.33 42.38
O6 PX4 QB . 22.52 22.89 43.49
C10 PX4 QB . 23.69 21.78 41.67
C11 PX4 QB . 23.81 22.05 40.16
C12 PX4 QB . 23.49 20.87 39.23
C13 PX4 QB . 22.01 20.84 38.85
C14 PX4 QB . 21.70 21.82 37.72
C15 PX4 QB . 22.51 21.65 36.44
C16 PX4 QB . 21.88 22.37 35.24
C17 PX4 QB . 22.67 22.13 33.96
C18 PX4 QB . 22.30 20.70 33.57
C19 PX4 QB . 22.64 20.42 32.10
C20 PX4 QB . 21.94 21.28 31.04
C21 PX4 QB . 22.28 20.80 29.64
C22 PX4 QB . 21.40 21.51 28.60
O7 PX4 QB . 18.35 20.99 41.89
C23 PX4 QB . 17.47 21.70 41.11
O8 PX4 QB . 16.99 22.72 41.60
C24 PX4 QB . 17.00 21.01 39.84
C25 PX4 QB . 15.60 21.37 39.38
C26 PX4 QB . 14.96 20.20 38.61
C27 PX4 QB . 13.51 20.50 38.22
C28 PX4 QB . 12.70 19.27 37.83
C29 PX4 QB . 11.21 19.55 37.81
C30 PX4 QB . 10.55 18.27 37.33
C31 PX4 QB . 9.09 18.52 36.94
C32 PX4 QB . 8.30 18.98 38.16
C33 PX4 QB . 6.78 18.98 37.99
C34 PX4 QB . 6.10 19.00 39.37
C35 PX4 QB . 4.58 18.87 39.26
C36 PX4 QB . 4.02 18.82 40.68
O1 PX4 RB . 15.39 12.50 42.78
O2 PX4 RB . 17.87 12.78 43.41
P1 PX4 RB . 16.61 13.33 42.86
O3 PX4 RB . 16.42 14.34 44.12
C1 PX4 RB . 15.66 13.75 45.17
C2 PX4 RB . 15.63 14.58 46.45
N1 PX4 RB . 14.63 14.21 47.46
C3 PX4 RB . 14.59 12.80 47.82
C4 PX4 RB . 14.91 14.90 48.72
C5 PX4 RB . 13.25 14.64 47.17
O4 PX4 RB . 16.86 14.42 41.70
C6 PX4 RB . 15.82 15.39 41.83
C7 PX4 RB . 15.42 16.01 40.49
C8 PX4 RB . 16.61 15.95 39.52
O5 PX4 RB . 17.09 17.22 39.03
C9 PX4 RB . 18.38 17.30 38.67
O6 PX4 RB . 19.15 16.41 39.06
C10 PX4 RB . 18.88 18.37 37.69
C11 PX4 RB . 17.96 18.85 36.56
C12 PX4 RB . 18.80 19.70 35.61
C13 PX4 RB . 18.07 20.56 34.58
C14 PX4 RB . 17.35 21.62 35.42
C15 PX4 RB . 16.37 22.49 34.62
C16 PX4 RB . 15.09 21.68 34.46
C17 PX4 RB . 13.97 22.40 33.71
C18 PX4 RB . 12.58 21.75 33.91
C19 PX4 RB . 11.43 22.30 33.08
C20 PX4 RB . 10.14 21.48 33.23
C21 PX4 RB . 9.04 22.25 32.48
C22 PX4 RB . 7.73 21.47 32.41
O7 PX4 RB . 14.25 15.37 40.00
C23 PX4 RB . 13.06 15.87 40.43
O8 PX4 RB . 12.97 16.84 41.18
C24 PX4 RB . 11.87 14.95 40.10
C25 PX4 RB . 12.34 13.79 39.21
C26 PX4 RB . 11.52 12.50 39.31
C27 PX4 RB . 11.99 11.34 38.42
C28 PX4 RB . 12.09 11.72 36.95
C29 PX4 RB . 12.26 10.35 36.29
C30 PX4 RB . 12.79 10.49 34.85
C31 PX4 RB . 12.96 9.13 34.18
C32 PX4 RB . 13.36 9.13 32.70
C33 PX4 RB . 13.72 7.75 32.17
C34 PX4 RB . 14.19 7.78 30.71
C35 PX4 RB . 14.01 6.34 30.21
C36 PX4 RB . 14.19 6.17 28.69
O1 PX4 SB . -23.35 24.05 57.57
O2 PX4 SB . -25.51 22.59 57.25
P1 PX4 SB . -24.09 22.92 56.96
O3 PX4 SB . -23.17 21.64 57.29
C1 PX4 SB . -23.84 20.78 58.23
C2 PX4 SB . -23.06 19.59 58.76
N1 PX4 SB . -21.95 18.88 58.08
C3 PX4 SB . -22.15 18.15 56.82
C4 PX4 SB . -20.81 19.78 57.92
C5 PX4 SB . -21.61 17.80 59.00
O4 PX4 SB . -23.83 23.08 55.39
C6 PX4 SB . -24.78 22.19 54.78
C7 PX4 SB . -24.53 21.81 53.33
C8 PX4 SB . -23.48 22.81 52.86
O5 PX4 SB . -23.38 23.02 51.45
C9 PX4 SB . -22.51 22.15 50.88
O6 PX4 SB . -21.58 21.64 51.49
C10 PX4 SB . -22.50 22.23 49.35
C11 PX4 SB . -21.80 20.99 48.78
C12 PX4 SB . -21.72 20.94 47.26
C13 PX4 SB . -20.96 19.65 47.00
C14 PX4 SB . -20.42 19.77 45.58
C15 PX4 SB . -19.97 18.45 44.95
C16 PX4 SB . -19.57 18.50 43.48
C17 PX4 SB . -18.75 17.34 42.90
C18 PX4 SB . -18.30 17.54 41.45
C19 PX4 SB . -17.59 16.31 40.89
C20 PX4 SB . -16.25 16.26 41.63
C21 PX4 SB . -15.43 15.00 41.34
C22 PX4 SB . -14.07 14.97 42.05
O7 PX4 SB . -24.15 20.45 53.16
C23 PX4 SB . -24.78 19.76 52.17
O8 PX4 SB . -25.85 20.26 51.78
C24 PX4 SB . -24.32 18.36 51.77
C25 PX4 SB . -23.38 18.27 50.56
C26 PX4 SB . -22.85 16.84 50.36
C27 PX4 SB . -22.08 16.67 49.05
C28 PX4 SB . -21.32 15.36 49.19
C29 PX4 SB . -20.94 14.74 47.84
C30 PX4 SB . -22.20 14.05 47.28
C31 PX4 SB . -22.58 12.93 48.24
C32 PX4 SB . -23.17 11.70 47.55
C33 PX4 SB . -22.01 11.03 46.79
C34 PX4 SB . -22.47 9.74 46.12
C35 PX4 SB . -21.16 9.10 45.66
C36 PX4 SB . -21.43 7.88 44.78
O1 PX4 TB . 40.32 11.66 45.24
O2 PX4 TB . 42.18 13.05 46.10
P1 PX4 TB . 41.06 12.93 45.14
O3 PX4 TB . 40.15 14.21 45.49
C1 PX4 TB . 40.61 15.20 44.55
C2 PX4 TB . 40.01 16.55 44.98
N1 PX4 TB . 40.33 17.76 44.20
C3 PX4 TB . 40.09 18.94 45.05
C4 PX4 TB . 41.73 18.07 43.95
C5 PX4 TB . 39.53 17.87 42.97
O4 PX4 TB . 41.56 12.96 43.61
C6 PX4 TB . 41.17 11.86 42.79
C7 PX4 TB . 41.52 12.02 41.32
C8 PX4 TB . 42.35 13.30 41.27
O5 PX4 TB . 41.93 14.06 40.13
C9 PX4 TB . 42.18 15.39 40.06
O6 PX4 TB . 42.80 16.00 40.94
C10 PX4 TB . 41.46 16.11 38.93
C11 PX4 TB . 41.75 15.45 37.57
C12 PX4 TB . 41.16 16.39 36.51
C13 PX4 TB . 41.39 15.88 35.07
C14 PX4 TB . 40.88 16.93 34.09
C15 PX4 TB . 40.59 16.43 32.65
C16 PX4 TB . 40.09 17.56 31.77
C17 PX4 TB . 39.77 16.95 30.40
C18 PX4 TB . 39.32 17.98 29.36
C19 PX4 TB . 39.32 17.26 28.01
C20 PX4 TB . 38.94 18.13 26.80
C21 PX4 TB . 38.95 17.38 25.47
C22 PX4 TB . 38.18 18.24 24.47
O7 PX4 TB . 42.04 10.83 40.70
C23 PX4 TB . 41.20 9.80 40.40
O8 PX4 TB . 40.19 9.56 41.07
C24 PX4 TB . 41.69 8.80 39.35
C25 PX4 TB . 41.55 9.50 38.00
C26 PX4 TB . 42.09 8.50 36.99
C27 PX4 TB . 41.96 9.10 35.58
C28 PX4 TB . 42.37 8.07 34.52
C29 PX4 TB . 42.39 8.60 33.09
C30 PX4 TB . 43.76 8.68 32.41
C31 PX4 TB . 43.61 9.77 31.33
C32 PX4 TB . 44.73 9.70 30.29
C33 PX4 TB . 44.74 10.90 29.35
C34 PX4 TB . 46.03 10.81 28.52
C35 PX4 TB . 46.24 11.91 27.48
C36 PX4 TB . 47.60 11.69 26.78
O1 PX4 UB . -36.70 -7.21 61.07
O2 PX4 UB . -34.30 -7.67 60.26
P1 PX4 UB . -35.50 -6.83 60.28
O3 PX4 UB . -34.98 -5.38 60.74
C1 PX4 UB . -35.79 -4.25 60.39
C2 PX4 UB . -35.46 -2.99 61.20
N1 PX4 UB . -36.20 -1.75 60.93
C3 PX4 UB . -35.42 -0.64 61.50
C4 PX4 UB . -36.28 -1.51 59.48
C5 PX4 UB . -37.56 -1.58 61.47
O4 PX4 UB . -35.70 -6.28 58.78
C6 PX4 UB . -34.58 -6.67 57.98
C7 PX4 UB . -34.91 -6.60 56.49
C8 PX4 UB . -36.39 -6.98 56.40
O5 PX4 UB . -36.66 -7.83 55.28
C9 PX4 UB . -37.88 -8.39 55.11
O6 PX4 UB . -38.61 -8.53 56.09
C10 PX4 UB . -38.31 -8.81 53.70
C11 PX4 UB . -38.63 -10.31 53.61
C12 PX4 UB . -39.53 -10.53 52.40
C13 PX4 UB . -38.64 -10.05 51.25
C14 PX4 UB . -39.42 -10.16 49.95
C15 PX4 UB . -38.48 -9.70 48.82
C16 PX4 UB . -39.46 -9.16 47.78
C17 PX4 UB . -38.59 -8.69 46.62
C18 PX4 UB . -39.23 -7.67 45.65
C19 PX4 UB . -40.49 -8.23 44.99
C20 PX4 UB . -41.32 -7.19 44.25
C21 PX4 UB . -40.43 -6.59 43.16
C22 PX4 UB . -40.19 -7.35 41.84
O7 PX4 UB . -34.51 -5.42 55.81
C23 PX4 UB . -33.66 -5.72 54.78
O8 PX4 UB . -32.85 -6.63 54.93
C24 PX4 UB . -33.45 -4.51 53.87
C25 PX4 UB . -34.80 -3.83 53.66
C26 PX4 UB . -34.70 -3.11 52.31
C27 PX4 UB . -35.89 -2.32 51.80
C28 PX4 UB . -35.60 -1.70 50.41
C29 PX4 UB . -36.79 -0.97 49.81
C30 PX4 UB . -36.53 -0.61 48.34
C31 PX4 UB . -37.58 0.34 47.75
C32 PX4 UB . -37.02 0.89 46.44
C33 PX4 UB . -38.07 1.80 45.80
C34 PX4 UB . -38.42 3.01 46.63
C35 PX4 UB . -39.44 3.72 45.72
C36 PX4 UB . -40.76 2.99 45.95
O1 PX4 VB . -26.33 -9.61 60.74
O2 PX4 VB . -28.25 -8.18 59.64
P1 PX4 VB . -27.12 -9.14 59.59
O3 PX4 VB . -27.77 -10.47 58.98
C1 PX4 VB . -28.74 -10.93 59.93
C2 PX4 VB . -29.78 -11.85 59.27
N1 PX4 VB . -30.65 -11.28 58.22
C3 PX4 VB . -31.45 -12.45 57.80
C4 PX4 VB . -31.60 -10.25 58.66
C5 PX4 VB . -29.90 -10.92 57.02
O4 PX4 VB . -26.17 -8.78 58.34
C6 PX4 VB . -27.00 -8.36 57.25
C7 PX4 VB . -26.53 -8.46 55.79
C8 PX4 VB . -25.04 -8.13 55.83
O5 PX4 VB . -24.60 -6.84 55.38
C9 PX4 VB . -24.56 -5.74 56.16
O6 PX4 VB . -24.95 -5.75 57.33
C10 PX4 VB . -24.04 -4.48 55.48
C11 PX4 VB . -22.80 -4.87 54.65
C12 PX4 VB . -22.29 -3.67 53.86
C13 PX4 VB . -21.28 -4.13 52.81
C14 PX4 VB . -20.70 -2.86 52.16
C15 PX4 VB . -19.85 -3.19 50.94
C16 PX4 VB . -19.34 -1.96 50.19
C17 PX4 VB . -18.83 -2.39 48.81
C18 PX4 VB . -18.73 -1.09 48.00
C19 PX4 VB . -18.36 -1.32 46.53
C20 PX4 VB . -19.56 -2.11 45.96
C21 PX4 VB . -19.29 -2.41 44.48
C22 PX4 VB . -19.29 -1.08 43.71
O7 PX4 VB . -26.90 -9.61 55.02
C23 PX4 VB . -28.13 -9.57 54.45
O8 PX4 VB . -28.93 -8.79 54.94
C24 PX4 VB . -28.53 -10.80 53.62
C25 PX4 VB . -29.23 -10.62 52.27
C26 PX4 VB . -29.82 -11.90 51.68
C27 PX4 VB . -30.48 -11.61 50.34
C28 PX4 VB . -31.05 -12.86 49.65
C29 PX4 VB . -31.20 -12.52 48.17
C30 PX4 VB . -29.87 -12.56 47.42
C31 PX4 VB . -29.62 -14.01 47.02
C32 PX4 VB . -28.75 -14.15 45.77
C33 PX4 VB . -29.00 -13.06 44.72
C34 PX4 VB . -28.24 -13.46 43.45
C35 PX4 VB . -28.57 -12.57 42.26
C36 PX4 VB . -27.68 -12.94 41.07
O1 PX4 WB . -4.16 38.29 49.08
O2 PX4 WB . -5.96 39.25 47.49
P1 PX4 WB . -4.61 38.69 47.73
O3 PX4 WB . -4.54 37.31 46.91
C1 PX4 WB . -5.53 36.44 47.45
C2 PX4 WB . -5.20 35.06 46.86
N1 PX4 WB . -5.87 33.82 47.28
C3 PX4 WB . -7.31 34.02 47.33
C4 PX4 WB . -5.65 32.75 46.31
C5 PX4 WB . -5.42 33.41 48.60
O4 PX4 WB . -3.49 39.18 46.69
C6 PX4 WB . -4.00 39.47 45.39
C7 PX4 WB . -2.92 39.80 44.36
C8 PX4 WB . -2.63 38.49 43.62
O5 PX4 WB . -3.86 37.80 43.41
C9 PX4 WB . -3.71 36.56 42.86
O6 PX4 WB . -2.59 36.16 42.56
C10 PX4 WB . -5.04 35.80 42.80
C11 PX4 WB . -4.75 34.31 42.72
C12 PX4 WB . -5.94 33.57 42.09
C13 PX4 WB . -5.67 32.06 42.14
C14 PX4 WB . -6.90 31.33 41.57
C15 PX4 WB . -6.93 31.39 40.04
C16 PX4 WB . -8.33 30.97 39.59
C17 PX4 WB . -8.71 29.78 40.45
C18 PX4 WB . -10.08 29.34 39.92
C19 PX4 WB . -10.76 28.18 40.66
C20 PX4 WB . -10.82 28.73 42.09
C21 PX4 WB . -11.37 27.64 43.01
C22 PX4 WB . -11.34 28.15 44.45
O7 PX4 WB . -3.20 40.87 43.47
C23 PX4 WB . -3.01 42.15 43.87
O8 PX4 WB . -2.25 42.46 44.80
C24 PX4 WB . -3.84 43.14 43.03
C25 PX4 WB . -3.22 44.52 43.20
C26 PX4 WB . -4.12 45.65 42.66
C27 PX4 WB . -4.30 45.34 41.17
C28 PX4 WB . -4.73 46.63 40.50
C29 PX4 WB . -4.56 46.33 39.01
C30 PX4 WB . -5.41 47.30 38.20
C31 PX4 WB . -4.91 47.50 36.76
C32 PX4 WB . -5.73 48.69 36.24
C33 PX4 WB . -5.35 48.67 34.75
C34 PX4 WB . -6.21 49.85 34.30
C35 PX4 WB . -6.13 50.14 32.80
C36 PX4 WB . -7.41 49.58 32.17
O1 PX4 XB . 10.02 40.58 47.68
O2 PX4 XB . 8.27 39.99 49.60
P1 PX4 XB . 9.44 39.71 48.74
O3 PX4 XB . 10.66 39.35 49.73
C1 PX4 XB . 11.84 39.53 48.94
C2 PX4 XB . 12.72 38.29 48.79
N1 PX4 XB . 13.20 37.50 49.92
C3 PX4 XB . 12.14 36.70 50.58
C4 PX4 XB . 14.30 36.68 49.40
C5 PX4 XB . 13.82 38.34 50.95
O4 PX4 XB . 9.19 38.29 48.00
C6 PX4 XB . 8.97 38.61 46.62
C7 PX4 XB . 8.75 37.33 45.81
C8 PX4 XB . 7.34 37.25 45.21
O5 PX4 XB . 6.85 38.37 44.48
C9 PX4 XB . 5.49 38.39 44.31
O6 PX4 XB . 4.85 37.62 45.01
C10 PX4 XB . 4.90 39.73 43.84
C11 PX4 XB . 4.89 39.71 42.31
C12 PX4 XB . 4.39 41.08 41.83
C13 PX4 XB . 4.55 41.06 40.30
C14 PX4 XB . 4.28 42.48 39.81
C15 PX4 XB . 4.17 42.67 38.30
C16 PX4 XB . 3.84 44.15 38.17
C17 PX4 XB . 3.80 44.45 36.67
C18 PX4 XB . 3.62 45.94 36.33
C19 PX4 XB . 3.35 46.19 34.85
C20 PX4 XB . 4.54 45.78 33.96
C21 PX4 XB . 4.29 46.14 32.49
C22 PX4 XB . 2.92 45.66 32.06
O7 PX4 XB . 9.84 37.02 44.95
C23 PX4 XB . 10.92 36.45 45.53
O8 PX4 XB . 10.77 35.67 46.47
C24 PX4 XB . 12.21 36.43 44.71
C25 PX4 XB . 12.00 36.19 43.21
C26 PX4 XB . 13.27 36.69 42.54
C27 PX4 XB . 13.26 36.36 41.05
C28 PX4 XB . 12.25 37.18 40.24
C29 PX4 XB . 11.89 36.51 38.92
C30 PX4 XB . 12.91 36.64 37.77
C31 PX4 XB . 12.79 35.56 36.69
C32 PX4 XB . 11.39 35.55 36.05
C33 PX4 XB . 11.16 34.53 34.94
C34 PX4 XB . 9.65 34.27 34.88
C35 PX4 XB . 9.37 33.08 33.96
C36 PX4 XB . 10.23 31.92 34.46
O1 PX4 YB . 34.80 20.62 45.81
O2 PX4 YB . 32.91 19.45 47.14
P1 PX4 YB . 34.17 19.40 46.36
O3 PX4 YB . 35.21 18.71 47.38
C1 PX4 YB . 35.26 19.63 48.48
C2 PX4 YB . 36.22 19.24 49.60
N1 PX4 YB . 35.78 18.11 50.42
C3 PX4 YB . 34.55 18.32 51.19
C4 PX4 YB . 35.83 16.77 49.83
C5 PX4 YB . 36.77 18.12 51.52
O4 PX4 YB . 34.23 18.21 45.25
C6 PX4 YB . 35.44 18.46 44.54
C7 PX4 YB . 35.37 18.61 43.02
C8 PX4 YB . 34.07 17.91 42.60
O5 PX4 YB . 34.25 17.06 41.47
C9 PX4 YB . 33.11 16.70 40.82
O6 PX4 YB . 32.10 17.38 40.96
C10 PX4 YB . 33.39 15.62 39.76
C11 PX4 YB . 33.90 16.37 38.53
C12 PX4 YB . 34.14 15.39 37.38
C13 PX4 YB . 34.86 16.17 36.29
C14 PX4 YB . 35.48 15.32 35.18
C15 PX4 YB . 36.22 16.22 34.18
C16 PX4 YB . 35.27 17.13 33.41
C17 PX4 YB . 36.19 18.20 32.83
C18 PX4 YB . 35.62 18.98 31.64
C19 PX4 YB . 35.55 18.12 30.39
C20 PX4 YB . 34.89 18.89 29.24
C21 PX4 YB . 34.70 18.11 27.94
C22 PX4 YB . 34.14 19.05 26.86
O7 PX4 YB . 35.44 20.00 42.67
C23 PX4 YB . 36.61 20.69 42.82
O8 PX4 YB . 37.47 20.39 43.64
C24 PX4 YB . 36.57 22.06 42.14
C25 PX4 YB . 37.97 22.37 41.60
C26 PX4 YB . 38.00 23.78 41.00
C27 PX4 YB . 38.21 23.63 39.49
C28 PX4 YB . 38.60 25.02 38.98
C29 PX4 YB . 39.11 24.95 37.54
C30 PX4 YB . 39.33 26.26 36.78
C31 PX4 YB . 40.38 27.16 37.42
C32 PX4 YB . 40.29 28.56 36.81
C33 PX4 YB . 41.32 29.59 37.26
C34 PX4 YB . 41.17 30.95 36.58
C35 PX4 YB . 42.35 31.81 37.02
C36 PX4 YB . 42.40 33.14 36.27
O1 PX4 ZB . 36.98 15.40 45.15
O2 PX4 ZB . 35.24 14.49 43.47
P1 PX4 ZB . 36.64 14.68 43.90
O3 PX4 ZB . 37.25 13.19 43.88
C1 PX4 ZB . 36.69 12.69 45.10
C2 PX4 ZB . 36.97 11.22 45.39
N1 PX4 ZB . 36.57 10.30 44.31
C3 PX4 ZB . 36.53 8.90 44.72
C4 PX4 ZB . 35.19 10.48 43.85
C5 PX4 ZB . 37.48 10.28 43.16
O4 PX4 ZB . 37.46 15.30 42.66
C6 PX4 ZB . 36.93 14.61 41.53
C7 PX4 ZB . 37.39 15.04 40.14
C8 PX4 ZB . 37.71 16.54 40.22
O5 PX4 ZB . 36.88 17.36 39.38
C9 PX4 ZB . 37.06 18.70 39.40
O6 PX4 ZB . 37.84 19.15 40.24
C10 PX4 ZB . 36.23 19.46 38.36
C11 PX4 ZB . 36.86 19.21 36.99
C12 PX4 ZB . 35.96 20.06 36.06
C13 PX4 ZB . 35.63 21.45 36.58
C14 PX4 ZB . 34.47 22.06 35.79
C15 PX4 ZB . 34.38 23.50 36.26
C16 PX4 ZB . 33.68 24.43 35.27
C17 PX4 ZB . 32.28 23.94 34.87
C18 PX4 ZB . 31.29 24.24 36.00
C19 PX4 ZB . 29.94 23.75 35.50
C20 PX4 ZB . 28.74 24.12 36.40
C21 PX4 ZB . 28.54 23.02 37.42
C22 PX4 ZB . 27.25 23.36 38.17
O7 PX4 ZB . 38.42 14.22 39.55
C23 PX4 ZB . 38.19 12.96 39.10
O8 PX4 ZB . 37.26 12.27 39.54
C24 PX4 ZB . 39.05 12.45 37.95
C25 PX4 ZB . 38.60 13.08 36.62
C26 PX4 ZB . 39.17 12.30 35.43
C27 PX4 ZB . 38.90 12.99 34.10
C28 PX4 ZB . 39.20 11.97 33.01
C29 PX4 ZB . 39.41 12.53 31.60
C30 PX4 ZB . 40.08 11.53 30.65
C31 PX4 ZB . 40.30 12.20 29.29
C32 PX4 ZB . 39.78 11.35 28.12
C33 PX4 ZB . 39.96 12.16 26.84
C34 PX4 ZB . 39.35 11.31 25.72
C35 PX4 ZB . 39.12 12.18 24.48
C36 PX4 ZB . 40.52 12.49 23.92
O1 PX4 AC . 33.31 8.19 45.07
O2 PX4 AC . 31.34 6.59 44.32
P1 PX4 AC . 32.73 7.14 44.22
O3 PX4 AC . 33.72 5.88 44.48
C1 PX4 AC . 33.29 4.66 43.88
C2 PX4 AC . 34.07 4.20 42.64
N1 PX4 AC . 35.51 3.91 42.70
C3 PX4 AC . 35.82 3.04 43.84
C4 PX4 AC . 36.03 3.25 41.50
C5 PX4 AC . 36.34 5.09 42.96
O4 PX4 AC . 33.10 7.33 42.67
C6 PX4 AC . 32.04 7.96 41.94
C7 PX4 AC . 32.26 8.44 40.50
C8 PX4 AC . 33.48 7.69 39.92
O5 PX4 AC . 34.72 8.41 39.90
C9 PX4 AC . 35.83 7.68 39.63
O6 PX4 AC . 35.65 6.52 39.26
C10 PX4 AC . 37.22 8.35 39.53
C11 PX4 AC . 37.79 8.34 38.11
C12 PX4 AC . 36.94 8.78 36.92
C13 PX4 AC . 37.73 8.51 35.65
C14 PX4 AC . 36.98 8.90 34.38
C15 PX4 AC . 37.84 8.69 33.13
C16 PX4 AC . 36.94 8.43 31.93
C17 PX4 AC . 37.50 8.29 30.51
C18 PX4 AC . 36.39 7.70 29.62
C19 PX4 AC . 35.23 8.68 29.44
C20 PX4 AC . 34.03 7.95 28.82
C21 PX4 AC . 32.73 8.72 29.01
C22 PX4 AC . 31.56 7.91 28.44
O7 PX4 AC . 31.06 8.34 39.75
C23 PX4 AC . 30.45 9.51 39.43
O8 PX4 AC . 30.82 10.56 39.97
C24 PX4 AC . 29.69 9.49 38.10
C25 PX4 AC . 28.41 10.33 38.10
C26 PX4 AC . 27.76 10.30 36.72
C27 PX4 AC . 26.44 11.08 36.59
C28 PX4 AC . 25.96 10.77 35.17
C29 PX4 AC . 27.08 11.03 34.19
C30 PX4 AC . 26.67 10.81 32.74
C31 PX4 AC . 27.76 11.19 31.72
C32 PX4 AC . 27.19 11.13 30.31
C33 PX4 AC . 28.40 11.43 29.42
C34 PX4 AC . 28.17 11.13 27.94
C35 PX4 AC . 29.55 11.16 27.29
C36 PX4 AC . 29.42 10.92 25.78
O1 PX4 BC . 14.98 -26.87 53.76
O2 PX4 BC . 14.15 -27.57 51.43
P1 PX4 BC . 14.55 -27.93 52.80
O3 PX4 BC . 13.20 -28.46 53.47
C1 PX4 BC . 12.49 -27.24 53.66
C2 PX4 BC . 11.08 -27.26 54.27
N1 PX4 BC . 10.68 -27.90 55.53
C3 PX4 BC . 11.65 -27.43 56.53
C4 PX4 BC . 9.35 -27.43 55.96
C5 PX4 BC . 10.63 -29.36 55.43
O4 PX4 BC . 15.31 -29.35 52.93
C6 PX4 BC . 14.53 -30.19 52.09
C7 PX4 BC . 14.20 -31.59 52.60
C8 PX4 BC . 12.69 -31.80 52.39
O5 PX4 BC . 12.11 -31.32 51.17
C9 PX4 BC . 11.23 -32.17 50.58
O6 PX4 BC . 10.50 -32.91 51.23
C10 PX4 BC . 11.14 -32.06 49.06
C11 PX4 BC . 11.82 -33.32 48.51
C12 PX4 BC . 11.89 -33.31 46.98
C13 PX4 BC . 10.50 -33.23 46.37
C14 PX4 BC . 10.62 -33.00 44.88
C15 PX4 BC . 11.06 -31.56 44.57
C16 PX4 BC . 11.28 -31.33 43.08
C17 PX4 BC . 9.96 -31.64 42.37
C18 PX4 BC . 10.01 -31.52 40.85
C19 PX4 BC . 8.63 -31.92 40.33
C20 PX4 BC . 8.55 -31.93 38.79
C21 PX4 BC . 8.53 -30.52 38.22
C22 PX4 BC . 8.20 -30.66 36.73
O7 PX4 BC . 14.95 -32.55 51.85
C23 PX4 BC . 15.02 -33.83 52.27
O8 PX4 BC . 14.62 -34.14 53.40
C24 PX4 BC . 15.64 -34.88 51.36
C25 PX4 BC . 14.75 -35.19 50.14
C26 PX4 BC . 15.60 -35.84 49.05
C27 PX4 BC . 14.90 -35.96 47.71
C28 PX4 BC . 15.72 -36.93 46.84
C29 PX4 BC . 15.08 -37.09 45.46
C30 PX4 BC . 14.87 -35.76 44.74
C31 PX4 BC . 14.53 -35.96 43.26
C32 PX4 BC . 14.34 -34.59 42.62
C33 PX4 BC . 13.82 -34.86 41.21
C34 PX4 BC . 13.92 -33.76 40.16
C35 PX4 BC . 13.36 -34.07 38.77
C36 PX4 BC . 12.89 -32.81 38.05
O1 PX4 CC . -25.10 2.45 60.83
O2 PX4 CC . -23.17 0.91 60.10
P1 PX4 CC . -23.99 2.12 59.92
O3 PX4 CC . -23.11 3.46 59.84
C1 PX4 CC . -22.97 4.04 61.14
C2 PX4 CC . -22.20 5.36 61.16
N1 PX4 CC . -22.87 6.60 60.75
C3 PX4 CC . -22.09 7.61 61.49
C4 PX4 CC . -22.66 6.76 59.30
C5 PX4 CC . -24.31 6.72 61.00
O4 PX4 CC . -24.64 2.16 58.44
C6 PX4 CC . -23.55 2.48 57.56
C7 PX4 CC . -23.97 2.60 56.10
C8 PX4 CC . -25.28 1.84 55.91
O5 PX4 CC . -25.18 0.80 54.94
C9 PX4 CC . -26.40 0.75 54.30
O6 PX4 CC . -27.39 1.21 54.87
C10 PX4 CC . -26.58 -0.37 53.27
C11 PX4 CC . -25.48 -1.42 53.38
C12 PX4 CC . -26.06 -2.74 52.83
C13 PX4 CC . -26.40 -2.31 51.41
C14 PX4 CC . -27.02 -3.40 50.52
C15 PX4 CC . -26.84 -2.91 49.08
C16 PX4 CC . -27.52 -3.85 48.08
C17 PX4 CC . -27.61 -3.10 46.74
C18 PX4 CC . -28.19 -3.91 45.58
C19 PX4 CC . -28.42 -3.15 44.27
C20 PX4 CC . -29.05 -4.05 43.21
C21 PX4 CC . -29.45 -3.10 42.06
C22 PX4 CC . -30.01 -3.90 40.90
O7 PX4 CC . -23.91 3.98 55.69
C23 PX4 CC . -22.73 4.50 55.26
O8 PX4 CC . -21.74 3.77 55.23
C24 PX4 CC . -22.79 5.89 54.66
C25 PX4 CC . -22.69 5.87 53.12
C26 PX4 CC . -23.68 4.93 52.43
C27 PX4 CC . -25.13 5.39 52.60
C28 PX4 CC . -26.03 4.43 51.83
C29 PX4 CC . -27.51 4.72 52.06
C30 PX4 CC . -28.33 3.74 51.22
C31 PX4 CC . -27.81 3.75 49.78
C32 PX4 CC . -28.60 2.78 48.90
C33 PX4 CC . -27.84 2.52 47.59
C34 PX4 CC . -28.56 1.42 46.81
C35 PX4 CC . -27.83 0.93 45.56
C36 PX4 CC . -27.96 2.05 44.53
O1 PX4 DC . -26.16 -0.72 62.25
O2 PX4 DC . -28.29 0.29 61.18
P1 PX4 DC . -26.95 -0.32 61.06
O3 PX4 DC . -27.52 -1.80 60.75
C1 PX4 DC . -28.55 -2.19 61.68
C2 PX4 DC . -28.98 -3.64 61.43
N1 PX4 DC . -27.97 -4.70 61.49
C3 PX4 DC . -28.50 -5.93 62.09
C4 PX4 DC . -27.67 -4.92 60.06
C5 PX4 DC . -26.73 -4.28 62.15
O4 PX4 DC . -26.17 -0.22 59.65
C6 PX4 DC . -25.29 -1.34 59.42
C7 PX4 DC . -25.07 -1.74 57.98
C8 PX4 DC . -26.45 -1.44 57.35
O5 PX4 DC . -27.09 -2.63 56.90
C9 PX4 DC . -28.41 -2.45 56.65
O6 PX4 DC . -28.89 -1.32 56.65
C10 PX4 DC . -29.13 -3.74 56.23
C11 PX4 DC . -29.25 -3.80 54.71
C12 PX4 DC . -29.62 -5.18 54.20
C13 PX4 DC . -29.33 -5.18 52.70
C14 PX4 DC . -30.13 -6.32 52.05
C15 PX4 DC . -30.04 -6.30 50.53
C16 PX4 DC . -30.69 -7.52 49.90
C17 PX4 DC . -30.86 -7.37 48.40
C18 PX4 DC . -31.59 -8.59 47.80
C19 PX4 DC . -31.31 -8.69 46.30
C20 PX4 DC . -31.72 -7.33 45.73
C21 PX4 DC . -31.86 -7.58 44.24
C22 PX4 DC . -32.89 -8.62 43.76
O7 PX4 DC . -23.96 -1.09 57.37
C23 PX4 DC . -22.70 -1.60 57.39
O8 PX4 DC . -22.37 -2.57 58.08
C24 PX4 DC . -21.58 -0.76 56.76
C25 PX4 DC . -21.96 -0.11 55.43
C26 PX4 DC . -20.88 0.87 54.95
C27 PX4 DC . -20.72 0.92 53.43
C28 PX4 DC . -22.06 1.21 52.76
C29 PX4 DC . -22.09 1.02 51.24
C30 PX4 DC . -23.52 1.10 50.70
C31 PX4 DC . -23.35 1.04 49.18
C32 PX4 DC . -22.87 -0.38 48.87
C33 PX4 DC . -22.94 -0.65 47.37
C34 PX4 DC . -24.37 -0.36 46.89
C35 PX4 DC . -24.72 -1.01 45.54
C36 PX4 DC . -23.87 -0.42 44.42
O1 PX4 EC . 6.18 37.30 49.34
O2 PX4 EC . 5.94 38.47 51.76
P1 PX4 EC . 5.60 38.23 50.34
O3 PX4 EC . 4.16 37.57 50.62
C1 PX4 EC . 3.39 38.00 51.73
C2 PX4 EC . 2.62 36.85 52.38
N1 PX4 EC . 1.73 37.11 53.52
C3 PX4 EC . 0.63 37.94 53.02
C4 PX4 EC . 1.22 35.78 53.86
C5 PX4 EC . 2.39 37.71 54.68
O4 PX4 EC . 4.88 39.58 49.84
C6 PX4 EC . 4.40 39.25 48.53
C7 PX4 EC . 3.65 40.45 47.92
C8 PX4 EC . 4.71 41.55 47.77
O5 PX4 EC . 5.73 41.12 46.89
C9 PX4 EC . 6.51 42.18 46.52
O6 PX4 EC . 6.73 43.08 47.35
C10 PX4 EC . 7.53 41.94 45.42
C11 PX4 EC . 7.76 43.14 44.50
C12 PX4 EC . 6.46 43.37 43.73
C13 PX4 EC . 6.48 44.76 43.08
C14 PX4 EC . 5.28 45.05 42.17
C15 PX4 EC . 5.35 46.42 41.48
C16 PX4 EC . 6.73 46.66 40.87
C17 PX4 EC . 6.79 48.15 40.56
C18 PX4 EC . 6.60 48.42 39.06
C19 PX4 EC . 7.64 47.83 38.10
C20 PX4 EC . 7.46 48.30 36.65
C21 PX4 EC . 8.31 47.47 35.71
C22 PX4 EC . 8.58 48.11 34.34
O7 PX4 EC . 2.85 40.03 46.82
C23 PX4 EC . 1.79 39.24 47.14
O8 PX4 EC . 1.26 39.21 48.26
C24 PX4 EC . 0.90 38.97 45.94
C25 PX4 EC . 1.49 37.83 45.11
C26 PX4 EC . 0.78 37.82 43.76
C27 PX4 EC . 1.37 36.73 42.84
C28 PX4 EC . 0.60 36.82 41.52
C29 PX4 EC . 1.16 35.79 40.53
C30 PX4 EC . 2.59 36.18 40.17
C31 PX4 EC . 3.04 35.24 39.05
C32 PX4 EC . 4.49 35.61 38.73
C33 PX4 EC . 5.10 34.62 37.72
C34 PX4 EC . 6.62 34.70 37.71
C35 PX4 EC . 7.04 34.06 39.04
C36 PX4 EC . 8.56 34.09 39.12
O1 PX4 FC . 30.22 25.11 46.50
O2 PX4 FC . 32.42 23.82 46.00
P1 PX4 FC . 31.50 24.97 45.78
O3 PX4 FC . 32.22 26.36 46.10
C1 PX4 FC . 31.24 27.40 45.96
C2 PX4 FC . 31.95 28.74 45.78
N1 PX4 FC . 31.17 29.99 45.75
C3 PX4 FC . 31.25 30.46 44.36
C4 PX4 FC . 29.77 29.74 46.11
C5 PX4 FC . 31.71 30.94 46.72
O4 PX4 FC . 31.30 25.43 44.24
C6 PX4 FC . 31.29 24.23 43.46
C7 PX4 FC . 30.74 24.27 42.04
C8 PX4 FC . 30.45 25.74 41.74
O5 PX4 FC . 29.12 26.12 41.35
C9 PX4 FC . 28.86 27.37 41.81
O6 PX4 FC . 29.52 27.84 42.73
C10 PX4 FC . 27.61 28.06 41.26
C11 PX4 FC . 27.69 28.71 39.87
C12 PX4 FC . 26.42 29.53 39.63
C13 PX4 FC . 26.45 30.22 38.27
C14 PX4 FC . 25.18 31.00 37.95
C15 PX4 FC . 25.36 32.16 36.99
C16 PX4 FC . 23.95 32.70 36.70
C17 PX4 FC . 24.31 33.93 35.87
C18 PX4 FC . 22.99 34.55 35.37
C19 PX4 FC . 23.29 35.78 34.51
C20 PX4 FC . 22.06 36.59 34.11
C21 PX4 FC . 21.16 35.71 33.24
C22 PX4 FC . 19.98 36.59 32.82
O7 PX4 FC . 31.46 23.60 41.00
C23 PX4 FC . 31.14 22.32 40.64
O8 PX4 FC . 30.16 21.77 41.15
C24 PX4 FC . 31.98 21.74 39.50
C25 PX4 FC . 31.36 20.42 38.99
C26 PX4 FC . 31.95 20.00 37.65
C27 PX4 FC . 31.31 18.72 37.11
C28 PX4 FC . 31.99 18.37 35.79
C29 PX4 FC . 31.48 19.28 34.69
C30 PX4 FC . 32.24 19.18 33.36
C31 PX4 FC . 31.48 19.93 32.24
C32 PX4 FC . 31.36 21.45 32.36
C33 PX4 FC . 30.69 22.25 31.25
C34 PX4 FC . 30.54 23.71 31.65
C35 PX4 FC . 29.56 24.44 30.72
C36 PX4 FC . 29.50 25.94 30.98
O1 PX4 GC . 18.71 -28.38 54.66
O2 PX4 GC . 20.40 -28.61 52.84
P1 PX4 GC . 18.97 -28.61 53.23
O3 PX4 GC . 18.49 -27.26 52.46
C1 PX4 GC . 19.20 -26.12 52.94
C2 PX4 GC . 18.76 -24.84 52.22
N1 PX4 GC . 17.35 -24.42 52.31
C3 PX4 GC . 17.34 -23.02 51.91
C4 PX4 GC . 16.54 -25.11 51.30
C5 PX4 GC . 16.74 -24.32 53.64
O4 PX4 GC . 18.16 -29.78 52.47
C6 PX4 GC . 18.31 -29.61 51.06
C7 PX4 GC . 18.63 -30.93 50.34
C8 PX4 GC . 17.32 -31.43 49.72
O5 PX4 GC . 16.47 -30.43 49.15
C9 PX4 GC . 15.38 -30.90 48.51
O6 PX4 GC . 15.05 -32.08 48.42
C10 PX4 GC . 14.46 -29.83 47.88
C11 PX4 GC . 14.68 -29.47 46.41
C12 PX4 GC . 13.69 -28.33 46.22
C13 PX4 GC . 14.25 -27.49 45.06
C14 PX4 GC . 13.57 -26.14 44.86
C15 PX4 GC . 13.98 -25.42 43.57
C16 PX4 GC . 13.53 -23.96 43.61
C17 PX4 GC . 13.54 -23.53 42.15
C18 PX4 GC . 12.49 -22.46 41.78
C19 PX4 GC . 11.04 -22.95 41.90
C20 PX4 GC . 10.19 -21.71 41.60
C21 PX4 GC . 10.30 -21.22 40.16
C22 PX4 GC . 9.10 -21.68 39.32
O7 PX4 GC . 19.87 -30.85 49.66
C23 PX4 GC . 20.86 -31.71 50.03
O8 PX4 GC . 20.81 -32.26 51.12
C24 PX4 GC . 22.11 -31.66 49.15
C25 PX4 GC . 21.92 -32.01 47.67
C26 PX4 GC . 23.32 -31.93 47.05
C27 PX4 GC . 23.15 -31.98 45.53
C28 PX4 GC . 22.61 -33.38 45.22
C29 PX4 GC . 22.70 -33.64 43.72
C30 PX4 GC . 21.80 -32.65 42.97
C31 PX4 GC . 20.96 -33.37 41.92
C32 PX4 GC . 21.40 -32.77 40.59
C33 PX4 GC . 20.60 -33.22 39.37
C34 PX4 GC . 20.89 -32.15 38.29
C35 PX4 GC . 20.23 -32.52 36.96
C36 PX4 GC . 20.34 -31.45 35.88
O1 PX4 HC . 12.73 -24.50 55.24
O2 PX4 HC . 14.52 -22.84 54.81
P1 PX4 HC . 13.21 -23.40 54.39
O3 PX4 HC . 12.11 -22.20 54.40
C1 PX4 HC . 12.52 -21.25 55.39
C2 PX4 HC . 11.51 -20.11 55.56
N1 PX4 HC . 11.62 -18.96 54.66
C3 PX4 HC . 10.46 -18.05 54.71
C4 PX4 HC . 12.84 -18.19 54.93
C5 PX4 HC . 11.88 -19.31 53.25
O4 PX4 HC . 13.23 -23.95 52.89
C6 PX4 HC . 11.92 -23.86 52.30
C7 PX4 HC . 11.81 -23.70 50.78
C8 PX4 HC . 12.96 -24.53 50.26
O5 PX4 HC . 13.55 -24.25 48.98
C9 PX4 HC . 14.39 -23.18 49.02
O6 PX4 HC . 14.76 -22.79 50.13
C10 PX4 HC . 15.19 -22.82 47.76
C11 PX4 HC . 16.12 -24.02 47.48
C12 PX4 HC . 17.44 -23.73 46.77
C13 PX4 HC . 17.82 -25.06 46.10
C14 PX4 HC . 18.97 -24.85 45.12
C15 PX4 HC . 18.37 -23.87 44.12
C16 PX4 HC . 18.84 -23.79 42.67
C17 PX4 HC . 17.89 -22.90 41.86
C18 PX4 HC . 18.24 -22.76 40.38
C19 PX4 HC . 18.38 -24.14 39.72
C20 PX4 HC . 17.88 -24.14 38.28
C21 PX4 HC . 18.62 -23.35 37.19
C22 PX4 HC . 20.06 -23.73 36.86
O7 PX4 HC . 10.49 -23.98 50.30
C23 PX4 HC . 9.58 -22.98 50.26
O8 PX4 HC . 9.92 -21.84 50.59
C24 PX4 HC . 8.19 -23.28 49.73
C25 PX4 HC . 7.67 -22.12 48.85
C26 PX4 HC . 6.37 -22.29 48.06
C27 PX4 HC . 6.57 -23.40 47.03
C28 PX4 HC . 5.34 -23.57 46.14
C29 PX4 HC . 5.55 -24.84 45.29
C30 PX4 HC . 6.69 -24.62 44.31
C31 PX4 HC . 6.91 -25.87 43.44
C32 PX4 HC . 8.06 -25.64 42.44
C33 PX4 HC . 8.18 -26.99 41.73
C34 PX4 HC . 9.37 -26.76 40.79
C35 PX4 HC . 8.99 -25.53 39.96
C36 PX4 HC . 9.96 -25.31 38.79
O1 PX4 IC . -29.50 7.92 59.23
O2 PX4 IC . -31.85 6.86 59.75
P1 PX4 IC . -30.60 6.98 58.96
O3 PX4 IC . -29.93 5.54 59.22
C1 PX4 IC . -30.90 4.49 59.25
C2 PX4 IC . -30.33 3.08 59.24
N1 PX4 IC . -29.61 2.60 58.05
C3 PX4 IC . -30.29 3.01 56.81
C4 PX4 IC . -28.17 2.92 58.17
C5 PX4 IC . -29.78 1.16 58.31
O4 PX4 IC . -30.73 6.74 57.38
C6 PX4 IC . -29.54 7.25 56.76
C7 PX4 IC . -29.44 7.07 55.24
C8 PX4 IC . -30.90 6.78 54.90
O5 PX4 IC . -31.19 5.50 54.33
C9 PX4 IC . -32.49 5.41 53.99
O6 PX4 IC . -33.39 6.18 54.33
C10 PX4 IC . -32.62 4.62 52.68
C11 PX4 IC . -32.74 3.11 52.83
C12 PX4 IC . -33.53 2.60 51.62
C13 PX4 IC . -32.78 2.97 50.33
C14 PX4 IC . -33.52 2.58 49.06
C15 PX4 IC . -32.70 2.82 47.80
C16 PX4 IC . -33.60 2.94 46.57
C17 PX4 IC . -32.79 3.07 45.26
C18 PX4 IC . -33.64 3.50 44.06
C19 PX4 IC . -34.72 2.46 43.78
C20 PX4 IC . -35.75 2.84 42.72
C21 PX4 IC . -36.72 1.69 42.37
C22 PX4 IC . -37.72 2.15 41.32
O7 PX4 IC . -28.81 8.17 54.59
C23 PX4 IC . -27.46 8.22 54.46
O8 PX4 IC . -26.73 7.45 55.11
C24 PX4 IC . -26.89 9.32 53.58
C25 PX4 IC . -26.52 8.68 52.24
C26 PX4 IC . -26.20 9.64 51.09
C27 PX4 IC . -26.54 9.00 49.74
C28 PX4 IC . -27.04 10.14 48.84
C29 PX4 IC . -27.20 9.56 47.43
C30 PX4 IC . -27.64 10.69 46.49
C31 PX4 IC . -27.98 10.09 45.13
C32 PX4 IC . -28.59 11.14 44.19
C33 PX4 IC . -29.16 10.59 42.87
C34 PX4 IC . -29.59 11.74 41.95
C35 PX4 IC . -30.03 11.33 40.54
C36 PX4 IC . -30.20 12.42 39.48
O1 PX4 JC . -26.15 13.70 60.51
O2 PX4 JC . -27.83 15.56 60.18
P1 PX4 JC . -27.34 14.20 59.80
O3 PX4 JC . -28.51 13.12 60.06
C1 PX4 JC . -28.64 13.03 61.48
C2 PX4 JC . -29.18 11.68 61.99
N1 PX4 JC . -30.59 11.30 61.85
C3 PX4 JC . -31.53 12.39 62.15
C4 PX4 JC . -30.69 10.83 60.46
C5 PX4 JC . -30.85 10.17 62.76
O4 PX4 JC . -27.30 13.87 58.23
C6 PX4 JC . -26.92 12.50 58.09
C7 PX4 JC . -26.77 11.79 56.74
C8 PX4 JC . -27.48 12.82 55.83
O5 PX4 JC . -28.24 12.30 54.74
C9 PX4 JC . -29.05 13.13 54.04
O6 PX4 JC . -29.01 14.32 54.38
C10 PX4 JC . -29.97 12.50 53.01
C11 PX4 JC . -30.72 11.39 53.76
C12 PX4 JC . -31.53 10.44 52.88
C13 PX4 JC . -30.51 9.63 52.06
C14 PX4 JC . -31.23 8.59 51.21
C15 PX4 JC . -30.28 7.82 50.30
C16 PX4 JC . -30.97 7.23 49.06
C17 PX4 JC . -29.91 6.70 48.08
C18 PX4 JC . -30.36 6.82 46.63
C19 PX4 JC . -29.35 6.17 45.68
C20 PX4 JC . -29.73 6.55 44.24
C21 PX4 JC . -28.71 6.21 43.17
C22 PX4 JC . -29.01 6.78 41.78
O7 PX4 JC . -25.38 11.61 56.48
C23 PX4 JC . -24.73 10.66 57.21
O8 PX4 JC . -25.27 9.91 58.03
C24 PX4 JC . -23.24 10.91 56.95
C25 PX4 JC . -22.84 11.31 55.52
C26 PX4 JC . -22.73 10.11 54.59
C27 PX4 JC . -22.19 10.59 53.25
C28 PX4 JC . -22.07 9.40 52.30
C29 PX4 JC . -21.71 9.96 50.91
C30 PX4 JC . -21.99 8.91 49.83
C31 PX4 JC . -21.11 7.69 50.12
C32 PX4 JC . -21.17 6.79 48.88
C33 PX4 JC . -22.66 6.50 48.73
C34 PX4 JC . -22.99 5.56 47.57
C35 PX4 JC . -24.39 4.93 47.68
C36 PX4 JC . -25.33 6.13 47.62
O1 PX4 KC . -7.15 3.14 56.98
O2 PX4 KC . -9.19 4.74 57.11
P1 PX4 KC . -8.57 3.46 56.66
O3 PX4 KC . -9.27 2.28 57.49
C1 PX4 KC . -10.63 2.71 57.63
C2 PX4 KC . -11.57 1.52 57.87
N1 PX4 KC . -12.09 0.65 56.82
C3 PX4 KC . -11.13 -0.34 56.33
C4 PX4 KC . -13.22 -0.07 57.42
C5 PX4 KC . -12.59 1.41 55.65
O4 PX4 KC . -9.06 2.90 55.24
C6 PX4 KC . -9.28 4.02 54.36
C7 PX4 KC . -9.95 3.70 53.02
C8 PX4 KC . -9.76 2.18 52.97
O5 PX4 KC . -9.21 1.75 51.71
C9 PX4 KC . -9.33 0.41 51.69
O6 PX4 KC . -9.96 -0.15 52.59
C10 PX4 KC . -8.81 -0.33 50.45
C11 PX4 KC . -9.90 -1.24 49.89
C12 PX4 KC . -9.71 -1.72 48.44
C13 PX4 KC . -11.00 -2.35 47.93
C14 PX4 KC . -10.71 -2.84 46.51
C15 PX4 KC . -10.12 -1.76 45.60
C16 PX4 KC . -9.62 -2.43 44.32
C17 PX4 KC . -8.80 -1.37 43.59
C18 PX4 KC . -8.26 -1.79 42.22
C19 PX4 KC . -7.62 -0.71 41.35
C20 PX4 KC . -7.06 -1.51 40.17
C21 PX4 KC . -6.25 -0.58 39.24
C22 PX4 KC . -5.65 -1.48 38.18
O7 PX4 KC . -11.35 4.00 53.09
C23 PX4 KC . -11.74 5.22 52.65
O8 PX4 KC . -10.91 5.98 52.19
C24 PX4 KC . -13.23 5.60 52.59
C25 PX4 KC . -13.91 4.97 51.36
C26 PX4 KC . -13.42 5.43 49.99
C27 PX4 KC . -14.14 4.84 48.78
C28 PX4 KC . -13.64 5.44 47.47
C29 PX4 KC . -13.97 4.65 46.19
C30 PX4 KC . -13.38 5.45 45.04
C31 PX4 KC . -13.72 4.75 43.70
C32 PX4 KC . -13.24 5.61 42.53
C33 PX4 KC . -13.20 4.65 41.35
C34 PX4 KC . -12.21 3.51 41.64
C35 PX4 KC . -12.71 2.40 40.72
C36 PX4 KC . -11.61 1.35 40.54
O1 PX4 LC . -13.28 -12.53 58.20
O2 PX4 LC . -15.21 -10.80 57.72
P1 PX4 LC . -14.68 -12.17 57.92
O3 PX4 LC . -15.40 -12.57 59.31
C1 PX4 LC . -15.07 -11.66 60.36
C2 PX4 LC . -15.82 -11.94 61.66
N1 PX4 LC . -15.45 -11.13 62.81
C3 PX4 LC . -16.22 -11.52 64.00
C4 PX4 LC . -14.03 -11.18 63.22
C5 PX4 LC . -15.88 -9.74 62.56
O4 PX4 LC . -15.47 -13.31 57.10
C6 PX4 LC . -14.52 -13.57 56.05
C7 PX4 LC . -15.17 -13.83 54.69
C8 PX4 LC . -16.44 -12.99 54.51
O5 PX4 LC . -17.55 -13.64 53.90
C9 PX4 LC . -18.56 -12.79 53.55
O6 PX4 LC . -18.46 -11.58 53.71
C10 PX4 LC . -19.81 -13.43 52.95
C11 PX4 LC . -19.80 -13.40 51.42
C12 PX4 LC . -21.18 -13.84 50.95
C13 PX4 LC . -21.19 -13.97 49.43
C14 PX4 LC . -22.42 -14.65 48.83
C15 PX4 LC . -22.42 -14.59 47.30
C16 PX4 LC . -23.73 -15.09 46.68
C17 PX4 LC . -23.55 -15.08 45.16
C18 PX4 LC . -24.87 -15.69 44.69
C19 PX4 LC . -24.79 -15.84 43.16
C20 PX4 LC . -23.60 -16.51 42.48
C21 PX4 LC . -23.71 -16.15 40.99
C22 PX4 LC . -23.74 -14.64 40.79
O7 PX4 LC . -14.26 -13.75 53.58
C23 PX4 LC . -13.33 -14.70 53.30
O8 PX4 LC . -13.13 -15.73 53.94
C24 PX4 LC . -12.72 -14.62 51.89
C25 PX4 LC . -13.46 -15.37 50.78
C26 PX4 LC . -12.87 -14.89 49.45
C27 PX4 LC . -13.90 -15.23 48.38
C28 PX4 LC . -13.26 -14.94 47.03
C29 PX4 LC . -14.10 -15.44 45.85
C30 PX4 LC . -13.30 -15.30 44.54
C31 PX4 LC . -14.06 -15.49 43.22
C32 PX4 LC . -14.83 -16.81 43.37
C33 PX4 LC . -15.67 -17.15 42.13
C34 PX4 LC . -15.90 -18.64 42.23
C35 PX4 LC . -16.94 -19.17 41.26
C36 PX4 LC . -17.01 -20.69 41.35
O1 PX4 MC . 18.52 32.48 45.08
O2 PX4 MC . 20.11 32.55 47.08
P1 PX4 MC . 19.81 32.09 45.71
O3 PX4 MC . 21.04 32.42 44.74
C1 PX4 MC . 20.79 33.80 44.45
C2 PX4 MC . 21.95 34.56 43.81
N1 PX4 MC . 21.74 35.97 43.45
C3 PX4 MC . 21.26 36.78 44.57
C4 PX4 MC . 22.96 36.56 42.88
C5 PX4 MC . 20.72 36.14 42.40
O4 PX4 MC . 20.08 30.51 45.58
C6 PX4 MC . 19.82 30.07 44.23
C7 PX4 MC . 19.92 28.55 44.03
C8 PX4 MC . 18.51 28.14 43.64
O5 PX4 MC . 17.72 29.17 43.06
C9 PX4 MC . 16.55 28.76 42.49
O6 PX4 MC . 16.19 27.59 42.54
C10 PX4 MC . 15.89 29.89 41.69
C11 PX4 MC . 15.99 31.23 42.42
C12 PX4 MC . 15.32 32.42 41.74
C13 PX4 MC . 16.15 32.94 40.56
C14 PX4 MC . 17.66 33.17 40.78
C15 PX4 MC . 18.36 33.04 39.43
C16 PX4 MC . 17.70 34.03 38.48
C17 PX4 MC . 18.31 34.15 37.09
C18 PX4 MC . 19.76 34.65 37.11
C19 PX4 MC . 19.88 36.09 37.63
C20 PX4 MC . 21.39 36.22 37.89
C21 PX4 MC . 21.69 37.70 38.14
C22 PX4 MC . 23.11 37.93 38.64
O7 PX4 MC . 20.87 28.23 43.00
C23 PX4 MC . 21.21 26.94 42.71
O8 PX4 MC . 20.94 25.98 43.42
C24 PX4 MC . 22.04 26.62 41.49
C25 PX4 MC . 21.18 25.98 40.40
C26 PX4 MC . 22.06 25.37 39.31
C27 PX4 MC . 22.85 26.37 38.46
C28 PX4 MC . 23.81 25.52 37.63
C29 PX4 MC . 24.81 26.38 36.86
C30 PX4 MC . 24.22 27.21 35.72
C31 PX4 MC . 25.29 28.04 34.99
C32 PX4 MC . 24.65 29.14 34.16
C33 PX4 MC . 25.71 29.68 33.20
C34 PX4 MC . 26.25 28.57 32.30
C35 PX4 MC . 27.53 28.84 31.52
C36 PX4 MC . 27.30 29.71 30.28
O1 PX4 NC . 8.61 -8.82 49.61
O2 PX4 NC . 7.55 -6.57 50.27
P1 PX4 NC . 7.58 -8.05 50.32
O3 PX4 NC . 7.41 -8.53 51.84
C1 PX4 NC . 6.52 -7.57 52.44
C2 PX4 NC . 6.39 -7.80 53.96
N1 PX4 NC . 7.29 -7.09 54.87
C3 PX4 NC . 8.60 -7.73 54.75
C4 PX4 NC . 7.41 -5.68 54.46
C5 PX4 NC . 6.92 -7.28 56.28
O4 PX4 NC . 6.22 -8.64 49.68
C6 PX4 NC . 6.42 -10.05 49.64
C7 PX4 NC . 5.44 -10.85 48.79
C8 PX4 NC . 4.77 -9.78 47.93
O5 PX4 NC . 3.60 -10.28 47.24
C9 PX4 NC . 3.57 -10.12 45.89
O6 PX4 NC . 4.11 -9.15 45.34
C10 PX4 NC . 2.57 -11.06 45.22
C11 PX4 NC . 1.93 -10.44 43.97
C12 PX4 NC . 1.12 -11.48 43.20
C13 PX4 NC . 0.50 -10.88 41.93
C14 PX4 NC . -0.23 -11.93 41.08
C15 PX4 NC . -0.77 -11.19 39.87
C16 PX4 NC . -1.81 -10.09 40.14
C17 PX4 NC . -2.96 -10.82 40.85
C18 PX4 NC . -3.84 -9.85 41.64
C19 PX4 NC . -5.03 -10.52 42.33
C20 PX4 NC . -5.44 -9.56 43.43
C21 PX4 NC . -4.26 -9.61 44.41
C22 PX4 NC . -4.57 -8.49 45.42
O7 PX4 NC . 6.13 -11.79 47.97
C23 PX4 NC . 6.54 -12.96 48.54
O8 PX4 NC . 5.96 -13.39 49.54
C24 PX4 NC . 7.77 -13.67 47.95
C25 PX4 NC . 8.06 -13.40 46.47
C26 PX4 NC . 9.13 -14.39 45.99
C27 PX4 NC . 9.66 -14.14 44.57
C28 PX4 NC . 10.24 -12.73 44.41
C29 PX4 NC . 11.26 -12.71 43.27
C30 PX4 NC . 11.85 -11.31 43.15
C31 PX4 NC . 12.26 -11.04 41.70
C32 PX4 NC . 13.43 -11.88 41.23
C33 PX4 NC . 14.14 -11.25 40.03
C34 PX4 NC . 13.19 -11.16 38.83
C35 PX4 NC . 13.97 -10.39 37.77
C36 PX4 NC . 13.19 -10.31 36.45
O1 PX4 OC . 3.14 -20.21 56.20
O2 PX4 OC . 5.53 -19.40 55.53
P1 PX4 OC . 4.10 -19.61 55.24
O3 PX4 OC . 3.43 -18.22 54.74
C1 PX4 OC . 2.02 -18.36 54.53
C2 PX4 OC . 1.12 -17.18 54.85
N1 PX4 OC . 0.90 -16.92 56.29
C3 PX4 OC . 2.14 -16.34 56.81
C4 PX4 OC . -0.15 -15.88 56.20
C5 PX4 OC . 0.53 -18.03 57.17
O4 PX4 OC . 3.91 -20.17 53.75
C6 PX4 OC . 4.99 -19.78 52.91
C7 PX4 OC . 4.70 -20.03 51.42
C8 PX4 OC . 3.61 -21.10 51.43
O5 PX4 OC . 3.71 -22.03 50.35
C9 PX4 OC . 3.78 -23.33 50.74
O6 PX4 OC . 4.07 -23.56 51.90
C10 PX4 OC . 3.98 -24.44 49.69
C11 PX4 OC . 3.36 -25.74 50.20
C12 PX4 OC . 3.43 -26.99 49.32
C13 PX4 OC . 2.88 -26.69 47.94
C14 PX4 OC . 1.41 -26.24 47.90
C15 PX4 OC . 1.05 -25.85 46.47
C16 PX4 OC . -0.44 -25.73 46.11
C17 PX4 OC . -0.52 -25.27 44.66
C18 PX4 OC . 0.15 -23.90 44.56
C19 PX4 OC . 0.34 -23.41 43.11
C20 PX4 OC . 1.31 -24.34 42.40
C21 PX4 OC . 1.24 -24.12 40.89
C22 PX4 OC . 2.40 -24.70 40.09
O7 PX4 OC . 4.47 -18.88 50.59
C23 PX4 OC . 5.56 -18.23 50.08
O8 PX4 OC . 6.73 -18.60 50.27
C24 PX4 OC . 5.23 -16.95 49.33
C25 PX4 OC . 3.95 -17.24 48.53
C26 PX4 OC . 3.28 -15.93 48.12
C27 PX4 OC . 2.09 -16.16 47.18
C28 PX4 OC . 1.69 -14.80 46.64
C29 PX4 OC . 0.88 -14.88 45.35
C30 PX4 OC . 1.72 -15.63 44.31
C31 PX4 OC . 0.87 -15.65 43.04
C32 PX4 OC . 1.87 -16.15 42.00
C33 PX4 OC . 1.30 -16.22 40.57
C34 PX4 OC . 2.36 -16.99 39.80
C35 PX4 OC . 2.17 -17.32 38.31
C36 PX4 OC . 1.99 -15.93 37.72
O1 PX4 PC . 13.13 -15.67 51.64
O2 PX4 PC . 14.89 -17.19 52.78
P1 PX4 PC . 14.43 -16.39 51.62
O3 PX4 PC . 15.55 -15.30 51.23
C1 PX4 PC . 15.11 -13.96 51.47
C2 PX4 PC . 15.47 -13.06 50.28
N1 PX4 PC . 15.19 -11.62 50.36
C3 PX4 PC . 13.75 -11.30 50.43
C4 PX4 PC . 15.97 -10.96 51.42
C5 PX4 PC . 15.73 -11.07 49.11
O4 PX4 PC . 14.51 -17.28 50.27
C6 PX4 PC . 13.33 -17.08 49.50
C7 PX4 PC . 12.98 -17.72 48.16
C8 PX4 PC . 14.13 -18.66 47.81
O5 PX4 PC . 14.81 -18.25 46.62
C9 PX4 PC . 15.64 -19.21 46.11
O6 PX4 PC . 16.10 -20.14 46.77
C10 PX4 PC . 16.06 -18.97 44.66
C11 PX4 PC . 15.27 -19.72 43.59
C12 PX4 PC . 15.61 -19.11 42.22
C13 PX4 PC . 14.75 -19.77 41.14
C14 PX4 PC . 14.94 -19.41 39.67
C15 PX4 PC . 13.90 -20.08 38.77
C16 PX4 PC . 13.95 -19.53 37.34
C17 PX4 PC . 12.68 -19.99 36.62
C18 PX4 PC . 12.76 -21.51 36.83
C19 PX4 PC . 11.79 -22.13 35.83
C20 PX4 PC . 12.09 -23.62 35.69
C21 PX4 PC . 13.44 -23.81 34.97
C22 PX4 PC . 13.53 -25.22 34.37
O7 PX4 PC . 11.77 -18.48 48.24
C23 PX4 PC . 10.59 -17.79 48.17
O8 PX4 PC . 10.51 -16.59 48.41
C24 PX4 PC . 9.44 -18.78 47.99
C25 PX4 PC . 8.77 -18.47 46.63
C26 PX4 PC . 7.75 -19.44 46.05
C27 PX4 PC . 7.03 -18.94 44.81
C28 PX4 PC . 8.08 -18.56 43.77
C29 PX4 PC . 7.66 -17.90 42.45
C30 PX4 PC . 7.19 -16.47 42.71
C31 PX4 PC . 6.19 -15.90 41.69
C32 PX4 PC . 5.73 -14.55 42.22
C33 PX4 PC . 5.22 -13.68 41.05
C34 PX4 PC . 4.74 -12.27 41.37
C35 PX4 PC . 4.88 -11.49 40.07
C36 PX4 PC . 4.00 -12.03 38.93
O1 PX4 QC . 20.37 -12.37 47.78
O2 PX4 QC . 18.73 -11.23 49.47
P1 PX4 QC . 19.36 -12.42 48.87
O3 PX4 QC . 20.18 -13.05 50.11
C1 PX4 QC . 21.30 -12.23 50.49
C2 PX4 QC . 22.33 -12.97 51.34
N1 PX4 QC . 22.88 -14.27 50.90
C3 PX4 QC . 24.10 -14.49 51.68
C4 PX4 QC . 21.99 -15.44 50.98
C5 PX4 QC . 23.39 -14.10 49.54
O4 PX4 QC . 18.56 -13.83 48.74
C6 PX4 QC . 19.26 -14.61 47.76
C7 PX4 QC . 18.57 -15.93 47.47
C8 PX4 QC . 17.07 -15.66 47.63
O5 PX4 QC . 16.53 -15.01 46.47
C9 PX4 QC . 15.19 -14.88 46.65
O6 PX4 QC . 14.76 -14.85 47.80
C10 PX4 QC . 14.40 -14.21 45.52
C11 PX4 QC . 13.91 -15.22 44.48
C12 PX4 QC . 12.75 -16.11 44.94
C13 PX4 QC . 12.46 -17.10 43.83
C14 PX4 QC . 12.22 -16.38 42.48
C15 PX4 QC . 11.75 -17.49 41.53
C16 PX4 QC . 11.43 -16.86 40.18
C17 PX4 QC . 10.26 -15.88 40.32
C18 PX4 QC . 10.57 -14.47 39.77
C19 PX4 QC . 9.29 -13.70 39.46
C20 PX4 QC . 9.41 -12.23 39.06
C21 PX4 QC . 8.19 -11.52 38.45
C22 PX4 QC . 8.44 -10.02 38.52
O7 PX4 QC . 18.83 -16.56 46.21
C23 PX4 QC . 19.67 -17.62 46.37
O8 PX4 QC . 19.76 -18.18 47.46
C24 PX4 QC . 20.55 -18.16 45.24
C25 PX4 QC . 19.79 -18.45 43.94
C26 PX4 QC . 20.86 -19.13 43.09
C27 PX4 QC . 20.32 -19.15 41.66
C28 PX4 QC . 21.28 -19.83 40.69
C29 PX4 QC . 20.57 -20.04 39.34
C30 PX4 QC . 20.21 -18.71 38.67
C31 PX4 QC . 19.38 -19.09 37.46
C32 PX4 QC . 18.83 -17.88 36.70
C33 PX4 QC . 18.01 -18.15 35.44
C34 PX4 QC . 17.41 -16.91 34.76
C35 PX4 QC . 16.97 -17.20 33.33
C36 PX4 QC . 18.21 -17.79 32.62
O1 PX4 RC . -6.26 4.54 54.25
O2 PX4 RC . -4.32 5.84 53.12
P1 PX4 RC . -5.74 5.41 53.17
O3 PX4 RC . -6.60 6.76 53.20
C1 PX4 RC . -6.30 7.58 54.34
C2 PX4 RC . -7.03 8.90 54.56
N1 PX4 RC . -8.47 9.02 54.30
C3 PX4 RC . -8.94 10.23 55.00
C4 PX4 RC . -8.63 9.31 52.87
C5 PX4 RC . -9.24 7.81 54.62
O4 PX4 RC . -6.04 4.78 51.71
C6 PX4 RC . -7.03 5.50 50.97
C7 PX4 RC . -7.09 4.97 49.54
C8 PX4 RC . -6.67 3.51 49.41
O5 PX4 RC . -5.86 3.23 48.25
C9 PX4 RC . -5.54 1.93 48.17
O6 PX4 RC . -6.00 1.12 48.98
C10 PX4 RC . -4.66 1.45 47.01
C11 PX4 RC . -5.35 0.26 46.35
C12 PX4 RC . -4.55 -0.18 45.11
C13 PX4 RC . -5.07 -1.56 44.68
C14 PX4 RC . -4.29 -2.10 43.48
C15 PX4 RC . -4.66 -3.48 42.96
C16 PX4 RC . -4.14 -3.76 41.55
C17 PX4 RC . -4.32 -5.24 41.20
C18 PX4 RC . -3.79 -5.42 39.77
C19 PX4 RC . -4.12 -6.88 39.47
C20 PX4 RC . -4.16 -6.86 37.94
C21 PX4 RC . -4.45 -8.22 37.29
C22 PX4 RC . -4.18 -8.14 35.79
O7 PX4 RC . -8.28 5.26 48.78
C23 PX4 RC . -8.61 6.55 48.46
O8 PX4 RC . -7.90 7.47 48.83
C24 PX4 RC . -9.73 6.63 47.43
C25 PX4 RC . -8.96 6.66 46.10
C26 PX4 RC . -9.87 6.81 44.87
C27 PX4 RC . -9.11 6.81 43.55
C28 PX4 RC . -9.99 7.35 42.41
C29 PX4 RC . -9.47 7.02 41.02
C30 PX4 RC . -10.53 7.28 39.95
C31 PX4 RC . -10.01 6.81 38.58
C32 PX4 RC . -10.97 7.16 37.45
C33 PX4 RC . -12.42 6.77 37.71
C34 PX4 RC . -13.49 7.15 36.70
C35 PX4 RC . -14.84 6.60 37.16
C36 PX4 RC . -15.77 6.50 35.94
O1 PX4 SC . -7.57 -1.60 56.27
O2 PX4 SC . -6.49 -3.51 55.02
P1 PX4 SC . -7.43 -2.36 55.00
O3 PX4 SC . -7.12 -1.34 53.78
C1 PX4 SC . -6.72 -0.11 54.39
C2 PX4 SC . -6.08 0.95 53.49
N1 PX4 SC . -4.82 0.60 52.81
C3 PX4 SC . -4.98 -0.39 51.74
C4 PX4 SC . -4.26 1.85 52.28
C5 PX4 SC . -3.82 0.07 53.74
O4 PX4 SC . -8.87 -2.93 54.55
C6 PX4 SC . -8.96 -3.21 53.15
C7 PX4 SC . -10.25 -3.93 52.77
C8 PX4 SC . -11.32 -2.92 53.20
O5 PX4 SC . -12.42 -3.41 53.99
C9 PX4 SC . -13.50 -2.62 54.14
O6 PX4 SC . -13.38 -1.40 54.03
C10 PX4 SC . -14.80 -3.24 54.65
C11 PX4 SC . -15.75 -3.53 53.49
C12 PX4 SC . -15.23 -4.79 52.80
C13 PX4 SC . -16.01 -4.90 51.48
C14 PX4 SC . -15.59 -6.10 50.63
C15 PX4 SC . -16.46 -6.08 49.36
C16 PX4 SC . -16.40 -7.27 48.41
C17 PX4 SC . -16.95 -7.02 47.01
C18 PX4 SC . -16.84 -8.15 45.99
C19 PX4 SC . -17.74 -8.03 44.76
C20 PX4 SC . -17.26 -9.01 43.70
C21 PX4 SC . -17.81 -8.74 42.28
C22 PX4 SC . -17.44 -7.32 41.84
O7 PX4 SC . -10.40 -4.13 51.36
C23 PX4 SC . -9.87 -5.28 50.85
O8 PX4 SC . -9.09 -5.94 51.52
C24 PX4 SC . -10.24 -5.69 49.41
C25 PX4 SC . -11.34 -6.75 49.52
C26 PX4 SC . -11.85 -7.24 48.17
C27 PX4 SC . -12.18 -6.00 47.34
C28 PX4 SC . -12.76 -6.38 45.98
C29 PX4 SC . -13.24 -5.14 45.20
C30 PX4 SC . -13.78 -5.75 43.91
C31 PX4 SC . -12.85 -6.71 43.18
C32 PX4 SC . -13.67 -7.44 42.11
C33 PX4 SC . -12.76 -8.14 41.12
C34 PX4 SC . -13.62 -8.48 39.90
C35 PX4 SC . -12.67 -9.09 38.86
C36 PX4 SC . -13.38 -9.47 37.57
O1 PX4 TC . -16.97 -5.16 60.89
O2 PX4 TC . -19.49 -4.45 61.25
P1 PX4 TC . -18.41 -5.17 60.54
O3 PX4 TC . -18.88 -6.69 60.78
C1 PX4 TC . -20.12 -6.90 60.10
C2 PX4 TC . -20.45 -8.40 60.14
N1 PX4 TC . -21.53 -8.98 59.32
C3 PX4 TC . -21.56 -8.43 57.95
C4 PX4 TC . -21.14 -10.37 59.05
C5 PX4 TC . -22.86 -8.89 59.92
O4 PX4 TC . -18.64 -5.03 58.94
C6 PX4 TC . -17.86 -3.96 58.42
C7 PX4 TC . -17.84 -3.66 56.91
C8 PX4 TC . -18.82 -4.61 56.20
O5 PX4 TC . -18.25 -5.60 55.34
C9 PX4 TC . -18.98 -6.73 55.17
O6 PX4 TC . -20.11 -6.84 55.64
C10 PX4 TC . -18.37 -7.74 54.19
C11 PX4 TC . -19.40 -8.11 53.13
C12 PX4 TC . -19.31 -7.32 51.84
C13 PX4 TC . -20.17 -7.95 50.73
C14 PX4 TC . -19.79 -9.40 50.45
C15 PX4 TC . -20.79 -10.17 49.60
C16 PX4 TC . -21.18 -9.41 48.32
C17 PX4 TC . -21.73 -10.53 47.45
C18 PX4 TC . -21.73 -9.99 46.03
C19 PX4 TC . -22.44 -10.94 45.07
C20 PX4 TC . -22.22 -10.56 43.60
C21 PX4 TC . -22.99 -11.18 42.44
C22 PX4 TC . -22.70 -10.58 41.07
O7 PX4 TC . -18.08 -2.29 56.55
C23 PX4 TC . -17.09 -1.38 56.70
O8 PX4 TC . -16.11 -1.55 57.42
C24 PX4 TC . -17.35 -0.06 55.97
C25 PX4 TC . -16.49 0.15 54.72
C26 PX4 TC . -16.96 1.47 54.10
C27 PX4 TC . -16.21 1.67 52.78
C28 PX4 TC . -16.43 0.61 51.70
C29 PX4 TC . -15.59 1.12 50.52
C30 PX4 TC . -15.29 0.13 49.39
C31 PX4 TC . -14.75 0.72 48.09
C32 PX4 TC . -14.65 -0.26 46.93
C33 PX4 TC . -14.16 0.38 45.63
C34 PX4 TC . -14.07 -0.73 44.57
C35 PX4 TC . -15.33 -1.60 44.47
C36 PX4 TC . -15.73 -1.69 43.00
O1 PX4 UC . -10.38 -14.49 58.72
O2 PX4 UC . -10.46 -16.74 57.29
P1 PX4 UC . -10.00 -15.36 57.60
O3 PX4 UC . -8.40 -15.33 57.83
C1 PX4 UC . -7.98 -16.23 58.85
C2 PX4 UC . -6.51 -16.12 59.26
N1 PX4 UC . -6.03 -15.00 60.08
C3 PX4 UC . -6.75 -14.64 61.32
C4 PX4 UC . -4.67 -15.38 60.50
C5 PX4 UC . -5.92 -13.77 59.29
O4 PX4 UC . -9.85 -14.59 56.20
C6 PX4 UC . -9.84 -13.18 56.49
C7 PX4 UC . -10.07 -12.28 55.29
C8 PX4 UC . -9.61 -12.97 54.01
O5 PX4 UC . -9.54 -12.10 52.88
C9 PX4 UC . -9.40 -12.79 51.71
O6 PX4 UC . -9.40 -14.01 51.71
C10 PX4 UC . -9.38 -12.08 50.35
C11 PX4 UC . -10.71 -11.36 50.08
C12 PX4 UC . -10.58 -10.65 48.72
C13 PX4 UC . -11.84 -10.94 47.92
C14 PX4 UC . -11.52 -11.03 46.42
C15 PX4 UC . -12.85 -11.24 45.69
C16 PX4 UC . -12.61 -11.33 44.19
C17 PX4 UC . -13.89 -11.44 43.35
C18 PX4 UC . -13.92 -11.93 41.90
C19 PX4 UC . -15.37 -12.26 41.53
C20 PX4 UC . -15.29 -13.08 40.23
C21 PX4 UC . -16.71 -13.61 39.97
C22 PX4 UC . -16.57 -14.86 39.10
O7 PX4 UC . -11.48 -12.10 55.21
C23 PX4 UC . -11.85 -10.80 55.19
O8 PX4 UC . -11.32 -10.00 55.97
C24 PX4 UC . -13.21 -10.57 54.55
C25 PX4 UC . -13.14 -10.36 53.03
C26 PX4 UC . -14.53 -10.52 52.41
C27 PX4 UC . -14.59 -10.44 50.89
C28 PX4 UC . -15.66 -11.36 50.32
C29 PX4 UC . -15.63 -11.31 48.79
C30 PX4 UC . -16.72 -12.28 48.32
C31 PX4 UC . -16.97 -12.08 46.81
C32 PX4 UC . -18.14 -12.97 46.44
C33 PX4 UC . -18.33 -12.91 44.92
C34 PX4 UC . -19.77 -13.28 44.53
C35 PX4 UC . -19.90 -13.55 43.03
C36 PX4 UC . -18.95 -14.69 42.66
O1 PX4 VC . -3.27 -18.97 54.27
O2 PX4 VC . -5.53 -19.70 55.27
P1 PX4 VC . -4.52 -19.76 54.19
O3 PX4 VC . -3.95 -21.26 54.24
C1 PX4 VC . -4.48 -21.91 55.40
C2 PX4 VC . -5.63 -22.87 55.13
N1 PX4 VC . -6.29 -23.68 56.15
C3 PX4 VC . -6.95 -22.73 57.07
C4 PX4 VC . -7.21 -24.68 55.58
C5 PX4 VC . -5.27 -24.46 56.89
O4 PX4 VC . -5.12 -19.67 52.70
C6 PX4 VC . -3.90 -19.90 51.97
C7 PX4 VC . -3.99 -20.63 50.63
C8 PX4 VC . -5.46 -20.48 50.24
O5 PX4 VC . -6.21 -21.70 50.38
C9 PX4 VC . -7.56 -21.52 50.23
O6 PX4 VC . -8.17 -20.47 50.42
C10 PX4 VC . -8.28 -22.88 50.19
C11 PX4 VC . -8.57 -23.27 48.74
C12 PX4 VC . -9.80 -24.15 48.48
C13 PX4 VC . -9.76 -24.57 47.01
C14 PX4 VC . -9.81 -23.37 46.06
C15 PX4 VC . -9.42 -23.88 44.67
C16 PX4 VC . -9.76 -22.82 43.63
C17 PX4 VC . -9.04 -23.13 42.32
C18 PX4 VC . -8.85 -21.94 41.38
C19 PX4 VC . -8.29 -22.49 40.07
C20 PX4 VC . -7.66 -21.50 39.11
C21 PX4 VC . -6.32 -20.90 39.56
C22 PX4 VC . -5.81 -19.90 38.52
O7 PX4 VC . -2.98 -20.35 49.67
C23 PX4 VC . -1.76 -20.92 49.84
O8 PX4 VC . -1.56 -21.57 50.86
C24 PX4 VC . -0.90 -20.91 48.59
C25 PX4 VC . 0.22 -21.96 48.51
C26 PX4 VC . 1.07 -21.56 47.30
C27 PX4 VC . 1.95 -20.35 47.60
C28 PX4 VC . 3.01 -20.16 46.53
C29 PX4 VC . 2.44 -20.24 45.11
C30 PX4 VC . 3.55 -20.23 44.04
C31 PX4 VC . 3.04 -20.46 42.60
C32 PX4 VC . 4.17 -20.24 41.60
C33 PX4 VC . 3.64 -20.67 40.23
C34 PX4 VC . 4.75 -20.63 39.17
C35 PX4 VC . 4.41 -20.90 37.71
C36 PX4 VC . 5.51 -20.55 36.72
O1 PX4 WC . 21.34 -3.91 48.34
O2 PX4 WC . 20.05 -3.29 46.19
P1 PX4 WC . 21.24 -3.84 46.86
O3 PX4 WC . 21.22 -5.41 46.51
C1 PX4 WC . 19.93 -6.01 46.46
C2 PX4 WC . 19.98 -7.53 46.20
N1 PX4 WC . 18.74 -8.28 46.42
C3 PX4 WC . 19.21 -9.66 46.48
C4 PX4 WC . 18.13 -7.78 47.66
C5 PX4 WC . 17.84 -8.20 45.25
O4 PX4 WC . 22.63 -3.45 46.13
C6 PX4 WC . 22.39 -4.03 44.84
C7 PX4 WC . 23.50 -3.64 43.87
C8 PX4 WC . 24.12 -5.04 43.79
O5 PX4 WC . 23.58 -5.89 42.80
C9 PX4 WC . 23.95 -7.19 43.01
O6 PX4 WC . 24.19 -7.59 44.15
C10 PX4 WC . 23.40 -8.06 41.88
C11 PX4 WC . 24.55 -8.92 41.35
C12 PX4 WC . 24.03 -9.73 40.14
C13 PX4 WC . 25.18 -10.58 39.62
C14 PX4 WC . 24.81 -11.39 38.37
C15 PX4 WC . 26.02 -12.32 38.23
C16 PX4 WC . 25.81 -12.97 36.87
C17 PX4 WC . 26.91 -13.92 36.41
C18 PX4 WC . 26.71 -14.29 34.94
C19 PX4 WC . 27.71 -15.20 34.22
C20 PX4 WC . 27.32 -15.24 32.74
C21 PX4 WC . 28.51 -15.88 32.03
C22 PX4 WC . 28.84 -17.30 32.48
O7 PX4 WC . 23.17 -3.05 42.60
C23 PX4 WC . 24.19 -2.70 41.78
O8 PX4 WC . 25.30 -2.57 42.28
C24 PX4 WC . 23.81 -2.39 40.33
C25 PX4 WC . 24.88 -2.77 39.29
C26 PX4 WC . 24.62 -4.28 39.19
C27 PX4 WC . 25.60 -4.84 38.16
C28 PX4 WC . 25.17 -6.27 37.82
C29 PX4 WC . 26.12 -6.78 36.74
C30 PX4 WC . 25.72 -8.22 36.40
C31 PX4 WC . 26.04 -8.56 34.94
C32 PX4 WC . 25.74 -10.01 34.59
C33 PX4 WC . 25.85 -10.24 33.08
C34 PX4 WC . 25.87 -11.69 32.57
C35 PX4 WC . 25.55 -11.85 31.09
C36 PX4 WC . 24.10 -11.51 30.76
O1 PX4 XC . 21.69 -8.64 48.65
O2 PX4 XC . 23.35 -10.60 49.12
P1 PX4 XC . 22.87 -9.47 48.29
O3 PX4 XC . 24.16 -8.50 48.16
C1 PX4 XC . 23.65 -7.28 47.58
C2 PX4 XC . 24.41 -6.02 48.02
N1 PX4 XC . 24.71 -5.70 49.43
C3 PX4 XC . 25.01 -4.26 49.43
C4 PX4 XC . 23.55 -5.94 50.29
C5 PX4 XC . 25.78 -6.50 50.01
O4 PX4 XC . 22.91 -9.79 46.72
C6 PX4 XC . 24.11 -10.43 46.27
C7 PX4 XC . 23.99 -10.83 44.79
C8 PX4 XC . 22.70 -10.34 44.17
O5 PX4 XC . 21.85 -11.42 43.74
C9 PX4 XC . 20.69 -10.90 43.30
O6 PX4 XC . 20.43 -9.73 43.56
C10 PX4 XC . 19.76 -11.97 42.72
C11 PX4 XC . 19.50 -13.03 43.80
C12 PX4 XC . 18.21 -13.78 43.51
C13 PX4 XC . 18.33 -14.40 42.11
C14 PX4 XC . 17.13 -15.35 41.99
C15 PX4 XC . 16.93 -15.87 40.56
C16 PX4 XC . 16.70 -14.75 39.55
C17 PX4 XC . 16.07 -15.19 38.23
C18 PX4 XC . 15.56 -14.02 37.38
C19 PX4 XC . 14.54 -14.52 36.36
C20 PX4 XC . 13.35 -15.18 37.06
C21 PX4 XC . 12.16 -15.27 36.11
C22 PX4 XC . 11.95 -13.96 35.37
O7 PX4 XC . 25.18 -10.66 44.03
C23 PX4 XC . 25.87 -11.78 43.68
O8 PX4 XC . 25.43 -12.90 43.91
C24 PX4 XC . 27.19 -11.76 42.88
C25 PX4 XC . 27.36 -12.97 41.96
C26 PX4 XC . 28.75 -13.18 41.37
C27 PX4 XC . 28.67 -14.20 40.23
C28 PX4 XC . 30.03 -14.49 39.56
C29 PX4 XC . 29.89 -15.63 38.56
C30 PX4 XC . 29.42 -16.95 39.18
C31 PX4 XC . 29.14 -18.07 38.17
C32 PX4 XC . 30.30 -18.41 37.24
C33 PX4 XC . 29.61 -19.51 36.44
C34 PX4 XC . 28.88 -20.48 37.37
C35 PX4 XC . 28.08 -21.41 36.44
C36 PX4 XC . 29.05 -22.34 35.68
O1 PX4 YC . -20.06 10.72 58.41
O2 PX4 YC . -19.06 8.39 58.00
P1 PX4 YC . -19.31 9.79 57.54
O3 PX4 YC . -17.87 10.33 57.98
C1 PX4 YC . -17.63 10.10 59.37
C2 PX4 YC . -16.23 10.56 59.77
N1 PX4 YC . -15.07 9.74 59.36
C3 PX4 YC . -15.35 8.32 59.71
C4 PX4 YC . -14.73 9.85 57.94
C5 PX4 YC . -13.86 10.16 60.07
O4 PX4 YC . -19.07 10.03 55.98
C6 PX4 YC . -17.99 9.15 55.68
C7 PX4 YC . -17.53 8.94 54.23
C8 PX4 YC . -18.89 8.54 53.65
O5 PX4 YC . -18.84 7.23 53.07
C9 PX4 YC . -18.99 6.13 53.86
O6 PX4 YC . -19.18 6.27 55.06
C10 PX4 YC . -18.93 4.72 53.29
C11 PX4 YC . -17.98 4.66 52.08
C12 PX4 YC . -18.94 4.35 50.93
C13 PX4 YC . -18.09 3.96 49.73
C14 PX4 YC . -18.90 3.46 48.53
C15 PX4 YC . -17.89 3.15 47.42
C16 PX4 YC . -18.84 2.58 46.36
C17 PX4 YC . -18.01 2.07 45.19
C18 PX4 YC . -18.41 2.84 43.93
C19 PX4 YC . -19.92 2.67 43.80
C20 PX4 YC . -20.61 3.08 42.50
C21 PX4 YC . -22.05 2.57 42.49
C22 PX4 YC . -22.89 3.49 43.37
O7 PX4 YC . -16.94 10.09 53.59
C23 PX4 YC . -15.58 10.16 53.71
O8 PX4 YC . -14.93 9.62 54.59
C24 PX4 YC . -14.96 11.33 52.95
C25 PX4 YC . -14.09 10.79 51.81
C26 PX4 YC . -13.24 11.93 51.27
C27 PX4 YC . -12.45 11.64 49.99
C28 PX4 YC . -13.47 11.25 48.91
C29 PX4 YC . -12.68 11.05 47.61
C30 PX4 YC . -13.62 10.68 46.46
C31 PX4 YC . -12.89 10.12 45.25
C32 PX4 YC . -13.79 9.85 44.04
C33 PX4 YC . -12.91 9.42 42.88
C34 PX4 YC . -13.78 9.29 41.63
C35 PX4 YC . -14.21 10.64 41.06
C36 PX4 YC . -15.21 10.40 39.93
O1 PX4 ZC . -15.76 22.52 54.67
O2 PX4 ZC . -17.25 20.53 55.32
P1 PX4 ZC . -16.77 21.50 54.32
O3 PX4 ZC . -15.90 20.56 53.34
C1 PX4 ZC . -14.73 20.01 53.92
C2 PX4 ZC . -14.35 18.63 53.37
N1 PX4 ZC . -15.17 17.47 53.75
C3 PX4 ZC . -14.42 16.23 53.51
C4 PX4 ZC . -15.50 17.48 55.19
C5 PX4 ZC . -16.50 17.48 53.11
O4 PX4 ZC . -17.88 21.84 53.19
C6 PX4 ZC . -17.09 22.35 52.10
C7 PX4 ZC . -17.55 22.31 50.65
C8 PX4 ZC . -18.25 20.96 50.44
O5 PX4 ZC . -17.69 20.11 49.45
C9 PX4 ZC . -18.25 18.88 49.28
O6 PX4 ZC . -19.27 18.66 49.93
C10 PX4 ZC . -17.52 17.90 48.38
C11 PX4 ZC . -16.92 16.72 49.16
C12 PX4 ZC . -16.16 15.71 48.29
C13 PX4 ZC . -16.99 15.18 47.12
C14 PX4 ZC . -16.01 14.44 46.21
C15 PX4 ZC . -16.88 14.04 45.00
C16 PX4 ZC . -18.20 13.44 45.51
C17 PX4 ZC . -19.06 12.87 44.38
C18 PX4 ZC . -18.33 11.74 43.66
C19 PX4 ZC . -19.08 11.21 42.44
C20 PX4 ZC . -19.02 12.29 41.37
C21 PX4 ZC . -19.87 11.80 40.20
C22 PX4 ZC . -19.46 10.46 39.56
O7 PX4 ZC . -18.42 23.29 50.06
C23 PX4 ZC . -17.97 24.57 49.91
O8 PX4 ZC . -16.98 24.97 50.53
C24 PX4 ZC . -18.83 25.60 49.17
C25 PX4 ZC . -18.53 25.72 47.68
C26 PX4 ZC . -19.54 24.82 46.95
C27 PX4 ZC . -19.40 25.01 45.43
C28 PX4 ZC . -20.37 24.22 44.55
C29 PX4 ZC . -19.86 24.32 43.11
C30 PX4 ZC . -20.90 24.64 42.04
C31 PX4 ZC . -21.44 26.08 42.02
C32 PX4 ZC . -22.13 26.24 40.68
C33 PX4 ZC . -23.48 25.52 40.81
C34 PX4 ZC . -24.57 26.28 41.58
C35 PX4 ZC . -24.93 27.56 40.83
C36 PX4 ZC . -25.81 28.53 41.62
O1 PX4 AD . -8.08 22.05 55.65
O2 PX4 AD . -8.53 19.52 56.01
P1 PX4 AD . -8.07 20.65 55.16
O3 PX4 AD . -6.66 20.28 54.49
C1 PX4 AD . -6.50 21.43 53.65
C2 PX4 AD . -5.13 21.60 52.98
N1 PX4 AD . -4.81 20.92 51.73
C3 PX4 AD . -3.98 19.71 51.85
C4 PX4 AD . -5.91 20.73 50.76
C5 PX4 AD . -3.97 21.83 50.93
O4 PX4 AD . -9.03 20.48 53.88
C6 PX4 AD . -9.20 19.10 53.54
C7 PX4 AD . -10.42 18.70 52.72
C8 PX4 AD . -10.78 20.05 52.10
O5 PX4 AD . -12.15 20.27 51.75
C9 PX4 AD . -12.27 21.12 50.69
O6 PX4 AD . -11.37 21.92 50.43
C10 PX4 AD . -13.60 21.01 49.94
C11 PX4 AD . -13.41 21.07 48.43
C12 PX4 AD . -14.72 20.81 47.71
C13 PX4 AD . -14.39 20.99 46.22
C14 PX4 AD . -15.60 20.70 45.32
C15 PX4 AD . -15.14 20.75 43.87
C16 PX4 AD . -16.44 20.68 43.06
C17 PX4 AD . -16.33 21.16 41.60
C18 PX4 AD . -17.77 21.12 41.08
C19 PX4 AD . -17.91 21.75 39.69
C20 PX4 AD . -19.40 21.89 39.38
C21 PX4 AD . -19.36 22.71 38.08
C22 PX4 AD . -20.75 22.98 37.52
O7 PX4 AD . -10.16 17.70 51.72
C23 PX4 AD . -10.86 16.55 51.54
O8 PX4 AD . -11.73 16.07 52.26
C24 PX4 AD . -10.43 15.68 50.34
C25 PX4 AD . -11.53 15.61 49.30
C26 PX4 AD . -11.00 14.91 48.05
C27 PX4 AD . -11.86 15.25 46.83
C28 PX4 AD . -11.49 14.58 45.51
C29 PX4 AD . -10.11 15.05 45.06
C30 PX4 AD . -9.83 14.31 43.74
C31 PX4 AD . -9.52 15.37 42.69
C32 PX4 AD . -9.23 14.62 41.38
C33 PX4 AD . -10.49 13.91 40.91
C34 PX4 AD . -10.21 13.22 39.57
C35 PX4 AD . -11.42 12.41 39.13
C36 PX4 AD . -11.08 11.81 37.75
O1 PX4 BD . 1.86 -3.17 50.19
O2 PX4 BD . 0.00 -4.97 50.13
P1 PX4 BD . 1.08 -4.19 49.46
O3 PX4 BD . 2.12 -5.35 49.03
C1 PX4 BD . 1.75 -5.96 47.79
C2 PX4 BD . 2.92 -6.34 46.88
N1 PX4 BD . 4.01 -5.41 46.55
C3 PX4 BD . 3.52 -4.08 46.15
C4 PX4 BD . 4.93 -5.27 47.69
C5 PX4 BD . 4.82 -5.96 45.46
O4 PX4 BD . 0.48 -3.78 48.02
C6 PX4 BD . -0.85 -3.45 48.42
C7 PX4 BD . -1.84 -2.95 47.36
C8 PX4 BD . -1.27 -3.21 45.97
O5 PX4 BD . -0.86 -2.04 45.24
C9 PX4 BD . -0.47 -2.40 43.99
O6 PX4 BD . -0.10 -3.55 43.72
C10 PX4 BD . -0.19 -1.27 43.00
C11 PX4 BD . -1.18 -1.19 41.85
C12 PX4 BD . -1.08 0.26 41.38
C13 PX4 BD . -2.25 0.65 40.49
C14 PX4 BD . -2.19 2.08 39.95
C15 PX4 BD . -3.22 2.43 38.87
C16 PX4 BD . -2.95 1.81 37.50
C17 PX4 BD . -3.74 2.37 36.32
C18 PX4 BD . -3.15 1.83 35.01
C19 PX4 BD . -3.91 2.69 34.00
C20 PX4 BD . -3.35 2.70 32.58
C21 PX4 BD . -4.57 2.71 31.66
C22 PX4 BD . -5.12 1.30 31.43
O7 PX4 BD . -3.13 -3.52 47.56
C23 PX4 BD . -3.94 -3.12 48.59
O8 PX4 BD . -3.71 -2.15 49.28
C24 PX4 BD . -5.35 -3.71 48.51
C25 PX4 BD . -5.78 -4.12 47.10
C26 PX4 BD . -6.89 -5.16 47.24
C27 PX4 BD . -7.43 -5.61 45.87
C28 PX4 BD . -8.43 -6.75 46.07
C29 PX4 BD . -8.52 -7.23 44.63
C30 PX4 BD . -8.94 -6.08 43.71
C31 PX4 BD . -8.72 -6.43 42.23
C32 PX4 BD . -9.06 -5.27 41.30
C33 PX4 BD . -8.59 -5.76 39.92
C34 PX4 BD . -9.09 -7.16 39.55
C35 PX4 BD . -8.54 -7.56 38.17
C36 PX4 BD . -9.27 -6.95 36.97
O1 PX4 CD . 1.68 1.07 50.11
O2 PX4 CD . 4.10 1.90 49.44
P1 PX4 CD . 2.66 2.10 49.71
O3 PX4 CD . 2.54 3.30 50.77
C1 PX4 CD . 3.30 2.96 51.92
C2 PX4 CD . 3.78 4.11 52.80
N1 PX4 CD . 2.82 4.54 53.84
C3 PX4 CD . 3.00 3.89 55.16
C4 PX4 CD . 3.08 5.97 54.00
C5 PX4 CD . 1.42 4.29 53.50
O4 PX4 CD . 2.06 2.91 48.46
C6 PX4 CD . 0.92 3.76 48.68
C7 PX4 CD . 0.24 4.39 47.46
C8 PX4 CD . 0.52 3.45 46.30
O5 PX4 CD . 1.02 4.07 45.11
C9 PX4 CD . 0.71 3.24 44.08
O6 PX4 CD . 1.31 2.17 43.91
C10 PX4 CD . -0.03 3.91 42.93
C11 PX4 CD . 0.93 4.81 42.15
C12 PX4 CD . 0.10 5.24 40.93
C13 PX4 CD . 0.98 6.31 40.27
C14 PX4 CD . 0.34 7.69 40.17
C15 PX4 CD . 1.25 8.65 39.40
C16 PX4 CD . 1.62 8.12 38.02
C17 PX4 CD . 2.55 9.11 37.29
C18 PX4 CD . 3.23 8.61 36.02
C19 PX4 CD . 3.71 7.19 36.29
C20 PX4 CD . 4.44 6.58 35.09
C21 PX4 CD . 5.06 5.22 35.43
C22 PX4 CD . 5.32 4.50 34.12
O7 PX4 CD . -1.16 4.60 47.65
C23 PX4 CD . -1.72 5.69 47.08
O8 PX4 CD . -0.94 6.60 46.81
C24 PX4 CD . -3.24 5.77 47.22
C25 PX4 CD . -4.08 5.40 46.00
C26 PX4 CD . -3.69 5.96 44.63
C27 PX4 CD . -4.79 5.51 43.68
C28 PX4 CD . -4.61 3.99 43.75
C29 PX4 CD . -5.80 3.25 43.12
C30 PX4 CD . -7.09 3.51 43.89
C31 PX4 CD . -8.30 2.70 43.37
C32 PX4 CD . -9.50 2.77 44.32
C33 PX4 CD . -9.02 2.32 45.71
C34 PX4 CD . -10.24 2.44 46.63
C35 PX4 CD . -10.07 1.96 48.07
C36 PX4 CD . -11.32 2.24 48.91
O1 PX4 DD . -6.17 -12.77 56.16
O2 PX4 DD . -4.48 -10.89 55.41
P1 PX4 DD . -5.70 -11.72 55.24
O3 PX4 DD . -6.89 -10.69 54.92
C1 PX4 DD . -7.11 -9.97 56.14
C2 PX4 DD . -8.34 -9.07 56.06
N1 PX4 DD . -8.40 -8.13 54.95
C3 PX4 DD . -8.82 -8.66 53.64
C4 PX4 DD . -9.42 -7.11 55.20
C5 PX4 DD . -7.16 -7.37 54.69
O4 PX4 DD . -5.49 -12.29 53.74
C6 PX4 DD . -5.52 -11.35 52.66
C7 PX4 DD . -5.32 -12.09 51.33
C8 PX4 DD . -5.17 -13.59 51.58
O5 PX4 DD . -4.31 -14.24 50.64
C9 PX4 DD . -3.89 -15.53 50.70
O6 PX4 DD . -4.47 -16.17 51.57
C10 PX4 DD . -2.66 -15.99 49.92
C11 PX4 DD . -3.06 -16.98 48.80
C12 PX4 DD . -1.95 -17.12 47.76
C13 PX4 DD . -2.30 -18.01 46.56
C14 PX4 DD . -1.11 -18.34 45.65
C15 PX4 DD . -1.55 -19.40 44.65
C16 PX4 DD . -2.77 -18.96 43.84
C17 PX4 DD . -2.98 -19.75 42.54
C18 PX4 DD . -1.86 -19.35 41.58
C19 PX4 DD . -1.97 -20.10 40.25
C20 PX4 DD . -0.87 -19.67 39.29
C21 PX4 DD . -1.15 -20.47 38.01
C22 PX4 DD . -0.14 -20.18 36.89
O7 PX4 DD . -6.13 -11.65 50.23
C23 PX4 DD . -5.70 -10.60 49.48
O8 PX4 DD . -4.79 -9.89 49.88
C24 PX4 DD . -6.60 -10.18 48.32
C25 PX4 DD . -6.98 -11.43 47.52
C26 PX4 DD . -7.34 -11.38 46.03
C27 PX4 DD . -8.10 -12.59 45.51
C28 PX4 DD . -8.81 -12.33 44.18
C29 PX4 DD . -9.51 -13.60 43.70
C30 PX4 DD . -9.92 -13.30 42.27
C31 PX4 DD . -8.75 -13.47 41.31
C32 PX4 DD . -9.22 -12.98 39.94
C33 PX4 DD . -8.12 -12.80 38.89
C34 PX4 DD . -8.44 -11.98 37.64
C35 PX4 DD . -9.63 -12.49 36.84
C36 PX4 DD . -9.93 -11.77 35.53
O1 PX4 ED . 10.81 -7.57 51.17
O2 PX4 ED . 13.28 -8.18 50.47
P1 PX4 ED . 12.08 -7.32 50.46
O3 PX4 ED . 12.73 -5.92 50.93
C1 PX4 ED . 12.88 -6.22 52.33
C2 PX4 ED . 13.71 -5.21 53.11
N1 PX4 ED . 15.17 -5.10 52.95
C3 PX4 ED . 15.73 -4.15 53.92
C4 PX4 ED . 15.87 -6.36 53.23
C5 PX4 ED . 15.61 -4.59 51.64
O4 PX4 ED . 11.89 -6.98 48.90
C6 PX4 ED . 12.31 -7.98 47.94
C7 PX4 ED . 11.83 -7.69 46.52
C8 PX4 ED . 10.34 -7.36 46.62
O5 PX4 ED . 9.44 -8.16 45.85
C9 PX4 ED . 8.11 -8.05 46.14
O6 PX4 ED . 7.62 -7.05 46.65
C10 PX4 ED . 7.17 -9.01 45.42
C11 PX4 ED . 7.89 -9.93 44.41
C12 PX4 ED . 8.20 -9.23 43.09
C13 PX4 ED . 7.00 -8.72 42.29
C14 PX4 ED . 7.33 -7.58 41.34
C15 PX4 ED . 5.96 -6.96 41.03
C16 PX4 ED . 6.16 -5.79 40.06
C17 PX4 ED . 6.93 -6.29 38.84
C18 PX4 ED . 7.27 -5.26 37.75
C19 PX4 ED . 7.71 -6.02 36.49
C20 PX4 ED . 8.19 -5.21 35.29
C21 PX4 ED . 8.87 -6.12 34.27
C22 PX4 ED . 9.12 -5.47 32.91
O7 PX4 ED . 12.61 -6.84 45.66
C23 PX4 ED . 13.86 -7.09 45.21
O8 PX4 ED . 14.63 -7.94 45.66
C24 PX4 ED . 14.29 -6.08 44.14
C25 PX4 ED . 14.28 -6.76 42.77
C26 PX4 ED . 15.33 -6.14 41.84
C27 PX4 ED . 15.76 -6.89 40.58
C28 PX4 ED . 16.90 -7.89 40.81
C29 PX4 ED . 17.14 -8.74 39.56
C30 PX4 ED . 18.26 -9.76 39.85
C31 PX4 ED . 18.32 -10.72 38.67
C32 PX4 ED . 19.63 -11.52 38.64
C33 PX4 ED . 19.67 -12.23 37.30
C34 PX4 ED . 21.11 -12.62 36.93
C35 PX4 ED . 21.12 -12.88 35.42
C36 PX4 ED . 22.52 -13.31 34.98
O1 PX4 FD . 16.32 -5.14 48.70
O2 PX4 FD . 16.56 -2.60 48.10
P1 PX4 FD . 16.36 -4.02 47.73
O3 PX4 FD . 14.93 -4.10 47.02
C1 PX4 FD . 13.87 -4.03 47.99
C2 PX4 FD . 12.50 -3.85 47.34
N1 PX4 FD . 12.05 -2.53 46.85
C3 PX4 FD . 10.63 -2.45 47.15
C4 PX4 FD . 12.83 -1.40 47.37
C5 PX4 FD . 12.16 -2.51 45.38
O4 PX4 FD . 16.95 -4.33 46.27
C6 PX4 FD . 16.72 -3.08 45.62
C7 PX4 FD . 17.13 -3.12 44.14
C8 PX4 FD . 18.14 -4.25 43.88
O5 PX4 FD . 19.11 -3.99 42.89
C9 PX4 FD . 19.86 -5.05 42.49
O6 PX4 FD . 19.95 -6.00 43.27
C10 PX4 FD . 20.66 -4.88 41.21
C11 PX4 FD . 20.11 -5.72 40.07
C12 PX4 FD . 21.17 -5.82 38.98
C13 PX4 FD . 20.59 -6.65 37.84
C14 PX4 FD . 21.42 -6.76 36.57
C15 PX4 FD . 20.68 -7.73 35.65
C16 PX4 FD . 21.46 -7.88 34.34
C17 PX4 FD . 20.64 -9.00 33.73
C18 PX4 FD . 19.16 -8.66 33.55
C19 PX4 FD . 18.40 -9.96 33.24
C20 PX4 FD . 16.90 -9.67 33.17
C21 PX4 FD . 16.07 -10.94 33.11
C22 PX4 FD . 16.35 -12.04 34.13
O7 PX4 FD . 15.99 -3.08 43.27
C23 PX4 FD . 15.17 -1.99 43.29
O8 PX4 FD . 15.27 -1.05 44.07
C24 PX4 FD . 14.06 -2.12 42.24
C25 PX4 FD . 14.63 -1.42 41.02
C26 PX4 FD . 13.58 -1.03 39.98
C27 PX4 FD . 14.15 -0.68 38.61
C28 PX4 FD . 13.01 -0.39 37.62
C29 PX4 FD . 13.55 0.66 36.66
C30 PX4 FD . 12.51 0.95 35.59
C31 PX4 FD . 12.14 -0.38 34.92
C32 PX4 FD . 11.29 -0.19 33.68
C33 PX4 FD . 11.78 -0.99 32.46
C34 PX4 FD . 12.89 -0.15 31.81
C35 PX4 FD . 12.54 1.15 31.09
C36 PX4 FD . 13.89 1.79 30.74
O1 PX4 GD . 24.23 11.64 46.22
O2 PX4 GD . 24.70 9.46 47.62
P1 PX4 GD . 24.85 10.32 46.41
O3 PX4 GD . 26.40 10.65 46.14
C1 PX4 GD . 26.80 11.20 47.40
C2 PX4 GD . 28.09 12.04 47.34
N1 PX4 GD . 28.14 13.25 46.51
C3 PX4 GD . 26.91 14.05 46.70
C4 PX4 GD . 29.26 14.15 46.84
C5 PX4 GD . 28.40 12.91 45.12
O4 PX4 GD . 24.77 9.58 44.98
C6 PX4 GD . 25.83 8.65 44.74
C7 PX4 GD . 26.04 8.44 43.25
C8 PX4 GD . 26.06 9.87 42.68
O5 PX4 GD . 25.82 9.77 41.28
C9 PX4 GD . 24.51 9.65 40.89
O6 PX4 GD . 23.68 9.11 41.60
C10 PX4 GD . 24.35 9.69 39.37
C11 PX4 GD . 22.88 9.74 38.94
C12 PX4 GD . 22.83 9.53 37.42
C13 PX4 GD . 21.34 9.52 37.04
C14 PX4 GD . 21.28 9.34 35.52
C15 PX4 GD . 22.08 10.42 34.81
C16 PX4 GD . 21.87 10.45 33.28
C17 PX4 GD . 22.73 11.47 32.53
C18 PX4 GD . 22.87 11.16 31.04
C19 PX4 GD . 23.51 12.36 30.35
C20 PX4 GD . 23.66 12.24 28.83
C21 PX4 GD . 22.29 11.98 28.21
C22 PX4 GD . 22.43 11.65 26.72
O7 PX4 GD . 27.30 7.82 42.99
C23 PX4 GD . 27.26 6.70 42.23
O8 PX4 GD . 26.16 6.47 41.72
C24 PX4 GD . 28.52 5.84 42.02
C25 PX4 GD . 28.43 5.34 40.58
C26 PX4 GD . 29.39 4.20 40.24
C27 PX4 GD . 28.99 3.81 38.82
C28 PX4 GD . 29.29 4.97 37.86
C29 PX4 GD . 28.56 4.69 36.54
C30 PX4 GD . 29.11 5.63 35.46
C31 PX4 GD . 28.42 5.43 34.11
C32 PX4 GD . 29.06 6.37 33.08
C33 PX4 GD . 28.13 6.60 31.89
C34 PX4 GD . 28.14 5.34 31.02
C35 PX4 GD . 27.53 5.50 29.63
C36 PX4 GD . 28.22 6.62 28.87
O1 PX4 HD . -17.30 13.66 58.97
O2 PX4 HD . -14.98 13.14 57.80
P1 PX4 HD . -16.37 13.63 57.80
O3 PX4 HD . -16.10 15.21 57.88
C1 PX4 HD . -15.60 15.75 59.10
C2 PX4 HD . -14.33 16.60 58.96
N1 PX4 HD . -13.15 16.35 59.80
C3 PX4 HD . -12.55 15.02 59.60
C4 PX4 HD . -12.14 17.28 59.25
C5 PX4 HD . -13.35 16.71 61.21
O4 PX4 HD . -17.01 13.76 56.33
C6 PX4 HD . -18.31 14.33 56.45
C7 PX4 HD . -19.06 14.43 55.11
C8 PX4 HD . -18.77 13.07 54.46
O5 PX4 HD . -19.12 12.95 53.08
C9 PX4 HD . -18.39 13.55 52.12
O6 PX4 HD . -17.59 14.41 52.45
C10 PX4 HD . -18.63 13.20 50.63
C11 PX4 HD . -17.91 11.91 50.30
C12 PX4 HD . -17.87 11.94 48.77
C13 PX4 HD . -17.06 10.76 48.22
C14 PX4 HD . -17.55 9.39 48.68
C15 PX4 HD . -17.02 8.37 47.66
C16 PX4 HD . -17.43 8.81 46.26
C17 PX4 HD . -17.00 7.71 45.28
C18 PX4 HD . -17.75 7.91 43.97
C19 PX4 HD . -17.34 6.73 43.11
C20 PX4 HD . -18.07 6.78 41.75
C21 PX4 HD . -17.43 5.66 40.92
C22 PX4 HD . -17.91 5.76 39.47
O7 PX4 HD . -20.42 14.75 55.35
C23 PX4 HD . -20.95 15.35 54.25
O8 PX4 HD . -20.33 16.14 53.53
C24 PX4 HD . -22.47 15.25 54.13
C25 PX4 HD . -22.87 14.37 52.97
C26 PX4 HD . -24.38 14.44 52.72
C27 PX4 HD . -24.88 13.76 51.44
C28 PX4 HD . -26.35 14.18 51.44
C29 PX4 HD . -27.05 13.67 50.17
C30 PX4 HD . -26.30 14.27 48.97
C31 PX4 HD . -26.72 13.85 47.56
C32 PX4 HD . -28.17 14.32 47.37
C33 PX4 HD . -28.54 14.23 45.89
C34 PX4 HD . -29.87 14.94 45.67
C35 PX4 HD . -30.16 15.13 44.18
C36 PX4 HD . -31.53 15.79 43.96
O1 PX4 ID . -6.14 29.71 51.34
O2 PX4 ID . -5.02 28.62 53.45
P1 PX4 ID . -4.99 29.10 52.05
O3 PX4 ID . -4.13 30.46 52.17
C1 PX4 ID . -2.99 30.09 52.94
C2 PX4 ID . -1.81 31.06 53.00
N1 PX4 ID . -1.22 31.29 51.68
C3 PX4 ID . -0.01 32.13 51.76
C4 PX4 ID . -0.78 30.04 51.03
C5 PX4 ID . -2.14 32.04 50.79
O4 PX4 ID . -3.95 28.41 51.04
C6 PX4 ID . -4.61 28.29 49.77
C7 PX4 ID . -3.63 28.19 48.62
C8 PX4 ID . -3.48 26.67 48.46
O5 PX4 ID . -4.50 26.07 47.65
C9 PX4 ID . -4.49 24.72 47.54
O6 PX4 ID . -3.51 24.02 47.78
C10 PX4 ID . -5.65 24.22 46.66
C11 PX4 ID . -6.42 23.02 47.22
C12 PX4 ID . -7.87 23.32 47.60
C13 PX4 ID . -8.56 23.63 46.27
C14 PX4 ID . -10.03 23.97 46.44
C15 PX4 ID . -10.62 24.40 45.09
C16 PX4 ID . -10.79 23.12 44.27
C17 PX4 ID . -11.31 23.53 42.89
C18 PX4 ID . -12.75 24.01 43.04
C19 PX4 ID . -13.29 24.59 41.74
C20 PX4 ID . -13.53 23.66 40.54
C21 PX4 ID . -13.87 24.25 39.17
C22 PX4 ID . -13.91 23.26 38.02
O7 PX4 ID . -3.73 29.13 47.54
C23 PX4 ID . -2.63 29.55 46.87
O8 PX4 ID . -1.60 29.60 47.54
C24 PX4 ID . -2.74 30.24 45.51
C25 PX4 ID . -2.97 29.16 44.46
C26 PX4 ID . -3.16 29.69 43.04
C27 PX4 ID . -3.53 28.56 42.07
C28 PX4 ID . -3.51 29.18 40.66
C29 PX4 ID . -3.92 28.27 39.50
C30 PX4 ID . -3.97 29.20 38.30
C31 PX4 ID . -4.36 28.33 37.11
C32 PX4 ID . -4.48 29.15 35.81
C33 PX4 ID . -4.60 28.25 34.58
C34 PX4 ID . -4.65 29.07 33.29
C35 PX4 ID . -5.35 28.45 32.07
C36 PX4 ID . -5.41 29.45 30.89
O1 PX4 JD . -4.71 17.45 53.95
O2 PX4 JD . -6.95 16.21 54.00
P1 PX4 JD . -5.78 16.71 53.24
O3 PX4 JD . -5.05 15.31 52.99
C1 PX4 JD . -4.55 14.74 54.21
C2 PX4 JD . -3.49 13.67 53.95
N1 PX4 JD . -2.19 13.98 53.33
C3 PX4 JD . -1.80 12.61 52.96
C4 PX4 JD . -2.28 14.77 52.10
C5 PX4 JD . -1.36 14.72 54.28
O4 PX4 JD . -5.86 17.02 51.67
C6 PX4 JD . -6.04 15.80 50.93
C7 PX4 JD . -6.69 15.97 49.55
C8 PX4 JD . -7.29 17.38 49.50
O5 PX4 JD . -8.31 17.57 48.52
C9 PX4 JD . -8.63 18.87 48.29
O6 PX4 JD . -7.92 19.75 48.77
C10 PX4 JD . -9.88 19.21 47.46
C11 PX4 JD . -9.50 18.99 46.00
C12 PX4 JD . -10.70 18.95 45.07
C13 PX4 JD . -10.26 19.14 43.62
C14 PX4 JD . -11.35 19.14 42.54
C15 PX4 JD . -11.03 19.80 41.20
C16 PX4 JD . -12.30 19.55 40.40
C17 PX4 JD . -12.51 18.13 39.89
C18 PX4 JD . -13.51 18.17 38.73
C19 PX4 JD . -13.57 16.91 37.88
C20 PX4 JD . -14.80 16.95 36.96
C21 PX4 JD . -14.67 16.09 35.70
C22 PX4 JD . -13.73 16.57 34.59
O7 PX4 JD . -5.79 15.70 48.48
C23 PX4 JD . -5.77 14.50 47.84
O8 PX4 JD . -6.24 13.46 48.29
C24 PX4 JD . -4.88 14.39 46.59
C25 PX4 JD . -5.65 15.17 45.54
C26 PX4 JD . -4.85 14.96 44.25
C27 PX4 JD . -5.71 15.06 43.00
C28 PX4 JD . -4.69 14.84 41.89
C29 PX4 JD . -5.27 15.45 40.61
C30 PX4 JD . -4.26 15.13 39.52
C31 PX4 JD . -4.77 15.39 38.09
C32 PX4 JD . -3.67 15.03 37.10
C33 PX4 JD . -4.24 15.24 35.70
C34 PX4 JD . -3.11 15.21 34.67
C35 PX4 JD . -3.68 15.39 33.26
C36 PX4 JD . -2.80 15.53 32.00
O1 PX4 KD . 1.96 -10.94 50.42
O2 PX4 KD . 2.89 -8.61 51.11
P1 PX4 KD . 1.79 -9.50 50.67
O3 PX4 KD . 0.74 -9.17 51.83
C1 PX4 KD . 0.57 -7.74 51.96
C2 PX4 KD . -0.05 -7.50 53.33
N1 PX4 KD . -0.20 -6.07 53.71
C3 PX4 KD . 1.09 -5.36 53.73
C4 PX4 KD . -1.26 -5.36 53.00
C5 PX4 KD . -0.55 -6.12 55.13
O4 PX4 KD . 0.94 -8.86 49.45
C6 PX4 KD . 0.41 -9.93 48.68
C7 PX4 KD . -1.07 -9.72 48.36
C8 PX4 KD . -1.17 -8.47 47.48
O5 PX4 KD . -0.35 -8.28 46.34
C9 PX4 KD . -0.72 -7.22 45.56
O6 PX4 KD . -1.53 -6.38 45.96
C10 PX4 KD . -0.06 -7.04 44.20
C11 PX4 KD . -1.08 -7.03 43.06
C12 PX4 KD . -0.38 -6.40 41.86
C13 PX4 KD . 0.77 -7.32 41.48
C14 PX4 KD . 0.78 -7.23 39.95
C15 PX4 KD . 1.83 -8.07 39.21
C16 PX4 KD . 1.82 -7.76 37.72
C17 PX4 KD . 2.26 -8.92 36.81
C18 PX4 KD . 2.09 -8.51 35.35
C19 PX4 KD . 2.83 -9.58 34.53
C20 PX4 KD . 4.17 -9.81 35.24
C21 PX4 KD . 5.24 -10.48 34.37
C22 PX4 KD . 6.59 -10.35 35.08
O7 PX4 KD . -1.81 -10.78 47.75
C23 PX4 KD . -1.99 -11.98 48.36
O8 PX4 KD . -1.37 -12.36 49.35
C24 PX4 KD . -2.91 -12.91 47.55
C25 PX4 KD . -2.43 -13.41 46.18
C26 PX4 KD . -3.62 -13.68 45.25
C27 PX4 KD . -3.13 -14.16 43.88
C28 PX4 KD . -4.11 -14.42 42.74
C29 PX4 KD . -3.31 -15.11 41.64
C30 PX4 KD . -4.07 -15.27 40.32
C31 PX4 KD . -5.37 -16.03 40.57
C32 PX4 KD . -6.01 -16.45 39.25
C33 PX4 KD . -7.53 -16.49 39.39
C34 PX4 KD . -8.05 -16.42 37.96
C35 PX4 KD . -9.57 -16.37 37.97
C36 PX4 KD . -10.22 -16.13 36.59
O1 PX4 LD . 4.92 -1.11 47.61
O2 PX4 LD . 7.46 -1.21 48.29
P1 PX4 LD . 6.36 -1.15 47.29
O3 PX4 LD . 6.49 0.30 46.59
C1 PX4 LD . 6.26 1.27 47.63
C2 PX4 LD . 6.13 2.71 47.14
N1 PX4 LD . 5.26 3.12 46.03
C3 PX4 LD . 5.98 2.90 44.77
C4 PX4 LD . 4.01 2.39 45.85
C5 PX4 LD . 5.00 4.57 46.15
O4 PX4 LD . 6.51 -2.21 46.10
C6 PX4 LD . 6.31 -1.52 44.87
C7 PX4 LD . 6.50 -2.51 43.72
C8 PX4 LD . 7.52 -3.56 44.16
O5 PX4 LD . 8.46 -4.07 43.21
C9 PX4 LD . 9.57 -4.66 43.70
O6 PX4 LD . 9.85 -4.54 44.89
C10 PX4 LD . 10.46 -5.46 42.74
C11 PX4 LD . 10.40 -4.83 41.35
C12 PX4 LD . 11.33 -5.41 40.28
C13 PX4 LD . 11.34 -4.31 39.21
C14 PX4 LD . 11.74 -5.03 37.92
C15 PX4 LD . 13.26 -5.04 37.67
C16 PX4 LD . 13.52 -5.80 36.37
C17 PX4 LD . 12.95 -4.94 35.24
C18 PX4 LD . 13.12 -5.65 33.90
C19 PX4 LD . 12.87 -4.70 32.73
C20 PX4 LD . 12.76 -5.33 31.34
C21 PX4 LD . 12.37 -4.29 30.28
C22 PX4 LD . 12.57 -4.82 28.86
O7 PX4 LD . 5.30 -3.17 43.34
C23 PX4 LD . 4.46 -2.55 42.47
O8 PX4 LD . 4.58 -1.40 42.07
C24 PX4 LD . 3.33 -3.51 42.07
C25 PX4 LD . 3.10 -3.59 40.55
C26 PX4 LD . 1.62 -3.54 40.17
C27 PX4 LD . 1.12 -2.41 39.27
C28 PX4 LD . -0.01 -2.82 38.32
C29 PX4 LD . -0.64 -1.65 37.57
C30 PX4 LD . -1.99 -1.83 36.87
C31 PX4 LD . -1.80 -3.06 35.99
C32 PX4 LD . -3.06 -3.66 35.37
C33 PX4 LD . -3.29 -2.85 34.09
C34 PX4 LD . -4.55 -3.38 33.37
C35 PX4 LD . -5.71 -3.41 34.35
C36 PX4 LD . -6.26 -4.83 34.32
O1 PX4 MD . 20.82 4.50 48.25
O2 PX4 MD . 18.57 3.57 47.33
P1 PX4 MD . 19.85 4.27 47.14
O3 PX4 MD . 20.70 3.24 46.25
C1 PX4 MD . 20.55 2.00 46.93
C2 PX4 MD . 21.35 0.89 46.26
N1 PX4 MD . 22.76 1.15 45.86
C3 PX4 MD . 23.54 1.69 46.98
C4 PX4 MD . 23.41 -0.09 45.40
C5 PX4 MD . 22.95 1.92 44.63
O4 PX4 MD . 19.87 5.50 46.09
C6 PX4 MD . 19.97 5.16 44.71
C7 PX4 MD . 18.72 4.45 44.19
C8 PX4 MD . 18.39 5.53 43.17
O5 PX4 MD . 19.38 5.76 42.15
C9 PX4 MD . 19.05 6.58 41.13
O6 PX4 MD . 18.08 7.34 41.14
C10 PX4 MD . 20.04 6.46 39.96
C11 PX4 MD . 20.16 5.03 39.43
C12 PX4 MD . 20.98 5.12 38.14
C13 PX4 MD . 21.04 3.81 37.34
C14 PX4 MD . 21.81 4.00 36.04
C15 PX4 MD . 22.15 2.75 35.23
C16 PX4 MD . 20.98 1.81 34.96
C17 PX4 MD . 21.22 0.37 34.53
C18 PX4 MD . 21.56 0.43 33.03
C19 PX4 MD . 21.94 -1.00 32.62
C20 PX4 MD . 23.07 -1.44 33.55
C21 PX4 MD . 23.70 -2.72 32.99
C22 PX4 MD . 24.98 -2.91 33.81
O7 PX4 MD . 19.10 3.23 43.54
C23 PX4 MD . 18.11 2.31 43.39
O8 PX4 MD . 17.00 2.71 43.73
C24 PX4 MD . 18.45 0.97 42.76
C25 PX4 MD . 18.20 0.96 41.25
C26 PX4 MD . 18.44 -0.42 40.64
C27 PX4 MD . 18.34 -0.43 39.11
C28 PX4 MD . 18.37 -1.90 38.68
C29 PX4 MD . 18.02 -1.95 37.19
C30 PX4 MD . 17.38 -3.24 36.68
C31 PX4 MD . 16.35 -2.88 35.60
C32 PX4 MD . 16.89 -1.93 34.52
C33 PX4 MD . 15.85 -1.45 33.51
C34 PX4 MD . 16.43 -0.30 32.70
C35 PX4 MD . 17.66 -0.71 31.87
C36 PX4 MD . 18.16 0.53 31.11
O1 PX4 ND . 34.94 0.19 46.45
O2 PX4 ND . 33.36 -0.74 48.28
P1 PX4 ND . 34.08 -0.89 46.98
O3 PX4 ND . 35.04 -2.16 47.18
C1 PX4 ND . 36.01 -1.86 48.19
C2 PX4 ND . 36.68 -3.13 48.72
N1 PX4 ND . 35.98 -4.28 49.29
C3 PX4 ND . 36.88 -5.07 50.16
C4 PX4 ND . 34.93 -3.79 50.20
C5 PX4 ND . 35.55 -5.22 48.24
O4 PX4 ND . 33.18 -1.60 45.86
C6 PX4 ND . 34.00 -1.89 44.72
C7 PX4 ND . 33.24 -2.08 43.40
C8 PX4 ND . 31.76 -2.19 43.78
O5 PX4 ND . 31.29 -3.43 43.21
C9 PX4 ND . 30.22 -3.95 43.85
O6 PX4 ND . 30.03 -3.70 45.05
C10 PX4 ND . 29.47 -5.10 43.17
C11 PX4 ND . 28.07 -4.75 42.63
C12 PX4 ND . 27.56 -5.91 41.76
C13 PX4 ND . 28.71 -6.19 40.81
C14 PX4 ND . 28.35 -7.53 40.15
C15 PX4 ND . 29.50 -7.90 39.21
C16 PX4 ND . 29.03 -9.23 38.62
C17 PX4 ND . 30.20 -9.50 37.67
C18 PX4 ND . 30.00 -10.77 36.84
C19 PX4 ND . 31.07 -11.05 35.77
C20 PX4 ND . 30.99 -12.47 35.21
C21 PX4 ND . 32.18 -12.71 34.29
C22 PX4 ND . 32.35 -14.14 33.78
O7 PX4 ND . 33.48 -1.07 42.41
C23 PX4 ND . 34.30 -1.55 41.44
O8 PX4 ND . 35.22 -2.32 41.71
C24 PX4 ND . 34.23 -0.87 40.07
C25 PX4 ND . 35.58 -0.78 39.38
C26 PX4 ND . 35.68 0.09 38.12
C27 PX4 ND . 35.09 1.48 38.36
C28 PX4 ND . 35.15 2.36 37.10
C29 PX4 ND . 34.62 3.79 37.26
C30 PX4 ND . 34.93 4.60 36.00
C31 PX4 ND . 34.36 6.01 36.18
C32 PX4 ND . 33.52 6.56 35.05
C33 PX4 ND . 33.02 7.97 35.39
C34 PX4 ND . 32.20 8.53 34.24
C35 PX4 ND . 31.87 9.98 34.59
C36 PX4 ND . 33.16 10.69 35.03
O1 PX4 OD . 26.00 17.39 43.84
O2 PX4 OD . 26.54 19.59 42.76
P1 PX4 OD . 25.57 18.48 42.95
O3 PX4 OD . 24.17 19.16 43.38
C1 PX4 OD . 24.41 19.23 44.79
C2 PX4 OD . 23.79 20.44 45.49
N1 PX4 OD . 24.66 21.40 46.18
C3 PX4 OD . 25.73 21.98 45.35
C4 PX4 OD . 23.93 22.53 46.74
C5 PX4 OD . 25.32 20.72 47.30
O4 PX4 OD . 25.11 17.98 41.49
C6 PX4 OD . 26.30 17.55 40.81
C7 PX4 OD . 26.02 16.53 39.70
C8 PX4 OD . 24.79 17.08 39.00
O5 PX4 OD . 23.94 16.02 38.55
C9 PX4 OD . 22.92 16.35 37.73
O6 PX4 OD . 22.40 17.46 37.86
C10 PX4 OD . 22.13 15.15 37.18
C11 PX4 OD . 21.59 15.38 35.76
C12 PX4 OD . 22.63 15.42 34.64
C13 PX4 OD . 21.90 15.74 33.34
C14 PX4 OD . 22.79 16.12 32.15
C15 PX4 OD . 22.07 16.23 30.81
C16 PX4 OD . 22.94 16.83 29.71
C17 PX4 OD . 22.23 16.67 28.37
C18 PX4 OD . 22.90 17.61 27.38
C19 PX4 OD . 21.96 17.86 26.20
C20 PX4 OD . 20.59 18.27 26.76
C21 PX4 OD . 19.72 18.96 25.71
C22 PX4 OD . 18.49 19.58 26.38
O7 PX4 OD . 27.15 16.47 38.80
C23 PX4 OD . 28.18 15.63 39.06
O8 PX4 OD . 28.06 14.70 39.85
C24 PX4 OD . 29.26 15.76 37.99
C25 PX4 OD . 29.19 14.46 37.21
C26 PX4 OD . 30.21 14.32 36.06
C27 PX4 OD . 29.96 15.31 34.93
C28 PX4 OD . 31.17 15.39 33.99
C29 PX4 OD . 31.37 14.07 33.22
C30 PX4 OD . 32.35 14.06 32.06
C31 PX4 OD . 32.64 12.64 31.58
C32 PX4 OD . 33.66 12.61 30.44
C33 PX4 OD . 34.97 13.23 30.93
C34 PX4 OD . 35.99 13.21 29.79
C35 PX4 OD . 35.58 14.37 28.89
C36 PX4 OD . 36.72 14.45 27.86
O1 PX4 PD . -7.14 23.88 51.15
O2 PX4 PD . -4.99 25.26 51.05
P1 PX4 PD . -6.35 25.04 51.59
O3 PX4 PD . -6.22 24.92 53.20
C1 PX4 PD . -7.54 25.15 53.69
C2 PX4 PD . -7.42 25.55 55.16
N1 PX4 PD . -8.52 26.01 56.02
C3 PX4 PD . -8.04 26.47 57.33
C4 PX4 PD . -9.25 27.16 55.46
C5 PX4 PD . -9.49 24.96 56.36
O4 PX4 PD . -7.30 26.34 51.46
C6 PX4 PD . -7.92 26.38 50.17
C7 PX4 PD . -9.23 27.16 50.05
C8 PX4 PD . -8.81 28.53 49.51
O5 PX4 PD . -8.06 28.37 48.32
C9 PX4 PD . -7.49 29.45 47.69
O6 PX4 PD . -7.83 30.59 47.96
C10 PX4 PD . -6.69 29.13 46.42
C11 PX4 PD . -7.31 28.24 45.34
C12 PX4 PD . -6.39 27.99 44.15
C13 PX4 PD . -7.11 27.25 43.03
C14 PX4 PD . -6.90 25.74 43.19
C15 PX4 PD . -7.94 25.30 42.14
C16 PX4 PD . -7.46 25.70 40.74
C17 PX4 PD . -8.58 25.33 39.79
C18 PX4 PD . -8.42 23.92 39.18
C19 PX4 PD . -9.38 23.61 38.03
C20 PX4 PD . -9.44 22.10 37.81
C21 PX4 PD . -10.52 21.74 36.80
C22 PX4 PD . -10.48 20.27 36.43
O7 PX4 PD . -10.19 26.41 49.28
C23 PX4 PD . -11.51 26.47 49.56
O8 PX4 PD . -11.90 26.60 50.71
C24 PX4 PD . -12.34 25.75 48.49
C25 PX4 PD . -13.40 26.65 47.85
C26 PX4 PD . -14.03 25.92 46.67
C27 PX4 PD . -14.99 26.81 45.88
C28 PX4 PD . -15.41 26.18 44.54
C29 PX4 PD . -16.63 26.86 43.92
C30 PX4 PD . -16.48 26.82 42.40
C31 PX4 PD . -17.41 27.69 41.53
C32 PX4 PD . -17.29 27.22 40.08
C33 PX4 PD . -18.14 28.07 39.14
C34 PX4 PD . -18.11 27.59 37.70
C35 PX4 PD . -19.52 27.48 37.11
C36 PX4 PD . -19.40 27.20 35.61
O1 PX4 QD . -10.81 36.62 50.39
O2 PX4 QD . -8.94 34.84 50.27
P1 PX4 QD . -9.79 35.87 49.63
O3 PX4 QD . -8.97 37.10 48.97
C1 PX4 QD . -8.88 38.32 49.71
C2 PX4 QD . -8.72 39.47 48.73
N1 PX4 QD . -8.56 40.87 49.15
C3 PX4 QD . -7.29 40.95 49.89
C4 PX4 QD . -8.54 41.71 47.94
C5 PX4 QD . -9.63 41.42 50.03
O4 PX4 QD . -10.42 35.23 48.30
C6 PX4 QD . -11.49 36.00 47.76
C7 PX4 QD . -11.39 36.50 46.32
C8 PX4 QD . -9.95 36.42 45.80
O5 PX4 QD . -9.35 37.72 45.66
C9 PX4 QD . -8.14 37.69 45.03
O6 PX4 QD . -7.48 36.68 44.78
C10 PX4 QD . -7.59 39.10 44.82
C11 PX4 QD . -7.85 39.38 43.34
C12 PX4 QD . -6.65 40.12 42.77
C13 PX4 QD . -6.60 40.12 41.24
C14 PX4 QD . -5.45 40.95 40.67
C15 PX4 QD . -5.66 40.93 39.15
C16 PX4 QD . -4.60 41.84 38.52
C17 PX4 QD . -5.06 42.27 37.12
C18 PX4 QD . -4.20 41.57 36.06
C19 PX4 QD . -4.43 40.06 36.01
C20 PX4 QD . -3.18 39.60 35.23
C21 PX4 QD . -3.35 38.11 34.94
C22 PX4 QD . -2.33 37.64 33.91
O7 PX4 QD . -12.34 35.89 45.44
C23 PX4 QD . -13.69 36.02 45.49
O8 PX4 QD . -14.34 36.65 46.33
C24 PX4 QD . -14.35 35.60 44.17
C25 PX4 QD . -13.64 36.26 42.97
C26 PX4 QD . -13.78 35.53 41.64
C27 PX4 QD . -13.79 36.52 40.47
C28 PX4 QD . -14.33 35.99 39.14
C29 PX4 QD . -13.94 36.97 38.04
C30 PX4 QD . -14.48 36.51 36.69
C31 PX4 QD . -14.09 35.08 36.28
C32 PX4 QD . -14.81 34.83 34.96
C33 PX4 QD . -16.32 34.90 35.17
C34 PX4 QD . -17.00 34.77 33.81
C35 PX4 QD . -18.50 35.02 33.77
C36 PX4 QD . -19.04 34.67 32.39
O1 PX4 RD . 3.20 12.45 49.43
O2 PX4 RD . 1.21 11.70 50.89
P1 PX4 RD . 1.85 11.82 49.57
O3 PX4 RD . 2.08 10.29 49.13
C1 PX4 RD . 2.53 10.26 47.78
C2 PX4 RD . 2.19 8.98 47.02
N1 PX4 RD . 2.00 9.00 45.56
C3 PX4 RD . 3.04 9.81 44.93
C4 PX4 RD . 2.05 7.61 45.08
C5 PX4 RD . 0.67 9.50 45.16
O4 PX4 RD . 0.98 12.31 48.31
C6 PX4 RD . -0.42 12.41 48.62
C7 PX4 RD . -1.29 12.67 47.39
C8 PX4 RD . -0.51 13.62 46.48
O5 PX4 RD . -1.24 14.64 45.80
C9 PX4 RD . -1.16 15.90 46.31
O6 PX4 RD . -1.09 16.09 47.52
C10 PX4 RD . -1.61 17.00 45.35
C11 PX4 RD . -1.24 16.63 43.90
C12 PX4 RD . -1.59 17.74 42.90
C13 PX4 RD . -1.12 17.38 41.48
C14 PX4 RD . -1.48 18.40 40.41
C15 PX4 RD . -1.38 17.91 38.97
C16 PX4 RD . 0.03 17.45 38.57
C17 PX4 RD . 0.21 17.00 37.13
C18 PX4 RD . -0.26 18.12 36.20
C19 PX4 RD . 0.00 17.75 34.74
C20 PX4 RD . -0.27 18.96 33.85
C21 PX4 RD . -0.12 18.74 32.35
C22 PX4 RD . 1.39 18.79 32.07
O7 PX4 RD . -1.74 11.51 46.66
C23 PX4 RD . -2.83 10.89 47.17
O8 PX4 RD . -3.01 10.66 48.36
C24 PX4 RD . -3.61 10.08 46.13
C25 PX4 RD . -5.08 9.93 46.57
C26 PX4 RD . -5.90 9.12 45.55
C27 PX4 RD . -5.83 9.80 44.18
C28 PX4 RD . -6.85 10.94 44.06
C29 PX4 RD . -6.71 11.75 42.78
C30 PX4 RD . -6.95 10.84 41.58
C31 PX4 RD . -6.65 11.69 40.35
C32 PX4 RD . -6.65 10.86 39.06
C33 PX4 RD . -6.60 11.88 37.91
C34 PX4 RD . -7.22 11.34 36.63
C35 PX4 RD . -6.53 10.02 36.23
C36 PX4 RD . -7.59 9.54 35.24
O1 PX4 SD . 9.33 7.42 43.25
O2 PX4 SD . 7.03 7.19 44.48
P1 PX4 SD . 8.22 6.62 43.79
O3 PX4 SD . 9.07 5.77 44.85
C1 PX4 SD . 9.66 6.71 45.73
C2 PX4 SD . 10.85 6.19 46.54
N1 PX4 SD . 12.12 6.06 45.81
C3 PX4 SD . 12.51 7.24 45.03
C4 PX4 SD . 13.05 5.86 46.93
C5 PX4 SD . 12.15 4.81 45.03
O4 PX4 SD . 7.80 5.30 42.97
C6 PX4 SD . 8.82 4.90 42.07
C7 PX4 SD . 8.50 3.65 41.24
C8 PX4 SD . 7.27 4.10 40.43
O5 PX4 SD . 6.21 3.15 40.49
C9 PX4 SD . 5.14 3.73 39.88
O6 PX4 SD . 5.15 4.93 39.61
C10 PX4 SD . 3.90 2.85 39.71
C11 PX4 SD . 3.18 3.11 38.39
C12 PX4 SD . 1.79 2.45 38.32
C13 PX4 SD . 1.10 2.87 37.02
C14 PX4 SD . 0.67 4.33 37.04
C15 PX4 SD . 0.30 4.58 35.57
C16 PX4 SD . -0.21 6.01 35.33
C17 PX4 SD . -1.36 6.34 36.28
C18 PX4 SD . -2.03 7.65 35.91
C19 PX4 SD . -2.85 7.52 34.63
C20 PX4 SD . -4.09 6.65 34.88
C21 PX4 SD . -4.89 6.54 33.58
C22 PX4 SD . -6.11 5.64 33.76
O7 PX4 SD . 9.64 3.25 40.49
C23 PX4 SD . 10.47 2.36 41.10
O8 PX4 SD . 10.29 1.91 42.24
C24 PX4 SD . 11.70 1.98 40.27
C25 PX4 SD . 12.91 2.68 40.87
C26 PX4 SD . 14.19 2.78 40.04
C27 PX4 SD . 15.05 3.88 40.67
C28 PX4 SD . 16.43 4.11 40.06
C29 PX4 SD . 16.33 3.73 38.56
C30 PX4 SD . 17.39 4.21 37.57
C31 PX4 SD . 16.97 3.81 36.15
C32 PX4 SD . 17.98 4.29 35.11
C33 PX4 SD . 17.40 3.96 33.73
C34 PX4 SD . 18.27 4.54 32.61
C35 PX4 SD . 17.37 4.49 31.37
C36 PX4 SD . 18.17 5.04 30.19
O1 PX4 TD . 8.00 12.36 46.54
O2 PX4 TD . 5.55 13.21 46.41
P1 PX4 TD . 6.56 12.15 46.27
O3 PX4 TD . 6.04 10.92 47.18
C1 PX4 TD . 6.25 11.51 48.47
C2 PX4 TD . 6.75 10.47 49.48
N1 PX4 TD . 6.92 10.85 50.88
C3 PX4 TD . 5.65 11.11 51.56
C4 PX4 TD . 7.48 9.70 51.59
C5 PX4 TD . 7.86 11.96 51.07
O4 PX4 TD . 6.63 11.49 44.80
C6 PX4 TD . 6.24 12.44 43.82
C7 PX4 TD . 5.80 11.97 42.42
C8 PX4 TD . 6.44 10.59 42.25
O5 PX4 TD . 7.45 10.60 41.24
C9 PX4 TD . 7.81 9.40 40.73
O6 PX4 TD . 7.02 8.47 40.93
C10 PX4 TD . 8.97 9.43 39.72
C11 PX4 TD . 8.67 9.02 38.28
C12 PX4 TD . 7.89 9.95 37.36
C13 PX4 TD . 8.22 11.43 37.24
C14 PX4 TD . 7.41 12.18 36.18
C15 PX4 TD . 7.75 11.90 34.72
C16 PX4 TD . 6.69 12.68 33.95
C17 PX4 TD . 6.54 12.56 32.43
C18 PX4 TD . 5.63 13.54 31.71
C19 PX4 TD . 4.15 13.67 32.07
C20 PX4 TD . 3.52 14.82 31.28
C21 PX4 TD . 2.01 14.56 31.31
C22 PX4 TD . 1.50 14.46 32.74
O7 PX4 TD . 4.40 11.94 42.15
C23 PX4 TD . 3.61 13.04 42.30
O8 PX4 TD . 4.00 14.18 42.56
C24 PX4 TD . 2.15 12.73 41.97
C25 PX4 TD . 1.26 13.97 42.02
C26 PX4 TD . -0.20 13.52 41.98
C27 PX4 TD . -0.49 12.56 43.13
C28 PX4 TD . -1.96 12.12 43.21
C29 PX4 TD . -2.34 11.51 41.85
C30 PX4 TD . -2.66 10.03 42.03
C31 PX4 TD . -3.36 9.53 40.77
C32 PX4 TD . -4.13 8.25 41.11
C33 PX4 TD . -4.49 7.56 39.80
C34 PX4 TD . -5.38 6.31 39.86
C35 PX4 TD . -5.60 5.67 38.48
C36 PX4 TD . -6.66 4.58 38.67
O1 PX4 UD . 10.72 18.70 47.28
O2 PX4 UD . 12.26 17.90 45.32
P1 PX4 UD . 11.19 18.75 45.88
O3 PX4 UD . 11.79 20.23 45.76
C1 PX4 UD . 13.10 20.30 46.36
C2 PX4 UD . 13.81 21.59 45.94
N1 PX4 UD . 15.28 21.55 45.91
C3 PX4 UD . 15.78 21.04 47.19
C4 PX4 UD . 15.85 20.74 44.84
C5 PX4 UD . 15.69 22.95 45.69
O4 PX4 UD . 10.07 18.99 44.74
C6 PX4 UD . 10.76 19.43 43.57
C7 PX4 UD . 9.95 19.86 42.36
C8 PX4 UD . 8.53 19.34 42.58
O5 PX4 UD . 8.54 17.96 42.21
C9 PX4 UD . 7.54 17.31 42.85
O6 PX4 UD . 6.87 17.80 43.76
C10 PX4 UD . 7.67 15.83 42.50
C11 PX4 UD . 7.97 15.57 41.03
C12 PX4 UD . 6.54 15.24 40.61
C13 PX4 UD . 6.49 14.97 39.10
C14 PX4 UD . 5.06 14.66 38.70
C15 PX4 UD . 4.92 14.65 37.18
C16 PX4 UD . 3.53 14.52 36.55
C17 PX4 UD . 2.82 13.35 37.24
C18 PX4 UD . 1.43 13.18 36.63
C19 PX4 UD . 0.54 12.19 37.37
C20 PX4 UD . -0.80 12.13 36.64
C21 PX4 UD . -0.69 11.47 35.27
C22 PX4 UD . -1.97 11.54 34.43
O7 PX4 UD . 9.94 21.26 42.02
C23 PX4 UD . 11.06 21.78 41.46
O8 PX4 UD . 12.20 21.44 41.78
C24 PX4 UD . 10.77 23.18 40.88
C25 PX4 UD . 11.06 23.22 39.38
C26 PX4 UD . 10.22 24.23 38.59
C27 PX4 UD . 10.86 24.60 37.27
C28 PX4 UD . 10.20 25.78 36.54
C29 PX4 UD . 10.86 26.26 35.26
C30 PX4 UD . 12.24 26.93 35.41
C31 PX4 UD . 12.89 27.04 34.03
C32 PX4 UD . 14.21 27.80 34.14
C33 PX4 UD . 14.71 27.96 32.70
C34 PX4 UD . 16.23 28.15 32.67
C35 PX4 UD . 16.81 28.17 31.25
C36 PX4 UD . 18.32 28.35 31.47
O1 PX4 VD . 16.39 9.20 46.76
O2 PX4 VD . 16.29 7.11 45.29
P1 PX4 VD . 16.53 8.57 45.43
O3 PX4 VD . 18.11 8.76 45.21
C1 PX4 VD . 18.40 10.16 45.12
C2 PX4 VD . 19.91 10.35 45.24
N1 PX4 VD . 20.75 9.97 44.09
C3 PX4 VD . 20.09 10.21 42.80
C4 PX4 VD . 21.91 10.87 44.01
C5 PX4 VD . 21.23 8.58 44.07
O4 PX4 VD . 15.84 9.40 44.24
C6 PX4 VD . 15.96 8.59 43.06
C7 PX4 VD . 15.23 9.19 41.87
C8 PX4 VD . 16.29 9.90 41.04
O5 PX4 VD . 15.80 10.54 39.87
C9 PX4 VD . 16.57 11.44 39.20
O6 PX4 VD . 17.59 11.96 39.64
C10 PX4 VD . 15.93 11.89 37.89
C11 PX4 VD . 16.21 13.35 37.50
C12 PX4 VD . 15.34 13.92 36.38
C13 PX4 VD . 15.67 15.40 36.16
C14 PX4 VD . 14.64 15.95 35.18
C15 PX4 VD . 13.20 15.52 35.48
C16 PX4 VD . 12.41 15.51 34.17
C17 PX4 VD . 11.01 14.94 34.31
C18 PX4 VD . 10.23 14.96 33.00
C19 PX4 VD . 10.74 13.81 32.14
C20 PX4 VD . 10.18 13.89 30.71
C21 PX4 VD . 10.28 12.61 29.89
C22 PX4 VD . 9.64 12.74 28.52
O7 PX4 VD . 14.45 8.17 41.22
C23 PX4 VD . 13.23 8.50 40.75
O8 PX4 VD . 12.51 9.35 41.29
C24 PX4 VD . 12.55 7.36 39.97
C25 PX4 VD . 13.41 6.75 38.85
C26 PX4 VD . 12.76 5.63 38.04
C27 PX4 VD . 11.41 6.07 37.44
C28 PX4 VD . 10.81 4.76 36.94
C29 PX4 VD . 9.44 5.03 36.32
C30 PX4 VD . 8.65 3.78 35.97
C31 PX4 VD . 8.52 2.76 37.11
C32 PX4 VD . 7.70 1.57 36.62
C33 PX4 VD . 7.15 0.75 37.80
C34 PX4 VD . 8.26 0.20 38.70
C35 PX4 VD . 7.62 -0.52 39.90
C36 PX4 VD . 7.13 -1.90 39.44
O1 PX4 WD . 28.05 2.65 44.41
O2 PX4 WD . 25.73 3.81 44.67
P1 PX4 WD . 26.58 2.61 44.54
O3 PX4 WD . 26.12 1.40 45.51
C1 PX4 WD . 27.36 0.82 45.95
C2 PX4 WD . 27.27 -0.33 46.94
N1 PX4 WD . 28.48 -0.70 47.71
C3 PX4 WD . 28.92 0.21 48.77
C4 PX4 WD . 28.33 -2.01 48.37
C5 PX4 WD . 29.61 -0.82 46.78
O4 PX4 WD . 25.95 1.73 43.35
C6 PX4 WD . 26.78 1.78 42.18
C7 PX4 WD . 26.53 0.65 41.19
C8 PX4 WD . 25.55 1.29 40.20
O5 PX4 WD . 25.61 2.69 39.94
C9 PX4 WD . 24.50 3.22 39.36
O6 PX4 WD . 23.46 2.63 39.09
C10 PX4 WD . 24.67 4.73 39.14
C11 PX4 WD . 25.02 5.05 37.69
C12 PX4 WD . 25.20 6.57 37.57
C13 PX4 WD . 25.56 6.93 36.12
C14 PX4 WD . 24.46 6.53 35.14
C15 PX4 WD . 24.69 7.21 33.79
C16 PX4 WD . 23.72 6.56 32.79
C17 PX4 WD . 23.93 7.00 31.35
C18 PX4 WD . 22.94 6.35 30.38
C19 PX4 WD . 22.99 7.15 29.07
C20 PX4 WD . 22.05 6.59 27.99
C21 PX4 WD . 22.36 7.46 26.76
C22 PX4 WD . 23.87 7.38 26.59
O7 PX4 WD . 27.63 0.15 40.42
C23 PX4 WD . 28.60 -0.64 40.96
O8 PX4 WD . 28.68 -0.71 42.18
C24 PX4 WD . 29.75 -1.08 40.04
C25 PX4 WD . 30.21 -0.02 39.06
C26 PX4 WD . 31.35 -0.60 38.20
C27 PX4 WD . 31.63 0.34 37.04
C28 PX4 WD . 30.69 0.17 35.84
C29 PX4 WD . 31.11 0.92 34.56
C30 PX4 WD . 30.27 0.43 33.38
C31 PX4 WD . 30.72 -0.95 32.92
C32 PX4 WD . 29.77 -1.24 31.75
C33 PX4 WD . 29.91 -2.63 31.13
C34 PX4 WD . 29.48 -3.66 32.18
C35 PX4 WD . 29.82 -5.09 31.80
C36 PX4 WD . 28.71 -5.64 30.88
O1 PX4 XD . -13.03 30.60 50.66
O2 PX4 XD . -10.59 30.30 51.58
P1 PX4 XD . -11.56 30.79 50.58
O3 PX4 XD . -11.45 32.38 50.67
C1 PX4 XD . -11.07 32.81 51.99
C2 PX4 XD . -11.51 34.13 52.62
N1 PX4 XD . -12.90 34.49 52.88
C3 PX4 XD . -13.76 34.26 51.71
C4 PX4 XD . -13.34 33.78 54.09
C5 PX4 XD . -12.81 35.94 53.19
O4 PX4 XD . -11.01 30.71 49.06
C6 PX4 XD . -12.03 31.51 48.46
C7 PX4 XD . -11.97 31.84 46.96
C8 PX4 XD . -10.50 31.76 46.51
O5 PX4 XD . -10.24 32.71 45.48
C9 PX4 XD . -9.18 32.39 44.69
O6 PX4 XD . -8.30 31.67 45.13
C10 PX4 XD . -8.96 33.52 43.68
C11 PX4 XD . -9.69 33.27 42.35
C12 PX4 XD . -9.26 34.26 41.27
C13 PX4 XD . -9.63 35.69 41.67
C14 PX4 XD . -9.37 36.52 40.42
C15 PX4 XD . -7.93 36.37 39.94
C16 PX4 XD . -7.43 37.27 38.82
C17 PX4 XD . -6.15 36.69 38.18
C18 PX4 XD . -4.89 37.12 38.92
C19 PX4 XD . -3.77 36.64 38.01
C20 PX4 XD . -3.70 35.12 37.87
C21 PX4 XD . -2.58 34.74 36.89
C22 PX4 XD . -2.43 33.21 36.89
O7 PX4 XD . -12.81 31.06 46.13
C23 PX4 XD . -13.95 31.59 45.60
O8 PX4 XD . -14.34 32.72 45.84
C24 PX4 XD . -14.44 30.81 44.37
C25 PX4 XD . -13.94 31.38 43.04
C26 PX4 XD . -14.48 30.57 41.86
C27 PX4 XD . -13.82 31.17 40.64
C28 PX4 XD . -14.38 30.34 39.46
C29 PX4 XD . -13.83 30.77 38.09
C30 PX4 XD . -14.56 29.93 37.04
C31 PX4 XD . -14.16 30.23 35.59
C32 PX4 XD . -14.81 29.38 34.50
C33 PX4 XD . -14.71 27.87 34.76
C34 PX4 XD . -15.31 27.08 33.59
C35 PX4 XD . -15.29 25.57 33.84
C36 PX4 XD . -13.89 24.95 33.90
O1 PX4 YD . 3.58 30.35 45.25
O2 PX4 YD . 4.20 28.79 47.23
P1 PX4 YD . 4.36 29.24 45.83
O3 PX4 YD . 5.78 29.98 45.96
C1 PX4 YD . 5.52 31.18 46.70
C2 PX4 YD . 6.69 31.50 47.64
N1 PX4 YD . 6.95 30.61 48.77
C3 PX4 YD . 7.82 29.47 48.42
C4 PX4 YD . 7.70 31.39 49.76
C5 PX4 YD . 5.76 30.16 49.51
O4 PX4 YD . 4.88 28.06 44.86
C6 PX4 YD . 4.86 28.50 43.50
C7 PX4 YD . 5.20 27.31 42.59
C8 PX4 YD . 3.86 26.60 42.35
O5 PX4 YD . 2.79 27.31 41.74
C9 PX4 YD . 1.54 26.81 41.93
O6 PX4 YD . 1.39 25.87 42.70
C10 PX4 YD . 0.33 27.55 41.37
C11 PX4 YD . -0.42 26.79 40.28
C12 PX4 YD . 0.09 26.92 38.83
C13 PX4 YD . -0.82 26.19 37.85
C14 PX4 YD . -0.29 26.35 36.42
C15 PX4 YD . -0.08 27.85 36.19
C16 PX4 YD . 0.39 28.10 34.76
C17 PX4 YD . 0.22 29.56 34.34
C18 PX4 YD . 1.10 30.60 35.05
C19 PX4 YD . 0.67 32.01 34.68
C20 PX4 YD . 1.39 33.05 35.54
C21 PX4 YD . 1.21 34.39 34.81
C22 PX4 YD . 1.94 35.63 35.31
O7 PX4 YD . 5.98 27.71 41.47
C23 PX4 YD . 7.27 28.15 41.55
O8 PX4 YD . 7.79 28.40 42.64
C24 PX4 YD . 8.01 28.29 40.22
C25 PX4 YD . 7.90 29.75 39.81
C26 PX4 YD . 8.90 30.21 38.76
C27 PX4 YD . 10.36 30.04 39.23
C28 PX4 YD . 11.39 30.19 38.11
C29 PX4 YD . 12.79 30.05 38.72
C30 PX4 YD . 13.87 29.87 37.65
C31 PX4 YD . 15.27 29.85 38.24
C32 PX4 YD . 16.34 29.85 37.14
C33 PX4 YD . 16.01 31.02 36.21
C34 PX4 YD . 17.01 31.04 35.04
C35 PX4 YD . 16.45 32.02 34.01
C36 PX4 YD . 17.33 31.97 32.75
O1 PX4 ZD . 13.41 28.84 47.03
O2 PX4 ZD . 15.69 28.73 45.70
P1 PX4 ZD . 14.41 29.36 46.08
O3 PX4 ZD . 14.70 30.83 46.67
C1 PX4 ZD . 16.10 30.87 46.95
C2 PX4 ZD . 16.43 32.04 47.86
N1 PX4 ZD . 16.05 32.04 49.28
C3 PX4 ZD . 14.67 32.50 49.34
C4 PX4 ZD . 16.09 30.76 50.01
C5 PX4 ZD . 16.79 33.02 50.10
O4 PX4 ZD . 13.55 29.83 44.79
C6 PX4 ZD . 12.95 28.68 44.18
C7 PX4 ZD . 12.13 28.94 42.91
C8 PX4 ZD . 12.14 30.44 42.61
O5 PX4 ZD . 10.85 31.04 42.47
C9 PX4 ZD . 10.54 32.23 43.07
O6 PX4 ZD . 11.35 32.70 43.88
C10 PX4 ZD . 9.11 32.73 42.93
C11 PX4 ZD . 8.55 33.00 44.33
C12 PX4 ZD . 7.13 33.55 44.16
C13 PX4 ZD . 6.31 32.54 43.33
C14 PX4 ZD . 4.92 33.15 43.12
C15 PX4 ZD . 3.95 32.20 42.42
C16 PX4 ZD . 4.63 31.78 41.11
C17 PX4 ZD . 3.70 30.77 40.46
C18 PX4 ZD . 2.37 31.53 40.40
C19 PX4 ZD . 1.30 30.79 39.62
C20 PX4 ZD . -0.09 31.43 39.57
C21 PX4 ZD . -0.47 31.91 40.97
C22 PX4 ZD . -1.74 32.73 40.90
O7 PX4 ZD . 12.85 28.30 41.85
C23 PX4 ZD . 12.38 27.19 41.23
O8 PX4 ZD . 11.48 26.58 41.80
C24 PX4 ZD . 13.00 26.86 39.87
C25 PX4 ZD . 14.10 25.78 39.96
C26 PX4 ZD . 15.21 26.03 38.96
C27 PX4 ZD . 16.35 25.03 39.19
C28 PX4 ZD . 17.51 25.28 38.24
C29 PX4 ZD . 16.90 25.36 36.84
C30 PX4 ZD . 17.68 26.31 35.91
C31 PX4 ZD . 19.06 25.75 35.61
C32 PX4 ZD . 19.76 26.46 34.44
C33 PX4 ZD . 20.94 25.62 33.97
C34 PX4 ZD . 21.68 26.36 32.86
C35 PX4 ZD . 22.53 25.48 31.93
C36 PX4 ZD . 23.49 26.33 31.09
O1 PX4 AE . -0.83 17.79 52.65
O2 PX4 AE . 1.24 17.83 51.10
P1 PX4 AE . -0.06 18.40 51.55
O3 PX4 AE . 0.32 19.95 51.80
C1 PX4 AE . 0.97 19.95 53.07
C2 PX4 AE . 1.38 21.31 53.65
N1 PX4 AE . 2.24 22.24 52.91
C3 PX4 AE . 3.41 21.48 52.45
C4 PX4 AE . 1.53 22.85 51.76
C5 PX4 AE . 2.78 23.32 53.74
O4 PX4 AE . -1.04 18.69 50.30
C6 PX4 AE . -0.28 19.28 49.24
C7 PX4 AE . -0.95 19.29 47.87
C8 PX4 AE . -2.46 19.26 48.16
O5 PX4 AE . -3.25 19.21 46.96
C9 PX4 AE . -4.56 19.53 47.06
O6 PX4 AE . -5.06 20.05 48.05
C10 PX4 AE . -5.45 19.11 45.88
C11 PX4 AE . -4.89 19.33 44.48
C12 PX4 AE . -6.02 19.05 43.48
C13 PX4 AE . -5.44 19.25 42.07
C14 PX4 AE . -6.56 19.14 41.06
C15 PX4 AE . -6.11 19.79 39.75
C16 PX4 AE . -5.18 18.81 39.04
C17 PX4 AE . -4.44 19.34 37.80
C18 PX4 AE . -5.35 19.53 36.59
C19 PX4 AE . -4.54 20.00 35.38
C20 PX4 AE . -5.42 19.91 34.13
C21 PX4 AE . -4.63 20.43 32.92
C22 PX4 AE . -5.43 20.47 31.61
O7 PX4 AE . -0.35 20.29 47.02
C23 PX4 AE . 0.56 19.88 46.10
O8 PX4 AE . 1.04 18.75 46.15
C24 PX4 AE . 0.85 20.98 45.08
C25 PX4 AE . 1.01 20.38 43.67
C26 PX4 AE . 1.00 21.61 42.74
C27 PX4 AE . 1.43 21.16 41.34
C28 PX4 AE . 0.97 22.12 40.25
C29 PX4 AE . 1.48 21.53 38.93
C30 PX4 AE . 1.01 22.57 37.91
C31 PX4 AE . 1.43 22.45 36.44
C32 PX4 AE . 2.84 22.98 36.13
C33 PX4 AE . 3.33 22.57 34.75
C34 PX4 AE . 4.80 23.02 34.69
C35 PX4 AE . 5.53 22.21 35.76
C36 PX4 AE . 7.04 22.47 35.72
N PHE A 1 15.27 0.04 -10.52
CA PHE A 1 14.98 -1.39 -10.38
C PHE A 1 13.84 -1.55 -9.38
N ARG A 2 13.03 -2.61 -9.46
CA ARG A 2 11.69 -2.81 -8.96
C ARG A 2 11.58 -3.63 -7.68
N GLU A 3 12.75 -4.06 -7.19
CA GLU A 3 12.97 -4.76 -5.94
C GLU A 3 13.68 -3.79 -4.99
N MET A 4 13.37 -3.82 -3.69
CA MET A 4 14.15 -3.31 -2.58
C MET A 4 15.45 -4.11 -2.54
N PRO A 5 16.64 -3.51 -2.40
CA PRO A 5 17.86 -4.28 -2.46
C PRO A 5 18.07 -5.24 -1.30
N GLY A 6 18.92 -6.24 -1.60
CA GLY A 6 19.13 -7.36 -0.71
C GLY A 6 18.56 -8.68 -1.20
N GLY A 7 18.05 -9.49 -0.26
CA GLY A 7 17.02 -10.50 -0.45
C GLY A 7 15.97 -10.28 0.63
N PRO A 8 14.91 -9.54 0.31
CA PRO A 8 13.81 -9.26 1.20
C PRO A 8 12.85 -10.44 1.21
N VAL A 9 12.36 -10.82 2.40
CA VAL A 9 11.50 -11.95 2.61
C VAL A 9 10.58 -11.76 3.82
N TRP A 10 9.28 -11.87 3.57
CA TRP A 10 8.29 -11.94 4.63
C TRP A 10 8.20 -13.33 5.26
N ARG A 11 8.43 -14.30 4.38
CA ARG A 11 8.20 -15.71 4.60
C ARG A 11 6.73 -16.13 4.70
N LYS A 12 5.77 -15.21 4.73
CA LYS A 12 4.39 -15.54 4.86
C LYS A 12 3.72 -15.53 3.49
N HIS A 13 2.83 -16.48 3.24
CA HIS A 13 2.04 -16.58 2.03
C HIS A 13 0.63 -16.09 2.27
N TYR A 14 0.13 -16.43 3.47
CA TYR A 14 -1.13 -15.98 4.02
C TYR A 14 -0.74 -15.00 5.11
N ILE A 15 -0.94 -13.68 4.95
CA ILE A 15 -0.46 -12.49 5.62
C ILE A 15 -1.71 -11.72 6.02
N THR A 16 -1.95 -11.16 7.22
CA THR A 16 -3.21 -10.57 7.61
C THR A 16 -2.94 -9.13 8.02
N TYR A 17 -3.99 -8.30 8.10
CA TYR A 17 -4.02 -6.87 8.30
C TYR A 17 -5.12 -6.58 9.31
N ARG A 18 -4.95 -5.47 10.03
CA ARG A 18 -5.96 -4.77 10.79
C ARG A 18 -5.72 -3.31 10.47
N ILE A 19 -6.78 -2.52 10.58
CA ILE A 19 -6.79 -1.09 10.25
C ILE A 19 -7.01 -0.46 11.61
N ASN A 20 -6.07 0.34 12.13
CA ASN A 20 -5.97 0.70 13.55
C ASN A 20 -6.78 1.96 13.80
N ASN A 21 -6.96 2.88 12.85
CA ASN A 21 -7.82 4.03 13.02
C ASN A 21 -8.41 4.40 11.65
N TYR A 22 -9.66 4.87 11.58
CA TYR A 22 -10.34 5.22 10.36
C TYR A 22 -10.48 6.72 10.18
N THR A 23 -10.09 7.36 9.07
CA THR A 23 -10.07 8.74 8.65
C THR A 23 -11.46 9.35 8.61
N PRO A 24 -11.61 10.53 9.21
CA PRO A 24 -12.90 11.20 9.24
C PRO A 24 -13.30 11.71 7.85
N ASP A 25 -12.37 11.84 6.90
CA ASP A 25 -12.55 12.35 5.56
C ASP A 25 -13.55 11.60 4.68
N MET A 26 -13.71 10.33 5.02
CA MET A 26 -14.36 9.25 4.28
C MET A 26 -15.30 8.52 5.21
N ASN A 27 -16.18 7.68 4.65
CA ASN A 27 -17.03 6.71 5.30
C ASN A 27 -16.19 5.47 5.62
N ARG A 28 -16.29 4.90 6.83
CA ARG A 28 -15.60 3.69 7.25
C ARG A 28 -15.76 2.54 6.26
N GLU A 29 -16.91 2.37 5.60
CA GLU A 29 -17.21 1.28 4.69
C GLU A 29 -16.43 1.52 3.40
N ASP A 30 -16.04 2.74 3.02
CA ASP A 30 -15.32 3.13 1.83
C ASP A 30 -13.80 3.06 2.04
N VAL A 31 -13.35 3.29 3.27
CA VAL A 31 -11.98 3.03 3.65
C VAL A 31 -11.75 1.53 3.59
N ASP A 32 -12.65 0.72 4.19
CA ASP A 32 -12.60 -0.73 4.17
C ASP A 32 -12.48 -1.29 2.77
N TYR A 33 -13.26 -0.78 1.82
CA TYR A 33 -13.33 -1.16 0.43
C TYR A 33 -12.05 -0.89 -0.35
N ALA A 34 -11.49 0.31 -0.21
CA ALA A 34 -10.33 0.67 -0.99
C ALA A 34 -9.06 0.01 -0.47
N ILE A 35 -8.95 -0.13 0.86
CA ILE A 35 -8.02 -1.06 1.49
C ILE A 35 -8.12 -2.49 1.03
N ARG A 36 -9.29 -3.12 0.98
CA ARG A 36 -9.43 -4.51 0.54
C ARG A 36 -9.02 -4.71 -0.91
N LYS A 37 -9.49 -3.81 -1.76
CA LYS A 37 -9.31 -3.75 -3.21
C LYS A 37 -7.85 -3.65 -3.62
N ALA A 38 -6.97 -2.97 -2.88
CA ALA A 38 -5.54 -2.84 -3.08
C ALA A 38 -4.85 -4.19 -2.96
N PHE A 39 -5.29 -5.08 -2.06
CA PHE A 39 -4.84 -6.45 -1.92
C PHE A 39 -5.46 -7.42 -2.92
N GLN A 40 -6.68 -7.20 -3.40
CA GLN A 40 -7.37 -7.94 -4.43
C GLN A 40 -6.80 -7.68 -5.82
N VAL A 41 -6.07 -6.59 -6.06
CA VAL A 41 -5.32 -6.28 -7.26
C VAL A 41 -4.15 -7.23 -7.36
N TRP A 42 -3.18 -7.14 -6.43
CA TRP A 42 -2.02 -7.97 -6.21
C TRP A 42 -2.24 -9.47 -6.17
N SER A 43 -3.36 -9.93 -5.59
CA SER A 43 -3.71 -11.32 -5.41
C SER A 43 -4.27 -12.00 -6.65
N ASN A 44 -4.55 -11.29 -7.75
CA ASN A 44 -5.09 -11.69 -9.03
C ASN A 44 -4.03 -12.02 -10.08
N VAL A 45 -2.77 -11.60 -9.88
CA VAL A 45 -1.70 -11.81 -10.83
C VAL A 45 -0.69 -12.70 -10.10
N THR A 46 -0.69 -12.78 -8.77
CA THR A 46 0.19 -13.61 -7.95
C THR A 46 -0.57 -14.40 -6.91
N PRO A 47 -0.01 -15.53 -6.45
CA PRO A 47 -0.85 -16.37 -5.64
C PRO A 47 -1.14 -15.99 -4.19
N LEU A 48 -0.50 -14.94 -3.67
CA LEU A 48 -0.64 -14.45 -2.32
C LEU A 48 -2.11 -14.26 -1.97
N LYS A 49 -2.57 -14.42 -0.73
CA LYS A 49 -3.87 -14.05 -0.18
C LYS A 49 -3.61 -13.23 1.06
N PHE A 50 -4.49 -12.24 1.30
CA PHE A 50 -4.46 -11.26 2.36
C PHE A 50 -5.81 -11.16 3.03
N SER A 51 -5.88 -11.35 4.35
CA SER A 51 -7.10 -11.18 5.10
C SER A 51 -7.15 -10.27 6.30
N LYS A 52 -8.38 -9.86 6.65
CA LYS A 52 -8.75 -9.07 7.80
C LYS A 52 -9.06 -10.04 8.92
N ILE A 53 -8.54 -9.83 10.12
CA ILE A 53 -8.82 -10.49 11.38
C ILE A 53 -9.46 -9.50 12.35
N ASN A 54 -10.33 -10.00 13.23
CA ASN A 54 -11.03 -9.32 14.29
C ASN A 54 -10.27 -9.32 15.61
N THR A 55 -9.37 -10.29 15.73
CA THR A 55 -8.55 -10.53 16.90
C THR A 55 -7.24 -11.15 16.45
N GLY A 56 -6.11 -10.77 17.08
CA GLY A 56 -4.77 -11.27 16.93
C GLY A 56 -3.87 -10.17 16.37
N MET A 57 -2.59 -10.48 16.24
CA MET A 57 -1.55 -9.59 15.73
C MET A 57 -1.69 -9.61 14.22
N ALA A 58 -1.66 -8.38 13.69
CA ALA A 58 -1.59 -8.06 12.26
C ALA A 58 -0.16 -7.92 11.76
N ASP A 59 -0.01 -8.37 10.51
CA ASP A 59 1.25 -8.43 9.78
C ASP A 59 1.46 -7.09 9.09
N ILE A 60 0.51 -6.63 8.27
CA ILE A 60 0.45 -5.26 7.80
C ILE A 60 -0.43 -4.54 8.81
N LEU A 61 0.17 -3.64 9.58
CA LEU A 61 -0.54 -2.63 10.35
C LEU A 61 -0.73 -1.51 9.35
N VAL A 62 -2.02 -1.16 9.24
CA VAL A 62 -2.43 0.12 8.70
C VAL A 62 -2.74 1.00 9.91
N VAL A 63 -2.07 2.14 10.03
CA VAL A 63 -2.38 3.16 11.01
C VAL A 63 -2.31 4.53 10.35
N PHE A 64 -3.23 5.45 10.63
CA PHE A 64 -3.30 6.68 9.88
C PHE A 64 -3.02 7.88 10.77
N ALA A 65 -1.87 8.52 10.54
CA ALA A 65 -1.23 9.49 11.42
C ALA A 65 -0.90 10.80 10.72
N ARG A 66 -0.50 11.83 11.46
CA ARG A 66 -0.11 13.16 11.08
C ARG A 66 1.07 13.56 11.96
N GLY A 67 2.10 14.18 11.38
CA GLY A 67 3.22 14.66 12.16
C GLY A 67 4.41 13.73 12.30
N ALA A 68 5.31 14.02 13.25
CA ALA A 68 6.34 13.23 13.92
C ALA A 68 5.56 12.45 14.95
N HIS A 69 5.14 11.24 14.59
CA HIS A 69 4.15 10.40 15.24
C HIS A 69 4.80 9.20 15.92
N GLY A 70 6.11 9.04 15.85
CA GLY A 70 6.81 7.78 16.05
C GLY A 70 7.45 7.31 14.76
N ASP A 71 8.61 6.65 14.72
CA ASP A 71 9.29 6.10 13.57
C ASP A 71 10.42 6.98 13.05
N PHE A 72 10.46 8.27 13.43
CA PHE A 72 11.33 9.36 13.05
C PHE A 72 11.24 9.97 11.67
N HIS A 73 10.52 9.35 10.71
CA HIS A 73 10.30 9.76 9.35
C HIS A 73 9.70 11.16 9.29
N ALA A 74 8.58 11.32 9.98
CA ALA A 74 7.66 12.45 9.99
C ALA A 74 6.86 12.62 8.72
N PHE A 75 5.55 12.68 8.90
CA PHE A 75 4.68 13.07 7.80
C PHE A 75 4.63 14.60 7.72
N ASP A 76 4.35 15.13 6.52
CA ASP A 76 4.74 16.48 6.14
C ASP A 76 3.61 17.48 6.24
N GLY A 77 2.33 17.08 6.34
CA GLY A 77 1.21 17.98 6.21
C GLY A 77 0.39 17.61 4.98
N LYS A 78 -0.45 18.53 4.48
CA LYS A 78 -1.20 18.30 3.26
C LYS A 78 -0.25 18.54 2.08
N GLY A 79 -0.07 17.50 1.25
CA GLY A 79 0.80 17.61 0.10
C GLY A 79 1.95 16.61 0.18
N GLY A 80 2.97 16.69 -0.67
CA GLY A 80 4.16 15.86 -0.68
C GLY A 80 3.91 14.41 -0.34
N ILE A 81 4.31 13.91 0.83
CA ILE A 81 4.18 12.51 1.19
C ILE A 81 2.71 12.20 1.45
N LEU A 82 2.36 10.94 1.14
CA LEU A 82 1.05 10.34 1.22
C LEU A 82 1.06 9.14 2.17
N ALA A 83 2.08 8.28 2.09
CA ALA A 83 2.18 7.02 2.79
C ALA A 83 3.63 6.70 3.12
N HIS A 84 3.83 5.72 4.01
CA HIS A 84 5.10 5.31 4.57
C HIS A 84 4.97 3.79 4.65
N ALA A 85 5.56 3.07 3.71
CA ALA A 85 5.74 1.63 3.60
C ALA A 85 7.16 1.29 4.01
N PHE A 86 7.45 0.04 4.36
CA PHE A 86 8.71 -0.45 4.88
C PHE A 86 9.26 -1.52 3.95
N GLY A 87 9.93 -2.58 4.42
CA GLY A 87 10.26 -3.83 3.76
C GLY A 87 9.71 -4.97 4.60
N PRO A 88 9.71 -6.20 4.06
CA PRO A 88 9.00 -7.30 4.68
C PRO A 88 9.61 -7.83 5.97
N GLY A 89 8.80 -8.44 6.81
CA GLY A 89 9.22 -9.02 8.08
C GLY A 89 8.52 -8.55 9.35
N SER A 90 9.03 -9.05 10.47
CA SER A 90 8.45 -8.97 11.80
C SER A 90 8.36 -7.57 12.39
N GLY A 91 7.25 -7.25 13.04
CA GLY A 91 7.03 -6.09 13.88
C GLY A 91 6.63 -4.89 13.04
N ILE A 92 7.25 -3.73 13.31
CA ILE A 92 7.32 -2.68 12.31
C ILE A 92 8.11 -3.22 11.14
N GLY A 93 7.47 -3.30 9.99
CA GLY A 93 7.98 -4.00 8.82
C GLY A 93 6.75 -4.71 8.28
N GLY A 94 6.58 -4.48 6.97
CA GLY A 94 5.46 -5.04 6.25
C GLY A 94 4.22 -4.19 6.30
N ASP A 95 4.30 -2.98 6.89
CA ASP A 95 3.19 -2.17 7.34
C ASP A 95 3.06 -0.99 6.40
N ALA A 96 2.03 -0.14 6.50
CA ALA A 96 1.74 0.96 5.60
C ALA A 96 1.00 1.96 6.50
N HIS A 97 1.71 3.03 6.86
CA HIS A 97 1.18 4.19 7.55
C HIS A 97 0.96 5.28 6.50
N PHE A 98 -0.24 5.86 6.57
CA PHE A 98 -0.84 6.80 5.65
C PHE A 98 -0.95 8.13 6.39
N ASP A 99 -0.78 9.20 5.60
CA ASP A 99 -0.66 10.55 6.09
C ASP A 99 -2.10 11.06 6.12
N GLU A 100 -2.56 11.45 7.31
CA GLU A 100 -3.95 11.84 7.50
C GLU A 100 -4.17 13.33 7.35
N ASP A 101 -3.12 14.16 7.25
CA ASP A 101 -3.18 15.53 6.81
C ASP A 101 -3.66 15.68 5.37
N GLU A 102 -3.85 14.64 4.56
CA GLU A 102 -4.38 14.60 3.21
C GLU A 102 -5.87 14.41 3.39
N PHE A 103 -6.71 15.02 2.51
CA PHE A 103 -8.12 14.73 2.44
C PHE A 103 -8.36 13.59 1.45
N TRP A 104 -8.57 12.41 2.03
CA TRP A 104 -8.71 11.17 1.30
C TRP A 104 -10.07 11.20 0.62
N THR A 105 -10.21 10.68 -0.60
CA THR A 105 -11.37 10.64 -1.48
C THR A 105 -11.38 9.32 -2.24
N THR A 106 -12.35 9.14 -3.15
CA THR A 106 -12.42 8.27 -4.30
C THR A 106 -12.39 8.96 -5.67
N HIS A 107 -12.39 10.29 -5.71
CA HIS A 107 -12.63 11.16 -6.85
C HIS A 107 -11.42 11.56 -7.68
N SER A 108 -11.57 11.67 -9.00
CA SER A 108 -10.63 12.13 -10.00
C SER A 108 -9.80 13.39 -9.77
N GLY A 109 -10.13 14.35 -8.92
CA GLY A 109 -9.42 15.58 -8.67
C GLY A 109 -9.15 15.66 -7.16
N GLY A 110 -9.38 14.59 -6.41
CA GLY A 110 -9.15 14.40 -5.00
C GLY A 110 -8.02 13.40 -4.74
N THR A 111 -7.42 13.36 -3.55
CA THR A 111 -6.26 12.55 -3.25
C THR A 111 -6.74 11.15 -2.87
N ASN A 112 -6.26 10.13 -3.58
CA ASN A 112 -6.98 8.87 -3.55
C ASN A 112 -6.26 7.82 -2.72
N LEU A 113 -7.03 7.00 -1.99
CA LEU A 113 -6.63 5.93 -1.10
C LEU A 113 -6.17 4.64 -1.73
N PHE A 114 -6.88 4.05 -2.69
CA PHE A 114 -6.60 2.88 -3.51
C PHE A 114 -5.31 3.04 -4.32
N LEU A 115 -5.13 4.19 -4.98
CA LEU A 115 -3.91 4.49 -5.70
C LEU A 115 -2.67 4.67 -4.84
N THR A 116 -2.87 5.04 -3.58
CA THR A 116 -1.76 5.13 -2.65
C THR A 116 -1.54 3.72 -2.10
N ALA A 117 -2.58 3.07 -1.57
CA ALA A 117 -2.58 1.79 -0.90
C ALA A 117 -1.88 0.68 -1.68
N VAL A 118 -2.11 0.55 -2.99
CA VAL A 118 -1.65 -0.56 -3.80
C VAL A 118 -0.12 -0.62 -3.80
N HIS A 119 0.49 0.52 -4.16
CA HIS A 119 1.93 0.66 -4.11
C HIS A 119 2.57 0.54 -2.74
N ALA A 120 1.88 1.05 -1.73
CA ALA A 120 2.29 1.05 -0.35
C ALA A 120 2.34 -0.37 0.21
N ILE A 121 1.45 -1.26 -0.25
CA ILE A 121 1.47 -2.66 0.16
C ILE A 121 2.60 -3.34 -0.59
N GLY A 122 2.78 -2.98 -1.87
CA GLY A 122 3.87 -3.25 -2.79
C GLY A 122 5.28 -2.97 -2.30
N HIS A 123 5.58 -1.76 -1.82
CA HIS A 123 6.84 -1.36 -1.21
C HIS A 123 7.23 -2.22 -0.01
N SER A 124 6.25 -2.43 0.87
CA SER A 124 6.25 -3.38 1.96
C SER A 124 6.25 -4.88 1.73
N LEU A 125 6.03 -5.40 0.52
CA LEU A 125 6.36 -6.70 0.01
C LEU A 125 7.83 -6.91 -0.29
N GLY A 126 8.47 -5.79 -0.62
CA GLY A 126 9.87 -5.49 -0.93
C GLY A 126 10.16 -4.94 -2.32
N LEU A 127 9.30 -4.04 -2.80
CA LEU A 127 9.40 -3.53 -4.14
C LEU A 127 10.02 -2.14 -4.10
N GLY A 128 10.42 -1.63 -5.27
CA GLY A 128 10.74 -0.22 -5.42
C GLY A 128 9.80 0.33 -6.49
N HIS A 129 10.35 1.25 -7.30
CA HIS A 129 9.66 1.88 -8.40
C HIS A 129 9.85 1.26 -9.77
N SER A 130 8.94 1.60 -10.71
CA SER A 130 9.13 1.42 -12.13
C SER A 130 9.56 2.78 -12.66
N SER A 131 10.16 2.70 -13.84
CA SER A 131 10.47 3.83 -14.70
C SER A 131 9.73 3.72 -16.03
N ASP A 132 8.82 2.75 -16.15
CA ASP A 132 8.00 2.56 -17.33
C ASP A 132 6.77 3.42 -17.08
N PRO A 133 6.39 4.46 -17.85
CA PRO A 133 5.37 5.39 -17.44
C PRO A 133 3.95 4.82 -17.48
N LYS A 134 3.72 3.62 -17.98
CA LYS A 134 2.43 2.96 -17.96
C LYS A 134 2.21 1.97 -16.82
N ALA A 135 3.26 1.81 -16.00
CA ALA A 135 3.29 1.17 -14.70
C ALA A 135 2.57 1.99 -13.64
N VAL A 136 2.08 1.28 -12.61
CA VAL A 136 1.53 1.68 -11.32
C VAL A 136 2.68 2.15 -10.44
N MET A 137 3.78 1.40 -10.48
CA MET A 137 4.90 1.70 -9.62
C MET A 137 5.77 2.83 -10.15
N PHE A 138 5.38 3.60 -11.16
CA PHE A 138 5.91 4.89 -11.57
C PHE A 138 5.48 5.99 -10.60
N PRO A 139 6.37 6.92 -10.24
CA PRO A 139 6.11 7.78 -9.12
C PRO A 139 5.30 9.02 -9.49
N THR A 140 5.33 9.49 -10.75
CA THR A 140 4.63 10.65 -11.27
C THR A 140 3.15 10.30 -11.26
N TYR A 141 2.22 11.14 -10.78
CA TYR A 141 0.90 10.66 -10.47
C TYR A 141 -0.01 10.63 -11.69
N LYS A 142 -0.82 9.56 -11.72
CA LYS A 142 -1.77 9.33 -12.79
C LYS A 142 -3.03 8.73 -12.17
N TYR A 143 -4.20 9.37 -12.13
CA TYR A 143 -5.42 8.82 -11.57
C TYR A 143 -5.94 7.85 -12.60
N VAL A 144 -6.38 6.67 -12.17
CA VAL A 144 -6.99 5.66 -13.00
C VAL A 144 -8.15 5.08 -12.21
N ASP A 145 -9.29 4.93 -12.89
CA ASP A 145 -10.46 4.13 -12.53
C ASP A 145 -10.09 2.79 -11.92
N ILE A 146 -10.60 2.53 -10.72
CA ILE A 146 -10.63 1.26 -10.02
C ILE A 146 -11.43 0.17 -10.72
N ASN A 147 -12.43 0.51 -11.52
CA ASN A 147 -13.36 -0.53 -11.90
C ASN A 147 -12.96 -1.35 -13.12
N THR A 148 -11.98 -0.79 -13.84
CA THR A 148 -11.26 -1.37 -14.96
C THR A 148 -9.74 -1.43 -14.77
N PHE A 149 -9.27 -1.54 -13.52
CA PHE A 149 -7.90 -1.43 -13.10
C PHE A 149 -7.10 -2.68 -13.44
N ARG A 150 -5.93 -2.45 -14.06
CA ARG A 150 -4.97 -3.47 -14.44
C ARG A 150 -3.60 -2.94 -14.06
N LEU A 151 -2.77 -3.81 -13.46
CA LEU A 151 -1.34 -3.67 -13.29
C LEU A 151 -0.62 -3.83 -14.63
N SER A 152 0.58 -3.34 -14.96
CA SER A 152 1.28 -3.39 -16.23
C SER A 152 2.31 -4.51 -16.14
N ALA A 153 2.87 -4.93 -17.27
CA ALA A 153 3.91 -5.94 -17.40
C ALA A 153 5.15 -5.64 -16.59
N ASP A 154 5.58 -4.39 -16.50
CA ASP A 154 6.56 -3.94 -15.54
C ASP A 154 6.13 -4.02 -14.08
N ASP A 155 4.84 -3.87 -13.78
CA ASP A 155 4.43 -4.09 -12.40
C ASP A 155 4.51 -5.55 -11.98
N ILE A 156 3.96 -6.44 -12.82
CA ILE A 156 3.76 -7.86 -12.58
C ILE A 156 5.13 -8.54 -12.59
N ARG A 157 6.09 -8.05 -13.37
CA ARG A 157 7.45 -8.50 -13.28
C ARG A 157 8.13 -8.21 -11.95
N GLY A 158 7.61 -7.24 -11.18
CA GLY A 158 8.24 -6.80 -9.95
C GLY A 158 7.75 -7.72 -8.84
N ILE A 159 6.44 -7.91 -8.62
CA ILE A 159 5.93 -8.81 -7.60
C ILE A 159 6.29 -10.26 -7.89
N GLN A 160 6.49 -10.66 -9.15
CA GLN A 160 6.91 -11.97 -9.60
C GLN A 160 8.38 -12.24 -9.30
N SER A 161 9.12 -11.22 -8.86
CA SER A 161 10.53 -11.40 -8.56
C SER A 161 10.79 -11.94 -7.16
N LEU A 162 9.68 -11.86 -6.42
CA LEU A 162 9.57 -12.27 -5.04
C LEU A 162 8.51 -13.30 -4.65
N TYR A 163 7.38 -13.23 -5.36
CA TYR A 163 6.19 -13.96 -5.01
C TYR A 163 5.51 -14.57 -6.25
N GLY A 164 6.24 -14.82 -7.33
CA GLY A 164 5.69 -15.40 -8.53
C GLY A 164 6.14 -16.83 -8.79
ZN ZN B . 4.45 5.22 -5.74
ZN ZN C . 6.57 6.87 9.68
CA CA D . 1.47 14.87 3.16
CA CA E . 4.03 -5.15 10.82
CA CA F . -7.57 13.80 6.46
O1 PX4 G . 3.44 20.65 21.53
O2 PX4 G . 3.38 23.04 22.39
P1 PX4 G . 4.00 22.02 21.54
O3 PX4 G . 3.82 22.48 20.00
C1 PX4 G . 4.59 23.67 19.74
C2 PX4 G . 4.22 24.33 18.42
N1 PX4 G . 5.11 25.39 17.90
C3 PX4 G . 6.54 25.06 17.87
C4 PX4 G . 4.59 25.75 16.58
C5 PX4 G . 4.94 26.63 18.67
O4 PX4 G . 5.60 21.84 21.53
C6 PX4 G . 5.82 21.11 22.74
C7 PX4 G . 7.30 20.83 23.02
C8 PX4 G . 7.95 22.14 23.43
O5 PX4 G . 7.27 22.87 24.46
C9 PX4 G . 8.03 23.90 24.92
O6 PX4 G . 9.22 24.03 24.60
C10 PX4 G . 7.37 24.79 25.98
C11 PX4 G . 8.12 24.56 27.29
C12 PX4 G . 7.80 25.78 28.15
C13 PX4 G . 8.20 27.05 27.40
C14 PX4 G . 8.01 28.19 28.40
C15 PX4 G . 8.85 27.97 29.65
C16 PX4 G . 8.92 29.38 30.23
C17 PX4 G . 9.75 30.24 29.29
C18 PX4 G . 10.51 31.31 30.05
C19 PX4 G . 11.35 32.06 29.01
C20 PX4 G . 12.31 33.13 29.53
C21 PX4 G . 12.95 33.98 28.42
C22 PX4 G . 13.95 35.06 28.78
O7 PX4 G . 7.51 19.73 23.92
C23 PX4 G . 7.49 18.47 23.38
O8 PX4 G . 7.26 18.35 22.18
C24 PX4 G . 7.83 17.29 24.30
C25 PX4 G . 6.58 16.70 24.96
C26 PX4 G . 6.96 15.44 25.73
C27 PX4 G . 6.09 15.19 26.97
C28 PX4 G . 4.56 15.17 26.82
C29 PX4 G . 3.97 15.37 28.22
C30 PX4 G . 2.46 15.46 28.36
C31 PX4 G . 1.81 16.56 27.54
C32 PX4 G . 0.34 16.52 27.97
C33 PX4 G . -0.56 17.22 26.95
C34 PX4 G . -2.02 16.84 27.27
C35 PX4 G . -2.37 17.31 28.69
C36 PX4 G . -3.90 17.35 28.86
O1 PX4 H . 10.08 12.19 16.11
O2 PX4 H . 8.36 10.66 14.88
P1 PX4 H . 9.29 10.96 16.00
O3 PX4 H . 8.53 10.86 17.42
C1 PX4 H . 8.26 12.13 18.01
C2 PX4 H . 7.69 11.92 19.42
N1 PX4 H . 6.39 11.26 19.58
C3 PX4 H . 5.34 11.97 18.80
C4 PX4 H . 6.41 9.81 19.33
C5 PX4 H . 5.90 11.38 20.95
O4 PX4 H . 10.16 9.60 16.06
C6 PX4 H . 10.86 9.32 17.28
C7 PX4 H . 11.19 7.84 17.36
C8 PX4 H . 12.51 7.68 18.13
O5 PX4 H . 12.63 8.57 19.24
C9 PX4 H . 13.81 8.46 19.91
O6 PX4 H . 14.62 7.57 19.60
C10 PX4 H . 14.03 9.24 21.21
C11 PX4 H . 13.95 8.32 22.44
C12 PX4 H . 13.67 9.27 23.61
C13 PX4 H . 13.49 8.48 24.89
C14 PX4 H . 13.33 9.40 26.10
C15 PX4 H . 13.16 8.55 27.37
C16 PX4 H . 13.06 9.38 28.66
C17 PX4 H . 14.15 10.42 28.91
C18 PX4 H . 15.51 9.79 29.18
C19 PX4 H . 16.27 11.09 29.44
C20 PX4 H . 15.82 11.99 30.59
C21 PX4 H . 16.93 12.98 30.89
C22 PX4 H . 16.56 13.83 32.10
O7 PX4 H . 10.10 7.09 17.91
C23 PX4 H . 10.19 5.75 17.70
O8 PX4 H . 10.81 5.33 16.72
C24 PX4 H . 9.07 4.98 18.40
C25 PX4 H . 9.48 4.37 19.74
C26 PX4 H . 8.42 3.41 20.28
C27 PX4 H . 8.87 2.61 21.51
C28 PX4 H . 10.11 1.75 21.15
C29 PX4 H . 9.50 0.52 20.47
C30 PX4 H . 9.77 -0.75 21.30
C31 PX4 H . 11.21 -1.02 21.74
C32 PX4 H . 11.32 -2.32 22.55
C33 PX4 H . 12.80 -2.67 22.80
C34 PX4 H . 12.83 -4.15 23.14
C35 PX4 H . 14.19 -4.63 23.66
C36 PX4 H . 14.32 -6.16 23.63
O1 PX4 I . 20.29 -2.21 19.50
O2 PX4 I . 20.59 -1.18 17.11
P1 PX4 I . 20.91 -1.24 18.55
O3 PX4 I . 22.46 -1.66 18.50
C1 PX4 I . 22.56 -3.00 18.03
C2 PX4 I . 23.97 -3.60 18.23
N1 PX4 I . 25.00 -2.88 17.47
C3 PX4 I . 24.68 -2.55 16.09
C4 PX4 I . 25.45 -1.62 18.10
C5 PX4 I . 26.16 -3.80 17.35
O4 PX4 I . 21.04 0.22 19.21
C6 PX4 I . 21.43 -0.10 20.55
C7 PX4 I . 22.59 0.79 20.99
C8 PX4 I . 21.90 1.87 21.82
O5 PX4 I . 20.62 1.49 22.34
C9 PX4 I . 19.88 2.56 22.75
O6 PX4 I . 20.29 3.71 22.61
C10 PX4 I . 18.45 2.34 23.26
C11 PX4 I . 18.38 1.40 24.47
C12 PX4 I . 19.39 1.64 25.59
C13 PX4 I . 18.92 0.71 26.71
C14 PX4 I . 19.88 0.85 27.90
C15 PX4 I . 19.62 -0.23 28.96
C16 PX4 I . 20.29 0.07 30.30
C17 PX4 I . 21.77 -0.29 30.23
C18 PX4 I . 22.47 0.06 31.56
C19 PX4 I . 22.03 -0.85 32.71
C20 PX4 I . 22.37 -0.22 34.06
C21 PX4 I . 22.42 -1.28 35.16
C22 PX4 I . 22.96 -0.72 36.48
O7 PX4 I . 23.68 0.03 21.53
C23 PX4 I . 24.89 0.60 21.80
O8 PX4 I . 25.11 1.75 21.38
C24 PX4 I . 26.02 -0.41 21.99
C25 PX4 I . 27.00 -0.01 23.11
C26 PX4 I . 28.08 -1.09 23.18
C27 PX4 I . 28.73 -1.07 24.58
C28 PX4 I . 27.64 -1.04 25.65
C29 PX4 I . 28.21 -1.07 27.08
C30 PX4 I . 27.17 -1.23 28.20
C31 PX4 I . 27.71 -0.59 29.49
C32 PX4 I . 26.72 -0.82 30.62
C33 PX4 I . 27.25 -0.20 31.93
C34 PX4 I . 26.62 -0.68 33.22
C35 PX4 I . 26.78 0.20 34.46
C36 PX4 I . 28.28 0.39 34.67
O1 PX4 J . 33.74 10.75 14.61
O2 PX4 J . 36.21 11.54 14.77
P1 PX4 J . 35.11 10.62 15.14
O3 PX4 J . 35.57 9.14 14.74
C1 PX4 J . 36.96 8.96 15.07
C2 PX4 J . 37.49 7.60 14.59
N1 PX4 J . 37.01 6.30 15.08
C3 PX4 J . 35.65 5.98 14.60
C4 PX4 J . 38.01 5.31 14.66
C5 PX4 J . 37.07 6.02 16.51
O4 PX4 J . 35.14 10.35 16.73
C6 PX4 J . 34.03 9.68 17.33
C7 PX4 J . 34.31 9.42 18.80
C8 PX4 J . 35.84 9.31 18.87
O5 PX4 J . 36.51 8.24 19.51
C9 PX4 J . 37.85 8.40 19.70
O6 PX4 J . 38.54 9.32 19.26
C10 PX4 J . 38.40 7.36 20.66
C11 PX4 J . 37.71 6.00 20.59
C12 PX4 J . 38.02 5.14 21.81
C13 PX4 J . 37.83 5.87 23.13
C14 PX4 J . 37.94 4.99 24.38
C15 PX4 J . 38.05 5.82 25.67
C16 PX4 J . 36.91 6.80 25.92
C17 PX4 J . 37.17 7.28 27.35
C18 PX4 J . 35.97 8.12 27.77
C19 PX4 J . 36.25 8.76 29.15
C20 PX4 J . 35.04 9.62 29.50
C21 PX4 J . 35.57 10.35 30.75
C22 PX4 J . 35.58 9.46 32.00
O7 PX4 J . 33.82 10.43 19.68
C23 PX4 J . 32.48 10.66 19.83
O8 PX4 J . 31.74 9.74 19.49
C24 PX4 J . 32.13 11.91 20.64
C25 PX4 J . 30.65 12.30 20.62
C26 PX4 J . 30.38 13.67 21.26
C27 PX4 J . 30.84 13.67 22.72
C28 PX4 J . 30.54 14.86 23.63
C29 PX4 J . 30.99 16.21 23.05
C30 PX4 J . 30.80 17.37 24.02
C31 PX4 J . 31.58 17.13 25.32
C32 PX4 J . 31.29 18.18 26.39
C33 PX4 J . 32.08 17.93 27.68
C34 PX4 J . 31.62 18.84 28.81
C35 PX4 J . 32.37 18.65 30.12
C36 PX4 J . 31.90 19.61 31.22
O1 PX4 K . 26.36 -13.99 19.08
O2 PX4 K . 24.02 -13.81 20.08
P1 PX4 K . 25.37 -13.24 19.89
O3 PX4 K . 25.26 -11.95 18.93
C1 PX4 K . 24.43 -12.21 17.78
C2 PX4 K . 24.32 -11.03 16.82
N1 PX4 K . 23.59 -9.84 17.27
C3 PX4 K . 23.38 -8.99 16.09
C4 PX4 K . 22.30 -10.04 17.95
C5 PX4 K . 24.34 -8.94 18.17
O4 PX4 K . 25.89 -12.42 21.17
C6 PX4 K . 24.73 -11.80 21.74
C7 PX4 K . 24.87 -10.86 22.94
C8 PX4 K . 26.11 -11.35 23.67
O5 PX4 K . 25.78 -12.20 24.79
C9 PX4 K . 26.84 -12.45 25.60
O6 PX4 K . 27.93 -11.94 25.35
C10 PX4 K . 26.64 -13.16 26.94
C11 PX4 K . 26.19 -12.24 28.08
C12 PX4 K . 26.11 -12.88 29.46
C13 PX4 K . 26.11 -11.74 30.48
C14 PX4 K . 24.93 -10.79 30.21
C15 PX4 K . 24.88 -9.58 31.13
C16 PX4 K . 23.85 -8.56 30.63
C17 PX4 K . 22.43 -9.07 30.89
C18 PX4 K . 21.39 -7.96 30.72
C19 PX4 K . 19.98 -8.46 31.01
C20 PX4 K . 19.99 -8.96 32.46
C21 PX4 K . 18.62 -9.40 32.95
C22 PX4 K . 18.26 -8.84 34.34
O7 PX4 K . 24.73 -9.47 22.65
C23 PX4 K . 23.65 -8.86 22.09
O8 PX4 K . 22.64 -9.49 21.77
C24 PX4 K . 23.76 -7.34 21.96
C25 PX4 K . 22.54 -6.48 22.27
C26 PX4 K . 22.70 -4.97 22.26
C27 PX4 K . 21.45 -4.33 22.88
C28 PX4 K . 21.41 -2.81 22.96
C29 PX4 K . 22.38 -2.10 23.93
C30 PX4 K . 21.89 -2.35 25.35
C31 PX4 K . 22.86 -1.72 26.36
C32 PX4 K . 23.06 -0.25 25.97
C33 PX4 K . 23.96 0.48 26.97
C34 PX4 K . 24.32 1.92 26.59
C35 PX4 K . 25.17 2.52 27.71
C36 PX4 K . 25.44 3.96 27.28
O1 PX4 L . 30.76 0.10 17.45
O2 PX4 L . 28.32 0.62 16.83
P1 PX4 L . 29.30 -0.10 17.67
O3 PX4 L . 29.02 0.47 19.13
C1 PX4 L . 29.09 1.90 19.17
C2 PX4 L . 28.51 2.62 20.38
N1 PX4 L . 28.45 4.09 20.39
C3 PX4 L . 27.44 4.54 19.43
C4 PX4 L . 28.05 4.55 21.71
C5 PX4 L . 29.73 4.77 20.16
O4 PX4 L . 28.81 -1.61 17.97
C6 PX4 L . 29.59 -2.18 19.01
C7 PX4 L . 29.41 -3.69 19.21
C8 PX4 L . 30.74 -4.24 19.72
O5 PX4 L . 31.47 -3.43 20.64
C9 PX4 L . 31.92 -4.18 21.69
O6 PX4 L . 31.41 -5.21 22.09
C10 PX4 L . 32.78 -3.36 22.67
C11 PX4 L . 31.88 -2.63 23.66
C12 PX4 L . 32.56 -2.34 25.01
C13 PX4 L . 33.10 -3.56 25.76
C14 PX4 L . 33.47 -3.30 27.22
C15 PX4 L . 34.24 -4.46 27.83
C16 PX4 L . 34.91 -4.07 29.17
C17 PX4 L . 35.99 -3.00 29.22
C18 PX4 L . 37.27 -3.55 28.60
C19 PX4 L . 38.46 -2.58 28.65
C20 PX4 L . 39.67 -3.09 27.87
C21 PX4 L . 39.26 -3.29 26.40
C22 PX4 L . 40.41 -4.07 25.79
O7 PX4 L . 28.24 -4.02 19.96
C23 PX4 L . 27.98 -5.33 20.24
O8 PX4 L . 28.40 -6.24 19.54
C24 PX4 L . 26.70 -5.47 21.07
C25 PX4 L . 26.83 -4.83 22.46
C26 PX4 L . 28.01 -5.51 23.15
C27 PX4 L . 28.25 -4.78 24.48
C28 PX4 L . 29.16 -5.60 25.40
C29 PX4 L . 29.37 -4.97 26.77
C30 PX4 L . 30.46 -5.82 27.45
C31 PX4 L . 30.56 -5.40 28.92
C32 PX4 L . 29.12 -5.30 29.43
C33 PX4 L . 29.14 -5.30 30.95
C34 PX4 L . 29.90 -4.11 31.54
C35 PX4 L . 29.87 -4.05 33.07
C36 PX4 L . 30.69 -2.80 33.40
O1 PX4 M . -15.89 25.85 15.67
O2 PX4 M . -17.93 27.47 15.50
P1 PX4 M . -16.59 27.11 16.00
O3 PX4 M . -15.77 28.32 15.35
C1 PX4 M . -15.76 28.21 13.91
C2 PX4 M . -15.99 29.40 13.00
N1 PX4 M . -17.34 30.00 12.94
C3 PX4 M . -17.48 30.91 11.79
C4 PX4 M . -18.40 29.00 12.83
C5 PX4 M . -17.60 30.84 14.12
O4 PX4 M . -16.43 27.62 17.52
C6 PX4 M . -17.22 28.82 17.64
C7 PX4 M . -17.03 29.57 18.95
C8 PX4 M . -16.51 28.62 20.05
O5 PX4 M . -16.63 29.09 21.39
C9 PX4 M . -16.20 28.15 22.29
O6 PX4 M . -15.43 27.28 21.91
C10 PX4 M . -16.39 28.48 23.77
C11 PX4 M . -17.21 27.43 24.52
C12 PX4 M . -17.40 27.70 26.01
C13 PX4 M . -18.17 26.57 26.71
C14 PX4 M . -17.33 25.27 26.79
C15 PX4 M . -16.01 25.36 27.56
C16 PX4 M . -15.49 23.98 27.95
C17 PX4 M . -16.34 23.30 29.03
C18 PX4 M . -16.15 23.91 30.43
C19 PX4 M . -14.68 23.95 30.84
C20 PX4 M . -14.50 24.09 32.36
C21 PX4 M . -13.01 24.11 32.72
C22 PX4 M . -12.27 22.87 32.21
O7 PX4 M . -16.37 30.83 18.89
C23 PX4 M . -16.95 31.94 18.33
O8 PX4 M . -17.80 31.80 17.46
C24 PX4 M . -15.93 33.07 18.17
C25 PX4 M . -15.67 33.80 19.48
C26 PX4 M . -16.98 34.41 20.04
C27 PX4 M . -16.63 35.23 21.27
C28 PX4 M . -17.89 35.86 21.88
C29 PX4 M . -17.49 36.65 23.12
C30 PX4 M . -18.77 37.25 23.72
C31 PX4 M . -18.59 38.17 24.92
C32 PX4 M . -19.97 38.62 25.39
C33 PX4 M . -19.69 39.78 26.34
C34 PX4 M . -20.94 40.45 26.90
C35 PX4 M . -21.87 41.00 25.82
C36 PX4 M . -23.07 41.80 26.33
O1 PX4 N . -0.56 30.01 16.99
O2 PX4 N . -2.35 28.16 16.18
P1 PX4 N . -1.88 29.31 16.98
O3 PX4 N . -2.90 30.48 16.57
C1 PX4 N . -4.16 29.81 16.50
C2 PX4 N . -5.32 30.76 16.18
N1 PX4 N . -5.73 31.67 17.24
C3 PX4 N . -7.02 32.30 16.89
C4 PX4 N . -5.82 31.08 18.59
C5 PX4 N . -4.75 32.74 17.46
O4 PX4 N . -2.53 29.12 18.43
C6 PX4 N . -1.64 29.46 19.50
C7 PX4 N . -2.38 29.72 20.82
C8 PX4 N . -3.67 28.90 20.69
O5 PX4 N . -4.74 28.93 21.64
C9 PX4 N . -5.46 27.78 21.60
O6 PX4 N . -4.97 26.70 21.29
C10 PX4 N . -6.88 27.93 22.17
C11 PX4 N . -7.09 27.24 23.53
C12 PX4 N . -8.51 27.37 24.07
C13 PX4 N . -8.84 26.19 25.00
C14 PX4 N . -7.87 26.13 26.17
C15 PX4 N . -8.10 24.97 27.13
C16 PX4 N . -8.53 23.64 26.48
C17 PX4 N . -8.66 22.74 27.70
C18 PX4 N . -7.41 22.75 28.58
C19 PX4 N . -7.60 21.75 29.73
C20 PX4 N . -6.21 21.36 30.24
C21 PX4 N . -6.46 20.17 31.15
C22 PX4 N . -5.23 19.67 31.93
O7 PX4 N . -1.64 29.56 22.03
C23 PX4 N . -1.43 30.64 22.83
O8 PX4 N . -1.72 31.78 22.46
C24 PX4 N . -0.85 30.30 24.21
C25 PX4 N . 0.55 30.89 24.38
C26 PX4 N . 1.22 30.49 25.69
C27 PX4 N . 2.46 31.32 26.00
C28 PX4 N . 3.10 30.93 27.33
C29 PX4 N . 4.24 31.89 27.69
C30 PX4 N . 4.72 31.47 29.07
C31 PX4 N . 5.51 32.67 29.62
C32 PX4 N . 5.82 32.39 31.09
C33 PX4 N . 6.81 33.41 31.67
C34 PX4 N . 6.96 33.22 33.19
C35 PX4 N . 7.92 34.22 33.83
C36 PX4 N . 7.28 35.61 33.67
O1 PX4 O . 15.13 -0.36 14.91
O2 PX4 O . 13.70 -1.99 16.26
P1 PX4 O . 13.85 -1.08 15.10
O3 PX4 O . 13.30 -1.57 13.67
C1 PX4 O . 13.49 -2.98 13.81
C2 PX4 O . 14.47 -3.55 12.77
N1 PX4 O . 14.13 -3.39 11.35
C3 PX4 O . 15.04 -4.34 10.71
C4 PX4 O . 12.77 -3.84 11.02
C5 PX4 O . 14.52 -2.07 10.84
O4 PX4 O . 12.72 0.06 15.24
C6 PX4 O . 13.25 1.00 16.17
C7 PX4 O . 12.16 1.71 16.99
C8 PX4 O . 11.03 0.69 16.86
O5 PX4 O . 9.76 1.35 16.83
C9 PX4 O . 8.77 0.42 16.99
O6 PX4 O . 8.96 -0.77 17.22
C10 PX4 O . 7.35 0.99 17.01
C11 PX4 O . 7.35 2.18 16.04
C12 PX4 O . 5.95 2.82 16.02
C13 PX4 O . 5.78 3.83 14.87
C14 PX4 O . 4.47 4.57 15.16
C15 PX4 O . 3.43 3.50 15.51
C16 PX4 O . 2.34 4.27 16.28
C17 PX4 O . 1.12 3.37 16.45
C18 PX4 O . 0.22 3.94 17.55
C19 PX4 O . 1.01 4.17 18.84
C20 PX4 O . 0.42 4.95 20.01
C21 PX4 O . -0.93 4.36 20.47
C22 PX4 O . -1.64 4.95 21.69
O7 PX4 O . 12.62 1.99 18.31
C23 PX4 O . 13.16 3.23 18.47
O8 PX4 O . 13.62 3.94 17.59
C24 PX4 O . 13.21 3.62 19.96
C25 PX4 O . 14.05 2.55 20.66
C26 PX4 O . 13.69 2.73 22.13
C27 PX4 O . 14.38 1.64 22.94
C28 PX4 O . 14.02 1.59 24.43
C29 PX4 O . 14.66 0.39 25.13
C30 PX4 O . 14.37 0.40 26.63
C31 PX4 O . 14.88 -0.75 27.53
C32 PX4 O . 14.28 -2.15 27.46
C33 PX4 O . 14.91 -3.07 28.51
C34 PX4 O . 14.09 -4.37 28.50
C35 PX4 O . 12.63 -3.96 28.57
C36 PX4 O . 11.80 -5.24 28.65
O1 PX4 P . 20.84 10.08 16.58
O2 PX4 P . 23.26 10.64 17.30
P1 PX4 P . 21.94 10.02 17.56
O3 PX4 P . 22.06 8.51 18.10
C1 PX4 P . 23.20 8.20 18.92
C2 PX4 P . 22.89 7.17 20.02
N1 PX4 P . 21.87 7.49 21.03
C3 PX4 P . 22.19 8.74 21.72
C4 PX4 P . 20.51 7.46 20.50
C5 PX4 P . 22.00 6.42 22.04
O4 PX4 P . 21.35 10.61 18.94
C6 PX4 P . 20.84 11.89 18.60
C7 PX4 P . 20.65 12.81 19.82
C8 PX4 P . 20.46 11.83 20.98
O5 PX4 P . 19.10 11.87 21.41
C9 PX4 P . 18.64 10.81 22.13
O6 PX4 P . 19.36 9.81 22.21
C10 PX4 P . 17.19 10.83 22.61
C11 PX4 P . 16.70 12.14 23.24
C12 PX4 P . 15.33 12.20 23.94
C13 PX4 P . 14.97 13.59 24.46
C14 PX4 P . 15.70 13.80 25.79
C15 PX4 P . 15.51 15.23 26.31
C16 PX4 P . 16.38 15.36 27.56
C17 PX4 P . 16.04 16.50 28.54
C18 PX4 P . 17.16 16.70 29.55
C19 PX4 P . 16.83 17.75 30.60
C20 PX4 P . 17.99 18.46 31.28
C21 PX4 P . 17.49 18.96 32.63
C22 PX4 P . 17.86 17.93 33.71
O7 PX4 P . 21.48 13.95 20.02
C23 PX4 P . 21.24 14.93 20.93
O8 PX4 P . 20.13 15.16 21.39
C24 PX4 P . 22.41 15.83 21.33
C25 PX4 P . 22.01 17.23 20.83
C26 PX4 P . 22.76 18.37 21.53
C27 PX4 P . 22.34 19.71 20.94
C28 PX4 P . 23.19 20.75 21.69
C29 PX4 P . 22.88 20.76 23.19
C30 PX4 P . 23.80 21.77 23.87
C31 PX4 P . 23.28 21.92 25.30
C32 PX4 P . 24.24 22.81 26.08
C33 PX4 P . 23.88 22.64 27.55
C34 PX4 P . 22.41 22.99 27.73
C35 PX4 P . 22.30 22.94 29.26
C36 PX4 P . 20.84 23.15 29.61
O1 PX4 Q . 28.43 8.93 17.51
O2 PX4 Q . 27.73 8.33 19.93
P1 PX4 Q . 27.39 8.74 18.55
O3 PX4 Q . 26.38 7.76 17.77
C1 PX4 Q . 25.93 8.23 16.50
C2 PX4 Q . 25.21 7.23 15.62
N1 PX4 Q . 25.99 6.48 14.63
C3 PX4 Q . 25.15 5.41 14.04
C4 PX4 Q . 26.42 7.38 13.54
C5 PX4 Q . 27.18 5.88 15.26
O4 PX4 Q . 26.45 10.02 18.78
C6 PX4 Q . 27.09 11.02 19.55
C7 PX4 Q . 26.22 12.28 19.77
C8 PX4 Q . 24.79 11.86 20.11
O5 PX4 Q . 24.64 11.09 21.30
C9 PX4 Q . 24.65 11.88 22.41
O6 PX4 Q . 23.86 12.82 22.51
C10 PX4 Q . 25.20 11.16 23.65
C11 PX4 Q . 26.73 11.22 23.70
C12 PX4 Q . 27.16 11.03 25.15
C13 PX4 Q . 26.59 12.05 26.14
C14 PX4 Q . 26.92 11.55 27.54
C15 PX4 Q . 26.16 12.39 28.59
C16 PX4 Q . 26.53 11.98 30.01
C17 PX4 Q . 26.00 13.00 31.02
C18 PX4 Q . 25.99 12.33 32.41
C19 PX4 Q . 25.38 13.26 33.45
C20 PX4 Q . 25.58 12.79 34.91
C21 PX4 Q . 24.78 13.77 35.78
C22 PX4 Q . 24.89 13.66 37.29
O7 PX4 Q . 26.87 13.20 20.63
C23 PX4 Q . 26.37 14.46 20.74
O8 PX4 Q . 25.61 14.84 19.87
C24 PX4 Q . 26.92 15.32 21.89
C25 PX4 Q . 25.75 15.58 22.85
C26 PX4 Q . 26.13 16.42 24.06
C27 PX4 Q . 24.94 16.77 24.96
C28 PX4 Q . 25.39 17.58 26.18
C29 PX4 Q . 26.46 16.85 26.98
C30 PX4 Q . 26.55 17.50 28.36
C31 PX4 Q . 27.81 17.05 29.11
C32 PX4 Q . 27.85 17.04 30.64
C33 PX4 Q . 29.29 17.03 31.17
C34 PX4 Q . 29.25 16.86 32.70
C35 PX4 Q . 28.87 15.43 33.12
C36 PX4 Q . 28.76 15.01 34.59
O1 PX4 R . 3.33 -34.62 19.73
O2 PX4 R . 0.94 -33.79 20.44
P1 PX4 R . 2.35 -33.54 20.04
O3 PX4 R . 2.32 -32.36 18.94
C1 PX4 R . 1.54 -31.27 19.45
C2 PX4 R . 1.40 -30.12 18.44
N1 PX4 R . 2.58 -29.43 17.93
C3 PX4 R . 3.65 -29.17 18.91
C4 PX4 R . 3.02 -30.14 16.71
C5 PX4 R . 2.05 -28.11 17.55
O4 PX4 R . 3.07 -32.64 21.15
C6 PX4 R . 4.47 -32.90 21.18
C7 PX4 R . 5.36 -32.07 22.10
C8 PX4 R . 4.39 -31.45 23.11
O5 PX4 R . 4.76 -30.11 23.47
C9 PX4 R . 3.89 -29.42 24.28
O6 PX4 R . 2.85 -29.94 24.66
C10 PX4 R . 4.23 -27.95 24.59
C11 PX4 R . 3.93 -27.60 26.04
C12 PX4 R . 4.26 -26.19 26.51
C13 PX4 R . 3.58 -25.17 25.57
C14 PX4 R . 3.66 -23.74 26.06
C15 PX4 R . 5.03 -23.06 25.94
C16 PX4 R . 4.94 -21.56 26.17
C17 PX4 R . 6.38 -21.10 26.44
C18 PX4 R . 7.37 -21.33 25.30
C19 PX4 R . 8.74 -20.72 25.56
C20 PX4 R . 9.80 -21.78 25.90
C21 PX4 R . 11.19 -21.21 26.16
C22 PX4 R . 12.12 -22.36 26.55
O7 PX4 R . 6.48 -32.83 22.58
C23 PX4 R . 7.62 -32.12 22.75
O8 PX4 R . 7.81 -31.08 22.11
C24 PX4 R . 8.74 -32.65 23.65
C25 PX4 R . 8.65 -32.66 25.19
C26 PX4 R . 8.79 -31.28 25.82
C27 PX4 R . 8.41 -31.25 27.30
C28 PX4 R . 8.62 -29.84 27.88
C29 PX4 R . 8.33 -29.94 29.37
C30 PX4 R . 8.62 -28.58 29.97
C31 PX4 R . 8.38 -28.59 31.49
C32 PX4 R . 9.11 -29.86 31.93
C33 PX4 R . 9.12 -29.95 33.46
C34 PX4 R . 9.73 -28.69 34.11
C35 PX4 R . 9.78 -28.68 35.64
C36 PX4 R . 10.59 -29.89 36.11
O1 PX4 S . -6.34 38.67 16.47
O2 PX4 S . -8.85 39.09 16.82
P1 PX4 S . -7.45 39.54 16.88
O3 PX4 S . -7.25 40.84 15.95
C1 PX4 S . -8.14 41.95 16.17
C2 PX4 S . -7.86 43.13 15.25
N1 PX4 S . -6.62 43.89 15.47
C3 PX4 S . -6.15 44.36 16.78
C4 PX4 S . -5.47 43.19 14.90
C5 PX4 S . -6.78 45.07 14.60
O4 PX4 S . -7.18 40.30 18.27
C6 PX4 S . -5.76 40.49 18.38
C7 PX4 S . -5.33 41.42 19.51
C8 PX4 S . -6.56 41.87 20.29
O5 PX4 S . -6.97 43.20 19.96
C9 PX4 S . -8.04 43.69 20.65
O6 PX4 S . -8.84 42.96 21.24
C10 PX4 S . -7.97 45.22 20.71
C11 PX4 S . -8.44 45.83 22.02
C12 PX4 S . -7.83 47.25 22.03
C13 PX4 S . -8.37 48.11 20.89
C14 PX4 S . -8.26 49.62 21.10
C15 PX4 S . -8.91 50.15 22.39
C16 PX4 S . -8.91 51.65 22.61
C17 PX4 S . -9.72 52.04 23.85
C18 PX4 S . -9.83 53.54 24.14
C19 PX4 S . -10.52 53.85 25.47
C20 PX4 S . -11.39 55.12 25.55
C21 PX4 S . -12.26 55.14 26.80
C22 PX4 S . -13.20 53.96 27.01
O7 PX4 S . -4.52 40.70 20.45
C23 PX4 S . -3.19 40.85 20.18
O8 PX4 S . -2.84 41.06 19.02
C24 PX4 S . -2.20 40.21 21.16
C25 PX4 S . -2.60 39.80 22.59
C26 PX4 S . -1.37 39.10 23.20
C27 PX4 S . -0.24 40.12 23.26
C28 PX4 S . -0.75 41.25 24.14
C29 PX4 S . 0.16 42.48 24.22
C30 PX4 S . 0.36 43.15 25.58
C31 PX4 S . 1.45 44.23 25.58
C32 PX4 S . 1.85 44.72 26.98
C33 PX4 S . 2.16 43.54 27.89
C34 PX4 S . 2.75 43.91 29.25
C35 PX4 S . 3.10 42.57 29.90
C36 PX4 S . 3.80 42.67 31.26
O1 PX4 T . 31.21 12.55 11.31
O2 PX4 T . 29.20 11.52 12.60
P1 PX4 T . 30.35 12.45 12.52
O3 PX4 T . 29.55 13.85 12.49
C1 PX4 T . 28.46 13.64 11.60
C2 PX4 T . 27.63 14.92 11.47
N1 PX4 T . 26.66 15.11 12.57
C3 PX4 T . 27.25 15.25 13.90
C4 PX4 T . 25.95 16.36 12.26
C5 PX4 T . 25.74 13.97 12.58
O4 PX4 T . 31.31 12.72 13.78
C6 PX4 T . 30.58 12.36 14.95
C7 PX4 T . 31.00 13.06 16.24
C8 PX4 T . 32.51 13.15 16.06
O5 PX4 T . 33.27 13.67 17.17
C9 PX4 T . 34.56 14.05 16.93
O6 PX4 T . 34.86 14.59 15.88
C10 PX4 T . 35.40 14.27 18.19
C11 PX4 T . 36.07 13.00 18.69
C12 PX4 T . 36.84 13.27 19.99
C13 PX4 T . 37.40 12.06 20.75
C14 PX4 T . 38.09 12.54 22.03
C15 PX4 T . 38.54 11.39 22.93
C16 PX4 T . 39.18 11.68 24.30
C17 PX4 T . 40.45 12.53 24.14
C18 PX4 T . 41.03 13.05 25.45
C19 PX4 T . 41.80 11.97 26.20
C20 PX4 T . 42.49 12.45 27.46
C21 PX4 T . 43.69 11.51 27.65
C22 PX4 T . 44.36 11.65 29.02
O7 PX4 T . 30.44 14.37 16.39
C23 PX4 T . 29.43 14.43 17.30
O8 PX4 T . 28.77 13.40 17.49
C24 PX4 T . 28.87 15.84 17.49
C25 PX4 T . 29.53 16.46 18.72
C26 PX4 T . 30.98 16.78 18.31
C27 PX4 T . 31.91 17.13 19.47
C28 PX4 T . 33.35 17.25 18.94
C29 PX4 T . 34.32 17.43 20.10
C30 PX4 T . 34.38 16.18 21.00
C31 PX4 T . 35.14 16.43 22.30
C32 PX4 T . 35.20 15.14 23.09
C33 PX4 T . 36.06 15.12 24.36
C34 PX4 T . 35.95 13.79 25.10
C35 PX4 T . 34.47 13.58 25.43
C36 PX4 T . 34.29 12.49 26.48
O1 PX4 U . 36.01 0.51 15.00
O2 PX4 U . 35.20 2.76 13.94
P1 PX4 U . 35.96 2.00 14.95
O3 PX4 U . 37.49 2.30 14.51
C1 PX4 U . 37.77 1.64 13.27
C2 PX4 U . 39.22 1.80 12.83
N1 PX4 U . 40.28 0.94 13.38
C3 PX4 U . 41.56 1.47 12.89
C4 PX4 U . 40.38 1.12 14.84
C5 PX4 U . 40.09 -0.49 13.16
O4 PX4 U . 36.05 2.63 16.42
C6 PX4 U . 36.42 1.73 17.47
C7 PX4 U . 36.51 2.34 18.87
C8 PX4 U . 35.06 2.73 19.18
O5 PX4 U . 34.96 4.02 19.77
C9 PX4 U . 33.71 4.50 20.03
O6 PX4 U . 32.67 3.94 19.71
C10 PX4 U . 33.68 5.94 20.55
C11 PX4 U . 33.48 6.14 22.05
C12 PX4 U . 33.86 7.58 22.38
C13 PX4 U . 33.35 7.81 23.79
C14 PX4 U . 32.61 9.15 23.97
C15 PX4 U . 31.93 9.09 25.33
C16 PX4 U . 31.26 10.41 25.63
C17 PX4 U . 30.41 10.20 26.88
C18 PX4 U . 31.33 9.55 27.92
C19 PX4 U . 30.62 9.44 29.28
C20 PX4 U . 29.28 8.72 29.10
C21 PX4 U . 28.57 8.68 30.46
C22 PX4 U . 29.18 7.71 31.46
O7 PX4 U . 37.04 1.50 19.91
C23 PX4 U . 38.38 1.24 19.94
O8 PX4 U . 39.09 1.49 18.97
C24 PX4 U . 38.79 0.46 21.19
C25 PX4 U . 39.49 1.21 22.34
C26 PX4 U . 39.83 0.33 23.54
C27 PX4 U . 40.15 1.20 24.77
C28 PX4 U . 40.50 0.45 26.06
C29 PX4 U . 40.86 1.45 27.16
C30 PX4 U . 41.46 0.90 28.45
C31 PX4 U . 41.87 2.00 29.42
C32 PX4 U . 42.57 1.30 30.60
C33 PX4 U . 43.36 2.45 31.22
C34 PX4 U . 44.40 2.02 32.25
C35 PX4 U . 44.96 3.29 32.91
C36 PX4 U . 45.90 2.69 33.96
O1 PX4 V . 0.68 19.53 19.64
O2 PX4 V . 2.86 18.31 18.59
P1 PX4 V . 1.73 18.48 19.53
O3 PX4 V . 0.86 17.27 18.92
C1 PX4 V . 0.64 17.45 17.51
C2 PX4 V . -0.20 16.40 16.80
N1 PX4 V . 0.29 15.01 16.76
C3 PX4 V . 1.70 14.89 16.36
C4 PX4 V . 0.00 14.35 18.05
C5 PX4 V . -0.58 14.35 15.79
O4 PX4 V . 1.93 17.83 20.99
C6 PX4 V . 3.25 17.34 21.25
C7 PX4 V . 3.62 17.03 22.70
C8 PX4 V . 3.03 18.19 23.50
O5 PX4 V . 3.64 18.36 24.78
C9 PX4 V . 3.47 19.60 25.31
O6 PX4 V . 2.85 20.48 24.73
C10 PX4 V . 4.05 19.81 26.71
C11 PX4 V . 5.43 20.45 26.59
C12 PX4 V . 5.78 21.09 27.94
C13 PX4 V . 5.51 20.06 29.03
C14 PX4 V . 5.56 20.63 30.46
C15 PX4 V . 4.44 21.63 30.75
C16 PX4 V . 4.48 22.10 32.21
C17 PX4 V . 3.40 23.11 32.61
C18 PX4 V . 2.00 22.61 32.27
C19 PX4 V . 0.94 23.68 32.58
C20 PX4 V . -0.34 22.98 33.06
C21 PX4 V . -1.46 23.91 33.53
C22 PX4 V . -2.01 24.59 32.28
O7 PX4 V . 3.19 15.71 23.06
C23 PX4 V . 3.98 14.61 22.91
O8 PX4 V . 5.04 14.70 22.31
C24 PX4 V . 3.37 13.33 23.48
C25 PX4 V . 4.38 12.67 24.40
C26 PX4 V . 4.10 11.18 24.69
C27 PX4 V . 5.33 10.91 25.56
C28 PX4 V . 6.55 11.09 24.64
C29 PX4 V . 7.88 10.91 25.37
C30 PX4 V . 7.99 9.64 26.21
C31 PX4 V . 9.32 9.54 26.94
C32 PX4 V . 9.38 8.28 27.83
C33 PX4 V . 8.24 8.30 28.86
C34 PX4 V . 8.13 6.90 29.47
C35 PX4 V . 6.97 6.90 30.45
C36 PX4 V . 7.45 7.92 31.46
O1 PX4 W . 13.44 20.45 17.19
O2 PX4 W . 15.66 19.21 17.60
P1 PX4 W . 14.40 19.79 18.11
O3 PX4 W . 13.68 18.49 18.73
C1 PX4 W . 12.34 18.36 18.27
C2 PX4 W . 11.68 17.06 18.77
N1 PX4 W . 11.41 16.99 20.21
C3 PX4 W . 12.57 16.50 20.97
C4 PX4 W . 10.78 18.15 20.85
C5 PX4 W . 10.40 15.93 20.45
O4 PX4 W . 14.60 20.65 19.47
C6 PX4 W . 15.05 19.72 20.46
C7 PX4 W . 14.99 20.25 21.89
C8 PX4 W . 15.27 21.74 21.84
O5 PX4 W . 16.68 21.91 21.85
C9 PX4 W . 17.04 23.21 21.60
O6 PX4 W . 16.27 23.99 21.05
C10 PX4 W . 18.54 23.53 21.60
C11 PX4 W . 19.21 23.63 22.96
C12 PX4 W . 19.05 24.82 23.90
C13 PX4 W . 19.75 24.61 25.23
C14 PX4 W . 19.37 25.61 26.32
C15 PX4 W . 17.95 25.43 26.87
C16 PX4 W . 17.57 26.36 28.01
C17 PX4 W . 18.51 26.45 29.22
C18 PX4 W . 17.67 26.91 30.40
C19 PX4 W . 18.65 27.01 31.58
C20 PX4 W . 18.02 27.56 32.86
C21 PX4 W . 19.11 27.90 33.87
C22 PX4 W . 18.62 28.30 35.27
O7 PX4 W . 13.87 19.89 22.71
C23 PX4 W . 14.15 18.88 23.56
O8 PX4 W . 15.04 18.12 23.16
C24 PX4 W . 13.51 18.90 24.96
C25 PX4 W . 12.26 19.78 24.98
C26 PX4 W . 11.57 19.47 26.30
C27 PX4 W . 10.20 20.14 26.37
C28 PX4 W . 9.44 19.71 27.62
C29 PX4 W . 9.33 18.22 27.98
C30 PX4 W . 8.93 17.92 29.42
C31 PX4 W . 8.45 16.48 29.62
C32 PX4 W . 7.79 16.37 31.00
C33 PX4 W . 8.68 15.51 31.91
C34 PX4 W . 8.22 15.66 33.36
C35 PX4 W . 9.06 14.83 34.34
C36 PX4 W . 8.77 14.92 35.84
O1 PX4 X . 19.26 23.31 13.06
O2 PX4 X . 20.97 21.49 13.43
P1 PX4 X . 19.79 22.23 13.93
O3 PX4 X . 18.58 21.19 14.11
C1 PX4 X . 17.36 21.89 14.32
C2 PX4 X . 16.18 20.92 14.32
N1 PX4 X . 15.97 20.01 13.19
C3 PX4 X . 14.67 19.36 13.49
C4 PX4 X . 15.90 20.69 11.90
C5 PX4 X . 16.88 18.85 13.12
O4 PX4 X . 20.09 22.74 15.42
C6 PX4 X . 20.76 21.76 16.21
C7 PX4 X . 20.72 21.79 17.75
C8 PX4 X . 21.06 23.24 18.10
O5 PX4 X . 21.75 23.29 19.35
C9 PX4 X . 21.99 24.60 19.65
O6 PX4 X . 21.60 25.55 18.96
C10 PX4 X . 22.72 24.81 20.98
C11 PX4 X . 22.37 26.18 21.55
C12 PX4 X . 22.99 26.30 22.95
C13 PX4 X . 24.51 26.45 22.99
C14 PX4 X . 24.76 26.65 24.49
C15 PX4 X . 26.25 26.66 24.88
C16 PX4 X . 26.39 26.46 26.39
C17 PX4 X . 27.75 26.91 26.92
C18 PX4 X . 27.90 26.67 28.43
C19 PX4 X . 29.21 27.23 29.00
C20 PX4 X . 29.16 27.42 30.51
C21 PX4 X . 30.49 27.99 31.00
C22 PX4 X . 30.43 28.35 32.47
O7 PX4 X . 19.55 21.17 18.25
C23 PX4 X . 19.61 19.83 18.52
O8 PX4 X . 20.30 19.10 17.80
C24 PX4 X . 18.49 19.32 19.41
C25 PX4 X . 18.95 19.44 20.87
C26 PX4 X . 18.50 18.37 21.85
C27 PX4 X . 19.07 18.77 23.21
C28 PX4 X . 18.93 17.77 24.36
C29 PX4 X . 18.99 18.50 25.71
C30 PX4 X . 17.95 19.62 25.65
C31 PX4 X . 17.65 20.25 27.01
C32 PX4 X . 16.94 21.60 26.95
C33 PX4 X . 16.96 22.06 28.41
C34 PX4 X . 16.01 21.29 29.32
C35 PX4 X . 14.69 22.08 29.35
C36 PX4 X . 13.73 21.36 30.31
O1 PX4 Y . 6.69 -35.83 19.93
O2 PX4 Y . 8.68 -37.49 20.10
P1 PX4 Y . 7.28 -37.12 20.36
O3 PX4 Y . 6.24 -38.23 19.82
C1 PX4 Y . 4.97 -37.64 19.56
C2 PX4 Y . 3.91 -38.63 19.08
N1 PX4 Y . 2.53 -38.14 18.97
C3 PX4 Y . 2.35 -37.22 17.84
C4 PX4 Y . 1.76 -39.37 18.70
C5 PX4 Y . 2.07 -37.48 20.20
O4 PX4 Y . 6.82 -37.31 21.90
C6 PX4 Y . 6.74 -36.12 22.69
C7 PX4 Y . 6.34 -36.23 24.17
C8 PX4 Y . 7.61 -36.65 24.92
O5 PX4 Y . 8.75 -35.93 24.41
C9 PX4 Y . 9.90 -36.48 24.87
O6 PX4 Y . 9.98 -37.68 25.08
C10 PX4 Y . 11.07 -35.48 24.94
C11 PX4 Y . 11.72 -35.44 26.32
C12 PX4 Y . 10.82 -34.87 27.42
C13 PX4 Y . 11.36 -35.30 28.78
C14 PX4 Y . 10.83 -34.35 29.86
C15 PX4 Y . 11.29 -34.64 31.30
C16 PX4 Y . 10.30 -35.67 31.84
C17 PX4 Y . 10.73 -36.07 33.27
C18 PX4 Y . 10.72 -34.91 34.26
C19 PX4 Y . 11.13 -35.53 35.60
C20 PX4 Y . 11.31 -34.37 36.58
C21 PX4 Y . 11.66 -34.81 38.00
C22 PX4 Y . 12.19 -33.61 38.81
O7 PX4 Y . 5.68 -35.04 24.61
C23 PX4 Y . 4.91 -35.16 25.73
O8 PX4 Y . 4.69 -36.20 26.36
C24 PX4 Y . 4.20 -33.88 26.14
C25 PX4 Y . 5.22 -32.95 26.82
C26 PX4 Y . 4.49 -31.74 27.38
C27 PX4 Y . 3.49 -32.19 28.43
C28 PX4 Y . 2.65 -30.93 28.70
C29 PX4 Y . 3.60 -29.88 29.29
C30 PX4 Y . 2.71 -28.77 29.87
C31 PX4 Y . 3.70 -27.71 30.34
C32 PX4 Y . 2.92 -26.55 30.96
C33 PX4 Y . 3.78 -25.46 31.59
C34 PX4 Y . 4.68 -24.90 30.48
C35 PX4 Y . 5.44 -23.67 30.98
C36 PX4 Y . 4.51 -22.56 30.52
O1 PX4 Z . -1.06 -20.45 19.59
O2 PX4 Z . 0.12 -22.68 19.15
P1 PX4 Z . -0.58 -21.77 20.07
O3 PX4 Z . -1.87 -22.57 20.61
C1 PX4 Z . -2.82 -22.70 19.55
C2 PX4 Z . -4.02 -23.46 20.12
N1 PX4 Z . -3.97 -24.92 20.36
C3 PX4 Z . -3.29 -25.24 21.62
C4 PX4 Z . -5.35 -25.44 20.39
C5 PX4 Z . -3.27 -25.67 19.32
O4 PX4 Z . 0.21 -21.66 21.47
C6 PX4 Z . 0.67 -22.98 21.79
C7 PX4 Z . 1.07 -23.16 23.25
C8 PX4 Z . 1.05 -21.79 23.95
O5 PX4 Z . 1.37 -21.79 25.34
C9 PX4 Z . 1.02 -20.70 26.09
O6 PX4 Z . 0.29 -19.81 25.67
C10 PX4 Z . 1.38 -20.89 27.56
C11 PX4 Z . 2.12 -19.61 27.93
C12 PX4 Z . 2.52 -19.69 29.41
C13 PX4 Z . 3.17 -18.32 29.65
C14 PX4 Z . 3.92 -18.26 30.98
C15 PX4 Z . 4.31 -16.83 31.34
C16 PX4 Z . 4.91 -16.86 32.75
C17 PX4 Z . 6.13 -17.78 32.68
C18 PX4 Z . 6.62 -18.24 34.06
C19 PX4 Z . 7.86 -19.14 33.94
C20 PX4 Z . 8.34 -19.55 35.33
C21 PX4 Z . 7.35 -20.60 35.85
C22 PX4 Z . 7.65 -20.91 37.32
O7 PX4 Z . 0.19 -24.13 23.81
C23 PX4 Z . 0.49 -25.45 23.72
O8 PX4 Z . 1.23 -25.82 22.80
C24 PX4 Z . -0.60 -26.35 24.32
C25 PX4 Z . -0.38 -26.65 25.80
C26 PX4 Z . -0.75 -25.41 26.62
C27 PX4 Z . -0.60 -25.69 28.12
C28 PX4 Z . -0.54 -24.42 28.95
C29 PX4 Z . -0.33 -24.65 30.43
C30 PX4 Z . -0.49 -23.34 31.21
C31 PX4 Z . 0.75 -23.24 32.11
C32 PX4 Z . 0.67 -22.00 33.00
C33 PX4 Z . 1.94 -21.86 33.83
C34 PX4 Z . 2.13 -20.49 34.48
C35 PX4 Z . 3.59 -20.31 34.89
C36 PX4 Z . 3.91 -21.44 35.87
O1 PX4 AA . 5.40 -19.69 20.50
O2 PX4 AA . 7.08 -18.01 19.80
P1 PX4 AA . 6.68 -19.00 20.83
O3 PX4 AA . 7.78 -20.17 20.85
C1 PX4 AA . 7.28 -21.38 21.45
C2 PX4 AA . 8.19 -22.59 21.25
N1 PX4 AA . 8.43 -23.02 19.86
C3 PX4 AA . 7.34 -22.84 18.90
C4 PX4 AA . 9.64 -22.32 19.43
C5 PX4 AA . 8.86 -24.43 19.97
O4 PX4 AA . 6.65 -18.52 22.36
C6 PX4 AA . 7.65 -17.50 22.33
C7 PX4 AA . 7.95 -17.01 23.74
C8 PX4 AA . 6.71 -17.26 24.59
O5 PX4 AA . 5.81 -16.17 24.73
C9 PX4 AA . 4.51 -16.55 24.87
O6 PX4 AA . 4.13 -17.69 24.59
C10 PX4 AA . 3.38 -15.66 25.38
C11 PX4 AA . 2.42 -16.36 26.34
C12 PX4 AA . 1.33 -15.43 26.89
C13 PX4 AA . 0.39 -16.29 27.74
C14 PX4 AA . -0.77 -15.38 28.16
C15 PX4 AA . -0.19 -14.38 29.14
C16 PX4 AA . -1.22 -13.26 29.36
C17 PX4 AA . -0.54 -12.21 30.25
C18 PX4 AA . -1.41 -10.97 30.49
C19 PX4 AA . -0.72 -9.90 31.33
C20 PX4 AA . -0.33 -10.34 32.74
C21 PX4 AA . 0.34 -9.19 33.49
C22 PX4 AA . 0.61 -9.59 34.94
O7 PX4 AA . 9.26 -17.39 24.22
C23 PX4 AA . 10.42 -16.80 23.87
O8 PX4 AA . 10.50 -16.19 22.79
C24 PX4 AA . 11.70 -17.27 24.55
C25 PX4 AA . 11.50 -17.09 26.05
C26 PX4 AA . 12.75 -17.41 26.88
C27 PX4 AA . 12.61 -17.17 28.40
C28 PX4 AA . 12.47 -15.68 28.67
C29 PX4 AA . 12.60 -15.36 30.16
C30 PX4 AA . 11.57 -16.11 31.00
C31 PX4 AA . 11.72 -15.84 32.50
C32 PX4 AA . 13.04 -16.46 32.97
C33 PX4 AA . 13.31 -16.31 34.48
C34 PX4 AA . 14.53 -17.09 35.00
C35 PX4 AA . 14.61 -16.90 36.51
C36 PX4 AA . 16.06 -17.19 36.90
O1 PX4 BA . -3.46 35.48 16.13
O2 PX4 BA . -3.17 38.00 15.79
P1 PX4 BA . -2.90 36.77 16.58
O3 PX4 BA . -1.28 36.79 16.74
C1 PX4 BA . -0.80 35.68 17.48
C2 PX4 BA . 0.71 35.57 17.67
N1 PX4 BA . 1.33 36.51 18.60
C3 PX4 BA . 0.52 36.98 19.73
C4 PX4 BA . 2.56 35.90 19.11
C5 PX4 BA . 1.78 37.60 17.73
O4 PX4 BA . -3.06 36.92 18.16
C6 PX4 BA . -4.43 36.57 18.41
C7 PX4 BA . -4.80 36.62 19.89
C8 PX4 BA . -3.55 36.64 20.77
O5 PX4 BA . -3.72 35.83 21.93
C9 PX4 BA . -2.56 35.57 22.60
O6 PX4 BA . -1.48 35.72 22.03
C10 PX4 BA . -2.73 34.69 23.84
C11 PX4 BA . -1.48 34.56 24.73
C12 PX4 BA . -1.72 34.13 26.18
C13 PX4 BA . -0.40 33.91 26.93
C14 PX4 BA . -0.59 33.43 28.37
C15 PX4 BA . 0.77 33.38 29.07
C16 PX4 BA . 0.59 33.03 30.55
C17 PX4 BA . 1.86 33.55 31.24
C18 PX4 BA . 1.58 34.07 32.65
C19 PX4 BA . 0.60 35.25 32.61
C20 PX4 BA . 0.96 36.45 31.73
C21 PX4 BA . -0.29 37.35 31.77
C22 PX4 BA . 0.19 38.74 31.36
O7 PX4 BA . -5.58 37.78 20.19
C23 PX4 BA . -6.93 37.66 20.19
O8 PX4 BA . -7.39 36.67 19.61
C24 PX4 BA . -7.71 38.46 21.23
C25 PX4 BA . -6.91 38.49 22.54
C26 PX4 BA . -7.51 39.14 23.78
C27 PX4 BA . -6.55 38.98 24.96
C28 PX4 BA . -6.56 37.58 25.55
C29 PX4 BA . -5.56 37.46 26.71
C30 PX4 BA . -5.82 36.17 27.49
C31 PX4 BA . -4.85 36.04 28.65
C32 PX4 BA . -5.14 34.77 29.47
C33 PX4 BA . -4.18 34.58 30.63
C34 PX4 BA . -4.28 33.20 31.29
C35 PX4 BA . -3.44 33.06 32.56
C36 PX4 BA . -3.59 31.60 33.00
O1 PX4 CA . -0.56 26.24 20.15
O2 PX4 CA . 1.53 26.44 18.55
P1 PX4 CA . 0.77 25.82 19.65
O3 PX4 CA . 0.70 24.20 19.61
C1 PX4 CA . 0.23 23.80 20.92
C2 PX4 CA . 0.42 22.34 21.29
N1 PX4 CA . -0.20 21.76 22.49
C3 PX4 CA . -0.07 20.29 22.52
C4 PX4 CA . 0.49 22.32 23.66
C5 PX4 CA . -1.63 22.10 22.55
O4 PX4 CA . 1.68 26.13 20.94
C6 PX4 CA . 1.35 27.42 21.44
C7 PX4 CA . 1.69 27.83 22.87
C8 PX4 CA . 0.94 26.84 23.77
O5 PX4 CA . -0.47 27.04 23.75
C9 PX4 CA . -1.15 26.02 24.33
O6 PX4 CA . -0.61 24.95 24.64
C10 PX4 CA . -2.53 26.54 24.69
C11 PX4 CA . -2.98 26.05 26.06
C12 PX4 CA . -2.53 27.11 27.07
C13 PX4 CA . -2.75 26.71 28.53
C14 PX4 CA . -2.17 27.82 29.40
C15 PX4 CA . -0.67 28.12 29.36
C16 PX4 CA . -0.50 29.18 30.45
C17 PX4 CA . 0.95 29.48 30.81
C18 PX4 CA . 1.59 28.12 31.13
C19 PX4 CA . 3.08 28.23 31.48
C20 PX4 CA . 3.78 26.89 31.66
C21 PX4 CA . 5.30 27.07 31.74
C22 PX4 CA . 5.61 28.23 32.69
O7 PX4 CA . 3.12 27.82 23.03
C23 PX4 CA . 3.83 28.90 22.62
O8 PX4 CA . 3.25 29.87 22.15
C24 PX4 CA . 5.32 28.87 23.00
C25 PX4 CA . 5.65 29.80 24.17
C26 PX4 CA . 7.13 29.64 24.49
C27 PX4 CA . 7.70 30.64 25.51
C28 PX4 CA . 7.75 32.07 24.97
C29 PX4 CA . 8.57 32.93 25.94
C30 PX4 CA . 8.55 34.42 25.58
C31 PX4 CA . 9.62 34.54 24.49
C32 PX4 CA . 9.76 36.01 24.12
C33 PX4 CA . 8.51 36.56 23.42
C34 PX4 CA . 8.67 38.05 23.12
C35 PX4 CA . 9.80 38.19 22.08
C36 PX4 CA . 10.00 39.66 21.67
O1 PX4 DA . 8.28 27.65 21.46
O2 PX4 DA . 6.77 28.69 19.66
P1 PX4 DA . 8.12 28.31 20.14
O3 PX4 DA . 8.77 27.41 18.97
C1 PX4 DA . 10.12 27.48 19.39
C2 PX4 DA . 11.02 26.76 18.38
N1 PX4 DA . 11.25 27.25 17.02
C3 PX4 DA . 11.93 28.55 17.13
C4 PX4 DA . 12.12 26.30 16.30
C5 PX4 DA . 9.97 27.33 16.28
O4 PX4 DA . 8.94 29.69 20.08
C6 PX4 DA . 8.72 30.48 21.25
C7 PX4 DA . 9.38 31.86 21.21
C8 PX4 DA . 8.26 32.89 21.07
O5 PX4 DA . 7.04 32.41 21.64
C9 PX4 DA . 5.92 33.07 21.30
O6 PX4 DA . 6.07 34.00 20.49
C10 PX4 DA . 4.70 32.82 22.20
C11 PX4 DA . 4.03 34.16 22.52
C12 PX4 DA . 2.69 34.10 23.24
C13 PX4 DA . 2.01 35.45 23.45
C14 PX4 DA . 2.93 36.26 24.39
C15 PX4 DA . 2.40 37.62 24.88
C16 PX4 DA . 1.26 37.30 25.83
C17 PX4 DA . 0.51 38.54 26.32
C18 PX4 DA . -0.68 38.08 27.16
C19 PX4 DA . -1.28 39.32 27.83
C20 PX4 DA . -2.31 38.92 28.89
C21 PX4 DA . -3.20 40.08 29.37
C22 PX4 DA . -3.99 39.57 30.57
O7 PX4 DA . 10.29 32.12 22.29
C23 PX4 DA . 11.47 31.44 22.29
O8 PX4 DA . 11.75 30.63 21.42
C24 PX4 DA . 12.22 31.61 23.62
C25 PX4 DA . 12.04 30.34 24.46
C26 PX4 DA . 12.79 30.32 25.79
C27 PX4 DA . 12.49 28.98 26.46
C28 PX4 DA . 13.25 28.87 27.77
C29 PX4 DA . 13.00 27.51 28.43
C30 PX4 DA . 13.78 27.31 29.73
C31 PX4 DA . 13.28 26.06 30.46
C32 PX4 DA . 11.80 26.34 30.76
C33 PX4 DA . 11.27 25.18 31.60
C34 PX4 DA . 9.77 25.21 31.90
C35 PX4 DA . 9.14 23.87 32.28
C36 PX4 DA . 7.61 23.88 32.26
O1 PX4 EA . -24.32 -2.91 18.89
O2 PX4 EA . -22.09 -3.71 19.92
P1 PX4 EA . -23.54 -3.52 20.00
O3 PX4 EA . -24.17 -5.01 20.15
C1 PX4 EA . -23.79 -5.52 21.43
C2 PX4 EA . -24.15 -6.99 21.64
N1 PX4 EA . -23.55 -8.08 20.84
C3 PX4 EA . -23.71 -7.80 19.40
C4 PX4 EA . -22.15 -8.34 21.20
C5 PX4 EA . -24.38 -9.27 21.08
O4 PX4 EA . -24.08 -3.02 21.43
C6 PX4 EA . -23.56 -1.69 21.60
C7 PX4 EA . -23.91 -1.17 23.00
C8 PX4 EA . -24.01 -2.36 23.95
O5 PX4 EA . -25.05 -2.26 24.93
C9 PX4 EA . -25.41 -3.50 25.34
O6 PX4 EA . -25.05 -4.49 24.70
C10 PX4 EA . -26.14 -3.66 26.67
C11 PX4 EA . -25.18 -3.92 27.83
C12 PX4 EA . -25.59 -5.16 28.63
C13 PX4 EA . -27.06 -4.92 28.98
C14 PX4 EA . -27.52 -5.78 30.16
C15 PX4 EA . -26.57 -5.81 31.37
C16 PX4 EA . -27.25 -6.47 32.56
C17 PX4 EA . -28.46 -5.60 32.93
C18 PX4 EA . -29.01 -6.08 34.29
C19 PX4 EA . -27.93 -5.87 35.36
C20 PX4 EA . -28.29 -6.61 36.65
C21 PX4 EA . -27.15 -6.43 37.66
C22 PX4 EA . -26.93 -4.92 37.86
O7 PX4 EA . -22.97 -0.17 23.39
C23 PX4 EA . -23.11 1.03 22.77
O8 PX4 EA . -24.16 1.35 22.22
C24 PX4 EA . -22.02 2.01 23.21
C25 PX4 EA . -22.54 3.36 23.70
C26 PX4 EA . -21.66 3.93 24.80
C27 PX4 EA . -22.32 5.20 25.35
C28 PX4 EA . -21.65 5.88 26.54
C29 PX4 EA . -22.33 5.35 27.82
C30 PX4 EA . -21.97 6.09 29.10
C31 PX4 EA . -21.84 5.25 30.38
C32 PX4 EA . -21.37 6.16 31.51
C33 PX4 EA . -21.62 5.67 32.94
C34 PX4 EA . -21.09 6.63 34.01
C35 PX4 EA . -21.31 6.14 35.44
C36 PX4 EA . -21.08 7.26 36.46
O1 PX4 FA . -9.31 -9.36 24.72
O2 PX4 FA . -8.60 -9.74 22.20
P1 PX4 FA . -9.52 -9.90 23.35
O3 PX4 FA . -10.82 -9.20 22.72
C1 PX4 FA . -10.37 -7.86 22.48
C2 PX4 FA . -11.26 -7.08 21.52
N1 PX4 FA . -11.13 -7.35 20.08
C3 PX4 FA . -11.92 -8.57 19.88
C4 PX4 FA . -11.76 -6.34 19.23
C5 PX4 FA . -9.73 -7.57 19.71
O4 PX4 FA . -10.28 -11.31 23.31
C6 PX4 FA . -11.10 -11.56 24.46
C7 PX4 FA . -12.33 -12.32 23.94
C8 PX4 FA . -11.93 -13.78 23.80
O5 PX4 FA . -11.21 -14.41 24.87
C9 PX4 FA . -11.72 -15.60 25.29
O6 PX4 FA . -12.83 -15.93 24.88
C10 PX4 FA . -11.11 -16.33 26.49
C11 PX4 FA . -11.91 -17.54 26.98
C12 PX4 FA . -11.10 -18.23 28.07
C13 PX4 FA . -11.55 -19.63 28.49
C14 PX4 FA . -10.77 -19.98 29.77
C15 PX4 FA . -9.27 -19.92 29.55
C16 PX4 FA . -8.59 -20.00 30.92
C17 PX4 FA . -7.07 -19.82 30.92
C18 PX4 FA . -6.66 -20.02 32.37
C19 PX4 FA . -5.15 -20.00 32.62
C20 PX4 FA . -4.91 -20.18 34.12
C21 PX4 FA . -3.47 -19.71 34.38
C22 PX4 FA . -3.13 -19.37 35.82
O7 PX4 FA . -13.46 -12.06 24.77
C23 PX4 FA . -14.73 -12.41 24.40
O8 PX4 FA . -15.04 -12.60 23.22
C24 PX4 FA . -15.72 -12.24 25.55
C25 PX4 FA . -15.98 -13.56 26.27
C26 PX4 FA . -14.87 -14.00 27.23
C27 PX4 FA . -15.51 -15.13 28.05
C28 PX4 FA . -14.51 -15.71 29.05
C29 PX4 FA . -15.05 -16.70 30.09
C30 PX4 FA . -13.81 -17.10 30.89
C31 PX4 FA . -14.15 -18.22 31.87
C32 PX4 FA . -13.02 -18.85 32.70
C33 PX4 FA . -13.61 -19.96 33.56
C34 PX4 FA . -12.49 -20.55 34.44
C35 PX4 FA . -13.12 -21.65 35.28
C36 PX4 FA . -12.04 -22.13 36.25
O1 PX4 GA . -2.10 -10.30 24.54
O2 PX4 GA . -4.17 -11.18 23.23
P1 PX4 GA . -3.45 -10.89 24.50
O3 PX4 GA . -4.30 -9.59 24.93
C1 PX4 GA . -5.64 -9.64 24.47
C2 PX4 GA . -6.27 -8.26 24.42
N1 PX4 GA . -6.48 -7.44 25.63
C3 PX4 GA . -7.31 -6.29 25.23
C4 PX4 GA . -7.26 -8.19 26.64
C5 PX4 GA . -5.21 -6.97 26.18
O4 PX4 GA . -3.77 -11.68 25.88
C6 PX4 GA . -3.28 -10.84 26.94
C7 PX4 GA . -4.44 -10.42 27.85
C8 PX4 GA . -5.31 -11.67 28.05
O5 PX4 GA . -6.72 -11.43 28.12
C9 PX4 GA . -7.44 -11.85 27.05
O6 PX4 GA . -6.90 -11.98 25.95
C10 PX4 GA . -8.95 -11.69 27.27
C11 PX4 GA . -9.47 -13.03 27.75
C12 PX4 GA . -9.61 -13.11 29.27
C13 PX4 GA . -10.11 -14.52 29.61
C14 PX4 GA . -9.31 -15.10 30.78
C15 PX4 GA . -9.94 -16.40 31.29
C16 PX4 GA . -9.11 -16.94 32.47
C17 PX4 GA . -8.96 -15.97 33.64
C18 PX4 GA . -9.01 -16.58 35.04
C19 PX4 GA . -7.61 -16.72 35.63
C20 PX4 GA . -7.47 -17.24 37.07
C21 PX4 GA . -7.91 -18.69 37.22
C22 PX4 GA . -7.49 -19.27 38.58
O7 PX4 GA . -3.96 -9.79 29.05
C23 PX4 GA . -4.90 -9.16 29.80
O8 PX4 GA . -5.83 -8.64 29.19
C24 PX4 GA . -4.46 -8.76 31.20
C25 PX4 GA . -5.47 -9.02 32.33
C26 PX4 GA . -4.65 -8.95 33.62
C27 PX4 GA . -3.96 -7.60 33.86
C28 PX4 GA . -3.29 -7.51 35.22
C29 PX4 GA . -2.03 -6.63 35.23
C30 PX4 GA . -1.60 -6.34 36.67
C31 PX4 GA . -0.28 -5.60 36.84
C32 PX4 GA . -0.60 -4.21 36.28
C33 PX4 GA . 0.56 -3.22 36.45
C34 PX4 GA . 0.14 -1.78 36.20
C35 PX4 GA . 1.43 -1.00 36.33
C36 PX4 GA . 2.03 -1.23 37.72
O1 PX4 HA . -11.09 -26.03 19.57
O2 PX4 HA . -13.06 -24.52 18.69
P1 PX4 HA . -11.97 -24.81 19.64
O3 PX4 HA . -11.08 -23.48 19.47
C1 PX4 HA . -11.96 -22.36 19.58
C2 PX4 HA . -11.32 -20.99 19.41
N1 PX4 HA . -12.24 -19.93 18.92
C3 PX4 HA . -11.52 -18.65 19.04
C4 PX4 HA . -12.42 -20.14 17.47
C5 PX4 HA . -13.50 -19.85 19.64
O4 PX4 HA . -12.43 -24.68 21.18
C6 PX4 HA . -11.42 -24.62 22.18
C7 PX4 HA . -11.70 -24.98 23.63
C8 PX4 HA . -13.15 -24.57 23.92
O5 PX4 HA . -13.22 -23.23 24.43
C9 PX4 HA . -14.30 -23.07 25.23
O6 PX4 HA . -15.11 -23.99 25.33
C10 PX4 HA . -14.62 -21.69 25.81
C11 PX4 HA . -15.28 -21.82 27.18
C12 PX4 HA . -15.63 -20.47 27.82
C13 PX4 HA . -15.95 -20.61 29.31
C14 PX4 HA . -17.19 -21.46 29.57
C15 PX4 HA . -17.66 -21.33 31.03
C16 PX4 HA . -18.74 -22.41 31.26
C17 PX4 HA . -19.27 -22.14 32.66
C18 PX4 HA . -20.42 -23.11 32.97
C19 PX4 HA . -19.96 -24.56 33.07
C20 PX4 HA . -21.13 -25.53 33.19
C21 PX4 HA . -21.90 -25.30 34.51
C22 PX4 HA . -23.02 -26.33 34.70
O7 PX4 HA . -11.54 -26.39 23.92
C23 PX4 HA . -10.36 -27.07 23.82
O8 PX4 HA . -9.45 -26.49 23.22
C24 PX4 HA . -10.39 -28.50 24.37
C25 PX4 HA . -9.79 -28.43 25.77
C26 PX4 HA . -9.62 -29.88 26.27
C27 PX4 HA . -8.77 -29.75 27.55
C28 PX4 HA . -8.37 -31.10 28.15
C29 PX4 HA . -7.26 -30.97 29.21
C30 PX4 HA . -7.80 -30.28 30.46
C31 PX4 HA . -6.77 -30.22 31.58
C32 PX4 HA . -7.27 -29.37 32.76
C33 PX4 HA . -6.21 -29.21 33.84
C34 PX4 HA . -6.89 -28.61 35.07
C35 PX4 HA . -5.81 -28.53 36.17
C36 PX4 HA . -6.31 -27.78 37.41
O1 PX4 IA . 0.85 -14.44 16.90
O2 PX4 IA . 3.24 -14.64 17.60
P1 PX4 IA . 1.82 -14.65 18.01
O3 PX4 IA . 1.50 -16.12 18.61
C1 PX4 IA . 0.29 -16.04 19.37
C2 PX4 IA . 0.00 -17.25 20.26
N1 PX4 IA . 1.00 -17.73 21.22
C3 PX4 IA . 1.69 -16.68 21.99
C4 PX4 IA . 0.38 -18.64 22.19
C5 PX4 IA . 1.94 -18.58 20.46
O4 PX4 IA . 1.36 -13.62 19.16
C6 PX4 IA . 1.99 -12.35 19.00
C7 PX4 IA . 1.83 -11.43 20.22
C8 PX4 IA . 1.57 -12.38 21.38
O5 PX4 IA . 1.09 -11.71 22.55
C9 PX4 IA . 0.99 -12.49 23.66
O6 PX4 IA . 0.99 -13.72 23.54
C10 PX4 IA . 0.62 -11.96 25.05
C11 PX4 IA . 1.45 -10.70 25.36
C12 PX4 IA . 0.93 -10.10 26.67
C13 PX4 IA . 1.29 -8.67 27.03
C14 PX4 IA . 0.70 -8.24 28.39
C15 PX4 IA . 1.05 -6.80 28.75
C16 PX4 IA . 0.31 -5.96 27.72
C17 PX4 IA . -1.20 -6.08 27.93
C18 PX4 IA . -1.59 -5.40 29.24
C19 PX4 IA . -3.06 -5.55 29.66
C20 PX4 IA . -3.25 -4.80 30.97
C21 PX4 IA . -4.73 -4.53 31.25
C22 PX4 IA . -5.41 -3.76 30.11
O7 PX4 IA . 2.82 -10.41 20.38
C23 PX4 IA . 2.37 -9.13 20.37
O8 PX4 IA . 1.19 -8.88 20.15
C24 PX4 IA . 3.37 -7.98 20.60
C25 PX4 IA . 3.17 -7.25 21.93
C26 PX4 IA . 4.13 -7.89 22.93
C27 PX4 IA . 4.22 -6.92 24.11
C28 PX4 IA . 2.82 -6.41 24.43
C29 PX4 IA . 2.83 -5.27 25.45
C30 PX4 IA . 3.58 -3.98 25.13
C31 PX4 IA . 3.63 -2.88 26.19
C32 PX4 IA . 4.25 -3.40 27.49
C33 PX4 IA . 4.15 -2.27 28.53
C34 PX4 IA . 4.75 -2.71 29.87
C35 PX4 IA . 4.47 -1.69 30.97
C36 PX4 IA . 5.31 -2.05 32.20
O1 PX4 JA . -30.66 -6.20 20.64
O2 PX4 JA . -33.06 -7.09 21.23
P1 PX4 JA . -31.95 -6.14 21.36
O3 PX4 JA . -32.90 -4.97 20.77
C1 PX4 JA . -32.92 -4.89 19.34
C2 PX4 JA . -33.67 -3.71 18.73
N1 PX4 JA . -35.08 -3.36 18.90
C3 PX4 JA . -35.54 -2.61 17.73
C4 PX4 JA . -35.91 -4.56 18.94
C5 PX4 JA . -35.20 -2.53 20.12
O4 PX4 JA . -31.87 -5.50 22.83
C6 PX4 JA . -33.17 -5.51 23.42
C7 PX4 JA . -33.38 -4.81 24.77
C8 PX4 JA . -32.13 -3.94 24.85
O5 PX4 JA . -31.86 -3.37 26.13
C9 PX4 JA . -30.70 -2.71 26.35
O6 PX4 JA . -29.94 -2.54 25.41
C10 PX4 JA . -30.62 -1.81 27.59
C11 PX4 JA . -29.35 -2.12 28.40
C12 PX4 JA . -28.87 -0.93 29.26
C13 PX4 JA . -27.62 -1.14 30.09
C14 PX4 JA . -27.49 0.17 30.88
C15 PX4 JA . -26.33 0.06 31.87
C16 PX4 JA . -26.52 -1.06 32.88
C17 PX4 JA . -26.48 -0.60 34.34
C18 PX4 JA . -26.57 -1.79 35.29
C19 PX4 JA . -26.04 -1.29 36.64
C20 PX4 JA . -26.89 -0.18 37.24
C21 PX4 JA . -26.36 -0.04 38.67
C22 PX4 JA . -27.00 1.12 39.45
O7 PX4 JA . -34.60 -4.13 25.03
C23 PX4 JA . -35.75 -4.81 25.25
O8 PX4 JA . -35.82 -6.03 25.15
C24 PX4 JA . -37.02 -4.01 25.57
C25 PX4 JA . -37.17 -3.69 27.06
C26 PX4 JA . -37.24 -4.89 28.01
C27 PX4 JA . -37.51 -4.16 29.33
C28 PX4 JA . -37.69 -5.28 30.36
C29 PX4 JA . -37.99 -4.73 31.76
C30 PX4 JA . -38.65 -5.88 32.54
C31 PX4 JA . -40.17 -5.64 32.56
C32 PX4 JA . -40.95 -6.81 33.16
C33 PX4 JA . -42.38 -6.33 33.12
C34 PX4 JA . -43.21 -7.41 33.81
C35 PX4 JA . -42.81 -7.48 35.28
C36 PX4 JA . -43.65 -8.46 36.08
O1 PX4 KA . -23.65 -12.21 22.43
O2 PX4 KA . -24.08 -14.51 23.58
P1 PX4 KA . -24.44 -13.10 23.32
O3 PX4 KA . -25.58 -13.33 22.19
C1 PX4 KA . -25.00 -14.25 21.25
C2 PX4 KA . -26.02 -15.24 20.69
N1 PX4 KA . -26.61 -16.28 21.56
C3 PX4 KA . -27.34 -17.12 20.61
C4 PX4 KA . -25.58 -17.19 22.09
C5 PX4 KA . -27.61 -15.95 22.57
O4 PX4 KA . -25.62 -12.45 24.19
C6 PX4 KA . -25.33 -12.65 25.58
C7 PX4 KA . -26.11 -13.80 26.24
C8 PX4 KA . -25.10 -14.84 26.70
O5 PX4 KA . -23.82 -14.19 26.88
C9 PX4 KA . -22.83 -15.02 27.29
O6 PX4 KA . -22.82 -16.20 26.95
C10 PX4 KA . -21.54 -14.27 27.65
C11 PX4 KA . -21.72 -13.10 28.62
C12 PX4 KA . -20.45 -13.07 29.46
C13 PX4 KA . -20.38 -12.02 30.58
C14 PX4 KA . -21.23 -12.59 31.72
C15 PX4 KA . -21.08 -11.68 32.93
C16 PX4 KA . -21.89 -12.23 34.11
C17 PX4 KA . -21.45 -11.46 35.36
C18 PX4 KA . -22.52 -11.70 36.43
C19 PX4 KA . -23.97 -11.37 36.10
C20 PX4 KA . -24.91 -12.07 37.08
C21 PX4 KA . -24.66 -13.58 36.96
C22 PX4 KA . -25.28 -14.29 38.15
O7 PX4 KA . -27.00 -13.33 27.25
C23 PX4 KA . -28.36 -13.39 27.09
O8 PX4 KA . -28.85 -13.74 26.03
C24 PX4 KA . -29.22 -12.97 28.28
C25 PX4 KA . -29.34 -11.44 28.35
C26 PX4 KA . -30.15 -11.02 29.57
C27 PX4 KA . -30.02 -9.51 29.81
C28 PX4 KA . -30.76 -9.30 31.14
C29 PX4 KA . -29.82 -9.54 32.32
C30 PX4 KA . -30.66 -9.34 33.59
C31 PX4 KA . -29.85 -9.67 34.84
C32 PX4 KA . -30.73 -10.16 35.99
C33 PX4 KA . -29.94 -10.82 37.11
C34 PX4 KA . -30.81 -11.23 38.29
C35 PX4 KA . -30.09 -12.32 39.11
C36 PX4 KA . -29.80 -13.59 38.32
O1 PX4 LA . -23.51 7.95 18.22
O2 PX4 LA . -24.40 5.64 17.59
P1 PX4 LA . -23.85 6.56 18.60
O3 PX4 LA . -24.95 6.78 19.75
C1 PX4 LA . -25.73 5.59 19.92
C2 PX4 LA . -26.82 5.79 20.96
N1 PX4 LA . -27.28 4.56 21.61
C3 PX4 LA . -28.08 3.63 20.78
C4 PX4 LA . -26.15 3.81 22.17
C5 PX4 LA . -28.11 4.80 22.80
O4 PX4 LA . -22.84 5.97 19.71
C6 PX4 LA . -21.95 7.01 20.15
C7 PX4 LA . -21.60 7.15 21.64
C8 PX4 LA . -22.99 6.82 22.20
O5 PX4 LA . -23.52 7.79 23.10
C9 PX4 LA . -24.77 7.59 23.58
O6 PX4 LA . -25.26 6.48 23.41
C10 PX4 LA . -25.29 8.61 24.60
C11 PX4 LA . -25.79 7.85 25.84
C12 PX4 LA . -27.21 7.32 25.62
C13 PX4 LA . -27.77 6.70 26.89
C14 PX4 LA . -26.85 5.57 27.34
C15 PX4 LA . -27.71 4.73 28.28
C16 PX4 LA . -26.90 3.64 28.97
C17 PX4 LA . -26.12 4.01 30.24
C18 PX4 LA . -26.94 4.81 31.24
C19 PX4 LA . -26.21 4.81 32.58
C20 PX4 LA . -27.19 5.16 33.72
C21 PX4 LA . -26.48 5.08 35.06
C22 PX4 LA . -27.08 5.90 36.23
O7 PX4 LA . -20.51 6.41 22.18
C23 PX4 LA . -19.22 6.81 21.92
O8 PX4 LA . -19.10 7.73 21.12
C24 PX4 LA . -18.16 6.17 22.82
C25 PX4 LA . -18.66 5.75 24.21
C26 PX4 LA . -17.60 5.12 25.12
C27 PX4 LA . -18.06 5.14 26.58
C28 PX4 LA . -17.15 4.20 27.39
C29 PX4 LA . -17.65 4.27 28.82
C30 PX4 LA . -17.46 5.70 29.33
C31 PX4 LA . -17.57 5.73 30.86
C32 PX4 LA . -17.04 7.06 31.33
C33 PX4 LA . -17.37 7.19 32.82
C34 PX4 LA . -16.69 8.40 33.46
C35 PX4 LA . -16.97 8.27 34.96
C36 PX4 LA . -16.37 9.47 35.69
O1 PX4 MA . -14.72 0.53 16.07
O2 PX4 MA . -16.14 -0.16 18.15
P1 PX4 MA . -15.43 0.85 17.34
O3 PX4 MA . -16.50 2.00 16.97
C1 PX4 MA . -17.81 1.68 17.45
C2 PX4 MA . -18.75 2.90 17.46
N1 PX4 MA . -20.10 2.80 18.00
C3 PX4 MA . -21.07 2.71 16.90
C4 PX4 MA . -20.33 1.70 18.95
C5 PX4 MA . -20.37 4.03 18.77
O4 PX4 MA . -14.46 1.76 18.24
C6 PX4 MA . -14.53 1.43 19.64
C7 PX4 MA . -14.11 2.40 20.74
C8 PX4 MA . -15.32 2.84 21.55
O5 PX4 MA . -16.26 1.78 21.80
C9 PX4 MA . -17.53 2.14 22.14
O6 PX4 MA . -17.96 3.17 21.63
C10 PX4 MA . -18.39 1.08 22.83
C11 PX4 MA . -18.25 1.06 24.35
C12 PX4 MA . -19.19 -0.05 24.82
C13 PX4 MA . -19.33 -0.15 26.34
C14 PX4 MA . -17.98 -0.13 27.06
C15 PX4 MA . -18.08 -0.31 28.58
C16 PX4 MA . -16.72 -0.22 29.26
C17 PX4 MA . -16.85 -0.44 30.77
C18 PX4 MA . -17.13 0.76 31.68
C19 PX4 MA . -17.31 0.28 33.11
C20 PX4 MA . -18.51 -0.62 33.40
C21 PX4 MA . -18.69 -0.74 34.91
C22 PX4 MA . -18.63 0.54 35.74
O7 PX4 MA . -13.15 1.85 21.63
C23 PX4 MA . -11.86 2.29 21.75
O8 PX4 MA . -11.41 3.13 20.96
C24 PX4 MA . -10.92 1.56 22.69
C25 PX4 MA . -10.31 2.62 23.61
C26 PX4 MA . -9.43 1.98 24.70
C27 PX4 MA . -8.83 3.14 25.48
C28 PX4 MA . -8.44 2.81 26.92
C29 PX4 MA . -8.00 4.07 27.67
C30 PX4 MA . -7.67 3.88 29.15
C31 PX4 MA . -7.22 5.25 29.65
C32 PX4 MA . -6.65 5.15 31.06
C33 PX4 MA . -7.57 4.42 32.04
C34 PX4 MA . -6.98 4.56 33.44
C35 PX4 MA . -7.80 3.56 34.27
C36 PX4 MA . -8.95 4.26 34.98
O1 PX4 NA . -21.08 -17.87 20.53
O2 PX4 NA . -22.25 -15.91 19.33
P1 PX4 NA . -21.30 -16.43 20.34
O3 PX4 NA . -19.89 -16.08 19.65
C1 PX4 NA . -19.99 -16.37 18.27
C2 PX4 NA . -18.88 -15.95 17.31
N1 PX4 NA . -18.25 -14.62 17.39
C3 PX4 NA . -17.75 -14.42 16.03
C4 PX4 NA . -19.17 -13.52 17.73
C5 PX4 NA . -17.14 -14.52 18.36
O4 PX4 NA . -21.14 -15.52 21.66
C6 PX4 NA . -20.02 -16.10 22.33
C7 PX4 NA . -19.43 -15.06 23.27
C8 PX4 NA . -20.35 -13.82 23.26
O5 PX4 NA . -19.73 -12.59 23.62
C9 PX4 NA . -20.40 -11.72 24.42
O6 PX4 NA . -21.61 -11.76 24.68
C10 PX4 NA . -19.52 -10.57 24.94
C11 PX4 NA . -19.22 -10.83 26.41
C12 PX4 NA . -18.40 -9.68 27.01
C13 PX4 NA . -17.88 -9.85 28.45
C14 PX4 NA . -16.80 -8.82 28.76
C15 PX4 NA . -15.98 -9.03 30.03
C16 PX4 NA . -15.38 -10.42 30.12
C17 PX4 NA . -14.33 -10.54 31.23
C18 PX4 NA . -13.58 -11.88 31.28
C19 PX4 NA . -12.45 -11.78 32.29
C20 PX4 NA . -12.92 -12.01 33.73
C21 PX4 NA . -11.81 -11.77 34.76
C22 PX4 NA . -10.69 -12.75 34.46
O7 PX4 NA . -19.12 -15.47 24.60
C23 PX4 NA . -18.41 -16.61 24.84
O8 PX4 NA . -17.75 -17.11 23.92
C24 PX4 NA . -18.20 -17.07 26.28
C25 PX4 NA . -19.36 -18.05 26.56
C26 PX4 NA . -19.21 -18.59 27.99
C27 PX4 NA . -19.35 -17.43 28.98
C28 PX4 NA . -19.26 -17.93 30.43
C29 PX4 NA . -19.26 -16.75 31.42
C30 PX4 NA . -18.73 -17.21 32.78
C31 PX4 NA . -18.73 -15.87 33.55
C32 PX4 NA . -17.88 -14.81 32.86
C33 PX4 NA . -17.77 -13.63 33.85
C34 PX4 NA . -17.01 -12.40 33.37
C35 PX4 NA . -17.23 -11.34 34.44
C36 PX4 NA . -16.89 -11.80 35.86
O1 PX4 OA . -8.60 -18.80 21.66
O2 PX4 OA . -11.03 -18.94 22.48
P1 PX4 OA . -9.65 -18.43 22.63
O3 PX4 OA . -9.70 -16.82 22.70
C1 PX4 OA . -8.52 -16.20 23.23
C2 PX4 OA . -8.33 -14.76 22.73
N1 PX4 OA . -6.96 -14.25 22.60
C3 PX4 OA . -7.01 -12.81 22.31
C4 PX4 OA . -6.24 -14.50 23.86
C5 PX4 OA . -6.31 -14.95 21.50
O4 PX4 OA . -9.13 -18.51 24.16
C6 PX4 OA . -8.11 -19.50 24.18
C7 PX4 OA . -7.87 -19.95 25.64
C8 PX4 OA . -8.12 -18.74 26.54
O5 PX4 OA . -6.92 -18.10 26.96
C9 PX4 OA . -7.04 -16.77 27.25
O6 PX4 OA . -7.87 -16.07 26.69
C10 PX4 OA . -5.79 -16.23 27.96
C11 PX4 OA . -5.67 -16.97 29.30
C12 PX4 OA . -4.73 -16.30 30.29
C13 PX4 OA . -5.17 -14.88 30.65
C14 PX4 OA . -4.24 -14.29 31.70
C15 PX4 OA . -4.74 -12.93 32.23
C16 PX4 OA . -5.98 -13.07 33.11
C17 PX4 OA . -5.52 -13.15 34.57
C18 PX4 OA . -6.80 -13.35 35.38
C19 PX4 OA . -6.59 -13.25 36.89
C20 PX4 OA . -7.92 -13.39 37.63
C21 PX4 OA . -7.56 -13.30 39.11
C22 PX4 OA . -8.82 -13.46 39.97
O7 PX4 OA . -8.64 -21.07 26.05
C23 PX4 OA . -8.27 -22.36 25.77
O8 PX4 OA . -7.50 -22.54 24.82
C24 PX4 OA . -8.89 -23.55 26.49
C25 PX4 OA . -7.96 -24.37 27.39
C26 PX4 OA . -8.68 -25.52 28.11
C27 PX4 OA . -7.62 -26.44 28.74
C28 PX4 OA . -6.84 -25.49 29.67
C29 PX4 OA . -6.24 -26.40 30.75
C30 PX4 OA . -5.85 -25.50 31.93
C31 PX4 OA . -4.87 -24.40 31.54
C32 PX4 OA . -4.28 -23.69 32.77
C33 PX4 OA . -3.55 -24.57 33.79
C34 PX4 OA . -3.04 -23.62 34.88
C35 PX4 OA . -2.23 -24.32 35.98
C36 PX4 OA . -1.93 -23.35 37.14
O1 PX4 PA . -8.15 -30.93 23.07
O2 PX4 PA . -6.10 -29.87 21.87
P1 PX4 PA . -6.69 -30.78 22.88
O3 PX4 PA . -5.88 -32.18 22.90
C1 PX4 PA . -4.48 -31.94 22.67
C2 PX4 PA . -3.91 -33.33 22.42
N1 PX4 PA . -2.45 -33.36 22.28
C3 PX4 PA . -2.04 -34.75 22.00
C4 PX4 PA . -1.89 -32.59 21.16
C5 PX4 PA . -1.77 -33.00 23.54
O4 PX4 PA . -6.05 -30.12 24.19
C6 PX4 PA . -6.42 -28.77 24.45
C7 PX4 PA . -5.86 -28.39 25.84
C8 PX4 PA . -4.75 -29.31 26.33
O5 PX4 PA . -4.51 -29.18 27.72
C9 PX4 PA . -3.24 -28.84 28.10
O6 PX4 PA . -2.23 -29.11 27.46
C10 PX4 PA . -3.22 -28.51 29.60
C11 PX4 PA . -2.01 -29.06 30.36
C12 PX4 PA . -2.09 -28.62 31.82
C13 PX4 PA . -0.89 -28.92 32.74
C14 PX4 PA . -1.18 -28.22 34.07
C15 PX4 PA . 0.00 -28.36 35.03
C16 PX4 PA . 1.21 -27.55 34.54
C17 PX4 PA . 2.24 -27.31 35.65
C18 PX4 PA . 3.61 -26.80 35.23
C19 PX4 PA . 4.50 -26.46 36.43
C20 PX4 PA . 5.91 -26.12 35.93
C21 PX4 PA . 6.92 -25.81 37.02
C22 PX4 PA . 7.87 -24.76 36.45
O7 PX4 PA . -5.70 -26.98 26.02
C23 PX4 PA . -4.84 -26.20 25.31
O8 PX4 PA . -4.18 -26.57 24.33
C24 PX4 PA . -5.06 -24.70 25.43
C25 PX4 PA . -4.33 -24.00 26.57
C26 PX4 PA . -4.65 -22.50 26.54
C27 PX4 PA . -3.63 -21.77 27.42
C28 PX4 PA . -4.16 -20.35 27.63
C29 PX4 PA . -3.12 -19.62 28.47
C30 PX4 PA . -2.70 -20.36 29.73
C31 PX4 PA . -1.97 -19.57 30.83
C32 PX4 PA . -0.96 -18.58 30.25
C33 PX4 PA . -0.14 -17.94 31.38
C34 PX4 PA . -1.06 -16.91 32.05
C35 PX4 PA . -0.33 -16.14 33.13
C36 PX4 PA . -1.31 -15.07 33.63
O1 PX4 QA . 8.81 -27.40 18.01
O2 PX4 QA . 11.17 -28.41 18.08
P1 PX4 QA . 9.84 -28.22 18.70
O3 PX4 QA . 9.24 -29.71 18.70
C1 PX4 QA . 9.31 -30.48 17.50
C2 PX4 QA . 8.82 -31.92 17.61
N1 PX4 QA . 9.61 -32.80 18.48
C3 PX4 QA . 9.12 -34.18 18.31
C4 PX4 QA . 11.03 -32.85 18.09
C5 PX4 QA . 9.52 -32.62 19.94
O4 PX4 QA . 10.15 -27.93 20.26
C6 PX4 QA . 10.82 -28.95 20.99
C7 PX4 QA . 10.70 -28.70 22.48
C8 PX4 QA . 9.28 -28.15 22.62
O5 PX4 QA . 9.21 -27.04 23.50
C9 PX4 QA . 7.99 -26.45 23.62
O6 PX4 QA . 6.98 -26.51 22.92
C10 PX4 QA . 7.98 -25.50 24.82
C11 PX4 QA . 8.69 -26.03 26.08
C12 PX4 QA . 8.24 -25.23 27.30
C13 PX4 QA . 9.40 -25.02 28.28
C14 PX4 QA . 8.96 -24.50 29.65
C15 PX4 QA . 10.08 -24.04 30.57
C16 PX4 QA . 9.80 -23.71 32.04
C17 PX4 QA . 11.08 -23.30 32.78
C18 PX4 QA . 11.02 -23.06 34.30
C19 PX4 QA . 12.14 -22.09 34.67
C20 PX4 QA . 12.30 -21.95 36.19
C21 PX4 QA . 13.49 -21.01 36.38
C22 PX4 QA . 13.74 -20.86 37.89
O7 PX4 QA . 10.97 -29.83 23.31
C23 PX4 QA . 12.24 -30.17 23.68
O8 PX4 QA . 13.05 -30.13 22.77
C24 PX4 QA . 12.30 -31.08 24.91
C25 PX4 QA . 12.22 -30.24 26.19
C26 PX4 QA . 12.27 -31.08 27.47
C27 PX4 QA . 13.65 -31.72 27.57
C28 PX4 QA . 14.00 -32.17 29.00
C29 PX4 QA . 14.25 -30.93 29.85
C30 PX4 QA . 14.50 -31.19 31.34
C31 PX4 QA . 13.38 -32.07 31.93
C32 PX4 QA . 13.39 -32.21 33.45
C33 PX4 QA . 14.60 -33.07 33.84
C34 PX4 QA . 14.73 -33.21 35.36
C35 PX4 QA . 15.89 -34.21 35.57
C36 PX4 QA . 16.09 -34.33 37.09
O1 PX4 RA . -32.78 -1.71 22.50
O2 PX4 RA . -32.44 -0.34 20.32
P1 PX4 RA . -32.00 -0.77 21.67
O3 PX4 RA . -30.61 -1.57 21.56
C1 PX4 RA . -30.68 -2.95 21.15
C2 PX4 RA . -29.32 -3.57 20.87
N1 PX4 RA . -28.34 -3.70 21.94
C3 PX4 RA . -28.91 -4.26 23.16
C4 PX4 RA . -27.31 -4.65 21.47
C5 PX4 RA . -27.75 -2.38 22.24
O4 PX4 RA . -31.64 0.56 22.51
C6 PX4 RA . -31.12 0.19 23.79
C7 PX4 RA . -30.68 1.35 24.69
C8 PX4 RA . -31.96 1.87 25.35
O5 PX4 RA . -32.78 0.75 25.70
C9 PX4 RA . -34.09 0.80 26.06
O6 PX4 RA . -34.61 1.92 26.03
C10 PX4 RA . -34.67 -0.39 26.82
C11 PX4 RA . -34.52 -0.20 28.32
C12 PX4 RA . -35.37 -1.05 29.27
C13 PX4 RA . -35.11 -0.74 30.75
C14 PX4 RA . -35.86 -1.77 31.61
C15 PX4 RA . -35.69 -1.40 33.08
C16 PX4 RA . -36.29 -2.52 33.94
C17 PX4 RA . -35.95 -2.26 35.40
C18 PX4 RA . -36.64 -3.36 36.18
C19 PX4 RA . -36.31 -3.30 37.68
C20 PX4 RA . -34.83 -3.61 37.91
C21 PX4 RA . -34.43 -3.67 39.38
C22 PX4 RA . -34.40 -2.23 39.90
O7 PX4 RA . -29.55 1.00 25.49
C23 PX4 RA . -28.29 0.95 24.97
O8 PX4 RA . -28.11 1.42 23.85
C24 PX4 RA . -27.14 0.86 25.98
C25 PX4 RA . -25.99 1.81 25.62
C26 PX4 RA . -25.04 1.66 26.81
C27 PX4 RA . -24.38 0.28 26.65
C28 PX4 RA . -23.53 0.11 27.90
C29 PX4 RA . -22.56 1.27 28.13
C30 PX4 RA . -21.80 1.08 29.44
C31 PX4 RA . -22.62 1.54 30.64
C32 PX4 RA . -21.78 1.64 31.92
C33 PX4 RA . -22.74 1.78 33.11
C34 PX4 RA . -22.04 1.66 34.47
C35 PX4 RA . -23.04 1.75 35.65
C36 PX4 RA . -22.51 1.19 36.97
O1 PX4 SA . -30.79 -11.29 21.38
O2 PX4 SA . -32.09 -12.93 22.96
P1 PX4 SA . -31.74 -11.59 22.48
O3 PX4 SA . -33.08 -11.01 21.81
C1 PX4 SA . -34.25 -11.37 22.55
C2 PX4 SA . -35.57 -11.56 21.80
N1 PX4 SA . -35.72 -12.73 20.91
C3 PX4 SA . -35.20 -12.41 19.57
C4 PX4 SA . -35.17 -14.01 21.38
C5 PX4 SA . -37.18 -12.89 20.82
O4 PX4 SA . -31.99 -10.65 23.75
C6 PX4 SA . -30.97 -9.64 23.65
C7 PX4 SA . -30.71 -8.77 24.87
C8 PX4 SA . -31.66 -9.21 25.98
O5 PX4 SA . -32.56 -8.18 26.37
C9 PX4 SA . -33.42 -8.55 27.36
O6 PX4 SA . -33.37 -9.68 27.84
C10 PX4 SA . -34.35 -7.44 27.87
C11 PX4 SA . -33.70 -6.06 27.91
C12 PX4 SA . -32.78 -5.93 29.13
C13 PX4 SA . -32.61 -4.47 29.52
C14 PX4 SA . -31.91 -4.40 30.88
C15 PX4 SA . -31.55 -2.95 31.23
C16 PX4 SA . -31.27 -2.83 32.73
C17 PX4 SA . -30.82 -1.41 33.09
C18 PX4 SA . -30.51 -1.44 34.60
C19 PX4 SA . -31.76 -1.76 35.43
C20 PX4 SA . -31.57 -1.39 36.89
C21 PX4 SA . -30.47 -2.26 37.50
C22 PX4 SA . -30.05 -2.17 38.97
O7 PX4 SA . -29.33 -8.74 25.26
C23 PX4 SA . -28.47 -7.91 24.62
O8 PX4 SA . -28.79 -7.39 23.55
C24 PX4 SA . -26.99 -7.91 24.98
C25 PX4 SA . -26.39 -9.24 24.54
C26 PX4 SA . -24.92 -9.32 25.00
C27 PX4 SA . -24.73 -8.95 26.46
C28 PX4 SA . -23.26 -8.63 26.78
C29 PX4 SA . -22.94 -8.32 28.24
C30 PX4 SA . -21.45 -8.27 28.58
C31 PX4 SA . -21.20 -7.93 30.05
C32 PX4 SA . -21.84 -6.60 30.44
C33 PX4 SA . -22.01 -6.49 31.95
C34 PX4 SA . -23.05 -7.55 32.34
C35 PX4 SA . -23.32 -7.46 33.85
C36 PX4 SA . -24.50 -8.33 34.27
O1 PX4 TA . -10.24 11.29 13.27
O2 PX4 TA . -12.66 10.31 12.95
P1 PX4 TA . -11.68 11.19 13.61
O3 PX4 TA . -12.23 12.71 13.65
C1 PX4 TA . -12.99 13.04 14.81
C2 PX4 TA . -13.51 14.48 14.79
N1 PX4 TA . -14.48 14.91 13.77
C3 PX4 TA . -14.76 16.33 13.94
C4 PX4 TA . -14.03 14.73 12.38
C5 PX4 TA . -15.72 14.12 13.95
O4 PX4 TA . -11.83 10.84 15.17
C6 PX4 TA . -11.55 9.44 15.27
C7 PX4 TA . -11.75 9.03 16.74
C8 PX4 TA . -12.48 10.06 17.59
O5 PX4 TA . -12.04 10.27 18.91
C9 PX4 TA . -13.01 10.55 19.83
O6 PX4 TA . -14.20 10.73 19.60
C10 PX4 TA . -12.51 10.40 21.26
C11 PX4 TA . -13.71 10.35 22.21
C12 PX4 TA . -13.60 10.14 23.72
C13 PX4 TA . -15.04 10.16 24.22
C14 PX4 TA . -15.03 9.61 25.65
C15 PX4 TA . -16.42 9.43 26.25
C16 PX4 TA . -16.68 10.54 27.27
C17 PX4 TA . -15.87 10.06 28.48
C18 PX4 TA . -15.88 11.13 29.58
C19 PX4 TA . -14.63 10.86 30.42
C20 PX4 TA . -14.65 11.84 31.60
C21 PX4 TA . -13.52 11.49 32.57
C22 PX4 TA . -13.50 12.65 33.57
O7 PX4 TA . -12.45 7.78 16.79
C23 PX4 TA . -11.75 6.68 17.21
O8 PX4 TA . -10.60 6.50 16.84
C24 PX4 TA . -12.57 5.48 17.69
C25 PX4 TA . -12.91 5.44 19.19
C26 PX4 TA . -13.93 6.54 19.52
C27 PX4 TA . -14.53 6.22 20.88
C28 PX4 TA . -13.46 6.09 21.98
C29 PX4 TA . -14.02 6.41 23.37
C30 PX4 TA . -13.01 6.08 24.49
C31 PX4 TA . -13.55 6.52 25.84
C32 PX4 TA . -12.58 6.18 26.98
C33 PX4 TA . -13.14 6.92 28.21
C34 PX4 TA . -11.94 6.91 29.14
C35 PX4 TA . -12.03 7.81 30.39
C36 PX4 TA . -10.76 7.72 31.24
O1 PX4 UA . -7.67 13.02 15.67
O2 PX4 UA . -10.01 13.07 16.69
P1 PX4 UA . -8.63 13.58 16.65
O3 PX4 UA . -8.51 15.18 16.77
C1 PX4 UA . -9.44 15.44 17.82
C2 PX4 UA . -9.50 16.93 18.19
N1 PX4 UA . -10.64 17.31 19.05
C3 PX4 UA . -10.34 17.10 20.47
C4 PX4 UA . -11.00 18.72 18.86
C5 PX4 UA . -11.80 16.44 18.80
O4 PX4 UA . -8.18 13.15 18.14
C6 PX4 UA . -8.71 11.87 18.50
C7 PX4 UA . -7.70 11.12 19.37
C8 PX4 UA . -6.66 12.00 20.02
O5 PX4 UA . -5.31 11.82 19.57
C9 PX4 UA . -4.26 12.43 20.20
O6 PX4 UA . -4.46 13.30 21.04
C10 PX4 UA . -2.85 12.14 19.70
C11 PX4 UA . -2.01 11.68 20.88
C12 PX4 UA . -0.58 11.35 20.44
C13 PX4 UA . 0.27 11.01 21.67
C14 PX4 UA . -0.26 9.65 22.13
C15 PX4 UA . 0.47 9.19 23.39
C16 PX4 UA . 0.05 7.74 23.66
C17 PX4 UA . 0.52 7.28 25.04
C18 PX4 UA . 0.13 5.83 25.33
C19 PX4 UA . 0.80 5.02 24.22
C20 PX4 UA . 0.72 3.51 24.45
C21 PX4 UA . 1.06 2.81 23.13
C22 PX4 UA . 2.57 2.84 22.89
O7 PX4 UA . -8.38 10.16 20.18
C23 PX4 UA . -8.25 8.88 19.75
O8 PX4 UA . -7.93 8.65 18.58
C24 PX4 UA . -8.86 7.77 20.62
C25 PX4 UA . -8.58 7.98 22.11
C26 PX4 UA . -9.37 7.05 23.04
C27 PX4 UA . -9.18 7.41 24.52
C28 PX4 UA . -10.01 8.64 24.88
C29 PX4 UA . -9.56 9.08 26.26
C30 PX4 UA . -10.28 10.36 26.68
C31 PX4 UA . -9.78 11.19 27.88
C32 PX4 UA . -10.67 12.41 28.14
C33 PX4 UA . -10.26 13.22 29.37
C34 PX4 UA . -8.93 13.93 29.09
C35 PX4 UA . -8.62 14.97 30.17
C36 PX4 UA . -7.22 15.46 29.81
O1 PX4 VA . -18.09 -9.96 18.47
O2 PX4 VA . -19.92 -8.47 17.42
P1 PX4 VA . -18.77 -8.65 18.34
O3 PX4 VA . -17.68 -7.60 17.82
C1 PX4 VA . -18.34 -6.35 17.64
C2 PX4 VA . -17.89 -5.37 16.53
N1 PX4 VA . -16.57 -4.75 16.61
C3 PX4 VA . -16.76 -3.45 15.93
C4 PX4 VA . -15.98 -4.64 17.94
C5 PX4 VA . -15.63 -5.55 15.80
O4 PX4 VA . -18.91 -7.83 19.71
C6 PX4 VA . -17.76 -8.15 20.52
C7 PX4 VA . -17.46 -7.29 21.74
C8 PX4 VA . -18.81 -6.82 22.30
O5 PX4 VA . -18.70 -5.58 22.99
C9 PX4 VA . -19.86 -5.38 23.69
O6 PX4 VA . -20.82 -6.11 23.45
C10 PX4 VA . -20.05 -4.10 24.51
C11 PX4 VA . -21.12 -4.31 25.60
C12 PX4 VA . -20.67 -3.44 26.78
C13 PX4 VA . -21.80 -3.44 27.80
C14 PX4 VA . -21.13 -2.75 29.00
C15 PX4 VA . -22.25 -2.89 30.04
C16 PX4 VA . -21.58 -2.37 31.32
C17 PX4 VA . -22.63 -2.68 32.39
C18 PX4 VA . -22.10 -2.31 33.78
C19 PX4 VA . -22.76 -3.05 34.96
C20 PX4 VA . -22.01 -2.57 36.19
C21 PX4 VA . -22.20 -3.52 37.37
C22 PX4 VA . -21.62 -4.92 37.16
O7 PX4 VA . -16.65 -7.99 22.69
C23 PX4 VA . -15.33 -8.16 22.44
O8 PX4 VA . -14.95 -7.89 21.32
C24 PX4 VA . -14.37 -8.55 23.59
C25 PX4 VA . -14.36 -7.54 24.72
C26 PX4 VA . -13.52 -8.00 25.92
C27 PX4 VA . -13.74 -7.06 27.11
C28 PX4 VA . -12.98 -7.51 28.36
C29 PX4 VA . -13.02 -6.56 29.55
C30 PX4 VA . -12.00 -7.13 30.54
C31 PX4 VA . -10.57 -7.17 30.02
C32 PX4 VA . -9.69 -7.47 31.24
C33 PX4 VA . -9.67 -8.97 31.56
C34 PX4 VA . -8.94 -9.25 32.88
C35 PX4 VA . -9.80 -8.64 33.97
C36 PX4 VA . -8.92 -8.73 35.21
O1 PX4 WA . -10.64 -2.95 20.01
O2 PX4 WA . -13.09 -2.33 19.46
P1 PX4 WA . -11.89 -2.20 20.30
O3 PX4 WA . -11.52 -0.65 20.16
C1 PX4 WA . -11.25 -0.37 18.78
C2 PX4 WA . -10.78 1.08 18.59
N1 PX4 WA . -10.43 1.53 17.22
C3 PX4 WA . -11.68 1.80 16.49
C4 PX4 WA . -9.60 2.72 17.43
C5 PX4 WA . -9.70 0.51 16.45
O4 PX4 WA . -12.32 -2.07 21.85
C6 PX4 WA . -13.55 -1.34 21.96
C7 PX4 WA . -14.16 -1.45 23.35
C8 PX4 WA . -14.46 -0.03 23.84
O5 PX4 WA . -13.90 0.29 25.12
C9 PX4 WA . -14.15 1.57 25.41
O6 PX4 WA . -14.81 2.33 24.68
C10 PX4 WA . -13.88 2.13 26.81
C11 PX4 WA . -12.48 1.79 27.37
C12 PX4 WA . -12.27 2.44 28.74
C13 PX4 WA . -13.42 1.99 29.65
C14 PX4 WA . -13.51 2.94 30.85
C15 PX4 WA . -12.24 3.03 31.71
C16 PX4 WA . -12.61 3.95 32.87
C17 PX4 WA . -13.83 3.31 33.54
C18 PX4 WA . -14.26 4.08 34.78
C19 PX4 WA . -15.58 3.60 35.39
C20 PX4 WA . -16.08 4.61 36.42
C21 PX4 WA . -17.24 3.86 37.08
C22 PX4 WA . -17.81 4.75 38.18
O7 PX4 WA . -15.31 -2.28 23.56
C23 PX4 WA . -15.09 -3.49 24.13
O8 PX4 WA . -14.42 -4.36 23.55
C24 PX4 WA . -16.19 -4.04 25.05
C25 PX4 WA . -16.10 -3.66 26.53
C26 PX4 WA . -17.14 -4.50 27.28
C27 PX4 WA . -17.10 -4.18 28.78
C28 PX4 WA . -17.85 -5.20 29.62
C29 PX4 WA . -17.66 -4.80 31.09
C30 PX4 WA . -18.20 -5.92 31.98
C31 PX4 WA . -18.35 -5.67 33.48
C32 PX4 WA . -18.78 -6.89 34.29
C33 PX4 WA . -18.61 -6.90 35.82
C34 PX4 WA . -18.91 -8.26 36.46
C35 PX4 WA . -18.74 -8.19 37.97
C36 PX4 WA . -17.42 -7.52 38.34
O1 PX4 XA . 4.23 -4.38 15.47
O2 PX4 XA . 4.82 -2.19 16.53
P1 PX4 XA . 5.07 -3.65 16.46
O3 PX4 XA . 6.59 -4.03 16.11
C1 PX4 XA . 7.48 -3.83 17.22
C2 PX4 XA . 8.88 -4.44 17.04
N1 PX4 XA . 9.92 -4.65 18.07
C3 PX4 XA . 10.19 -3.41 18.80
C4 PX4 XA . 9.42 -5.69 18.98
C5 PX4 XA . 11.19 -5.11 17.52
O4 PX4 XA . 4.89 -4.31 17.92
C6 PX4 XA . 3.74 -3.62 18.45
C7 PX4 XA . 3.62 -3.99 19.92
C8 PX4 XA . 5.06 -3.83 20.42
O5 PX4 XA . 5.52 -4.74 21.41
C9 PX4 XA . 6.83 -4.59 21.73
O6 PX4 XA . 7.65 -4.15 20.92
C10 PX4 XA . 7.33 -5.47 22.88
C11 PX4 XA . 8.35 -4.76 23.78
C12 PX4 XA . 8.88 -5.38 25.06
C13 PX4 XA . 7.66 -5.90 25.80
C14 PX4 XA . 7.80 -6.41 27.23
C15 PX4 XA . 6.43 -6.71 27.85
C16 PX4 XA . 6.43 -7.38 29.22
C17 PX4 XA . 5.07 -7.82 29.78
C18 PX4 XA . 5.26 -8.81 30.93
C19 PX4 XA . 5.83 -8.06 32.15
C20 PX4 XA . 5.75 -8.90 33.42
C21 PX4 XA . 4.32 -9.24 33.82
C22 PX4 XA . 4.34 -9.90 35.20
O7 PX4 XA . 2.71 -3.10 20.57
C23 PX4 XA . 1.42 -3.43 20.83
O8 PX4 XA . 1.02 -4.60 20.74
C24 PX4 XA . 0.74 -2.42 21.77
C25 PX4 XA . 0.67 -2.73 23.26
C26 PX4 XA . -0.05 -1.57 23.92
C27 PX4 XA . 0.30 -1.64 25.41
C28 PX4 XA . -0.60 -0.73 26.24
C29 PX4 XA . 0.01 -0.65 27.64
C30 PX4 XA . -1.07 -0.16 28.58
C31 PX4 XA . -0.51 -0.34 29.99
C32 PX4 XA . -0.60 -1.83 30.31
C33 PX4 XA . 0.35 -2.11 31.47
C34 PX4 XA . 0.12 -3.55 31.95
C35 PX4 XA . 1.33 -3.91 32.82
C36 PX4 XA . 1.30 -5.39 33.17
O1 PX4 YA . 6.04 -12.16 15.05
O2 PX4 YA . 6.03 -9.59 15.55
P1 PX4 YA . 6.23 -11.01 15.95
O3 PX4 YA . 7.83 -10.93 16.16
C1 PX4 YA . 8.44 -12.18 15.85
C2 PX4 YA . 9.94 -12.15 16.13
N1 PX4 YA . 10.38 -12.30 17.52
C3 PX4 YA . 10.01 -11.17 18.38
C4 PX4 YA . 9.83 -13.51 18.16
C5 PX4 YA . 11.85 -12.18 17.64
O4 PX4 YA . 5.92 -11.46 17.46
C6 PX4 YA . 5.92 -10.33 18.35
C7 PX4 YA . 6.13 -10.57 19.85
C8 PX4 YA . 5.86 -12.04 20.13
O5 PX4 YA . 5.28 -12.24 21.42
C9 PX4 YA . 6.03 -12.09 22.54
O6 PX4 YA . 7.18 -12.52 22.57
C10 PX4 YA . 5.24 -11.97 23.85
C11 PX4 YA . 5.94 -11.00 24.82
C12 PX4 YA . 5.10 -10.61 26.04
C13 PX4 YA . 4.83 -11.84 26.92
C14 PX4 YA . 4.17 -11.60 28.27
C15 PX4 YA . 4.51 -12.53 29.43
C16 PX4 YA . 3.78 -12.18 30.73
C17 PX4 YA . 4.19 -13.02 31.94
C18 PX4 YA . 3.12 -12.87 33.01
C19 PX4 YA . 3.19 -13.81 34.22
C20 PX4 YA . 2.14 -13.41 35.23
C21 PX4 YA . 2.12 -14.18 36.56
C22 PX4 YA . 2.37 -15.67 36.29
O7 PX4 YA . 7.38 -10.26 20.46
C23 PX4 YA . 7.47 -9.00 20.99
O8 PX4 YA . 6.85 -8.00 20.67
C24 PX4 YA . 8.80 -8.68 21.67
C25 PX4 YA . 9.02 -9.06 23.13
C26 PX4 YA . 10.51 -8.86 23.45
C27 PX4 YA . 10.75 -8.88 24.96
C28 PX4 YA . 12.27 -8.97 25.13
C29 PX4 YA . 12.59 -8.85 26.61
C30 PX4 YA . 11.87 -9.86 27.52
C31 PX4 YA . 12.27 -9.80 28.99
C32 PX4 YA . 11.38 -10.71 29.83
C33 PX4 YA . 9.91 -10.54 29.41
C34 PX4 YA . 8.91 -11.25 30.31
C35 PX4 YA . 8.92 -10.81 31.78
C36 PX4 YA . 8.14 -11.75 32.70
O1 PX4 ZA . 13.79 -22.72 17.44
O2 PX4 ZA . 11.93 -21.26 16.40
P1 PX4 ZA . 12.98 -21.48 17.42
O3 PX4 ZA . 14.10 -20.32 17.32
C1 PX4 ZA . 14.95 -20.53 16.19
C2 PX4 ZA . 16.31 -19.89 16.43
N1 PX4 ZA . 17.24 -20.37 17.47
C3 PX4 ZA . 17.42 -21.82 17.40
C4 PX4 ZA . 18.57 -19.82 17.18
C5 PX4 ZA . 16.84 -19.92 18.81
O4 PX4 ZA . 12.45 -21.13 18.89
C6 PX4 ZA . 13.52 -20.65 19.72
C7 PX4 ZA . 13.05 -20.08 21.05
C8 PX4 ZA . 12.22 -21.14 21.79
O5 PX4 ZA . 12.81 -22.45 21.89
C9 PX4 ZA . 12.04 -23.47 22.32
O6 PX4 ZA . 10.85 -23.44 22.63
C10 PX4 ZA . 12.80 -24.79 22.47
C11 PX4 ZA . 13.13 -25.22 23.91
C12 PX4 ZA . 13.97 -26.48 24.11
C13 PX4 ZA . 14.48 -26.57 25.54
C14 PX4 ZA . 13.34 -26.63 26.56
C15 PX4 ZA . 13.90 -26.70 27.99
C16 PX4 ZA . 12.70 -26.56 28.95
C17 PX4 ZA . 13.09 -26.04 30.32
C18 PX4 ZA . 13.45 -27.12 31.35
C19 PX4 ZA . 13.40 -26.62 32.80
C20 PX4 ZA . 14.29 -27.42 33.76
C21 PX4 ZA . 13.83 -27.00 35.14
C22 PX4 ZA . 14.90 -27.63 36.07
O7 PX4 ZA . 14.03 -19.51 21.91
C23 PX4 ZA . 14.60 -18.28 21.73
O8 PX4 ZA . 14.25 -17.59 20.77
C24 PX4 ZA . 15.72 -17.85 22.68
C25 PX4 ZA . 15.25 -17.07 23.90
C26 PX4 ZA . 16.42 -16.72 24.83
C27 PX4 ZA . 16.12 -17.25 26.24
C28 PX4 ZA . 17.27 -17.31 27.24
C29 PX4 ZA . 16.90 -17.33 28.71
C30 PX4 ZA . 18.14 -17.54 29.59
C31 PX4 ZA . 17.80 -18.06 30.99
C32 PX4 ZA . 19.03 -18.29 31.88
C33 PX4 ZA . 18.70 -19.02 33.18
C34 PX4 ZA . 19.97 -19.21 34.03
C35 PX4 ZA . 19.63 -19.18 35.52
C36 PX4 ZA . 18.94 -20.37 36.19
O1 PX4 AB . -33.71 9.82 16.91
O2 PX4 AB . -32.06 8.20 18.26
P1 PX4 AB . -33.31 8.97 18.06
O3 PX4 AB . -34.47 7.86 18.11
C1 PX4 AB . -34.29 7.16 16.88
C2 PX4 AB . -34.75 5.72 17.06
N1 PX4 AB . -33.96 4.84 17.93
C3 PX4 AB . -32.56 4.63 17.52
C4 PX4 AB . -34.02 5.15 19.36
C5 PX4 AB . -34.59 3.52 17.79
O4 PX4 AB . -33.63 9.70 19.47
C6 PX4 AB . -33.39 8.79 20.55
C7 PX4 AB . -33.36 9.45 21.93
C8 PX4 AB . -34.29 10.65 21.80
O5 PX4 AB . -34.17 11.48 22.97
C9 PX4 AB . -34.25 12.78 22.59
O6 PX4 AB . -34.03 13.01 21.41
C10 PX4 AB . -34.03 13.73 23.77
C11 PX4 AB . -34.68 13.29 25.08
C12 PX4 AB . -34.11 14.11 26.24
C13 PX4 AB . -34.65 13.78 27.64
C14 PX4 AB . -34.32 12.39 28.16
C15 PX4 AB . -35.06 12.38 29.49
C16 PX4 AB . -34.27 11.60 30.56
C17 PX4 AB . -34.83 11.98 31.94
C18 PX4 AB . -34.17 11.23 33.10
C19 PX4 AB . -34.80 11.83 34.35
C20 PX4 AB . -34.03 11.32 35.57
C21 PX4 AB . -34.43 12.02 36.87
C22 PX4 AB . -33.87 11.38 38.15
O7 PX4 AB . -33.82 8.59 22.97
C23 PX4 AB . -32.80 7.87 23.54
O8 PX4 AB . -31.78 7.68 22.86
C24 PX4 AB . -33.02 7.06 24.83
C25 PX4 AB . -31.66 6.50 25.26
C26 PX4 AB . -31.98 6.40 26.75
C27 PX4 AB . -33.23 5.53 26.96
C28 PX4 AB . -33.31 5.33 28.47
C29 PX4 AB . -32.30 4.26 28.90
C30 PX4 AB . -32.37 3.83 30.37
C31 PX4 AB . -31.45 2.64 30.55
C32 PX4 AB . -31.59 2.21 32.02
C33 PX4 AB . -30.68 2.95 33.02
C34 PX4 AB . -31.10 2.58 34.45
C35 PX4 AB . -30.12 3.09 35.51
C36 PX4 AB . -30.47 2.51 36.89
O1 PX4 BB . -15.74 15.57 17.85
O2 PX4 BB . -14.71 13.26 17.52
P1 PX4 BB . -15.78 14.11 18.06
O3 PX4 BB . -17.17 13.62 17.38
C1 PX4 BB . -17.10 12.19 17.25
C2 PX4 BB . -18.54 11.70 17.03
N1 PX4 BB . -19.51 11.72 18.14
C3 PX4 BB . -20.44 12.84 17.92
C4 PX4 BB . -20.11 10.39 18.19
C5 PX4 BB . -18.94 12.05 19.46
O4 PX4 BB . -15.85 13.79 19.62
C6 PX4 BB . -14.56 13.91 20.25
C7 PX4 BB . -14.74 14.19 21.74
C8 PX4 BB . -15.98 13.36 22.05
O5 PX4 BB . -16.93 14.04 22.87
C9 PX4 BB . -17.99 13.29 23.31
O6 PX4 BB . -18.19 12.15 22.90
C10 PX4 BB . -18.97 14.06 24.20
C11 PX4 BB . -18.77 13.70 25.67
C12 PX4 BB . -19.79 14.49 26.52
C13 PX4 BB . -19.35 14.26 27.97
C14 PX4 BB . -20.19 15.33 28.69
C15 PX4 BB . -20.04 14.93 30.16
C16 PX4 BB . -18.69 15.05 30.84
C17 PX4 BB . -18.90 14.75 32.34
C18 PX4 BB . -17.59 14.96 33.09
C19 PX4 BB . -17.77 15.04 34.60
C20 PX4 BB . -16.49 15.47 35.32
C21 PX4 BB . -16.77 15.90 36.76
C22 PX4 BB . -15.55 16.56 37.39
O7 PX4 BB . -13.59 14.00 22.57
C23 PX4 BB . -12.64 14.97 22.54
O8 PX4 BB . -12.79 16.13 22.18
C24 PX4 BB . -11.42 14.76 23.45
C25 PX4 BB . -10.83 13.36 23.25
C26 PX4 BB . -9.36 13.57 23.64
C27 PX4 BB . -8.52 12.35 23.26
C28 PX4 BB . -7.04 12.43 23.63
C29 PX4 BB . -6.93 12.69 25.14
C30 PX4 BB . -5.53 12.45 25.72
C31 PX4 BB . -5.54 12.35 27.24
C32 PX4 BB . -4.11 12.66 27.66
C33 PX4 BB . -3.75 12.65 29.16
C34 PX4 BB . -2.30 13.07 29.32
C35 PX4 BB . -1.78 12.94 30.77
C36 PX4 BB . -0.34 13.44 30.88
O1 PX4 CB . -3.99 14.89 16.44
O2 PX4 CB . -5.29 15.38 18.70
P1 PX4 CB . -4.19 15.60 17.74
O3 PX4 CB . -4.39 17.10 17.20
C1 PX4 CB . -5.73 17.17 16.67
C2 PX4 CB . -5.87 16.84 15.18
N1 PX4 CB . -5.47 17.79 14.13
C3 PX4 CB . -4.12 18.32 14.39
C4 PX4 CB . -5.32 17.11 12.84
C5 PX4 CB . -6.43 18.84 13.80
O4 PX4 CB . -2.82 15.93 18.50
C6 PX4 CB . -3.12 17.11 19.24
C7 PX4 CB . -2.99 16.76 20.74
C8 PX4 CB . -1.51 16.88 21.14
O5 PX4 CB . -0.83 15.79 21.78
C9 PX4 CB . -0.66 16.00 23.11
O6 PX4 CB . -0.98 17.08 23.61
C10 PX4 CB . -0.21 14.72 23.82
C11 PX4 CB . -1.36 13.87 24.36
C12 PX4 CB . -0.89 12.59 25.04
C13 PX4 CB . -0.03 12.96 26.26
C14 PX4 CB . 0.39 11.69 27.00
C15 PX4 CB . 1.27 11.88 28.23
C16 PX4 CB . 1.68 10.62 29.01
C17 PX4 CB . 2.47 9.55 28.23
C18 PX4 CB . 3.23 8.44 28.95
C19 PX4 CB . 2.26 7.50 29.67
C20 PX4 CB . 2.98 6.80 30.82
C21 PX4 CB . 2.83 7.78 31.99
C22 PX4 CB . 3.09 7.18 33.38
O7 PX4 CB . -3.95 17.32 21.63
C23 PX4 CB . -3.80 18.58 22.09
O8 PX4 CB . -2.92 19.32 21.66
C24 PX4 CB . -4.86 19.21 23.00
C25 PX4 CB . -4.99 18.18 24.13
C26 PX4 CB . -6.44 17.92 24.52
C27 PX4 CB . -6.50 17.00 25.73
C28 PX4 CB . -7.87 16.70 26.34
C29 PX4 CB . -8.58 17.94 26.91
C30 PX4 CB . -9.74 17.31 27.68
C31 PX4 CB . -10.81 17.00 26.62
C32 PX4 CB . -11.98 16.25 27.27
C33 PX4 CB . -13.12 15.89 26.31
C34 PX4 CB . -13.97 14.82 26.99
C35 PX4 CB . -14.65 15.31 28.25
C36 PX4 CB . -15.80 16.29 28.11
O1 PX4 DB . -5.24 -1.54 18.30
O2 PX4 DB . -7.71 -1.81 17.82
P1 PX4 DB . -6.64 -1.14 18.58
O3 PX4 DB . -6.99 0.42 18.42
C1 PX4 DB . -6.06 1.32 19.04
C2 PX4 DB . -6.10 2.74 18.44
N1 PX4 DB . -5.19 3.86 18.70
C3 PX4 DB . -5.47 4.81 17.63
C4 PX4 DB . -5.63 4.59 19.90
C5 PX4 DB . -3.75 3.57 18.68
O4 PX4 DB . -7.03 -1.35 20.13
C6 PX4 DB . -8.15 -0.64 20.67
C7 PX4 DB . -8.15 -0.67 22.19
C8 PX4 DB . -8.38 -2.14 22.56
O5 PX4 DB . -9.56 -2.33 23.35
C9 PX4 DB . -9.87 -3.61 23.69
O6 PX4 DB . -9.07 -4.53 23.47
C10 PX4 DB . -11.12 -3.65 24.58
C11 PX4 DB . -10.88 -3.13 26.00
C12 PX4 DB . -12.23 -2.73 26.57
C13 PX4 DB . -12.07 -2.22 28.00
C14 PX4 DB . -13.36 -2.33 28.84
C15 PX4 DB . -13.14 -1.89 30.29
C16 PX4 DB . -13.85 -2.90 31.18
C17 PX4 DB . -13.28 -2.88 32.60
C18 PX4 DB . -14.13 -3.73 33.55
C19 PX4 DB . -13.96 -5.18 33.10
C20 PX4 DB . -14.17 -6.11 34.30
C21 PX4 DB . -13.94 -7.58 33.94
C22 PX4 DB . -13.98 -8.27 35.31
O7 PX4 DB . -6.93 -0.18 22.78
C23 PX4 DB . -6.67 1.16 22.75
O8 PX4 DB . -7.29 1.95 22.04
C24 PX4 DB . -5.27 1.53 23.27
C25 PX4 DB . -5.36 2.52 24.43
C26 PX4 DB . -3.97 2.91 24.95
C27 PX4 DB . -4.03 3.51 26.35
C28 PX4 DB . -2.69 3.40 27.07
C29 PX4 DB . -2.67 4.04 28.46
C30 PX4 DB . -1.40 3.56 29.17
C31 PX4 DB . -1.30 3.84 30.67
C32 PX4 DB . -1.54 5.32 30.93
C33 PX4 DB . -1.08 5.75 32.33
C34 PX4 DB . -1.16 7.23 32.73
C35 PX4 DB . -0.53 7.32 34.12
C36 PX4 DB . -0.52 8.68 34.81
O1 PX4 EB . -7.01 -5.75 21.52
O2 PX4 EB . -5.46 -6.60 19.66
P1 PX4 EB . -5.65 -6.05 21.02
O3 PX4 EB . -4.80 -6.67 22.25
C1 PX4 EB . -3.92 -7.43 21.43
C2 PX4 EB . -2.68 -8.09 22.07
N1 PX4 EB . -1.69 -7.25 22.75
C3 PX4 EB . -2.21 -6.87 24.08
C4 PX4 EB . -0.49 -8.06 22.96
C5 PX4 EB . -1.40 -5.96 22.10
O4 PX4 EB . -4.72 -4.73 20.96
C6 PX4 EB . -5.03 -3.96 22.13
C7 PX4 EB . -4.00 -2.88 22.45
C8 PX4 EB . -3.90 -1.98 21.23
O5 PX4 EB . -2.61 -1.78 20.68
C9 PX4 EB . -2.53 -0.87 19.66
O6 PX4 EB . -2.98 0.27 19.77
C10 PX4 EB . -1.43 -1.25 18.66
C11 PX4 EB . -0.18 -0.36 18.75
C12 PX4 EB . 0.92 -0.98 17.91
C13 PX4 EB . 2.23 -0.18 17.98
C14 PX4 EB . 2.71 0.20 19.37
C15 PX4 EB . 3.99 1.01 19.10
C16 PX4 EB . 4.64 1.30 20.45
C17 PX4 EB . 5.10 -0.01 21.10
C18 PX4 EB . 5.44 0.26 22.57
C19 PX4 EB . 5.26 -1.00 23.41
C20 PX4 EB . 5.95 -0.80 24.76
C21 PX4 EB . 7.44 -0.46 24.59
C22 PX4 EB . 8.22 -0.55 25.91
O7 PX4 EB . -4.25 -2.20 23.69
C23 PX4 EB . -4.23 -2.96 24.81
O8 PX4 EB . -3.89 -4.15 24.86
C24 PX4 EB . -4.54 -2.37 26.18
C25 PX4 EB . -5.89 -1.67 26.31
C26 PX4 EB . -6.39 -1.10 27.65
C27 PX4 EB . -5.46 0.06 27.97
C28 PX4 EB . -5.83 0.75 29.28
C29 PX4 EB . -6.18 -0.20 30.43
C30 PX4 EB . -7.50 0.02 31.18
C31 PX4 EB . -8.52 -1.05 30.85
C32 PX4 EB . -9.84 -0.63 31.52
C33 PX4 EB . -9.70 -0.66 33.04
C34 PX4 EB . -10.98 -0.17 33.70
C35 PX4 EB . -10.88 -0.79 35.11
C36 PX4 EB . -9.77 -0.24 35.99
O1 PX4 FB . -24.84 13.31 15.15
O2 PX4 FB . -23.10 11.44 15.59
P1 PX4 FB . -24.33 12.18 15.97
O3 PX4 FB . -25.54 11.12 16.05
C1 PX4 FB . -25.90 10.68 14.74
C2 PX4 FB . -26.98 9.61 14.59
N1 PX4 FB . -26.81 8.30 15.25
C3 PX4 FB . -26.90 8.46 16.71
C4 PX4 FB . -27.84 7.38 14.75
C5 PX4 FB . -25.48 7.82 14.88
O4 PX4 FB . -24.23 12.55 17.53
C6 PX4 FB . -24.23 11.39 18.37
C7 PX4 FB . -24.12 11.49 19.90
C8 PX4 FB . -25.33 10.70 20.40
O5 PX4 FB . -25.80 10.82 21.74
C9 PX4 FB . -26.44 11.99 22.00
O6 PX4 FB . -26.87 12.72 21.10
C10 PX4 FB . -26.55 12.45 23.47
C11 PX4 FB . -25.45 13.46 23.73
C12 PX4 FB . -25.48 14.03 25.16
C13 PX4 FB . -24.10 14.39 25.71
C14 PX4 FB . -23.22 13.14 25.65
C15 PX4 FB . -23.65 12.03 26.63
C16 PX4 FB . -23.84 12.58 28.04
C17 PX4 FB . -24.05 11.43 29.04
C18 PX4 FB . -25.08 10.46 28.45
C19 PX4 FB . -25.25 9.35 29.48
C20 PX4 FB . -25.88 10.03 30.70
C21 PX4 FB . -26.14 8.89 31.70
C22 PX4 FB . -24.83 8.43 32.31
O7 PX4 FB . -22.88 11.14 20.49
C23 PX4 FB . -22.51 11.79 21.62
O8 PX4 FB . -22.94 12.94 21.76
C24 PX4 FB . -21.25 11.27 22.31
C25 PX4 FB . -21.69 10.73 23.69
C26 PX4 FB . -20.56 9.97 24.36
C27 PX4 FB . -21.09 9.61 25.75
C28 PX4 FB . -20.02 9.68 26.83
C29 PX4 FB . -20.63 9.37 28.20
C30 PX4 FB . -19.89 10.08 29.35
C31 PX4 FB . -20.33 9.66 30.74
C32 PX4 FB . -20.04 10.72 31.82
C33 PX4 FB . -20.60 10.31 33.17
C34 PX4 FB . -20.39 11.52 34.09
C35 PX4 FB . -20.54 11.15 35.57
C36 PX4 FB . -20.89 12.37 36.42
O1 PX4 GB . -28.23 10.92 18.72
O2 PX4 GB . -30.02 11.48 17.01
P1 PX4 GB . -29.17 11.92 18.16
O3 PX4 GB . -28.45 13.19 17.48
C1 PX4 GB . -27.55 13.83 18.40
C2 PX4 GB . -27.22 15.26 17.95
N1 PX4 GB . -26.37 16.06 18.85
C3 PX4 GB . -26.42 17.40 18.23
C4 PX4 GB . -26.86 16.27 20.21
C5 PX4 GB . -25.04 15.45 18.93
O4 PX4 GB . -30.14 12.58 19.26
C6 PX4 GB . -30.10 11.86 20.51
C7 PX4 GB . -29.97 12.75 21.74
C8 PX4 GB . -30.52 14.12 21.33
O5 PX4 GB . -29.72 15.15 21.88
C9 PX4 GB . -30.55 16.16 22.31
O6 PX4 GB . -31.76 16.17 22.15
C10 PX4 GB . -29.78 17.29 22.99
C11 PX4 GB . -29.88 17.25 24.51
C12 PX4 GB . -29.60 15.86 25.06
C13 PX4 GB . -29.35 16.05 26.56
C14 PX4 GB . -29.19 14.77 27.38
C15 PX4 GB . -29.48 14.97 28.87
C16 PX4 GB . -29.09 13.77 29.73
C17 PX4 GB . -29.54 13.82 31.19
C18 PX4 GB . -28.81 12.77 32.03
C19 PX4 GB . -29.60 12.87 33.34
C20 PX4 GB . -28.95 11.97 34.37
C21 PX4 GB . -29.47 12.26 35.78
C22 PX4 GB . -28.76 11.49 36.89
O7 PX4 GB . -30.75 12.19 22.80
C23 PX4 GB . -30.19 11.25 23.61
O8 PX4 GB . -29.15 10.67 23.27
C24 PX4 GB . -31.01 10.83 24.81
C25 PX4 GB . -30.09 10.81 26.03
C26 PX4 GB . -30.81 10.41 27.33
C27 PX4 GB . -29.86 10.60 28.52
C28 PX4 GB . -30.41 9.91 29.78
C29 PX4 GB . -30.65 8.40 29.75
C30 PX4 GB . -30.95 7.73 31.10
C31 PX4 GB . -32.30 8.09 31.72
C32 PX4 GB . -32.48 7.48 33.12
C33 PX4 GB . -31.46 8.07 34.09
C34 PX4 GB . -31.71 7.24 35.34
C35 PX4 GB . -31.28 7.97 36.62
C36 PX4 GB . -31.94 7.49 37.92
O1 PX4 HB . -9.81 29.34 17.59
O2 PX4 HB . -7.54 28.31 18.24
P1 PX4 HB . -8.92 28.71 18.59
O3 PX4 HB . -9.77 27.56 19.35
C1 PX4 HB . -10.52 26.99 18.27
C2 PX4 HB . -11.51 25.93 18.76
N1 PX4 HB . -12.74 26.38 19.43
C3 PX4 HB . -12.54 26.96 20.77
C4 PX4 HB . -13.27 27.51 18.65
C5 PX4 HB . -13.63 25.23 19.65
O4 PX4 HB . -8.81 29.72 19.85
C6 PX4 HB . -10.13 29.93 20.36
C7 PX4 HB . -10.29 30.65 21.70
C8 PX4 HB . -9.03 31.50 21.83
O5 PX4 HB . -8.37 31.10 23.03
C9 PX4 HB . -7.14 31.64 23.22
O6 PX4 HB . -6.71 32.39 22.34
C10 PX4 HB . -6.53 31.40 24.60
C11 PX4 HB . -5.03 31.12 24.68
C12 PX4 HB . -4.55 31.02 26.13
C13 PX4 HB . -5.43 29.83 26.54
C14 PX4 HB . -5.43 29.65 28.05
C15 PX4 HB . -6.66 28.84 28.50
C16 PX4 HB . -7.12 29.31 29.88
C17 PX4 HB . -7.22 30.84 29.84
C18 PX4 HB . -7.67 31.34 31.22
C19 PX4 HB . -8.08 32.81 31.11
C20 PX4 HB . -8.72 33.24 32.43
C21 PX4 HB . -7.62 33.16 33.49
C22 PX4 HB . -8.19 33.70 34.81
O7 PX4 HB . -11.45 31.47 21.85
C23 PX4 HB . -12.73 30.99 21.87
O8 PX4 HB . -13.04 30.02 21.19
C24 PX4 HB . -13.77 32.08 22.16
C25 PX4 HB . -13.77 32.37 23.66
C26 PX4 HB . -14.45 33.73 23.94
C27 PX4 HB . -14.23 34.06 25.40
C28 PX4 HB . -15.01 35.24 25.98
C29 PX4 HB . -14.47 35.67 27.34
C30 PX4 HB . -15.22 36.78 28.08
C31 PX4 HB . -14.46 37.28 29.31
C32 PX4 HB . -14.20 36.29 30.44
C33 PX4 HB . -13.02 36.81 31.29
C34 PX4 HB . -12.69 35.68 32.28
C35 PX4 HB . -11.60 36.11 33.27
C36 PX4 HB . -12.11 37.08 34.33
O1 PX4 IB . -9.42 21.87 17.30
O2 PX4 IB . -9.57 24.40 16.86
P1 PX4 IB . -8.95 23.24 17.52
O3 PX4 IB . -7.47 23.25 16.89
C1 PX4 IB . -7.04 24.60 16.74
C2 PX4 IB . -5.60 24.67 16.23
N1 PX4 IB . -4.49 24.87 17.19
C3 PX4 IB . -3.24 25.31 16.57
C4 PX4 IB . -4.84 25.95 18.13
C5 PX4 IB . -4.22 23.67 17.99
O4 PX4 IB . -8.59 23.56 19.06
C6 PX4 IB . -8.29 22.23 19.51
C7 PX4 IB . -8.13 22.22 21.03
C8 PX4 IB . -7.54 23.58 21.44
O5 PX4 IB . -7.02 23.66 22.77
C9 PX4 IB . -5.68 23.48 22.95
O6 PX4 IB . -5.01 22.95 22.05
C10 PX4 IB . -5.15 23.63 24.36
C11 PX4 IB . -4.87 22.25 24.96
C12 PX4 IB . -3.95 22.35 26.16
C13 PX4 IB . -3.58 20.94 26.64
C14 PX4 IB . -2.81 21.07 27.95
C15 PX4 IB . -1.45 21.75 27.72
C16 PX4 IB . -0.54 21.86 28.93
C17 PX4 IB . 0.82 22.21 28.32
C18 PX4 IB . 1.13 23.69 28.41
C19 PX4 IB . 2.47 24.21 27.87
C20 PX4 IB . 2.45 24.61 26.40
C21 PX4 IB . 3.78 25.30 26.08
C22 PX4 IB . 3.80 26.65 26.79
O7 PX4 IB . -9.32 21.84 21.72
C23 PX4 IB . -9.53 20.52 21.99
O8 PX4 IB . -9.00 19.60 21.37
C24 PX4 IB . -10.80 20.19 22.77
C25 PX4 IB . -10.68 20.62 24.23
C26 PX4 IB . -12.05 20.57 24.88
C27 PX4 IB . -11.91 20.98 26.35
C28 PX4 IB . -13.22 20.50 26.98
C29 PX4 IB . -13.08 20.54 28.51
C30 PX4 IB . -14.06 19.69 29.30
C31 PX4 IB . -13.81 19.69 30.81
C32 PX4 IB . -15.07 19.29 31.57
C33 PX4 IB . -14.85 19.37 33.08
C34 PX4 IB . -16.25 19.44 33.71
C35 PX4 IB . -17.16 20.65 33.50
C36 PX4 IB . -18.49 20.56 34.25
O1 PX4 JB . 13.49 11.42 18.27
O2 PX4 JB . 12.75 13.89 17.79
P1 PX4 JB . 12.82 12.69 18.66
O3 PX4 JB . 13.96 13.24 19.66
C1 PX4 JB . 15.27 12.75 19.38
C2 PX4 JB . 16.45 13.68 19.66
N1 PX4 JB . 16.67 14.72 18.65
C3 PX4 JB . 15.64 15.76 18.81
C4 PX4 JB . 17.86 15.55 18.84
C5 PX4 JB . 16.65 14.32 17.23
O4 PX4 JB . 11.56 12.54 19.64
C6 PX4 JB . 11.94 12.25 20.98
C7 PX4 JB . 10.83 12.50 22.01
C8 PX4 JB . 9.92 11.28 21.97
O5 PX4 JB . 10.55 9.99 21.81
C9 PX4 JB . 9.75 8.90 21.75
O6 PX4 JB . 8.51 9.00 21.66
C10 PX4 JB . 10.47 7.55 21.71
C11 PX4 JB . 10.49 6.88 23.08
C12 PX4 JB . 11.47 5.72 23.22
C13 PX4 JB . 11.75 5.21 24.65
C14 PX4 JB . 10.41 4.74 25.19
C15 PX4 JB . 10.71 4.15 26.56
C16 PX4 JB . 9.40 3.67 27.19
C17 PX4 JB . 9.57 3.39 28.67
C18 PX4 JB . 8.20 3.03 29.29
C19 PX4 JB . 8.13 2.75 30.79
C20 PX4 JB . 6.62 2.72 31.09
C21 PX4 JB . 6.28 2.54 32.56
C22 PX4 JB . 6.89 1.29 33.17
O7 PX4 JB . 11.22 12.90 23.32
C23 PX4 JB . 10.81 14.08 23.83
O8 PX4 JB . 9.97 14.77 23.22
C24 PX4 JB . 11.06 14.35 25.31
C25 PX4 JB . 10.44 13.23 26.14
C26 PX4 JB . 11.11 13.21 27.52
C27 PX4 JB . 11.05 14.65 28.05
C28 PX4 JB . 11.78 14.65 29.39
C29 PX4 JB . 12.03 16.04 29.97
C30 PX4 JB . 12.66 15.65 31.30
C31 PX4 JB . 13.22 16.84 32.06
C32 PX4 JB . 14.03 16.40 33.29
C33 PX4 JB . 13.26 15.55 34.30
C34 PX4 JB . 14.02 15.08 35.52
C35 PX4 JB . 13.03 14.60 36.59
C36 PX4 JB . 13.74 14.18 37.87
O1 PX4 KB . -0.69 11.13 16.96
O2 PX4 KB . -1.57 10.76 14.56
P1 PX4 KB . -1.14 10.22 15.87
O3 PX4 KB . -2.58 9.64 16.30
C1 PX4 KB . -3.43 10.77 16.36
C2 PX4 KB . -4.94 10.49 16.38
N1 PX4 KB . -5.36 9.72 15.20
C3 PX4 KB . -4.88 10.12 13.86
C4 PX4 KB . -5.09 8.29 15.38
C5 PX4 KB . -6.84 9.72 15.13
O4 PX4 KB . -0.19 8.94 15.72
C6 PX4 KB . -0.78 7.87 16.48
C7 PX4 KB . -0.68 7.76 17.99
C8 PX4 KB . 0.63 8.44 18.36
O5 PX4 KB . 1.52 7.55 19.06
C9 PX4 KB . 2.67 8.13 19.50
O6 PX4 KB . 2.86 9.33 19.32
C10 PX4 KB . 3.75 7.24 20.13
C11 PX4 KB . 4.55 6.36 19.18
C12 PX4 KB . 5.41 5.43 20.06
C13 PX4 KB . 5.91 6.39 21.14
C14 PX4 KB . 6.46 5.67 22.38
C15 PX4 KB . 6.07 6.62 23.50
C16 PX4 KB . 5.92 5.84 24.80
C17 PX4 KB . 5.31 6.58 26.01
C18 PX4 KB . 5.34 5.72 27.26
C19 PX4 KB . 4.57 4.45 26.85
C20 PX4 KB . 4.71 3.34 27.89
C21 PX4 KB . 3.42 2.51 27.94
C22 PX4 KB . 3.37 1.75 26.61
O7 PX4 KB . -1.72 8.28 18.82
C23 PX4 KB . -2.83 7.47 18.86
O8 PX4 KB . -2.83 6.40 18.26
C24 PX4 KB . -4.08 8.04 19.51
C25 PX4 KB . -3.76 8.16 21.01
C26 PX4 KB . -5.02 8.63 21.73
C27 PX4 KB . -4.53 9.13 23.08
C28 PX4 KB . -3.96 7.98 23.90
C29 PX4 KB . -3.68 8.46 25.33
C30 PX4 KB . -3.47 7.30 26.30
C31 PX4 KB . -3.20 7.94 27.66
C32 PX4 KB . -4.48 8.33 28.41
C33 PX4 KB . -4.09 9.02 29.72
C34 PX4 KB . -5.28 9.67 30.43
C35 PX4 KB . -4.80 10.45 31.66
C36 PX4 KB . -6.02 11.09 32.34
O1 PX4 LB . 14.81 -10.16 20.60
O2 PX4 LB . 14.83 -7.61 20.53
P1 PX4 LB . 15.50 -8.89 20.85
O3 PX4 LB . 16.88 -8.87 20.03
C1 PX4 LB . 16.54 -8.41 18.71
C2 PX4 LB . 17.81 -8.28 17.85
N1 PX4 LB . 17.65 -7.83 16.47
C3 PX4 LB . 19.00 -7.67 15.93
C4 PX4 LB . 17.00 -8.79 15.57
C5 PX4 LB . 17.02 -6.51 16.33
O4 PX4 LB . 16.24 -8.74 22.28
C6 PX4 LB . 16.90 -9.99 22.48
C7 PX4 LB . 17.34 -10.36 23.90
C8 PX4 LB . 17.75 -9.00 24.48
O5 PX4 LB . 19.13 -8.79 24.81
C9 PX4 LB . 19.48 -7.48 24.96
O6 PX4 LB . 18.83 -6.56 24.50
C10 PX4 LB . 20.84 -7.17 25.59
C11 PX4 LB . 21.76 -8.32 26.01
C12 PX4 LB . 23.04 -7.78 26.67
C13 PX4 LB . 23.87 -6.92 25.72
C14 PX4 LB . 25.14 -6.77 26.55
C15 PX4 LB . 25.90 -8.09 26.72
C16 PX4 LB . 27.18 -8.03 27.55
C17 PX4 LB . 28.16 -9.16 27.25
C18 PX4 LB . 29.05 -9.55 28.44
C19 PX4 LB . 30.05 -10.67 28.22
C20 PX4 LB . 30.56 -11.05 29.62
C21 PX4 LB . 29.52 -11.79 30.47
C22 PX4 LB . 29.87 -12.30 31.87
O7 PX4 LB . 16.35 -11.02 24.69
C23 PX4 LB . 16.37 -12.38 24.54
O8 PX4 LB . 17.02 -12.85 23.61
C24 PX4 LB . 15.29 -13.14 25.31
C25 PX4 LB . 13.95 -12.93 24.59
C26 PX4 LB . 12.92 -13.53 25.56
C27 PX4 LB . 11.55 -12.92 25.26
C28 PX4 LB . 10.44 -13.67 25.99
C29 PX4 LB . 9.08 -13.16 25.49
C30 PX4 LB . 8.21 -14.23 26.14
C31 PX4 LB . 8.04 -13.98 27.63
C32 PX4 LB . 7.38 -15.10 28.45
C33 PX4 LB . 8.26 -16.35 28.43
C34 PX4 LB . 7.69 -17.40 29.37
C35 PX4 LB . 8.48 -18.70 29.24
C36 PX4 LB . 7.80 -19.63 30.24
O1 PX4 MB . 22.50 3.45 19.21
O2 PX4 MB . 21.55 2.62 17.00
P1 PX4 MB . 21.43 3.50 18.19
O3 PX4 MB . 21.70 4.96 17.57
C1 PX4 MB . 20.98 5.32 16.39
C2 PX4 MB . 19.96 6.42 16.67
N1 PX4 MB . 19.31 6.92 15.45
C3 PX4 MB . 18.59 5.86 14.70
C4 PX4 MB . 18.30 7.91 15.84
C5 PX4 MB . 20.28 7.65 14.65
O4 PX4 MB . 19.93 4.00 18.50
C6 PX4 MB . 19.01 2.98 18.90
C7 PX4 MB . 17.53 3.32 19.05
C8 PX4 MB . 16.78 2.05 18.63
O5 PX4 MB . 17.20 0.89 19.39
C9 PX4 MB . 16.41 -0.20 19.20
O6 PX4 MB . 15.55 -0.09 18.34
C10 PX4 MB . 16.75 -1.37 20.14
C11 PX4 MB . 17.11 -1.06 21.59
C12 PX4 MB . 17.09 -2.35 22.44
C13 PX4 MB . 17.74 -2.00 23.78
C14 PX4 MB . 17.88 -3.28 24.61
C15 PX4 MB . 18.52 -3.10 25.98
C16 PX4 MB . 18.41 -4.45 26.71
C17 PX4 MB . 19.00 -4.34 28.13
C18 PX4 MB . 20.52 -4.43 28.12
C19 PX4 MB . 21.05 -4.46 29.56
C20 PX4 MB . 22.56 -4.75 29.53
C21 PX4 MB . 23.32 -3.81 30.46
C22 PX4 MB . 24.82 -4.05 30.27
O7 PX4 MB . 17.07 3.85 20.31
C23 PX4 MB . 17.23 5.18 20.52
O8 PX4 MB . 17.35 6.03 19.62
C24 PX4 MB . 16.62 5.67 21.83
C25 PX4 MB . 17.77 6.34 22.60
C26 PX4 MB . 17.40 7.00 23.92
C27 PX4 MB . 17.10 5.75 24.75
C28 PX4 MB . 16.36 6.10 26.05
C29 PX4 MB . 16.38 4.88 26.97
C30 PX4 MB . 15.68 5.01 28.33
C31 PX4 MB . 16.48 5.74 29.41
C32 PX4 MB . 15.62 5.81 30.66
C33 PX4 MB . 16.33 6.61 31.76
C34 PX4 MB . 15.52 6.74 33.04
C35 PX4 MB . 15.58 5.37 33.70
C36 PX4 MB . 14.71 5.08 34.92
O1 PX4 NB . -17.89 17.07 21.84
O2 PX4 NB . -19.56 15.22 21.01
P1 PX4 NB . -19.10 16.62 21.12
O3 PX4 NB . -19.02 17.10 19.58
C1 PX4 NB . -18.73 18.50 19.54
C2 PX4 NB . -18.45 19.10 18.16
N1 PX4 NB . -17.96 20.47 18.07
C3 PX4 NB . -19.18 21.28 18.20
C4 PX4 NB . -16.97 20.85 19.10
C5 PX4 NB . -17.37 20.77 16.76
O4 PX4 NB . -20.32 17.50 21.67
C6 PX4 NB . -20.88 16.68 22.70
C7 PX4 NB . -22.07 17.42 23.29
C8 PX4 NB . -23.31 16.83 22.62
O5 PX4 NB . -24.55 17.30 23.15
C9 PX4 NB . -25.00 18.42 22.52
O6 PX4 NB . -24.75 18.77 21.36
C10 PX4 NB . -26.28 18.88 23.21
C11 PX4 NB . -26.09 19.75 24.46
C12 PX4 NB . -27.48 20.31 24.82
C13 PX4 NB . -27.54 21.10 26.12
C14 PX4 NB . -28.96 21.67 26.24
C15 PX4 NB . -29.11 22.73 27.33
C16 PX4 NB . -30.56 23.16 27.51
C17 PX4 NB . -30.85 24.05 28.72
C18 PX4 NB . -32.35 24.32 28.75
C19 PX4 NB . -32.71 25.45 29.71
C20 PX4 NB . -34.25 25.55 29.69
C21 PX4 NB . -34.55 26.84 30.47
C22 PX4 NB . -33.94 28.04 29.74
O7 PX4 NB . -22.11 17.21 24.70
C23 PX4 NB . -21.78 18.21 25.57
O8 PX4 NB . -21.10 19.20 25.29
C24 PX4 NB . -22.29 17.99 26.99
C25 PX4 NB . -23.71 18.51 27.12
C26 PX4 NB . -24.33 18.31 28.50
C27 PX4 NB . -25.76 18.86 28.51
C28 PX4 NB . -26.46 18.34 29.79
C29 PX4 NB . -27.70 19.24 29.87
C30 PX4 NB . -28.16 19.44 31.32
C31 PX4 NB . -29.18 20.57 31.28
C32 PX4 NB . -29.99 20.68 32.58
C33 PX4 NB . -31.08 21.75 32.45
C34 PX4 NB . -32.05 21.65 33.62
C35 PX4 NB . -33.18 22.68 33.46
C36 PX4 NB . -34.37 22.33 34.34
O1 PX4 OB . -18.24 25.91 21.80
O2 PX4 OB . -17.70 24.92 19.34
P1 PX4 OB . -17.72 24.92 20.84
O3 PX4 OB . -18.61 23.62 21.17
C1 PX4 OB . -19.89 24.12 21.58
C2 PX4 OB . -20.83 22.92 21.75
N1 PX4 OB . -20.57 22.00 22.87
C3 PX4 OB . -19.74 20.84 22.54
C4 PX4 OB . -20.09 22.54 24.14
C5 PX4 OB . -21.93 21.54 23.21
O4 PX4 OB . -16.42 24.27 21.52
C6 PX4 OB . -16.39 24.16 22.96
C7 PX4 OB . -15.56 22.99 23.47
C8 PX4 OB . -14.19 23.56 23.86
O5 PX4 OB . -14.18 24.97 24.11
C9 PX4 OB . -13.01 25.66 24.13
O6 PX4 OB . -12.03 25.13 23.61
C10 PX4 OB . -12.94 27.00 24.87
C11 PX4 OB . -12.20 26.57 26.15
C12 PX4 OB . -12.30 27.60 27.28
C13 PX4 OB . -11.83 27.00 28.59
C14 PX4 OB . -11.87 28.12 29.63
C15 PX4 OB . -11.39 27.74 31.03
C16 PX4 OB . -11.60 28.88 32.01
C17 PX4 OB . -11.14 28.41 33.40
C18 PX4 OB . -11.28 29.56 34.40
C19 PX4 OB . -11.03 29.23 35.87
C20 PX4 OB . -12.21 28.46 36.45
C21 PX4 OB . -12.15 28.30 37.97
C22 PX4 OB . -13.46 27.90 38.66
O7 PX4 OB . -16.22 22.19 24.47
C23 PX4 OB . -16.47 20.88 24.24
O8 PX4 OB . -16.40 20.38 23.11
C24 PX4 OB . -16.86 20.11 25.50
C25 PX4 OB . -17.71 20.91 26.49
C26 PX4 OB . -17.89 20.06 27.76
C27 PX4 OB . -19.12 20.50 28.56
C28 PX4 OB . -19.34 19.45 29.66
C29 PX4 OB . -20.63 19.89 30.37
C30 PX4 OB . -21.16 18.79 31.29
C31 PX4 OB . -22.51 19.19 31.87
C32 PX4 OB . -22.97 18.16 32.89
C33 PX4 OB . -23.14 16.76 32.30
C34 PX4 OB . -23.69 15.79 33.34
C35 PX4 OB . -23.84 14.41 32.72
C36 PX4 OB . -24.44 13.29 33.57
O1 PX4 PB . 5.23 24.29 47.58
O2 PX4 PB . 3.38 24.51 49.30
P1 PX4 PB . 3.98 23.79 48.16
O3 PX4 PB . 4.24 22.25 48.51
C1 PX4 PB . 4.43 21.60 47.25
C2 PX4 PB . 4.17 20.09 47.34
N1 PX4 PB . 4.23 19.12 46.24
C3 PX4 PB . 3.12 19.35 45.30
C4 PX4 PB . 5.56 19.32 45.66
C5 PX4 PB . 4.22 17.72 46.68
O4 PX4 PB . 2.92 23.84 46.95
C6 PX4 PB . 2.98 25.16 46.42
C7 PX4 PB . 2.28 25.20 45.07
C8 PX4 PB . 2.95 24.06 44.32
O5 PX4 PB . 4.33 24.14 43.93
C9 PX4 PB . 4.89 22.99 43.45
O6 PX4 PB . 4.57 21.97 44.05
C10 PX4 PB . 6.09 23.07 42.52
C11 PX4 PB . 5.89 23.35 41.03
C12 PX4 PB . 5.01 22.33 40.33
C13 PX4 PB . 4.00 23.10 39.47
C14 PX4 PB . 4.63 24.25 38.67
C15 PX4 PB . 3.64 25.06 37.82
C16 PX4 PB . 4.44 26.10 37.04
C17 PX4 PB . 5.32 26.98 37.93
C18 PX4 PB . 5.91 28.12 37.07
C19 PX4 PB . 4.78 29.06 36.67
C20 PX4 PB . 5.53 30.32 36.26
C21 PX4 PB . 4.63 31.50 35.92
C22 PX4 PB . 3.56 31.77 36.97
O7 PX4 PB . 0.85 25.09 45.03
C23 PX4 PB . 0.16 26.24 45.24
O8 PX4 PB . 0.64 27.35 45.41
C24 PX4 PB . -1.36 26.06 45.07
C25 PX4 PB . -2.06 25.40 46.25
C26 PX4 PB . -3.47 25.21 45.71
C27 PX4 PB . -3.44 24.35 44.44
C28 PX4 PB . -4.86 24.16 43.92
C29 PX4 PB . -4.66 23.49 42.56
C30 PX4 PB . -3.44 24.07 41.82
C31 PX4 PB . -3.34 23.53 40.38
C32 PX4 PB . -4.50 24.20 39.65
C33 PX4 PB . -4.49 23.84 38.16
C34 PX4 PB . -4.35 22.36 37.81
C35 PX4 PB . -4.88 22.09 36.40
C36 PX4 PB . -5.00 20.60 36.14
O1 PX4 QB . 21.05 18.97 48.40
O2 PX4 QB . 18.63 20.00 48.73
P1 PX4 QB . 19.65 19.20 48.01
O3 PX4 QB . 18.94 17.91 47.34
C1 PX4 QB . 19.97 16.93 47.22
C2 PX4 QB . 19.57 15.58 46.61
N1 PX4 QB . 19.01 15.60 45.26
C3 PX4 QB . 19.79 16.40 44.32
C4 PX4 QB . 19.01 14.26 44.66
C5 PX4 QB . 17.62 16.10 45.16
O4 PX4 QB . 19.87 19.94 46.60
C6 PX4 QB . 18.64 20.10 45.89
C7 PX4 QB . 18.50 20.33 44.38
C8 PX4 QB . 19.96 20.61 44.01
O5 PX4 QB . 20.61 19.63 43.19
C9 PX4 QB . 21.88 19.95 42.83
O6 PX4 QB . 22.47 20.82 43.47
C10 PX4 QB . 22.65 18.93 41.99
C11 PX4 QB . 21.86 18.66 40.70
C12 PX4 QB . 22.90 18.44 39.61
C13 PX4 QB . 22.16 18.49 38.27
C14 PX4 QB . 23.25 18.07 37.29
C15 PX4 QB . 22.66 17.80 35.90
C16 PX4 QB . 23.79 17.27 35.01
C17 PX4 QB . 23.05 17.13 33.68
C18 PX4 QB . 23.95 16.50 32.62
C19 PX4 QB . 23.05 16.19 31.41
C20 PX4 QB . 22.56 17.55 30.90
C21 PX4 QB . 21.76 17.48 29.59
C22 PX4 QB . 22.44 16.95 28.33
O7 PX4 QB . 17.84 19.33 43.61
C23 PX4 QB . 16.52 19.50 43.31
O8 PX4 QB . 15.82 20.27 43.97
C24 PX4 QB . 16.07 18.79 42.04
C25 PX4 QB . 14.61 19.08 41.70
C26 PX4 QB . 14.09 18.21 40.56
C27 PX4 QB . 12.70 18.58 40.04
C28 PX4 QB . 12.20 17.83 38.81
C29 PX4 QB . 10.81 18.36 38.46
C30 PX4 QB . 9.78 17.94 39.52
C31 PX4 QB . 8.37 18.01 38.93
C32 PX4 QB . 7.44 18.07 40.15
C33 PX4 QB . 5.98 17.95 39.74
C34 PX4 QB . 5.08 18.13 40.97
C35 PX4 QB . 3.67 17.63 40.65
C36 PX4 QB . 2.60 18.53 41.30
O1 PX4 RB . 14.26 11.54 45.74
O2 PX4 RB . 16.72 12.23 46.37
P1 PX4 RB . 15.37 12.52 45.81
O3 PX4 RB . 14.75 13.70 46.72
C1 PX4 RB . 14.13 13.01 47.82
C2 PX4 RB . 13.50 13.90 48.89
N1 PX4 RB . 13.17 13.34 50.21
C3 PX4 RB . 14.41 12.81 50.82
C4 PX4 RB . 12.68 14.40 51.11
C5 PX4 RB . 12.10 12.35 50.21
O4 PX4 RB . 15.50 13.34 44.44
C6 PX4 RB . 14.34 14.06 44.00
C7 PX4 RB . 14.51 14.70 42.61
C8 PX4 RB . 15.85 14.27 42.01
O5 PX4 RB . 16.70 15.40 41.79
C9 PX4 RB . 17.63 15.03 40.88
O6 PX4 RB . 17.94 13.85 40.74
C10 PX4 RB . 18.39 16.22 40.30
C11 PX4 RB . 18.69 16.39 38.82
C12 PX4 RB . 17.56 16.58 37.80
C13 PX4 RB . 17.11 18.04 37.91
C14 PX4 RB . 16.08 18.24 36.79
C15 PX4 RB . 15.49 19.63 36.98
C16 PX4 RB . 14.63 19.67 35.72
C17 PX4 RB . 14.09 21.08 35.50
C18 PX4 RB . 13.07 21.06 34.36
C19 PX4 RB . 11.77 20.45 34.89
C20 PX4 RB . 10.56 20.36 33.98
C21 PX4 RB . 9.48 19.70 34.84
C22 PX4 RB . 8.22 19.68 33.96
O7 PX4 RB . 13.36 14.41 41.82
C23 PX4 RB . 12.10 14.91 41.89
O8 PX4 RB . 11.72 15.48 42.92
C24 PX4 RB . 11.10 14.47 40.81
C25 PX4 RB . 11.18 12.94 40.77
C26 PX4 RB . 10.03 12.43 39.91
C27 PX4 RB . 10.27 10.93 39.72
C28 PX4 RB . 10.82 10.45 38.36
C29 PX4 RB . 10.86 8.93 38.56
C30 PX4 RB . 11.36 8.22 37.31
C31 PX4 RB . 10.78 8.77 36.01
C32 PX4 RB . 11.28 7.79 34.96
C33 PX4 RB . 10.18 6.79 34.61
C34 PX4 RB . 10.69 5.84 33.53
C35 PX4 RB . 11.02 6.67 32.31
C36 PX4 RB . 11.69 5.75 31.28
O1 PX4 SB . -22.13 23.97 56.79
O2 PX4 SB . -24.66 23.52 56.89
P1 PX4 SB . -23.29 23.09 56.50
O3 PX4 SB . -22.82 21.65 57.00
C1 PX4 SB . -23.53 21.25 58.18
C2 PX4 SB . -23.05 19.89 58.69
N1 PX4 SB . -23.72 19.12 59.75
C3 PX4 SB . -23.87 19.86 61.02
C4 PX4 SB . -25.07 18.65 59.36
C5 PX4 SB . -22.98 17.86 59.90
O4 PX4 SB . -23.27 22.94 54.91
C6 PX4 SB . -23.88 21.74 54.41
C7 PX4 SB . -23.81 21.79 52.89
C8 PX4 SB . -22.87 22.85 52.32
O5 PX4 SB . -23.30 23.30 51.03
C9 PX4 SB . -22.71 24.35 50.40
O6 PX4 SB . -21.89 25.06 50.98
C10 PX4 SB . -23.22 24.54 48.97
C11 PX4 SB . -23.44 23.25 48.18
C12 PX4 SB . -22.20 22.90 47.35
C13 PX4 SB . -22.60 21.56 46.71
C14 PX4 SB . -21.42 21.38 45.76
C15 PX4 SB . -21.61 20.05 45.01
C16 PX4 SB . -20.24 19.71 44.38
C17 PX4 SB . -20.33 18.31 43.76
C18 PX4 SB . -18.97 17.75 43.34
C19 PX4 SB . -19.08 16.39 42.65
C20 PX4 SB . -20.04 16.41 41.46
C21 PX4 SB . -20.03 15.10 40.65
C22 PX4 SB . -18.67 15.02 40.00
O7 PX4 SB . -23.51 20.52 52.30
C23 PX4 SB . -24.61 19.88 51.81
O8 PX4 SB . -25.73 20.35 51.97
C24 PX4 SB . -24.27 18.56 51.12
C25 PX4 SB . -24.06 18.52 49.62
C26 PX4 SB . -23.40 17.27 49.01
C27 PX4 SB . -22.96 17.47 47.55
C28 PX4 SB . -22.36 16.14 47.04
C29 PX4 SB . -23.33 14.96 46.95
C30 PX4 SB . -22.51 13.90 46.21
C31 PX4 SB . -23.61 12.96 45.73
C32 PX4 SB . -23.18 11.60 45.15
C33 PX4 SB . -24.30 10.83 44.44
C34 PX4 SB . -23.72 9.62 43.69
C35 PX4 SB . -25.01 9.00 43.13
C36 PX4 SB . -24.95 7.84 42.13
O1 PX4 TB . 38.64 10.18 50.19
O2 PX4 TB . 41.15 10.30 49.66
P1 PX4 TB . 39.81 10.90 49.64
O3 PX4 TB . 39.94 12.49 49.89
C1 PX4 TB . 40.98 13.07 49.11
C2 PX4 TB . 40.92 14.59 48.93
N1 PX4 TB . 40.24 15.12 47.75
C3 PX4 TB . 40.00 16.52 48.14
C4 PX4 TB . 40.97 14.91 46.49
C5 PX4 TB . 38.96 14.42 47.50
O4 PX4 TB . 39.49 11.07 48.07
C6 PX4 TB . 38.80 9.95 47.50
C7 PX4 TB . 38.88 9.72 45.99
C8 PX4 TB . 39.10 11.08 45.35
O5 PX4 TB . 39.38 11.07 43.94
C9 PX4 TB . 39.45 12.32 43.42
O6 PX4 TB . 39.70 13.27 44.16
C10 PX4 TB . 39.82 12.35 41.93
C11 PX4 TB . 39.16 13.52 41.19
C12 PX4 TB . 39.16 13.27 39.68
C13 PX4 TB . 38.85 14.52 38.85
C14 PX4 TB . 39.23 14.29 37.40
C15 PX4 TB . 38.75 15.37 36.43
C16 PX4 TB . 39.52 15.04 35.14
C17 PX4 TB . 39.25 16.00 33.99
C18 PX4 TB . 39.73 15.47 32.62
C19 PX4 TB . 39.47 16.47 31.49
C20 PX4 TB . 39.79 15.77 30.18
C21 PX4 TB . 39.08 14.42 30.25
C22 PX4 TB . 39.11 13.58 28.98
O7 PX4 TB . 39.79 8.71 45.56
C23 PX4 TB . 39.36 7.43 45.38
O8 PX4 TB . 38.47 6.96 46.09
C24 PX4 TB . 40.36 6.60 44.57
C25 PX4 TB . 39.97 6.68 43.10
C26 PX4 TB . 40.85 5.70 42.33
C27 PX4 TB . 40.44 5.61 40.85
C28 PX4 TB . 41.48 4.71 40.15
C29 PX4 TB . 40.99 4.24 38.78
C30 PX4 TB . 40.93 5.41 37.81
C31 PX4 TB . 40.46 4.97 36.42
C32 PX4 TB . 41.16 5.75 35.30
C33 PX4 TB . 40.41 5.24 34.08
C34 PX4 TB . 40.92 5.86 32.77
C35 PX4 TB . 40.36 5.45 31.42
C36 PX4 TB . 38.85 5.70 31.46
O1 PX4 UB . -7.16 49.90 52.85
O2 PX4 UB . -5.20 48.36 53.55
P1 PX4 UB . -5.88 49.20 52.53
O3 PX4 UB . -4.82 50.37 52.23
C1 PX4 UB . -4.48 51.10 53.42
C2 PX4 UB . -3.70 52.37 53.10
N1 PX4 UB . -2.41 52.28 52.39
C3 PX4 UB . -1.65 53.51 52.65
C4 PX4 UB . -1.54 51.24 52.95
C5 PX4 UB . -2.48 52.09 50.93
O4 PX4 UB . -6.20 48.40 51.18
C6 PX4 UB . -5.32 47.27 51.14
C7 PX4 UB . -5.06 46.70 49.74
C8 PX4 UB . -6.24 47.16 48.88
O5 PX4 UB . -6.63 46.09 48.00
C9 PX4 UB . -7.53 46.42 47.05
O6 PX4 UB . -8.29 47.37 47.20
C10 PX4 UB . -7.75 45.40 45.93
C11 PX4 UB . -7.37 45.99 44.57
C12 PX4 UB . -7.51 44.86 43.53
C13 PX4 UB . -7.33 45.37 42.12
C14 PX4 UB . -7.61 44.32 41.04
C15 PX4 UB . -7.36 45.01 39.71
C16 PX4 UB . -7.17 44.12 38.48
C17 PX4 UB . -6.99 44.87 37.17
C18 PX4 UB . -6.39 44.00 36.05
C19 PX4 UB . -6.66 44.65 34.68
C20 PX4 UB . -6.37 43.57 33.64
C21 PX4 UB . -6.33 44.19 32.25
C22 PX4 UB . -6.39 43.08 31.20
O7 PX4 UB . -3.84 47.14 49.15
C23 PX4 UB . -3.23 46.25 48.32
O8 PX4 UB . -3.38 45.03 48.40
C24 PX4 UB . -2.15 46.74 47.35
C25 PX4 UB . -2.83 47.02 46.01
C26 PX4 UB . -1.70 47.36 45.03
C27 PX4 UB . -2.14 47.77 43.62
C28 PX4 UB . -2.52 49.25 43.62
C29 PX4 UB . -2.74 49.62 42.15
C30 PX4 UB . -3.72 50.79 42.02
C31 PX4 UB . -3.65 51.40 40.64
C32 PX4 UB . -4.21 50.71 39.40
C33 PX4 UB . -4.07 51.67 38.21
C34 PX4 UB . -4.24 51.02 36.84
C35 PX4 UB . -4.24 52.02 35.68
C36 PX4 UB . -5.48 52.93 35.84
O1 PX4 VB . -30.51 -8.71 60.72
O2 PX4 VB . -32.60 -7.22 60.48
P1 PX4 VB . -31.50 -8.00 59.89
O3 PX4 VB . -32.35 -8.99 58.95
C1 PX4 VB . -32.83 -10.07 59.75
C2 PX4 VB . -34.00 -10.84 59.15
N1 PX4 VB . -35.26 -10.17 58.82
C3 PX4 VB . -36.25 -11.27 58.76
C4 PX4 VB . -35.73 -9.34 59.95
C5 PX4 VB . -35.26 -9.44 57.55
O4 PX4 VB . -30.83 -7.20 58.66
C6 PX4 VB . -31.90 -6.50 58.01
C7 PX4 VB . -31.50 -6.12 56.58
C8 PX4 VB . -30.03 -5.68 56.50
O5 PX4 VB . -29.57 -4.59 55.69
C9 PX4 VB . -28.28 -4.21 55.87
O6 PX4 VB . -27.55 -4.61 56.78
C10 PX4 VB . -27.77 -3.10 54.95
C11 PX4 VB . -26.95 -3.56 53.74
C12 PX4 VB . -26.62 -2.31 52.92
C13 PX4 VB . -26.10 -2.90 51.61
C14 PX4 VB . -25.56 -1.95 50.54
C15 PX4 VB . -24.95 -2.67 49.35
C16 PX4 VB . -25.06 -1.67 48.18
C17 PX4 VB . -24.62 -2.32 46.87
C18 PX4 VB . -24.66 -1.29 45.74
C19 PX4 VB . -23.91 -1.98 44.61
C20 PX4 VB . -24.11 -1.36 43.22
C21 PX4 VB . -23.12 -1.85 42.16
C22 PX4 VB . -23.90 -1.57 40.87
O7 PX4 VB . -31.90 -7.01 55.55
C23 PX4 VB . -33.15 -6.81 55.05
O8 PX4 VB . -33.97 -6.12 55.67
C24 PX4 VB . -33.48 -7.35 53.66
C25 PX4 VB . -34.04 -8.76 53.75
C26 PX4 VB . -33.86 -9.36 52.35
C27 PX4 VB . -34.57 -8.40 51.40
C28 PX4 VB . -34.49 -8.96 49.97
C29 PX4 VB . -35.37 -10.20 49.84
C30 PX4 VB . -35.28 -10.68 48.38
C31 PX4 VB . -33.89 -11.23 48.03
C32 PX4 VB . -33.96 -11.63 46.55
C33 PX4 VB . -32.56 -12.12 46.20
C34 PX4 VB . -32.55 -12.34 44.69
C35 PX4 VB . -31.14 -12.63 44.21
C36 PX4 VB . -31.00 -12.88 42.70
O1 PX4 WB . -5.21 36.58 51.00
O2 PX4 WB . -6.09 38.30 49.22
P1 PX4 WB . -5.33 37.10 49.61
O3 PX4 WB . -6.12 35.87 48.97
C1 PX4 WB . -7.56 36.01 48.98
C2 PX4 WB . -8.37 34.79 48.55
N1 PX4 WB . -8.11 33.53 49.28
C3 PX4 WB . -6.89 32.78 48.93
C4 PX4 WB . -8.18 33.62 50.74
C5 PX4 WB . -9.26 32.66 48.97
O4 PX4 WB . -4.09 36.71 48.66
C6 PX4 WB . -4.38 37.20 47.35
C7 PX4 WB . -3.17 37.37 46.45
C8 PX4 WB . -3.05 35.96 45.87
O5 PX4 WB . -4.29 35.35 45.46
C9 PX4 WB . -4.33 34.04 45.08
O6 PX4 WB . -3.33 33.35 45.01
C10 PX4 WB . -5.77 33.66 44.76
C11 PX4 WB . -6.07 32.86 43.49
C12 PX4 WB . -5.39 33.55 42.31
C13 PX4 WB . -5.55 32.55 41.17
C14 PX4 WB . -7.04 32.35 40.91
C15 PX4 WB . -7.33 31.12 40.03
C16 PX4 WB . -8.86 30.97 39.91
C17 PX4 WB . -9.66 30.95 41.20
C18 PX4 WB . -11.12 30.81 40.74
C19 PX4 WB . -11.95 30.22 41.89
C20 PX4 WB . -11.70 28.74 42.10
C21 PX4 WB . -12.56 28.09 43.21
C22 PX4 WB . -12.30 28.67 44.60
O7 PX4 WB . -3.23 38.48 45.54
C23 PX4 WB . -2.97 39.69 46.07
O8 PX4 WB . -2.67 39.82 47.27
C24 PX4 WB . -3.03 40.93 45.17
C25 PX4 WB . -2.64 42.31 45.72
C26 PX4 WB . -3.31 43.37 44.87
C27 PX4 WB . -2.75 43.30 43.44
C28 PX4 WB . -3.47 44.30 42.55
C29 PX4 WB . -2.73 44.30 41.20
C30 PX4 WB . -3.41 45.15 40.14
C31 PX4 WB . -2.42 45.50 39.02
C32 PX4 WB . -2.93 46.44 37.93
C33 PX4 WB . -2.09 46.47 36.66
C34 PX4 WB . -2.82 47.19 35.54
C35 PX4 WB . -1.95 47.11 34.28
C36 PX4 WB . -2.67 47.87 33.18
O1 PX4 XB . 9.88 39.82 47.94
O2 PX4 XB . 9.52 38.58 50.25
P1 PX4 XB . 9.64 38.62 48.79
O3 PX4 XB . 11.02 37.82 48.57
C1 PX4 XB . 12.23 38.57 48.77
C2 PX4 XB . 13.50 37.71 48.82
N1 PX4 XB . 13.77 36.55 49.65
C3 PX4 XB . 13.06 35.34 49.20
C4 PX4 XB . 15.20 36.24 49.55
C5 PX4 XB . 13.54 36.94 51.06
O4 PX4 XB . 8.74 37.47 48.12
C6 PX4 XB . 9.33 37.28 46.83
C7 PX4 XB . 9.24 35.92 46.12
C8 PX4 XB . 7.86 35.98 45.44
O5 PX4 XB . 7.44 37.16 44.75
C9 PX4 XB . 6.08 37.29 44.71
O6 PX4 XB . 5.41 36.36 45.14
C10 PX4 XB . 5.43 38.51 44.05
C11 PX4 XB . 5.46 38.40 42.52
C12 PX4 XB . 4.81 39.67 41.99
C13 PX4 XB . 5.20 39.88 40.53
C14 PX4 XB . 4.38 41.08 40.05
C15 PX4 XB . 4.72 41.57 38.65
C16 PX4 XB . 5.92 42.49 38.90
C17 PX4 XB . 6.61 42.91 37.59
C18 PX4 XB . 5.65 43.87 36.85
C19 PX4 XB . 6.29 44.37 35.56
C20 PX4 XB . 5.36 45.47 35.02
C21 PX4 XB . 6.02 46.23 33.88
C22 PX4 XB . 7.41 46.87 34.02
O7 PX4 XB . 10.37 35.62 45.30
C23 PX4 XB . 11.47 35.00 45.80
O8 PX4 XB . 11.30 34.23 46.74
C24 PX4 XB . 12.78 35.06 45.01
C25 PX4 XB . 12.62 34.96 43.49
C26 PX4 XB . 14.05 34.76 43.01
C27 PX4 XB . 14.03 34.14 41.61
C28 PX4 XB . 13.32 34.92 40.51
C29 PX4 XB . 13.68 34.52 39.09
C30 PX4 XB . 12.68 35.19 38.13
C31 PX4 XB . 12.65 34.35 36.85
C32 PX4 XB . 11.51 34.83 35.95
C33 PX4 XB . 11.81 36.29 35.57
C34 PX4 XB . 10.83 36.66 34.44
C35 PX4 XB . 11.06 35.64 33.34
C36 PX4 XB . 12.44 35.70 32.67
O1 PX4 YB . 29.43 14.67 48.82
O2 PX4 YB . 31.97 14.14 49.31
P1 PX4 YB . 30.89 14.79 48.56
O3 PX4 YB . 31.18 16.35 48.91
C1 PX4 YB . 30.97 16.46 50.31
C2 PX4 YB . 31.91 17.49 50.92
N1 PX4 YB . 31.54 18.15 52.19
C3 PX4 YB . 31.30 17.10 53.19
C4 PX4 YB . 32.65 18.98 52.68
C5 PX4 YB . 30.36 19.00 51.99
O4 PX4 YB . 31.24 15.07 47.01
C6 PX4 YB . 32.65 15.26 46.94
C7 PX4 YB . 33.15 15.66 45.55
C8 PX4 YB . 32.16 15.04 44.57
O5 PX4 YB . 32.58 13.96 43.75
C9 PX4 YB . 31.62 13.56 42.88
O6 PX4 YB . 30.56 14.18 42.78
C10 PX4 YB . 31.99 12.45 41.90
C11 PX4 YB . 32.67 12.88 40.61
C12 PX4 YB . 33.07 11.67 39.76
C13 PX4 YB . 34.11 12.23 38.80
C14 PX4 YB . 34.78 11.11 38.03
C15 PX4 YB . 35.62 11.65 36.87
C16 PX4 YB . 34.70 12.31 35.84
C17 PX4 YB . 35.45 13.24 34.88
C18 PX4 YB . 34.57 13.92 33.83
C19 PX4 YB . 35.34 14.70 32.76
C20 PX4 YB . 34.48 15.17 31.58
C21 PX4 YB . 35.38 15.69 30.47
C22 PX4 YB . 34.95 15.02 29.17
O7 PX4 YB . 33.51 17.04 45.40
C23 PX4 YB . 34.62 17.51 46.04
O8 PX4 YB . 35.03 16.92 47.03
C24 PX4 YB . 34.95 18.94 45.59
C25 PX4 YB . 36.23 19.12 44.77
C26 PX4 YB . 36.25 20.52 44.16
C27 PX4 YB . 37.54 20.51 43.34
C28 PX4 YB . 37.92 21.80 42.58
C29 PX4 YB . 38.29 23.01 43.43
C30 PX4 YB . 38.68 24.20 42.53
C31 PX4 YB . 39.62 23.59 41.48
C32 PX4 YB . 39.95 24.66 40.44
C33 PX4 YB . 41.21 24.27 39.67
C34 PX4 YB . 41.27 25.28 38.51
C35 PX4 YB . 41.32 26.73 39.04
C36 PX4 YB . 41.79 27.69 37.96
O1 PX4 ZB . 35.87 12.73 48.42
O2 PX4 ZB . 33.84 12.07 46.90
P1 PX4 ZB . 35.28 12.08 47.22
O3 PX4 ZB . 35.62 10.51 47.18
C1 PX4 ZB . 34.80 9.87 48.16
C2 PX4 ZB . 34.67 8.35 47.98
N1 PX4 ZB . 33.70 7.83 47.00
C3 PX4 ZB . 33.65 6.36 47.12
C4 PX4 ZB . 32.32 8.22 47.35
C5 PX4 ZB . 34.10 8.20 45.64
O4 PX4 ZB . 35.92 12.49 45.80
C6 PX4 ZB . 35.17 11.81 44.80
C7 PX4 ZB . 35.52 12.15 43.35
C8 PX4 ZB . 36.08 13.57 43.31
O5 PX4 ZB . 35.68 14.48 42.29
C9 PX4 ZB . 36.33 15.68 42.25
O6 PX4 ZB . 37.32 15.88 42.95
C10 PX4 ZB . 35.92 16.66 41.16
C11 PX4 ZB . 37.12 17.29 40.44
C12 PX4 ZB . 36.70 18.16 39.26
C13 PX4 ZB . 35.80 19.31 39.73
C14 PX4 ZB . 35.10 20.08 38.60
C15 PX4 ZB . 34.25 21.29 39.01
C16 PX4 ZB . 33.47 21.66 37.76
C17 PX4 ZB . 32.53 20.66 37.10
C18 PX4 ZB . 31.58 21.17 36.03
C19 PX4 ZB . 30.56 20.24 35.38
C20 PX4 ZB . 29.51 19.95 36.45
C21 PX4 ZB . 28.40 19.01 35.94
C22 PX4 ZB . 27.42 18.56 37.02
O7 PX4 ZB . 36.52 11.29 42.78
C23 PX4 ZB . 36.27 10.03 42.33
O8 PX4 ZB . 35.15 9.65 42.00
C24 PX4 ZB . 37.45 9.17 41.88
C25 PX4 ZB . 37.80 9.69 40.48
C26 PX4 ZB . 38.79 8.61 40.05
C27 PX4 ZB . 39.37 8.82 38.66
C28 PX4 ZB . 38.32 8.86 37.54
C29 PX4 ZB . 39.02 9.00 36.19
C30 PX4 ZB . 39.70 10.36 36.07
C31 PX4 ZB . 40.32 10.73 34.72
C32 PX4 ZB . 39.15 10.60 33.75
C33 PX4 ZB . 39.56 10.83 32.30
C34 PX4 ZB . 40.43 9.69 31.79
C35 PX4 ZB . 40.93 9.78 30.35
C36 PX4 ZB . 39.91 9.81 29.21
O1 PX4 AC . 30.32 5.31 48.10
O2 PX4 AC . 28.86 3.71 46.52
P1 PX4 AC . 30.10 4.38 46.98
O3 PX4 AC . 31.19 3.20 47.05
C1 PX4 AC . 30.77 2.26 46.07
C2 PX4 AC . 31.82 1.17 45.85
N1 PX4 AC . 32.81 1.32 44.77
C3 PX4 AC . 33.66 0.13 44.91
C4 PX4 AC . 32.19 1.24 43.43
C5 PX4 AC . 33.72 2.47 44.90
O4 PX4 AC . 30.81 5.09 45.72
C6 PX4 AC . 29.68 5.69 45.07
C7 PX4 AC . 29.91 6.15 43.62
C8 PX4 AC . 31.09 5.26 43.21
O5 PX4 AC . 32.26 5.94 42.80
C9 PX4 AC . 33.23 5.26 42.13
O6 PX4 AC . 33.23 4.03 42.08
C10 PX4 AC . 34.35 6.12 41.54
C11 PX4 AC . 34.34 5.91 40.03
C12 PX4 AC . 35.52 6.67 39.44
C13 PX4 AC . 35.88 6.16 38.04
C14 PX4 AC . 34.74 6.53 37.09
C15 PX4 AC . 35.19 6.28 35.65
C16 PX4 AC . 33.90 6.27 34.82
C17 PX4 AC . 34.25 5.98 33.37
C18 PX4 AC . 33.03 6.21 32.47
C19 PX4 AC . 33.59 6.21 31.05
C20 PX4 AC . 32.36 5.83 30.22
C21 PX4 AC . 32.60 5.80 28.71
C22 PX4 AC . 33.56 4.63 28.52
O7 PX4 AC . 28.74 6.04 42.79
C23 PX4 AC . 27.80 7.02 42.77
O8 PX4 AC . 27.89 7.92 43.59
C24 PX4 AC . 26.67 6.88 41.73
C25 PX4 AC . 26.58 8.00 40.70
C26 PX4 AC . 25.34 7.61 39.88
C27 PX4 AC . 25.43 8.38 38.57
C28 PX4 AC . 24.03 8.92 38.29
C29 PX4 AC . 24.02 9.68 36.96
C30 PX4 AC . 24.43 8.71 35.86
C31 PX4 AC . 24.17 9.34 34.49
C32 PX4 AC . 24.40 8.42 33.28
C33 PX4 AC . 24.00 9.17 32.00
C34 PX4 AC . 24.46 8.29 30.83
C35 PX4 AC . 23.99 8.87 29.50
C36 PX4 AC . 24.76 8.34 28.28
O1 PX4 BC . 8.97 -26.97 56.30
O2 PX4 BC . 7.16 -28.66 56.86
P1 PX4 BC . 8.57 -28.25 56.95
O3 PX4 BC . 8.54 -27.76 58.49
C1 PX4 BC . 7.43 -26.85 58.45
C2 PX4 BC . 7.22 -26.16 59.81
N1 PX4 BC . 6.58 -26.98 60.86
C3 PX4 BC . 7.55 -27.95 61.39
C4 PX4 BC . 6.25 -26.11 62.00
C5 PX4 BC . 5.29 -27.58 60.52
O4 PX4 BC . 9.71 -29.38 56.96
C6 PX4 BC . 9.73 -30.24 55.82
C7 PX4 BC . 9.24 -31.69 55.99
C8 PX4 BC . 7.84 -31.57 55.42
O5 PX4 BC . 7.75 -30.81 54.21
C9 PX4 BC . 7.52 -31.58 53.11
O6 PX4 BC . 6.92 -32.63 53.26
C10 PX4 BC . 7.14 -30.67 51.94
C11 PX4 BC . 6.84 -31.41 50.62
C12 PX4 BC . 6.40 -30.36 49.60
C13 PX4 BC . 5.89 -30.94 48.28
C14 PX4 BC . 5.68 -29.78 47.31
C15 PX4 BC . 5.30 -30.37 45.95
C16 PX4 BC . 5.16 -29.41 44.78
C17 PX4 BC . 5.15 -30.15 43.44
C18 PX4 BC . 5.33 -29.20 42.26
C19 PX4 BC . 5.09 -30.17 41.10
C20 PX4 BC . 5.37 -29.48 39.75
C21 PX4 BC . 6.88 -29.56 39.53
C22 PX4 BC . 7.49 -30.96 39.40
O7 PX4 BC . 10.13 -32.73 55.56
C23 PX4 BC . 9.69 -34.01 55.71
O8 PX4 BC . 8.73 -34.26 56.42
C24 PX4 BC . 10.49 -35.16 55.08
C25 PX4 BC . 9.59 -35.88 54.09
C26 PX4 BC . 9.45 -35.19 52.74
C27 PX4 BC . 8.76 -36.10 51.72
C28 PX4 BC . 8.38 -35.30 50.47
C29 PX4 BC . 8.40 -36.32 49.35
C30 PX4 BC . 7.89 -35.78 48.01
C31 PX4 BC . 8.00 -36.92 46.97
C32 PX4 BC . 7.86 -36.22 45.62
C33 PX4 BC . 8.27 -37.12 44.44
C34 PX4 BC . 8.15 -36.32 43.14
C35 PX4 BC . 8.67 -37.09 41.92
C36 PX4 BC . 8.49 -36.21 40.69
O1 PX4 CC . -28.16 3.16 61.81
O2 PX4 CC . -25.71 2.74 60.90
P1 PX4 CC . -27.09 3.25 60.78
O3 PX4 CC . -27.08 4.86 60.95
C1 PX4 CC . -26.87 5.23 62.32
C2 PX4 CC . -26.53 6.71 62.55
N1 PX4 CC . -25.15 7.12 62.25
C3 PX4 CC . -24.94 8.27 63.12
C4 PX4 CC . -24.14 6.08 62.52
C5 PX4 CC . -25.15 7.61 60.85
O4 PX4 CC . -27.48 3.40 59.23
C6 PX4 CC . -26.31 3.97 58.63
C7 PX4 CC . -26.36 4.14 57.11
C8 PX4 CC . -27.62 3.66 56.38
O5 PX4 CC . -27.50 3.02 55.11
C9 PX4 CC . -28.46 2.05 55.00
O6 PX4 CC . -29.51 2.13 55.65
C10 PX4 CC . -28.52 1.32 53.66
C11 PX4 CC . -29.31 2.17 52.65
C12 PX4 CC . -29.02 1.48 51.31
C13 PX4 CC . -27.56 1.64 50.89
C14 PX4 CC . -27.44 1.56 49.37
C15 PX4 CC . -26.06 1.93 48.84
C16 PX4 CC . -26.17 2.02 47.31
C17 PX4 CC . -24.92 2.83 46.98
C18 PX4 CC . -24.87 2.99 45.45
C19 PX4 CC . -26.13 3.79 45.07
C20 PX4 CC . -26.49 3.71 43.59
C21 PX4 CC . -27.40 4.89 43.27
C22 PX4 CC . -27.60 4.87 41.75
O7 PX4 CC . -25.82 5.39 56.70
C23 PX4 CC . -24.49 5.52 56.47
O8 PX4 CC . -23.65 4.77 56.97
C24 PX4 CC . -24.05 6.86 55.87
C25 PX4 CC . -23.21 6.74 54.59
C26 PX4 CC . -24.08 6.21 53.45
C27 PX4 CC . -25.38 7.03 53.33
C28 PX4 CC . -26.32 6.18 52.46
C29 PX4 CC . -27.69 6.84 52.27
C30 PX4 CC . -28.77 6.01 51.59
C31 PX4 CC . -29.91 6.92 51.13
C32 PX4 CC . -31.08 6.08 50.63
C33 PX4 CC . -30.48 5.28 49.48
C34 PX4 CC . -31.62 4.60 48.71
C35 PX4 CC . -31.10 3.63 47.65
C36 PX4 CC . -30.18 4.38 46.69
O1 PX4 DC . -28.91 -0.27 62.72
O2 PX4 DC . -31.20 1.12 62.69
P1 PX4 DC . -30.24 0.12 62.17
O3 PX4 DC . -31.09 -1.25 62.22
C1 PX4 DC . -30.50 -2.22 63.09
C2 PX4 DC . -31.32 -3.50 63.19
N1 PX4 DC . -31.00 -4.51 64.22
C3 PX4 DC . -29.66 -5.09 64.03
C4 PX4 DC . -31.14 -4.08 65.62
C5 PX4 DC . -31.90 -5.60 63.83
O4 PX4 DC . -30.08 0.30 60.59
C6 PX4 DC . -28.85 -0.34 60.23
C7 PX4 DC . -28.82 -0.66 58.75
C8 PX4 DC . -30.25 -0.40 58.24
O5 PX4 DC . -30.69 -1.55 57.52
C9 PX4 DC . -31.86 -1.29 56.90
O6 PX4 DC . -32.52 -0.35 57.34
C10 PX4 DC . -32.45 -2.39 56.02
C11 PX4 DC . -32.17 -2.19 54.52
C12 PX4 DC . -32.97 -3.24 53.73
C13 PX4 DC . -32.96 -2.92 52.23
C14 PX4 DC . -33.63 -4.18 51.68
C15 PX4 DC . -33.56 -4.15 50.15
C16 PX4 DC . -33.91 -5.35 49.27
C17 PX4 DC . -33.50 -5.15 47.80
C18 PX4 DC . -33.73 -6.47 47.06
C19 PX4 DC . -33.25 -6.27 45.61
C20 PX4 DC . -33.40 -7.53 44.75
C21 PX4 DC . -33.01 -7.48 43.27
C22 PX4 DC . -33.39 -8.77 42.55
O7 PX4 DC . -27.84 0.06 57.99
C23 PX4 DC . -26.57 -0.35 58.20
O8 PX4 DC . -26.31 -1.34 58.89
C24 PX4 DC . -25.55 0.49 57.43
C25 PX4 DC . -25.19 0.11 55.99
C26 PX4 DC . -24.43 1.13 55.14
C27 PX4 DC . -24.54 0.86 53.63
C28 PX4 DC . -23.33 1.49 52.93
C29 PX4 DC . -23.48 1.14 51.45
C30 PX4 DC . -22.33 1.73 50.64
C31 PX4 DC . -22.37 1.05 49.28
C32 PX4 DC . -21.36 1.62 48.28
C33 PX4 DC . -21.52 1.02 46.87
C34 PX4 DC . -20.65 1.88 45.95
C35 PX4 DC . -20.69 1.43 44.49
C36 PX4 DC . -20.25 -0.02 44.34
O1 PX4 EC . 6.28 36.29 49.71
O2 PX4 EC . 6.88 37.72 51.83
P1 PX4 EC . 6.00 37.36 50.70
O3 PX4 EC . 4.70 36.98 51.57
C1 PX4 EC . 4.51 37.94 52.62
C2 PX4 EC . 3.36 37.77 53.62
N1 PX4 EC . 3.45 36.88 54.79
C3 PX4 EC . 2.15 37.02 55.46
C4 PX4 EC . 3.73 35.48 54.49
C5 PX4 EC . 4.48 37.22 55.78
O4 PX4 EC . 5.28 38.50 49.82
C6 PX4 EC . 4.70 38.16 48.56
C7 PX4 EC . 3.76 39.24 48.03
C8 PX4 EC . 4.58 40.51 47.80
O5 PX4 EC . 5.58 40.38 46.77
C9 PX4 EC . 6.62 41.25 46.85
O6 PX4 EC . 6.83 41.84 47.91
C10 PX4 EC . 7.72 41.29 45.79
C11 PX4 EC . 7.57 42.55 44.93
C12 PX4 EC . 6.17 42.64 44.34
C13 PX4 EC . 6.26 43.82 43.37
C14 PX4 EC . 5.03 44.73 43.42
C15 PX4 EC . 5.24 46.21 43.06
C16 PX4 EC . 5.54 46.52 41.60
C17 PX4 EC . 5.39 47.99 41.21
C18 PX4 EC . 5.62 47.96 39.70
C19 PX4 EC . 5.63 49.29 38.95
C20 PX4 EC . 6.01 49.03 37.50
C21 PX4 EC . 5.81 50.30 36.66
C22 PX4 EC . 6.64 50.32 35.38
O7 PX4 EC . 2.88 38.88 46.95
C23 PX4 EC . 1.83 38.06 47.22
O8 PX4 EC . 1.54 37.53 48.29
C24 PX4 EC . 0.91 37.86 46.00
C25 PX4 EC . 1.49 36.73 45.15
C26 PX4 EC . 0.66 36.34 43.93
C27 PX4 EC . 1.53 35.51 42.98
C28 PX4 EC . 0.92 35.19 41.61
C29 PX4 EC . 1.93 34.49 40.72
C30 PX4 EC . 3.16 35.35 40.46
C31 PX4 EC . 4.37 34.66 39.80
C32 PX4 EC . 5.24 35.63 39.01
C33 PX4 EC . 6.50 35.00 38.39
C34 PX4 EC . 7.28 34.32 39.51
C35 PX4 EC . 8.45 33.62 38.83
C36 PX4 EC . 9.59 33.22 39.78
O1 PX4 FC . 28.60 22.20 49.56
O2 PX4 FC . 30.76 20.94 49.25
P1 PX4 FC . 29.91 22.08 48.87
O3 PX4 FC . 30.59 23.39 49.52
C1 PX4 FC . 29.90 24.61 49.17
C2 PX4 FC . 30.64 25.85 49.68
N1 PX4 FC . 30.28 27.19 49.24
C3 PX4 FC . 30.94 28.25 50.02
C4 PX4 FC . 30.56 27.40 47.81
C5 PX4 FC . 28.85 27.49 49.50
O4 PX4 FC . 29.98 22.66 47.37
C6 PX4 FC . 30.32 21.56 46.51
C7 PX4 FC . 30.53 21.98 45.06
C8 PX4 FC . 31.08 23.40 45.06
O5 PX4 FC . 30.35 24.21 44.13
C9 PX4 FC . 29.21 24.83 44.51
O6 PX4 FC . 29.13 25.33 45.64
C10 PX4 FC . 28.17 25.03 43.40
C11 PX4 FC . 26.74 25.08 43.96
C12 PX4 FC . 25.75 25.65 42.95
C13 PX4 FC . 26.29 26.95 42.39
C14 PX4 FC . 25.26 27.47 41.39
C15 PX4 FC . 25.69 28.84 40.82
C16 PX4 FC . 24.82 29.47 39.72
C17 PX4 FC . 25.36 30.84 39.31
C18 PX4 FC . 24.30 31.51 38.44
C19 PX4 FC . 23.74 30.61 37.33
C20 PX4 FC . 22.71 31.37 36.50
C21 PX4 FC . 22.07 30.48 35.44
C22 PX4 FC . 21.22 31.21 34.41
O7 PX4 FC . 31.24 21.09 44.20
C23 PX4 FC . 30.58 19.99 43.70
O8 PX4 FC . 29.39 19.79 43.94
C24 PX4 FC . 31.39 18.81 43.17
C25 PX4 FC . 32.12 19.25 41.91
C26 PX4 FC . 32.33 17.94 41.12
C27 PX4 FC . 31.02 17.40 40.51
C28 PX4 FC . 31.31 16.22 39.58
C29 PX4 FC . 32.20 16.50 38.37
C30 PX4 FC . 32.27 15.29 37.45
C31 PX4 FC . 33.07 15.80 36.25
C32 PX4 FC . 32.50 17.11 35.70
C33 PX4 FC . 33.33 17.70 34.57
C34 PX4 FC . 34.66 18.39 34.88
C35 PX4 FC . 35.13 18.99 33.56
C36 PX4 FC . 36.37 19.89 33.72
O1 PX4 GC . 13.72 -29.13 57.93
O2 PX4 GC . 15.15 -29.24 55.87
P1 PX4 GC . 13.89 -29.61 56.53
O3 PX4 GC . 12.76 -28.66 55.85
C1 PX4 GC . 12.74 -27.41 56.54
C2 PX4 GC . 12.31 -26.31 55.56
N1 PX4 GC . 13.19 -25.83 54.51
C3 PX4 GC . 13.21 -26.70 53.33
C4 PX4 GC . 12.60 -24.53 54.15
C5 PX4 GC . 14.57 -25.77 55.04
O4 PX4 GC . 13.48 -31.09 56.08
C6 PX4 GC . 13.58 -31.24 54.65
C7 PX4 GC . 13.16 -32.60 54.07
C8 PX4 GC . 12.28 -32.37 52.84
O5 PX4 GC . 12.14 -30.99 52.47
C9 PX4 GC . 11.16 -30.84 51.53
O6 PX4 GC . 10.46 -31.72 51.04
C10 PX4 GC . 10.96 -29.40 51.06
C11 PX4 GC . 11.19 -29.29 49.54
C12 PX4 GC . 9.98 -28.83 48.74
C13 PX4 GC . 10.32 -28.85 47.25
C14 PX4 GC . 9.18 -28.37 46.35
C15 PX4 GC . 9.69 -28.22 44.91
C16 PX4 GC . 8.81 -27.60 43.83
C17 PX4 GC . 8.28 -26.20 44.09
C18 PX4 GC . 7.33 -25.94 42.91
C19 PX4 GC . 6.40 -24.76 43.17
C20 PX4 GC . 5.46 -24.57 41.97
C21 PX4 GC . 4.59 -23.32 42.15
C22 PX4 GC . 5.53 -22.13 42.04
O7 PX4 GC . 14.31 -33.33 53.64
C23 PX4 GC . 15.20 -33.81 54.54
O8 PX4 GC . 15.00 -33.82 55.76
C24 PX4 GC . 16.48 -34.33 53.87
C25 PX4 GC . 16.52 -33.93 52.39
C26 PX4 GC . 17.88 -34.36 51.82
C27 PX4 GC . 17.94 -34.15 50.30
C28 PX4 GC . 16.98 -35.10 49.56
C29 PX4 GC . 17.40 -35.10 48.09
C30 PX4 GC . 16.68 -36.08 47.17
C31 PX4 GC . 17.24 -36.03 45.74
C32 PX4 GC . 16.82 -37.20 44.85
C33 PX4 GC . 17.66 -37.14 43.57
C34 PX4 GC . 17.48 -35.82 42.81
C35 PX4 GC . 18.46 -35.84 41.64
C36 PX4 GC . 18.40 -34.45 40.99
O1 PX4 HC . 4.80 -22.35 57.84
O2 PX4 HC . 7.15 -23.29 58.47
P1 PX4 HC . 6.23 -22.65 57.52
O3 PX4 HC . 6.89 -21.27 57.05
C1 PX4 HC . 6.94 -20.35 58.16
C2 PX4 HC . 8.09 -19.37 57.96
N1 PX4 HC . 8.20 -18.42 56.85
C3 PX4 HC . 9.18 -17.36 57.15
C4 PX4 HC . 8.55 -19.11 55.60
C5 PX4 HC . 6.93 -17.67 56.80
O4 PX4 HC . 6.13 -23.55 56.20
C6 PX4 HC . 5.72 -22.72 55.11
C7 PX4 HC . 5.60 -23.46 53.77
C8 PX4 HC . 5.87 -24.95 54.02
O5 PX4 HC . 6.54 -25.68 52.99
C9 PX4 HC . 7.84 -25.30 52.93
O6 PX4 HC . 8.38 -24.67 53.85
C10 PX4 HC . 8.73 -25.92 51.86
C11 PX4 HC . 9.71 -24.91 51.30
C12 PX4 HC . 10.36 -25.40 49.99
C13 PX4 HC . 11.12 -24.28 49.30
C14 PX4 HC . 11.70 -24.47 47.90
C15 PX4 HC . 12.66 -25.68 47.95
C16 PX4 HC . 13.71 -25.67 46.83
C17 PX4 HC . 13.08 -25.93 45.46
C18 PX4 HC . 14.07 -26.19 44.33
C19 PX4 HC . 13.79 -27.52 43.59
C20 PX4 HC . 14.80 -27.49 42.45
C21 PX4 HC . 14.58 -26.48 41.32
C22 PX4 HC . 15.09 -27.06 39.99
O7 PX4 HC . 4.36 -23.26 53.07
C23 PX4 HC . 4.03 -22.02 52.61
O8 PX4 HC . 4.85 -21.12 52.46
C24 PX4 HC . 2.58 -21.87 52.16
C25 PX4 HC . 2.18 -22.61 50.89
C26 PX4 HC . 2.93 -22.07 49.68
C27 PX4 HC . 2.49 -22.88 48.45
C28 PX4 HC . 2.74 -22.03 47.19
C29 PX4 HC . 2.16 -22.78 46.00
C30 PX4 HC . 2.79 -24.17 45.87
C31 PX4 HC . 2.01 -24.86 44.76
C32 PX4 HC . 2.43 -26.29 44.41
C33 PX4 HC . 1.53 -26.77 43.27
C34 PX4 HC . 1.90 -25.80 42.14
C35 PX4 HC . 1.15 -26.25 40.89
C36 PX4 HC . 1.65 -25.52 39.65
O1 PX4 IC . -31.82 10.14 59.25
O2 PX4 IC . -34.08 8.91 59.46
P1 PX4 IC . -32.69 8.96 58.99
O3 PX4 IC . -31.93 7.61 59.41
C1 PX4 IC . -32.95 6.63 59.20
C2 PX4 IC . -32.50 5.22 59.57
N1 PX4 IC . -31.59 4.55 58.62
C3 PX4 IC . -32.17 4.45 57.28
C4 PX4 IC . -30.28 5.20 58.46
C5 PX4 IC . -31.22 3.22 59.09
O4 PX4 IC . -32.70 8.70 57.39
C6 PX4 IC . -31.37 8.99 56.96
C7 PX4 IC . -31.16 8.65 55.48
C8 PX4 IC . -32.45 8.17 54.84
O5 PX4 IC . -32.45 6.88 54.21
C9 PX4 IC . -33.67 6.52 53.71
O6 PX4 IC . -34.66 7.26 53.76
C10 PX4 IC . -33.66 5.24 52.85
C11 PX4 IC . -35.08 4.83 52.46
C12 PX4 IC . -34.86 4.19 51.08
C13 PX4 IC . -36.18 3.89 50.38
C14 PX4 IC . -35.87 3.52 48.93
C15 PX4 IC . -36.26 4.61 47.94
C16 PX4 IC . -36.06 4.24 46.46
C17 PX4 IC . -34.56 4.02 46.27
C18 PX4 IC . -34.26 3.39 44.91
C19 PX4 IC . -34.70 4.40 43.85
C20 PX4 IC . -34.47 3.91 42.42
C21 PX4 IC . -34.87 5.06 41.48
C22 PX4 IC . -34.53 4.74 40.02
O7 PX4 IC . -30.48 9.73 54.83
C23 PX4 IC . -29.13 9.58 54.68
O8 PX4 IC . -28.66 8.54 55.16
C24 PX4 IC . -28.33 10.77 54.14
C25 PX4 IC . -28.47 10.55 52.63
C26 PX4 IC . -28.23 11.80 51.79
C27 PX4 IC . -28.17 11.36 50.32
C28 PX4 IC . -29.36 10.53 49.81
C29 PX4 IC . -29.08 10.02 48.39
C30 PX4 IC . -28.79 11.22 47.48
C31 PX4 IC . -28.72 10.77 46.02
C32 PX4 IC . -28.74 11.94 45.03
C33 PX4 IC . -29.27 11.33 43.74
C34 PX4 IC . -28.92 12.16 42.50
C35 PX4 IC . -29.47 11.67 41.15
C36 PX4 IC . -29.09 10.20 40.97
O1 PX4 JC . -29.07 15.54 60.73
O2 PX4 JC . -28.57 17.08 58.75
P1 PX4 JC . -29.45 16.08 59.41
O3 PX4 JC . -30.98 16.57 59.34
C1 PX4 JC . -31.93 15.60 59.80
C2 PX4 JC . -33.29 16.29 59.95
N1 PX4 JC . -34.09 16.79 58.82
C3 PX4 JC . -35.47 17.00 59.26
C4 PX4 JC . -33.53 18.05 58.29
C5 PX4 JC . -34.14 15.84 57.70
O4 PX4 JC . -29.59 14.90 58.31
C6 PX4 JC . -28.68 13.80 58.46
C7 PX4 JC . -28.64 12.81 57.29
C8 PX4 JC . -29.36 13.48 56.11
O5 PX4 JC . -30.60 12.84 55.84
C9 PX4 JC . -31.48 13.55 55.09
O6 PX4 JC . -31.33 14.74 54.79
C10 PX4 JC . -32.77 12.87 54.62
C11 PX4 JC . -32.46 12.20 53.28
C12 PX4 JC . -33.54 11.25 52.75
C13 PX4 JC . -33.09 10.30 51.64
C14 PX4 JC . -34.28 9.42 51.22
C15 PX4 JC . -33.84 8.40 50.16
C16 PX4 JC . -33.59 9.04 48.80
C17 PX4 JC . -33.09 7.98 47.82
C18 PX4 JC . -32.73 8.46 46.43
C19 PX4 JC . -32.03 7.30 45.69
C20 PX4 JC . -32.06 7.53 44.18
C21 PX4 JC . -30.83 6.85 43.57
C22 PX4 JC . -30.80 6.96 42.05
O7 PX4 JC . -27.38 12.22 57.01
C23 PX4 JC . -27.03 11.13 57.75
O8 PX4 JC . -27.60 10.83 58.81
C24 PX4 JC . -25.81 10.36 57.23
C25 PX4 JC . -24.91 11.02 56.17
C26 PX4 JC . -23.55 10.37 55.89
C27 PX4 JC . -22.70 11.23 54.96
C28 PX4 JC . -23.45 11.62 53.69
C29 PX4 JC . -23.78 10.36 52.89
C30 PX4 JC . -24.31 10.84 51.54
C31 PX4 JC . -24.28 9.78 50.44
C32 PX4 JC . -24.47 10.42 49.06
C33 PX4 JC . -24.55 9.34 47.99
C34 PX4 JC . -25.59 8.30 48.42
C35 PX4 JC . -25.50 7.16 47.41
C36 PX4 JC . -26.10 5.89 47.98
O1 PX4 KC . -11.44 3.66 56.88
O2 PX4 KC . -12.65 5.82 56.44
P1 PX4 KC . -12.36 4.44 56.03
O3 PX4 KC . -13.79 3.71 55.90
C1 PX4 KC . -13.62 2.31 56.09
C2 PX4 KC . -14.76 1.44 56.62
N1 PX4 KC . -15.26 1.62 57.99
C3 PX4 KC . -15.56 3.02 58.30
C4 PX4 KC . -16.56 0.99 58.24
C5 PX4 KC . -14.46 1.21 59.15
O4 PX4 KC . -12.00 4.49 54.45
C6 PX4 KC . -12.78 5.43 53.71
C7 PX4 KC . -13.43 4.81 52.47
C8 PX4 KC . -13.22 3.30 52.61
O5 PX4 KC . -13.04 2.62 51.37
C9 PX4 KC . -12.97 1.28 51.60
O6 PX4 KC . -12.72 0.85 52.72
C10 PX4 KC . -12.93 0.38 50.36
C11 PX4 KC . -12.79 1.20 49.08
C12 PX4 KC . -13.08 0.24 47.93
C13 PX4 KC . -12.40 0.65 46.62
C14 PX4 KC . -12.12 -0.61 45.80
C15 PX4 KC . -11.72 -0.24 44.37
C16 PX4 KC . -11.31 -1.61 43.79
C17 PX4 KC . -10.90 -1.26 42.36
C18 PX4 KC . -10.86 -2.44 41.39
C19 PX4 KC . -10.79 -1.95 39.95
C20 PX4 KC . -11.09 -3.18 39.10
C21 PX4 KC . -12.61 -3.37 38.98
C22 PX4 KC . -13.08 -4.21 37.80
O7 PX4 KC . -14.72 5.38 52.21
C23 PX4 KC . -14.99 6.56 51.60
O8 PX4 KC . -14.43 7.56 52.03
C24 PX4 KC . -16.33 6.81 50.91
C25 PX4 KC . -16.86 5.67 50.04
C26 PX4 KC . -15.77 5.19 49.09
C27 PX4 KC . -16.36 4.35 47.96
C28 PX4 KC . -15.44 4.02 46.77
C29 PX4 KC . -16.21 3.60 45.52
C30 PX4 KC . -15.18 3.21 44.47
C31 PX4 KC . -15.78 3.17 43.07
C32 PX4 KC . -16.87 2.14 42.80
C33 PX4 KC . -17.44 2.08 41.38
C34 PX4 KC . -18.35 0.86 41.30
C35 PX4 KC . -18.77 0.53 39.86
C36 PX4 KC . -19.74 -0.64 39.89
O1 PX4 LC . -17.26 -11.09 56.23
O2 PX4 LC . -18.74 -8.85 56.36
P1 PX4 LC . -18.50 -10.32 56.26
O3 PX4 LC . -19.24 -10.55 57.67
C1 PX4 LC . -18.27 -10.44 58.71
C2 PX4 LC . -18.99 -10.30 60.06
N1 PX4 LC . -19.11 -8.97 60.65
C3 PX4 LC . -19.60 -9.14 62.03
C4 PX4 LC . -17.77 -8.39 60.84
C5 PX4 LC . -20.06 -8.07 59.97
O4 PX4 LC . -19.55 -11.08 55.30
C6 PX4 LC . -18.91 -11.38 54.05
C7 PX4 LC . -19.77 -11.58 52.80
C8 PX4 LC . -21.00 -10.68 52.94
O5 PX4 LC . -22.25 -11.36 52.80
C9 PX4 LC . -23.40 -10.65 52.65
O6 PX4 LC . -23.46 -9.45 52.96
C10 PX4 LC . -24.68 -11.37 52.25
C11 PX4 LC . -24.51 -11.64 50.75
C12 PX4 LC . -25.58 -12.70 50.45
C13 PX4 LC . -25.71 -12.89 48.93
C14 PX4 LC . -26.25 -11.58 48.37
C15 PX4 LC . -26.13 -11.55 46.85
C16 PX4 LC . -27.31 -10.73 46.31
C17 PX4 LC . -27.51 -10.86 44.79
C18 PX4 LC . -26.38 -10.10 44.10
C19 PX4 LC . -26.58 -10.40 42.61
C20 PX4 LC . -25.41 -10.00 41.72
C21 PX4 LC . -25.50 -10.48 40.27
C22 PX4 LC . -26.83 -10.15 39.60
O7 PX4 LC . -19.11 -11.50 51.54
C23 PX4 LC . -18.36 -12.57 51.16
O8 PX4 LC . -18.13 -13.43 52.01
C24 PX4 LC . -17.69 -12.57 49.79
C25 PX4 LC . -18.55 -12.97 48.58
C26 PX4 LC . -17.88 -12.60 47.25
C27 PX4 LC . -18.74 -13.15 46.10
C28 PX4 LC . -18.00 -12.73 44.82
C29 PX4 LC . -18.62 -13.40 43.60
C30 PX4 LC . -17.62 -13.54 42.44
C31 PX4 LC . -18.13 -14.08 41.12
C32 PX4 LC . -17.11 -14.47 40.05
C33 PX4 LC . -17.67 -15.26 38.87
C34 PX4 LC . -16.51 -15.84 38.05
C35 PX4 LC . -16.93 -16.75 36.90
C36 PX4 LC . -15.81 -17.32 36.04
O1 PX4 MC . 17.21 30.30 45.66
O2 PX4 MC . 18.54 30.42 47.90
P1 PX4 MC . 18.39 29.99 46.50
O3 PX4 MC . 19.51 30.80 45.68
C1 PX4 MC . 19.11 32.16 45.47
C2 PX4 MC . 20.26 32.88 44.75
N1 PX4 MC . 20.07 34.20 44.12
C3 PX4 MC . 19.99 35.27 45.12
C4 PX4 MC . 21.11 34.41 43.11
C5 PX4 MC . 18.79 34.20 43.41
O4 PX4 MC . 18.84 28.45 46.31
C6 PX4 MC . 18.34 28.21 44.98
C7 PX4 MC . 18.50 26.73 44.65
C8 PX4 MC . 17.23 26.41 43.85
O5 PX4 MC . 16.97 27.22 42.70
C9 PX4 MC . 16.00 26.73 41.89
O6 PX4 MC . 15.70 25.54 42.01
C10 PX4 MC . 15.54 27.57 40.70
C11 PX4 MC . 14.85 28.89 41.06
C12 PX4 MC . 14.55 29.77 39.84
C13 PX4 MC . 15.80 30.14 39.05
C14 PX4 MC . 15.42 31.07 37.90
C15 PX4 MC . 16.61 31.37 36.99
C16 PX4 MC . 16.51 32.81 36.48
C17 PX4 MC . 17.69 33.18 35.60
C18 PX4 MC . 19.01 33.06 36.36
C19 PX4 MC . 19.25 33.96 37.57
C20 PX4 MC . 20.71 34.21 37.94
C21 PX4 MC . 20.83 34.91 39.30
C22 PX4 MC . 22.25 35.42 39.51
O7 PX4 MC . 19.77 26.49 44.05
C23 PX4 MC . 20.03 25.22 43.61
O8 PX4 MC . 19.39 24.28 44.09
C24 PX4 MC . 21.48 25.02 43.18
C25 PX4 MC . 21.68 24.01 42.04
C26 PX4 MC . 23.17 23.86 41.71
C27 PX4 MC . 23.38 22.76 40.67
C28 PX4 MC . 24.79 22.57 40.10
C29 PX4 MC . 24.85 21.57 38.94
C30 PX4 MC . 24.18 22.16 37.70
C31 PX4 MC . 24.77 21.76 36.35
C32 PX4 MC . 24.09 22.37 35.11
C33 PX4 MC . 24.92 22.13 33.85
C34 PX4 MC . 25.13 20.64 33.64
C35 PX4 MC . 25.99 20.49 32.37
C36 PX4 MC . 25.51 21.28 31.14
O1 PX4 NC . 5.41 -8.14 51.90
O2 PX4 NC . 4.44 -5.77 51.19
P1 PX4 NC . 4.33 -7.14 51.74
O3 PX4 NC . 3.91 -6.80 53.26
C1 PX4 NC . 5.01 -6.09 53.83
C2 PX4 NC . 4.57 -4.95 54.75
N1 PX4 NC . 4.04 -3.71 54.16
C3 PX4 NC . 3.79 -2.69 55.18
C4 PX4 NC . 4.85 -3.05 53.13
C5 PX4 NC . 2.70 -4.00 53.60
O4 PX4 NC . 2.94 -7.85 51.40
C6 PX4 NC . 2.90 -9.09 52.13
C7 PX4 NC . 2.47 -10.35 51.37
C8 PX4 NC . 1.61 -9.78 50.25
O5 PX4 NC . 0.94 -10.71 49.39
C9 PX4 NC . 0.10 -10.12 48.51
O6 PX4 NC . 0.12 -8.89 48.38
C10 PX4 NC . -0.83 -11.06 47.74
C11 PX4 NC . -1.05 -10.59 46.30
C12 PX4 NC . -2.06 -11.47 45.57
C13 PX4 NC . -2.51 -11.08 44.16
C14 PX4 NC . -3.96 -11.55 44.16
C15 PX4 NC . -4.71 -11.46 42.82
C16 PX4 NC . -6.23 -11.63 42.92
C17 PX4 NC . -6.83 -10.74 44.02
C18 PX4 NC . -6.70 -9.26 43.65
C19 PX4 NC . -7.49 -8.52 44.72
C20 PX4 NC . -6.91 -8.92 46.08
C21 PX4 NC . -7.42 -8.07 47.24
C22 PX4 NC . -7.13 -6.57 47.06
O7 PX4 NC . 3.60 -11.10 50.90
C23 PX4 NC . 3.60 -12.40 51.33
O8 PX4 NC . 3.23 -12.61 52.47
C24 PX4 NC . 4.68 -13.29 50.72
C25 PX4 NC . 4.99 -12.90 49.27
C26 PX4 NC . 5.93 -13.81 48.47
C27 PX4 NC . 5.96 -13.36 47.01
C28 PX4 NC . 7.37 -13.60 46.46
C29 PX4 NC . 7.43 -12.91 45.11
C30 PX4 NC . 6.54 -13.68 44.13
C31 PX4 NC . 6.49 -13.04 42.74
C32 PX4 NC . 5.49 -11.89 42.78
C33 PX4 NC . 5.58 -11.37 41.33
C34 PX4 NC . 5.16 -12.33 40.22
C35 PX4 NC . 5.61 -11.79 38.88
C36 PX4 NC . 5.49 -12.89 37.81
O1 PX4 OC . -2.78 -18.93 58.20
O2 PX4 OC . -0.39 -19.34 59.15
P1 PX4 OC . -1.32 -18.99 58.06
O3 PX4 OC . -0.83 -17.52 57.61
C1 PX4 OC . -1.40 -16.67 58.58
C2 PX4 OC . -1.05 -15.20 58.27
N1 PX4 OC . -1.59 -14.51 57.10
C3 PX4 OC . -3.06 -14.53 57.01
C4 PX4 OC . -1.41 -13.07 57.29
C5 PX4 OC . -0.92 -14.94 55.87
O4 PX4 OC . -1.06 -20.13 56.96
C6 PX4 OC . 0.35 -20.07 56.67
C7 PX4 OC . 0.66 -20.50 55.24
C8 PX4 OC . -0.32 -21.65 54.97
O5 PX4 OC . -0.29 -22.37 53.73
C9 PX4 OC . -1.30 -23.27 53.70
O6 PX4 OC . -1.92 -23.58 54.72
C10 PX4 OC . -1.47 -24.02 52.38
C11 PX4 OC . -0.62 -25.31 52.37
C12 PX4 OC . -0.87 -25.87 50.97
C13 PX4 OC . -0.77 -24.78 49.90
C14 PX4 OC . -1.30 -25.31 48.56
C15 PX4 OC . -1.52 -24.20 47.54
C16 PX4 OC . -1.98 -24.79 46.20
C17 PX4 OC . -2.26 -23.60 45.28
C18 PX4 OC . -3.00 -23.96 43.99
C19 PX4 OC . -2.35 -25.07 43.18
C20 PX4 OC . -3.34 -25.52 42.08
C21 PX4 OC . -2.88 -26.47 40.98
C22 PX4 OC . -3.85 -26.47 39.79
O7 PX4 OC . 0.68 -19.41 54.31
C23 PX4 OC . 1.81 -18.64 54.36
O8 PX4 OC . 2.79 -19.04 54.98
C24 PX4 OC . 1.70 -17.34 53.58
C25 PX4 OC . 1.83 -17.47 52.05
C26 PX4 OC . 1.60 -16.12 51.35
C27 PX4 OC . 1.68 -16.10 49.82
C28 PX4 OC . 1.41 -14.64 49.45
C29 PX4 OC . 1.05 -14.51 47.98
C30 PX4 OC . -0.23 -15.23 47.57
C31 PX4 OC . -0.80 -14.80 46.21
C32 PX4 OC . -2.05 -15.58 45.80
C33 PX4 OC . -2.32 -15.42 44.30
C34 PX4 OC . -3.67 -15.94 43.81
C35 PX4 OC . -3.77 -15.51 42.34
C36 PX4 OC . -5.18 -15.67 41.77
O1 PX4 PC . 10.48 -17.08 54.04
O2 PX4 PC . 12.94 -17.92 53.97
P1 PX4 PC . 11.73 -17.41 53.30
O3 PX4 PC . 12.03 -16.15 52.34
C1 PX4 PC . 11.75 -14.91 52.98
C2 PX4 PC . 12.28 -13.91 51.96
N1 PX4 PC . 12.14 -12.46 52.20
C3 PX4 PC . 12.47 -11.66 51.03
C4 PX4 PC . 10.75 -12.17 52.60
C5 PX4 PC . 13.11 -12.00 53.19
O4 PX4 PC . 11.34 -18.42 52.11
C6 PX4 PC . 10.10 -17.94 51.58
C7 PX4 PC . 9.61 -18.53 50.26
C8 PX4 PC . 10.54 -19.69 49.88
O5 PX4 PC . 10.97 -19.61 48.53
C9 PX4 PC . 12.16 -20.18 48.20
O6 PX4 PC . 12.75 -20.85 49.05
C10 PX4 PC . 12.52 -20.16 46.71
C11 PX4 PC . 11.55 -21.04 45.93
C12 PX4 PC . 11.70 -20.62 44.47
C13 PX4 PC . 10.60 -21.18 43.56
C14 PX4 PC . 10.82 -20.69 42.13
C15 PX4 PC . 9.81 -21.42 41.23
C16 PX4 PC . 9.99 -22.93 41.21
C17 PX4 PC . 9.09 -23.63 40.19
C18 PX4 PC . 9.52 -25.06 39.86
C19 PX4 PC . 10.98 -25.12 39.36
C20 PX4 PC . 11.05 -26.60 38.97
C21 PX4 PC . 10.89 -27.51 40.19
C22 PX4 PC . 11.33 -28.97 40.03
O7 PX4 PC . 8.19 -18.73 50.22
C23 PX4 PC . 7.26 -17.76 50.05
O8 PX4 PC . 7.35 -16.63 50.52
C24 PX4 PC . 5.84 -18.35 50.01
C25 PX4 PC . 5.10 -17.61 48.90
C26 PX4 PC . 3.97 -18.49 48.36
C27 PX4 PC . 3.60 -17.86 47.02
C28 PX4 PC . 4.55 -18.09 45.85
C29 PX4 PC . 4.01 -17.55 44.53
C30 PX4 PC . 3.28 -16.22 44.73
C31 PX4 PC . 2.50 -15.78 43.48
C32 PX4 PC . 1.88 -14.38 43.59
C33 PX4 PC . 1.15 -14.20 42.26
C34 PX4 PC . 0.68 -12.75 42.15
C35 PX4 PC . 1.70 -11.63 42.35
C36 PX4 PC . 1.64 -10.64 41.19
O1 PX4 QC . 15.89 -13.34 48.92
O2 PX4 QC . 15.73 -12.75 51.44
P1 PX4 QC . 16.05 -13.70 50.35
O3 PX4 QC . 17.48 -14.35 50.69
C1 PX4 QC . 17.71 -14.87 52.01
C2 PX4 QC . 19.12 -15.34 52.31
N1 PX4 QC . 20.19 -14.33 52.31
C3 PX4 QC . 19.96 -13.14 53.14
C4 PX4 QC . 21.35 -15.02 52.91
C5 PX4 QC . 20.82 -13.98 51.02
O4 PX4 QC . 15.13 -14.98 50.70
C6 PX4 QC . 15.48 -15.94 49.70
C7 PX4 QC . 14.61 -17.20 49.76
C8 PX4 QC . 13.19 -16.74 49.48
O5 PX4 QC . 12.92 -15.98 48.29
C9 PX4 QC . 11.70 -15.43 48.03
O6 PX4 QC . 10.87 -15.53 48.92
C10 PX4 QC . 11.47 -14.85 46.64
C11 PX4 QC . 11.01 -15.87 45.59
C12 PX4 QC . 9.62 -16.48 45.69
C13 PX4 QC . 9.36 -17.05 44.30
C14 PX4 QC . 8.13 -17.95 44.23
C15 PX4 QC . 7.97 -18.30 42.74
C16 PX4 QC . 7.20 -17.25 41.93
C17 PX4 QC . 7.00 -17.55 40.45
C18 PX4 QC . 6.14 -16.47 39.79
C19 PX4 QC . 4.74 -16.57 40.40
C20 PX4 QC . 4.12 -17.71 39.57
C21 PX4 QC . 3.54 -18.74 40.52
C22 PX4 QC . 2.97 -20.04 39.89
O7 PX4 QC . 15.08 -18.22 48.90
C23 PX4 QC . 15.68 -19.32 49.43
O8 PX4 QC . 16.38 -19.14 50.41
C24 PX4 QC . 16.04 -20.45 48.46
C25 PX4 QC . 17.46 -20.29 47.89
C26 PX4 QC . 17.69 -21.50 46.97
C27 PX4 QC . 16.88 -21.22 45.71
C28 PX4 QC . 17.39 -22.13 44.57
C29 PX4 QC . 16.57 -21.88 43.32
C30 PX4 QC . 16.93 -22.80 42.15
C31 PX4 QC . 16.90 -21.90 40.92
C32 PX4 QC . 17.87 -20.73 41.10
C33 PX4 QC . 18.03 -19.92 39.80
C34 PX4 QC . 18.68 -18.59 40.15
C35 PX4 QC . 17.89 -17.56 40.96
C36 PX4 QC . 18.64 -16.24 40.84
O1 PX4 RC . -8.16 5.07 53.94
O2 PX4 RC . -7.28 6.60 52.02
P1 PX4 RC . -8.37 5.95 52.78
O3 PX4 RC . -9.43 7.05 53.33
C1 PX4 RC . -9.22 7.43 54.69
C2 PX4 RC . -10.22 8.51 55.11
N1 PX4 RC . -10.01 9.86 54.58
C3 PX4 RC . -10.93 10.72 55.32
C4 PX4 RC . -8.62 10.33 54.76
C5 PX4 RC . -10.34 9.92 53.15
O4 PX4 RC . -9.19 5.16 51.63
C6 PX4 RC . -9.30 5.98 50.47
C7 PX4 RC . -10.04 5.41 49.25
C8 PX4 RC . -10.04 3.89 49.41
O5 PX4 RC . -9.10 3.25 48.55
C9 PX4 RC . -8.68 1.98 48.81
O6 PX4 RC . -9.25 1.26 49.62
C10 PX4 RC . -7.39 1.63 48.06
C11 PX4 RC . -7.56 0.71 46.84
C12 PX4 RC . -7.91 -0.74 47.15
C13 PX4 RC . -7.93 -1.48 45.81
C14 PX4 RC . -8.02 -2.98 46.04
C15 PX4 RC . -8.14 -3.65 44.66
C16 PX4 RC . -6.94 -3.22 43.85
C17 PX4 RC . -7.04 -3.79 42.44
C18 PX4 RC . -7.13 -5.32 42.36
C19 PX4 RC . -6.96 -5.67 40.88
C20 PX4 RC . -6.92 -7.20 40.85
C21 PX4 RC . -6.85 -7.65 39.38
C22 PX4 RC . -7.07 -9.13 39.09
O7 PX4 RC . -11.27 6.00 48.84
C23 PX4 RC . -11.48 7.31 48.54
O8 PX4 RC . -11.00 8.16 49.30
C24 PX4 RC . -12.89 7.55 47.98
C25 PX4 RC . -12.88 6.87 46.61
C26 PX4 RC . -12.06 7.67 45.60
C27 PX4 RC . -11.82 6.75 44.40
C28 PX4 RC . -11.04 7.53 43.33
C29 PX4 RC . -10.96 6.83 41.97
C30 PX4 RC . -12.32 6.68 41.29
C31 PX4 RC . -11.91 6.24 39.89
C32 PX4 RC . -13.17 6.23 39.02
C33 PX4 RC . -12.89 5.76 37.58
C34 PX4 RC . -12.03 6.77 36.81
C35 PX4 RC . -12.78 8.10 36.62
C36 PX4 RC . -11.95 9.28 36.12
O1 PX4 SC . -12.92 -2.26 57.52
O2 PX4 SC . -11.81 -3.09 55.34
P1 PX4 SC . -12.66 -2.11 56.07
O3 PX4 SC . -11.90 -0.71 55.92
C1 PX4 SC . -10.97 -0.85 54.83
C2 PX4 SC . -10.21 0.47 54.61
N1 PX4 SC . -9.27 0.62 53.51
C3 PX4 SC . -9.36 -0.42 52.48
C4 PX4 SC . -9.54 1.93 52.89
C5 PX4 SC . -7.88 0.82 53.95
O4 PX4 SC . -13.97 -1.81 55.19
C6 PX4 SC . -14.45 -3.05 54.66
C7 PX4 SC . -15.50 -2.90 53.56
C8 PX4 SC . -16.33 -1.80 54.18
O5 PX4 SC . -17.72 -2.02 54.47
C9 PX4 SC . -18.49 -0.98 54.89
O6 PX4 SC . -17.95 0.08 55.21
C10 PX4 SC . -19.96 -1.36 55.11
C11 PX4 SC . -20.90 -1.16 53.92
C12 PX4 SC . -20.42 -2.11 52.83
C13 PX4 SC . -21.14 -1.88 51.49
C14 PX4 SC . -20.90 -3.04 50.53
C15 PX4 SC . -21.12 -2.59 49.08
C16 PX4 SC . -20.73 -3.74 48.14
C17 PX4 SC . -20.93 -3.48 46.64
C18 PX4 SC . -20.48 -4.59 45.69
C19 PX4 SC . -18.95 -4.65 45.71
C20 PX4 SC . -18.41 -5.76 44.79
C21 PX4 SC . -19.12 -5.85 43.44
C22 PX4 SC . -18.64 -7.04 42.63
O7 PX4 SC . -15.06 -2.56 52.24
C23 PX4 SC . -14.14 -3.24 51.52
O8 PX4 SC . -13.38 -4.04 52.06
C24 PX4 SC . -14.25 -3.07 50.00
C25 PX4 SC . -14.90 -4.36 49.49
C26 PX4 SC . -15.35 -4.23 48.03
C27 PX4 SC . -14.21 -4.45 47.03
C28 PX4 SC . -14.68 -4.32 45.59
C29 PX4 SC . -15.38 -2.96 45.52
C30 PX4 SC . -15.98 -2.64 44.15
C31 PX4 SC . -14.78 -2.51 43.21
C32 PX4 SC . -15.06 -2.08 41.76
C33 PX4 SC . -16.05 -3.03 41.10
C34 PX4 SC . -16.33 -2.64 39.66
C35 PX4 SC . -17.15 -3.68 38.89
C36 PX4 SC . -17.10 -3.28 37.41
O1 PX4 TC . -22.15 -4.96 62.40
O2 PX4 TC . -24.39 -3.59 62.17
P1 PX4 TC . -23.39 -4.57 61.70
O3 PX4 TC . -24.26 -5.93 61.71
C1 PX4 TC . -25.65 -5.68 61.48
C2 PX4 TC . -26.47 -6.89 61.05
N1 PX4 TC . -26.23 -7.80 59.91
C3 PX4 TC . -25.41 -8.94 60.36
C4 PX4 TC . -27.56 -8.25 59.48
C5 PX4 TC . -25.65 -7.14 58.73
O4 PX4 TC . -23.11 -4.47 60.11
C6 PX4 TC . -22.36 -3.26 59.91
C7 PX4 TC . -22.26 -2.77 58.45
C8 PX4 TC . -23.18 -3.60 57.58
O5 PX4 TC . -22.48 -4.29 56.55
C9 PX4 TC . -23.22 -4.83 55.52
O6 PX4 TC . -24.42 -4.63 55.36
C10 PX4 TC . -22.33 -5.61 54.54
C11 PX4 TC . -22.50 -5.17 53.09
C12 PX4 TC . -23.49 -6.15 52.45
C13 PX4 TC . -23.90 -5.90 51.00
C14 PX4 TC . -24.61 -7.05 50.28
C15 PX4 TC . -25.28 -6.50 49.03
C16 PX4 TC . -24.26 -6.44 47.89
C17 PX4 TC . -24.96 -6.18 46.56
C18 PX4 TC . -23.95 -5.94 45.45
C19 PX4 TC . -24.70 -6.04 44.12
C20 PX4 TC . -23.72 -6.06 42.94
C21 PX4 TC . -24.49 -5.87 41.64
C22 PX4 TC . -23.73 -6.30 40.39
O7 PX4 TC . -22.50 -1.38 58.26
C23 PX4 TC . -21.42 -0.57 58.42
O8 PX4 TC . -20.31 -0.96 58.82
C24 PX4 TC . -21.71 0.83 57.90
C25 PX4 TC . -20.40 1.47 57.42
C26 PX4 TC . -20.68 2.90 56.92
C27 PX4 TC . -19.42 3.56 56.37
C28 PX4 TC . -19.01 3.00 55.01
C29 PX4 TC . -17.68 3.51 54.46
C30 PX4 TC . -17.04 2.65 53.37
C31 PX4 TC . -17.56 3.06 51.99
C32 PX4 TC . -17.11 1.99 50.99
C33 PX4 TC . -17.94 0.72 51.20
C34 PX4 TC . -17.46 -0.03 49.98
C35 PX4 TC . -17.62 0.67 48.63
C36 PX4 TC . -17.36 -0.44 47.61
O1 PX4 UC . -14.69 -9.75 58.00
O2 PX4 UC . -14.13 -12.25 57.41
P1 PX4 UC . -14.30 -10.83 57.07
O3 PX4 UC . -12.71 -10.57 57.15
C1 PX4 UC . -12.22 -10.77 58.47
C2 PX4 UC . -10.73 -11.13 58.41
N1 PX4 UC . -10.12 -11.49 59.68
C3 PX4 UC . -10.41 -12.92 59.92
C4 PX4 UC . -8.65 -11.48 59.62
C5 PX4 UC . -10.38 -10.48 60.72
O4 PX4 UC . -14.35 -10.70 55.46
C6 PX4 UC . -14.83 -9.39 55.13
C7 PX4 UC . -15.47 -9.44 53.75
C8 PX4 UC . -15.05 -10.74 53.06
O5 PX4 UC . -14.09 -10.46 52.03
C9 PX4 UC . -13.93 -11.57 51.25
O6 PX4 UC . -14.61 -12.58 51.43
C10 PX4 UC . -12.70 -11.64 50.36
C11 PX4 UC . -12.75 -10.51 49.32
C12 PX4 UC . -13.93 -10.59 48.36
C13 PX4 UC . -13.93 -9.45 47.32
C14 PX4 UC . -15.32 -9.57 46.69
C15 PX4 UC . -15.49 -8.50 45.60
C16 PX4 UC . -15.57 -9.30 44.32
C17 PX4 UC . -15.41 -8.34 43.13
C18 PX4 UC . -15.54 -9.06 41.78
C19 PX4 UC . -14.46 -10.11 41.64
C20 PX4 UC . -14.53 -10.81 40.28
C21 PX4 UC . -13.45 -11.88 40.10
C22 PX4 UC . -13.67 -12.69 38.82
O7 PX4 UC . -16.83 -9.04 53.58
C23 PX4 UC . -17.05 -7.69 53.61
O8 PX4 UC . -16.12 -6.90 53.62
C24 PX4 UC . -18.49 -7.19 53.73
C25 PX4 UC . -19.09 -6.68 52.40
C26 PX4 UC . -19.02 -7.60 51.18
C27 PX4 UC . -20.18 -7.19 50.26
C28 PX4 UC . -20.17 -8.27 49.18
C29 PX4 UC . -20.98 -7.99 47.92
C30 PX4 UC . -20.84 -9.17 46.95
C31 PX4 UC . -21.72 -9.04 45.69
C32 PX4 UC . -21.14 -9.96 44.62
C33 PX4 UC . -21.42 -9.58 43.17
C34 PX4 UC . -20.71 -10.35 42.05
C35 PX4 UC . -20.95 -9.56 40.76
C36 PX4 UC . -21.07 -10.57 39.61
O1 PX4 VC . -10.46 -17.12 56.14
O2 PX4 VC . -13.12 -17.41 56.02
P1 PX4 VC . -11.70 -17.80 55.75
O3 PX4 VC . -11.60 -19.26 56.46
C1 PX4 VC . -12.85 -19.82 56.09
C2 PX4 VC . -13.15 -21.24 56.56
N1 PX4 VC . -12.35 -22.32 55.96
C3 PX4 VC . -12.75 -23.51 56.70
C4 PX4 VC . -12.70 -22.47 54.54
C5 PX4 VC . -10.89 -22.20 56.13
O4 PX4 VC . -11.59 -18.09 54.17
C6 PX4 VC . -10.24 -18.32 53.77
C7 PX4 VC . -10.07 -19.52 52.83
C8 PX4 VC . -11.17 -19.33 51.78
O5 PX4 VC . -12.21 -20.32 51.83
C9 PX4 VC . -13.27 -19.96 51.06
O6 PX4 VC . -13.42 -18.82 50.60
C10 PX4 VC . -14.26 -21.07 50.72
C11 PX4 VC . -14.42 -21.29 49.22
C12 PX4 VC . -14.94 -22.69 48.91
C13 PX4 VC . -15.19 -22.88 47.41
C14 PX4 VC . -13.89 -23.57 46.99
C15 PX4 VC . -13.77 -23.88 45.49
C16 PX4 VC . -12.50 -24.64 45.10
C17 PX4 VC . -11.37 -23.72 45.57
C18 PX4 VC . -10.04 -24.17 44.97
C19 PX4 VC . -8.81 -23.43 45.48
C20 PX4 VC . -7.58 -24.03 44.77
C21 PX4 VC . -7.48 -25.55 45.02
C22 PX4 VC . -6.31 -26.18 44.28
O7 PX4 VC . -8.77 -19.55 52.26
C23 PX4 VC . -7.72 -19.96 53.01
O8 PX4 VC . -7.90 -20.55 54.08
C24 PX4 VC . -6.38 -20.01 52.27
C25 PX4 VC . -5.74 -21.37 52.56
C26 PX4 VC . -4.51 -21.52 51.68
C27 PX4 VC . -3.43 -20.44 51.83
C28 PX4 VC . -2.47 -20.39 50.65
C29 PX4 VC . -1.37 -19.33 50.76
C30 PX4 VC . -0.44 -19.37 49.55
C31 PX4 VC . -1.06 -19.08 48.18
C32 PX4 VC . -0.03 -19.29 47.07
C33 PX4 VC . -0.67 -19.28 45.68
C34 PX4 VC . 0.22 -19.96 44.65
C35 PX4 VC . -0.35 -20.11 43.24
C36 PX4 VC . -0.81 -18.76 42.67
O1 PX4 WC . 18.05 -5.64 49.69
O2 PX4 WC . 17.16 -3.78 48.12
P1 PX4 WC . 17.75 -5.14 48.33
O3 PX4 WC . 16.96 -6.24 47.48
C1 PX4 WC . 16.56 -7.33 48.32
C2 PX4 WC . 15.40 -8.17 47.76
N1 PX4 WC . 15.72 -9.27 46.85
C3 PX4 WC . 14.74 -9.19 45.76
C4 PX4 WC . 17.03 -9.28 46.19
C5 PX4 WC . 15.50 -10.56 47.52
O4 PX4 WC . 19.15 -5.15 47.55
C6 PX4 WC . 18.86 -4.96 46.16
C7 PX4 WC . 20.15 -4.88 45.34
C8 PX4 WC . 20.93 -6.19 45.58
O5 PX4 WC . 20.22 -7.39 45.26
C9 PX4 WC . 20.95 -8.48 45.58
O6 PX4 WC . 22.10 -8.37 46.01
C10 PX4 WC . 20.46 -9.84 45.07
C11 PX4 WC . 20.95 -10.07 43.64
C12 PX4 WC . 20.39 -11.28 42.89
C13 PX4 WC . 21.14 -11.28 41.54
C14 PX4 WC . 20.68 -12.43 40.65
C15 PX4 WC . 21.61 -12.38 39.44
C16 PX4 WC . 21.51 -13.80 38.90
C17 PX4 WC . 22.66 -14.20 37.99
C18 PX4 WC . 22.35 -15.55 37.36
C19 PX4 WC . 22.56 -16.52 38.52
C20 PX4 WC . 22.05 -17.85 37.98
C21 PX4 WC . 22.52 -18.80 39.09
C22 PX4 WC . 22.63 -20.19 38.49
O7 PX4 WC . 20.03 -4.45 43.98
C23 PX4 WC . 21.12 -3.98 43.32
O8 PX4 WC . 22.25 -3.91 43.78
C24 PX4 WC . 20.80 -3.67 41.85
C25 PX4 WC . 21.40 -4.57 40.78
C26 PX4 WC . 20.95 -6.03 40.80
C27 PX4 WC . 21.80 -6.68 39.70
C28 PX4 WC . 21.40 -8.03 39.09
C29 PX4 WC . 22.21 -8.37 37.84
C30 PX4 WC . 21.51 -9.53 37.15
C31 PX4 WC . 22.16 -9.99 35.84
C32 PX4 WC . 21.47 -11.19 35.20
C33 PX4 WC . 22.34 -11.92 34.17
C34 PX4 WC . 23.60 -12.57 34.72
C35 PX4 WC . 24.24 -13.44 33.64
C36 PX4 WC . 25.06 -14.62 34.13
O1 PX4 XC . 17.88 -10.03 49.68
O2 PX4 XC . 20.15 -10.98 50.47
P1 PX4 XC . 19.23 -10.56 49.39
O3 PX4 XC . 19.96 -9.41 48.52
C1 PX4 XC . 20.11 -8.18 49.20
C2 PX4 XC . 21.47 -7.77 49.81
N1 PX4 XC . 21.50 -6.93 51.02
C3 PX4 XC . 21.18 -5.55 50.61
C4 PX4 XC . 20.54 -7.41 52.02
C5 PX4 XC . 22.80 -7.19 51.64
O4 PX4 XC . 19.07 -11.65 48.23
C6 PX4 XC . 20.43 -11.95 47.90
C7 PX4 XC . 20.45 -13.17 46.95
C8 PX4 XC . 19.15 -13.27 46.17
O5 PX4 XC . 18.22 -14.32 46.43
C9 PX4 XC . 17.05 -14.06 45.79
O6 PX4 XC . 16.96 -13.01 45.13
C10 PX4 XC . 15.81 -14.90 46.11
C11 PX4 XC . 15.78 -15.97 45.01
C12 PX4 XC . 14.65 -16.94 45.37
C13 PX4 XC . 14.78 -18.02 44.29
C14 PX4 XC . 14.36 -17.37 42.97
C15 PX4 XC . 14.00 -18.52 42.00
C16 PX4 XC . 13.47 -17.96 40.69
C17 PX4 XC . 12.22 -17.09 40.82
C18 PX4 XC . 11.77 -16.79 39.39
C19 PX4 XC . 10.63 -15.80 39.13
C20 PX4 XC . 11.12 -14.51 39.77
C21 PX4 XC . 9.96 -13.52 39.78
C22 PX4 XC . 10.13 -12.06 40.25
O7 PX4 XC . 21.61 -13.03 46.14
C23 PX4 XC . 22.77 -13.57 46.60
O8 PX4 XC . 23.14 -13.65 47.77
C24 PX4 XC . 23.91 -13.56 45.57
C25 PX4 XC . 23.62 -14.59 44.48
C26 PX4 XC . 24.94 -15.21 44.00
C27 PX4 XC . 24.68 -16.12 42.80
C28 PX4 XC . 25.89 -17.05 42.62
C29 PX4 XC . 25.51 -18.06 41.55
C30 PX4 XC . 26.78 -18.81 41.11
C31 PX4 XC . 26.30 -19.79 40.05
C32 PX4 XC . 27.08 -21.11 40.10
C33 PX4 XC . 26.33 -22.07 39.17
C34 PX4 XC . 26.26 -23.51 39.65
C35 PX4 XC . 25.39 -24.46 38.84
C36 PX4 XC . 25.90 -24.69 37.41
O1 PX4 YC . -19.14 11.44 58.21
O2 PX4 YC . -19.48 8.92 58.22
P1 PX4 YC . -18.80 10.11 57.64
O3 PX4 YC . -17.24 9.77 57.83
C1 PX4 YC . -16.83 10.23 59.13
C2 PX4 YC . -15.33 10.42 59.28
N1 PX4 YC . -14.36 9.33 59.05
C3 PX4 YC . -14.47 8.07 59.80
C4 PX4 YC . -14.22 8.97 57.63
C5 PX4 YC . -13.03 9.82 59.42
O4 PX4 YC . -18.94 10.26 56.05
C6 PX4 YC . -17.65 10.54 55.50
C7 PX4 YC . -17.59 10.32 54.00
C8 PX4 YC . -18.87 9.58 53.62
O5 PX4 YC . -18.91 8.15 53.42
C9 PX4 YC . -20.03 7.81 52.72
O6 PX4 YC . -21.03 8.53 52.70
C10 PX4 YC . -20.14 6.29 52.53
C11 PX4 YC . -20.46 5.99 51.07
C12 PX4 YC . -21.84 6.46 50.61
C13 PX4 YC . -22.24 5.92 49.24
C14 PX4 YC . -21.22 6.32 48.18
C15 PX4 YC . -21.57 5.82 46.77
C16 PX4 YC . -20.41 6.03 45.80
C17 PX4 YC . -20.60 5.47 44.38
C18 PX4 YC . -21.37 6.50 43.55
C19 PX4 YC . -21.71 5.98 42.15
C20 PX4 YC . -20.43 5.63 41.41
C21 PX4 YC . -20.84 5.12 40.03
C22 PX4 YC . -21.55 3.78 39.97
O7 PX4 YC . -17.17 11.52 53.34
C23 PX4 YC . -15.86 11.80 53.11
O8 PX4 YC . -15.07 10.95 53.52
C24 PX4 YC . -15.54 13.13 52.42
C25 PX4 YC . -15.96 13.26 50.97
C26 PX4 YC . -15.06 12.39 50.08
C27 PX4 YC . -15.40 12.49 48.60
C28 PX4 YC . -14.19 11.92 47.86
C29 PX4 YC . -14.41 12.10 46.36
C30 PX4 YC . -13.35 11.29 45.62
C31 PX4 YC . -13.42 11.50 44.10
C32 PX4 YC . -14.84 11.28 43.56
C33 PX4 YC . -14.74 11.51 42.05
C34 PX4 YC . -16.10 11.40 41.38
C35 PX4 YC . -15.99 12.03 39.99
C36 PX4 YC . -14.88 11.39 39.15
O1 PX4 ZC . -18.51 23.40 53.85
O2 PX4 ZC . -19.72 21.18 54.27
P1 PX4 ZC . -18.73 21.98 53.51
O3 PX4 ZC . -17.28 21.28 53.73
C1 PX4 ZC . -17.58 19.89 53.63
C2 PX4 ZC . -16.36 18.99 53.88
N1 PX4 ZC . -16.41 17.55 53.62
C3 PX4 ZC . -15.25 16.90 54.25
C4 PX4 ZC . -17.59 16.90 54.18
C5 PX4 ZC . -16.29 17.35 52.17
O4 PX4 ZC . -19.03 21.57 51.98
C6 PX4 ZC . -18.21 22.31 51.06
C7 PX4 ZC . -18.66 22.22 49.60
C8 PX4 ZC . -19.57 20.99 49.56
O5 PX4 ZC . -19.12 20.00 48.63
C9 PX4 ZC . -18.93 18.75 49.10
O6 PX4 ZC . -19.13 18.37 50.26
C10 PX4 ZC . -18.61 17.66 48.08
C11 PX4 ZC . -17.23 17.05 48.28
C12 PX4 ZC . -16.92 16.09 47.13
C13 PX4 ZC . -18.02 15.01 47.03
C14 PX4 ZC . -17.66 14.25 45.76
C15 PX4 ZC . -18.89 13.37 45.53
C16 PX4 ZC . -18.63 12.22 44.54
C17 PX4 ZC . -19.92 11.54 44.06
C18 PX4 ZC . -19.82 11.41 42.54
C19 PX4 ZC . -21.05 10.75 41.89
C20 PX4 ZC . -20.76 10.40 40.45
C21 PX4 ZC . -19.72 9.27 40.28
C22 PX4 ZC . -19.17 9.53 38.89
O7 PX4 ZC . -19.22 23.38 48.98
C23 PX4 ZC . -18.62 24.60 48.83
O8 PX4 ZC . -17.72 25.01 49.56
C24 PX4 ZC . -19.53 25.54 48.04
C25 PX4 ZC . -19.33 25.26 46.55
C26 PX4 ZC . -20.19 26.31 45.85
C27 PX4 ZC . -20.07 26.46 44.32
C28 PX4 ZC . -20.45 25.20 43.55
C29 PX4 ZC . -20.61 25.53 42.07
C30 PX4 ZC . -21.70 26.58 41.91
C31 PX4 ZC . -21.87 27.27 40.55
C32 PX4 ZC . -23.30 27.74 40.27
C33 PX4 ZC . -23.54 29.18 40.72
C34 PX4 ZC . -25.01 29.58 40.56
C35 PX4 ZC . -25.47 30.85 41.28
C36 PX4 ZC . -25.58 30.71 42.79
O1 PX4 AD . -12.32 20.11 56.25
O2 PX4 AD . -10.44 18.99 55.11
P1 PX4 AD . -11.46 20.05 55.03
O3 PX4 AD . -10.66 21.40 54.66
C1 PX4 AD . -9.75 21.11 53.59
C2 PX4 AD . -8.68 22.21 53.48
N1 PX4 AD . -7.60 22.25 52.50
C3 PX4 AD . -8.08 22.74 51.20
C4 PX4 AD . -6.45 23.08 52.90
C5 PX4 AD . -7.06 20.90 52.24
O4 PX4 AD . -12.30 19.95 53.66
C6 PX4 AD . -12.29 18.73 52.93
C7 PX4 AD . -13.06 18.70 51.60
C8 PX4 AD . -13.13 20.13 51.05
O5 PX4 AD . -13.56 20.27 49.70
C9 PX4 AD . -14.89 20.00 49.55
O6 PX4 AD . -15.70 19.88 50.45
C10 PX4 AD . -15.47 20.33 48.17
C11 PX4 AD . -15.41 21.80 47.75
C12 PX4 AD . -16.40 21.96 46.58
C13 PX4 AD . -15.93 23.16 45.74
C14 PX4 AD . -16.65 23.34 44.40
C15 PX4 AD . -15.79 24.27 43.56
C16 PX4 AD . -16.51 24.60 42.26
C17 PX4 AD . -15.82 25.73 41.50
C18 PX4 AD . -16.57 26.06 40.20
C19 PX4 AD . -16.61 24.91 39.17
C20 PX4 AD . -17.15 25.32 37.81
C21 PX4 AD . -17.62 24.07 37.05
C22 PX4 AD . -18.22 24.58 35.73
O7 PX4 AD . -12.39 17.76 50.75
C23 PX4 AD . -12.88 16.49 50.71
O8 PX4 AD . -13.39 16.13 51.76
C24 PX4 AD . -12.45 15.51 49.60
C25 PX4 AD . -12.99 16.00 48.25
C26 PX4 AD . -12.22 15.51 47.02
C27 PX4 AD . -12.67 16.04 45.65
C28 PX4 AD . -12.05 15.28 44.49
C29 PX4 AD . -12.64 15.89 43.22
C30 PX4 AD . -11.78 15.53 41.99
C31 PX4 AD . -12.42 15.72 40.62
C32 PX4 AD . -11.30 15.74 39.58
C33 PX4 AD . -11.81 15.62 38.14
C34 PX4 AD . -10.73 14.97 37.28
C35 PX4 AD . -11.03 14.77 35.79
C36 PX4 AD . -9.90 14.18 34.95
O1 PX4 BD . -1.31 -2.50 52.90
O2 PX4 BD . -2.89 -4.51 52.41
P1 PX4 BD . -1.83 -3.55 52.00
O3 PX4 BD . -0.53 -4.39 51.57
C1 PX4 BD . -0.87 -5.47 50.71
C2 PX4 BD . 0.37 -5.87 49.89
N1 PX4 BD . 1.15 -4.90 49.12
C3 PX4 BD . 2.05 -5.76 48.34
C4 PX4 BD . 0.34 -4.15 48.15
C5 PX4 BD . 1.96 -3.98 49.93
O4 PX4 BD . -2.13 -2.94 50.55
C6 PX4 BD . -3.29 -2.13 50.68
C7 PX4 BD . -4.26 -2.25 49.50
C8 PX4 BD . -3.34 -2.51 48.29
O5 PX4 BD . -3.86 -2.20 46.99
C9 PX4 BD . -3.94 -0.92 46.52
O6 PX4 BD . -3.60 0.00 47.25
C10 PX4 BD . -4.27 -0.67 45.04
C11 PX4 BD . -3.84 0.72 44.56
C12 PX4 BD . -3.94 0.88 43.06
C13 PX4 BD . -5.29 0.41 42.48
C14 PX4 BD . -5.40 0.45 40.96
C15 PX4 BD . -6.82 0.05 40.52
C16 PX4 BD . -6.90 0.02 38.99
C17 PX4 BD . -6.40 1.33 38.36
C18 PX4 BD . -6.56 1.23 36.84
C19 PX4 BD . -5.85 0.02 36.24
C20 PX4 BD . -5.73 0.09 34.71
C21 PX4 BD . -4.82 -1.05 34.23
C22 PX4 BD . -3.59 -0.47 33.52
O7 PX4 BD . -5.29 -3.21 49.73
C23 PX4 BD . -6.44 -2.86 50.36
O8 PX4 BD . -6.47 -1.89 51.11
C24 PX4 BD . -7.63 -3.82 50.32
C25 PX4 BD . -8.92 -3.30 49.69
C26 PX4 BD . -10.09 -4.16 50.17
C27 PX4 BD . -10.27 -5.51 49.46
C28 PX4 BD . -10.51 -5.25 47.97
C29 PX4 BD . -11.01 -6.47 47.20
C30 PX4 BD . -11.05 -6.09 45.72
C31 PX4 BD . -11.24 -7.24 44.73
C32 PX4 BD . -10.90 -6.81 43.31
C33 PX4 BD . -11.56 -7.74 42.29
C34 PX4 BD . -11.26 -7.22 40.86
C35 PX4 BD . -11.86 -8.02 39.71
C36 PX4 BD . -11.38 -7.52 38.34
O1 PX4 CD . -1.76 3.16 50.75
O2 PX4 CD . 0.36 4.57 50.02
P1 PX4 CD . -1.10 4.34 50.17
O3 PX4 CD . -1.55 5.54 51.14
C1 PX4 CD . -2.92 5.44 51.55
C2 PX4 CD . -3.27 6.14 52.86
N1 PX4 CD . -2.62 5.71 54.10
C3 PX4 CD . -3.50 6.11 55.18
C4 PX4 CD . -2.44 4.26 54.33
C5 PX4 CD . -1.32 6.38 54.13
O4 PX4 CD . -1.74 4.93 48.82
C6 PX4 CD . -2.61 3.93 48.28
C7 PX4 CD . -3.29 4.60 47.09
C8 PX4 CD . -2.78 3.86 45.85
O5 PX4 CD . -2.48 4.73 44.76
C9 PX4 CD . -1.88 4.06 43.75
O6 PX4 CD . -1.57 2.87 43.83
C10 PX4 CD . -1.35 4.83 42.53
C11 PX4 CD . -2.61 5.04 41.68
C12 PX4 CD . -2.20 5.68 40.35
C13 PX4 CD . -1.40 6.98 40.45
C14 PX4 CD . -1.13 7.55 39.06
C15 PX4 CD . -0.57 6.55 38.04
C16 PX4 CD . 0.93 6.82 38.15
C17 PX4 CD . 1.63 6.04 37.04
C18 PX4 CD . 1.58 4.53 37.33
C19 PX4 CD . 2.43 3.62 36.44
C20 PX4 CD . 1.50 3.24 35.28
C21 PX4 CD . 2.24 2.59 34.11
C22 PX4 CD . 1.56 2.77 32.76
O7 PX4 CD . -4.72 4.69 47.18
C23 PX4 CD . -5.29 5.82 46.69
O8 PX4 CD . -4.51 6.74 46.40
C24 PX4 CD . -6.81 5.85 46.70
C25 PX4 CD . -7.27 5.03 45.49
C26 PX4 CD . -8.79 5.04 45.33
C27 PX4 CD . -9.38 3.80 44.63
C28 PX4 CD . -8.52 3.53 43.39
C29 PX4 CD . -9.16 2.48 42.48
C30 PX4 CD . -10.46 3.09 41.97
C31 PX4 CD . -10.96 2.12 40.89
C32 PX4 CD . -12.36 2.49 40.44
C33 PX4 CD . -12.91 1.54 39.37
C34 PX4 CD . -14.42 1.67 39.15
C35 PX4 CD . -14.84 0.64 38.10
C36 PX4 CD . -13.91 0.74 36.90
O1 PX4 DD . -12.12 -13.90 53.91
O2 PX4 DD . -9.50 -13.75 53.92
P1 PX4 DD . -10.82 -13.66 53.25
O3 PX4 DD . -10.81 -12.07 52.99
C1 PX4 DD . -10.94 -11.35 54.23
C2 PX4 DD . -11.26 -9.87 53.96
N1 PX4 DD . -10.34 -9.00 53.22
C3 PX4 DD . -10.70 -7.68 53.77
C4 PX4 DD . -8.94 -9.22 53.61
C5 PX4 DD . -10.53 -9.11 51.77
O4 PX4 DD . -10.72 -14.12 51.71
C6 PX4 DD . -9.62 -13.47 51.09
C7 PX4 DD . -9.23 -13.94 49.68
C8 PX4 DD . -9.54 -15.43 49.58
O5 PX4 DD . -8.35 -16.10 49.13
C9 PX4 DD . -7.58 -16.62 50.13
O6 PX4 DD . -7.98 -16.70 51.28
C10 PX4 DD . -6.20 -17.10 49.69
C11 PX4 DD . -6.33 -18.31 48.76
C12 PX4 DD . -5.04 -18.77 48.06
C13 PX4 DD . -5.38 -19.43 46.74
C14 PX4 DD . -6.03 -20.82 46.82
C15 PX4 DD . -5.16 -21.77 47.65
C16 PX4 DD . -5.89 -23.09 47.76
C17 PX4 DD . -5.05 -24.20 48.41
C18 PX4 DD . -5.69 -25.58 48.56
C19 PX4 DD . -4.68 -26.58 49.12
C20 PX4 DD . -5.29 -27.85 49.71
C21 PX4 DD . -6.19 -28.45 48.63
C22 PX4 DD . -6.97 -29.71 49.03
O7 PX4 DD . -9.67 -13.20 48.55
C23 PX4 DD . -9.22 -11.94 48.33
O8 PX4 DD . -8.65 -11.38 49.27
C24 PX4 DD . -9.29 -11.32 46.93
C25 PX4 DD . -10.46 -11.95 46.18
C26 PX4 DD . -10.88 -11.01 45.05
C27 PX4 DD . -11.63 -11.84 44.01
C28 PX4 DD . -12.86 -12.47 44.65
C29 PX4 DD . -13.51 -13.41 43.61
C30 PX4 DD . -12.51 -14.42 43.06
C31 PX4 DD . -12.91 -15.16 41.78
C32 PX4 DD . -11.87 -16.11 41.20
C33 PX4 DD . -12.64 -16.64 39.99
C34 PX4 DD . -11.64 -17.53 39.26
C35 PX4 DD . -12.28 -18.35 38.12
C36 PX4 DD . -13.48 -19.21 38.53
O1 PX4 ED . 8.15 -5.66 52.09
O2 PX4 ED . 9.09 -8.08 52.11
P1 PX4 ED . 8.76 -6.82 51.41
O3 PX4 ED . 10.25 -6.28 51.10
C1 PX4 ED . 10.72 -5.56 52.24
C2 PX4 ED . 12.13 -5.08 51.88
N1 PX4 ED . 12.98 -4.50 52.93
C3 PX4 ED . 14.09 -3.92 52.15
C4 PX4 ED . 12.37 -3.35 53.62
C5 PX4 ED . 13.37 -5.60 53.80
O4 PX4 ED . 8.28 -6.91 49.87
C6 PX4 ED . 8.95 -7.97 49.21
C7 PX4 ED . 8.40 -8.33 47.84
C8 PX4 ED . 6.88 -8.24 48.02
O5 PX4 ED . 6.08 -9.30 47.48
C9 PX4 ED . 4.77 -9.07 47.72
O6 PX4 ED . 4.49 -8.16 48.50
C10 PX4 ED . 3.76 -10.01 47.06
C11 PX4 ED . 3.39 -9.69 45.62
C12 PX4 ED . 2.57 -8.41 45.53
C13 PX4 ED . 2.19 -7.89 44.15
C14 PX4 ED . 1.74 -6.43 44.08
C15 PX4 ED . 1.50 -5.94 42.65
C16 PX4 ED . 2.82 -6.05 41.89
C17 PX4 ED . 2.47 -5.98 40.40
C18 PX4 ED . 3.74 -6.16 39.57
C19 PX4 ED . 3.27 -5.70 38.18
C20 PX4 ED . 4.42 -5.83 37.17
C21 PX4 ED . 4.08 -5.25 35.80
C22 PX4 ED . 5.32 -5.07 34.93
O7 PX4 ED . 9.09 -7.64 46.80
C23 PX4 ED . 10.27 -8.01 46.26
O8 PX4 ED . 10.90 -8.98 46.70
C24 PX4 ED . 10.75 -7.17 45.07
C25 PX4 ED . 11.57 -8.06 44.13
C26 PX4 ED . 10.76 -9.08 43.33
C27 PX4 ED . 11.84 -10.02 42.79
C28 PX4 ED . 12.71 -9.33 41.74
C29 PX4 ED . 13.66 -10.32 41.07
C30 PX4 ED . 14.40 -11.13 42.15
C31 PX4 ED . 15.52 -11.98 41.54
C32 PX4 ED . 14.74 -12.98 40.68
C33 PX4 ED . 15.71 -13.64 39.70
C34 PX4 ED . 16.39 -12.56 38.86
C35 PX4 ED . 17.18 -13.07 37.64
C36 PX4 ED . 17.70 -11.85 36.87
O1 PX4 FD . 13.10 -5.82 49.08
O2 PX4 FD . 13.14 -3.45 48.24
P1 PX4 FD . 13.17 -4.90 47.93
O3 PX4 FD . 11.71 -4.95 47.27
C1 PX4 FD . 10.79 -4.67 48.33
C2 PX4 FD . 9.39 -4.10 48.05
N1 PX4 FD . 9.23 -2.93 47.17
C3 PX4 FD . 9.99 -1.80 47.73
C4 PX4 FD . 9.48 -3.11 45.73
C5 PX4 FD . 7.79 -2.65 47.23
O4 PX4 FD . 14.01 -5.22 46.59
C6 PX4 FD . 13.87 -4.18 45.62
C7 PX4 FD . 14.18 -4.47 44.16
C8 PX4 FD . 15.24 -5.58 44.19
O5 PX4 FD . 16.21 -5.49 43.14
C9 PX4 FD . 16.93 -6.63 42.97
O6 PX4 FD . 16.87 -7.56 43.78
C10 PX4 FD . 17.63 -6.71 41.62
C11 PX4 FD . 16.63 -6.86 40.46
C12 PX4 FD . 17.42 -6.91 39.16
C13 PX4 FD . 16.53 -7.12 37.94
C14 PX4 FD . 15.97 -8.53 38.09
C15 PX4 FD . 15.14 -8.93 36.86
C16 PX4 FD . 14.27 -10.16 37.11
C17 PX4 FD . 13.37 -10.56 35.94
C18 PX4 FD . 12.50 -11.70 36.50
C19 PX4 FD . 11.48 -12.37 35.58
C20 PX4 FD . 10.75 -13.56 36.21
C21 PX4 FD . 9.54 -13.89 35.33
C22 PX4 FD . 8.70 -15.02 35.91
O7 PX4 FD . 13.04 -4.96 43.46
C23 PX4 FD . 12.13 -4.07 42.98
O8 PX4 FD . 12.12 -2.93 43.43
C24 PX4 FD . 11.04 -4.65 42.09
C25 PX4 FD . 10.53 -3.48 41.25
C26 PX4 FD . 9.49 -3.78 40.16
C27 PX4 FD . 10.19 -3.57 38.82
C28 PX4 FD . 10.43 -2.08 38.60
C29 PX4 FD . 10.83 -1.74 37.15
C30 PX4 FD . 9.77 -2.47 36.35
C31 PX4 FD . 10.11 -2.32 34.88
C32 PX4 FD . 10.14 -0.86 34.39
C33 PX4 FD . 10.49 -0.78 32.91
C34 PX4 FD . 9.55 -1.61 32.04
C35 PX4 FD . 10.19 -1.74 30.66
C36 PX4 FD . 9.30 -2.55 29.72
O1 PX4 GD . 22.00 10.00 46.63
O2 PX4 GD . 23.76 8.02 46.60
P1 PX4 GD . 23.11 9.22 46.03
O3 PX4 GD . 24.35 10.08 45.47
C1 PX4 GD . 25.16 10.41 46.60
C2 PX4 GD . 25.99 11.64 46.24
N1 PX4 GD . 27.29 11.96 46.81
C3 PX4 GD . 28.27 10.89 47.07
C4 PX4 GD . 27.89 12.98 45.93
C5 PX4 GD . 27.05 12.66 48.09
O4 PX4 GD . 22.44 8.75 44.63
C6 PX4 GD . 23.32 7.73 44.14
C7 PX4 GD . 22.63 7.02 42.96
C8 PX4 GD . 21.89 7.97 42.02
O5 PX4 GD . 20.64 7.47 41.54
C9 PX4 GD . 19.86 8.38 40.88
O6 PX4 GD . 19.68 9.49 41.37
C10 PX4 GD . 19.19 7.89 39.61
C11 PX4 GD . 19.92 8.41 38.36
C12 PX4 GD . 19.17 8.24 37.02
C13 PX4 GD . 20.07 8.59 35.83
C14 PX4 GD . 19.26 8.49 34.54
C15 PX4 GD . 20.16 8.71 33.32
C16 PX4 GD . 19.39 8.36 32.04
C17 PX4 GD . 20.21 8.76 30.81
C18 PX4 GD . 19.48 8.46 29.49
C19 PX4 GD . 20.12 9.21 28.33
C20 PX4 GD . 19.29 9.04 27.05
C21 PX4 GD . 19.79 10.01 25.97
C22 PX4 GD . 21.25 9.79 25.54
O7 PX4 GD . 23.53 6.13 42.29
C23 PX4 GD . 23.31 4.79 42.50
O8 PX4 GD . 22.38 4.47 43.21
C24 PX4 GD . 24.39 3.82 41.98
C25 PX4 GD . 24.53 3.94 40.46
C26 PX4 GD . 25.59 3.02 39.82
C27 PX4 GD . 25.79 3.04 38.31
C28 PX4 GD . 25.96 4.48 37.82
C29 PX4 GD . 26.06 4.31 36.31
C30 PX4 GD . 26.65 5.57 35.63
C31 PX4 GD . 26.88 5.44 34.14
C32 PX4 GD . 27.70 4.22 33.70
C33 PX4 GD . 27.74 4.46 32.17
C34 PX4 GD . 28.64 3.51 31.38
C35 PX4 GD . 28.44 3.88 29.91
C36 PX4 GD . 29.38 3.08 29.01
O1 PX4 HD . -17.05 14.44 58.94
O2 PX4 HD . -15.64 13.24 57.24
P1 PX4 HD . -16.56 14.36 57.55
O3 PX4 HD . -15.84 15.74 57.18
C1 PX4 HD . -14.58 15.56 57.84
C2 PX4 HD . -14.07 16.89 58.42
N1 PX4 HD . -12.75 17.01 59.05
C3 PX4 HD . -11.72 16.72 58.05
C4 PX4 HD . -12.61 18.42 59.45
C5 PX4 HD . -12.67 16.17 60.26
O4 PX4 HD . -17.74 14.30 56.45
C6 PX4 HD . -18.96 14.37 57.18
C7 PX4 HD . -20.16 14.46 56.25
C8 PX4 HD . -19.85 13.48 55.11
O5 PX4 HD . -20.71 13.76 54.00
C9 PX4 HD . -20.03 14.12 52.87
O6 PX4 HD . -18.83 14.40 52.87
C10 PX4 HD . -20.88 14.54 51.66
C11 PX4 HD . -20.29 13.91 50.39
C12 PX4 HD . -20.81 12.50 50.13
C13 PX4 HD . -19.78 11.66 49.39
C14 PX4 HD . -20.27 10.31 48.91
C15 PX4 HD . -19.39 9.64 47.86
C16 PX4 HD . -17.96 9.30 48.28
C17 PX4 HD . -17.32 8.22 47.42
C18 PX4 HD . -17.24 8.80 46.00
C19 PX4 HD . -16.91 7.64 45.06
C20 PX4 HD . -16.96 7.99 43.58
C21 PX4 HD . -16.47 6.90 42.62
C22 PX4 HD . -16.44 7.24 41.13
O7 PX4 HD . -21.45 14.33 56.85
C23 PX4 HD . -22.41 15.23 56.53
O8 PX4 HD . -22.06 16.38 56.25
C24 PX4 HD . -23.76 14.90 57.17
C25 PX4 HD . -24.90 15.15 56.18
C26 PX4 HD . -24.73 14.82 54.70
C27 PX4 HD . -25.91 15.22 53.82
C28 PX4 HD . -25.62 14.83 52.38
C29 PX4 HD . -26.64 15.41 51.40
C30 PX4 HD . -26.28 15.00 49.97
C31 PX4 HD . -27.47 15.34 49.08
C32 PX4 HD . -27.16 15.02 47.62
C33 PX4 HD . -28.38 15.15 46.70
C34 PX4 HD . -28.84 16.60 46.83
C35 PX4 HD . -30.08 16.76 45.94
C36 PX4 HD . -30.72 18.12 46.22
O1 PX4 ID . -8.05 30.45 51.16
O2 PX4 ID . -6.97 30.23 53.55
P1 PX4 ID . -6.88 30.33 52.07
O3 PX4 ID . -5.77 31.49 51.86
C1 PX4 ID . -4.65 31.27 52.70
C2 PX4 ID . -3.36 31.60 51.93
N1 PX4 ID . -2.06 31.04 52.32
C3 PX4 ID . -1.16 31.36 51.21
C4 PX4 ID . -1.42 31.71 53.45
C5 PX4 ID . -2.21 29.60 52.60
O4 PX4 ID . -5.97 29.08 51.62
C6 PX4 ID . -6.29 29.01 50.23
C7 PX4 ID . -5.03 28.85 49.38
C8 PX4 ID . -4.88 27.35 49.04
O5 PX4 ID . -6.08 26.76 48.53
C9 PX4 ID . -6.55 25.53 48.85
O6 PX4 ID . -5.90 24.73 49.56
C10 PX4 ID . -7.79 24.97 48.16
C11 PX4 ID . -7.55 24.44 46.75
C12 PX4 ID . -8.89 24.03 46.14
C13 PX4 ID . -9.83 25.21 46.31
C14 PX4 ID . -11.13 24.99 45.53
C15 PX4 ID . -10.75 24.71 44.07
C16 PX4 ID . -11.96 24.63 43.12
C17 PX4 ID . -11.61 24.13 41.73
C18 PX4 ID . -12.82 23.83 40.84
C19 PX4 ID . -12.44 23.51 39.40
C20 PX4 ID . -13.51 22.92 38.48
C21 PX4 ID . -12.92 22.49 37.14
C22 PX4 ID . -14.03 21.82 36.34
O7 PX4 ID . -4.95 29.73 48.26
C23 PX4 ID . -3.76 30.12 47.73
O8 PX4 ID . -2.82 30.04 48.52
C24 PX4 ID . -3.64 30.71 46.33
C25 PX4 ID . -3.60 29.49 45.42
C26 PX4 ID . -3.33 29.80 43.95
C27 PX4 ID . -3.29 28.50 43.15
C28 PX4 ID . -2.88 28.56 41.68
C29 PX4 ID . -4.01 29.14 40.83
C30 PX4 ID . -3.53 29.14 39.37
C31 PX4 ID . -4.64 29.53 38.40
C32 PX4 ID . -4.28 29.55 36.92
C33 PX4 ID . -5.49 30.00 36.09
C34 PX4 ID . -5.70 29.16 34.84
C35 PX4 ID . -5.99 27.70 35.23
C36 PX4 ID . -5.05 26.68 34.58
O1 PX4 JD . -7.70 18.35 54.24
O2 PX4 JD . -8.39 15.92 53.65
P1 PX4 JD . -7.93 17.27 53.26
O3 PX4 JD . -6.50 17.15 52.52
C1 PX4 JD . -5.60 16.62 53.48
C2 PX4 JD . -4.22 16.33 52.89
N1 PX4 JD . -3.23 15.54 53.65
C3 PX4 JD . -1.97 15.52 52.90
C4 PX4 JD . -3.01 16.13 54.98
C5 PX4 JD . -3.69 14.16 53.88
O4 PX4 JD . -8.78 17.67 51.95
C6 PX4 JD . -8.77 16.61 50.99
C7 PX4 JD . -8.85 17.11 49.55
C8 PX4 JD . -9.04 18.63 49.52
O5 PX4 JD . -10.01 19.03 48.56
C9 PX4 JD . -10.47 20.29 48.58
O6 PX4 JD . -10.12 20.99 49.53
C10 PX4 JD . -11.41 20.66 47.43
C11 PX4 JD . -11.07 19.97 46.10
C12 PX4 JD . -12.05 20.39 45.02
C13 PX4 JD . -11.65 19.94 43.61
C14 PX4 JD . -12.84 20.02 42.66
C15 PX4 JD . -12.68 19.37 41.29
C16 PX4 JD . -14.03 19.59 40.58
C17 PX4 JD . -15.13 18.99 41.43
C18 PX4 JD . -16.53 19.44 40.97
C19 PX4 JD . -16.72 19.11 39.49
C20 PX4 JD . -18.16 19.46 39.12
C21 PX4 JD . -18.40 20.98 39.20
C22 PX4 JD . -19.88 21.25 38.91
O7 PX4 JD . -7.70 16.68 48.80
C23 PX4 JD . -7.87 15.47 48.20
O8 PX4 JD . -8.73 14.64 48.51
C24 PX4 JD . -6.88 15.15 47.08
C25 PX4 JD . -7.61 14.89 45.75
C26 PX4 JD . -8.05 16.23 45.18
C27 PX4 JD . -8.58 16.30 43.74
C28 PX4 JD . -7.56 15.84 42.70
C29 PX4 JD . -7.99 16.08 41.25
C30 PX4 JD . -6.95 15.53 40.28
C31 PX4 JD . -7.50 15.69 38.85
C32 PX4 JD . -6.32 15.21 38.00
C33 PX4 JD . -6.87 15.34 36.58
C34 PX4 JD . -5.78 14.97 35.59
C35 PX4 JD . -6.24 14.97 34.13
C36 PX4 JD . -5.02 15.03 33.22
O1 PX4 KD . -1.56 -10.71 51.71
O2 PX4 KD . -0.33 -8.56 52.09
P1 PX4 KD . -1.61 -9.23 51.78
O3 PX4 KD . -2.65 -8.82 52.94
C1 PX4 KD . -1.94 -8.83 54.17
C2 PX4 KD . -2.83 -8.38 55.32
N1 PX4 KD . -3.24 -6.97 55.40
C3 PX4 KD . -4.08 -6.54 54.27
C4 PX4 KD . -3.88 -6.51 56.64
C5 PX4 KD . -2.01 -6.17 55.45
O4 PX4 KD . -2.33 -8.48 50.56
C6 PX4 KD . -3.44 -9.34 50.26
C7 PX4 KD . -3.92 -9.31 48.81
C8 PX4 KD . -3.09 -8.28 48.05
O5 PX4 KD . -3.67 -7.53 46.98
C9 PX4 KD . -2.96 -6.39 46.70
O6 PX4 KD . -2.05 -6.02 47.43
C10 PX4 KD . -3.27 -5.53 45.48
C11 PX4 KD . -3.63 -6.38 44.26
C12 PX4 KD . -2.50 -7.03 43.46
C13 PX4 KD . -3.08 -7.64 42.20
C14 PX4 KD . -1.97 -8.33 41.41
C15 PX4 KD . -2.72 -8.95 40.22
C16 PX4 KD . -1.93 -9.93 39.36
C17 PX4 KD . -2.82 -10.41 38.21
C18 PX4 KD . -2.18 -11.65 37.60
C19 PX4 KD . -1.87 -12.75 38.63
C20 PX4 KD . -1.41 -14.00 37.87
C21 PX4 KD . -1.26 -15.25 38.75
C22 PX4 KD . -1.15 -16.55 37.95
O7 PX4 KD . -3.90 -10.62 48.20
C23 PX4 KD . -4.73 -11.58 48.65
O8 PX4 KD . -5.19 -11.72 49.79
C24 PX4 KD . -4.88 -12.89 47.88
C25 PX4 KD . -6.16 -13.28 47.12
C26 PX4 KD . -6.16 -14.64 46.43
C27 PX4 KD . -7.36 -15.05 45.58
C28 PX4 KD . -7.11 -16.47 45.06
C29 PX4 KD . -8.32 -17.01 44.30
C30 PX4 KD . -7.95 -18.44 43.94
C31 PX4 KD . -8.89 -19.04 42.90
C32 PX4 KD . -8.40 -20.41 42.40
C33 PX4 KD . -9.50 -20.99 41.53
C34 PX4 KD . -9.18 -22.46 41.28
C35 PX4 KD . -10.35 -23.20 40.62
C36 PX4 KD . -11.55 -22.97 41.52
O1 PX4 LD . 4.59 -1.11 50.34
O2 PX4 LD . 5.29 -0.02 48.11
P1 PX4 LD . 4.34 -0.81 48.92
O3 PX4 LD . 2.97 0.03 48.92
C1 PX4 LD . 3.21 1.31 49.53
C2 PX4 LD . 2.28 2.27 48.79
N1 PX4 LD . 2.87 3.22 47.82
C3 PX4 LD . 3.78 4.14 48.51
C4 PX4 LD . 3.67 2.56 46.79
C5 PX4 LD . 1.74 3.91 47.19
O4 PX4 LD . 3.79 -1.98 47.96
C6 PX4 LD . 3.76 -1.54 46.59
C7 PX4 LD . 3.47 -2.66 45.60
C8 PX4 LD . 4.35 -3.77 46.20
O5 PX4 LD . 5.30 -4.37 45.32
C9 PX4 LD . 5.51 -5.69 45.60
O6 PX4 LD . 5.07 -6.20 46.62
C10 PX4 LD . 6.40 -6.43 44.60
C11 PX4 LD . 6.08 -7.90 44.38
C12 PX4 LD . 6.95 -8.69 43.39
C13 PX4 LD . 6.71 -7.98 42.05
C14 PX4 LD . 7.63 -8.44 40.92
C15 PX4 LD . 7.36 -7.84 39.53
C16 PX4 LD . 8.16 -8.58 38.45
C17 PX4 LD . 8.49 -7.51 37.42
C18 PX4 LD . 9.53 -8.08 36.44
C19 PX4 LD . 9.69 -7.12 35.26
C20 PX4 LD . 10.36 -7.75 34.03
C21 PX4 LD . 10.42 -6.68 32.93
C22 PX4 LD . 8.98 -6.53 32.46
O7 PX4 LD . 2.06 -2.91 45.46
C23 PX4 LD . 1.35 -2.01 44.72
O8 PX4 LD . 1.76 -0.91 44.34
C24 PX4 LD . -0.02 -2.62 44.47
C25 PX4 LD . -0.27 -2.74 42.97
C26 PX4 LD . -1.62 -3.28 42.52
C27 PX4 LD . -1.72 -3.27 40.99
C28 PX4 LD . -3.15 -3.57 40.53
C29 PX4 LD . -3.20 -3.37 39.00
C30 PX4 LD . -4.58 -3.89 38.58
C31 PX4 LD . -4.84 -3.95 37.06
C32 PX4 LD . -6.30 -4.35 36.87
C33 PX4 LD . -6.52 -4.46 35.37
C34 PX4 LD . -7.82 -5.14 34.97
C35 PX4 LD . -9.04 -4.35 35.49
C36 PX4 LD . -10.33 -4.75 34.77
O1 PX4 MD . 18.45 5.61 47.48
O2 PX4 MD . 15.92 4.85 47.95
P1 PX4 MD . 17.19 4.91 47.17
O3 PX4 MD . 17.63 3.37 47.39
C1 PX4 MD . 19.04 3.31 47.32
C2 PX4 MD . 19.70 1.94 47.13
N1 PX4 MD . 19.57 1.20 45.88
C3 PX4 MD . 20.28 1.85 44.76
C4 PX4 MD . 20.27 -0.09 46.04
C5 PX4 MD . 18.19 0.83 45.51
O4 PX4 MD . 16.90 4.77 45.60
C6 PX4 MD . 15.80 3.91 45.33
C7 PX4 MD . 15.38 3.86 43.85
C8 PX4 MD . 15.88 5.14 43.18
O5 PX4 MD . 15.07 5.44 42.03
C9 PX4 MD . 15.46 6.47 41.24
O6 PX4 MD . 16.30 7.22 41.71
C10 PX4 MD . 14.83 6.73 39.86
C11 PX4 MD . 15.53 6.01 38.70
C12 PX4 MD . 15.76 4.53 39.00
C13 PX4 MD . 16.36 3.69 37.87
C14 PX4 MD . 16.57 2.28 38.46
C15 PX4 MD . 17.20 1.34 37.44
C16 PX4 MD . 17.67 0.02 38.06
C17 PX4 MD . 17.84 -1.01 36.95
C18 PX4 MD . 18.70 -2.18 37.45
C19 PX4 MD . 18.92 -3.23 36.35
C20 PX4 MD . 19.75 -4.36 36.96
C21 PX4 MD . 19.91 -5.43 35.87
C22 PX4 MD . 20.89 -4.98 34.78
O7 PX4 MD . 15.64 2.65 43.14
C23 PX4 MD . 14.72 1.65 43.25
O8 PX4 MD . 14.13 1.53 44.34
C24 PX4 MD . 14.95 0.53 42.24
C25 PX4 MD . 15.14 -0.80 42.97
C26 PX4 MD . 15.65 -1.88 42.01
C27 PX4 MD . 14.59 -2.09 40.93
C28 PX4 MD . 15.16 -2.83 39.72
C29 PX4 MD . 14.02 -3.24 38.78
C30 PX4 MD . 14.47 -3.68 37.39
C31 PX4 MD . 13.48 -4.24 36.37
C32 PX4 MD . 14.07 -4.40 34.97
C33 PX4 MD . 15.28 -5.31 34.84
C34 PX4 MD . 15.90 -5.16 33.44
C35 PX4 MD . 16.42 -3.74 33.16
C36 PX4 MD . 17.08 -3.84 31.77
O1 PX4 ND . 31.51 -3.99 47.62
O2 PX4 ND . 29.73 -4.01 49.54
P1 PX4 ND . 30.22 -4.41 48.20
O3 PX4 ND . 30.49 -5.95 48.62
C1 PX4 ND . 31.76 -5.91 49.29
C2 PX4 ND . 32.09 -7.24 49.98
N1 PX4 ND . 31.61 -7.43 51.37
C3 PX4 ND . 30.15 -7.40 51.40
C4 PX4 ND . 31.94 -8.75 51.94
C5 PX4 ND . 32.12 -6.44 52.33
O4 PX4 ND . 29.09 -4.79 47.11
C6 PX4 ND . 29.75 -5.03 45.86
C7 PX4 ND . 28.77 -5.32 44.72
C8 PX4 ND . 27.45 -5.72 45.38
O5 PX4 ND . 27.02 -7.01 44.95
C9 PX4 ND . 25.88 -7.62 45.36
O6 PX4 ND . 25.15 -6.93 46.09
C10 PX4 ND . 25.60 -9.07 44.98
C11 PX4 ND . 25.87 -9.36 43.50
C12 PX4 ND . 25.99 -10.87 43.30
C13 PX4 ND . 26.19 -11.23 41.82
C14 PX4 ND . 26.43 -12.74 41.70
C15 PX4 ND . 26.41 -13.10 40.21
C16 PX4 ND . 27.11 -14.47 40.13
C17 PX4 ND . 26.98 -14.87 38.65
C18 PX4 ND . 27.70 -16.22 38.58
C19 PX4 ND . 27.14 -17.05 37.44
C20 PX4 ND . 27.84 -18.39 37.15
C21 PX4 ND . 29.24 -18.04 36.66
C22 PX4 ND . 29.83 -19.19 35.83
O7 PX4 ND . 28.70 -4.19 43.85
C23 PX4 ND . 29.67 -4.01 42.91
O8 PX4 ND . 30.76 -4.57 43.07
C24 PX4 ND . 29.44 -3.00 41.78
C25 PX4 ND . 30.74 -2.49 41.16
C26 PX4 ND . 30.53 -1.37 40.14
C27 PX4 ND . 31.84 -0.83 39.57
C28 PX4 ND . 31.42 0.19 38.49
C29 PX4 ND . 31.33 1.56 39.17
C30 PX4 ND . 30.78 2.47 38.07
C31 PX4 ND . 31.15 3.89 38.42
C32 PX4 ND . 30.72 4.85 37.31
C33 PX4 ND . 30.78 6.34 37.65
C34 PX4 ND . 30.28 6.86 38.99
C35 PX4 ND . 30.45 8.38 39.12
C36 PX4 ND . 29.89 8.93 40.42
O1 PX4 OD . 22.69 15.91 45.51
O2 PX4 OD . 24.91 14.66 45.87
P1 PX4 OD . 24.09 15.63 45.12
O3 PX4 OD . 24.96 16.98 45.20
C1 PX4 OD . 24.35 17.84 46.16
C2 PX4 OD . 25.20 19.03 46.58
N1 PX4 OD . 24.44 20.01 47.36
C3 PX4 OD . 25.27 21.18 47.68
C4 PX4 OD . 23.25 20.45 46.61
C5 PX4 OD . 24.11 19.46 48.69
O4 PX4 OD . 24.22 15.46 43.52
C6 PX4 OD . 25.22 14.47 43.30
C7 PX4 OD . 25.15 13.77 41.93
C8 PX4 OD . 24.01 14.48 41.17
O5 PX4 OD . 23.33 13.58 40.29
C9 PX4 OD . 22.19 13.99 39.69
O6 PX4 OD . 21.64 15.05 39.97
C10 PX4 OD . 21.30 12.98 38.96
C11 PX4 OD . 21.05 13.33 37.50
C12 PX4 OD . 20.10 12.30 36.87
C13 PX4 OD . 19.82 12.68 35.42
C14 PX4 OD . 21.07 12.74 34.55
C15 PX4 OD . 20.60 12.92 33.11
C16 PX4 OD . 21.68 12.44 32.12
C17 PX4 OD . 21.14 12.45 30.69
C18 PX4 OD . 22.18 12.72 29.59
C19 PX4 OD . 21.38 13.10 28.35
C20 PX4 OD . 22.25 13.39 27.13
C21 PX4 OD . 21.56 13.49 25.78
C22 PX4 OD . 20.67 14.73 25.62
O7 PX4 OD . 26.36 13.79 41.17
C23 PX4 OD . 27.20 12.71 41.19
O8 PX4 OD . 26.97 11.75 41.93
C24 PX4 OD . 28.36 12.74 40.20
C25 PX4 OD . 28.00 12.02 38.91
C26 PX4 OD . 29.25 11.98 38.03
C27 PX4 OD . 28.91 11.15 36.79
C28 PX4 OD . 30.26 10.83 36.15
C29 PX4 OD . 30.06 9.90 34.96
C30 PX4 OD . 31.39 9.57 34.29
C31 PX4 OD . 31.90 10.84 33.61
C32 PX4 OD . 30.89 11.30 32.55
C33 PX4 OD . 31.48 12.48 31.77
C34 PX4 OD . 30.55 12.94 30.64
C35 PX4 OD . 31.44 13.49 29.52
C36 PX4 OD . 30.78 13.99 28.25
O1 PX4 PD . -10.06 25.23 50.48
O2 PX4 PD . -8.31 26.64 51.68
P1 PX4 PD . -9.72 26.32 51.43
O3 PX4 PD . -10.41 26.13 52.88
C1 PX4 PD . -9.99 27.37 53.44
C2 PX4 PD . -10.34 27.51 54.92
N1 PX4 PD . -9.57 28.40 55.79
C3 PX4 PD . -9.76 29.83 55.53
C4 PX4 PD . -9.88 28.10 57.19
C5 PX4 PD . -8.12 28.14 55.77
O4 PX4 PD . -10.49 27.60 50.85
C6 PX4 PD . -10.77 27.37 49.46
C7 PX4 PD . -11.47 28.49 48.72
C8 PX4 PD . -10.36 29.32 48.06
O5 PX4 PD . -9.41 28.59 47.28
C9 PX4 PD . -8.38 29.28 46.74
O6 PX4 PD . -8.20 30.49 46.83
C10 PX4 PD . -7.57 28.44 45.74
C11 PX4 PD . -8.27 28.21 44.41
C12 PX4 PD . -7.41 27.38 43.47
C13 PX4 PD . -8.11 27.00 42.16
C14 PX4 PD . -7.36 26.39 40.98
C15 PX4 PD . -8.40 25.87 39.97
C16 PX4 PD . -7.74 25.69 38.61
C17 PX4 PD . -8.80 25.10 37.69
C18 PX4 PD . -8.41 25.20 36.22
C19 PX4 PD . -9.42 24.41 35.38
C20 PX4 PD . -9.48 24.91 33.93
C21 PX4 PD . -8.15 24.66 33.21
C22 PX4 PD . -8.03 25.22 31.80
O7 PX4 PD . -12.63 28.26 47.92
C23 PX4 PD . -13.79 27.73 48.43
O8 PX4 PD . -13.95 27.77 49.64
C24 PX4 PD . -14.95 27.42 47.49
C25 PX4 PD . -16.12 28.37 47.73
C26 PX4 PD . -17.09 28.27 46.56
C27 PX4 PD . -16.38 29.00 45.42
C28 PX4 PD . -16.83 28.64 44.01
C29 PX4 PD . -16.33 29.71 43.02
C30 PX4 PD . -16.93 29.39 41.65
C31 PX4 PD . -16.39 30.42 40.65
C32 PX4 PD . -16.93 30.23 39.25
C33 PX4 PD . -18.44 30.45 39.06
C34 PX4 PD . -19.04 29.92 37.76
C35 PX4 PD . -19.25 28.40 37.68
C36 PX4 PD . -20.05 28.06 36.41
O1 PX4 QD . -12.65 38.20 49.38
O2 PX4 QD . -10.29 37.42 50.01
P1 PX4 QD . -11.19 38.35 49.30
O3 PX4 QD . -10.50 39.69 49.90
C1 PX4 QD . -9.14 39.62 49.49
C2 PX4 QD . -8.70 41.01 49.01
N1 PX4 QD . -8.26 41.96 50.05
C3 PX4 QD . -7.49 41.32 51.12
C4 PX4 QD . -7.57 43.03 49.31
C5 PX4 QD . -9.35 42.43 50.91
O4 PX4 QD . -10.80 38.62 47.76
C6 PX4 QD . -11.86 39.00 46.87
C7 PX4 QD . -11.36 38.76 45.43
C8 PX4 QD . -10.04 38.01 45.58
O5 PX4 QD . -9.07 38.50 44.67
C9 PX4 QD . -7.79 38.13 44.96
O6 PX4 QD . -7.59 37.27 45.82
C10 PX4 QD . -6.56 38.93 44.52
C11 PX4 QD . -6.50 38.83 43.00
C12 PX4 QD . -5.78 40.06 42.43
C13 PX4 QD . -5.72 40.16 40.90
C14 PX4 QD . -4.57 41.06 40.45
C15 PX4 QD . -4.45 40.72 38.96
C16 PX4 QD . -3.52 41.71 38.25
C17 PX4 QD . -3.36 41.32 36.78
C18 PX4 QD . -2.61 42.46 36.09
C19 PX4 QD . -2.70 42.13 34.59
C20 PX4 QD . -1.81 43.02 33.72
C21 PX4 QD . -2.03 42.50 32.30
C22 PX4 QD . -2.12 43.62 31.25
O7 PX4 QD . -12.30 38.03 44.64
C23 PX4 QD . -13.14 38.77 43.86
O8 PX4 QD . -13.03 40.00 43.75
C24 PX4 QD . -14.04 38.01 42.90
C25 PX4 QD . -13.57 38.04 41.45
C26 PX4 QD . -14.65 37.45 40.52
C27 PX4 QD . -14.35 37.74 39.05
C28 PX4 QD . -15.55 37.27 38.24
C29 PX4 QD . -15.36 37.58 36.75
C30 PX4 QD . -16.66 37.23 36.01
C31 PX4 QD . -16.48 37.48 34.51
C32 PX4 QD . -17.57 36.85 33.63
C33 PX4 QD . -17.24 37.14 32.16
C34 PX4 QD . -18.10 36.30 31.21
C35 PX4 QD . -18.27 34.81 31.48
C36 PX4 QD . -19.24 34.19 30.46
O1 PX4 RD . 0.95 13.32 47.83
O2 PX4 RD . -0.55 12.10 49.58
P1 PX4 RD . -0.03 12.26 48.21
O3 PX4 RD . 0.32 10.88 47.47
C1 PX4 RD . 0.43 10.89 46.04
C2 PX4 RD . 0.27 9.49 45.47
N1 PX4 RD . -0.98 8.74 45.62
C3 PX4 RD . -2.16 9.58 45.90
C4 PX4 RD . -1.18 7.84 44.48
C5 PX4 RD . -1.01 7.79 46.73
O4 PX4 RD . -1.32 12.63 47.32
C6 PX4 RD . -2.49 12.72 48.14
C7 PX4 RD . -3.77 13.16 47.43
C8 PX4 RD . -3.19 13.91 46.23
O5 PX4 RD . -3.46 15.31 46.33
C9 PX4 RD . -2.84 15.98 45.33
O6 PX4 RD . -2.15 15.34 44.52
C10 PX4 RD . -2.95 17.49 45.16
C11 PX4 RD . -4.11 17.79 44.19
C12 PX4 RD . -4.35 19.22 43.66
C13 PX4 RD . -3.39 19.53 42.50
C14 PX4 RD . -3.72 18.51 41.42
C15 PX4 RD . -2.72 18.67 40.25
C16 PX4 RD . -3.10 17.78 39.09
C17 PX4 RD . -2.18 18.18 37.93
C18 PX4 RD . -2.33 17.11 36.84
C19 PX4 RD . -1.81 17.65 35.51
C20 PX4 RD . -1.61 16.54 34.47
C21 PX4 RD . -1.16 17.14 33.14
C22 PX4 RD . -2.17 18.21 32.74
O7 PX4 RD . -4.67 12.14 47.03
C23 PX4 RD . -5.41 11.50 47.98
O8 PX4 RD . -5.34 11.75 49.20
C24 PX4 RD . -6.53 10.59 47.51
C25 PX4 RD . -6.37 10.13 46.06
C26 PX4 RD . -7.46 9.16 45.63
C27 PX4 RD . -8.82 9.83 45.78
C28 PX4 RD . -8.96 11.10 44.95
C29 PX4 RD . -8.94 10.58 43.50
C30 PX4 RD . -8.95 11.71 42.49
C31 PX4 RD . -8.64 11.01 41.16
C32 PX4 RD . -9.26 12.01 40.20
C33 PX4 RD . -9.36 11.55 38.75
C34 PX4 RD . -7.94 11.60 38.15
C35 PX4 RD . -8.14 11.26 36.68
C36 PX4 RD . -6.74 11.16 36.06
O1 PX4 SD . 5.57 7.20 44.63
O2 PX4 SD . 3.72 5.74 45.79
P1 PX4 SD . 4.92 5.92 44.97
O3 PX4 SD . 5.85 5.06 45.95
C1 PX4 SD . 6.46 5.97 46.88
C2 PX4 SD . 7.45 5.33 47.86
N1 PX4 SD . 8.87 5.21 47.50
C3 PX4 SD . 9.48 6.55 47.37
C4 PX4 SD . 9.48 4.43 48.58
C5 PX4 SD . 8.93 4.38 46.29
O4 PX4 SD . 4.96 4.81 43.77
C6 PX4 SD . 6.23 4.28 43.38
C7 PX4 SD . 6.23 3.00 42.55
C8 PX4 SD . 4.97 3.15 41.70
O5 PX4 SD . 3.86 2.38 42.19
C9 PX4 SD . 2.70 3.01 41.82
O6 PX4 SD . 2.76 4.14 41.35
C10 PX4 SD . 1.36 2.30 42.03
C11 PX4 SD . 1.02 1.53 40.75
C12 PX4 SD . -0.31 0.80 40.92
C13 PX4 SD . -1.03 0.62 39.57
C14 PX4 SD . -1.27 2.01 38.99
C15 PX4 SD . -2.11 1.78 37.73
C16 PX4 SD . -2.32 3.16 37.13
C17 PX4 SD . -3.16 3.21 35.84
C18 PX4 SD . -3.25 4.68 35.45
C19 PX4 SD . -4.09 5.50 36.43
C20 PX4 SD . -4.09 6.92 35.84
C21 PX4 SD . -5.21 7.68 36.55
C22 PX4 SD . -4.71 8.04 37.96
O7 PX4 SD . 7.39 2.60 41.81
C23 PX4 SD . 8.14 1.51 42.12
O8 PX4 SD . 8.03 0.92 43.19
C24 PX4 SD . 9.21 1.15 41.07
C25 PX4 SD . 10.60 0.93 41.66
C26 PX4 SD . 11.67 0.77 40.59
C27 PX4 SD . 11.80 2.09 39.83
C28 PX4 SD . 12.60 1.94 38.53
C29 PX4 SD . 11.93 2.29 37.20
C30 PX4 SD . 12.85 2.34 35.98
C31 PX4 SD . 13.66 1.05 35.85
C32 PX4 SD . 14.71 1.24 34.75
C33 PX4 SD . 14.22 1.05 33.31
C34 PX4 SD . 15.35 1.27 32.30
C35 PX4 SD . 14.83 1.10 30.87
C36 PX4 SD . 13.61 1.99 30.70
O1 PX4 TD . 4.65 8.60 47.19
O2 PX4 TD . 5.90 10.74 46.69
P1 PX4 TD . 4.71 9.89 46.46
O3 PX4 TD . 3.64 10.75 47.28
C1 PX4 TD . 4.21 11.43 48.40
C2 PX4 TD . 3.09 11.45 49.45
N1 PX4 TD . 3.44 12.42 50.50
C3 PX4 TD . 3.55 13.77 49.94
C4 PX4 TD . 2.26 12.48 51.36
C5 PX4 TD . 4.60 12.03 51.31
O4 PX4 TD . 4.02 9.96 45.01
C6 PX4 TD . 4.09 11.25 44.40
C7 PX4 TD . 3.91 11.19 42.88
C8 PX4 TD . 4.51 9.83 42.51
O5 PX4 TD . 5.45 9.96 41.43
C9 PX4 TD . 5.87 8.76 40.94
O6 PX4 TD . 5.42 7.69 41.35
C10 PX4 TD . 6.99 8.92 39.90
C11 PX4 TD . 6.29 9.11 38.54
C12 PX4 TD . 7.21 9.34 37.34
C13 PX4 TD . 6.58 9.45 35.96
C14 PX4 TD . 5.70 10.70 35.91
C15 PX4 TD . 4.93 10.76 34.59
C16 PX4 TD . 4.08 12.03 34.44
C17 PX4 TD . 3.91 12.29 32.94
C18 PX4 TD . 2.99 13.42 32.52
C19 PX4 TD . 3.59 14.80 32.68
C20 PX4 TD . 2.51 15.82 32.30
C21 PX4 TD . 3.06 17.26 32.26
C22 PX4 TD . 2.01 18.31 31.84
O7 PX4 TD . 2.53 11.26 42.51
C23 PX4 TD . 1.90 12.46 42.55
O8 PX4 TD . 2.17 13.37 43.32
C24 PX4 TD . 0.60 12.43 41.73
C25 PX4 TD . -0.51 12.56 42.77
C26 PX4 TD . -1.89 12.80 42.12
C27 PX4 TD . -3.09 12.56 43.05
C28 PX4 TD . -4.39 12.52 42.24
C29 PX4 TD . -4.44 11.24 41.42
C30 PX4 TD . -4.63 10.11 42.45
C31 PX4 TD . -4.94 8.76 41.80
C32 PX4 TD . -5.51 7.80 42.84
C33 PX4 TD . -5.76 6.42 42.27
C34 PX4 TD . -6.64 6.56 41.03
C35 PX4 TD . -6.94 5.28 40.26
C36 PX4 TD . -7.83 5.42 39.03
O1 PX4 UD . 9.92 17.49 49.07
O2 PX4 UD . 11.09 15.72 47.57
P1 PX4 UD . 10.61 17.11 47.81
O3 PX4 UD . 11.76 18.18 47.49
C1 PX4 UD . 11.30 19.51 47.72
C2 PX4 UD . 12.24 20.63 47.28
N1 PX4 UD . 13.63 20.70 47.75
C3 PX4 UD . 13.86 20.23 49.11
C4 PX4 UD . 14.46 19.92 46.81
C5 PX4 UD . 14.04 22.11 47.72
O4 PX4 UD . 9.70 17.60 46.58
C6 PX4 UD . 10.18 16.97 45.37
C7 PX4 UD . 9.51 17.37 44.06
C8 PX4 UD . 8.18 16.61 44.16
O5 PX4 UD . 8.27 15.18 44.02
C9 PX4 UD . 7.09 14.50 44.08
O6 PX4 UD . 6.09 15.16 44.39
C10 PX4 UD . 7.18 13.00 43.78
C11 PX4 UD . 7.23 12.82 42.27
C12 PX4 UD . 5.90 13.25 41.65
C13 PX4 UD . 6.04 13.33 40.12
C14 PX4 UD . 4.73 13.82 39.51
C15 PX4 UD . 4.67 14.00 37.99
C16 PX4 UD . 3.45 14.83 37.60
C17 PX4 UD . 2.20 14.12 38.14
C18 PX4 UD . 0.99 15.02 37.88
C19 PX4 UD . -0.38 14.38 38.16
C20 PX4 UD . -0.64 13.19 37.23
C21 PX4 UD . -2.13 12.96 37.03
C22 PX4 UD . -2.39 11.61 36.33
O7 PX4 UD . 9.35 18.76 43.78
C23 PX4 UD . 10.36 19.67 43.75
O8 PX4 UD . 11.50 19.48 44.14
C24 PX4 UD . 10.00 21.01 43.08
C25 PX4 UD . 10.16 20.92 41.56
C26 PX4 UD . 9.42 22.05 40.87
C27 PX4 UD . 9.44 21.92 39.35
C28 PX4 UD . 8.74 23.12 38.72
C29 PX4 UD . 8.47 22.85 37.23
C30 PX4 UD . 7.96 24.12 36.56
C31 PX4 UD . 8.98 25.24 36.77
C32 PX4 UD . 10.28 24.94 36.02
C33 PX4 UD . 11.41 25.78 36.60
C34 PX4 UD . 12.62 25.80 35.66
C35 PX4 UD . 13.66 26.75 36.19
C36 PX4 UD . 14.94 26.54 35.38
O1 PX4 VD . 13.93 8.21 47.44
O2 PX4 VD . 13.82 6.14 45.82
P1 PX4 VD . 14.44 7.39 46.31
O3 PX4 VD . 16.05 7.45 46.24
C1 PX4 VD . 16.39 8.70 46.81
C2 PX4 VD . 17.78 9.21 46.45
N1 PX4 VD . 18.16 9.10 45.03
C3 PX4 VD . 17.27 9.67 44.02
C4 PX4 VD . 19.30 10.04 44.93
C5 PX4 VD . 18.66 7.79 44.61
O4 PX4 VD . 14.34 8.37 45.04
C6 PX4 VD . 12.98 8.19 44.63
C7 PX4 VD . 12.72 8.70 43.21
C8 PX4 VD . 13.94 9.41 42.63
O5 PX4 VD . 13.90 9.63 41.21
C9 PX4 VD . 15.01 10.22 40.68
O6 PX4 VD . 15.61 11.00 41.42
C10 PX4 VD . 14.84 10.53 39.18
C11 PX4 VD . 16.17 10.76 38.47
C12 PX4 VD . 16.04 10.91 36.95
C13 PX4 VD . 15.50 9.69 36.21
C14 PX4 VD . 15.12 9.98 34.75
C15 PX4 VD . 13.87 10.82 34.57
C16 PX4 VD . 13.40 10.77 33.10
C17 PX4 VD . 11.98 11.29 33.15
C18 PX4 VD . 11.38 11.51 31.75
C19 PX4 VD . 9.92 11.94 31.86
C20 PX4 VD . 9.13 11.71 30.57
C21 PX4 VD . 7.67 11.76 31.01
C22 PX4 VD . 6.69 11.57 29.85
O7 PX4 VD . 12.38 7.54 42.45
C23 PX4 VD . 11.09 7.12 42.37
O8 PX4 VD . 10.30 7.08 43.31
C24 PX4 VD . 10.74 6.18 41.21
C25 PX4 VD . 9.29 6.16 40.71
C26 PX4 VD . 9.11 5.41 39.39
C27 PX4 VD . 7.74 4.75 39.23
C28 PX4 VD . 7.47 4.46 37.75
C29 PX4 VD . 6.17 3.66 37.61
C30 PX4 VD . 6.38 2.32 38.31
C31 PX4 VD . 5.17 1.49 37.87
C32 PX4 VD . 5.16 0.21 38.73
C33 PX4 VD . 6.47 -0.59 38.72
C34 PX4 VD . 6.11 -1.81 39.56
C35 PX4 VD . 5.64 -1.48 40.99
C36 PX4 VD . 5.26 -2.85 41.57
O1 PX4 WD . 25.16 2.62 45.26
O2 PX4 WD . 22.98 2.01 46.59
P1 PX4 WD . 24.21 1.65 45.84
O3 PX4 WD . 25.13 0.84 46.88
C1 PX4 WD . 24.42 -0.38 47.15
C2 PX4 WD . 24.92 -1.17 48.34
N1 PX4 WD . 26.38 -1.25 48.60
C3 PX4 WD . 27.20 -1.67 47.46
C4 PX4 WD . 26.86 0.02 49.15
C5 PX4 WD . 26.50 -2.16 49.75
O4 PX4 WD . 23.84 0.51 44.76
C6 PX4 WD . 24.86 0.41 43.78
C7 PX4 WD . 24.39 -0.42 42.58
C8 PX4 WD . 22.88 -0.34 42.39
O5 PX4 WD . 22.47 0.94 41.93
C9 PX4 WD . 21.69 0.84 40.81
O6 PX4 WD . 21.23 -0.26 40.50
C10 PX4 WD . 21.02 2.11 40.25
C11 PX4 WD . 21.41 2.14 38.78
C12 PX4 WD . 20.59 3.24 38.10
C13 PX4 WD . 20.88 3.15 36.59
C14 PX4 WD . 19.94 4.01 35.75
C15 PX4 WD . 20.07 3.75 34.24
C16 PX4 WD . 21.50 3.74 33.70
C17 PX4 WD . 21.65 3.48 32.22
C18 PX4 WD . 21.17 4.56 31.23
C19 PX4 WD . 21.62 4.16 29.82
C20 PX4 WD . 21.27 5.16 28.69
C21 PX4 WD . 21.51 4.61 27.28
C22 PX4 WD . 21.28 5.60 26.14
O7 PX4 WD . 25.06 0.03 41.40
C23 PX4 WD . 26.33 -0.38 41.15
O8 PX4 WD . 26.90 -1.03 42.03
C24 PX4 WD . 26.81 -0.22 39.71
C25 PX4 WD . 26.22 -1.29 38.78
C26 PX4 WD . 26.94 -1.62 37.47
C27 PX4 WD . 26.40 -2.97 37.00
C28 PX4 WD . 26.92 -3.24 35.58
C29 PX4 WD . 26.79 -4.75 35.31
C30 PX4 WD . 25.40 -5.34 35.13
C31 PX4 WD . 25.56 -6.88 35.11
C32 PX4 WD . 26.80 -7.28 34.32
C33 PX4 WD . 26.99 -8.79 34.25
C34 PX4 WD . 27.32 -9.40 35.61
C35 PX4 WD . 27.71 -10.88 35.49
C36 PX4 WD . 28.31 -11.39 36.80
O1 PX4 XD . -14.68 31.48 49.13
O2 PX4 XD . -12.16 31.54 49.85
P1 PX4 XD . -13.28 31.90 48.95
O3 PX4 XD . -13.30 33.49 49.18
C1 PX4 XD . -13.29 33.78 50.58
C2 PX4 XD . -13.74 35.15 51.07
N1 PX4 XD . -13.38 35.67 52.41
C3 PX4 XD . -13.94 34.90 53.53
C4 PX4 XD . -11.91 35.65 52.44
C5 PX4 XD . -13.90 37.05 52.37
O4 PX4 XD . -12.61 31.76 47.50
C6 PX4 XD . -13.51 32.31 46.54
C7 PX4 XD . -12.88 32.66 45.19
C8 PX4 XD . -11.52 31.98 45.09
O5 PX4 XD . -10.60 32.81 44.37
C9 PX4 XD . -10.08 33.89 45.02
O6 PX4 XD . -10.31 34.10 46.21
C10 PX4 XD . -9.35 34.83 44.07
C11 PX4 XD . -10.17 35.26 42.84
C12 PX4 XD . -9.53 36.11 41.74
C13 PX4 XD . -10.37 35.93 40.48
C14 PX4 XD . -9.55 35.25 39.38
C15 PX4 XD . -8.24 36.00 39.26
C16 PX4 XD . -7.68 35.50 37.94
C17 PX4 XD . -6.28 36.09 37.83
C18 PX4 XD . -5.26 35.71 38.91
C19 PX4 XD . -3.94 36.43 38.58
C20 PX4 XD . -2.88 36.25 39.66
C21 PX4 XD . -3.33 37.00 40.93
C22 PX4 XD . -2.50 36.58 42.14
O7 PX4 XD . -13.68 32.35 44.04
C23 PX4 XD . -14.21 33.44 43.41
O8 PX4 XD . -14.32 34.55 43.92
C24 PX4 XD . -14.99 33.19 42.12
C25 PX4 XD . -14.31 33.94 40.99
C26 PX4 XD . -14.77 33.58 39.57
C27 PX4 XD . -13.78 33.92 38.46
C28 PX4 XD . -14.18 33.30 37.13
C29 PX4 XD . -15.57 33.70 36.65
C30 PX4 XD . -16.01 32.98 35.39
C31 PX4 XD . -15.79 31.47 35.49
C32 PX4 XD . -16.14 30.78 34.16
C33 PX4 XD . -16.11 29.28 34.44
C34 PX4 XD . -16.13 28.27 33.29
C35 PX4 XD . -17.49 28.47 32.58
C36 PX4 XD . -17.39 27.46 31.43
O1 PX4 YD . 3.25 30.02 45.24
O2 PX4 YD . 3.55 28.55 47.39
P1 PX4 YD . 3.92 28.95 46.01
O3 PX4 YD . 5.42 29.46 46.29
C1 PX4 YD . 5.27 30.70 46.97
C2 PX4 YD . 6.41 31.07 47.92
N1 PX4 YD . 6.57 30.19 49.09
C3 PX4 YD . 7.75 30.69 49.79
C4 PX4 YD . 5.43 30.27 50.03
C5 PX4 YD . 6.84 28.80 48.72
O4 PX4 YD . 4.28 27.66 45.12
C6 PX4 YD . 4.71 28.27 43.91
C7 PX4 YD . 5.21 27.22 42.91
C8 PX4 YD . 4.02 26.58 42.20
O5 PX4 YD . 2.81 27.32 42.11
C9 PX4 YD . 1.83 26.52 41.62
O6 PX4 YD . 2.12 25.34 41.39
C10 PX4 YD . 0.37 26.96 41.51
C11 PX4 YD . -0.46 26.11 40.55
C12 PX4 YD . -0.09 26.26 39.07
C13 PX4 YD . -0.94 25.48 38.06
C14 PX4 YD . -0.29 25.75 36.69
C15 PX4 YD . -0.44 27.19 36.18
C16 PX4 YD . 0.16 27.47 34.80
C17 PX4 YD . -0.33 28.88 34.49
C18 PX4 YD . 0.16 29.92 35.51
C19 PX4 YD . -0.44 31.31 35.27
C20 PX4 YD . 0.02 32.21 36.41
C21 PX4 YD . -0.36 33.66 36.15
C22 PX4 YD . -0.23 34.60 37.35
O7 PX4 YD . 6.09 27.92 42.02
C23 PX4 YD . 7.39 28.07 42.39
O8 PX4 YD . 7.78 27.40 43.34
C24 PX4 YD . 8.29 29.01 41.60
C25 PX4 YD . 9.39 28.33 40.80
C26 PX4 YD . 10.13 29.20 39.77
C27 PX4 YD . 9.57 29.04 38.36
C28 PX4 YD . 10.36 30.05 37.51
C29 PX4 YD . 9.92 29.86 36.06
C30 PX4 YD . 10.68 30.71 35.04
C31 PX4 YD . 11.99 30.07 34.58
C32 PX4 YD . 12.59 30.85 33.42
C33 PX4 YD . 13.99 30.27 33.19
C34 PX4 YD . 14.64 31.07 32.06
C35 PX4 YD . 16.04 30.47 31.88
C36 PX4 YD . 16.52 31.05 30.55
O1 PX4 ZD . 13.42 25.11 47.49
O2 PX4 ZD . 15.74 26.27 46.87
P1 PX4 ZD . 14.27 26.07 46.74
O3 PX4 ZD . 13.85 27.27 47.74
C1 PX4 ZD . 14.47 28.49 47.36
C2 PX4 ZD . 14.60 29.53 48.47
N1 PX4 ZD . 15.29 29.20 49.74
C3 PX4 ZD . 14.38 28.98 50.87
C4 PX4 ZD . 16.30 28.14 49.68
C5 PX4 ZD . 15.97 30.45 50.08
O4 PX4 ZD . 13.59 26.87 45.52
C6 PX4 ZD . 12.37 26.30 45.05
C7 PX4 ZD . 11.68 27.11 43.96
C8 PX4 ZD . 12.10 28.56 44.15
O5 PX4 ZD . 11.16 29.54 43.71
C9 PX4 ZD . 11.38 30.83 44.08
O6 PX4 ZD . 12.26 30.93 44.93
C10 PX4 ZD . 10.39 31.85 43.51
C11 PX4 ZD . 9.38 32.23 44.60
C12 PX4 ZD . 8.11 32.90 44.10
C13 PX4 ZD . 6.93 31.96 43.81
C14 PX4 ZD . 5.82 32.85 43.26
C15 PX4 ZD . 4.60 32.14 42.63
C16 PX4 ZD . 5.01 31.19 41.51
C17 PX4 ZD . 3.85 30.30 41.03
C18 PX4 ZD . 2.46 30.93 40.97
C19 PX4 ZD . 1.49 29.98 40.26
C20 PX4 ZD . 0.21 30.72 39.88
C21 PX4 ZD . -0.48 31.43 41.04
C22 PX4 ZD . -1.53 32.41 40.54
O7 PX4 ZD . 11.84 26.73 42.59
C23 PX4 ZD . 11.47 25.49 42.17
O8 PX4 ZD . 10.84 24.70 42.87
C24 PX4 ZD . 11.73 25.17 40.70
C25 PX4 ZD . 12.82 24.10 40.64
C26 PX4 ZD . 12.83 23.43 39.25
C27 PX4 ZD . 13.92 22.34 39.21
C28 PX4 ZD . 15.31 22.94 39.39
C29 PX4 ZD . 16.41 21.88 39.48
C30 PX4 ZD . 17.83 22.46 39.48
C31 PX4 ZD . 18.29 23.09 38.16
C32 PX4 ZD . 18.45 22.13 36.98
C33 PX4 ZD . 19.38 22.67 35.92
C34 PX4 ZD . 19.77 21.60 34.90
C35 PX4 ZD . 20.73 22.20 33.85
C36 PX4 ZD . 20.93 21.32 32.62
O1 PX4 AE . -3.94 19.72 52.65
O2 PX4 AE . -2.24 18.51 51.14
P1 PX4 AE . -2.93 19.75 51.57
O3 PX4 AE . -1.71 20.76 51.85
C1 PX4 AE . -1.09 20.27 53.04
C2 PX4 AE . 0.21 21.01 53.37
N1 PX4 AE . 1.28 20.97 52.36
C3 PX4 AE . 1.10 21.94 51.27
C4 PX4 AE . 2.51 21.52 53.00
C5 PX4 AE . 1.59 19.64 51.83
O4 PX4 AE . -3.61 20.41 50.27
C6 PX4 AE . -2.55 20.53 49.33
C7 PX4 AE . -3.02 20.63 47.89
C8 PX4 AE . -4.52 20.96 47.85
O5 PX4 AE . -5.19 20.38 46.74
C9 PX4 AE . -6.51 20.72 46.78
O6 PX4 AE . -7.04 21.37 47.68
C10 PX4 AE . -7.37 20.11 45.69
C11 PX4 AE . -7.28 21.03 44.45
C12 PX4 AE . -7.95 20.58 43.16
C13 PX4 AE . -7.94 21.57 42.00
C14 PX4 AE . -8.73 20.89 40.88
C15 PX4 AE . -8.81 21.71 39.59
C16 PX4 AE . -9.33 20.86 38.43
C17 PX4 AE . -8.45 19.64 38.16
C18 PX4 AE . -8.92 18.86 36.94
C19 PX4 AE . -8.69 19.61 35.63
C20 PX4 AE . -9.46 18.95 34.49
C21 PX4 AE . -9.30 19.68 33.15
C22 PX4 AE . -10.14 18.98 32.08
O7 PX4 AE . -2.24 21.60 47.17
C23 PX4 AE . -1.00 21.22 46.75
O8 PX4 AE . -0.47 20.18 47.16
C24 PX4 AE . -0.15 22.07 45.80
C25 PX4 AE . -0.63 21.63 44.42
C26 PX4 AE . 0.29 22.09 43.29
C27 PX4 AE . -0.48 21.70 42.03
C28 PX4 AE . 0.51 21.95 40.90
C29 PX4 AE . -0.30 21.74 39.60
C30 PX4 AE . 0.64 21.76 38.39
C31 PX4 AE . 0.05 21.39 37.03
C32 PX4 AE . 1.21 21.22 36.04
C33 PX4 AE . 2.27 20.27 36.60
C34 PX4 AE . 3.30 19.83 35.56
C35 PX4 AE . 4.46 19.11 36.27
C36 PX4 AE . 5.44 20.19 36.74
N PHE A 1 15.02 -0.89 -11.65
CA PHE A 1 14.87 -2.26 -11.15
C PHE A 1 13.78 -2.31 -10.06
N ARG A 2 13.00 -3.39 -10.13
CA ARG A 2 11.61 -3.40 -9.76
C ARG A 2 11.50 -3.91 -8.33
N GLU A 3 12.58 -4.44 -7.77
CA GLU A 3 12.83 -4.99 -6.45
C GLU A 3 13.33 -3.87 -5.56
N MET A 4 13.06 -4.02 -4.26
CA MET A 4 13.78 -3.26 -3.25
C MET A 4 15.18 -3.83 -3.10
N PRO A 5 16.23 -3.02 -2.97
CA PRO A 5 17.61 -3.46 -2.98
C PRO A 5 17.80 -4.20 -1.66
N GLY A 6 18.55 -5.29 -1.57
CA GLY A 6 18.54 -6.18 -0.43
C GLY A 6 18.14 -7.57 -0.90
N GLY A 7 18.03 -8.50 0.04
CA GLY A 7 17.35 -9.77 -0.09
C GLY A 7 16.07 -9.65 0.72
N PRO A 8 14.99 -9.02 0.24
CA PRO A 8 13.78 -8.84 1.02
C PRO A 8 13.11 -10.20 1.18
N VAL A 9 12.52 -10.43 2.35
CA VAL A 9 11.91 -11.67 2.81
C VAL A 9 10.88 -11.30 3.90
N TRP A 10 9.64 -11.71 3.65
CA TRP A 10 8.65 -11.66 4.71
C TRP A 10 8.70 -13.05 5.33
N ARG A 11 9.01 -14.09 4.53
CA ARG A 11 8.97 -15.50 4.84
C ARG A 11 7.53 -16.04 4.91
N LYS A 12 6.55 -15.17 5.11
CA LYS A 12 5.13 -15.44 5.22
C LYS A 12 4.52 -15.32 3.84
N HIS A 13 3.38 -15.98 3.70
CA HIS A 13 2.59 -16.19 2.50
C HIS A 13 1.12 -15.92 2.72
N TYR A 14 0.70 -16.27 3.94
CA TYR A 14 -0.62 -16.09 4.50
C TYR A 14 -0.60 -14.94 5.51
N ILE A 15 -0.62 -13.75 4.93
CA ILE A 15 -0.39 -12.48 5.61
C ILE A 15 -1.79 -11.97 5.95
N THR A 16 -1.88 -11.09 6.96
CA THR A 16 -3.07 -10.48 7.53
C THR A 16 -2.89 -9.00 7.80
N TYR A 17 -3.95 -8.19 7.94
CA TYR A 17 -3.88 -6.76 8.11
C TYR A 17 -4.93 -6.27 9.09
N ARG A 18 -4.87 -5.04 9.61
CA ARG A 18 -5.93 -4.28 10.24
C ARG A 18 -5.84 -2.81 9.89
N ILE A 19 -6.95 -2.13 9.58
CA ILE A 19 -7.12 -0.68 9.54
C ILE A 19 -7.30 -0.35 11.02
N ASN A 20 -6.24 0.16 11.65
CA ASN A 20 -6.08 0.48 13.06
C ASN A 20 -6.86 1.74 13.37
N ASN A 21 -7.07 2.66 12.42
CA ASN A 21 -7.96 3.79 12.51
C ASN A 21 -8.63 4.33 11.25
N TYR A 22 -9.92 4.65 11.35
CA TYR A 22 -10.60 5.16 10.18
C TYR A 22 -10.68 6.67 10.13
N THR A 23 -10.17 7.27 9.04
CA THR A 23 -10.20 8.69 8.72
C THR A 23 -11.58 9.32 8.83
N PRO A 24 -11.70 10.58 9.25
CA PRO A 24 -12.93 11.32 9.11
C PRO A 24 -13.20 11.80 7.68
N ASP A 25 -12.33 11.55 6.69
CA ASP A 25 -12.45 12.20 5.40
C ASP A 25 -13.26 11.23 4.57
N MET A 26 -13.32 9.90 4.77
CA MET A 26 -14.13 8.98 4.00
C MET A 26 -15.02 8.23 4.98
N ASN A 27 -16.09 7.62 4.46
CA ASN A 27 -16.96 6.65 5.07
C ASN A 27 -16.29 5.30 5.22
N ARG A 28 -16.55 4.58 6.31
CA ARG A 28 -15.69 3.47 6.69
C ARG A 28 -15.73 2.31 5.71
N GLU A 29 -16.84 2.17 4.98
CA GLU A 29 -17.03 1.21 3.90
C GLU A 29 -16.22 1.46 2.64
N ASP A 30 -15.92 2.72 2.31
CA ASP A 30 -15.13 3.20 1.20
C ASP A 30 -13.64 3.03 1.47
N VAL A 31 -13.19 3.21 2.73
CA VAL A 31 -11.86 3.02 3.26
C VAL A 31 -11.57 1.53 3.23
N ASP A 32 -12.47 0.72 3.79
CA ASP A 32 -12.38 -0.70 3.99
C ASP A 32 -12.26 -1.37 2.62
N TYR A 33 -12.99 -0.93 1.60
CA TYR A 33 -13.01 -1.42 0.24
C TYR A 33 -11.73 -1.08 -0.51
N ALA A 34 -11.22 0.15 -0.38
CA ALA A 34 -10.05 0.57 -1.11
C ALA A 34 -8.80 -0.21 -0.68
N ILE A 35 -8.76 -0.60 0.60
CA ILE A 35 -7.73 -1.44 1.19
C ILE A 35 -7.86 -2.85 0.63
N ARG A 36 -9.05 -3.47 0.75
CA ARG A 36 -9.46 -4.74 0.21
C ARG A 36 -9.13 -4.92 -1.27
N LYS A 37 -9.44 -3.91 -2.06
CA LYS A 37 -9.22 -3.84 -3.50
C LYS A 37 -7.75 -3.70 -3.83
N ALA A 38 -6.95 -3.01 -3.01
CA ALA A 38 -5.52 -2.83 -3.21
C ALA A 38 -4.68 -4.08 -3.03
N PHE A 39 -5.06 -5.05 -2.20
CA PHE A 39 -4.42 -6.35 -2.15
C PHE A 39 -4.86 -7.30 -3.25
N GLN A 40 -6.07 -7.15 -3.79
CA GLN A 40 -6.72 -8.10 -4.67
C GLN A 40 -6.02 -8.22 -6.04
N VAL A 41 -5.22 -7.21 -6.33
CA VAL A 41 -4.67 -7.17 -7.68
C VAL A 41 -3.37 -7.95 -7.74
N TRP A 42 -2.62 -8.03 -6.65
CA TRP A 42 -1.37 -8.72 -6.39
C TRP A 42 -1.60 -10.20 -6.06
N SER A 43 -2.71 -10.50 -5.39
CA SER A 43 -3.10 -11.89 -5.20
C SER A 43 -3.69 -12.55 -6.43
N ASN A 44 -3.99 -11.78 -7.48
CA ASN A 44 -4.47 -12.25 -8.75
C ASN A 44 -3.29 -12.77 -9.55
N VAL A 45 -2.08 -12.19 -9.50
CA VAL A 45 -1.03 -12.44 -10.45
C VAL A 45 0.12 -13.16 -9.74
N THR A 46 0.12 -13.27 -8.41
CA THR A 46 1.02 -14.06 -7.58
C THR A 46 0.05 -14.80 -6.65
N PRO A 47 0.41 -15.96 -6.11
CA PRO A 47 -0.48 -16.78 -5.31
C PRO A 47 -0.83 -16.26 -3.92
N LEU A 48 -0.21 -15.14 -3.54
CA LEU A 48 -0.13 -14.74 -2.15
C LEU A 48 -1.51 -14.44 -1.57
N LYS A 49 -1.60 -14.51 -0.25
CA LYS A 49 -2.84 -14.28 0.47
C LYS A 49 -2.75 -13.25 1.59
N PHE A 50 -3.80 -12.44 1.71
CA PHE A 50 -4.02 -11.35 2.64
C PHE A 50 -5.38 -11.59 3.26
N SER A 51 -5.61 -11.13 4.49
CA SER A 51 -6.84 -11.32 5.25
C SER A 51 -7.04 -10.08 6.11
N LYS A 52 -8.26 -9.57 6.26
CA LYS A 52 -8.70 -8.75 7.38
C LYS A 52 -9.15 -9.73 8.45
N ILE A 53 -8.80 -9.42 9.71
CA ILE A 53 -9.15 -10.15 10.91
C ILE A 53 -9.79 -9.28 11.96
N ASN A 54 -10.82 -9.81 12.64
CA ASN A 54 -11.50 -9.18 13.74
C ASN A 54 -10.81 -9.48 15.06
N THR A 55 -9.92 -10.45 15.19
CA THR A 55 -9.17 -10.81 16.38
C THR A 55 -7.79 -11.22 15.87
N GLY A 56 -6.77 -10.71 16.57
CA GLY A 56 -5.36 -11.00 16.39
C GLY A 56 -4.58 -9.77 15.97
N MET A 57 -3.28 -10.01 15.78
CA MET A 57 -2.22 -9.09 15.40
C MET A 57 -2.21 -8.98 13.89
N ALA A 58 -2.00 -7.79 13.31
CA ALA A 58 -1.87 -7.48 11.91
C ALA A 58 -0.39 -7.53 11.51
N ASP A 59 -0.12 -8.03 10.31
CA ASP A 59 1.21 -8.07 9.74
C ASP A 59 1.56 -6.69 9.20
N ILE A 60 0.63 -6.32 8.31
CA ILE A 60 0.51 -5.01 7.72
C ILE A 60 -0.41 -4.23 8.67
N LEU A 61 0.12 -3.31 9.46
CA LEU A 61 -0.64 -2.44 10.36
C LEU A 61 -0.88 -1.25 9.43
N VAL A 62 -2.15 -0.93 9.23
CA VAL A 62 -2.51 0.24 8.44
C VAL A 62 -3.02 1.17 9.53
N VAL A 63 -2.22 2.20 9.81
CA VAL A 63 -2.52 3.31 10.70
C VAL A 63 -2.43 4.64 9.98
N PHE A 64 -3.34 5.51 10.39
CA PHE A 64 -3.43 6.87 9.90
C PHE A 64 -3.15 7.92 10.96
N ALA A 65 -2.05 8.67 10.80
CA ALA A 65 -1.45 9.45 11.86
C ALA A 65 -1.09 10.85 11.41
N ARG A 66 -0.66 11.81 12.22
CA ARG A 66 -0.15 13.10 11.81
C ARG A 66 0.96 13.54 12.75
N GLY A 67 1.98 14.19 12.20
CA GLY A 67 3.01 14.94 12.91
C GLY A 67 4.08 13.93 13.33
N ALA A 68 4.74 14.14 14.48
CA ALA A 68 5.69 13.24 15.09
C ALA A 68 4.80 12.27 15.86
N HIS A 69 4.69 11.05 15.33
CA HIS A 69 3.68 10.12 15.79
C HIS A 69 4.26 8.76 16.23
N GLY A 70 5.58 8.66 16.27
CA GLY A 70 6.36 7.44 16.32
C GLY A 70 7.13 7.15 15.04
N ASP A 71 8.12 6.26 15.14
CA ASP A 71 9.09 5.85 14.14
C ASP A 71 10.19 6.84 13.81
N PHE A 72 10.12 8.13 14.18
CA PHE A 72 11.12 9.19 14.16
C PHE A 72 11.32 9.69 12.74
N HIS A 73 10.23 9.93 12.00
CA HIS A 73 10.34 10.53 10.68
C HIS A 73 9.26 11.56 10.40
N ALA A 74 8.08 11.53 11.03
CA ALA A 74 7.08 12.58 11.03
C ALA A 74 6.50 12.77 9.66
N PHE A 75 5.28 13.32 9.68
CA PHE A 75 4.46 13.57 8.52
C PHE A 75 4.21 15.07 8.46
N ASP A 76 3.97 15.65 7.28
CA ASP A 76 4.53 16.86 6.72
C ASP A 76 3.49 17.94 6.40
N GLY A 77 2.21 17.58 6.58
CA GLY A 77 1.05 18.42 6.31
C GLY A 77 0.46 17.97 4.99
N LYS A 78 -0.64 18.52 4.46
CA LYS A 78 -1.33 18.23 3.23
C LYS A 78 -0.46 18.56 2.03
N GLY A 79 -0.07 17.56 1.23
CA GLY A 79 0.91 17.61 0.17
C GLY A 79 2.16 16.81 0.54
N GLY A 80 3.00 16.42 -0.42
CA GLY A 80 4.29 15.81 -0.17
C GLY A 80 4.20 14.37 0.27
N ILE A 81 4.56 13.98 1.50
CA ILE A 81 4.56 12.60 1.92
C ILE A 81 3.12 12.11 2.04
N LEU A 82 2.75 11.04 1.35
CA LEU A 82 1.46 10.40 1.52
C LEU A 82 1.55 9.29 2.55
N ALA A 83 2.66 8.53 2.54
CA ALA A 83 2.91 7.39 3.40
C ALA A 83 4.37 7.24 3.76
N HIS A 84 4.48 6.33 4.73
CA HIS A 84 5.76 5.79 5.15
C HIS A 84 5.55 4.31 4.91
N ALA A 85 6.19 3.62 3.97
CA ALA A 85 6.05 2.19 3.74
C ALA A 85 7.36 1.53 4.13
N PHE A 86 7.27 0.45 4.92
CA PHE A 86 8.43 -0.22 5.47
C PHE A 86 8.91 -1.35 4.57
N GLY A 87 9.78 -2.20 5.12
CA GLY A 87 10.11 -3.49 4.54
C GLY A 87 9.67 -4.72 5.33
N PRO A 88 9.61 -5.89 4.68
CA PRO A 88 8.84 -6.93 5.34
C PRO A 88 9.65 -7.62 6.43
N GLY A 89 8.92 -8.34 7.30
CA GLY A 89 9.43 -8.97 8.49
C GLY A 89 8.57 -8.68 9.71
N SER A 90 8.64 -9.47 10.79
CA SER A 90 7.72 -9.28 11.90
C SER A 90 7.92 -8.00 12.69
N GLY A 91 6.86 -7.41 13.27
CA GLY A 91 7.01 -6.28 14.15
C GLY A 91 6.70 -5.04 13.32
N ILE A 92 7.33 -3.93 13.71
CA ILE A 92 7.48 -2.78 12.85
C ILE A 92 8.29 -3.14 11.61
N GLY A 93 7.69 -2.97 10.42
CA GLY A 93 7.98 -3.74 9.23
C GLY A 93 6.75 -4.32 8.52
N GLY A 94 6.70 -4.21 7.18
CA GLY A 94 5.64 -4.74 6.34
C GLY A 94 4.31 -4.00 6.44
N ASP A 95 4.42 -2.81 7.03
CA ASP A 95 3.41 -1.85 7.43
C ASP A 95 3.40 -0.70 6.43
N ALA A 96 2.27 -0.06 6.17
CA ALA A 96 2.07 1.19 5.47
C ALA A 96 1.29 2.07 6.44
N HIS A 97 1.88 3.19 6.86
CA HIS A 97 1.28 4.29 7.59
C HIS A 97 1.07 5.37 6.54
N PHE A 98 -0.02 6.10 6.76
CA PHE A 98 -0.62 7.11 5.90
C PHE A 98 -0.68 8.42 6.68
N ASP A 99 -0.36 9.52 5.98
CA ASP A 99 -0.55 10.88 6.43
C ASP A 99 -2.03 11.22 6.45
N GLU A 100 -2.58 11.63 7.59
CA GLU A 100 -3.98 11.93 7.77
C GLU A 100 -4.22 13.42 7.62
N ASP A 101 -3.14 14.18 7.42
CA ASP A 101 -3.12 15.61 7.11
C ASP A 101 -3.41 15.81 5.64
N GLU A 102 -3.33 14.78 4.79
CA GLU A 102 -4.12 14.67 3.58
C GLU A 102 -5.63 14.50 3.77
N PHE A 103 -6.30 14.93 2.69
CA PHE A 103 -7.73 14.80 2.54
C PHE A 103 -8.07 13.57 1.70
N TRP A 104 -8.48 12.42 2.19
CA TRP A 104 -8.62 11.17 1.46
C TRP A 104 -10.04 11.12 0.90
N THR A 105 -10.25 10.76 -0.36
CA THR A 105 -11.50 10.91 -1.07
C THR A 105 -11.77 9.69 -1.93
N THR A 106 -13.03 9.43 -2.30
CA THR A 106 -13.21 8.65 -3.50
C THR A 106 -13.26 9.48 -4.79
N HIS A 107 -13.24 10.81 -4.67
CA HIS A 107 -13.30 11.82 -5.72
C HIS A 107 -12.08 11.67 -6.60
N SER A 108 -12.22 11.58 -7.93
CA SER A 108 -11.18 11.44 -8.93
C SER A 108 -10.05 12.47 -9.02
N GLY A 109 -10.24 13.68 -8.47
CA GLY A 109 -9.32 14.81 -8.47
C GLY A 109 -8.60 15.05 -7.17
N GLY A 110 -8.82 14.21 -6.16
CA GLY A 110 -8.31 14.22 -4.81
C GLY A 110 -7.59 12.92 -4.51
N THR A 111 -6.99 12.86 -3.32
CA THR A 111 -6.02 11.89 -2.88
C THR A 111 -6.71 10.56 -2.67
N ASN A 112 -6.40 9.60 -3.54
CA ASN A 112 -6.98 8.27 -3.46
C ASN A 112 -6.13 7.28 -2.67
N LEU A 113 -6.84 6.58 -1.80
CA LEU A 113 -6.31 5.58 -0.90
C LEU A 113 -5.88 4.36 -1.73
N PHE A 114 -6.58 3.92 -2.77
CA PHE A 114 -6.36 2.67 -3.45
C PHE A 114 -5.16 2.68 -4.40
N LEU A 115 -4.96 3.75 -5.16
CA LEU A 115 -3.75 4.07 -5.89
C LEU A 115 -2.50 4.30 -5.04
N THR A 116 -2.63 4.72 -3.79
CA THR A 116 -1.51 5.02 -2.93
C THR A 116 -1.04 3.76 -2.20
N ALA A 117 -2.00 2.92 -1.80
CA ALA A 117 -1.69 1.79 -0.95
C ALA A 117 -1.17 0.64 -1.79
N VAL A 118 -1.56 0.45 -3.06
CA VAL A 118 -1.25 -0.64 -3.95
C VAL A 118 0.27 -0.72 -4.06
N HIS A 119 0.99 0.37 -4.30
CA HIS A 119 2.44 0.47 -4.32
C HIS A 119 3.01 0.39 -2.92
N ALA A 120 2.29 0.82 -1.89
CA ALA A 120 2.80 0.72 -0.54
C ALA A 120 2.85 -0.73 -0.09
N ILE A 121 1.87 -1.56 -0.48
CA ILE A 121 1.78 -2.99 -0.31
C ILE A 121 2.81 -3.74 -1.13
N GLY A 122 3.21 -3.14 -2.25
CA GLY A 122 4.32 -3.40 -3.14
C GLY A 122 5.64 -3.22 -2.41
N HIS A 123 5.83 -2.03 -1.82
CA HIS A 123 7.04 -1.59 -1.17
C HIS A 123 7.23 -2.47 0.05
N SER A 124 6.18 -2.74 0.83
CA SER A 124 6.15 -3.57 2.01
C SER A 124 6.34 -5.05 1.71
N LEU A 125 6.13 -5.51 0.47
CA LEU A 125 6.43 -6.77 -0.17
C LEU A 125 7.88 -6.88 -0.66
N GLY A 126 8.56 -5.73 -0.85
CA GLY A 126 9.94 -5.48 -1.18
C GLY A 126 10.08 -5.21 -2.67
N LEU A 127 9.18 -4.42 -3.29
CA LEU A 127 9.30 -3.86 -4.62
C LEU A 127 9.84 -2.44 -4.57
N GLY A 128 10.27 -1.93 -5.71
CA GLY A 128 10.84 -0.62 -5.95
C GLY A 128 9.96 0.09 -6.98
N HIS A 129 10.53 0.91 -7.85
CA HIS A 129 9.86 1.77 -8.81
C HIS A 129 10.20 1.36 -10.23
N SER A 130 9.20 1.44 -11.11
CA SER A 130 9.36 1.10 -12.50
C SER A 130 9.78 2.31 -13.34
N SER A 131 10.35 2.09 -14.52
CA SER A 131 10.66 3.09 -15.52
C SER A 131 9.82 2.96 -16.79
N ASP A 132 8.82 2.08 -16.87
CA ASP A 132 7.81 2.02 -17.90
C ASP A 132 6.78 3.09 -17.52
N PRO A 133 6.54 4.08 -18.38
CA PRO A 133 5.63 5.15 -18.01
C PRO A 133 4.14 4.80 -18.00
N LYS A 134 3.73 3.55 -18.23
CA LYS A 134 2.38 3.04 -18.09
C LYS A 134 2.31 2.09 -16.91
N ALA A 135 3.36 1.89 -16.11
CA ALA A 135 3.39 1.06 -14.93
C ALA A 135 2.64 1.76 -13.81
N VAL A 136 2.00 1.07 -12.86
CA VAL A 136 1.38 1.57 -11.66
C VAL A 136 2.51 2.05 -10.75
N MET A 137 3.58 1.26 -10.70
CA MET A 137 4.68 1.48 -9.78
C MET A 137 5.62 2.55 -10.31
N PHE A 138 5.34 3.23 -11.44
CA PHE A 138 6.07 4.37 -11.93
C PHE A 138 5.89 5.57 -11.01
N PRO A 139 6.79 6.53 -10.78
CA PRO A 139 6.59 7.51 -9.75
C PRO A 139 5.55 8.50 -10.25
N THR A 140 5.45 8.87 -11.53
CA THR A 140 4.54 9.88 -12.03
C THR A 140 3.10 9.38 -12.06
N TYR A 141 2.17 10.18 -11.52
CA TYR A 141 0.82 9.74 -11.19
C TYR A 141 -0.04 10.03 -12.40
N LYS A 142 -1.06 9.19 -12.56
CA LYS A 142 -2.24 9.46 -13.35
C LYS A 142 -3.36 8.77 -12.59
N TYR A 143 -4.53 9.43 -12.49
CA TYR A 143 -5.69 8.78 -11.90
C TYR A 143 -6.32 7.79 -12.86
N VAL A 144 -6.87 6.71 -12.30
CA VAL A 144 -7.69 5.72 -12.99
C VAL A 144 -8.70 5.25 -11.98
N ASP A 145 -9.96 5.13 -12.44
CA ASP A 145 -11.14 4.78 -11.68
C ASP A 145 -10.87 3.39 -11.11
N ILE A 146 -11.28 3.12 -9.86
CA ILE A 146 -11.15 1.86 -9.16
C ILE A 146 -11.63 0.61 -9.88
N ASN A 147 -12.77 0.71 -10.58
CA ASN A 147 -13.39 -0.44 -11.22
C ASN A 147 -12.72 -0.77 -12.54
N THR A 148 -11.95 0.10 -13.21
CA THR A 148 -11.30 -0.16 -14.49
C THR A 148 -9.78 -0.06 -14.40
N PHE A 149 -9.29 -0.07 -13.16
CA PHE A 149 -7.88 -0.08 -12.80
C PHE A 149 -7.19 -1.39 -13.11
N ARG A 150 -5.95 -1.37 -13.62
CA ARG A 150 -5.05 -2.47 -13.82
C ARG A 150 -3.59 -2.22 -13.46
N LEU A 151 -2.88 -3.34 -13.36
CA LEU A 151 -1.43 -3.29 -13.32
C LEU A 151 -0.86 -3.45 -14.73
N SER A 152 0.31 -2.91 -15.05
CA SER A 152 0.96 -3.15 -16.33
C SER A 152 1.66 -4.51 -16.26
N ALA A 153 2.16 -5.02 -17.39
CA ALA A 153 3.02 -6.20 -17.45
C ALA A 153 4.35 -6.03 -16.73
N ASP A 154 4.88 -4.81 -16.62
CA ASP A 154 6.06 -4.41 -15.86
C ASP A 154 5.88 -4.49 -14.35
N ASP A 155 4.67 -4.21 -13.87
CA ASP A 155 4.31 -4.27 -12.48
C ASP A 155 4.09 -5.71 -12.05
N ILE A 156 3.51 -6.56 -12.89
CA ILE A 156 3.45 -8.00 -12.81
C ILE A 156 4.80 -8.70 -12.82
N ARG A 157 5.72 -8.19 -13.63
CA ARG A 157 7.03 -8.80 -13.75
C ARG A 157 7.92 -8.65 -12.51
N GLY A 158 7.57 -7.61 -11.75
CA GLY A 158 8.32 -7.06 -10.65
C GLY A 158 7.92 -7.82 -9.40
N ILE A 159 6.63 -8.13 -9.23
CA ILE A 159 6.10 -8.84 -8.09
C ILE A 159 6.52 -10.28 -8.29
N GLN A 160 6.42 -10.73 -9.54
CA GLN A 160 6.71 -12.13 -9.82
C GLN A 160 8.20 -12.34 -9.73
N SER A 161 9.05 -11.31 -9.73
CA SER A 161 10.48 -11.42 -9.55
C SER A 161 10.76 -12.08 -8.21
N LEU A 162 10.07 -11.72 -7.12
CA LEU A 162 10.13 -12.24 -5.78
C LEU A 162 9.24 -13.44 -5.51
N TYR A 163 8.01 -13.39 -6.02
CA TYR A 163 6.93 -14.23 -5.54
C TYR A 163 6.28 -15.04 -6.64
N GLY A 164 7.02 -15.18 -7.75
CA GLY A 164 6.84 -16.06 -8.90
C GLY A 164 8.26 -16.54 -9.18
ZN ZN B . 4.49 5.00 -6.28
ZN ZN C . 7.16 7.42 10.08
CA CA D . 1.54 14.97 3.52
CA CA E . 4.11 -4.98 10.86
CA CA F . -7.68 13.74 6.76
O1 PX4 G . 2.38 21.75 21.57
O2 PX4 G . 4.25 23.28 22.51
P1 PX4 G . 3.81 22.15 21.68
O3 PX4 G . 4.25 22.80 20.27
C1 PX4 G . 3.05 23.47 19.87
C2 PX4 G . 2.94 23.87 18.39
N1 PX4 G . 3.65 25.04 17.87
C3 PX4 G . 5.10 24.81 17.96
C4 PX4 G . 3.32 25.18 16.45
C5 PX4 G . 3.36 26.31 18.55
O4 PX4 G . 4.96 21.04 21.81
C6 PX4 G . 5.69 21.32 22.99
C7 PX4 G . 7.05 20.61 23.16
C8 PX4 G . 8.04 21.74 23.48
O5 PX4 G . 7.50 22.59 24.49
C9 PX4 G . 8.37 23.57 24.83
O6 PX4 G . 9.44 23.60 24.22
C10 PX4 G . 8.12 24.49 26.03
C11 PX4 G . 7.17 25.65 25.73
C12 PX4 G . 7.09 26.31 27.12
C13 PX4 G . 6.36 27.64 27.18
C14 PX4 G . 6.21 28.17 28.61
C15 PX4 G . 7.52 28.48 29.35
C16 PX4 G . 8.06 29.76 28.70
C17 PX4 G . 6.98 30.84 28.88
C18 PX4 G . 7.46 32.21 28.42
C19 PX4 G . 7.87 33.01 29.65
C20 PX4 G . 8.59 34.34 29.38
C21 PX4 G . 9.98 34.18 28.76
C22 PX4 G . 10.83 35.44 28.60
O7 PX4 G . 7.04 19.44 23.95
C23 PX4 G . 6.60 18.22 23.53
O8 PX4 G . 6.24 17.99 22.37
C24 PX4 G . 7.00 17.11 24.49
C25 PX4 G . 6.35 17.35 25.86
C26 PX4 G . 6.43 16.00 26.58
C27 PX4 G . 5.54 16.02 27.84
C28 PX4 G . 4.09 16.13 27.43
C29 PX4 G . 3.39 16.38 28.77
C30 PX4 G . 1.89 16.56 28.73
C31 PX4 G . 1.36 17.70 27.86
C32 PX4 G . -0.17 17.79 27.89
C33 PX4 G . -0.92 18.05 26.59
C34 PX4 G . -2.41 18.31 26.81
C35 PX4 G . -2.84 17.48 28.03
C36 PX4 G . -4.26 17.99 28.27
O1 PX4 H . 9.61 11.97 17.21
O2 PX4 H . 7.60 10.59 16.40
P1 PX4 H . 8.80 10.73 17.27
O3 PX4 H . 8.24 10.66 18.77
C1 PX4 H . 7.65 11.94 19.07
C2 PX4 H . 6.77 11.91 20.33
N1 PX4 H . 5.39 11.36 20.43
C3 PX4 H . 4.39 12.32 19.94
C4 PX4 H . 5.28 10.10 19.68
C5 PX4 H . 5.10 11.06 21.83
O4 PX4 H . 9.66 9.38 17.15
C6 PX4 H . 10.26 9.05 18.41
C7 PX4 H . 10.26 7.56 18.66
C8 PX4 H . 11.50 7.28 19.51
O5 PX4 H . 11.58 7.90 20.81
C9 PX4 H . 12.72 7.67 21.52
O6 PX4 H . 13.43 6.69 21.37
C10 PX4 H . 12.95 8.63 22.70
C11 PX4 H . 13.50 7.84 23.89
C12 PX4 H . 13.39 8.78 25.08
C13 PX4 H . 11.92 9.13 25.26
C14 PX4 H . 11.56 9.86 26.56
C15 PX4 H . 11.93 9.06 27.82
C16 PX4 H . 11.74 9.95 29.05
C17 PX4 H . 12.71 11.13 29.04
C18 PX4 H . 12.83 11.97 30.32
C19 PX4 H . 13.49 11.12 31.40
C20 PX4 H . 14.04 12.16 32.37
C21 PX4 H . 15.10 11.44 33.24
C22 PX4 H . 15.86 12.45 34.10
O7 PX4 H . 9.07 6.97 19.20
C23 PX4 H . 8.71 5.74 18.73
O8 PX4 H . 9.23 5.23 17.74
C24 PX4 H . 7.44 5.19 19.37
C25 PX4 H . 7.93 4.18 20.42
C26 PX4 H . 6.89 3.73 21.45
C27 PX4 H . 7.59 3.03 22.62
C28 PX4 H . 8.03 1.63 22.23
C29 PX4 H . 8.87 1.05 23.38
C30 PX4 H . 9.35 -0.38 23.13
C31 PX4 H . 10.30 -0.71 24.29
C32 PX4 H . 10.94 -2.09 24.09
C33 PX4 H . 12.19 -2.44 24.90
C34 PX4 H . 12.61 -3.88 24.61
C35 PX4 H . 13.80 -4.14 25.53
C36 PX4 H . 14.40 -5.55 25.38
O1 PX4 I . 20.69 -2.30 21.38
O2 PX4 I . 20.28 -0.59 19.36
P1 PX4 I . 20.64 -0.95 20.76
O3 PX4 I . 22.19 -1.06 20.36
C1 PX4 I . 22.37 -2.32 19.71
C2 PX4 I . 23.54 -3.20 20.14
N1 PX4 I . 24.93 -2.75 20.11
C3 PX4 I . 25.21 -1.87 18.95
C4 PX4 I . 25.23 -1.97 21.32
C5 PX4 I . 25.77 -3.95 20.05
O4 PX4 I . 21.08 0.23 21.75
C6 PX4 I . 21.67 -0.24 22.96
C7 PX4 I . 22.57 0.86 23.54
C8 PX4 I . 21.78 1.76 24.48
O5 PX4 I . 20.92 1.08 25.40
C9 PX4 I . 20.05 1.90 26.05
O6 PX4 I . 20.24 3.11 26.09
C10 PX4 I . 19.03 1.26 26.99
C11 PX4 I . 19.41 1.13 28.46
C12 PX4 I . 18.53 0.04 29.06
C13 PX4 I . 18.97 0.09 30.52
C14 PX4 I . 18.07 -0.71 31.48
C15 PX4 I . 18.55 -0.40 32.91
C16 PX4 I . 19.95 -0.89 33.32
C17 PX4 I . 20.21 -0.22 34.66
C18 PX4 I . 21.57 -0.64 35.22
C19 PX4 I . 22.61 0.08 34.35
C20 PX4 I . 22.60 1.61 34.56
C21 PX4 I . 23.62 2.35 33.70
C22 PX4 I . 23.39 2.12 32.22
O7 PX4 I . 23.72 0.24 24.13
C23 PX4 I . 24.89 0.91 24.06
O8 PX4 I . 25.02 1.92 23.37
C24 PX4 I . 26.06 0.01 24.50
C25 PX4 I . 27.33 0.87 24.35
C26 PX4 I . 28.55 0.13 24.87
C27 PX4 I . 28.32 -0.15 26.35
C28 PX4 I . 28.15 1.13 27.17
C29 PX4 I . 27.85 0.68 28.60
C30 PX4 I . 27.55 1.70 29.71
C31 PX4 I . 27.56 1.07 31.09
C32 PX4 I . 27.11 2.17 32.05
C33 PX4 I . 27.40 1.52 33.40
C34 PX4 I . 27.81 2.63 34.37
C35 PX4 I . 28.40 2.13 35.69
C36 PX4 I . 27.40 1.21 36.40
O1 PX4 J . 32.51 10.63 16.15
O2 PX4 J . 35.00 11.12 16.10
P1 PX4 J . 33.82 10.63 16.85
O3 PX4 J . 34.18 9.19 17.46
C1 PX4 J . 33.94 8.26 16.40
C2 PX4 J . 34.03 6.84 16.95
N1 PX4 J . 35.24 6.26 17.56
C3 PX4 J . 35.38 6.40 19.01
C4 PX4 J . 35.45 4.89 17.07
C5 PX4 J . 36.42 6.92 17.00
O4 PX4 J . 33.80 11.43 18.26
C6 PX4 J . 32.97 10.76 19.23
C7 PX4 J . 33.37 10.79 20.70
C8 PX4 J . 34.88 10.93 20.85
O5 PX4 J . 35.60 9.73 21.16
C9 PX4 J . 36.95 9.81 21.21
O6 PX4 J . 37.47 10.85 20.81
C10 PX4 J . 37.84 8.60 21.53
C11 PX4 J . 38.68 8.91 22.76
C12 PX4 J . 39.40 7.64 23.22
C13 PX4 J . 40.48 8.12 24.18
C14 PX4 J . 40.95 6.94 25.07
C15 PX4 J . 39.77 6.39 25.87
C16 PX4 J . 39.29 7.38 26.94
C17 PX4 J . 37.89 7.09 27.48
C18 PX4 J . 37.51 8.31 28.31
C19 PX4 J . 36.29 8.03 29.18
C20 PX4 J . 35.71 9.36 29.64
C21 PX4 J . 34.63 9.15 30.70
C22 PX4 J . 33.89 10.44 31.07
O7 PX4 J . 32.70 11.82 21.43
C23 PX4 J . 31.38 12.08 21.58
O8 PX4 J . 30.60 11.37 20.92
C24 PX4 J . 31.00 13.23 22.52
C25 PX4 J . 30.17 12.86 23.74
C26 PX4 J . 29.90 14.12 24.55
C27 PX4 J . 31.27 14.80 24.69
C28 PX4 J . 31.22 16.11 25.49
C29 PX4 J . 30.20 17.09 24.88
C30 PX4 J . 30.60 18.32 25.68
C31 PX4 J . 29.61 19.46 25.38
C32 PX4 J . 30.19 20.68 26.10
C33 PX4 J . 30.61 20.37 27.53
C34 PX4 J . 31.45 21.44 28.23
C35 PX4 J . 31.96 20.81 29.54
C36 PX4 J . 32.83 21.74 30.38
O1 PX4 K . 26.40 -13.70 22.28
O2 PX4 K . 24.07 -13.08 21.35
P1 PX4 K . 25.33 -12.72 22.07
O3 PX4 K . 26.02 -11.70 21.02
C1 PX4 K . 25.91 -12.41 19.79
C2 PX4 K . 26.26 -11.69 18.49
N1 PX4 K . 25.46 -10.61 17.90
C3 PX4 K . 25.98 -10.23 16.58
C4 PX4 K . 24.12 -11.04 17.47
C5 PX4 K . 25.35 -9.45 18.77
O4 PX4 K . 25.03 -11.66 23.23
C6 PX4 K . 23.62 -11.42 23.26
C7 PX4 K . 23.25 -10.20 24.10
C8 PX4 K . 24.30 -10.22 25.22
O5 PX4 K . 24.13 -11.34 26.11
C9 PX4 K . 24.77 -11.20 27.29
O6 PX4 K . 25.85 -10.62 27.31
C10 PX4 K . 24.43 -12.33 28.29
C11 PX4 K . 24.20 -11.63 29.64
C12 PX4 K . 23.98 -12.55 30.84
C13 PX4 K . 23.38 -11.66 31.92
C14 PX4 K . 21.96 -11.24 31.51
C15 PX4 K . 21.26 -10.35 32.53
C16 PX4 K . 19.83 -10.07 32.06
C17 PX4 K . 19.12 -9.18 33.07
C18 PX4 K . 17.62 -9.41 32.85
C19 PX4 K . 17.15 -10.83 33.15
C20 PX4 K . 15.63 -10.83 33.02
C21 PX4 K . 15.02 -12.23 32.94
C22 PX4 K . 13.49 -12.20 33.01
O7 PX4 K . 22.97 -8.94 23.47
C23 PX4 K . 21.65 -8.66 23.30
O8 PX4 K . 20.95 -9.58 22.86
C24 PX4 K . 21.29 -7.18 23.13
C25 PX4 K . 22.30 -6.27 23.82
C26 PX4 K . 22.28 -4.88 23.18
C27 PX4 K . 22.97 -3.86 24.08
C28 PX4 K . 22.42 -3.70 25.51
C29 PX4 K . 22.94 -2.46 26.25
C30 PX4 K . 22.44 -2.55 27.70
C31 PX4 K . 23.08 -1.38 28.46
C32 PX4 K . 22.87 -0.04 27.75
C33 PX4 K . 23.37 1.19 28.50
C34 PX4 K . 23.31 2.51 27.73
C35 PX4 K . 24.32 3.57 28.21
C36 PX4 K . 23.94 4.93 27.63
O1 PX4 L . 30.03 0.63 19.43
O2 PX4 L . 27.56 0.59 18.51
P1 PX4 L . 28.62 0.21 19.48
O3 PX4 L . 28.24 0.93 20.86
C1 PX4 L . 28.40 2.32 20.54
C2 PX4 L . 28.07 3.17 21.77
N1 PX4 L . 28.12 4.63 21.62
C3 PX4 L . 27.47 5.10 20.38
C4 PX4 L . 27.40 5.38 22.65
C5 PX4 L . 29.54 5.05 21.60
O4 PX4 L . 28.43 -1.29 20.06
C6 PX4 L . 29.08 -1.49 21.32
C7 PX4 L . 28.83 -2.90 21.87
C8 PX4 L . 30.27 -3.37 22.03
O5 PX4 L . 31.17 -2.54 22.77
C9 PX4 L . 31.54 -3.18 23.92
O6 PX4 L . 30.96 -4.17 24.37
C10 PX4 L . 32.36 -2.29 24.86
C11 PX4 L . 32.24 -2.85 26.29
C12 PX4 L . 33.02 -2.08 27.33
C13 PX4 L . 32.82 -2.80 28.67
C14 PX4 L . 33.84 -2.19 29.63
C15 PX4 L . 35.28 -2.25 29.12
C16 PX4 L . 36.24 -1.34 29.89
C17 PX4 L . 37.34 -0.94 28.90
C18 PX4 L . 37.95 -2.20 28.28
C19 PX4 L . 38.96 -1.85 27.18
C20 PX4 L . 39.40 -3.24 26.71
C21 PX4 L . 38.20 -3.88 26.02
C22 PX4 L . 38.50 -5.29 25.47
O7 PX4 L . 27.94 -3.00 22.98
C23 PX4 L . 27.57 -4.19 23.52
O8 PX4 L . 27.57 -5.18 22.79
C24 PX4 L . 26.84 -4.09 24.86
C25 PX4 L . 27.91 -3.76 25.91
C26 PX4 L . 27.41 -3.66 27.34
C27 PX4 L . 28.56 -3.33 28.29
C28 PX4 L . 28.19 -3.51 29.77
C29 PX4 L . 29.35 -3.06 30.67
C30 PX4 L . 28.92 -3.09 32.13
C31 PX4 L . 30.02 -2.61 33.08
C32 PX4 L . 30.32 -1.12 32.91
C33 PX4 L . 31.40 -0.79 33.93
C34 PX4 L . 30.66 -0.73 35.27
C35 PX4 L . 31.42 -0.03 36.40
C36 PX4 L . 30.62 -0.06 37.71
O1 PX4 M . -16.83 27.04 14.29
O2 PX4 M . -18.60 25.28 15.13
P1 PX4 M . -17.93 26.60 15.18
O3 PX4 M . -19.12 27.60 14.78
C1 PX4 M . -19.35 27.28 13.40
C2 PX4 M . -20.07 28.40 12.65
N1 PX4 M . -19.30 29.49 12.05
C3 PX4 M . -18.92 30.42 13.12
C4 PX4 M . -18.10 29.19 11.25
C5 PX4 M . -20.21 30.11 11.07
O4 PX4 M . -17.78 27.03 16.72
C6 PX4 M . -18.94 27.62 17.30
C7 PX4 M . -18.53 28.63 18.37
C8 PX4 M . -17.56 27.98 19.37
O5 PX4 M . -17.78 28.19 20.76
C9 PX4 M . -17.03 27.42 21.59
O6 PX4 M . -16.35 26.47 21.22
C10 PX4 M . -17.17 27.86 23.06
C11 PX4 M . -18.05 26.93 23.91
C12 PX4 M . -18.45 27.35 25.32
C13 PX4 M . -19.36 26.30 25.99
C14 PX4 M . -18.79 24.89 25.90
C15 PX4 M . -18.13 24.53 27.23
C16 PX4 M . -17.45 23.19 26.96
C17 PX4 M . -16.58 22.84 28.17
C18 PX4 M . -15.35 23.74 28.19
C19 PX4 M . -14.62 23.58 29.52
C20 PX4 M . -15.47 24.09 30.69
C21 PX4 M . -15.23 23.36 32.01
C22 PX4 M . -13.93 23.80 32.67
O7 PX4 M . -18.03 29.85 17.83
C23 PX4 M . -18.82 30.81 17.29
O8 PX4 M . -20.00 30.71 17.00
C24 PX4 M . -18.03 31.98 16.66
C25 PX4 M . -18.67 33.23 17.26
C26 PX4 M . -18.65 33.58 18.74
C27 PX4 M . -19.37 34.88 19.07
C28 PX4 M . -19.39 35.33 20.53
C29 PX4 M . -20.20 36.59 20.86
C30 PX4 M . -20.25 36.87 22.37
C31 PX4 M . -21.01 38.14 22.79
C32 PX4 M . -20.85 38.40 24.28
C33 PX4 M . -21.17 39.84 24.67
C34 PX4 M . -22.58 40.30 24.28
C35 PX4 M . -23.04 41.73 24.54
C36 PX4 M . -24.37 41.86 23.80
O1 PX4 N . -1.29 28.91 18.21
O2 PX4 N . -2.91 27.32 16.95
P1 PX4 N . -2.65 28.49 17.81
O3 PX4 N . -3.29 29.86 17.25
C1 PX4 N . -4.51 29.57 16.55
C2 PX4 N . -5.34 30.83 16.35
N1 PX4 N . -5.97 31.61 17.43
C3 PX4 N . -6.67 32.71 16.74
C4 PX4 N . -6.91 30.83 18.23
C5 PX4 N . -5.10 32.35 18.35
O4 PX4 N . -3.74 28.52 19.00
C6 PX4 N . -3.01 29.23 20.00
C7 PX4 N . -3.84 29.65 21.22
C8 PX4 N . -4.49 28.28 21.46
O5 PX4 N . -5.87 28.39 21.11
C9 PX4 N . -6.55 27.22 21.01
O6 PX4 N . -6.03 26.15 20.73
C10 PX4 N . -8.07 27.38 21.12
C11 PX4 N . -8.47 27.58 22.59
C12 PX4 N . -9.97 27.34 22.72
C13 PX4 N . -10.31 25.87 22.98
C14 PX4 N . -9.79 25.66 24.42
C15 PX4 N . -10.03 24.21 24.81
C16 PX4 N . -9.38 23.83 26.13
C17 PX4 N . -9.42 22.32 26.37
C18 PX4 N . -8.90 21.92 27.75
C19 PX4 N . -8.88 20.42 27.99
C20 PX4 N . -8.23 20.09 29.36
C21 PX4 N . -8.22 18.58 29.59
C22 PX4 N . -7.75 18.19 31.00
O7 PX4 N . -3.11 30.01 22.39
C23 PX4 N . -2.64 31.28 22.40
O8 PX4 N . -2.90 32.11 21.54
C24 PX4 N . -1.80 31.67 23.62
C25 PX4 N . -0.43 30.99 23.70
C26 PX4 N . 0.26 31.13 25.06
C27 PX4 N . 1.51 30.25 25.09
C28 PX4 N . 2.12 30.50 26.48
C29 PX4 N . 2.17 31.97 26.87
C30 PX4 N . 2.41 31.98 28.37
C31 PX4 N . 3.02 33.30 28.87
C32 PX4 N . 2.84 33.42 30.38
C33 PX4 N . 3.42 34.73 30.94
C34 PX4 N . 3.32 34.81 32.46
C35 PX4 N . 4.15 33.66 33.04
C36 PX4 N . 4.16 33.71 34.58
O1 PX4 O . 14.48 0.53 15.73
O2 PX4 O . 14.03 -1.74 16.87
P1 PX4 O . 13.54 -0.52 16.18
O3 PX4 O . 13.00 -0.98 14.73
C1 PX4 O . 14.15 -1.62 14.19
C2 PX4 O . 13.75 -2.43 12.95
N1 PX4 O . 14.65 -2.41 11.80
C3 PX4 O . 16.04 -2.72 12.20
C4 PX4 O . 14.26 -3.45 10.84
C5 PX4 O . 14.42 -1.07 11.23
O4 PX4 O . 12.21 0.02 16.89
C6 PX4 O . 12.56 1.16 17.69
C7 PX4 O . 11.36 2.00 18.16
C8 PX4 O . 10.13 1.31 17.56
O5 PX4 O . 8.82 1.87 17.70
C9 PX4 O . 7.81 1.14 17.13
O6 PX4 O . 7.94 -0.01 16.71
C10 PX4 O . 6.46 1.82 17.27
C11 PX4 O . 6.22 2.81 16.12
C12 PX4 O . 5.02 3.71 16.39
C13 PX4 O . 4.50 4.35 15.09
C14 PX4 O . 3.11 4.93 15.34
C15 PX4 O . 2.02 3.91 15.68
C16 PX4 O . 0.70 4.57 16.06
C17 PX4 O . -0.26 3.54 16.68
C18 PX4 O . -1.39 4.15 17.51
C19 PX4 O . -1.70 3.34 18.77
C20 PX4 O . -0.68 3.63 19.88
C21 PX4 O . -1.00 2.86 21.17
C22 PX4 O . -1.20 1.40 20.80
O7 PX4 O . 11.34 2.21 19.57
C23 PX4 O . 12.01 3.31 19.99
O8 PX4 O . 12.67 3.96 19.18
C24 PX4 O . 12.00 3.68 21.47
C25 PX4 O . 13.10 2.89 22.17
C26 PX4 O . 12.65 2.81 23.62
C27 PX4 O . 13.56 1.84 24.38
C28 PX4 O . 13.26 1.78 25.88
C29 PX4 O . 14.41 0.93 26.42
C30 PX4 O . 14.50 0.67 27.93
C31 PX4 O . 13.17 0.02 28.35
C32 PX4 O . 13.17 -0.58 29.74
C33 PX4 O . 11.93 -1.47 29.60
C34 PX4 O . 12.02 -2.57 28.54
C35 PX4 O . 10.71 -3.36 28.55
C36 PX4 O . 10.47 -3.99 29.93
O1 PX4 P . 20.07 10.73 20.18
O2 PX4 P . 22.51 11.50 20.52
P1 PX4 P . 21.32 10.74 20.97
O3 PX4 P . 21.58 9.26 21.54
C1 PX4 P . 22.30 8.99 22.74
C2 PX4 P . 22.15 7.53 23.15
N1 PX4 P . 21.07 7.14 24.08
C3 PX4 P . 21.02 8.01 25.27
C4 PX4 P . 19.70 7.31 23.58
C5 PX4 P . 21.21 5.76 24.60
O4 PX4 P . 20.85 11.38 22.38
C6 PX4 P . 20.53 12.75 22.18
C7 PX4 P . 20.05 13.51 23.42
C8 PX4 P . 19.54 12.40 24.36
O5 PX4 P . 18.13 12.39 24.60
C9 PX4 P . 17.86 11.19 25.17
O6 PX4 P . 18.71 10.38 25.50
C10 PX4 P . 16.37 10.90 25.43
C11 PX4 P . 15.78 11.74 26.57
C12 PX4 P . 15.23 13.08 26.10
C13 PX4 P . 15.07 14.05 27.28
C14 PX4 P . 14.57 15.42 26.88
C15 PX4 P . 14.45 16.50 27.97
C16 PX4 P . 15.83 16.97 28.44
C17 PX4 P . 15.87 18.23 29.31
C18 PX4 P . 17.26 18.74 29.72
C19 PX4 P . 17.12 19.84 30.76
C20 PX4 P . 18.51 20.27 31.24
C21 PX4 P . 18.61 21.34 32.32
C22 PX4 P . 20.03 21.91 32.25
O7 PX4 P . 21.01 14.43 23.91
C23 PX4 P . 20.69 15.74 23.81
O8 PX4 P . 19.64 15.98 23.21
C24 PX4 P . 21.58 16.82 24.44
C25 PX4 P . 21.46 18.18 23.77
C26 PX4 P . 22.32 19.25 24.43
C27 PX4 P . 22.50 20.58 23.71
C28 PX4 P . 23.08 21.75 24.50
C29 PX4 P . 22.06 22.15 25.58
C30 PX4 P . 22.22 23.66 25.80
C31 PX4 P . 21.31 24.12 26.94
C32 PX4 P . 21.80 23.51 28.26
C33 PX4 P . 20.97 23.87 29.50
C34 PX4 P . 21.10 25.38 29.70
C35 PX4 P . 20.49 25.83 31.03
C36 PX4 P . 20.43 27.35 31.12
O1 PX4 Q . 27.41 9.06 22.84
O2 PX4 Q . 25.15 8.05 22.48
P1 PX4 Q . 26.18 9.00 22.03
O3 PX4 Q . 26.53 8.65 20.49
C1 PX4 Q . 25.26 8.37 19.87
C2 PX4 Q . 25.20 8.70 18.38
N1 PX4 Q . 25.15 10.08 17.87
C3 PX4 Q . 25.55 10.06 16.47
C4 PX4 Q . 23.77 10.58 17.85
C5 PX4 Q . 26.01 11.09 18.49
O4 PX4 Q . 25.55 10.46 21.86
C6 PX4 Q . 26.17 11.60 22.44
C7 PX4 Q . 25.28 12.84 22.29
C8 PX4 Q . 24.21 12.65 23.37
O5 PX4 Q . 24.61 12.09 24.64
C9 PX4 Q . 23.68 11.50 25.43
O6 PX4 Q . 22.60 11.17 24.97
C10 PX4 Q . 24.06 11.23 26.87
C11 PX4 Q . 24.08 12.48 27.76
C12 PX4 Q . 24.74 12.30 29.13
C13 PX4 Q . 24.35 13.44 30.07
C14 PX4 Q . 25.07 13.31 31.42
C15 PX4 Q . 24.55 14.41 32.33
C16 PX4 Q . 25.14 14.39 33.75
C17 PX4 Q . 24.25 15.16 34.71
C18 PX4 Q . 24.86 15.26 36.11
C19 PX4 Q . 23.80 15.80 37.06
C20 PX4 Q . 24.48 15.99 38.42
C21 PX4 Q . 25.60 17.01 38.20
C22 PX4 Q . 26.41 17.05 39.49
O7 PX4 Q . 26.17 13.94 22.46
C23 PX4 Q . 25.62 15.18 22.46
O8 PX4 Q . 24.56 15.35 21.87
C24 PX4 Q . 26.42 16.29 23.14
C25 PX4 Q . 25.76 16.75 24.45
C26 PX4 Q . 26.59 16.24 25.61
C27 PX4 Q . 26.03 16.86 26.89
C28 PX4 Q . 26.91 16.55 28.11
C29 PX4 Q . 26.65 17.29 29.43
C30 PX4 Q . 27.87 16.98 30.31
C31 PX4 Q . 27.91 17.75 31.64
C32 PX4 Q . 27.80 19.27 31.41
C33 PX4 Q . 28.16 20.05 32.68
C34 PX4 Q . 27.51 19.44 33.93
C35 PX4 Q . 27.80 20.32 35.14
C36 PX4 Q . 27.51 19.67 36.49
O1 PX4 R . 3.32 -33.60 20.57
O2 PX4 R . 1.30 -32.70 22.00
P1 PX4 R . 2.59 -32.53 21.28
O3 PX4 R . 2.51 -31.18 20.40
C1 PX4 R . 1.29 -30.48 20.62
C2 PX4 R . 1.27 -29.13 19.90
N1 PX4 R . 2.32 -28.13 20.14
C3 PX4 R . 2.81 -28.02 21.52
C4 PX4 R . 3.58 -28.47 19.45
C5 PX4 R . 1.79 -26.83 19.69
O4 PX4 R . 3.55 -31.84 22.37
C6 PX4 R . 4.96 -31.87 22.10
C7 PX4 R . 5.76 -30.98 23.04
C8 PX4 R . 4.87 -30.38 24.11
O5 PX4 R . 4.70 -28.95 24.09
C9 PX4 R . 4.00 -28.43 25.16
O6 PX4 R . 3.42 -29.14 25.97
C10 PX4 R . 4.01 -26.91 25.21
C11 PX4 R . 4.73 -26.37 26.45
C12 PX4 R . 4.33 -24.91 26.67
C13 PX4 R . 4.81 -24.20 25.41
C14 PX4 R . 4.44 -22.72 25.33
C15 PX4 R . 5.40 -21.95 26.25
C16 PX4 R . 5.20 -20.44 26.24
C17 PX4 R . 6.36 -19.88 27.06
C18 PX4 R . 7.63 -20.36 26.34
C19 PX4 R . 8.74 -20.62 27.35
C20 PX4 R . 9.99 -21.12 26.64
C21 PX4 R . 11.18 -21.45 27.55
C22 PX4 R . 12.48 -21.43 26.75
O7 PX4 R . 6.96 -31.60 23.51
C23 PX4 R . 8.20 -31.17 23.14
O8 PX4 R . 8.37 -30.36 22.23
C24 PX4 R . 9.35 -31.86 23.88
C25 PX4 R . 9.19 -32.13 25.38
C26 PX4 R . 9.12 -30.81 26.17
C27 PX4 R . 9.20 -31.25 27.63
C28 PX4 R . 9.21 -29.99 28.49
C29 PX4 R . 9.16 -30.38 29.97
C30 PX4 R . 9.35 -29.16 30.87
C31 PX4 R . 9.41 -29.66 32.32
C32 PX4 R . 10.21 -28.76 33.27
C33 PX4 R . 9.90 -29.30 34.67
C34 PX4 R . 10.47 -28.44 35.79
C35 PX4 R . 9.91 -28.57 37.19
C36 PX4 R . 11.07 -28.40 38.18
O1 PX4 S . -42.35 -11.34 21.95
O2 PX4 S . -44.16 -9.68 21.51
P1 PX4 S . -42.97 -10.04 22.30
O3 PX4 S . -41.82 -8.90 22.33
C1 PX4 S . -41.97 -8.13 21.13
C2 PX4 S . -40.67 -7.44 20.72
N1 PX4 S . -40.02 -6.38 21.53
C3 PX4 S . -40.94 -5.43 22.17
C4 PX4 S . -39.29 -7.08 22.59
C5 PX4 S . -39.09 -5.62 20.69
O4 PX4 S . -43.19 -9.92 23.90
C6 PX4 S . -41.88 -9.92 24.44
C7 PX4 S . -41.66 -8.81 25.47
C8 PX4 S . -43.04 -8.22 25.75
O5 PX4 S . -43.00 -6.81 26.00
C9 PX4 S . -43.92 -6.15 25.25
O6 PX4 S . -44.37 -6.58 24.19
C10 PX4 S . -44.03 -4.67 25.67
C11 PX4 S . -45.46 -4.49 26.18
C12 PX4 S . -45.83 -3.25 27.00
C13 PX4 S . -45.24 -3.22 28.40
C14 PX4 S . -46.11 -2.14 29.06
C15 PX4 S . -45.90 -0.79 28.36
C16 PX4 S . -46.59 0.42 28.99
C17 PX4 S . -45.81 1.19 30.06
C18 PX4 S . -46.72 2.35 30.48
C19 PX4 S . -45.83 3.31 31.28
C20 PX4 S . -46.51 4.64 31.62
C21 PX4 S . -45.79 5.40 32.74
C22 PX4 S . -45.86 4.47 33.95
O7 PX4 S . -40.73 -9.07 26.53
C23 PX4 S . -39.41 -9.04 26.22
O8 PX4 S . -38.96 -9.29 25.11
C24 PX4 S . -38.58 -9.01 27.51
C25 PX4 S . -37.11 -9.25 27.17
C26 PX4 S . -36.19 -8.65 28.24
C27 PX4 S . -36.39 -7.14 28.20
C28 PX4 S . -35.65 -6.76 29.49
C29 PX4 S . -36.58 -6.79 30.70
C30 PX4 S . -35.76 -6.53 31.97
C31 PX4 S . -36.71 -6.38 33.15
C32 PX4 S . -36.11 -6.02 34.51
C33 PX4 S . -37.06 -6.07 35.71
C34 PX4 S . -36.57 -5.21 36.87
C35 PX4 S . -37.60 -5.27 38.00
C36 PX4 S . -38.90 -4.77 37.36
O1 PX4 T . 30.13 14.72 12.71
O2 PX4 T . 27.92 13.97 13.98
P1 PX4 T . 29.22 14.66 13.88
O3 PX4 T . 28.67 16.15 14.07
C1 PX4 T . 27.89 16.42 12.91
C2 PX4 T . 26.83 17.51 13.12
N1 PX4 T . 25.67 17.36 14.01
C3 PX4 T . 26.09 17.39 15.42
C4 PX4 T . 24.80 18.54 13.90
C5 PX4 T . 24.90 16.20 13.56
O4 PX4 T . 29.89 14.76 15.35
C6 PX4 T . 28.93 14.75 16.41
C7 PX4 T . 29.65 15.09 17.72
C8 PX4 T . 31.07 14.59 17.48
O5 PX4 T . 32.05 14.82 18.48
C9 PX4 T . 33.34 14.73 18.04
O6 PX4 T . 33.65 14.52 16.85
C10 PX4 T . 34.33 15.24 19.07
C11 PX4 T . 35.37 14.18 19.42
C12 PX4 T . 35.92 14.51 20.83
C13 PX4 T . 34.90 14.26 21.94
C14 PX4 T . 35.61 14.60 23.26
C15 PX4 T . 34.67 14.19 24.39
C16 PX4 T . 35.42 14.37 25.71
C17 PX4 T . 36.51 13.29 25.85
C18 PX4 T . 37.22 13.24 27.19
C19 PX4 T . 38.26 12.12 27.16
C20 PX4 T . 39.16 12.15 28.40
C21 PX4 T . 40.05 13.38 28.47
C22 PX4 T . 40.91 13.61 27.23
O7 PX4 T . 29.73 16.49 18.00
C23 PX4 T . 28.80 16.95 18.88
O8 PX4 T . 27.72 16.40 19.07
C24 PX4 T . 29.09 18.26 19.60
C25 PX4 T . 30.08 18.34 20.77
C26 PX4 T . 31.56 18.11 20.44
C27 PX4 T . 32.47 18.38 21.64
C28 PX4 T . 33.93 18.43 21.21
C29 PX4 T . 34.83 19.11 22.26
C30 PX4 T . 34.84 18.32 23.57
C31 PX4 T . 35.02 19.24 24.77
C32 PX4 T . 35.36 18.40 26.01
C33 PX4 T . 35.51 19.32 27.22
C34 PX4 T . 35.48 18.51 28.53
C35 PX4 T . 36.73 17.65 28.73
C36 PX4 T . 36.74 16.86 30.03
O1 PX4 U . 36.96 0.49 19.52
O2 PX4 U . 34.86 1.28 18.37
P1 PX4 U . 36.02 1.59 19.23
O3 PX4 U . 36.96 2.28 18.11
C1 PX4 U . 37.33 1.41 17.03
C2 PX4 U . 38.25 2.08 16.00
N1 PX4 U . 39.62 2.42 16.41
C3 PX4 U . 40.32 1.38 17.19
C4 PX4 U . 40.45 2.66 15.22
C5 PX4 U . 39.65 3.67 17.20
O4 PX4 U . 35.83 2.78 20.32
C6 PX4 U . 37.13 3.26 20.65
C7 PX4 U . 37.22 4.28 21.80
C8 PX4 U . 35.81 4.41 22.38
O5 PX4 U . 35.27 5.71 22.11
C9 PX4 U . 34.05 6.05 22.60
O6 PX4 U . 33.15 5.29 22.97
C10 PX4 U . 33.84 7.56 22.66
C11 PX4 U . 33.86 8.07 24.10
C12 PX4 U . 32.68 8.87 24.66
C13 PX4 U . 33.00 9.44 26.04
C14 PX4 U . 31.62 9.89 26.52
C15 PX4 U . 31.65 10.38 27.96
C16 PX4 U . 30.21 10.79 28.34
C17 PX4 U . 29.89 10.70 29.82
C18 PX4 U . 28.40 10.77 30.18
C19 PX4 U . 28.59 10.83 31.70
C20 PX4 U . 27.26 10.91 32.44
C21 PX4 U . 27.56 10.85 33.95
C22 PX4 U . 28.25 9.61 34.52
O7 PX4 U . 38.26 3.94 22.72
C23 PX4 U . 39.59 3.80 22.45
O8 PX4 U . 40.06 4.16 21.37
C24 PX4 U . 40.43 3.35 23.65
C25 PX4 U . 40.81 1.87 23.56
C26 PX4 U . 41.47 1.50 24.89
C27 PX4 U . 40.64 1.87 26.12
C28 PX4 U . 41.24 1.16 27.34
C29 PX4 U . 40.63 1.80 28.60
C30 PX4 U . 41.23 0.95 29.72
C31 PX4 U . 40.52 1.35 31.02
C32 PX4 U . 40.93 0.46 32.19
C33 PX4 U . 40.42 1.05 33.49
C34 PX4 U . 40.87 2.49 33.72
C35 PX4 U . 42.39 2.54 33.82
C36 PX4 U . 42.97 3.93 33.49
O1 PX4 V . 0.59 19.40 19.45
O2 PX4 V . 3.16 18.69 19.30
P1 PX4 V . 1.77 18.61 19.86
O3 PX4 V . 1.17 17.18 19.41
C1 PX4 V . 1.10 17.24 17.99
C2 PX4 V . 0.12 16.27 17.31
N1 PX4 V . 0.29 14.82 17.41
C3 PX4 V . 1.53 14.33 16.81
C4 PX4 V . 0.17 14.28 18.77
C5 PX4 V . -0.73 14.19 16.55
O4 PX4 V . 1.72 18.24 21.41
C6 PX4 V . 2.54 17.09 21.65
C7 PX4 V . 2.96 16.90 23.12
C8 PX4 V . 2.59 18.09 24.00
O5 PX4 V . 3.65 18.75 24.70
C9 PX4 V . 3.30 19.94 25.25
O6 PX4 V . 2.23 20.39 24.84
C10 PX4 V . 4.38 20.78 25.94
C11 PX4 V . 3.96 21.18 27.36
C12 PX4 V . 4.96 22.07 28.10
C13 PX4 V . 4.50 22.33 29.53
C14 PX4 V . 5.56 23.31 30.05
C15 PX4 V . 5.15 23.68 31.48
C16 PX4 V . 5.02 22.38 32.28
C17 PX4 V . 4.35 22.69 33.62
C18 PX4 V . 3.99 21.45 34.48
C19 PX4 V . 3.61 21.92 35.89
C20 PX4 V . 2.24 22.60 35.77
C21 PX4 V . 1.94 23.43 37.02
C22 PX4 V . 1.00 22.75 38.04
O7 PX4 V . 2.43 15.66 23.62
C23 PX4 V . 3.29 14.62 23.77
O8 PX4 V . 4.26 14.54 23.03
C24 PX4 V . 2.74 13.44 24.59
C25 PX4 V . 3.64 12.78 25.64
C26 PX4 V . 4.39 11.53 25.21
C27 PX4 V . 5.33 11.33 26.41
C28 PX4 V . 6.30 10.24 25.96
C29 PX4 V . 7.30 10.03 27.10
C30 PX4 V . 6.76 9.42 28.40
C31 PX4 V . 7.93 9.02 29.30
C32 PX4 V . 7.61 8.29 30.59
C33 PX4 V . 8.81 8.05 31.51
C34 PX4 V . 8.20 7.53 32.83
C35 PX4 V . 7.43 8.61 33.59
C36 PX4 V . 6.89 8.21 34.96
O1 PX4 W . 13.24 19.37 17.67
O2 PX4 W . 15.27 18.26 18.68
P1 PX4 W . 13.95 18.89 18.86
O3 PX4 W . 13.00 17.88 19.70
C1 PX4 W . 11.67 18.39 19.53
C2 PX4 W . 10.67 17.23 19.62
N1 PX4 W . 10.23 16.68 20.91
C3 PX4 W . 11.29 15.93 21.62
C4 PX4 W . 9.71 17.74 21.77
C5 PX4 W . 9.12 15.78 20.63
O4 PX4 W . 14.04 20.04 19.99
C6 PX4 W . 14.74 19.45 21.10
C7 PX4 W . 14.50 20.48 22.21
C8 PX4 W . 14.84 21.81 21.56
O5 PX4 W . 16.04 22.38 22.07
C9 PX4 W . 16.53 23.45 21.37
O6 PX4 W . 16.25 23.71 20.19
C10 PX4 W . 17.73 24.07 22.08
C11 PX4 W . 17.40 24.89 23.32
C12 PX4 W . 18.70 25.57 23.77
C13 PX4 W . 18.43 26.08 25.19
C14 PX4 W . 19.58 26.98 25.61
C15 PX4 W . 18.99 27.38 26.97
C16 PX4 W . 17.72 28.24 26.87
C17 PX4 W . 17.45 28.62 28.33
C18 PX4 W . 16.09 29.31 28.45
C19 PX4 W . 16.08 29.94 29.84
C20 PX4 W . 16.24 28.74 30.77
C21 PX4 W . 15.94 29.15 32.22
C22 PX4 W . 17.00 30.14 32.73
O7 PX4 W . 13.29 20.40 22.96
C23 PX4 W . 13.23 19.46 23.94
O8 PX4 W . 13.74 18.37 23.67
C24 PX4 W . 12.08 19.63 24.94
C25 PX4 W . 11.71 18.33 25.68
C26 PX4 W . 10.90 18.90 26.86
C27 PX4 W . 9.71 19.75 26.44
C28 PX4 W . 9.17 20.31 27.76
C29 PX4 W . 8.68 19.16 28.66
C30 PX4 W . 7.60 19.58 29.66
C31 PX4 W . 7.08 18.32 30.34
C32 PX4 W . 5.99 18.60 31.39
C33 PX4 W . 5.31 17.36 31.95
C34 PX4 W . 4.21 17.64 32.97
C35 PX4 W . 3.77 16.36 33.69
C36 PX4 W . 2.98 16.79 34.93
O1 PX4 X . 19.03 23.64 15.90
O2 PX4 X . 21.17 22.11 16.17
P1 PX4 X . 19.91 22.73 16.66
O3 PX4 X . 19.05 21.40 16.95
C1 PX4 X . 17.67 21.72 16.84
C2 PX4 X . 16.79 20.49 16.59
N1 PX4 X . 16.88 19.87 15.25
C3 PX4 X . 17.12 20.80 14.16
C4 PX4 X . 17.89 18.81 15.11
C5 PX4 X . 15.62 19.14 15.00
O4 PX4 X . 20.21 23.11 18.19
C6 PX4 X . 20.83 21.98 18.85
C7 PX4 X . 21.08 22.11 20.37
C8 PX4 X . 21.19 23.60 20.66
O5 PX4 X . 22.44 24.03 21.20
C9 PX4 X . 22.57 25.36 21.40
O6 PX4 X . 21.66 26.05 20.91
C10 PX4 X . 23.84 25.87 22.06
C11 PX4 X . 23.69 27.03 23.05
C12 PX4 X . 24.96 27.32 23.85
C13 PX4 X . 24.90 28.73 24.45
C14 PX4 X . 26.23 29.07 25.14
C15 PX4 X . 26.60 27.80 25.90
C16 PX4 X . 27.93 28.04 26.63
C17 PX4 X . 27.68 29.32 27.44
C18 PX4 X . 28.98 29.80 28.09
C19 PX4 X . 28.70 30.74 29.28
C20 PX4 X . 30.05 31.18 29.86
C21 PX4 X . 29.70 32.32 30.82
C22 PX4 X . 28.91 33.41 30.09
O7 PX4 X . 19.98 21.56 21.11
C23 PX4 X . 19.65 20.25 21.13
O8 PX4 X . 20.43 19.43 20.67
C24 PX4 X . 18.50 19.93 22.09
C25 PX4 X . 18.74 20.64 23.41
C26 PX4 X . 17.61 20.53 24.44
C27 PX4 X . 18.00 21.63 25.44
C28 PX4 X . 17.04 21.78 26.63
C29 PX4 X . 17.56 22.98 27.41
C30 PX4 X . 16.56 23.44 28.46
C31 PX4 X . 17.17 24.38 29.51
C32 PX4 X . 16.11 24.54 30.62
C33 PX4 X . 16.82 24.86 31.93
C34 PX4 X . 15.89 24.86 33.15
C35 PX4 X . 16.74 25.24 34.36
C36 PX4 X . 17.42 26.60 34.22
O1 PX4 Y . 7.36 -33.95 20.91
O2 PX4 Y . 9.63 -34.99 21.77
P1 PX4 Y . 8.18 -35.04 21.47
O3 PX4 Y . 8.11 -36.28 20.43
C1 PX4 Y . 6.80 -36.30 19.85
C2 PX4 Y . 6.18 -37.66 19.54
N1 PX4 Y . 5.93 -38.69 20.56
C3 PX4 Y . 5.38 -39.89 19.87
C4 PX4 Y . 7.13 -39.20 21.24
C5 PX4 Y . 4.99 -38.37 21.65
O4 PX4 Y . 7.44 -35.91 22.58
C6 PX4 Y . 7.37 -34.99 23.68
C7 PX4 Y . 6.91 -35.75 24.94
C8 PX4 Y . 8.12 -36.18 25.77
O5 PX4 Y . 9.28 -35.35 25.75
C9 PX4 Y . 10.34 -35.77 26.49
O6 PX4 Y . 10.76 -36.92 26.39
C10 PX4 Y . 11.36 -34.62 26.58
C11 PX4 Y . 11.99 -34.43 27.96
C12 PX4 Y . 10.90 -34.07 28.98
C13 PX4 Y . 11.40 -33.94 30.43
C14 PX4 Y . 10.27 -34.04 31.45
C15 PX4 Y . 10.65 -33.58 32.86
C16 PX4 Y . 9.41 -33.84 33.72
C17 PX4 Y . 9.60 -33.23 35.11
C18 PX4 Y . 8.38 -33.58 35.96
C19 PX4 Y . 8.49 -32.95 37.35
C20 PX4 Y . 7.36 -33.59 38.18
C21 PX4 Y . 7.56 -35.08 38.42
C22 PX4 Y . 6.41 -35.54 39.32
O7 PX4 Y . 5.97 -34.85 25.54
C23 PX4 Y . 5.13 -35.24 26.54
O8 PX4 Y . 4.94 -36.43 26.82
C24 PX4 Y . 4.38 -34.10 27.19
C25 PX4 Y . 5.31 -32.99 27.68
C26 PX4 Y . 4.45 -31.86 28.23
C27 PX4 Y . 5.16 -30.58 28.67
C28 PX4 Y . 4.11 -29.60 29.21
C29 PX4 Y . 4.80 -28.53 30.04
C30 PX4 Y . 3.89 -27.40 30.53
C31 PX4 Y . 4.77 -26.23 30.96
C32 PX4 Y . 3.91 -25.24 31.75
C33 PX4 Y . 4.72 -24.07 32.34
C34 PX4 Y . 5.38 -23.39 31.13
C35 PX4 Y . 5.76 -21.96 31.50
C36 PX4 Y . 6.69 -21.43 30.40
O1 PX4 Z . -1.77 -20.21 18.34
O2 PX4 Z . -0.62 -22.61 18.27
P1 PX4 Z . -0.92 -21.29 18.86
O3 PX4 Z . -2.10 -21.92 19.74
C1 PX4 Z . -3.05 -22.70 19.02
C2 PX4 Z . -3.86 -23.52 20.04
N1 PX4 Z . -3.43 -24.92 20.10
C3 PX4 Z . -2.19 -25.05 20.89
C4 PX4 Z . -4.52 -25.60 20.82
C5 PX4 Z . -3.52 -25.61 18.81
O4 PX4 Z . -0.20 -21.29 20.30
C6 PX4 Z . 0.50 -22.51 20.63
C7 PX4 Z . 0.82 -22.67 22.11
C8 PX4 Z . 0.11 -21.62 22.96
O5 PX4 Z . 0.83 -21.42 24.18
C9 PX4 Z . 0.42 -20.27 24.77
O6 PX4 Z . -0.30 -19.42 24.25
C10 PX4 Z . 1.29 -19.85 25.96
C11 PX4 Z . 0.58 -18.81 26.85
C12 PX4 Z . -0.17 -19.33 28.07
C13 PX4 Z . 0.72 -20.38 28.73
C14 PX4 Z . 0.31 -20.26 30.21
C15 PX4 Z . 0.70 -18.86 30.65
C16 PX4 Z . 1.08 -18.88 32.13
C17 PX4 Z . 1.88 -17.62 32.52
C18 PX4 Z . 2.15 -17.74 34.01
C19 PX4 Z . 2.84 -19.09 34.23
C20 PX4 Z . 3.07 -19.22 35.73
C21 PX4 Z . 4.22 -18.48 36.39
C22 PX4 Z . 4.34 -18.89 37.86
O7 PX4 Z . 0.38 -23.96 22.54
C23 PX4 Z . 1.26 -24.65 23.31
O8 PX4 Z . 2.46 -24.59 23.05
C24 PX4 Z . 0.68 -25.77 24.16
C25 PX4 Z . 0.35 -25.17 25.52
C26 PX4 Z . -0.31 -26.21 26.44
C27 PX4 Z . -0.49 -25.57 27.83
C28 PX4 Z . 0.83 -25.45 28.58
C29 PX4 Z . 0.85 -24.27 29.55
C30 PX4 Z . 0.11 -24.46 30.89
C31 PX4 Z . 0.59 -23.55 32.01
C32 PX4 Z . -0.51 -23.31 33.06
C33 PX4 Z . -0.21 -22.19 34.06
C34 PX4 Z . -1.36 -22.26 35.06
C35 PX4 Z . -0.91 -21.50 36.31
C36 PX4 Z . 0.36 -22.16 36.87
O1 PX4 AA . 5.49 -19.81 19.12
O2 PX4 AA . 7.67 -18.48 19.05
P1 PX4 AA . 6.68 -19.27 19.81
O3 PX4 AA . 7.44 -20.34 20.73
C1 PX4 AA . 6.63 -21.27 21.42
C2 PX4 AA . 7.17 -22.68 21.61
N1 PX4 AA . 8.12 -23.19 20.60
C3 PX4 AA . 7.64 -23.40 19.23
C4 PX4 AA . 9.44 -22.57 20.62
C5 PX4 AA . 8.35 -24.56 21.07
O4 PX4 AA . 6.21 -18.34 21.03
C6 PX4 AA . 7.34 -17.49 21.28
C7 PX4 AA . 7.50 -16.94 22.72
C8 PX4 AA . 6.34 -17.47 23.56
O5 PX4 AA . 5.43 -16.46 24.00
C9 PX4 AA . 4.26 -16.86 24.54
O6 PX4 AA . 3.81 -17.93 24.13
C10 PX4 AA . 3.36 -15.77 25.12
C11 PX4 AA . 3.31 -15.69 26.64
C12 PX4 AA . 2.29 -14.64 27.09
C13 PX4 AA . 1.84 -14.84 28.54
C14 PX4 AA . 0.85 -13.77 29.02
C15 PX4 AA . 0.56 -14.11 30.49
C16 PX4 AA . -0.31 -13.03 31.14
C17 PX4 AA . 0.65 -11.85 31.23
C18 PX4 AA . 0.01 -10.49 31.51
C19 PX4 AA . 0.93 -9.44 32.16
C20 PX4 AA . 0.14 -8.21 32.57
C21 PX4 AA . 0.95 -7.09 33.23
C22 PX4 AA . 0.15 -5.79 33.42
O7 PX4 AA . 8.79 -17.27 23.21
C23 PX4 AA . 9.85 -16.46 22.94
O8 PX4 AA . 9.73 -15.59 22.08
C24 PX4 AA . 11.15 -16.60 23.74
C25 PX4 AA . 10.89 -16.89 25.22
C26 PX4 AA . 12.19 -17.03 26.00
C27 PX4 AA . 11.96 -17.16 27.51
C28 PX4 AA . 11.31 -15.92 28.14
C29 PX4 AA . 11.14 -16.15 29.64
C30 PX4 AA . 10.28 -17.39 29.94
C31 PX4 AA . 10.26 -17.69 31.43
C32 PX4 AA . 9.30 -18.88 31.54
C33 PX4 AA . 9.42 -19.38 32.99
C34 PX4 AA . 9.19 -18.31 34.05
C35 PX4 AA . 9.16 -18.97 35.42
C36 PX4 AA . 9.07 -17.80 36.41
O1 PX4 BA . -3.68 35.95 14.27
O2 PX4 BA . -4.82 38.17 13.48
P1 PX4 BA . -4.34 37.25 14.54
O3 PX4 BA . -3.35 38.15 15.44
C1 PX4 BA . -2.23 37.36 15.85
C2 PX4 BA . -1.27 38.18 16.73
N1 PX4 BA . 0.11 37.73 16.94
C3 PX4 BA . 0.25 36.29 17.14
C4 PX4 BA . 0.89 38.35 15.86
C5 PX4 BA . 0.66 38.33 18.17
O4 PX4 BA . -5.40 36.97 15.70
C6 PX4 BA . -5.92 38.09 16.43
C7 PX4 BA . -6.31 37.68 17.84
C8 PX4 BA . -4.93 37.35 18.39
O5 PX4 BA . -4.90 36.65 19.65
C9 PX4 BA . -3.62 36.51 20.10
O6 PX4 BA . -2.66 37.11 19.62
C10 PX4 BA . -3.52 35.58 21.30
C11 PX4 BA . -4.68 35.67 22.31
C12 PX4 BA . -4.32 34.81 23.51
C13 PX4 BA . -3.13 35.53 24.14
C14 PX4 BA . -2.82 34.97 25.53
C15 PX4 BA . -1.51 35.53 26.12
C16 PX4 BA . -1.03 34.76 27.36
C17 PX4 BA . -2.03 35.10 28.46
C18 PX4 BA . -1.24 35.06 29.77
C19 PX4 BA . -2.08 35.03 31.06
C20 PX4 BA . -3.09 36.18 31.07
C21 PX4 BA . -3.90 36.04 32.36
C22 PX4 BA . -4.55 37.41 32.57
O7 PX4 BA . -7.05 38.68 18.55
C23 PX4 BA . -7.65 38.32 19.71
O8 PX4 BA . -8.02 37.17 19.88
C24 PX4 BA . -8.20 39.47 20.55
C25 PX4 BA . -7.43 39.54 21.87
C26 PX4 BA . -7.85 38.44 22.86
C27 PX4 BA . -6.88 38.38 24.04
C28 PX4 BA . -7.14 37.18 24.94
C29 PX4 BA . -6.23 37.21 26.18
C30 PX4 BA . -6.60 35.93 26.93
C31 PX4 BA . -6.42 36.14 28.43
C32 PX4 BA . -6.77 34.82 29.12
C33 PX4 BA . -5.67 33.75 29.07
C34 PX4 BA . -5.87 32.38 29.70
C35 PX4 BA . -4.48 31.74 29.67
C36 PX4 BA . -3.82 31.77 28.29
O1 PX4 CA . -1.78 25.61 19.94
O2 PX4 CA . -0.12 25.41 17.95
P1 PX4 CA . -0.51 25.13 19.36
O3 PX4 CA . -0.32 23.57 19.65
C1 PX4 CA . -1.08 23.29 20.81
C2 PX4 CA . -0.75 21.91 21.36
N1 PX4 CA . -1.18 21.59 22.72
C3 PX4 CA . -1.19 20.12 22.87
C4 PX4 CA . -0.16 22.08 23.65
C5 PX4 CA . -2.49 22.11 23.12
O4 PX4 CA . 0.68 25.76 20.23
C6 PX4 CA . 0.35 27.15 20.29
C7 PX4 CA . 0.73 27.75 21.65
C8 PX4 CA . 0.25 26.71 22.64
O5 PX4 CA . -1.14 26.82 22.96
C9 PX4 CA . -1.64 26.02 23.95
O6 PX4 CA . -0.96 25.04 24.23
C10 PX4 CA . -3.07 26.21 24.46
C11 PX4 CA . -3.35 25.75 25.89
C12 PX4 CA . -2.37 26.33 26.90
C13 PX4 CA . -2.45 27.86 26.95
C14 PX4 CA . -1.66 28.49 28.09
C15 PX4 CA . -2.01 27.87 29.45
C16 PX4 CA . -1.25 28.44 30.64
C17 PX4 CA . 0.26 28.61 30.47
C18 PX4 CA . 1.03 29.12 31.68
C19 PX4 CA . 2.51 28.85 31.36
C20 PX4 CA . 2.70 27.34 31.48
C21 PX4 CA . 4.20 27.06 31.28
C22 PX4 CA . 5.03 27.80 32.35
O7 PX4 CA . 2.13 28.07 21.74
C23 PX4 CA . 2.65 29.14 21.08
O8 PX4 CA . 1.98 29.88 20.36
C24 PX4 CA . 4.12 29.40 21.43
C25 PX4 CA . 4.15 30.21 22.73
C26 PX4 CA . 5.63 30.21 23.15
C27 PX4 CA . 5.79 31.11 24.38
C28 PX4 CA . 5.35 32.56 24.15
C29 PX4 CA . 5.78 33.51 25.26
C30 PX4 CA . 5.53 34.92 24.76
C31 PX4 CA . 6.33 34.98 23.47
C32 PX4 CA . 6.20 36.44 23.03
C33 PX4 CA . 7.14 36.70 21.85
C34 PX4 CA . 8.59 36.27 22.11
C35 PX4 CA . 9.22 36.98 23.31
C36 PX4 CA . 10.57 36.30 23.53
O1 PX4 DA . 6.80 27.99 19.60
O2 PX4 DA . 6.18 28.53 17.19
P1 PX4 DA . 7.15 28.62 18.31
O3 PX4 DA . 8.24 27.60 17.70
C1 PX4 DA . 9.30 27.28 18.60
C2 PX4 DA . 10.42 26.36 18.13
N1 PX4 DA . 11.34 26.90 17.12
C3 PX4 DA . 10.75 27.32 15.84
C4 PX4 DA . 12.12 27.96 17.77
C5 PX4 DA . 12.33 25.85 16.87
O4 PX4 DA . 8.01 29.96 18.47
C6 PX4 DA . 7.55 30.61 19.66
C7 PX4 DA . 8.20 31.91 20.15
C8 PX4 DA . 7.11 32.94 19.86
O5 PX4 DA . 5.74 32.51 19.93
C9 PX4 DA . 4.79 33.48 19.80
O6 PX4 DA . 5.17 34.55 19.31
C10 PX4 DA . 3.34 33.02 19.91
C11 PX4 DA . 2.35 33.90 20.68
C12 PX4 DA . 2.63 33.88 22.18
C13 PX4 DA . 1.50 34.75 22.75
C14 PX4 DA . 1.45 36.12 22.08
C15 PX4 DA . 0.26 36.90 22.63
C16 PX4 DA . 0.15 38.32 22.05
C17 PX4 DA . -1.06 39.07 22.59
C18 PX4 DA . -1.17 39.16 24.12
C19 PX4 DA . -2.12 40.29 24.53
C20 PX4 DA . -3.59 40.27 24.08
C21 PX4 DA . -4.47 41.33 24.75
C22 PX4 DA . -4.33 41.20 26.27
O7 PX4 DA . 8.63 31.86 21.51
C23 PX4 DA . 9.81 31.27 21.84
O8 PX4 DA . 10.63 30.76 21.07
C24 PX4 DA . 10.04 31.27 23.35
C25 PX4 DA . 9.68 32.54 24.13
C26 PX4 DA . 10.75 32.67 25.21
C27 PX4 DA . 11.06 31.28 25.75
C28 PX4 DA . 12.10 31.39 26.86
C29 PX4 DA . 12.71 30.04 27.23
C30 PX4 DA . 11.61 29.06 27.66
C31 PX4 DA . 12.21 27.78 28.22
C32 PX4 DA . 10.99 26.93 28.61
C33 PX4 DA . 11.54 25.64 29.26
C34 PX4 DA . 10.44 24.60 29.50
C35 PX4 DA . 10.95 23.18 29.72
C36 PX4 DA . 11.82 22.55 28.62
O1 PX4 EA . -24.90 -4.32 16.74
O2 PX4 EA . -22.87 -4.66 18.30
P1 PX4 EA . -24.22 -5.01 17.86
O3 PX4 EA . -24.61 -6.57 17.95
C1 PX4 EA . -24.58 -7.10 19.26
C2 PX4 EA . -24.28 -8.60 19.33
N1 PX4 EA . -25.10 -9.64 18.71
C3 PX4 EA . -24.95 -10.79 19.60
C4 PX4 EA . -26.50 -9.22 18.56
C5 PX4 EA . -24.59 -10.03 17.39
O4 PX4 EA . -25.05 -4.39 19.10
C6 PX4 EA . -24.98 -2.97 18.99
C7 PX4 EA . -24.91 -2.28 20.35
C8 PX4 EA . -24.96 -3.34 21.45
O5 PX4 EA . -26.28 -3.77 21.80
C9 PX4 EA . -26.32 -4.77 22.72
O6 PX4 EA . -25.28 -5.40 22.90
C10 PX4 EA . -27.66 -5.01 23.44
C11 PX4 EA . -27.29 -4.62 24.88
C12 PX4 EA . -28.49 -4.93 25.79
C13 PX4 EA . -28.12 -4.45 27.19
C14 PX4 EA . -27.95 -2.93 27.11
C15 PX4 EA . -27.58 -2.48 28.53
C16 PX4 EA . -28.62 -3.09 29.50
C17 PX4 EA . -28.06 -2.98 30.91
C18 PX4 EA . -28.99 -3.71 31.87
C19 PX4 EA . -28.27 -3.40 33.18
C20 PX4 EA . -28.83 -4.33 34.27
C21 PX4 EA . -28.71 -5.83 33.96
C22 PX4 EA . -29.27 -6.56 35.16
O7 PX4 EA . -23.90 -1.28 20.45
C23 PX4 EA . -24.14 -0.03 19.99
O8 PX4 EA . -24.92 0.18 19.06
C24 PX4 EA . -23.25 1.14 20.45
C25 PX4 EA . -24.03 2.08 21.37
C26 PX4 EA . -23.20 2.57 22.56
C27 PX4 EA . -24.16 3.27 23.53
C28 PX4 EA . -23.37 3.67 24.77
C29 PX4 EA . -24.25 3.99 25.97
C30 PX4 EA . -23.44 4.50 27.16
C31 PX4 EA . -24.37 4.71 28.37
C32 PX4 EA . -23.81 5.57 29.50
C33 PX4 EA . -24.59 5.34 30.79
C34 PX4 EA . -23.93 5.95 32.04
C35 PX4 EA . -24.91 5.90 33.22
C36 PX4 EA . -24.15 6.57 34.35
O1 PX4 FA . -9.97 -9.55 23.35
O2 PX4 FA . -9.44 -10.35 20.97
P1 PX4 FA . -10.35 -10.29 22.13
O3 PX4 FA . -11.66 -9.45 21.69
C1 PX4 FA . -11.43 -8.04 21.56
C2 PX4 FA . -12.14 -7.34 20.42
N1 PX4 FA . -11.81 -7.79 19.05
C3 PX4 FA . -12.62 -8.98 18.81
C4 PX4 FA . -12.31 -6.80 18.07
C5 PX4 FA . -10.37 -7.97 18.85
O4 PX4 FA . -10.95 -11.76 22.40
C6 PX4 FA . -11.79 -11.71 23.57
C7 PX4 FA . -12.95 -12.70 23.47
C8 PX4 FA . -12.38 -14.12 23.58
O5 PX4 FA . -11.35 -14.34 24.53
C9 PX4 FA . -11.44 -15.48 25.26
O6 PX4 FA . -12.35 -16.27 25.05
C10 PX4 FA . -10.34 -15.75 26.30
C11 PX4 FA . -10.55 -16.96 27.21
C12 PX4 FA . -9.53 -16.81 28.33
C13 PX4 FA . -9.51 -18.11 29.14
C14 PX4 FA . -8.57 -18.10 30.33
C15 PX4 FA . -7.11 -18.02 29.89
C16 PX4 FA . -6.12 -17.87 31.06
C17 PX4 FA . -6.29 -16.52 31.76
C18 PX4 FA . -5.62 -16.51 33.14
C19 PX4 FA . -5.81 -15.13 33.75
C20 PX4 FA . -5.25 -15.03 35.16
C21 PX4 FA . -5.65 -13.65 35.66
C22 PX4 FA . -5.32 -13.49 37.15
O7 PX4 FA . -14.03 -12.36 24.34
C23 PX4 FA . -15.20 -13.00 24.20
O8 PX4 FA . -15.35 -13.83 23.29
C24 PX4 FA . -16.44 -12.68 25.06
C25 PX4 FA . -16.61 -13.51 26.33
C26 PX4 FA . -15.26 -13.48 27.03
C27 PX4 FA . -15.24 -14.71 27.95
C28 PX4 FA . -13.81 -14.86 28.43
C29 PX4 FA . -13.60 -16.06 29.35
C30 PX4 FA . -13.88 -17.45 28.79
C31 PX4 FA . -13.35 -18.46 29.81
C32 PX4 FA . -14.36 -18.20 30.94
C33 PX4 FA . -13.81 -18.83 32.24
C34 PX4 FA . -13.50 -20.30 31.97
C35 PX4 FA . -12.83 -20.95 33.17
C36 PX4 FA . -11.62 -20.11 33.59
O1 PX4 GA . -4.28 -9.01 23.99
O2 PX4 GA . -5.00 -11.00 22.64
P1 PX4 GA . -4.98 -10.31 23.94
O3 PX4 GA . -6.47 -9.81 24.29
C1 PX4 GA . -6.77 -9.00 23.17
C2 PX4 GA . -7.68 -7.78 23.35
N1 PX4 GA . -7.59 -6.90 24.54
C3 PX4 GA . -8.25 -5.66 24.09
C4 PX4 GA . -8.34 -7.50 25.65
C5 PX4 GA . -6.26 -6.65 25.09
O4 PX4 GA . -4.91 -11.20 25.28
C6 PX4 GA . -4.74 -10.33 26.41
C7 PX4 GA . -5.99 -10.04 27.24
C8 PX4 GA . -6.96 -11.23 27.21
O5 PX4 GA . -8.33 -10.87 27.24
C9 PX4 GA . -9.18 -11.81 26.70
O6 PX4 GA . -8.70 -12.72 26.04
C10 PX4 GA . -10.64 -11.74 27.11
C11 PX4 GA . -10.90 -11.89 28.60
C12 PX4 GA . -10.38 -13.18 29.26
C13 PX4 GA . -10.90 -13.44 30.67
C14 PX4 GA . -10.33 -14.72 31.29
C15 PX4 GA . -10.73 -14.73 32.77
C16 PX4 GA . -10.26 -15.96 33.54
C17 PX4 GA . -10.85 -15.94 34.96
C18 PX4 GA . -10.46 -14.74 35.84
C19 PX4 GA . -10.94 -15.00 37.26
C20 PX4 GA . -10.59 -13.70 37.96
C21 PX4 GA . -11.26 -13.63 39.33
C22 PX4 GA . -12.78 -13.55 39.12
O7 PX4 GA . -5.47 -9.59 28.50
C23 PX4 GA . -5.90 -8.38 28.96
O8 PX4 GA . -6.58 -7.63 28.28
C24 PX4 GA . -5.22 -7.93 30.26
C25 PX4 GA . -6.15 -7.86 31.46
C26 PX4 GA . -5.54 -6.77 32.35
C27 PX4 GA . -6.32 -6.64 33.66
C28 PX4 GA . -5.47 -5.69 34.49
C29 PX4 GA . -4.07 -6.15 34.89
C30 PX4 GA . -3.41 -5.32 35.99
C31 PX4 GA . -3.30 -3.87 35.53
C32 PX4 GA . -3.04 -2.80 36.59
C33 PX4 GA . -1.79 -3.23 37.37
C34 PX4 GA . -1.12 -2.21 38.29
C35 PX4 GA . 0.23 -2.65 38.87
C36 PX4 GA . 0.84 -1.73 39.92
O1 PX4 HA . -10.48 -25.47 20.83
O2 PX4 HA . -12.75 -26.69 20.28
P1 PX4 HA . -11.91 -25.78 21.09
O3 PX4 HA . -12.44 -24.26 21.15
C1 PX4 HA . -13.51 -24.13 20.20
C2 PX4 HA . -14.34 -22.84 20.30
N1 PX4 HA . -15.03 -22.47 21.54
C3 PX4 HA . -16.04 -21.51 21.08
C4 PX4 HA . -15.84 -23.52 22.19
C5 PX4 HA . -14.18 -21.67 22.41
O4 PX4 HA . -12.17 -26.05 22.66
C6 PX4 HA . -11.03 -25.52 23.37
C7 PX4 HA . -11.06 -25.48 24.89
C8 PX4 HA . -12.42 -24.85 25.21
O5 PX4 HA . -12.49 -23.42 25.36
C9 PX4 HA . -13.63 -23.07 26.03
O6 PX4 HA . -14.71 -23.52 25.61
C10 PX4 HA . -13.53 -21.76 26.82
C11 PX4 HA . -13.77 -21.87 28.31
C12 PX4 HA . -15.13 -22.45 28.68
C13 PX4 HA . -16.18 -21.38 28.36
C14 PX4 HA . -17.51 -21.57 29.09
C15 PX4 HA . -17.43 -21.37 30.61
C16 PX4 HA . -18.86 -21.63 31.09
C17 PX4 HA . -19.10 -23.12 31.24
C18 PX4 HA . -20.58 -23.51 31.30
C19 PX4 HA . -20.89 -24.99 31.49
C20 PX4 HA . -20.52 -25.41 32.90
C21 PX4 HA . -20.83 -26.90 33.05
C22 PX4 HA . -19.77 -27.64 32.21
O7 PX4 HA . -10.92 -26.70 25.62
C23 PX4 HA . -9.66 -27.08 25.96
O8 PX4 HA . -8.74 -26.72 25.23
C24 PX4 HA . -9.60 -28.51 26.51
C25 PX4 HA . -8.28 -28.64 27.27
C26 PX4 HA . -7.90 -30.07 27.65
C27 PX4 HA . -6.81 -29.85 28.70
C28 PX4 HA . -7.42 -28.97 29.79
C29 PX4 HA . -6.84 -29.12 31.19
C30 PX4 HA . -7.66 -28.42 32.28
C31 PX4 HA . -6.86 -28.14 33.54
C32 PX4 HA . -7.87 -27.53 34.52
C33 PX4 HA . -7.08 -26.95 35.68
C34 PX4 HA . -8.05 -26.22 36.61
C35 PX4 HA . -7.19 -25.46 37.63
C36 PX4 HA . -8.09 -24.50 38.44
O1 PX4 IA . -0.58 -12.92 17.99
O2 PX4 IA . 1.74 -13.14 16.79
P1 PX4 IA . 0.86 -13.30 17.97
O3 PX4 IA . 1.03 -14.79 18.55
C1 PX4 IA . 2.42 -15.13 18.53
C2 PX4 IA . 2.76 -16.53 19.06
N1 PX4 IA . 2.13 -17.01 20.30
C3 PX4 IA . 0.73 -17.38 20.08
C4 PX4 IA . 2.80 -18.21 20.81
C5 PX4 IA . 2.06 -15.99 21.36
O4 PX4 IA . 1.56 -12.51 19.17
C6 PX4 IA . 1.54 -11.09 18.94
C7 PX4 IA . 1.51 -10.21 20.19
C8 PX4 IA . 1.45 -11.16 21.39
O5 PX4 IA . 0.28 -10.97 22.17
C9 PX4 IA . 0.14 -11.83 23.22
O6 PX4 IA . 0.75 -12.89 23.32
C10 PX4 IA . -0.89 -11.35 24.26
C11 PX4 IA . -0.20 -10.72 25.48
C12 PX4 IA . -1.04 -9.88 26.45
C13 PX4 IA . -0.07 -9.54 27.58
C14 PX4 IA . -0.98 -8.74 28.53
C15 PX4 IA . -1.47 -7.65 27.55
C16 PX4 IA . -2.78 -6.99 27.99
C17 PX4 IA . -2.74 -5.47 27.92
C18 PX4 IA . -4.10 -4.89 28.32
C19 PX4 IA . -3.97 -3.37 28.51
C20 PX4 IA . -3.15 -2.87 29.69
C21 PX4 IA . -3.92 -2.96 31.01
C22 PX4 IA . -3.08 -2.51 32.21
O7 PX4 IA . 2.64 -9.33 20.13
C23 PX4 IA . 2.30 -8.01 20.25
O8 PX4 IA . 1.32 -7.54 19.70
C24 PX4 IA . 3.43 -7.06 20.65
C25 PX4 IA . 3.22 -6.33 21.98
C26 PX4 IA . 2.76 -7.26 23.10
C27 PX4 IA . 2.55 -6.53 24.43
C28 PX4 IA . 1.50 -5.41 24.43
C29 PX4 IA . 1.20 -4.81 25.80
C30 PX4 IA . 2.47 -4.05 26.18
C31 PX4 IA . 2.42 -3.50 27.62
C32 PX4 IA . 3.60 -2.66 28.10
C33 PX4 IA . 3.55 -2.38 29.60
C34 PX4 IA . 3.32 -3.66 30.39
C35 PX4 IA . 3.72 -3.44 31.84
C36 PX4 IA . 2.45 -2.72 32.33
O1 PX4 JA . -32.40 -7.01 18.78
O2 PX4 JA . -34.03 -8.07 20.48
P1 PX4 JA . -33.56 -6.89 19.70
O3 PX4 JA . -34.87 -6.26 18.99
C1 PX4 JA . -34.75 -6.21 17.57
C2 PX4 JA . -35.90 -5.35 17.01
N1 PX4 JA . -35.67 -4.61 15.76
C3 PX4 JA . -34.83 -3.43 15.95
C4 PX4 JA . -35.26 -5.54 14.69
C5 PX4 JA . -36.98 -4.23 15.22
O4 PX4 JA . -33.38 -5.62 20.65
C6 PX4 JA . -34.54 -5.51 21.47
C7 PX4 JA . -34.39 -4.66 22.74
C8 PX4 JA . -33.24 -3.68 22.48
O5 PX4 JA . -32.60 -3.29 23.71
C9 PX4 JA . -31.32 -2.87 23.50
O6 PX4 JA . -30.69 -3.12 22.47
C10 PX4 JA . -30.61 -2.40 24.75
C11 PX4 JA . -31.24 -1.05 25.07
C12 PX4 JA . -30.35 -0.17 25.96
C13 PX4 JA . -31.20 0.95 26.59
C14 PX4 JA . -30.43 1.66 27.71
C15 PX4 JA . -30.71 0.78 28.93
C16 PX4 JA . -29.82 1.26 30.10
C17 PX4 JA . -30.30 0.51 31.34
C18 PX4 JA . -29.63 1.05 32.59
C19 PX4 JA . -30.13 0.26 33.80
C20 PX4 JA . -29.53 0.86 35.08
C21 PX4 JA . -30.30 0.47 36.34
C22 PX4 JA . -29.84 1.32 37.53
O7 PX4 JA . -35.67 -4.18 23.18
C23 PX4 JA . -36.29 -4.87 24.17
O8 PX4 JA . -36.34 -6.10 24.22
C24 PX4 JA . -37.27 -4.03 25.01
C25 PX4 JA . -38.02 -4.87 26.05
C26 PX4 JA . -39.00 -3.94 26.74
C27 PX4 JA . -39.73 -4.66 27.88
C28 PX4 JA . -40.57 -3.66 28.67
C29 PX4 JA . -41.42 -4.34 29.75
C30 PX4 JA . -42.11 -5.55 29.12
C31 PX4 JA . -43.01 -6.23 30.16
C32 PX4 JA . -42.24 -6.65 31.41
C33 PX4 JA . -43.11 -7.25 32.52
C34 PX4 JA . -42.31 -7.32 33.81
C35 PX4 JA . -42.99 -8.19 34.87
C36 PX4 JA . -41.89 -8.62 35.86
O1 PX4 KA . -26.38 -13.68 20.56
O2 PX4 KA . -24.56 -14.52 22.23
P1 PX4 KA . -25.83 -13.83 21.92
O3 PX4 KA . -26.94 -14.85 22.49
C1 PX4 KA . -26.78 -16.14 21.91
C2 PX4 KA . -28.02 -16.75 21.26
N1 PX4 KA . -29.19 -17.02 22.10
C3 PX4 KA . -28.84 -17.58 23.41
C4 PX4 KA . -29.96 -15.77 22.21
C5 PX4 KA . -30.05 -17.97 21.39
O4 PX4 KA . -26.16 -12.56 22.85
C6 PX4 KA . -25.49 -12.64 24.10
C7 PX4 KA . -26.39 -13.26 25.17
C8 PX4 KA . -25.67 -14.51 25.71
O5 PX4 KA . -24.27 -14.30 25.92
C9 PX4 KA . -23.54 -15.26 26.55
O6 PX4 KA . -23.95 -16.43 26.61
C10 PX4 KA . -22.10 -14.93 26.93
C11 PX4 KA . -21.85 -13.42 26.97
C12 PX4 KA . -20.46 -13.16 27.53
C13 PX4 KA . -20.49 -13.21 29.06
C14 PX4 KA . -21.14 -12.00 29.73
C15 PX4 KA . -21.10 -12.15 31.25
C16 PX4 KA . -21.75 -10.89 31.85
C17 PX4 KA . -22.14 -11.02 33.32
C18 PX4 KA . -23.30 -12.00 33.33
C19 PX4 KA . -23.91 -12.01 34.73
C20 PX4 KA . -25.16 -12.86 34.97
C21 PX4 KA . -25.88 -12.60 36.29
C22 PX4 KA . -27.05 -13.59 36.45
O7 PX4 KA . -26.77 -12.39 26.23
C23 PX4 KA . -28.10 -12.17 26.40
O8 PX4 KA . -28.92 -12.80 25.74
C24 PX4 KA . -28.53 -11.17 27.48
C25 PX4 KA . -28.79 -9.81 26.84
C26 PX4 KA . -29.61 -8.78 27.62
C27 PX4 KA . -28.72 -8.52 28.84
C28 PX4 KA . -29.25 -7.29 29.57
C29 PX4 KA . -30.70 -7.51 30.03
C30 PX4 KA . -31.03 -8.06 31.43
C31 PX4 KA . -32.53 -8.36 31.45
C32 PX4 KA . -32.87 -9.21 32.68
C33 PX4 KA . -32.18 -10.56 32.45
C34 PX4 KA . -32.40 -11.62 33.53
C35 PX4 KA . -31.58 -12.87 33.23
C36 PX4 KA . -31.74 -13.85 34.40
O1 PX4 LA . -22.94 6.45 16.97
O2 PX4 LA . -24.13 4.24 17.31
P1 PX4 LA . -24.04 5.68 17.60
O3 PX4 LA . -25.53 6.26 17.53
C1 PX4 LA . -26.34 5.38 18.32
C2 PX4 LA . -27.36 4.43 17.70
N1 PX4 LA . -28.05 3.31 18.36
C3 PX4 LA . -28.78 2.52 17.38
C4 PX4 LA . -27.22 2.54 19.29
C5 PX4 LA . -29.05 3.98 19.22
O4 PX4 LA . -23.74 5.78 19.18
C6 PX4 LA . -23.07 7.00 19.52
C7 PX4 LA . -22.99 7.15 21.03
C8 PX4 LA . -24.20 6.45 21.65
O5 PX4 LA . -25.24 7.24 22.24
C9 PX4 LA . -26.44 6.62 22.35
O6 PX4 LA . -26.64 5.62 21.67
C10 PX4 LA . -27.56 7.39 23.08
C11 PX4 LA . -28.17 6.50 24.15
C12 PX4 LA . -29.30 7.28 24.83
C13 PX4 LA . -29.92 6.53 26.00
C14 PX4 LA . -29.04 6.55 27.25
C15 PX4 LA . -29.78 5.79 28.35
C16 PX4 LA . -28.88 5.44 29.52
C17 PX4 LA . -29.48 4.79 30.77
C18 PX4 LA . -28.41 4.75 31.88
C19 PX4 LA . -29.07 4.62 33.26
C20 PX4 LA . -28.18 5.02 34.43
C21 PX4 LA . -28.88 5.01 35.79
C22 PX4 LA . -28.09 5.84 36.81
O7 PX4 LA . -21.79 6.67 21.66
C23 PX4 LA . -20.54 7.15 21.43
O8 PX4 LA . -20.32 8.02 20.61
C24 PX4 LA . -19.38 6.45 22.15
C25 PX4 LA . -19.87 5.74 23.41
C26 PX4 LA . -18.95 4.63 23.91
C27 PX4 LA . -19.43 3.93 25.18
C28 PX4 LA . -19.53 5.03 26.25
C29 PX4 LA . -19.92 4.56 27.65
C30 PX4 LA . -19.69 5.75 28.59
C31 PX4 LA . -20.21 5.50 30.00
C32 PX4 LA . -19.71 6.57 30.97
C33 PX4 LA . -20.13 5.96 32.31
C34 PX4 LA . -19.60 6.84 33.46
C35 PX4 LA . -20.12 6.31 34.81
C36 PX4 LA . -19.30 6.88 35.98
O1 PX4 MA . -15.66 0.03 15.19
O2 PX4 MA . -17.17 -0.52 17.14
P1 PX4 MA . -16.55 0.51 16.29
O3 PX4 MA . -17.52 1.70 15.82
C1 PX4 MA . -18.52 1.94 16.81
C2 PX4 MA . -19.58 2.93 16.36
N1 PX4 MA . -20.69 2.50 15.49
C3 PX4 MA . -21.26 1.21 15.90
C4 PX4 MA . -21.80 3.46 15.58
C5 PX4 MA . -20.29 2.39 14.09
O4 PX4 MA . -15.77 1.49 17.30
C6 PX4 MA . -15.58 0.76 18.50
C7 PX4 MA . -15.12 1.67 19.64
C8 PX4 MA . -16.37 2.38 20.14
O5 PX4 MA . -17.60 1.66 20.00
C9 PX4 MA . -18.59 2.05 20.84
O6 PX4 MA . -18.85 3.25 20.86
C10 PX4 MA . -19.76 1.12 21.14
C11 PX4 MA . -19.54 -0.31 21.60
C12 PX4 MA . -20.76 -1.02 22.21
C13 PX4 MA . -21.06 -0.33 23.54
C14 PX4 MA . -20.29 -0.80 24.79
C15 PX4 MA . -21.04 -0.09 25.91
C16 PX4 MA . -20.81 -0.78 27.27
C17 PX4 MA . -21.10 0.01 28.54
C18 PX4 MA . -20.51 -0.77 29.72
C19 PX4 MA . -20.51 0.28 30.84
C20 PX4 MA . -19.97 -0.38 32.09
C21 PX4 MA . -20.55 0.34 33.29
C22 PX4 MA . -20.88 -0.65 34.40
O7 PX4 MA . -14.30 1.05 20.63
C23 PX4 MA . -12.97 1.23 20.40
O8 PX4 MA . -12.56 1.93 19.48
C24 PX4 MA . -11.94 0.71 21.41
C25 PX4 MA . -12.03 1.28 22.83
C26 PX4 MA . -11.13 0.53 23.80
C27 PX4 MA . -10.97 1.19 25.17
C28 PX4 MA . -10.41 2.61 25.03
C29 PX4 MA . -10.45 3.16 26.46
C30 PX4 MA . -9.46 4.29 26.70
C31 PX4 MA . -9.71 4.62 28.16
C32 PX4 MA . -8.86 5.82 28.54
C33 PX4 MA . -8.71 6.11 30.04
C34 PX4 MA . -7.92 7.40 30.32
C35 PX4 MA . -8.09 7.50 31.83
C36 PX4 MA . -7.39 8.76 32.34
O1 PX4 NA . -22.16 -17.25 19.35
O2 PX4 NA . -21.06 -15.10 18.39
P1 PX4 NA . -21.36 -16.01 19.51
O3 PX4 NA . -19.94 -16.71 19.79
C1 PX4 NA . -19.37 -17.18 18.56
C2 PX4 NA . -17.98 -17.71 18.92
N1 PX4 NA . -16.94 -16.68 19.07
C3 PX4 NA . -15.66 -17.36 18.91
C4 PX4 NA . -16.88 -15.52 18.16
C5 PX4 NA . -16.92 -16.10 20.42
O4 PX4 NA . -21.52 -15.22 20.91
C6 PX4 NA . -20.38 -15.37 21.78
C7 PX4 NA . -20.30 -14.75 23.17
C8 PX4 NA . -21.49 -13.78 23.18
O5 PX4 NA . -21.21 -12.44 23.62
C9 PX4 NA . -21.99 -11.41 23.21
O6 PX4 NA . -22.86 -11.69 22.39
C10 PX4 NA . -21.72 -10.00 23.74
C11 PX4 NA . -21.08 -9.88 25.12
C12 PX4 NA . -21.19 -8.47 25.71
C13 PX4 NA . -20.73 -8.60 27.16
C14 PX4 NA . -19.24 -8.95 27.30
C15 PX4 NA . -18.82 -9.39 28.72
C16 PX4 NA . -17.66 -10.39 28.69
C17 PX4 NA . -17.16 -10.69 30.11
C18 PX4 NA . -15.72 -10.30 30.39
C19 PX4 NA . -15.31 -10.52 31.84
C20 PX4 NA . -15.27 -12.01 32.20
C21 PX4 NA . -14.61 -12.41 33.52
C22 PX4 NA . -14.66 -13.92 33.76
O7 PX4 NA . -20.44 -15.76 24.17
C23 PX4 NA . -19.46 -16.66 24.44
O8 PX4 NA . -18.60 -16.90 23.58
C24 PX4 NA . -19.73 -17.66 25.57
C25 PX4 NA . -19.18 -17.08 26.86
C26 PX4 NA . -19.63 -17.78 28.15
C27 PX4 NA . -19.46 -16.86 29.37
C28 PX4 NA . -20.31 -17.32 30.56
C29 PX4 NA . -19.89 -16.67 31.87
C30 PX4 NA . -18.45 -17.09 32.20
C31 PX4 NA . -18.40 -16.84 33.71
C32 PX4 NA . -18.78 -15.37 33.90
C33 PX4 NA . -18.81 -15.02 35.38
C34 PX4 NA . -19.18 -13.55 35.54
C35 PX4 NA . -18.01 -12.74 34.97
C36 PX4 NA . -18.69 -11.44 34.53
O1 PX4 OA . -9.05 -18.78 21.34
O2 PX4 OA . -10.97 -18.45 23.04
P1 PX4 OA . -9.66 -18.05 22.45
O3 PX4 OA . -9.75 -16.59 21.79
C1 PX4 OA . -8.51 -15.89 21.90
C2 PX4 OA . -8.48 -14.51 21.23
N1 PX4 OA . -7.36 -13.72 21.73
C3 PX4 OA . -7.16 -12.70 20.69
C4 PX4 OA . -7.81 -13.01 22.93
C5 PX4 OA . -6.08 -14.40 22.01
O4 PX4 OA . -8.59 -17.73 23.62
C6 PX4 OA . -8.11 -19.04 23.92
C7 PX4 OA . -7.43 -19.37 25.24
C8 PX4 OA . -7.03 -18.03 25.90
O5 PX4 OA . -5.65 -17.67 25.91
C9 PX4 OA . -5.39 -16.34 25.85
O6 PX4 OA . -6.00 -15.52 25.18
C10 PX4 OA . -3.88 -16.09 25.99
C11 PX4 OA . -3.39 -16.37 27.40
C12 PX4 OA . -2.30 -15.36 27.80
C13 PX4 OA . -2.76 -13.95 28.19
C14 PX4 OA . -3.87 -14.01 29.25
C15 PX4 OA . -4.44 -12.68 29.73
C16 PX4 OA . -5.62 -12.94 30.65
C17 PX4 OA . -6.41 -11.67 30.98
C18 PX4 OA . -7.46 -11.93 32.06
C19 PX4 OA . -8.44 -10.74 32.11
C20 PX4 OA . -9.53 -10.94 33.16
C21 PX4 OA . -10.50 -9.75 33.20
C22 PX4 OA . -11.68 -10.00 34.15
O7 PX4 OA . -8.13 -20.27 26.09
C23 PX4 OA . -7.94 -21.62 25.98
O8 PX4 OA . -7.30 -22.08 25.04
C24 PX4 OA . -8.61 -22.48 27.04
C25 PX4 OA . -7.65 -23.62 27.42
C26 PX4 OA . -6.45 -23.32 28.33
C27 PX4 OA . -5.88 -24.66 28.74
C28 PX4 OA . -4.71 -24.65 29.73
C29 PX4 OA . -4.44 -26.03 30.33
C30 PX4 OA . -3.35 -25.86 31.40
C31 PX4 OA . -4.10 -25.62 32.71
C32 PX4 OA . -3.07 -25.94 33.80
C33 PX4 OA . -3.65 -25.81 35.20
C34 PX4 OA . -2.52 -25.61 36.21
C35 PX4 OA . -3.17 -25.93 37.55
C36 PX4 OA . -2.17 -25.37 38.56
O1 PX4 PA . -7.93 -29.83 23.73
O2 PX4 PA . -6.16 -29.68 21.86
P1 PX4 PA . -6.55 -30.06 23.23
O3 PX4 PA . -6.09 -31.60 23.34
C1 PX4 PA . -4.78 -31.54 22.78
C2 PX4 PA . -3.94 -32.80 23.06
N1 PX4 PA . -2.49 -32.64 22.84
C3 PX4 PA . -1.75 -33.84 23.22
C4 PX4 PA . -2.23 -32.46 21.40
C5 PX4 PA . -1.87 -31.51 23.55
O4 PX4 PA . -5.50 -29.42 24.27
C6 PX4 PA . -5.81 -28.09 24.72
C7 PX4 PA . -4.91 -27.36 25.71
C8 PX4 PA . -3.61 -28.09 26.06
O5 PX4 PA . -3.34 -28.26 27.46
C9 PX4 PA . -2.39 -29.14 27.87
O6 PX4 PA . -1.66 -29.77 27.10
C10 PX4 PA . -2.08 -29.20 29.37
C11 PX4 PA . -0.74 -28.56 29.68
C12 PX4 PA . -0.67 -28.83 31.19
C13 PX4 PA . 0.54 -28.14 31.80
C14 PX4 PA . 0.23 -27.81 33.27
C15 PX4 PA . 1.48 -27.53 34.09
C16 PX4 PA . 1.15 -27.30 35.57
C17 PX4 PA . 2.48 -27.00 36.28
C18 PX4 PA . 2.96 -25.62 35.84
C19 PX4 PA . 4.35 -25.35 36.43
C20 PX4 PA . 4.74 -23.90 36.10
C21 PX4 PA . 6.01 -23.74 36.94
C22 PX4 PA . 6.46 -22.29 36.68
O7 PX4 PA . -4.71 -25.97 25.37
C23 PX4 PA . -3.74 -25.57 24.50
O8 PX4 PA . -3.30 -26.34 23.66
C24 PX4 PA . -3.34 -24.09 24.65
C25 PX4 PA . -3.40 -23.60 26.09
C26 PX4 PA . -3.42 -22.07 26.13
C27 PX4 PA . -3.24 -21.66 27.59
C28 PX4 PA . -3.96 -20.31 27.75
C29 PX4 PA . -3.79 -19.84 29.19
C30 PX4 PA . -3.91 -20.98 30.19
C31 PX4 PA . -4.00 -20.46 31.63
C32 PX4 PA . -2.76 -19.73 32.16
C33 PX4 PA . -3.01 -19.17 33.56
C34 PX4 PA . -1.98 -18.07 33.86
C35 PX4 PA . -2.15 -17.21 35.10
C36 PX4 PA . -0.92 -16.32 35.34
O1 PX4 QA . 11.20 -26.88 18.22
O2 PX4 QA . 11.73 -29.17 19.38
P1 PX4 QA . 11.03 -27.87 19.31
O3 PX4 QA . 9.50 -28.22 18.93
C1 PX4 QA . 9.67 -28.88 17.67
C2 PX4 QA . 8.65 -29.90 17.14
N1 PX4 QA . 8.87 -31.31 17.48
C3 PX4 QA . 7.97 -32.08 16.62
C4 PX4 QA . 10.22 -31.88 17.34
C5 PX4 QA . 8.44 -31.60 18.85
O4 PX4 QA . 10.77 -27.38 20.82
C6 PX4 QA . 11.07 -28.41 21.75
C7 PX4 QA . 11.07 -28.04 23.23
C8 PX4 QA . 9.68 -27.46 23.44
O5 PX4 QA . 9.56 -26.55 24.53
C9 PX4 QA . 8.45 -25.77 24.51
O6 PX4 QA . 7.58 -25.98 23.66
C10 PX4 QA . 8.23 -24.93 25.78
C11 PX4 QA . 8.93 -25.49 27.00
C12 PX4 QA . 8.39 -24.87 28.30
C13 PX4 QA . 9.03 -25.70 29.40
C14 PX4 QA . 8.95 -25.30 30.87
C15 PX4 QA . 9.89 -24.12 31.15
C16 PX4 QA . 9.59 -23.73 32.60
C17 PX4 QA . 9.94 -24.86 33.59
C18 PX4 QA . 9.73 -24.55 35.07
C19 PX4 QA . 10.48 -23.25 35.36
C20 PX4 QA . 10.30 -22.74 36.78
C21 PX4 QA . 11.26 -21.58 37.08
C22 PX4 QA . 11.04 -20.98 38.46
O7 PX4 QA . 11.46 -29.16 24.04
C23 PX4 QA . 12.68 -29.74 24.09
O8 PX4 QA . 13.32 -29.70 23.05
C24 PX4 QA . 13.25 -30.44 25.33
C25 PX4 QA . 13.00 -29.56 26.56
C26 PX4 QA . 13.50 -30.34 27.78
C27 PX4 QA . 13.28 -29.65 29.12
C28 PX4 QA . 13.80 -30.58 30.21
C29 PX4 QA . 13.33 -30.10 31.58
C30 PX4 QA . 13.78 -31.06 32.68
C31 PX4 QA . 13.33 -30.76 34.11
C32 PX4 QA . 13.59 -32.03 34.92
C33 PX4 QA . 13.16 -31.94 36.38
C34 PX4 QA . 13.78 -33.11 37.14
C35 PX4 QA . 13.23 -33.29 38.56
C36 PX4 QA . 13.93 -34.54 39.11
O1 PX4 RA . -33.61 -2.62 19.32
O2 PX4 RA . -32.78 -1.29 17.28
P1 PX4 RA . -32.64 -1.70 18.68
O3 PX4 RA . -31.15 -2.32 18.78
C1 PX4 RA . -31.44 -3.67 18.39
C2 PX4 RA . -30.22 -4.49 17.97
N1 PX4 RA . -29.35 -4.90 19.09
C3 PX4 RA . -30.13 -5.56 20.15
C4 PX4 RA . -28.29 -5.85 18.68
C5 PX4 RA . -28.53 -3.78 19.56
O4 PX4 RA . -32.48 -0.46 19.70
C6 PX4 RA . -31.41 -0.61 20.63
C7 PX4 RA . -30.90 0.65 21.32
C8 PX4 RA . -32.16 1.42 21.71
O5 PX4 RA . -33.22 0.72 22.36
C9 PX4 RA . -34.50 0.84 21.91
O6 PX4 RA . -34.84 1.55 20.96
C10 PX4 RA . -35.49 -0.01 22.69
C11 PX4 RA . -35.04 0.10 24.15
C12 PX4 RA . -36.07 -0.51 25.11
C13 PX4 RA . -35.70 -0.25 26.56
C14 PX4 RA . -36.92 -0.57 27.42
C15 PX4 RA . -36.37 -0.77 28.85
C16 PX4 RA . -37.36 -1.19 29.93
C17 PX4 RA . -36.64 -1.48 31.25
C18 PX4 RA . -37.42 -2.66 31.85
C19 PX4 RA . -38.87 -2.42 32.22
C20 PX4 RA . -39.60 -3.56 32.93
C21 PX4 RA . -40.72 -2.92 33.75
C22 PX4 RA . -41.37 -4.01 34.61
O7 PX4 RA . -29.94 0.40 22.35
C23 PX4 RA . -28.70 -0.10 22.09
O8 PX4 RA . -28.20 0.15 21.01
C24 PX4 RA . -27.94 -0.64 23.30
C25 PX4 RA . -26.43 -0.50 23.09
C26 PX4 RA . -25.70 -0.86 24.39
C27 PX4 RA . -26.06 0.15 25.48
C28 PX4 RA . -25.37 -0.19 26.81
C29 PX4 RA . -25.89 0.77 27.89
C30 PX4 RA . -25.01 0.52 29.11
C31 PX4 RA . -25.44 1.47 30.23
C32 PX4 RA . -24.77 1.13 31.57
C33 PX4 RA . -24.79 2.19 32.68
C34 PX4 RA . -24.66 1.51 34.05
C35 PX4 RA . -24.75 2.52 35.20
C36 PX4 RA . -24.57 1.89 36.57
O1 PX4 SA . -29.84 -10.71 17.89
O2 PX4 SA . -31.43 -12.67 18.44
P1 PX4 SA . -30.98 -11.27 18.65
O3 PX4 SA . -32.22 -10.38 18.16
C1 PX4 SA . -33.38 -10.80 18.88
C2 PX4 SA . -34.67 -10.64 18.08
N1 PX4 SA . -35.16 -11.85 17.40
C3 PX4 SA . -34.16 -12.24 16.41
C4 PX4 SA . -35.45 -13.01 18.27
C5 PX4 SA . -36.33 -11.62 16.54
O4 PX4 SA . -30.85 -10.87 20.20
C6 PX4 SA . -29.95 -9.77 20.34
C7 PX4 SA . -29.65 -9.25 21.74
C8 PX4 SA . -30.76 -9.87 22.60
O5 PX4 SA . -31.60 -8.84 23.13
C9 PX4 SA . -32.39 -9.04 24.20
O6 PX4 SA . -32.21 -10.04 24.92
C10 PX4 SA . -33.24 -7.84 24.62
C11 PX4 SA . -32.74 -7.21 25.93
C12 PX4 SA . -33.32 -5.81 26.16
C13 PX4 SA . -32.79 -5.37 27.52
C14 PX4 SA . -33.16 -3.88 27.65
C15 PX4 SA . -32.68 -3.10 28.87
C16 PX4 SA . -33.17 -3.86 30.11
C17 PX4 SA . -32.87 -3.00 31.33
C18 PX4 SA . -33.55 -3.40 32.64
C19 PX4 SA . -32.78 -2.61 33.71
C20 PX4 SA . -33.31 -3.10 35.05
C21 PX4 SA . -32.80 -2.32 36.26
C22 PX4 SA . -33.74 -2.67 37.41
O7 PX4 SA . -28.36 -9.56 22.25
C23 PX4 SA . -27.37 -8.62 22.21
O8 PX4 SA . -27.48 -7.73 21.36
C24 PX4 SA . -26.03 -8.81 22.93
C25 PX4 SA . -26.06 -8.53 24.43
C26 PX4 SA . -24.71 -8.15 25.04
C27 PX4 SA . -24.97 -7.96 26.53
C28 PX4 SA . -24.75 -9.34 27.14
C29 PX4 SA . -25.13 -9.26 28.63
C30 PX4 SA . -24.20 -8.25 29.29
C31 PX4 SA . -24.36 -8.14 30.81
C32 PX4 SA . -25.72 -7.50 31.13
C33 PX4 SA . -25.64 -7.42 32.66
C34 PX4 SA . -25.76 -8.80 33.33
C35 PX4 SA . -27.19 -9.27 33.06
C36 PX4 SA . -27.22 -10.75 32.64
O1 PX4 TA . -10.43 10.24 13.09
O2 PX4 TA . -13.03 10.54 13.03
P1 PX4 TA . -11.70 10.74 13.66
O3 PX4 TA . -11.52 12.33 13.74
C1 PX4 TA . -12.46 12.65 14.77
C2 PX4 TA . -13.05 14.07 14.72
N1 PX4 TA . -14.42 14.21 14.21
C3 PX4 TA . -15.07 15.47 14.58
C4 PX4 TA . -14.25 14.44 12.76
C5 PX4 TA . -15.37 13.10 14.34
O4 PX4 TA . -11.79 10.29 15.20
C6 PX4 TA . -11.36 8.94 15.40
C7 PX4 TA . -11.37 8.50 16.86
C8 PX4 TA . -11.99 9.65 17.68
O5 PX4 TA . -11.83 9.55 19.10
C9 PX4 TA . -12.82 10.05 19.90
O6 PX4 TA . -13.68 10.81 19.50
C10 PX4 TA . -12.86 9.52 21.34
C11 PX4 TA . -14.32 9.21 21.74
C12 PX4 TA . -14.24 8.93 23.24
C13 PX4 TA . -15.59 9.07 23.94
C14 PX4 TA . -15.40 8.76 25.42
C15 PX4 TA . -16.63 9.22 26.24
C16 PX4 TA . -16.47 8.93 27.74
C17 PX4 TA . -17.77 9.26 28.46
C18 PX4 TA . -17.51 9.27 29.98
C19 PX4 TA . -18.57 10.04 30.77
C20 PX4 TA . -18.10 10.55 32.13
C21 PX4 TA . -17.58 11.98 31.91
C22 PX4 TA . -16.93 12.61 33.14
O7 PX4 TA . -12.20 7.35 17.00
C23 PX4 TA . -11.63 6.13 17.20
O8 PX4 TA . -10.53 5.87 16.72
C24 PX4 TA . -12.66 5.09 17.64
C25 PX4 TA . -12.82 4.97 19.15
C26 PX4 TA . -13.89 5.87 19.79
C27 PX4 TA . -14.49 5.42 21.13
C28 PX4 TA . -13.57 5.39 22.35
C29 PX4 TA . -14.24 4.83 23.60
C30 PX4 TA . -13.77 5.58 24.85
C31 PX4 TA . -14.17 5.05 26.23
C32 PX4 TA . -13.48 5.76 27.39
C33 PX4 TA . -13.90 4.93 28.60
C34 PX4 TA . -13.20 5.32 29.90
C35 PX4 TA . -12.62 4.03 30.48
C36 PX4 TA . -12.15 4.44 31.88
O1 PX4 UA . -8.03 12.54 16.05
O2 PX4 UA . -10.39 12.47 17.11
P1 PX4 UA . -9.02 13.01 17.05
O3 PX4 UA . -9.15 14.61 16.98
C1 PX4 UA . -9.92 14.83 18.17
C2 PX4 UA . -10.41 16.29 18.13
N1 PX4 UA . -11.36 16.77 19.15
C3 PX4 UA . -10.90 16.54 20.52
C4 PX4 UA . -11.43 18.24 19.04
C5 PX4 UA . -12.73 16.29 18.87
O4 PX4 UA . -8.33 12.93 18.50
C6 PX4 UA . -8.38 11.60 19.02
C7 PX4 UA . -7.13 10.80 19.37
C8 PX4 UA . -6.08 11.75 19.96
O5 PX4 UA . -4.70 11.44 19.70
C9 PX4 UA . -3.89 11.72 20.75
O6 PX4 UA . -4.28 12.23 21.79
C10 PX4 UA . -2.39 11.49 20.49
C11 PX4 UA . -1.54 11.48 21.75
C12 PX4 UA . -0.11 11.24 21.30
C13 PX4 UA . 0.74 10.93 22.53
C14 PX4 UA . 0.20 9.62 23.11
C15 PX4 UA . 0.88 9.28 24.43
C16 PX4 UA . 0.02 8.12 24.95
C17 PX4 UA . 0.15 6.86 24.11
C18 PX4 UA . -0.37 5.55 24.70
C19 PX4 UA . 0.34 5.25 26.01
C20 PX4 UA . -0.13 4.01 26.76
C21 PX4 UA . 0.95 3.75 27.83
C22 PX4 UA . 1.06 4.91 28.83
O7 PX4 UA . -7.37 9.56 20.02
C23 PX4 UA . -7.88 8.54 19.28
O8 PX4 UA . -7.88 8.60 18.05
C24 PX4 UA . -8.29 7.23 19.95
C25 PX4 UA . -9.65 7.17 20.66
C26 PX4 UA . -9.51 6.03 21.67
C27 PX4 UA . -9.28 6.57 23.07
C28 PX4 UA . -10.44 7.44 23.57
C29 PX4 UA . -9.89 8.22 24.75
C30 PX4 UA . -11.12 8.83 25.44
C31 PX4 UA . -10.73 9.54 26.74
C32 PX4 UA . -11.93 9.91 27.60
C33 PX4 UA . -11.62 9.63 29.07
C34 PX4 UA . -12.87 9.91 29.89
C35 PX4 UA . -12.52 10.43 31.29
C36 PX4 UA . -11.62 9.50 32.13
O1 PX4 VA . -18.85 -11.02 17.75
O2 PX4 VA . -20.58 -9.44 16.60
P1 PX4 VA . -19.42 -9.68 17.50
O3 PX4 VA . -18.14 -8.83 17.06
C1 PX4 VA . -18.41 -7.76 16.15
C2 PX4 VA . -17.18 -7.03 15.61
N1 PX4 VA . -17.38 -5.76 14.90
C3 PX4 VA . -16.18 -4.93 14.77
C4 PX4 VA . -17.78 -6.18 13.55
C5 PX4 VA . -18.51 -5.06 15.53
O4 PX4 VA . -19.59 -8.99 18.95
C6 PX4 VA . -18.49 -9.29 19.82
C7 PX4 VA . -18.26 -8.12 20.77
C8 PX4 VA . -19.63 -7.51 21.08
O5 PX4 VA . -19.82 -6.13 21.39
C9 PX4 VA . -21.12 -5.85 21.66
O6 PX4 VA . -22.06 -6.53 21.23
C10 PX4 VA . -21.42 -4.53 22.37
C11 PX4 VA . -21.55 -4.83 23.87
C12 PX4 VA . -22.48 -3.90 24.65
C13 PX4 VA . -22.57 -4.48 26.05
C14 PX4 VA . -23.26 -3.51 27.02
C15 PX4 VA . -23.41 -4.12 28.42
C16 PX4 VA . -23.73 -3.08 29.48
C17 PX4 VA . -24.09 -3.77 30.80
C18 PX4 VA . -24.03 -2.96 32.10
C19 PX4 VA . -24.26 -3.78 33.36
C20 PX4 VA . -24.18 -2.87 34.59
C21 PX4 VA . -24.49 -3.66 35.87
C22 PX4 VA . -24.46 -2.66 37.02
O7 PX4 VA . -17.53 -8.46 21.94
C23 PX4 VA . -16.29 -9.01 21.75
O8 PX4 VA . -15.68 -8.97 20.69
C24 PX4 VA . -15.58 -9.41 23.05
C25 PX4 VA . -14.59 -8.32 23.48
C26 PX4 VA . -13.71 -8.68 24.66
C27 PX4 VA . -14.53 -8.88 25.94
C28 PX4 VA . -13.60 -9.09 27.13
C29 PX4 VA . -12.84 -7.77 27.34
C30 PX4 VA . -11.92 -7.81 28.56
C31 PX4 VA . -11.29 -6.42 28.57
C32 PX4 VA . -9.96 -6.34 29.34
C33 PX4 VA . -10.23 -6.56 30.84
C34 PX4 VA . -10.60 -5.22 31.46
C35 PX4 VA . -10.98 -5.51 32.92
C36 PX4 VA . -12.33 -6.22 33.00
O1 PX4 WA . -11.79 -3.50 18.70
O2 PX4 WA . -13.94 -2.59 17.71
P1 PX4 WA . -12.93 -2.56 18.79
O3 PX4 WA . -12.13 -1.18 18.50
C1 PX4 WA . -12.17 -0.69 17.16
C2 PX4 WA . -11.27 0.54 17.02
N1 PX4 WA . -11.26 1.22 15.71
C3 PX4 WA . -12.57 1.86 15.49
C4 PX4 WA . -10.46 2.42 15.99
C5 PX4 WA . -10.58 0.57 14.57
O4 PX4 WA . -13.49 -2.44 20.30
C6 PX4 WA . -14.86 -2.78 20.54
C7 PX4 WA . -15.32 -2.76 22.00
C8 PX4 WA . -15.56 -1.28 22.30
O5 PX4 WA . -15.22 -0.78 23.60
C9 PX4 WA . -15.97 0.35 23.73
O6 PX4 WA . -16.66 0.88 22.84
C10 PX4 WA . -15.65 1.07 25.03
C11 PX4 WA . -16.58 0.59 26.15
C12 PX4 WA . -16.76 1.76 27.11
C13 PX4 WA . -16.83 1.28 28.57
C14 PX4 WA . -16.91 2.53 29.45
C15 PX4 WA . -16.65 2.14 30.90
C16 PX4 WA . -16.92 3.26 31.90
C17 PX4 WA . -16.58 2.78 33.32
C18 PX4 WA . -16.77 3.90 34.35
C19 PX4 WA . -16.45 3.42 35.77
C20 PX4 WA . -17.21 2.17 36.20
C21 PX4 WA . -16.46 1.48 37.33
C22 PX4 WA . -17.20 0.23 37.78
O7 PX4 WA . -16.44 -3.55 22.40
C23 PX4 WA . -16.10 -4.75 22.94
O8 PX4 WA . -15.14 -5.30 22.43
C24 PX4 WA . -17.24 -5.42 23.73
C25 PX4 WA . -17.81 -4.59 24.87
C26 PX4 WA . -16.85 -4.25 26.02
C27 PX4 WA . -17.71 -3.74 27.17
C28 PX4 WA . -18.49 -4.84 27.88
C29 PX4 WA . -19.39 -4.31 29.00
C30 PX4 WA . -20.02 -5.44 29.83
C31 PX4 WA . -20.60 -4.92 31.14
C32 PX4 WA . -21.09 -6.14 31.91
C33 PX4 WA . -21.56 -5.83 33.32
C34 PX4 WA . -22.05 -7.05 34.11
C35 PX4 WA . -22.54 -6.74 35.52
C36 PX4 WA . -23.12 -7.98 36.23
O1 PX4 XA . 4.68 -4.67 18.00
O2 PX4 XA . 2.98 -3.36 16.51
P1 PX4 XA . 4.16 -3.42 17.41
O3 PX4 XA . 5.52 -2.70 16.90
C1 PX4 XA . 6.52 -2.94 17.90
C2 PX4 XA . 7.94 -3.21 17.40
N1 PX4 XA . 9.01 -3.33 18.42
C3 PX4 XA . 9.07 -2.10 19.21
C4 PX4 XA . 8.98 -4.50 19.31
C5 PX4 XA . 10.25 -3.47 17.66
O4 PX4 XA . 3.92 -2.44 18.67
C6 PX4 XA . 2.93 -3.11 19.45
C7 PX4 XA . 2.98 -2.87 20.96
C8 PX4 XA . 4.38 -2.56 21.48
O5 PX4 XA . 4.99 -3.52 22.34
C9 PX4 XA . 6.35 -3.57 22.42
O6 PX4 XA . 6.97 -2.73 21.78
C10 PX4 XA . 6.97 -4.50 23.46
C11 PX4 XA . 7.18 -3.54 24.64
C12 PX4 XA . 7.38 -4.30 25.94
C13 PX4 XA . 6.24 -5.33 26.06
C14 PX4 XA . 6.34 -6.19 27.32
C15 PX4 XA . 6.43 -5.28 28.54
C16 PX4 XA . 6.63 -6.00 29.88
C17 PX4 XA . 7.14 -5.05 30.96
C18 PX4 XA . 7.42 -5.86 32.22
C19 PX4 XA . 6.09 -6.59 32.49
C20 PX4 XA . 6.18 -7.70 33.54
C21 PX4 XA . 7.02 -8.89 33.04
C22 PX4 XA . 7.19 -9.95 34.13
O7 PX4 XA . 1.99 -1.99 21.50
C23 PX4 XA . 0.70 -2.37 21.32
O8 PX4 XA . 0.28 -3.38 20.72
C24 PX4 XA . -0.30 -1.53 22.12
C25 PX4 XA . 0.08 -1.74 23.60
C26 PX4 XA . -0.93 -1.11 24.56
C27 PX4 XA . -0.56 -1.24 26.03
C28 PX4 XA . -1.39 -0.31 26.94
C29 PX4 XA . -0.81 -0.31 28.35
C30 PX4 XA . -1.43 0.73 29.29
C31 PX4 XA . -0.86 0.59 30.70
C32 PX4 XA . -1.73 1.42 31.66
C33 PX4 XA . -0.92 1.56 32.94
C34 PX4 XA . -0.64 0.21 33.61
C35 PX4 XA . 0.39 0.32 34.75
C36 PX4 XA . 1.00 -0.99 35.25
O1 PX4 YA . 6.02 -12.18 15.80
O2 PX4 YA . 5.23 -9.74 15.84
P1 PX4 YA . 6.02 -10.84 16.44
O3 PX4 YA . 7.55 -10.32 16.54
C1 PX4 YA . 8.33 -11.50 16.81
C2 PX4 YA . 9.75 -11.23 17.29
N1 PX4 YA . 10.74 -12.28 17.03
C3 PX4 YA . 10.93 -12.33 15.56
C4 PX4 YA . 11.95 -11.74 17.64
C5 PX4 YA . 10.47 -13.63 17.55
O4 PX4 YA . 5.91 -11.10 18.04
C6 PX4 YA . 5.91 -9.86 18.75
C7 PX4 YA . 6.21 -9.92 20.25
C8 PX4 YA . 5.43 -11.08 20.85
O5 PX4 YA . 5.39 -11.13 22.28
C9 PX4 YA . 4.85 -12.25 22.85
O6 PX4 YA . 4.39 -13.14 22.14
C10 PX4 YA . 4.40 -12.20 24.31
C11 PX4 YA . 5.02 -11.01 25.05
C12 PX4 YA . 4.55 -11.08 26.50
C13 PX4 YA . 5.20 -10.07 27.45
C14 PX4 YA . 4.85 -10.31 28.92
C15 PX4 YA . 5.24 -11.73 29.35
C16 PX4 YA . 4.82 -11.89 30.82
C17 PX4 YA . 5.26 -13.21 31.44
C18 PX4 YA . 5.04 -13.41 32.95
C19 PX4 YA . 3.53 -13.33 33.22
C20 PX4 YA . 3.34 -13.41 34.74
C21 PX4 YA . 2.02 -12.88 35.28
C22 PX4 YA . 1.91 -13.28 36.77
O7 PX4 YA . 7.57 -9.64 20.63
C23 PX4 YA . 7.73 -8.36 21.05
O8 PX4 YA . 6.92 -7.47 20.78
C24 PX4 YA . 8.95 -8.08 21.93
C25 PX4 YA . 8.68 -8.18 23.43
C26 PX4 YA . 9.60 -7.36 24.33
C27 PX4 YA . 9.30 -7.89 25.74
C28 PX4 YA . 10.34 -7.31 26.70
C29 PX4 YA . 10.18 -7.65 28.18
C30 PX4 YA . 10.02 -9.16 28.33
C31 PX4 YA . 9.95 -9.61 29.78
C32 PX4 YA . 9.66 -11.07 30.10
C33 PX4 YA . 9.90 -11.65 31.51
C34 PX4 YA . 9.32 -13.06 31.64
C35 PX4 YA . 9.60 -13.59 33.04
C36 PX4 YA . 8.85 -14.89 33.28
O1 PX4 ZA . 13.19 -22.49 18.25
O2 PX4 ZA . 11.97 -20.46 17.20
P1 PX4 ZA . 12.64 -21.14 18.34
O3 PX4 ZA . 13.97 -20.25 18.29
C1 PX4 ZA . 14.84 -20.73 17.25
C2 PX4 ZA . 16.32 -20.37 17.18
N1 PX4 ZA . 17.11 -20.59 18.40
C3 PX4 ZA . 17.06 -21.98 18.85
C4 PX4 ZA . 18.54 -20.31 18.26
C5 PX4 ZA . 16.75 -19.75 19.56
O4 PX4 ZA . 12.25 -20.46 19.75
C6 PX4 ZA . 13.12 -20.89 20.80
C7 PX4 ZA . 12.86 -20.30 22.18
C8 PX4 ZA . 12.09 -21.35 22.99
O5 PX4 ZA . 12.81 -22.60 22.94
C9 PX4 ZA . 12.02 -23.66 23.27
O6 PX4 ZA . 10.78 -23.63 23.40
C10 PX4 ZA . 12.78 -24.93 23.65
C11 PX4 ZA . 12.95 -24.79 25.15
C12 PX4 ZA . 13.77 -25.96 25.71
C13 PX4 ZA . 14.19 -25.64 27.14
C14 PX4 ZA . 12.84 -25.34 27.81
C15 PX4 ZA . 13.05 -24.90 29.26
C16 PX4 ZA . 13.93 -25.96 29.93
C17 PX4 ZA . 13.76 -25.67 31.43
C18 PX4 ZA . 14.49 -26.66 32.35
C19 PX4 ZA . 14.34 -26.20 33.79
C20 PX4 ZA . 14.38 -27.41 34.73
C21 PX4 ZA . 14.69 -27.05 36.19
C22 PX4 ZA . 13.81 -25.94 36.74
O7 PX4 ZA . 14.09 -19.80 22.70
C23 PX4 ZA . 14.51 -18.52 22.50
O8 PX4 ZA . 13.76 -17.71 21.95
C24 PX4 ZA . 15.78 -18.13 23.26
C25 PX4 ZA . 15.40 -17.19 24.41
C26 PX4 ZA . 16.63 -16.54 25.04
C27 PX4 ZA . 16.21 -15.83 26.33
C28 PX4 ZA . 15.75 -16.80 27.43
C29 PX4 ZA . 15.47 -16.11 28.76
C30 PX4 ZA . 15.08 -16.99 29.95
C31 PX4 ZA . 14.70 -16.24 31.23
C32 PX4 ZA . 14.60 -17.13 32.48
C33 PX4 ZA . 14.37 -16.25 33.71
C34 PX4 ZA . 13.68 -17.11 34.77
C35 PX4 ZA . 13.23 -16.16 35.88
C36 PX4 ZA . 12.62 -16.99 37.01
O1 PX4 AB . 17.81 -25.00 17.20
O2 PX4 AB . 19.51 -26.52 18.64
P1 PX4 AB . 18.26 -25.74 18.41
O3 PX4 AB . 17.20 -26.94 18.36
C1 PX4 AB . 17.52 -27.89 17.35
C2 PX4 AB . 16.54 -29.05 17.18
N1 PX4 AB . 16.69 -30.21 18.07
C3 PX4 AB . 17.92 -30.97 17.83
C4 PX4 AB . 16.56 -29.83 19.50
C5 PX4 AB . 15.53 -31.03 17.73
O4 PX4 AB . 17.70 -25.20 19.81
C6 PX4 AB . 17.92 -26.22 20.79
C7 PX4 AB . 17.75 -25.89 22.27
C8 PX4 AB . 16.99 -24.56 22.22
O5 PX4 AB . 16.62 -23.87 23.41
C9 PX4 AB . 16.47 -22.53 23.16
O6 PX4 AB . 16.76 -22.03 22.08
C10 PX4 AB . 15.93 -21.73 24.35
C11 PX4 AB . 17.03 -21.23 25.30
C12 PX4 AB . 16.64 -21.64 26.70
C13 PX4 AB . 17.07 -20.55 27.69
C14 PX4 AB . 16.81 -21.09 29.08
C15 PX4 AB . 15.34 -21.47 29.32
C16 PX4 AB . 15.07 -21.84 30.77
C17 PX4 AB . 13.59 -21.64 31.13
C18 PX4 AB . 13.32 -21.96 32.60
C19 PX4 AB . 14.43 -21.31 33.43
C20 PX4 AB . 14.44 -21.98 34.82
C21 PX4 AB . 15.31 -21.18 35.79
C22 PX4 AB . 15.42 -21.83 37.17
O7 PX4 AB . 17.05 -26.94 22.94
C23 PX4 AB . 17.86 -27.97 23.33
O8 PX4 AB . 19.06 -27.96 23.08
C24 PX4 AB . 17.24 -28.97 24.30
C25 PX4 AB . 17.54 -28.63 25.75
C26 PX4 AB . 17.37 -29.78 26.73
C27 PX4 AB . 17.84 -29.24 28.10
C28 PX4 AB . 17.79 -30.23 29.27
C29 PX4 AB . 17.95 -29.48 30.60
C30 PX4 AB . 17.97 -30.53 31.71
C31 PX4 AB . 18.05 -29.82 33.07
C32 PX4 AB . 18.04 -30.74 34.29
C33 PX4 AB . 17.88 -30.02 35.63
C34 PX4 AB . 17.97 -31.21 36.60
C35 PX4 AB . 17.74 -30.58 37.97
C36 PX4 AB . 17.93 -31.54 39.14
O1 PX4 BB . -15.59 14.51 17.56
O2 PX4 BB . -15.84 11.89 17.78
P1 PX4 BB . -16.30 13.29 17.98
O3 PX4 BB . -17.82 13.22 17.47
C1 PX4 BB . -18.60 12.16 18.03
C2 PX4 BB . -19.14 11.37 16.83
N1 PX4 BB . -20.60 11.30 16.61
C3 PX4 BB . -21.38 12.49 16.26
C4 PX4 BB . -20.85 10.40 15.49
C5 PX4 BB . -21.38 10.74 17.71
O4 PX4 BB . -16.63 13.39 19.55
C6 PX4 BB . -15.31 13.34 20.12
C7 PX4 BB . -15.34 13.25 21.64
C8 PX4 BB . -16.58 12.45 22.07
O5 PX4 BB . -17.46 13.08 23.00
C9 PX4 BB . -18.59 12.38 23.28
O6 PX4 BB . -18.80 11.32 22.70
C10 PX4 BB . -19.54 13.15 24.19
C11 PX4 BB . -19.32 12.98 25.70
C12 PX4 BB . -20.31 13.59 26.71
C13 PX4 BB . -20.07 15.10 26.70
C14 PX4 BB . -20.79 15.80 27.85
C15 PX4 BB . -20.42 15.03 29.13
C16 PX4 BB . -20.96 15.57 30.45
C17 PX4 BB . -20.57 14.73 31.67
C18 PX4 BB . -21.11 15.28 33.00
C19 PX4 BB . -20.90 14.21 34.10
C20 PX4 BB . -21.74 14.72 35.26
C21 PX4 BB . -21.30 14.09 36.57
C22 PX4 BB . -22.36 13.14 37.13
O7 PX4 BB . -14.11 12.79 22.19
C23 PX4 BB . -13.03 13.61 22.23
O8 PX4 BB . -13.16 14.82 22.04
C24 PX4 BB . -11.73 12.98 22.76
C25 PX4 BB . -10.66 12.98 21.66
C26 PX4 BB . -9.29 12.76 22.28
C27 PX4 BB . -9.20 11.30 22.75
C28 PX4 BB . -7.79 10.97 23.23
C29 PX4 BB . -7.48 12.02 24.30
C30 PX4 BB . -7.65 11.59 25.77
C31 PX4 BB . -7.39 12.74 26.73
C32 PX4 BB . -7.64 12.22 28.15
C33 PX4 BB . -7.33 13.29 29.19
C34 PX4 BB . -7.40 12.84 30.65
C35 PX4 BB . -8.89 12.62 30.94
C36 PX4 BB . -9.72 13.89 30.92
O1 PX4 CB . -4.98 13.98 16.68
O2 PX4 CB . -5.94 15.21 18.83
P1 PX4 CB . -5.10 15.12 17.61
O3 PX4 CB . -5.49 16.29 16.56
C1 PX4 CB . -6.74 16.86 16.94
C2 PX4 CB . -7.32 17.92 16.01
N1 PX4 CB . -7.65 17.69 14.60
C3 PX4 CB . -8.28 18.86 13.99
C4 PX4 CB . -6.53 17.35 13.71
C5 PX4 CB . -8.69 16.65 14.43
O4 PX4 CB . -3.66 15.65 18.07
C6 PX4 CB . -3.80 16.73 19.01
C7 PX4 CB . -3.52 16.43 20.48
C8 PX4 CB . -1.99 16.51 20.58
O5 PX4 CB . -1.48 15.59 21.55
C9 PX4 CB . -1.64 15.83 22.86
O6 PX4 CB . -1.74 17.02 23.22
C10 PX4 CB . -1.37 14.69 23.84
C11 PX4 CB . -2.36 14.68 25.01
C12 PX4 CB . -1.99 13.49 25.91
C13 PX4 CB . -2.76 13.60 27.23
C14 PX4 CB . -2.31 12.45 28.14
C15 PX4 CB . -0.81 12.61 28.30
C16 PX4 CB . -0.10 11.69 29.32
C17 PX4 CB . 1.41 11.88 29.32
C18 PX4 CB . 2.05 11.07 30.45
C19 PX4 CB . 2.44 9.64 30.04
C20 PX4 CB . 3.11 9.04 31.28
C21 PX4 CB . 1.93 8.62 32.15
C22 PX4 CB . 2.39 8.17 33.53
O7 PX4 CB . -4.39 17.06 21.43
C23 PX4 CB . -4.43 18.40 21.66
O8 PX4 CB . -3.65 19.20 21.15
C24 PX4 CB . -5.39 18.73 22.80
C25 PX4 CB . -4.99 18.25 24.21
C26 PX4 CB . -6.25 18.21 25.05
C27 PX4 CB . -7.34 17.46 24.29
C28 PX4 CB . -8.59 17.31 25.16
C29 PX4 CB . -9.83 16.92 24.34
C30 PX4 CB . -10.91 16.58 25.36
C31 PX4 CB . -10.44 15.36 26.15
C32 PX4 CB . -11.52 15.04 27.18
C33 PX4 CB . -12.78 14.63 26.41
C34 PX4 CB . -13.91 14.09 27.27
C35 PX4 CB . -15.21 13.78 26.54
C36 PX4 CB . -14.72 12.73 25.55
O1 PX4 DB . -6.27 -1.68 17.00
O2 PX4 DB . -8.86 -2.15 16.84
P1 PX4 DB . -7.68 -1.48 17.41
O3 PX4 DB . -8.05 0.09 17.38
C1 PX4 DB . -6.85 0.83 17.60
C2 PX4 DB . -6.96 2.36 17.56
N1 PX4 DB . -5.82 3.19 17.95
C3 PX4 DB . -6.22 4.23 18.89
C4 PX4 DB . -4.86 2.40 18.76
C5 PX4 DB . -5.18 3.82 16.78
O4 PX4 DB . -7.81 -1.83 18.96
C6 PX4 DB . -8.95 -1.14 19.51
C7 PX4 DB . -8.87 -1.20 21.04
C8 PX4 DB . -9.37 -2.57 21.48
O5 PX4 DB . -10.34 -2.61 22.54
C9 PX4 DB . -11.35 -3.52 22.44
O6 PX4 DB . -11.06 -4.63 22.01
C10 PX4 DB . -12.26 -3.39 23.67
C11 PX4 DB . -11.68 -4.18 24.85
C12 PX4 DB . -12.87 -4.13 25.82
C13 PX4 DB . -13.07 -2.65 26.14
C14 PX4 DB . -14.18 -2.29 27.13
C15 PX4 DB . -13.78 -3.01 28.42
C16 PX4 DB . -14.82 -2.93 29.54
C17 PX4 DB . -15.17 -4.30 30.13
C18 PX4 DB . -15.87 -4.33 31.48
C19 PX4 DB . -16.31 -5.77 31.84
C20 PX4 DB . -16.56 -6.04 33.32
C21 PX4 DB . -16.55 -7.49 33.80
C22 PX4 DB . -17.84 -8.23 33.38
O7 PX4 DB . -7.63 -0.78 21.60
C23 PX4 DB . -7.47 0.58 21.61
O8 PX4 DB . -8.42 1.24 21.17
C24 PX4 DB . -6.05 1.11 21.82
C25 PX4 DB . -5.85 1.75 23.20
C26 PX4 DB . -4.37 2.11 23.39
C27 PX4 DB . -4.19 2.86 24.71
C28 PX4 DB . -4.80 2.08 25.87
C29 PX4 DB . -5.34 3.13 26.83
C30 PX4 DB . -6.11 2.42 27.96
C31 PX4 DB . -5.58 2.89 29.32
C32 PX4 DB . -6.24 2.39 30.60
C33 PX4 DB . -5.50 3.17 31.69
C34 PX4 DB . -5.78 2.70 33.11
C35 PX4 DB . -7.27 2.64 33.42
C36 PX4 DB . -7.43 2.35 34.92
O1 PX4 EB . -7.51 -5.15 21.12
O2 PX4 EB . -6.38 -6.65 19.31
P1 PX4 EB . -6.32 -5.63 20.38
O3 PX4 EB . -5.25 -6.14 21.48
C1 PX4 EB . -4.24 -6.83 20.73
C2 PX4 EB . -3.11 -7.43 21.57
N1 PX4 EB . -2.11 -6.67 22.32
C3 PX4 EB . -2.39 -6.46 23.75
C4 PX4 EB . -0.90 -7.52 22.23
C5 PX4 EB . -1.85 -5.32 21.81
O4 PX4 EB . -5.30 -4.46 19.96
C6 PX4 EB . -5.48 -3.43 20.93
C7 PX4 EB . -4.27 -2.68 21.50
C8 PX4 EB . -3.85 -1.77 20.33
O5 PX4 EB . -2.61 -2.17 19.73
C9 PX4 EB . -2.36 -1.62 18.51
O6 PX4 EB . -2.95 -0.63 18.12
C10 PX4 EB . -0.95 -1.92 18.01
C11 PX4 EB . -0.26 -0.65 17.52
C12 PX4 EB . 1.18 -0.88 17.03
C13 PX4 EB . 2.10 0.32 17.30
C14 PX4 EB . 2.39 0.71 18.76
C15 PX4 EB . 3.41 1.82 18.99
C16 PX4 EB . 3.20 2.35 20.42
C17 PX4 EB . 3.75 1.35 21.43
C18 PX4 EB . 2.89 1.56 22.69
C19 PX4 EB . 3.33 0.77 23.93
C20 PX4 EB . 2.77 1.50 25.15
C21 PX4 EB . 3.05 0.79 26.47
C22 PX4 EB . 4.50 0.49 26.87
O7 PX4 EB . -4.40 -1.95 22.72
C23 PX4 EB . -4.54 -2.67 23.87
O8 PX4 EB . -4.35 -3.89 23.92
C24 PX4 EB . -5.07 -1.96 25.11
C25 PX4 EB . -6.45 -2.46 25.54
C26 PX4 EB . -6.95 -1.38 26.49
C27 PX4 EB . -8.25 -1.81 27.18
C28 PX4 EB . -8.83 -0.67 28.01
C29 PX4 EB . -9.95 -1.04 28.99
C30 PX4 EB . -10.43 0.17 29.80
C31 PX4 EB . -11.44 -0.29 30.87
C32 PX4 EB . -11.74 0.82 31.89
C33 PX4 EB . -12.59 0.34 33.06
C34 PX4 EB . -13.89 -0.32 32.59
C35 PX4 EB . -14.60 -0.84 33.86
C36 PX4 EB . -16.11 -0.74 33.71
O1 PX4 FB . -24.65 11.84 15.66
O2 PX4 FB . -25.09 9.30 15.33
P1 PX4 FB . -25.56 10.66 15.65
O3 PX4 FB . -26.89 10.78 14.76
C1 PX4 FB . -27.44 9.51 14.37
C2 PX4 FB . -28.50 9.67 13.26
N1 PX4 FB . -29.10 8.38 12.90
C3 PX4 FB . -29.76 7.84 14.09
C4 PX4 FB . -30.02 8.57 11.78
C5 PX4 FB . -28.21 7.29 12.46
O4 PX4 FB . -26.18 10.57 17.14
C6 PX4 FB . -25.56 9.62 18.01
C7 PX4 FB . -25.50 10.18 19.43
C8 PX4 FB . -26.64 9.48 20.18
O5 PX4 FB . -27.08 10.14 21.37
C9 PX4 FB . -27.83 11.26 21.16
O6 PX4 FB . -28.08 11.75 20.06
C10 PX4 FB . -28.15 12.00 22.45
C11 PX4 FB . -26.78 12.49 22.97
C12 PX4 FB . -26.87 13.10 24.36
C13 PX4 FB . -25.55 13.53 25.03
C14 PX4 FB . -24.80 12.24 25.39
C15 PX4 FB . -25.66 11.46 26.38
C16 PX4 FB . -25.12 10.07 26.74
C17 PX4 FB . -26.15 9.22 27.48
C18 PX4 FB . -26.57 9.65 28.88
C19 PX4 FB . -28.06 9.45 29.14
C20 PX4 FB . -28.00 9.84 30.62
C21 PX4 FB . -29.21 9.38 31.43
C22 PX4 FB . -29.07 9.67 32.93
O7 PX4 FB . -24.20 9.93 19.92
C23 PX4 FB . -23.53 10.91 20.60
O8 PX4 FB . -23.80 12.08 20.31
C24 PX4 FB . -22.32 10.55 21.45
C25 PX4 FB . -22.71 10.44 22.93
C26 PX4 FB . -21.48 9.94 23.67
C27 PX4 FB . -21.97 9.47 25.04
C28 PX4 FB . -20.73 9.09 25.84
C29 PX4 FB . -21.19 8.53 27.19
C30 PX4 FB . -21.86 9.62 28.02
C31 PX4 FB . -21.99 9.12 29.45
C32 PX4 FB . -22.36 10.28 30.38
C33 PX4 FB . -22.97 9.85 31.71
C34 PX4 FB . -23.33 11.00 32.66
C35 PX4 FB . -23.87 10.36 33.94
C36 PX4 FB . -24.53 11.40 34.87
O1 PX4 GB . -29.70 10.04 16.95
O2 PX4 GB . -31.42 11.14 15.39
P1 PX4 GB . -30.49 11.21 16.54
O3 PX4 GB . -29.60 12.44 16.03
C1 PX4 GB . -28.65 12.75 17.05
C2 PX4 GB . -27.78 13.98 16.79
N1 PX4 GB . -27.14 14.56 17.97
C3 PX4 GB . -26.62 15.79 17.34
C4 PX4 GB . -28.07 15.04 19.00
C5 PX4 GB . -26.08 13.75 18.58
O4 PX4 GB . -31.27 11.85 17.79
C6 PX4 GB . -30.96 11.04 18.93
C7 PX4 GB . -31.11 11.90 20.19
C8 PX4 GB . -31.63 13.29 19.82
O5 PX4 GB . -30.83 14.31 20.44
C9 PX4 GB . -31.60 15.34 20.88
O6 PX4 GB . -32.69 15.55 20.33
C10 PX4 GB . -31.01 16.33 21.89
C11 PX4 GB . -31.18 16.15 23.39
C12 PX4 GB . -30.62 14.80 23.79
C13 PX4 GB . -30.96 14.44 25.25
C14 PX4 GB . -30.55 13.09 25.82
C15 PX4 GB . -31.04 13.02 27.28
C16 PX4 GB . -30.43 14.12 28.14
C17 PX4 GB . -30.85 13.99 29.60
C18 PX4 GB . -32.34 14.17 29.86
C19 PX4 GB . -32.66 13.88 31.34
C20 PX4 GB . -31.78 14.80 32.20
C21 PX4 GB . -32.14 14.64 33.68
C22 PX4 GB . -32.33 13.11 33.81
O7 PX4 GB . -31.96 11.33 21.18
C23 PX4 GB . -31.65 10.19 21.87
O8 PX4 GB . -30.81 9.39 21.46
C24 PX4 GB . -32.63 9.74 22.94
C25 PX4 GB . -32.13 10.12 24.33
C26 PX4 GB . -32.97 9.30 25.32
C27 PX4 GB . -32.59 9.47 26.78
C28 PX4 GB . -33.44 8.63 27.74
C29 PX4 GB . -32.95 9.15 29.09
C30 PX4 GB . -33.32 8.23 30.25
C31 PX4 GB . -33.00 8.97 31.57
C32 PX4 GB . -33.38 8.07 32.75
C33 PX4 GB . -32.58 8.38 34.01
C34 PX4 GB . -32.90 7.32 35.08
C35 PX4 GB . -32.45 7.82 36.45
C36 PX4 GB . -33.26 9.09 36.69
O1 PX4 HB . -11.21 28.67 16.69
O2 PX4 HB . -8.91 27.88 17.56
P1 PX4 HB . -10.21 28.56 17.76
O3 PX4 HB . -10.86 27.40 18.67
C1 PX4 HB . -11.37 26.44 17.74
C2 PX4 HB . -12.33 25.36 18.24
N1 PX4 HB . -13.71 25.70 18.65
C3 PX4 HB . -13.64 26.73 19.70
C4 PX4 HB . -14.49 26.30 17.56
C5 PX4 HB . -14.35 24.47 19.12
O4 PX4 HB . -10.04 29.78 18.81
C6 PX4 HB . -11.33 30.29 19.13
C7 PX4 HB . -11.42 31.47 20.10
C8 PX4 HB . -10.02 32.07 20.19
O5 PX4 HB . -9.67 32.16 21.58
C9 PX4 HB . -8.36 32.46 21.77
O6 PX4 HB . -7.61 32.44 20.80
C10 PX4 HB . -7.78 32.38 23.20
C11 PX4 HB . -6.89 31.16 23.41
C12 PX4 HB . -6.38 30.83 24.82
C13 PX4 HB . -7.61 30.71 25.73
C14 PX4 HB . -7.12 30.12 27.05
C15 PX4 HB . -6.66 28.66 26.90
C16 PX4 HB . -6.41 28.11 28.30
C17 PX4 HB . -5.94 26.65 28.41
C18 PX4 HB . -7.06 25.61 28.43
C19 PX4 HB . -7.23 25.06 29.84
C20 PX4 HB . -8.52 25.58 30.49
C21 PX4 HB . -9.75 25.23 29.67
C22 PX4 HB . -11.08 25.89 30.08
O7 PX4 HB . -12.41 32.45 19.76
C23 PX4 HB . -13.67 32.07 20.15
O8 PX4 HB . -14.02 30.89 20.25
C24 PX4 HB . -14.65 33.23 20.25
C25 PX4 HB . -14.20 34.32 21.23
C26 PX4 HB . -15.42 35.13 21.69
C27 PX4 HB . -14.98 35.95 22.91
C28 PX4 HB . -16.13 36.83 23.40
C29 PX4 HB . -15.82 37.60 24.69
C30 PX4 HB . -15.57 36.66 25.88
C31 PX4 HB . -15.18 37.48 27.11
C32 PX4 HB . -15.28 36.54 28.31
C33 PX4 HB . -15.16 37.11 29.73
C34 PX4 HB . -15.81 36.31 30.85
C35 PX4 HB . -15.01 35.03 31.08
C36 PX4 HB . -16.07 33.98 31.42
O1 PX4 IB . -9.69 20.36 17.25
O2 PX4 IB . -9.34 22.67 16.07
P1 PX4 IB . -9.23 21.77 17.23
O3 PX4 IB . -7.66 21.48 17.46
C1 PX4 IB . -6.96 22.74 17.46
C2 PX4 IB . -5.49 22.46 17.20
N1 PX4 IB . -4.60 23.60 16.99
C3 PX4 IB . -4.60 24.48 18.17
C4 PX4 IB . -3.26 22.99 16.97
C5 PX4 IB . -4.79 24.41 15.77
O4 PX4 IB . -9.50 22.38 18.69
C6 PX4 IB . -9.24 21.24 19.53
C7 PX4 IB . -9.47 21.76 20.95
C8 PX4 IB . -9.00 23.20 21.01
O5 PX4 IB . -8.21 23.42 22.19
C9 PX4 IB . -6.91 23.01 22.24
O6 PX4 IB . -6.39 22.81 21.14
C10 PX4 IB . -6.22 23.29 23.57
C11 PX4 IB . -6.18 22.08 24.51
C12 PX4 IB . -5.37 22.40 25.76
C13 PX4 IB . -5.19 21.19 26.70
C14 PX4 IB . -4.29 21.65 27.84
C15 PX4 IB . -2.95 21.92 27.17
C16 PX4 IB . -2.05 22.59 28.22
C17 PX4 IB . -0.70 22.96 27.61
C18 PX4 IB . 0.11 23.65 28.70
C19 PX4 IB . 1.52 24.15 28.34
C20 PX4 IB . 1.44 25.01 27.08
C21 PX4 IB . 2.87 25.08 26.55
C22 PX4 IB . 3.09 26.27 25.62
O7 PX4 IB . -10.79 21.44 21.41
C23 PX4 IB . -11.03 20.22 21.98
O8 PX4 IB . -10.26 19.28 21.82
C24 PX4 IB . -12.30 20.13 22.81
C25 PX4 IB . -12.07 20.76 24.18
C26 PX4 IB . -13.38 20.81 24.98
C27 PX4 IB . -13.82 19.37 25.18
C28 PX4 IB . -14.98 19.25 26.18
C29 PX4 IB . -15.31 17.78 26.39
C30 PX4 IB . -16.31 17.62 27.55
C31 PX4 IB . -16.05 18.46 28.80
C32 PX4 IB . -17.05 18.18 29.92
C33 PX4 IB . -16.68 19.14 31.05
C34 PX4 IB . -17.65 18.91 32.22
C35 PX4 IB . -17.20 19.53 33.54
C36 PX4 IB . -15.89 18.89 34.04
O1 PX4 JB . 12.12 11.06 19.90
O2 PX4 JB . 12.03 13.38 18.70
P1 PX4 JB . 11.69 12.48 19.82
O3 PX4 JB . 12.63 13.19 20.92
C1 PX4 JB . 13.85 12.49 21.19
C2 PX4 JB . 15.01 13.48 21.32
N1 PX4 JB . 15.45 14.18 20.10
C3 PX4 JB . 14.51 15.26 19.76
C4 PX4 JB . 16.73 14.76 20.54
C5 PX4 JB . 15.80 13.18 19.10
O4 PX4 JB . 10.38 12.74 20.73
C6 PX4 JB . 10.52 11.75 21.73
C7 PX4 JB . 9.74 12.07 23.00
C8 PX4 JB . 8.81 10.90 23.32
O5 PX4 JB . 9.42 9.61 23.34
C9 PX4 JB . 8.48 8.72 22.95
O6 PX4 JB . 7.35 9.01 22.57
C10 PX4 JB . 8.72 7.22 23.18
C11 PX4 JB . 8.76 6.79 24.65
C12 PX4 JB . 9.40 5.40 24.68
C13 PX4 JB . 9.45 4.87 26.11
C14 PX4 JB . 10.13 6.00 26.90
C15 PX4 JB . 10.11 5.62 28.37
C16 PX4 JB . 10.93 4.35 28.55
C17 PX4 JB . 11.08 4.14 30.07
C18 PX4 JB . 11.69 2.77 30.35
C19 PX4 JB . 11.64 2.60 31.86
C20 PX4 JB . 10.22 2.88 32.33
C21 PX4 JB . 10.16 2.95 33.86
C22 PX4 JB . 8.74 3.39 34.24
O7 PX4 JB . 10.29 12.67 24.19
C23 PX4 JB . 9.88 13.90 24.58
O8 PX4 JB . 9.14 14.65 23.93
C24 PX4 JB . 10.05 14.27 26.06
C25 PX4 JB . 9.96 13.08 27.03
C26 PX4 JB . 9.07 13.44 28.22
C27 PX4 JB . 9.74 14.60 28.96
C28 PX4 JB . 8.93 15.09 30.17
C29 PX4 JB . 9.83 16.06 30.92
C30 PX4 JB . 11.10 15.44 31.53
C31 PX4 JB . 11.95 16.62 31.99
C32 PX4 JB . 13.18 16.10 32.76
C33 PX4 JB . 14.12 17.26 33.03
C34 PX4 JB . 15.33 16.92 33.90
C35 PX4 JB . 14.89 16.43 35.29
C36 PX4 JB . 16.02 15.61 35.92
O1 PX4 KB . -0.92 11.27 17.23
O2 PX4 KB . -1.68 10.90 14.86
P1 PX4 KB . -1.45 10.33 16.21
O3 PX4 KB . -2.94 9.99 16.69
C1 PX4 KB . -3.83 11.05 16.33
C2 PX4 KB . -5.31 10.68 16.28
N1 PX4 KB . -5.63 9.84 15.11
C3 PX4 KB . -5.18 10.50 13.88
C4 PX4 KB . -5.13 8.48 15.36
C5 PX4 KB . -7.09 9.67 15.13
O4 PX4 KB . -0.68 8.92 16.20
C6 PX4 KB . -1.49 7.89 16.74
C7 PX4 KB . -1.18 7.67 18.22
C8 PX4 KB . 0.19 8.15 18.68
O5 PX4 KB . 1.01 7.12 19.26
C9 PX4 KB . 2.18 7.62 19.75
O6 PX4 KB . 2.29 8.84 19.84
C10 PX4 KB . 3.18 6.66 20.39
C11 PX4 KB . 3.45 7.00 21.86
C12 PX4 KB . 4.34 5.96 22.53
C13 PX4 KB . 4.33 6.26 24.03
C14 PX4 KB . 5.18 5.26 24.82
C15 PX4 KB . 5.13 5.69 26.27
C16 PX4 KB . 5.90 4.77 27.23
C17 PX4 KB . 5.74 5.34 28.63
C18 PX4 KB . 6.68 4.52 29.52
C19 PX4 KB . 6.54 4.89 31.00
C20 PX4 KB . 5.54 3.88 31.58
C21 PX4 KB . 5.21 4.22 33.05
C22 PX4 KB . 4.17 3.24 33.58
O7 PX4 KB . -2.19 8.14 19.11
C23 PX4 KB . -3.45 7.61 19.26
O8 PX4 KB . -3.85 6.66 18.59
C24 PX4 KB . -4.23 8.08 20.48
C25 PX4 KB . -4.21 6.95 21.51
C26 PX4 KB . -5.28 7.23 22.57
C27 PX4 KB . -5.09 8.57 23.29
C28 PX4 KB . -4.14 8.40 24.47
C29 PX4 KB . -4.75 7.46 25.51
C30 PX4 KB . -3.80 7.37 26.71
C31 PX4 KB . -4.36 6.40 27.74
C32 PX4 KB . -3.32 6.01 28.78
C33 PX4 KB . -2.44 7.19 29.17
C34 PX4 KB . -1.58 6.81 30.38
C35 PX4 KB . -2.33 5.99 31.41
C36 PX4 KB . -1.34 5.52 32.46
O1 PX4 LB . 13.90 -8.45 20.78
O2 PX4 LB . 14.00 -5.85 21.30
P1 PX4 LB . 14.51 -7.24 21.39
O3 PX4 LB . 15.76 -7.03 20.39
C1 PX4 LB . 15.16 -6.79 19.12
C2 PX4 LB . 16.00 -7.26 17.93
N1 PX4 LB . 16.01 -8.56 17.25
C3 PX4 LB . 16.24 -9.62 18.24
C4 PX4 LB . 14.80 -8.94 16.49
C5 PX4 LB . 17.14 -8.72 16.33
O4 PX4 LB . 15.34 -7.57 22.73
C6 PX4 LB . 15.62 -8.96 22.57
C7 PX4 LB . 16.14 -9.59 23.88
C8 PX4 LB . 16.69 -8.46 24.74
O5 PX4 LB . 17.93 -8.69 25.41
C9 PX4 LB . 18.59 -7.55 25.74
O6 PX4 LB . 18.29 -6.48 25.21
C10 PX4 LB . 19.72 -7.64 26.77
C11 PX4 LB . 20.36 -9.03 26.83
C12 PX4 LB . 21.47 -9.04 27.88
C13 PX4 LB . 22.48 -7.96 27.49
C14 PX4 LB . 23.49 -7.75 28.61
C15 PX4 LB . 24.60 -6.87 28.02
C16 PX4 LB . 25.40 -6.41 29.24
C17 PX4 LB . 26.18 -7.62 29.76
C18 PX4 LB . 27.19 -7.33 30.87
C19 PX4 LB . 28.04 -8.56 31.18
C20 PX4 LB . 28.40 -9.29 29.87
C21 PX4 LB . 29.05 -10.63 30.23
C22 PX4 LB . 27.98 -11.71 30.38
O7 PX4 LB . 15.34 -10.56 24.54
C23 PX4 LB . 15.22 -11.78 23.96
O8 PX4 LB . 15.42 -11.98 22.76
C24 PX4 LB . 14.29 -12.72 24.74
C25 PX4 LB . 12.81 -12.50 24.36
C26 PX4 LB . 12.26 -11.59 25.46
C27 PX4 LB . 10.79 -11.48 25.06
C28 PX4 LB . 9.97 -12.76 25.09
C29 PX4 LB . 8.50 -12.60 24.71
C30 PX4 LB . 7.70 -13.89 24.93
C31 PX4 LB . 7.67 -14.06 26.45
C32 PX4 LB . 6.91 -15.32 26.87
C33 PX4 LB . 7.09 -15.54 28.38
C34 PX4 LB . 6.29 -16.68 28.99
C35 PX4 LB . 6.47 -16.57 30.51
C36 PX4 LB . 5.62 -17.57 31.30
O1 PX4 MB . 21.39 3.87 22.11
O2 PX4 MB . 20.99 3.40 19.63
P1 PX4 MB . 20.45 3.80 20.95
O3 PX4 MB . 19.81 5.27 20.80
C1 PX4 MB . 19.21 5.55 19.53
C2 PX4 MB . 18.72 7.00 19.45
N1 PX4 MB . 18.49 7.49 18.09
C3 PX4 MB . 17.36 6.75 17.54
C4 PX4 MB . 17.99 8.86 18.01
C5 PX4 MB . 19.66 7.47 17.18
O4 PX4 MB . 19.08 3.02 21.23
C6 PX4 MB . 18.73 3.02 22.61
C7 PX4 MB . 17.22 3.02 22.88
C8 PX4 MB . 16.89 1.53 22.73
O5 PX4 MB . 17.52 0.61 23.61
C9 PX4 MB . 17.10 -0.67 23.39
O6 PX4 MB . 16.50 -0.98 22.36
C10 PX4 MB . 17.89 -1.66 24.25
C11 PX4 MB . 17.12 -2.28 25.42
C12 PX4 MB . 17.99 -3.03 26.42
C13 PX4 MB . 17.36 -3.54 27.72
C14 PX4 MB . 18.39 -4.22 28.64
C15 PX4 MB . 17.72 -4.64 29.95
C16 PX4 MB . 18.85 -4.96 30.95
C17 PX4 MB . 19.88 -5.97 30.42
C18 PX4 MB . 21.13 -5.92 31.29
C19 PX4 MB . 21.82 -4.56 31.13
C20 PX4 MB . 23.07 -4.56 32.02
C21 PX4 MB . 23.71 -3.18 31.98
C22 PX4 MB . 24.93 -3.26 32.88
O7 PX4 MB . 16.77 3.61 24.09
C23 PX4 MB . 16.57 4.95 24.21
O8 PX4 MB . 17.03 5.73 23.37
C24 PX4 MB . 15.92 5.34 25.53
C25 PX4 MB . 16.82 4.95 26.70
C26 PX4 MB . 15.89 4.64 27.87
C27 PX4 MB . 16.52 4.21 29.19
C28 PX4 MB . 15.50 3.39 30.00
C29 PX4 MB . 16.20 2.93 31.28
C30 PX4 MB . 15.24 2.28 32.27
C31 PX4 MB . 15.84 2.07 33.65
C32 PX4 MB . 15.93 3.34 34.51
C33 PX4 MB . 16.80 3.17 35.76
C34 PX4 MB . 16.68 4.36 36.74
C35 PX4 MB . 15.18 4.53 37.01
C36 PX4 MB . 14.86 5.84 37.74
O1 PX4 NB . -18.77 16.18 22.16
O2 PX4 NB . -20.58 14.64 21.19
P1 PX4 NB . -20.06 15.99 21.47
O3 PX4 NB . -19.75 16.51 19.97
C1 PX4 NB . -19.59 17.92 20.02
C2 PX4 NB . -19.42 18.37 18.57
N1 PX4 NB . -19.05 19.77 18.32
C3 PX4 NB . -19.96 20.74 18.93
C4 PX4 NB . -17.62 19.95 18.63
C5 PX4 NB . -19.18 19.97 16.88
O4 PX4 NB . -21.24 16.97 21.96
C6 PX4 NB . -21.61 16.47 23.24
C7 PX4 NB . -22.86 17.12 23.85
C8 PX4 NB . -24.04 16.48 23.13
O5 PX4 NB . -25.12 17.34 22.80
C9 PX4 NB . -26.13 16.78 22.09
O6 PX4 NB . -26.16 15.57 21.85
C10 PX4 NB . -27.45 17.56 22.01
C11 PX4 NB . -27.42 18.71 23.02
C12 PX4 NB . -28.45 19.82 22.85
C13 PX4 NB . -29.91 19.50 23.23
C14 PX4 NB . -30.67 20.78 22.87
C15 PX4 NB . -32.18 20.72 23.10
C16 PX4 NB . -32.42 21.15 24.55
C17 PX4 NB . -33.87 21.54 24.83
C18 PX4 NB . -34.05 21.91 26.30
C19 PX4 NB . -35.56 21.94 26.58
C20 PX4 NB . -36.31 23.11 25.96
C21 PX4 NB . -35.90 24.53 26.40
C22 PX4 NB . -36.61 25.56 25.55
O7 PX4 NB . -22.93 17.05 25.28
C23 PX4 NB . -23.08 18.24 25.89
O8 PX4 NB . -22.94 19.32 25.32
C24 PX4 NB . -23.62 18.27 27.33
C25 PX4 NB . -24.85 17.39 27.57
C26 PX4 NB . -26.07 17.77 26.74
C27 PX4 NB . -27.32 16.96 27.06
C28 PX4 NB . -28.47 17.63 26.29
C29 PX4 NB . -29.68 17.83 27.20
C30 PX4 NB . -30.71 18.83 26.68
C31 PX4 NB . -31.83 18.93 27.72
C32 PX4 NB . -31.34 19.30 29.12
C33 PX4 NB . -32.47 19.50 30.12
C34 PX4 NB . -32.06 20.00 31.49
C35 PX4 NB . -33.34 20.32 32.28
C36 PX4 NB . -34.25 19.13 32.60
O1 PX4 OB . -19.74 25.11 21.90
O2 PX4 OB . -19.81 24.50 19.38
P1 PX4 OB . -19.51 24.17 20.79
O3 PX4 OB . -20.49 22.95 21.19
C1 PX4 OB . -21.80 23.44 21.44
C2 PX4 OB . -22.97 22.47 21.64
N1 PX4 OB . -22.97 21.51 22.74
C3 PX4 OB . -22.05 20.39 22.43
C4 PX4 OB . -22.77 22.21 24.01
C5 PX4 OB . -24.30 20.90 22.73
O4 PX4 OB . -18.16 23.35 21.13
C6 PX4 OB . -17.94 23.22 22.53
C7 PX4 OB . -17.10 22.00 22.92
C8 PX4 OB . -15.75 22.68 23.09
O5 PX4 OB . -15.78 23.89 23.86
C9 PX4 OB . -14.60 24.48 24.19
O6 PX4 OB . -13.51 23.88 24.17
C10 PX4 OB . -14.73 25.80 24.93
C11 PX4 OB . -13.64 26.03 25.97
C12 PX4 OB . -13.46 27.52 26.33
C13 PX4 OB . -11.99 27.71 26.72
C14 PX4 OB . -11.87 28.90 27.67
C15 PX4 OB . -10.60 29.04 28.49
C16 PX4 OB . -10.74 30.26 29.39
C17 PX4 OB . -9.45 30.58 30.16
C18 PX4 OB . -9.12 29.60 31.28
C19 PX4 OB . -10.18 29.72 32.39
C20 PX4 OB . -9.73 28.78 33.51
C21 PX4 OB . -10.94 28.47 34.37
C22 PX4 OB . -10.52 27.44 35.42
O7 PX4 OB . -17.61 21.19 23.99
C23 PX4 OB . -18.40 20.16 23.59
O8 PX4 OB . -18.26 19.81 22.43
C24 PX4 OB . -19.06 19.20 24.60
C25 PX4 OB . -19.56 20.14 25.69
C26 PX4 OB . -20.09 19.27 26.85
C27 PX4 OB . -20.41 20.05 28.12
C28 PX4 OB . -20.68 19.16 29.34
C29 PX4 OB . -20.84 20.02 30.59
C30 PX4 OB . -21.61 19.15 31.60
C31 PX4 OB . -23.03 18.96 31.08
C32 PX4 OB . -23.76 17.93 31.94
C33 PX4 OB . -25.21 17.69 31.50
C34 PX4 OB . -25.98 16.58 32.23
C35 PX4 OB . -27.41 16.37 31.70
C36 PX4 OB . -28.18 15.29 32.45
O1 PX4 PB . 1.80 24.14 47.01
O2 PX4 PB . -0.29 22.87 48.03
P1 PX4 PB . 0.59 23.28 46.91
O3 PX4 PB . 1.19 21.90 46.34
C1 PX4 PB . 2.05 22.22 45.25
C2 PX4 PB . 2.93 21.04 44.80
N1 PX4 PB . 2.36 19.80 44.28
C3 PX4 PB . 1.10 20.01 43.56
C4 PX4 PB . 3.26 19.23 43.27
C5 PX4 PB . 2.20 18.80 45.34
O4 PX4 PB . -0.20 23.50 45.53
C6 PX4 PB . -0.94 24.69 45.33
C7 PX4 PB . -0.99 25.18 43.87
C8 PX4 PB . 0.02 24.30 43.14
O5 PX4 PB . 1.39 24.69 42.97
C9 PX4 PB . 2.10 23.79 42.24
O6 PX4 PB . 1.66 22.65 42.14
C10 PX4 PB . 3.55 24.20 42.04
C11 PX4 PB . 3.60 24.66 40.59
C12 PX4 PB . 5.05 25.06 40.26
C13 PX4 PB . 5.18 25.51 38.82
C14 PX4 PB . 4.30 26.68 38.37
C15 PX4 PB . 4.75 27.16 37.00
C16 PX4 PB . 3.78 28.16 36.37
C17 PX4 PB . 3.60 29.33 37.32
C18 PX4 PB . 2.20 29.96 37.12
C19 PX4 PB . 2.19 30.75 35.82
C20 PX4 PB . 0.82 31.34 35.52
C21 PX4 PB . 0.78 32.25 34.28
C22 PX4 PB . -0.66 32.61 33.92
O7 PX4 PB . -2.31 25.25 43.34
C23 PX4 PB . -3.07 26.32 43.69
O8 PX4 PB . -2.87 26.95 44.72
C24 PX4 PB . -4.31 26.61 42.83
C25 PX4 PB . -5.64 26.18 43.48
C26 PX4 PB . -6.67 25.88 42.40
C27 PX4 PB . -6.03 24.91 41.40
C28 PX4 PB . -6.89 24.88 40.16
C29 PX4 PB . -6.47 23.94 39.03
C30 PX4 PB . -5.03 24.21 38.58
C31 PX4 PB . -4.63 23.21 37.48
C32 PX4 PB . -3.18 23.53 37.10
C33 PX4 PB . -3.15 24.97 36.57
C34 PX4 PB . -1.72 25.34 36.15
C35 PX4 PB . -1.75 26.81 35.78
C36 PX4 PB . -0.47 27.24 35.04
O1 PX4 QB . 18.88 20.47 48.08
O2 PX4 QB . 16.44 20.99 47.69
P1 PX4 QB . 17.72 20.50 47.15
O3 PX4 QB . 17.60 18.97 46.63
C1 PX4 QB . 18.62 18.07 47.07
C2 PX4 QB . 18.36 16.77 46.31
N1 PX4 QB . 18.57 16.70 44.86
C3 PX4 QB . 19.47 17.73 44.29
C4 PX4 QB . 18.89 15.32 44.48
C5 PX4 QB . 17.31 17.10 44.21
O4 PX4 QB . 18.09 21.22 45.77
C6 PX4 QB . 17.02 20.89 44.87
C7 PX4 QB . 17.30 21.18 43.40
C8 PX4 QB . 18.75 21.70 43.32
O5 PX4 QB . 19.75 20.71 43.10
C9 PX4 QB . 21.00 21.22 43.32
O6 PX4 QB . 21.32 22.26 43.88
C10 PX4 QB . 22.16 20.29 42.97
C11 PX4 QB . 21.64 19.57 41.72
C12 PX4 QB . 21.97 20.23 40.39
C13 PX4 QB . 21.89 19.27 39.20
C14 PX4 QB . 22.36 19.86 37.88
C15 PX4 QB . 21.90 18.92 36.76
C16 PX4 QB . 22.65 19.44 35.54
C17 PX4 QB . 22.20 18.78 34.24
C18 PX4 QB . 23.03 19.06 32.98
C19 PX4 QB . 22.52 18.30 31.77
C20 PX4 QB . 23.38 18.65 30.54
C21 PX4 QB . 23.00 20.08 30.14
C22 PX4 QB . 23.85 20.44 28.94
O7 PX4 QB . 16.81 20.14 42.55
C23 PX4 QB . 15.51 20.20 42.15
O8 PX4 QB . 14.73 20.99 42.72
C24 PX4 QB . 15.17 19.35 40.93
C25 PX4 QB . 13.70 19.03 40.68
C26 PX4 QB . 13.51 18.25 39.36
C27 PX4 QB . 12.05 18.16 38.91
C28 PX4 QB . 11.93 17.75 37.43
C29 PX4 QB . 10.47 17.67 37.00
C30 PX4 QB . 9.80 16.56 37.81
C31 PX4 QB . 8.37 16.37 37.28
C32 PX4 QB . 7.59 17.63 37.67
C33 PX4 QB . 6.10 17.35 37.73
C34 PX4 QB . 5.15 18.44 38.24
C35 PX4 QB . 3.90 17.62 38.55
C36 PX4 QB . 2.72 18.59 38.67
O1 PX4 RB . 14.45 12.72 45.88
O2 PX4 RB . 16.66 13.90 46.22
P1 PX4 RB . 15.26 13.94 45.75
O3 PX4 RB . 14.50 15.15 46.50
C1 PX4 RB . 14.21 14.52 47.77
C2 PX4 RB . 13.17 15.26 48.59
N1 PX4 RB . 12.53 14.78 49.84
C3 PX4 RB . 13.51 15.04 50.90
C4 PX4 RB . 11.22 15.39 50.14
C5 PX4 RB . 12.31 13.33 49.83
O4 PX4 RB . 15.21 14.46 44.23
C6 PX4 RB . 13.82 14.74 44.02
C7 PX4 RB . 13.41 14.86 42.55
C8 PX4 RB . 14.62 14.37 41.76
O5 PX4 RB . 15.24 15.15 40.74
C9 PX4 RB . 16.59 14.95 40.62
O6 PX4 RB . 17.28 14.36 41.45
C10 PX4 RB . 17.24 15.77 39.50
C11 PX4 RB . 17.75 17.12 40.02
C12 PX4 RB . 18.44 18.01 38.99
C13 PX4 RB . 17.51 18.44 37.86
C14 PX4 RB . 18.28 19.40 36.92
C15 PX4 RB . 17.30 20.02 35.93
C16 PX4 RB . 16.01 20.35 36.69
C17 PX4 RB . 14.92 20.87 35.75
C18 PX4 RB . 13.72 21.44 36.51
C19 PX4 RB . 12.73 21.92 35.46
C20 PX4 RB . 12.19 20.72 34.69
C21 PX4 RB . 11.10 21.26 33.77
C22 PX4 RB . 10.23 20.13 33.22
O7 PX4 RB . 12.18 14.26 42.15
C23 PX4 RB . 10.94 14.75 42.35
O8 PX4 RB . 10.78 15.63 43.21
C24 PX4 RB . 9.87 14.17 41.43
C25 PX4 RB . 9.33 12.84 41.96
C26 PX4 RB . 8.44 12.15 40.93
C27 PX4 RB . 9.22 11.63 39.73
C28 PX4 RB . 9.75 10.19 39.85
C29 PX4 RB . 10.64 9.78 38.67
C30 PX4 RB . 10.13 8.47 38.05
C31 PX4 RB . 11.23 7.79 37.22
C32 PX4 RB . 10.78 6.61 36.37
C33 PX4 RB . 11.87 6.11 35.42
C34 PX4 RB . 12.29 7.02 34.26
C35 PX4 RB . 13.12 6.33 33.17
C36 PX4 RB . 13.42 7.31 32.04
O1 PX4 SB . -23.85 24.31 54.96
O2 PX4 SB . -26.31 23.66 54.84
P1 PX4 SB . -24.93 23.52 54.35
O3 PX4 SB . -24.49 22.04 54.81
C1 PX4 SB . -24.23 22.02 56.21
C2 PX4 SB . -23.95 20.64 56.81
N1 PX4 SB . -25.11 19.85 57.25
C3 PX4 SB . -26.02 19.62 56.11
C4 PX4 SB . -24.48 18.57 57.62
C5 PX4 SB . -25.79 20.27 58.46
O4 PX4 SB . -24.88 23.33 52.74
C6 PX4 SB . -25.23 22.05 52.23
C7 PX4 SB . -25.24 22.03 50.70
C8 PX4 SB . -24.43 23.25 50.24
O5 PX4 SB . -25.17 24.11 49.38
C9 PX4 SB . -24.43 25.06 48.72
O6 PX4 SB . -23.39 25.50 49.19
C10 PX4 SB . -25.02 25.62 47.44
C11 PX4 SB . -25.51 24.47 46.56
C12 PX4 SB . -24.39 23.53 46.11
C13 PX4 SB . -24.84 22.38 45.20
C14 PX4 SB . -23.64 21.49 44.86
C15 PX4 SB . -23.96 20.52 43.73
C16 PX4 SB . -22.66 19.76 43.42
C17 PX4 SB . -22.74 19.20 42.00
C18 PX4 SB . -21.36 18.97 41.38
C19 PX4 SB . -20.52 18.11 42.34
C20 PX4 SB . -19.15 17.92 41.69
C21 PX4 SB . -18.31 16.99 42.56
C22 PX4 SB . -19.02 15.63 42.47
O7 PX4 SB . -24.91 20.76 50.14
C23 PX4 SB . -25.93 20.17 49.46
O8 PX4 SB . -27.10 20.52 49.66
C24 PX4 SB . -25.52 18.86 48.81
C25 PX4 SB . -26.07 18.89 47.38
C26 PX4 SB . -25.71 17.62 46.61
C27 PX4 SB . -26.18 16.41 47.42
C28 PX4 SB . -25.86 15.11 46.68
C29 PX4 SB . -26.47 13.96 47.49
C30 PX4 SB . -26.21 12.57 46.92
C31 PX4 SB . -26.79 12.50 45.52
C32 PX4 SB . -26.84 11.04 45.04
C33 PX4 SB . -27.62 10.90 43.72
C34 PX4 SB . -27.23 9.65 42.93
C35 PX4 SB . -27.93 9.71 41.56
C36 PX4 SB . -27.62 8.44 40.76
O1 PX4 TB . 37.03 12.06 52.17
O2 PX4 TB . 39.45 11.94 51.24
P1 PX4 TB . 38.17 12.66 51.42
O3 PX4 TB . 38.42 14.01 52.26
C1 PX4 TB . 38.94 15.03 51.40
C2 PX4 TB . 38.47 16.42 51.79
N1 PX4 TB . 37.09 16.91 51.62
C3 PX4 TB . 36.20 16.12 52.50
C4 PX4 TB . 36.76 18.26 52.05
C5 PX4 TB . 36.47 16.56 50.33
O4 PX4 TB . 37.54 13.21 50.05
C6 PX4 TB . 37.05 12.05 49.36
C7 PX4 TB . 37.25 12.12 47.84
C8 PX4 TB . 37.97 13.45 47.67
O5 PX4 TB . 37.64 14.05 46.41
C9 PX4 TB . 38.01 15.34 46.29
O6 PX4 TB . 38.13 16.05 47.30
C10 PX4 TB . 37.84 15.85 44.85
C11 PX4 TB . 37.82 17.37 44.87
C12 PX4 TB . 37.48 17.91 43.48
C13 PX4 TB . 36.14 17.37 42.96
C14 PX4 TB . 36.13 17.70 41.47
C15 PX4 TB . 35.10 16.78 40.79
C16 PX4 TB . 35.23 16.81 39.28
C17 PX4 TB . 36.62 16.21 39.03
C18 PX4 TB . 36.76 16.06 37.51
C19 PX4 TB . 37.19 17.42 36.96
C20 PX4 TB . 37.47 17.45 35.45
C21 PX4 TB . 38.09 18.84 35.23
C22 PX4 TB . 38.65 18.88 33.80
O7 PX4 TB . 38.06 11.07 47.30
C23 PX4 TB . 37.70 9.78 47.12
O8 PX4 TB . 36.94 9.24 47.93
C24 PX4 TB . 38.57 8.91 46.22
C25 PX4 TB . 37.94 9.10 44.84
C26 PX4 TB . 38.52 8.16 43.77
C27 PX4 TB . 37.81 8.35 42.42
C28 PX4 TB . 38.41 7.30 41.47
C29 PX4 TB . 38.06 7.37 39.98
C30 PX4 TB . 38.61 6.13 39.29
C31 PX4 TB . 38.83 6.54 37.82
C32 PX4 TB . 39.06 5.27 37.02
C33 PX4 TB . 39.02 5.45 35.49
C34 PX4 TB . 37.65 5.97 35.08
C35 PX4 TB . 37.66 6.40 33.61
C36 PX4 TB . 36.30 6.88 33.11
O1 PX4 UB . -9.43 48.85 52.66
O2 PX4 UB . -6.84 48.87 52.39
P1 PX4 UB . -8.20 48.98 51.83
O3 PX4 UB . -8.22 50.48 51.21
C1 PX4 UB . -7.75 51.46 52.16
C2 PX4 UB . -8.06 52.91 51.79
N1 PX4 UB . -7.32 53.55 50.69
C3 PX4 UB . -7.33 52.82 49.40
C4 PX4 UB . -7.81 54.93 50.50
C5 PX4 UB . -5.90 53.69 51.06
O4 PX4 UB . -8.28 48.36 50.35
C6 PX4 UB . -7.04 48.47 49.63
C7 PX4 UB . -7.05 47.98 48.18
C8 PX4 UB . -8.47 48.22 47.66
O5 PX4 UB . -9.00 47.11 46.93
C9 PX4 UB . -10.10 47.41 46.20
O6 PX4 UB . -10.86 48.38 46.27
C10 PX4 UB . -10.55 46.30 45.24
C11 PX4 UB . -10.00 46.59 43.85
C12 PX4 UB . -10.37 45.48 42.86
C13 PX4 UB . -9.83 45.72 41.44
C14 PX4 UB . -10.43 44.64 40.54
C15 PX4 UB . -9.95 44.94 39.12
C16 PX4 UB . -10.33 43.80 38.18
C17 PX4 UB . -9.62 44.19 36.88
C18 PX4 UB . -10.16 43.21 35.83
C19 PX4 UB . -9.34 43.52 34.57
C20 PX4 UB . -9.73 42.45 33.56
C21 PX4 UB . -8.75 42.57 32.40
C22 PX4 UB . -8.85 43.98 31.83
O7 PX4 UB . -5.99 48.54 47.38
C23 PX4 UB . -5.13 47.56 46.95
O8 PX4 UB . -5.09 46.43 47.44
C24 PX4 UB . -3.92 48.04 46.14
C25 PX4 UB . -4.20 48.31 44.66
C26 PX4 UB . -4.57 49.77 44.37
C27 PX4 UB . -5.03 49.85 42.91
C28 PX4 UB . -5.70 51.17 42.57
C29 PX4 UB . -5.95 51.38 41.08
C30 PX4 UB . -6.86 52.58 40.78
C31 PX4 UB . -7.30 52.51 39.31
C32 PX4 UB . -8.29 53.63 38.99
C33 PX4 UB . -8.89 53.24 37.63
C34 PX4 UB . -9.85 54.28 37.06
C35 PX4 UB . -9.81 54.22 35.52
C36 PX4 UB . -10.95 55.06 34.94
O1 PX4 VB . -32.30 -8.27 59.19
O2 PX4 VB . -34.37 -6.68 58.96
P1 PX4 VB . -33.20 -7.40 58.40
O3 PX4 VB . -34.08 -8.44 57.55
C1 PX4 VB . -34.83 -9.23 58.47
C2 PX4 VB . -35.87 -10.12 57.80
N1 PX4 VB . -37.10 -9.51 57.27
C3 PX4 VB . -38.00 -10.57 56.80
C4 PX4 VB . -37.83 -8.74 58.30
C5 PX4 VB . -36.84 -8.70 56.08
O4 PX4 VB . -32.56 -6.46 57.25
C6 PX4 VB . -33.58 -6.15 56.28
C7 PX4 VB . -33.07 -5.76 54.89
C8 PX4 VB . -31.63 -5.33 55.13
O5 PX4 VB . -31.22 -4.14 54.44
C9 PX4 VB . -30.02 -3.71 54.91
O6 PX4 VB . -29.77 -3.91 56.09
C10 PX4 VB . -29.35 -2.72 53.95
C11 PX4 VB . -27.90 -3.14 53.71
C12 PX4 VB . -27.58 -2.51 52.35
C13 PX4 VB . -26.28 -3.12 51.83
C14 PX4 VB . -26.19 -3.25 50.31
C15 PX4 VB . -26.09 -1.87 49.68
C16 PX4 VB . -25.88 -1.98 48.17
C17 PX4 VB . -27.01 -2.74 47.46
C18 PX4 VB . -27.38 -2.07 46.14
C19 PX4 VB . -26.47 -2.13 44.92
C20 PX4 VB . -26.90 -1.05 43.94
C21 PX4 VB . -26.09 -1.18 42.66
C22 PX4 VB . -26.37 0.04 41.78
O7 PX4 VB . -33.21 -6.74 53.84
C23 PX4 VB . -34.40 -6.90 53.22
O8 PX4 VB . -35.33 -6.22 53.64
C24 PX4 VB . -34.57 -8.02 52.19
C25 PX4 VB . -35.64 -7.69 51.14
C26 PX4 VB . -35.73 -8.69 49.99
C27 PX4 VB . -36.82 -8.22 49.02
C28 PX4 VB . -37.28 -9.22 47.96
C29 PX4 VB . -36.15 -9.52 46.98
C30 PX4 VB . -36.61 -10.50 45.91
C31 PX4 VB . -35.35 -10.88 45.12
C32 PX4 VB . -35.74 -11.56 43.82
C33 PX4 VB . -34.57 -12.31 43.16
C34 PX4 VB . -34.98 -13.17 41.96
C35 PX4 VB . -33.85 -14.07 41.45
C36 PX4 VB . -33.46 -15.09 42.52
O1 PX4 WB . -9.91 37.53 48.92
O2 PX4 WB . -10.41 39.38 47.23
P1 PX4 WB . -9.49 38.39 47.79
O3 PX4 WB . -9.38 37.25 46.66
C1 PX4 WB . -10.72 36.94 46.30
C2 PX4 WB . -10.99 35.69 45.43
N1 PX4 WB . -10.70 34.34 45.95
C3 PX4 WB . -9.60 33.88 45.08
C4 PX4 WB . -10.35 34.25 47.38
C5 PX4 WB . -11.93 33.55 45.74
O4 PX4 WB . -7.96 38.91 47.69
C6 PX4 WB . -7.85 39.57 46.42
C7 PX4 WB . -6.43 40.02 46.13
C8 PX4 WB . -5.80 38.89 45.31
O5 PX4 WB . -6.67 38.33 44.32
C9 PX4 WB . -6.23 37.20 43.71
O6 PX4 WB . -5.13 36.69 43.95
C10 PX4 WB . -7.12 36.56 42.63
C11 PX4 WB . -6.54 36.67 41.22
C12 PX4 WB . -7.39 36.12 40.08
C13 PX4 WB . -7.70 34.62 40.26
C14 PX4 WB . -8.80 34.12 39.34
C15 PX4 WB . -8.81 32.58 39.29
C16 PX4 WB . -10.15 32.20 38.66
C17 PX4 WB . -10.42 30.70 38.66
C18 PX4 WB . -11.76 30.32 38.00
C19 PX4 WB . -12.91 30.95 38.80
C20 PX4 WB . -14.25 30.39 38.33
C21 PX4 WB . -14.52 28.92 38.61
C22 PX4 WB . -14.67 28.62 40.10
O7 PX4 WB . -6.31 41.38 45.67
C23 PX4 WB . -5.86 42.40 46.44
O8 PX4 WB . -5.98 42.41 47.66
C24 PX4 WB . -5.53 43.66 45.64
C25 PX4 WB . -6.62 44.29 44.76
C26 PX4 WB . -6.00 45.38 43.89
C27 PX4 WB . -5.73 44.84 42.48
C28 PX4 WB . -4.87 45.85 41.72
C29 PX4 WB . -4.92 45.72 40.20
C30 PX4 WB . -6.36 46.03 39.77
C31 PX4 WB . -6.45 45.68 38.29
C32 PX4 WB . -5.53 46.52 37.40
C33 PX4 WB . -5.75 46.29 35.90
C34 PX4 WB . -5.42 47.57 35.12
C35 PX4 WB . -5.62 47.56 33.61
C36 PX4 WB . -5.65 49.02 33.14
O1 PX4 XB . 6.17 40.80 48.78
O2 PX4 XB . 5.93 38.76 50.46
P1 PX4 XB . 5.85 39.41 49.13
O3 PX4 XB . 7.27 38.74 48.79
C1 PX4 XB . 8.22 39.37 49.64
C2 PX4 XB . 9.63 38.92 49.27
N1 PX4 XB . 10.26 38.07 50.30
C3 PX4 XB . 11.60 37.70 49.84
C4 PX4 XB . 10.35 38.82 51.55
C5 PX4 XB . 9.45 36.85 50.44
O4 PX4 XB . 5.12 38.64 47.92
C6 PX4 XB . 5.86 38.77 46.69
C7 PX4 XB . 5.93 37.45 45.95
C8 PX4 XB . 4.63 37.32 45.16
O5 PX4 XB . 4.10 38.47 44.47
C9 PX4 XB . 2.76 38.49 44.25
O6 PX4 XB . 2.06 37.49 44.41
C10 PX4 XB . 2.06 39.77 43.82
C11 PX4 XB . 2.79 40.52 42.69
C12 PX4 XB . 2.00 41.68 42.06
C13 PX4 XB . 2.43 41.91 40.60
C14 PX4 XB . 1.92 43.33 40.38
C15 PX4 XB . 2.50 43.92 39.10
C16 PX4 XB . 1.77 43.20 37.98
C17 PX4 XB . 2.09 43.96 36.69
C18 PX4 XB . 1.74 43.19 35.42
C19 PX4 XB . 1.99 44.14 34.25
C20 PX4 XB . 1.40 43.40 33.05
C21 PX4 XB . 1.60 44.42 31.94
C22 PX4 XB . 0.89 44.09 30.61
O7 PX4 XB . 7.12 37.08 45.25
C23 PX4 XB . 8.11 36.73 46.10
O8 PX4 XB . 7.80 36.07 47.11
C24 PX4 XB . 9.53 36.63 45.59
C25 PX4 XB . 9.62 36.08 44.16
C26 PX4 XB . 11.05 35.74 43.80
C27 PX4 XB . 11.10 35.42 42.30
C28 PX4 XB . 10.70 36.76 41.69
C29 PX4 XB . 10.58 36.63 40.17
C30 PX4 XB . 9.40 35.71 39.84
C31 PX4 XB . 9.49 35.34 38.36
C32 PX4 XB . 9.53 36.62 37.51
C33 PX4 XB . 9.49 36.32 36.01
C34 PX4 XB . 8.07 35.94 35.54
C35 PX4 XB . 7.89 35.83 34.03
C36 PX4 XB . 8.61 34.74 33.23
O1 PX4 YB . 26.43 16.37 52.58
O2 PX4 YB . 28.01 14.30 52.69
P1 PX4 YB . 27.76 15.72 52.37
O3 PX4 YB . 28.92 16.42 53.22
C1 PX4 YB . 28.50 16.75 54.56
C2 PX4 YB . 29.71 17.22 55.35
N1 PX4 YB . 29.46 17.65 56.73
C3 PX4 YB . 28.84 18.97 56.74
C4 PX4 YB . 28.64 16.77 57.59
C5 PX4 YB . 30.79 17.81 57.33
O4 PX4 YB . 28.25 15.92 50.86
C6 PX4 YB . 29.68 15.76 50.80
C7 PX4 YB . 30.22 16.23 49.45
C8 PX4 YB . 29.28 15.83 48.32
O5 PX4 YB . 29.81 15.02 47.28
C9 PX4 YB . 28.91 14.86 46.27
O6 PX4 YB . 27.91 15.54 46.03
C10 PX4 YB . 29.32 13.88 45.18
C11 PX4 YB . 30.54 14.37 44.40
C12 PX4 YB . 30.78 13.36 43.29
C13 PX4 YB . 31.64 14.01 42.21
C14 PX4 YB . 31.99 13.05 41.08
C15 PX4 YB . 32.92 13.68 40.02
C16 PX4 YB . 33.37 12.62 39.01
C17 PX4 YB . 33.71 13.38 37.73
C18 PX4 YB . 34.24 12.52 36.58
C19 PX4 YB . 34.90 13.47 35.59
C20 PX4 YB . 35.31 12.97 34.21
C21 PX4 YB . 35.67 14.15 33.29
C22 PX4 YB . 36.17 13.78 31.91
O7 PX4 YB . 30.71 17.58 49.45
C23 PX4 YB . 31.92 17.90 49.99
O8 PX4 YB . 32.56 17.08 50.63
C24 PX4 YB . 32.42 19.32 49.69
C25 PX4 YB . 31.33 20.29 49.25
C26 PX4 YB . 31.84 21.73 49.09
C27 PX4 YB . 33.05 21.86 48.15
C28 PX4 YB . 33.44 23.30 47.80
C29 PX4 YB . 34.51 23.18 46.71
C30 PX4 YB . 35.05 24.56 46.36
C31 PX4 YB . 36.03 24.48 45.18
C32 PX4 YB . 36.77 25.79 44.87
C33 PX4 YB . 37.78 25.70 43.71
C34 PX4 YB . 38.33 27.09 43.41
C35 PX4 YB . 39.16 27.11 42.13
C36 PX4 YB . 39.88 28.45 41.92
O1 PX4 ZB . 33.83 13.89 52.18
O2 PX4 ZB . 31.82 13.33 50.67
P1 PX4 ZB . 33.27 13.31 50.94
O3 PX4 ZB . 33.84 11.81 50.74
C1 PX4 ZB . 32.76 10.96 51.13
C2 PX4 ZB . 32.72 9.53 50.58
N1 PX4 ZB . 32.41 9.34 49.15
C3 PX4 ZB . 32.50 7.91 48.81
C4 PX4 ZB . 31.03 9.68 48.80
C5 PX4 ZB . 33.31 9.97 48.17
O4 PX4 ZB . 34.09 13.93 49.71
C6 PX4 ZB . 33.26 13.54 48.60
C7 PX4 ZB . 33.59 14.22 47.27
C8 PX4 ZB . 34.12 15.61 47.60
O5 PX4 ZB . 33.45 16.64 46.87
C9 PX4 ZB . 34.02 17.87 46.85
O6 PX4 ZB . 34.96 18.06 47.61
C10 PX4 ZB . 33.32 19.07 46.21
C11 PX4 ZB . 34.03 19.22 44.85
C12 PX4 ZB . 33.28 20.36 44.15
C13 PX4 ZB . 34.18 20.93 43.05
C14 PX4 ZB . 33.88 20.49 41.61
C15 PX4 ZB . 32.95 21.53 40.98
C16 PX4 ZB . 32.71 21.06 39.55
C17 PX4 ZB . 31.86 22.06 38.75
C18 PX4 ZB . 31.35 21.47 37.43
C19 PX4 ZB . 30.26 22.33 36.79
C20 PX4 ZB . 30.93 23.60 36.24
C21 PX4 ZB . 31.75 23.06 35.06
C22 PX4 ZB . 30.90 22.69 33.85
O7 PX4 ZB . 34.41 13.39 46.44
C23 PX4 ZB . 33.84 12.43 45.66
O8 PX4 ZB . 32.73 11.94 45.89
C24 PX4 ZB . 34.87 11.72 44.79
C25 PX4 ZB . 35.47 12.64 43.75
C26 PX4 ZB . 36.56 11.93 42.94
C27 PX4 ZB . 37.30 12.71 41.86
C28 PX4 ZB . 38.01 11.72 40.95
C29 PX4 ZB . 37.55 11.88 39.50
C30 PX4 ZB . 38.24 10.86 38.60
C31 PX4 ZB . 38.25 11.58 37.25
C32 PX4 ZB . 38.75 10.54 36.26
C33 PX4 ZB . 38.66 11.10 34.84
C34 PX4 ZB . 38.96 10.02 33.79
C35 PX4 ZB . 39.00 10.61 32.39
C36 PX4 ZB . 39.21 9.54 31.31
O1 PX4 AC . 29.75 6.18 49.40
O2 PX4 AC . 27.92 5.18 47.78
P1 PX4 AC . 29.10 6.01 48.07
O3 PX4 AC . 30.14 5.03 47.34
C1 PX4 AC . 29.84 3.65 47.61
C2 PX4 AC . 30.85 2.67 47.04
N1 PX4 AC . 31.38 2.86 45.68
C3 PX4 AC . 31.93 1.55 45.31
C4 PX4 AC . 30.52 3.41 44.61
C5 PX4 AC . 32.47 3.84 45.78
O4 PX4 AC . 29.43 7.09 46.92
C6 PX4 AC . 28.49 6.89 45.86
C7 PX4 AC . 29.01 7.71 44.67
C8 PX4 AC . 30.36 7.10 44.29
O5 PX4 AC . 31.42 8.03 44.02
C9 PX4 AC . 32.50 7.32 43.58
O6 PX4 AC . 32.52 6.09 43.54
C10 PX4 AC . 33.55 8.23 42.95
C11 PX4 AC . 33.39 7.91 41.45
C12 PX4 AC . 34.46 8.48 40.53
C13 PX4 AC . 34.17 8.15 39.06
C14 PX4 AC . 35.19 8.74 38.07
C15 PX4 AC . 34.86 8.34 36.63
C16 PX4 AC . 33.35 8.37 36.34
C17 PX4 AC . 32.98 7.89 34.94
C18 PX4 AC . 31.48 7.60 34.93
C19 PX4 AC . 30.94 7.00 33.62
C20 PX4 AC . 30.98 8.07 32.52
C21 PX4 AC . 30.49 7.52 31.18
C22 PX4 AC . 29.02 7.17 31.42
O7 PX4 AC . 28.01 7.74 43.65
C23 PX4 AC . 26.78 8.32 43.73
O8 PX4 AC . 26.36 8.75 44.81
C24 PX4 AC . 25.93 7.97 42.51
C25 PX4 AC . 25.35 9.13 41.70
C26 PX4 AC . 24.67 8.63 40.44
C27 PX4 AC . 24.96 9.68 39.37
C28 PX4 AC . 23.96 9.37 38.24
C29 PX4 AC . 24.11 10.42 37.14
C30 PX4 AC . 23.07 9.96 36.12
C31 PX4 AC . 23.22 10.63 34.76
C32 PX4 AC . 22.12 10.31 33.75
C33 PX4 AC . 22.30 11.10 32.45
C34 PX4 AC . 21.12 10.81 31.52
C35 PX4 AC . 21.21 11.47 30.14
C36 PX4 AC . 20.16 10.92 29.17
O1 PX4 BC . 8.65 -26.21 56.11
O2 PX4 BC . 6.40 -27.30 56.91
P1 PX4 BC . 7.78 -26.82 57.16
O3 PX4 BC . 7.65 -26.04 58.55
C1 PX4 BC . 6.86 -24.85 58.42
C2 PX4 BC . 6.22 -24.24 59.66
N1 PX4 BC . 5.25 -25.00 60.47
C3 PX4 BC . 5.77 -26.37 60.61
C4 PX4 BC . 5.10 -24.42 61.81
C5 PX4 BC . 3.94 -24.98 59.82
O4 PX4 BC . 8.48 -28.12 57.80
C6 PX4 BC . 8.47 -29.10 56.76
C7 PX4 BC . 7.53 -30.30 56.94
C8 PX4 BC . 6.28 -30.10 56.08
O5 PX4 BC . 6.44 -29.58 54.76
C9 PX4 BC . 5.34 -29.52 53.97
O6 PX4 BC . 4.21 -29.83 54.35
C10 PX4 BC . 5.49 -28.88 52.60
C11 PX4 BC . 5.24 -29.78 51.38
C12 PX4 BC . 5.02 -29.00 50.09
C13 PX4 BC . 4.28 -29.86 49.06
C14 PX4 BC . 3.66 -29.13 47.86
C15 PX4 BC . 2.88 -30.15 47.00
C16 PX4 BC . 2.40 -29.46 45.72
C17 PX4 BC . 1.66 -30.41 44.76
C18 PX4 BC . 0.82 -29.65 43.75
C19 PX4 BC . 1.68 -29.25 42.54
C20 PX4 BC . 1.03 -28.18 41.67
C21 PX4 BC . 2.00 -27.79 40.53
C22 PX4 BC . 2.31 -29.09 39.79
O7 PX4 BC . 8.19 -31.53 56.63
C23 PX4 BC . 7.50 -32.63 57.06
O8 PX4 BC . 7.21 -32.59 58.26
C24 PX4 BC . 7.99 -33.91 56.39
C25 PX4 BC . 7.59 -33.63 54.95
C26 PX4 BC . 7.77 -34.85 54.05
C27 PX4 BC . 7.41 -34.49 52.61
C28 PX4 BC . 7.73 -35.66 51.67
C29 PX4 BC . 7.13 -35.37 50.30
C30 PX4 BC . 7.33 -36.51 49.29
C31 PX4 BC . 6.82 -36.12 47.91
C32 PX4 BC . 7.17 -37.24 46.93
C33 PX4 BC . 6.62 -36.94 45.55
C34 PX4 BC . 7.47 -35.87 44.84
C35 PX4 BC . 6.97 -35.50 43.44
C36 PX4 BC . 7.60 -34.21 42.93
O1 PX4 CC . -32.01 4.54 59.92
O2 PX4 CC . -29.42 4.47 60.47
P1 PX4 CC . -30.56 4.56 59.55
O3 PX4 CC . -30.24 6.04 59.02
C1 PX4 CC . -30.33 7.00 60.09
C2 PX4 CC . -30.14 8.47 59.76
N1 PX4 CC . -28.85 8.83 59.15
C3 PX4 CC . -28.51 10.25 59.25
C4 PX4 CC . -27.71 8.13 59.73
C5 PX4 CC . -28.81 8.50 57.71
O4 PX4 CC . -30.30 3.74 58.21
C6 PX4 CC . -29.11 4.26 57.61
C7 PX4 CC . -29.11 4.05 56.09
C8 PX4 CC . -30.41 3.40 55.60
O5 PX4 CC . -30.22 2.37 54.61
C9 PX4 CC . -31.29 1.68 54.16
O6 PX4 CC . -32.44 2.00 54.50
C10 PX4 CC . -31.04 0.44 53.30
C11 PX4 CC . -30.22 1.00 52.15
C12 PX4 CC . -30.23 0.00 50.98
C13 PX4 CC . -29.74 0.60 49.66
C14 PX4 CC . -30.45 0.09 48.41
C15 PX4 CC . -30.11 1.11 47.33
C16 PX4 CC . -30.51 0.72 45.90
C17 PX4 CC . -29.79 1.83 45.14
C18 PX4 CC . -30.35 1.86 43.71
C19 PX4 CC . -29.89 3.05 42.86
C20 PX4 CC . -30.47 2.95 41.45
C21 PX4 CC . -31.95 2.64 41.63
C22 PX4 CC . -32.62 2.10 40.36
O7 PX4 CC . -28.97 5.26 55.35
C23 PX4 CC . -27.78 5.91 55.20
O8 PX4 CC . -26.90 6.00 56.06
C24 PX4 CC . -27.84 7.08 54.20
C25 PX4 CC . -27.62 6.58 52.77
C26 PX4 CC . -28.92 5.99 52.21
C27 PX4 CC . -28.86 5.94 50.69
C28 PX4 CC . -29.98 4.97 50.27
C29 PX4 CC . -31.35 5.30 50.88
C30 PX4 CC . -31.84 6.60 50.26
C31 PX4 CC . -33.34 6.91 50.35
C32 PX4 CC . -34.12 6.06 49.34
C33 PX4 CC . -33.55 6.37 47.96
C34 PX4 CC . -34.14 5.42 46.91
C35 PX4 CC . -33.61 5.60 45.50
C36 PX4 CC . -34.14 4.74 44.35
O1 PX4 DC . -30.76 -0.75 61.86
O2 PX4 DC . -32.85 0.83 62.01
P1 PX4 DC . -32.01 -0.17 61.30
O3 PX4 DC . -32.91 -1.49 61.23
C1 PX4 DC . -33.07 -2.04 62.54
C2 PX4 DC . -34.24 -3.00 62.76
N1 PX4 DC . -35.59 -2.48 62.50
C3 PX4 DC . -36.43 -3.70 62.51
C4 PX4 DC . -36.14 -1.59 63.52
C5 PX4 DC . -35.73 -2.11 61.09
O4 PX4 DC . -31.85 0.13 59.72
C6 PX4 DC . -30.53 -0.19 59.30
C7 PX4 DC . -30.54 -0.41 57.78
C8 PX4 DC . -31.87 -0.03 57.16
O5 PX4 DC . -32.34 -0.90 56.13
C9 PX4 DC . -33.68 -0.96 55.93
O6 PX4 DC . -34.44 -0.12 56.42
C10 PX4 DC . -34.19 -2.11 55.05
C11 PX4 DC . -34.28 -1.75 53.57
C12 PX4 DC . -34.45 -2.97 52.67
C13 PX4 DC . -34.38 -2.58 51.19
C14 PX4 DC . -34.82 -3.81 50.40
C15 PX4 DC . -35.06 -3.45 48.93
C16 PX4 DC . -35.54 -4.58 48.00
C17 PX4 DC . -35.59 -4.30 46.49
C18 PX4 DC . -35.73 -5.57 45.64
C19 PX4 DC . -35.88 -5.33 44.15
C20 PX4 DC . -34.89 -4.33 43.55
C21 PX4 DC . -34.77 -4.55 42.04
C22 PX4 DC . -36.07 -4.49 41.26
O7 PX4 DC . -29.55 0.46 57.21
C23 PX4 DC . -28.24 0.14 57.20
O8 PX4 DC . -27.86 -0.83 57.84
C24 PX4 DC . -27.22 0.91 56.34
C25 PX4 DC . -27.05 0.24 54.98
C26 PX4 DC . -26.01 0.97 54.13
C27 PX4 DC . -26.42 2.41 53.77
C28 PX4 DC . -25.61 2.99 52.62
C29 PX4 DC . -26.37 2.45 51.40
C30 PX4 DC . -25.82 3.12 50.14
C31 PX4 DC . -26.55 2.50 48.94
C32 PX4 DC . -25.63 2.47 47.72
C33 PX4 DC . -26.40 2.10 46.45
C34 PX4 DC . -25.47 2.05 45.24
C35 PX4 DC . -24.24 1.22 45.63
C36 PX4 DC . -23.27 1.29 44.44
O1 PX4 EC . 2.44 36.83 49.14
O2 PX4 EC . 3.14 38.29 51.14
P1 PX4 EC . 2.09 37.74 50.25
O3 PX4 EC . 0.89 37.08 51.08
C1 PX4 EC . 0.55 38.06 52.07
C2 PX4 EC . -0.21 37.46 53.24
N1 PX4 EC . 0.58 36.64 54.16
C3 PX4 EC . -0.16 36.42 55.42
C4 PX4 EC . 0.85 35.31 53.64
C5 PX4 EC . 1.82 37.37 54.49
O4 PX4 EC . 1.19 38.93 49.62
C6 PX4 EC . 1.47 38.94 48.21
C7 PX4 EC . 0.68 40.13 47.68
C8 PX4 EC . 1.65 41.33 47.72
O5 PX4 EC . 2.93 41.06 47.15
C9 PX4 EC . 3.74 42.15 47.20
O6 PX4 EC . 3.64 42.95 48.12
C10 PX4 EC . 4.92 42.12 46.23
C11 PX4 EC . 5.20 43.45 45.52
C12 PX4 EC . 3.95 43.93 44.79
C13 PX4 EC . 4.26 45.10 43.86
C14 PX4 EC . 3.11 45.93 43.30
C15 PX4 EC . 3.53 47.01 42.28
C16 PX4 EC . 4.06 46.59 40.91
C17 PX4 EC . 3.42 47.49 39.84
C18 PX4 EC . 3.87 47.19 38.40
C19 PX4 EC . 3.26 48.15 37.38
C20 PX4 EC . 3.66 47.69 35.97
C21 PX4 EC . 2.95 48.57 34.94
C22 PX4 EC . 3.40 48.15 33.55
O7 PX4 EC . -0.07 39.90 46.48
C23 PX4 EC . -1.30 39.36 46.65
O8 PX4 EC . -1.78 39.13 47.76
C24 PX4 EC . -2.24 39.24 45.45
C25 PX4 EC . -1.68 38.51 44.23
C26 PX4 EC . -2.69 38.78 43.10
C27 PX4 EC . -2.25 38.11 41.79
C28 PX4 EC . -0.72 38.22 41.73
C29 PX4 EC . -0.29 37.87 40.31
C30 PX4 EC . 1.21 38.12 40.24
C31 PX4 EC . 2.00 37.46 39.11
C32 PX4 EC . 3.52 37.69 39.18
C33 PX4 EC . 4.29 37.51 37.87
C34 PX4 EC . 4.30 36.02 37.54
C35 PX4 EC . 5.03 35.20 38.61
C36 PX4 EC . 4.84 33.70 38.42
O1 PX4 FC . 30.32 24.19 50.68
O2 PX4 FC . 31.74 26.26 49.90
P1 PX4 FC . 30.48 25.46 49.95
O3 PX4 FC . 29.30 26.45 50.42
C1 PX4 FC . 29.90 27.45 51.24
C2 PX4 FC . 29.91 28.86 50.62
N1 PX4 FC . 28.66 29.56 50.33
C3 PX4 FC . 28.88 31.02 50.35
C4 PX4 FC . 28.15 29.16 49.00
C5 PX4 FC . 27.62 29.37 51.35
O4 PX4 FC . 29.82 25.37 48.48
C6 PX4 FC . 28.87 24.31 48.42
C7 PX4 FC . 28.53 24.04 46.95
C8 PX4 FC . 28.70 25.37 46.22
O5 PX4 FC . 27.46 25.84 45.69
C9 PX4 FC . 27.27 25.58 44.37
O6 PX4 FC . 28.29 25.32 43.73
C10 PX4 FC . 25.94 25.89 43.66
C11 PX4 FC . 25.95 27.30 43.07
C12 PX4 FC . 24.58 27.70 42.48
C13 PX4 FC . 24.55 28.95 41.63
C14 PX4 FC . 23.22 29.53 41.17
C15 PX4 FC . 23.57 30.97 40.76
C16 PX4 FC . 22.21 31.59 40.41
C17 PX4 FC . 22.32 33.03 39.89
C18 PX4 FC . 20.94 33.40 39.34
C19 PX4 FC . 20.40 32.40 38.33
C20 PX4 FC . 19.23 33.18 37.73
C21 PX4 FC . 18.56 32.25 36.72
C22 PX4 FC . 17.38 32.92 36.00
O7 PX4 FC . 29.20 22.92 46.37
C23 PX4 FC . 28.44 22.11 45.59
O8 PX4 FC . 27.23 22.06 45.70
C24 PX4 FC . 29.29 21.11 44.80
C25 PX4 FC . 29.30 19.75 45.50
C26 PX4 FC . 30.13 18.75 44.67
C27 PX4 FC . 29.56 18.69 43.26
C28 PX4 FC . 30.60 17.97 42.37
C29 PX4 FC . 30.17 18.00 40.91
C30 PX4 FC . 31.22 17.27 40.05
C31 PX4 FC . 30.92 17.67 38.60
C32 PX4 FC . 31.79 17.11 37.48
C33 PX4 FC . 31.55 17.90 36.17
C34 PX4 FC . 32.44 17.32 35.07
C35 PX4 FC . 32.19 18.09 33.77
C36 PX4 FC . 33.19 17.70 32.68
O1 PX4 GC . 11.26 -27.91 59.35
O2 PX4 GC . 13.50 -29.00 58.83
P1 PX4 GC . 12.17 -28.53 58.36
O3 PX4 GC . 12.49 -27.41 57.24
C1 PX4 GC . 11.56 -26.33 57.35
C2 PX4 GC . 11.74 -25.33 56.21
N1 PX4 GC . 11.53 -23.87 56.24
C3 PX4 GC . 12.02 -23.32 54.97
C4 PX4 GC . 10.15 -23.45 56.58
C5 PX4 GC . 12.44 -23.36 57.27
O4 PX4 GC . 11.58 -29.76 57.50
C6 PX4 GC . 12.28 -29.81 56.26
C7 PX4 GC . 12.12 -31.10 55.46
C8 PX4 GC . 10.89 -30.97 54.56
O5 PX4 GC . 10.66 -29.61 54.20
C9 PX4 GC . 9.71 -29.48 53.23
O6 PX4 GC . 9.06 -30.37 52.70
C10 PX4 GC . 9.44 -27.99 52.98
C11 PX4 GC . 10.25 -27.36 51.87
C12 PX4 GC . 9.67 -27.92 50.57
C13 PX4 GC . 10.27 -27.16 49.39
C14 PX4 GC . 9.49 -27.42 48.10
C15 PX4 GC . 8.01 -27.01 48.02
C16 PX4 GC . 7.38 -27.14 46.62
C17 PX4 GC . 6.02 -26.46 46.58
C18 PX4 GC . 5.43 -26.22 45.19
C19 PX4 GC . 6.00 -24.95 44.57
C20 PX4 GC . 5.68 -23.72 45.46
C21 PX4 GC . 6.59 -22.56 45.09
C22 PX4 GC . 6.27 -21.32 45.94
O7 PX4 GC . 13.32 -31.56 54.83
C23 PX4 GC . 14.09 -32.40 55.58
O8 PX4 GC . 13.73 -32.58 56.75
C24 PX4 GC . 15.41 -32.84 54.95
C25 PX4 GC . 16.27 -31.66 54.49
C26 PX4 GC . 17.66 -32.14 54.11
C27 PX4 GC . 17.63 -33.17 52.99
C28 PX4 GC . 17.21 -32.45 51.70
C29 PX4 GC . 17.18 -33.41 50.51
C30 PX4 GC . 17.05 -32.78 49.12
C31 PX4 GC . 17.00 -33.98 48.17
C32 PX4 GC . 16.89 -33.61 46.70
C33 PX4 GC . 16.69 -34.95 45.95
C34 PX4 GC . 16.42 -34.64 44.48
C35 PX4 GC . 15.09 -33.89 44.34
C36 PX4 GC . 14.85 -33.63 42.85
O1 PX4 HC . 3.37 -19.94 58.35
O2 PX4 HC . 4.51 -21.40 60.25
P1 PX4 HC . 4.41 -20.86 58.88
O3 PX4 HC . 5.81 -20.09 58.67
C1 PX4 HC . 5.76 -19.09 59.68
C2 PX4 HC . 6.85 -18.01 59.61
N1 PX4 HC . 7.10 -17.26 58.37
C3 PX4 HC . 8.13 -16.37 58.93
C4 PX4 HC . 7.58 -18.00 57.20
C5 PX4 HC . 6.02 -16.34 57.97
O4 PX4 HC . 4.86 -22.00 57.84
C6 PX4 HC . 5.07 -21.46 56.54
C7 PX4 HC . 4.49 -22.27 55.38
C8 PX4 HC . 4.50 -23.80 55.50
O5 PX4 HC . 5.45 -24.32 54.58
C9 PX4 HC . 6.80 -24.28 54.63
O6 PX4 HC . 7.36 -23.61 55.51
C10 PX4 HC . 7.46 -24.63 53.29
C11 PX4 HC . 8.33 -23.52 52.71
C12 PX4 HC . 9.03 -23.86 51.40
C13 PX4 HC . 9.77 -22.67 50.78
C14 PX4 HC . 10.54 -22.95 49.49
C15 PX4 HC . 9.74 -23.55 48.34
C16 PX4 HC . 10.84 -23.84 47.31
C17 PX4 HC . 10.31 -24.43 46.00
C18 PX4 HC . 11.50 -24.65 45.07
C19 PX4 HC . 11.01 -25.44 43.83
C20 PX4 HC . 12.05 -25.69 42.74
C21 PX4 HC . 12.54 -24.39 42.10
C22 PX4 HC . 13.65 -24.66 41.07
O7 PX4 HC . 3.24 -21.69 55.03
C23 PX4 HC . 3.28 -21.05 53.84
O8 PX4 HC . 4.34 -20.62 53.37
C24 PX4 HC . 1.93 -20.50 53.39
C25 PX4 HC . 1.36 -21.35 52.25
C26 PX4 HC . 1.65 -20.76 50.88
C27 PX4 HC . 1.18 -21.70 49.79
C28 PX4 HC . 2.03 -21.28 48.58
C29 PX4 HC . 1.55 -21.99 47.31
C30 PX4 HC . 2.20 -21.61 45.98
C31 PX4 HC . 1.54 -22.50 44.92
C32 PX4 HC . 2.55 -22.57 43.78
C33 PX4 HC . 2.81 -21.15 43.28
C34 PX4 HC . 3.56 -21.33 41.96
C35 PX4 HC . 2.76 -21.96 40.81
C36 PX4 HC . 3.52 -22.02 39.48
O1 PX4 IC . -35.37 10.57 58.08
O2 PX4 IC . -37.59 9.38 57.44
P1 PX4 IC . -36.13 9.57 57.30
O3 PX4 IC . -35.32 8.18 57.32
C1 PX4 IC . -36.16 7.08 56.96
C2 PX4 IC . -35.55 5.77 57.47
N1 PX4 IC . -34.34 5.27 56.81
C3 PX4 IC . -34.58 4.96 55.40
C4 PX4 IC . -33.19 6.16 57.07
C5 PX4 IC . -33.93 3.96 57.33
O4 PX4 IC . -35.88 9.84 55.73
C6 PX4 IC . -34.46 9.78 55.55
C7 PX4 IC . -34.00 9.11 54.25
C8 PX4 IC . -35.25 9.14 53.37
O5 PX4 IC . -35.81 7.85 53.15
C9 PX4 IC . -36.83 7.74 52.28
O6 PX4 IC . -37.35 8.70 51.72
C10 PX4 IC . -37.17 6.33 51.76
C11 PX4 IC . -37.73 6.30 50.34
C12 PX4 IC . -37.79 4.86 49.79
C13 PX4 IC . -37.87 4.87 48.27
C14 PX4 IC . -37.91 3.49 47.60
C15 PX4 IC . -37.95 3.81 46.09
C16 PX4 IC . -38.34 2.51 45.41
C17 PX4 IC . -38.53 2.74 43.90
C18 PX4 IC . -39.58 3.85 43.87
C19 PX4 IC . -39.84 4.41 42.47
C20 PX4 IC . -40.17 3.26 41.51
C21 PX4 IC . -40.60 3.81 40.16
C22 PX4 IC . -39.53 4.62 39.42
O7 PX4 IC . -32.96 9.78 53.56
C23 PX4 IC . -31.63 9.60 53.86
O8 PX4 IC . -31.33 9.07 54.93
C24 PX4 IC . -30.61 10.29 52.97
C25 PX4 IC . -30.92 10.06 51.49
C26 PX4 IC . -29.94 10.89 50.66
C27 PX4 IC . -30.10 10.63 49.16
C28 PX4 IC . -31.47 11.15 48.70
C29 PX4 IC . -31.65 10.81 47.22
C30 PX4 IC . -33.07 11.11 46.74
C31 PX4 IC . -33.23 10.79 45.25
C32 PX4 IC . -32.28 11.66 44.43
C33 PX4 IC . -32.43 11.08 43.02
C34 PX4 IC . -31.77 9.71 43.01
C35 PX4 IC . -32.07 9.01 41.69
C36 PX4 IC . -31.38 7.66 41.45
O1 PX4 JC . -30.54 17.43 57.01
O2 PX4 JC . -31.91 18.60 55.24
P1 PX4 JC . -31.62 17.37 56.01
O3 PX4 JC . -32.85 17.28 57.05
C1 PX4 JC . -34.08 17.73 56.47
C2 PX4 JC . -35.30 17.04 57.09
N1 PX4 JC . -36.67 17.21 56.57
C3 PX4 JC . -36.87 16.61 55.25
C4 PX4 JC . -37.63 16.51 57.43
C5 PX4 JC . -37.14 18.59 56.45
O4 PX4 JC . -31.80 15.96 55.23
C6 PX4 JC . -30.82 15.09 55.79
C7 PX4 JC . -31.03 13.70 55.18
C8 PX4 JC . -31.51 13.90 53.74
O5 PX4 JC . -32.82 13.44 53.39
C9 PX4 JC . -33.17 13.44 52.07
O6 PX4 JC . -32.40 14.04 51.33
C10 PX4 JC . -34.62 13.01 51.84
C11 PX4 JC . -34.70 12.04 50.64
C12 PX4 JC . -36.06 11.94 49.97
C13 PX4 JC . -36.17 10.88 48.87
C14 PX4 JC . -37.60 10.31 48.83
C15 PX4 JC . -37.81 9.08 47.94
C16 PX4 JC . -37.67 9.50 46.48
C17 PX4 JC . -37.35 8.23 45.71
C18 PX4 JC . -36.97 8.55 44.25
C19 PX4 JC . -36.81 7.22 43.51
C20 PX4 JC . -36.74 7.32 41.98
C21 PX4 JC . -36.41 5.95 41.40
C22 PX4 JC . -36.21 6.10 39.89
O7 PX4 JC . -29.84 12.91 55.01
C23 PX4 JC . -29.17 12.30 56.01
O8 PX4 JC . -29.65 12.08 57.13
C24 PX4 JC . -27.75 11.87 55.63
C25 PX4 JC . -27.69 11.44 54.16
C26 PX4 JC . -26.33 11.72 53.55
C27 PX4 JC . -26.17 11.54 52.05
C28 PX4 JC . -26.45 10.06 51.80
C29 PX4 JC . -26.01 9.93 50.34
C30 PX4 JC . -26.34 8.53 49.83
C31 PX4 JC . -25.58 8.33 48.51
C32 PX4 JC . -26.17 7.20 47.66
C33 PX4 JC . -27.44 7.70 47.00
C34 PX4 JC . -28.23 6.64 46.25
C35 PX4 JC . -29.52 7.24 45.73
C36 PX4 JC . -30.29 6.24 44.87
O1 PX4 KC . -14.37 3.80 54.97
O2 PX4 KC . -16.45 4.91 53.97
P1 PX4 KC . -15.64 3.71 54.22
O3 PX4 KC . -16.43 2.50 54.93
C1 PX4 KC . -15.94 1.18 54.65
C2 PX4 KC . -16.80 0.22 55.46
N1 PX4 KC . -17.00 0.35 56.90
C3 PX4 KC . -17.41 -1.01 57.25
C4 PX4 KC . -15.77 0.69 57.65
C5 PX4 KC . -17.89 1.46 57.26
O4 PX4 KC . -15.34 2.94 52.84
C6 PX4 KC . -16.13 3.51 51.79
C7 PX4 KC . -16.06 2.82 50.44
C8 PX4 KC . -16.11 1.35 50.87
O5 PX4 KC . -15.46 0.48 49.91
C9 PX4 KC . -15.37 -0.84 50.20
O6 PX4 KC . -15.28 -1.10 51.40
C10 PX4 KC . -14.83 -1.77 49.12
C11 PX4 KC . -14.78 -1.20 47.72
C12 PX4 KC . -14.00 -2.07 46.74
C13 PX4 KC . -14.10 -1.38 45.38
C14 PX4 KC . -14.07 -2.42 44.25
C15 PX4 KC . -14.29 -1.63 42.95
C16 PX4 KC . -14.17 -2.53 41.73
C17 PX4 KC . -14.45 -1.84 40.39
C18 PX4 KC . -13.83 -2.70 39.30
C19 PX4 KC . -14.09 -2.08 37.92
C20 PX4 KC . -13.32 -2.56 36.69
C21 PX4 KC . -13.52 -4.07 36.51
C22 PX4 KC . -15.03 -4.25 36.23
O7 PX4 KC . -17.07 3.30 49.55
C23 PX4 KC . -17.03 4.55 49.01
O8 PX4 KC . -16.16 5.36 49.32
C24 PX4 KC . -18.03 4.69 47.86
C25 PX4 KC . -18.80 3.42 47.49
C26 PX4 KC . -19.72 3.62 46.30
C27 PX4 KC . -19.05 4.25 45.07
C28 PX4 KC . -19.90 3.91 43.83
C29 PX4 KC . -18.99 4.05 42.62
C30 PX4 KC . -19.71 3.90 41.26
C31 PX4 KC . -18.88 3.61 40.01
C32 PX4 KC . -19.98 3.70 38.95
C33 PX4 KC . -21.10 2.71 39.28
C34 PX4 KC . -20.66 1.25 39.44
C35 PX4 KC . -21.94 0.48 39.73
C36 PX4 KC . -21.89 -1.03 39.96
O1 PX4 LC . -20.13 -11.23 56.39
O2 PX4 LC . -20.47 -8.59 56.01
P1 PX4 LC . -20.90 -10.00 56.18
O3 PX4 LC . -22.02 -9.86 57.33
C1 PX4 LC . -21.37 -9.39 58.51
C2 PX4 LC . -22.36 -8.96 59.61
N1 PX4 LC . -21.77 -8.89 60.95
C3 PX4 LC . -22.81 -8.32 61.83
C4 PX4 LC . -21.43 -10.19 61.54
C5 PX4 LC . -20.60 -8.02 60.99
O4 PX4 LC . -21.94 -10.37 55.00
C6 PX4 LC . -21.08 -10.80 53.93
C7 PX4 LC . -21.64 -11.31 52.60
C8 PX4 LC . -23.15 -11.07 52.53
O5 PX4 LC . -23.97 -11.61 51.48
C9 PX4 LC . -25.29 -11.36 51.66
O6 PX4 LC . -25.79 -10.85 52.67
C10 PX4 LC . -25.97 -11.56 50.31
C11 PX4 LC . -27.34 -10.94 50.03
C12 PX4 LC . -27.81 -11.21 48.59
C13 PX4 LC . -26.81 -10.80 47.51
C14 PX4 LC . -27.55 -11.01 46.18
C15 PX4 LC . -26.60 -10.80 44.99
C16 PX4 LC . -27.34 -10.40 43.72
C17 PX4 LC . -28.27 -11.54 43.27
C18 PX4 LC . -29.41 -10.95 42.45
C19 PX4 LC . -29.77 -11.93 41.33
C20 PX4 LC . -30.96 -11.54 40.46
C21 PX4 LC . -31.03 -12.34 39.15
C22 PX4 LC . -29.64 -12.16 38.50
O7 PX4 LC . -20.88 -10.91 51.46
C23 PX4 LC . -19.95 -11.83 51.09
O8 PX4 LC . -19.67 -12.75 51.85
C24 PX4 LC . -19.35 -11.63 49.71
C25 PX4 LC . -19.86 -12.68 48.71
C26 PX4 LC . -19.42 -12.44 47.26
C27 PX4 LC . -20.31 -13.08 46.19
C28 PX4 LC . -19.88 -12.88 44.73
C29 PX4 LC . -20.87 -13.58 43.81
C30 PX4 LC . -20.38 -15.00 43.57
C31 PX4 LC . -20.96 -15.62 42.31
C32 PX4 LC . -20.90 -14.61 41.16
C33 PX4 LC . -21.21 -15.24 39.81
C34 PX4 LC . -21.00 -14.18 38.72
C35 PX4 LC . -21.84 -12.93 38.96
C36 PX4 LC . -21.69 -11.71 38.04
O1 PX4 MC . 14.46 31.22 45.63
O2 PX4 MC . 15.36 31.67 47.93
P1 PX4 MC . 15.54 31.00 46.62
O3 PX4 MC . 16.85 31.73 46.01
C1 PX4 MC . 16.48 33.10 45.87
C2 PX4 MC . 17.63 33.89 45.22
N1 PX4 MC . 17.50 35.29 44.80
C3 PX4 MC . 17.55 36.18 45.97
C4 PX4 MC . 18.56 35.59 43.83
C5 PX4 MC . 16.16 35.54 44.27
O4 PX4 MC . 15.83 29.43 46.75
C6 PX4 MC . 16.18 29.05 45.41
C7 PX4 MC . 16.69 27.62 45.23
C8 PX4 MC . 15.43 26.96 44.67
O5 PX4 MC . 14.90 27.53 43.47
C9 PX4 MC . 14.00 26.75 42.84
O6 PX4 MC . 13.60 25.65 43.24
C10 PX4 MC . 13.37 27.48 41.65
C11 PX4 MC . 14.45 28.28 40.93
C12 PX4 MC . 13.87 29.33 39.98
C13 PX4 MC . 12.94 28.61 38.99
C14 PX4 MC . 12.49 29.66 37.98
C15 PX4 MC . 11.72 30.74 38.75
C16 PX4 MC . 11.73 32.00 37.89
C17 PX4 MC . 13.12 32.61 37.69
C18 PX4 MC . 13.56 33.09 39.08
C19 PX4 MC . 15.07 33.38 39.10
C20 PX4 MC . 15.64 33.58 40.49
C21 PX4 MC . 17.09 34.08 40.47
C22 PX4 MC . 17.11 35.53 39.99
O7 PX4 MC . 17.77 27.55 44.29
C23 PX4 MC . 18.36 26.34 44.09
O8 PX4 MC . 18.09 25.32 44.74
C24 PX4 MC . 19.45 26.46 43.02
C25 PX4 MC . 19.79 25.20 42.22
C26 PX4 MC . 21.12 25.47 41.50
C27 PX4 MC . 21.64 24.18 40.87
C28 PX4 MC . 23.13 24.19 40.49
C29 PX4 MC . 23.50 25.47 39.75
C30 PX4 MC . 24.75 25.38 38.86
C31 PX4 MC . 24.60 24.16 37.94
C32 PX4 MC . 25.66 23.84 36.88
C33 PX4 MC . 25.18 22.75 35.92
C34 PX4 MC . 25.64 23.06 34.49
C35 PX4 MC . 24.72 24.10 33.86
C36 PX4 MC . 24.41 23.68 32.41
O1 PX4 NC . 3.60 -7.54 51.89
O2 PX4 NC . 2.34 -5.56 50.70
P1 PX4 NC . 2.38 -6.86 51.40
O3 PX4 NC . 1.70 -6.54 52.81
C1 PX4 NC . 2.57 -5.65 53.52
C2 PX4 NC . 1.69 -4.76 54.40
N1 PX4 NC . 1.16 -3.53 53.80
C3 PX4 NC . 2.06 -2.93 52.79
C4 PX4 NC . -0.18 -3.77 53.27
C5 PX4 NC . 1.01 -2.56 54.90
O4 PX4 NC . 1.19 -7.79 50.83
C6 PX4 NC . 1.41 -9.03 51.49
C7 PX4 NC . 0.91 -10.18 50.61
C8 PX4 NC . 0.01 -9.62 49.52
O5 PX4 NC . -1.15 -10.33 49.05
C9 PX4 NC . -1.61 -9.91 47.86
O6 PX4 NC . -1.05 -8.97 47.29
C10 PX4 NC . -2.83 -10.60 47.26
C11 PX4 NC . -3.15 -10.26 45.80
C12 PX4 NC . -4.46 -10.91 45.34
C13 PX4 NC . -4.95 -10.57 43.93
C14 PX4 NC . -6.43 -10.92 43.85
C15 PX4 NC . -6.97 -10.63 42.45
C16 PX4 NC . -8.46 -11.02 42.48
C17 PX4 NC . -9.19 -9.95 43.30
C18 PX4 NC . -10.70 -10.14 43.23
C19 PX4 NC . -11.12 -11.38 44.03
C20 PX4 NC . -10.85 -11.06 45.50
C21 PX4 NC . -11.82 -10.01 46.03
C22 PX4 NC . -11.37 -9.64 47.45
O7 PX4 NC . 2.04 -10.81 50.02
C23 PX4 NC . 1.84 -12.11 49.67
O8 PX4 NC . 0.98 -12.81 50.23
C24 PX4 NC . 2.94 -12.66 48.76
C25 PX4 NC . 4.29 -12.95 49.44
C26 PX4 NC . 5.48 -13.23 48.52
C27 PX4 NC . 5.86 -12.08 47.59
C28 PX4 NC . 7.10 -12.35 46.72
C29 PX4 NC . 7.33 -11.19 45.73
C30 PX4 NC . 6.17 -10.79 44.82
C31 PX4 NC . 5.90 -11.94 43.85
C32 PX4 NC . 5.33 -11.33 42.58
C33 PX4 NC . 4.91 -12.38 41.53
C34 PX4 NC . 4.48 -11.69 40.24
C35 PX4 NC . 3.45 -10.59 40.49
C36 PX4 NC . 3.13 -9.75 39.26
O1 PX4 OC . -3.18 -16.66 58.91
O2 PX4 OC . -0.94 -17.98 58.96
P1 PX4 OC . -1.92 -17.09 58.28
O3 PX4 OC . -1.39 -15.71 57.65
C1 PX4 OC . -2.44 -14.93 57.06
C2 PX4 OC . -1.94 -13.80 56.16
N1 PX4 OC . -1.14 -12.77 56.83
C3 PX4 OC . 0.27 -13.15 56.97
C4 PX4 OC . -1.28 -11.55 56.02
C5 PX4 OC . -1.64 -12.19 58.09
O4 PX4 OC . -2.26 -17.73 56.84
C6 PX4 OC . -0.97 -17.91 56.25
C7 PX4 OC . -0.98 -18.53 54.85
C8 PX4 OC . -1.90 -19.75 54.86
O5 PX4 OC . -1.29 -20.89 54.25
C9 PX4 OC . -2.00 -22.04 54.34
O6 PX4 OC . -3.03 -22.13 55.00
C10 PX4 OC . -1.44 -23.24 53.56
C11 PX4 OC . -2.53 -23.83 52.68
C12 PX4 OC . -2.10 -25.16 52.05
C13 PX4 OC . -1.41 -24.76 50.75
C14 PX4 OC . -1.02 -26.03 49.98
C15 PX4 OC . -0.56 -25.68 48.58
C16 PX4 OC . -1.69 -24.85 47.96
C17 PX4 OC . -1.36 -24.32 46.55
C18 PX4 OC . -0.96 -25.44 45.60
C19 PX4 OC . -0.97 -24.86 44.18
C20 PX4 OC . -2.15 -23.91 44.06
C21 PX4 OC . -1.96 -23.16 42.74
C22 PX4 OC . -3.19 -22.25 42.76
O7 PX4 OC . -1.49 -17.55 53.93
C23 PX4 OC . -0.56 -16.77 53.32
O8 PX4 OC . 0.61 -16.76 53.64
C24 PX4 OC . -1.07 -15.72 52.32
C25 PX4 OC . -1.29 -16.17 50.87
C26 PX4 OC . -1.97 -14.98 50.19
C27 PX4 OC . -2.18 -15.28 48.72
C28 PX4 OC . -2.67 -14.07 47.95
C29 PX4 OC . -2.66 -14.41 46.46
C30 PX4 OC . -3.75 -15.47 46.25
C31 PX4 OC . -3.90 -15.61 44.72
C32 PX4 OC . -4.66 -16.86 44.29
C33 PX4 OC . -5.47 -16.59 43.02
C34 PX4 OC . -6.46 -15.43 43.14
C35 PX4 OC . -7.29 -15.23 41.87
C36 PX4 OC . -7.88 -16.56 41.42
O1 PX4 PC . 10.04 -15.72 55.02
O2 PX4 PC . 12.49 -16.51 54.78
P1 PX4 PC . 11.17 -16.18 54.19
O3 PX4 PC . 11.66 -14.87 53.40
C1 PX4 PC . 11.99 -13.90 54.40
C2 PX4 PC . 12.03 -12.44 53.92
N1 PX4 PC . 10.91 -11.70 53.33
C3 PX4 PC . 11.10 -11.51 51.89
C4 PX4 PC . 9.63 -12.40 53.51
C5 PX4 PC . 10.70 -10.41 54.03
O4 PX4 PC . 10.64 -17.14 53.00
C6 PX4 PC . 9.27 -16.88 52.73
C7 PX4 PC . 8.65 -17.49 51.45
C8 PX4 PC . 9.50 -18.68 50.98
O5 PX4 PC . 10.05 -18.51 49.66
C9 PX4 PC . 11.24 -19.14 49.49
O6 PX4 PC . 11.79 -19.65 50.46
C10 PX4 PC . 11.74 -19.01 48.04
C11 PX4 PC . 10.75 -19.65 47.08
C12 PX4 PC . 11.57 -19.92 45.81
C13 PX4 PC . 10.62 -20.36 44.69
C14 PX4 PC . 11.54 -20.43 43.47
C15 PX4 PC . 10.67 -20.69 42.25
C16 PX4 PC . 9.82 -21.95 42.55
C17 PX4 PC . 8.76 -22.05 41.46
C18 PX4 PC . 8.02 -23.40 41.46
C19 PX4 PC . 7.07 -23.69 40.29
C20 PX4 PC . 6.51 -25.11 40.49
C21 PX4 PC . 7.69 -26.02 40.82
C22 PX4 PC . 7.35 -27.39 41.43
O7 PX4 PC . 7.28 -17.82 51.54
C23 PX4 PC . 6.37 -16.96 50.99
O8 PX4 PC . 6.61 -15.78 50.84
C24 PX4 PC . 4.92 -17.42 50.90
C25 PX4 PC . 4.10 -16.73 49.81
C26 PX4 PC . 2.61 -17.05 50.00
C27 PX4 PC . 1.83 -16.68 48.73
C28 PX4 PC . 2.31 -17.66 47.65
C29 PX4 PC . 1.66 -17.32 46.29
C30 PX4 PC . 2.13 -15.88 46.02
C31 PX4 PC . 1.60 -15.50 44.63
C32 PX4 PC . 2.19 -14.13 44.34
C33 PX4 PC . 1.60 -13.64 43.01
C34 PX4 PC . 0.09 -13.42 42.99
C35 PX4 PC . -0.45 -12.61 41.80
C36 PX4 PC . -1.73 -11.85 42.18
O1 PX4 QC . 14.66 -12.31 50.02
O2 PX4 QC . 14.56 -11.30 52.38
P1 PX4 QC . 15.16 -12.25 51.40
O3 PX4 QC . 16.77 -12.27 51.51
C1 PX4 QC . 17.10 -12.91 52.74
C2 PX4 QC . 18.59 -12.80 53.11
N1 PX4 QC . 18.93 -13.21 54.48
C3 PX4 QC . 18.06 -12.86 55.62
C4 PX4 QC . 19.26 -14.64 54.51
C5 PX4 QC . 20.20 -12.54 54.79
O4 PX4 QC . 14.90 -13.76 51.91
C6 PX4 QC . 14.74 -14.55 50.73
C7 PX4 QC . 14.36 -16.02 50.93
C8 PX4 QC . 12.87 -16.10 50.60
O5 PX4 QC . 12.52 -15.52 49.35
C9 PX4 QC . 11.22 -15.19 49.12
O6 PX4 QC . 10.44 -15.07 50.08
C10 PX4 QC . 10.82 -14.84 47.69
C11 PX4 QC . 9.53 -15.58 47.31
C12 PX4 QC . 9.15 -15.34 45.85
C13 PX4 QC . 7.73 -15.93 45.72
C14 PX4 QC . 7.28 -15.78 44.26
C15 PX4 QC . 5.98 -16.54 44.07
C16 PX4 QC . 5.66 -16.37 42.57
C17 PX4 QC . 4.22 -16.74 42.27
C18 PX4 QC . 3.76 -16.20 40.91
C19 PX4 QC . 2.29 -16.62 40.75
C20 PX4 QC . 1.80 -16.30 39.34
C21 PX4 QC . 0.31 -16.62 39.21
C22 PX4 QC . 0.26 -18.13 39.47
O7 PX4 QC . 15.21 -16.85 50.14
C23 PX4 QC . 15.40 -18.11 50.63
O8 PX4 QC . 14.93 -18.51 51.69
C24 PX4 QC . 16.03 -19.08 49.62
C25 PX4 QC . 14.95 -20.11 49.25
C26 PX4 QC . 15.43 -21.05 48.13
C27 PX4 QC . 15.70 -20.31 46.83
C28 PX4 QC . 15.73 -21.23 45.60
C29 PX4 QC . 16.31 -20.39 44.45
C30 PX4 QC . 16.33 -21.26 43.19
C31 PX4 QC . 16.33 -20.44 41.91
C32 PX4 QC . 17.55 -19.52 41.86
C33 PX4 QC . 17.57 -18.70 40.57
C34 PX4 QC . 17.59 -17.22 40.92
C35 PX4 QC . 17.55 -16.32 39.66
C36 PX4 QC . 16.18 -16.35 39.02
O1 PX4 RC . -11.08 3.79 52.33
O2 PX4 RC . -10.96 5.60 50.44
P1 PX4 RC . -11.69 4.55 51.22
O3 PX4 RC . -13.11 5.20 51.57
C1 PX4 RC . -12.77 6.13 52.60
C2 PX4 RC . -14.01 6.88 53.07
N1 PX4 RC . -14.48 8.03 52.29
C3 PX4 RC . -15.51 8.75 53.03
C4 PX4 RC . -13.51 9.11 52.02
C5 PX4 RC . -15.17 7.66 51.05
O4 PX4 RC . -12.24 3.45 50.19
C6 PX4 RC . -12.45 4.17 48.97
C7 PX4 RC . -12.69 3.24 47.79
C8 PX4 RC . -12.45 1.84 48.34
O5 PX4 RC . -11.17 1.30 48.03
C9 PX4 RC . -11.07 -0.02 48.35
O6 PX4 RC . -11.72 -0.46 49.29
C10 PX4 RC . -9.89 -0.69 47.62
C11 PX4 RC . -10.38 -1.46 46.40
C12 PX4 RC . -9.19 -1.96 45.58
C13 PX4 RC . -9.53 -2.70 44.27
C14 PX4 RC . -8.30 -3.06 43.46
C15 PX4 RC . -8.77 -4.08 42.41
C16 PX4 RC . -9.67 -3.65 41.23
C17 PX4 RC . -10.16 -4.77 40.32
C18 PX4 RC . -9.01 -5.67 39.86
C19 PX4 RC . -9.41 -6.93 39.11
C20 PX4 RC . -8.20 -7.78 38.74
C21 PX4 RC . -8.61 -9.07 38.02
C22 PX4 RC . -7.37 -9.95 37.83
O7 PX4 RC . -13.95 3.36 47.14
C23 PX4 RC . -14.13 4.36 46.24
O8 PX4 RC . -13.35 5.31 46.21
C24 PX4 RC . -15.48 4.32 45.49
C25 PX4 RC . -15.43 3.29 44.37
C26 PX4 RC . -14.69 3.77 43.12
C27 PX4 RC . -14.45 2.55 42.21
C28 PX4 RC . -13.77 3.04 40.93
C29 PX4 RC . -14.62 4.08 40.20
C30 PX4 RC . -13.71 4.65 39.11
C31 PX4 RC . -14.52 5.82 38.56
C32 PX4 RC . -13.61 6.42 37.49
C33 PX4 RC . -14.15 7.69 36.85
C34 PX4 RC . -14.29 7.55 35.34
C35 PX4 RC . -14.74 8.90 34.77
C36 PX4 RC . -16.15 9.27 35.26
O1 PX4 SC . -14.11 -1.94 57.04
O2 PX4 SC . -13.13 -3.90 55.62
P1 PX4 SC . -14.02 -2.72 55.79
O3 PX4 SC . -13.49 -1.65 54.70
C1 PX4 SC . -12.21 -1.13 55.11
C2 PX4 SC . -11.83 0.10 54.29
N1 PX4 SC . -11.37 -0.01 52.90
C3 PX4 SC . -12.33 0.74 52.10
C4 PX4 SC . -10.10 0.70 52.80
C5 PX4 SC . -11.04 -1.36 52.41
O4 PX4 SC . -15.48 -2.85 55.12
C6 PX4 SC . -15.10 -3.52 53.91
C7 PX4 SC . -16.23 -4.05 53.01
C8 PX4 SC . -17.40 -3.08 53.23
O5 PX4 SC . -18.58 -3.63 53.80
C9 PX4 SC . -19.51 -2.71 54.20
O6 PX4 SC . -19.37 -1.50 54.28
C10 PX4 SC . -20.83 -3.38 54.58
C11 PX4 SC . -21.80 -3.35 53.40
C12 PX4 SC . -21.23 -3.98 52.11
C13 PX4 SC . -21.92 -3.40 50.87
C14 PX4 SC . -21.35 -4.05 49.62
C15 PX4 SC . -22.16 -3.51 48.44
C16 PX4 SC . -21.61 -3.93 47.08
C17 PX4 SC . -22.54 -3.28 46.07
C18 PX4 SC . -22.35 -4.21 44.87
C19 PX4 SC . -22.73 -3.80 43.44
C20 PX4 SC . -22.47 -5.00 42.55
C21 PX4 SC . -22.75 -4.69 41.07
C22 PX4 SC . -22.83 -5.92 40.17
O7 PX4 SC . -15.79 -4.26 51.68
C23 PX4 SC . -14.91 -5.25 51.35
O8 PX4 SC . -14.16 -5.73 52.19
C24 PX4 SC . -14.83 -5.51 49.84
C25 PX4 SC . -16.08 -5.10 49.03
C26 PX4 SC . -15.85 -5.50 47.58
C27 PX4 SC . -16.99 -4.96 46.70
C28 PX4 SC . -16.77 -5.27 45.23
C29 PX4 SC . -17.94 -4.86 44.33
C30 PX4 SC . -17.56 -5.12 42.88
C31 PX4 SC . -18.56 -4.31 42.06
C32 PX4 SC . -18.11 -4.29 40.60
C33 PX4 SC . -18.97 -3.23 39.90
C34 PX4 SC . -18.84 -3.37 38.39
C35 PX4 SC . -19.71 -4.45 37.76
C36 PX4 SC . -19.56 -4.59 36.25
O1 PX4 TC . -23.30 -4.57 60.38
O2 PX4 TC . -25.45 -3.21 60.70
P1 PX4 TC . -24.74 -4.36 60.12
O3 PX4 TC . -25.52 -5.72 60.50
C1 PX4 TC . -26.40 -6.00 59.42
C2 PX4 TC . -27.24 -7.28 59.42
N1 PX4 TC . -28.41 -7.44 58.55
C3 PX4 TC . -27.87 -7.37 57.17
C4 PX4 TC . -29.00 -8.79 58.67
C5 PX4 TC . -29.58 -6.58 58.68
O4 PX4 TC . -24.83 -4.21 58.52
C6 PX4 TC . -24.18 -2.98 58.22
C7 PX4 TC . -23.73 -2.82 56.77
C8 PX4 TC . -24.61 -3.83 56.02
O5 PX4 TC . -23.92 -5.00 55.57
C9 PX4 TC . -24.65 -5.88 54.83
O6 PX4 TC . -25.86 -5.79 55.02
C10 PX4 TC . -23.96 -7.02 54.09
C11 PX4 TC . -23.65 -6.71 52.61
C12 PX4 TC . -24.90 -6.52 51.75
C13 PX4 TC . -24.60 -6.77 50.27
C14 PX4 TC . -25.82 -6.82 49.34
C15 PX4 TC . -25.45 -6.38 47.91
C16 PX4 TC . -26.62 -6.55 46.93
C17 PX4 TC . -26.14 -6.28 45.50
C18 PX4 TC . -27.28 -6.51 44.51
C19 PX4 TC . -26.78 -6.40 43.07
C20 PX4 TC . -27.91 -6.95 42.19
C21 PX4 TC . -27.66 -6.52 40.74
C22 PX4 TC . -28.90 -6.69 39.86
O7 PX4 TC . -23.76 -1.52 56.20
C23 PX4 TC . -23.01 -0.50 56.69
O8 PX4 TC . -22.32 -0.64 57.69
C24 PX4 TC . -23.00 0.82 55.90
C25 PX4 TC . -21.70 0.77 55.08
C26 PX4 TC . -21.80 1.67 53.85
C27 PX4 TC . -20.63 1.48 52.88
C28 PX4 TC . -21.18 1.66 51.47
C29 PX4 TC . -20.09 1.40 50.43
C30 PX4 TC . -19.52 0.00 50.24
C31 PX4 TC . -18.69 -0.20 48.98
C32 PX4 TC . -19.50 -0.22 47.69
C33 PX4 TC . -18.44 -0.41 46.60
C34 PX4 TC . -19.11 -0.39 45.22
C35 PX4 TC . -18.20 -0.27 44.00
C36 PX4 TC . -19.17 -0.14 42.84
O1 PX4 UC . -17.12 -10.58 58.03
O2 PX4 UC . -16.48 -12.86 57.07
P1 PX4 UC . -16.16 -11.42 57.27
O3 PX4 UC . -14.69 -11.27 57.88
C1 PX4 UC . -14.80 -10.33 58.96
C2 PX4 UC . -13.73 -10.48 60.04
N1 PX4 UC . -13.80 -11.62 60.96
C3 PX4 UC . -13.74 -12.90 60.24
C4 PX4 UC . -12.52 -11.59 61.68
C5 PX4 UC . -14.96 -11.51 61.85
O4 PX4 UC . -16.01 -10.77 55.80
C6 PX4 UC . -17.28 -10.25 55.42
C7 PX4 UC . -17.24 -9.80 53.95
C8 PX4 UC . -16.69 -10.97 53.14
O5 PX4 UC . -15.57 -10.50 52.39
C9 PX4 UC . -15.09 -11.28 51.39
O6 PX4 UC . -15.49 -12.42 51.23
C10 PX4 UC . -14.05 -10.68 50.44
C11 PX4 UC . -14.71 -9.80 49.36
C12 PX4 UC . -15.47 -10.60 48.30
C13 PX4 UC . -15.69 -9.74 47.06
C14 PX4 UC . -16.61 -10.51 46.10
C15 PX4 UC . -16.58 -9.91 44.69
C16 PX4 UC . -17.79 -10.50 43.93
C17 PX4 UC . -17.79 -10.27 42.43
C18 PX4 UC . -18.77 -11.08 41.56
C19 PX4 UC . -18.87 -10.31 40.23
C20 PX4 UC . -19.89 -9.18 40.38
C21 PX4 UC . -20.01 -8.26 39.16
C22 PX4 UC . -18.71 -7.49 38.91
O7 PX4 UC . -18.48 -9.32 53.41
C23 PX4 UC . -18.51 -7.97 53.46
O8 PX4 UC . -17.66 -7.31 54.06
C24 PX4 UC . -19.75 -7.37 52.78
C25 PX4 UC . -19.84 -7.68 51.29
C26 PX4 UC . -18.72 -7.12 50.41
C27 PX4 UC . -19.33 -6.92 49.02
C28 PX4 UC . -19.91 -8.19 48.41
C29 PX4 UC . -20.82 -7.85 47.22
C30 PX4 UC . -21.16 -8.98 46.25
C31 PX4 UC . -21.78 -8.44 44.95
C32 PX4 UC . -22.14 -9.62 44.06
C33 PX4 UC . -22.93 -9.35 42.77
C34 PX4 UC . -23.27 -10.64 42.02
C35 PX4 UC . -23.86 -10.21 40.69
C36 PX4 UC . -25.28 -9.65 40.68
O1 PX4 VC . -12.45 -17.81 56.13
O2 PX4 VC . -15.11 -17.79 56.09
P1 PX4 VC . -13.78 -18.31 55.70
O3 PX4 VC . -13.80 -19.79 56.32
C1 PX4 VC . -15.04 -20.43 56.02
C2 PX4 VC . -15.11 -21.97 56.16
N1 PX4 VC . -14.17 -22.78 55.37
C3 PX4 VC . -14.00 -22.25 54.03
C4 PX4 VC . -12.83 -22.87 55.98
C5 PX4 VC . -14.68 -24.15 55.45
O4 PX4 VC . -13.78 -18.73 54.14
C6 PX4 VC . -12.42 -18.63 53.71
C7 PX4 VC . -12.04 -19.58 52.58
C8 PX4 VC . -12.89 -19.00 51.43
O5 PX4 VC . -14.02 -19.86 51.30
C9 PX4 VC . -14.94 -19.54 50.36
O6 PX4 VC . -14.86 -18.50 49.70
C10 PX4 VC . -16.12 -20.47 50.12
C11 PX4 VC . -16.27 -20.82 48.63
C12 PX4 VC . -15.14 -21.68 48.08
C13 PX4 VC . -15.49 -22.14 46.66
C14 PX4 VC . -14.20 -22.77 46.12
C15 PX4 VC . -14.36 -23.24 44.67
C16 PX4 VC . -13.07 -23.60 43.93
C17 PX4 VC . -12.18 -22.40 43.66
C18 PX4 VC . -10.98 -22.91 42.83
C19 PX4 VC . -10.06 -21.75 42.45
C20 PX4 VC . -8.76 -22.13 41.75
C21 PX4 VC . -8.02 -20.90 41.20
C22 PX4 VC . -6.58 -21.21 40.75
O7 PX4 VC . -10.67 -19.71 52.26
C23 PX4 VC . -10.04 -20.57 53.11
O8 PX4 VC . -10.77 -21.28 53.81
C24 PX4 VC . -8.52 -20.74 53.05
C25 PX4 VC . -7.79 -19.43 53.31
C26 PX4 VC . -6.26 -19.50 53.41
C27 PX4 VC . -5.56 -19.85 52.08
C28 PX4 VC . -4.26 -19.07 51.85
C29 PX4 VC . -3.62 -19.09 50.46
C30 PX4 VC . -3.27 -20.55 50.17
C31 PX4 VC . -2.98 -20.82 48.70
C32 PX4 VC . -2.06 -19.84 47.97
C33 PX4 VC . -2.05 -20.14 46.47
C34 PX4 VC . -1.09 -19.27 45.65
C35 PX4 VC . -1.15 -19.64 44.17
C36 PX4 VC . -0.15 -18.85 43.33
O1 PX4 WC . 15.57 -3.88 50.28
O2 PX4 WC . 14.97 -3.38 47.85
P1 PX4 WC . 15.77 -4.14 48.85
O3 PX4 WC . 15.54 -5.69 48.51
C1 PX4 WC . 14.19 -6.09 48.77
C2 PX4 WC . 13.63 -7.19 47.88
N1 PX4 WC . 14.24 -8.53 47.98
C3 PX4 WC . 13.29 -9.39 47.25
C4 PX4 WC . 15.55 -8.75 47.33
C5 PX4 WC . 14.33 -9.12 49.32
O4 PX4 WC . 17.32 -4.05 48.43
C6 PX4 WC . 17.23 -4.38 47.04
C7 PX4 WC . 18.58 -4.14 46.35
C8 PX4 WC . 19.56 -5.29 46.57
O5 PX4 WC . 19.01 -6.55 46.12
C9 PX4 WC . 19.80 -7.63 46.33
O6 PX4 WC . 20.75 -7.53 47.11
C10 PX4 WC . 19.51 -8.85 45.45
C11 PX4 WC . 20.34 -10.07 45.86
C12 PX4 WC . 20.19 -11.25 44.90
C13 PX4 WC . 20.76 -10.88 43.54
C14 PX4 WC . 20.57 -12.00 42.50
C15 PX4 WC . 21.46 -13.18 42.89
C16 PX4 WC . 21.26 -14.32 41.87
C17 PX4 WC . 22.04 -15.60 42.12
C18 PX4 WC . 21.71 -16.53 40.94
C19 PX4 WC . 22.28 -15.95 39.65
C20 PX4 WC . 22.17 -16.74 38.36
C21 PX4 WC . 22.41 -15.68 37.27
C22 PX4 WC . 21.47 -14.47 37.29
O7 PX4 WC . 18.35 -3.80 44.98
C23 PX4 WC . 18.76 -2.57 44.56
O8 PX4 WC . 19.12 -1.76 45.41
C24 PX4 WC . 18.45 -2.28 43.08
C25 PX4 WC . 19.47 -2.99 42.21
C26 PX4 WC . 18.98 -3.44 40.83
C27 PX4 WC . 20.02 -4.45 40.33
C28 PX4 WC . 19.69 -5.31 39.10
C29 PX4 WC . 20.92 -6.07 38.60
C30 PX4 WC . 21.27 -7.09 39.69
C31 PX4 WC . 22.29 -8.18 39.33
C32 PX4 WC . 22.63 -9.05 40.55
C33 PX4 WC . 23.92 -9.80 40.20
C34 PX4 WC . 23.82 -10.39 38.79
C35 PX4 WC . 24.94 -11.42 38.51
C36 PX4 WC . 26.34 -10.87 38.69
O1 PX4 XC . 16.86 -8.19 50.79
O2 PX4 XC . 18.92 -9.39 51.69
P1 PX4 XC . 18.19 -8.81 50.54
O3 PX4 XC . 19.17 -7.67 49.98
C1 PX4 XC . 19.10 -6.64 50.97
C2 PX4 XC . 19.99 -5.44 50.64
N1 PX4 XC . 19.90 -4.15 51.35
C3 PX4 XC . 18.58 -3.54 51.21
C4 PX4 XC . 20.33 -4.28 52.76
C5 PX4 XC . 20.87 -3.29 50.67
O4 PX4 XC . 18.08 -9.88 49.34
C6 PX4 XC . 18.99 -10.91 49.68
C7 PX4 XC . 19.05 -12.20 48.83
C8 PX4 XC . 17.82 -12.19 47.92
O5 PX4 XC . 17.07 -13.41 47.90
C9 PX4 XC . 15.94 -13.17 47.18
O6 PX4 XC . 15.71 -12.05 46.73
C10 PX4 XC . 14.93 -14.33 47.18
C11 PX4 XC . 14.83 -15.15 45.89
C12 PX4 XC . 14.06 -16.46 46.02
C13 PX4 XC . 14.10 -17.13 44.64
C14 PX4 XC . 13.35 -16.25 43.65
C15 PX4 XC . 13.40 -16.89 42.25
C16 PX4 XC . 12.68 -16.00 41.22
C17 PX4 XC . 11.16 -16.00 41.22
C18 PX4 XC . 10.63 -15.13 40.08
C19 PX4 XC . 9.12 -14.91 40.02
C20 PX4 XC . 8.76 -14.36 38.62
C21 PX4 XC . 7.26 -14.17 38.41
C22 PX4 XC . 6.84 -14.03 36.95
O7 PX4 XC . 20.33 -12.28 48.21
C23 PX4 XC . 21.34 -12.90 48.87
O8 PX4 XC . 21.24 -12.99 50.09
C24 PX4 XC . 22.59 -13.27 48.08
C25 PX4 XC . 22.53 -14.68 47.48
C26 PX4 XC . 23.71 -14.92 46.52
C27 PX4 XC . 23.64 -16.25 45.76
C28 PX4 XC . 23.52 -17.56 46.55
C29 PX4 XC . 23.61 -18.71 45.54
C30 PX4 XC . 22.47 -18.88 44.53
C31 PX4 XC . 22.56 -20.17 43.75
C32 PX4 XC . 21.67 -20.17 42.50
C33 PX4 XC . 22.01 -21.35 41.58
C34 PX4 XC . 23.20 -21.04 40.68
C35 PX4 XC . 23.62 -22.10 39.65
C36 PX4 XC . 24.31 -23.23 40.42
O1 PX4 YC . -21.58 10.13 58.13
O2 PX4 YC . -20.03 8.63 56.84
P1 PX4 YC . -20.77 9.92 56.91
O3 PX4 YC . -19.54 10.94 57.07
C1 PX4 YC . -18.89 10.64 58.30
C2 PX4 YC . -17.53 11.31 58.45
N1 PX4 YC . -16.44 10.99 57.49
C3 PX4 YC . -16.27 9.54 57.45
C4 PX4 YC . -16.61 11.56 56.15
C5 PX4 YC . -15.22 11.61 58.03
O4 PX4 YC . -21.15 10.30 55.39
C6 PX4 YC . -20.17 9.85 54.44
C7 PX4 YC . -20.47 10.34 53.04
C8 PX4 YC . -21.95 10.03 52.84
O5 PX4 YC . -22.27 8.76 52.28
C9 PX4 YC . -23.02 7.83 52.93
O6 PX4 YC . -23.02 7.70 54.16
C10 PX4 YC . -23.50 6.62 52.14
C11 PX4 YC . -22.30 5.74 51.82
C12 PX4 YC . -22.57 5.01 50.50
C13 PX4 YC . -22.57 6.00 49.33
C14 PX4 YC . -22.65 5.32 47.96
C15 PX4 YC . -22.45 6.17 46.70
C16 PX4 YC . -22.94 5.42 45.46
C17 PX4 YC . -22.98 6.37 44.25
C18 PX4 YC . -23.50 5.58 43.04
C19 PX4 YC . -25.02 5.43 43.12
C20 PX4 YC . -25.46 4.85 41.78
C21 PX4 YC . -24.69 3.53 41.56
C22 PX4 YC . -25.06 3.00 40.18
O7 PX4 YC . -20.10 11.69 52.74
C23 PX4 YC . -18.79 12.06 52.64
O8 PX4 YC . -17.87 11.27 52.39
C24 PX4 YC . -18.57 13.46 52.07
C25 PX4 YC . -19.09 13.75 50.66
C26 PX4 YC . -18.32 12.95 49.61
C27 PX4 YC . -18.66 13.36 48.17
C28 PX4 YC . -17.64 12.63 47.30
C29 PX4 YC . -17.94 12.80 45.80
C30 PX4 YC . -16.92 12.04 44.95
C31 PX4 YC . -16.78 12.64 43.55
C32 PX4 YC . -17.84 12.10 42.59
C33 PX4 YC . -17.38 12.34 41.15
C34 PX4 YC . -18.28 11.42 40.33
C35 PX4 YC . -17.86 11.20 38.88
C36 PX4 YC . -19.01 10.51 38.12
O1 PX4 ZC . -20.45 24.09 51.86
O2 PX4 ZC . -21.62 22.28 53.19
P1 PX4 ZC . -20.81 22.65 52.01
O3 PX4 ZC . -19.34 21.98 52.03
C1 PX4 ZC . -19.40 20.62 52.47
C2 PX4 ZC . -18.12 19.87 52.86
N1 PX4 ZC . -18.21 18.44 53.18
C3 PX4 ZC . -16.85 17.90 53.33
C4 PX4 ZC . -18.90 18.11 54.45
C5 PX4 ZC . -18.88 17.78 52.06
O4 PX4 ZC . -21.26 22.15 50.55
C6 PX4 ZC . -20.81 23.00 49.50
C7 PX4 ZC . -20.87 22.31 48.14
C8 PX4 ZC . -21.76 21.07 48.26
O5 PX4 ZC . -21.33 19.84 47.66
C9 PX4 ZC . -21.33 18.71 48.42
O6 PX4 ZC . -22.08 18.70 49.40
C10 PX4 ZC . -20.93 17.39 47.78
C11 PX4 ZC . -21.71 17.05 46.50
C12 PX4 ZC . -21.47 15.61 46.05
C13 PX4 ZC . -22.40 15.42 44.85
C14 PX4 ZC . -22.14 13.97 44.42
C15 PX4 ZC . -22.76 13.60 43.07
C16 PX4 ZC . -22.38 12.18 42.64
C17 PX4 ZC . -22.75 11.08 43.65
C18 PX4 ZC . -22.25 9.74 43.10
C19 PX4 ZC . -22.84 9.50 41.71
C20 PX4 ZC . -22.23 8.43 40.81
C21 PX4 ZC . -23.20 8.17 39.67
C22 PX4 ZC . -22.84 6.97 38.78
O7 PX4 ZC . -21.14 23.21 47.05
C23 PX4 ZC . -20.32 24.24 46.74
O8 PX4 ZC . -19.17 24.27 47.19
C24 PX4 ZC . -20.90 25.35 45.85
C25 PX4 ZC . -21.35 24.77 44.52
C26 PX4 ZC . -22.10 25.85 43.71
C27 PX4 ZC . -22.65 25.06 42.53
C28 PX4 ZC . -23.41 25.97 41.56
C29 PX4 ZC . -23.99 25.26 40.32
C30 PX4 ZC . -25.06 26.06 39.57
C31 PX4 ZC . -24.81 27.56 39.35
C32 PX4 ZC . -26.03 28.26 38.75
C33 PX4 ZC . -26.98 28.33 39.94
C34 PX4 ZC . -28.30 29.04 39.61
C35 PX4 ZC . -29.26 28.95 40.80
C36 PX4 ZC . -30.11 27.69 40.58
O1 PX4 AD . -13.55 21.83 53.62
O2 PX4 AD . -12.58 19.55 53.17
P1 PX4 AD . -13.27 20.75 52.64
O3 PX4 AD . -12.37 21.45 51.51
C1 PX4 AD . -11.13 21.72 52.19
C2 PX4 AD . -10.29 22.77 51.47
N1 PX4 AD . -9.75 22.56 50.11
C3 PX4 AD . -8.94 21.35 49.92
C4 PX4 AD . -10.86 22.42 49.15
C5 PX4 AD . -8.95 23.73 49.73
O4 PX4 AD . -14.56 20.14 51.91
C6 PX4 AD . -14.03 19.31 50.88
C7 PX4 AD . -15.19 18.80 50.01
C8 PX4 AD . -15.72 19.95 49.16
O5 PX4 AD . -16.36 19.67 47.90
C9 PX4 AD . -17.70 19.89 47.87
O6 PX4 AD . -18.38 20.07 48.88
C10 PX4 AD . -18.34 19.86 46.47
C11 PX4 AD . -18.21 21.17 45.69
C12 PX4 AD . -18.55 20.89 44.23
C13 PX4 AD . -18.67 22.12 43.35
C14 PX4 AD . -19.16 21.81 41.95
C15 PX4 AD . -19.52 23.10 41.21
C16 PX4 AD . -20.29 22.70 39.95
C17 PX4 AD . -19.98 23.76 38.88
C18 PX4 AD . -20.44 23.35 37.47
C19 PX4 AD . -20.16 24.55 36.56
C20 PX4 AD . -20.48 24.20 35.11
C21 PX4 AD . -19.27 23.44 34.58
C22 PX4 AD . -19.40 23.22 33.07
O7 PX4 AD . -14.79 17.66 49.24
C23 PX4 AD . -15.52 16.54 49.49
O8 PX4 AD . -15.93 16.41 50.64
C24 PX4 AD . -15.73 15.57 48.32
C25 PX4 AD . -15.18 16.07 46.99
C26 PX4 AD . -15.84 15.53 45.72
C27 PX4 AD . -15.20 16.11 44.45
C28 PX4 AD . -13.70 15.81 44.38
C29 PX4 AD . -13.16 16.58 43.17
C30 PX4 AD . -13.85 16.05 41.91
C31 PX4 AD . -13.25 16.65 40.63
C32 PX4 AD . -13.75 16.00 39.33
C33 PX4 AD . -15.22 16.36 39.23
C34 PX4 AD . -15.71 15.70 37.94
C35 PX4 AD . -17.18 15.88 37.56
C36 PX4 AD . -17.40 15.25 36.18
O1 PX4 BD . -3.71 -4.02 52.77
O2 PX4 BD . -4.59 -6.02 51.47
P1 PX4 BD . -3.77 -4.80 51.50
O3 PX4 BD . -2.32 -5.22 50.95
C1 PX4 BD . -2.37 -5.99 49.76
C2 PX4 BD . -1.09 -6.04 48.91
N1 PX4 BD . -0.71 -4.92 48.04
C3 PX4 BD . 0.48 -5.31 47.29
C4 PX4 BD . -1.78 -4.82 47.03
C5 PX4 BD . -0.46 -3.64 48.72
O4 PX4 BD . -4.27 -3.83 50.34
C6 PX4 BD . -5.50 -3.21 50.79
C7 PX4 BD . -6.39 -2.98 49.56
C8 PX4 BD . -5.66 -2.88 48.23
O5 PX4 BD . -5.75 -1.69 47.44
C9 PX4 BD . -4.78 -1.71 46.49
O6 PX4 BD . -3.95 -2.60 46.36
C10 PX4 BD . -4.71 -0.40 45.69
C11 PX4 BD . -6.10 0.11 45.32
C12 PX4 BD . -5.86 1.17 44.25
C13 PX4 BD . -5.11 0.50 43.10
C14 PX4 BD . -4.81 1.59 42.09
C15 PX4 BD . -6.18 2.07 41.57
C16 PX4 BD . -5.97 2.96 40.35
C17 PX4 BD . -7.31 3.62 40.04
C18 PX4 BD . -7.24 4.37 38.71
C19 PX4 BD . -8.53 5.15 38.36
C20 PX4 BD . -8.50 5.84 36.99
C21 PX4 BD . -9.81 6.54 36.67
C22 PX4 BD . -9.78 7.36 35.40
O7 PX4 BD . -7.45 -3.94 49.44
C23 PX4 BD . -8.51 -3.93 50.29
O8 PX4 BD . -8.47 -3.25 51.32
C24 PX4 BD . -9.65 -4.88 49.93
C25 PX4 BD . -10.00 -4.84 48.43
C26 PX4 BD . -11.16 -5.68 47.94
C27 PX4 BD . -11.29 -5.39 46.45
C28 PX4 BD . -12.37 -6.27 45.82
C29 PX4 BD . -12.63 -5.88 44.37
C30 PX4 BD . -13.25 -7.04 43.59
C31 PX4 BD . -13.61 -6.50 42.19
C32 PX4 BD . -14.30 -7.45 41.23
C33 PX4 BD . -14.60 -6.76 39.90
C34 PX4 BD . -14.77 -7.72 38.72
C35 PX4 BD . -13.37 -8.30 38.54
C36 PX4 BD . -13.17 -9.37 37.45
O1 PX4 CD . -4.72 1.27 49.42
O2 PX4 CD . -2.81 3.02 49.61
P1 PX4 CD . -4.16 2.61 49.15
O3 PX4 CD . -5.03 3.73 49.90
C1 PX4 CD . -4.80 3.92 51.30
C2 PX4 CD . -5.70 4.99 51.92
N1 PX4 CD . -7.16 4.98 51.86
C3 PX4 CD . -7.65 5.12 50.48
C4 PX4 CD . -7.63 3.62 52.16
C5 PX4 CD . -7.87 5.87 52.78
O4 PX4 CD . -4.46 2.99 47.61
C6 PX4 CD . -5.14 4.23 47.45
C7 PX4 CD . -5.03 4.87 46.07
C8 PX4 CD . -3.88 4.19 45.31
O5 PX4 CD . -3.40 4.94 44.18
C9 PX4 CD . -2.80 4.23 43.19
O6 PX4 CD . -2.43 3.09 43.47
C10 PX4 CD . -2.32 5.01 41.97
C11 PX4 CD . -3.32 5.93 41.27
C12 PX4 CD . -2.48 6.78 40.30
C13 PX4 CD . -3.21 7.70 39.32
C14 PX4 CD . -2.22 8.36 38.36
C15 PX4 CD . -1.70 9.59 39.10
C16 PX4 CD . -0.57 10.29 38.31
C17 PX4 CD . 0.55 9.29 38.00
C18 PX4 CD . 1.26 8.83 39.27
C19 PX4 CD . 2.17 7.64 38.99
C20 PX4 CD . 1.59 6.60 38.02
C21 PX4 CD . 2.58 5.49 37.68
C22 PX4 CD . 2.02 4.45 36.73
O7 PX4 CD . -6.28 4.87 45.39
C23 PX4 CD . -7.11 5.95 45.56
O8 PX4 CD . -6.67 6.99 46.04
C24 PX4 CD . -8.52 5.86 44.99
C25 PX4 CD . -9.56 5.14 45.86
C26 PX4 CD . -9.61 3.63 45.63
C27 PX4 CD . -9.75 3.40 44.13
C28 PX4 CD . -9.79 1.92 43.76
C29 PX4 CD . -9.84 1.85 42.23
C30 PX4 CD . -10.03 0.40 41.76
C31 PX4 CD . -10.01 0.23 40.24
C32 PX4 CD . -11.12 1.05 39.58
C33 PX4 CD . -10.73 1.28 38.12
C34 PX4 CD . -12.01 1.84 37.48
C35 PX4 CD . -11.57 2.61 36.22
C36 PX4 CD . -12.70 3.37 35.53
O1 PX4 DD . -13.64 -14.94 54.57
O2 PX4 DD . -11.12 -14.33 54.52
P1 PX4 DD . -12.43 -14.48 53.84
O3 PX4 DD . -12.92 -13.01 53.38
C1 PX4 DD . -13.25 -12.40 54.63
C2 PX4 DD . -13.12 -10.88 54.73
N1 PX4 DD . -11.76 -10.30 54.67
C3 PX4 DD . -11.92 -8.88 55.02
C4 PX4 DD . -10.96 -11.05 55.65
C5 PX4 DD . -11.21 -10.31 53.31
O4 PX4 DD . -12.18 -15.29 52.47
C6 PX4 DD . -11.46 -14.35 51.67
C7 PX4 DD . -11.19 -14.89 50.26
C8 PX4 DD . -10.79 -16.36 50.48
O5 PX4 DD . -9.61 -16.68 49.72
C9 PX4 DD . -8.36 -16.70 50.25
O6 PX4 DD . -8.05 -16.12 51.30
C10 PX4 DD . -7.27 -17.26 49.35
C11 PX4 DD . -7.70 -18.65 48.89
C12 PX4 DD . -6.76 -19.15 47.78
C13 PX4 DD . -6.95 -20.63 47.46
C14 PX4 DD . -6.30 -21.04 46.14
C15 PX4 DD . -6.44 -22.51 45.78
C16 PX4 DD . -5.88 -23.40 46.89
C17 PX4 DD . -5.98 -24.90 46.53
C18 PX4 DD . -5.44 -25.66 47.74
C19 PX4 DD . -5.42 -27.15 47.40
C20 PX4 DD . -5.65 -28.03 48.63
C21 PX4 DD . -5.70 -29.55 48.37
C22 PX4 DD . -6.80 -29.79 47.35
O7 PX4 DD . -12.25 -14.80 49.31
C23 PX4 DD . -12.46 -13.64 48.63
O8 PX4 DD . -11.61 -12.76 48.79
C24 PX4 DD . -13.62 -13.55 47.63
C25 PX4 DD . -13.26 -13.74 46.17
C26 PX4 DD . -14.60 -13.81 45.43
C27 PX4 DD . -14.48 -13.92 43.90
C28 PX4 DD . -15.86 -14.12 43.26
C29 PX4 DD . -15.83 -14.31 41.74
C30 PX4 DD . -17.22 -14.70 41.23
C31 PX4 DD . -17.21 -14.89 39.72
C32 PX4 DD . -16.44 -16.22 39.54
C33 PX4 DD . -15.90 -16.44 38.12
C34 PX4 DD . -15.31 -17.84 38.30
C35 PX4 DD . -15.30 -18.59 36.96
C36 PX4 DD . -14.39 -19.82 37.04
O1 PX4 ED . 5.69 -4.99 52.37
O2 PX4 ED . 7.02 -7.15 52.80
P1 PX4 ED . 6.56 -6.07 51.89
O3 PX4 ED . 7.92 -5.20 51.73
C1 PX4 ED . 8.51 -5.10 53.04
C2 PX4 ED . 9.94 -4.55 53.00
N1 PX4 ED . 10.97 -5.09 53.92
C3 PX4 ED . 12.22 -5.10 53.15
C4 PX4 ED . 11.16 -4.25 55.11
C5 PX4 ED . 10.63 -6.41 54.44
O4 PX4 ED . 6.34 -6.31 50.32
C6 PX4 ED . 7.42 -7.02 49.69
C7 PX4 ED . 7.11 -7.55 48.30
C8 PX4 ED . 5.65 -7.14 48.07
O5 PX4 ED . 4.83 -8.14 47.44
C9 PX4 ED . 3.50 -7.84 47.52
O6 PX4 ED . 3.22 -6.70 47.83
C10 PX4 ED . 2.57 -8.94 46.99
C11 PX4 ED . 2.25 -8.72 45.50
C12 PX4 ED . 1.31 -9.78 44.92
C13 PX4 ED . 0.92 -9.44 43.48
C14 PX4 ED . -0.08 -8.29 43.52
C15 PX4 ED . -0.52 -7.77 42.15
C16 PX4 ED . 0.77 -7.32 41.45
C17 PX4 ED . 0.62 -6.72 40.03
C18 PX4 ED . 1.94 -6.13 39.54
C19 PX4 ED . 1.71 -5.82 38.06
C20 PX4 ED . 3.02 -5.35 37.41
C21 PX4 ED . 2.96 -5.18 35.89
C22 PX4 ED . 4.36 -4.80 35.38
O7 PX4 ED . 7.91 -6.97 47.27
C23 PX4 ED . 9.19 -7.43 47.12
O8 PX4 ED . 9.61 -8.46 47.66
C24 PX4 ED . 9.83 -6.91 45.83
C25 PX4 ED . 9.06 -7.37 44.60
C26 PX4 ED . 9.86 -6.90 43.37
C27 PX4 ED . 9.41 -7.71 42.16
C28 PX4 ED . 9.58 -9.21 42.37
C29 PX4 ED . 11.02 -9.66 42.70
C30 PX4 ED . 11.09 -11.18 42.65
C31 PX4 ED . 12.56 -11.47 42.96
C32 PX4 ED . 13.53 -11.00 41.87
C33 PX4 ED . 14.97 -11.16 42.37
C34 PX4 ED . 15.32 -12.64 42.31
C35 PX4 ED . 16.72 -12.76 42.92
C36 PX4 ED . 17.35 -14.16 42.97
O1 PX4 FD . 11.10 -5.61 49.56
O2 PX4 FD . 11.38 -3.06 49.33
P1 PX4 FD . 11.03 -4.37 48.76
O3 PX4 FD . 9.55 -4.22 48.15
C1 PX4 FD . 8.70 -3.82 49.23
C2 PX4 FD . 7.32 -3.33 48.78
N1 PX4 FD . 7.39 -1.94 48.28
C3 PX4 FD . 6.05 -1.33 48.27
C4 PX4 FD . 8.28 -1.02 48.99
C5 PX4 FD . 7.79 -2.11 46.87
O4 PX4 FD . 11.92 -4.58 47.41
C6 PX4 FD . 11.55 -3.57 46.47
C7 PX4 FD . 11.95 -3.85 45.02
C8 PX4 FD . 12.94 -5.02 45.06
O5 PX4 FD . 14.14 -4.74 44.32
C9 PX4 FD . 15.10 -5.68 44.20
O6 PX4 FD . 14.88 -6.78 44.71
C10 PX4 FD . 16.25 -5.50 43.20
C11 PX4 FD . 16.36 -6.55 42.09
C12 PX4 FD . 17.34 -7.63 42.56
C13 PX4 FD . 17.94 -8.33 41.34
C14 PX4 FD . 16.88 -8.73 40.30
C15 PX4 FD . 17.38 -9.69 39.23
C16 PX4 FD . 16.20 -10.27 38.45
C17 PX4 FD . 16.67 -11.45 37.60
C18 PX4 FD . 15.44 -12.14 37.00
C19 PX4 FD . 14.33 -12.68 37.91
C20 PX4 FD . 12.94 -12.64 37.26
C21 PX4 FD . 12.59 -11.24 36.74
C22 PX4 FD . 11.10 -11.23 36.45
O7 PX4 FD . 10.83 -3.79 44.14
C23 PX4 FD . 9.94 -2.75 44.05
O8 PX4 FD . 10.27 -1.71 44.62
C24 PX4 FD . 8.72 -2.89 43.14
C25 PX4 FD . 9.17 -2.90 41.69
C26 PX4 FD . 8.05 -3.05 40.66
C27 PX4 FD . 8.67 -3.05 39.25
C28 PX4 FD . 8.56 -1.70 38.55
C29 PX4 FD . 9.10 -2.02 37.16
C30 PX4 FD . 8.23 -3.10 36.50
C31 PX4 FD . 7.84 -2.58 35.11
C32 PX4 FD . 6.80 -1.46 35.02
C33 PX4 FD . 6.35 -1.20 33.58
C34 PX4 FD . 7.28 -0.24 32.83
C35 PX4 FD . 6.71 0.05 31.44
C36 PX4 FD . 7.85 0.40 30.48
O1 PX4 GD . 19.73 9.49 49.67
O2 PX4 GD . 20.41 6.94 49.73
P1 PX4 GD . 20.46 8.31 49.18
O3 PX4 GD . 22.02 8.71 49.37
C1 PX4 GD . 22.36 8.77 50.75
C2 PX4 GD . 23.70 9.42 51.08
N1 PX4 GD . 24.07 10.70 50.45
C3 PX4 GD . 22.98 11.65 50.75
C4 PX4 GD . 25.35 11.07 51.10
C5 PX4 GD . 24.22 10.72 49.00
O4 PX4 GD . 20.55 8.33 47.57
C6 PX4 GD . 21.58 7.51 47.02
C7 PX4 GD . 21.72 7.48 45.50
C8 PX4 GD . 21.95 8.87 44.91
O5 PX4 GD . 21.64 8.90 43.52
C9 PX4 GD . 20.30 8.92 43.28
O6 PX4 GD . 19.45 8.94 44.17
C10 PX4 GD . 19.95 9.08 41.80
C11 PX4 GD . 18.77 8.21 41.34
C12 PX4 GD . 18.51 8.24 39.84
C13 PX4 GD . 18.16 9.65 39.34
C14 PX4 GD . 17.92 9.76 37.85
C15 PX4 GD . 16.76 8.87 37.38
C16 PX4 GD . 16.58 9.00 35.87
C17 PX4 GD . 17.88 8.41 35.28
C18 PX4 GD . 18.23 8.93 33.89
C19 PX4 GD . 17.37 8.34 32.79
C20 PX4 GD . 17.67 8.80 31.35
C21 PX4 GD . 16.68 8.11 30.40
C22 PX4 GD . 16.75 8.57 28.94
O7 PX4 GD . 22.82 6.62 45.16
C23 PX4 GD . 22.41 5.57 44.39
O8 PX4 GD . 21.22 5.28 44.39
C24 PX4 GD . 23.56 4.72 43.85
C25 PX4 GD . 23.72 4.62 42.33
C26 PX4 GD . 24.59 3.38 42.13
C27 PX4 GD . 24.69 3.06 40.64
C28 PX4 GD . 25.43 4.14 39.88
C29 PX4 GD . 25.51 4.02 38.35
C30 PX4 GD . 26.19 5.29 37.83
C31 PX4 GD . 25.66 5.52 36.41
C32 PX4 GD . 26.31 6.71 35.71
C33 PX4 GD . 25.40 7.04 34.52
C34 PX4 GD . 25.59 6.02 33.39
C35 PX4 GD . 24.90 6.63 32.18
C36 PX4 GD . 25.42 8.03 31.82
O1 PX4 HD . -19.91 13.89 58.04
O2 PX4 HD . -17.90 14.33 56.40
P1 PX4 HD . -19.34 14.40 56.77
O3 PX4 HD . -19.45 15.96 57.17
C1 PX4 HD . -18.27 16.38 57.88
C2 PX4 HD . -18.63 17.44 58.92
N1 PX4 HD . -19.45 17.17 60.11
C3 PX4 HD . -18.99 15.97 60.80
C4 PX4 HD . -19.36 18.22 61.13
C5 PX4 HD . -20.86 16.85 59.81
O4 PX4 HD . -20.40 14.69 55.59
C6 PX4 HD . -21.72 14.80 56.09
C7 PX4 HD . -22.82 14.98 55.03
C8 PX4 HD . -22.30 14.12 53.89
O5 PX4 HD . -23.01 14.31 52.67
C9 PX4 HD . -22.75 15.46 52.00
O6 PX4 HD . -21.95 16.27 52.44
C10 PX4 HD . -23.44 15.64 50.65
C11 PX4 HD . -22.90 14.71 49.56
C12 PX4 HD . -23.25 13.21 49.58
C13 PX4 HD . -22.45 12.51 48.48
C14 PX4 HD . -22.61 11.05 48.89
C15 PX4 HD . -21.78 10.05 48.06
C16 PX4 HD . -20.27 10.03 48.31
C17 PX4 HD . -19.45 9.10 47.42
C18 PX4 HD . -19.67 9.23 45.92
C19 PX4 HD . -18.77 8.23 45.19
C20 PX4 HD . -19.04 8.44 43.70
C21 PX4 HD . -18.06 7.54 42.96
C22 PX4 HD . -18.24 7.80 41.45
O7 PX4 HD . -24.16 14.72 55.46
C23 PX4 HD . -25.15 15.62 55.23
O8 PX4 HD . -24.96 16.81 54.99
C24 PX4 HD . -26.61 15.23 55.49
C25 PX4 HD . -27.58 16.09 54.68
C26 PX4 HD . -27.57 15.68 53.21
C27 PX4 HD . -28.61 16.25 52.27
C28 PX4 HD . -28.48 15.62 50.89
C29 PX4 HD . -29.58 16.14 49.95
C30 PX4 HD . -29.77 15.31 48.68
C31 PX4 HD . -30.99 15.78 47.90
C32 PX4 HD . -30.98 14.97 46.60
C33 PX4 HD . -32.14 15.36 45.70
C34 PX4 HD . -32.00 16.79 45.19
C35 PX4 HD . -33.05 16.82 44.06
C36 PX4 HD . -32.74 18.19 43.44
O1 PX4 ID . -10.31 30.95 48.46
O2 PX4 ID . -9.14 30.40 50.69
P1 PX4 ID . -9.10 30.56 49.22
O3 PX4 ID . -8.31 31.94 48.94
C1 PX4 ID . -8.34 32.69 50.15
C2 PX4 ID . -7.43 33.93 50.06
N1 PX4 ID . -6.09 33.86 50.63
C3 PX4 ID . -5.20 34.84 50.00
C4 PX4 ID . -6.08 34.11 52.08
C5 PX4 ID . -5.50 32.52 50.47
O4 PX4 ID . -8.22 29.45 48.46
C6 PX4 ID . -8.55 29.48 47.07
C7 PX4 ID . -7.53 28.88 46.11
C8 PX4 ID . -7.74 27.37 46.16
O5 PX4 ID . -9.05 26.85 45.98
C9 PX4 ID . -9.12 25.50 45.76
O6 PX4 ID . -8.14 24.79 45.95
C10 PX4 ID . -10.31 25.09 44.90
C11 PX4 ID . -11.25 24.02 45.44
C12 PX4 ID . -12.58 23.91 44.70
C13 PX4 ID . -13.60 25.06 44.79
C14 PX4 ID . -14.63 24.94 43.68
C15 PX4 ID . -14.18 25.12 42.24
C16 PX4 ID . -15.41 24.96 41.33
C17 PX4 ID . -15.08 24.96 39.84
C18 PX4 ID . -16.40 24.81 39.08
C19 PX4 ID . -16.47 25.62 37.78
C20 PX4 ID . -15.35 25.12 36.86
C21 PX4 ID . -15.21 26.12 35.72
C22 PX4 ID . -16.52 26.32 34.96
O7 PX4 ID . -7.73 29.41 44.79
C23 PX4 ID . -7.32 30.64 44.41
O8 PX4 ID . -6.66 31.35 45.18
C24 PX4 ID . -7.40 30.93 42.91
C25 PX4 ID . -7.05 29.74 42.03
C26 PX4 ID . -7.08 29.98 40.51
C27 PX4 ID . -6.67 28.80 39.63
C28 PX4 ID . -6.87 29.09 38.14
C29 PX4 ID . -6.36 27.87 37.36
C30 PX4 ID . -6.52 27.96 35.85
C31 PX4 ID . -6.09 26.70 35.11
C32 PX4 ID . -6.17 26.96 33.61
C33 PX4 ID . -5.65 25.78 32.79
C34 PX4 ID . -4.12 25.59 32.79
C35 PX4 ID . -3.69 24.56 31.74
C36 PX4 ID . -2.17 24.56 31.57
O1 PX4 JD . -10.00 18.46 51.90
O2 PX4 JD . -11.26 16.32 51.32
P1 PX4 JD . -10.64 17.59 50.89
O3 PX4 JD . -9.21 17.32 50.22
C1 PX4 JD . -8.45 16.51 51.12
C2 PX4 JD . -6.98 16.50 50.70
N1 PX4 JD . -6.06 15.75 51.57
C3 PX4 JD . -6.36 14.31 51.55
C4 PX4 JD . -4.70 15.70 51.04
C5 PX4 JD . -5.90 16.24 52.95
O4 PX4 JD . -11.31 18.05 49.51
C6 PX4 JD . -11.32 16.80 48.82
C7 PX4 JD . -11.56 17.09 47.35
C8 PX4 JD . -12.11 18.51 47.21
O5 PX4 JD . -13.10 18.86 46.24
C9 PX4 JD . -13.68 20.08 46.34
O6 PX4 JD . -13.26 20.86 47.20
C10 PX4 JD . -14.75 20.35 45.28
C11 PX4 JD . -14.10 20.39 43.91
C12 PX4 JD . -15.12 20.72 42.81
C13 PX4 JD . -14.47 20.48 41.44
C14 PX4 JD . -15.54 20.80 40.42
C15 PX4 JD . -14.97 20.60 39.01
C16 PX4 JD . -15.91 21.08 37.89
C17 PX4 JD . -17.18 20.22 37.96
C18 PX4 JD . -18.23 20.36 36.86
C19 PX4 JD . -19.57 19.70 37.15
C20 PX4 JD . -20.69 19.80 36.12
C21 PX4 JD . -21.97 19.19 36.68
C22 PX4 JD . -23.04 19.35 35.60
O7 PX4 JD . -10.38 16.82 46.60
C23 PX4 JD . -10.20 15.51 46.28
O8 PX4 JD . -10.74 14.67 47.00
C24 PX4 JD . -9.17 15.11 45.21
C25 PX4 JD . -9.70 15.33 43.81
C26 PX4 JD . -8.75 14.89 42.69
C27 PX4 JD . -9.44 15.11 41.35
C28 PX4 JD . -8.45 14.77 40.22
C29 PX4 JD . -9.13 14.94 38.86
C30 PX4 JD . -8.21 14.50 37.72
C31 PX4 JD . -8.75 14.96 36.36
C32 PX4 JD . -7.78 14.80 35.19
C33 PX4 JD . -6.65 15.81 35.44
C34 PX4 JD . -5.84 15.91 34.14
C35 PX4 JD . -4.71 16.92 34.35
C36 PX4 JD . -4.12 16.51 35.71
O1 PX4 KD . -3.02 -11.63 52.12
O2 PX4 KD . -1.77 -9.50 52.25
P1 PX4 KD . -3.05 -10.16 51.93
O3 PX4 KD . -4.16 -9.67 53.00
C1 PX4 KD . -4.06 -8.35 53.53
C2 PX4 KD . -4.92 -8.33 54.81
N1 PX4 KD . -5.02 -7.03 55.49
C3 PX4 KD . -6.07 -6.18 54.90
C4 PX4 KD . -5.40 -7.12 56.90
C5 PX4 KD . -3.76 -6.27 55.52
O4 PX4 KD . -3.89 -9.62 50.66
C6 PX4 KD . -5.19 -10.22 50.65
C7 PX4 KD . -6.15 -9.96 49.48
C8 PX4 KD . -5.43 -8.82 48.76
O5 PX4 KD . -6.18 -7.93 47.94
C9 PX4 KD . -5.44 -7.02 47.26
O6 PX4 KD . -4.20 -7.01 47.26
C10 PX4 KD . -6.22 -6.08 46.34
C11 PX4 KD . -6.42 -6.57 44.90
C12 PX4 KD . -5.18 -6.48 43.99
C13 PX4 KD . -5.41 -7.04 42.59
C14 PX4 KD . -4.09 -7.10 41.81
C15 PX4 KD . -4.40 -7.74 40.45
C16 PX4 KD . -3.12 -8.03 39.66
C17 PX4 KD . -3.34 -8.81 38.36
C18 PX4 KD . -2.10 -9.06 37.50
C19 PX4 KD . -2.55 -10.07 36.46
C20 PX4 KD . -1.55 -10.32 35.32
C21 PX4 KD . -1.93 -11.49 34.41
C22 PX4 KD . -3.29 -11.26 33.73
O7 PX4 KD . -6.32 -11.10 48.66
C23 PX4 KD . -7.04 -12.16 49.09
O8 PX4 KD . -7.63 -12.21 50.17
C24 PX4 KD . -6.88 -13.46 48.30
C25 PX4 KD . -8.16 -13.67 47.49
C26 PX4 KD . -8.04 -14.83 46.50
C27 PX4 KD . -9.42 -14.96 45.88
C28 PX4 KD . -9.62 -16.11 44.89
C29 PX4 KD . -11.00 -15.92 44.28
C30 PX4 KD . -11.08 -17.16 43.39
C31 PX4 KD . -12.41 -17.19 42.66
C32 PX4 KD . -12.49 -18.47 41.83
C33 PX4 KD . -11.59 -18.34 40.59
C34 PX4 KD . -11.68 -19.61 39.74
C35 PX4 KD . -10.86 -19.59 38.45
C36 PX4 KD . -11.07 -20.91 37.69
O1 PX4 LD . 1.40 -0.75 50.04
O2 PX4 LD . 3.08 0.40 48.46
P1 PX4 LD . 1.88 -0.43 48.67
O3 PX4 LD . 0.78 0.64 48.22
C1 PX4 LD . 1.02 1.74 49.11
C2 PX4 LD . 0.56 3.13 48.67
N1 PX4 LD . 1.04 3.73 47.40
C3 PX4 LD . 2.25 3.11 46.87
C4 PX4 LD . -0.04 3.65 46.39
C5 PX4 LD . 1.12 5.18 47.60
O4 PX4 LD . 1.82 -1.65 47.64
C6 PX4 LD . 1.99 -1.01 46.38
C7 PX4 LD . 2.22 -2.00 45.24
C8 PX4 LD . 3.28 -2.96 45.79
O5 PX4 LD . 4.05 -3.58 44.76
C9 PX4 LD . 4.75 -4.58 45.36
O6 PX4 LD . 5.09 -4.50 46.54
C10 PX4 LD . 5.58 -5.41 44.39
C11 PX4 LD . 4.73 -6.53 43.78
C12 PX4 LD . 5.53 -7.22 42.67
C13 PX4 LD . 5.63 -6.23 41.51
C14 PX4 LD . 6.24 -6.86 40.26
C15 PX4 LD . 6.49 -5.82 39.19
C16 PX4 LD . 7.03 -6.36 37.85
C17 PX4 LD . 8.27 -7.14 38.31
C18 PX4 LD . 9.08 -7.81 37.19
C19 PX4 LD . 9.65 -6.71 36.29
C20 PX4 LD . 10.43 -7.27 35.11
C21 PX4 LD . 10.58 -6.37 33.88
C22 PX4 LD . 11.12 -7.33 32.81
O7 PX4 LD . 1.04 -2.60 44.70
C23 PX4 LD . 0.24 -1.90 43.83
O8 PX4 LD . 0.41 -0.71 43.62
C24 PX4 LD . -1.08 -2.68 43.65
C25 PX4 LD . -1.88 -2.13 42.47
C26 PX4 LD . -3.24 -2.84 42.35
C27 PX4 LD . -3.89 -2.46 41.02
C28 PX4 LD . -5.03 -3.41 40.66
C29 PX4 LD . -5.74 -3.14 39.33
C30 PX4 LD . -6.06 -1.65 39.27
C31 PX4 LD . -6.61 -1.29 37.89
C32 PX4 LD . -7.73 -2.29 37.59
C33 PX4 LD . -8.36 -1.81 36.29
C34 PX4 LD . -7.30 -1.48 35.21
C35 PX4 LD . -7.99 -1.76 33.87
C36 PX4 LD . -7.18 -1.28 32.67
O1 PX4 MD . 16.23 7.51 49.96
O2 PX4 MD . 13.61 7.13 50.40
P1 PX4 MD . 14.93 6.80 49.86
O3 PX4 MD . 15.21 5.37 50.58
C1 PX4 MD . 16.54 5.36 51.11
C2 PX4 MD . 17.27 4.04 50.90
N1 PX4 MD . 17.74 3.63 49.57
C3 PX4 MD . 18.14 4.70 48.65
C4 PX4 MD . 18.87 2.72 49.65
C5 PX4 MD . 16.68 2.95 48.80
O4 PX4 MD . 14.88 6.14 48.38
C6 PX4 MD . 13.75 5.29 48.18
C7 PX4 MD . 13.61 4.72 46.77
C8 PX4 MD . 14.46 5.59 45.84
O5 PX4 MD . 14.15 5.91 44.48
C9 PX4 MD . 15.13 6.45 43.70
O6 PX4 MD . 16.27 6.64 44.14
C10 PX4 MD . 14.77 6.50 42.22
C11 PX4 MD . 14.32 5.11 41.76
C12 PX4 MD . 15.49 4.16 41.49
C13 PX4 MD . 15.09 2.81 40.91
C14 PX4 MD . 16.33 1.99 40.54
C15 PX4 MD . 15.91 0.97 39.49
C16 PX4 MD . 17.03 0.10 38.93
C17 PX4 MD . 16.55 -0.95 37.92
C18 PX4 MD . 17.73 -1.74 37.38
C19 PX4 MD . 17.50 -2.83 36.33
C20 PX4 MD . 18.74 -3.64 35.95
C21 PX4 MD . 18.38 -4.86 35.09
C22 PX4 MD . 19.29 -6.06 35.31
O7 PX4 MD . 14.07 3.36 46.67
C23 PX4 MD . 13.13 2.51 46.17
O8 PX4 MD . 12.04 2.39 46.72
C24 PX4 MD . 13.67 1.52 45.12
C25 PX4 MD . 14.36 0.36 45.84
C26 PX4 MD . 14.94 -0.61 44.82
C27 PX4 MD . 13.92 -1.19 43.84
C28 PX4 MD . 14.57 -1.86 42.61
C29 PX4 MD . 13.59 -2.14 41.47
C30 PX4 MD . 14.08 -3.11 40.39
C31 PX4 MD . 13.02 -2.93 39.30
C32 PX4 MD . 13.30 -3.81 38.09
C33 PX4 MD . 13.38 -5.34 38.17
C34 PX4 MD . 13.81 -6.02 36.86
C35 PX4 MD . 14.21 -7.49 37.06
C36 PX4 MD . 14.35 -8.15 35.69
O1 PX4 ND . 29.03 -2.46 50.15
O2 PX4 ND . 27.87 -4.27 51.58
P1 PX4 ND . 28.46 -3.82 50.31
O3 PX4 ND . 29.75 -4.74 50.12
C1 PX4 ND . 30.21 -5.13 51.43
C2 PX4 ND . 31.24 -6.25 51.37
N1 PX4 ND . 31.95 -6.64 52.60
C3 PX4 ND . 32.89 -7.73 52.30
C4 PX4 ND . 32.80 -5.52 53.06
C5 PX4 ND . 30.89 -7.16 53.47
O4 PX4 ND . 27.55 -4.23 49.04
C6 PX4 ND . 28.33 -4.53 47.87
C7 PX4 ND . 27.51 -5.06 46.69
C8 PX4 ND . 26.18 -5.59 47.24
O5 PX4 ND . 25.52 -6.56 46.43
C9 PX4 ND . 24.29 -7.07 46.72
O6 PX4 ND . 23.51 -6.39 47.40
C10 PX4 ND . 23.77 -8.20 45.84
C11 PX4 ND . 24.91 -9.12 45.42
C12 PX4 ND . 24.33 -9.99 44.30
C13 PX4 ND . 25.16 -11.28 44.12
C14 PX4 ND . 24.78 -12.08 42.89
C15 PX4 ND . 25.66 -13.31 42.68
C16 PX4 ND . 25.25 -14.09 41.42
C17 PX4 ND . 26.38 -15.12 41.30
C18 PX4 ND . 25.88 -16.52 41.64
C19 PX4 ND . 27.00 -17.49 42.07
C20 PX4 ND . 26.26 -18.82 42.25
C21 PX4 ND . 27.17 -19.84 42.92
C22 PX4 ND . 26.39 -21.14 43.18
O7 PX4 ND . 27.25 -4.15 45.63
C23 PX4 ND . 28.28 -3.68 44.88
O8 PX4 ND . 29.48 -3.91 45.01
C24 PX4 ND . 27.83 -2.60 43.88
C25 PX4 ND . 28.00 -3.10 42.44
C26 PX4 ND . 27.75 -1.93 41.48
C27 PX4 ND . 28.57 -0.69 41.83
C28 PX4 ND . 28.15 0.60 41.08
C29 PX4 ND . 28.91 1.84 41.54
C30 PX4 ND . 29.27 2.70 40.33
C31 PX4 ND . 29.79 4.09 40.72
C32 PX4 ND . 30.10 4.73 39.35
C33 PX4 ND . 30.43 6.22 39.32
C34 PX4 ND . 29.41 7.06 40.09
C35 PX4 ND . 29.70 8.55 39.98
C36 PX4 ND . 29.31 8.99 38.56
O1 PX4 OD . 21.42 15.44 47.45
O2 PX4 OD . 23.84 16.30 47.54
P1 PX4 OD . 22.50 16.27 46.90
O3 PX4 OD . 21.93 17.78 46.91
C1 PX4 OD . 21.80 18.20 48.26
C2 PX4 OD . 23.03 18.89 48.89
N1 PX4 OD . 23.49 20.15 48.30
C3 PX4 OD . 24.30 20.90 49.28
C4 PX4 OD . 24.37 19.90 47.18
C5 PX4 OD . 22.37 21.08 48.02
O4 PX4 OD . 22.47 16.06 45.32
C6 PX4 OD . 23.18 14.83 45.09
C7 PX4 OD . 23.61 14.62 43.64
C8 PX4 OD . 22.78 15.58 42.78
O5 PX4 OD . 22.31 14.87 41.63
C9 PX4 OD . 21.21 15.46 41.09
O6 PX4 OD . 20.63 16.43 41.59
C10 PX4 OD . 20.64 14.64 39.93
C11 PX4 OD . 21.02 13.16 39.85
C12 PX4 OD . 20.35 12.61 38.59
C13 PX4 OD . 20.57 13.54 37.41
C14 PX4 OD . 19.78 13.26 36.12
C15 PX4 OD . 20.10 14.30 35.07
C16 PX4 OD . 19.17 14.15 33.86
C17 PX4 OD . 19.55 15.20 32.82
C18 PX4 OD . 19.33 14.61 31.41
C19 PX4 OD . 19.76 15.71 30.43
C20 PX4 OD . 19.58 15.18 29.00
C21 PX4 OD . 20.40 15.92 27.94
C22 PX4 OD . 21.83 15.78 28.47
O7 PX4 OD . 25.01 14.57 43.33
C23 PX4 OD . 25.36 13.49 42.56
O8 PX4 OD . 24.86 12.43 42.95
C24 PX4 OD . 26.77 13.56 41.97
C25 PX4 OD . 26.54 13.06 40.53
C26 PX4 OD . 27.86 13.14 39.76
C27 PX4 OD . 27.58 12.62 38.35
C28 PX4 OD . 28.94 12.73 37.64
C29 PX4 OD . 28.70 13.59 36.39
C30 PX4 OD . 29.89 13.42 35.46
C31 PX4 OD . 29.87 14.23 34.15
C32 PX4 OD . 31.08 13.82 33.33
C33 PX4 OD . 31.10 14.15 31.84
C34 PX4 OD . 32.40 13.97 31.05
C35 PX4 OD . 32.20 14.21 29.55
C36 PX4 OD . 33.43 13.95 28.67
O1 PX4 PD . -11.71 25.59 48.62
O2 PX4 PD . -9.62 26.81 49.37
P1 PX4 PD . -11.06 26.86 49.02
O3 PX4 PD . -11.92 27.23 50.32
C1 PX4 PD . -11.50 28.43 50.97
C2 PX4 PD . -12.38 28.78 52.17
N1 PX4 PD . -11.85 29.86 53.01
C3 PX4 PD . -11.80 31.14 52.29
C4 PX4 PD . -12.78 30.02 54.12
C5 PX4 PD . -10.66 29.50 53.78
O4 PX4 PD . -11.45 28.16 48.15
C6 PX4 PD . -12.30 27.88 47.04
C7 PX4 PD . -13.21 28.97 46.47
C8 PX4 PD . -12.30 29.58 45.42
O5 PX4 PD . -12.00 28.90 44.20
C9 PX4 PD . -11.12 29.65 43.47
O6 PX4 PD . -10.83 30.77 43.83
C10 PX4 PD . -10.80 29.14 42.05
C11 PX4 PD . -10.96 27.62 41.96
C12 PX4 PD . -10.41 27.27 40.58
C13 PX4 PD . -10.75 25.84 40.18
C14 PX4 PD . -10.24 25.64 38.75
C15 PX4 PD . -10.79 24.37 38.10
C16 PX4 PD . -10.38 24.19 36.63
C17 PX4 PD . -10.93 22.87 36.09
C18 PX4 PD . -10.45 22.83 34.65
C19 PX4 PD . -10.66 21.47 33.95
C20 PX4 PD . -10.53 21.59 32.44
C21 PX4 PD . -10.84 20.20 31.88
C22 PX4 PD . -12.27 19.73 32.14
O7 PX4 PD . -14.50 28.58 46.02
C23 PX4 PD . -15.32 27.99 46.92
O8 PX4 PD . -15.25 28.18 48.13
C24 PX4 PD . -16.67 27.55 46.33
C25 PX4 PD . -16.83 28.03 44.87
C26 PX4 PD . -18.25 27.99 44.32
C27 PX4 PD . -18.33 28.36 42.84
C28 PX4 PD . -19.68 28.17 42.16
C29 PX4 PD . -19.62 28.41 40.64
C30 PX4 PD . -21.01 28.13 40.07
C31 PX4 PD . -21.09 28.22 38.55
C32 PX4 PD . -20.66 29.60 38.04
C33 PX4 PD . -21.05 29.59 36.57
C34 PX4 PD . -22.54 29.19 36.55
C35 PX4 PD . -23.13 29.11 35.14
C36 PX4 PD . -23.21 30.37 34.30
O1 PX4 QD . -16.14 38.22 47.07
O2 PX4 QD . -13.77 37.81 48.13
P1 PX4 QD . -14.70 38.51 47.21
O3 PX4 QD . -14.65 40.06 47.62
C1 PX4 QD . -13.36 40.41 48.12
C2 PX4 QD . -13.42 41.31 49.35
N1 PX4 QD . -12.23 42.04 49.82
C3 PX4 QD . -11.36 41.16 50.60
C4 PX4 QD . -11.55 42.76 48.73
C5 PX4 QD . -12.66 43.01 50.85
O4 PX4 QD . -13.99 38.67 45.78
C6 PX4 QD . -14.88 38.70 44.66
C7 PX4 QD . -14.15 39.02 43.35
C8 PX4 QD . -12.73 38.46 43.43
O5 PX4 QD . -11.68 39.40 43.19
C9 PX4 QD . -10.52 38.92 42.64
O6 PX4 QD . -10.24 37.75 42.44
C10 PX4 QD . -9.44 39.97 42.42
C11 PX4 QD . -9.17 40.17 40.92
C12 PX4 QD . -7.90 40.95 40.58
C13 PX4 QD . -7.70 40.88 39.08
C14 PX4 QD . -6.31 41.25 38.57
C15 PX4 QD . -6.46 41.27 37.03
C16 PX4 QD . -5.17 41.66 36.29
C17 PX4 QD . -5.54 41.50 34.81
C18 PX4 QD . -4.34 41.77 33.89
C19 PX4 QD . -4.80 41.72 32.43
C20 PX4 QD . -3.54 41.88 31.58
C21 PX4 QD . -2.57 40.73 31.82
C22 PX4 QD . -1.25 40.96 31.05
O7 PX4 QD . -14.96 38.41 42.33
C23 PX4 QD . -15.84 39.21 41.66
O8 PX4 QD . -15.94 40.38 42.08
C24 PX4 QD . -16.72 38.54 40.61
C25 PX4 QD . -16.27 38.73 39.15
C26 PX4 QD . -17.38 38.08 38.32
C27 PX4 QD . -17.09 38.46 36.87
C28 PX4 QD . -18.17 37.96 35.90
C29 PX4 QD . -17.91 38.55 34.51
C30 PX4 QD . -18.92 37.86 33.59
C31 PX4 QD . -18.72 38.20 32.12
C32 PX4 QD . -19.82 37.51 31.31
C33 PX4 QD . -19.68 37.72 29.79
C34 PX4 QD . -20.94 37.55 28.95
C35 PX4 QD . -20.60 37.33 27.48
C36 PX4 QD . -19.94 35.98 27.18
O1 PX4 RD . -1.03 13.44 47.37
O2 PX4 RD . -3.12 13.27 48.96
P1 PX4 RD . -2.47 13.24 47.64
O3 PX4 RD . -2.32 11.64 47.57
C1 PX4 RD . -1.75 11.29 46.30
C2 PX4 RD . -1.82 9.79 46.04
N1 PX4 RD . -3.13 9.22 45.69
C3 PX4 RD . -3.75 9.96 44.58
C4 PX4 RD . -2.94 7.82 45.32
C5 PX4 RD . -4.13 9.23 46.77
O4 PX4 RD . -3.37 13.17 46.32
C6 PX4 RD . -4.58 13.68 46.87
C7 PX4 RD . -5.81 13.61 45.95
C8 PX4 RD . -5.31 14.02 44.58
O5 PX4 RD . -5.71 15.31 44.10
C9 PX4 RD . -4.80 16.33 44.10
O6 PX4 RD . -3.64 16.08 44.41
C10 PX4 RD . -5.31 17.76 43.91
C11 PX4 RD . -6.21 17.93 42.68
C12 PX4 RD . -5.48 18.02 41.35
C13 PX4 RD . -6.45 18.43 40.24
C14 PX4 RD . -5.85 18.79 38.87
C15 PX4 RD . -6.93 19.37 37.96
C16 PX4 RD . -6.27 19.96 36.71
C17 PX4 RD . -7.39 20.49 35.80
C18 PX4 RD . -6.71 21.33 34.71
C19 PX4 RD . -5.87 20.32 33.91
C20 PX4 RD . -4.93 20.98 32.90
C21 PX4 RD . -4.28 19.82 32.15
C22 PX4 RD . -3.09 20.31 31.32
O7 PX4 RD . -6.37 12.30 45.82
C23 PX4 RD . -7.12 11.79 46.83
O8 PX4 RD . -7.14 12.12 48.00
C24 PX4 RD . -7.99 10.63 46.37
C25 PX4 RD . -9.26 10.62 47.21
C26 PX4 RD . -10.46 11.48 46.80
C27 PX4 RD . -11.17 11.14 45.48
C28 PX4 RD . -12.31 12.12 45.21
C29 PX4 RD . -13.04 11.73 43.92
C30 PX4 RD . -12.19 12.11 42.71
C31 PX4 RD . -12.99 12.22 41.40
C32 PX4 RD . -12.14 12.51 40.16
C33 PX4 RD . -13.00 12.27 38.92
C34 PX4 RD . -12.12 12.23 37.66
C35 PX4 RD . -11.31 10.94 37.44
C36 PX4 RD . -10.49 11.42 36.24
O1 PX4 SD . 5.02 7.29 44.79
O2 PX4 SD . 2.64 7.16 45.63
P1 PX4 SD . 3.89 6.46 45.25
O3 PX4 SD . 4.38 5.78 46.62
C1 PX4 SD . 5.22 6.61 47.42
C2 PX4 SD . 5.84 5.84 48.59
N1 PX4 SD . 6.79 6.49 49.49
C3 PX4 SD . 6.16 7.40 50.46
C4 PX4 SD . 7.32 5.39 50.34
C5 PX4 SD . 7.98 7.07 48.84
O4 PX4 SD . 3.64 5.13 44.38
C6 PX4 SD . 4.88 4.62 43.87
C7 PX4 SD . 4.74 3.33 43.06
C8 PX4 SD . 3.75 3.68 41.95
O5 PX4 SD . 2.69 2.73 41.86
C9 PX4 SD . 1.63 3.11 41.08
O6 PX4 SD . 1.13 4.23 41.16
C10 PX4 SD . 0.74 1.91 40.74
C11 PX4 SD . -0.20 2.35 39.61
C12 PX4 SD . -1.34 1.36 39.40
C13 PX4 SD . -2.12 1.68 38.13
C14 PX4 SD . -2.44 3.18 38.17
C15 PX4 SD . -3.13 3.42 36.83
C16 PX4 SD . -3.56 4.87 36.65
C17 PX4 SD . -4.45 5.03 35.42
C18 PX4 SD . -4.64 6.42 34.81
C19 PX4 SD . -5.35 7.23 35.91
C20 PX4 SD . -5.64 8.68 35.55
C21 PX4 SD . -6.48 9.42 36.61
C22 PX4 SD . -6.46 10.95 36.51
O7 PX4 SD . 5.93 2.78 42.52
C23 PX4 SD . 6.82 2.16 43.33
O8 PX4 SD . 6.64 1.99 44.53
C24 PX4 SD . 7.94 1.43 42.57
C25 PX4 SD . 9.34 1.71 43.07
C26 PX4 SD . 10.46 1.07 42.26
C27 PX4 SD . 10.49 1.67 40.85
C28 PX4 SD . 11.51 1.18 39.82
C29 PX4 SD . 11.47 2.14 38.63
C30 PX4 SD . 12.43 1.56 37.60
C31 PX4 SD . 12.07 0.10 37.26
C32 PX4 SD . 12.88 -0.25 36.00
C33 PX4 SD . 12.52 -1.63 35.41
C34 PX4 SD . 13.38 -1.82 34.15
C35 PX4 SD . 13.18 -3.15 33.42
C36 PX4 SD . 14.17 -3.51 32.33
O1 PX4 TD . 0.69 9.54 48.05
O2 PX4 TD . 3.18 9.88 47.80
P1 PX4 TD . 1.81 10.10 47.26
O3 PX4 TD . 1.87 11.71 47.40
C1 PX4 TD . 1.81 12.04 48.78
C2 PX4 TD . 1.71 13.54 49.05
N1 PX4 TD . 2.98 14.28 48.99
C3 PX4 TD . 3.97 13.69 49.92
C4 PX4 TD . 3.40 14.33 47.59
C5 PX4 TD . 2.77 15.64 49.47
O4 PX4 TD . 1.61 9.93 45.67
C6 PX4 TD . 2.14 11.07 45.02
C7 PX4 TD . 2.18 11.05 43.48
C8 PX4 TD . 2.73 9.65 43.21
O5 PX4 TD . 3.93 9.84 42.47
C9 PX4 TD . 4.70 8.80 42.05
O6 PX4 TD . 4.13 7.71 41.90
C10 PX4 TD . 6.03 9.09 41.35
C11 PX4 TD . 6.07 9.23 39.83
C12 PX4 TD . 5.12 10.24 39.18
C13 PX4 TD . 5.22 10.25 37.65
C14 PX4 TD . 4.09 10.97 36.91
C15 PX4 TD . 4.31 11.21 35.41
C16 PX4 TD . 3.24 12.16 34.87
C17 PX4 TD . 1.80 11.68 34.97
C18 PX4 TD . 0.79 12.82 34.78
C19 PX4 TD . 0.76 13.29 33.32
C20 PX4 TD . -0.15 14.51 33.24
C21 PX4 TD . -0.37 14.89 31.78
C22 PX4 TD . -1.62 15.76 31.60
O7 PX4 TD . 0.92 11.31 42.85
C23 PX4 TD . 0.60 12.62 42.79
O8 PX4 TD . 1.26 13.45 43.39
C24 PX4 TD . -0.67 13.00 42.01
C25 PX4 TD . -1.69 13.51 43.04
C26 PX4 TD . -2.88 13.83 42.15
C27 PX4 TD . -3.38 12.48 41.62
C28 PX4 TD . -4.71 12.64 40.87
C29 PX4 TD . -5.02 11.27 40.26
C30 PX4 TD . -5.23 10.21 41.34
C31 PX4 TD . -6.42 10.66 42.18
C32 PX4 TD . -7.74 10.26 41.54
C33 PX4 TD . -8.49 9.22 42.37
C34 PX4 TD . -9.77 8.81 41.66
C35 PX4 TD . -10.55 7.64 42.27
C36 PX4 TD . -11.94 7.43 41.66
O1 PX4 UD . 5.26 18.29 46.06
O2 PX4 UD . 7.52 17.09 45.90
P1 PX4 UD . 6.59 18.14 45.44
O3 PX4 UD . 7.48 19.48 45.64
C1 PX4 UD . 8.12 19.62 46.90
C2 PX4 UD . 8.98 20.86 47.20
N1 PX4 UD . 9.92 21.38 46.21
C3 PX4 UD . 10.95 20.38 45.92
C4 PX4 UD . 9.31 21.84 44.95
C5 PX4 UD . 10.57 22.59 46.75
O4 PX4 UD . 6.54 18.32 43.84
C6 PX4 UD . 7.78 18.04 43.21
C7 PX4 UD . 7.66 18.46 41.75
C8 PX4 UD . 6.38 17.76 41.30
O5 PX4 UD . 6.52 16.35 41.08
C9 PX4 UD . 5.35 15.68 41.15
O6 PX4 UD . 4.49 16.08 41.92
C10 PX4 UD . 5.42 14.26 40.57
C11 PX4 UD . 4.66 13.97 39.28
C12 PX4 UD . 3.16 13.93 39.56
C13 PX4 UD . 2.32 14.12 38.30
C14 PX4 UD . 0.92 13.99 38.90
C15 PX4 UD . -0.25 14.14 37.94
C16 PX4 UD . -1.65 14.03 38.53
C17 PX4 UD . -2.78 14.02 37.51
C18 PX4 UD . -2.99 12.64 36.89
C19 PX4 UD . -3.24 12.80 35.38
C20 PX4 UD . -3.31 11.48 34.62
C21 PX4 UD . -3.92 11.66 33.23
C22 PX4 UD . -3.99 10.27 32.60
O7 PX4 UD . 7.88 19.80 41.31
C23 PX4 UD . 9.14 20.35 41.20
O8 PX4 UD . 10.13 20.03 41.83
C24 PX4 UD . 9.04 21.57 40.29
C25 PX4 UD . 8.37 21.13 38.97
C26 PX4 UD . 8.11 22.34 38.06
C27 PX4 UD . 7.51 21.96 36.71
C28 PX4 UD . 7.22 23.28 35.99
C29 PX4 UD . 8.42 24.17 35.63
C30 PX4 UD . 7.82 25.40 34.95
C31 PX4 UD . 8.90 26.32 34.41
C32 PX4 UD . 9.64 25.83 33.16
C33 PX4 UD . 10.95 26.55 32.88
C34 PX4 UD . 11.84 26.44 34.12
C35 PX4 UD . 12.60 27.76 34.11
C36 PX4 UD . 13.60 27.94 35.25
O1 PX4 VD . 12.17 10.36 48.23
O2 PX4 VD . 12.17 7.91 47.55
P1 PX4 VD . 12.82 9.24 47.50
O3 PX4 VD . 14.36 9.21 48.00
C1 PX4 VD . 14.91 10.53 47.96
C2 PX4 VD . 16.43 10.52 47.85
N1 PX4 VD . 17.18 10.08 46.67
C3 PX4 VD . 16.33 10.07 45.47
C4 PX4 VD . 18.38 10.89 46.43
C5 PX4 VD . 17.56 8.66 46.73
O4 PX4 VD . 13.19 9.56 45.96
C6 PX4 VD . 12.01 9.16 45.27
C7 PX4 VD . 12.08 8.95 43.74
C8 PX4 VD . 13.41 9.60 43.37
O5 PX4 VD . 13.46 10.08 42.02
C9 PX4 VD . 14.65 10.54 41.53
O6 PX4 VD . 15.61 10.72 42.26
C10 PX4 VD . 14.73 10.98 40.08
C11 PX4 VD . 13.61 11.84 39.47
C12 PX4 VD . 14.10 12.85 38.43
C13 PX4 VD . 12.94 13.60 37.77
C14 PX4 VD . 12.55 12.61 36.66
C15 PX4 VD . 11.45 12.90 35.63
C16 PX4 VD . 11.12 11.78 34.64
C17 PX4 VD . 9.91 12.14 33.78
C18 PX4 VD . 8.66 12.32 34.65
C19 PX4 VD . 7.55 13.05 33.89
C20 PX4 VD . 7.03 12.24 32.71
C21 PX4 VD . 5.95 13.08 32.04
C22 PX4 VD . 5.44 12.42 30.76
O7 PX4 VD . 11.88 7.61 43.30
C23 PX4 VD . 10.71 6.93 43.41
O8 PX4 VD . 9.74 7.55 43.88
C24 PX4 VD . 10.59 5.49 42.89
C25 PX4 VD . 10.24 5.31 41.42
C26 PX4 VD . 8.77 5.16 41.01
C27 PX4 VD . 8.67 4.99 39.49
C28 PX4 VD . 7.27 4.49 39.16
C29 PX4 VD . 7.24 4.29 37.64
C30 PX4 VD . 5.85 3.70 37.51
C31 PX4 VD . 5.69 2.33 38.18
C32 PX4 VD . 4.29 1.79 37.89
C33 PX4 VD . 4.22 0.36 38.44
C34 PX4 VD . 4.55 0.35 39.92
C35 PX4 VD . 4.69 -1.10 40.41
C36 PX4 VD . 5.27 -1.04 41.83
O1 PX4 WD . 23.97 3.74 46.76
O2 PX4 WD . 21.85 3.83 48.36
P1 PX4 WD . 22.69 3.22 47.31
O3 PX4 WD . 23.63 2.32 48.26
C1 PX4 WD . 22.81 1.48 49.07
C2 PX4 WD . 23.68 0.85 50.16
N1 PX4 WD . 24.72 -0.14 49.78
C3 PX4 WD . 25.90 0.66 49.47
C4 PX4 WD . 25.11 -0.95 50.94
C5 PX4 WD . 24.40 -1.08 48.71
O4 PX4 WD . 22.01 1.95 46.59
C6 PX4 WD . 22.59 1.69 45.31
C7 PX4 WD . 21.96 0.47 44.63
C8 PX4 WD . 20.86 1.05 43.74
O5 PX4 WD . 21.29 2.25 43.12
C9 PX4 WD . 20.26 2.76 42.39
O6 PX4 WD . 19.07 2.49 42.60
C10 PX4 WD . 20.51 3.96 41.48
C11 PX4 WD . 20.89 3.38 40.12
C12 PX4 WD . 20.90 4.62 39.22
C13 PX4 WD . 21.41 4.42 37.80
C14 PX4 WD . 21.62 5.79 37.16
C15 PX4 WD . 21.68 5.52 35.64
C16 PX4 WD . 20.33 5.14 35.01
C17 PX4 WD . 20.53 5.05 33.49
C18 PX4 WD . 19.69 3.96 32.82
C19 PX4 WD . 20.07 3.88 31.34
C20 PX4 WD . 19.62 5.17 30.65
C21 PX4 WD . 20.56 5.56 29.51
C22 PX4 WD . 20.17 6.79 28.68
O7 PX4 WD . 22.84 -0.42 43.95
C23 PX4 WD . 24.13 -0.31 43.53
O8 PX4 WD . 24.96 0.19 44.31
C24 PX4 WD . 24.51 -1.26 42.40
C25 PX4 WD . 24.26 -0.67 41.02
C26 PX4 WD . 24.25 -1.66 39.85
C27 PX4 WD . 24.11 -0.87 38.54
C28 PX4 WD . 24.04 -1.88 37.39
C29 PX4 WD . 22.75 -2.67 37.49
C30 PX4 WD . 22.81 -3.89 36.55
C31 PX4 WD . 24.09 -4.70 36.77
C32 PX4 WD . 24.03 -6.06 36.08
C33 PX4 WD . 25.28 -6.29 35.23
C34 PX4 WD . 25.01 -7.49 34.31
C35 PX4 WD . 25.14 -8.56 35.38
C36 PX4 WD . 25.47 -9.97 34.88
O1 PX4 XD . -17.28 31.71 46.28
O2 PX4 XD . -15.13 31.59 47.85
P1 PX4 XD . -15.87 31.98 46.62
O3 PX4 XD . -16.04 33.55 46.91
C1 PX4 XD . -15.78 33.80 48.29
C2 PX4 XD . -16.46 35.10 48.73
N1 PX4 XD . -16.38 35.50 50.14
C3 PX4 XD . -15.06 35.57 50.77
C4 PX4 XD . -17.08 36.79 50.20
C5 PX4 XD . -17.15 34.54 50.98
O4 PX4 XD . -15.05 32.28 45.27
C6 PX4 XD . -15.92 31.89 44.19
C7 PX4 XD . -15.53 32.47 42.82
C8 PX4 XD . -14.05 32.16 42.55
O5 PX4 XD . -13.44 32.93 41.50
C9 PX4 XD . -13.06 34.22 41.58
O6 PX4 XD . -12.92 34.78 42.66
C10 PX4 XD . -12.62 34.91 40.29
C11 PX4 XD . -13.75 35.59 39.53
C12 PX4 XD . -13.06 36.03 38.24
C13 PX4 XD . -11.86 36.96 38.43
C14 PX4 XD . -11.18 36.99 37.06
C15 PX4 XD . -9.69 37.32 37.04
C16 PX4 XD . -9.27 37.85 35.67
C17 PX4 XD . -7.82 38.31 35.86
C18 PX4 XD . -6.96 37.06 36.07
C19 PX4 XD . -5.60 37.52 36.62
C20 PX4 XD . -4.72 36.29 36.80
C21 PX4 XD . -3.33 36.74 37.24
C22 PX4 XD . -2.33 35.62 37.52
O7 PX4 XD . -16.42 31.99 41.82
C23 PX4 XD . -17.31 32.90 41.36
O8 PX4 XD . -17.28 34.12 41.53
C24 PX4 XD . -18.33 32.30 40.38
C25 PX4 XD . -18.53 33.13 39.12
C26 PX4 XD . -17.16 33.30 38.46
C27 PX4 XD . -17.10 34.27 37.28
C28 PX4 XD . -15.88 33.85 36.44
C29 PX4 XD . -16.16 32.63 35.58
C30 PX4 XD . -15.03 32.43 34.55
C31 PX4 XD . -15.23 31.09 33.84
C32 PX4 XD . -13.87 30.60 33.35
C33 PX4 XD . -13.73 30.65 31.82
C34 PX4 XD . -14.72 29.73 31.10
C35 PX4 XD . -14.79 29.78 29.58
C36 PX4 XD . -16.04 29.22 28.91
O1 PX4 YD . 0.07 31.59 44.33
O2 PX4 YD . -0.18 29.93 46.23
P1 PX4 YD . 0.52 30.36 45.01
O3 PX4 YD . 1.99 30.74 45.54
C1 PX4 YD . 1.87 31.73 46.56
C2 PX4 YD . 2.88 31.62 47.71
N1 PX4 YD . 2.65 30.60 48.76
C3 PX4 YD . 1.40 30.89 49.48
C4 PX4 YD . 2.64 29.20 48.31
C5 PX4 YD . 3.85 30.69 49.59
O4 PX4 YD . 0.95 29.14 44.04
C6 PX4 YD . 1.63 29.70 42.93
C7 PX4 YD . 2.15 28.70 41.90
C8 PX4 YD . 0.99 27.91 41.29
O5 PX4 YD . -0.16 28.57 40.76
C9 PX4 YD . -1.22 27.81 40.38
O6 PX4 YD . -1.18 26.58 40.38
C10 PX4 YD . -2.49 28.61 40.07
C11 PX4 YD . -2.30 29.22 38.67
C12 PX4 YD . -3.45 30.08 38.15
C13 PX4 YD . -3.38 30.28 36.64
C14 PX4 YD . -4.34 31.34 36.10
C15 PX4 YD . -4.29 31.35 34.58
C16 PX4 YD . -5.03 32.59 34.07
C17 PX4 YD . -6.55 32.38 34.04
C18 PX4 YD . -7.16 33.76 33.82
C19 PX4 YD . -8.68 33.62 33.61
C20 PX4 YD . -9.24 32.90 34.84
C21 PX4 YD . -10.74 32.81 34.59
C22 PX4 YD . -11.38 34.19 34.38
O7 PX4 YD . 3.14 29.22 41.00
C23 PX4 YD . 4.39 29.59 41.37
O8 PX4 YD . 4.84 29.27 42.46
C24 PX4 YD . 5.32 30.26 40.35
C25 PX4 YD . 6.83 30.04 40.42
C26 PX4 YD . 7.70 30.72 39.37
C27 PX4 YD . 7.35 30.28 37.95
C28 PX4 YD . 8.39 30.86 36.99
C29 PX4 YD . 8.22 30.58 35.50
C30 PX4 YD . 9.58 30.82 34.82
C31 PX4 YD . 9.62 30.43 33.35
C32 PX4 YD . 11.01 30.88 32.87
C33 PX4 YD . 11.33 30.32 31.48
C34 PX4 YD . 12.72 30.78 31.04
C35 PX4 YD . 12.93 32.28 31.17
C36 PX4 YD . 14.21 32.84 30.53
O1 PX4 ZD . 10.45 26.06 45.91
O2 PX4 ZD . 12.73 27.23 46.36
P1 PX4 ZD . 11.38 27.20 45.74
O3 PX4 ZD . 10.67 28.41 46.53
C1 PX4 ZD . 11.60 29.52 46.53
C2 PX4 ZD . 11.28 30.55 47.63
N1 PX4 ZD . 11.44 30.26 49.05
C3 PX4 ZD . 12.84 29.97 49.32
C4 PX4 ZD . 10.94 31.34 49.93
C5 PX4 ZD . 10.62 29.15 49.56
O4 PX4 ZD . 11.15 27.83 44.29
C6 PX4 ZD . 9.79 27.58 43.90
C7 PX4 ZD . 9.38 28.46 42.73
C8 PX4 ZD . 9.95 29.86 42.89
O5 PX4 ZD . 8.96 30.81 43.31
C9 PX4 ZD . 9.36 31.94 43.94
O6 PX4 ZD . 10.51 32.15 44.29
C10 PX4 ZD . 8.27 33.02 44.03
C11 PX4 ZD . 6.98 32.73 43.28
C12 PX4 ZD . 5.98 33.83 43.67
C13 PX4 ZD . 4.76 33.65 42.77
C14 PX4 ZD . 3.64 34.57 43.29
C15 PX4 ZD . 2.22 34.16 42.92
C16 PX4 ZD . 2.21 34.09 41.40
C17 PX4 ZD . 0.98 33.22 41.07
C18 PX4 ZD . 0.67 32.87 39.61
C19 PX4 ZD . -0.75 32.31 39.63
C20 PX4 ZD . -1.75 33.29 40.25
C21 PX4 ZD . -3.22 32.89 40.27
C22 PX4 ZD . -4.05 34.17 40.47
O7 PX4 ZD . 9.58 27.93 41.41
C23 PX4 ZD . 8.93 26.83 40.97
O8 PX4 ZD . 8.06 26.30 41.65
C24 PX4 ZD . 9.43 26.32 39.62
C25 PX4 ZD . 10.54 25.30 39.86
C26 PX4 ZD . 10.93 24.55 38.58
C27 PX4 ZD . 12.03 23.50 38.79
C28 PX4 ZD . 13.17 24.27 39.45
C29 PX4 ZD . 14.23 23.34 40.06
C30 PX4 ZD . 15.32 24.20 40.71
C31 PX4 ZD . 16.34 24.67 39.67
C32 PX4 ZD . 17.14 23.54 39.01
C33 PX4 ZD . 18.12 24.15 38.01
C34 PX4 ZD . 19.11 23.18 37.38
C35 PX4 ZD . 20.03 23.92 36.41
C36 PX4 ZD . 21.25 23.11 35.97
O1 PX4 AE . -5.90 19.61 50.72
O2 PX4 AE . -4.44 18.24 49.00
P1 PX4 AE . -4.88 19.49 49.66
O3 PX4 AE . -3.56 20.26 50.14
C1 PX4 AE . -4.04 21.39 50.88
C2 PX4 AE . -3.15 21.68 52.08
N1 PX4 AE . -3.25 20.73 53.21
C3 PX4 AE . -2.43 19.55 52.92
C4 PX4 AE . -2.50 21.30 54.34
C5 PX4 AE . -4.60 20.43 53.68
O4 PX4 AE . -5.38 20.36 48.39
C6 PX4 AE . -4.41 20.44 47.34
C7 PX4 AE . -5.07 20.44 45.96
C8 PX4 AE . -6.55 20.81 46.15
O5 PX4 AE . -7.51 20.09 45.38
C9 PX4 AE . -8.80 20.50 45.49
O6 PX4 AE . -9.12 21.08 46.54
C10 PX4 AE . -9.71 20.01 44.37
C11 PX4 AE . -9.44 20.74 43.05
C12 PX4 AE . -10.35 20.30 41.92
C13 PX4 AE . -10.12 21.08 40.61
C14 PX4 AE . -11.05 20.48 39.55
C15 PX4 AE . -10.66 19.17 38.89
C16 PX4 AE . -11.65 18.89 37.76
C17 PX4 AE . -11.12 17.76 36.87
C18 PX4 AE . -12.23 17.54 35.84
C19 PX4 AE . -12.02 16.24 35.06
C20 PX4 AE . -12.96 16.15 33.86
C21 PX4 AE . -12.90 14.83 33.07
C22 PX4 AE . -13.19 13.57 33.87
O7 PX4 AE . -4.42 21.28 45.02
C23 PX4 AE . -3.30 20.94 44.31
O8 PX4 AE . -2.56 20.00 44.59
C24 PX4 AE . -2.86 21.91 43.21
C25 PX4 AE . -3.09 21.32 41.82
C26 PX4 AE . -2.07 20.19 41.64
C27 PX4 AE . -2.12 19.70 40.20
C28 PX4 AE . -1.21 18.47 40.12
C29 PX4 AE . -1.35 17.81 38.74
C30 PX4 AE . -0.88 18.89 37.78
C31 PX4 AE . -0.84 18.26 36.38
C32 PX4 AE . -0.32 19.26 35.34
C33 PX4 AE . -0.10 18.65 33.95
C34 PX4 AE . 0.32 19.76 32.97
C35 PX4 AE . 0.71 19.21 31.60
C36 PX4 AE . 0.99 20.27 30.54
N PHE A 1 16.32 -0.44 -10.60
CA PHE A 1 15.74 -1.77 -10.38
C PHE A 1 14.37 -1.74 -9.72
N ARG A 2 13.55 -2.77 -9.99
CA ARG A 2 12.19 -2.66 -9.50
C ARG A 2 12.00 -3.22 -8.09
N GLU A 3 13.01 -3.66 -7.34
CA GLU A 3 13.07 -4.52 -6.18
C GLU A 3 13.77 -3.59 -5.19
N MET A 4 13.45 -3.68 -3.90
CA MET A 4 14.13 -2.98 -2.82
C MET A 4 15.56 -3.49 -2.68
N PRO A 5 16.52 -2.64 -2.35
CA PRO A 5 17.91 -3.01 -2.11
C PRO A 5 18.12 -4.05 -1.03
N GLY A 6 18.96 -5.06 -1.29
CA GLY A 6 19.11 -6.19 -0.42
C GLY A 6 18.36 -7.44 -0.86
N GLY A 7 17.96 -8.36 0.03
CA GLY A 7 17.16 -9.50 -0.32
C GLY A 7 15.91 -9.41 0.55
N PRO A 8 14.84 -8.77 0.08
CA PRO A 8 13.61 -8.67 0.85
C PRO A 8 12.87 -10.00 0.89
N VAL A 9 12.53 -10.58 2.05
CA VAL A 9 11.71 -11.75 2.27
C VAL A 9 10.79 -11.47 3.44
N TRP A 10 9.59 -12.06 3.46
CA TRP A 10 8.64 -11.93 4.54
C TRP A 10 8.65 -13.24 5.32
N ARG A 11 8.42 -14.36 4.63
CA ARG A 11 8.29 -15.72 5.12
C ARG A 11 6.91 -16.11 5.60
N LYS A 12 5.95 -15.19 5.61
CA LYS A 12 4.55 -15.55 5.74
C LYS A 12 3.86 -15.66 4.39
N HIS A 13 2.73 -16.35 4.40
CA HIS A 13 1.95 -16.82 3.25
C HIS A 13 0.50 -16.47 3.56
N TYR A 14 0.03 -16.55 4.80
CA TYR A 14 -1.28 -16.05 5.16
C TYR A 14 -0.87 -14.91 6.09
N ILE A 15 -0.67 -13.77 5.42
CA ILE A 15 -0.31 -12.48 6.00
C ILE A 15 -1.58 -11.66 6.20
N THR A 16 -1.78 -11.17 7.42
CA THR A 16 -3.09 -10.69 7.84
C THR A 16 -3.11 -9.24 8.25
N TYR A 17 -4.22 -8.52 8.03
CA TYR A 17 -4.28 -7.10 8.28
C TYR A 17 -5.37 -6.73 9.28
N ARG A 18 -5.14 -5.59 9.93
CA ARG A 18 -6.14 -4.77 10.59
C ARG A 18 -6.00 -3.33 10.15
N ILE A 19 -7.09 -2.58 10.01
CA ILE A 19 -7.16 -1.15 9.80
C ILE A 19 -7.39 -0.65 11.21
N ASN A 20 -6.43 0.15 11.67
CA ASN A 20 -6.31 0.53 13.06
C ASN A 20 -7.09 1.79 13.40
N ASN A 21 -7.30 2.68 12.43
CA ASN A 21 -8.17 3.82 12.58
C ASN A 21 -8.75 4.13 11.20
N TYR A 22 -9.99 4.64 11.13
CA TYR A 22 -10.62 5.16 9.93
C TYR A 22 -10.58 6.68 10.01
N THR A 23 -9.85 7.28 9.06
CA THR A 23 -9.91 8.66 8.61
C THR A 23 -11.29 9.28 8.50
N PRO A 24 -11.67 10.40 9.13
CA PRO A 24 -12.93 11.07 8.97
C PRO A 24 -13.09 11.76 7.62
N ASP A 25 -12.10 11.75 6.73
CA ASP A 25 -12.09 12.38 5.42
C ASP A 25 -12.92 11.45 4.54
N MET A 26 -12.93 10.13 4.74
CA MET A 26 -13.71 9.13 4.02
C MET A 26 -14.80 8.53 4.89
N ASN A 27 -15.78 7.84 4.26
CA ASN A 27 -16.59 6.87 4.94
C ASN A 27 -15.77 5.67 5.41
N ARG A 28 -16.22 4.97 6.46
CA ARG A 28 -15.55 3.78 6.95
C ARG A 28 -15.46 2.66 5.92
N GLU A 29 -16.56 2.25 5.28
CA GLU A 29 -16.69 1.32 4.19
C GLU A 29 -15.77 1.54 2.99
N ASP A 30 -15.35 2.79 2.81
CA ASP A 30 -14.66 3.28 1.62
C ASP A 30 -13.18 3.00 1.87
N VAL A 31 -12.66 3.11 3.10
CA VAL A 31 -11.29 2.74 3.37
C VAL A 31 -11.22 1.22 3.30
N ASP A 32 -12.22 0.54 3.85
CA ASP A 32 -12.30 -0.90 4.04
C ASP A 32 -12.24 -1.59 2.70
N TYR A 33 -13.01 -1.10 1.72
CA TYR A 33 -12.91 -1.71 0.41
C TYR A 33 -11.69 -1.24 -0.34
N ALA A 34 -11.31 0.04 -0.17
CA ALA A 34 -10.17 0.63 -0.83
C ALA A 34 -8.86 -0.07 -0.53
N ILE A 35 -8.73 -0.55 0.71
CA ILE A 35 -7.55 -1.29 1.10
C ILE A 35 -7.69 -2.76 0.75
N ARG A 36 -8.87 -3.40 0.79
CA ARG A 36 -9.00 -4.80 0.48
C ARG A 36 -8.84 -5.08 -1.02
N LYS A 37 -9.30 -4.15 -1.85
CA LYS A 37 -9.24 -4.37 -3.28
C LYS A 37 -7.82 -4.25 -3.83
N ALA A 38 -7.08 -3.36 -3.15
CA ALA A 38 -5.67 -3.09 -3.26
C ALA A 38 -4.87 -4.39 -3.15
N PHE A 39 -5.20 -5.22 -2.14
CA PHE A 39 -4.61 -6.54 -1.98
C PHE A 39 -4.92 -7.55 -3.07
N GLN A 40 -6.17 -7.57 -3.50
CA GLN A 40 -6.76 -8.56 -4.38
C GLN A 40 -6.10 -8.61 -5.75
N VAL A 41 -5.59 -7.49 -6.31
CA VAL A 41 -4.75 -7.51 -7.48
C VAL A 41 -3.36 -8.08 -7.32
N TRP A 42 -2.85 -8.03 -6.09
CA TRP A 42 -1.49 -8.52 -5.95
C TRP A 42 -1.69 -10.01 -5.69
N SER A 43 -2.72 -10.56 -5.05
CA SER A 43 -2.91 -11.98 -4.85
C SER A 43 -3.37 -12.65 -6.13
N ASN A 44 -3.76 -11.92 -7.18
CA ASN A 44 -3.87 -12.32 -8.57
C ASN A 44 -2.50 -12.56 -9.19
N VAL A 45 -1.38 -12.02 -8.70
CA VAL A 45 -0.09 -12.12 -9.36
C VAL A 45 1.01 -12.58 -8.41
N THR A 46 0.62 -13.29 -7.35
CA THR A 46 1.48 -13.98 -6.42
C THR A 46 0.75 -15.25 -5.98
N PRO A 47 1.36 -16.18 -5.24
CA PRO A 47 0.72 -17.26 -4.52
C PRO A 47 0.19 -16.96 -3.13
N LEU A 48 0.50 -15.74 -2.67
CA LEU A 48 0.18 -15.33 -1.30
C LEU A 48 -1.29 -14.97 -1.20
N LYS A 49 -1.83 -15.14 0.01
CA LYS A 49 -3.23 -14.92 0.30
C LYS A 49 -3.38 -13.95 1.48
N PHE A 50 -4.25 -12.94 1.37
CA PHE A 50 -4.45 -11.83 2.28
C PHE A 50 -5.82 -11.95 2.95
N SER A 51 -5.84 -11.55 4.24
CA SER A 51 -7.03 -11.67 5.04
C SER A 51 -7.05 -10.65 6.18
N LYS A 52 -8.26 -10.24 6.54
CA LYS A 52 -8.58 -9.38 7.66
C LYS A 52 -8.88 -10.20 8.91
N ILE A 53 -8.67 -9.67 10.11
CA ILE A 53 -8.94 -10.26 11.40
C ILE A 53 -9.55 -9.18 12.28
N ASN A 54 -10.40 -9.64 13.20
CA ASN A 54 -11.20 -8.85 14.12
C ASN A 54 -10.74 -9.04 15.57
N THR A 55 -9.79 -9.96 15.75
CA THR A 55 -9.16 -10.30 17.01
C THR A 55 -7.79 -10.85 16.70
N GLY A 56 -6.73 -10.42 17.37
CA GLY A 56 -5.35 -10.83 17.19
C GLY A 56 -4.42 -9.78 16.59
N MET A 57 -3.18 -10.20 16.33
CA MET A 57 -2.12 -9.36 15.81
C MET A 57 -2.09 -9.22 14.30
N ALA A 58 -2.17 -7.97 13.84
CA ALA A 58 -2.05 -7.57 12.45
C ALA A 58 -0.58 -7.81 12.13
N ASP A 59 -0.24 -8.50 11.03
CA ASP A 59 1.07 -8.44 10.42
C ASP A 59 1.20 -7.07 9.80
N ILE A 60 0.27 -6.64 8.94
CA ILE A 60 0.24 -5.36 8.27
C ILE A 60 -0.60 -4.51 9.23
N LEU A 61 0.03 -3.47 9.81
CA LEU A 61 -0.66 -2.31 10.34
C LEU A 61 -1.10 -1.44 9.19
N VAL A 62 -2.37 -1.08 9.00
CA VAL A 62 -2.83 0.14 8.34
C VAL A 62 -3.34 1.10 9.40
N VAL A 63 -2.69 2.26 9.45
CA VAL A 63 -2.89 3.26 10.48
C VAL A 63 -2.82 4.60 9.77
N PHE A 64 -3.64 5.56 10.24
CA PHE A 64 -3.84 6.85 9.62
C PHE A 64 -3.39 7.78 10.75
N ALA A 65 -2.17 8.32 10.65
CA ALA A 65 -1.55 9.18 11.64
C ALA A 65 -0.92 10.40 10.99
N ARG A 66 -0.85 11.49 11.77
CA ARG A 66 -0.38 12.78 11.32
C ARG A 66 0.87 13.10 12.14
N GLY A 67 1.84 13.80 11.55
CA GLY A 67 2.94 14.32 12.34
C GLY A 67 4.03 13.29 12.63
N ALA A 68 4.72 13.65 13.72
CA ALA A 68 5.69 12.80 14.41
C ALA A 68 4.86 11.94 15.34
N HIS A 69 4.72 10.63 15.12
CA HIS A 69 3.81 9.71 15.76
C HIS A 69 4.51 8.43 16.16
N GLY A 70 5.85 8.35 16.07
CA GLY A 70 6.64 7.15 16.18
C GLY A 70 7.13 6.69 14.81
N ASP A 71 8.13 5.81 14.76
CA ASP A 71 8.84 5.23 13.63
C ASP A 71 10.02 6.07 13.16
N PHE A 72 10.26 7.27 13.71
CA PHE A 72 11.27 8.26 13.36
C PHE A 72 11.01 9.16 12.17
N HIS A 73 10.74 8.62 10.99
CA HIS A 73 10.36 9.38 9.82
C HIS A 73 9.75 10.76 9.95
N ALA A 74 8.60 10.87 10.62
CA ALA A 74 7.55 11.86 10.61
C ALA A 74 6.97 12.17 9.23
N PHE A 75 5.63 12.25 9.19
CA PHE A 75 4.97 12.88 8.07
C PHE A 75 5.04 14.40 8.07
N ASP A 76 4.90 14.91 6.84
CA ASP A 76 5.27 16.23 6.35
C ASP A 76 4.16 17.24 6.24
N GLY A 77 2.89 16.84 6.21
CA GLY A 77 1.74 17.72 6.13
C GLY A 77 0.98 17.39 4.87
N LYS A 78 -0.03 18.18 4.50
CA LYS A 78 -0.84 18.12 3.31
C LYS A 78 -0.06 18.30 2.02
N GLY A 79 0.02 17.23 1.21
CA GLY A 79 0.82 17.09 0.01
C GLY A 79 2.08 16.27 0.21
N GLY A 80 3.05 16.14 -0.69
CA GLY A 80 4.36 15.52 -0.52
C GLY A 80 4.34 14.02 -0.31
N ILE A 81 4.67 13.62 0.92
CA ILE A 81 4.59 12.20 1.27
C ILE A 81 3.12 11.90 1.55
N LEU A 82 2.55 10.83 0.99
CA LEU A 82 1.17 10.44 1.16
C LEU A 82 1.07 9.16 1.96
N ALA A 83 2.10 8.30 1.93
CA ALA A 83 2.00 7.06 2.68
C ALA A 83 3.43 6.54 2.75
N HIS A 84 3.77 6.12 3.96
CA HIS A 84 5.09 5.62 4.34
C HIS A 84 4.89 4.12 4.51
N ALA A 85 5.48 3.32 3.62
CA ALA A 85 5.62 1.87 3.69
C ALA A 85 7.07 1.58 4.05
N PHE A 86 7.29 0.29 4.28
CA PHE A 86 8.52 -0.31 4.78
C PHE A 86 8.93 -1.38 3.76
N GLY A 87 9.64 -2.40 4.25
CA GLY A 87 9.82 -3.65 3.54
C GLY A 87 9.25 -4.83 4.30
N PRO A 88 9.39 -6.05 3.80
CA PRO A 88 8.71 -7.19 4.39
C PRO A 88 9.42 -7.65 5.66
N GLY A 89 8.71 -8.53 6.38
CA GLY A 89 9.16 -9.18 7.58
C GLY A 89 8.29 -8.92 8.81
N SER A 90 8.54 -9.61 9.94
CA SER A 90 8.00 -9.35 11.25
C SER A 90 8.58 -8.09 11.89
N GLY A 91 7.77 -7.35 12.63
CA GLY A 91 8.12 -6.13 13.32
C GLY A 91 7.22 -5.03 12.75
N ILE A 92 7.74 -3.84 13.06
CA ILE A 92 7.57 -2.62 12.29
C ILE A 92 8.20 -2.90 10.93
N GLY A 93 7.40 -3.06 9.87
CA GLY A 93 7.78 -3.62 8.61
C GLY A 93 6.57 -4.45 8.17
N GLY A 94 6.44 -4.63 6.86
CA GLY A 94 5.27 -5.13 6.16
C GLY A 94 4.05 -4.21 6.16
N ASP A 95 4.14 -3.09 6.89
CA ASP A 95 3.06 -2.21 7.25
C ASP A 95 2.95 -1.07 6.24
N ALA A 96 1.82 -0.39 6.37
CA ALA A 96 1.48 0.75 5.53
C ALA A 96 0.85 1.84 6.39
N HIS A 97 1.62 2.89 6.72
CA HIS A 97 1.07 4.02 7.45
C HIS A 97 0.69 5.03 6.38
N PHE A 98 -0.41 5.78 6.55
CA PHE A 98 -0.89 6.80 5.64
C PHE A 98 -1.01 8.08 6.48
N ASP A 99 -0.66 9.20 5.85
CA ASP A 99 -0.72 10.57 6.31
C ASP A 99 -2.21 10.94 6.27
N GLU A 100 -2.68 11.49 7.40
CA GLU A 100 -4.03 11.97 7.59
C GLU A 100 -4.13 13.48 7.40
N ASP A 101 -3.05 14.22 7.21
CA ASP A 101 -3.06 15.61 6.82
C ASP A 101 -3.30 15.82 5.33
N GLU A 102 -3.35 14.71 4.58
CA GLU A 102 -4.04 14.68 3.31
C GLU A 102 -5.56 14.70 3.47
N PHE A 103 -6.23 14.98 2.35
CA PHE A 103 -7.66 15.08 2.20
C PHE A 103 -8.01 13.94 1.25
N TRP A 104 -8.35 12.83 1.91
CA TRP A 104 -8.53 11.53 1.31
C TRP A 104 -9.97 11.52 0.83
N THR A 105 -10.13 11.51 -0.49
CA THR A 105 -11.45 11.67 -1.06
C THR A 105 -11.67 10.73 -2.24
N THR A 106 -12.92 10.44 -2.60
CA THR A 106 -13.27 9.64 -3.75
C THR A 106 -13.54 10.37 -5.06
N HIS A 107 -13.32 11.69 -5.12
CA HIS A 107 -13.36 12.58 -6.26
C HIS A 107 -12.26 12.22 -7.25
N SER A 108 -12.52 12.20 -8.55
CA SER A 108 -11.58 11.88 -9.59
C SER A 108 -10.40 12.85 -9.65
N GLY A 109 -10.51 14.08 -9.14
CA GLY A 109 -9.61 15.18 -8.98
C GLY A 109 -9.12 15.49 -7.57
N GLY A 110 -9.32 14.50 -6.71
CA GLY A 110 -8.98 14.42 -5.29
C GLY A 110 -8.08 13.22 -5.00
N THR A 111 -7.39 13.42 -3.87
CA THR A 111 -6.25 12.63 -3.43
C THR A 111 -6.77 11.24 -3.07
N ASN A 112 -6.26 10.23 -3.79
CA ASN A 112 -6.91 8.94 -3.91
C ASN A 112 -6.18 7.99 -2.98
N LEU A 113 -6.85 7.23 -2.10
CA LEU A 113 -6.31 6.26 -1.16
C LEU A 113 -5.98 4.99 -1.94
N PHE A 114 -6.93 4.44 -2.69
CA PHE A 114 -6.73 3.18 -3.40
C PHE A 114 -5.47 3.05 -4.25
N LEU A 115 -5.21 4.08 -5.07
CA LEU A 115 -4.03 4.17 -5.92
C LEU A 115 -2.75 4.26 -5.09
N THR A 116 -2.82 4.80 -3.86
CA THR A 116 -1.64 4.92 -3.03
C THR A 116 -1.38 3.65 -2.24
N ALA A 117 -2.43 2.87 -1.98
CA ALA A 117 -2.43 1.75 -1.06
C ALA A 117 -1.79 0.52 -1.69
N VAL A 118 -2.19 0.21 -2.92
CA VAL A 118 -1.66 -0.81 -3.81
C VAL A 118 -0.17 -0.59 -3.88
N HIS A 119 0.39 0.61 -4.05
CA HIS A 119 1.81 0.88 -4.07
C HIS A 119 2.43 0.86 -2.69
N ALA A 120 1.76 1.19 -1.58
CA ALA A 120 2.32 1.09 -0.25
C ALA A 120 2.34 -0.36 0.17
N ILE A 121 1.35 -1.13 -0.26
CA ILE A 121 1.38 -2.57 -0.01
C ILE A 121 2.42 -3.15 -0.94
N GLY A 122 2.56 -2.58 -2.13
CA GLY A 122 3.49 -2.90 -3.20
C GLY A 122 4.89 -2.91 -2.62
N HIS A 123 5.34 -1.74 -2.13
CA HIS A 123 6.54 -1.46 -1.38
C HIS A 123 6.96 -2.42 -0.27
N SER A 124 6.02 -2.59 0.65
CA SER A 124 6.17 -3.46 1.80
C SER A 124 6.32 -4.96 1.54
N LEU A 125 5.95 -5.39 0.32
CA LEU A 125 6.25 -6.74 -0.12
C LEU A 125 7.70 -6.88 -0.55
N GLY A 126 8.42 -5.77 -0.73
CA GLY A 126 9.81 -5.62 -1.08
C GLY A 126 10.18 -4.95 -2.40
N LEU A 127 9.36 -3.98 -2.83
CA LEU A 127 9.49 -3.37 -4.14
C LEU A 127 9.84 -1.91 -3.86
N GLY A 128 10.00 -1.20 -4.98
CA GLY A 128 10.37 0.20 -5.04
C GLY A 128 9.51 0.92 -6.06
N HIS A 129 10.09 1.49 -7.13
CA HIS A 129 9.40 2.21 -8.18
C HIS A 129 9.85 1.60 -9.51
N SER A 130 8.95 1.77 -10.48
CA SER A 130 9.19 1.48 -11.88
C SER A 130 9.69 2.66 -12.69
N SER A 131 10.33 2.41 -13.83
CA SER A 131 10.89 3.29 -14.83
C SER A 131 10.18 3.12 -16.16
N ASP A 132 8.98 2.57 -16.27
CA ASP A 132 8.16 2.50 -17.47
C ASP A 132 7.04 3.48 -17.19
N PRO A 133 6.82 4.50 -18.04
CA PRO A 133 5.75 5.47 -17.88
C PRO A 133 4.31 5.03 -17.74
N LYS A 134 3.90 3.87 -18.30
CA LYS A 134 2.52 3.42 -18.25
C LYS A 134 2.24 2.70 -16.94
N ALA A 135 3.23 2.37 -16.10
CA ALA A 135 3.10 1.54 -14.91
C ALA A 135 2.49 2.31 -13.76
N VAL A 136 2.02 1.59 -12.74
CA VAL A 136 1.43 2.19 -11.54
C VAL A 136 2.53 2.42 -10.53
N MET A 137 3.50 1.49 -10.48
CA MET A 137 4.71 1.64 -9.72
C MET A 137 5.61 2.81 -10.15
N PHE A 138 5.36 3.44 -11.30
CA PHE A 138 6.02 4.64 -11.78
C PHE A 138 5.75 5.81 -10.84
N PRO A 139 6.72 6.70 -10.60
CA PRO A 139 6.61 7.75 -9.59
C PRO A 139 5.64 8.89 -9.80
N THR A 140 5.34 9.21 -11.07
CA THR A 140 4.41 10.27 -11.36
C THR A 140 3.03 9.65 -11.26
N TYR A 141 2.07 10.39 -10.70
CA TYR A 141 0.66 10.07 -10.59
C TYR A 141 -0.05 9.89 -11.92
N LYS A 142 -1.06 9.02 -11.91
CA LYS A 142 -2.06 8.77 -12.93
C LYS A 142 -3.26 8.29 -12.13
N TYR A 143 -4.45 8.85 -12.38
CA TYR A 143 -5.69 8.38 -11.81
C TYR A 143 -6.27 7.28 -12.68
N VAL A 144 -6.85 6.33 -11.94
CA VAL A 144 -7.55 5.20 -12.52
C VAL A 144 -8.79 4.99 -11.68
N ASP A 145 -9.94 4.73 -12.32
CA ASP A 145 -11.11 4.17 -11.67
C ASP A 145 -10.89 2.76 -11.18
N ILE A 146 -11.23 2.47 -9.92
CA ILE A 146 -11.08 1.19 -9.24
C ILE A 146 -11.61 0.00 -10.02
N ASN A 147 -12.69 0.11 -10.78
CA ASN A 147 -13.25 -1.00 -11.54
C ASN A 147 -12.58 -1.13 -12.91
N THR A 148 -11.97 -0.08 -13.46
CA THR A 148 -11.22 -0.07 -14.70
C THR A 148 -9.80 -0.57 -14.52
N PHE A 149 -9.35 -0.62 -13.27
CA PHE A 149 -7.95 -0.77 -12.87
C PHE A 149 -7.45 -2.15 -13.22
N ARG A 150 -6.15 -2.23 -13.54
CA ARG A 150 -5.13 -3.26 -13.58
C ARG A 150 -3.78 -2.72 -13.12
N LEU A 151 -2.83 -3.67 -13.09
CA LEU A 151 -1.41 -3.40 -13.10
C LEU A 151 -0.91 -3.60 -14.52
N SER A 152 0.23 -2.99 -14.84
CA SER A 152 0.79 -2.99 -16.18
C SER A 152 1.78 -4.13 -16.26
N ALA A 153 2.45 -4.33 -17.39
CA ALA A 153 3.47 -5.34 -17.55
C ALA A 153 4.65 -5.23 -16.59
N ASP A 154 5.28 -4.08 -16.35
CA ASP A 154 6.40 -3.77 -15.48
C ASP A 154 6.01 -4.07 -14.04
N ASP A 155 4.77 -3.78 -13.65
CA ASP A 155 4.20 -3.93 -12.32
C ASP A 155 3.96 -5.37 -11.91
N ILE A 156 3.55 -6.17 -12.90
CA ILE A 156 3.51 -7.61 -12.81
C ILE A 156 4.89 -8.26 -12.82
N ARG A 157 5.93 -7.75 -13.50
CA ARG A 157 7.23 -8.39 -13.60
C ARG A 157 8.02 -8.30 -12.31
N GLY A 158 7.81 -7.23 -11.54
CA GLY A 158 8.58 -6.83 -10.38
C GLY A 158 8.19 -7.68 -9.19
N ILE A 159 6.90 -8.05 -9.03
CA ILE A 159 6.47 -8.90 -7.95
C ILE A 159 6.86 -10.35 -8.15
N GLN A 160 6.99 -10.82 -9.39
CA GLN A 160 7.41 -12.18 -9.71
C GLN A 160 8.93 -12.29 -9.64
N SER A 161 9.77 -11.26 -9.57
CA SER A 161 11.21 -11.36 -9.43
C SER A 161 11.51 -11.74 -7.99
N LEU A 162 10.56 -11.55 -7.06
CA LEU A 162 10.65 -11.98 -5.68
C LEU A 162 9.77 -13.23 -5.60
N TYR A 163 8.49 -13.12 -5.96
CA TYR A 163 7.48 -14.09 -5.60
C TYR A 163 7.15 -15.02 -6.76
N GLY A 164 8.11 -15.28 -7.65
CA GLY A 164 8.16 -16.23 -8.74
C GLY A 164 9.40 -17.10 -8.78
ZN ZN B . 3.56 5.27 -6.13
ZN ZN C . 6.55 6.90 9.68
CA CA D . 1.82 14.55 3.21
CA CA E . 4.26 -5.05 10.78
CA CA F . -7.60 14.14 6.55
O1 PX4 G . 3.29 20.59 21.82
O2 PX4 G . 4.01 23.14 21.77
P1 PX4 G . 3.91 21.77 21.20
O3 PX4 G . 3.83 21.81 19.60
C1 PX4 G . 4.23 23.09 19.11
C2 PX4 G . 4.50 23.26 17.61
N1 PX4 G . 5.60 24.14 17.22
C3 PX4 G . 6.83 23.70 17.91
C4 PX4 G . 5.94 24.08 15.79
C5 PX4 G . 5.37 25.54 17.58
O4 PX4 G . 5.46 21.34 21.13
C6 PX4 G . 5.82 20.73 22.36
C7 PX4 G . 7.21 20.08 22.31
C8 PX4 G . 8.29 21.13 22.53
O5 PX4 G . 7.78 22.04 23.52
C9 PX4 G . 8.69 22.84 24.15
O6 PX4 G . 9.85 22.82 23.78
C10 PX4 G . 8.15 23.84 25.17
C11 PX4 G . 9.27 24.23 26.12
C12 PX4 G . 8.96 25.11 27.34
C13 PX4 G . 8.64 26.51 26.84
C14 PX4 G . 8.28 27.31 28.11
C15 PX4 G . 8.15 28.81 27.85
C16 PX4 G . 7.79 29.55 29.14
C17 PX4 G . 7.66 31.05 28.91
C18 PX4 G . 8.83 31.82 28.27
C19 PX4 G . 8.47 33.32 28.41
C20 PX4 G . 9.40 34.16 27.53
C21 PX4 G . 9.09 35.65 27.48
C22 PX4 G . 9.94 36.33 26.41
O7 PX4 G . 7.41 18.91 23.10
C23 PX4 G . 6.67 17.78 22.88
O8 PX4 G . 6.28 17.63 21.72
C24 PX4 G . 6.81 16.58 23.81
C25 PX4 G . 5.96 16.85 25.05
C26 PX4 G . 6.08 15.84 26.19
C27 PX4 G . 5.10 16.21 27.30
C28 PX4 G . 3.67 16.01 26.80
C29 PX4 G . 2.64 16.49 27.82
C30 PX4 G . 1.20 16.21 27.40
C31 PX4 G . 0.28 17.03 28.31
C32 PX4 G . -1.17 16.84 27.85
C33 PX4 G . -2.31 17.46 28.64
C34 PX4 G . -2.08 17.09 30.11
C35 PX4 G . -2.80 17.98 31.14
C36 PX4 G . -2.42 17.68 32.59
O1 PX4 H . 9.88 11.40 16.60
O2 PX4 H . 7.70 10.56 15.69
P1 PX4 H . 8.87 10.34 16.58
O3 PX4 H . 8.06 10.32 17.99
C1 PX4 H . 7.36 11.55 18.20
C2 PX4 H . 6.85 11.61 19.64
N1 PX4 H . 5.64 10.84 19.94
C3 PX4 H . 4.39 11.26 19.28
C4 PX4 H . 5.75 9.39 19.70
C5 PX4 H . 5.34 11.03 21.36
O4 PX4 H . 9.47 8.86 16.61
C6 PX4 H . 10.22 8.79 17.82
C7 PX4 H . 10.43 7.40 18.39
C8 PX4 H . 11.86 7.40 18.92
O5 PX4 H . 12.11 8.02 20.18
C9 PX4 H . 13.39 8.00 20.62
O6 PX4 H . 14.18 7.16 20.21
C10 PX4 H . 13.69 8.76 21.92
C11 PX4 H . 13.30 7.95 23.15
C12 PX4 H . 13.34 8.85 24.40
C13 PX4 H . 13.16 7.98 25.65
C14 PX4 H . 13.30 8.82 26.94
C15 PX4 H . 12.80 8.01 28.13
C16 PX4 H . 12.72 9.00 29.30
C17 PX4 H . 12.22 8.50 30.66
C18 PX4 H . 11.92 9.68 31.59
C19 PX4 H . 13.27 10.10 32.18
C20 PX4 H . 13.06 11.10 33.33
C21 PX4 H . 14.41 11.71 33.68
C22 PX4 H . 15.15 10.60 34.44
O7 PX4 H . 9.34 6.80 19.11
C23 PX4 H . 9.07 5.52 18.73
O8 PX4 H . 9.27 5.24 17.56
C24 PX4 H . 8.03 4.85 19.64
C25 PX4 H . 8.60 3.72 20.47
C26 PX4 H . 7.47 2.98 21.22
C27 PX4 H . 8.12 1.84 22.01
C28 PX4 H . 8.78 0.90 20.98
C29 PX4 H . 9.34 -0.40 21.54
C30 PX4 H . 10.48 -0.24 22.55
C31 PX4 H . 10.59 -1.63 23.18
C32 PX4 H . 12.00 -1.74 23.75
C33 PX4 H . 12.14 -3.04 24.56
C34 PX4 H . 13.54 -3.28 25.11
C35 PX4 H . 13.51 -4.52 26.02
C36 PX4 H . 14.91 -4.55 26.64
O1 PX4 I . 18.87 -2.50 22.21
O2 PX4 I . 18.35 -0.91 20.13
P1 PX4 I . 19.20 -1.42 21.25
O3 PX4 I . 20.59 -1.80 20.53
C1 PX4 I . 20.40 -3.06 19.89
C2 PX4 I . 21.61 -3.34 19.00
N1 PX4 I . 22.95 -3.15 19.56
C3 PX4 I . 23.91 -3.75 18.63
C4 PX4 I . 23.35 -1.72 19.53
C5 PX4 I . 23.18 -3.75 20.88
O4 PX4 I . 19.69 -0.11 22.05
C6 PX4 I . 20.73 -0.50 22.96
C7 PX4 I . 21.91 0.48 22.97
C8 PX4 I . 21.46 1.61 23.90
O5 PX4 I . 20.40 1.42 24.84
C9 PX4 I . 19.80 2.51 25.41
O6 PX4 I . 20.27 3.62 25.20
C10 PX4 I . 18.75 2.23 26.49
C11 PX4 I . 19.50 1.96 27.80
C12 PX4 I . 18.60 1.55 28.97
C13 PX4 I . 19.32 1.27 30.28
C14 PX4 I . 18.38 0.93 31.45
C15 PX4 I . 19.17 0.98 32.75
C16 PX4 I . 20.11 -0.23 32.78
C17 PX4 I . 20.78 -0.37 34.15
C18 PX4 I . 21.65 -1.61 33.93
C19 PX4 I . 22.64 -1.49 32.79
C20 PX4 I . 23.22 -2.89 32.75
C21 PX4 I . 24.42 -3.07 31.82
C22 PX4 I . 25.59 -2.22 32.33
O7 PX4 I . 23.12 -0.23 23.25
C23 PX4 I . 24.31 0.43 23.27
O8 PX4 I . 24.43 1.62 23.04
C24 PX4 I . 25.51 -0.49 23.53
C25 PX4 I . 26.79 0.31 23.74
C26 PX4 I . 27.99 -0.55 24.12
C27 PX4 I . 27.70 -1.14 25.51
C28 PX4 I . 27.95 -0.10 26.59
C29 PX4 I . 27.91 -0.59 28.05
C30 PX4 I . 28.43 0.39 29.08
C31 PX4 I . 28.00 0.17 30.54
C32 PX4 I . 28.78 1.07 31.50
C33 PX4 I . 28.37 0.84 32.96
C34 PX4 I . 29.02 1.89 33.86
C35 PX4 I . 28.80 1.75 35.38
C36 PX4 I . 29.47 2.93 36.06
O1 PX4 J . 32.86 10.09 16.11
O2 PX4 J . 35.30 11.02 15.71
P1 PX4 J . 34.25 10.36 16.54
O3 PX4 J . 34.66 8.86 16.91
C1 PX4 J . 34.40 7.92 15.87
C2 PX4 J . 35.19 6.61 15.86
N1 PX4 J . 35.02 5.55 16.87
C3 PX4 J . 33.71 4.89 16.86
C4 PX4 J . 35.97 4.49 16.52
C5 PX4 J . 35.40 6.08 18.18
O4 PX4 J . 34.25 11.09 17.98
C6 PX4 J . 33.66 10.12 18.88
C7 PX4 J . 33.77 10.52 20.34
C8 PX4 J . 35.29 10.71 20.43
O5 PX4 J . 36.05 9.61 20.94
C9 PX4 J . 37.33 9.90 21.27
O6 PX4 J . 37.87 10.92 20.83
C10 PX4 J . 38.05 8.74 21.96
C11 PX4 J . 37.93 7.45 21.15
C12 PX4 J . 38.40 6.29 22.05
C13 PX4 J . 39.76 6.49 22.72
C14 PX4 J . 39.80 5.51 23.89
C15 PX4 J . 38.54 5.80 24.73
C16 PX4 J . 38.78 6.92 25.74
C17 PX4 J . 37.44 7.40 26.29
C18 PX4 J . 37.58 8.69 27.12
C19 PX4 J . 36.22 9.21 27.59
C20 PX4 J . 36.48 10.53 28.34
C21 PX4 J . 35.13 11.11 28.78
C22 PX4 J . 34.20 10.27 29.66
O7 PX4 J . 33.15 11.70 20.85
C23 PX4 J . 31.85 11.67 21.24
O8 PX4 J . 31.19 10.69 20.92
C24 PX4 J . 31.28 12.91 21.94
C25 PX4 J . 32.34 13.89 22.48
C26 PX4 J . 31.72 15.26 22.78
C27 PX4 J . 32.81 16.06 23.47
C28 PX4 J . 32.01 17.06 24.31
C29 PX4 J . 31.38 18.23 23.55
C30 PX4 J . 30.35 19.15 24.20
C31 PX4 J . 29.38 19.41 23.04
C32 PX4 J . 28.19 20.20 23.56
C33 PX4 J . 27.54 19.36 24.68
C34 PX4 J . 26.25 20.12 24.97
C35 PX4 J . 25.48 19.36 26.03
C36 PX4 J . 25.87 19.78 27.46
O1 PX4 K . 25.96 -12.21 20.53
O2 PX4 K . 23.42 -12.16 20.12
P1 PX4 K . 24.64 -11.58 20.73
O3 PX4 K . 24.76 -10.15 20.01
C1 PX4 K . 24.85 -10.51 18.63
C2 PX4 K . 25.22 -9.33 17.72
N1 PX4 K . 25.49 -9.81 16.36
C3 PX4 K . 25.98 -8.70 15.55
C4 PX4 K . 26.48 -10.89 16.43
C5 PX4 K . 24.29 -10.20 15.62
O4 PX4 K . 24.31 -11.24 22.28
C6 PX4 K . 23.40 -10.15 22.30
C7 PX4 K . 22.98 -9.66 23.69
C8 PX4 K . 24.20 -9.95 24.57
O5 PX4 K . 23.90 -10.99 25.51
C9 PX4 K . 25.05 -11.35 26.13
O6 PX4 K . 26.15 -10.86 25.84
C10 PX4 K . 24.90 -12.34 27.28
C11 PX4 K . 24.45 -11.64 28.56
C12 PX4 K . 23.30 -12.45 29.18
C13 PX4 K . 22.55 -11.62 30.22
C14 PX4 K . 21.21 -12.23 30.64
C15 PX4 K . 20.41 -11.21 31.46
C16 PX4 K . 19.14 -11.83 32.06
C17 PX4 K . 18.48 -10.73 32.89
C18 PX4 K . 17.20 -11.32 33.50
C19 PX4 K . 16.43 -10.11 34.04
C20 PX4 K . 16.07 -9.17 32.89
C21 PX4 K . 15.58 -7.82 33.43
C22 PX4 K . 15.40 -6.82 32.28
O7 PX4 K . 22.65 -8.27 23.75
C23 PX4 K . 21.47 -7.89 23.22
O8 PX4 K . 20.57 -8.69 22.99
C24 PX4 K . 21.16 -6.41 22.95
C25 PX4 K . 21.72 -5.67 24.17
C26 PX4 K . 21.60 -4.16 24.01
C27 PX4 K . 22.07 -3.51 25.30
C28 PX4 K . 21.37 -3.89 26.61
C29 PX4 K . 22.17 -3.25 27.76
C30 PX4 K . 22.35 -1.78 27.43
C31 PX4 K . 22.72 -0.82 28.57
C32 PX4 K . 22.89 0.51 27.83
C33 PX4 K . 23.29 1.70 28.69
C34 PX4 K . 23.92 2.86 27.87
C35 PX4 K . 25.05 2.25 27.05
C36 PX4 K . 25.64 3.27 26.09
O1 PX4 L . 28.32 -0.60 18.25
O2 PX4 L . 26.18 0.71 18.97
P1 PX4 L . 27.34 -0.16 19.27
O3 PX4 L . 28.28 0.46 20.41
C1 PX4 L . 28.76 1.71 19.91
C2 PX4 L . 29.19 2.65 21.02
N1 PX4 L . 30.13 3.74 20.73
C3 PX4 L . 29.66 4.92 20.00
C4 PX4 L . 30.47 4.36 22.02
C5 PX4 L . 31.38 3.33 20.07
O4 PX4 L . 26.73 -1.47 19.99
C6 PX4 L . 27.54 -2.10 20.97
C7 PX4 L . 27.02 -3.50 21.31
C8 PX4 L . 28.31 -4.32 21.23
O5 PX4 L . 29.35 -3.71 22.00
C9 PX4 L . 29.94 -4.52 22.92
O6 PX4 L . 29.65 -5.70 23.10
C10 PX4 L . 31.09 -3.83 23.65
C11 PX4 L . 30.63 -3.32 25.02
C12 PX4 L . 31.76 -2.61 25.79
C13 PX4 L . 31.34 -1.91 27.09
C14 PX4 L . 32.43 -1.10 27.81
C15 PX4 L . 33.69 -1.87 28.21
C16 PX4 L . 34.67 -0.90 28.87
C17 PX4 L . 35.93 -1.70 29.22
C18 PX4 L . 36.53 -2.42 28.01
C19 PX4 L . 37.63 -3.42 28.39
C20 PX4 L . 38.17 -4.37 27.34
C21 PX4 L . 39.34 -5.22 27.81
C22 PX4 L . 40.47 -4.47 28.51
O7 PX4 L . 26.40 -3.51 22.60
C23 PX4 L . 25.94 -4.69 23.08
O8 PX4 L . 25.64 -5.59 22.30
C24 PX4 L . 25.75 -4.79 24.60
C25 PX4 L . 27.09 -5.13 25.25
C26 PX4 L . 27.19 -4.98 26.76
C27 PX4 L . 28.57 -5.26 27.35
C28 PX4 L . 28.61 -5.45 28.88
C29 PX4 L . 28.18 -4.17 29.60
C30 PX4 L . 28.66 -4.33 31.05
C31 PX4 L . 30.19 -4.51 31.00
C32 PX4 L . 31.03 -3.25 30.74
C33 PX4 L . 30.85 -2.35 31.96
C34 PX4 L . 31.86 -1.19 31.93
C35 PX4 L . 32.55 -0.82 33.23
C36 PX4 L . 33.99 -0.39 32.99
O1 PX4 M . -14.66 29.05 15.29
O2 PX4 M . -16.18 27.52 16.62
P1 PX4 M . -15.98 28.78 15.89
O3 PX4 M . -17.25 29.24 15.00
C1 PX4 M . -16.76 30.12 13.99
C2 PX4 M . -17.62 31.09 13.18
N1 PX4 M . -18.46 32.17 13.74
C3 PX4 M . -19.72 31.53 14.14
C4 PX4 M . -17.85 32.84 14.90
C5 PX4 M . -18.73 33.22 12.74
O4 PX4 M . -16.32 29.71 17.17
C6 PX4 M . -17.69 29.64 17.53
C7 PX4 M . -18.00 29.97 18.99
C8 PX4 M . -16.91 29.23 19.74
O5 PX4 M . -16.89 29.02 21.16
C9 PX4 M . -15.90 28.27 21.71
O6 PX4 M . -15.16 27.56 21.03
C10 PX4 M . -15.86 28.18 23.23
C11 PX4 M . -17.10 28.79 23.87
C12 PX4 M . -16.98 28.66 25.39
C13 PX4 M . -18.26 29.07 26.11
C14 PX4 M . -19.22 27.86 26.12
C15 PX4 M . -18.69 26.64 26.90
C16 PX4 M . -19.77 25.56 26.73
C17 PX4 M . -19.65 24.68 27.98
C18 PX4 M . -18.25 24.08 28.10
C19 PX4 M . -17.99 23.16 29.29
C20 PX4 M . -18.15 23.76 30.70
C21 PX4 M . -17.67 22.79 31.77
C22 PX4 M . -18.69 21.65 31.86
O7 PX4 M . -17.96 31.39 19.19
C23 PX4 M . -18.98 32.18 18.74
O8 PX4 M . -19.64 31.93 17.74
C24 PX4 M . -18.90 33.66 19.10
C25 PX4 M . -19.48 33.86 20.50
C26 PX4 M . -19.17 35.25 21.02
C27 PX4 M . -19.35 35.39 22.54
C28 PX4 M . -18.98 36.80 22.99
C29 PX4 M . -19.35 37.07 24.46
C30 PX4 M . -19.56 38.51 24.92
C31 PX4 M . -20.90 38.86 24.25
C32 PX4 M . -21.37 40.30 24.32
C33 PX4 M . -22.79 40.56 23.81
C34 PX4 M . -23.22 42.01 24.00
C35 PX4 M . -23.45 42.29 25.49
C36 PX4 M . -24.84 42.91 25.66
O1 PX4 N . 0.26 28.38 15.27
O2 PX4 N . -2.07 27.73 14.40
P1 PX4 N . -1.22 28.38 15.43
O3 PX4 N . -1.79 29.87 15.58
C1 PX4 N . -3.21 30.03 15.50
C2 PX4 N . -3.81 31.44 15.55
N1 PX4 N . -4.11 32.08 16.84
C3 PX4 N . -5.22 33.04 16.77
C4 PX4 N . -4.32 31.15 17.96
C5 PX4 N . -2.87 32.84 17.14
O4 PX4 N . -1.46 27.90 16.95
C6 PX4 N . -0.59 28.68 17.77
C7 PX4 N . -1.23 29.07 19.10
C8 PX4 N . -2.33 28.05 19.43
O5 PX4 N . -3.68 28.46 19.35
C9 PX4 N . -4.63 27.86 20.14
O6 PX4 N . -4.47 26.72 20.53
C10 PX4 N . -6.00 28.49 19.84
C11 PX4 N . -7.06 27.75 20.65
C12 PX4 N . -7.10 28.24 22.10
C13 PX4 N . -8.20 27.59 22.96
C14 PX4 N . -8.11 27.94 24.44
C15 PX4 N . -9.09 27.11 25.28
C16 PX4 N . -8.71 25.64 25.46
C17 PX4 N . -9.64 24.80 26.32
C18 PX4 N . -8.96 23.50 26.75
C19 PX4 N . -9.95 22.62 27.53
C20 PX4 N . -9.24 21.34 27.97
C21 PX4 N . -10.18 20.68 28.99
C22 PX4 N . -9.77 19.29 29.48
O7 PX4 N . -0.24 29.55 20.03
C23 PX4 N . -0.02 30.87 19.88
O8 PX4 N . -0.72 31.52 19.09
C24 PX4 N . 1.07 31.41 20.81
C25 PX4 N . 0.89 31.22 22.31
C26 PX4 N . 2.17 31.58 23.06
C27 PX4 N . 1.84 31.97 24.51
C28 PX4 N . 3.05 32.48 25.29
C29 PX4 N . 2.64 33.03 26.66
C30 PX4 N . 3.82 33.56 27.46
C31 PX4 N . 3.32 33.88 28.87
C32 PX4 N . 2.70 32.64 29.50
C33 PX4 N . 3.68 31.46 29.59
C34 PX4 N . 3.20 30.48 30.65
C35 PX4 N . 4.11 29.25 30.70
C36 PX4 N . 3.59 28.07 31.52
O1 PX4 O . 13.00 0.86 13.26
O2 PX4 O . 14.38 0.07 15.25
P1 PX4 O . 13.10 0.09 14.52
O3 PX4 O . 12.76 -1.40 13.99
C1 PX4 O . 13.65 -1.66 12.90
C2 PX4 O . 13.48 -3.01 12.18
N1 PX4 O . 14.48 -3.19 11.12
C3 PX4 O . 15.89 -3.29 11.54
C4 PX4 O . 14.13 -4.53 10.59
C5 PX4 O . 14.35 -2.36 9.91
O4 PX4 O . 11.77 0.29 15.41
C6 PX4 O . 12.24 1.39 16.19
C7 PX4 O . 11.21 1.97 17.15
C8 PX4 O . 9.91 1.22 16.88
O5 PX4 O . 8.74 1.98 17.19
C9 PX4 O . 7.63 1.18 17.13
O6 PX4 O . 7.74 0.08 16.58
C10 PX4 O . 6.31 1.82 17.56
C11 PX4 O . 5.61 2.69 16.52
C12 PX4 O . 4.84 1.86 15.49
C13 PX4 O . 4.43 2.72 14.28
C14 PX4 O . 3.42 3.71 14.88
C15 PX4 O . 2.07 3.17 15.29
C16 PX4 O . 1.25 4.44 15.48
C17 PX4 O . -0.07 4.13 16.20
C18 PX4 O . 0.16 3.60 17.61
C19 PX4 O . -1.21 3.38 18.26
C20 PX4 O . -1.24 2.94 19.73
C21 PX4 O . -0.57 4.03 20.57
C22 PX4 O . -0.38 3.67 22.03
O7 PX4 O . 11.65 2.03 18.51
C23 PX4 O . 12.34 3.12 18.95
O8 PX4 O . 12.65 4.01 18.17
C24 PX4 O . 12.73 3.04 20.44
C25 PX4 O . 12.66 4.43 21.10
C26 PX4 O . 13.50 4.38 22.38
C27 PX4 O . 12.86 3.27 23.21
C28 PX4 O . 13.52 3.30 24.58
C29 PX4 O . 12.96 2.05 25.27
C30 PX4 O . 13.67 1.50 26.51
C31 PX4 O . 13.04 0.26 27.15
C32 PX4 O . 13.85 -0.27 28.33
C33 PX4 O . 13.75 0.81 29.42
C34 PX4 O . 14.51 0.35 30.67
C35 PX4 O . 14.15 1.21 31.88
C36 PX4 O . 14.94 0.85 33.13
O1 PX4 P . 21.88 10.30 18.76
O2 PX4 P . 23.44 10.69 20.66
P1 PX4 P . 22.11 10.24 20.22
O3 PX4 P . 22.10 8.64 20.47
C1 PX4 P . 22.47 8.49 21.83
C2 PX4 P . 22.52 6.98 22.10
N1 PX4 P . 22.61 6.45 23.46
C3 PX4 P . 21.51 6.99 24.27
C4 PX4 P . 22.31 5.02 23.23
C5 PX4 P . 23.90 6.69 24.10
O4 PX4 P . 20.91 10.64 21.23
C6 PX4 P . 21.17 12.02 21.49
C7 PX4 P . 20.67 12.48 22.86
C8 PX4 P . 20.49 11.33 23.85
O5 PX4 P . 19.18 11.48 24.42
C9 PX4 P . 18.57 10.43 25.02
O6 PX4 P . 19.09 9.32 24.87
C10 PX4 P . 17.21 10.68 25.69
C11 PX4 P . 16.44 11.72 24.87
C12 PX4 P . 15.52 12.60 25.72
C13 PX4 P . 14.66 13.36 24.71
C14 PX4 P . 13.72 14.33 25.42
C15 PX4 P . 14.56 15.25 26.28
C16 PX4 P . 13.58 16.33 26.77
C17 PX4 P . 14.39 17.27 27.68
C18 PX4 P . 13.54 18.34 28.34
C19 PX4 P . 14.54 19.36 28.88
C20 PX4 P . 14.01 20.75 29.23
C21 PX4 P . 13.01 21.25 28.19
C22 PX4 P . 13.11 22.78 28.23
O7 PX4 P . 21.39 13.60 23.39
C23 PX4 P . 21.07 14.84 22.90
O8 PX4 P . 20.03 15.03 22.27
C24 PX4 P . 22.03 15.92 23.42
C25 PX4 P . 22.80 16.34 22.16
C26 PX4 P . 23.52 17.67 22.41
C27 PX4 P . 22.47 18.71 22.80
C28 PX4 P . 23.07 20.00 23.36
C29 PX4 P . 21.89 20.96 23.40
C30 PX4 P . 22.24 22.33 23.98
C31 PX4 P . 22.64 22.27 25.46
C32 PX4 P . 22.78 23.61 26.18
C33 PX4 P . 23.32 23.35 27.60
C34 PX4 P . 23.66 24.61 28.41
C35 PX4 P . 24.46 24.20 29.64
C36 PX4 P . 23.52 23.98 30.81
O1 PX4 Q . 27.80 7.77 20.97
O2 PX4 Q . 25.57 6.51 20.76
P1 PX4 Q . 26.35 7.77 20.75
O3 PX4 Q . 26.28 8.61 19.37
C1 PX4 Q . 25.81 7.83 18.27
C2 PX4 Q . 25.24 8.59 17.07
N1 PX4 Q . 26.13 9.51 16.34
C3 PX4 Q . 27.48 8.97 16.08
C4 PX4 Q . 25.45 9.82 15.07
C5 PX4 Q . 26.30 10.79 17.05
O4 PX4 Q . 25.77 8.93 21.69
C6 PX4 Q . 26.42 10.12 21.24
C7 PX4 Q . 26.14 11.39 22.05
C8 PX4 Q . 25.31 10.92 23.26
O5 PX4 Q . 24.67 11.96 23.98
C9 PX4 Q . 23.87 11.60 25.03
O6 PX4 Q . 23.63 10.41 25.22
C10 PX4 Q . 23.35 12.71 25.95
C11 PX4 Q . 24.36 13.10 27.02
C12 PX4 Q . 23.85 14.33 27.78
C13 PX4 Q . 24.89 14.69 28.85
C14 PX4 Q . 24.43 15.99 29.51
C15 PX4 Q . 25.37 16.36 30.67
C16 PX4 Q . 25.21 17.75 31.28
C17 PX4 Q . 26.22 17.93 32.42
C18 PX4 Q . 25.67 17.35 33.74
C19 PX4 Q . 26.64 17.66 34.89
C20 PX4 Q . 25.89 17.59 36.23
C21 PX4 Q . 26.95 18.07 37.23
C22 PX4 Q . 26.74 19.52 37.64
O7 PX4 Q . 27.31 12.18 22.25
C23 PX4 Q . 27.21 13.46 21.78
O8 PX4 Q . 26.55 13.73 20.79
C24 PX4 Q . 28.27 14.41 22.34
C25 PX4 Q . 27.81 15.44 23.37
C26 PX4 Q . 27.30 14.69 24.61
C27 PX4 Q . 26.98 15.48 25.87
C28 PX4 Q . 28.25 15.90 26.61
C29 PX4 Q . 27.67 16.49 27.89
C30 PX4 Q . 28.78 16.95 28.84
C31 PX4 Q . 29.59 18.07 28.20
C32 PX4 Q . 30.73 18.49 29.16
C33 PX4 Q . 31.79 19.35 28.49
C34 PX4 Q . 31.20 20.48 27.67
C35 PX4 Q . 32.19 20.89 26.58
C36 PX4 Q . 33.44 21.37 27.31
O1 PX4 R . 2.32 -32.49 22.02
O2 PX4 R . 0.06 -31.34 22.10
P1 PX4 R . 1.53 -31.25 22.19
O3 PX4 R . 1.99 -30.13 21.13
C1 PX4 R . 1.15 -28.99 21.42
C2 PX4 R . 1.42 -27.78 20.52
N1 PX4 R . 2.71 -27.10 20.66
C3 PX4 R . 3.17 -27.14 22.05
C4 PX4 R . 3.75 -27.66 19.78
C5 PX4 R . 2.67 -25.72 20.14
O4 PX4 R . 2.09 -30.48 23.49
C6 PX4 R . 3.25 -31.16 23.94
C7 PX4 R . 4.27 -30.39 24.78
C8 PX4 R . 3.31 -29.71 25.75
O5 PX4 R . 3.52 -28.30 25.87
C9 PX4 R . 2.56 -27.64 26.57
O6 PX4 R . 1.99 -28.18 27.51
C10 PX4 R . 2.43 -26.14 26.28
C11 PX4 R . 2.92 -25.20 27.37
C12 PX4 R . 2.99 -23.78 26.81
C13 PX4 R . 4.38 -23.56 26.20
C14 PX4 R . 4.76 -22.07 26.21
C15 PX4 R . 6.26 -21.95 25.93
C16 PX4 R . 6.96 -20.64 26.33
C17 PX4 R . 6.85 -20.42 27.84
C18 PX4 R . 7.83 -19.33 28.27
C19 PX4 R . 8.01 -19.28 29.78
C20 PX4 R . 8.96 -18.20 30.33
C21 PX4 R . 9.12 -18.34 31.84
C22 PX4 R . 10.56 -18.08 32.33
O7 PX4 R . 5.39 -31.08 25.37
C23 PX4 R . 6.58 -30.45 25.20
O8 PX4 R . 6.80 -29.92 24.12
C24 PX4 R . 7.56 -30.47 26.38
C25 PX4 R . 7.32 -29.40 27.44
C26 PX4 R . 8.49 -29.46 28.45
C27 PX4 R . 8.17 -28.52 29.60
C28 PX4 R . 9.12 -28.73 30.78
C29 PX4 R . 8.56 -28.02 32.01
C30 PX4 R . 9.51 -28.16 33.21
C31 PX4 R . 9.26 -27.07 34.25
C32 PX4 R . 10.47 -27.16 35.19
C33 PX4 R . 10.11 -26.46 36.51
C34 PX4 R . 11.47 -25.92 36.97
C35 PX4 R . 11.26 -25.26 38.33
C36 PX4 R . 12.47 -24.44 38.78
O1 PX4 S . -9.22 40.24 13.18
O2 PX4 S . -11.43 41.21 14.16
P1 PX4 S . -9.95 41.11 14.12
O3 PX4 S . -9.28 42.57 14.16
C1 PX4 S . -9.18 43.08 12.83
C2 PX4 S . -7.96 43.95 12.52
N1 PX4 S . -7.79 45.16 13.34
C3 PX4 S . -9.04 45.94 13.26
C4 PX4 S . -7.50 45.01 14.76
C5 PX4 S . -6.73 45.94 12.65
O4 PX4 S . -9.47 40.70 15.59
C6 PX4 S . -8.04 40.88 15.59
C7 PX4 S . -7.43 41.68 16.74
C8 PX4 S . -8.49 42.14 17.73
O5 PX4 S . -8.37 43.52 18.07
C9 PX4 S . -9.48 44.29 18.02
O6 PX4 S . -10.59 43.91 17.69
C10 PX4 S . -9.25 45.80 18.19
C11 PX4 S . -10.13 46.43 19.27
C12 PX4 S . -9.89 47.94 19.41
C13 PX4 S . -10.70 48.44 20.60
C14 PX4 S . -11.04 49.92 20.39
C15 PX4 S . -9.84 50.84 20.14
C16 PX4 S . -10.42 52.25 20.03
C17 PX4 S . -10.47 52.85 21.42
C18 PX4 S . -10.96 54.28 21.40
C19 PX4 S . -10.88 55.00 22.76
C20 PX4 S . -11.58 56.34 22.75
C21 PX4 S . -11.69 56.98 24.14
C22 PX4 S . -12.22 58.41 24.16
O7 PX4 S . -6.32 41.01 17.36
C23 PX4 S . -5.10 41.10 16.77
O8 PX4 S . -4.99 41.58 15.65
C24 PX4 S . -3.90 40.47 17.48
C25 PX4 S . -3.22 41.38 18.51
C26 PX4 S . -2.18 42.29 17.85
C27 PX4 S . -1.62 43.19 18.92
C28 PX4 S . -0.84 42.44 20.02
C29 PX4 S . -0.61 43.38 21.20
C30 PX4 S . 0.01 42.64 22.37
C31 PX4 S . 0.04 43.46 23.67
C32 PX4 S . 0.64 44.85 23.45
C33 PX4 S . 0.74 45.59 24.78
C34 PX4 S . -0.51 45.43 25.67
C35 PX4 S . -0.39 46.18 27.00
C36 PX4 S . -1.58 45.87 27.90
O1 PX4 T . 29.81 14.68 11.69
O2 PX4 T . 28.35 13.34 13.40
P1 PX4 T . 29.01 14.58 12.93
O3 PX4 T . 27.89 15.72 12.84
C1 PX4 T . 27.27 15.72 11.55
C2 PX4 T . 26.35 16.92 11.35
N1 PX4 T . 25.20 17.08 12.27
C3 PX4 T . 25.73 17.48 13.59
C4 PX4 T . 24.34 18.20 11.85
C5 PX4 T . 24.38 15.88 12.43
O4 PX4 T . 29.90 15.09 14.18
C6 PX4 T . 29.18 14.88 15.41
C7 PX4 T . 29.76 15.49 16.69
C8 PX4 T . 31.22 15.03 16.62
O5 PX4 T . 31.94 14.91 17.85
C9 PX4 T . 33.28 14.94 17.63
O6 PX4 T . 33.77 14.66 16.54
C10 PX4 T . 34.14 15.28 18.85
C11 PX4 T . 35.64 15.00 18.79
C12 PX4 T . 36.23 15.40 20.13
C13 PX4 T . 35.62 14.44 21.16
C14 PX4 T . 36.30 14.64 22.51
C15 PX4 T . 35.76 13.61 23.52
C16 PX4 T . 36.40 13.76 24.90
C17 PX4 T . 37.83 13.24 24.77
C18 PX4 T . 38.40 12.76 26.12
C19 PX4 T . 39.86 12.30 26.12
C20 PX4 T . 40.06 11.14 25.14
C21 PX4 T . 41.56 10.84 25.20
C22 PX4 T . 41.88 9.60 24.36
O7 PX4 T . 29.50 16.89 16.84
C23 PX4 T . 28.30 17.26 17.36
O8 PX4 T . 27.51 16.41 17.74
C24 PX4 T . 28.11 18.75 17.66
C25 PX4 T . 28.97 19.24 18.83
C26 PX4 T . 30.44 19.46 18.45
C27 PX4 T . 31.41 19.74 19.60
C28 PX4 T . 32.66 20.17 18.83
C29 PX4 T . 33.77 20.34 19.86
C30 PX4 T . 34.06 19.07 20.66
C31 PX4 T . 35.13 19.25 21.73
C32 PX4 T . 34.63 20.18 22.85
C33 PX4 T . 35.52 20.16 24.08
C34 PX4 T . 35.70 18.74 24.62
C35 PX4 T . 36.43 18.82 25.97
C36 PX4 T . 36.82 17.45 26.55
O1 PX4 U . 35.32 -0.16 18.86
O2 PX4 U . 33.93 1.27 17.19
P1 PX4 U . 35.10 1.08 18.08
O3 PX4 U . 36.42 1.23 17.17
C1 PX4 U . 36.93 0.06 16.55
C2 PX4 U . 38.28 0.29 15.85
N1 PX4 U . 39.56 0.07 16.54
C3 PX4 U . 39.60 -1.24 17.20
C4 PX4 U . 40.65 0.02 15.56
C5 PX4 U . 39.85 1.13 17.52
O4 PX4 U . 35.22 2.34 19.07
C6 PX4 U . 36.46 1.97 19.68
C7 PX4 U . 36.95 2.94 20.76
C8 PX4 U . 35.72 3.48 21.49
O5 PX4 U . 35.63 4.91 21.35
C9 PX4 U . 34.50 5.36 21.96
O6 PX4 U . 33.59 4.58 22.23
C10 PX4 U . 34.41 6.87 22.16
C11 PX4 U . 34.83 7.13 23.61
C12 PX4 U . 34.28 8.47 24.09
C13 PX4 U . 32.76 8.53 24.25
C14 PX4 U . 32.24 9.71 25.08
C15 PX4 U . 30.79 9.97 24.67
C16 PX4 U . 30.15 10.77 25.81
C17 PX4 U . 30.22 9.97 27.12
C18 PX4 U . 29.80 10.99 28.19
C19 PX4 U . 29.20 10.45 29.48
C20 PX4 U . 28.25 11.57 29.94
C21 PX4 U . 27.35 11.19 31.12
C22 PX4 U . 26.46 12.39 31.43
O7 PX4 U . 37.95 2.40 21.63
C23 PX4 U . 39.24 2.73 21.38
O8 PX4 U . 39.59 3.40 20.40
C24 PX4 U . 40.37 2.24 22.28
C25 PX4 U . 39.84 1.51 23.51
C26 PX4 U . 40.92 1.14 24.54
C27 PX4 U . 40.21 0.58 25.78
C28 PX4 U . 41.24 0.26 26.85
C29 PX4 U . 40.63 -0.48 28.04
C30 PX4 U . 41.72 -0.54 29.11
C31 PX4 U . 41.24 -0.93 30.51
C32 PX4 U . 42.15 -0.85 31.74
C33 PX4 U . 42.62 0.58 31.94
C34 PX4 U . 41.44 1.55 31.86
C35 PX4 U . 41.95 2.97 31.56
C36 PX4 U . 42.84 3.50 32.68
O1 PX4 V . 0.98 19.18 19.03
O2 PX4 V . 2.89 17.67 18.50
P1 PX4 V . 1.67 17.90 19.31
O3 PX4 V . 0.49 16.91 18.86
C1 PX4 V . 0.20 16.90 17.46
C2 PX4 V . -0.38 15.57 16.98
N1 PX4 V . 0.36 14.31 17.07
C3 PX4 V . 1.81 14.48 16.75
C4 PX4 V . 0.29 13.72 18.39
C5 PX4 V . -0.14 13.35 16.09
O4 PX4 V . 1.77 17.71 20.91
C6 PX4 V . 2.77 16.83 21.40
C7 PX4 V . 2.74 16.51 22.89
C8 PX4 V . 2.05 17.67 23.59
O5 PX4 V . 2.96 18.43 24.39
C9 PX4 V . 2.64 19.55 25.09
O6 PX4 V . 1.53 20.10 25.06
C10 PX4 V . 3.63 20.05 26.12
C11 PX4 V . 4.39 21.27 25.59
C12 PX4 V . 5.38 21.89 26.59
C13 PX4 V . 4.69 22.48 27.82
C14 PX4 V . 5.52 23.43 28.67
C15 PX4 V . 4.86 23.56 30.05
C16 PX4 V . 5.94 23.77 31.09
C17 PX4 V . 5.53 23.62 32.55
C18 PX4 V . 5.38 22.13 32.89
C19 PX4 V . 5.01 21.96 34.38
C20 PX4 V . 3.73 22.73 34.70
C21 PX4 V . 3.35 22.46 36.17
C22 PX4 V . 1.99 22.94 36.69
O7 PX4 V . 2.32 15.19 23.25
C23 PX4 V . 3.17 14.14 23.11
O8 PX4 V . 4.24 14.34 22.52
C24 PX4 V . 2.75 12.79 23.65
C25 PX4 V . 3.24 12.44 25.05
C26 PX4 V . 4.57 11.69 25.03
C27 PX4 V . 5.16 11.41 26.42
C28 PX4 V . 6.53 10.76 26.21
C29 PX4 V . 7.10 10.12 27.47
C30 PX4 V . 8.36 9.34 27.09
C31 PX4 V . 8.92 8.52 28.27
C32 PX4 V . 7.79 7.72 28.91
C33 PX4 V . 8.23 7.37 30.33
C34 PX4 V . 6.98 6.81 31.01
C35 PX4 V . 7.06 6.74 32.54
C36 PX4 V . 5.62 6.47 33.01
O1 PX4 W . 13.36 18.84 17.25
O2 PX4 W . 14.90 16.85 17.94
P1 PX4 W . 13.96 17.93 18.27
O3 PX4 W . 12.78 17.46 19.25
C1 PX4 W . 12.28 16.27 18.64
C2 PX4 W . 10.85 16.01 19.14
N1 PX4 W . 10.48 16.13 20.56
C3 PX4 W . 11.50 15.60 21.46
C4 PX4 W . 10.11 17.51 20.88
C5 PX4 W . 9.37 15.21 20.79
O4 PX4 W . 14.63 18.91 19.36
C6 PX4 W . 13.68 19.81 19.93
C7 PX4 W . 14.19 20.50 21.19
C8 PX4 W . 14.80 21.76 20.59
O5 PX4 W . 15.61 22.48 21.53
C9 PX4 W . 16.37 23.50 21.05
O6 PX4 W . 16.28 23.87 19.89
C10 PX4 W . 17.14 24.32 22.09
C11 PX4 W . 18.41 23.52 22.41
C12 PX4 W . 19.26 24.41 23.31
C13 PX4 W . 18.58 25.20 24.42
C14 PX4 W . 19.62 26.12 25.07
C15 PX4 W . 18.91 26.74 26.29
C16 PX4 W . 17.73 27.63 25.93
C17 PX4 W . 18.22 29.05 25.65
C18 PX4 W . 17.18 30.06 25.16
C19 PX4 W . 17.83 31.38 24.74
C20 PX4 W . 16.78 32.48 24.51
C21 PX4 W . 15.97 32.74 25.77
C22 PX4 W . 14.81 33.67 25.38
O7 PX4 W . 13.21 20.60 22.24
C23 PX4 W . 13.37 19.63 23.17
O8 PX4 W . 14.03 18.63 22.92
C24 PX4 W . 12.23 19.62 24.20
C25 PX4 W . 11.57 18.25 24.34
C26 PX4 W . 10.28 18.26 25.16
C27 PX4 W . 10.38 18.87 26.56
C28 PX4 W . 9.03 19.07 27.28
C29 PX4 W . 9.07 20.17 28.34
C30 PX4 W . 7.75 20.34 29.10
C31 PX4 W . 7.42 18.93 29.61
C32 PX4 W . 6.13 18.96 30.43
C33 PX4 W . 5.79 17.61 31.05
C34 PX4 W . 6.11 17.56 32.54
C35 PX4 W . 5.62 16.23 33.10
C36 PX4 W . 5.75 16.23 34.63
O1 PX4 X . 19.55 21.81 13.86
O2 PX4 X . 21.41 20.74 15.39
P1 PX4 X . 20.01 21.04 15.04
O3 PX4 X . 19.19 19.66 15.05
C1 PX4 X . 18.00 19.71 14.26
C2 PX4 X . 17.33 18.35 14.14
N1 PX4 X . 16.16 18.22 13.26
C3 PX4 X . 16.41 18.09 11.83
C4 PX4 X . 15.60 16.94 13.74
C5 PX4 X . 15.10 19.25 13.41
O4 PX4 X . 19.27 21.67 16.33
C6 PX4 X . 19.81 21.09 17.52
C7 PX4 X . 19.42 21.77 18.83
C8 PX4 X . 18.82 23.11 18.37
O5 PX4 X . 19.51 24.25 18.91
C9 PX4 X . 19.02 25.42 18.44
O6 PX4 X . 18.22 25.49 17.49
C10 PX4 X . 19.67 26.68 19.04
C11 PX4 X . 19.02 26.78 20.42
C12 PX4 X . 19.68 27.97 21.12
C13 PX4 X . 21.18 27.81 21.27
C14 PX4 X . 21.51 28.94 22.26
C15 PX4 X . 22.92 28.75 22.83
C16 PX4 X . 22.97 27.46 23.63
C17 PX4 X . 24.38 27.35 24.24
C18 PX4 X . 24.82 28.56 25.06
C19 PX4 X . 25.94 28.06 25.98
C20 PX4 X . 26.55 29.15 26.87
C21 PX4 X . 27.79 28.59 27.55
C22 PX4 X . 28.76 29.66 28.08
O7 PX4 X . 18.69 20.98 19.77
C23 PX4 X . 19.26 19.91 20.41
O8 PX4 X . 20.48 19.76 20.31
C24 PX4 X . 18.27 19.07 21.20
C25 PX4 X . 18.23 19.69 22.61
C26 PX4 X . 17.57 18.72 23.60
C27 PX4 X . 17.56 19.41 24.96
C28 PX4 X . 16.50 20.52 25.02
C29 PX4 X . 16.55 21.34 26.32
C30 PX4 X . 17.95 21.91 26.53
C31 PX4 X . 18.21 22.49 27.92
C32 PX4 X . 17.19 23.60 28.24
C33 PX4 X . 17.48 24.18 29.62
C34 PX4 X . 18.76 25.00 29.54
C35 PX4 X . 19.04 25.68 30.89
C36 PX4 X . 19.93 26.90 30.61
O1 PX4 Y . 5.72 -33.89 23.11
O2 PX4 Y . 7.82 -34.87 24.16
P1 PX4 Y . 6.35 -34.92 23.95
O3 PX4 Y . 6.04 -36.30 23.18
C1 PX4 Y . 4.61 -36.27 23.07
C2 PX4 Y . 4.10 -37.40 22.16
N1 PX4 Y . 2.67 -37.44 21.84
C3 PX4 Y . 2.34 -38.72 21.22
C4 PX4 Y . 1.97 -37.50 23.15
C5 PX4 Y . 2.22 -36.39 20.92
O4 PX4 Y . 5.53 -35.14 25.32
C6 PX4 Y . 5.34 -34.06 26.23
C7 PX4 Y . 4.82 -34.52 27.60
C8 PX4 Y . 6.03 -35.27 28.17
O5 PX4 Y . 7.26 -34.68 27.71
C9 PX4 Y . 8.42 -35.32 28.06
O6 PX4 Y . 8.34 -36.42 28.58
C10 PX4 Y . 9.73 -34.58 27.75
C11 PX4 Y . 10.21 -33.73 28.92
C12 PX4 Y . 10.42 -34.62 30.16
C13 PX4 Y . 10.82 -33.71 31.33
C14 PX4 Y . 11.01 -34.67 32.51
C15 PX4 Y . 11.53 -33.89 33.73
C16 PX4 Y . 11.47 -34.80 34.95
C17 PX4 Y . 9.99 -34.98 35.31
C18 PX4 Y . 9.82 -36.02 36.41
C19 PX4 Y . 8.46 -35.82 37.11
C20 PX4 Y . 8.55 -34.67 38.11
C21 PX4 Y . 9.70 -34.93 39.09
C22 PX4 Y . 9.62 -33.80 40.14
O7 PX4 Y . 4.40 -33.49 28.51
C23 PX4 Y . 3.33 -32.69 28.29
O8 PX4 Y . 2.65 -32.65 27.26
C24 PX4 Y . 3.02 -31.76 29.47
C25 PX4 Y . 4.01 -30.59 29.51
C26 PX4 Y . 3.55 -29.47 30.44
C27 PX4 Y . 4.61 -28.38 30.41
C28 PX4 Y . 4.08 -27.09 31.04
C29 PX4 Y . 5.03 -25.95 30.64
C30 PX4 Y . 4.39 -24.61 30.98
C31 PX4 Y . 5.36 -23.43 30.80
C32 PX4 Y . 4.81 -22.13 31.40
C33 PX4 Y . 3.45 -21.77 30.82
C34 PX4 Y . 3.67 -20.76 29.70
C35 PX4 Y . 3.97 -19.48 30.49
C36 PX4 Y . 4.37 -18.20 29.74
O1 PX4 Z . -3.42 -21.12 20.00
O2 PX4 Z . -2.08 -23.15 20.51
P1 PX4 Z . -3.30 -22.36 20.79
O3 PX4 Z . -4.52 -23.39 20.62
C1 PX4 Z . -5.71 -22.99 19.94
C2 PX4 Z . -6.49 -24.07 19.16
N1 PX4 Z . -7.44 -24.88 19.94
C3 PX4 Z . -6.91 -26.16 20.40
C4 PX4 Z . -7.99 -24.30 21.18
C5 PX4 Z . -8.52 -25.40 19.07
O4 PX4 Z . -3.19 -21.96 22.35
C6 PX4 Z . -2.71 -23.05 23.13
C7 PX4 Z . -2.11 -22.47 24.42
C8 PX4 Z . -2.48 -20.98 24.52
O5 PX4 Z . -1.55 -20.02 25.01
C9 PX4 Z . -2.13 -18.81 25.22
O6 PX4 Z . -3.25 -18.53 24.81
C10 PX4 Z . -1.23 -17.65 25.69
C11 PX4 Z . -0.50 -17.98 27.00
C12 PX4 Z . -1.54 -18.30 28.07
C13 PX4 Z . -0.96 -18.59 29.46
C14 PX4 Z . -0.07 -17.41 29.84
C15 PX4 Z . 0.19 -17.33 31.36
C16 PX4 Z . 1.25 -16.27 31.61
C17 PX4 Z . 1.64 -15.98 33.06
C18 PX4 Z . 2.54 -14.75 33.17
C19 PX4 Z . 3.01 -14.64 34.63
C20 PX4 Z . 3.98 -13.45 34.60
C21 PX4 Z . 4.39 -12.98 36.00
C22 PX4 Z . 5.30 -11.74 35.82
O7 PX4 Z . -2.37 -23.34 25.52
C23 PX4 Z . -1.36 -24.08 26.05
O8 PX4 Z . -0.33 -24.13 25.38
C24 PX4 Z . -1.74 -24.94 27.25
C25 PX4 Z . -2.33 -24.19 28.45
C26 PX4 Z . -1.25 -23.49 29.28
C27 PX4 Z . -1.81 -22.48 30.28
C28 PX4 Z . -0.75 -21.78 31.14
C29 PX4 Z . -1.40 -20.97 32.26
C30 PX4 Z . -0.27 -20.35 33.08
C31 PX4 Z . -0.92 -19.52 34.19
C32 PX4 Z . -0.01 -19.39 35.41
C33 PX4 Z . -0.71 -18.42 36.37
C34 PX4 Z . 0.28 -18.21 37.52
C35 PX4 Z . -0.26 -17.13 38.46
C36 PX4 Z . -0.31 -15.71 37.89
O1 PX4 AA . 5.32 -20.86 21.42
O2 PX4 AA . 7.54 -19.74 20.53
P1 PX4 AA . 6.63 -20.18 21.60
O3 PX4 AA . 7.48 -21.01 22.70
C1 PX4 AA . 7.27 -22.38 22.32
C2 PX4 AA . 8.65 -23.04 22.44
N1 PX4 AA . 9.38 -23.38 21.22
C3 PX4 AA . 8.63 -24.22 20.25
C4 PX4 AA . 9.75 -22.19 20.42
C5 PX4 AA . 10.63 -24.03 21.64
O4 PX4 AA . 6.37 -19.06 22.72
C6 PX4 AA . 7.50 -18.16 22.70
C7 PX4 AA . 7.54 -17.15 23.84
C8 PX4 AA . 6.10 -17.00 24.34
O5 PX4 AA . 5.57 -15.71 24.66
C9 PX4 AA . 4.25 -15.67 25.02
O6 PX4 AA . 3.66 -16.74 24.91
C10 PX4 AA . 3.73 -14.55 25.93
C11 PX4 AA . 2.48 -15.13 26.59
C12 PX4 AA . 1.50 -14.06 27.07
C13 PX4 AA . 0.22 -14.59 27.73
C14 PX4 AA . -0.60 -13.36 28.11
C15 PX4 AA . -1.77 -13.82 29.00
C16 PX4 AA . -2.65 -12.68 29.52
C17 PX4 AA . -1.80 -11.54 30.11
C18 PX4 AA . -2.73 -10.49 30.72
C19 PX4 AA . -2.00 -9.31 31.38
C20 PX4 AA . -3.12 -8.32 31.74
C21 PX4 AA . -2.43 -7.01 32.15
C22 PX4 AA . -3.31 -5.92 32.77
O7 PX4 AA . 8.58 -17.40 24.78
C23 PX4 AA . 9.87 -17.05 24.59
O8 PX4 AA . 10.22 -16.47 23.56
C24 PX4 AA . 10.70 -17.53 25.78
C25 PX4 AA . 10.86 -16.52 26.92
C26 PX4 AA . 12.24 -16.54 27.57
C27 PX4 AA . 12.23 -15.70 28.85
C28 PX4 AA . 12.32 -14.20 28.69
C29 PX4 AA . 12.16 -13.49 30.04
C30 PX4 AA . 11.90 -11.98 29.97
C31 PX4 AA . 11.99 -11.43 31.39
C32 PX4 AA . 10.85 -12.11 32.17
C33 PX4 AA . 11.09 -12.04 33.69
C34 PX4 AA . 9.95 -12.71 34.43
C35 PX4 AA . 10.22 -12.64 35.95
C36 PX4 AA . 8.99 -13.16 36.70
O1 PX4 BA . -3.51 35.23 14.96
O2 PX4 BA . -5.12 37.24 15.23
P1 PX4 BA . -3.88 36.52 15.60
O3 PX4 BA . -2.55 37.42 15.52
C1 PX4 BA . -1.39 36.65 15.83
C2 PX4 BA . -0.21 37.25 15.07
N1 PX4 BA . 0.30 38.61 15.30
C3 PX4 BA . 0.52 38.94 16.72
C4 PX4 BA . 1.61 38.77 14.68
C5 PX4 BA . -0.66 39.58 14.75
O4 PX4 BA . -3.85 36.26 17.19
C6 PX4 BA . -4.91 36.84 17.95
C7 PX4 BA . -4.63 37.03 19.43
C8 PX4 BA . -3.22 36.51 19.66
O5 PX4 BA . -3.16 35.28 20.39
C9 PX4 BA . -1.93 34.94 20.84
O6 PX4 BA . -0.90 35.32 20.26
C10 PX4 BA . -1.98 33.61 21.61
C11 PX4 BA . -2.17 33.86 23.09
C12 PX4 BA . -1.06 34.74 23.67
C13 PX4 BA . -1.36 34.93 25.16
C14 PX4 BA . -0.22 35.53 26.00
C15 PX4 BA . -0.60 35.68 27.47
C16 PX4 BA . 0.59 35.87 28.40
C17 PX4 BA . 0.14 36.45 29.74
C18 PX4 BA . -0.66 37.73 29.51
C19 PX4 BA . -0.78 38.71 30.67
C20 PX4 BA . -1.60 39.93 30.24
C21 PX4 BA . -3.06 39.58 29.96
C22 PX4 BA . -3.72 39.14 31.27
O7 PX4 BA . -4.92 38.32 19.98
C23 PX4 BA . -6.19 38.77 20.09
O8 PX4 BA . -7.03 38.02 19.61
C24 PX4 BA . -6.49 40.03 20.91
C25 PX4 BA . -7.31 39.74 22.17
C26 PX4 BA . -7.23 40.95 23.11
C27 PX4 BA . -8.03 40.57 24.36
C28 PX4 BA . -7.34 39.23 24.68
C29 PX4 BA . -7.81 38.71 26.05
C30 PX4 BA . -7.08 37.48 26.58
C31 PX4 BA . -5.61 37.85 26.83
C32 PX4 BA . -4.70 36.73 27.33
C33 PX4 BA . -5.23 36.18 28.65
C34 PX4 BA . -4.29 35.19 29.36
C35 PX4 BA . -4.83 34.54 30.63
C36 PX4 BA . -3.82 33.65 31.37
O1 PX4 CA . -0.51 25.19 18.93
O2 PX4 CA . 1.75 25.36 17.78
P1 PX4 CA . 0.96 24.94 18.96
O3 PX4 CA . 1.16 23.40 19.36
C1 PX4 CA . 0.24 23.25 20.45
C2 PX4 CA . 0.38 21.87 21.11
N1 PX4 CA . -0.26 21.68 22.42
C3 PX4 CA . -0.32 20.25 22.70
C4 PX4 CA . 0.55 22.39 23.43
C5 PX4 CA . -1.66 22.13 22.56
O4 PX4 CA . 1.55 25.39 20.40
C6 PX4 CA . 2.06 26.70 20.15
C7 PX4 CA . 1.99 27.50 21.46
C8 PX4 CA . 1.01 26.80 22.40
O5 PX4 CA . -0.40 27.04 22.36
C9 PX4 CA . -1.19 26.18 23.06
O6 PX4 CA . -0.61 25.15 23.40
C10 PX4 CA . -2.66 26.51 23.35
C11 PX4 CA . -2.89 27.30 24.64
C12 PX4 CA . -1.97 28.50 24.88
C13 PX4 CA . -1.83 28.96 26.33
C14 PX4 CA . -0.87 30.14 26.48
C15 PX4 CA . -0.58 30.59 27.91
C16 PX4 CA . -1.80 31.27 28.55
C17 PX4 CA . -1.40 31.79 29.94
C18 PX4 CA . -0.80 30.76 30.90
C19 PX4 CA . -0.38 31.33 32.27
C20 PX4 CA . 0.33 30.29 33.14
C21 PX4 CA . 1.23 30.97 34.18
C22 PX4 CA . 2.20 29.90 34.64
O7 PX4 CA . 3.27 27.84 21.99
C23 PX4 CA . 3.95 28.72 21.22
O8 PX4 CA . 3.52 29.19 20.17
C24 PX4 CA . 5.42 28.92 21.64
C25 PX4 CA . 5.38 30.11 22.61
C26 PX4 CA . 6.84 30.21 23.05
C27 PX4 CA . 7.13 31.39 23.97
C28 PX4 CA . 6.63 32.74 23.45
C29 PX4 CA . 6.86 33.80 24.52
C30 PX4 CA . 6.81 35.16 23.81
C31 PX4 CA . 7.84 35.24 22.69
C32 PX4 CA . 7.80 36.62 22.04
C33 PX4 CA . 8.68 36.61 20.78
C34 PX4 CA . 10.09 36.58 21.38
C35 PX4 CA . 10.36 37.80 22.25
C36 PX4 CA . 11.79 37.68 22.81
O1 PX4 DA . 8.01 27.47 19.03
O2 PX4 DA . 7.13 29.43 17.68
P1 PX4 DA . 8.28 28.63 18.15
O3 PX4 DA . 9.14 28.18 16.86
C1 PX4 DA . 10.24 27.35 17.23
C2 PX4 DA . 11.50 27.48 16.38
N1 PX4 DA . 12.31 28.68 16.65
C3 PX4 DA . 11.62 29.89 16.16
C4 PX4 DA . 12.77 28.87 18.05
C5 PX4 DA . 13.45 28.46 15.77
O4 PX4 DA . 9.38 29.56 18.84
C6 PX4 DA . 8.67 30.35 19.81
C7 PX4 DA . 9.29 31.73 20.00
C8 PX4 DA . 8.30 32.78 19.53
O5 PX4 DA . 6.96 32.25 19.47
C9 PX4 DA . 6.00 33.14 19.12
O6 PX4 DA . 6.36 34.19 18.58
C10 PX4 DA . 4.55 32.67 18.92
C11 PX4 DA . 3.52 33.75 19.24
C12 PX4 DA . 3.54 34.21 20.69
C13 PX4 DA . 2.38 35.15 21.03
C14 PX4 DA . 2.68 36.52 20.42
C15 PX4 DA . 1.62 37.59 20.62
C16 PX4 DA . 1.42 37.69 22.14
C17 PX4 DA . 0.32 38.72 22.40
C18 PX4 DA . -0.66 38.28 23.48
C19 PX4 DA . -1.65 39.41 23.82
C20 PX4 DA . -2.73 39.00 24.80
C21 PX4 DA . -3.61 40.23 25.01
C22 PX4 DA . -2.73 41.34 25.61
O7 PX4 DA . 9.90 31.94 21.28
C23 PX4 DA . 11.22 31.59 21.40
O8 PX4 DA . 11.91 31.60 20.40
C24 PX4 DA . 11.79 31.74 22.81
C25 PX4 DA . 11.54 30.66 23.84
C26 PX4 DA . 12.75 30.79 24.77
C27 PX4 DA . 12.56 29.80 25.92
C28 PX4 DA . 13.79 29.77 26.83
C29 PX4 DA . 13.56 28.66 27.87
C30 PX4 DA . 14.81 27.90 28.33
C31 PX4 DA . 14.38 26.90 29.40
C32 PX4 DA . 14.36 27.56 30.79
C33 PX4 DA . 13.85 26.67 31.93
C34 PX4 DA . 12.38 26.36 31.70
C35 PX4 DA . 11.99 25.46 32.86
C36 PX4 DA . 10.51 25.02 32.78
O1 PX4 EA . -26.17 -0.53 17.73
O2 PX4 EA . -23.70 -1.21 17.24
P1 PX4 EA . -24.98 -1.39 17.95
O3 PX4 EA . -25.52 -2.90 17.79
C1 PX4 EA . -24.69 -3.79 18.53
C2 PX4 EA . -24.97 -5.28 18.37
N1 PX4 EA . -26.10 -5.89 19.09
C3 PX4 EA . -27.31 -5.79 18.25
C4 PX4 EA . -25.80 -7.31 19.29
C5 PX4 EA . -26.37 -5.32 20.43
O4 PX4 EA . -24.67 -1.40 19.53
C6 PX4 EA . -24.69 -0.04 20.00
C7 PX4 EA . -24.57 0.04 21.52
C8 PX4 EA . -24.31 -1.27 22.26
O5 PX4 EA . -25.17 -1.80 23.27
C9 PX4 EA . -26.40 -2.27 22.92
O6 PX4 EA . -26.89 -2.27 21.80
C10 PX4 EA . -27.13 -2.94 24.08
C11 PX4 EA . -26.32 -3.22 25.36
C12 PX4 EA . -27.32 -3.48 26.48
C13 PX4 EA . -26.54 -3.61 27.78
C14 PX4 EA . -27.52 -3.72 28.95
C15 PX4 EA . -26.83 -3.65 30.32
C16 PX4 EA . -27.75 -4.13 31.44
C17 PX4 EA . -27.01 -4.32 32.76
C18 PX4 EA . -27.94 -4.90 33.82
C19 PX4 EA . -27.55 -4.49 35.23
C20 PX4 EA . -28.15 -5.24 36.43
C21 PX4 EA . -27.82 -4.48 37.71
C22 PX4 EA . -28.42 -5.21 38.92
O7 PX4 EA . -23.76 1.13 22.01
C23 PX4 EA . -24.19 2.42 21.87
O8 PX4 EA . -25.31 2.68 21.41
C24 PX4 EA . -23.25 3.57 22.21
C25 PX4 EA . -23.60 4.24 23.54
C26 PX4 EA . -22.43 4.99 24.18
C27 PX4 EA . -22.78 5.57 25.55
C28 PX4 EA . -23.08 4.58 26.68
C29 PX4 EA . -23.87 5.42 27.68
C30 PX4 EA . -24.07 4.64 28.99
C31 PX4 EA . -24.92 5.43 30.00
C32 PX4 EA . -24.91 4.86 31.41
C33 PX4 EA . -25.55 5.87 32.37
C34 PX4 EA . -25.65 5.23 33.76
C35 PX4 EA . -26.49 6.10 34.70
C36 PX4 EA . -26.65 5.32 36.02
O1 PX4 FA . -10.40 -8.42 23.86
O2 PX4 FA . -9.42 -9.18 21.50
P1 PX4 FA . -10.43 -9.14 22.57
O3 PX4 FA . -11.80 -8.68 21.86
C1 PX4 FA . -12.05 -7.30 22.19
C2 PX4 FA . -13.16 -6.72 21.31
N1 PX4 FA . -13.23 -6.76 19.84
C3 PX4 FA . -13.42 -8.13 19.35
C4 PX4 FA . -14.39 -5.97 19.45
C5 PX4 FA . -12.12 -6.13 19.10
O4 PX4 FA . -10.80 -10.69 22.81
C6 PX4 FA . -11.60 -10.82 24.00
C7 PX4 FA . -12.88 -11.64 23.74
C8 PX4 FA . -12.33 -13.07 23.73
O5 PX4 FA . -11.73 -13.53 24.95
C9 PX4 FA . -12.47 -14.52 25.51
O6 PX4 FA . -13.48 -15.08 25.07
C10 PX4 FA . -11.88 -14.94 26.85
C11 PX4 FA . -12.31 -16.39 27.12
C12 PX4 FA . -11.78 -16.81 28.49
C13 PX4 FA . -12.11 -18.28 28.76
C14 PX4 FA . -11.71 -18.62 30.20
C15 PX4 FA . -10.22 -18.36 30.48
C16 PX4 FA . -10.01 -18.31 31.99
C17 PX4 FA . -8.49 -18.26 32.19
C18 PX4 FA . -8.39 -18.01 33.71
C19 PX4 FA . -6.96 -18.04 34.25
C20 PX4 FA . -7.01 -17.98 35.78
C21 PX4 FA . -6.81 -16.53 36.23
C22 PX4 FA . -6.93 -16.18 37.71
O7 PX4 FA . -13.87 -11.39 24.75
C23 PX4 FA . -15.18 -11.50 24.47
O8 PX4 FA . -15.53 -11.63 23.31
C24 PX4 FA . -16.22 -11.09 25.54
C25 PX4 FA . -15.64 -11.15 26.94
C26 PX4 FA . -15.48 -12.57 27.48
C27 PX4 FA . -14.94 -12.53 28.91
C28 PX4 FA . -14.61 -13.98 29.32
C29 PX4 FA . -14.13 -13.97 30.77
C30 PX4 FA . -13.84 -15.38 31.31
C31 PX4 FA . -13.03 -15.38 32.62
C32 PX4 FA . -13.11 -16.72 33.36
C33 PX4 FA . -12.62 -16.52 34.78
C34 PX4 FA . -12.48 -17.83 35.56
C35 PX4 FA . -12.19 -17.81 37.07
C36 PX4 FA . -12.03 -19.20 37.69
O1 PX4 GA . -4.16 -7.40 25.90
O2 PX4 GA . -4.49 -9.42 24.28
P1 PX4 GA . -4.70 -8.75 25.60
O3 PX4 GA . -6.26 -8.54 25.29
C1 PX4 GA . -6.50 -7.35 24.53
C2 PX4 GA . -7.89 -6.74 24.54
N1 PX4 GA . -8.64 -6.44 25.77
C3 PX4 GA . -9.85 -5.66 25.41
C4 PX4 GA . -9.07 -7.68 26.42
C5 PX4 GA . -7.76 -5.77 26.72
O4 PX4 GA . -4.88 -9.65 26.92
C6 PX4 GA . -5.52 -8.78 27.86
C7 PX4 GA . -6.44 -9.56 28.80
C8 PX4 GA . -6.54 -10.99 28.28
O5 PX4 GA . -7.85 -11.53 28.49
C9 PX4 GA . -8.77 -11.52 27.49
O6 PX4 GA . -8.52 -10.89 26.46
C10 PX4 GA . -10.18 -12.08 27.74
C11 PX4 GA . -11.02 -10.96 28.37
C12 PX4 GA . -10.65 -10.77 29.84
C13 PX4 GA . -10.95 -12.04 30.66
C14 PX4 GA . -10.43 -11.68 32.06
C15 PX4 GA . -10.41 -12.90 32.97
C16 PX4 GA . -10.08 -12.43 34.40
C17 PX4 GA . -9.93 -13.65 35.31
C18 PX4 GA . -9.67 -13.30 36.78
C19 PX4 GA . -10.86 -12.47 37.28
C20 PX4 GA . -10.39 -11.83 38.58
C21 PX4 GA . -11.59 -11.26 39.35
C22 PX4 GA . -11.06 -10.58 40.61
O7 PX4 GA . -6.08 -9.27 30.15
C23 PX4 GA . -6.90 -8.32 30.70
O8 PX4 GA . -7.50 -7.58 29.93
C24 PX4 GA . -6.97 -8.03 32.20
C25 PX4 GA . -8.37 -7.73 32.76
C26 PX4 GA . -8.49 -8.13 34.22
C27 PX4 GA . -9.26 -7.12 35.08
C28 PX4 GA . -8.41 -5.89 35.39
C29 PX4 GA . -7.43 -6.39 36.47
C30 PX4 GA . -6.49 -5.23 36.84
C31 PX4 GA . -5.30 -4.89 35.94
C32 PX4 GA . -4.30 -3.92 36.58
C33 PX4 GA . -3.26 -3.50 35.55
C34 PX4 GA . -1.93 -3.16 36.23
C35 PX4 GA . -1.01 -2.31 35.36
C36 PX4 GA . -0.24 -1.34 36.25
O1 PX4 HA . 20.64 26.27 10.98
O2 PX4 HA . 19.76 23.92 10.57
P1 PX4 HA . 19.84 25.11 11.43
O3 PX4 HA . 18.31 25.61 11.27
C1 PX4 HA . 17.65 25.94 12.50
C2 PX4 HA . 16.13 26.05 12.40
N1 PX4 HA . 15.46 26.36 11.14
C3 PX4 HA . 15.42 25.20 10.24
C4 PX4 HA . 14.08 26.74 11.46
C5 PX4 HA . 16.02 27.53 10.43
O4 PX4 HA . 19.89 24.75 13.00
C6 PX4 HA . 21.24 24.72 13.45
C7 PX4 HA . 21.51 25.43 14.78
C8 PX4 HA . 20.33 26.37 15.04
O5 PX4 HA . 20.42 27.66 14.41
C9 PX4 HA . 19.36 28.51 14.49
O6 PX4 HA . 18.25 28.08 14.76
C10 PX4 HA . 19.74 30.00 14.44
C11 PX4 HA . 19.95 30.58 15.83
C12 PX4 HA . 18.71 30.73 16.73
C13 PX4 HA . 19.01 30.95 18.22
C14 PX4 HA . 17.59 30.90 18.82
C15 PX4 HA . 17.74 31.41 20.25
C16 PX4 HA . 16.42 31.24 20.99
C17 PX4 HA . 16.17 29.73 21.17
C18 PX4 HA . 15.06 29.42 22.16
C19 PX4 HA . 14.58 27.97 22.12
C20 PX4 HA . 13.67 27.51 23.26
C21 PX4 HA . 13.29 26.06 22.94
C22 PX4 HA . 12.31 25.27 23.81
O7 PX4 HA . 21.63 24.57 15.92
C23 PX4 HA . 22.76 23.85 16.07
O8 PX4 HA . 23.75 23.96 15.34
C24 PX4 HA . 22.84 23.19 17.46
C25 PX4 HA . 24.27 22.73 17.81
C26 PX4 HA . 24.32 21.61 18.82
C27 PX4 HA . 25.47 21.74 19.82
C28 PX4 HA . 25.28 23.08 20.53
C29 PX4 HA . 26.19 23.09 21.75
C30 PX4 HA . 25.94 24.18 22.81
C31 PX4 HA . 26.88 23.69 23.92
C32 PX4 HA . 27.03 24.75 25.01
C33 PX4 HA . 28.14 24.58 26.04
C34 PX4 HA . 27.68 23.70 27.20
C35 PX4 HA . 28.85 23.40 28.15
C36 PX4 HA . 28.31 22.76 29.42
O1 PX4 IA . -0.02 -13.36 17.69
O2 PX4 IA . 2.34 -14.24 18.41
P1 PX4 IA . 0.93 -13.86 18.70
O3 PX4 IA . 0.30 -15.09 19.51
C1 PX4 IA . 1.34 -16.02 19.88
C2 PX4 IA . 0.69 -17.15 20.69
N1 PX4 IA . 1.58 -18.26 21.11
C3 PX4 IA . 2.79 -17.90 21.83
C4 PX4 IA . 0.77 -19.08 22.01
C5 PX4 IA . 2.11 -19.00 19.97
O4 PX4 IA . 1.00 -12.82 19.92
C6 PX4 IA . 0.31 -11.58 19.81
C7 PX4 IA . 0.63 -10.58 20.92
C8 PX4 IA . 0.53 -11.29 22.26
O5 PX4 IA . 0.04 -10.55 23.39
C9 PX4 IA . -0.29 -11.25 24.50
O6 PX4 IA . -0.25 -12.48 24.54
C10 PX4 IA . -0.73 -10.36 25.67
C11 PX4 IA . 0.42 -9.74 26.47
C12 PX4 IA . -0.10 -9.04 27.72
C13 PX4 IA . -0.93 -7.88 27.15
C14 PX4 IA . -1.34 -7.01 28.33
C15 PX4 IA . -2.13 -5.81 27.80
C16 PX4 IA . -2.32 -4.82 28.95
C17 PX4 IA . -3.10 -3.62 28.44
C18 PX4 IA . -4.56 -4.05 28.23
C19 PX4 IA . -5.27 -4.31 29.57
C20 PX4 IA . -5.38 -3.06 30.45
C21 PX4 IA . -5.98 -3.46 31.81
C22 PX4 IA . -7.28 -4.24 31.67
O7 PX4 IA . 1.87 -9.87 20.71
C23 PX4 IA . 1.75 -8.61 20.21
O8 PX4 IA . 0.74 -8.06 19.76
C24 PX4 IA . 2.94 -7.72 20.59
C25 PX4 IA . 2.74 -6.97 21.91
C26 PX4 IA . 2.86 -7.74 23.23
C27 PX4 IA . 2.70 -6.86 24.46
C28 PX4 IA . 1.41 -6.06 24.21
C29 PX4 IA . 0.88 -5.19 25.35
C30 PX4 IA . 1.95 -4.13 25.62
C31 PX4 IA . 1.56 -3.15 26.73
C32 PX4 IA . 2.60 -2.04 26.91
C33 PX4 IA . 2.00 -1.06 27.93
C34 PX4 IA . 2.08 -1.78 29.28
C35 PX4 IA . 2.11 -0.89 30.53
C36 PX4 IA . 2.21 -1.72 31.81
O1 PX4 JA . -33.79 -5.51 20.72
O2 PX4 JA . -35.90 -6.30 21.86
P1 PX4 JA . -35.00 -5.19 21.51
O3 PX4 JA . -35.69 -3.89 20.83
C1 PX4 JA . -36.43 -4.41 19.73
C2 PX4 JA . -37.14 -3.41 18.84
N1 PX4 JA . -37.63 -3.73 17.49
C3 PX4 JA . -38.44 -4.96 17.43
C4 PX4 JA . -38.32 -2.49 17.05
C5 PX4 JA . -36.48 -3.91 16.60
O4 PX4 JA . -34.37 -4.55 22.86
C6 PX4 JA . -35.37 -3.71 23.48
C7 PX4 JA . -35.12 -3.36 24.94
C8 PX4 JA . -33.97 -2.35 25.02
O5 PX4 JA . -33.22 -2.27 26.23
C9 PX4 JA . -32.07 -1.54 26.13
O6 PX4 JA . -31.55 -1.12 25.09
C10 PX4 JA . -31.52 -1.16 27.49
C11 PX4 JA . -31.31 0.33 27.77
C12 PX4 JA . -30.84 0.64 29.21
C13 PX4 JA . -29.57 -0.12 29.56
C14 PX4 JA . -29.21 0.03 31.05
C15 PX4 JA . -28.86 1.47 31.41
C16 PX4 JA . -28.37 1.56 32.85
C17 PX4 JA . -29.47 1.66 33.92
C18 PX4 JA . -28.72 1.87 35.24
C19 PX4 JA . -29.68 2.18 36.40
C20 PX4 JA . -28.99 2.44 37.74
C21 PX4 JA . -29.91 2.81 38.91
C22 PX4 JA . -30.70 4.09 38.65
O7 PX4 JA . -36.32 -2.96 25.62
C23 PX4 JA . -37.13 -4.00 25.94
O8 PX4 JA . -37.00 -5.17 25.58
C24 PX4 JA . -38.51 -3.63 26.49
C25 PX4 JA . -38.71 -4.39 27.80
C26 PX4 JA . -39.91 -3.79 28.54
C27 PX4 JA . -40.11 -4.28 29.98
C28 PX4 JA . -40.00 -5.80 29.99
C29 PX4 JA . -40.22 -6.30 31.42
C30 PX4 JA . -38.93 -6.12 32.24
C31 PX4 JA . -39.22 -6.39 33.70
C32 PX4 JA . -40.03 -5.28 34.38
C33 PX4 JA . -40.02 -5.49 35.89
C34 PX4 JA . -40.75 -4.36 36.61
C35 PX4 JA . -40.50 -4.60 38.10
C36 PX4 JA . -40.95 -3.40 38.94
O1 PX4 KA . -23.31 -12.98 21.36
O2 PX4 KA . -22.93 -13.71 23.72
P1 PX4 KA . -23.80 -13.00 22.76
O3 PX4 KA . -25.14 -13.87 22.89
C1 PX4 KA . -24.81 -15.25 22.73
C2 PX4 KA . -25.90 -16.12 22.11
N1 PX4 KA . -27.32 -16.06 22.51
C3 PX4 KA . -27.49 -16.42 23.93
C4 PX4 KA . -28.03 -14.82 22.18
C5 PX4 KA . -28.02 -17.15 21.82
O4 PX4 KA . -24.42 -11.66 23.37
C6 PX4 KA . -24.31 -11.48 24.79
C7 PX4 KA . -25.05 -12.45 25.70
C8 PX4 KA . -23.93 -13.05 26.56
O5 PX4 KA . -22.77 -12.24 26.71
C9 PX4 KA . -21.80 -12.69 27.55
O6 PX4 KA . -21.89 -13.69 28.23
C10 PX4 KA . -20.48 -11.90 27.68
C11 PX4 KA . -20.64 -10.70 28.60
C12 PX4 KA . -20.33 -11.09 30.05
C13 PX4 KA . -20.49 -9.89 30.98
C14 PX4 KA . -20.21 -10.13 32.47
C15 PX4 KA . -20.79 -8.84 33.06
C16 PX4 KA . -20.50 -8.67 34.55
C17 PX4 KA . -21.49 -9.41 35.44
C18 PX4 KA . -21.14 -9.08 36.90
C19 PX4 KA . -22.09 -9.76 37.88
C20 PX4 KA . -21.74 -9.47 39.34
C21 PX4 KA . -22.88 -9.98 40.20
C22 PX4 KA . -22.35 -10.11 41.63
O7 PX4 KA . -26.18 -11.85 26.36
C23 PX4 KA . -27.44 -12.12 25.93
O8 PX4 KA . -27.82 -13.23 25.55
C24 PX4 KA . -28.36 -11.21 26.73
C25 PX4 KA . -28.41 -11.72 28.16
C26 PX4 KA . -29.54 -11.03 28.95
C27 PX4 KA . -29.53 -9.49 28.85
C28 PX4 KA . -30.86 -8.91 29.33
C29 PX4 KA . -30.83 -9.02 30.86
C30 PX4 KA . -29.74 -8.19 31.55
C31 PX4 KA . -29.77 -8.50 33.04
C32 PX4 KA . -29.49 -9.98 33.32
C33 PX4 KA . -29.35 -10.26 34.82
C34 PX4 KA . -29.23 -11.76 35.11
C35 PX4 KA . -29.35 -11.99 36.62
C36 PX4 KA . -28.90 -13.38 37.07
O1 PX4 LA . -22.24 6.95 15.87
O2 PX4 LA . -22.40 4.91 17.42
P1 PX4 LA . -22.96 6.21 16.93
O3 PX4 LA . -24.50 5.91 16.60
C1 PX4 LA . -25.22 5.39 17.72
C2 PX4 LA . -26.67 4.98 17.46
N1 PX4 LA . -27.25 4.01 18.39
C3 PX4 LA . -28.58 3.71 17.84
C4 PX4 LA . -26.39 2.80 18.38
C5 PX4 LA . -27.37 4.61 19.72
O4 PX4 LA . -23.34 7.25 18.08
C6 PX4 LA . -22.11 7.41 18.79
C7 PX4 LA . -22.16 7.35 20.31
C8 PX4 LA . -23.61 6.95 20.60
O5 PX4 LA . -24.29 7.74 21.58
C9 PX4 LA . -25.57 7.40 21.89
O6 PX4 LA . -25.97 6.24 21.80
C10 PX4 LA . -26.39 8.51 22.53
C11 PX4 LA . -26.54 8.34 24.04
C12 PX4 LA . -27.29 7.09 24.49
C13 PX4 LA . -27.74 7.02 25.96
C14 PX4 LA . -27.76 5.52 26.31
C15 PX4 LA . -27.65 5.31 27.83
C16 PX4 LA . -28.77 6.02 28.61
C17 PX4 LA . -28.60 5.60 30.07
C18 PX4 LA . -29.75 6.19 30.89
C19 PX4 LA . -29.58 5.70 32.34
C20 PX4 LA . -30.79 6.11 33.16
C21 PX4 LA . -30.53 5.69 34.62
C22 PX4 LA . -31.20 6.73 35.52
O7 PX4 LA . -21.12 6.51 20.81
C23 PX4 LA . -19.91 7.11 21.03
O8 PX4 LA . -19.51 8.11 20.41
C24 PX4 LA . -18.93 6.28 21.85
C25 PX4 LA . -19.17 6.81 23.26
C26 PX4 LA . -18.54 5.81 24.26
C27 PX4 LA . -18.99 6.31 25.63
C28 PX4 LA . -18.54 5.34 26.72
C29 PX4 LA . -18.93 5.86 28.11
C30 PX4 LA . -18.36 7.28 28.23
C31 PX4 LA . -19.01 8.02 29.40
C32 PX4 LA . -18.62 7.41 30.76
C33 PX4 LA . -17.13 7.41 31.12
C34 PX4 LA . -16.92 6.65 32.43
C35 PX4 LA . -15.41 6.71 32.73
C36 PX4 LA . -14.99 5.57 33.66
O1 PX4 MA . -15.94 0.47 15.45
O2 PX4 MA . -16.33 -0.92 17.57
P1 PX4 MA . -16.28 0.39 16.88
O3 PX4 MA . -17.69 1.17 16.77
C1 PX4 MA . -18.54 0.16 16.26
C2 PX4 MA . -20.02 0.51 16.22
N1 PX4 MA . -20.46 1.39 15.12
C3 PX4 MA . -20.02 2.78 15.35
C4 PX4 MA . -19.99 0.93 13.79
C5 PX4 MA . -21.92 1.50 15.09
O4 PX4 MA . -15.40 1.51 17.63
C6 PX4 MA . -15.15 1.07 18.97
C7 PX4 MA . -14.87 2.23 19.91
C8 PX4 MA . -16.24 2.69 20.41
O5 PX4 MA . -17.06 1.53 20.40
C9 PX4 MA . -18.35 1.65 20.80
O6 PX4 MA . -18.87 2.76 21.00
C10 PX4 MA . -19.11 0.33 20.95
C11 PX4 MA . -20.32 0.50 21.86
C12 PX4 MA . -19.81 0.88 23.27
C13 PX4 MA . -20.73 0.67 24.46
C14 PX4 MA . -20.22 1.41 25.70
C15 PX4 MA . -20.96 1.35 27.03
C16 PX4 MA . -20.17 2.12 28.08
C17 PX4 MA . -20.70 2.22 29.51
C18 PX4 MA . -19.71 2.83 30.51
C19 PX4 MA . -20.24 2.98 31.94
C20 PX4 MA . -19.21 3.73 32.79
C21 PX4 MA . -19.88 3.86 34.16
C22 PX4 MA . -21.27 4.45 33.93
O7 PX4 MA . -13.94 1.97 20.97
C23 PX4 MA . -12.64 2.26 20.73
O8 PX4 MA . -12.25 2.63 19.63
C24 PX4 MA . -11.56 1.57 21.57
C25 PX4 MA . -11.37 2.51 22.75
C26 PX4 MA . -10.57 1.85 23.88
C27 PX4 MA . -10.74 2.68 25.15
C28 PX4 MA . -9.44 2.51 25.95
C29 PX4 MA . -9.37 3.60 27.03
C30 PX4 MA . -8.20 3.42 28.00
C31 PX4 MA . -8.40 4.41 29.15
C32 PX4 MA . -8.34 5.81 28.54
C33 PX4 MA . -8.42 6.91 29.60
C34 PX4 MA . -9.73 7.08 30.37
C35 PX4 MA . -9.47 8.00 31.57
C36 PX4 MA . -10.61 7.99 32.61
O1 PX4 NA . -21.80 -15.92 20.88
O2 PX4 NA . -20.12 -14.60 19.32
P1 PX4 NA . -20.57 -15.14 20.62
O3 PX4 NA . -19.49 -16.32 20.76
C1 PX4 NA . -19.69 -17.11 19.58
C2 PX4 NA . -18.45 -17.91 19.20
N1 PX4 NA . -17.14 -17.29 18.91
C3 PX4 NA . -17.29 -16.32 17.81
C4 PX4 NA . -16.54 -16.43 19.93
C5 PX4 NA . -16.19 -18.34 18.51
O4 PX4 NA . -20.25 -14.15 21.86
C6 PX4 NA . -18.90 -14.11 22.32
C7 PX4 NA . -18.68 -13.33 23.62
C8 PX4 NA . -19.86 -12.35 23.73
O5 PX4 NA . -19.35 -11.05 23.98
C9 PX4 NA . -20.29 -10.08 24.11
O6 PX4 NA . -21.26 -10.20 23.37
C10 PX4 NA . -19.72 -8.70 24.47
C11 PX4 NA . -19.64 -8.46 25.97
C12 PX4 NA . -18.82 -7.17 26.12
C13 PX4 NA . -18.65 -6.85 27.61
C14 PX4 NA . -17.59 -7.81 28.15
C15 PX4 NA . -17.21 -7.47 29.60
C16 PX4 NA . -16.03 -8.40 29.87
C17 PX4 NA . -15.85 -8.35 31.39
C18 PX4 NA . -14.55 -9.05 31.80
C19 PX4 NA . -14.52 -9.45 33.27
C20 PX4 NA . -13.38 -10.39 33.69
C21 PX4 NA . -13.51 -10.56 35.21
C22 PX4 NA . -13.11 -9.34 36.03
O7 PX4 NA . -18.72 -14.18 24.78
C23 PX4 NA . -17.73 -15.07 25.08
O8 PX4 NA . -17.19 -15.71 24.19
C24 PX4 NA . -17.79 -15.76 26.45
C25 PX4 NA . -18.40 -14.97 27.60
C26 PX4 NA . -18.43 -15.95 28.78
C27 PX4 NA . -19.00 -15.31 30.06
C28 PX4 NA . -17.88 -14.48 30.69
C29 PX4 NA . -18.32 -13.45 31.73
C30 PX4 NA . -17.14 -12.85 32.52
C31 PX4 NA . -16.92 -13.70 33.76
C32 PX4 NA . -15.72 -13.10 34.51
C33 PX4 NA . -15.93 -13.39 36.00
C34 PX4 NA . -15.82 -14.88 36.30
C35 PX4 NA . -15.75 -15.20 37.80
C36 PX4 NA . -15.88 -16.69 38.09
O1 PX4 OA . -9.26 -16.36 20.56
O2 PX4 OA . -11.70 -16.54 21.45
P1 PX4 OA . -10.33 -15.99 21.52
O3 PX4 OA . -10.36 -14.38 21.46
C1 PX4 OA . -9.03 -13.87 21.29
C2 PX4 OA . -8.61 -12.83 22.32
N1 PX4 OA . -7.15 -12.60 22.36
C3 PX4 OA . -6.35 -13.72 22.88
C4 PX4 OA . -6.62 -12.03 21.11
C5 PX4 OA . -7.00 -11.49 23.31
O4 PX4 OA . -9.76 -16.32 22.99
C6 PX4 OA . -9.63 -17.73 23.17
C7 PX4 OA . -9.03 -18.07 24.54
C8 PX4 OA . -8.94 -16.73 25.24
O5 PX4 OA . -7.73 -16.38 25.93
C9 PX4 OA . -7.23 -15.15 26.20
O6 PX4 OA . -7.76 -14.20 25.62
C10 PX4 OA . -5.87 -15.02 26.87
C11 PX4 OA . -5.74 -15.99 28.04
C12 PX4 OA . -6.48 -15.59 29.33
C13 PX4 OA . -5.90 -14.32 29.96
C14 PX4 OA . -6.51 -13.97 31.31
C15 PX4 OA . -5.94 -12.67 31.87
C16 PX4 OA . -6.36 -12.41 33.33
C17 PX4 OA . -5.49 -11.26 33.85
C18 PX4 OA . -6.11 -10.72 35.14
C19 PX4 OA . -5.21 -9.78 35.94
C20 PX4 OA . -5.71 -9.80 37.39
C21 PX4 OA . -5.65 -11.24 37.91
C22 PX4 OA . -5.99 -11.33 39.39
O7 PX4 OA . -9.94 -18.90 25.29
C23 PX4 OA . -9.96 -20.25 25.22
O8 PX4 OA . -9.40 -20.89 24.33
C24 PX4 OA . -10.97 -21.04 26.09
C25 PX4 OA . -10.16 -22.12 26.82
C26 PX4 OA . -10.97 -22.70 27.98
C27 PX4 OA . -10.04 -23.44 28.95
C28 PX4 OA . -9.19 -22.43 29.73
C29 PX4 OA . -8.24 -23.11 30.73
C30 PX4 OA . -7.43 -22.23 31.68
C31 PX4 OA . -6.43 -23.10 32.43
C32 PX4 OA . -5.78 -22.28 33.55
C33 PX4 OA . -4.55 -23.01 34.08
C34 PX4 OA . -3.81 -22.12 35.08
C35 PX4 OA . -2.52 -22.79 35.60
C36 PX4 OA . -2.94 -23.77 36.69
O1 PX4 PA . -8.69 -29.18 24.67
O2 PX4 PA . -6.59 -28.76 23.27
P1 PX4 PA . -7.21 -29.26 24.52
O3 PX4 PA . -6.71 -30.74 24.88
C1 PX4 PA . -5.29 -30.66 24.91
C2 PX4 PA . -4.48 -31.76 24.21
N1 PX4 PA . -3.01 -31.71 24.33
C3 PX4 PA . -2.37 -32.76 23.54
C4 PX4 PA . -2.48 -30.40 23.93
C5 PX4 PA . -2.58 -31.94 25.72
O4 PX4 PA . -6.53 -28.35 25.65
C6 PX4 PA . -7.42 -27.23 25.67
C7 PX4 PA . -6.85 -26.04 26.45
C8 PX4 PA . -5.65 -26.62 27.20
O5 PX4 PA . -5.87 -26.61 28.62
C9 PX4 PA . -4.78 -26.97 29.35
O6 PX4 PA . -3.86 -27.48 28.73
C10 PX4 PA . -4.91 -27.01 30.87
C11 PX4 PA . -3.50 -26.88 31.46
C12 PX4 PA . -3.47 -27.35 32.92
C13 PX4 PA . -2.09 -27.34 33.59
C14 PX4 PA . -1.59 -25.90 33.56
C15 PX4 PA . -0.35 -25.71 34.41
C16 PX4 PA . 0.34 -24.45 33.89
C17 PX4 PA . 1.71 -24.25 34.57
C18 PX4 PA . 2.28 -22.84 34.39
C19 PX4 PA . 3.52 -22.76 35.27
C20 PX4 PA . 4.11 -21.35 35.10
C21 PX4 PA . 5.27 -20.99 36.03
C22 PX4 PA . 5.82 -19.57 35.81
O7 PX4 PA . -6.87 -24.75 25.85
C23 PX4 PA . -6.00 -24.40 24.86
O8 PX4 PA . -5.24 -25.21 24.30
C24 PX4 PA . -6.00 -22.92 24.49
C25 PX4 PA . -5.91 -21.96 25.68
C26 PX4 PA . -5.98 -20.49 25.30
C27 PX4 PA . -5.72 -19.63 26.54
C28 PX4 PA . -6.72 -20.03 27.62
C29 PX4 PA . -6.32 -19.53 29.02
C30 PX4 PA . -4.94 -20.11 29.36
C31 PX4 PA . -4.43 -19.85 30.77
C32 PX4 PA . -4.34 -18.33 30.88
C33 PX4 PA . -3.72 -17.85 32.18
C34 PX4 PA . -3.35 -16.38 32.16
C35 PX4 PA . -2.84 -15.95 33.53
C36 PX4 PA . -2.93 -14.44 33.74
O1 PX4 QA . 9.25 -27.44 19.26
O2 PX4 QA . 11.39 -28.69 20.13
P1 PX4 QA . 10.09 -28.02 20.35
O3 PX4 QA . 9.26 -29.30 20.83
C1 PX4 QA . 8.94 -30.18 19.75
C2 PX4 QA . 8.66 -31.59 20.26
N1 PX4 QA . 9.78 -32.36 20.83
C3 PX4 QA . 9.17 -33.59 21.35
C4 PX4 QA . 10.80 -32.78 19.86
C5 PX4 QA . 10.41 -31.83 22.04
O4 PX4 QA . 10.11 -27.18 21.71
C6 PX4 QA . 10.77 -27.90 22.75
C7 PX4 QA . 10.55 -27.44 24.19
C8 PX4 QA . 9.29 -26.57 24.12
O5 PX4 QA . 9.44 -25.40 24.94
C9 PX4 QA . 8.96 -25.44 26.21
O6 PX4 QA . 7.92 -26.04 26.47
C10 PX4 QA . 9.28 -24.23 27.09
C11 PX4 QA . 9.16 -24.54 28.58
C12 PX4 QA . 9.44 -23.26 29.34
C13 PX4 QA . 9.31 -23.38 30.86
C14 PX4 QA . 10.21 -22.41 31.64
C15 PX4 QA . 10.00 -22.67 33.12
C16 PX4 QA . 10.55 -21.61 34.08
C17 PX4 QA . 10.26 -21.92 35.55
C18 PX4 QA . 9.91 -20.68 36.38
C19 PX4 QA . 10.90 -19.52 36.41
C20 PX4 QA . 10.46 -18.27 37.19
C21 PX4 QA . 9.16 -17.66 36.66
C22 PX4 QA . 8.80 -16.65 37.75
O7 PX4 QA . 10.64 -28.45 25.20
C23 PX4 QA . 11.82 -28.92 25.69
O8 PX4 QA . 12.80 -28.95 24.95
C24 PX4 QA . 11.71 -29.93 26.84
C25 PX4 QA . 12.55 -29.44 28.01
C26 PX4 QA . 12.41 -30.31 29.25
C27 PX4 QA . 13.07 -29.55 30.41
C28 PX4 QA . 12.86 -30.24 31.75
C29 PX4 QA . 13.84 -29.54 32.71
C30 PX4 QA . 13.71 -30.08 34.13
C31 PX4 QA . 14.94 -29.61 34.90
C32 PX4 QA . 14.69 -30.19 36.29
C33 PX4 QA . 13.29 -29.73 36.66
C34 PX4 QA . 12.92 -30.08 38.11
C35 PX4 QA . 11.42 -29.85 38.22
C36 PX4 QA . 10.74 -30.82 37.25
O1 PX4 RA . -34.87 -0.48 22.66
O2 PX4 RA . -35.37 0.34 20.31
P1 PX4 RA . -34.49 0.36 21.50
O3 PX4 RA . -33.06 -0.11 20.94
C1 PX4 RA . -33.21 -1.51 20.72
C2 PX4 RA . -31.87 -2.07 20.23
N1 PX4 RA . -30.79 -2.29 21.19
C3 PX4 RA . -31.40 -2.88 22.40
C4 PX4 RA . -29.83 -3.30 20.73
C5 PX4 RA . -30.11 -1.03 21.52
O4 PX4 RA . -34.08 1.89 21.84
C6 PX4 RA . -33.04 1.62 22.77
C7 PX4 RA . -32.57 2.95 23.37
C8 PX4 RA . -33.78 3.46 24.15
O5 PX4 RA . -34.54 2.46 24.85
C9 PX4 RA . -35.32 2.98 25.84
O6 PX4 RA . -35.46 4.18 26.05
C10 PX4 RA . -36.42 2.12 26.50
C11 PX4 RA . -35.78 0.85 27.04
C12 PX4 RA . -36.52 0.24 28.23
C13 PX4 RA . -36.11 -1.17 28.62
C14 PX4 RA . -36.70 -1.47 30.00
C15 PX4 RA . -36.53 -2.93 30.46
C16 PX4 RA . -37.15 -2.92 31.87
C17 PX4 RA . -36.48 -1.83 32.70
C18 PX4 RA . -36.72 -1.88 34.22
C19 PX4 RA . -35.96 -0.68 34.78
C20 PX4 RA . -35.70 -0.78 36.29
C21 PX4 RA . -36.99 -0.99 37.08
C22 PX4 RA . -36.89 -0.81 38.60
O7 PX4 RA . -31.34 2.79 24.07
C23 PX4 RA . -30.14 2.61 23.43
O8 PX4 RA . -29.96 2.89 22.25
C24 PX4 RA . -28.92 2.36 24.33
C25 PX4 RA . -28.91 1.00 25.03
C26 PX4 RA . -27.86 1.13 26.12
C27 PX4 RA . -26.42 1.34 25.66
C28 PX4 RA . -25.53 1.48 26.92
C29 PX4 RA . -25.68 0.36 27.94
C30 PX4 RA . -24.68 0.56 29.10
C31 PX4 RA . -24.85 -0.38 30.29
C32 PX4 RA . -23.77 -0.08 31.34
C33 PX4 RA . -24.14 -0.61 32.74
C34 PX4 RA . -23.80 0.45 33.79
C35 PX4 RA . -23.83 -0.10 35.22
C36 PX4 RA . -23.61 1.04 36.21
O1 PX4 SA . -32.43 -8.82 19.90
O2 PX4 SA . -31.45 -10.64 21.47
P1 PX4 SA . -32.46 -9.62 21.14
O3 PX4 SA . -33.97 -10.18 21.29
C1 PX4 SA . -34.85 -9.42 20.46
C2 PX4 SA . -36.35 -9.49 20.77
N1 PX4 SA . -36.98 -10.82 20.70
C3 PX4 SA . -37.02 -11.35 19.32
C4 PX4 SA . -36.63 -11.81 21.72
C5 PX4 SA . -38.42 -10.73 21.00
O4 PX4 SA . -32.43 -8.64 22.41
C6 PX4 SA . -31.40 -7.68 22.18
C7 PX4 SA . -31.04 -6.94 23.48
C8 PX4 SA . -32.07 -7.21 24.58
O5 PX4 SA . -32.32 -6.22 25.58
C9 PX4 SA . -33.19 -6.65 26.53
O6 PX4 SA . -33.66 -7.77 26.66
C10 PX4 SA . -33.58 -5.58 27.53
C11 PX4 SA . -32.53 -5.48 28.63
C12 PX4 SA . -32.95 -4.24 29.44
C13 PX4 SA . -31.95 -4.09 30.59
C14 PX4 SA . -32.34 -2.87 31.43
C15 PX4 SA . -31.40 -2.80 32.62
C16 PX4 SA . -31.66 -1.66 33.62
C17 PX4 SA . -30.84 -1.93 34.90
C18 PX4 SA . -31.49 -1.20 36.07
C19 PX4 SA . -30.74 -1.54 37.37
C20 PX4 SA . -31.60 -1.15 38.58
C21 PX4 SA . -30.95 -1.49 39.92
C22 PX4 SA . -29.67 -0.70 40.18
O7 PX4 SA . -29.70 -7.28 23.85
C23 PX4 SA . -28.64 -6.56 23.38
O8 PX4 SA . -28.86 -5.76 22.49
C24 PX4 SA . -27.22 -6.97 23.81
C25 PX4 SA . -27.16 -7.45 25.26
C26 PX4 SA . -25.73 -7.86 25.56
C27 PX4 SA . -25.54 -8.48 26.96
C28 PX4 SA . -24.03 -8.44 27.25
C29 PX4 SA . -23.72 -9.14 28.57
C30 PX4 SA . -24.49 -8.48 29.73
C31 PX4 SA . -24.05 -9.09 31.06
C32 PX4 SA . -24.98 -8.53 32.14
C33 PX4 SA . -24.73 -9.05 33.55
C34 PX4 SA . -25.72 -8.49 34.57
C35 PX4 SA . -25.52 -9.04 35.99
C36 PX4 SA . -26.81 -8.78 36.79
O1 PX4 TA . -9.75 11.34 13.80
O2 PX4 TA . -12.25 10.55 13.66
P1 PX4 TA . -11.16 11.37 14.20
O3 PX4 TA . -11.71 12.89 14.04
C1 PX4 TA . -12.84 13.18 14.86
C2 PX4 TA . -13.20 14.68 14.88
N1 PX4 TA . -13.92 15.31 13.77
C3 PX4 TA . -13.34 14.97 12.46
C4 PX4 TA . -15.29 14.80 13.83
C5 PX4 TA . -13.96 16.75 14.06
O4 PX4 TA . -11.10 11.10 15.78
C6 PX4 TA . -11.03 9.66 15.77
C7 PX4 TA . -11.75 8.96 16.93
C8 PX4 TA . -12.39 10.10 17.74
O5 PX4 TA . -12.57 9.78 19.12
C9 PX4 TA . -13.38 10.65 19.79
O6 PX4 TA . -13.55 11.74 19.25
C10 PX4 TA . -13.43 10.45 21.31
C11 PX4 TA . -14.83 9.99 21.67
C12 PX4 TA . -15.06 9.78 23.17
C13 PX4 TA . -16.51 9.39 23.47
C14 PX4 TA . -16.61 9.38 24.99
C15 PX4 TA . -17.10 10.71 25.57
C16 PX4 TA . -17.36 10.55 27.08
C17 PX4 TA . -18.00 11.78 27.74
C18 PX4 TA . -17.99 11.52 29.25
C19 PX4 TA . -18.72 12.67 29.95
C20 PX4 TA . -18.79 12.45 31.46
C21 PX4 TA . -19.86 13.36 32.05
C22 PX4 TA . -19.81 13.32 33.58
O7 PX4 TA . -12.71 7.96 16.66
C23 PX4 TA . -12.38 6.63 16.61
O8 PX4 TA . -11.25 6.23 16.35
C24 PX4 TA . -13.59 5.71 16.62
C25 PX4 TA . -14.18 5.61 18.01
C26 PX4 TA . -15.10 6.75 18.45
C27 PX4 TA . -15.69 6.44 19.82
C28 PX4 TA . -14.52 6.04 20.72
C29 PX4 TA . -15.00 5.86 22.15
C30 PX4 TA . -13.79 5.65 23.07
C31 PX4 TA . -14.24 5.44 24.51
C32 PX4 TA . -13.08 5.37 25.48
C33 PX4 TA . -13.69 5.64 26.86
C34 PX4 TA . -12.52 5.52 27.86
C35 PX4 TA . -13.05 5.74 29.28
C36 PX4 TA . -14.24 4.78 29.46
O1 PX4 UA . -7.78 13.12 16.34
O2 PX4 UA . -10.28 13.81 16.82
P1 PX4 UA . -8.82 13.96 16.98
O3 PX4 UA . -8.33 15.49 17.10
C1 PX4 UA . -8.83 16.20 18.24
C2 PX4 UA . -10.32 16.53 18.41
N1 PX4 UA . -10.87 17.38 19.49
C3 PX4 UA . -10.60 16.92 20.86
C4 PX4 UA . -10.49 18.79 19.35
C5 PX4 UA . -12.32 17.35 19.27
O4 PX4 UA . -8.64 13.59 18.53
C6 PX4 UA . -9.27 12.32 18.73
C7 PX4 UA . -8.19 11.23 18.85
C8 PX4 UA . -7.33 11.73 19.99
O5 PX4 UA . -5.97 11.31 19.92
C9 PX4 UA . -5.08 11.87 20.80
O6 PX4 UA . -5.31 12.25 21.94
C10 PX4 UA . -3.63 11.62 20.35
C11 PX4 UA . -2.63 11.20 21.44
C12 PX4 UA . -1.29 11.06 20.71
C13 PX4 UA . -0.20 11.33 21.74
C14 PX4 UA . 0.04 10.18 22.74
C15 PX4 UA . 0.56 8.93 22.01
C16 PX4 UA . 0.70 7.90 23.13
C17 PX4 UA . 1.39 8.41 24.39
C18 PX4 UA . 1.22 7.30 25.42
C19 PX4 UA . -0.22 6.97 25.79
C20 PX4 UA . -0.18 6.02 26.99
C21 PX4 UA . 0.40 4.76 26.34
C22 PX4 UA . 0.43 3.65 27.40
O7 PX4 UA . -8.89 10.01 19.14
C23 PX4 UA . -8.61 8.74 18.76
O8 PX4 UA . -8.05 8.48 17.69
C24 PX4 UA . -9.51 7.76 19.52
C25 PX4 UA . -9.15 7.63 21.00
C26 PX4 UA . -9.86 6.44 21.67
C27 PX4 UA . -9.65 6.53 23.18
C28 PX4 UA . -10.21 7.83 23.73
C29 PX4 UA . -10.36 7.96 25.26
C30 PX4 UA . -11.38 9.05 25.62
C31 PX4 UA . -11.37 9.07 27.15
C32 PX4 UA . -12.66 9.75 27.62
C33 PX4 UA . -12.62 9.84 29.15
C34 PX4 UA . -13.93 10.44 29.64
C35 PX4 UA . -13.75 10.61 31.15
C36 PX4 UA . -14.92 11.47 31.61
O1 PX4 VA . -21.98 -8.52 16.86
O2 PX4 VA . -22.42 -6.00 16.50
P1 PX4 VA . -21.67 -7.10 17.14
O3 PX4 VA . -20.14 -6.81 16.69
C1 PX4 VA . -19.99 -7.37 15.39
C2 PX4 VA . -18.56 -7.28 14.86
N1 PX4 VA . -18.04 -5.94 14.56
C3 PX4 VA . -16.88 -6.19 13.70
C4 PX4 VA . -18.99 -5.04 13.91
C5 PX4 VA . -17.44 -5.44 15.81
O4 PX4 VA . -21.58 -7.01 18.76
C6 PX4 VA . -20.57 -7.89 19.27
C7 PX4 VA . -20.16 -7.64 20.72
C8 PX4 VA . -21.57 -7.65 21.34
O5 PX4 VA . -21.74 -6.78 22.46
C9 PX4 VA . -22.77 -6.96 23.31
O6 PX4 VA . -23.93 -7.22 22.97
C10 PX4 VA . -22.63 -6.14 24.59
C11 PX4 VA . -22.00 -4.75 24.57
C12 PX4 VA . -22.42 -3.92 25.80
C13 PX4 VA . -22.10 -4.75 27.06
C14 PX4 VA . -22.48 -4.07 28.37
C15 PX4 VA . -22.17 -4.99 29.55
C16 PX4 VA . -22.40 -4.26 30.87
C17 PX4 VA . -21.75 -5.10 31.97
C18 PX4 VA . -22.20 -4.59 33.33
C19 PX4 VA . -21.67 -5.38 34.52
C20 PX4 VA . -22.07 -4.71 35.84
C21 PX4 VA . -23.57 -4.50 36.02
C22 PX4 VA . -23.78 -4.26 37.53
O7 PX4 VA . -19.04 -8.35 21.24
C23 PX4 VA . -17.80 -7.87 20.91
O8 PX4 VA . -17.68 -7.28 19.85
C24 PX4 VA . -16.58 -8.29 21.73
C25 PX4 VA . -16.52 -7.45 23.02
C26 PX4 VA . -15.23 -7.83 23.76
C27 PX4 VA . -15.18 -7.17 25.14
C28 PX4 VA . -14.04 -7.81 25.93
C29 PX4 VA . -13.90 -7.05 27.26
C30 PX4 VA . -12.49 -7.25 27.83
C31 PX4 VA . -12.32 -6.29 29.02
C32 PX4 VA . -10.97 -6.24 29.73
C33 PX4 VA . -10.79 -5.21 30.86
C34 PX4 VA . -11.77 -5.30 32.03
C35 PX4 VA . -11.26 -4.35 33.10
C36 PX4 VA . -12.02 -4.45 34.41
O1 PX4 WA . -11.73 -2.99 20.33
O2 PX4 WA . -12.64 -2.78 17.94
P1 PX4 WA . -12.45 -2.22 19.30
O3 PX4 WA . -11.96 -0.68 19.19
C1 PX4 WA . -11.64 -0.36 17.82
C2 PX4 WA . -11.15 1.05 17.57
N1 PX4 WA . -11.23 1.66 16.22
C3 PX4 WA . -12.57 1.57 15.65
C4 PX4 WA . -10.75 3.04 16.32
C5 PX4 WA . -10.35 0.89 15.33
O4 PX4 WA . -13.89 -1.95 19.98
C6 PX4 WA . -13.70 -1.91 21.40
C7 PX4 WA . -14.93 -1.72 22.30
C8 PX4 WA . -15.21 -0.25 22.59
O5 PX4 WA . -14.99 0.16 23.95
C9 PX4 WA . -15.59 1.28 24.40
O6 PX4 WA . -16.25 2.00 23.64
C10 PX4 WA . -15.30 1.79 25.82
C11 PX4 WA . -16.21 1.13 26.86
C12 PX4 WA . -15.58 1.48 28.21
C13 PX4 WA . -16.11 0.60 29.33
C14 PX4 WA . -15.32 0.63 30.64
C15 PX4 WA . -16.06 0.89 31.96
C16 PX4 WA . -15.10 1.00 33.15
C17 PX4 WA . -15.94 1.12 34.41
C18 PX4 WA . -15.16 1.37 35.71
C19 PX4 WA . -16.02 1.79 36.91
C20 PX4 WA . -15.25 2.18 38.18
C21 PX4 WA . -16.32 2.42 39.24
C22 PX4 WA . -15.47 2.84 40.44
O7 PX4 WA . -16.12 -2.40 21.88
C23 PX4 WA . -16.30 -3.70 22.21
O8 PX4 WA . -15.41 -4.54 22.41
C24 PX4 WA . -17.80 -4.00 22.30
C25 PX4 WA . -18.29 -4.09 23.74
C26 PX4 WA . -17.84 -3.00 24.71
C27 PX4 WA . -18.66 -3.31 25.97
C28 PX4 WA . -18.83 -2.10 26.88
C29 PX4 WA . -18.81 -2.45 28.37
C30 PX4 WA . -19.39 -1.50 29.41
C31 PX4 WA . -19.37 -2.05 30.84
C32 PX4 WA . -19.70 -0.93 31.83
C33 PX4 WA . -19.44 -1.52 33.22
C34 PX4 WA . -19.90 -0.52 34.29
C35 PX4 WA . -19.35 -0.91 35.67
C36 PX4 WA . -19.59 0.14 36.76
O1 PX4 XA . 4.93 -5.08 16.11
O2 PX4 XA . 3.09 -3.23 16.22
P1 PX4 XA . 4.27 -3.94 16.76
O3 PX4 XA . 5.30 -2.70 16.81
C1 PX4 XA . 6.66 -3.16 16.70
C2 PX4 XA . 7.38 -2.97 18.04
N1 PX4 XA . 8.77 -3.45 18.04
C3 PX4 XA . 9.37 -3.37 19.38
C4 PX4 XA . 8.73 -4.89 17.77
C5 PX4 XA . 9.63 -2.67 17.13
O4 PX4 XA . 4.35 -3.96 18.38
C6 PX4 XA . 3.13 -3.54 18.99
C7 PX4 XA . 3.13 -3.55 20.52
C8 PX4 XA . 4.62 -3.44 20.85
O5 PX4 XA . 5.05 -4.26 21.94
C9 PX4 XA . 6.41 -4.20 22.06
O6 PX4 XA . 7.03 -3.30 21.50
C10 PX4 XA . 7.08 -5.00 23.18
C11 PX4 XA . 6.38 -4.71 24.51
C12 PX4 XA . 7.30 -5.16 25.64
C13 PX4 XA . 6.66 -4.69 26.95
C14 PX4 XA . 5.32 -5.37 27.20
C15 PX4 XA . 4.69 -5.08 28.56
C16 PX4 XA . 3.39 -5.87 28.68
C17 PX4 XA . 2.97 -5.72 30.14
C18 PX4 XA . 1.50 -6.08 30.37
C19 PX4 XA . 1.25 -5.80 31.86
C20 PX4 XA . 2.07 -6.70 32.79
C21 PX4 XA . 1.85 -6.43 34.28
C22 PX4 XA . 2.15 -5.00 34.72
O7 PX4 XA . 2.32 -2.51 21.07
C23 PX4 XA . 1.25 -2.96 21.77
O8 PX4 XA . 0.87 -4.11 21.55
C24 PX4 XA . 0.50 -1.99 22.69
C25 PX4 XA . -0.77 -1.45 22.01
C26 PX4 XA . -1.18 -0.31 22.93
C27 PX4 XA . -1.31 -0.87 24.34
C28 PX4 XA . -1.48 0.31 25.33
C29 PX4 XA . -1.71 -0.22 26.73
C30 PX4 XA . -1.61 0.79 27.89
C31 PX4 XA . -2.11 -0.23 28.93
C32 PX4 XA . -2.39 0.55 30.22
C33 PX4 XA . -2.34 -0.38 31.43
C34 PX4 XA . -2.38 0.32 32.79
C35 PX4 XA . -1.16 1.21 33.01
C36 PX4 XA . -1.64 2.23 34.04
O1 PX4 YA . 4.91 -12.09 15.19
O2 PX4 YA . 7.20 -11.15 15.58
P1 PX4 YA . 6.21 -12.22 15.87
O3 PX4 YA . 6.76 -13.70 15.60
C1 PX4 YA . 8.18 -13.65 15.69
C2 PX4 YA . 8.60 -13.80 17.16
N1 PX4 YA . 10.06 -13.86 17.35
C3 PX4 YA . 10.33 -13.95 18.80
C4 PX4 YA . 10.67 -15.01 16.67
C5 PX4 YA . 10.76 -12.63 16.98
O4 PX4 YA . 5.79 -12.50 17.39
C6 PX4 YA . 5.18 -11.24 17.65
C7 PX4 YA . 5.40 -10.62 19.02
C8 PX4 YA . 5.07 -11.68 20.08
O5 PX4 YA . 4.93 -11.20 21.41
C9 PX4 YA . 4.34 -12.01 22.34
O6 PX4 YA . 3.93 -13.14 22.08
C10 PX4 YA . 4.17 -11.34 23.71
C11 PX4 YA . 5.54 -11.09 24.36
C12 PX4 YA . 5.51 -10.18 25.59
C13 PX4 YA . 4.51 -10.82 26.55
C14 PX4 YA . 4.58 -10.17 27.94
C15 PX4 YA . 3.79 -10.92 29.00
C16 PX4 YA . 3.26 -10.12 30.19
C17 PX4 YA . 2.54 -11.12 31.11
C18 PX4 YA . 1.85 -10.33 32.23
C19 PX4 YA . 0.89 -11.24 32.99
C20 PX4 YA . 0.45 -10.69 34.34
C21 PX4 YA . -0.55 -11.57 35.07
C22 PX4 YA . -1.13 -11.14 36.42
O7 PX4 YA . 6.73 -10.09 19.13
C23 PX4 YA . 6.93 -8.75 19.28
O8 PX4 YA . 6.13 -8.02 18.72
C24 PX4 YA . 8.30 -8.32 19.81
C25 PX4 YA . 8.32 -8.34 21.33
C26 PX4 YA . 9.67 -8.00 21.99
C27 PX4 YA . 9.61 -7.82 23.51
C28 PX4 YA . 10.71 -6.96 24.13
C29 PX4 YA . 10.37 -6.77 25.60
C30 PX4 YA . 10.42 -8.06 26.44
C31 PX4 YA . 9.68 -8.01 27.76
C32 PX4 YA . 9.25 -9.40 28.24
C33 PX4 YA . 8.40 -9.28 29.51
C34 PX4 YA . 7.94 -10.61 30.10
C35 PX4 YA . 7.16 -10.03 31.28
C36 PX4 YA . 6.68 -11.14 32.23
O1 PX4 ZA . 14.46 -23.99 20.14
O2 PX4 ZA . 13.31 -22.41 18.42
P1 PX4 ZA . 13.97 -22.66 19.72
O3 PX4 ZA . 15.15 -21.57 19.63
C1 PX4 ZA . 15.99 -22.14 18.62
C2 PX4 ZA . 17.36 -21.45 18.48
N1 PX4 ZA . 17.34 -20.02 18.16
C3 PX4 ZA . 16.82 -19.16 19.23
C4 PX4 ZA . 18.73 -19.55 18.02
C5 PX4 ZA . 16.66 -19.73 16.88
O4 PX4 ZA . 13.24 -22.05 21.02
C6 PX4 ZA . 14.15 -21.67 22.05
C7 PX4 ZA . 13.51 -21.02 23.28
C8 PX4 ZA . 13.01 -22.21 24.13
O5 PX4 ZA . 14.00 -23.10 24.66
C9 PX4 ZA . 13.56 -24.39 24.83
O6 PX4 ZA . 12.64 -24.87 24.19
C10 PX4 ZA . 14.65 -25.34 25.31
C11 PX4 ZA . 14.98 -25.47 26.80
C12 PX4 ZA . 13.62 -25.64 27.46
C13 PX4 ZA . 13.72 -25.95 28.95
C14 PX4 ZA . 14.04 -24.60 29.60
C15 PX4 ZA . 14.26 -24.80 31.09
C16 PX4 ZA . 13.04 -25.01 31.97
C17 PX4 ZA . 13.33 -25.37 33.44
C18 PX4 ZA . 14.26 -24.30 34.03
C19 PX4 ZA . 14.53 -24.41 35.53
C20 PX4 ZA . 15.42 -25.62 35.83
C21 PX4 ZA . 15.76 -25.65 37.32
C22 PX4 ZA . 16.49 -26.95 37.69
O7 PX4 ZA . 14.24 -20.08 24.07
C23 PX4 ZA . 14.58 -18.90 23.48
O8 PX4 ZA . 14.23 -18.60 22.33
C24 PX4 ZA . 14.92 -17.81 24.48
C25 PX4 ZA . 15.40 -16.53 23.77
C26 PX4 ZA . 15.25 -15.35 24.72
C27 PX4 ZA . 16.42 -15.26 25.71
C28 PX4 ZA . 16.07 -15.86 27.07
C29 PX4 ZA . 17.37 -16.05 27.86
C30 PX4 ZA . 17.02 -16.63 29.23
C31 PX4 ZA . 16.08 -15.73 30.04
C32 PX4 ZA . 15.95 -16.14 31.51
C33 PX4 ZA . 14.76 -15.50 32.24
C34 PX4 ZA . 14.66 -15.96 33.69
C35 PX4 ZA . 13.35 -15.39 34.22
C36 PX4 ZA . 13.16 -15.60 35.72
O1 PX4 AB . -34.13 9.22 15.41
O2 PX4 AB . -32.18 7.68 16.08
P1 PX4 AB . -33.38 8.46 16.44
O3 PX4 AB . -34.24 7.30 17.17
C1 PX4 AB . -34.71 6.27 16.31
C2 PX4 AB . -35.06 5.01 17.09
N1 PX4 AB . -33.89 4.29 17.64
C3 PX4 AB . -32.62 4.44 16.92
C4 PX4 AB . -33.70 4.55 19.08
C5 PX4 AB . -34.09 2.83 17.60
O4 PX4 AB . -33.10 9.48 17.66
C6 PX4 AB . -32.67 8.52 18.63
C7 PX4 AB . -32.38 9.15 20.01
C8 PX4 AB . -33.58 10.07 20.16
O5 PX4 AB . -33.52 10.89 21.34
C9 PX4 AB . -33.68 12.22 21.07
O6 PX4 AB . -33.62 12.60 19.89
C10 PX4 AB . -33.56 13.17 22.24
C11 PX4 AB . -33.92 12.78 23.67
C12 PX4 AB . -33.90 14.00 24.60
C13 PX4 AB . -34.17 13.42 26.00
C14 PX4 AB . -35.67 13.23 26.20
C15 PX4 AB . -36.51 14.48 25.90
C16 PX4 AB . -37.99 14.57 26.23
C17 PX4 AB . -38.17 14.12 27.68
C18 PX4 AB . -37.20 14.70 28.71
C19 PX4 AB . -37.50 14.10 30.08
C20 PX4 AB . -36.52 14.55 31.15
C21 PX4 AB . -35.14 13.91 30.95
C22 PX4 AB . -34.19 14.41 32.04
O7 PX4 AB . -32.14 8.14 21.00
C23 PX4 AB . -30.95 7.49 21.01
O8 PX4 AB . -30.36 7.23 19.95
C24 PX4 AB . -30.54 6.68 22.24
C25 PX4 AB . -31.52 6.75 23.41
C26 PX4 AB . -31.30 6.01 24.74
C27 PX4 AB . -32.30 6.58 25.73
C28 PX4 AB . -32.22 5.79 27.03
C29 PX4 AB . -33.28 6.39 27.97
C30 PX4 AB . -33.43 5.72 29.34
C31 PX4 AB . -33.78 4.23 29.27
C32 PX4 AB . -33.75 3.57 30.65
C33 PX4 AB . -34.02 2.06 30.69
C34 PX4 AB . -34.23 1.48 32.08
C35 PX4 AB . -33.08 1.92 32.99
C36 PX4 AB . -33.28 1.74 34.50
O1 PX4 BB . -15.09 15.97 17.57
O2 PX4 BB . -15.01 13.37 17.21
P1 PX4 BB . -15.52 14.58 17.87
O3 PX4 BB . -16.97 14.62 17.16
C1 PX4 BB . -18.09 14.19 17.94
C2 PX4 BB . -18.65 12.79 17.69
N1 PX4 BB . -19.81 12.73 16.77
C3 PX4 BB . -19.37 12.94 15.39
C4 PX4 BB . -20.35 11.36 16.89
C5 PX4 BB . -20.87 13.67 17.17
O4 PX4 BB . -15.94 14.38 19.41
C6 PX4 BB . -14.88 14.71 20.30
C7 PX4 BB . -15.10 14.49 21.80
C8 PX4 BB . -16.31 13.56 21.79
O5 PX4 BB . -17.39 14.18 22.50
C9 PX4 BB . -18.43 13.31 22.46
O6 PX4 BB . -18.26 12.19 21.98
C10 PX4 BB . -19.76 13.73 23.10
C11 PX4 BB . -19.73 13.62 24.63
C12 PX4 BB . -21.11 13.95 25.21
C13 PX4 BB . -21.10 13.99 26.75
C14 PX4 BB . -22.48 14.33 27.29
C15 PX4 BB . -22.56 14.11 28.80
C16 PX4 BB . -23.93 14.31 29.45
C17 PX4 BB . -23.89 13.99 30.95
C18 PX4 BB . -25.25 14.15 31.63
C19 PX4 BB . -25.15 13.88 33.13
C20 PX4 BB . -24.10 14.79 33.79
C21 PX4 BB . -24.14 14.59 35.32
C22 PX4 BB . -23.03 15.30 36.11
O7 PX4 BB . -14.01 13.72 22.34
C23 PX4 BB . -12.95 14.37 22.88
O8 PX4 BB . -12.96 15.61 22.88
C24 PX4 BB . -11.87 13.54 23.59
C25 PX4 BB . -10.63 13.62 22.70
C26 PX4 BB . -9.36 13.05 23.36
C27 PX4 BB . -9.67 11.59 23.68
C28 PX4 BB . -8.28 11.17 24.16
C29 PX4 BB . -7.83 11.94 25.40
C30 PX4 BB . -6.56 11.34 26.01
C31 PX4 BB . -5.95 12.12 27.19
C32 PX4 BB . -7.00 12.21 28.30
C33 PX4 BB . -7.73 10.97 28.82
C34 PX4 BB . -8.50 11.43 30.06
C35 PX4 BB . -7.61 11.79 31.25
C36 PX4 BB . -8.52 12.17 32.42
O1 PX4 CB . -4.27 13.48 17.13
O2 PX4 CB . -5.45 14.87 19.06
P1 PX4 CB . -4.33 14.57 18.13
O3 PX4 CB . -4.14 15.79 17.10
C1 PX4 CB . -5.30 16.58 17.32
C2 PX4 CB . -5.28 17.76 16.36
N1 PX4 CB . -5.71 17.54 14.98
C3 PX4 CB . -6.28 18.79 14.42
C4 PX4 CB . -4.53 17.21 14.16
C5 PX4 CB . -6.75 16.56 14.67
O4 PX4 CB . -2.96 14.60 18.96
C6 PX4 CB . -3.05 15.83 19.68
C7 PX4 CB . -2.75 15.65 21.17
C8 PX4 CB . -1.25 15.69 21.45
O5 PX4 CB . -0.92 14.65 22.37
C9 PX4 CB . -0.90 15.17 23.63
O6 PX4 CB . -0.96 16.36 23.89
C10 PX4 CB . -0.58 14.11 24.69
C11 PX4 CB . -1.89 13.64 25.33
C12 PX4 CB . -1.60 12.36 26.12
C13 PX4 CB . -0.69 12.81 27.27
C14 PX4 CB . -0.29 11.73 28.26
C15 PX4 CB . 0.66 10.71 27.64
C16 PX4 CB . 1.38 9.96 28.74
C17 PX4 CB . 2.54 9.03 28.35
C18 PX4 CB . 3.11 8.09 29.40
C19 PX4 CB . 2.07 7.10 29.91
C20 PX4 CB . 2.66 6.12 30.92
C21 PX4 CB . 1.53 5.17 31.29
C22 PX4 CB . 1.94 4.31 32.48
O7 PX4 CB . -3.54 16.38 22.13
C23 PX4 CB . -3.40 17.71 22.30
O8 PX4 CB . -2.84 18.39 21.44
C24 PX4 CB . -4.26 18.31 23.41
C25 PX4 CB . -3.84 17.89 24.82
C26 PX4 CB . -4.90 18.21 25.87
C27 PX4 CB . -6.21 17.52 25.51
C28 PX4 CB . -7.28 17.48 26.60
C29 PX4 CB . -8.51 16.72 26.10
C30 PX4 CB . -9.58 16.50 27.17
C31 PX4 CB . -10.78 15.79 26.54
C32 PX4 CB . -12.02 15.71 27.43
C33 PX4 CB . -13.34 15.62 26.66
C34 PX4 CB . -14.60 15.69 27.52
C35 PX4 CB . -15.92 15.55 26.73
C36 PX4 CB . -17.28 15.57 27.43
O1 PX4 DB . -6.49 -1.92 17.53
O2 PX4 DB . -9.01 -2.44 18.11
P1 PX4 DB . -7.80 -1.57 18.11
O3 PX4 DB . -8.07 0.00 17.81
C1 PX4 DB . -7.01 0.88 18.15
C2 PX4 DB . -7.33 2.38 18.27
N1 PX4 DB . -6.25 3.37 18.33
C3 PX4 DB . -6.82 4.44 19.16
C4 PX4 DB . -5.00 2.89 18.93
C5 PX4 DB . -5.91 4.05 17.08
O4 PX4 DB . -7.52 -1.24 19.66
C6 PX4 DB . -8.75 -0.83 20.28
C7 PX4 DB . -8.82 -0.45 21.75
C8 PX4 DB . -9.22 -1.70 22.55
O5 PX4 DB . -10.41 -1.45 23.31
C9 PX4 DB . -10.46 -1.83 24.62
O6 PX4 DB . -9.68 -2.61 25.18
C10 PX4 DB . -11.75 -1.44 25.36
C11 PX4 DB . -12.69 -2.58 25.78
C12 PX4 DB . -14.04 -2.07 26.27
C13 PX4 DB . -14.95 -2.99 27.09
C14 PX4 DB . -14.57 -2.75 28.56
C15 PX4 DB . -15.35 -3.74 29.45
C16 PX4 DB . -14.86 -3.56 30.88
C17 PX4 DB . -15.46 -4.53 31.91
C18 PX4 DB . -16.97 -4.31 31.98
C19 PX4 DB . -17.70 -5.34 32.85
C20 PX4 DB . -17.19 -5.48 34.28
C21 PX4 DB . -17.95 -6.51 35.12
C22 PX4 DB . -17.28 -6.79 36.46
O7 PX4 DB . -7.55 0.02 22.18
C23 PX4 DB . -7.33 1.35 22.03
O8 PX4 DB . -8.00 2.02 21.24
C24 PX4 DB . -5.98 1.90 22.53
C25 PX4 DB . -6.18 2.52 23.92
C26 PX4 DB . -4.80 2.95 24.44
C27 PX4 DB . -4.93 3.73 25.75
C28 PX4 DB . -3.52 4.02 26.26
C29 PX4 DB . -3.68 4.75 27.60
C30 PX4 DB . -4.53 3.86 28.52
C31 PX4 DB . -4.54 4.61 29.86
C32 PX4 DB . -5.32 3.80 30.89
C33 PX4 DB . -4.96 4.26 32.30
C34 PX4 DB . -5.75 3.57 33.42
C35 PX4 DB . -5.29 4.13 34.77
C36 PX4 DB . -6.01 3.48 35.95
O1 PX4 EB . -7.87 -4.99 21.51
O2 PX4 EB . -7.20 -6.27 19.47
P1 PX4 EB . -6.79 -5.43 20.62
O3 PX4 EB . -5.77 -6.19 21.58
C1 PX4 EB . -4.65 -6.73 20.88
C2 PX4 EB . -3.65 -7.49 21.77
N1 PX4 EB . -2.51 -6.74 22.29
C3 PX4 EB . -2.90 -5.84 23.39
C4 PX4 EB . -1.53 -7.61 22.96
C5 PX4 EB . -1.78 -6.02 21.23
O4 PX4 EB . -5.79 -4.18 20.32
C6 PX4 EB . -5.90 -3.43 21.53
C7 PX4 EB . -4.75 -2.46 21.81
C8 PX4 EB . -4.52 -1.60 20.56
O5 PX4 EB . -3.36 -2.02 19.84
C9 PX4 EB . -3.18 -1.37 18.65
O6 PX4 EB . -3.76 -0.32 18.31
C10 PX4 EB . -2.08 -1.90 17.74
C11 PX4 EB . -1.01 -0.84 17.93
C12 PX4 EB . 0.40 -1.31 17.55
C13 PX4 EB . 1.48 -0.23 17.74
C14 PX4 EB . 1.63 0.25 19.19
C15 PX4 EB . 2.88 1.11 19.35
C16 PX4 EB . 3.09 1.75 20.72
C17 PX4 EB . 3.46 0.64 21.72
C18 PX4 EB . 3.62 1.28 23.10
C19 PX4 EB . 3.89 0.36 24.30
C20 PX4 EB . 5.37 -0.02 24.26
C21 PX4 EB . 5.66 -0.81 25.54
C22 PX4 EB . 7.14 -1.17 25.41
O7 PX4 EB . -4.84 -1.64 22.98
C23 PX4 EB . -4.74 -2.16 24.23
O8 PX4 EB . -4.74 -3.37 24.52
C24 PX4 EB . -5.01 -1.15 25.34
C25 PX4 EB . -6.46 -1.09 25.80
C26 PX4 EB . -6.73 -0.75 27.27
C27 PX4 EB . -8.13 -0.72 27.90
C28 PX4 EB . -8.31 -1.03 29.39
C29 PX4 EB . -9.79 -1.02 29.79
C30 PX4 EB . -10.26 0.42 30.03
C31 PX4 EB . -11.66 0.46 30.64
C32 PX4 EB . -11.91 1.87 31.17
C33 PX4 EB . -11.48 1.97 32.64
C34 PX4 EB . -12.15 3.18 33.27
C35 PX4 EB . -11.31 4.41 32.95
C36 PX4 EB . -10.02 4.29 33.77
O1 PX4 FB . -23.59 12.24 14.96
O2 PX4 FB . -24.40 9.77 15.02
P1 PX4 FB . -24.65 11.22 15.14
O3 PX4 FB . -25.79 11.62 14.06
C1 PX4 FB . -26.65 10.49 13.99
C2 PX4 FB . -27.59 10.48 12.79
N1 PX4 FB . -28.44 9.35 12.38
C3 PX4 FB . -29.52 9.22 13.38
C4 PX4 FB . -29.00 9.78 11.09
C5 PX4 FB . -27.79 8.05 12.33
O4 PX4 FB . -25.35 11.46 16.56
C6 PX4 FB . -24.80 10.49 17.46
C7 PX4 FB . -24.61 11.11 18.86
C8 PX4 FB . -25.77 10.78 19.80
O5 PX4 FB . -26.02 11.71 20.86
C9 PX4 FB . -26.25 13.01 20.48
O6 PX4 FB . -26.65 13.40 19.40
C10 PX4 FB . -26.04 13.93 21.70
C11 PX4 FB . -27.38 14.08 22.43
C12 PX4 FB . -27.11 15.17 23.46
C13 PX4 FB . -26.17 14.53 24.48
C14 PX4 FB . -26.98 13.60 25.37
C15 PX4 FB . -26.78 13.53 26.88
C16 PX4 FB . -27.36 12.21 27.37
C17 PX4 FB . -27.11 12.10 28.89
C18 PX4 FB . -27.77 10.85 29.43
C19 PX4 FB . -27.42 10.71 30.91
C20 PX4 FB . -26.58 9.47 31.31
C21 PX4 FB . -26.64 9.39 32.84
C22 PX4 FB . -28.08 9.44 33.33
O7 PX4 FB . -23.32 10.68 19.28
C23 PX4 FB . -22.59 11.51 20.07
O8 PX4 FB . -22.43 12.66 19.69
C24 PX4 FB . -21.73 10.88 21.18
C25 PX4 FB . -22.50 10.96 22.49
C26 PX4 FB . -21.85 10.14 23.59
C27 PX4 FB . -22.32 10.51 25.01
C28 PX4 FB . -22.41 9.36 26.02
C29 PX4 FB . -22.65 9.98 27.39
C30 PX4 FB . -22.55 8.96 28.52
C31 PX4 FB . -22.56 9.59 29.91
C32 PX4 FB . -22.45 8.41 30.89
C33 PX4 FB . -22.53 8.93 32.33
C34 PX4 FB . -22.40 7.84 33.40
C35 PX4 FB . -22.37 8.53 34.76
C36 PX4 FB . -23.53 9.53 34.95
O1 PX4 GB . -29.13 10.61 16.37
O2 PX4 GB . -31.36 11.47 15.39
P1 PX4 GB . -30.09 11.70 16.12
O3 PX4 GB . -29.28 12.86 15.35
C1 PX4 GB . -28.24 13.32 16.20
C2 PX4 GB . -28.04 14.80 15.88
N1 PX4 GB . -26.92 15.57 16.44
C3 PX4 GB . -26.60 16.66 15.52
C4 PX4 GB . -27.20 16.29 17.69
C5 PX4 GB . -25.72 14.73 16.57
O4 PX4 GB . -30.41 12.44 17.52
C6 PX4 GB . -30.20 11.57 18.63
C7 PX4 GB . -30.05 12.33 19.96
C8 PX4 GB . -30.69 13.70 19.79
O5 PX4 GB . -29.94 14.90 20.01
C9 PX4 GB . -30.72 15.98 20.23
O6 PX4 GB . -31.95 15.91 20.29
C10 PX4 GB . -29.94 17.19 20.81
C11 PX4 GB . -30.53 17.51 22.18
C12 PX4 GB . -30.54 16.47 23.29
C13 PX4 GB . -31.03 16.90 24.66
C14 PX4 GB . -30.65 15.89 25.76
C15 PX4 GB . -31.11 16.18 27.19
C16 PX4 GB . -30.43 15.11 28.04
C17 PX4 GB . -30.80 15.34 29.52
C18 PX4 GB . -29.85 14.53 30.39
C19 PX4 GB . -30.24 14.53 31.86
C20 PX4 GB . -29.25 13.81 32.79
C21 PX4 GB . -29.56 14.15 34.23
C22 PX4 GB . -28.58 13.46 35.21
O7 PX4 GB . -30.50 11.68 21.14
C23 PX4 GB . -29.61 10.82 21.72
O8 PX4 GB . -28.84 10.19 21.00
C24 PX4 GB . -29.99 10.40 23.15
C25 PX4 GB . -29.34 11.15 24.31
C26 PX4 GB . -29.95 10.52 25.57
C27 PX4 GB . -31.47 10.53 25.64
C28 PX4 GB . -32.08 10.04 26.95
C29 PX4 GB . -31.48 10.77 28.15
C30 PX4 GB . -31.98 10.22 29.48
C31 PX4 GB . -31.32 11.07 30.56
C32 PX4 GB . -31.55 10.42 31.91
C33 PX4 GB . -32.11 11.33 33.00
C34 PX4 GB . -32.08 10.75 34.41
C35 PX4 GB . -32.43 11.78 35.48
C36 PX4 GB . -32.24 11.13 36.85
O1 PX4 HB . -9.23 30.81 16.27
O2 PX4 HB . -6.96 29.87 16.70
P1 PX4 HB . -8.30 30.19 17.24
O3 PX4 HB . -9.08 28.89 17.75
C1 PX4 HB . -9.22 27.82 16.81
C2 PX4 HB . -9.73 26.51 17.42
N1 PX4 HB . -11.12 26.50 17.90
C3 PX4 HB . -11.38 27.20 19.16
C4 PX4 HB . -12.09 26.90 16.87
C5 PX4 HB . -11.39 25.09 18.27
O4 PX4 HB . -8.21 31.04 18.61
C6 PX4 HB . -9.58 31.37 18.88
C7 PX4 HB . -9.87 31.45 20.37
C8 PX4 HB . -8.73 32.34 20.91
O5 PX4 HB . -8.36 32.09 22.28
C9 PX4 HB . -7.39 32.88 22.81
O6 PX4 HB . -6.84 33.77 22.16
C10 PX4 HB . -6.96 32.63 24.26
C11 PX4 HB . -6.02 31.42 24.13
C12 PX4 HB . -5.35 30.95 25.43
C13 PX4 HB . -6.21 30.42 26.57
C14 PX4 HB . -5.43 30.16 27.87
C15 PX4 HB . -6.40 29.35 28.72
C16 PX4 HB . -7.67 30.16 28.96
C17 PX4 HB . -8.59 29.54 30.01
C18 PX4 HB . -8.95 28.09 29.64
C19 PX4 HB . -9.78 27.40 30.72
C20 PX4 HB . -9.93 25.90 30.40
C21 PX4 HB . -10.87 25.30 31.44
C22 PX4 HB . -10.89 23.79 31.16
O7 PX4 HB . -11.15 31.93 20.81
C23 PX4 HB . -12.16 31.01 20.78
O8 PX4 HB . -12.25 30.06 20.02
C24 PX4 HB . -13.37 31.26 21.70
C25 PX4 HB . -13.63 32.77 21.76
C26 PX4 HB . -15.08 33.10 21.43
C27 PX4 HB . -15.36 34.60 21.52
C28 PX4 HB . -15.09 34.98 22.97
C29 PX4 HB . -15.42 36.43 23.27
C30 PX4 HB . -15.10 36.65 24.74
C31 PX4 HB . -15.40 38.09 25.17
C32 PX4 HB . -15.08 38.23 26.66
C33 PX4 HB . -13.61 37.84 26.88
C34 PX4 HB . -13.33 37.74 28.38
C35 PX4 HB . -14.29 36.68 28.92
C36 PX4 HB . -13.97 36.52 30.40
O1 PX4 IB . -8.38 23.64 17.85
O2 PX4 IB . -6.59 25.53 17.91
P1 PX4 IB . -7.05 24.15 18.23
O3 PX4 IB . -5.95 23.20 17.52
C1 PX4 IB . -5.83 23.86 16.25
C2 PX4 IB . -4.53 23.50 15.54
N1 PX4 IB . -3.33 24.04 16.19
C3 PX4 IB . -2.87 22.99 17.13
C4 PX4 IB . -2.23 24.28 15.24
C5 PX4 IB . -3.53 25.32 16.88
O4 PX4 IB . -6.82 23.87 19.81
C6 PX4 IB . -7.59 22.70 20.10
C7 PX4 IB . -7.72 22.39 21.59
C8 PX4 IB . -7.10 23.55 22.37
O5 PX4 IB . -6.83 23.29 23.76
C9 PX4 IB . -5.69 22.63 24.08
O6 PX4 IB . -4.70 22.48 23.36
C10 PX4 IB . -5.74 22.10 25.52
C11 PX4 IB . -4.50 22.48 26.33
C12 PX4 IB . -4.49 21.76 27.68
C13 PX4 IB . -3.13 22.00 28.34
C14 PX4 IB . -2.04 21.38 27.48
C15 PX4 IB . -0.67 22.03 27.76
C16 PX4 IB . -0.84 23.52 27.45
C17 PX4 IB . 0.53 24.19 27.34
C18 PX4 IB . 0.62 25.65 26.87
C19 PX4 IB . 2.03 26.24 26.91
C20 PX4 IB . 1.95 27.55 26.14
C21 PX4 IB . 3.36 27.99 25.73
C22 PX4 IB . 4.36 27.87 26.87
O7 PX4 IB . -9.02 22.05 22.09
C23 PX4 IB . -9.37 20.79 22.45
O8 PX4 IB . -8.77 19.91 21.86
C24 PX4 IB . -10.60 20.66 23.35
C25 PX4 IB . -10.38 19.55 24.39
C26 PX4 IB . -11.67 19.00 25.02
C27 PX4 IB . -12.50 20.16 25.54
C28 PX4 IB . -13.75 19.62 26.24
C29 PX4 IB . -14.54 20.78 26.84
C30 PX4 IB . -14.45 20.89 28.36
C31 PX4 IB . -15.00 19.61 28.99
C32 PX4 IB . -15.47 19.67 30.45
C33 PX4 IB . -15.91 18.28 30.89
C34 PX4 IB . -16.06 18.32 32.42
C35 PX4 IB . -16.61 16.94 32.76
C36 PX4 IB . -17.96 16.92 32.02
O1 PX4 JB . 12.01 10.63 19.27
O2 PX4 JB . 11.53 13.14 18.54
P1 PX4 JB . 11.43 11.98 19.47
O3 PX4 JB . 12.57 12.58 20.42
C1 PX4 JB . 13.88 12.83 19.87
C2 PX4 JB . 15.01 12.89 20.90
N1 PX4 JB . 16.36 13.20 20.43
C3 PX4 JB . 16.95 12.50 19.28
C4 PX4 JB . 16.40 14.64 20.15
C5 PX4 JB . 17.29 13.03 21.54
O4 PX4 JB . 10.19 12.16 20.47
C6 PX4 JB . 10.54 11.63 21.75
C7 PX4 JB . 9.61 12.08 22.87
C8 PX4 JB . 8.66 10.90 23.07
O5 PX4 JB . 9.27 9.62 22.94
C9 PX4 JB . 8.42 8.59 22.70
O6 PX4 JB . 7.26 8.80 22.35
C10 PX4 JB . 9.08 7.22 22.86
C11 PX4 JB . 9.35 6.77 24.28
C12 PX4 JB . 9.47 5.27 24.53
C13 PX4 JB . 9.72 4.96 26.01
C14 PX4 JB . 9.90 3.48 26.37
C15 PX4 JB . 9.58 3.27 27.85
C16 PX4 JB . 10.13 1.97 28.44
C17 PX4 JB . 9.79 1.84 29.93
C18 PX4 JB . 10.39 3.03 30.68
C19 PX4 JB . 9.90 2.75 32.11
C20 PX4 JB . 10.41 1.33 32.41
C21 PX4 JB . 9.91 0.91 33.79
C22 PX4 JB . 10.06 -0.57 34.17
O7 PX4 JB . 10.17 12.53 24.13
C23 PX4 JB . 9.58 13.42 24.97
O8 PX4 JB . 8.60 14.06 24.59
C24 PX4 JB . 10.18 13.49 26.36
C25 PX4 JB . 9.58 14.55 27.30
C26 PX4 JB . 10.32 14.69 28.63
C27 PX4 JB . 9.80 15.80 29.55
C28 PX4 JB . 10.43 15.77 30.93
C29 PX4 JB . 11.93 15.94 30.69
C30 PX4 JB . 12.86 15.81 31.92
C31 PX4 JB . 14.33 15.89 31.56
C32 PX4 JB . 15.35 15.81 32.69
C33 PX4 JB . 16.76 15.64 32.15
C34 PX4 JB . 17.76 15.45 33.30
C35 PX4 JB . 17.48 14.31 34.29
C36 PX4 JB . 18.49 14.39 35.42
O1 PX4 KB . -0.77 10.52 16.95
O2 PX4 KB . -1.59 10.37 14.54
P1 PX4 KB . -1.36 9.72 15.85
O3 PX4 KB . -2.90 9.41 16.23
C1 PX4 KB . -3.68 10.56 16.48
C2 PX4 KB . -5.17 10.28 16.37
N1 PX4 KB . -5.72 9.64 15.16
C3 PX4 KB . -5.24 10.16 13.87
C4 PX4 KB . -5.47 8.18 15.17
C5 PX4 KB . -7.15 9.92 15.18
O4 PX4 KB . -0.62 8.30 15.91
C6 PX4 KB . -1.38 7.38 16.71
C7 PX4 KB . -1.19 7.25 18.22
C8 PX4 KB . 0.23 7.77 18.46
O5 PX4 KB . 1.16 6.70 18.71
C9 PX4 KB . 2.42 7.02 19.07
O6 PX4 KB . 2.86 8.17 19.01
C10 PX4 KB . 3.30 5.81 19.43
C11 PX4 KB . 3.25 5.66 20.96
C12 PX4 KB . 4.51 6.09 21.72
C13 PX4 KB . 4.30 5.71 23.18
C14 PX4 KB . 5.64 6.09 23.87
C15 PX4 KB . 5.58 6.10 25.40
C16 PX4 KB . 5.07 4.75 25.89
C17 PX4 KB . 5.47 4.63 27.35
C18 PX4 KB . 5.27 3.24 27.94
C19 PX4 KB . 5.55 3.18 29.44
C20 PX4 KB . 5.53 1.79 30.10
C21 PX4 KB . 5.21 1.97 31.59
C22 PX4 KB . 6.36 2.50 32.47
O7 PX4 KB . -2.31 7.68 19.00
C23 PX4 KB . -3.44 6.93 18.98
O8 PX4 KB . -3.54 5.98 18.20
C24 PX4 KB . -4.64 7.25 19.89
C25 PX4 KB . -4.22 6.84 21.30
C26 PX4 KB . -5.08 7.62 22.30
C27 PX4 KB . -4.77 7.17 23.73
C28 PX4 KB . -5.70 7.93 24.67
C29 PX4 KB . -5.49 7.68 26.17
C30 PX4 KB . -4.36 8.47 26.82
C31 PX4 KB . -4.33 8.27 28.35
C32 PX4 KB . -2.98 8.55 29.02
C33 PX4 KB . -3.09 8.60 30.55
C34 PX4 KB . -1.67 8.45 31.13
C35 PX4 KB . -1.63 8.33 32.66
C36 PX4 KB . -0.20 8.45 33.19
O1 PX4 LB . 13.07 -8.23 20.65
O2 PX4 LB . 13.67 -5.72 20.79
P1 PX4 LB . 13.99 -7.14 21.04
O3 PX4 LB . 15.26 -7.51 20.14
C1 PX4 LB . 14.99 -7.54 18.74
C2 PX4 LB . 16.05 -8.13 17.81
N1 PX4 LB . 16.41 -9.57 17.74
C3 PX4 LB . 17.06 -10.15 18.92
C4 PX4 LB . 15.19 -10.30 17.37
C5 PX4 LB . 17.37 -9.80 16.65
O4 PX4 LB . 14.75 -7.40 22.43
C6 PX4 LB . 15.07 -8.80 22.45
C7 PX4 LB . 15.71 -9.17 23.79
C8 PX4 LB . 16.52 -7.95 24.26
O5 PX4 LB . 17.64 -8.33 25.06
C9 PX4 LB . 18.23 -7.27 25.68
O6 PX4 LB . 18.23 -6.21 25.06
C10 PX4 LB . 19.09 -7.51 26.91
C11 PX4 LB . 20.01 -8.69 26.58
C12 PX4 LB . 20.89 -8.97 27.81
C13 PX4 LB . 21.74 -7.74 28.13
C14 PX4 LB . 22.65 -7.71 29.36
C15 PX4 LB . 23.49 -6.41 29.43
C16 PX4 LB . 24.38 -6.64 30.66
C17 PX4 LB . 25.49 -7.64 30.29
C18 PX4 LB . 26.56 -7.83 31.34
C19 PX4 LB . 27.34 -9.08 30.97
C20 PX4 LB . 27.85 -9.83 32.21
C21 PX4 LB . 28.36 -11.23 31.87
C22 PX4 LB . 27.27 -12.02 31.14
O7 PX4 LB . 14.86 -9.70 24.82
C23 PX4 LB . 14.38 -10.95 24.61
O8 PX4 LB . 14.57 -11.55 23.54
C24 PX4 LB . 13.68 -11.53 25.83
C25 PX4 LB . 12.48 -12.41 25.44
C26 PX4 LB . 11.46 -11.47 24.79
C27 PX4 LB . 10.29 -12.36 24.36
C28 PX4 LB . 9.57 -12.77 25.63
C29 PX4 LB . 8.17 -13.27 25.27
C30 PX4 LB . 7.69 -14.22 26.37
C31 PX4 LB . 7.53 -13.59 27.75
C32 PX4 LB . 6.65 -14.52 28.58
C33 PX4 LB . 6.71 -14.11 30.07
C34 PX4 LB . 6.10 -15.33 30.76
C35 PX4 LB . 6.44 -15.37 32.26
C36 PX4 LB . 5.91 -16.61 32.98
O1 PX4 MB . 21.29 3.05 21.11
O2 PX4 MB . 20.00 2.50 18.92
P1 PX4 MB . 20.16 3.25 20.19
O3 PX4 MB . 20.53 4.73 19.69
C1 PX4 MB . 19.36 5.12 18.98
C2 PX4 MB . 19.54 5.82 17.64
N1 PX4 MB . 18.38 5.87 16.72
C3 PX4 MB . 17.52 4.68 16.63
C4 PX4 MB . 17.64 7.11 16.94
C5 PX4 MB . 18.87 6.16 15.36
O4 PX4 MB . 18.77 3.61 20.91
C6 PX4 MB . 18.32 2.71 21.94
C7 PX4 MB . 16.95 3.02 22.53
C8 PX4 MB . 16.30 1.64 22.66
O5 PX4 MB . 17.07 0.72 23.42
C9 PX4 MB . 16.33 -0.33 23.91
O6 PX4 MB . 15.20 -0.56 23.52
C10 PX4 MB . 17.11 -1.38 24.71
C11 PX4 MB . 17.26 -0.98 26.18
C12 PX4 MB . 18.01 -2.06 26.98
C13 PX4 MB . 17.84 -2.01 28.50
C14 PX4 MB . 18.92 -2.96 29.01
C15 PX4 MB . 18.61 -3.36 30.45
C16 PX4 MB . 19.71 -4.35 30.86
C17 PX4 MB . 19.53 -4.75 32.33
C18 PX4 MB . 20.37 -5.99 32.61
C19 PX4 MB . 20.09 -6.47 34.03
C20 PX4 MB . 20.95 -7.74 34.19
C21 PX4 MB . 22.43 -7.67 33.85
C22 PX4 MB . 22.91 -9.12 33.97
O7 PX4 MB . 16.96 3.77 23.75
C23 PX4 MB . 17.12 5.11 23.74
O8 PX4 MB . 17.22 5.69 22.66
C24 PX4 MB . 17.29 5.83 25.07
C25 PX4 MB . 16.25 5.38 26.10
C26 PX4 MB . 16.38 6.26 27.35
C27 PX4 MB . 16.01 5.44 28.59
C28 PX4 MB . 16.13 6.43 29.74
C29 PX4 MB . 15.74 5.77 31.06
C30 PX4 MB . 15.88 6.77 32.20
C31 PX4 MB . 15.65 6.05 33.54
C32 PX4 MB . 15.80 6.93 34.78
C33 PX4 MB . 15.90 5.96 35.96
C34 PX4 MB . 16.49 6.78 37.10
C35 PX4 MB . 15.61 7.98 37.41
C36 PX4 MB . 14.23 7.44 37.79
O1 PX4 NB . -18.20 17.30 21.06
O2 PX4 NB . -20.22 16.13 19.96
P1 PX4 NB . -19.50 17.35 20.37
O3 PX4 NB . -19.46 18.19 18.99
C1 PX4 NB . -18.72 19.38 19.32
C2 PX4 NB . -18.20 19.97 18.01
N1 PX4 NB . -17.92 21.41 17.94
C3 PX4 NB . -18.96 22.30 18.45
C4 PX4 NB . -16.70 21.77 18.67
C5 PX4 NB . -17.65 21.71 16.52
O4 PX4 NB . -20.61 18.35 20.97
C6 PX4 NB . -21.23 17.60 22.00
C7 PX4 NB . -22.38 18.36 22.67
C8 PX4 NB . -23.65 17.95 21.92
O5 PX4 NB . -24.50 19.02 21.48
C9 PX4 NB . -25.62 18.65 20.81
O6 PX4 NB . -25.83 17.56 20.25
C10 PX4 NB . -26.74 19.70 20.90
C11 PX4 NB . -27.35 19.66 22.30
C12 PX4 NB . -28.46 20.72 22.34
C13 PX4 NB . -29.34 20.65 23.60
C14 PX4 NB . -30.47 21.67 23.66
C15 PX4 NB . -31.23 21.60 24.99
C16 PX4 NB . -32.49 22.46 25.01
C17 PX4 NB . -33.18 22.63 26.38
C18 PX4 NB . -34.28 23.66 26.12
C19 PX4 NB . -34.58 24.32 27.46
C20 PX4 NB . -35.97 24.94 27.56
C21 PX4 NB . -36.15 26.25 26.78
C22 PX4 NB . -37.65 26.49 26.97
O7 PX4 NB . -22.47 18.17 24.09
C23 PX4 NB . -23.04 19.21 24.76
O8 PX4 NB . -23.04 20.37 24.35
C24 PX4 NB . -23.35 18.70 26.17
C25 PX4 NB . -24.87 18.56 26.27
C26 PX4 NB . -25.17 18.17 27.72
C27 PX4 NB . -26.65 18.05 28.09
C28 PX4 NB . -26.90 18.28 29.57
C29 PX4 NB . -28.37 18.19 29.99
C30 PX4 NB . -28.61 18.56 31.45
C31 PX4 NB . -27.78 17.79 32.47
C32 PX4 NB . -27.91 18.45 33.85
C33 PX4 NB . -27.04 17.86 34.95
C34 PX4 NB . -27.52 18.27 36.35
C35 PX4 NB . -26.72 17.59 37.46
C36 PX4 NB . -27.21 16.15 37.61
O1 PX4 OB . -19.07 26.23 22.25
O2 PX4 OB . -18.88 26.28 19.64
P1 PX4 OB . -18.65 25.64 20.95
O3 PX4 OB . -19.63 24.37 20.84
C1 PX4 OB . -20.96 24.87 20.80
C2 PX4 OB . -22.02 23.77 20.65
N1 PX4 OB . -22.17 22.74 21.68
C3 PX4 OB . -21.25 21.62 21.45
C4 PX4 OB . -22.05 23.30 23.04
C5 PX4 OB . -23.53 22.21 21.55
O4 PX4 OB . -17.10 25.22 21.04
C6 PX4 OB . -17.08 24.42 22.22
C7 PX4 OB . -15.96 23.39 22.15
C8 PX4 OB . -14.74 24.21 22.56
O5 PX4 OB . -14.48 24.26 23.97
C9 PX4 OB . -13.23 24.22 24.49
O6 PX4 OB . -12.28 24.27 23.71
C10 PX4 OB . -13.14 24.14 26.02
C11 PX4 OB . -13.58 25.54 26.45
C12 PX4 OB . -13.86 25.50 27.95
C13 PX4 OB . -14.09 26.96 28.36
C14 PX4 OB . -14.22 27.01 29.88
C15 PX4 OB . -14.67 28.36 30.41
C16 PX4 OB . -13.46 28.93 31.12
C17 PX4 OB . -13.68 30.35 31.67
C18 PX4 OB . -12.38 30.54 32.45
C19 PX4 OB . -11.98 29.39 33.37
C20 PX4 OB . -10.55 29.58 33.86
C21 PX4 OB . -10.15 28.27 34.55
C22 PX4 OB . -8.71 28.48 34.98
O7 PX4 OB . -16.12 22.17 22.89
C23 PX4 OB . -17.06 21.27 22.52
O8 PX4 OB . -17.85 21.52 21.62
C24 PX4 OB . -17.34 20.17 23.55
C25 PX4 OB . -18.60 20.46 24.36
C26 PX4 OB . -18.44 19.47 25.54
C27 PX4 OB . -19.54 19.81 26.55
C28 PX4 OB . -19.56 18.86 27.74
C29 PX4 OB . -20.70 19.12 28.72
C30 PX4 OB . -21.04 17.91 29.59
C31 PX4 OB . -22.12 18.20 30.62
C32 PX4 OB . -21.81 19.38 31.55
C33 PX4 OB . -22.92 19.62 32.57
C34 PX4 OB . -22.41 20.74 33.48
C35 PX4 OB . -23.56 21.20 34.38
C36 PX4 OB . -23.73 20.00 35.32
O1 PX4 PB . 2.71 25.43 46.14
O2 PX4 PB . 0.32 24.54 46.27
P1 PX4 PB . 1.68 24.47 45.69
O3 PX4 PB . 2.30 22.99 45.66
C1 PX4 PB . 3.54 22.77 44.98
C2 PX4 PB . 4.10 21.38 45.29
N1 PX4 PB . 3.36 20.15 44.97
C3 PX4 PB . 2.42 19.77 46.05
C4 PX4 PB . 2.60 20.29 43.73
C5 PX4 PB . 4.27 19.02 44.69
O4 PX4 PB . 1.45 24.56 44.09
C6 PX4 PB . 0.97 25.81 43.60
C7 PX4 PB . 1.07 25.95 42.09
C8 PX4 PB . 1.99 24.80 41.68
O5 PX4 PB . 3.28 25.21 41.27
C9 PX4 PB . 4.08 24.13 41.06
O6 PX4 PB . 3.89 23.13 41.78
C10 PX4 PB . 5.48 24.58 40.67
C11 PX4 PB . 5.51 24.89 39.19
C12 PX4 PB . 6.99 24.99 38.86
C13 PX4 PB . 7.14 25.35 37.38
C14 PX4 PB . 6.61 26.75 37.07
C15 PX4 PB . 6.70 27.05 35.57
C16 PX4 PB . 6.34 28.50 35.22
C17 PX4 PB . 7.13 29.56 36.01
C18 PX4 PB . 6.25 30.80 36.01
C19 PX4 PB . 6.08 31.22 34.54
C20 PX4 PB . 5.66 32.68 34.34
C21 PX4 PB . 5.57 33.21 32.92
C22 PX4 PB . 5.06 34.65 32.84
O7 PX4 PB . -0.21 25.88 41.46
C23 PX4 PB . -1.30 26.61 41.82
O8 PX4 PB . -1.39 27.57 42.57
C24 PX4 PB . -2.54 26.23 41.02
C25 PX4 PB . -3.47 25.58 42.05
C26 PX4 PB . -4.49 25.09 41.03
C27 PX4 PB . -3.63 24.31 40.03
C28 PX4 PB . -4.50 23.98 38.81
C29 PX4 PB . -3.57 23.44 37.72
C30 PX4 PB . -2.53 24.51 37.33
C31 PX4 PB . -2.23 24.29 35.85
C32 PX4 PB . -1.03 25.12 35.41
C33 PX4 PB . -0.72 24.80 33.94
C34 PX4 PB . 0.30 25.77 33.37
C35 PX4 PB . 0.53 25.65 31.85
C36 PX4 PB . 1.15 24.28 31.58
O1 PX4 QB . 20.62 20.47 47.27
O2 PX4 QB . 18.28 21.45 47.50
P1 PX4 QB . 19.33 20.87 46.64
O3 PX4 QB . 18.79 19.45 46.15
C1 PX4 QB . 19.89 18.59 45.85
C2 PX4 QB . 19.78 17.35 44.96
N1 PX4 QB . 19.52 17.42 43.51
C3 PX4 QB . 20.60 18.12 42.80
C4 PX4 QB . 19.55 16.04 42.98
C5 PX4 QB . 18.21 18.03 43.34
O4 PX4 QB . 19.50 21.39 45.14
C6 PX4 QB . 18.18 21.82 44.80
C7 PX4 QB . 17.93 22.08 43.31
C8 PX4 QB . 19.28 22.46 42.72
O5 PX4 QB . 20.06 21.48 42.02
C9 PX4 QB . 21.28 21.97 41.67
O6 PX4 QB . 21.76 22.94 42.28
C10 PX4 QB . 22.21 21.17 40.75
C11 PX4 QB . 21.57 20.92 39.39
C12 PX4 QB . 22.44 20.09 38.45
C13 PX4 QB . 21.75 20.05 37.08
C14 PX4 QB . 22.76 19.62 36.03
C15 PX4 QB . 22.05 19.65 34.67
C16 PX4 QB . 20.98 18.55 34.62
C17 PX4 QB . 20.04 18.66 33.42
C18 PX4 QB . 20.92 18.60 32.18
C19 PX4 QB . 20.17 18.90 30.87
C20 PX4 QB . 21.02 18.70 29.62
C21 PX4 QB . 20.35 19.16 28.32
C22 PX4 QB . 21.23 18.91 27.09
O7 PX4 QB . 17.27 21.03 42.62
C23 PX4 QB . 15.96 21.30 42.34
O8 PX4 QB . 15.32 22.04 43.09
C24 PX4 QB . 15.26 20.21 41.54
C25 PX4 QB . 14.45 20.90 40.43
C26 PX4 QB . 14.18 19.98 39.24
C27 PX4 QB . 13.33 18.85 39.81
C28 PX4 QB . 12.14 18.45 38.94
C29 PX4 QB . 11.48 17.11 39.27
C30 PX4 QB . 10.14 16.91 38.54
C31 PX4 QB . 9.29 18.16 38.72
C32 PX4 QB . 8.02 18.32 37.88
C33 PX4 QB . 7.38 19.68 38.16
C34 PX4 QB . 6.07 20.03 37.46
C35 PX4 QB . 4.93 19.24 38.12
C36 PX4 QB . 4.92 19.73 39.57
O1 PX4 RB . 14.57 14.85 46.06
O2 PX4 RB . 17.21 14.64 46.00
P1 PX4 RB . 15.93 15.26 45.64
O3 PX4 RB . 16.14 16.83 45.96
C1 PX4 RB . 16.33 16.86 47.38
C2 PX4 RB . 16.20 18.30 47.88
N1 PX4 RB . 16.36 18.62 49.30
C3 PX4 RB . 17.70 18.27 49.83
C4 PX4 RB . 16.27 20.07 49.51
C5 PX4 RB . 15.35 18.10 50.23
O4 PX4 RB . 15.83 15.26 44.03
C6 PX4 RB . 14.50 15.70 43.70
C7 PX4 RB . 14.13 15.62 42.22
C8 PX4 RB . 15.44 15.33 41.48
O5 PX4 RB . 15.95 16.38 40.64
C9 PX4 RB . 17.10 16.10 39.97
O6 PX4 RB . 17.70 15.02 40.09
C10 PX4 RB . 17.41 17.06 38.83
C11 PX4 RB . 17.95 18.42 39.32
C12 PX4 RB . 18.25 19.22 38.06
C13 PX4 RB . 17.00 19.27 37.18
C14 PX4 RB . 17.25 20.00 35.85
C15 PX4 RB . 15.96 20.06 35.00
C16 PX4 RB . 15.85 21.16 33.95
C17 PX4 RB . 14.59 21.05 33.07
C18 PX4 RB . 13.32 21.28 33.87
C19 PX4 RB . 12.18 20.40 33.37
C20 PX4 RB . 11.09 20.62 34.41
C21 PX4 RB . 9.98 19.57 34.25
C22 PX4 RB . 10.49 18.13 34.39
O7 PX4 RB . 13.10 14.66 41.96
C23 PX4 RB . 11.93 14.85 42.63
O8 PX4 RB . 11.69 15.90 43.22
C24 PX4 RB . 10.90 13.72 42.71
C25 PX4 RB . 11.41 12.50 41.95
C26 PX4 RB . 11.00 12.46 40.48
C27 PX4 RB . 11.25 11.11 39.82
C28 PX4 RB . 10.66 11.16 38.41
C29 PX4 RB . 11.15 9.96 37.60
C30 PX4 RB . 10.39 9.94 36.29
C31 PX4 RB . 10.94 8.81 35.39
C32 PX4 RB . 10.83 7.38 35.92
C33 PX4 RB . 11.45 6.52 34.81
C34 PX4 RB . 11.42 5.03 35.18
C35 PX4 RB . 12.20 4.83 36.46
C36 PX4 RB . 12.12 3.32 36.68
O1 PX4 SB . -22.92 26.87 56.67
O2 PX4 SB . -25.38 26.38 56.04
P1 PX4 SB . -23.94 26.08 55.93
O3 PX4 SB . -23.77 24.56 56.44
C1 PX4 SB . -23.39 24.45 57.81
C2 PX4 SB . -23.48 23.06 58.44
N1 PX4 SB . -24.59 22.15 58.14
C3 PX4 SB . -24.45 21.53 56.81
C4 PX4 SB . -24.53 20.99 59.04
C5 PX4 SB . -25.91 22.81 58.23
O4 PX4 SB . -23.57 25.92 54.38
C6 PX4 SB . -24.30 24.76 53.93
C7 PX4 SB . -24.29 24.46 52.43
C8 PX4 SB . -23.28 25.48 51.89
O5 PX4 SB . -23.73 26.42 50.92
C9 PX4 SB . -22.85 27.06 50.10
O6 PX4 SB . -21.79 27.50 50.56
C10 PX4 SB . -23.41 27.51 48.76
C11 PX4 SB . -24.62 26.81 48.12
C12 PX4 SB . -24.32 25.35 47.75
C13 PX4 SB . -25.44 24.78 46.87
C14 PX4 SB . -24.98 23.40 46.38
C15 PX4 SB . -23.63 23.33 45.66
C16 PX4 SB . -23.47 21.92 45.06
C17 PX4 SB . -22.20 21.97 44.21
C18 PX4 SB . -22.19 20.72 43.34
C19 PX4 SB . -20.82 20.57 42.63
C20 PX4 SB . -19.63 20.64 43.61
C21 PX4 SB . -18.44 19.80 43.13
C22 PX4 SB . -17.29 19.90 44.13
O7 PX4 SB . -23.97 23.12 52.05
C23 PX4 SB . -24.79 22.50 51.15
O8 PX4 SB . -25.81 23.08 50.77
C24 PX4 SB . -24.37 21.14 50.58
C25 PX4 SB . -25.11 20.50 49.41
C26 PX4 SB . -24.61 19.09 49.06
C27 PX4 SB . -25.30 18.81 47.73
C28 PX4 SB . -24.93 17.41 47.23
C29 PX4 SB . -25.42 17.15 45.81
C30 PX4 SB . -25.15 15.72 45.35
C31 PX4 SB . -25.73 15.41 43.97
C32 PX4 SB . -25.85 13.90 43.87
C33 PX4 SB . -26.15 13.52 42.42
C34 PX4 SB . -26.10 11.99 42.36
C35 PX4 SB . -24.77 11.30 42.62
C36 PX4 SB . -25.06 9.82 42.82
O1 PX4 TB . 37.46 12.46 49.23
O2 PX4 TB . 40.04 12.73 49.68
P1 PX4 TB . 38.82 12.87 48.85
O3 PX4 TB . 38.71 14.43 48.45
C1 PX4 TB . 39.91 15.03 48.94
C2 PX4 TB . 39.73 16.56 48.91
N1 PX4 TB . 39.44 17.29 47.67
C3 PX4 TB . 39.54 18.70 48.06
C4 PX4 TB . 40.46 17.05 46.64
C5 PX4 TB . 38.20 16.99 46.96
O4 PX4 TB . 39.18 12.37 47.37
C6 PX4 TB . 38.00 12.69 46.63
C7 PX4 TB . 38.18 12.52 45.11
C8 PX4 TB . 39.05 13.73 44.75
O5 PX4 TB . 38.68 14.38 43.53
C9 PX4 TB . 39.55 15.25 42.93
O6 PX4 TB . 40.52 15.71 43.52
C10 PX4 TB . 38.97 15.98 41.72
C11 PX4 TB . 39.74 17.31 41.61
C12 PX4 TB . 39.60 17.92 40.22
C13 PX4 TB . 39.80 17.01 39.00
C14 PX4 TB . 39.37 17.68 37.70
C15 PX4 TB . 39.30 16.58 36.62
C16 PX4 TB . 39.23 17.20 35.22
C17 PX4 TB . 40.48 18.06 35.01
C18 PX4 TB . 40.36 18.76 33.65
C19 PX4 TB . 40.24 17.82 32.46
C20 PX4 TB . 39.87 18.56 31.16
C21 PX4 TB . 40.01 17.64 29.93
C22 PX4 TB . 39.64 18.43 28.67
O7 PX4 TB . 38.77 11.32 44.62
C23 PX4 TB . 38.24 10.07 44.72
O8 PX4 TB . 37.28 9.82 45.42
C24 PX4 TB . 38.97 8.95 43.97
C25 PX4 TB . 38.53 8.97 42.50
C26 PX4 TB . 39.19 7.81 41.74
C27 PX4 TB . 38.77 7.83 40.26
C28 PX4 TB . 39.26 6.64 39.43
C29 PX4 TB . 39.00 6.81 37.93
C30 PX4 TB . 39.02 5.69 36.88
C31 PX4 TB . 39.14 6.22 35.46
C32 PX4 TB . 39.57 5.14 34.45
C33 PX4 TB . 39.64 5.65 33.01
C34 PX4 TB . 38.23 6.10 32.61
C35 PX4 TB . 38.10 6.27 31.10
C36 PX4 TB . 36.67 6.59 30.68
O1 PX4 UB . -6.49 50.30 51.58
O2 PX4 UB . -4.13 49.24 51.26
P1 PX4 UB . -5.25 50.09 50.81
O3 PX4 UB . -4.65 51.48 50.28
C1 PX4 UB . -5.54 52.58 50.42
C2 PX4 UB . -5.09 53.98 49.99
N1 PX4 UB . -3.76 54.50 50.36
C3 PX4 UB . -2.73 53.80 49.59
C4 PX4 UB . -3.54 55.92 50.04
C5 PX4 UB . -3.42 54.31 51.78
O4 PX4 UB . -5.66 49.52 49.36
C6 PX4 UB . -4.55 49.25 48.49
C7 PX4 UB . -4.99 48.68 47.14
C8 PX4 UB . -6.51 48.81 47.04
O5 PX4 UB . -7.05 47.93 46.02
C9 PX4 UB . -8.25 48.26 45.49
O6 PX4 UB . -8.94 49.18 45.91
C10 PX4 UB . -8.85 47.24 44.52
C11 PX4 UB . -8.34 47.46 43.09
C12 PX4 UB . -9.19 46.61 42.14
C13 PX4 UB . -8.62 46.92 40.75
C14 PX4 UB . -9.29 46.12 39.63
C15 PX4 UB . -8.23 45.72 38.59
C16 PX4 UB . -8.95 45.09 37.40
C17 PX4 UB . -7.96 44.62 36.33
C18 PX4 UB . -8.55 43.92 35.11
C19 PX4 UB . -7.51 43.83 33.98
C20 PX4 UB . -8.17 43.33 32.70
C21 PX4 UB . -7.50 42.06 32.18
C22 PX4 UB . -7.87 41.81 30.71
O7 PX4 UB . -4.29 49.23 46.02
C23 PX4 UB . -3.11 48.60 45.81
O8 PX4 UB . -2.59 47.83 46.61
C24 PX4 UB . -2.62 48.69 44.36
C25 PX4 UB . -3.22 49.85 43.58
C26 PX4 UB . -2.96 49.78 42.08
C27 PX4 UB . -3.45 51.09 41.48
C28 PX4 UB . -3.14 51.13 39.98
C29 PX4 UB . -3.98 52.28 39.42
C30 PX4 UB . -3.88 52.58 37.92
C31 PX4 UB . -5.17 53.33 37.58
C32 PX4 UB . -5.11 53.76 36.11
C33 PX4 UB . -6.32 54.53 35.60
C34 PX4 UB . -6.10 55.26 34.28
C35 PX4 UB . -7.12 55.00 33.19
C36 PX4 UB . -6.60 55.62 31.88
O1 PX4 VB . -29.87 -5.20 61.63
O2 PX4 VB . -31.79 -3.47 61.89
P1 PX4 VB . -31.05 -4.49 61.10
O3 PX4 VB . -32.14 -5.55 60.59
C1 PX4 VB . -33.14 -5.79 61.60
C2 PX4 VB . -34.13 -6.87 61.14
N1 PX4 VB . -35.39 -6.43 60.51
C3 PX4 VB . -35.93 -7.59 59.80
C4 PX4 VB . -36.33 -5.98 61.54
C5 PX4 VB . -35.09 -5.39 59.51
O4 PX4 VB . -30.52 -3.82 59.72
C6 PX4 VB . -31.37 -4.27 58.65
C7 PX4 VB . -31.15 -3.70 57.25
C8 PX4 VB . -29.95 -2.76 57.46
O5 PX4 VB . -29.56 -1.86 56.42
C9 PX4 VB . -28.59 -0.92 56.60
O6 PX4 VB . -28.18 -0.73 57.74
C10 PX4 VB . -28.09 -0.24 55.33
C11 PX4 VB . -28.00 -1.10 54.07
C12 PX4 VB . -27.55 -0.27 52.88
C13 PX4 VB . -26.06 0.08 52.79
C14 PX4 VB . -25.59 0.63 51.44
C15 PX4 VB . -25.90 -0.29 50.26
C16 PX4 VB . -25.08 0.12 49.02
C17 PX4 VB . -25.78 -0.53 47.83
C18 PX4 VB . -25.09 -0.12 46.53
C19 PX4 VB . -25.64 -0.82 45.29
C20 PX4 VB . -25.66 0.06 44.04
C21 PX4 VB . -26.40 -0.58 42.86
C22 PX4 VB . -25.66 -1.82 42.36
O7 PX4 VB . -30.97 -4.60 56.17
C23 PX4 VB . -32.05 -5.17 55.56
O8 PX4 VB . -33.10 -5.10 56.17
C24 PX4 VB . -31.84 -5.98 54.28
C25 PX4 VB . -33.24 -6.26 53.73
C26 PX4 VB . -33.19 -7.00 52.39
C27 PX4 VB . -34.50 -7.67 51.94
C28 PX4 VB . -34.06 -8.72 50.92
C29 PX4 VB . -35.17 -9.60 50.33
C30 PX4 VB . -34.48 -10.46 49.26
C31 PX4 VB . -34.02 -9.64 48.07
C32 PX4 VB . -33.27 -10.46 47.02
C33 PX4 VB . -32.66 -9.54 45.97
C34 PX4 VB . -31.79 -10.26 44.94
C35 PX4 VB . -32.48 -11.30 44.06
C36 PX4 VB . -31.60 -12.28 43.27
O1 PX4 WB . -7.09 38.39 46.96
O2 PX4 WB . -8.09 39.95 45.10
P1 PX4 WB . -7.01 39.11 45.68
O3 PX4 WB . -6.77 37.91 44.63
C1 PX4 WB . -8.11 37.39 44.57
C2 PX4 WB . -8.28 35.97 44.04
N1 PX4 WB . -7.66 34.75 44.60
C3 PX4 WB . -7.27 34.84 46.00
C4 PX4 WB . -8.63 33.64 44.57
C5 PX4 WB . -6.43 34.33 43.90
O4 PX4 WB . -5.59 39.84 45.48
C6 PX4 WB . -5.52 40.35 44.16
C7 PX4 WB . -4.34 41.22 43.77
C8 PX4 WB . -3.77 40.62 42.48
O5 PX4 WB . -4.00 39.23 42.23
C9 PX4 WB . -3.85 38.88 40.92
O6 PX4 WB . -3.82 39.74 40.04
C10 PX4 WB . -4.11 37.40 40.68
C11 PX4 WB . -5.52 36.99 41.09
C12 PX4 WB . -6.06 35.88 40.20
C13 PX4 WB . -5.37 34.52 40.29
C14 PX4 WB . -6.09 33.49 39.43
C15 PX4 WB . -7.53 33.36 39.94
C16 PX4 WB . -8.41 32.59 38.96
C17 PX4 WB . -9.80 32.53 39.59
C18 PX4 WB . -10.76 31.66 38.76
C19 PX4 WB . -12.10 31.36 39.42
C20 PX4 WB . -13.08 30.44 38.68
C21 PX4 WB . -12.50 29.06 38.35
C22 PX4 WB . -13.55 28.32 37.50
O7 PX4 WB . -4.64 42.61 43.67
C23 PX4 WB . -3.60 43.49 43.62
O8 PX4 WB . -2.47 43.10 43.95
C24 PX4 WB . -3.88 44.86 43.00
C25 PX4 WB . -5.02 45.02 41.98
C26 PX4 WB . -4.47 44.68 40.60
C27 PX4 WB . -4.29 46.03 39.90
C28 PX4 WB . -4.28 45.91 38.38
C29 PX4 WB . -4.40 47.33 37.81
C30 PX4 WB . -4.32 47.21 36.29
C31 PX4 WB . -4.42 48.57 35.57
C32 PX4 WB . -4.70 48.33 34.08
C33 PX4 WB . -4.25 49.62 33.40
C34 PX4 WB . -4.43 49.29 31.92
C35 PX4 WB . -4.37 50.56 31.06
C36 PX4 WB . -5.50 51.47 31.55
O1 PX4 XB . -24.64 -7.33 56.89
O2 PX4 XB . -25.32 -8.24 59.16
P1 PX4 XB . -25.10 -8.46 57.72
O3 PX4 XB . -24.00 -9.63 57.87
C1 PX4 XB . -22.67 -9.16 57.79
C2 PX4 XB . -21.71 -10.34 57.83
N1 PX4 XB . -21.81 -11.25 58.99
C3 PX4 XB . -20.55 -12.02 58.92
C4 PX4 XB . -21.93 -10.59 60.29
C5 PX4 XB . -22.90 -12.21 58.85
O4 PX4 XB . -26.16 -9.44 56.98
C6 PX4 XB . -25.67 -9.54 55.63
C7 PX4 XB . -25.51 -11.06 55.47
C8 PX4 XB . -26.70 -11.60 54.66
O5 PX4 XB . -27.54 -10.58 54.15
C9 PX4 XB . -28.81 -10.89 53.73
O6 PX4 XB . -29.26 -12.03 53.85
C10 PX4 XB . -29.55 -9.64 53.31
C11 PX4 XB . -29.08 -9.35 51.87
C12 PX4 XB . -29.98 -8.38 51.13
C13 PX4 XB . -29.67 -8.22 49.65
C14 PX4 XB . -30.36 -7.02 49.01
C15 PX4 XB . -29.95 -6.97 47.53
C16 PX4 XB . -30.29 -5.59 46.96
C17 PX4 XB . -30.24 -5.77 45.45
C18 PX4 XB . -30.49 -4.37 44.90
C19 PX4 XB . -30.78 -4.37 43.39
C20 PX4 XB . -31.90 -5.26 42.85
C21 PX4 XB . -32.15 -5.24 41.34
C22 PX4 XB . -33.44 -5.94 40.88
O7 PX4 XB . -24.22 -11.29 54.92
C23 PX4 XB . -23.49 -12.43 55.15
O8 PX4 XB . -23.77 -13.25 56.01
C24 PX4 XB . -22.30 -12.61 54.21
C25 PX4 XB . -22.44 -11.95 52.85
C26 PX4 XB . -21.10 -12.24 52.17
C27 PX4 XB . -20.56 -13.64 52.49
C28 PX4 XB . -20.94 -14.54 51.30
C29 PX4 XB . -20.08 -14.25 50.06
C30 PX4 XB . -20.32 -15.22 48.92
C31 PX4 XB . -21.74 -15.16 48.34
C32 PX4 XB . -21.80 -15.90 47.00
C33 PX4 XB . -23.25 -15.89 46.52
C34 PX4 XB . -23.33 -16.37 45.08
C35 PX4 XB . -24.73 -16.09 44.49
C36 PX4 XB . -24.96 -14.59 44.38
O1 PX4 YB . 29.79 17.79 48.64
O2 PX4 YB . 31.79 16.93 49.94
P1 PX4 YB . 31.18 17.96 49.08
O3 PX4 YB . 31.12 19.22 50.08
C1 PX4 YB . 32.50 19.35 50.45
C2 PX4 YB . 32.55 20.27 51.67
N1 PX4 YB . 33.89 20.88 51.76
C3 PX4 YB . 34.20 21.75 50.64
C4 PX4 YB . 33.86 21.59 53.04
C5 PX4 YB . 34.97 19.88 51.84
O4 PX4 YB . 32.09 18.38 47.80
C6 PX4 YB . 31.40 18.03 46.61
C7 PX4 YB . 32.06 18.28 45.25
C8 PX4 YB . 31.10 17.71 44.20
O5 PX4 YB . 31.59 16.59 43.46
C9 PX4 YB . 30.69 16.12 42.54
O6 PX4 YB . 29.56 16.58 42.48
C10 PX4 YB . 31.15 14.92 41.70
C11 PX4 YB . 31.87 15.33 40.41
C12 PX4 YB . 32.29 14.13 39.57
C13 PX4 YB . 32.63 14.68 38.19
C14 PX4 YB . 33.36 13.52 37.49
C15 PX4 YB . 33.86 13.96 36.12
C16 PX4 YB . 34.49 12.77 35.39
C17 PX4 YB . 35.20 13.21 34.11
C18 PX4 YB . 36.07 14.43 34.41
C19 PX4 YB . 36.94 14.65 33.16
C20 PX4 YB . 36.10 14.67 31.88
C21 PX4 YB . 36.79 14.85 30.52
C22 PX4 YB . 37.97 13.95 30.13
O7 PX4 YB . 32.22 19.68 45.03
C23 PX4 YB . 33.35 20.21 45.57
O8 PX4 YB . 34.34 19.53 45.82
C24 PX4 YB . 33.53 21.72 45.34
C25 PX4 YB . 33.88 22.15 43.93
C26 PX4 YB . 34.39 23.59 43.84
C27 PX4 YB . 35.26 23.84 42.59
C28 PX4 YB . 36.49 22.97 42.74
C29 PX4 YB . 37.21 22.90 41.39
C30 PX4 YB . 37.81 24.27 41.13
C31 PX4 YB . 38.37 24.40 39.71
C32 PX4 YB . 38.95 25.80 39.52
C33 PX4 YB . 39.77 25.92 38.24
C34 PX4 YB . 40.54 27.24 38.21
C35 PX4 YB . 41.32 27.39 36.90
C36 PX4 YB . 41.94 28.80 36.93
O1 PX4 ZB . 35.13 16.00 48.28
O2 PX4 ZB . 32.93 15.46 47.11
P1 PX4 ZB . 34.41 15.50 47.08
O3 PX4 ZB . 34.79 13.94 46.94
C1 PX4 ZB . 34.52 13.19 48.13
C2 PX4 ZB . 34.42 11.66 48.16
N1 PX4 ZB . 33.64 10.95 47.14
C3 PX4 ZB . 33.43 9.57 47.58
C4 PX4 ZB . 32.29 11.48 46.88
C5 PX4 ZB . 34.27 10.87 45.81
O4 PX4 ZB . 34.97 15.82 45.61
C6 PX4 ZB . 34.25 14.86 44.84
C7 PX4 ZB . 34.66 14.94 43.37
C8 PX4 ZB . 35.47 16.21 43.08
O5 PX4 ZB . 34.98 16.87 41.90
C9 PX4 ZB . 35.51 18.08 41.61
O6 PX4 ZB . 36.50 18.46 42.22
C10 PX4 ZB . 35.07 18.60 40.24
C11 PX4 ZB . 36.05 19.56 39.56
C12 PX4 ZB . 35.56 20.09 38.20
C13 PX4 ZB . 36.56 21.19 37.84
C14 PX4 ZB . 36.01 21.71 36.52
C15 PX4 ZB . 34.69 22.43 36.78
C16 PX4 ZB . 34.08 23.03 35.52
C17 PX4 ZB . 32.65 22.53 35.30
C18 PX4 ZB . 32.06 22.82 33.91
C19 PX4 ZB . 31.96 24.34 33.67
C20 PX4 ZB . 31.44 24.74 32.29
C21 PX4 ZB . 32.55 24.33 31.32
C22 PX4 ZB . 32.18 24.75 29.91
O7 PX4 ZB . 35.50 13.84 43.05
C23 PX4 ZB . 34.90 12.68 42.65
O8 PX4 ZB . 33.78 12.37 43.09
C24 PX4 ZB . 35.88 11.71 41.99
C25 PX4 ZB . 36.30 12.34 40.66
C26 PX4 ZB . 37.24 11.42 39.87
C27 PX4 ZB . 37.44 12.03 38.49
C28 PX4 ZB . 38.30 11.16 37.58
C29 PX4 ZB . 38.06 11.32 36.08
C30 PX4 ZB . 38.98 10.45 35.23
C31 PX4 ZB . 38.93 10.80 33.74
C32 PX4 ZB . 39.70 9.82 32.86
C33 PX4 ZB . 39.68 9.99 31.35
C34 PX4 ZB . 40.71 9.03 30.76
C35 PX4 ZB . 40.67 9.34 29.26
C36 PX4 ZB . 41.85 8.86 28.40
O1 PX4 AC . 29.91 8.41 48.69
O2 PX4 AC . 28.35 6.78 47.43
P1 PX4 AC . 29.69 7.33 47.70
O3 PX4 AC . 30.72 6.15 48.11
C1 PX4 AC . 30.22 4.84 47.82
C2 PX4 AC . 31.33 3.89 47.37
N1 PX4 AC . 32.02 4.03 46.08
C3 PX4 AC . 33.01 2.98 45.87
C4 PX4 AC . 31.08 4.00 44.95
C5 PX4 AC . 32.77 5.30 46.09
O4 PX4 AC . 30.36 7.68 46.28
C6 PX4 AC . 29.34 8.34 45.48
C7 PX4 AC . 29.71 8.59 44.02
C8 PX4 AC . 30.89 7.66 43.73
O5 PX4 AC . 31.84 8.23 42.82
C9 PX4 AC . 32.92 7.46 42.54
O6 PX4 AC . 32.82 6.28 42.90
C10 PX4 AC . 33.94 8.17 41.66
C11 PX4 AC . 33.87 7.68 40.21
C12 PX4 AC . 34.69 8.52 39.23
C13 PX4 AC . 34.58 7.92 37.85
C14 PX4 AC . 35.50 8.63 36.86
C15 PX4 AC . 35.17 8.35 35.39
C16 PX4 AC . 33.85 8.89 34.84
C17 PX4 AC . 33.61 8.61 33.35
C18 PX4 AC . 32.37 9.42 32.94
C19 PX4 AC . 31.20 8.43 33.06
C20 PX4 AC . 29.90 9.21 32.78
C21 PX4 AC . 28.67 8.31 32.64
C22 PX4 AC . 28.72 7.47 33.91
O7 PX4 AC . 28.60 8.50 43.12
C23 PX4 AC . 27.70 9.53 43.13
O8 PX4 AC . 27.88 10.60 43.71
C24 PX4 AC . 26.68 9.34 42.02
C25 PX4 AC . 27.11 10.11 40.76
C26 PX4 AC . 26.21 9.54 39.67
C27 PX4 AC . 26.49 10.13 38.29
C28 PX4 AC . 25.69 9.30 37.28
C29 PX4 AC . 26.07 9.50 35.82
C30 PX4 AC . 25.20 8.55 34.97
C31 PX4 AC . 24.97 9.44 33.75
C32 PX4 AC . 24.22 8.59 32.71
C33 PX4 AC . 23.82 9.56 31.59
C34 PX4 AC . 23.51 8.80 30.29
C35 PX4 AC . 22.82 9.70 29.27
C36 PX4 AC . 22.25 9.00 28.04
O1 PX4 BC . 10.30 -25.16 56.75
O2 PX4 BC . 7.92 -25.21 55.65
P1 PX4 BC . 8.84 -25.38 56.80
O3 PX4 BC . 8.24 -24.66 58.11
C1 PX4 BC . 6.82 -24.63 58.03
C2 PX4 BC . 6.08 -24.59 59.38
N1 PX4 BC . 6.16 -25.73 60.31
C3 PX4 BC . 7.51 -25.87 60.86
C4 PX4 BC . 5.39 -25.59 61.55
C5 PX4 BC . 5.77 -27.01 59.68
O4 PX4 BC . 8.45 -26.82 57.39
C6 PX4 BC . 9.21 -27.73 56.61
C7 PX4 BC . 8.76 -29.15 56.99
C8 PX4 BC . 7.70 -29.35 55.91
O5 PX4 BC . 7.90 -28.79 54.62
C9 PX4 BC . 6.80 -29.07 53.88
O6 PX4 BC . 5.82 -29.66 54.32
C10 PX4 BC . 6.80 -28.50 52.47
C11 PX4 BC . 7.45 -29.64 51.66
C12 PX4 BC . 7.92 -29.15 50.29
C13 PX4 BC . 6.69 -28.76 49.46
C14 PX4 BC . 7.17 -28.38 48.06
C15 PX4 BC . 5.94 -28.01 47.21
C16 PX4 BC . 6.33 -27.51 45.82
C17 PX4 BC . 5.09 -27.36 44.92
C18 PX4 BC . 4.19 -26.16 45.20
C19 PX4 BC . 3.00 -26.08 44.24
C20 PX4 BC . 3.36 -25.92 42.76
C21 PX4 BC . 2.08 -25.85 41.92
C22 PX4 BC . 2.24 -25.87 40.40
O7 PX4 BC . 9.75 -30.15 57.17
C23 PX4 BC . 9.47 -31.40 57.65
O8 PX4 BC . 8.41 -31.68 58.21
C24 PX4 BC . 10.66 -32.36 57.56
C25 PX4 BC . 10.27 -33.52 56.65
C26 PX4 BC . 10.01 -32.90 55.27
C27 PX4 BC . 9.35 -33.92 54.33
C28 PX4 BC . 9.10 -33.40 52.92
C29 PX4 BC . 8.96 -34.68 52.09
C30 PX4 BC . 8.59 -34.32 50.64
C31 PX4 BC . 8.42 -35.58 49.78
C32 PX4 BC . 8.29 -35.13 48.32
C33 PX4 BC . 8.31 -36.42 47.48
C34 PX4 BC . 7.99 -36.14 46.01
C35 PX4 BC . 8.37 -37.34 45.14
C36 PX4 BC . 8.48 -37.01 43.65
O1 PX4 CC . -30.92 6.63 61.06
O2 PX4 CC . -28.39 6.43 61.59
P1 PX4 CC . -29.50 6.81 60.69
O3 PX4 CC . -29.33 8.41 60.51
C1 PX4 CC . -29.66 9.07 61.73
C2 PX4 CC . -29.39 10.58 61.83
N1 PX4 CC . -28.13 11.14 61.33
C3 PX4 CC . -27.03 10.21 61.60
C4 PX4 CC . -28.17 11.36 59.87
C5 PX4 CC . -27.91 12.50 61.85
O4 PX4 CC . -29.10 6.48 59.16
C6 PX4 CC . -27.69 6.77 59.12
C7 PX4 CC . -27.11 6.60 57.71
C8 PX4 CC . -28.28 5.85 57.05
O5 PX4 CC . -28.00 4.81 56.11
C9 PX4 CC . -29.14 4.56 55.40
O6 PX4 CC . -30.22 4.67 55.98
C10 PX4 CC . -29.00 3.91 54.02
C11 PX4 CC . -29.11 4.98 52.95
C12 PX4 CC . -29.37 4.43 51.54
C13 PX4 CC . -28.34 3.31 51.30
C14 PX4 CC . -28.53 2.81 49.88
C15 PX4 CC . -28.29 3.97 48.91
C16 PX4 CC . -28.30 3.64 47.43
C17 PX4 CC . -27.00 4.23 46.91
C18 PX4 CC . -26.87 3.77 45.45
C19 PX4 CC . -25.63 4.36 44.78
C20 PX4 CC . -25.83 4.57 43.27
C21 PX4 CC . -26.18 3.23 42.60
C22 PX4 CC . -26.63 3.57 41.17
O7 PX4 CC . -26.87 7.84 57.04
C23 PX4 CC . -25.60 8.16 56.69
O8 PX4 CC . -24.65 7.66 57.27
C24 PX4 CC . -25.54 9.35 55.73
C25 PX4 CC . -25.09 9.08 54.29
C26 PX4 CC . -26.00 8.20 53.44
C27 PX4 CC . -25.43 8.42 52.03
C28 PX4 CC . -26.39 7.65 51.11
C29 PX4 CC . -27.82 8.19 51.25
C30 PX4 CC . -28.73 7.78 50.08
C31 PX4 CC . -30.14 8.27 50.39
C32 PX4 CC . -31.28 7.82 49.47
C33 PX4 CC . -30.86 8.02 48.02
C34 PX4 CC . -31.97 7.45 47.13
C35 PX4 CC . -31.36 7.33 45.74
C36 PX4 CC . -32.46 6.81 44.83
O1 PX4 DC . -27.40 2.50 64.73
O2 PX4 DC . -28.54 4.80 64.12
P1 PX4 DC . -28.51 3.33 64.20
O3 PX4 DC . -29.92 2.73 64.71
C1 PX4 DC . -29.67 1.44 65.24
C2 PX4 DC . -30.96 0.63 65.46
N1 PX4 DC . -31.40 0.00 64.22
C3 PX4 DC . -31.84 0.86 63.12
C4 PX4 DC . -30.46 -1.01 63.71
C5 PX4 DC . -32.59 -0.83 64.48
O4 PX4 DC . -28.60 2.72 62.71
C6 PX4 DC . -27.81 3.50 61.80
C7 PX4 DC . -27.96 3.00 60.36
C8 PX4 DC . -29.41 3.12 59.87
O5 PX4 DC . -29.88 2.08 58.99
C9 PX4 DC . -31.04 2.28 58.30
O6 PX4 DC . -31.89 3.11 58.61
C10 PX4 DC . -31.51 1.08 57.46
C11 PX4 DC . -32.82 1.38 56.72
C12 PX4 DC . -33.15 0.22 55.79
C13 PX4 DC . -31.87 0.03 54.97
C14 PX4 DC . -32.04 -1.12 53.97
C15 PX4 DC . -33.20 -1.02 52.99
C16 PX4 DC . -33.10 -2.34 52.20
C17 PX4 DC . -33.98 -2.36 50.96
C18 PX4 DC . -33.54 -3.61 50.19
C19 PX4 DC . -34.38 -3.60 48.92
C20 PX4 DC . -34.33 -5.04 48.41
C21 PX4 DC . -35.25 -5.16 47.19
C22 PX4 DC . -34.68 -4.39 46.01
O7 PX4 DC . -26.92 3.48 59.53
C23 PX4 DC . -25.80 2.71 59.37
O8 PX4 DC . -25.50 1.77 60.09
C24 PX4 DC . -24.96 3.17 58.18
C25 PX4 DC . -25.34 2.44 56.88
C26 PX4 DC . -24.54 3.00 55.71
C27 PX4 DC . -24.77 4.50 55.52
C28 PX4 DC . -23.83 4.89 54.38
C29 PX4 DC . -24.39 4.33 53.06
C30 PX4 DC . -23.67 4.61 51.75
C31 PX4 DC . -24.23 3.84 50.56
C32 PX4 DC . -23.50 4.23 49.27
C33 PX4 DC . -22.16 3.51 49.11
C34 PX4 DC . -21.74 3.35 47.66
C35 PX4 DC . -22.77 2.51 46.89
C36 PX4 DC . -22.33 2.34 45.45
O1 PX4 EC . 3.98 38.17 47.17
O2 PX4 EC . 6.64 37.90 47.08
P1 PX4 EC . 5.37 38.51 47.56
O3 PX4 EC . 5.28 38.40 49.16
C1 PX4 EC . 4.07 39.03 49.55
C2 PX4 EC . 3.85 38.73 51.02
N1 PX4 EC . 4.39 39.65 52.03
C3 PX4 EC . 3.90 39.09 53.29
C4 PX4 EC . 5.84 39.45 52.13
C5 PX4 EC . 4.04 41.09 51.98
O4 PX4 EC . 5.64 40.07 47.79
C6 PX4 EC . 5.15 40.67 46.59
C7 PX4 EC . 4.04 41.65 46.98
C8 PX4 EC . 4.62 43.06 46.82
O5 PX4 EC . 5.79 43.13 45.98
C9 PX4 EC . 6.55 44.25 45.97
O6 PX4 EC . 6.60 44.96 46.99
C10 PX4 EC . 7.49 44.55 44.81
C11 PX4 EC . 6.77 44.45 43.46
C12 PX4 EC . 7.73 44.67 42.28
C13 PX4 EC . 7.06 44.77 40.92
C14 PX4 EC . 6.01 45.88 40.86
C15 PX4 EC . 5.75 46.45 39.47
C16 PX4 EC . 4.80 47.65 39.59
C17 PX4 EC . 4.45 48.20 38.22
C18 PX4 EC . 3.98 49.64 38.31
C19 PX4 EC . 3.99 50.21 36.88
C20 PX4 EC . 5.41 50.16 36.35
C21 PX4 EC . 5.25 50.00 34.83
C22 PX4 EC . 4.60 51.23 34.15
O7 PX4 EC . 2.83 41.59 46.19
C23 PX4 EC . 1.69 41.46 46.91
O8 PX4 EC . 1.72 41.13 48.09
C24 PX4 EC . 0.45 41.47 46.02
C25 PX4 EC . -0.22 40.09 45.90
C26 PX4 EC . 0.62 39.35 44.85
C27 PX4 EC . 0.12 37.99 44.39
C28 PX4 EC . 1.17 37.31 43.52
C29 PX4 EC . 1.62 38.11 42.30
C30 PX4 EC . 2.38 37.29 41.24
C31 PX4 EC . 2.84 38.28 40.17
C32 PX4 EC . 3.63 37.54 39.08
C33 PX4 EC . 4.28 38.56 38.15
C34 PX4 EC . 4.77 37.83 36.90
C35 PX4 EC . 5.87 36.85 37.36
C36 PX4 EC . 6.50 35.95 36.31
O1 PX4 FC . 30.85 23.87 46.41
O2 PX4 FC . 32.15 26.02 46.26
P1 PX4 FC . 31.05 25.18 45.75
O3 PX4 FC . 29.76 25.94 46.33
C1 PX4 FC . 29.81 26.08 47.76
C2 PX4 FC . 29.05 27.29 48.33
N1 PX4 FC . 29.26 28.67 47.91
C3 PX4 FC . 30.57 28.87 47.27
C4 PX4 FC . 28.16 29.07 47.00
C5 PX4 FC . 29.10 29.53 49.10
O4 PX4 FC . 30.45 25.18 44.26
C6 PX4 FC . 29.68 24.08 43.76
C7 PX4 FC . 29.56 24.05 42.24
C8 PX4 FC . 29.63 25.54 41.87
O5 PX4 FC . 28.38 26.01 41.35
C9 PX4 FC . 28.50 27.06 40.51
O6 PX4 FC . 29.64 27.46 40.22
C10 PX4 FC . 27.27 27.52 39.72
C11 PX4 FC . 26.33 28.43 40.50
C12 PX4 FC . 25.13 29.07 39.80
C13 PX4 FC . 25.50 30.39 39.12
C14 PX4 FC . 24.35 31.01 38.31
C15 PX4 FC . 24.78 32.17 37.42
C16 PX4 FC . 23.49 32.38 36.63
C17 PX4 FC . 23.19 31.22 35.68
C18 PX4 FC . 21.92 31.54 34.87
C19 PX4 FC . 21.73 30.77 33.56
C20 PX4 FC . 20.41 31.24 32.98
C21 PX4 FC . 20.36 30.67 31.56
C22 PX4 FC . 19.06 30.87 30.80
O7 PX4 FC . 30.37 23.29 41.34
C23 PX4 FC . 30.35 21.94 41.45
O8 PX4 FC . 29.61 21.28 42.18
C24 PX4 FC . 31.59 21.30 40.84
C25 PX4 FC . 31.41 20.72 39.44
C26 PX4 FC . 30.87 19.31 39.50
C27 PX4 FC . 30.70 18.67 38.12
C28 PX4 FC . 32.02 18.73 37.33
C29 PX4 FC . 31.73 18.12 35.95
C30 PX4 FC . 32.77 18.35 34.86
C31 PX4 FC . 34.17 17.78 35.12
C32 PX4 FC . 35.16 18.57 34.26
C33 PX4 FC . 35.11 18.33 32.75
C34 PX4 FC . 35.95 19.35 32.01
C35 PX4 FC . 35.86 19.24 30.48
C36 PX4 FC . 36.30 20.58 29.90
O1 PX4 GC . 12.42 -27.06 59.33
O2 PX4 GC . 14.37 -28.63 58.98
P1 PX4 GC . 13.35 -27.75 58.39
O3 PX4 GC . 14.19 -26.66 57.54
C1 PX4 GC . 13.42 -25.50 57.21
C2 PX4 GC . 14.26 -24.35 56.63
N1 PX4 GC . 13.54 -23.21 56.07
C3 PX4 GC . 12.60 -23.51 54.99
C4 PX4 GC . 12.84 -22.42 57.10
C5 PX4 GC . 14.48 -22.29 55.42
O4 PX4 GC . 12.60 -28.52 57.20
C6 PX4 GC . 13.55 -29.29 56.47
C7 PX4 GC . 13.09 -30.46 55.59
C8 PX4 GC . 11.94 -29.98 54.71
O5 PX4 GC . 12.22 -28.77 54.01
C9 PX4 GC . 11.28 -28.49 53.10
O6 PX4 GC . 10.32 -29.24 52.89
C10 PX4 GC . 11.52 -27.24 52.26
C11 PX4 GC . 11.17 -27.59 50.81
C12 PX4 GC . 11.66 -26.53 49.83
C13 PX4 GC . 11.33 -26.96 48.41
C14 PX4 GC . 11.87 -25.84 47.52
C15 PX4 GC . 11.51 -26.21 46.07
C16 PX4 GC . 12.14 -25.23 45.07
C17 PX4 GC . 12.02 -25.70 43.61
C18 PX4 GC . 10.56 -25.81 43.17
C19 PX4 GC . 9.95 -24.47 43.55
C20 PX4 GC . 8.59 -24.30 42.87
C21 PX4 GC . 7.78 -23.36 43.78
C22 PX4 GC . 6.32 -23.24 43.36
O7 PX4 GC . 14.16 -31.10 54.90
C23 PX4 GC . 15.20 -31.71 55.54
O8 PX4 GC . 15.10 -32.03 56.72
C24 PX4 GC . 16.23 -32.33 54.59
C25 PX4 GC . 17.38 -31.33 54.59
C26 PX4 GC . 18.35 -31.77 53.50
C27 PX4 GC . 17.42 -31.96 52.29
C28 PX4 GC . 18.36 -32.15 51.10
C29 PX4 GC . 17.60 -32.32 49.78
C30 PX4 GC . 16.77 -33.61 49.83
C31 PX4 GC . 16.18 -33.90 48.45
C32 PX4 GC . 16.91 -35.13 47.91
C33 PX4 GC . 16.82 -35.07 46.38
C34 PX4 GC . 17.47 -36.31 45.74
C35 PX4 GC . 17.41 -36.47 44.23
C36 PX4 GC . 15.97 -36.60 43.73
O1 PX4 HC . 3.31 -20.15 59.64
O2 PX4 HC . 4.37 -22.35 60.66
P1 PX4 HC . 4.34 -21.22 59.70
O3 PX4 HC . 5.60 -20.32 60.17
C1 PX4 HC . 5.26 -19.69 61.42
C2 PX4 HC . 6.06 -18.44 61.78
N1 PX4 HC . 6.15 -17.31 60.83
C3 PX4 HC . 6.71 -16.15 61.54
C4 PX4 HC . 6.83 -17.67 59.58
C5 PX4 HC . 4.83 -16.85 60.38
O4 PX4 HC . 4.92 -21.60 58.24
C6 PX4 HC . 4.92 -20.43 57.41
C7 PX4 HC . 5.22 -20.62 55.92
C8 PX4 HC . 5.88 -21.97 55.76
O5 PX4 HC . 6.44 -22.26 54.47
C9 PX4 HC . 7.75 -21.91 54.32
O6 PX4 HC . 8.47 -21.51 55.24
C10 PX4 HC . 8.17 -22.03 52.86
C11 PX4 HC . 8.50 -23.49 52.56
C12 PX4 HC . 9.15 -23.70 51.19
C13 PX4 HC . 10.49 -22.94 51.29
C14 PX4 HC . 11.30 -22.91 50.02
C15 PX4 HC . 12.33 -21.78 50.05
C16 PX4 HC . 12.97 -21.44 48.71
C17 PX4 HC . 11.92 -21.14 47.64
C18 PX4 HC . 12.52 -20.84 46.27
C19 PX4 HC . 11.48 -20.88 45.15
C20 PX4 HC . 12.24 -21.20 43.86
C21 PX4 HC . 11.27 -21.26 42.68
C22 PX4 HC . 12.02 -21.98 41.57
O7 PX4 HC . 4.06 -20.58 55.08
C23 PX4 HC . 4.13 -19.61 54.13
O8 PX4 HC . 5.02 -18.77 54.15
C24 PX4 HC . 2.97 -19.47 53.12
C25 PX4 HC . 3.23 -20.45 51.97
C26 PX4 HC . 2.15 -20.38 50.90
C27 PX4 HC . 2.62 -20.98 49.56
C28 PX4 HC . 3.84 -20.19 49.10
C29 PX4 HC . 3.83 -20.42 47.60
C30 PX4 HC . 2.85 -19.55 46.79
C31 PX4 HC . 3.12 -19.66 45.29
C32 PX4 HC . 2.81 -21.00 44.63
C33 PX4 HC . 2.81 -20.87 43.10
C34 PX4 HC . 4.18 -20.44 42.56
C35 PX4 HC . 4.08 -20.09 41.07
C36 PX4 HC . 3.67 -21.27 40.19
O1 PX4 IC . -32.69 12.79 56.97
O2 PX4 IC . -35.17 12.05 57.03
P1 PX4 IC . -33.74 11.77 56.77
O3 PX4 IC . -33.25 10.46 57.57
C1 PX4 IC . -34.26 9.46 57.36
C2 PX4 IC . -33.96 8.12 58.04
N1 PX4 IC . -32.79 7.35 57.60
C3 PX4 IC . -32.91 6.73 56.27
C4 PX4 IC . -31.54 8.10 57.73
C5 PX4 IC . -32.73 6.21 58.51
O4 PX4 IC . -33.47 11.17 55.31
C6 PX4 IC . -32.11 11.38 54.92
C7 PX4 IC . -31.74 10.51 53.71
C8 PX4 IC . -33.03 10.08 53.01
O5 PX4 IC . -33.20 8.68 52.77
C9 PX4 IC . -34.31 8.35 52.06
O6 PX4 IC . -35.28 9.09 52.04
C10 PX4 IC . -34.39 6.86 51.68
C11 PX4 IC . -34.96 6.90 50.25
C12 PX4 IC . -36.17 5.99 50.05
C13 PX4 IC . -36.73 6.00 48.64
C14 PX4 IC . -35.80 5.72 47.45
C15 PX4 IC . -36.62 5.38 46.20
C16 PX4 IC . -35.75 5.36 44.94
C17 PX4 IC . -36.53 4.94 43.69
C18 PX4 IC . -35.52 4.91 42.53
C19 PX4 IC . -34.75 3.61 42.46
C20 PX4 IC . -34.09 3.52 41.08
C21 PX4 IC . -35.24 3.65 40.07
C22 PX4 IC . -34.74 3.38 38.66
O7 PX4 IC . -30.99 11.36 52.83
C23 PX4 IC . -29.66 11.55 53.11
O8 PX4 IC . -29.01 11.05 54.03
C24 PX4 IC . -28.94 12.49 52.13
C25 PX4 IC . -29.50 12.31 50.71
C26 PX4 IC . -28.58 13.02 49.70
C27 PX4 IC . -29.24 12.68 48.36
C28 PX4 IC . -30.61 13.36 48.40
C29 PX4 IC . -31.24 13.18 47.00
C30 PX4 IC . -30.38 13.65 45.83
C31 PX4 IC . -30.72 13.17 44.41
C32 PX4 IC . -30.26 11.73 44.21
C33 PX4 IC . -30.55 11.30 42.77
C34 PX4 IC . -30.03 9.93 42.34
C35 PX4 IC . -30.53 9.68 40.92
C36 PX4 IC . -30.10 8.30 40.41
O1 PX4 JC . -30.22 17.61 58.94
O2 PX4 JC . -30.98 19.48 57.34
P1 PX4 JC . -30.84 18.04 57.68
O3 PX4 JC . -32.38 17.59 57.80
C1 PX4 JC . -33.23 18.66 58.18
C2 PX4 JC . -34.68 18.20 58.03
N1 PX4 JC . -35.25 17.19 58.96
C3 PX4 JC . -36.57 16.82 58.42
C4 PX4 JC . -34.57 15.90 59.15
C5 PX4 JC . -35.40 17.80 60.28
O4 PX4 JC . -30.39 17.18 56.40
C6 PX4 JC . -30.61 15.79 56.66
C7 PX4 JC . -30.23 14.86 55.51
C8 PX4 JC . -30.57 15.25 54.07
O5 PX4 JC . -31.88 14.70 53.86
C9 PX4 JC . -32.17 14.59 52.54
O6 PX4 JC . -31.52 15.21 51.69
C10 PX4 JC . -33.37 13.83 51.96
C11 PX4 JC . -33.33 12.76 50.89
C12 PX4 JC . -34.73 12.43 50.35
C13 PX4 JC . -34.60 11.46 49.17
C14 PX4 JC . -35.96 10.86 48.83
C15 PX4 JC . -35.77 9.84 47.72
C16 PX4 JC . -35.57 10.50 46.35
C17 PX4 JC . -35.40 9.68 45.07
C18 PX4 JC . -35.29 10.49 43.78
C19 PX4 JC . -35.26 9.55 42.58
C20 PX4 JC . -34.86 10.18 41.24
C21 PX4 JC . -35.13 9.19 40.11
C22 PX4 JC . -34.38 7.88 40.36
O7 PX4 JC . -28.84 14.52 55.54
C23 PX4 JC . -28.28 13.83 56.56
O8 PX4 JC . -28.78 13.69 57.67
C24 PX4 JC . -26.87 13.24 56.35
C25 PX4 JC . -26.41 13.85 55.03
C26 PX4 JC . -25.00 13.28 54.85
C27 PX4 JC . -24.38 13.63 53.48
C28 PX4 JC . -24.89 12.64 52.42
C29 PX4 JC . -24.26 12.89 51.06
C30 PX4 JC . -25.04 12.15 49.98
C31 PX4 JC . -24.21 12.20 48.70
C32 PX4 JC . -24.95 11.81 47.43
C33 PX4 JC . -25.68 10.48 47.68
C34 PX4 JC . -26.41 10.13 46.38
C35 PX4 JC . -26.77 8.64 46.36
C36 PX4 JC . -27.40 8.26 45.03
O1 PX4 KC . -11.47 5.53 56.50
O2 PX4 KC . -12.32 7.86 55.67
P1 PX4 KC . -12.27 6.38 55.57
O3 PX4 KC . -13.77 5.84 55.71
C1 PX4 KC . -13.81 4.45 56.02
C2 PX4 KC . -15.18 3.96 56.47
N1 PX4 KC . -15.77 4.27 57.80
C3 PX4 KC . -17.06 3.55 57.78
C4 PX4 KC . -14.96 3.78 58.91
C5 PX4 KC . -15.96 5.71 58.02
O4 PX4 KC . -12.34 5.81 54.07
C6 PX4 KC . -12.67 6.82 53.10
C7 PX4 KC . -14.07 6.62 52.50
C8 PX4 KC . -14.38 5.15 52.71
O5 PX4 KC . -13.91 4.18 51.77
C9 PX4 KC . -13.85 2.88 52.13
O6 PX4 KC . -14.00 2.66 53.33
C10 PX4 KC . -13.20 1.90 51.14
C11 PX4 KC . -13.57 2.28 49.71
C12 PX4 KC . -12.72 1.35 48.85
C13 PX4 KC . -13.15 1.60 47.40
C14 PX4 KC . -12.45 0.89 46.24
C15 PX4 KC . -13.01 1.29 44.87
C16 PX4 KC . -13.55 0.10 44.07
C17 PX4 KC . -14.26 0.62 42.82
C18 PX4 KC . -14.60 -0.53 41.86
C19 PX4 KC . -13.40 -1.17 41.19
C20 PX4 KC . -13.80 -2.31 40.24
C21 PX4 KC . -14.73 -1.89 39.10
C22 PX4 KC . -15.09 -3.03 38.16
O7 PX4 KC . -15.15 7.48 52.87
C23 PX4 KC . -15.34 8.68 52.24
O8 PX4 KC . -14.45 9.52 52.29
C24 PX4 KC . -16.76 9.23 52.28
C25 PX4 KC . -17.59 8.40 51.28
C26 PX4 KC . -17.05 8.63 49.86
C27 PX4 KC . -17.88 7.79 48.88
C28 PX4 KC . -17.40 7.76 47.42
C29 PX4 KC . -18.31 6.91 46.54
C30 PX4 KC . -17.99 7.03 45.04
C31 PX4 KC . -18.84 6.10 44.17
C32 PX4 KC . -18.52 6.19 42.67
C33 PX4 KC . -19.17 5.04 41.89
C34 PX4 KC . -19.18 5.56 40.46
C35 PX4 KC . -19.38 4.41 39.47
C36 PX4 KC . -19.45 4.79 37.99
O1 PX4 LC . -17.71 -10.01 58.70
O2 PX4 LC . -17.40 -7.44 58.37
P1 PX4 LC . -18.24 -8.66 58.38
O3 PX4 LC . -19.36 -8.48 59.52
C1 PX4 LC . -19.75 -7.12 59.70
C2 PX4 LC . -19.70 -6.71 61.17
N1 PX4 LC . -19.86 -5.26 61.39
C3 PX4 LC . -18.52 -4.69 61.30
C4 PX4 LC . -20.85 -4.46 60.66
C5 PX4 LC . -20.35 -5.05 62.76
O4 PX4 LC . -19.15 -8.67 57.07
C6 PX4 LC . -18.34 -9.17 56.02
C7 PX4 LC . -19.02 -9.24 54.64
C8 PX4 LC . -20.20 -8.26 54.74
O5 PX4 LC . -21.37 -8.84 54.15
C9 PX4 LC . -22.37 -7.91 54.17
O6 PX4 LC . -22.28 -6.86 54.80
C10 PX4 LC . -23.59 -8.27 53.30
C11 PX4 LC . -23.38 -7.73 51.89
C12 PX4 LC . -24.46 -8.06 50.86
C13 PX4 LC . -24.83 -9.53 50.66
C14 PX4 LC . -25.93 -9.70 49.62
C15 PX4 LC . -25.43 -9.04 48.33
C16 PX4 LC . -26.59 -9.25 47.36
C17 PX4 LC . -26.31 -8.52 46.04
C18 PX4 LC . -27.49 -8.84 45.12
C19 PX4 LC . -27.21 -9.08 43.64
C20 PX4 LC . -28.56 -9.07 42.93
C21 PX4 LC . -28.44 -10.05 41.76
C22 PX4 LC . -27.32 -9.44 40.91
O7 PX4 LC . -18.09 -8.96 53.58
C23 PX4 LC . -17.48 -10.03 53.04
O8 PX4 LC . -17.34 -11.04 53.72
C24 PX4 LC . -16.69 -9.81 51.74
C25 PX4 LC . -17.36 -10.67 50.68
C26 PX4 LC . -16.56 -10.57 49.38
C27 PX4 LC . -17.23 -11.48 48.33
C28 PX4 LC . -16.27 -11.89 47.20
C29 PX4 LC . -16.93 -12.95 46.33
C30 PX4 LC . -17.50 -12.19 45.11
C31 PX4 LC . -18.06 -13.32 44.25
C32 PX4 LC . -18.72 -12.74 43.00
C33 PX4 LC . -19.59 -13.73 42.23
C34 PX4 LC . -19.59 -13.27 40.77
C35 PX4 LC . -20.46 -14.31 40.08
C36 PX4 LC . -21.91 -14.09 40.56
O1 PX4 MC . 17.53 32.15 44.48
O2 PX4 MC . 19.02 31.91 46.54
P1 PX4 MC . 18.75 31.59 45.11
O3 PX4 MC . 19.98 32.29 44.32
C1 PX4 MC . 19.79 33.69 44.55
C2 PX4 MC . 20.67 34.52 43.59
N1 PX4 MC . 20.44 35.95 43.43
C3 PX4 MC . 20.13 36.73 44.65
C4 PX4 MC . 21.72 36.56 43.03
C5 PX4 MC . 19.38 36.20 42.44
O4 PX4 MC . 19.12 30.11 44.61
C6 PX4 MC . 19.09 30.10 43.19
C7 PX4 MC . 19.26 28.65 42.75
C8 PX4 MC . 17.83 28.26 42.34
O5 PX4 MC . 17.09 29.28 41.66
C9 PX4 MC . 15.75 29.08 41.75
O6 PX4 MC . 15.28 28.00 42.12
C10 PX4 MC . 14.86 30.16 41.15
C11 PX4 MC . 15.13 30.21 39.65
C12 PX4 MC . 14.36 31.35 38.97
C13 PX4 MC . 15.03 31.65 37.63
C14 PX4 MC . 16.51 32.04 37.67
C15 PX4 MC . 16.88 32.81 36.40
C16 PX4 MC . 18.37 33.15 36.50
C17 PX4 MC . 18.50 34.11 37.68
C18 PX4 MC . 19.90 34.70 37.48
C19 PX4 MC . 20.30 35.74 38.53
C20 PX4 MC . 21.59 36.50 38.19
C21 PX4 MC . 21.96 37.57 39.25
C22 PX4 MC . 22.98 38.43 38.52
O7 PX4 MC . 20.28 28.50 41.77
C23 PX4 MC . 20.86 27.27 41.70
O8 PX4 MC . 20.51 26.29 42.35
C24 PX4 MC . 22.06 27.12 40.76
C25 PX4 MC . 22.43 25.67 40.39
C26 PX4 MC . 23.58 25.63 39.38
C27 PX4 MC . 23.85 24.14 39.14
C28 PX4 MC . 24.84 23.64 38.09
C29 PX4 MC . 24.21 23.69 36.70
C30 PX4 MC . 25.31 23.35 35.70
C31 PX4 MC . 24.74 22.74 34.42
C32 PX4 MC . 25.93 22.59 33.47
C33 PX4 MC . 26.96 21.66 34.12
C34 PX4 MC . 28.01 21.37 33.04
C35 PX4 MC . 29.02 20.34 33.58
C36 PX4 MC . 29.58 19.64 32.34
O1 PX4 NC . 4.89 -5.31 51.63
O2 PX4 NC . 3.46 -3.31 51.08
P1 PX4 NC . 3.55 -4.69 51.62
O3 PX4 NC . 3.36 -4.19 53.14
C1 PX4 NC . 4.52 -3.40 53.38
C2 PX4 NC . 4.31 -2.33 54.46
N1 PX4 NC . 3.57 -1.10 54.21
C3 PX4 NC . 4.12 -0.29 53.13
C4 PX4 NC . 2.21 -1.39 53.73
C5 PX4 NC . 3.50 -0.35 55.48
O4 PX4 NC . 2.32 -5.73 51.68
C6 PX4 NC . 2.79 -7.03 52.04
C7 PX4 NC . 2.08 -8.19 51.35
C8 PX4 NC . 1.05 -7.54 50.42
O5 PX4 NC . 0.24 -8.44 49.68
C9 PX4 NC . -0.70 -7.82 48.90
O6 PX4 NC . -0.72 -6.59 48.92
C10 PX4 NC . -1.36 -8.69 47.83
C11 PX4 NC . -2.61 -7.96 47.35
C12 PX4 NC . -3.44 -8.89 46.46
C13 PX4 NC . -4.56 -8.05 45.83
C14 PX4 NC . -5.41 -8.98 44.98
C15 PX4 NC . -6.40 -8.19 44.10
C16 PX4 NC . -7.03 -9.20 43.14
C17 PX4 NC . -8.15 -8.54 42.33
C18 PX4 NC . -7.38 -8.00 41.12
C19 PX4 NC . -8.39 -7.37 40.17
C20 PX4 NC . -9.02 -6.17 40.88
C21 PX4 NC . -7.96 -5.22 41.42
C22 PX4 NC . -8.54 -4.08 42.24
O7 PX4 NC . 3.05 -8.93 50.59
C23 PX4 NC . 3.54 -10.01 51.24
O8 PX4 NC . 3.13 -10.23 52.38
C24 PX4 NC . 4.64 -10.88 50.59
C25 PX4 NC . 4.54 -10.65 49.08
C26 PX4 NC . 5.79 -11.07 48.31
C27 PX4 NC . 6.62 -9.84 47.93
C28 PX4 NC . 7.79 -10.14 46.99
C29 PX4 NC . 8.42 -8.95 46.27
C30 PX4 NC . 7.47 -8.41 45.19
C31 PX4 NC . 7.10 -9.43 44.11
C32 PX4 NC . 5.88 -8.94 43.32
C33 PX4 NC . 5.84 -9.93 42.15
C34 PX4 NC . 4.75 -9.53 41.15
C35 PX4 NC . 4.77 -10.26 39.81
C36 PX4 NC . 3.48 -9.88 39.07
O1 PX4 OC . -2.21 -16.99 59.03
O2 PX4 OC . 0.33 -17.32 58.97
P1 PX4 OC . -0.93 -17.00 58.28
O3 PX4 OC . -0.88 -15.57 57.52
C1 PX4 OC . 0.17 -14.76 58.06
C2 PX4 OC . 0.50 -13.57 57.14
N1 PX4 OC . -0.52 -12.54 56.94
C3 PX4 OC . -1.19 -12.82 55.66
C4 PX4 OC . -1.66 -12.40 57.87
C5 PX4 OC . 0.16 -11.25 56.74
O4 PX4 OC . -1.17 -18.18 57.20
C6 PX4 OC . 0.05 -18.04 56.48
C7 PX4 OC . -0.08 -18.39 55.00
C8 PX4 OC . -1.17 -19.47 54.98
O5 PX4 OC . -0.98 -20.52 54.03
C9 PX4 OC . -2.04 -21.36 53.95
O6 PX4 OC . -3.14 -21.02 54.37
C10 PX4 OC . -1.85 -22.73 53.27
C11 PX4 OC . -1.12 -22.58 51.94
C12 PX4 OC . -0.91 -23.91 51.21
C13 PX4 OC . -0.08 -23.94 49.93
C14 PX4 OC . -0.61 -22.91 48.94
C15 PX4 OC . -0.14 -23.06 47.49
C16 PX4 OC . -0.81 -22.01 46.63
C17 PX4 OC . -0.62 -22.27 45.13
C18 PX4 OC . -1.56 -21.45 44.23
C19 PX4 OC . -1.09 -21.54 42.78
C20 PX4 OC . -1.94 -20.78 41.79
C21 PX4 OC . -1.64 -21.20 40.33
C22 PX4 OC . -0.15 -20.94 40.10
O7 PX4 OC . -0.29 -17.41 53.99
C23 PX4 OC . 0.50 -16.32 53.92
O8 PX4 OC . 1.51 -16.16 54.62
C24 PX4 OC . 0.15 -15.16 52.97
C25 PX4 OC . -0.07 -15.63 51.53
C26 PX4 OC . -0.73 -14.57 50.65
C27 PX4 OC . -1.06 -14.94 49.21
C28 PX4 OC . -2.10 -14.03 48.56
C29 PX4 OC . -2.19 -14.40 47.08
C30 PX4 OC . -3.05 -13.37 46.36
C31 PX4 OC . -3.03 -13.72 44.87
C32 PX4 OC . -4.00 -12.79 44.13
C33 PX4 OC . -3.80 -13.25 42.69
C34 PX4 OC . -4.04 -14.75 42.57
C35 PX4 OC . -3.52 -15.23 41.22
C36 PX4 OC . -4.11 -16.62 40.92
O1 PX4 PC . 10.20 -16.25 56.09
O2 PX4 PC . 12.48 -15.82 55.32
P1 PX4 PC . 11.06 -15.43 55.21
O3 PX4 PC . 10.90 -13.83 55.38
C1 PX4 PC . 12.21 -13.26 55.40
C2 PX4 PC . 12.12 -11.78 55.78
N1 PX4 PC . 11.71 -10.71 54.85
C3 PX4 PC . 12.49 -10.50 53.62
C4 PX4 PC . 10.32 -10.77 54.40
C5 PX4 PC . 11.73 -9.42 55.53
O4 PX4 PC . 10.73 -15.49 53.64
C6 PX4 PC . 9.33 -15.18 53.58
C7 PX4 PC . 8.80 -15.22 52.15
C8 PX4 PC . 9.69 -16.26 51.46
O5 PX4 PC . 9.69 -16.44 50.03
C9 PX4 PC . 10.53 -17.38 49.54
O6 PX4 PC . 10.90 -18.27 50.32
C10 PX4 PC . 10.60 -17.49 48.03
C11 PX4 PC . 9.17 -17.28 47.51
C12 PX4 PC . 9.16 -18.00 46.17
C13 PX4 PC . 7.75 -17.80 45.61
C14 PX4 PC . 7.50 -17.94 44.10
C15 PX4 PC . 7.92 -19.29 43.53
C16 PX4 PC . 7.64 -19.19 42.02
C17 PX4 PC . 8.19 -20.42 41.28
C18 PX4 PC . 7.77 -20.26 39.81
C19 PX4 PC . 8.04 -21.54 39.05
C20 PX4 PC . 7.14 -22.64 39.62
C21 PX4 PC . 7.30 -23.76 38.58
C22 PX4 PC . 6.44 -25.00 38.83
O7 PX4 PC . 7.40 -15.49 52.04
C23 PX4 PC . 6.58 -14.46 51.70
O8 PX4 PC . 6.96 -13.28 51.75
C24 PX4 PC . 5.15 -14.80 51.32
C25 PX4 PC . 5.19 -16.18 50.66
C26 PX4 PC . 3.98 -16.32 49.73
C27 PX4 PC . 4.10 -15.28 48.61
C28 PX4 PC . 2.84 -15.14 47.75
C29 PX4 PC . 3.08 -14.17 46.59
C30 PX4 PC . 1.86 -13.24 46.58
C31 PX4 PC . 1.95 -12.23 45.44
C32 PX4 PC . 0.70 -11.35 45.58
C33 PX4 PC . 0.44 -10.34 44.46
C34 PX4 PC . -0.17 -11.08 43.26
C35 PX4 PC . -0.37 -10.29 41.95
C36 PX4 PC . -1.27 -11.05 40.97
O1 PX4 QC . 16.45 -12.77 51.60
O2 PX4 QC . 15.43 -11.49 53.65
P1 PX4 QC . 15.98 -12.70 53.01
O3 PX4 QC . 17.02 -13.45 53.97
C1 PX4 QC . 18.26 -12.72 54.06
C2 PX4 QC . 19.44 -13.60 54.43
N1 PX4 QC . 19.58 -14.16 55.79
C3 PX4 QC . 20.25 -15.48 55.73
C4 PX4 QC . 20.35 -13.19 56.56
C5 PX4 QC . 18.31 -14.35 56.50
O4 PX4 QC . 14.76 -13.76 53.07
C6 PX4 QC . 15.14 -15.00 52.48
C7 PX4 QC . 13.98 -15.86 51.93
C8 PX4 QC . 12.92 -14.81 51.57
O5 PX4 QC . 12.97 -14.17 50.29
C9 PX4 QC . 12.04 -13.20 50.15
O6 PX4 QC . 11.37 -12.83 51.12
C10 PX4 QC . 12.25 -12.30 48.92
C11 PX4 QC . 11.59 -12.96 47.70
C12 PX4 QC . 11.47 -11.90 46.60
C13 PX4 QC . 10.74 -12.46 45.38
C14 PX4 QC . 9.42 -13.12 45.76
C15 PX4 QC . 8.38 -13.21 44.64
C16 PX4 QC . 7.06 -13.75 45.19
C17 PX4 QC . 5.91 -13.65 44.17
C18 PX4 QC . 6.21 -14.50 42.94
C19 PX4 QC . 5.23 -14.10 41.83
C20 PX4 QC . 5.14 -15.07 40.64
C21 PX4 QC . 3.97 -14.70 39.73
C22 PX4 QC . 3.72 -15.84 38.75
O7 PX4 QC . 14.44 -16.70 50.88
C23 PX4 QC . 14.53 -18.02 51.16
O8 PX4 QC . 14.30 -18.55 52.24
C24 PX4 QC . 15.12 -18.78 49.96
C25 PX4 QC . 16.62 -18.55 49.92
C26 PX4 QC . 17.11 -19.49 48.81
C27 PX4 QC . 16.40 -19.20 47.50
C28 PX4 QC . 16.94 -20.12 46.40
C29 PX4 QC . 16.23 -19.85 45.08
C30 PX4 QC . 16.86 -20.59 43.91
C31 PX4 QC . 15.82 -20.39 42.82
C32 PX4 QC . 16.17 -21.14 41.54
C33 PX4 QC . 15.13 -20.87 40.45
C34 PX4 QC . 15.53 -21.54 39.13
C35 PX4 QC . 14.41 -21.33 38.11
C36 PX4 QC . 14.14 -19.83 37.95
O1 PX4 RC . -8.14 6.79 55.24
O2 PX4 RC . -7.41 8.28 53.23
P1 PX4 RC . -8.34 7.32 53.87
O3 PX4 RC . -9.66 8.24 53.85
C1 PX4 RC . -9.16 9.42 54.49
C2 PX4 RC . -10.03 10.63 54.13
N1 PX4 RC . -10.06 11.27 52.81
C3 PX4 RC . -11.06 12.35 52.81
C4 PX4 RC . -8.78 11.83 52.34
C5 PX4 RC . -10.49 10.33 51.77
O4 PX4 RC . -8.94 6.29 52.79
C6 PX4 RC . -9.38 6.95 51.60
C7 PX4 RC . -10.03 6.07 50.54
C8 PX4 RC . -9.92 4.62 51.03
O5 PX4 RC . -8.89 3.91 50.33
C9 PX4 RC . -8.70 2.61 50.68
O6 PX4 RC . -9.39 2.28 51.65
C10 PX4 RC . -7.52 1.83 50.12
C11 PX4 RC . -7.82 1.25 48.74
C12 PX4 RC . -9.08 0.44 48.40
C13 PX4 RC . -8.78 -0.32 47.11
C14 PX4 RC . -8.69 0.60 45.89
C15 PX4 RC . -8.59 -0.27 44.63
C16 PX4 RC . -8.45 0.57 43.36
C17 PX4 RC . -8.52 -0.32 42.11
C18 PX4 RC . -8.22 0.40 40.80
C19 PX4 RC . -8.19 -0.60 39.64
C20 PX4 RC . -9.48 -1.42 39.52
C21 PX4 RC . -9.57 -2.47 38.42
C22 PX4 RC . -10.79 -3.40 38.21
O7 PX4 RC . -11.38 6.38 50.17
C23 PX4 RC . -11.58 7.41 49.29
O8 PX4 RC . -10.62 7.96 48.76
C24 PX4 RC . -13.03 7.82 49.10
C25 PX4 RC . -13.96 6.73 48.55
C26 PX4 RC . -13.43 6.23 47.21
C27 PX4 RC . -14.48 5.33 46.59
C28 PX4 RC . -14.17 4.90 45.13
C29 PX4 RC . -14.30 6.08 44.16
C30 PX4 RC . -14.10 5.53 42.73
C31 PX4 RC . -14.02 6.68 41.71
C32 PX4 RC . -15.36 7.37 41.51
C33 PX4 RC . -15.33 8.41 40.39
C34 PX4 RC . -14.25 9.45 40.70
C35 PX4 RC . -14.98 10.61 41.41
C36 PX4 RC . -14.08 11.82 41.64
O1 PX4 SC . -13.45 0.63 59.06
O2 PX4 SC . -12.27 -0.68 57.22
P1 PX4 SC . -13.22 0.37 57.62
O3 PX4 SC . -12.53 1.68 56.95
C1 PX4 SC . -11.23 1.81 57.54
C2 PX4 SC . -10.29 2.80 56.85
N1 PX4 SC . -9.77 2.49 55.49
C3 PX4 SC . -8.87 3.59 55.11
C4 PX4 SC . -9.04 1.23 55.32
C5 PX4 SC . -10.84 2.46 54.48
O4 PX4 SC . -14.60 0.45 56.78
C6 PX4 SC . -14.08 -0.16 55.59
C7 PX4 SC . -15.10 -0.76 54.62
C8 PX4 SC . -16.17 0.33 54.57
O5 PX4 SC . -17.53 -0.04 54.69
C9 PX4 SC . -18.38 0.92 55.12
O6 PX4 SC . -18.04 2.11 55.19
C10 PX4 SC . -19.85 0.49 55.11
C11 PX4 SC . -20.64 0.99 53.89
C12 PX4 SC . -20.33 -0.04 52.80
C13 PX4 SC . -20.81 0.54 51.47
C14 PX4 SC . -20.66 -0.57 50.42
C15 PX4 SC . -21.21 -0.25 49.02
C16 PX4 SC . -20.70 -1.41 48.18
C17 PX4 SC . -21.15 -1.20 46.73
C18 PX4 SC . -21.14 -2.47 45.87
C19 PX4 SC . -21.56 -2.13 44.44
C20 PX4 SC . -20.66 -1.01 43.92
C21 PX4 SC . -20.98 -0.70 42.45
C22 PX4 SC . -20.03 0.42 42.05
O7 PX4 SC . -14.62 -0.96 53.29
C23 PX4 SC . -13.87 -2.04 52.97
O8 PX4 SC . -13.32 -2.57 53.94
C24 PX4 SC . -13.52 -2.25 51.49
C25 PX4 SC . -14.81 -2.17 50.68
C26 PX4 SC . -14.64 -1.97 49.18
C27 PX4 SC . -15.99 -1.87 48.45
C28 PX4 SC . -15.78 -2.38 47.02
C29 PX4 SC . -17.12 -2.82 46.44
C30 PX4 SC . -17.02 -3.59 45.12
C31 PX4 SC . -16.55 -2.68 43.99
C32 PX4 SC . -16.71 -3.30 42.60
C33 PX4 SC . -18.10 -3.93 42.56
C34 PX4 SC . -18.44 -4.35 41.11
C35 PX4 SC . -19.84 -4.94 41.00
C36 PX4 SC . -20.15 -5.69 39.71
O1 PX4 TC . -21.58 -0.54 63.11
O2 PX4 TC . -24.13 -0.26 63.27
P1 PX4 TC . -22.92 -0.67 62.51
O3 PX4 TC . -23.24 -2.22 62.26
C1 PX4 TC . -24.60 -2.14 61.81
C2 PX4 TC . -25.01 -3.51 61.27
N1 PX4 TC . -26.19 -3.78 60.44
C3 PX4 TC . -26.18 -2.92 59.26
C4 PX4 TC . -26.20 -5.20 60.06
C5 PX4 TC . -27.45 -3.49 61.13
O4 PX4 TC . -23.00 -0.32 60.94
C6 PX4 TC . -21.85 0.39 60.46
C7 PX4 TC . -21.88 0.63 58.96
C8 PX4 TC . -22.83 -0.39 58.32
O5 PX4 TC . -22.90 -0.25 56.90
C9 PX4 TC . -23.34 -1.41 56.35
O6 PX4 TC . -23.76 -2.37 57.00
C10 PX4 TC . -23.27 -1.45 54.82
C11 PX4 TC . -22.82 -2.74 54.12
C12 PX4 TC . -23.36 -2.53 52.71
C13 PX4 TC . -23.18 -3.70 51.72
C14 PX4 TC . -23.79 -3.35 50.36
C15 PX4 TC . -23.53 -4.37 49.26
C16 PX4 TC . -24.11 -4.02 47.89
C17 PX4 TC . -23.86 -5.05 46.79
C18 PX4 TC . -24.33 -4.77 45.38
C19 PX4 TC . -23.77 -5.73 44.33
C20 PX4 TC . -24.52 -5.53 43.01
C21 PX4 TC . -24.15 -6.56 41.95
C22 PX4 TC . -25.19 -6.47 40.82
O7 PX4 TC . -21.97 1.98 58.50
C23 PX4 TC . -20.92 2.84 58.60
O8 PX4 TC . -19.88 2.37 59.07
C24 PX4 TC . -21.13 4.31 58.20
C25 PX4 TC . -20.28 4.46 56.94
C26 PX4 TC . -20.51 5.82 56.30
C27 PX4 TC . -19.46 5.98 55.20
C28 PX4 TC . -19.60 5.08 53.96
C29 PX4 TC . -18.49 5.21 52.90
C30 PX4 TC . -18.82 4.18 51.84
C31 PX4 TC . -17.96 4.16 50.56
C32 PX4 TC . -18.29 2.94 49.69
C33 PX4 TC . -17.48 2.71 48.42
C34 PX4 TC . -17.82 1.36 47.76
C35 PX4 TC . -17.23 1.13 46.37
C36 PX4 TC . -17.69 2.04 45.22
O1 PX4 UC . -14.77 -7.34 59.92
O2 PX4 UC . -13.21 -9.39 59.87
P1 PX4 UC . -13.71 -8.14 59.27
O3 PX4 UC . -12.45 -7.17 59.11
C1 PX4 UC . -12.20 -6.56 60.37
C2 PX4 UC . -11.25 -5.36 60.43
N1 PX4 UC . -11.03 -4.78 61.76
C3 PX4 UC . -12.03 -3.75 62.08
C4 PX4 UC . -10.93 -5.68 62.91
C5 PX4 UC . -9.68 -4.22 61.89
O4 PX4 UC . -13.92 -8.49 57.71
C6 PX4 UC . -14.70 -7.49 57.07
C7 PX4 UC . -14.82 -7.65 55.55
C8 PX4 UC . -14.37 -9.03 55.08
O5 PX4 UC . -13.41 -8.71 54.07
C9 PX4 UC . -13.02 -9.70 53.23
O6 PX4 UC . -13.33 -10.89 53.31
C10 PX4 UC . -11.98 -9.28 52.19
C11 PX4 UC . -12.32 -7.92 51.58
C12 PX4 UC . -13.55 -8.12 50.72
C13 PX4 UC . -14.10 -6.79 50.19
C14 PX4 UC . -15.11 -7.08 49.08
C15 PX4 UC . -14.55 -7.79 47.86
C16 PX4 UC . -15.64 -7.79 46.78
C17 PX4 UC . -14.89 -8.38 45.59
C18 PX4 UC . -15.91 -8.23 44.45
C19 PX4 UC . -15.37 -8.78 43.12
C20 PX4 UC . -16.32 -8.56 41.93
C21 PX4 UC . -15.62 -9.24 40.76
C22 PX4 UC . -16.64 -9.17 39.61
O7 PX4 UC . -16.08 -7.19 55.05
C23 PX4 UC . -16.15 -5.91 54.60
O8 PX4 UC . -15.08 -5.29 54.64
C24 PX4 UC . -17.49 -5.25 54.27
C25 PX4 UC . -17.24 -4.12 53.28
C26 PX4 UC . -18.57 -3.59 52.76
C27 PX4 UC . -19.29 -4.66 51.94
C28 PX4 UC . -18.52 -4.92 50.64
C29 PX4 UC . -19.34 -5.89 49.78
C30 PX4 UC . -19.67 -7.24 50.40
C31 PX4 UC . -19.88 -8.28 49.30
C32 PX4 UC . -20.68 -9.58 49.47
C33 PX4 UC . -20.78 -10.50 48.26
C34 PX4 UC . -21.56 -9.89 47.09
C35 PX4 UC . -21.65 -10.80 45.87
C36 PX4 UC . -23.13 -11.00 45.54
O1 PX4 VC . -9.18 -16.42 56.58
O2 PX4 VC . -11.48 -15.30 56.14
P1 PX4 VC . -10.21 -15.89 55.66
O3 PX4 VC . -10.85 -17.25 55.07
C1 PX4 VC . -11.38 -17.97 56.19
C2 PX4 VC . -12.02 -19.31 55.86
N1 PX4 VC . -11.24 -20.54 55.67
C3 PX4 VC . -10.19 -20.55 54.64
C4 PX4 VC . -10.75 -21.03 56.97
C5 PX4 VC . -12.06 -21.66 55.20
O4 PX4 VC . -9.53 -15.55 54.25
C6 PX4 VC . -8.44 -16.47 54.06
C7 PX4 VC . -8.59 -17.51 52.94
C8 PX4 VC . -9.86 -17.12 52.17
O5 PX4 VC . -10.89 -18.11 52.17
C9 PX4 VC . -12.02 -17.71 51.51
O6 PX4 VC . -12.20 -16.51 51.24
C10 PX4 VC . -13.05 -18.84 51.37
C11 PX4 VC . -14.35 -18.44 50.67
C12 PX4 VC . -15.10 -19.57 49.96
C13 PX4 VC . -14.19 -20.15 48.86
C14 PX4 VC . -14.88 -21.39 48.32
C15 PX4 VC . -13.92 -21.84 47.22
C16 PX4 VC . -14.29 -23.14 46.50
C17 PX4 VC . -13.40 -23.41 45.31
C18 PX4 VC . -11.92 -23.41 45.71
C19 PX4 VC . -11.12 -23.50 44.41
C20 PX4 VC . -9.58 -23.57 44.39
C21 PX4 VC . -9.18 -23.85 42.94
C22 PX4 VC . -7.66 -23.95 42.93
O7 PX4 VC . -7.39 -17.69 52.19
C23 PX4 VC . -6.55 -18.63 52.70
O8 PX4 VC . -6.94 -19.44 53.52
C24 PX4 VC . -5.12 -18.59 52.17
C25 PX4 VC . -4.68 -19.90 51.50
C26 PX4 VC . -3.55 -19.73 50.48
C27 PX4 VC . -2.29 -18.99 50.94
C28 PX4 VC . -1.15 -18.99 49.94
C29 PX4 VC . -1.75 -18.45 48.65
C30 PX4 VC . -0.60 -18.20 47.67
C31 PX4 VC . -1.03 -17.74 46.28
C32 PX4 VC . 0.20 -17.45 45.41
C33 PX4 VC . -0.20 -17.48 43.94
C34 PX4 VC . 1.01 -17.34 43.01
C35 PX4 VC . 0.79 -16.40 41.82
C36 PX4 VC . 0.31 -14.98 42.11
O1 PX4 WC . 16.88 -4.28 50.87
O2 PX4 WC . 16.70 -3.20 48.49
P1 PX4 WC . 17.12 -4.28 49.39
O3 PX4 WC . 16.51 -5.61 48.71
C1 PX4 WC . 15.20 -5.92 49.19
C2 PX4 WC . 14.31 -6.80 48.31
N1 PX4 WC . 14.57 -8.22 48.08
C3 PX4 WC . 13.76 -8.63 46.92
C4 PX4 WC . 16.01 -8.46 47.85
C5 PX4 WC . 14.04 -8.92 49.27
O4 PX4 WC . 18.69 -4.49 49.12
C6 PX4 WC . 18.83 -5.36 47.99
C7 PX4 WC . 20.14 -5.02 47.25
C8 PX4 WC . 20.87 -6.34 47.07
O5 PX4 WC . 20.02 -7.44 46.74
C9 PX4 WC . 20.82 -8.52 46.62
O6 PX4 WC . 21.86 -8.69 47.26
C10 PX4 WC . 20.21 -9.64 45.75
C11 PX4 WC . 18.74 -9.56 45.37
C12 PX4 WC . 18.26 -10.95 44.91
C13 PX4 WC . 18.89 -11.49 43.62
C14 PX4 WC . 18.63 -12.91 43.08
C15 PX4 WC . 19.29 -13.01 41.70
C16 PX4 WC . 20.80 -12.98 41.88
C17 PX4 WC . 21.43 -12.81 40.49
C18 PX4 WC . 22.96 -12.86 40.66
C19 PX4 WC . 23.84 -12.29 39.55
C20 PX4 WC . 23.41 -12.91 38.21
C21 PX4 WC . 23.96 -12.26 36.94
C22 PX4 WC . 23.20 -12.85 35.77
O7 PX4 WC . 19.79 -4.47 45.98
C23 PX4 WC . 19.32 -3.21 46.06
O8 PX4 WC . 19.86 -2.29 46.67
C24 PX4 WC . 18.71 -2.83 44.71
C25 PX4 WC . 19.80 -2.43 43.71
C26 PX4 WC . 19.19 -1.86 42.42
C27 PX4 WC . 20.32 -1.48 41.45
C28 PX4 WC . 19.80 -0.94 40.13
C29 PX4 WC . 20.83 -0.70 39.02
C30 PX4 WC . 21.70 -1.87 38.54
C31 PX4 WC . 20.84 -2.98 37.94
C32 PX4 WC . 21.76 -4.10 37.41
C33 PX4 WC . 22.31 -5.02 38.49
C34 PX4 WC . 22.69 -6.29 37.72
C35 PX4 WC . 23.67 -7.05 38.61
C36 PX4 WC . 23.02 -7.55 39.91
O1 PX4 XC . 16.92 -8.53 51.37
O2 PX4 XC . 18.84 -10.07 52.09
P1 PX4 XC . 18.21 -9.18 51.11
O3 PX4 XC . 19.32 -8.08 50.74
C1 PX4 XC . 19.58 -7.28 51.89
C2 PX4 XC . 20.76 -6.34 51.63
N1 PX4 XC . 20.98 -5.13 52.41
C3 PX4 XC . 22.23 -4.45 52.06
C4 PX4 XC . 19.90 -4.12 52.26
C5 PX4 XC . 21.05 -5.42 53.85
O4 PX4 XC . 18.16 -10.02 49.74
C6 PX4 XC . 19.36 -10.80 49.70
C7 PX4 XC . 19.21 -12.04 48.82
C8 PX4 XC . 17.74 -12.19 48.43
O5 PX4 XC . 17.26 -13.54 48.49
C9 PX4 XC . 15.92 -13.52 48.24
O6 PX4 XC . 15.36 -12.46 47.98
C10 PX4 XC . 15.23 -14.88 48.13
C11 PX4 XC . 14.63 -15.21 46.76
C12 PX4 XC . 13.85 -16.53 46.76
C13 PX4 XC . 13.38 -17.04 45.40
C14 PX4 XC . 12.52 -15.96 44.75
C15 PX4 XC . 12.28 -16.17 43.25
C16 PX4 XC . 11.53 -15.04 42.55
C17 PX4 XC . 11.07 -15.14 41.10
C18 PX4 XC . 10.98 -13.84 40.32
C19 PX4 XC . 10.03 -12.83 41.00
C20 PX4 XC . 10.06 -11.52 40.23
C21 PX4 XC . 9.44 -10.39 41.05
C22 PX4 XC . 9.17 -9.10 40.28
O7 PX4 XC . 20.12 -12.04 47.71
C23 PX4 XC . 21.38 -12.47 48.02
O8 PX4 XC . 21.77 -12.59 49.19
C24 PX4 XC . 22.03 -13.24 46.88
C25 PX4 XC . 22.97 -12.36 46.05
C26 PX4 XC . 23.45 -13.15 44.83
C27 PX4 XC . 23.95 -14.53 45.28
C28 PX4 XC . 24.65 -15.42 44.25
C29 PX4 XC . 23.75 -15.89 43.08
C30 PX4 XC . 22.70 -16.84 43.64
C31 PX4 XC . 21.81 -17.39 42.52
C32 PX4 XC . 21.06 -18.58 43.13
C33 PX4 XC . 20.54 -19.55 42.07
C34 PX4 XC . 19.76 -18.83 40.97
C35 PX4 XC . 19.88 -19.71 39.73
C36 PX4 XC . 19.04 -19.36 38.50
O1 PX4 YC . -19.46 13.10 57.78
O2 PX4 YC . -18.58 10.98 56.50
P1 PX4 YC . -18.74 12.46 56.66
O3 PX4 YC . -17.36 13.27 56.70
C1 PX4 YC . -16.88 13.30 58.06
C2 PX4 YC . -15.53 13.97 58.29
N1 PX4 YC . -14.33 13.37 57.68
C3 PX4 YC . -14.49 12.20 56.80
C4 PX4 YC . -13.77 14.38 56.78
C5 PX4 YC . -13.28 13.06 58.65
O4 PX4 YC . -19.21 13.00 55.22
C6 PX4 YC . -18.16 12.67 54.29
C7 PX4 YC . -18.54 12.31 52.87
C8 PX4 YC . -20.01 11.86 52.96
O5 PX4 YC . -20.29 10.62 52.29
C9 PX4 YC . -21.53 10.12 52.51
O6 PX4 YC . -22.32 10.61 53.33
C10 PX4 YC . -21.81 8.79 51.81
C11 PX4 YC . -21.95 9.11 50.32
C12 PX4 YC . -22.31 7.79 49.63
C13 PX4 YC . -22.42 8.33 48.20
C14 PX4 YC . -22.59 7.16 47.23
C15 PX4 YC . -22.65 7.85 45.85
C16 PX4 YC . -22.56 6.73 44.80
C17 PX4 YC . -22.66 7.29 43.38
C18 PX4 YC . -22.66 6.14 42.37
C19 PX4 YC . -23.04 6.69 40.99
C20 PX4 YC . -23.14 5.50 40.03
C21 PX4 YC . -23.20 5.96 38.57
C22 PX4 YC . -23.50 4.76 37.69
O7 PX4 YC . -18.26 13.41 52.00
C23 PX4 YC . -16.95 13.69 51.73
O8 PX4 YC . -16.10 13.03 52.30
C24 PX4 YC . -16.75 15.12 51.19
C25 PX4 YC . -16.73 15.01 49.66
C26 PX4 YC . -16.99 16.41 49.12
C27 PX4 YC . -17.42 16.31 47.66
C28 PX4 YC . -16.35 15.64 46.80
C29 PX4 YC . -16.77 15.54 45.34
C30 PX4 YC . -15.58 15.07 44.53
C31 PX4 YC . -16.02 14.64 43.12
C32 PX4 YC . -16.68 15.92 42.61
C33 PX4 YC . -17.36 15.48 41.31
C34 PX4 YC . -18.45 16.45 40.83
C35 PX4 YC . -18.92 15.96 39.46
C36 PX4 YC . -19.62 14.61 39.48
O1 PX4 ZC . -18.24 25.54 50.88
O2 PX4 ZC . -20.04 24.53 52.55
P1 PX4 ZC . -19.38 24.67 51.25
O3 PX4 ZC . -18.90 23.14 51.08
C1 PX4 ZC . -19.88 22.14 51.37
C2 PX4 ZC . -19.29 20.73 51.29
N1 PX4 ZC . -18.55 20.16 52.43
C3 PX4 ZC . -17.95 18.85 52.13
C4 PX4 ZC . -17.39 21.04 52.72
C5 PX4 ZC . -19.34 19.99 53.66
O4 PX4 ZC . -20.38 24.46 50.01
C6 PX4 ZC . -19.75 25.06 48.85
C7 PX4 ZC . -20.18 24.36 47.56
C8 PX4 ZC . -20.74 23.00 47.96
O5 PX4 ZC . -20.06 21.89 47.38
C9 PX4 ZC . -20.51 20.68 47.84
O6 PX4 ZC . -21.38 20.61 48.69
C10 PX4 ZC . -19.85 19.43 47.25
C11 PX4 ZC . -20.91 18.41 46.82
C12 PX4 ZC . -20.25 17.44 45.83
C13 PX4 ZC . -21.29 16.46 45.27
C14 PX4 ZC . -20.48 15.28 44.76
C15 PX4 ZC . -21.21 13.93 44.76
C16 PX4 ZC . -20.31 12.88 44.11
C17 PX4 ZC . -20.95 11.50 44.00
C18 PX4 ZC . -20.04 10.59 43.18
C19 PX4 ZC . -20.19 10.93 41.69
C20 PX4 ZC . -19.18 10.20 40.81
C21 PX4 ZC . -19.67 10.46 39.37
C22 PX4 ZC . -21.06 9.88 39.11
O7 PX4 ZC . -21.07 25.19 46.81
C23 PX4 ZC . -20.50 26.02 45.89
O8 PX4 ZC . -19.50 26.69 46.16
C24 PX4 ZC . -21.47 26.59 44.85
C25 PX4 ZC . -20.72 26.58 43.51
C26 PX4 ZC . -21.57 26.79 42.25
C27 PX4 ZC . -20.70 26.88 41.00
C28 PX4 ZC . -21.49 26.90 39.68
C29 PX4 ZC . -22.62 27.93 39.72
C30 PX4 ZC . -23.25 28.03 38.33
C31 PX4 ZC . -24.53 28.83 38.49
C32 PX4 ZC . -24.55 30.13 39.29
C33 PX4 ZC . -25.98 30.57 39.60
C34 PX4 ZC . -26.29 30.13 41.03
C35 PX4 ZC . -27.53 30.71 41.71
C36 PX4 ZC . -27.86 30.08 43.07
O1 PX4 AD . -12.72 22.95 52.04
O2 PX4 AD . -10.58 21.69 52.69
P1 PX4 AD . -11.74 21.88 51.76
O3 PX4 AD . -10.94 22.31 50.43
C1 PX4 AD . -9.83 23.17 50.68
C2 PX4 AD . -9.19 23.54 49.34
N1 PX4 AD . -7.84 24.13 49.41
C3 PX4 AD . -7.80 25.31 50.30
C4 PX4 AD . -6.66 23.31 49.67
C5 PX4 AD . -7.57 24.46 48.00
O4 PX4 AD . -12.39 20.45 51.48
C6 PX4 AD . -12.68 20.49 50.08
C7 PX4 AD . -13.31 19.16 49.65
C8 PX4 AD . -14.63 19.47 48.95
O5 PX4 AD . -14.84 20.83 48.61
C9 PX4 AD . -16.11 21.33 48.64
O6 PX4 AD . -17.04 20.56 48.86
C10 PX4 AD . -16.34 22.82 48.37
C11 PX4 AD . -16.29 23.01 46.85
C12 PX4 AD . -16.34 24.53 46.65
C13 PX4 AD . -16.06 24.81 45.17
C14 PX4 AD . -17.10 23.97 44.41
C15 PX4 AD . -16.78 24.17 42.92
C16 PX4 AD . -17.73 23.44 41.96
C17 PX4 AD . -17.59 23.98 40.53
C18 PX4 AD . -18.67 23.38 39.62
C19 PX4 AD . -18.36 23.82 38.19
C20 PX4 AD . -19.57 23.83 37.26
C21 PX4 AD . -19.16 24.09 35.80
C22 PX4 AD . -20.46 23.81 35.05
O7 PX4 AD . -12.39 18.31 48.98
C23 PX4 AD . -12.69 16.99 48.79
O8 PX4 AD . -13.44 16.35 49.52
C24 PX4 AD . -12.14 16.22 47.59
C25 PX4 AD . -12.22 17.03 46.29
C26 PX4 AD . -11.72 16.21 45.09
C27 PX4 AD . -12.05 17.07 43.87
C28 PX4 AD . -11.64 16.36 42.58
C29 PX4 AD . -11.95 17.27 41.39
C30 PX4 AD . -11.61 16.56 40.08
C31 PX4 AD . -12.83 15.78 39.63
C32 PX4 AD . -12.56 15.00 38.33
C33 PX4 AD . -13.86 14.45 37.76
C34 PX4 AD . -13.56 13.72 36.45
C35 PX4 AD . -14.84 13.08 35.90
C36 PX4 AD . -15.26 11.86 36.73
O1 PX4 BD . -1.97 -0.51 53.69
O2 PX4 BD . -3.12 -2.77 53.04
P1 PX4 BD . -2.14 -1.69 52.81
O3 PX4 BD . -0.71 -2.24 52.32
C1 PX4 BD . -0.99 -3.53 51.75
C2 PX4 BD . -0.02 -3.96 50.67
N1 PX4 BD . 0.13 -3.29 49.36
C3 PX4 BD . 0.45 -1.86 49.53
C4 PX4 BD . 1.23 -3.94 48.64
C5 PX4 BD . -1.07 -3.29 48.51
O4 PX4 BD . -2.86 -1.15 51.47
C6 PX4 BD . -4.16 -0.65 51.73
C7 PX4 BD . -5.30 -0.84 50.72
C8 PX4 BD . -4.74 -1.39 49.42
O5 PX4 BD . -4.92 -0.52 48.30
C9 PX4 BD . -4.12 -0.78 47.22
O6 PX4 BD . -3.18 -1.58 47.25
C10 PX4 BD . -4.44 -0.01 45.94
C11 PX4 BD . -3.86 1.40 45.95
C12 PX4 BD . -4.14 2.20 44.67
C13 PX4 BD . -3.43 1.49 43.50
C14 PX4 BD . -3.58 2.38 42.27
C15 PX4 BD . -5.01 2.35 41.74
C16 PX4 BD . -5.07 3.29 40.51
C17 PX4 BD . -6.52 3.74 40.41
C18 PX4 BD . -6.68 4.84 39.37
C19 PX4 BD . -8.04 5.46 39.67
C20 PX4 BD . -8.17 6.61 40.68
C21 PX4 BD . -9.48 7.27 40.27
C22 PX4 BD . -9.92 8.34 41.27
O7 PX4 BD . -6.32 -1.76 51.09
C23 PX4 BD . -7.25 -1.42 52.01
O8 PX4 BD . -6.99 -0.50 52.80
C24 PX4 BD . -8.57 -2.17 52.27
C25 PX4 BD . -8.95 -2.91 51.00
C26 PX4 BD . -10.26 -3.71 51.16
C27 PX4 BD . -10.45 -4.42 49.81
C28 PX4 BD . -10.60 -3.55 48.56
C29 PX4 BD . -10.68 -4.35 47.28
C30 PX4 BD . -11.82 -3.70 46.49
C31 PX4 BD . -11.76 -4.46 45.17
C32 PX4 BD . -12.64 -3.87 44.05
C33 PX4 BD . -12.52 -4.76 42.81
C34 PX4 BD . -12.69 -6.27 43.03
C35 PX4 BD . -12.11 -6.95 41.79
C36 PX4 BD . -12.73 -6.38 40.51
O1 PX4 CD . 0.34 4.99 50.81
O2 PX4 CD . 1.30 7.13 49.72
P1 PX4 CD . 0.18 6.17 49.92
O3 PX4 CD . -1.09 6.93 50.51
C1 PX4 CD . -0.82 7.55 51.77
C2 PX4 CD . -1.97 8.20 52.55
N1 PX4 CD . -3.27 7.60 52.87
C3 PX4 CD . -4.11 8.48 53.69
C4 PX4 CD . -3.98 7.22 51.64
C5 PX4 CD . -3.00 6.34 53.57
O4 PX4 CD . -0.43 5.57 48.55
C6 PX4 CD . -1.72 5.00 48.81
C7 PX4 CD . -2.70 5.05 47.64
C8 PX4 CD . -1.83 4.51 46.52
O5 PX4 CD . -1.93 5.24 45.30
C9 PX4 CD . -1.13 5.04 44.22
O6 PX4 CD . -0.04 4.47 44.41
C10 PX4 CD . -1.48 5.70 42.90
C11 PX4 CD . -0.97 7.12 42.70
C12 PX4 CD . -1.04 7.63 41.26
C13 PX4 CD . -0.47 9.06 41.28
C14 PX4 CD . -0.37 9.60 39.85
C15 PX4 CD . 0.38 8.55 39.04
C16 PX4 CD . 0.77 9.29 37.74
C17 PX4 CD . 1.53 8.24 36.92
C18 PX4 CD . 2.91 7.90 37.49
C19 PX4 CD . 3.53 6.65 36.89
C20 PX4 CD . 2.64 5.40 36.86
C21 PX4 CD . 3.43 4.32 36.11
C22 PX4 CD . 2.74 2.98 36.32
O7 PX4 CD . -3.92 4.31 47.72
C23 PX4 CD . -5.01 5.10 47.88
O8 PX4 CD . -4.79 6.21 48.34
C24 PX4 CD . -6.38 4.47 47.61
C25 PX4 CD . -7.51 5.50 47.67
C26 PX4 CD . -8.74 4.93 46.97
C27 PX4 CD . -8.61 4.68 45.48
C28 PX4 CD . -9.90 4.11 44.89
C29 PX4 CD . -9.80 4.24 43.37
C30 PX4 CD . -10.93 3.44 42.70
C31 PX4 CD . -10.54 3.29 41.23
C32 PX4 CD . -11.68 2.73 40.40
C33 PX4 CD . -11.35 2.35 38.95
C34 PX4 CD . -10.94 3.59 38.13
C35 PX4 CD . -12.12 4.54 38.35
C36 PX4 CD . -11.84 5.87 37.64
O1 PX4 DD . -11.79 -11.71 56.00
O2 PX4 DD . -9.23 -11.97 56.43
P1 PX4 DD . -10.38 -11.54 55.58
O3 PX4 DD . -10.17 -9.95 55.42
C1 PX4 DD . -10.87 -9.20 56.40
C2 PX4 DD . -10.93 -7.71 56.01
N1 PX4 DD . -9.76 -6.81 56.04
C3 PX4 DD . -9.19 -6.70 54.70
C4 PX4 DD . -10.26 -5.47 56.36
C5 PX4 DD . -8.64 -7.24 56.90
O4 PX4 DD . -10.07 -11.99 54.06
C6 PX4 DD . -8.91 -11.24 53.67
C7 PX4 DD . -8.48 -11.35 52.20
C8 PX4 DD . -9.15 -12.59 51.63
O5 PX4 DD . -8.33 -13.47 50.85
C9 PX4 DD . -7.28 -13.98 51.55
O6 PX4 DD . -7.27 -13.95 52.78
C10 PX4 DD . -6.25 -14.79 50.76
C11 PX4 DD . -6.82 -15.73 49.70
C12 PX4 DD . -5.73 -16.54 49.01
C13 PX4 DD . -6.24 -17.30 47.80
C14 PX4 DD . -5.23 -17.44 46.67
C15 PX4 DD . -5.78 -17.99 45.34
C16 PX4 DD . -6.17 -19.45 45.54
C17 PX4 DD . -4.97 -20.29 45.98
C18 PX4 DD . -5.59 -21.67 46.12
C19 PX4 DD . -4.56 -22.72 46.56
C20 PX4 DD . -5.36 -23.93 47.00
C21 PX4 DD . -4.43 -25.08 47.39
C22 PX4 DD . -5.09 -26.41 47.80
O7 PX4 DD . -8.66 -10.15 51.42
C23 PX4 DD . -7.96 -9.02 51.64
O8 PX4 DD . -7.17 -8.80 52.57
C24 PX4 DD . -8.30 -7.78 50.79
C25 PX4 DD . -8.11 -8.20 49.32
C26 PX4 DD . -8.57 -7.13 48.33
C27 PX4 DD . -8.73 -7.85 46.98
C28 PX4 DD . -10.01 -8.68 47.01
C29 PX4 DD . -10.39 -9.01 45.56
C30 PX4 DD . -11.45 -10.10 45.73
C31 PX4 DD . -11.82 -10.64 44.35
C32 PX4 DD . -12.72 -11.85 44.58
C33 PX4 DD . -13.00 -12.50 43.22
C34 PX4 DD . -14.05 -13.61 43.29
C35 PX4 DD . -14.29 -14.16 41.88
C36 PX4 DD . -15.19 -15.39 41.93
O1 PX4 ED . 7.38 -2.73 53.07
O2 PX4 ED . 8.65 -5.00 52.88
P1 PX4 ED . 8.20 -3.69 52.32
O3 PX4 ED . 9.62 -3.00 52.01
C1 PX4 ED . 10.59 -3.23 53.05
C2 PX4 ED . 12.08 -3.10 52.76
N1 PX4 ED . 13.04 -3.49 53.80
C3 PX4 ED . 14.33 -3.03 53.23
C4 PX4 ED . 12.96 -2.66 55.01
C5 PX4 ED . 12.96 -4.91 54.12
O4 PX4 ED . 7.73 -3.93 50.81
C6 PX4 ED . 8.56 -4.93 50.23
C7 PX4 ED . 8.18 -5.58 48.90
C8 PX4 ED . 6.66 -5.43 48.76
O5 PX4 ED . 5.99 -6.57 48.21
C9 PX4 ED . 4.63 -6.50 48.25
O6 PX4 ED . 4.02 -5.68 48.95
C10 PX4 ED . 3.96 -7.63 47.47
C11 PX4 ED . 3.31 -7.15 46.18
C12 PX4 ED . 1.82 -6.79 46.28
C13 PX4 ED . 1.53 -5.99 45.02
C14 PX4 ED . 0.12 -5.46 44.75
C15 PX4 ED . -0.49 -6.17 43.53
C16 PX4 ED . 0.24 -5.50 42.35
C17 PX4 ED . 0.03 -6.22 41.02
C18 PX4 ED . 1.09 -5.63 40.10
C19 PX4 ED . 1.07 -4.10 40.28
C20 PX4 ED . 2.12 -3.65 39.26
C21 PX4 ED . 2.60 -2.22 39.56
C22 PX4 ED . 3.33 -2.15 40.91
O7 PX4 ED . 8.89 -5.22 47.71
C23 PX4 ED . 10.03 -5.87 47.42
O8 PX4 ED . 10.58 -6.48 48.33
C24 PX4 ED . 10.75 -5.56 46.10
C25 PX4 ED . 11.13 -6.73 45.18
C26 PX4 ED . 11.48 -6.17 43.80
C27 PX4 ED . 11.93 -7.38 42.98
C28 PX4 ED . 12.99 -8.18 43.75
C29 PX4 ED . 13.06 -9.60 43.16
C30 PX4 ED . 14.26 -10.40 43.66
C31 PX4 ED . 14.23 -11.86 43.18
C32 PX4 ED . 14.26 -11.87 41.66
C33 PX4 ED . 14.43 -13.26 41.04
C34 PX4 ED . 15.64 -14.05 41.54
C35 PX4 ED . 15.53 -15.52 41.16
C36 PX4 ED . 16.92 -16.15 41.28
O1 PX4 FD . 13.14 -3.84 49.90
O2 PX4 FD . 13.31 -1.26 49.34
P1 PX4 FD . 13.12 -2.69 48.99
O3 PX4 FD . 11.58 -2.75 48.53
C1 PX4 FD . 10.85 -1.84 49.35
C2 PX4 FD . 9.42 -1.55 48.90
N1 PX4 FD . 9.11 -0.88 47.62
C3 PX4 FD . 7.66 -0.69 47.41
C4 PX4 FD . 9.80 0.39 47.42
C5 PX4 FD . 9.49 -1.86 46.60
O4 PX4 FD . 13.71 -3.10 47.55
C6 PX4 FD . 13.24 -2.23 46.52
C7 PX4 FD . 13.63 -2.65 45.11
C8 PX4 FD . 14.46 -3.93 45.30
O5 PX4 FD . 15.55 -4.30 44.44
C9 PX4 FD . 16.00 -5.57 44.64
O6 PX4 FD . 15.28 -6.42 45.16
C10 PX4 FD . 17.30 -6.01 43.96
C11 PX4 FD . 17.26 -6.59 42.54
C12 PX4 FD . 18.69 -6.90 42.10
C13 PX4 FD . 18.80 -7.54 40.72
C14 PX4 FD . 18.00 -8.83 40.67
C15 PX4 FD . 17.95 -9.48 39.29
C16 PX4 FD . 19.41 -9.65 38.89
C17 PX4 FD . 19.61 -10.23 37.49
C18 PX4 FD . 19.26 -11.73 37.50
C19 PX4 FD . 19.29 -12.35 36.11
C20 PX4 FD . 19.02 -13.85 36.22
C21 PX4 FD . 19.17 -14.58 34.88
C22 PX4 FD . 19.24 -16.05 35.31
O7 PX4 FD . 12.60 -2.63 44.12
C23 PX4 FD . 11.80 -1.58 43.84
O8 PX4 FD . 11.80 -0.53 44.50
C24 PX4 FD . 10.97 -1.67 42.55
C25 PX4 FD . 10.00 -2.84 42.54
C26 PX4 FD . 9.08 -2.87 41.31
C27 PX4 FD . 9.94 -3.18 40.10
C28 PX4 FD . 9.22 -3.46 38.78
C29 PX4 FD . 9.95 -4.29 37.72
C30 PX4 FD . 9.52 -3.93 36.29
C31 PX4 FD . 8.03 -4.14 36.04
C32 PX4 FD . 7.83 -3.98 34.53
C33 PX4 FD . 6.44 -4.29 33.99
C34 PX4 FD . 6.21 -4.06 32.48
C35 PX4 FD . 6.54 -2.57 32.30
C36 PX4 FD . 6.77 -2.25 30.82
O1 PX4 GD . 21.86 11.71 48.01
O2 PX4 GD . 22.71 9.41 48.66
P1 PX4 GD . 22.65 10.51 47.67
O3 PX4 GD . 24.15 11.03 47.51
C1 PX4 GD . 24.25 12.20 48.32
C2 PX4 GD . 25.70 12.68 48.34
N1 PX4 GD . 26.06 14.09 48.17
C3 PX4 GD . 25.60 14.86 49.31
C4 PX4 GD . 27.52 14.27 48.20
C5 PX4 GD . 25.64 14.71 46.91
O4 PX4 GD . 22.15 9.97 46.23
C6 PX4 GD . 22.98 9.09 45.47
C7 PX4 GD . 22.63 8.77 44.02
C8 PX4 GD . 22.62 10.18 43.46
O5 PX4 GD . 22.65 10.29 42.02
C9 PX4 GD . 21.71 9.59 41.36
O6 PX4 GD . 20.70 9.24 41.97
C10 PX4 GD . 21.84 9.49 39.83
C11 PX4 GD . 20.97 10.57 39.18
C12 PX4 GD . 20.97 10.32 37.67
C13 PX4 GD . 20.09 11.33 36.91
C14 PX4 GD . 20.38 10.97 35.46
C15 PX4 GD . 20.19 9.50 35.08
C16 PX4 GD . 20.50 9.07 33.65
C17 PX4 GD . 19.66 9.86 32.64
C18 PX4 GD . 19.40 9.05 31.38
C19 PX4 GD . 18.87 9.87 30.21
C20 PX4 GD . 17.50 10.45 30.56
C21 PX4 GD . 17.02 11.49 29.55
C22 PX4 GD . 15.50 11.52 29.48
O7 PX4 GD . 23.41 7.79 43.33
C23 PX4 GD . 23.44 6.46 43.60
O8 PX4 GD . 22.92 6.07 44.65
C24 PX4 GD . 24.29 5.55 42.69
C25 PX4 GD . 24.04 5.96 41.23
C26 PX4 GD . 24.84 4.95 40.41
C27 PX4 GD . 24.62 5.23 38.92
C28 PX4 GD . 25.29 4.19 38.01
C29 PX4 GD . 25.17 4.66 36.57
C30 PX4 GD . 25.07 3.41 35.69
C31 PX4 GD . 24.89 3.79 34.22
C32 PX4 GD . 24.97 2.58 33.28
C33 PX4 GD . 25.17 3.00 31.82
C34 PX4 GD . 26.40 3.90 31.70
C35 PX4 GD . 26.50 4.06 30.19
C36 PX4 GD . 27.87 4.57 29.74
O1 PX4 HD . -17.45 17.11 57.63
O2 PX4 HD . -15.94 18.25 55.90
P1 PX4 HD . -17.26 17.72 56.30
O3 PX4 HD . -18.10 19.05 56.63
C1 PX4 HD . -17.45 20.00 57.49
C2 PX4 HD . -18.38 21.02 58.12
N1 PX4 HD . -17.92 21.70 59.33
C3 PX4 HD . -17.23 22.95 58.95
C4 PX4 HD . -19.09 21.94 60.19
C5 PX4 HD . -16.96 20.82 60.03
O4 PX4 HD . -18.17 17.09 55.13
C6 PX4 HD . -19.43 16.75 55.73
C7 PX4 HD . -20.55 16.72 54.70
C8 PX4 HD . -20.14 15.88 53.48
O5 PX4 HD . -21.20 15.61 52.57
C9 PX4 HD . -21.48 16.57 51.66
O6 PX4 HD . -21.06 17.73 51.78
C10 PX4 HD . -22.27 16.10 50.44
C11 PX4 HD . -21.31 15.40 49.47
C12 PX4 HD . -21.10 13.90 49.69
C13 PX4 HD . -20.06 13.40 48.68
C14 PX4 HD . -20.07 11.88 48.59
C15 PX4 HD . -19.29 11.33 47.39
C16 PX4 HD . -17.78 11.40 47.56
C17 PX4 HD . -17.03 11.23 46.24
C18 PX4 HD . -15.52 11.10 46.48
C19 PX4 HD . -14.85 10.50 45.25
C20 PX4 HD . -13.36 10.21 45.49
C21 PX4 HD . -12.64 9.58 44.29
C22 PX4 HD . -11.27 9.06 44.79
O7 PX4 HD . -21.82 16.39 55.26
C23 PX4 HD . -22.68 17.44 55.09
O8 PX4 HD . -22.30 18.59 54.91
C24 PX4 HD . -24.07 17.08 55.65
C25 PX4 HD . -25.24 17.62 54.84
C26 PX4 HD . -25.41 17.06 53.43
C27 PX4 HD . -26.79 17.42 52.88
C28 PX4 HD . -26.95 17.10 51.39
C29 PX4 HD . -28.30 17.49 50.78
C30 PX4 HD . -28.32 16.92 49.37
C31 PX4 HD . -29.58 17.44 48.68
C32 PX4 HD . -29.49 17.45 47.15
C33 PX4 HD . -30.96 17.76 46.86
C34 PX4 HD . -31.30 17.82 45.36
C35 PX4 HD . -32.51 18.71 45.07
C36 PX4 HD . -32.79 18.60 43.56
O1 PX4 ID . -7.36 31.58 46.71
O2 PX4 ID . -5.94 30.74 48.65
P1 PX4 ID . -6.07 31.10 47.22
O3 PX4 ID . -5.13 32.30 46.69
C1 PX4 ID . -3.77 32.08 47.10
C2 PX4 ID . -2.84 33.28 46.88
N1 PX4 ID . -1.42 33.02 47.20
C3 PX4 ID . -0.71 34.29 46.94
C4 PX4 ID . -1.22 32.75 48.63
C5 PX4 ID . -0.77 31.92 46.49
O4 PX4 ID . -5.60 29.91 46.24
C6 PX4 ID . -6.01 30.31 44.93
C7 PX4 ID . -5.45 29.27 43.95
C8 PX4 ID . -5.65 27.92 44.64
O5 PX4 ID . -6.82 27.23 44.17
C9 PX4 ID . -6.89 25.95 44.61
O6 PX4 ID . -5.93 25.39 45.13
C10 PX4 ID . -8.07 25.06 44.17
C11 PX4 ID . -9.43 25.77 44.33
C12 PX4 ID . -10.48 24.86 43.69
C13 PX4 ID . -11.88 25.49 43.83
C14 PX4 ID . -12.90 24.80 42.93
C15 PX4 ID . -12.47 25.01 41.48
C16 PX4 ID . -13.52 24.49 40.49
C17 PX4 ID . -13.05 24.69 39.04
C18 PX4 ID . -14.16 24.38 38.03
C19 PX4 ID . -13.71 24.66 36.60
C20 PX4 ID . -14.61 24.27 35.44
C21 PX4 ID . -14.15 24.78 34.08
C22 PX4 ID . -14.20 26.31 33.95
O7 PX4 ID . -5.84 29.30 42.57
C23 PX4 ID . -5.33 30.27 41.77
O8 PX4 ID . -4.79 31.26 42.24
C24 PX4 ID . -5.64 30.09 40.28
C25 PX4 ID . -4.98 28.91 39.54
C26 PX4 ID . -5.45 28.58 38.13
C27 PX4 ID . -4.36 27.71 37.48
C28 PX4 ID . -4.77 27.32 36.07
C29 PX4 ID . -4.91 28.45 35.05
C30 PX4 ID . -5.06 28.09 33.57
C31 PX4 ID . -3.90 27.33 32.94
C32 PX4 ID . -4.29 26.72 31.58
C33 PX4 ID . -3.08 25.96 31.03
C34 PX4 ID . -3.44 25.24 29.74
C35 PX4 ID . -3.93 26.33 28.78
C36 PX4 ID . -4.45 25.95 27.40
O1 PX4 JD . -7.65 21.22 52.37
O2 PX4 JD . -8.33 18.79 52.25
P1 PX4 JD . -7.94 20.03 51.54
O3 PX4 JD . -6.50 19.69 50.89
C1 PX4 JD . -5.65 19.35 51.97
C2 PX4 JD . -4.20 19.05 51.57
N1 PX4 JD . -3.24 18.47 52.52
C3 PX4 JD . -3.80 17.24 53.09
C4 PX4 JD . -2.04 18.22 51.69
C5 PX4 JD . -2.96 19.34 53.67
O4 PX4 JD . -8.69 20.18 50.13
C6 PX4 JD . -8.71 18.87 49.56
C7 PX4 JD . -9.05 18.91 48.09
C8 PX4 JD . -9.64 20.28 47.77
O5 PX4 JD . -10.71 20.30 46.84
C9 PX4 JD . -11.37 21.45 46.53
O6 PX4 JD . -10.92 22.55 46.82
C10 PX4 JD . -12.64 21.34 45.67
C11 PX4 JD . -12.28 21.20 44.19
C12 PX4 JD . -13.48 20.75 43.35
C13 PX4 JD . -13.01 20.63 41.90
C14 PX4 JD . -14.13 20.59 40.85
C15 PX4 JD . -13.71 20.34 39.40
C16 PX4 JD . -14.86 20.35 38.41
C17 PX4 JD . -14.40 19.97 37.01
C18 PX4 JD . -15.61 19.91 36.08
C19 PX4 JD . -16.71 18.99 36.61
C20 PX4 JD . -17.78 18.95 35.51
C21 PX4 JD . -19.04 18.19 35.94
C22 PX4 JD . -20.10 17.99 34.85
O7 PX4 JD . -7.94 18.42 47.31
C23 PX4 JD . -8.01 17.17 46.78
O8 PX4 JD . -8.72 16.33 47.32
C24 PX4 JD . -7.11 16.97 45.56
C25 PX4 JD . -7.78 16.97 44.18
C26 PX4 JD . -6.98 16.10 43.21
C27 PX4 JD . -7.49 16.17 41.76
C28 PX4 JD . -6.39 15.71 40.80
C29 PX4 JD . -6.96 15.70 39.38
C30 PX4 JD . -5.82 15.44 38.41
C31 PX4 JD . -6.59 15.26 37.11
C32 PX4 JD . -5.69 15.39 35.88
C33 PX4 JD . -6.54 15.31 34.60
C34 PX4 JD . -5.82 15.75 33.32
C35 PX4 JD . -6.60 15.26 32.09
C36 PX4 JD . -6.05 16.03 30.89
O1 PX4 KD . -1.53 -9.05 54.75
O2 PX4 KD . 0.08 -7.15 54.03
P1 PX4 KD . -1.22 -7.83 53.98
O3 PX4 KD . -2.23 -6.65 54.45
C1 PX4 KD . -1.86 -6.02 55.67
C2 PX4 KD . -2.81 -4.85 55.95
N1 PX4 KD . -2.35 -3.77 56.83
C3 PX4 KD . -1.06 -3.10 56.54
C4 PX4 KD . -3.42 -2.77 56.63
C5 PX4 KD . -2.23 -4.19 58.23
O4 PX4 KD . -1.76 -7.87 52.44
C6 PX4 KD . -2.97 -8.62 52.49
C7 PX4 KD . -3.86 -8.58 51.24
C8 PX4 KD . -3.74 -7.15 50.71
O5 PX4 KD . -4.97 -6.51 50.29
C9 PX4 KD . -4.74 -5.29 49.77
O6 PX4 KD . -3.79 -4.63 50.21
C10 PX4 KD . -5.78 -4.68 48.81
C11 PX4 KD . -5.36 -4.81 47.35
C12 PX4 KD . -6.30 -4.13 46.34
C13 PX4 KD . -5.73 -4.32 44.93
C14 PX4 KD . -4.40 -3.61 44.65
C15 PX4 KD . -4.13 -3.45 43.15
C16 PX4 KD . -4.15 -4.88 42.62
C17 PX4 KD . -3.79 -4.99 41.15
C18 PX4 KD . -3.62 -6.45 40.73
C19 PX4 KD . -3.26 -6.50 39.24
C20 PX4 KD . -2.82 -7.88 38.76
C21 PX4 KD . -2.20 -7.77 37.37
C22 PX4 KD . -0.86 -7.04 37.39
O7 PX4 KD . -3.84 -9.59 50.24
C23 PX4 KD . -4.51 -10.76 50.40
O8 PX4 KD . -4.48 -11.36 51.47
C24 PX4 KD . -4.76 -11.58 49.11
C25 PX4 KD . -6.25 -11.57 48.80
C26 PX4 KD . -6.53 -12.16 47.41
C27 PX4 KD . -8.04 -12.04 47.25
C28 PX4 KD . -8.56 -13.04 46.23
C29 PX4 KD . -8.46 -12.80 44.73
C30 PX4 KD . -9.04 -13.94 43.88
C31 PX4 KD . -8.97 -13.61 42.38
C32 PX4 KD . -9.56 -14.80 41.62
C33 PX4 KD . -8.70 -16.06 41.52
C34 PX4 KD . -9.26 -17.12 40.57
C35 PX4 KD . -8.46 -18.43 40.54
C36 PX4 KD . -8.28 -19.14 41.91
O1 PX4 LD . 2.70 0.84 49.91
O2 PX4 LD . 5.12 1.25 48.95
P1 PX4 LD . 3.74 0.68 48.87
O3 PX4 LD . 3.12 1.67 47.76
C1 PX4 LD . 3.32 2.96 48.34
C2 PX4 LD . 2.72 4.09 47.48
N1 PX4 LD . 3.63 4.57 46.43
C3 PX4 LD . 4.97 4.91 46.88
C4 PX4 LD . 3.80 3.56 45.38
C5 PX4 LD . 2.90 5.72 45.88
O4 PX4 LD . 3.59 -0.63 47.95
C6 PX4 LD . 3.98 -0.55 46.58
C7 PX4 LD . 3.75 -1.90 45.86
C8 PX4 LD . 4.24 -3.06 46.73
O5 PX4 LD . 4.88 -4.08 45.97
C9 PX4 LD . 6.11 -3.93 45.40
O6 PX4 LD . 6.73 -2.89 45.56
C10 PX4 LD . 6.51 -4.96 44.34
C11 PX4 LD . 6.10 -4.49 42.93
C12 PX4 LD . 6.13 -5.64 41.91
C13 PX4 LD . 5.83 -5.09 40.51
C14 PX4 LD . 5.65 -6.18 39.44
C15 PX4 LD . 5.64 -5.75 37.97
C16 PX4 LD . 5.81 -6.99 37.10
C17 PX4 LD . 7.03 -7.87 37.39
C18 PX4 LD . 7.22 -8.97 36.33
C19 PX4 LD . 8.06 -8.30 35.25
C20 PX4 LD . 9.52 -8.17 35.73
C21 PX4 LD . 10.36 -7.61 34.59
C22 PX4 LD . 11.83 -7.43 34.95
O7 PX4 LD . 2.41 -2.09 45.44
C23 PX4 LD . 2.02 -1.43 44.32
O8 PX4 LD . 2.68 -0.56 43.77
C24 PX4 LD . 0.57 -1.59 43.84
C25 PX4 LD . 0.31 -1.00 42.45
C26 PX4 LD . -1.09 -1.43 42.01
C27 PX4 LD . -1.41 -0.87 40.62
C28 PX4 LD . -2.90 -1.03 40.31
C29 PX4 LD . -3.32 -0.42 38.97
C30 PX4 LD . -4.75 -0.76 38.57
C31 PX4 LD . -5.13 -0.12 37.24
C32 PX4 LD . -6.37 -0.92 36.84
C33 PX4 LD . -6.70 -0.38 35.45
C34 PX4 LD . -7.89 -1.05 34.79
C35 PX4 LD . -9.23 -0.52 35.35
C36 PX4 LD . -10.34 -1.14 34.49
O1 PX4 MD . 18.83 7.60 50.13
O2 PX4 MD . 16.45 6.76 50.62
P1 PX4 MD . 17.73 6.63 49.90
O3 PX4 MD . 18.39 5.25 50.41
C1 PX4 MD . 19.69 5.19 49.81
C2 PX4 MD . 20.25 3.77 49.75
N1 PX4 MD . 19.67 2.93 48.68
C3 PX4 MD . 20.47 1.70 48.56
C4 PX4 MD . 18.30 2.46 48.90
C5 PX4 MD . 19.80 3.54 47.36
O4 PX4 MD . 17.48 6.27 48.36
C6 PX4 MD . 16.20 5.64 48.31
C7 PX4 MD . 15.67 5.48 46.89
C8 PX4 MD . 16.23 6.59 46.00
O5 PX4 MD . 15.41 6.86 44.85
C9 PX4 MD . 15.98 6.50 43.67
O6 PX4 MD . 17.16 6.15 43.61
C10 PX4 MD . 15.09 6.57 42.43
C11 PX4 MD . 14.49 5.44 41.57
C12 PX4 MD . 15.48 4.96 40.51
C13 PX4 MD . 15.09 3.62 39.89
C14 PX4 MD . 16.32 3.28 39.06
C15 PX4 MD . 16.15 2.21 37.97
C16 PX4 MD . 17.34 2.18 37.01
C17 PX4 MD . 17.24 1.06 35.96
C18 PX4 MD . 17.33 -0.32 36.60
C19 PX4 MD . 17.10 -1.50 35.64
C20 PX4 MD . 17.02 -2.79 36.45
C21 PX4 MD . 16.97 -4.05 35.55
C22 PX4 MD . 16.76 -5.26 36.45
O7 PX4 MD . 16.07 4.18 46.43
C23 PX4 MD . 15.32 3.35 45.67
O8 PX4 MD . 14.14 3.64 45.46
C24 PX4 MD . 16.02 2.19 44.94
C25 PX4 MD . 15.40 1.92 43.58
C26 PX4 MD . 15.83 0.50 43.18
C27 PX4 MD . 14.82 -0.20 42.28
C28 PX4 MD . 15.39 -1.55 41.86
C29 PX4 MD . 14.43 -2.31 40.94
C30 PX4 MD . 14.98 -3.71 40.66
C31 PX4 MD . 13.92 -4.66 40.09
C32 PX4 MD . 14.71 -5.78 39.41
C33 PX4 MD . 13.83 -6.99 39.10
C34 PX4 MD . 14.48 -8.17 38.37
C35 PX4 MD . 13.61 -9.38 38.10
C36 PX4 MD . 14.22 -10.32 37.05
O1 PX4 ND . 30.02 -2.35 49.43
O2 PX4 ND . 28.55 -3.60 51.07
P1 PX4 ND . 29.15 -3.51 49.72
O3 PX4 ND . 30.07 -4.81 49.51
C1 PX4 ND . 31.02 -4.72 50.58
C2 PX4 ND . 32.09 -5.80 50.40
N1 PX4 ND . 33.33 -5.60 49.63
C3 PX4 ND . 33.94 -6.90 49.92
C4 PX4 ND . 33.10 -5.34 48.21
C5 PX4 ND . 34.27 -4.62 50.20
O4 PX4 ND . 28.07 -3.73 48.55
C6 PX4 ND . 28.63 -3.41 47.27
C7 PX4 ND . 28.25 -4.39 46.16
C8 PX4 ND . 26.93 -5.15 46.48
O5 PX4 ND . 26.84 -6.40 45.80
C9 PX4 ND . 25.63 -6.99 45.97
O6 PX4 ND . 24.98 -6.82 47.00
C10 PX4 ND . 25.47 -8.35 45.27
C11 PX4 ND . 24.40 -8.26 44.18
C12 PX4 ND . 24.33 -9.63 43.49
C13 PX4 ND . 25.77 -9.86 43.04
C14 PX4 ND . 26.10 -11.29 42.62
C15 PX4 ND . 27.48 -11.36 41.99
C16 PX4 ND . 27.80 -12.84 41.81
C17 PX4 ND . 28.74 -12.93 40.60
C18 PX4 ND . 29.03 -14.42 40.44
C19 PX4 ND . 27.69 -15.15 40.52
C20 PX4 ND . 27.90 -16.64 40.74
C21 PX4 ND . 27.95 -17.07 42.19
C22 PX4 ND . 28.00 -18.60 42.07
O7 PX4 ND . 28.35 -3.80 44.87
C23 PX4 ND . 29.56 -3.44 44.37
O8 PX4 ND . 30.54 -4.02 44.83
C24 PX4 ND . 29.54 -2.61 43.09
C25 PX4 ND . 29.47 -1.10 43.37
C26 PX4 ND . 29.90 -0.26 42.15
C27 PX4 ND . 29.64 1.23 42.33
C28 PX4 ND . 29.76 2.00 41.00
C29 PX4 ND . 29.48 3.49 41.14
C30 PX4 ND . 29.57 4.17 39.77
C31 PX4 ND . 29.28 5.65 40.04
C32 PX4 ND . 29.64 6.34 38.73
C33 PX4 ND . 29.70 7.86 38.85
C34 PX4 ND . 30.13 8.49 37.52
C35 PX4 ND . 30.24 10.00 37.57
C36 PX4 ND . 30.71 10.64 36.26
O1 PX4 OD . 23.07 17.55 45.07
O2 PX4 OD . 25.55 16.83 44.58
P1 PX4 OD . 24.32 17.59 44.26
O3 PX4 OD . 24.81 19.12 44.21
C1 PX4 OD . 25.25 19.48 45.52
C2 PX4 OD . 25.52 20.97 45.80
N1 PX4 OD . 24.47 21.99 45.91
C3 PX4 OD . 25.04 23.22 45.33
C4 PX4 OD . 23.15 21.76 45.29
C5 PX4 OD . 24.24 22.31 47.32
O4 PX4 OD . 23.88 17.24 42.75
C6 PX4 OD . 24.49 15.99 42.41
C7 PX4 OD . 24.61 15.75 40.90
C8 PX4 OD . 24.02 16.97 40.21
O5 PX4 OD . 23.30 16.85 38.99
C9 PX4 OD . 22.09 16.26 39.04
O6 PX4 OD . 21.39 16.17 40.06
C10 PX4 OD . 21.59 15.65 37.73
C11 PX4 OD . 22.49 14.42 37.47
C12 PX4 OD . 22.35 14.12 35.99
C13 PX4 OD . 23.74 13.98 35.36
C14 PX4 OD . 23.53 13.35 33.97
C15 PX4 OD . 22.38 14.07 33.28
C16 PX4 OD . 22.14 13.57 31.85
C17 PX4 OD . 21.05 14.35 31.12
C18 PX4 OD . 20.73 13.61 29.82
C19 PX4 OD . 19.61 14.28 29.01
C20 PX4 OD . 19.30 13.65 27.66
C21 PX4 OD . 18.45 14.57 26.78
C22 PX4 OD . 19.07 15.97 26.65
O7 PX4 OD . 25.94 15.49 40.45
C23 PX4 OD . 26.36 14.20 40.51
O8 PX4 OD . 25.53 13.35 40.82
C24 PX4 OD . 27.70 13.76 39.89
C25 PX4 OD . 27.60 13.96 38.38
C26 PX4 OD . 28.90 13.41 37.80
C27 PX4 OD . 29.27 13.95 36.42
C28 PX4 OD . 28.06 13.98 35.48
C29 PX4 OD . 28.56 14.51 34.13
C30 PX4 OD . 29.81 13.80 33.62
C31 PX4 OD . 30.29 14.59 32.40
C32 PX4 OD . 31.30 13.70 31.66
C33 PX4 OD . 31.41 14.28 30.25
C34 PX4 OD . 32.16 13.49 29.16
C35 PX4 OD . 32.23 14.27 27.86
C36 PX4 OD . 32.94 15.62 27.88
O1 PX4 PD . -10.73 26.76 48.16
O2 PX4 PD . -8.42 27.70 47.83
P1 PX4 PD . -9.86 27.95 48.12
O3 PX4 PD . -9.84 28.48 49.64
C1 PX4 PD . -8.99 29.64 49.63
C2 PX4 PD . -8.84 30.27 51.02
N1 PX4 PD . -10.05 30.67 51.75
C3 PX4 PD . -9.71 31.72 52.73
C4 PX4 PD . -11.13 31.23 50.95
C5 PX4 PD . -10.52 29.52 52.55
O4 PX4 PD . -10.43 29.24 47.36
C6 PX4 PD . -11.19 28.71 46.27
C7 PX4 PD . -11.93 29.79 45.47
C8 PX4 PD . -10.88 30.46 44.59
O5 PX4 PD . -10.31 29.55 43.66
C9 PX4 PD . -9.40 30.04 42.77
O6 PX4 PD . -8.92 31.16 42.81
C10 PX4 PD . -8.86 29.03 41.75
C11 PX4 PD . -9.99 28.15 41.23
C12 PX4 PD . -9.42 27.23 40.14
C13 PX4 PD . -8.59 26.08 40.71
C14 PX4 PD . -8.05 25.15 39.63
C15 PX4 PD . -9.22 24.61 38.81
C16 PX4 PD . -8.75 23.66 37.70
C17 PX4 PD . -10.00 23.18 36.97
C18 PX4 PD . -9.77 21.99 36.06
C19 PX4 PD . -11.13 21.78 35.41
C20 PX4 PD . -11.08 20.71 34.31
C21 PX4 PD . -12.41 20.62 33.56
C22 PX4 PD . -12.23 19.52 32.51
O7 PX4 PD . -12.96 29.24 44.64
C23 PX4 PD . -14.23 28.98 45.07
O8 PX4 PD . -14.39 28.80 46.26
C24 PX4 PD . -15.25 28.63 43.98
C25 PX4 PD . -15.85 29.88 43.31
C26 PX4 PD . -16.70 29.36 42.14
C27 PX4 PD . -15.82 28.51 41.24
C28 PX4 PD . -16.77 28.04 40.13
C29 PX4 PD . -17.00 29.18 39.16
C30 PX4 PD . -18.27 28.92 38.37
C31 PX4 PD . -18.72 30.20 37.65
C32 PX4 PD . -20.04 30.08 36.88
C33 PX4 PD . -20.36 31.42 36.23
C34 PX4 PD . -20.85 32.54 37.15
C35 PX4 PD . -21.41 33.65 36.27
C36 PX4 PD . -20.15 34.07 35.49
O1 PX4 QD . -12.68 38.46 46.93
O2 PX4 QD . -10.02 38.74 47.10
P1 PX4 QD . -11.36 39.01 46.54
O3 PX4 QD . -11.66 40.57 46.80
C1 PX4 QD . -11.23 40.90 48.11
C2 PX4 QD . -11.25 42.43 48.30
N1 PX4 QD . -10.20 43.18 47.60
C3 PX4 QD . -8.91 42.53 47.37
C4 PX4 QD . -10.67 43.66 46.29
C5 PX4 QD . -10.00 44.26 48.59
O4 PX4 QD . -11.14 39.07 44.94
C6 PX4 QD . -12.16 39.82 44.29
C7 PX4 QD . -12.24 39.76 42.76
C8 PX4 QD . -10.94 39.13 42.29
O5 PX4 QD . -9.90 39.99 41.81
C9 PX4 QD . -8.76 39.37 41.40
O6 PX4 QD . -8.69 38.15 41.29
C10 PX4 QD . -7.57 40.28 41.13
C11 PX4 QD . -8.12 41.51 40.40
C12 PX4 QD . -6.93 42.30 39.84
C13 PX4 QD . -6.21 41.46 38.80
C14 PX4 QD . -5.16 42.26 38.01
C15 PX4 QD . -4.24 41.41 37.14
C16 PX4 QD . -3.47 42.07 35.99
C17 PX4 QD . -2.84 41.07 35.01
C18 PX4 QD . -2.06 41.80 33.92
C19 PX4 QD . -3.10 42.63 33.15
C20 PX4 QD . -2.32 43.52 32.18
C21 PX4 QD . -3.19 44.67 31.66
C22 PX4 QD . -4.33 44.04 30.87
O7 PX4 QD . -13.35 39.08 42.16
C23 PX4 QD . -14.40 39.84 41.74
O8 PX4 QD . -14.48 41.01 42.13
C24 PX4 QD . -15.50 39.21 40.89
C25 PX4 QD . -14.84 38.74 39.60
C26 PX4 QD . -15.87 37.94 38.80
C27 PX4 QD . -16.11 38.54 37.42
C28 PX4 QD . -17.35 37.94 36.74
C29 PX4 QD . -17.48 38.55 35.35
C30 PX4 QD . -16.35 38.09 34.40
C31 PX4 QD . -16.76 38.84 33.13
C32 PX4 QD . -17.91 38.18 32.38
C33 PX4 QD . -17.98 38.84 31.00
C34 PX4 QD . -19.21 38.30 30.28
C35 PX4 QD . -19.23 38.71 28.81
C36 PX4 QD . -18.89 40.19 28.67
O1 PX4 RD . 0.89 14.12 46.50
O2 PX4 RD . -0.19 14.98 48.76
P1 PX4 RD . -0.06 14.03 47.63
O3 PX4 RD . -0.15 12.62 48.41
C1 PX4 RD . 0.65 11.80 47.55
C2 PX4 RD . -0.10 11.04 46.46
N1 PX4 RD . -1.28 10.18 46.70
C3 PX4 RD . -2.52 10.93 46.94
C4 PX4 RD . -1.40 9.32 45.52
C5 PX4 RD . -1.13 9.43 47.96
O4 PX4 RD . -1.48 13.86 46.86
C6 PX4 RD . -2.45 14.71 47.47
C7 PX4 RD . -3.62 14.78 46.49
C8 PX4 RD . -2.98 15.07 45.12
O5 PX4 RD . -3.21 16.43 44.72
C9 PX4 RD . -2.26 16.98 43.93
O6 PX4 RD . -1.09 16.60 43.87
C10 PX4 RD . -2.52 18.27 43.14
C11 PX4 RD . -3.18 17.71 41.88
C12 PX4 RD . -3.56 18.85 40.94
C13 PX4 RD . -3.55 18.21 39.55
C14 PX4 RD . -3.83 19.26 38.48
C15 PX4 RD . -3.74 18.55 37.12
C16 PX4 RD . -4.05 19.38 35.88
C17 PX4 RD . -3.16 20.56 35.54
C18 PX4 RD . -3.58 21.19 34.21
C19 PX4 RD . -4.91 21.94 34.17
C20 PX4 RD . -5.07 22.67 32.84
C21 PX4 RD . -6.35 23.49 32.97
C22 PX4 RD . -6.79 24.13 31.63
O7 PX4 RD . -4.53 13.70 46.34
C23 PX4 RD . -5.55 13.65 47.25
O8 PX4 RD . -5.47 14.20 48.35
C24 PX4 RD . -6.45 12.46 46.91
C25 PX4 RD . -7.53 12.93 45.92
C26 PX4 RD . -8.30 11.65 45.62
C27 PX4 RD . -9.53 12.15 44.85
C28 PX4 RD . -8.99 12.94 43.67
C29 PX4 RD . -9.34 12.07 42.45
C30 PX4 RD . -8.71 12.57 41.15
C31 PX4 RD . -9.32 11.79 39.98
C32 PX4 RD . -8.63 12.16 38.66
C33 PX4 RD . -9.07 11.14 37.61
C34 PX4 RD . -10.44 11.33 36.94
C35 PX4 RD . -10.47 10.50 35.66
C36 PX4 RD . -11.58 11.05 34.75
O1 PX4 SD . 6.99 9.55 45.87
O2 PX4 SD . 4.89 8.47 46.86
P1 PX4 SD . 6.18 8.33 46.16
O3 PX4 SD . 7.11 7.50 47.20
C1 PX4 SD . 7.21 8.33 48.36
C2 PX4 SD . 8.49 8.05 49.15
N1 PX4 SD . 9.83 8.37 48.61
C3 PX4 SD . 10.16 7.46 47.52
C4 PX4 SD . 9.82 9.79 48.21
C5 PX4 SD . 10.84 8.34 49.67
O4 PX4 SD . 5.98 7.27 44.97
C6 PX4 SD . 7.16 6.97 44.24
C7 PX4 SD . 6.92 5.68 43.45
C8 PX4 SD . 5.85 6.06 42.41
O5 PX4 SD . 4.87 5.03 42.41
C9 PX4 SD . 3.80 5.18 41.58
O6 PX4 SD . 3.46 6.26 41.09
C10 PX4 SD . 2.81 4.03 41.79
C11 PX4 SD . 1.89 3.71 40.61
C12 PX4 SD . 0.83 2.68 40.99
C13 PX4 SD . -0.13 2.43 39.82
C14 PX4 SD . -0.91 3.69 39.40
C15 PX4 SD . -2.12 3.26 38.56
C16 PX4 SD . -3.01 4.39 38.06
C17 PX4 SD . -2.17 5.17 37.05
C18 PX4 SD . -2.91 6.26 36.26
C19 PX4 SD . -3.80 7.22 37.06
C20 PX4 SD . -4.64 8.19 36.23
C21 PX4 SD . -5.67 7.42 35.39
C22 PX4 SD . -6.71 8.38 34.83
O7 PX4 SD . 8.07 5.21 42.74
C23 PX4 SD . 8.66 4.00 42.95
O8 PX4 SD . 8.37 3.33 43.94
C24 PX4 SD . 9.99 3.80 42.23
C25 PX4 SD . 9.90 2.59 41.29
C26 PX4 SD . 11.20 2.09 40.67
C27 PX4 SD . 10.82 0.94 39.74
C28 PX4 SD . 12.08 0.23 39.23
C29 PX4 SD . 11.66 -0.67 38.06
C30 PX4 SD . 12.92 -1.33 37.49
C31 PX4 SD . 12.56 -2.05 36.18
C32 PX4 SD . 13.65 -2.96 35.63
C33 PX4 SD . 13.28 -3.72 34.36
C34 PX4 SD . 13.28 -2.64 33.27
C35 PX4 SD . 13.06 -3.15 31.84
C36 PX4 SD . 11.60 -3.57 31.72
O1 PX4 TD . 3.99 10.77 48.92
O2 PX4 TD . 5.71 12.37 48.00
P1 PX4 TD . 4.38 11.77 47.89
O3 PX4 TD . 3.42 13.03 48.21
C1 PX4 TD . 3.27 13.41 49.59
C2 PX4 TD . 2.80 14.85 49.81
N1 PX4 TD . 3.68 15.90 49.27
C3 PX4 TD . 5.11 15.94 49.62
C4 PX4 TD . 3.47 16.09 47.83
C5 PX4 TD . 3.21 17.14 49.92
O4 PX4 TD . 3.88 11.63 46.37
C6 PX4 TD . 4.13 12.84 45.65
C7 PX4 TD . 3.89 12.74 44.14
C8 PX4 TD . 4.47 11.37 43.76
O5 PX4 TD . 5.64 11.54 42.95
C9 PX4 TD . 6.07 10.39 42.41
O6 PX4 TD . 5.64 9.28 42.75
C10 PX4 TD . 6.93 10.60 41.16
C11 PX4 TD . 6.09 10.41 39.92
C12 PX4 TD . 6.92 10.19 38.66
C13 PX4 TD . 5.88 10.10 37.54
C14 PX4 TD . 6.50 10.25 36.14
C15 PX4 TD . 5.62 9.72 35.01
C16 PX4 TD . 4.39 10.60 34.87
C17 PX4 TD . 3.39 10.08 33.84
C18 PX4 TD . 4.04 10.20 32.45
C19 PX4 TD . 4.04 11.69 32.04
C20 PX4 TD . 2.68 12.36 31.96
C21 PX4 TD . 2.73 13.87 31.68
C22 PX4 TD . 1.27 14.36 31.78
O7 PX4 TD . 2.57 12.81 43.62
C23 PX4 TD . 1.98 14.01 43.41
O8 PX4 TD . 2.63 15.05 43.45
C24 PX4 TD . 0.47 14.06 43.11
C25 PX4 TD . 0.26 13.52 41.69
C26 PX4 TD . -1.27 13.53 41.53
C27 PX4 TD . -1.75 13.16 40.11
C28 PX4 TD . -3.27 13.31 40.27
C29 PX4 TD . -3.75 12.13 41.12
C30 PX4 TD . -3.68 10.89 40.20
C31 PX4 TD . -4.02 9.68 41.09
C32 PX4 TD . -5.33 10.01 41.83
C33 PX4 TD . -5.82 8.70 42.46
C34 PX4 TD . -4.80 8.23 43.51
C35 PX4 TD . -5.39 7.10 44.36
C36 PX4 TD . -5.81 5.89 43.55
O1 PX4 UD . 6.72 20.63 46.92
O2 PX4 UD . 8.32 18.59 47.26
P1 PX4 UD . 7.77 19.70 46.45
O3 PX4 UD . 8.95 20.73 46.10
C1 PX4 UD . 9.33 21.38 47.32
C2 PX4 UD . 10.65 22.15 47.20
N1 PX4 UD . 10.61 23.38 46.41
C3 PX4 UD . 10.03 23.35 45.05
C4 PX4 UD . 9.80 24.34 47.18
C5 PX4 UD . 11.99 23.87 46.23
O4 PX4 UD . 7.40 19.20 44.96
C6 PX4 UD . 8.65 18.80 44.38
C7 PX4 UD . 8.53 18.57 42.88
C8 PX4 UD . 7.39 17.57 42.71
O5 PX4 UD . 7.36 16.91 41.45
C9 PX4 UD . 7.04 15.59 41.36
O6 PX4 UD . 6.93 14.96 42.42
C10 PX4 UD . 6.87 15.01 39.96
C11 PX4 UD . 5.42 14.57 39.74
C12 PX4 UD . 5.13 14.12 38.31
C13 PX4 UD . 3.75 13.51 38.10
C14 PX4 UD . 2.57 14.42 38.42
C15 PX4 UD . 1.29 13.69 37.97
C16 PX4 UD . 1.40 13.30 36.50
C17 PX4 UD . 0.03 12.74 36.11
C18 PX4 UD . -0.90 13.92 35.83
C19 PX4 UD . -2.40 13.62 35.77
C20 PX4 UD . -2.67 12.66 34.61
C21 PX4 UD . -4.11 12.13 34.59
C22 PX4 UD . -4.58 11.85 33.16
O7 PX4 UD . 8.46 19.80 42.18
C23 PX4 UD . 9.63 20.50 42.06
O8 PX4 UD . 10.67 20.07 42.58
C24 PX4 UD . 9.75 21.86 41.37
C25 PX4 UD . 9.96 21.58 39.88
C26 PX4 UD . 10.58 22.85 39.28
C27 PX4 UD . 10.56 22.60 37.77
C28 PX4 UD . 10.96 23.86 37.00
C29 PX4 UD . 12.30 24.52 37.35
C30 PX4 UD . 12.59 25.85 36.67
C31 PX4 UD . 14.08 26.18 36.53
C32 PX4 UD . 14.75 25.10 35.70
C33 PX4 UD . 16.15 25.50 35.25
C34 PX4 UD . 16.02 26.89 34.63
C35 PX4 UD . 17.25 27.80 34.53
C36 PX4 UD . 17.00 29.20 34.00
O1 PX4 VD . 13.16 10.17 48.55
O2 PX4 VD . 13.88 7.70 48.14
P1 PX4 VD . 14.05 9.16 47.94
O3 PX4 VD . 15.60 9.55 48.20
C1 PX4 VD . 15.85 10.93 47.90
C2 PX4 VD . 17.23 11.37 47.43
N1 PX4 VD . 18.05 10.59 46.49
C3 PX4 VD . 17.33 10.28 45.25
C4 PX4 VD . 19.23 11.42 46.23
C5 PX4 VD . 18.59 9.38 47.12
O4 PX4 VD . 14.14 9.46 46.36
C6 PX4 VD . 12.89 9.09 45.78
C7 PX4 VD . 12.76 9.32 44.27
C8 PX4 VD . 14.04 10.00 43.77
O5 PX4 VD . 13.97 10.07 42.35
C9 PX4 VD . 15.04 10.64 41.72
O6 PX4 VD . 16.14 10.92 42.21
C10 PX4 VD . 15.02 10.63 40.19
C11 PX4 VD . 15.49 11.96 39.62
C12 PX4 VD . 15.39 11.90 38.08
C13 PX4 VD . 15.59 13.34 37.60
C14 PX4 VD . 14.32 14.20 37.63
C15 PX4 VD . 13.27 13.60 36.67
C16 PX4 VD . 12.22 14.59 36.22
C17 PX4 VD . 11.17 13.70 35.56
C18 PX4 VD . 9.96 14.55 35.16
C19 PX4 VD . 8.88 13.58 34.66
C20 PX4 VD . 9.25 12.66 33.49
C21 PX4 VD . 8.04 11.80 33.14
C22 PX4 VD . 8.25 10.95 31.88
O7 PX4 VD . 12.21 8.19 43.59
C23 PX4 VD . 11.01 8.57 43.08
O8 PX4 VD . 10.29 9.36 43.69
C24 PX4 VD . 10.47 7.66 41.98
C25 PX4 VD . 11.45 7.39 40.83
C26 PX4 VD . 10.97 6.30 39.87
C27 PX4 VD . 9.52 6.51 39.42
C28 PX4 VD . 9.02 5.31 38.60
C29 PX4 VD . 7.49 5.34 38.53
C30 PX4 VD . 6.92 3.96 38.24
C31 PX4 VD . 7.26 3.48 36.83
C32 PX4 VD . 6.45 2.22 36.47
C33 PX4 VD . 6.80 1.24 37.58
C34 PX4 VD . 5.89 0.02 37.70
C35 PX4 VD . 6.44 -0.88 38.81
C36 PX4 VD . 6.50 -0.06 40.09
O1 PX4 WD . 25.14 4.43 46.25
O2 PX4 WD . 23.14 4.27 47.84
P1 PX4 WD . 24.26 3.63 47.13
O3 PX4 WD . 25.24 3.04 48.24
C1 PX4 WD . 24.47 2.22 49.13
C2 PX4 WD . 25.38 1.97 50.33
N1 PX4 WD . 26.54 1.10 50.10
C3 PX4 WD . 27.70 1.66 49.38
C4 PX4 WD . 27.06 0.61 51.37
C5 PX4 WD . 26.11 -0.09 49.36
O4 PX4 WD . 23.87 2.31 46.30
C6 PX4 WD . 23.88 2.58 44.90
C7 PX4 WD . 23.55 1.33 44.08
C8 PX4 WD . 22.01 1.38 44.05
O5 PX4 WD . 21.38 2.64 43.83
C9 PX4 WD . 20.10 2.72 43.36
O6 PX4 WD . 19.31 1.86 43.78
C10 PX4 WD . 19.75 3.97 42.59
C11 PX4 WD . 20.06 3.74 41.10
C12 PX4 WD . 19.58 4.84 40.16
C13 PX4 WD . 19.72 4.39 38.69
C14 PX4 WD . 21.22 4.28 38.38
C15 PX4 WD . 21.41 3.72 36.98
C16 PX4 WD . 20.60 4.53 35.95
C17 PX4 WD . 20.95 4.07 34.53
C18 PX4 WD . 20.26 4.90 33.43
C19 PX4 WD . 20.72 4.46 32.04
C20 PX4 WD . 19.95 5.31 31.02
C21 PX4 WD . 20.43 5.02 29.59
C22 PX4 WD . 19.74 5.72 28.41
O7 PX4 WD . 24.12 1.16 42.79
C23 PX4 WD . 25.32 0.53 42.66
O8 PX4 WD . 25.98 0.34 43.67
C24 PX4 WD . 25.91 0.21 41.28
C25 PX4 WD . 24.98 0.41 40.09
C26 PX4 WD . 25.75 0.24 38.78
C27 PX4 WD . 24.91 0.25 37.52
C28 PX4 WD . 25.66 -0.61 36.48
C29 PX4 WD . 25.78 -2.06 36.93
C30 PX4 WD . 26.71 -2.84 36.00
C31 PX4 WD . 26.93 -4.20 36.69
C32 PX4 WD . 27.04 -5.29 35.62
C33 PX4 WD . 27.06 -6.69 36.26
C34 PX4 WD . 26.81 -7.74 35.17
C35 PX4 WD . 27.14 -9.09 35.79
C36 PX4 WD . 26.38 -9.40 37.08
O1 PX4 XD . -15.12 32.46 47.47
O2 PX4 XD . -12.71 31.77 47.79
P1 PX4 XD . -13.71 32.55 47.05
O3 PX4 XD . -13.26 34.08 47.23
C1 PX4 XD . -13.42 34.57 48.57
C2 PX4 XD . -12.66 35.83 49.01
N1 PX4 XD . -12.61 36.26 50.41
C3 PX4 XD . -13.96 36.46 50.94
C4 PX4 XD . -11.72 35.44 51.25
C5 PX4 XD . -12.03 37.61 50.50
O4 PX4 XD . -13.67 32.42 45.44
C6 PX4 XD . -14.80 33.18 44.99
C7 PX4 XD . -14.89 33.60 43.52
C8 PX4 XD . -13.62 32.97 42.95
O5 PX4 XD . -12.93 33.65 41.91
C9 PX4 XD . -12.20 34.76 42.22
O6 PX4 XD . -11.77 34.97 43.35
C10 PX4 XD . -11.68 35.50 40.97
C11 PX4 XD . -12.47 35.21 39.71
C12 PX4 XD . -12.17 36.17 38.54
C13 PX4 XD . -10.68 36.35 38.32
C14 PX4 XD . -10.45 37.71 37.66
C15 PX4 XD . -8.97 38.05 37.57
C16 PX4 XD . -8.02 37.13 36.78
C17 PX4 XD . -6.60 37.70 36.80
C18 PX4 XD . -5.62 36.78 36.07
C19 PX4 XD . -4.24 37.43 36.24
C20 PX4 XD . -3.10 36.68 35.57
C21 PX4 XD . -1.74 37.36 35.63
C22 PX4 XD . -0.67 36.78 34.69
O7 PX4 XD . -16.11 33.14 42.94
C23 PX4 XD . -16.53 33.98 41.95
O8 PX4 XD . -16.24 35.17 42.08
C24 PX4 XD . -17.66 33.45 41.08
C25 PX4 XD . -17.28 32.84 39.73
C26 PX4 XD . -16.86 33.88 38.70
C27 PX4 XD . -16.12 33.18 37.57
C28 PX4 XD . -16.23 34.03 36.30
C29 PX4 XD . -15.14 33.57 35.35
C30 PX4 XD . -15.43 32.08 35.16
C31 PX4 XD . -16.68 31.80 34.34
C32 PX4 XD . -16.78 30.31 34.05
C33 PX4 XD . -17.96 29.79 33.23
C34 PX4 XD . -17.66 28.52 32.44
C35 PX4 XD . -18.92 28.04 31.71
C36 PX4 XD . -20.07 27.87 32.71
O1 PX4 YD . 1.75 30.67 42.89
O2 PX4 YD . 2.45 28.72 44.35
P1 PX4 YD . 2.73 29.59 43.19
O3 PX4 YD . 4.22 30.16 43.36
C1 PX4 YD . 4.40 30.80 44.63
C2 PX4 YD . 5.63 31.64 44.98
N1 PX4 YD . 6.93 31.04 45.33
C3 PX4 YD . 6.73 30.23 46.54
C4 PX4 YD . 7.42 30.20 44.23
C5 PX4 YD . 7.87 32.12 45.64
O4 PX4 YD . 3.01 28.66 41.90
C6 PX4 YD . 3.44 29.46 40.78
C7 PX4 YD . 4.42 28.72 39.87
C8 PX4 YD . 3.53 28.41 38.67
O5 PX4 YD . 2.13 28.71 38.84
C9 PX4 YD . 1.17 27.90 38.34
O6 PX4 YD . 1.54 26.99 37.61
C10 PX4 YD . -0.26 28.47 38.42
C11 PX4 YD . -0.12 29.85 37.80
C12 PX4 YD . -1.34 30.71 38.14
C13 PX4 YD . -2.10 31.05 36.86
C14 PX4 YD . -3.35 31.91 37.04
C15 PX4 YD . -4.16 31.86 35.74
C16 PX4 YD . -5.41 32.76 35.83
C17 PX4 YD . -6.34 32.57 34.63
C18 PX4 YD . -7.04 33.87 34.24
C19 PX4 YD . -8.41 34.13 34.89
C20 PX4 YD . -9.40 33.16 34.26
C21 PX4 YD . -10.79 33.60 34.71
C22 PX4 YD . -11.24 34.97 34.18
O7 PX4 YD . 5.61 29.46 39.60
C23 PX4 YD . 6.68 29.30 40.42
O8 PX4 YD . 6.50 28.58 41.40
C24 PX4 YD . 8.02 29.97 40.08
C25 PX4 YD . 8.99 29.26 39.14
C26 PX4 YD . 10.36 29.96 39.21
C27 PX4 YD . 11.32 29.53 38.11
C28 PX4 YD . 10.84 30.11 36.77
C29 PX4 YD . 11.44 29.46 35.52
C30 PX4 YD . 10.76 30.12 34.31
C31 PX4 YD . 11.24 29.64 32.94
C32 PX4 YD . 12.53 30.30 32.45
C33 PX4 YD . 12.37 31.53 31.54
C34 PX4 YD . 13.74 32.04 31.07
C35 PX4 YD . 14.56 32.29 32.32
C36 PX4 YD . 15.95 32.79 31.91
O1 PX4 ZD . 13.95 28.12 46.85
O2 PX4 ZD . 16.16 29.29 45.98
P1 PX4 ZD . 14.72 28.95 45.88
O3 PX4 ZD . 14.05 30.27 46.53
C1 PX4 ZD . 14.69 31.47 46.09
C2 PX4 ZD . 14.33 32.68 46.94
N1 PX4 ZD . 14.94 32.80 48.26
C3 PX4 ZD . 14.66 34.13 48.79
C4 PX4 ZD . 14.37 31.88 49.26
C5 PX4 ZD . 16.41 32.73 48.28
O4 PX4 ZD . 13.83 29.41 44.62
C6 PX4 ZD . 12.67 28.57 44.52
C7 PX4 ZD . 11.54 29.19 43.70
C8 PX4 ZD . 11.92 30.65 43.40
O5 PX4 ZD . 10.88 31.58 43.15
C9 PX4 ZD . 11.36 32.66 42.48
O6 PX4 ZD . 12.57 32.85 42.57
C10 PX4 ZD . 10.48 33.80 41.95
C11 PX4 ZD . 9.62 34.26 43.15
C12 PX4 ZD . 8.36 34.94 42.63
C13 PX4 ZD . 7.35 33.92 42.06
C14 PX4 ZD . 6.00 34.57 41.77
C15 PX4 ZD . 4.90 33.83 41.04
C16 PX4 ZD . 5.39 33.30 39.69
C17 PX4 ZD . 4.35 32.49 38.90
C18 PX4 ZD . 3.22 33.45 38.55
C19 PX4 ZD . 1.95 32.75 38.08
C20 PX4 ZD . 0.83 33.78 37.90
C21 PX4 ZD . 0.45 34.54 39.18
C22 PX4 ZD . -0.64 35.52 38.74
O7 PX4 ZD . 11.25 28.37 42.57
C23 PX4 ZD . 10.53 27.22 42.74
O8 PX4 ZD . 9.94 27.03 43.80
C24 PX4 ZD . 10.55 26.17 41.65
C25 PX4 ZD . 11.82 25.34 41.80
C26 PX4 ZD . 12.93 25.97 40.95
C27 PX4 ZD . 14.17 25.08 40.93
C28 PX4 ZD . 15.22 25.57 39.94
C29 PX4 ZD . 16.40 24.58 39.97
C30 PX4 ZD . 17.33 24.63 38.75
C31 PX4 ZD . 18.39 23.56 39.02
C32 PX4 ZD . 19.60 23.71 38.09
C33 PX4 ZD . 19.13 23.18 36.73
C34 PX4 ZD . 20.35 23.10 35.82
C35 PX4 ZD . 19.99 22.96 34.33
C36 PX4 ZD . 21.24 23.21 33.51
O1 PX4 AE . -3.91 22.25 50.86
O2 PX4 AE . -1.71 21.68 49.70
P1 PX4 AE . -2.96 22.46 49.75
O3 PX4 AE . -2.38 23.97 49.90
C1 PX4 AE . -1.55 24.01 51.04
C2 PX4 AE . -0.86 25.34 51.36
N1 PX4 AE . 0.12 25.97 50.48
C3 PX4 AE . -0.45 26.36 49.18
C4 PX4 AE . 0.78 27.16 51.04
C5 PX4 AE . 1.26 25.05 50.26
O4 PX4 AE . -3.57 22.79 48.31
C6 PX4 AE . -3.11 21.72 47.46
C7 PX4 AE . -3.44 21.69 45.96
C8 PX4 AE . -4.94 21.95 46.01
O5 PX4 AE . -5.77 21.06 45.24
C9 PX4 AE . -7.06 21.44 45.14
O6 PX4 AE . -7.67 22.14 45.95
C10 PX4 AE . -7.92 20.81 44.05
C11 PX4 AE . -7.25 20.79 42.69
C12 PX4 AE . -8.27 20.30 41.66
C13 PX4 AE . -7.83 20.06 40.21
C14 PX4 AE . -9.03 19.68 39.36
C15 PX4 AE . -8.47 19.01 38.10
C16 PX4 AE . -9.58 18.15 37.48
C17 PX4 AE . -9.22 17.77 36.03
C18 PX4 AE . -10.33 16.91 35.42
C19 PX4 AE . -10.02 16.50 33.97
C20 PX4 AE . -11.33 16.02 33.34
C21 PX4 AE . -11.21 16.04 31.82
C22 PX4 AE . -12.54 15.61 31.18
O7 PX4 AE . -2.59 22.39 45.06
C23 PX4 AE . -1.43 21.87 44.62
O8 PX4 AE . -0.93 20.84 45.08
C24 PX4 AE . -0.78 22.46 43.36
C25 PX4 AE . -0.98 21.53 42.17
C26 PX4 AE . -0.65 22.18 40.81
C27 PX4 AE . -0.42 21.21 39.63
C28 PX4 AE . 0.72 20.20 39.71
C29 PX4 AE . 1.06 19.65 38.32
C30 PX4 AE . 0.10 18.52 37.94
C31 PX4 AE . 0.09 18.14 36.45
C32 PX4 AE . 1.50 17.74 36.03
C33 PX4 AE . 1.79 17.60 34.52
C34 PX4 AE . 1.51 19.01 33.96
C35 PX4 AE . 1.75 19.03 32.44
C36 PX4 AE . 1.60 20.40 31.78
N PHE A 1 16.38 -1.65 -11.82
CA PHE A 1 15.78 -2.90 -11.31
C PHE A 1 14.47 -2.57 -10.61
N ARG A 2 13.62 -3.55 -10.27
CA ARG A 2 12.32 -3.40 -9.67
C ARG A 2 12.17 -3.98 -8.28
N GLU A 3 13.21 -4.68 -7.82
CA GLU A 3 13.29 -5.28 -6.50
C GLU A 3 14.02 -4.26 -5.63
N MET A 4 13.68 -4.15 -4.34
CA MET A 4 14.40 -3.47 -3.27
C MET A 4 15.79 -4.08 -3.12
N PRO A 5 16.80 -3.25 -2.85
CA PRO A 5 18.15 -3.77 -2.77
C PRO A 5 18.33 -4.46 -1.42
N GLY A 6 19.11 -5.54 -1.50
CA GLY A 6 19.34 -6.59 -0.52
C GLY A 6 18.78 -7.93 -1.00
N GLY A 7 18.28 -8.81 -0.12
CA GLY A 7 17.39 -9.89 -0.43
C GLY A 7 16.12 -9.78 0.42
N PRO A 8 15.05 -9.08 0.03
CA PRO A 8 13.93 -8.88 0.95
C PRO A 8 13.24 -10.21 1.10
N VAL A 9 13.20 -10.72 2.33
CA VAL A 9 12.52 -11.95 2.71
C VAL A 9 11.56 -11.80 3.88
N TRP A 10 10.26 -11.76 3.55
CA TRP A 10 9.18 -11.82 4.53
C TRP A 10 9.11 -13.27 5.00
N ARG A 11 9.05 -14.30 4.14
CA ARG A 11 8.93 -15.72 4.37
C ARG A 11 7.49 -16.13 4.61
N LYS A 12 6.63 -15.14 4.94
CA LYS A 12 5.21 -15.35 5.09
C LYS A 12 4.56 -15.30 3.72
N HIS A 13 3.69 -16.26 3.43
CA HIS A 13 2.79 -16.45 2.30
C HIS A 13 1.37 -16.06 2.69
N TYR A 14 1.11 -16.10 3.99
CA TYR A 14 -0.17 -15.88 4.64
C TYR A 14 0.00 -14.72 5.64
N ILE A 15 -0.16 -13.49 5.17
CA ILE A 15 -0.10 -12.15 5.71
C ILE A 15 -1.55 -11.73 5.93
N THR A 16 -1.81 -10.77 6.81
CA THR A 16 -3.08 -10.27 7.30
C THR A 16 -3.01 -8.85 7.83
N TYR A 17 -4.14 -8.15 7.83
CA TYR A 17 -4.16 -6.75 8.18
C TYR A 17 -5.39 -6.32 8.96
N ARG A 18 -5.31 -5.21 9.70
CA ARG A 18 -6.33 -4.47 10.40
C ARG A 18 -6.18 -2.99 10.07
N ILE A 19 -7.29 -2.28 9.85
CA ILE A 19 -7.39 -0.84 9.82
C ILE A 19 -7.56 -0.44 11.29
N ASN A 20 -6.44 -0.01 11.87
CA ASN A 20 -6.32 0.53 13.21
C ASN A 20 -7.16 1.75 13.55
N ASN A 21 -7.47 2.61 12.58
CA ASN A 21 -8.37 3.75 12.67
C ASN A 21 -8.74 4.17 11.25
N TYR A 22 -9.98 4.64 11.16
CA TYR A 22 -10.66 5.22 10.02
C TYR A 22 -10.42 6.73 10.06
N THR A 23 -10.11 7.36 8.93
CA THR A 23 -10.00 8.80 8.73
C THR A 23 -11.43 9.35 8.74
N PRO A 24 -11.70 10.54 9.28
CA PRO A 24 -12.98 11.20 9.11
C PRO A 24 -13.15 11.92 7.78
N ASP A 25 -12.23 11.88 6.80
CA ASP A 25 -12.35 12.58 5.54
C ASP A 25 -13.29 11.74 4.67
N MET A 26 -12.95 10.46 4.56
CA MET A 26 -13.49 9.44 3.68
C MET A 26 -14.53 8.60 4.40
N ASN A 27 -15.29 7.82 3.64
CA ASN A 27 -16.35 6.98 4.16
C ASN A 27 -15.65 5.67 4.47
N ARG A 28 -15.79 5.11 5.68
CA ARG A 28 -15.24 3.88 6.24
C ARG A 28 -15.34 2.65 5.35
N GLU A 29 -16.50 2.49 4.72
CA GLU A 29 -16.85 1.44 3.77
C GLU A 29 -16.11 1.56 2.45
N ASP A 30 -15.69 2.78 2.13
CA ASP A 30 -14.89 3.06 0.95
C ASP A 30 -13.41 2.88 1.25
N VAL A 31 -12.93 3.27 2.43
CA VAL A 31 -11.66 2.94 3.05
C VAL A 31 -11.39 1.45 3.02
N ASP A 32 -12.36 0.63 3.44
CA ASP A 32 -12.29 -0.82 3.48
C ASP A 32 -12.13 -1.45 2.10
N TYR A 33 -12.88 -0.97 1.10
CA TYR A 33 -12.89 -1.45 -0.26
C TYR A 33 -11.66 -0.96 -0.98
N ALA A 34 -11.17 0.25 -0.69
CA ALA A 34 -9.91 0.76 -1.21
C ALA A 34 -8.63 0.10 -0.70
N ILE A 35 -8.62 -0.31 0.56
CA ILE A 35 -7.64 -1.23 1.10
C ILE A 35 -7.80 -2.60 0.46
N ARG A 36 -9.02 -3.13 0.32
CA ARG A 36 -9.26 -4.48 -0.14
C ARG A 36 -8.77 -4.65 -1.57
N LYS A 37 -9.17 -3.75 -2.48
CA LYS A 37 -8.74 -3.88 -3.85
C LYS A 37 -7.23 -3.65 -4.00
N ALA A 38 -6.53 -3.03 -3.07
CA ALA A 38 -5.11 -2.71 -3.08
C ALA A 38 -4.30 -3.97 -2.83
N PHE A 39 -4.80 -4.80 -1.92
CA PHE A 39 -4.33 -6.16 -1.77
C PHE A 39 -4.67 -7.19 -2.84
N GLN A 40 -5.85 -7.16 -3.46
CA GLN A 40 -6.39 -8.27 -4.24
C GLN A 40 -5.61 -8.44 -5.54
N VAL A 41 -5.24 -7.30 -6.09
CA VAL A 41 -4.66 -7.18 -7.41
C VAL A 41 -3.26 -7.79 -7.42
N TRP A 42 -2.51 -7.67 -6.33
CA TRP A 42 -1.29 -8.43 -6.19
C TRP A 42 -1.53 -9.92 -6.09
N SER A 43 -2.44 -10.37 -5.21
CA SER A 43 -2.71 -11.78 -5.01
C SER A 43 -3.24 -12.55 -6.22
N ASN A 44 -3.88 -11.81 -7.13
CA ASN A 44 -4.34 -12.33 -8.40
C ASN A 44 -3.18 -12.78 -9.29
N VAL A 45 -1.91 -12.49 -9.00
CA VAL A 45 -0.78 -12.91 -9.81
C VAL A 45 0.27 -13.72 -9.07
N THR A 46 0.15 -13.89 -7.74
CA THR A 46 1.12 -14.54 -6.89
C THR A 46 0.30 -15.23 -5.80
N PRO A 47 0.70 -16.42 -5.34
CA PRO A 47 -0.03 -17.20 -4.37
C PRO A 47 -0.04 -16.76 -2.91
N LEU A 48 0.38 -15.51 -2.70
CA LEU A 48 0.10 -14.80 -1.47
C LEU A 48 -1.39 -14.51 -1.36
N LYS A 49 -2.03 -14.69 -0.21
CA LYS A 49 -3.39 -14.29 0.07
C LYS A 49 -3.37 -13.37 1.26
N PHE A 50 -4.18 -12.30 1.21
CA PHE A 50 -4.32 -11.28 2.24
C PHE A 50 -5.77 -11.29 2.70
N SER A 51 -5.99 -11.19 4.02
CA SER A 51 -7.23 -11.19 4.75
C SER A 51 -7.28 -10.20 5.92
N LYS A 52 -8.50 -9.71 6.19
CA LYS A 52 -8.81 -8.83 7.30
C LYS A 52 -9.11 -9.76 8.46
N ILE A 53 -8.82 -9.28 9.67
CA ILE A 53 -9.03 -9.96 10.93
C ILE A 53 -9.72 -9.09 11.98
N ASN A 54 -10.72 -9.55 12.74
CA ASN A 54 -11.45 -9.03 13.88
C ASN A 54 -10.80 -9.28 15.23
N THR A 55 -9.96 -10.31 15.28
CA THR A 55 -9.09 -10.71 16.37
C THR A 55 -7.77 -11.29 15.93
N GLY A 56 -6.68 -10.85 16.56
CA GLY A 56 -5.29 -11.09 16.20
C GLY A 56 -4.45 -9.89 15.82
N MET A 57 -3.12 -10.05 15.77
CA MET A 57 -2.11 -9.09 15.36
C MET A 57 -2.13 -9.01 13.86
N ALA A 58 -2.16 -7.80 13.29
CA ALA A 58 -2.06 -7.50 11.88
C ALA A 58 -0.60 -7.47 11.47
N ASP A 59 -0.14 -7.92 10.31
CA ASP A 59 1.25 -7.94 9.89
C ASP A 59 1.54 -6.58 9.26
N ILE A 60 0.57 -6.05 8.51
CA ILE A 60 0.64 -4.79 7.78
C ILE A 60 -0.36 -4.00 8.62
N LEU A 61 0.21 -3.12 9.46
CA LEU A 61 -0.48 -2.23 10.33
C LEU A 61 -0.88 -1.08 9.41
N VAL A 62 -2.20 -1.01 9.16
CA VAL A 62 -2.84 0.04 8.38
C VAL A 62 -3.37 1.02 9.42
N VAL A 63 -2.80 2.22 9.49
CA VAL A 63 -3.04 3.21 10.53
C VAL A 63 -3.03 4.60 9.91
N PHE A 64 -3.85 5.53 10.39
CA PHE A 64 -4.03 6.85 9.79
C PHE A 64 -3.74 7.95 10.79
N ALA A 65 -2.55 8.54 10.76
CA ALA A 65 -1.89 9.19 11.86
C ALA A 65 -1.33 10.49 11.31
N ARG A 66 -0.98 11.50 12.14
CA ARG A 66 -0.58 12.83 11.78
C ARG A 66 0.65 13.27 12.55
N GLY A 67 1.72 13.83 11.99
CA GLY A 67 2.93 14.33 12.63
C GLY A 67 3.97 13.24 12.81
N ALA A 68 4.81 13.43 13.82
CA ALA A 68 5.82 12.48 14.27
C ALA A 68 5.13 11.79 15.43
N HIS A 69 4.92 10.47 15.32
CA HIS A 69 3.95 9.80 16.16
C HIS A 69 4.50 8.43 16.58
N GLY A 70 5.82 8.29 16.60
CA GLY A 70 6.56 7.05 16.59
C GLY A 70 7.03 6.81 15.17
N ASP A 71 8.08 5.99 14.98
CA ASP A 71 8.79 5.58 13.79
C ASP A 71 9.81 6.58 13.28
N PHE A 72 9.78 7.82 13.78
CA PHE A 72 10.76 8.89 13.71
C PHE A 72 10.98 9.61 12.39
N HIS A 73 10.32 9.09 11.35
CA HIS A 73 10.41 9.54 9.97
C HIS A 73 9.62 10.83 9.76
N ALA A 74 8.51 10.93 10.50
CA ALA A 74 7.58 12.03 10.45
C ALA A 74 6.70 12.17 9.21
N PHE A 75 5.40 12.41 9.38
CA PHE A 75 4.62 13.03 8.31
C PHE A 75 4.63 14.55 8.50
N ASP A 76 4.13 15.34 7.54
CA ASP A 76 4.53 16.65 7.04
C ASP A 76 3.54 17.79 6.98
N GLY A 77 2.26 17.46 7.13
CA GLY A 77 1.22 18.43 6.87
C GLY A 77 0.52 17.98 5.60
N LYS A 78 -0.47 18.75 5.15
CA LYS A 78 -1.22 18.56 3.91
C LYS A 78 -0.28 18.88 2.75
N GLY A 79 -0.17 18.01 1.74
CA GLY A 79 0.92 18.14 0.78
C GLY A 79 2.02 17.12 1.04
N GLY A 80 2.82 16.72 0.03
CA GLY A 80 4.05 16.00 0.21
C GLY A 80 3.89 14.51 0.42
N ILE A 81 4.26 13.99 1.59
CA ILE A 81 4.15 12.60 1.99
C ILE A 81 2.68 12.26 2.17
N LEU A 82 2.25 11.16 1.56
CA LEU A 82 0.91 10.60 1.64
C LEU A 82 0.92 9.44 2.62
N ALA A 83 1.93 8.58 2.48
CA ALA A 83 2.18 7.35 3.22
C ALA A 83 3.63 7.09 3.62
N HIS A 84 3.77 6.21 4.61
CA HIS A 84 5.04 5.55 4.87
C HIS A 84 4.84 4.05 4.75
N ALA A 85 5.54 3.46 3.76
CA ALA A 85 5.72 2.05 3.55
C ALA A 85 7.20 1.76 3.76
N PHE A 86 7.34 0.66 4.50
CA PHE A 86 8.57 0.13 5.05
C PHE A 86 9.02 -1.03 4.16
N GLY A 87 9.88 -1.91 4.66
CA GLY A 87 10.32 -3.19 4.17
C GLY A 87 9.79 -4.36 4.97
N PRO A 88 9.99 -5.64 4.63
CA PRO A 88 9.33 -6.81 5.17
C PRO A 88 9.88 -7.25 6.53
N GLY A 89 9.14 -8.13 7.20
CA GLY A 89 9.47 -8.77 8.46
C GLY A 89 8.43 -8.39 9.51
N SER A 90 8.48 -9.06 10.66
CA SER A 90 7.69 -9.01 11.89
C SER A 90 7.84 -7.75 12.73
N GLY A 91 6.76 -7.29 13.36
CA GLY A 91 6.67 -6.17 14.26
C GLY A 91 6.44 -4.87 13.48
N ILE A 92 7.10 -3.78 13.84
CA ILE A 92 7.35 -2.67 12.95
C ILE A 92 8.21 -3.10 11.77
N GLY A 93 7.73 -2.87 10.55
CA GLY A 93 8.13 -3.58 9.34
C GLY A 93 6.83 -3.96 8.65
N GLY A 94 6.76 -3.81 7.33
CA GLY A 94 5.72 -4.46 6.53
C GLY A 94 4.51 -3.57 6.35
N ASP A 95 4.44 -2.46 7.09
CA ASP A 95 3.29 -1.66 7.46
C ASP A 95 3.03 -0.51 6.48
N ALA A 96 1.80 0.00 6.48
CA ALA A 96 1.33 1.01 5.56
C ALA A 96 0.55 2.03 6.41
N HIS A 97 1.32 3.04 6.82
CA HIS A 97 0.84 4.15 7.61
C HIS A 97 0.50 5.29 6.66
N PHE A 98 -0.67 5.90 6.78
CA PHE A 98 -1.19 7.02 6.00
C PHE A 98 -1.19 8.34 6.72
N ASP A 99 -0.76 9.44 6.10
CA ASP A 99 -0.82 10.83 6.53
C ASP A 99 -2.24 11.36 6.66
N GLU A 100 -2.66 11.64 7.90
CA GLU A 100 -4.04 12.02 8.17
C GLU A 100 -4.23 13.52 8.00
N ASP A 101 -3.17 14.27 7.74
CA ASP A 101 -3.33 15.68 7.42
C ASP A 101 -3.68 15.94 5.96
N GLU A 102 -3.65 14.88 5.15
CA GLU A 102 -4.26 14.73 3.86
C GLU A 102 -5.76 14.54 4.04
N PHE A 103 -6.49 14.76 2.92
CA PHE A 103 -7.92 14.76 2.73
C PHE A 103 -8.23 13.61 1.80
N TRP A 104 -8.56 12.46 2.38
CA TRP A 104 -8.74 11.19 1.69
C TRP A 104 -10.10 11.15 1.03
N THR A 105 -10.24 10.92 -0.28
CA THR A 105 -11.44 11.12 -1.07
C THR A 105 -11.65 9.95 -2.02
N THR A 106 -12.67 10.02 -2.88
CA THR A 106 -12.86 9.15 -4.01
C THR A 106 -13.09 9.96 -5.28
N HIS A 107 -12.48 11.16 -5.29
CA HIS A 107 -12.56 12.20 -6.29
C HIS A 107 -11.29 12.20 -7.12
N SER A 108 -11.47 12.43 -8.42
CA SER A 108 -10.46 12.43 -9.45
C SER A 108 -9.36 13.49 -9.33
N GLY A 109 -9.56 14.58 -8.58
CA GLY A 109 -8.66 15.68 -8.32
C GLY A 109 -8.24 15.71 -6.86
N GLY A 110 -8.58 14.76 -5.97
CA GLY A 110 -8.23 14.73 -4.57
C GLY A 110 -7.49 13.43 -4.29
N THR A 111 -6.99 13.26 -3.07
CA THR A 111 -6.12 12.18 -2.65
C THR A 111 -6.84 10.85 -2.66
N ASN A 112 -6.38 9.87 -3.45
CA ASN A 112 -6.98 8.56 -3.69
C ASN A 112 -6.19 7.66 -2.75
N LEU A 113 -6.88 6.97 -1.85
CA LEU A 113 -6.27 5.99 -0.97
C LEU A 113 -5.83 4.70 -1.66
N PHE A 114 -6.73 4.15 -2.48
CA PHE A 114 -6.54 3.00 -3.34
C PHE A 114 -5.25 3.02 -4.14
N LEU A 115 -4.94 4.07 -4.90
CA LEU A 115 -3.74 4.25 -5.69
C LEU A 115 -2.54 4.58 -4.83
N THR A 116 -2.61 5.07 -3.59
CA THR A 116 -1.47 5.14 -2.72
C THR A 116 -1.27 3.79 -2.05
N ALA A 117 -2.31 3.10 -1.58
CA ALA A 117 -2.18 1.83 -0.89
C ALA A 117 -1.45 0.76 -1.68
N VAL A 118 -1.85 0.48 -2.93
CA VAL A 118 -1.37 -0.56 -3.82
C VAL A 118 0.14 -0.63 -3.97
N HIS A 119 0.81 0.51 -4.09
CA HIS A 119 2.26 0.45 -4.12
C HIS A 119 2.88 0.50 -2.73
N ALA A 120 2.23 1.05 -1.71
CA ALA A 120 2.59 0.95 -0.31
C ALA A 120 2.62 -0.49 0.20
N ILE A 121 1.76 -1.38 -0.32
CA ILE A 121 1.78 -2.80 -0.05
C ILE A 121 2.87 -3.50 -0.86
N GLY A 122 3.19 -2.94 -2.02
CA GLY A 122 4.13 -3.64 -2.88
C GLY A 122 5.54 -3.31 -2.41
N HIS A 123 5.70 -2.09 -1.88
CA HIS A 123 6.96 -1.59 -1.36
C HIS A 123 7.33 -2.30 -0.07
N SER A 124 6.35 -2.75 0.70
CA SER A 124 6.51 -3.38 2.00
C SER A 124 6.83 -4.87 1.89
N LEU A 125 6.56 -5.48 0.73
CA LEU A 125 7.07 -6.73 0.21
C LEU A 125 8.48 -6.57 -0.34
N GLY A 126 8.88 -5.42 -0.90
CA GLY A 126 10.21 -5.17 -1.39
C GLY A 126 10.30 -4.95 -2.89
N LEU A 127 9.30 -4.27 -3.47
CA LEU A 127 9.52 -3.77 -4.80
C LEU A 127 10.06 -2.35 -4.74
N GLY A 128 10.49 -1.90 -5.91
CA GLY A 128 11.02 -0.55 -6.05
C GLY A 128 10.09 0.31 -6.90
N HIS A 129 10.62 1.03 -7.90
CA HIS A 129 9.87 1.76 -8.88
C HIS A 129 9.92 0.91 -10.15
N SER A 130 9.00 1.29 -11.04
CA SER A 130 9.03 0.93 -12.43
C SER A 130 9.35 2.18 -13.24
N SER A 131 9.70 1.95 -14.51
CA SER A 131 10.21 2.91 -15.46
C SER A 131 9.61 2.81 -16.85
N ASP A 132 8.45 2.13 -16.82
CA ASP A 132 7.55 2.04 -17.93
C ASP A 132 6.43 3.06 -17.69
N PRO A 133 6.04 3.84 -18.70
CA PRO A 133 5.20 5.00 -18.55
C PRO A 133 3.73 4.75 -18.22
N LYS A 134 3.25 3.54 -18.42
CA LYS A 134 1.91 3.12 -18.08
C LYS A 134 1.80 2.34 -16.77
N ALA A 135 2.94 2.06 -16.13
CA ALA A 135 3.01 1.28 -14.91
C ALA A 135 2.46 2.07 -13.73
N VAL A 136 1.91 1.37 -12.74
CA VAL A 136 1.45 1.89 -11.46
C VAL A 136 2.61 1.99 -10.49
N MET A 137 3.65 1.17 -10.65
CA MET A 137 4.84 1.23 -9.82
C MET A 137 5.71 2.39 -10.32
N PHE A 138 5.33 3.05 -11.41
CA PHE A 138 5.93 4.25 -11.96
C PHE A 138 5.83 5.44 -11.03
N PRO A 139 6.78 6.38 -10.90
CA PRO A 139 6.75 7.50 -9.99
C PRO A 139 5.73 8.58 -10.30
N THR A 140 5.43 8.90 -11.56
CA THR A 140 4.56 9.99 -11.97
C THR A 140 3.16 9.41 -12.12
N TYR A 141 2.22 10.08 -11.44
CA TYR A 141 0.84 9.66 -11.34
C TYR A 141 0.04 9.76 -12.63
N LYS A 142 -0.97 8.88 -12.61
CA LYS A 142 -2.13 8.95 -13.46
C LYS A 142 -3.25 8.23 -12.75
N TYR A 143 -4.45 8.79 -12.60
CA TYR A 143 -5.62 8.29 -11.89
C TYR A 143 -6.11 7.07 -12.65
N VAL A 144 -6.25 5.90 -12.03
CA VAL A 144 -6.93 4.74 -12.56
C VAL A 144 -7.97 4.27 -11.54
N ASP A 145 -9.26 4.33 -11.82
CA ASP A 145 -10.43 4.14 -10.96
C ASP A 145 -10.49 2.73 -10.39
N ILE A 146 -10.83 2.65 -9.10
CA ILE A 146 -11.00 1.47 -8.28
C ILE A 146 -11.80 0.28 -8.83
N ASN A 147 -12.81 0.66 -9.61
CA ASN A 147 -13.77 -0.24 -10.24
C ASN A 147 -13.08 -0.96 -11.37
N THR A 148 -12.22 -0.25 -12.11
CA THR A 148 -11.85 -0.67 -13.45
C THR A 148 -10.37 -0.98 -13.54
N PHE A 149 -9.60 -0.80 -12.47
CA PHE A 149 -8.17 -1.03 -12.34
C PHE A 149 -7.66 -2.35 -12.89
N ARG A 150 -6.48 -2.31 -13.53
CA ARG A 150 -5.59 -3.43 -13.75
C ARG A 150 -4.15 -2.99 -13.49
N LEU A 151 -3.39 -3.94 -12.91
CA LEU A 151 -1.95 -3.85 -12.88
C LEU A 151 -1.38 -4.02 -14.29
N SER A 152 -0.40 -3.18 -14.63
CA SER A 152 0.28 -3.24 -15.91
C SER A 152 1.29 -4.39 -15.94
N ALA A 153 1.81 -4.78 -17.11
CA ALA A 153 2.82 -5.75 -17.43
C ALA A 153 4.12 -5.71 -16.62
N ASP A 154 4.61 -4.47 -16.48
CA ASP A 154 5.79 -4.14 -15.71
C ASP A 154 5.57 -4.23 -14.21
N ASP A 155 4.34 -4.04 -13.71
CA ASP A 155 4.00 -4.12 -12.30
C ASP A 155 3.81 -5.61 -11.99
N ILE A 156 3.16 -6.37 -12.87
CA ILE A 156 3.07 -7.80 -12.82
C ILE A 156 4.46 -8.43 -12.78
N ARG A 157 5.44 -7.91 -13.52
CA ARG A 157 6.79 -8.42 -13.66
C ARG A 157 7.66 -8.05 -12.47
N GLY A 158 7.27 -7.05 -11.70
CA GLY A 158 7.96 -6.72 -10.46
C GLY A 158 7.61 -7.77 -9.41
N ILE A 159 6.37 -7.99 -8.99
CA ILE A 159 5.94 -8.97 -8.00
C ILE A 159 6.40 -10.40 -8.26
N GLN A 160 6.56 -10.87 -9.50
CA GLN A 160 7.05 -12.19 -9.84
C GLN A 160 8.52 -12.47 -9.53
N SER A 161 9.35 -11.43 -9.57
CA SER A 161 10.78 -11.46 -9.36
C SER A 161 11.15 -11.90 -7.95
N LEU A 162 10.28 -11.74 -6.94
CA LEU A 162 10.58 -12.03 -5.55
C LEU A 162 9.55 -13.07 -5.11
N TYR A 163 8.38 -13.14 -5.74
CA TYR A 163 7.19 -13.81 -5.23
C TYR A 163 6.57 -14.65 -6.32
N GLY A 164 7.40 -15.08 -7.29
CA GLY A 164 7.06 -16.05 -8.29
C GLY A 164 8.07 -17.19 -8.31
ZN ZN B . 4.69 4.81 -6.02
ZN ZN C . 6.32 6.98 9.86
CA CA D . 1.38 14.99 3.64
CA CA E . 4.15 -4.86 10.87
CA CA F . -7.65 13.98 7.15
O1 PX4 G . 4.45 19.86 22.77
O2 PX4 G . 4.33 22.40 23.42
P1 PX4 G . 4.90 21.26 22.66
O3 PX4 G . 4.88 21.73 21.11
C1 PX4 G . 5.52 23.01 21.15
C2 PX4 G . 5.49 23.71 19.80
N1 PX4 G . 6.34 24.89 19.62
C3 PX4 G . 7.77 24.58 19.60
C4 PX4 G . 5.93 25.52 18.35
C5 PX4 G . 6.00 25.88 20.66
O4 PX4 G . 6.50 21.10 22.86
C6 PX4 G . 6.61 20.58 24.19
C7 PX4 G . 8.03 20.13 24.56
C8 PX4 G . 8.75 21.26 25.30
O5 PX4 G . 7.86 22.07 26.08
C9 PX4 G . 8.36 23.20 26.66
O6 PX4 G . 9.54 23.53 26.69
C10 PX4 G . 7.27 23.91 27.46
C11 PX4 G . 7.72 25.14 28.25
C12 PX4 G . 6.57 25.78 29.03
C13 PX4 G . 7.05 27.18 29.40
C14 PX4 G . 5.96 28.06 30.00
C15 PX4 G . 6.57 29.45 30.05
C16 PX4 G . 5.78 30.61 30.67
C17 PX4 G . 6.61 31.84 30.26
C18 PX4 G . 8.03 31.84 30.82
C19 PX4 G . 8.77 33.03 30.19
C20 PX4 G . 10.28 32.76 30.23
C21 PX4 G . 11.05 34.07 30.08
C22 PX4 G . 12.58 33.96 30.12
O7 PX4 G . 8.24 18.81 25.06
C23 PX4 G . 8.15 17.78 24.17
O8 PX4 G . 8.24 18.07 22.99
C24 PX4 G . 8.34 16.38 24.73
C25 PX4 G . 7.35 15.96 25.83
C26 PX4 G . 7.31 14.46 26.12
C27 PX4 G . 6.61 14.13 27.43
C28 PX4 G . 5.32 14.94 27.53
C29 PX4 G . 4.71 14.65 28.92
C30 PX4 G . 3.34 15.31 29.09
C31 PX4 G . 2.43 14.79 27.98
C32 PX4 G . 1.11 15.55 28.09
C33 PX4 G . 0.46 16.00 26.78
C34 PX4 G . -0.71 16.94 27.14
C35 PX4 G . -1.87 16.12 27.71
C36 PX4 G . -2.89 17.14 28.21
O1 PX4 H . 9.94 11.06 16.78
O2 PX4 H . 7.86 10.01 15.93
P1 PX4 H . 8.88 10.04 16.99
O3 PX4 H . 8.23 10.16 18.46
C1 PX4 H . 7.48 11.38 18.37
C2 PX4 H . 6.90 11.76 19.73
N1 PX4 H . 5.73 11.07 20.29
C3 PX4 H . 4.58 11.92 19.93
C4 PX4 H . 5.51 9.69 19.83
C5 PX4 H . 5.78 11.06 21.75
O4 PX4 H . 9.63 8.61 17.13
C6 PX4 H . 10.15 8.52 18.46
C7 PX4 H . 10.67 7.10 18.66
C8 PX4 H . 12.07 7.16 19.28
O5 PX4 H . 12.28 7.97 20.44
C9 PX4 H . 13.50 8.01 21.03
O6 PX4 H . 14.32 7.11 20.85
C10 PX4 H . 13.71 8.91 22.26
C11 PX4 H . 13.78 8.12 23.58
C12 PX4 H . 13.93 9.21 24.63
C13 PX4 H . 14.05 8.37 25.91
C14 PX4 H . 14.64 9.28 26.97
C15 PX4 H . 14.96 8.43 28.20
C16 PX4 H . 15.24 9.12 29.54
C17 PX4 H . 15.51 8.09 30.64
C18 PX4 H . 15.85 8.96 31.85
C19 PX4 H . 16.12 8.03 33.04
C20 PX4 H . 15.84 8.74 34.37
C21 PX4 H . 15.50 7.57 35.30
C22 PX4 H . 15.09 7.94 36.73
O7 PX4 H . 9.84 6.12 19.28
C23 PX4 H . 9.36 5.19 18.43
O8 PX4 H . 9.61 5.15 17.23
C24 PX4 H . 8.46 4.11 19.03
C25 PX4 H . 8.98 3.21 20.16
C26 PX4 H . 7.89 2.41 20.89
C27 PX4 H . 8.40 1.44 21.96
C28 PX4 H . 9.54 0.49 21.60
C29 PX4 H . 9.94 -0.40 22.77
C30 PX4 H . 11.14 -1.27 22.37
C31 PX4 H . 11.61 -2.06 23.59
C32 PX4 H . 12.92 -2.77 23.22
C33 PX4 H . 13.37 -3.49 24.48
C34 PX4 H . 12.44 -4.66 24.81
C35 PX4 H . 13.03 -5.34 26.05
C36 PX4 H . 12.17 -6.55 26.41
O1 PX4 I . 19.47 -3.93 20.83
O2 PX4 I . 19.00 -2.90 18.48
P1 PX4 I . 19.85 -3.06 19.69
O3 PX4 I . 21.17 -3.78 19.15
C1 PX4 I . 21.40 -3.48 17.76
C2 PX4 I . 22.64 -4.13 17.13
N1 PX4 I . 23.98 -3.74 17.61
C3 PX4 I . 25.02 -4.29 16.76
C4 PX4 I . 24.28 -2.30 17.71
C5 PX4 I . 24.35 -4.17 18.97
O4 PX4 I . 20.53 -1.64 20.07
C6 PX4 I . 21.38 -1.97 21.18
C7 PX4 I . 22.50 -0.94 21.35
C8 PX4 I . 21.75 0.11 22.17
O5 PX4 I . 20.95 -0.45 23.23
C9 PX4 I . 20.45 0.52 24.05
O6 PX4 I . 20.65 1.69 23.76
C10 PX4 I . 19.46 0.02 25.08
C11 PX4 I . 19.49 0.64 26.47
C12 PX4 I . 18.55 -0.18 27.37
C13 PX4 I . 18.63 0.28 28.83
C14 PX4 I . 17.89 -0.65 29.80
C15 PX4 I . 18.68 -1.96 29.71
C16 PX4 I . 20.10 -1.79 30.29
C17 PX4 I . 20.94 -3.05 30.49
C18 PX4 I . 22.36 -2.69 30.93
C19 PX4 I . 23.03 -3.91 31.58
C20 PX4 I . 24.50 -3.59 31.89
C21 PX4 I . 24.49 -2.52 32.97
C22 PX4 I . 25.92 -2.25 33.42
O7 PX4 I . 23.72 -1.49 21.85
C23 PX4 I . 24.82 -0.73 21.63
O8 PX4 I . 24.74 0.40 21.11
C24 PX4 I . 26.14 -1.28 22.16
C25 PX4 I . 26.40 -0.87 23.61
C26 PX4 I . 27.77 -1.48 23.95
C27 PX4 I . 28.84 -0.80 23.09
C28 PX4 I . 30.23 -1.38 23.35
C29 PX4 I . 30.64 -1.16 24.80
C30 PX4 I . 30.73 0.30 25.24
C31 PX4 I . 31.44 0.57 26.55
C32 PX4 I . 30.81 1.82 27.18
C33 PX4 I . 29.37 1.51 27.55
C34 PX4 I . 29.36 0.29 28.47
C35 PX4 I . 27.97 -0.06 29.02
C36 PX4 I . 27.07 -0.61 27.93
O1 PX4 J . 33.54 11.13 13.92
O2 PX4 J . 35.68 9.73 13.59
P1 PX4 J . 34.30 9.87 14.12
O3 PX4 J . 33.34 8.59 13.92
C1 PX4 J . 34.05 7.58 13.19
C2 PX4 J . 33.80 7.53 11.68
N1 PX4 J . 32.47 7.47 11.05
C3 PX4 J . 31.94 8.78 10.67
C4 PX4 J . 32.50 6.72 9.78
C5 PX4 J . 31.49 6.77 11.88
O4 PX4 J . 34.55 9.78 15.71
C6 PX4 J . 33.33 10.04 16.41
C7 PX4 J . 33.45 9.70 17.89
C8 PX4 J . 34.94 9.47 18.09
O5 PX4 J . 35.20 8.18 18.65
C9 PX4 J . 36.50 8.08 19.05
O6 PX4 J . 37.44 8.47 18.36
C10 PX4 J . 36.82 7.09 20.18
C11 PX4 J . 37.19 5.71 19.64
C12 PX4 J . 37.48 4.67 20.71
C13 PX4 J . 38.89 4.96 21.24
C14 PX4 J . 39.22 4.13 22.47
C15 PX4 J . 38.04 4.50 23.36
C16 PX4 J . 38.17 3.63 24.62
C17 PX4 J . 36.98 3.66 25.58
C18 PX4 J . 37.00 2.83 26.86
C19 PX4 J . 35.78 3.22 27.69
C20 PX4 J . 35.47 2.04 28.61
C21 PX4 J . 35.20 0.76 27.84
C22 PX4 J . 35.05 -0.58 28.58
O7 PX4 J . 32.96 10.82 18.63
C23 PX4 J . 31.63 10.86 18.85
O8 PX4 J . 30.83 9.97 18.53
C24 PX4 J . 31.15 12.05 19.69
C25 PX4 J . 31.97 12.22 20.98
C26 PX4 J . 31.40 13.36 21.83
C27 PX4 J . 32.35 13.76 22.94
C28 PX4 J . 31.60 14.87 23.71
C29 PX4 J . 32.52 15.44 24.79
C30 PX4 J . 31.68 16.27 25.76
C31 PX4 J . 30.93 17.40 25.06
C32 PX4 J . 30.06 18.22 26.01
C33 PX4 J . 28.79 17.58 26.58
C34 PX4 J . 27.79 18.54 27.25
C35 PX4 J . 26.42 18.06 27.70
C36 PX4 J . 25.71 19.04 28.65
O1 PX4 K . 26.19 -12.50 19.80
O2 PX4 K . 23.67 -11.69 19.45
P1 PX4 K . 25.06 -11.55 19.95
O3 PX4 K . 25.57 -10.25 19.14
C1 PX4 K . 25.80 -10.64 17.78
C2 PX4 K . 26.41 -9.50 16.97
N1 PX4 K . 26.65 -9.75 15.54
C3 PX4 K . 25.40 -9.85 14.78
C4 PX4 K . 27.34 -8.53 15.07
C5 PX4 K . 27.61 -10.81 15.24
O4 PX4 K . 25.14 -10.84 21.39
C6 PX4 K . 23.91 -10.11 21.41
C7 PX4 K . 23.63 -9.40 22.74
C8 PX4 K . 24.60 -10.04 23.74
O5 PX4 K . 24.08 -11.26 24.26
C9 PX4 K . 24.96 -12.17 24.77
O6 PX4 K . 26.15 -11.91 24.94
C10 PX4 K . 24.39 -13.53 25.21
C11 PX4 K . 23.65 -13.42 26.55
C12 PX4 K . 23.02 -14.68 27.13
C13 PX4 K . 22.38 -14.37 28.49
C14 PX4 K . 21.65 -15.60 29.05
C15 PX4 K . 21.29 -15.48 30.52
C16 PX4 K . 20.57 -14.19 30.92
C17 PX4 K . 20.18 -14.32 32.40
C18 PX4 K . 19.36 -13.13 32.94
C19 PX4 K . 18.74 -13.37 34.30
C20 PX4 K . 17.73 -12.33 34.78
C21 PX4 K . 17.27 -12.76 36.18
C22 PX4 K . 18.53 -12.93 37.01
O7 PX4 K . 23.72 -7.98 22.65
C23 PX4 K . 22.80 -7.23 21.98
O8 PX4 K . 22.04 -7.82 21.22
C24 PX4 K . 22.97 -5.71 22.02
C25 PX4 K . 22.24 -5.22 23.30
C26 PX4 K . 23.03 -4.06 23.86
C27 PX4 K . 22.35 -3.49 25.11
C28 PX4 K . 23.17 -2.32 25.67
C29 PX4 K . 22.31 -1.85 26.84
C30 PX4 K . 22.93 -0.59 27.45
C31 PX4 K . 23.26 0.42 26.35
C32 PX4 K . 23.73 1.75 26.91
C33 PX4 K . 24.07 2.63 25.69
C34 PX4 K . 24.22 4.05 26.25
C35 PX4 K . 25.50 4.84 26.01
C36 PX4 K . 25.27 6.26 26.54
O1 PX4 L . 29.54 -1.16 17.83
O2 PX4 L . 27.12 -0.31 17.84
P1 PX4 L . 28.26 -0.95 18.52
O3 PX4 L . 28.68 -0.29 19.93
C1 PX4 L . 29.66 0.68 19.54
C2 PX4 L . 30.11 1.59 20.69
N1 PX4 L . 29.30 2.79 20.88
C3 PX4 L . 29.80 3.63 21.98
C4 PX4 L . 29.54 3.64 19.70
C5 PX4 L . 27.89 2.54 21.22
O4 PX4 L . 27.69 -2.32 19.16
C6 PX4 L . 28.39 -2.90 20.26
C7 PX4 L . 28.00 -4.37 20.40
C8 PX4 L . 29.32 -5.05 20.03
O5 PX4 L . 30.49 -4.42 20.55
C9 PX4 L . 31.70 -5.04 20.41
O6 PX4 L . 31.83 -5.97 19.63
C10 PX4 L . 32.95 -4.40 21.04
C11 PX4 L . 32.86 -4.54 22.56
C12 PX4 L . 34.12 -3.99 23.25
C13 PX4 L . 33.99 -3.97 24.77
C14 PX4 L . 35.36 -4.20 25.42
C15 PX4 L . 35.30 -4.54 26.90
C16 PX4 L . 36.66 -4.76 27.56
C17 PX4 L . 37.43 -5.82 26.78
C18 PX4 L . 38.73 -6.10 27.53
C19 PX4 L . 39.65 -6.95 26.64
C20 PX4 L . 39.77 -6.54 25.18
C21 PX4 L . 40.72 -5.34 25.01
C22 PX4 L . 40.94 -4.82 23.60
O7 PX4 L . 27.58 -4.40 21.78
C23 PX4 L . 27.04 -5.60 22.15
O8 PX4 L . 26.85 -6.53 21.35
C24 PX4 L . 26.88 -5.85 23.64
C25 PX4 L . 28.25 -6.15 24.25
C26 PX4 L . 28.15 -5.80 25.73
C27 PX4 L . 29.55 -5.70 26.35
C28 PX4 L . 29.46 -5.64 27.86
C29 PX4 L . 30.79 -5.57 28.63
C30 PX4 L . 30.32 -5.67 30.09
C31 PX4 L . 31.54 -5.63 31.01
C32 PX4 L . 31.74 -4.28 31.72
C33 PX4 L . 33.08 -4.24 32.46
C34 PX4 L . 34.23 -3.76 31.56
C35 PX4 L . 35.44 -3.43 32.44
C36 PX4 L . 36.58 -2.86 31.60
O1 PX4 M . -13.95 26.62 16.25
O2 PX4 M . -16.56 26.84 16.43
P1 PX4 M . -15.18 27.31 16.68
O3 PX4 M . -15.07 28.68 15.83
C1 PX4 M . -14.94 28.19 14.48
C2 PX4 M . -15.07 29.25 13.38
N1 PX4 M . -16.36 29.79 12.98
C3 PX4 M . -17.21 28.85 12.22
C4 PX4 M . -17.05 30.22 14.20
C5 PX4 M . -16.06 30.91 12.07
O4 PX4 M . -15.04 28.02 18.13
C6 PX4 M . -16.15 28.90 18.27
C7 PX4 M . -16.01 29.78 19.50
C8 PX4 M . -14.92 29.13 20.35
O5 PX4 M . -15.02 29.40 21.75
C9 PX4 M . -14.19 28.59 22.46
O6 PX4 M . -13.58 27.63 21.98
C10 PX4 M . -14.17 28.72 23.98
C11 PX4 M . -15.33 27.93 24.58
C12 PX4 M . -15.29 27.94 26.11
C13 PX4 M . -16.26 26.95 26.77
C14 PX4 M . -16.21 25.47 26.38
C15 PX4 M . -17.32 24.80 27.19
C16 PX4 M . -17.52 23.32 26.79
C17 PX4 M . -18.48 22.66 27.79
C18 PX4 M . -17.95 22.95 29.19
C19 PX4 M . -18.82 22.41 30.32
C20 PX4 M . -18.25 22.78 31.69
C21 PX4 M . -16.75 22.61 31.80
C22 PX4 M . -16.30 23.17 33.15
O7 PX4 M . -15.81 31.18 19.22
C23 PX4 M . -16.86 31.97 18.85
O8 PX4 M . -17.99 31.51 18.72
C24 PX4 M . -16.40 33.33 18.35
C25 PX4 M . -15.86 34.28 19.40
C26 PX4 M . -16.95 34.62 20.44
C27 PX4 M . -16.34 35.70 21.34
C28 PX4 M . -17.32 36.24 22.39
C29 PX4 M . -16.61 37.29 23.25
C30 PX4 M . -17.56 37.84 24.31
C31 PX4 M . -16.89 39.03 25.01
C32 PX4 M . -17.82 39.86 25.88
C33 PX4 M . -17.43 41.14 26.62
C34 PX4 M . -18.35 41.21 27.83
C35 PX4 M . -19.83 41.18 27.41
C36 PX4 M . -20.69 41.29 28.67
O1 PX4 N . 1.07 28.96 17.05
O2 PX4 N . -0.93 28.12 15.82
P1 PX4 N . -0.38 28.72 17.06
O3 PX4 N . -1.26 30.06 17.29
C1 PX4 N . -2.53 30.00 16.63
C2 PX4 N . -3.41 31.24 16.76
N1 PX4 N . -3.79 31.82 18.06
C3 PX4 N . -4.89 32.79 17.97
C4 PX4 N . -4.18 30.74 19.00
C5 PX4 N . -2.75 32.55 18.79
O4 PX4 N . -0.78 28.24 18.54
C6 PX4 N . -0.34 29.17 19.51
C7 PX4 N . -1.21 29.35 20.75
C8 PX4 N . -2.04 28.11 21.09
O5 PX4 N . -3.45 28.30 20.95
C9 PX4 N . -4.26 27.23 21.15
O6 PX4 N . -3.76 26.12 21.33
C10 PX4 N . -5.74 27.55 20.93
C11 PX4 N . -6.58 27.27 22.17
C12 PX4 N . -5.96 28.06 23.32
C13 PX4 N . -6.86 28.03 24.54
C14 PX4 N . -7.15 26.60 25.03
C15 PX4 N . -7.94 26.62 26.34
C16 PX4 N . -7.75 25.28 27.04
C17 PX4 N . -8.86 24.27 26.70
C18 PX4 N . -8.51 23.04 27.54
C19 PX4 N . -8.50 23.43 29.02
C20 PX4 N . -7.97 22.20 29.74
C21 PX4 N . -8.98 21.06 29.60
C22 PX4 N . -8.30 19.70 29.75
O7 PX4 N . -0.44 29.78 21.89
C23 PX4 N . -0.42 31.13 22.06
O8 PX4 N . -0.72 31.85 21.11
C24 PX4 N . 0.12 31.58 23.42
C25 PX4 N . -0.99 31.19 24.39
C26 PX4 N . -0.73 31.63 25.83
C27 PX4 N . -1.69 30.96 26.83
C28 PX4 N . -1.39 31.41 28.26
C29 PX4 N . -2.38 30.98 29.34
C30 PX4 N . -2.19 31.36 30.81
C31 PX4 N . -0.85 30.80 31.27
C32 PX4 N . -0.63 29.28 31.27
C33 PX4 N . 0.76 29.05 31.83
C34 PX4 N . 1.21 27.59 31.61
C35 PX4 N . 2.51 27.26 32.32
C36 PX4 N . 3.01 25.93 31.73
O1 PX4 O . 12.80 1.35 12.77
O2 PX4 O . 14.68 0.60 14.50
P1 PX4 O . 13.33 0.57 13.92
O3 PX4 O . 12.98 -0.98 13.64
C1 PX4 O . 12.76 -1.15 12.24
C2 PX4 O . 12.17 -2.48 11.76
N1 PX4 O . 13.01 -3.68 11.72
C3 PX4 O . 14.23 -3.45 10.94
C4 PX4 O . 13.41 -4.05 13.08
C5 PX4 O . 12.37 -4.89 11.20
O4 PX4 O . 12.29 0.68 15.15
C6 PX4 O . 12.63 1.83 15.95
C7 PX4 O . 11.79 2.13 17.18
C8 PX4 O . 10.76 1.02 17.01
O5 PX4 O . 9.36 1.31 17.09
C9 PX4 O . 8.53 0.33 17.55
O6 PX4 O . 8.94 -0.59 18.27
C10 PX4 O . 7.12 0.90 17.66
C11 PX4 O . 6.95 1.95 16.56
C12 PX4 O . 5.48 2.34 16.35
C13 PX4 O . 5.30 3.76 15.82
C14 PX4 O . 3.82 4.15 15.73
C15 PX4 O . 3.09 3.33 14.66
C16 PX4 O . 1.60 3.60 14.89
C17 PX4 O . 1.16 3.09 16.25
C18 PX4 O . -0.32 3.48 16.41
C19 PX4 O . -1.07 2.92 17.64
C20 PX4 O . -0.31 3.33 18.90
C21 PX4 O . -1.33 3.28 20.04
C22 PX4 O . -0.80 4.15 21.18
O7 PX4 O . 12.44 2.21 18.46
C23 PX4 O . 13.25 3.25 18.83
O8 PX4 O . 13.52 4.09 17.98
C24 PX4 O . 13.93 3.20 20.20
C25 PX4 O . 12.88 3.45 21.28
C26 PX4 O . 13.29 2.93 22.66
C27 PX4 O . 13.79 1.49 22.54
C28 PX4 O . 14.49 1.12 23.85
C29 PX4 O . 13.44 1.27 24.95
C30 PX4 O . 13.92 0.87 26.35
C31 PX4 O . 14.07 -0.63 26.50
C32 PX4 O . 14.36 -1.07 27.95
C33 PX4 O . 13.95 -2.53 28.18
C34 PX4 O . 13.92 -2.84 29.68
C35 PX4 O . 13.70 -4.35 29.81
C36 PX4 O . 13.54 -4.87 31.24
O1 PX4 P . 20.48 8.97 17.49
O2 PX4 P . 22.75 8.78 18.88
P1 PX4 P . 21.30 8.97 18.71
O3 PX4 P . 20.65 7.89 19.73
C1 PX4 P . 21.36 6.68 19.50
C2 PX4 P . 21.06 5.63 20.59
N1 PX4 P . 21.16 5.92 22.02
C3 PX4 P . 22.37 6.71 22.31
C4 PX4 P . 20.05 6.73 22.56
C5 PX4 P . 21.17 4.74 22.88
O4 PX4 P . 20.79 10.18 19.64
C6 PX4 P . 21.72 11.25 19.61
C7 PX4 P . 21.47 12.21 20.77
C8 PX4 P . 20.72 11.38 21.82
O5 PX4 P . 19.39 11.87 22.01
C9 PX4 P . 18.57 11.05 22.70
O6 PX4 P . 18.94 9.93 23.08
C10 PX4 P . 17.22 11.72 22.93
C11 PX4 P . 17.17 12.17 24.39
C12 PX4 P . 15.92 13.03 24.65
C13 PX4 P . 15.73 13.56 26.07
C14 PX4 P . 17.02 14.17 26.63
C15 PX4 P . 16.81 15.22 27.73
C16 PX4 P . 16.24 16.55 27.23
C17 PX4 P . 16.17 17.65 28.29
C18 PX4 P . 15.75 19.00 27.70
C19 PX4 P . 15.48 20.08 28.74
C20 PX4 P . 16.76 20.32 29.53
C21 PX4 P . 16.49 21.13 30.81
C22 PX4 P . 15.70 22.37 30.42
O7 PX4 P . 22.68 12.82 21.24
C23 PX4 P . 22.46 14.08 21.73
O8 PX4 P . 21.44 14.71 21.45
C24 PX4 P . 23.49 14.65 22.72
C25 PX4 P . 23.48 16.15 22.95
C26 PX4 P . 24.51 16.72 23.94
C27 PX4 P . 24.35 18.23 24.15
C28 PX4 P . 24.60 19.14 22.95
C29 PX4 P . 23.82 20.41 23.29
C30 PX4 P . 24.31 20.73 24.70
C31 PX4 P . 23.52 21.95 25.16
C32 PX4 P . 24.00 22.22 26.58
C33 PX4 P . 23.33 23.50 27.03
C34 PX4 P . 23.75 23.64 28.50
C35 PX4 P . 23.22 24.95 29.11
C36 PX4 P . 23.99 25.37 30.36
O1 PX4 Q . 28.30 6.59 19.30
O2 PX4 Q . 26.00 5.29 19.16
P1 PX4 Q . 26.89 6.45 18.89
O3 PX4 Q . 26.60 7.01 17.41
C1 PX4 Q . 25.22 7.23 17.13
C2 PX4 Q . 24.95 7.96 15.82
N1 PX4 Q . 25.42 9.31 15.51
C3 PX4 Q . 26.88 9.34 15.40
C4 PX4 Q . 24.90 9.86 14.24
C5 PX4 Q . 25.07 10.33 16.52
O4 PX4 Q . 26.10 7.56 19.75
C6 PX4 Q . 26.90 8.69 20.12
C7 PX4 Q . 26.20 9.77 20.93
C8 PX4 Q . 24.79 9.24 21.22
O5 PX4 Q . 24.07 9.95 22.24
C9 PX4 Q . 24.31 9.50 23.50
O6 PX4 Q . 24.76 8.38 23.67
C10 PX4 Q . 24.12 10.64 24.52
C11 PX4 Q . 23.90 10.07 25.93
C12 PX4 Q . 24.06 11.12 27.03
C13 PX4 Q . 23.69 10.56 28.40
C14 PX4 Q . 24.04 11.72 29.35
C15 PX4 Q . 23.61 11.45 30.79
C16 PX4 Q . 24.35 12.36 31.77
C17 PX4 Q . 23.91 12.02 33.19
C18 PX4 Q . 24.70 12.68 34.32
C19 PX4 Q . 26.22 12.48 34.27
C20 PX4 Q . 26.93 12.65 35.60
C21 PX4 Q . 26.90 14.07 36.18
C22 PX4 Q . 27.45 14.08 37.62
O7 PX4 Q . 27.00 10.10 22.06
C23 PX4 Q . 27.64 11.30 21.91
O8 PX4 Q . 27.60 11.95 20.87
C24 PX4 Q . 28.18 11.86 23.22
C25 PX4 Q . 27.19 11.87 24.38
C26 PX4 Q . 27.68 12.85 25.46
C27 PX4 Q . 27.80 12.19 26.82
C28 PX4 Q . 28.32 13.24 27.79
C29 PX4 Q . 27.36 13.53 28.96
C30 PX4 Q . 27.94 14.45 30.03
C31 PX4 Q . 26.98 15.04 31.07
C32 PX4 Q . 27.77 15.91 32.04
C33 PX4 Q . 26.88 16.46 33.15
C34 PX4 Q . 27.69 17.61 33.76
C35 PX4 Q . 28.33 18.47 32.67
C36 PX4 Q . 28.32 19.97 32.96
O1 PX4 R . 4.99 -31.42 16.55
O2 PX4 R . 3.08 -32.64 17.89
P1 PX4 R . 3.80 -31.42 17.43
O3 PX4 R . 2.84 -30.27 16.85
C1 PX4 R . 3.57 -29.16 16.28
C2 PX4 R . 2.84 -27.90 15.87
N1 PX4 R . 1.89 -27.84 14.74
C3 PX4 R . 2.61 -28.10 13.50
C4 PX4 R . 0.71 -28.71 14.94
C5 PX4 R . 1.34 -26.48 14.64
O4 PX4 R . 4.19 -30.62 18.77
C6 PX4 R . 5.08 -31.47 19.49
C7 PX4 R . 5.79 -30.79 20.66
C8 PX4 R . 4.76 -29.98 21.46
O5 PX4 R . 5.26 -28.96 22.33
C9 PX4 R . 4.40 -28.46 23.27
O6 PX4 R . 3.18 -28.53 23.14
C10 PX4 R . 4.96 -27.51 24.32
C11 PX4 R . 4.52 -26.05 24.14
C12 PX4 R . 5.30 -25.11 25.05
C13 PX4 R . 4.68 -23.74 24.78
C14 PX4 R . 5.37 -22.61 25.55
C15 PX4 R . 6.86 -22.67 25.22
C16 PX4 R . 7.55 -21.39 25.66
C17 PX4 R . 7.25 -21.03 27.13
C18 PX4 R . 8.14 -19.80 27.39
C19 PX4 R . 8.03 -19.27 28.82
C20 PX4 R . 8.58 -17.88 29.08
C21 PX4 R . 8.92 -17.39 30.50
C22 PX4 R . 9.65 -16.05 30.34
O7 PX4 R . 6.37 -31.74 21.56
C23 PX4 R . 7.72 -31.63 21.74
O8 PX4 R . 8.39 -31.04 20.88
C24 PX4 R . 8.43 -32.35 22.88
C25 PX4 R . 8.65 -31.48 24.10
C26 PX4 R . 7.43 -30.76 24.65
C27 PX4 R . 7.97 -29.66 25.57
C28 PX4 R . 8.69 -30.22 26.79
C29 PX4 R . 9.05 -29.15 27.80
C30 PX4 R . 9.64 -29.76 29.06
C31 PX4 R . 9.96 -28.70 30.12
C32 PX4 R . 10.01 -29.19 31.57
C33 PX4 R . 10.32 -28.08 32.58
C34 PX4 R . 10.42 -28.50 34.04
C35 PX4 R . 8.99 -28.73 34.53
C36 PX4 R . 9.02 -28.85 36.06
O1 PX4 S . -7.13 41.05 13.76
O2 PX4 S . -8.80 39.96 15.42
P1 PX4 S . -8.15 41.16 14.83
O3 PX4 S . -9.29 42.15 14.29
C1 PX4 S . -8.60 43.28 13.74
C2 PX4 S . -9.07 44.72 13.90
N1 PX4 S . -8.74 45.36 15.18
C3 PX4 S . -7.29 45.59 15.27
C4 PX4 S . -9.27 46.72 15.01
C5 PX4 S . -9.40 44.85 16.39
O4 PX4 S . -7.58 42.04 16.05
C6 PX4 S . -6.68 41.18 16.76
C7 PX4 S . -6.32 41.53 18.22
C8 PX4 S . -7.66 41.50 18.94
O5 PX4 S . -8.03 42.68 19.67
C9 PX4 S . -9.18 42.56 20.37
O6 PX4 S . -9.92 41.58 20.22
C10 PX4 S . -9.62 43.75 21.22
C11 PX4 S . -9.77 45.00 20.35
C12 PX4 S . -10.47 46.14 21.10
C13 PX4 S . -9.44 46.80 22.02
C14 PX4 S . -10.02 48.07 22.67
C15 PX4 S . -9.34 49.31 22.09
C16 PX4 S . -10.00 50.60 22.56
C17 PX4 S . -9.05 51.79 22.31
C18 PX4 S . -9.49 53.11 22.96
C19 PX4 S . -9.73 52.99 24.46
C20 PX4 S . -10.23 54.35 24.99
C21 PX4 S . -10.18 54.34 26.51
C22 PX4 S . -10.71 55.62 27.16
O7 PX4 S . -5.39 40.64 18.83
C23 PX4 S . -4.07 40.97 18.85
O8 PX4 S . -3.73 41.78 17.98
C24 PX4 S . -3.11 40.10 19.67
C25 PX4 S . -3.13 40.70 21.08
C26 PX4 S . -2.02 40.16 22.00
C27 PX4 S . -2.30 40.29 23.50
C28 PX4 S . -2.49 41.71 24.02
C29 PX4 S . -2.65 41.81 25.52
C30 PX4 S . -2.86 43.27 25.99
C31 PX4 S . -3.25 43.35 27.48
C32 PX4 S . -3.53 44.80 27.86
C33 PX4 S . -4.22 44.82 29.22
C34 PX4 S . -5.58 44.10 29.25
C35 PX4 S . -6.17 44.14 30.66
C36 PX4 S . -5.45 43.17 31.59
O1 PX4 T . 28.92 16.30 12.59
O2 PX4 T . 27.54 15.12 14.30
P1 PX4 T . 28.56 16.15 14.02
O3 PX4 T . 28.07 17.65 14.36
C1 PX4 T . 26.65 17.54 14.30
C2 PX4 T . 25.91 18.88 14.35
N1 PX4 T . 24.57 18.82 14.96
C3 PX4 T . 24.68 18.15 16.26
C4 PX4 T . 24.20 20.19 15.32
C5 PX4 T . 23.52 18.29 14.10
O4 PX4 T . 29.80 15.90 15.01
C6 PX4 T . 29.42 15.17 16.18
C7 PX4 T . 30.61 14.91 17.12
C8 PX4 T . 31.74 14.46 16.19
O5 PX4 T . 32.66 13.60 16.87
C9 PX4 T . 33.94 13.87 16.54
O6 PX4 T . 34.25 14.75 15.73
C10 PX4 T . 34.97 13.08 17.36
C11 PX4 T . 35.90 13.94 18.20
C12 PX4 T . 36.58 13.17 19.31
C13 PX4 T . 35.62 12.52 20.32
C14 PX4 T . 36.37 11.53 21.19
C15 PX4 T . 35.26 10.96 22.08
C16 PX4 T . 35.85 10.36 23.37
C17 PX4 T . 36.53 11.47 24.17
C18 PX4 T . 37.34 10.78 25.27
C19 PX4 T . 36.49 9.91 26.20
C20 PX4 T . 37.30 9.18 27.26
C21 PX4 T . 36.40 8.09 27.86
C22 PX4 T . 37.07 7.25 28.97
O7 PX4 T . 30.92 16.02 17.95
C23 PX4 T . 30.26 16.17 19.12
O8 PX4 T . 29.17 15.63 19.34
C24 PX4 T . 30.68 17.48 19.79
C25 PX4 T . 31.79 17.45 20.85
C26 PX4 T . 33.17 16.89 20.42
C27 PX4 T . 34.24 17.00 21.51
C28 PX4 T . 35.56 16.42 20.99
C29 PX4 T . 36.51 16.26 22.18
C30 PX4 T . 35.93 15.45 23.34
C31 PX4 T . 36.85 15.29 24.55
C32 PX4 T . 36.60 16.58 25.34
C33 PX4 T . 37.45 16.70 26.61
C34 PX4 T . 36.93 17.84 27.47
C35 PX4 T . 37.66 17.86 28.82
C36 PX4 T . 37.52 19.15 29.60
O1 PX4 U . 36.27 -1.31 14.45
O2 PX4 U . 34.08 -0.38 13.18
P1 PX4 U . 35.30 -0.28 14.03
O3 PX4 U . 36.27 0.62 13.08
C1 PX4 U . 36.67 -0.05 11.89
C2 PX4 U . 37.56 0.85 11.02
N1 PX4 U . 38.93 1.01 11.50
C3 PX4 U . 39.85 1.47 10.45
C4 PX4 U . 38.86 2.19 12.36
C5 PX4 U . 39.49 -0.06 12.34
O4 PX4 U . 35.04 0.88 15.12
C6 PX4 U . 36.38 1.21 15.46
C7 PX4 U . 36.58 1.90 16.80
C8 PX4 U . 35.19 2.13 17.41
O5 PX4 U . 34.86 3.50 17.70
C9 PX4 U . 33.61 3.76 18.20
O6 PX4 U . 32.78 2.87 18.37
C10 PX4 U . 33.33 5.23 18.50
C11 PX4 U . 32.87 5.33 19.96
C12 PX4 U . 32.59 6.80 20.28
C13 PX4 U . 32.48 6.83 21.80
C14 PX4 U . 32.31 8.26 22.33
C15 PX4 U . 31.97 8.32 23.82
C16 PX4 U . 31.94 9.75 24.35
C17 PX4 U . 32.40 9.78 25.79
C18 PX4 U . 32.08 11.23 26.18
C19 PX4 U . 32.14 11.53 27.68
C20 PX4 U . 32.28 13.03 27.90
C21 PX4 U . 32.37 13.51 29.34
C22 PX4 U . 32.40 15.02 29.56
O7 PX4 U . 37.45 1.24 17.72
C23 PX4 U . 38.78 1.16 17.44
O8 PX4 U . 39.26 1.83 16.52
C24 PX4 U . 39.70 0.21 18.22
C25 PX4 U . 40.12 0.95 19.48
C26 PX4 U . 40.81 0.05 20.51
C27 PX4 U . 41.14 0.94 21.70
C28 PX4 U . 41.87 0.10 22.75
C29 PX4 U . 42.04 0.87 24.07
C30 PX4 U . 42.84 -0.02 25.01
C31 PX4 U . 43.01 0.61 26.39
C32 PX4 U . 43.65 -0.37 27.40
C33 PX4 U . 44.10 0.46 28.61
C34 PX4 U . 44.88 -0.39 29.62
C35 PX4 U . 45.22 0.49 30.82
C36 PX4 U . 43.93 0.72 31.59
O1 PX4 V . 0.95 18.59 20.04
O2 PX4 V . 3.48 18.01 19.96
P1 PX4 V . 2.11 17.76 20.45
O3 PX4 V . 1.61 16.47 19.62
C1 PX4 V . 1.31 16.77 18.25
C2 PX4 V . 0.25 15.85 17.67
N1 PX4 V . 0.49 14.41 17.45
C3 PX4 V . 1.51 14.20 16.43
C4 PX4 V . 0.77 13.60 18.66
C5 PX4 V . -0.74 13.86 16.87
O4 PX4 V . 2.29 17.38 22.00
C6 PX4 V . 3.18 16.25 22.07
C7 PX4 V . 3.58 15.98 23.52
C8 PX4 V . 3.09 17.12 24.41
O5 PX4 V . 3.98 17.60 25.42
C9 PX4 V . 3.69 18.55 26.34
O6 PX4 V . 2.78 19.34 26.17
C10 PX4 V . 4.75 18.95 27.36
C11 PX4 V . 4.15 18.85 28.76
C12 PX4 V . 5.18 19.40 29.77
C13 PX4 V . 5.41 20.84 29.31
C14 PX4 V . 6.06 21.68 30.41
C15 PX4 V . 5.23 21.73 31.70
C16 PX4 V . 5.92 22.38 32.89
C17 PX4 V . 4.81 22.54 33.95
C18 PX4 V . 5.30 22.47 35.40
C19 PX4 V . 4.26 23.04 36.36
C20 PX4 V . 4.71 22.87 37.81
C21 PX4 V . 3.58 22.71 38.85
C22 PX4 V . 2.58 23.87 38.72
O7 PX4 V . 3.09 14.73 24.01
C23 PX4 V . 3.81 13.60 23.82
O8 PX4 V . 4.85 13.59 23.16
C24 PX4 V . 3.32 12.33 24.54
C25 PX4 V . 4.44 11.78 25.43
C26 PX4 V . 4.17 10.47 26.17
C27 PX4 V . 5.51 9.94 26.70
C28 PX4 V . 6.48 9.64 25.55
C29 PX4 V . 7.81 9.03 26.00
C30 PX4 V . 8.73 10.11 26.56
C31 PX4 V . 9.94 9.51 27.28
C32 PX4 V . 9.30 8.79 28.48
C33 PX4 V . 10.47 8.03 29.13
C34 PX4 V . 9.87 7.35 30.36
C35 PX4 V . 10.83 6.43 31.13
C36 PX4 V . 10.04 5.68 32.20
O1 PX4 W . 12.23 21.38 19.10
O2 PX4 W . 13.95 19.63 18.37
P1 PX4 W . 13.19 20.31 19.45
O3 PX4 W . 12.17 19.26 20.12
C1 PX4 W . 11.32 18.70 19.12
C2 PX4 W . 10.22 17.86 19.79
N1 PX4 W . 10.59 16.60 20.45
C3 PX4 W . 11.51 15.72 19.75
C4 PX4 W . 11.09 16.86 21.82
C5 PX4 W . 9.36 15.81 20.67
O4 PX4 W . 14.10 20.73 20.71
C6 PX4 W . 14.42 19.51 21.37
C7 PX4 W . 14.89 19.52 22.84
C8 PX4 W . 15.27 20.99 23.05
O5 PX4 W . 16.59 21.16 23.58
C9 PX4 W . 17.15 22.38 23.47
O6 PX4 W . 16.80 23.16 22.59
C10 PX4 W . 18.49 22.60 24.17
C11 PX4 W . 18.25 22.86 25.66
C12 PX4 W . 19.64 23.08 26.25
C13 PX4 W . 19.65 23.74 27.62
C14 PX4 W . 19.36 25.20 27.29
C15 PX4 W . 19.20 25.91 28.65
C16 PX4 W . 19.02 27.42 28.50
C17 PX4 W . 18.56 27.97 29.85
C18 PX4 W . 17.21 27.37 30.25
C19 PX4 W . 16.17 28.22 30.96
C20 PX4 W . 16.55 28.75 32.36
C21 PX4 W . 15.51 29.73 32.91
C22 PX4 W . 16.05 30.58 34.05
O7 PX4 W . 13.99 18.97 23.79
C23 PX4 W . 13.92 17.65 24.08
O8 PX4 W . 14.63 16.88 23.44
C24 PX4 W . 12.87 17.16 25.08
C25 PX4 W . 12.62 18.08 26.28
C26 PX4 W . 11.47 17.53 27.11
C27 PX4 W . 10.96 18.61 28.07
C28 PX4 W . 9.67 18.19 28.78
C29 PX4 W . 9.82 16.92 29.61
C30 PX4 W . 8.47 16.74 30.31
C31 PX4 W . 8.47 15.77 31.49
C32 PX4 W . 7.08 15.56 32.10
C33 PX4 W . 6.50 16.84 32.71
C34 PX4 W . 7.22 17.13 34.02
C35 PX4 W . 7.03 18.55 34.55
C36 PX4 W . 8.07 19.07 35.55
O1 PX4 X . 20.12 23.23 15.82
O2 PX4 X . 19.76 20.92 16.66
P1 PX4 X . 19.57 22.37 16.88
O3 PX4 X . 18.00 22.70 17.01
C1 PX4 X . 17.18 21.72 16.36
C2 PX4 X . 15.69 21.93 16.66
N1 PX4 X . 14.99 23.08 16.06
C3 PX4 X . 13.58 22.66 16.16
C4 PX4 X . 15.29 24.27 16.86
C5 PX4 X . 15.33 23.33 14.66
O4 PX4 X . 19.96 22.77 18.40
C6 PX4 X . 20.82 21.75 18.92
C7 PX4 X . 20.92 21.82 20.45
C8 PX4 X . 20.59 23.30 20.71
O5 PX4 X . 21.75 23.82 21.35
C9 PX4 X . 21.54 25.04 21.93
O6 PX4 X . 20.42 25.45 22.24
C10 PX4 X . 22.74 25.36 22.80
C11 PX4 X . 22.48 26.53 23.74
C12 PX4 X . 23.60 26.51 24.79
C13 PX4 X . 24.95 26.47 24.08
C14 PX4 X . 26.07 26.16 25.08
C15 PX4 X . 26.24 27.28 26.09
C16 PX4 X . 27.34 26.98 27.13
C17 PX4 X . 27.53 28.12 28.13
C18 PX4 X . 28.70 27.84 29.08
C19 PX4 X . 28.67 28.78 30.28
C20 PX4 X . 29.94 28.68 31.12
C21 PX4 X . 31.16 29.20 30.34
C22 PX4 X . 32.38 28.87 31.21
O7 PX4 X . 20.06 20.93 21.20
C23 PX4 X . 20.49 19.69 21.50
O8 PX4 X . 21.22 19.15 20.66
C24 PX4 X . 19.43 18.79 22.16
C25 PX4 X . 19.25 18.96 23.67
C26 PX4 X . 20.49 18.69 24.52
C27 PX4 X . 20.24 19.28 25.89
C28 PX4 X . 21.33 18.99 26.92
C29 PX4 X . 20.65 19.25 28.27
C30 PX4 X . 21.53 19.08 29.51
C31 PX4 X . 20.88 19.36 30.87
C32 PX4 X . 20.65 20.85 30.66
C33 PX4 X . 19.99 21.57 31.84
C34 PX4 X . 20.00 23.10 31.78
C35 PX4 X . 19.40 23.70 33.04
C36 PX4 X . 19.40 25.23 32.87
O1 PX4 Y . 6.10 -34.42 18.01
O2 PX4 Y . 7.93 -36.13 18.58
P1 PX4 Y . 6.54 -35.83 18.20
O3 PX4 Y . 6.06 -36.73 16.95
C1 PX4 Y . 4.64 -36.49 16.92
C2 PX4 Y . 3.92 -36.80 15.60
N1 PX4 Y . 4.12 -35.78 14.57
C3 PX4 Y . 3.43 -36.03 13.29
C4 PX4 Y . 3.60 -34.50 15.09
C5 PX4 Y . 5.53 -35.45 14.32
O4 PX4 Y . 5.59 -36.35 19.39
C6 PX4 Y . 5.92 -35.42 20.44
C7 PX4 Y . 5.26 -35.85 21.75
C8 PX4 Y . 6.01 -37.08 22.27
O5 PX4 Y . 7.42 -36.92 22.46
C9 PX4 Y . 8.03 -38.14 22.59
O6 PX4 Y . 7.37 -39.17 22.45
C10 PX4 Y . 9.55 -38.11 22.61
C11 PX4 Y . 10.11 -37.00 23.50
C12 PX4 Y . 9.67 -37.18 24.96
C13 PX4 Y . 10.07 -36.08 25.94
C14 PX4 Y . 9.61 -36.37 27.36
C15 PX4 Y . 9.73 -35.09 28.18
C16 PX4 Y . 9.20 -35.40 29.59
C17 PX4 Y . 9.49 -34.22 30.53
C18 PX4 Y . 8.50 -34.25 31.70
C19 PX4 Y . 9.19 -33.52 32.85
C20 PX4 Y . 8.23 -33.26 34.03
C21 PX4 Y . 9.05 -32.60 35.16
C22 PX4 Y . 8.32 -32.48 36.51
O7 PX4 Y . 4.96 -34.86 22.74
C23 PX4 Y . 4.04 -33.87 22.64
O8 PX4 Y . 3.16 -33.84 21.79
C24 PX4 Y . 4.20 -32.79 23.72
C25 PX4 Y . 2.86 -32.26 24.21
C26 PX4 Y . 3.12 -31.47 25.50
C27 PX4 Y . 1.95 -30.54 25.74
C28 PX4 Y . 2.13 -29.88 27.11
C29 PX4 Y . 3.50 -29.21 27.15
C30 PX4 Y . 3.80 -28.52 28.48
C31 PX4 Y . 5.17 -27.84 28.37
C32 PX4 Y . 5.44 -26.92 29.57
C33 PX4 Y . 6.73 -26.16 29.27
C34 PX4 Y . 6.95 -25.14 30.38
C35 PX4 Y . 6.01 -23.95 30.14
C36 PX4 Y . 6.33 -22.80 31.09
O1 PX4 Z . -1.44 -19.79 17.29
O2 PX4 Z . 0.63 -21.22 17.23
P1 PX4 Z . -0.64 -20.87 17.91
O3 PX4 Z . -1.59 -22.14 18.12
C1 PX4 Z . -2.07 -22.60 16.85
C2 PX4 Z . -2.75 -23.98 16.88
N1 PX4 Z . -4.03 -24.08 17.59
C3 PX4 Z . -3.75 -24.30 19.03
C4 PX4 Z . -5.00 -23.00 17.37
C5 PX4 Z . -4.72 -25.27 17.09
O4 PX4 Z . -0.42 -20.57 19.48
C6 PX4 Z . 0.48 -21.66 19.69
C7 PX4 Z . 0.69 -22.06 21.16
C8 PX4 Z . 0.10 -20.97 22.05
O5 PX4 Z . 0.79 -20.78 23.29
C9 PX4 Z . 0.52 -19.49 23.63
O6 PX4 Z . 0.02 -18.68 22.84
C10 PX4 Z . 0.74 -19.07 25.08
C11 PX4 Z . 1.30 -20.27 25.83
C12 PX4 Z . 1.75 -19.86 27.24
C13 PX4 Z . 2.98 -18.95 27.38
C14 PX4 Z . 3.41 -18.73 28.83
C15 PX4 Z . 4.00 -19.94 29.55
C16 PX4 Z . 3.92 -19.73 31.06
C17 PX4 Z . 2.47 -19.61 31.53
C18 PX4 Z . 2.38 -19.26 33.02
C19 PX4 Z . 1.01 -18.77 33.49
C20 PX4 Z . 0.94 -18.51 34.99
C21 PX4 Z . -0.45 -18.05 35.45
C22 PX4 Z . -0.65 -17.42 36.83
O7 PX4 Z . 0.35 -23.37 21.65
C23 PX4 Z . 1.35 -24.25 21.89
O8 PX4 Z . 2.42 -24.12 21.30
C24 PX4 Z . 1.00 -25.53 22.64
C25 PX4 Z . -0.04 -25.28 23.73
C26 PX4 Z . 0.61 -24.72 25.00
C27 PX4 Z . -0.51 -24.24 25.91
C28 PX4 Z . 0.08 -23.60 27.17
C29 PX4 Z . 0.52 -24.71 28.13
C30 PX4 Z . 1.15 -24.19 29.43
C31 PX4 Z . 0.03 -23.53 30.23
C32 PX4 Z . 0.57 -22.92 31.53
C33 PX4 Z . -0.70 -22.79 32.39
C34 PX4 Z . -0.37 -22.02 33.67
C35 PX4 Z . 0.49 -22.98 34.49
C36 PX4 Z . 0.72 -22.43 35.90
O1 PX4 AA . 5.74 -21.89 17.62
O2 PX4 AA . 8.06 -20.72 17.88
P1 PX4 AA . 6.88 -21.42 18.44
O3 PX4 AA . 7.62 -22.65 19.16
C1 PX4 AA . 6.60 -23.51 19.69
C2 PX4 AA . 7.18 -24.62 20.58
N1 PX4 AA . 7.98 -25.72 20.00
C3 PX4 AA . 8.07 -26.82 20.97
C4 PX4 AA . 7.33 -26.33 18.84
C5 PX4 AA . 9.37 -25.32 19.75
O4 PX4 AA . 6.54 -20.68 19.84
C6 PX4 AA . 7.67 -19.88 20.17
C7 PX4 AA . 7.65 -19.38 21.62
C8 PX4 AA . 6.27 -19.60 22.26
O5 PX4 AA . 5.65 -18.32 22.40
C9 PX4 AA . 4.29 -18.33 22.47
O6 PX4 AA . 3.61 -19.33 22.31
C10 PX4 AA . 3.49 -17.03 22.49
C11 PX4 AA . 3.10 -16.64 23.90
C12 PX4 AA . 2.35 -15.31 23.89
C13 PX4 AA . 1.95 -14.97 25.32
C14 PX4 AA . 0.48 -14.85 25.71
C15 PX4 AA . 0.16 -14.92 27.21
C16 PX4 AA . -1.37 -14.98 27.23
C17 PX4 AA . -1.98 -13.77 26.53
C18 PX4 AA . -1.55 -12.48 27.22
C19 PX4 AA . -2.13 -12.29 28.63
C20 PX4 AA . -1.46 -11.17 29.41
C21 PX4 AA . -2.18 -10.87 30.72
C22 PX4 AA . -1.52 -9.70 31.46
O7 PX4 AA . 8.78 -19.86 22.34
C23 PX4 AA . 9.86 -19.02 22.29
O8 PX4 AA . 9.80 -17.98 21.65
C24 PX4 AA . 11.10 -19.44 23.07
C25 PX4 AA . 11.27 -18.76 24.43
C26 PX4 AA . 12.72 -18.41 24.72
C27 PX4 AA . 12.81 -17.80 26.13
C28 PX4 AA . 11.82 -16.64 26.26
C29 PX4 AA . 11.99 -15.92 27.60
C30 PX4 AA . 13.30 -15.15 27.70
C31 PX4 AA . 13.43 -14.68 29.16
C32 PX4 AA . 12.26 -13.83 29.67
C33 PX4 AA . 12.52 -13.27 31.07
C34 PX4 AA . 13.85 -12.51 31.02
C35 PX4 AA . 14.10 -11.88 32.38
C36 PX4 AA . 13.89 -13.09 33.31
O1 PX4 BA . -2.86 35.39 16.54
O2 PX4 BA . -3.06 37.79 17.47
P1 PX4 BA . -2.83 36.35 17.66
O3 PX4 BA . -1.48 36.13 18.52
C1 PX4 BA . -0.31 36.48 17.78
C2 PX4 BA . 1.01 36.14 18.48
N1 PX4 BA . 1.14 36.28 19.94
C3 PX4 BA . 0.63 35.08 20.63
C4 PX4 BA . 2.52 36.55 20.34
C5 PX4 BA . 0.44 37.36 20.66
O4 PX4 BA . -3.73 35.76 18.86
C6 PX4 BA . -4.56 36.77 19.42
C7 PX4 BA . -4.89 36.55 20.89
C8 PX4 BA . -3.57 36.08 21.49
O5 PX4 BA . -3.62 35.59 22.83
C9 PX4 BA . -2.47 35.78 23.55
O6 PX4 BA . -1.49 36.09 22.90
C10 PX4 BA . -2.46 35.11 24.93
C11 PX4 BA . -3.38 36.07 25.68
C12 PX4 BA . -3.30 35.58 27.13
C13 PX4 BA . -1.99 36.13 27.71
C14 PX4 BA . -1.49 35.04 28.66
C15 PX4 BA . -0.23 35.59 29.33
C16 PX4 BA . 0.51 34.54 30.14
C17 PX4 BA . 1.68 35.17 30.93
C18 PX4 BA . 2.39 34.05 31.69
C19 PX4 BA . 1.33 33.60 32.70
C20 PX4 BA . 1.74 32.58 33.76
C21 PX4 BA . 0.62 32.48 34.81
C22 PX4 BA . 0.97 31.27 35.67
O7 PX4 BA . -5.40 37.75 21.50
C23 PX4 BA . -6.58 38.36 21.20
O8 PX4 BA . -7.44 37.86 20.49
C24 PX4 BA . -6.75 39.69 21.95
C25 PX4 BA . -7.20 39.60 23.41
C26 PX4 BA . -7.52 40.97 24.01
C27 PX4 BA . -7.27 40.83 25.50
C28 PX4 BA . -5.88 40.35 25.89
C29 PX4 BA . -5.83 40.13 27.40
C30 PX4 BA . -4.51 39.48 27.86
C31 PX4 BA . -4.38 39.68 29.37
C32 PX4 BA . -3.05 39.06 29.84
C33 PX4 BA . -2.83 39.31 31.33
C34 PX4 BA . -1.60 38.55 31.84
C35 PX4 BA . -1.30 38.77 33.33
C36 PX4 BA . -0.12 37.89 33.74
O1 PX4 CA . 0.18 25.03 20.26
O2 PX4 CA . 2.57 25.26 19.39
P1 PX4 CA . 1.60 24.60 20.29
O3 PX4 CA . 1.64 22.99 20.31
C1 PX4 CA . 1.26 22.65 21.64
C2 PX4 CA . 1.03 21.17 21.88
N1 PX4 CA . 0.46 20.78 23.18
C3 PX4 CA . 0.31 19.32 23.28
C4 PX4 CA . 1.31 21.30 24.25
C5 PX4 CA . -0.88 21.30 23.47
O4 PX4 CA . 2.21 25.07 21.71
C6 PX4 CA . 2.09 26.48 21.90
C7 PX4 CA . 2.28 26.86 23.38
C8 PX4 CA . 1.44 25.85 24.17
O5 PX4 CA . 0.04 26.07 23.98
C9 PX4 CA . -0.74 25.08 24.47
O6 PX4 CA . -0.31 24.02 24.95
C10 PX4 CA . -2.26 25.23 24.35
C11 PX4 CA . -2.61 26.50 25.13
C12 PX4 CA . -2.32 26.16 26.60
C13 PX4 CA . -2.89 27.18 27.58
C14 PX4 CA . -2.92 26.70 29.03
C15 PX4 CA . -3.95 27.50 29.81
C16 PX4 CA . -3.87 27.07 31.27
C17 PX4 CA . -4.48 27.99 32.33
C18 PX4 CA . -3.96 27.62 33.72
C19 PX4 CA . -2.48 28.00 33.85
C20 PX4 CA . -1.81 27.42 35.10
C21 PX4 CA . -0.36 27.89 35.19
C22 PX4 CA . 0.43 27.49 36.45
O7 PX4 CA . 3.63 26.87 23.85
C23 PX4 CA . 4.33 27.99 23.50
O8 PX4 CA . 3.96 28.72 22.58
C24 PX4 CA . 5.75 28.14 24.04
C25 PX4 CA . 5.92 29.45 24.80
C26 PX4 CA . 7.06 29.29 25.81
C27 PX4 CA . 7.27 30.70 26.40
C28 PX4 CA . 7.98 31.71 25.51
C29 PX4 CA . 8.14 33.09 26.15
C30 PX4 CA . 8.71 34.13 25.19
C31 PX4 CA . 8.92 35.53 25.79
C32 PX4 CA . 9.63 36.38 24.73
C33 PX4 CA . 10.95 35.76 24.28
C34 PX4 CA . 11.86 35.69 25.52
C35 PX4 CA . 13.23 35.13 25.15
C36 PX4 CA . 14.04 34.86 26.43
O1 PX4 DA . 9.08 27.13 23.32
O2 PX4 DA . 8.09 28.27 21.27
P1 PX4 DA . 9.27 27.84 22.04
O3 PX4 DA . 10.20 26.96 21.08
C1 PX4 DA . 11.37 26.72 21.88
C2 PX4 DA . 12.56 26.14 21.13
N1 PX4 DA . 13.80 25.71 21.82
C3 PX4 DA . 14.42 26.83 22.54
C4 PX4 DA . 13.51 24.56 22.67
C5 PX4 DA . 14.73 25.23 20.78
O4 PX4 DA . 10.41 28.99 22.10
C6 PX4 DA . 9.66 30.16 22.46
C7 PX4 DA . 10.65 31.30 22.19
C8 PX4 DA . 9.91 32.39 21.41
O5 PX4 DA . 8.51 32.45 21.65
C9 PX4 DA . 7.75 33.24 20.86
O6 PX4 DA . 8.09 33.57 19.72
C10 PX4 DA . 6.28 33.46 21.24
C11 PX4 DA . 6.06 33.45 22.75
C12 PX4 DA . 4.58 33.73 23.04
C13 PX4 DA . 4.14 34.02 24.47
C14 PX4 DA . 2.64 34.16 24.68
C15 PX4 DA . 2.11 35.43 24.02
C16 PX4 DA . 2.46 36.63 24.89
C17 PX4 DA . 1.32 37.21 25.73
C18 PX4 DA . 1.84 38.21 26.77
C19 PX4 DA . 0.71 39.07 27.36
C20 PX4 DA . 1.24 40.00 28.43
C21 PX4 DA . 0.06 40.89 28.84
C22 PX4 DA . 0.55 42.28 29.20
O7 PX4 DA . 11.15 31.89 23.40
C23 PX4 DA . 12.38 31.44 23.77
O8 PX4 DA . 13.13 30.85 23.01
C24 PX4 DA . 12.75 31.60 25.25
C25 PX4 DA . 12.57 30.34 26.09
C26 PX4 DA . 11.09 30.34 26.49
C27 PX4 DA . 10.82 29.19 27.46
C28 PX4 DA . 11.64 29.40 28.74
C29 PX4 DA . 11.35 28.41 29.87
C30 PX4 DA . 11.49 26.95 29.43
C31 PX4 DA . 10.96 26.21 30.66
C32 PX4 DA . 10.83 24.72 30.33
C33 PX4 DA . 10.43 23.99 31.62
C34 PX4 DA . 10.24 22.48 31.45
C35 PX4 DA . 9.65 21.73 32.63
C36 PX4 DA . 9.08 20.38 32.19
O1 PX4 EA . -25.77 -0.31 18.86
O2 PX4 EA . -23.32 -0.93 18.53
P1 PX4 EA . -24.63 -1.22 19.15
O3 PX4 EA . -24.89 -2.73 18.69
C1 PX4 EA . -23.59 -3.34 18.69
C2 PX4 EA . -23.37 -4.69 18.00
N1 PX4 EA . -23.57 -5.93 18.76
C3 PX4 EA . -24.90 -6.05 19.38
C4 PX4 EA . -23.41 -7.10 17.87
C5 PX4 EA . -22.45 -6.03 19.72
O4 PX4 EA . -24.44 -1.56 20.71
C6 PX4 EA . -24.63 -0.44 21.57
C7 PX4 EA . -24.85 -0.81 23.05
C8 PX4 EA . -24.40 -2.26 23.14
O5 PX4 EA . -25.52 -3.15 23.09
C9 PX4 EA . -25.13 -4.45 22.93
O6 PX4 EA . -24.18 -4.90 22.31
C10 PX4 EA . -26.30 -5.32 23.41
C11 PX4 EA . -26.36 -5.13 24.92
C12 PX4 EA . -27.07 -6.39 25.43
C13 PX4 EA . -27.17 -6.30 26.95
C14 PX4 EA . -28.26 -7.06 27.68
C15 PX4 EA . -28.38 -6.75 29.18
C16 PX4 EA . -29.52 -7.51 29.84
C17 PX4 EA . -29.69 -6.94 31.24
C18 PX4 EA . -30.76 -7.54 32.16
C19 PX4 EA . -30.49 -7.27 33.63
C20 PX4 EA . -30.50 -5.75 33.78
C21 PX4 EA . -30.16 -5.21 35.17
C22 PX4 EA . -30.34 -3.70 35.13
O7 PX4 EA . -24.30 0.05 24.07
C23 PX4 EA . -24.87 1.28 24.16
O8 PX4 EA . -25.94 1.60 23.65
C24 PX4 EA . -24.19 2.30 25.07
C25 PX4 EA . -24.87 2.37 26.44
C26 PX4 EA . -24.41 3.63 27.19
C27 PX4 EA . -24.96 3.92 28.59
C28 PX4 EA . -23.95 4.71 29.41
C29 PX4 EA . -24.18 4.69 30.93
C30 PX4 EA . -23.09 5.51 31.63
C31 PX4 EA . -23.51 5.56 33.11
C32 PX4 EA . -24.88 6.22 33.34
C33 PX4 EA . -24.98 6.84 34.73
C34 PX4 EA . -24.95 5.61 35.65
C35 PX4 EA . -24.72 5.91 37.13
C36 PX4 EA . -25.63 6.98 37.72
O1 PX4 FA . -9.77 -8.52 22.83
O2 PX4 FA . -9.74 -9.32 20.34
P1 PX4 FA . -10.42 -9.14 21.64
O3 PX4 FA . -11.83 -8.48 21.20
C1 PX4 FA . -11.78 -7.09 20.90
C2 PX4 FA . -13.00 -6.63 20.09
N1 PX4 FA . -13.07 -6.98 18.66
C3 PX4 FA . -13.18 -8.43 18.57
C4 PX4 FA . -14.27 -6.34 18.10
C5 PX4 FA . -11.91 -6.43 17.92
O4 PX4 FA . -10.98 -10.62 21.97
C6 PX4 FA . -11.90 -10.44 23.05
C7 PX4 FA . -12.54 -11.73 23.57
C8 PX4 FA . -11.42 -12.77 23.56
O5 PX4 FA . -11.76 -14.13 23.76
C9 PX4 FA . -10.70 -14.98 23.88
O6 PX4 FA . -9.61 -14.50 24.18
C10 PX4 FA . -10.97 -16.48 24.01
C11 PX4 FA . -11.25 -16.90 25.46
C12 PX4 FA . -11.31 -18.40 25.78
C13 PX4 FA . -10.92 -18.90 27.17
C14 PX4 FA . -10.48 -20.36 27.03
C15 PX4 FA . -9.77 -20.87 28.29
C16 PX4 FA . -8.47 -20.07 28.32
C17 PX4 FA . -7.86 -20.40 29.69
C18 PX4 FA . -6.55 -19.61 29.85
C19 PX4 FA . -5.93 -19.89 31.22
C20 PX4 FA . -5.17 -18.65 31.72
C21 PX4 FA . -4.49 -19.10 33.02
C22 PX4 FA . -3.68 -17.96 33.63
O7 PX4 FA . -13.00 -11.46 24.90
C23 PX4 FA . -14.31 -11.77 25.08
O8 PX4 FA . -15.05 -11.96 24.10
C24 PX4 FA . -14.88 -11.44 26.46
C25 PX4 FA . -15.04 -12.72 27.31
C26 PX4 FA . -13.81 -13.41 27.86
C27 PX4 FA . -13.86 -14.92 28.10
C28 PX4 FA . -12.47 -15.44 28.48
C29 PX4 FA . -12.16 -14.95 29.89
C30 PX4 FA . -11.02 -15.63 30.65
C31 PX4 FA . -11.20 -17.14 30.89
C32 PX4 FA . -10.28 -17.49 32.05
C33 PX4 FA . -10.30 -18.99 32.36
C34 PX4 FA . -11.68 -19.42 32.87
C35 PX4 FA . -11.73 -20.91 33.12
C36 PX4 FA . -13.08 -21.50 33.54
O1 PX4 GA . -3.39 -8.34 24.91
O2 PX4 GA . -3.95 -10.19 23.17
P1 PX4 GA . -4.26 -9.41 24.39
O3 PX4 GA . -5.81 -8.98 24.36
C1 PX4 GA . -5.81 -7.56 24.27
C2 PX4 GA . -7.20 -6.92 24.18
N1 PX4 GA . -8.07 -7.03 25.36
C3 PX4 GA . -9.28 -6.25 25.07
C4 PX4 GA . -8.63 -8.37 25.59
C5 PX4 GA . -7.51 -6.46 26.59
O4 PX4 GA . -4.40 -10.50 25.57
C6 PX4 GA . -4.75 -9.76 26.75
C7 PX4 GA . -5.78 -10.49 27.60
C8 PX4 GA . -5.98 -11.91 27.02
O5 PX4 GA . -7.19 -12.60 27.29
C9 PX4 GA . -8.25 -12.39 26.46
O6 PX4 GA . -8.25 -11.47 25.61
C10 PX4 GA . -9.57 -12.91 27.03
C11 PX4 GA . -10.62 -11.79 27.05
C12 PX4 GA . -10.36 -10.74 28.14
C13 PX4 GA . -10.55 -11.17 29.59
C14 PX4 GA . -10.17 -10.16 30.68
C15 PX4 GA . -10.53 -10.61 32.10
C16 PX4 GA . -9.92 -11.96 32.50
C17 PX4 GA . -10.57 -12.38 33.83
C18 PX4 GA . -10.41 -11.19 34.79
C19 PX4 GA . -10.74 -11.69 36.19
C20 PX4 GA . -10.01 -10.72 37.14
C21 PX4 GA . -9.88 -11.28 38.57
C22 PX4 GA . -11.19 -11.63 39.28
O7 PX4 GA . -5.65 -10.39 29.01
C23 PX4 GA . -6.20 -9.32 29.65
O8 PX4 GA . -6.64 -8.39 28.99
C24 PX4 GA . -5.94 -9.11 31.15
C25 PX4 GA . -5.08 -7.84 31.25
C26 PX4 GA . -4.92 -7.56 32.75
C27 PX4 GA . -4.48 -6.11 32.95
C28 PX4 GA . -4.29 -5.82 34.43
C29 PX4 GA . -2.87 -6.26 34.77
C30 PX4 GA . -2.78 -6.81 36.19
C31 PX4 GA . -1.41 -7.46 36.46
C32 PX4 GA . -1.27 -7.77 37.95
C33 PX4 GA . -1.05 -6.68 39.00
C34 PX4 GA . -0.61 -7.42 40.27
C35 PX4 GA . -0.43 -6.41 41.40
C36 PX4 GA . -0.26 -7.25 42.66
O1 PX4 HA . 21.12 28.21 14.25
O2 PX4 HA . 18.82 26.90 14.43
P1 PX4 HA . 19.87 27.83 14.94
O3 PX4 HA . 18.96 29.13 15.18
C1 PX4 HA . 18.49 29.17 16.54
C2 PX4 HA . 17.47 30.28 16.76
N1 PX4 HA . 16.99 30.45 18.13
C3 PX4 HA . 15.75 31.21 17.93
C4 PX4 HA . 16.73 29.20 18.86
C5 PX4 HA . 17.79 31.44 18.89
O4 PX4 HA . 20.22 27.35 16.43
C6 PX4 HA . 21.36 26.49 16.55
C7 PX4 HA . 21.94 26.29 17.96
C8 PX4 HA . 20.85 26.91 18.84
O5 PX4 HA . 21.30 27.63 19.99
C9 PX4 HA . 20.39 28.30 20.74
O6 PX4 HA . 19.18 28.13 20.52
C10 PX4 HA . 20.82 29.35 21.75
C11 PX4 HA . 19.80 30.44 22.06
C12 PX4 HA . 19.07 30.32 23.39
C13 PX4 HA . 18.48 28.90 23.56
C14 PX4 HA . 17.65 28.82 24.83
C15 PX4 HA . 17.00 27.43 24.92
C16 PX4 HA . 16.01 27.40 26.09
C17 PX4 HA . 15.59 25.93 26.13
C18 PX4 HA . 14.73 25.74 27.39
C19 PX4 HA . 14.41 24.28 27.64
C20 PX4 HA . 13.48 23.78 26.53
C21 PX4 HA . 13.64 22.28 26.37
C22 PX4 HA . 12.80 21.70 25.24
O7 PX4 HA . 22.15 24.89 18.21
C23 PX4 HA . 23.39 24.56 17.77
O8 PX4 HA . 24.19 25.35 17.28
C24 PX4 HA . 23.88 23.20 18.26
C25 PX4 HA . 24.80 23.52 19.46
C26 PX4 HA . 25.56 22.29 19.92
C27 PX4 HA . 26.61 22.49 21.01
C28 PX4 HA . 27.41 21.27 21.44
C29 PX4 HA . 28.44 21.70 22.50
C30 PX4 HA . 27.56 22.23 23.64
C31 PX4 HA . 28.50 22.26 24.84
C32 PX4 HA . 27.77 22.79 26.07
C33 PX4 HA . 28.48 22.29 27.33
C34 PX4 HA . 27.87 22.97 28.56
C35 PX4 HA . 28.58 22.46 29.82
C36 PX4 HA . 27.97 23.29 30.94
O1 PX4 IA . 0.67 -13.46 16.05
O2 PX4 IA . 3.05 -13.83 17.06
P1 PX4 IA . 1.58 -13.72 17.20
O3 PX4 IA . 1.04 -15.08 17.88
C1 PX4 IA . -0.17 -15.63 17.38
C2 PX4 IA . -0.60 -16.74 18.34
N1 PX4 IA . -1.10 -16.34 19.65
C3 PX4 IA . -1.54 -17.60 20.24
C4 PX4 IA . -0.07 -15.88 20.62
C5 PX4 IA . -2.16 -15.32 19.62
O4 PX4 IA . 0.98 -12.90 18.44
C6 PX4 IA . 1.30 -11.52 18.18
C7 PX4 IA . 1.12 -10.58 19.36
C8 PX4 IA . 0.90 -11.31 20.68
O5 PX4 IA . 0.31 -10.60 21.77
C9 PX4 IA . 0.25 -11.35 22.91
O6 PX4 IA . 0.65 -12.52 23.01
C10 PX4 IA . -0.35 -10.54 24.05
C11 PX4 IA . 0.60 -9.61 24.80
C12 PX4 IA . -0.24 -8.83 25.83
C13 PX4 IA . 0.44 -7.93 26.87
C14 PX4 IA . -0.49 -7.60 28.05
C15 PX4 IA . -1.60 -6.70 27.51
C16 PX4 IA . -2.44 -5.80 28.41
C17 PX4 IA . -3.49 -4.98 27.66
C18 PX4 IA . -4.30 -3.98 28.47
C19 PX4 IA . -5.20 -4.74 29.45
C20 PX4 IA . -5.69 -3.86 30.60
C21 PX4 IA . -6.41 -2.60 30.13
C22 PX4 IA . -6.98 -1.81 31.32
O7 PX4 IA . 2.21 -9.67 19.47
C23 PX4 IA . 1.95 -8.38 19.86
O8 PX4 IA . 0.88 -7.80 19.71
C24 PX4 IA . 3.24 -7.58 19.96
C25 PX4 IA . 3.57 -7.11 21.38
C26 PX4 IA . 3.37 -8.18 22.46
C27 PX4 IA . 4.00 -7.63 23.74
C28 PX4 IA . 3.33 -6.29 24.07
C29 PX4 IA . 3.84 -5.65 25.36
C30 PX4 IA . 3.03 -4.49 25.92
C31 PX4 IA . 3.71 -3.99 27.19
C32 PX4 IA . 3.08 -2.69 27.71
C33 PX4 IA . 4.08 -2.17 28.76
C34 PX4 IA . 4.26 -3.31 29.76
C35 PX4 IA . 5.04 -2.84 30.98
C36 PX4 IA . 5.44 -3.90 32.02
O1 PX4 JA . -30.93 -6.81 20.02
O2 PX4 JA . -33.22 -7.65 20.92
P1 PX4 JA . -32.09 -6.69 20.94
O3 PX4 JA . -32.87 -5.39 20.38
C1 PX4 JA . -32.97 -5.53 18.95
C2 PX4 JA . -33.70 -4.37 18.30
N1 PX4 JA . -34.17 -4.56 16.93
C3 PX4 JA . -35.24 -5.56 16.82
C4 PX4 JA . -34.59 -3.27 16.37
C5 PX4 JA . -33.04 -4.98 16.08
O4 PX4 JA . -31.95 -5.94 22.36
C6 PX4 JA . -33.13 -6.23 23.14
C7 PX4 JA . -33.14 -5.86 24.61
C8 PX4 JA . -31.99 -4.87 24.77
O5 PX4 JA . -31.42 -4.88 26.08
C9 PX4 JA . -30.60 -3.78 26.13
O6 PX4 JA . -30.10 -3.29 25.14
C10 PX4 JA . -30.23 -3.38 27.56
C11 PX4 JA . -31.33 -3.42 28.62
C12 PX4 JA . -30.91 -2.69 29.90
C13 PX4 JA . -30.51 -1.31 29.38
C14 PX4 JA . -29.81 -0.58 30.53
C15 PX4 JA . -29.30 0.83 30.23
C16 PX4 JA . -28.86 1.47 31.54
C17 PX4 JA . -28.13 2.80 31.32
C18 PX4 JA . -27.82 3.54 32.62
C19 PX4 JA . -29.13 3.94 33.31
C20 PX4 JA . -28.83 4.58 34.68
C21 PX4 JA . -30.15 5.13 35.21
C22 PX4 JA . -29.87 5.56 36.65
O7 PX4 JA . -34.40 -5.47 25.17
C23 PX4 JA . -35.41 -6.31 25.54
O8 PX4 JA . -35.38 -7.49 25.22
C24 PX4 JA . -36.65 -5.74 26.23
C25 PX4 JA . -37.97 -5.63 25.46
C26 PX4 JA . -39.11 -5.01 26.27
C27 PX4 JA . -39.47 -5.65 27.63
C28 PX4 JA . -40.58 -5.03 28.45
C29 PX4 JA . -40.79 -5.95 29.65
C30 PX4 JA . -41.87 -5.47 30.64
C31 PX4 JA . -41.52 -4.07 31.16
C32 PX4 JA . -42.84 -3.40 31.56
C33 PX4 JA . -43.58 -4.04 32.74
C34 PX4 JA . -44.87 -3.23 32.85
C35 PX4 JA . -44.64 -1.75 33.15
C36 PX4 JA . -45.89 -0.86 33.03
O1 PX4 KA . -27.02 -12.82 20.24
O2 PX4 KA . -25.00 -11.71 21.53
P1 PX4 KA . -25.69 -12.87 20.89
O3 PX4 KA . -24.65 -13.63 19.94
C1 PX4 KA . -24.61 -13.28 18.55
C2 PX4 KA . -23.75 -14.19 17.65
N1 PX4 KA . -24.39 -15.32 16.97
C3 PX4 KA . -25.65 -15.13 16.26
C4 PX4 KA . -23.37 -15.70 15.98
C5 PX4 KA . -24.62 -16.41 17.95
O4 PX4 KA . -25.93 -14.06 21.96
C6 PX4 KA . -26.38 -13.44 23.16
C7 PX4 KA . -26.64 -14.37 24.35
C8 PX4 KA . -25.31 -14.73 24.99
O5 PX4 KA . -24.38 -13.64 25.02
C9 PX4 KA . -23.31 -13.81 25.83
O6 PX4 KA . -22.92 -14.90 26.27
C10 PX4 KA . -22.43 -12.61 26.15
C11 PX4 KA . -22.16 -12.32 27.62
C12 PX4 KA . -21.40 -11.00 27.86
C13 PX4 KA . -20.75 -11.02 29.25
C14 PX4 KA . -20.04 -12.37 29.34
C15 PX4 KA . -19.23 -12.37 30.62
C16 PX4 KA . -20.22 -11.92 31.70
C17 PX4 KA . -19.71 -11.93 33.14
C18 PX4 KA . -20.76 -11.53 34.17
C19 PX4 KA . -21.97 -12.46 34.19
C20 PX4 KA . -23.08 -12.09 35.17
C21 PX4 KA . -24.28 -13.02 35.02
C22 PX4 KA . -25.37 -12.57 36.01
O7 PX4 KA . -27.51 -13.76 25.30
C23 PX4 KA . -28.85 -13.58 25.14
O8 PX4 KA . -29.38 -13.91 24.08
C24 PX4 KA . -29.60 -12.92 26.29
C25 PX4 KA . -29.04 -13.28 27.68
C26 PX4 KA . -29.57 -12.31 28.72
C27 PX4 KA . -29.16 -12.64 30.16
C28 PX4 KA . -29.56 -11.63 31.25
C29 PX4 KA . -28.83 -11.93 32.56
C30 PX4 KA . -29.17 -10.90 33.64
C31 PX4 KA . -28.54 -11.35 34.95
C32 PX4 KA . -29.18 -10.74 36.20
C33 PX4 KA . -30.65 -11.19 36.29
C34 PX4 KA . -30.80 -12.70 36.24
C35 PX4 KA . -30.47 -13.35 37.59
C36 PX4 KA . -31.65 -13.12 38.53
O1 PX4 LA . -22.31 5.13 20.08
O2 PX4 LA . -22.99 2.65 20.41
P1 PX4 LA . -22.89 4.03 20.90
O3 PX4 LA . -24.39 4.60 20.93
C1 PX4 LA . -25.36 3.80 21.61
C2 PX4 LA . -26.85 4.09 21.34
N1 PX4 LA . -27.34 5.19 22.16
C3 PX4 LA . -28.79 5.19 21.93
C4 PX4 LA . -27.20 4.94 23.61
C5 PX4 LA . -26.76 6.48 21.77
O4 PX4 LA . -22.60 4.44 22.43
C6 PX4 LA . -21.51 5.40 22.53
C7 PX4 LA . -21.02 5.99 23.84
C8 PX4 LA . -22.09 5.90 24.92
O5 PX4 LA . -22.64 7.17 25.27
C9 PX4 LA . -23.96 7.32 24.94
O6 PX4 LA . -24.41 6.77 23.93
C10 PX4 LA . -24.69 8.36 25.79
C11 PX4 LA . -25.66 7.65 26.74
C12 PX4 LA . -26.51 8.61 27.59
C13 PX4 LA . -27.35 7.78 28.56
C14 PX4 LA . -28.39 6.88 27.91
C15 PX4 LA . -29.20 6.13 28.96
C16 PX4 LA . -29.97 7.11 29.87
C17 PX4 LA . -30.82 6.29 30.84
C18 PX4 LA . -31.51 7.16 31.89
C19 PX4 LA . -30.58 7.69 32.98
C20 PX4 LA . -31.33 8.55 33.99
C21 PX4 LA . -30.56 9.25 35.11
C22 PX4 LA . -29.83 10.44 34.47
O7 PX4 LA . -19.77 5.41 24.21
C23 PX4 LA . -18.76 6.33 24.12
O8 PX4 LA . -18.81 7.27 23.34
C24 PX4 LA . -17.40 5.83 24.57
C25 PX4 LA . -17.24 6.25 26.03
C26 PX4 LA . -18.04 5.31 26.95
C27 PX4 LA . -17.56 5.37 28.39
C28 PX4 LA . -17.62 6.72 29.13
C29 PX4 LA . -17.40 6.47 30.62
C30 PX4 LA . -18.71 6.36 31.41
C31 PX4 LA . -18.58 5.33 32.54
C32 PX4 LA . -19.68 5.42 33.60
C33 PX4 LA . -19.50 4.48 34.79
C34 PX4 LA . -18.28 4.96 35.55
C35 PX4 LA . -17.74 3.86 36.49
C36 PX4 LA . -16.31 4.16 36.96
O1 PX4 MA . -15.66 3.11 15.65
O2 PX4 MA . -15.49 0.78 16.73
P1 PX4 MA . -16.06 2.14 16.70
O3 PX4 MA . -17.64 2.21 16.98
C1 PX4 MA . -18.27 2.70 15.79
C2 PX4 MA . -19.79 2.72 15.97
N1 PX4 MA . -20.47 3.79 16.69
C3 PX4 MA . -20.49 4.97 15.82
C4 PX4 MA . -21.82 3.29 17.00
C5 PX4 MA . -20.00 4.16 18.03
O4 PX4 MA . -15.52 2.73 18.09
C6 PX4 MA . -15.68 1.82 19.19
C7 PX4 MA . -15.39 2.41 20.57
C8 PX4 MA . -16.66 2.65 21.40
O5 PX4 MA . -17.63 1.67 20.99
C9 PX4 MA . -18.88 2.05 21.39
O6 PX4 MA . -19.31 3.18 21.29
C10 PX4 MA . -19.76 0.94 21.97
C11 PX4 MA . -19.71 1.04 23.50
C12 PX4 MA . -20.96 0.34 24.01
C13 PX4 MA . -20.78 0.08 25.51
C14 PX4 MA . -20.50 1.43 26.16
C15 PX4 MA . -20.40 1.28 27.69
C16 PX4 MA . -20.56 2.56 28.50
C17 PX4 MA . -20.34 2.33 30.00
C18 PX4 MA . -21.55 1.60 30.59
C19 PX4 MA . -21.70 1.77 32.10
C20 PX4 MA . -23.06 1.29 32.62
C21 PX4 MA . -23.34 1.85 34.02
C22 PX4 MA . -24.80 1.67 34.45
O7 PX4 MA . -14.51 1.55 21.28
C23 PX4 MA . -13.15 1.62 21.17
O8 PX4 MA . -12.50 2.24 20.31
C24 PX4 MA . -12.48 0.80 22.28
C25 PX4 MA . -11.22 1.57 22.68
C26 PX4 MA . -10.98 1.42 24.19
C27 PX4 MA . -9.57 1.88 24.59
C28 PX4 MA . -9.49 2.15 26.09
C29 PX4 MA . -8.06 2.55 26.52
C30 PX4 MA . -8.04 2.72 28.04
C31 PX4 MA . -6.61 3.02 28.50
C32 PX4 MA . -6.81 3.39 29.97
C33 PX4 MA . -7.55 4.73 30.03
C34 PX4 MA . -8.06 5.14 31.42
C35 PX4 MA . -9.13 6.24 31.45
C36 PX4 MA . -9.20 6.79 32.88
O1 PX4 NA . -19.44 -14.08 20.22
O2 PX4 NA . -17.44 -12.58 20.30
P1 PX4 NA . -18.33 -13.51 21.02
O3 PX4 NA . -17.52 -14.82 21.48
C1 PX4 NA . -16.82 -15.32 20.34
C2 PX4 NA . -16.35 -16.77 20.48
N1 PX4 NA . -15.58 -17.43 19.41
C3 PX4 NA . -14.38 -16.65 19.05
C4 PX4 NA . -15.21 -18.67 20.12
C5 PX4 NA . -16.43 -17.83 18.28
O4 PX4 NA . -18.87 -12.91 22.41
C6 PX4 NA . -17.80 -12.72 23.35
C7 PX4 NA . -18.34 -12.39 24.73
C8 PX4 NA . -18.98 -11.00 24.74
O5 PX4 NA . -18.33 -10.06 25.58
C9 PX4 NA . -18.22 -8.74 25.25
O6 PX4 NA . -18.59 -8.39 24.13
C10 PX4 NA . -17.41 -7.85 26.19
C11 PX4 NA . -17.55 -8.40 27.61
C12 PX4 NA . -16.73 -7.48 28.50
C13 PX4 NA . -16.69 -8.19 29.87
C14 PX4 NA . -16.03 -9.56 29.89
C15 PX4 NA . -15.78 -10.16 31.28
C16 PX4 NA . -15.03 -11.48 31.08
C17 PX4 NA . -14.75 -12.12 32.44
C18 PX4 NA . -15.93 -12.90 33.01
C19 PX4 NA . -15.70 -13.53 34.38
C20 PX4 NA . -15.32 -12.48 35.43
C21 PX4 NA . -15.15 -13.17 36.80
C22 PX4 NA . -14.98 -12.11 37.86
O7 PX4 NA . -19.14 -13.42 25.32
C23 PX4 NA . -18.57 -14.57 25.77
O8 PX4 NA . -17.37 -14.74 25.55
C24 PX4 NA . -19.56 -15.50 26.46
C25 PX4 NA . -19.41 -15.47 27.99
C26 PX4 NA . -18.16 -16.23 28.42
C27 PX4 NA . -17.75 -15.81 29.84
C28 PX4 NA . -17.17 -17.01 30.58
C29 PX4 NA . -16.95 -16.90 32.10
C30 PX4 NA . -16.56 -18.19 32.82
C31 PX4 NA . -15.61 -17.63 33.89
C32 PX4 NA . -15.31 -18.76 34.86
C33 PX4 NA . -14.66 -18.13 36.10
C34 PX4 NA . -13.55 -17.12 35.77
C35 PX4 NA . -12.90 -16.47 36.99
C36 PX4 NA . -11.97 -15.34 36.58
O1 PX4 OA . -7.15 -16.46 19.94
O2 PX4 OA . -9.65 -17.21 19.87
P1 PX4 OA . -8.51 -16.48 20.50
O3 PX4 OA . -9.05 -15.07 21.06
C1 PX4 OA . -7.84 -14.38 21.35
C2 PX4 OA . -8.06 -12.90 21.74
N1 PX4 OA . -6.83 -12.20 22.11
C3 PX4 OA . -5.89 -12.18 20.98
C4 PX4 OA . -7.20 -10.78 22.27
C5 PX4 OA . -6.16 -12.68 23.35
O4 PX4 OA . -8.27 -17.19 21.93
C6 PX4 OA . -8.21 -18.61 21.77
C7 PX4 OA . -7.87 -19.26 23.11
C8 PX4 OA . -7.52 -18.08 24.01
O5 PX4 OA . -6.26 -18.11 24.71
C9 PX4 OA . -5.91 -16.97 25.33
O6 PX4 OA . -6.32 -15.86 24.99
C10 PX4 OA . -4.69 -17.18 26.25
C11 PX4 OA . -4.99 -17.06 27.75
C12 PX4 OA . -5.69 -15.74 28.12
C13 PX4 OA . -5.46 -15.49 29.61
C14 PX4 OA . -6.36 -14.36 30.11
C15 PX4 OA . -6.21 -14.33 31.64
C16 PX4 OA . -4.77 -14.17 32.12
C17 PX4 OA . -4.71 -13.86 33.61
C18 PX4 OA . -3.32 -13.46 34.09
C19 PX4 OA . -3.26 -12.82 35.48
C20 PX4 OA . -4.29 -11.69 35.49
C21 PX4 OA . -4.35 -10.90 36.80
C22 PX4 OA . -5.37 -9.77 36.65
O7 PX4 OA . -8.83 -20.21 23.60
C23 PX4 OA . -8.91 -21.44 23.03
O8 PX4 OA . -8.70 -21.67 21.85
C24 PX4 OA . -9.50 -22.48 24.00
C25 PX4 OA . -8.37 -23.10 24.83
C26 PX4 OA . -8.89 -24.05 25.90
C27 PX4 OA . -7.81 -24.60 26.85
C28 PX4 OA . -7.00 -23.60 27.66
C29 PX4 OA . -6.07 -24.43 28.55
C30 PX4 OA . -5.35 -23.65 29.65
C31 PX4 OA . -4.68 -24.63 30.62
C32 PX4 OA . -4.30 -24.04 31.99
C33 PX4 OA . -4.28 -25.28 32.90
C34 PX4 OA . -3.39 -25.03 34.12
C35 PX4 OA . -3.52 -26.22 35.08
C36 PX4 OA . -2.44 -26.26 36.15
O1 PX4 PA . -7.67 -31.26 23.85
O2 PX4 PA . -8.38 -29.10 22.45
P1 PX4 PA . -7.42 -29.96 23.17
O3 PX4 PA . -6.42 -30.35 21.96
C1 PX4 PA . -5.19 -30.77 22.54
C2 PX4 PA . -4.34 -31.78 21.76
N1 PX4 PA . -2.88 -31.66 21.64
C3 PX4 PA . -2.46 -32.88 20.92
C4 PX4 PA . -2.56 -30.55 20.72
C5 PX4 PA . -2.22 -31.52 22.94
O4 PX4 PA . -6.32 -29.10 23.99
C6 PX4 PA . -6.63 -27.71 23.91
C7 PX4 PA . -5.63 -26.78 24.62
C8 PX4 PA . -4.26 -27.44 24.82
O5 PX4 PA . -3.94 -27.54 26.22
C9 PX4 PA . -2.92 -28.42 26.48
O6 PX4 PA . -2.55 -29.28 25.69
C10 PX4 PA . -2.82 -28.67 27.99
C11 PX4 PA . -1.45 -28.13 28.39
C12 PX4 PA . -1.31 -28.53 29.87
C13 PX4 PA . -0.15 -27.77 30.52
C14 PX4 PA . -0.04 -27.97 32.03
C15 PX4 PA . 1.10 -27.16 32.66
C16 PX4 PA . 1.79 -27.85 33.84
C17 PX4 PA . 2.79 -26.85 34.41
C18 PX4 PA . 4.16 -27.50 34.47
C19 PX4 PA . 5.21 -26.53 35.01
C20 PX4 PA . 5.16 -25.35 34.03
C21 PX4 PA . 6.07 -24.20 34.48
C22 PX4 PA . 5.92 -23.86 35.97
O7 PX4 PA . -5.58 -25.45 24.13
C23 PX4 PA . -5.01 -25.13 22.94
O8 PX4 PA . -4.53 -25.99 22.21
C24 PX4 PA . -4.96 -23.64 22.57
C25 PX4 PA . -3.75 -23.04 23.28
C26 PX4 PA . -3.79 -21.50 23.29
C27 PX4 PA . -3.13 -21.02 24.58
C28 PX4 PA . -4.20 -20.57 25.57
C29 PX4 PA . -3.61 -20.32 26.94
C30 PX4 PA . -2.86 -21.57 27.41
C31 PX4 PA . -2.32 -21.28 28.80
C32 PX4 PA . -1.46 -20.04 28.58
C33 PX4 PA . -1.77 -19.09 29.76
C34 PX4 PA . -1.07 -17.73 29.69
C35 PX4 PA . -1.59 -16.80 30.79
C36 PX4 PA . -0.58 -15.70 31.17
O1 PX4 QA . 10.64 -28.53 18.78
O2 PX4 QA . 13.12 -28.49 19.54
P1 PX4 QA . 11.68 -28.67 19.83
O3 PX4 QA . 11.39 -30.15 20.37
C1 PX4 QA . 11.30 -31.05 19.26
C2 PX4 QA . 10.68 -32.42 19.45
N1 PX4 QA . 11.45 -33.45 20.17
C3 PX4 QA . 10.83 -34.79 20.24
C4 PX4 QA . 12.68 -33.67 19.39
C5 PX4 QA . 11.84 -32.98 21.51
O4 PX4 QA . 11.27 -28.18 21.30
C6 PX4 QA . 12.21 -28.67 22.26
C7 PX4 QA . 11.83 -28.72 23.74
C8 PX4 QA . 10.59 -27.84 23.82
O5 PX4 QA . 10.92 -26.87 24.83
C9 PX4 QA . 10.38 -25.66 24.55
O6 PX4 QA . 9.60 -25.33 23.67
C10 PX4 QA . 10.91 -24.64 25.55
C11 PX4 QA . 10.51 -24.81 27.01
C12 PX4 QA . 10.61 -23.52 27.81
C13 PX4 QA . 10.44 -23.79 29.31
C14 PX4 QA . 10.54 -22.59 30.25
C15 PX4 QA . 10.05 -23.02 31.63
C16 PX4 QA . 9.98 -21.80 32.55
C17 PX4 QA . 9.30 -22.22 33.85
C18 PX4 QA . 9.21 -21.09 34.87
C19 PX4 QA . 8.56 -19.85 34.26
C20 PX4 QA . 8.75 -18.63 35.17
C21 PX4 QA . 10.25 -18.45 35.48
C22 PX4 QA . 10.39 -17.18 36.33
O7 PX4 QA . 11.81 -30.06 24.23
C23 PX4 QA . 12.97 -30.70 24.56
O8 PX4 QA . 14.08 -30.29 24.25
C24 PX4 QA . 12.65 -32.14 25.00
C25 PX4 QA . 13.42 -32.63 26.21
C26 PX4 QA . 12.83 -31.93 27.46
C27 PX4 QA . 13.36 -32.57 28.73
C28 PX4 QA . 12.56 -32.18 29.98
C29 PX4 QA . 13.50 -32.68 31.07
C30 PX4 QA . 12.96 -32.23 32.43
C31 PX4 QA . 13.44 -33.08 33.61
C32 PX4 QA . 12.91 -32.44 34.90
C33 PX4 QA . 13.35 -33.38 36.02
C34 PX4 QA . 12.73 -32.81 37.31
C35 PX4 QA . 13.42 -33.23 38.60
C36 PX4 QA . 13.54 -34.76 38.53
O1 PX4 RA . -33.46 -2.37 22.87
O2 PX4 RA . -34.21 -0.50 21.42
P1 PX4 RA . -33.07 -1.16 22.09
O3 PX4 RA . -32.04 -1.66 20.97
C1 PX4 RA . -31.39 -2.74 21.64
C2 PX4 RA . -30.01 -3.25 21.20
N1 PX4 RA . -28.83 -2.36 21.20
C3 PX4 RA . -28.59 -1.82 22.56
C4 PX4 RA . -27.66 -3.10 20.73
C5 PX4 RA . -28.87 -1.31 20.19
O4 PX4 RA . -32.14 -0.18 22.97
C6 PX4 RA . -32.27 -0.53 24.36
C7 PX4 RA . -32.05 0.63 25.32
C8 PX4 RA . -33.20 0.42 26.31
O5 PX4 RA . -33.89 -0.83 26.26
C9 PX4 RA . -35.09 -0.72 26.92
O6 PX4 RA . -35.54 0.40 27.06
C10 PX4 RA . -35.77 -2.07 27.16
C11 PX4 RA . -35.38 -2.87 28.40
C12 PX4 RA . -35.88 -2.15 29.65
C13 PX4 RA . -37.41 -2.10 29.65
C14 PX4 RA . -38.05 -2.54 30.97
C15 PX4 RA . -38.00 -1.53 32.12
C16 PX4 RA . -38.88 -1.89 33.32
C17 PX4 RA . -38.74 -1.10 34.62
C18 PX4 RA . -39.79 -1.57 35.63
C19 PX4 RA . -41.20 -1.49 35.03
C20 PX4 RA . -42.18 -2.18 35.97
C21 PX4 RA . -42.39 -1.20 37.12
C22 PX4 RA . -43.66 -1.57 37.89
O7 PX4 RA . -30.84 0.48 26.07
C23 PX4 RA . -29.74 1.13 25.62
O8 PX4 RA . -29.89 1.97 24.74
C24 PX4 RA . -28.45 1.05 26.45
C25 PX4 RA . -27.79 -0.33 26.46
C26 PX4 RA . -26.55 -0.72 27.27
C27 PX4 RA . -26.16 -2.19 27.27
C28 PX4 RA . -25.00 -2.44 28.24
C29 PX4 RA . -25.48 -2.11 29.65
C30 PX4 RA . -24.58 -2.77 30.70
C31 PX4 RA . -25.02 -2.52 32.15
C32 PX4 RA . -24.35 -3.49 33.13
C33 PX4 RA . -22.84 -3.36 33.26
C34 PX4 RA . -22.15 -4.30 34.27
C35 PX4 RA . -22.58 -3.83 35.65
C36 PX4 RA . -21.95 -4.79 36.68
O1 PX4 SA . -32.67 -11.45 19.48
O2 PX4 SA . -32.08 -13.44 21.00
P1 PX4 SA . -32.82 -12.18 20.75
O3 PX4 SA . -34.41 -12.36 20.94
C1 PX4 SA . -35.00 -11.07 20.92
C2 PX4 SA . -36.53 -10.93 21.01
N1 PX4 SA . -37.55 -11.24 19.99
C3 PX4 SA . -37.06 -10.88 18.65
C4 PX4 SA . -37.85 -12.68 19.96
C5 PX4 SA . -38.82 -10.55 20.21
O4 PX4 SA . -32.40 -11.16 21.93
C6 PX4 SA . -31.00 -11.00 21.82
C7 PX4 SA . -30.31 -10.08 22.83
C8 PX4 SA . -31.12 -10.35 24.09
O5 PX4 SA . -31.67 -9.28 24.86
C9 PX4 SA . -32.11 -9.44 26.13
O6 PX4 SA . -32.34 -10.60 26.46
C10 PX4 SA . -32.16 -8.22 27.05
C11 PX4 SA . -33.09 -8.34 28.27
C12 PX4 SA . -33.37 -6.91 28.76
C13 PX4 SA . -34.30 -6.83 29.97
C14 PX4 SA . -33.95 -5.75 31.01
C15 PX4 SA . -34.68 -5.67 32.35
C16 PX4 SA . -34.48 -4.32 33.04
C17 PX4 SA . -35.38 -3.92 34.21
C18 PX4 SA . -34.91 -2.68 34.93
C19 PX4 SA . -35.79 -2.44 36.16
C20 PX4 SA . -35.82 -3.73 36.98
C21 PX4 SA . -36.96 -3.54 37.99
C22 PX4 SA . -37.08 -4.79 38.86
O7 PX4 SA . -28.90 -10.30 23.01
C23 PX4 SA . -28.04 -9.25 22.99
O8 PX4 SA . -28.47 -8.15 22.67
C24 PX4 SA . -26.65 -9.59 23.52
C25 PX4 SA . -26.77 -10.28 24.89
C26 PX4 SA . -25.59 -10.13 25.85
C27 PX4 SA . -26.28 -10.45 27.18
C28 PX4 SA . -25.28 -10.45 28.33
C29 PX4 SA . -25.90 -10.48 29.73
C30 PX4 SA . -24.93 -9.81 30.71
C31 PX4 SA . -25.62 -9.64 32.06
C32 PX4 SA . -24.85 -8.54 32.78
C33 PX4 SA . -25.36 -8.44 34.24
C34 PX4 SA . -24.51 -7.44 35.03
C35 PX4 SA . -24.99 -7.23 36.47
C36 PX4 SA . -24.73 -8.53 37.24
O1 PX4 TA . -11.01 12.97 14.18
O2 PX4 TA . -10.02 10.68 13.74
P1 PX4 TA . -11.16 11.49 14.25
O3 PX4 TA . -12.53 11.21 13.46
C1 PX4 TA . -13.60 11.76 14.26
C2 PX4 TA . -14.23 12.98 13.60
N1 PX4 TA . -15.48 13.56 14.09
C3 PX4 TA . -16.35 12.50 14.62
C4 PX4 TA . -15.19 14.57 15.13
C5 PX4 TA . -16.16 14.22 12.96
O4 PX4 TA . -11.71 10.92 15.65
C6 PX4 TA . -11.44 9.52 15.67
C7 PX4 TA . -11.32 8.91 17.06
C8 PX4 TA . -11.59 9.93 18.18
O5 PX4 TA . -11.21 9.58 19.52
C9 PX4 TA . -12.17 9.06 20.33
O6 PX4 TA . -13.37 9.01 20.09
C10 PX4 TA . -11.61 8.56 21.67
C11 PX4 TA . -12.32 9.44 22.72
C12 PX4 TA . -11.88 9.15 24.16
C13 PX4 TA . -12.85 9.98 24.98
C14 PX4 TA . -12.58 9.95 26.48
C15 PX4 TA . -13.74 10.71 27.11
C16 PX4 TA . -14.99 9.98 26.65
C17 PX4 TA . -16.18 10.63 27.36
C18 PX4 TA . -16.04 10.42 28.87
C19 PX4 TA . -17.12 11.08 29.72
C20 PX4 TA . -16.81 11.05 31.21
C21 PX4 TA . -15.58 11.88 31.57
C22 PX4 TA . -15.25 11.82 33.06
O7 PX4 TA . -12.31 7.87 17.07
C23 PX4 TA . -11.87 6.62 16.79
O8 PX4 TA . -10.78 6.44 16.25
C24 PX4 TA . -12.96 5.55 16.87
C25 PX4 TA . -13.62 5.54 18.24
C26 PX4 TA . -12.70 5.49 19.47
C27 PX4 TA . -13.59 5.41 20.71
C28 PX4 TA . -12.82 5.38 22.03
C29 PX4 TA . -13.75 5.06 23.20
C30 PX4 TA . -12.89 5.00 24.48
C31 PX4 TA . -13.71 4.33 25.58
C32 PX4 TA . -13.02 4.27 26.94
C33 PX4 TA . -12.84 5.69 27.48
C34 PX4 TA . -12.14 5.72 28.84
C35 PX4 TA . -12.30 7.08 29.51
C36 PX4 TA . -13.67 7.29 30.17
O1 PX4 UA . -8.23 12.93 15.85
O2 PX4 UA . -10.17 12.80 17.57
P1 PX4 UA . -8.89 13.39 17.11
O3 PX4 UA . -8.99 14.99 17.15
C1 PX4 UA . -9.63 15.32 18.40
C2 PX4 UA . -9.70 16.84 18.54
N1 PX4 UA . -10.66 17.50 19.45
C3 PX4 UA . -10.29 17.23 20.84
C4 PX4 UA . -10.74 18.93 19.11
C5 PX4 UA . -12.04 17.02 19.28
O4 PX4 UA . -7.77 12.98 18.20
C6 PX4 UA . -8.17 11.72 18.76
C7 PX4 UA . -7.06 10.92 19.46
C8 PX4 UA . -6.10 11.98 19.98
O5 PX4 UA . -4.72 11.64 19.78
C9 PX4 UA . -3.82 12.49 20.37
O6 PX4 UA . -4.23 13.31 21.19
C10 PX4 UA . -2.37 12.11 20.08
C11 PX4 UA . -1.77 11.39 21.30
C12 PX4 UA . -0.25 11.18 21.27
C13 PX4 UA . 0.19 10.32 22.44
C14 PX4 UA . 1.67 9.93 22.28
C15 PX4 UA . 2.34 9.03 23.32
C16 PX4 UA . 1.59 7.69 23.42
C17 PX4 UA . 2.03 7.01 24.72
C18 PX4 UA . 1.34 5.64 24.73
C19 PX4 UA . 1.66 4.89 26.01
C20 PX4 UA . 1.30 3.43 25.70
C21 PX4 UA . 1.67 2.51 26.86
C22 PX4 UA . 1.20 1.10 26.47
O7 PX4 UA . -7.52 9.86 20.31
C23 PX4 UA . -7.46 8.60 19.83
O8 PX4 UA . -7.39 8.50 18.60
C24 PX4 UA . -7.76 7.43 20.77
C25 PX4 UA . -7.61 7.73 22.26
C26 PX4 UA . -8.38 6.89 23.29
C27 PX4 UA . -8.06 7.39 24.71
C28 PX4 UA . -8.57 6.41 25.76
C29 PX4 UA . -8.29 6.91 27.17
C30 PX4 UA . -8.96 8.24 27.53
C31 PX4 UA . -8.35 8.86 28.79
C32 PX4 UA . -9.12 10.14 29.12
C33 PX4 UA . -9.54 10.09 30.59
C34 PX4 UA . -10.19 11.42 30.95
C35 PX4 UA . -11.42 11.81 30.13
C36 PX4 UA . -11.93 13.14 30.68
O1 PX4 VA . -20.30 -10.69 16.48
O2 PX4 VA . -21.17 -8.41 15.60
P1 PX4 VA . -20.17 -9.22 16.33
O3 PX4 VA . -18.76 -8.99 15.60
C1 PX4 VA . -18.94 -8.92 14.19
C2 PX4 VA . -17.81 -8.15 13.50
N1 PX4 VA . -17.88 -6.69 13.31
C3 PX4 VA . -16.49 -6.32 13.02
C4 PX4 VA . -18.57 -6.34 12.07
C5 PX4 VA . -18.19 -5.96 14.54
O4 PX4 VA . -19.92 -8.51 17.76
C6 PX4 VA . -19.70 -9.55 18.72
C7 PX4 VA . -19.48 -9.04 20.15
C8 PX4 VA . -20.69 -9.27 21.07
O5 PX4 VA . -21.13 -8.17 21.84
C9 PX4 VA . -21.89 -8.46 22.93
O6 PX4 VA . -22.03 -9.62 23.30
C10 PX4 VA . -22.22 -7.18 23.74
C11 PX4 VA . -22.33 -7.48 25.23
C12 PX4 VA . -22.69 -6.14 25.86
C13 PX4 VA . -23.02 -6.24 27.36
C14 PX4 VA . -21.79 -6.70 28.13
C15 PX4 VA . -22.14 -6.87 29.61
C16 PX4 VA . -20.97 -7.18 30.54
C17 PX4 VA . -21.33 -7.79 31.89
C18 PX4 VA . -20.08 -8.14 32.70
C19 PX4 VA . -19.16 -6.95 32.88
C20 PX4 VA . -18.05 -7.37 33.85
C21 PX4 VA . -17.20 -6.14 34.13
C22 PX4 VA . -17.67 -5.26 35.29
O7 PX4 VA . -18.19 -9.43 20.63
C23 PX4 VA . -17.11 -8.62 20.53
O8 PX4 VA . -16.89 -8.08 19.43
C24 PX4 VA . -16.10 -9.04 21.60
C25 PX4 VA . -15.68 -7.84 22.45
C26 PX4 VA . -14.61 -8.24 23.48
C27 PX4 VA . -13.97 -6.94 23.98
C28 PX4 VA . -12.85 -7.18 24.99
C29 PX4 VA . -13.51 -7.65 26.28
C30 PX4 VA . -12.41 -7.77 27.33
C31 PX4 VA . -11.70 -6.48 27.71
C32 PX4 VA . -10.69 -6.65 28.84
C33 PX4 VA . -10.20 -5.38 29.51
C34 PX4 VA . -9.29 -5.68 30.69
C35 PX4 VA . -9.95 -6.38 31.88
C36 PX4 VA . -8.95 -6.68 33.01
O1 PX4 WA . -11.85 -3.60 19.42
O2 PX4 WA . -14.00 -2.66 18.41
P1 PX4 WA . -12.92 -2.57 19.42
O3 PX4 WA . -12.45 -1.06 19.25
C1 PX4 WA . -12.26 -0.72 17.88
C2 PX4 WA . -11.75 0.71 17.72
N1 PX4 WA . -11.34 1.28 16.42
C3 PX4 WA . -10.47 0.38 15.65
C4 PX4 WA . -12.36 1.69 15.44
C5 PX4 WA . -10.67 2.54 16.72
O4 PX4 WA . -13.48 -2.54 20.94
C6 PX4 WA . -14.78 -1.93 20.85
C7 PX4 WA . -15.64 -2.21 22.09
C8 PX4 WA . -15.83 -0.84 22.73
O5 PX4 WA . -15.34 -0.78 24.06
C9 PX4 WA . -15.72 0.34 24.73
O6 PX4 WA . -16.37 1.28 24.25
C10 PX4 WA . -15.15 0.46 26.14
C11 PX4 WA . -16.22 1.12 27.01
C12 PX4 WA . -15.90 1.07 28.52
C13 PX4 WA . -16.90 1.90 29.33
C14 PX4 WA . -16.40 2.02 30.76
C15 PX4 WA . -16.27 0.72 31.55
C16 PX4 WA . -15.74 1.08 32.93
C17 PX4 WA . -14.94 -0.08 33.51
C18 PX4 WA . -14.19 0.43 34.75
C19 PX4 WA . -13.18 -0.57 35.35
C20 PX4 WA . -12.23 -1.07 34.26
C21 PX4 WA . -11.50 -2.32 34.73
C22 PX4 WA . -10.58 -2.85 33.63
O7 PX4 WA . -16.89 -2.83 21.79
C23 PX4 WA . -16.92 -4.17 21.60
O8 PX4 WA . -16.10 -4.79 20.91
C24 PX4 WA . -18.35 -4.68 21.85
C25 PX4 WA . -18.59 -5.20 23.26
C26 PX4 WA . -18.67 -3.99 24.21
C27 PX4 WA . -18.88 -4.44 25.67
C28 PX4 WA . -19.15 -3.26 26.61
C29 PX4 WA . -19.09 -3.60 28.09
C30 PX4 WA . -19.49 -2.39 28.94
C31 PX4 WA . -19.37 -2.80 30.40
C32 PX4 WA . -19.60 -1.62 31.33
C33 PX4 WA . -19.59 -2.09 32.78
C34 PX4 WA . -19.67 -0.85 33.66
C35 PX4 WA . -19.63 -1.27 35.13
C36 PX4 WA . -19.79 -0.18 36.20
O1 PX4 XA . 5.89 -5.27 17.14
O2 PX4 XA . 4.95 -3.13 16.16
P1 PX4 XA . 5.82 -3.79 17.17
O3 PX4 XA . 7.32 -3.29 16.88
C1 PX4 XA . 8.16 -3.67 17.97
C2 PX4 XA . 9.31 -4.63 17.66
N1 PX4 XA . 10.40 -4.64 18.65
C3 PX4 XA . 10.01 -5.24 19.94
C4 PX4 XA . 11.30 -5.62 18.00
C5 PX4 XA . 11.05 -3.35 18.85
O4 PX4 XA . 5.64 -3.42 18.72
C6 PX4 XA . 4.46 -3.96 19.33
C7 PX4 XA . 4.47 -3.82 20.85
C8 PX4 XA . 5.86 -3.60 21.44
O5 PX4 XA . 6.20 -4.44 22.55
C9 PX4 XA . 7.32 -4.03 23.23
O6 PX4 XA . 8.22 -3.40 22.69
C10 PX4 XA . 7.60 -4.75 24.55
C11 PX4 XA . 7.81 -6.23 24.28
C12 PX4 XA . 7.97 -6.93 25.63
C13 PX4 XA . 6.69 -6.90 26.45
C14 PX4 XA . 7.01 -7.36 27.87
C15 PX4 XA . 5.87 -7.56 28.85
C16 PX4 XA . 6.45 -7.88 30.23
C17 PX4 XA . 5.38 -8.18 31.29
C18 PX4 XA . 5.87 -7.67 32.64
C19 PX4 XA . 4.82 -8.06 33.69
C20 PX4 XA . 5.17 -7.55 35.08
C21 PX4 XA . 3.95 -7.73 35.96
C22 PX4 XA . 2.76 -6.87 35.51
O7 PX4 XA . 3.50 -2.98 21.50
C23 PX4 XA . 2.17 -3.20 21.31
O8 PX4 XA . 1.70 -3.85 20.39
C24 PX4 XA . 1.29 -2.58 22.40
C25 PX4 XA . -0.04 -2.17 21.76
C26 PX4 XA . -0.88 -1.18 22.56
C27 PX4 XA . -1.31 -1.77 23.89
C28 PX4 XA . -2.12 -0.72 24.68
C29 PX4 XA . -2.23 -1.12 26.15
C30 PX4 XA . -3.17 -0.06 26.71
C31 PX4 XA . -3.18 -0.41 28.21
C32 PX4 XA . -1.77 -0.38 28.80
C33 PX4 XA . -1.69 -0.89 30.24
C34 PX4 XA . -0.23 -1.23 30.55
C35 PX4 XA . 0.06 -2.23 31.68
C36 PX4 XA . -0.74 -3.52 31.50
O1 PX4 YA . 4.43 -11.63 14.73
O2 PX4 YA . 5.25 -9.40 15.78
P1 PX4 YA . 4.98 -10.85 15.87
O3 PX4 YA . 6.52 -11.32 15.91
C1 PX4 YA . 6.63 -12.71 15.66
C2 PX4 YA . 8.03 -13.25 15.95
N1 PX4 YA . 8.37 -14.67 15.76
C3 PX4 YA . 7.41 -15.59 16.39
C4 PX4 YA . 8.52 -15.03 14.34
C5 PX4 YA . 9.72 -14.85 16.30
O4 PX4 YA . 4.79 -11.35 17.40
C6 PX4 YA . 5.42 -10.31 18.15
C7 PX4 YA . 5.66 -10.63 19.62
C8 PX4 YA . 4.84 -11.88 19.95
O5 PX4 YA . 4.18 -11.83 21.22
C9 PX4 YA . 4.89 -12.40 22.24
O6 PX4 YA . 5.73 -13.27 22.03
C10 PX4 YA . 4.40 -11.97 23.63
C11 PX4 YA . 5.48 -12.00 24.70
C12 PX4 YA . 5.03 -11.20 25.92
C13 PX4 YA . 3.81 -11.77 26.64
C14 PX4 YA . 3.62 -11.06 27.99
C15 PX4 YA . 2.74 -11.81 28.98
C16 PX4 YA . 2.92 -11.24 30.39
C17 PX4 YA . 1.78 -11.76 31.27
C18 PX4 YA . 1.88 -11.53 32.77
C19 PX4 YA . 0.86 -12.21 33.67
C20 PX4 YA . 1.24 -11.90 35.12
C21 PX4 YA . 0.32 -12.67 36.07
C22 PX4 YA . 0.30 -12.21 37.54
O7 PX4 YA . 7.00 -10.66 20.13
C23 PX4 YA . 7.38 -9.47 20.66
O8 PX4 YA . 6.74 -8.45 20.33
C24 PX4 YA . 8.79 -9.49 21.25
C25 PX4 YA . 8.71 -9.42 22.77
C26 PX4 YA . 10.09 -9.63 23.40
C27 PX4 YA . 10.26 -9.61 24.92
C28 PX4 YA . 9.53 -10.73 25.64
C29 PX4 YA . 9.44 -10.37 27.12
C30 PX4 YA . 8.94 -11.55 27.95
C31 PX4 YA . 8.71 -11.05 29.38
C32 PX4 YA . 8.00 -12.06 30.28
C33 PX4 YA . 7.72 -11.38 31.61
C34 PX4 YA . 6.89 -12.35 32.45
C35 PX4 YA . 6.18 -11.67 33.61
C36 PX4 YA . 5.37 -12.79 34.29
O1 PX4 ZA . 16.27 -20.81 17.26
O2 PX4 ZA . 15.89 -19.04 15.49
P1 PX4 ZA . 16.13 -19.37 16.91
O3 PX4 ZA . 17.53 -18.74 17.43
C1 PX4 ZA . 18.10 -18.08 16.29
C2 PX4 ZA . 19.38 -17.39 16.75
N1 PX4 ZA . 20.51 -18.20 17.21
C3 PX4 ZA . 20.65 -19.57 16.68
C4 PX4 ZA . 21.71 -17.43 16.86
C5 PX4 ZA . 20.61 -18.31 18.67
O4 PX4 ZA . 15.30 -18.58 18.04
C6 PX4 ZA . 15.72 -19.22 19.25
C7 PX4 ZA . 15.17 -18.56 20.51
C8 PX4 ZA . 14.41 -19.66 21.25
O5 PX4 ZA . 14.88 -20.99 20.98
C9 PX4 ZA . 13.92 -21.93 21.21
O6 PX4 ZA . 12.75 -21.59 21.40
C10 PX4 ZA . 14.25 -23.42 21.07
C11 PX4 ZA . 14.45 -24.13 22.42
C12 PX4 ZA . 15.22 -25.41 22.07
C13 PX4 ZA . 15.78 -25.92 23.39
C14 PX4 ZA . 14.65 -26.13 24.38
C15 PX4 ZA . 15.35 -26.43 25.72
C16 PX4 ZA . 14.34 -26.90 26.76
C17 PX4 ZA . 15.07 -27.72 27.81
C18 PX4 ZA . 14.12 -28.46 28.75
C19 PX4 ZA . 14.03 -27.88 30.17
C20 PX4 ZA . 15.33 -28.25 30.90
C21 PX4 ZA . 15.06 -28.50 32.40
C22 PX4 ZA . 16.23 -29.07 33.19
O7 PX4 ZA . 16.15 -17.86 21.29
C23 PX4 ZA . 15.65 -16.81 22.01
O8 PX4 ZA . 14.48 -16.45 21.98
C24 PX4 ZA . 16.60 -16.39 23.14
C25 PX4 ZA . 16.26 -17.14 24.42
C26 PX4 ZA . 17.32 -16.98 25.52
C27 PX4 ZA . 16.72 -17.44 26.86
C28 PX4 ZA . 17.47 -16.69 27.98
C29 PX4 ZA . 16.76 -17.12 29.26
C30 PX4 ZA . 17.32 -16.35 30.45
C31 PX4 ZA . 16.78 -17.19 31.63
C32 PX4 ZA . 17.05 -16.69 33.05
C33 PX4 ZA . 16.63 -17.77 34.04
C34 PX4 ZA . 15.23 -18.19 33.58
C35 PX4 ZA . 14.87 -19.41 34.43
C36 PX4 ZA . 13.37 -19.66 34.55
O1 PX4 AB . -31.00 8.33 17.16
O2 PX4 AB . -28.96 7.62 18.48
P1 PX4 AB . -30.39 7.97 18.47
O3 PX4 AB . -31.07 6.61 19.02
C1 PX4 AB . -31.28 5.57 18.05
C2 PX4 AB . -32.06 4.34 18.52
N1 PX4 AB . -33.21 4.40 19.41
C3 PX4 AB . -34.24 5.23 18.77
C4 PX4 AB . -33.84 3.09 19.56
C5 PX4 AB . -32.82 4.85 20.77
O4 PX4 AB . -30.78 8.92 19.70
C6 PX4 AB . -30.45 8.48 21.03
C7 PX4 AB . -30.99 9.46 22.07
C8 PX4 AB . -31.78 10.51 21.29
O5 PX4 AB . -31.51 11.84 21.77
C9 PX4 AB . -32.53 12.72 21.60
O6 PX4 AB . -33.50 12.42 20.90
C10 PX4 AB . -32.45 14.08 22.30
C11 PX4 AB . -32.75 13.82 23.79
C12 PX4 AB . -33.06 15.08 24.60
C13 PX4 AB . -33.10 14.73 26.08
C14 PX4 AB . -34.20 13.71 26.36
C15 PX4 AB . -35.56 14.40 26.27
C16 PX4 AB . -36.72 13.58 26.87
C17 PX4 AB . -36.52 13.19 28.33
C18 PX4 AB . -36.33 14.36 29.30
C19 PX4 AB . -37.08 14.07 30.61
C20 PX4 AB . -37.03 15.22 31.63
C21 PX4 AB . -37.92 16.39 31.20
C22 PX4 AB . -37.79 17.55 32.17
O7 PX4 AB . -31.75 8.83 23.11
C23 PX4 AB . -31.09 8.19 24.10
O8 PX4 AB . -29.88 7.99 23.96
C24 PX4 AB . -31.98 7.71 25.24
C25 PX4 AB . -31.81 6.23 25.61
C26 PX4 AB . -32.80 5.82 26.70
C27 PX4 AB . -32.27 4.51 27.28
C28 PX4 AB . -33.20 3.99 28.37
C29 PX4 AB . -32.62 2.71 28.98
C30 PX4 AB . -33.59 2.17 30.04
C31 PX4 AB . -33.07 0.80 30.51
C32 PX4 AB . -33.47 0.43 31.93
C33 PX4 AB . -33.11 1.58 32.86
C34 PX4 AB . -33.39 1.25 34.33
C35 PX4 AB . -32.24 0.35 34.80
C36 PX4 AB . -32.36 0.18 36.31
O1 PX4 BB . -16.13 13.76 18.49
O2 PX4 BB . -14.50 11.89 17.98
P1 PX4 BB . -15.64 12.41 18.77
O3 PX4 BB . -16.74 11.24 18.92
C1 PX4 BB . -17.75 11.74 19.78
C2 PX4 BB . -18.50 10.60 20.46
N1 PX4 BB . -19.47 9.84 19.65
C3 PX4 BB . -18.96 9.05 18.53
C4 PX4 BB . -20.18 8.90 20.53
C5 PX4 BB . -20.55 10.77 19.24
O4 PX4 BB . -15.25 12.35 20.33
C6 PX4 BB . -14.21 13.24 20.74
C7 PX4 BB . -13.93 13.13 22.24
C8 PX4 BB . -15.07 12.31 22.85
O5 PX4 BB . -15.94 13.23 23.50
C9 PX4 BB . -16.90 12.74 24.32
O6 PX4 BB . -17.27 11.58 24.24
C10 PX4 BB . -17.90 13.82 24.74
C11 PX4 BB . -18.76 13.41 25.94
C12 PX4 BB . -19.68 14.61 26.15
C13 PX4 BB . -20.50 14.49 27.43
C14 PX4 BB . -19.64 14.27 28.68
C15 PX4 BB . -20.45 14.11 29.96
C16 PX4 BB . -19.47 13.65 31.06
C17 PX4 BB . -20.26 13.62 32.37
C18 PX4 BB . -19.39 13.51 33.63
C19 PX4 BB . -20.17 13.76 34.91
C20 PX4 BB . -19.17 13.43 36.02
C21 PX4 BB . -19.91 13.78 37.32
C22 PX4 BB . -21.23 13.06 37.56
O7 PX4 BB . -12.57 12.72 22.46
C23 PX4 BB . -11.53 13.58 22.38
O8 PX4 BB . -11.71 14.74 22.01
C24 PX4 BB . -10.14 12.93 22.46
C25 PX4 BB . -9.63 12.60 23.86
C26 PX4 BB . -8.22 12.03 23.75
C27 PX4 BB . -7.55 11.96 25.12
C28 PX4 BB . -7.90 13.29 25.82
C29 PX4 BB . -7.47 13.26 27.29
C30 PX4 BB . -5.95 13.17 27.38
C31 PX4 BB . -5.48 13.22 28.83
C32 PX4 BB . -3.95 13.15 28.91
C33 PX4 BB . -3.56 13.07 30.39
C34 PX4 BB . -2.11 12.67 30.64
C35 PX4 BB . -1.72 12.84 32.12
C36 PX4 BB . -2.17 14.20 32.66
O1 PX4 CB . -4.40 14.09 16.95
O2 PX4 CB . -5.70 15.85 18.46
P1 PX4 CB . -4.54 15.38 17.66
O3 PX4 CB . -4.42 16.56 16.56
C1 PX4 CB . -5.74 16.96 16.17
C2 PX4 CB . -5.87 18.32 15.48
N1 PX4 CB . -5.22 18.64 14.20
C3 PX4 CB . -3.93 19.29 14.44
C4 PX4 CB . -5.15 17.59 13.17
C5 PX4 CB . -6.05 19.62 13.49
O4 PX4 CB . -3.23 15.70 18.52
C6 PX4 CB . -3.40 16.86 19.34
C7 PX4 CB . -3.15 16.49 20.80
C8 PX4 CB . -1.66 16.62 21.01
O5 PX4 CB . -1.05 15.58 21.79
C9 PX4 CB . -1.25 15.70 23.13
O6 PX4 CB . -1.46 16.81 23.61
C10 PX4 CB . -0.95 14.47 23.99
C11 PX4 CB . -2.17 13.90 24.71
C12 PX4 CB . -2.06 12.39 24.95
C13 PX4 CB . -0.91 12.00 25.87
C14 PX4 CB . -1.10 10.51 26.20
C15 PX4 CB . 0.24 10.02 26.78
C16 PX4 CB . 0.62 10.41 28.20
C17 PX4 CB . 2.01 9.87 28.55
C18 PX4 CB . 1.97 8.35 28.59
C19 PX4 CB . 3.37 7.77 28.84
C20 PX4 CB . 3.90 8.38 30.13
C21 PX4 CB . 5.20 7.68 30.57
C22 PX4 CB . 5.89 8.41 31.73
O7 PX4 CB . -3.98 17.13 21.77
C23 PX4 CB . -3.99 18.49 21.96
O8 PX4 CB . -3.15 19.17 21.33
C24 PX4 CB . -4.76 19.08 23.13
C25 PX4 CB . -4.28 18.43 24.42
C26 PX4 CB . -5.07 19.11 25.55
C27 PX4 CB . -6.58 19.00 25.38
C28 PX4 CB . -7.17 17.85 26.21
C29 PX4 CB . -8.68 17.69 26.10
C30 PX4 CB . -8.99 16.92 24.81
C31 PX4 CB . -10.50 16.80 24.76
C32 PX4 CB . -11.01 16.05 25.99
C33 PX4 CB . -12.54 15.98 26.03
C34 PX4 CB . -13.14 15.47 27.34
C35 PX4 CB . -14.64 15.74 27.41
C36 PX4 CB . -15.16 15.12 28.71
O1 PX4 DB . -6.76 -2.13 17.55
O2 PX4 DB . -9.34 -1.93 17.25
P1 PX4 DB . -8.11 -1.76 18.06
O3 PX4 DB . -8.05 -0.15 17.87
C1 PX4 DB . -6.75 0.41 18.13
C2 PX4 DB . -6.93 1.92 17.92
N1 PX4 DB . -5.98 3.03 18.01
C3 PX4 DB . -5.97 3.71 16.72
C4 PX4 DB . -6.69 3.87 18.97
C5 PX4 DB . -4.58 2.74 18.38
O4 PX4 DB . -8.25 -1.91 19.65
C6 PX4 DB . -9.18 -0.96 20.19
C7 PX4 DB . -9.01 -0.73 21.68
C8 PX4 DB . -9.42 -2.08 22.26
O5 PX4 DB . -10.73 -2.24 22.80
C9 PX4 DB . -11.32 -3.40 23.20
O6 PX4 DB . -10.84 -4.48 22.91
C10 PX4 DB . -12.68 -3.21 23.89
C11 PX4 DB . -12.71 -3.73 25.32
C12 PX4 DB . -14.04 -3.28 25.92
C13 PX4 DB . -14.07 -3.85 27.35
C14 PX4 DB . -15.44 -3.61 27.97
C15 PX4 DB . -15.53 -4.10 29.42
C16 PX4 DB . -14.36 -3.60 30.29
C17 PX4 DB . -14.12 -4.38 31.58
C18 PX4 DB . -13.91 -5.86 31.29
C19 PX4 DB . -13.58 -6.52 32.63
C20 PX4 DB . -13.42 -8.03 32.82
C21 PX4 DB . -12.96 -8.48 34.21
C22 PX4 DB . -14.09 -8.33 35.23
O7 PX4 DB . -7.72 -0.31 22.13
C23 PX4 DB . -7.19 0.91 21.79
O8 PX4 DB . -7.93 1.78 21.36
C24 PX4 DB . -5.71 1.15 22.09
C25 PX4 DB . -5.27 1.67 23.45
C26 PX4 DB . -5.58 3.17 23.57
C27 PX4 DB . -4.86 3.68 24.81
C28 PX4 DB . -3.35 3.56 24.68
C29 PX4 DB . -2.56 4.27 25.80
C30 PX4 DB . -3.00 3.76 27.17
C31 PX4 DB . -2.61 4.68 28.34
C32 PX4 DB . -1.17 4.64 28.84
C33 PX4 DB . -1.10 5.17 30.28
C34 PX4 DB . 0.20 4.76 30.98
C35 PX4 DB . 0.40 3.27 31.28
C36 PX4 DB . 1.72 2.98 31.99
O1 PX4 EB . -7.48 -5.47 20.96
O2 PX4 EB . -6.22 -6.94 19.28
P1 PX4 EB . -6.21 -5.97 20.40
O3 PX4 EB . -5.19 -6.58 21.49
C1 PX4 EB . -4.20 -7.32 20.77
C2 PX4 EB . -2.90 -7.65 21.49
N1 PX4 EB . -2.15 -6.46 21.94
C3 PX4 EB . -2.77 -5.79 23.08
C4 PX4 EB . -0.91 -6.98 22.53
C5 PX4 EB . -1.75 -5.56 20.85
O4 PX4 EB . -5.33 -4.64 20.17
C6 PX4 EB . -5.81 -3.64 21.08
C7 PX4 EB . -4.66 -2.77 21.58
C8 PX4 EB . -4.30 -1.91 20.38
O5 PX4 EB . -3.01 -2.16 19.81
C9 PX4 EB . -2.82 -1.33 18.75
O6 PX4 EB . -3.70 -0.55 18.36
C10 PX4 EB . -1.62 -1.51 17.82
C11 PX4 EB . -0.31 -0.76 18.07
C12 PX4 EB . 0.67 -0.85 16.90
C13 PX4 EB . 1.89 -0.13 17.47
C14 PX4 EB . 2.38 -0.91 18.70
C15 PX4 EB . 3.52 -0.10 19.30
C16 PX4 EB . 3.14 1.17 20.05
C17 PX4 EB . 2.89 0.88 21.53
C18 PX4 EB . 4.17 0.41 22.21
C19 PX4 EB . 3.87 0.10 23.68
C20 PX4 EB . 4.95 -0.75 24.33
C21 PX4 EB . 6.36 -0.14 24.41
C22 PX4 EB . 7.38 -0.97 25.18
O7 PX4 EB . -5.03 -2.13 22.82
C23 PX4 EB . -5.39 -2.78 23.94
O8 PX4 EB . -5.10 -3.98 24.04
C24 PX4 EB . -5.90 -2.05 25.19
C25 PX4 EB . -7.39 -2.36 25.44
C26 PX4 EB . -8.00 -1.53 26.56
C27 PX4 EB . -9.31 -2.12 27.09
C28 PX4 EB . -9.83 -1.30 28.28
C29 PX4 EB . -11.07 -1.74 29.05
C30 PX4 EB . -11.75 -0.54 29.70
C31 PX4 EB . -10.88 0.22 30.71
C32 PX4 EB . -11.53 1.53 31.13
C33 PX4 EB . -11.19 2.09 32.51
C34 PX4 EB . -12.19 3.22 32.75
C35 PX4 EB . -11.91 4.07 33.99
C36 PX4 EB . -12.82 5.28 34.17
O1 PX4 FB . -23.20 10.86 17.34
O2 PX4 FB . -24.26 8.81 18.54
P1 PX4 FB . -24.22 10.27 18.24
O3 PX4 FB . -25.54 10.62 17.39
C1 PX4 FB . -26.59 9.80 17.93
C2 PX4 FB . -27.96 10.46 17.70
N1 PX4 FB . -28.57 10.62 16.36
C3 PX4 FB . -28.59 9.36 15.60
C4 PX4 FB . -29.91 11.15 16.60
C5 PX4 FB . -27.86 11.62 15.53
O4 PX4 FB . -24.47 11.15 19.55
C6 PX4 FB . -24.10 10.31 20.66
C7 PX4 FB . -23.53 11.04 21.87
C8 PX4 FB . -24.71 11.34 22.80
O5 PX4 FB . -24.54 12.30 23.83
C9 PX4 FB . -24.24 13.60 23.55
O6 PX4 FB . -24.21 14.00 22.39
C10 PX4 FB . -24.08 14.60 24.69
C11 PX4 FB . -25.40 14.88 25.42
C12 PX4 FB . -25.06 16.11 26.25
C13 PX4 FB . -24.24 15.82 27.50
C14 PX4 FB . -25.14 14.88 28.31
C15 PX4 FB . -24.22 14.25 29.36
C16 PX4 FB . -24.65 12.80 29.65
C17 PX4 FB . -24.79 12.60 31.16
C18 PX4 FB . -25.87 11.54 31.41
C19 PX4 FB . -26.26 11.28 32.87
C20 PX4 FB . -24.92 11.14 33.60
C21 PX4 FB . -25.29 11.10 35.08
C22 PX4 FB . -25.99 12.41 35.44
O7 PX4 FB . -22.39 10.38 22.44
C23 PX4 FB . -21.56 11.12 23.22
O8 PX4 FB . -21.35 12.29 22.91
C24 PX4 FB . -20.77 10.34 24.27
C25 PX4 FB . -21.42 10.37 25.67
C26 PX4 FB . -20.26 10.02 26.60
C27 PX4 FB . -20.69 10.19 28.07
C28 PX4 FB . -22.01 9.45 28.27
C29 PX4 FB . -22.55 9.66 29.68
C30 PX4 FB . -21.49 9.26 30.71
C31 PX4 FB . -21.85 9.39 32.20
C32 PX4 FB . -20.67 9.22 33.15
C33 PX4 FB . -21.11 9.47 34.60
C34 PX4 FB . -19.96 9.43 35.60
C35 PX4 FB . -20.53 9.40 37.02
C36 PX4 FB . -21.41 8.16 37.17
O1 PX4 GB . 22.76 -23.69 19.13
O2 PX4 GB . 20.73 -22.48 18.04
P1 PX4 GB . 21.94 -22.47 18.88
O3 PX4 GB . 22.90 -21.46 18.07
C1 PX4 GB . 24.22 -21.42 18.62
C2 PX4 GB . 25.04 -20.38 17.86
N1 PX4 GB . 26.27 -20.79 17.18
C3 PX4 GB . 26.11 -21.90 16.21
C4 PX4 GB . 26.91 -19.74 16.38
C5 PX4 GB . 27.24 -21.21 18.20
O4 PX4 GB . 21.86 -21.65 20.28
C6 PX4 GB . 22.16 -22.48 21.40
C7 PX4 GB . 22.00 -21.86 22.81
C8 PX4 GB . 21.37 -20.49 22.57
O5 PX4 GB . 22.05 -19.43 23.27
C9 PX4 GB . 21.20 -18.64 23.98
O6 PX4 GB . 20.06 -18.40 23.58
C10 PX4 GB . 21.88 -17.84 25.10
C11 PX4 GB . 21.46 -18.20 26.53
C12 PX4 GB . 21.50 -19.73 26.66
C13 PX4 GB . 20.79 -20.13 27.95
C14 PX4 GB . 21.35 -19.43 29.20
C15 PX4 GB . 20.63 -20.20 30.32
C16 PX4 GB . 19.12 -20.09 30.31
C17 PX4 GB . 18.56 -20.56 31.66
C18 PX4 GB . 19.31 -19.84 32.79
C19 PX4 GB . 19.00 -20.52 34.11
C20 PX4 GB . 19.83 -20.00 35.28
C21 PX4 GB . 21.32 -20.19 35.01
C22 PX4 GB . 22.10 -19.61 36.19
O7 PX4 GB . 21.29 -22.62 23.78
C23 PX4 GB . 21.88 -23.73 24.30
O8 PX4 GB . 22.97 -24.12 23.89
C24 PX4 GB . 21.20 -24.42 25.49
C25 PX4 GB . 19.71 -24.65 25.20
C26 PX4 GB . 18.93 -25.28 26.35
C27 PX4 GB . 19.00 -24.41 27.61
C28 PX4 GB . 17.84 -24.78 28.52
C29 PX4 GB . 17.54 -23.84 29.68
C30 PX4 GB . 16.27 -24.28 30.41
C31 PX4 GB . 16.01 -23.79 31.84
C32 PX4 GB . 14.65 -24.36 32.29
C33 PX4 GB . 14.29 -23.90 33.71
C34 PX4 GB . 12.98 -24.56 34.13
C35 PX4 GB . 12.68 -23.92 35.49
C36 PX4 GB . 11.49 -24.61 36.16
O1 PX4 HB . -9.31 30.02 16.83
O2 PX4 HB . -6.76 29.66 17.61
P1 PX4 HB . -8.17 30.11 17.77
O3 PX4 HB . -8.75 29.20 18.98
C1 PX4 HB . -8.87 27.90 18.40
C2 PX4 HB . -9.31 26.77 19.34
N1 PX4 HB . -10.70 26.79 19.82
C3 PX4 HB . -10.57 27.54 21.09
C4 PX4 HB . -11.67 27.54 19.01
C5 PX4 HB . -11.08 25.39 20.03
O4 PX4 HB . -8.24 31.54 18.51
C6 PX4 HB . -9.33 31.75 19.40
C7 PX4 HB . -9.14 31.43 20.90
C8 PX4 HB . -7.85 32.21 21.21
O5 PX4 HB . -7.01 31.75 22.26
C9 PX4 HB . -5.80 32.35 22.30
O6 PX4 HB . -5.37 32.97 21.32
C10 PX4 HB . -4.95 32.14 23.56
C11 PX4 HB . -5.44 32.70 24.89
C12 PX4 HB . -4.83 31.94 26.07
C13 PX4 HB . -5.41 32.18 27.46
C14 PX4 HB . -6.86 31.70 27.59
C15 PX4 HB . -7.35 31.71 29.03
C16 PX4 HB . -6.65 30.76 30.00
C17 PX4 HB . -7.45 30.26 31.20
C18 PX4 HB . -8.52 29.23 30.85
C19 PX4 HB . -8.12 27.81 31.28
C20 PX4 HB . -7.89 27.89 32.78
C21 PX4 HB . -7.66 26.51 33.43
C22 PX4 HB . -7.61 26.56 34.96
O7 PX4 HB . -10.24 31.94 21.68
C23 PX4 HB . -11.50 31.45 21.60
O8 PX4 HB . -11.92 30.80 20.65
C24 PX4 HB . -12.54 32.11 22.52
C25 PX4 HB . -12.60 33.61 22.26
C26 PX4 HB . -13.07 34.31 23.55
C27 PX4 HB . -12.24 34.10 24.80
C28 PX4 HB . -12.82 34.99 25.91
C29 PX4 HB . -11.73 35.24 26.96
C30 PX4 HB . -11.95 34.20 28.05
C31 PX4 HB . -10.94 34.30 29.19
C32 PX4 HB . -11.11 33.35 30.38
C33 PX4 HB . -10.08 33.59 31.49
C34 PX4 HB . -10.21 32.43 32.46
C35 PX4 HB . -9.31 32.64 33.67
C36 PX4 HB . -9.84 31.81 34.85
O1 PX4 IB . -6.46 23.60 17.39
O2 PX4 IB . -5.99 26.04 18.04
P1 PX4 IB . -5.90 24.59 18.33
O3 PX4 IB . -4.35 24.12 18.36
C1 PX4 IB . -3.61 25.32 18.06
C2 PX4 IB . -2.09 25.22 17.95
N1 PX4 IB . -1.55 24.47 16.80
C3 PX4 IB . -0.11 24.75 16.60
C4 PX4 IB . -1.64 23.05 17.13
C5 PX4 IB . -2.28 24.74 15.55
O4 PX4 IB . -6.31 24.37 19.87
C6 PX4 IB . -5.96 23.07 20.34
C7 PX4 IB . -6.52 22.80 21.74
C8 PX4 IB . -5.86 23.87 22.60
O5 PX4 IB . -5.83 23.67 24.02
C9 PX4 IB . -4.99 22.67 24.41
O6 PX4 IB . -4.14 22.12 23.74
C10 PX4 IB . -4.95 22.60 25.95
C11 PX4 IB . -3.51 22.44 26.46
C12 PX4 IB . -3.47 22.54 27.99
C13 PX4 IB . -2.07 22.46 28.61
C14 PX4 IB . -1.44 21.18 28.10
C15 PX4 IB . 0.06 21.31 28.38
C16 PX4 IB . 0.73 22.58 27.87
C17 PX4 IB . 2.16 22.81 28.37
C18 PX4 IB . 2.68 24.08 27.70
C19 PX4 IB . 1.99 25.35 28.18
C20 PX4 IB . 2.68 26.54 27.51
C21 PX4 IB . 1.90 27.83 27.75
C22 PX4 IB . 2.43 29.08 27.06
O7 PX4 IB . -7.94 22.95 21.81
C23 PX4 IB . -8.70 21.85 21.62
O8 PX4 IB . -8.30 20.88 20.98
C24 PX4 IB . -10.20 21.84 21.93
C25 PX4 IB . -10.20 21.49 23.43
C26 PX4 IB . -11.49 20.86 23.96
C27 PX4 IB . -11.29 20.41 25.41
C28 PX4 IB . -12.65 20.30 26.11
C29 PX4 IB . -12.31 19.99 27.56
C30 PX4 IB . -13.52 19.62 28.42
C31 PX4 IB . -13.19 18.79 29.66
C32 PX4 IB . -14.44 18.49 30.49
C33 PX4 IB . -13.92 17.74 31.73
C34 PX4 IB . -15.14 17.31 32.56
C35 PX4 IB . -14.73 16.55 33.82
C36 PX4 IB . -16.01 16.11 34.51
O1 PX4 JB . 12.62 10.80 18.72
O2 PX4 JB . 12.03 13.19 17.90
P1 PX4 JB . 12.09 12.15 18.94
O3 PX4 JB . 13.41 12.72 19.65
C1 PX4 JB . 14.58 12.30 18.93
C2 PX4 JB . 15.77 13.15 19.38
N1 PX4 JB . 16.96 13.06 18.52
C3 PX4 JB . 17.34 11.67 18.23
C4 PX4 JB . 16.64 13.84 17.31
C5 PX4 JB . 18.03 13.73 19.24
O4 PX4 JB . 11.03 12.44 20.12
C6 PX4 JB . 11.41 11.48 21.09
C7 PX4 JB . 10.59 11.65 22.38
C8 PX4 JB . 9.50 10.58 22.40
O5 PX4 JB . 9.99 9.27 22.08
C9 PX4 JB . 9.16 8.21 22.18
O6 PX4 JB . 7.99 8.56 22.29
C10 PX4 JB . 9.78 6.84 22.49
C11 PX4 JB . 9.93 6.59 23.99
C12 PX4 JB . 10.17 5.10 24.26
C13 PX4 JB . 10.38 4.92 25.76
C14 PX4 JB . 10.56 3.41 26.00
C15 PX4 JB . 10.55 3.22 27.52
C16 PX4 JB . 10.48 1.75 27.87
C17 PX4 JB . 10.34 1.49 29.38
C18 PX4 JB . 10.14 0.03 29.77
C19 PX4 JB . 8.94 -0.78 29.29
C20 PX4 JB . 9.08 -2.25 29.66
C21 PX4 JB . 10.18 -2.96 28.87
C22 PX4 JB . 9.58 -3.19 27.47
O7 PX4 JB . 11.35 11.72 23.58
C23 PX4 JB . 10.88 12.64 24.47
O8 PX4 JB . 9.72 13.06 24.48
C24 PX4 JB . 11.70 12.89 25.73
C25 PX4 JB . 10.96 13.09 27.06
C26 PX4 JB . 12.17 13.48 27.91
C27 PX4 JB . 11.83 13.76 29.37
C28 PX4 JB . 13.10 14.23 30.10
C29 PX4 JB . 14.25 13.21 30.03
C30 PX4 JB . 15.40 13.69 30.89
C31 PX4 JB . 16.51 12.64 30.96
C32 PX4 JB . 17.70 13.20 31.73
C33 PX4 JB . 17.19 13.69 33.09
C34 PX4 JB . 18.43 14.22 33.82
C35 PX4 JB . 18.21 14.74 35.24
C36 PX4 JB . 18.01 13.56 36.18
O1 PX4 KB . -0.48 10.35 17.38
O2 PX4 KB . -1.19 10.50 14.92
P1 PX4 KB . -1.00 9.71 16.16
O3 PX4 KB . -2.52 9.32 16.54
C1 PX4 KB . -3.21 10.58 16.60
C2 PX4 KB . -4.71 10.39 16.76
N1 PX4 KB . -5.48 9.84 15.64
C3 PX4 KB . -5.04 10.34 14.33
C4 PX4 KB . -5.44 8.37 15.71
C5 PX4 KB . -6.92 10.11 15.84
O4 PX4 KB . -0.57 8.16 15.98
C6 PX4 KB . -1.33 7.13 16.59
C7 PX4 KB . -1.04 6.79 18.07
C8 PX4 KB . 0.40 7.28 18.31
O5 PX4 KB . 1.13 6.28 19.03
C9 PX4 KB . 2.28 6.63 19.67
O6 PX4 KB . 2.61 7.79 19.85
C10 PX4 KB . 2.93 5.49 20.48
C11 PX4 KB . 4.42 5.72 20.24
C12 PX4 KB . 5.15 4.76 21.18
C13 PX4 KB . 4.69 4.94 22.61
C14 PX4 KB . 5.66 4.37 23.64
C15 PX4 KB . 5.22 4.30 25.10
C16 PX4 KB . 6.31 3.63 25.94
C17 PX4 KB . 5.73 3.51 27.35
C18 PX4 KB . 6.64 2.82 28.38
C19 PX4 KB . 6.00 2.49 29.73
C20 PX4 KB . 6.89 1.88 30.80
C21 PX4 KB . 6.14 1.70 32.13
C22 PX4 KB . 5.59 2.98 32.75
O7 PX4 KB . -1.98 7.34 19.00
C23 PX4 KB . -3.20 6.77 19.12
O8 PX4 KB . -3.71 6.06 18.25
C24 PX4 KB . -3.96 7.50 20.23
C25 PX4 KB . -3.25 7.31 21.58
C26 PX4 KB . -4.01 8.11 22.62
C27 PX4 KB . -3.47 7.83 24.03
C28 PX4 KB . -4.26 8.63 25.07
C29 PX4 KB . -4.00 8.03 26.45
C30 PX4 KB . -4.50 8.96 27.55
C31 PX4 KB . -4.22 8.56 29.00
C32 PX4 KB . -4.89 9.47 30.02
C33 PX4 KB . -4.72 9.14 31.51
C34 PX4 KB . -4.95 7.65 31.77
C35 PX4 KB . -4.19 7.34 33.05
C36 PX4 KB . -4.60 5.94 33.53
O1 PX4 LB . 13.45 -11.00 18.37
O2 PX4 LB . 12.95 -8.59 17.40
P1 PX4 LB . 13.38 -9.51 18.48
O3 PX4 LB . 14.79 -8.85 18.83
C1 PX4 LB . 15.82 -9.83 18.65
C2 PX4 LB . 17.02 -9.42 17.79
N1 PX4 LB . 17.77 -10.44 17.07
C3 PX4 LB . 16.90 -11.23 16.18
C4 PX4 LB . 18.63 -9.69 16.13
C5 PX4 LB . 18.72 -11.27 17.83
O4 PX4 LB . 12.80 -9.17 19.94
C6 PX4 LB . 12.87 -10.36 20.72
C7 PX4 LB . 13.79 -10.39 21.95
C8 PX4 LB . 13.96 -8.90 22.28
O5 PX4 LB . 15.33 -8.65 22.64
C9 PX4 LB . 15.63 -7.33 22.79
O6 PX4 LB . 14.74 -6.53 22.48
C10 PX4 LB . 17.11 -7.05 23.09
C11 PX4 LB . 17.59 -8.01 24.19
C12 PX4 LB . 19.07 -7.76 24.46
C13 PX4 LB . 19.38 -8.57 25.72
C14 PX4 LB . 20.81 -8.32 26.21
C15 PX4 LB . 20.97 -9.00 27.58
C16 PX4 LB . 22.45 -9.04 28.00
C17 PX4 LB . 22.94 -7.61 28.29
C18 PX4 LB . 24.29 -7.64 28.98
C19 PX4 LB . 25.40 -8.12 28.03
C20 PX4 LB . 26.63 -8.49 28.87
C21 PX4 LB . 27.76 -8.98 27.96
C22 PX4 LB . 27.47 -10.25 27.17
O7 PX4 LB . 13.29 -11.28 22.94
C23 PX4 LB . 13.76 -12.55 22.85
O8 PX4 LB . 14.64 -12.74 22.02
C24 PX4 LB . 13.31 -13.60 23.88
C25 PX4 LB . 12.13 -14.39 23.32
C26 PX4 LB . 11.10 -13.56 22.53
C27 PX4 LB . 9.81 -14.32 22.28
C28 PX4 LB . 9.20 -14.59 23.65
C29 PX4 LB . 7.83 -15.26 23.51
C30 PX4 LB . 7.52 -15.98 24.82
C31 PX4 LB . 7.32 -15.05 26.01
C32 PX4 LB . 6.64 -15.73 27.19
C33 PX4 LB . 6.19 -14.88 28.38
C34 PX4 LB . 5.32 -15.68 29.33
C35 PX4 LB . 4.92 -14.84 30.55
C36 PX4 LB . 4.38 -15.80 31.60
O1 PX4 MB . 21.29 2.26 19.73
O2 PX4 MB . 20.58 1.85 17.24
P1 PX4 MB . 20.29 2.22 18.65
O3 PX4 MB . 19.89 3.78 18.44
C1 PX4 MB . 18.67 4.06 17.76
C2 PX4 MB . 18.66 5.47 17.17
N1 PX4 MB . 17.33 5.99 16.80
C3 PX4 MB . 16.23 5.80 17.77
C4 PX4 MB . 17.46 7.45 16.69
C5 PX4 MB . 16.86 5.39 15.54
O4 PX4 MB . 18.86 1.60 19.08
C6 PX4 MB . 18.94 1.43 20.49
C7 PX4 MB . 17.55 1.40 21.13
C8 PX4 MB . 17.09 -0.05 20.98
O5 PX4 MB . 17.86 -1.11 21.53
C9 PX4 MB . 17.23 -1.90 22.44
O6 PX4 MB . 16.05 -1.62 22.67
C10 PX4 MB . 18.07 -2.97 23.14
C11 PX4 MB . 17.47 -3.44 24.47
C12 PX4 MB . 18.40 -4.27 25.34
C13 PX4 MB . 17.83 -4.81 26.65
C14 PX4 MB . 18.99 -5.21 27.57
C15 PX4 MB . 18.39 -6.19 28.58
C16 PX4 MB . 19.39 -6.53 29.68
C17 PX4 MB . 18.78 -7.14 30.96
C18 PX4 MB . 18.14 -8.40 30.36
C19 PX4 MB . 17.82 -9.26 31.57
C20 PX4 MB . 17.12 -10.52 31.08
C21 PX4 MB . 17.95 -11.15 29.96
C22 PX4 MB . 17.48 -12.53 29.49
O7 PX4 MB . 17.47 2.02 22.42
C23 PX4 MB . 17.61 3.35 22.64
O8 PX4 MB . 18.01 4.11 21.76
C24 PX4 MB . 17.38 3.75 24.11
C25 PX4 MB . 16.49 4.99 24.24
C26 PX4 MB . 16.53 5.51 25.68
C27 PX4 MB . 15.66 4.65 26.61
C28 PX4 MB . 16.16 4.71 28.06
C29 PX4 MB . 15.26 3.81 28.91
C30 PX4 MB . 15.73 3.75 30.38
C31 PX4 MB . 15.11 2.57 31.13
C32 PX4 MB . 15.86 2.38 32.45
C33 PX4 MB . 15.44 3.45 33.47
C34 PX4 MB . 13.94 3.51 33.77
C35 PX4 MB . 13.81 4.42 35.00
C36 PX4 MB . 12.37 4.62 35.45
O1 PX4 NB . -18.72 16.29 21.52
O2 PX4 NB . -19.34 16.69 19.07
P1 PX4 NB . -19.53 16.99 20.51
O3 PX4 NB . -18.94 18.50 20.62
C1 PX4 NB . -17.57 18.51 20.22
C2 PX4 NB . -17.10 19.79 19.54
N1 PX4 NB . -17.37 19.98 18.11
C3 PX4 NB . -16.95 18.82 17.32
C4 PX4 NB . -18.84 20.03 17.95
C5 PX4 NB . -16.90 21.29 17.64
O4 PX4 NB . -20.98 17.35 21.09
C6 PX4 NB . -20.74 17.53 22.47
C7 PX4 NB . -21.93 18.35 23.02
C8 PX4 NB . -23.25 17.79 22.51
O5 PX4 NB . -24.27 18.75 22.23
C9 PX4 NB . -25.48 18.13 22.06
O6 PX4 NB . -25.64 16.91 22.01
C10 PX4 NB . -26.55 19.16 21.74
C11 PX4 NB . -26.68 20.42 22.59
C12 PX4 NB . -28.07 21.02 22.39
C13 PX4 NB . -28.41 21.58 23.77
C14 PX4 NB . -29.84 22.12 23.71
C15 PX4 NB . -30.31 22.47 25.12
C16 PX4 NB . -31.73 23.02 25.02
C17 PX4 NB . -32.33 23.26 26.40
C18 PX4 NB . -33.83 23.58 26.31
C19 PX4 NB . -34.20 24.55 27.44
C20 PX4 NB . -35.68 24.89 27.34
C21 PX4 NB . -36.17 25.39 28.70
C22 PX4 NB . -37.70 25.44 28.68
O7 PX4 NB . -21.89 18.49 24.43
C23 PX4 NB . -21.07 19.40 25.03
O8 PX4 NB . -20.21 20.01 24.39
C24 PX4 NB . -21.31 19.54 26.54
C25 PX4 NB . -22.24 20.76 26.67
C26 PX4 NB . -22.81 20.84 28.09
C27 PX4 NB . -23.79 19.70 28.38
C28 PX4 NB . -24.27 19.75 29.82
C29 PX4 NB . -25.07 18.53 30.26
C30 PX4 NB . -25.89 18.74 31.54
C31 PX4 NB . -26.42 17.35 31.90
C32 PX4 NB . -25.19 16.51 32.25
C33 PX4 NB . -24.54 16.82 33.60
C34 PX4 NB . -25.67 16.50 34.59
C35 PX4 NB . -25.15 16.56 36.02
C36 PX4 NB . -24.17 15.38 36.07
O1 PX4 OB . -18.93 27.01 22.59
O2 PX4 OB . -19.05 27.05 19.94
P1 PX4 OB . -18.58 26.51 21.24
O3 PX4 OB . -19.14 25.01 21.31
C1 PX4 OB . -20.54 25.31 21.36
C2 PX4 OB . -21.42 24.22 21.95
N1 PX4 OB . -21.52 23.94 23.40
C3 PX4 OB . -20.17 23.71 23.96
C4 PX4 OB . -22.26 24.96 24.16
C5 PX4 OB . -22.27 22.70 23.53
O4 PX4 OB . -17.04 26.02 21.09
C6 PX4 OB . -16.59 25.38 22.28
C7 PX4 OB . -15.82 24.08 22.01
C8 PX4 OB . -14.37 24.43 22.32
O5 PX4 OB . -14.03 24.92 23.62
C9 PX4 OB . -12.69 24.76 23.86
O6 PX4 OB . -11.89 24.70 22.93
C10 PX4 OB . -12.10 25.10 25.22
C11 PX4 OB . -12.59 24.05 26.21
C12 PX4 OB . -12.58 24.82 27.53
C13 PX4 OB . -12.99 23.83 28.64
C14 PX4 OB . -12.98 24.40 30.07
C15 PX4 OB . -11.69 25.14 30.44
C16 PX4 OB . -11.81 25.51 31.91
C17 PX4 OB . -11.79 24.27 32.81
C18 PX4 OB . -12.18 24.57 34.26
C19 PX4 OB . -11.33 25.64 34.96
C20 PX4 OB . -11.58 25.56 36.46
C21 PX4 OB . -11.21 24.10 36.78
C22 PX4 OB . -9.79 23.99 37.35
O7 PX4 OB . -16.36 22.98 22.76
C23 PX4 OB . -15.89 21.72 22.79
O8 PX4 OB . -14.98 21.39 22.04
C24 PX4 OB . -16.75 20.78 23.66
C25 PX4 OB . -16.10 19.41 23.82
C26 PX4 OB . -17.01 18.48 24.64
C27 PX4 OB . -17.30 19.12 26.00
C28 PX4 OB . -17.57 18.03 27.04
C29 PX4 OB . -17.81 18.71 28.37
C30 PX4 OB . -18.39 17.78 29.44
C31 PX4 OB . -18.53 18.41 30.83
C32 PX4 OB . -19.53 17.69 31.75
C33 PX4 OB . -19.84 18.67 32.89
C34 PX4 OB . -20.48 17.74 33.92
C35 PX4 OB . -20.50 18.57 35.22
C36 PX4 OB . -19.08 18.76 35.76
O1 PX4 PB . 5.43 22.19 47.85
O2 PX4 PB . 2.89 21.86 47.35
P1 PX4 PB . 4.31 21.93 46.91
O3 PX4 PB . 4.68 20.46 46.36
C1 PX4 PB . 5.25 19.63 47.36
C2 PX4 PB . 5.86 18.29 46.92
N1 PX4 PB . 5.31 17.49 45.81
C3 PX4 PB . 5.86 16.13 45.94
C4 PX4 PB . 3.87 17.20 45.77
C5 PX4 PB . 5.67 18.10 44.53
O4 PX4 PB . 4.29 22.88 45.63
C6 PX4 PB . 3.60 22.13 44.62
C7 PX4 PB . 3.50 22.62 43.17
C8 PX4 PB . 4.58 21.82 42.43
O5 PX4 PB . 5.74 22.64 42.36
C9 PX4 PB . 6.93 21.99 42.27
O6 PX4 PB . 6.89 20.79 42.52
C10 PX4 PB . 8.17 22.86 42.03
C11 PX4 PB . 8.00 23.71 40.76
C12 PX4 PB . 9.31 24.38 40.31
C13 PX4 PB . 9.05 24.91 38.89
C14 PX4 PB . 8.43 23.88 37.94
C15 PX4 PB . 8.12 24.52 36.58
C16 PX4 PB . 9.34 25.20 36.00
C17 PX4 PB . 9.03 26.02 34.74
C18 PX4 PB . 8.29 27.33 34.92
C19 PX4 PB . 7.93 27.89 33.54
C20 PX4 PB . 6.95 29.03 33.78
C21 PX4 PB . 5.81 28.36 34.57
C22 PX4 PB . 4.65 29.36 34.55
O7 PX4 PB . 2.28 22.47 42.44
C23 PX4 PB . 1.30 23.32 42.81
O8 PX4 PB . 1.30 23.98 43.85
C24 PX4 PB . 0.09 23.47 41.89
C25 PX4 PB . -0.15 22.09 41.29
C26 PX4 PB . -1.59 22.03 40.76
C27 PX4 PB . -1.75 23.00 39.59
C28 PX4 PB . -0.85 22.45 38.48
C29 PX4 PB . -0.84 23.50 37.38
C30 PX4 PB . -0.31 22.95 36.06
C31 PX4 PB . -0.16 23.97 34.93
C32 PX4 PB . 0.35 23.30 33.66
C33 PX4 PB . -0.67 22.25 33.22
C34 PX4 PB . -0.14 21.30 32.12
C35 PX4 PB . 1.06 20.54 32.68
C36 PX4 PB . 1.70 19.82 31.48
O1 PX4 QB . 23.16 17.09 48.42
O2 PX4 QB . 20.72 17.91 48.04
P1 PX4 QB . 21.96 17.23 47.59
O3 PX4 QB . 21.39 15.79 47.12
C1 PX4 QB . 22.56 15.02 46.90
C2 PX4 QB . 22.28 13.54 46.65
N1 PX4 QB . 21.86 13.15 45.30
C3 PX4 QB . 22.63 13.76 44.20
C4 PX4 QB . 22.16 11.71 45.16
C5 PX4 QB . 20.44 13.41 45.08
O4 PX4 QB . 22.29 17.73 46.10
C6 PX4 QB . 21.33 18.59 45.47
C7 PX4 QB . 20.99 18.19 44.03
C8 PX4 QB . 22.32 17.72 43.43
O5 PX4 QB . 22.42 18.01 42.03
C9 PX4 QB . 23.45 17.42 41.39
O6 PX4 QB . 24.16 16.57 41.94
C10 PX4 QB . 23.89 18.03 40.05
C11 PX4 QB . 24.29 16.93 39.06
C12 PX4 QB . 24.47 17.57 37.68
C13 PX4 QB . 24.19 16.58 36.55
C14 PX4 QB . 22.77 16.06 36.74
C15 PX4 QB . 22.33 15.34 35.46
C16 PX4 QB . 22.18 16.24 34.22
C17 PX4 QB . 21.79 15.30 33.06
C18 PX4 QB . 21.91 15.86 31.65
C19 PX4 QB . 21.73 14.82 30.53
C20 PX4 QB . 21.99 15.40 29.13
C21 PX4 QB . 21.78 14.34 28.06
C22 PX4 QB . 21.85 14.81 26.60
O7 PX4 QB . 19.95 17.23 43.90
C23 PX4 QB . 18.65 17.62 44.06
O8 PX4 QB . 18.27 18.70 44.50
C24 PX4 QB . 17.55 16.63 43.66
C25 PX4 QB . 16.75 16.91 42.39
C26 PX4 QB . 15.56 15.96 42.19
C27 PX4 QB . 14.51 16.46 41.20
C28 PX4 QB . 13.32 15.51 41.20
C29 PX4 QB . 12.12 16.23 40.53
C30 PX4 QB . 10.80 15.46 40.48
C31 PX4 QB . 9.65 16.35 40.01
C32 PX4 QB . 8.31 15.61 40.13
C33 PX4 QB . 7.15 16.48 39.65
C34 PX4 QB . 7.10 17.71 40.56
C35 PX4 QB . 6.04 18.76 40.21
C36 PX4 QB . 6.47 19.55 38.97
O1 PX4 RB . 17.01 10.82 47.72
O2 PX4 RB . 19.61 10.66 47.36
P1 PX4 RB . 18.27 11.24 47.06
O3 PX4 RB . 18.50 12.81 47.36
C1 PX4 RB . 18.58 13.07 48.77
C2 PX4 RB . 18.71 14.56 49.07
N1 PX4 RB . 17.72 15.53 48.58
C3 PX4 RB . 17.85 16.69 49.47
C4 PX4 RB . 18.13 15.85 47.21
C5 PX4 RB . 16.40 14.91 48.45
O4 PX4 RB . 17.98 11.52 45.51
C6 PX4 RB . 16.70 12.15 45.32
C7 PX4 RB . 16.27 12.53 43.91
C8 PX4 RB . 17.50 12.23 43.05
O5 PX4 RB . 17.82 13.25 42.09
C9 PX4 RB . 18.64 12.89 41.07
O6 PX4 RB . 19.23 11.82 41.15
C10 PX4 RB . 19.00 13.90 39.97
C11 PX4 RB . 19.69 15.10 40.61
C12 PX4 RB . 19.87 16.28 39.65
C13 PX4 RB . 18.57 16.70 38.96
C14 PX4 RB . 18.69 18.19 38.62
C15 PX4 RB . 17.68 18.94 37.76
C16 PX4 RB . 16.25 18.81 38.26
C17 PX4 RB . 15.26 19.16 37.15
C18 PX4 RB . 15.41 18.16 36.00
C19 PX4 RB . 14.41 18.50 34.91
C20 PX4 RB . 14.51 17.45 33.81
C21 PX4 RB . 13.94 17.99 32.48
C22 PX4 RB . 12.45 18.33 32.55
O7 PX4 RB . 15.17 11.68 43.50
C23 PX4 RB . 13.92 12.12 43.71
O8 PX4 RB . 13.69 13.05 44.48
C24 PX4 RB . 12.82 11.16 43.24
C25 PX4 RB . 12.02 11.84 42.13
C26 PX4 RB . 11.05 11.01 41.31
C27 PX4 RB . 10.44 11.70 40.08
C28 PX4 RB . 10.15 10.68 38.98
C29 PX4 RB . 11.47 10.09 38.47
C30 PX4 RB . 11.04 9.07 37.42
C31 PX4 RB . 10.61 9.74 36.11
C32 PX4 RB . 10.70 8.64 35.05
C33 PX4 RB . 10.41 9.37 33.75
C34 PX4 RB . 11.48 10.30 33.18
C35 PX4 RB . 11.08 10.92 31.82
C36 PX4 RB . 9.74 11.59 32.10
O1 PX4 SB . -19.36 23.12 56.95
O2 PX4 SB . -21.78 23.86 57.61
P1 PX4 SB . -20.83 22.97 56.89
O3 PX4 SB . -21.16 21.51 57.50
C1 PX4 SB . -21.53 21.63 58.89
C2 PX4 SB . -21.62 20.26 59.55
N1 PX4 SB . -22.74 19.36 59.21
C3 PX4 SB . -22.72 19.08 57.76
C4 PX4 SB . -22.55 18.00 59.75
C5 PX4 SB . -24.08 19.77 59.63
O4 PX4 SB . -21.33 22.80 55.38
C6 PX4 SB . -21.08 21.45 54.96
C7 PX4 SB . -21.64 21.33 53.55
C8 PX4 SB . -20.72 22.27 52.76
O5 PX4 SB . -21.20 22.84 51.55
C9 PX4 SB . -20.46 23.80 50.94
O6 PX4 SB . -19.44 24.13 51.53
C10 PX4 SB . -20.93 24.31 49.56
C11 PX4 SB . -21.91 23.33 48.93
C12 PX4 SB . -21.24 22.21 48.11
C13 PX4 SB . -22.44 21.42 47.55
C14 PX4 SB . -21.75 20.22 46.89
C15 PX4 SB . -20.77 20.59 45.76
C16 PX4 SB . -20.06 19.37 45.15
C17 PX4 SB . -19.45 19.77 43.81
C18 PX4 SB . -18.74 18.55 43.22
C19 PX4 SB . -18.25 18.96 41.84
C20 PX4 SB . -17.60 17.80 41.07
C21 PX4 SB . -17.35 18.43 39.70
C22 PX4 SB . -16.81 17.39 38.74
O7 PX4 SB . -21.66 20.01 52.99
C23 PX4 SB . -22.52 19.82 51.96
O8 PX4 SB . -23.27 20.68 51.48
C24 PX4 SB . -22.74 18.36 51.51
C25 PX4 SB . -23.49 18.24 50.18
C26 PX4 SB . -23.21 17.01 49.31
C27 PX4 SB . -23.73 17.18 47.89
C28 PX4 SB . -23.36 15.92 47.09
C29 PX4 SB . -23.75 14.73 47.94
C30 PX4 SB . -23.46 13.37 47.30
C31 PX4 SB . -24.26 13.29 45.98
C32 PX4 SB . -24.04 12.09 45.04
C33 PX4 SB . -24.39 12.49 43.60
C34 PX4 SB . -24.38 11.31 42.62
C35 PX4 SB . -24.83 11.80 41.24
C36 PX4 SB . -25.14 10.80 40.14
O1 PX4 TB . 40.95 7.68 49.20
O2 PX4 TB . 43.49 8.22 49.41
P1 PX4 TB . 42.15 8.45 48.80
O3 PX4 TB . 41.84 9.98 49.11
C1 PX4 TB . 42.98 10.82 48.89
C2 PX4 TB . 42.57 12.28 48.79
N1 PX4 TB . 41.89 12.78 47.57
C3 PX4 TB . 41.60 14.18 47.93
C4 PX4 TB . 42.81 12.71 46.43
C5 PX4 TB . 40.60 12.18 47.25
O4 PX4 TB . 42.06 8.63 47.21
C6 PX4 TB . 40.81 8.15 46.70
C7 PX4 TB . 40.62 8.10 45.18
C8 PX4 TB . 41.59 9.22 44.76
O5 PX4 TB . 40.95 10.35 44.15
C9 PX4 TB . 41.78 11.12 43.39
O6 PX4 TB . 42.99 11.00 43.59
C10 PX4 TB . 41.25 12.27 42.52
C11 PX4 TB . 41.30 11.76 41.08
C12 PX4 TB . 40.93 12.97 40.21
C13 PX4 TB . 41.10 12.61 38.74
C14 PX4 TB . 40.91 13.89 37.92
C15 PX4 TB . 40.57 13.59 36.45
C16 PX4 TB . 40.53 14.81 35.52
C17 PX4 TB . 39.96 14.40 34.16
C18 PX4 TB . 40.21 15.57 33.20
C19 PX4 TB . 40.02 16.97 33.79
C20 PX4 TB . 40.51 18.04 32.83
C21 PX4 TB . 40.47 19.39 33.54
C22 PX4 TB . 41.01 20.43 32.57
O7 PX4 TB . 41.15 6.93 44.58
C23 PX4 TB . 40.59 5.69 44.72
O8 PX4 TB . 39.75 5.48 45.60
C24 PX4 TB . 41.10 4.51 43.92
C25 PX4 TB . 40.83 4.64 42.41
C26 PX4 TB . 41.36 3.42 41.64
C27 PX4 TB . 40.99 3.72 40.19
C28 PX4 TB . 41.40 2.54 39.30
C29 PX4 TB . 41.24 2.60 37.77
C30 PX4 TB . 39.79 2.38 37.32
C31 PX4 TB . 39.80 2.11 35.81
C32 PX4 TB . 40.59 3.23 35.12
C33 PX4 TB . 40.75 2.64 33.72
C34 PX4 TB . 39.47 2.16 33.05
C35 PX4 TB . 39.74 1.40 31.75
C36 PX4 TB . 38.54 0.78 31.04
O1 PX4 UB . -5.75 47.96 53.33
O2 PX4 UB . -4.52 45.90 54.43
P1 PX4 UB . -4.60 47.03 53.50
O3 PX4 UB . -3.22 47.85 53.41
C1 PX4 UB . -3.43 49.15 52.84
C2 PX4 UB . -3.16 50.31 53.80
N1 PX4 UB . -1.78 50.66 54.13
C3 PX4 UB . -1.85 51.81 55.05
C4 PX4 UB . -1.05 49.54 54.75
C5 PX4 UB . -1.11 51.20 52.94
O4 PX4 UB . -4.43 46.29 52.08
C6 PX4 UB . -3.17 45.63 52.09
C7 PX4 UB . -2.86 45.11 50.68
C8 PX4 UB . -4.18 45.34 49.91
O5 PX4 UB . -4.30 44.36 48.87
C9 PX4 UB . -5.32 44.62 48.03
O6 PX4 UB . -5.85 45.73 48.00
C10 PX4 UB . -5.89 43.52 47.11
C11 PX4 UB . -4.62 42.73 46.77
C12 PX4 UB . -5.11 41.73 45.71
C13 PX4 UB . -5.28 42.46 44.36
C14 PX4 UB . -5.65 41.44 43.30
C15 PX4 UB . -5.81 42.11 41.93
C16 PX4 UB . -6.00 40.93 40.98
C17 PX4 UB . -5.94 41.29 39.49
C18 PX4 UB . -6.26 40.22 38.46
C19 PX4 UB . -6.09 40.64 36.99
C20 PX4 UB . -4.63 41.10 36.95
C21 PX4 UB . -4.16 41.19 35.50
C22 PX4 UB . -2.79 41.80 35.19
O7 PX4 UB . -1.71 45.63 50.01
C23 PX4 UB . -0.88 44.72 49.45
O8 PX4 UB . -1.00 43.53 49.74
C24 PX4 UB . 0.12 45.22 48.40
C25 PX4 UB . -0.61 44.88 47.08
C26 PX4 UB . 0.06 45.48 45.84
C27 PX4 UB . -0.89 45.20 44.68
C28 PX4 UB . -0.54 45.92 43.37
C29 PX4 UB . -0.61 47.43 43.62
C30 PX4 UB . 0.07 48.02 42.39
C31 PX4 UB . 0.39 49.51 42.50
C32 PX4 UB . -0.93 50.23 42.79
C33 PX4 UB . -0.87 51.76 42.79
C34 PX4 UB . -2.24 52.13 43.36
C35 PX4 UB . -3.34 51.46 42.53
C36 PX4 UB . -4.73 51.67 43.11
O1 PX4 VB . -29.24 -8.63 59.86
O2 PX4 VB . -31.67 -8.51 59.04
P1 PX4 VB . -30.24 -8.84 58.80
O3 PX4 VB . -30.27 -10.42 58.48
C1 PX4 VB . -30.37 -11.14 59.70
C2 PX4 VB . -31.28 -12.37 59.53
N1 PX4 VB . -32.74 -12.29 59.44
C3 PX4 VB . -33.37 -13.58 59.77
C4 PX4 VB . -33.27 -11.11 60.15
C5 PX4 VB . -33.04 -12.07 58.03
O4 PX4 VB . -29.76 -8.20 57.40
C6 PX4 VB . -30.69 -8.67 56.42
C7 PX4 VB . -30.28 -8.54 54.95
C8 PX4 VB . -28.91 -7.87 55.06
O5 PX4 VB . -28.67 -6.78 54.15
C9 PX4 VB . -27.35 -6.49 54.00
O6 PX4 VB . -26.47 -7.13 54.58
C10 PX4 VB . -26.99 -5.07 53.52
C11 PX4 VB . -26.70 -5.22 52.02
C12 PX4 VB . -26.86 -3.86 51.34
C13 PX4 VB . -26.69 -3.95 49.82
C14 PX4 VB . -26.18 -2.62 49.24
C15 PX4 VB . -25.83 -2.86 47.78
C16 PX4 VB . -25.53 -1.48 47.19
C17 PX4 VB . -25.00 -1.64 45.76
C18 PX4 VB . -25.00 -0.35 44.92
C19 PX4 VB . -24.23 -0.60 43.63
C20 PX4 VB . -24.49 0.59 42.70
C21 PX4 VB . -23.59 0.57 41.47
C22 PX4 VB . -24.17 1.33 40.29
O7 PX4 VB . -30.23 -9.76 54.22
C23 PX4 VB . -31.37 -10.35 53.78
O8 PX4 VB . -32.47 -9.90 54.13
C24 PX4 VB . -31.26 -11.55 52.84
C25 PX4 VB . -31.51 -11.10 51.40
C26 PX4 VB . -32.11 -12.13 50.43
C27 PX4 VB . -32.02 -11.73 48.97
C28 PX4 VB . -32.35 -12.95 48.10
C29 PX4 VB . -31.89 -12.66 46.68
C30 PX4 VB . -32.10 -13.90 45.80
C31 PX4 VB . -31.36 -13.83 44.46
C32 PX4 VB . -31.30 -15.13 43.66
C33 PX4 VB . -30.34 -15.07 42.48
C34 PX4 VB . -30.40 -16.33 41.60
C35 PX4 VB . -29.39 -16.34 40.46
C36 PX4 VB . -29.76 -17.37 39.39
O1 PX4 WB . -3.62 35.40 48.66
O2 PX4 WB . -4.70 37.17 47.04
P1 PX4 WB . -3.83 36.02 47.32
O3 PX4 WB . -4.26 34.89 46.25
C1 PX4 WB . -5.58 34.40 46.46
C2 PX4 WB . -5.71 33.14 45.60
N1 PX4 WB . -5.35 31.85 46.22
C3 PX4 WB . -5.98 31.49 47.49
C4 PX4 WB . -5.81 30.85 45.24
C5 PX4 WB . -3.90 31.71 46.35
O4 PX4 WB . -2.40 36.58 46.87
C6 PX4 WB . -2.46 36.97 45.49
C7 PX4 WB . -1.17 37.51 44.88
C8 PX4 WB . -0.64 36.51 43.84
O5 PX4 WB . -1.26 35.22 43.89
C9 PX4 WB . -0.83 34.34 42.94
O6 PX4 WB . 0.04 34.61 42.12
C10 PX4 WB . -1.57 33.02 42.99
C11 PX4 WB . -2.66 33.00 41.92
C12 PX4 WB . -3.59 31.79 42.07
C13 PX4 WB . -4.70 31.77 41.02
C14 PX4 WB . -5.77 30.73 41.39
C15 PX4 WB . -6.75 30.36 40.27
C16 PX4 WB . -7.39 29.03 40.65
C17 PX4 WB . -8.43 28.64 39.57
C18 PX4 WB . -9.08 27.30 39.90
C19 PX4 WB . -9.82 27.16 41.24
C20 PX4 WB . -10.66 25.87 41.22
C21 PX4 WB . -9.86 24.60 40.94
C22 PX4 WB . -10.78 23.41 41.18
O7 PX4 WB . -1.27 38.81 44.27
C23 PX4 WB . -1.09 39.93 45.01
O8 PX4 WB . -0.85 39.86 46.21
C24 PX4 WB . -1.12 41.24 44.21
C25 PX4 WB . -0.23 41.17 42.97
C26 PX4 WB . -0.40 42.38 42.06
C27 PX4 WB . -1.71 42.26 41.26
C28 PX4 WB . -1.85 43.08 39.97
C29 PX4 WB . -0.61 42.88 39.06
C30 PX4 WB . -0.61 44.02 38.05
C31 PX4 WB . -0.69 45.48 38.55
C32 PX4 WB . -0.20 46.38 37.44
C33 PX4 WB . -0.45 47.82 37.89
C34 PX4 WB . -1.83 48.28 37.39
C35 PX4 WB . -2.30 49.66 37.84
C36 PX4 WB . -2.41 49.66 39.36
O1 PX4 XB . 11.65 38.26 50.55
O2 PX4 XB . 10.45 37.74 52.75
P1 PX4 XB . 11.20 37.28 51.56
O3 PX4 XB . 12.43 36.44 52.20
C1 PX4 XB . 13.64 36.43 51.44
C2 PX4 XB . 14.70 35.46 51.95
N1 PX4 XB . 14.94 35.29 53.40
C3 PX4 XB . 16.21 34.58 53.60
C4 PX4 XB . 14.99 36.50 54.22
C5 PX4 XB . 13.88 34.36 53.84
O4 PX4 XB . 10.54 36.09 50.71
C6 PX4 XB . 10.75 36.13 49.29
C7 PX4 XB . 10.97 34.76 48.66
C8 PX4 XB . 9.80 34.48 47.73
O5 PX4 XB . 9.24 35.68 47.21
C9 PX4 XB . 8.22 35.47 46.32
O6 PX4 XB . 7.60 34.40 46.23
C10 PX4 XB . 7.55 36.75 45.85
C11 PX4 XB . 7.39 36.91 44.34
C12 PX4 XB . 8.78 36.81 43.69
C13 PX4 XB . 8.61 36.78 42.16
C14 PX4 XB . 7.81 37.99 41.67
C15 PX4 XB . 7.73 38.10 40.16
C16 PX4 XB . 7.22 39.45 39.62
C17 PX4 XB . 6.89 39.51 38.13
C18 PX4 XB . 5.96 40.72 37.95
C19 PX4 XB . 5.63 40.95 36.48
C20 PX4 XB . 6.88 41.42 35.72
C21 PX4 XB . 6.46 41.76 34.28
C22 PX4 XB . 7.68 41.88 33.36
O7 PX4 XB . 12.28 34.63 48.10
C23 PX4 XB . 13.22 33.81 48.65
O8 PX4 XB . 12.87 32.92 49.42
C24 PX4 XB . 14.53 33.81 47.88
C25 PX4 XB . 14.51 32.78 46.76
C26 PX4 XB . 15.88 32.76 46.08
C27 PX4 XB . 15.98 31.60 45.09
C28 PX4 XB . 15.00 31.58 43.92
C29 PX4 XB . 15.56 30.57 42.93
C30 PX4 XB . 14.58 30.14 41.85
C31 PX4 XB . 15.21 29.05 40.95
C32 PX4 XB . 14.37 28.93 39.67
C33 PX4 XB . 12.97 28.37 39.89
C34 PX4 XB . 12.21 28.39 38.56
C35 PX4 XB . 12.89 27.32 37.71
C36 PX4 XB . 12.53 27.67 36.26
O1 PX4 YB . 31.44 15.42 48.02
O2 PX4 YB . 31.80 13.01 48.95
P1 PX4 YB . 32.27 14.21 48.22
O3 PX4 YB . 33.55 14.77 49.02
C1 PX4 YB . 33.18 15.16 50.34
C2 PX4 YB . 34.37 15.63 51.17
N1 PX4 YB . 35.06 16.85 50.72
C3 PX4 YB . 34.05 17.91 50.53
C4 PX4 YB . 35.99 17.37 51.72
C5 PX4 YB . 35.80 16.68 49.47
O4 PX4 YB . 33.05 13.71 46.91
C6 PX4 YB . 34.03 14.70 46.59
C7 PX4 YB . 34.56 14.57 45.16
C8 PX4 YB . 33.48 14.13 44.17
O5 PX4 YB . 33.50 12.83 43.58
C9 PX4 YB . 32.78 12.61 42.45
O6 PX4 YB . 31.68 13.16 42.38
C10 PX4 YB . 33.24 11.40 41.63
C11 PX4 YB . 34.44 11.82 40.78
C12 PX4 YB . 34.74 10.59 39.93
C13 PX4 YB . 35.85 10.98 38.96
C14 PX4 YB . 35.90 9.89 37.89
C15 PX4 YB . 36.94 10.30 36.84
C16 PX4 YB . 37.02 9.47 35.57
C17 PX4 YB . 38.15 9.97 34.66
C18 PX4 YB . 38.19 9.36 33.27
C19 PX4 YB . 39.32 10.01 32.45
C20 PX4 YB . 39.54 9.41 31.06
C21 PX4 YB . 40.73 10.05 30.36
C22 PX4 YB . 40.88 9.61 28.90
O7 PX4 YB . 35.32 15.72 44.80
C23 PX4 YB . 36.51 16.01 45.41
O8 PX4 YB . 36.92 15.34 46.35
C24 PX4 YB . 37.14 17.35 45.03
C25 PX4 YB . 38.12 17.79 46.12
C26 PX4 YB . 38.93 18.93 45.50
C27 PX4 YB . 39.90 19.64 46.44
C28 PX4 YB . 40.53 20.93 45.90
C29 PX4 YB . 41.30 20.68 44.59
C30 PX4 YB . 42.30 21.84 44.48
C31 PX4 YB . 43.31 21.63 43.35
C32 PX4 YB . 44.30 22.79 43.52
C33 PX4 YB . 43.66 24.12 43.08
C34 PX4 YB . 44.56 25.34 43.25
C35 PX4 YB . 44.10 26.46 42.30
C36 PX4 YB . 44.85 27.75 42.62
O1 PX4 ZB . 37.81 11.39 48.40
O2 PX4 ZB . 35.62 10.31 47.59
P1 PX4 ZB . 37.03 10.71 47.34
O3 PX4 ZB . 37.59 9.21 47.26
C1 PX4 ZB . 37.25 8.55 48.49
C2 PX4 ZB . 37.49 7.06 48.24
N1 PX4 ZB . 36.58 6.30 47.36
C3 PX4 ZB . 36.86 4.85 47.40
C4 PX4 ZB . 35.20 6.51 47.78
C5 PX4 ZB . 36.67 6.54 45.92
O4 PX4 ZB . 37.24 11.44 45.91
C6 PX4 ZB . 36.42 10.93 44.86
C7 PX4 ZB . 37.08 11.20 43.50
C8 PX4 ZB . 37.57 12.64 43.51
O5 PX4 ZB . 37.04 13.48 42.49
C9 PX4 ZB . 37.60 14.71 42.29
O6 PX4 ZB . 38.53 15.15 42.97
C10 PX4 ZB . 37.14 15.45 41.03
C11 PX4 ZB . 37.33 14.58 39.77
C12 PX4 ZB . 36.62 15.23 38.59
C13 PX4 ZB . 36.79 14.29 37.40
C14 PX4 ZB . 36.17 14.92 36.16
C15 PX4 ZB . 36.82 16.30 35.96
C16 PX4 ZB . 36.03 17.05 34.89
C17 PX4 ZB . 36.58 18.47 34.81
C18 PX4 ZB . 35.80 19.44 33.91
C19 PX4 ZB . 36.71 20.64 33.68
C20 PX4 ZB . 36.01 21.64 32.77
C21 PX4 ZB . 36.70 23.00 32.81
C22 PX4 ZB . 38.19 23.02 32.47
O7 PX4 ZB . 38.07 10.27 43.04
C23 PX4 ZB . 37.62 9.07 42.57
O8 PX4 ZB . 36.56 8.51 42.83
C24 PX4 ZB . 38.78 8.26 41.98
C25 PX4 ZB . 38.84 8.69 40.51
C26 PX4 ZB . 40.13 8.19 39.87
C27 PX4 ZB . 40.01 8.25 38.35
C28 PX4 ZB . 41.27 7.67 37.72
C29 PX4 ZB . 41.50 8.16 36.29
C30 PX4 ZB . 41.69 6.92 35.40
C31 PX4 ZB . 41.70 7.44 33.96
C32 PX4 ZB . 41.60 6.20 33.09
C33 PX4 ZB . 41.72 6.48 31.59
C34 PX4 ZB . 41.60 5.12 30.91
C35 PX4 ZB . 42.15 5.18 29.49
C36 PX4 ZB . 41.60 4.06 28.59
O1 PX4 AC . 34.10 3.57 47.63
O2 PX4 AC . 31.55 3.68 47.97
P1 PX4 AC . 32.73 3.74 47.08
O3 PX4 AC . 32.58 2.57 45.97
C1 PX4 AC . 32.12 1.31 46.42
C2 PX4 AC . 33.13 0.18 46.69
N1 PX4 AC . 34.14 -0.30 45.76
C3 PX4 AC . 34.51 -1.66 46.16
C4 PX4 AC . 33.71 -0.38 44.34
C5 PX4 AC . 35.38 0.47 45.57
O4 PX4 AC . 32.66 4.94 46.01
C6 PX4 AC . 31.46 4.94 45.24
C7 PX4 AC . 31.72 5.14 43.75
C8 PX4 AC . 32.80 4.17 43.26
O5 PX4 AC . 34.12 4.73 43.15
C9 PX4 AC . 35.04 3.79 42.82
O6 PX4 AC . 34.82 2.62 43.14
C10 PX4 AC . 36.46 4.20 42.46
C11 PX4 AC . 36.55 5.18 41.28
C12 PX4 AC . 36.32 4.47 39.94
C13 PX4 AC . 36.98 5.43 38.94
C14 PX4 AC . 36.76 5.00 37.50
C15 PX4 AC . 37.65 5.91 36.64
C16 PX4 AC . 37.63 5.58 35.15
C17 PX4 AC . 36.26 5.56 34.48
C18 PX4 AC . 36.49 5.27 33.00
C19 PX4 AC . 35.12 5.13 32.32
C20 PX4 AC . 34.39 6.47 32.39
C21 PX4 AC . 33.30 6.47 31.32
C22 PX4 AC . 32.71 7.88 31.21
O7 PX4 AC . 30.57 5.15 42.91
C23 PX4 AC . 29.79 6.21 42.55
O8 PX4 AC . 30.01 7.34 42.98
C24 PX4 AC . 28.61 5.91 41.61
C25 PX4 AC . 28.71 6.76 40.34
C26 PX4 AC . 27.62 6.35 39.35
C27 PX4 AC . 27.75 7.18 38.07
C28 PX4 AC . 26.43 7.16 37.32
C29 PX4 AC . 26.59 7.70 35.89
C30 PX4 AC . 25.21 7.93 35.28
C31 PX4 AC . 25.57 8.49 33.91
C32 PX4 AC . 26.46 7.43 33.27
C33 PX4 AC . 27.00 7.99 31.95
C34 PX4 AC . 27.82 9.23 32.27
C35 PX4 AC . 28.43 10.08 31.16
C36 PX4 AC . 28.98 11.34 31.82
O1 PX4 BC . 12.69 -31.19 58.99
O2 PX4 BC . 11.47 -30.28 56.85
P1 PX4 BC . 11.77 -31.35 57.84
O3 PX4 BC . 10.29 -31.49 58.48
C1 PX4 BC . 9.90 -30.37 59.28
C2 PX4 BC . 8.44 -30.34 59.72
N1 PX4 BC . 7.50 -29.78 58.74
C3 PX4 BC . 6.16 -29.85 59.33
C4 PX4 BC . 7.81 -28.38 58.48
C5 PX4 BC . 7.46 -30.51 57.46
O4 PX4 BC . 11.69 -32.84 57.25
C6 PX4 BC . 11.61 -32.61 55.84
C7 PX4 BC . 10.60 -33.48 55.06
C8 PX4 BC . 9.86 -32.63 54.04
O5 PX4 BC . 9.58 -33.19 52.76
C9 PX4 BC . 8.95 -32.29 51.97
O6 PX4 BC . 8.57 -31.18 52.37
C10 PX4 BC . 8.46 -32.88 50.65
C11 PX4 BC . 7.09 -33.56 50.77
C12 PX4 BC . 6.72 -34.23 49.44
C13 PX4 BC . 6.38 -33.13 48.43
C14 PX4 BC . 5.90 -33.76 47.11
C15 PX4 BC . 5.32 -32.76 46.12
C16 PX4 BC . 4.77 -33.32 44.79
C17 PX4 BC . 4.13 -32.09 44.14
C18 PX4 BC . 5.23 -31.03 44.15
C19 PX4 BC . 4.51 -29.70 43.97
C20 PX4 BC . 5.58 -28.61 43.94
C21 PX4 BC . 5.90 -28.39 45.42
C22 PX4 BC . 6.68 -27.11 45.70
O7 PX4 BC . 11.29 -34.67 54.65
C23 PX4 BC . 10.53 -35.72 54.23
O8 PX4 BC . 9.43 -35.98 54.70
C24 PX4 BC . 11.35 -36.72 53.41
C25 PX4 BC . 10.98 -36.75 51.92
C26 PX4 BC . 11.10 -38.16 51.33
C27 PX4 BC . 10.76 -37.90 49.86
C28 PX4 BC . 10.56 -39.18 49.04
C29 PX4 BC . 10.32 -38.79 47.58
C30 PX4 BC . 9.94 -40.00 46.72
C31 PX4 BC . 9.89 -39.67 45.23
C32 PX4 BC . 9.58 -40.81 44.27
C33 PX4 BC . 9.64 -40.21 42.87
C34 PX4 BC . 9.47 -41.41 41.93
C35 PX4 BC . 9.52 -40.97 40.45
C36 PX4 BC . 10.77 -40.17 40.09
O1 PX4 CC . -27.76 3.09 60.91
O2 PX4 CC . -25.46 2.04 60.27
P1 PX4 CC . -26.72 2.74 59.92
O3 PX4 CC . -26.16 4.24 59.80
C1 PX4 CC . -25.49 4.64 61.00
C2 PX4 CC . -24.79 6.00 60.99
N1 PX4 CC . -25.42 7.14 60.33
C3 PX4 CC . -25.14 7.24 58.89
C4 PX4 CC . -26.86 7.20 60.61
C5 PX4 CC . -24.95 8.38 60.98
O4 PX4 CC . -27.13 2.72 58.36
C6 PX4 CC . -25.89 2.77 57.65
C7 PX4 CC . -26.03 3.24 56.21
C8 PX4 CC . -27.41 2.76 55.72
O5 PX4 CC . -27.45 2.58 54.30
C9 PX4 CC . -28.65 2.32 53.73
O6 PX4 CC . -29.67 2.12 54.38
C10 PX4 CC . -28.90 2.38 52.22
C11 PX4 CC . -27.89 1.54 51.42
C12 PX4 CC . -27.85 2.28 50.08
C13 PX4 CC . -26.90 1.61 49.10
C14 PX4 CC . -27.03 2.37 47.79
C15 PX4 CC . -28.52 2.35 47.44
C16 PX4 CC . -28.74 3.07 46.10
C17 PX4 CC . -28.43 2.34 44.79
C18 PX4 CC . -28.45 3.37 43.66
C19 PX4 CC . -28.31 2.63 42.32
C20 PX4 CC . -28.70 3.64 41.23
C21 PX4 CC . -27.62 4.74 41.16
C22 PX4 CC . -28.05 5.74 40.09
O7 PX4 CC . -25.93 4.66 56.08
C23 PX4 CC . -24.75 5.29 55.82
O8 PX4 CC . -23.72 4.83 56.31
C24 PX4 CC . -24.57 6.70 55.28
C25 PX4 CC . -24.10 6.63 53.82
C26 PX4 CC . -25.05 5.87 52.89
C27 PX4 CC . -24.23 5.81 51.60
C28 PX4 CC . -25.12 5.25 50.48
C29 PX4 CC . -26.21 6.29 50.19
C30 PX4 CC . -27.23 5.79 49.15
C31 PX4 CC . -27.67 7.03 48.37
C32 PX4 CC . -28.97 6.71 47.63
C33 PX4 CC . -29.85 7.89 47.22
C34 PX4 CC . -30.65 7.62 45.95
C35 PX4 CC . -29.76 7.02 44.88
C36 PX4 CC . -30.68 6.37 43.84
O1 PX4 DC . -27.71 -0.51 61.08
O2 PX4 DC . -29.82 0.88 61.12
P1 PX4 DC . -29.10 -0.32 60.62
O3 PX4 DC . -29.80 -1.69 61.09
C1 PX4 DC . -30.70 -2.16 60.08
C2 PX4 DC . -31.56 -3.36 60.49
N1 PX4 DC . -32.47 -3.21 61.63
C3 PX4 DC . -32.75 -1.83 62.10
C4 PX4 DC . -33.74 -3.86 61.30
C5 PX4 DC . -31.95 -4.03 62.73
O4 PX4 DC . -29.20 -0.44 59.03
C6 PX4 DC . -27.91 -0.67 58.47
C7 PX4 DC . -27.89 -1.10 57.01
C8 PX4 DC . -29.30 -0.90 56.43
O5 PX4 DC . -29.97 -2.14 56.26
C9 PX4 DC . -31.12 -2.10 55.53
O6 PX4 DC . -31.78 -1.05 55.53
C10 PX4 DC . -31.77 -3.43 55.09
C11 PX4 DC . -31.14 -3.98 53.82
C12 PX4 DC . -31.63 -5.36 53.37
C13 PX4 DC . -31.09 -5.84 52.02
C14 PX4 DC . -31.79 -7.08 51.45
C15 PX4 DC . -31.49 -7.38 49.99
C16 PX4 DC . -31.79 -6.22 49.04
C17 PX4 DC . -31.37 -6.58 47.61
C18 PX4 DC . -31.69 -5.50 46.57
C19 PX4 DC . -31.46 -6.15 45.20
C20 PX4 DC . -31.70 -5.23 44.00
C21 PX4 DC . -31.44 -5.99 42.69
C22 PX4 DC . -31.66 -5.23 41.39
O7 PX4 DC . -26.78 -0.58 56.28
C23 PX4 DC . -25.56 -1.15 56.50
O8 PX4 DC . -25.47 -2.08 57.30
C24 PX4 DC . -24.42 -0.74 55.56
C25 PX4 DC . -24.50 -1.56 54.29
C26 PX4 DC . -23.51 -0.95 53.29
C27 PX4 DC . -23.87 0.47 52.88
C28 PX4 DC . -22.72 1.05 52.06
C29 PX4 DC . -22.68 0.38 50.68
C30 PX4 DC . -21.45 0.58 49.80
C31 PX4 DC . -21.50 0.00 48.38
C32 PX4 DC . -20.10 -0.21 47.81
C33 PX4 DC . -20.28 -0.65 46.36
C34 PX4 DC . -18.96 -0.90 45.62
C35 PX4 DC . -19.33 -1.58 44.31
C36 PX4 DC . -18.09 -1.86 43.46
O1 PX4 EC . 7.83 32.99 51.02
O2 PX4 EC . 9.44 34.26 52.63
P1 PX4 EC . 8.10 34.01 52.08
O3 PX4 EC . 7.11 33.52 53.25
C1 PX4 EC . 7.80 33.54 54.50
C2 PX4 EC . 7.82 32.21 55.27
N1 PX4 EC . 6.59 31.55 55.73
C3 PX4 EC . 6.88 30.25 56.36
C4 PX4 EC . 5.81 32.46 56.59
C5 PX4 EC . 5.74 31.10 54.63
O4 PX4 EC . 7.36 35.40 51.73
C6 PX4 EC . 7.03 35.61 50.35
C7 PX4 EC . 6.04 36.77 50.38
C8 PX4 EC . 6.84 38.04 50.06
O5 PX4 EC . 7.92 37.99 49.14
C9 PX4 EC . 8.43 39.25 48.99
O6 PX4 EC . 8.12 40.13 49.78
C10 PX4 EC . 9.45 39.56 47.90
C11 PX4 EC . 8.94 40.39 46.73
C12 PX4 EC . 9.99 40.55 45.64
C13 PX4 EC . 9.41 40.94 44.28
C14 PX4 EC . 8.60 42.21 44.55
C15 PX4 EC . 7.74 42.56 43.33
C16 PX4 EC . 8.67 42.86 42.15
C17 PX4 EC . 8.02 43.67 41.03
C18 PX4 EC . 8.85 43.66 39.76
C19 PX4 EC . 8.23 44.40 38.55
C20 PX4 EC . 9.18 44.25 37.37
C21 PX4 EC . 8.67 45.34 36.42
C22 PX4 EC . 9.36 45.44 35.06
O7 PX4 EC . 4.92 36.58 49.50
C23 PX4 EC . 3.97 35.68 49.85
O8 PX4 EC . 3.87 35.39 51.04
C24 PX4 EC . 3.02 35.17 48.76
C25 PX4 EC . 3.83 35.16 47.45
C26 PX4 EC . 3.11 34.38 46.36
C27 PX4 EC . 4.04 34.36 45.15
C28 PX4 EC . 3.26 33.91 43.92
C29 PX4 EC . 4.07 34.13 42.65
C30 PX4 EC . 5.39 33.35 42.66
C31 PX4 EC . 6.08 33.25 41.30
C32 PX4 EC . 7.53 32.78 41.46
C33 PX4 EC . 8.24 32.65 40.12
C34 PX4 EC . 9.67 32.11 40.22
C35 PX4 EC . 10.65 33.24 40.51
C36 PX4 EC . 11.97 32.61 40.97
O1 PX4 FC . -2.14 -29.61 53.97
O2 PX4 FC . -0.04 -31.14 53.81
P1 PX4 FC . -0.76 -29.90 53.51
O3 PX4 FC . 0.11 -28.55 53.67
C1 PX4 FC . -0.81 -27.47 53.54
C2 PX4 FC . -0.04 -26.25 54.06
N1 PX4 FC . -0.16 -25.88 55.48
C3 PX4 FC . 0.03 -24.43 55.42
C4 PX4 FC . -1.44 -26.16 56.17
C5 PX4 FC . 0.91 -26.53 56.27
O4 PX4 FC . -1.08 -29.82 51.93
C6 PX4 FC . -1.75 -31.00 51.50
C7 PX4 FC . -2.62 -30.80 50.26
C8 PX4 FC . -2.41 -29.35 49.83
O5 PX4 FC . -3.67 -28.89 49.31
C9 PX4 FC . -3.50 -27.74 48.59
O6 PX4 FC . -2.70 -26.87 48.91
C10 PX4 FC . -4.81 -27.47 47.85
C11 PX4 FC . -6.02 -26.88 48.58
C12 PX4 FC . -7.00 -26.41 47.52
C13 PX4 FC . -8.05 -25.44 48.06
C14 PX4 FC . -8.53 -24.69 46.82
C15 PX4 FC . -7.53 -23.75 46.16
C16 PX4 FC . -8.13 -23.06 44.94
C17 PX4 FC . -9.27 -22.12 45.35
C18 PX4 FC . -10.00 -21.54 44.14
C19 PX4 FC . -9.08 -20.69 43.24
C20 PX4 FC . -9.96 -19.89 42.25
C21 PX4 FC . -9.09 -19.24 41.20
C22 PX4 FC . -8.64 -20.24 40.12
O7 PX4 FC . -2.28 -31.62 49.13
C23 PX4 FC . -2.68 -32.89 48.93
O8 PX4 FC . -3.22 -33.63 49.75
C24 PX4 FC . -2.35 -33.38 47.51
C25 PX4 FC . -3.35 -34.43 46.98
C26 PX4 FC . -2.82 -34.57 45.56
C27 PX4 FC . -3.97 -34.93 44.63
C28 PX4 FC . -3.63 -34.79 43.14
C29 PX4 FC . -4.76 -35.25 42.21
C30 PX4 FC . -4.51 -35.31 40.70
C31 PX4 FC . -4.02 -33.93 40.30
C32 PX4 FC . -3.96 -33.84 38.78
C33 PX4 FC . -3.43 -32.45 38.42
C34 PX4 FC . -3.08 -32.12 36.97
C35 PX4 FC . -2.55 -30.68 36.89
C36 PX4 FC . -1.82 -30.36 35.58
O1 PX4 GC . -35.04 3.32 58.01
O2 PX4 GC . -34.09 4.90 56.14
P1 PX4 GC . -35.17 4.12 56.78
O3 PX4 GC . -36.32 5.23 57.02
C1 PX4 GC . -36.70 5.87 55.81
C2 PX4 GC . -37.53 7.12 56.12
N1 PX4 GC . -36.80 8.38 56.35
C3 PX4 GC . -37.75 9.47 56.09
C4 PX4 GC . -36.26 8.58 57.70
C5 PX4 GC . -35.66 8.54 55.43
O4 PX4 GC . -36.05 3.40 55.65
C6 PX4 GC . -35.39 2.34 54.94
C7 PX4 GC . -36.31 1.40 54.15
C8 PX4 GC . -37.25 2.30 53.32
O5 PX4 GC . -36.59 3.31 52.57
C9 PX4 GC . -37.34 4.42 52.37
O6 PX4 GC . -38.41 4.56 52.96
C10 PX4 GC . -36.75 5.50 51.48
C11 PX4 GC . -37.42 5.21 50.13
C12 PX4 GC . -38.93 5.17 49.94
C13 PX4 GC . -39.25 5.19 48.43
C14 PX4 GC . -40.77 5.15 48.33
C15 PX4 GC . -41.08 5.28 46.83
C16 PX4 GC . -40.70 4.00 46.08
C17 PX4 GC . -41.48 3.98 44.77
C18 PX4 GC . -41.39 2.64 44.03
C19 PX4 GC . -42.15 2.64 42.72
C20 PX4 GC . -42.28 1.23 42.15
C21 PX4 GC . -40.89 0.74 41.73
C22 PX4 GC . -40.90 -0.77 41.51
O7 PX4 GC . -35.54 0.49 53.36
C23 PX4 GC . -34.71 -0.47 53.85
O8 PX4 GC . -34.74 -0.83 55.02
C24 PX4 GC . -33.95 -1.31 52.84
C25 PX4 GC . -33.00 -0.44 52.00
C26 PX4 GC . -32.32 -1.49 51.11
C27 PX4 GC . -31.31 -0.85 50.15
C28 PX4 GC . -30.44 -1.70 49.23
C29 PX4 GC . -30.37 -1.09 47.83
C30 PX4 GC . -29.69 -2.03 46.86
C31 PX4 GC . -29.68 -1.30 45.53
C32 PX4 GC . -29.00 -1.86 44.27
C33 PX4 GC . -29.38 -1.31 42.90
C34 PX4 GC . -28.93 -2.26 41.77
C35 PX4 GC . -29.51 -1.92 40.40
C36 PX4 GC . -28.90 -2.85 39.35
O1 PX4 HC . 8.71 -24.01 56.80
O2 PX4 HC . 11.24 -24.30 57.36
P1 PX4 HC . 10.14 -23.80 56.51
O3 PX4 HC . 10.41 -22.25 56.20
C1 PX4 HC . 10.94 -21.53 57.32
C2 PX4 HC . 11.26 -20.11 56.86
N1 PX4 HC . 10.20 -19.17 56.44
C3 PX4 HC . 9.75 -19.44 55.08
C4 PX4 HC . 9.03 -19.20 57.34
C5 PX4 HC . 10.67 -17.78 56.34
O4 PX4 HC . 10.17 -24.23 54.97
C6 PX4 HC . 9.42 -23.31 54.18
C7 PX4 HC . 9.33 -23.64 52.67
C8 PX4 HC . 10.28 -24.82 52.55
O5 PX4 HC . 11.23 -24.54 51.52
C9 PX4 HC . 12.09 -25.56 51.22
O6 PX4 HC . 11.97 -26.68 51.73
C10 PX4 HC . 13.24 -25.21 50.29
C11 PX4 HC . 13.73 -26.45 49.55
C12 PX4 HC . 13.25 -26.53 48.09
C13 PX4 HC . 13.70 -25.39 47.17
C14 PX4 HC . 13.17 -25.72 45.78
C15 PX4 HC . 13.52 -24.68 44.71
C16 PX4 HC . 13.05 -25.05 43.31
C17 PX4 HC . 11.60 -25.38 42.94
C18 PX4 HC . 11.51 -25.80 41.47
C19 PX4 HC . 12.43 -26.98 41.15
C20 PX4 HC . 12.02 -27.67 39.84
C21 PX4 HC . 12.85 -28.85 39.32
C22 PX4 HC . 12.14 -29.39 38.08
O7 PX4 HC . 8.02 -23.86 52.17
C23 PX4 HC . 7.10 -22.86 52.13
O8 PX4 HC . 7.27 -21.76 52.67
C24 PX4 HC . 5.72 -23.27 51.61
C25 PX4 HC . 5.45 -22.99 50.13
C26 PX4 HC . 4.23 -23.67 49.51
C27 PX4 HC . 4.04 -23.36 48.02
C28 PX4 HC . 4.12 -21.87 47.63
C29 PX4 HC . 3.98 -21.68 46.12
C30 PX4 HC . 5.17 -22.40 45.50
C31 PX4 HC . 5.28 -22.48 43.98
C32 PX4 HC . 5.28 -21.00 43.59
C33 PX4 HC . 5.26 -20.92 42.06
C34 PX4 HC . 4.19 -21.81 41.42
C35 PX4 HC . 4.37 -21.83 39.89
C36 PX4 HC . 3.08 -22.19 39.16
O1 PX4 IC . -30.06 10.28 57.99
O2 PX4 IC . -32.56 9.86 58.26
P1 PX4 IC . -31.26 9.45 57.71
O3 PX4 IC . -30.88 8.04 58.36
C1 PX4 IC . -32.05 7.23 58.33
C2 PX4 IC . -31.93 5.86 59.02
N1 PX4 IC . -31.06 4.77 58.57
C3 PX4 IC . -31.09 4.69 57.10
C4 PX4 IC . -29.64 4.92 58.89
C5 PX4 IC . -31.56 3.48 59.09
O4 PX4 IC . -31.56 9.02 56.19
C6 PX4 IC . -30.28 9.04 55.55
C7 PX4 IC . -30.18 8.17 54.30
C8 PX4 IC . -31.61 7.74 53.94
O5 PX4 IC . -31.67 6.39 53.49
C9 PX4 IC . -32.94 5.94 53.31
O6 PX4 IC . -33.90 6.71 53.23
C10 PX4 IC . -33.06 4.48 52.84
C11 PX4 IC . -32.73 4.59 51.35
C12 PX4 IC . -32.68 3.25 50.63
C13 PX4 IC . -32.39 3.45 49.13
C14 PX4 IC . -32.44 2.27 48.16
C15 PX4 IC . -32.49 2.62 46.66
C16 PX4 IC . -32.53 1.32 45.87
C17 PX4 IC . -33.09 1.50 44.46
C18 PX4 IC . -32.91 0.25 43.58
C19 PX4 IC . -33.47 0.42 42.17
C20 PX4 IC . -33.10 -0.86 41.42
C21 PX4 IC . -33.94 -1.17 40.18
C22 PX4 IC . -33.31 -2.42 39.55
O7 PX4 IC . -29.38 8.69 53.23
C23 PX4 IC . -28.04 8.82 53.43
O8 PX4 IC . -27.54 8.09 54.28
C24 PX4 IC . -27.27 9.28 52.19
C25 PX4 IC . -27.68 10.72 51.87
C26 PX4 IC . -27.12 11.02 50.48
C27 PX4 IC . -28.35 11.33 49.61
C28 PX4 IC . -27.95 11.56 48.15
C29 PX4 IC . -29.15 11.66 47.19
C30 PX4 IC . -28.58 11.50 45.78
C31 PX4 IC . -29.59 11.10 44.71
C32 PX4 IC . -28.92 10.83 43.35
C33 PX4 IC . -29.77 10.24 42.23
C34 PX4 IC . -28.84 10.32 41.02
C35 PX4 IC . -29.44 9.44 39.91
C36 PX4 IC . -28.66 9.47 38.60
O1 PX4 JC . -25.65 15.41 58.70
O2 PX4 JC . -27.46 17.11 58.10
P1 PX4 JC . -27.05 15.72 58.30
O3 PX4 JC . -28.06 15.08 59.37
C1 PX4 JC . -27.61 15.24 60.72
C2 PX4 JC . -28.52 14.46 61.67
N1 PX4 JC . -28.35 14.75 63.10
C3 PX4 JC . -26.98 14.40 63.51
C4 PX4 JC . -28.67 16.13 63.49
C5 PX4 JC . -29.23 13.92 63.94
O4 PX4 JC . -27.36 14.94 56.92
C6 PX4 JC . -26.68 13.68 56.79
C7 PX4 JC . -27.18 12.65 55.77
C8 PX4 JC . -28.29 13.34 54.98
O5 PX4 JC . -29.38 12.42 54.83
C9 PX4 JC . -30.18 12.77 53.81
O6 PX4 JC . -30.19 13.88 53.30
C10 PX4 JC . -31.30 11.76 53.51
C11 PX4 JC . -31.68 11.61 52.03
C12 PX4 JC . -32.59 10.41 51.80
C13 PX4 JC . -32.76 10.20 50.29
C14 PX4 JC . -33.56 8.98 49.84
C15 PX4 JC . -33.41 8.57 48.37
C16 PX4 JC . -34.55 7.61 48.03
C17 PX4 JC . -34.48 7.19 46.57
C18 PX4 JC . -35.81 6.48 46.25
C19 PX4 JC . -35.85 6.01 44.79
C20 PX4 JC . -37.20 5.37 44.48
C21 PX4 JC . -37.26 4.13 43.59
C22 PX4 JC . -36.46 2.99 44.22
O7 PX4 JC . -26.16 12.12 54.92
C23 PX4 JC . -25.44 11.15 55.53
O8 PX4 JC . -25.64 10.78 56.69
C24 PX4 JC . -24.60 10.31 54.56
C25 PX4 JC . -23.29 11.08 54.46
C26 PX4 JC . -22.34 10.54 53.40
C27 PX4 JC . -23.08 10.47 52.06
C28 PX4 JC . -22.45 9.51 51.04
C29 PX4 JC . -23.47 9.03 49.99
C30 PX4 JC . -22.91 8.51 48.67
C31 PX4 JC . -23.92 8.43 47.52
C32 PX4 JC . -23.39 7.85 46.21
C33 PX4 JC . -24.57 7.74 45.23
C34 PX4 JC . -23.93 7.08 44.00
C35 PX4 JC . -22.79 7.74 43.23
C36 PX4 JC . -22.36 6.90 42.02
O1 PX4 KC . -12.67 2.00 57.42
O2 PX4 KC . -13.48 4.24 56.32
P1 PX4 KC . -13.14 2.79 56.26
O3 PX4 KC . -14.59 2.13 55.96
C1 PX4 KC . -14.49 0.73 56.24
C2 PX4 KC . -15.66 -0.02 56.86
N1 PX4 KC . -16.27 0.50 58.09
C3 PX4 KC . -17.01 -0.61 58.73
C4 PX4 KC . -15.30 0.87 59.13
C5 PX4 KC . -17.21 1.58 57.80
O4 PX4 KC . -12.56 2.18 54.90
C6 PX4 KC . -13.10 3.00 53.86
C7 PX4 KC . -12.73 2.61 52.41
C8 PX4 KC . -12.19 1.19 52.52
O5 PX4 KC . -11.64 0.68 51.31
C9 PX4 KC . -11.57 -0.67 51.08
O6 PX4 KC . -11.73 -1.50 51.97
C10 PX4 KC . -11.26 -1.09 49.64
C11 PX4 KC . -11.93 -0.13 48.66
C12 PX4 KC . -11.43 -0.36 47.23
C13 PX4 KC . -12.27 0.17 46.05
C14 PX4 KC . -11.84 -0.55 44.78
C15 PX4 KC . -12.51 0.16 43.60
C16 PX4 KC . -12.65 -0.68 42.32
C17 PX4 KC . -11.27 -1.12 41.86
C18 PX4 KC . -11.33 -1.81 40.49
C19 PX4 KC . -12.01 -3.17 40.36
C20 PX4 KC . -11.63 -3.99 39.12
C21 PX4 KC . -11.86 -5.51 39.15
C22 PX4 KC . -13.28 -6.02 39.36
O7 PX4 KC . -13.74 2.84 51.43
C23 PX4 KC . -13.88 4.11 50.96
O8 PX4 KC . -13.31 5.03 51.51
C24 PX4 KC . -14.89 4.42 49.84
C25 PX4 KC . -15.26 3.17 49.01
C26 PX4 KC . -15.67 3.60 47.61
C27 PX4 KC . -15.29 2.58 46.54
C28 PX4 KC . -15.88 3.22 45.27
C29 PX4 KC . -15.54 2.44 44.00
C30 PX4 KC . -15.77 3.20 42.70
C31 PX4 KC . -15.35 2.38 41.48
C32 PX4 KC . -16.22 1.12 41.51
C33 PX4 KC . -16.10 0.38 40.18
C34 PX4 KC . -16.87 -0.92 40.00
C35 PX4 KC . -16.89 -1.41 38.54
C36 PX4 KC . -17.08 -2.91 38.46
O1 PX4 LC . -16.52 -13.43 57.48
O2 PX4 LC . -16.87 -11.20 56.40
P1 PX4 LC . -17.47 -12.45 56.89
O3 PX4 LC . -18.45 -12.17 58.13
C1 PX4 LC . -18.02 -10.97 58.76
C2 PX4 LC . -19.09 -10.20 59.56
N1 PX4 LC . -18.66 -9.09 60.42
C3 PX4 LC . -18.39 -7.93 59.55
C4 PX4 LC . -19.75 -8.74 61.34
C5 PX4 LC . -17.45 -9.40 61.21
O4 PX4 LC . -18.42 -13.08 55.75
C6 PX4 LC . -17.80 -12.89 54.46
C7 PX4 LC . -18.54 -13.62 53.35
C8 PX4 LC . -19.69 -12.70 52.94
O5 PX4 LC . -20.94 -13.39 52.77
C9 PX4 LC . -21.99 -12.55 52.56
O6 PX4 LC . -21.92 -11.38 52.94
C10 PX4 LC . -23.25 -13.20 51.97
C11 PX4 LC . -22.95 -14.31 50.97
C12 PX4 LC . -22.29 -13.79 49.68
C13 PX4 LC . -22.04 -15.05 48.87
C14 PX4 LC . -21.18 -14.76 47.62
C15 PX4 LC . -21.75 -13.71 46.65
C16 PX4 LC . -23.05 -14.06 45.94
C17 PX4 LC . -23.25 -13.14 44.74
C18 PX4 LC . -24.54 -13.41 43.98
C19 PX4 LC . -24.86 -12.23 43.05
C20 PX4 LC . -26.00 -12.63 42.10
C21 PX4 LC . -25.43 -13.74 41.20
C22 PX4 LC . -26.37 -14.07 40.04
O7 PX4 LC . -17.63 -13.99 52.31
C23 PX4 LC . -16.95 -15.16 52.29
O8 PX4 LC . -16.97 -15.77 53.37
C24 PX4 LC . -16.24 -15.71 51.04
C25 PX4 LC . -17.26 -15.65 49.91
C26 PX4 LC . -16.88 -16.31 48.57
C27 PX4 LC . -18.01 -16.64 47.61
C28 PX4 LC . -17.48 -17.35 46.37
C29 PX4 LC . -18.66 -17.55 45.41
C30 PX4 LC . -19.03 -16.22 44.74
C31 PX4 LC . -20.25 -16.44 43.83
C32 PX4 LC . -20.62 -15.19 43.04
C33 PX4 LC . -21.75 -15.41 42.02
C34 PX4 LC . -21.51 -16.67 41.21
C35 PX4 LC . -22.88 -17.19 40.78
C36 PX4 LC . -22.94 -18.44 39.90
O1 PX4 MC . 20.98 27.97 48.47
O2 PX4 MC . 23.26 28.62 49.37
P1 PX4 MC . 22.46 27.90 48.36
O3 PX4 MC . 22.98 28.46 46.94
C1 PX4 MC . 22.61 29.85 46.94
C2 PX4 MC . 23.32 30.58 45.79
N1 PX4 MC . 22.96 31.99 45.56
C3 PX4 MC . 22.92 32.73 46.82
C4 PX4 MC . 23.99 32.67 44.78
C5 PX4 MC . 21.65 32.06 44.88
O4 PX4 MC . 22.95 26.37 48.50
C6 PX4 MC . 22.79 25.89 47.17
C7 PX4 MC . 22.75 24.39 46.89
C8 PX4 MC . 21.32 23.85 46.97
O5 PX4 MC . 20.47 24.85 46.38
C9 PX4 MC . 19.84 24.38 45.27
O6 PX4 MC . 20.17 23.32 44.75
C10 PX4 MC . 18.82 25.24 44.51
C11 PX4 MC . 19.22 25.74 43.12
C12 PX4 MC . 17.93 26.21 42.44
C13 PX4 MC . 18.37 26.90 41.15
C14 PX4 MC . 18.93 28.25 41.60
C15 PX4 MC . 19.53 28.99 40.40
C16 PX4 MC . 20.24 30.23 40.95
C17 PX4 MC . 21.18 30.89 39.92
C18 PX4 MC . 21.84 32.02 40.70
C19 PX4 MC . 22.85 32.85 39.91
C20 PX4 MC . 23.41 33.88 40.88
C21 PX4 MC . 24.51 34.59 40.09
C22 PX4 MC . 25.40 33.41 39.66
O7 PX4 MC . 23.65 23.88 45.89
C23 PX4 MC . 23.85 22.62 45.42
O8 PX4 MC . 23.45 21.72 46.15
C24 PX4 MC . 24.54 22.50 44.05
C25 PX4 MC . 23.84 21.54 43.10
C26 PX4 MC . 24.76 21.26 41.90
C27 PX4 MC . 24.93 22.41 40.91
C28 PX4 MC . 25.77 21.93 39.73
C29 PX4 MC . 25.92 22.91 38.58
C30 PX4 MC . 27.01 22.42 37.61
C31 PX4 MC . 26.75 21.05 37.00
C32 PX4 MC . 28.03 20.28 36.64
C33 PX4 MC . 28.89 19.89 37.82
C34 PX4 MC . 28.17 18.88 38.73
C35 PX4 MC . 28.84 18.84 40.10
C36 PX4 MC . 28.18 17.77 40.96
O1 PX4 NC . 6.27 -8.93 51.38
O2 PX4 NC . 5.27 -6.61 50.44
P1 PX4 NC . 5.19 -7.99 50.98
O3 PX4 NC . 4.50 -7.90 52.43
C1 PX4 NC . 5.52 -7.18 53.13
C2 PX4 NC . 5.03 -6.27 54.26
N1 PX4 NC . 4.19 -5.09 53.99
C3 PX4 NC . 4.35 -4.18 55.12
C4 PX4 NC . 4.67 -4.43 52.77
C5 PX4 NC . 2.74 -5.38 53.88
O4 PX4 NC . 4.16 -8.94 50.19
C6 PX4 NC . 4.04 -10.28 50.71
C7 PX4 NC . 3.41 -11.22 49.68
C8 PX4 NC . 2.62 -10.29 48.76
O5 PX4 NC . 1.62 -10.94 47.97
C9 PX4 NC . 0.68 -10.10 47.45
O6 PX4 NC . 0.86 -8.88 47.41
C10 PX4 NC . -0.48 -10.75 46.70
C11 PX4 NC . -0.36 -10.91 45.19
C12 PX4 NC . -1.78 -11.33 44.80
C13 PX4 NC . -2.78 -10.31 45.33
C14 PX4 NC . -4.26 -10.70 45.25
C15 PX4 NC . -5.13 -9.45 45.27
C16 PX4 NC . -6.51 -9.82 45.82
C17 PX4 NC . -7.50 -8.66 45.72
C18 PX4 NC . -7.78 -8.47 44.23
C19 PX4 NC . -8.95 -7.49 44.25
C20 PX4 NC . -9.02 -6.81 42.88
C21 PX4 NC . -10.11 -5.75 42.97
C22 PX4 NC . -9.57 -4.66 43.90
O7 PX4 NC . 4.44 -11.97 49.04
C23 PX4 NC . 4.12 -13.24 48.64
O8 PX4 NC . 3.22 -13.86 49.21
C24 PX4 NC . 5.03 -13.87 47.57
C25 PX4 NC . 6.17 -12.91 47.28
C26 PX4 NC . 6.96 -13.39 46.05
C27 PX4 NC . 7.58 -12.24 45.26
C28 PX4 NC . 8.32 -12.89 44.10
C29 PX4 NC . 8.76 -11.78 43.14
C30 PX4 NC . 9.40 -12.36 41.87
C31 PX4 NC . 9.34 -11.36 40.73
C32 PX4 NC . 9.53 -11.99 39.33
C33 PX4 NC . 8.29 -12.79 38.95
C34 PX4 NC . 7.13 -11.84 38.60
C35 PX4 NC . 5.96 -12.79 38.82
C36 PX4 NC . 4.64 -12.10 38.51
O1 PX4 OC . -2.55 -20.25 55.46
O2 PX4 OC . -0.02 -20.87 55.74
P1 PX4 OC . -1.12 -20.07 55.15
O3 PX4 OC . -0.65 -18.53 55.08
C1 PX4 OC . -1.88 -17.81 55.06
C2 PX4 OC . -1.92 -16.49 54.29
N1 PX4 OC . -1.58 -16.24 52.88
C3 PX4 OC . -0.12 -16.32 52.75
C4 PX4 OC . -2.18 -17.27 52.01
C5 PX4 OC . -2.09 -14.93 52.47
O4 PX4 OC . -0.83 -20.25 53.57
C6 PX4 OC . 0.54 -20.27 53.19
C7 PX4 OC . 0.80 -20.61 51.72
C8 PX4 OC . -0.46 -21.38 51.33
O5 PX4 OC . -0.17 -22.44 50.41
C9 PX4 OC . 0.22 -23.64 50.94
O6 PX4 OC . 0.32 -23.75 52.15
C10 PX4 OC . 0.41 -24.81 49.98
C11 PX4 OC . 1.28 -25.96 50.51
C12 PX4 OC . 1.37 -27.03 49.43
C13 PX4 OC . 2.06 -28.31 49.91
C14 PX4 OC . 2.57 -29.09 48.69
C15 PX4 OC . 1.82 -30.38 48.33
C16 PX4 OC . 0.55 -29.92 47.60
C17 PX4 OC . 1.02 -29.18 46.35
C18 PX4 OC . -0.17 -28.85 45.46
C19 PX4 OC . 0.32 -28.39 44.07
C20 PX4 OC . 1.23 -27.20 44.34
C21 PX4 OC . 1.56 -26.56 42.99
C22 PX4 OC . 2.80 -25.67 42.97
O7 PX4 OC . 1.05 -19.55 50.82
C23 PX4 OC . 2.30 -19.07 50.61
O8 PX4 OC . 3.22 -19.34 51.40
C24 PX4 OC . 2.39 -17.86 49.68
C25 PX4 OC . 2.77 -18.22 48.25
C26 PX4 OC . 2.77 -17.02 47.30
C27 PX4 OC . 1.31 -16.76 46.89
C28 PX4 OC . 1.31 -15.50 46.04
C29 PX4 OC . -0.09 -15.19 45.52
C30 PX4 OC . -0.54 -16.26 44.51
C31 PX4 OC . -1.87 -16.08 43.77
C32 PX4 OC . -1.88 -16.92 42.50
C33 PX4 OC . -3.24 -16.69 41.83
C34 PX4 OC . -3.51 -17.61 40.63
C35 PX4 OC . -4.47 -17.08 39.55
C36 PX4 OC . -4.76 -18.21 38.57
O1 PX4 PC . 13.09 -19.39 54.18
O2 PX4 PC . 15.28 -18.35 53.29
P1 PX4 PC . 13.81 -18.49 53.25
O3 PX4 PC . 13.14 -17.06 53.58
C1 PX4 PC . 13.97 -16.19 52.79
C2 PX4 PC . 13.31 -15.32 51.72
N1 PX4 PC . 12.40 -14.22 52.03
C3 PX4 PC . 11.09 -14.75 52.45
C4 PX4 PC . 13.02 -13.43 53.08
C5 PX4 PC . 12.27 -13.28 50.90
O4 PX4 PC . 13.25 -18.77 51.75
C6 PX4 PC . 11.85 -19.09 51.72
C7 PX4 PC . 11.19 -19.34 50.36
C8 PX4 PC . 11.95 -20.50 49.74
O5 PX4 PC . 12.61 -20.30 48.48
C9 PX4 PC . 13.27 -21.27 47.80
O6 PX4 PC . 13.57 -22.33 48.33
C10 PX4 PC . 13.45 -21.05 46.30
C11 PX4 PC . 12.19 -20.44 45.67
C12 PX4 PC . 11.22 -21.58 45.34
C13 PX4 PC . 9.82 -21.16 44.91
C14 PX4 PC . 9.52 -21.60 43.48
C15 PX4 PC . 10.52 -20.92 42.54
C16 PX4 PC . 10.31 -21.46 41.12
C17 PX4 PC . 8.98 -21.09 40.45
C18 PX4 PC . 8.89 -21.72 39.06
C19 PX4 PC . 8.90 -23.24 39.17
C20 PX4 PC . 7.73 -23.74 40.03
C21 PX4 PC . 7.97 -25.23 40.33
C22 PX4 PC . 6.91 -25.92 41.18
O7 PX4 PC . 9.82 -19.72 50.48
C23 PX4 PC . 8.86 -18.76 50.52
O8 PX4 PC . 9.06 -17.56 50.74
C24 PX4 PC . 7.41 -19.19 50.28
C25 PX4 PC . 7.25 -19.85 48.91
C26 PX4 PC . 7.41 -18.75 47.87
C27 PX4 PC . 7.17 -19.29 46.47
C28 PX4 PC . 7.43 -18.29 45.35
C29 PX4 PC . 6.36 -17.21 45.28
C30 PX4 PC . 6.17 -16.75 43.83
C31 PX4 PC . 5.13 -15.63 43.93
C32 PX4 PC . 5.03 -15.12 42.49
C33 PX4 PC . 4.18 -13.85 42.40
C34 PX4 PC . 2.71 -14.23 42.60
C35 PX4 PC . 1.79 -13.18 41.98
C36 PX4 PC . 2.15 -11.75 42.39
O1 PX4 QC . 18.71 -14.87 50.51
O2 PX4 QC . 16.71 -13.30 50.78
P1 PX4 QC . 17.32 -14.64 50.95
O3 PX4 QC . 17.38 -14.61 52.56
C1 PX4 QC . 18.44 -13.74 52.93
C2 PX4 QC . 19.25 -14.23 54.14
N1 PX4 QC . 20.72 -14.22 54.19
C3 PX4 QC . 21.15 -14.76 55.48
C4 PX4 QC . 21.43 -15.04 53.19
C5 PX4 QC . 21.32 -12.89 54.07
O4 PX4 QC . 16.31 -15.88 50.73
C6 PX4 QC . 17.01 -16.81 49.90
C7 PX4 QC . 16.45 -18.23 49.87
C8 PX4 QC . 15.06 -18.09 49.28
O5 PX4 QC . 14.97 -17.31 48.07
C9 PX4 QC . 13.86 -16.56 47.86
O6 PX4 QC . 12.92 -16.58 48.66
C10 PX4 QC . 13.74 -15.93 46.47
C11 PX4 QC . 12.39 -16.35 45.90
C12 PX4 QC . 12.33 -15.89 44.43
C13 PX4 QC . 10.91 -16.17 43.89
C14 PX4 QC . 10.72 -15.99 42.38
C15 PX4 QC . 9.54 -16.88 41.99
C16 PX4 QC . 9.14 -16.76 40.51
C17 PX4 QC . 7.85 -17.52 40.28
C18 PX4 QC . 7.32 -17.32 38.86
C19 PX4 QC . 6.07 -18.16 38.56
C20 PX4 QC . 5.83 -18.58 37.12
C21 PX4 QC . 4.66 -19.58 37.10
C22 PX4 QC . 4.22 -20.16 35.77
O7 PX4 QC . 17.20 -19.11 49.03
C23 PX4 QC . 17.79 -20.24 49.51
O8 PX4 QC . 17.65 -20.53 50.71
C24 PX4 QC . 18.45 -21.16 48.48
C25 PX4 QC . 17.65 -21.36 47.18
C26 PX4 QC . 18.13 -22.54 46.33
C27 PX4 QC . 17.45 -22.65 44.96
C28 PX4 QC . 17.49 -24.02 44.27
C29 PX4 QC . 17.18 -23.98 42.76
C30 PX4 QC . 17.01 -25.44 42.35
C31 PX4 QC . 16.68 -25.67 40.87
C32 PX4 QC . 16.73 -27.18 40.63
C33 PX4 QC . 16.18 -27.45 39.23
C34 PX4 QC . 17.03 -26.76 38.17
C35 PX4 QC . 16.55 -27.36 36.86
C36 PX4 QC . 15.09 -26.95 36.66
O1 PX4 RC . -9.84 3.35 55.54
O2 PX4 RC . -8.07 5.03 54.54
P1 PX4 RC . -9.30 4.20 54.45
O3 PX4 RC . -10.45 5.20 53.94
C1 PX4 RC . -10.70 6.10 55.03
C2 PX4 RC . -11.46 7.38 54.70
N1 PX4 RC . -10.86 8.35 53.77
C3 PX4 RC . -11.50 9.62 54.15
C4 PX4 RC . -9.41 8.49 53.98
C5 PX4 RC . -11.19 8.01 52.38
O4 PX4 RC . -9.05 3.33 53.13
C6 PX4 RC . -8.92 4.18 51.98
C7 PX4 RC . -8.79 3.49 50.62
C8 PX4 RC . -8.80 1.99 51.00
O5 PX4 RC . -7.87 1.35 50.12
C9 PX4 RC . -7.48 0.09 50.46
O6 PX4 RC . -7.90 -0.48 51.46
C10 PX4 RC . -6.40 -0.52 49.57
C11 PX4 RC . -6.82 -0.26 48.12
C12 PX4 RC . -6.31 -1.34 47.16
C13 PX4 RC . -6.83 -1.15 45.73
C14 PX4 RC . -6.24 -2.14 44.74
C15 PX4 RC . -6.60 -1.83 43.27
C16 PX4 RC . -6.18 -2.92 42.30
C17 PX4 RC . -6.75 -2.82 40.89
C18 PX4 RC . -6.57 -4.08 40.04
C19 PX4 RC . -7.30 -3.88 38.71
C20 PX4 RC . -7.30 -5.14 37.86
C21 PX4 RC . -8.01 -6.32 38.51
C22 PX4 RC . -8.01 -7.56 37.61
O7 PX4 RC . -9.77 3.84 49.65
C23 PX4 RC . -9.92 5.13 49.18
O8 PX4 RC . -9.05 5.98 49.39
C24 PX4 RC . -11.18 5.36 48.35
C25 PX4 RC . -11.00 4.78 46.96
C26 PX4 RC . -12.07 5.12 45.94
C27 PX4 RC . -12.28 6.62 45.75
C28 PX4 RC . -13.36 6.91 44.69
C29 PX4 RC . -12.66 7.04 43.34
C30 PX4 RC . -13.76 7.20 42.29
C31 PX4 RC . -13.06 7.51 40.97
C32 PX4 RC . -14.10 7.72 39.86
C33 PX4 RC . -13.40 7.93 38.52
C34 PX4 RC . -14.50 8.14 37.46
C35 PX4 RC . -13.81 8.11 36.10
C36 PX4 RC . -14.80 8.64 35.06
O1 PX4 SC . -13.53 -1.95 58.15
O2 PX4 SC . -12.50 -4.16 57.26
P1 PX4 SC . -13.07 -2.82 57.03
O3 PX4 SC . -12.06 -1.92 56.15
C1 PX4 SC . -11.05 -1.27 56.93
C2 PX4 SC . -10.34 -0.32 55.95
N1 PX4 SC . -9.01 -0.82 55.54
C3 PX4 SC . -8.04 -0.98 56.62
C4 PX4 SC . -9.14 -2.05 54.76
C5 PX4 SC . -8.53 0.18 54.56
O4 PX4 SC . -14.32 -2.92 56.04
C6 PX4 SC . -14.07 -3.92 55.05
C7 PX4 SC . -15.11 -4.27 53.97
C8 PX4 SC . -16.13 -3.15 53.97
O5 PX4 SC . -17.03 -3.28 52.87
C9 PX4 SC . -18.03 -4.22 52.91
O6 PX4 SC . -18.31 -4.95 53.86
C10 PX4 SC . -18.97 -4.19 51.71
C11 PX4 SC . -19.96 -3.01 51.61
C12 PX4 SC . -20.76 -3.14 50.32
C13 PX4 SC . -21.50 -4.48 50.29
C14 PX4 SC . -22.50 -4.53 49.12
C15 PX4 SC . -21.83 -4.43 47.75
C16 PX4 SC . -22.75 -4.55 46.51
C17 PX4 SC . -21.86 -4.44 45.27
C18 PX4 SC . -22.78 -4.15 44.10
C19 PX4 SC . -21.87 -4.21 42.87
C20 PX4 SC . -22.69 -3.86 41.62
C21 PX4 SC . -21.90 -3.65 40.32
C22 PX4 SC . -20.91 -2.51 40.52
O7 PX4 SC . -14.39 -4.67 52.80
C23 PX4 SC . -14.68 -5.94 52.36
O8 PX4 SC . -15.27 -6.75 53.08
C24 PX4 SC . -14.05 -6.33 51.03
C25 PX4 SC . -15.04 -7.09 50.14
C26 PX4 SC . -16.17 -6.23 49.57
C27 PX4 SC . -16.92 -6.88 48.41
C28 PX4 SC . -18.23 -6.16 48.10
C29 PX4 SC . -18.94 -6.62 46.82
C30 PX4 SC . -18.01 -6.60 45.62
C31 PX4 SC . -18.86 -6.99 44.40
C32 PX4 SC . -18.13 -7.21 43.07
C33 PX4 SC . -19.10 -7.13 41.89
C34 PX4 SC . -18.40 -7.21 40.52
C35 PX4 SC . -19.38 -7.22 39.35
C36 PX4 SC . -18.62 -7.45 38.06
O1 PX4 TC . -21.05 -5.69 58.42
O2 PX4 TC . -21.02 -3.76 60.03
P1 PX4 TC . -21.80 -4.61 59.11
O3 PX4 TC . -23.17 -5.14 59.78
C1 PX4 TC . -23.85 -5.93 58.82
C2 PX4 TC . -24.35 -7.33 59.18
N1 PX4 TC . -25.30 -8.02 58.28
C3 PX4 TC . -24.73 -8.35 56.98
C4 PX4 TC . -25.75 -9.31 58.84
C5 PX4 TC . -26.53 -7.28 57.96
O4 PX4 TC . -22.35 -3.59 58.00
C6 PX4 TC . -21.35 -2.73 57.47
C7 PX4 TC . -20.90 -3.05 56.03
C8 PX4 TC . -21.97 -4.02 55.49
O5 PX4 TC . -21.67 -5.36 55.12
C9 PX4 TC . -22.71 -6.05 54.56
O6 PX4 TC . -23.84 -5.61 54.75
C10 PX4 TC . -22.51 -7.33 53.73
C11 PX4 TC . -21.05 -7.43 53.25
C12 PX4 TC . -20.95 -8.51 52.17
C13 PX4 TC . -21.77 -8.12 50.93
C14 PX4 TC . -21.53 -9.26 49.93
C15 PX4 TC . -22.41 -8.94 48.74
C16 PX4 TC . -22.34 -10.18 47.84
C17 PX4 TC . -23.09 -9.91 46.54
C18 PX4 TC . -22.43 -8.73 45.82
C19 PX4 TC . -23.07 -8.25 44.51
C20 PX4 TC . -22.56 -8.93 43.24
C21 PX4 TC . -23.21 -8.27 42.01
C22 PX4 TC . -22.58 -8.93 40.78
O7 PX4 TC . -20.70 -1.84 55.31
C23 PX4 TC . -19.62 -1.07 55.57
O8 PX4 TC . -18.69 -1.49 56.26
C24 PX4 TC . -19.52 0.14 54.63
C25 PX4 TC . -18.30 0.03 53.73
C26 PX4 TC . -18.25 1.16 52.70
C27 PX4 TC . -17.09 0.89 51.72
C28 PX4 TC . -17.36 -0.40 50.98
C29 PX4 TC . -16.36 -0.60 49.83
C30 PX4 TC . -16.59 -1.90 49.06
C31 PX4 TC . -15.47 -2.07 48.04
C32 PX4 TC . -15.78 -3.24 47.09
C33 PX4 TC . -14.71 -3.38 46.01
C34 PX4 TC . -15.17 -4.30 44.88
C35 PX4 TC . -14.06 -4.57 43.87
C36 PX4 TC . -14.66 -5.79 43.18
O1 PX4 UC . -14.78 -16.61 56.54
O2 PX4 UC . -12.35 -17.47 56.46
P1 PX4 UC . -13.32 -16.35 56.40
O3 PX4 UC . -12.80 -15.32 57.53
C1 PX4 UC . -12.10 -16.12 58.48
C2 PX4 UC . -11.99 -15.49 59.87
N1 PX4 UC . -11.06 -15.88 60.94
C3 PX4 UC . -9.64 -15.89 60.56
C4 PX4 UC . -11.12 -14.88 62.02
C5 PX4 UC . -11.26 -17.25 61.43
O4 PX4 UC . -13.18 -15.52 55.03
C6 PX4 UC . -14.24 -14.56 54.99
C7 PX4 UC . -13.81 -13.51 53.97
C8 PX4 UC . -13.30 -14.27 52.74
O5 PX4 UC . -12.98 -13.47 51.60
C9 PX4 UC . -12.62 -14.14 50.47
O6 PX4 UC . -13.27 -15.16 50.25
C10 PX4 UC . -11.88 -13.36 49.38
C11 PX4 UC . -12.48 -12.03 48.92
C12 PX4 UC . -13.78 -12.18 48.15
C13 PX4 UC . -13.56 -13.15 46.97
C14 PX4 UC . -14.84 -13.17 46.13
C15 PX4 UC . -14.55 -13.98 44.86
C16 PX4 UC . -15.69 -13.89 43.85
C17 PX4 UC . -15.42 -14.84 42.67
C18 PX4 UC . -16.69 -15.25 41.94
C19 PX4 UC . -16.55 -15.99 40.60
C20 PX4 UC . -17.89 -15.87 39.87
C21 PX4 UC . -17.67 -16.35 38.44
C22 PX4 UC . -18.87 -16.02 37.54
O7 PX4 UC . -14.87 -12.60 53.62
C23 PX4 UC . -14.58 -11.30 53.39
O8 PX4 UC . -13.64 -10.72 53.95
C24 PX4 UC . -15.53 -10.52 52.47
C25 PX4 UC . -15.88 -11.46 51.32
C26 PX4 UC . -16.99 -10.78 50.48
C27 PX4 UC . -17.36 -11.60 49.25
C28 PX4 UC . -17.75 -10.81 48.00
C29 PX4 UC . -18.29 -11.68 46.87
C30 PX4 UC . -18.63 -10.93 45.57
C31 PX4 UC . -18.78 -11.91 44.42
C32 PX4 UC . -19.30 -11.12 43.20
C33 PX4 UC . -19.16 -12.03 41.99
C34 PX4 UC . -19.46 -11.36 40.64
C35 PX4 UC . -19.58 -12.33 39.47
C36 PX4 UC . -19.94 -11.56 38.19
O1 PX4 VC . -7.00 -19.58 53.06
O2 PX4 VC . -9.49 -19.75 53.74
P1 PX4 VC . -8.31 -20.27 53.02
O3 PX4 VC . -7.92 -21.71 53.62
C1 PX4 VC . -9.06 -22.49 54.01
C2 PX4 VC . -8.85 -24.02 54.02
N1 PX4 VC . -8.45 -24.83 52.87
C3 PX4 VC . -9.15 -24.54 51.60
C4 PX4 VC . -7.03 -24.82 52.56
C5 PX4 VC . -8.83 -26.22 53.14
O4 PX4 VC . -8.88 -20.85 51.61
C6 PX4 VC . -7.64 -20.97 50.88
C7 PX4 VC . -7.74 -21.76 49.56
C8 PX4 VC . -9.02 -21.26 48.90
O5 PX4 VC . -10.02 -22.26 48.76
C9 PX4 VC . -11.32 -21.97 48.52
O6 PX4 VC . -11.69 -20.80 48.42
C10 PX4 VC . -12.27 -23.16 48.36
C11 PX4 VC . -12.02 -23.67 46.94
C12 PX4 VC . -12.80 -24.96 46.63
C13 PX4 VC . -12.54 -25.43 45.21
C14 PX4 VC . -13.28 -24.45 44.29
C15 PX4 VC . -13.22 -24.97 42.86
C16 PX4 VC . -11.76 -24.84 42.38
C17 PX4 VC . -11.61 -24.73 40.87
C18 PX4 VC . -10.14 -25.11 40.61
C19 PX4 VC . -9.68 -24.71 39.21
C20 PX4 VC . -8.17 -24.96 39.33
C21 PX4 VC . -7.50 -24.12 40.39
C22 PX4 VC . -6.01 -24.45 40.31
O7 PX4 VC . -6.62 -21.71 48.68
C23 PX4 VC . -5.43 -22.30 48.98
O8 PX4 VC . -5.38 -23.17 49.85
C24 PX4 VC . -4.50 -22.24 47.78
C25 PX4 VC . -3.07 -22.71 48.08
C26 PX4 VC . -2.24 -22.43 46.81
C27 PX4 VC . -0.84 -23.02 46.90
C28 PX4 VC . -0.16 -22.77 45.55
C29 PX4 VC . -0.16 -21.30 45.11
C30 PX4 VC . 0.36 -21.14 43.68
C31 PX4 VC . 0.79 -19.70 43.37
C32 PX4 VC . 1.24 -19.55 41.91
C33 PX4 VC . 1.81 -18.16 41.62
C34 PX4 VC . 2.10 -17.99 40.12
C35 PX4 VC . 2.51 -16.55 39.81
C36 PX4 VC . 2.69 -16.23 38.32
O1 PX4 WC . 18.74 -8.29 49.44
O2 PX4 WC . 18.25 -6.31 47.90
P1 PX4 WC . 18.69 -7.72 48.08
O3 PX4 WC . 18.08 -8.82 47.07
C1 PX4 WC . 17.11 -9.60 47.77
C2 PX4 WC . 16.28 -10.52 46.87
N1 PX4 WC . 16.80 -11.78 46.35
C3 PX4 WC . 15.84 -12.19 45.32
C4 PX4 WC . 18.14 -11.61 45.76
C5 PX4 WC . 16.81 -12.70 47.51
O4 PX4 WC . 20.12 -7.79 47.36
C6 PX4 WC . 19.99 -7.48 45.97
C7 PX4 WC . 21.28 -7.31 45.17
C8 PX4 WC . 22.10 -8.59 45.40
O5 PX4 WC . 21.38 -9.74 44.99
C9 PX4 WC . 22.28 -10.74 44.89
O6 PX4 WC . 23.37 -10.76 45.48
C10 PX4 WC . 21.72 -12.03 44.30
C11 PX4 WC . 22.52 -12.39 43.04
C12 PX4 WC . 21.69 -12.22 41.77
C13 PX4 WC . 22.49 -12.85 40.62
C14 PX4 WC . 21.68 -12.74 39.33
C15 PX4 WC . 22.58 -13.09 38.15
C16 PX4 WC . 23.14 -14.51 38.25
C17 PX4 WC . 23.91 -14.92 36.99
C18 PX4 WC . 23.29 -14.43 35.69
C19 PX4 WC . 24.21 -14.65 34.48
C20 PX4 WC . 25.33 -13.62 34.56
C21 PX4 WC . 26.18 -13.65 33.28
C22 PX4 WC . 27.10 -14.87 33.17
O7 PX4 WC . 21.18 -6.95 43.79
C23 PX4 WC . 20.86 -5.69 43.42
O8 PX4 WC . 21.11 -4.79 44.22
C24 PX4 WC . 20.57 -5.42 41.94
C25 PX4 WC . 21.12 -4.20 41.19
C26 PX4 WC . 21.31 -4.53 39.72
C27 PX4 WC . 22.15 -3.46 39.02
C28 PX4 WC . 22.57 -3.86 37.60
C29 PX4 WC . 23.65 -4.94 37.75
C30 PX4 WC . 24.23 -5.48 36.43
C31 PX4 WC . 24.98 -6.80 36.65
C32 PX4 WC . 25.21 -7.48 35.29
C33 PX4 WC . 26.07 -8.75 35.34
C34 PX4 WC . 25.73 -9.62 36.56
C35 PX4 WC . 26.66 -10.82 36.72
C36 PX4 WC . 26.24 -11.65 37.94
O1 PX4 XC . 19.03 -12.07 49.51
O2 PX4 XC . 21.37 -13.06 50.22
P1 PX4 XC . 20.30 -12.79 49.24
O3 PX4 XC . 20.99 -11.67 48.31
C1 PX4 XC . 21.47 -10.71 49.25
C2 PX4 XC . 22.51 -9.84 48.54
N1 PX4 XC . 23.17 -8.92 49.48
C3 PX4 XC . 22.17 -8.03 50.06
C4 PX4 XC . 24.01 -9.61 50.47
C5 PX4 XC . 23.90 -8.02 48.59
O4 PX4 XC . 20.15 -13.94 48.13
C6 PX4 XC . 21.45 -14.41 47.76
C7 PX4 XC . 21.48 -15.43 46.63
C8 PX4 XC . 20.10 -15.38 45.97
O5 PX4 XC . 19.34 -16.58 45.94
C9 PX4 XC . 17.99 -16.36 46.04
O6 PX4 XC . 17.50 -15.26 46.32
C10 PX4 XC . 17.12 -17.58 45.71
C11 PX4 XC . 16.86 -17.95 44.26
C12 PX4 XC . 15.94 -19.14 43.93
C13 PX4 XC . 16.54 -19.69 42.63
C14 PX4 XC . 16.48 -18.56 41.60
C15 PX4 XC . 17.25 -18.91 40.32
C16 PX4 XC . 17.28 -17.68 39.42
C17 PX4 XC . 15.87 -17.14 39.19
C18 PX4 XC . 15.85 -15.74 38.57
C19 PX4 XC . 14.50 -15.42 37.93
C20 PX4 XC . 13.63 -14.97 39.10
C21 PX4 XC . 12.25 -14.61 38.54
C22 PX4 XC . 12.24 -13.53 37.46
O7 PX4 XC . 22.54 -15.30 45.66
C23 PX4 XC . 23.83 -15.62 45.97
O8 PX4 XC . 24.21 -15.93 47.10
C24 PX4 XC . 24.85 -15.65 44.83
C25 PX4 XC . 24.25 -16.28 43.58
C26 PX4 XC . 25.35 -16.91 42.73
C27 PX4 XC . 24.95 -17.76 41.53
C28 PX4 XC . 24.06 -18.92 41.94
C29 PX4 XC . 23.12 -19.33 40.81
C30 PX4 XC . 22.14 -20.49 41.03
C31 PX4 XC . 21.01 -20.41 39.99
C32 PX4 XC . 20.03 -21.60 39.98
C33 PX4 XC . 19.12 -21.43 38.75
C34 PX4 XC . 18.29 -22.71 38.65
C35 PX4 XC . 17.18 -22.37 37.65
C36 PX4 XC . 16.40 -23.52 37.02
O1 PX4 YC . -17.97 8.38 59.37
O2 PX4 YC . -16.18 6.50 59.16
P1 PX4 YC . -16.70 7.85 58.84
O3 PX4 YC . -15.53 8.87 59.28
C1 PX4 YC . -14.86 8.51 60.48
C2 PX4 YC . -13.49 9.17 60.71
N1 PX4 YC . -12.37 8.84 59.81
C3 PX4 YC . -12.59 9.31 58.43
C4 PX4 YC . -11.10 9.40 60.30
C5 PX4 YC . -12.20 7.39 59.76
O4 PX4 YC . -16.41 8.00 57.26
C6 PX4 YC . -16.65 9.35 56.91
C7 PX4 YC . -16.54 9.59 55.41
C8 PX4 YC . -17.93 9.24 54.86
O5 PX4 YC . -18.13 7.88 54.48
C9 PX4 YC . -19.42 7.57 54.16
O6 PX4 YC . -20.37 8.27 54.49
C10 PX4 YC . -19.54 6.21 53.49
C11 PX4 YC . -19.05 6.02 52.06
C12 PX4 YC . -19.75 4.90 51.30
C13 PX4 YC . -19.12 4.58 49.93
C14 PX4 YC . -20.21 3.97 49.05
C15 PX4 YC . -21.34 4.99 48.98
C16 PX4 YC . -22.44 4.32 48.15
C17 PX4 YC . -21.99 4.01 46.71
C18 PX4 YC . -22.95 3.00 46.08
C19 PX4 YC . -22.70 3.02 44.57
C20 PX4 YC . -21.21 2.78 44.32
C21 PX4 YC . -21.04 3.07 42.81
C22 PX4 YC . -19.67 2.87 42.20
O7 PX4 YC . -15.97 10.84 55.03
C23 PX4 YC . -15.29 10.88 53.84
O8 PX4 YC . -14.96 9.90 53.18
C24 PX4 YC . -14.75 12.25 53.47
C25 PX4 YC . -15.56 12.90 52.33
C26 PX4 YC . -14.79 12.80 51.02
C27 PX4 YC . -15.57 13.26 49.77
C28 PX4 YC . -14.99 12.61 48.52
C29 PX4 YC . -15.86 13.14 47.38
C30 PX4 YC . -15.46 12.58 46.00
C31 PX4 YC . -15.62 11.07 45.89
C32 PX4 YC . -15.27 10.61 44.48
C33 PX4 YC . -16.09 11.27 43.36
C34 PX4 YC . -15.54 10.87 41.98
C35 PX4 YC . -16.66 11.12 40.96
C36 PX4 YC . -17.11 12.58 41.08
O1 PX4 ZC . -16.30 22.65 52.80
O2 PX4 ZC . -17.85 21.01 54.10
P1 PX4 ZC . -16.78 21.29 53.10
O3 PX4 ZC . -15.65 20.16 53.24
C1 PX4 ZC . -16.21 18.86 53.41
C2 PX4 ZC . -15.15 17.86 53.91
N1 PX4 ZC . -14.69 17.85 55.31
C3 PX4 ZC . -13.91 16.63 55.56
C4 PX4 ZC . -13.79 18.99 55.59
C5 PX4 ZC . -15.84 18.13 56.19
O4 PX4 ZC . -17.33 20.69 51.72
C6 PX4 ZC . -16.80 21.38 50.59
C7 PX4 ZC . -17.51 21.09 49.27
C8 PX4 ZC . -18.65 20.15 49.61
O5 PX4 ZC . -18.50 18.80 49.16
C9 PX4 ZC . -17.93 17.82 49.90
O6 PX4 ZC . -17.93 17.87 51.13
C10 PX4 ZC . -17.54 16.47 49.30
C11 PX4 ZC . -18.68 15.85 48.49
C12 PX4 ZC . -18.91 16.37 47.07
C13 PX4 ZC . -19.82 15.41 46.30
C14 PX4 ZC . -19.14 14.06 46.00
C15 PX4 ZC . -20.13 13.11 45.35
C16 PX4 ZC . -19.48 11.81 44.86
C17 PX4 ZC . -20.41 10.62 45.06
C18 PX4 ZC . -19.87 9.27 44.55
C19 PX4 ZC . -18.59 8.82 45.25
C20 PX4 ZC . -18.08 7.53 44.61
C21 PX4 ZC . -18.06 7.73 43.09
C22 PX4 ZC . -17.40 6.53 42.41
O7 PX4 ZC . -17.98 22.16 48.43
C23 PX4 ZC . -17.18 22.94 47.66
O8 PX4 ZC . -15.97 23.16 47.72
C24 PX4 ZC . -18.02 23.80 46.71
C25 PX4 ZC . -17.88 23.33 45.27
C26 PX4 ZC . -18.84 24.16 44.42
C27 PX4 ZC . -18.65 23.90 42.93
C28 PX4 ZC . -19.87 24.48 42.19
C29 PX4 ZC . -19.73 26.00 42.17
C30 PX4 ZC . -20.80 26.77 41.39
C31 PX4 ZC . -22.09 26.28 42.06
C32 PX4 ZC . -23.35 26.91 41.45
C33 PX4 ZC . -24.66 26.43 42.11
C34 PX4 ZC . -25.87 26.96 41.35
C35 PX4 ZC . -27.11 26.89 42.23
C36 PX4 ZC . -26.89 27.79 43.44
O1 PX4 AD . -11.24 20.26 52.69
O2 PX4 AD . -10.10 17.97 53.24
P1 PX4 AD . -10.84 18.87 52.34
O3 PX4 AD . -9.87 18.96 51.06
C1 PX4 AD . -8.73 19.70 51.53
C2 PX4 AD . -7.83 20.07 50.36
N1 PX4 AD . -6.40 20.26 50.65
C3 PX4 AD . -5.84 18.91 50.87
C4 PX4 AD . -5.80 20.82 49.43
C5 PX4 AD . -5.95 21.16 51.71
O4 PX4 AD . -12.05 17.98 51.77
C6 PX4 AD . -11.58 16.93 50.94
C7 PX4 AD . -12.70 15.91 50.70
C8 PX4 AD . -13.79 16.73 50.01
O5 PX4 AD . -13.36 17.73 49.08
C9 PX4 AD . -13.86 18.99 49.20
O6 PX4 AD . -14.61 19.37 50.10
C10 PX4 AD . -13.42 19.89 48.03
C11 PX4 AD . -14.39 19.59 46.87
C12 PX4 AD . -13.82 20.28 45.64
C13 PX4 AD . -14.78 20.25 44.44
C14 PX4 AD . -14.20 21.00 43.24
C15 PX4 AD . -15.07 21.07 41.99
C16 PX4 AD . -14.64 22.03 40.90
C17 PX4 AD . -15.58 22.00 39.68
C18 PX4 AD . -15.33 23.13 38.67
C19 PX4 AD . -16.24 23.06 37.46
C20 PX4 AD . -17.73 23.26 37.80
C21 PX4 AD . -18.60 22.74 36.65
C22 PX4 AD . -20.02 22.39 37.08
O7 PX4 AD . -12.20 14.82 49.94
C23 PX4 AD . -11.25 13.94 50.37
O8 PX4 AD . -10.94 13.88 51.54
C24 PX4 AD . -10.88 12.85 49.37
C25 PX4 AD . -11.39 13.19 47.97
C26 PX4 AD . -10.92 12.03 47.07
C27 PX4 AD . -11.54 12.16 45.67
C28 PX4 AD . -10.92 11.28 44.60
C29 PX4 AD . -11.29 11.74 43.18
C30 PX4 AD . -10.61 10.96 42.06
C31 PX4 AD . -11.34 11.29 40.75
C32 PX4 AD . -10.55 10.59 39.63
C33 PX4 AD . -11.12 10.86 38.23
C34 PX4 AD . -10.37 10.24 37.06
C35 PX4 AD . -10.84 10.85 35.75
C36 PX4 AD . -9.99 10.35 34.59
O1 PX4 BD . -0.94 -5.12 53.76
O2 PX4 BD . -1.86 -7.12 52.38
P1 PX4 BD . -1.07 -5.87 52.49
O3 PX4 BD . 0.39 -6.07 51.86
C1 PX4 BD . 0.24 -6.87 50.69
C2 PX4 BD . 1.48 -6.99 49.81
N1 PX4 BD . 1.65 -5.87 48.88
C3 PX4 BD . 1.81 -4.58 49.57
C4 PX4 BD . 2.82 -6.21 48.04
C5 PX4 BD . 0.49 -5.84 47.96
O4 PX4 BD . -1.67 -4.82 51.43
C6 PX4 BD . -2.75 -4.04 51.96
C7 PX4 BD . -3.44 -3.17 50.91
C8 PX4 BD . -2.58 -3.27 49.65
O5 PX4 BD . -2.62 -2.15 48.78
C9 PX4 BD . -1.90 -2.32 47.64
O6 PX4 BD . -1.34 -3.39 47.38
C10 PX4 BD . -1.82 -1.04 46.80
C11 PX4 BD . -2.82 -0.96 45.66
C12 PX4 BD . -2.50 0.19 44.72
C13 PX4 BD . -3.44 0.28 43.52
C14 PX4 BD . -2.82 1.08 42.35
C15 PX4 BD . -3.49 0.92 40.98
C16 PX4 BD . -4.98 1.23 41.07
C17 PX4 BD . -5.73 0.47 39.97
C18 PX4 BD . -5.18 0.80 38.58
C19 PX4 BD . -6.07 0.32 37.43
C20 PX4 BD . -7.46 0.93 37.50
C21 PX4 BD . -8.46 0.18 36.63
C22 PX4 BD . -8.20 0.64 35.20
O7 PX4 BD . -4.81 -3.55 50.68
C23 PX4 BD . -5.69 -3.36 51.69
O8 PX4 BD . -5.48 -2.76 52.75
C24 PX4 BD . -7.11 -3.89 51.50
C25 PX4 BD . -7.33 -4.46 50.09
C26 PX4 BD . -8.69 -5.16 49.94
C27 PX4 BD . -8.93 -5.68 48.53
C28 PX4 BD . -10.19 -6.56 48.61
C29 PX4 BD . -10.91 -6.62 47.26
C30 PX4 BD . -12.03 -7.66 47.27
C31 PX4 BD . -12.35 -7.95 45.79
C32 PX4 BD . -13.61 -8.79 45.62
C33 PX4 BD . -13.82 -9.07 44.12
C34 PX4 BD . -15.08 -9.92 44.00
C35 PX4 BD . -15.55 -9.99 42.55
C36 PX4 BD . -14.58 -10.83 41.70
O1 PX4 CD . 1.75 2.70 51.28
O2 PX4 CD . 2.33 5.21 51.35
P1 PX4 CD . 1.37 4.12 51.06
O3 PX4 CD . 0.12 4.41 52.04
C1 PX4 CD . 0.71 4.63 53.34
C2 PX4 CD . -0.28 4.98 54.45
N1 PX4 CD . -1.28 4.04 55.00
C3 PX4 CD . -2.23 3.54 54.00
C4 PX4 CD . -0.59 2.95 55.71
C5 PX4 CD . -2.00 4.71 56.09
O4 PX4 CD . 0.81 4.29 49.56
C6 PX4 CD . -0.03 3.24 49.10
C7 PX4 CD . -0.88 3.60 47.88
C8 PX4 CD . -0.10 3.33 46.61
O5 PX4 CD . 0.37 4.51 45.99
C9 PX4 CD . 1.07 4.36 44.84
O6 PX4 CD . 1.50 3.25 44.51
C10 PX4 CD . 1.13 5.53 43.85
C11 PX4 CD . 1.32 5.02 42.44
C12 PX4 CD . 1.48 6.19 41.46
C13 PX4 CD . 1.69 5.65 40.04
C14 PX4 CD . 2.94 4.78 39.99
C15 PX4 CD . 3.19 4.22 38.59
C16 PX4 CD . 4.49 3.43 38.71
C17 PX4 CD . 4.92 2.91 37.33
C18 PX4 CD . 6.12 1.95 37.35
C19 PX4 CD . 6.30 1.22 36.02
C20 PX4 CD . 7.56 0.35 35.93
C21 PX4 CD . 7.76 -0.63 34.78
C22 PX4 CD . 6.56 -1.56 34.56
O7 PX4 CD . -2.20 3.04 47.81
C23 PX4 CD . -3.18 3.81 48.38
O8 PX4 CD . -2.98 4.87 48.98
C24 PX4 CD . -4.58 3.25 48.19
C25 PX4 CD . -5.24 3.62 46.86
C26 PX4 CD . -6.53 2.79 46.80
C27 PX4 CD . -7.46 3.35 45.72
C28 PX4 CD . -8.58 2.40 45.34
C29 PX4 CD . -9.28 2.71 44.01
C30 PX4 CD . -8.22 2.73 42.91
C31 PX4 CD . -8.76 3.22 41.56
C32 PX4 CD . -9.77 2.29 40.90
C33 PX4 CD . -10.53 2.98 39.78
C34 PX4 CD . -11.54 2.01 39.16
C35 PX4 CD . -12.06 2.63 37.86
C36 PX4 CD . -12.58 4.03 38.22
O1 PX4 DD . -9.90 -15.66 53.20
O2 PX4 DD . -7.55 -14.44 53.04
P1 PX4 DD . -8.81 -14.98 52.46
O3 PX4 DD . -9.59 -13.57 52.29
C1 PX4 DD . -10.03 -13.06 53.55
C2 PX4 DD . -10.59 -11.65 53.36
N1 PX4 DD . -9.74 -10.56 52.88
C3 PX4 DD . -9.98 -10.27 51.46
C4 PX4 DD . -10.14 -9.35 53.61
C5 PX4 DD . -8.30 -10.83 53.08
O4 PX4 DD . -8.86 -15.37 50.90
C6 PX4 DD . -8.11 -14.33 50.28
C7 PX4 DD . -8.01 -14.31 48.75
C8 PX4 DD . -8.27 -15.77 48.39
O5 PX4 DD . -7.06 -16.45 48.05
C9 PX4 DD . -7.21 -17.81 47.97
O6 PX4 DD . -8.29 -18.20 48.37
C10 PX4 DD . -6.05 -18.65 47.45
C11 PX4 DD . -6.23 -18.80 45.93
C12 PX4 DD . -5.12 -19.69 45.36
C13 PX4 DD . -5.23 -19.67 43.83
C14 PX4 DD . -4.22 -20.72 43.35
C15 PX4 DD . -4.82 -22.10 43.61
C16 PX4 DD . -3.76 -23.21 43.55
C17 PX4 DD . -4.41 -24.57 43.76
C18 PX4 DD . -3.38 -25.68 43.99
C19 PX4 DD . -4.13 -26.99 44.22
C20 PX4 DD . -4.62 -27.54 42.88
C21 PX4 DD . -3.45 -28.09 42.07
C22 PX4 DD . -3.15 -27.47 40.71
O7 PX4 DD . -8.89 -13.42 48.05
C23 PX4 DD . -8.64 -12.11 47.84
O8 PX4 DD . -7.98 -11.52 48.69
C24 PX4 DD . -9.51 -11.28 46.90
C25 PX4 DD . -9.75 -12.12 45.64
C26 PX4 DD . -10.68 -11.53 44.58
C27 PX4 DD . -10.68 -12.27 43.24
C28 PX4 DD . -11.48 -13.56 43.36
C29 PX4 DD . -11.35 -14.37 42.06
C30 PX4 DD . -12.01 -15.71 42.41
C31 PX4 DD . -12.17 -16.59 41.17
C32 PX4 DD . -13.09 -17.76 41.51
C33 PX4 DD . -13.23 -18.59 40.23
C34 PX4 DD . -14.36 -19.59 40.44
C35 PX4 DD . -14.20 -20.73 39.41
C36 PX4 DD . -15.45 -21.58 39.20
O1 PX4 ED . 8.82 -6.54 51.56
O2 PX4 ED . 9.73 -8.86 51.68
P1 PX4 ED . 9.45 -7.67 50.84
O3 PX4 ED . 10.94 -7.16 50.52
C1 PX4 ED . 11.60 -6.48 51.57
C2 PX4 ED . 13.13 -6.48 51.58
N1 PX4 ED . 13.74 -7.69 52.16
C3 PX4 ED . 13.26 -8.92 51.53
C4 PX4 ED . 15.19 -7.57 51.96
C5 PX4 ED . 13.44 -7.87 53.58
O4 PX4 ED . 8.70 -8.01 49.47
C6 PX4 ED . 9.64 -8.44 48.48
C7 PX4 ED . 9.02 -8.73 47.12
C8 PX4 ED . 7.54 -8.39 47.17
O5 PX4 ED . 6.69 -9.36 46.54
C9 PX4 ED . 5.53 -8.75 46.18
O6 PX4 ED . 5.22 -7.57 46.36
C10 PX4 ED . 4.60 -9.70 45.43
C11 PX4 ED . 4.11 -9.02 44.15
C12 PX4 ED . 5.24 -8.86 43.12
C13 PX4 ED . 4.70 -8.61 41.72
C14 PX4 ED . 3.99 -7.24 41.66
C15 PX4 ED . 3.59 -6.84 40.23
C16 PX4 ED . 3.17 -5.38 40.08
C17 PX4 ED . 2.46 -4.87 38.84
C18 PX4 ED . 2.44 -3.35 38.68
C19 PX4 ED . 2.31 -3.10 37.17
C20 PX4 ED . 2.03 -1.63 36.91
C21 PX4 ED . 2.11 -1.56 35.38
C22 PX4 ED . 1.69 -0.18 34.85
O7 PX4 ED . 9.83 -8.19 46.06
C23 PX4 ED . 10.91 -8.82 45.55
O8 PX4 ED . 11.32 -9.93 45.89
C24 PX4 ED . 11.74 -7.99 44.58
C25 PX4 ED . 12.14 -8.62 43.25
C26 PX4 ED . 12.97 -7.70 42.35
C27 PX4 ED . 13.18 -8.53 41.08
C28 PX4 ED . 13.60 -9.98 41.34
C29 PX4 ED . 13.84 -10.74 40.02
C30 PX4 ED . 15.26 -11.28 39.96
C31 PX4 ED . 15.50 -12.22 41.14
C32 PX4 ED . 16.94 -12.72 41.14
C33 PX4 ED . 17.27 -13.95 42.00
C34 PX4 ED . 18.55 -14.64 41.52
C35 PX4 ED . 19.06 -15.72 42.48
C36 PX4 ED . 20.31 -16.31 41.82
O1 PX4 FD . 13.84 -8.03 48.24
O2 PX4 FD . 14.49 -5.60 48.85
P1 PX4 FD . 14.08 -6.62 47.86
O3 PX4 FD . 12.78 -6.06 47.08
C1 PX4 FD . 11.66 -5.96 47.96
C2 PX4 FD . 10.40 -5.33 47.37
N1 PX4 FD . 10.28 -3.88 47.43
C3 PX4 FD . 8.87 -3.61 47.07
C4 PX4 FD . 10.57 -3.23 48.73
C5 PX4 FD . 11.14 -3.25 46.42
O4 PX4 FD . 15.09 -6.62 46.60
C6 PX4 FD . 15.31 -5.37 45.93
C7 PX4 FD . 15.65 -5.55 44.44
C8 PX4 FD . 15.89 -7.05 44.21
O5 PX4 FD . 16.99 -7.33 43.37
C9 PX4 FD . 17.43 -8.61 43.34
O6 PX4 FD . 16.80 -9.61 43.66
C10 PX4 FD . 18.72 -8.67 42.50
C11 PX4 FD . 18.50 -8.93 41.01
C12 PX4 FD . 19.84 -8.85 40.29
C13 PX4 FD . 19.40 -8.81 38.82
C14 PX4 FD . 20.69 -8.87 37.99
C15 PX4 FD . 20.32 -9.03 36.52
C16 PX4 FD . 21.56 -9.04 35.63
C17 PX4 FD . 21.20 -9.57 34.26
C18 PX4 FD . 22.48 -9.52 33.43
C19 PX4 FD . 22.50 -10.57 32.31
C20 PX4 FD . 23.83 -10.61 31.55
C21 PX4 FD . 23.80 -11.76 30.55
C22 PX4 FD . 24.99 -11.78 29.58
O7 PX4 FD . 14.68 -4.94 43.59
C23 PX4 FD . 14.71 -3.59 43.42
O8 PX4 FD . 15.06 -2.87 44.35
C24 PX4 FD . 13.78 -3.10 42.30
C25 PX4 FD . 12.34 -3.54 42.58
C26 PX4 FD . 11.47 -3.01 41.42
C27 PX4 FD . 12.25 -3.33 40.14
C28 PX4 FD . 11.44 -3.30 38.86
C29 PX4 FD . 12.02 -3.93 37.59
C30 PX4 FD . 11.24 -3.62 36.32
C31 PX4 FD . 11.84 -4.25 35.05
C32 PX4 FD . 11.08 -3.91 33.77
C33 PX4 FD . 11.06 -2.38 33.52
C34 PX4 FD . 12.45 -1.76 33.42
C35 PX4 FD . 12.55 -0.30 32.96
C36 PX4 FD . 11.91 0.49 34.09
O1 PX4 GD . 26.56 6.73 47.80
O2 PX4 GD . 27.86 4.62 46.90
P1 PX4 GD . 27.50 6.06 46.85
O3 PX4 GD . 28.83 6.95 46.75
C1 PX4 GD . 28.48 8.33 46.61
C2 PX4 GD . 29.75 9.00 46.06
N1 PX4 GD . 29.82 10.44 46.40
C3 PX4 GD . 28.87 11.14 45.54
C4 PX4 GD . 29.65 10.80 47.81
C5 PX4 GD . 31.20 10.85 46.09
O4 PX4 GD . 26.77 6.26 45.43
C6 PX4 GD . 26.06 5.06 45.14
C7 PX4 GD . 25.50 4.94 43.71
C8 PX4 GD . 25.48 6.34 43.11
O5 PX4 GD . 24.73 6.55 41.89
C9 PX4 GD . 23.39 6.54 42.09
O6 PX4 GD . 22.96 6.78 43.22
C10 PX4 GD . 22.59 6.54 40.79
C11 PX4 GD . 22.04 7.91 40.42
C12 PX4 GD . 21.12 7.77 39.19
C13 PX4 GD . 21.79 6.89 38.16
C14 PX4 GD . 20.86 6.41 37.04
C15 PX4 GD . 21.46 5.86 35.75
C16 PX4 GD . 20.39 5.85 34.67
C17 PX4 GD . 20.88 5.08 33.45
C18 PX4 GD . 19.83 5.13 32.32
C19 PX4 GD . 20.64 4.53 31.17
C20 PX4 GD . 19.93 4.53 29.82
C21 PX4 GD . 20.99 4.34 28.73
C22 PX4 GD . 20.46 4.40 27.30
O7 PX4 GD . 26.26 3.98 42.98
C23 PX4 GD . 25.62 3.12 42.14
O8 PX4 GD . 24.41 3.16 41.95
C24 PX4 GD . 26.44 2.05 41.41
C25 PX4 GD . 27.01 2.70 40.15
C26 PX4 GD . 28.12 1.89 39.48
C27 PX4 GD . 28.25 2.36 38.03
C28 PX4 GD . 29.26 1.46 37.30
C29 PX4 GD . 28.70 0.03 37.21
C30 PX4 GD . 29.41 -0.97 36.28
C31 PX4 GD . 29.68 -0.43 34.87
C32 PX4 GD . 30.64 -1.22 33.97
C33 PX4 GD . 30.84 -0.67 32.56
C34 PX4 GD . 31.19 0.81 32.58
C35 PX4 GD . 31.28 1.32 31.14
C36 PX4 GD . 31.51 2.83 31.14
O1 PX4 HD . -15.58 12.39 59.57
O2 PX4 HD . -13.44 13.36 58.36
P1 PX4 HD . -14.86 13.38 58.74
O3 PX4 HD . -15.04 14.76 59.55
C1 PX4 HD . -15.26 14.46 60.92
C2 PX4 HD . -15.81 15.70 61.64
N1 PX4 HD . -15.90 15.58 63.10
C3 PX4 HD . -16.77 14.45 63.46
C4 PX4 HD . -14.56 15.41 63.70
C5 PX4 HD . -16.51 16.85 63.52
O4 PX4 HD . -15.87 13.80 57.56
C6 PX4 HD . -17.19 13.29 57.79
C7 PX4 HD . -18.25 13.89 56.86
C8 PX4 HD . -17.59 13.65 55.51
O5 PX4 HD . -18.51 13.76 54.43
C9 PX4 HD . -18.47 14.90 53.69
O6 PX4 HD . -17.46 15.58 53.89
C10 PX4 HD . -19.40 15.03 52.48
C11 PX4 HD . -20.63 14.18 52.81
C12 PX4 HD . -21.08 13.53 51.51
C13 PX4 HD . -19.93 12.75 50.88
C14 PX4 HD . -20.28 12.52 49.41
C15 PX4 HD . -19.15 11.71 48.75
C16 PX4 HD . -18.88 10.41 49.52
C17 PX4 HD . -17.75 9.79 48.71
C18 PX4 HD . -17.59 8.39 49.30
C19 PX4 HD . -16.20 7.89 48.87
C20 PX4 HD . -15.17 8.83 49.47
C21 PX4 HD . -13.75 8.27 49.32
C22 PX4 HD . -12.77 9.42 49.63
O7 PX4 HD . -19.60 13.43 56.98
C23 PX4 HD . -20.43 14.45 57.32
O8 PX4 HD . -19.95 15.56 57.49
C24 PX4 HD . -21.87 14.13 57.74
C25 PX4 HD . -22.94 15.01 57.09
C26 PX4 HD . -23.13 14.67 55.61
C27 PX4 HD . -24.07 15.61 54.84
C28 PX4 HD . -24.35 14.83 53.56
C29 PX4 HD . -25.28 15.62 52.64
C30 PX4 HD . -25.93 14.80 51.54
C31 PX4 HD . -26.94 15.62 50.74
C32 PX4 HD . -27.36 14.92 49.44
C33 PX4 HD . -28.24 15.95 48.71
C34 PX4 HD . -28.75 15.36 47.39
C35 PX4 HD . -29.57 16.53 46.82
C36 PX4 HD . -30.07 16.16 45.42
O1 PX4 ID . -4.17 28.32 46.77
O2 PX4 ID . -3.27 27.97 49.11
P1 PX4 ID . -3.02 27.98 47.64
O3 PX4 ID . -1.85 29.04 47.34
C1 PX4 ID . -0.85 29.05 48.37
C2 PX4 ID . 0.17 30.19 48.35
N1 PX4 ID . 1.10 30.47 49.46
C3 PX4 ID . 0.38 30.54 50.73
C4 PX4 ID . 2.00 29.32 49.45
C5 PX4 ID . 1.86 31.66 49.05
O4 PX4 ID . -2.23 26.69 47.09
C6 PX4 ID . -2.86 25.95 46.04
C7 PX4 ID . -1.95 25.00 45.26
C8 PX4 ID . -2.61 23.65 45.56
O5 PX4 ID . -3.96 23.55 46.01
C9 PX4 ID . -4.63 22.38 45.79
O6 PX4 ID . -4.03 21.31 45.70
C10 PX4 ID . -6.09 22.49 46.22
C11 PX4 ID . -6.98 21.38 45.66
C12 PX4 ID . -8.37 22.02 45.42
C13 PX4 ID . -9.38 21.01 44.87
C14 PX4 ID . -9.03 20.54 43.45
C15 PX4 ID . -10.39 20.30 42.80
C16 PX4 ID . -10.10 19.59 41.48
C17 PX4 ID . -11.45 19.36 40.80
C18 PX4 ID . -11.38 18.36 39.62
C19 PX4 ID . -12.60 18.46 38.71
C20 PX4 ID . -12.32 19.35 37.51
C21 PX4 ID . -13.39 19.51 36.44
C22 PX4 ID . -13.02 20.38 35.24
O7 PX4 ID . -1.88 25.28 43.86
C23 PX4 ID . -1.09 26.29 43.43
O8 PX4 ID . -0.49 26.98 44.26
C24 PX4 ID . -1.13 26.73 41.97
C25 PX4 ID . -2.58 26.85 41.50
C26 PX4 ID . -2.92 26.84 40.00
C27 PX4 ID . -4.39 27.20 39.79
C28 PX4 ID . -4.74 26.95 38.32
C29 PX4 ID . -4.46 25.49 37.96
C30 PX4 ID . -4.78 25.15 36.51
C31 PX4 ID . -4.59 23.68 36.09
C32 PX4 ID . -4.96 23.35 34.63
C33 PX4 ID . -4.30 22.06 34.16
C34 PX4 ID . -4.73 21.68 32.74
C35 PX4 ID . -4.00 20.46 32.20
C36 PX4 ID . -4.74 19.90 30.98
O1 PX4 JD . -7.13 17.48 53.51
O2 PX4 JD . -8.09 15.02 53.62
P1 PX4 JD . -7.48 16.16 52.90
O3 PX4 JD . -6.04 15.53 52.60
C1 PX4 JD . -5.46 15.36 53.90
C2 PX4 JD . -3.97 15.78 53.93
N1 PX4 JD . -3.20 15.50 55.14
C3 PX4 JD . -3.10 14.08 55.56
C4 PX4 JD . -1.79 15.84 54.88
C5 PX4 JD . -3.52 16.36 56.30
O4 PX4 JD . -7.63 16.28 51.31
C6 PX4 JD . -8.05 15.05 50.70
C7 PX4 JD . -8.05 15.07 49.18
C8 PX4 JD . -8.48 16.51 48.91
O5 PX4 JD . -9.60 16.54 48.02
C9 PX4 JD . -10.01 17.64 47.30
O6 PX4 JD . -9.46 18.73 47.25
C10 PX4 JD . -11.22 17.26 46.44
C11 PX4 JD . -10.68 17.09 45.02
C12 PX4 JD . -11.83 16.88 44.04
C13 PX4 JD . -12.71 15.67 44.35
C14 PX4 JD . -13.75 15.54 43.24
C15 PX4 JD . -13.02 15.19 41.94
C16 PX4 JD . -14.00 15.08 40.78
C17 PX4 JD . -13.13 14.72 39.58
C18 PX4 JD . -14.12 14.19 38.52
C19 PX4 JD . -13.35 14.01 37.21
C20 PX4 JD . -12.58 15.28 36.82
C21 PX4 JD . -11.82 15.08 35.52
C22 PX4 JD . -10.88 16.24 35.15
O7 PX4 JD . -6.87 14.62 48.49
C23 PX4 JD . -6.97 13.38 47.97
O8 PX4 JD . -7.67 12.51 48.47
C24 PX4 JD . -5.93 12.92 46.94
C25 PX4 JD . -6.59 12.20 45.78
C26 PX4 JD . -5.69 11.71 44.63
C27 PX4 JD . -6.59 11.34 43.46
C28 PX4 JD . -5.79 10.74 42.30
C29 PX4 JD . -6.53 10.67 40.97
C30 PX4 JD . -6.89 12.05 40.40
C31 PX4 JD . -7.19 12.05 38.89
C32 PX4 JD . -6.06 11.62 37.96
C33 PX4 JD . -6.50 11.58 36.51
C34 PX4 JD . -5.35 11.07 35.63
C35 PX4 JD . -5.96 11.01 34.22
C36 PX4 JD . -6.43 12.39 33.76
O1 PX4 KD . 0.21 -12.57 51.91
O2 PX4 KD . 0.86 -10.11 51.72
P1 PX4 KD . -0.16 -11.17 51.58
O3 PX4 KD . -1.37 -10.81 52.56
C1 PX4 KD . -0.73 -10.39 53.76
C2 PX4 KD . -1.81 -10.24 54.83
N1 PX4 KD . -1.53 -9.34 55.96
C3 PX4 KD . -2.14 -8.03 55.69
C4 PX4 KD . -2.02 -9.91 57.22
C5 PX4 KD . -0.08 -9.09 56.11
O4 PX4 KD . -1.07 -11.07 50.26
C6 PX4 KD . -2.25 -11.87 50.41
C7 PX4 KD . -3.36 -11.48 49.43
C8 PX4 KD . -3.05 -10.02 49.08
O5 PX4 KD . -4.05 -9.01 49.25
C9 PX4 KD . -3.53 -7.83 48.84
O6 PX4 KD . -2.31 -7.70 48.80
C10 PX4 KD . -4.44 -6.61 48.78
C11 PX4 KD . -4.87 -6.31 47.34
C12 PX4 KD . -3.72 -5.86 46.45
C13 PX4 KD . -4.37 -5.62 45.09
C14 PX4 KD . -3.32 -5.43 43.99
C15 PX4 KD . -3.84 -5.45 42.54
C16 PX4 KD . -4.26 -6.86 42.15
C17 PX4 KD . -4.62 -7.05 40.68
C18 PX4 KD . -5.15 -8.48 40.50
C19 PX4 KD . -4.12 -9.56 40.86
C20 PX4 KD . -4.89 -10.85 41.08
C21 PX4 KD . -4.13 -11.98 41.78
C22 PX4 KD . -3.34 -12.65 40.67
O7 PX4 KD . -3.49 -12.42 48.36
C23 PX4 KD . -4.38 -13.43 48.47
O8 PX4 KD . -4.94 -13.55 49.57
C24 PX4 KD . -4.49 -14.46 47.34
C25 PX4 KD . -5.64 -14.07 46.42
C26 PX4 KD . -5.62 -15.02 45.24
C27 PX4 KD . -6.69 -14.61 44.21
C28 PX4 KD . -6.67 -15.43 42.92
C29 PX4 KD . -7.80 -14.96 42.01
C30 PX4 KD . -7.55 -15.39 40.56
C31 PX4 KD . -8.45 -14.67 39.55
C32 PX4 KD . -8.05 -14.75 38.07
C33 PX4 KD . -7.89 -16.21 37.69
C34 PX4 KD . -7.29 -16.38 36.29
C35 PX4 KD . -7.55 -17.82 35.80
C36 PX4 KD . -9.02 -18.20 35.73
O1 PX4 LD . 4.45 -2.57 49.90
O2 PX4 LD . 6.24 -1.99 47.91
P1 PX4 LD . 4.94 -2.38 48.52
O3 PX4 LD . 4.08 -1.05 48.21
C1 PX4 LD . 4.51 -0.03 49.10
C2 PX4 LD . 4.29 1.44 48.74
N1 PX4 LD . 5.27 2.17 47.92
C3 PX4 LD . 6.41 2.57 48.75
C4 PX4 LD . 5.91 1.35 46.89
C5 PX4 LD . 4.51 3.28 47.33
O4 PX4 LD . 4.24 -3.29 47.41
C6 PX4 LD . 4.22 -2.50 46.21
C7 PX4 LD . 3.67 -3.30 45.03
C8 PX4 LD . 4.71 -4.39 44.88
O5 PX4 LD . 5.54 -4.33 43.72
C9 PX4 LD . 6.74 -4.99 43.84
O6 PX4 LD . 7.13 -5.50 44.88
C10 PX4 LD . 7.61 -5.00 42.58
C11 PX4 LD . 7.27 -6.05 41.51
C12 PX4 LD . 8.06 -5.57 40.30
C13 PX4 LD . 8.08 -6.54 39.10
C14 PX4 LD . 9.04 -6.12 37.98
C15 PX4 LD . 8.89 -7.18 36.88
C16 PX4 LD . 9.24 -8.58 37.39
C17 PX4 LD . 9.24 -9.58 36.23
C18 PX4 LD . 10.33 -9.06 35.30
C19 PX4 LD . 10.57 -9.67 33.91
C20 PX4 LD . 11.00 -8.63 32.87
C21 PX4 LD . 11.47 -9.39 31.63
C22 PX4 LD . 12.25 -8.49 30.67
O7 PX4 LD . 2.26 -3.62 45.08
C23 PX4 LD . 1.38 -2.62 44.82
O8 PX4 LD . 1.54 -1.44 45.12
C24 PX4 LD . 0.10 -3.08 44.12
C25 PX4 LD . 0.15 -2.49 42.71
C26 PX4 LD . -1.18 -2.84 42.03
C27 PX4 LD . -1.19 -2.53 40.55
C28 PX4 LD . -2.52 -2.80 39.84
C29 PX4 LD . -2.12 -2.61 38.38
C30 PX4 LD . -3.22 -2.19 37.41
C31 PX4 LD . -2.43 -1.85 36.15
C32 PX4 LD . -3.43 -1.97 35.01
C33 PX4 LD . -2.88 -1.23 33.78
C34 PX4 LD . -2.90 0.29 33.99
C35 PX4 LD . -4.26 0.94 33.70
C36 PX4 LD . -4.45 2.36 34.22
O1 PX4 MD . 20.37 4.37 49.85
O2 PX4 MD . 18.17 3.17 50.36
P1 PX4 MD . 19.30 3.46 49.43
O3 PX4 MD . 19.95 1.99 49.48
C1 PX4 MD . 21.31 1.97 49.03
C2 PX4 MD . 21.80 0.54 48.82
N1 PX4 MD . 21.24 -0.31 47.76
C3 PX4 MD . 21.93 -1.61 47.68
C4 PX4 MD . 19.81 -0.59 47.98
C5 PX4 MD . 21.35 0.34 46.45
O4 PX4 MD . 19.05 3.38 47.84
C6 PX4 MD . 17.79 2.84 47.44
C7 PX4 MD . 17.63 2.51 45.95
C8 PX4 MD . 18.49 3.49 45.14
O5 PX4 MD . 17.88 4.21 44.06
C9 PX4 MD . 18.81 4.55 43.13
O6 PX4 MD . 20.00 4.39 43.45
C10 PX4 MD . 18.26 5.01 41.78
C11 PX4 MD . 18.22 3.81 40.83
C12 PX4 MD . 17.53 4.25 39.55
C13 PX4 MD . 17.66 3.18 38.45
C14 PX4 MD . 18.90 3.13 37.57
C15 PX4 MD . 18.69 2.06 36.50
C16 PX4 MD . 19.94 1.98 35.63
C17 PX4 MD . 19.99 0.65 34.87
C18 PX4 MD . 21.36 0.42 34.23
C19 PX4 MD . 21.44 1.28 32.97
C20 PX4 MD . 22.63 0.64 32.25
C21 PX4 MD . 23.38 1.77 31.54
C22 PX4 MD . 24.35 1.25 30.46
O7 PX4 MD . 17.98 1.18 45.54
C23 PX4 MD . 17.24 0.84 44.46
O8 PX4 MD . 16.16 1.41 44.36
C24 PX4 MD . 17.61 -0.49 43.78
C25 PX4 MD . 17.50 -0.37 42.26
C26 PX4 MD . 17.93 -1.71 41.66
C27 PX4 MD . 18.01 -1.58 40.14
C28 PX4 MD . 17.99 -3.03 39.63
C29 PX4 MD . 16.60 -3.68 39.69
C30 PX4 MD . 16.91 -5.14 39.36
C31 PX4 MD . 15.63 -5.99 39.19
C32 PX4 MD . 15.92 -7.37 38.59
C33 PX4 MD . 14.80 -7.76 37.62
C34 PX4 MD . 15.17 -7.44 36.16
C35 PX4 MD . 14.08 -7.94 35.21
C36 PX4 MD . 14.65 -7.79 33.79
O1 PX4 ND . 32.38 -6.28 47.81
O2 PX4 ND . 30.99 -7.62 49.51
P1 PX4 ND . 31.63 -7.50 48.19
O3 PX4 ND . 32.71 -8.67 47.98
C1 PX4 ND . 33.20 -9.10 49.27
C2 PX4 ND . 34.20 -10.23 49.17
N1 PX4 ND . 35.58 -10.00 48.70
C3 PX4 ND . 36.46 -11.18 48.61
C4 PX4 ND . 35.51 -9.41 47.36
C5 PX4 ND . 36.27 -9.07 49.62
O4 PX4 ND . 30.75 -8.04 46.95
C6 PX4 ND . 31.48 -7.94 45.73
C7 PX4 ND . 30.58 -7.89 44.49
C8 PX4 ND . 29.23 -8.43 44.94
O5 PX4 ND . 28.52 -9.29 44.05
C9 PX4 ND . 27.42 -9.89 44.60
O6 PX4 ND . 26.68 -9.18 45.28
C10 PX4 ND . 26.89 -11.17 43.98
C11 PX4 ND . 27.85 -12.23 43.43
C12 PX4 ND . 27.10 -13.10 42.42
C13 PX4 ND . 27.97 -13.63 41.30
C14 PX4 ND . 27.19 -14.47 40.30
C15 PX4 ND . 28.13 -14.91 39.18
C16 PX4 ND . 27.28 -15.75 38.21
C17 PX4 ND . 28.06 -16.45 37.09
C18 PX4 ND . 29.08 -17.47 37.60
C19 PX4 ND . 28.44 -18.62 38.39
C20 PX4 ND . 29.61 -19.43 38.95
C21 PX4 ND . 29.08 -20.40 40.00
C22 PX4 ND . 28.35 -19.76 41.19
O7 PX4 ND . 30.44 -6.66 43.78
C23 PX4 ND . 31.36 -6.44 42.81
O8 PX4 ND . 32.32 -7.18 42.60
C24 PX4 ND . 31.14 -5.08 42.12
C25 PX4 ND . 31.75 -3.93 42.95
C26 PX4 ND . 31.67 -2.62 42.15
C27 PX4 ND . 32.45 -2.89 40.86
C28 PX4 ND . 32.19 -1.81 39.80
C29 PX4 ND . 32.82 -0.49 40.23
C30 PX4 ND . 32.27 0.73 39.49
C31 PX4 ND . 32.81 2.11 39.86
C32 PX4 ND . 32.03 3.30 39.29
C33 PX4 ND . 32.67 4.60 39.75
C34 PX4 ND . 32.30 5.72 38.77
C35 PX4 ND . 33.11 6.94 39.22
C36 PX4 ND . 32.74 7.43 40.62
O1 PX4 OD . 25.74 12.66 45.61
O2 PX4 OD . 27.74 14.06 44.90
P1 PX4 OD . 26.27 13.90 45.00
O3 PX4 OD . 25.45 15.21 45.38
C1 PX4 OD . 25.96 16.24 44.52
C2 PX4 OD . 25.76 17.64 45.05
N1 PX4 OD . 26.24 18.14 46.36
C3 PX4 OD . 26.00 17.28 47.53
C4 PX4 OD . 27.68 18.31 46.24
C5 PX4 OD . 25.58 19.42 46.64
O4 PX4 OD . 25.92 13.85 43.43
C6 PX4 OD . 26.43 12.63 42.89
C7 PX4 OD . 26.34 12.36 41.40
C8 PX4 OD . 25.30 13.32 40.81
O5 PX4 OD . 24.44 12.70 39.85
C9 PX4 OD . 23.09 12.83 39.94
O6 PX4 OD . 22.55 13.26 40.96
C10 PX4 OD . 22.29 12.20 38.79
C11 PX4 OD . 23.12 11.26 37.90
C12 PX4 OD . 22.42 11.12 36.54
C13 PX4 OD . 21.07 10.42 36.70
C14 PX4 OD . 20.25 10.41 35.41
C15 PX4 OD . 20.87 9.82 34.14
C16 PX4 OD . 19.88 9.86 32.97
C17 PX4 OD . 20.43 9.23 31.67
C18 PX4 OD . 19.69 9.50 30.37
C19 PX4 OD . 20.17 8.83 29.08
C20 PX4 OD . 19.13 8.79 27.96
C21 PX4 OD . 18.74 10.23 27.64
C22 PX4 OD . 19.85 10.97 26.89
O7 PX4 OD . 27.64 12.42 40.79
C23 PX4 OD . 28.43 11.32 40.62
O8 PX4 OD . 27.90 10.26 40.90
C24 PX4 OD . 29.70 11.51 39.77
C25 PX4 OD . 29.62 10.92 38.35
C26 PX4 OD . 30.95 11.19 37.65
C27 PX4 OD . 30.98 10.53 36.28
C28 PX4 OD . 32.31 10.97 35.65
C29 PX4 OD . 32.57 10.34 34.29
C30 PX4 OD . 33.93 10.55 33.61
C31 PX4 OD . 34.27 11.98 33.20
C32 PX4 OD . 35.57 11.95 32.40
C33 PX4 OD . 35.88 13.43 32.12
C34 PX4 OD . 37.14 13.65 31.29
C35 PX4 OD . 37.11 12.87 29.98
C36 PX4 OD . 36.72 13.81 28.83
O1 PX4 PD . -7.12 23.60 49.81
O2 PX4 PD . -5.13 24.97 48.87
P1 PX4 PD . -6.41 24.88 49.62
O3 PX4 PD . -6.36 25.54 51.09
C1 PX4 PD . -7.72 25.70 51.48
C2 PX4 PD . -8.14 26.20 52.87
N1 PX4 PD . -7.95 25.52 54.15
C3 PX4 PD . -6.56 25.18 54.47
C4 PX4 PD . -8.52 26.45 55.11
C5 PX4 PD . -8.73 24.28 54.17
O4 PX4 PD . -7.45 25.83 48.82
C6 PX4 PD . -7.88 24.99 47.77
C7 PX4 PD . -9.18 25.45 47.10
C8 PX4 PD . -8.75 26.39 45.97
O5 PX4 PD . -7.57 25.91 45.31
C9 PX4 PD . -7.22 26.72 44.28
O6 PX4 PD . -7.62 27.90 44.27
C10 PX4 PD . -6.05 26.31 43.39
C11 PX4 PD . -6.16 24.79 43.18
C12 PX4 PD . -4.85 24.34 42.52
C13 PX4 PD . -4.90 22.93 41.96
C14 PX4 PD . -6.05 22.70 40.95
C15 PX4 PD . -6.26 21.22 40.68
C16 PX4 PD . -7.19 21.14 39.47
C17 PX4 PD . -7.57 19.74 38.97
C18 PX4 PD . -8.41 20.04 37.72
C19 PX4 PD . -7.74 20.76 36.57
C20 PX4 PD . -8.76 20.92 35.43
C21 PX4 PD . -8.49 19.78 34.44
C22 PX4 PD . -9.74 19.67 33.56
O7 PX4 PD . -10.12 24.41 46.81
C23 PX4 PD . -11.41 24.60 47.20
O8 PX4 PD . -11.74 25.53 47.94
C24 PX4 PD . -12.32 23.53 46.62
C25 PX4 PD . -12.88 23.89 45.24
C26 PX4 PD . -13.96 24.94 45.43
C27 PX4 PD . -14.76 25.31 44.17
C28 PX4 PD . -13.69 25.91 43.25
C29 PX4 PD . -14.17 25.97 41.80
C30 PX4 PD . -15.33 26.96 41.69
C31 PX4 PD . -16.04 26.58 40.39
C32 PX4 PD . -17.10 27.58 39.97
C33 PX4 PD . -16.46 28.90 39.55
C34 PX4 PD . -17.53 29.92 39.15
C35 PX4 PD . -17.00 30.92 38.12
C36 PX4 PD . -18.05 31.98 37.76
O1 PX4 QD . -10.18 34.74 48.89
O2 PX4 QD . -7.65 34.02 48.77
P1 PX4 QD . -8.87 34.63 48.21
O3 PX4 QD . -8.52 36.16 48.55
C1 PX4 QD . -7.73 36.34 49.74
C2 PX4 QD . -8.18 37.66 50.38
N1 PX4 QD . -7.71 38.91 49.77
C3 PX4 QD . -8.60 39.26 48.66
C4 PX4 QD . -7.87 39.98 50.78
C5 PX4 QD . -6.30 38.88 49.39
O4 PX4 QD . -8.78 34.89 46.62
C6 PX4 QD . -9.71 35.91 46.29
C7 PX4 QD . -9.81 36.16 44.78
C8 PX4 QD . -8.58 35.49 44.15
O5 PX4 QD . -7.75 36.40 43.44
C9 PX4 QD . -6.69 35.83 42.82
O6 PX4 QD . -6.30 34.69 43.06
C10 PX4 QD . -6.00 36.62 41.72
C11 PX4 QD . -4.57 37.04 42.06
C12 PX4 QD . -4.05 37.74 40.80
C13 PX4 QD . -2.58 38.13 40.97
C14 PX4 QD . -2.16 38.69 39.61
C15 PX4 QD . -0.64 38.88 39.63
C16 PX4 QD . -0.12 39.26 38.24
C17 PX4 QD . 1.40 39.24 38.14
C18 PX4 QD . 2.00 39.55 36.76
C19 PX4 QD . 1.82 41.06 36.57
C20 PX4 QD . 2.29 41.59 35.21
C21 PX4 QD . 1.05 42.04 34.44
C22 PX4 QD . 1.53 42.76 33.19
O7 PX4 QD . -11.03 35.77 44.15
C23 PX4 QD . -12.11 36.62 44.25
O8 PX4 QD . -12.18 37.49 45.11
C24 PX4 QD . -13.37 36.17 43.53
C25 PX4 QD . -13.18 36.38 42.03
C26 PX4 QD . -14.20 35.74 41.09
C27 PX4 QD . -13.87 35.99 39.61
C28 PX4 QD . -14.86 35.07 38.90
C29 PX4 QD . -14.87 35.17 37.38
C30 PX4 QD . -15.28 36.57 36.93
C31 PX4 QD . -16.77 36.87 37.13
C32 PX4 QD . -16.92 38.26 36.51
C33 PX4 QD . -18.38 38.62 36.80
C34 PX4 QD . -18.91 39.78 35.94
C35 PX4 QD . -20.36 40.02 36.35
C36 PX4 QD . -20.95 41.15 35.49
O1 PX4 RD . 2.60 12.74 49.06
O2 PX4 RD . 0.87 12.12 50.93
P1 PX4 RD . 1.26 12.30 49.52
O3 PX4 RD . 1.36 10.72 49.25
C1 PX4 RD . 1.78 10.30 47.95
C2 PX4 RD . 2.38 8.92 47.70
N1 PX4 RD . 1.72 7.67 48.09
C3 PX4 RD . 0.36 7.55 47.56
C4 PX4 RD . 2.57 6.62 47.52
C5 PX4 RD . 1.67 7.55 49.56
O4 PX4 RD . 0.13 12.62 48.42
C6 PX4 RD . -1.13 12.36 49.04
C7 PX4 RD . -2.22 12.25 47.98
C8 PX4 RD . -1.73 12.87 46.66
O5 PX4 RD . -2.73 13.80 46.23
C9 PX4 RD . -2.13 14.72 45.44
O6 PX4 RD . -0.98 15.09 45.69
C10 PX4 RD . -3.00 15.44 44.40
C11 PX4 RD . -2.23 15.85 43.16
C12 PX4 RD . -3.21 16.60 42.26
C13 PX4 RD . -2.61 17.30 41.03
C14 PX4 RD . -3.57 18.20 40.24
C15 PX4 RD . -2.76 18.82 39.11
C16 PX4 RD . -2.38 17.72 38.11
C17 PX4 RD . -1.58 18.34 36.97
C18 PX4 RD . -0.19 18.72 37.51
C19 PX4 RD . 0.87 18.56 36.43
C20 PX4 RD . 2.21 19.11 36.93
C21 PX4 RD . 3.19 19.04 35.77
C22 PX4 RD . 3.05 17.71 35.02
O7 PX4 RD . -2.57 10.91 47.58
C23 PX4 RD . -3.46 10.14 48.24
O8 PX4 RD . -3.47 10.20 49.47
C24 PX4 RD . -3.96 8.92 47.43
C25 PX4 RD . -5.42 8.60 47.78
C26 PX4 RD . -6.00 7.48 46.91
C27 PX4 RD . -7.22 7.93 46.09
C28 PX4 RD . -7.20 7.23 44.73
C29 PX4 RD . -8.21 7.95 43.80
C30 PX4 RD . -8.22 7.02 42.60
C31 PX4 RD . -8.86 7.49 41.29
C32 PX4 RD . -8.49 6.53 40.15
C33 PX4 RD . -9.28 6.94 38.90
C34 PX4 RD . -8.41 6.71 37.66
C35 PX4 RD . -7.87 5.29 37.56
C36 PX4 RD . -7.32 5.00 36.16
O1 PX4 SD . 8.89 6.44 45.54
O2 PX4 SD . 6.56 5.55 46.30
P1 PX4 SD . 8.03 5.49 46.27
O3 PX4 SD . 8.40 5.59 47.84
C1 PX4 SD . 9.81 5.83 47.88
C2 PX4 SD . 10.54 5.71 49.21
N1 PX4 SD . 10.41 4.45 49.95
C3 PX4 SD . 9.11 4.24 50.63
C4 PX4 SD . 10.66 3.32 49.03
C5 PX4 SD . 11.46 4.40 50.97
O4 PX4 SD . 8.44 3.94 46.14
C6 PX4 SD . 8.82 3.70 44.77
C7 PX4 SD . 9.08 2.24 44.44
C8 PX4 SD . 8.14 2.00 43.24
O5 PX4 SD . 7.21 0.97 43.56
C9 PX4 SD . 6.07 0.89 42.83
O6 PX4 SD . 5.94 1.85 42.07
C10 PX4 SD . 5.00 -0.17 43.09
C11 PX4 SD . 4.04 -0.60 41.97
C12 PX4 SD . 3.10 0.60 41.90
C13 PX4 SD . 1.91 0.31 40.97
C14 PX4 SD . 1.15 1.62 40.81
C15 PX4 SD . 0.06 1.46 39.74
C16 PX4 SD . -0.63 2.80 39.49
C17 PX4 SD . -1.62 2.64 38.33
C18 PX4 SD . -2.02 3.94 37.63
C19 PX4 SD . -2.79 4.94 38.50
C20 PX4 SD . -2.86 6.38 38.03
C21 PX4 SD . -3.67 7.17 39.06
C22 PX4 SD . -4.01 8.58 38.53
O7 PX4 SD . 10.48 2.04 44.24
C23 PX4 SD . 10.87 0.76 43.96
O8 PX4 SD . 10.29 -0.25 44.38
C24 PX4 SD . 12.20 0.58 43.24
C25 PX4 SD . 12.71 1.88 42.63
C26 PX4 SD . 13.76 1.61 41.56
C27 PX4 SD . 13.38 0.51 40.53
C28 PX4 SD . 14.42 0.60 39.42
C29 PX4 SD . 14.35 -0.62 38.50
C30 PX4 SD . 15.48 -0.65 37.48
C31 PX4 SD . 15.20 -1.76 36.46
C32 PX4 SD . 16.39 -1.88 35.50
C33 PX4 SD . 16.16 -3.20 34.73
C34 PX4 SD . 17.24 -3.57 33.72
C35 PX4 SD . 18.54 -3.65 34.52
C36 PX4 SD . 19.77 -4.05 33.69
O1 PX4 TD . 5.45 7.03 49.33
O2 PX4 TD . 7.59 8.55 49.18
P1 PX4 TD . 6.28 8.07 48.68
O3 PX4 TD . 5.36 9.27 49.21
C1 PX4 TD . 5.42 9.19 50.63
C2 PX4 TD . 4.91 10.42 51.38
N1 PX4 TD . 5.80 11.58 51.27
C3 PX4 TD . 7.09 11.20 51.82
C4 PX4 TD . 5.87 12.18 49.93
C5 PX4 TD . 5.23 12.58 52.19
O4 PX4 TD . 6.10 8.42 47.12
C6 PX4 TD . 6.53 9.71 46.67
C7 PX4 TD . 6.44 9.92 45.15
C8 PX4 TD . 6.84 8.64 44.45
O5 PX4 TD . 7.30 8.82 43.10
C9 PX4 TD . 7.40 7.70 42.34
O6 PX4 TD . 6.66 6.76 42.63
C10 PX4 TD . 7.94 7.84 40.91
C11 PX4 TD . 7.23 6.94 39.89
C12 PX4 TD . 7.84 6.85 38.49
C13 PX4 TD . 6.78 6.47 37.46
C14 PX4 TD . 7.38 6.33 36.07
C15 PX4 TD . 6.32 5.77 35.13
C16 PX4 TD . 5.01 6.57 35.20
C17 PX4 TD . 3.92 6.10 34.25
C18 PX4 TD . 2.74 6.99 34.66
C19 PX4 TD . 1.51 6.23 34.14
C20 PX4 TD . 0.31 7.17 34.14
C21 PX4 TD . 0.48 8.32 33.14
C22 PX4 TD . -0.66 9.32 33.22
O7 PX4 TD . 5.15 10.39 44.79
C23 PX4 TD . 4.91 11.71 45.01
O8 PX4 TD . 5.76 12.49 45.44
C24 PX4 TD . 3.47 12.12 44.69
C25 PX4 TD . 3.33 13.15 43.56
C26 PX4 TD . 1.86 13.41 43.27
C27 PX4 TD . 1.06 12.16 42.90
C28 PX4 TD . -0.31 12.65 42.43
C29 PX4 TD . -1.18 11.44 42.08
C30 PX4 TD . -1.61 10.54 43.23
C31 PX4 TD . -2.16 9.19 42.75
C32 PX4 TD . -2.67 8.23 43.83
C33 PX4 TD . -2.74 6.88 43.13
C34 PX4 TD . -3.39 5.91 44.13
C35 PX4 TD . -3.61 4.62 43.35
C36 PX4 TD . -4.64 4.86 42.24
O1 PX4 UD . 9.67 15.06 49.26
O2 PX4 UD . 11.76 14.06 48.06
P1 PX4 UD . 10.84 15.17 48.34
O3 PX4 UD . 11.59 16.58 48.57
C1 PX4 UD . 11.65 17.03 49.92
C2 PX4 UD . 12.44 18.31 50.23
N1 PX4 UD . 12.04 19.64 49.76
C3 PX4 UD . 12.06 19.85 48.31
C4 PX4 UD . 10.73 20.05 50.29
C5 PX4 UD . 12.97 20.57 50.42
O4 PX4 UD . 10.25 15.62 46.91
C6 PX4 UD . 11.33 15.68 45.99
C7 PX4 UD . 11.13 16.22 44.56
C8 PX4 UD . 9.68 15.83 44.29
O5 PX4 UD . 9.53 14.57 43.67
C9 PX4 UD . 8.24 14.17 43.48
O6 PX4 UD . 7.41 15.08 43.44
C10 PX4 UD . 8.03 12.74 42.99
C11 PX4 UD . 6.91 12.75 41.93
C12 PX4 UD . 6.58 11.43 41.23
C13 PX4 UD . 5.32 11.49 40.38
C14 PX4 UD . 5.12 10.20 39.57
C15 PX4 UD . 3.78 10.12 38.84
C16 PX4 UD . 3.32 8.73 38.40
C17 PX4 UD . 2.06 8.91 37.55
C18 PX4 UD . 0.92 9.34 38.48
C19 PX4 UD . -0.33 9.74 37.70
C20 PX4 UD . -0.15 11.16 37.15
C21 PX4 UD . -1.28 11.77 36.31
C22 PX4 UD . -0.76 13.14 35.86
O7 PX4 UD . 11.44 17.62 44.55
C23 PX4 UD . 12.68 18.13 44.40
O8 PX4 UD . 13.69 17.53 44.75
C24 PX4 UD . 12.96 19.65 44.33
C25 PX4 UD . 12.93 20.31 42.95
C26 PX4 UD . 11.60 20.05 42.23
C27 PX4 UD . 11.50 20.70 40.85
C28 PX4 UD . 10.21 20.27 40.16
C29 PX4 UD . 9.93 20.97 38.84
C30 PX4 UD . 11.08 20.83 37.85
C31 PX4 UD . 11.04 21.53 36.49
C32 PX4 UD . 12.37 21.36 35.76
C33 PX4 UD . 12.50 22.60 34.87
C34 PX4 UD . 13.95 22.84 34.45
C35 PX4 UD . 14.24 24.28 34.02
C36 PX4 UD . 15.65 24.41 33.43
O1 PX4 VD . 16.83 7.82 48.83
O2 PX4 VD . 16.20 5.72 47.46
P1 PX4 VD . 17.14 6.81 47.79
O3 PX4 VD . 18.69 6.39 47.85
C1 PX4 VD . 19.47 7.58 48.03
C2 PX4 VD . 20.97 7.55 47.74
N1 PX4 VD . 21.41 7.28 46.37
C3 PX4 VD . 22.87 7.46 46.23
C4 PX4 VD . 21.27 5.85 46.04
C5 PX4 VD . 20.84 8.05 45.25
O4 PX4 VD . 17.40 7.64 46.43
C6 PX4 VD . 16.01 7.87 46.21
C7 PX4 VD . 15.63 7.88 44.73
C8 PX4 VD . 16.88 7.69 43.86
O5 PX4 VD . 16.72 8.35 42.59
C9 PX4 VD . 17.81 8.40 41.77
O6 PX4 VD . 18.93 8.26 42.25
C10 PX4 VD . 17.71 8.82 40.31
C11 PX4 VD . 16.59 9.85 40.12
C12 PX4 VD . 16.59 10.50 38.74
C13 PX4 VD . 15.32 11.34 38.59
C14 PX4 VD . 14.90 11.68 37.15
C15 PX4 VD . 13.90 12.83 37.04
C16 PX4 VD . 13.63 13.01 35.53
C17 PX4 VD . 12.58 14.09 35.29
C18 PX4 VD . 11.21 13.73 35.85
C19 PX4 VD . 10.17 14.85 35.74
C20 PX4 VD . 8.99 14.48 36.64
C21 PX4 VD . 8.45 13.09 36.28
C22 PX4 VD . 7.65 13.01 34.98
O7 PX4 VD . 14.69 6.82 44.52
C23 PX4 VD . 13.36 7.07 44.67
O8 PX4 VD . 12.92 7.97 45.39
C24 PX4 VD . 12.52 5.96 44.03
C25 PX4 VD . 11.26 6.49 43.32
C26 PX4 VD . 11.60 7.13 41.97
C27 PX4 VD . 12.23 6.04 41.10
C28 PX4 VD . 11.09 5.06 40.83
C29 PX4 VD . 11.59 4.19 39.68
C30 PX4 VD . 10.64 3.18 39.01
C31 PX4 VD . 10.07 2.13 39.97
C32 PX4 VD . 9.27 0.98 39.37
C33 PX4 VD . 8.93 -0.03 40.47
C34 PX4 VD . 8.11 -1.16 39.85
C35 PX4 VD . 6.70 -0.83 39.40
C36 PX4 VD . 6.16 -1.95 38.49
O1 PX4 WD . 26.73 0.19 46.34
O2 PX4 WD . 24.38 1.14 46.98
P1 PX4 WD . 25.36 0.04 46.85
O3 PX4 WD . 25.50 -0.69 48.27
C1 PX4 WD . 26.45 -1.74 48.14
C2 PX4 WD . 26.67 -2.59 49.40
N1 PX4 WD . 27.62 -3.72 49.31
C3 PX4 WD . 28.99 -3.33 49.71
C4 PX4 WD . 27.21 -4.63 50.38
C5 PX4 WD . 27.65 -4.50 48.07
O4 PX4 WD . 24.57 -1.15 46.09
C6 PX4 WD . 25.22 -1.51 44.87
C7 PX4 WD . 24.72 -2.78 44.17
C8 PX4 WD . 23.29 -2.54 43.68
O5 PX4 WD . 22.96 -1.31 43.05
C9 PX4 WD . 21.69 -1.10 42.59
O6 PX4 WD . 20.78 -1.66 43.20
C10 PX4 WD . 21.51 0.20 41.79
C11 PX4 WD . 22.51 0.34 40.66
C12 PX4 WD . 22.30 1.49 39.66
C13 PX4 WD . 23.52 1.55 38.74
C14 PX4 WD . 23.37 2.59 37.63
C15 PX4 WD . 24.73 2.76 36.97
C16 PX4 WD . 24.62 3.33 35.54
C17 PX4 WD . 26.00 3.35 34.89
C18 PX4 WD . 26.47 2.00 34.33
C19 PX4 WD . 27.62 2.46 33.42
C20 PX4 WD . 27.09 3.35 32.30
C21 PX4 WD . 28.08 3.53 31.15
C22 PX4 WD . 27.70 4.52 30.03
O7 PX4 WD . 25.65 -3.30 43.22
C23 PX4 WD . 26.79 -3.90 43.63
O8 PX4 WD . 26.76 -4.50 44.71
C24 PX4 WD . 27.71 -4.31 42.49
C25 PX4 WD . 26.96 -4.94 41.31
C26 PX4 WD . 27.98 -4.94 40.17
C27 PX4 WD . 28.23 -3.59 39.49
C28 PX4 WD . 29.16 -3.94 38.31
C29 PX4 WD . 28.26 -4.61 37.26
C30 PX4 WD . 29.13 -5.23 36.16
C31 PX4 WD . 29.49 -6.68 36.54
C32 PX4 WD . 30.12 -7.28 35.29
C33 PX4 WD . 30.69 -8.67 35.60
C34 PX4 WD . 30.96 -9.46 34.33
C35 PX4 WD . 32.08 -8.77 33.55
C36 PX4 WD . 32.23 -9.50 32.21
O1 PX4 XD . -12.97 28.91 48.99
O2 PX4 XD . -10.40 28.41 49.41
P1 PX4 XD . -11.54 28.90 48.60
O3 PX4 XD . -11.44 30.47 48.99
C1 PX4 XD . -11.46 30.69 50.40
C2 PX4 XD . -12.47 31.73 50.88
N1 PX4 XD . -12.79 31.73 52.32
C3 PX4 XD . -13.47 30.50 52.77
C4 PX4 XD . -11.58 31.82 53.14
C5 PX4 XD . -13.66 32.82 52.78
O4 PX4 XD . -11.21 29.31 47.09
C6 PX4 XD . -12.38 30.01 46.67
C7 PX4 XD . -12.43 30.51 45.21
C8 PX4 XD . -11.43 29.70 44.37
O5 PX4 XD . -10.75 30.44 43.37
C9 PX4 XD . -9.67 31.22 43.63
O6 PX4 XD . -9.07 31.22 44.71
C10 PX4 XD . -9.17 32.01 42.44
C11 PX4 XD . -10.32 32.37 41.48
C12 PX4 XD . -9.78 33.29 40.39
C13 PX4 XD . -10.58 33.18 39.08
C14 PX4 XD . -9.89 34.14 38.09
C15 PX4 XD . -8.38 33.90 38.06
C16 PX4 XD . -7.76 35.14 37.41
C17 PX4 XD . -6.24 35.25 37.30
C18 PX4 XD . -5.77 36.55 36.64
C19 PX4 XD . -4.28 36.37 36.32
C20 PX4 XD . -3.44 35.70 37.41
C21 PX4 XD . -1.94 35.60 37.17
C22 PX4 XD . -1.07 35.23 38.37
O7 PX4 XD . -13.76 30.74 44.78
C23 PX4 XD . -14.04 32.07 44.76
O8 PX4 XD . -13.32 32.94 45.26
C24 PX4 XD . -15.26 32.41 43.91
C25 PX4 XD . -14.70 32.42 42.49
C26 PX4 XD . -14.42 31.05 41.91
C27 PX4 XD . -13.99 31.20 40.45
C28 PX4 XD . -13.24 29.95 40.00
C29 PX4 XD . -12.89 30.09 38.51
C30 PX4 XD . -13.54 28.97 37.72
C31 PX4 XD . -13.37 29.26 36.24
C32 PX4 XD . -14.32 28.37 35.43
C33 PX4 XD . -14.19 28.51 33.91
C34 PX4 XD . -14.99 27.56 33.02
C35 PX4 XD . -14.94 27.98 31.54
C36 PX4 XD . -15.77 27.12 30.59
O1 PX4 YD . 5.66 27.88 47.56
O2 PX4 YD . 5.28 26.01 49.30
P1 PX4 YD . 5.87 26.51 48.04
O3 PX4 YD . 7.44 26.74 48.38
C1 PX4 YD . 7.73 27.97 49.04
C2 PX4 YD . 8.72 27.94 50.20
N1 PX4 YD . 8.56 26.92 51.26
C3 PX4 YD . 8.83 25.50 50.93
C4 PX4 YD . 9.63 27.24 52.21
C5 PX4 YD . 7.29 26.99 51.99
O4 PX4 YD . 6.23 25.45 46.88
C6 PX4 YD . 6.83 26.18 45.80
C7 PX4 YD . 7.13 25.31 44.58
C8 PX4 YD . 5.92 25.40 43.64
O5 PX4 YD . 5.20 26.63 43.73
C9 PX4 YD . 4.15 26.63 42.86
O6 PX4 YD . 3.91 25.71 42.09
C10 PX4 YD . 3.17 27.82 42.96
C11 PX4 YD . 3.69 29.21 42.65
C12 PX4 YD . 2.61 30.24 42.30
C13 PX4 YD . 1.84 29.88 41.04
C14 PX4 YD . 0.36 30.27 41.01
C15 PX4 YD . -0.09 30.08 39.56
C16 PX4 YD . -1.52 30.50 39.21
C17 PX4 YD . -1.93 30.69 37.75
C18 PX4 YD . -3.42 30.92 37.51
C19 PX4 YD . -3.84 31.04 36.05
C20 PX4 YD . -5.32 31.37 35.87
C21 PX4 YD . -5.63 31.72 34.41
C22 PX4 YD . -4.76 32.93 33.99
O7 PX4 YD . 8.42 25.55 44.03
C23 PX4 YD . 9.53 24.89 44.46
O8 PX4 YD . 9.42 24.03 45.32
C24 PX4 YD . 10.84 25.61 44.19
C25 PX4 YD . 12.07 24.78 43.78
C26 PX4 YD . 12.19 24.48 42.29
C27 PX4 YD . 13.66 24.42 41.87
C28 PX4 YD . 13.57 23.77 40.49
C29 PX4 YD . 14.97 23.75 39.86
C30 PX4 YD . 14.99 22.96 38.56
C31 PX4 YD . 16.30 23.11 37.77
C32 PX4 YD . 16.75 24.58 37.72
C33 PX4 YD . 18.04 24.74 36.92
C34 PX4 YD . 18.50 26.19 36.96
C35 PX4 YD . 17.46 27.22 36.51
C36 PX4 YD . 18.19 28.57 36.56
O1 PX4 ZD . 15.65 25.66 50.96
O2 PX4 ZD . 17.42 23.93 50.24
P1 PX4 ZD . 16.65 25.17 49.98
O3 PX4 ZD . 17.66 26.42 50.10
C1 PX4 ZD . 18.48 26.04 51.21
C2 PX4 ZD . 19.72 26.91 51.36
N1 PX4 ZD . 19.51 28.28 51.87
C3 PX4 ZD . 18.68 28.37 53.09
C4 PX4 ZD . 20.82 28.74 52.32
C5 PX4 ZD . 18.95 29.25 50.91
O4 PX4 ZD . 16.31 25.50 48.44
C6 PX4 ZD . 15.71 24.37 47.80
C7 PX4 ZD . 15.22 24.63 46.38
C8 PX4 ZD . 15.55 26.10 46.12
O5 PX4 ZD . 14.59 26.93 45.48
C9 PX4 ZD . 13.79 27.64 46.33
O6 PX4 ZD . 14.06 27.71 47.53
C10 PX4 ZD . 12.81 28.52 45.57
C11 PX4 ZD . 11.92 29.39 46.47
C12 PX4 ZD . 11.02 30.28 45.63
C13 PX4 ZD . 10.14 29.35 44.78
C14 PX4 ZD . 8.80 29.98 44.44
C15 PX4 ZD . 7.96 29.15 43.46
C16 PX4 ZD . 8.68 28.85 42.15
C17 PX4 ZD . 7.75 28.18 41.13
C18 PX4 ZD . 7.15 29.26 40.22
C19 PX4 ZD . 6.11 28.67 39.27
C20 PX4 ZD . 5.89 29.72 38.19
C21 PX4 ZD . 4.68 30.49 38.75
C22 PX4 ZD . 4.24 31.69 37.88
O7 PX4 ZD . 15.95 23.83 45.43
C23 PX4 ZD . 15.67 22.49 45.47
O8 PX4 ZD . 14.88 22.07 46.30
C24 PX4 ZD . 16.53 21.62 44.56
C25 PX4 ZD . 16.48 22.18 43.14
C26 PX4 ZD . 17.47 21.44 42.23
C27 PX4 ZD . 18.17 22.41 41.26
C28 PX4 ZD . 18.90 21.56 40.22
C29 PX4 ZD . 20.37 21.71 40.58
C30 PX4 ZD . 21.10 20.99 39.45
C31 PX4 ZD . 20.83 21.58 38.07
C32 PX4 ZD . 21.91 20.98 37.15
C33 PX4 ZD . 21.27 20.98 35.76
C34 PX4 ZD . 22.35 20.61 34.73
C35 PX4 ZD . 23.53 21.57 34.70
C36 PX4 ZD . 24.46 21.13 33.55
O1 PX4 AE . -2.91 19.25 52.79
O2 PX4 AE . -0.78 17.91 52.19
P1 PX4 AE . -1.87 18.83 51.80
O3 PX4 AE . -1.15 20.21 51.40
C1 PX4 AE . -0.90 20.89 52.64
C2 PX4 AE . 0.14 22.00 52.68
N1 PX4 AE . 1.44 21.87 52.02
C3 PX4 AE . 1.97 20.51 51.93
C4 PX4 AE . 1.29 22.37 50.65
C5 PX4 AE . 2.46 22.66 52.75
O4 PX4 AE . -2.51 18.44 50.38
C6 PX4 AE . -1.51 18.55 49.37
C7 PX4 AE . -1.95 18.39 47.92
C8 PX4 AE . -3.48 18.22 47.95
O5 PX4 AE . -4.12 17.86 46.73
C9 PX4 AE . -5.42 18.25 46.59
O6 PX4 AE . -6.07 18.41 47.62
C10 PX4 AE . -5.95 18.05 45.16
C11 PX4 AE . -6.45 16.66 44.75
C12 PX4 AE . -7.13 16.82 43.39
C13 PX4 AE . -7.62 15.51 42.76
C14 PX4 AE . -8.16 15.85 41.36
C15 PX4 AE . -7.00 16.19 40.43
C16 PX4 AE . -7.48 16.11 38.98
C17 PX4 AE . -6.25 15.95 38.10
C18 PX4 AE . -6.58 16.28 36.64
C19 PX4 AE . -5.48 16.05 35.62
C20 PX4 AE . -5.83 16.43 34.18
C21 PX4 AE . -7.16 15.86 33.69
C22 PX4 AE . -7.48 16.61 32.40
O7 PX4 AE . -1.46 19.47 47.14
C23 PX4 AE . -0.54 19.08 46.21
O8 PX4 AE . 0.29 18.23 46.55
C24 PX4 AE . -0.50 20.07 45.05
C25 PX4 AE . 0.59 19.84 44.01
C26 PX4 AE . 0.39 18.61 43.12
C27 PX4 AE . 1.62 18.29 42.27
C28 PX4 AE . 1.60 17.06 41.36
C29 PX4 AE . 2.73 16.74 40.35
C30 PX4 AE . 2.28 15.55 39.50
C31 PX4 AE . 3.35 15.22 38.45
C32 PX4 AE . 2.87 14.15 37.46
C33 PX4 AE . 3.83 13.91 36.30
C34 PX4 AE . 3.23 12.81 35.41
C35 PX4 AE . 4.12 12.44 34.22
C36 PX4 AE . 3.40 11.47 33.29
N PHE A 1 15.51 -1.02 -11.03
CA PHE A 1 15.22 -2.47 -10.90
C PHE A 1 13.95 -2.47 -10.07
N ARG A 2 13.14 -3.51 -10.27
CA ARG A 2 11.79 -3.50 -9.73
C ARG A 2 11.76 -4.04 -8.30
N GLU A 3 12.77 -4.83 -7.93
CA GLU A 3 13.08 -5.35 -6.62
C GLU A 3 13.72 -4.31 -5.70
N MET A 4 13.40 -4.48 -4.41
CA MET A 4 14.10 -3.71 -3.39
C MET A 4 15.51 -4.26 -3.26
N PRO A 5 16.61 -3.49 -3.18
CA PRO A 5 17.96 -3.98 -3.07
C PRO A 5 18.23 -4.74 -1.78
N GLY A 6 19.05 -5.78 -1.78
CA GLY A 6 19.48 -6.47 -0.57
C GLY A 6 18.90 -7.88 -0.55
N GLY A 7 18.45 -8.33 0.62
CA GLY A 7 17.66 -9.55 0.71
C GLY A 7 16.29 -9.31 1.35
N PRO A 8 15.30 -8.79 0.64
CA PRO A 8 13.92 -8.74 1.09
C PRO A 8 13.28 -10.13 1.21
N VAL A 9 12.77 -10.41 2.43
CA VAL A 9 12.05 -11.62 2.76
C VAL A 9 10.96 -11.31 3.80
N TRP A 10 9.89 -12.10 3.87
CA TRP A 10 8.82 -11.99 4.85
C TRP A 10 8.38 -13.39 5.22
N ARG A 11 8.67 -14.30 4.29
CA ARG A 11 8.62 -15.76 4.36
C ARG A 11 7.26 -16.42 4.40
N LYS A 12 6.19 -15.63 4.48
CA LYS A 12 4.83 -16.07 4.74
C LYS A 12 4.21 -16.51 3.42
N HIS A 13 3.19 -17.34 3.54
CA HIS A 13 2.28 -17.74 2.49
C HIS A 13 1.00 -16.94 2.62
N TYR A 14 0.46 -16.85 3.84
CA TYR A 14 -0.76 -16.22 4.30
C TYR A 14 -0.32 -14.98 5.08
N ILE A 15 -0.52 -13.77 4.56
CA ILE A 15 -0.15 -12.55 5.24
C ILE A 15 -1.47 -11.88 5.62
N THR A 16 -1.54 -11.24 6.79
CA THR A 16 -2.78 -10.75 7.37
C THR A 16 -2.66 -9.33 7.88
N TYR A 17 -3.76 -8.58 7.99
CA TYR A 17 -3.83 -7.14 8.18
C TYR A 17 -5.03 -6.88 9.08
N ARG A 18 -5.02 -5.74 9.77
CA ARG A 18 -6.18 -5.07 10.35
C ARG A 18 -6.04 -3.60 10.01
N ILE A 19 -7.19 -2.90 10.00
CA ILE A 19 -7.31 -1.47 9.77
C ILE A 19 -7.33 -0.86 11.16
N ASN A 20 -6.19 -0.32 11.62
CA ASN A 20 -6.14 0.24 12.95
C ASN A 20 -7.04 1.45 13.20
N ASN A 21 -7.38 2.26 12.20
CA ASN A 21 -8.37 3.33 12.17
C ASN A 21 -8.81 3.71 10.77
N TYR A 22 -10.02 4.25 10.57
CA TYR A 22 -10.61 4.81 9.35
C TYR A 22 -10.40 6.32 9.45
N THR A 23 -10.05 6.96 8.33
CA THR A 23 -10.16 8.40 8.24
C THR A 23 -11.58 8.89 8.40
N PRO A 24 -11.80 10.13 8.88
CA PRO A 24 -13.11 10.77 8.90
C PRO A 24 -13.52 11.32 7.56
N ASP A 25 -12.63 11.46 6.58
CA ASP A 25 -12.87 12.02 5.26
C ASP A 25 -13.82 11.17 4.42
N MET A 26 -13.91 9.88 4.71
CA MET A 26 -14.42 8.86 3.81
C MET A 26 -15.32 8.02 4.70
N ASN A 27 -16.28 7.27 4.13
CA ASN A 27 -17.12 6.29 4.78
C ASN A 27 -16.33 5.00 4.92
N ARG A 28 -16.83 4.12 5.80
CA ARG A 28 -16.12 2.95 6.25
C ARG A 28 -16.05 1.85 5.20
N GLU A 29 -17.13 1.57 4.45
CA GLU A 29 -17.07 0.80 3.22
C GLU A 29 -16.04 1.30 2.20
N ASP A 30 -15.92 2.60 1.92
CA ASP A 30 -14.96 3.13 0.97
C ASP A 30 -13.49 2.97 1.33
N VAL A 31 -13.10 3.16 2.58
CA VAL A 31 -11.75 2.94 3.08
C VAL A 31 -11.49 1.43 3.04
N ASP A 32 -12.29 0.61 3.72
CA ASP A 32 -12.22 -0.83 3.76
C ASP A 32 -12.13 -1.54 2.41
N TYR A 33 -12.85 -0.99 1.42
CA TYR A 33 -12.83 -1.48 0.05
C TYR A 33 -11.56 -1.07 -0.68
N ALA A 34 -11.04 0.15 -0.51
CA ALA A 34 -9.81 0.61 -1.12
C ALA A 34 -8.57 -0.08 -0.54
N ILE A 35 -8.56 -0.29 0.78
CA ILE A 35 -7.56 -1.15 1.37
C ILE A 35 -7.65 -2.60 0.89
N ARG A 36 -8.80 -3.26 0.80
CA ARG A 36 -9.05 -4.59 0.30
C ARG A 36 -8.55 -4.87 -1.11
N LYS A 37 -8.98 -3.96 -1.98
CA LYS A 37 -8.55 -3.90 -3.37
C LYS A 37 -7.07 -3.63 -3.53
N ALA A 38 -6.38 -2.87 -2.67
CA ALA A 38 -5.00 -2.49 -2.81
C ALA A 38 -4.02 -3.63 -2.62
N PHE A 39 -4.42 -4.64 -1.83
CA PHE A 39 -3.76 -5.93 -1.77
C PHE A 39 -4.21 -6.83 -2.90
N GLN A 40 -5.47 -6.71 -3.32
CA GLN A 40 -6.15 -7.67 -4.16
C GLN A 40 -5.49 -7.92 -5.51
N VAL A 41 -4.85 -6.88 -6.05
CA VAL A 41 -4.31 -6.90 -7.39
C VAL A 41 -3.00 -7.67 -7.43
N TRP A 42 -2.28 -7.83 -6.31
CA TRP A 42 -1.06 -8.56 -6.03
C TRP A 42 -1.48 -10.00 -5.81
N SER A 43 -2.49 -10.33 -5.02
CA SER A 43 -3.04 -11.67 -4.90
C SER A 43 -3.62 -12.28 -6.17
N ASN A 44 -3.83 -11.51 -7.23
CA ASN A 44 -4.36 -11.88 -8.52
C ASN A 44 -3.21 -12.35 -9.40
N VAL A 45 -1.94 -12.11 -9.08
CA VAL A 45 -0.82 -12.47 -9.92
C VAL A 45 0.21 -13.32 -9.17
N THR A 46 -0.01 -13.50 -7.87
CA THR A 46 0.77 -14.35 -6.99
C THR A 46 -0.08 -15.18 -6.05
N PRO A 47 0.43 -16.35 -5.64
CA PRO A 47 -0.19 -17.15 -4.59
C PRO A 47 -0.13 -16.72 -3.13
N LEU A 48 0.13 -15.47 -2.78
CA LEU A 48 0.01 -14.85 -1.47
C LEU A 48 -1.47 -14.53 -1.26
N LYS A 49 -2.05 -14.80 -0.08
CA LYS A 49 -3.43 -14.46 0.24
C LYS A 49 -3.36 -13.37 1.30
N PHE A 50 -4.11 -12.30 1.11
CA PHE A 50 -4.38 -11.25 2.07
C PHE A 50 -5.78 -11.38 2.64
N SER A 51 -5.95 -11.10 3.93
CA SER A 51 -7.18 -11.27 4.66
C SER A 51 -7.12 -10.41 5.92
N LYS A 52 -8.21 -9.68 6.15
CA LYS A 52 -8.60 -9.06 7.40
C LYS A 52 -8.81 -10.07 8.51
N ILE A 53 -8.59 -9.68 9.76
CA ILE A 53 -8.85 -10.42 11.00
C ILE A 53 -9.46 -9.52 12.05
N ASN A 54 -10.36 -10.14 12.82
CA ASN A 54 -11.17 -9.53 13.86
C ASN A 54 -10.43 -9.38 15.18
N THR A 55 -9.39 -10.19 15.36
CA THR A 55 -8.57 -10.31 16.55
C THR A 55 -7.25 -10.94 16.14
N GLY A 56 -6.17 -10.46 16.76
CA GLY A 56 -4.80 -10.86 16.54
C GLY A 56 -3.92 -9.71 16.10
N MET A 57 -2.65 -9.99 15.74
CA MET A 57 -1.70 -9.02 15.27
C MET A 57 -1.85 -8.91 13.77
N ALA A 58 -1.75 -7.69 13.24
CA ALA A 58 -1.69 -7.40 11.82
C ALA A 58 -0.24 -7.48 11.32
N ASP A 59 0.05 -8.13 10.19
CA ASP A 59 1.40 -8.17 9.71
C ASP A 59 1.68 -6.82 9.06
N ILE A 60 0.80 -6.30 8.20
CA ILE A 60 0.46 -4.97 7.72
C ILE A 60 -0.46 -4.29 8.73
N LEU A 61 0.05 -3.43 9.62
CA LEU A 61 -0.75 -2.39 10.22
C LEU A 61 -1.06 -1.29 9.22
N VAL A 62 -2.33 -1.32 8.80
CA VAL A 62 -2.91 -0.26 8.01
C VAL A 62 -3.24 0.79 9.06
N VAL A 63 -2.83 2.05 9.09
CA VAL A 63 -2.97 3.03 10.16
C VAL A 63 -2.88 4.44 9.59
N PHE A 64 -3.73 5.36 10.05
CA PHE A 64 -3.80 6.74 9.61
C PHE A 64 -3.57 7.65 10.80
N ALA A 65 -2.56 8.53 10.81
CA ALA A 65 -1.99 9.20 11.95
C ALA A 65 -1.55 10.57 11.46
N ARG A 66 -1.10 11.52 12.29
CA ARG A 66 -0.59 12.80 11.85
C ARG A 66 0.41 13.37 12.84
N GLY A 67 1.53 13.96 12.36
CA GLY A 67 2.57 14.52 13.18
C GLY A 67 3.70 13.51 13.35
N ALA A 68 4.45 13.77 14.43
CA ALA A 68 5.47 12.88 14.95
C ALA A 68 4.74 12.03 15.99
N HIS A 69 4.66 10.72 15.75
CA HIS A 69 3.67 9.81 16.30
C HIS A 69 4.26 8.49 16.76
N GLY A 70 5.56 8.25 16.55
CA GLY A 70 6.29 7.00 16.58
C GLY A 70 6.92 6.72 15.22
N ASP A 71 8.03 5.97 15.12
CA ASP A 71 8.89 5.59 14.02
C ASP A 71 9.89 6.70 13.71
N PHE A 72 9.67 7.91 14.23
CA PHE A 72 10.57 9.03 14.39
C PHE A 72 10.66 9.89 13.14
N HIS A 73 10.08 9.35 12.08
CA HIS A 73 10.16 9.88 10.73
C HIS A 73 9.29 11.10 10.50
N ALA A 74 8.15 11.17 11.18
CA ALA A 74 7.09 12.15 11.12
C ALA A 74 6.36 12.27 9.80
N PHE A 75 5.09 12.67 9.95
CA PHE A 75 4.24 13.20 8.91
C PHE A 75 4.08 14.71 8.99
N ASP A 76 3.70 15.30 7.85
CA ASP A 76 4.15 16.62 7.45
C ASP A 76 3.01 17.60 7.34
N GLY A 77 1.73 17.23 7.45
CA GLY A 77 0.68 18.12 7.01
C GLY A 77 0.28 17.97 5.56
N LYS A 78 -0.89 18.46 5.13
CA LYS A 78 -1.59 18.33 3.87
C LYS A 78 -0.73 18.76 2.69
N GLY A 79 -0.37 17.78 1.86
CA GLY A 79 0.49 17.83 0.70
C GLY A 79 1.78 17.10 1.07
N GLY A 80 2.77 17.21 0.18
CA GLY A 80 4.11 16.70 0.40
C GLY A 80 4.02 15.19 0.53
N ILE A 81 4.43 14.64 1.67
CA ILE A 81 4.45 13.23 2.02
C ILE A 81 3.04 12.75 2.30
N LEU A 82 2.61 11.73 1.55
CA LEU A 82 1.26 11.19 1.60
C LEU A 82 1.13 9.93 2.43
N ALA A 83 2.10 9.01 2.36
CA ALA A 83 2.14 7.71 2.99
C ALA A 83 3.54 7.28 3.40
N HIS A 84 3.79 6.63 4.54
CA HIS A 84 5.10 6.07 4.76
C HIS A 84 4.92 4.56 4.64
N ALA A 85 5.56 3.94 3.65
CA ALA A 85 5.67 2.52 3.42
C ALA A 85 6.93 1.99 4.10
N PHE A 86 7.07 0.67 4.22
CA PHE A 86 8.22 0.03 4.84
C PHE A 86 8.90 -0.88 3.82
N GLY A 87 9.56 -1.91 4.34
CA GLY A 87 10.05 -3.08 3.63
C GLY A 87 9.60 -4.30 4.39
N PRO A 88 9.74 -5.52 3.86
CA PRO A 88 9.08 -6.65 4.47
C PRO A 88 9.74 -7.11 5.76
N GLY A 89 9.07 -8.01 6.48
CA GLY A 89 9.52 -8.61 7.72
C GLY A 89 8.66 -8.31 8.94
N SER A 90 8.87 -9.07 10.03
CA SER A 90 8.18 -8.98 11.30
C SER A 90 8.38 -7.72 12.12
N GLY A 91 7.28 -7.15 12.65
CA GLY A 91 7.30 -6.06 13.61
C GLY A 91 6.96 -4.77 12.88
N ILE A 92 7.64 -3.64 13.08
CA ILE A 92 7.59 -2.43 12.30
C ILE A 92 8.29 -2.72 10.98
N GLY A 93 7.67 -2.62 9.80
CA GLY A 93 8.09 -3.38 8.62
C GLY A 93 6.80 -4.00 8.10
N GLY A 94 6.61 -3.92 6.78
CA GLY A 94 5.45 -4.46 6.09
C GLY A 94 4.19 -3.61 6.13
N ASP A 95 4.24 -2.45 6.79
CA ASP A 95 3.14 -1.65 7.26
C ASP A 95 2.84 -0.49 6.33
N ALA A 96 1.66 0.14 6.37
CA ALA A 96 1.33 1.31 5.58
C ALA A 96 0.66 2.27 6.54
N HIS A 97 1.50 3.25 6.89
CA HIS A 97 0.95 4.40 7.58
C HIS A 97 0.56 5.44 6.56
N PHE A 98 -0.55 6.14 6.76
CA PHE A 98 -1.03 7.15 5.82
C PHE A 98 -1.07 8.49 6.55
N ASP A 99 -0.69 9.65 6.01
CA ASP A 99 -0.76 10.89 6.74
C ASP A 99 -2.23 11.28 6.77
N GLU A 100 -2.93 11.44 7.89
CA GLU A 100 -4.36 11.66 7.97
C GLU A 100 -4.72 13.11 7.71
N ASP A 101 -3.70 13.97 7.70
CA ASP A 101 -3.82 15.41 7.44
C ASP A 101 -3.95 15.71 5.97
N GLU A 102 -3.86 14.77 5.03
CA GLU A 102 -4.44 14.80 3.70
C GLU A 102 -5.94 14.56 3.72
N PHE A 103 -6.70 15.26 2.87
CA PHE A 103 -8.12 15.04 2.65
C PHE A 103 -8.20 13.94 1.60
N TRP A 104 -8.33 12.69 2.01
CA TRP A 104 -8.30 11.53 1.14
C TRP A 104 -9.65 11.31 0.48
N THR A 105 -9.63 10.91 -0.79
CA THR A 105 -10.78 10.98 -1.68
C THR A 105 -10.76 9.85 -2.69
N THR A 106 -11.96 9.58 -3.24
CA THR A 106 -12.17 8.81 -4.45
C THR A 106 -12.33 9.70 -5.67
N HIS A 107 -12.17 11.02 -5.53
CA HIS A 107 -12.58 12.07 -6.45
C HIS A 107 -11.45 12.41 -7.41
N SER A 108 -11.73 12.57 -8.71
CA SER A 108 -10.76 12.86 -9.74
C SER A 108 -9.74 13.98 -9.58
N GLY A 109 -9.98 14.93 -8.67
CA GLY A 109 -9.29 16.20 -8.51
C GLY A 109 -8.78 16.29 -7.08
N GLY A 110 -8.90 15.22 -6.30
CA GLY A 110 -8.40 15.14 -4.94
C GLY A 110 -7.42 13.98 -4.85
N THR A 111 -6.77 13.95 -3.67
CA THR A 111 -5.88 12.98 -3.09
C THR A 111 -6.47 11.58 -2.96
N ASN A 112 -5.92 10.68 -3.78
CA ASN A 112 -6.48 9.35 -3.91
C ASN A 112 -5.77 8.51 -2.88
N LEU A 113 -6.48 7.77 -2.02
CA LEU A 113 -5.94 6.91 -1.00
C LEU A 113 -5.44 5.69 -1.76
N PHE A 114 -6.30 5.04 -2.56
CA PHE A 114 -6.15 3.73 -3.17
C PHE A 114 -4.84 3.65 -3.92
N LEU A 115 -4.53 4.68 -4.72
CA LEU A 115 -3.44 4.67 -5.67
C LEU A 115 -2.10 4.91 -4.98
N THR A 116 -2.12 5.63 -3.85
CA THR A 116 -0.98 5.84 -2.98
C THR A 116 -0.70 4.60 -2.14
N ALA A 117 -1.73 3.81 -1.82
CA ALA A 117 -1.64 2.65 -0.95
C ALA A 117 -1.12 1.45 -1.74
N VAL A 118 -1.57 1.12 -2.95
CA VAL A 118 -1.24 -0.09 -3.69
C VAL A 118 0.25 -0.25 -3.92
N HIS A 119 0.89 0.84 -4.35
CA HIS A 119 2.33 0.94 -4.36
C HIS A 119 2.98 1.09 -3.00
N ALA A 120 2.40 1.77 -2.00
CA ALA A 120 2.84 1.62 -0.63
C ALA A 120 2.95 0.22 -0.04
N ILE A 121 1.94 -0.63 -0.27
CA ILE A 121 1.89 -2.05 0.00
C ILE A 121 2.96 -2.71 -0.86
N GLY A 122 3.01 -2.28 -2.13
CA GLY A 122 4.02 -2.63 -3.10
C GLY A 122 5.46 -2.47 -2.64
N HIS A 123 5.90 -1.31 -2.14
CA HIS A 123 7.09 -0.96 -1.40
C HIS A 123 7.40 -2.00 -0.33
N SER A 124 6.48 -2.08 0.62
CA SER A 124 6.44 -2.92 1.80
C SER A 124 6.49 -4.43 1.68
N LEU A 125 6.20 -5.04 0.53
CA LEU A 125 6.45 -6.41 0.11
C LEU A 125 7.86 -6.52 -0.44
N GLY A 126 8.59 -5.43 -0.71
CA GLY A 126 9.94 -5.55 -1.22
C GLY A 126 10.01 -5.21 -2.70
N LEU A 127 9.23 -4.24 -3.19
CA LEU A 127 9.31 -3.78 -4.57
C LEU A 127 9.92 -2.37 -4.55
N GLY A 128 10.27 -1.83 -5.71
CA GLY A 128 10.85 -0.53 -6.02
C GLY A 128 9.97 0.19 -7.02
N HIS A 129 10.54 0.81 -8.06
CA HIS A 129 9.84 1.51 -9.11
C HIS A 129 9.85 0.66 -10.39
N SER A 130 8.89 0.77 -11.30
CA SER A 130 9.02 0.32 -12.66
C SER A 130 9.63 1.48 -13.46
N SER A 131 10.28 1.15 -14.56
CA SER A 131 10.69 2.08 -15.61
C SER A 131 9.73 2.14 -16.78
N ASP A 132 8.58 1.47 -16.72
CA ASP A 132 7.63 1.51 -17.81
C ASP A 132 6.54 2.52 -17.52
N PRO A 133 6.30 3.57 -18.32
CA PRO A 133 5.30 4.58 -18.04
C PRO A 133 3.94 4.12 -17.52
N LYS A 134 3.37 3.04 -18.07
CA LYS A 134 2.01 2.63 -17.77
C LYS A 134 1.91 1.70 -16.57
N ALA A 135 3.01 1.28 -15.93
CA ALA A 135 3.08 0.48 -14.71
C ALA A 135 2.72 1.38 -13.54
N VAL A 136 1.92 0.84 -12.62
CA VAL A 136 1.51 1.48 -11.38
C VAL A 136 2.68 1.90 -10.51
N MET A 137 3.74 1.08 -10.46
CA MET A 137 5.04 1.37 -9.90
C MET A 137 5.77 2.52 -10.57
N PHE A 138 5.37 3.22 -11.64
CA PHE A 138 6.04 4.34 -12.27
C PHE A 138 5.87 5.52 -11.33
N PRO A 139 6.88 6.39 -11.14
CA PRO A 139 6.87 7.51 -10.22
C PRO A 139 5.87 8.63 -10.51
N THR A 140 5.48 8.85 -11.76
CA THR A 140 4.57 9.91 -12.17
C THR A 140 3.15 9.40 -11.94
N TYR A 141 2.34 10.13 -11.19
CA TYR A 141 0.93 9.99 -10.91
C TYR A 141 0.06 10.14 -12.15
N LYS A 142 -0.95 9.27 -12.20
CA LYS A 142 -2.14 9.38 -13.03
C LYS A 142 -3.26 8.75 -12.21
N TYR A 143 -4.47 9.32 -12.40
CA TYR A 143 -5.60 8.76 -11.71
C TYR A 143 -6.12 7.56 -12.51
N VAL A 144 -6.63 6.51 -11.87
CA VAL A 144 -7.34 5.38 -12.45
C VAL A 144 -8.45 5.14 -11.44
N ASP A 145 -9.56 4.58 -11.94
CA ASP A 145 -10.68 4.23 -11.11
C ASP A 145 -10.52 2.83 -10.53
N ILE A 146 -10.76 2.65 -9.23
CA ILE A 146 -10.63 1.42 -8.48
C ILE A 146 -11.28 0.17 -9.05
N ASN A 147 -12.39 0.31 -9.78
CA ASN A 147 -13.28 -0.74 -10.21
C ASN A 147 -12.84 -1.27 -11.58
N THR A 148 -12.22 -0.43 -12.40
CA THR A 148 -11.64 -0.86 -13.65
C THR A 148 -10.22 -1.38 -13.40
N PHE A 149 -9.58 -1.22 -12.25
CA PHE A 149 -8.17 -1.32 -11.96
C PHE A 149 -7.61 -2.72 -11.82
N ARG A 150 -6.44 -2.88 -12.45
CA ARG A 150 -5.56 -4.03 -12.52
C ARG A 150 -4.18 -3.42 -12.42
N LEU A 151 -3.18 -4.25 -12.14
CA LEU A 151 -1.79 -3.94 -12.41
C LEU A 151 -1.40 -4.11 -13.87
N SER A 152 -0.32 -3.44 -14.31
CA SER A 152 0.05 -3.50 -15.70
C SER A 152 1.20 -4.48 -15.84
N ALA A 153 1.76 -4.72 -17.02
CA ALA A 153 2.56 -5.88 -17.35
C ALA A 153 3.88 -5.84 -16.60
N ASP A 154 4.45 -4.65 -16.34
CA ASP A 154 5.73 -4.41 -15.74
C ASP A 154 5.68 -4.61 -14.23
N ASP A 155 4.52 -4.28 -13.64
CA ASP A 155 4.26 -4.31 -12.22
C ASP A 155 4.12 -5.75 -11.78
N ILE A 156 3.35 -6.56 -12.53
CA ILE A 156 3.15 -8.00 -12.52
C ILE A 156 4.47 -8.78 -12.49
N ARG A 157 5.38 -8.23 -13.28
CA ARG A 157 6.67 -8.88 -13.41
C ARG A 157 7.60 -8.54 -12.23
N GLY A 158 7.27 -7.52 -11.45
CA GLY A 158 7.94 -7.01 -10.27
C GLY A 158 7.63 -7.89 -9.06
N ILE A 159 6.36 -8.13 -8.71
CA ILE A 159 5.95 -9.00 -7.63
C ILE A 159 6.32 -10.45 -7.88
N GLN A 160 6.15 -10.91 -9.11
CA GLN A 160 6.45 -12.25 -9.59
C GLN A 160 7.92 -12.63 -9.58
N SER A 161 8.85 -11.67 -9.45
CA SER A 161 10.25 -11.90 -9.24
C SER A 161 10.58 -12.22 -7.79
N LEU A 162 9.75 -11.93 -6.80
CA LEU A 162 9.95 -12.45 -5.46
C LEU A 162 8.87 -13.40 -5.02
N TYR A 163 7.67 -13.39 -5.60
CA TYR A 163 6.50 -14.09 -5.12
C TYR A 163 5.75 -14.88 -6.18
N GLY A 164 6.33 -15.13 -7.35
CA GLY A 164 5.92 -16.02 -8.41
C GLY A 164 7.00 -17.04 -8.73
ZN ZN B . 4.45 5.21 -6.44
ZN ZN C . 6.27 7.19 10.25
CA CA D . 1.31 15.14 3.95
CA CA E . 4.22 -4.72 10.69
CA CA F . -8.14 13.41 6.78
O1 PX4 G . 3.57 19.61 21.73
O2 PX4 G . 3.15 21.44 23.46
P1 PX4 G . 3.77 21.01 22.18
O3 PX4 G . 3.50 21.99 20.94
C1 PX4 G . 3.38 23.31 21.45
C2 PX4 G . 3.42 24.27 20.26
N1 PX4 G . 4.71 24.83 19.83
C3 PX4 G . 5.88 24.07 20.29
C4 PX4 G . 4.63 24.88 18.36
C5 PX4 G . 4.84 26.24 20.23
O4 PX4 G . 5.37 21.12 22.36
C6 PX4 G . 5.67 20.37 23.54
C7 PX4 G . 7.14 20.02 23.77
C8 PX4 G . 7.74 21.28 24.41
O5 PX4 G . 7.16 21.51 25.70
C9 PX4 G . 7.00 22.83 25.96
O6 PX4 G . 7.42 23.68 25.16
C10 PX4 G . 6.62 23.18 27.39
C11 PX4 G . 7.83 22.79 28.25
C12 PX4 G . 8.78 23.99 28.30
C13 PX4 G . 8.07 25.16 28.99
C14 PX4 G . 8.95 26.39 29.15
C15 PX4 G . 8.47 27.36 30.23
C16 PX4 G . 9.44 28.52 30.45
C17 PX4 G . 8.94 29.70 31.27
C18 PX4 G . 9.96 30.63 31.93
C19 PX4 G . 9.36 31.92 32.48
C20 PX4 G . 8.75 32.74 31.33
C21 PX4 G . 7.97 33.84 32.04
C22 PX4 G . 7.33 34.75 30.99
O7 PX4 G . 7.22 18.86 24.60
C23 PX4 G . 7.01 17.55 24.31
O8 PX4 G . 6.76 17.09 23.19
C24 PX4 G . 7.14 16.63 25.53
C25 PX4 G . 6.18 16.71 26.73
C26 PX4 G . 5.91 15.37 27.40
C27 PX4 G . 4.87 15.64 28.49
C28 PX4 G . 4.41 14.34 29.15
C29 PX4 G . 3.67 14.75 30.44
C30 PX4 G . 2.27 15.27 30.14
C31 PX4 G . 1.41 14.21 29.43
C32 PX4 G . 0.07 14.80 29.01
C33 PX4 G . 0.43 15.98 28.09
C34 PX4 G . -0.51 17.19 28.24
C35 PX4 G . -1.98 17.05 27.83
C36 PX4 G . -2.63 18.37 28.29
O1 PX4 H . 9.43 11.62 17.21
O2 PX4 H . 7.47 10.35 16.04
P1 PX4 H . 8.39 10.57 17.18
O3 PX4 H . 7.54 10.50 18.54
C1 PX4 H . 7.37 11.75 19.22
C2 PX4 H . 6.59 11.67 20.52
N1 PX4 H . 5.16 11.32 20.59
C3 PX4 H . 4.44 12.46 20.01
C4 PX4 H . 4.95 10.11 19.76
C5 PX4 H . 4.60 11.11 21.93
O4 PX4 H . 9.03 9.11 17.41
C6 PX4 H . 9.33 8.81 18.77
C7 PX4 H . 9.68 7.32 18.89
C8 PX4 H . 10.96 7.09 19.71
O5 PX4 H . 11.12 7.98 20.81
C9 PX4 H . 12.33 7.83 21.44
O6 PX4 H . 13.14 7.00 21.05
C10 PX4 H . 12.63 8.86 22.52
C11 PX4 H . 12.20 8.23 23.84
C12 PX4 H . 12.66 8.97 25.10
C13 PX4 H . 12.75 8.11 26.35
C14 PX4 H . 13.04 8.94 27.61
C15 PX4 H . 13.14 8.07 28.85
C16 PX4 H . 13.29 8.89 30.14
C17 PX4 H . 14.60 9.66 30.30
C18 PX4 H . 14.65 10.45 31.60
C19 PX4 H . 16.05 11.05 31.67
C20 PX4 H . 16.73 10.46 32.90
C21 PX4 H . 15.86 10.85 34.10
C22 PX4 H . 16.58 10.40 35.38
O7 PX4 H . 8.66 6.41 19.25
C23 PX4 H . 8.70 5.24 18.55
O8 PX4 H . 9.28 5.28 17.47
C24 PX4 H . 7.64 4.15 18.77
C25 PX4 H . 7.88 3.26 19.99
C26 PX4 H . 6.81 2.20 20.28
C27 PX4 H . 7.06 1.38 21.54
C28 PX4 H . 8.44 0.76 21.36
C29 PX4 H . 8.73 -0.43 22.28
C30 PX4 H . 10.00 -1.25 22.10
C31 PX4 H . 10.10 -2.38 23.10
C32 PX4 H . 11.42 -3.14 22.98
C33 PX4 H . 11.42 -4.31 23.97
C34 PX4 H . 12.76 -5.06 23.95
C35 PX4 H . 12.82 -6.07 25.08
C36 PX4 H . 11.70 -7.06 24.73
O1 PX4 I . 18.88 -4.10 20.06
O2 PX4 I . 17.33 -2.93 18.44
P1 PX4 I . 18.53 -2.88 19.29
O3 PX4 I . 19.64 -2.87 18.12
C1 PX4 I . 19.81 -4.19 17.58
C2 PX4 I . 21.01 -4.23 16.65
N1 PX4 I . 22.34 -3.95 17.20
C3 PX4 I . 23.27 -4.68 16.31
C4 PX4 I . 22.70 -2.53 17.18
C5 PX4 I . 22.52 -4.54 18.53
O4 PX4 I . 19.09 -1.50 19.88
C6 PX4 I . 20.16 -1.64 20.83
C7 PX4 I . 21.32 -0.64 20.95
C8 PX4 I . 20.95 0.31 22.09
O5 PX4 I . 20.04 -0.24 23.04
C9 PX4 I . 19.56 0.50 24.08
O6 PX4 I . 19.76 1.71 24.12
C10 PX4 I . 18.50 -0.19 24.93
C11 PX4 I . 19.07 -0.70 26.26
C12 PX4 I . 18.60 0.15 27.44
C13 PX4 I . 19.03 -0.53 28.74
C14 PX4 I . 20.55 -0.58 28.91
C15 PX4 I . 21.08 -1.15 30.23
C16 PX4 I . 22.59 -1.26 30.42
C17 PX4 I . 23.03 -2.00 31.69
C18 PX4 I . 24.53 -2.30 31.57
C19 PX4 I . 24.86 -3.09 30.31
C20 PX4 I . 24.30 -4.52 30.41
C21 PX4 I . 24.75 -5.30 29.18
C22 PX4 I . 23.90 -5.08 27.92
O7 PX4 I . 22.63 -1.20 20.94
C23 PX4 I . 23.67 -0.54 20.39
O8 PX4 I . 23.43 0.60 19.99
C24 PX4 I . 25.06 -1.16 20.28
C25 PX4 I . 25.62 -1.11 21.71
C26 PX4 I . 27.14 -1.02 21.48
C27 PX4 I . 27.78 -1.24 22.85
C28 PX4 I . 27.23 -0.38 23.99
C29 PX4 I . 27.39 -0.93 25.42
C30 PX4 I . 27.52 0.22 26.42
C31 PX4 I . 27.24 -0.27 27.84
C32 PX4 I . 27.18 0.99 28.69
C33 PX4 I . 26.58 0.71 30.06
C34 PX4 I . 26.46 2.00 30.90
C35 PX4 I . 25.70 1.66 32.17
C36 PX4 I . 26.39 0.68 33.12
O1 PX4 J . 32.59 13.19 16.38
O2 PX4 J . 35.07 12.94 15.43
P1 PX4 J . 33.88 12.50 16.20
O3 PX4 J . 33.38 11.45 15.09
C1 PX4 J . 34.42 10.54 14.75
C2 PX4 J . 34.20 9.87 13.40
N1 PX4 J . 34.00 10.57 12.12
C3 PX4 J . 35.14 11.45 11.82
C4 PX4 J . 33.72 9.65 11.02
C5 PX4 J . 32.80 11.41 12.22
O4 PX4 J . 34.12 11.34 17.31
C6 PX4 J . 33.02 11.19 18.20
C7 PX4 J . 33.47 10.61 19.56
C8 PX4 J . 34.99 10.41 19.60
O5 PX4 J . 35.59 9.29 20.23
C9 PX4 J . 36.88 9.00 19.89
O6 PX4 J . 37.55 9.91 19.41
C10 PX4 J . 37.43 7.62 20.20
C11 PX4 J . 37.95 7.37 21.63
C12 PX4 J . 36.92 7.19 22.75
C13 PX4 J . 35.98 6.02 22.47
C14 PX4 J . 35.17 5.79 23.75
C15 PX4 J . 34.33 4.52 23.64
C16 PX4 J . 33.67 4.23 24.99
C17 PX4 J . 34.67 4.24 26.14
C18 PX4 J . 33.72 4.02 27.31
C19 PX4 J . 32.80 2.81 27.11
C20 PX4 J . 31.83 2.65 28.28
C21 PX4 J . 30.84 1.50 28.15
C22 PX4 J . 31.61 0.18 28.02
O7 PX4 J . 33.07 11.36 20.70
C23 PX4 J . 31.79 11.47 21.13
O8 PX4 J . 30.88 10.91 20.51
C24 PX4 J . 31.60 12.26 22.43
C25 PX4 J . 30.33 13.10 22.32
C26 PX4 J . 30.40 14.04 23.54
C27 PX4 J . 29.27 15.06 23.53
C28 PX4 J . 29.44 15.87 24.82
C29 PX4 J . 28.21 16.74 25.08
C30 PX4 J . 28.51 17.24 26.50
C31 PX4 J . 27.42 18.16 27.02
C32 PX4 J . 27.73 18.37 28.50
C33 PX4 J . 26.68 19.34 29.08
C34 PX4 J . 26.78 19.51 30.58
C35 PX4 J . 28.19 19.85 31.06
C36 PX4 J . 28.09 20.11 32.56
O1 PX4 K . 25.83 -12.91 19.41
O2 PX4 K . 23.57 -11.82 18.94
P1 PX4 K . 24.96 -11.72 19.43
O3 PX4 K . 25.73 -10.67 18.47
C1 PX4 K . 25.64 -11.32 17.20
C2 PX4 K . 26.31 -10.46 16.15
N1 PX4 K . 27.78 -10.49 16.04
C3 PX4 K . 28.26 -10.03 14.74
C4 PX4 K . 28.39 -9.59 17.02
C5 PX4 K . 28.48 -11.74 16.37
O4 PX4 K . 24.83 -10.84 20.76
C6 PX4 K . 23.67 -10.02 20.62
C7 PX4 K . 22.97 -9.61 21.92
C8 PX4 K . 23.83 -10.17 23.06
O5 PX4 K . 23.42 -11.49 23.42
C9 PX4 K . 24.27 -12.06 24.30
O6 PX4 K . 25.41 -11.61 24.47
C10 PX4 K . 23.70 -13.26 25.06
C11 PX4 K . 23.41 -12.86 26.50
C12 PX4 K . 22.67 -13.97 27.23
C13 PX4 K . 22.40 -13.56 28.68
C14 PX4 K . 23.70 -13.40 29.46
C15 PX4 K . 23.27 -13.20 30.92
C16 PX4 K . 22.04 -12.29 31.04
C17 PX4 K . 21.42 -12.40 32.43
C18 PX4 K . 22.39 -11.92 33.51
C19 PX4 K . 21.77 -11.96 34.91
C20 PX4 K . 21.48 -13.41 35.30
C21 PX4 K . 20.76 -13.43 36.64
C22 PX4 K . 20.29 -14.81 37.08
O7 PX4 K . 22.68 -8.23 22.07
C23 PX4 K . 21.62 -7.66 21.41
O8 PX4 K . 20.93 -8.25 20.57
C24 PX4 K . 21.32 -6.21 21.81
C25 PX4 K . 21.53 -5.79 23.28
C26 PX4 K . 21.38 -4.28 23.44
C27 PX4 K . 21.52 -3.88 24.90
C28 PX4 K . 21.83 -2.41 25.12
C29 PX4 K . 23.18 -2.09 24.47
C30 PX4 K . 23.54 -0.61 24.67
C31 PX4 K . 23.67 -0.34 26.17
C32 PX4 K . 23.92 1.15 26.39
C33 PX4 K . 23.41 1.39 27.81
C34 PX4 K . 23.46 2.87 28.17
C35 PX4 K . 22.55 3.33 29.32
C36 PX4 K . 21.04 3.19 29.12
O1 PX4 L . 28.13 -1.83 15.82
O2 PX4 L . 25.75 -0.93 15.48
P1 PX4 L . 26.75 -1.62 16.32
O3 PX4 L . 27.18 -0.54 17.44
C1 PX4 L . 26.99 0.82 17.01
C2 PX4 L . 27.19 1.76 18.22
N1 PX4 L . 26.62 3.10 18.05
C3 PX4 L . 25.23 2.95 17.63
C4 PX4 L . 26.59 3.81 19.34
C5 PX4 L . 27.40 3.91 17.09
O4 PX4 L . 26.18 -2.83 17.22
C6 PX4 L . 27.19 -3.28 18.13
C7 PX4 L . 26.84 -4.64 18.74
C8 PX4 L . 28.10 -5.49 18.57
O5 PX4 L . 29.26 -4.79 19.03
C9 PX4 L . 29.52 -5.10 20.33
O6 PX4 L . 29.10 -6.08 20.95
C10 PX4 L . 30.76 -4.43 20.94
C11 PX4 L . 30.63 -2.97 21.34
C12 PX4 L . 31.79 -2.69 22.29
C13 PX4 L . 31.59 -3.38 23.64
C14 PX4 L . 32.93 -3.19 24.36
C15 PX4 L . 32.87 -3.98 25.68
C16 PX4 L . 33.99 -3.75 26.69
C17 PX4 L . 35.41 -4.22 26.36
C18 PX4 L . 36.38 -4.08 27.53
C19 PX4 L . 37.75 -4.66 27.16
C20 PX4 L . 38.20 -4.03 25.86
C21 PX4 L . 39.64 -4.51 25.61
C22 PX4 L . 40.16 -4.04 24.25
O7 PX4 L . 26.27 -4.41 20.02
C23 PX4 L . 25.82 -5.38 20.86
O8 PX4 L . 26.03 -6.55 20.54
C24 PX4 L . 25.41 -5.02 22.29
C25 PX4 L . 26.58 -5.35 23.21
C26 PX4 L . 26.53 -4.56 24.52
C27 PX4 L . 27.85 -4.78 25.28
C28 PX4 L . 27.95 -4.10 26.65
C29 PX4 L . 29.14 -4.50 27.52
C30 PX4 L . 29.15 -3.86 28.92
C31 PX4 L . 30.53 -4.05 29.54
C32 PX4 L . 30.66 -3.15 30.76
C33 PX4 L . 32.00 -3.24 31.49
C34 PX4 L . 31.88 -2.55 32.86
C35 PX4 L . 33.14 -2.54 33.71
C36 PX4 L . 33.07 -1.70 34.98
O1 PX4 M . -14.13 24.81 16.27
O2 PX4 M . -16.42 25.37 15.14
P1 PX4 M . -15.24 25.75 15.94
O3 PX4 M . -14.43 26.90 15.16
C1 PX4 M . -13.94 26.47 13.90
C2 PX4 M . -13.10 27.47 13.14
N1 PX4 M . -13.92 28.42 12.36
C3 PX4 M . -14.86 27.78 11.44
C4 PX4 M . -14.63 29.35 13.24
C5 PX4 M . -13.15 29.35 11.55
O4 PX4 M . -15.64 26.57 17.27
C6 PX4 M . -16.57 27.55 16.81
C7 PX4 M . -16.91 28.61 17.85
C8 PX4 M . -16.05 28.22 19.07
O5 PX4 M . -16.52 28.55 20.37
C9 PX4 M . -15.79 27.96 21.35
O6 PX4 M . -14.90 27.17 21.02
C10 PX4 M . -16.16 28.26 22.81
C11 PX4 M . -17.11 27.16 23.29
C12 PX4 M . -17.45 27.19 24.76
C13 PX4 M . -18.42 26.08 25.17
C14 PX4 M . -17.47 25.07 25.83
C15 PX4 M . -18.20 23.76 26.15
C16 PX4 M . -17.42 22.82 27.06
C17 PX4 M . -17.28 23.44 28.44
C18 PX4 M . -16.60 22.46 29.41
C19 PX4 M . -16.93 23.02 30.80
C20 PX4 M . -16.47 21.95 31.80
C21 PX4 M . -14.98 21.67 31.58
C22 PX4 M . -14.36 20.61 32.51
O7 PX4 M . -16.64 29.92 17.33
C23 PX4 M . -17.62 30.72 16.82
O8 PX4 M . -18.74 30.24 16.79
C24 PX4 M . -17.18 32.09 16.33
C25 PX4 M . -17.12 33.19 17.42
C26 PX4 M . -18.55 33.57 17.78
C27 PX4 M . -18.62 34.77 18.73
C28 PX4 M . -20.05 35.20 19.03
C29 PX4 M . -20.13 36.43 19.93
C30 PX4 M . -19.45 36.15 21.27
C31 PX4 M . -19.88 37.14 22.35
C32 PX4 M . -21.32 37.09 22.89
C33 PX4 M . -21.52 38.10 24.03
C34 PX4 M . -22.99 37.92 24.45
C35 PX4 M . -23.45 38.77 25.63
C36 PX4 M . -23.42 40.23 25.18
O1 PX4 N . -0.09 29.16 19.68
O2 PX4 N . -1.43 27.79 17.85
P1 PX4 N . -1.31 28.56 19.10
O3 PX4 N . -2.08 29.91 18.76
C1 PX4 N . -3.28 29.51 18.08
C2 PX4 N . -4.35 30.59 17.85
N1 PX4 N . -4.91 31.35 18.99
C3 PX4 N . -5.87 32.34 18.49
C4 PX4 N . -5.68 30.47 19.86
C5 PX4 N . -3.94 32.06 19.82
O4 PX4 N . -2.44 28.31 20.23
C6 PX4 N . -1.98 29.11 21.32
C7 PX4 N . -2.97 29.12 22.48
C8 PX4 N . -3.92 27.96 22.15
O5 PX4 N . -5.31 28.14 21.89
C9 PX4 N . -6.05 27.03 22.16
O6 PX4 N . -5.51 26.06 22.70
C10 PX4 N . -7.57 27.07 21.98
C11 PX4 N . -8.22 27.85 23.12
C12 PX4 N . -8.05 26.89 24.30
C13 PX4 N . -8.92 27.35 25.48
C14 PX4 N . -8.76 26.27 26.55
C15 PX4 N . -9.41 24.90 26.34
C16 PX4 N . -9.16 23.99 27.55
C17 PX4 N . -9.26 22.51 27.15
C18 PX4 N . -9.08 21.61 28.38
C19 PX4 N . -9.19 20.12 28.03
C20 PX4 N . -8.74 19.36 29.28
C21 PX4 N . -7.30 19.69 29.68
C22 PX4 N . -6.94 18.66 30.75
O7 PX4 N . -2.36 28.83 23.74
C23 PX4 N . -1.93 29.98 24.32
O8 PX4 N . -2.40 31.05 23.97
C24 PX4 N . -0.88 29.85 25.43
C25 PX4 N . -1.49 29.75 26.84
C26 PX4 N . -0.50 29.77 28.00
C27 PX4 N . -1.32 29.73 29.29
C28 PX4 N . -0.49 29.38 30.53
C29 PX4 N . 0.02 27.94 30.43
C30 PX4 N . 0.67 27.46 31.72
C31 PX4 N . 1.04 25.97 31.80
C32 PX4 N . 1.72 25.47 33.08
C33 PX4 N . 1.94 23.96 33.11
C34 PX4 N . 0.67 23.10 33.18
C35 PX4 N . 0.95 21.61 33.40
C36 PX4 N . -0.40 20.93 33.59
O1 PX4 O . 14.12 2.25 14.56
O2 PX4 O . 13.94 0.11 15.87
P1 PX4 O . 13.34 1.02 14.87
O3 PX4 O . 13.13 0.22 13.49
C1 PX4 O . 12.91 1.19 12.48
C2 PX4 O . 13.48 0.83 11.11
N1 PX4 O . 13.01 -0.41 10.49
C3 PX4 O . 13.26 -1.66 11.21
C4 PX4 O . 11.55 -0.30 10.23
C5 PX4 O . 13.62 -0.44 9.15
O4 PX4 O . 11.87 1.46 15.36
C6 PX4 O . 12.11 1.34 16.77
C7 PX4 O . 10.99 2.05 17.56
C8 PX4 O . 9.98 0.92 17.36
O5 PX4 O . 8.62 1.32 17.19
C9 PX4 O . 7.63 0.40 17.08
O6 PX4 O . 7.91 -0.77 17.35
C10 PX4 O . 6.22 0.87 16.75
C11 PX4 O . 6.22 2.13 15.88
C12 PX4 O . 4.75 2.58 15.91
C13 PX4 O . 4.71 3.84 15.06
C14 PX4 O . 3.25 4.30 15.14
C15 PX4 O . 2.33 3.29 14.43
C16 PX4 O . 0.88 3.74 14.63
C17 PX4 O . 0.59 3.50 16.11
C18 PX4 O . -0.93 3.31 16.28
C19 PX4 O . -1.34 2.87 17.69
C20 PX4 O . -0.76 3.81 18.74
C21 PX4 O . -1.36 3.44 20.10
C22 PX4 O . -0.90 4.39 21.20
O7 PX4 O . 11.40 2.21 18.91
C23 PX4 O . 12.18 3.18 19.47
O8 PX4 O . 12.47 4.17 18.77
C24 PX4 O . 12.59 2.95 20.92
C25 PX4 O . 11.59 3.68 21.82
C26 PX4 O . 12.06 3.35 23.23
C27 PX4 O . 12.08 1.85 23.52
C28 PX4 O . 12.86 1.49 24.79
C29 PX4 O . 12.91 0.03 25.25
C30 PX4 O . 13.33 -0.23 26.70
C31 PX4 O . 12.76 -1.55 27.22
C32 PX4 O . 11.36 -1.36 27.83
C33 PX4 O . 10.83 -2.70 28.34
C34 PX4 O . 11.91 -3.35 29.22
C35 PX4 O . 11.55 -4.75 29.73
C36 PX4 O . 12.63 -5.39 30.60
O1 PX4 P . 18.41 10.23 20.54
O2 PX4 P . 20.21 9.67 18.72
P1 PX4 P . 19.47 9.37 19.96
O3 PX4 P . 19.00 7.83 19.95
C1 PX4 P . 20.19 7.08 19.72
C2 PX4 P . 20.06 5.71 20.37
N1 PX4 P . 20.43 5.52 21.79
C3 PX4 P . 21.84 5.85 22.03
C4 PX4 P . 19.55 6.29 22.67
C5 PX4 P . 20.26 4.12 22.20
O4 PX4 P . 20.60 9.16 21.09
C6 PX4 P . 21.37 10.34 21.33
C7 PX4 P . 21.54 10.86 22.76
C8 PX4 P . 21.06 9.76 23.71
O5 PX4 P . 19.70 10.07 24.07
C9 PX4 P . 19.16 9.31 25.06
O6 PX4 P . 19.85 8.39 25.49
C10 PX4 P . 17.84 9.71 25.70
C11 PX4 P . 17.47 11.18 25.57
C12 PX4 P . 16.13 11.32 26.28
C13 PX4 P . 15.43 12.57 25.74
C14 PX4 P . 16.08 13.87 26.23
C15 PX4 P . 15.25 15.07 25.79
C16 PX4 P . 15.87 16.22 26.59
C17 PX4 P . 15.81 16.07 28.12
C18 PX4 P . 16.73 17.02 28.86
C19 PX4 P . 16.35 18.50 28.75
C20 PX4 P . 17.31 19.49 29.40
C21 PX4 P . 16.61 20.84 29.53
C22 PX4 P . 15.52 20.85 30.60
O7 PX4 P . 22.89 11.19 23.06
C23 PX4 P . 23.11 12.52 23.18
O8 PX4 P . 22.32 13.28 22.65
C24 PX4 P . 24.36 13.03 23.93
C25 PX4 P . 24.04 14.37 24.62
C26 PX4 P . 24.82 15.52 23.96
C27 PX4 P . 24.14 16.86 24.27
C28 PX4 P . 24.88 18.14 23.87
C29 PX4 P . 24.06 19.43 23.89
C30 PX4 P . 24.11 19.88 25.35
C31 PX4 P . 23.40 21.21 25.57
C32 PX4 P . 23.44 21.73 27.01
C33 PX4 P . 24.79 22.36 27.32
C34 PX4 P . 24.99 22.84 28.77
C35 PX4 P . 26.44 23.22 29.07
C36 PX4 P . 26.42 23.75 30.50
O1 PX4 Q . 26.02 6.80 19.97
O2 PX4 Q . 23.51 6.50 19.49
P1 PX4 Q . 24.66 7.35 19.89
O3 PX4 Q . 24.60 8.46 18.72
C1 PX4 Q . 23.29 8.72 18.25
C2 PX4 Q . 23.27 9.89 17.27
N1 PX4 Q . 22.97 9.74 15.84
C3 PX4 Q . 21.57 9.36 15.65
C4 PX4 Q . 23.04 11.13 15.38
C5 PX4 Q . 23.79 8.84 15.02
O4 PX4 Q . 24.25 8.28 21.13
C6 PX4 Q . 25.40 8.97 21.62
C7 PX4 Q . 25.27 9.27 23.11
C8 PX4 Q . 24.61 8.04 23.77
O5 PX4 Q . 23.74 8.22 24.87
C9 PX4 Q . 23.45 7.15 25.66
O6 PX4 Q . 23.83 6.03 25.36
C10 PX4 Q . 22.81 7.56 26.97
C11 PX4 Q . 23.58 7.29 28.27
C12 PX4 Q . 24.94 7.95 28.25
C13 PX4 Q . 25.78 7.31 29.38
C14 PX4 Q . 25.86 8.17 30.63
C15 PX4 Q . 26.26 9.63 30.38
C16 PX4 Q . 26.39 10.33 31.74
C17 PX4 Q . 25.20 10.04 32.65
C18 PX4 Q . 25.31 10.91 33.89
C19 PX4 Q . 24.13 10.64 34.84
C20 PX4 Q . 24.29 11.63 35.99
C21 PX4 Q . 24.44 10.86 37.30
C22 PX4 Q . 24.36 11.77 38.54
O7 PX4 Q . 26.47 9.60 23.81
C23 PX4 Q . 27.13 10.76 23.65
O8 PX4 Q . 27.05 11.42 22.61
C24 PX4 Q . 28.09 11.18 24.77
C25 PX4 Q . 27.30 11.83 25.93
C26 PX4 Q . 28.31 12.14 27.03
C27 PX4 Q . 27.65 12.98 28.13
C28 PX4 Q . 28.64 13.38 29.23
C29 PX4 Q . 28.05 14.49 30.10
C30 PX4 Q . 28.75 14.50 31.46
C31 PX4 Q . 28.19 15.61 32.37
C32 PX4 Q . 27.64 15.02 33.66
C33 PX4 Q . 27.62 15.98 34.85
C34 PX4 Q . 27.21 15.43 36.21
C35 PX4 Q . 26.99 16.67 37.09
C36 PX4 Q . 26.52 16.17 38.45
O1 PX4 R . 4.38 -32.76 16.87
O2 PX4 R . 1.89 -32.43 17.42
P1 PX4 R . 3.28 -31.92 17.40
O3 PX4 R . 3.12 -30.65 16.42
C1 PX4 R . 2.75 -31.14 15.12
C2 PX4 R . 2.61 -30.05 14.06
N1 PX4 R . 3.86 -29.40 13.62
C3 PX4 R . 4.95 -30.32 13.27
C4 PX4 R . 3.61 -28.61 12.41
C5 PX4 R . 4.39 -28.47 14.63
O4 PX4 R . 3.71 -31.10 18.71
C6 PX4 R . 4.16 -31.95 19.76
C7 PX4 R . 4.56 -31.22 21.04
C8 PX4 R . 3.30 -30.62 21.67
O5 PX4 R . 3.52 -29.28 22.15
C9 PX4 R . 3.59 -29.18 23.51
O6 PX4 R . 3.32 -30.19 24.18
C10 PX4 R . 3.87 -27.81 24.09
C11 PX4 R . 5.25 -27.81 24.75
C12 PX4 R . 5.45 -26.43 25.39
C13 PX4 R . 6.29 -26.44 26.66
C14 PX4 R . 6.21 -25.07 27.35
C15 PX4 R . 6.98 -23.98 26.61
C16 PX4 R . 6.77 -22.65 27.32
C17 PX4 R . 6.98 -22.94 28.80
C18 PX4 R . 7.44 -21.66 29.50
C19 PX4 R . 7.91 -21.81 30.95
C20 PX4 R . 7.95 -20.51 31.75
C21 PX4 R . 8.75 -20.54 33.06
C22 PX4 R . 9.00 -19.18 33.71
O7 PX4 R . 5.44 -32.05 21.80
C23 PX4 R . 6.77 -31.72 21.69
O8 PX4 R . 7.06 -30.87 20.85
C24 PX4 R . 7.78 -32.51 22.51
C25 PX4 R . 7.68 -32.24 24.01
C26 PX4 R . 7.86 -30.75 24.27
C27 PX4 R . 7.75 -30.44 25.77
C28 PX4 R . 8.74 -31.08 26.75
C29 PX4 R . 8.89 -30.09 27.91
C30 PX4 R . 10.33 -30.07 28.38
C31 PX4 R . 10.47 -29.45 29.77
C32 PX4 R . 11.96 -29.21 30.05
C33 PX4 R . 12.23 -28.47 31.36
C34 PX4 R . 11.71 -29.21 32.59
C35 PX4 R . 12.48 -28.94 33.88
C36 PX4 R . 13.92 -29.38 33.80
O1 PX4 S . -6.45 39.58 12.44
O2 PX4 S . -9.02 39.72 12.06
P1 PX4 S . -7.78 40.16 12.76
O3 PX4 S . -7.46 41.71 12.52
C1 PX4 S . -8.65 42.50 12.47
C2 PX4 S . -8.15 43.90 12.10
N1 PX4 S . -8.00 44.81 13.24
C3 PX4 S . -7.19 44.37 14.38
C4 PX4 S . -7.48 46.11 12.80
C5 PX4 S . -9.34 45.00 13.83
O4 PX4 S . -7.85 40.44 14.34
C6 PX4 S . -6.67 39.99 14.99
C7 PX4 S . -6.19 40.75 16.24
C8 PX4 S . -7.44 41.13 17.02
O5 PX4 S . -7.73 42.52 17.21
C9 PX4 S . -8.85 42.57 17.98
O6 PX4 S . -9.47 41.59 18.37
C10 PX4 S . -9.37 44.00 18.15
C11 PX4 S . -8.79 44.82 19.31
C12 PX4 S . -9.15 46.29 19.13
C13 PX4 S . -8.76 46.98 20.44
C14 PX4 S . -8.95 48.50 20.38
C15 PX4 S . -8.27 49.16 21.59
C16 PX4 S . -9.00 50.46 21.92
C17 PX4 S . -8.31 50.98 23.19
C18 PX4 S . -8.93 52.32 23.61
C19 PX4 S . -8.24 52.61 24.94
C20 PX4 S . -8.46 54.04 25.42
C21 PX4 S . -8.47 54.14 26.96
C22 PX4 S . -7.17 53.61 27.54
O7 PX4 S . -5.18 39.96 16.84
C23 PX4 S . -3.85 40.04 16.53
O8 PX4 S . -3.58 40.68 15.51
C24 PX4 S . -2.78 39.40 17.42
C25 PX4 S . -3.03 39.70 18.90
C26 PX4 S . -2.06 38.98 19.83
C27 PX4 S . -2.31 39.21 21.32
C28 PX4 S . -1.47 40.37 21.89
C29 PX4 S . -1.92 40.57 23.33
C30 PX4 S . -3.35 41.07 23.56
C31 PX4 S . -3.73 41.16 25.03
C32 PX4 S . -5.03 41.95 25.21
C33 PX4 S . -5.59 42.11 26.61
C34 PX4 S . -6.86 42.98 26.72
C35 PX4 S . -7.39 42.75 28.14
C36 PX4 S . -8.82 43.17 28.38
O1 PX4 T . 29.07 15.06 14.26
O2 PX4 T . 27.55 13.69 15.84
P1 PX4 T . 28.58 14.72 15.61
O3 PX4 T . 27.97 16.17 15.94
C1 PX4 T . 26.64 16.44 15.44
C2 PX4 T . 26.24 17.90 15.56
N1 PX4 T . 24.83 18.26 15.39
C3 PX4 T . 24.71 19.67 15.80
C4 PX4 T . 24.49 18.16 13.96
C5 PX4 T . 23.85 17.50 16.19
O4 PX4 T . 29.76 14.75 16.71
C6 PX4 T . 29.05 14.78 17.95
C7 PX4 T . 30.04 15.26 19.01
C8 PX4 T . 31.46 14.84 18.61
O5 PX4 T . 32.27 14.55 19.75
C9 PX4 T . 33.42 15.21 20.03
O6 PX4 T . 33.95 15.84 19.11
C10 PX4 T . 34.13 15.14 21.37
C11 PX4 T . 35.32 14.18 21.36
C12 PX4 T . 36.15 14.23 22.64
C13 PX4 T . 37.39 13.34 22.43
C14 PX4 T . 38.35 13.29 23.63
C15 PX4 T . 37.59 12.56 24.74
C16 PX4 T . 37.80 11.05 24.81
C17 PX4 T . 37.37 10.57 26.21
C18 PX4 T . 37.58 9.07 26.35
C19 PX4 T . 39.02 8.62 26.12
C20 PX4 T . 39.27 7.13 26.38
C21 PX4 T . 40.34 6.57 25.44
C22 PX4 T . 40.20 5.05 25.50
O7 PX4 T . 29.90 16.65 19.27
C23 PX4 T . 28.90 17.13 20.05
O8 PX4 T . 27.82 16.57 20.15
C24 PX4 T . 29.08 18.55 20.62
C25 PX4 T . 30.13 18.60 21.75
C26 PX4 T . 31.50 18.89 21.12
C27 PX4 T . 32.58 18.20 21.95
C28 PX4 T . 32.43 18.87 23.31
C29 PX4 T . 33.48 18.39 24.33
C30 PX4 T . 34.83 18.45 23.64
C31 PX4 T . 35.92 18.03 24.63
C32 PX4 T . 37.26 17.85 23.91
C33 PX4 T . 38.24 17.56 25.05
C34 PX4 T . 37.80 16.37 25.89
C35 PX4 T . 38.52 16.32 27.24
C36 PX4 T . 37.88 15.27 28.16
O1 PX4 U . 36.39 0.30 16.45
O2 PX4 U . 34.67 2.05 15.55
P1 PX4 U . 35.73 1.63 16.50
O3 PX4 U . 36.82 2.82 16.38
C1 PX4 U . 37.28 3.02 15.04
C2 PX4 U . 38.63 2.37 14.73
N1 PX4 U . 39.19 2.51 13.38
C3 PX4 U . 40.63 2.32 13.55
C4 PX4 U . 38.67 1.46 12.49
C5 PX4 U . 38.94 3.77 12.67
O4 PX4 U . 35.28 2.03 17.99
C6 PX4 U . 36.32 2.08 18.98
C7 PX4 U . 36.30 3.29 19.92
C8 PX4 U . 34.80 3.60 19.89
O5 PX4 U . 34.67 4.97 19.52
C9 PX4 U . 33.40 5.42 19.30
O6 PX4 U . 32.47 4.64 19.50
C10 PX4 U . 33.15 6.92 19.30
C11 PX4 U . 32.02 7.35 20.23
C12 PX4 U . 32.52 7.39 21.68
C13 PX4 U . 31.55 7.87 22.76
C14 PX4 U . 32.12 7.68 24.16
C15 PX4 U . 31.02 7.65 25.24
C16 PX4 U . 31.44 7.49 26.69
C17 PX4 U . 32.27 8.60 27.34
C18 PX4 U . 31.65 9.97 27.05
C19 PX4 U . 32.58 11.08 27.54
C20 PX4 U . 32.21 12.48 27.08
C21 PX4 U . 33.44 13.39 27.22
C22 PX4 U . 33.08 14.64 26.43
O7 PX4 U . 36.95 2.99 21.16
C23 PX4 U . 38.30 3.04 21.28
O8 PX4 U . 39.02 3.19 20.29
C24 PX4 U . 38.74 2.76 22.71
C25 PX4 U . 39.29 1.38 23.05
C26 PX4 U . 39.73 1.56 24.49
C27 PX4 U . 40.59 0.33 24.75
C28 PX4 U . 41.13 0.56 26.18
C29 PX4 U . 39.92 0.71 27.11
C30 PX4 U . 40.29 0.48 28.57
C31 PX4 U . 40.44 -0.99 28.95
C32 PX4 U . 40.69 -1.36 30.41
C33 PX4 U . 42.12 -0.98 30.83
C34 PX4 U . 42.36 -1.37 32.30
C35 PX4 U . 43.74 -1.23 32.92
C36 PX4 U . 44.10 0.22 32.62
O1 PX4 V . 0.38 19.47 19.88
O2 PX4 V . 2.39 17.96 19.36
P1 PX4 V . 1.27 18.34 20.24
O3 PX4 V . 0.22 17.21 19.78
C1 PX4 V . 0.26 17.22 18.34
C2 PX4 V . -0.49 16.13 17.61
N1 PX4 V . -0.15 14.69 17.70
C3 PX4 V . -0.28 14.08 19.03
C4 PX4 V . -1.20 14.06 16.88
C5 PX4 V . 1.16 14.40 17.10
O4 PX4 V . 1.19 17.78 21.74
C6 PX4 V . 2.19 16.77 21.91
C7 PX4 V . 2.69 16.54 23.34
C8 PX4 V . 2.34 17.76 24.19
O5 PX4 V . 3.33 18.14 25.14
C9 PX4 V . 3.09 19.10 26.09
O6 PX4 V . 1.92 19.46 26.28
C10 PX4 V . 4.21 19.67 26.96
C11 PX4 V . 3.84 19.50 28.44
C12 PX4 V . 4.70 20.49 29.23
C13 PX4 V . 4.72 20.36 30.75
C14 PX4 V . 5.60 21.50 31.24
C15 PX4 V . 5.74 21.54 32.77
C16 PX4 V . 6.83 22.53 33.18
C17 PX4 V . 6.63 22.77 34.67
C18 PX4 V . 5.21 23.22 34.96
C19 PX4 V . 5.24 23.65 36.43
C20 PX4 V . 3.87 24.07 36.97
C21 PX4 V . 3.90 24.01 38.49
C22 PX4 V . 2.53 24.42 39.05
O7 PX4 V . 2.22 15.32 23.90
C23 PX4 V . 2.79 14.14 23.54
O8 PX4 V . 3.81 14.17 22.87
C24 PX4 V . 2.24 12.79 24.05
C25 PX4 V . 3.12 12.33 25.22
C26 PX4 V . 2.68 10.89 25.56
C27 PX4 V . 3.61 10.27 26.59
C28 PX4 V . 5.10 10.42 26.31
C29 PX4 V . 6.02 9.74 27.33
C30 PX4 V . 7.46 10.21 27.12
C31 PX4 V . 8.49 9.45 27.96
C32 PX4 V . 8.73 8.07 27.35
C33 PX4 V . 9.63 7.10 28.12
C34 PX4 V . 9.86 5.76 27.42
C35 PX4 V . 10.85 4.92 28.21
C36 PX4 V . 11.03 3.66 27.36
O1 PX4 W . 13.51 21.17 19.77
O2 PX4 W . 14.87 19.00 20.39
P1 PX4 W . 14.00 20.16 20.74
O3 PX4 W . 12.57 19.53 21.16
C1 PX4 W . 11.88 18.93 20.07
C2 PX4 W . 10.51 18.32 20.30
N1 PX4 W . 10.28 17.36 21.39
C3 PX4 W . 11.10 16.20 21.02
C4 PX4 W . 10.53 17.85 22.74
C5 PX4 W . 8.90 16.84 21.30
O4 PX4 W . 14.25 20.70 22.22
C6 PX4 W . 13.76 19.86 23.26
C7 PX4 W . 14.23 20.07 24.70
C8 PX4 W . 14.91 21.44 24.58
O5 PX4 W . 16.32 21.40 24.75
C9 PX4 W . 16.91 22.63 24.76
O6 PX4 W . 16.42 23.67 24.30
C10 PX4 W . 18.36 22.54 25.21
C11 PX4 W . 18.53 21.84 26.56
C12 PX4 W . 19.89 22.17 27.19
C13 PX4 W . 20.22 23.61 27.57
C14 PX4 W . 19.33 24.04 28.73
C15 PX4 W . 19.50 25.39 29.45
C16 PX4 W . 18.85 25.41 30.84
C17 PX4 W . 18.92 26.86 31.33
C18 PX4 W . 20.31 27.27 31.78
C19 PX4 W . 20.10 28.48 32.70
C20 PX4 W . 19.85 29.77 31.90
C21 PX4 W . 19.79 30.93 32.90
C22 PX4 W . 19.15 32.09 32.14
O7 PX4 W . 13.23 19.96 25.70
C23 PX4 W . 12.65 18.80 26.11
O8 PX4 W . 12.94 17.71 25.60
C24 PX4 W . 11.50 19.05 27.11
C25 PX4 W . 10.08 19.05 26.52
C26 PX4 W . 9.10 19.01 27.69
C27 PX4 W . 9.13 17.78 28.59
C28 PX4 W . 8.20 17.77 29.81
C29 PX4 W . 8.43 16.49 30.63
C30 PX4 W . 7.61 16.62 31.92
C31 PX4 W . 8.04 17.72 32.89
C32 PX4 W . 6.99 17.93 33.98
C33 PX4 W . 7.41 19.11 34.86
C34 PX4 W . 8.78 18.82 35.47
C35 PX4 W . 9.38 19.93 36.34
C36 PX4 W . 10.53 19.52 37.27
O1 PX4 X . 22.61 22.75 16.51
O2 PX4 X . 21.91 20.36 17.05
P1 PX4 X . 21.78 21.82 17.31
O3 PX4 X . 20.28 22.22 16.88
C1 PX4 X . 20.03 21.60 15.62
C2 PX4 X . 18.65 21.89 15.00
N1 PX4 X . 17.43 21.24 15.49
C3 PX4 X . 17.15 21.43 16.91
C4 PX4 X . 16.26 21.85 14.86
C5 PX4 X . 17.49 19.78 15.26
O4 PX4 X . 21.62 22.25 18.85
C6 PX4 X . 21.35 21.04 19.54
C7 PX4 X . 20.94 21.20 21.01
C8 PX4 X . 21.08 22.69 21.32
O5 PX4 X . 22.06 23.01 22.32
C9 PX4 X . 22.28 24.33 22.58
O6 PX4 X . 21.34 25.10 22.42
C10 PX4 X . 23.61 24.64 23.28
C11 PX4 X . 23.58 25.77 24.30
C12 PX4 X . 24.96 25.90 24.96
C13 PX4 X . 25.03 27.16 25.84
C14 PX4 X . 26.45 27.25 26.38
C15 PX4 X . 26.63 28.51 27.23
C16 PX4 X . 28.03 28.54 27.87
C17 PX4 X . 28.07 27.46 28.96
C18 PX4 X . 29.27 27.70 29.88
C19 PX4 X . 29.53 26.62 30.94
C20 PX4 X . 30.89 26.84 31.61
C21 PX4 X . 31.22 25.57 32.39
C22 PX4 X . 30.17 25.47 33.49
O7 PX4 X . 19.61 20.71 21.29
C23 PX4 X . 19.40 19.37 21.28
O8 PX4 X . 19.92 18.64 20.45
C24 PX4 X . 18.12 19.02 22.02
C25 PX4 X . 18.21 18.65 23.51
C26 PX4 X . 19.46 17.88 23.93
C27 PX4 X . 19.20 17.58 25.43
C28 PX4 X . 20.56 17.27 26.06
C29 PX4 X . 20.34 17.01 27.55
C30 PX4 X . 21.52 16.46 28.34
C31 PX4 X . 21.15 16.37 29.81
C32 PX4 X . 21.00 17.72 30.51
C33 PX4 X . 22.20 18.65 30.37
C34 PX4 X . 22.08 19.94 31.17
C35 PX4 X . 20.99 20.85 30.60
C36 PX4 X . 20.85 21.96 31.65
O1 PX4 Y . 6.85 -34.42 18.46
O2 PX4 Y . 8.09 -36.57 17.57
P1 PX4 Y . 7.01 -35.88 18.30
O3 PX4 Y . 5.71 -36.53 17.61
C1 PX4 Y . 5.27 -35.54 16.68
C2 PX4 Y . 4.77 -35.85 15.28
N1 PX4 Y . 3.39 -36.33 15.02
C3 PX4 Y . 3.17 -36.26 13.57
C4 PX4 Y . 3.26 -37.72 15.47
C5 PX4 Y . 2.44 -35.46 15.74
O4 PX4 Y . 6.88 -36.49 19.78
C6 PX4 Y . 6.01 -35.58 20.48
C7 PX4 Y . 5.31 -36.19 21.69
C8 PX4 Y . 6.34 -37.14 22.29
O5 PX4 Y . 7.63 -36.58 22.56
C9 PX4 Y . 8.72 -37.33 22.87
O6 PX4 Y . 8.73 -38.55 22.78
C10 PX4 Y . 10.03 -36.57 22.72
C11 PX4 Y . 10.03 -35.41 23.72
C12 PX4 Y . 10.50 -35.85 25.10
C13 PX4 Y . 10.69 -34.61 25.97
C14 PX4 Y . 11.45 -34.86 27.28
C15 PX4 Y . 11.65 -33.52 27.99
C16 PX4 Y . 12.63 -33.56 29.15
C17 PX4 Y . 12.09 -33.92 30.55
C18 PX4 Y . 13.10 -33.65 31.68
C19 PX4 Y . 12.36 -34.12 32.93
C20 PX4 Y . 13.21 -33.61 34.10
C21 PX4 Y . 12.60 -34.25 35.34
C22 PX4 Y . 13.45 -34.08 36.61
O7 PX4 Y . 4.69 -35.39 22.70
C23 PX4 Y . 3.57 -34.67 22.46
O8 PX4 Y . 3.16 -34.39 21.34
C24 PX4 Y . 2.75 -34.17 23.65
C25 PX4 Y . 3.21 -34.68 25.01
C26 PX4 Y . 4.44 -33.99 25.61
C27 PX4 Y . 3.99 -32.91 26.59
C28 PX4 Y . 5.10 -32.08 27.24
C29 PX4 Y . 4.34 -30.96 27.97
C30 PX4 Y . 5.31 -30.24 28.90
C31 PX4 Y . 4.74 -28.92 29.39
C32 PX4 Y . 5.76 -28.56 30.48
C33 PX4 Y . 5.28 -27.23 31.08
C34 PX4 Y . 6.10 -27.18 32.38
C35 PX4 Y . 7.54 -26.90 31.97
C36 PX4 Y . 8.39 -26.96 33.25
O1 PX4 Z . -0.96 -19.81 19.63
O2 PX4 Z . 1.14 -21.11 18.69
P1 PX4 Z . 0.22 -20.70 19.78
O3 PX4 Z . -0.76 -21.97 19.93
C1 PX4 Z . -1.47 -22.27 18.73
C2 PX4 Z . -1.80 -23.76 18.59
N1 PX4 Z . -2.78 -24.41 19.48
C3 PX4 Z . -2.30 -24.37 20.87
C4 PX4 Z . -4.00 -23.59 19.43
C5 PX4 Z . -3.02 -25.76 18.95
O4 PX4 Z . 0.77 -20.61 21.29
C6 PX4 Z . 0.82 -21.96 21.75
C7 PX4 Z . 0.85 -22.01 23.28
C8 PX4 Z . 0.41 -20.63 23.78
O5 PX4 Z . 1.24 -20.16 24.85
C9 PX4 Z . 1.00 -18.85 25.13
O6 PX4 Z . 0.13 -18.28 24.47
C10 PX4 Z . 1.68 -18.24 26.36
C11 PX4 Z . 2.10 -19.21 27.46
C12 PX4 Z . 3.33 -18.61 28.15
C13 PX4 Z . 3.86 -19.46 29.32
C14 PX4 Z . 4.81 -18.62 30.17
C15 PX4 Z . 4.11 -17.47 30.90
C16 PX4 Z . 5.17 -16.56 31.50
C17 PX4 Z . 4.53 -15.69 32.58
C18 PX4 Z . 5.23 -15.86 33.93
C19 PX4 Z . 4.62 -14.95 35.00
C20 PX4 Z . 5.26 -13.56 34.89
C21 PX4 Z . 4.74 -12.81 36.13
C22 PX4 Z . 4.86 -13.63 37.41
O7 PX4 Z . -0.09 -22.98 23.77
C23 PX4 Z . 0.35 -24.26 23.90
O8 PX4 Z . 1.06 -24.74 23.02
C24 PX4 Z . -0.37 -25.19 24.88
C25 PX4 Z . -0.34 -24.66 26.32
C26 PX4 Z . 1.11 -24.76 26.79
C27 PX4 Z . 1.16 -24.45 28.28
C28 PX4 Z . 2.60 -24.74 28.72
C29 PX4 Z . 2.74 -24.49 30.22
C30 PX4 Z . 2.44 -23.09 30.75
C31 PX4 Z . 2.55 -22.94 32.28
C32 PX4 Z . 1.97 -21.60 32.75
C33 PX4 Z . 2.33 -21.25 34.19
C34 PX4 Z . 2.24 -19.74 34.43
C35 PX4 Z . 2.88 -19.48 35.78
C36 PX4 Z . 4.27 -20.10 35.85
O1 PX4 AA . 5.15 -23.25 17.58
O2 PX4 AA . 7.26 -21.90 17.90
P1 PX4 AA . 5.95 -22.33 18.42
O3 PX4 AA . 6.65 -23.28 19.50
C1 PX4 AA . 6.21 -24.64 19.50
C2 PX4 AA . 6.92 -25.56 20.49
N1 PX4 AA . 7.08 -26.99 20.20
C3 PX4 AA . 5.73 -27.57 20.10
C4 PX4 AA . 7.95 -27.30 19.07
C5 PX4 AA . 7.60 -27.65 21.41
O4 PX4 AA . 5.21 -21.40 19.52
C6 PX4 AA . 6.22 -21.02 20.47
C7 PX4 AA . 5.75 -20.38 21.78
C8 PX4 AA . 4.26 -20.60 21.98
O5 PX4 AA . 3.54 -19.37 22.16
C9 PX4 AA . 3.50 -18.44 21.17
O6 PX4 AA . 3.75 -18.72 20.01
C10 PX4 AA . 2.89 -17.07 21.50
C11 PX4 AA . 3.35 -16.71 22.91
C12 PX4 AA . 2.46 -15.54 23.35
C13 PX4 AA . 2.78 -15.09 24.77
C14 PX4 AA . 1.54 -14.26 25.11
C15 PX4 AA . 1.44 -13.50 26.43
C16 PX4 AA . 0.05 -12.93 26.75
C17 PX4 AA . 0.20 -12.16 28.06
C18 PX4 AA . -1.21 -11.97 28.62
C19 PX4 AA . -1.15 -11.30 29.99
C20 PX4 AA . -0.41 -9.95 29.90
C21 PX4 AA . -0.41 -9.34 31.30
C22 PX4 AA . -1.83 -9.18 31.82
O7 PX4 AA . 6.51 -20.77 22.93
C23 PX4 AA . 7.78 -20.33 23.02
O8 PX4 AA . 8.05 -19.40 22.26
C24 PX4 AA . 8.79 -20.79 24.07
C25 PX4 AA . 8.86 -19.89 25.31
C26 PX4 AA . 9.92 -20.44 26.28
C27 PX4 AA . 10.08 -19.41 27.40
C28 PX4 AA . 10.69 -18.14 26.80
C29 PX4 AA . 10.81 -17.04 27.86
C30 PX4 AA . 11.81 -17.31 28.97
C31 PX4 AA . 11.95 -16.04 29.79
C32 PX4 AA . 12.95 -16.16 30.95
C33 PX4 AA . 13.04 -14.83 31.68
C34 PX4 AA . 13.27 -13.72 30.65
C35 PX4 AA . 13.51 -12.36 31.31
C36 PX4 AA . 12.24 -12.05 32.12
O1 PX4 BA . -2.66 33.75 17.17
O2 PX4 BA . -3.35 36.15 16.70
P1 PX4 BA . -2.99 35.10 17.67
O3 PX4 BA . -1.68 35.68 18.41
C1 PX4 BA . -1.00 34.66 19.12
C2 PX4 BA . 0.18 35.19 19.95
N1 PX4 BA . 1.34 35.67 19.20
C3 PX4 BA . 1.63 34.77 18.09
C4 PX4 BA . 1.27 37.06 18.74
C5 PX4 BA . 2.45 35.47 20.15
O4 PX4 BA . -3.87 35.19 19.02
C6 PX4 BA . -4.83 36.25 19.07
C7 PX4 BA . -5.49 36.41 20.44
C8 PX4 BA . -4.35 36.15 21.43
O5 PX4 BA . -4.52 35.17 22.45
C9 PX4 BA . -3.38 35.03 23.17
O6 PX4 BA . -2.30 35.32 22.70
C10 PX4 BA . -3.48 34.15 24.41
C11 PX4 BA . -2.75 34.71 25.63
C12 PX4 BA . -2.68 33.64 26.72
C13 PX4 BA . -1.83 34.06 27.92
C14 PX4 BA . -0.35 34.12 27.51
C15 PX4 BA . 0.60 34.09 28.71
C16 PX4 BA . 2.01 33.78 28.22
C17 PX4 BA . 2.26 32.31 27.85
C18 PX4 BA . 2.47 31.46 29.12
C19 PX4 BA . 3.44 32.07 30.13
C20 PX4 BA . 3.21 31.21 31.37
C21 PX4 BA . 4.17 31.52 32.52
C22 PX4 BA . 3.63 31.08 33.88
O7 PX4 BA . -6.15 37.66 20.71
C23 PX4 BA . -7.21 38.10 20.00
O8 PX4 BA . -7.76 37.43 19.15
C24 PX4 BA . -7.98 39.38 20.38
C25 PX4 BA . -8.61 39.46 21.78
C26 PX4 BA . -7.58 39.50 22.92
C27 PX4 BA . -7.57 38.19 23.71
C28 PX4 BA . -6.84 38.33 25.04
C29 PX4 BA . -6.40 36.97 25.60
C30 PX4 BA . -5.51 37.19 26.84
C31 PX4 BA . -6.17 36.61 28.09
C32 PX4 BA . -5.48 37.31 29.27
C33 PX4 BA . -5.52 38.85 29.21
C34 PX4 BA . -4.80 39.29 30.49
C35 PX4 BA . -4.68 40.79 30.80
C36 PX4 BA . -5.76 41.45 31.65
O1 PX4 CA . -1.67 25.26 22.00
O2 PX4 CA . 0.31 25.48 20.33
P1 PX4 CA . -0.35 24.84 21.48
O3 PX4 CA . -0.19 23.24 21.57
C1 PX4 CA . -0.74 22.74 22.79
C2 PX4 CA . -0.55 21.24 23.01
N1 PX4 CA . -1.10 20.69 24.26
C3 PX4 CA . -0.81 19.24 24.35
C4 PX4 CA . -0.49 21.34 25.42
C5 PX4 CA . -2.57 20.78 24.32
O4 PX4 CA . 0.57 25.23 22.75
C6 PX4 CA . 0.81 26.64 22.71
C7 PX4 CA . 0.97 27.34 24.06
C8 PX4 CA . 0.38 26.39 25.10
O5 PX4 CA . -1.00 26.57 25.44
C9 PX4 CA . -1.84 25.51 25.51
O6 PX4 CA . -1.52 24.33 25.37
C10 PX4 CA . -3.22 25.91 26.05
C11 PX4 CA . -3.17 26.22 27.54
C12 PX4 CA . -4.52 26.54 28.21
C13 PX4 CA . -4.48 27.21 29.58
C14 PX4 CA . -5.72 26.98 30.44
C15 PX4 CA . -5.53 27.57 31.85
C16 PX4 CA . -4.27 26.98 32.50
C17 PX4 CA . -3.93 27.61 33.85
C18 PX4 CA . -2.65 26.94 34.35
C19 PX4 CA . -2.30 27.67 35.65
C20 PX4 CA . -0.92 27.28 36.15
C21 PX4 CA . -0.39 28.45 36.97
C22 PX4 CA . 1.03 28.26 37.54
O7 PX4 CA . 2.29 27.78 24.33
C23 PX4 CA . 2.84 28.70 23.49
O8 PX4 CA . 2.06 29.39 22.85
C24 PX4 CA . 4.31 29.09 23.64
C25 PX4 CA . 4.64 29.37 25.11
C26 PX4 CA . 6.14 29.42 25.40
C27 PX4 CA . 6.30 29.57 26.91
C28 PX4 CA . 7.73 29.65 27.46
C29 PX4 CA . 7.93 31.07 28.01
C30 PX4 CA . 7.94 32.17 26.96
C31 PX4 CA . 8.27 33.55 27.51
C32 PX4 CA . 8.38 34.56 26.35
C33 PX4 CA . 9.61 34.42 25.45
C34 PX4 CA . 10.91 34.60 26.24
C35 PX4 CA . 12.13 34.28 25.38
C36 PX4 CA . 13.44 34.54 26.13
O1 PX4 DA . 8.08 25.97 21.34
O2 PX4 DA . 8.08 27.61 19.36
P1 PX4 DA . 8.79 26.90 20.44
O3 PX4 DA . 9.94 25.95 19.82
C1 PX4 DA . 10.12 24.77 20.63
C2 PX4 DA . 11.57 24.36 20.97
N1 PX4 DA . 12.30 25.03 22.06
C3 PX4 DA . 12.84 26.35 21.66
C4 PX4 DA . 11.53 25.17 23.30
C5 PX4 DA . 13.41 24.10 22.32
O4 PX4 DA . 9.87 27.87 21.12
C6 PX4 DA . 9.34 28.73 22.13
C7 PX4 DA . 10.21 29.95 22.46
C8 PX4 DA . 9.49 31.15 21.84
O5 PX4 DA . 8.07 31.10 21.66
C9 PX4 DA . 7.64 32.32 21.20
O6 PX4 DA . 8.33 32.92 20.37
C10 PX4 DA . 6.15 32.60 21.43
C11 PX4 DA . 5.77 33.17 22.79
C12 PX4 DA . 4.36 33.71 22.96
C13 PX4 DA . 4.04 33.86 24.45
C14 PX4 DA . 2.70 34.55 24.70
C15 PX4 DA . 2.70 36.00 24.22
C16 PX4 DA . 1.37 36.59 24.67
C17 PX4 DA . 1.15 37.95 24.02
C18 PX4 DA . 2.31 38.88 24.41
C19 PX4 DA . 1.78 39.76 25.53
C20 PX4 DA . 2.85 40.70 26.11
C21 PX4 DA . 2.47 41.38 27.44
C22 PX4 DA . 3.57 42.31 27.95
O7 PX4 DA . 10.35 30.00 23.88
C23 PX4 DA . 11.32 29.23 24.45
O8 PX4 DA . 12.13 28.77 23.67
C24 PX4 DA . 11.44 29.34 25.97
C25 PX4 DA . 11.86 30.72 26.51
C26 PX4 DA . 12.20 30.75 27.99
C27 PX4 DA . 13.46 29.91 28.24
C28 PX4 DA . 13.85 29.81 29.72
C29 PX4 DA . 15.08 28.89 29.85
C30 PX4 DA . 15.45 28.65 31.30
C31 PX4 DA . 14.41 27.83 32.05
C32 PX4 DA . 13.84 26.46 31.66
C33 PX4 DA . 12.75 26.01 32.66
C34 PX4 DA . 12.35 24.54 32.54
C35 PX4 DA . 11.16 24.66 33.50
C36 PX4 DA . 10.16 25.68 32.94
O1 PX4 EA . -25.82 -1.57 18.19
O2 PX4 EA . -23.47 -2.63 17.80
P1 PX4 EA . -24.78 -2.59 18.49
O3 PX4 EA . -25.47 -3.98 18.05
C1 PX4 EA . -24.55 -5.08 18.11
C2 PX4 EA . -25.03 -6.29 18.90
N1 PX4 EA . -24.01 -7.33 19.04
C3 PX4 EA . -24.28 -8.29 20.13
C4 PX4 EA . -23.72 -8.05 17.79
C5 PX4 EA . -22.72 -6.77 19.44
O4 PX4 EA . -24.63 -2.94 20.05
C6 PX4 EA . -25.20 -1.89 20.84
C7 PX4 EA . -25.12 -2.05 22.37
C8 PX4 EA . -24.81 -3.52 22.62
O5 PX4 EA . -26.03 -4.26 22.85
C9 PX4 EA . -26.05 -5.60 22.97
O6 PX4 EA . -25.11 -6.25 22.47
C10 PX4 EA . -27.31 -6.22 23.54
C11 PX4 EA . -27.10 -6.45 25.05
C12 PX4 EA . -28.27 -7.00 25.87
C13 PX4 EA . -27.99 -6.86 27.37
C14 PX4 EA . -28.86 -7.91 28.08
C15 PX4 EA . -28.56 -7.79 29.57
C16 PX4 EA . -27.05 -7.86 29.77
C17 PX4 EA . -26.73 -7.70 31.25
C18 PX4 EA . -27.31 -8.89 32.03
C19 PX4 EA . -26.79 -9.05 33.47
C20 PX4 EA . -27.65 -8.14 34.36
C21 PX4 EA . -26.96 -8.05 35.72
C22 PX4 EA . -26.79 -9.46 36.31
O7 PX4 EA . -24.26 -1.11 23.02
C23 PX4 EA . -24.96 -0.03 23.39
O8 PX4 EA . -26.11 0.16 23.02
C24 PX4 EA . -24.33 1.14 24.16
C25 PX4 EA . -24.90 1.14 25.58
C26 PX4 EA . -24.45 2.45 26.23
C27 PX4 EA . -24.93 2.50 27.67
C28 PX4 EA . -24.43 3.78 28.34
C29 PX4 EA . -24.83 3.91 29.82
C30 PX4 EA . -24.18 5.12 30.50
C31 PX4 EA . -24.54 5.00 31.97
C32 PX4 EA . -26.06 5.16 32.15
C33 PX4 EA . -26.28 5.29 33.67
C34 PX4 EA . -25.74 4.00 34.26
C35 PX4 EA . -26.03 3.99 35.76
C36 PX4 EA . -25.41 2.73 36.36
O1 PX4 FA . -10.87 -8.68 24.10
O2 PX4 FA . -9.63 -9.17 21.91
P1 PX4 FA . -10.75 -9.42 22.83
O3 PX4 FA . -12.00 -9.19 21.84
C1 PX4 FA . -12.25 -7.82 21.46
C2 PX4 FA . -13.37 -7.78 20.42
N1 PX4 FA . -13.10 -8.05 19.01
C3 PX4 FA . -12.80 -9.47 18.69
C4 PX4 FA . -14.31 -7.71 18.25
C5 PX4 FA . -12.11 -7.09 18.53
O4 PX4 FA . -10.95 -10.99 23.11
C6 PX4 FA . -12.08 -11.03 23.98
C7 PX4 FA . -12.38 -12.41 24.61
C8 PX4 FA . -11.18 -13.32 24.48
O5 PX4 FA . -11.24 -14.62 25.07
C9 PX4 FA . -10.17 -15.46 25.07
O6 PX4 FA . -9.42 -15.50 24.08
C10 PX4 FA . -10.23 -16.57 26.12
C11 PX4 FA . -8.95 -16.50 26.96
C12 PX4 FA . -8.71 -17.78 27.78
C13 PX4 FA . -7.52 -17.82 28.73
C14 PX4 FA . -7.50 -19.12 29.52
C15 PX4 FA . -6.37 -19.35 30.53
C16 PX4 FA . -6.25 -18.24 31.57
C17 PX4 FA . -4.91 -18.24 32.29
C18 PX4 FA . -4.85 -17.17 33.38
C19 PX4 FA . -5.71 -17.44 34.62
C20 PX4 FA . -5.02 -18.23 35.75
C21 PX4 FA . -5.96 -18.41 36.94
C22 PX4 FA . -6.71 -19.75 36.88
O7 PX4 FA . -12.98 -12.29 25.90
C23 PX4 FA . -14.35 -12.23 25.88
O8 PX4 FA . -14.99 -12.36 24.83
C24 PX4 FA . -15.06 -12.00 27.22
C25 PX4 FA . -15.62 -13.35 27.65
C26 PX4 FA . -14.54 -14.38 28.01
C27 PX4 FA . -13.76 -13.96 29.26
C28 PX4 FA . -12.88 -15.13 29.69
C29 PX4 FA . -11.89 -14.92 30.86
C30 PX4 FA . -11.08 -16.20 31.04
C31 PX4 FA . -9.79 -15.94 31.84
C32 PX4 FA . -9.43 -17.28 32.51
C33 PX4 FA . -10.66 -17.80 33.26
C34 PX4 FA . -10.41 -19.18 33.85
C35 PX4 FA . -11.60 -19.74 34.64
C36 PX4 FA . -11.18 -21.03 35.35
O1 PX4 GA . -3.50 -9.06 24.20
O2 PX4 GA . -4.52 -10.84 22.63
P1 PX4 GA . -4.40 -10.24 23.98
O3 PX4 GA . -5.88 -9.66 24.25
C1 PX4 GA . -5.88 -8.39 23.58
C2 PX4 GA . -7.23 -7.68 23.58
N1 PX4 GA . -7.61 -7.10 24.87
C3 PX4 GA . -8.78 -6.25 24.66
C4 PX4 GA . -8.06 -8.23 25.68
C5 PX4 GA . -6.57 -6.27 25.50
O4 PX4 GA . -4.18 -11.33 25.13
C6 PX4 GA . -4.23 -10.52 26.31
C7 PX4 GA . -5.47 -10.85 27.14
C8 PX4 GA . -5.73 -12.35 26.98
O5 PX4 GA . -6.99 -12.84 27.44
C9 PX4 GA . -8.15 -12.37 26.90
O6 PX4 GA . -8.13 -11.81 25.79
C10 PX4 GA . -9.35 -12.77 27.76
C11 PX4 GA . -9.50 -11.97 29.04
C12 PX4 GA . -8.53 -12.15 30.21
C13 PX4 GA . -9.05 -11.53 31.50
C14 PX4 GA . -8.21 -11.84 32.73
C15 PX4 GA . -9.05 -11.54 33.97
C16 PX4 GA . -8.32 -11.57 35.32
C17 PX4 GA . -7.41 -12.78 35.53
C18 PX4 GA . -7.37 -13.10 37.03
C19 PX4 GA . -6.32 -14.17 37.35
C20 PX4 GA . -6.30 -14.72 38.79
C21 PX4 GA . -5.07 -15.62 38.71
C22 PX4 GA . -4.54 -15.85 40.14
O7 PX4 GA . -5.38 -10.59 28.55
C23 PX4 GA . -5.72 -9.34 28.97
O8 PX4 GA . -5.99 -8.40 28.23
C24 PX4 GA . -5.28 -9.14 30.43
C25 PX4 GA . -5.65 -7.76 30.96
C26 PX4 GA . -5.43 -7.77 32.48
C27 PX4 GA . -5.89 -6.39 32.95
C28 PX4 GA . -4.75 -5.41 32.75
C29 PX4 GA . -3.48 -5.70 33.56
C30 PX4 GA . -3.86 -5.67 35.05
C31 PX4 GA . -2.63 -5.78 35.95
C32 PX4 GA . -3.06 -5.47 37.38
C33 PX4 GA . -1.93 -5.62 38.41
C34 PX4 GA . -2.56 -5.61 39.81
C35 PX4 GA . -1.59 -6.01 40.91
C36 PX4 GA . -2.35 -5.84 42.22
O1 PX4 HA . -14.04 -22.28 21.91
O2 PX4 HA . -14.78 -24.80 21.89
P1 PX4 HA . -14.50 -23.52 22.57
O3 PX4 HA . -15.86 -23.19 23.37
C1 PX4 HA . -15.64 -21.95 24.05
C2 PX4 HA . -16.25 -22.08 25.45
N1 PX4 HA . -17.66 -21.87 25.76
C3 PX4 HA . -18.58 -22.81 25.09
C4 PX4 HA . -17.79 -21.92 27.23
C5 PX4 HA . -18.06 -20.50 25.38
O4 PX4 HA . -13.68 -23.92 23.91
C6 PX4 HA . -12.39 -24.52 23.73
C7 PX4 HA . -11.49 -24.43 24.96
C8 PX4 HA . -12.17 -23.56 26.01
O5 PX4 HA . -11.55 -22.43 26.61
C9 PX4 HA . -12.34 -21.80 27.54
O6 PX4 HA . -13.54 -21.70 27.33
C10 PX4 HA . -11.59 -20.97 28.58
C11 PX4 HA . -12.13 -20.90 30.00
C12 PX4 HA . -13.15 -19.74 30.02
C13 PX4 HA . -14.04 -19.86 31.26
C14 PX4 HA . -14.60 -21.28 31.31
C15 PX4 HA . -15.74 -21.44 32.31
C16 PX4 HA . -16.37 -22.82 32.09
C17 PX4 HA . -17.61 -23.01 32.97
C18 PX4 HA . -18.25 -24.40 32.96
C19 PX4 HA . -19.28 -24.55 34.09
C20 PX4 HA . -20.03 -25.87 33.87
C21 PX4 HA . -21.30 -26.12 34.68
C22 PX4 HA . -21.97 -27.50 34.56
O7 PX4 HA . -11.22 -25.67 25.61
C23 PX4 HA . -10.13 -26.44 25.36
O8 PX4 HA . -9.32 -26.11 24.50
C24 PX4 HA . -9.96 -27.77 26.11
C25 PX4 HA . -8.71 -27.70 26.99
C26 PX4 HA . -8.43 -28.94 27.86
C27 PX4 HA . -7.04 -28.90 28.50
C28 PX4 HA . -7.00 -29.82 29.72
C29 PX4 HA . -5.84 -29.33 30.59
C30 PX4 HA . -6.33 -27.91 30.93
C31 PX4 HA . -5.30 -27.33 31.91
C32 PX4 HA . -5.02 -28.28 33.08
C33 PX4 HA . -4.14 -27.59 34.11
C34 PX4 HA . -3.84 -28.55 35.28
C35 PX4 HA . -2.79 -28.05 36.26
C36 PX4 HA . -2.34 -29.16 37.20
O1 PX4 IA . 0.86 -12.91 17.54
O2 PX4 IA . 2.94 -14.31 18.15
P1 PX4 IA . 1.74 -13.54 18.56
O3 PX4 IA . 0.92 -14.75 19.23
C1 PX4 IA . 0.03 -14.27 20.25
C2 PX4 IA . -1.40 -14.78 20.08
N1 PX4 IA . -1.66 -16.22 19.97
C3 PX4 IA . -0.95 -16.97 21.02
C4 PX4 IA . -3.13 -16.30 20.03
C5 PX4 IA . -1.38 -16.73 18.63
O4 PX4 IA . 1.89 -12.38 19.67
C6 PX4 IA . 1.83 -11.11 19.03
C7 PX4 IA . 1.69 -9.92 20.01
C8 PX4 IA . 1.50 -10.62 21.36
O5 PX4 IA . 0.82 -9.79 22.31
C9 PX4 IA . 0.55 -10.46 23.47
O6 PX4 IA . 0.74 -11.67 23.67
C10 PX4 IA . -0.20 -9.69 24.56
C11 PX4 IA . 0.76 -8.80 25.34
C12 PX4 IA . 0.14 -8.32 26.65
C13 PX4 IA . -1.19 -7.64 26.28
C14 PX4 IA . -1.73 -7.36 27.68
C15 PX4 IA . -2.98 -6.48 27.54
C16 PX4 IA . -3.35 -5.80 28.85
C17 PX4 IA . -4.51 -4.85 28.57
C18 PX4 IA . -4.76 -3.87 29.71
C19 PX4 IA . -5.81 -2.75 29.51
C20 PX4 IA . -5.90 -1.93 30.80
C21 PX4 IA . -6.93 -0.80 30.70
C22 PX4 IA . -6.89 0.14 31.91
O7 PX4 IA . 2.88 -9.15 19.98
C23 PX4 IA . 2.73 -7.80 20.11
O8 PX4 IA . 1.63 -7.34 19.82
C24 PX4 IA . 4.04 -7.13 20.52
C25 PX4 IA . 4.12 -7.04 22.04
C26 PX4 IA . 2.95 -6.22 22.60
C27 PX4 IA . 2.99 -6.15 24.12
C28 PX4 IA . 2.34 -4.83 24.59
C29 PX4 IA . 2.54 -4.60 26.08
C30 PX4 IA . 1.73 -3.38 26.52
C31 PX4 IA . 1.96 -3.14 28.01
C32 PX4 IA . 0.70 -2.58 28.70
C33 PX4 IA . 0.67 -2.65 30.22
C34 PX4 IA . 0.83 -4.07 30.77
C35 PX4 IA . 0.57 -4.19 32.27
C36 PX4 IA . 1.57 -3.35 33.05
O1 PX4 JA . -30.10 -7.76 19.91
O2 PX4 JA . -31.91 -9.25 21.02
P1 PX4 JA . -31.42 -7.94 20.57
O3 PX4 JA . -32.58 -7.17 19.77
C1 PX4 JA . -32.96 -7.89 18.60
C2 PX4 JA . -33.84 -7.19 17.56
N1 PX4 JA . -35.15 -6.60 17.81
C3 PX4 JA . -35.10 -5.26 18.45
C4 PX4 JA . -35.83 -6.55 16.50
C5 PX4 JA . -35.94 -7.39 18.77
O4 PX4 JA . -31.61 -7.00 21.86
C6 PX4 JA . -32.97 -7.13 22.28
C7 PX4 JA . -33.32 -6.64 23.69
C8 PX4 JA . -32.56 -5.34 23.85
O5 PX4 JA . -32.25 -4.96 25.20
C9 PX4 JA . -31.30 -3.99 25.30
O6 PX4 JA . -30.79 -3.48 24.30
C10 PX4 JA . -31.12 -3.43 26.71
C11 PX4 JA . -30.63 -4.41 27.79
C12 PX4 JA . -30.65 -3.76 29.17
C13 PX4 JA . -30.03 -4.69 30.22
C14 PX4 JA . -30.11 -3.96 31.55
C15 PX4 JA . -29.61 -4.74 32.78
C16 PX4 JA . -29.63 -3.81 34.00
C17 PX4 JA . -28.87 -2.49 33.83
C18 PX4 JA . -28.59 -1.70 35.10
C19 PX4 JA . -28.72 -0.19 34.92
C20 PX4 JA . -30.14 0.24 34.57
C21 PX4 JA . -30.20 1.78 34.68
C22 PX4 JA . -29.04 2.50 34.00
O7 PX4 JA . -34.72 -6.52 24.01
C23 PX4 JA . -35.26 -7.68 24.52
O8 PX4 JA . -34.55 -8.69 24.59
C24 PX4 JA . -36.56 -7.59 25.28
C25 PX4 JA . -37.59 -7.01 24.31
C26 PX4 JA . -38.71 -6.66 25.29
C27 PX4 JA . -39.24 -7.90 26.01
C28 PX4 JA . -40.30 -7.46 27.03
C29 PX4 JA . -39.99 -6.22 27.88
C30 PX4 JA . -41.07 -6.03 28.94
C31 PX4 JA . -40.95 -4.80 29.83
C32 PX4 JA . -42.01 -4.65 30.93
C33 PX4 JA . -41.94 -3.35 31.73
C34 PX4 JA . -43.18 -3.18 32.61
C35 PX4 JA . -43.06 -1.85 33.37
C36 PX4 JA . -44.04 -1.66 34.53
O1 PX4 KA . -26.21 -15.66 21.50
O2 PX4 KA . -24.89 -13.71 22.55
P1 PX4 KA . -25.55 -15.02 22.67
O3 PX4 KA . -24.33 -16.05 22.84
C1 PX4 KA . -23.81 -16.40 21.56
C2 PX4 KA . -23.44 -17.88 21.41
N1 PX4 KA . -24.51 -18.86 21.24
C3 PX4 KA . -23.99 -20.23 21.17
C4 PX4 KA . -25.51 -18.87 22.32
C5 PX4 KA . -25.17 -18.58 19.95
O4 PX4 KA . -26.33 -15.16 24.07
C6 PX4 KA . -25.94 -14.15 25.00
C7 PX4 KA . -26.31 -14.53 26.44
C8 PX4 KA . -25.05 -15.07 27.13
O5 PX4 KA . -23.89 -14.31 26.77
C9 PX4 KA . -22.75 -14.81 27.31
O6 PX4 KA . -22.79 -15.85 27.96
C10 PX4 KA . -21.59 -13.81 27.20
C11 PX4 KA . -21.23 -13.18 28.55
C12 PX4 KA . -20.20 -12.06 28.38
C13 PX4 KA . -19.49 -11.68 29.67
C14 PX4 KA . -18.93 -12.95 30.30
C15 PX4 KA . -18.30 -12.64 31.66
C16 PX4 KA . -19.39 -12.10 32.58
C17 PX4 KA . -18.83 -12.05 34.00
C18 PX4 KA . -18.46 -13.52 34.20
C19 PX4 KA . -18.05 -13.63 35.66
C20 PX4 KA . -17.65 -15.09 35.91
C21 PX4 KA . -18.93 -15.96 35.96
C22 PX4 KA . -18.53 -17.38 36.35
O7 PX4 KA . -27.13 -13.60 27.13
C23 PX4 KA . -28.42 -13.42 26.75
O8 PX4 KA . -29.02 -14.25 26.04
C24 PX4 KA . -28.99 -12.06 27.15
C25 PX4 KA . -28.46 -11.46 28.46
C26 PX4 KA . -28.84 -12.45 29.55
C27 PX4 KA . -28.12 -11.96 30.81
C28 PX4 KA . -28.67 -12.71 32.01
C29 PX4 KA . -27.62 -12.83 33.12
C30 PX4 KA . -28.19 -13.68 34.26
C31 PX4 KA . -29.48 -13.05 34.78
C32 PX4 KA . -30.21 -13.92 35.81
C33 PX4 KA . -31.36 -13.15 36.46
C34 PX4 KA . -32.38 -12.88 35.35
C35 PX4 KA . -33.74 -12.53 35.93
C36 PX4 KA . -34.70 -12.10 34.81
O1 PX4 LA . -22.75 3.29 18.96
O2 PX4 LA . -22.36 0.99 19.98
P1 PX4 LA . -23.06 2.29 20.01
O3 PX4 LA . -24.65 2.04 20.11
C1 PX4 LA . -25.26 3.08 20.89
C2 PX4 LA . -26.80 3.08 20.92
N1 PX4 LA . -27.34 4.08 21.86
C3 PX4 LA . -28.77 3.99 21.57
C4 PX4 LA . -27.01 3.73 23.25
C5 PX4 LA . -26.80 5.43 21.60
O4 PX4 LA . -22.93 3.13 21.39
C6 PX4 LA . -21.84 4.03 21.19
C7 PX4 LA . -21.37 4.81 22.42
C8 PX4 LA . -22.25 4.48 23.63
O5 PX4 LA . -22.56 5.50 24.59
C9 PX4 LA . -23.82 6.01 24.60
O6 PX4 LA . -24.70 5.43 23.97
C10 PX4 LA . -24.07 7.14 25.61
C11 PX4 LA . -24.67 8.41 25.02
C12 PX4 LA . -24.76 9.42 26.18
C13 PX4 LA . -25.55 8.78 27.33
C14 PX4 LA . -25.75 9.68 28.55
C15 PX4 LA . -26.39 8.78 29.60
C16 PX4 LA . -27.87 8.49 29.37
C17 PX4 LA . -28.57 7.68 30.47
C18 PX4 LA . -28.72 8.52 31.75
C19 PX4 LA . -28.94 7.59 32.96
C20 PX4 LA . -29.19 8.29 34.30
C21 PX4 LA . -29.42 7.16 35.31
C22 PX4 LA . -29.51 7.84 36.68
O7 PX4 LA . -19.99 4.59 22.70
C23 PX4 LA . -19.17 5.57 22.26
O8 PX4 LA . -19.54 6.51 21.55
C24 PX4 LA . -17.72 5.46 22.76
C25 PX4 LA . -17.36 6.43 23.87
C26 PX4 LA . -18.27 6.32 25.09
C27 PX4 LA . -18.21 4.82 25.39
C28 PX4 LA . -19.19 4.45 26.52
C29 PX4 LA . -18.76 4.52 27.99
C30 PX4 LA . -20.01 4.45 28.87
C31 PX4 LA . -19.70 4.70 30.35
C32 PX4 LA . -19.11 6.07 30.68
C33 PX4 LA . -18.67 6.21 32.13
C34 PX4 LA . -19.84 6.55 33.06
C35 PX4 LA . -19.50 7.13 34.43
C36 PX4 LA . -20.73 7.10 35.34
O1 PX4 MA . -15.98 -0.63 14.64
O2 PX4 MA . -16.85 -1.83 16.73
P1 PX4 MA . -16.37 -0.61 16.06
O3 PX4 MA . -17.65 0.36 16.25
C1 PX4 MA . -18.69 -0.34 15.57
C2 PX4 MA . -20.02 0.43 15.63
N1 PX4 MA . -20.58 0.48 16.99
C3 PX4 MA . -20.12 1.68 17.72
C4 PX4 MA . -22.03 0.53 16.84
C5 PX4 MA . -20.42 -0.76 17.76
O4 PX4 MA . -15.43 0.34 16.96
C6 PX4 MA . -15.91 0.34 18.31
C7 PX4 MA . -15.17 1.32 19.23
C8 PX4 MA . -16.27 1.81 20.18
O5 PX4 MA . -17.32 0.87 20.40
C9 PX4 MA . -18.47 1.41 20.89
O6 PX4 MA . -18.91 2.42 20.32
C10 PX4 MA . -19.34 0.45 21.69
C11 PX4 MA . -19.49 1.13 23.04
C12 PX4 MA . -20.20 0.03 23.84
C13 PX4 MA . -20.83 0.48 25.17
C14 PX4 MA . -19.96 0.41 26.42
C15 PX4 MA . -20.62 1.02 27.66
C16 PX4 MA . -21.90 0.38 28.22
C17 PX4 MA . -22.25 0.81 29.65
C18 PX4 MA . -23.64 0.30 30.07
C19 PX4 MA . -23.81 0.71 31.53
C20 PX4 MA . -25.02 0.21 32.32
C21 PX4 MA . -24.68 0.40 33.79
C22 PX4 MA . -23.36 -0.16 34.37
O7 PX4 MA . -14.13 0.62 19.90
C23 PX4 MA . -12.86 1.09 20.02
O8 PX4 MA . -12.46 1.80 19.10
C24 PX4 MA . -11.98 0.53 21.14
C25 PX4 MA . -11.83 1.59 22.24
C26 PX4 MA . -11.09 1.19 23.51
C27 PX4 MA . -10.87 2.41 24.40
C28 PX4 MA . -10.12 2.05 25.67
C29 PX4 MA . -10.11 3.23 26.66
C30 PX4 MA . -9.37 2.99 27.99
C31 PX4 MA . -9.10 4.36 28.62
C32 PX4 MA . -7.94 4.38 29.63
C33 PX4 MA . -7.86 5.70 30.39
C34 PX4 MA . -9.14 6.03 31.16
C35 PX4 MA . -8.81 7.23 32.06
C36 PX4 MA . -9.92 7.32 33.10
O1 PX4 NA . -18.68 -13.47 19.62
O2 PX4 NA . -16.34 -12.71 20.32
P1 PX4 NA . -17.69 -13.18 20.68
O3 PX4 NA . -17.38 -14.75 20.89
C1 PX4 NA . -16.87 -15.31 19.68
C2 PX4 NA . -16.48 -16.78 19.84
N1 PX4 NA . -15.76 -17.60 18.85
C3 PX4 NA . -15.69 -18.98 19.32
C4 PX4 NA . -16.43 -17.65 17.54
C5 PX4 NA . -14.39 -17.16 18.54
O4 PX4 NA . -18.29 -12.85 22.13
C6 PX4 NA . -17.43 -13.37 23.14
C7 PX4 NA . -17.95 -13.34 24.58
C8 PX4 NA . -18.67 -11.99 24.71
O5 PX4 NA . -18.15 -11.24 25.81
C9 PX4 NA . -18.38 -9.91 25.95
O6 PX4 NA . -19.33 -9.40 25.34
C10 PX4 NA . -17.54 -9.17 26.99
C11 PX4 NA . -18.39 -8.11 27.69
C12 PX4 NA . -17.55 -7.67 28.89
C13 PX4 NA . -17.17 -8.90 29.70
C14 PX4 NA . -16.17 -8.53 30.79
C15 PX4 NA . -15.85 -9.85 31.51
C16 PX4 NA . -14.88 -9.78 32.70
C17 PX4 NA . -14.43 -11.23 32.95
C18 PX4 NA . -13.69 -11.35 34.28
C19 PX4 NA . -14.55 -11.04 35.50
C20 PX4 NA . -13.88 -10.58 36.80
C21 PX4 NA . -14.70 -11.06 38.01
C22 PX4 NA . -13.92 -10.97 39.33
O7 PX4 NA . -18.70 -14.50 24.97
C23 PX4 NA . -17.97 -15.56 25.41
O8 PX4 NA . -16.81 -15.60 25.03
C24 PX4 NA . -18.78 -16.70 26.02
C25 PX4 NA . -18.93 -16.75 27.54
C26 PX4 NA . -17.57 -16.99 28.20
C27 PX4 NA . -17.73 -17.57 29.60
C28 PX4 NA . -16.76 -16.85 30.53
C29 PX4 NA . -16.62 -17.44 31.94
C30 PX4 NA . -15.54 -16.71 32.73
C31 PX4 NA . -15.28 -17.45 34.05
C32 PX4 NA . -14.04 -16.79 34.66
C33 PX4 NA . -14.00 -15.25 34.67
C34 PX4 NA . -13.02 -14.71 35.71
C35 PX4 NA . -11.60 -14.92 35.21
C36 PX4 NA . -10.57 -14.68 36.31
O1 PX4 OA . -6.85 -18.24 19.57
O2 PX4 OA . -9.11 -18.09 20.86
P1 PX4 OA . -7.77 -17.56 20.50
O3 PX4 OA . -7.72 -15.96 20.24
C1 PX4 OA . -8.68 -15.35 21.10
C2 PX4 OA . -8.48 -13.84 21.24
N1 PX4 OA . -7.34 -13.19 21.90
C3 PX4 OA . -6.84 -13.99 23.03
C4 PX4 OA . -6.25 -13.14 20.91
C5 PX4 OA . -7.58 -11.82 22.34
O4 PX4 OA . -7.08 -17.51 21.96
C6 PX4 OA . -6.95 -18.90 22.24
C7 PX4 OA . -6.73 -19.20 23.74
C8 PX4 OA . -6.37 -17.81 24.29
O5 PX4 OA . -5.42 -17.96 25.36
C9 PX4 OA . -5.07 -16.75 25.84
O6 PX4 OA . -5.19 -15.64 25.30
C10 PX4 OA . -4.23 -16.78 27.13
C11 PX4 OA . -2.98 -15.94 26.90
C12 PX4 OA . -2.68 -15.58 28.35
C13 PX4 OA . -3.82 -14.85 29.10
C14 PX4 OA . -3.45 -14.50 30.54
C15 PX4 OA . -4.53 -13.53 31.07
C16 PX4 OA . -4.64 -13.47 32.59
C17 PX4 OA . -3.41 -12.85 33.27
C18 PX4 OA . -3.59 -13.13 34.77
C19 PX4 OA . -2.19 -13.14 35.37
C20 PX4 OA . -2.25 -13.45 36.87
C21 PX4 OA . -0.81 -13.73 37.32
C22 PX4 OA . -0.92 -14.14 38.78
O7 PX4 OA . -7.64 -19.99 24.49
C23 PX4 OA . -7.89 -21.29 24.17
O8 PX4 OA . -7.62 -21.63 23.02
C24 PX4 OA . -8.71 -22.07 25.20
C25 PX4 OA . -7.73 -22.61 26.25
C26 PX4 OA . -8.48 -23.43 27.30
C27 PX4 OA . -7.48 -24.33 28.03
C28 PX4 OA . -6.48 -23.51 28.84
C29 PX4 OA . -5.41 -24.35 29.54
C30 PX4 OA . -4.46 -23.47 30.36
C31 PX4 OA . -3.46 -24.29 31.19
C32 PX4 OA . -2.78 -23.42 32.25
C33 PX4 OA . -2.08 -24.21 33.36
C34 PX4 OA . -1.56 -23.20 34.39
C35 PX4 OA . -0.85 -23.87 35.56
C36 PX4 OA . -0.31 -22.90 36.63
O1 PX4 PA . -6.96 -31.16 23.81
O2 PX4 PA . -6.54 -29.01 22.41
P1 PX4 PA . -6.08 -30.03 23.38
O3 PX4 PA . -4.93 -30.70 22.48
C1 PX4 PA . -4.74 -32.06 22.85
C2 PX4 PA . -3.35 -32.53 23.22
N1 PX4 PA . -2.14 -32.39 22.39
C3 PX4 PA . -2.46 -32.93 21.06
C4 PX4 PA . -1.74 -30.99 22.14
C5 PX4 PA . -1.04 -33.10 23.04
O4 PX4 PA . -5.25 -29.29 24.55
C6 PX4 PA . -5.66 -27.93 24.58
C7 PX4 PA . -5.01 -26.94 25.55
C8 PX4 PA . -3.67 -27.40 26.13
O5 PX4 PA . -3.58 -27.69 27.52
C9 PX4 PA . -2.31 -28.01 27.89
O6 PX4 PA . -1.39 -28.15 27.08
C10 PX4 PA . -2.20 -28.39 29.37
C11 PX4 PA . -1.19 -27.59 30.21
C12 PX4 PA . -0.98 -28.05 31.65
C13 PX4 PA . 0.17 -27.21 32.23
C14 PX4 PA . 0.81 -27.97 33.38
C15 PX4 PA . 2.17 -27.52 33.92
C16 PX4 PA . 2.06 -26.28 34.81
C17 PX4 PA . 3.32 -26.00 35.62
C18 PX4 PA . 4.37 -25.17 34.88
C19 PX4 PA . 5.59 -24.86 35.73
C20 PX4 PA . 6.40 -23.67 35.22
C21 PX4 PA . 7.57 -23.63 36.21
C22 PX4 PA . 8.30 -22.36 36.59
O7 PX4 PA . -5.11 -25.62 25.02
C23 PX4 PA . -4.48 -25.09 23.94
O8 PX4 PA . -3.78 -25.79 23.20
C24 PX4 PA . -4.52 -23.58 23.71
C25 PX4 PA . -3.58 -22.86 24.69
C26 PX4 PA . -3.51 -21.33 24.56
C27 PX4 PA . -2.85 -20.78 25.84
C28 PX4 PA . -3.76 -20.89 27.04
C29 PX4 PA . -3.20 -20.19 28.29
C30 PX4 PA . -1.89 -20.90 28.59
C31 PX4 PA . -1.45 -20.53 30.02
C32 PX4 PA . -1.28 -19.05 30.37
C33 PX4 PA . -0.68 -18.69 31.73
C34 PX4 PA . -0.81 -17.20 32.00
C35 PX4 PA . 0.07 -16.82 33.19
C36 PX4 PA . 0.21 -15.29 33.22
O1 PX4 QA . 12.06 -27.30 19.44
O2 PX4 QA . 13.62 -29.31 19.14
P1 PX4 QA . 12.32 -28.75 19.58
O3 PX4 QA . 11.14 -29.52 18.78
C1 PX4 QA . 11.17 -30.92 19.08
C2 PX4 QA . 10.62 -31.79 17.94
N1 PX4 QA . 10.62 -33.26 17.97
C3 PX4 QA . 10.13 -33.88 19.19
C4 PX4 QA . 9.83 -33.59 16.76
C5 PX4 QA . 11.99 -33.72 17.67
O4 PX4 QA . 12.11 -29.28 21.08
C6 PX4 QA . 13.16 -28.79 21.91
C7 PX4 QA . 12.94 -28.98 23.41
C8 PX4 QA . 11.49 -28.59 23.67
O5 PX4 QA . 11.33 -27.32 24.31
C9 PX4 QA . 10.11 -27.07 24.83
O6 PX4 QA . 9.11 -27.65 24.41
C10 PX4 QA . 10.10 -25.84 25.75
C11 PX4 QA . 10.32 -26.13 27.24
C12 PX4 QA . 10.45 -24.84 28.06
C13 PX4 QA . 10.74 -25.30 29.50
C14 PX4 QA . 10.93 -24.07 30.40
C15 PX4 QA . 11.41 -24.44 31.81
C16 PX4 QA . 11.35 -23.33 32.86
C17 PX4 QA . 11.92 -23.85 34.18
C18 PX4 QA . 12.37 -22.64 35.01
C19 PX4 QA . 12.62 -22.88 36.49
C20 PX4 QA . 13.03 -21.60 37.22
C21 PX4 QA . 11.98 -20.48 37.21
C22 PX4 QA . 12.55 -19.19 37.82
O7 PX4 QA . 13.26 -30.26 23.94
C23 PX4 QA . 14.58 -30.56 24.12
O8 PX4 QA . 15.52 -30.11 23.46
C24 PX4 QA . 14.71 -31.67 25.16
C25 PX4 QA . 15.74 -31.12 26.17
C26 PX4 QA . 15.98 -32.16 27.26
C27 PX4 QA . 17.03 -31.81 28.33
C28 PX4 QA . 16.80 -30.36 28.74
C29 PX4 QA . 17.90 -29.97 29.72
C30 PX4 QA . 17.26 -30.16 31.09
C31 PX4 QA . 18.10 -29.77 32.32
C32 PX4 QA . 17.33 -30.05 33.61
C33 PX4 QA . 18.28 -29.84 34.81
C34 PX4 QA . 17.73 -30.37 36.13
C35 PX4 QA . 18.91 -30.88 36.98
C36 PX4 QA . 18.59 -30.99 38.48
O1 PX4 RA . -33.69 -3.20 21.52
O2 PX4 RA . -34.04 -1.43 19.68
P1 PX4 RA . -33.40 -1.89 20.93
O3 PX4 RA . -31.81 -2.02 20.76
C1 PX4 RA . -31.66 -3.29 20.14
C2 PX4 RA . -30.43 -4.13 20.52
N1 PX4 RA . -29.13 -3.47 20.29
C3 PX4 RA . -28.76 -2.74 21.50
C4 PX4 RA . -28.13 -4.54 20.21
C5 PX4 RA . -29.02 -2.61 19.11
O4 PX4 RA . -33.52 -0.68 22.00
C6 PX4 RA . -32.61 -0.95 23.07
C7 PX4 RA . -32.85 -0.02 24.27
C8 PX4 RA . -34.25 -0.42 24.73
O5 PX4 RA . -34.65 -1.79 24.92
C9 PX4 RA . -36.00 -1.90 25.02
O6 PX4 RA . -36.66 -0.88 24.85
C10 PX4 RA . -36.64 -3.28 25.19
C11 PX4 RA . -36.30 -3.79 26.59
C12 PX4 RA . -37.11 -3.02 27.64
C13 PX4 RA . -36.70 -3.64 28.98
C14 PX4 RA . -37.36 -2.88 30.14
C15 PX4 RA . -37.35 -3.83 31.33
C16 PX4 RA . -37.86 -3.08 32.56
C17 PX4 RA . -38.32 -3.97 33.71
C18 PX4 RA . -39.29 -3.18 34.60
C19 PX4 RA . -39.63 -3.88 35.91
C20 PX4 RA . -40.42 -3.01 36.89
C21 PX4 RA . -40.99 -3.88 38.01
C22 PX4 RA . -42.02 -4.89 37.52
O7 PX4 RA . -31.85 -0.16 25.29
C23 PX4 RA . -30.55 0.20 25.06
O8 PX4 RA . -30.14 0.75 24.04
C24 PX4 RA . -29.62 -0.02 26.25
C25 PX4 RA . -28.46 -0.95 25.85
C26 PX4 RA . -27.42 -1.38 26.88
C27 PX4 RA . -26.35 -2.33 26.38
C28 PX4 RA . -25.20 -2.26 27.38
C29 PX4 RA . -25.74 -2.90 28.65
C30 PX4 RA . -24.83 -2.90 29.88
C31 PX4 RA . -25.66 -3.28 31.10
C32 PX4 RA . -24.88 -3.47 32.41
C33 PX4 RA . -25.75 -3.90 33.58
C34 PX4 RA . -24.78 -3.89 34.76
C35 PX4 RA . -23.61 -4.84 34.49
C36 PX4 RA . -23.08 -5.24 35.87
O1 PX4 SA . -30.35 -14.10 20.38
O2 PX4 SA . -30.48 -15.73 22.38
P1 PX4 SA . -31.00 -14.58 21.63
O3 PX4 SA . -32.60 -14.50 21.43
C1 PX4 SA . -33.23 -13.34 20.88
C2 PX4 SA . -34.76 -13.17 20.85
N1 PX4 SA . -35.54 -14.03 19.96
C3 PX4 SA . -35.16 -13.95 18.53
C4 PX4 SA . -35.44 -15.42 20.43
C5 PX4 SA . -36.96 -13.68 20.15
O4 PX4 SA . -30.83 -13.35 22.66
C6 PX4 SA . -29.61 -12.64 22.41
C7 PX4 SA . -29.34 -11.36 23.21
C8 PX4 SA . -30.58 -11.25 24.10
O5 PX4 SA . -31.02 -9.96 24.54
C9 PX4 SA . -31.78 -10.00 25.66
O6 PX4 SA . -31.92 -11.10 26.21
C10 PX4 SA . -32.06 -8.71 26.42
C11 PX4 SA . -32.42 -8.86 27.91
C12 PX4 SA . -33.24 -7.64 28.34
C13 PX4 SA . -33.52 -7.71 29.85
C14 PX4 SA . -34.19 -6.39 30.22
C15 PX4 SA . -34.07 -5.97 31.69
C16 PX4 SA . -35.00 -6.79 32.59
C17 PX4 SA . -34.88 -6.14 33.96
C18 PX4 SA . -35.77 -6.88 34.98
C19 PX4 SA . -35.69 -6.09 36.29
C20 PX4 SA . -36.66 -6.74 37.27
C21 PX4 SA . -36.66 -6.02 38.63
C22 PX4 SA . -37.83 -6.41 39.52
O7 PX4 SA . -28.11 -11.28 23.94
C23 PX4 SA . -27.09 -10.61 23.34
O8 PX4 SA . -27.22 -10.27 22.17
C24 PX4 SA . -25.72 -10.54 24.02
C25 PX4 SA . -25.83 -10.39 25.55
C26 PX4 SA . -24.56 -10.76 26.33
C27 PX4 SA . -25.05 -10.75 27.79
C28 PX4 SA . -23.88 -10.74 28.76
C29 PX4 SA . -24.54 -11.08 30.11
C30 PX4 SA . -23.55 -10.87 31.26
C31 PX4 SA . -23.96 -11.49 32.60
C32 PX4 SA . -22.97 -11.05 33.68
C33 PX4 SA . -23.20 -11.51 35.11
C34 PX4 SA . -23.18 -13.04 35.25
C35 PX4 SA . -23.43 -13.50 36.69
C36 PX4 SA . -23.23 -15.02 36.71
O1 PX4 TA . -12.33 11.99 13.42
O2 PX4 TA . -10.73 9.85 13.14
P1 PX4 TA . -12.00 10.54 13.48
O3 PX4 TA . -13.09 9.85 12.54
C1 PX4 TA . -14.40 10.25 12.97
C2 PX4 TA . -15.38 9.74 11.92
N1 PX4 TA . -16.85 9.87 11.98
C3 PX4 TA . -17.42 9.52 10.67
C4 PX4 TA . -17.33 8.89 12.96
C5 PX4 TA . -17.24 11.25 12.34
O4 PX4 TA . -12.60 10.02 14.88
C6 PX4 TA . -11.66 9.08 15.41
C7 PX4 TA . -12.00 8.52 16.79
C8 PX4 TA . -12.69 9.63 17.59
O5 PX4 TA . -12.31 9.61 18.97
C9 PX4 TA . -13.28 8.94 19.63
O6 PX4 TA . -14.30 8.51 19.09
C10 PX4 TA . -13.20 9.17 21.13
C11 PX4 TA . -14.60 9.33 21.71
C12 PX4 TA . -14.55 9.76 23.18
C13 PX4 TA . -13.84 8.73 24.08
C14 PX4 TA . -13.92 9.01 25.57
C15 PX4 TA . -15.42 9.07 25.86
C16 PX4 TA . -15.83 9.62 27.23
C17 PX4 TA . -15.16 9.15 28.53
C18 PX4 TA . -15.73 9.91 29.73
C19 PX4 TA . -14.94 9.71 31.03
C20 PX4 TA . -15.87 9.95 32.23
C21 PX4 TA . -15.34 9.64 33.63
C22 PX4 TA . -16.28 9.84 34.82
O7 PX4 TA . -12.72 7.29 16.88
C23 PX4 TA . -12.29 6.09 16.38
O8 PX4 TA . -11.25 5.95 15.73
C24 PX4 TA . -13.13 4.86 16.74
C25 PX4 TA . -13.84 4.99 18.09
C26 PX4 TA . -13.02 4.94 19.37
C27 PX4 TA . -13.94 4.89 20.60
C28 PX4 TA . -13.22 5.14 21.92
C29 PX4 TA . -14.05 4.83 23.18
C30 PX4 TA . -13.35 5.07 24.52
C31 PX4 TA . -14.26 4.87 25.75
C32 PX4 TA . -13.44 4.88 27.04
C33 PX4 TA . -14.12 5.28 28.34
C34 PX4 TA . -13.19 5.70 29.48
C35 PX4 TA . -13.95 6.13 30.74
C36 PX4 TA . -14.48 4.89 31.47
O1 PX4 UA . -7.74 11.88 15.54
O2 PX4 UA . -10.23 11.81 16.27
P1 PX4 UA . -8.87 12.38 16.36
O3 PX4 UA . -8.99 13.99 16.28
C1 PX4 UA . -9.27 14.52 17.58
C2 PX4 UA . -9.92 15.90 17.59
N1 PX4 UA . -9.96 16.70 18.85
C3 PX4 UA . -8.62 17.25 19.09
C4 PX4 UA . -11.02 17.70 18.65
C5 PX4 UA . -10.37 16.04 20.09
O4 PX4 UA . -8.45 12.12 17.89
C6 PX4 UA . -9.02 10.98 18.54
C7 PX4 UA . -7.91 10.06 19.06
C8 PX4 UA . -7.00 10.89 19.95
O5 PX4 UA . -5.62 10.84 19.56
C9 PX4 UA . -4.75 11.54 20.38
O6 PX4 UA . -5.16 12.06 21.41
C10 PX4 UA . -3.27 11.42 20.01
C11 PX4 UA . -2.66 10.75 21.25
C12 PX4 UA . -1.13 10.83 21.27
C13 PX4 UA . -0.50 10.11 22.47
C14 PX4 UA . -1.00 8.68 22.55
C15 PX4 UA . -0.55 8.16 23.92
C16 PX4 UA . -0.79 6.66 23.88
C17 PX4 UA . -0.10 6.04 25.09
C18 PX4 UA . -0.52 4.59 25.03
C19 PX4 UA . 0.07 3.78 26.18
C20 PX4 UA . -0.12 4.40 27.57
C21 PX4 UA . 0.84 3.69 28.51
C22 PX4 UA . 0.75 4.35 29.90
O7 PX4 UA . -8.50 8.88 19.61
C23 PX4 UA . -8.73 7.81 18.81
O8 PX4 UA . -8.24 7.70 17.67
C24 PX4 UA . -9.56 6.74 19.50
C25 PX4 UA . -9.10 6.59 20.95
C26 PX4 UA . -9.48 5.26 21.62
C27 PX4 UA . -9.15 5.29 23.10
C28 PX4 UA . -9.94 6.46 23.70
C29 PX4 UA . -9.51 6.46 25.17
C30 PX4 UA . -10.18 7.68 25.83
C31 PX4 UA . -9.82 7.88 27.30
C32 PX4 UA . -10.74 8.90 27.99
C33 PX4 UA . -10.35 9.23 29.42
C34 PX4 UA . -11.11 10.44 29.98
C35 PX4 UA . -10.90 10.82 31.45
C36 PX4 UA . -11.88 11.89 31.92
O1 PX4 VA . -20.51 -10.82 16.30
O2 PX4 VA . -21.10 -8.44 15.58
P1 PX4 VA . -20.27 -9.37 16.41
O3 PX4 VA . -18.85 -8.95 15.78
C1 PX4 VA . -18.71 -7.53 15.86
C2 PX4 VA . -17.42 -6.91 15.34
N1 PX4 VA . -17.05 -6.88 13.92
C3 PX4 VA . -15.78 -6.15 13.74
C4 PX4 VA . -16.82 -8.22 13.34
C5 PX4 VA . -18.09 -6.12 13.22
O4 PX4 VA . -20.27 -8.87 17.94
C6 PX4 VA . -20.35 -9.99 18.84
C7 PX4 VA . -19.88 -9.63 20.25
C8 PX4 VA . -21.07 -9.98 21.13
O5 PX4 VA . -21.39 -8.80 21.87
C9 PX4 VA . -21.85 -8.83 23.15
O6 PX4 VA . -22.20 -9.94 23.57
C10 PX4 VA . -22.04 -7.53 23.92
C11 PX4 VA . -22.59 -7.71 25.34
C12 PX4 VA . -23.06 -6.34 25.83
C13 PX4 VA . -23.53 -6.48 27.28
C14 PX4 VA . -22.53 -7.01 28.32
C15 PX4 VA . -23.26 -6.91 29.66
C16 PX4 VA . -22.10 -6.76 30.66
C17 PX4 VA . -21.25 -8.04 30.71
C18 PX4 VA . -20.08 -7.95 31.67
C19 PX4 VA . -20.57 -7.78 33.10
C20 PX4 VA . -19.37 -7.78 34.05
C21 PX4 VA . -19.94 -8.09 35.44
C22 PX4 VA . -18.76 -8.18 36.42
O7 PX4 VA . -18.56 -10.11 20.57
C23 PX4 VA . -17.54 -9.22 20.52
O8 PX4 VA . -17.24 -8.53 19.55
C24 PX4 VA . -16.46 -9.62 21.53
C25 PX4 VA . -16.34 -8.55 22.63
C26 PX4 VA . -15.22 -8.83 23.61
C27 PX4 VA . -14.68 -7.62 24.37
C28 PX4 VA . -14.05 -8.24 25.63
C29 PX4 VA . -13.37 -7.24 26.57
C30 PX4 VA . -13.40 -7.83 27.98
C31 PX4 VA . -12.28 -8.86 28.16
C32 PX4 VA . -11.93 -9.09 29.65
C33 PX4 VA . -11.63 -7.72 30.24
C34 PX4 VA . -11.22 -7.88 31.70
C35 PX4 VA . -10.86 -6.54 32.34
C36 PX4 VA . -9.58 -6.18 31.58
O1 PX4 WA . -11.19 -3.93 18.59
O2 PX4 WA . -13.45 -3.69 17.68
P1 PX4 WA . -12.49 -3.22 18.70
O3 PX4 WA . -12.28 -1.64 18.43
C1 PX4 WA . -12.16 -1.20 17.08
C2 PX4 WA . -11.13 -0.09 16.84
N1 PX4 WA . -11.20 0.68 15.59
C3 PX4 WA . -10.76 -0.17 14.49
C4 PX4 WA . -12.53 1.22 15.28
C5 PX4 WA . -10.27 1.82 15.60
O4 PX4 WA . -13.07 -3.31 20.20
C6 PX4 WA . -14.35 -2.67 20.23
C7 PX4 WA . -15.16 -2.72 21.51
C8 PX4 WA . -15.26 -1.36 22.21
O5 PX4 WA . -14.85 -1.38 23.59
C9 PX4 WA . -14.86 -0.09 24.04
O6 PX4 WA . -15.15 0.84 23.30
C10 PX4 WA . -14.54 0.19 25.51
C11 PX4 WA . -15.39 1.37 26.02
C12 PX4 WA . -15.71 1.10 27.49
C13 PX4 WA . -16.57 -0.16 27.58
C14 PX4 WA . -17.43 -0.14 28.84
C15 PX4 WA . -16.60 0.47 29.99
C16 PX4 WA . -17.33 0.17 31.29
C17 PX4 WA . -16.42 -0.02 32.51
C18 PX4 WA . -17.27 -0.19 33.78
C19 PX4 WA . -16.41 0.01 35.04
C20 PX4 WA . -15.18 -0.89 34.95
C21 PX4 WA . -14.18 -0.55 36.06
C22 PX4 WA . -12.73 -0.87 35.73
O7 PX4 WA . -16.44 -3.32 21.29
C23 PX4 WA . -16.59 -4.68 21.38
O8 PX4 WA . -15.77 -5.52 21.00
C24 PX4 WA . -18.04 -5.15 21.52
C25 PX4 WA . -18.92 -4.11 22.20
C26 PX4 WA . -18.64 -4.17 23.69
C27 PX4 WA . -19.68 -3.46 24.55
C28 PX4 WA . -19.45 -3.93 25.99
C29 PX4 WA . -20.30 -3.11 26.97
C30 PX4 WA . -20.20 -3.56 28.44
C31 PX4 WA . -18.77 -3.51 28.97
C32 PX4 WA . -18.57 -4.24 30.29
C33 PX4 WA . -19.30 -3.46 31.39
C34 PX4 WA . -18.85 -4.16 32.68
C35 PX4 WA . -19.45 -3.51 33.92
C36 PX4 WA . -18.94 -4.20 35.18
O1 PX4 XA . 5.23 -5.21 17.41
O2 PX4 XA . 4.22 -3.24 15.92
P1 PX4 XA . 5.23 -3.86 16.80
O3 PX4 XA . 6.70 -3.60 16.21
C1 PX4 XA . 7.52 -3.99 17.33
C2 PX4 XA . 9.01 -4.06 16.98
N1 PX4 XA . 10.00 -4.35 18.02
C3 PX4 XA . 10.24 -3.09 18.77
C4 PX4 XA . 9.57 -5.45 18.89
C5 PX4 XA . 11.25 -4.78 17.39
O4 PX4 XA . 5.31 -2.96 18.14
C6 PX4 XA . 3.97 -3.00 18.66
C7 PX4 XA . 3.85 -3.02 20.18
C8 PX4 XA . 5.22 -2.88 20.85
O5 PX4 XA . 5.57 -3.91 21.77
C9 PX4 XA . 6.85 -4.37 21.67
O6 PX4 XA . 7.54 -3.71 20.90
C10 PX4 XA . 7.23 -5.46 22.68
C11 PX4 XA . 7.35 -4.87 24.10
C12 PX4 XA . 7.81 -5.90 25.14
C13 PX4 XA . 8.39 -5.30 26.42
C14 PX4 XA . 8.77 -6.39 27.42
C15 PX4 XA . 7.60 -7.18 28.02
C16 PX4 XA . 7.95 -8.37 28.92
C17 PX4 XA . 8.48 -7.73 30.21
C18 PX4 XA . 8.33 -8.69 31.41
C19 PX4 XA . 8.96 -8.07 32.67
C20 PX4 XA . 9.04 -9.16 33.73
C21 PX4 XA . 9.79 -8.70 34.99
C22 PX4 XA . 10.20 -9.91 35.85
O7 PX4 XA . 2.89 -2.11 20.75
C23 PX4 XA . 1.70 -2.49 21.29
O8 PX4 XA . 1.20 -3.55 20.92
C24 PX4 XA . 0.91 -1.44 22.05
C25 PX4 XA . -0.02 -2.04 23.13
C26 PX4 XA . -0.61 -1.02 24.10
C27 PX4 XA . -1.70 -1.64 24.99
C28 PX4 XA . -2.23 -0.47 25.82
C29 PX4 XA . -2.95 -1.07 27.03
C30 PX4 XA . -3.14 -0.13 28.22
C31 PX4 XA . -1.79 0.32 28.80
C32 PX4 XA . -1.78 1.35 29.92
C33 PX4 XA . -2.62 0.86 31.11
C34 PX4 XA . -1.92 -0.28 31.84
C35 PX4 XA . -2.68 -0.58 33.13
C36 PX4 XA . -2.29 -1.95 33.70
O1 PX4 YA . 4.48 -12.62 15.49
O2 PX4 YA . 5.99 -10.48 15.39
P1 PX4 YA . 5.17 -11.47 16.11
O3 PX4 YA . 6.48 -12.26 16.61
C1 PX4 YA . 7.18 -12.78 15.45
C2 PX4 YA . 8.55 -13.37 15.76
N1 PX4 YA . 9.19 -14.16 14.72
C3 PX4 YA . 9.70 -13.34 13.59
C4 PX4 YA . 10.40 -14.81 15.26
C5 PX4 YA . 8.36 -15.22 14.11
O4 PX4 YA . 4.65 -11.13 17.59
C6 PX4 YA . 5.57 -10.29 18.26
C7 PX4 YA . 5.84 -10.47 19.75
C8 PX4 YA . 5.05 -11.69 20.20
O5 PX4 YA . 4.72 -11.37 21.55
C9 PX4 YA . 4.91 -12.33 22.50
O6 PX4 YA . 5.43 -13.42 22.24
C10 PX4 YA . 4.34 -12.13 23.91
C11 PX4 YA . 4.54 -10.70 24.39
C12 PX4 YA . 4.07 -10.55 25.84
C13 PX4 YA . 4.37 -9.10 26.24
C14 PX4 YA . 3.82 -8.87 27.64
C15 PX4 YA . 4.07 -7.44 28.11
C16 PX4 YA . 3.67 -7.18 29.56
C17 PX4 YA . 4.57 -8.05 30.47
C18 PX4 YA . 4.31 -7.61 31.91
C19 PX4 YA . 5.15 -8.55 32.77
C20 PX4 YA . 4.94 -8.42 34.27
C21 PX4 YA . 5.04 -6.95 34.65
C22 PX4 YA . 4.55 -6.68 36.07
O7 PX4 YA . 7.20 -10.49 20.16
C23 PX4 YA . 7.75 -9.36 20.69
O8 PX4 YA . 7.30 -8.25 20.42
C24 PX4 YA . 9.10 -9.49 21.42
C25 PX4 YA . 9.26 -10.54 22.50
C26 PX4 YA . 8.32 -10.34 23.69
C27 PX4 YA . 8.79 -11.29 24.78
C28 PX4 YA . 8.15 -11.04 26.14
C29 PX4 YA . 8.82 -12.13 27.01
C30 PX4 YA . 8.29 -11.95 28.44
C31 PX4 YA . 8.76 -13.12 29.31
C32 PX4 YA . 8.34 -12.74 30.74
C33 PX4 YA . 8.77 -13.88 31.67
C34 PX4 YA . 8.88 -13.58 33.17
C35 PX4 YA . 9.16 -14.80 34.05
C36 PX4 YA . 9.56 -14.55 35.51
O1 PX4 ZA . 15.95 -22.38 20.09
O2 PX4 ZA . 15.58 -20.29 18.62
P1 PX4 ZA . 15.55 -20.97 19.95
O3 PX4 ZA . 16.65 -20.12 20.74
C1 PX4 ZA . 17.87 -20.82 20.51
C2 PX4 ZA . 19.05 -19.84 20.62
N1 PX4 ZA . 19.40 -18.84 19.62
C3 PX4 ZA . 18.40 -17.75 19.56
C4 PX4 ZA . 20.60 -18.10 20.01
C5 PX4 ZA . 19.62 -19.23 18.22
O4 PX4 ZA . 14.17 -20.56 20.69
C6 PX4 ZA . 14.38 -20.35 22.08
C7 PX4 ZA . 13.13 -19.83 22.81
C8 PX4 ZA . 12.37 -21.03 23.38
O5 PX4 ZA . 13.31 -22.06 23.73
C9 PX4 ZA . 12.73 -23.16 24.29
O6 PX4 ZA . 11.50 -23.22 24.23
C10 PX4 ZA . 13.60 -24.36 24.65
C11 PX4 ZA . 14.32 -24.21 25.99
C12 PX4 ZA . 15.15 -25.49 26.12
C13 PX4 ZA . 16.07 -25.80 27.31
C14 PX4 ZA . 15.54 -25.54 28.71
C15 PX4 ZA . 16.44 -26.10 29.82
C16 PX4 ZA . 15.67 -25.99 31.15
C17 PX4 ZA . 16.51 -26.40 32.35
C18 PX4 ZA . 15.68 -25.86 33.51
C19 PX4 ZA . 16.39 -25.68 34.86
C20 PX4 ZA . 15.39 -25.63 36.02
C21 PX4 ZA . 16.17 -25.61 37.33
C22 PX4 ZA . 17.49 -26.38 37.32
O7 PX4 ZA . 13.48 -18.93 23.87
C23 PX4 ZA . 13.92 -17.69 23.53
O8 PX4 ZA . 13.91 -17.26 22.37
C24 PX4 ZA . 14.22 -16.84 24.76
C25 PX4 ZA . 15.43 -17.45 25.45
C26 PX4 ZA . 15.74 -16.70 26.74
C27 PX4 ZA . 17.01 -17.24 27.40
C28 PX4 ZA . 17.42 -16.34 28.59
C29 PX4 ZA . 18.68 -16.68 29.38
C30 PX4 ZA . 18.65 -15.89 30.69
C31 PX4 ZA . 17.38 -16.15 31.50
C32 PX4 ZA . 17.64 -15.54 32.87
C33 PX4 ZA . 16.39 -15.68 33.76
C34 PX4 ZA . 16.45 -14.65 34.87
C35 PX4 ZA . 16.31 -13.20 34.38
C36 PX4 ZA . 16.61 -12.28 35.55
O1 PX4 AB . -32.01 6.77 17.87
O2 PX4 AB . -30.06 6.03 19.54
P1 PX4 AB . -31.46 6.25 19.15
O3 PX4 AB . -32.03 4.78 19.53
C1 PX4 AB . -33.44 4.93 19.58
C2 PX4 AB . -34.22 3.72 20.10
N1 PX4 AB . -34.36 2.54 19.24
C3 PX4 AB . -33.18 1.67 19.36
C4 PX4 AB . -35.53 1.85 19.80
C5 PX4 AB . -34.51 2.88 17.81
O4 PX4 AB . -32.05 7.08 20.40
C6 PX4 AB . -31.28 6.83 21.59
C7 PX4 AB . -31.53 7.51 22.95
C8 PX4 AB . -32.71 8.47 22.92
O5 PX4 AB . -32.28 9.83 23.04
C9 PX4 AB . -33.16 10.81 22.68
O6 PX4 AB . -34.35 10.72 22.38
C10 PX4 AB . -32.59 12.19 23.00
C11 PX4 AB . -33.18 12.63 24.35
C12 PX4 AB . -32.48 13.82 25.01
C13 PX4 AB . -32.98 13.96 26.45
C14 PX4 AB . -34.51 14.14 26.41
C15 PX4 AB . -35.28 13.94 27.71
C16 PX4 AB . -36.77 14.27 27.55
C17 PX4 AB . -37.47 13.78 28.81
C18 PX4 AB . -36.79 14.48 29.98
C19 PX4 AB . -37.68 14.34 31.22
C20 PX4 AB . -37.26 15.12 32.46
C21 PX4 AB . -35.82 14.86 32.89
C22 PX4 AB . -35.52 15.46 34.27
O7 PX4 AB . -31.57 6.54 24.00
C23 PX4 AB . -30.36 6.14 24.49
O8 PX4 AB . -29.30 6.27 23.90
C24 PX4 AB . -30.66 5.12 25.58
C25 PX4 AB . -29.51 4.40 26.27
C26 PX4 AB . -29.83 3.87 27.66
C27 PX4 AB . -28.66 2.97 28.07
C28 PX4 AB . -28.98 2.33 29.42
C29 PX4 AB . -30.13 1.35 29.21
C30 PX4 AB . -30.63 0.68 30.49
C31 PX4 AB . -31.90 0.05 29.91
C32 PX4 AB . -32.88 -0.50 30.94
C33 PX4 AB . -33.39 0.65 31.82
C34 PX4 AB . -34.29 -0.07 32.83
C35 PX4 AB . -33.50 -1.05 33.70
C36 PX4 AB . -34.35 -1.91 34.64
O1 PX4 BB . -18.16 12.28 16.65
O2 PX4 BB . -16.01 11.93 15.35
P1 PX4 BB . -17.00 11.42 16.31
O3 PX4 BB . -17.57 9.96 15.94
C1 PX4 BB . -18.66 9.72 16.84
C2 PX4 BB . -19.22 8.30 16.85
N1 PX4 BB . -20.56 8.15 17.41
C3 PX4 BB . -20.76 6.76 17.83
C4 PX4 BB . -20.84 8.99 18.58
C5 PX4 BB . -21.56 8.43 16.38
O4 PX4 BB . -16.17 11.23 17.67
C6 PX4 BB . -15.91 12.54 18.17
C7 PX4 BB . -15.62 12.70 19.67
C8 PX4 BB . -16.61 11.82 20.45
O5 PX4 BB . -17.25 12.55 21.47
C9 PX4 BB . -17.90 11.85 22.43
O6 PX4 BB . -18.00 10.63 22.35
C10 PX4 BB . -18.65 12.68 23.49
C11 PX4 BB . -17.89 12.51 24.81
C12 PX4 BB . -18.67 13.12 25.99
C13 PX4 BB . -17.82 13.17 27.26
C14 PX4 BB . -18.68 13.54 28.47
C15 PX4 BB . -17.87 13.33 29.75
C16 PX4 BB . -18.83 13.51 30.93
C17 PX4 BB . -18.09 13.28 32.24
C18 PX4 BB . -19.12 13.38 33.38
C19 PX4 BB . -18.51 13.18 34.77
C20 PX4 BB . -17.38 14.20 35.00
C21 PX4 BB . -16.62 13.82 36.28
C22 PX4 BB . -15.89 15.07 36.75
O7 PX4 BB . -14.25 12.35 19.89
C23 PX4 BB . -13.22 13.22 20.02
O8 PX4 BB . -13.34 14.43 19.78
C24 PX4 BB . -11.88 12.60 20.38
C25 PX4 BB . -11.78 12.74 21.91
C26 PX4 BB . -10.44 12.17 22.36
C27 PX4 BB . -10.10 12.31 23.85
C28 PX4 BB . -8.93 11.35 24.13
C29 PX4 BB . -8.82 11.53 25.65
C30 PX4 BB . -8.12 12.87 25.95
C31 PX4 BB . -8.09 12.77 27.49
C32 PX4 BB . -7.45 13.99 28.15
C33 PX4 BB . -7.61 14.13 29.67
C34 PX4 BB . -6.39 14.76 30.35
C35 PX4 BB . -5.16 13.85 30.25
C36 PX4 BB . -3.95 14.43 30.98
O1 PX4 CB . -4.80 14.26 16.43
O2 PX4 CB . -6.18 14.77 18.61
P1 PX4 CB . -5.20 15.12 17.57
O3 PX4 CB . -5.63 16.54 16.96
C1 PX4 CB . -4.65 17.07 16.06
C2 PX4 CB . -5.16 18.34 15.38
N1 PX4 CB . -6.35 18.35 14.52
C3 PX4 CB . -6.40 17.17 13.63
C4 PX4 CB . -7.55 18.36 15.38
C5 PX4 CB . -6.42 19.56 13.71
O4 PX4 CB . -3.85 15.51 18.39
C6 PX4 CB . -4.11 16.45 19.44
C7 PX4 CB . -4.06 16.01 20.90
C8 PX4 CB . -2.57 16.21 21.19
O5 PX4 CB . -2.09 15.12 21.99
C9 PX4 CB . -2.15 15.22 23.35
O6 PX4 CB . -2.30 16.38 23.72
C10 PX4 CB . -1.90 14.00 24.24
C11 PX4 CB . -3.18 13.16 24.32
C12 PX4 CB . -2.98 12.12 25.43
C13 PX4 CB . -2.95 12.68 26.85
C14 PX4 CB . -2.72 11.49 27.78
C15 PX4 CB . -1.38 10.78 27.55
C16 PX4 CB . -1.06 9.82 28.69
C17 PX4 CB . 0.37 9.24 28.62
C18 PX4 CB . 0.49 8.32 29.84
C19 PX4 CB . 1.97 8.06 30.15
C20 PX4 CB . 2.73 9.31 30.58
C21 PX4 CB . 4.24 9.08 30.63
C22 PX4 CB . 5.00 10.29 31.18
O7 PX4 CB . -4.97 16.58 21.83
C23 PX4 CB . -4.68 17.79 22.37
O8 PX4 CB . -4.11 18.74 21.83
C24 PX4 CB . -5.40 17.96 23.71
C25 PX4 CB . -6.89 17.66 23.47
C26 PX4 CB . -7.58 17.76 24.84
C27 PX4 CB . -9.09 18.00 24.80
C28 PX4 CB . -9.75 16.77 24.15
C29 PX4 CB . -11.25 17.01 24.27
C30 PX4 CB . -11.93 15.66 24.05
C31 PX4 CB . -13.32 15.75 24.71
C32 PX4 CB . -14.21 14.52 24.60
C33 PX4 CB . -14.49 13.81 25.93
C34 PX4 CB . -13.19 13.16 26.44
C35 PX4 CB . -13.44 12.52 27.81
C36 PX4 CB . -13.53 13.68 28.80
O1 PX4 DB . -6.29 -2.02 17.10
O2 PX4 DB . -8.87 -2.25 17.08
P1 PX4 DB . -7.63 -1.57 17.50
O3 PX4 DB . -7.89 0.02 17.39
C1 PX4 DB . -6.65 0.74 17.46
C2 PX4 DB . -7.12 2.16 17.77
N1 PX4 DB . -6.20 3.29 17.86
C3 PX4 DB . -6.94 4.31 18.59
C4 PX4 DB . -4.98 2.82 18.54
C5 PX4 DB . -5.86 3.78 16.52
O4 PX4 DB . -7.54 -1.59 19.11
C6 PX4 DB . -8.88 -1.26 19.52
C7 PX4 DB . -8.88 -1.13 21.05
C8 PX4 DB . -9.09 -2.54 21.59
O5 PX4 DB . -10.21 -2.70 22.46
C9 PX4 DB . -11.02 -3.79 22.37
O6 PX4 DB . -10.64 -4.87 21.89
C10 PX4 DB . -12.21 -3.66 23.32
C11 PX4 DB . -11.96 -4.09 24.77
C12 PX4 DB . -12.87 -3.43 25.80
C13 PX4 DB . -14.18 -4.19 26.02
C14 PX4 DB . -14.86 -3.59 27.24
C15 PX4 DB . -14.02 -3.91 28.49
C16 PX4 DB . -14.82 -3.63 29.77
C17 PX4 DB . -14.24 -4.28 31.02
C18 PX4 DB . -15.11 -4.09 32.27
C19 PX4 DB . -14.48 -4.85 33.43
C20 PX4 DB . -15.41 -5.17 34.61
C21 PX4 DB . -14.56 -6.04 35.52
C22 PX4 DB . -15.37 -6.73 36.62
O7 PX4 DB . -7.85 -0.37 21.67
C23 PX4 DB . -7.90 0.98 21.54
O8 PX4 DB . -8.59 1.59 20.72
C24 PX4 DB . -7.03 1.71 22.58
C25 PX4 DB . -5.56 1.67 22.22
C26 PX4 DB . -4.88 2.94 22.73
C27 PX4 DB . -5.07 2.85 24.25
C28 PX4 DB . -4.35 4.02 24.94
C29 PX4 DB . -4.32 3.72 26.45
C30 PX4 DB . -3.67 4.84 27.26
C31 PX4 DB . -4.05 4.58 28.72
C32 PX4 DB . -3.32 5.59 29.61
C33 PX4 DB . -4.02 5.74 30.97
C34 PX4 DB . -3.26 6.63 31.97
C35 PX4 DB . -4.05 6.74 33.28
C36 PX4 DB . -3.46 7.50 34.45
O1 PX4 EB . -7.29 -5.62 21.23
O2 PX4 EB . -5.97 -6.00 19.02
P1 PX4 EB . -6.03 -5.91 20.49
O3 PX4 EB . -5.07 -7.05 21.07
C1 PX4 EB . -3.90 -7.09 20.25
C2 PX4 EB . -2.64 -7.32 21.10
N1 PX4 EB . -2.07 -6.22 21.92
C3 PX4 EB . -2.89 -5.83 23.08
C4 PX4 EB . -0.80 -6.64 22.51
C5 PX4 EB . -1.80 -5.00 21.16
O4 PX4 EB . -5.06 -4.67 20.85
C6 PX4 EB . -5.80 -3.60 21.45
C7 PX4 EB . -4.87 -2.53 22.06
C8 PX4 EB . -4.46 -1.52 20.98
O5 PX4 EB . -3.29 -1.98 20.29
C9 PX4 EB . -2.88 -1.30 19.19
O6 PX4 EB . -3.51 -0.41 18.63
C10 PX4 EB . -1.39 -1.46 18.91
C11 PX4 EB . -0.95 -1.05 17.51
C12 PX4 EB . 0.58 -0.94 17.46
C13 PX4 EB . 1.07 0.24 18.29
C14 PX4 EB . 2.59 0.34 18.33
C15 PX4 EB . 3.00 1.55 19.16
C16 PX4 EB . 2.30 1.29 20.49
C17 PX4 EB . 2.91 2.20 21.54
C18 PX4 EB . 2.23 2.18 22.92
C19 PX4 EB . 2.87 1.08 23.77
C20 PX4 EB . 2.41 1.10 25.22
C21 PX4 EB . 3.32 0.27 26.12
C22 PX4 EB . 2.98 0.54 27.58
O7 PX4 EB . -5.48 -1.80 23.12
C23 PX4 EB . -5.83 -2.27 24.35
O8 PX4 EB . -5.30 -3.29 24.79
C24 PX4 EB . -6.88 -1.46 25.13
C25 PX4 EB . -7.47 -2.16 26.36
C26 PX4 EB . -8.53 -1.24 26.95
C27 PX4 EB . -9.25 -1.94 28.11
C28 PX4 EB . -10.27 -1.02 28.79
C29 PX4 EB . -10.82 -1.64 30.07
C30 PX4 EB . -11.77 -0.65 30.75
C31 PX4 EB . -10.94 0.50 31.31
C32 PX4 EB . -11.91 1.56 31.86
C33 PX4 EB . -11.29 2.66 32.72
C34 PX4 EB . -10.65 2.15 34.01
C35 PX4 EB . -10.02 3.31 34.78
C36 PX4 EB . -11.11 4.38 34.95
O1 PX4 FB . -25.14 10.96 15.54
O2 PX4 FB . -25.12 9.16 17.34
P1 PX4 FB . -25.46 10.54 16.91
O3 PX4 FB . -27.03 10.75 17.19
C1 PX4 FB . -27.77 9.61 16.72
C2 PX4 FB . -29.28 9.72 16.96
N1 PX4 FB . -30.07 10.33 15.89
C3 PX4 FB . -31.48 10.16 16.29
C4 PX4 FB . -29.82 11.75 15.61
C5 PX4 FB . -29.90 9.57 14.64
O4 PX4 FB . -25.11 11.55 18.11
C6 PX4 FB . -25.30 10.77 19.29
C7 PX4 FB . -24.35 11.12 20.44
C8 PX4 FB . -25.36 11.39 21.57
O5 PX4 FB . -24.86 12.19 22.63
C9 PX4 FB . -24.64 13.52 22.57
O6 PX4 FB . -24.70 14.14 21.50
C10 PX4 FB . -24.17 14.29 23.82
C11 PX4 FB . -22.64 14.32 23.86
C12 PX4 FB . -22.21 14.94 25.20
C13 PX4 FB . -22.79 14.11 26.35
C14 PX4 FB . -22.09 14.43 27.68
C15 PX4 FB . -22.66 13.69 28.90
C16 PX4 FB . -24.14 14.10 28.88
C17 PX4 FB . -25.02 13.29 29.84
C18 PX4 FB . -26.51 13.18 29.44
C19 PX4 FB . -27.09 12.32 30.56
C20 PX4 FB . -26.71 12.90 31.93
C21 PX4 FB . -27.42 12.11 33.04
C22 PX4 FB . -27.14 12.53 34.48
O7 PX4 FB . -23.36 10.15 20.83
C23 PX4 FB . -22.21 10.71 21.27
O8 PX4 FB . -21.83 11.72 20.68
C24 PX4 FB . -21.34 9.92 22.26
C25 PX4 FB . -21.51 10.24 23.75
C26 PX4 FB . -20.68 9.39 24.70
C27 PX4 FB . -20.76 9.99 26.11
C28 PX4 FB . -19.83 9.39 27.18
C29 PX4 FB . -20.17 9.91 28.59
C30 PX4 FB . -21.49 9.30 29.08
C31 PX4 FB . -21.85 10.12 30.31
C32 PX4 FB . -22.99 9.55 31.14
C33 PX4 FB . -23.04 10.23 32.52
C34 PX4 FB . -24.15 9.63 33.41
C35 PX4 FB . -23.96 9.97 34.90
C36 PX4 FB . -25.12 9.50 35.76
O1 PX4 GB . -28.03 11.60 20.10
O2 PX4 GB . -30.58 12.09 19.70
P1 PX4 GB . -29.18 12.52 19.92
O3 PX4 GB . -28.73 13.60 18.82
C1 PX4 GB . -27.32 13.83 18.90
C2 PX4 GB . -27.02 15.20 18.28
N1 PX4 GB . -25.67 15.45 17.79
C3 PX4 GB . -25.45 14.88 16.46
C4 PX4 GB . -25.37 16.89 17.83
C5 PX4 GB . -24.58 14.76 18.51
O4 PX4 GB . -29.27 13.48 21.20
C6 PX4 GB . -28.89 12.53 22.22
C7 PX4 GB . -28.37 13.08 23.56
C8 PX4 GB . -28.61 14.58 23.56
O5 PX4 GB . -27.45 15.44 23.62
C9 PX4 GB . -27.66 16.78 23.72
O6 PX4 GB . -28.67 17.32 23.31
C10 PX4 GB . -26.44 17.58 24.18
C11 PX4 GB . -25.96 17.05 25.53
C12 PX4 GB . -26.91 17.50 26.65
C13 PX4 GB . -26.26 17.07 27.97
C14 PX4 GB . -27.28 17.13 29.11
C15 PX4 GB . -26.46 16.96 30.39
C16 PX4 GB . -27.43 17.10 31.56
C17 PX4 GB . -26.68 17.21 32.90
C18 PX4 GB . -27.52 17.18 34.17
C19 PX4 GB . -26.51 17.04 35.32
C20 PX4 GB . -27.06 17.59 36.64
C21 PX4 GB . -26.15 17.25 37.84
C22 PX4 GB . -24.74 17.81 37.64
O7 PX4 GB . -28.95 12.49 24.73
C23 PX4 GB . -28.94 11.15 24.90
O8 PX4 GB . -28.41 10.40 24.09
C24 PX4 GB . -29.37 10.68 26.30
C25 PX4 GB . -30.81 10.14 26.39
C26 PX4 GB . -31.20 9.85 27.83
C27 PX4 GB . -31.18 11.18 28.58
C28 PX4 GB . -30.96 10.83 30.05
C29 PX4 GB . -30.80 12.10 30.89
C30 PX4 GB . -31.96 13.10 30.85
C31 PX4 GB . -31.60 14.51 31.34
C32 PX4 GB . -31.08 14.51 32.78
C33 PX4 GB . -31.67 15.60 33.67
C34 PX4 GB . -30.92 15.61 34.99
C35 PX4 GB . -31.36 16.45 36.19
C36 PX4 GB . -30.36 16.30 37.34
O1 PX4 HB . -9.72 31.16 16.08
O2 PX4 HB . -7.89 30.09 17.56
P1 PX4 HB . -9.17 30.83 17.41
O3 PX4 HB . -10.32 29.83 17.94
C1 PX4 HB . -10.06 28.58 17.30
C2 PX4 HB . -11.20 27.57 17.48
N1 PX4 HB . -11.37 26.97 18.81
C3 PX4 HB . -11.44 27.85 19.98
C4 PX4 HB . -12.62 26.19 18.72
C5 PX4 HB . -10.31 25.97 19.06
O4 PX4 HB . -9.31 31.89 18.62
C6 PX4 HB . -10.70 32.17 18.79
C7 PX4 HB . -11.09 32.52 20.22
C8 PX4 HB . -9.99 33.45 20.73
O5 PX4 HB . -9.29 33.12 21.93
C9 PX4 HB . -7.99 33.48 22.02
O6 PX4 HB . -7.41 33.99 21.07
C10 PX4 HB . -7.30 33.29 23.36
C11 PX4 HB . -6.69 31.88 23.52
C12 PX4 HB . -6.25 31.87 24.98
C13 PX4 HB . -7.30 31.99 26.08
C14 PX4 HB . -6.54 32.19 27.41
C15 PX4 HB . -5.46 31.11 27.52
C16 PX4 HB . -4.73 31.44 28.83
C17 PX4 HB . -5.69 31.41 30.02
C18 PX4 HB . -4.94 31.09 31.32
C19 PX4 HB . -3.83 32.07 31.70
C20 PX4 HB . -3.12 31.53 32.95
C21 PX4 HB . -2.02 32.54 33.27
C22 PX4 HB . -1.04 32.88 32.15
O7 PX4 HB . -12.40 33.03 20.45
C23 PX4 HB . -13.49 32.25 20.33
O8 PX4 HB . -13.36 31.08 19.99
C24 PX4 HB . -14.86 32.84 20.68
C25 PX4 HB . -14.63 33.67 21.95
C26 PX4 HB . -15.77 34.68 22.12
C27 PX4 HB . -15.39 35.49 23.36
C28 PX4 HB . -15.62 34.78 24.70
C29 PX4 HB . -15.12 35.64 25.87
C30 PX4 HB . -15.27 34.75 27.10
C31 PX4 HB . -14.91 35.49 28.38
C32 PX4 HB . -15.21 34.51 29.51
C33 PX4 HB . -14.41 35.02 30.69
C34 PX4 HB . -14.70 34.03 31.82
C35 PX4 HB . -13.60 34.18 32.87
C36 PX4 HB . -14.03 33.38 34.11
O1 PX4 IB . -7.05 23.29 18.12
O2 PX4 IB . -7.14 25.82 18.48
P1 PX4 IB . -6.98 24.46 19.03
O3 PX4 IB . -5.40 24.29 19.30
C1 PX4 IB . -4.54 25.33 18.79
C2 PX4 IB . -3.10 24.85 18.69
N1 PX4 IB . -2.66 24.47 17.34
C3 PX4 IB . -1.20 24.63 17.29
C4 PX4 IB . -2.82 23.02 17.09
C5 PX4 IB . -3.26 25.22 16.23
O4 PX4 IB . -7.40 24.16 20.55
C6 PX4 IB . -7.03 22.82 20.84
C7 PX4 IB . -7.61 22.33 22.17
C8 PX4 IB . -7.13 23.34 23.22
O5 PX4 IB . -6.99 22.89 24.57
C9 PX4 IB . -6.19 21.82 24.87
O6 PX4 IB . -5.66 21.13 24.00
C10 PX4 IB . -5.78 21.54 26.31
C11 PX4 IB . -5.22 22.85 26.89
C12 PX4 IB . -4.89 22.67 28.36
C13 PX4 IB . -3.39 22.46 28.51
C14 PX4 IB . -3.08 22.44 30.00
C15 PX4 IB . -1.60 22.69 30.21
C16 PX4 IB . -0.89 21.68 29.32
C17 PX4 IB . 0.60 22.06 29.35
C18 PX4 IB . 0.88 23.41 28.69
C19 PX4 IB . 2.30 23.87 29.01
C20 PX4 IB . 2.69 25.08 28.15
C21 PX4 IB . 4.05 25.68 28.54
C22 PX4 IB . 4.12 26.45 29.84
O7 PX4 IB . -9.00 22.06 22.01
C23 PX4 IB . -9.46 20.84 21.59
O8 PX4 IB . -8.63 20.11 21.06
C24 PX4 IB . -10.90 20.39 21.81
C25 PX4 IB . -11.51 20.98 23.09
C26 PX4 IB . -12.98 20.61 23.12
C27 PX4 IB . -13.67 21.03 24.42
C28 PX4 IB . -13.03 20.42 25.68
C29 PX4 IB . -13.88 20.63 26.94
C30 PX4 IB . -13.22 20.02 28.18
C31 PX4 IB . -13.02 18.52 27.93
C32 PX4 IB . -12.60 17.77 29.21
C33 PX4 IB . -11.63 16.61 28.95
C34 PX4 IB . -11.44 15.81 30.23
C35 PX4 IB . -10.74 16.67 31.29
C36 PX4 IB . -9.68 15.93 32.13
O1 PX4 JB . 12.11 10.87 19.59
O2 PX4 JB . 11.77 13.41 19.05
P1 PX4 JB . 11.73 12.24 19.98
O3 PX4 JB . 12.82 12.79 21.02
C1 PX4 JB . 14.12 13.01 20.49
C2 PX4 JB . 15.11 13.29 21.63
N1 PX4 JB . 16.49 13.55 21.21
C3 PX4 JB . 16.76 13.12 19.83
C4 PX4 JB . 17.01 14.91 21.42
C5 PX4 JB . 17.37 12.66 21.98
O4 PX4 JB . 10.42 12.35 20.90
C6 PX4 JB . 10.75 11.85 22.20
C7 PX4 JB . 9.73 12.30 23.25
C8 PX4 JB . 8.68 11.19 23.27
O5 PX4 JB . 9.08 9.97 22.64
C9 PX4 JB . 8.07 9.05 22.63
O6 PX4 JB . 6.90 9.37 22.78
C10 PX4 JB . 8.56 7.60 22.47
C11 PX4 JB . 7.74 6.46 23.05
C12 PX4 JB . 8.69 5.35 23.48
C13 PX4 JB . 7.81 4.36 24.26
C14 PX4 JB . 8.57 3.08 24.62
C15 PX4 JB . 7.68 2.18 25.49
C16 PX4 JB . 8.51 1.07 26.10
C17 PX4 JB . 7.65 0.08 26.90
C18 PX4 JB . 6.98 -1.06 26.13
C19 PX4 JB . 6.07 -1.85 27.06
C20 PX4 JB . 6.97 -2.25 28.21
C21 PX4 JB . 6.06 -3.10 29.11
C22 PX4 JB . 6.73 -3.51 30.44
O7 PX4 JB . 10.22 12.80 24.50
C23 PX4 JB . 11.02 13.86 24.79
O8 PX4 JB . 11.34 14.65 23.91
C24 PX4 JB . 11.06 14.19 26.27
C25 PX4 JB . 11.86 13.32 27.25
C26 PX4 JB . 11.89 13.85 28.68
C27 PX4 JB . 12.55 12.78 29.56
C28 PX4 JB . 12.81 13.45 30.91
C29 PX4 JB . 13.59 14.75 30.70
C30 PX4 JB . 14.18 15.20 32.04
C31 PX4 JB . 15.04 16.45 31.95
C32 PX4 JB . 16.00 16.68 33.12
C33 PX4 JB . 17.21 17.57 32.85
C34 PX4 JB . 18.02 17.60 34.15
C35 PX4 JB . 19.35 18.35 34.18
C36 PX4 JB . 19.93 18.13 35.58
O1 PX4 KB . -1.00 10.69 17.39
O2 PX4 KB . -1.43 10.94 14.93
P1 PX4 KB . -1.35 10.05 16.10
O3 PX4 KB . -2.88 9.53 16.05
C1 PX4 KB . -3.93 10.49 16.09
C2 PX4 KB . -5.33 9.84 16.19
N1 PX4 KB . -5.78 9.07 15.03
C3 PX4 KB . -5.73 9.87 13.79
C4 PX4 KB . -5.06 7.80 14.98
C5 PX4 KB . -7.13 8.51 15.17
O4 PX4 KB . -0.68 8.58 16.11
C6 PX4 KB . -1.32 7.42 16.65
C7 PX4 KB . -1.15 7.30 18.17
C8 PX4 KB . 0.11 7.96 18.70
O5 PX4 KB . 0.91 6.98 19.36
C9 PX4 KB . 1.90 7.59 20.06
O6 PX4 KB . 2.04 8.81 20.14
C10 PX4 KB . 2.84 6.69 20.88
C11 PX4 KB . 2.90 7.13 22.35
C12 PX4 KB . 3.87 6.24 23.14
C13 PX4 KB . 3.80 6.55 24.64
C14 PX4 KB . 4.64 5.53 25.39
C15 PX4 KB . 4.50 5.60 26.93
C16 PX4 KB . 5.31 4.59 27.76
C17 PX4 KB . 5.17 4.92 29.24
C18 PX4 KB . 5.76 3.75 30.05
C19 PX4 KB . 4.84 2.53 29.94
C20 PX4 KB . 5.35 1.36 30.79
C21 PX4 KB . 4.28 0.35 31.22
C22 PX4 KB . 3.25 1.04 32.12
O7 PX4 KB . -2.41 7.57 18.80
C23 PX4 KB . -3.56 6.84 18.82
O8 PX4 KB . -3.79 5.95 18.01
C24 PX4 KB . -4.55 7.21 19.92
C25 PX4 KB . -4.23 7.02 21.40
C26 PX4 KB . -5.26 7.68 22.32
C27 PX4 KB . -4.94 7.46 23.80
C28 PX4 KB . -5.88 8.20 24.74
C29 PX4 KB . -5.28 8.47 26.13
C30 PX4 KB . -6.28 9.14 27.06
C31 PX4 KB . -5.55 9.19 28.40
C32 PX4 KB . -6.49 9.89 29.40
C33 PX4 KB . -5.86 10.03 30.79
C34 PX4 KB . -6.69 10.71 31.86
C35 PX4 KB . -5.84 10.92 33.13
C36 PX4 KB . -6.76 11.51 34.19
O1 PX4 LB . 10.70 -10.40 17.94
O2 PX4 LB . 11.54 -7.89 18.05
P1 PX4 LB . 11.70 -9.34 18.25
O3 PX4 LB . 13.03 -9.84 17.48
C1 PX4 LB . 14.12 -8.95 17.72
C2 PX4 LB . 15.52 -9.57 17.75
N1 PX4 LB . 16.06 -10.15 16.50
C3 PX4 LB . 15.83 -9.32 15.31
C4 PX4 LB . 17.51 -10.32 16.53
C5 PX4 LB . 15.61 -11.53 16.32
O4 PX4 LB . 12.19 -9.55 19.78
C6 PX4 LB . 12.23 -10.94 20.12
C7 PX4 LB . 13.07 -11.24 21.36
C8 PX4 LB . 13.61 -9.89 21.84
O5 PX4 LB . 15.01 -9.60 21.92
C9 PX4 LB . 15.41 -8.32 22.10
O6 PX4 LB . 14.58 -7.41 22.12
C10 PX4 LB . 16.86 -8.18 22.57
C11 PX4 LB . 17.09 -7.98 24.07
C12 PX4 LB . 18.61 -8.11 24.18
C13 PX4 LB . 18.96 -8.36 25.64
C14 PX4 LB . 20.46 -8.64 25.71
C15 PX4 LB . 21.00 -8.88 27.12
C16 PX4 LB . 22.52 -9.03 27.03
C17 PX4 LB . 23.10 -9.31 28.43
C18 PX4 LB . 24.58 -8.98 28.58
C19 PX4 LB . 25.51 -10.02 27.94
C20 PX4 LB . 26.92 -9.41 28.03
C21 PX4 LB . 28.06 -10.29 27.50
C22 PX4 LB . 29.29 -9.40 27.32
O7 PX4 LB . 12.31 -11.89 22.39
C23 PX4 LB . 12.25 -13.25 22.46
O8 PX4 LB . 12.87 -13.84 21.58
C24 PX4 LB . 11.91 -13.70 23.88
C25 PX4 LB . 11.14 -15.02 23.92
C26 PX4 LB . 9.83 -14.96 23.15
C27 PX4 LB . 8.81 -15.99 23.63
C28 PX4 LB . 8.04 -15.57 24.89
C29 PX4 LB . 7.00 -16.58 25.34
C30 PX4 LB . 6.48 -16.30 26.76
C31 PX4 LB . 5.86 -14.90 26.84
C32 PX4 LB . 5.28 -14.73 28.23
C33 PX4 LB . 4.75 -13.31 28.50
C34 PX4 LB . 4.12 -13.37 29.90
C35 PX4 LB . 3.85 -11.91 30.28
C36 PX4 LB . 3.40 -11.87 31.75
O1 PX4 MB . 19.50 2.48 19.55
O2 PX4 MB . 17.98 1.96 17.57
P1 PX4 MB . 18.15 2.27 19.01
O3 PX4 MB . 17.51 3.75 19.16
C1 PX4 MB . 16.16 3.89 18.74
C2 PX4 MB . 15.36 5.17 18.96
N1 PX4 MB . 15.49 6.08 17.81
C3 PX4 MB . 15.34 5.41 16.51
C4 PX4 MB . 14.42 7.08 17.78
C5 PX4 MB . 16.77 6.79 17.91
O4 PX4 MB . 17.10 1.54 20.00
C6 PX4 MB . 17.42 1.80 21.37
C7 PX4 MB . 16.22 1.75 22.31
C8 PX4 MB . 15.66 0.33 22.29
O5 PX4 MB . 16.56 -0.76 22.09
C9 PX4 MB . 15.98 -2.00 22.16
O6 PX4 MB . 14.75 -2.06 22.24
C10 PX4 MB . 16.86 -3.17 22.56
C11 PX4 MB . 16.33 -4.17 23.59
C12 PX4 MB . 16.71 -3.62 24.97
C13 PX4 MB . 16.20 -4.46 26.16
C14 PX4 MB . 16.65 -4.05 27.55
C15 PX4 MB . 16.20 -5.05 28.64
C16 PX4 MB . 16.55 -6.46 28.18
C17 PX4 MB . 16.02 -7.61 29.05
C18 PX4 MB . 16.86 -8.87 28.83
C19 PX4 MB . 16.74 -9.97 29.89
C20 PX4 MB . 17.25 -11.18 29.11
C21 PX4 MB . 18.70 -10.97 28.65
C22 PX4 MB . 19.28 -12.16 27.88
O7 PX4 MB . 16.41 2.32 23.62
C23 PX4 MB . 16.11 3.64 23.57
O8 PX4 MB . 16.40 4.44 22.69
C24 PX4 MB . 16.00 4.28 24.96
C25 PX4 MB . 17.14 4.05 25.96
C26 PX4 MB . 17.21 4.95 27.20
C27 PX4 MB . 15.96 4.49 27.96
C28 PX4 MB . 15.99 5.10 29.36
C29 PX4 MB . 14.69 4.82 30.13
C30 PX4 MB . 14.63 5.38 31.56
C31 PX4 MB . 13.20 5.22 32.09
C32 PX4 MB . 12.87 5.77 33.47
C33 PX4 MB . 11.40 5.42 33.70
C34 PX4 MB . 10.76 6.06 34.93
C35 PX4 MB . 9.39 5.39 35.01
C36 PX4 MB . 8.64 5.69 33.71
O1 PX4 NB . -20.30 15.89 19.93
O2 PX4 NB . -21.71 16.18 17.75
P1 PX4 NB . -21.31 16.60 19.13
O3 PX4 NB . -20.70 18.08 19.06
C1 PX4 NB . -19.56 17.84 18.22
C2 PX4 NB . -18.26 18.66 18.28
N1 PX4 NB . -17.21 18.21 17.38
C3 PX4 NB . -16.40 19.36 16.91
C4 PX4 NB . -16.33 17.31 18.12
C5 PX4 NB . -17.65 17.52 16.15
O4 PX4 NB . -22.63 16.83 20.04
C6 PX4 NB . -22.26 17.28 21.35
C7 PX4 NB . -23.18 18.41 21.81
C8 PX4 NB . -24.60 18.06 21.36
O5 PX4 NB . -25.47 19.21 21.41
C9 PX4 NB . -26.69 19.10 20.83
O6 PX4 NB . -27.15 18.03 20.48
C10 PX4 NB . -27.58 20.33 21.09
C11 PX4 NB . -28.91 19.81 21.65
C12 PX4 NB . -29.98 20.88 21.85
C13 PX4 NB . -31.27 20.36 22.50
C14 PX4 NB . -32.09 21.55 23.00
C15 PX4 NB . -33.43 21.08 23.58
C16 PX4 NB . -34.04 22.38 24.11
C17 PX4 NB . -35.34 22.20 24.88
C18 PX4 NB . -35.88 23.52 25.44
C19 PX4 NB . -36.98 23.27 26.47
C20 PX4 NB . -37.58 24.58 26.99
C21 PX4 NB . -38.75 24.21 27.91
C22 PX4 NB . -38.98 25.44 28.79
O7 PX4 NB . -23.01 18.63 23.21
C23 PX4 NB . -21.94 19.33 23.67
O8 PX4 NB . -21.09 19.70 22.85
C24 PX4 NB . -21.91 19.66 25.16
C25 PX4 NB . -23.10 20.56 25.51
C26 PX4 NB . -23.06 20.96 26.98
C27 PX4 NB . -23.36 19.72 27.82
C28 PX4 NB . -22.69 19.99 29.16
C29 PX4 NB . -22.81 18.83 30.16
C30 PX4 NB . -21.80 19.10 31.29
C31 PX4 NB . -22.22 18.26 32.50
C32 PX4 NB . -22.15 16.80 32.02
C33 PX4 NB . -22.36 15.95 33.29
C34 PX4 NB . -23.02 14.57 33.27
C35 PX4 NB . -23.32 14.04 34.68
C36 PX4 NB . -22.09 14.02 35.58
O1 PX4 OB . -18.73 26.39 20.88
O2 PX4 OB . -18.95 26.18 18.31
P1 PX4 OB . -18.62 25.60 19.63
O3 PX4 OB . -19.74 24.44 19.76
C1 PX4 OB . -20.96 24.86 20.39
C2 PX4 OB . -21.82 23.63 20.68
N1 PX4 OB . -22.30 23.36 22.05
C3 PX4 OB . -21.16 22.78 22.77
C4 PX4 OB . -22.79 24.62 22.61
C5 PX4 OB . -23.40 22.39 21.88
O4 PX4 OB . -17.40 24.57 19.71
C6 PX4 OB . -17.14 24.13 21.05
C7 PX4 OB . -16.41 22.79 21.02
C8 PX4 OB . -14.99 23.19 21.41
O5 PX4 OB . -14.89 24.02 22.57
C9 PX4 OB . -13.65 24.49 22.87
O6 PX4 OB . -12.68 24.08 22.23
C10 PX4 OB . -13.57 25.51 24.00
C11 PX4 OB . -13.29 24.85 25.35
C12 PX4 OB . -13.65 25.62 26.62
C13 PX4 OB . -13.19 24.84 27.86
C14 PX4 OB . -13.51 25.61 29.14
C15 PX4 OB . -13.13 24.77 30.36
C16 PX4 OB . -13.50 25.40 31.70
C17 PX4 OB . -12.82 24.75 32.90
C18 PX4 OB . -13.43 25.17 34.25
C19 PX4 OB . -12.29 25.49 35.21
C20 PX4 OB . -12.81 25.78 36.63
C21 PX4 OB . -13.54 24.57 37.21
C22 PX4 OB . -12.56 23.41 37.29
O7 PX4 OB . -16.95 21.83 21.93
C23 PX4 OB . -16.94 20.52 21.55
O8 PX4 OB . -16.14 20.11 20.72
C24 PX4 OB . -17.99 19.62 22.21
C25 PX4 OB . -17.48 18.24 22.65
C26 PX4 OB . -18.63 17.46 23.30
C27 PX4 OB . -17.97 16.16 23.75
C28 PX4 OB . -17.73 16.52 25.21
C29 PX4 OB . -19.00 16.92 26.00
C30 PX4 OB . -18.33 17.48 27.26
C31 PX4 OB . -19.29 17.39 28.43
C32 PX4 OB . -18.69 17.92 29.75
C33 PX4 OB . -17.28 17.33 29.91
C34 PX4 OB . -16.81 17.55 31.35
C35 PX4 OB . -15.48 16.82 31.45
C36 PX4 OB . -14.75 16.80 32.80
O1 PX4 PB . 4.04 21.60 51.16
O2 PX4 PB . 1.64 21.18 50.45
P1 PX4 PB . 3.08 21.13 50.13
O3 PX4 PB . 3.48 19.57 49.94
C1 PX4 PB . 4.89 19.53 49.79
C2 PX4 PB . 5.47 19.01 48.48
N1 PX4 PB . 5.01 17.72 47.93
C3 PX4 PB . 5.96 17.32 46.90
C4 PX4 PB . 5.05 16.64 48.92
C5 PX4 PB . 3.63 17.80 47.40
O4 PX4 PB . 3.47 21.81 48.73
C6 PX4 PB . 2.54 22.71 48.12
C7 PX4 PB . 2.72 22.82 46.61
C8 PX4 PB . 3.71 21.71 46.21
O5 PX4 PB . 4.56 21.94 45.07
C9 PX4 PB . 5.15 20.76 44.76
O6 PX4 PB . 4.56 19.74 45.10
C10 PX4 PB . 6.21 20.60 43.66
C11 PX4 PB . 5.66 19.96 42.38
C12 PX4 PB . 6.74 20.04 41.31
C13 PX4 PB . 6.85 21.49 40.83
C14 PX4 PB . 7.92 21.79 39.77
C15 PX4 PB . 7.81 23.28 39.46
C16 PX4 PB . 8.94 23.72 38.52
C17 PX4 PB . 9.18 25.22 38.56
C18 PX4 PB . 10.28 25.70 37.63
C19 PX4 PB . 10.21 27.22 37.56
C20 PX4 PB . 11.24 27.89 36.66
C21 PX4 PB . 10.92 29.29 36.10
C22 PX4 PB . 12.25 29.75 35.47
O7 PX4 PB . 1.45 22.67 45.99
C23 PX4 PB . 0.97 23.81 45.41
O8 PX4 PB . 1.16 24.90 45.96
C24 PX4 PB . -0.20 23.52 44.46
C25 PX4 PB . 0.09 23.34 42.97
C26 PX4 PB . -1.23 23.33 42.19
C27 PX4 PB . -0.97 23.61 40.72
C28 PX4 PB . -2.31 23.71 40.00
C29 PX4 PB . -2.18 23.82 38.48
C30 PX4 PB . -3.49 24.22 37.84
C31 PX4 PB . -3.64 23.50 36.49
C32 PX4 PB . -4.93 23.84 35.74
C33 PX4 PB . -5.20 23.09 34.43
C34 PX4 PB . -6.60 23.64 34.10
C35 PX4 PB . -7.11 23.02 32.79
C36 PX4 PB . -8.50 23.65 32.58
O1 PX4 QB . 21.65 18.68 49.21
O2 PX4 QB . 19.31 19.57 49.22
P1 PX4 QB . 20.45 19.06 48.43
O3 PX4 QB . 19.86 17.72 47.74
C1 PX4 QB . 20.60 16.51 47.90
C2 PX4 QB . 20.33 15.41 46.85
N1 PX4 QB . 20.43 15.69 45.42
C3 PX4 QB . 21.46 16.66 45.02
C4 PX4 QB . 20.76 14.46 44.68
C5 PX4 QB . 19.15 16.25 44.93
O4 PX4 QB . 20.49 20.00 47.12
C6 PX4 QB . 19.19 20.52 46.84
C7 PX4 QB . 19.02 20.90 45.36
C8 PX4 QB . 20.37 21.36 44.82
O5 PX4 QB . 20.26 21.71 43.45
C9 PX4 QB . 20.87 20.75 42.70
O6 PX4 QB . 21.35 19.70 43.11
C10 PX4 QB . 20.81 20.90 41.17
C11 PX4 QB . 22.27 20.89 40.71
C12 PX4 QB . 22.40 21.32 39.25
C13 PX4 QB . 23.50 20.53 38.52
C14 PX4 QB . 23.47 20.88 37.04
C15 PX4 QB . 24.40 20.08 36.11
C16 PX4 QB . 23.99 18.62 35.97
C17 PX4 QB . 24.07 18.13 34.53
C18 PX4 QB . 23.73 16.66 34.31
C19 PX4 QB . 23.91 16.34 32.83
C20 PX4 QB . 23.87 14.82 32.66
C21 PX4 QB . 23.65 14.49 31.19
C22 PX4 QB . 23.81 13.02 30.78
O7 PX4 QB . 18.38 19.89 44.60
C23 PX4 QB . 17.04 19.76 44.70
O8 PX4 QB . 16.34 20.30 45.56
C24 PX4 QB . 16.46 18.58 43.93
C25 PX4 QB . 15.80 19.01 42.62
C26 PX4 QB . 14.79 17.97 42.12
C27 PX4 QB . 14.00 18.45 40.92
C28 PX4 QB . 12.93 17.42 40.59
C29 PX4 QB . 11.91 17.12 41.71
C30 PX4 QB . 11.04 15.94 41.35
C31 PX4 QB . 10.23 16.32 40.09
C32 PX4 QB . 9.40 15.20 39.47
C33 PX4 QB . 8.17 15.68 38.74
C34 PX4 QB . 7.34 16.64 39.60
C35 PX4 QB . 6.46 17.51 38.69
C36 PX4 QB . 5.83 16.69 37.57
O1 PX4 RB . 16.25 12.51 47.93
O2 PX4 RB . 18.81 12.51 47.81
P1 PX4 RB . 17.51 13.10 47.45
O3 PX4 RB . 17.59 14.61 48.02
C1 PX4 RB . 17.12 14.70 49.35
C2 PX4 RB . 17.00 16.15 49.83
N1 PX4 RB . 16.07 17.17 49.29
C3 PX4 RB . 15.97 18.32 50.20
C4 PX4 RB . 16.56 17.76 48.05
C5 PX4 RB . 14.71 16.61 49.13
O4 PX4 RB . 17.29 13.35 45.87
C6 PX4 RB . 15.95 13.07 45.48
C7 PX4 RB . 15.58 13.51 44.06
C8 PX4 RB . 16.86 13.45 43.22
O5 PX4 RB . 17.00 14.60 42.39
C9 PX4 RB . 17.94 14.44 41.41
O6 PX4 RB . 18.98 13.83 41.71
C10 PX4 RB . 17.91 15.30 40.15
C11 PX4 RB . 18.54 16.69 40.31
C12 PX4 RB . 18.55 17.43 38.98
C13 PX4 RB . 17.85 18.75 39.34
C14 PX4 RB . 17.36 19.64 38.21
C15 PX4 RB . 16.35 18.86 37.34
C16 PX4 RB . 15.52 19.78 36.44
C17 PX4 RB . 14.47 19.15 35.54
C18 PX4 RB . 13.98 20.21 34.56
C19 PX4 RB . 12.71 19.71 33.87
C20 PX4 RB . 12.16 20.73 32.88
C21 PX4 RB . 10.88 20.23 32.21
C22 PX4 RB . 10.37 21.15 31.08
O7 PX4 RB . 14.53 12.73 43.49
C23 PX4 RB . 13.27 13.26 43.53
O8 PX4 RB . 13.15 14.36 44.05
C24 PX4 RB . 12.12 12.28 43.26
C25 PX4 RB . 11.90 12.17 41.76
C26 PX4 RB . 10.80 11.09 41.58
C27 PX4 RB . 10.55 10.80 40.10
C28 PX4 RB . 11.65 9.91 39.52
C29 PX4 RB . 11.51 9.69 38.01
C30 PX4 RB . 12.80 9.14 37.37
C31 PX4 RB . 12.64 8.95 35.86
C32 PX4 RB . 12.25 10.35 35.38
C33 PX4 RB . 12.02 10.55 33.87
C34 PX4 RB . 10.59 10.02 33.68
C35 PX4 RB . 10.31 9.73 32.19
C36 PX4 RB . 8.82 9.39 32.06
O1 PX4 SB . -22.58 24.99 56.79
O2 PX4 SB . -24.95 25.10 55.59
P1 PX4 SB . -23.61 24.52 55.82
O3 PX4 SB . -23.85 22.98 56.22
C1 PX4 SB . -24.53 23.12 57.47
C2 PX4 SB . -25.23 21.86 57.97
N1 PX4 SB . -26.40 21.28 57.29
C3 PX4 SB . -27.33 22.36 56.93
C4 PX4 SB . -26.16 20.51 56.06
C5 PX4 SB . -27.13 20.42 58.24
O4 PX4 SB . -23.00 24.19 54.38
C6 PX4 SB . -23.84 23.17 53.83
C7 PX4 SB . -23.47 22.67 52.43
C8 PX4 SB . -22.16 23.41 52.14
O5 PX4 SB . -21.93 23.86 50.81
C9 PX4 SB . -22.62 24.97 50.42
O6 PX4 SB . -23.23 25.60 51.26
C10 PX4 SB . -22.61 25.30 48.92
C11 PX4 SB . -23.98 24.99 48.31
C12 PX4 SB . -23.97 23.50 47.98
C13 PX4 SB . -22.79 23.22 47.04
C14 PX4 SB . -22.57 21.73 46.77
C15 PX4 SB . -21.39 21.58 45.81
C16 PX4 SB . -21.45 20.19 45.18
C17 PX4 SB . -20.43 20.14 44.05
C18 PX4 SB . -20.30 18.80 43.29
C19 PX4 SB . -19.28 18.74 42.14
C20 PX4 SB . -19.33 17.29 41.63
C21 PX4 SB . -18.31 16.96 40.53
C22 PX4 SB . -18.51 15.49 40.15
O7 PX4 SB . -23.23 21.28 52.25
C23 PX4 SB . -24.21 20.33 52.11
O8 PX4 SB . -25.41 20.62 52.20
C24 PX4 SB . -23.80 19.00 51.50
C25 PX4 SB . -23.56 19.28 50.02
C26 PX4 SB . -23.12 17.96 49.38
C27 PX4 SB . -23.17 18.03 47.85
C28 PX4 SB . -22.70 16.76 47.14
C29 PX4 SB . -22.95 16.83 45.63
C30 PX4 SB . -22.73 15.43 45.06
C31 PX4 SB . -22.88 15.58 43.54
C32 PX4 SB . -22.43 14.33 42.77
C33 PX4 SB . -22.40 14.50 41.24
C34 PX4 SB . -22.30 13.25 40.37
C35 PX4 SB . -23.57 12.47 40.02
C36 PX4 SB . -23.28 11.20 39.24
O1 PX4 TB . 39.35 9.98 47.95
O2 PX4 TB . 41.31 11.50 48.72
P1 PX4 TB . 40.13 11.24 47.87
O3 PX4 TB . 39.14 12.49 47.95
C1 PX4 TB . 40.06 13.57 47.89
C2 PX4 TB . 39.20 14.83 47.72
N1 PX4 TB . 39.83 16.16 47.75
C3 PX4 TB . 40.38 16.53 49.07
C4 PX4 TB . 40.93 16.09 46.78
C5 PX4 TB . 38.86 17.14 47.26
O4 PX4 TB . 40.32 11.48 46.28
C6 PX4 TB . 39.37 10.79 45.48
C7 PX4 TB . 39.65 10.81 43.98
C8 PX4 TB . 40.33 12.15 43.71
O5 PX4 TB . 40.00 12.56 42.37
C9 PX4 TB . 40.16 13.88 42.07
O6 PX4 TB . 40.30 14.71 42.98
C10 PX4 TB . 39.94 14.10 40.56
C11 PX4 TB . 38.78 15.01 40.22
C12 PX4 TB . 38.68 15.33 38.72
C13 PX4 TB . 40.01 15.91 38.23
C14 PX4 TB . 39.94 16.51 36.83
C15 PX4 TB . 41.28 17.22 36.62
C16 PX4 TB . 41.21 17.94 35.28
C17 PX4 TB . 41.18 16.97 34.09
C18 PX4 TB . 41.37 17.77 32.80
C19 PX4 TB . 40.39 18.96 32.72
C20 PX4 TB . 40.43 19.51 31.28
C21 PX4 TB . 39.51 20.72 31.15
C22 PX4 TB . 39.75 21.43 29.82
O7 PX4 TB . 40.28 9.62 43.54
C23 PX4 TB . 39.59 8.46 43.41
O8 PX4 TB . 38.54 8.21 43.99
C24 PX4 TB . 40.50 7.46 42.69
C25 PX4 TB . 40.06 7.54 41.22
C26 PX4 TB . 40.37 6.20 40.54
C27 PX4 TB . 40.31 6.18 39.01
C28 PX4 TB . 40.56 4.72 38.65
C29 PX4 TB . 40.31 4.26 37.21
C30 PX4 TB . 40.56 2.78 37.00
C31 PX4 TB . 40.02 2.30 35.65
C32 PX4 TB . 40.24 0.81 35.39
C33 PX4 TB . 39.70 0.02 36.59
C34 PX4 TB . 40.19 -1.43 36.46
C35 PX4 TB . 39.74 -2.33 37.59
C36 PX4 TB . 40.43 -3.69 37.41
O1 PX4 UB . -41.27 -1.90 59.74
O2 PX4 UB . -39.08 -3.36 59.82
P1 PX4 UB . -39.86 -2.18 59.36
O3 PX4 UB . -38.86 -0.93 59.57
C1 PX4 UB . -39.72 0.21 59.72
C2 PX4 UB . -39.06 1.59 59.86
N1 PX4 UB . -37.88 1.84 59.03
C3 PX4 UB . -37.61 3.29 59.12
C4 PX4 UB . -36.58 1.23 59.35
C5 PX4 UB . -38.11 1.73 57.57
O4 PX4 UB . -39.69 -1.96 57.79
C6 PX4 UB . -38.43 -2.57 57.46
C7 PX4 UB . -38.44 -3.56 56.30
C8 PX4 UB . -39.78 -3.39 55.59
O5 PX4 UB . -40.03 -4.27 54.50
C9 PX4 UB . -41.00 -3.85 53.65
O6 PX4 UB . -41.90 -3.06 53.93
C10 PX4 UB . -41.32 -4.86 52.54
C11 PX4 UB . -41.12 -4.24 51.15
C12 PX4 UB . -41.21 -5.25 49.99
C13 PX4 UB . -40.91 -4.61 48.64
C14 PX4 UB . -41.41 -5.54 47.53
C15 PX4 UB . -41.04 -5.03 46.14
C16 PX4 UB . -41.50 -5.96 45.02
C17 PX4 UB . -41.20 -7.43 45.33
C18 PX4 UB . -41.51 -8.30 44.11
C19 PX4 UB . -40.65 -7.99 42.88
C20 PX4 UB . -40.97 -9.01 41.79
C21 PX4 UB . -40.45 -10.34 42.37
C22 PX4 UB . -40.82 -11.62 41.59
O7 PX4 UB . -37.29 -3.60 55.46
C23 PX4 UB . -37.06 -4.74 54.75
O8 PX4 UB . -37.10 -5.85 55.27
C24 PX4 UB . -36.32 -4.52 53.44
C25 PX4 UB . -36.66 -3.16 52.81
C26 PX4 UB . -36.37 -3.14 51.31
C27 PX4 UB . -36.99 -1.93 50.61
C28 PX4 UB . -36.94 -2.21 49.10
C29 PX4 UB . -37.22 -0.91 48.35
C30 PX4 UB . -36.12 0.13 48.59
C31 PX4 UB . -36.57 1.39 47.82
C32 PX4 UB . -36.74 1.13 46.32
C33 PX4 UB . -37.25 2.33 45.52
C34 PX4 UB . -37.81 1.87 44.18
C35 PX4 UB . -36.79 1.45 43.13
C36 PX4 UB . -36.88 2.42 41.94
O1 PX4 VB . -29.47 -6.67 59.57
O2 PX4 VB . -31.85 -5.72 59.26
P1 PX4 VB . -30.68 -6.48 58.74
O3 PX4 VB . -31.39 -7.92 58.60
C1 PX4 VB . -31.78 -8.63 59.79
C2 PX4 VB . -33.01 -9.48 59.47
N1 PX4 VB . -34.28 -8.89 59.04
C3 PX4 VB . -35.32 -9.79 59.59
C4 PX4 VB . -34.50 -7.61 59.71
C5 PX4 VB . -34.27 -8.74 57.59
O4 PX4 VB . -30.21 -6.35 57.20
C6 PX4 VB . -30.97 -7.12 56.26
C7 PX4 VB . -30.57 -6.80 54.82
C8 PX4 VB . -29.16 -6.20 54.87
O5 PX4 VB . -29.01 -5.09 53.96
C9 PX4 VB . -27.78 -4.52 53.88
O6 PX4 VB . -26.89 -4.84 54.67
C10 PX4 VB . -27.53 -3.62 52.67
C11 PX4 VB . -27.91 -4.34 51.37
C12 PX4 VB . -27.24 -3.43 50.33
C13 PX4 VB . -27.58 -3.96 48.94
C14 PX4 VB . -27.08 -2.97 47.88
C15 PX4 VB . -27.67 -3.36 46.53
C16 PX4 VB . -27.01 -2.62 45.38
C17 PX4 VB . -27.38 -3.20 44.01
C18 PX4 VB . -26.90 -2.18 43.00
C19 PX4 VB . -27.15 -2.62 41.56
C20 PX4 VB . -26.35 -1.79 40.56
C21 PX4 VB . -26.92 -1.91 39.14
C22 PX4 VB . -26.04 -1.23 38.09
O7 PX4 VB . -30.64 -7.98 54.03
C23 PX4 VB . -31.86 -8.46 53.64
O8 PX4 VB . -32.85 -8.02 54.21
C24 PX4 VB . -31.73 -9.58 52.61
C25 PX4 VB . -32.22 -9.14 51.22
C26 PX4 VB . -32.91 -10.31 50.49
C27 PX4 VB . -33.20 -9.91 49.05
C28 PX4 VB . -34.24 -10.84 48.38
C29 PX4 VB . -33.73 -12.28 48.34
C30 PX4 VB . -34.54 -13.09 47.32
C31 PX4 VB . -34.10 -14.55 47.47
C32 PX4 VB . -32.69 -14.63 46.91
C33 PX4 VB . -32.15 -16.05 47.01
C34 PX4 VB . -30.74 -16.09 46.41
C35 PX4 VB . -30.31 -17.56 46.30
C36 PX4 VB . -31.42 -18.34 45.59
O1 PX4 WB . -6.34 39.52 48.23
O2 PX4 WB . -6.53 40.15 45.71
P1 PX4 WB . -5.79 39.57 46.86
O3 PX4 WB . -5.53 38.01 46.59
C1 PX4 WB . -6.82 37.44 46.73
C2 PX4 WB . -6.86 35.93 46.47
N1 PX4 WB . -6.12 35.02 47.36
C3 PX4 WB . -6.02 33.71 46.70
C4 PX4 WB . -4.85 35.41 47.95
C5 PX4 WB . -6.99 34.58 48.46
O4 PX4 WB . -4.24 40.01 46.89
C6 PX4 WB . -3.96 40.29 45.51
C7 PX4 WB . -2.50 39.98 45.12
C8 PX4 WB . -2.44 38.50 44.74
O5 PX4 WB . -3.54 38.08 43.91
C9 PX4 WB . -3.46 36.72 43.82
O6 PX4 WB . -2.74 36.06 44.57
C10 PX4 WB . -4.43 36.13 42.80
C11 PX4 WB . -4.03 34.73 42.31
C12 PX4 WB . -5.23 33.80 42.15
C13 PX4 WB . -4.88 32.38 42.58
C14 PX4 WB . -6.13 31.49 42.59
C15 PX4 WB . -6.87 31.32 41.26
C16 PX4 WB . -7.90 30.21 41.49
C17 PX4 WB . -8.43 29.74 40.13
C18 PX4 WB . -9.51 28.68 40.18
C19 PX4 WB . -10.80 28.91 40.98
C20 PX4 WB . -11.74 27.71 40.82
C21 PX4 WB . -11.24 26.52 41.64
C22 PX4 WB . -12.11 25.28 41.42
O7 PX4 WB . -1.88 40.94 44.28
C23 PX4 WB . -1.66 42.19 44.76
O8 PX4 WB . -1.83 42.44 45.96
C24 PX4 WB . -1.19 43.22 43.73
C25 PX4 WB . -1.84 42.97 42.37
C26 PX4 WB . -1.06 43.73 41.30
C27 PX4 WB . -1.37 45.23 41.39
C28 PX4 WB . -0.84 46.13 40.28
C29 PX4 WB . -1.36 45.62 38.94
C30 PX4 WB . -0.83 46.43 37.76
C31 PX4 WB . -1.40 47.85 37.84
C32 PX4 WB . -1.04 48.73 36.64
C33 PX4 WB . -1.49 48.27 35.25
C34 PX4 WB . -1.44 49.53 34.37
C35 PX4 WB . -2.32 49.30 33.14
C36 PX4 WB . -1.50 48.48 32.14
O1 PX4 XB . 9.84 39.24 50.24
O2 PX4 XB . 7.70 38.91 51.65
P1 PX4 XB . 8.96 38.38 51.06
O3 PX4 XB . 9.85 37.96 52.33
C1 PX4 XB . 11.08 37.37 51.89
C2 PX4 XB . 11.70 36.43 52.92
N1 PX4 XB . 11.98 36.84 54.32
C3 PX4 XB . 13.13 36.15 54.90
C4 PX4 XB . 12.20 38.29 54.43
C5 PX4 XB . 10.81 36.55 55.16
O4 PX4 XB . 8.71 36.96 50.35
C6 PX4 XB . 8.70 37.15 48.95
C7 PX4 XB . 8.53 35.78 48.31
C8 PX4 XB . 7.12 35.70 47.71
O5 PX4 XB . 6.65 36.91 47.12
C9 PX4 XB . 5.59 36.71 46.30
O6 PX4 XB . 4.97 35.65 46.34
C10 PX4 XB . 4.98 37.88 45.53
C11 PX4 XB . 5.28 37.65 44.03
C12 PX4 XB . 4.61 38.64 43.07
C13 PX4 XB . 4.65 38.22 41.59
C14 PX4 XB . 4.18 39.33 40.65
C15 PX4 XB . 4.51 38.88 39.23
C16 PX4 XB . 4.40 39.86 38.06
C17 PX4 XB . 3.00 39.90 37.42
C18 PX4 XB . 2.49 38.55 36.93
C19 PX4 XB . 3.18 38.23 35.60
C20 PX4 XB . 2.96 36.77 35.19
C21 PX4 XB . 3.56 36.37 33.84
C22 PX4 XB . 2.99 35.02 33.43
O7 PX4 XB . 9.63 35.49 47.44
C23 PX4 XB . 10.74 34.89 47.93
O8 PX4 XB . 10.78 34.46 49.08
C24 PX4 XB . 11.89 34.77 46.92
C25 PX4 XB . 11.61 33.71 45.85
C26 PX4 XB . 12.91 33.57 45.06
C27 PX4 XB . 12.56 32.85 43.76
C28 PX4 XB . 13.75 32.81 42.79
C29 PX4 XB . 13.22 31.93 41.65
C30 PX4 XB . 11.89 32.48 41.14
C31 PX4 XB . 11.43 31.83 39.84
C32 PX4 XB . 10.07 32.43 39.49
C33 PX4 XB . 9.85 32.16 38.00
C34 PX4 XB . 8.47 32.64 37.52
C35 PX4 XB . 7.95 32.06 36.20
C36 PX4 XB . 6.63 32.76 35.87
O1 PX4 YB . 30.44 15.64 50.65
O2 PX4 YB . 32.50 14.00 50.41
P1 PX4 YB . 31.74 15.23 50.07
O3 PX4 YB . 32.72 16.46 50.43
C1 PX4 YB . 32.83 16.50 51.85
C2 PX4 YB . 34.27 16.91 52.17
N1 PX4 YB . 34.83 18.23 51.85
C3 PX4 YB . 34.15 19.31 52.57
C4 PX4 YB . 36.27 18.15 52.13
C5 PX4 YB . 34.78 18.54 50.42
O4 PX4 YB . 31.64 15.51 48.49
C6 PX4 YB . 33.00 15.52 47.98
C7 PX4 YB . 33.24 16.13 46.61
C8 PX4 YB . 32.18 15.62 45.64
O5 PX4 YB . 32.84 14.79 44.68
C9 PX4 YB . 31.88 14.70 43.73
O6 PX4 YB . 30.93 15.47 43.62
C10 PX4 YB . 32.09 13.79 42.51
C11 PX4 YB . 32.97 14.60 41.54
C12 PX4 YB . 33.30 13.75 40.31
C13 PX4 YB . 34.13 14.31 39.15
C14 PX4 YB . 34.53 13.28 38.10
C15 PX4 YB . 35.28 14.03 36.98
C16 PX4 YB . 35.62 13.08 35.83
C17 PX4 YB . 36.60 13.90 34.98
C18 PX4 YB . 37.13 13.17 33.75
C19 PX4 YB . 38.50 13.75 33.37
C20 PX4 YB . 39.45 12.60 33.06
C21 PX4 YB . 40.87 12.99 32.64
C22 PX4 YB . 41.67 13.55 33.83
O7 PX4 YB . 33.39 17.55 46.63
C23 PX4 YB . 34.69 17.98 46.69
O8 PX4 YB . 35.61 17.32 47.16
C24 PX4 YB . 34.79 19.44 46.27
C25 PX4 YB . 36.15 19.57 45.59
C26 PX4 YB . 36.42 20.85 44.78
C27 PX4 YB . 37.92 20.94 44.43
C28 PX4 YB . 38.15 22.37 43.95
C29 PX4 YB . 39.62 22.75 43.85
C30 PX4 YB . 39.88 24.01 43.00
C31 PX4 YB . 41.36 24.39 42.94
C32 PX4 YB . 41.40 25.23 41.67
C33 PX4 YB . 42.86 25.39 41.24
C34 PX4 YB . 43.01 26.43 40.13
C35 PX4 YB . 42.28 26.04 38.83
C36 PX4 YB . 42.63 26.82 37.56
O1 PX4 ZB . 36.32 13.50 48.04
O2 PX4 ZB . 34.20 13.12 46.71
P1 PX4 ZB . 35.68 12.99 46.81
O3 PX4 ZB . 36.13 11.47 46.63
C1 PX4 ZB . 35.64 10.76 47.77
C2 PX4 ZB . 35.68 9.23 47.72
N1 PX4 ZB . 34.87 8.66 46.63
C3 PX4 ZB . 34.47 7.26 46.86
C4 PX4 ZB . 33.60 9.25 46.20
C5 PX4 ZB . 35.80 8.64 45.49
O4 PX4 ZB . 36.40 13.48 45.45
C6 PX4 ZB . 35.61 12.85 44.45
C7 PX4 ZB . 36.04 13.39 43.09
C8 PX4 ZB . 36.48 14.83 43.33
O5 PX4 ZB . 35.58 15.89 43.00
C9 PX4 ZB . 36.15 17.10 42.74
O6 PX4 ZB . 37.37 17.22 42.78
C10 PX4 ZB . 35.13 18.22 42.49
C11 PX4 ZB . 35.47 19.10 41.29
C12 PX4 ZB . 35.21 18.19 40.09
C13 PX4 ZB . 35.49 18.89 38.77
C14 PX4 ZB . 35.24 17.84 37.67
C15 PX4 ZB . 35.72 18.48 36.36
C16 PX4 ZB . 35.54 17.40 35.31
C17 PX4 ZB . 36.08 17.86 33.95
C18 PX4 ZB . 35.52 19.22 33.47
C19 PX4 ZB . 36.12 19.50 32.10
C20 PX4 ZB . 36.03 18.35 31.10
C21 PX4 ZB . 36.48 18.64 29.67
C22 PX4 ZB . 35.45 19.59 29.05
O7 PX4 ZB . 36.97 12.53 42.42
C23 PX4 ZB . 36.65 11.30 41.93
O8 PX4 ZB . 35.54 10.87 42.25
C24 PX4 ZB . 37.73 10.54 41.16
C25 PX4 ZB . 37.79 11.05 39.71
C26 PX4 ZB . 38.64 10.08 38.89
C27 PX4 ZB . 38.98 10.60 37.50
C28 PX4 ZB . 40.20 9.88 36.94
C29 PX4 ZB . 40.85 10.62 35.78
C30 PX4 ZB . 41.72 9.58 35.06
C31 PX4 ZB . 40.76 8.74 34.22
C32 PX4 ZB . 41.40 7.57 33.47
C33 PX4 ZB . 40.60 7.07 32.25
C34 PX4 ZB . 41.38 5.96 31.54
C35 PX4 ZB . 41.69 4.95 32.64
C36 PX4 ZB . 42.49 3.76 32.11
O1 PX4 AC . 31.78 5.57 47.55
O2 PX4 AC . 29.95 4.43 46.09
P1 PX4 AC . 31.34 4.90 46.30
O3 PX4 AC . 32.32 3.67 45.95
C1 PX4 AC . 32.27 3.37 44.56
C2 PX4 AC . 33.23 2.33 43.97
N1 PX4 AC . 33.12 0.93 44.41
C3 PX4 AC . 34.14 0.12 43.71
C4 PX4 AC . 33.46 0.76 45.84
C5 PX4 AC . 31.83 0.31 44.07
O4 PX4 AC . 31.67 5.95 45.13
C6 PX4 AC . 30.76 7.05 45.01
C7 PX4 AC . 30.71 7.51 43.54
C8 PX4 AC . 31.79 6.68 42.85
O5 PX4 AC . 33.05 7.37 42.82
C9 PX4 AC . 34.06 6.60 42.34
O6 PX4 AC . 33.83 5.42 42.10
C10 PX4 AC . 35.45 7.22 42.11
C11 PX4 AC . 35.92 7.49 40.68
C12 PX4 AC . 36.11 6.15 39.95
C13 PX4 AC . 36.51 6.40 38.49
C14 PX4 AC . 35.61 7.43 37.80
C15 PX4 AC . 35.95 7.40 36.31
C16 PX4 AC . 35.10 8.53 35.74
C17 PX4 AC . 35.19 8.39 34.21
C18 PX4 AC . 34.53 9.60 33.57
C19 PX4 AC . 34.82 9.57 32.07
C20 PX4 AC . 36.34 9.58 32.04
C21 PX4 AC . 36.80 9.40 30.60
C22 PX4 AC . 38.33 9.40 30.53
O7 PX4 AC . 29.41 7.54 42.94
C23 PX4 AC . 28.75 8.72 42.84
O8 PX4 AC . 29.09 9.72 43.49
C24 PX4 AC . 27.62 8.78 41.82
C25 PX4 AC . 27.72 7.98 40.51
C26 PX4 AC . 26.33 7.91 39.87
C27 PX4 AC . 26.58 7.47 38.41
C28 PX4 AC . 27.09 6.03 38.32
C29 PX4 AC . 27.02 5.60 36.86
C30 PX4 AC . 27.91 6.55 36.06
C31 PX4 AC . 28.29 5.97 34.69
C32 PX4 AC . 29.35 6.76 33.91
C33 PX4 AC . 29.58 6.32 32.46
C34 PX4 AC . 30.47 7.27 31.65
C35 PX4 AC . 30.71 6.51 30.36
C36 PX4 AC . 29.41 6.14 29.64
O1 PX4 BC . 10.60 -27.78 58.60
O2 PX4 BC . 10.06 -27.63 56.08
P1 PX4 BC . 10.40 -28.43 57.28
O3 PX4 BC . 9.00 -29.20 57.51
C1 PX4 BC . 7.96 -28.22 57.56
C2 PX4 BC . 6.74 -28.59 58.38
N1 PX4 BC . 5.98 -27.47 58.95
C3 PX4 BC . 5.13 -27.97 60.04
C4 PX4 BC . 6.77 -26.34 59.46
C5 PX4 BC . 5.04 -26.98 57.93
O4 PX4 BC . 11.19 -29.80 57.04
C6 PX4 BC . 10.76 -30.17 55.72
C7 PX4 BC . 10.31 -31.63 55.53
C8 PX4 BC . 8.87 -31.40 55.06
O5 PX4 BC . 8.78 -30.59 53.88
C9 PX4 BC . 7.60 -30.72 53.24
O6 PX4 BC . 6.71 -31.41 53.72
C10 PX4 BC . 7.43 -30.05 51.88
C11 PX4 BC . 8.49 -30.36 50.84
C12 PX4 BC . 8.17 -30.10 49.37
C13 PX4 BC . 6.90 -30.83 48.95
C14 PX4 BC . 6.18 -30.43 47.66
C15 PX4 BC . 5.02 -31.40 47.36
C16 PX4 BC . 4.47 -30.87 46.03
C17 PX4 BC . 4.06 -29.41 46.24
C18 PX4 BC . 3.77 -28.66 44.94
C19 PX4 BC . 5.07 -28.34 44.21
C20 PX4 BC . 4.85 -27.79 42.81
C21 PX4 BC . 3.92 -28.71 42.00
C22 PX4 BC . 3.75 -28.07 40.62
O7 PX4 BC . 11.23 -32.46 54.84
C23 PX4 BC . 11.01 -33.81 54.85
O8 PX4 BC . 10.14 -34.30 55.55
C24 PX4 BC . 11.99 -34.61 53.99
C25 PX4 BC . 11.46 -35.02 52.62
C26 PX4 BC . 11.39 -33.85 51.64
C27 PX4 BC . 10.63 -34.32 50.39
C28 PX4 BC . 10.57 -33.29 49.25
C29 PX4 BC . 9.92 -34.10 48.12
C30 PX4 BC . 9.48 -33.36 46.87
C31 PX4 BC . 8.93 -34.41 45.89
C32 PX4 BC . 9.93 -35.56 45.71
C33 PX4 BC . 9.46 -36.41 44.51
C34 PX4 BC . 10.74 -36.91 43.82
C35 PX4 BC . 10.32 -37.96 42.79
C36 PX4 BC . 11.54 -38.19 41.89
O1 PX4 CC . -27.51 4.11 59.90
O2 PX4 CC . -25.29 3.00 59.14
P1 PX4 CC . -26.42 3.94 58.92
O3 PX4 CC . -25.57 5.31 58.98
C1 PX4 CC . -25.19 5.37 60.35
C2 PX4 CC . -24.21 6.48 60.69
N1 PX4 CC . -24.48 7.89 60.40
C3 PX4 CC . -24.14 8.05 58.98
C4 PX4 CC . -25.86 8.23 60.79
C5 PX4 CC . -23.61 8.82 61.15
O4 PX4 CC . -26.72 3.86 57.34
C6 PX4 CC . -25.66 4.17 56.44
C7 PX4 CC . -26.03 4.41 54.98
C8 PX4 CC . -27.47 3.88 54.87
O5 PX4 CC . -27.68 2.97 53.78
C9 PX4 CC . -28.95 2.60 53.52
O6 PX4 CC . -29.83 2.84 54.36
C10 PX4 CC . -29.15 1.67 52.32
C11 PX4 CC . -28.12 2.01 51.25
C12 PX4 CC . -28.70 1.55 49.90
C13 PX4 CC . -27.85 2.18 48.81
C14 PX4 CC . -28.36 1.90 47.39
C15 PX4 CC . -27.42 1.06 46.53
C16 PX4 CC . -28.06 0.94 45.15
C17 PX4 CC . -27.87 2.35 44.57
C18 PX4 CC . -28.31 2.22 43.11
C19 PX4 CC . -28.43 3.53 42.32
C20 PX4 CC . -29.08 3.24 40.96
C21 PX4 CC . -28.16 2.56 39.94
C22 PX4 CC . -28.79 2.47 38.56
O7 PX4 CC . -25.85 5.78 54.61
C23 PX4 CC . -24.74 6.16 53.94
O8 PX4 CC . -23.69 5.51 54.02
C24 PX4 CC . -24.87 7.45 53.13
C25 PX4 CC . -25.08 7.16 51.65
C26 PX4 CC . -26.52 6.69 51.37
C27 PX4 CC . -26.71 6.33 49.90
C28 PX4 CC . -28.13 5.80 49.63
C29 PX4 CC . -28.49 5.57 48.16
C30 PX4 CC . -28.36 6.78 47.25
C31 PX4 CC . -28.89 6.53 45.85
C32 PX4 CC . -28.53 7.74 44.96
C33 PX4 CC . -29.44 7.39 43.78
C34 PX4 CC . -29.64 8.66 42.94
C35 PX4 CC . -28.41 8.76 42.04
C36 PX4 CC . -28.48 9.97 41.08
O1 PX4 DC . -28.37 1.50 61.58
O2 PX4 DC . -30.64 2.28 60.59
P1 PX4 DC . -29.47 1.38 60.58
O3 PX4 DC . -30.10 -0.09 60.52
C1 PX4 DC . -30.24 -0.55 61.86
C2 PX4 DC . -30.48 -2.05 62.05
N1 PX4 DC . -31.78 -2.54 61.58
C3 PX4 DC . -31.75 -2.70 60.11
C4 PX4 DC . -31.83 -3.84 62.27
C5 PX4 DC . -32.96 -1.75 61.95
O4 PX4 DC . -28.73 1.24 59.16
C6 PX4 DC . -27.66 0.29 59.24
C7 PX4 DC . -27.26 -0.25 57.86
C8 PX4 DC . -28.58 -0.30 57.09
O5 PX4 DC . -28.86 -1.39 56.21
C9 PX4 DC . -29.97 -1.16 55.44
O6 PX4 DC . -30.26 -0.05 55.01
C10 PX4 DC . -30.51 -2.41 54.73
C11 PX4 DC . -32.04 -2.47 54.75
C12 PX4 DC . -32.60 -3.69 54.03
C13 PX4 DC . -32.40 -3.78 52.52
C14 PX4 DC . -33.06 -5.03 51.93
C15 PX4 DC . -32.47 -5.12 50.52
C16 PX4 DC . -30.99 -5.47 50.70
C17 PX4 DC . -30.67 -6.36 49.50
C18 PX4 DC . -31.11 -5.67 48.20
C19 PX4 DC . -30.62 -6.47 46.99
C20 PX4 DC . -31.53 -6.35 45.76
C21 PX4 DC . -30.86 -7.00 44.54
C22 PX4 DC . -31.82 -6.87 43.36
O7 PX4 DC . -26.30 0.43 57.05
C23 PX4 DC . -25.40 -0.38 56.45
O8 PX4 DC . -24.86 -1.33 57.03
C24 PX4 DC . -24.72 0.11 55.15
C25 PX4 DC . -25.53 -0.41 53.98
C26 PX4 DC . -24.86 -0.22 52.62
C27 PX4 DC . -24.81 1.28 52.26
C28 PX4 DC . -24.12 1.50 50.92
C29 PX4 DC . -24.67 0.62 49.79
C30 PX4 DC . -23.69 0.82 48.64
C31 PX4 DC . -24.25 0.10 47.42
C32 PX4 DC . -23.67 0.78 46.17
C33 PX4 DC . -23.78 -0.15 44.96
C34 PX4 DC . -23.48 0.52 43.61
C35 PX4 DC . -24.61 1.48 43.22
C36 PX4 DC . -24.25 2.13 41.88
O1 PX4 EC . 5.98 35.42 50.57
O2 PX4 EC . 6.24 35.88 53.06
P1 PX4 EC . 5.45 36.01 51.82
O3 PX4 EC . 4.16 35.10 52.13
C1 PX4 EC . 3.63 35.61 53.36
C2 PX4 EC . 3.02 34.60 54.34
N1 PX4 EC . 2.60 35.10 55.65
C3 PX4 EC . 3.63 35.81 56.41
C4 PX4 EC . 1.55 36.13 55.54
C5 PX4 EC . 2.19 33.90 56.41
O4 PX4 EC . 4.78 37.47 51.73
C6 PX4 EC . 4.55 37.92 50.38
C7 PX4 EC . 3.79 39.24 50.23
C8 PX4 EC . 4.83 40.33 50.05
O5 PX4 EC . 5.89 39.96 49.17
C9 PX4 EC . 6.53 41.06 48.68
O6 PX4 EC . 6.59 42.06 49.39
C10 PX4 EC . 7.27 40.71 47.38
C11 PX4 EC . 6.86 41.56 46.17
C12 PX4 EC . 7.60 41.33 44.86
C13 PX4 EC . 7.32 42.42 43.84
C14 PX4 EC . 8.13 42.20 42.56
C15 PX4 EC . 7.70 43.08 41.39
C16 PX4 EC . 8.56 42.91 40.14
C17 PX4 EC . 7.91 43.64 38.97
C18 PX4 EC . 8.65 43.57 37.62
C19 PX4 EC . 7.68 43.73 36.44
C20 PX4 EC . 8.43 43.82 35.10
C21 PX4 EC . 7.37 43.85 34.01
C22 PX4 EC . 8.15 44.08 32.72
O7 PX4 EC . 2.93 39.05 49.10
C23 PX4 EC . 1.80 38.29 49.05
O8 PX4 EC . 1.20 38.04 50.09
C24 PX4 EC . 1.08 38.35 47.69
C25 PX4 EC . 1.62 37.15 46.90
C26 PX4 EC . 1.14 37.16 45.46
C27 PX4 EC . 1.72 35.92 44.80
C28 PX4 EC . 0.98 34.63 45.21
C29 PX4 EC . 1.42 33.48 44.29
C30 PX4 EC . 2.89 33.31 44.68
C31 PX4 EC . 3.50 32.20 43.81
C32 PX4 EC . 4.93 31.94 44.30
C33 PX4 EC . 5.86 33.14 44.06
C34 PX4 EC . 7.27 32.90 44.58
C35 PX4 EC . 8.24 34.05 44.30
C36 PX4 EC . 8.26 34.23 42.78
O1 PX4 FC . -1.80 -29.45 56.19
O2 PX4 FC . 0.27 -28.14 55.31
P1 PX4 FC . -1.18 -28.26 55.58
O3 PX4 FC . -1.46 -27.21 56.76
C1 PX4 FC . -0.64 -26.08 56.48
C2 PX4 FC . -0.48 -25.09 57.64
N1 PX4 FC . -1.52 -24.07 57.86
C3 PX4 FC . -2.84 -24.66 58.12
C4 PX4 FC . -1.10 -23.28 59.03
C5 PX4 FC . -1.75 -23.07 56.81
O4 PX4 FC . -1.95 -27.60 54.32
C6 PX4 FC . -2.92 -28.59 54.01
C7 PX4 FC . -3.65 -28.46 52.67
C8 PX4 FC . -3.60 -26.96 52.37
O5 PX4 FC . -4.78 -26.25 51.97
C9 PX4 FC . -4.65 -25.24 51.08
O6 PX4 FC . -3.56 -24.94 50.57
C10 PX4 FC . -5.94 -24.48 50.83
C11 PX4 FC . -5.95 -23.77 49.47
C12 PX4 FC . -7.30 -23.07 49.32
C13 PX4 FC . -7.27 -22.22 48.06
C14 PX4 FC . -8.55 -21.39 47.86
C15 PX4 FC . -8.77 -20.83 46.46
C16 PX4 FC . -10.26 -20.73 46.08
C17 PX4 FC . -10.50 -20.25 44.65
C18 PX4 FC . -10.38 -21.31 43.56
C19 PX4 FC . -10.65 -20.80 42.14
C20 PX4 FC . -10.28 -21.93 41.16
C21 PX4 FC . -10.82 -21.49 39.79
C22 PX4 FC . -10.37 -22.63 38.87
O7 PX4 FC . -3.20 -29.38 51.68
C23 PX4 FC . -4.07 -30.29 51.17
O8 PX4 FC . -5.18 -30.34 51.71
C24 PX4 FC . -3.47 -31.43 50.35
C25 PX4 FC . -3.41 -31.02 48.88
C26 PX4 FC . -3.41 -32.20 47.90
C27 PX4 FC . -3.37 -31.59 46.50
C28 PX4 FC . -3.21 -32.81 45.60
C29 PX4 FC . -2.83 -32.20 44.24
C30 PX4 FC . -3.40 -33.13 43.16
C31 PX4 FC . -2.84 -32.63 41.82
C32 PX4 FC . -2.99 -33.60 40.65
C33 PX4 FC . -2.44 -32.92 39.40
C34 PX4 FC . -2.65 -33.69 38.09
C35 PX4 FC . -2.51 -32.85 36.82
C36 PX4 FC . -2.91 -33.59 35.55
O1 PX4 GC . -36.94 5.90 57.33
O2 PX4 GC . -34.69 5.25 56.30
P1 PX4 GC . -36.17 5.36 56.20
O3 PX4 GC . -36.43 6.41 55.01
C1 PX4 GC . -36.07 7.66 55.57
C2 PX4 GC . -36.19 8.77 54.52
N1 PX4 GC . -37.51 9.30 54.15
C3 PX4 GC . -37.22 10.20 53.04
C4 PX4 GC . -38.47 8.31 53.64
C5 PX4 GC . -37.99 10.03 55.34
O4 PX4 GC . -36.72 4.13 55.32
C6 PX4 GC . -35.89 3.90 54.18
C7 PX4 GC . -36.52 2.84 53.28
C8 PX4 GC . -37.57 3.67 52.55
O5 PX4 GC . -37.14 4.77 51.74
C9 PX4 GC . -38.10 5.53 51.15
O6 PX4 GC . -39.30 5.40 51.40
C10 PX4 GC . -37.67 6.69 50.24
C11 PX4 GC . -37.64 6.31 48.76
C12 PX4 GC . -39.07 6.21 48.24
C13 PX4 GC . -39.06 5.66 46.81
C14 PX4 GC . -40.47 5.63 46.23
C15 PX4 GC . -40.36 4.99 44.84
C16 PX4 GC . -41.63 4.91 44.01
C17 PX4 GC . -41.35 4.34 42.63
C18 PX4 GC . -41.14 2.82 42.73
C19 PX4 GC . -40.41 2.29 41.49
C20 PX4 GC . -41.08 2.70 40.19
C21 PX4 GC . -40.40 1.96 39.06
C22 PX4 GC . -40.37 0.43 39.27
O7 PX4 GC . -35.61 2.13 52.43
C23 PX4 GC . -34.71 1.23 52.93
O8 PX4 GC . -34.57 1.15 54.14
C24 PX4 GC . -34.06 0.40 51.84
C25 PX4 GC . -32.55 0.70 51.71
C26 PX4 GC . -31.73 -0.20 50.78
C27 PX4 GC . -32.24 -0.02 49.34
C28 PX4 GC . -31.54 -1.03 48.43
C29 PX4 GC . -32.12 -1.12 47.02
C30 PX4 GC . -31.28 -2.07 46.20
C31 PX4 GC . -32.00 -2.09 44.85
C32 PX4 GC . -31.11 -2.86 43.88
C33 PX4 GC . -31.91 -3.04 42.59
C34 PX4 GC . -31.07 -3.53 41.40
C35 PX4 GC . -31.91 -3.79 40.16
C36 PX4 GC . -31.17 -4.29 38.90
O1 PX4 HC . 7.22 -24.82 56.52
O2 PX4 HC . 9.59 -23.98 57.00
P1 PX4 HC . 8.35 -23.93 56.17
O3 PX4 HC . 7.83 -22.44 56.42
C1 PX4 HC . 8.85 -21.45 56.60
C2 PX4 HC . 8.26 -20.10 57.07
N1 PX4 HC . 7.82 -19.99 58.47
C3 PX4 HC . 6.51 -20.56 58.76
C4 PX4 HC . 8.76 -20.65 59.41
C5 PX4 HC . 7.95 -18.54 58.73
O4 PX4 HC . 8.55 -23.74 54.58
C6 PX4 HC . 7.26 -23.52 54.02
C7 PX4 HC . 7.34 -23.33 52.51
C8 PX4 HC . 8.57 -24.15 52.08
O5 PX4 HC . 9.58 -23.29 51.55
C9 PX4 HC . 10.66 -23.87 50.99
O6 PX4 HC . 10.95 -25.03 51.27
C10 PX4 HC . 11.75 -22.95 50.42
C11 PX4 HC . 12.74 -23.79 49.60
C12 PX4 HC . 12.41 -23.73 48.11
C13 PX4 HC . 13.37 -24.67 47.37
C14 PX4 HC . 13.22 -24.30 45.88
C15 PX4 HC . 14.10 -25.04 44.88
C16 PX4 HC . 13.20 -25.98 44.08
C17 PX4 HC . 13.84 -26.75 42.92
C18 PX4 HC . 12.82 -27.51 42.08
C19 PX4 HC . 13.38 -27.80 40.69
C20 PX4 HC . 12.59 -28.86 39.94
C21 PX4 HC . 13.14 -28.89 38.52
C22 PX4 HC . 12.42 -30.07 37.85
O7 PX4 HC . 6.13 -23.62 51.82
C23 PX4 HC . 5.92 -22.83 50.73
O8 PX4 HC . 6.79 -22.24 50.08
C24 PX4 HC . 4.55 -23.11 50.10
C25 PX4 HC . 3.71 -21.82 50.11
C26 PX4 HC . 2.26 -22.08 49.68
C27 PX4 HC . 2.40 -22.18 48.16
C28 PX4 HC . 3.04 -20.93 47.52
C29 PX4 HC . 3.47 -21.09 46.06
C30 PX4 HC . 4.15 -19.80 45.59
C31 PX4 HC . 4.54 -19.87 44.10
C32 PX4 HC . 3.38 -19.55 43.16
C33 PX4 HC . 3.78 -19.73 41.70
C34 PX4 HC . 4.20 -21.15 41.30
C35 PX4 HC . 4.04 -21.17 39.78
C36 PX4 HC . 4.35 -22.58 39.27
O1 PX4 IC . -32.46 10.48 57.18
O2 PX4 IC . -34.22 8.64 57.67
P1 PX4 IC . -32.91 9.08 57.12
O3 PX4 IC . -31.79 8.14 57.83
C1 PX4 IC . -32.55 6.97 58.12
C2 PX4 IC . -31.72 5.71 58.35
N1 PX4 IC . -30.79 5.07 57.41
C3 PX4 IC . -31.34 5.18 56.05
C4 PX4 IC . -29.44 5.65 57.52
C5 PX4 IC . -30.66 3.64 57.79
O4 PX4 IC . -32.62 8.57 55.61
C6 PX4 IC . -31.34 8.95 55.11
C7 PX4 IC . -31.02 8.51 53.69
C8 PX4 IC . -32.37 8.02 53.13
O5 PX4 IC . -32.38 6.65 52.74
C9 PX4 IC . -33.49 6.39 52.00
O6 PX4 IC . -34.42 7.18 51.98
C10 PX4 IC . -33.64 5.08 51.23
C11 PX4 IC . -32.73 5.08 49.99
C12 PX4 IC . -33.55 4.36 48.93
C13 PX4 IC . -32.60 3.80 47.86
C14 PX4 IC . -33.31 3.12 46.68
C15 PX4 IC . -32.32 2.95 45.53
C16 PX4 IC . -32.98 2.12 44.44
C17 PX4 IC . -32.03 2.05 43.23
C18 PX4 IC . -32.64 1.17 42.15
C19 PX4 IC . -31.99 1.12 40.76
C20 PX4 IC . -32.62 -0.01 39.93
C21 PX4 IC . -31.99 0.05 38.53
C22 PX4 IC . -32.72 -0.99 37.68
O7 PX4 IC . -30.52 9.51 52.81
C23 PX4 IC . -29.16 9.60 52.75
O8 PX4 IC . -28.47 9.08 53.62
C24 PX4 IC . -28.57 10.30 51.52
C25 PX4 IC . -29.60 10.28 50.38
C26 PX4 IC . -28.91 10.86 49.15
C27 PX4 IC . -29.71 10.83 47.84
C28 PX4 IC . -28.96 11.43 46.66
C29 PX4 IC . -29.92 11.48 45.45
C30 PX4 IC . -29.18 12.11 44.29
C31 PX4 IC . -29.26 13.64 44.37
C32 PX4 IC . -28.88 14.39 43.10
C33 PX4 IC . -29.80 13.79 42.05
C34 PX4 IC . -29.63 14.42 40.67
C35 PX4 IC . -28.17 14.35 40.21
C36 PX4 IC . -27.87 13.29 39.15
O1 PX4 JC . -29.42 13.44 59.96
O2 PX4 JC . -30.37 15.79 59.43
P1 PX4 JC . -30.28 14.33 59.15
O3 PX4 JC . -31.76 13.71 59.32
C1 PX4 JC . -32.18 14.24 60.56
C2 PX4 JC . -33.12 13.26 61.27
N1 PX4 JC . -32.85 11.86 61.59
C3 PX4 JC . -33.00 10.94 60.46
C4 PX4 JC . -31.47 11.73 62.09
C5 PX4 JC . -33.79 11.51 62.68
O4 PX4 JC . -30.02 14.01 57.61
C6 PX4 JC . -29.79 12.60 57.59
C7 PX4 JC . -29.42 11.93 56.28
C8 PX4 JC . -29.93 12.92 55.23
O5 PX4 JC . -31.08 12.31 54.63
C9 PX4 JC . -31.48 12.73 53.39
O6 PX4 JC . -30.78 13.48 52.71
C10 PX4 JC . -32.76 12.17 52.75
C11 PX4 JC . -33.51 13.01 51.72
C12 PX4 JC . -34.45 12.11 50.93
C13 PX4 JC . -33.55 11.25 50.01
C14 PX4 JC . -34.28 10.34 49.04
C15 PX4 JC . -33.25 9.50 48.29
C16 PX4 JC . -34.00 8.72 47.21
C17 PX4 JC . -33.05 7.73 46.54
C18 PX4 JC . -33.67 6.92 45.40
C19 PX4 JC . -33.81 7.62 44.05
C20 PX4 JC . -33.83 6.56 42.94
C21 PX4 JC . -33.80 7.41 41.67
C22 PX4 JC . -33.30 6.57 40.50
O7 PX4 JC . -28.01 11.71 56.15
C23 PX4 JC . -27.27 10.89 56.94
O8 PX4 JC . -27.71 10.43 57.99
C24 PX4 JC . -25.79 10.80 56.57
C25 PX4 JC . -25.48 11.43 55.22
C26 PX4 JC . -23.98 11.32 55.01
C27 PX4 JC . -23.58 11.80 53.62
C28 PX4 JC . -23.91 10.68 52.63
C29 PX4 JC . -23.61 11.15 51.21
C30 PX4 JC . -24.12 10.16 50.15
C31 PX4 JC . -23.82 10.75 48.75
C32 PX4 JC . -23.72 9.60 47.76
C33 PX4 JC . -23.33 10.32 46.48
C34 PX4 JC . -24.55 10.91 45.77
C35 PX4 JC . -24.32 11.40 44.34
C36 PX4 JC . -25.64 11.59 43.60
O1 PX4 KC . -12.59 4.05 57.14
O2 PX4 KC . -13.50 6.31 56.45
P1 PX4 KC . -13.64 4.83 56.47
O3 PX4 KC . -15.09 4.49 57.11
C1 PX4 KC . -15.48 3.12 56.94
C2 PX4 KC . -16.91 2.94 57.44
N1 PX4 KC . -17.41 1.58 57.62
C3 PX4 KC . -16.59 0.79 58.56
C4 PX4 KC . -18.82 1.69 58.05
C5 PX4 KC . -17.48 1.04 56.25
O4 PX4 KC . -13.79 4.19 55.01
C6 PX4 KC . -14.07 5.19 54.02
C7 PX4 KC . -13.95 4.81 52.55
C8 PX4 KC . -13.25 3.44 52.59
O5 PX4 KC . -13.07 2.84 51.30
C9 PX4 KC . -13.97 1.86 51.02
O6 PX4 KC . -14.81 1.49 51.85
C10 PX4 KC . -13.86 1.08 49.71
C11 PX4 KC . -14.01 1.94 48.44
C12 PX4 KC . -13.96 1.04 47.19
C13 PX4 KC . -12.69 0.20 47.18
C14 PX4 KC . -12.61 -0.56 45.85
C15 PX4 KC . -13.74 -1.45 45.35
C16 PX4 KC . -13.40 -2.14 44.03
C17 PX4 KC . -14.66 -2.87 43.58
C18 PX4 KC . -14.60 -3.75 42.33
C19 PX4 KC . -15.16 -3.04 41.09
C20 PX4 KC . -15.10 -3.98 39.89
C21 PX4 KC . -15.78 -3.24 38.75
C22 PX4 KC . -17.31 -3.43 38.87
O7 PX4 KC . -15.27 4.76 51.99
C23 PX4 KC . -15.59 5.81 51.18
O8 PX4 KC . -15.04 6.90 51.30
C24 PX4 KC . -16.98 5.84 50.56
C25 PX4 KC . -17.00 4.89 49.36
C26 PX4 KC . -18.27 5.03 48.53
C27 PX4 KC . -18.27 4.18 47.26
C28 PX4 KC . -19.43 4.54 46.33
C29 PX4 KC . -19.23 3.75 45.03
C30 PX4 KC . -20.04 4.28 43.87
C31 PX4 KC . -19.68 3.49 42.62
C32 PX4 KC . -20.44 3.94 41.37
C33 PX4 KC . -20.11 2.84 40.36
C34 PX4 KC . -20.76 3.32 39.05
C35 PX4 KC . -20.24 2.55 37.84
C36 PX4 KC . -20.91 3.19 36.62
O1 PX4 LC . -18.88 -12.87 59.50
O2 PX4 LC . -17.95 -10.69 58.54
P1 PX4 LC . -19.07 -11.63 58.73
O3 PX4 LC . -20.16 -10.63 59.38
C1 PX4 LC . -19.55 -9.70 60.28
C2 PX4 LC . -20.62 -8.82 60.88
N1 PX4 LC . -20.08 -7.79 61.79
C3 PX4 LC . -19.80 -8.25 63.16
C4 PX4 LC . -18.78 -7.23 61.39
C5 PX4 LC . -20.95 -6.61 61.88
O4 PX4 LC . -19.81 -12.10 57.38
C6 PX4 LC . -19.30 -13.40 57.05
C7 PX4 LC . -19.82 -13.90 55.70
C8 PX4 LC . -20.41 -12.74 54.89
O5 PX4 LC . -21.61 -13.02 54.15
C9 PX4 LC . -22.38 -11.94 53.87
O6 PX4 LC . -21.88 -10.82 54.01
C10 PX4 LC . -23.67 -12.12 53.07
C11 PX4 LC . -23.58 -11.58 51.65
C12 PX4 LC . -24.58 -12.41 50.85
C13 PX4 LC . -24.63 -11.81 49.44
C14 PX4 LC . -25.47 -12.68 48.49
C15 PX4 LC . -25.50 -12.11 47.08
C16 PX4 LC . -26.11 -13.04 46.04
C17 PX4 LC . -26.02 -12.20 44.76
C18 PX4 LC . -26.63 -12.94 43.57
C19 PX4 LC . -26.66 -12.04 42.33
C20 PX4 LC . -27.27 -12.75 41.12
C21 PX4 LC . -27.16 -11.77 39.94
C22 PX4 LC . -27.81 -10.44 40.30
O7 PX4 LC . -18.73 -14.52 55.01
C23 PX4 LC . -18.89 -15.83 54.70
O8 PX4 LC . -19.60 -16.52 55.44
C24 PX4 LC . -18.15 -16.48 53.53
C25 PX4 LC . -18.22 -15.46 52.39
C26 PX4 LC . -17.44 -15.95 51.18
C27 PX4 LC . -17.14 -14.91 50.09
C28 PX4 LC . -16.59 -15.64 48.86
C29 PX4 LC . -17.78 -16.02 47.98
C30 PX4 LC . -17.32 -16.60 46.64
C31 PX4 LC . -18.47 -16.60 45.63
C32 PX4 LC . -17.93 -17.38 44.43
C33 PX4 LC . -19.15 -17.53 43.50
C34 PX4 LC . -18.72 -18.10 42.14
C35 PX4 LC . -19.89 -18.03 41.17
C36 PX4 LC . -19.72 -18.54 39.73
O1 PX4 MC . -14.42 -20.46 54.88
O2 PX4 MC . -12.84 -20.46 56.91
P1 PX4 MC . -13.15 -20.87 55.51
O3 PX4 MC . -12.01 -20.13 54.64
C1 PX4 MC . -12.34 -18.74 54.67
C2 PX4 MC . -11.42 -17.91 53.77
N1 PX4 MC . -11.76 -16.48 53.64
C3 PX4 MC . -11.62 -15.73 54.89
C4 PX4 MC . -10.73 -15.88 52.77
C5 PX4 MC . -13.13 -16.18 53.18
O4 PX4 MC . -12.60 -22.31 55.06
C6 PX4 MC . -13.25 -22.82 53.88
C7 PX4 MC . -13.01 -24.34 53.83
C8 PX4 MC . -14.36 -24.96 53.48
O5 PX4 MC . -15.23 -24.06 52.80
C9 PX4 MC . -16.45 -24.57 52.46
O6 PX4 MC . -16.75 -25.70 52.81
C10 PX4 MC . -17.46 -23.66 51.74
C11 PX4 MC . -17.03 -23.34 50.29
C12 PX4 MC . -16.01 -22.21 50.27
C13 PX4 MC . -16.60 -20.92 50.82
C14 PX4 MC . -15.51 -19.86 50.98
C15 PX4 MC . -14.89 -19.54 49.62
C16 PX4 MC . -13.91 -18.38 49.80
C17 PX4 MC . -13.37 -17.72 48.54
C18 PX4 MC . -12.54 -16.48 48.87
C19 PX4 MC . -11.64 -16.20 47.65
C20 PX4 MC . -10.27 -16.06 48.30
C21 PX4 MC . -9.29 -15.42 47.30
C22 PX4 MC . -9.20 -16.37 46.10
O7 PX4 MC . -11.98 -24.70 52.90
C23 PX4 MC . -11.52 -25.98 52.84
O8 PX4 MC . -11.75 -26.76 53.76
C24 PX4 MC . -10.48 -26.25 51.76
C25 PX4 MC . -10.38 -27.75 51.45
C26 PX4 MC . -9.74 -27.92 50.07
C27 PX4 MC . -9.47 -29.33 49.58
C28 PX4 MC . -8.51 -29.36 48.39
C29 PX4 MC . -7.14 -28.87 48.81
C30 PX4 MC . -6.32 -28.46 47.58
C31 PX4 MC . -5.20 -27.51 48.03
C32 PX4 MC . -4.70 -26.73 46.81
C33 PX4 MC . -3.71 -25.64 47.26
C34 PX4 MC . -3.21 -24.96 45.99
C35 PX4 MC . -2.51 -23.61 46.14
C36 PX4 MC . -1.16 -23.61 46.88
O1 PX4 NC . 5.20 -7.16 51.53
O2 PX4 NC . 3.25 -5.52 52.30
P1 PX4 NC . 3.79 -6.72 51.63
O3 PX4 NC . 3.42 -7.68 52.86
C1 PX4 NC . 3.84 -7.20 54.15
C2 PX4 NC . 4.53 -8.32 54.90
N1 PX4 NC . 4.38 -8.49 56.35
C3 PX4 NC . 5.12 -9.68 56.80
C4 PX4 NC . 4.75 -7.30 57.13
C5 PX4 NC . 3.03 -8.89 56.73
O4 PX4 NC . 2.88 -7.57 50.62
C6 PX4 NC . 3.54 -8.81 50.32
C7 PX4 NC . 2.80 -9.72 49.35
C8 PX4 NC . 1.82 -8.81 48.61
O5 PX4 NC . 0.74 -9.50 48.01
C9 PX4 NC . -0.13 -8.71 47.33
O6 PX4 NC . 0.03 -7.50 47.15
C10 PX4 NC . -1.11 -9.56 46.52
C11 PX4 NC . -2.04 -8.73 45.63
C12 PX4 NC . -3.27 -9.56 45.22
C13 PX4 NC . -4.02 -8.67 44.23
C14 PX4 NC . -5.49 -9.08 44.12
C15 PX4 NC . -6.25 -8.59 42.89
C16 PX4 NC . -7.71 -8.55 43.35
C17 PX4 NC . -8.69 -8.02 42.29
C18 PX4 NC . -10.05 -7.89 42.96
C19 PX4 NC . -10.98 -7.23 41.94
C20 PX4 NC . -11.00 -8.10 40.68
C21 PX4 NC . -11.66 -7.30 39.57
C22 PX4 NC . -11.84 -7.98 38.21
O7 PX4 NC . 3.79 -10.34 48.52
C23 PX4 NC . 4.31 -11.50 49.00
O8 PX4 NC . 3.84 -12.08 49.99
C24 PX4 NC . 5.30 -12.12 48.01
C25 PX4 NC . 6.47 -11.23 47.60
C26 PX4 NC . 7.36 -11.84 46.52
C27 PX4 NC . 8.60 -10.99 46.20
C28 PX4 NC . 9.00 -11.10 44.74
C29 PX4 NC . 7.96 -10.63 43.71
C30 PX4 NC . 7.63 -9.14 43.85
C31 PX4 NC . 6.55 -8.72 42.85
C32 PX4 NC . 6.97 -8.69 41.39
C33 PX4 NC . 5.73 -8.51 40.52
C34 PX4 NC . 6.32 -8.49 39.11
C35 PX4 NC . 6.63 -9.92 38.63
C36 PX4 NC . 6.76 -9.97 37.12
O1 PX4 OC . -0.76 -19.58 57.85
O2 PX4 OC . 1.76 -19.89 57.28
P1 PX4 OC . 0.41 -19.37 56.96
O3 PX4 OC . 0.56 -17.78 56.73
C1 PX4 OC . -0.79 -17.31 56.57
C2 PX4 OC . -1.04 -15.99 55.88
N1 PX4 OC . -0.48 -15.74 54.54
C3 PX4 OC . 0.96 -15.97 54.29
C4 PX4 OC . -1.29 -16.41 53.52
C5 PX4 OC . -0.74 -14.30 54.31
O4 PX4 OC . 0.16 -19.87 55.44
C6 PX4 OC . 1.32 -20.01 54.62
C7 PX4 OC . 0.83 -20.15 53.17
C8 PX4 OC . -0.30 -21.19 53.17
O5 PX4 OC . 0.26 -22.34 52.55
C9 PX4 OC . -0.41 -23.50 52.82
O6 PX4 OC . -1.38 -23.50 53.59
C10 PX4 OC . 0.28 -24.80 52.38
C11 PX4 OC . -0.48 -25.39 51.20
C12 PX4 OC . 0.50 -26.00 50.20
C13 PX4 OC . -0.41 -26.62 49.13
C14 PX4 OC . 0.39 -27.21 47.96
C15 PX4 OC . -0.62 -27.41 46.82
C16 PX4 OC . 0.03 -27.90 45.53
C17 PX4 OC . -1.14 -28.42 44.67
C18 PX4 OC . -0.82 -28.80 43.23
C19 PX4 OC . -0.19 -27.53 42.66
C20 PX4 OC . 0.04 -27.66 41.16
C21 PX4 OC . 0.58 -26.34 40.57
C22 PX4 OC . 0.90 -26.59 39.10
O7 PX4 OC . 0.77 -18.96 52.37
C23 PX4 OC . 1.94 -18.58 51.78
O8 PX4 OC . 2.97 -19.03 52.28
C24 PX4 OC . 1.84 -17.51 50.69
C25 PX4 OC . 2.53 -17.84 49.37
C26 PX4 OC . 2.91 -16.57 48.60
C27 PX4 OC . 1.67 -15.73 48.27
C28 PX4 OC . 2.11 -14.46 47.53
C29 PX4 OC . 0.96 -13.78 46.76
C30 PX4 OC . 1.80 -12.75 46.03
C31 PX4 OC . 0.92 -11.93 45.08
C32 PX4 OC . 0.62 -12.65 43.76
C33 PX4 OC . -0.59 -12.10 43.01
C34 PX4 OC . -0.30 -10.70 42.49
C35 PX4 OC . -1.47 -10.09 41.71
C36 PX4 OC . -1.81 -10.71 40.36
O1 PX4 PC . 8.62 -16.32 53.01
O2 PX4 PC . 10.87 -17.38 53.50
P1 PX4 PC . 9.93 -16.81 52.52
O3 PX4 PC . 10.69 -15.50 51.96
C1 PX4 PC . 10.51 -14.41 52.87
C2 PX4 PC . 11.31 -13.20 52.40
N1 PX4 PC . 11.09 -12.01 53.24
C3 PX4 PC . 11.96 -10.92 52.78
C4 PX4 PC . 9.73 -11.47 53.19
C5 PX4 PC . 11.53 -12.21 54.63
O4 PX4 PC . 9.93 -17.50 51.07
C6 PX4 PC . 8.97 -16.88 50.22
C7 PX4 PC . 9.20 -16.94 48.70
C8 PX4 PC . 10.33 -17.98 48.62
O5 PX4 PC . 11.22 -17.72 47.53
C9 PX4 PC . 12.27 -18.59 47.45
O6 PX4 PC . 12.66 -19.30 48.37
C10 PX4 PC . 13.07 -18.39 46.17
C11 PX4 PC . 12.49 -19.40 45.17
C12 PX4 PC . 13.25 -19.56 43.85
C13 PX4 PC . 12.91 -20.87 43.15
C14 PX4 PC . 13.62 -20.95 41.79
C15 PX4 PC . 13.25 -22.24 41.04
C16 PX4 PC . 11.80 -22.63 41.21
C17 PX4 PC . 11.45 -23.94 40.48
C18 PX4 PC . 10.07 -24.47 40.87
C19 PX4 PC . 9.41 -25.41 39.85
C20 PX4 PC . 7.99 -25.82 40.21
C21 PX4 PC . 7.40 -26.58 39.02
C22 PX4 PC . 7.94 -28.00 38.88
O7 PX4 PC . 7.97 -17.16 48.03
C23 PX4 PC . 7.11 -16.15 47.72
O8 PX4 PC . 7.00 -15.15 48.42
C24 PX4 PC . 6.05 -16.49 46.66
C25 PX4 PC . 5.94 -15.32 45.68
C26 PX4 PC . 4.99 -15.54 44.50
C27 PX4 PC . 4.85 -14.16 43.86
C28 PX4 PC . 4.19 -14.03 42.49
C29 PX4 PC . 3.77 -12.61 42.10
C30 PX4 PC . 3.26 -12.64 40.67
C31 PX4 PC . 3.06 -11.27 40.02
C32 PX4 PC . 2.36 -11.48 38.68
C33 PX4 PC . 1.97 -10.23 37.89
C34 PX4 PC . 1.68 -10.66 36.46
C35 PX4 PC . 1.04 -9.52 35.65
C36 PX4 PC . -0.29 -9.13 36.28
O1 PX4 QC . 17.17 -12.89 50.71
O2 PX4 QC . 15.53 -11.39 52.13
P1 PX4 QC . 15.91 -12.64 51.45
O3 PX4 QC . 16.23 -13.34 52.85
C1 PX4 QC . 17.40 -12.63 53.30
C2 PX4 QC . 17.77 -13.07 54.72
N1 PX4 QC . 18.77 -14.12 54.95
C3 PX4 QC . 19.03 -14.34 56.39
C4 PX4 QC . 18.25 -15.34 54.31
C5 PX4 QC . 20.00 -13.71 54.25
O4 PX4 QC . 14.74 -13.73 51.24
C6 PX4 QC . 15.28 -14.62 50.25
C7 PX4 QC . 14.49 -15.91 50.04
C8 PX4 QC . 13.08 -15.46 49.64
O5 PX4 QC . 13.10 -14.48 48.59
C9 PX4 QC . 11.86 -14.05 48.24
O6 PX4 QC . 10.88 -14.18 48.98
C10 PX4 QC . 11.72 -13.21 46.96
C11 PX4 QC . 11.59 -13.88 45.59
C12 PX4 QC . 10.26 -14.64 45.52
C13 PX4 QC . 10.45 -15.70 44.44
C14 PX4 QC . 9.28 -16.69 44.31
C15 PX4 QC . 9.80 -17.85 43.47
C16 PX4 QC . 8.68 -18.87 43.23
C17 PX4 QC . 9.05 -20.13 42.43
C18 PX4 QC . 9.28 -19.56 41.02
C19 PX4 QC . 7.95 -19.02 40.46
C20 PX4 QC . 8.08 -18.58 39.00
C21 PX4 QC . 6.85 -17.85 38.47
C22 PX4 QC . 7.17 -17.45 37.03
O7 PX4 QC . 15.03 -16.94 49.22
C23 PX4 QC . 16.15 -17.58 49.61
O8 PX4 QC . 16.63 -17.53 50.75
C24 PX4 QC . 16.85 -18.35 48.48
C25 PX4 QC . 16.35 -19.78 48.30
C26 PX4 QC . 16.89 -20.40 47.02
C27 PX4 QC . 16.12 -21.70 46.72
C28 PX4 QC . 16.77 -22.31 45.47
C29 PX4 QC . 16.51 -21.40 44.27
C30 PX4 QC . 17.15 -21.89 42.98
C31 PX4 QC . 16.61 -23.22 42.44
C32 PX4 QC . 17.54 -23.56 41.27
C33 PX4 QC . 17.49 -22.49 40.18
C34 PX4 QC . 18.52 -22.88 39.13
C35 PX4 QC . 18.76 -21.75 38.12
C36 PX4 QC . 19.89 -22.13 37.16
O1 PX4 RC . -10.34 4.98 54.62
O2 PX4 RC . -8.85 6.52 53.29
P1 PX4 RC . -10.14 5.79 53.39
O3 PX4 RC . -11.37 6.82 53.40
C1 PX4 RC . -10.98 7.93 54.23
C2 PX4 RC . -11.91 9.14 54.04
N1 PX4 RC . -11.93 9.87 52.76
C3 PX4 RC . -12.40 11.23 53.00
C4 PX4 RC . -10.55 9.98 52.26
C5 PX4 RC . -12.84 9.10 51.92
O4 PX4 RC . -10.41 4.88 52.08
C6 PX4 RC . -10.30 5.75 50.95
C7 PX4 RC . -10.40 5.10 49.56
C8 PX4 RC . -10.38 3.57 49.64
O5 PX4 RC . -9.32 2.96 48.89
C9 PX4 RC . -9.37 1.61 48.69
O6 PX4 RC . -10.16 0.87 49.29
C10 PX4 RC . -8.29 1.05 47.77
C11 PX4 RC . -8.85 0.01 46.80
C12 PX4 RC . -7.73 -0.41 45.85
C13 PX4 RC . -8.09 -1.45 44.78
C14 PX4 RC . -9.20 -0.96 43.85
C15 PX4 RC . -9.64 -2.20 43.06
C16 PX4 RC . -10.38 -1.70 41.81
C17 PX4 RC . -10.27 -2.70 40.66
C18 PX4 RC . -11.22 -2.27 39.53
C19 PX4 RC . -11.16 -3.36 38.45
C20 PX4 RC . -9.87 -3.20 37.64
C21 PX4 RC . -9.83 -4.38 36.69
C22 PX4 RC . -8.74 -4.16 35.65
O7 PX4 RC . -11.51 5.63 48.84
C23 PX4 RC . -11.70 6.90 48.43
O8 PX4 RC . -10.93 7.78 48.82
C24 PX4 RC . -12.86 7.19 47.46
C25 PX4 RC . -12.83 6.32 46.20
C26 PX4 RC . -14.12 6.55 45.41
C27 PX4 RC . -14.32 5.53 44.29
C28 PX4 RC . -15.53 5.81 43.39
C29 PX4 RC . -15.57 4.95 42.12
C30 PX4 RC . -16.47 5.62 41.07
C31 PX4 RC . -16.56 4.70 39.87
C32 PX4 RC . -17.06 5.38 38.59
C33 PX4 RC . -16.64 4.54 37.40
C34 PX4 RC . -16.74 5.42 36.16
C35 PX4 RC . -16.40 4.70 34.85
C36 PX4 RC . -15.00 4.17 35.17
O1 PX4 SC . -14.08 0.35 56.78
O2 PX4 SC . -12.90 -1.54 55.47
P1 PX4 SC . -13.71 -0.30 55.50
O3 PX4 SC . -12.75 0.62 54.59
C1 PX4 SC . -11.71 1.12 55.45
C2 PX4 SC . -10.64 1.82 54.61
N1 PX4 SC . -9.73 0.97 53.81
C3 PX4 SC . -8.99 0.00 54.64
C4 PX4 SC . -10.37 0.31 52.67
C5 PX4 SC . -8.74 1.89 53.21
O4 PX4 SC . -14.95 -0.54 54.51
C6 PX4 SC . -14.52 -1.32 53.40
C7 PX4 SC . -15.49 -2.11 52.51
C8 PX4 SC . -16.71 -1.21 52.28
O5 PX4 SC . -17.72 -1.68 51.39
C9 PX4 SC . -18.57 -2.66 51.76
O6 PX4 SC . -18.33 -3.25 52.81
C10 PX4 SC . -19.73 -2.98 50.79
C11 PX4 SC . -21.13 -2.51 51.16
C12 PX4 SC . -22.12 -3.22 50.24
C13 PX4 SC . -21.82 -3.31 48.74
C14 PX4 SC . -22.92 -3.93 47.87
C15 PX4 SC . -22.36 -4.27 46.47
C16 PX4 SC . -23.50 -4.74 45.57
C17 PX4 SC . -22.96 -5.21 44.21
C18 PX4 SC . -22.58 -3.94 43.45
C19 PX4 SC . -22.76 -4.07 41.93
C20 PX4 SC . -22.55 -2.70 41.26
C21 PX4 SC . -22.84 -2.79 39.77
C22 PX4 SC . -21.60 -3.57 39.27
O7 PX4 SC . -15.04 -2.59 51.24
C23 PX4 SC . -14.09 -3.56 51.18
O8 PX4 SC . -13.41 -3.87 52.15
C24 PX4 SC . -14.06 -4.37 49.88
C25 PX4 SC . -14.89 -5.65 49.89
C26 PX4 SC . -16.38 -5.34 49.99
C27 PX4 SC . -17.06 -6.70 50.08
C28 PX4 SC . -18.58 -6.48 50.01
C29 PX4 SC . -18.98 -5.80 48.70
C30 PX4 SC . -18.79 -6.80 47.56
C31 PX4 SC . -19.38 -6.24 46.27
C32 PX4 SC . -19.20 -7.13 45.03
C33 PX4 SC . -19.50 -6.33 43.76
C34 PX4 SC . -19.09 -7.15 42.52
C35 PX4 SC . -19.53 -6.40 41.26
C36 PX4 SC . -19.63 -7.36 40.08
O1 PX4 TC . -20.36 -4.48 59.18
O2 PX4 TC . -22.49 -3.10 59.73
P1 PX4 TC . -21.81 -4.20 59.01
O3 PX4 TC . -22.69 -5.51 59.34
C1 PX4 TC . -24.06 -5.30 58.98
C2 PX4 TC . -25.00 -6.50 58.94
N1 PX4 TC . -24.82 -7.46 57.84
C3 PX4 TC . -23.59 -8.26 57.83
C4 PX4 TC . -25.96 -8.40 57.91
C5 PX4 TC . -24.98 -6.78 56.54
O4 PX4 TC . -22.20 -4.29 57.45
C6 PX4 TC . -21.29 -3.54 56.65
C7 PX4 TC . -21.61 -3.16 55.20
C8 PX4 TC . -22.84 -4.00 54.81
O5 PX4 TC . -22.52 -5.25 54.20
C9 PX4 TC . -23.34 -5.62 53.18
O6 PX4 TC . -24.03 -4.73 52.67
C10 PX4 TC . -22.98 -6.99 52.57
C11 PX4 TC . -22.76 -6.94 51.06
C12 PX4 TC . -22.67 -8.19 50.21
C13 PX4 TC . -22.43 -7.94 48.72
C14 PX4 TC . -22.16 -9.14 47.82
C15 PX4 TC . -22.39 -8.57 46.42
C16 PX4 TC . -22.32 -9.64 45.33
C17 PX4 TC . -22.80 -9.15 43.97
C18 PX4 TC . -22.55 -10.19 42.86
C19 PX4 TC . -23.18 -9.55 41.62
C20 PX4 TC . -23.09 -10.53 40.45
C21 PX4 TC . -23.57 -9.86 39.15
C22 PX4 TC . -22.40 -9.32 38.33
O7 PX4 TC . -21.75 -1.75 55.09
C23 PX4 TC . -20.79 -0.86 54.73
O8 PX4 TC . -19.63 -1.27 54.57
C24 PX4 TC . -21.34 0.46 54.21
C25 PX4 TC . -20.36 1.30 53.38
C26 PX4 TC . -20.41 0.93 51.89
C27 PX4 TC . -19.76 2.06 51.08
C28 PX4 TC . -19.91 1.93 49.57
C29 PX4 TC . -19.18 0.64 49.21
C30 PX4 TC . -19.06 0.26 47.72
C31 PX4 TC . -17.96 -0.73 47.32
C32 PX4 TC . -17.92 -0.91 45.81
C33 PX4 TC . -18.65 -2.14 45.26
C34 PX4 TC . -18.60 -1.96 43.74
C35 PX4 TC . -19.22 -0.63 43.32
C36 PX4 TC . -19.29 -0.38 41.82
O1 PX4 UC . -16.62 -15.55 57.44
O2 PX4 UC . -14.44 -16.77 56.51
P1 PX4 UC . -15.39 -15.66 56.62
O3 PX4 UC . -14.42 -14.61 57.36
C1 PX4 UC . -13.93 -15.28 58.54
C2 PX4 UC . -13.33 -14.24 59.47
N1 PX4 UC . -14.26 -13.45 60.31
C3 PX4 UC . -13.41 -12.37 60.83
C4 PX4 UC . -15.32 -12.78 59.55
C5 PX4 UC . -14.69 -14.31 61.41
O4 PX4 UC . -15.32 -14.72 55.32
C6 PX4 UC . -15.78 -13.41 55.68
C7 PX4 UC . -15.68 -12.31 54.62
C8 PX4 UC . -15.05 -13.05 53.44
O5 PX4 UC . -14.16 -12.29 52.63
C9 PX4 UC . -13.79 -12.88 51.45
O6 PX4 UC . -14.40 -13.92 51.19
C10 PX4 UC . -12.98 -12.11 50.42
C11 PX4 UC . -13.71 -10.85 49.95
C12 PX4 UC . -15.14 -11.04 49.46
C13 PX4 UC . -15.30 -11.98 48.26
C14 PX4 UC . -16.67 -11.95 47.57
C15 PX4 UC . -16.51 -11.06 46.35
C16 PX4 UC . -17.74 -11.02 45.44
C17 PX4 UC . -17.89 -12.28 44.57
C18 PX4 UC . -18.96 -11.97 43.53
C19 PX4 UC . -18.85 -12.94 42.35
C20 PX4 UC . -17.44 -13.25 41.88
C21 PX4 UC . -17.59 -14.17 40.67
C22 PX4 UC . -16.20 -14.72 40.29
O7 PX4 UC . -16.97 -11.76 54.33
C23 PX4 UC . -16.98 -10.53 53.77
O8 PX4 UC . -15.97 -9.82 53.76
C24 PX4 UC . -18.33 -9.92 53.38
C25 PX4 UC . -18.50 -10.06 51.85
C26 PX4 UC . -18.82 -11.48 51.41
C27 PX4 UC . -19.40 -11.32 50.00
C28 PX4 UC . -19.95 -12.67 49.53
C29 PX4 UC . -20.62 -12.64 48.16
C30 PX4 UC . -21.10 -13.95 47.53
C31 PX4 UC . -21.80 -13.54 46.23
C32 PX4 UC . -22.15 -14.73 45.34
C33 PX4 UC . -22.45 -14.10 43.98
C34 PX4 UC . -23.29 -15.04 43.12
C35 PX4 UC . -23.63 -14.52 41.72
C36 PX4 UC . -22.34 -14.00 41.09
O1 PX4 VC . -6.43 -18.25 55.56
O2 PX4 VC . -8.87 -18.27 56.39
P1 PX4 VC . -7.76 -18.90 55.65
O3 PX4 VC . -7.78 -20.46 56.06
C1 PX4 VC . -9.11 -20.91 56.32
C2 PX4 VC . -9.36 -22.43 56.34
N1 PX4 VC . -8.85 -23.33 55.29
C3 PX4 VC . -9.29 -24.70 55.59
C4 PX4 VC . -9.59 -22.96 54.08
C5 PX4 VC . -7.39 -23.33 55.05
O4 PX4 VC . -8.33 -19.33 54.20
C6 PX4 VC . -7.34 -19.13 53.19
C7 PX4 VC . -7.26 -20.16 52.06
C8 PX4 VC . -8.66 -19.96 51.48
O5 PX4 VC . -9.58 -21.04 51.54
C9 PX4 VC . -10.79 -20.82 50.95
O6 PX4 VC . -11.13 -19.71 50.57
C10 PX4 VC . -11.80 -22.00 50.94
C11 PX4 VC . -11.38 -23.15 50.03
C12 PX4 VC . -12.61 -23.93 49.53
C13 PX4 VC . -12.18 -25.14 48.69
C14 PX4 VC . -11.45 -24.70 47.41
C15 PX4 VC . -10.85 -25.88 46.66
C16 PX4 VC . -10.14 -25.45 45.37
C17 PX4 VC . -9.00 -26.38 44.96
C18 PX4 VC . -8.39 -25.61 43.79
C19 PX4 VC . -7.38 -26.48 43.04
C20 PX4 VC . -8.00 -27.81 42.59
C21 PX4 VC . -7.00 -28.65 41.81
C22 PX4 VC . -5.74 -29.08 42.58
O7 PX4 VC . -6.23 -20.06 51.06
C23 PX4 VC . -4.97 -20.41 51.40
O8 PX4 VC . -4.66 -20.55 52.59
C24 PX4 VC . -3.92 -19.94 50.40
C25 PX4 VC . -3.13 -21.15 49.89
C26 PX4 VC . -1.85 -20.66 49.19
C27 PX4 VC . -2.26 -19.78 48.01
C28 PX4 VC . -1.11 -19.05 47.31
C29 PX4 VC . -1.39 -18.28 46.04
C30 PX4 VC . -0.11 -17.72 45.44
C31 PX4 VC . -0.44 -17.03 44.12
C32 PX4 VC . -0.04 -17.97 42.99
C33 PX4 VC . -0.40 -17.29 41.65
C34 PX4 VC . 0.09 -18.04 40.43
C35 PX4 VC . -0.63 -17.58 39.17
C36 PX4 VC . -1.87 -18.42 38.84
O1 PX4 WC . 18.08 -6.21 49.13
O2 PX4 WC . 18.20 -5.10 46.77
P1 PX4 WC . 18.30 -6.27 47.67
O3 PX4 WC . 17.47 -7.50 47.02
C1 PX4 WC . 16.15 -7.52 47.58
C2 PX4 WC . 15.20 -8.42 46.79
N1 PX4 WC . 15.37 -9.88 46.76
C3 PX4 WC . 14.16 -10.51 46.18
C4 PX4 WC . 16.56 -10.23 45.98
C5 PX4 WC . 15.51 -10.44 48.13
O4 PX4 WC . 19.75 -6.91 47.45
C6 PX4 WC . 19.81 -6.90 46.02
C7 PX4 WC . 21.21 -6.88 45.43
C8 PX4 WC . 21.64 -8.34 45.20
O5 PX4 WC . 20.63 -9.26 44.74
C9 PX4 WC . 21.09 -10.53 44.71
O6 PX4 WC . 22.09 -10.77 45.38
C10 PX4 WC . 20.35 -11.59 43.92
C11 PX4 WC . 20.52 -11.56 42.40
C12 PX4 WC . 22.00 -11.57 42.01
C13 PX4 WC . 22.23 -11.82 40.51
C14 PX4 WC . 23.60 -11.48 39.95
C15 PX4 WC . 24.07 -12.23 38.69
C16 PX4 WC . 25.47 -11.85 38.22
C17 PX4 WC . 25.84 -12.80 37.06
C18 PX4 WC . 27.18 -12.32 36.51
C19 PX4 WC . 27.47 -13.38 35.45
C20 PX4 WC . 28.87 -13.24 34.83
C21 PX4 WC . 28.98 -12.06 33.86
C22 PX4 WC . 30.44 -11.84 33.48
O7 PX4 WC . 21.38 -6.10 44.25
C23 PX4 WC . 21.86 -4.82 44.41
O8 PX4 WC . 22.18 -4.44 45.54
C24 PX4 WC . 22.01 -3.93 43.17
C25 PX4 WC . 23.50 -4.07 42.89
C26 PX4 WC . 23.72 -3.29 41.59
C27 PX4 WC . 22.84 -3.71 40.42
C28 PX4 WC . 23.09 -2.76 39.24
C29 PX4 WC . 22.45 -3.22 37.93
C30 PX4 WC . 23.06 -2.36 36.82
C31 PX4 WC . 22.54 -2.84 35.46
C32 PX4 WC . 23.09 -4.27 35.30
C33 PX4 WC . 22.57 -5.08 34.12
C34 PX4 WC . 23.47 -6.23 33.65
C35 PX4 WC . 23.38 -7.33 34.70
C36 PX4 WC . 24.12 -8.58 34.23
O1 PX4 XC . 18.19 -9.47 50.08
O2 PX4 XC . 19.85 -10.95 51.43
P1 PX4 XC . 19.36 -10.37 50.16
O3 PX4 XC . 20.57 -9.42 49.70
C1 PX4 XC . 20.43 -8.24 50.49
C2 PX4 XC . 21.71 -7.41 50.56
N1 PX4 XC . 21.61 -6.12 51.25
C3 PX4 XC . 21.86 -6.32 52.69
C4 PX4 XC . 22.80 -5.34 50.89
C5 PX4 XC . 20.54 -5.15 50.94
O4 PX4 XC . 19.30 -11.42 48.93
C6 PX4 XC . 20.13 -12.53 49.30
C7 PX4 XC . 20.12 -13.72 48.33
C8 PX4 XC . 18.81 -13.59 47.57
O5 PX4 XC . 17.98 -14.74 47.33
C9 PX4 XC . 16.84 -14.44 46.67
O6 PX4 XC . 16.43 -13.29 46.71
C10 PX4 XC . 15.97 -15.46 45.91
C11 PX4 XC . 15.49 -14.72 44.67
C12 PX4 XC . 14.64 -15.63 43.80
C13 PX4 XC . 14.26 -14.93 42.48
C14 PX4 XC . 13.51 -15.98 41.69
C15 PX4 XC . 13.29 -15.42 40.27
C16 PX4 XC . 12.62 -14.05 40.39
C17 PX4 XC . 11.91 -13.66 39.11
C18 PX4 XC . 11.28 -12.28 39.28
C19 PX4 XC . 10.07 -12.26 40.22
C20 PX4 XC . 8.92 -12.91 39.46
C21 PX4 XC . 7.63 -13.09 40.26
C22 PX4 XC . 7.90 -14.00 41.46
O7 PX4 XC . 21.23 -13.68 47.42
C23 PX4 XC . 22.47 -13.98 47.88
O8 PX4 XC . 22.63 -14.21 49.08
C24 PX4 XC . 23.59 -14.19 46.85
C25 PX4 XC . 23.14 -14.36 45.40
C26 PX4 XC . 24.13 -15.18 44.58
C27 PX4 XC . 23.70 -15.11 43.12
C28 PX4 XC . 22.38 -15.84 42.91
C29 PX4 XC . 22.01 -15.81 41.42
C30 PX4 XC . 20.56 -16.28 41.34
C31 PX4 XC . 19.57 -15.40 42.10
C32 PX4 XC . 18.21 -16.10 42.04
C33 PX4 XC . 18.10 -16.70 40.64
C34 PX4 XC . 16.91 -17.67 40.63
C35 PX4 XC . 16.58 -18.01 39.17
C36 PX4 XC . 15.70 -19.24 39.07
O1 PX4 YC . -20.98 12.54 57.45
O2 PX4 YC . -19.35 10.53 57.40
P1 PX4 YC . -19.90 11.77 56.79
O3 PX4 YC . -18.59 12.70 56.80
C1 PX4 YC . -18.61 13.72 57.81
C2 PX4 YC . -17.19 14.19 58.12
N1 PX4 YC . -16.23 13.51 59.01
C3 PX4 YC . -14.97 14.24 58.82
C4 PX4 YC . -16.67 13.50 60.41
C5 PX4 YC . -16.07 12.06 58.77
O4 PX4 YC . -20.01 11.61 55.19
C6 PX4 YC . -18.75 11.12 54.77
C7 PX4 YC . -18.52 11.08 53.25
C8 PX4 YC . -19.97 10.88 52.77
O5 PX4 YC . -20.25 10.12 51.60
C9 PX4 YC . -19.96 8.79 51.58
O6 PX4 YC . -19.59 8.28 52.64
C10 PX4 YC . -20.41 8.06 50.31
C11 PX4 YC . -21.42 6.99 50.71
C12 PX4 YC . -21.98 6.41 49.39
C13 PX4 YC . -22.83 5.22 49.85
C14 PX4 YC . -23.30 4.47 48.59
C15 PX4 YC . -23.85 5.52 47.63
C16 PX4 YC . -24.21 5.04 46.22
C17 PX4 YC . -24.87 6.04 45.28
C18 PX4 YC . -25.01 5.40 43.89
C19 PX4 YC . -25.51 6.37 42.83
C20 PX4 YC . -25.35 5.76 41.44
C21 PX4 YC . -24.29 6.45 40.58
C22 PX4 YC . -24.17 5.83 39.18
O7 PX4 YC . -17.72 12.17 52.79
C23 PX4 YC . -16.39 11.99 52.58
O8 PX4 YC . -15.85 10.96 53.00
C24 PX4 YC . -15.60 13.24 52.18
C25 PX4 YC . -15.85 13.64 50.73
C26 PX4 YC . -15.13 12.52 49.97
C27 PX4 YC . -15.34 12.70 48.45
C28 PX4 YC . -14.60 11.67 47.61
C29 PX4 YC . -14.88 11.75 46.11
C30 PX4 YC . -13.88 10.81 45.42
C31 PX4 YC . -14.20 10.63 43.94
C32 PX4 YC . -13.42 9.44 43.37
C33 PX4 YC . -13.62 9.37 41.85
C34 PX4 YC . -12.75 8.22 41.34
C35 PX4 YC . -12.91 7.84 39.87
C36 PX4 YC . -11.85 6.77 39.63
O1 PX4 ZC . -16.78 23.06 52.87
O2 PX4 ZC . -18.56 25.02 52.96
P1 PX4 ZC . -18.18 23.58 52.87
O3 PX4 ZC . -18.91 22.84 54.09
C1 PX4 ZC . -18.39 21.53 54.28
C2 PX4 ZC . -18.95 20.74 55.48
N1 PX4 ZC . -20.25 20.12 55.25
C3 PX4 ZC . -20.45 19.10 56.29
C4 PX4 ZC . -21.32 21.11 55.53
C5 PX4 ZC . -20.56 19.52 53.94
O4 PX4 ZC . -19.04 22.78 51.78
C6 PX4 ZC . -18.52 23.34 50.57
C7 PX4 ZC . -18.86 22.76 49.20
C8 PX4 ZC . -19.53 21.46 49.64
O5 PX4 ZC . -18.74 20.33 49.25
C9 PX4 ZC . -19.16 19.14 49.76
O6 PX4 ZC . -19.87 19.06 50.75
C10 PX4 ZC . -18.48 17.88 49.18
C11 PX4 ZC . -18.81 17.69 47.70
C12 PX4 ZC . -18.11 16.48 47.09
C13 PX4 ZC . -18.69 16.20 45.71
C14 PX4 ZC . -17.96 14.91 45.34
C15 PX4 ZC . -18.69 14.19 44.20
C16 PX4 ZC . -18.04 12.91 43.68
C17 PX4 ZC . -18.98 12.46 42.56
C18 PX4 ZC . -18.30 11.53 41.55
C19 PX4 ZC . -19.19 11.03 40.40
C20 PX4 ZC . -18.53 9.88 39.63
C21 PX4 ZC . -19.53 9.33 38.63
C22 PX4 ZC . -19.79 10.38 37.55
O7 PX4 ZC . -19.45 23.53 48.15
C23 PX4 ZC . -18.79 24.49 47.45
O8 PX4 ZC . -17.64 24.80 47.80
C24 PX4 ZC . -19.59 25.32 46.46
C25 PX4 ZC . -19.49 24.86 45.01
C26 PX4 ZC . -20.35 25.65 44.03
C27 PX4 ZC . -20.19 25.10 42.61
C28 PX4 ZC . -21.43 25.32 41.74
C29 PX4 ZC . -21.21 24.96 40.26
C30 PX4 ZC . -22.40 25.23 39.34
C31 PX4 ZC . -22.93 26.66 39.48
C32 PX4 ZC . -23.88 27.04 38.34
C33 PX4 ZC . -24.65 28.29 38.77
C34 PX4 ZC . -25.98 28.43 38.01
C35 PX4 ZC . -26.81 27.30 38.60
C36 PX4 ZC . -28.22 27.43 38.03
O1 PX4 AD . -12.00 19.68 55.67
O2 PX4 AD . -10.61 17.79 54.54
P1 PX4 AD . -11.64 18.87 54.49
O3 PX4 AD . -11.10 19.99 53.48
C1 PX4 AD . -9.68 20.16 53.44
C2 PX4 AD . -9.24 21.34 52.57
N1 PX4 AD . -7.97 22.00 52.86
C3 PX4 AD . -6.89 21.00 52.66
C4 PX4 AD . -7.86 23.15 51.96
C5 PX4 AD . -8.00 22.57 54.22
O4 PX4 AD . -12.84 18.26 53.61
C6 PX4 AD . -12.39 17.82 52.34
C7 PX4 AD . -13.34 16.89 51.55
C8 PX4 AD . -14.54 17.75 51.13
O5 PX4 AD . -14.19 18.99 50.51
C9 PX4 AD . -15.27 19.80 50.48
O6 PX4 AD . -16.27 19.50 51.14
C10 PX4 AD . -15.32 20.93 49.44
C11 PX4 AD . -15.41 20.27 48.04
C12 PX4 AD . -15.95 21.20 46.95
C13 PX4 AD . -16.04 20.53 45.58
C14 PX4 AD . -16.40 21.52 44.47
C15 PX4 AD . -16.61 20.84 43.11
C16 PX4 AD . -16.96 21.96 42.14
C17 PX4 AD . -17.12 21.45 40.71
C18 PX4 AD . -17.56 22.56 39.76
C19 PX4 AD . -17.63 22.13 38.29
C20 PX4 AD . -18.23 23.19 37.36
C21 PX4 AD . -18.10 22.90 35.88
C22 PX4 AD . -16.69 23.30 35.45
O7 PX4 AD . -12.84 16.05 50.52
C23 PX4 AD . -11.92 15.09 50.83
O8 PX4 AD . -11.31 15.12 51.88
C24 PX4 AD . -11.65 14.07 49.71
C25 PX4 AD . -11.22 14.59 48.33
C26 PX4 AD . -11.27 13.50 47.27
C27 PX4 AD . -10.87 14.03 45.89
C28 PX4 AD . -10.74 12.81 44.98
C29 PX4 AD . -10.58 13.32 43.54
C30 PX4 AD . -10.84 12.14 42.60
C31 PX4 AD . -10.42 12.51 41.20
C32 PX4 AD . -10.47 11.29 40.27
C33 PX4 AD . -9.76 11.66 38.96
C34 PX4 AD . -9.56 10.28 38.34
C35 PX4 AD . -8.36 10.36 37.40
C36 PX4 AD . -8.17 9.03 36.66
O1 PX4 BD . -1.45 -0.29 51.89
O2 PX4 BD . -1.58 -2.75 52.68
P1 PX4 BD . -1.37 -1.73 51.62
O3 PX4 BD . 0.08 -1.93 50.94
C1 PX4 BD . 0.34 -3.34 50.87
C2 PX4 BD . 1.13 -3.78 49.63
N1 PX4 BD . 0.61 -3.74 48.26
C3 PX4 BD . 0.33 -2.40 47.74
C4 PX4 BD . 1.54 -4.36 47.30
C5 PX4 BD . -0.61 -4.55 48.09
O4 PX4 BD . -2.26 -2.10 50.35
C6 PX4 BD . -3.57 -1.57 50.60
C7 PX4 BD . -4.48 -1.26 49.41
C8 PX4 BD . -3.70 -1.87 48.24
O5 PX4 BD . -3.96 -1.18 47.01
C9 PX4 BD . -3.19 -1.54 45.95
O6 PX4 BD . -2.19 -2.24 46.10
C10 PX4 BD . -3.61 -0.88 44.63
C11 PX4 BD . -3.89 0.62 44.79
C12 PX4 BD . -4.31 1.42 43.58
C13 PX4 BD . -5.57 0.78 43.00
C14 PX4 BD . -6.04 1.48 41.72
C15 PX4 BD . -7.32 0.78 41.24
C16 PX4 BD . -7.54 1.18 39.78
C17 PX4 BD . -8.80 0.62 39.11
C18 PX4 BD . -8.85 1.17 37.68
C19 PX4 BD . -7.50 0.80 37.04
C20 PX4 BD . -7.63 -0.67 36.64
C21 PX4 BD . -6.50 -1.11 35.73
C22 PX4 BD . -5.70 -2.26 36.35
O7 PX4 BD . -5.82 -1.71 49.60
C23 PX4 BD . -6.75 -1.27 50.49
O8 PX4 BD . -6.65 -0.22 51.13
C24 PX4 BD . -7.96 -2.20 50.64
C25 PX4 BD . -8.39 -2.87 49.34
C26 PX4 BD . -9.83 -3.33 49.55
C27 PX4 BD . -10.10 -4.35 48.44
C28 PX4 BD . -9.95 -3.66 47.08
C29 PX4 BD . -10.45 -4.55 45.93
C30 PX4 BD . -11.90 -4.87 46.25
C31 PX4 BD . -12.42 -6.11 45.51
C32 PX4 BD . -13.70 -6.71 46.09
C33 PX4 BD . -14.03 -7.86 45.15
C34 PX4 BD . -14.82 -7.46 43.91
C35 PX4 BD . -15.17 -8.71 43.09
C36 PX4 BD . -15.29 -8.40 41.60
O1 PX4 CD . -1.83 4.28 51.04
O2 PX4 CD . 0.72 4.58 50.96
P1 PX4 CD . -0.61 4.74 50.32
O3 PX4 CD . -0.76 6.33 50.54
C1 PX4 CD . -0.82 6.56 51.95
C2 PX4 CD . -1.46 7.90 52.34
N1 PX4 CD . -2.91 8.05 52.12
C3 PX4 CD . -3.35 8.23 50.74
C4 PX4 CD . -3.58 6.84 52.59
C5 PX4 CD . -3.31 9.15 53.02
O4 PX4 CD . -0.89 4.66 48.73
C6 PX4 CD . -2.26 4.99 48.47
C7 PX4 CD . -2.81 4.88 47.04
C8 PX4 CD . -1.71 4.15 46.27
O5 PX4 CD . -1.11 5.02 45.32
C9 PX4 CD . -0.29 4.40 44.44
O6 PX4 CD . -0.16 3.17 44.47
C10 PX4 CD . 0.62 5.27 43.56
C11 PX4 CD . -0.22 6.41 43.00
C12 PX4 CD . 0.60 7.29 42.06
C13 PX4 CD . 1.27 6.51 40.93
C14 PX4 CD . 2.29 7.39 40.23
C15 PX4 CD . 2.80 6.62 38.99
C16 PX4 CD . 3.58 5.32 39.23
C17 PX4 CD . 3.75 4.78 37.81
C18 PX4 CD . 4.47 3.43 37.77
C19 PX4 CD . 4.96 3.04 36.37
C20 PX4 CD . 5.66 1.69 36.32
C21 PX4 CD . 5.96 1.41 34.84
C22 PX4 CD . 6.45 -0.04 34.78
O7 PX4 CD . -4.14 4.40 46.84
C23 PX4 CD . -5.14 5.28 47.10
O8 PX4 CD . -4.96 6.33 47.72
C24 PX4 CD . -6.52 4.68 46.78
C25 PX4 CD . -7.55 5.78 46.48
C26 PX4 CD . -8.77 4.87 46.30
C27 PX4 CD . -8.65 3.91 45.11
C28 PX4 CD . -10.07 3.38 44.83
C29 PX4 CD . -10.26 3.15 43.33
C30 PX4 CD . -11.60 2.56 42.89
C31 PX4 CD . -11.59 2.09 41.43
C32 PX4 CD . -13.03 1.71 41.07
C33 PX4 CD . -12.98 1.87 39.54
C34 PX4 CD . -14.43 1.88 39.07
C35 PX4 CD . -15.15 0.55 39.32
C36 PX4 CD . -16.67 0.60 39.23
O1 PX4 DD . -10.78 -12.72 54.85
O2 PX4 DD . -8.50 -11.34 55.10
P1 PX4 DD . -9.58 -12.02 54.33
O3 PX4 DD . -10.15 -10.73 53.55
C1 PX4 DD . -11.16 -10.23 54.43
C2 PX4 DD . -11.89 -9.09 53.73
N1 PX4 DD . -11.32 -7.75 53.51
C3 PX4 DD . -10.13 -7.86 52.65
C4 PX4 DD . -12.19 -6.94 52.65
C5 PX4 DD . -10.97 -7.06 54.75
O4 PX4 DD . -9.13 -12.85 53.04
C6 PX4 DD . -8.49 -11.96 52.12
C7 PX4 DD . -8.27 -12.49 50.70
C8 PX4 DD . -8.27 -14.02 50.74
O5 PX4 DD . -6.97 -14.60 50.67
C9 PX4 DD . -6.83 -15.93 50.95
O6 PX4 DD . -7.76 -16.66 51.28
C10 PX4 DD . -5.36 -16.30 50.77
C11 PX4 DD . -4.86 -16.27 49.33
C12 PX4 DD . -5.74 -17.07 48.36
C13 PX4 DD . -5.17 -17.33 46.96
C14 PX4 DD . -5.98 -18.38 46.21
C15 PX4 DD . -5.29 -18.81 44.91
C16 PX4 DD . -6.30 -19.64 44.11
C17 PX4 DD . -5.69 -19.87 42.72
C18 PX4 DD . -4.49 -20.82 42.83
C19 PX4 DD . -3.84 -21.21 41.51
C20 PX4 DD . -2.69 -22.21 41.67
C21 PX4 DD . -1.51 -21.59 42.40
C22 PX4 DD . -0.40 -22.61 42.68
O7 PX4 DD . -9.26 -12.15 49.72
C23 PX4 DD . -9.17 -10.89 49.21
O8 PX4 DD . -8.23 -10.15 49.49
C24 PX4 DD . -10.20 -10.63 48.11
C25 PX4 DD . -10.56 -11.80 47.20
C26 PX4 DD . -11.55 -11.43 46.11
C27 PX4 DD . -12.31 -12.65 45.61
C28 PX4 DD . -13.34 -12.32 44.53
C29 PX4 DD . -13.86 -13.72 44.20
C30 PX4 DD . -12.80 -14.30 43.27
C31 PX4 DD . -13.23 -15.77 43.13
C32 PX4 DD . -12.55 -16.38 41.91
C33 PX4 DD . -11.02 -16.20 41.98
C34 PX4 DD . -10.45 -16.98 40.78
C35 PX4 DD . -8.92 -16.81 40.79
C36 PX4 DD . -8.36 -17.46 42.05
O1 PX4 ED . 8.72 -1.08 51.19
O2 PX4 ED . 8.01 -3.06 52.81
P1 PX4 ED . 8.25 -2.43 51.50
O3 PX4 ED . 9.66 -3.16 51.24
C1 PX4 ED . 10.48 -2.77 52.34
C2 PX4 ED . 11.64 -3.70 52.73
N1 PX4 ED . 11.33 -5.02 53.29
C3 PX4 ED . 11.06 -6.02 52.26
C4 PX4 ED . 12.49 -5.60 53.99
C5 PX4 ED . 10.27 -4.94 54.30
O4 PX4 ED . 7.58 -3.14 50.21
C6 PX4 ED . 7.46 -4.54 50.52
C7 PX4 ED . 7.68 -5.53 49.38
C8 PX4 ED . 6.92 -4.92 48.20
O5 PX4 ED . 6.54 -5.92 47.26
C9 PX4 ED . 5.39 -6.63 47.44
O6 PX4 ED . 4.55 -6.34 48.30
C10 PX4 ED . 5.18 -7.61 46.28
C11 PX4 ED . 3.78 -7.38 45.73
C12 PX4 ED . 3.67 -8.23 44.47
C13 PX4 ED . 2.28 -8.04 43.87
C14 PX4 ED . 2.08 -6.70 43.15
C15 PX4 ED . 2.38 -6.70 41.65
C16 PX4 ED . 2.19 -5.26 41.13
C17 PX4 ED . 2.22 -5.14 39.61
C18 PX4 ED . 2.37 -3.67 39.20
C19 PX4 ED . 2.18 -3.67 37.69
C20 PX4 ED . 2.61 -2.32 37.14
C21 PX4 ED . 1.57 -1.28 37.57
C22 PX4 ED . 1.93 0.09 36.99
O7 PX4 ED . 9.02 -5.84 48.99
C23 PX4 ED . 9.40 -7.14 48.88
O8 PX4 ED . 8.76 -8.05 49.39
C24 PX4 ED . 10.61 -7.45 48.00
C25 PX4 ED . 10.20 -7.05 46.58
C26 PX4 ED . 11.33 -7.37 45.58
C27 PX4 ED . 10.91 -6.93 44.18
C28 PX4 ED . 12.05 -7.20 43.19
C29 PX4 ED . 12.39 -8.69 43.11
C30 PX4 ED . 13.63 -8.90 42.24
C31 PX4 ED . 14.16 -10.32 42.39
C32 PX4 ED . 15.43 -10.38 41.53
C33 PX4 ED . 15.96 -11.81 41.36
C34 PX4 ED . 17.28 -11.75 40.57
C35 PX4 ED . 17.04 -11.21 39.16
C36 PX4 ED . 18.35 -11.14 38.36
O1 PX4 FD . 13.38 -5.63 49.39
O2 PX4 FD . 14.17 -3.27 48.96
P1 PX4 FD . 13.60 -4.53 48.42
O3 PX4 FD . 12.27 -4.17 47.59
C1 PX4 FD . 11.34 -3.53 48.48
C2 PX4 FD . 10.03 -2.92 47.98
N1 PX4 FD . 10.00 -2.11 46.75
C3 PX4 FD . 10.10 -2.85 45.48
C4 PX4 FD . 8.66 -1.52 46.64
C5 PX4 FD . 11.00 -1.06 46.75
O4 PX4 FD . 14.55 -4.94 47.20
C6 PX4 FD . 14.36 -4.02 46.13
C7 PX4 FD . 15.00 -4.22 44.76
C8 PX4 FD . 15.72 -5.57 44.77
O5 PX4 FD . 16.36 -5.86 43.53
C9 PX4 FD . 16.88 -7.09 43.30
O6 PX4 FD . 16.26 -8.10 43.66
C10 PX4 FD . 18.02 -7.19 42.30
C11 PX4 FD . 17.64 -7.37 40.82
C12 PX4 FD . 18.72 -7.55 39.77
C13 PX4 FD . 18.00 -7.48 38.42
C14 PX4 FD . 18.84 -7.41 37.14
C15 PX4 FD . 18.12 -7.83 35.86
C16 PX4 FD . 18.93 -7.58 34.57
C17 PX4 FD . 18.25 -8.20 33.36
C18 PX4 FD . 19.12 -8.01 32.11
C19 PX4 FD . 19.29 -6.53 31.82
C20 PX4 FD . 20.00 -6.43 30.47
C21 PX4 FD . 20.22 -4.98 30.05
C22 PX4 FD . 20.26 -4.95 28.52
O7 PX4 FD . 14.08 -4.13 43.66
C23 PX4 FD . 13.84 -2.93 43.08
O8 PX4 FD . 14.23 -1.91 43.65
C24 PX4 FD . 12.90 -3.04 41.88
C25 PX4 FD . 13.64 -2.96 40.55
C26 PX4 FD . 12.70 -3.08 39.34
C27 PX4 FD . 13.41 -2.92 37.99
C28 PX4 FD . 12.34 -3.04 36.91
C29 PX4 FD . 13.05 -2.72 35.59
C30 PX4 FD . 12.22 -3.01 34.32
C31 PX4 FD . 10.99 -2.11 34.25
C32 PX4 FD . 10.42 -2.26 32.83
C33 PX4 FD . 9.28 -1.30 32.45
C34 PX4 FD . 9.76 0.14 32.53
C35 PX4 FD . 8.67 1.16 32.19
C36 PX4 FD . 8.99 2.01 30.95
O1 PX4 GD . 26.62 8.61 48.42
O2 PX4 GD . 28.26 6.58 48.39
P1 PX4 GD . 27.71 7.82 47.82
O3 PX4 GD . 28.91 8.81 47.42
C1 PX4 GD . 28.56 10.03 46.78
C2 PX4 GD . 28.81 11.29 47.62
N1 PX4 GD . 28.07 12.55 47.42
C3 PX4 GD . 28.63 13.51 48.37
C4 PX4 GD . 28.22 13.15 46.08
C5 PX4 GD . 26.65 12.38 47.72
O4 PX4 GD . 27.32 7.62 46.26
C6 PX4 GD . 26.92 6.25 46.09
C7 PX4 GD . 25.84 5.89 45.07
C8 PX4 GD . 25.39 7.15 44.32
O5 PX4 GD . 24.16 7.10 43.61
C9 PX4 GD . 23.59 8.10 42.89
O6 PX4 GD . 23.74 9.30 43.15
C10 PX4 GD . 22.42 7.64 42.02
C11 PX4 GD . 22.23 8.28 40.66
C12 PX4 GD . 20.89 7.95 40.01
C13 PX4 GD . 20.54 8.96 38.91
C14 PX4 GD . 20.96 8.40 37.55
C15 PX4 GD . 20.56 9.27 36.35
C16 PX4 GD . 20.87 8.46 35.10
C17 PX4 GD . 20.66 9.24 33.78
C18 PX4 GD . 21.07 8.41 32.56
C19 PX4 GD . 20.34 8.99 31.34
C20 PX4 GD . 20.45 7.91 30.27
C21 PX4 GD . 19.60 8.30 29.06
C22 PX4 GD . 18.11 8.33 29.43
O7 PX4 GD . 26.25 4.87 44.15
C23 PX4 GD . 25.23 4.18 43.56
O8 PX4 GD . 24.26 3.87 44.25
C24 PX4 GD . 25.64 3.38 42.32
C25 PX4 GD . 24.56 3.51 41.24
C26 PX4 GD . 24.54 2.32 40.27
C27 PX4 GD . 25.62 2.50 39.21
C28 PX4 GD . 25.24 1.69 37.96
C29 PX4 GD . 26.10 2.08 36.76
C30 PX4 GD . 27.58 1.80 37.01
C31 PX4 GD . 28.50 2.32 35.90
C32 PX4 GD . 29.94 1.83 35.98
C33 PX4 GD . 30.82 2.44 34.87
C34 PX4 GD . 30.37 1.85 33.53
C35 PX4 GD . 31.25 2.18 32.33
C36 PX4 GD . 32.60 1.60 32.74
O1 PX4 HD . -20.12 14.41 60.73
O2 PX4 HD . -18.93 16.71 60.51
P1 PX4 HD . -20.17 15.89 60.55
O3 PX4 HD . -21.24 16.57 61.54
C1 PX4 HD . -20.96 16.00 62.82
C2 PX4 HD . -22.06 16.62 63.70
N1 PX4 HD . -22.20 16.33 65.13
C3 PX4 HD . -21.13 17.02 65.87
C4 PX4 HD . -23.47 16.96 65.50
C5 PX4 HD . -22.35 14.91 65.52
O4 PX4 HD . -20.99 16.08 59.19
C6 PX4 HD . -22.25 15.41 59.25
C7 PX4 HD . -23.15 15.44 58.03
C8 PX4 HD . -22.43 14.97 56.74
O5 PX4 HD . -22.66 15.79 55.61
C9 PX4 HD . -22.00 15.32 54.50
O6 PX4 HD . -21.22 14.40 54.69
C10 PX4 HD . -22.19 16.07 53.18
C11 PX4 HD . -20.97 15.86 52.27
C12 PX4 HD . -21.25 14.73 51.28
C13 PX4 HD . -19.95 14.16 50.69
C14 PX4 HD . -20.37 13.21 49.57
C15 PX4 HD . -19.17 12.61 48.83
C16 PX4 HD . -19.64 11.38 48.03
C17 PX4 HD . -18.43 10.49 47.78
C18 PX4 HD . -18.76 9.21 47.00
C19 PX4 HD . -19.09 9.65 45.57
C20 PX4 HD . -19.54 8.49 44.70
C21 PX4 HD . -19.99 8.95 43.30
C22 PX4 HD . -20.55 7.83 42.43
O7 PX4 HD . -24.34 14.64 58.10
C23 PX4 HD . -25.38 15.52 58.10
O8 PX4 HD . -25.30 16.61 58.67
C24 PX4 HD . -26.68 14.89 57.61
C25 PX4 HD . -26.77 14.76 56.08
C26 PX4 HD . -26.68 16.10 55.35
C27 PX4 HD . -26.35 15.71 53.91
C28 PX4 HD . -27.51 15.07 53.14
C29 PX4 HD . -27.37 14.91 51.63
C30 PX4 HD . -27.24 16.27 50.91
C31 PX4 HD . -27.12 15.96 49.41
C32 PX4 HD . -28.22 15.03 48.88
C33 PX4 HD . -29.55 15.69 48.49
C34 PX4 HD . -29.63 16.38 47.13
C35 PX4 HD . -30.91 17.19 46.91
C36 PX4 HD . -30.85 17.86 45.53
O1 PX4 ID . -5.42 28.25 49.48
O2 PX4 ID . -3.16 28.29 50.75
P1 PX4 ID . -3.94 28.21 49.49
O3 PX4 ID . -3.22 29.23 48.48
C1 PX4 ID . -1.84 29.13 48.87
C2 PX4 ID . -1.03 30.34 48.40
N1 PX4 ID . 0.42 30.46 48.54
C3 PX4 ID . 1.04 30.05 49.82
C4 PX4 ID . 0.93 29.61 47.47
C5 PX4 ID . 0.85 31.85 48.30
O4 PX4 ID . -3.46 26.90 48.67
C6 PX4 ID . -4.21 26.79 47.45
C7 PX4 ID . -3.45 25.90 46.48
C8 PX4 ID . -3.96 24.46 46.65
O5 PX4 ID . -5.36 24.49 46.94
C9 PX4 ID . -6.01 23.33 47.20
O6 PX4 ID . -5.60 22.18 47.34
C10 PX4 ID . -7.47 23.58 47.59
C11 PX4 ID . -8.48 22.75 46.78
C12 PX4 ID . -9.92 23.16 47.10
C13 PX4 ID . -10.95 22.23 46.48
C14 PX4 ID . -10.80 22.34 44.97
C15 PX4 ID . -12.00 21.78 44.20
C16 PX4 ID . -11.87 21.88 42.68
C17 PX4 ID . -13.02 21.10 42.04
C18 PX4 ID . -12.80 20.93 40.53
C19 PX4 ID . -14.05 20.21 40.01
C20 PX4 ID . -13.89 20.11 38.50
C21 PX4 ID . -15.17 19.40 38.01
C22 PX4 ID . -15.01 19.24 36.50
O7 PX4 ID . -3.49 26.50 45.17
C23 PX4 ID . -2.59 27.50 44.96
O8 PX4 ID . -1.73 27.66 45.83
C24 PX4 ID . -2.41 28.10 43.58
C25 PX4 ID . -3.09 27.44 42.38
C26 PX4 ID . -3.31 28.37 41.17
C27 PX4 ID . -4.10 27.48 40.20
C28 PX4 ID . -4.73 28.05 38.92
C29 PX4 ID . -5.67 27.05 38.23
C30 PX4 ID . -6.24 27.55 36.89
C31 PX4 ID . -7.36 26.62 36.41
C32 PX4 ID . -7.67 26.64 34.92
C33 PX4 ID . -8.15 28.08 34.71
C34 PX4 ID . -8.86 28.33 33.36
C35 PX4 ID . -9.73 29.58 33.40
C36 PX4 ID . -10.42 29.80 32.05
O1 PX4 JD . -7.87 18.18 55.66
O2 PX4 JD . -8.04 15.68 55.15
P1 PX4 JD . -7.57 17.04 54.78
O3 PX4 JD . -5.97 17.15 54.69
C1 PX4 JD . -5.68 16.97 56.09
C2 PX4 JD . -4.23 16.87 56.56
N1 PX4 JD . -3.31 15.74 56.37
C3 PX4 JD . -3.71 14.65 57.27
C4 PX4 JD . -3.45 15.27 54.97
C5 PX4 JD . -1.91 16.05 56.60
O4 PX4 JD . -7.54 17.40 53.21
C6 PX4 JD . -8.30 16.35 52.61
C7 PX4 JD . -8.49 16.34 51.08
C8 PX4 JD . -9.06 17.71 50.72
O5 PX4 JD . -10.16 17.64 49.81
C9 PX4 JD . -10.58 18.82 49.30
O6 PX4 JD . -10.33 19.91 49.79
C10 PX4 JD . -11.85 18.78 48.43
C11 PX4 JD . -11.20 18.20 47.17
C12 PX4 JD . -12.26 17.93 46.10
C13 PX4 JD . -13.35 16.92 46.50
C14 PX4 JD . -14.62 17.10 45.68
C15 PX4 JD . -14.51 16.15 44.49
C16 PX4 JD . -15.04 16.85 43.24
C17 PX4 JD . -14.50 16.23 41.96
C18 PX4 JD . -14.67 14.71 41.81
C19 PX4 JD . -14.58 14.31 40.34
C20 PX4 JD . -14.84 12.80 40.23
C21 PX4 JD . -14.29 12.34 38.87
C22 PX4 JD . -15.03 11.08 38.40
O7 PX4 JD . -7.37 15.93 50.31
C23 PX4 JD . -7.47 14.76 49.63
O8 PX4 JD . -8.10 13.85 50.16
C24 PX4 JD . -6.47 14.51 48.49
C25 PX4 JD . -7.26 14.91 47.25
C26 PX4 JD . -6.60 14.17 46.08
C27 PX4 JD . -6.94 14.72 44.70
C28 PX4 JD . -6.44 13.92 43.50
C29 PX4 JD . -6.84 14.62 42.19
C30 PX4 JD . -6.25 13.86 41.00
C31 PX4 JD . -6.58 14.55 39.69
C32 PX4 JD . -5.73 14.00 38.54
C33 PX4 JD . -5.81 15.04 37.41
C34 PX4 JD . -7.25 15.14 36.91
C35 PX4 JD . -7.48 15.98 35.65
C36 PX4 JD . -6.60 15.55 34.48
O1 PX4 KD . -0.31 -9.11 51.35
O2 PX4 KD . -0.42 -6.38 51.37
P1 PX4 KD . -0.91 -7.75 51.26
O3 PX4 KD . -1.79 -7.69 52.60
C1 PX4 KD . -1.02 -8.15 53.73
C2 PX4 KD . -1.76 -8.17 55.07
N1 PX4 KD . -2.28 -6.92 55.64
C3 PX4 KD . -1.20 -6.01 56.07
C4 PX4 KD . -3.24 -6.19 54.81
C5 PX4 KD . -3.06 -7.37 56.81
O4 PX4 KD . -2.08 -7.70 50.15
C6 PX4 KD . -3.20 -8.48 50.56
C7 PX4 KD . -4.31 -8.61 49.50
C8 PX4 KD . -4.23 -7.43 48.51
O5 PX4 KD . -5.25 -6.43 48.62
C9 PX4 KD . -4.78 -5.40 47.86
O6 PX4 KD . -3.58 -5.12 47.92
C10 PX4 KD . -5.89 -4.52 47.28
C11 PX4 KD . -6.50 -4.97 45.96
C12 PX4 KD . -5.51 -4.66 44.83
C13 PX4 KD . -6.23 -4.56 43.47
C14 PX4 KD . -5.40 -3.88 42.37
C15 PX4 KD . -6.11 -3.89 41.01
C16 PX4 KD . -6.23 -5.32 40.52
C17 PX4 KD . -7.19 -5.41 39.33
C18 PX4 KD . -7.57 -6.88 39.06
C19 PX4 KD . -6.31 -7.57 38.56
C20 PX4 KD . -6.58 -9.03 38.18
C21 PX4 KD . -5.40 -9.86 37.67
C22 PX4 KD . -4.90 -9.01 36.52
O7 PX4 KD . -4.37 -9.85 48.82
C23 PX4 KD . -4.78 -11.01 49.40
O8 PX4 KD . -5.16 -11.05 50.57
C24 PX4 KD . -4.70 -12.30 48.58
C25 PX4 KD . -3.23 -12.45 48.14
C26 PX4 KD . -2.88 -13.50 47.10
C27 PX4 KD . -3.74 -13.28 45.85
C28 PX4 KD . -3.26 -14.15 44.69
C29 PX4 KD . -4.33 -14.20 43.59
C30 PX4 KD . -4.49 -12.74 43.15
C31 PX4 KD . -5.75 -12.70 42.26
C32 PX4 KD . -6.80 -13.45 43.09
C33 PX4 KD . -8.20 -13.33 42.49
C34 PX4 KD . -8.91 -12.01 42.80
C35 PX4 KD . -10.28 -11.86 42.14
C36 PX4 KD . -10.20 -12.13 40.65
O1 PX4 LD . 4.48 -2.89 49.50
O2 PX4 LD . 5.71 -1.23 48.01
P1 PX4 LD . 4.67 -2.29 48.16
O3 PX4 LD . 3.40 -1.33 47.96
C1 PX4 LD . 3.28 -0.46 49.09
C2 PX4 LD . 2.49 0.82 48.76
N1 PX4 LD . 3.04 1.83 47.85
C3 PX4 LD . 4.22 2.52 48.38
C4 PX4 LD . 3.22 1.36 46.47
C5 PX4 LD . 1.89 2.76 47.78
O4 PX4 LD . 4.40 -3.03 46.76
C6 PX4 LD . 4.22 -2.14 45.64
C7 PX4 LD . 3.82 -2.78 44.30
C8 PX4 LD . 4.74 -3.99 44.14
O5 PX4 LD . 5.59 -4.00 42.99
C9 PX4 LD . 6.93 -3.98 43.18
O6 PX4 LD . 7.36 -4.12 44.33
C10 PX4 LD . 7.72 -3.51 41.96
C11 PX4 LD . 8.39 -4.77 41.37
C12 PX4 LD . 9.19 -4.39 40.12
C13 PX4 LD . 9.37 -5.68 39.32
C14 PX4 LD . 10.24 -6.79 39.93
C15 PX4 LD . 10.73 -7.91 39.01
C16 PX4 LD . 11.67 -7.52 37.86
C17 PX4 LD . 13.05 -7.06 38.30
C18 PX4 LD . 13.98 -7.01 37.08
C19 PX4 LD . 13.76 -8.26 36.23
C20 PX4 LD . 14.07 -7.83 34.80
C21 PX4 LD . 13.97 -9.01 33.84
C22 PX4 LD . 14.32 -8.34 32.52
O7 PX4 LD . 2.46 -3.21 44.20
C23 PX4 LD . 1.53 -2.25 44.02
O8 PX4 LD . 1.75 -1.14 44.51
C24 PX4 LD . 0.15 -2.72 43.56
C25 PX4 LD . -0.19 -1.83 42.36
C26 PX4 LD . -1.49 -2.12 41.63
C27 PX4 LD . -1.80 -1.03 40.61
C28 PX4 LD . -3.19 -0.98 39.97
C29 PX4 LD . -3.24 0.28 39.10
C30 PX4 LD . -2.27 0.46 37.93
C31 PX4 LD . -2.59 1.80 37.25
C32 PX4 LD . -1.58 2.05 36.14
C33 PX4 LD . -1.69 3.48 35.61
C34 PX4 LD . -0.67 3.82 34.51
C35 PX4 LD . 0.68 3.85 35.20
C36 PX4 LD . 1.74 4.03 34.11
O1 PX4 MD . 20.24 6.40 49.82
O2 PX4 MD . 17.79 5.52 50.33
P1 PX4 MD . 19.10 5.48 49.63
O3 PX4 MD . 19.76 4.03 49.80
C1 PX4 MD . 21.17 4.07 49.72
C2 PX4 MD . 21.67 2.62 49.59
N1 PX4 MD . 21.36 1.83 48.38
C3 PX4 MD . 22.42 0.84 48.23
C4 PX4 MD . 20.06 1.14 48.41
C5 PX4 MD . 21.52 2.66 47.19
O4 PX4 MD . 18.80 5.22 48.06
C6 PX4 MD . 17.67 4.37 47.79
C7 PX4 MD . 17.74 3.86 46.35
C8 PX4 MD . 18.76 4.79 45.66
O5 PX4 MD . 18.00 5.42 44.63
C9 PX4 MD . 18.78 6.14 43.77
O6 PX4 MD . 19.97 6.40 43.96
C10 PX4 MD . 18.03 6.66 42.55
C11 PX4 MD . 17.50 5.51 41.66
C12 PX4 MD . 16.53 6.27 40.76
C13 PX4 MD . 15.86 5.28 39.80
C14 PX4 MD . 14.83 6.08 39.01
C15 PX4 MD . 15.48 6.84 37.85
C16 PX4 MD . 15.90 5.77 36.83
C17 PX4 MD . 16.71 6.30 35.64
C18 PX4 MD . 17.38 5.30 34.72
C19 PX4 MD . 18.11 5.81 33.48
C20 PX4 MD . 18.80 4.66 32.74
C21 PX4 MD . 17.89 3.48 32.39
C22 PX4 MD . 18.63 2.21 31.95
O7 PX4 MD . 17.96 2.46 46.19
C23 PX4 MD . 17.31 1.65 45.32
O8 PX4 MD . 16.24 1.93 44.78
C24 PX4 MD . 17.87 0.23 45.34
C25 PX4 MD . 17.40 -0.55 44.12
C26 PX4 MD . 18.37 -1.70 43.86
C27 PX4 MD . 17.94 -2.58 42.71
C28 PX4 MD . 18.43 -1.94 41.41
C29 PX4 MD . 18.15 -2.94 40.28
C30 PX4 MD . 18.33 -2.46 38.85
C31 PX4 MD . 17.56 -3.39 37.92
C32 PX4 MD . 17.37 -2.83 36.51
C33 PX4 MD . 16.66 -3.82 35.59
C34 PX4 MD . 16.48 -3.12 34.23
C35 PX4 MD . 15.72 -4.03 33.29
C36 PX4 MD . 15.68 -3.52 31.84
O1 PX4 ND . 29.36 -3.85 46.94
O2 PX4 ND . 28.19 -5.40 48.64
P1 PX4 ND . 28.96 -5.21 47.38
O3 PX4 ND . 30.31 -6.06 47.53
C1 PX4 ND . 31.38 -5.20 47.86
C2 PX4 ND . 32.72 -5.94 47.95
N1 PX4 ND . 33.96 -5.18 48.22
C3 PX4 ND . 35.09 -6.11 48.34
C4 PX4 ND . 34.30 -4.28 47.11
C5 PX4 ND . 33.94 -4.51 49.53
O4 PX4 ND . 28.33 -5.96 46.09
C6 PX4 ND . 29.09 -5.59 44.94
C7 PX4 ND . 28.57 -6.11 43.60
C8 PX4 ND . 27.10 -6.44 43.85
O5 PX4 ND . 26.77 -7.76 43.40
C9 PX4 ND . 25.48 -8.14 43.43
O6 PX4 ND . 24.56 -7.43 43.87
C10 PX4 ND . 25.38 -9.59 42.91
C11 PX4 ND . 25.60 -10.65 44.00
C12 PX4 ND . 26.01 -12.03 43.50
C13 PX4 ND . 27.05 -11.87 42.38
C14 PX4 ND . 27.34 -13.29 41.86
C15 PX4 ND . 28.57 -13.32 40.96
C16 PX4 ND . 28.58 -14.39 39.88
C17 PX4 ND . 29.87 -14.78 39.11
C18 PX4 ND . 29.67 -15.85 38.05
C19 PX4 ND . 31.05 -16.20 37.47
C20 PX4 ND . 30.87 -17.21 36.34
C21 PX4 ND . 32.15 -17.28 35.51
C22 PX4 ND . 32.56 -15.91 34.97
O7 PX4 ND . 28.89 -5.18 42.56
C23 PX4 ND . 30.21 -4.95 42.25
O8 PX4 ND . 31.22 -5.21 42.90
C24 PX4 ND . 30.31 -4.14 40.96
C25 PX4 ND . 31.70 -4.09 40.32
C26 PX4 ND . 31.87 -3.01 39.25
C27 PX4 ND . 32.10 -1.64 39.92
C28 PX4 ND . 32.31 -0.53 38.88
C29 PX4 ND . 31.78 0.67 39.69
C30 PX4 ND . 32.14 1.98 38.99
C31 PX4 ND . 31.54 3.28 39.54
C32 PX4 ND . 32.06 4.47 38.73
C33 PX4 ND . 31.30 5.69 39.26
C34 PX4 ND . 32.10 6.95 38.91
C35 PX4 ND . 31.22 8.11 39.38
C36 PX4 ND . 32.14 9.34 39.39
O1 PX4 OD . 23.98 15.24 46.87
O2 PX4 OD . 26.41 16.13 46.85
P1 PX4 OD . 24.95 16.35 46.83
O3 PX4 OD . 24.72 17.75 47.60
C1 PX4 OD . 25.43 18.78 46.91
C2 PX4 OD . 26.70 19.32 47.55
N1 PX4 OD . 26.50 20.18 48.73
C3 PX4 OD . 25.57 21.29 48.55
C4 PX4 OD . 26.07 19.48 49.95
C5 PX4 OD . 27.74 20.93 49.00
O4 PX4 OD . 24.75 16.78 45.29
C6 PX4 OD . 25.55 15.84 44.57
C7 PX4 OD . 25.50 15.71 43.05
C8 PX4 OD . 25.04 17.11 42.66
O5 PX4 OD . 24.45 17.18 41.36
C9 PX4 OD . 23.42 16.39 40.97
O6 PX4 OD . 22.75 15.75 41.79
C10 PX4 OD . 23.06 16.49 39.48
C11 PX4 OD . 22.33 15.24 38.97
C12 PX4 OD . 22.12 15.17 37.47
C13 PX4 OD . 21.01 14.31 36.87
C14 PX4 OD . 21.20 13.96 35.38
C15 PX4 OD . 19.87 13.56 34.73
C16 PX4 OD . 20.23 12.97 33.37
C17 PX4 OD . 19.26 13.37 32.26
C18 PX4 OD . 19.63 12.82 30.89
C19 PX4 OD . 18.92 13.35 29.63
C20 PX4 OD . 19.26 12.56 28.36
C21 PX4 OD . 20.74 12.55 28.00
C22 PX4 OD . 21.08 12.15 26.56
O7 PX4 OD . 26.68 15.16 42.45
C23 PX4 OD . 26.57 13.84 42.10
O8 PX4 OD . 25.73 13.14 42.64
C24 PX4 OD . 27.82 13.27 41.41
C25 PX4 OD . 27.40 12.41 40.23
C26 PX4 OD . 28.56 12.29 39.23
C27 PX4 OD . 28.20 11.47 37.98
C28 PX4 OD . 29.42 11.53 37.06
C29 PX4 OD . 29.24 10.45 36.00
C30 PX4 OD . 30.39 10.46 34.98
C31 PX4 OD . 30.61 11.88 34.47
C32 PX4 OD . 31.57 11.93 33.27
C33 PX4 OD . 32.17 13.26 32.80
C34 PX4 OD . 33.04 13.00 31.57
C35 PX4 OD . 33.77 14.28 31.16
C36 PX4 OD . 35.18 13.97 30.67
O1 PX4 PD . -9.00 26.06 51.04
O2 PX4 PD . -9.61 28.13 52.57
P1 PX4 PD . -9.93 27.07 51.59
O3 PX4 PD . -10.88 26.09 52.43
C1 PX4 PD . -11.33 26.64 53.67
C2 PX4 PD . -12.35 25.82 54.47
N1 PX4 PD . -13.78 25.85 54.12
C3 PX4 PD . -13.77 25.44 52.70
C4 PX4 PD . -14.57 24.82 54.78
C5 PX4 PD . -14.45 27.17 54.14
O4 PX4 PD . -10.94 27.49 50.40
C6 PX4 PD . -10.58 26.95 49.12
C7 PX4 PD . -11.60 27.26 48.02
C8 PX4 PD . -10.86 27.85 46.82
O5 PX4 PD . -9.59 27.19 46.62
C9 PX4 PD . -8.93 27.79 45.59
O6 PX4 PD . -8.93 29.01 45.42
C10 PX4 PD . -7.85 26.88 45.01
C11 PX4 PD . -8.39 26.09 43.81
C12 PX4 PD . -7.16 25.78 42.95
C13 PX4 PD . -7.47 24.96 41.68
C14 PX4 PD . -8.09 23.67 42.23
C15 PX4 PD . -8.27 22.65 41.11
C16 PX4 PD . -6.91 22.23 40.56
C17 PX4 PD . -7.07 21.83 39.10
C18 PX4 PD . -7.67 20.42 39.10
C19 PX4 PD . -8.07 20.02 37.68
C20 PX4 PD . -9.35 20.64 37.11
C21 PX4 PD . -9.43 20.12 35.68
C22 PX4 PD . -10.64 20.87 35.14
O7 PX4 PD . -12.44 26.19 47.60
C23 PX4 PD . -13.50 25.69 48.29
O8 PX4 PD . -13.94 26.20 49.31
C24 PX4 PD . -14.20 24.46 47.71
C25 PX4 PD . -14.18 24.41 46.18
C26 PX4 PD . -14.95 25.58 45.57
C27 PX4 PD . -15.17 25.36 44.08
C28 PX4 PD . -16.11 26.44 43.48
C29 PX4 PD . -15.84 26.33 41.97
C30 PX4 PD . -16.99 27.07 41.28
C31 PX4 PD . -17.06 26.80 39.76
C32 PX4 PD . -18.35 27.37 39.18
C33 PX4 PD . -18.21 27.34 37.66
C34 PX4 PD . -19.49 27.95 37.09
C35 PX4 PD . -19.24 28.24 35.61
C36 PX4 PD . -19.02 26.97 34.77
O1 PX4 QD . -11.77 36.80 48.74
O2 PX4 QD . -9.13 36.77 49.02
P1 PX4 QD . -10.40 37.11 48.31
O3 PX4 QD . -10.37 38.71 48.49
C1 PX4 QD . -10.59 39.08 49.85
C2 PX4 QD . -10.88 40.58 49.90
N1 PX4 QD . -9.85 41.62 49.69
C3 PX4 QD . -10.00 42.76 50.61
C4 PX4 QD . -8.50 41.06 49.82
C5 PX4 QD . -9.92 42.04 48.29
O4 PX4 QD . -10.09 37.18 46.73
C6 PX4 QD . -11.30 37.76 46.23
C7 PX4 QD . -11.29 38.00 44.71
C8 PX4 QD . -9.86 37.86 44.17
O5 PX4 QD . -9.42 38.63 43.05
C9 PX4 QD . -8.16 38.32 42.64
O6 PX4 QD . -7.55 37.47 43.27
C10 PX4 QD . -7.51 39.15 41.52
C11 PX4 QD . -6.54 40.05 42.29
C12 PX4 QD . -5.56 40.81 41.39
C13 PX4 QD . -4.54 39.88 40.72
C14 PX4 QD . -3.47 40.59 39.89
C15 PX4 QD . -2.82 39.69 38.81
C16 PX4 QD . -2.00 40.71 38.06
C17 PX4 QD . -1.71 40.31 36.61
C18 PX4 QD . -0.83 41.39 35.95
C19 PX4 QD . -0.44 40.85 34.56
C20 PX4 QD . 0.44 41.83 33.78
C21 PX4 QD . 0.90 41.17 32.48
C22 PX4 QD . 1.92 42.17 31.94
O7 PX4 QD . -12.25 37.26 43.97
C23 PX4 QD . -12.80 37.94 42.93
O8 PX4 QD . -13.24 39.09 43.03
C24 PX4 QD . -13.21 37.01 41.79
C25 PX4 QD . -12.98 37.57 40.38
C26 PX4 QD . -13.31 36.50 39.34
C27 PX4 QD . -14.79 36.15 39.42
C28 PX4 QD . -15.47 35.89 38.08
C29 PX4 QD . -15.25 37.22 37.31
C30 PX4 QD . -15.31 36.99 35.81
C31 PX4 QD . -14.93 38.30 35.12
C32 PX4 QD . -14.66 38.30 33.62
C33 PX4 QD . -14.40 39.69 33.04
C34 PX4 QD . -14.92 39.73 31.59
C35 PX4 QD . -13.70 40.15 30.76
C36 PX4 QD . -14.03 40.20 29.27
O1 PX4 RD . 0.49 12.45 49.81
O2 PX4 RD . -1.13 11.14 51.35
P1 PX4 RD . -0.78 11.69 50.02
O3 PX4 RD . -0.60 10.30 49.24
C1 PX4 RD . 0.59 9.70 49.75
C2 PX4 RD . 1.02 8.42 49.03
N1 PX4 RD . 1.37 8.53 47.62
C3 PX4 RD . 2.48 9.49 47.42
C4 PX4 RD . 1.79 7.19 47.15
C5 PX4 RD . 0.20 8.83 46.77
O4 PX4 RD . -1.84 12.42 49.07
C6 PX4 RD . -2.80 11.41 48.72
C7 PX4 RD . -3.66 11.85 47.55
C8 PX4 RD . -2.83 12.86 46.78
O5 PX4 RD . -3.44 14.14 46.68
C9 PX4 RD . -2.77 15.14 46.03
O6 PX4 RD . -1.55 15.06 45.89
C10 PX4 RD . -3.54 16.46 45.96
C11 PX4 RD . -3.13 17.17 44.67
C12 PX4 RD . -3.72 18.58 44.62
C13 PX4 RD . -3.36 19.13 43.23
C14 PX4 RD . -4.25 18.56 42.14
C15 PX4 RD . -4.00 19.15 40.74
C16 PX4 RD . -2.61 18.59 40.41
C17 PX4 RD . -2.30 18.90 38.94
C18 PX4 RD . -3.46 18.46 38.07
C19 PX4 RD . -3.42 19.04 36.64
C20 PX4 RD . -4.67 18.44 35.99
C21 PX4 RD . -4.72 18.75 34.49
C22 PX4 RD . -3.52 18.06 33.85
O7 PX4 RD . -4.14 10.77 46.73
C23 PX4 RD . -5.40 10.29 46.94
O8 PX4 RD . -5.96 10.54 47.99
C24 PX4 RD . -6.01 9.50 45.77
C25 PX4 RD . -7.15 10.31 45.14
C26 PX4 RD . -7.77 9.66 43.90
C27 PX4 RD . -8.37 8.36 44.44
C28 PX4 RD . -8.97 7.57 43.27
C29 PX4 RD . -7.89 7.06 42.31
C30 PX4 RD . -8.49 6.26 41.16
C31 PX4 RD . -7.32 5.98 40.22
C32 PX4 RD . -7.82 5.49 38.85
C33 PX4 RD . -6.63 5.23 37.92
C34 PX4 RD . -7.03 4.79 36.51
C35 PX4 RD . -5.67 4.54 35.87
C36 PX4 RD . -6.02 3.72 34.62
O1 PX4 SD . 8.01 7.08 45.69
O2 PX4 SD . 6.22 5.34 46.53
P1 PX4 SD . 7.51 5.70 45.89
O3 PX4 SD . 8.63 5.11 46.86
C1 PX4 SD . 8.70 5.91 48.05
C2 PX4 SD . 10.08 6.12 48.70
N1 PX4 SD . 11.08 6.95 48.01
C3 PX4 SD . 12.32 6.74 48.77
C4 PX4 SD . 11.36 6.65 46.60
C5 PX4 SD . 10.71 8.38 48.05
O4 PX4 SD . 7.64 4.79 44.56
C6 PX4 SD . 8.30 3.54 44.81
C7 PX4 SD . 8.09 2.51 43.71
C8 PX4 SD . 7.20 3.08 42.60
O5 PX4 SD . 6.18 2.22 42.11
C9 PX4 SD . 5.07 2.02 42.89
O6 PX4 SD . 4.89 2.62 43.95
C10 PX4 SD . 4.04 1.18 42.15
C11 PX4 SD . 2.80 2.06 42.00
C12 PX4 SD . 1.78 1.40 41.08
C13 PX4 SD . 1.09 2.50 40.27
C14 PX4 SD . -0.39 2.46 40.68
C15 PX4 SD . -1.02 3.73 40.09
C16 PX4 SD . -2.39 3.97 40.73
C17 PX4 SD . -3.09 4.90 39.74
C18 PX4 SD . -2.07 6.01 39.47
C19 PX4 SD . -2.79 7.32 39.09
C20 PX4 SD . -1.90 8.55 38.88
C21 PX4 SD . -2.77 9.68 38.31
C22 PX4 SD . -3.78 10.06 39.40
O7 PX4 SD . 9.41 2.24 43.20
C23 PX4 SD . 9.77 0.94 43.05
O8 PX4 SD . 9.08 0.04 43.51
C24 PX4 SD . 10.91 0.60 42.07
C25 PX4 SD . 12.01 1.66 41.96
C26 PX4 SD . 13.01 1.34 40.86
C27 PX4 SD . 14.30 2.18 40.91
C28 PX4 SD . 15.26 1.97 39.73
C29 PX4 SD . 14.39 1.95 38.47
C30 PX4 SD . 15.13 1.32 37.27
C31 PX4 SD . 14.46 1.68 35.94
C32 PX4 SD . 15.13 0.88 34.81
C33 PX4 SD . 14.61 1.46 33.49
C34 PX4 SD . 15.05 0.52 32.35
C35 PX4 SD . 14.93 1.19 30.99
C36 PX4 SD . 15.49 0.20 29.95
O1 PX4 TD . 5.64 7.68 49.89
O2 PX4 TD . 7.34 9.63 49.88
P1 PX4 TD . 6.10 9.00 49.38
O3 PX4 TD . 4.85 10.00 49.62
C1 PX4 TD . 4.43 9.95 50.99
C2 PX4 TD . 3.78 11.28 51.36
N1 PX4 TD . 4.63 12.43 51.68
C3 PX4 TD . 5.49 12.25 52.86
C4 PX4 TD . 5.41 12.98 50.55
C5 PX4 TD . 3.75 13.53 52.10
O4 PX4 TD . 6.08 9.09 47.77
C6 PX4 TD . 6.19 10.47 47.46
C7 PX4 TD . 5.75 10.87 46.05
C8 PX4 TD . 5.89 9.63 45.18
O5 PX4 TD . 6.40 9.89 43.86
C9 PX4 TD . 6.69 8.82 43.08
O6 PX4 TD . 6.09 7.76 43.28
C10 PX4 TD . 7.43 9.12 41.78
C11 PX4 TD . 6.60 8.58 40.61
C12 PX4 TD . 7.15 9.05 39.27
C13 PX4 TD . 6.31 8.70 38.03
C14 PX4 TD . 7.01 9.04 36.72
C15 PX4 TD . 6.07 8.71 35.55
C16 PX4 TD . 4.68 9.33 35.66
C17 PX4 TD . 3.77 8.63 34.64
C18 PX4 TD . 2.30 9.05 34.61
C19 PX4 TD . 2.44 10.50 34.13
C20 PX4 TD . 1.02 11.04 34.09
C21 PX4 TD . 0.79 11.52 32.66
C22 PX4 TD . -0.70 11.87 32.45
O7 PX4 TD . 4.49 11.57 46.06
C23 PX4 TD . 4.52 12.92 46.12
O8 PX4 TD . 5.51 13.50 46.57
C24 PX4 TD . 3.29 13.77 45.79
C25 PX4 TD . 3.57 14.98 44.90
C26 PX4 TD . 2.27 15.35 44.21
C27 PX4 TD . 1.69 14.16 43.46
C28 PX4 TD . 0.34 14.57 42.85
C29 PX4 TD . -0.31 13.25 42.41
C30 PX4 TD . -0.69 12.21 43.45
C31 PX4 TD . -1.69 11.28 42.77
C32 PX4 TD . -2.11 10.03 43.56
C33 PX4 TD . -3.06 9.19 42.70
C34 PX4 TD . -3.54 8.03 43.56
C35 PX4 TD . -4.17 6.96 42.66
C36 PX4 TD . -4.55 5.67 43.39
O1 PX4 UD . 8.59 17.92 49.67
O2 PX4 UD . 10.50 16.31 49.23
P1 PX4 UD . 9.84 17.59 48.93
O3 PX4 UD . 10.89 18.75 49.32
C1 PX4 UD . 10.18 20.00 49.21
C2 PX4 UD . 11.00 21.17 49.76
N1 PX4 UD . 10.96 22.44 49.01
C3 PX4 UD . 11.87 23.37 49.67
C4 PX4 UD . 11.33 22.33 47.59
C5 PX4 UD . 9.63 23.06 49.04
O4 PX4 UD . 9.52 17.54 47.35
C6 PX4 UD . 10.70 17.27 46.61
C7 PX4 UD . 10.75 17.70 45.15
C8 PX4 UD . 9.33 17.42 44.62
O5 PX4 UD . 9.17 16.05 44.28
C9 PX4 UD . 7.91 15.58 44.00
O6 PX4 UD . 7.01 16.41 43.98
C10 PX4 UD . 7.61 14.09 43.86
C11 PX4 UD . 7.46 13.40 42.51
C12 PX4 UD . 6.00 13.29 42.05
C13 PX4 UD . 6.07 12.50 40.75
C14 PX4 UD . 4.66 12.28 40.23
C15 PX4 UD . 3.69 13.46 40.10
C16 PX4 UD . 2.41 13.02 39.39
C17 PX4 UD . 1.47 14.18 39.10
C18 PX4 UD . 0.35 13.55 38.27
C19 PX4 UD . -0.32 14.69 37.49
C20 PX4 UD . -1.64 14.27 36.84
C21 PX4 UD . -1.34 13.05 35.96
C22 PX4 UD . -2.75 12.61 35.59
O7 PX4 UD . 11.12 19.07 44.95
C23 PX4 UD . 12.44 19.39 44.96
O8 PX4 UD . 13.20 18.73 45.69
C24 PX4 UD . 12.58 20.87 44.60
C25 PX4 UD . 12.92 20.96 43.11
C26 PX4 UD . 11.88 21.86 42.45
C27 PX4 UD . 11.97 21.63 40.94
C28 PX4 UD . 13.06 22.51 40.32
C29 PX4 UD . 13.13 22.31 38.80
C30 PX4 UD . 14.30 23.04 38.14
C31 PX4 UD . 13.82 24.26 37.36
C32 PX4 UD . 15.04 24.85 36.65
C33 PX4 UD . 15.63 24.00 35.53
C34 PX4 UD . 17.02 24.37 35.01
C35 PX4 UD . 17.49 23.29 34.05
C36 PX4 UD . 17.75 21.83 34.47
O1 PX4 VD . 14.42 8.84 47.28
O2 PX4 VD . 15.95 6.83 46.48
P1 PX4 VD . 15.64 8.27 46.66
O3 PX4 VD . 16.84 8.78 47.60
C1 PX4 VD . 18.09 8.72 46.90
C2 PX4 VD . 19.29 9.22 47.71
N1 PX4 VD . 20.61 9.24 47.09
C3 PX4 VD . 21.56 9.84 48.05
C4 PX4 VD . 21.16 7.88 46.98
C5 PX4 VD . 20.58 10.03 45.85
O4 PX4 VD . 15.82 9.00 45.23
C6 PX4 VD . 14.46 9.01 44.83
C7 PX4 VD . 14.11 9.15 43.34
C8 PX4 VD . 15.34 9.71 42.62
O5 PX4 VD . 15.03 10.53 41.48
C9 PX4 VD . 16.01 10.52 40.55
O6 PX4 VD . 17.14 10.26 40.97
C10 PX4 VD . 15.74 11.29 39.25
C11 PX4 VD . 15.09 12.65 39.50
C12 PX4 VD . 14.83 13.11 38.06
C13 PX4 VD . 13.87 14.27 37.96
C14 PX4 VD . 13.47 14.39 36.49
C15 PX4 VD . 12.69 15.69 36.30
C16 PX4 VD . 12.29 15.97 34.85
C17 PX4 VD . 11.42 14.84 34.27
C18 PX4 VD . 10.10 14.71 35.03
C19 PX4 VD . 9.30 13.44 34.74
C20 PX4 VD . 8.01 13.61 35.55
C21 PX4 VD . 6.76 12.84 35.11
C22 PX4 VD . 5.92 13.40 33.96
O7 PX4 VD . 13.70 7.96 42.67
C23 PX4 VD . 12.48 7.40 42.89
O8 PX4 VD . 11.62 7.89 43.63
C24 PX4 VD . 12.20 6.15 42.06
C25 PX4 VD . 10.80 6.13 41.42
C26 PX4 VD . 10.74 4.91 40.48
C27 PX4 VD . 9.63 4.93 39.44
C28 PX4 VD . 10.06 4.21 38.15
C29 PX4 VD . 10.22 2.71 38.38
C30 PX4 VD . 10.75 1.99 37.14
C31 PX4 VD . 10.86 0.51 37.49
C32 PX4 VD . 9.43 0.00 37.69
C33 PX4 VD . 9.23 -1.38 38.33
C34 PX4 VD . 7.73 -1.66 38.34
C35 PX4 VD . 7.03 -0.74 39.34
C36 PX4 VD . 5.60 -1.25 39.21
O1 PX4 WD . 27.32 2.62 47.39
O2 PX4 WD . 24.91 3.03 48.13
P1 PX4 WD . 25.95 2.12 47.60
O3 PX4 WD . 25.81 0.79 48.50
C1 PX4 WD . 26.77 0.85 49.55
C2 PX4 WD . 27.01 -0.46 50.31
N1 PX4 WD . 27.53 -1.71 49.74
C3 PX4 WD . 27.57 -2.81 50.72
C4 PX4 WD . 26.80 -2.11 48.53
C5 PX4 WD . 28.92 -1.54 49.30
O4 PX4 WD . 25.27 1.64 46.22
C6 PX4 WD . 26.27 1.21 45.29
C7 PX4 WD . 25.97 -0.13 44.62
C8 PX4 WD . 24.44 -0.29 44.75
O5 PX4 WD . 23.66 0.14 43.63
C9 PX4 WD . 22.32 0.19 43.85
O6 PX4 WD . 21.86 -0.19 44.93
C10 PX4 WD . 21.39 0.65 42.73
C11 PX4 WD . 20.85 2.06 42.96
C12 PX4 WD . 19.84 2.40 41.86
C13 PX4 WD . 20.54 2.30 40.50
C14 PX4 WD . 19.50 2.58 39.44
C15 PX4 WD . 20.07 2.80 38.04
C16 PX4 WD . 21.06 3.97 38.16
C17 PX4 WD . 21.49 4.27 36.72
C18 PX4 WD . 22.71 5.22 36.70
C19 PX4 WD . 23.20 5.48 35.28
C20 PX4 WD . 23.51 4.19 34.53
C21 PX4 WD . 23.75 4.50 33.04
C22 PX4 WD . 25.08 5.24 32.91
O7 PX4 WD . 26.65 -0.30 43.37
C23 PX4 WD . 26.57 -1.53 42.80
O8 PX4 WD . 26.46 -2.52 43.51
C24 PX4 WD . 27.37 -1.54 41.49
C25 PX4 WD . 26.78 -0.82 40.26
C26 PX4 WD . 27.57 -1.11 38.98
C27 PX4 WD . 27.64 -2.57 38.51
C28 PX4 WD . 28.24 -2.81 37.11
C29 PX4 WD . 27.37 -2.13 36.05
C30 PX4 WD . 27.65 -2.63 34.63
C31 PX4 WD . 27.75 -4.14 34.50
C32 PX4 WD . 27.78 -4.56 33.04
C33 PX4 WD . 27.69 -6.10 32.95
C34 PX4 WD . 27.70 -6.54 31.49
C35 PX4 WD . 27.94 -8.06 31.43
C36 PX4 WD . 29.08 -8.49 32.38
O1 PX4 XD . -14.19 31.45 48.47
O2 PX4 XD . -12.25 30.46 49.84
P1 PX4 XD . -12.76 31.34 48.78
O3 PX4 XD . -12.44 32.90 49.04
C1 PX4 XD . -13.05 33.15 50.31
C2 PX4 XD . -12.70 34.46 51.00
N1 PX4 XD . -12.68 34.44 52.48
C3 PX4 XD . -12.07 35.71 52.91
C4 PX4 XD . -14.03 34.57 53.05
C5 PX4 XD . -11.89 33.45 53.24
O4 PX4 XD . -12.03 31.18 47.34
C6 PX4 XD . -12.81 32.03 46.50
C7 PX4 XD . -12.48 32.01 45.00
C8 PX4 XD . -11.04 31.55 44.83
O5 PX4 XD . -10.31 32.35 43.87
C9 PX4 XD . -10.04 33.64 44.17
O6 PX4 XD . -10.34 34.10 45.27
C10 PX4 XD . -9.16 34.38 43.16
C11 PX4 XD . -10.07 34.67 41.96
C12 PX4 XD . -9.20 35.24 40.84
C13 PX4 XD . -8.70 34.15 39.89
C14 PX4 XD . -7.91 34.67 38.70
C15 PX4 XD . -6.69 35.48 39.18
C16 PX4 XD . -5.96 36.00 37.94
C17 PX4 XD . -4.51 36.35 38.27
C18 PX4 XD . -3.87 36.97 37.02
C19 PX4 XD . -3.47 36.05 35.88
C20 PX4 XD . -3.01 36.96 34.74
C21 PX4 XD . -2.55 36.18 33.50
C22 PX4 XD . -2.12 37.03 32.30
O7 PX4 XD . -13.45 31.33 44.19
C23 PX4 XD . -14.12 31.99 43.22
O8 PX4 XD . -13.99 33.22 43.22
C24 PX4 XD . -14.95 31.22 42.18
C25 PX4 XD . -14.56 31.62 40.76
C26 PX4 XD . -15.34 30.74 39.77
C27 PX4 XD . -15.14 31.29 38.37
C28 PX4 XD . -15.68 30.27 37.36
C29 PX4 XD . -14.86 30.36 36.08
C30 PX4 XD . -15.55 29.73 34.89
C31 PX4 XD . -14.62 29.54 33.69
C32 PX4 XD . -15.42 29.05 32.48
C33 PX4 XD . -14.52 28.79 31.27
C34 PX4 XD . -15.34 28.91 29.99
C35 PX4 XD . -16.66 28.13 30.11
C36 PX4 XD . -17.56 28.18 28.87
O1 PX4 YD . 7.46 26.49 47.91
O2 PX4 YD . 5.07 25.63 47.96
P1 PX4 YD . 6.52 25.37 48.13
O3 PX4 YD . 6.97 24.77 49.56
C1 PX4 YD . 6.05 23.93 50.26
C2 PX4 YD . 6.53 23.71 51.70
N1 PX4 YD . 6.48 24.78 52.69
C3 PX4 YD . 7.58 25.72 52.44
C4 PX4 YD . 5.15 25.42 52.79
C5 PX4 YD . 6.72 24.17 54.00
O4 PX4 YD . 6.88 24.26 47.02
C6 PX4 YD . 6.64 25.07 45.87
C7 PX4 YD . 7.21 24.49 44.59
C8 PX4 YD . 6.12 24.67 43.53
O5 PX4 YD . 5.27 25.79 43.82
C9 PX4 YD . 4.15 25.82 43.04
O6 PX4 YD . 3.93 24.82 42.37
C10 PX4 YD . 3.17 26.98 43.21
C11 PX4 YD . 2.52 27.50 41.93
C12 PX4 YD . 2.01 28.92 42.18
C13 PX4 YD . 1.05 29.43 41.11
C14 PX4 YD . 0.29 30.69 41.55
C15 PX4 YD . -0.47 31.21 40.33
C16 PX4 YD . -1.32 32.41 40.76
C17 PX4 YD . -1.91 32.99 39.47
C18 PX4 YD . -3.15 32.14 39.20
C19 PX4 YD . -3.93 32.64 37.98
C20 PX4 YD . -4.89 31.60 37.40
C21 PX4 YD . -5.77 32.32 36.38
C22 PX4 YD . -6.90 31.47 35.81
O7 PX4 YD . 8.46 25.03 44.13
C23 PX4 YD . 9.61 24.41 44.50
O8 PX4 YD . 9.52 23.30 45.02
C24 PX4 YD . 10.98 25.07 44.26
C25 PX4 YD . 11.03 25.72 42.88
C26 PX4 YD . 12.41 26.41 42.80
C27 PX4 YD . 12.58 26.97 41.40
C28 PX4 YD . 13.87 27.79 41.33
C29 PX4 YD . 14.28 28.11 39.89
C30 PX4 YD . 15.63 28.81 39.84
C31 PX4 YD . 16.78 28.05 40.53
C32 PX4 YD . 18.12 28.73 40.28
C33 PX4 YD . 18.45 29.20 38.87
C34 PX4 YD . 19.80 29.88 38.71
C35 PX4 YD . 20.27 30.13 37.28
C36 PX4 YD . 19.06 30.75 36.56
O1 PX4 ZD . 13.91 25.83 51.16
O2 PX4 ZD . 16.11 25.99 50.04
P1 PX4 ZD . 14.84 26.67 50.38
O3 PX4 ZD . 15.07 27.86 51.43
C1 PX4 ZD . 15.79 28.93 50.80
C2 PX4 ZD . 16.08 29.99 51.85
N1 PX4 ZD . 17.15 30.95 51.53
C3 PX4 ZD . 16.89 31.69 50.29
C4 PX4 ZD . 17.42 31.91 52.61
C5 PX4 ZD . 18.41 30.20 51.43
O4 PX4 ZD . 14.17 27.28 49.05
C6 PX4 ZD . 14.20 26.22 48.10
C7 PX4 ZD . 13.43 26.26 46.78
C8 PX4 ZD . 13.11 27.75 46.58
O5 PX4 ZD . 11.74 27.89 46.15
C9 PX4 ZD . 11.51 29.15 45.71
O6 PX4 ZD . 12.29 30.12 45.83
C10 PX4 ZD . 10.12 29.40 45.12
C11 PX4 ZD . 10.07 29.40 43.59
C12 PX4 ZD . 8.69 29.34 42.94
C13 PX4 ZD . 8.89 29.62 41.45
C14 PX4 ZD . 7.59 29.35 40.70
C15 PX4 ZD . 7.35 27.84 40.64
C16 PX4 ZD . 6.12 27.47 39.83
C17 PX4 ZD . 6.26 27.93 38.37
C18 PX4 ZD . 5.16 27.52 37.38
C19 PX4 ZD . 5.60 28.12 36.05
C20 PX4 ZD . 6.82 27.35 35.53
C21 PX4 ZD . 7.15 27.89 34.14
C22 PX4 ZD . 5.98 27.68 33.18
O7 PX4 ZD . 14.13 25.91 45.58
C23 PX4 ZD . 14.31 24.59 45.31
O8 PX4 ZD . 13.83 23.74 46.05
C24 PX4 ZD . 15.03 24.23 44.02
C25 PX4 ZD . 16.20 23.26 44.24
C26 PX4 ZD . 16.78 22.93 42.87
C27 PX4 ZD . 17.66 24.06 42.36
C28 PX4 ZD . 18.30 23.76 40.99
C29 PX4 ZD . 19.23 24.87 40.55
C30 PX4 ZD . 20.02 24.57 39.28
C31 PX4 ZD . 19.94 25.68 38.23
C32 PX4 ZD . 20.28 25.26 36.80
C33 PX4 ZD . 21.76 25.16 36.41
C34 PX4 ZD . 21.79 24.85 34.91
C35 PX4 ZD . 23.27 24.68 34.53
C36 PX4 ZD . 23.40 24.38 33.03
O1 PX4 AE . -3.91 20.39 53.97
O2 PX4 AE . -2.28 18.39 53.99
P1 PX4 AE . -2.87 19.56 53.29
O3 PX4 AE . -1.69 20.62 53.08
C1 PX4 AE . -2.19 21.95 52.91
C2 PX4 AE . -1.26 23.06 53.42
N1 PX4 AE . -1.01 23.25 54.86
C3 PX4 AE . -0.23 22.10 55.34
C4 PX4 AE . -0.36 24.53 55.17
C5 PX4 AE . -2.30 23.22 55.54
O4 PX4 AE . -3.39 19.49 51.76
C6 PX4 AE . -2.60 18.61 50.95
C7 PX4 AE . -2.93 18.72 49.46
C8 PX4 AE . -4.36 19.24 49.51
O5 PX4 AE . -5.21 18.65 48.53
C9 PX4 AE . -6.39 19.32 48.37
O6 PX4 AE . -6.87 19.68 49.45
C10 PX4 AE . -7.25 18.79 47.22
C11 PX4 AE . -7.02 19.40 45.84
C12 PX4 AE . -7.67 18.54 44.76
C13 PX4 AE . -7.76 19.26 43.41
C14 PX4 AE . -8.14 18.31 42.28
C15 PX4 AE . -9.53 17.71 42.50
C16 PX4 AE . -9.74 16.58 41.49
C17 PX4 AE . -9.91 17.27 40.14
C18 PX4 AE . -10.44 16.26 39.11
C19 PX4 AE . -10.93 16.88 37.79
C20 PX4 AE . -11.69 15.84 36.97
C21 PX4 AE . -10.99 14.60 36.41
C22 PX4 AE . -11.89 13.72 35.54
O7 PX4 AE . -2.13 19.53 48.59
C23 PX4 AE . -1.09 18.90 47.98
O8 PX4 AE . -0.53 17.89 48.41
C24 PX4 AE . -0.60 19.64 46.73
C25 PX4 AE . 0.12 18.85 45.62
C26 PX4 AE . 0.53 19.74 44.44
C27 PX4 AE . 1.00 18.89 43.26
C28 PX4 AE . 1.09 19.64 41.94
C29 PX4 AE . 1.30 18.63 40.82
C30 PX4 AE . 1.35 19.30 39.45
C31 PX4 AE . 1.62 18.37 38.27
C32 PX4 AE . 2.11 19.18 37.08
C33 PX4 AE . 2.47 18.29 35.89
C34 PX4 AE . 1.28 17.47 35.34
C35 PX4 AE . 1.81 16.62 34.18
C36 PX4 AE . 2.88 15.69 34.78
N PHE A 1 15.65 -0.32 -11.26
CA PHE A 1 15.49 -1.77 -11.02
C PHE A 1 14.28 -1.97 -10.11
N ARG A 2 13.46 -3.02 -10.20
CA ARG A 2 12.12 -3.20 -9.70
C ARG A 2 12.03 -3.82 -8.30
N GLU A 3 13.08 -4.52 -7.90
CA GLU A 3 13.27 -5.19 -6.62
C GLU A 3 13.91 -4.23 -5.64
N MET A 4 13.49 -4.40 -4.39
CA MET A 4 14.06 -3.79 -3.22
C MET A 4 15.49 -4.30 -3.05
N PRO A 5 16.48 -3.48 -2.70
CA PRO A 5 17.82 -3.98 -2.54
C PRO A 5 18.04 -4.81 -1.27
N GLY A 6 18.98 -5.76 -1.25
CA GLY A 6 19.32 -6.69 -0.20
C GLY A 6 18.91 -8.12 -0.54
N GLY A 7 18.44 -8.74 0.54
CA GLY A 7 17.70 -9.98 0.61
C GLY A 7 16.52 -9.69 1.51
N PRO A 8 15.46 -8.93 1.18
CA PRO A 8 14.31 -8.71 2.03
C PRO A 8 13.47 -9.97 2.00
N VAL A 9 13.12 -10.40 3.22
CA VAL A 9 12.34 -11.56 3.58
C VAL A 9 11.27 -11.27 4.62
N TRP A 10 10.22 -12.09 4.60
CA TRP A 10 9.07 -12.05 5.47
C TRP A 10 8.63 -13.42 5.95
N ARG A 11 8.81 -14.39 5.05
CA ARG A 11 8.69 -15.83 5.26
C ARG A 11 7.28 -16.31 5.53
N LYS A 12 6.28 -15.44 5.46
CA LYS A 12 4.84 -15.70 5.39
C LYS A 12 4.39 -15.65 3.94
N HIS A 13 3.30 -16.37 3.66
CA HIS A 13 2.55 -16.62 2.44
C HIS A 13 1.08 -16.27 2.66
N TYR A 14 0.51 -16.78 3.75
CA TYR A 14 -0.73 -16.33 4.36
C TYR A 14 -0.42 -15.13 5.24
N ILE A 15 -0.74 -13.92 4.77
CA ILE A 15 -0.42 -12.62 5.32
C ILE A 15 -1.69 -11.98 5.85
N THR A 16 -1.62 -11.17 6.92
CA THR A 16 -2.70 -10.48 7.59
C THR A 16 -2.49 -8.98 7.85
N TYR A 17 -3.56 -8.21 7.92
CA TYR A 17 -3.64 -6.76 7.99
C TYR A 17 -4.74 -6.46 9.01
N ARG A 18 -4.71 -5.22 9.52
CA ARG A 18 -5.87 -4.62 10.11
C ARG A 18 -5.87 -3.12 9.90
N ILE A 19 -7.03 -2.44 9.87
CA ILE A 19 -7.25 -1.02 9.70
C ILE A 19 -7.46 -0.55 11.14
N ASN A 20 -6.49 0.17 11.66
CA ASN A 20 -6.23 0.56 13.03
C ASN A 20 -7.17 1.68 13.47
N ASN A 21 -7.67 2.47 12.51
CA ASN A 21 -8.64 3.53 12.71
C ASN A 21 -9.21 3.95 11.37
N TYR A 22 -10.44 4.47 11.34
CA TYR A 22 -11.01 5.08 10.16
C TYR A 22 -10.86 6.59 10.34
N THR A 23 -10.34 7.20 9.28
CA THR A 23 -10.35 8.62 8.99
C THR A 23 -11.79 9.15 8.85
N PRO A 24 -12.06 10.41 9.19
CA PRO A 24 -13.34 11.06 8.97
C PRO A 24 -13.63 11.39 7.51
N ASP A 25 -12.60 11.59 6.71
CA ASP A 25 -12.67 12.20 5.39
C ASP A 25 -13.52 11.43 4.40
N MET A 26 -13.75 10.14 4.70
CA MET A 26 -14.43 9.17 3.84
C MET A 26 -15.24 8.29 4.78
N ASN A 27 -16.20 7.67 4.10
CA ASN A 27 -17.19 6.74 4.62
C ASN A 27 -16.47 5.42 4.88
N ARG A 28 -17.01 4.62 5.79
CA ARG A 28 -16.40 3.36 6.21
C ARG A 28 -16.07 2.41 5.07
N GLU A 29 -17.14 1.94 4.41
CA GLU A 29 -17.09 1.03 3.28
C GLU A 29 -16.24 1.29 2.04
N ASP A 30 -16.00 2.59 1.81
CA ASP A 30 -15.12 3.16 0.81
C ASP A 30 -13.66 3.03 1.21
N VAL A 31 -13.30 3.32 2.47
CA VAL A 31 -12.02 2.96 3.06
C VAL A 31 -11.70 1.49 2.90
N ASP A 32 -12.58 0.58 3.33
CA ASP A 32 -12.42 -0.87 3.28
C ASP A 32 -12.13 -1.32 1.87
N TYR A 33 -12.97 -0.92 0.92
CA TYR A 33 -12.89 -1.11 -0.51
C TYR A 33 -11.59 -0.64 -1.16
N ALA A 34 -11.10 0.55 -0.79
CA ALA A 34 -9.82 1.09 -1.22
C ALA A 34 -8.64 0.20 -0.86
N ILE A 35 -8.57 -0.32 0.38
CA ILE A 35 -7.48 -1.06 0.95
C ILE A 35 -7.59 -2.52 0.54
N ARG A 36 -8.82 -3.00 0.37
CA ARG A 36 -9.21 -4.37 0.08
C ARG A 36 -8.69 -4.72 -1.31
N LYS A 37 -9.12 -3.91 -2.28
CA LYS A 37 -8.85 -3.94 -3.71
C LYS A 37 -7.41 -3.55 -4.06
N ALA A 38 -6.75 -2.90 -3.12
CA ALA A 38 -5.32 -2.66 -3.27
C ALA A 38 -4.43 -3.86 -2.98
N PHE A 39 -4.83 -4.83 -2.14
CA PHE A 39 -4.18 -6.08 -1.82
C PHE A 39 -4.62 -7.09 -2.87
N GLN A 40 -5.84 -6.91 -3.39
CA GLN A 40 -6.55 -7.85 -4.21
C GLN A 40 -5.84 -8.15 -5.53
N VAL A 41 -5.41 -7.13 -6.29
CA VAL A 41 -4.73 -7.34 -7.55
C VAL A 41 -3.37 -8.03 -7.40
N TRP A 42 -2.59 -7.78 -6.36
CA TRP A 42 -1.30 -8.44 -6.29
C TRP A 42 -1.43 -9.92 -5.94
N SER A 43 -2.48 -10.28 -5.20
CA SER A 43 -2.86 -11.62 -4.81
C SER A 43 -3.57 -12.37 -5.91
N ASN A 44 -3.95 -11.64 -6.98
CA ASN A 44 -4.67 -12.22 -8.11
C ASN A 44 -3.68 -12.88 -9.05
N VAL A 45 -2.49 -12.29 -9.15
CA VAL A 45 -1.50 -12.66 -10.15
C VAL A 45 -0.35 -13.44 -9.53
N THR A 46 -0.25 -13.54 -8.19
CA THR A 46 0.71 -14.31 -7.44
C THR A 46 -0.13 -15.11 -6.45
N PRO A 47 0.26 -16.32 -6.03
CA PRO A 47 -0.63 -17.10 -5.21
C PRO A 47 -0.73 -16.77 -3.74
N LEU A 48 -0.06 -15.71 -3.29
CA LEU A 48 -0.05 -15.34 -1.89
C LEU A 48 -1.37 -14.66 -1.54
N LYS A 49 -1.80 -14.77 -0.28
CA LYS A 49 -3.10 -14.45 0.27
C LYS A 49 -2.95 -13.44 1.40
N PHE A 50 -3.78 -12.39 1.27
CA PHE A 50 -4.09 -11.40 2.27
C PHE A 50 -5.55 -11.65 2.67
N SER A 51 -5.80 -11.59 3.98
CA SER A 51 -7.14 -11.53 4.55
C SER A 51 -7.11 -10.82 5.90
N LYS A 52 -8.05 -9.93 6.17
CA LYS A 52 -8.23 -9.25 7.44
C LYS A 52 -8.57 -10.25 8.54
N ILE A 53 -8.10 -9.98 9.76
CA ILE A 53 -8.42 -10.54 11.05
C ILE A 53 -9.33 -9.58 11.81
N ASN A 54 -10.17 -10.04 12.73
CA ASN A 54 -10.85 -9.33 13.80
C ASN A 54 -10.17 -9.55 15.14
N THR A 55 -9.10 -10.34 15.24
CA THR A 55 -8.26 -10.51 16.41
C THR A 55 -6.88 -11.00 16.03
N GLY A 56 -5.79 -10.61 16.71
CA GLY A 56 -4.37 -10.89 16.58
C GLY A 56 -3.58 -9.67 16.11
N MET A 57 -2.26 -9.78 15.93
CA MET A 57 -1.33 -8.83 15.36
C MET A 57 -1.45 -8.91 13.85
N ALA A 58 -1.52 -7.73 13.24
CA ALA A 58 -1.59 -7.42 11.82
C ALA A 58 -0.16 -7.45 11.28
N ASP A 59 0.11 -8.06 10.13
CA ASP A 59 1.43 -8.03 9.54
C ASP A 59 1.68 -6.64 8.98
N ILE A 60 0.88 -6.22 7.99
CA ILE A 60 0.65 -4.85 7.58
C ILE A 60 -0.29 -4.17 8.57
N LEU A 61 0.20 -3.24 9.40
CA LEU A 61 -0.62 -2.41 10.25
C LEU A 61 -0.93 -1.27 9.30
N VAL A 62 -2.23 -1.15 9.01
CA VAL A 62 -2.78 -0.09 8.20
C VAL A 62 -3.35 0.85 9.25
N VAL A 63 -2.64 1.98 9.44
CA VAL A 63 -2.89 3.06 10.38
C VAL A 63 -2.89 4.41 9.69
N PHE A 64 -3.86 5.24 10.08
CA PHE A 64 -3.96 6.58 9.53
C PHE A 64 -3.60 7.52 10.69
N ALA A 65 -2.46 8.21 10.63
CA ALA A 65 -1.81 8.91 11.71
C ALA A 65 -1.21 10.22 11.19
N ARG A 66 -1.17 11.26 12.03
CA ARG A 66 -0.65 12.57 11.69
C ARG A 66 0.57 12.96 12.51
N GLY A 67 1.57 13.63 11.95
CA GLY A 67 2.66 14.21 12.70
C GLY A 67 3.90 13.33 12.82
N ALA A 68 4.73 13.85 13.74
CA ALA A 68 5.64 13.02 14.50
C ALA A 68 4.87 12.29 15.60
N HIS A 69 4.41 11.07 15.32
CA HIS A 69 3.65 10.20 16.20
C HIS A 69 4.43 8.95 16.59
N GLY A 70 5.74 8.97 16.39
CA GLY A 70 6.56 7.77 16.49
C GLY A 70 7.08 7.30 15.13
N ASP A 71 8.16 6.54 15.00
CA ASP A 71 8.93 6.15 13.84
C ASP A 71 9.96 7.19 13.38
N PHE A 72 9.99 8.40 13.94
CA PHE A 72 11.03 9.40 13.84
C PHE A 72 10.98 10.14 12.52
N HIS A 73 10.58 9.50 11.41
CA HIS A 73 10.53 10.04 10.06
C HIS A 73 9.60 11.22 9.89
N ALA A 74 8.51 11.34 10.65
CA ALA A 74 7.49 12.37 10.66
C ALA A 74 6.63 12.69 9.44
N PHE A 75 5.33 12.69 9.69
CA PHE A 75 4.40 13.17 8.68
C PHE A 75 4.20 14.65 8.92
N ASP A 76 3.85 15.33 7.82
CA ASP A 76 4.28 16.68 7.52
C ASP A 76 3.13 17.65 7.32
N GLY A 77 1.85 17.24 7.49
CA GLY A 77 0.79 18.18 7.26
C GLY A 77 0.07 17.82 5.96
N LYS A 78 -0.88 18.65 5.52
CA LYS A 78 -1.61 18.58 4.27
C LYS A 78 -0.66 18.97 3.15
N GLY A 79 -0.26 17.97 2.35
CA GLY A 79 0.60 18.06 1.21
C GLY A 79 1.87 17.27 1.49
N GLY A 80 2.80 17.14 0.55
CA GLY A 80 4.03 16.38 0.68
C GLY A 80 3.77 14.90 0.89
N ILE A 81 4.32 14.31 1.95
CA ILE A 81 4.33 12.88 2.22
C ILE A 81 2.87 12.46 2.34
N LEU A 82 2.46 11.39 1.67
CA LEU A 82 1.12 10.83 1.73
C LEU A 82 1.07 9.54 2.52
N ALA A 83 2.10 8.68 2.35
CA ALA A 83 2.15 7.30 2.75
C ALA A 83 3.55 6.94 3.19
N HIS A 84 3.83 6.23 4.29
CA HIS A 84 5.12 5.74 4.68
C HIS A 84 5.12 4.22 4.60
N ALA A 85 5.97 3.51 3.86
CA ALA A 85 6.13 2.08 3.87
C ALA A 85 7.56 1.62 4.07
N PHE A 86 7.68 0.31 4.28
CA PHE A 86 8.87 -0.37 4.77
C PHE A 86 9.38 -1.52 3.92
N GLY A 87 10.42 -2.25 4.36
CA GLY A 87 10.72 -3.56 3.82
C GLY A 87 10.18 -4.60 4.80
N PRO A 88 10.18 -5.90 4.46
CA PRO A 88 9.46 -6.85 5.27
C PRO A 88 10.21 -7.35 6.49
N GLY A 89 9.50 -8.04 7.39
CA GLY A 89 10.05 -8.40 8.69
C GLY A 89 8.90 -8.23 9.67
N SER A 90 9.01 -8.88 10.83
CA SER A 90 8.05 -8.75 11.92
C SER A 90 8.35 -7.50 12.73
N GLY A 91 7.23 -7.01 13.27
CA GLY A 91 7.19 -5.81 14.09
C GLY A 91 7.02 -4.58 13.22
N ILE A 92 7.69 -3.46 13.55
CA ILE A 92 7.89 -2.39 12.61
C ILE A 92 8.66 -2.85 11.37
N GLY A 93 7.89 -2.82 10.28
CA GLY A 93 8.26 -3.48 9.03
C GLY A 93 7.01 -4.01 8.36
N GLY A 94 6.89 -3.99 7.02
CA GLY A 94 5.78 -4.52 6.27
C GLY A 94 4.63 -3.54 6.13
N ASP A 95 4.57 -2.57 7.06
CA ASP A 95 3.45 -1.71 7.41
C ASP A 95 3.29 -0.60 6.37
N ALA A 96 2.07 -0.10 6.26
CA ALA A 96 1.75 1.11 5.52
C ALA A 96 0.99 2.07 6.43
N HIS A 97 1.51 3.27 6.67
CA HIS A 97 0.92 4.37 7.40
C HIS A 97 0.43 5.37 6.35
N PHE A 98 -0.76 5.93 6.51
CA PHE A 98 -1.25 7.03 5.69
C PHE A 98 -1.22 8.24 6.60
N ASP A 99 -0.91 9.43 6.08
CA ASP A 99 -0.84 10.73 6.73
C ASP A 99 -2.29 11.19 6.91
N GLU A 100 -2.76 11.39 8.13
CA GLU A 100 -4.15 11.75 8.34
C GLU A 100 -4.45 13.22 8.13
N ASP A 101 -3.46 14.12 8.08
CA ASP A 101 -3.54 15.52 7.77
C ASP A 101 -3.67 15.77 6.27
N GLU A 102 -3.63 14.76 5.40
CA GLU A 102 -4.27 14.82 4.10
C GLU A 102 -5.78 14.63 4.22
N PHE A 103 -6.49 15.20 3.26
CA PHE A 103 -7.92 15.07 3.04
C PHE A 103 -8.14 13.98 2.00
N TRP A 104 -8.30 12.73 2.44
CA TRP A 104 -8.46 11.57 1.58
C TRP A 104 -9.84 11.67 0.93
N THR A 105 -9.96 11.31 -0.35
CA THR A 105 -11.15 11.30 -1.18
C THR A 105 -11.21 10.06 -2.07
N THR A 106 -12.34 9.96 -2.76
CA THR A 106 -12.42 9.27 -4.03
C THR A 106 -12.50 10.24 -5.21
N HIS A 107 -12.07 11.49 -5.03
CA HIS A 107 -12.24 12.50 -6.04
C HIS A 107 -11.11 12.41 -7.03
N SER A 108 -11.42 12.60 -8.32
CA SER A 108 -10.43 12.74 -9.37
C SER A 108 -9.33 13.76 -9.14
N GLY A 109 -9.63 14.89 -8.48
CA GLY A 109 -8.64 15.94 -8.36
C GLY A 109 -8.23 16.06 -6.90
N GLY A 110 -8.52 15.13 -5.98
CA GLY A 110 -8.02 15.10 -4.61
C GLY A 110 -6.91 14.10 -4.37
N THR A 111 -6.50 13.95 -3.10
CA THR A 111 -5.62 12.91 -2.59
C THR A 111 -6.42 11.64 -2.39
N ASN A 112 -5.94 10.58 -3.02
CA ASN A 112 -6.65 9.32 -3.27
C ASN A 112 -5.98 8.25 -2.44
N LEU A 113 -6.80 7.46 -1.75
CA LEU A 113 -6.35 6.43 -0.83
C LEU A 113 -5.98 5.16 -1.60
N PHE A 114 -6.82 4.54 -2.43
CA PHE A 114 -6.67 3.36 -3.25
C PHE A 114 -5.34 3.41 -3.96
N LEU A 115 -5.07 4.36 -4.86
CA LEU A 115 -3.95 4.52 -5.77
C LEU A 115 -2.63 4.65 -5.01
N THR A 116 -2.69 5.13 -3.76
CA THR A 116 -1.57 5.30 -2.84
C THR A 116 -1.30 4.02 -2.08
N ALA A 117 -2.35 3.26 -1.73
CA ALA A 117 -2.23 2.07 -0.92
C ALA A 117 -1.75 0.90 -1.77
N VAL A 118 -2.24 0.69 -2.99
CA VAL A 118 -1.80 -0.32 -3.94
C VAL A 118 -0.29 -0.31 -4.11
N HIS A 119 0.36 0.83 -4.27
CA HIS A 119 1.82 0.87 -4.38
C HIS A 119 2.55 0.72 -3.06
N ALA A 120 1.94 1.26 -2.00
CA ALA A 120 2.40 1.11 -0.64
C ALA A 120 2.45 -0.33 -0.13
N ILE A 121 1.51 -1.19 -0.53
CA ILE A 121 1.52 -2.62 -0.32
C ILE A 121 2.62 -3.23 -1.16
N GLY A 122 2.82 -2.73 -2.38
CA GLY A 122 3.79 -3.33 -3.27
C GLY A 122 5.23 -3.01 -2.89
N HIS A 123 5.52 -1.79 -2.43
CA HIS A 123 6.68 -1.32 -1.70
C HIS A 123 7.13 -2.28 -0.60
N SER A 124 6.27 -2.57 0.37
CA SER A 124 6.55 -3.36 1.55
C SER A 124 6.57 -4.88 1.39
N LEU A 125 6.02 -5.43 0.32
CA LEU A 125 6.25 -6.76 -0.21
C LEU A 125 7.65 -6.93 -0.77
N GLY A 126 8.42 -5.84 -0.98
CA GLY A 126 9.82 -5.84 -1.34
C GLY A 126 10.09 -5.33 -2.75
N LEU A 127 9.24 -4.49 -3.35
CA LEU A 127 9.42 -3.88 -4.66
C LEU A 127 9.89 -2.44 -4.55
N GLY A 128 10.11 -1.89 -5.75
CA GLY A 128 10.73 -0.60 -5.90
C GLY A 128 9.83 0.22 -6.81
N HIS A 129 10.31 0.55 -8.00
CA HIS A 129 9.56 1.29 -8.99
C HIS A 129 9.71 0.58 -10.33
N SER A 130 8.79 0.91 -11.25
CA SER A 130 8.91 0.74 -12.68
C SER A 130 9.28 2.04 -13.37
N SER A 131 9.59 1.76 -14.63
CA SER A 131 10.05 2.74 -15.59
C SER A 131 9.29 2.66 -16.90
N ASP A 132 8.25 1.84 -16.97
CA ASP A 132 7.29 1.72 -18.05
C ASP A 132 6.17 2.72 -17.76
N PRO A 133 5.93 3.72 -18.60
CA PRO A 133 4.88 4.68 -18.40
C PRO A 133 3.48 4.17 -18.10
N LYS A 134 2.96 3.01 -18.53
CA LYS A 134 1.63 2.47 -18.33
C LYS A 134 1.40 1.71 -17.02
N ALA A 135 2.41 1.51 -16.19
CA ALA A 135 2.51 0.70 -14.99
C ALA A 135 2.14 1.56 -13.79
N VAL A 136 1.81 0.82 -12.72
CA VAL A 136 1.35 1.34 -11.46
C VAL A 136 2.53 1.87 -10.69
N MET A 137 3.67 1.15 -10.73
CA MET A 137 4.84 1.50 -9.97
C MET A 137 5.70 2.45 -10.80
N PHE A 138 5.13 3.06 -11.84
CA PHE A 138 5.77 4.18 -12.53
C PHE A 138 5.81 5.36 -11.57
N PRO A 139 6.86 6.17 -11.52
CA PRO A 139 7.07 7.10 -10.42
C PRO A 139 6.25 8.38 -10.47
N THR A 140 5.70 8.68 -11.64
CA THR A 140 4.86 9.85 -11.91
C THR A 140 3.43 9.36 -11.60
N TYR A 141 2.64 10.22 -10.99
CA TYR A 141 1.25 9.92 -10.76
C TYR A 141 0.30 10.07 -11.95
N LYS A 142 -0.66 9.16 -12.10
CA LYS A 142 -1.74 9.29 -13.06
C LYS A 142 -3.00 8.66 -12.47
N TYR A 143 -4.16 9.33 -12.44
CA TYR A 143 -5.35 8.78 -11.81
C TYR A 143 -6.05 7.88 -12.81
N VAL A 144 -6.39 6.68 -12.33
CA VAL A 144 -7.15 5.61 -12.97
C VAL A 144 -8.29 5.28 -12.02
N ASP A 145 -9.48 5.07 -12.58
CA ASP A 145 -10.69 4.55 -11.96
C ASP A 145 -10.61 3.09 -11.51
N ILE A 146 -11.16 2.77 -10.33
CA ILE A 146 -11.05 1.54 -9.59
C ILE A 146 -11.68 0.35 -10.32
N ASN A 147 -12.80 0.58 -11.01
CA ASN A 147 -13.86 -0.36 -11.31
C ASN A 147 -13.37 -1.49 -12.20
N THR A 148 -12.42 -1.18 -13.08
CA THR A 148 -11.78 -2.11 -13.99
C THR A 148 -10.27 -1.97 -13.96
N PHE A 149 -9.71 -1.52 -12.82
CA PHE A 149 -8.30 -1.36 -12.56
C PHE A 149 -7.61 -2.69 -12.24
N ARG A 150 -6.48 -2.94 -12.92
CA ARG A 150 -5.62 -4.09 -12.73
C ARG A 150 -4.22 -3.55 -12.69
N LEU A 151 -3.23 -4.33 -12.24
CA LEU A 151 -1.81 -4.14 -12.47
C LEU A 151 -1.42 -4.23 -13.94
N SER A 152 -0.30 -3.63 -14.38
CA SER A 152 0.26 -3.70 -15.72
C SER A 152 1.26 -4.85 -15.70
N ALA A 153 1.73 -5.27 -16.88
CA ALA A 153 2.72 -6.31 -17.03
C ALA A 153 4.05 -6.01 -16.34
N ASP A 154 4.59 -4.80 -16.38
CA ASP A 154 5.87 -4.44 -15.78
C ASP A 154 5.83 -4.51 -14.26
N ASP A 155 4.65 -4.27 -13.67
CA ASP A 155 4.25 -4.37 -12.29
C ASP A 155 4.11 -5.81 -11.84
N ILE A 156 3.53 -6.71 -12.63
CA ILE A 156 3.29 -8.11 -12.33
C ILE A 156 4.65 -8.80 -12.41
N ARG A 157 5.55 -8.38 -13.30
CA ARG A 157 6.95 -8.68 -13.51
C ARG A 157 7.86 -8.32 -12.33
N GLY A 158 7.34 -7.43 -11.50
CA GLY A 158 7.99 -6.98 -10.29
C GLY A 158 7.74 -7.87 -9.07
N ILE A 159 6.46 -8.17 -8.77
CA ILE A 159 6.11 -9.13 -7.75
C ILE A 159 6.50 -10.55 -8.11
N GLN A 160 6.43 -10.96 -9.38
CA GLN A 160 6.74 -12.31 -9.79
C GLN A 160 8.24 -12.57 -9.74
N SER A 161 9.08 -11.53 -9.68
CA SER A 161 10.50 -11.72 -9.51
C SER A 161 10.73 -12.38 -8.16
N LEU A 162 10.01 -12.13 -7.07
CA LEU A 162 10.30 -12.56 -5.72
C LEU A 162 9.30 -13.63 -5.29
N TYR A 163 8.10 -13.66 -5.87
CA TYR A 163 6.96 -14.47 -5.48
C TYR A 163 6.32 -15.34 -6.54
N GLY A 164 6.83 -15.38 -7.78
CA GLY A 164 6.40 -16.07 -8.96
C GLY A 164 7.38 -17.16 -9.34
ZN ZN B . 4.17 4.96 -6.69
ZN ZN C . 6.58 7.48 9.84
CA CA D . 1.54 15.08 4.09
CA CA E . 4.41 -4.82 10.72
CA CA F . -7.96 13.66 7.25
O1 PX4 G . 5.35 19.28 20.19
O2 PX4 G . 3.23 20.15 21.44
P1 PX4 G . 4.59 20.35 20.88
O3 PX4 G . 4.77 21.86 20.33
C1 PX4 G . 4.09 22.65 21.29
C2 PX4 G . 4.08 24.16 21.00
N1 PX4 G . 5.22 24.94 20.50
C3 PX4 G . 5.32 24.77 19.04
C4 PX4 G . 5.02 26.37 20.78
C5 PX4 G . 6.45 24.50 21.19
O4 PX4 G . 5.59 20.78 22.06
C6 PX4 G . 5.86 19.62 22.85
C7 PX4 G . 7.33 19.37 23.17
C8 PX4 G . 8.03 20.68 23.55
O5 PX4 G . 7.49 21.35 24.69
C9 PX4 G . 7.86 22.60 25.05
O6 PX4 G . 8.28 23.41 24.21
C10 PX4 G . 7.46 23.03 26.46
C11 PX4 G . 8.65 22.80 27.39
C12 PX4 G . 9.64 23.95 27.22
C13 PX4 G . 9.03 25.23 27.81
C14 PX4 G . 9.97 26.41 27.52
C15 PX4 G . 9.33 27.69 28.05
C16 PX4 G . 8.90 27.42 29.49
C17 PX4 G . 8.40 28.73 30.15
C18 PX4 G . 9.46 29.06 31.20
C19 PX4 G . 9.27 30.41 31.89
C20 PX4 G . 9.52 31.60 30.95
C21 PX4 G . 10.75 32.35 31.44
C22 PX4 G . 10.99 33.50 30.46
O7 PX4 G . 7.37 18.36 24.20
C23 PX4 G . 7.07 17.07 23.92
O8 PX4 G . 7.08 16.59 22.79
C24 PX4 G . 6.82 16.18 25.14
C25 PX4 G . 5.73 15.12 24.97
C26 PX4 G . 5.82 14.32 26.27
C27 PX4 G . 5.53 15.24 27.45
C28 PX4 G . 5.21 14.39 28.68
C29 PX4 G . 4.66 15.20 29.86
C30 PX4 G . 3.50 16.05 29.33
C31 PX4 G . 3.24 17.24 30.25
C32 PX4 G . 2.01 18.05 29.85
C33 PX4 G . 0.80 17.13 29.69
C34 PX4 G . -0.44 17.74 29.04
C35 PX4 G . -0.32 17.88 27.51
C36 PX4 G . -1.62 18.35 26.88
O1 PX4 H . 9.73 12.01 16.90
O2 PX4 H . 8.05 10.67 15.47
P1 PX4 H . 8.92 10.80 16.66
O3 PX4 H . 7.98 10.56 17.97
C1 PX4 H . 7.55 11.83 18.45
C2 PX4 H . 7.24 11.82 19.95
N1 PX4 H . 6.02 11.16 20.42
C3 PX4 H . 4.76 11.72 19.90
C4 PX4 H . 5.92 9.74 20.06
C5 PX4 H . 5.98 11.23 21.89
O4 PX4 H . 9.82 9.46 16.83
C6 PX4 H . 10.22 9.31 18.20
C7 PX4 H . 10.51 7.84 18.53
C8 PX4 H . 11.92 7.71 19.14
O5 PX4 H . 12.13 8.33 20.41
C9 PX4 H . 13.22 7.93 21.10
O6 PX4 H . 14.10 7.21 20.60
C10 PX4 H . 13.43 8.71 22.40
C11 PX4 H . 14.69 8.34 23.18
C12 PX4 H . 15.04 9.41 24.21
C13 PX4 H . 13.91 9.49 25.23
C14 PX4 H . 14.36 10.02 26.58
C15 PX4 H . 13.20 9.87 27.57
C16 PX4 H . 13.67 10.36 28.96
C17 PX4 H . 14.84 9.42 29.26
C18 PX4 H . 15.24 9.47 30.73
C19 PX4 H . 16.51 8.66 31.02
C20 PX4 H . 16.93 8.66 32.48
C21 PX4 H . 17.47 10.01 32.92
C22 PX4 H . 17.93 9.98 34.38
O7 PX4 H . 9.50 7.09 19.20
C23 PX4 H . 9.03 5.93 18.68
O8 PX4 H . 9.24 5.82 17.47
C24 PX4 H . 7.93 5.19 19.44
C25 PX4 H . 8.55 4.19 20.40
C26 PX4 H . 7.63 2.96 20.46
C27 PX4 H . 8.09 1.80 21.33
C28 PX4 H . 9.40 1.19 20.82
C29 PX4 H . 9.79 0.13 21.86
C30 PX4 H . 11.04 -0.60 21.37
C31 PX4 H . 11.20 -1.81 22.30
C32 PX4 H . 12.18 -2.87 21.82
C33 PX4 H . 12.61 -3.95 22.83
C34 PX4 H . 13.71 -4.81 22.21
C35 PX4 H . 14.07 -5.80 23.31
C36 PX4 H . 12.80 -6.56 23.72
O1 PX4 I . 21.05 -2.77 18.86
O2 PX4 I . 19.11 -1.49 17.92
P1 PX4 I . 20.53 -1.47 18.34
O3 PX4 I . 21.26 -1.42 16.91
C1 PX4 I . 20.47 -1.93 15.83
C2 PX4 I . 21.34 -2.48 14.70
N1 PX4 I . 22.00 -3.78 14.86
C3 PX4 I . 21.22 -4.84 15.52
C4 PX4 I . 22.27 -4.26 13.48
C5 PX4 I . 23.14 -3.69 15.78
O4 PX4 I . 21.23 -0.26 19.12
C6 PX4 I . 21.89 -0.72 20.30
C7 PX4 I . 22.82 0.40 20.77
C8 PX4 I . 21.91 1.30 21.61
O5 PX4 I . 20.85 0.61 22.27
C9 PX4 I . 20.22 1.24 23.32
O6 PX4 I . 20.65 2.30 23.76
C10 PX4 I . 19.04 0.46 23.87
C11 PX4 I . 19.09 -0.07 25.31
C12 PX4 I . 18.88 1.05 26.32
C13 PX4 I . 18.90 0.47 27.73
C14 PX4 I . 20.37 0.27 28.12
C15 PX4 I . 20.41 -0.02 29.62
C16 PX4 I . 21.86 -0.23 30.03
C17 PX4 I . 22.42 -1.43 29.26
C18 PX4 I . 23.28 -2.20 30.26
C19 PX4 I . 24.13 -3.28 29.57
C20 PX4 I . 25.56 -3.31 30.13
C21 PX4 I . 26.49 -3.82 29.03
C22 PX4 I . 27.80 -4.26 29.69
O7 PX4 I . 24.00 -0.09 21.40
C23 PX4 I . 25.04 -0.65 20.69
O8 PX4 I . 24.90 -0.62 19.47
C24 PX4 I . 26.19 -1.18 21.51
C25 PX4 I . 27.46 -0.40 21.19
C26 PX4 I . 28.70 -1.03 21.84
C27 PX4 I . 28.66 -0.73 23.32
C28 PX4 I . 29.97 -1.26 23.91
C29 PX4 I . 29.90 -0.95 25.40
C30 PX4 I . 29.90 0.53 25.75
C31 PX4 I . 29.60 0.87 27.21
C32 PX4 I . 28.27 0.44 27.81
C33 PX4 I . 28.31 0.88 29.27
C34 PX4 I . 26.98 0.33 29.83
C35 PX4 I . 26.87 0.71 31.31
C36 PX4 I . 25.90 -0.19 32.07
O1 PX4 J . 32.86 14.56 13.64
O2 PX4 J . 35.39 15.06 13.16
P1 PX4 J . 34.29 14.29 13.82
O3 PX4 J . 34.56 12.87 13.13
C1 PX4 J . 35.97 12.65 12.99
C2 PX4 J . 36.43 12.00 11.70
N1 PX4 J . 36.36 12.68 10.39
C3 PX4 J . 36.77 14.09 10.30
C4 PX4 J . 37.12 11.93 9.36
C5 PX4 J . 34.95 12.61 10.01
O4 PX4 J . 34.64 13.61 15.23
C6 PX4 J . 33.63 12.79 15.81
C7 PX4 J . 33.99 12.03 17.09
C8 PX4 J . 35.51 11.94 17.11
O5 PX4 J . 36.03 10.64 16.85
C9 PX4 J . 37.38 10.58 16.90
O6 PX4 J . 38.06 11.57 16.67
C10 PX4 J . 37.85 9.13 17.03
C11 PX4 J . 38.66 8.99 18.32
C12 PX4 J . 37.64 8.87 19.45
C13 PX4 J . 36.94 7.51 19.48
C14 PX4 J . 36.41 7.21 20.88
C15 PX4 J . 35.67 5.86 20.95
C16 PX4 J . 35.32 5.50 22.39
C17 PX4 J . 36.61 5.18 23.17
C18 PX4 J . 36.30 4.77 24.61
C19 PX4 J . 35.29 3.62 24.58
C20 PX4 J . 34.64 3.63 25.97
C21 PX4 J . 33.37 4.46 25.92
C22 PX4 J . 32.69 4.42 27.30
O7 PX4 J . 33.53 12.67 18.28
C23 PX4 J . 32.24 12.48 18.68
O8 PX4 J . 31.40 11.88 17.99
C24 PX4 J . 31.92 13.11 20.02
C25 PX4 J . 30.69 14.00 19.89
C26 PX4 J . 30.69 14.96 21.08
C27 PX4 J . 29.51 15.93 21.14
C28 PX4 J . 29.45 16.81 22.39
C29 PX4 J . 28.05 17.45 22.36
C30 PX4 J . 27.89 18.06 23.76
C31 PX4 J . 28.11 16.96 24.80
C32 PX4 J . 27.72 17.58 26.14
C33 PX4 J . 26.26 17.99 26.33
C34 PX4 J . 26.05 18.57 27.73
C35 PX4 J . 26.80 19.90 27.68
C36 PX4 J . 26.98 20.61 29.02
O1 PX4 K . 27.52 -11.32 17.50
O2 PX4 K . 24.99 -10.77 17.82
P1 PX4 K . 26.42 -10.42 17.92
O3 PX4 K . 26.81 -9.12 17.04
C1 PX4 K . 25.88 -8.71 16.03
C2 PX4 K . 26.49 -8.12 14.76
N1 PX4 K . 27.18 -9.07 13.88
C3 PX4 K . 26.52 -10.37 13.73
C4 PX4 K . 27.11 -8.48 12.54
C5 PX4 K . 28.60 -9.25 14.22
O4 PX4 K . 26.68 -9.69 19.34
C6 PX4 K . 25.68 -8.68 19.59
C7 PX4 K . 25.29 -8.49 21.05
C8 PX4 K . 26.41 -9.08 21.90
O5 PX4 K . 26.04 -10.24 22.66
C9 PX4 K . 27.03 -10.92 23.31
O6 PX4 K . 28.20 -10.66 23.07
C10 PX4 K . 26.53 -12.23 23.91
C11 PX4 K . 25.54 -11.93 25.03
C12 PX4 K . 25.03 -13.27 25.59
C13 PX4 K . 24.17 -13.23 26.85
C14 PX4 K . 24.93 -12.65 28.03
C15 PX4 K . 24.08 -12.60 29.30
C16 PX4 K . 24.71 -11.61 30.29
C17 PX4 K . 23.93 -11.62 31.61
C18 PX4 K . 23.60 -13.01 32.14
C19 PX4 K . 22.45 -12.93 33.15
C20 PX4 K . 22.17 -14.37 33.53
C21 PX4 K . 20.93 -14.50 34.42
C22 PX4 K . 20.42 -15.93 34.60
O7 PX4 K . 25.07 -7.14 21.53
C23 PX4 K . 24.04 -6.41 21.03
O8 PX4 K . 23.15 -6.88 20.32
C24 PX4 K . 23.99 -4.95 21.49
C25 PX4 K . 23.21 -4.73 22.79
C26 PX4 K . 23.37 -3.27 23.23
C27 PX4 K . 22.52 -2.91 24.46
C28 PX4 K . 22.67 -1.44 24.87
C29 PX4 K . 24.15 -1.18 25.12
C30 PX4 K . 24.48 0.30 25.35
C31 PX4 K . 23.58 0.83 26.46
C32 PX4 K . 23.78 2.34 26.55
C33 PX4 K . 22.74 2.87 27.52
C34 PX4 K . 22.91 4.39 27.68
C35 PX4 K . 21.56 5.07 27.86
C36 PX4 K . 20.48 4.87 26.79
O1 PX4 L . 29.67 -1.15 15.04
O2 PX4 L . 27.28 -0.80 14.15
P1 PX4 L . 28.21 -1.10 15.26
O3 PX4 L . 27.80 -0.16 16.50
C1 PX4 L . 28.22 1.19 16.29
C2 PX4 L . 28.60 1.96 17.56
N1 PX4 L . 27.59 2.87 18.12
C3 PX4 L . 26.45 2.30 18.86
C4 PX4 L . 28.27 3.68 19.15
C5 PX4 L . 27.17 3.82 17.08
O4 PX4 L . 27.88 -2.55 15.89
C6 PX4 L . 28.26 -2.44 17.27
C7 PX4 L . 28.66 -3.76 17.94
C8 PX4 L . 30.19 -3.76 17.77
O5 PX4 L . 30.90 -2.94 18.68
C9 PX4 L . 32.08 -3.36 19.21
O6 PX4 L . 32.56 -4.41 18.79
C10 PX4 L . 32.86 -2.46 20.16
C11 PX4 L . 32.60 -2.69 21.64
C12 PX4 L . 33.96 -2.60 22.34
C13 PX4 L . 33.98 -3.16 23.76
C14 PX4 L . 35.24 -2.72 24.51
C15 PX4 L . 35.17 -3.40 25.88
C16 PX4 L . 36.42 -2.98 26.65
C17 PX4 L . 37.60 -3.48 25.82
C18 PX4 L . 38.96 -3.13 26.42
C19 PX4 L . 39.93 -4.07 25.69
C20 PX4 L . 39.99 -3.46 24.29
C21 PX4 L . 40.63 -4.49 23.35
C22 PX4 L . 40.65 -4.10 21.88
O7 PX4 L . 28.18 -3.93 19.28
C23 PX4 L . 28.26 -5.13 19.94
O8 PX4 L . 27.96 -6.09 19.24
C24 PX4 L . 27.96 -4.90 21.43
C25 PX4 L . 29.16 -5.35 22.25
C26 PX4 L . 28.95 -5.08 23.74
C27 PX4 L . 30.24 -5.50 24.44
C28 PX4 L . 30.11 -5.18 25.93
C29 PX4 L . 31.45 -5.59 26.57
C30 PX4 L . 31.45 -5.19 28.04
C31 PX4 L . 31.44 -3.67 28.26
C32 PX4 L . 31.36 -3.40 29.75
C33 PX4 L . 31.26 -1.91 30.09
C34 PX4 L . 31.60 -1.84 31.58
C35 PX4 L . 33.06 -2.22 31.77
C36 PX4 L . 33.44 -2.13 33.26
O1 PX4 M . -15.47 26.39 17.51
O2 PX4 M . -16.98 28.25 16.71
P1 PX4 M . -15.65 27.84 17.25
O3 PX4 M . -14.75 28.27 15.98
C1 PX4 M . -15.34 27.52 14.91
C2 PX4 M . -14.43 27.33 13.71
N1 PX4 M . -14.15 28.53 12.91
C3 PX4 M . -13.68 29.69 13.66
C4 PX4 M . -13.08 28.26 11.93
C5 PX4 M . -15.34 28.87 12.11
O4 PX4 M . -15.15 28.72 18.49
C6 PX4 M . -15.87 29.95 18.42
C7 PX4 M . -16.15 30.69 19.72
C8 PX4 M . -15.37 29.85 20.73
O5 PX4 M . -16.07 29.56 21.94
C9 PX4 M . -15.32 28.93 22.91
O6 PX4 M . -14.22 28.47 22.64
C10 PX4 M . -15.87 28.95 24.33
C11 PX4 M . -16.54 27.63 24.74
C12 PX4 M . -17.33 27.76 26.04
C13 PX4 M . -18.10 26.46 26.34
C14 PX4 M . -17.19 25.24 26.35
C15 PX4 M . -17.86 23.97 26.84
C16 PX4 M . -16.89 22.84 27.23
C17 PX4 M . -16.13 23.15 28.53
C18 PX4 M . -16.93 23.04 29.82
C19 PX4 M . -16.10 23.31 31.09
C20 PX4 M . -14.89 22.38 30.88
C21 PX4 M . -13.82 22.54 31.96
C22 PX4 M . -12.66 21.60 31.64
O7 PX4 M . -15.87 32.08 19.53
C23 PX4 M . -16.76 33.01 19.11
O8 PX4 M . -17.91 32.69 18.82
C24 PX4 M . -16.24 34.44 18.93
C25 PX4 M . -16.35 35.34 20.17
C26 PX4 M . -17.78 35.88 20.31
C27 PX4 M . -18.01 36.64 21.61
C28 PX4 M . -19.43 37.16 21.46
C29 PX4 M . -19.87 37.99 22.68
C30 PX4 M . -20.03 37.14 23.93
C31 PX4 M . -20.54 38.04 25.07
C32 PX4 M . -21.96 38.58 24.95
C33 PX4 M . -22.24 39.14 26.35
C34 PX4 M . -23.76 39.14 26.47
C35 PX4 M . -24.06 40.01 27.70
C36 PX4 M . -23.57 41.45 27.66
O1 PX4 N . -0.63 28.34 18.07
O2 PX4 N . -2.68 27.28 16.92
P1 PX4 N . -2.09 28.14 17.99
O3 PX4 N . -2.54 29.69 18.02
C1 PX4 N . -3.85 29.66 17.44
C2 PX4 N . -4.51 31.04 17.43
N1 PX4 N . -4.80 31.74 18.69
C3 PX4 N . -5.65 32.86 18.27
C4 PX4 N . -5.58 30.92 19.63
C5 PX4 N . -3.67 32.26 19.47
O4 PX4 N . -2.69 27.93 19.47
C6 PX4 N . -1.96 28.66 20.46
C7 PX4 N . -2.66 28.73 21.82
C8 PX4 N . -3.62 27.53 21.84
O5 PX4 N . -4.98 27.93 22.02
C9 PX4 N . -5.84 26.89 21.85
O6 PX4 N . -5.43 25.75 22.09
C10 PX4 N . -7.34 27.11 21.79
C11 PX4 N . -7.93 27.94 22.91
C12 PX4 N . -7.91 27.27 24.29
C13 PX4 N . -8.87 26.12 24.55
C14 PX4 N . -8.41 25.48 25.86
C15 PX4 N . -8.52 26.53 26.96
C16 PX4 N . -7.97 25.97 28.27
C17 PX4 N . -8.89 24.81 28.62
C18 PX4 N . -8.45 24.08 29.89
C19 PX4 N . -9.47 22.94 29.97
C20 PX4 N . -9.11 22.01 31.14
C21 PX4 N . -7.80 21.30 30.77
C22 PX4 N . -7.95 20.39 29.55
O7 PX4 N . -1.72 28.77 22.90
C23 PX4 N . -1.29 30.00 23.30
O8 PX4 N . -1.41 30.97 22.54
C24 PX4 N . -0.20 29.94 24.36
C25 PX4 N . -0.80 30.00 25.76
C26 PX4 N . 0.05 29.56 26.96
C27 PX4 N . -0.88 29.89 28.15
C28 PX4 N . -0.11 29.58 29.44
C29 PX4 N . 0.24 28.10 29.62
C30 PX4 N . 0.71 27.81 31.05
C31 PX4 N . 0.79 26.28 31.16
C32 PX4 N . 1.12 25.93 32.61
C33 PX4 N . 1.05 24.42 32.86
C34 PX4 N . 1.39 24.08 34.31
C35 PX4 N . 0.34 24.75 35.19
C36 PX4 N . 0.70 24.46 36.64
O1 PX4 O . 12.08 3.33 12.92
O2 PX4 O . 13.88 2.23 14.44
P1 PX4 O . 12.61 2.19 13.70
O3 PX4 O . 12.63 0.80 12.88
C1 PX4 O . 14.00 0.64 12.50
C2 PX4 O . 14.18 -0.68 11.75
N1 PX4 O . 13.68 -0.89 10.38
C3 PX4 O . 12.23 -1.14 10.46
C4 PX4 O . 13.68 0.36 9.62
C5 PX4 O . 14.33 -1.92 9.58
O4 PX4 O . 11.60 1.88 14.92
C6 PX4 O . 11.71 3.03 15.76
C7 PX4 O . 10.91 3.04 17.07
C8 PX4 O . 9.95 1.86 17.12
O5 PX4 O . 8.63 2.26 16.74
C9 PX4 O . 7.75 1.24 16.70
O6 PX4 O . 8.14 0.08 16.73
C10 PX4 O . 6.36 1.53 16.13
C11 PX4 O . 6.07 3.00 15.88
C12 PX4 O . 4.79 3.15 15.04
C13 PX4 O . 4.39 4.58 14.67
C14 PX4 O . 3.02 4.87 15.28
C15 PX4 O . 2.17 3.83 14.51
C16 PX4 O . 0.73 3.88 15.01
C17 PX4 O . 0.52 3.21 16.36
C18 PX4 O . -0.99 3.16 16.64
C19 PX4 O . -1.26 2.74 18.08
C20 PX4 O . -0.82 3.73 19.14
C21 PX4 O . -1.25 3.13 20.49
C22 PX4 O . -1.19 4.16 21.62
O7 PX4 O . 11.80 2.89 18.19
C23 PX4 O . 12.60 3.90 18.61
O8 PX4 O . 12.69 5.02 18.11
C24 PX4 O . 13.53 3.62 19.79
C25 PX4 O . 13.01 4.09 21.16
C26 PX4 O . 13.69 3.39 22.35
C27 PX4 O . 13.22 1.95 22.49
C28 PX4 O . 14.14 1.55 23.63
C29 PX4 O . 13.96 0.05 23.79
C30 PX4 O . 14.94 -0.44 24.86
C31 PX4 O . 14.74 -1.92 25.22
C32 PX4 O . 13.40 -2.04 25.94
C33 PX4 O . 13.38 -3.39 26.65
C34 PX4 O . 14.31 -3.42 27.87
C35 PX4 O . 14.29 -4.71 28.71
C36 PX4 O . 15.24 -4.64 29.91
O1 PX4 P . 20.01 10.96 18.51
O2 PX4 P . 21.86 9.41 17.63
P1 PX4 P . 21.00 9.88 18.74
O3 PX4 P . 20.29 8.52 19.19
C1 PX4 P . 20.95 7.40 18.61
C2 PX4 P . 20.64 6.19 19.49
N1 PX4 P . 21.08 6.20 20.90
C3 PX4 P . 22.45 6.62 21.23
C4 PX4 P . 20.17 6.89 21.83
C5 PX4 P . 21.04 4.78 21.31
O4 PX4 P . 21.79 10.05 20.13
C6 PX4 P . 22.76 11.08 20.37
C7 PX4 P . 22.69 11.65 21.78
C8 PX4 P . 22.22 10.52 22.72
O5 PX4 P . 21.08 10.86 23.51
C9 PX4 P . 20.60 9.85 24.28
O6 PX4 P . 21.07 8.72 24.39
C10 PX4 P . 19.40 10.31 25.11
C11 PX4 P . 18.71 11.59 24.68
C12 PX4 P . 17.83 12.22 25.76
C13 PX4 P . 17.14 13.45 25.18
C14 PX4 P . 16.16 14.07 26.20
C15 PX4 P . 16.91 14.49 27.47
C16 PX4 P . 15.92 15.22 28.39
C17 PX4 P . 16.51 16.62 28.58
C18 PX4 P . 15.69 17.45 29.56
C19 PX4 P . 16.34 18.83 29.47
C20 PX4 P . 16.28 19.28 28.00
C21 PX4 P . 16.77 20.69 27.72
C22 PX4 P . 15.91 21.71 28.46
O7 PX4 P . 23.79 12.45 22.23
C23 PX4 P . 23.91 13.74 21.83
O8 PX4 P . 22.96 14.24 21.24
C24 PX4 P . 25.10 14.57 22.29
C25 PX4 P . 24.72 15.77 23.16
C26 PX4 P . 24.34 16.99 22.31
C27 PX4 P . 23.77 18.22 22.99
C28 PX4 P . 23.46 19.30 21.92
C29 PX4 P . 22.87 20.43 22.76
C30 PX4 P . 23.70 20.75 23.98
C31 PX4 P . 22.95 21.60 25.01
C32 PX4 P . 23.67 21.68 26.35
C33 PX4 P . 22.95 22.49 27.44
C34 PX4 P . 24.01 22.65 28.53
C35 PX4 P . 23.41 23.37 29.74
C36 PX4 P . 24.57 23.65 30.69
O1 PX4 Q . 26.29 6.46 18.35
O2 PX4 Q . 23.81 6.52 17.83
P1 PX4 Q . 25.01 7.22 18.32
O3 PX4 Q . 25.18 8.53 17.42
C1 PX4 Q . 25.07 8.22 16.03
C2 PX4 Q . 25.37 9.43 15.13
N1 PX4 Q . 25.20 9.40 13.68
C3 PX4 Q . 23.86 8.90 13.34
C4 PX4 Q . 25.20 10.73 13.08
C5 PX4 Q . 26.16 8.61 12.90
O4 PX4 Q . 24.69 7.86 19.76
C6 PX4 Q . 25.96 8.18 20.31
C7 PX4 Q . 25.89 8.75 21.73
C8 PX4 Q . 25.34 7.73 22.74
O5 PX4 Q . 24.78 8.46 23.83
C9 PX4 Q . 24.56 7.76 24.98
O6 PX4 Q . 24.53 6.54 24.88
C10 PX4 Q . 23.95 8.45 26.21
C11 PX4 Q . 24.90 8.32 27.40
C12 PX4 Q . 25.69 9.62 27.52
C13 PX4 Q . 26.82 9.44 28.54
C14 PX4 Q . 26.31 9.66 29.96
C15 PX4 Q . 25.60 11.01 30.16
C16 PX4 Q . 24.90 11.15 31.51
C17 PX4 Q . 25.68 10.90 32.81
C18 PX4 Q . 24.71 11.06 34.00
C19 PX4 Q . 25.41 11.01 35.35
C20 PX4 Q . 26.53 12.02 35.57
C21 PX4 Q . 27.25 11.67 36.87
C22 PX4 Q . 27.79 10.23 36.88
O7 PX4 Q . 27.09 9.45 22.02
C23 PX4 Q . 27.28 10.73 21.59
O8 PX4 Q . 27.12 11.00 20.40
C24 PX4 Q . 28.33 11.53 22.37
C25 PX4 Q . 28.09 11.47 23.87
C26 PX4 Q . 29.02 12.33 24.74
C27 PX4 Q . 28.79 12.17 26.24
C28 PX4 Q . 29.06 13.36 27.17
C29 PX4 Q . 28.77 13.01 28.62
C30 PX4 Q . 29.05 14.18 29.56
C31 PX4 Q . 29.05 13.74 31.04
C32 PX4 Q . 29.16 15.08 31.76
C33 PX4 Q . 28.84 14.95 33.25
C34 PX4 Q . 28.45 16.22 34.01
C35 PX4 Q . 28.21 15.88 35.49
C36 PX4 Q . 28.30 17.15 36.34
O1 PX4 R . 5.30 -30.44 14.08
O2 PX4 R . 2.93 -31.34 14.72
P1 PX4 R . 4.12 -30.50 14.96
O3 PX4 R . 3.63 -28.97 14.98
C1 PX4 R . 3.00 -28.82 13.72
C2 PX4 R . 2.76 -27.40 13.21
N1 PX4 R . 3.84 -26.78 12.44
C3 PX4 R . 5.15 -26.67 13.11
C4 PX4 R . 4.14 -27.42 11.16
C5 PX4 R . 3.46 -25.42 12.02
O4 PX4 R . 4.64 -30.48 16.49
C6 PX4 R . 6.06 -30.41 16.66
C7 PX4 R . 6.47 -30.09 18.09
C8 PX4 R . 5.23 -30.01 18.99
O5 PX4 R . 5.08 -28.91 19.90
C9 PX4 R . 4.29 -29.31 20.94
O6 PX4 R . 3.53 -30.26 20.79
C10 PX4 R . 4.28 -28.46 22.21
C11 PX4 R . 5.32 -28.89 23.23
C12 PX4 R . 5.22 -28.04 24.50
C13 PX4 R . 6.52 -28.05 25.30
C14 PX4 R . 6.43 -26.83 26.21
C15 PX4 R . 6.30 -25.54 25.40
C16 PX4 R . 5.93 -24.40 26.35
C17 PX4 R . 7.14 -23.97 27.20
C18 PX4 R . 6.60 -23.38 28.50
C19 PX4 R . 7.80 -22.89 29.30
C20 PX4 R . 7.51 -22.49 30.74
C21 PX4 R . 8.79 -22.23 31.55
C22 PX4 R . 9.53 -21.19 30.71
O7 PX4 R . 7.50 -30.92 18.62
C23 PX4 R . 8.52 -30.34 19.31
O8 PX4 R . 8.88 -29.19 19.07
C24 PX4 R . 9.26 -31.14 20.38
C25 PX4 R . 8.73 -31.09 21.83
C26 PX4 R . 9.73 -31.37 22.95
C27 PX4 R . 9.08 -31.14 24.32
C28 PX4 R . 10.19 -31.50 25.31
C29 PX4 R . 10.88 -30.19 25.69
C30 PX4 R . 11.79 -30.45 26.89
C31 PX4 R . 12.63 -29.26 27.36
C32 PX4 R . 13.19 -29.44 28.77
C33 PX4 R . 12.24 -29.60 29.95
C34 PX4 R . 12.93 -30.00 31.25
C35 PX4 R . 11.87 -30.50 32.21
C36 PX4 R . 12.58 -30.83 33.52
O1 PX4 S . -6.99 41.00 12.26
O2 PX4 S . -9.41 41.69 12.15
P1 PX4 S . -8.00 42.08 12.35
O3 PX4 S . -7.63 43.32 11.41
C1 PX4 S . -8.52 44.38 11.81
C2 PX4 S . -8.04 45.61 11.05
N1 PX4 S . -7.19 46.56 11.78
C3 PX4 S . -5.88 45.90 11.96
C4 PX4 S . -6.90 47.79 11.05
C5 PX4 S . -7.64 46.92 13.14
O4 PX4 S . -7.92 42.71 13.83
C6 PX4 S . -7.75 41.80 14.92
C7 PX4 S . -7.32 42.59 16.15
C8 PX4 S . -8.62 42.92 16.87
O5 PX4 S . -9.01 44.31 16.92
C9 PX4 S . -10.13 44.58 17.66
O6 PX4 S . -10.75 43.66 18.17
C10 PX4 S . -10.48 46.06 17.76
C11 PX4 S . -9.93 46.76 19.01
C12 PX4 S . -10.26 48.25 19.00
C13 PX4 S . -9.72 48.92 20.27
C14 PX4 S . -10.21 50.37 20.32
C15 PX4 S . -9.74 50.87 21.68
C16 PX4 S . -10.22 52.29 21.92
C17 PX4 S . -9.37 53.10 22.90
C18 PX4 S . -9.81 54.50 23.31
C19 PX4 S . -9.27 54.68 24.73
C20 PX4 S . -9.38 56.15 25.13
C21 PX4 S . -8.42 56.95 24.25
C22 PX4 S . -8.35 58.43 24.65
O7 PX4 S . -6.35 41.83 16.88
C23 PX4 S . -5.06 41.66 16.47
O8 PX4 S . -4.54 42.26 15.54
C24 PX4 S . -4.29 40.79 17.47
C25 PX4 S . -4.24 41.44 18.84
C26 PX4 S . -3.27 40.60 19.66
C27 PX4 S . -3.24 40.77 21.20
C28 PX4 S . -2.54 42.09 21.49
C29 PX4 S . -2.02 42.28 22.92
C30 PX4 S . -3.13 41.92 23.91
C31 PX4 S . -2.53 41.98 25.32
C32 PX4 S . -3.49 41.73 26.49
C33 PX4 S . -3.15 42.51 27.76
C34 PX4 S . -4.19 42.23 28.85
C35 PX4 S . -3.99 43.03 30.13
C36 PX4 S . -4.87 42.45 31.25
O1 PX4 T . 28.56 17.28 11.76
O2 PX4 T . 26.98 16.19 13.48
P1 PX4 T . 28.17 17.01 13.15
O3 PX4 T . 27.90 18.48 13.78
C1 PX4 T . 26.69 19.03 13.26
C2 PX4 T . 26.38 20.36 13.96
N1 PX4 T . 25.28 21.18 13.40
C3 PX4 T . 25.06 22.21 14.43
C4 PX4 T . 25.76 21.91 12.22
C5 PX4 T . 24.07 20.43 13.03
O4 PX4 T . 29.38 16.64 14.15
C6 PX4 T . 28.86 16.85 15.47
C7 PX4 T . 29.88 16.62 16.59
C8 PX4 T . 31.12 16.12 15.86
O5 PX4 T . 32.17 15.76 16.75
C9 PX4 T . 33.24 16.60 16.81
O6 PX4 T . 33.36 17.50 15.98
C10 PX4 T . 34.42 16.32 17.73
C11 PX4 T . 33.95 16.17 19.18
C12 PX4 T . 35.21 15.98 20.04
C13 PX4 T . 35.97 14.66 19.91
C14 PX4 T . 37.16 14.40 20.82
C15 PX4 T . 38.07 13.26 20.35
C16 PX4 T . 39.26 13.11 21.30
C17 PX4 T . 39.92 11.82 20.85
C18 PX4 T . 41.17 11.51 21.67
C19 PX4 T . 41.85 10.24 21.13
C20 PX4 T . 40.68 9.26 21.22
C21 PX4 T . 41.27 7.86 20.97
C22 PX4 T . 40.38 6.66 21.22
O7 PX4 T . 30.15 17.87 17.24
C23 PX4 T . 29.44 18.55 18.18
O8 PX4 T . 28.32 18.13 18.48
C24 PX4 T . 29.95 19.92 18.59
C25 PX4 T . 30.62 19.87 19.97
C26 PX4 T . 31.78 18.89 20.14
C27 PX4 T . 32.15 18.91 21.61
C28 PX4 T . 32.82 20.24 21.98
C29 PX4 T . 33.15 20.13 23.47
C30 PX4 T . 34.19 19.05 23.79
C31 PX4 T . 35.63 19.31 23.35
C32 PX4 T . 36.60 18.17 23.68
C33 PX4 T . 38.06 18.58 23.50
C34 PX4 T . 38.94 17.43 23.99
C35 PX4 T . 38.44 16.66 25.21
C36 PX4 T . 39.48 15.55 25.43
O1 PX4 U . 37.65 1.17 14.29
O2 PX4 U . 35.86 1.54 12.40
P1 PX4 U . 36.78 2.03 13.44
O3 PX4 U . 37.75 3.07 12.72
C1 PX4 U . 38.53 2.35 11.76
C2 PX4 U . 39.83 3.02 11.30
N1 PX4 U . 40.79 2.31 10.43
C3 PX4 U . 40.26 2.17 9.06
C4 PX4 U . 41.85 3.31 10.43
C5 PX4 U . 41.35 1.14 11.13
O4 PX4 U . 36.12 3.18 14.36
C6 PX4 U . 37.20 3.64 15.19
C7 PX4 U . 36.92 4.59 16.37
C8 PX4 U . 35.44 4.91 16.34
O5 PX4 U . 35.11 6.31 16.37
C9 PX4 U . 33.86 6.68 16.74
O6 PX4 U . 32.95 5.86 16.81
C10 PX4 U . 33.75 8.18 17.10
C11 PX4 U . 32.69 8.59 18.13
C12 PX4 U . 32.65 7.68 19.36
C13 PX4 U . 31.70 8.36 20.36
C14 PX4 U . 31.87 7.66 21.69
C15 PX4 U . 30.83 8.30 22.64
C16 PX4 U . 31.39 7.88 24.00
C17 PX4 U . 32.56 8.83 24.30
C18 PX4 U . 32.05 10.27 24.27
C19 PX4 U . 33.23 11.16 24.60
C20 PX4 U . 32.96 12.65 24.39
C21 PX4 U . 33.73 13.20 23.18
C22 PX4 U . 33.73 14.72 23.16
O7 PX4 U . 37.22 3.96 17.63
C23 PX4 U . 38.48 4.14 18.11
O8 PX4 U . 39.36 4.54 17.37
C24 PX4 U . 38.80 3.53 19.48
C25 PX4 U . 40.32 3.29 19.63
C26 PX4 U . 40.68 2.49 20.88
C27 PX4 U . 42.15 2.34 21.22
C28 PX4 U . 42.43 1.29 22.31
C29 PX4 U . 43.92 1.20 22.64
C30 PX4 U . 44.22 0.05 23.62
C31 PX4 U . 43.48 0.12 24.94
C32 PX4 U . 43.64 -1.11 25.82
C33 PX4 U . 42.91 -0.86 27.14
C34 PX4 U . 43.03 -2.14 27.98
C35 PX4 U . 42.25 -1.86 29.28
C36 PX4 U . 42.39 -3.03 30.24
O1 PX4 V . 0.38 19.21 20.12
O2 PX4 V . 2.34 17.90 19.22
P1 PX4 V . 1.31 18.07 20.28
O3 PX4 V . 0.41 16.79 19.91
C1 PX4 V . -0.02 17.11 18.57
C2 PX4 V . -0.34 15.94 17.64
N1 PX4 V . 0.64 14.86 17.37
C3 PX4 V . 1.12 14.14 18.56
C4 PX4 V . -0.08 13.89 16.54
C5 PX4 V . 1.71 15.32 16.50
O4 PX4 V . 1.73 17.76 21.79
C6 PX4 V . 2.30 16.44 21.76
C7 PX4 V . 2.70 15.92 23.15
C8 PX4 V . 2.41 16.94 24.23
O5 PX4 V . 3.49 17.78 24.66
C9 PX4 V . 3.28 18.75 25.58
O6 PX4 V . 2.19 19.08 26.01
C10 PX4 V . 4.56 19.38 26.15
C11 PX4 V . 4.32 19.86 27.59
C12 PX4 V . 5.60 20.47 28.17
C13 PX4 V . 5.39 20.83 29.63
C14 PX4 V . 6.63 21.57 30.15
C15 PX4 V . 6.40 22.19 31.52
C16 PX4 V . 5.68 23.54 31.44
C17 PX4 V . 5.65 24.48 32.65
C18 PX4 V . 5.17 23.77 33.92
C19 PX4 V . 5.06 24.84 34.99
C20 PX4 V . 4.69 24.34 36.40
C21 PX4 V . 4.83 25.53 37.35
C22 PX4 V . 3.98 25.27 38.61
O7 PX4 V . 2.16 14.61 23.41
C23 PX4 V . 2.90 13.56 22.96
O8 PX4 V . 3.98 13.72 22.38
C24 PX4 V . 2.33 12.17 23.27
C25 PX4 V . 2.72 11.70 24.69
C26 PX4 V . 3.42 10.34 24.53
C27 PX4 V . 4.26 9.79 25.68
C28 PX4 V . 5.43 10.72 25.97
C29 PX4 V . 6.21 10.05 27.11
C30 PX4 V . 7.46 10.91 27.32
C31 PX4 V . 8.40 10.26 28.34
C32 PX4 V . 8.71 8.85 27.82
C33 PX4 V . 10.00 8.39 28.50
C34 PX4 V . 10.45 7.01 27.99
C35 PX4 V . 11.72 6.61 28.76
C36 PX4 V . 12.27 5.34 28.14
O1 PX4 W . 12.77 21.15 19.43
O2 PX4 W . 14.62 19.23 19.68
P1 PX4 W . 13.64 20.20 20.19
O3 PX4 W . 12.53 19.11 20.60
C1 PX4 W . 12.01 18.57 19.38
C2 PX4 W . 10.83 17.64 19.67
N1 PX4 W . 11.05 16.47 20.52
C3 PX4 W . 12.09 15.55 20.05
C4 PX4 W . 11.12 16.77 21.96
C5 PX4 W . 9.77 15.73 20.43
O4 PX4 W . 13.96 20.71 21.68
C6 PX4 W . 14.76 19.78 22.41
C7 PX4 W . 15.10 20.10 23.86
C8 PX4 W . 15.58 21.55 23.88
O5 PX4 W . 17.00 21.60 23.97
C9 PX4 W . 17.53 22.84 24.17
O6 PX4 W . 16.88 23.84 24.42
C10 PX4 W . 19.06 22.94 24.05
C11 PX4 W . 19.60 24.15 24.82
C12 PX4 W . 19.44 23.91 26.32
C13 PX4 W . 19.54 25.22 27.10
C14 PX4 W . 19.45 25.04 28.63
C15 PX4 W . 19.43 26.42 29.28
C16 PX4 W . 18.03 26.76 29.81
C17 PX4 W . 17.94 28.07 30.59
C18 PX4 W . 18.89 28.05 31.80
C19 PX4 W . 18.72 29.40 32.52
C20 PX4 W . 17.30 29.55 33.03
C21 PX4 W . 17.09 30.89 33.73
C22 PX4 W . 17.96 30.98 34.98
O7 PX4 W . 14.12 19.71 24.84
C23 PX4 W . 13.87 18.41 25.15
O8 PX4 W . 14.52 17.58 24.51
C24 PX4 W . 12.55 18.08 25.85
C25 PX4 W . 12.16 19.20 26.82
C26 PX4 W . 10.97 18.88 27.71
C27 PX4 W . 9.61 18.69 27.03
C28 PX4 W . 8.59 18.42 28.14
C29 PX4 W . 9.18 17.24 28.92
C30 PX4 W . 8.23 16.85 30.06
C31 PX4 W . 7.93 17.96 31.07
C32 PX4 W . 6.97 17.59 32.20
C33 PX4 W . 6.80 18.80 33.12
C34 PX4 W . 8.12 19.03 33.85
C35 PX4 W . 7.84 20.03 34.97
C36 PX4 W . 9.11 20.44 35.70
O1 PX4 X . 20.97 23.44 15.16
O2 PX4 X . 22.17 21.27 15.90
P1 PX4 X . 21.15 22.31 16.10
O3 PX4 X . 19.83 21.45 15.79
C1 PX4 X . 19.65 21.34 14.37
C2 PX4 X . 20.10 20.03 13.74
N1 PX4 X . 19.64 18.73 14.23
C3 PX4 X . 20.31 18.52 15.51
C4 PX4 X . 18.21 18.85 14.55
C5 PX4 X . 19.94 17.74 13.20
O4 PX4 X . 20.81 22.73 17.62
C6 PX4 X . 20.89 21.56 18.44
C7 PX4 X . 20.48 21.64 19.91
C8 PX4 X . 20.55 23.16 19.98
O5 PX4 X . 21.70 23.67 20.67
C9 PX4 X . 21.47 24.73 21.50
O6 PX4 X . 20.31 25.00 21.82
C10 PX4 X . 22.57 24.85 22.56
C11 PX4 X . 23.91 25.16 21.87
C12 PX4 X . 25.05 24.89 22.86
C13 PX4 X . 24.92 25.89 24.02
C14 PX4 X . 25.97 25.79 25.13
C15 PX4 X . 26.02 27.00 26.04
C16 PX4 X . 27.15 26.88 27.06
C17 PX4 X . 27.18 27.85 28.24
C18 PX4 X . 28.31 27.53 29.20
C19 PX4 X . 27.84 26.26 29.91
C20 PX4 X . 28.57 26.02 31.23
C21 PX4 X . 28.48 27.16 32.24
C22 PX4 X . 29.09 26.76 33.59
O7 PX4 X . 19.34 21.01 20.48
C23 PX4 X . 19.40 19.65 20.58
O8 PX4 X . 20.06 18.94 19.82
C24 PX4 X . 18.46 19.11 21.65
C25 PX4 X . 19.06 17.82 22.18
C26 PX4 X . 19.66 18.04 23.58
C27 PX4 X . 20.09 16.74 24.23
C28 PX4 X . 20.30 16.91 25.74
C29 PX4 X . 21.38 17.89 26.16
C30 PX4 X . 21.16 18.16 27.65
C31 PX4 X . 22.36 18.57 28.51
C32 PX4 X . 22.04 18.80 29.98
C33 PX4 X . 21.09 20.00 30.17
C34 PX4 X . 20.43 19.95 31.55
C35 PX4 X . 19.34 21.00 31.75
C36 PX4 X . 20.01 22.38 31.69
O1 PX4 Y . 8.28 -33.40 16.27
O2 PX4 Y . 9.92 -35.30 17.03
P1 PX4 Y . 8.59 -34.82 16.59
O3 PX4 Y . 7.96 -35.67 15.38
C1 PX4 Y . 7.97 -34.92 14.16
C2 PX4 Y . 8.04 -35.75 12.87
N1 PX4 Y . 6.84 -36.51 12.48
C3 PX4 Y . 6.93 -36.89 11.06
C4 PX4 Y . 6.76 -37.70 13.32
C5 PX4 Y . 5.61 -35.73 12.66
O4 PX4 Y . 7.49 -35.24 17.69
C6 PX4 Y . 7.88 -34.45 18.81
C7 PX4 Y . 7.36 -35.11 20.09
C8 PX4 Y . 8.42 -36.13 20.54
O5 PX4 Y . 9.74 -35.64 20.72
C9 PX4 Y . 10.66 -36.61 21.00
O6 PX4 Y . 10.53 -37.75 20.56
C10 PX4 Y . 12.06 -36.16 21.44
C11 PX4 Y . 12.02 -35.25 22.67
C12 PX4 Y . 11.52 -36.00 23.91
C13 PX4 Y . 11.36 -35.01 25.06
C14 PX4 Y . 11.24 -35.83 26.34
C15 PX4 Y . 11.21 -34.85 27.50
C16 PX4 Y . 10.91 -35.65 28.78
C17 PX4 Y . 10.70 -34.72 29.98
C18 PX4 Y . 10.40 -35.48 31.28
C19 PX4 Y . 10.69 -34.41 32.35
C20 PX4 Y . 10.45 -35.07 33.72
C21 PX4 Y . 10.65 -34.01 34.82
C22 PX4 Y . 10.83 -34.66 36.18
O7 PX4 Y . 6.73 -34.17 20.96
C23 PX4 Y . 5.43 -33.82 20.74
O8 PX4 Y . 4.75 -34.20 19.78
C24 PX4 Y . 4.79 -32.78 21.67
C25 PX4 Y . 4.73 -33.45 23.04
C26 PX4 Y . 4.30 -32.46 24.13
C27 PX4 Y . 2.83 -32.11 23.91
C28 PX4 Y . 2.13 -31.80 25.23
C29 PX4 Y . 2.85 -30.55 25.77
C30 PX4 Y . 2.34 -30.12 27.16
C31 PX4 Y . 3.32 -29.08 27.70
C32 PX4 Y . 3.11 -28.81 29.20
C33 PX4 Y . 4.16 -27.86 29.76
C34 PX4 Y . 4.25 -27.83 31.28
C35 PX4 Y . 5.34 -26.92 31.87
C36 PX4 Y . 5.97 -27.45 33.15
O1 PX4 Z . 0.13 -20.17 18.96
O2 PX4 Z . 2.56 -20.70 18.65
P1 PX4 Z . 1.33 -20.88 19.44
O3 PX4 Z . 0.79 -22.40 19.44
C1 PX4 Z . 0.45 -22.88 18.12
C2 PX4 Z . -0.07 -24.31 18.21
N1 PX4 Z . -1.17 -24.75 19.07
C3 PX4 Z . -0.65 -24.99 20.41
C4 PX4 Z . -2.16 -23.68 19.23
C5 PX4 Z . -1.86 -25.95 18.54
O4 PX4 Z . 1.55 -20.76 21.03
C6 PX4 Z . 2.40 -21.87 21.38
C7 PX4 Z . 2.25 -22.07 22.89
C8 PX4 Z . 2.04 -20.65 23.41
O5 PX4 Z . 3.13 -20.16 24.18
C9 PX4 Z . 2.66 -19.36 25.16
O6 PX4 Z . 1.50 -18.95 25.11
C10 PX4 Z . 3.82 -18.54 25.71
C11 PX4 Z . 4.21 -19.30 26.99
C12 PX4 Z . 5.16 -18.42 27.80
C13 PX4 Z . 5.67 -19.41 28.84
C14 PX4 Z . 6.24 -18.61 30.01
C15 PX4 Z . 5.28 -17.65 30.71
C16 PX4 Z . 5.90 -16.83 31.83
C17 PX4 Z . 4.88 -15.86 32.44
C18 PX4 Z . 5.56 -15.02 33.52
C19 PX4 Z . 6.18 -15.99 34.51
C20 PX4 Z . 6.61 -15.21 35.75
C21 PX4 Z . 5.40 -14.55 36.40
C22 PX4 Z . 5.96 -13.73 37.57
O7 PX4 Z . 1.30 -23.05 23.30
C23 PX4 Z . 1.86 -24.29 23.33
O8 PX4 Z . 3.03 -24.51 23.02
C24 PX4 Z . 1.06 -25.29 24.17
C25 PX4 Z . 0.78 -24.72 25.56
C26 PX4 Z . 2.01 -24.23 26.35
C27 PX4 Z . 1.68 -23.64 27.72
C28 PX4 Z . 2.78 -23.05 28.61
C29 PX4 Z . 2.37 -22.59 30.01
C30 PX4 Z . 3.42 -21.72 30.71
C31 PX4 Z . 2.83 -21.23 32.02
C32 PX4 Z . 3.66 -20.25 32.87
C33 PX4 Z . 2.93 -19.73 34.12
C34 PX4 Z . 2.56 -21.00 34.89
C35 PX4 Z . 1.80 -20.74 36.19
C36 PX4 Z . 1.29 -21.95 36.98
O1 PX4 AA . 4.74 -22.83 18.81
O2 PX4 AA . 5.39 -20.60 17.70
P1 PX4 AA . 5.64 -21.65 18.71
O3 PX4 AA . 7.11 -22.29 18.55
C1 PX4 AA . 7.01 -23.71 18.46
C2 PX4 AA . 8.37 -24.42 18.39
N1 PX4 AA . 9.16 -24.60 19.61
C3 PX4 AA . 8.21 -25.08 20.63
C4 PX4 AA . 10.16 -25.66 19.43
C5 PX4 AA . 9.82 -23.42 20.18
O4 PX4 AA . 5.75 -20.91 20.14
C6 PX4 AA . 6.92 -20.10 20.29
C7 PX4 AA . 7.01 -19.44 21.67
C8 PX4 AA . 5.61 -18.93 21.99
O5 PX4 AA . 5.51 -17.51 21.78
C9 PX4 AA . 4.23 -17.07 21.64
O6 PX4 AA . 3.35 -17.80 21.18
C10 PX4 AA . 3.94 -15.63 22.03
C11 PX4 AA . 3.18 -15.70 23.36
C12 PX4 AA . 2.62 -14.41 23.99
C13 PX4 AA . 1.78 -14.77 25.22
C14 PX4 AA . 1.06 -13.55 25.81
C15 PX4 AA . 0.55 -13.98 27.19
C16 PX4 AA . -0.09 -12.89 28.04
C17 PX4 AA . 0.91 -11.75 28.26
C18 PX4 AA . 0.64 -10.85 29.48
C19 PX4 AA . 1.35 -9.54 29.08
C20 PX4 AA . 1.37 -8.48 30.19
C21 PX4 AA . 2.40 -7.38 30.00
C22 PX4 AA . 2.59 -6.55 31.27
O7 PX4 AA . 7.56 -20.19 22.75
C23 PX4 AA . 8.81 -20.68 22.58
O8 PX4 AA . 9.52 -20.28 21.67
C24 PX4 AA . 9.31 -21.52 23.76
C25 PX4 AA . 9.13 -20.69 25.04
C26 PX4 AA . 9.97 -21.24 26.17
C27 PX4 AA . 9.58 -20.42 27.41
C28 PX4 AA . 10.03 -18.97 27.23
C29 PX4 AA . 10.26 -18.22 28.55
C30 PX4 AA . 10.51 -16.74 28.24
C31 PX4 AA . 11.82 -16.67 27.45
C32 PX4 AA . 12.39 -15.27 27.20
C33 PX4 AA . 13.11 -14.74 28.45
C34 PX4 AA . 13.49 -13.26 28.34
C35 PX4 AA . 14.42 -12.82 29.46
C36 PX4 AA . 13.96 -13.09 30.89
O1 PX4 BA . -3.05 35.11 17.03
O2 PX4 BA . -4.20 37.33 16.57
P1 PX4 BA . -3.12 36.57 17.23
O3 PX4 BA . -1.68 37.31 17.31
C1 PX4 BA . -0.68 36.33 17.59
C2 PX4 BA . 0.61 36.96 18.14
N1 PX4 BA . 0.58 37.68 19.42
C3 PX4 BA . -0.41 37.26 20.40
C4 PX4 BA . 1.83 37.68 20.19
C5 PX4 BA . 0.28 39.09 19.05
O4 PX4 BA . -3.42 36.79 18.81
C6 PX4 BA . -4.83 36.92 18.91
C7 PX4 BA . -5.44 37.24 20.28
C8 PX4 BA . -4.29 37.00 21.25
O5 PX4 BA . -4.65 36.83 22.62
C9 PX4 BA . -3.55 37.09 23.37
O6 PX4 BA . -2.40 37.11 22.93
C10 PX4 BA . -3.96 37.39 24.81
C11 PX4 BA . -2.80 37.26 25.81
C12 PX4 BA . -2.31 35.82 25.98
C13 PX4 BA . -1.10 35.70 26.92
C14 PX4 BA . -0.13 34.90 26.05
C15 PX4 BA . 0.80 34.12 26.99
C16 PX4 BA . 1.68 33.30 26.04
C17 PX4 BA . 2.52 32.26 26.78
C18 PX4 BA . 3.11 32.89 28.04
C19 PX4 BA . 4.07 31.94 28.74
C20 PX4 BA . 4.38 32.63 30.07
C21 PX4 BA . 5.46 31.88 30.84
C22 PX4 BA . 5.75 32.75 32.06
O7 PX4 BA . -6.02 38.55 20.20
C23 PX4 BA . -7.25 38.75 19.66
O8 PX4 BA . -7.66 37.99 18.77
C24 PX4 BA . -7.96 40.05 20.03
C25 PX4 BA . -8.09 40.28 21.54
C26 PX4 BA . -6.73 40.71 22.10
C27 PX4 BA . -6.87 41.23 23.53
C28 PX4 BA . -7.08 40.06 24.51
C29 PX4 BA . -7.11 40.44 26.00
C30 PX4 BA . -6.74 39.13 26.69
C31 PX4 BA . -6.19 39.40 28.10
C32 PX4 BA . -5.91 38.14 28.94
C33 PX4 BA . -5.65 38.61 30.37
C34 PX4 BA . -5.35 37.38 31.23
C35 PX4 BA . -6.60 36.52 31.36
C36 PX4 BA . -6.42 35.38 32.35
O1 PX4 CA . -1.14 25.13 21.37
O2 PX4 CA . 1.05 25.73 20.02
P1 PX4 CA . 0.30 24.99 21.07
O3 PX4 CA . 0.72 23.44 21.08
C1 PX4 CA . 0.26 22.96 22.36
C2 PX4 CA . -0.07 21.47 22.29
N1 PX4 CA . -0.32 21.03 23.67
C3 PX4 CA . -0.41 19.58 23.63
C4 PX4 CA . 0.64 21.35 24.73
C5 PX4 CA . -1.63 21.56 24.11
O4 PX4 CA . 1.12 25.42 22.39
C6 PX4 CA . 1.00 26.81 22.71
C7 PX4 CA . 1.53 27.12 24.10
C8 PX4 CA . 0.78 26.17 25.05
O5 PX4 CA . -0.55 26.48 25.46
C9 PX4 CA . -1.36 25.48 25.91
O6 PX4 CA . -0.96 24.32 25.78
C10 PX4 CA . -2.77 25.79 26.39
C11 PX4 CA . -2.66 26.27 27.84
C12 PX4 CA . -4.02 26.40 28.53
C13 PX4 CA . -3.97 27.19 29.84
C14 PX4 CA . -2.91 26.55 30.74
C15 PX4 CA . -3.01 27.31 32.07
C16 PX4 CA . -2.95 28.82 31.86
C17 PX4 CA . -2.89 29.70 33.11
C18 PX4 CA . -1.45 29.71 33.63
C19 PX4 CA . -1.42 30.64 34.84
C20 PX4 CA . -0.13 30.68 35.67
C21 PX4 CA . 0.32 29.22 35.82
C22 PX4 CA . 1.53 28.90 36.68
O7 PX4 CA . 2.95 27.23 24.25
C23 PX4 CA . 3.70 28.31 23.92
O8 PX4 CA . 3.42 29.01 22.95
C24 PX4 CA . 5.10 28.35 24.54
C25 PX4 CA . 5.32 29.63 25.35
C26 PX4 CA . 6.53 29.35 26.26
C27 PX4 CA . 6.94 30.61 27.03
C28 PX4 CA . 7.36 31.71 26.05
C29 PX4 CA . 8.02 32.69 27.01
C30 PX4 CA . 8.42 33.86 26.10
C31 PX4 CA . 9.39 34.79 26.82
C32 PX4 CA . 9.65 35.95 25.85
C33 PX4 CA . 10.53 35.57 24.65
C34 PX4 CA . 11.95 35.18 25.05
C35 PX4 CA . 12.96 35.31 23.90
C36 PX4 CA . 14.37 35.27 24.50
O1 PX4 DA . 7.35 27.79 22.29
O2 PX4 DA . 8.28 27.69 19.88
P1 PX4 DA . 8.47 27.95 21.32
O3 PX4 DA . 9.47 26.81 21.87
C1 PX4 DA . 10.84 26.92 21.46
C2 PX4 DA . 11.80 25.98 22.18
N1 PX4 DA . 11.71 24.54 21.86
C3 PX4 DA . 10.62 24.01 22.68
C4 PX4 DA . 11.60 24.21 20.43
C5 PX4 DA . 12.95 23.92 22.34
O4 PX4 DA . 9.46 29.18 21.59
C6 PX4 DA . 9.29 29.78 22.88
C7 PX4 DA . 10.33 30.87 23.08
C8 PX4 DA . 9.71 32.18 22.54
O5 PX4 DA . 8.36 32.46 22.89
C9 PX4 DA . 7.63 33.37 22.18
O6 PX4 DA . 7.94 33.71 21.04
C10 PX4 DA . 6.39 33.98 22.83
C11 PX4 DA . 5.64 35.03 22.01
C12 PX4 DA . 4.29 35.32 22.68
C13 PX4 DA . 4.57 36.09 23.96
C14 PX4 DA . 3.31 36.64 24.61
C15 PX4 DA . 2.52 37.65 23.78
C16 PX4 DA . 1.61 38.38 24.78
C17 PX4 DA . 0.80 39.56 24.27
C18 PX4 DA . 1.59 40.81 23.87
C19 PX4 DA . 2.43 41.25 25.08
C20 PX4 DA . 3.38 42.39 24.68
C21 PX4 DA . 4.06 42.66 26.02
C22 PX4 DA . 4.59 41.43 26.74
O7 PX4 DA . 10.96 30.89 24.36
C23 PX4 DA . 12.17 30.25 24.39
O8 PX4 DA . 12.67 29.80 23.36
C24 PX4 DA . 12.91 30.41 25.70
C25 PX4 DA . 13.62 31.73 25.98
C26 PX4 DA . 14.00 31.89 27.46
C27 PX4 DA . 14.92 30.77 27.95
C28 PX4 DA . 15.40 30.91 29.39
C29 PX4 DA . 14.35 30.32 30.34
C30 PX4 DA . 14.07 28.90 29.87
C31 PX4 DA . 13.09 28.01 30.64
C32 PX4 DA . 13.16 26.60 30.07
C33 PX4 DA . 12.11 25.75 30.79
C34 PX4 DA . 12.12 24.31 30.24
C35 PX4 DA . 11.12 23.31 30.81
C36 PX4 DA . 11.24 23.42 32.34
O1 PX4 EA . -24.57 0.01 17.85
O2 PX4 EA . -22.58 -1.43 18.78
P1 PX4 EA . -24.01 -1.07 18.68
O3 PX4 EA . -24.84 -2.30 18.05
C1 PX4 EA . -23.93 -3.41 17.90
C2 PX4 EA . -24.44 -4.73 18.48
N1 PX4 EA . -23.63 -5.94 18.42
C3 PX4 EA . -24.30 -7.01 19.21
C4 PX4 EA . -23.44 -6.41 17.05
C5 PX4 EA . -22.36 -5.72 19.11
O4 PX4 EA . -24.59 -1.29 20.17
C6 PX4 EA . -24.42 -0.14 20.98
C7 PX4 EA . -24.59 -0.57 22.44
C8 PX4 EA . -24.17 -2.04 22.60
O5 PX4 EA . -25.26 -2.84 23.03
C9 PX4 EA . -25.17 -4.13 22.58
O6 PX4 EA . -24.27 -4.54 21.85
C10 PX4 EA . -26.33 -4.96 23.11
C11 PX4 EA . -26.26 -5.13 24.62
C12 PX4 EA . -27.39 -5.84 25.34
C13 PX4 EA . -27.10 -6.27 26.78
C14 PX4 EA . -28.35 -6.87 27.44
C15 PX4 EA . -28.15 -6.99 28.95
C16 PX4 EA . -26.89 -7.73 29.35
C17 PX4 EA . -26.74 -7.67 30.87
C18 PX4 EA . -25.61 -8.67 31.16
C19 PX4 EA . -24.80 -8.21 32.37
C20 PX4 EA . -25.55 -8.33 33.68
C21 PX4 EA . -24.79 -7.45 34.68
C22 PX4 EA . -25.56 -7.49 36.00
O7 PX4 EA . -23.98 0.32 23.37
C23 PX4 EA . -24.62 1.50 23.58
O8 PX4 EA . -25.59 1.90 22.92
C24 PX4 EA . -23.63 2.40 24.31
C25 PX4 EA . -24.11 2.58 25.75
C26 PX4 EA . -23.20 3.38 26.69
C27 PX4 EA . -23.91 3.44 28.04
C28 PX4 EA . -23.34 4.48 28.99
C29 PX4 EA . -23.66 4.25 30.48
C30 PX4 EA . -25.16 4.49 30.65
C31 PX4 EA . -25.38 4.15 32.13
C32 PX4 EA . -26.84 4.24 32.60
C33 PX4 EA . -27.15 4.17 34.09
C34 PX4 EA . -28.67 4.36 34.18
C35 PX4 EA . -29.18 3.81 35.53
C36 PX4 EA . -30.70 3.91 35.61
O1 PX4 FA . -9.79 -8.59 23.51
O2 PX4 FA . -8.30 -9.60 21.62
P1 PX4 FA . -9.56 -9.56 22.40
O3 PX4 FA . -10.73 -9.35 21.33
C1 PX4 FA . -10.86 -7.95 21.03
C2 PX4 FA . -12.24 -7.36 20.78
N1 PX4 FA . -12.77 -7.55 19.41
C3 PX4 FA . -13.28 -8.88 19.13
C4 PX4 FA . -13.98 -6.74 19.27
C5 PX4 FA . -11.88 -7.04 18.34
O4 PX4 FA . -10.04 -11.06 22.76
C6 PX4 FA . -11.00 -10.93 23.82
C7 PX4 FA . -11.65 -12.28 24.14
C8 PX4 FA . -10.45 -13.21 24.30
O5 PX4 FA . -10.75 -14.56 23.99
C9 PX4 FA . -9.75 -15.48 23.84
O6 PX4 FA . -8.57 -15.16 23.94
C10 PX4 FA . -10.15 -16.88 23.39
C11 PX4 FA . -9.57 -18.01 24.25
C12 PX4 FA . -10.32 -17.95 25.59
C13 PX4 FA . -9.71 -18.93 26.59
C14 PX4 FA . -8.57 -18.33 27.43
C15 PX4 FA . -7.95 -19.32 28.42
C16 PX4 FA . -6.94 -18.61 29.32
C17 PX4 FA . -6.34 -19.70 30.21
C18 PX4 FA . -5.47 -19.00 31.26
C19 PX4 FA . -6.39 -17.99 31.96
C20 PX4 FA . -7.26 -18.67 33.00
C21 PX4 FA . -8.00 -17.61 33.80
C22 PX4 FA . -8.97 -18.03 34.90
O7 PX4 FA . -12.58 -12.17 25.22
C23 PX4 FA . -13.91 -12.19 24.96
O8 PX4 FA . -14.28 -11.95 23.80
C24 PX4 FA . -14.79 -12.09 26.21
C25 PX4 FA . -15.11 -13.40 26.94
C26 PX4 FA . -13.87 -14.00 27.62
C27 PX4 FA . -14.12 -15.32 28.35
C28 PX4 FA . -12.91 -15.83 29.13
C29 PX4 FA . -12.97 -17.26 29.68
C30 PX4 FA . -11.67 -17.78 30.30
C31 PX4 FA . -11.98 -19.19 30.83
C32 PX4 FA . -10.73 -19.98 31.22
C33 PX4 FA . -10.93 -21.19 32.13
C34 PX4 FA . -11.76 -20.85 33.38
C35 PX4 FA . -12.00 -22.15 34.14
C36 PX4 FA . -12.69 -23.28 33.39
O1 PX4 GA . -3.38 -8.22 24.55
O2 PX4 GA . -2.71 -9.72 22.47
P1 PX4 GA . -3.47 -9.45 23.70
O3 PX4 GA . -5.04 -9.71 23.49
C1 PX4 GA . -5.96 -8.61 23.60
C2 PX4 GA . -6.71 -8.52 24.92
N1 PX4 GA . -6.97 -7.11 25.29
C3 PX4 GA . -7.66 -6.42 24.19
C4 PX4 GA . -7.95 -7.38 26.35
C5 PX4 GA . -5.75 -6.47 25.80
O4 PX4 GA . -3.25 -10.68 24.73
C6 PX4 GA . -3.67 -10.30 26.05
C7 PX4 GA . -4.48 -11.35 26.82
C8 PX4 GA . -4.34 -12.69 26.09
O5 PX4 GA . -5.35 -13.63 26.43
C9 PX4 GA . -6.66 -13.26 26.29
O6 PX4 GA . -7.05 -12.30 25.63
C10 PX4 GA . -7.66 -14.31 26.77
C11 PX4 GA . -8.40 -14.05 28.07
C12 PX4 GA . -7.52 -14.10 29.33
C13 PX4 GA . -8.31 -13.69 30.56
C14 PX4 GA . -7.44 -13.58 31.80
C15 PX4 GA . -7.97 -12.52 32.78
C16 PX4 GA . -6.87 -12.10 33.76
C17 PX4 GA . -6.23 -13.23 34.56
C18 PX4 GA . -7.15 -13.78 35.64
C19 PX4 GA . -6.57 -15.06 36.23
C20 PX4 GA . -5.19 -14.74 36.81
C21 PX4 GA . -4.44 -16.04 37.11
C22 PX4 GA . -2.95 -15.77 36.90
O7 PX4 GA . -4.14 -11.34 28.22
C23 PX4 GA . -4.76 -10.41 29.00
O8 PX4 GA . -5.31 -9.44 28.48
C24 PX4 GA . -4.55 -10.61 30.49
C25 PX4 GA . -4.29 -9.24 31.11
C26 PX4 GA . -4.11 -9.56 32.59
C27 PX4 GA . -3.82 -8.17 33.16
C28 PX4 GA . -2.60 -7.42 32.63
C29 PX4 GA . -1.42 -8.39 32.74
C30 PX4 GA . -0.65 -8.07 34.03
C31 PX4 GA . 0.05 -6.72 34.09
C32 PX4 GA . 0.92 -6.56 35.36
C33 PX4 GA . -0.03 -6.80 36.53
C34 PX4 GA . 0.75 -6.74 37.85
C35 PX4 GA . -0.22 -6.86 39.03
C36 PX4 GA . 0.45 -6.79 40.41
O1 PX4 HA . 20.14 29.20 13.61
O2 PX4 HA . 20.70 26.76 13.11
P1 PX4 HA . 20.48 27.85 14.10
O3 PX4 HA . 19.38 27.38 15.18
C1 PX4 HA . 18.95 28.56 15.87
C2 PX4 HA . 18.03 28.13 17.02
N1 PX4 HA . 17.59 29.24 17.88
C3 PX4 HA . 16.76 30.29 17.28
C4 PX4 HA . 16.68 28.66 18.89
C5 PX4 HA . 18.63 29.96 18.62
O4 PX4 HA . 21.66 27.89 15.20
C6 PX4 HA . 22.18 26.57 15.33
C7 PX4 HA . 22.99 26.37 16.61
C8 PX4 HA . 22.01 26.46 17.77
O5 PX4 HA . 22.50 26.93 19.03
C9 PX4 HA . 22.75 28.25 19.02
O6 PX4 HA . 22.23 29.03 18.21
C10 PX4 HA . 23.40 28.82 20.29
C11 PX4 HA . 22.50 28.79 21.52
C12 PX4 HA . 21.07 29.29 21.29
C13 PX4 HA . 20.22 29.31 22.56
C14 PX4 HA . 19.95 27.88 23.05
C15 PX4 HA . 19.05 27.94 24.30
C16 PX4 HA . 17.64 28.41 23.93
C17 PX4 HA . 16.80 28.81 25.15
C18 PX4 HA . 16.51 27.47 25.85
C19 PX4 HA . 15.13 26.89 25.51
C20 PX4 HA . 14.81 25.60 26.24
C21 PX4 HA . 13.54 24.95 25.68
C22 PX4 HA . 13.29 23.65 26.45
O7 PX4 HA . 23.76 25.16 16.71
C23 PX4 HA . 24.90 25.27 17.43
O8 PX4 HA . 25.63 26.25 17.25
C24 PX4 HA . 25.49 23.93 17.88
C25 PX4 HA . 24.46 23.20 18.75
C26 PX4 HA . 25.11 21.99 19.46
C27 PX4 HA . 26.29 22.30 20.39
C28 PX4 HA . 26.78 20.95 20.90
C29 PX4 HA . 27.91 21.15 21.92
C30 PX4 HA . 27.55 22.21 22.96
C31 PX4 HA . 28.81 22.29 23.84
C32 PX4 HA . 28.49 22.80 25.25
C33 PX4 HA . 29.87 22.61 25.88
C34 PX4 HA . 29.89 22.94 27.38
C35 PX4 HA . 31.15 22.61 28.18
C36 PX4 HA . 32.51 23.19 27.75
O1 PX4 IA . 0.91 -12.12 17.20
O2 PX4 IA . 2.63 -13.11 18.94
P1 PX4 IA . 1.28 -12.65 18.53
O3 PX4 IA . 0.33 -13.92 18.72
C1 PX4 IA . 0.36 -14.24 20.10
C2 PX4 IA . -0.77 -15.14 20.60
N1 PX4 IA . -0.89 -16.49 20.05
C3 PX4 IA . 0.30 -17.23 20.49
C4 PX4 IA . -2.12 -17.04 20.65
C5 PX4 IA . -1.00 -16.61 18.59
O4 PX4 IA . 0.75 -11.71 19.73
C6 PX4 IA . 1.10 -10.38 19.35
C7 PX4 IA . 1.17 -9.33 20.44
C8 PX4 IA . 0.87 -10.03 21.76
O5 PX4 IA . 0.53 -9.17 22.85
C9 PX4 IA . 0.48 -9.94 23.97
O6 PX4 IA . 0.67 -11.15 24.10
C10 PX4 IA . 0.07 -9.09 25.18
C11 PX4 IA . 0.74 -7.72 25.16
C12 PX4 IA . 0.44 -7.11 26.54
C13 PX4 IA . -1.02 -6.70 26.72
C14 PX4 IA . -1.42 -6.21 28.12
C15 PX4 IA . -2.85 -5.65 28.15
C16 PX4 IA . -3.22 -5.23 29.56
C17 PX4 IA . -4.47 -4.36 29.68
C18 PX4 IA . -5.82 -5.03 29.39
C19 PX4 IA . -7.00 -4.10 29.67
C20 PX4 IA . -7.18 -3.96 31.19
C21 PX4 IA . -8.31 -2.95 31.41
C22 PX4 IA . -8.16 -2.47 32.86
O7 PX4 IA . 2.42 -8.62 20.47
C23 PX4 IA . 2.46 -7.46 19.77
O8 PX4 IA . 1.46 -6.86 19.35
C24 PX4 IA . 3.79 -6.71 19.88
C25 PX4 IA . 4.23 -6.34 21.29
C26 PX4 IA . 3.05 -5.81 22.08
C27 PX4 IA . 3.56 -4.90 23.21
C28 PX4 IA . 2.40 -4.50 24.12
C29 PX4 IA . 3.14 -3.70 25.19
C30 PX4 IA . 4.01 -2.62 24.54
C31 PX4 IA . 4.98 -1.93 25.51
C32 PX4 IA . 4.19 -1.40 26.71
C33 PX4 IA . 5.18 -1.00 27.81
C34 PX4 IA . 4.66 -0.68 29.21
C35 PX4 IA . 5.83 -0.50 30.18
C36 PX4 IA . 6.76 -1.72 30.15
O1 PX4 JA . -30.40 -6.34 19.06
O2 PX4 JA . -32.67 -7.29 19.64
P1 PX4 JA . -31.68 -6.21 19.80
O3 PX4 JA . -32.22 -4.83 19.15
C1 PX4 JA . -32.70 -5.18 17.85
C2 PX4 JA . -33.42 -4.05 17.10
N1 PX4 JA . -33.86 -4.39 15.74
C3 PX4 JA . -32.83 -4.47 14.70
C4 PX4 JA . -34.60 -5.63 15.54
C5 PX4 JA . -34.94 -3.44 15.43
O4 PX4 JA . -31.58 -5.61 21.29
C6 PX4 JA . -32.84 -5.94 21.87
C7 PX4 JA . -33.09 -5.45 23.29
C8 PX4 JA . -31.96 -4.55 23.77
O5 PX4 JA . -32.05 -4.19 25.15
C9 PX4 JA . -31.35 -3.06 25.45
O6 PX4 JA . -30.51 -2.67 24.64
C10 PX4 JA . -31.39 -2.58 26.90
C11 PX4 JA . -30.26 -3.23 27.70
C12 PX4 JA . -30.28 -2.82 29.18
C13 PX4 JA . -29.73 -4.01 29.98
C14 PX4 JA . -29.90 -3.78 31.48
C15 PX4 JA . -29.52 -4.99 32.32
C16 PX4 JA . -29.61 -4.61 33.81
C17 PX4 JA . -28.69 -3.45 34.20
C18 PX4 JA . -28.89 -2.92 35.62
C19 PX4 JA . -27.82 -1.85 35.84
C20 PX4 JA . -27.85 -0.77 34.75
C21 PX4 JA . -26.61 0.13 34.79
C22 PX4 JA . -26.22 0.70 33.43
O7 PX4 JA . -34.46 -5.01 23.35
C23 PX4 JA . -35.37 -5.83 23.95
O8 PX4 JA . -35.23 -7.05 23.85
C24 PX4 JA . -36.67 -5.12 24.31
C25 PX4 JA . -37.94 -5.96 24.10
C26 PX4 JA . -39.15 -5.35 24.79
C27 PX4 JA . -39.68 -6.25 25.91
C28 PX4 JA . -39.62 -5.48 27.23
C29 PX4 JA . -40.21 -6.28 28.38
C30 PX4 JA . -40.15 -5.50 29.70
C31 PX4 JA . -40.70 -6.40 30.79
C32 PX4 JA . -40.67 -5.67 32.14
C33 PX4 JA . -41.46 -6.46 33.19
C34 PX4 JA . -41.46 -5.83 34.58
C35 PX4 JA . -42.38 -6.65 35.49
C36 PX4 JA . -43.81 -6.29 35.10
O1 PX4 KA . -26.66 -12.87 21.16
O2 PX4 KA . -24.79 -12.40 22.86
P1 PX4 KA . -26.00 -13.16 22.44
O3 PX4 KA . -25.19 -14.55 22.37
C1 PX4 KA . -24.39 -14.65 21.19
C2 PX4 KA . -23.71 -16.01 21.05
N1 PX4 KA . -24.57 -17.12 20.62
C3 PX4 KA . -23.84 -18.33 20.21
C4 PX4 KA . -25.49 -17.64 21.66
C5 PX4 KA . -25.50 -16.75 19.56
O4 PX4 KA . -26.83 -13.52 23.77
C6 PX4 KA . -26.03 -13.39 24.94
C7 PX4 KA . -26.38 -14.17 26.22
C8 PX4 KA . -25.28 -15.20 26.46
O5 PX4 KA . -23.96 -14.68 26.27
C9 PX4 KA . -22.85 -15.44 26.43
O6 PX4 KA . -22.79 -16.63 26.74
C10 PX4 KA . -21.54 -14.67 26.18
C11 PX4 KA . -20.90 -14.25 27.49
C12 PX4 KA . -19.76 -13.23 27.53
C13 PX4 KA . -19.25 -13.08 28.97
C14 PX4 KA . -18.02 -12.17 29.08
C15 PX4 KA . -17.64 -12.05 30.55
C16 PX4 KA . -17.43 -13.27 31.43
C17 PX4 KA . -16.53 -13.10 32.64
C18 PX4 KA . -16.29 -14.33 33.53
C19 PX4 KA . -17.62 -14.63 34.21
C20 PX4 KA . -17.48 -15.76 35.24
C21 PX4 KA . -18.85 -15.94 35.88
C22 PX4 KA . -18.75 -17.14 36.79
O7 PX4 KA . -26.64 -13.32 27.35
C23 PX4 KA . -27.92 -13.05 27.67
O8 PX4 KA . -28.87 -13.45 26.99
C24 PX4 KA . -28.16 -12.23 28.95
C25 PX4 KA . -27.30 -12.74 30.10
C26 PX4 KA . -27.66 -11.78 31.24
C27 PX4 KA . -27.08 -12.10 32.62
C28 PX4 KA . -27.91 -13.29 33.08
C29 PX4 KA . -27.80 -13.81 34.51
C30 PX4 KA . -28.97 -14.77 34.69
C31 PX4 KA . -30.24 -14.03 35.09
C32 PX4 KA . -31.27 -15.08 35.54
C33 PX4 KA . -32.41 -14.34 36.25
C34 PX4 KA . -33.22 -13.49 35.25
C35 PX4 KA . -34.27 -12.62 35.94
C36 PX4 KA . -35.30 -12.04 34.97
O1 PX4 LA . -22.50 4.46 18.97
O2 PX4 LA . -22.33 2.25 20.23
P1 PX4 LA . -22.83 3.64 20.14
O3 PX4 LA . -24.43 3.52 19.98
C1 PX4 LA . -25.04 4.33 20.99
C2 PX4 LA . -26.55 4.51 20.85
N1 PX4 LA . -27.17 5.35 21.90
C3 PX4 LA . -28.55 5.49 21.41
C4 PX4 LA . -27.24 4.62 23.16
C5 PX4 LA . -26.66 6.71 22.14
O4 PX4 LA . -22.59 4.44 21.51
C6 PX4 LA . -21.32 5.10 21.57
C7 PX4 LA . -21.21 5.91 22.87
C8 PX4 LA . -22.62 6.09 23.45
O5 PX4 LA . -23.00 7.24 24.22
C9 PX4 LA . -24.17 7.07 24.89
O6 PX4 LA . -24.86 6.07 24.63
C10 PX4 LA . -24.56 8.31 25.68
C11 PX4 LA . -24.36 8.07 27.17
C12 PX4 LA . -24.46 9.36 27.99
C13 PX4 LA . -25.89 9.53 28.53
C14 PX4 LA . -26.18 8.64 29.73
C15 PX4 LA . -27.69 8.49 29.97
C16 PX4 LA . -27.91 7.80 31.32
C17 PX4 LA . -29.38 7.50 31.67
C18 PX4 LA . -29.49 7.73 33.18
C19 PX4 LA . -30.91 7.55 33.70
C20 PX4 LA . -30.83 7.74 35.23
C21 PX4 LA . -32.17 7.46 35.92
C22 PX4 LA . -31.96 8.02 37.32
O7 PX4 LA . -20.27 5.33 23.78
C23 PX4 LA . -19.05 5.93 23.84
O8 PX4 LA . -18.73 6.69 22.92
C24 PX4 LA . -18.21 5.63 25.08
C25 PX4 LA . -19.06 5.67 26.35
C26 PX4 LA . -18.21 5.38 27.59
C27 PX4 LA . -19.28 4.98 28.63
C28 PX4 LA . -18.63 4.83 30.00
C29 PX4 LA . -19.68 4.35 31.00
C30 PX4 LA . -18.95 3.98 32.29
C31 PX4 LA . -18.43 5.26 32.94
C32 PX4 LA . -17.51 4.71 34.04
C33 PX4 LA . -16.69 5.95 34.43
C34 PX4 LA . -17.75 6.93 34.92
C35 PX4 LA . -17.21 8.26 35.45
C36 PX4 LA . -18.41 9.19 35.61
O1 PX4 MA . -15.69 1.21 14.42
O2 PX4 MA . -16.53 -0.92 15.66
P1 PX4 MA . -16.12 0.51 15.65
O3 PX4 MA . -17.33 1.39 16.25
C1 PX4 MA . -18.48 0.94 15.54
C2 PX4 MA . -19.63 1.96 15.64
N1 PX4 MA . -20.22 2.39 16.92
C3 PX4 MA . -19.61 3.60 17.52
C4 PX4 MA . -21.63 2.75 16.64
C5 PX4 MA . -20.32 1.35 17.93
O4 PX4 MA . -15.10 0.89 16.85
C6 PX4 MA . -15.65 1.10 18.13
C7 PX4 MA . -14.85 1.88 19.18
C8 PX4 MA . -15.93 2.56 20.02
O5 PX4 MA . -17.25 2.03 20.12
C9 PX4 MA . -18.06 2.83 20.85
O6 PX4 MA . -18.22 4.01 20.55
C10 PX4 MA . -18.95 2.03 21.80
C11 PX4 MA . -19.13 2.33 23.29
C12 PX4 MA . -19.77 1.09 23.94
C13 PX4 MA . -19.97 1.07 25.46
C14 PX4 MA . -20.56 -0.27 25.88
C15 PX4 MA . -20.81 -0.08 27.38
C16 PX4 MA . -21.58 -1.24 28.02
C17 PX4 MA . -21.79 -1.18 29.54
C18 PX4 MA . -22.50 0.17 29.73
C19 PX4 MA . -22.98 0.38 31.18
C20 PX4 MA . -21.84 0.26 32.20
C21 PX4 MA . -22.41 0.88 33.48
C22 PX4 MA . -21.41 0.65 34.62
O7 PX4 MA . -14.07 0.95 19.94
C23 PX4 MA . -12.91 1.35 20.55
O8 PX4 MA . -12.49 2.49 20.30
C24 PX4 MA . -12.31 0.49 21.65
C25 PX4 MA . -11.84 1.28 22.87
C26 PX4 MA . -11.27 0.43 23.98
C27 PX4 MA . -11.22 1.10 25.36
C28 PX4 MA . -10.04 2.05 25.41
C29 PX4 MA . -10.03 2.92 26.66
C30 PX4 MA . -8.66 3.58 26.85
C31 PX4 MA . -8.50 4.17 28.25
C32 PX4 MA . -7.07 4.44 28.70
C33 PX4 MA . -6.90 4.89 30.15
C34 PX4 MA . -5.39 4.93 30.45
C35 PX4 MA . -5.15 5.42 31.88
C36 PX4 MA . -5.72 4.40 32.87
O1 PX4 NA . -18.15 -12.19 18.47
O2 PX4 NA . -15.89 -11.87 19.84
P1 PX4 NA . -17.27 -12.36 19.65
O3 PX4 NA . -16.83 -13.91 19.75
C1 PX4 NA . -15.89 -14.15 18.70
C2 PX4 NA . -14.86 -15.24 18.98
N1 PX4 NA . -13.85 -15.35 17.91
C3 PX4 NA . -12.82 -16.35 18.25
C4 PX4 NA . -14.32 -15.83 16.60
C5 PX4 NA . -13.15 -14.06 17.77
O4 PX4 NA . -18.17 -12.34 20.99
C6 PX4 NA . -17.23 -12.69 22.02
C7 PX4 NA . -17.76 -12.77 23.46
C8 PX4 NA . -18.78 -11.63 23.62
O5 PX4 NA . -18.33 -10.68 24.58
C9 PX4 NA . -19.22 -9.65 24.72
O6 PX4 NA . -20.43 -9.74 24.51
C10 PX4 NA . -18.78 -8.59 25.72
C11 PX4 NA . -17.56 -8.98 26.55
C12 PX4 NA . -17.37 -7.88 27.59
C13 PX4 NA . -15.95 -7.87 28.19
C14 PX4 NA . -15.49 -9.21 28.77
C15 PX4 NA . -14.49 -8.92 29.89
C16 PX4 NA . -13.83 -10.22 30.37
C17 PX4 NA . -12.90 -10.39 31.56
C18 PX4 NA . -13.03 -11.79 32.16
C19 PX4 NA . -12.21 -11.82 33.45
C20 PX4 NA . -12.33 -13.14 34.21
C21 PX4 NA . -11.81 -14.29 33.34
C22 PX4 NA . -12.13 -15.62 34.01
O7 PX4 NA . -18.34 -14.01 23.84
C23 PX4 NA . -17.58 -15.12 24.03
O8 PX4 NA . -16.40 -15.20 23.75
C24 PX4 NA . -18.27 -16.21 24.86
C25 PX4 NA . -18.02 -16.15 26.37
C26 PX4 NA . -18.37 -17.47 27.07
C27 PX4 NA . -17.79 -17.62 28.48
C28 PX4 NA . -18.42 -18.93 28.95
C29 PX4 NA . -18.15 -19.04 30.45
C30 PX4 NA . -16.67 -18.97 30.82
C31 PX4 NA . -16.35 -18.48 32.24
C32 PX4 NA . -14.95 -18.96 32.61
C33 PX4 NA . -14.74 -18.63 34.09
C34 PX4 NA . -15.68 -19.34 35.06
C35 PX4 NA . -15.54 -18.58 36.38
C36 PX4 NA . -14.14 -18.58 37.01
O1 PX4 OA . -5.06 -18.62 19.86
O2 PX4 OA . -7.27 -18.17 20.98
P1 PX4 OA . -5.82 -17.91 20.94
O3 PX4 OA . -5.50 -16.33 20.84
C1 PX4 OA . -6.63 -15.47 21.00
C2 PX4 OA . -6.31 -14.02 20.62
N1 PX4 OA . -5.72 -13.06 21.57
C3 PX4 OA . -4.72 -13.68 22.46
C4 PX4 OA . -5.20 -11.92 20.80
C5 PX4 OA . -6.80 -12.48 22.36
O4 PX4 OA . -5.10 -18.29 22.31
C6 PX4 OA . -5.89 -19.32 22.96
C7 PX4 OA . -5.53 -19.49 24.43
C8 PX4 OA . -5.28 -18.09 24.97
O5 PX4 OA . -4.33 -18.06 26.04
C9 PX4 OA . -3.81 -16.83 26.31
O6 PX4 OA . -3.70 -16.04 25.39
C10 PX4 OA . -3.13 -16.57 27.66
C11 PX4 OA . -4.01 -16.12 28.81
C12 PX4 OA . -3.38 -15.34 29.97
C13 PX4 OA . -4.26 -15.21 31.22
C14 PX4 OA . -3.32 -14.80 32.36
C15 PX4 OA . -2.49 -13.54 32.04
C16 PX4 OA . -1.60 -13.42 33.26
C17 PX4 OA . -0.74 -12.16 33.14
C18 PX4 OA . 0.28 -12.03 34.28
C19 PX4 OA . 1.55 -11.44 33.68
C20 PX4 OA . 2.33 -10.86 34.89
C21 PX4 OA . 3.44 -9.90 34.46
C22 PX4 OA . 4.10 -9.31 35.71
O7 PX4 OA . -6.54 -20.36 24.96
C23 PX4 OA . -6.55 -21.70 24.70
O8 PX4 OA . -6.43 -22.16 23.57
C24 PX4 OA . -7.41 -22.56 25.63
C25 PX4 OA . -6.56 -22.99 26.83
C26 PX4 OA . -7.33 -24.02 27.68
C27 PX4 OA . -6.43 -24.80 28.66
C28 PX4 OA . -5.51 -23.83 29.38
C29 PX4 OA . -4.96 -24.67 30.54
C30 PX4 OA . -4.08 -23.82 31.46
C31 PX4 OA . -3.20 -24.63 32.41
C32 PX4 OA . -2.28 -23.71 33.21
C33 PX4 OA . -3.00 -22.63 34.02
C34 PX4 OA . -1.95 -21.85 34.84
C35 PX4 OA . -2.52 -20.64 35.58
C36 PX4 OA . -3.35 -19.65 34.79
O1 PX4 PA . -6.70 -29.98 23.08
O2 PX4 PA . -6.05 -27.82 21.90
P1 PX4 PA . -5.70 -28.92 22.81
O3 PX4 PA . -4.32 -29.55 22.29
C1 PX4 PA . -4.37 -30.91 21.86
C2 PX4 PA . -3.06 -31.53 21.37
N1 PX4 PA . -2.54 -31.45 19.99
C3 PX4 PA . -3.66 -31.63 19.05
C4 PX4 PA . -1.79 -30.26 19.61
C5 PX4 PA . -1.63 -32.58 19.76
O4 PX4 PA . -5.03 -28.28 24.14
C6 PX4 PA . -5.23 -26.88 24.04
C7 PX4 PA . -4.64 -26.13 25.23
C8 PX4 PA . -3.57 -26.92 25.99
O5 PX4 PA . -3.63 -26.71 27.40
C9 PX4 PA . -2.48 -27.18 27.96
O6 PX4 PA . -1.60 -27.64 27.25
C10 PX4 PA . -2.30 -26.78 29.42
C11 PX4 PA . -0.82 -26.75 29.76
C12 PX4 PA . -0.65 -26.63 31.27
C13 PX4 PA . 0.59 -25.85 31.71
C14 PX4 PA . 0.66 -25.65 33.22
C15 PX4 PA . 2.04 -25.48 33.85
C16 PX4 PA . 2.20 -25.37 35.37
C17 PX4 PA . 3.61 -25.35 35.98
C18 PX4 PA . 4.51 -24.35 35.25
C19 PX4 PA . 5.95 -24.44 35.79
C20 PX4 PA . 6.87 -23.47 35.03
C21 PX4 PA . 8.30 -23.45 35.58
C22 PX4 PA . 8.26 -23.09 37.07
O7 PX4 PA . -4.23 -24.81 24.85
C23 PX4 PA . -3.32 -24.47 23.90
O8 PX4 PA . -2.54 -25.27 23.42
C24 PX4 PA . -3.00 -22.97 23.76
C25 PX4 PA . -2.62 -22.44 25.14
C26 PX4 PA . -2.24 -20.94 25.14
C27 PX4 PA . -1.99 -20.60 26.60
C28 PX4 PA . -3.24 -20.92 27.45
C29 PX4 PA . -2.84 -20.53 28.87
C30 PX4 PA . -1.54 -21.25 29.20
C31 PX4 PA . -1.11 -20.69 30.57
C32 PX4 PA . -0.82 -19.20 30.48
C33 PX4 PA . -0.25 -18.76 31.83
C34 PX4 PA . -0.06 -17.23 31.80
C35 PX4 PA . 0.87 -16.69 30.71
C36 PX4 PA . 1.21 -15.22 30.94
O1 PX4 QA . 13.79 -26.04 18.71
O2 PX4 QA . 14.74 -28.48 18.66
P1 PX4 QA . 13.69 -27.48 18.97
O3 PX4 QA . 12.50 -28.02 18.03
C1 PX4 QA . 12.06 -29.26 18.60
C2 PX4 QA . 12.30 -30.49 17.72
N1 PX4 QA . 11.90 -30.64 16.32
C3 PX4 QA . 10.52 -30.13 16.19
C4 PX4 QA . 12.61 -29.85 15.31
C5 PX4 QA . 11.89 -32.04 15.88
O4 PX4 QA . 13.00 -27.63 20.42
C6 PX4 QA . 14.02 -28.00 21.35
C7 PX4 QA . 13.51 -28.55 22.69
C8 PX4 QA . 12.06 -28.09 22.81
O5 PX4 QA . 12.03 -27.03 23.77
C9 PX4 QA . 10.91 -26.27 23.84
O6 PX4 QA . 10.07 -26.17 22.94
C10 PX4 QA . 10.99 -25.36 25.06
C11 PX4 QA . 11.30 -26.04 26.38
C12 PX4 QA . 11.19 -24.95 27.46
C13 PX4 QA . 11.31 -25.58 28.85
C14 PX4 QA . 11.51 -24.48 29.91
C15 PX4 QA . 11.57 -24.92 31.37
C16 PX4 QA . 11.91 -23.72 32.26
C17 PX4 QA . 11.95 -24.02 33.76
C18 PX4 QA . 12.29 -22.70 34.47
C19 PX4 QA . 12.24 -22.96 35.98
C20 PX4 QA . 12.92 -21.76 36.63
C21 PX4 QA . 12.56 -21.85 38.12
C22 PX4 QA . 13.18 -20.71 38.92
O7 PX4 QA . 13.76 -29.91 23.06
C23 PX4 QA . 15.06 -30.22 23.23
O8 PX4 QA . 15.95 -29.96 22.42
C24 PX4 QA . 15.21 -31.44 24.15
C25 PX4 QA . 16.06 -30.99 25.34
C26 PX4 QA . 15.93 -31.99 26.48
C27 PX4 QA . 16.94 -31.68 27.60
C28 PX4 QA . 16.97 -30.23 28.08
C29 PX4 QA . 18.17 -29.93 28.97
C30 PX4 QA . 18.15 -30.88 30.17
C31 PX4 QA . 17.27 -30.30 31.27
C32 PX4 QA . 17.00 -31.18 32.49
C33 PX4 QA . 16.19 -32.37 31.99
C34 PX4 QA . 15.59 -33.20 33.14
C35 PX4 QA . 14.53 -34.21 32.68
C36 PX4 QA . 15.12 -34.77 31.39
O1 PX4 RA . -34.06 -0.76 20.32
O2 PX4 RA . -32.22 0.92 19.96
P1 PX4 RA . -32.90 -0.03 20.87
O3 PX4 RA . -31.73 -1.13 21.08
C1 PX4 RA . -31.38 -1.77 19.84
C2 PX4 RA . -30.05 -2.54 19.76
N1 PX4 RA . -28.81 -2.03 20.37
C3 PX4 RA . -28.86 -1.87 21.83
C4 PX4 RA . -27.74 -2.98 20.11
C5 PX4 RA . -28.51 -0.73 19.72
O4 PX4 RA . -33.04 0.68 22.30
C6 PX4 RA . -32.05 0.09 23.15
C7 PX4 RA . -31.94 0.79 24.50
C8 PX4 RA . -33.23 0.86 25.30
O5 PX4 RA . -33.77 -0.45 25.49
C9 PX4 RA . -35.05 -0.53 25.94
O6 PX4 RA . -35.75 0.46 25.77
C10 PX4 RA . -35.57 -1.96 25.74
C11 PX4 RA . -35.55 -2.73 27.07
C12 PX4 RA . -36.56 -2.18 28.09
C13 PX4 RA . -36.37 -2.96 29.40
C14 PX4 RA . -37.33 -2.45 30.46
C15 PX4 RA . -37.25 -3.35 31.70
C16 PX4 RA . -38.21 -2.90 32.81
C17 PX4 RA . -37.97 -3.71 34.08
C18 PX4 RA . -38.42 -2.98 35.35
C19 PX4 RA . -38.27 -3.77 36.65
C20 PX4 RA . -38.42 -2.77 37.80
C21 PX4 RA . -38.32 -3.45 39.17
C22 PX4 RA . -38.47 -2.47 40.34
O7 PX4 RA . -30.78 0.46 25.29
C23 PX4 RA . -29.53 0.81 24.87
O8 PX4 RA . -29.32 1.65 24.01
C24 PX4 RA . -28.43 0.12 25.67
C25 PX4 RA . -27.47 -0.79 24.89
C26 PX4 RA . -26.35 -1.30 25.83
C27 PX4 RA . -26.89 -2.18 26.96
C28 PX4 RA . -25.81 -2.29 28.04
C29 PX4 RA . -26.34 -3.10 29.23
C30 PX4 RA . -25.20 -3.22 30.22
C31 PX4 RA . -25.65 -4.34 31.16
C32 PX4 RA . -24.76 -4.63 32.37
C33 PX4 RA . -24.35 -3.35 33.11
C34 PX4 RA . -23.29 -3.59 34.17
C35 PX4 RA . -21.99 -3.93 33.43
C36 PX4 RA . -21.08 -4.58 34.47
O1 PX4 SA . -31.01 -11.48 20.98
O2 PX4 SA . -30.72 -13.57 22.63
P1 PX4 SA . -31.27 -12.25 22.23
O3 PX4 SA . -32.86 -12.45 22.39
C1 PX4 SA . -33.36 -11.20 21.89
C2 PX4 SA . -34.85 -11.44 22.03
N1 PX4 SA . -35.49 -12.08 20.86
C3 PX4 SA . -35.35 -11.39 19.58
C4 PX4 SA . -35.09 -13.47 20.56
C5 PX4 SA . -36.93 -12.12 21.10
O4 PX4 SA . -31.09 -11.37 23.55
C6 PX4 SA . -29.68 -11.10 23.60
C7 PX4 SA . -29.23 -10.04 24.60
C8 PX4 SA . -30.23 -10.06 25.76
O5 PX4 SA . -31.08 -8.90 25.78
C9 PX4 SA . -32.07 -8.95 26.70
O6 PX4 SA . -32.41 -9.97 27.30
C10 PX4 SA . -32.66 -7.54 26.82
C11 PX4 SA . -32.72 -6.98 28.24
C12 PX4 SA . -33.49 -5.66 28.30
C13 PX4 SA . -33.36 -5.14 29.73
C14 PX4 SA . -34.23 -6.06 30.59
C15 PX4 SA . -33.96 -5.79 32.07
C16 PX4 SA . -34.88 -6.59 32.99
C17 PX4 SA . -34.43 -6.44 34.45
C18 PX4 SA . -33.20 -7.28 34.78
C19 PX4 SA . -32.57 -6.97 36.14
C20 PX4 SA . -31.13 -7.40 36.39
C21 PX4 SA . -30.74 -6.98 37.81
C22 PX4 SA . -31.51 -7.70 38.92
O7 PX4 SA . -27.84 -10.20 24.89
C23 PX4 SA . -26.95 -9.41 24.22
O8 PX4 SA . -27.36 -9.00 23.13
C24 PX4 SA . -25.52 -9.46 24.74
C25 PX4 SA . -25.27 -9.93 26.18
C26 PX4 SA . -23.78 -9.78 26.44
C27 PX4 SA . -23.32 -10.16 27.84
C28 PX4 SA . -23.58 -11.60 28.29
C29 PX4 SA . -23.68 -11.91 29.78
C30 PX4 SA . -22.42 -11.54 30.55
C31 PX4 SA . -22.67 -11.70 32.05
C32 PX4 SA . -21.46 -11.21 32.85
C33 PX4 SA . -21.70 -11.41 34.35
C34 PX4 SA . -21.92 -12.88 34.67
C35 PX4 SA . -22.67 -12.96 36.00
C36 PX4 SA . -23.16 -14.36 36.40
O1 PX4 TA . -11.89 12.10 13.75
O2 PX4 TA . -10.07 10.38 13.72
P1 PX4 TA . -11.45 10.74 14.11
O3 PX4 TA . -12.42 9.65 13.45
C1 PX4 TA . -13.73 10.05 13.86
C2 PX4 TA . -14.83 9.36 13.05
N1 PX4 TA . -16.21 9.86 13.12
C3 PX4 TA . -16.77 9.67 14.46
C4 PX4 TA . -16.47 11.25 12.76
C5 PX4 TA . -17.10 9.04 12.28
O4 PX4 TA . -11.70 10.34 15.65
C6 PX4 TA . -11.14 9.04 15.86
C7 PX4 TA . -11.26 8.53 17.30
C8 PX4 TA . -11.84 9.73 18.07
O5 PX4 TA . -11.45 9.69 19.44
C9 PX4 TA . -12.53 9.56 20.24
O6 PX4 TA . -13.64 9.41 19.75
C10 PX4 TA . -12.23 9.49 21.74
C11 PX4 TA . -13.55 9.42 22.51
C12 PX4 TA . -13.45 9.61 24.03
C13 PX4 TA . -14.87 9.47 24.58
C14 PX4 TA . -15.14 9.37 26.08
C15 PX4 TA . -16.62 9.26 26.45
C16 PX4 TA . -16.93 9.25 27.95
C17 PX4 TA . -16.22 8.22 28.84
C18 PX4 TA . -16.41 8.41 30.35
C19 PX4 TA . -15.17 9.26 30.72
C20 PX4 TA . -15.20 9.62 32.20
C21 PX4 TA . -14.21 10.71 32.67
C22 PX4 TA . -14.32 10.89 34.19
O7 PX4 TA . -12.17 7.45 17.42
C23 PX4 TA . -11.92 6.16 17.05
O8 PX4 TA . -11.05 5.87 16.23
C24 PX4 TA . -13.02 5.15 17.37
C25 PX4 TA . -14.05 5.70 18.39
C26 PX4 TA . -13.39 5.83 19.76
C27 PX4 TA . -14.32 5.68 20.98
C28 PX4 TA . -13.41 5.69 22.21
C29 PX4 TA . -14.31 5.74 23.45
C30 PX4 TA . -13.41 5.55 24.67
C31 PX4 TA . -14.30 5.47 25.90
C32 PX4 TA . -13.40 5.50 27.14
C33 PX4 TA . -14.20 5.17 28.40
C34 PX4 TA . -13.34 5.31 29.65
C35 PX4 TA . -14.16 5.14 30.95
C36 PX4 TA . -13.13 5.24 32.07
O1 PX4 UA . -8.35 12.24 16.06
O2 PX4 UA . -10.37 12.61 17.69
P1 PX4 UA . -8.93 12.70 17.32
O3 PX4 UA . -8.85 14.30 17.25
C1 PX4 UA . -9.02 14.89 18.55
C2 PX4 UA . -9.09 16.42 18.48
N1 PX4 UA . -9.12 17.16 19.74
C3 PX4 UA . -7.76 17.06 20.27
C4 PX4 UA . -9.45 18.50 19.20
C5 PX4 UA . -10.15 16.72 20.68
O4 PX4 UA . -7.91 12.36 18.51
C6 PX4 UA . -8.43 11.16 19.12
C7 PX4 UA . -7.30 10.19 19.47
C8 PX4 UA . -6.27 11.04 20.21
O5 PX4 UA . -4.92 11.00 19.71
C9 PX4 UA . -3.97 11.43 20.58
O6 PX4 UA . -4.26 12.04 21.62
C10 PX4 UA . -2.59 11.38 19.92
C11 PX4 UA . -1.50 10.97 20.91
C12 PX4 UA . -1.67 9.61 21.58
C13 PX4 UA . -0.53 9.54 22.59
C14 PX4 UA . -0.61 8.13 23.16
C15 PX4 UA . 0.27 8.13 24.41
C16 PX4 UA . 0.18 6.85 25.26
C17 PX4 UA . 1.17 6.90 26.42
C18 PX4 UA . 1.03 5.71 27.38
C19 PX4 UA . 2.16 5.71 28.42
C20 PX4 UA . 2.04 4.60 29.47
C21 PX4 UA . 2.20 3.33 28.63
C22 PX4 UA . 1.73 2.14 29.47
O7 PX4 UA . -7.81 9.06 20.18
C23 PX4 UA . -8.59 8.14 19.57
O8 PX4 UA . -8.50 8.04 18.35
C24 PX4 UA . -8.95 6.92 20.43
C25 PX4 UA . -8.59 7.21 21.89
C26 PX4 UA . -9.03 6.06 22.78
C27 PX4 UA . -9.03 6.39 24.28
C28 PX4 UA . -10.00 7.47 24.78
C29 PX4 UA . -9.78 7.74 26.27
C30 PX4 UA . -10.48 9.04 26.68
C31 PX4 UA . -10.59 9.03 28.20
C32 PX4 UA . -9.27 9.26 28.93
C33 PX4 UA . -9.40 9.24 30.46
C34 PX4 UA . -7.98 8.99 30.96
C35 PX4 UA . -7.03 10.06 30.41
C36 PX4 UA . -5.58 9.78 30.83
O1 PX4 VA . -20.13 -9.74 16.28
O2 PX4 VA . -20.57 -7.31 15.74
P1 PX4 VA . -19.90 -8.32 16.61
O3 PX4 VA . -18.35 -8.05 16.31
C1 PX4 VA . -17.97 -6.67 16.20
C2 PX4 VA . -16.79 -6.40 15.28
N1 PX4 VA . -17.08 -6.20 13.85
C3 PX4 VA . -15.87 -5.74 13.16
C4 PX4 VA . -17.47 -7.48 13.25
C5 PX4 VA . -18.11 -5.19 13.51
O4 PX4 VA . -19.78 -7.93 18.15
C6 PX4 VA . -19.49 -9.09 18.95
C7 PX4 VA . -19.23 -8.57 20.35
C8 PX4 VA . -20.56 -8.45 21.10
O5 PX4 VA . -20.63 -7.35 22.02
C9 PX4 VA . -21.74 -7.21 22.83
O6 PX4 VA . -22.79 -7.74 22.50
C10 PX4 VA . -21.60 -6.22 23.98
C11 PX4 VA . -22.63 -6.54 25.08
C12 PX4 VA . -22.31 -5.48 26.15
C13 PX4 VA . -23.14 -5.68 27.42
C14 PX4 VA . -22.45 -6.86 28.14
C15 PX4 VA . -22.07 -6.35 29.54
C16 PX4 VA . -21.31 -7.44 30.31
C17 PX4 VA . -20.61 -6.96 31.60
C18 PX4 VA . -19.69 -8.16 31.82
C19 PX4 VA . -18.63 -7.71 32.81
C20 PX4 VA . -17.77 -8.86 33.34
C21 PX4 VA . -16.94 -8.31 34.51
C22 PX4 VA . -15.89 -9.36 34.90
O7 PX4 VA . -18.31 -9.29 21.17
C23 PX4 VA . -17.02 -8.93 20.99
O8 PX4 VA . -16.54 -8.90 19.84
C24 PX4 VA . -16.03 -9.08 22.14
C25 PX4 VA . -15.65 -7.83 22.93
C26 PX4 VA . -14.56 -8.26 23.91
C27 PX4 VA . -13.96 -7.07 24.66
C28 PX4 VA . -13.34 -7.47 25.99
C29 PX4 VA . -12.07 -8.32 25.88
C30 PX4 VA . -11.76 -8.80 27.31
C31 PX4 VA . -10.77 -9.96 27.24
C32 PX4 VA . -10.40 -10.41 28.66
C33 PX4 VA . -9.82 -9.19 29.38
C34 PX4 VA . -9.06 -9.79 30.57
C35 PX4 VA . -8.78 -8.68 31.57
C36 PX4 VA . -8.14 -7.53 30.79
O1 PX4 WA . -11.39 -3.41 19.20
O2 PX4 WA . -13.53 -3.81 17.83
P1 PX4 WA . -12.81 -3.12 18.93
O3 PX4 WA . -12.75 -1.52 18.75
C1 PX4 WA . -12.22 -1.25 17.45
C2 PX4 WA . -11.74 0.20 17.34
N1 PX4 WA . -11.31 0.63 16.00
C3 PX4 WA . -10.47 -0.36 15.33
C4 PX4 WA . -12.52 0.85 15.18
C5 PX4 WA . -10.65 1.95 16.06
O4 PX4 WA . -13.64 -3.22 20.31
C6 PX4 WA . -14.59 -2.16 20.43
C7 PX4 WA . -15.50 -2.19 21.67
C8 PX4 WA . -15.88 -0.82 22.25
O5 PX4 WA . -15.70 -0.52 23.64
C9 PX4 WA . -15.83 0.79 23.97
O6 PX4 WA . -15.92 1.66 23.11
C10 PX4 WA . -15.82 1.19 25.45
C11 PX4 WA . -16.69 0.26 26.29
C12 PX4 WA . -16.75 0.50 27.80
C13 PX4 WA . -15.29 0.30 28.22
C14 PX4 WA . -15.21 0.47 29.74
C15 PX4 WA . -15.99 1.71 30.19
C16 PX4 WA . -16.35 1.54 31.67
C17 PX4 WA . -15.14 1.41 32.61
C18 PX4 WA . -15.54 1.17 34.06
C19 PX4 WA . -14.40 0.62 34.92
C20 PX4 WA . -13.85 -0.73 34.44
C21 PX4 WA . -12.80 -1.26 35.39
C22 PX4 WA . -13.33 -1.82 36.72
O7 PX4 WA . -16.70 -2.94 21.52
C23 PX4 WA . -16.75 -4.28 21.71
O8 PX4 WA . -16.18 -5.07 20.96
C24 PX4 WA . -18.18 -4.60 22.19
C25 PX4 WA . -18.62 -3.80 23.42
C26 PX4 WA . -17.77 -4.13 24.65
C27 PX4 WA . -18.48 -3.40 25.80
C28 PX4 WA . -17.47 -3.51 26.95
C29 PX4 WA . -18.16 -3.01 28.22
C30 PX4 WA . -17.27 -3.23 29.45
C31 PX4 WA . -17.96 -2.72 30.71
C32 PX4 WA . -17.11 -3.36 31.81
C33 PX4 WA . -17.71 -2.90 33.14
C34 PX4 WA . -16.97 -3.55 34.31
C35 PX4 WA . -17.43 -3.06 35.68
C36 PX4 WA . -16.47 -3.68 36.69
O1 PX4 XA . 5.67 -4.96 17.08
O2 PX4 XA . 4.27 -3.08 15.96
P1 PX4 XA . 5.40 -3.53 16.82
O3 PX4 XA . 6.77 -2.93 16.23
C1 PX4 XA . 7.71 -2.85 17.31
C2 PX4 XA . 9.10 -3.16 16.76
N1 PX4 XA . 10.20 -3.59 17.62
C3 PX4 XA . 10.68 -2.44 18.40
C4 PX4 XA . 10.12 -4.75 18.51
C5 PX4 XA . 11.35 -4.01 16.78
O4 PX4 XA . 5.29 -2.79 18.24
C6 PX4 XA . 3.98 -3.06 18.71
C7 PX4 XA . 3.80 -2.82 20.22
C8 PX4 XA . 5.22 -2.63 20.77
O5 PX4 XA . 5.83 -3.82 21.28
C9 PX4 XA . 7.17 -3.91 21.29
O6 PX4 XA . 7.79 -3.26 20.43
C10 PX4 XA . 7.74 -5.05 22.13
C11 PX4 XA . 8.26 -4.55 23.48
C12 PX4 XA . 8.83 -5.77 24.19
C13 PX4 XA . 9.56 -5.45 25.50
C14 PX4 XA . 9.90 -6.81 26.09
C15 PX4 XA . 10.52 -6.61 27.47
C16 PX4 XA . 10.74 -7.87 28.30
C17 PX4 XA . 11.32 -7.64 29.69
C18 PX4 XA . 11.25 -8.95 30.46
C19 PX4 XA . 11.94 -8.60 31.78
C20 PX4 XA . 11.92 -9.86 32.64
C21 PX4 XA . 12.81 -9.39 33.80
C22 PX4 XA . 12.84 -10.47 34.88
O7 PX4 XA . 2.84 -1.84 20.57
C23 PX4 XA . 1.61 -2.18 21.03
O8 PX4 XA . 1.14 -3.29 20.79
C24 PX4 XA . 0.69 -1.14 21.67
C25 PX4 XA . -0.14 -1.58 22.89
C26 PX4 XA . -1.12 -0.59 23.52
C27 PX4 XA . -1.62 -1.11 24.87
C28 PX4 XA . -0.46 -1.21 25.87
C29 PX4 XA . -0.92 -2.01 27.08
C30 PX4 XA . 0.10 -1.91 28.23
C31 PX4 XA . -0.51 -2.71 29.38
C32 PX4 XA . 0.32 -2.53 30.66
C33 PX4 XA . -0.05 -3.43 31.83
C34 PX4 XA . 0.35 -2.85 33.19
C35 PX4 XA . 1.86 -2.94 33.17
C36 PX4 XA . 2.29 -2.40 34.55
O1 PX4 YA . 4.76 -11.89 15.28
O2 PX4 YA . 6.35 -9.89 15.51
P1 PX4 YA . 5.82 -11.19 16.02
O3 PX4 YA . 7.11 -12.13 15.83
C1 PX4 YA . 7.13 -13.26 16.69
C2 PX4 YA . 8.34 -14.12 16.31
N1 PX4 YA . 8.23 -15.08 15.20
C3 PX4 YA . 8.20 -14.45 13.86
C4 PX4 YA . 9.42 -15.92 15.26
C5 PX4 YA . 7.12 -16.05 15.27
O4 PX4 YA . 5.62 -11.11 17.61
C6 PX4 YA . 5.85 -9.76 18.05
C7 PX4 YA . 6.30 -9.63 19.50
C8 PX4 YA . 5.53 -10.58 20.40
O5 PX4 YA . 5.32 -10.01 21.70
C9 PX4 YA . 4.95 -10.98 22.57
O6 PX4 YA . 5.00 -12.18 22.31
C10 PX4 YA . 4.59 -10.41 23.95
C11 PX4 YA . 5.11 -9.02 24.32
C12 PX4 YA . 5.16 -8.82 25.83
C13 PX4 YA . 5.64 -7.44 26.30
C14 PX4 YA . 5.31 -6.91 27.69
C15 PX4 YA . 5.88 -5.52 27.99
C16 PX4 YA . 5.86 -5.32 29.50
C17 PX4 YA . 6.91 -6.22 30.15
C18 PX4 YA . 6.75 -6.13 31.68
C19 PX4 YA . 7.47 -7.24 32.42
C20 PX4 YA . 6.57 -8.48 32.39
C21 PX4 YA . 7.56 -9.59 32.70
C22 PX4 YA . 6.85 -10.95 32.75
O7 PX4 YA . 7.70 -9.56 19.75
C23 PX4 YA . 8.44 -8.42 19.80
O8 PX4 YA . 7.92 -7.34 19.52
C24 PX4 YA . 9.92 -8.63 20.14
C25 PX4 YA . 10.14 -8.53 21.65
C26 PX4 YA . 9.69 -9.80 22.38
C27 PX4 YA . 9.74 -9.47 23.88
C28 PX4 YA . 9.39 -10.69 24.74
C29 PX4 YA . 9.41 -10.35 26.24
C30 PX4 YA . 8.89 -11.57 27.00
C31 PX4 YA . 9.41 -11.59 28.45
C32 PX4 YA . 9.24 -12.94 29.12
C33 PX4 YA . 9.53 -12.79 30.62
C34 PX4 YA . 9.30 -14.19 31.19
C35 PX4 YA . 10.10 -14.37 32.48
C36 PX4 YA . 9.85 -15.74 33.12
O1 PX4 ZA . 15.69 -20.97 17.93
O2 PX4 ZA . 15.60 -18.46 17.70
P1 PX4 ZA . 15.56 -19.65 18.59
O3 PX4 ZA . 16.73 -19.43 19.65
C1 PX4 ZA . 17.99 -19.42 18.97
C2 PX4 ZA . 19.14 -18.79 19.75
N1 PX4 ZA . 19.26 -17.34 19.91
C3 PX4 ZA . 18.21 -16.99 20.88
C4 PX4 ZA . 20.62 -16.99 20.38
C5 PX4 ZA . 19.08 -16.55 18.68
O4 PX4 ZA . 14.16 -19.46 19.39
C6 PX4 ZA . 14.52 -19.97 20.68
C7 PX4 ZA . 13.33 -19.91 21.64
C8 PX4 ZA . 12.74 -21.32 21.78
O5 PX4 ZA . 13.76 -22.29 21.56
C9 PX4 ZA . 13.46 -23.59 21.82
O6 PX4 ZA . 12.35 -23.82 22.30
C10 PX4 ZA . 14.59 -24.62 21.91
C11 PX4 ZA . 15.57 -24.35 23.06
C12 PX4 ZA . 16.59 -25.47 23.04
C13 PX4 ZA . 17.43 -25.59 24.33
C14 PX4 ZA . 16.65 -26.08 25.56
C15 PX4 ZA . 17.54 -26.25 26.79
C16 PX4 ZA . 16.65 -26.55 28.01
C17 PX4 ZA . 17.48 -26.18 29.23
C18 PX4 ZA . 16.80 -24.95 29.82
C19 PX4 ZA . 15.48 -25.28 30.51
C20 PX4 ZA . 15.77 -26.19 31.71
C21 PX4 ZA . 14.51 -26.70 32.42
C22 PX4 ZA . 14.88 -27.77 33.43
O7 PX4 ZA . 13.62 -19.14 22.81
C23 PX4 ZA . 14.07 -17.86 22.77
O8 PX4 ZA . 14.30 -17.19 21.75
C24 PX4 ZA . 14.09 -17.29 24.19
C25 PX4 ZA . 15.49 -17.53 24.74
C26 PX4 ZA . 15.62 -16.76 26.07
C27 PX4 ZA . 17.02 -17.07 26.58
C28 PX4 ZA . 17.20 -16.84 28.07
C29 PX4 ZA . 16.37 -17.76 28.97
C30 PX4 ZA . 16.86 -17.60 30.41
C31 PX4 ZA . 16.23 -16.39 31.10
C32 PX4 ZA . 17.08 -15.95 32.30
C33 PX4 ZA . 16.59 -14.95 33.34
C34 PX4 ZA . 17.12 -15.28 34.74
C35 PX4 ZA . 16.59 -14.29 35.78
C36 PX4 ZA . 17.09 -14.53 37.21
O1 PX4 AB . 18.98 -26.23 16.25
O2 PX4 AB . 21.48 -26.61 17.00
P1 PX4 AB . 20.02 -26.54 17.25
O3 PX4 AB . 19.64 -27.92 18.00
C1 PX4 AB . 18.26 -27.94 18.31
C2 PX4 AB . 17.83 -29.07 19.25
N1 PX4 AB . 17.73 -30.43 18.68
C3 PX4 AB . 19.01 -31.12 18.39
C4 PX4 AB . 16.98 -31.21 19.67
C5 PX4 AB . 16.90 -30.42 17.48
O4 PX4 AB . 19.88 -25.62 18.55
C6 PX4 AB . 20.92 -26.10 19.41
C7 PX4 AB . 20.74 -25.68 20.87
C8 PX4 AB . 19.57 -24.71 20.92
O5 PX4 AB . 19.82 -23.52 21.68
C9 PX4 AB . 18.78 -22.67 21.51
O6 PX4 AB . 18.02 -22.84 20.56
C10 PX4 AB . 18.70 -21.49 22.48
C11 PX4 AB . 18.32 -22.02 23.85
C12 PX4 AB . 18.49 -20.95 24.93
C13 PX4 AB . 17.83 -21.33 26.25
C14 PX4 AB . 16.35 -21.37 25.87
C15 PX4 AB . 15.53 -21.67 27.13
C16 PX4 AB . 14.12 -21.12 26.85
C17 PX4 AB . 13.26 -21.15 28.11
C18 PX4 AB . 13.99 -20.49 29.29
C19 PX4 AB . 13.29 -20.41 30.65
C20 PX4 AB . 13.61 -19.19 31.51
C21 PX4 AB . 12.96 -19.15 32.91
C22 PX4 AB . 13.32 -17.91 33.73
O7 PX4 AB . 20.60 -26.83 21.70
C23 PX4 AB . 21.74 -27.27 22.31
O8 PX4 AB . 22.86 -26.93 21.92
C24 PX4 AB . 21.51 -28.49 23.20
C25 PX4 AB . 21.22 -28.12 24.66
C26 PX4 AB . 21.01 -29.47 25.37
C27 PX4 AB . 22.24 -30.36 25.17
C28 PX4 AB . 22.50 -31.19 26.42
C29 PX4 AB . 21.33 -32.17 26.55
C30 PX4 AB . 21.38 -32.82 27.94
C31 PX4 AB . 20.23 -33.78 28.19
C32 PX4 AB . 20.36 -34.04 29.70
C33 PX4 AB . 19.43 -35.11 30.28
C34 PX4 AB . 19.72 -35.27 31.77
C35 PX4 AB . 18.74 -36.18 32.51
C36 PX4 AB . 18.41 -37.49 31.81
O1 PX4 BB . -16.56 13.35 17.17
O2 PX4 BB . -14.85 11.34 17.11
P1 PX4 BB . -16.05 12.04 17.63
O3 PX4 BB . -17.27 11.08 17.20
C1 PX4 BB . -18.38 11.04 18.09
C2 PX4 BB . -19.12 9.70 17.99
N1 PX4 BB . -20.17 9.34 18.94
C3 PX4 BB . -20.47 7.90 18.84
C4 PX4 BB . -19.90 9.73 20.33
C5 PX4 BB . -21.43 9.95 18.50
O4 PX4 BB . -16.14 12.05 19.24
C6 PX4 BB . -15.08 12.98 19.54
C7 PX4 BB . -14.89 13.06 21.06
C8 PX4 BB . -15.93 12.19 21.77
O5 PX4 BB . -16.79 13.02 22.55
C9 PX4 BB . -17.76 12.30 23.17
O6 PX4 BB . -17.90 11.10 22.96
C10 PX4 BB . -18.87 13.07 23.90
C11 PX4 BB . -18.34 14.08 24.92
C12 PX4 BB . -18.05 13.24 26.16
C13 PX4 BB . -17.45 14.00 27.34
C14 PX4 BB . -17.36 13.31 28.71
C15 PX4 BB . -16.76 14.37 29.62
C16 PX4 BB . -17.00 13.90 31.05
C17 PX4 BB . -16.05 14.88 31.74
C18 PX4 BB . -15.80 14.59 33.23
C19 PX4 BB . -17.04 14.98 34.04
C20 PX4 BB . -16.72 14.73 35.52
C21 PX4 BB . -17.98 15.09 36.31
C22 PX4 BB . -18.45 16.51 36.08
O7 PX4 BB . -13.58 12.58 21.36
C23 PX4 BB . -12.45 13.26 21.02
O8 PX4 BB . -12.59 14.41 20.57
C24 PX4 BB . -11.08 12.64 21.32
C25 PX4 BB . -10.57 13.03 22.71
C26 PX4 BB . -9.41 12.14 23.14
C27 PX4 BB . -8.75 12.51 24.48
C28 PX4 BB . -7.61 11.63 24.98
C29 PX4 BB . -7.05 12.00 26.35
C30 PX4 BB . -6.87 13.51 26.44
C31 PX4 BB . -6.14 13.94 27.71
C32 PX4 BB . -4.73 13.32 27.66
C33 PX4 BB . -4.02 13.37 29.01
C34 PX4 BB . -3.14 14.58 29.29
C35 PX4 BB . -2.89 14.70 30.80
C36 PX4 BB . -2.12 13.47 31.30
O1 PX4 CB . -4.64 13.77 17.12
O2 PX4 CB . -5.86 14.27 19.44
P1 PX4 CB . -5.02 14.62 18.28
O3 PX4 CB . -5.83 15.84 17.64
C1 PX4 CB . -4.93 16.43 16.71
C2 PX4 CB . -5.54 17.43 15.73
N1 PX4 CB . -6.34 17.03 14.56
C3 PX4 CB . -5.48 16.64 13.42
C4 PX4 CB . -7.16 15.85 14.87
C5 PX4 CB . -7.14 18.16 14.11
O4 PX4 CB . -3.70 15.30 18.89
C6 PX4 CB . -3.92 16.13 20.03
C7 PX4 CB . -3.50 15.50 21.36
C8 PX4 CB . -1.99 15.31 21.21
O5 PX4 CB . -1.37 14.34 22.05
C9 PX4 CB . -1.03 14.75 23.30
O6 PX4 CB . -0.94 15.94 23.61
C10 PX4 CB . -1.12 13.67 24.37
C11 PX4 CB . -0.66 14.33 25.66
C12 PX4 CB . -0.30 13.23 26.66
C13 PX4 CB . 0.72 13.75 27.67
C14 PX4 CB . 0.73 12.67 28.74
C15 PX4 CB . 1.44 11.37 28.35
C16 PX4 CB . 1.21 10.49 29.59
C17 PX4 CB . 2.04 9.20 29.68
C18 PX4 CB . 3.46 9.61 30.09
C19 PX4 CB . 4.27 8.37 30.42
C20 PX4 CB . 5.60 8.76 31.04
C21 PX4 CB . 6.50 7.55 31.29
C22 PX4 CB . 5.58 6.59 32.07
O7 PX4 CB . -4.08 16.15 22.50
C23 PX4 CB . -3.79 17.43 22.86
O8 PX4 CB . -3.07 18.17 22.19
C24 PX4 CB . -4.36 17.95 24.18
C25 PX4 CB . -5.88 17.92 24.29
C26 PX4 CB . -6.21 18.18 25.76
C27 PX4 CB . -7.73 18.34 25.88
C28 PX4 CB . -8.48 17.02 25.90
C29 PX4 CB . -9.98 17.26 25.70
C30 PX4 CB . -10.54 15.86 25.58
C31 PX4 CB . -11.99 15.90 25.11
C32 PX4 CB . -12.49 14.47 25.28
C33 PX4 CB . -12.56 14.22 26.78
C34 PX4 CB . -13.20 12.85 27.00
C35 PX4 CB . -13.50 12.56 28.48
C36 PX4 CB . -12.20 12.51 29.30
O1 PX4 DB . -6.22 -1.90 16.89
O2 PX4 DB . -8.75 -2.37 16.96
P1 PX4 DB . -7.55 -1.71 17.52
O3 PX4 DB . -8.01 -0.18 17.29
C1 PX4 DB . -6.81 0.57 17.53
C2 PX4 DB . -7.22 1.99 17.90
N1 PX4 DB . -6.16 3.00 18.05
C3 PX4 DB . -6.95 4.20 18.35
C4 PX4 DB . -5.37 2.77 19.27
C5 PX4 DB . -5.34 3.51 16.95
O4 PX4 DB . -7.48 -1.61 19.13
C6 PX4 DB . -8.83 -1.72 19.58
C7 PX4 DB . -9.04 -1.50 21.10
C8 PX4 DB . -9.59 -2.78 21.74
O5 PX4 DB . -10.88 -2.57 22.30
C9 PX4 DB . -11.51 -3.71 22.69
O6 PX4 DB . -10.95 -4.79 22.58
C10 PX4 DB . -12.82 -3.51 23.46
C11 PX4 DB . -12.59 -3.26 24.94
C12 PX4 DB . -13.75 -2.65 25.74
C13 PX4 DB . -13.68 -2.45 27.25
C14 PX4 DB . -13.22 -3.73 27.96
C15 PX4 DB . -13.23 -3.70 29.49
C16 PX4 DB . -12.31 -4.79 30.05
C17 PX4 DB . -12.49 -4.72 31.56
C18 PX4 DB . -12.24 -6.06 32.28
C19 PX4 DB . -12.31 -5.67 33.74
C20 PX4 DB . -12.34 -6.87 34.69
C21 PX4 DB . -12.77 -6.50 36.11
C22 PX4 DB . -12.85 -7.57 37.21
O7 PX4 DB . -8.06 -0.77 21.83
C23 PX4 DB . -7.95 0.58 21.66
O8 PX4 DB . -8.44 1.13 20.66
C24 PX4 DB . -7.21 1.26 22.79
C25 PX4 DB . -7.05 2.74 22.46
C26 PX4 DB . -6.26 3.56 23.47
C27 PX4 DB . -4.81 3.09 23.55
C28 PX4 DB . -4.43 3.27 25.03
C29 PX4 DB . -2.90 3.28 25.08
C30 PX4 DB . -2.42 3.47 26.52
C31 PX4 DB . -2.61 2.24 27.41
C32 PX4 DB . -2.21 2.63 28.83
C33 PX4 DB . -2.17 1.30 29.59
C34 PX4 DB . -2.21 1.39 31.12
C35 PX4 DB . -2.32 -0.04 31.64
C36 PX4 DB . -3.61 -0.58 31.02
O1 PX4 EB . -7.49 -5.53 21.05
O2 PX4 EB . -6.03 -6.38 19.11
P1 PX4 EB . -6.17 -5.66 20.40
O3 PX4 EB . -5.21 -6.30 21.53
C1 PX4 EB . -4.07 -6.61 20.70
C2 PX4 EB . -2.73 -6.78 21.40
N1 PX4 EB . -1.93 -5.62 21.86
C3 PX4 EB . -2.58 -5.11 23.08
C4 PX4 EB . -0.61 -6.13 22.25
C5 PX4 EB . -1.80 -4.54 20.87
O4 PX4 EB . -5.25 -4.35 20.40
C6 PX4 EB . -5.83 -3.44 21.34
C7 PX4 EB . -4.83 -2.43 21.87
C8 PX4 EB . -4.67 -1.44 20.70
O5 PX4 EB . -3.33 -1.49 20.19
C9 PX4 EB . -3.06 -0.69 19.12
O6 PX4 EB . -3.85 0.13 18.65
C10 PX4 EB . -1.62 -0.98 18.67
C11 PX4 EB . -1.60 -1.60 17.26
C12 PX4 EB . -0.11 -1.73 16.92
C13 PX4 EB . 0.67 -0.44 17.09
C14 PX4 EB . 2.14 -0.67 16.69
C15 PX4 EB . 2.93 0.58 17.09
C16 PX4 EB . 2.79 0.79 18.60
C17 PX4 EB . 3.45 2.10 19.03
C18 PX4 EB . 3.18 2.29 20.53
C19 PX4 EB . 4.33 1.85 21.43
C20 PX4 EB . 4.07 2.15 22.90
C21 PX4 EB . 2.86 1.35 23.37
C22 PX4 EB . 2.75 1.66 24.85
O7 PX4 EB . -5.24 -1.75 23.07
C23 PX4 EB . -5.46 -2.37 24.26
O8 PX4 EB . -5.09 -3.51 24.47
C24 PX4 EB . -5.88 -1.39 25.36
C25 PX4 EB . -7.17 -1.97 25.96
C26 PX4 EB . -7.75 -0.90 26.89
C27 PX4 EB . -8.94 -1.40 27.71
C28 PX4 EB . -9.42 -0.31 28.67
C29 PX4 EB . -10.74 -0.68 29.37
C30 PX4 EB . -11.33 0.65 29.86
C31 PX4 EB . -10.39 1.30 30.86
C32 PX4 EB . -11.01 2.58 31.43
C33 PX4 EB . -10.16 2.93 32.66
C34 PX4 EB . -10.51 1.78 33.60
C35 PX4 EB . -9.57 1.83 34.81
C36 PX4 EB . -9.86 0.83 35.92
O1 PX4 FB . -24.19 13.28 17.72
O2 PX4 FB . -24.42 10.68 18.02
P1 PX4 FB . -24.88 12.06 18.19
O3 PX4 FB . -26.42 12.30 17.74
C1 PX4 FB . -27.10 11.10 18.12
C2 PX4 FB . -28.57 11.04 17.68
N1 PX4 FB . -29.05 10.67 16.35
C3 PX4 FB . -30.48 10.32 16.39
C4 PX4 FB . -28.91 11.74 15.33
C5 PX4 FB . -28.30 9.53 15.80
O4 PX4 FB . -25.04 12.42 19.75
C6 PX4 FB . -24.07 11.57 20.34
C7 PX4 FB . -23.95 11.78 21.85
C8 PX4 FB . -25.33 12.17 22.39
O5 PX4 FB . -25.27 13.01 23.54
C9 PX4 FB . -24.92 14.32 23.38
O6 PX4 FB . -24.47 14.70 22.31
C10 PX4 FB . -24.63 15.20 24.59
C11 PX4 FB . -23.16 15.61 24.61
C12 PX4 FB . -22.80 16.23 25.94
C13 PX4 FB . -22.70 15.20 27.07
C14 PX4 FB . -22.89 15.91 28.41
C15 PX4 FB . -23.05 14.86 29.51
C16 PX4 FB . -24.36 14.15 29.19
C17 PX4 FB . -24.80 13.48 30.50
C18 PX4 FB . -26.13 12.77 30.32
C19 PX4 FB . -26.64 12.28 31.68
C20 PX4 FB . -26.90 13.43 32.66
C21 PX4 FB . -26.96 12.87 34.09
C22 PX4 FB . -25.70 12.16 34.56
O7 PX4 FB . -23.14 10.78 22.48
C23 PX4 FB . -22.01 11.21 23.07
O8 PX4 FB . -21.36 12.11 22.55
C24 PX4 FB . -21.28 10.11 23.87
C25 PX4 FB . -21.39 10.65 25.30
C26 PX4 FB . -20.82 9.75 26.41
C27 PX4 FB . -20.71 10.60 27.67
C28 PX4 FB . -20.46 9.74 28.92
C29 PX4 FB . -20.38 10.47 30.26
C30 PX4 FB . -20.32 9.46 31.41
C31 PX4 FB . -21.53 8.53 31.48
C32 PX4 FB . -21.43 7.82 32.82
C33 PX4 FB . -22.57 6.81 32.99
C34 PX4 FB . -22.60 6.04 34.31
C35 PX4 FB . -23.21 6.94 35.40
C36 PX4 FB . -24.57 7.43 34.90
O1 PX4 GB . 22.83 -22.64 18.97
O2 PX4 GB . 20.90 -20.97 18.13
P1 PX4 GB . 22.00 -21.41 19.02
O3 PX4 GB . 22.99 -20.15 19.08
C1 PX4 GB . 23.93 -20.15 18.00
C2 PX4 GB . 24.25 -18.73 17.55
N1 PX4 GB . 25.33 -18.55 16.58
C3 PX4 GB . 25.00 -19.04 15.22
C4 PX4 GB . 25.51 -17.13 16.33
C5 PX4 GB . 26.66 -18.98 17.01
O4 PX4 GB . 21.58 -21.17 20.56
C6 PX4 GB . 22.58 -21.81 21.38
C7 PX4 GB . 22.88 -21.22 22.76
C8 PX4 GB . 22.74 -19.70 22.64
O5 PX4 GB . 23.96 -18.98 22.85
C9 PX4 GB . 23.75 -17.64 22.84
O6 PX4 GB . 22.64 -17.16 22.69
C10 PX4 GB . 24.93 -16.70 23.11
C11 PX4 GB . 25.50 -16.86 24.53
C12 PX4 GB . 24.31 -16.76 25.48
C13 PX4 GB . 24.82 -17.13 26.87
C14 PX4 GB . 23.64 -16.94 27.82
C15 PX4 GB . 24.03 -17.30 29.25
C16 PX4 GB . 25.24 -16.47 29.71
C17 PX4 GB . 25.40 -16.55 31.23
C18 PX4 GB . 26.03 -17.87 31.71
C19 PX4 GB . 26.11 -18.03 33.22
C20 PX4 GB . 24.68 -18.12 33.74
C21 PX4 GB . 24.67 -18.12 35.28
C22 PX4 GB . 25.38 -16.85 35.71
O7 PX4 GB . 22.31 -21.92 23.86
C23 PX4 GB . 22.62 -23.22 24.09
O8 PX4 GB . 23.67 -23.72 23.68
C24 PX4 GB . 21.66 -23.98 25.00
C25 PX4 GB . 21.95 -23.60 26.45
C26 PX4 GB . 20.86 -24.11 27.39
C27 PX4 GB . 20.83 -23.51 28.79
C28 PX4 GB . 20.48 -22.01 28.69
C29 PX4 GB . 20.76 -21.24 29.99
C30 PX4 GB . 20.22 -19.81 30.04
C31 PX4 GB . 20.73 -19.56 31.46
C32 PX4 GB . 20.27 -20.52 32.56
C33 PX4 GB . 20.71 -20.02 33.93
C34 PX4 GB . 20.87 -21.20 34.90
C35 PX4 GB . 21.62 -20.82 36.17
C36 PX4 GB . 21.31 -21.91 37.20
O1 PX4 HB . -10.08 31.28 16.82
O2 PX4 HB . -8.09 29.61 17.35
P1 PX4 HB . -9.26 30.46 17.73
O3 PX4 HB . -10.20 29.74 18.81
C1 PX4 HB . -10.62 28.63 18.00
C2 PX4 HB . -11.82 27.92 18.65
N1 PX4 HB . -11.77 27.23 19.95
C3 PX4 HB . -11.48 28.24 20.96
C4 PX4 HB . -12.99 26.50 20.29
C5 PX4 HB . -10.68 26.25 20.11
O4 PX4 HB . -8.78 31.55 18.82
C6 PX4 HB . -9.93 32.29 19.22
C7 PX4 HB . -10.07 32.32 20.74
C8 PX4 HB . -8.85 33.05 21.31
O5 PX4 HB . -8.03 32.37 22.26
C9 PX4 HB . -6.85 32.94 22.61
O6 PX4 HB . -6.37 33.71 21.78
C10 PX4 HB . -6.15 32.39 23.85
C11 PX4 HB . -5.52 31.00 23.73
C12 PX4 HB . -5.11 30.53 25.13
C13 PX4 HB . -6.16 30.38 26.21
C14 PX4 HB . -5.45 30.26 27.57
C15 PX4 HB . -4.92 31.65 27.92
C16 PX4 HB . -4.35 31.70 29.33
C17 PX4 HB . -3.65 33.06 29.52
C18 PX4 HB . -3.29 33.22 30.99
C19 PX4 HB . -2.26 34.31 31.32
C20 PX4 HB . -1.87 34.35 32.81
C21 PX4 HB . -0.79 35.42 32.95
C22 PX4 HB . 0.49 34.90 32.32
O7 PX4 HB . -11.16 33.16 21.13
C23 PX4 HB . -12.47 32.80 20.98
O8 PX4 HB . -12.68 31.80 20.27
C24 PX4 HB . -13.47 33.62 21.77
C25 PX4 HB . -13.20 33.58 23.27
C26 PX4 HB . -14.45 34.06 24.01
C27 PX4 HB . -14.17 35.27 24.91
C28 PX4 HB . -13.47 34.74 26.16
C29 PX4 HB . -13.62 35.73 27.32
C30 PX4 HB . -12.88 35.26 28.57
C31 PX4 HB . -13.47 36.03 29.76
C32 PX4 HB . -12.80 35.83 31.11
C33 PX4 HB . -13.30 34.54 31.76
C34 PX4 HB . -12.59 34.23 33.07
C35 PX4 HB . -13.19 32.91 33.56
C36 PX4 HB . -13.03 31.87 32.47
O1 PX4 IB . -8.05 22.81 17.62
O2 PX4 IB . -7.45 25.36 17.91
P1 PX4 IB . -7.42 23.95 18.34
O3 PX4 IB . -5.90 23.48 18.61
C1 PX4 IB . -5.07 24.53 19.08
C2 PX4 IB . -3.57 24.17 19.10
N1 PX4 IB . -2.85 23.81 17.88
C3 PX4 IB . -1.39 24.05 17.92
C4 PX4 IB . -2.95 22.35 17.77
C5 PX4 IB . -3.27 24.35 16.57
O4 PX4 IB . -7.93 23.79 19.86
C6 PX4 IB . -7.85 22.42 20.29
C7 PX4 IB . -8.09 22.03 21.74
C8 PX4 IB . -7.66 23.19 22.64
O5 PX4 IB . -7.11 22.80 23.91
C9 PX4 IB . -5.89 22.23 24.06
O6 PX4 IB . -5.27 21.95 23.03
C10 PX4 IB . -5.39 22.04 25.49
C11 PX4 IB . -5.62 23.25 26.38
C12 PX4 IB . -5.34 22.81 27.83
C13 PX4 IB . -3.88 22.39 28.00
C14 PX4 IB . -3.57 22.09 29.48
C15 PX4 IB . -2.23 22.77 29.67
C16 PX4 IB . -1.15 22.09 28.83
C17 PX4 IB . 0.18 22.63 29.32
C18 PX4 IB . 1.29 22.31 28.30
C19 PX4 IB . 2.59 23.03 28.59
C20 PX4 IB . 2.58 24.55 28.41
C21 PX4 IB . 3.88 25.25 28.77
C22 PX4 IB . 3.82 26.75 28.47
O7 PX4 IB . -9.39 21.45 21.92
C23 PX4 IB . -9.50 20.18 22.39
O8 PX4 IB . -8.54 19.42 22.34
C24 PX4 IB . -10.88 19.67 22.82
C25 PX4 IB . -11.29 20.47 24.06
C26 PX4 IB . -12.76 20.11 24.35
C27 PX4 IB . -13.25 20.96 25.52
C28 PX4 IB . -12.73 20.57 26.89
C29 PX4 IB . -13.08 19.17 27.44
C30 PX4 IB . -12.43 18.93 28.80
C31 PX4 IB . -12.77 17.55 29.39
C32 PX4 IB . -11.83 17.08 30.51
C33 PX4 IB . -10.39 16.86 30.07
C34 PX4 IB . -9.67 16.15 31.22
C35 PX4 IB . -8.29 15.67 30.76
C36 PX4 IB . -7.38 16.73 30.17
O1 PX4 JB . 13.50 10.52 18.83
O2 PX4 JB . 13.34 12.93 17.96
P1 PX4 JB . 13.01 11.91 18.98
O3 PX4 JB . 13.99 12.46 20.15
C1 PX4 JB . 15.35 12.36 19.72
C2 PX4 JB . 16.14 13.40 20.50
N1 PX4 JB . 17.59 13.63 20.28
C3 PX4 JB . 18.02 13.95 18.91
C4 PX4 JB . 17.98 14.79 21.08
C5 PX4 JB . 18.42 12.47 20.62
O4 PX4 JB . 11.73 12.09 19.94
C6 PX4 JB . 11.93 11.47 21.20
C7 PX4 JB . 10.95 11.98 22.26
C8 PX4 JB . 9.82 10.95 22.29
O5 PX4 JB . 10.28 9.61 22.35
C9 PX4 JB . 9.24 8.73 22.39
O6 PX4 JB . 8.07 9.07 22.44
C10 PX4 JB . 9.56 7.23 22.47
C11 PX4 JB . 9.36 6.43 23.77
C12 PX4 JB . 9.95 5.02 23.63
C13 PX4 JB . 9.37 4.08 24.68
C14 PX4 JB . 10.24 2.81 24.77
C15 PX4 JB . 9.48 1.73 25.53
C16 PX4 JB . 9.84 0.24 25.42
C17 PX4 JB . 9.11 -0.63 26.45
C18 PX4 JB . 10.05 -1.01 27.60
C19 PX4 JB . 9.82 -2.36 28.26
C20 PX4 JB . 10.46 -2.62 29.62
C21 PX4 JB . 10.15 -4.00 30.22
C22 PX4 JB . 10.57 -4.27 31.66
O7 PX4 JB . 11.53 12.12 23.57
C23 PX4 JB . 12.16 13.29 23.84
O8 PX4 JB . 12.47 14.08 22.95
C24 PX4 JB . 12.74 13.43 25.24
C25 PX4 JB . 11.67 13.40 26.34
C26 PX4 JB . 12.33 13.91 27.63
C27 PX4 JB . 11.23 13.75 28.69
C28 PX4 JB . 11.74 14.31 30.02
C29 PX4 JB . 12.94 13.47 30.45
C30 PX4 JB . 13.64 13.98 31.71
C31 PX4 JB . 14.90 13.14 31.91
C32 PX4 JB . 15.56 13.61 33.20
C33 PX4 JB . 15.97 15.08 33.21
C34 PX4 JB . 17.28 15.33 33.95
C35 PX4 JB . 17.86 16.72 33.67
C36 PX4 JB . 19.15 16.88 34.48
O1 PX4 KB . -0.58 10.60 16.90
O2 PX4 KB . -1.75 10.16 14.66
P1 PX4 KB . -1.29 9.67 15.98
O3 PX4 KB . -2.71 9.22 16.57
C1 PX4 KB . -3.71 10.24 16.52
C2 PX4 KB . -5.15 9.77 16.44
N1 PX4 KB . -5.68 8.91 15.36
C3 PX4 KB . -5.19 9.31 14.04
C4 PX4 KB . -5.40 7.50 15.64
C5 PX4 KB . -7.15 8.98 15.42
O4 PX4 KB . -0.69 8.18 15.94
C6 PX4 KB . -1.33 7.15 16.68
C7 PX4 KB . -1.06 6.96 18.18
C8 PX4 KB . 0.32 7.58 18.45
O5 PX4 KB . 1.33 6.67 18.85
C9 PX4 KB . 2.27 7.15 19.72
O6 PX4 KB . 2.43 8.36 19.91
C10 PX4 KB . 3.39 6.12 19.91
C11 PX4 KB . 3.76 5.88 21.38
C12 PX4 KB . 5.11 6.51 21.74
C13 PX4 KB . 5.43 5.89 23.09
C14 PX4 KB . 4.28 6.12 24.09
C15 PX4 KB . 4.65 5.61 25.48
C16 PX4 KB . 5.99 6.13 26.00
C17 PX4 KB . 6.22 5.48 27.39
C18 PX4 KB . 6.65 4.02 27.28
C19 PX4 KB . 7.29 3.69 28.62
C20 PX4 KB . 7.79 2.25 28.70
C21 PX4 KB . 8.49 2.11 30.07
C22 PX4 KB . 9.74 2.95 29.91
O7 PX4 KB . -2.08 7.23 19.14
C23 PX4 KB . -3.34 6.71 19.06
O8 PX4 KB . -3.75 5.94 18.21
C24 PX4 KB . -4.28 7.36 20.09
C25 PX4 KB . -4.31 6.79 21.51
C26 PX4 KB . -5.10 7.67 22.49
C27 PX4 KB . -5.06 7.10 23.90
C28 PX4 KB . -5.80 7.95 24.93
C29 PX4 KB . -5.45 7.25 26.24
C30 PX4 KB . -3.94 7.29 26.41
C31 PX4 KB . -3.40 6.93 27.80
C32 PX4 KB . -2.02 7.54 28.06
C33 PX4 KB . -1.43 7.12 29.40
C34 PX4 KB . -2.20 7.76 30.55
C35 PX4 KB . -1.49 7.53 31.89
C36 PX4 KB . -1.91 8.44 33.06
O1 PX4 LB . 12.58 -8.77 17.54
O2 PX4 LB . 14.15 -6.88 16.77
P1 PX4 LB . 13.95 -8.22 17.36
O3 PX4 LB . 14.83 -9.25 16.50
C1 PX4 LB . 15.91 -8.53 15.89
C2 PX4 LB . 17.02 -9.36 15.23
N1 PX4 LB . 17.91 -10.28 15.96
C3 PX4 LB . 18.44 -11.21 14.95
C4 PX4 LB . 18.96 -9.69 16.80
C5 PX4 LB . 17.15 -11.18 16.82
O4 PX4 LB . 14.80 -8.48 18.70
C6 PX4 LB . 14.11 -9.55 19.35
C7 PX4 LB . 14.77 -9.98 20.66
C8 PX4 LB . 15.59 -8.80 21.19
O5 PX4 LB . 17.01 -8.93 21.08
C9 PX4 LB . 17.81 -7.89 20.73
O6 PX4 LB . 17.38 -6.84 20.23
C10 PX4 LB . 19.29 -8.23 20.91
C11 PX4 LB . 19.61 -8.46 22.39
C12 PX4 LB . 21.11 -8.49 22.66
C13 PX4 LB . 21.53 -8.23 24.10
C14 PX4 LB . 23.03 -8.58 24.08
C15 PX4 LB . 23.47 -8.29 25.50
C16 PX4 LB . 25.00 -8.31 25.54
C17 PX4 LB . 25.55 -7.48 26.70
C18 PX4 LB . 27.08 -7.53 26.72
C19 PX4 LB . 27.52 -8.98 26.73
C20 PX4 LB . 29.03 -9.18 26.90
C21 PX4 LB . 29.34 -10.66 27.17
C22 PX4 LB . 30.67 -10.70 27.90
O7 PX4 LB . 13.78 -10.39 21.61
C23 PX4 LB . 13.39 -11.69 21.75
O8 PX4 LB . 13.93 -12.51 21.01
C24 PX4 LB . 12.57 -12.07 22.98
C25 PX4 LB . 12.15 -13.54 23.07
C26 PX4 LB . 11.09 -13.80 22.00
C27 PX4 LB . 10.37 -15.12 22.26
C28 PX4 LB . 9.59 -14.90 23.56
C29 PX4 LB . 8.74 -16.15 23.79
C30 PX4 LB . 7.71 -15.97 24.89
C31 PX4 LB . 6.94 -14.67 24.73
C32 PX4 LB . 6.38 -14.47 26.14
C33 PX4 LB . 5.44 -13.28 26.31
C34 PX4 LB . 5.09 -13.19 27.80
C35 PX4 LB . 4.81 -11.79 28.35
C36 PX4 LB . 4.27 -11.91 29.77
O1 PX4 MB . 20.88 2.66 18.84
O2 PX4 MB . 19.86 2.26 16.47
P1 PX4 MB . 19.74 2.65 17.90
O3 PX4 MB . 19.20 4.17 17.82
C1 PX4 MB . 18.02 4.18 17.01
C2 PX4 MB . 17.72 5.63 16.69
N1 PX4 MB . 16.76 6.03 15.65
C3 PX4 MB . 15.50 5.33 15.90
C4 PX4 MB . 16.38 7.44 15.85
C5 PX4 MB . 17.19 5.64 14.29
O4 PX4 MB . 18.41 1.99 18.54
C6 PX4 MB . 18.56 2.13 19.95
C7 PX4 MB . 17.25 2.24 20.74
C8 PX4 MB . 16.70 0.81 20.69
O5 PX4 MB . 17.61 -0.29 20.83
C9 PX4 MB . 17.03 -1.52 20.68
O6 PX4 MB . 15.83 -1.67 20.48
C10 PX4 MB . 18.01 -2.69 20.86
C11 PX4 MB . 18.30 -2.86 22.35
C12 PX4 MB . 18.89 -4.26 22.47
C13 PX4 MB . 19.36 -4.56 23.90
C14 PX4 MB . 18.09 -4.42 24.75
C15 PX4 MB . 18.12 -4.80 26.23
C16 PX4 MB . 18.49 -6.28 26.30
C17 PX4 MB . 18.10 -6.66 27.73
C18 PX4 MB . 18.38 -8.16 27.82
C19 PX4 MB . 17.84 -8.78 29.11
C20 PX4 MB . 17.63 -10.29 28.91
C21 PX4 MB . 18.90 -10.81 28.24
C22 PX4 MB . 18.71 -12.28 27.90
O7 PX4 MB . 17.23 2.69 22.09
C23 PX4 MB . 17.22 4.02 22.40
O8 PX4 MB . 17.54 4.79 21.50
C24 PX4 MB . 16.96 4.43 23.85
C25 PX4 MB . 16.91 5.90 24.26
C26 PX4 MB . 16.25 6.10 25.62
C27 PX4 MB . 16.83 5.20 26.72
C28 PX4 MB . 16.16 5.37 28.09
C29 PX4 MB . 16.79 4.46 29.13
C30 PX4 MB . 16.38 4.90 30.53
C31 PX4 MB . 14.91 4.56 30.81
C32 PX4 MB . 14.70 4.71 32.31
C33 PX4 MB . 13.25 4.94 32.77
C34 PX4 MB . 13.14 5.18 34.28
C35 PX4 MB . 11.76 5.43 34.87
C36 PX4 MB . 10.66 4.51 34.37
O1 PX4 NB . -20.31 15.67 20.29
O2 PX4 NB . -21.83 16.66 18.36
P1 PX4 NB . -21.09 16.75 19.64
O3 PX4 NB . -20.15 18.06 19.53
C1 PX4 NB . -19.13 18.01 18.52
C2 PX4 NB . -17.76 18.49 19.01
N1 PX4 NB . -16.80 18.45 17.91
C3 PX4 NB . -16.54 17.09 17.39
C4 PX4 NB . -17.26 19.28 16.79
C5 PX4 NB . -15.50 18.87 18.48
O4 PX4 NB . -22.13 17.38 20.68
C6 PX4 NB . -21.52 18.16 21.72
C7 PX4 NB . -22.31 19.07 22.65
C8 PX4 NB . -23.81 18.97 22.36
O5 PX4 NB . -24.53 20.21 22.43
C9 PX4 NB . -25.88 20.17 22.36
O6 PX4 NB . -26.47 19.16 21.96
C10 PX4 NB . -26.48 21.57 22.37
C11 PX4 NB . -27.59 21.60 23.44
C12 PX4 NB . -28.10 23.03 23.50
C13 PX4 NB . -29.10 23.05 24.66
C14 PX4 NB . -30.23 22.15 24.14
C15 PX4 NB . -31.29 22.15 25.24
C16 PX4 NB . -32.45 21.23 24.93
C17 PX4 NB . -33.44 21.38 26.09
C18 PX4 NB . -33.96 22.81 26.19
C19 PX4 NB . -35.17 22.88 27.12
C20 PX4 NB . -35.66 24.32 27.27
C21 PX4 NB . -36.79 24.31 28.31
C22 PX4 NB . -37.56 25.64 28.21
O7 PX4 NB . -21.97 19.09 24.04
C23 PX4 NB . -20.88 19.84 24.29
O8 PX4 NB . -20.29 20.44 23.40
C24 PX4 NB . -20.46 19.99 25.77
C25 PX4 NB . -20.89 21.32 26.41
C26 PX4 NB . -20.63 21.18 27.90
C27 PX4 NB . -21.26 19.98 28.61
C28 PX4 NB . -21.23 20.11 30.14
C29 PX4 NB . -21.69 18.83 30.82
C30 PX4 NB . -21.79 18.88 32.35
C31 PX4 NB . -21.06 17.66 32.92
C32 PX4 NB . -21.79 16.33 32.72
C33 PX4 NB . -20.88 15.13 33.01
C34 PX4 NB . -21.69 13.87 33.30
C35 PX4 NB . -20.71 12.71 33.50
C36 PX4 NB . -21.41 11.62 34.34
O1 PX4 OB . -18.09 26.49 21.97
O2 PX4 OB . -17.45 26.54 19.44
P1 PX4 OB . -17.36 25.96 20.80
O3 PX4 OB . -18.32 24.72 20.53
C1 PX4 OB . -19.63 25.28 20.44
C2 PX4 OB . -20.82 24.44 20.84
N1 PX4 OB . -21.17 24.39 22.27
C3 PX4 OB . -20.04 23.85 23.04
C4 PX4 OB . -21.74 25.64 22.76
C5 PX4 OB . -22.20 23.34 22.41
O4 PX4 OB . -16.07 25.06 21.16
C6 PX4 OB . -16.32 24.32 22.34
C7 PX4 OB . -15.37 23.13 22.40
C8 PX4 OB . -14.02 23.66 22.88
O5 PX4 OB . -14.08 24.43 24.08
C9 PX4 OB . -13.04 25.28 24.27
O6 PX4 OB . -12.16 25.47 23.43
C10 PX4 OB . -13.12 26.05 25.60
C11 PX4 OB . -12.61 25.29 26.81
C12 PX4 OB . -13.02 26.12 28.04
C13 PX4 OB . -12.61 25.48 29.36
C14 PX4 OB . -13.27 26.20 30.55
C15 PX4 OB . -12.26 26.15 31.70
C16 PX4 OB . -12.51 26.90 33.02
C17 PX4 OB . -11.53 26.33 34.03
C18 PX4 OB . -11.64 27.04 35.39
C19 PX4 OB . -10.73 26.33 36.41
C20 PX4 OB . -11.06 26.75 37.83
C21 PX4 OB . -10.56 25.77 38.89
C22 PX4 OB . -9.04 25.77 39.00
O7 PX4 OB . -15.95 21.99 23.05
C23 PX4 OB . -16.39 20.99 22.23
O8 PX4 OB . -15.88 20.82 21.12
C24 PX4 OB . -17.17 19.79 22.75
C25 PX4 OB . -16.76 19.52 24.21
C26 PX4 OB . -16.94 18.04 24.52
C27 PX4 OB . -16.33 17.85 25.92
C28 PX4 OB . -17.26 18.37 27.01
C29 PX4 OB . -16.44 18.58 28.28
C30 PX4 OB . -17.33 19.27 29.33
C31 PX4 OB . -16.78 19.00 30.73
C32 PX4 OB . -17.70 19.61 31.77
C33 PX4 OB . -17.22 19.15 33.15
C34 PX4 OB . -15.79 19.57 33.51
C35 PX4 OB . -15.60 18.83 34.84
C36 PX4 OB . -14.15 19.04 35.28
O1 PX4 PB . 6.53 23.78 50.58
O2 PX4 PB . 4.19 23.44 49.49
P1 PX4 PB . 5.65 23.66 49.39
O3 PX4 PB . 6.16 22.49 48.42
C1 PX4 PB . 7.45 21.98 48.75
C2 PX4 PB . 7.88 20.67 48.08
N1 PX4 PB . 7.02 19.51 48.37
C3 PX4 PB . 7.70 18.32 47.85
C4 PX4 PB . 6.81 19.14 49.77
C5 PX4 PB . 5.73 19.61 47.65
O4 PX4 PB . 5.86 24.91 48.39
C6 PX4 PB . 5.06 24.77 47.22
C7 PX4 PB . 5.73 25.00 45.87
C8 PX4 PB . 6.72 23.86 45.78
O5 PX4 PB . 7.55 23.77 44.60
C9 PX4 PB . 7.95 22.49 44.40
O6 PX4 PB . 7.55 21.56 45.11
C10 PX4 PB . 8.49 22.21 42.99
C11 PX4 PB . 7.27 21.90 42.13
C12 PX4 PB . 7.45 21.74 40.62
C13 PX4 PB . 8.22 22.95 40.09
C14 PX4 PB . 8.44 22.98 38.59
C15 PX4 PB . 8.60 24.40 38.01
C16 PX4 PB . 8.72 24.22 36.50
C17 PX4 PB . 9.17 25.52 35.85
C18 PX4 PB . 10.33 26.16 36.60
C19 PX4 PB . 10.87 27.47 35.98
C20 PX4 PB . 12.18 27.82 36.67
C21 PX4 PB . 12.85 29.06 36.10
C22 PX4 PB . 14.37 29.12 36.31
O7 PX4 PB . 4.73 24.98 44.84
C23 PX4 PB . 4.44 26.19 44.27
O8 PX4 PB . 4.47 27.19 44.96
C24 PX4 PB . 3.72 26.06 42.91
C25 PX4 PB . 2.26 25.62 43.06
C26 PX4 PB . 1.56 25.12 41.80
C27 PX4 PB . 0.28 24.32 42.07
C28 PX4 PB . -0.35 23.93 40.74
C29 PX4 PB . -1.59 23.04 40.82
C30 PX4 PB . -2.28 22.65 39.51
C31 PX4 PB . -1.59 21.67 38.56
C32 PX4 PB . -2.32 21.31 37.27
C33 PX4 PB . -2.65 22.60 36.50
C34 PX4 PB . -3.11 22.26 35.08
C35 PX4 PB . -3.63 23.49 34.32
C36 PX4 PB . -4.29 22.97 33.06
O1 PX4 QB . 24.37 18.92 48.82
O2 PX4 QB . 21.79 18.59 49.24
P1 PX4 QB . 23.01 18.53 48.39
O3 PX4 QB . 22.97 17.02 47.84
C1 PX4 QB . 23.97 16.82 46.83
C2 PX4 QB . 23.62 15.64 45.94
N1 PX4 QB . 22.76 15.85 44.77
C3 PX4 QB . 23.23 16.83 43.77
C4 PX4 QB . 22.71 14.55 44.11
C5 PX4 QB . 21.35 16.11 45.05
O4 PX4 QB . 22.71 19.34 47.03
C6 PX4 QB . 21.38 19.88 46.99
C7 PX4 QB . 20.97 20.26 45.57
C8 PX4 QB . 22.24 20.87 44.97
O5 PX4 QB . 22.28 21.37 43.64
C9 PX4 QB . 23.20 20.64 42.94
O6 PX4 QB . 23.95 19.86 43.54
C10 PX4 QB . 23.39 21.02 41.47
C11 PX4 QB . 24.40 20.13 40.75
C12 PX4 QB . 24.50 20.37 39.24
C13 PX4 QB . 25.46 19.42 38.52
C14 PX4 QB . 25.20 19.59 37.03
C15 PX4 QB . 23.73 19.20 36.90
C16 PX4 QB . 23.36 18.92 35.45
C17 PX4 QB . 24.17 17.76 34.89
C18 PX4 QB . 23.70 17.48 33.46
C19 PX4 QB . 24.61 16.36 32.95
C20 PX4 QB . 24.52 16.42 31.43
C21 PX4 QB . 25.35 15.30 30.82
C22 PX4 QB . 24.97 15.22 29.34
O7 PX4 QB . 20.34 19.21 44.82
C23 PX4 QB . 18.98 19.23 44.99
O8 PX4 QB . 18.44 19.70 45.98
C24 PX4 QB . 18.17 18.34 44.07
C25 PX4 QB . 17.60 19.04 42.84
C26 PX4 QB . 16.84 18.02 41.99
C27 PX4 QB . 15.94 18.55 40.88
C28 PX4 QB . 15.03 17.46 40.28
C29 PX4 QB . 14.34 16.78 41.45
C30 PX4 QB . 13.17 15.94 40.93
C31 PX4 QB . 12.08 16.80 40.30
C32 PX4 QB . 11.06 15.79 39.77
C33 PX4 QB . 9.86 16.57 39.26
C34 PX4 QB . 9.01 15.65 38.39
C35 PX4 QB . 8.39 16.51 37.28
C36 PX4 QB . 7.60 15.65 36.30
O1 PX4 RB . 17.13 14.26 48.13
O2 PX4 RB . 19.66 14.29 47.98
P1 PX4 RB . 18.34 14.62 47.37
O3 PX4 RB . 18.36 16.23 47.46
C1 PX4 RB . 18.57 16.55 48.83
C2 PX4 RB . 18.19 18.01 49.07
N1 PX4 RB . 16.75 18.28 49.19
C3 PX4 RB . 15.97 17.63 50.26
C4 PX4 RB . 16.40 19.70 49.28
C5 PX4 RB . 15.96 17.91 48.00
O4 PX4 RB . 18.38 14.43 45.78
C6 PX4 RB . 17.11 14.54 45.15
C7 PX4 RB . 16.80 14.07 43.73
C8 PX4 RB . 18.12 13.76 43.04
O5 PX4 RB . 18.28 14.39 41.77
C9 PX4 RB . 19.55 14.62 41.32
O6 PX4 RB . 20.46 14.81 42.12
C10 PX4 RB . 19.61 15.37 39.99
C11 PX4 RB . 20.18 16.76 40.28
C12 PX4 RB . 20.74 17.48 39.06
C13 PX4 RB . 19.62 18.01 38.15
C14 PX4 RB . 18.82 19.06 38.90
C15 PX4 RB . 17.95 19.90 37.97
C16 PX4 RB . 16.96 19.07 37.12
C17 PX4 RB . 16.57 19.83 35.86
C18 PX4 RB . 15.75 19.00 34.89
C19 PX4 RB . 15.49 19.77 33.59
C20 PX4 RB . 14.38 19.21 32.69
C21 PX4 RB . 13.05 19.27 33.46
C22 PX4 RB . 12.01 18.33 32.86
O7 PX4 RB . 15.71 13.14 43.63
C23 PX4 RB . 14.46 13.58 43.90
O8 PX4 RB . 14.26 14.73 44.30
C24 PX4 RB . 13.32 12.58 43.65
C25 PX4 RB . 13.35 11.98 42.23
C26 PX4 RB . 12.10 11.12 42.05
C27 PX4 RB . 11.80 10.73 40.59
C28 PX4 RB . 13.01 10.18 39.85
C29 PX4 RB . 12.68 9.97 38.38
C30 PX4 RB . 14.05 9.60 37.81
C31 PX4 RB . 13.88 9.39 36.32
C32 PX4 RB . 13.24 10.59 35.66
C33 PX4 RB . 13.11 10.20 34.18
C34 PX4 RB . 11.80 9.45 33.97
C35 PX4 RB . 11.24 9.64 32.56
C36 PX4 RB . 9.82 9.10 32.30
O1 PX4 SB . -22.18 25.11 57.33
O2 PX4 SB . -24.14 24.69 55.65
P1 PX4 SB . -22.87 24.31 56.30
O3 PX4 SB . -23.44 23.00 57.04
C1 PX4 SB . -22.63 22.60 58.15
C2 PX4 SB . -23.33 21.89 59.31
N1 PX4 SB . -24.33 22.57 60.15
C3 PX4 SB . -25.64 22.72 59.47
C4 PX4 SB . -24.60 21.82 61.37
C5 PX4 SB . -23.96 23.94 60.50
O4 PX4 SB . -21.89 23.67 55.20
C6 PX4 SB . -22.72 22.77 54.45
C7 PX4 SB . -22.26 22.40 53.02
C8 PX4 SB . -21.09 23.37 52.80
O5 PX4 SB . -20.88 23.63 51.41
C9 PX4 SB . -21.47 24.80 51.08
O6 PX4 SB . -21.75 25.61 51.97
C10 PX4 SB . -21.84 25.11 49.62
C11 PX4 SB . -23.04 24.39 49.00
C12 PX4 SB . -22.73 22.88 48.94
C13 PX4 SB . -21.85 22.57 47.72
C14 PX4 SB . -21.31 21.15 47.65
C15 PX4 SB . -20.57 20.92 46.33
C16 PX4 SB . -20.17 19.45 46.38
C17 PX4 SB . -19.38 19.15 45.11
C18 PX4 SB . -19.00 17.72 44.73
C19 PX4 SB . -18.65 17.74 43.25
C20 PX4 SB . -18.36 16.42 42.56
C21 PX4 SB . -17.63 16.73 41.25
C22 PX4 SB . -17.18 15.45 40.55
O7 PX4 SB . -21.88 21.03 52.90
C23 PX4 SB . -22.71 20.20 52.24
O8 PX4 SB . -23.93 20.42 52.17
C24 PX4 SB . -22.22 18.76 52.08
C25 PX4 SB . -22.15 18.35 50.61
C26 PX4 SB . -21.72 16.89 50.41
C27 PX4 SB . -21.79 16.63 48.91
C28 PX4 SB . -21.27 15.29 48.37
C29 PX4 SB . -21.69 15.06 46.91
C30 PX4 SB . -20.84 13.90 46.37
C31 PX4 SB . -21.00 13.83 44.86
C32 PX4 SB . -19.99 12.90 44.21
C33 PX4 SB . -19.95 13.04 42.68
C34 PX4 SB . -21.21 12.38 42.13
C35 PX4 SB . -21.40 12.92 40.71
C36 PX4 SB . -20.22 12.42 39.85
O1 PX4 TB . 41.32 9.99 47.22
O2 PX4 TB . 43.45 11.39 47.34
P1 PX4 TB . 42.17 11.05 46.64
O3 PX4 TB . 41.23 12.34 46.46
C1 PX4 TB . 41.95 13.30 45.68
C2 PX4 TB . 41.06 14.42 45.15
N1 PX4 TB . 41.75 15.68 44.86
C3 PX4 TB . 42.14 16.35 46.12
C4 PX4 TB . 42.95 15.64 44.01
C5 PX4 TB . 40.80 16.53 44.12
O4 PX4 TB . 42.32 10.72 45.07
C6 PX4 TB . 41.41 9.72 44.59
C7 PX4 TB . 41.16 9.75 43.09
C8 PX4 TB . 41.70 11.12 42.63
O5 PX4 TB . 41.53 11.43 41.24
C9 PX4 TB . 41.83 12.66 40.73
O6 PX4 TB . 42.04 13.66 41.39
C10 PX4 TB . 41.79 12.84 39.22
C11 PX4 TB . 41.29 14.24 38.83
C12 PX4 TB . 41.38 14.50 37.32
C13 PX4 TB . 40.44 13.53 36.61
C14 PX4 TB . 40.82 13.75 35.15
C15 PX4 TB . 40.63 15.18 34.62
C16 PX4 TB . 41.40 15.32 33.30
C17 PX4 TB . 40.82 16.46 32.46
C18 PX4 TB . 41.48 16.44 31.08
C19 PX4 TB . 40.83 17.45 30.12
C20 PX4 TB . 41.42 17.41 28.71
C21 PX4 TB . 40.99 18.74 28.09
C22 PX4 TB . 41.96 19.14 26.98
O7 PX4 TB . 41.75 8.60 42.48
C23 PX4 TB . 40.89 7.78 41.80
O8 PX4 TB . 39.71 7.77 42.11
C24 PX4 TB . 41.48 6.49 41.21
C25 PX4 TB . 41.08 6.45 39.75
C26 PX4 TB . 41.35 5.04 39.20
C27 PX4 TB . 41.11 4.94 37.70
C28 PX4 TB . 41.36 3.49 37.32
C29 PX4 TB . 41.32 3.41 35.79
C30 PX4 TB . 41.88 2.07 35.32
C31 PX4 TB . 41.59 1.97 33.81
C32 PX4 TB . 42.18 0.62 33.40
C33 PX4 TB . 41.68 -0.56 34.24
C34 PX4 TB . 42.15 -1.92 33.72
C35 PX4 TB . 41.55 -2.96 34.67
C36 PX4 TB . 40.15 -3.38 34.21
O1 PX4 UB . -39.17 -1.94 58.69
O2 PX4 UB . -37.23 -3.60 58.39
P1 PX4 UB . -37.98 -2.41 57.95
O3 PX4 UB . -36.90 -1.22 57.97
C1 PX4 UB . -37.55 -0.01 57.58
C2 PX4 UB . -37.35 0.89 58.81
N1 PX4 UB . -36.04 1.53 58.96
C3 PX4 UB . -36.12 2.43 60.12
C4 PX4 UB . -34.95 0.60 59.25
C5 PX4 UB . -35.62 2.35 57.81
O4 PX4 UB . -38.22 -2.35 56.35
C6 PX4 UB . -37.15 -3.01 55.67
C7 PX4 UB . -37.52 -3.78 54.42
C8 PX4 UB . -39.01 -3.60 54.10
O5 PX4 UB . -39.67 -4.87 54.06
C9 PX4 UB . -40.68 -4.80 53.15
O6 PX4 UB . -41.43 -3.82 53.16
C10 PX4 UB . -40.99 -6.05 52.31
C11 PX4 UB . -39.80 -6.07 51.34
C12 PX4 UB . -40.00 -7.16 50.29
C13 PX4 UB . -41.12 -6.61 49.43
C14 PX4 UB . -41.40 -7.46 48.19
C15 PX4 UB . -42.50 -6.81 47.36
C16 PX4 UB . -42.51 -7.61 46.06
C17 PX4 UB . -41.04 -7.75 45.65
C18 PX4 UB . -40.87 -8.52 44.32
C19 PX4 UB . -41.49 -9.90 44.50
C20 PX4 UB . -41.67 -10.76 43.24
C21 PX4 UB . -40.32 -10.87 42.51
C22 PX4 UB . -40.49 -11.71 41.24
O7 PX4 UB . -36.68 -3.49 53.30
C23 PX4 UB . -36.27 -4.50 52.48
O8 PX4 UB . -36.29 -5.70 52.73
C24 PX4 UB . -35.44 -4.05 51.26
C25 PX4 UB . -36.38 -3.32 50.31
C26 PX4 UB . -35.60 -2.32 49.45
C27 PX4 UB . -36.42 -1.31 48.65
C28 PX4 UB . -35.46 -0.34 47.97
C29 PX4 UB . -35.99 1.04 47.60
C30 PX4 UB . -34.99 1.92 46.86
C31 PX4 UB . -34.49 1.14 45.64
C32 PX4 UB . -35.47 1.28 44.48
C33 PX4 UB . -34.86 0.82 43.16
C34 PX4 UB . -35.86 1.17 42.05
C35 PX4 UB . -35.10 0.93 40.74
C36 PX4 UB . -35.99 0.97 39.50
O1 PX4 VB . -27.83 -9.71 57.98
O2 PX4 VB . -29.05 -7.61 58.88
P1 PX4 VB . -28.74 -8.55 57.79
O3 PX4 VB . -30.28 -8.89 57.44
C1 PX4 VB . -30.60 -9.98 58.28
C2 PX4 VB . -31.99 -10.58 58.02
N1 PX4 VB . -33.21 -9.88 58.46
C3 PX4 VB . -34.37 -10.75 58.28
C4 PX4 VB . -33.22 -9.53 59.88
C5 PX4 VB . -33.47 -8.67 57.67
O4 PX4 VB . -28.42 -7.63 56.51
C6 PX4 VB . -29.07 -8.26 55.41
C7 PX4 VB . -29.07 -7.67 53.99
C8 PX4 VB . -27.74 -6.89 53.96
O5 PX4 VB . -27.49 -5.92 52.94
C9 PX4 VB . -26.53 -5.01 53.25
O6 PX4 VB . -26.12 -5.05 54.40
C10 PX4 VB . -25.89 -4.41 51.99
C11 PX4 VB . -25.32 -3.03 52.33
C12 PX4 VB . -24.51 -2.50 51.13
C13 PX4 VB . -25.35 -2.30 49.87
C14 PX4 VB . -24.58 -1.91 48.61
C15 PX4 VB . -25.46 -1.94 47.36
C16 PX4 VB . -24.63 -1.37 46.22
C17 PX4 VB . -25.38 -1.28 44.89
C18 PX4 VB . -24.52 -0.69 43.79
C19 PX4 VB . -25.34 -0.36 42.53
C20 PX4 VB . -24.41 0.27 41.48
C21 PX4 VB . -25.26 0.89 40.36
C22 PX4 VB . -26.23 -0.15 39.79
O7 PX4 VB . -29.14 -8.66 52.97
C23 PX4 VB . -30.16 -9.58 52.93
O8 PX4 VB . -31.14 -9.46 53.65
C24 PX4 VB . -30.17 -10.54 51.75
C25 PX4 VB . -30.86 -9.74 50.65
C26 PX4 VB . -31.67 -10.58 49.65
C27 PX4 VB . -32.00 -9.74 48.43
C28 PX4 VB . -32.87 -10.66 47.58
C29 PX4 VB . -32.14 -11.95 47.22
C30 PX4 VB . -33.07 -12.78 46.32
C31 PX4 VB . -32.39 -14.09 45.94
C32 PX4 VB . -32.97 -14.83 44.73
C33 PX4 VB . -32.13 -16.08 44.41
C34 PX4 VB . -32.39 -16.73 43.05
C35 PX4 VB . -31.46 -17.94 43.04
C36 PX4 VB . -31.78 -18.81 44.27
O1 PX4 WB . -2.79 38.37 48.60
O2 PX4 WB . -4.49 39.44 46.97
P1 PX4 WB . -3.37 38.50 47.24
O3 PX4 WB . -4.06 37.07 46.96
C1 PX4 WB . -4.78 36.61 48.09
C2 PX4 WB . -5.40 35.24 47.75
N1 PX4 WB . -4.57 34.04 47.57
C3 PX4 WB . -5.50 32.96 47.93
C4 PX4 WB . -4.26 33.82 46.14
C5 PX4 WB . -3.34 34.04 48.36
O4 PX4 WB . -2.14 38.58 46.21
C6 PX4 WB . -2.40 39.28 44.99
C7 PX4 WB . -1.09 39.55 44.24
C8 PX4 WB . -0.78 38.38 43.28
O5 PX4 WB . -1.88 37.57 42.83
C9 PX4 WB . -1.48 36.30 42.56
O6 PX4 WB . -0.46 35.84 43.07
C10 PX4 WB . -2.64 35.47 42.00
C11 PX4 WB . -2.76 34.13 42.72
C12 PX4 WB . -4.02 33.39 42.28
C13 PX4 WB . -4.10 32.07 43.06
C14 PX4 WB . -5.26 31.15 42.68
C15 PX4 WB . -4.89 30.53 41.35
C16 PX4 WB . -6.13 29.78 40.84
C17 PX4 WB . -7.12 30.84 40.37
C18 PX4 WB . -8.50 30.23 40.14
C19 PX4 WB . -9.07 29.57 41.40
C20 PX4 WB . -10.45 28.97 41.13
C21 PX4 WB . -11.15 28.26 42.29
C22 PX4 WB . -10.27 27.14 42.84
O7 PX4 WB . -0.99 40.82 43.62
C23 PX4 WB . -0.56 41.95 44.25
O8 PX4 WB . -0.37 41.82 45.47
C24 PX4 WB . -0.42 43.23 43.42
C25 PX4 WB . -1.54 43.37 42.39
C26 PX4 WB . -1.37 44.57 41.46
C27 PX4 WB . -2.61 44.72 40.59
C28 PX4 WB . -2.81 46.13 40.01
C29 PX4 WB . -1.69 46.61 39.08
C30 PX4 WB . -2.05 47.93 38.42
C31 PX4 WB . -0.82 48.52 37.70
C32 PX4 WB . -0.72 47.74 36.39
C33 PX4 WB . 0.21 48.43 35.39
C34 PX4 WB . 0.22 47.61 34.10
C35 PX4 WB . 1.21 48.26 33.14
C36 PX4 WB . 1.43 47.51 31.82
O1 PX4 XB . 12.02 39.74 47.21
O2 PX4 XB . 10.84 38.80 49.32
P1 PX4 XB . 11.99 38.84 48.39
O3 PX4 XB . 13.41 38.85 49.15
C1 PX4 XB . 14.20 37.73 48.76
C2 PX4 XB . 14.45 36.76 49.90
N1 PX4 XB . 13.46 35.96 50.65
C3 PX4 XB . 14.13 35.23 51.73
C4 PX4 XB . 12.57 36.80 51.46
C5 PX4 XB . 12.69 34.92 49.94
O4 PX4 XB . 11.80 37.37 47.76
C6 PX4 XB . 10.97 37.24 46.61
C7 PX4 XB . 10.89 35.83 46.01
C8 PX4 XB . 9.40 35.66 45.71
O5 PX4 XB . 8.77 36.91 45.41
C9 PX4 XB . 7.43 36.89 45.12
O6 PX4 XB . 6.61 36.01 45.34
C10 PX4 XB . 6.83 38.15 44.47
C11 PX4 XB . 7.41 38.20 43.07
C12 PX4 XB . 6.83 39.21 42.07
C13 PX4 XB . 7.81 39.37 40.93
C14 PX4 XB . 7.49 40.70 40.25
C15 PX4 XB . 6.10 40.63 39.62
C16 PX4 XB . 6.07 39.61 38.49
C17 PX4 XB . 5.02 39.87 37.40
C18 PX4 XB . 4.96 38.71 36.42
C19 PX4 XB . 3.95 38.89 35.30
C20 PX4 XB . 3.74 37.80 34.25
C21 PX4 XB . 2.56 38.17 33.35
C22 PX4 XB . 3.03 39.44 32.62
O7 PX4 XB . 11.66 35.57 44.84
C23 PX4 XB . 12.99 35.35 45.08
O8 PX4 XB . 13.49 35.21 46.20
C24 PX4 XB . 13.69 35.05 43.75
C25 PX4 XB . 15.06 34.40 43.89
C26 PX4 XB . 15.83 34.31 42.56
C27 PX4 XB . 14.98 33.47 41.61
C28 PX4 XB . 15.80 33.02 40.40
C29 PX4 XB . 14.82 32.29 39.51
C30 PX4 XB . 13.74 33.13 38.83
C31 PX4 XB . 12.66 32.32 38.13
C32 PX4 XB . 11.64 33.31 37.56
C33 PX4 XB . 10.67 32.75 36.51
C34 PX4 XB . 9.49 33.62 36.07
C35 PX4 XB . 8.18 32.84 35.90
C36 PX4 XB . 6.98 33.76 35.68
O1 PX4 YB . 31.93 17.74 48.06
O2 PX4 YB . 31.71 15.18 48.60
P1 PX4 YB . 32.25 16.30 47.80
O3 PX4 YB . 33.77 16.23 48.33
C1 PX4 YB . 33.81 16.39 49.75
C2 PX4 YB . 35.25 16.57 50.19
N1 PX4 YB . 35.79 17.92 49.99
C3 PX4 YB . 35.11 18.90 50.85
C4 PX4 YB . 37.21 17.90 50.37
C5 PX4 YB . 35.76 18.42 48.60
O4 PX4 YB . 32.74 15.93 46.31
C6 PX4 YB . 33.34 17.14 45.86
C7 PX4 YB . 34.35 17.05 44.73
C8 PX4 YB . 33.58 16.59 43.50
O5 PX4 YB . 34.17 15.42 42.91
C9 PX4 YB . 33.39 14.98 41.88
O6 PX4 YB . 32.32 15.49 41.54
C10 PX4 YB . 33.92 13.89 40.95
C11 PX4 YB . 34.35 14.41 39.56
C12 PX4 YB . 34.86 13.32 38.63
C13 PX4 YB . 35.32 13.87 37.28
C14 PX4 YB . 35.81 12.77 36.34
C15 PX4 YB . 36.24 13.14 34.91
C16 PX4 YB . 36.57 11.90 34.09
C17 PX4 YB . 36.91 12.39 32.68
C18 PX4 YB . 38.43 12.44 32.48
C19 PX4 YB . 38.73 12.71 31.00
C20 PX4 YB . 40.22 12.83 30.74
C21 PX4 YB . 40.39 12.81 29.22
C22 PX4 YB . 41.78 13.11 28.68
O7 PX4 YB . 35.10 18.27 44.68
C23 PX4 YB . 36.40 18.32 44.28
O8 PX4 YB . 37.22 17.39 44.38
C24 PX4 YB . 37.00 19.70 44.09
C25 PX4 YB . 38.30 19.64 43.28
C26 PX4 YB . 38.91 21.02 43.04
C27 PX4 YB . 39.77 21.13 41.79
C28 PX4 YB . 40.33 22.54 41.61
C29 PX4 YB . 41.29 22.54 40.42
C30 PX4 YB . 41.87 23.93 40.15
C31 PX4 YB . 42.98 24.07 39.10
C32 PX4 YB . 43.46 25.52 38.97
C33 PX4 YB . 42.32 26.44 38.52
C34 PX4 YB . 42.88 27.81 38.16
C35 PX4 YB . 43.24 28.67 39.39
C36 PX4 YB . 43.51 30.12 39.00
O1 PX4 ZB . 38.07 13.90 46.30
O2 PX4 ZB . 35.87 13.52 45.06
P1 PX4 ZB . 37.36 13.48 45.07
O3 PX4 ZB . 37.56 11.90 44.99
C1 PX4 ZB . 37.40 11.30 46.28
C2 PX4 ZB . 37.93 9.86 46.15
N1 PX4 ZB . 37.24 8.81 45.39
C3 PX4 ZB . 37.75 7.48 45.78
C4 PX4 ZB . 35.81 8.88 45.66
C5 PX4 ZB . 37.37 8.96 43.92
O4 PX4 ZB . 38.03 13.89 43.67
C6 PX4 ZB . 37.02 13.59 42.69
C7 PX4 ZB . 37.52 13.71 41.24
C8 PX4 ZB . 38.38 14.97 41.26
O5 PX4 ZB . 37.73 16.07 40.61
C9 PX4 ZB . 38.50 17.02 39.98
O6 PX4 ZB . 39.72 17.02 40.04
C10 PX4 ZB . 37.80 18.00 39.04
C11 PX4 ZB . 37.88 17.33 37.66
C12 PX4 ZB . 37.34 18.05 36.42
C13 PX4 ZB . 37.61 17.16 35.20
C14 PX4 ZB . 37.08 17.93 33.98
C15 PX4 ZB . 37.17 16.99 32.77
C16 PX4 ZB . 36.77 17.56 31.41
C17 PX4 ZB . 36.80 16.69 30.17
C18 PX4 ZB . 36.30 17.44 28.92
C19 PX4 ZB . 37.01 18.76 28.58
C20 PX4 ZB . 36.06 19.55 27.68
C21 PX4 ZB . 36.75 20.83 27.21
C22 PX4 ZB . 35.73 21.86 26.73
O7 PX4 ZB . 38.14 12.53 40.73
C23 PX4 ZB . 37.47 11.36 40.63
O8 PX4 ZB . 36.37 11.23 41.17
C24 PX4 ZB . 38.11 10.26 39.78
C25 PX4 ZB . 38.28 10.62 38.30
C26 PX4 ZB . 39.21 9.59 37.66
C27 PX4 ZB . 39.58 9.88 36.21
C28 PX4 ZB . 40.20 8.60 35.66
C29 PX4 ZB . 40.41 8.61 34.13
C30 PX4 ZB . 40.68 7.24 33.49
C31 PX4 ZB . 40.93 7.49 32.01
C32 PX4 ZB . 41.39 6.20 31.32
C33 PX4 ZB . 41.49 6.24 29.79
C34 PX4 ZB . 41.65 4.83 29.23
C35 PX4 ZB . 41.58 4.78 27.70
C36 PX4 ZB . 41.49 3.43 27.01
O1 PX4 AC . 32.79 7.26 45.49
O2 PX4 AC . 31.20 5.20 44.95
P1 PX4 AC . 32.48 5.95 44.89
O3 PX4 AC . 33.62 4.88 45.24
C1 PX4 AC . 33.32 3.52 44.83
C2 PX4 AC . 33.95 3.02 43.53
N1 PX4 AC . 33.96 1.58 43.25
C3 PX4 AC . 34.53 1.33 41.91
C4 PX4 AC . 34.88 0.82 44.09
C5 PX4 AC . 32.59 1.04 43.20
O4 PX4 AC . 32.88 6.04 43.33
C6 PX4 AC . 31.90 6.71 42.54
C7 PX4 AC . 32.25 6.70 41.06
C8 PX4 AC . 33.54 5.87 40.96
O5 PX4 AC . 34.67 6.45 40.32
C9 PX4 AC . 35.82 5.72 40.31
O6 PX4 AC . 35.98 4.73 41.01
C10 PX4 AC . 37.03 6.23 39.52
C11 PX4 AC . 36.80 6.56 38.05
C12 PX4 AC . 36.59 5.38 37.08
C13 PX4 AC . 36.84 5.78 35.63
C14 PX4 AC . 35.87 6.81 35.05
C15 PX4 AC . 35.88 6.96 33.51
C16 PX4 AC . 35.08 8.18 33.08
C17 PX4 AC . 35.13 8.37 31.56
C18 PX4 AC . 36.61 8.35 31.15
C19 PX4 AC . 36.65 8.77 29.68
C20 PX4 AC . 38.09 8.50 29.20
C21 PX4 AC . 38.15 8.72 27.69
C22 PX4 AC . 37.20 7.64 27.19
O7 PX4 AC . 31.11 6.23 40.34
C23 PX4 AC . 30.20 7.14 39.92
O8 PX4 AC . 30.17 8.23 40.49
C24 PX4 AC . 29.00 6.58 39.16
C25 PX4 AC . 27.68 7.32 39.34
C26 PX4 AC . 26.77 6.58 38.35
C27 PX4 AC . 27.38 6.81 36.97
C28 PX4 AC . 26.33 6.49 35.91
C29 PX4 AC . 26.85 6.65 34.48
C30 PX4 AC . 28.08 5.75 34.46
C31 PX4 AC . 28.65 5.97 33.07
C32 PX4 AC . 29.08 7.43 32.90
C33 PX4 AC . 30.07 7.62 31.75
C34 PX4 AC . 29.58 7.06 30.41
C35 PX4 AC . 30.70 7.11 29.36
C36 PX4 AC . 31.25 8.53 29.26
O1 PX4 BC . 14.01 -29.62 56.03
O2 PX4 BC . 12.75 -28.80 53.88
P1 PX4 BC . 12.95 -29.76 55.00
O3 PX4 BC . 11.63 -29.82 55.92
C1 PX4 BC . 11.29 -28.45 56.18
C2 PX4 BC . 9.79 -28.18 56.42
N1 PX4 BC . 8.77 -28.29 55.38
C3 PX4 BC . 8.73 -29.62 54.78
C4 PX4 BC . 7.49 -28.01 56.06
C5 PX4 BC . 8.87 -27.31 54.30
O4 PX4 BC . 12.83 -31.29 54.53
C6 PX4 BC . 12.33 -31.28 53.20
C7 PX4 BC . 11.77 -32.66 52.85
C8 PX4 BC . 10.28 -32.42 52.52
O5 PX4 BC . 10.41 -31.77 51.25
C9 PX4 BC . 9.35 -31.95 50.43
O6 PX4 BC . 8.30 -32.33 50.93
C10 PX4 BC . 9.48 -31.26 49.07
C11 PX4 BC . 9.93 -32.08 47.84
C12 PX4 BC . 9.62 -31.35 46.53
C13 PX4 BC . 10.36 -32.11 45.43
C14 PX4 BC . 10.12 -31.47 44.06
C15 PX4 BC . 8.59 -31.40 43.87
C16 PX4 BC . 8.27 -30.93 42.46
C17 PX4 BC . 6.82 -30.58 42.19
C18 PX4 BC . 6.50 -29.29 42.92
C19 PX4 BC . 5.14 -28.65 42.63
C20 PX4 BC . 5.13 -27.26 43.28
C21 PX4 BC . 3.85 -26.48 42.98
C22 PX4 BC . 3.74 -26.37 41.46
O7 PX4 BC . 12.54 -33.30 51.84
C23 PX4 BC . 12.30 -34.62 51.63
O8 PX4 BC . 11.52 -35.27 52.32
C24 PX4 BC . 13.02 -35.24 50.43
C25 PX4 BC . 11.92 -35.06 49.39
C26 PX4 BC . 12.04 -36.21 48.38
C27 PX4 BC . 11.05 -36.21 47.22
C28 PX4 BC . 11.50 -37.30 46.24
C29 PX4 BC . 10.63 -37.29 44.99
C30 PX4 BC . 11.17 -38.23 43.91
C31 PX4 BC . 10.23 -38.22 42.71
C32 PX4 BC . 10.74 -39.19 41.64
C33 PX4 BC . 9.87 -39.11 40.40
C34 PX4 BC . 10.40 -40.20 39.45
C35 PX4 BC . 9.44 -40.37 38.27
C36 PX4 BC . 10.46 -40.36 37.13
O1 PX4 CC . -26.39 4.15 58.53
O2 PX4 CC . -24.38 2.73 57.86
P1 PX4 CC . -25.42 3.71 57.50
O3 PX4 CC . -24.55 5.02 57.21
C1 PX4 CC . -23.91 5.39 58.44
C2 PX4 CC . -23.19 6.73 58.27
N1 PX4 CC . -24.02 7.86 57.85
C3 PX4 CC . -24.41 7.82 56.43
C4 PX4 CC . -25.11 8.16 58.79
C5 PX4 CC . -23.16 9.06 57.89
O4 PX4 CC . -25.94 3.50 55.98
C6 PX4 CC . -24.86 3.76 55.09
C7 PX4 CC . -25.25 4.03 53.65
C8 PX4 CC . -26.68 3.54 53.42
O5 PX4 CC . -26.81 2.53 52.41
C9 PX4 CC . -28.04 2.42 51.85
O6 PX4 CC . -28.98 2.83 52.53
C10 PX4 CC . -28.25 1.43 50.70
C11 PX4 CC . -27.03 1.48 49.78
C12 PX4 CC . -27.37 2.28 48.52
C13 PX4 CC . -26.27 2.04 47.48
C14 PX4 CC . -26.69 2.63 46.12
C15 PX4 CC . -25.60 2.64 45.05
C16 PX4 CC . -26.20 2.89 43.67
C17 PX4 CC . -26.91 4.25 43.76
C18 PX4 CC . -27.59 4.66 42.45
C19 PX4 CC . -26.70 4.35 41.25
C20 PX4 CC . -27.38 4.36 39.88
C21 PX4 CC . -27.87 5.79 39.65
C22 PX4 CC . -28.15 5.91 38.14
O7 PX4 CC . -25.03 5.36 53.19
C23 PX4 CC . -23.78 5.78 52.86
O8 PX4 CC . -22.79 5.28 53.40
C24 PX4 CC . -23.59 7.00 51.95
C25 PX4 CC . -24.33 6.87 50.62
C26 PX4 CC . -25.86 6.96 50.70
C27 PX4 CC . -26.46 6.96 49.30
C28 PX4 CC . -27.98 7.09 49.29
C29 PX4 CC . -28.47 6.97 47.85
C30 PX4 CC . -27.82 7.98 46.91
C31 PX4 CC . -28.10 7.62 45.44
C32 PX4 CC . -27.29 8.53 44.52
C33 PX4 CC . -27.63 8.35 43.04
C34 PX4 CC . -28.89 9.18 42.75
C35 PX4 CC . -29.47 9.00 41.34
C36 PX4 CC . -30.89 9.57 41.40
O1 PX4 DC . -26.75 0.82 59.34
O2 PX4 DC . -29.13 1.60 58.68
P1 PX4 DC . -27.92 0.77 58.44
O3 PX4 DC . -28.45 -0.75 58.20
C1 PX4 DC . -28.37 -1.36 59.50
C2 PX4 DC . -27.56 -2.66 59.47
N1 PX4 DC . -28.21 -3.84 58.89
C3 PX4 DC . -28.21 -3.93 57.42
C4 PX4 DC . -27.56 -5.03 59.41
C5 PX4 DC . -29.67 -3.92 59.16
O4 PX4 DC . -27.49 0.96 56.91
C6 PX4 DC . -26.38 0.07 56.69
C7 PX4 DC . -26.01 -0.18 55.23
C8 PX4 DC . -27.38 -0.37 54.59
O5 PX4 DC . -27.93 -1.69 54.42
C9 PX4 DC . -29.23 -1.79 54.08
O6 PX4 DC . -29.95 -0.80 53.90
C10 PX4 DC . -29.72 -3.24 53.97
C11 PX4 DC . -30.08 -3.51 52.52
C12 PX4 DC . -31.21 -4.52 52.69
C13 PX4 DC . -31.59 -5.13 51.34
C14 PX4 DC . -30.28 -5.68 50.77
C15 PX4 DC . -30.56 -6.31 49.40
C16 PX4 DC . -29.30 -6.51 48.57
C17 PX4 DC . -29.84 -7.18 47.31
C18 PX4 DC . -30.69 -6.28 46.41
C19 PX4 DC . -30.86 -7.02 45.09
C20 PX4 DC . -32.06 -6.49 44.32
C21 PX4 DC . -32.07 -7.04 42.88
C22 PX4 DC . -32.10 -8.56 42.92
O7 PX4 DC . -25.07 0.70 54.61
C23 PX4 DC . -23.97 0.05 54.11
O8 PX4 DC . -23.66 -1.12 54.34
C24 PX4 DC . -23.01 0.98 53.36
C25 PX4 DC . -23.07 1.04 51.84
C26 PX4 DC . -22.33 2.25 51.25
C27 PX4 DC . -22.71 2.46 49.79
C28 PX4 DC . -22.05 1.45 48.85
C29 PX4 DC . -22.28 1.87 47.40
C30 PX4 DC . -21.38 0.97 46.56
C31 PX4 DC . -21.53 1.26 45.07
C32 PX4 DC . -20.71 0.26 44.27
C33 PX4 DC . -20.86 0.58 42.77
C34 PX4 DC . -20.37 -0.57 41.89
C35 PX4 DC . -20.71 -0.36 40.41
C36 PX4 DC . -20.00 -1.37 39.50
O1 PX4 EC . 8.81 35.10 48.88
O2 PX4 EC . 9.57 35.62 51.30
P1 PX4 EC . 8.54 35.62 50.24
O3 PX4 EC . 7.26 34.95 50.93
C1 PX4 EC . 7.27 35.49 52.26
C2 PX4 EC . 6.29 35.01 53.32
N1 PX4 EC . 6.56 35.23 54.75
C3 PX4 EC . 7.41 34.16 55.29
C4 PX4 EC . 7.26 36.48 55.10
C5 PX4 EC . 5.27 35.09 55.47
O4 PX4 EC . 7.96 37.11 50.02
C6 PX4 EC . 7.07 37.12 48.90
C7 PX4 EC . 6.10 38.29 49.00
C8 PX4 EC . 7.01 39.50 48.75
O5 PX4 EC . 7.69 39.49 47.49
C9 PX4 EC . 8.42 40.59 47.14
O6 PX4 EC . 8.24 41.60 47.80
C10 PX4 EC . 9.06 40.75 45.75
C11 PX4 EC . 8.70 42.00 44.95
C12 PX4 EC . 9.77 42.15 43.87
C13 PX4 EC . 9.86 43.56 43.29
C14 PX4 EC . 9.48 43.55 41.80
C15 PX4 EC . 9.57 44.91 41.11
C16 PX4 EC . 9.15 44.81 39.64
C17 PX4 EC . 8.26 45.99 39.23
C18 PX4 EC . 8.08 45.81 37.72
C19 PX4 EC . 7.59 44.38 37.47
C20 PX4 EC . 7.51 44.02 35.98
C21 PX4 EC . 6.99 42.62 35.69
C22 PX4 EC . 6.95 42.34 34.19
O7 PX4 EC . 4.83 38.31 48.36
C23 PX4 EC . 4.06 37.30 48.84
O8 PX4 EC . 4.05 36.93 50.02
C24 PX4 EC . 3.13 36.68 47.78
C25 PX4 EC . 3.34 37.15 46.34
C26 PX4 EC . 2.38 36.43 45.38
C27 PX4 EC . 2.94 36.75 43.99
C28 PX4 EC . 3.90 35.66 43.51
C29 PX4 EC . 4.44 36.01 42.11
C30 PX4 EC . 5.65 35.16 41.76
C31 PX4 EC . 6.06 35.31 40.30
C32 PX4 EC . 7.21 34.35 40.00
C33 PX4 EC . 8.28 34.64 41.06
C34 PX4 EC . 9.54 33.84 40.71
C35 PX4 EC . 10.70 34.31 41.61
C36 PX4 EC . 11.18 35.72 41.22
O1 PX4 FC . 2.08 -30.34 53.76
O2 PX4 FC . 2.79 -27.84 53.38
P1 PX4 FC . 1.82 -28.96 53.28
O3 PX4 FC . 0.60 -28.53 54.24
C1 PX4 FC . 1.02 -27.62 55.24
C2 PX4 FC . 0.39 -26.23 55.14
N1 PX4 FC . 0.94 -25.10 55.90
C3 PX4 FC . 0.34 -23.82 55.48
C4 PX4 FC . 0.74 -25.37 57.33
C5 PX4 FC . 2.40 -25.02 55.77
O4 PX4 FC . 0.90 -28.74 51.98
C6 PX4 FC . -0.14 -29.70 52.10
C7 PX4 FC . -1.16 -29.43 51.01
C8 PX4 FC . -1.31 -27.92 50.75
O5 PX4 FC . -2.55 -27.40 50.29
C9 PX4 FC . -2.60 -26.07 49.98
O6 PX4 FC . -1.67 -25.35 50.35
C10 PX4 FC . -3.86 -25.62 49.23
C11 PX4 FC . -3.70 -24.58 48.12
C12 PX4 FC . -5.00 -23.85 47.76
C13 PX4 FC . -4.58 -22.59 47.02
C14 PX4 FC . -5.71 -21.81 46.34
C15 PX4 FC . -6.44 -22.70 45.34
C16 PX4 FC . -7.13 -21.79 44.32
C17 PX4 FC . -7.99 -22.61 43.35
C18 PX4 FC . -8.27 -21.91 42.03
C19 PX4 FC . -9.29 -22.80 41.30
C20 PX4 FC . -9.67 -22.02 40.04
C21 PX4 FC . -10.67 -22.82 39.20
C22 PX4 FC . -11.30 -21.90 38.16
O7 PX4 FC . -0.81 -30.15 49.83
C23 PX4 FC . -1.70 -30.91 49.13
O8 PX4 FC . -2.89 -30.89 49.46
C24 PX4 FC . -1.11 -31.95 48.16
C25 PX4 FC . -2.08 -32.36 47.03
C26 PX4 FC . -1.53 -33.48 46.15
C27 PX4 FC . -2.26 -33.52 44.81
C28 PX4 FC . -1.52 -34.17 43.63
C29 PX4 FC . -2.32 -33.85 42.37
C30 PX4 FC . -1.73 -34.59 41.16
C31 PX4 FC . -2.56 -34.10 39.98
C32 PX4 FC . -1.97 -34.59 38.65
C33 PX4 FC . -2.80 -34.05 37.48
C34 PX4 FC . -2.11 -34.29 36.14
C35 PX4 FC . -3.09 -34.46 34.97
C36 PX4 FC . -2.27 -34.67 33.71
O1 PX4 GC . -33.80 5.28 56.51
O2 PX4 GC . -33.07 5.14 54.08
P1 PX4 GC . -34.15 5.13 55.07
O3 PX4 GC . -35.09 6.33 54.56
C1 PX4 GC . -34.21 7.45 54.52
C2 PX4 GC . -34.78 8.62 53.69
N1 PX4 GC . -35.82 9.49 54.26
C3 PX4 GC . -35.83 10.85 53.69
C4 PX4 GC . -37.13 8.97 53.84
C5 PX4 GC . -35.83 9.59 55.72
O4 PX4 GC . -35.03 3.79 54.88
C6 PX4 GC . -34.65 3.16 53.66
C7 PX4 GC . -35.70 2.12 53.29
C8 PX4 GC . -36.59 2.89 52.34
O5 PX4 GC . -35.89 3.96 51.69
C9 PX4 GC . -36.51 4.84 50.87
O6 PX4 GC . -37.73 4.79 50.72
C10 PX4 GC . -35.71 5.90 50.10
C11 PX4 GC . -35.44 5.53 48.65
C12 PX4 GC . -36.71 5.28 47.84
C13 PX4 GC . -36.38 5.15 46.35
C14 PX4 GC . -37.56 4.60 45.51
C15 PX4 GC . -37.15 4.64 44.05
C16 PX4 GC . -38.48 4.59 43.29
C17 PX4 GC . -38.40 3.90 41.93
C18 PX4 GC . -39.74 3.73 41.22
C19 PX4 GC . -40.58 2.78 42.08
C20 PX4 GC . -39.94 1.39 42.04
C21 PX4 GC . -40.51 0.40 43.06
C22 PX4 GC . -39.26 -0.42 43.31
O7 PX4 GC . -35.16 0.91 52.75
C23 PX4 GC . -34.61 0.05 53.66
O8 PX4 GC . -34.47 0.41 54.82
C24 PX4 GC . -33.97 -1.22 53.11
C25 PX4 GC . -32.68 -0.86 52.36
C26 PX4 GC . -32.99 -0.72 50.87
C27 PX4 GC . -31.67 -0.61 50.09
C28 PX4 GC . -31.86 -1.19 48.68
C29 PX4 GC . -30.49 -1.26 48.00
C30 PX4 GC . -30.68 -1.80 46.58
C31 PX4 GC . -29.39 -1.59 45.79
C32 PX4 GC . -29.28 -2.44 44.54
C33 PX4 GC . -30.63 -2.37 43.84
C34 PX4 GC . -30.54 -3.30 42.63
C35 PX4 GC . -29.50 -2.76 41.64
C36 PX4 GC . -29.55 -3.44 40.27
O1 PX4 HC . 10.48 -23.37 53.69
O2 PX4 HC . 13.02 -23.67 53.42
P1 PX4 HC . 11.72 -23.19 52.90
O3 PX4 HC . 12.06 -21.62 52.95
C1 PX4 HC . 12.34 -21.20 54.27
C2 PX4 HC . 11.87 -19.86 54.82
N1 PX4 HC . 11.69 -19.70 56.27
C3 PX4 HC . 10.56 -20.52 56.72
C4 PX4 HC . 12.92 -20.07 56.99
C5 PX4 HC . 11.38 -18.30 56.59
O4 PX4 HC . 11.55 -23.65 51.36
C6 PX4 HC . 10.13 -23.52 51.19
C7 PX4 HC . 9.60 -23.54 49.75
C8 PX4 HC . 10.47 -24.53 49.00
O5 PX4 HC . 11.23 -24.16 47.84
C9 PX4 HC . 12.29 -24.99 47.66
O6 PX4 HC . 12.36 -26.14 48.11
C10 PX4 HC . 13.23 -24.55 46.54
C11 PX4 HC . 12.47 -24.37 45.22
C12 PX4 HC . 13.42 -24.58 44.04
C13 PX4 HC . 14.05 -25.97 44.05
C14 PX4 HC . 14.89 -26.14 42.79
C15 PX4 HC . 13.90 -26.11 41.64
C16 PX4 HC . 14.69 -26.35 40.35
C17 PX4 HC . 13.79 -26.03 39.15
C18 PX4 HC . 12.82 -27.17 38.83
C19 PX4 HC . 11.88 -26.48 37.84
C20 PX4 HC . 10.97 -27.58 37.28
C21 PX4 HC . 9.98 -26.89 36.35
C22 PX4 HC . 9.23 -27.95 35.54
O7 PX4 HC . 8.27 -24.05 49.69
C23 PX4 HC . 7.31 -23.07 49.72
O8 PX4 HC . 7.67 -21.90 49.78
C24 PX4 HC . 5.87 -23.58 49.58
C25 PX4 HC . 5.47 -23.79 48.11
C26 PX4 HC . 3.97 -23.55 47.93
C27 PX4 HC . 3.83 -23.74 46.41
C28 PX4 HC . 4.67 -22.61 45.79
C29 PX4 HC . 4.78 -22.69 44.27
C30 PX4 HC . 5.13 -21.36 43.58
C31 PX4 HC . 5.35 -21.63 42.11
C32 PX4 HC . 4.10 -22.16 41.43
C33 PX4 HC . 4.15 -22.18 39.89
C34 PX4 HC . 4.50 -20.74 39.49
C35 PX4 HC . 5.12 -20.66 38.09
C36 PX4 HC . 5.30 -19.25 37.49
O1 PX4 IC . -30.68 10.96 56.31
O2 PX4 IC . -32.82 9.55 56.40
P1 PX4 IC . -31.46 9.77 55.89
O3 PX4 IC . -30.48 8.58 56.36
C1 PX4 IC . -31.27 7.45 56.73
C2 PX4 IC . -30.41 6.28 57.25
N1 PX4 IC . -29.49 5.51 56.38
C3 PX4 IC . -29.89 5.41 54.97
C4 PX4 IC . -28.22 6.22 56.58
C5 PX4 IC . -29.27 4.17 56.93
O4 PX4 IC . -31.44 9.47 54.30
C6 PX4 IC . -30.12 9.60 53.79
C7 PX4 IC . -29.75 9.23 52.33
C8 PX4 IC . -31.04 8.53 51.90
O5 PX4 IC . -30.77 7.12 51.86
C9 PX4 IC . -31.79 6.38 51.32
O6 PX4 IC . -32.93 6.81 51.13
C10 PX4 IC . -31.42 4.97 50.87
C11 PX4 IC . -31.22 4.87 49.36
C12 PX4 IC . -31.46 3.50 48.74
C13 PX4 IC . -31.12 3.65 47.25
C14 PX4 IC . -30.76 2.34 46.53
C15 PX4 IC . -30.59 2.66 45.05
C16 PX4 IC . -30.36 1.45 44.15
C17 PX4 IC . -30.32 1.95 42.71
C18 PX4 IC . -29.41 1.01 41.92
C19 PX4 IC . -29.49 1.54 40.49
C20 PX4 IC . -30.94 1.61 40.02
C21 PX4 IC . -31.11 1.65 38.49
C22 PX4 IC . -30.63 0.34 37.86
O7 PX4 IC . -29.24 10.21 51.43
C23 PX4 IC . -27.89 10.36 51.58
O8 PX4 IC . -27.27 9.64 52.36
C24 PX4 IC . -27.12 11.37 50.74
C25 PX4 IC . -27.12 11.10 49.22
C26 PX4 IC . -26.42 12.24 48.50
C27 PX4 IC . -26.60 12.31 46.99
C28 PX4 IC . -25.76 13.29 46.18
C29 PX4 IC . -26.02 13.13 44.67
C30 PX4 IC . -25.17 14.15 43.90
C31 PX4 IC . -25.60 14.24 42.44
C32 PX4 IC . -25.13 13.02 41.65
C33 PX4 IC . -25.87 12.82 40.32
C34 PX4 IC . -25.64 11.39 39.82
C35 PX4 IC . -26.24 11.17 38.43
C36 PX4 IC . -26.12 9.70 38.03
O1 PX4 JC . -26.71 16.45 57.34
O2 PX4 JC . -29.09 17.41 56.92
P1 PX4 JC . -28.02 16.44 56.64
O3 PX4 JC . -28.38 15.35 57.77
C1 PX4 JC . -28.44 15.89 59.09
C2 PX4 JC . -28.83 14.88 60.19
N1 PX4 JC . -27.78 14.07 60.81
C3 PX4 JC . -28.16 13.30 61.99
C4 PX4 JC . -27.16 13.09 59.90
C5 PX4 JC . -26.75 15.03 61.25
O4 PX4 JC . -28.34 15.23 55.63
C6 PX4 JC . -27.53 14.06 55.79
C7 PX4 JC . -27.78 13.00 54.72
C8 PX4 JC . -28.56 13.64 53.57
O5 PX4 JC . -29.65 12.92 52.97
C9 PX4 JC . -30.47 13.71 52.22
O6 PX4 JC . -30.36 14.93 52.29
C10 PX4 JC . -31.46 13.01 51.28
C11 PX4 JC . -30.80 12.92 49.91
C12 PX4 JC . -31.70 12.15 48.93
C13 PX4 JC . -30.70 11.45 48.00
C14 PX4 JC . -31.76 10.76 47.13
C15 PX4 JC . -32.15 9.52 47.93
C16 PX4 JC . -32.99 8.58 47.07
C17 PX4 JC . -32.22 8.02 45.87
C18 PX4 JC . -32.95 7.07 44.92
C19 PX4 JC . -31.83 6.45 44.11
C20 PX4 JC . -32.33 5.48 43.04
C21 PX4 JC . -33.27 6.40 42.22
C22 PX4 JC . -34.06 5.81 41.06
O7 PX4 JC . -26.62 12.39 54.17
C23 PX4 JC . -25.83 11.49 54.85
O8 PX4 JC . -26.24 11.14 55.94
C24 PX4 JC . -24.55 11.02 54.16
C25 PX4 JC . -24.23 11.53 52.75
C26 PX4 JC . -22.72 11.43 52.59
C27 PX4 JC . -22.10 11.91 51.27
C28 PX4 JC . -22.84 11.15 50.17
C29 PX4 JC . -22.20 11.19 48.78
C30 PX4 JC . -23.08 10.49 47.76
C31 PX4 JC . -22.64 10.71 46.31
C32 PX4 JC . -23.41 9.80 45.37
C33 PX4 JC . -22.61 9.59 44.07
C34 PX4 JC . -23.28 8.64 43.08
C35 PX4 JC . -22.73 8.96 41.69
C36 PX4 JC . -23.15 7.96 40.59
O1 PX4 KC . -11.82 4.87 57.16
O2 PX4 KC . -12.71 7.28 56.88
P1 PX4 KC . -12.87 5.82 56.71
O3 PX4 KC . -14.14 5.47 57.64
C1 PX4 KC . -14.55 4.18 57.19
C2 PX4 KC . -16.07 4.02 57.25
N1 PX4 KC . -16.57 2.65 57.12
C3 PX4 KC . -15.97 1.65 58.03
C4 PX4 KC . -18.03 2.56 57.28
C5 PX4 KC . -16.34 2.20 55.74
O4 PX4 KC . -13.30 5.47 55.20
C6 PX4 KC . -12.75 6.43 54.29
C7 PX4 KC . -13.16 6.18 52.84
C8 PX4 KC . -12.93 4.68 52.66
O5 PX4 KC . -12.88 4.16 51.33
C9 PX4 KC . -13.94 3.37 51.02
O6 PX4 KC . -14.82 3.31 51.86
C10 PX4 KC . -14.12 2.89 49.57
C11 PX4 KC . -12.80 2.95 48.81
C12 PX4 KC . -12.80 2.29 47.44
C13 PX4 KC . -11.46 2.29 46.71
C14 PX4 KC . -11.62 1.56 45.38
C15 PX4 KC . -10.36 1.33 44.55
C16 PX4 KC . -10.64 0.41 43.36
C17 PX4 KC . -11.30 -0.88 43.86
C18 PX4 KC . -11.61 -1.75 42.64
C19 PX4 KC . -12.12 -3.14 43.02
C20 PX4 KC . -12.63 -3.88 41.80
C21 PX4 KC . -11.48 -3.91 40.79
C22 PX4 KC . -12.03 -4.08 39.37
O7 PX4 KC . -14.40 6.80 52.49
C23 PX4 KC . -14.34 7.93 51.73
O8 PX4 KC . -13.42 8.74 51.62
C24 PX4 KC . -15.50 8.10 50.76
C25 PX4 KC . -15.73 6.79 50.01
C26 PX4 KC . -16.67 6.99 48.81
C27 PX4 KC . -16.87 5.65 48.12
C28 PX4 KC . -17.66 5.62 46.81
C29 PX4 KC . -17.33 4.38 45.95
C30 PX4 KC . -17.83 4.77 44.55
C31 PX4 KC . -17.59 3.65 43.53
C32 PX4 KC . -18.08 4.06 42.14
C33 PX4 KC . -17.52 3.11 41.07
C34 PX4 KC . -18.11 3.59 39.74
C35 PX4 KC . -17.47 2.71 38.65
C36 PX4 KC . -18.27 2.64 37.34
O1 PX4 LC . -16.97 -13.74 56.67
O2 PX4 LC . -15.16 -12.26 55.65
P1 PX4 LC . -16.58 -12.60 55.81
O3 PX4 LC . -17.24 -11.23 56.36
C1 PX4 LC . -17.00 -11.25 57.77
C2 PX4 LC . -17.89 -10.29 58.55
N1 PX4 LC . -17.73 -8.83 58.59
C3 PX4 LC . -17.68 -8.24 57.24
C4 PX4 LC . -18.86 -8.09 59.15
C5 PX4 LC . -16.49 -8.39 59.26
O4 PX4 LC . -17.40 -12.82 54.44
C6 PX4 LC . -16.73 -13.84 53.69
C7 PX4 LC . -17.34 -14.15 52.33
C8 PX4 LC . -18.10 -12.92 51.85
O5 PX4 LC . -19.30 -13.31 51.15
C9 PX4 LC . -20.11 -12.26 50.84
O6 PX4 LC . -19.63 -11.12 50.89
C10 PX4 LC . -21.42 -12.52 50.11
C11 PX4 LC . -21.51 -11.81 48.75
C12 PX4 LC . -22.73 -12.14 47.91
C13 PX4 LC . -22.49 -11.83 46.43
C14 PX4 LC . -23.74 -12.10 45.59
C15 PX4 LC . -23.69 -11.32 44.30
C16 PX4 LC . -24.92 -11.58 43.41
C17 PX4 LC . -25.07 -13.00 42.91
C18 PX4 LC . -26.11 -13.19 41.80
C19 PX4 LC . -25.77 -12.53 40.46
C20 PX4 LC . -26.59 -13.09 39.30
C21 PX4 LC . -26.64 -14.61 39.24
C22 PX4 LC . -28.10 -14.94 38.87
O7 PX4 LC . -16.32 -14.60 51.44
C23 PX4 LC . -16.03 -15.93 51.44
O8 PX4 LC . -16.45 -16.71 52.29
C24 PX4 LC . -14.86 -16.37 50.57
C25 PX4 LC . -15.21 -15.98 49.12
C26 PX4 LC . -13.99 -16.30 48.25
C27 PX4 LC . -14.00 -15.41 46.99
C28 PX4 LC . -14.84 -16.03 45.87
C29 PX4 LC . -14.59 -15.29 44.56
C30 PX4 LC . -15.07 -16.08 43.34
C31 PX4 LC . -15.19 -15.28 42.05
C32 PX4 LC . -15.90 -16.14 41.00
C33 PX4 LC . -15.62 -15.64 39.58
C34 PX4 LC . -16.06 -14.19 39.33
C35 PX4 LC . -15.59 -13.93 37.90
C36 PX4 LC . -15.64 -12.56 37.23
O1 PX4 MC . -11.58 -20.29 52.87
O2 PX4 MC . -10.29 -19.89 55.05
P1 PX4 MC . -10.39 -20.50 53.70
O3 PX4 MC . -9.18 -19.75 52.95
C1 PX4 MC . -9.77 -18.50 52.62
C2 PX4 MC . -8.95 -17.91 51.47
N1 PX4 MC . -9.29 -16.56 50.98
C3 PX4 MC . -8.97 -15.48 51.93
C4 PX4 MC . -8.42 -16.33 49.81
C5 PX4 MC . -10.67 -16.37 50.52
O4 PX4 MC . -9.90 -22.03 53.82
C6 PX4 MC . -10.28 -22.78 52.68
C7 PX4 MC . -10.12 -24.30 52.63
C8 PX4 MC . -11.44 -25.04 52.41
O5 PX4 MC . -12.27 -24.27 51.52
C9 PX4 MC . -13.61 -24.37 51.71
O6 PX4 MC . -13.94 -24.44 52.88
C10 PX4 MC . -14.47 -23.70 50.62
C11 PX4 MC . -13.92 -23.84 49.21
C12 PX4 MC . -13.13 -22.59 48.85
C13 PX4 MC . -14.00 -21.34 49.05
C14 PX4 MC . -13.18 -20.05 49.02
C15 PX4 MC . -12.47 -19.86 47.68
C16 PX4 MC . -11.52 -18.67 47.83
C17 PX4 MC . -10.81 -18.52 46.49
C18 PX4 MC . -9.54 -17.69 46.34
C19 PX4 MC . -8.94 -17.59 44.93
C20 PX4 MC . -7.54 -16.99 45.01
C21 PX4 MC . -6.95 -16.95 43.59
C22 PX4 MC . -6.84 -18.37 43.04
O7 PX4 MC . -9.09 -24.62 51.69
C23 PX4 MC . -8.39 -25.78 51.72
O8 PX4 MC . -8.52 -26.51 52.70
C24 PX4 MC . -7.48 -26.05 50.52
C25 PX4 MC . -7.94 -27.22 49.64
C26 PX4 MC . -7.00 -27.40 48.44
C27 PX4 MC . -7.33 -28.76 47.81
C28 PX4 MC . -6.24 -29.19 46.82
C29 PX4 MC . -4.90 -28.77 47.42
C30 PX4 MC . -3.93 -29.27 46.34
C31 PX4 MC . -3.95 -28.23 45.21
C32 PX4 MC . -3.45 -26.85 45.61
C33 PX4 MC . -2.45 -26.45 44.53
C34 PX4 MC . -1.72 -25.19 44.99
C35 PX4 MC . -0.80 -24.77 43.84
C36 PX4 MC . 0.23 -23.78 44.35
O1 PX4 NC . 5.60 -7.59 52.45
O2 PX4 NC . 3.05 -7.95 52.80
P1 PX4 NC . 4.35 -8.36 52.21
O3 PX4 NC . 4.60 -9.45 53.37
C1 PX4 NC . 4.93 -8.85 54.62
C2 PX4 NC . 4.57 -9.81 55.77
N1 PX4 NC . 4.57 -9.35 57.16
C3 PX4 NC . 5.92 -9.01 57.62
C4 PX4 NC . 3.62 -8.27 57.44
C5 PX4 NC . 4.06 -10.52 57.89
O4 PX4 NC . 4.31 -9.30 50.92
C6 PX4 NC . 4.99 -8.72 49.82
C7 PX4 NC . 4.98 -9.58 48.54
C8 PX4 NC . 4.00 -8.87 47.61
O5 PX4 NC . 3.01 -9.64 46.94
C9 PX4 NC . 2.20 -9.03 46.04
O6 PX4 NC . 2.27 -7.81 45.86
C10 PX4 NC . 1.31 -9.96 45.22
C11 PX4 NC . 0.20 -9.32 44.39
C12 PX4 NC . -0.32 -10.45 43.50
C13 PX4 NC . -1.39 -9.83 42.62
C14 PX4 NC . -2.51 -9.32 43.52
C15 PX4 NC . -3.85 -9.07 42.80
C16 PX4 NC . -4.93 -8.64 43.78
C17 PX4 NC . -6.28 -8.12 43.26
C18 PX4 NC . -6.48 -9.03 42.06
C19 PX4 NC . -7.80 -8.51 41.49
C20 PX4 NC . -7.58 -7.03 41.18
C21 PX4 NC . -8.82 -6.44 40.51
C22 PX4 NC . -9.13 -7.09 39.16
O7 PX4 NC . 6.25 -9.71 47.88
C23 PX4 NC . 6.68 -10.98 47.64
O8 PX4 NC . 5.99 -11.98 47.79
C24 PX4 NC . 7.95 -11.18 46.81
C25 PX4 NC . 7.44 -10.95 45.40
C26 PX4 NC . 8.71 -10.92 44.56
C27 PX4 NC . 8.35 -10.22 43.25
C28 PX4 NC . 9.37 -10.55 42.15
C29 PX4 NC . 9.23 -9.62 40.94
C30 PX4 NC . 9.39 -8.11 41.14
C31 PX4 NC . 9.57 -7.37 39.81
C32 PX4 NC . 10.59 -8.12 38.94
C33 PX4 NC . 10.66 -7.64 37.49
C34 PX4 NC . 10.85 -6.14 37.38
C35 PX4 NC . 11.26 -5.80 35.95
C36 PX4 NC . 10.15 -5.86 34.88
O1 PX4 OC . 1.91 -21.31 57.12
O2 PX4 OC . 4.30 -21.08 56.06
P1 PX4 OC . 2.82 -20.92 56.02
O3 PX4 OC . 2.67 -19.35 55.71
C1 PX4 OC . 1.29 -18.98 55.77
C2 PX4 OC . 1.12 -17.47 55.96
N1 PX4 OC . 1.45 -16.55 54.87
C3 PX4 OC . 2.91 -16.37 54.73
C4 PX4 OC . 0.90 -16.93 53.56
C5 PX4 OC . 0.89 -15.26 55.27
O4 PX4 OC . 2.36 -21.46 54.58
C6 PX4 OC . 3.17 -20.87 53.56
C7 PX4 OC . 2.74 -21.20 52.12
C8 PX4 OC . 1.85 -22.44 52.02
O5 PX4 OC . 2.55 -23.47 51.31
C9 PX4 OC . 2.12 -24.74 51.51
O6 PX4 OC . 1.15 -24.83 52.25
C10 PX4 OC . 2.68 -25.77 50.53
C11 PX4 OC . 1.58 -26.10 49.52
C12 PX4 OC . 1.95 -27.20 48.53
C13 PX4 OC . 0.89 -27.69 47.55
C14 PX4 OC . 1.43 -28.88 46.76
C15 PX4 OC . 0.39 -29.26 45.70
C16 PX4 OC . 1.02 -29.27 44.31
C17 PX4 OC . 0.32 -30.04 43.19
C18 PX4 OC . 1.03 -29.79 41.86
C19 PX4 OC . 0.33 -30.74 40.88
C20 PX4 OC . 0.57 -30.37 39.42
C21 PX4 OC . -0.52 -29.67 38.62
C22 PX4 OC . 0.00 -29.35 37.21
O7 PX4 OC . 2.05 -20.12 51.48
C23 PX4 OC . 2.76 -19.26 50.72
O8 PX4 OC . 3.92 -18.92 50.91
C24 PX4 OC . 1.86 -18.29 49.96
C25 PX4 OC . 2.69 -17.31 49.11
C26 PX4 OC . 1.56 -16.38 48.64
C27 PX4 OC . 1.97 -15.79 47.29
C28 PX4 OC . 0.92 -15.79 46.20
C29 PX4 OC . 1.01 -14.54 45.32
C30 PX4 OC . 0.36 -14.79 43.95
C31 PX4 OC . 0.85 -13.77 42.93
C32 PX4 OC . 0.41 -14.28 41.57
C33 PX4 OC . 0.69 -13.22 40.52
C34 PX4 OC . -0.08 -13.37 39.22
C35 PX4 OC . 0.45 -12.23 38.36
C36 PX4 OC . 0.55 -10.98 39.21
O1 PX4 PC . 11.82 -17.48 52.14
O2 PX4 PC . 14.26 -16.67 51.42
P1 PX4 PC . 12.80 -16.89 51.22
O3 PX4 PC . 12.35 -15.36 51.03
C1 PX4 PC . 12.40 -14.53 52.18
C2 PX4 PC . 12.11 -13.03 52.11
N1 PX4 PC . 13.07 -12.20 51.34
C3 PX4 PC . 12.96 -10.83 51.86
C4 PX4 PC . 14.51 -12.53 51.34
C5 PX4 PC . 12.82 -12.10 49.90
O4 PX4 PC . 12.46 -17.20 49.67
C6 PX4 PC . 11.11 -16.77 49.40
C7 PX4 PC . 10.55 -17.43 48.14
C8 PX4 PC . 11.51 -18.48 47.59
O5 PX4 PC . 12.04 -18.24 46.30
C9 PX4 PC . 12.87 -19.18 45.79
O6 PX4 PC . 13.05 -20.28 46.32
C10 PX4 PC . 13.31 -18.99 44.33
C11 PX4 PC . 13.02 -20.21 43.45
C12 PX4 PC . 11.58 -20.22 42.93
C13 PX4 PC . 11.35 -21.59 42.30
C14 PX4 PC . 10.02 -21.76 41.57
C15 PX4 PC . 10.01 -23.04 40.74
C16 PX4 PC . 10.21 -24.21 41.69
C17 PX4 PC . 9.84 -25.53 40.99
C18 PX4 PC . 8.34 -25.65 40.71
C19 PX4 PC . 8.22 -26.87 39.80
C20 PX4 PC . 6.84 -27.05 39.21
C21 PX4 PC . 6.58 -28.44 38.59
C22 PX4 PC . 5.23 -28.47 37.90
O7 PX4 PC . 9.18 -17.85 48.28
C23 PX4 PC . 8.16 -16.97 48.42
O8 PX4 PC . 8.28 -15.76 48.27
C24 PX4 PC . 6.80 -17.58 48.77
C25 PX4 PC . 6.21 -18.47 47.68
C26 PX4 PC . 5.75 -17.56 46.55
C27 PX4 PC . 5.26 -18.22 45.24
C28 PX4 PC . 5.06 -17.05 44.27
C29 PX4 PC . 6.36 -16.26 44.15
C30 PX4 PC . 6.22 -15.16 43.10
C31 PX4 PC . 5.38 -13.94 43.52
C32 PX4 PC . 5.06 -13.10 42.27
C33 PX4 PC . 4.24 -11.91 42.78
C34 PX4 PC . 3.98 -11.02 41.56
C35 PX4 PC . 5.35 -10.68 40.97
C36 PX4 PC . 5.43 -10.51 39.46
O1 PX4 QC . 19.33 -13.61 48.61
O2 PX4 QC . 17.64 -11.85 49.49
P1 PX4 QC . 18.20 -13.22 49.49
O3 PX4 QC . 18.66 -13.40 51.02
C1 PX4 QC . 20.00 -12.90 50.97
C2 PX4 QC . 20.70 -13.08 52.33
N1 PX4 QC . 21.51 -14.28 52.55
C3 PX4 QC . 22.05 -14.26 53.91
C4 PX4 QC . 20.81 -15.56 52.39
C5 PX4 QC . 22.71 -14.16 51.72
O4 PX4 QC . 17.00 -14.27 49.43
C6 PX4 QC . 17.41 -15.39 48.63
C7 PX4 QC . 16.30 -16.39 48.38
C8 PX4 QC . 15.04 -15.57 48.03
O5 PX4 QC . 15.09 -14.80 46.82
C9 PX4 QC . 13.89 -14.27 46.49
O6 PX4 QC . 12.89 -14.44 47.19
C10 PX4 QC . 13.88 -13.66 45.09
C11 PX4 QC . 13.46 -14.60 43.95
C12 PX4 QC . 12.06 -15.18 44.11
C13 PX4 QC . 11.51 -15.86 42.87
C14 PX4 QC . 10.08 -16.37 42.97
C15 PX4 QC . 9.92 -17.34 41.79
C16 PX4 QC . 8.45 -17.74 41.56
C17 PX4 QC . 8.32 -18.53 40.25
C18 PX4 QC . 9.10 -17.95 39.07
C19 PX4 QC . 9.12 -18.88 37.86
C20 PX4 QC . 9.84 -18.20 36.70
C21 PX4 QC . 10.05 -18.96 35.38
C22 PX4 QC . 8.80 -19.17 34.53
O7 PX4 QC . 16.64 -17.40 47.43
C23 PX4 QC . 17.06 -18.58 47.96
O8 PX4 QC . 17.47 -18.60 49.12
C24 PX4 QC . 17.26 -19.67 46.92
C25 PX4 QC . 16.05 -20.58 46.72
C26 PX4 QC . 16.28 -21.81 45.85
C27 PX4 QC . 16.72 -21.33 44.45
C28 PX4 QC . 16.80 -22.51 43.48
C29 PX4 QC . 16.86 -21.92 42.07
C30 PX4 QC . 17.24 -23.02 41.10
C31 PX4 QC . 16.92 -22.67 39.64
C32 PX4 QC . 17.19 -23.74 38.57
C33 PX4 QC . 16.72 -23.17 37.23
C34 PX4 QC . 16.69 -24.27 36.17
C35 PX4 QC . 16.18 -23.55 34.91
C36 PX4 QC . 17.39 -23.37 34.01
O1 PX4 RC . -9.76 4.67 53.56
O2 PX4 RC . -7.54 5.72 52.81
P1 PX4 RC . -8.98 5.44 52.57
O3 PX4 RC . -9.51 6.96 52.47
C1 PX4 RC . -8.93 7.85 53.43
C2 PX4 RC . -9.46 9.27 53.44
N1 PX4 RC . -9.48 10.16 52.27
C3 PX4 RC . -10.12 11.46 52.48
C4 PX4 RC . -8.09 10.45 51.83
C5 PX4 RC . -10.21 9.57 51.13
O4 PX4 RC . -9.16 4.90 51.07
C6 PX4 RC . -8.98 5.96 50.13
C7 PX4 RC . -9.15 5.48 48.69
C8 PX4 RC . -8.51 4.09 48.66
O5 PX4 RC . -7.29 3.94 47.94
C9 PX4 RC . -7.23 2.69 47.40
O6 PX4 RC . -8.03 1.80 47.65
C10 PX4 RC . -6.03 2.44 46.48
C11 PX4 RC . -6.37 1.71 45.18
C12 PX4 RC . -5.34 0.73 44.63
C13 PX4 RC . -5.80 -0.45 43.79
C14 PX4 RC . -6.49 -0.15 42.46
C15 PX4 RC . -6.63 -1.47 41.70
C16 PX4 RC . -7.29 -1.41 40.33
C17 PX4 RC . -7.27 -2.80 39.69
C18 PX4 RC . -8.18 -2.62 38.48
C19 PX4 RC . -8.07 -3.79 37.50
C20 PX4 RC . -8.88 -3.62 36.21
C21 PX4 RC . -8.65 -4.94 35.45
C22 PX4 RC . -7.13 -5.15 35.34
O7 PX4 RC . -10.46 5.64 48.14
C23 PX4 RC . -10.94 6.89 47.94
O8 PX4 RC . -10.23 7.88 48.11
C24 PX4 RC . -12.38 6.98 47.43
C25 PX4 RC . -12.32 6.37 46.03
C26 PX4 RC . -13.68 6.43 45.34
C27 PX4 RC . -13.48 6.27 43.83
C28 PX4 RC . -14.87 6.22 43.18
C29 PX4 RC . -14.81 6.38 41.66
C30 PX4 RC . -14.31 7.77 41.25
C31 PX4 RC . -14.46 7.73 39.73
C32 PX4 RC . -13.64 6.54 39.23
C33 PX4 RC . -13.74 6.18 37.74
C34 PX4 RC . -13.12 7.30 36.92
C35 PX4 RC . -12.60 6.71 35.60
C36 PX4 RC . -11.76 7.73 34.85
O1 PX4 SC . -13.34 1.14 54.72
O2 PX4 SC . -12.60 -0.98 53.50
P1 PX4 SC . -13.30 0.33 53.48
O3 PX4 SC . -12.54 1.15 52.32
C1 PX4 SC . -11.27 1.58 52.80
C2 PX4 SC . -10.14 1.62 51.75
N1 PX4 SC . -9.53 0.38 51.27
C3 PX4 SC . -9.09 -0.56 52.31
C4 PX4 SC . -10.46 -0.38 50.42
C5 PX4 SC . -8.39 0.84 50.46
O4 PX4 SC . -14.75 0.27 52.76
C6 PX4 SC . -14.72 -0.22 51.42
C7 PX4 SC . -14.32 -1.69 51.30
C8 PX4 SC . -15.42 -2.65 51.77
O5 PX4 SC . -16.62 -2.67 51.00
C9 PX4 SC . -17.40 -3.78 51.13
O6 PX4 SC . -17.26 -4.61 52.03
C10 PX4 SC . -18.48 -3.95 50.07
C11 PX4 SC . -19.09 -2.59 49.74
C12 PX4 SC . -20.30 -2.65 48.78
C13 PX4 SC . -19.97 -3.09 47.35
C14 PX4 SC . -21.23 -3.15 46.48
C15 PX4 SC . -20.86 -3.65 45.08
C16 PX4 SC . -22.06 -3.70 44.15
C17 PX4 SC . -21.73 -4.42 42.84
C18 PX4 SC . -22.86 -4.00 41.92
C19 PX4 SC . -22.67 -4.62 40.54
C20 PX4 SC . -23.75 -3.97 39.66
C21 PX4 SC . -25.11 -4.60 39.96
C22 PX4 SC . -26.12 -4.13 38.90
O7 PX4 SC . -13.73 -2.01 50.04
C23 PX4 SC . -12.98 -3.12 49.81
O8 PX4 SC . -12.21 -3.51 50.70
C24 PX4 SC . -12.67 -3.39 48.34
C25 PX4 SC . -12.76 -4.90 48.12
C26 PX4 SC . -14.22 -5.35 48.25
C27 PX4 SC . -14.39 -6.67 47.48
C28 PX4 SC . -15.86 -7.09 47.33
C29 PX4 SC . -16.82 -6.29 46.46
C30 PX4 SC . -16.25 -6.12 45.05
C31 PX4 SC . -17.15 -5.43 44.03
C32 PX4 SC . -17.07 -6.10 42.67
C33 PX4 SC . -17.83 -5.37 41.56
C34 PX4 SC . -17.91 -6.17 40.26
C35 PX4 SC . -19.00 -5.73 39.29
C36 PX4 SC . -18.82 -6.71 38.13
O1 PX4 TC . -18.47 -4.96 57.84
O2 PX4 TC . -20.35 -3.62 58.85
P1 PX4 TC . -19.90 -4.61 57.85
O3 PX4 TC . -20.72 -5.98 57.96
C1 PX4 TC . -21.94 -6.02 57.22
C2 PX4 TC . -22.56 -7.42 57.33
N1 PX4 TC . -23.77 -7.84 56.59
C3 PX4 TC . -24.23 -9.11 57.16
C4 PX4 TC . -24.85 -6.83 56.62
C5 PX4 TC . -23.31 -8.01 55.21
O4 PX4 TC . -20.46 -4.07 56.45
C6 PX4 TC . -19.67 -2.99 55.96
C7 PX4 TC . -20.03 -2.62 54.52
C8 PX4 TC . -21.18 -3.50 54.07
O5 PX4 TC . -20.78 -4.41 53.05
C9 PX4 TC . -21.81 -5.17 52.60
O6 PX4 TC . -22.85 -5.20 53.26
C10 PX4 TC . -21.52 -6.18 51.48
C11 PX4 TC . -20.07 -6.65 51.28
C12 PX4 TC . -19.85 -7.82 50.34
C13 PX4 TC . -20.45 -7.36 49.00
C14 PX4 TC . -20.07 -8.42 47.95
C15 PX4 TC . -20.78 -8.03 46.64
C16 PX4 TC . -20.53 -8.95 45.43
C17 PX4 TC . -21.29 -8.55 44.17
C18 PX4 TC . -20.56 -9.17 42.98
C19 PX4 TC . -21.02 -8.70 41.61
C20 PX4 TC . -22.54 -8.83 41.45
C21 PX4 TC . -22.77 -8.13 40.10
C22 PX4 TC . -24.26 -8.15 39.76
O7 PX4 TC . -20.19 -1.20 54.37
C23 PX4 TC . -19.12 -0.57 53.85
O8 PX4 TC . -18.01 -1.09 54.04
C24 PX4 TC . -19.17 0.91 53.45
C25 PX4 TC . -17.99 1.34 52.57
C26 PX4 TC . -18.32 0.86 51.16
C27 PX4 TC . -17.81 1.98 50.24
C28 PX4 TC . -18.17 1.69 48.77
C29 PX4 TC . -17.28 0.50 48.39
C30 PX4 TC . -17.34 -0.03 46.96
C31 PX4 TC . -16.49 -1.31 46.86
C32 PX4 TC . -16.45 -1.85 45.43
C33 PX4 TC . -15.98 -0.79 44.43
C34 PX4 TC . -16.04 -1.40 43.02
C35 PX4 TC . -15.52 -0.40 41.99
C36 PX4 TC . -15.44 -1.10 40.63
O1 PX4 UC . -13.83 -15.35 54.80
O2 PX4 UC . -11.93 -16.49 53.47
P1 PX4 UC . -12.83 -15.34 53.72
O3 PX4 UC . -11.85 -14.37 54.53
C1 PX4 UC . -11.42 -15.09 55.68
C2 PX4 UC . -10.76 -14.15 56.69
N1 PX4 UC . -11.57 -13.18 57.42
C3 PX4 UC . -10.97 -12.61 58.65
C4 PX4 UC . -11.91 -12.06 56.51
C5 PX4 UC . -12.78 -13.77 57.99
O4 PX4 UC . -12.94 -14.33 52.47
C6 PX4 UC . -13.50 -13.07 52.87
C7 PX4 UC . -13.55 -11.96 51.82
C8 PX4 UC . -12.70 -12.51 50.66
O5 PX4 UC . -12.02 -11.55 49.85
C9 PX4 UC . -11.24 -12.16 48.93
O6 PX4 UC . -10.98 -13.35 49.00
C10 PX4 UC . -10.57 -11.30 47.84
C11 PX4 UC . -11.47 -10.16 47.41
C12 PX4 UC . -12.90 -10.47 46.90
C13 PX4 UC . -12.89 -11.32 45.64
C14 PX4 UC . -14.28 -11.50 45.02
C15 PX4 UC . -14.94 -10.13 44.82
C16 PX4 UC . -16.45 -10.20 44.55
C17 PX4 UC . -16.71 -10.76 43.15
C18 PX4 UC . -16.14 -9.76 42.12
C19 PX4 UC . -16.64 -10.19 40.74
C20 PX4 UC . -18.14 -10.29 40.48
C21 PX4 UC . -18.48 -11.47 39.55
C22 PX4 UC . -19.98 -11.60 39.32
O7 PX4 UC . -14.87 -11.75 51.33
C23 PX4 UC . -15.02 -10.49 50.83
O8 PX4 UC . -14.26 -9.56 51.15
C24 PX4 UC . -16.41 -10.07 50.33
C25 PX4 UC . -16.66 -10.35 48.84
C26 PX4 UC . -16.58 -11.86 48.53
C27 PX4 UC . -17.39 -12.23 47.29
C28 PX4 UC . -17.93 -13.66 47.38
C29 PX4 UC . -19.06 -13.91 46.39
C30 PX4 UC . -18.63 -14.17 44.95
C31 PX4 UC . -19.82 -14.37 44.00
C32 PX4 UC . -19.22 -14.14 42.62
C33 PX4 UC . -20.04 -14.65 41.44
C34 PX4 UC . -20.18 -16.17 41.57
C35 PX4 UC . -20.71 -16.78 40.27
C36 PX4 UC . -20.81 -18.29 40.47
O1 PX4 VC . -3.81 -17.55 53.70
O2 PX4 VC . -6.41 -17.43 53.95
P1 PX4 VC . -5.16 -18.15 53.62
O3 PX4 VC . -5.15 -19.57 54.40
C1 PX4 VC . -6.53 -19.82 54.71
C2 PX4 VC . -6.71 -21.16 55.44
N1 PX4 VC . -6.23 -22.38 54.77
C3 PX4 VC . -7.10 -23.36 55.43
C4 PX4 VC . -6.32 -22.46 53.31
C5 PX4 VC . -4.82 -22.56 55.15
O4 PX4 VC . -5.32 -18.75 52.14
C6 PX4 VC . -4.12 -19.46 51.83
C7 PX4 VC . -4.22 -20.43 50.64
C8 PX4 VC . -5.51 -20.07 49.89
O5 PX4 VC . -6.61 -20.99 49.95
C9 PX4 VC . -7.84 -20.61 49.50
O6 PX4 VC . -8.06 -19.54 48.94
C10 PX4 VC . -8.85 -21.75 49.54
C11 PX4 VC . -8.87 -22.34 48.13
C12 PX4 VC . -9.64 -23.67 48.07
C13 PX4 VC . -9.66 -24.15 46.62
C14 PX4 VC . -10.15 -25.61 46.67
C15 PX4 VC . -10.14 -26.27 45.29
C16 PX4 VC . -8.76 -26.56 44.68
C17 PX4 VC . -8.74 -27.42 43.41
C18 PX4 VC . -7.37 -27.34 42.77
C19 PX4 VC . -7.14 -28.32 41.62
C20 PX4 VC . -5.79 -28.23 40.94
C21 PX4 VC . -5.67 -29.34 39.88
C22 PX4 VC . -4.42 -29.12 39.02
O7 PX4 VC . -3.05 -20.42 49.81
C23 PX4 VC . -1.91 -21.05 50.21
O8 PX4 VC . -1.79 -21.47 51.35
C24 PX4 VC . -0.66 -21.07 49.33
C25 PX4 VC . -1.09 -21.08 47.86
C26 PX4 VC . 0.09 -21.19 46.90
C27 PX4 VC . 1.09 -20.02 46.91
C28 PX4 VC . 1.82 -19.99 45.58
C29 PX4 VC . 0.92 -19.46 44.45
C30 PX4 VC . 1.69 -19.19 43.16
C31 PX4 VC . 0.92 -18.59 41.98
C32 PX4 VC . 1.83 -18.11 40.83
C33 PX4 VC . 0.98 -17.58 39.68
C34 PX4 VC . 1.78 -17.13 38.45
C35 PX4 VC . 0.80 -16.72 37.34
C36 PX4 VC . 1.42 -16.58 35.95
O1 PX4 WC . 19.18 -6.54 48.32
O2 PX4 WC . 19.32 -4.84 46.36
P1 PX4 WC . 19.31 -6.24 46.87
O3 PX4 WC . 18.46 -7.22 45.92
C1 PX4 WC . 18.13 -8.25 46.86
C2 PX4 WC . 17.10 -9.18 46.19
N1 PX4 WC . 17.57 -10.25 45.30
C3 PX4 WC . 16.55 -10.69 44.32
C4 PX4 WC . 18.84 -10.03 44.57
C5 PX4 WC . 17.77 -11.42 46.16
O4 PX4 WC . 20.82 -6.66 46.47
C6 PX4 WC . 20.84 -6.67 45.03
C7 PX4 WC . 22.31 -6.82 44.59
C8 PX4 WC . 22.67 -8.26 44.97
O5 PX4 WC . 22.16 -9.34 44.20
C9 PX4 WC . 23.20 -9.99 43.59
O6 PX4 WC . 24.36 -9.76 43.93
C10 PX4 WC . 22.87 -11.07 42.58
C11 PX4 WC . 23.87 -11.17 41.42
C12 PX4 WC . 23.36 -12.00 40.26
C13 PX4 WC . 24.27 -12.00 39.04
C14 PX4 WC . 23.80 -13.01 37.97
C15 PX4 WC . 24.37 -12.51 36.65
C16 PX4 WC . 25.89 -12.54 36.58
C17 PX4 WC . 26.39 -12.03 35.22
C18 PX4 WC . 27.87 -11.67 35.17
C19 PX4 WC . 28.26 -11.46 33.70
C20 PX4 WC . 29.77 -11.54 33.47
C21 PX4 WC . 30.12 -13.03 33.41
C22 PX4 WC . 31.63 -13.08 33.15
O7 PX4 WC . 22.59 -6.36 43.28
C23 PX4 WC . 23.26 -5.17 43.29
O8 PX4 WC . 23.55 -4.50 44.28
C24 PX4 WC . 23.25 -4.63 41.84
C25 PX4 WC . 24.59 -3.98 41.47
C26 PX4 WC . 24.58 -3.32 40.09
C27 PX4 WC . 23.52 -2.21 40.24
C28 PX4 WC . 23.44 -1.36 38.97
C29 PX4 WC . 23.45 -2.23 37.72
C30 PX4 WC . 23.53 -1.48 36.38
C31 PX4 WC . 23.32 -2.42 35.20
C32 PX4 WC . 24.50 -3.39 35.09
C33 PX4 WC . 24.24 -4.33 33.92
C34 PX4 WC . 25.15 -5.54 34.09
C35 PX4 WC . 25.48 -6.10 32.71
C36 PX4 WC . 26.43 -7.29 32.88
O1 PX4 XC . 20.22 -10.21 48.41
O2 PX4 XC . 22.11 -11.64 49.19
P1 PX4 XC . 21.45 -10.94 48.05
O3 PX4 XC . 22.46 -9.76 47.63
C1 PX4 XC . 22.56 -8.89 48.76
C2 PX4 XC . 22.94 -7.44 48.47
N1 PX4 XC . 23.00 -6.48 49.59
C3 PX4 XC . 21.69 -6.25 50.21
C4 PX4 XC . 23.94 -6.98 50.61
C5 PX4 XC . 23.45 -5.17 49.09
O4 PX4 XC . 21.41 -11.86 46.73
C6 PX4 XC . 22.46 -12.79 46.93
C7 PX4 XC . 22.43 -13.99 45.98
C8 PX4 XC . 21.22 -13.81 45.07
O5 PX4 XC . 20.03 -14.60 45.21
C9 PX4 XC . 18.94 -14.41 44.42
O6 PX4 XC . 18.74 -13.35 43.81
C10 PX4 XC . 17.87 -15.49 44.48
C11 PX4 XC . 17.29 -15.90 43.12
C12 PX4 XC . 16.30 -17.05 43.27
C13 PX4 XC . 15.81 -17.57 41.91
C14 PX4 XC . 15.24 -16.37 41.16
C15 PX4 XC . 14.53 -16.99 39.96
C16 PX4 XC . 13.76 -15.86 39.26
C17 PX4 XC . 12.91 -16.32 38.07
C18 PX4 XC . 12.15 -15.13 37.47
C19 PX4 XC . 11.09 -14.68 38.47
C20 PX4 XC . 10.53 -13.31 38.03
C21 PX4 XC . 9.98 -13.38 36.60
C22 PX4 XC . 9.46 -12.07 36.00
O7 PX4 XC . 23.61 -14.18 45.21
C23 PX4 XC . 24.79 -14.66 45.68
O8 PX4 XC . 25.03 -14.87 46.88
C24 PX4 XC . 25.85 -14.91 44.60
C25 PX4 XC . 26.29 -16.38 44.54
C26 PX4 XC . 26.98 -16.79 43.24
C27 PX4 XC . 26.30 -16.23 41.98
C28 PX4 XC . 24.86 -16.72 41.74
C29 PX4 XC . 24.38 -16.44 40.32
C30 PX4 XC . 23.19 -17.38 40.13
C31 PX4 XC . 22.48 -17.22 38.79
C32 PX4 XC . 21.21 -18.06 38.94
C33 PX4 XC . 20.12 -17.76 37.91
C34 PX4 XC . 18.93 -18.70 38.07
C35 PX4 XC . 17.91 -18.31 37.01
C36 PX4 XC . 16.72 -19.27 36.86
O1 PX4 YC . -19.15 10.56 58.16
O2 PX4 YC . -17.19 9.02 57.36
P1 PX4 YC . -17.78 10.35 57.63
O3 PX4 YC . -16.69 11.29 58.32
C1 PX4 YC . -15.98 10.54 59.31
C2 PX4 YC . -14.75 11.33 59.77
N1 PX4 YC . -13.76 10.82 60.73
C3 PX4 YC . -12.98 9.80 60.01
C4 PX4 YC . -12.92 11.99 61.05
C5 PX4 YC . -14.24 10.25 61.99
O4 PX4 YC . -17.71 11.03 56.17
C6 PX4 YC . -16.47 10.72 55.53
C7 PX4 YC . -16.55 10.82 54.01
C8 PX4 YC . -17.94 10.23 53.80
O5 PX4 YC . -18.04 9.20 52.81
C9 PX4 YC . -19.22 8.55 52.78
O6 PX4 YC . -19.99 8.64 53.72
C10 PX4 YC . -19.39 7.50 51.67
C11 PX4 YC . -20.20 8.08 50.51
C12 PX4 YC . -20.56 6.83 49.71
C13 PX4 YC . -20.98 7.22 48.29
C14 PX4 YC . -21.25 5.98 47.44
C15 PX4 YC . -21.62 6.33 46.00
C16 PX4 YC . -22.11 5.13 45.18
C17 PX4 YC . -21.71 5.37 43.72
C18 PX4 YC . -22.33 4.39 42.72
C19 PX4 YC . -21.75 4.67 41.33
C20 PX4 YC . -22.56 3.87 40.30
C21 PX4 YC . -21.97 3.95 38.90
C22 PX4 YC . -22.79 3.08 37.94
O7 PX4 YC . -16.20 12.01 53.29
C23 PX4 YC . -14.92 12.46 53.32
O8 PX4 YC . -14.14 11.92 54.11
C24 PX4 YC . -14.47 13.70 52.53
C25 PX4 YC . -14.66 13.51 51.03
C26 PX4 YC . -13.80 12.36 50.49
C27 PX4 YC . -14.08 12.22 49.00
C28 PX4 YC . -13.13 11.12 48.50
C29 PX4 YC . -13.01 11.13 46.99
C30 PX4 YC . -11.73 10.50 46.43
C31 PX4 YC . -11.85 10.30 44.91
C32 PX4 YC . -10.54 9.74 44.34
C33 PX4 YC . -10.55 9.61 42.81
C34 PX4 YC . -9.14 9.44 42.23
C35 PX4 YC . -9.33 8.90 40.81
C36 PX4 YC . -10.38 9.66 39.99
O1 PX4 ZC . -15.74 23.29 53.70
O2 PX4 ZC . -18.09 24.51 53.51
P1 PX4 ZC . -17.21 23.32 53.54
O3 PX4 ZC . -17.93 22.38 54.64
C1 PX4 ZC . -17.33 21.10 54.48
C2 PX4 ZC . -17.72 20.16 55.62
N1 PX4 ZC . -19.08 19.60 55.63
C3 PX4 ZC . -18.98 18.72 56.80
C4 PX4 ZC . -20.14 20.63 55.67
C5 PX4 ZC . -19.33 18.65 54.53
O4 PX4 ZC . -17.51 22.40 52.24
C6 PX4 ZC . -17.43 23.24 51.09
C7 PX4 ZC . -17.80 22.52 49.78
C8 PX4 ZC . -18.60 21.25 50.09
O5 PX4 ZC . -17.82 20.08 49.81
C9 PX4 ZC . -18.08 18.93 50.49
O6 PX4 ZC . -18.85 18.92 51.44
C10 PX4 ZC . -17.24 17.71 50.08
C11 PX4 ZC . -17.41 17.41 48.60
C12 PX4 ZC . -16.43 16.29 48.29
C13 PX4 ZC . -16.24 16.06 46.80
C14 PX4 ZC . -15.48 14.80 46.37
C15 PX4 ZC . -15.57 14.72 44.85
C16 PX4 ZC . -15.03 13.37 44.37
C17 PX4 ZC . -15.15 13.07 42.87
C18 PX4 ZC . -14.44 11.77 42.49
C19 PX4 ZC . -14.41 11.47 40.99
C20 PX4 ZC . -13.36 12.29 40.22
C21 PX4 ZC . -13.52 12.01 38.72
C22 PX4 ZC . -14.94 12.39 38.27
O7 PX4 ZC . -18.56 23.27 48.82
C23 PX4 ZC . -17.97 24.17 48.00
O8 PX4 ZC . -16.77 24.42 48.08
C24 PX4 ZC . -18.82 24.81 46.90
C25 PX4 ZC . -18.30 24.29 45.57
C26 PX4 ZC . -19.41 24.35 44.51
C27 PX4 ZC . -18.90 23.80 43.17
C28 PX4 ZC . -19.97 24.13 42.13
C29 PX4 ZC . -19.45 23.95 40.70
C30 PX4 ZC . -20.53 24.29 39.65
C31 PX4 ZC . -20.88 25.77 39.68
C32 PX4 ZC . -22.38 25.87 39.40
C33 PX4 ZC . -22.57 27.35 39.05
C34 PX4 ZC . -23.97 27.96 39.20
C35 PX4 ZC . -24.54 27.71 40.60
C36 PX4 ZC . -26.00 28.14 40.70
O1 PX4 AD . -8.44 19.92 55.60
O2 PX4 AD . -7.51 18.08 54.12
P1 PX4 AD . -8.45 19.21 54.30
O3 PX4 AD . -8.34 20.25 53.08
C1 PX4 AD . -6.96 20.62 53.24
C2 PX4 AD . -6.40 21.63 52.24
N1 PX4 AD . -4.95 21.90 52.29
C3 PX4 AD . -4.14 20.83 51.71
C4 PX4 AD . -4.87 23.04 51.37
C5 PX4 AD . -4.41 22.36 53.57
O4 PX4 AD . -9.97 18.71 54.07
C6 PX4 AD . -9.93 17.82 52.96
C7 PX4 AD . -11.22 17.05 52.75
C8 PX4 AD . -12.36 18.02 53.07
O5 PX4 AD . -12.65 19.13 52.19
C9 PX4 AD . -13.91 19.64 52.17
O6 PX4 AD . -14.74 18.88 52.65
C10 PX4 AD . -14.18 20.69 51.09
C11 PX4 AD . -14.48 20.09 49.72
C12 PX4 AD . -14.71 21.16 48.63
C13 PX4 AD . -14.93 20.35 47.34
C14 PX4 AD . -15.65 21.11 46.22
C15 PX4 AD . -15.43 20.59 44.79
C16 PX4 AD . -15.72 21.69 43.76
C17 PX4 AD . -15.65 21.18 42.32
C18 PX4 AD . -15.91 22.38 41.41
C19 PX4 AD . -16.31 21.86 40.04
C20 PX4 AD . -17.62 21.06 39.95
C21 PX4 AD . -17.70 20.48 38.53
C22 PX4 AD . -16.47 19.60 38.34
O7 PX4 AD . -11.32 16.61 51.41
C23 PX4 AD . -10.49 15.63 50.96
O8 PX4 AD . -9.76 14.96 51.69
C24 PX4 AD . -10.87 15.12 49.57
C25 PX4 AD . -9.71 15.20 48.58
C26 PX4 AD . -10.26 14.68 47.25
C27 PX4 AD . -9.14 14.74 46.20
C28 PX4 AD . -9.45 14.33 44.76
C29 PX4 AD . -8.32 14.54 43.76
C30 PX4 AD . -8.89 13.94 42.47
C31 PX4 AD . -8.00 13.83 41.23
C32 PX4 AD . -8.79 13.58 39.94
C33 PX4 AD . -7.78 13.67 38.80
C34 PX4 AD . -8.40 13.63 37.40
C35 PX4 AD . -9.07 12.30 37.06
C36 PX4 AD . -9.62 12.16 35.64
O1 PX4 BD . -0.64 -1.75 50.64
O2 PX4 BD . -1.69 -4.00 50.09
P1 PX4 BD . -0.82 -2.86 49.70
O3 PX4 BD . 0.58 -3.55 49.29
C1 PX4 BD . 0.40 -4.61 48.35
C2 PX4 BD . 1.59 -5.01 47.47
N1 PX4 BD . 1.71 -4.21 46.25
C3 PX4 BD . 1.67 -2.77 46.54
C4 PX4 BD . 2.99 -4.46 45.56
C5 PX4 BD . 0.68 -4.72 45.33
O4 PX4 BD . -1.11 -2.30 48.21
C6 PX4 BD . -2.19 -1.39 48.41
C7 PX4 BD . -3.14 -1.16 47.22
C8 PX4 BD . -2.28 -1.43 45.98
O5 PX4 BD . -1.70 -0.28 45.36
C9 PX4 BD . -1.11 -0.62 44.19
O6 PX4 BD . -0.67 -1.76 44.08
C10 PX4 BD . -0.81 0.50 43.18
C11 PX4 BD . -1.81 1.65 43.04
C12 PX4 BD . -2.21 1.82 41.58
C13 PX4 BD . -3.33 2.87 41.58
C14 PX4 BD . -3.71 3.09 40.11
C15 PX4 BD . -4.15 1.72 39.60
C16 PX4 BD . -4.75 1.71 38.18
C17 PX4 BD . -4.77 0.26 37.67
C18 PX4 BD . -5.45 -0.01 36.33
C19 PX4 BD . -4.60 -0.92 35.46
C20 PX4 BD . -3.99 -2.16 36.08
C21 PX4 BD . -3.37 -3.05 35.01
C22 PX4 BD . -2.82 -4.34 35.62
O7 PX4 BD . -4.39 -1.82 47.13
C23 PX4 BD . -5.40 -1.43 47.98
O8 PX4 BD . -5.23 -0.51 48.78
C24 PX4 BD . -6.69 -2.24 47.94
C25 PX4 BD . -7.23 -2.55 46.54
C26 PX4 BD . -7.99 -3.88 46.43
C27 PX4 BD . -8.32 -4.12 44.95
C28 PX4 BD . -8.64 -5.58 44.60
C29 PX4 BD . -9.94 -5.99 45.28
C30 PX4 BD . -10.38 -7.42 44.98
C31 PX4 BD . -11.38 -7.49 43.82
C32 PX4 BD . -11.23 -8.86 43.17
C33 PX4 BD . -12.14 -8.90 41.94
C34 PX4 BD . -11.99 -10.32 41.38
C35 PX4 BD . -12.98 -10.69 40.28
C36 PX4 BD . -12.62 -12.03 39.63
O1 PX4 CD . 0.24 3.22 51.07
O2 PX4 CD . 2.76 3.94 50.95
P1 PX4 CD . 1.33 4.07 50.55
O3 PX4 CD . 0.81 5.50 51.05
C1 PX4 CD . 1.33 5.77 52.36
C2 PX4 CD . 0.43 6.71 53.16
N1 PX4 CD . -0.88 6.22 53.60
C3 PX4 CD . -1.89 5.93 52.58
C4 PX4 CD . -0.80 5.13 54.59
C5 PX4 CD . -1.37 7.35 54.41
O4 PX4 CD . 1.31 4.47 48.99
C6 PX4 CD . -0.05 4.81 48.71
C7 PX4 CD . -0.40 5.31 47.30
C8 PX4 CD . 0.55 4.55 46.40
O5 PX4 CD . 1.26 5.39 45.48
C9 PX4 CD . 2.13 4.75 44.67
O6 PX4 CD . 2.29 3.53 44.81
C10 PX4 CD . 3.11 5.54 43.80
C11 PX4 CD . 2.50 6.56 42.85
C12 PX4 CD . 3.59 7.26 42.05
C13 PX4 CD . 4.52 6.42 41.16
C14 PX4 CD . 5.40 7.36 40.36
C15 PX4 CD . 6.17 6.62 39.25
C16 PX4 CD . 7.06 5.42 39.57
C17 PX4 CD . 7.50 4.70 38.30
C18 PX4 CD . 6.32 4.19 37.44
C19 PX4 CD . 7.07 3.52 36.29
C20 PX4 CD . 6.06 2.97 35.27
C21 PX4 CD . 6.73 2.20 34.14
C22 PX4 CD . 5.81 1.85 32.97
O7 PX4 CD . -1.76 5.10 46.86
C23 PX4 CD . -2.77 5.75 47.49
O8 PX4 CD . -2.54 6.67 48.28
C24 PX4 CD . -4.14 5.56 46.82
C25 PX4 CD . -4.68 6.82 46.14
C26 PX4 CD . -6.01 6.43 45.48
C27 PX4 CD . -5.76 5.50 44.30
C28 PX4 CD . -7.13 5.31 43.64
C29 PX4 CD . -7.13 4.54 42.32
C30 PX4 CD . -8.39 4.42 41.45
C31 PX4 CD . -8.11 3.78 40.10
C32 PX4 CD . -9.41 3.45 39.35
C33 PX4 CD . -10.03 2.36 40.24
C34 PX4 CD . -11.42 1.82 39.95
C35 PX4 CD . -12.45 2.91 40.33
C36 PX4 CD . -13.88 2.39 40.09
O1 PX4 DD . -8.84 -12.44 52.06
O2 PX4 DD . -6.55 -11.33 51.46
P1 PX4 DD . -7.83 -11.97 51.08
O3 PX4 DD . -8.61 -10.71 50.45
C1 PX4 DD . -9.09 -9.72 51.35
C2 PX4 DD . -10.24 -8.84 50.86
N1 PX4 DD . -10.72 -7.77 51.74
C3 PX4 DD . -9.61 -7.12 52.43
C4 PX4 DD . -11.39 -6.65 51.07
C5 PX4 DD . -11.57 -8.40 52.77
O4 PX4 DD . -7.62 -13.05 49.91
C6 PX4 DD . -7.17 -12.21 48.85
C7 PX4 DD . -6.47 -12.91 47.68
C8 PX4 DD . -6.11 -14.35 48.08
O5 PX4 DD . -4.72 -14.68 47.99
C9 PX4 DD . -4.29 -15.71 48.76
O6 PX4 DD . -4.93 -16.14 49.72
C10 PX4 DD . -2.98 -16.37 48.34
C11 PX4 DD . -2.73 -16.50 46.84
C12 PX4 DD . -3.26 -17.77 46.17
C13 PX4 DD . -2.77 -17.90 44.73
C14 PX4 DD . -3.43 -19.11 44.05
C15 PX4 DD . -2.80 -19.46 42.70
C16 PX4 DD . -3.60 -20.70 42.31
C17 PX4 DD . -3.17 -21.43 41.03
C18 PX4 DD . -1.76 -21.99 41.25
C19 PX4 DD . -1.31 -22.88 40.10
C20 PX4 DD . -0.03 -23.68 40.39
C21 PX4 DD . 0.24 -24.70 39.27
C22 PX4 DD . -0.91 -25.70 39.24
O7 PX4 DD . -7.18 -13.06 46.46
C23 PX4 DD . -7.28 -11.95 45.65
O8 PX4 DD . -6.87 -10.87 46.07
C24 PX4 DD . -7.95 -12.01 44.28
C25 PX4 DD . -9.12 -13.01 44.29
C26 PX4 DD . -9.60 -13.42 42.90
C27 PX4 DD . -11.06 -13.84 43.12
C28 PX4 DD . -11.67 -14.51 41.90
C29 PX4 DD . -10.87 -15.80 41.72
C30 PX4 DD . -11.34 -16.54 40.47
C31 PX4 DD . -10.31 -17.60 40.15
C32 PX4 DD . -9.03 -16.88 39.75
C33 PX4 DD . -7.89 -17.89 39.58
C34 PX4 DD . -8.30 -19.08 38.72
C35 PX4 DD . -7.18 -19.51 37.77
C36 PX4 DD . -5.97 -20.02 38.55
O1 PX4 ED . 8.98 -2.85 49.93
O2 PX4 ED . 8.65 -5.26 50.77
P1 PX4 ED . 9.02 -4.31 49.70
O3 PX4 ED . 10.57 -4.69 49.84
C1 PX4 ED . 10.86 -4.13 51.11
C2 PX4 ED . 12.35 -4.23 51.46
N1 PX4 ED . 12.97 -5.54 51.68
C3 PX4 ED . 12.85 -6.45 50.54
C4 PX4 ED . 14.41 -5.26 51.77
C5 PX4 ED . 12.63 -6.21 52.96
O4 PX4 ED . 8.75 -4.93 48.24
C6 PX4 ED . 9.25 -6.26 48.18
C7 PX4 ED . 9.33 -6.76 46.73
C8 PX4 ED . 8.22 -6.11 45.92
O5 PX4 ED . 7.45 -6.88 45.02
C9 PX4 ED . 6.10 -6.94 45.20
O6 PX4 ED . 5.58 -6.33 46.13
C10 PX4 ED . 5.41 -8.04 44.39
C11 PX4 ED . 4.71 -7.66 43.08
C12 PX4 ED . 5.65 -6.84 42.18
C13 PX4 ED . 5.08 -6.43 40.83
C14 PX4 ED . 6.11 -5.73 39.95
C15 PX4 ED . 5.73 -5.79 38.47
C16 PX4 ED . 6.72 -4.86 37.76
C17 PX4 ED . 6.35 -4.61 36.30
C18 PX4 ED . 7.17 -3.52 35.60
C19 PX4 ED . 6.91 -3.04 34.17
C20 PX4 ED . 7.67 -1.76 33.79
C21 PX4 ED . 9.13 -1.78 34.22
C22 PX4 ED . 9.86 -0.44 34.18
O7 PX4 ED . 10.67 -6.81 46.23
C23 PX4 ED . 11.46 -7.89 46.49
O8 PX4 ED . 11.25 -8.61 47.47
C24 PX4 ED . 12.75 -7.97 45.68
C25 PX4 ED . 12.43 -8.63 44.35
C26 PX4 ED . 13.39 -8.36 43.18
C27 PX4 ED . 12.95 -9.25 42.03
C28 PX4 ED . 13.44 -10.70 42.14
C29 PX4 ED . 13.14 -11.55 40.92
C30 PX4 ED . 13.91 -10.98 39.73
C31 PX4 ED . 15.19 -11.77 39.44
C32 PX4 ED . 16.41 -11.62 40.36
C33 PX4 ED . 17.69 -12.27 39.86
C34 PX4 ED . 18.82 -12.19 40.90
C35 PX4 ED . 20.05 -12.94 40.37
C36 PX4 ED . 19.77 -14.41 40.03
O1 PX4 FD . 14.69 -6.48 48.11
O2 PX4 FD . 16.63 -4.67 48.24
P1 PX4 FD . 15.48 -5.33 47.60
O3 PX4 FD . 14.40 -4.15 47.61
C1 PX4 FD . 13.17 -4.73 47.15
C2 PX4 FD . 12.03 -3.71 47.14
N1 PX4 FD . 12.13 -2.50 46.29
C3 PX4 FD . 12.58 -2.80 44.93
C4 PX4 FD . 10.77 -1.96 46.25
C5 PX4 FD . 12.92 -1.48 46.99
O4 PX4 FD . 15.46 -5.26 45.99
C6 PX4 FD . 16.10 -4.15 45.36
C7 PX4 FD . 16.30 -4.12 43.84
C8 PX4 FD . 16.41 -5.63 43.57
O5 PX4 FD . 17.63 -5.82 42.86
C9 PX4 FD . 17.96 -7.00 42.26
O6 PX4 FD . 17.25 -8.00 42.38
C10 PX4 FD . 19.13 -6.87 41.28
C11 PX4 FD . 20.07 -8.06 41.07
C12 PX4 FD . 21.22 -7.78 40.09
C13 PX4 FD . 20.65 -7.95 38.69
C14 PX4 FD . 21.83 -7.84 37.72
C15 PX4 FD . 21.49 -8.41 36.34
C16 PX4 FD . 22.67 -8.28 35.37
C17 PX4 FD . 22.18 -8.63 33.97
C18 PX4 FD . 21.02 -7.72 33.55
C19 PX4 FD . 20.56 -7.99 32.13
C20 PX4 FD . 21.70 -7.52 31.22
C21 PX4 FD . 21.34 -7.80 29.76
C22 PX4 FD . 22.32 -7.19 28.75
O7 PX4 FD . 15.29 -3.48 43.08
C23 PX4 FD . 15.51 -2.15 42.83
O8 PX4 FD . 15.83 -1.39 43.74
C24 PX4 FD . 14.87 -1.61 41.54
C25 PX4 FD . 15.74 -1.88 40.31
C26 PX4 FD . 14.99 -1.47 39.03
C27 PX4 FD . 15.73 -1.97 37.80
C28 PX4 FD . 15.02 -1.43 36.56
C29 PX4 FD . 15.40 -2.09 35.23
C30 PX4 FD . 14.60 -1.55 34.04
C31 PX4 FD . 14.81 -0.04 33.94
C32 PX4 FD . 13.81 0.56 32.93
C33 PX4 FD . 14.04 0.14 31.46
C34 PX4 FD . 13.19 1.05 30.59
C35 PX4 FD . 13.35 0.86 29.08
C36 PX4 FD . 14.81 1.04 28.67
O1 PX4 GD . 27.52 9.52 47.40
O2 PX4 GD . 28.89 7.27 47.16
P1 PX4 GD . 28.28 8.50 46.62
O3 PX4 GD . 29.30 9.38 45.75
C1 PX4 GD . 28.65 10.59 45.37
C2 PX4 GD . 29.63 11.51 44.64
N1 PX4 GD . 30.76 12.08 45.37
C3 PX4 GD . 31.69 11.13 46.01
C4 PX4 GD . 31.50 13.00 44.50
C5 PX4 GD . 30.20 12.89 46.47
O4 PX4 GD . 27.36 8.01 45.38
C6 PX4 GD . 27.96 6.95 44.64
C7 PX4 GD . 26.96 6.44 43.59
C8 PX4 GD . 26.49 7.54 42.63
O5 PX4 GD . 25.08 7.67 42.47
C9 PX4 GD . 24.62 8.34 41.39
O6 PX4 GD . 25.37 9.08 40.75
C10 PX4 GD . 23.09 8.22 41.36
C11 PX4 GD . 22.52 8.94 40.12
C12 PX4 GD . 22.80 8.24 38.79
C13 PX4 GD . 21.85 8.85 37.75
C14 PX4 GD . 22.21 8.10 36.47
C15 PX4 GD . 21.31 8.59 35.33
C16 PX4 GD . 21.78 7.73 34.15
C17 PX4 GD . 21.75 8.54 32.85
C18 PX4 GD . 22.55 7.98 31.68
C19 PX4 GD . 22.24 8.78 30.40
C20 PX4 GD . 20.81 8.46 30.00
C21 PX4 GD . 20.32 9.17 28.73
C22 PX4 GD . 18.89 8.79 28.37
O7 PX4 GD . 27.46 5.30 42.90
C23 PX4 GD . 26.73 4.22 42.51
O8 PX4 GD . 25.50 4.18 42.71
C24 PX4 GD . 27.43 3.10 41.75
C25 PX4 GD . 27.02 3.23 40.29
C26 PX4 GD . 27.96 2.32 39.49
C27 PX4 GD . 27.72 2.53 38.00
C28 PX4 GD . 28.63 1.55 37.27
C29 PX4 GD . 28.91 2.06 35.85
C30 PX4 GD . 30.08 1.28 35.26
C31 PX4 GD . 30.45 1.51 33.81
C32 PX4 GD . 31.22 2.83 33.69
C33 PX4 GD . 31.41 3.12 32.20
C34 PX4 GD . 32.33 2.05 31.59
C35 PX4 GD . 32.33 2.18 30.06
C36 PX4 GD . 33.51 1.41 29.47
O1 PX4 HD . -18.87 13.74 59.91
O2 PX4 HD . -16.35 14.38 59.62
P1 PX4 HD . -17.73 14.21 59.09
O3 PX4 HD . -18.03 15.78 59.26
C1 PX4 HD . -18.29 16.01 60.65
C2 PX4 HD . -18.79 17.45 60.83
N1 PX4 HD . -19.12 17.83 62.21
C3 PX4 HD . -19.89 19.09 62.30
C4 PX4 HD . -19.77 16.81 63.02
C5 PX4 HD . -17.93 18.05 63.06
O4 PX4 HD . -17.97 14.44 57.52
C6 PX4 HD . -19.39 14.52 57.36
C7 PX4 HD . -19.71 14.72 55.87
C8 PX4 HD . -18.63 13.99 55.08
O5 PX4 HD . -18.82 13.84 53.67
C9 PX4 HD . -18.21 14.77 52.88
O6 PX4 HD . -17.69 15.74 53.44
C10 PX4 HD . -18.20 14.55 51.37
C11 PX4 HD . -18.15 13.09 50.97
C12 PX4 HD . -17.97 12.83 49.47
C13 PX4 HD . -17.86 11.35 49.08
C14 PX4 HD . -17.84 11.39 47.55
C15 PX4 HD . -17.84 10.00 46.92
C16 PX4 HD . -17.77 10.07 45.38
C17 PX4 HD . -18.36 8.76 44.86
C18 PX4 HD . -18.83 8.84 43.40
C19 PX4 HD . -17.55 9.18 42.64
C20 PX4 HD . -17.91 8.96 41.17
C21 PX4 HD . -18.36 7.52 40.98
C22 PX4 HD . -18.74 7.13 39.55
O7 PX4 HD . -21.08 14.48 55.56
C23 PX4 HD . -21.93 15.54 55.69
O8 PX4 HD . -21.58 16.54 56.29
C24 PX4 HD . -23.35 15.23 55.22
C25 PX4 HD . -23.51 15.52 53.72
C26 PX4 HD . -24.90 15.23 53.18
C27 PX4 HD . -24.92 15.31 51.65
C28 PX4 HD . -26.40 15.41 51.27
C29 PX4 HD . -26.70 15.70 49.81
C30 PX4 HD . -28.22 15.60 49.65
C31 PX4 HD . -28.59 16.14 48.27
C32 PX4 HD . -30.09 16.40 48.13
C33 PX4 HD . -30.38 16.48 46.63
C34 PX4 HD . -29.92 15.07 46.23
C35 PX4 HD . -30.46 14.80 44.83
C36 PX4 HD . -30.31 13.33 44.43
O1 PX4 ID . -2.76 28.55 48.64
O2 PX4 ID . -0.60 28.49 50.15
P1 PX4 ID . -1.29 28.50 48.85
O3 PX4 ID . -0.81 29.94 48.31
C1 PX4 ID . 0.61 30.00 48.34
C2 PX4 ID . 1.18 31.42 48.26
N1 PX4 ID . 2.64 31.63 48.31
C3 PX4 ID . 3.12 31.35 49.66
C4 PX4 ID . 3.38 30.85 47.32
C5 PX4 ID . 2.81 33.06 48.02
O4 PX4 ID . -0.68 27.66 47.63
C6 PX4 ID . -1.45 27.71 46.43
C7 PX4 ID . -0.85 26.86 45.31
C8 PX4 ID . -1.26 25.43 45.66
O5 PX4 ID . -2.53 25.23 46.29
C9 PX4 ID . -2.93 24.10 46.95
O6 PX4 ID . -2.22 23.12 47.15
C10 PX4 ID . -4.21 24.30 47.76
C11 PX4 ID . -5.32 23.45 47.13
C12 PX4 ID . -6.67 23.79 47.77
C13 PX4 ID . -7.83 22.92 47.28
C14 PX4 ID . -7.98 23.18 45.78
C15 PX4 ID . -9.17 22.39 45.24
C16 PX4 ID . -9.27 22.74 43.76
C17 PX4 ID . -10.51 22.19 43.03
C18 PX4 ID . -10.60 22.37 41.51
C19 PX4 ID . -12.02 22.70 41.05
C20 PX4 ID . -12.16 22.45 39.54
C21 PX4 ID . -12.01 20.94 39.34
C22 PX4 ID . -11.93 20.77 37.82
O7 PX4 ID . -1.10 27.30 43.97
C23 PX4 ID . -0.37 28.31 43.44
O8 PX4 ID . 0.45 28.95 44.09
C24 PX4 ID . -0.50 28.49 41.92
C25 PX4 ID . -1.69 27.89 41.16
C26 PX4 ID . -1.70 28.36 39.72
C27 PX4 ID . -2.51 27.36 38.90
C28 PX4 ID . -3.97 27.26 39.37
C29 PX4 ID . -4.91 26.51 38.43
C30 PX4 ID . -4.67 27.17 37.08
C31 PX4 ID . -5.68 26.58 36.10
C32 PX4 ID . -5.79 27.25 34.73
C33 PX4 ID . -6.72 28.46 34.69
C34 PX4 ID . -6.93 28.97 33.27
C35 PX4 ID . -7.72 28.03 32.32
C36 PX4 ID . -8.15 28.65 31.00
O1 PX4 JD . -4.21 18.40 54.65
O2 PX4 JD . -4.83 15.89 54.16
P1 PX4 JD . -4.63 17.29 53.76
O3 PX4 JD . -3.20 17.11 53.03
C1 PX4 JD . -2.16 17.05 54.01
C2 PX4 JD . -0.82 16.37 53.70
N1 PX4 JD . -0.81 14.90 53.78
C3 PX4 JD . -0.75 14.45 55.16
C4 PX4 JD . -1.87 14.27 52.98
C5 PX4 JD . 0.45 14.44 53.18
O4 PX4 JD . -5.31 17.66 52.35
C6 PX4 JD . -5.63 16.41 51.75
C7 PX4 JD . -6.13 16.47 50.30
C8 PX4 JD . -6.91 17.78 50.27
O5 PX4 JD . -8.15 17.70 49.57
C9 PX4 JD . -8.62 18.94 49.28
O6 PX4 JD . -8.14 19.97 49.74
C10 PX4 JD . -9.81 18.89 48.30
C11 PX4 JD . -9.40 18.86 46.82
C12 PX4 JD . -10.66 18.79 45.98
C13 PX4 JD . -11.70 17.75 46.42
C14 PX4 JD . -12.87 17.68 45.44
C15 PX4 JD . -12.50 17.17 44.05
C16 PX4 JD . -13.55 17.07 42.94
C17 PX4 JD . -12.75 16.95 41.65
C18 PX4 JD . -13.54 16.66 40.37
C19 PX4 JD . -12.49 16.62 39.26
C20 PX4 JD . -12.92 16.24 37.85
C21 PX4 JD . -11.80 15.87 36.87
C22 PX4 JD . -12.33 15.54 35.49
O7 PX4 JD . -5.07 16.13 49.38
C23 PX4 JD . -5.04 14.85 48.94
O8 PX4 JD . -5.36 13.98 49.75
C24 PX4 JD . -3.98 14.71 47.82
C25 PX4 JD . -4.64 14.90 46.46
C26 PX4 JD . -3.57 14.62 45.39
C27 PX4 JD . -4.15 14.75 43.99
C28 PX4 JD . -3.15 14.47 42.87
C29 PX4 JD . -3.84 14.20 41.53
C30 PX4 JD . -2.95 13.76 40.36
C31 PX4 JD . -3.68 13.78 39.01
C32 PX4 JD . -2.80 13.35 37.84
C33 PX4 JD . -3.52 13.17 36.51
C34 PX4 JD . -4.61 12.10 36.62
C35 PX4 JD . -4.80 11.84 35.12
C36 PX4 JD . -3.43 11.56 34.48
O1 PX4 KD . 1.31 -9.67 50.35
O2 PX4 KD . 1.86 -7.14 49.79
P1 PX4 KD . 0.97 -8.32 49.81
O3 PX4 KD . -0.27 -7.87 50.73
C1 PX4 KD . 0.20 -7.46 52.02
C2 PX4 KD . -0.24 -8.28 53.23
N1 PX4 KD . -1.64 -8.29 53.70
C3 PX4 KD . -1.84 -7.18 54.62
C4 PX4 KD . -2.71 -8.12 52.71
C5 PX4 KD . -1.88 -9.52 54.46
O4 PX4 KD . 0.19 -8.38 48.40
C6 PX4 KD . -0.80 -9.34 48.75
C7 PX4 KD . -1.94 -9.32 47.72
C8 PX4 KD . -1.91 -7.97 47.01
O5 PX4 KD . -3.19 -7.36 46.87
C9 PX4 KD . -3.16 -6.00 46.71
O6 PX4 KD . -2.15 -5.31 46.75
C10 PX4 KD . -4.54 -5.49 46.27
C11 PX4 KD . -4.45 -5.28 44.75
C12 PX4 KD . -3.69 -4.05 44.28
C13 PX4 KD . -3.80 -3.98 42.75
C14 PX4 KD . -3.15 -5.25 42.22
C15 PX4 KD . -3.25 -5.45 40.70
C16 PX4 KD . -4.70 -5.27 40.24
C17 PX4 KD . -4.67 -5.59 38.74
C18 PX4 KD . -4.09 -6.99 38.57
C19 PX4 KD . -4.33 -7.46 37.14
C20 PX4 KD . -4.21 -8.97 36.94
C21 PX4 KD . -2.76 -9.46 37.04
C22 PX4 KD . -2.70 -10.95 36.68
O7 PX4 KD . -1.83 -10.47 46.88
C23 PX4 KD . -2.61 -11.53 47.24
O8 PX4 KD . -3.25 -11.61 48.29
C24 PX4 KD . -2.53 -12.74 46.32
C25 PX4 KD . -3.63 -12.91 45.27
C26 PX4 KD . -3.23 -14.10 44.40
C27 PX4 KD . -4.03 -14.32 43.11
C28 PX4 KD . -3.87 -13.10 42.21
C29 PX4 KD . -4.89 -13.24 41.08
C30 PX4 KD . -4.86 -11.96 40.25
C31 PX4 KD . -5.92 -11.84 39.15
C32 PX4 KD . -7.31 -12.08 39.77
C33 PX4 KD . -8.36 -12.01 38.66
C34 PX4 KD . -8.17 -10.67 37.95
C35 PX4 KD . -9.20 -10.53 36.82
C36 PX4 KD . -8.90 -9.24 36.08
O1 PX4 LD . 5.94 -3.09 48.61
O2 PX4 LD . 7.56 -1.35 47.45
P1 PX4 LD . 6.35 -2.20 47.51
O3 PX4 LD . 5.07 -1.24 47.44
C1 PX4 LD . 5.42 -0.36 48.51
C2 PX4 LD . 4.63 0.96 48.50
N1 PX4 LD . 5.04 2.04 47.57
C3 PX4 LD . 6.42 2.35 47.94
C4 PX4 LD . 4.94 1.68 46.15
C5 PX4 LD . 4.22 3.25 47.79
O4 PX4 LD . 6.19 -2.94 46.09
C6 PX4 LD . 6.17 -1.82 45.20
C7 PX4 LD . 5.74 -2.24 43.79
C8 PX4 LD . 6.43 -3.59 43.55
O5 PX4 LD . 7.35 -3.55 42.45
C9 PX4 LD . 8.63 -3.13 42.67
O6 PX4 LD . 8.92 -2.96 43.85
C10 PX4 LD . 9.53 -3.10 41.44
C11 PX4 LD . 10.68 -4.08 41.65
C12 PX4 LD . 11.74 -4.11 40.56
C13 PX4 LD . 12.93 -5.05 40.77
C14 PX4 LD . 13.88 -5.13 39.58
C15 PX4 LD . 14.92 -6.25 39.65
C16 PX4 LD . 16.17 -5.83 38.88
C17 PX4 LD . 15.67 -5.48 37.47
C18 PX4 LD . 15.61 -6.65 36.50
C19 PX4 LD . 17.04 -7.16 36.31
C20 PX4 LD . 17.03 -8.32 35.33
C21 PX4 LD . 17.02 -7.61 33.97
C22 PX4 LD . 16.80 -8.58 32.81
O7 PX4 LD . 4.35 -2.34 43.50
C23 PX4 LD . 3.50 -1.30 43.25
O8 PX4 LD . 3.52 -0.35 44.04
C24 PX4 LD . 2.31 -1.64 42.35
C25 PX4 LD . 2.50 -2.86 41.44
C26 PX4 LD . 1.21 -3.21 40.68
C27 PX4 LD . 0.75 -1.98 39.90
C28 PX4 LD . -0.58 -2.23 39.20
C29 PX4 LD . -1.22 -0.92 38.71
C30 PX4 LD . -0.38 -0.38 37.56
C31 PX4 LD . -0.92 0.97 37.10
C32 PX4 LD . -0.03 1.76 36.14
C33 PX4 LD . 0.20 1.26 34.72
C34 PX4 LD . 1.15 2.19 33.95
C35 PX4 LD . 0.50 3.51 33.56
C36 PX4 LD . 1.55 4.51 33.08
O1 PX4 MD . 22.08 5.16 49.02
O2 PX4 MD . 19.68 4.21 49.40
P1 PX4 MD . 20.96 4.25 48.66
O3 PX4 MD . 21.50 2.77 48.99
C1 PX4 MD . 22.91 2.71 49.20
C2 PX4 MD . 23.34 1.25 49.34
N1 PX4 MD . 23.05 0.28 48.27
C3 PX4 MD . 23.92 -0.86 48.63
C4 PX4 MD . 21.69 -0.25 48.18
C5 PX4 MD . 23.41 0.77 46.94
O4 PX4 MD . 20.75 3.97 47.10
C6 PX4 MD . 19.77 2.94 46.97
C7 PX4 MD . 19.49 2.48 45.54
C8 PX4 MD . 20.15 3.56 44.68
O5 PX4 MD . 19.27 4.65 44.36
C9 PX4 MD . 19.92 5.68 43.75
O6 PX4 MD . 21.12 5.78 43.48
C10 PX4 MD . 19.01 6.83 43.30
C11 PX4 MD . 17.73 6.44 42.56
C12 PX4 MD . 17.97 6.22 41.06
C13 PX4 MD . 16.76 5.90 40.19
C14 PX4 MD . 17.12 5.83 38.71
C15 PX4 MD . 15.93 5.92 37.75
C16 PX4 MD . 16.52 5.85 36.34
C17 PX4 MD . 16.98 4.40 36.23
C18 PX4 MD . 17.69 4.13 34.91
C19 PX4 MD . 19.02 4.88 34.76
C20 PX4 MD . 19.52 5.02 33.32
C21 PX4 MD . 19.55 3.68 32.60
C22 PX4 MD . 19.97 3.83 31.13
O7 PX4 MD . 19.91 1.18 45.11
C23 PX4 MD . 19.14 0.14 45.51
O8 PX4 MD . 18.25 0.23 46.35
C24 PX4 MD . 19.54 -1.26 45.00
C25 PX4 MD . 19.16 -1.29 43.52
C26 PX4 MD . 19.62 -2.51 42.72
C27 PX4 MD . 19.41 -2.19 41.24
C28 PX4 MD . 19.71 -3.38 40.32
C29 PX4 MD . 19.46 -2.97 38.87
C30 PX4 MD . 19.97 -3.91 37.78
C31 PX4 MD . 19.54 -3.22 36.49
C32 PX4 MD . 19.85 -4.19 35.34
C33 PX4 MD . 19.32 -3.59 34.04
C34 PX4 MD . 19.67 -4.47 32.85
C35 PX4 MD . 18.90 -3.90 31.66
C36 PX4 MD . 19.31 -4.51 30.33
O1 PX4 ND . 31.92 -3.69 45.16
O2 PX4 ND . 31.20 -6.06 46.10
P1 PX4 ND . 31.87 -5.17 45.12
O3 PX4 ND . 33.40 -5.65 45.13
C1 PX4 ND . 33.65 -6.69 46.06
C2 PX4 ND . 35.10 -7.06 46.44
N1 PX4 ND . 36.02 -6.01 46.89
C3 PX4 ND . 35.55 -5.28 48.07
C4 PX4 ND . 37.32 -6.54 47.32
C5 PX4 ND . 36.32 -5.00 45.85
O4 PX4 ND . 31.47 -5.69 43.63
C6 PX4 ND . 31.43 -4.60 42.71
C7 PX4 ND . 31.08 -5.15 41.34
C8 PX4 ND . 29.65 -5.70 41.38
O5 PX4 ND . 29.47 -7.10 41.60
C9 PX4 ND . 28.72 -7.48 42.66
O6 PX4 ND . 27.87 -6.70 43.11
C10 PX4 ND . 28.61 -9.01 42.78
C11 PX4 ND . 27.42 -9.70 42.12
C12 PX4 ND . 27.44 -11.21 42.36
C13 PX4 ND . 28.62 -11.86 41.61
C14 PX4 ND . 28.12 -13.13 40.95
C15 PX4 ND . 29.29 -13.70 40.14
C16 PX4 ND . 28.95 -14.95 39.32
C17 PX4 ND . 29.91 -15.24 38.17
C18 PX4 ND . 29.18 -16.20 37.23
C19 PX4 ND . 30.08 -16.42 36.02
C20 PX4 ND . 29.52 -17.45 35.04
C21 PX4 ND . 29.24 -18.78 35.73
C22 PX4 ND . 28.81 -19.91 34.80
O7 PX4 ND . 31.34 -4.17 40.33
C23 PX4 ND . 32.53 -4.34 39.69
O8 PX4 ND . 33.51 -4.90 40.15
C24 PX4 ND . 32.67 -3.50 38.42
C25 PX4 ND . 32.86 -2.06 38.90
C26 PX4 ND . 32.89 -1.10 37.71
C27 PX4 ND . 32.67 0.35 38.19
C28 PX4 ND . 33.01 1.39 37.12
C29 PX4 ND . 32.67 2.76 37.70
C30 PX4 ND . 32.81 3.81 36.60
C31 PX4 ND . 32.17 5.16 36.89
C32 PX4 ND . 32.26 6.14 35.72
C33 PX4 ND . 31.75 7.52 36.11
C34 PX4 ND . 32.69 8.08 37.18
C35 PX4 ND . 32.13 9.43 37.67
C36 PX4 ND . 33.13 10.03 38.67
O1 PX4 OD . 25.73 14.42 44.23
O2 PX4 OD . 28.18 14.98 44.71
P1 PX4 OD . 26.84 15.41 44.29
O3 PX4 OD . 26.44 16.89 44.81
C1 PX4 OD . 27.55 17.73 44.50
C2 PX4 OD . 27.92 18.62 45.66
N1 PX4 OD . 27.25 19.94 45.79
C3 PX4 OD . 27.38 20.80 44.61
C4 PX4 OD . 25.83 19.83 46.14
C5 PX4 OD . 27.94 20.50 46.95
O4 PX4 OD . 27.06 15.68 42.73
C6 PX4 OD . 27.37 14.52 41.94
C7 PX4 OD . 27.32 14.77 40.42
C8 PX4 OD . 26.53 15.99 39.95
O5 PX4 OD . 25.50 15.81 38.96
C9 PX4 OD . 24.31 15.37 39.43
O6 PX4 OD . 24.16 14.69 40.45
C10 PX4 OD . 23.37 15.11 38.25
C11 PX4 OD . 23.62 13.71 37.68
C12 PX4 OD . 22.55 13.28 36.68
C13 PX4 OD . 22.61 13.91 35.28
C14 PX4 OD . 21.48 13.25 34.47
C15 PX4 OD . 21.28 13.68 33.03
C16 PX4 OD . 20.24 12.77 32.37
C17 PX4 OD . 20.08 13.43 31.01
C18 PX4 OD . 21.13 12.75 30.10
C19 PX4 OD . 21.19 13.40 28.72
C20 PX4 OD . 22.33 12.82 27.88
C21 PX4 OD . 22.25 13.54 26.53
C22 PX4 OD . 23.31 13.11 25.52
O7 PX4 OD . 28.57 14.47 39.82
C23 PX4 OD . 29.14 13.24 39.71
O8 PX4 OD . 28.48 12.27 40.09
C24 PX4 OD . 30.52 13.16 39.06
C25 PX4 OD . 30.64 14.18 37.93
C26 PX4 OD . 31.68 13.67 36.93
C27 PX4 OD . 30.96 13.05 35.73
C28 PX4 OD . 32.04 12.54 34.78
C29 PX4 OD . 31.41 11.86 33.56
C30 PX4 OD . 32.46 11.34 32.56
C31 PX4 OD . 32.89 12.57 31.76
C32 PX4 OD . 33.83 12.13 30.63
C33 PX4 OD . 34.43 13.24 29.78
C34 PX4 OD . 35.21 12.73 28.58
C35 PX4 OD . 35.79 13.89 27.73
C36 PX4 OD . 36.50 13.34 26.49
O1 PX4 PD . -6.49 27.72 51.14
O2 PX4 PD . -8.35 28.51 52.83
P1 PX4 PD . -7.69 27.50 51.97
O3 PX4 PD . -7.81 26.06 52.68
C1 PX4 PD . -9.15 25.86 53.18
C2 PX4 PD . -9.75 24.47 53.12
N1 PX4 PD . -11.12 24.23 53.58
C3 PX4 PD . -12.05 24.28 52.43
C4 PX4 PD . -11.20 22.89 54.21
C5 PX4 PD . -11.58 25.18 54.59
O4 PX4 PD . -8.95 27.13 51.03
C6 PX4 PD . -8.49 26.51 49.81
C7 PX4 PD . -9.54 26.21 48.73
C8 PX4 PD . -9.04 26.88 47.46
O5 PX4 PD . -7.66 26.75 47.09
C9 PX4 PD . -7.31 27.46 46.00
O6 PX4 PD . -8.11 28.15 45.39
C10 PX4 PD . -5.86 27.40 45.50
C11 PX4 PD . -5.85 26.40 44.34
C12 PX4 PD . -4.56 26.24 43.55
C13 PX4 PD . -4.69 25.23 42.41
C14 PX4 PD . -5.08 23.92 43.11
C15 PX4 PD . -5.35 22.84 42.06
C16 PX4 PD . -6.42 23.31 41.06
C17 PX4 PD . -6.52 22.22 39.98
C18 PX4 PD . -7.69 22.56 39.05
C19 PX4 PD . -7.86 21.34 38.13
C20 PX4 PD . -8.70 21.74 36.91
C21 PX4 PD . -8.16 22.84 36.00
C22 PX4 PD . -9.26 23.03 34.95
O7 PX4 PD . -10.01 24.87 48.68
C23 PX4 PD . -11.36 24.77 48.59
O8 PX4 PD . -12.11 25.70 48.89
C24 PX4 PD . -11.86 23.43 48.06
C25 PX4 PD . -12.12 23.53 46.57
C26 PX4 PD . -13.22 24.51 46.15
C27 PX4 PD . -13.29 24.60 44.63
C28 PX4 PD . -14.48 25.45 44.21
C29 PX4 PD . -14.53 25.66 42.69
C30 PX4 PD . -15.91 26.32 42.54
C31 PX4 PD . -16.10 26.99 41.18
C32 PX4 PD . -15.86 25.95 40.09
C33 PX4 PD . -15.96 26.55 38.67
C34 PX4 PD . -15.69 25.36 37.75
C35 PX4 PD . -15.55 25.89 36.32
C36 PX4 PD . -15.16 24.73 35.39
O1 PX4 QD . -9.86 36.52 50.07
O2 PX4 QD . -7.28 36.59 50.31
P1 PX4 QD . -8.54 37.11 49.77
O3 PX4 QD . -8.73 38.44 50.64
C1 PX4 QD . -7.47 38.99 51.03
C2 PX4 QD . -7.42 40.48 51.36
N1 PX4 QD . -7.22 41.42 50.24
C3 PX4 QD . -6.50 42.60 50.73
C4 PX4 QD . -6.59 40.90 49.03
C5 PX4 QD . -8.59 41.84 49.88
O4 PX4 QD . -8.26 37.79 48.33
C6 PX4 QD . -9.48 38.26 47.74
C7 PX4 QD . -9.42 38.09 46.22
C8 PX4 QD . -8.08 37.42 45.83
O5 PX4 QD . -7.25 38.29 45.06
C9 PX4 QD . -6.15 37.83 44.41
O6 PX4 QD . -5.82 36.66 44.24
C10 PX4 QD . -5.54 38.98 43.60
C11 PX4 QD . -5.95 38.94 42.12
C12 PX4 QD . -5.21 40.13 41.49
C13 PX4 QD . -3.88 39.65 40.90
C14 PX4 QD . -3.26 40.77 40.07
C15 PX4 QD . -1.99 40.46 39.28
C16 PX4 QD . -1.45 41.67 38.52
C17 PX4 QD . -2.33 42.35 37.47
C18 PX4 QD . -1.51 43.16 36.47
C19 PX4 QD . -2.51 43.83 35.54
C20 PX4 QD . -1.67 44.50 34.45
C21 PX4 QD . -0.74 43.57 33.69
C22 PX4 QD . -0.56 44.10 32.26
O7 PX4 QD . -10.58 37.42 45.74
C23 PX4 QD . -11.63 38.18 45.29
O8 PX4 QD . -11.76 39.36 45.61
C24 PX4 QD . -12.77 37.40 44.63
C25 PX4 QD . -12.79 37.67 43.13
C26 PX4 QD . -13.40 36.47 42.41
C27 PX4 QD . -13.98 36.86 41.05
C28 PX4 QD . -14.31 35.80 40.00
C29 PX4 QD . -13.11 35.36 39.17
C30 PX4 QD . -13.60 34.46 38.03
C31 PX4 QD . -14.50 35.24 37.06
C32 PX4 QD . -13.74 36.16 36.12
C33 PX4 QD . -14.75 36.99 35.31
C34 PX4 QD . -14.03 38.00 34.42
C35 PX4 QD . -15.02 38.70 33.49
C36 PX4 QD . -14.41 39.47 32.31
O1 PX4 RD . 3.93 13.47 50.07
O2 PX4 RD . 2.02 12.23 51.27
P1 PX4 RD . 2.85 12.45 50.07
O3 PX4 RD . 3.32 10.93 49.76
C1 PX4 RD . 3.75 10.84 48.40
C2 PX4 RD . 4.00 9.36 48.01
N1 PX4 RD . 2.79 8.56 47.84
C3 PX4 RD . 3.30 7.19 47.67
C4 PX4 RD . 1.85 8.51 48.96
C5 PX4 RD . 1.96 8.84 46.66
O4 PX4 RD . 1.91 12.51 48.76
C6 PX4 RD . 0.52 12.23 48.92
C7 PX4 RD . -0.37 12.67 47.76
C8 PX4 RD . 0.32 13.78 46.96
O5 PX4 RD . -0.57 14.84 46.58
C9 PX4 RD . 0.04 16.06 46.47
O6 PX4 RD . 1.19 16.22 46.86
C10 PX4 RD . -0.78 17.21 45.91
C11 PX4 RD . -0.11 17.65 44.60
C12 PX4 RD . -0.82 18.93 44.18
C13 PX4 RD . -0.61 19.33 42.71
C14 PX4 RD . -0.98 18.16 41.79
C15 PX4 RD . -1.05 18.70 40.36
C16 PX4 RD . -0.95 17.45 39.49
C17 PX4 RD . -0.75 17.80 38.02
C18 PX4 RD . -0.92 16.53 37.17
C19 PX4 RD . -0.73 16.76 35.67
C20 PX4 RD . -1.51 17.94 35.10
C21 PX4 RD . -1.20 18.11 33.61
C22 PX4 RD . -2.07 19.19 32.96
O7 PX4 RD . -0.81 11.58 46.95
C23 PX4 RD . -2.09 11.26 47.27
O8 PX4 RD . -2.45 11.20 48.44
C24 PX4 RD . -2.75 10.33 46.27
C25 PX4 RD . -4.27 10.56 46.29
C26 PX4 RD . -4.47 10.57 44.77
C27 PX4 RD . -5.92 10.87 44.44
C28 PX4 RD . -5.95 10.72 42.91
C29 PX4 RD . -5.21 9.41 42.67
C30 PX4 RD . -4.82 9.22 41.20
C31 PX4 RD . -4.13 7.88 40.98
C32 PX4 RD . -3.89 7.59 39.49
C33 PX4 RD . -5.20 7.23 38.78
C34 PX4 RD . -5.00 7.10 37.27
C35 PX4 RD . -6.42 6.92 36.70
C36 PX4 RD . -6.99 5.60 37.22
O1 PX4 SD . 9.58 8.48 46.02
O2 PX4 SD . 7.91 6.49 46.43
P1 PX4 SD . 9.27 7.05 46.23
O3 PX4 SD . 10.16 6.48 47.44
C1 PX4 SD . 11.24 7.41 47.53
C2 PX4 SD . 12.23 7.13 48.66
N1 PX4 SD . 13.36 8.06 48.69
C3 PX4 SD . 14.16 7.88 49.92
C4 PX4 SD . 14.37 7.70 47.69
C5 PX4 SD . 12.99 9.47 48.62
O4 PX4 SD . 10.05 6.16 45.14
C6 PX4 SD . 9.89 4.76 45.38
C7 PX4 SD . 9.69 3.82 44.19
C8 PX4 SD . 8.87 4.49 43.10
O5 PX4 SD . 7.99 3.65 42.38
C9 PX4 SD . 6.82 3.20 42.92
O6 PX4 SD . 6.52 3.58 44.05
C10 PX4 SD . 5.98 2.12 42.24
C11 PX4 SD . 4.76 2.69 41.51
C12 PX4 SD . 4.01 1.60 40.74
C13 PX4 SD . 2.74 2.20 40.12
C14 PX4 SD . 1.71 2.66 41.14
C15 PX4 SD . 0.68 3.55 40.44
C16 PX4 SD . 1.35 4.72 39.71
C17 PX4 SD . 0.46 5.37 38.65
C18 PX4 SD . 1.32 6.10 37.61
C19 PX4 SD . 0.45 6.93 36.66
C20 PX4 SD . -0.33 7.89 37.56
C21 PX4 SD . -0.99 9.00 36.75
C22 PX4 SD . 0.09 9.72 35.94
O7 PX4 SD . 10.88 3.12 43.79
C23 PX4 SD . 11.19 1.86 44.16
O8 PX4 SD . 10.52 1.38 45.09
C24 PX4 SD . 12.53 1.33 43.66
C25 PX4 SD . 13.67 2.35 43.83
C26 PX4 SD . 14.95 2.02 43.05
C27 PX4 SD . 16.10 2.94 43.48
C28 PX4 SD . 17.32 2.50 42.68
C29 PX4 SD . 16.98 1.98 41.28
C30 PX4 SD . 18.26 1.52 40.57
C31 PX4 SD . 18.20 1.76 39.06
C32 PX4 SD . 19.50 1.14 38.52
C33 PX4 SD . 19.51 1.35 37.01
C34 PX4 SD . 20.60 0.61 36.25
C35 PX4 SD . 20.04 0.28 34.85
C36 PX4 SD . 21.24 -0.03 33.95
O1 PX4 TD . 7.54 8.09 49.37
O2 PX4 TD . 9.43 9.94 49.10
P1 PX4 TD . 8.05 9.43 49.00
O3 PX4 TD . 7.33 10.23 50.20
C1 PX4 TD . 8.17 10.20 51.35
C2 PX4 TD . 7.78 11.07 52.55
N1 PX4 TD . 7.95 12.54 52.58
C3 PX4 TD . 9.39 12.87 52.63
C4 PX4 TD . 7.34 13.17 51.41
C5 PX4 TD . 7.32 13.07 53.78
O4 PX4 TD . 7.30 10.13 47.77
C6 PX4 TD . 7.65 11.50 47.61
C7 PX4 TD . 7.29 12.03 46.23
C8 PX4 TD . 7.58 10.81 45.35
O5 PX4 TD . 7.90 11.03 43.97
C9 PX4 TD . 7.87 9.91 43.20
O6 PX4 TD . 7.62 8.78 43.67
C10 PX4 TD . 8.20 10.04 41.72
C11 PX4 TD . 7.52 11.23 41.04
C12 PX4 TD . 8.18 11.40 39.67
C13 PX4 TD . 8.17 10.05 38.94
C14 PX4 TD . 8.92 10.24 37.61
C15 PX4 TD . 8.94 8.92 36.83
C16 PX4 TD . 7.51 8.69 36.35
C17 PX4 TD . 7.01 9.89 35.52
C18 PX4 TD . 5.64 9.59 34.92
C19 PX4 TD . 4.66 9.26 36.06
C20 PX4 TD . 4.33 10.42 37.01
C21 PX4 TD . 3.44 9.83 38.09
C22 PX4 TD . 2.77 10.94 38.93
O7 PX4 TD . 5.98 12.57 46.03
C23 PX4 TD . 5.81 13.85 46.47
O8 PX4 TD . 6.76 14.50 46.90
C24 PX4 TD . 4.51 14.53 46.11
C25 PX4 TD . 4.71 15.58 45.00
C26 PX4 TD . 3.44 15.78 44.17
C27 PX4 TD . 2.87 14.44 43.71
C28 PX4 TD . 1.73 14.53 42.68
C29 PX4 TD . 1.37 13.15 42.13
C30 PX4 TD . 1.04 12.19 43.29
C31 PX4 TD . 0.28 11.01 42.66
C32 PX4 TD . -0.15 9.91 43.63
C33 PX4 TD . -0.64 8.71 42.83
C34 PX4 TD . -1.31 7.63 43.68
C35 PX4 TD . -1.36 6.35 42.87
C36 PX4 TD . -2.22 5.32 43.60
O1 PX4 UD . 11.06 19.98 49.50
O2 PX4 UD . 12.71 18.06 49.02
P1 PX4 UD . 12.00 19.29 48.59
O3 PX4 UD . 13.05 20.50 48.44
C1 PX4 UD . 12.42 21.77 48.34
C2 PX4 UD . 13.49 22.88 48.37
N1 PX4 UD . 13.14 24.31 48.48
C3 PX4 UD . 14.42 24.95 48.84
C4 PX4 UD . 12.88 24.92 47.17
C5 PX4 UD . 12.00 24.56 49.37
O4 PX4 UD . 11.45 19.25 47.09
C6 PX4 UD . 12.45 19.11 46.07
C7 PX4 UD . 11.87 19.17 44.67
C8 PX4 UD . 10.37 18.85 44.69
O5 PX4 UD . 10.06 17.47 44.49
C9 PX4 UD . 8.75 17.09 44.34
O6 PX4 UD . 7.85 17.92 44.48
C10 PX4 UD . 8.52 15.59 44.11
C11 PX4 UD . 8.18 15.25 42.68
C12 PX4 UD . 6.75 15.73 42.32
C13 PX4 UD . 6.49 15.15 40.94
C14 PX4 UD . 5.02 15.23 40.48
C15 PX4 UD . 4.89 14.73 39.03
C16 PX4 UD . 3.48 15.00 38.50
C17 PX4 UD . 3.11 14.42 37.14
C18 PX4 UD . 4.11 14.71 36.02
C19 PX4 UD . 3.66 13.99 34.76
C20 PX4 UD . 2.28 14.51 34.32
C21 PX4 UD . 1.90 13.90 32.98
C22 PX4 UD . 1.76 12.39 33.23
O7 PX4 UD . 12.35 20.29 43.92
C23 PX4 UD . 13.58 20.20 43.35
O8 PX4 UD . 14.47 19.52 43.85
C24 PX4 UD . 13.95 21.34 42.40
C25 PX4 UD . 13.41 21.04 40.99
C26 PX4 UD . 11.98 21.57 40.79
C27 PX4 UD . 11.66 21.38 39.30
C28 PX4 UD . 12.87 21.81 38.47
C29 PX4 UD . 12.66 22.06 36.97
C30 PX4 UD . 13.87 22.64 36.25
C31 PX4 UD . 14.19 24.04 36.78
C32 PX4 UD . 15.43 24.60 36.05
C33 PX4 UD . 15.23 24.58 34.53
C34 PX4 UD . 16.59 24.49 33.82
C35 PX4 UD . 16.44 24.50 32.29
C36 PX4 UD . 15.78 23.18 31.91
O1 PX4 VD . 17.06 10.48 47.55
O2 PX4 VD . 17.88 8.26 46.69
P1 PX4 VD . 17.92 9.73 46.62
O3 PX4 VD . 19.50 10.01 46.84
C1 PX4 VD . 20.25 9.81 45.64
C2 PX4 VD . 21.76 9.99 45.86
N1 PX4 VD . 22.53 8.95 46.54
C3 PX4 VD . 23.92 9.32 46.80
C4 PX4 VD . 21.96 8.49 47.81
C5 PX4 VD . 22.60 7.80 45.62
O4 PX4 VD . 17.73 10.21 45.10
C6 PX4 VD . 16.31 10.27 44.87
C7 PX4 VD . 15.91 9.70 43.50
C8 PX4 VD . 17.03 9.98 42.48
O5 PX4 VD . 16.70 10.49 41.18
C9 PX4 VD . 17.78 10.91 40.47
O6 PX4 VD . 18.88 10.85 41.03
C10 PX4 VD . 17.48 11.39 39.05
C11 PX4 VD . 16.78 12.74 39.02
C12 PX4 VD . 16.42 13.24 37.62
C13 PX4 VD . 15.72 14.59 37.73
C14 PX4 VD . 14.78 14.81 36.54
C15 PX4 VD . 13.56 15.72 36.77
C16 PX4 VD . 12.53 15.55 35.68
C17 PX4 VD . 11.97 14.13 35.45
C18 PX4 VD . 10.71 14.09 34.58
C19 PX4 VD . 10.06 12.70 34.62
C20 PX4 VD . 8.77 12.70 33.82
C21 PX4 VD . 9.03 12.97 32.34
C22 PX4 VD . 7.84 12.57 31.47
O7 PX4 VD . 15.55 8.32 43.65
C23 PX4 VD . 14.26 7.90 43.77
O8 PX4 VD . 13.54 8.49 44.57
C24 PX4 VD . 13.78 6.64 43.05
C25 PX4 VD . 12.77 6.95 41.96
C26 PX4 VD . 12.86 6.09 40.69
C27 PX4 VD . 11.73 6.37 39.71
C28 PX4 VD . 11.76 5.23 38.69
C29 PX4 VD . 11.11 3.92 39.13
C30 PX4 VD . 11.80 2.67 38.59
C31 PX4 VD . 10.95 1.42 38.91
C32 PX4 VD . 9.48 1.59 38.54
C33 PX4 VD . 8.67 0.37 39.02
C34 PX4 VD . 7.31 0.45 38.34
C35 PX4 VD . 6.41 -0.76 38.57
C36 PX4 VD . 5.13 -0.82 37.74
O1 PX4 WD . 28.73 1.93 46.17
O2 PX4 WD . 26.27 1.97 47.09
P1 PX4 WD . 27.60 1.35 46.94
O3 PX4 WD . 27.92 0.42 48.22
C1 PX4 WD . 29.29 0.00 48.10
C2 PX4 WD . 29.61 -0.81 49.36
N1 PX4 WD . 30.66 -1.80 49.13
C3 PX4 WD . 31.89 -1.22 48.57
C4 PX4 WD . 30.84 -2.32 50.49
C5 PX4 WD . 30.28 -2.87 48.22
O4 PX4 WD . 27.22 0.13 45.96
C6 PX4 WD . 26.90 0.69 44.68
C7 PX4 WD . 26.81 -0.42 43.64
C8 PX4 WD . 25.33 -0.64 43.31
O5 PX4 WD . 24.56 0.54 43.08
C9 PX4 WD . 23.23 0.30 42.97
O6 PX4 WD . 22.76 -0.77 43.36
C10 PX4 WD . 22.47 1.62 42.72
C11 PX4 WD . 22.87 2.21 41.38
C12 PX4 WD . 22.16 3.53 41.10
C13 PX4 WD . 22.70 4.22 39.85
C14 PX4 WD . 22.56 3.24 38.68
C15 PX4 WD . 23.12 3.92 37.43
C16 PX4 WD . 23.65 2.83 36.49
C17 PX4 WD . 24.22 3.27 35.15
C18 PX4 WD . 23.24 4.18 34.42
C19 PX4 WD . 23.88 4.60 33.10
C20 PX4 WD . 24.10 3.37 32.21
C21 PX4 WD . 24.60 3.75 30.81
C22 PX4 WD . 25.95 4.42 30.96
O7 PX4 WD . 27.64 -0.30 42.48
C23 PX4 WD . 28.51 -1.30 42.17
O8 PX4 WD . 28.75 -2.21 42.96
C24 PX4 WD . 29.27 -1.16 40.85
C25 PX4 WD . 28.36 -1.82 39.81
C26 PX4 WD . 28.88 -1.83 38.37
C27 PX4 WD . 27.93 -2.73 37.58
C28 PX4 WD . 28.71 -3.63 36.60
C29 PX4 WD . 29.67 -2.81 35.73
C30 PX4 WD . 30.82 -3.72 35.31
C31 PX4 WD . 30.38 -4.92 34.48
C32 PX4 WD . 31.69 -5.52 33.98
C33 PX4 WD . 31.38 -6.83 33.28
C34 PX4 WD . 30.37 -6.53 32.18
C35 PX4 WD . 30.20 -7.89 31.51
C36 PX4 WD . 31.13 -8.03 30.29
O1 PX4 XD . -11.62 30.76 50.08
O2 PX4 XD . -9.54 29.69 48.81
P1 PX4 XD . -10.24 30.78 49.52
O3 PX4 XD . -9.20 31.79 50.22
C1 PX4 XD . -10.14 32.79 50.66
C2 PX4 XD . -9.61 33.71 51.76
N1 PX4 XD . -10.39 34.27 52.88
C3 PX4 XD . -9.43 35.21 53.48
C4 PX4 XD . -11.48 35.05 52.29
C5 PX4 XD . -10.77 33.22 53.83
O4 PX4 XD . -10.46 31.91 48.39
C6 PX4 XD . -10.67 31.05 47.26
C7 PX4 XD . -10.54 31.70 45.88
C8 PX4 XD . -9.10 31.45 45.44
O5 PX4 XD . -8.57 32.07 44.26
C9 PX4 XD . -8.15 33.32 44.55
O6 PX4 XD . -7.56 33.68 45.55
C10 PX4 XD . -8.00 34.29 43.36
C11 PX4 XD . -9.02 34.15 42.23
C12 PX4 XD . -8.66 35.23 41.21
C13 PX4 XD . -7.34 34.89 40.51
C14 PX4 XD . -6.76 36.18 39.92
C15 PX4 XD . -5.47 35.76 39.21
C16 PX4 XD . -4.88 37.01 38.55
C17 PX4 XD . -3.86 36.70 37.44
C18 PX4 XD . -3.35 37.95 36.71
C19 PX4 XD . -1.97 37.76 36.08
C20 PX4 XD . -1.61 38.82 35.04
C21 PX4 XD . -2.45 38.90 33.77
C22 PX4 XD . -1.82 39.59 32.56
O7 PX4 XD . -11.59 31.25 45.03
C23 PX4 XD . -11.95 32.08 44.01
O8 PX4 XD . -11.73 33.28 44.17
C24 PX4 XD . -12.94 31.56 42.99
C25 PX4 XD . -13.17 32.51 41.80
C26 PX4 XD . -14.24 32.09 40.80
C27 PX4 XD . -14.08 30.76 40.08
C28 PX4 XD . -15.19 30.53 39.04
C29 PX4 XD . -14.87 30.84 37.57
C30 PX4 XD . -15.82 30.03 36.69
C31 PX4 XD . -15.44 29.99 35.22
C32 PX4 XD . -16.41 29.12 34.44
C33 PX4 XD . -16.14 29.42 32.96
C34 PX4 XD . -16.68 28.26 32.14
C35 PX4 XD . -16.25 28.33 30.66
C36 PX4 XD . -16.83 27.10 29.95
O1 PX4 YD . 10.76 28.70 46.77
O2 PX4 YD . 8.19 28.24 46.81
P1 PX4 YD . 9.59 27.81 46.94
O3 PX4 YD . 9.67 27.25 48.45
C1 PX4 YD . 8.47 26.53 48.77
C2 PX4 YD . 7.83 26.86 50.12
N1 PX4 YD . 7.04 28.07 50.34
C3 PX4 YD . 5.72 28.01 49.70
C4 PX4 YD . 6.99 27.99 51.81
C5 PX4 YD . 7.77 29.27 49.93
O4 PX4 YD . 9.72 26.50 46.03
C6 PX4 YD . 9.63 27.04 44.71
C7 PX4 YD . 9.23 26.15 43.54
C8 PX4 YD . 7.86 26.43 42.94
O5 PX4 YD . 7.51 27.81 43.05
C9 PX4 YD . 6.51 28.13 42.17
O6 PX4 YD . 6.29 27.42 41.21
C10 PX4 YD . 6.07 29.59 42.32
C11 PX4 YD . 4.79 29.87 41.52
C12 PX4 YD . 4.15 31.18 41.96
C13 PX4 YD . 3.03 31.79 41.11
C14 PX4 YD . 2.31 32.88 41.92
C15 PX4 YD . 1.24 33.64 41.13
C16 PX4 YD . 0.18 32.62 40.71
C17 PX4 YD . -0.76 33.23 39.66
C18 PX4 YD . -1.72 32.15 39.18
C19 PX4 YD . -2.77 32.61 38.16
C20 PX4 YD . -3.92 31.61 37.99
C21 PX4 YD . -4.84 32.18 36.91
C22 PX4 YD . -6.08 31.27 36.80
O7 PX4 YD . 10.24 26.09 42.51
C23 PX4 YD . 11.31 25.30 42.73
O8 PX4 YD . 11.27 24.55 43.71
C24 PX4 YD . 12.35 25.34 41.61
C25 PX4 YD . 13.65 25.95 42.12
C26 PX4 YD . 14.70 26.18 41.03
C27 PX4 YD . 15.95 26.79 41.65
C28 PX4 YD . 17.03 27.18 40.63
C29 PX4 YD . 16.35 27.99 39.52
C30 PX4 YD . 17.51 28.67 38.77
C31 PX4 YD . 18.28 27.54 38.08
C32 PX4 YD . 19.59 27.96 37.40
C33 PX4 YD . 20.42 28.75 38.41
C34 PX4 YD . 21.65 29.43 37.79
C35 PX4 YD . 21.33 30.59 36.86
C36 PX4 YD . 22.62 31.22 36.34
O1 PX4 ZD . 16.61 27.93 50.11
O2 PX4 ZD . 19.07 27.89 49.19
P1 PX4 ZD . 17.73 28.50 49.33
O3 PX4 ZD . 17.81 30.04 49.82
C1 PX4 ZD . 19.13 30.58 49.70
C2 PX4 ZD . 19.41 31.82 50.55
N1 PX4 ZD . 20.73 32.42 50.78
C3 PX4 ZD . 21.34 32.89 49.53
C4 PX4 ZD . 20.77 33.34 51.93
C5 PX4 ZD . 21.71 31.43 51.29
O4 PX4 ZD . 17.19 28.86 47.85
C6 PX4 ZD . 17.20 27.57 47.26
C7 PX4 ZD . 16.53 27.46 45.89
C8 PX4 ZD . 16.53 28.88 45.35
O5 PX4 ZD . 15.20 29.18 44.93
C9 PX4 ZD . 15.09 30.31 44.17
O6 PX4 ZD . 16.04 30.75 43.51
C10 PX4 ZD . 13.66 30.65 43.74
C11 PX4 ZD . 13.20 29.75 42.59
C12 PX4 ZD . 11.78 30.01 42.08
C13 PX4 ZD . 11.40 29.10 40.91
C14 PX4 ZD . 9.94 29.50 40.66
C15 PX4 ZD . 9.52 29.06 39.25
C16 PX4 ZD . 8.04 29.07 38.90
C17 PX4 ZD . 7.81 28.76 37.42
C18 PX4 ZD . 6.41 29.07 36.87
C19 PX4 ZD . 6.40 28.78 35.36
C20 PX4 ZD . 5.09 28.99 34.62
C21 PX4 ZD . 5.28 28.40 33.23
C22 PX4 ZD . 4.07 28.61 32.30
O7 PX4 ZD . 17.06 26.45 45.02
C23 PX4 ZD . 16.54 25.20 44.99
O8 PX4 ZD . 15.80 24.83 45.90
C24 PX4 ZD . 17.07 24.32 43.85
C25 PX4 ZD . 18.29 23.63 44.48
C26 PX4 ZD . 19.12 22.74 43.53
C27 PX4 ZD . 19.21 23.50 42.21
C28 PX4 ZD . 19.55 22.47 41.13
C29 PX4 ZD . 20.15 23.24 39.95
C30 PX4 ZD . 20.77 22.36 38.86
C31 PX4 ZD . 21.22 23.16 37.64
C32 PX4 ZD . 21.78 22.31 36.49
C33 PX4 ZD . 22.39 23.19 35.39
C34 PX4 ZD . 21.42 24.29 34.96
C35 PX4 ZD . 22.12 25.20 33.96
C36 PX4 ZD . 21.28 26.48 33.93
O1 PX4 AE . -1.62 20.75 53.63
O2 PX4 AE . 0.45 19.29 52.99
P1 PX4 AE . -0.48 20.43 52.75
O3 PX4 AE . 0.54 21.68 52.59
C1 PX4 AE . -0.16 22.86 52.24
C2 PX4 AE . 0.71 24.07 52.63
N1 PX4 AE . 0.93 24.35 54.06
C3 PX4 AE . 1.73 23.49 54.93
C4 PX4 AE . 1.47 25.71 54.14
C5 PX4 AE . -0.42 24.43 54.67
O4 PX4 AE . -0.96 20.52 51.22
C6 PX4 AE . -0.06 19.78 50.39
C7 PX4 AE . -0.42 19.68 48.90
C8 PX4 AE . -1.91 20.03 48.85
O5 PX4 AE . -2.73 19.23 47.99
C9 PX4 AE . -4.08 19.45 47.94
O6 PX4 AE . -4.57 20.23 48.77
C10 PX4 AE . -5.04 18.72 47.02
C11 PX4 AE . -4.65 19.22 45.63
C12 PX4 AE . -5.22 18.39 44.48
C13 PX4 AE . -6.69 18.71 44.21
C14 PX4 AE . -7.20 17.99 42.96
C15 PX4 AE . -8.36 18.83 42.42
C16 PX4 AE . -8.90 18.11 41.19
C17 PX4 AE . -7.84 18.17 40.08
C18 PX4 AE . -8.31 17.52 38.77
C19 PX4 AE . -7.35 17.79 37.60
C20 PX4 AE . -5.98 17.19 37.89
C21 PX4 AE . -5.11 17.27 36.63
C22 PX4 AE . -5.82 16.50 35.52
O7 PX4 AE . 0.33 20.59 48.07
C23 PX4 AE . 1.44 20.26 47.37
O8 PX4 AE . 2.35 19.66 47.96
C24 PX4 AE . 1.68 21.35 46.32
C25 PX4 AE . 3.10 21.24 45.77
C26 PX4 AE . 3.06 20.23 44.62
C27 PX4 AE . 4.40 20.01 43.90
C28 PX4 AE . 4.14 19.19 42.63
C29 PX4 AE . 3.22 20.07 41.80
C30 PX4 AE . 2.99 19.51 40.39
C31 PX4 AE . 2.33 20.58 39.52
C32 PX4 AE . 2.09 20.13 38.09
C33 PX4 AE . 3.40 19.58 37.51
C34 PX4 AE . 3.27 19.13 36.05
C35 PX4 AE . 3.46 20.33 35.13
C36 PX4 AE . 3.25 19.98 33.65
N PHE A 1 15.17 -3.61 -13.00
CA PHE A 1 14.49 -4.26 -11.87
C PHE A 1 13.34 -3.41 -11.38
N ARG A 2 12.28 -4.02 -10.86
CA ARG A 2 11.17 -3.44 -10.12
C ARG A 2 11.17 -3.82 -8.64
N GLU A 3 12.07 -4.71 -8.21
CA GLU A 3 12.18 -5.33 -6.91
C GLU A 3 13.08 -4.40 -6.09
N MET A 4 12.85 -4.30 -4.78
CA MET A 4 13.52 -3.45 -3.82
C MET A 4 14.93 -4.02 -3.64
N PRO A 5 15.95 -3.17 -3.66
CA PRO A 5 17.28 -3.63 -3.33
C PRO A 5 17.64 -3.83 -1.87
N GLY A 6 18.49 -4.82 -1.64
CA GLY A 6 18.94 -5.19 -0.32
C GLY A 6 18.64 -6.67 -0.12
N GLY A 7 18.13 -7.00 1.06
CA GLY A 7 17.63 -8.31 1.46
C GLY A 7 16.19 -8.17 1.92
N PRO A 8 15.13 -8.07 1.11
CA PRO A 8 13.80 -8.28 1.59
C PRO A 8 13.46 -9.76 1.72
N VAL A 9 13.10 -10.13 2.94
CA VAL A 9 12.24 -11.25 3.22
C VAL A 9 11.18 -10.84 4.24
N TRP A 10 10.28 -11.81 4.44
CA TRP A 10 9.19 -11.73 5.39
C TRP A 10 8.91 -13.04 6.10
N ARG A 11 8.92 -14.12 5.31
CA ARG A 11 8.77 -15.54 5.59
C ARG A 11 7.35 -16.09 5.62
N LYS A 12 6.36 -15.20 5.61
CA LYS A 12 4.94 -15.51 5.53
C LYS A 12 4.46 -15.54 4.08
N HIS A 13 3.41 -16.35 3.87
CA HIS A 13 2.69 -16.60 2.64
C HIS A 13 1.27 -16.05 2.69
N TYR A 14 0.61 -16.45 3.78
CA TYR A 14 -0.66 -15.92 4.22
C TYR A 14 -0.35 -14.76 5.14
N ILE A 15 -0.48 -13.49 4.74
CA ILE A 15 -0.13 -12.27 5.45
C ILE A 15 -1.38 -11.47 5.81
N THR A 16 -1.57 -11.02 7.07
CA THR A 16 -2.84 -10.61 7.61
C THR A 16 -2.78 -9.17 8.10
N TYR A 17 -3.94 -8.51 8.08
CA TYR A 17 -4.04 -7.07 8.22
C TYR A 17 -5.17 -6.84 9.22
N ARG A 18 -5.16 -5.60 9.76
CA ARG A 18 -6.22 -4.90 10.44
C ARG A 18 -6.13 -3.47 9.92
N ILE A 19 -7.24 -2.73 9.98
CA ILE A 19 -7.31 -1.29 9.84
C ILE A 19 -7.48 -0.72 11.24
N ASN A 20 -6.56 0.09 11.74
CA ASN A 20 -6.38 0.38 13.16
C ASN A 20 -7.23 1.59 13.51
N ASN A 21 -7.46 2.49 12.55
CA ASN A 21 -8.31 3.64 12.72
C ASN A 21 -9.03 3.95 11.42
N TYR A 22 -10.25 4.49 11.42
CA TYR A 22 -10.98 5.11 10.33
C TYR A 22 -10.92 6.63 10.34
N THR A 23 -10.36 7.22 9.29
CA THR A 23 -10.23 8.64 9.04
C THR A 23 -11.60 9.32 9.07
N PRO A 24 -11.77 10.58 9.50
CA PRO A 24 -13.01 11.26 9.26
C PRO A 24 -13.20 11.74 7.82
N ASP A 25 -12.23 11.54 6.93
CA ASP A 25 -12.36 12.01 5.57
C ASP A 25 -13.21 11.10 4.68
N MET A 26 -13.40 9.86 5.13
CA MET A 26 -14.12 8.87 4.36
C MET A 26 -15.20 8.13 5.12
N ASN A 27 -16.06 7.46 4.35
CA ASN A 27 -16.97 6.45 4.87
C ASN A 27 -16.11 5.24 5.12
N ARG A 28 -16.19 4.59 6.28
CA ARG A 28 -15.45 3.42 6.73
C ARG A 28 -15.24 2.28 5.73
N GLU A 29 -16.26 1.95 4.91
CA GLU A 29 -16.32 1.06 3.77
C GLU A 29 -15.47 1.59 2.62
N ASP A 30 -15.32 2.89 2.38
CA ASP A 30 -14.60 3.37 1.22
C ASP A 30 -13.09 3.27 1.46
N VAL A 31 -12.70 3.39 2.74
CA VAL A 31 -11.36 3.17 3.21
C VAL A 31 -11.04 1.68 3.17
N ASP A 32 -12.00 0.85 3.54
CA ASP A 32 -11.88 -0.60 3.60
C ASP A 32 -11.83 -1.24 2.21
N TYR A 33 -12.59 -0.73 1.25
CA TYR A 33 -12.62 -1.09 -0.15
C TYR A 33 -11.31 -0.67 -0.76
N ALA A 34 -10.68 0.48 -0.54
CA ALA A 34 -9.43 0.82 -1.18
C ALA A 34 -8.32 -0.16 -0.80
N ILE A 35 -8.21 -0.46 0.49
CA ILE A 35 -7.24 -1.33 1.13
C ILE A 35 -7.44 -2.75 0.62
N ARG A 36 -8.67 -3.28 0.59
CA ARG A 36 -9.06 -4.57 0.07
C ARG A 36 -8.71 -4.69 -1.41
N LYS A 37 -9.16 -3.75 -2.23
CA LYS A 37 -8.85 -3.67 -3.63
C LYS A 37 -7.35 -3.67 -3.91
N ALA A 38 -6.54 -2.90 -3.18
CA ALA A 38 -5.10 -2.82 -3.23
C ALA A 38 -4.40 -4.12 -2.85
N PHE A 39 -4.97 -4.99 -2.02
CA PHE A 39 -4.41 -6.30 -1.79
C PHE A 39 -4.81 -7.28 -2.91
N GLN A 40 -6.00 -7.12 -3.46
CA GLN A 40 -6.59 -8.00 -4.47
C GLN A 40 -5.80 -8.17 -5.75
N VAL A 41 -5.23 -7.06 -6.23
CA VAL A 41 -4.57 -6.99 -7.52
C VAL A 41 -3.22 -7.67 -7.36
N TRP A 42 -2.51 -7.53 -6.24
CA TRP A 42 -1.34 -8.35 -6.02
C TRP A 42 -1.51 -9.84 -5.75
N SER A 43 -2.59 -10.21 -5.05
CA SER A 43 -2.97 -11.60 -4.90
C SER A 43 -3.58 -12.31 -6.10
N ASN A 44 -3.99 -11.61 -7.17
CA ASN A 44 -4.53 -12.14 -8.41
C ASN A 44 -3.50 -12.92 -9.20
N VAL A 45 -2.20 -12.69 -9.01
CA VAL A 45 -1.06 -12.97 -9.86
C VAL A 45 0.12 -13.58 -9.11
N THR A 46 -0.06 -13.87 -7.82
CA THR A 46 0.86 -14.59 -6.96
C THR A 46 -0.05 -15.40 -6.02
N PRO A 47 0.39 -16.53 -5.46
CA PRO A 47 -0.45 -17.29 -4.57
C PRO A 47 -0.51 -16.83 -3.11
N LEU A 48 0.01 -15.65 -2.79
CA LEU A 48 -0.01 -15.00 -1.49
C LEU A 48 -1.47 -14.83 -1.13
N LYS A 49 -1.82 -14.59 0.14
CA LYS A 49 -3.11 -14.40 0.77
C LYS A 49 -3.07 -13.25 1.77
N PHE A 50 -4.16 -12.48 1.75
CA PHE A 50 -4.41 -11.25 2.47
C PHE A 50 -5.89 -11.33 2.83
N SER A 51 -6.15 -11.32 4.14
CA SER A 51 -7.45 -11.43 4.76
C SER A 51 -7.35 -10.67 6.09
N LYS A 52 -8.50 -10.15 6.54
CA LYS A 52 -8.59 -9.33 7.72
C LYS A 52 -8.87 -10.21 8.93
N ILE A 53 -8.05 -10.13 9.97
CA ILE A 53 -8.34 -10.79 11.24
C ILE A 53 -9.21 -9.85 12.06
N ASN A 54 -10.14 -10.41 12.83
CA ASN A 54 -10.96 -9.79 13.85
C ASN A 54 -10.20 -9.67 15.17
N THR A 55 -9.11 -10.40 15.41
CA THR A 55 -8.42 -10.49 16.69
C THR A 55 -6.99 -10.82 16.27
N GLY A 56 -6.06 -10.12 16.91
CA GLY A 56 -4.67 -10.52 17.02
C GLY A 56 -3.86 -9.41 16.36
N MET A 57 -2.63 -9.80 16.02
CA MET A 57 -1.59 -8.94 15.51
C MET A 57 -1.61 -8.99 13.98
N ALA A 58 -1.68 -7.81 13.37
CA ALA A 58 -1.68 -7.54 11.94
C ALA A 58 -0.23 -7.58 11.48
N ASP A 59 0.03 -8.32 10.40
CA ASP A 59 1.30 -8.20 9.70
C ASP A 59 1.47 -6.86 9.01
N ILE A 60 0.42 -6.47 8.27
CA ILE A 60 0.23 -5.11 7.83
C ILE A 60 -0.77 -4.46 8.77
N LEU A 61 -0.33 -3.58 9.68
CA LEU A 61 -1.17 -2.66 10.43
C LEU A 61 -1.30 -1.50 9.47
N VAL A 62 -2.53 -1.29 8.94
CA VAL A 62 -2.95 -0.12 8.21
C VAL A 62 -3.42 0.77 9.34
N VAL A 63 -2.91 2.01 9.38
CA VAL A 63 -2.99 3.03 10.40
C VAL A 63 -2.90 4.39 9.72
N PHE A 64 -3.72 5.35 10.16
CA PHE A 64 -3.82 6.71 9.66
C PHE A 64 -3.48 7.66 10.79
N ALA A 65 -2.30 8.30 10.77
CA ALA A 65 -1.72 9.12 11.82
C ALA A 65 -1.19 10.46 11.34
N ARG A 66 -0.99 11.38 12.28
CA ARG A 66 -0.53 12.75 12.10
C ARG A 66 0.60 13.09 13.05
N GLY A 67 1.61 13.69 12.42
CA GLY A 67 2.72 14.36 13.05
C GLY A 67 3.95 13.46 13.07
N ALA A 68 4.79 13.72 14.07
CA ALA A 68 5.88 12.85 14.48
C ALA A 68 5.11 11.98 15.46
N HIS A 69 4.59 10.90 14.87
CA HIS A 69 3.65 10.01 15.50
C HIS A 69 4.38 8.84 16.16
N GLY A 70 5.70 8.78 16.02
CA GLY A 70 6.60 7.69 16.35
C GLY A 70 7.17 7.31 15.00
N ASP A 71 8.10 6.36 14.94
CA ASP A 71 8.66 5.76 13.73
C ASP A 71 9.80 6.62 13.20
N PHE A 72 10.20 7.69 13.89
CA PHE A 72 11.43 8.43 13.73
C PHE A 72 11.63 9.05 12.35
N HIS A 73 10.62 9.76 11.83
CA HIS A 73 10.56 10.30 10.48
C HIS A 73 9.76 11.60 10.38
N ALA A 74 8.49 11.63 10.77
CA ALA A 74 7.47 12.68 10.72
C ALA A 74 6.62 12.81 9.47
N PHE A 75 5.30 12.77 9.62
CA PHE A 75 4.25 13.24 8.73
C PHE A 75 4.13 14.76 8.79
N ASP A 76 3.45 15.36 7.81
CA ASP A 76 3.94 16.60 7.25
C ASP A 76 2.90 17.65 6.88
N GLY A 77 1.64 17.38 7.17
CA GLY A 77 0.58 18.27 6.73
C GLY A 77 -0.08 17.80 5.45
N LYS A 78 -1.05 18.53 4.89
CA LYS A 78 -1.67 18.18 3.63
C LYS A 78 -0.72 18.55 2.50
N GLY A 79 -0.37 17.60 1.64
CA GLY A 79 0.73 17.73 0.69
C GLY A 79 1.84 16.77 1.08
N GLY A 80 2.68 16.37 0.13
CA GLY A 80 4.05 16.04 0.48
C GLY A 80 4.07 14.53 0.69
N ILE A 81 4.42 14.00 1.87
CA ILE A 81 4.35 12.61 2.24
C ILE A 81 2.86 12.30 2.36
N LEU A 82 2.40 11.21 1.78
CA LEU A 82 1.02 10.74 1.76
C LEU A 82 0.99 9.40 2.48
N ALA A 83 1.97 8.53 2.19
CA ALA A 83 1.99 7.20 2.77
C ALA A 83 3.41 6.79 3.09
N HIS A 84 3.74 6.34 4.31
CA HIS A 84 5.00 5.86 4.81
C HIS A 84 4.94 4.34 4.94
N ALA A 85 5.65 3.76 4.00
CA ALA A 85 5.80 2.33 3.81
C ALA A 85 7.22 1.79 3.87
N PHE A 86 7.45 0.85 4.79
CA PHE A 86 8.69 0.18 5.09
C PHE A 86 8.80 -0.93 4.06
N GLY A 87 9.88 -1.70 4.23
CA GLY A 87 9.98 -2.96 3.52
C GLY A 87 9.52 -4.06 4.47
N PRO A 88 9.57 -5.34 4.09
CA PRO A 88 8.99 -6.44 4.82
C PRO A 88 9.71 -6.69 6.14
N GLY A 89 9.08 -7.50 7.02
CA GLY A 89 9.59 -8.01 8.27
C GLY A 89 8.63 -7.88 9.44
N SER A 90 8.86 -8.74 10.43
CA SER A 90 8.15 -8.79 11.70
C SER A 90 8.18 -7.48 12.46
N GLY A 91 7.04 -7.09 13.03
CA GLY A 91 6.85 -5.96 13.92
C GLY A 91 6.38 -4.73 13.15
N ILE A 92 6.85 -3.53 13.54
CA ILE A 92 6.91 -2.37 12.68
C ILE A 92 7.79 -2.61 11.47
N GLY A 93 7.27 -2.64 10.23
CA GLY A 93 7.84 -3.28 9.07
C GLY A 93 6.73 -4.12 8.48
N GLY A 94 6.71 -4.14 7.14
CA GLY A 94 5.64 -4.81 6.42
C GLY A 94 4.34 -4.04 6.33
N ASP A 95 4.30 -2.86 6.97
CA ASP A 95 3.15 -2.03 7.28
C ASP A 95 3.11 -0.82 6.32
N ALA A 96 1.89 -0.42 6.01
CA ALA A 96 1.66 0.78 5.24
C ALA A 96 0.88 1.79 6.08
N HIS A 97 1.59 2.83 6.52
CA HIS A 97 1.05 3.90 7.33
C HIS A 97 0.71 5.08 6.44
N PHE A 98 -0.51 5.60 6.61
CA PHE A 98 -1.00 6.72 5.82
C PHE A 98 -1.02 7.97 6.67
N ASP A 99 -0.97 9.12 6.00
CA ASP A 99 -0.95 10.37 6.74
C ASP A 99 -2.40 10.83 6.95
N GLU A 100 -2.80 11.40 8.08
CA GLU A 100 -4.17 11.77 8.29
C GLU A 100 -4.40 13.21 7.85
N ASP A 101 -3.39 14.07 7.75
CA ASP A 101 -3.57 15.49 7.44
C ASP A 101 -3.78 15.61 5.93
N GLU A 102 -3.57 14.54 5.15
CA GLU A 102 -4.12 14.43 3.82
C GLU A 102 -5.63 14.27 3.94
N PHE A 103 -6.34 14.80 2.95
CA PHE A 103 -7.78 14.63 2.91
C PHE A 103 -8.00 13.68 1.75
N TRP A 104 -8.31 12.43 2.10
CA TRP A 104 -8.41 11.25 1.27
C TRP A 104 -9.85 11.30 0.79
N THR A 105 -10.08 10.89 -0.46
CA THR A 105 -11.30 11.02 -1.24
C THR A 105 -11.49 9.74 -2.02
N THR A 106 -12.56 9.79 -2.82
CA THR A 106 -12.82 8.78 -3.83
C THR A 106 -13.14 9.56 -5.10
N HIS A 107 -12.43 10.67 -5.33
CA HIS A 107 -12.70 11.58 -6.43
C HIS A 107 -11.41 11.79 -7.20
N SER A 108 -11.49 11.87 -8.54
CA SER A 108 -10.37 12.06 -9.43
C SER A 108 -9.50 13.29 -9.30
N GLY A 109 -9.93 14.40 -8.69
CA GLY A 109 -9.15 15.56 -8.34
C GLY A 109 -8.96 15.82 -6.86
N GLY A 110 -8.88 14.69 -6.14
CA GLY A 110 -8.60 14.57 -4.72
C GLY A 110 -7.53 13.53 -4.49
N THR A 111 -6.97 13.43 -3.29
CA THR A 111 -5.95 12.45 -2.94
C THR A 111 -6.63 11.12 -2.69
N ASN A 112 -5.96 10.10 -3.23
CA ASN A 112 -6.58 8.83 -3.55
C ASN A 112 -5.91 7.80 -2.66
N LEU A 113 -6.73 7.13 -1.87
CA LEU A 113 -6.24 6.13 -0.94
C LEU A 113 -5.81 4.91 -1.75
N PHE A 114 -6.45 4.49 -2.83
CA PHE A 114 -6.22 3.22 -3.49
C PHE A 114 -4.91 3.31 -4.28
N LEU A 115 -4.71 4.40 -5.02
CA LEU A 115 -3.52 4.64 -5.80
C LEU A 115 -2.21 4.83 -5.04
N THR A 116 -2.28 5.35 -3.81
CA THR A 116 -1.14 5.50 -2.94
C THR A 116 -0.96 4.12 -2.30
N ALA A 117 -2.01 3.45 -1.84
CA ALA A 117 -1.98 2.27 -1.01
C ALA A 117 -1.49 1.07 -1.79
N VAL A 118 -1.74 0.86 -3.08
CA VAL A 118 -1.34 -0.31 -3.82
C VAL A 118 0.16 -0.49 -3.92
N HIS A 119 0.89 0.60 -4.21
CA HIS A 119 2.34 0.63 -4.20
C HIS A 119 2.97 0.58 -2.81
N ALA A 120 2.26 1.00 -1.78
CA ALA A 120 2.65 0.92 -0.37
C ALA A 120 2.55 -0.49 0.18
N ILE A 121 1.48 -1.22 -0.15
CA ILE A 121 1.36 -2.66 -0.10
C ILE A 121 2.39 -3.32 -1.01
N GLY A 122 2.63 -2.84 -2.22
CA GLY A 122 3.78 -3.20 -3.02
C GLY A 122 5.18 -3.04 -2.44
N HIS A 123 5.48 -1.86 -1.90
CA HIS A 123 6.62 -1.52 -1.08
C HIS A 123 6.66 -2.49 0.08
N SER A 124 5.56 -2.96 0.66
CA SER A 124 5.72 -3.65 1.93
C SER A 124 6.06 -5.12 1.75
N LEU A 125 5.90 -5.70 0.56
CA LEU A 125 6.32 -7.00 0.08
C LEU A 125 7.78 -7.01 -0.36
N GLY A 126 8.31 -5.87 -0.81
CA GLY A 126 9.68 -5.61 -1.19
C GLY A 126 9.75 -5.31 -2.67
N LEU A 127 9.16 -4.20 -3.10
CA LEU A 127 9.27 -3.66 -4.45
C LEU A 127 9.47 -2.15 -4.43
N GLY A 128 10.06 -1.64 -5.50
CA GLY A 128 10.31 -0.23 -5.78
C GLY A 128 9.55 0.17 -7.03
N HIS A 129 10.15 0.94 -7.93
CA HIS A 129 9.57 1.64 -9.07
C HIS A 129 9.78 0.83 -10.34
N SER A 130 8.88 0.96 -11.31
CA SER A 130 9.12 0.58 -12.68
C SER A 130 9.44 1.83 -13.48
N SER A 131 10.12 1.75 -14.63
CA SER A 131 10.56 2.85 -15.47
C SER A 131 9.98 2.82 -16.88
N ASP A 132 9.00 1.94 -17.01
CA ASP A 132 8.09 1.63 -18.10
C ASP A 132 7.01 2.69 -18.00
N PRO A 133 6.62 3.44 -19.04
CA PRO A 133 5.76 4.61 -18.95
C PRO A 133 4.30 4.42 -18.57
N LYS A 134 3.70 3.30 -18.97
CA LYS A 134 2.32 3.01 -18.65
C LYS A 134 2.12 2.30 -17.31
N ALA A 135 3.19 1.84 -16.66
CA ALA A 135 3.19 1.11 -15.41
C ALA A 135 2.64 1.79 -14.17
N VAL A 136 2.04 1.05 -13.25
CA VAL A 136 1.34 1.55 -12.07
C VAL A 136 2.50 1.99 -11.17
N MET A 137 3.55 1.15 -11.17
CA MET A 137 4.68 1.56 -10.37
C MET A 137 5.65 2.51 -11.06
N PHE A 138 5.29 3.16 -12.17
CA PHE A 138 5.97 4.33 -12.67
C PHE A 138 5.93 5.52 -11.73
N PRO A 139 6.99 6.25 -11.40
CA PRO A 139 6.94 7.39 -10.51
C PRO A 139 5.88 8.47 -10.66
N THR A 140 5.54 8.93 -11.86
CA THR A 140 4.76 10.14 -11.98
C THR A 140 3.29 9.75 -11.94
N TYR A 141 2.58 10.36 -10.98
CA TYR A 141 1.19 10.30 -10.64
C TYR A 141 0.28 10.55 -11.84
N LYS A 142 -0.66 9.63 -12.10
CA LYS A 142 -1.85 9.99 -12.85
C LYS A 142 -3.03 9.13 -12.42
N TYR A 143 -4.22 9.76 -12.40
CA TYR A 143 -5.43 9.10 -11.95
C TYR A 143 -5.82 8.00 -12.91
N VAL A 144 -6.30 6.94 -12.24
CA VAL A 144 -7.08 5.87 -12.82
C VAL A 144 -8.08 5.47 -11.74
N ASP A 145 -9.28 5.06 -12.16
CA ASP A 145 -10.49 4.75 -11.43
C ASP A 145 -10.42 3.27 -11.05
N ILE A 146 -10.84 2.96 -9.82
CA ILE A 146 -10.82 1.71 -9.10
C ILE A 146 -11.40 0.55 -9.94
N ASN A 147 -12.40 0.78 -10.78
CA ASN A 147 -13.24 -0.17 -11.47
C ASN A 147 -12.67 -0.46 -12.85
N THR A 148 -11.76 0.38 -13.35
CA THR A 148 -11.12 0.21 -14.63
C THR A 148 -9.63 -0.13 -14.67
N PHE A 149 -9.12 -0.24 -13.44
CA PHE A 149 -7.72 -0.36 -13.07
C PHE A 149 -7.16 -1.67 -13.62
N ARG A 150 -6.16 -1.61 -14.49
CA ARG A 150 -5.34 -2.75 -14.81
C ARG A 150 -3.96 -2.58 -14.19
N LEU A 151 -3.24 -3.67 -13.98
CA LEU A 151 -1.88 -3.77 -13.50
C LEU A 151 -1.03 -4.20 -14.69
N SER A 152 0.08 -3.51 -14.99
CA SER A 152 0.72 -3.62 -16.29
C SER A 152 1.77 -4.71 -16.18
N ALA A 153 2.24 -5.19 -17.33
CA ALA A 153 3.16 -6.28 -17.58
C ALA A 153 4.50 -6.11 -16.86
N ASP A 154 5.05 -4.91 -16.82
CA ASP A 154 6.25 -4.58 -16.06
C ASP A 154 6.03 -4.54 -14.57
N ASP A 155 4.80 -4.19 -14.15
CA ASP A 155 4.38 -4.12 -12.77
C ASP A 155 4.17 -5.52 -12.20
N ILE A 156 3.56 -6.43 -12.95
CA ILE A 156 3.39 -7.87 -12.77
C ILE A 156 4.69 -8.63 -12.61
N ARG A 157 5.63 -8.37 -13.53
CA ARG A 157 7.01 -8.80 -13.54
C ARG A 157 7.79 -8.58 -12.26
N GLY A 158 7.32 -7.67 -11.40
CA GLY A 158 7.99 -7.35 -10.15
C GLY A 158 7.41 -8.25 -9.06
N ILE A 159 6.12 -8.43 -8.79
CA ILE A 159 5.44 -9.22 -7.77
C ILE A 159 5.66 -10.71 -7.98
N GLN A 160 5.74 -11.15 -9.23
CA GLN A 160 6.07 -12.49 -9.67
C GLN A 160 7.54 -12.82 -9.51
N SER A 161 8.43 -11.84 -9.29
CA SER A 161 9.85 -12.13 -9.17
C SER A 161 10.11 -12.92 -7.91
N LEU A 162 9.73 -12.35 -6.75
CA LEU A 162 10.04 -12.89 -5.44
C LEU A 162 9.05 -13.94 -4.92
N TYR A 163 7.81 -13.93 -5.39
CA TYR A 163 6.67 -14.63 -4.82
C TYR A 163 5.80 -15.24 -5.92
N GLY A 164 6.41 -15.46 -7.08
CA GLY A 164 5.79 -16.26 -8.11
C GLY A 164 6.50 -17.61 -8.27
ZN ZN B . 4.39 5.05 -6.93
ZN ZN C . 6.04 7.05 9.80
CA CA D . 1.14 14.93 3.93
CA CA E . 3.88 -5.11 10.69
CA CA F . -7.77 13.54 6.92
O1 PX4 G . 5.28 18.16 21.87
O2 PX4 G . 4.28 20.56 22.47
P1 PX4 G . 5.38 19.58 22.25
O3 PX4 G . 6.22 20.43 21.18
C1 PX4 G . 6.04 20.14 19.78
C2 PX4 G . 7.17 20.71 18.92
N1 PX4 G . 6.93 22.04 18.34
C3 PX4 G . 6.79 23.16 19.29
C4 PX4 G . 7.99 22.42 17.41
C5 PX4 G . 5.68 21.99 17.57
O4 PX4 G . 6.47 19.80 23.41
C6 PX4 G . 5.77 19.65 24.66
C7 PX4 G . 6.72 18.93 25.61
C8 PX4 G . 7.61 19.96 26.31
O5 PX4 G . 6.81 21.00 26.88
C9 PX4 G . 7.48 22.08 27.34
O6 PX4 G . 8.66 21.93 27.66
C10 PX4 G . 6.56 23.20 27.82
C11 PX4 G . 7.32 24.16 28.72
C12 PX4 G . 6.24 24.98 29.45
C13 PX4 G . 6.83 26.05 30.36
C14 PX4 G . 5.73 26.62 31.26
C15 PX4 G . 6.52 27.57 32.17
C16 PX4 G . 7.24 28.55 31.24
C17 PX4 G . 7.86 29.71 32.05
C18 PX4 G . 9.07 30.08 31.21
C19 PX4 G . 10.27 30.79 31.86
C20 PX4 G . 10.76 30.05 33.10
C21 PX4 G . 11.49 30.89 34.14
C22 PX4 G . 12.84 31.44 33.65
O7 PX4 G . 6.14 17.90 26.41
C23 PX4 G . 5.65 16.86 25.67
O8 PX4 G . 6.19 16.58 24.61
C24 PX4 G . 4.69 15.88 26.37
C25 PX4 G . 5.15 15.62 27.79
C26 PX4 G . 4.03 14.78 28.42
C27 PX4 G . 2.68 15.49 28.26
C28 PX4 G . 1.54 14.52 28.61
C29 PX4 G . 0.23 15.09 28.04
C30 PX4 G . -0.14 16.38 28.79
C31 PX4 G . -1.49 16.99 28.42
C32 PX4 G . -2.54 15.90 28.69
C33 PX4 G . -3.98 16.29 28.36
C34 PX4 G . -4.34 17.45 29.30
C35 PX4 G . -5.82 17.72 29.02
C36 PX4 G . -6.31 19.05 29.58
O1 PX4 H . 9.91 12.56 17.06
O2 PX4 H . 8.29 10.69 16.39
P1 PX4 H . 9.34 11.20 17.28
O3 PX4 H . 8.59 11.39 18.69
C1 PX4 H . 7.63 12.44 18.53
C2 PX4 H . 6.92 12.64 19.88
N1 PX4 H . 5.73 11.86 20.27
C3 PX4 H . 4.47 12.52 19.88
C4 PX4 H . 5.61 10.52 19.73
C5 PX4 H . 5.61 11.67 21.72
O4 PX4 H . 10.50 10.10 17.50
C6 PX4 H . 10.03 9.20 18.49
C7 PX4 H . 10.21 7.71 18.27
C8 PX4 H . 11.66 7.34 18.61
O5 PX4 H . 12.02 7.66 19.96
C9 PX4 H . 13.22 7.14 20.29
O6 PX4 H . 14.08 6.78 19.49
C10 PX4 H . 13.46 7.16 21.80
C11 PX4 H . 14.42 8.20 22.39
C12 PX4 H . 14.43 8.10 23.91
C13 PX4 H . 12.99 8.42 24.31
C14 PX4 H . 12.74 8.03 25.77
C15 PX4 H . 11.37 8.38 26.35
C16 PX4 H . 11.43 8.29 27.88
C17 PX4 H . 12.22 9.39 28.56
C18 PX4 H . 12.02 9.27 30.08
C19 PX4 H . 12.49 10.60 30.68
C20 PX4 H . 12.38 10.80 32.19
C21 PX4 H . 13.26 9.78 32.90
C22 PX4 H . 13.34 10.12 34.39
O7 PX4 H . 9.16 7.03 18.98
C23 PX4 H . 8.76 5.85 18.45
O8 PX4 H . 9.23 5.54 17.36
C24 PX4 H . 7.45 5.22 18.96
C25 PX4 H . 7.88 4.32 20.13
C26 PX4 H . 6.69 3.69 20.83
C27 PX4 H . 7.08 2.56 21.79
C28 PX4 H . 7.78 1.39 21.10
C29 PX4 H . 8.52 0.65 22.21
C30 PX4 H . 9.16 -0.60 21.62
C31 PX4 H . 9.94 -1.35 22.70
C32 PX4 H . 11.14 -2.19 22.24
C33 PX4 H . 11.52 -3.28 23.26
C34 PX4 H . 12.92 -3.83 23.01
C35 PX4 H . 12.97 -5.27 23.55
C36 PX4 H . 11.83 -6.09 22.96
O1 PX4 I . 20.76 -4.00 19.43
O2 PX4 I . 19.41 -2.77 17.55
P1 PX4 I . 20.55 -2.90 18.47
O3 PX4 I . 21.85 -3.03 17.54
C1 PX4 I . 21.56 -2.16 16.44
C2 PX4 I . 22.80 -1.91 15.56
N1 PX4 I . 24.08 -1.40 16.08
C3 PX4 I . 23.92 -0.17 16.87
C4 PX4 I . 24.95 -2.33 16.80
C5 PX4 I . 24.80 -0.96 14.87
O4 PX4 I . 21.03 -1.42 18.91
C6 PX4 I . 21.62 -1.33 20.21
C7 PX4 I . 22.47 -0.05 20.28
C8 PX4 I . 21.72 0.87 21.26
O5 PX4 I . 20.63 0.25 21.95
C9 PX4 I . 19.99 1.07 22.83
O6 PX4 I . 20.39 2.22 22.95
C10 PX4 I . 18.91 0.44 23.70
C11 PX4 I . 19.39 0.22 25.15
C12 PX4 I . 18.28 0.19 26.21
C13 PX4 I . 18.77 -0.11 27.65
C14 PX4 I . 19.98 0.79 27.90
C15 PX4 I . 20.28 1.15 29.37
C16 PX4 I . 21.60 1.89 29.58
C17 PX4 I . 22.72 0.98 29.06
C18 PX4 I . 23.13 -0.29 29.83
C19 PX4 I . 24.34 -0.98 29.18
C20 PX4 I . 24.53 -2.29 29.94
C21 PX4 I . 25.72 -3.09 29.38
C22 PX4 I . 25.72 -4.33 30.27
O7 PX4 I . 23.83 -0.26 20.64
C23 PX4 I . 24.77 0.73 20.71
O8 PX4 I . 24.62 1.89 20.38
C24 PX4 I . 26.16 0.16 21.05
C25 PX4 I . 27.06 1.23 21.70
C26 PX4 I . 28.37 0.51 21.95
C27 PX4 I . 28.40 -0.36 23.20
C28 PX4 I . 28.11 0.52 24.42
C29 PX4 I . 28.29 -0.31 25.70
C30 PX4 I . 28.36 0.55 26.97
C31 PX4 I . 28.23 -0.20 28.30
C32 PX4 I . 28.65 0.89 29.28
C33 PX4 I . 28.16 0.41 30.65
C34 PX4 I . 28.62 -1.01 30.97
C35 PX4 I . 28.36 -1.40 32.43
C36 PX4 I . 29.25 -2.58 32.77
O1 PX4 J . 31.74 15.18 16.63
O2 PX4 J . 34.13 15.92 16.50
P1 PX4 J . 33.17 14.85 16.86
O3 PX4 J . 33.26 13.68 15.77
C1 PX4 J . 34.64 13.30 15.84
C2 PX4 J . 35.10 12.54 14.59
N1 PX4 J . 35.34 13.15 13.28
C3 PX4 J . 36.03 14.44 13.29
C4 PX4 J . 36.31 12.30 12.57
C5 PX4 J . 34.11 13.06 12.49
O4 PX4 J . 33.46 14.02 18.20
C6 PX4 J . 32.42 13.16 18.68
C7 PX4 J . 32.84 12.34 19.91
C8 PX4 J . 34.35 12.17 19.73
O5 PX4 J . 34.81 10.86 19.42
C9 PX4 J . 36.16 10.70 19.50
O6 PX4 J . 36.88 11.70 19.59
C10 PX4 J . 36.68 9.27 19.34
C11 PX4 J . 37.07 8.81 20.74
C12 PX4 J . 35.79 8.64 21.57
C13 PX4 J . 36.10 8.28 23.03
C14 PX4 J . 36.71 6.88 23.10
C15 PX4 J . 37.30 6.58 24.48
C16 PX4 J . 36.18 6.45 25.50
C17 PX4 J . 36.82 6.41 26.90
C18 PX4 J . 35.90 5.45 27.65
C19 PX4 J . 34.50 6.05 27.85
C20 PX4 J . 33.63 5.11 28.68
C21 PX4 J . 33.61 3.71 28.04
C22 PX4 J . 32.58 2.83 28.73
O7 PX4 J . 32.48 12.83 21.20
C23 PX4 J . 31.20 12.76 21.67
O8 PX4 J . 30.19 12.81 20.97
C24 PX4 J . 31.03 12.96 23.18
C25 PX4 J . 30.63 14.39 23.58
C26 PX4 J . 30.76 14.42 25.11
C27 PX4 J . 30.53 15.84 25.64
C28 PX4 J . 29.10 16.08 25.17
C29 PX4 J . 28.65 17.34 25.92
C30 PX4 J . 27.13 17.36 25.78
C31 PX4 J . 26.72 18.50 26.72
C32 PX4 J . 27.11 18.18 28.17
C33 PX4 J . 26.85 19.32 29.17
C34 PX4 J . 27.46 19.01 30.53
C35 PX4 J . 26.99 20.13 31.46
C36 PX4 J . 27.37 19.90 32.92
O1 PX4 K . 27.29 -11.13 18.83
O2 PX4 K . 24.79 -10.32 18.60
P1 PX4 K . 26.20 -10.14 19.02
O3 PX4 K . 26.73 -9.01 18.01
C1 PX4 K . 26.34 -9.38 16.70
C2 PX4 K . 26.95 -8.50 15.60
N1 PX4 K . 26.59 -8.58 14.18
C3 PX4 K . 27.19 -9.73 13.47
C4 PX4 K . 25.12 -8.60 14.10
C5 PX4 K . 27.01 -7.32 13.54
O4 PX4 K . 26.34 -9.45 20.48
C6 PX4 K . 25.37 -8.41 20.54
C7 PX4 K . 24.86 -8.11 21.95
C8 PX4 K . 26.06 -8.38 22.87
O5 PX4 K . 25.93 -9.59 23.61
C9 PX4 K . 27.12 -9.93 24.19
O6 PX4 K . 28.12 -9.24 24.32
C10 PX4 K . 27.02 -11.28 24.89
C11 PX4 K . 26.01 -12.24 24.26
C12 PX4 K . 26.09 -13.61 24.95
C13 PX4 K . 25.82 -13.59 26.45
C14 PX4 K . 24.43 -13.09 26.83
C15 PX4 K . 23.90 -13.62 28.17
C16 PX4 K . 22.39 -13.33 28.24
C17 PX4 K . 21.76 -13.42 29.64
C18 PX4 K . 22.10 -12.27 30.60
C19 PX4 K . 21.39 -11.06 30.02
C20 PX4 K . 21.73 -9.80 30.82
C21 PX4 K . 20.90 -8.67 30.20
C22 PX4 K . 21.32 -7.53 31.10
O7 PX4 K . 24.42 -6.76 22.17
C23 PX4 K . 23.30 -6.30 21.55
O8 PX4 K . 22.63 -6.95 20.76
C24 PX4 K . 22.89 -4.85 21.89
C25 PX4 K . 22.93 -4.66 23.40
C26 PX4 K . 22.76 -3.16 23.62
C27 PX4 K . 22.96 -2.87 25.11
C28 PX4 K . 23.18 -1.38 25.39
C29 PX4 K . 24.44 -0.83 24.73
C30 PX4 K . 24.53 0.64 25.15
C31 PX4 K . 23.18 1.20 24.70
C32 PX4 K . 22.96 2.63 25.23
C33 PX4 K . 24.16 3.51 24.93
C34 PX4 K . 24.20 4.98 25.38
C35 PX4 K . 24.14 5.21 26.89
C36 PX4 K . 24.62 6.60 27.33
O1 PX4 L . 29.03 -0.39 16.12
O2 PX4 L . 27.01 0.61 17.07
P1 PX4 L . 28.26 -0.14 17.36
O3 PX4 L . 29.11 0.83 18.33
C1 PX4 L . 28.75 2.17 18.02
C2 PX4 L . 28.83 3.13 19.21
N1 PX4 L . 28.08 4.37 18.96
C3 PX4 L . 28.58 5.23 20.04
C4 PX4 L . 28.36 5.09 17.71
C5 PX4 L . 26.61 4.20 19.03
O4 PX4 L . 27.97 -1.43 18.29
C6 PX4 L . 29.09 -1.82 19.07
C7 PX4 L . 28.86 -3.18 19.71
C8 PX4 L . 30.29 -3.69 19.82
O5 PX4 L . 31.29 -2.81 20.37
C9 PX4 L . 31.53 -3.01 21.70
O6 PX4 L . 31.10 -3.92 22.39
C10 PX4 L . 32.50 -2.01 22.35
C11 PX4 L . 32.01 -1.72 23.76
C12 PX4 L . 33.04 -0.93 24.58
C13 PX4 L . 32.61 -0.77 26.04
C14 PX4 L . 33.79 -0.25 26.88
C15 PX4 L . 34.69 -1.47 26.74
C16 PX4 L . 35.94 -1.34 27.59
C17 PX4 L . 36.72 -2.65 27.56
C18 PX4 L . 38.08 -2.36 28.18
C19 PX4 L . 39.30 -2.49 27.27
C20 PX4 L . 39.50 -1.24 26.42
C21 PX4 L . 40.88 -1.30 25.77
C22 PX4 L . 40.88 -2.45 24.78
O7 PX4 L . 28.23 -3.25 20.99
C23 PX4 L . 27.96 -4.40 21.67
O8 PX4 L . 27.85 -5.43 21.01
C24 PX4 L . 27.20 -4.25 22.99
C25 PX4 L . 28.10 -4.57 24.18
C26 PX4 L . 28.63 -5.95 24.55
C27 PX4 L . 29.44 -5.84 25.85
C28 PX4 L . 28.53 -5.25 26.93
C29 PX4 L . 29.31 -4.93 28.20
C30 PX4 L . 30.54 -4.00 28.14
C31 PX4 L . 31.20 -3.92 29.51
C32 PX4 L . 32.30 -2.86 29.62
C33 PX4 L . 32.95 -3.14 30.98
C34 PX4 L . 34.07 -2.13 31.23
C35 PX4 L . 35.47 -2.78 31.12
C36 PX4 L . 36.49 -1.69 31.42
O1 PX4 M . -14.95 27.10 16.95
O2 PX4 M . -16.67 28.51 15.62
P1 PX4 M . -15.64 28.38 16.66
O3 PX4 M . -14.60 29.18 15.73
C1 PX4 M . -13.85 28.33 14.86
C2 PX4 M . -13.49 28.96 13.51
N1 PX4 M . -12.26 29.73 13.33
C3 PX4 M . -12.22 31.09 13.87
C4 PX4 M . -11.08 29.04 13.86
C5 PX4 M . -12.11 29.72 11.86
O4 PX4 M . -15.84 29.29 17.98
C6 PX4 M . -17.02 30.02 17.68
C7 PX4 M . -17.43 30.87 18.87
C8 PX4 M . -16.28 30.96 19.88
O5 PX4 M . -16.46 30.75 21.29
C9 PX4 M . -15.49 30.17 22.05
O6 PX4 M . -14.36 30.00 21.63
C10 PX4 M . -15.75 29.91 23.54
C11 PX4 M . -16.60 28.66 23.83
C12 PX4 M . -17.45 28.96 25.05
C13 PX4 M . -18.26 27.68 25.30
C14 PX4 M . -17.43 26.39 25.41
C15 PX4 M . -18.25 25.11 25.36
C16 PX4 M . -19.26 25.13 26.51
C17 PX4 M . -20.20 23.91 26.54
C18 PX4 M . -21.25 24.14 27.62
C19 PX4 M . -22.07 22.86 27.79
C20 PX4 M . -21.21 21.94 28.65
C21 PX4 M . -22.00 20.71 29.12
C22 PX4 M . -23.20 21.21 29.95
O7 PX4 M . -17.92 32.14 18.41
C23 PX4 M . -19.15 32.25 17.83
O8 PX4 M . -19.79 31.24 17.49
C24 PX4 M . -19.70 33.68 17.79
C25 PX4 M . -19.24 34.63 18.90
C26 PX4 M . -19.69 34.35 20.34
C27 PX4 M . -19.07 35.38 21.28
C28 PX4 M . -19.94 35.40 22.54
C29 PX4 M . -19.53 36.56 23.44
C30 PX4 M . -20.58 36.69 24.55
C31 PX4 M . -22.02 36.92 24.11
C32 PX4 M . -22.78 37.14 25.41
C33 PX4 M . -22.29 38.44 26.03
C34 PX4 M . -22.68 38.64 27.50
C35 PX4 M . -21.92 39.82 28.13
C36 PX4 M . -22.32 39.82 29.60
O1 PX4 N . -0.66 28.96 18.58
O2 PX4 N . -2.41 27.81 17.02
P1 PX4 N . -2.05 28.83 18.04
O3 PX4 N . -2.54 30.28 17.56
C1 PX4 N . -3.95 30.14 17.31
C2 PX4 N . -4.82 31.40 17.31
N1 PX4 N . -5.23 31.98 18.59
C3 PX4 N . -6.00 33.19 18.25
C4 PX4 N . -6.07 31.01 19.32
C5 PX4 N . -4.13 32.41 19.46
O4 PX4 N . -3.08 28.72 19.24
C6 PX4 N . -2.41 29.22 20.41
C7 PX4 N . -3.27 29.08 21.67
C8 PX4 N . -4.09 27.80 21.56
O5 PX4 N . -5.52 27.91 21.58
C9 PX4 N . -6.31 27.02 22.20
O6 PX4 N . -5.93 25.93 22.65
C10 PX4 N . -7.82 27.28 22.21
C11 PX4 N . -8.29 27.92 23.53
C12 PX4 N . -8.32 26.97 24.73
C13 PX4 N . -9.25 25.76 24.65
C14 PX4 N . -8.96 24.83 25.82
C15 PX4 N . -8.91 25.64 27.13
C16 PX4 N . -8.53 24.91 28.42
C17 PX4 N . -8.45 25.90 29.59
C18 PX4 N . -8.78 25.09 30.84
C19 PX4 N . -7.69 24.01 30.91
C20 PX4 N . -7.69 23.29 32.26
C21 PX4 N . -6.43 22.43 32.13
C22 PX4 N . -5.17 23.29 32.00
O7 PX4 N . -2.45 29.32 22.82
C23 PX4 N . -2.29 30.62 23.20
O8 PX4 N . -2.72 31.52 22.47
C24 PX4 N . -1.66 30.76 24.59
C25 PX4 N . -2.63 30.76 25.78
C26 PX4 N . -1.93 31.19 27.06
C27 PX4 N . -2.84 31.26 28.28
C28 PX4 N . -2.06 31.47 29.58
C29 PX4 N . -3.01 31.46 30.77
C30 PX4 N . -2.33 31.88 32.09
C31 PX4 N . -1.22 30.91 32.46
C32 PX4 N . -0.83 31.31 33.89
C33 PX4 N . 0.24 30.36 34.43
C34 PX4 N . 0.70 30.74 35.84
C35 PX4 N . 1.66 29.70 36.39
C36 PX4 N . 2.16 29.95 37.83
O1 PX4 O . 12.12 0.65 14.31
O2 PX4 O . 13.53 -0.67 16.11
P1 PX4 O . 12.31 -0.43 15.30
O3 PX4 O . 11.80 -1.86 14.79
C1 PX4 O . 12.35 -2.06 13.49
C2 PX4 O . 11.95 -3.47 13.02
N1 PX4 O . 12.43 -4.02 11.75
C3 PX4 O . 12.10 -3.15 10.61
C4 PX4 O . 13.85 -4.36 11.63
C5 PX4 O . 11.81 -5.30 11.34
O4 PX4 O . 11.24 0.01 16.42
C6 PX4 O . 11.73 1.18 17.08
C7 PX4 O . 10.68 2.08 17.69
C8 PX4 O . 9.26 1.58 17.39
O5 PX4 O . 8.51 2.43 16.50
C9 PX4 O . 7.25 2.02 16.20
O6 PX4 O . 6.88 0.87 16.46
C10 PX4 O . 6.47 2.94 15.26
C11 PX4 O . 5.33 3.50 16.10
C12 PX4 O . 4.30 4.30 15.28
C13 PX4 O . 2.97 4.49 16.01
C14 PX4 O . 1.89 4.86 14.99
C15 PX4 O . 0.53 4.42 15.54
C16 PX4 O . 0.46 2.91 15.79
C17 PX4 O . -0.96 2.58 16.26
C18 PX4 O . -1.51 3.36 17.45
C19 PX4 O . -0.82 3.14 18.80
C20 PX4 O . -1.42 3.99 19.94
C21 PX4 O . -0.47 4.07 21.13
C22 PX4 O . -1.18 4.73 22.31
O7 PX4 O . 10.89 2.36 19.07
C23 PX4 O . 11.79 3.29 19.45
O8 PX4 O . 12.44 3.96 18.62
C24 PX4 O . 11.91 3.76 20.90
C25 PX4 O . 12.32 2.62 21.83
C26 PX4 O . 13.50 1.74 21.36
C27 PX4 O . 14.06 0.76 22.39
C28 PX4 O . 14.62 1.54 23.58
C29 PX4 O . 15.14 0.49 24.55
C30 PX4 O . 14.05 -0.56 24.76
C31 PX4 O . 14.30 -1.44 26.00
C32 PX4 O . 14.48 -0.66 27.30
C33 PX4 O . 15.04 -1.53 28.43
C34 PX4 O . 15.15 -0.59 29.63
C35 PX4 O . 13.78 -0.02 30.03
C36 PX4 O . 13.57 0.58 31.44
O1 PX4 P . 19.80 12.45 20.58
O2 PX4 P . 21.66 12.21 18.79
P1 PX4 P . 20.84 11.67 19.90
O3 PX4 P . 20.37 10.20 19.47
C1 PX4 P . 21.01 9.25 18.61
C2 PX4 P . 20.30 8.04 17.99
N1 PX4 P . 19.76 6.92 18.75
C3 PX4 P . 18.47 7.35 19.31
C4 PX4 P . 19.77 5.63 18.06
C5 PX4 P . 20.61 6.66 19.93
O4 PX4 P . 21.73 11.10 21.10
C6 PX4 P . 21.96 12.20 21.99
C7 PX4 P . 21.29 12.12 23.36
C8 PX4 P . 20.26 10.98 23.41
O5 PX4 P . 19.15 11.14 24.28
C9 PX4 P . 18.08 10.31 24.10
O6 PX4 P . 17.85 9.80 23.02
C10 PX4 P . 17.17 10.17 25.33
C11 PX4 P . 16.03 11.18 25.30
C12 PX4 P . 15.28 11.22 26.64
C13 PX4 P . 15.58 12.60 27.23
C14 PX4 P . 14.72 12.75 28.48
C15 PX4 P . 14.92 14.10 29.17
C16 PX4 P . 14.59 15.14 28.09
C17 PX4 P . 14.96 16.60 28.32
C18 PX4 P . 14.66 17.07 29.73
C19 PX4 P . 14.60 18.58 29.89
C20 PX4 P . 14.19 19.00 31.30
C21 PX4 P . 13.93 20.51 31.24
C22 PX4 P . 13.50 21.03 32.61
O7 PX4 P . 22.19 12.23 24.47
C23 PX4 P . 22.21 13.41 25.17
O8 PX4 P . 21.45 14.28 24.76
C24 PX4 P . 23.21 13.46 26.34
C25 PX4 P . 22.92 14.59 27.33
C26 PX4 P . 23.62 15.88 26.94
C27 PX4 P . 23.09 17.11 27.68
C28 PX4 P . 23.33 16.85 29.17
C29 PX4 P . 22.92 18.02 30.06
C30 PX4 P . 23.16 17.90 31.57
C31 PX4 P . 23.12 19.28 32.21
C32 PX4 P . 23.71 19.07 33.61
C33 PX4 P . 23.72 20.46 34.26
C34 PX4 P . 22.33 21.10 34.17
C35 PX4 P . 22.40 22.57 34.62
C36 PX4 P . 21.38 23.00 35.68
O1 PX4 Q . 26.28 7.68 18.78
O2 PX4 Q . 24.00 7.54 17.46
P1 PX4 Q . 24.82 7.90 18.63
O3 PX4 Q . 24.61 9.49 18.76
C1 PX4 Q . 24.87 10.15 17.52
C2 PX4 Q . 24.69 11.65 17.67
N1 PX4 Q . 25.58 12.36 18.60
C3 PX4 Q . 25.44 12.06 20.03
C4 PX4 Q . 26.94 12.00 18.13
C5 PX4 Q . 25.32 13.80 18.43
O4 PX4 Q . 24.12 7.67 20.07
C6 PX4 Q . 24.92 8.33 21.05
C7 PX4 Q . 24.43 8.65 22.47
C8 PX4 Q . 23.02 8.08 22.58
O5 PX4 Q . 22.37 8.45 23.80
C9 PX4 Q . 21.32 7.68 24.22
O6 PX4 Q . 20.84 6.72 23.62
C10 PX4 Q . 20.75 8.08 25.57
C11 PX4 Q . 21.78 8.69 26.52
C12 PX4 Q . 21.11 9.17 27.82
C13 PX4 Q . 22.14 9.70 28.81
C14 PX4 Q . 21.53 9.97 30.19
C15 PX4 Q . 22.64 10.42 31.16
C16 PX4 Q . 22.19 10.45 32.62
C17 PX4 Q . 23.40 10.95 33.41
C18 PX4 Q . 22.94 11.25 34.85
C19 PX4 Q . 24.04 11.74 35.77
C20 PX4 Q . 23.70 11.60 37.26
C21 PX4 Q . 24.94 12.08 37.98
C22 PX4 Q . 25.58 13.43 37.67
O7 PX4 Q . 25.43 8.36 23.46
C23 PX4 Q . 26.50 9.19 23.53
O8 PX4 Q . 26.60 10.19 22.82
C24 PX4 Q . 27.53 8.92 24.62
C25 PX4 Q . 26.96 9.32 25.98
C26 PX4 Q . 26.99 10.84 26.18
C27 PX4 Q . 26.80 11.18 27.67
C28 PX4 Q . 26.72 12.70 27.85
C29 PX4 Q . 26.28 12.93 29.30
C30 PX4 Q . 26.59 14.28 29.96
C31 PX4 Q . 26.19 14.14 31.44
C32 PX4 Q . 26.31 15.43 32.25
C33 PX4 Q . 26.79 15.08 33.66
C34 PX4 Q . 27.23 16.36 34.40
C35 PX4 Q . 27.47 16.15 35.90
C36 PX4 Q . 27.66 17.42 36.71
O1 PX4 R . 4.90 -28.15 14.07
O2 PX4 R . 2.71 -26.82 14.24
P1 PX4 R . 4.04 -27.18 14.79
O3 PX4 R . 4.93 -25.84 14.89
C1 PX4 R . 4.93 -25.15 13.64
C2 PX4 R . 5.10 -23.63 13.87
N1 PX4 R . 4.00 -22.93 14.54
C3 PX4 R . 4.11 -23.15 15.99
C4 PX4 R . 4.36 -21.52 14.34
C5 PX4 R . 2.66 -23.11 13.94
O4 PX4 R . 3.92 -27.49 16.37
C6 PX4 R . 5.20 -27.40 17.00
C7 PX4 R . 5.21 -27.90 18.45
C8 PX4 R . 3.81 -28.45 18.72
O5 PX4 R . 3.41 -28.15 20.07
C9 PX4 R . 3.82 -28.86 21.15
O6 PX4 R . 3.95 -30.07 20.90
C10 PX4 R . 3.66 -28.28 22.55
C11 PX4 R . 5.09 -27.89 22.94
C12 PX4 R . 5.02 -27.12 24.25
C13 PX4 R . 6.39 -26.57 24.70
C14 PX4 R . 6.07 -26.01 26.09
C15 PX4 R . 7.26 -25.23 26.65
C16 PX4 R . 6.96 -24.58 27.99
C17 PX4 R . 8.20 -23.84 28.52
C18 PX4 R . 7.86 -23.00 29.76
C19 PX4 R . 9.17 -22.49 30.34
C20 PX4 R . 9.81 -21.53 29.32
C21 PX4 R . 11.04 -20.82 29.89
C22 PX4 R . 12.22 -21.74 30.25
O7 PX4 R . 6.33 -28.74 18.76
C23 PX4 R . 7.54 -28.18 19.03
O8 PX4 R . 7.61 -26.96 19.21
C24 PX4 R . 8.47 -29.17 19.73
C25 PX4 R . 8.28 -29.37 21.24
C26 PX4 R . 9.24 -30.25 22.02
C27 PX4 R . 9.18 -29.93 23.52
C28 PX4 R . 10.25 -30.76 24.25
C29 PX4 R . 11.54 -29.95 24.05
C30 PX4 R . 12.80 -30.71 24.45
C31 PX4 R . 12.66 -31.26 25.87
C32 PX4 R . 12.56 -30.21 26.99
C33 PX4 R . 12.15 -30.94 28.27
C34 PX4 R . 11.81 -30.01 29.43
C35 PX4 R . 11.01 -30.79 30.46
C36 PX4 R . 11.76 -32.11 30.67
O1 PX4 S . -10.20 40.52 13.63
O2 PX4 S . -12.37 40.86 15.08
P1 PX4 S . -10.93 41.07 14.79
O3 PX4 S . -10.84 42.63 14.41
C1 PX4 S . -11.73 42.96 13.34
C2 PX4 S . -11.86 44.45 13.03
N1 PX4 S . -10.74 45.19 12.43
C3 PX4 S . -11.15 46.50 11.92
C4 PX4 S . -9.69 45.48 13.43
C5 PX4 S . -10.09 44.50 11.30
O4 PX4 S . -9.98 41.01 16.08
C6 PX4 S . -8.70 41.59 15.82
C7 PX4 S . -8.10 42.29 17.04
C8 PX4 S . -9.34 42.57 17.91
O5 PX4 S . -9.59 43.95 18.17
C9 PX4 S . -10.65 44.27 18.97
O6 PX4 S . -11.52 43.47 19.31
C10 PX4 S . -10.73 45.71 19.45
C11 PX4 S . -11.41 45.81 20.80
C12 PX4 S . -11.51 47.28 21.24
C13 PX4 S . -11.61 47.32 22.77
C14 PX4 S . -11.65 48.75 23.29
C15 PX4 S . -12.09 48.84 24.76
C16 PX4 S . -11.80 50.22 25.34
C17 PX4 S . -12.81 51.36 25.18
C18 PX4 S . -12.23 52.55 25.94
C19 PX4 S . -10.84 52.79 25.35
C20 PX4 S . -10.32 54.09 25.97
C21 PX4 S . -10.16 55.23 24.97
C22 PX4 S . -9.66 56.51 25.66
O7 PX4 S . -7.03 41.74 17.78
C23 PX4 S . -5.77 41.70 17.23
O8 PX4 S . -5.63 41.88 16.03
C24 PX4 S . -4.65 41.18 18.13
C25 PX4 S . -4.67 41.84 19.50
C26 PX4 S . -3.81 41.02 20.44
C27 PX4 S . -3.95 41.53 21.88
C28 PX4 S . -3.28 40.55 22.84
C29 PX4 S . -3.33 41.18 24.23
C30 PX4 S . -4.81 41.32 24.58
C31 PX4 S . -4.92 42.08 25.91
C32 PX4 S . -6.01 41.63 26.86
C33 PX4 S . -5.85 40.10 26.92
C34 PX4 S . -6.82 39.38 27.85
C35 PX4 S . -6.65 39.97 29.24
C36 PX4 S . -5.58 39.08 29.88
O1 PX4 T . 28.51 18.12 15.48
O2 PX4 T . 26.54 17.42 17.13
P1 PX4 T . 27.56 18.34 16.59
O3 PX4 T . 27.01 19.84 16.43
C1 PX4 T . 25.62 20.13 16.61
C2 PX4 T . 25.40 21.61 16.30
N1 PX4 T . 24.06 22.08 16.64
C3 PX4 T . 23.73 21.86 18.06
C4 PX4 T . 24.03 23.55 16.52
C5 PX4 T . 23.09 21.41 15.76
O4 PX4 T . 28.57 18.71 17.79
C6 PX4 T . 28.27 18.03 19.02
C7 PX4 T . 29.46 17.85 19.98
C8 PX4 T . 30.59 17.33 19.11
O5 PX4 T . 31.70 16.74 19.80
C9 PX4 T . 32.84 17.47 20.02
O6 PX4 T . 32.88 18.57 19.48
C10 PX4 T . 34.04 16.67 20.53
C11 PX4 T . 33.91 15.97 21.89
C12 PX4 T . 34.95 14.99 22.44
C13 PX4 T . 34.62 14.25 23.75
C14 PX4 T . 35.83 13.51 24.31
C15 PX4 T . 36.22 12.23 23.58
C16 PX4 T . 37.30 11.47 24.35
C17 PX4 T . 36.82 11.21 25.79
C18 PX4 T . 37.90 10.69 26.73
C19 PX4 T . 37.30 9.90 27.90
C20 PX4 T . 38.36 9.68 28.99
C21 PX4 T . 37.97 8.86 30.23
C22 PX4 T . 39.05 8.69 31.30
O7 PX4 T . 29.73 18.97 20.82
C23 PX4 T . 29.04 19.22 21.94
O8 PX4 T . 27.96 18.64 22.10
C24 PX4 T . 29.48 20.41 22.82
C25 PX4 T . 30.14 19.75 24.04
C26 PX4 T . 31.65 19.63 23.87
C27 PX4 T . 32.37 19.01 25.06
C28 PX4 T . 33.75 18.39 24.81
C29 PX4 T . 34.32 17.95 26.15
C30 PX4 T . 35.57 17.07 26.05
C31 PX4 T . 35.99 16.58 27.44
C32 PX4 T . 37.34 15.87 27.35
C33 PX4 T . 37.66 15.26 28.70
C34 PX4 T . 39.04 14.65 28.91
C35 PX4 T . 38.92 13.53 29.95
C36 PX4 T . 40.23 12.84 30.32
O1 PX4 U . 30.70 3.86 15.84
O2 PX4 U . 32.14 5.91 15.22
P1 PX4 U . 31.95 4.65 15.95
O3 PX4 U . 33.18 3.65 15.63
C1 PX4 U . 33.06 2.94 14.39
C2 PX4 U . 34.26 2.08 13.98
N1 PX4 U . 35.59 2.73 13.95
C3 PX4 U . 36.43 1.84 13.17
C4 PX4 U . 35.75 4.03 13.27
C5 PX4 U . 36.21 2.76 15.27
O4 PX4 U . 32.22 4.90 17.52
C6 PX4 U . 33.41 5.69 17.54
C7 PX4 U . 34.03 5.94 18.91
C8 PX4 U . 33.02 5.97 20.06
O5 PX4 U . 32.57 7.25 20.53
C9 PX4 U . 31.63 7.14 21.50
O6 PX4 U . 31.11 6.06 21.83
C10 PX4 U . 31.43 8.30 22.48
C11 PX4 U . 31.92 7.87 23.87
C12 PX4 U . 31.96 9.18 24.66
C13 PX4 U . 32.75 9.20 25.97
C14 PX4 U . 32.42 10.51 26.69
C15 PX4 U . 33.24 10.38 27.97
C16 PX4 U . 33.05 11.59 28.91
C17 PX4 U . 33.24 12.85 28.06
C18 PX4 U . 32.96 13.97 29.07
C19 PX4 U . 34.07 13.87 30.11
C20 PX4 U . 33.81 14.84 31.27
C21 PX4 U . 34.80 14.44 32.38
C22 PX4 U . 34.95 12.99 32.82
O7 PX4 U . 35.10 5.05 19.28
C23 PX4 U . 36.35 5.14 18.80
O8 PX4 U . 36.56 5.65 17.69
C24 PX4 U . 37.43 4.20 19.33
C25 PX4 U . 38.73 4.84 19.82
C26 PX4 U . 39.09 4.30 21.20
C27 PX4 U . 40.56 4.61 21.40
C28 PX4 U . 41.32 3.79 22.46
C29 PX4 U . 42.69 4.36 22.80
C30 PX4 U . 43.45 3.52 23.84
C31 PX4 U . 42.79 3.40 25.20
C32 PX4 U . 43.49 2.31 26.01
C33 PX4 U . 42.69 2.06 27.29
C34 PX4 U . 43.51 1.23 28.26
C35 PX4 U . 43.35 1.63 29.72
C36 PX4 U . 43.92 0.45 30.51
O1 PX4 V . 1.35 19.88 20.03
O2 PX4 V . 3.30 18.25 19.73
P1 PX4 V . 2.02 18.62 20.40
O3 PX4 V . 1.09 17.38 19.97
C1 PX4 V . 1.10 17.31 18.54
C2 PX4 V . -0.06 16.50 17.92
N1 PX4 V . 0.16 15.06 17.85
C3 PX4 V . 0.33 14.25 19.08
C4 PX4 V . -1.02 14.45 17.24
C5 PX4 V . 1.21 14.65 16.90
O4 PX4 V . 2.25 18.37 21.96
C6 PX4 V . 2.20 16.99 22.29
C7 PX4 V . 2.53 16.48 23.70
C8 PX4 V . 1.98 17.61 24.56
O5 PX4 V . 2.53 18.10 25.78
C9 PX4 V . 1.80 19.16 26.22
O6 PX4 V . 0.74 19.48 25.69
C10 PX4 V . 2.44 20.14 27.20
C11 PX4 V . 3.15 19.54 28.43
C12 PX4 V . 3.22 20.62 29.51
C13 PX4 V . 4.15 20.34 30.69
C14 PX4 V . 3.66 21.28 31.79
C15 PX4 V . 3.40 22.69 31.27
C16 PX4 V . 2.73 23.56 32.35
C17 PX4 V . 2.25 24.89 31.76
C18 PX4 V . 1.86 25.77 32.95
C19 PX4 V . 1.39 27.18 32.61
C20 PX4 V . 2.55 27.80 31.82
C21 PX4 V . 2.15 29.13 31.17
C22 PX4 V . 0.95 29.03 30.24
O7 PX4 V . 2.12 15.13 23.98
C23 PX4 V . 2.95 14.14 23.56
O8 PX4 V . 3.85 14.22 22.73
C24 PX4 V . 2.42 12.78 24.04
C25 PX4 V . 3.57 11.96 24.64
C26 PX4 V . 3.01 11.03 25.71
C27 PX4 V . 4.14 10.20 26.31
C28 PX4 V . 5.20 11.06 27.00
C29 PX4 V . 6.45 10.21 27.25
C30 PX4 V . 6.27 9.14 28.33
C31 PX4 V . 7.64 8.68 28.85
C32 PX4 V . 7.31 7.75 30.02
C33 PX4 V . 8.51 7.48 30.95
C34 PX4 V . 7.98 6.55 32.04
C35 PX4 V . 9.12 6.29 33.02
C36 PX4 V . 9.66 7.63 33.50
O1 PX4 W . 12.08 22.31 22.00
O2 PX4 W . 13.25 20.10 21.95
P1 PX4 W . 12.23 20.95 22.61
O3 PX4 W . 10.87 20.16 22.87
C1 PX4 W . 10.56 19.41 21.69
C2 PX4 W . 9.42 18.40 21.82
N1 PX4 W . 9.63 17.19 22.63
C3 PX4 W . 10.85 16.39 22.41
C4 PX4 W . 9.52 17.39 24.09
C5 PX4 W . 8.50 16.27 22.43
O4 PX4 W . 12.50 21.13 24.18
C6 PX4 W . 12.80 19.84 24.72
C7 PX4 W . 13.21 19.81 26.19
C8 PX4 W . 14.05 21.08 26.29
O5 PX4 W . 15.42 20.77 26.56
C9 PX4 W . 16.27 21.80 26.39
O6 PX4 W . 15.87 22.85 25.89
C10 PX4 W . 17.70 21.70 26.94
C11 PX4 W . 17.72 21.61 28.47
C12 PX4 W . 19.10 22.09 28.94
C13 PX4 W . 20.38 21.44 28.39
C14 PX4 W . 21.56 22.14 29.03
C15 PX4 W . 22.83 21.50 28.49
C16 PX4 W . 24.03 22.44 28.66
C17 PX4 W . 23.90 22.94 30.10
C18 PX4 W . 25.09 23.81 30.48
C19 PX4 W . 25.15 24.00 32.00
C20 PX4 W . 26.42 24.68 32.54
C21 PX4 W . 26.35 25.12 34.01
C22 PX4 W . 26.07 23.92 34.94
O7 PX4 W . 12.18 19.75 27.18
C23 PX4 W . 11.65 18.54 27.54
O8 PX4 W . 11.82 17.54 26.83
C24 PX4 W . 10.77 18.41 28.79
C25 PX4 W . 10.72 19.45 29.90
C26 PX4 W . 9.36 19.50 30.60
C27 PX4 W . 9.33 20.75 31.50
C28 PX4 W . 7.97 20.87 32.19
C29 PX4 W . 7.82 22.12 33.06
C30 PX4 W . 6.54 22.19 33.89
C31 PX4 W . 6.64 23.51 34.65
C32 PX4 W . 5.44 23.94 35.48
C33 PX4 W . 5.61 25.42 35.83
C34 PX4 W . 5.17 25.80 37.25
C35 PX4 W . 3.70 25.39 37.33
C36 PX4 W . 3.07 25.55 38.72
O1 PX4 X . 19.03 23.29 18.59
O2 PX4 X . 20.71 21.35 18.66
P1 PX4 X . 19.55 22.06 19.23
O3 PX4 X . 18.38 20.95 19.23
C1 PX4 X . 17.27 21.73 19.69
C2 PX4 X . 15.97 20.92 19.55
N1 PX4 X . 15.19 20.91 18.32
C3 PX4 X . 14.00 20.09 18.59
C4 PX4 X . 14.68 22.27 18.06
C5 PX4 X . 15.97 20.32 17.21
O4 PX4 X . 19.72 22.23 20.82
C6 PX4 X . 20.47 21.20 21.49
C7 PX4 X . 20.40 21.13 23.02
C8 PX4 X . 20.07 22.50 23.63
O5 PX4 X . 21.06 23.01 24.53
C9 PX4 X . 20.83 24.30 24.87
O6 PX4 X . 19.78 24.87 24.60
C10 PX4 X . 21.74 24.71 26.03
C11 PX4 X . 22.42 26.05 25.75
C12 PX4 X . 23.03 26.53 27.07
C13 PX4 X . 23.67 27.91 26.94
C14 PX4 X . 24.01 28.37 28.37
C15 PX4 X . 25.21 27.65 28.97
C16 PX4 X . 25.64 28.45 30.21
C17 PX4 X . 27.09 28.13 30.61
C18 PX4 X . 27.36 28.48 32.07
C19 PX4 X . 28.77 28.04 32.45
C20 PX4 X . 29.18 26.65 31.97
C21 PX4 X . 30.49 26.16 32.60
C22 PX4 X . 30.28 26.20 34.11
O7 PX4 X . 19.63 20.04 23.52
C23 PX4 X . 20.16 18.93 24.08
O8 PX4 X . 21.35 18.66 23.97
C24 PX4 X . 19.15 18.03 24.81
C25 PX4 X . 19.60 17.64 26.23
C26 PX4 X . 18.67 16.58 26.85
C27 PX4 X . 18.99 16.48 28.34
C28 PX4 X . 18.65 17.85 28.94
C29 PX4 X . 19.05 18.05 30.41
C30 PX4 X . 18.44 19.28 31.05
C31 PX4 X . 19.25 19.76 32.27
C32 PX4 X . 18.55 20.94 32.95
C33 PX4 X . 17.31 20.56 33.77
C34 PX4 X . 16.72 21.78 34.49
C35 PX4 X . 17.51 22.20 35.73
C36 PX4 X . 17.02 23.60 36.10
O1 PX4 Y . 8.31 -31.25 15.38
O2 PX4 Y . 8.07 -33.75 15.91
P1 PX4 Y . 7.63 -32.35 16.09
O3 PX4 Y . 6.12 -32.42 15.52
C1 PX4 Y . 5.46 -31.17 15.66
C2 PX4 Y . 3.93 -31.19 15.56
N1 PX4 Y . 3.29 -31.89 14.43
C3 PX4 Y . 3.97 -31.49 13.19
C4 PX4 Y . 3.29 -33.34 14.65
C5 PX4 Y . 1.88 -31.46 14.33
O4 PX4 Y . 7.33 -32.07 17.66
C6 PX4 Y . 7.92 -32.98 18.58
C7 PX4 Y . 7.27 -34.37 18.72
C8 PX4 Y . 8.45 -35.28 19.07
O5 PX4 Y . 9.54 -34.75 19.84
C9 PX4 Y . 10.17 -35.71 20.58
O6 PX4 Y . 9.83 -36.88 20.50
C10 PX4 Y . 11.22 -35.18 21.55
C11 PX4 Y . 10.76 -33.90 22.24
C12 PX4 Y . 10.05 -34.15 23.58
C13 PX4 Y . 10.98 -34.53 24.74
C14 PX4 Y . 10.34 -34.40 26.13
C15 PX4 Y . 11.27 -35.06 27.15
C16 PX4 Y . 10.70 -35.21 28.56
C17 PX4 Y . 11.74 -35.91 29.43
C18 PX4 Y . 11.00 -36.40 30.67
C19 PX4 Y . 11.93 -37.05 31.70
C20 PX4 Y . 13.10 -36.24 32.27
C21 PX4 Y . 12.68 -35.21 33.32
C22 PX4 Y . 13.82 -34.36 33.87
O7 PX4 Y . 6.18 -34.39 19.62
C23 PX4 Y . 5.54 -35.55 19.95
O8 PX4 Y . 5.70 -36.66 19.41
C24 PX4 Y . 4.41 -35.30 20.94
C25 PX4 Y . 4.97 -34.38 22.03
C26 PX4 Y . 3.87 -33.86 22.95
C27 PX4 Y . 4.45 -32.68 23.75
C28 PX4 Y . 3.32 -32.29 24.70
C29 PX4 Y . 3.57 -31.05 25.57
C30 PX4 Y . 2.42 -30.30 26.23
C31 PX4 Y . 3.09 -29.16 27.01
C32 PX4 Y . 4.10 -29.66 28.06
C33 PX4 Y . 4.57 -28.63 29.09
C34 PX4 Y . 5.66 -29.17 30.00
C35 PX4 Y . 6.15 -27.93 30.76
C36 PX4 Y . 6.98 -28.19 32.02
O1 PX4 Z . -0.86 -19.86 17.12
O2 PX4 Z . 0.97 -21.43 16.25
P1 PX4 Z . 0.09 -20.97 17.35
O3 PX4 Z . -1.01 -22.10 17.64
C1 PX4 Z . -2.19 -21.56 18.27
C2 PX4 Z . -3.29 -22.58 18.56
N1 PX4 Z . -2.80 -23.79 19.24
C3 PX4 Z . -1.79 -23.74 20.30
C4 PX4 Z . -4.06 -24.17 19.86
C5 PX4 Z . -2.39 -24.93 18.41
O4 PX4 Z . 0.73 -20.90 18.83
C6 PX4 Z . 1.30 -22.17 19.16
C7 PX4 Z . 1.94 -22.16 20.55
C8 PX4 Z . 1.87 -20.77 21.19
O5 PX4 Z . 2.62 -20.82 22.41
C9 PX4 Z . 2.02 -20.68 23.63
O6 PX4 Z . 0.86 -20.32 23.77
C10 PX4 Z . 2.97 -20.91 24.79
C11 PX4 Z . 3.21 -19.74 25.76
C12 PX4 Z . 4.07 -20.22 26.92
C13 PX4 Z . 4.27 -19.13 27.98
C14 PX4 Z . 4.99 -19.81 29.16
C15 PX4 Z . 5.42 -19.02 30.39
C16 PX4 Z . 6.40 -17.99 29.82
C17 PX4 Z . 6.98 -16.89 30.72
C18 PX4 Z . 8.25 -16.41 30.01
C19 PX4 Z . 9.30 -15.72 30.87
C20 PX4 Z . 10.00 -16.70 31.83
C21 PX4 Z . 10.99 -16.01 32.77
C22 PX4 Z . 11.37 -17.06 33.81
O7 PX4 Z . 1.25 -23.11 21.36
C23 PX4 Z . 1.91 -24.21 21.81
O8 PX4 Z . 2.95 -24.69 21.38
C24 PX4 Z . 1.08 -24.94 22.87
C25 PX4 Z . 1.66 -25.08 24.28
C26 PX4 Z . 0.68 -25.78 25.22
C27 PX4 Z . 1.20 -25.89 26.65
C28 PX4 Z . 1.12 -24.55 27.38
C29 PX4 Z . 1.46 -24.66 28.87
C30 PX4 Z . 2.93 -25.05 29.03
C31 PX4 Z . 3.46 -25.19 30.46
C32 PX4 Z . 3.65 -23.89 31.24
C33 PX4 Z . 3.97 -24.19 32.72
C34 PX4 Z . 4.11 -22.73 33.16
C35 PX4 Z . 4.33 -22.59 34.68
C36 PX4 Z . 3.13 -23.14 35.43
O1 PX4 AA . 4.84 -21.89 18.83
O2 PX4 AA . 5.33 -19.73 17.51
P1 PX4 AA . 5.56 -20.60 18.68
O3 PX4 AA . 7.05 -20.81 19.26
C1 PX4 AA . 7.35 -21.99 20.01
C2 PX4 AA . 8.78 -22.13 20.53
N1 PX4 AA . 9.21 -23.22 21.43
C3 PX4 AA . 8.96 -24.44 20.67
C4 PX4 AA . 10.66 -23.09 21.61
C5 PX4 AA . 8.68 -23.16 22.80
O4 PX4 AA . 5.13 -19.79 20.01
C6 PX4 AA . 5.96 -18.66 20.28
C7 PX4 AA . 5.73 -18.30 21.74
C8 PX4 AA . 4.22 -18.15 21.96
O5 PX4 AA . 3.90 -17.15 22.92
C9 PX4 AA . 2.58 -16.88 22.83
O6 PX4 AA . 1.80 -17.43 22.06
C10 PX4 AA . 2.14 -15.77 23.79
C11 PX4 AA . 0.88 -15.86 24.67
C12 PX4 AA . 0.37 -14.64 25.42
C13 PX4 AA . -0.99 -14.89 26.08
C14 PX4 AA . -1.50 -13.63 26.77
C15 PX4 AA . -0.46 -13.19 27.82
C16 PX4 AA . -1.02 -12.26 28.87
C17 PX4 AA . 0.02 -11.61 29.80
C18 PX4 AA . -0.63 -10.82 30.93
C19 PX4 AA . 0.38 -9.91 31.63
C20 PX4 AA . 0.60 -8.62 30.86
C21 PX4 AA . 1.32 -7.66 31.82
C22 PX4 AA . 1.65 -6.38 31.04
O7 PX4 AA . 6.22 -19.24 22.69
C23 PX4 AA . 7.47 -19.07 23.22
O8 PX4 AA . 8.37 -18.67 22.47
C24 PX4 AA . 7.78 -19.99 24.40
C25 PX4 AA . 7.99 -19.34 25.78
C26 PX4 AA . 9.40 -18.76 25.71
C27 PX4 AA . 9.80 -18.03 27.00
C28 PX4 AA . 11.14 -17.34 26.75
C29 PX4 AA . 11.42 -16.42 27.95
C30 PX4 AA . 12.71 -15.62 27.76
C31 PX4 AA . 13.25 -14.81 28.94
C32 PX4 AA . 12.28 -13.73 29.41
C33 PX4 AA . 12.85 -12.96 30.59
C34 PX4 AA . 11.85 -12.40 31.60
C35 PX4 AA . 12.66 -11.59 32.61
C36 PX4 AA . 13.48 -10.48 31.93
O1 PX4 BA . -3.38 34.96 17.93
O2 PX4 BA . -4.44 37.15 16.98
P1 PX4 BA . -3.95 36.32 18.11
O3 PX4 BA . -3.09 37.36 18.99
C1 PX4 BA . -2.10 37.89 18.11
C2 PX4 BA . -1.03 38.72 18.85
N1 PX4 BA . -0.19 37.96 19.78
C3 PX4 BA . 0.55 36.80 19.26
C4 PX4 BA . 0.85 38.94 20.17
C5 PX4 BA . -0.92 37.70 21.04
O4 PX4 BA . -5.28 36.08 18.99
C6 PX4 BA . -5.77 37.40 19.27
C7 PX4 BA . -6.02 37.63 20.76
C8 PX4 BA . -5.01 36.83 21.58
O5 PX4 BA . -5.18 36.75 23.00
C9 PX4 BA . -4.13 36.17 23.63
O6 PX4 BA . -3.16 35.82 22.98
C10 PX4 BA . -4.27 36.14 25.14
C11 PX4 BA . -4.54 34.76 25.76
C12 PX4 BA . -4.90 34.75 27.24
C13 PX4 BA . -3.92 35.55 28.09
C14 PX4 BA . -3.87 35.21 29.58
C15 PX4 BA . -2.93 36.17 30.32
C16 PX4 BA . -1.48 35.80 29.99
C17 PX4 BA . -0.57 36.72 30.82
C18 PX4 BA . 0.61 35.92 31.36
C19 PX4 BA . 0.14 34.82 32.34
C20 PX4 BA . 1.31 34.32 33.20
C21 PX4 BA . 2.40 33.60 32.42
C22 PX4 BA . 3.43 32.90 33.30
O7 PX4 BA . -6.19 39.05 20.89
C23 PX4 BA . -7.39 39.59 20.59
O8 PX4 BA . -8.21 38.88 20.00
C24 PX4 BA . -7.75 40.97 21.14
C25 PX4 BA . -9.26 41.14 21.24
C26 PX4 BA . -9.59 42.26 22.22
C27 PX4 BA . -11.11 42.28 22.39
C28 PX4 BA . -11.55 43.21 23.53
C29 PX4 BA . -10.85 43.08 24.88
C30 PX4 BA . -11.24 41.67 25.35
C31 PX4 BA . -10.83 41.37 26.80
C32 PX4 BA . -11.39 40.11 27.45
C33 PX4 BA . -10.57 40.06 28.75
C34 PX4 BA . -11.19 39.19 29.83
C35 PX4 BA . -10.38 39.11 31.13
C36 PX4 BA . -11.05 38.47 32.35
O1 PX4 CA . -1.19 26.18 20.51
O2 PX4 CA . 1.46 26.20 20.55
P1 PX4 CA . 0.14 25.61 20.83
O3 PX4 CA . 0.02 24.06 20.37
C1 PX4 CA . 0.11 23.14 21.45
C2 PX4 CA . -1.22 22.61 21.99
N1 PX4 CA . -1.10 21.62 23.07
C3 PX4 CA . -0.32 20.42 22.75
C4 PX4 CA . -0.53 22.24 24.28
C5 PX4 CA . -2.49 21.38 23.47
O4 PX4 CA . 0.17 25.60 22.44
C6 PX4 CA . 0.58 26.88 22.92
C7 PX4 CA . 0.01 27.27 24.28
C8 PX4 CA . -1.10 26.25 24.56
O5 PX4 CA . -2.36 26.79 24.98
C9 PX4 CA . -3.45 26.00 25.22
O6 PX4 CA . -3.41 24.86 24.74
C10 PX4 CA . -4.69 26.56 25.91
C11 PX4 CA . -4.30 27.40 27.13
C12 PX4 CA . -3.85 26.53 28.31
C13 PX4 CA . -3.44 27.25 29.58
C14 PX4 CA . -3.12 26.19 30.64
C15 PX4 CA . -2.82 26.97 31.93
C16 PX4 CA . -2.38 26.03 33.05
C17 PX4 CA . -2.04 26.91 34.25
C18 PX4 CA . -1.67 26.22 35.55
C19 PX4 CA . -2.01 26.97 36.84
C20 PX4 CA . -1.33 26.07 37.89
C21 PX4 CA . -1.65 26.69 39.25
C22 PX4 CA . -0.86 26.01 40.38
O7 PX4 CA . 0.96 27.49 25.33
C23 PX4 CA . 1.98 28.40 25.28
O8 PX4 CA . 2.24 29.10 24.31
C24 PX4 CA . 2.71 28.63 26.61
C25 PX4 CA . 4.22 28.72 26.43
C26 PX4 CA . 4.94 28.84 27.78
C27 PX4 CA . 6.41 29.24 27.78
C28 PX4 CA . 6.48 30.75 27.52
C29 PX4 CA . 6.33 31.58 28.79
C30 PX4 CA . 6.82 33.01 28.56
C31 PX4 CA . 8.26 33.10 28.07
C32 PX4 CA . 8.66 34.52 27.61
C33 PX4 CA . 10.11 34.62 27.17
C34 PX4 CA . 10.52 33.81 25.93
C35 PX4 CA . 12.04 33.76 25.73
C36 PX4 CA . 12.38 32.70 24.68
O1 PX4 DA . 6.42 26.75 22.85
O2 PX4 DA . 8.06 26.29 20.81
P1 PX4 DA . 7.72 26.77 22.16
O3 PX4 DA . 8.67 25.92 23.16
C1 PX4 DA . 9.97 25.67 22.65
C2 PX4 DA . 11.04 25.64 23.73
N1 PX4 DA . 10.86 24.66 24.83
C3 PX4 DA . 10.19 23.39 24.48
C4 PX4 DA . 12.21 24.33 25.32
C5 PX4 DA . 10.11 25.25 25.94
O4 PX4 DA . 8.55 28.10 22.55
C6 PX4 DA . 8.20 28.68 23.81
C7 PX4 DA . 9.14 29.77 24.35
C8 PX4 DA . 8.61 31.10 23.82
O5 PX4 DA . 7.19 31.05 23.70
C9 PX4 DA . 6.62 32.24 23.34
O6 PX4 DA . 7.35 33.13 22.94
C10 PX4 DA . 5.09 32.34 23.45
C11 PX4 DA . 4.76 32.54 24.93
C12 PX4 DA . 3.25 32.71 25.19
C13 PX4 DA . 2.90 32.98 26.65
C14 PX4 DA . 1.39 33.29 26.71
C15 PX4 DA . 1.21 34.74 26.25
C16 PX4 DA . -0.25 35.18 26.04
C17 PX4 DA . -0.18 36.53 25.33
C18 PX4 DA . 0.07 37.64 26.39
C19 PX4 DA . 0.23 38.97 25.66
C20 PX4 DA . 1.55 39.00 24.88
C21 PX4 DA . 1.81 40.46 24.52
C22 PX4 DA . 0.64 41.01 23.70
O7 PX4 DA . 9.35 29.63 25.75
C23 PX4 DA . 10.52 29.24 26.29
O8 PX4 DA . 11.35 28.75 25.53
C24 PX4 DA . 10.76 29.51 27.79
C25 PX4 DA . 12.07 30.29 27.96
C26 PX4 DA . 12.74 29.83 29.25
C27 PX4 DA . 14.22 30.02 29.62
C28 PX4 DA . 14.45 29.58 31.06
C29 PX4 DA . 15.97 29.63 31.33
C30 PX4 DA . 16.24 28.84 32.60
C31 PX4 DA . 15.67 27.42 32.56
C32 PX4 DA . 16.13 26.48 33.68
C33 PX4 DA . 17.66 26.51 33.66
C34 PX4 DA . 18.24 26.09 32.31
C35 PX4 DA . 19.74 25.86 32.47
C36 PX4 DA . 20.43 25.35 31.21
O1 PX4 EA . -24.89 -3.36 17.43
O2 PX4 EA . -22.39 -3.77 17.97
P1 PX4 EA . -23.83 -4.06 18.19
O3 PX4 EA . -24.24 -5.60 18.07
C1 PX4 EA . -23.63 -6.32 17.00
C2 PX4 EA . -23.84 -7.83 17.05
N1 PX4 EA . -25.15 -8.37 16.65
C3 PX4 EA . -26.33 -7.85 17.38
C4 PX4 EA . -25.21 -8.37 15.19
C5 PX4 EA . -25.11 -9.76 17.14
O4 PX4 EA . -24.04 -3.73 19.75
C6 PX4 EA . -23.96 -2.32 19.97
C7 PX4 EA . -24.74 -1.98 21.23
C8 PX4 EA . -25.14 -3.26 21.95
O5 PX4 EA . -26.52 -3.55 21.71
C9 PX4 EA . -27.25 -4.00 22.76
O6 PX4 EA . -26.60 -4.26 23.77
C10 PX4 EA . -28.67 -4.56 22.63
C11 PX4 EA . -28.82 -5.93 23.27
C12 PX4 EA . -30.27 -6.25 23.67
C13 PX4 EA . -30.22 -7.52 24.53
C14 PX4 EA . -29.05 -7.33 25.51
C15 PX4 EA . -28.78 -8.64 26.23
C16 PX4 EA . -28.04 -8.54 27.57
C17 PX4 EA . -28.80 -7.70 28.59
C18 PX4 EA . -28.22 -7.79 30.01
C19 PX4 EA . -28.02 -9.23 30.47
C20 PX4 EA . -27.31 -9.39 31.82
C21 PX4 EA . -25.82 -9.06 31.71
C22 PX4 EA . -25.35 -9.41 33.12
O7 PX4 EA . -24.17 -0.97 22.07
C23 PX4 EA . -24.36 0.34 21.76
O8 PX4 EA . -24.91 0.70 20.72
C24 PX4 EA . -23.70 1.35 22.70
C25 PX4 EA . -24.29 1.31 24.11
C26 PX4 EA . -23.63 2.49 24.82
C27 PX4 EA . -23.87 2.33 26.32
C28 PX4 EA . -23.52 3.66 26.98
C29 PX4 EA . -23.75 3.56 28.49
C30 PX4 EA . -23.78 4.86 29.30
C31 PX4 EA . -24.23 4.54 30.73
C32 PX4 EA . -23.82 5.74 31.57
C33 PX4 EA . -24.09 5.34 33.02
C34 PX4 EA . -23.87 6.40 34.11
C35 PX4 EA . -24.68 7.67 33.95
C36 PX4 EA . -24.24 8.82 34.87
O1 PX4 FA . -10.62 -8.28 22.04
O2 PX4 FA . -9.00 -9.38 20.50
P1 PX4 FA . -10.27 -9.50 21.26
O3 PX4 FA . -11.33 -9.78 20.08
C1 PX4 FA . -11.53 -8.52 19.42
C2 PX4 FA . -12.85 -8.38 18.66
N1 PX4 FA . -13.10 -7.06 18.07
C3 PX4 FA . -14.36 -7.00 17.34
C4 PX4 FA . -13.49 -6.18 19.18
C5 PX4 FA . -12.04 -6.45 17.24
O4 PX4 FA . -10.46 -10.87 22.06
C6 PX4 FA . -11.85 -11.05 22.37
C7 PX4 FA . -12.19 -12.33 23.13
C8 PX4 FA . -10.91 -13.05 23.54
O5 PX4 FA . -11.19 -14.46 23.61
C9 PX4 FA . -10.14 -15.30 23.79
O6 PX4 FA . -8.96 -14.99 23.70
C10 PX4 FA . -10.46 -16.78 24.00
C11 PX4 FA . -9.48 -17.41 25.00
C12 PX4 FA . -10.09 -18.74 25.46
C13 PX4 FA . -9.22 -19.38 26.53
C14 PX4 FA . -9.01 -18.64 27.86
C15 PX4 FA . -7.99 -19.30 28.80
C16 PX4 FA . -7.96 -18.73 30.21
C17 PX4 FA . -6.97 -19.55 31.04
C18 PX4 FA . -6.86 -19.29 32.55
C19 PX4 FA . -8.24 -19.33 33.20
C20 PX4 FA . -8.30 -19.08 34.71
C21 PX4 FA . -8.24 -20.42 35.46
C22 PX4 FA . -8.40 -20.26 36.98
O7 PX4 FA . -13.26 -12.15 24.07
C23 PX4 FA . -14.56 -12.00 23.70
O8 PX4 FA . -14.96 -11.76 22.57
C24 PX4 FA . -15.45 -11.53 24.85
C25 PX4 FA . -15.42 -12.52 26.02
C26 PX4 FA . -14.28 -12.43 27.04
C27 PX4 FA . -14.43 -13.56 28.06
C28 PX4 FA . -13.26 -13.42 29.04
C29 PX4 FA . -13.02 -14.75 29.73
C30 PX4 FA . -12.38 -15.62 28.65
C31 PX4 FA . -12.59 -17.12 28.79
C32 PX4 FA . -11.75 -17.62 29.97
C33 PX4 FA . -12.32 -18.90 30.57
C34 PX4 FA . -11.68 -19.31 31.90
C35 PX4 FA . -11.84 -20.82 32.14
C36 PX4 FA . -13.26 -21.35 32.31
O1 PX4 GA . -3.91 -7.88 23.73
O2 PX4 GA . -4.22 -9.76 21.88
P1 PX4 GA . -4.32 -9.22 23.25
O3 PX4 GA . -5.90 -9.11 23.54
C1 PX4 GA . -6.67 -8.25 22.71
C2 PX4 GA . -7.90 -7.66 23.41
N1 PX4 GA . -7.79 -6.83 24.62
C3 PX4 GA . -9.00 -6.00 24.84
C4 PX4 GA . -7.64 -7.80 25.72
C5 PX4 GA . -6.63 -5.94 24.51
O4 PX4 GA . -4.00 -10.36 24.35
C6 PX4 GA . -3.86 -9.94 25.71
C7 PX4 GA . -4.64 -10.82 26.69
C8 PX4 GA . -4.65 -12.27 26.22
O5 PX4 GA . -5.67 -13.15 26.71
C9 PX4 GA . -6.86 -13.27 26.08
O6 PX4 GA . -7.16 -12.55 25.13
C10 PX4 GA . -7.87 -14.09 26.90
C11 PX4 GA . -8.40 -13.02 27.86
C12 PX4 GA . -9.47 -13.56 28.80
C13 PX4 GA . -9.82 -12.60 29.95
C14 PX4 GA . -9.09 -13.08 31.20
C15 PX4 GA . -9.37 -14.53 31.64
C16 PX4 GA . -8.93 -14.80 33.09
C17 PX4 GA . -7.42 -14.77 33.39
C18 PX4 GA . -7.05 -14.57 34.86
C19 PX4 GA . -7.62 -15.64 35.80
C20 PX4 GA . -7.38 -15.37 37.28
C21 PX4 GA . -8.18 -16.47 37.98
C22 PX4 GA . -8.68 -16.11 39.38
O7 PX4 GA . -4.20 -10.63 28.03
C23 PX4 GA . -4.40 -9.42 28.63
O8 PX4 GA . -5.30 -8.74 28.15
C24 PX4 GA . -3.84 -9.14 30.03
C25 PX4 GA . -3.71 -7.64 30.28
C26 PX4 GA . -3.32 -7.48 31.75
C27 PX4 GA . -2.58 -6.18 32.05
C28 PX4 GA . -3.01 -5.62 33.42
C29 PX4 GA . -2.71 -6.38 34.70
C30 PX4 GA . -3.03 -5.54 35.95
C31 PX4 GA . -2.79 -6.51 37.12
C32 PX4 GA . -2.77 -5.46 38.24
C33 PX4 GA . -2.43 -5.94 39.65
C34 PX4 GA . -2.76 -4.84 40.66
C35 PX4 GA . -2.29 -5.35 42.02
C36 PX4 GA . -2.73 -4.45 43.19
O1 PX4 HA . 19.82 29.16 16.75
O2 PX4 HA . 19.86 26.55 16.77
P1 PX4 HA . 19.64 27.85 17.42
O3 PX4 HA . 18.11 27.76 17.88
C1 PX4 HA . 17.67 29.06 18.30
C2 PX4 HA . 16.50 28.99 19.27
N1 PX4 HA . 16.34 29.97 20.36
C3 PX4 HA . 15.06 29.68 21.03
C4 PX4 HA . 17.39 29.86 21.35
C5 PX4 HA . 16.28 31.31 19.74
O4 PX4 HA . 20.21 27.79 18.93
C6 PX4 HA . 20.94 26.57 19.16
C7 PX4 HA . 21.45 26.54 20.60
C8 PX4 HA . 20.40 27.08 21.57
O5 PX4 HA . 20.89 27.81 22.69
C9 PX4 HA . 21.28 29.10 22.56
O6 PX4 HA . 21.31 29.55 21.41
C10 PX4 HA . 21.51 29.92 23.83
C11 PX4 HA . 20.60 29.67 25.03
C12 PX4 HA . 19.15 30.18 24.97
C13 PX4 HA . 18.47 29.60 26.20
C14 PX4 HA . 18.66 28.10 26.38
C15 PX4 HA . 17.66 27.61 27.43
C16 PX4 HA . 17.67 26.12 27.85
C17 PX4 HA . 16.70 26.02 29.02
C18 PX4 HA . 16.19 24.58 29.21
C19 PX4 HA . 14.96 24.39 30.10
C20 PX4 HA . 13.73 25.04 29.47
C21 PX4 HA . 12.45 24.89 30.31
C22 PX4 HA . 11.45 25.87 29.71
O7 PX4 HA . 21.80 25.19 20.93
C23 PX4 HA . 23.13 24.89 20.90
O8 PX4 HA . 23.91 25.66 20.32
C24 PX4 HA . 23.57 23.64 21.66
C25 PX4 HA . 24.83 24.02 22.46
C26 PX4 HA . 25.26 22.87 23.37
C27 PX4 HA . 26.48 23.23 24.21
C28 PX4 HA . 27.02 22.02 25.01
C29 PX4 HA . 28.08 22.47 26.02
C30 PX4 HA . 27.60 23.69 26.82
C31 PX4 HA . 28.63 24.19 27.83
C32 PX4 HA . 28.89 23.00 28.75
C33 PX4 HA . 30.01 23.39 29.71
C34 PX4 HA . 30.49 22.37 30.75
C35 PX4 HA . 31.53 22.97 31.69
C36 PX4 HA . 31.45 22.22 33.01
O1 PX4 IA . 0.91 -12.86 17.39
O2 PX4 IA . 2.22 -14.57 18.78
P1 PX4 IA . 1.30 -13.41 18.71
O3 PX4 IA . -0.09 -14.00 19.29
C1 PX4 IA . 0.29 -14.93 20.31
C2 PX4 IA . -0.63 -16.15 20.43
N1 PX4 IA . -0.52 -17.22 19.43
C3 PX4 IA . -1.29 -16.90 18.22
C4 PX4 IA . 0.86 -17.57 19.08
C5 PX4 IA . -1.24 -18.36 20.02
O4 PX4 IA . 1.53 -12.25 19.79
C6 PX4 IA . 1.37 -11.04 19.04
C7 PX4 IA . 1.39 -9.85 20.01
C8 PX4 IA . 0.97 -10.45 21.34
O5 PX4 IA . 0.31 -9.68 22.37
C9 PX4 IA . 0.09 -10.49 23.43
O6 PX4 IA . 0.17 -11.72 23.36
C10 PX4 IA . -0.54 -9.74 24.61
C11 PX4 IA . 0.44 -9.62 25.77
C12 PX4 IA . -0.02 -8.64 26.86
C13 PX4 IA . 0.15 -7.26 26.20
C14 PX4 IA . -0.56 -6.31 27.16
C15 PX4 IA . -1.13 -5.04 26.49
C16 PX4 IA . -2.07 -4.30 27.43
C17 PX4 IA . -3.46 -4.92 27.21
C18 PX4 IA . -4.33 -4.54 28.40
C19 PX4 IA . -5.77 -5.03 28.19
C20 PX4 IA . -6.69 -4.31 29.17
C21 PX4 IA . -8.06 -4.97 29.08
C22 PX4 IA . -9.21 -4.75 30.07
O7 PX4 IA . 2.64 -9.17 20.05
C23 PX4 IA . 2.50 -7.82 19.90
O8 PX4 IA . 1.45 -7.43 19.40
C24 PX4 IA . 3.73 -6.93 20.00
C25 PX4 IA . 4.67 -7.19 21.17
C26 PX4 IA . 4.03 -6.74 22.48
C27 PX4 IA . 4.66 -7.53 23.63
C28 PX4 IA . 4.02 -7.20 24.98
C29 PX4 IA . 4.06 -5.70 25.32
C30 PX4 IA . 3.24 -5.36 26.57
C31 PX4 IA . 3.32 -3.86 26.88
C32 PX4 IA . 2.31 -3.41 27.95
C33 PX4 IA . 2.48 -1.94 28.28
C34 PX4 IA . 3.64 -1.66 29.24
C35 PX4 IA . 3.93 -0.18 29.36
C36 PX4 IA . 2.56 0.51 29.33
O1 PX4 JA . -32.28 -5.43 15.55
O2 PX4 JA . -32.36 -7.58 17.11
P1 PX4 JA . -32.88 -6.30 16.59
O3 PX4 JA . -34.47 -6.27 16.48
C1 PX4 JA . -34.91 -5.42 15.41
C2 PX4 JA . -36.43 -5.35 15.32
N1 PX4 JA . -37.05 -4.57 14.24
C3 PX4 JA . -36.84 -3.12 14.43
C4 PX4 JA . -36.64 -4.88 12.86
C5 PX4 JA . -38.51 -4.70 14.19
O4 PX4 JA . -32.85 -5.39 17.93
C6 PX4 JA . -33.37 -6.10 19.05
C7 PX4 JA . -34.21 -5.18 19.93
C8 PX4 JA . -33.46 -3.88 20.16
O5 PX4 JA . -33.33 -3.55 21.55
C9 PX4 JA . -32.35 -2.67 21.87
O6 PX4 JA . -31.48 -2.47 21.02
C10 PX4 JA . -32.50 -2.08 23.27
C11 PX4 JA . -32.45 -3.14 24.37
C12 PX4 JA . -31.92 -2.39 25.59
C13 PX4 JA . -31.92 -3.02 26.99
C14 PX4 JA . -31.47 -2.13 28.15
C15 PX4 JA . -31.57 -2.87 29.50
C16 PX4 JA . -31.26 -1.96 30.67
C17 PX4 JA . -29.79 -1.53 30.73
C18 PX4 JA . -29.38 -0.71 31.95
C19 PX4 JA . -28.88 -1.72 32.98
C20 PX4 JA . -28.48 -1.03 34.29
C21 PX4 JA . -27.99 -2.13 35.22
C22 PX4 JA . -29.23 -2.92 35.63
O7 PX4 JA . -35.60 -5.11 19.57
C23 PX4 JA . -36.50 -6.12 19.61
O8 PX4 JA . -36.15 -7.30 19.67
C24 PX4 JA . -37.95 -5.77 19.26
C25 PX4 JA . -38.67 -5.39 20.55
C26 PX4 JA . -39.08 -6.52 21.50
C27 PX4 JA . -39.79 -6.04 22.76
C28 PX4 JA . -40.24 -7.30 23.49
C29 PX4 JA . -40.98 -6.91 24.77
C30 PX4 JA . -40.26 -5.82 25.57
C31 PX4 JA . -40.99 -5.47 26.87
C32 PX4 JA . -41.18 -6.61 27.88
C33 PX4 JA . -41.98 -6.24 29.12
C34 PX4 JA . -41.46 -7.26 30.14
C35 PX4 JA . -42.12 -7.31 31.52
C36 PX4 JA . -41.27 -8.26 32.38
O1 PX4 KA . -27.30 -14.58 21.97
O2 PX4 KA . -25.04 -13.24 22.05
P1 PX4 KA . -25.82 -14.48 21.90
O3 PX4 KA . -25.27 -15.57 20.84
C1 PX4 KA . -26.05 -16.76 20.77
C2 PX4 KA . -25.24 -18.00 20.39
N1 PX4 KA . -24.40 -18.70 21.36
C3 PX4 KA . -24.13 -20.07 20.94
C4 PX4 KA . -23.03 -18.15 21.44
C5 PX4 KA . -24.96 -18.68 22.72
O4 PX4 KA . -25.50 -15.45 23.15
C6 PX4 KA . -25.65 -14.68 24.34
C7 PX4 KA . -25.49 -15.65 25.52
C8 PX4 KA . -24.01 -15.83 25.85
O5 PX4 KA . -23.19 -14.67 25.72
C9 PX4 KA . -21.88 -14.98 25.87
O6 PX4 KA . -21.44 -16.13 25.74
C10 PX4 KA . -20.83 -13.85 25.91
C11 PX4 KA . -20.61 -13.38 27.35
C12 PX4 KA . -19.44 -13.98 28.13
C13 PX4 KA . -19.62 -13.59 29.60
C14 PX4 KA . -19.41 -14.88 30.39
C15 PX4 KA . -19.95 -14.82 31.81
C16 PX4 KA . -19.70 -16.00 32.75
C17 PX4 KA . -20.74 -16.02 33.88
C18 PX4 KA . -22.01 -16.85 33.75
C19 PX4 KA . -23.09 -16.49 34.78
C20 PX4 KA . -24.42 -17.16 34.39
C21 PX4 KA . -25.58 -16.72 35.29
C22 PX4 KA . -26.83 -17.43 34.78
O7 PX4 KA . -26.26 -15.19 26.62
C23 PX4 KA . -27.62 -15.13 26.48
O8 PX4 KA . -28.18 -15.83 25.64
C24 PX4 KA . -28.39 -14.53 27.65
C25 PX4 KA . -28.36 -15.41 28.89
C26 PX4 KA . -28.61 -14.54 30.11
C27 PX4 KA . -28.27 -15.43 31.32
C28 PX4 KA . -28.83 -14.81 32.62
C29 PX4 KA . -28.06 -13.54 33.02
C30 PX4 KA . -28.89 -12.71 34.00
C31 PX4 KA . -30.25 -12.38 33.36
C32 PX4 KA . -30.89 -11.29 34.23
C33 PX4 KA . -31.92 -10.47 33.47
C34 PX4 KA . -32.91 -11.44 32.80
C35 PX4 KA . -34.17 -10.64 32.50
C36 PX4 KA . -35.42 -11.29 31.91
O1 PX4 LA . -20.63 4.78 18.95
O2 PX4 LA . -21.48 2.41 19.78
P1 PX4 LA . -21.59 3.87 19.65
O3 PX4 LA . -22.88 4.08 18.74
C1 PX4 LA . -23.82 3.07 19.14
C2 PX4 LA . -25.23 3.32 18.62
N1 PX4 LA . -26.23 4.20 19.26
C3 PX4 LA . -27.25 4.38 18.21
C4 PX4 LA . -26.80 3.72 20.53
C5 PX4 LA . -25.56 5.51 19.40
O4 PX4 LA . -22.20 4.52 20.99
C6 PX4 LA . -21.12 4.74 21.90
C7 PX4 LA . -21.51 5.80 22.94
C8 PX4 LA . -22.96 5.54 23.33
O5 PX4 LA . -23.85 6.66 23.44
C9 PX4 LA . -25.11 6.22 23.69
O6 PX4 LA . -25.42 5.10 23.32
C10 PX4 LA . -26.05 7.26 24.33
C11 PX4 LA . -25.98 7.02 25.84
C12 PX4 LA . -26.65 8.24 26.45
C13 PX4 LA . -27.25 8.07 27.86
C14 PX4 LA . -28.11 6.81 27.91
C15 PX4 LA . -29.14 7.05 29.02
C16 PX4 LA . -28.46 6.75 30.35
C17 PX4 LA . -29.47 6.55 31.48
C18 PX4 LA . -28.65 6.69 32.77
C19 PX4 LA . -29.51 6.62 34.03
C20 PX4 LA . -28.72 7.07 35.27
C21 PX4 LA . -29.50 7.10 36.58
C22 PX4 LA . -28.60 7.76 37.62
O7 PX4 LA . -20.66 5.91 24.08
C23 PX4 LA . -19.61 6.76 24.01
O8 PX4 LA . -19.21 7.07 22.89
C24 PX4 LA . -18.81 6.91 25.31
C25 PX4 LA . -19.53 6.51 26.61
C26 PX4 LA . -18.77 7.03 27.83
C27 PX4 LA . -19.71 7.10 29.02
C28 PX4 LA . -19.05 7.57 30.34
C29 PX4 LA . -20.01 7.63 31.52
C30 PX4 LA . -19.33 8.14 32.79
C31 PX4 LA . -20.35 8.23 33.92
C32 PX4 LA . -19.65 8.98 35.04
C33 PX4 LA . -19.06 10.31 34.53
C34 PX4 LA . -18.31 10.88 35.72
C35 PX4 LA . -17.69 12.23 35.41
C36 PX4 LA . -16.88 12.84 36.55
O1 PX4 MA . -15.89 0.90 15.42
O2 PX4 MA . -17.57 0.50 17.27
P1 PX4 MA . -16.57 1.39 16.64
O3 PX4 MA . -17.42 2.61 16.01
C1 PX4 MA . -18.55 2.86 16.85
C2 PX4 MA . -19.70 3.52 16.10
N1 PX4 MA . -20.52 2.74 15.17
C3 PX4 MA . -19.73 2.07 14.12
C4 PX4 MA . -21.35 1.63 15.66
C5 PX4 MA . -21.53 3.54 14.45
O4 PX4 MA . -15.62 2.18 17.68
C6 PX4 MA . -15.32 1.13 18.60
C7 PX4 MA . -14.75 1.72 19.89
C8 PX4 MA . -15.97 2.15 20.70
O5 PX4 MA . -17.02 1.18 20.74
C9 PX4 MA . -18.25 1.71 21.02
O6 PX4 MA . -18.44 2.93 20.97
C10 PX4 MA . -19.18 0.65 21.63
C11 PX4 MA . -20.03 1.20 22.77
C12 PX4 MA . -19.15 1.70 23.93
C13 PX4 MA . -19.93 1.80 25.24
C14 PX4 MA . -18.98 1.98 26.43
C15 PX4 MA . -19.84 2.42 27.60
C16 PX4 MA . -18.95 3.04 28.66
C17 PX4 MA . -19.88 3.19 29.88
C18 PX4 MA . -19.14 3.57 31.16
C19 PX4 MA . -20.07 3.68 32.37
C20 PX4 MA . -19.31 4.11 33.62
C21 PX4 MA . -20.17 4.29 34.88
C22 PX4 MA . -20.98 3.00 35.07
O7 PX4 MA . -13.88 0.77 20.50
C23 PX4 MA . -12.74 1.13 21.17
O8 PX4 MA . -12.08 2.07 20.74
C24 PX4 MA . -12.11 0.02 22.01
C25 PX4 MA . -12.25 0.27 23.51
C26 PX4 MA . -11.20 1.30 23.91
C27 PX4 MA . -11.19 1.67 25.41
C28 PX4 MA . -9.91 2.47 25.67
C29 PX4 MA . -9.76 2.70 27.17
C30 PX4 MA . -8.53 3.45 27.67
C31 PX4 MA . -8.65 3.52 29.20
C32 PX4 MA . -10.06 3.78 29.74
C33 PX4 MA . -9.98 3.77 31.27
C34 PX4 MA . -11.40 3.71 31.81
C35 PX4 MA . -11.31 3.75 33.34
C36 PX4 MA . -12.54 3.11 33.98
O1 PX4 NA . -18.57 -13.52 17.39
O2 PX4 NA . -16.62 -12.27 18.60
P1 PX4 NA . -17.76 -13.21 18.60
O3 PX4 NA . -17.02 -14.64 18.73
C1 PX4 NA . -16.42 -14.95 17.46
C2 PX4 NA . -15.45 -16.13 17.47
N1 PX4 NA . -15.82 -17.32 16.69
C3 PX4 NA . -14.63 -18.21 16.62
C4 PX4 NA . -16.91 -18.07 17.31
C5 PX4 NA . -16.32 -17.15 15.31
O4 PX4 NA . -18.56 -13.19 19.98
C6 PX4 NA . -17.63 -13.15 21.05
C7 PX4 NA . -18.06 -13.29 22.51
C8 PX4 NA . -19.28 -12.37 22.63
O5 PX4 NA . -19.10 -11.05 23.15
C9 PX4 NA . -20.16 -10.21 23.28
O6 PX4 NA . -21.20 -10.68 22.84
C10 PX4 NA . -20.07 -9.09 24.32
C11 PX4 NA . -18.68 -8.93 24.92
C12 PX4 NA . -18.68 -7.63 25.73
C13 PX4 NA . -17.43 -7.36 26.56
C14 PX4 NA . -17.22 -8.53 27.52
C15 PX4 NA . -16.07 -8.31 28.50
C16 PX4 NA . -15.61 -9.54 29.29
C17 PX4 NA . -14.48 -9.28 30.30
C18 PX4 NA . -14.12 -10.54 31.08
C19 PX4 NA . -12.98 -10.26 32.06
C20 PX4 NA . -12.67 -11.47 32.95
C21 PX4 NA . -11.59 -11.17 33.98
C22 PX4 NA . -11.09 -12.52 34.50
O7 PX4 NA . -18.38 -14.61 22.99
C23 PX4 NA . -17.39 -15.48 23.31
O8 PX4 NA . -16.24 -15.11 23.09
C24 PX4 NA . -17.70 -16.68 24.20
C25 PX4 NA . -17.43 -16.32 25.66
C26 PX4 NA . -17.63 -17.52 26.58
C27 PX4 NA . -17.17 -17.22 28.01
C28 PX4 NA . -16.94 -18.59 28.66
C29 PX4 NA . -16.77 -18.30 30.14
C30 PX4 NA . -16.41 -19.59 30.90
C31 PX4 NA . -16.15 -19.29 32.38
C32 PX4 NA . -17.26 -18.43 32.97
C33 PX4 NA . -16.84 -17.91 34.33
C34 PX4 NA . -15.69 -16.88 34.33
C35 PX4 NA . -15.86 -15.66 33.43
C36 PX4 NA . -14.58 -14.89 33.10
O1 PX4 OA . -5.83 -18.29 19.11
O2 PX4 OA . -8.13 -18.20 20.27
P1 PX4 OA . -6.75 -17.71 20.12
O3 PX4 OA . -6.78 -16.11 19.94
C1 PX4 OA . -7.77 -15.45 20.75
C2 PX4 OA . -7.60 -13.94 20.68
N1 PX4 OA . -6.48 -13.29 21.39
C3 PX4 OA . -5.70 -14.09 22.33
C4 PX4 OA . -5.66 -12.81 20.27
C5 PX4 OA . -7.07 -12.14 22.08
O4 PX4 OA . -5.93 -17.55 21.48
C6 PX4 OA . -5.27 -18.77 21.82
C7 PX4 OA . -5.79 -19.51 23.04
C8 PX4 OA . -6.32 -18.51 24.07
O5 PX4 OA . -5.89 -18.72 25.42
C9 PX4 OA . -4.60 -18.50 25.78
O6 PX4 OA . -3.69 -18.06 25.08
C10 PX4 OA . -4.37 -19.13 27.16
C11 PX4 OA . -3.81 -18.16 28.20
C12 PX4 OA . -4.83 -17.10 28.63
C13 PX4 OA . -4.20 -16.00 29.50
C14 PX4 OA . -5.24 -14.89 29.72
C15 PX4 OA . -4.48 -13.98 30.69
C16 PX4 OA . -5.25 -12.69 31.01
C17 PX4 OA . -4.54 -11.87 32.08
C18 PX4 OA . -4.13 -12.60 33.36
C19 PX4 OA . -2.70 -12.16 33.66
C20 PX4 OA . -2.14 -12.99 34.81
C21 PX4 OA . -2.24 -14.46 34.37
C22 PX4 OA . -1.72 -15.47 35.40
O7 PX4 OA . -6.68 -20.57 22.67
C23 PX4 OA . -6.20 -21.77 22.31
O8 PX4 OA . -5.04 -21.82 21.93
C24 PX4 OA . -7.23 -22.88 22.14
C25 PX4 OA . -7.39 -23.80 23.36
C26 PX4 OA . -8.26 -23.19 24.46
C27 PX4 OA . -8.32 -24.07 25.72
C28 PX4 OA . -6.95 -24.47 26.27
C29 PX4 OA . -6.20 -23.38 27.06
C30 PX4 OA . -5.29 -23.97 28.13
C31 PX4 OA . -4.27 -23.01 28.78
C32 PX4 OA . -3.43 -23.82 29.78
C33 PX4 OA . -2.49 -22.90 30.53
C34 PX4 OA . -1.71 -23.58 31.67
C35 PX4 OA . -0.85 -22.62 32.49
C36 PX4 OA . -0.33 -23.38 33.71
O1 PX4 PA . -6.40 -29.37 21.93
O2 PX4 PA . -5.95 -26.92 21.16
P1 PX4 PA . -5.50 -28.21 21.71
O3 PX4 PA . -4.13 -28.68 21.01
C1 PX4 PA . -3.94 -30.04 21.39
C2 PX4 PA . -2.75 -30.80 20.79
N1 PX4 PA . -2.45 -30.76 19.36
C3 PX4 PA . -3.64 -30.72 18.49
C4 PX4 PA . -1.59 -29.65 18.94
C5 PX4 PA . -1.93 -32.11 19.08
O4 PX4 PA . -4.74 -27.84 23.09
C6 PX4 PA . -5.25 -26.74 23.83
C7 PX4 PA . -4.36 -26.41 25.03
C8 PX4 PA . -3.36 -27.54 25.24
O5 PX4 PA . -3.13 -27.84 26.63
C9 PX4 PA . -1.95 -28.45 26.95
O6 PX4 PA . -1.03 -28.52 26.15
C10 PX4 PA . -1.79 -28.64 28.46
C11 PX4 PA . -0.35 -28.59 28.95
C12 PX4 PA . -0.26 -28.56 30.48
C13 PX4 PA . 1.15 -28.47 31.07
C14 PX4 PA . 1.15 -28.35 32.60
C15 PX4 PA . 2.40 -27.58 33.03
C16 PX4 PA . 2.63 -27.30 34.51
C17 PX4 PA . 1.40 -26.59 35.10
C18 PX4 PA . 1.46 -26.38 36.61
C19 PX4 PA . 0.25 -25.55 37.04
C20 PX4 PA . 0.61 -25.11 38.45
C21 PX4 PA . -0.27 -23.89 38.75
C22 PX4 PA . 0.12 -22.97 39.92
O7 PX4 PA . -3.95 -25.04 25.09
C23 PX4 PA . -3.04 -24.54 24.20
O8 PX4 PA . -2.72 -25.04 23.13
C24 PX4 PA . -2.81 -23.05 24.47
C25 PX4 PA . -1.75 -22.94 25.58
C26 PX4 PA . -1.66 -21.46 25.98
C27 PX4 PA . -0.73 -21.20 27.16
C28 PX4 PA . -0.51 -19.81 27.75
C29 PX4 PA . 0.32 -19.80 29.04
C30 PX4 PA . 0.59 -18.35 29.41
C31 PX4 PA . 1.49 -18.30 30.65
C32 PX4 PA . 1.96 -16.91 31.10
C33 PX4 PA . 2.61 -16.97 32.48
C34 PX4 PA . 3.10 -15.63 33.06
C35 PX4 PA . 1.84 -14.81 33.36
C36 PX4 PA . 2.05 -13.67 34.37
O1 PX4 QA . 14.13 -25.92 16.57
O2 PX4 QA . 16.59 -26.62 16.84
P1 PX4 QA . 15.16 -26.92 16.98
O3 PX4 QA . 14.81 -28.22 16.08
C1 PX4 QA . 13.51 -28.64 16.50
C2 PX4 QA . 13.02 -29.98 15.97
N1 PX4 QA . 11.57 -30.23 15.94
C3 PX4 QA . 11.40 -31.62 15.49
C4 PX4 QA . 10.98 -30.00 17.26
C5 PX4 QA . 10.91 -29.34 14.97
O4 PX4 QA . 14.92 -27.47 18.46
C6 PX4 QA . 16.04 -27.81 19.28
C7 PX4 QA . 15.67 -27.79 20.76
C8 PX4 QA . 14.27 -27.22 21.00
O5 PX4 QA . 14.01 -26.56 22.23
C9 PX4 QA . 12.79 -25.98 22.39
O6 PX4 QA . 11.95 -25.90 21.50
C10 PX4 QA . 12.58 -25.51 23.83
C11 PX4 QA . 13.05 -26.58 24.81
C12 PX4 QA . 13.10 -26.23 26.30
C13 PX4 QA . 11.69 -25.92 26.82
C14 PX4 QA . 11.72 -25.52 28.30
C15 PX4 QA . 12.61 -26.51 29.07
C16 PX4 QA . 12.61 -26.30 30.59
C17 PX4 QA . 11.30 -26.44 31.36
C18 PX4 QA . 11.33 -26.04 32.84
C19 PX4 QA . 12.39 -26.74 33.69
C20 PX4 QA . 11.99 -26.42 35.11
C21 PX4 QA . 12.20 -24.95 35.49
C22 PX4 QA . 11.85 -24.52 36.91
O7 PX4 QA . 15.91 -29.07 21.36
C23 PX4 QA . 17.08 -29.24 22.02
O8 PX4 QA . 17.97 -28.41 21.84
C24 PX4 QA . 17.12 -30.52 22.89
C25 PX4 QA . 16.75 -30.07 24.30
C26 PX4 QA . 16.73 -31.43 24.99
C27 PX4 QA . 16.36 -31.27 26.46
C28 PX4 QA . 16.73 -32.63 27.09
C29 PX4 QA . 16.45 -32.80 28.57
C30 PX4 QA . 16.78 -34.24 28.96
C31 PX4 QA . 16.61 -34.34 30.48
C32 PX4 QA . 17.13 -35.67 31.05
C33 PX4 QA . 17.46 -35.75 32.55
C34 PX4 QA . 18.58 -34.76 32.90
C35 PX4 QA . 18.66 -34.54 34.42
C36 PX4 QA . 18.49 -35.92 35.05
O1 PX4 RA . -33.52 -1.82 17.71
O2 PX4 RA . -32.76 -0.61 15.58
P1 PX4 RA . -32.62 -0.85 17.03
O3 PX4 RA . -31.15 -1.49 17.18
C1 PX4 RA . -31.00 -2.77 16.56
C2 PX4 RA . -29.54 -3.24 16.62
N1 PX4 RA . -28.97 -3.65 17.91
C3 PX4 RA . -29.93 -4.43 18.71
C4 PX4 RA . -27.83 -4.59 17.73
C5 PX4 RA . -28.54 -2.63 18.87
O4 PX4 RA . -32.38 0.41 18.01
C6 PX4 RA . -32.45 -0.08 19.36
C7 PX4 RA . -32.54 1.07 20.37
C8 PX4 RA . -34.00 1.03 20.86
O5 PX4 RA . -34.63 -0.25 21.02
C9 PX4 RA . -35.97 -0.26 21.22
O6 PX4 RA . -36.59 0.80 21.35
C10 PX4 RA . -36.74 -1.57 21.24
C11 PX4 RA . -37.16 -1.94 22.66
C12 PX4 RA . -36.18 -2.99 23.20
C13 PX4 RA . -36.55 -3.40 24.63
C14 PX4 RA . -36.75 -2.12 25.43
C15 PX4 RA . -37.38 -2.44 26.79
C16 PX4 RA . -36.42 -3.46 27.41
C17 PX4 RA . -36.92 -4.11 28.69
C18 PX4 RA . -36.79 -5.64 28.59
C19 PX4 RA . -37.42 -6.18 29.88
C20 PX4 RA . -36.58 -5.78 31.10
C21 PX4 RA . -37.36 -6.12 32.36
C22 PX4 RA . -36.77 -5.54 33.65
O7 PX4 RA . -31.64 1.06 21.47
C23 PX4 RA . -30.30 1.29 21.36
O8 PX4 RA . -29.94 2.08 20.49
C24 PX4 RA . -29.36 0.96 22.52
C25 PX4 RA . -28.92 -0.51 22.45
C26 PX4 RA . -27.95 -0.77 23.60
C27 PX4 RA . -28.68 -0.47 24.90
C28 PX4 RA . -27.86 -0.86 26.13
C29 PX4 RA . -28.22 0.15 27.22
C30 PX4 RA . -27.05 0.24 28.20
C31 PX4 RA . -27.37 1.24 29.32
C32 PX4 RA . -26.19 1.35 30.29
C33 PX4 RA . -25.77 0.01 30.87
C34 PX4 RA . -24.88 0.15 32.11
C35 PX4 RA . -24.66 -1.14 32.88
C36 PX4 RA . -24.07 -0.76 34.24
O1 PX4 SA . -31.57 -12.84 17.03
O2 PX4 SA . -32.71 -14.48 18.59
P1 PX4 SA . -32.45 -13.09 18.18
O3 PX4 SA . -33.85 -12.43 17.74
C1 PX4 SA . -33.97 -12.83 16.36
C2 PX4 SA . -35.36 -12.58 15.79
N1 PX4 SA . -36.56 -13.15 16.42
C3 PX4 SA . -37.66 -13.12 15.45
C4 PX4 SA . -36.49 -14.54 16.88
C5 PX4 SA . -36.97 -12.38 17.60
O4 PX4 SA . -31.98 -12.09 19.37
C6 PX4 SA . -31.45 -10.84 18.95
C7 PX4 SA . -31.06 -9.69 19.90
C8 PX4 SA . -32.02 -9.83 21.08
O5 PX4 SA . -32.86 -8.72 21.42
C9 PX4 SA . -33.70 -8.96 22.46
O6 PX4 SA . -33.47 -9.93 23.16
C10 PX4 SA . -34.78 -7.89 22.73
C11 PX4 SA . -34.43 -6.83 23.77
C12 PX4 SA . -34.33 -7.39 25.19
C13 PX4 SA . -33.82 -6.33 26.16
C14 PX4 SA . -33.80 -6.91 27.56
C15 PX4 SA . -33.23 -6.06 28.69
C16 PX4 SA . -33.13 -6.90 29.95
C17 PX4 SA . -32.52 -6.06 31.08
C18 PX4 SA . -32.01 -6.84 32.29
C19 PX4 SA . -31.56 -5.95 33.44
C20 PX4 SA . -31.34 -6.71 34.74
C21 PX4 SA . -30.00 -7.41 34.92
C22 PX4 SA . -29.91 -8.33 36.14
O7 PX4 SA . -29.67 -9.61 20.24
C23 PX4 SA . -28.98 -8.45 20.38
O8 PX4 SA . -29.25 -7.42 19.78
C24 PX4 SA . -27.62 -8.55 21.09
C25 PX4 SA . -27.62 -9.54 22.26
C26 PX4 SA . -26.23 -9.93 22.77
C27 PX4 SA . -26.07 -10.65 24.09
C28 PX4 SA . -24.59 -10.40 24.36
C29 PX4 SA . -24.22 -10.99 25.72
C30 PX4 SA . -24.66 -10.25 26.99
C31 PX4 SA . -24.01 -10.80 28.27
C32 PX4 SA . -24.39 -12.29 28.24
C33 PX4 SA . -25.01 -12.75 29.55
C34 PX4 SA . -24.20 -12.35 30.78
C35 PX4 SA . -24.26 -13.54 31.74
C36 PX4 SA . -23.60 -13.29 33.09
O1 PX4 TA . -11.60 12.46 14.43
O2 PX4 TA . -10.37 10.15 13.87
P1 PX4 TA . -11.45 11.00 14.42
O3 PX4 TA . -12.84 10.57 13.73
C1 PX4 TA . -13.94 11.27 14.31
C2 PX4 TA . -15.05 11.46 13.29
N1 PX4 TA . -16.27 12.14 13.74
C3 PX4 TA . -17.16 12.37 12.59
C4 PX4 TA . -17.02 11.17 14.57
C5 PX4 TA . -15.96 13.40 14.41
O4 PX4 TA . -11.98 10.56 15.87
C6 PX4 TA . -11.31 9.33 16.12
C7 PX4 TA . -11.81 8.61 17.38
C8 PX4 TA . -12.28 9.66 18.40
O5 PX4 TA . -11.90 9.33 19.74
C9 PX4 TA . -12.62 10.06 20.64
O6 PX4 TA . -13.33 11.00 20.28
C10 PX4 TA . -12.45 9.65 22.10
C11 PX4 TA . -13.70 9.74 22.96
C12 PX4 TA . -13.44 9.31 24.41
C13 PX4 TA . -14.73 9.57 25.18
C14 PX4 TA . -14.37 9.96 26.63
C15 PX4 TA . -13.52 11.22 26.62
C16 PX4 TA . -13.03 11.53 28.04
C17 PX4 TA . -12.03 12.71 28.10
C18 PX4 TA . -11.67 12.99 29.55
C19 PX4 TA . -10.62 14.10 29.54
C20 PX4 TA . -10.26 14.46 30.99
C21 PX4 TA . -9.19 15.55 30.99
C22 PX4 TA . -9.67 16.60 30.00
O7 PX4 TA . -12.67 7.50 17.10
C23 PX4 TA . -12.10 6.26 16.98
O8 PX4 TA . -11.05 6.06 16.37
C24 PX4 TA . -13.18 5.17 17.05
C25 PX4 TA . -13.94 5.25 18.36
C26 PX4 TA . -13.09 5.39 19.62
C27 PX4 TA . -13.80 5.31 20.97
C28 PX4 TA . -12.87 5.43 22.18
C29 PX4 TA . -13.54 5.69 23.51
C30 PX4 TA . -14.20 4.42 24.04
C31 PX4 TA . -15.32 4.67 25.05
C32 PX4 TA . -15.99 3.34 25.38
C33 PX4 TA . -15.01 2.34 26.00
C34 PX4 TA . -14.31 2.94 27.22
C35 PX4 TA . -15.29 3.08 28.38
C36 PX4 TA . -14.42 3.67 29.48
O1 PX4 UA . -8.47 12.73 15.85
O2 PX4 UA . -10.36 12.84 17.72
P1 PX4 UA . -9.03 13.17 17.16
O3 PX4 UA . -8.85 14.78 17.23
C1 PX4 UA . -9.36 15.05 18.53
C2 PX4 UA . -9.03 16.39 19.18
N1 PX4 UA . -10.03 16.84 20.16
C3 PX4 UA . -11.20 17.29 19.41
C4 PX4 UA . -10.40 15.75 21.07
C5 PX4 UA . -9.42 17.97 20.89
O4 PX4 UA . -7.89 12.58 18.15
C6 PX4 UA . -8.30 11.50 18.97
C7 PX4 UA . -7.17 10.60 19.50
C8 PX4 UA . -6.23 11.46 20.34
O5 PX4 UA . -4.85 11.25 19.99
C9 PX4 UA . -3.93 11.61 20.93
O6 PX4 UA . -4.39 12.33 21.82
C10 PX4 UA . -2.48 11.23 20.66
C11 PX4 UA . -1.66 10.68 21.83
C12 PX4 UA . -0.28 10.17 21.39
C13 PX4 UA . 0.35 9.40 22.55
C14 PX4 UA . -0.69 8.35 22.98
C15 PX4 UA . -0.02 7.56 24.12
C16 PX4 UA . 0.23 8.39 25.38
C17 PX4 UA . 1.13 7.49 26.24
C18 PX4 UA . 1.12 7.89 27.70
C19 PX4 UA . 1.86 6.94 28.64
C20 PX4 UA . 2.14 7.59 30.00
C21 PX4 UA . 2.90 6.49 30.74
C22 PX4 UA . 3.54 6.90 32.07
O7 PX4 UA . -7.69 9.37 20.01
C23 PX4 UA . -8.38 8.41 19.34
O8 PX4 UA . -8.54 8.50 18.13
C24 PX4 UA . -8.80 7.22 20.20
C25 PX4 UA . -8.85 7.32 21.72
C26 PX4 UA . -8.95 5.94 22.36
C27 PX4 UA . -8.83 6.09 23.88
C28 PX4 UA . -9.89 7.02 24.48
C29 PX4 UA . -9.82 6.89 25.99
C30 PX4 UA . -10.82 7.73 26.81
C31 PX4 UA . -11.02 7.05 28.17
C32 PX4 UA . -12.05 7.80 29.01
C33 PX4 UA . -12.39 7.01 30.27
C34 PX4 UA . -13.37 7.79 31.17
C35 PX4 UA . -13.75 7.04 32.45
C36 PX4 UA . -14.79 7.88 33.21
O1 PX4 VA . -21.05 -11.90 16.71
O2 PX4 VA . -22.20 -10.40 15.03
P1 PX4 VA . -21.13 -10.59 16.05
O3 PX4 VA . -19.72 -10.28 15.33
C1 PX4 VA . -20.02 -9.13 14.52
C2 PX4 VA . -18.77 -8.37 14.05
N1 PX4 VA . -17.69 -9.09 13.38
C3 PX4 VA . -16.90 -9.98 14.25
C4 PX4 VA . -18.15 -9.75 12.16
C5 PX4 VA . -16.69 -8.07 13.00
O4 PX4 VA . -21.15 -9.46 17.19
C6 PX4 VA . -20.27 -9.92 18.22
C7 PX4 VA . -20.24 -9.10 19.50
C8 PX4 VA . -21.64 -9.16 20.10
O5 PX4 VA . -22.10 -7.89 20.56
C9 PX4 VA . -23.43 -8.01 20.88
O6 PX4 VA . -24.07 -8.95 20.42
C10 PX4 VA . -23.98 -6.67 21.36
C11 PX4 VA . -24.21 -6.74 22.87
C12 PX4 VA . -22.97 -6.80 23.78
C13 PX4 VA . -23.34 -6.82 25.25
C14 PX4 VA . -24.20 -5.60 25.61
C15 PX4 VA . -24.96 -5.56 26.92
C16 PX4 VA . -25.68 -4.24 27.24
C17 PX4 VA . -26.51 -4.39 28.52
C18 PX4 VA . -25.57 -4.59 29.71
C19 PX4 VA . -26.55 -4.75 30.86
C20 PX4 VA . -25.74 -4.84 32.15
C21 PX4 VA . -26.69 -5.17 33.32
C22 PX4 VA . -25.93 -5.33 34.63
O7 PX4 VA . -19.16 -9.41 20.38
C23 PX4 VA . -17.90 -8.99 20.12
O8 PX4 VA . -17.56 -8.49 19.06
C24 PX4 VA . -16.93 -9.15 21.31
C25 PX4 VA . -16.39 -7.75 21.61
C26 PX4 VA . -16.01 -7.54 23.08
C27 PX4 VA . -14.60 -8.10 23.26
C28 PX4 VA . -14.30 -8.23 24.75
C29 PX4 VA . -12.92 -8.70 25.20
C30 PX4 VA . -12.77 -8.68 26.73
C31 PX4 VA . -11.29 -8.82 27.03
C32 PX4 VA . -10.98 -8.79 28.54
C33 PX4 VA . -9.55 -9.20 28.86
C34 PX4 VA . -9.23 -9.07 30.35
C35 PX4 VA . -7.76 -9.19 30.77
C36 PX4 VA . -7.57 -9.22 32.28
O1 PX4 WA . -12.37 -3.30 17.20
O2 PX4 WA . -14.95 -2.98 17.10
P1 PX4 WA . -13.59 -2.54 17.51
O3 PX4 WA . -13.40 -0.97 17.23
C1 PX4 WA . -12.04 -0.63 17.57
C2 PX4 WA . -11.57 0.80 17.28
N1 PX4 WA . -11.32 1.12 15.87
C3 PX4 WA . -10.87 2.51 15.79
C4 PX4 WA . -10.27 0.25 15.29
C5 PX4 WA . -12.53 0.95 15.04
O4 PX4 WA . -13.74 -2.56 19.11
C6 PX4 WA . -15.08 -2.05 19.28
C7 PX4 WA . -15.78 -2.61 20.52
C8 PX4 WA . -15.63 -1.50 21.57
O5 PX4 WA . -15.42 -1.80 22.94
C9 PX4 WA . -15.73 -0.75 23.74
O6 PX4 WA . -15.57 0.42 23.41
C10 PX4 WA . -15.70 -0.98 25.26
C11 PX4 WA . -16.86 -1.84 25.76
C12 PX4 WA . -16.66 -2.29 27.21
C13 PX4 WA . -17.76 -3.36 27.21
C14 PX4 WA . -17.92 -3.80 28.68
C15 PX4 WA . -19.41 -3.94 29.03
C16 PX4 WA . -19.84 -5.03 30.02
C17 PX4 WA . -21.36 -5.16 30.16
C18 PX4 WA . -21.83 -6.20 31.17
C19 PX4 WA . -21.26 -7.55 30.73
C20 PX4 WA . -21.63 -8.65 31.73
C21 PX4 WA . -21.14 -9.94 31.08
C22 PX4 WA . -19.62 -9.95 30.98
O7 PX4 WA . -17.13 -3.03 20.33
C23 PX4 WA . -17.29 -4.37 20.12
O8 PX4 WA . -16.35 -4.98 19.62
C24 PX4 WA . -18.76 -4.80 20.04
C25 PX4 WA . -19.77 -3.96 20.81
C26 PX4 WA . -19.59 -3.86 22.33
C27 PX4 WA . -20.68 -2.97 22.92
C28 PX4 WA . -20.60 -2.74 24.42
C29 PX4 WA . -21.76 -1.89 24.97
C30 PX4 WA . -21.77 -1.98 26.49
C31 PX4 WA . -22.74 -1.03 27.19
C32 PX4 WA . -22.77 -1.30 28.71
C33 PX4 WA . -21.45 -0.85 29.33
C34 PX4 WA . -21.56 -1.24 30.80
C35 PX4 WA . -20.39 -0.49 31.42
C36 PX4 WA . -20.24 -0.71 32.94
O1 PX4 XA . 6.11 -5.27 17.59
O2 PX4 XA . 4.54 -3.72 16.35
P1 PX4 XA . 5.75 -3.91 17.19
O3 PX4 XA . 7.07 -3.37 16.46
C1 PX4 XA . 8.07 -3.47 17.47
C2 PX4 XA . 9.50 -3.62 16.97
N1 PX4 XA . 10.59 -4.07 17.84
C3 PX4 XA . 10.99 -3.08 18.85
C4 PX4 XA . 10.40 -5.39 18.46
C5 PX4 XA . 11.87 -4.18 17.11
O4 PX4 XA . 5.57 -3.13 18.59
C6 PX4 XA . 4.34 -3.57 19.15
C7 PX4 XA . 4.30 -3.22 20.64
C8 PX4 XA . 5.71 -2.81 21.05
O5 PX4 XA . 6.36 -3.67 22.00
C9 PX4 XA . 7.41 -4.33 21.46
O6 PX4 XA . 7.94 -4.00 20.39
C10 PX4 XA . 7.90 -5.55 22.24
C11 PX4 XA . 7.56 -5.40 23.73
C12 PX4 XA . 8.25 -6.36 24.70
C13 PX4 XA . 8.40 -5.79 26.11
C14 PX4 XA . 9.81 -5.26 26.44
C15 PX4 XA . 10.08 -4.80 27.87
C16 PX4 XA . 11.50 -4.26 27.99
C17 PX4 XA . 12.54 -5.35 27.74
C18 PX4 XA . 13.90 -4.92 28.25
C19 PX4 XA . 14.82 -6.12 27.98
C20 PX4 XA . 16.12 -5.93 28.77
C21 PX4 XA . 17.29 -6.89 28.55
C22 PX4 XA . 16.85 -8.20 29.21
O7 PX4 XA . 3.23 -2.35 20.99
C23 PX4 XA . 1.97 -2.80 21.30
O8 PX4 XA . 1.32 -3.62 20.66
C24 PX4 XA . 1.22 -1.88 22.26
C25 PX4 XA . 1.33 -2.26 23.73
C26 PX4 XA . 0.59 -1.33 24.70
C27 PX4 XA . -0.81 -1.32 24.10
C28 PX4 XA . -1.66 -0.29 24.86
C29 PX4 XA . -1.70 -0.69 26.33
C30 PX4 XA . -2.81 0.12 27.03
C31 PX4 XA . -3.01 -0.38 28.45
C32 PX4 XA . -4.18 0.40 29.06
C33 PX4 XA . -4.46 -0.01 30.51
C34 PX4 XA . -5.96 0.27 30.69
C35 PX4 XA . -6.58 -0.40 31.92
C36 PX4 XA . -8.04 0.04 31.94
O1 PX4 YA . 4.41 -13.12 15.92
O2 PX4 YA . 5.61 -10.85 15.83
P1 PX4 YA . 5.08 -11.99 16.60
O3 PX4 YA . 6.44 -12.77 16.93
C1 PX4 YA . 6.99 -13.24 15.71
C2 PX4 YA . 8.12 -14.26 15.85
N1 PX4 YA . 8.74 -14.75 14.62
C3 PX4 YA . 10.00 -15.46 14.87
C4 PX4 YA . 7.86 -15.69 13.89
C5 PX4 YA . 9.07 -13.73 13.61
O4 PX4 YA . 4.74 -11.74 18.15
C6 PX4 YA . 5.60 -10.66 18.52
C7 PX4 YA . 6.01 -10.64 20.00
C8 PX4 YA . 5.22 -11.81 20.58
O5 PX4 YA . 4.47 -11.41 21.74
C9 PX4 YA . 4.11 -12.35 22.65
O6 PX4 YA . 4.16 -13.52 22.26
C10 PX4 YA . 3.67 -11.86 24.03
C11 PX4 YA . 4.73 -11.26 24.96
C12 PX4 YA . 3.99 -10.91 26.25
C13 PX4 YA . 4.73 -10.25 27.43
C14 PX4 YA . 3.79 -9.72 28.51
C15 PX4 YA . 4.52 -8.95 29.61
C16 PX4 YA . 5.19 -7.65 29.14
C17 PX4 YA . 5.81 -6.98 30.36
C18 PX4 YA . 6.32 -5.55 30.10
C19 PX4 YA . 6.74 -4.78 31.34
C20 PX4 YA . 7.21 -3.36 31.01
C21 PX4 YA . 7.76 -2.69 32.28
C22 PX4 YA . 8.28 -1.28 31.98
O7 PX4 YA . 7.40 -10.78 20.26
C23 PX4 YA . 8.04 -9.61 20.47
O8 PX4 YA . 7.78 -8.62 19.77
C24 PX4 YA . 9.45 -9.84 21.05
C25 PX4 YA . 9.68 -9.32 22.47
C26 PX4 YA . 8.71 -10.10 23.36
C27 PX4 YA . 9.13 -10.01 24.83
C28 PX4 YA . 8.27 -10.99 25.65
C29 PX4 YA . 8.64 -11.35 27.09
C30 PX4 YA . 8.61 -10.02 27.84
C31 PX4 YA . 8.71 -10.33 29.34
C32 PX4 YA . 8.86 -9.08 30.20
C33 PX4 YA . 8.46 -9.30 31.66
C34 PX4 YA . 8.39 -7.98 32.41
C35 PX4 YA . 8.43 -8.13 33.93
C36 PX4 YA . 8.26 -6.76 34.59
O1 PX4 ZA . 17.48 -19.02 17.97
O2 PX4 ZA . 16.48 -16.77 17.36
P1 PX4 ZA . 16.72 -17.81 18.37
O3 PX4 ZA . 17.44 -17.23 19.69
C1 PX4 ZA . 16.83 -15.97 20.03
C2 PX4 ZA . 18.01 -15.06 20.43
N1 PX4 ZA . 17.68 -13.76 21.01
C3 PX4 ZA . 17.01 -12.82 20.12
C4 PX4 ZA . 17.01 -13.79 22.32
C5 PX4 ZA . 18.92 -13.03 21.26
O4 PX4 ZA . 15.30 -18.18 19.05
C6 PX4 ZA . 15.54 -19.30 19.90
C7 PX4 ZA . 14.36 -19.89 20.69
C8 PX4 ZA . 14.43 -21.36 20.25
O5 PX4 ZA . 15.70 -21.90 20.63
C9 PX4 ZA . 15.76 -23.21 20.29
O6 PX4 ZA . 14.76 -23.74 19.81
C10 PX4 ZA . 17.02 -24.04 20.49
C11 PX4 ZA . 17.23 -24.16 22.00
C12 PX4 ZA . 18.56 -24.94 22.11
C13 PX4 ZA . 19.01 -25.13 23.55
C14 PX4 ZA . 17.85 -25.69 24.38
C15 PX4 ZA . 18.33 -25.86 25.83
C16 PX4 ZA . 17.32 -26.72 26.60
C17 PX4 ZA . 17.89 -27.00 27.99
C18 PX4 ZA . 16.80 -27.33 29.01
C19 PX4 ZA . 17.44 -27.77 30.34
C20 PX4 ZA . 17.77 -26.58 31.25
C21 PX4 ZA . 18.22 -26.99 32.65
C22 PX4 ZA . 17.08 -27.71 33.40
O7 PX4 ZA . 14.35 -19.47 22.05
C23 PX4 ZA . 13.49 -18.46 22.39
O8 PX4 ZA . 12.55 -18.17 21.65
C24 PX4 ZA . 13.53 -17.93 23.82
C25 PX4 ZA . 14.94 -18.03 24.42
C26 PX4 ZA . 15.20 -17.20 25.68
C27 PX4 ZA . 16.58 -17.60 26.18
C28 PX4 ZA . 16.89 -17.39 27.68
C29 PX4 ZA . 15.91 -18.12 28.61
C30 PX4 ZA . 16.09 -17.90 30.12
C31 PX4 ZA . 15.10 -18.80 30.84
C32 PX4 ZA . 15.31 -18.38 32.29
C33 PX4 ZA . 14.45 -19.26 33.18
C34 PX4 ZA . 14.54 -18.90 34.68
C35 PX4 ZA . 13.56 -19.81 35.40
C36 PX4 ZA . 13.78 -19.61 36.90
O1 PX4 AB . -30.47 8.25 15.15
O2 PX4 AB . -28.33 7.04 16.09
P1 PX4 AB . -29.75 7.44 16.16
O3 PX4 AB . -30.66 6.12 16.19
C1 PX4 AB . -32.02 6.29 16.59
C2 PX4 AB . -32.80 5.00 16.91
N1 PX4 AB . -33.06 3.99 15.88
C3 PX4 AB . -31.91 3.12 15.59
C4 PX4 AB . -34.27 3.29 16.32
C5 PX4 AB . -33.45 4.72 14.66
O4 PX4 AB . -30.24 8.00 17.60
C6 PX4 AB . -29.55 7.49 18.74
C7 PX4 AB . -29.91 8.15 20.06
C8 PX4 AB . -31.03 9.17 19.82
O5 PX4 AB . -30.79 10.50 20.29
C9 PX4 AB . -31.75 11.39 19.93
O6 PX4 AB . -32.52 11.19 18.98
C10 PX4 AB . -31.83 12.76 20.62
C11 PX4 AB . -32.37 12.51 22.03
C12 PX4 AB . -32.59 13.77 22.88
C13 PX4 AB . -32.97 13.48 24.33
C14 PX4 AB . -34.37 12.90 24.51
C15 PX4 AB . -34.52 12.35 25.93
C16 PX4 AB . -35.92 11.74 25.90
C17 PX4 AB . -36.16 10.72 27.00
C18 PX4 AB . -36.13 11.30 28.41
C19 PX4 AB . -36.29 10.10 29.35
C20 PX4 AB . -36.08 10.70 30.73
C21 PX4 AB . -36.44 9.63 31.78
C22 PX4 AB . -36.71 10.27 33.14
O7 PX4 AB . -30.21 7.28 21.16
C23 PX4 AB . -29.20 6.64 21.80
O8 PX4 AB . -28.01 6.78 21.54
C24 PX4 AB . -29.64 5.59 22.81
C25 PX4 AB . -29.90 6.13 24.22
C26 PX4 AB . -30.03 4.88 25.09
C27 PX4 AB . -31.34 4.18 24.70
C28 PX4 AB . -31.44 3.09 25.77
C29 PX4 AB . -31.49 3.64 27.19
C30 PX4 AB . -31.67 2.49 28.19
C31 PX4 AB . -31.68 3.05 29.61
C32 PX4 AB . -32.13 1.99 30.61
C33 PX4 AB . -32.28 2.50 32.04
C34 PX4 AB . -31.01 3.12 32.60
C35 PX4 AB . -31.12 3.32 34.11
C36 PX4 AB . -31.14 1.93 34.73
O1 PX4 BB . -15.42 12.51 17.94
O2 PX4 BB . -15.63 9.97 18.49
P1 PX4 BB . -16.06 11.37 18.67
O3 PX4 BB . -17.56 11.30 18.09
C1 PX4 BB . -18.17 10.05 18.42
C2 PX4 BB . -19.69 10.19 18.41
N1 PX4 BB . -20.46 8.95 18.61
C3 PX4 BB . -21.89 9.20 18.45
C4 PX4 BB . -20.17 7.92 17.60
C5 PX4 BB . -20.10 8.45 19.95
O4 PX4 BB . -16.46 11.84 20.14
C6 PX4 BB . -15.58 12.85 20.65
C7 PX4 BB . -15.71 13.04 22.17
C8 PX4 BB . -16.77 12.07 22.70
O5 PX4 BB . -17.48 12.60 23.81
C9 PX4 BB . -18.60 12.08 24.38
O6 PX4 BB . -18.72 10.85 24.31
C10 PX4 BB . -19.22 12.87 25.53
C11 PX4 BB . -19.47 12.01 26.77
C12 PX4 BB . -18.18 11.89 27.61
C13 PX4 BB . -18.45 11.26 28.98
C14 PX4 BB . -17.29 11.47 29.96
C15 PX4 BB . -17.37 12.97 30.29
C16 PX4 BB . -16.59 13.28 31.56
C17 PX4 BB . -16.24 14.78 31.57
C18 PX4 BB . -15.58 15.31 32.83
C19 PX4 BB . -15.13 16.71 32.41
C20 PX4 BB . -14.16 16.80 31.23
C21 PX4 BB . -13.62 18.22 31.06
C22 PX4 BB . -12.75 18.62 32.25
O7 PX4 BB . -14.45 12.89 22.83
C23 PX4 BB . -13.78 13.98 23.30
O8 PX4 BB . -14.27 15.00 22.82
C24 PX4 BB . -12.42 13.92 24.01
C25 PX4 BB . -11.50 12.81 23.51
C26 PX4 BB . -10.03 13.00 23.93
C27 PX4 BB . -9.35 11.68 23.56
C28 PX4 BB . -8.02 11.70 24.30
C29 PX4 BB . -8.40 11.82 25.78
C30 PX4 BB . -7.15 12.27 26.54
C31 PX4 BB . -7.39 12.43 28.05
C32 PX4 BB . -6.08 12.45 28.84
C33 PX4 BB . -6.49 12.38 30.31
C34 PX4 BB . -5.27 12.56 31.22
C35 PX4 BB . -5.63 12.39 32.70
C36 PX4 BB . -4.33 12.36 33.50
O1 PX4 CB . -4.75 14.16 17.13
O2 PX4 CB . -5.97 14.69 19.27
P1 PX4 CB . -4.83 14.96 18.37
O3 PX4 CB . -5.29 16.42 17.84
C1 PX4 CB . -6.15 16.32 16.71
C2 PX4 CB . -6.53 17.61 16.00
N1 PX4 CB . -7.35 17.57 14.78
C3 PX4 CB . -8.67 16.96 14.96
C4 PX4 CB . -7.70 18.96 14.44
C5 PX4 CB . -6.59 16.90 13.71
O4 PX4 CB . -3.49 15.32 19.19
C6 PX4 CB . -4.04 16.21 20.15
C7 PX4 CB . -3.59 15.77 21.55
C8 PX4 CB . -2.07 15.64 21.52
O5 PX4 CB . -1.66 14.59 22.38
C9 PX4 CB . -1.57 14.88 23.71
O6 PX4 CB . -1.24 15.95 24.20
C10 PX4 CB . -1.27 13.66 24.59
C11 PX4 CB . -2.44 13.13 25.41
C12 PX4 CB . -1.79 12.18 26.43
C13 PX4 CB . -2.71 11.17 27.11
C14 PX4 CB . -2.04 10.46 28.28
C15 PX4 CB . -1.57 11.41 29.39
C16 PX4 CB . -0.63 10.73 30.40
C17 PX4 CB . -0.06 11.86 31.26
C18 PX4 CB . 0.77 11.27 32.41
C19 PX4 CB . -0.13 10.66 33.48
C20 PX4 CB . 0.75 10.39 34.70
C21 PX4 CB . -0.02 9.50 35.69
C22 PX4 CB . 0.58 9.50 37.09
O7 PX4 CB . -4.18 16.53 22.61
C23 PX4 CB . -4.28 17.88 22.81
O8 PX4 CB . -3.54 18.59 22.16
C24 PX4 CB . -5.15 18.31 24.00
C25 PX4 CB . -6.51 17.61 24.00
C26 PX4 CB . -6.91 17.42 25.48
C27 PX4 CB . -8.20 16.62 25.62
C28 PX4 CB . -9.37 17.44 25.08
C29 PX4 CB . -10.54 16.60 25.64
C30 PX4 CB . -11.86 17.37 25.56
C31 PX4 CB . -12.76 16.60 26.53
C32 PX4 CB . -14.02 17.41 26.78
C33 PX4 CB . -15.31 16.74 26.30
C34 PX4 CB . -16.62 17.31 26.83
C35 PX4 CB . -16.68 17.16 28.36
C36 PX4 CB . -17.98 17.73 28.92
O1 PX4 DB . -6.28 -1.57 17.26
O2 PX4 DB . -8.79 -1.87 17.95
P1 PX4 DB . -7.52 -1.12 17.93
O3 PX4 DB . -7.78 0.37 17.37
C1 PX4 DB . -6.75 1.27 17.76
C2 PX4 DB . -7.11 2.76 17.61
N1 PX4 DB . -6.15 3.80 18.03
C3 PX4 DB . -5.47 4.40 16.86
C4 PX4 DB . -7.03 4.81 18.61
C5 PX4 DB . -5.03 3.45 18.91
O4 PX4 DB . -7.19 -0.84 19.49
C6 PX4 DB . -8.46 -0.48 20.02
C7 PX4 DB . -8.41 0.07 21.45
C8 PX4 DB . -8.77 -1.09 22.39
O5 PX4 DB . -9.63 -2.04 21.75
C9 PX4 DB . -9.96 -3.08 22.57
O6 PX4 DB . -9.40 -3.27 23.64
C10 PX4 DB . -11.08 -3.98 22.03
C11 PX4 DB . -12.42 -3.80 22.76
C12 PX4 DB . -12.45 -4.38 24.16
C13 PX4 DB . -13.68 -3.95 24.98
C14 PX4 DB . -13.97 -4.74 26.25
C15 PX4 DB . -12.91 -4.80 27.35
C16 PX4 DB . -13.66 -5.36 28.56
C17 PX4 DB . -13.63 -4.41 29.74
C18 PX4 DB . -14.66 -4.78 30.82
C19 PX4 DB . -14.56 -3.88 32.06
C20 PX4 DB . -15.68 -4.39 32.99
C21 PX4 DB . -17.13 -4.08 32.65
C22 PX4 DB . -17.92 -4.40 33.92
O7 PX4 DB . -7.19 0.72 21.81
C23 PX4 DB . -7.23 2.06 21.67
O8 PX4 DB . -7.76 2.51 20.66
C24 PX4 DB . -6.11 2.73 22.50
C25 PX4 DB . -6.22 2.36 23.98
C26 PX4 DB . -5.34 3.18 24.93
C27 PX4 DB . -3.81 2.99 25.01
C28 PX4 DB . -3.13 3.84 26.07
C29 PX4 DB . -1.61 3.65 26.03
C30 PX4 DB . -1.06 4.37 27.25
C31 PX4 DB . -1.61 3.91 28.61
C32 PX4 DB . -1.10 4.81 29.74
C33 PX4 DB . -1.50 4.22 31.09
C34 PX4 DB . -1.07 2.75 31.09
C35 PX4 DB . -1.24 1.98 32.39
C36 PX4 DB . -0.25 2.52 33.43
O1 PX4 EB . -7.41 -5.00 21.40
O2 PX4 EB . -6.11 -5.34 19.14
P1 PX4 EB . -6.24 -4.78 20.51
O3 PX4 EB . -5.11 -5.54 21.36
C1 PX4 EB . -4.09 -5.93 20.44
C2 PX4 EB . -2.87 -6.43 21.20
N1 PX4 EB . -1.94 -5.53 21.92
C3 PX4 EB . -2.59 -5.21 23.20
C4 PX4 EB . -0.71 -6.23 22.29
C5 PX4 EB . -1.80 -4.24 21.21
O4 PX4 EB . -5.64 -3.30 20.69
C6 PX4 EB . -5.86 -3.00 22.07
C7 PX4 EB . -4.96 -1.89 22.63
C8 PX4 EB . -4.62 -0.97 21.47
O5 PX4 EB . -3.24 -0.96 21.08
C9 PX4 EB . -2.93 -0.31 19.92
O6 PX4 EB . -3.71 0.49 19.40
C10 PX4 EB . -1.48 -0.59 19.51
C11 PX4 EB . -1.44 -1.40 18.22
C12 PX4 EB . 0.01 -1.74 17.88
C13 PX4 EB . 0.89 -0.54 17.55
C14 PX4 EB . 2.39 -0.81 17.47
C15 PX4 EB . 3.12 0.51 17.74
C16 PX4 EB . 2.72 1.34 18.94
C17 PX4 EB . 3.24 0.81 20.29
C18 PX4 EB . 2.81 1.86 21.30
C19 PX4 EB . 3.43 1.47 22.65
C20 PX4 EB . 2.76 2.43 23.64
C21 PX4 EB . 3.18 1.90 25.01
C22 PX4 EB . 2.72 2.82 26.15
O7 PX4 EB . -5.45 -1.28 23.82
C23 PX4 EB . -5.38 -2.04 24.95
O8 PX4 EB . -5.10 -3.23 24.95
C24 PX4 EB . -6.01 -1.39 26.17
C25 PX4 EB . -7.52 -1.65 26.19
C26 PX4 EB . -8.05 -0.94 27.43
C27 PX4 EB . -9.52 -1.37 27.63
C28 PX4 EB . -9.99 -0.66 28.89
C29 PX4 EB . -11.46 -1.00 29.18
C30 PX4 EB . -12.07 -0.09 30.25
C31 PX4 EB . -13.57 -0.31 30.05
C32 PX4 EB . -14.17 -0.16 31.45
C33 PX4 EB . -15.70 -0.24 31.36
C34 PX4 EB . -16.51 -0.27 32.64
C35 PX4 EB . -16.25 0.92 33.57
C36 PX4 EB . -16.86 0.82 34.97
O1 PX4 FB . -24.04 14.56 15.87
O2 PX4 FB . -21.87 13.11 16.30
P1 PX4 FB . -23.30 13.43 16.47
O3 PX4 FB . -24.03 12.10 15.89
C1 PX4 FB . -25.44 12.20 16.04
C2 PX4 FB . -26.15 11.11 15.25
N1 PX4 FB . -26.61 11.46 13.89
C3 PX4 FB . -27.58 12.57 13.87
C4 PX4 FB . -25.45 11.66 12.99
C5 PX4 FB . -27.30 10.28 13.38
O4 PX4 FB . -23.72 13.35 18.03
C6 PX4 FB . -22.46 13.34 18.71
C7 PX4 FB . -22.54 13.32 20.24
C8 PX4 FB . -23.83 14.00 20.66
O5 PX4 FB . -24.00 14.30 22.04
C9 PX4 FB . -24.83 15.30 22.46
O6 PX4 FB . -25.34 16.05 21.63
C10 PX4 FB . -24.77 15.68 23.93
C11 PX4 FB . -24.81 14.47 24.87
C12 PX4 FB . -25.18 14.88 26.31
C13 PX4 FB . -25.38 13.68 27.23
C14 PX4 FB . -26.75 12.99 27.11
C15 PX4 FB . -26.96 11.90 28.16
C16 PX4 FB . -27.23 12.59 29.50
C17 PX4 FB . -27.52 11.48 30.51
C18 PX4 FB . -27.48 12.05 31.93
C19 PX4 FB . -27.82 10.90 32.88
C20 PX4 FB . -27.64 11.29 34.36
C21 PX4 FB . -28.82 10.81 35.19
C22 PX4 FB . -28.85 11.45 36.58
O7 PX4 FB . -22.35 11.97 20.71
C23 PX4 FB . -21.38 11.74 21.62
O8 PX4 FB . -20.37 12.40 21.46
C24 PX4 FB . -21.51 10.45 22.44
C25 PX4 FB . -22.45 10.72 23.62
C26 PX4 FB . -22.23 9.63 24.67
C27 PX4 FB . -23.00 10.06 25.93
C28 PX4 FB . -22.84 8.87 26.86
C29 PX4 FB . -23.48 9.22 28.21
C30 PX4 FB . -22.65 10.25 28.98
C31 PX4 FB . -23.30 10.52 30.34
C32 PX4 FB . -22.83 11.84 30.99
C33 PX4 FB . -23.28 12.03 32.43
C34 PX4 FB . -22.44 13.15 33.01
C35 PX4 FB . -22.75 13.20 34.50
C36 PX4 FB . -21.76 14.11 35.23
O1 PX4 GB . 24.24 -21.20 17.59
O2 PX4 GB . 22.63 -19.31 18.38
P1 PX4 GB . 23.98 -19.82 18.08
O3 PX4 GB . 24.77 -18.67 17.28
C1 PX4 GB . 24.78 -17.63 18.26
C2 PX4 GB . 25.70 -16.44 18.05
N1 PX4 GB . 25.53 -15.60 16.85
C3 PX4 GB . 24.13 -15.29 16.54
C4 PX4 GB . 26.18 -14.30 17.03
C5 PX4 GB . 26.21 -16.26 15.73
O4 PX4 GB . 24.79 -19.76 19.47
C6 PX4 GB . 24.46 -20.92 20.25
C7 PX4 GB . 23.77 -20.61 21.60
C8 PX4 GB . 23.00 -19.30 21.49
O5 PX4 GB . 23.43 -18.40 22.52
C9 PX4 GB . 22.71 -17.24 22.50
O6 PX4 GB . 21.73 -17.12 21.77
C10 PX4 GB . 23.16 -16.24 23.56
C11 PX4 GB . 23.11 -16.81 24.97
C12 PX4 GB . 21.73 -17.12 25.54
C13 PX4 GB . 21.83 -17.84 26.88
C14 PX4 GB . 20.76 -17.45 27.91
C15 PX4 GB . 21.08 -18.22 29.21
C16 PX4 GB . 20.11 -18.02 30.37
C17 PX4 GB . 19.74 -16.56 30.63
C18 PX4 GB . 19.00 -16.13 31.91
C19 PX4 GB . 18.62 -14.67 31.64
C20 PX4 GB . 17.42 -14.51 30.72
C21 PX4 GB . 16.74 -13.14 30.54
C22 PX4 GB . 17.71 -12.00 30.18
O7 PX4 GB . 22.89 -21.64 22.08
C23 PX4 GB . 23.39 -22.77 22.63
O8 PX4 GB . 24.62 -22.88 22.80
C24 PX4 GB . 22.35 -23.79 23.11
C25 PX4 GB . 22.31 -23.65 24.63
C26 PX4 GB . 21.53 -22.37 24.98
C27 PX4 GB . 21.40 -22.24 26.50
C28 PX4 GB . 20.60 -23.43 27.08
C29 PX4 GB . 20.41 -23.57 28.59
C30 PX4 GB . 19.95 -22.31 29.36
C31 PX4 GB . 19.88 -22.75 30.82
C32 PX4 GB . 19.36 -21.49 31.53
C33 PX4 GB . 19.50 -21.59 33.05
C34 PX4 GB . 19.09 -20.26 33.69
C35 PX4 GB . 19.11 -20.20 35.21
C36 PX4 GB . 18.82 -18.85 35.89
O1 PX4 HB . -9.92 33.48 15.92
O2 PX4 HB . -8.08 31.75 16.52
P1 PX4 HB . -9.39 32.37 16.76
O3 PX4 HB . -10.44 31.16 16.94
C1 PX4 HB . -9.83 30.18 17.79
C2 PX4 HB . -10.76 29.03 18.13
N1 PX4 HB . -11.86 29.33 19.04
C3 PX4 HB . -12.97 30.09 18.45
C4 PX4 HB . -12.46 28.09 19.54
C5 PX4 HB . -11.39 30.06 20.22
O4 PX4 HB . -9.41 32.71 18.33
C6 PX4 HB . -10.41 33.60 18.88
C7 PX4 HB . -10.65 33.72 20.38
C8 PX4 HB . -9.35 34.26 20.97
O5 PX4 HB . -8.93 33.31 21.96
C9 PX4 HB . -7.65 33.52 22.39
O6 PX4 HB . -6.92 33.70 21.42
C10 PX4 HB . -7.31 32.93 23.76
C11 PX4 HB . -6.58 31.57 23.71
C12 PX4 HB . -6.11 31.15 25.10
C13 PX4 HB . -7.23 30.97 26.12
C14 PX4 HB . -6.57 30.24 27.28
C15 PX4 HB . -7.45 30.36 28.53
C16 PX4 HB . -6.60 29.86 29.70
C17 PX4 HB . -7.35 29.59 31.01
C18 PX4 HB . -6.39 29.39 32.20
C19 PX4 HB . -7.18 28.67 33.30
C20 PX4 HB . -6.25 28.07 34.36
C21 PX4 HB . -6.94 27.16 35.38
C22 PX4 HB . -6.11 26.07 36.07
O7 PX4 HB . -11.86 34.38 20.75
C23 PX4 HB . -13.06 33.76 20.60
O8 PX4 HB . -13.22 32.89 19.74
C24 PX4 HB . -14.29 34.25 21.37
C25 PX4 HB . -14.38 33.53 22.73
C26 PX4 HB . -15.76 33.84 23.32
C27 PX4 HB . -15.57 35.17 24.05
C28 PX4 HB . -14.40 35.09 25.03
C29 PX4 HB . -13.73 36.41 25.36
C30 PX4 HB . -12.81 36.17 26.56
C31 PX4 HB . -13.70 35.82 27.74
C32 PX4 HB . -12.90 35.36 28.96
C33 PX4 HB . -13.71 34.84 30.15
C34 PX4 HB . -14.27 36.09 30.86
C35 PX4 HB . -15.26 35.56 31.89
C36 PX4 HB . -15.87 36.75 32.64
O1 PX4 IB . -9.53 24.76 17.40
O2 PX4 IB . -8.36 25.57 19.50
P1 PX4 IB . -8.82 24.44 18.65
O3 PX4 IB . -7.57 23.57 18.18
C1 PX4 IB . -6.76 23.37 19.32
C2 PX4 IB . -5.32 22.94 19.05
N1 PX4 IB . -4.47 23.92 18.35
C3 PX4 IB . -4.89 24.24 16.97
C4 PX4 IB . -4.38 25.13 19.20
C5 PX4 IB . -3.11 23.39 18.23
O4 PX4 IB . -9.84 23.48 19.45
C6 PX4 IB . -10.42 24.12 20.60
C7 PX4 IB . -11.01 22.96 21.40
C8 PX4 IB . -9.87 21.95 21.55
O5 PX4 IB . -8.83 22.49 22.39
C9 PX4 IB . -7.84 21.57 22.44
O6 PX4 IB . -7.63 20.60 21.71
C10 PX4 IB . -6.71 21.83 23.44
C11 PX4 IB . -7.08 21.81 24.93
C12 PX4 IB . -5.85 22.03 25.82
C13 PX4 IB . -6.18 22.40 27.28
C14 PX4 IB . -4.92 22.76 28.08
C15 PX4 IB . -4.01 21.53 28.11
C16 PX4 IB . -2.73 21.79 28.90
C17 PX4 IB . -1.72 22.76 28.28
C18 PX4 IB . -1.02 23.54 29.40
C19 PX4 IB . -0.12 24.58 28.74
C20 PX4 IB . 0.96 23.94 27.87
C21 PX4 IB . 1.87 25.03 27.28
C22 PX4 IB . 3.09 24.54 26.51
O7 PX4 IB . -11.67 23.21 22.64
C23 PX4 IB . -12.45 22.17 23.06
O8 PX4 IB . -12.75 21.21 22.36
C24 PX4 IB . -12.81 22.18 24.54
C25 PX4 IB . -11.50 21.76 25.18
C26 PX4 IB . -11.85 21.57 26.65
C27 PX4 IB . -10.54 21.52 27.45
C28 PX4 IB . -10.77 20.90 28.83
C29 PX4 IB . -11.80 21.66 29.68
C30 PX4 IB . -11.25 22.23 30.98
C31 PX4 IB . -12.37 22.85 31.83
C32 PX4 IB . -11.95 23.13 33.28
C33 PX4 IB . -13.02 23.55 34.29
C34 PX4 IB . -14.11 22.50 34.47
C35 PX4 IB . -15.27 22.95 35.37
C36 PX4 IB . -15.98 21.74 35.96
O1 PX4 JB . 14.21 10.81 20.55
O2 PX4 JB . 13.54 12.09 18.42
P1 PX4 JB . 13.31 11.75 19.84
O3 PX4 JB . 13.79 13.09 20.58
C1 PX4 JB . 15.00 13.50 19.94
C2 PX4 JB . 15.74 14.59 20.71
N1 PX4 JB . 16.35 14.23 22.01
C3 PX4 JB . 15.51 14.09 23.21
C4 PX4 JB . 16.97 12.92 21.76
C5 PX4 JB . 17.46 15.12 22.35
O4 PX4 JB . 11.80 11.87 20.40
C6 PX4 JB . 11.98 11.53 21.77
C7 PX4 JB . 10.99 12.01 22.83
C8 PX4 JB . 9.80 11.06 22.64
O5 PX4 JB . 9.97 9.65 22.66
C9 PX4 JB . 8.83 8.92 22.47
O6 PX4 JB . 7.79 9.44 22.07
C10 PX4 JB . 8.99 7.40 22.43
C11 PX4 JB . 9.32 6.72 23.76
C12 PX4 JB . 9.77 5.26 23.52
C13 PX4 JB . 9.68 4.55 24.88
C14 PX4 JB . 10.56 3.30 24.75
C15 PX4 JB . 10.14 2.30 25.84
C16 PX4 JB . 11.28 1.32 26.13
C17 PX4 JB . 10.80 0.48 27.30
C18 PX4 JB . 9.47 -0.05 26.79
C19 PX4 JB . 8.93 -1.31 27.46
C20 PX4 JB . 7.55 -1.67 26.90
C21 PX4 JB . 7.45 -1.82 25.38
C22 PX4 JB . 5.97 -1.88 24.96
O7 PX4 JB . 11.53 12.34 24.12
C23 PX4 JB . 10.74 13.10 24.91
O8 PX4 JB . 10.09 13.99 24.36
C24 PX4 JB . 11.21 13.05 26.36
C25 PX4 JB . 10.42 14.02 27.22
C26 PX4 JB . 9.47 13.36 28.23
C27 PX4 JB . 9.61 14.00 29.60
C28 PX4 JB . 10.99 14.00 30.29
C29 PX4 JB . 11.02 14.72 31.63
C30 PX4 JB . 12.44 14.71 32.22
C31 PX4 JB . 12.45 15.51 33.53
C32 PX4 JB . 13.91 15.47 34.02
C33 PX4 JB . 14.08 16.21 35.35
C34 PX4 JB . 15.55 16.05 35.73
C35 PX4 JB . 16.47 16.69 34.68
C36 PX4 JB . 17.91 16.47 35.11
O1 PX4 KB . -1.23 11.41 17.38
O2 PX4 KB . -1.73 10.76 14.96
P1 PX4 KB . -1.48 10.36 16.36
O3 PX4 KB . -2.87 9.75 16.88
C1 PX4 KB . -3.88 10.75 16.70
C2 PX4 KB . -5.29 10.18 16.43
N1 PX4 KB . -5.53 9.47 15.17
C3 PX4 KB . -5.16 10.16 13.92
C4 PX4 KB . -4.93 8.12 15.14
C5 PX4 KB . -6.99 9.42 14.99
O4 PX4 KB . -0.48 9.08 16.45
C6 PX4 KB . -1.18 7.88 16.77
C7 PX4 KB . -0.90 7.44 18.22
C8 PX4 KB . 0.52 7.90 18.50
O5 PX4 KB . 1.45 7.04 19.16
C9 PX4 KB . 2.57 7.72 19.50
O6 PX4 KB . 2.57 8.95 19.62
C10 PX4 KB . 3.73 6.95 20.12
C11 PX4 KB . 3.78 7.36 21.59
C12 PX4 KB . 4.83 6.64 22.43
C13 PX4 KB . 4.52 6.87 23.91
C14 PX4 KB . 5.62 6.02 24.55
C15 PX4 KB . 5.59 6.17 26.09
C16 PX4 KB . 5.89 4.77 26.61
C17 PX4 KB . 5.97 4.85 28.14
C18 PX4 KB . 5.86 3.49 28.85
C19 PX4 KB . 5.81 3.75 30.37
C20 PX4 KB . 6.01 2.48 31.22
C21 PX4 KB . 5.80 2.63 32.72
C22 PX4 KB . 4.57 3.42 33.16
O7 PX4 KB . -1.94 7.72 19.17
C23 PX4 KB . -3.19 7.26 18.89
O8 PX4 KB . -3.43 6.45 17.99
C24 PX4 KB . -4.18 7.73 19.94
C25 PX4 KB . -4.15 6.86 21.21
C26 PX4 KB . -4.70 7.75 22.31
C27 PX4 KB . -4.55 7.12 23.69
C28 PX4 KB . -5.33 7.99 24.68
C29 PX4 KB . -5.42 7.36 26.08
C30 PX4 KB . -6.02 8.36 27.07
C31 PX4 KB . -6.34 7.63 28.38
C32 PX4 KB . -6.91 8.65 29.36
C33 PX4 KB . -7.42 8.09 30.68
C34 PX4 KB . -8.09 9.18 31.52
C35 PX4 KB . -8.51 8.68 32.90
C36 PX4 KB . -9.40 7.43 32.88
O1 PX4 LB . 11.70 -10.72 18.22
O2 PX4 LB . 13.26 -8.64 18.24
P1 PX4 LB . 12.77 -9.90 18.84
O3 PX4 LB . 14.05 -10.80 18.46
C1 PX4 LB . 14.11 -10.95 17.03
C2 PX4 LB . 15.48 -11.10 16.37
N1 PX4 LB . 16.39 -9.94 16.34
C3 PX4 LB . 17.67 -10.28 15.71
C4 PX4 LB . 15.94 -8.75 15.60
C5 PX4 LB . 16.74 -9.42 17.67
O4 PX4 LB . 12.85 -10.05 20.44
C6 PX4 LB . 12.88 -11.41 20.86
C7 PX4 LB . 13.35 -11.70 22.29
C8 PX4 LB . 14.03 -10.46 22.88
O5 PX4 LB . 15.46 -10.47 22.77
C9 PX4 LB . 15.83 -9.18 22.97
O6 PX4 LB . 15.05 -8.26 23.16
C10 PX4 LB . 17.32 -8.95 22.64
C11 PX4 LB . 18.15 -8.81 23.91
C12 PX4 LB . 19.63 -8.51 23.57
C13 PX4 LB . 20.30 -8.45 24.94
C14 PX4 LB . 21.80 -8.18 24.83
C15 PX4 LB . 22.48 -8.15 26.21
C16 PX4 LB . 23.98 -7.94 25.96
C17 PX4 LB . 24.71 -7.74 27.30
C18 PX4 LB . 24.93 -9.13 27.90
C19 PX4 LB . 25.25 -8.99 29.38
C20 PX4 LB . 26.68 -8.53 29.64
C21 PX4 LB . 26.67 -7.93 31.05
C22 PX4 LB . 27.98 -7.17 31.27
O7 PX4 LB . 12.23 -12.07 23.10
C23 PX4 LB . 12.34 -13.31 23.63
O8 PX4 LB . 13.41 -13.89 23.46
C24 PX4 LB . 11.13 -13.91 24.35
C25 PX4 LB . 9.83 -14.01 23.56
C26 PX4 LB . 8.61 -14.37 24.42
C27 PX4 LB . 7.31 -14.45 23.62
C28 PX4 LB . 6.21 -14.46 24.70
C29 PX4 LB . 6.43 -15.63 25.67
C30 PX4 LB . 5.64 -15.48 26.97
C31 PX4 LB . 6.01 -14.15 27.59
C32 PX4 LB . 5.21 -14.02 28.88
C33 PX4 LB . 5.57 -12.94 29.90
C34 PX4 LB . 5.34 -13.10 31.41
C35 PX4 LB . 5.65 -11.79 32.14
C36 PX4 LB . 5.69 -11.87 33.67
O1 PX4 MB . 21.28 1.89 18.14
O2 PX4 MB . 20.71 0.69 15.93
P1 PX4 MB . 20.29 1.45 17.12
O3 PX4 MB . 19.55 2.72 16.44
C1 PX4 MB . 18.64 2.20 15.46
C2 PX4 MB . 17.91 3.29 14.68
N1 PX4 MB . 17.12 2.67 13.61
C3 PX4 MB . 17.96 2.34 12.43
C4 PX4 MB . 16.41 1.40 13.84
C5 PX4 MB . 16.09 3.63 13.16
O4 PX4 MB . 18.95 1.01 17.90
C6 PX4 MB . 18.69 1.91 18.98
C7 PX4 MB . 17.23 1.81 19.43
C8 PX4 MB . 16.65 0.41 19.30
O5 PX4 MB . 17.26 -0.64 20.05
C9 PX4 MB . 17.00 -1.88 19.54
O6 PX4 MB . 16.26 -2.03 18.59
C10 PX4 MB . 17.50 -3.08 20.35
C11 PX4 MB . 17.46 -2.65 21.82
C12 PX4 MB . 17.75 -3.72 22.89
C13 PX4 MB . 17.92 -3.28 24.34
C14 PX4 MB . 19.20 -3.96 24.86
C15 PX4 MB . 19.32 -4.02 26.38
C16 PX4 MB . 20.56 -4.79 26.83
C17 PX4 MB . 20.50 -4.69 28.35
C18 PX4 MB . 20.43 -3.24 28.81
C19 PX4 MB . 20.25 -3.09 30.32
C20 PX4 MB . 18.91 -3.70 30.73
C21 PX4 MB . 18.74 -3.49 32.23
C22 PX4 MB . 17.39 -3.90 32.83
O7 PX4 MB . 17.02 2.40 20.72
C23 PX4 MB . 16.98 3.75 20.88
O8 PX4 MB . 17.19 4.43 19.87
C24 PX4 MB . 16.66 4.34 22.26
C25 PX4 MB . 17.91 5.11 22.67
C26 PX4 MB . 17.73 5.83 24.00
C27 PX4 MB . 17.36 4.91 25.16
C28 PX4 MB . 16.80 5.68 26.35
C29 PX4 MB . 16.86 4.88 27.65
C30 PX4 MB . 16.20 3.50 27.51
C31 PX4 MB . 14.67 3.53 27.42
C32 PX4 MB . 14.12 3.95 28.79
C33 PX4 MB . 12.60 3.91 28.83
C34 PX4 MB . 12.01 4.01 30.24
C35 PX4 MB . 10.52 4.34 30.27
C36 PX4 MB . 9.77 3.37 29.35
O1 PX4 NB . -21.49 16.61 20.51
O2 PX4 NB . -22.42 16.65 18.12
P1 PX4 NB . -22.24 17.30 19.44
O3 PX4 NB . -21.17 18.41 19.00
C1 PX4 NB . -20.14 17.81 18.20
C2 PX4 NB . -18.76 18.38 18.49
N1 PX4 NB . -18.14 18.21 19.82
C3 PX4 NB . -18.67 18.98 20.95
C4 PX4 NB . -18.00 16.80 20.23
C5 PX4 NB . -16.79 18.71 19.48
O4 PX4 NB . -23.42 18.31 19.84
C6 PX4 NB . -22.87 19.23 20.78
C7 PX4 NB . -23.77 19.94 21.80
C8 PX4 NB . -25.15 19.30 21.66
O5 PX4 NB . -26.19 20.28 21.46
C9 PX4 NB . -27.49 19.93 21.50
O6 PX4 NB . -27.85 18.76 21.31
C10 PX4 NB . -28.37 21.14 21.24
C11 PX4 NB . -28.79 21.72 22.59
C12 PX4 NB . -29.87 20.93 23.35
C13 PX4 NB . -30.08 21.50 24.75
C14 PX4 NB . -31.17 20.75 25.52
C15 PX4 NB . -32.48 21.50 25.75
C16 PX4 NB . -33.57 20.72 26.50
C17 PX4 NB . -34.74 21.68 26.67
C18 PX4 NB . -36.01 20.97 27.18
C19 PX4 NB . -36.96 21.97 27.87
C20 PX4 NB . -37.06 23.04 26.79
C21 PX4 NB . -38.15 24.02 27.22
C22 PX4 NB . -39.42 23.17 27.33
O7 PX4 NB . -23.17 19.97 23.10
C23 PX4 NB . -21.89 20.39 23.31
O8 PX4 NB . -21.13 20.94 22.51
C24 PX4 NB . -21.46 20.56 24.77
C25 PX4 NB . -20.99 19.29 25.48
C26 PX4 NB . -22.11 18.30 25.80
C27 PX4 NB . -21.47 17.14 26.58
C28 PX4 NB . -21.92 17.13 28.04
C29 PX4 NB . -21.99 15.80 28.78
C30 PX4 NB . -22.47 16.06 30.21
C31 PX4 NB . -21.73 17.29 30.74
C32 PX4 NB . -21.86 17.51 32.25
C33 PX4 NB . -21.08 18.69 32.81
C34 PX4 NB . -19.58 18.53 32.55
C35 PX4 NB . -18.90 19.82 33.03
C36 PX4 NB . -17.42 19.54 32.73
O1 PX4 OB . -18.03 27.51 19.35
O2 PX4 OB . -18.06 26.22 17.25
P1 PX4 OB . -17.89 26.18 18.71
O3 PX4 OB . -18.79 25.08 19.46
C1 PX4 OB . -20.17 25.43 19.35
C2 PX4 OB . -21.19 24.56 20.09
N1 PX4 OB . -21.28 24.56 21.55
C3 PX4 OB . -20.01 24.02 22.08
C4 PX4 OB . -21.61 25.81 22.25
C5 PX4 OB . -22.37 23.64 21.90
O4 PX4 OB . -16.47 25.57 19.17
C6 PX4 OB . -16.25 25.67 20.58
C7 PX4 OB . -15.51 24.52 21.23
C8 PX4 OB . -14.16 25.14 21.61
O5 PX4 OB . -14.28 26.35 22.37
C9 PX4 OB . -13.04 26.66 22.80
O6 PX4 OB . -12.02 26.29 22.21
C10 PX4 OB . -12.94 27.59 24.02
C11 PX4 OB . -12.39 26.86 25.24
C12 PX4 OB . -13.34 25.82 25.83
C13 PX4 OB . -13.12 25.38 27.28
C14 PX4 OB . -13.49 26.44 28.30
C15 PX4 OB . -12.39 26.68 29.35
C16 PX4 OB . -12.81 27.69 30.40
C17 PX4 OB . -11.73 28.14 31.38
C18 PX4 OB . -12.28 29.27 32.25
C19 PX4 OB . -11.10 29.75 33.10
C20 PX4 OB . -11.50 30.74 34.20
C21 PX4 OB . -11.65 32.13 33.58
C22 PX4 OB . -11.28 33.11 34.70
O7 PX4 OB . -16.22 23.88 22.30
C23 PX4 OB . -16.47 22.57 22.07
O8 PX4 OB . -16.19 21.94 21.05
C24 PX4 OB . -17.22 21.72 23.12
C25 PX4 OB . -16.61 21.71 24.51
C26 PX4 OB . -17.27 20.58 25.31
C27 PX4 OB . -16.78 20.67 26.75
C28 PX4 OB . -17.09 22.04 27.34
C29 PX4 OB . -16.02 22.27 28.41
C30 PX4 OB . -16.32 23.54 29.19
C31 PX4 OB . -15.28 23.67 30.31
C32 PX4 OB . -15.64 24.90 31.13
C33 PX4 OB . -17.08 24.84 31.62
C34 PX4 OB . -17.42 26.00 32.55
C35 PX4 OB . -18.78 25.84 33.23
C36 PX4 OB . -18.95 26.85 34.38
O1 PX4 PB . 2.18 23.66 50.66
O2 PX4 PB . 0.11 22.27 49.89
P1 PX4 PB . 1.58 22.49 49.99
O3 PX4 PB . 2.06 21.23 50.87
C1 PX4 PB . 3.45 21.03 50.58
C2 PX4 PB . 3.87 19.57 50.76
N1 PX4 PB . 3.43 18.52 49.82
C3 PX4 PB . 4.06 17.36 50.43
C4 PX4 PB . 1.99 18.28 49.79
C5 PX4 PB . 3.96 18.79 48.46
O4 PX4 PB . 2.35 22.25 48.59
C6 PX4 PB . 2.19 23.42 47.80
C7 PX4 PB . 2.23 23.25 46.28
C8 PX4 PB . 2.88 21.91 45.92
O5 PX4 PB . 3.80 21.77 44.83
C9 PX4 PB . 4.24 20.51 44.60
O6 PX4 PB . 3.81 19.56 45.23
C10 PX4 PB . 5.24 20.28 43.46
C11 PX4 PB . 5.34 21.47 42.52
C12 PX4 PB . 6.61 21.33 41.68
C13 PX4 PB . 6.69 22.48 40.67
C14 PX4 PB . 6.53 23.88 41.29
C15 PX4 PB . 6.90 24.98 40.28
C16 PX4 PB . 8.41 25.01 39.97
C17 PX4 PB . 8.76 26.11 38.99
C18 PX4 PB . 10.26 26.20 38.72
C19 PX4 PB . 10.58 27.56 38.11
C20 PX4 PB . 10.51 28.64 39.20
C21 PX4 PB . 9.59 29.84 39.00
C22 PX4 PB . 10.16 30.92 38.08
O7 PX4 PB . 0.94 23.34 45.68
C23 PX4 PB . 0.36 24.51 45.30
O8 PX4 PB . 0.61 25.58 45.87
C24 PX4 PB . -0.84 24.34 44.38
C25 PX4 PB . -1.93 23.46 44.98
C26 PX4 PB . -3.04 23.24 43.94
C27 PX4 PB . -2.41 22.76 42.63
C28 PX4 PB . -3.47 22.82 41.55
C29 PX4 PB . -2.78 22.35 40.26
C30 PX4 PB . -3.62 22.78 39.04
C31 PX4 PB . -2.92 22.38 37.74
C32 PX4 PB . -3.92 21.77 36.77
C33 PX4 PB . -3.42 22.02 35.36
C34 PX4 PB . -2.08 21.35 34.99
C35 PX4 PB . -1.63 21.78 33.60
C36 PX4 PB . -0.57 21.04 32.77
O1 PX4 QB . 21.57 19.33 49.42
O2 PX4 QB . 19.25 19.21 50.59
P1 PX4 QB . 20.11 19.11 49.38
O3 PX4 QB . 19.80 17.69 48.67
C1 PX4 QB . 20.96 16.90 48.41
C2 PX4 QB . 20.69 15.64 47.59
N1 PX4 QB . 20.09 15.64 46.24
C3 PX4 QB . 20.71 16.69 45.41
C4 PX4 QB . 20.32 14.31 45.68
C5 PX4 QB . 18.62 15.79 46.17
O4 PX4 QB . 19.61 19.95 48.11
C6 PX4 QB . 18.22 19.79 47.84
C7 PX4 QB . 17.90 19.95 46.35
C8 PX4 QB . 19.25 20.08 45.62
O5 PX4 QB . 19.52 21.14 44.71
C9 PX4 QB . 20.83 21.33 44.40
O6 PX4 QB . 21.59 20.41 44.70
C10 PX4 QB . 21.12 22.39 43.34
C11 PX4 QB . 20.79 21.77 41.98
C12 PX4 QB . 21.51 22.66 40.95
C13 PX4 QB . 21.33 22.09 39.55
C14 PX4 QB . 21.73 20.61 39.55
C15 PX4 QB . 21.69 19.91 38.18
C16 PX4 QB . 22.11 18.45 38.36
C17 PX4 QB . 21.67 17.48 37.25
C18 PX4 QB . 22.61 16.29 37.33
C19 PX4 QB . 22.06 15.33 36.25
C20 PX4 QB . 21.85 15.87 34.84
C21 PX4 QB . 21.63 14.68 33.90
C22 PX4 QB . 20.89 15.06 32.63
O7 PX4 QB . 17.14 18.83 45.91
C23 PX4 QB . 15.80 18.85 46.17
O8 PX4 QB . 15.34 19.62 47.00
C24 PX4 QB . 15.01 17.77 45.43
C25 PX4 QB . 14.53 18.51 44.17
C26 PX4 QB . 13.48 17.74 43.36
C27 PX4 QB . 13.30 18.40 42.00
C28 PX4 QB . 12.32 17.67 41.07
C29 PX4 QB . 10.91 17.75 41.67
C30 PX4 QB . 9.89 16.83 41.02
C31 PX4 QB . 8.70 16.87 41.99
C32 PX4 QB . 7.51 15.98 41.63
C33 PX4 QB . 7.07 16.38 40.22
C34 PX4 QB . 6.41 17.76 40.17
C35 PX4 QB . 6.66 18.24 38.74
C36 PX4 QB . 5.97 17.28 37.77
O1 PX4 RB . 14.42 13.44 48.78
O2 PX4 RB . 17.04 13.26 48.08
P1 PX4 RB . 15.59 13.45 47.86
O3 PX4 RB . 15.55 15.03 48.18
C1 PX4 RB . 16.09 15.31 49.48
C2 PX4 RB . 16.30 16.81 49.67
N1 PX4 RB . 15.39 17.61 50.52
C3 PX4 RB . 15.24 17.24 51.92
C4 PX4 RB . 16.03 18.93 50.40
C5 PX4 RB . 14.03 17.65 49.98
O4 PX4 RB . 15.40 13.79 46.31
C6 PX4 RB . 14.10 14.19 45.83
C7 PX4 RB . 13.93 14.26 44.32
C8 PX4 RB . 15.30 14.08 43.65
O5 PX4 RB . 15.80 15.19 42.93
C9 PX4 RB . 17.15 15.25 42.84
O6 PX4 RB . 17.82 14.52 43.57
C10 PX4 RB . 17.84 16.37 42.05
C11 PX4 RB . 17.98 17.70 42.79
C12 PX4 RB . 18.25 18.80 41.75
C13 PX4 RB . 17.26 18.66 40.59
C14 PX4 RB . 17.47 19.79 39.60
C15 PX4 RB . 16.54 19.59 38.41
C16 PX4 RB . 15.07 19.57 38.82
C17 PX4 RB . 14.23 19.57 37.55
C18 PX4 RB . 12.75 19.27 37.78
C19 PX4 RB . 11.84 19.66 36.61
C20 PX4 RB . 10.38 19.68 37.06
C21 PX4 RB . 9.37 20.02 35.96
C22 PX4 RB . 9.45 18.91 34.91
O7 PX4 RB . 12.91 13.36 43.86
C23 PX4 RB . 11.58 13.60 44.07
O8 PX4 RB . 11.20 14.62 44.62
C24 PX4 RB . 10.57 12.51 43.69
C25 PX4 RB . 10.12 12.80 42.26
C26 PX4 RB . 9.41 11.64 41.56
C27 PX4 RB . 9.01 12.01 40.13
C28 PX4 RB . 8.62 10.73 39.38
C29 PX4 RB . 8.10 11.12 38.00
C30 PX4 RB . 7.90 9.80 37.24
C31 PX4 RB . 6.80 9.79 36.19
C32 PX4 RB . 6.46 8.41 35.63
C33 PX4 RB . 6.00 7.38 36.65
C34 PX4 RB . 5.67 6.01 36.04
C35 PX4 RB . 4.71 5.25 36.95
C36 PX4 RB . 3.39 6.01 37.17
O1 PX4 SB . -25.05 21.95 58.75
O2 PX4 SB . -27.19 22.85 57.56
P1 PX4 SB . -25.99 21.97 57.63
O3 PX4 SB . -26.62 20.50 57.42
C1 PX4 SB . -27.33 20.17 58.62
C2 PX4 SB . -28.15 18.91 58.30
N1 PX4 SB . -28.64 18.20 59.49
C3 PX4 SB . -29.06 16.95 58.85
C4 PX4 SB . -27.53 17.68 60.33
C5 PX4 SB . -29.66 18.86 60.30
O4 PX4 SB . -25.22 22.32 56.24
C6 PX4 SB . -26.08 21.85 55.20
C7 PX4 SB . -25.53 21.97 53.78
C8 PX4 SB . -24.35 22.94 53.84
O5 PX4 SB . -23.63 22.95 52.61
C9 PX4 SB . -24.15 23.72 51.61
O6 PX4 SB . -24.77 24.73 51.93
C10 PX4 SB . -23.44 23.62 50.28
C11 PX4 SB . -23.99 22.49 49.42
C12 PX4 SB . -23.02 22.20 48.29
C13 PX4 SB . -23.68 21.45 47.14
C14 PX4 SB . -22.69 21.12 46.02
C15 PX4 SB . -23.37 20.35 44.90
C16 PX4 SB . -22.31 20.06 43.82
C17 PX4 SB . -23.04 19.60 42.56
C18 PX4 SB . -22.00 19.35 41.47
C19 PX4 SB . -22.61 18.76 40.19
C20 PX4 SB . -21.56 18.26 39.19
C21 PX4 SB . -22.23 17.85 37.86
C22 PX4 SB . -21.08 17.06 37.24
O7 PX4 SB . -25.17 20.70 53.23
C23 PX4 SB . -25.91 20.31 52.16
O8 PX4 SB . -26.91 20.90 51.76
C24 PX4 SB . -25.55 18.97 51.49
C25 PX4 SB . -25.00 19.13 50.07
C26 PX4 SB . -24.67 17.71 49.60
C27 PX4 SB . -24.27 17.86 48.13
C28 PX4 SB . -24.13 16.47 47.52
C29 PX4 SB . -23.67 16.54 46.06
C30 PX4 SB . -23.57 15.24 45.27
C31 PX4 SB . -23.05 15.44 43.84
C32 PX4 SB . -22.53 14.15 43.20
C33 PX4 SB . -22.09 14.39 41.74
C34 PX4 SB . -22.05 13.08 40.95
C35 PX4 SB . -22.04 13.46 39.47
C36 PX4 SB . -22.02 12.27 38.52
O1 PX4 TB . 39.69 10.77 51.48
O2 PX4 TB . 41.92 11.42 50.31
P1 PX4 TB . 40.44 11.48 50.41
O3 PX4 TB . 40.06 13.04 50.40
C1 PX4 TB . 40.25 13.67 49.14
C2 PX4 TB . 40.34 15.17 49.40
N1 PX4 TB . 40.50 16.15 48.32
C3 PX4 TB . 41.66 15.88 47.46
C4 PX4 TB . 39.33 16.23 47.43
C5 PX4 TB . 40.64 17.50 48.86
O4 PX4 TB . 39.79 11.17 48.98
C6 PX4 TB . 40.24 10.03 48.26
C7 PX4 TB . 39.28 9.88 47.07
C8 PX4 TB . 39.13 11.22 46.34
O5 PX4 TB . 40.12 11.54 45.36
C9 PX4 TB . 40.19 12.87 45.06
O6 PX4 TB . 39.79 13.78 45.78
C10 PX4 TB . 41.06 13.14 43.83
C11 PX4 TB . 40.60 14.23 42.86
C12 PX4 TB . 41.36 14.36 41.54
C13 PX4 TB . 40.34 14.99 40.60
C14 PX4 TB . 41.05 15.58 39.37
C15 PX4 TB . 40.02 15.98 38.31
C16 PX4 TB . 40.70 16.70 37.16
C17 PX4 TB . 41.43 17.96 37.62
C18 PX4 TB . 41.50 18.94 36.45
C19 PX4 TB . 42.16 20.31 36.57
C20 PX4 TB . 42.05 21.20 35.33
C21 PX4 TB . 40.59 21.34 34.87
C22 PX4 TB . 40.44 22.15 33.59
O7 PX4 TB . 39.60 8.77 46.22
C23 PX4 TB . 38.64 7.81 46.15
O8 PX4 TB . 37.81 7.82 47.05
C24 PX4 TB . 38.55 6.86 44.96
C25 PX4 TB . 39.88 6.91 44.19
C26 PX4 TB . 39.97 5.99 42.98
C27 PX4 TB . 39.48 4.62 43.44
C28 PX4 TB . 39.64 3.54 42.36
C29 PX4 TB . 39.05 4.16 41.09
C30 PX4 TB . 39.54 3.37 39.88
C31 PX4 TB . 39.36 1.88 40.17
C32 PX4 TB . 39.52 1.04 38.91
C33 PX4 TB . 39.59 -0.44 39.26
C34 PX4 TB . 38.23 -0.84 39.84
C35 PX4 TB . 38.30 -1.95 40.89
C36 PX4 TB . 39.14 -1.63 42.13
O1 PX4 UB . -42.09 -2.25 55.54
O2 PX4 UB . -40.15 -3.50 56.63
P1 PX4 UB . -40.81 -3.00 55.41
O3 PX4 UB . -39.75 -1.83 55.08
C1 PX4 UB . -39.62 -0.90 56.15
C2 PX4 UB . -38.72 0.24 55.71
N1 PX4 UB . -38.48 1.30 56.68
C3 PX4 UB . -39.71 1.90 57.24
C4 PX4 UB . -37.45 0.99 57.68
C5 PX4 UB . -37.79 2.40 55.98
O4 PX4 UB . -40.69 -3.99 54.14
C6 PX4 UB . -39.31 -4.14 53.78
C7 PX4 UB . -39.02 -5.08 52.60
C8 PX4 UB . -40.39 -5.16 51.92
O5 PX4 UB . -40.65 -6.43 51.32
C9 PX4 UB . -41.82 -6.46 50.65
O6 PX4 UB . -42.51 -5.48 50.38
C10 PX4 UB . -42.10 -7.82 49.99
C11 PX4 UB . -41.91 -7.81 48.47
C12 PX4 UB . -42.28 -9.26 48.12
C13 PX4 UB . -42.32 -9.56 46.62
C14 PX4 UB . -43.53 -8.84 46.02
C15 PX4 UB . -43.58 -9.02 44.50
C16 PX4 UB . -43.62 -10.48 44.02
C17 PX4 UB . -43.18 -10.71 42.57
C18 PX4 UB . -43.57 -12.15 42.21
C19 PX4 UB . -42.98 -12.57 40.87
C20 PX4 UB . -43.15 -14.06 40.62
C21 PX4 UB . -42.61 -14.53 39.27
C22 PX4 UB . -42.66 -16.03 38.97
O7 PX4 UB . -38.13 -4.49 51.66
C23 PX4 UB . -36.79 -4.29 51.89
O8 PX4 UB . -36.38 -4.34 53.03
C24 PX4 UB . -35.96 -3.87 50.66
C25 PX4 UB . -36.01 -5.02 49.64
C26 PX4 UB . -35.92 -4.47 48.22
C27 PX4 UB . -35.89 -5.76 47.40
C28 PX4 UB . -35.86 -5.49 45.89
C29 PX4 UB . -34.59 -4.75 45.45
C30 PX4 UB . -34.82 -4.25 44.02
C31 PX4 UB . -33.66 -3.48 43.38
C32 PX4 UB . -34.34 -2.59 42.34
C33 PX4 UB . -35.24 -3.48 41.45
C34 PX4 UB . -35.65 -2.67 40.23
C35 PX4 UB . -36.65 -3.45 39.39
C36 PX4 UB . -37.04 -2.90 38.01
O1 PX4 VB . -27.94 -8.44 58.28
O2 PX4 VB . -29.93 -6.79 58.21
P1 PX4 VB . -29.22 -7.98 57.70
O3 PX4 VB . -30.15 -9.29 57.81
C1 PX4 VB . -29.86 -9.95 59.05
C2 PX4 VB . -30.45 -11.36 59.10
N1 PX4 VB . -31.91 -11.54 59.06
C3 PX4 VB . -32.14 -12.62 60.01
C4 PX4 VB . -32.78 -10.43 59.53
C5 PX4 VB . -32.30 -11.90 57.70
O4 PX4 VB . -29.22 -8.00 56.09
C6 PX4 VB . -30.56 -7.79 55.65
C7 PX4 VB . -30.73 -7.98 54.14
C8 PX4 VB . -29.30 -7.94 53.57
O5 PX4 VB . -28.82 -6.66 53.18
C9 PX4 VB . -27.58 -6.72 52.63
O6 PX4 VB . -26.92 -7.76 52.71
C10 PX4 VB . -27.00 -5.38 52.18
C11 PX4 VB . -27.26 -5.09 50.71
C12 PX4 VB . -26.29 -4.08 50.10
C13 PX4 VB . -26.56 -3.86 48.62
C14 PX4 VB . -25.50 -2.99 47.95
C15 PX4 VB . -25.64 -2.87 46.44
C16 PX4 VB . -24.63 -1.81 45.98
C17 PX4 VB . -24.71 -1.68 44.46
C18 PX4 VB . -23.85 -0.46 44.11
C19 PX4 VB . -24.00 -0.06 42.65
C20 PX4 VB . -23.62 1.41 42.45
C21 PX4 VB . -23.89 1.67 40.97
C22 PX4 VB . -23.14 0.54 40.27
O7 PX4 VB . -31.55 -9.06 53.69
C23 PX4 VB . -32.90 -8.89 53.54
O8 PX4 VB . -33.37 -7.82 53.92
C24 PX4 VB . -33.74 -9.90 52.75
C25 PX4 VB . -33.38 -9.86 51.27
C26 PX4 VB . -34.13 -11.02 50.61
C27 PX4 VB . -33.88 -11.13 49.10
C28 PX4 VB . -34.80 -12.16 48.43
C29 PX4 VB . -34.44 -12.10 46.94
C30 PX4 VB . -35.26 -13.12 46.16
C31 PX4 VB . -34.93 -13.25 44.67
C32 PX4 VB . -35.65 -14.37 43.92
C33 PX4 VB . -34.64 -15.45 43.46
C34 PX4 VB . -34.93 -15.81 42.00
C35 PX4 VB . -33.77 -16.75 41.69
C36 PX4 VB . -33.94 -16.95 40.18
O1 PX4 WB . -6.22 40.69 52.41
O2 PX4 WB . -8.31 40.04 51.11
P1 PX4 WB . -6.97 39.69 51.63
O3 PX4 WB . -7.01 38.19 52.21
C1 PX4 WB . -7.71 37.31 51.31
C2 PX4 WB . -7.53 35.89 51.83
N1 PX4 WB . -7.56 34.81 50.82
C3 PX4 WB . -6.74 34.99 49.60
C4 PX4 WB . -7.32 33.57 51.56
C5 PX4 WB . -8.93 34.61 50.31
O4 PX4 WB . -6.06 39.29 50.37
C6 PX4 WB . -5.81 40.48 49.61
C7 PX4 WB . -4.57 40.29 48.73
C8 PX4 WB . -4.34 38.81 48.44
O5 PX4 WB . -5.10 38.15 47.42
C9 PX4 WB . -4.25 37.28 46.82
O6 PX4 WB . -3.14 36.99 47.29
C10 PX4 WB . -4.82 36.34 45.76
C11 PX4 WB . -3.76 35.73 44.86
C12 PX4 WB . -4.44 34.84 43.82
C13 PX4 WB . -5.08 33.62 44.49
C14 PX4 WB . -5.80 32.67 43.52
C15 PX4 WB . -6.54 31.53 44.23
C16 PX4 WB . -7.09 30.65 43.11
C17 PX4 WB . -8.03 29.64 43.78
C18 PX4 WB . -9.53 29.82 43.54
C19 PX4 WB . -10.11 28.40 43.58
C20 PX4 WB . -11.64 28.36 43.72
C21 PX4 WB . -12.02 28.46 45.21
C22 PX4 WB . -13.55 28.52 45.22
O7 PX4 WB . -4.56 41.05 47.52
C23 PX4 WB . -4.21 42.36 47.67
O8 PX4 WB . -3.96 42.88 48.75
C24 PX4 WB . -4.81 43.18 46.52
C25 PX4 WB . -4.26 42.89 45.12
C26 PX4 WB . -5.15 42.28 44.03
C27 PX4 WB . -4.29 42.10 42.78
C28 PX4 WB . -4.07 43.43 42.04
C29 PX4 WB . -3.13 43.12 40.87
C30 PX4 WB . -2.40 44.28 40.22
C31 PX4 WB . -1.61 43.91 38.98
C32 PX4 WB . -2.50 43.40 37.84
C33 PX4 WB . -1.89 43.72 36.47
C34 PX4 WB . -2.80 43.59 35.25
C35 PX4 WB . -3.99 44.55 35.44
C36 PX4 WB . -4.97 44.46 34.27
O1 PX4 XB . 8.88 38.49 51.61
O2 PX4 XB . 7.31 37.82 53.61
P1 PX4 XB . 8.20 37.51 52.48
O3 PX4 XB . 9.39 36.91 53.38
C1 PX4 XB . 10.68 36.95 52.74
C2 PX4 XB . 11.85 36.11 53.19
N1 PX4 XB . 11.94 35.38 54.48
C3 PX4 XB . 11.85 36.37 55.57
C4 PX4 XB . 10.83 34.43 54.67
C5 PX4 XB . 13.27 34.75 54.62
O4 PX4 XB . 7.81 36.19 51.67
C6 PX4 XB . 7.75 36.52 50.28
C7 PX4 XB . 7.59 35.34 49.32
C8 PX4 XB . 6.34 35.43 48.45
O5 PX4 XB . 5.55 36.63 48.46
C9 PX4 XB . 4.57 36.75 47.54
O6 PX4 XB . 3.97 35.76 47.11
C10 PX4 XB . 4.00 38.15 47.39
C11 PX4 XB . 3.61 38.53 45.95
C12 PX4 XB . 4.88 38.38 45.12
C13 PX4 XB . 4.68 38.48 43.62
C14 PX4 XB . 4.06 37.20 43.06
C15 PX4 XB . 3.93 37.23 41.54
C16 PX4 XB . 3.14 38.50 41.19
C17 PX4 XB . 2.66 38.42 39.75
C18 PX4 XB . 2.34 39.86 39.31
C19 PX4 XB . 1.37 39.90 38.13
C20 PX4 XB . 2.16 39.46 36.89
C21 PX4 XB . 1.34 39.73 35.63
C22 PX4 XB . 1.27 41.25 35.50
O7 PX4 XB . 8.73 35.04 48.50
C23 PX4 XB . 9.95 34.65 48.96
O8 PX4 XB . 10.06 34.18 50.08
C24 PX4 XB . 11.01 34.96 47.90
C25 PX4 XB . 10.75 34.28 46.54
C26 PX4 XB . 11.73 34.85 45.52
C27 PX4 XB . 11.64 34.33 44.09
C28 PX4 XB . 10.24 34.75 43.67
C29 PX4 XB . 10.02 34.36 42.21
C30 PX4 XB . 8.60 34.76 41.86
C31 PX4 XB . 8.30 34.25 40.44
C32 PX4 XB . 6.89 34.71 40.02
C33 PX4 XB . 6.55 34.51 38.54
C34 PX4 XB . 5.09 34.84 38.29
C35 PX4 XB . 4.63 34.60 36.85
C36 PX4 XB . 3.16 34.96 36.79
O1 PX4 YB . 31.86 18.70 49.10
O2 PX4 YB . 29.89 16.83 49.10
P1 PX4 YB . 31.18 17.44 48.72
O3 PX4 YB . 31.81 16.71 50.00
C1 PX4 YB . 31.36 17.29 51.22
C2 PX4 YB . 31.95 16.71 52.51
N1 PX4 YB . 33.34 17.12 52.74
C3 PX4 YB . 33.47 18.57 52.93
C4 PX4 YB . 33.85 16.46 53.95
C5 PX4 YB . 34.30 16.77 51.68
O4 PX4 YB . 32.01 16.71 47.54
C6 PX4 YB . 33.38 17.12 47.64
C7 PX4 YB . 34.17 17.38 46.37
C8 PX4 YB . 33.22 16.86 45.29
O5 PX4 YB . 33.76 15.88 44.40
C9 PX4 YB . 33.04 15.68 43.26
O6 PX4 YB . 32.09 16.38 42.92
C10 PX4 YB . 33.67 14.71 42.26
C11 PX4 YB . 33.62 15.37 40.88
C12 PX4 YB . 33.92 14.46 39.70
C13 PX4 YB . 35.25 14.76 39.01
C14 PX4 YB . 35.33 14.18 37.60
C15 PX4 YB . 36.54 14.76 36.88
C16 PX4 YB . 36.95 13.83 35.73
C17 PX4 YB . 38.30 14.15 35.12
C18 PX4 YB . 38.21 15.44 34.32
C19 PX4 YB . 39.35 15.62 33.33
C20 PX4 YB . 39.27 16.99 32.64
C21 PX4 YB . 40.48 17.04 31.71
C22 PX4 YB . 40.61 18.35 30.92
O7 PX4 YB . 34.43 18.78 46.18
C23 PX4 YB . 35.52 19.29 46.82
O8 PX4 YB . 36.31 18.55 47.41
C24 PX4 YB . 35.87 20.74 46.51
C25 PX4 YB . 36.85 20.82 45.34
C26 PX4 YB . 37.48 22.22 45.41
C27 PX4 YB . 38.14 22.59 44.07
C28 PX4 YB . 39.10 23.77 44.19
C29 PX4 YB . 39.58 24.00 42.76
C30 PX4 YB . 40.49 25.22 42.73
C31 PX4 YB . 39.56 26.43 42.93
C32 PX4 YB . 40.35 27.67 42.48
C33 PX4 YB . 40.65 27.53 40.99
C34 PX4 YB . 40.68 28.87 40.22
C35 PX4 YB . 41.46 29.89 41.03
C36 PX4 YB . 41.10 31.27 40.45
O1 PX4 ZB . 36.94 14.40 48.82
O2 PX4 ZB . 34.57 14.18 47.79
P1 PX4 ZB . 36.04 14.00 47.72
O3 PX4 ZB . 36.25 12.40 47.59
C1 PX4 ZB . 35.83 11.88 48.85
C2 PX4 ZB . 35.57 10.37 48.77
N1 PX4 ZB . 34.52 9.84 47.89
C3 PX4 ZB . 33.42 10.71 47.47
C4 PX4 ZB . 35.04 9.36 46.60
C5 PX4 ZB . 33.87 8.74 48.62
O4 PX4 ZB . 36.60 14.55 46.31
C6 PX4 ZB . 36.33 13.49 45.38
C7 PX4 ZB . 36.66 13.84 43.93
C8 PX4 ZB . 37.37 15.19 44.08
O5 PX4 ZB . 37.36 16.11 42.99
C9 PX4 ZB . 38.26 17.14 43.03
O6 PX4 ZB . 39.13 17.21 43.90
C10 PX4 ZB . 38.22 18.13 41.88
C11 PX4 ZB . 39.28 19.22 41.92
C12 PX4 ZB . 39.27 20.13 40.68
C13 PX4 ZB . 38.03 21.02 40.62
C14 PX4 ZB . 37.80 21.45 39.18
C15 PX4 ZB . 37.47 20.29 38.25
C16 PX4 ZB . 37.23 20.90 36.86
C17 PX4 ZB . 36.75 19.82 35.88
C18 PX4 ZB . 36.44 20.58 34.58
C19 PX4 ZB . 36.35 19.60 33.41
C20 PX4 ZB . 36.14 20.51 32.20
C21 PX4 ZB . 36.76 19.76 31.03
C22 PX4 ZB . 35.88 18.52 30.86
O7 PX4 ZB . 37.45 12.83 43.32
C23 PX4 ZB . 36.93 11.69 42.80
O8 PX4 ZB . 35.74 11.40 42.94
C24 PX4 ZB . 37.94 10.77 42.11
C25 PX4 ZB . 38.80 11.28 40.94
C26 PX4 ZB . 37.90 11.66 39.77
C27 PX4 ZB . 38.73 12.03 38.54
C28 PX4 ZB . 39.61 10.91 38.00
C29 PX4 ZB . 40.17 11.38 36.65
C30 PX4 ZB . 40.88 10.17 36.04
C31 PX4 ZB . 41.45 10.47 34.65
C32 PX4 ZB . 41.94 9.15 34.03
C33 PX4 ZB . 43.06 9.48 33.03
C34 PX4 ZB . 43.69 8.25 32.40
C35 PX4 ZB . 44.31 7.42 33.52
C36 PX4 ZB . 44.52 5.97 33.08
O1 PX4 AC . 30.31 10.03 46.37
O2 PX4 AC . 29.31 7.76 45.62
P1 PX4 AC . 30.47 8.62 45.93
O3 PX4 AC . 31.40 7.77 46.95
C1 PX4 AC . 31.45 6.48 46.35
C2 PX4 AC . 32.30 5.45 47.11
N1 PX4 AC . 32.22 4.03 46.70
C3 PX4 AC . 32.45 3.81 45.27
C4 PX4 AC . 33.40 3.39 47.29
C5 PX4 AC . 31.05 3.26 47.14
O4 PX4 AC . 31.35 8.50 44.60
C6 PX4 AC . 30.45 8.85 43.56
C7 PX4 AC . 30.96 8.69 42.12
C8 PX4 AC . 31.96 7.53 42.07
O5 PX4 AC . 33.29 8.05 41.96
C9 PX4 AC . 34.19 7.04 42.02
O6 PX4 AC . 33.82 5.87 42.19
C10 PX4 AC . 35.68 7.26 41.74
C11 PX4 AC . 36.03 7.33 40.27
C12 PX4 AC . 37.44 7.84 40.01
C13 PX4 AC . 37.34 8.08 38.51
C14 PX4 AC . 37.96 6.83 37.87
C15 PX4 AC . 37.93 6.98 36.34
C16 PX4 AC . 36.47 7.08 35.89
C17 PX4 AC . 36.19 7.25 34.39
C18 PX4 AC . 34.72 7.36 34.00
C19 PX4 AC . 34.47 7.80 32.56
C20 PX4 AC . 32.97 8.05 32.41
C21 PX4 AC . 32.20 6.79 32.78
C22 PX4 AC . 30.79 7.24 33.12
O7 PX4 AC . 29.94 8.62 41.13
C23 PX4 AC . 29.30 9.72 40.66
O8 PX4 AC . 29.33 10.69 41.43
C24 PX4 AC . 28.17 9.65 39.63
C25 PX4 AC . 28.67 9.12 38.29
C26 PX4 AC . 27.51 8.91 37.30
C27 PX4 AC . 28.01 8.39 35.94
C28 PX4 AC . 26.82 8.30 35.00
C29 PX4 AC . 25.73 7.35 35.50
C30 PX4 AC . 24.44 7.40 34.68
C31 PX4 AC . 23.80 6.02 34.82
C32 PX4 AC . 22.61 5.77 33.92
C33 PX4 AC . 22.81 6.04 32.43
C34 PX4 AC . 21.51 5.92 31.62
C35 PX4 AC . 21.83 5.61 30.15
C36 PX4 AC . 20.56 5.46 29.32
O1 PX4 BC . 12.02 -27.76 54.96
O2 PX4 BC . 12.21 -27.56 52.26
P1 PX4 BC . 12.02 -28.25 53.55
O3 PX4 BC . 10.44 -28.00 53.50
C1 PX4 BC . 10.34 -26.57 53.60
C2 PX4 BC . 8.98 -25.88 53.74
N1 PX4 BC . 8.35 -25.65 52.43
C3 PX4 BC . 7.06 -24.93 52.53
C4 PX4 BC . 9.26 -24.86 51.58
C5 PX4 BC . 8.05 -26.88 51.70
O4 PX4 BC . 11.61 -29.79 53.39
C6 PX4 BC . 11.43 -30.10 52.01
C7 PX4 BC . 10.81 -31.45 51.61
C8 PX4 BC . 9.56 -31.15 50.77
O5 PX4 BC . 9.92 -30.25 49.73
C9 PX4 BC . 8.97 -30.16 48.76
O6 PX4 BC . 7.85 -30.60 49.04
C10 PX4 BC . 9.29 -29.34 47.52
C11 PX4 BC . 10.73 -29.66 47.13
C12 PX4 BC . 10.93 -29.27 45.65
C13 PX4 BC . 10.11 -30.25 44.80
C14 PX4 BC . 9.95 -29.70 43.38
C15 PX4 BC . 8.73 -28.77 43.35
C16 PX4 BC . 8.62 -28.37 41.88
C17 PX4 BC . 7.46 -27.42 41.56
C18 PX4 BC . 7.68 -27.00 40.10
C19 PX4 BC . 6.48 -26.09 39.80
C20 PX4 BC . 5.18 -26.89 39.91
C21 PX4 BC . 4.03 -25.93 39.57
C22 PX4 BC . 4.10 -24.67 40.43
O7 PX4 BC . 11.79 -32.31 50.99
C23 PX4 BC . 11.57 -33.66 50.91
O8 PX4 BC . 10.56 -34.11 51.43
C24 PX4 BC . 12.56 -34.43 50.03
C25 PX4 BC . 12.21 -34.07 48.57
C26 PX4 BC . 12.40 -35.29 47.67
C27 PX4 BC . 11.41 -36.39 48.01
C28 PX4 BC . 11.58 -37.48 46.94
C29 PX4 BC . 11.47 -36.82 45.56
C30 PX4 BC . 11.93 -37.87 44.54
C31 PX4 BC . 11.02 -39.10 44.49
C32 PX4 BC . 11.47 -39.97 43.30
C33 PX4 BC . 11.39 -39.33 41.92
C34 PX4 BC . 11.91 -40.28 40.83
C35 PX4 BC . 10.98 -41.49 40.70
C36 PX4 BC . 11.80 -42.44 39.83
O1 PX4 CC . -28.61 6.02 56.28
O2 PX4 CC . -26.17 5.09 55.77
P1 PX4 CC . -27.51 5.59 55.37
O3 PX4 CC . -27.13 7.09 54.91
C1 PX4 CC . -26.23 7.69 55.84
C2 PX4 CC . -25.84 9.10 55.37
N1 PX4 CC . -25.10 9.27 54.12
C3 PX4 CC . -24.11 8.23 53.81
C4 PX4 CC . -26.11 9.52 53.06
C5 PX4 CC . -24.34 10.50 54.25
O4 PX4 CC . -27.99 5.05 53.93
C6 PX4 CC . -26.78 4.86 53.19
C7 PX4 CC . -26.90 4.56 51.69
C8 PX4 CC . -28.36 4.09 51.59
O5 PX4 CC . -28.58 3.21 50.50
C9 PX4 CC . -29.81 2.95 49.96
O6 PX4 CC . -30.81 3.22 50.63
C10 PX4 CC . -29.91 2.04 48.75
C11 PX4 CC . -29.41 2.87 47.57
C12 PX4 CC . -28.91 1.89 46.53
C13 PX4 CC . -28.61 2.58 45.19
C14 PX4 CC . -28.46 1.64 44.00
C15 PX4 CC . -28.42 2.41 42.68
C16 PX4 CC . -28.29 1.45 41.50
C17 PX4 CC . -28.45 2.22 40.19
C18 PX4 CC . -27.95 1.47 38.95
C19 PX4 CC . -27.24 2.29 37.87
C20 PX4 CC . -26.40 1.47 36.90
C21 PX4 CC . -25.96 2.32 35.72
C22 PX4 CC . -27.11 3.08 35.07
O7 PX4 CC . -26.61 5.72 50.91
C23 PX4 CC . -25.51 5.82 50.13
O8 PX4 CC . -24.57 5.09 50.45
C24 PX4 CC . -25.51 6.98 49.13
C25 PX4 CC . -26.64 6.79 48.13
C26 PX4 CC . -26.81 7.81 47.00
C27 PX4 CC . -27.71 7.25 45.89
C28 PX4 CC . -28.00 8.26 44.77
C29 PX4 CC . -28.75 7.70 43.56
C30 PX4 CC . -28.99 8.70 42.43
C31 PX4 CC . -30.03 9.75 42.82
C32 PX4 CC . -30.33 10.56 41.55
C33 PX4 CC . -31.34 11.67 41.83
C34 PX4 CC . -31.64 12.57 40.62
C35 PX4 CC . -30.41 13.41 40.30
C36 PX4 CC . -30.65 14.43 39.18
O1 PX4 DC . -27.34 2.02 54.97
O2 PX4 DC . -29.87 2.45 55.63
P1 PX4 DC . -28.77 1.62 55.09
O3 PX4 DC . -28.85 0.17 55.79
C1 PX4 DC . -30.23 -0.19 55.73
C2 PX4 DC . -30.60 -1.30 56.71
N1 PX4 DC . -30.48 -1.22 58.18
C3 PX4 DC . -30.85 0.06 58.82
C4 PX4 DC . -31.40 -2.28 58.62
C5 PX4 DC . -29.11 -1.57 58.59
O4 PX4 DC . -29.26 1.01 53.68
C6 PX4 DC . -28.17 0.32 53.05
C7 PX4 DC . -28.47 -0.60 51.86
C8 PX4 DC . -29.96 -0.36 51.62
O5 PX4 DC . -30.56 -1.60 51.27
C9 PX4 DC . -30.66 -2.54 52.24
O6 PX4 DC . -30.23 -2.43 53.39
C10 PX4 DC . -31.45 -3.81 51.87
C11 PX4 DC . -30.99 -4.45 50.55
C12 PX4 DC . -31.74 -5.79 50.47
C13 PX4 DC . -31.23 -6.60 49.29
C14 PX4 DC . -31.30 -5.97 47.90
C15 PX4 DC . -30.72 -6.94 46.86
C16 PX4 DC . -31.37 -6.90 45.48
C17 PX4 DC . -30.36 -7.54 44.52
C18 PX4 DC . -30.87 -7.54 43.08
C19 PX4 DC . -31.28 -6.17 42.55
C20 PX4 DC . -31.05 -6.06 41.04
C21 PX4 DC . -32.01 -5.10 40.33
C22 PX4 DC . -31.51 -4.77 38.93
O7 PX4 DC . -27.69 -0.13 50.76
C23 PX4 DC . -26.34 -0.23 50.65
O8 PX4 DC . -25.71 -0.46 51.68
C24 PX4 DC . -25.68 0.08 49.31
C25 PX4 DC . -25.65 1.57 48.92
C26 PX4 DC . -25.10 1.83 47.51
C27 PX4 DC . -25.02 3.32 47.15
C28 PX4 DC . -24.46 3.46 45.73
C29 PX4 DC . -24.58 4.86 45.15
C30 PX4 DC . -24.01 4.99 43.74
C31 PX4 DC . -24.21 6.38 43.14
C32 PX4 DC . -23.95 6.39 41.63
C33 PX4 DC . -24.72 5.21 41.04
C34 PX4 DC . -24.50 5.19 39.53
C35 PX4 DC . -22.99 5.26 39.24
C36 PX4 DC . -22.64 5.43 37.76
O1 PX4 EC . 4.86 33.79 51.70
O2 PX4 EC . 6.58 34.04 53.51
P1 PX4 EC . 5.18 34.26 53.07
O3 PX4 EC . 4.14 33.61 54.10
C1 PX4 EC . 4.63 33.81 55.43
C2 PX4 EC . 3.86 33.19 56.61
N1 PX4 EC . 4.43 33.27 57.95
C3 PX4 EC . 3.55 32.68 58.99
C4 PX4 EC . 5.73 32.60 58.10
C5 PX4 EC . 4.70 34.70 58.22
O4 PX4 EC . 4.81 35.81 53.32
C6 PX4 EC . 4.52 36.47 52.09
C7 PX4 EC . 3.62 37.68 52.35
C8 PX4 EC . 4.45 38.93 52.08
O5 PX4 EC . 5.15 38.98 50.82
C9 PX4 EC . 5.54 40.23 50.50
O6 PX4 EC . 5.45 41.11 51.35
C10 PX4 EC . 6.32 40.51 49.20
C11 PX4 EC . 5.45 41.23 48.19
C12 PX4 EC . 6.25 41.43 46.90
C13 PX4 EC . 5.25 42.11 45.97
C14 PX4 EC . 5.80 42.37 44.56
C15 PX4 EC . 5.99 43.78 44.04
C16 PX4 EC . 6.48 43.57 42.59
C17 PX4 EC . 7.04 44.83 41.94
C18 PX4 EC . 7.69 44.41 40.62
C19 PX4 EC . 6.64 43.94 39.61
C20 PX4 EC . 7.20 43.32 38.31
C21 PX4 EC . 6.12 42.83 37.35
C22 PX4 EC . 6.66 42.45 35.97
O7 PX4 EC . 2.38 37.83 51.66
C23 PX4 EC . 1.31 37.04 51.97
O8 PX4 EC . 1.30 36.37 53.00
C24 PX4 EC . 0.14 37.00 50.98
C25 PX4 EC . 0.65 37.30 49.57
C26 PX4 EC . -0.10 36.52 48.50
C27 PX4 EC . 0.78 36.33 47.26
C28 PX4 EC . 0.24 35.60 46.01
C29 PX4 EC . 1.32 35.41 44.96
C30 PX4 EC . 0.91 34.28 44.01
C31 PX4 EC . 1.94 34.19 42.89
C32 PX4 EC . 2.89 33.01 43.10
C33 PX4 EC . 4.17 33.05 42.26
C34 PX4 EC . 5.43 32.74 43.05
C35 PX4 EC . 5.64 33.70 44.23
C36 PX4 EC . 6.65 33.25 45.27
O1 PX4 FC . 0.52 -29.50 51.21
O2 PX4 FC . 2.23 -27.58 50.99
P1 PX4 FC . 0.87 -28.11 50.86
O3 PX4 FC . -0.02 -27.20 51.85
C1 PX4 FC . 0.04 -25.85 51.37
C2 PX4 FC . -0.70 -24.72 52.08
N1 PX4 FC . 0.01 -23.93 53.09
C3 PX4 FC . 0.23 -24.72 54.30
C4 PX4 FC . 1.25 -23.26 52.66
C5 PX4 FC . -0.92 -22.85 53.49
O4 PX4 FC . 0.00 -27.69 49.57
C6 PX4 FC . -0.89 -28.74 49.18
C7 PX4 FC . -1.31 -28.67 47.71
C8 PX4 FC . -1.54 -27.17 47.51
O5 PX4 FC . -2.87 -26.66 47.58
C9 PX4 FC . -2.83 -25.31 47.79
O6 PX4 FC . -1.82 -24.63 47.89
C10 PX4 FC . -4.21 -24.68 47.57
C11 PX4 FC . -4.42 -23.96 46.24
C12 PX4 FC . -5.86 -23.49 46.05
C13 PX4 FC . -5.82 -22.85 44.65
C14 PX4 FC . -7.22 -22.30 44.35
C15 PX4 FC . -7.36 -22.03 42.86
C16 PX4 FC . -8.52 -21.04 42.68
C17 PX4 FC . -8.84 -20.79 41.21
C18 PX4 FC . -10.03 -19.87 40.88
C19 PX4 FC . -11.29 -20.67 41.18
C20 PX4 FC . -12.48 -19.71 41.24
C21 PX4 FC . -13.82 -20.40 40.99
C22 PX4 FC . -14.10 -21.42 42.09
O7 PX4 FC . -0.58 -29.43 46.76
C23 PX4 FC . -0.86 -30.76 46.63
O8 PX4 FC . -1.71 -31.25 47.36
C24 PX4 FC . 0.03 -31.48 45.62
C25 PX4 FC . -0.85 -32.03 44.49
C26 PX4 FC . 0.10 -32.36 43.34
C27 PX4 FC . -0.64 -33.07 42.21
C28 PX4 FC . 0.23 -33.50 41.04
C29 PX4 FC . -0.58 -34.38 40.08
C30 PX4 FC . 0.05 -34.26 38.69
C31 PX4 FC . -0.72 -34.74 37.46
C32 PX4 FC . -2.14 -34.20 37.36
C33 PX4 FC . -2.84 -34.48 36.04
C34 PX4 FC . -2.01 -33.82 34.94
C35 PX4 FC . -2.59 -33.95 33.52
C36 PX4 FC . -1.72 -33.15 32.58
O1 PX4 GC . -36.74 5.18 53.93
O2 PX4 GC . -34.50 3.99 53.34
P1 PX4 GC . -35.89 4.41 53.01
O3 PX4 GC . -35.68 5.40 51.76
C1 PX4 GC . -36.75 6.34 51.62
C2 PX4 GC . -36.39 7.61 50.85
N1 PX4 GC . -37.44 8.63 50.70
C3 PX4 GC . -36.67 9.82 50.33
C4 PX4 GC . -38.35 8.24 49.61
C5 PX4 GC . -38.21 9.00 51.90
O4 PX4 GC . -36.64 3.19 52.27
C6 PX4 GC . -35.74 2.50 51.39
C7 PX4 GC . -36.48 1.61 50.40
C8 PX4 GC . -37.44 2.59 49.74
O5 PX4 GC . -36.77 3.39 48.75
C9 PX4 GC . -37.57 4.38 48.30
O6 PX4 GC . -38.42 4.99 48.96
C10 PX4 GC . -37.26 4.87 46.88
C11 PX4 GC . -36.84 3.81 45.85
C12 PX4 GC . -36.99 4.39 44.45
C13 PX4 GC . -36.71 3.32 43.39
C14 PX4 GC . -37.82 2.27 43.35
C15 PX4 GC . -37.74 1.58 41.99
C16 PX4 GC . -38.57 0.29 41.99
C17 PX4 GC . -39.05 -0.12 40.60
C18 PX4 GC . -39.98 -1.34 40.69
C19 PX4 GC . -40.38 -1.78 39.28
C20 PX4 GC . -41.10 -3.12 39.48
C21 PX4 GC . -41.70 -3.59 38.14
C22 PX4 GC . -42.62 -4.80 38.25
O7 PX4 GC . -35.68 0.87 49.48
C23 PX4 GC . -35.04 -0.27 49.84
O8 PX4 GC . -35.07 -0.68 51.00
C24 PX4 GC . -34.23 -0.94 48.73
C25 PX4 GC . -32.75 -0.63 48.81
C26 PX4 GC . -32.08 -1.53 47.76
C27 PX4 GC . -30.56 -1.56 47.82
C28 PX4 GC . -30.01 -2.67 46.91
C29 PX4 GC . -30.13 -2.46 45.40
C30 PX4 GC . -28.82 -3.07 44.87
C31 PX4 GC . -28.60 -2.63 43.42
C32 PX4 GC . -27.70 -3.60 42.66
C33 PX4 GC . -27.71 -3.09 41.22
C34 PX4 GC . -27.05 -4.16 40.36
C35 PX4 GC . -27.39 -4.03 38.88
C36 PX4 GC . -26.64 -5.20 38.25
O1 PX4 HC . 9.19 -21.84 53.10
O2 PX4 HC . 10.50 -20.15 51.72
P1 PX4 HC . 9.28 -20.95 51.91
O3 PX4 HC . 8.07 -19.92 52.22
C1 PX4 HC . 8.41 -19.24 53.41
C2 PX4 HC . 7.19 -18.74 54.18
N1 PX4 HC . 7.29 -17.94 55.42
C3 PX4 HC . 8.20 -18.57 56.39
C4 PX4 HC . 7.61 -16.51 55.31
C5 PX4 HC . 6.02 -18.12 56.14
O4 PX4 HC . 8.79 -21.55 50.51
C6 PX4 HC . 8.52 -20.43 49.68
C7 PX4 HC . 8.17 -20.76 48.23
C8 PX4 HC . 9.10 -21.94 47.93
O5 PX4 HC . 10.18 -21.68 47.04
C9 PX4 HC . 10.95 -22.77 46.82
O6 PX4 HC . 10.68 -23.86 47.35
C10 PX4 HC . 12.19 -22.69 45.93
C11 PX4 HC . 12.03 -23.47 44.61
C12 PX4 HC . 13.35 -23.76 43.89
C13 PX4 HC . 13.07 -24.27 42.47
C14 PX4 HC . 12.23 -25.54 42.43
C15 PX4 HC . 12.08 -26.09 41.02
C16 PX4 HC . 13.39 -26.62 40.44
C17 PX4 HC . 13.06 -27.79 39.49
C18 PX4 HC . 14.40 -28.25 38.90
C19 PX4 HC . 14.30 -29.05 37.62
C20 PX4 HC . 13.54 -30.34 37.96
C21 PX4 HC . 13.22 -31.03 36.64
C22 PX4 HC . 12.22 -30.26 35.78
O7 PX4 HC . 6.81 -21.15 48.06
C23 PX4 HC . 5.92 -20.15 47.85
O8 PX4 HC . 6.18 -19.01 48.24
C24 PX4 HC . 4.51 -20.54 47.39
C25 PX4 HC . 4.26 -19.70 46.13
C26 PX4 HC . 2.81 -19.98 45.70
C27 PX4 HC . 2.75 -19.02 44.51
C28 PX4 HC . 3.43 -19.55 43.25
C29 PX4 HC . 2.92 -20.91 42.82
C30 PX4 HC . 3.87 -21.43 41.73
C31 PX4 HC . 3.80 -20.53 40.50
C32 PX4 HC . 4.67 -20.97 39.33
C33 PX4 HC . 4.70 -19.83 38.31
C34 PX4 HC . 3.33 -19.93 37.63
C35 PX4 HC . 3.35 -18.94 36.46
C36 PX4 HC . 1.94 -18.90 35.87
O1 PX4 IC . -32.08 10.42 52.87
O2 PX4 IC . -34.75 10.27 52.71
P1 PX4 IC . -33.36 10.07 52.23
O3 PX4 IC . -33.61 8.50 52.52
C1 PX4 IC . -33.27 8.22 53.87
C2 PX4 IC . -32.75 6.78 54.10
N1 PX4 IC . -31.51 6.34 53.44
C3 PX4 IC . -31.59 6.24 51.97
C4 PX4 IC . -30.35 7.15 53.81
C5 PX4 IC . -31.22 5.02 54.02
O4 PX4 IC . -33.24 9.99 50.63
C6 PX4 IC . -31.84 10.06 50.37
C7 PX4 IC . -31.31 9.33 49.15
C8 PX4 IC . -32.50 8.53 48.60
O5 PX4 IC . -32.57 7.13 48.89
C9 PX4 IC . -33.64 6.44 48.42
O6 PX4 IC . -34.63 7.15 48.19
C10 PX4 IC . -33.54 4.93 48.57
C11 PX4 IC . -33.35 4.48 47.13
C12 PX4 IC . -33.21 2.95 47.11
C13 PX4 IC . -32.98 2.61 45.63
C14 PX4 IC . -32.90 1.10 45.41
C15 PX4 IC . -32.07 0.70 44.19
C16 PX4 IC . -32.56 1.25 42.84
C17 PX4 IC . -32.07 0.40 41.67
C18 PX4 IC . -32.30 0.98 40.27
C19 PX4 IC . -33.79 1.12 39.96
C20 PX4 IC . -33.88 1.09 38.44
C21 PX4 IC . -35.28 1.40 37.95
C22 PX4 IC . -35.15 1.80 36.47
O7 PX4 IC . -30.58 10.11 48.18
C23 PX4 IC . -29.32 10.39 48.56
O8 PX4 IC . -28.67 9.76 49.40
C24 PX4 IC . -28.66 11.23 47.46
C25 PX4 IC . -28.97 12.66 47.91
C26 PX4 IC . -28.12 13.70 47.19
C27 PX4 IC . -28.18 13.62 45.67
C28 PX4 IC . -27.40 14.83 45.13
C29 PX4 IC . -27.24 14.51 43.64
C30 PX4 IC . -26.74 15.71 42.84
C31 PX4 IC . -26.73 15.55 41.31
C32 PX4 IC . -26.15 14.24 40.77
C33 PX4 IC . -26.00 14.22 39.24
C34 PX4 IC . -25.42 15.60 38.93
C35 PX4 IC . -25.42 15.93 37.44
C36 PX4 IC . -25.72 17.40 37.16
O1 PX4 JC . -30.16 14.44 56.38
O2 PX4 JC . -31.56 16.64 55.84
P1 PX4 JC . -31.25 15.18 55.72
O3 PX4 JC . -32.60 14.55 56.33
C1 PX4 JC . -32.55 14.45 57.74
C2 PX4 JC . -33.71 13.75 58.44
N1 PX4 JC . -33.86 12.28 58.35
C3 PX4 JC . -34.41 11.66 59.55
C4 PX4 JC . -34.77 12.02 57.22
C5 PX4 JC . -32.62 11.51 58.09
O4 PX4 JC . -31.45 14.82 54.16
C6 PX4 JC . -30.73 13.60 54.04
C7 PX4 JC . -30.59 13.14 52.59
C8 PX4 JC . -31.70 13.93 51.87
O5 PX4 JC . -32.36 13.10 50.93
C9 PX4 JC . -33.32 13.80 50.27
O6 PX4 JC . -33.60 14.88 50.80
C10 PX4 JC . -34.11 13.05 49.20
C11 PX4 JC . -33.36 13.09 47.86
C12 PX4 JC . -33.88 12.10 46.80
C13 PX4 JC . -32.80 11.52 45.90
C14 PX4 JC . -33.53 10.58 44.95
C15 PX4 JC . -34.40 9.53 45.65
C16 PX4 JC . -35.02 8.65 44.56
C17 PX4 JC . -33.97 7.73 43.93
C18 PX4 JC . -34.46 6.93 42.73
C19 PX4 JC . -33.22 6.43 41.97
C20 PX4 JC . -33.52 5.52 40.80
C21 PX4 JC . -32.24 5.55 39.95
C22 PX4 JC . -31.05 5.21 40.84
O7 PX4 JC . -29.33 13.37 51.96
C23 PX4 JC . -28.16 12.90 52.47
O8 PX4 JC . -28.15 12.15 53.45
C24 PX4 JC . -26.89 13.41 51.77
C25 PX4 JC . -26.48 12.65 50.51
C26 PX4 JC . -25.26 13.42 49.97
C27 PX4 JC . -24.72 12.74 48.72
C28 PX4 JC . -24.55 11.22 48.86
C29 PX4 JC . -23.80 10.54 47.70
C30 PX4 JC . -24.46 11.19 46.48
C31 PX4 JC . -24.01 10.45 45.23
C32 PX4 JC . -24.74 10.95 43.98
C33 PX4 JC . -24.35 10.21 42.70
C34 PX4 JC . -25.37 10.43 41.60
C35 PX4 JC . -24.80 10.22 40.18
C36 PX4 JC . -25.89 10.25 39.11
O1 PX4 KC . -15.10 5.51 55.88
O2 PX4 KC . -17.64 5.90 55.31
P1 PX4 KC . -16.36 5.14 55.20
O3 PX4 KC . -16.81 3.70 55.77
C1 PX4 KC . -18.07 3.34 55.21
C2 PX4 KC . -18.82 2.42 56.18
N1 PX4 KC . -20.23 2.09 55.96
C3 PX4 KC . -20.35 1.51 54.63
C4 PX4 KC . -20.90 1.20 56.93
C5 PX4 KC . -20.97 3.37 55.95
O4 PX4 KC . -16.14 4.76 53.66
C6 PX4 KC . -15.43 5.86 53.08
C7 PX4 KC . -15.82 6.09 51.62
C8 PX4 KC . -16.27 4.80 50.95
O5 PX4 KC . -15.66 4.46 49.70
C9 PX4 KC . -16.20 5.09 48.62
O6 PX4 KC . -17.16 5.86 48.68
C10 PX4 KC . -15.57 4.78 47.24
C11 PX4 KC . -16.16 3.54 46.59
C12 PX4 KC . -15.14 2.56 45.99
C13 PX4 KC . -15.55 1.58 44.90
C14 PX4 KC . -14.54 0.47 44.60
C15 PX4 KC . -15.08 -0.19 43.32
C16 PX4 KC . -14.17 -1.30 42.79
C17 PX4 KC . -14.83 -2.02 41.60
C18 PX4 KC . -13.93 -3.09 40.99
C19 PX4 KC . -14.67 -3.54 39.73
C20 PX4 KC . -13.98 -4.70 39.02
C21 PX4 KC . -14.93 -5.05 37.86
C22 PX4 KC . -15.07 -3.86 36.90
O7 PX4 KC . -16.59 7.26 51.35
C23 PX4 KC . -16.13 8.49 51.68
O8 PX4 KC . -15.22 8.62 52.50
C24 PX4 KC . -16.98 9.69 51.26
C25 PX4 KC . -16.58 10.05 49.81
C26 PX4 KC . -16.92 9.14 48.63
C27 PX4 KC . -16.50 9.62 47.25
C28 PX4 KC . -16.75 8.60 46.14
C29 PX4 KC . -16.22 8.86 44.72
C30 PX4 KC . -15.94 7.62 43.88
C31 PX4 KC . -15.57 8.05 42.47
C32 PX4 KC . -15.91 6.91 41.49
C33 PX4 KC . -15.57 7.30 40.05
C34 PX4 KC . -15.57 6.20 38.99
C35 PX4 KC . -15.28 6.74 37.60
C36 PX4 KC . -16.45 7.61 37.14
O1 PX4 LC . -18.17 -13.65 57.22
O2 PX4 LC . -16.78 -12.19 55.76
P1 PX4 LC . -18.15 -12.61 56.17
O3 PX4 LC . -18.96 -11.32 56.69
C1 PX4 LC . -18.01 -10.74 57.58
C2 PX4 LC . -18.29 -9.33 58.08
N1 PX4 LC . -18.29 -8.24 57.08
C3 PX4 LC . -19.42 -8.30 56.15
C4 PX4 LC . -18.43 -7.07 57.95
C5 PX4 LC . -16.94 -8.09 56.55
O4 PX4 LC . -18.99 -13.22 54.94
C6 PX4 LC . -18.32 -14.10 54.04
C7 PX4 LC . -19.14 -14.41 52.78
C8 PX4 LC . -20.14 -13.28 52.58
O5 PX4 LC . -21.51 -13.50 52.23
C9 PX4 LC . -22.29 -12.39 52.32
O6 PX4 LC . -22.24 -11.55 53.23
C10 PX4 LC . -23.55 -12.53 51.48
C11 PX4 LC . -23.20 -12.83 50.03
C12 PX4 LC . -24.44 -13.31 49.27
C13 PX4 LC . -24.11 -13.45 47.79
C14 PX4 LC . -24.86 -12.43 46.93
C15 PX4 LC . -24.67 -12.98 45.52
C16 PX4 LC . -25.35 -12.07 44.49
C17 PX4 LC . -25.38 -12.87 43.19
C18 PX4 LC . -26.53 -12.53 42.22
C19 PX4 LC . -26.30 -13.07 40.81
C20 PX4 LC . -27.52 -12.95 39.91
C21 PX4 LC . -27.38 -13.70 38.58
C22 PX4 LC . -28.56 -13.65 37.59
O7 PX4 LC . -18.29 -14.77 51.69
C23 PX4 LC . -17.85 -16.07 51.63
O8 PX4 LC . -18.02 -16.80 52.60
C24 PX4 LC . -17.08 -16.42 50.36
C25 PX4 LC . -18.00 -16.95 49.26
C26 PX4 LC . -17.42 -17.29 47.90
C27 PX4 LC . -16.93 -16.09 47.11
C28 PX4 LC . -16.26 -16.64 45.85
C29 PX4 LC . -15.92 -15.43 44.96
C30 PX4 LC . -15.31 -15.81 43.61
C31 PX4 LC . -16.35 -16.34 42.63
C32 PX4 LC . -15.72 -16.47 41.25
C33 PX4 LC . -16.72 -17.18 40.34
C34 PX4 LC . -16.30 -16.89 38.90
C35 PX4 LC . -17.07 -17.64 37.79
C36 PX4 LC . -18.55 -17.23 37.87
O1 PX4 MC . -13.72 -22.38 51.29
O2 PX4 MC . -12.45 -21.88 53.48
P1 PX4 MC . -12.46 -22.27 52.07
O3 PX4 MC . -11.64 -21.25 51.13
C1 PX4 MC . -11.86 -19.87 51.42
C2 PX4 MC . -11.12 -18.93 50.47
N1 PX4 MC . -11.46 -17.49 50.47
C3 PX4 MC . -11.09 -16.73 51.68
C4 PX4 MC . -10.83 -16.81 49.33
C5 PX4 MC . -12.90 -17.27 50.33
O4 PX4 MC . -11.50 -23.56 51.92
C6 PX4 MC . -11.44 -23.91 50.53
C7 PX4 MC . -10.57 -25.15 50.33
C8 PX4 MC . -11.60 -26.29 50.27
O5 PX4 MC . -12.81 -25.93 49.60
C9 PX4 MC . -13.74 -26.93 49.56
O6 PX4 MC . -13.34 -28.03 49.91
C10 PX4 MC . -15.07 -26.72 48.84
C11 PX4 MC . -15.05 -25.60 47.80
C12 PX4 MC . -16.43 -25.20 47.24
C13 PX4 MC . -16.19 -23.90 46.46
C14 PX4 MC . -15.43 -22.97 47.42
C15 PX4 MC . -15.40 -21.56 46.82
C16 PX4 MC . -14.56 -20.72 47.78
C17 PX4 MC . -14.30 -19.31 47.21
C18 PX4 MC . -13.29 -19.37 46.07
C19 PX4 MC . -12.71 -18.00 45.72
C20 PX4 MC . -11.85 -18.02 44.47
C21 PX4 MC . -11.78 -16.56 43.98
C22 PX4 MC . -10.68 -16.54 42.91
O7 PX4 MC . -9.72 -25.01 49.19
C23 PX4 MC . -8.91 -26.10 49.06
O8 PX4 MC . -8.76 -26.98 49.89
C24 PX4 MC . -8.25 -26.24 47.68
C25 PX4 MC . -8.38 -27.71 47.28
C26 PX4 MC . -7.75 -28.02 45.93
C27 PX4 MC . -6.23 -28.05 46.12
C28 PX4 MC . -5.62 -28.10 44.72
C29 PX4 MC . -4.11 -28.09 44.87
C30 PX4 MC . -3.40 -27.77 43.55
C31 PX4 MC . -3.83 -26.37 43.08
C32 PX4 MC . -2.86 -26.00 41.96
C33 PX4 MC . -3.16 -24.62 41.38
C34 PX4 MC . -4.61 -24.49 40.92
C35 PX4 MC . -5.09 -23.16 40.34
C36 PX4 MC . -6.09 -23.18 39.19
O1 PX4 NC . 0.92 -6.07 52.51
O2 PX4 NC . -0.88 -7.60 53.64
P1 PX4 NC . 0.35 -7.40 52.85
O3 PX4 NC . 1.52 -8.13 53.67
C1 PX4 NC . 1.80 -7.48 54.91
C2 PX4 NC . 3.09 -6.66 54.99
N1 PX4 NC . 4.42 -7.18 54.67
C3 PX4 NC . 4.94 -8.05 55.74
C4 PX4 NC . 4.64 -7.88 53.40
C5 PX4 NC . 5.35 -6.05 54.63
O4 PX4 NC . 0.47 -8.48 51.65
C6 PX4 NC . 1.36 -8.04 50.62
C7 PX4 NC . 1.41 -8.86 49.33
C8 PX4 NC . 0.13 -8.61 48.53
O5 PX4 NC . -0.12 -9.44 47.39
C9 PX4 NC . -0.56 -8.69 46.35
O6 PX4 NC . -0.45 -7.47 46.20
C10 PX4 NC . -0.89 -9.57 45.13
C11 PX4 NC . -1.83 -8.89 44.13
C12 PX4 NC . -2.20 -9.93 43.06
C13 PX4 NC . -3.07 -9.19 42.05
C14 PX4 NC . -4.35 -8.60 42.65
C15 PX4 NC . -5.22 -7.95 41.57
C16 PX4 NC . -6.55 -7.48 42.18
C17 PX4 NC . -7.31 -7.09 40.91
C18 PX4 NC . -8.80 -6.99 41.22
C19 PX4 NC . -9.27 -5.64 41.75
C20 PX4 NC . -9.12 -4.65 40.60
C21 PX4 NC . -10.16 -4.90 39.51
C22 PX4 NC . -10.13 -3.92 38.33
O7 PX4 NC . 2.62 -8.52 48.64
C23 PX4 NC . 3.41 -9.62 48.48
O8 PX4 NC . 3.11 -10.69 49.01
C24 PX4 NC . 4.62 -9.47 47.54
C25 PX4 NC . 4.39 -9.63 46.04
C26 PX4 NC . 5.50 -9.18 45.08
C27 PX4 NC . 5.14 -9.43 43.62
C28 PX4 NC . 6.28 -9.78 42.65
C29 PX4 NC . 5.63 -10.27 41.35
C30 PX4 NC . 6.73 -10.66 40.37
C31 PX4 NC . 6.16 -10.73 38.94
C32 PX4 NC . 5.48 -9.42 38.53
C33 PX4 NC . 5.15 -9.42 37.05
C34 PX4 NC . 4.67 -8.02 36.66
C35 PX4 NC . 4.28 -8.05 35.18
C36 PX4 NC . 4.13 -6.64 34.59
O1 PX4 OC . 2.02 -20.02 53.77
O2 PX4 OC . 3.36 -18.12 52.52
P1 PX4 OC . 2.27 -19.13 52.62
O3 PX4 OC . 0.97 -18.15 52.72
C1 PX4 OC . 1.03 -16.99 53.54
C2 PX4 OC . -0.07 -15.96 53.23
N1 PX4 OC . 0.20 -15.10 52.08
C3 PX4 OC . 0.17 -15.92 50.86
C4 PX4 OC . -0.89 -14.13 51.93
C5 PX4 OC . 1.45 -14.35 52.30
O4 PX4 OC . 1.99 -19.85 51.22
C6 PX4 OC . 2.12 -18.85 50.20
C7 PX4 OC . 1.44 -19.28 48.91
C8 PX4 OC . 0.97 -20.74 49.05
O5 PX4 OC . 1.80 -21.56 48.25
C9 PX4 OC . 1.52 -22.90 48.44
O6 PX4 OC . 0.84 -23.28 49.39
C10 PX4 OC . 2.52 -23.70 47.61
C11 PX4 OC . 1.84 -24.79 46.77
C12 PX4 OC . 1.29 -24.29 45.43
C13 PX4 OC . 0.75 -25.47 44.64
C14 PX4 OC . 1.75 -26.62 44.50
C15 PX4 OC . 1.26 -27.87 43.77
C16 PX4 OC . 0.79 -27.47 42.37
C17 PX4 OC . 0.28 -28.76 41.71
C18 PX4 OC . 0.02 -28.50 40.22
C19 PX4 OC . -0.48 -29.79 39.58
C20 PX4 OC . -1.91 -30.05 40.07
C21 PX4 OC . -2.78 -30.92 39.16
C22 PX4 OC . -4.03 -31.15 40.01
O7 PX4 OC . 0.54 -18.37 48.27
C23 PX4 OC . 1.01 -17.30 47.56
O8 PX4 OC . 2.09 -16.82 47.93
C24 PX4 OC . 0.11 -16.65 46.51
C25 PX4 OC . -1.28 -16.28 47.03
C26 PX4 OC . -2.28 -16.26 45.88
C27 PX4 OC . -1.88 -15.20 44.84
C28 PX4 OC . -2.78 -15.21 43.60
C29 PX4 OC . -2.44 -14.02 42.70
C30 PX4 OC . -3.43 -14.05 41.54
C31 PX4 OC . -3.22 -12.87 40.59
C32 PX4 OC . -3.98 -13.08 39.27
C33 PX4 OC . -4.05 -11.70 38.60
C34 PX4 OC . -4.90 -11.68 37.32
C35 PX4 OC . -4.85 -10.28 36.68
C36 PX4 OC . -5.14 -9.24 37.76
O1 PX4 PC . 8.69 -16.12 51.40
O2 PX4 PC . 10.75 -17.38 50.39
P1 PX4 PC . 9.57 -16.51 50.27
O3 PX4 PC . 10.17 -15.06 49.94
C1 PX4 PC . 10.51 -14.30 51.11
C2 PX4 PC . 10.87 -12.83 50.93
N1 PX4 PC . 9.76 -11.86 50.98
C3 PX4 PC . 9.16 -11.88 52.32
C4 PX4 PC . 10.35 -10.53 50.75
C5 PX4 PC . 8.77 -12.27 49.97
O4 PX4 PC . 8.77 -16.63 48.89
C6 PX4 PC . 8.23 -15.43 48.36
C7 PX4 PC . 8.05 -15.40 46.84
C8 PX4 PC . 8.98 -16.55 46.46
O5 PX4 PC . 10.13 -16.11 45.76
C9 PX4 PC . 11.02 -17.09 45.40
O6 PX4 PC . 10.97 -18.23 45.85
C10 PX4 PC . 12.06 -16.51 44.45
C11 PX4 PC . 11.72 -16.33 42.97
C12 PX4 PC . 10.98 -17.49 42.30
C13 PX4 PC . 11.93 -18.65 42.04
C14 PX4 PC . 11.27 -19.79 41.29
C15 PX4 PC . 12.16 -20.94 40.79
C16 PX4 PC . 11.33 -21.64 39.70
C17 PX4 PC . 10.04 -21.95 40.48
C18 PX4 PC . 8.92 -22.64 39.69
C19 PX4 PC . 8.48 -21.71 38.55
C20 PX4 PC . 7.52 -22.46 37.63
C21 PX4 PC . 8.21 -23.67 37.00
C22 PX4 PC . 7.28 -24.65 36.28
O7 PX4 PC . 6.68 -15.63 46.50
C23 PX4 PC . 5.75 -14.63 46.60
O8 PX4 PC . 6.05 -13.55 47.10
C24 PX4 PC . 4.33 -14.98 46.12
C25 PX4 PC . 3.79 -13.84 45.25
C26 PX4 PC . 2.70 -14.44 44.35
C27 PX4 PC . 2.46 -13.41 43.24
C28 PX4 PC . 2.06 -12.11 43.95
C29 PX4 PC . 1.97 -10.94 42.98
C30 PX4 PC . 0.92 -11.22 41.90
C31 PX4 PC . 1.43 -10.53 40.64
C32 PX4 PC . 0.58 -10.56 39.37
C33 PX4 PC . 1.12 -9.76 38.18
C34 PX4 PC . 0.11 -9.80 37.05
C35 PX4 PC . 0.49 -8.84 35.93
C36 PX4 PC . 0.73 -7.43 36.50
O1 PX4 QC . 16.35 -12.34 49.12
O2 PX4 QC . 14.41 -10.69 49.76
P1 PX4 QC . 15.09 -11.99 49.83
O3 PX4 QC . 15.32 -12.35 51.38
C1 PX4 QC . 16.22 -13.47 51.47
C2 PX4 QC . 16.71 -13.92 52.83
N1 PX4 QC . 17.34 -15.25 52.96
C3 PX4 QC . 17.39 -15.60 54.39
C4 PX4 QC . 16.61 -16.25 52.19
C5 PX4 QC . 18.72 -15.08 52.47
O4 PX4 QC . 14.13 -13.26 49.61
C6 PX4 QC . 14.40 -13.99 48.42
C7 PX4 QC . 13.26 -14.96 48.11
C8 PX4 QC . 12.11 -14.14 47.53
O5 PX4 QC . 12.50 -12.93 46.89
C9 PX4 QC . 11.45 -12.10 46.63
O6 PX4 QC . 10.27 -12.37 46.89
C10 PX4 QC . 11.85 -10.74 46.05
C11 PX4 QC . 11.40 -10.67 44.60
C12 PX4 QC . 11.67 -11.86 43.66
C13 PX4 QC . 10.88 -11.93 42.36
C14 PX4 QC . 9.38 -12.11 42.66
C15 PX4 QC . 8.99 -13.59 42.68
C16 PX4 QC . 7.59 -13.96 43.15
C17 PX4 QC . 7.06 -15.37 42.90
C18 PX4 QC . 6.97 -15.81 41.44
C19 PX4 QC . 6.92 -17.34 41.29
C20 PX4 QC . 7.74 -17.63 40.04
C21 PX4 QC . 7.07 -16.86 38.90
C22 PX4 QC . 7.75 -17.22 37.56
O7 PX4 QC . 13.71 -16.10 47.35
C23 PX4 QC . 14.45 -17.12 47.83
O8 PX4 QC . 14.74 -17.22 49.02
C24 PX4 QC . 14.24 -18.41 47.03
C25 PX4 QC . 15.02 -18.37 45.72
C26 PX4 QC . 14.97 -19.65 44.88
C27 PX4 QC . 15.68 -19.45 43.53
C28 PX4 QC . 15.53 -20.55 42.48
C29 PX4 QC . 16.62 -20.29 41.45
C30 PX4 QC . 16.40 -21.11 40.19
C31 PX4 QC . 15.80 -22.49 40.49
C32 PX4 QC . 15.88 -23.39 39.26
C33 PX4 QC . 17.29 -23.83 38.88
C34 PX4 QC . 17.05 -24.59 37.58
C35 PX4 QC . 18.34 -25.08 36.94
C36 PX4 QC . 19.33 -23.93 36.76
O1 PX4 RC . -12.88 3.57 52.54
O2 PX4 RC . -10.54 4.64 51.94
P1 PX4 RC . -12.02 4.59 51.87
O3 PX4 RC . -12.49 5.95 52.57
C1 PX4 RC . -11.94 5.95 53.90
C2 PX4 RC . -12.07 7.33 54.56
N1 PX4 RC . -11.33 8.52 54.12
C3 PX4 RC . -11.06 9.44 55.23
C4 PX4 RC . -9.99 8.14 53.65
C5 PX4 RC . -12.05 9.32 53.13
O4 PX4 RC . -12.47 4.78 50.34
C6 PX4 RC . -11.73 5.92 49.92
C7 PX4 RC . -11.27 5.94 48.46
C8 PX4 RC . -11.70 4.64 47.80
O5 PX4 RC . -10.67 4.02 47.00
C9 PX4 RC . -10.96 2.78 46.51
O6 PX4 RC . -11.98 2.17 46.82
C10 PX4 RC . -9.67 2.19 45.95
C11 PX4 RC . -9.66 2.03 44.42
C12 PX4 RC . -8.64 1.05 43.86
C13 PX4 RC . -8.75 0.83 42.35
C14 PX4 RC . -10.17 0.48 41.90
C15 PX4 RC . -10.26 -0.01 40.46
C16 PX4 RC . -9.88 1.23 39.63
C17 PX4 RC . -9.68 0.90 38.15
C18 PX4 RC . -10.97 0.25 37.63
C19 PX4 RC . -10.73 -0.39 36.26
C20 PX4 RC . -12.08 -1.11 36.17
C21 PX4 RC . -12.55 -1.35 34.75
C22 PX4 RC . -11.44 -2.08 33.97
O7 PX4 RC . -11.90 7.05 47.80
C23 PX4 RC . -11.39 8.30 47.99
O8 PX4 RC . -10.41 8.45 48.72
C24 PX4 RC . -12.36 9.38 47.52
C25 PX4 RC . -12.30 9.63 46.01
C26 PX4 RC . -10.92 10.15 45.55
C27 PX4 RC . -10.98 10.70 44.13
C28 PX4 RC . -11.80 9.77 43.23
C29 PX4 RC . -11.57 10.15 41.77
C30 PX4 RC . -12.40 9.52 40.67
C31 PX4 RC . -12.14 10.37 39.42
C32 PX4 RC . -13.11 9.94 38.33
C33 PX4 RC . -12.68 10.67 37.04
C34 PX4 RC . -13.73 10.65 35.93
C35 PX4 RC . -13.09 11.44 34.78
C36 PX4 RC . -11.90 10.78 34.07
O1 PX4 SC . -18.87 0.36 51.50
O2 PX4 SC . -17.15 -0.71 53.18
P1 PX4 SC . -17.78 -0.58 51.85
O3 PX4 SC . -16.63 0.12 50.95
C1 PX4 SC . -15.76 0.95 51.73
C2 PX4 SC . -14.63 1.53 50.87
N1 PX4 SC . -13.78 0.57 50.15
C3 PX4 SC . -13.44 -0.70 50.81
C4 PX4 SC . -14.21 0.37 48.76
C5 PX4 SC . -12.44 1.18 50.12
O4 PX4 SC . -17.80 -2.01 51.09
C6 PX4 SC . -17.61 -1.74 49.70
C7 PX4 SC . -16.77 -2.92 49.20
C8 PX4 SC . -17.73 -4.05 49.58
O5 PX4 SC . -19.04 -4.00 48.99
C9 PX4 SC . -19.52 -5.25 48.81
O6 PX4 SC . -18.80 -6.26 48.81
C10 PX4 SC . -20.96 -5.33 48.30
C11 PX4 SC . -21.01 -5.22 46.78
C12 PX4 SC . -22.47 -5.11 46.34
C13 PX4 SC . -22.61 -5.22 44.82
C14 PX4 SC . -21.87 -4.12 44.05
C15 PX4 SC . -21.76 -4.46 42.56
C16 PX4 SC . -23.19 -4.40 41.99
C17 PX4 SC . -23.42 -5.24 40.73
C18 PX4 SC . -22.56 -4.84 39.54
C19 PX4 SC . -22.67 -5.89 38.43
C20 PX4 SC . -22.08 -5.21 37.19
C21 PX4 SC . -22.13 -5.90 35.83
C22 PX4 SC . -21.39 -5.23 34.67
O7 PX4 SC . -16.41 -2.82 47.82
C23 PX4 SC . -15.59 -3.78 47.30
O8 PX4 SC . -15.12 -4.62 48.07
C24 PX4 SC . -15.41 -3.77 45.78
C25 PX4 SC . -16.65 -4.25 45.04
C26 PX4 SC . -17.06 -5.67 45.39
C27 PX4 SC . -18.01 -6.25 44.36
C28 PX4 SC . -17.37 -6.32 42.98
C29 PX4 SC . -18.31 -6.94 41.92
C30 PX4 SC . -17.95 -6.56 40.49
C31 PX4 SC . -18.84 -7.35 39.53
C32 PX4 SC . -18.62 -7.04 38.05
C33 PX4 SC . -19.44 -8.08 37.30
C34 PX4 SC . -19.05 -8.04 35.81
C35 PX4 SC . -17.70 -8.75 35.70
C36 PX4 SC . -17.37 -8.75 34.22
O1 PX4 TC . -23.72 -3.99 56.50
O2 PX4 TC . -25.50 -4.39 54.75
P1 PX4 TC . -24.48 -4.94 55.66
O3 PX4 TC . -24.92 -6.29 56.42
C1 PX4 TC . -25.67 -6.99 55.41
C2 PX4 TC . -25.82 -8.48 55.69
N1 PX4 TC . -24.66 -9.40 55.70
C3 PX4 TC . -25.19 -10.74 56.02
C4 PX4 TC . -24.15 -9.46 54.33
C5 PX4 TC . -23.70 -9.04 56.75
O4 PX4 TC . -23.46 -5.70 54.65
C6 PX4 TC . -23.40 -5.01 53.40
C7 PX4 TC . -22.13 -5.45 52.67
C8 PX4 TC . -22.24 -6.92 52.25
O5 PX4 TC . -23.43 -7.22 51.50
C9 PX4 TC . -23.46 -8.36 50.79
O6 PX4 TC . -22.74 -9.29 51.12
C10 PX4 TC . -24.50 -8.60 49.67
C11 PX4 TC . -23.81 -7.97 48.46
C12 PX4 TC . -23.35 -9.19 47.65
C13 PX4 TC . -22.39 -8.60 46.62
C14 PX4 TC . -21.77 -9.71 45.78
C15 PX4 TC . -20.74 -8.97 44.94
C16 PX4 TC . -20.45 -9.73 43.64
C17 PX4 TC . -21.69 -9.93 42.77
C18 PX4 TC . -21.45 -10.54 41.39
C19 PX4 TC . -22.78 -10.96 40.74
C20 PX4 TC . -22.50 -11.53 39.34
C21 PX4 TC . -23.73 -11.50 38.45
C22 PX4 TC . -23.43 -12.09 37.08
O7 PX4 TC . -21.93 -4.61 51.53
C23 PX4 TC . -21.16 -3.51 51.74
O8 PX4 TC . -20.68 -3.30 52.85
C24 PX4 TC . -21.13 -2.36 50.72
C25 PX4 TC . -22.39 -2.27 49.84
C26 PX4 TC . -22.34 -1.05 48.92
C27 PX4 TC . -21.01 -0.94 48.16
C28 PX4 TC . -21.10 0.30 47.27
C29 PX4 TC . -19.82 0.35 46.42
C30 PX4 TC . -19.80 -0.62 45.25
C31 PX4 TC . -18.54 -0.37 44.42
C32 PX4 TC . -18.75 -1.01 43.05
C33 PX4 TC . -20.04 -0.52 42.39
C34 PX4 TC . -20.26 -1.36 41.12
C35 PX4 TC . -19.03 -1.38 40.22
C36 PX4 TC . -19.14 -2.07 38.85
O1 PX4 UC . -15.36 -15.87 55.09
O2 PX4 UC . -13.93 -17.57 53.84
P1 PX4 UC . -14.38 -16.16 54.01
O3 PX4 UC . -13.01 -15.58 54.60
C1 PX4 UC . -12.94 -15.55 56.03
C2 PX4 UC . -11.68 -14.98 56.66
N1 PX4 UC . -11.52 -15.06 58.12
C3 PX4 UC . -12.74 -15.33 58.89
C4 PX4 UC . -10.45 -15.99 58.55
C5 PX4 UC . -10.95 -13.75 58.54
O4 PX4 UC . -14.42 -15.24 52.68
C6 PX4 UC . -14.69 -13.92 53.17
C7 PX4 UC . -14.66 -12.94 51.99
C8 PX4 UC . -13.87 -13.62 50.87
O5 PX4 UC . -13.77 -12.84 49.67
C9 PX4 UC . -13.33 -13.50 48.57
O6 PX4 UC . -13.40 -14.73 48.50
C10 PX4 UC . -13.20 -12.64 47.32
C11 PX4 UC . -14.35 -11.64 47.21
C12 PX4 UC . -13.94 -10.45 46.34
C13 PX4 UC . -15.08 -9.46 46.01
C14 PX4 UC . -16.22 -10.14 45.23
C15 PX4 UC . -15.78 -10.71 43.89
C16 PX4 UC . -17.09 -11.05 43.15
C17 PX4 UC . -16.66 -11.48 41.75
C18 PX4 UC . -17.77 -11.77 40.75
C19 PX4 UC . -17.19 -12.42 39.47
C20 PX4 UC . -18.30 -13.21 38.75
C21 PX4 UC . -17.97 -13.68 37.33
C22 PX4 UC . -17.84 -12.53 36.32
O7 PX4 UC . -16.01 -12.63 51.64
C23 PX4 UC . -16.31 -11.41 51.13
O8 PX4 UC . -15.66 -10.40 51.44
C24 PX4 UC . -17.66 -11.24 50.42
C25 PX4 UC . -17.63 -12.22 49.25
C26 PX4 UC . -18.93 -12.31 48.45
C27 PX4 UC . -18.75 -13.00 47.10
C28 PX4 UC . -20.08 -13.02 46.32
C29 PX4 UC . -19.78 -13.77 45.03
C30 PX4 UC . -21.05 -13.81 44.17
C31 PX4 UC . -20.85 -14.73 42.95
C32 PX4 UC . -22.18 -14.99 42.25
C33 PX4 UC . -21.96 -15.86 41.00
C34 PX4 UC . -23.34 -16.09 40.42
C35 PX4 UC . -23.27 -16.54 38.96
C36 PX4 UC . -24.08 -17.81 38.70
O1 PX4 VC . -5.23 -17.99 52.01
O2 PX4 VC . -7.84 -18.27 52.13
P1 PX4 VC . -6.52 -18.49 51.50
O3 PX4 VC . -6.31 -20.07 51.59
C1 PX4 VC . -6.22 -20.60 52.93
C2 PX4 VC . -6.26 -22.13 53.01
N1 PX4 VC . -7.33 -22.84 52.30
C3 PX4 VC . -7.27 -24.17 52.90
C4 PX4 VC . -8.69 -22.29 52.53
C5 PX4 VC . -6.87 -23.00 50.92
O4 PX4 VC . -6.66 -18.52 49.89
C6 PX4 VC . -5.51 -19.19 49.35
C7 PX4 VC . -5.85 -19.87 48.04
C8 PX4 VC . -7.33 -19.54 47.85
O5 PX4 VC . -8.08 -20.76 47.84
C9 PX4 VC . -9.41 -20.77 47.59
O6 PX4 VC . -10.09 -19.75 47.56
C10 PX4 VC . -9.97 -22.19 47.46
C11 PX4 VC . -10.89 -22.36 46.24
C12 PX4 VC . -11.46 -23.79 46.30
C13 PX4 VC . -12.50 -23.91 45.20
C14 PX4 VC . -11.66 -24.05 43.92
C15 PX4 VC . -10.80 -25.31 43.92
C16 PX4 VC . -9.74 -25.26 42.81
C17 PX4 VC . -9.13 -26.67 42.69
C18 PX4 VC . -8.10 -26.70 41.56
C19 PX4 VC . -7.36 -28.04 41.42
C20 PX4 VC . -8.47 -28.87 40.76
C21 PX4 VC . -7.97 -30.27 40.41
C22 PX4 VC . -7.86 -31.11 41.68
O7 PX4 VC . -4.99 -19.59 46.92
C23 PX4 VC . -3.71 -20.05 46.98
O8 PX4 VC . -3.19 -20.47 48.01
C24 PX4 VC . -2.88 -19.97 45.69
C25 PX4 VC . -2.08 -21.18 45.23
C26 PX4 VC . -1.89 -21.14 43.70
C27 PX4 VC . -1.36 -19.76 43.29
C28 PX4 VC . -1.10 -19.67 41.78
C29 PX4 VC . -1.10 -18.18 41.41
C30 PX4 VC . -0.81 -18.06 39.92
C31 PX4 VC . 0.66 -18.23 39.59
C32 PX4 VC . 1.45 -16.97 39.99
C33 PX4 VC . 0.78 -15.75 39.34
C34 PX4 VC . 1.56 -14.46 39.54
C35 PX4 VC . 2.78 -14.57 38.63
C36 PX4 VC . 3.82 -13.52 39.04
O1 PX4 WC . 17.52 -4.57 49.44
O2 PX4 WC . 17.06 -3.59 47.08
P1 PX4 WC . 17.80 -4.51 47.99
O3 PX4 WC . 17.40 -5.94 47.40
C1 PX4 WC . 16.00 -6.12 47.58
C2 PX4 WC . 15.29 -6.67 46.34
N1 PX4 WC . 15.58 -8.07 46.00
C3 PX4 WC . 14.63 -8.42 44.94
C4 PX4 WC . 16.93 -8.25 45.45
C5 PX4 WC . 15.42 -9.06 47.07
O4 PX4 WC . 19.34 -4.59 47.51
C6 PX4 WC . 19.53 -4.67 46.11
C7 PX4 WC . 20.83 -3.92 45.84
C8 PX4 WC . 21.87 -5.01 45.61
O5 PX4 WC . 21.20 -6.24 45.28
C9 PX4 WC . 21.89 -7.41 45.14
O6 PX4 WC . 22.92 -7.62 45.76
C10 PX4 WC . 21.01 -8.55 44.60
C11 PX4 WC . 21.01 -8.51 43.07
C12 PX4 WC . 22.36 -8.91 42.46
C13 PX4 WC . 22.19 -8.93 40.94
C14 PX4 WC . 23.49 -9.36 40.25
C15 PX4 WC . 23.28 -9.50 38.74
C16 PX4 WC . 24.59 -9.74 37.99
C17 PX4 WC . 24.17 -10.20 36.61
C18 PX4 WC . 25.42 -10.77 35.90
C19 PX4 WC . 25.22 -11.38 34.51
C20 PX4 WC . 26.55 -11.79 33.88
C21 PX4 WC . 26.39 -12.43 32.49
C22 PX4 WC . 25.72 -13.77 32.79
O7 PX4 WC . 20.88 -2.96 44.80
C23 PX4 WC . 20.69 -1.67 45.19
O8 PX4 WC . 20.11 -1.34 46.22
C24 PX4 WC . 20.94 -0.73 44.00
C25 PX4 WC . 20.76 -1.42 42.65
C26 PX4 WC . 20.74 -0.40 41.50
C27 PX4 WC . 20.59 -1.18 40.19
C28 PX4 WC . 20.55 -0.20 39.02
C29 PX4 WC . 20.53 -0.99 37.71
C30 PX4 WC . 21.87 -1.68 37.47
C31 PX4 WC . 21.87 -2.42 36.12
C32 PX4 WC . 23.30 -2.92 35.86
C33 PX4 WC . 23.39 -3.59 34.49
C34 PX4 WC . 24.57 -4.56 34.49
C35 PX4 WC . 24.47 -5.36 35.79
C36 PX4 WC . 25.53 -6.44 36.09
O1 PX4 XC . 17.68 -8.50 49.46
O2 PX4 XC . 19.10 -10.50 50.26
P1 PX4 XC . 18.88 -9.35 49.34
O3 PX4 XC . 20.29 -8.58 49.51
C1 PX4 XC . 20.16 -7.25 49.00
C2 PX4 XC . 21.20 -6.36 49.68
N1 PX4 XC . 20.86 -5.63 50.91
C3 PX4 XC . 19.53 -5.97 51.43
C4 PX4 XC . 21.82 -5.88 52.00
C5 PX4 XC . 20.88 -4.21 50.55
O4 PX4 XC . 19.05 -9.63 47.76
C6 PX4 XC . 20.03 -10.67 47.72
C7 PX4 XC . 19.89 -11.75 46.64
C8 PX4 XC . 18.72 -11.34 45.76
O5 PX4 XC . 17.88 -12.40 45.33
C9 PX4 XC . 17.06 -12.11 44.28
O6 PX4 XC . 16.78 -10.93 44.12
C10 PX4 XC . 16.03 -13.21 43.99
C11 PX4 XC . 16.61 -14.35 43.15
C12 PX4 XC . 15.45 -15.24 42.72
C13 PX4 XC . 15.93 -16.49 41.96
C14 PX4 XC . 16.17 -16.25 40.46
C15 PX4 XC . 14.82 -16.23 39.77
C16 PX4 XC . 15.24 -16.04 38.32
C17 PX4 XC . 14.01 -15.89 37.41
C18 PX4 XC . 13.05 -14.85 38.01
C19 PX4 XC . 11.63 -14.94 37.46
C20 PX4 XC . 10.92 -13.66 37.90
C21 PX4 XC . 9.60 -13.51 37.14
C22 PX4 XC . 9.75 -13.57 35.61
O7 PX4 XC . 21.03 -11.83 45.77
C23 PX4 XC . 22.27 -12.01 46.28
O8 PX4 XC . 22.45 -12.33 47.46
C24 PX4 XC . 23.36 -12.08 45.19
C25 PX4 XC . 23.85 -13.53 45.06
C26 PX4 XC . 24.99 -13.75 44.06
C27 PX4 XC . 24.44 -13.39 42.68
C28 PX4 XC . 25.53 -13.20 41.60
C29 PX4 XC . 24.88 -13.00 40.24
C30 PX4 XC . 24.06 -14.25 39.87
C31 PX4 XC . 23.09 -14.16 38.69
C32 PX4 XC . 22.63 -15.45 38.02
C33 PX4 XC . 21.34 -15.11 37.28
C34 PX4 XC . 21.61 -14.02 36.25
C35 PX4 XC . 21.33 -14.48 34.82
C36 PX4 XC . 22.11 -15.73 34.38
O1 PX4 YC . -22.76 10.06 57.32
O2 PX4 YC . -20.86 8.52 56.95
P1 PX4 YC . -21.37 9.91 56.85
O3 PX4 YC . -20.26 10.72 57.69
C1 PX4 YC . -19.84 9.94 58.82
C2 PX4 YC . -18.66 10.58 59.55
N1 PX4 YC . -17.28 10.29 59.09
C3 PX4 YC . -16.46 11.13 59.98
C4 PX4 YC . -16.85 8.92 59.43
C5 PX4 YC . -17.10 10.72 57.71
O4 PX4 YC . -21.27 10.51 55.36
C6 PX4 YC . -19.87 10.41 55.06
C7 PX4 YC . -19.45 11.01 53.71
C8 PX4 YC . -20.71 10.75 52.88
O5 PX4 YC . -20.44 9.75 51.90
C9 PX4 YC . -21.56 9.43 51.19
O6 PX4 YC . -22.69 9.76 51.55
C10 PX4 YC . -21.31 8.26 50.24
C11 PX4 YC . -20.68 8.70 48.92
C12 PX4 YC . -20.39 7.52 48.00
C13 PX4 YC . -21.53 6.70 47.38
C14 PX4 YC . -20.91 5.77 46.36
C15 PX4 YC . -20.10 6.46 45.26
C16 PX4 YC . -19.31 5.38 44.55
C17 PX4 YC . -20.19 4.26 43.98
C18 PX4 YC . -19.19 3.27 43.37
C19 PX4 YC . -18.37 4.20 42.47
C20 PX4 YC . -19.07 4.16 41.12
C21 PX4 YC . -19.26 2.68 40.78
C22 PX4 YC . -19.99 2.50 39.44
O7 PX4 YC . -18.95 12.34 53.66
C23 PX4 YC . -17.61 12.62 53.74
O8 PX4 YC . -16.88 12.04 54.53
C24 PX4 YC . -17.16 13.89 53.02
C25 PX4 YC . -18.00 14.28 51.80
C26 PX4 YC . -17.43 15.51 51.09
C27 PX4 YC . -16.31 15.00 50.19
C28 PX4 YC . -16.97 14.09 49.15
C29 PX4 YC . -15.95 13.38 48.25
C30 PX4 YC . -16.24 13.52 46.76
C31 PX4 YC . -15.37 12.63 45.86
C32 PX4 YC . -15.67 12.84 44.37
C33 PX4 YC . -14.85 12.12 43.32
C34 PX4 YC . -15.36 12.43 41.91
C35 PX4 YC . -16.85 12.06 41.79
C36 PX4 YC . -17.11 12.20 40.29
O1 PX4 ZC . -19.34 23.36 55.85
O2 PX4 ZC . -21.27 24.99 55.08
P1 PX4 ZC . -20.71 23.65 55.36
O3 PX4 ZC . -21.63 22.90 56.44
C1 PX4 ZC . -21.23 21.58 56.77
C2 PX4 ZC . -22.11 20.55 56.05
N1 PX4 ZC . -21.62 19.20 55.76
C3 PX4 ZC . -21.59 18.41 57.01
C4 PX4 ZC . -22.52 18.53 54.79
C5 PX4 ZC . -20.21 19.13 55.33
O4 PX4 ZC . -20.81 22.68 54.08
C6 PX4 ZC . -20.34 23.48 52.98
C7 PX4 ZC . -20.11 22.70 51.70
C8 PX4 ZC . -20.95 21.41 51.67
O5 PX4 ZC . -20.26 20.35 51.02
C9 PX4 ZC . -20.88 19.16 50.92
O6 PX4 ZC . -22.00 19.00 51.43
C10 PX4 ZC . -20.17 18.11 50.07
C11 PX4 ZC . -20.32 18.47 48.58
C12 PX4 ZC . -19.64 17.51 47.62
C13 PX4 ZC . -19.91 18.04 46.20
C14 PX4 ZC . -19.25 17.15 45.16
C15 PX4 ZC . -19.61 17.84 43.83
C16 PX4 ZC . -18.99 17.19 42.60
C17 PX4 ZC . -17.49 16.91 42.74
C18 PX4 ZC . -16.99 16.30 41.43
C19 PX4 ZC . -16.99 17.40 40.37
C20 PX4 ZC . -16.72 16.72 39.04
C21 PX4 ZC . -17.18 17.72 37.97
C22 PX4 ZC . -17.06 17.31 36.50
O7 PX4 ZC . -20.42 23.58 50.60
C23 PX4 ZC . -19.40 24.35 50.15
O8 PX4 ZC . -18.42 24.67 50.81
C24 PX4 ZC . -19.63 25.00 48.79
C25 PX4 ZC . -20.99 25.58 48.38
C26 PX4 ZC . -20.93 26.02 46.91
C27 PX4 ZC . -20.28 27.39 46.89
C28 PX4 ZC . -20.46 28.14 45.55
C29 PX4 ZC . -21.90 28.17 45.02
C30 PX4 ZC . -21.95 28.85 43.65
C31 PX4 ZC . -23.36 29.19 43.15
C32 PX4 ZC . -23.98 27.88 42.69
C33 PX4 ZC . -25.40 28.15 42.16
C34 PX4 ZC . -26.32 28.79 43.20
C35 PX4 ZC . -27.68 29.27 42.70
C36 PX4 ZC . -28.46 28.09 42.12
O1 PX4 AD . -13.33 20.38 55.31
O2 PX4 AD . -11.70 20.17 57.17
P1 PX4 AD . -12.27 19.57 55.95
O3 PX4 AD . -11.03 19.75 54.96
C1 PX4 AD . -10.64 21.13 55.00
C2 PX4 AD . -9.71 21.80 53.98
N1 PX4 AD . -8.25 21.64 53.97
C3 PX4 AD . -7.87 20.24 53.71
C4 PX4 AD . -7.71 22.44 52.87
C5 PX4 AD . -7.66 22.01 55.26
O4 PX4 AD . -12.49 18.00 55.71
C6 PX4 AD . -12.62 17.84 54.30
C7 PX4 AD . -13.40 16.59 53.90
C8 PX4 AD . -14.92 16.80 53.96
O5 PX4 AD . -15.31 18.00 53.32
C9 PX4 AD . -16.65 18.24 53.35
O6 PX4 AD . -17.44 17.65 54.10
C10 PX4 AD . -17.03 19.56 52.70
C11 PX4 AD . -16.55 19.58 51.24
C12 PX4 AD . -16.86 20.84 50.45
C13 PX4 AD . -16.90 20.80 48.92
C14 PX4 AD . -17.04 22.23 48.40
C15 PX4 AD . -17.16 22.16 46.88
C16 PX4 AD . -18.60 21.75 46.49
C17 PX4 AD . -18.89 21.95 45.00
C18 PX4 AD . -18.10 21.12 43.99
C19 PX4 AD . -18.41 21.57 42.56
C20 PX4 AD . -17.69 20.63 41.58
C21 PX4 AD . -17.88 20.96 40.09
C22 PX4 AD . -17.59 22.45 39.88
O7 PX4 AD . -13.03 16.02 52.65
C23 PX4 AD . -13.14 14.66 52.65
O8 PX4 AD . -13.19 14.04 53.71
C24 PX4 AD . -12.86 14.00 51.30
C25 PX4 AD . -12.62 14.90 50.08
C26 PX4 AD . -12.17 14.03 48.91
C27 PX4 AD . -12.00 15.00 47.74
C28 PX4 AD . -11.51 14.27 46.48
C29 PX4 AD . -11.89 15.13 45.28
C30 PX4 AD . -11.49 14.43 44.00
C31 PX4 AD . -11.65 15.23 42.69
C32 PX4 AD . -11.34 14.42 41.44
C33 PX4 AD . -11.54 15.36 40.25
C34 PX4 AD . -11.67 14.56 38.95
C35 PX4 AD . -11.75 15.48 37.73
C36 PX4 AD . -11.63 14.70 36.42
O1 PX4 BD . -5.13 -2.26 51.16
O2 PX4 BD . -6.63 -4.25 50.66
P1 PX4 BD . -5.55 -3.34 50.22
O3 PX4 BD . -4.22 -4.05 49.65
C1 PX4 BD . -3.58 -3.13 48.77
C2 PX4 BD . -2.64 -3.86 47.80
N1 PX4 BD . -1.63 -3.10 47.07
C3 PX4 BD . -0.72 -2.15 47.73
C4 PX4 BD . -0.72 -3.99 46.33
C5 PX4 BD . -2.18 -2.20 46.05
O4 PX4 BD . -6.08 -2.58 48.90
C6 PX4 BD . -7.17 -1.73 49.22
C7 PX4 BD . -7.76 -0.81 48.15
C8 PX4 BD . -6.62 -0.55 47.15
O5 PX4 BD . -6.25 0.82 47.03
C9 PX4 BD . -5.10 0.74 46.29
O6 PX4 BD . -4.74 -0.35 45.82
C10 PX4 BD . -4.53 2.07 45.81
C11 PX4 BD . -4.85 2.24 44.31
C12 PX4 BD . -4.74 3.73 44.02
C13 PX4 BD . -5.18 4.13 42.59
C14 PX4 BD . -4.52 3.28 41.50
C15 PX4 BD . -5.15 3.74 40.19
C16 PX4 BD . -4.85 2.66 39.13
C17 PX4 BD . -5.31 3.05 37.72
C18 PX4 BD . -4.99 1.98 36.68
C19 PX4 BD . -5.63 2.23 35.32
C20 PX4 BD . -4.93 3.41 34.62
C21 PX4 BD . -5.43 3.48 33.18
C22 PX4 BD . -6.90 3.76 32.89
O7 PX4 BD . -8.87 -1.47 47.52
C23 PX4 BD . -10.17 -1.22 47.84
O8 PX4 BD . -10.57 -0.79 48.92
C24 PX4 BD . -11.16 -1.92 46.91
C25 PX4 BD . -11.15 -3.40 47.29
C26 PX4 BD . -12.03 -4.23 46.34
C27 PX4 BD . -11.81 -5.72 46.59
C28 PX4 BD . -12.68 -6.64 45.74
C29 PX4 BD . -12.27 -6.33 44.31
C30 PX4 BD . -13.14 -7.32 43.53
C31 PX4 BD . -12.79 -7.26 42.04
C32 PX4 BD . -13.47 -8.37 41.22
C33 PX4 BD . -13.16 -8.42 39.72
C34 PX4 BD . -13.90 -9.50 38.92
C35 PX4 BD . -13.91 -9.13 37.43
C36 PX4 BD . -14.40 -10.29 36.54
O1 PX4 CD . -4.92 4.75 53.05
O2 PX4 CD . -3.38 2.70 52.91
P1 PX4 CD . -3.89 3.96 52.34
O3 PX4 CD . -2.63 4.94 52.54
C1 PX4 CD . -2.56 5.26 53.93
C2 PX4 CD . -1.42 6.18 54.33
N1 PX4 CD . -1.60 7.63 54.50
C3 PX4 CD . -1.66 8.25 53.16
C4 PX4 CD . -2.70 8.06 55.37
C5 PX4 CD . -0.34 8.17 55.03
O4 PX4 CD . -3.96 3.99 50.73
C6 PX4 CD . -4.60 5.26 50.49
C7 PX4 CD . -4.50 5.63 49.01
C8 PX4 CD . -3.35 4.83 48.41
O5 PX4 CD . -2.64 5.61 47.43
C9 PX4 CD . -1.71 5.00 46.63
O6 PX4 CD . -1.61 3.77 46.64
C10 PX4 CD . -0.79 5.92 45.84
C11 PX4 CD . -1.22 6.42 44.46
C12 PX4 CD . -2.61 7.02 44.23
C13 PX4 CD . -2.75 7.32 42.74
C14 PX4 CD . -1.63 8.32 42.42
C15 PX4 CD . -1.72 8.72 40.95
C16 PX4 CD . -3.02 9.42 40.56
C17 PX4 CD . -3.09 9.69 39.05
C18 PX4 CD . -4.25 10.54 38.55
C19 PX4 CD . -5.29 9.68 37.83
C20 PX4 CD . -6.51 10.53 37.45
C21 PX4 CD . -7.53 9.76 36.60
C22 PX4 CD . -8.48 10.79 35.95
O7 PX4 CD . -5.66 5.43 48.19
C23 PX4 CD . -6.49 6.51 48.00
O8 PX4 CD . -6.73 7.22 48.94
C24 PX4 CD . -7.58 6.11 46.98
C25 PX4 CD . -7.22 6.25 45.51
C26 PX4 CD . -8.37 5.69 44.67
C27 PX4 CD . -9.63 6.54 44.81
C28 PX4 CD . -10.68 5.61 44.17
C29 PX4 CD . -12.10 6.19 44.24
C30 PX4 CD . -13.10 5.16 43.74
C31 PX4 CD . -12.80 4.68 42.32
C32 PX4 CD . -14.03 3.87 41.91
C33 PX4 CD . -13.79 3.26 40.52
C34 PX4 CD . -14.91 2.23 40.25
C35 PX4 CD . -14.83 1.46 38.92
C36 PX4 CD . -15.93 0.39 38.83
O1 PX4 DD . -10.68 -13.88 50.85
O2 PX4 DD . -8.67 -12.39 50.34
P1 PX4 DD . -9.93 -13.02 49.90
O3 PX4 DD . -10.80 -11.67 49.81
C1 PX4 DD . -11.10 -11.29 51.16
C2 PX4 DD . -12.11 -10.13 51.20
N1 PX4 DD . -11.95 -8.83 50.54
C3 PX4 DD . -10.64 -8.23 50.77
C4 PX4 DD . -12.11 -8.96 49.09
C5 PX4 DD . -12.92 -7.85 51.06
O4 PX4 DD . -10.15 -13.46 48.36
C6 PX4 DD . -9.83 -12.36 47.49
C7 PX4 DD . -9.49 -12.70 46.03
C8 PX4 DD . -9.11 -14.19 46.12
O5 PX4 DD . -7.71 -14.51 46.08
C9 PX4 DD . -7.27 -15.59 46.77
O6 PX4 DD . -7.87 -16.09 47.71
C10 PX4 DD . -5.92 -16.10 46.27
C11 PX4 DD . -6.13 -17.15 45.16
C12 PX4 DD . -6.64 -16.51 43.86
C13 PX4 DD . -6.55 -17.66 42.84
C14 PX4 DD . -5.11 -18.16 42.89
C15 PX4 DD . -5.09 -19.15 41.73
C16 PX4 DD . -4.95 -18.45 40.37
C17 PX4 DD . -4.61 -19.44 39.25
C18 PX4 DD . -4.48 -18.79 37.88
C19 PX4 DD . -3.65 -19.63 36.90
C20 PX4 DD . -3.74 -19.02 35.50
C21 PX4 DD . -2.90 -19.88 34.54
C22 PX4 DD . -2.64 -19.35 33.13
O7 PX4 DD . -10.44 -12.43 45.00
C23 PX4 DD . -10.60 -11.15 44.61
O8 PX4 DD . -10.12 -10.24 45.30
C24 PX4 DD . -11.56 -10.90 43.45
C25 PX4 DD . -11.78 -12.25 42.73
C26 PX4 DD . -12.38 -11.97 41.35
C27 PX4 DD . -12.89 -13.23 40.62
C28 PX4 DD . -12.18 -13.36 39.29
C29 PX4 DD . -12.61 -14.71 38.69
C30 PX4 DD . -12.29 -14.77 37.19
C31 PX4 DD . -12.99 -15.99 36.58
C32 PX4 DD . -12.49 -17.25 37.26
C33 PX4 DD . -12.83 -18.44 36.34
C34 PX4 DD . -12.61 -19.71 37.16
C35 PX4 DD . -12.83 -20.93 36.27
C36 PX4 DD . -12.57 -22.20 37.08
O1 PX4 ED . 5.97 -3.16 50.57
O2 PX4 ED . 6.63 -5.73 50.90
P1 PX4 ED . 6.37 -4.51 50.10
O3 PX4 ED . 7.96 -4.29 50.06
C1 PX4 ED . 8.27 -3.99 51.43
C2 PX4 ED . 9.61 -3.29 51.60
N1 PX4 ED . 9.96 -2.96 52.99
C3 PX4 ED . 9.86 -4.05 53.96
C4 PX4 ED . 11.29 -2.35 52.89
C5 PX4 ED . 9.20 -1.81 53.51
O4 PX4 ED . 6.25 -4.61 48.49
C6 PX4 ED . 6.96 -5.75 48.01
C7 PX4 ED . 6.95 -5.77 46.49
C8 PX4 ED . 5.69 -5.01 46.07
O5 PX4 ED . 4.68 -5.94 45.68
C9 PX4 ED . 3.42 -5.52 45.46
O6 PX4 ED . 3.01 -4.58 46.14
C10 PX4 ED . 2.51 -6.53 44.78
C11 PX4 ED . 2.61 -6.03 43.32
C12 PX4 ED . 1.95 -7.05 42.40
C13 PX4 ED . 1.24 -6.29 41.29
C14 PX4 ED . 2.18 -5.75 40.22
C15 PX4 ED . 1.48 -4.86 39.19
C16 PX4 ED . 2.51 -3.93 38.54
C17 PX4 ED . 3.77 -4.61 38.03
C18 PX4 ED . 4.53 -3.53 37.24
C19 PX4 ED . 5.67 -4.10 36.39
C20 PX4 ED . 6.56 -3.01 35.79
C21 PX4 ED . 6.93 -2.06 36.92
C22 PX4 ED . 7.65 -0.83 36.34
O7 PX4 ED . 8.12 -5.23 45.85
C23 PX4 ED . 9.04 -6.21 45.69
O8 PX4 ED . 9.08 -7.21 46.38
C24 PX4 ED . 10.28 -5.73 44.90
C25 PX4 ED . 10.65 -6.84 43.92
C26 PX4 ED . 11.86 -6.43 43.10
C27 PX4 ED . 12.31 -7.47 42.05
C28 PX4 ED . 13.73 -7.26 41.54
C29 PX4 ED . 14.31 -8.57 40.98
C30 PX4 ED . 15.83 -8.41 40.83
C31 PX4 ED . 16.53 -9.57 40.13
C32 PX4 ED . 18.04 -9.24 40.15
C33 PX4 ED . 18.97 -10.33 39.60
C34 PX4 ED . 18.80 -11.58 40.48
C35 PX4 ED . 20.14 -12.15 40.98
C36 PX4 ED . 19.92 -13.46 41.74
O1 PX4 FD . 13.17 -4.57 48.62
O2 PX4 FD . 13.76 -1.98 48.36
P1 PX4 FD . 13.31 -3.30 47.86
O3 PX4 FD . 11.83 -3.08 47.25
C1 PX4 FD . 10.79 -2.85 48.20
C2 PX4 FD . 9.40 -2.55 47.65
N1 PX4 FD . 9.25 -1.45 46.69
C3 PX4 FD . 9.67 -1.85 45.34
C4 PX4 FD . 7.79 -1.30 46.67
C5 PX4 FD . 9.83 -0.13 47.02
O4 PX4 FD . 13.97 -3.75 46.46
C6 PX4 FD . 13.88 -2.56 45.66
C7 PX4 FD . 14.52 -2.58 44.28
C8 PX4 FD . 15.50 -3.75 44.26
O5 PX4 FD . 16.60 -3.50 43.39
C9 PX4 FD . 17.20 -4.64 42.99
O6 PX4 FD . 16.90 -5.79 43.33
C10 PX4 FD . 18.42 -4.50 42.07
C11 PX4 FD . 18.64 -5.61 41.04
C12 PX4 FD . 19.80 -5.41 40.05
C13 PX4 FD . 19.76 -6.35 38.84
C14 PX4 FD . 20.43 -5.78 37.59
C15 PX4 FD . 20.44 -6.82 36.47
C16 PX4 FD . 19.04 -7.24 36.06
C17 PX4 FD . 19.03 -8.52 35.21
C18 PX4 FD . 19.33 -9.72 36.11
C19 PX4 FD . 18.82 -11.04 35.50
C20 PX4 FD . 17.38 -11.08 34.99
C21 PX4 FD . 16.78 -12.49 34.99
C22 PX4 FD . 15.27 -12.69 35.14
O7 PX4 FD . 13.44 -2.92 43.40
C23 PX4 FD . 12.72 -1.93 42.80
O8 PX4 FD . 12.61 -0.83 43.33
C24 PX4 FD . 11.61 -2.40 41.87
C25 PX4 FD . 11.91 -1.88 40.47
C26 PX4 FD . 10.93 -2.42 39.42
C27 PX4 FD . 11.12 -1.52 38.20
C28 PX4 FD . 12.50 -1.59 37.54
C29 PX4 FD . 12.83 -0.70 36.35
C30 PX4 FD . 12.00 -0.89 35.09
C31 PX4 FD . 12.50 -2.23 34.52
C32 PX4 FD . 11.61 -2.76 33.38
C33 PX4 FD . 12.29 -3.98 32.75
C34 PX4 FD . 12.35 -5.14 33.75
C35 PX4 FD . 12.59 -6.46 33.00
C36 PX4 FD . 13.93 -6.37 32.27
O1 PX4 GD . 25.55 10.02 49.84
O2 PX4 GD . 28.14 10.11 49.72
P1 PX4 GD . 26.80 10.44 49.18
O3 PX4 GD . 26.80 11.97 48.67
C1 PX4 GD . 27.91 12.06 47.77
C2 PX4 GD . 28.24 13.51 47.40
N1 PX4 GD . 29.36 13.70 46.46
C3 PX4 GD . 29.51 12.82 45.29
C4 PX4 GD . 29.35 15.10 46.03
C5 PX4 GD . 30.65 13.43 47.13
O4 PX4 GD . 26.77 9.68 47.77
C6 PX4 GD . 26.12 8.44 48.06
C7 PX4 GD . 25.54 7.75 46.84
C8 PX4 GD . 26.29 8.47 45.70
O5 PX4 GD . 25.57 8.78 44.51
C9 PX4 GD . 26.07 8.34 43.31
O6 PX4 GD . 26.92 7.45 43.34
C10 PX4 GD . 25.51 8.81 41.96
C11 PX4 GD . 24.58 7.78 41.31
C12 PX4 GD . 23.89 8.35 40.06
C13 PX4 GD . 23.07 7.31 39.30
C14 PX4 GD . 22.33 7.93 38.10
C15 PX4 GD . 21.17 8.79 38.63
C16 PX4 GD . 20.46 9.37 37.41
C17 PX4 GD . 19.89 8.27 36.51
C18 PX4 GD . 19.34 8.76 35.15
C19 PX4 GD . 18.70 7.62 34.37
C20 PX4 GD . 18.50 8.09 32.92
C21 PX4 GD . 17.59 7.12 32.18
C22 PX4 GD . 17.15 7.89 30.93
O7 PX4 GD . 25.98 6.38 46.91
C23 PX4 GD . 25.12 5.65 46.16
O8 PX4 GD . 23.96 6.00 45.88
C24 PX4 GD . 25.66 4.26 45.83
C25 PX4 GD . 24.99 3.74 44.56
C26 PX4 GD . 25.83 4.10 43.35
C27 PX4 GD . 25.27 3.63 42.01
C28 PX4 GD . 26.28 4.10 40.95
C29 PX4 GD . 25.88 3.30 39.71
C30 PX4 GD . 26.94 3.28 38.62
C31 PX4 GD . 26.30 2.98 37.26
C32 PX4 GD . 27.24 2.92 36.05
C33 PX4 GD . 26.57 2.57 34.72
C34 PX4 GD . 27.56 2.52 33.55
C35 PX4 GD . 28.28 3.83 33.21
C36 PX4 GD . 29.29 3.63 32.08
O1 PX4 HD . -22.05 13.46 59.91
O2 PX4 HD . -19.56 13.99 59.17
P1 PX4 HD . -21.04 14.03 59.00
O3 PX4 HD . -21.43 15.59 59.10
C1 PX4 HD . -20.89 16.00 60.36
C2 PX4 HD . -20.91 17.51 60.54
N1 PX4 HD . -20.11 18.05 61.67
C3 PX4 HD . -20.19 19.51 61.51
C4 PX4 HD . -20.85 17.84 62.92
C5 PX4 HD . -18.72 17.62 61.82
O4 PX4 HD . -21.59 13.93 57.50
C6 PX4 HD . -22.96 14.35 57.47
C7 PX4 HD . -23.35 14.83 56.07
C8 PX4 HD . -22.67 13.83 55.13
O5 PX4 HD . -22.81 14.03 53.71
C9 PX4 HD . -22.12 15.03 53.11
O6 PX4 HD . -21.49 15.85 53.78
C10 PX4 HD . -22.09 15.15 51.58
C11 PX4 HD . -21.52 13.84 51.02
C12 PX4 HD . -21.12 14.08 49.56
C13 PX4 HD . -20.83 12.73 48.90
C14 PX4 HD . -20.30 12.85 47.48
C15 PX4 HD . -20.22 11.50 46.75
C16 PX4 HD . -19.94 11.75 45.27
C17 PX4 HD . -19.82 10.40 44.58
C18 PX4 HD . -20.11 10.52 43.07
C19 PX4 HD . -19.62 9.32 42.28
C20 PX4 HD . -19.99 9.44 40.80
C21 PX4 HD . -19.61 8.21 39.97
C22 PX4 HD . -20.30 8.27 38.61
O7 PX4 HD . -24.76 15.00 55.83
C23 PX4 HD . -25.30 16.23 55.94
O8 PX4 HD . -24.88 17.09 56.72
C24 PX4 HD . -26.76 16.24 55.50
C25 PX4 HD . -26.82 16.61 54.02
C26 PX4 HD . -28.23 16.72 53.45
C27 PX4 HD . -28.27 16.67 51.91
C28 PX4 HD . -29.60 16.95 51.19
C29 PX4 HD . -29.54 16.96 49.67
C30 PX4 HD . -30.87 17.13 48.94
C31 PX4 HD . -30.53 17.55 47.49
C32 PX4 HD . -31.86 17.97 46.85
C33 PX4 HD . -31.93 17.41 45.42
C34 PX4 HD . -31.81 15.90 45.29
C35 PX4 HD . -31.87 15.46 43.83
C36 PX4 HD . -30.73 16.09 43.03
O1 PX4 ID . -4.48 27.26 50.95
O2 PX4 ID . -2.10 27.25 51.97
P1 PX4 ID . -3.02 27.29 50.82
O3 PX4 ID . -2.69 28.69 50.09
C1 PX4 ID . -1.33 29.05 50.32
C2 PX4 ID . -0.83 30.34 49.68
N1 PX4 ID . -1.09 31.63 50.33
C3 PX4 ID . -2.52 31.85 50.57
C4 PX4 ID . -0.45 31.91 51.63
C5 PX4 ID . -0.57 32.69 49.45
O4 PX4 ID . -2.66 26.37 49.54
C6 PX4 ID . -3.81 26.41 48.70
C7 PX4 ID . -3.68 25.80 47.30
C8 PX4 ID . -4.15 24.35 47.50
O5 PX4 ID . -5.35 24.35 48.27
C9 PX4 ID . -5.94 23.14 48.30
O6 PX4 ID . -5.51 22.25 47.58
C10 PX4 ID . -7.30 23.09 49.00
C11 PX4 ID . -8.46 23.23 48.01
C12 PX4 ID . -9.68 22.48 48.56
C13 PX4 ID . -10.86 22.46 47.57
C14 PX4 ID . -11.25 23.88 47.11
C15 PX4 ID . -12.21 24.06 45.93
C16 PX4 ID . -11.51 23.51 44.69
C17 PX4 ID . -12.47 23.69 43.51
C18 PX4 ID . -11.68 23.86 42.21
C19 PX4 ID . -12.70 23.69 41.09
C20 PX4 ID . -12.12 23.69 39.67
C21 PX4 ID . -13.32 23.69 38.71
C22 PX4 ID . -14.31 24.80 39.06
O7 PX4 ID . -4.25 26.49 46.19
C23 PX4 ID . -3.69 27.55 45.57
O8 PX4 ID . -2.70 27.99 46.16
C24 PX4 ID . -4.32 28.17 44.32
C25 PX4 ID . -3.56 27.73 43.07
C26 PX4 ID . -4.19 28.00 41.69
C27 PX4 ID . -5.35 27.09 41.32
C28 PX4 ID . -5.85 27.32 39.89
C29 PX4 ID . -7.17 26.61 39.57
C30 PX4 ID . -8.21 27.13 40.54
C31 PX4 ID . -9.66 26.79 40.18
C32 PX4 ID . -9.92 27.24 38.73
C33 PX4 ID . -11.37 27.61 38.41
C34 PX4 ID . -11.69 27.54 36.93
C35 PX4 ID . -13.20 27.73 36.84
C36 PX4 ID . -13.79 27.27 35.52
O1 PX4 JD . -8.52 18.34 56.75
O2 PX4 JD . -10.00 16.18 56.39
P1 PX4 JD . -9.12 17.26 55.93
O3 PX4 JD . -7.76 16.40 55.89
C1 PX4 JD . -7.62 15.66 57.10
C2 PX4 JD . -6.34 14.82 57.06
N1 PX4 JD . -6.02 14.06 58.29
C3 PX4 JD . -4.80 13.27 58.08
C4 PX4 JD . -5.77 15.02 59.38
C5 PX4 JD . -7.11 13.19 58.76
O4 PX4 JD . -9.00 17.54 54.35
C6 PX4 JD . -9.53 16.30 53.87
C7 PX4 JD . -9.58 16.34 52.33
C8 PX4 JD . -9.90 17.77 51.89
O5 PX4 JD . -11.04 17.90 51.06
C9 PX4 JD . -11.40 19.20 51.00
O6 PX4 JD . -11.22 19.93 51.97
C10 PX4 JD . -12.38 19.59 49.88
C11 PX4 JD . -13.12 18.41 49.24
C12 PX4 JD . -13.93 18.79 48.00
C13 PX4 JD . -14.66 17.53 47.54
C14 PX4 JD . -15.35 17.82 46.20
C15 PX4 JD . -14.20 18.16 45.25
C16 PX4 JD . -14.63 18.59 43.85
C17 PX4 JD . -13.46 19.08 43.00
C18 PX4 JD . -13.92 19.13 41.55
C19 PX4 JD . -12.75 19.77 40.80
C20 PX4 JD . -13.30 19.42 39.42
C21 PX4 JD . -12.31 19.50 38.25
C22 PX4 JD . -12.91 19.06 36.92
O7 PX4 JD . -8.35 15.89 51.76
C23 PX4 JD . -8.32 14.61 51.31
O8 PX4 JD . -8.84 13.68 51.94
C24 PX4 JD . -7.27 14.42 50.21
C25 PX4 JD . -8.06 14.58 48.91
C26 PX4 JD . -7.07 14.64 47.75
C27 PX4 JD . -7.81 14.74 46.42
C28 PX4 JD . -6.73 14.89 45.35
C29 PX4 JD . -7.45 14.62 44.02
C30 PX4 JD . -6.45 14.66 42.86
C31 PX4 JD . -7.06 14.43 41.49
C32 PX4 JD . -6.05 14.47 40.37
C33 PX4 JD . -6.60 14.18 38.97
C34 PX4 JD . -5.71 14.72 37.86
C35 PX4 JD . -6.26 14.30 36.49
C36 PX4 JD . -7.61 14.95 36.19
O1 PX4 KD . -2.61 -8.61 50.58
O2 PX4 KD . -2.09 -6.09 50.73
P1 PX4 KD . -2.95 -7.20 50.28
O3 PX4 KD . -4.39 -7.09 50.99
C1 PX4 KD . -4.20 -6.39 52.22
C2 PX4 KD . -5.33 -6.51 53.22
N1 PX4 KD . -5.22 -5.74 54.47
C3 PX4 KD . -5.20 -4.31 54.13
C4 PX4 KD . -6.43 -5.85 55.30
C5 PX4 KD . -4.06 -6.12 55.29
O4 PX4 KD . -3.27 -7.13 48.71
C6 PX4 KD . -4.15 -8.21 48.38
C7 PX4 KD . -4.96 -8.11 47.09
C8 PX4 KD . -4.74 -6.78 46.36
O5 PX4 KD . -5.98 -6.08 46.24
C9 PX4 KD . -5.94 -4.72 46.05
O6 PX4 KD . -4.87 -4.13 46.21
C10 PX4 KD . -7.28 -4.02 45.82
C11 PX4 KD . -7.43 -3.66 44.35
C12 PX4 KD . -6.36 -2.74 43.76
C13 PX4 KD . -6.47 -2.50 42.26
C14 PX4 KD . -5.66 -1.33 41.69
C15 PX4 KD . -5.92 -1.04 40.20
C16 PX4 KD . -5.88 -2.22 39.25
C17 PX4 KD . -6.12 -1.70 37.83
C18 PX4 KD . -6.11 -2.86 36.84
C19 PX4 KD . -6.28 -2.43 35.38
C20 PX4 KD . -6.16 -3.60 34.39
C21 PX4 KD . -7.30 -4.58 34.69
C22 PX4 KD . -7.30 -5.72 33.68
O7 PX4 KD . -4.75 -9.24 46.27
C23 PX4 KD . -5.60 -10.29 46.31
O8 PX4 KD . -6.48 -10.48 47.16
C24 PX4 KD . -5.34 -11.27 45.15
C25 PX4 KD . -6.65 -11.45 44.39
C26 PX4 KD . -6.34 -11.85 42.95
C27 PX4 KD . -7.68 -11.88 42.21
C28 PX4 KD . -7.47 -12.66 40.91
C29 PX4 KD . -8.58 -12.30 39.91
C30 PX4 KD . -8.48 -10.80 39.72
C31 PX4 KD . -9.29 -10.39 38.48
C32 PX4 KD . -9.02 -9.03 37.81
C33 PX4 KD . -9.77 -8.87 36.49
C34 PX4 KD . -9.87 -7.55 35.72
C35 PX4 KD . -11.05 -7.47 34.76
C36 PX4 KD . -11.44 -6.03 34.42
O1 PX4 LD . 2.59 -2.52 48.72
O2 PX4 LD . 4.52 -1.08 47.64
P1 PX4 LD . 3.22 -1.79 47.59
O3 PX4 LD . 2.56 -0.37 47.95
C1 PX4 LD . 2.34 -0.03 49.32
C2 PX4 LD . 1.87 1.41 49.62
N1 PX4 LD . 2.39 2.53 48.84
C3 PX4 LD . 2.00 2.48 47.43
C4 PX4 LD . 1.91 3.75 49.49
C5 PX4 LD . 3.85 2.56 49.08
O4 PX4 LD . 2.44 -1.94 46.20
C6 PX4 LD . 2.62 -0.79 45.36
C7 PX4 LD . 2.33 -1.22 43.92
C8 PX4 LD . 3.10 -2.53 43.70
O5 PX4 LD . 4.15 -2.39 42.75
C9 PX4 LD . 5.45 -2.36 43.17
O6 PX4 LD . 5.66 -2.57 44.37
C10 PX4 LD . 6.59 -2.38 42.16
C11 PX4 LD . 6.55 -3.66 41.33
C12 PX4 LD . 6.72 -5.06 41.90
C13 PX4 LD . 6.86 -5.98 40.69
C14 PX4 LD . 8.05 -5.35 39.94
C15 PX4 LD . 8.33 -6.07 38.62
C16 PX4 LD . 9.59 -5.55 37.94
C17 PX4 LD . 10.70 -6.57 37.72
C18 PX4 LD . 12.05 -5.91 37.41
C19 PX4 LD . 12.97 -7.05 37.01
C20 PX4 LD . 14.33 -6.79 36.37
C21 PX4 LD . 15.09 -8.13 36.40
C22 PX4 LD . 14.32 -9.24 35.71
O7 PX4 LD . 0.98 -1.21 43.45
C23 PX4 LD . 0.28 -0.04 43.41
O8 PX4 LD . 0.22 0.79 44.30
C24 PX4 LD . -0.91 -0.31 42.49
C25 PX4 LD . -0.50 -0.26 41.02
C26 PX4 LD . -1.76 0.14 40.24
C27 PX4 LD . -1.34 -0.01 38.78
C28 PX4 LD . -0.98 -1.44 38.30
C29 PX4 LD . -0.92 -1.15 36.80
C30 PX4 LD . -2.20 -1.28 35.98
C31 PX4 LD . -1.88 -0.93 34.53
C32 PX4 LD . -0.79 -1.88 34.06
C33 PX4 LD . -0.42 -1.43 32.64
C34 PX4 LD . 0.92 -2.05 32.22
C35 PX4 LD . 1.93 -1.70 33.31
C36 PX4 LD . 3.30 -2.16 32.84
O1 PX4 MD . 17.46 7.43 48.20
O2 PX4 MD . 15.69 5.63 47.58
P1 PX4 MD . 17.05 6.19 47.49
O3 PX4 MD . 17.88 4.93 48.08
C1 PX4 MD . 19.08 5.38 48.72
C2 PX4 MD . 19.84 4.39 49.63
N1 PX4 MD . 19.18 3.44 50.53
C3 PX4 MD . 18.21 4.15 51.38
C4 PX4 MD . 18.53 2.33 49.82
C5 PX4 MD . 20.27 2.92 51.37
O4 PX4 MD . 17.42 6.01 45.95
C6 PX4 MD . 16.62 4.97 45.35
C7 PX4 MD . 16.49 5.01 43.82
C8 PX4 MD . 17.11 6.34 43.40
O5 PX4 MD . 16.62 6.84 42.15
C9 PX4 MD . 17.50 7.69 41.56
O6 PX4 MD . 18.68 7.70 41.93
C10 PX4 MD . 17.08 8.52 40.34
C11 PX4 MD . 16.70 7.59 39.20
C12 PX4 MD . 16.36 8.51 38.03
C13 PX4 MD . 15.10 9.30 38.36
C14 PX4 MD . 13.98 8.25 38.27
C15 PX4 MD . 12.66 9.02 38.31
C16 PX4 MD . 11.60 7.95 38.60
C17 PX4 MD . 11.69 6.90 37.50
C18 PX4 MD . 10.95 5.61 37.86
C19 PX4 MD . 10.85 4.64 36.69
C20 PX4 MD . 9.84 3.48 36.81
C21 PX4 MD . 10.11 2.36 35.80
C22 PX4 MD . 9.73 2.82 34.40
O7 PX4 MD . 16.94 3.83 43.16
C23 PX4 MD . 16.20 2.70 43.32
O8 PX4 MD . 14.97 2.85 43.32
C24 PX4 MD . 16.87 1.35 43.06
C25 PX4 MD . 17.00 1.04 41.58
C26 PX4 MD . 17.08 -0.45 41.28
C27 PX4 MD . 16.47 -0.62 39.88
C28 PX4 MD . 16.54 -2.08 39.42
C29 PX4 MD . 15.88 -2.17 38.04
C30 PX4 MD . 16.64 -1.17 37.14
C31 PX4 MD . 16.54 -1.55 35.66
C32 PX4 MD . 17.02 -0.36 34.83
C33 PX4 MD . 16.86 -0.52 33.31
C34 PX4 MD . 17.41 0.69 32.56
C35 PX4 MD . 16.72 2.00 32.92
C36 PX4 MD . 17.66 3.12 32.47
O1 PX4 ND . 29.08 -1.68 50.76
O2 PX4 ND . 27.67 -3.77 51.12
P1 PX4 ND . 28.67 -3.03 50.32
O3 PX4 ND . 29.98 -3.95 50.12
C1 PX4 ND . 30.77 -3.67 51.27
C2 PX4 ND . 32.05 -4.49 51.17
N1 PX4 ND . 33.30 -4.02 50.53
C3 PX4 ND . 34.04 -5.11 49.91
C4 PX4 ND . 33.00 -2.85 49.67
C5 PX4 ND . 34.17 -3.61 51.63
O4 PX4 ND . 27.98 -2.80 48.88
C6 PX4 ND . 29.00 -2.27 48.04
C7 PX4 ND . 28.76 -2.54 46.54
C8 PX4 ND . 27.44 -3.25 46.36
O5 PX4 ND . 27.60 -4.66 46.56
C9 PX4 ND . 26.46 -5.34 46.34
O6 PX4 ND . 25.36 -4.78 46.46
C10 PX4 ND . 26.48 -6.87 46.43
C11 PX4 ND . 26.57 -7.54 45.06
C12 PX4 ND . 26.21 -9.02 45.18
C13 PX4 ND . 26.21 -9.56 43.75
C14 PX4 ND . 27.63 -9.44 43.16
C15 PX4 ND . 27.56 -9.88 41.70
C16 PX4 ND . 28.88 -9.66 40.95
C17 PX4 ND . 28.68 -10.05 39.48
C18 PX4 ND . 30.03 -10.32 38.80
C19 PX4 ND . 29.73 -10.96 37.45
C20 PX4 ND . 31.03 -11.28 36.69
C21 PX4 ND . 31.32 -10.37 35.49
C22 PX4 ND . 30.27 -10.42 34.39
O7 PX4 ND . 28.93 -1.42 45.67
C23 PX4 ND . 30.10 -0.75 45.51
O8 PX4 ND . 31.14 -1.03 46.11
C24 PX4 ND . 29.88 0.47 44.62
C25 PX4 ND . 31.16 0.44 43.78
C26 PX4 ND . 30.81 1.16 42.48
C27 PX4 ND . 30.22 2.56 42.62
C28 PX4 ND . 29.87 3.11 41.24
C29 PX4 ND . 30.89 4.22 40.88
C30 PX4 ND . 30.81 4.37 39.38
C31 PX4 ND . 31.70 5.51 38.85
C32 PX4 ND . 31.41 5.73 37.37
C33 PX4 ND . 32.21 6.99 37.02
C34 PX4 ND . 31.81 8.15 37.94
C35 PX4 ND . 32.09 9.49 37.25
C36 PX4 ND . 33.57 9.88 37.37
O1 PX4 OD . 23.77 15.24 47.01
O2 PX4 OD . 26.05 16.23 46.69
P1 PX4 OD . 24.64 16.14 46.24
O3 PX4 OD . 23.96 17.58 46.40
C1 PX4 OD . 24.32 17.99 47.72
C2 PX4 OD . 24.48 19.50 47.86
N1 PX4 OD . 25.39 20.30 47.02
C3 PX4 OD . 26.61 19.56 46.65
C4 PX4 OD . 24.67 20.57 45.78
C5 PX4 OD . 25.67 21.59 47.67
O4 PX4 OD . 24.45 16.09 44.63
C6 PX4 OD . 25.72 15.78 44.05
C7 PX4 OD . 25.73 15.36 42.58
C8 PX4 OD . 24.38 15.88 42.09
O5 PX4 OD . 23.38 14.90 41.82
C9 PX4 OD . 22.14 15.38 41.57
O6 PX4 OD . 21.91 16.55 41.83
C10 PX4 OD . 21.05 14.31 41.37
C11 PX4 OD . 20.94 13.85 39.92
C12 PX4 OD . 19.61 13.21 39.51
C13 PX4 OD . 19.59 13.00 37.99
C14 PX4 OD . 18.16 12.58 37.68
C15 PX4 OD . 18.00 12.57 36.16
C16 PX4 OD . 16.62 12.10 35.73
C17 PX4 OD . 16.39 12.59 34.30
C18 PX4 OD . 17.27 11.95 33.22
C19 PX4 OD . 17.13 12.68 31.89
C20 PX4 OD . 18.30 12.28 30.97
C21 PX4 OD . 18.32 13.05 29.65
C22 PX4 OD . 19.39 12.53 28.69
O7 PX4 OD . 26.83 15.82 41.79
C23 PX4 OD . 28.08 15.34 42.07
O8 PX4 OD . 28.14 14.47 42.93
C24 PX4 OD . 29.33 15.73 41.29
C25 PX4 OD . 29.35 15.31 39.82
C26 PX4 OD . 29.43 13.78 39.71
C27 PX4 OD . 29.37 13.44 38.22
C28 PX4 OD . 30.72 13.64 37.54
C29 PX4 OD . 30.63 13.46 36.03
C30 PX4 OD . 29.97 12.20 35.50
C31 PX4 OD . 29.85 12.39 33.98
C32 PX4 OD . 29.20 11.18 33.31
C33 PX4 OD . 29.51 11.36 31.82
C34 PX4 OD . 29.07 10.12 31.04
C35 PX4 OD . 27.58 9.84 31.29
C36 PX4 OD . 27.11 8.40 31.12
O1 PX4 PD . -9.63 24.98 54.56
O2 PX4 PD . -9.17 26.91 52.88
P1 PX4 PD . -10.04 25.86 53.45
O3 PX4 PD . -11.38 26.65 53.91
C1 PX4 PD . -12.09 25.84 54.83
C2 PX4 PD . -13.62 25.87 54.79
N1 PX4 PD . -14.34 25.11 55.82
C3 PX4 PD . -15.76 25.51 55.81
C4 PX4 PD . -14.46 23.66 55.63
C5 PX4 PD . -13.80 25.40 57.15
O4 PX4 PD . -10.49 24.88 52.26
C6 PX4 PD . -10.69 25.35 50.91
C7 PX4 PD . -11.83 26.31 50.60
C8 PX4 PD . -11.17 27.55 49.97
O5 PX4 PD . -9.99 27.09 49.32
C9 PX4 PD . -9.31 28.10 48.71
O6 PX4 PD . -9.81 29.21 48.49
C10 PX4 PD . -8.15 27.63 47.83
C11 PX4 PD . -8.69 26.81 46.66
C12 PX4 PD . -7.43 26.33 45.92
C13 PX4 PD . -7.86 25.34 44.85
C14 PX4 PD . -6.60 24.63 44.34
C15 PX4 PD . -6.73 24.10 42.91
C16 PX4 PD . -7.84 23.04 42.93
C17 PX4 PD . -7.82 22.43 41.52
C18 PX4 PD . -8.23 23.41 40.42
C19 PX4 PD . -8.29 22.53 39.17
C20 PX4 PD . -8.71 23.50 38.06
C21 PX4 PD . -8.87 22.84 36.68
C22 PX4 PD . -9.37 23.94 35.75
O7 PX4 PD . -12.85 25.65 49.84
C23 PX4 PD . -14.02 26.28 49.53
O8 PX4 PD . -14.28 27.39 49.98
C24 PX4 PD . -15.10 25.46 48.82
C25 PX4 PD . -15.51 26.31 47.62
C26 PX4 PD . -16.26 25.50 46.56
C27 PX4 PD . -16.53 26.32 45.28
C28 PX4 PD . -17.34 25.69 44.16
C29 PX4 PD . -17.39 26.76 43.07
C30 PX4 PD . -15.96 26.91 42.59
C31 PX4 PD . -15.82 28.00 41.53
C32 PX4 PD . -16.76 28.02 40.32
C33 PX4 PD . -16.37 29.12 39.33
C34 PX4 PD . -17.48 29.36 38.31
C35 PX4 PD . -16.86 30.19 37.19
C36 PX4 PD . -17.96 30.43 36.14
O1 PX4 QD . -12.91 36.48 53.34
O2 PX4 QD . -10.41 37.08 53.30
P1 PX4 QD . -11.79 37.29 52.82
O3 PX4 QD . -12.24 38.81 53.00
C1 PX4 QD . -11.04 39.58 53.22
C2 PX4 QD . -11.36 41.02 53.66
N1 PX4 QD . -10.29 41.86 54.22
C3 PX4 QD . -9.51 41.26 55.30
C4 PX4 QD . -9.37 42.38 53.20
C5 PX4 QD . -10.99 42.98 54.86
O4 PX4 QD . -11.49 37.42 51.24
C6 PX4 QD . -12.73 37.61 50.54
C7 PX4 QD . -12.63 37.60 49.01
C8 PX4 QD . -11.12 37.57 48.76
O5 PX4 QD . -10.63 38.75 48.12
C9 PX4 QD . -9.28 38.61 47.98
O6 PX4 QD . -8.67 37.65 48.44
C10 PX4 QD . -8.54 39.32 46.85
C11 PX4 QD . -8.37 38.42 45.63
C12 PX4 QD . -7.36 38.98 44.63
C13 PX4 QD . -7.44 38.37 43.24
C14 PX4 QD . -6.24 38.88 42.43
C15 PX4 QD . -6.49 38.65 40.93
C16 PX4 QD . -5.42 39.26 40.03
C17 PX4 QD . -5.54 39.04 38.53
C18 PX4 QD . -4.24 39.35 37.77
C19 PX4 QD . -4.59 39.23 36.29
C20 PX4 QD . -3.38 39.61 35.43
C21 PX4 QD . -3.70 39.38 33.96
C22 PX4 QD . -2.36 39.56 33.22
O7 PX4 QD . -13.32 36.47 48.46
C23 PX4 QD . -14.63 36.46 48.10
O8 PX4 QD . -15.19 37.56 48.05
C24 PX4 QD . -15.13 35.17 47.43
C25 PX4 QD . -15.17 35.25 45.91
C26 PX4 QD . -16.03 34.15 45.29
C27 PX4 QD . -16.04 34.44 43.78
C28 PX4 QD . -16.81 35.76 43.59
C29 PX4 QD . -16.69 36.03 42.09
C30 PX4 QD . -17.29 35.01 41.12
C31 PX4 QD . -17.50 35.76 39.81
C32 PX4 QD . -16.16 36.08 39.15
C33 PX4 QD . -16.52 36.84 37.88
C34 PX4 QD . -15.20 37.04 37.13
C35 PX4 QD . -14.74 35.61 36.86
C36 PX4 QD . -13.52 35.81 35.97
O1 PX4 RD . 0.61 13.23 51.06
O2 PX4 RD . -1.22 11.40 51.35
P1 PX4 RD . -0.47 12.36 50.51
O3 PX4 RD . 0.31 11.31 49.58
C1 PX4 RD . 1.10 10.49 50.45
C2 PX4 RD . 2.40 9.95 49.88
N1 PX4 RD . 2.34 9.05 48.72
C3 PX4 RD . 1.30 8.02 48.90
C4 PX4 RD . 2.06 9.71 47.43
C5 PX4 RD . 3.66 8.43 48.61
O4 PX4 RD . -1.38 12.71 49.24
C6 PX4 RD . -2.74 12.30 49.41
C7 PX4 RD . -3.56 12.70 48.18
C8 PX4 RD . -2.85 13.92 47.60
O5 PX4 RD . -3.56 15.02 46.99
C9 PX4 RD . -3.85 16.08 47.79
O6 PX4 RD . -3.53 16.08 48.98
C10 PX4 RD . -4.54 17.31 47.21
C11 PX4 RD . -4.23 17.78 45.79
C12 PX4 RD . -5.15 18.89 45.30
C13 PX4 RD . -4.69 19.49 43.96
C14 PX4 RD . -4.69 18.50 42.79
C15 PX4 RD . -4.15 19.07 41.49
C16 PX4 RD . -4.23 18.21 40.23
C17 PX4 RD . -3.48 18.76 39.01
C18 PX4 RD . -3.70 17.78 37.85
C19 PX4 RD . -2.94 18.15 36.57
C20 PX4 RD . -3.49 17.21 35.49
C21 PX4 RD . -2.93 17.62 34.12
C22 PX4 RD . -3.63 16.72 33.11
O7 PX4 RD . -3.85 11.63 47.28
C23 PX4 RD . -4.79 10.68 47.55
O8 PX4 RD . -5.54 10.80 48.52
C24 PX4 RD . -4.79 9.55 46.52
C25 PX4 RD . -6.00 9.53 45.57
C26 PX4 RD . -5.94 10.79 44.71
C27 PX4 RD . -6.92 10.68 43.53
C28 PX4 RD . -6.35 9.50 42.72
C29 PX4 RD . -7.16 9.23 41.46
C30 PX4 RD . -6.64 7.82 41.14
C31 PX4 RD . -7.40 7.12 40.02
C32 PX4 RD . -8.63 6.41 40.60
C33 PX4 RD . -9.58 5.75 39.60
C34 PX4 RD . -10.27 6.73 38.62
C35 PX4 RD . -10.61 6.16 37.24
C36 PX4 RD . -11.05 7.32 36.32
O1 PX4 SD . 7.28 8.21 46.67
O2 PX4 SD . 6.15 6.23 47.95
P1 PX4 SD . 7.07 6.77 46.93
O3 PX4 SD . 8.53 6.18 47.23
C1 PX4 SD . 9.61 7.02 46.82
C2 PX4 SD . 10.77 6.65 47.75
N1 PX4 SD . 12.14 7.19 47.69
C3 PX4 SD . 12.89 6.60 48.81
C4 PX4 SD . 12.82 6.63 46.51
C5 PX4 SD . 12.21 8.65 47.78
O4 PX4 SD . 7.04 5.91 45.57
C6 PX4 SD . 7.25 4.55 45.93
C7 PX4 SD . 7.17 3.45 44.87
C8 PX4 SD . 6.07 4.02 43.97
O5 PX4 SD . 4.77 3.46 43.92
C9 PX4 SD . 3.75 4.12 43.33
O6 PX4 SD . 3.61 5.34 43.51
C10 PX4 SD . 2.72 3.14 42.78
C11 PX4 SD . 1.63 3.91 42.03
C12 PX4 SD . 1.77 3.74 40.53
C13 PX4 SD . 0.75 4.62 39.81
C14 PX4 SD . -0.67 4.04 39.89
C15 PX4 SD . -1.71 4.93 39.19
C16 PX4 SD . -1.39 5.05 37.70
C17 PX4 SD . -2.44 5.87 36.95
C18 PX4 SD . -1.88 6.05 35.54
C19 PX4 SD . -2.78 6.93 34.69
C20 PX4 SD . -2.17 7.44 33.38
C21 PX4 SD . -3.22 8.08 32.47
C22 PX4 SD . -4.07 6.97 31.84
O7 PX4 SD . 8.36 2.97 44.25
C23 PX4 SD . 8.56 1.72 43.73
O8 PX4 SD . 7.59 1.06 43.36
C24 PX4 SD . 9.94 1.56 43.15
C25 PX4 SD . 9.99 1.88 41.65
C26 PX4 SD . 11.48 1.92 41.29
C27 PX4 SD . 11.73 2.17 39.81
C28 PX4 SD . 13.25 2.21 39.62
C29 PX4 SD . 13.67 2.61 38.20
C30 PX4 SD . 15.16 2.37 37.94
C31 PX4 SD . 15.62 3.20 36.74
C32 PX4 SD . 15.67 4.67 37.09
C33 PX4 SD . 15.74 5.44 35.76
C34 PX4 SD . 14.40 5.31 35.02
C35 PX4 SD . 14.25 6.07 33.70
C36 PX4 SD . 12.90 6.08 33.00
O1 PX4 TD . 8.16 9.15 50.98
O2 PX4 TD . 8.23 11.71 50.85
P1 PX4 TD . 7.53 10.43 50.60
O3 PX4 TD . 6.30 10.57 51.63
C1 PX4 TD . 6.90 11.03 52.84
C2 PX4 TD . 6.04 11.65 53.94
N1 PX4 TD . 5.64 13.06 53.77
C3 PX4 TD . 4.69 13.17 52.66
C4 PX4 TD . 5.00 13.68 54.93
C5 PX4 TD . 6.84 13.83 53.42
O4 PX4 TD . 6.73 10.40 49.20
C6 PX4 TD . 6.91 11.64 48.48
C7 PX4 TD . 5.68 12.01 47.66
C8 PX4 TD . 5.58 10.80 46.73
O5 PX4 TD . 5.58 11.14 45.33
C9 PX4 TD . 5.34 10.15 44.44
O6 PX4 TD . 4.78 9.16 44.90
C10 PX4 TD . 5.40 10.52 42.96
C11 PX4 TD . 3.97 10.73 42.43
C12 PX4 TD . 4.12 11.14 40.95
C13 PX4 TD . 2.76 11.66 40.49
C14 PX4 TD . 2.65 11.85 38.98
C15 PX4 TD . 3.81 12.75 38.52
C16 PX4 TD . 3.53 13.00 37.04
C17 PX4 TD . 4.63 13.80 36.35
C18 PX4 TD . 4.26 14.21 34.92
C19 PX4 TD . 5.20 15.35 34.50
C20 PX4 TD . 5.24 15.55 32.98
C21 PX4 TD . 6.16 16.73 32.68
C22 PX4 TD . 6.28 17.09 31.20
O7 PX4 TD . 4.40 12.23 48.27
C23 PX4 TD . 4.31 13.46 48.87
O8 PX4 TD . 5.27 13.93 49.46
C24 PX4 TD . 2.95 14.10 48.59
C25 PX4 TD . 2.29 13.85 47.24
C26 PX4 TD . 1.18 14.88 47.07
C27 PX4 TD . 0.58 14.57 45.69
C28 PX4 TD . 0.30 13.08 45.54
C29 PX4 TD . -0.47 12.88 44.23
C30 PX4 TD . -1.73 13.74 44.24
C31 PX4 TD . -2.47 13.77 42.90
C32 PX4 TD . -1.40 13.80 41.82
C33 PX4 TD . -1.86 13.28 40.45
C34 PX4 TD . -0.77 13.67 39.45
C35 PX4 TD . -0.77 13.03 38.06
C36 PX4 TD . -2.09 13.35 37.33
O1 PX4 UD . 7.08 20.01 51.06
O2 PX4 UD . 9.67 19.66 50.77
P1 PX4 UD . 8.28 19.74 50.26
O3 PX4 UD . 8.38 20.89 49.14
C1 PX4 UD . 8.42 22.06 49.94
C2 PX4 UD . 8.49 23.43 49.27
N1 PX4 UD . 9.70 23.86 48.54
C3 PX4 UD . 10.74 24.02 49.57
C4 PX4 UD . 10.23 22.90 47.57
C5 PX4 UD . 9.45 25.17 47.92
O4 PX4 UD . 8.10 18.43 49.32
C6 PX4 UD . 9.13 18.57 48.36
C7 PX4 UD . 8.94 18.12 46.92
C8 PX4 UD . 7.65 17.29 46.96
O5 PX4 UD . 7.48 16.09 46.20
C9 PX4 UD . 6.18 15.70 46.08
O6 PX4 UD . 5.35 16.27 46.78
C10 PX4 UD . 5.94 14.45 45.23
C11 PX4 UD . 4.58 14.61 44.53
C12 PX4 UD . 4.50 15.86 43.67
C13 PX4 UD . 3.18 15.74 42.91
C14 PX4 UD . 3.09 16.78 41.78
C15 PX4 UD . 1.89 16.61 40.84
C16 PX4 UD . 2.35 17.07 39.46
C17 PX4 UD . 1.38 16.68 38.35
C18 PX4 UD . 2.04 16.88 36.98
C19 PX4 UD . 1.15 16.42 35.84
C20 PX4 UD . 1.80 16.87 34.53
C21 PX4 UD . 0.99 16.63 33.25
C22 PX4 UD . 1.44 17.38 32.00
O7 PX4 UD . 8.78 19.01 45.80
C23 PX4 UD . 9.92 19.45 45.20
O8 PX4 UD . 11.01 18.99 45.58
C24 PX4 UD . 9.83 20.61 44.23
C25 PX4 UD . 11.19 21.05 43.70
C26 PX4 UD . 11.01 21.92 42.48
C27 PX4 UD . 12.31 22.37 41.81
C28 PX4 UD . 11.96 23.01 40.46
C29 PX4 UD . 13.05 23.16 39.38
C30 PX4 UD . 12.53 23.54 38.00
C31 PX4 UD . 13.57 23.38 36.88
C32 PX4 UD . 13.07 23.74 35.48
C33 PX4 UD . 12.90 25.26 35.59
C34 PX4 UD . 12.17 25.77 34.34
C35 PX4 UD . 10.65 25.53 34.44
C36 PX4 UD . 9.76 26.20 33.41
O1 PX4 VD . 15.17 10.37 46.65
O2 PX4 VD . 15.65 8.14 45.68
P1 PX4 VD . 15.85 9.60 45.59
O3 PX4 VD . 17.38 10.12 45.51
C1 PX4 VD . 17.77 10.57 46.80
C2 PX4 VD . 19.28 10.87 46.70
N1 PX4 VD . 20.17 9.70 46.70
C3 PX4 VD . 21.51 10.20 46.37
C4 PX4 VD . 20.14 9.13 48.05
C5 PX4 VD . 19.82 8.55 45.85
O4 PX4 VD . 15.29 10.10 44.17
C6 PX4 VD . 13.88 9.90 44.27
C7 PX4 VD . 13.15 9.95 42.93
C8 PX4 VD . 14.16 10.56 41.95
O5 PX4 VD . 13.74 11.58 41.04
C9 PX4 VD . 14.75 12.39 40.61
O6 PX4 VD . 15.85 12.32 41.12
C10 PX4 VD . 14.48 13.53 39.62
C11 PX4 VD . 14.00 13.02 38.26
C12 PX4 VD . 12.90 13.89 37.62
C13 PX4 VD . 11.66 14.18 38.47
C14 PX4 VD . 10.49 14.59 37.57
C15 PX4 VD . 10.31 13.49 36.53
C16 PX4 VD . 9.13 13.77 35.58
C17 PX4 VD . 9.15 12.65 34.54
C18 PX4 VD . 8.11 12.96 33.46
C19 PX4 VD . 7.88 11.94 32.35
C20 PX4 VD . 6.76 12.24 31.34
C21 PX4 VD . 5.40 11.75 31.84
C22 PX4 VD . 4.32 11.92 30.77
O7 PX4 VD . 12.54 8.71 42.53
C23 PX4 VD . 11.36 8.39 43.14
O8 PX4 VD . 11.14 8.75 44.30
C24 PX4 VD . 10.52 7.37 42.38
C25 PX4 VD . 9.05 7.71 42.52
C26 PX4 VD . 8.30 6.74 41.59
C27 PX4 VD . 6.77 6.89 41.63
C28 PX4 VD . 6.15 5.98 40.56
C29 PX4 VD . 6.50 4.51 40.82
C30 PX4 VD . 6.13 3.53 39.71
C31 PX4 VD . 6.42 2.03 39.90
C32 PX4 VD . 5.90 1.35 38.64
C33 PX4 VD . 4.37 1.31 38.60
C34 PX4 VD . 3.76 0.51 37.45
C35 PX4 VD . 2.27 0.74 37.26
C36 PX4 VD . 1.87 2.18 36.91
O1 PX4 WD . 25.56 5.04 50.43
O2 PX4 WD . 23.63 6.21 49.23
P1 PX4 WD . 24.14 5.06 50.01
O3 PX4 WD . 23.34 5.24 51.40
C1 PX4 WD . 23.93 4.36 52.37
C2 PX4 WD . 23.17 4.34 53.70
N1 PX4 WD . 23.43 5.32 54.77
C3 PX4 WD . 22.36 5.19 55.77
C4 PX4 WD . 24.77 5.11 55.35
C5 PX4 WD . 23.19 6.71 54.40
O4 PX4 WD . 23.67 3.54 49.73
C6 PX4 WD . 24.48 3.09 48.64
C7 PX4 WD . 24.11 1.69 48.16
C8 PX4 WD . 22.65 1.78 47.72
O5 PX4 WD . 22.40 3.00 47.02
C9 PX4 WD . 21.22 2.91 46.36
O6 PX4 WD . 20.35 2.30 46.98
C10 PX4 WD . 20.90 3.85 45.21
C11 PX4 WD . 21.54 3.63 43.83
C12 PX4 WD . 20.98 4.64 42.83
C13 PX4 WD . 21.16 4.07 41.42
C14 PX4 WD . 20.18 4.73 40.45
C15 PX4 WD . 20.04 3.90 39.18
C16 PX4 WD . 19.57 4.74 38.01
C17 PX4 WD . 19.40 3.85 36.78
C18 PX4 WD . 20.81 3.29 36.58
C19 PX4 WD . 20.76 2.20 35.51
C20 PX4 WD . 22.21 1.81 35.26
C21 PX4 WD . 22.24 0.79 34.12
C22 PX4 WD . 23.68 0.33 33.84
O7 PX4 WD . 25.04 1.24 47.18
C23 PX4 WD . 24.97 0.02 46.58
O8 PX4 WD . 24.45 -0.95 47.15
C24 PX4 WD . 25.78 -0.16 45.31
C25 PX4 WD . 24.91 -0.23 44.06
C26 PX4 WD . 25.65 -1.05 43.01
C27 PX4 WD . 26.94 -0.32 42.61
C28 PX4 WD . 27.48 -0.69 41.23
C29 PX4 WD . 26.43 -0.55 40.12
C30 PX4 WD . 26.97 -0.99 38.76
C31 PX4 WD . 27.44 -2.44 38.78
C32 PX4 WD . 27.86 -2.93 37.40
C33 PX4 WD . 28.39 -4.37 37.27
C34 PX4 WD . 29.47 -4.68 38.31
C35 PX4 WD . 30.20 -5.97 37.97
C36 PX4 WD . 31.03 -6.36 39.20
O1 PX4 XD . -14.57 30.18 53.27
O2 PX4 XD . -12.23 30.17 52.14
P1 PX4 XD . -13.47 30.86 52.55
O3 PX4 XD . -13.07 32.23 53.28
C1 PX4 XD . -13.43 32.48 54.64
C2 PX4 XD . -13.10 33.90 55.12
N1 PX4 XD . -13.54 34.39 56.43
C3 PX4 XD . -13.10 33.55 57.55
C4 PX4 XD . -13.05 35.78 56.53
C5 PX4 XD . -14.99 34.62 56.50
O4 PX4 XD . -14.18 31.47 51.23
C6 PX4 XD . -13.66 30.66 50.18
C7 PX4 XD . -14.04 31.03 48.74
C8 PX4 XD . -12.69 31.14 48.05
O5 PX4 XD . -12.49 32.23 47.14
C9 PX4 XD . -11.38 32.11 46.39
O6 PX4 XD . -10.46 31.37 46.75
C10 PX4 XD . -11.12 33.27 45.40
C11 PX4 XD . -9.63 33.55 45.38
C12 PX4 XD . -9.43 34.79 44.51
C13 PX4 XD . -9.43 34.18 43.11
C14 PX4 XD . -8.64 35.09 42.16
C15 PX4 XD . -8.29 34.15 40.99
C16 PX4 XD . -7.27 34.98 40.21
C17 PX4 XD . -6.77 34.27 38.97
C18 PX4 XD . -5.74 35.09 38.18
C19 PX4 XD . -4.94 34.32 37.13
C20 PX4 XD . -4.20 35.36 36.30
C21 PX4 XD . -3.38 34.78 35.13
C22 PX4 XD . -4.39 34.00 34.28
O7 PX4 XD . -15.05 30.17 48.22
C23 PX4 XD . -16.06 30.81 47.56
O8 PX4 XD . -16.55 31.77 48.14
C24 PX4 XD . -16.85 30.02 46.52
C25 PX4 XD . -16.93 30.70 45.15
C26 PX4 XD . -18.04 30.32 44.18
C27 PX4 XD . -17.89 31.12 42.89
C28 PX4 XD . -19.24 31.05 42.16
C29 PX4 XD . -19.17 31.88 40.88
C30 PX4 XD . -20.44 31.97 40.03
C31 PX4 XD . -20.34 32.67 38.68
C32 PX4 XD . -21.31 33.85 38.60
C33 PX4 XD . -21.33 34.23 37.11
C34 PX4 XD . -19.94 34.45 36.48
C35 PX4 XD . -20.35 34.84 35.07
C36 PX4 XD . -19.23 35.10 34.06
O1 PX4 YD . 3.91 26.93 48.48
O2 PX4 YD . 5.70 25.62 49.75
P1 PX4 YD . 5.23 26.26 48.49
O3 PX4 YD . 6.40 27.27 48.04
C1 PX4 YD . 6.49 28.14 49.17
C2 PX4 YD . 7.36 29.37 48.93
N1 PX4 YD . 7.63 30.35 49.98
C3 PX4 YD . 8.66 31.25 49.45
C4 PX4 YD . 6.46 31.13 50.43
C5 PX4 YD . 8.18 29.65 51.14
O4 PX4 YD . 5.34 25.26 47.24
C6 PX4 YD . 5.46 26.09 46.08
C7 PX4 YD . 5.74 25.15 44.91
C8 PX4 YD . 4.50 25.26 44.00
O5 PX4 YD . 3.74 26.46 44.17
C9 PX4 YD . 2.61 26.41 43.42
O6 PX4 YD . 2.34 25.64 42.51
C10 PX4 YD . 1.58 27.50 43.72
C11 PX4 YD . 1.52 28.57 42.63
C12 PX4 YD . 0.53 29.66 43.05
C13 PX4 YD . -0.05 30.25 41.76
C14 PX4 YD . -1.09 31.32 42.12
C15 PX4 YD . -1.69 31.99 40.88
C16 PX4 YD . -2.24 30.94 39.92
C17 PX4 YD . -3.04 31.45 38.73
C18 PX4 YD . -3.14 30.31 37.71
C19 PX4 YD . -4.26 30.53 36.67
C20 PX4 YD . -5.46 30.52 37.61
C21 PX4 YD . -6.75 30.67 36.80
C22 PX4 YD . -8.00 30.89 37.64
O7 PX4 YD . 6.88 25.60 44.17
C23 PX4 YD . 8.02 24.90 44.39
O8 PX4 YD . 8.04 23.88 45.08
C24 PX4 YD . 9.20 25.36 43.53
C25 PX4 YD . 10.56 25.46 44.21
C26 PX4 YD . 11.42 26.16 43.15
C27 PX4 YD . 12.95 26.03 43.18
C28 PX4 YD . 13.58 26.78 42.00
C29 PX4 YD . 13.19 28.26 42.00
C30 PX4 YD . 14.20 29.05 41.18
C31 PX4 YD . 14.15 30.58 41.26
C32 PX4 YD . 15.13 31.32 40.35
C33 PX4 YD . 14.76 30.88 38.92
C34 PX4 YD . 15.72 31.34 37.82
C35 PX4 YD . 15.36 30.66 36.50
C36 PX4 YD . 15.48 29.15 36.69
O1 PX4 ZD . 13.10 28.82 51.39
O2 PX4 ZD . 13.45 26.24 51.12
P1 PX4 ZD . 13.71 27.64 50.72
O3 PX4 ZD . 15.33 27.76 50.83
C1 PX4 ZD . 15.56 29.16 50.86
C2 PX4 ZD . 16.69 29.44 51.86
N1 PX4 ZD . 16.75 30.86 52.20
C3 PX4 ZD . 17.20 31.72 51.09
C4 PX4 ZD . 15.43 31.19 52.78
C5 PX4 ZD . 17.76 30.80 53.27
O4 PX4 ZD . 13.55 27.70 49.12
C6 PX4 ZD . 13.85 26.38 48.67
C7 PX4 ZD . 13.73 26.33 47.14
C8 PX4 ZD . 14.02 27.68 46.51
O5 PX4 ZD . 12.82 28.20 45.91
C9 PX4 ZD . 12.93 29.46 45.41
O6 PX4 ZD . 14.05 29.99 45.37
C10 PX4 ZD . 11.68 30.22 44.95
C11 PX4 ZD . 10.64 30.42 46.04
C12 PX4 ZD . 9.29 30.58 45.35
C13 PX4 ZD . 8.81 29.23 44.86
C14 PX4 ZD . 7.37 29.28 44.33
C15 PX4 ZD . 7.12 29.27 42.83
C16 PX4 ZD . 5.65 29.06 42.50
C17 PX4 ZD . 5.62 28.65 41.02
C18 PX4 ZD . 6.28 29.64 40.05
C19 PX4 ZD . 6.11 29.32 38.57
C20 PX4 ZD . 6.24 30.62 37.77
C21 PX4 ZD . 6.35 30.43 36.26
C22 PX4 ZD . 6.46 31.72 35.46
O7 PX4 ZD . 14.45 25.27 46.52
C23 PX4 ZD . 14.09 23.97 46.73
O8 PX4 ZD . 13.26 23.74 47.62
C24 PX4 ZD . 14.99 22.96 46.00
C25 PX4 ZD . 15.41 23.47 44.62
C26 PX4 ZD . 16.16 22.38 43.84
C27 PX4 ZD . 17.10 23.03 42.83
C28 PX4 ZD . 16.35 23.89 41.79
C29 PX4 ZD . 17.32 24.62 40.84
C30 PX4 ZD . 16.52 25.66 40.07
C31 PX4 ZD . 17.43 26.67 39.35
C32 PX4 ZD . 18.45 26.05 38.40
C33 PX4 ZD . 19.52 27.09 38.10
C34 PX4 ZD . 20.65 26.53 37.23
C35 PX4 ZD . 21.78 27.53 36.93
C36 PX4 ZD . 22.55 26.78 35.85
O1 PX4 AE . -4.86 20.34 55.02
O2 PX4 AE . -2.55 19.22 54.47
P1 PX4 AE . -3.80 19.93 54.09
O3 PX4 AE . -3.15 21.34 53.65
C1 PX4 AE . -3.26 22.27 54.73
C2 PX4 AE . -2.38 23.48 54.46
N1 PX4 AE . -0.96 23.52 54.08
C3 PX4 AE . -0.25 22.31 54.49
C4 PX4 AE . -1.00 23.51 52.62
C5 PX4 AE . -0.37 24.78 54.61
O4 PX4 AE . -4.37 19.57 52.62
C6 PX4 AE . -3.24 19.45 51.75
C7 PX4 AE . -3.73 19.20 50.32
C8 PX4 AE . -5.18 19.66 50.19
O5 PX4 AE . -6.15 18.70 49.74
C9 PX4 AE . -7.40 19.22 49.68
O6 PX4 AE . -7.79 20.09 50.45
C10 PX4 AE . -8.34 18.33 48.83
C11 PX4 AE . -8.69 19.03 47.53
C12 PX4 AE . -10.02 18.49 46.97
C13 PX4 AE . -10.34 18.95 45.55
C14 PX4 AE . -9.39 18.27 44.57
C15 PX4 AE . -9.75 18.81 43.19
C16 PX4 AE . -8.75 18.15 42.23
C17 PX4 AE . -9.07 18.60 40.79
C18 PX4 AE . -8.08 18.10 39.74
C19 PX4 AE . -8.43 18.79 38.43
C20 PX4 AE . -7.14 19.28 37.79
C21 PX4 AE . -7.28 19.75 36.33
C22 PX4 AE . -7.38 18.63 35.30
O7 PX4 AE . -2.94 19.73 49.24
C23 PX4 AE . -1.73 19.18 48.98
O8 PX4 AE . -1.06 18.69 49.89
C24 PX4 AE . -1.18 19.41 47.57
C25 PX4 AE . -0.55 18.12 47.02
C26 PX4 AE . 0.21 18.38 45.72
C27 PX4 AE . -0.78 18.79 44.62
C28 PX4 AE . -0.10 19.17 43.30
C29 PX4 AE . 0.44 20.59 43.31
C30 PX4 AE . 1.27 20.81 42.04
C31 PX4 AE . 1.69 22.28 41.85
C32 PX4 AE . 2.40 22.37 40.49
C33 PX4 AE . 1.58 21.98 39.27
C34 PX4 AE . 2.51 22.11 38.07
C35 PX4 AE . 1.78 21.27 37.03
C36 PX4 AE . 2.74 21.32 35.83
N PHE A 1 15.03 -3.91 -13.11
CA PHE A 1 14.43 -4.61 -11.96
C PHE A 1 13.49 -3.65 -11.24
N ARG A 2 12.46 -4.07 -10.50
CA ARG A 2 11.53 -3.28 -9.71
C ARG A 2 11.54 -3.69 -8.24
N GLU A 3 12.25 -4.77 -7.89
CA GLU A 3 12.55 -5.41 -6.63
C GLU A 3 13.45 -4.47 -5.83
N MET A 4 13.35 -4.54 -4.50
CA MET A 4 14.19 -3.75 -3.62
C MET A 4 15.64 -4.23 -3.71
N PRO A 5 16.63 -3.34 -3.75
CA PRO A 5 18.04 -3.66 -3.63
C PRO A 5 18.44 -4.02 -2.20
N GLY A 6 19.16 -5.14 -2.07
CA GLY A 6 19.29 -5.83 -0.79
C GLY A 6 18.69 -7.20 -1.05
N GLY A 7 18.25 -7.98 -0.06
CA GLY A 7 17.60 -9.26 -0.23
C GLY A 7 16.43 -9.26 0.75
N PRO A 8 15.21 -8.94 0.34
CA PRO A 8 14.12 -8.76 1.29
C PRO A 8 13.46 -10.08 1.66
N VAL A 9 13.27 -10.31 2.96
CA VAL A 9 12.69 -11.54 3.46
C VAL A 9 11.50 -11.20 4.35
N TRP A 10 10.42 -11.97 4.28
CA TRP A 10 9.26 -11.93 5.15
C TRP A 10 8.79 -13.32 5.53
N ARG A 11 8.82 -14.21 4.53
CA ARG A 11 8.71 -15.65 4.65
C ARG A 11 7.31 -16.10 5.04
N LYS A 12 6.33 -15.22 4.87
CA LYS A 12 4.94 -15.62 4.78
C LYS A 12 4.36 -15.79 3.38
N HIS A 13 3.27 -16.55 3.32
CA HIS A 13 2.41 -16.97 2.24
C HIS A 13 1.05 -16.34 2.48
N TYR A 14 0.48 -16.67 3.64
CA TYR A 14 -0.75 -16.09 4.17
C TYR A 14 -0.38 -14.85 4.97
N ILE A 15 -0.55 -13.67 4.35
CA ILE A 15 -0.22 -12.44 5.05
C ILE A 15 -1.56 -11.83 5.48
N THR A 16 -1.55 -11.01 6.53
CA THR A 16 -2.78 -10.37 6.97
C THR A 16 -2.59 -8.91 7.35
N TYR A 17 -3.71 -8.19 7.30
CA TYR A 17 -3.85 -6.83 7.79
C TYR A 17 -4.94 -6.64 8.82
N ARG A 18 -4.97 -5.53 9.56
CA ARG A 18 -6.06 -5.01 10.36
C ARG A 18 -6.19 -3.54 9.99
N ILE A 19 -7.40 -2.98 9.98
CA ILE A 19 -7.66 -1.58 9.75
C ILE A 19 -7.69 -1.09 11.20
N ASN A 20 -6.63 -0.46 11.71
CA ASN A 20 -6.56 0.06 13.06
C ASN A 20 -7.40 1.29 13.34
N ASN A 21 -7.60 2.17 12.36
CA ASN A 21 -8.43 3.34 12.49
C ASN A 21 -9.06 3.72 11.16
N TYR A 22 -10.18 4.43 11.22
CA TYR A 22 -11.00 4.95 10.14
C TYR A 22 -10.86 6.47 10.08
N THR A 23 -10.55 7.01 8.91
CA THR A 23 -10.25 8.43 8.87
C THR A 23 -11.59 9.18 8.95
N PRO A 24 -11.66 10.43 9.40
CA PRO A 24 -12.89 11.21 9.26
C PRO A 24 -13.20 11.62 7.83
N ASP A 25 -12.27 11.63 6.87
CA ASP A 25 -12.49 12.22 5.58
C ASP A 25 -13.23 11.26 4.67
N MET A 26 -13.63 10.03 5.01
CA MET A 26 -14.15 9.03 4.10
C MET A 26 -15.21 8.17 4.76
N ASN A 27 -16.02 7.59 3.86
CA ASN A 27 -17.01 6.59 4.25
C ASN A 27 -16.30 5.32 4.69
N ARG A 28 -16.81 4.55 5.65
CA ARG A 28 -16.18 3.44 6.33
C ARG A 28 -16.07 2.24 5.41
N GLU A 29 -17.07 1.99 4.56
CA GLU A 29 -17.11 0.88 3.64
C GLU A 29 -16.18 1.23 2.47
N ASP A 30 -15.90 2.50 2.20
CA ASP A 30 -15.12 2.99 1.08
C ASP A 30 -13.65 2.91 1.45
N VAL A 31 -13.34 3.11 2.73
CA VAL A 31 -12.00 2.81 3.22
C VAL A 31 -11.77 1.32 3.24
N ASP A 32 -12.69 0.53 3.79
CA ASP A 32 -12.61 -0.92 3.82
C ASP A 32 -12.42 -1.52 2.44
N TYR A 33 -13.23 -1.06 1.47
CA TYR A 33 -13.08 -1.46 0.09
C TYR A 33 -11.83 -0.90 -0.58
N ALA A 34 -11.47 0.37 -0.35
CA ALA A 34 -10.24 0.95 -0.79
C ALA A 34 -8.97 0.21 -0.37
N ILE A 35 -8.87 -0.20 0.88
CA ILE A 35 -7.74 -0.94 1.40
C ILE A 35 -7.73 -2.37 0.88
N ARG A 36 -8.93 -2.93 0.69
CA ARG A 36 -9.07 -4.30 0.28
C ARG A 36 -8.58 -4.40 -1.16
N LYS A 37 -9.12 -3.56 -2.05
CA LYS A 37 -8.93 -3.63 -3.48
C LYS A 37 -7.50 -3.38 -3.93
N ALA A 38 -6.71 -2.68 -3.11
CA ALA A 38 -5.31 -2.32 -3.28
C ALA A 38 -4.47 -3.56 -3.02
N PHE A 39 -4.99 -4.47 -2.21
CA PHE A 39 -4.37 -5.78 -2.10
C PHE A 39 -4.64 -6.67 -3.31
N GLN A 40 -5.89 -6.75 -3.78
CA GLN A 40 -6.37 -7.89 -4.54
C GLN A 40 -5.81 -8.07 -5.94
N VAL A 41 -5.06 -7.08 -6.45
CA VAL A 41 -4.38 -7.11 -7.73
C VAL A 41 -3.07 -7.88 -7.61
N TRP A 42 -2.35 -7.84 -6.49
CA TRP A 42 -1.07 -8.43 -6.18
C TRP A 42 -1.29 -9.92 -5.94
N SER A 43 -2.35 -10.38 -5.27
CA SER A 43 -2.65 -11.79 -5.12
C SER A 43 -3.00 -12.53 -6.39
N ASN A 44 -3.29 -11.79 -7.47
CA ASN A 44 -3.83 -12.33 -8.71
C ASN A 44 -2.75 -13.11 -9.47
N VAL A 45 -1.55 -12.54 -9.40
CA VAL A 45 -0.37 -13.00 -10.08
C VAL A 45 0.57 -13.78 -9.19
N THR A 46 0.22 -14.08 -7.94
CA THR A 46 0.99 -14.84 -6.98
C THR A 46 0.07 -15.76 -6.19
N PRO A 47 0.50 -16.84 -5.52
CA PRO A 47 -0.35 -17.62 -4.65
C PRO A 47 -0.54 -16.93 -3.30
N LEU A 48 -0.09 -15.70 -3.03
CA LEU A 48 -0.33 -14.92 -1.85
C LEU A 48 -1.82 -14.63 -1.64
N LYS A 49 -2.20 -14.56 -0.37
CA LYS A 49 -3.58 -14.29 0.02
C LYS A 49 -3.65 -13.38 1.24
N PHE A 50 -4.43 -12.30 1.07
CA PHE A 50 -4.63 -11.20 1.99
C PHE A 50 -6.06 -11.41 2.49
N SER A 51 -6.29 -11.18 3.78
CA SER A 51 -7.52 -11.22 4.54
C SER A 51 -7.32 -10.34 5.76
N LYS A 52 -8.42 -9.85 6.34
CA LYS A 52 -8.51 -9.19 7.62
C LYS A 52 -8.85 -10.21 8.70
N ILE A 53 -8.08 -10.16 9.79
CA ILE A 53 -8.37 -10.90 11.01
C ILE A 53 -9.14 -9.97 11.95
N ASN A 54 -10.02 -10.56 12.77
CA ASN A 54 -10.91 -9.97 13.75
C ASN A 54 -10.11 -9.96 15.06
N THR A 55 -8.95 -10.61 15.20
CA THR A 55 -8.12 -10.67 16.39
C THR A 55 -6.74 -11.16 15.98
N GLY A 56 -5.69 -10.71 16.68
CA GLY A 56 -4.30 -11.05 16.44
C GLY A 56 -3.48 -9.83 16.02
N MET A 57 -2.16 -9.94 16.01
CA MET A 57 -1.46 -8.84 15.36
C MET A 57 -1.63 -8.92 13.85
N ALA A 58 -1.52 -7.75 13.21
CA ALA A 58 -1.47 -7.61 11.77
C ALA A 58 -0.01 -7.53 11.35
N ASP A 59 0.33 -8.10 10.19
CA ASP A 59 1.60 -8.01 9.49
C ASP A 59 1.68 -6.57 9.00
N ILE A 60 0.72 -6.15 8.17
CA ILE A 60 0.49 -4.78 7.76
C ILE A 60 -0.48 -4.16 8.76
N LEU A 61 0.01 -3.30 9.67
CA LEU A 61 -0.93 -2.53 10.46
C LEU A 61 -1.19 -1.29 9.59
N VAL A 62 -2.45 -1.18 9.15
CA VAL A 62 -2.93 -0.11 8.31
C VAL A 62 -3.42 0.89 9.36
N VAL A 63 -2.87 2.10 9.41
CA VAL A 63 -3.01 3.06 10.49
C VAL A 63 -2.79 4.44 9.86
N PHE A 64 -3.53 5.48 10.28
CA PHE A 64 -3.52 6.85 9.82
C PHE A 64 -3.05 7.63 11.03
N ALA A 65 -2.01 8.46 10.83
CA ALA A 65 -1.21 9.14 11.83
C ALA A 65 -0.86 10.47 11.20
N ARG A 66 -0.51 11.56 11.90
CA ARG A 66 -0.13 12.85 11.40
C ARG A 66 1.05 13.53 12.09
N GLY A 67 2.11 13.75 11.30
CA GLY A 67 3.25 14.55 11.66
C GLY A 67 4.39 13.68 12.19
N ALA A 68 4.90 14.10 13.34
CA ALA A 68 5.81 13.38 14.21
C ALA A 68 4.93 12.58 15.16
N HIS A 69 4.78 11.28 14.89
CA HIS A 69 3.73 10.50 15.53
C HIS A 69 4.19 9.26 16.23
N GLY A 70 5.52 9.19 16.40
CA GLY A 70 6.18 7.93 16.64
C GLY A 70 6.85 7.40 15.37
N ASP A 71 7.77 6.45 15.38
CA ASP A 71 8.39 5.77 14.26
C ASP A 71 9.62 6.53 13.78
N PHE A 72 9.85 7.79 14.17
CA PHE A 72 11.02 8.61 13.88
C PHE A 72 10.99 9.31 12.54
N HIS A 73 10.39 8.86 11.42
CA HIS A 73 10.46 9.42 10.10
C HIS A 73 9.94 10.83 9.92
N ALA A 74 8.71 11.06 10.43
CA ALA A 74 7.86 12.22 10.43
C ALA A 74 7.27 12.41 9.04
N PHE A 75 5.93 12.42 9.00
CA PHE A 75 5.12 13.07 7.97
C PHE A 75 5.12 14.59 7.93
N ASP A 76 4.55 15.17 6.87
CA ASP A 76 4.94 16.45 6.33
C ASP A 76 3.78 17.44 6.24
N GLY A 77 2.57 17.04 6.64
CA GLY A 77 1.33 17.79 6.62
C GLY A 77 0.37 17.47 5.49
N LYS A 78 -0.67 18.25 5.22
CA LYS A 78 -1.54 17.99 4.09
C LYS A 78 -0.75 18.34 2.83
N GLY A 79 -0.58 17.44 1.87
CA GLY A 79 0.17 17.55 0.63
C GLY A 79 1.50 16.82 0.72
N GLY A 80 2.12 16.54 -0.44
CA GLY A 80 3.42 15.91 -0.46
C GLY A 80 3.35 14.39 -0.39
N ILE A 81 3.90 13.93 0.72
CA ILE A 81 4.07 12.53 1.06
C ILE A 81 2.77 12.03 1.69
N LEU A 82 2.30 10.83 1.36
CA LEU A 82 0.91 10.40 1.49
C LEU A 82 0.94 9.19 2.40
N ALA A 83 2.03 8.43 2.44
CA ALA A 83 2.20 7.16 3.13
C ALA A 83 3.68 6.96 3.42
N HIS A 84 3.98 6.38 4.58
CA HIS A 84 5.28 5.88 4.97
C HIS A 84 5.14 4.37 4.98
N ALA A 85 5.58 3.74 3.89
CA ALA A 85 5.81 2.31 3.79
C ALA A 85 7.25 2.07 4.19
N PHE A 86 7.34 1.03 5.01
CA PHE A 86 8.53 0.53 5.68
C PHE A 86 9.07 -0.57 4.76
N GLY A 87 9.93 -1.47 5.23
CA GLY A 87 10.49 -2.63 4.58
C GLY A 87 9.82 -3.91 5.07
N PRO A 88 9.96 -5.06 4.41
CA PRO A 88 9.30 -6.26 4.87
C PRO A 88 9.98 -6.85 6.09
N GLY A 89 9.26 -7.43 7.05
CA GLY A 89 9.74 -8.07 8.25
C GLY A 89 8.69 -7.83 9.34
N SER A 90 8.90 -8.36 10.54
CA SER A 90 7.99 -8.41 11.67
C SER A 90 8.17 -7.20 12.57
N GLY A 91 7.14 -6.64 13.20
CA GLY A 91 7.07 -5.53 14.14
C GLY A 91 6.54 -4.35 13.35
N ILE A 92 6.99 -3.19 13.83
CA ILE A 92 7.18 -1.99 13.03
C ILE A 92 8.06 -2.42 11.87
N GLY A 93 7.46 -2.46 10.68
CA GLY A 93 8.00 -3.12 9.51
C GLY A 93 6.85 -3.80 8.79
N GLY A 94 6.79 -3.70 7.44
CA GLY A 94 5.77 -4.33 6.64
C GLY A 94 4.50 -3.48 6.55
N ASP A 95 4.57 -2.25 7.07
CA ASP A 95 3.43 -1.41 7.44
C ASP A 95 3.33 -0.32 6.38
N ALA A 96 2.13 -0.24 5.82
CA ALA A 96 1.73 0.92 5.03
C ALA A 96 0.99 1.76 6.05
N HIS A 97 1.61 2.87 6.45
CA HIS A 97 1.01 3.84 7.37
C HIS A 97 0.57 5.03 6.53
N PHE A 98 -0.45 5.78 6.95
CA PHE A 98 -1.02 6.82 6.11
C PHE A 98 -0.94 8.17 6.82
N ASP A 99 -0.55 9.25 6.14
CA ASP A 99 -0.60 10.63 6.56
C ASP A 99 -2.03 11.15 6.52
N GLU A 100 -2.66 11.29 7.68
CA GLU A 100 -4.03 11.69 7.95
C GLU A 100 -4.25 13.19 7.82
N ASP A 101 -3.19 14.01 7.76
CA ASP A 101 -3.26 15.39 7.34
C ASP A 101 -3.70 15.59 5.89
N GLU A 102 -3.51 14.53 5.10
CA GLU A 102 -4.18 14.40 3.83
C GLU A 102 -5.70 14.48 3.84
N PHE A 103 -6.26 15.12 2.81
CA PHE A 103 -7.69 15.15 2.59
C PHE A 103 -8.05 14.07 1.58
N TRP A 104 -8.46 12.91 2.08
CA TRP A 104 -8.76 11.71 1.32
C TRP A 104 -10.17 11.80 0.79
N THR A 105 -10.31 11.49 -0.51
CA THR A 105 -11.46 11.58 -1.39
C THR A 105 -11.48 10.30 -2.20
N THR A 106 -12.54 10.19 -3.01
CA THR A 106 -12.61 9.39 -4.21
C THR A 106 -12.76 10.22 -5.47
N HIS A 107 -12.90 11.55 -5.44
CA HIS A 107 -12.77 12.48 -6.54
C HIS A 107 -11.49 12.31 -7.32
N SER A 108 -11.52 12.09 -8.65
CA SER A 108 -10.39 12.15 -9.56
C SER A 108 -9.45 13.34 -9.45
N GLY A 109 -9.86 14.55 -9.05
CA GLY A 109 -9.00 15.71 -8.87
C GLY A 109 -8.54 15.84 -7.43
N GLY A 110 -8.66 14.87 -6.52
CA GLY A 110 -8.10 15.03 -5.19
C GLY A 110 -7.12 13.88 -5.06
N THR A 111 -6.78 13.63 -3.78
CA THR A 111 -5.82 12.72 -3.21
C THR A 111 -6.64 11.49 -2.88
N ASN A 112 -6.21 10.32 -3.33
CA ASN A 112 -6.95 9.06 -3.36
C ASN A 112 -6.24 8.10 -2.44
N LEU A 113 -6.96 7.50 -1.49
CA LEU A 113 -6.43 6.44 -0.64
C LEU A 113 -5.98 5.17 -1.34
N PHE A 114 -6.74 4.75 -2.34
CA PHE A 114 -6.60 3.41 -2.86
C PHE A 114 -5.38 3.45 -3.80
N LEU A 115 -5.28 4.47 -4.63
CA LEU A 115 -4.07 4.66 -5.42
C LEU A 115 -2.84 4.89 -4.55
N THR A 116 -2.86 5.30 -3.29
CA THR A 116 -1.67 5.35 -2.46
C THR A 116 -1.52 3.94 -1.92
N ALA A 117 -2.61 3.29 -1.48
CA ALA A 117 -2.49 2.02 -0.80
C ALA A 117 -1.83 0.92 -1.61
N VAL A 118 -2.17 0.77 -2.90
CA VAL A 118 -1.61 -0.11 -3.92
C VAL A 118 -0.10 -0.15 -3.98
N HIS A 119 0.56 1.00 -4.03
CA HIS A 119 2.01 1.06 -4.05
C HIS A 119 2.62 0.74 -2.70
N ALA A 120 1.98 1.18 -1.61
CA ALA A 120 2.49 1.03 -0.27
C ALA A 120 2.59 -0.42 0.17
N ILE A 121 1.65 -1.27 -0.23
CA ILE A 121 1.65 -2.71 -0.11
C ILE A 121 2.85 -3.28 -0.84
N GLY A 122 3.21 -2.75 -2.01
CA GLY A 122 4.28 -3.14 -2.91
C GLY A 122 5.62 -2.78 -2.25
N HIS A 123 5.78 -1.58 -1.67
CA HIS A 123 7.00 -1.16 -1.00
C HIS A 123 7.22 -2.00 0.24
N SER A 124 6.18 -2.33 1.01
CA SER A 124 6.17 -3.17 2.19
C SER A 124 6.46 -4.65 1.95
N LEU A 125 6.12 -5.13 0.75
CA LEU A 125 6.43 -6.45 0.28
C LEU A 125 7.86 -6.48 -0.24
N GLY A 126 8.49 -5.36 -0.56
CA GLY A 126 9.90 -5.38 -0.85
C GLY A 126 10.17 -5.20 -2.35
N LEU A 127 9.36 -4.38 -3.03
CA LEU A 127 9.56 -3.85 -4.36
C LEU A 127 10.05 -2.42 -4.16
N GLY A 128 10.43 -1.74 -5.25
CA GLY A 128 10.68 -0.32 -5.26
C GLY A 128 9.72 0.31 -6.28
N HIS A 129 10.23 0.62 -7.47
CA HIS A 129 9.68 1.33 -8.61
C HIS A 129 9.87 0.60 -9.93
N SER A 130 8.97 0.89 -10.87
CA SER A 130 9.01 0.59 -12.29
C SER A 130 9.45 1.84 -13.02
N SER A 131 10.02 1.77 -14.23
CA SER A 131 10.35 2.86 -15.13
C SER A 131 9.63 2.58 -16.45
N ASP A 132 8.57 1.77 -16.51
CA ASP A 132 7.61 1.68 -17.59
C ASP A 132 6.41 2.58 -17.31
N PRO A 133 6.02 3.45 -18.25
CA PRO A 133 5.13 4.56 -17.95
C PRO A 133 3.65 4.26 -17.74
N LYS A 134 3.11 3.10 -18.11
CA LYS A 134 1.73 2.73 -17.92
C LYS A 134 1.55 1.85 -16.68
N ALA A 135 2.58 1.73 -15.84
CA ALA A 135 2.62 0.88 -14.68
C ALA A 135 2.27 1.69 -13.43
N VAL A 136 1.73 1.01 -12.41
CA VAL A 136 1.36 1.56 -11.14
C VAL A 136 2.58 1.95 -10.29
N MET A 137 3.75 1.34 -10.44
CA MET A 137 4.92 1.73 -9.69
C MET A 137 5.89 2.62 -10.45
N PHE A 138 5.44 3.18 -11.57
CA PHE A 138 6.22 4.23 -12.19
C PHE A 138 6.24 5.48 -11.32
N PRO A 139 7.31 6.24 -11.17
CA PRO A 139 7.46 7.32 -10.22
C PRO A 139 6.69 8.61 -10.42
N THR A 140 5.81 8.64 -11.42
CA THR A 140 4.86 9.70 -11.71
C THR A 140 3.46 9.11 -11.55
N TYR A 141 2.59 9.88 -10.89
CA TYR A 141 1.22 9.48 -10.66
C TYR A 141 0.36 9.82 -11.87
N LYS A 142 -0.67 9.04 -12.12
CA LYS A 142 -1.71 9.25 -13.11
C LYS A 142 -2.96 8.51 -12.67
N TYR A 143 -4.06 9.24 -12.48
CA TYR A 143 -5.30 8.79 -11.91
C TYR A 143 -5.97 7.77 -12.82
N VAL A 144 -6.63 6.76 -12.24
CA VAL A 144 -7.45 5.77 -12.91
C VAL A 144 -8.60 5.43 -11.97
N ASP A 145 -9.80 5.07 -12.43
CA ASP A 145 -10.94 4.63 -11.65
C ASP A 145 -10.65 3.34 -10.90
N ILE A 146 -11.20 3.22 -9.68
CA ILE A 146 -11.05 1.99 -8.94
C ILE A 146 -11.61 0.70 -9.54
N ASN A 147 -12.65 0.79 -10.37
CA ASN A 147 -13.38 -0.36 -10.86
C ASN A 147 -12.69 -0.91 -12.11
N THR A 148 -11.98 -0.08 -12.88
CA THR A 148 -11.33 -0.45 -14.11
C THR A 148 -9.81 -0.34 -14.11
N PHE A 149 -9.20 -0.20 -12.93
CA PHE A 149 -7.77 -0.21 -12.70
C PHE A 149 -7.15 -1.57 -12.99
N ARG A 150 -5.94 -1.46 -13.53
CA ARG A 150 -5.14 -2.62 -13.85
C ARG A 150 -3.77 -2.47 -13.19
N LEU A 151 -3.11 -3.51 -12.68
CA LEU A 151 -1.73 -3.52 -12.25
C LEU A 151 -1.06 -4.02 -13.52
N SER A 152 0.05 -3.42 -13.92
CA SER A 152 0.52 -3.45 -15.31
C SER A 152 1.44 -4.66 -15.48
N ALA A 153 1.94 -4.80 -16.70
CA ALA A 153 2.87 -5.81 -17.19
C ALA A 153 4.16 -5.70 -16.40
N ASP A 154 4.73 -4.49 -16.30
CA ASP A 154 6.04 -4.37 -15.70
C ASP A 154 5.97 -4.47 -14.17
N ASP A 155 4.81 -4.14 -13.61
CA ASP A 155 4.51 -4.14 -12.19
C ASP A 155 4.34 -5.59 -11.77
N ILE A 156 3.61 -6.35 -12.60
CA ILE A 156 3.33 -7.77 -12.54
C ILE A 156 4.66 -8.50 -12.66
N ARG A 157 5.62 -7.99 -13.44
CA ARG A 157 6.92 -8.57 -13.72
C ARG A 157 7.82 -8.40 -12.49
N GLY A 158 7.39 -7.54 -11.57
CA GLY A 158 7.99 -7.28 -10.27
C GLY A 158 7.67 -8.23 -9.13
N ILE A 159 6.38 -8.38 -8.80
CA ILE A 159 5.87 -9.21 -7.73
C ILE A 159 6.09 -10.68 -8.07
N GLN A 160 6.09 -11.10 -9.35
CA GLN A 160 6.39 -12.47 -9.67
C GLN A 160 7.85 -12.92 -9.56
N SER A 161 8.76 -11.96 -9.61
CA SER A 161 10.17 -12.01 -9.26
C SER A 161 10.46 -12.02 -7.77
N LEU A 162 9.51 -11.84 -6.86
CA LEU A 162 9.70 -11.90 -5.42
C LEU A 162 8.69 -12.87 -4.81
N TYR A 163 7.49 -13.14 -5.32
CA TYR A 163 6.42 -13.89 -4.69
C TYR A 163 5.68 -14.80 -5.66
N GLY A 164 6.20 -15.02 -6.87
CA GLY A 164 5.77 -15.99 -7.87
C GLY A 164 6.76 -17.12 -8.06
ZN ZN B . 4.15 5.34 -6.43
ZN ZN C . 5.84 7.06 10.34
CA CA D . 1.54 14.71 3.36
CA CA E . 4.04 -4.74 10.82
CA CA F . -7.68 13.83 6.76
O1 PX4 G . 4.83 18.18 21.24
O2 PX4 G . 3.67 20.51 21.33
P1 PX4 G . 4.85 19.65 21.11
O3 PX4 G . 5.44 20.09 19.68
C1 PX4 G . 5.23 21.50 19.61
C2 PX4 G . 5.71 21.92 18.22
N1 PX4 G . 5.61 23.35 17.91
C3 PX4 G . 6.20 23.60 16.58
C4 PX4 G . 4.22 23.80 17.73
C5 PX4 G . 6.30 24.25 18.84
O4 PX4 G . 5.99 20.22 22.10
C6 PX4 G . 5.61 19.93 23.44
C7 PX4 G . 6.82 19.50 24.27
C8 PX4 G . 7.29 20.86 24.78
O5 PX4 G . 6.21 21.71 25.19
C9 PX4 G . 6.57 22.71 26.04
O6 PX4 G . 7.77 22.92 26.25
C10 PX4 G . 5.43 23.48 26.70
C11 PX4 G . 5.91 23.95 28.08
C12 PX4 G . 4.76 24.37 28.98
C13 PX4 G . 5.35 25.23 30.11
C14 PX4 G . 6.04 26.54 29.71
C15 PX4 G . 6.43 27.48 30.86
C16 PX4 G . 7.56 28.46 30.53
C17 PX4 G . 8.83 27.62 30.35
C18 PX4 G . 9.92 28.65 30.03
C19 PX4 G . 10.06 29.64 31.19
C20 PX4 G . 11.12 30.64 30.74
C21 PX4 G . 11.40 31.70 31.81
C22 PX4 G . 12.28 31.05 32.89
O7 PX4 G . 6.47 18.47 25.21
C23 PX4 G . 6.74 17.18 24.83
O8 PX4 G . 7.18 16.87 23.72
C24 PX4 G . 6.29 16.14 25.85
C25 PX4 G . 6.45 16.60 27.32
C26 PX4 G . 6.02 15.54 28.34
C27 PX4 G . 4.55 15.20 28.06
C28 PX4 G . 4.18 14.21 29.18
C29 PX4 G . 2.80 13.57 29.18
C30 PX4 G . 1.73 14.65 29.46
C31 PX4 G . 0.36 14.01 29.42
C32 PX4 G . -0.78 15.02 29.62
C33 PX4 G . -1.20 15.59 28.26
C34 PX4 G . -2.50 16.37 28.53
C35 PX4 G . -2.33 17.45 29.60
C36 PX4 G . -3.66 18.18 29.67
O1 PX4 H . 10.24 11.19 17.10
O2 PX4 H . 7.90 10.58 16.10
P1 PX4 H . 8.95 10.44 17.13
O3 PX4 H . 8.34 10.67 18.61
C1 PX4 H . 7.94 12.04 18.62
C2 PX4 H . 7.20 12.32 19.91
N1 PX4 H . 5.85 11.73 20.00
C3 PX4 H . 5.02 12.31 18.94
C4 PX4 H . 5.75 10.27 19.79
C5 PX4 H . 5.36 12.16 21.32
O4 PX4 H . 9.39 8.89 17.10
C6 PX4 H . 10.14 8.83 18.32
C7 PX4 H . 10.35 7.37 18.72
C8 PX4 H . 11.73 7.34 19.38
O5 PX4 H . 12.10 8.55 20.06
C9 PX4 H . 13.40 8.75 20.40
O6 PX4 H . 14.31 8.24 19.74
C10 PX4 H . 13.74 9.72 21.55
C11 PX4 H . 13.31 8.94 22.80
C12 PX4 H . 13.38 9.71 24.12
C13 PX4 H . 13.35 8.76 25.33
C14 PX4 H . 13.19 9.39 26.71
C15 PX4 H . 13.69 8.44 27.80
C16 PX4 H . 13.37 9.01 29.18
C17 PX4 H . 14.06 10.37 29.27
C18 PX4 H . 13.84 11.10 30.60
C19 PX4 H . 14.31 10.23 31.78
C20 PX4 H . 14.18 10.91 33.14
C21 PX4 H . 15.12 10.11 34.05
C22 PX4 H . 15.37 10.95 35.30
O7 PX4 H . 9.37 6.64 19.46
C23 PX4 H . 8.63 5.73 18.79
O8 PX4 H . 8.76 5.56 17.58
C24 PX4 H . 7.60 4.88 19.55
C25 PX4 H . 8.38 4.12 20.64
C26 PX4 H . 7.61 2.90 21.16
C27 PX4 H . 8.24 2.32 22.43
C28 PX4 H . 9.50 1.46 22.22
C29 PX4 H . 10.08 0.96 23.53
C30 PX4 H . 11.30 0.06 23.34
C31 PX4 H . 11.67 -0.72 24.60
C32 PX4 H . 12.67 -1.85 24.33
C33 PX4 H . 12.06 -3.07 23.63
C34 PX4 H . 13.22 -4.04 23.48
C35 PX4 H . 12.82 -5.43 23.01
C36 PX4 H . 12.40 -6.29 24.20
O1 PX4 I . 19.51 -2.21 22.37
O2 PX4 I . 18.35 -1.80 20.11
P1 PX4 I . 19.56 -1.74 20.97
O3 PX4 I . 20.72 -2.57 20.21
C1 PX4 I . 20.57 -2.19 18.85
C2 PX4 I . 21.89 -2.51 18.15
N1 PX4 I . 23.20 -2.03 18.61
C3 PX4 I . 23.29 -0.56 18.64
C4 PX4 I . 23.67 -2.61 19.87
C5 PX4 I . 24.16 -2.62 17.65
O4 PX4 I . 20.37 -0.37 20.84
C6 PX4 I . 20.85 0.10 22.09
C7 PX4 I . 22.05 1.03 21.94
C8 PX4 I . 21.62 2.44 22.35
O5 PX4 I . 20.57 2.33 23.31
C9 PX4 I . 20.02 3.50 23.72
O6 PX4 I . 20.53 4.57 23.39
C10 PX4 I . 18.65 3.49 24.39
C11 PX4 I . 18.61 3.95 25.85
C12 PX4 I . 19.22 2.96 26.84
C13 PX4 I . 19.09 3.62 28.20
C14 PX4 I . 19.16 2.48 29.22
C15 PX4 I . 17.96 1.53 29.25
C16 PX4 I . 18.20 0.33 30.17
C17 PX4 I . 19.58 -0.31 29.97
C18 PX4 I . 19.87 -1.36 31.03
C19 PX4 I . 21.17 -2.11 30.68
C20 PX4 I . 22.37 -1.18 30.54
C21 PX4 I . 23.72 -1.91 30.57
C22 PX4 I . 24.87 -1.00 31.02
O7 PX4 I . 23.23 0.55 22.58
C23 PX4 I . 24.44 1.12 22.30
O8 PX4 I . 24.52 2.14 21.63
C24 PX4 I . 25.49 0.63 23.28
C25 PX4 I . 26.91 1.19 23.10
C26 PX4 I . 27.91 0.63 24.12
C27 PX4 I . 27.30 0.77 25.52
C28 PX4 I . 28.20 0.27 26.65
C29 PX4 I . 27.55 0.35 28.02
C30 PX4 I . 28.70 0.72 28.98
C31 PX4 I . 28.31 0.46 30.44
C32 PX4 I . 29.44 0.58 31.46
C33 PX4 I . 29.24 -0.41 32.61
C34 PX4 I . 30.34 -0.33 33.67
C35 PX4 I . 30.34 0.97 34.50
C36 PX4 I . 31.35 0.91 35.65
O1 PX4 J . 31.06 15.11 14.06
O2 PX4 J . 33.49 15.61 13.22
P1 PX4 J . 32.47 14.72 13.79
O3 PX4 J . 32.24 13.63 12.62
C1 PX4 J . 33.52 13.18 12.17
C2 PX4 J . 33.36 12.00 11.21
N1 PX4 J . 33.18 10.67 11.79
C3 PX4 J . 33.12 9.75 10.64
C4 PX4 J . 34.27 10.29 12.69
C5 PX4 J . 31.91 10.65 12.51
O4 PX4 J . 32.91 13.60 14.86
C6 PX4 J . 31.87 13.52 15.84
C7 PX4 J . 32.15 12.78 17.16
C8 PX4 J . 33.66 12.67 17.08
O5 PX4 J . 34.13 11.76 18.07
C9 PX4 J . 35.49 11.68 18.15
O6 PX4 J . 36.20 12.38 17.42
C10 PX4 J . 36.18 10.66 19.05
C11 PX4 J . 35.38 10.40 20.32
C12 PX4 J . 36.35 9.88 21.38
C13 PX4 J . 35.62 9.39 22.65
C14 PX4 J . 36.64 8.93 23.70
C15 PX4 J . 35.96 8.64 25.03
C16 PX4 J . 34.93 7.53 24.89
C17 PX4 J . 34.24 7.18 26.22
C18 PX4 J . 33.70 5.74 26.26
C19 PX4 J . 33.15 5.41 27.64
C20 PX4 J . 32.72 3.92 27.60
C21 PX4 J . 32.25 3.77 29.05
C22 PX4 J . 32.22 2.24 29.23
O7 PX4 J . 31.74 13.56 18.29
C23 PX4 J . 30.65 13.10 18.96
O8 PX4 J . 29.65 12.78 18.32
C24 PX4 J . 30.55 13.68 20.38
C25 PX4 J . 29.38 14.60 20.76
C26 PX4 J . 29.94 15.77 21.59
C27 PX4 J . 28.70 16.67 21.73
C28 PX4 J . 27.59 16.18 22.67
C29 PX4 J . 28.04 16.29 24.13
C30 PX4 J . 27.85 17.69 24.71
C31 PX4 J . 28.08 17.59 26.22
C32 PX4 J . 27.84 19.01 26.75
C33 PX4 J . 28.03 19.16 28.26
C34 PX4 J . 27.64 20.52 28.84
C35 PX4 J . 27.79 20.42 30.37
C36 PX4 J . 28.81 21.46 30.80
O1 PX4 K . 27.32 -11.02 21.13
O2 PX4 K . 24.71 -10.87 21.28
P1 PX4 K . 26.06 -10.47 21.70
O3 PX4 K . 26.10 -9.00 21.05
C1 PX4 K . 25.95 -9.20 19.65
C2 PX4 K . 25.87 -7.90 18.85
N1 PX4 K . 25.18 -7.92 17.55
C3 PX4 K . 25.98 -8.32 16.39
C4 PX4 K . 23.94 -8.70 17.42
C5 PX4 K . 24.81 -6.53 17.19
O4 PX4 K . 26.23 -9.94 23.21
C6 PX4 K . 25.04 -9.18 23.48
C7 PX4 K . 24.95 -8.66 24.92
C8 PX4 K . 26.36 -8.73 25.48
O5 PX4 K . 26.66 -10.01 26.06
C9 PX4 K . 27.97 -10.24 26.34
O6 PX4 K . 28.82 -9.39 26.11
C10 PX4 K . 28.32 -11.53 27.07
C11 PX4 K . 27.37 -11.51 28.27
C12 PX4 K . 27.84 -12.51 29.34
C13 PX4 K . 27.08 -12.30 30.66
C14 PX4 K . 25.60 -12.63 30.60
C15 PX4 K . 24.84 -12.21 31.87
C16 PX4 K . 23.90 -11.04 31.54
C17 PX4 K . 23.37 -10.39 32.84
C18 PX4 K . 22.57 -9.12 32.54
C19 PX4 K . 22.27 -8.31 33.80
C20 PX4 K . 21.43 -7.15 33.26
C21 PX4 K . 21.14 -6.06 34.31
C22 PX4 K . 20.68 -4.79 33.58
O7 PX4 K . 24.48 -7.31 24.99
C23 PX4 K . 23.18 -6.99 24.79
O8 PX4 K . 22.29 -7.79 24.52
C24 PX4 K . 22.96 -5.48 24.57
C25 PX4 K . 22.32 -4.76 25.77
C26 PX4 K . 22.38 -3.24 25.55
C27 PX4 K . 21.67 -2.63 26.76
C28 PX4 K . 21.32 -1.15 26.54
C29 PX4 K . 22.58 -0.29 26.54
C30 PX4 K . 22.48 1.23 26.40
C31 PX4 K . 23.89 1.78 26.25
C32 PX4 K . 23.68 3.29 26.05
C33 PX4 K . 23.06 3.95 27.29
C34 PX4 K . 23.04 5.47 27.17
C35 PX4 K . 22.75 6.11 28.53
C36 PX4 K . 22.97 7.61 28.28
O1 PX4 L . 28.65 -0.79 17.66
O2 PX4 L . 26.44 0.37 17.17
P1 PX4 L . 27.39 -0.19 18.15
O3 PX4 L . 27.78 1.04 19.12
C1 PX4 L . 28.80 1.69 18.34
C2 PX4 L . 29.29 2.91 19.14
N1 PX4 L . 28.49 4.15 19.19
C3 PX4 L . 29.12 5.30 19.83
C4 PX4 L . 28.17 4.52 17.80
C5 PX4 L . 27.20 3.86 19.84
O4 PX4 L . 26.57 -1.04 19.25
C6 PX4 L . 27.56 -1.29 20.26
C7 PX4 L . 27.28 -2.69 20.81
C8 PX4 L . 28.61 -3.44 20.72
O5 PX4 L . 29.70 -2.77 21.36
C9 PX4 L . 30.72 -3.54 21.82
O6 PX4 L . 30.56 -4.76 21.94
C10 PX4 L . 31.85 -2.78 22.52
C11 PX4 L . 31.31 -2.24 23.84
C12 PX4 L . 32.25 -1.28 24.58
C13 PX4 L . 31.77 -0.91 25.99
C14 PX4 L . 32.99 -0.33 26.74
C15 PX4 L . 34.20 -1.25 26.65
C16 PX4 L . 35.34 -0.73 27.54
C17 PX4 L . 36.61 -1.55 27.44
C18 PX4 L . 37.76 -0.84 28.17
C19 PX4 L . 39.03 -1.57 27.76
C20 PX4 L . 39.29 -1.35 26.27
C21 PX4 L . 40.79 -1.55 25.99
C22 PX4 L . 41.09 -1.80 24.51
O7 PX4 L . 26.64 -2.52 22.10
C23 PX4 L . 26.17 -3.50 22.91
O8 PX4 L . 25.97 -4.65 22.49
C24 PX4 L . 25.97 -3.13 24.37
C25 PX4 L . 27.33 -3.07 25.07
C26 PX4 L . 27.92 -4.46 25.28
C27 PX4 L . 29.23 -4.46 26.05
C28 PX4 L . 29.05 -3.79 27.41
C29 PX4 L . 30.38 -3.50 28.13
C30 PX4 L . 30.13 -2.71 29.41
C31 PX4 L . 31.45 -2.00 29.75
C32 PX4 L . 32.40 -3.14 30.12
C33 PX4 L . 33.85 -2.69 30.31
C34 PX4 L . 33.78 -1.42 31.16
C35 PX4 L . 35.24 -1.05 31.47
C36 PX4 L . 35.82 -2.02 32.51
O1 PX4 M . -14.97 26.86 14.56
O2 PX4 M . -16.99 28.07 13.62
P1 PX4 M . -15.85 28.05 14.53
O3 PX4 M . -14.89 29.12 13.82
C1 PX4 M . -14.60 28.91 12.44
C2 PX4 M . -13.62 29.92 11.80
N1 PX4 M . -12.27 30.14 12.34
C3 PX4 M . -12.35 30.84 13.63
C4 PX4 M . -11.54 28.89 12.63
C5 PX4 M . -11.48 31.03 11.48
O4 PX4 M . -15.96 28.87 15.92
C6 PX4 M . -17.00 29.83 15.79
C7 PX4 M . -17.39 30.61 17.05
C8 PX4 M . -16.31 30.24 18.08
O5 PX4 M . -16.75 30.31 19.44
C9 PX4 M . -15.83 29.78 20.31
O6 PX4 M . -14.78 29.32 19.89
C10 PX4 M . -16.27 29.72 21.77
C11 PX4 M . -17.29 28.62 22.06
C12 PX4 M . -17.76 28.57 23.51
C13 PX4 M . -18.68 27.36 23.56
C14 PX4 M . -19.39 27.39 24.92
C15 PX4 M . -20.36 26.21 25.02
C16 PX4 M . -20.93 26.18 26.44
C17 PX4 M . -21.39 24.83 26.98
C18 PX4 M . -21.82 24.95 28.44
C19 PX4 M . -22.21 23.58 29.02
C20 PX4 M . -21.24 22.41 28.79
C21 PX4 M . -20.31 22.25 29.99
C22 PX4 M . -19.39 21.06 29.68
O7 PX4 M . -17.69 31.99 16.84
C23 PX4 M . -18.93 32.46 16.59
O8 PX4 M . -19.70 31.68 16.01
C24 PX4 M . -19.13 33.98 16.61
C25 PX4 M . -19.51 34.63 17.95
C26 PX4 M . -19.21 36.12 17.78
C27 PX4 M . -19.54 36.75 19.14
C28 PX4 M . -20.95 36.58 19.72
C29 PX4 M . -21.03 37.31 21.06
C30 PX4 M . -22.35 37.13 21.81
C31 PX4 M . -22.31 38.32 22.77
C32 PX4 M . -23.51 38.46 23.72
C33 PX4 M . -23.54 39.85 24.34
C34 PX4 M . -23.91 40.80 23.19
C35 PX4 M . -25.42 40.99 23.12
C36 PX4 M . -25.93 41.56 24.44
O1 PX4 N . -0.65 30.97 18.67
O2 PX4 N . -1.38 28.70 17.55
P1 PX4 N . -1.51 29.77 18.57
O3 PX4 N . -2.92 30.40 18.14
C1 PX4 N . -2.57 31.31 17.08
C2 PX4 N . -3.73 31.88 16.27
N1 PX4 N . -4.76 32.62 17.02
C3 PX4 N . -5.61 33.37 16.08
C4 PX4 N . -5.73 31.81 17.78
C5 PX4 N . -4.18 33.62 17.90
O4 PX4 N . -1.97 29.26 20.02
C6 PX4 N . -1.80 30.27 21.04
C7 PX4 N . -2.98 30.63 21.93
C8 PX4 N . -3.89 29.42 22.00
O5 PX4 N . -5.12 29.42 21.26
C9 PX4 N . -5.79 28.26 21.11
O6 PX4 N . -5.27 27.23 21.56
C10 PX4 N . -7.22 28.23 20.56
C11 PX4 N . -8.29 28.36 21.65
C12 PX4 N . -8.11 27.26 22.69
C13 PX4 N . -9.41 27.35 23.49
C14 PX4 N . -9.48 26.40 24.70
C15 PX4 N . -8.53 26.97 25.75
C16 PX4 N . -8.42 26.05 26.96
C17 PX4 N . -7.80 26.79 28.14
C18 PX4 N . -7.86 25.83 29.33
C19 PX4 N . -7.22 24.49 28.94
C20 PX4 N . -7.33 23.37 29.97
C21 PX4 N . -6.38 22.18 29.79
C22 PX4 N . -6.33 21.33 31.06
O7 PX4 N . -2.66 30.97 23.28
C23 PX4 N . -2.11 32.14 23.68
O8 PX4 N . -1.78 33.04 22.90
C24 PX4 N . -2.06 32.39 25.19
C25 PX4 N . -1.34 31.32 26.02
C26 PX4 N . -1.50 31.55 27.52
C27 PX4 N . -1.27 30.26 28.31
C28 PX4 N . -0.81 30.52 29.74
C29 PX4 N . -1.49 31.66 30.51
C30 PX4 N . -1.05 31.59 31.96
C31 PX4 N . -1.91 32.59 32.77
C32 PX4 N . -1.61 32.20 34.20
C33 PX4 N . -2.03 30.76 34.55
C34 PX4 N . -1.56 30.36 35.96
C35 PX4 N . -0.12 29.93 35.71
C36 PX4 N . 0.14 28.59 34.99
O1 PX4 O . 12.06 0.59 14.19
O2 PX4 O . 14.12 0.04 15.60
P1 PX4 O . 12.66 -0.07 15.37
O3 PX4 O . 12.21 -1.59 15.08
C1 PX4 O . 12.69 -1.77 13.75
C2 PX4 O . 12.27 -3.12 13.14
N1 PX4 O . 12.67 -3.51 11.78
C3 PX4 O . 12.04 -2.68 10.76
C4 PX4 O . 14.14 -3.61 11.66
C5 PX4 O . 12.24 -4.90 11.63
O4 PX4 O . 11.80 0.18 16.70
C6 PX4 O . 11.88 1.59 16.88
C7 PX4 O . 11.05 2.11 18.05
C8 PX4 O . 9.84 1.22 18.27
O5 PX4 O . 8.61 1.73 17.73
C9 PX4 O . 7.43 1.08 17.83
O6 PX4 O . 7.43 -0.03 18.37
C10 PX4 O . 6.11 1.75 17.44
C11 PX4 O . 6.32 2.86 16.43
C12 PX4 O . 5.23 3.93 16.27
C13 PX4 O . 4.13 3.50 15.31
C14 PX4 O . 3.07 4.58 15.13
C15 PX4 O . 1.87 4.58 16.07
C16 PX4 O . 1.02 3.34 15.79
C17 PX4 O . -0.31 3.36 16.54
C18 PX4 O . 0.08 3.64 17.99
C19 PX4 O . -1.04 3.69 19.04
C20 PX4 O . -0.62 4.02 20.48
C21 PX4 O . -1.91 4.03 21.30
C22 PX4 O . -1.58 4.18 22.78
O7 PX4 O . 11.70 2.35 19.30
C23 PX4 O . 12.28 3.56 19.48
O8 PX4 O . 12.38 4.33 18.52
C24 PX4 O . 13.19 3.57 20.71
C25 PX4 O . 12.74 4.71 21.62
C26 PX4 O . 13.54 4.72 22.94
C27 PX4 O . 13.30 3.41 23.67
C28 PX4 O . 14.15 3.38 24.95
C29 PX4 O . 14.13 2.12 25.81
C30 PX4 O . 15.13 2.23 26.98
C31 PX4 O . 14.32 1.96 28.24
C32 PX4 O . 13.64 0.59 28.16
C33 PX4 O . 12.71 0.30 29.34
C34 PX4 O . 12.30 -1.15 29.08
C35 PX4 O . 11.57 -1.83 30.24
C36 PX4 O . 12.54 -2.05 31.40
O1 PX4 P . 19.90 12.31 17.09
O2 PX4 P . 22.30 11.78 16.45
P1 PX4 P . 21.09 11.46 17.23
O3 PX4 P . 20.66 9.91 17.11
C1 PX4 P . 21.75 9.06 17.50
C2 PX4 P . 21.39 7.66 18.01
N1 PX4 P . 20.82 7.62 19.37
C3 PX4 P . 21.50 8.40 20.42
C4 PX4 P . 19.46 8.16 19.37
C5 PX4 P . 20.58 6.26 19.85
O4 PX4 P . 21.41 11.36 18.80
C6 PX4 P . 21.65 12.69 19.26
C7 PX4 P . 21.68 13.02 20.75
C8 PX4 P . 21.04 11.77 21.37
O5 PX4 P . 19.85 12.10 22.12
C9 PX4 P . 19.15 11.05 22.61
O6 PX4 P . 19.48 9.88 22.51
C10 PX4 P . 17.81 11.47 23.26
C11 PX4 P . 17.95 12.15 24.60
C12 PX4 P . 16.55 12.24 25.25
C13 PX4 P . 16.61 13.24 26.40
C14 PX4 P . 15.31 13.03 27.17
C15 PX4 P . 15.20 14.18 28.17
C16 PX4 P . 15.10 15.57 27.53
C17 PX4 P . 15.17 16.64 28.61
C18 PX4 P . 14.91 18.03 28.02
C19 PX4 P . 14.85 19.11 29.11
C20 PX4 P . 14.17 20.37 28.56
C21 PX4 P . 14.16 21.51 29.57
C22 PX4 P . 12.81 22.21 29.54
O7 PX4 P . 22.83 13.65 21.31
C23 PX4 P . 22.52 14.96 21.56
O8 PX4 P . 21.54 15.48 21.04
C24 PX4 P . 23.55 15.75 22.37
C25 PX4 P . 23.73 15.38 23.85
C26 PX4 P . 22.53 15.82 24.70
C27 PX4 P . 22.80 15.35 26.14
C28 PX4 P . 23.69 16.32 26.92
C29 PX4 P . 22.93 17.60 27.26
C30 PX4 P . 23.67 18.53 28.21
C31 PX4 P . 22.80 19.77 28.47
C32 PX4 P . 23.52 20.77 29.38
C33 PX4 P . 23.64 20.32 30.83
C34 PX4 P . 24.19 21.48 31.65
C35 PX4 P . 23.41 22.75 31.34
C36 PX4 P . 23.83 23.82 32.36
O1 PX4 Q . 26.76 7.74 19.11
O2 PX4 Q . 24.71 6.25 18.97
P1 PX4 Q . 25.30 7.55 19.34
O3 PX4 Q . 24.87 8.60 18.19
C1 PX4 Q . 25.74 8.55 17.07
C2 PX4 Q . 25.51 9.60 15.99
N1 PX4 Q . 26.09 10.95 16.10
C3 PX4 Q . 25.77 11.62 17.38
C4 PX4 Q . 27.56 10.88 16.02
C5 PX4 Q . 25.58 11.75 14.99
O4 PX4 Q . 24.67 8.41 20.54
C6 PX4 Q . 25.70 9.30 20.95
C7 PX4 Q . 25.47 9.92 22.33
C8 PX4 Q . 24.40 9.11 23.07
O5 PX4 Q . 23.31 9.83 23.62
C9 PX4 Q . 22.63 9.24 24.63
O6 PX4 Q . 22.73 8.04 24.86
C10 PX4 Q . 21.61 10.08 25.40
C11 PX4 Q . 21.90 11.58 25.41
C12 PX4 Q . 23.07 11.92 26.33
C13 PX4 Q . 23.04 11.16 27.66
C14 PX4 Q . 23.99 11.79 28.71
C15 PX4 Q . 23.28 12.03 30.03
C16 PX4 Q . 24.18 12.90 30.92
C17 PX4 Q . 24.03 12.65 32.42
C18 PX4 Q . 25.11 13.39 33.20
C19 PX4 Q . 25.24 12.84 34.63
C20 PX4 Q . 26.09 13.81 35.45
C21 PX4 Q . 26.17 13.46 36.95
C22 PX4 Q . 26.84 14.59 37.75
O7 PX4 Q . 26.67 10.11 23.10
C23 PX4 Q . 27.36 11.27 22.95
O8 PX4 Q . 27.31 11.94 21.91
C24 PX4 Q . 28.07 11.67 24.23
C25 PX4 Q . 27.10 12.52 25.04
C26 PX4 Q . 27.76 12.76 26.40
C27 PX4 Q . 26.90 13.67 27.25
C28 PX4 Q . 27.61 14.11 28.54
C29 PX4 Q . 26.67 15.12 29.19
C30 PX4 Q . 27.36 15.80 30.39
C31 PX4 Q . 26.33 16.57 31.21
C32 PX4 Q . 27.02 17.26 32.40
C33 PX4 Q . 25.95 18.01 33.20
C34 PX4 Q . 26.72 18.34 34.49
C35 PX4 Q . 25.70 18.76 35.55
C36 PX4 Q . 26.54 19.25 36.73
O1 PX4 R . 6.94 -28.81 17.12
O2 PX4 R . 4.66 -29.90 17.54
P1 PX4 R . 5.54 -28.72 17.61
O3 PX4 R . 4.80 -27.43 16.98
C1 PX4 R . 5.33 -27.12 15.68
C2 PX4 R . 4.42 -26.08 15.01
N1 PX4 R . 4.78 -24.66 15.03
C3 PX4 R . 3.73 -24.15 14.13
C4 PX4 R . 4.57 -24.01 16.32
C5 PX4 R . 6.13 -24.30 14.54
O4 PX4 R . 5.52 -28.37 19.18
C6 PX4 R . 6.25 -29.38 19.88
C7 PX4 R . 6.89 -28.93 21.19
C8 PX4 R . 5.70 -28.36 21.97
O5 PX4 R . 6.02 -27.20 22.76
C9 PX4 R . 4.99 -26.86 23.59
O6 PX4 R . 3.87 -27.24 23.31
C10 PX4 R . 5.29 -25.96 24.81
C11 PX4 R . 6.31 -26.63 25.71
C12 PX4 R . 6.29 -25.70 26.92
C13 PX4 R . 6.77 -24.26 26.76
C14 PX4 R . 7.01 -23.68 28.15
C15 PX4 R . 7.65 -22.29 28.10
C16 PX4 R . 7.96 -21.62 29.44
C17 PX4 R . 9.15 -22.18 30.20
C18 PX4 R . 9.23 -21.54 31.60
C19 PX4 R . 9.92 -22.50 32.58
C20 PX4 R . 10.19 -21.84 33.95
C21 PX4 R . 9.05 -22.08 34.93
C22 PX4 R . 9.19 -21.34 36.26
O7 PX4 R . 7.53 -30.01 21.90
C23 PX4 R . 8.78 -30.33 21.48
O8 PX4 R . 9.23 -29.76 20.48
C24 PX4 R . 9.41 -31.50 22.23
C25 PX4 R . 9.76 -31.25 23.69
C26 PX4 R . 10.66 -30.04 23.99
C27 PX4 R . 11.04 -30.03 25.48
C28 PX4 R . 11.89 -28.79 25.79
C29 PX4 R . 12.29 -29.02 27.25
C30 PX4 R . 13.21 -30.24 27.42
C31 PX4 R . 13.65 -30.48 28.86
C32 PX4 R . 14.15 -29.17 29.46
C33 PX4 R . 14.73 -29.50 30.84
C34 PX4 R . 13.73 -30.02 31.87
C35 PX4 R . 14.36 -30.65 33.11
C36 PX4 R . 13.36 -30.75 34.27
O1 PX4 S . -9.03 38.44 11.83
O2 PX4 S . -11.29 39.66 11.51
P1 PX4 S . -9.82 39.67 11.75
O3 PX4 S . -9.23 40.55 10.53
C1 PX4 S . -9.87 40.42 9.26
C2 PX4 S . -9.77 41.68 8.41
N1 PX4 S . -10.24 42.97 8.95
C3 PX4 S . -11.42 42.80 9.82
C4 PX4 S . -9.25 43.70 9.76
C5 PX4 S . -10.59 43.72 7.73
O4 PX4 S . -9.67 40.68 13.01
C6 PX4 S . -8.37 41.21 13.32
C7 PX4 S . -8.19 42.05 14.58
C8 PX4 S . -9.58 42.41 15.10
O5 PX4 S . -9.74 43.66 15.79
C9 PX4 S . -11.00 44.12 15.99
O6 PX4 S . -11.94 43.55 15.41
C10 PX4 S . -11.20 45.51 16.60
C11 PX4 S . -12.56 45.58 17.29
C12 PX4 S . -13.10 47.02 17.35
C13 PX4 S . -13.15 47.57 15.92
C14 PX4 S . -13.38 49.09 16.01
C15 PX4 S . -12.18 49.98 16.33
C16 PX4 S . -12.51 51.47 16.32
C17 PX4 S . -11.45 52.28 17.08
C18 PX4 S . -11.76 53.76 17.26
C19 PX4 S . -11.00 54.18 18.51
C20 PX4 S . -11.02 55.70 18.73
C21 PX4 S . -10.41 56.00 20.08
C22 PX4 S . -10.54 57.46 20.53
O7 PX4 S . -7.37 41.40 15.58
C23 PX4 S . -6.07 41.73 15.72
O8 PX4 S . -5.48 42.01 14.66
C24 PX4 S . -5.28 41.07 16.86
C25 PX4 S . -4.19 42.02 17.37
C26 PX4 S . -3.48 41.52 18.63
C27 PX4 S . -4.61 41.59 19.66
C28 PX4 S . -4.17 41.15 21.07
C29 PX4 S . -5.34 41.08 22.05
C30 PX4 S . -4.67 40.69 23.38
C31 PX4 S . -5.59 40.88 24.58
C32 PX4 S . -4.99 40.29 25.86
C33 PX4 S . -6.03 40.57 26.95
C34 PX4 S . -5.81 39.82 28.26
C35 PX4 S . -6.90 40.50 29.08
C36 PX4 S . -6.58 41.99 29.21
O1 PX4 T . 27.90 17.78 12.51
O2 PX4 T . 26.17 17.27 14.40
P1 PX4 T . 27.36 17.97 13.87
O3 PX4 T . 27.10 19.54 14.14
C1 PX4 T . 25.71 19.90 14.14
C2 PX4 T . 25.45 21.35 14.55
N1 PX4 T . 24.10 21.81 14.20
C3 PX4 T . 24.22 22.38 12.85
C4 PX4 T . 22.90 20.96 14.27
C5 PX4 T . 23.94 23.01 15.04
O4 PX4 T . 28.60 17.88 14.91
C6 PX4 T . 27.93 17.70 16.15
C7 PX4 T . 28.94 17.57 17.29
C8 PX4 T . 30.11 16.70 16.82
O5 PX4 T . 31.24 16.56 17.68
C9 PX4 T . 32.26 17.46 17.60
O6 PX4 T . 32.57 17.93 16.51
C10 PX4 T . 33.37 17.18 18.63
C11 PX4 T . 34.41 16.16 18.19
C12 PX4 T . 35.53 15.83 19.18
C13 PX4 T . 34.92 15.19 20.42
C14 PX4 T . 36.02 14.54 21.27
C15 PX4 T . 35.66 14.31 22.74
C16 PX4 T . 36.77 13.63 23.53
C17 PX4 T . 36.49 13.51 25.03
C18 PX4 T . 37.40 12.57 25.80
C19 PX4 T . 38.70 13.34 26.09
C20 PX4 T . 39.65 12.42 26.84
C21 PX4 T . 40.89 13.15 27.35
C22 PX4 T . 41.84 12.30 28.19
O7 PX4 T . 29.47 18.81 17.77
C23 PX4 T . 28.67 19.34 18.75
O8 PX4 T . 27.46 19.16 18.67
C24 PX4 T . 29.30 20.39 19.66
C25 PX4 T . 30.65 19.94 20.19
C26 PX4 T . 31.49 21.21 20.43
C27 PX4 T . 32.52 20.94 21.54
C28 PX4 T . 33.76 20.15 21.14
C29 PX4 T . 34.51 19.77 22.41
C30 PX4 T . 35.76 18.98 21.98
C31 PX4 T . 36.64 18.76 23.21
C32 PX4 T . 37.86 17.93 22.81
C33 PX4 T . 38.95 17.97 23.89
C34 PX4 T . 40.15 17.11 23.50
C35 PX4 T . 39.87 15.62 23.75
C36 PX4 T . 41.04 14.75 23.30
O1 PX4 U . 30.98 3.96 16.75
O2 PX4 U . 31.79 6.31 15.84
P1 PX4 U . 31.94 5.09 16.66
O3 PX4 U . 33.39 4.47 16.40
C1 PX4 U . 33.37 3.38 15.46
C2 PX4 U . 34.66 2.61 15.72
N1 PX4 U . 35.89 3.23 15.22
C3 PX4 U . 36.41 4.29 16.09
C4 PX4 U . 36.90 2.17 15.32
C5 PX4 U . 35.87 3.68 13.81
O4 PX4 U . 32.14 5.64 18.16
C6 PX4 U . 33.34 6.40 18.24
C7 PX4 U . 33.78 6.70 19.68
C8 PX4 U . 32.49 6.87 20.49
O5 PX4 U . 31.97 8.20 20.52
C9 PX4 U . 31.17 8.30 21.62
O6 PX4 U . 30.67 7.39 22.27
C10 PX4 U . 30.94 9.78 21.97
C11 PX4 U . 31.82 10.40 23.05
C12 PX4 U . 31.65 9.97 24.51
C13 PX4 U . 32.51 10.91 25.37
C14 PX4 U . 32.10 12.37 25.22
C15 PX4 U . 33.01 13.17 26.16
C16 PX4 U . 32.64 14.62 25.79
C17 PX4 U . 32.94 15.56 26.96
C18 PX4 U . 32.44 16.98 26.69
C19 PX4 U . 32.85 17.98 27.77
C20 PX4 U . 34.39 17.92 27.80
C21 PX4 U . 35.02 19.00 28.68
C22 PX4 U . 36.46 18.72 29.10
O7 PX4 U . 34.74 5.74 20.10
C23 PX4 U . 36.02 6.03 19.73
O8 PX4 U . 36.31 6.93 18.96
C24 PX4 U . 37.09 5.09 20.31
C25 PX4 U . 37.90 5.71 21.45
C26 PX4 U . 39.08 4.77 21.74
C27 PX4 U . 39.98 5.46 22.77
C28 PX4 U . 41.22 4.60 22.92
C29 PX4 U . 42.03 4.94 24.18
C30 PX4 U . 43.09 3.84 24.26
C31 PX4 U . 44.02 4.06 25.45
C32 PX4 U . 43.39 3.55 26.73
C33 PX4 U . 44.28 3.72 27.96
C34 PX4 U . 43.84 2.96 29.22
C35 PX4 U . 42.38 3.23 29.58
C36 PX4 U . 41.86 2.38 30.74
O1 PX4 V . 0.14 19.61 19.16
O2 PX4 V . 2.40 18.52 18.67
P1 PX4 V . 1.21 18.67 19.53
O3 PX4 V . 0.45 17.27 19.23
C1 PX4 V . 0.18 17.20 17.83
C2 PX4 V . -0.36 15.88 17.24
N1 PX4 V . 0.43 14.64 17.26
C3 PX4 V . 0.56 14.08 18.60
C4 PX4 V . -0.25 13.67 16.37
C5 PX4 V . 1.73 14.80 16.60
O4 PX4 V . 1.32 18.48 21.13
C6 PX4 V . 1.97 17.22 21.37
C7 PX4 V . 2.47 16.93 22.78
C8 PX4 V . 2.03 18.14 23.61
O5 PX4 V . 2.79 18.12 24.82
C9 PX4 V . 2.78 19.32 25.49
O6 PX4 V . 2.19 20.32 25.10
C10 PX4 V . 3.41 19.36 26.89
C11 PX4 V . 2.65 20.31 27.82
C12 PX4 V . 3.14 20.50 29.27
C13 PX4 V . 2.05 21.37 29.91
C14 PX4 V . 2.28 21.55 31.42
C15 PX4 V . 1.47 22.76 31.93
C16 PX4 V . 2.15 23.37 33.15
C17 PX4 V . 1.23 24.36 33.89
C18 PX4 V . 0.90 25.50 32.93
C19 PX4 V . 2.14 26.35 32.64
C20 PX4 V . 1.80 27.55 31.75
C21 PX4 V . 2.94 28.54 31.96
C22 PX4 V . 2.88 29.60 30.85
O7 PX4 V . 2.05 15.68 23.34
C23 PX4 V . 2.33 14.47 22.80
O8 PX4 V . 2.55 14.22 21.61
C24 PX4 V . 1.90 13.29 23.67
C25 PX4 V . 2.75 13.01 24.92
C26 PX4 V . 4.21 12.87 24.51
C27 PX4 V . 4.88 11.79 25.33
C28 PX4 V . 6.34 11.44 25.06
C29 PX4 V . 6.63 10.09 25.76
C30 PX4 V . 7.32 10.40 27.08
C31 PX4 V . 7.67 9.11 27.82
C32 PX4 V . 8.32 9.35 29.18
C33 PX4 V . 8.56 8.09 30.00
C34 PX4 V . 10.06 7.78 30.13
C35 PX4 V . 10.27 6.48 30.92
C36 PX4 V . 11.75 6.19 31.19
O1 PX4 W . 11.52 21.84 20.76
O2 PX4 W . 12.41 19.43 20.39
P1 PX4 W . 12.01 20.54 21.28
O3 PX4 W . 10.74 19.75 21.91
C1 PX4 W . 9.74 19.60 20.90
C2 PX4 W . 8.75 18.46 21.13
N1 PX4 W . 9.24 17.08 20.90
C3 PX4 W . 9.90 16.92 19.61
C4 PX4 W . 10.11 16.74 22.03
C5 PX4 W . 8.03 16.23 20.99
O4 PX4 W . 13.03 20.76 22.51
C6 PX4 W . 13.27 19.47 23.05
C7 PX4 W . 13.53 19.56 24.56
C8 PX4 W . 14.18 20.93 24.83
O5 PX4 W . 15.57 20.60 24.83
C9 PX4 W . 16.27 21.76 24.92
O6 PX4 W . 15.83 22.82 24.46
C10 PX4 W . 17.76 21.64 25.18
C11 PX4 W . 18.13 21.98 26.62
C12 PX4 W . 19.53 22.58 26.74
C13 PX4 W . 20.62 21.75 26.05
C14 PX4 W . 21.94 22.53 26.03
C15 PX4 W . 22.97 21.98 25.03
C16 PX4 W . 24.30 22.75 25.01
C17 PX4 W . 24.83 22.92 26.43
C18 PX4 W . 26.05 23.83 26.47
C19 PX4 W . 26.57 24.13 27.88
C20 PX4 W . 27.52 25.31 27.72
C21 PX4 W . 28.24 25.56 29.05
C22 PX4 W . 29.08 26.82 28.77
O7 PX4 W . 12.48 19.28 25.49
C23 PX4 W . 11.80 18.09 25.44
O8 PX4 W . 12.29 17.08 24.97
C24 PX4 W . 10.46 18.06 26.17
C25 PX4 W . 10.32 19.33 27.02
C26 PX4 W . 9.05 19.27 27.89
C27 PX4 W . 8.82 20.50 28.75
C28 PX4 W . 7.52 20.34 29.52
C29 PX4 W . 7.41 21.59 30.40
C30 PX4 W . 8.50 21.65 31.46
C31 PX4 W . 8.06 22.58 32.59
C32 PX4 W . 6.71 22.12 33.14
C33 PX4 W . 6.39 22.92 34.40
C34 PX4 W . 5.99 24.38 34.11
C35 PX4 W . 5.25 25.01 35.27
C36 PX4 W . 5.66 26.48 35.41
O1 PX4 X . 19.86 23.31 15.96
O2 PX4 X . 20.92 21.11 16.79
P1 PX4 X . 19.86 22.16 16.88
O3 PX4 X . 18.46 21.39 17.03
C1 PX4 X . 17.53 22.46 17.23
C2 PX4 X . 16.04 22.15 17.22
N1 PX4 X . 15.31 21.58 16.07
C3 PX4 X . 13.90 21.83 16.41
C4 PX4 X . 15.76 22.09 14.78
C5 PX4 X . 15.49 20.12 16.05
O4 PX4 X . 20.05 22.71 18.38
C6 PX4 X . 20.57 21.75 19.31
C7 PX4 X . 20.11 21.93 20.74
C8 PX4 X . 19.56 23.36 20.80
O5 PX4 X . 20.24 24.16 21.76
C9 PX4 X . 19.86 25.46 21.78
O6 PX4 X . 19.12 25.84 20.86
C10 PX4 X . 20.40 26.32 22.91
C11 PX4 X . 21.89 26.03 23.12
C12 PX4 X . 22.44 26.65 24.41
C13 PX4 X . 21.88 26.07 25.72
C14 PX4 X . 22.80 26.67 26.78
C15 PX4 X . 22.34 26.14 28.15
C16 PX4 X . 22.90 27.09 29.20
C17 PX4 X . 21.96 27.38 30.37
C18 PX4 X . 22.69 28.07 31.53
C19 PX4 X . 23.43 29.33 31.06
C20 PX4 X . 22.57 30.58 30.92
C21 PX4 X . 23.48 31.61 30.29
C22 PX4 X . 23.98 31.03 28.97
O7 PX4 X . 19.26 20.90 21.26
C23 PX4 X . 19.84 19.79 21.79
O8 PX4 X . 20.92 19.41 21.35
C24 PX4 X . 18.91 18.91 22.63
C25 PX4 X . 19.55 18.36 23.91
C26 PX4 X . 18.35 17.57 24.45
C27 PX4 X . 18.45 16.96 25.84
C28 PX4 X . 18.84 18.16 26.70
C29 PX4 X . 18.97 17.75 28.17
C30 PX4 X . 19.29 19.06 28.91
C31 PX4 X . 19.51 18.61 30.37
C32 PX4 X . 19.83 19.84 31.20
C33 PX4 X . 18.75 20.92 31.03
C34 PX4 X . 17.43 20.49 31.64
C35 PX4 X . 17.33 20.85 33.13
C36 PX4 X . 15.93 20.60 33.69
O1 PX4 Y . 10.08 -33.75 15.50
O2 PX4 Y . 10.17 -35.51 17.40
P1 PX4 Y . 9.45 -34.47 16.62
O3 PX4 Y . 7.94 -34.87 16.28
C1 PX4 Y . 7.20 -33.87 15.55
C2 PX4 Y . 5.72 -34.08 15.90
N1 PX4 Y . 4.78 -35.01 15.27
C3 PX4 Y . 4.14 -34.34 14.14
C4 PX4 Y . 5.44 -36.23 14.78
C5 PX4 Y . 3.82 -35.36 16.32
O4 PX4 Y . 9.02 -33.26 17.60
C6 PX4 Y . 8.84 -33.42 19.01
C7 PX4 Y . 7.56 -34.14 19.44
C8 PX4 Y . 8.12 -35.03 20.55
O5 PX4 Y . 9.35 -34.75 21.22
C9 PX4 Y . 9.68 -35.66 22.18
O6 PX4 Y . 8.97 -36.64 22.38
C10 PX4 Y . 10.84 -35.26 23.11
C11 PX4 Y . 10.37 -35.13 24.55
C12 PX4 Y . 11.31 -34.48 25.54
C13 PX4 Y . 10.62 -34.30 26.89
C14 PX4 Y . 11.16 -33.28 27.89
C15 PX4 Y . 10.21 -33.30 29.09
C16 PX4 Y . 10.60 -32.31 30.19
C17 PX4 Y . 9.49 -32.45 31.22
C18 PX4 Y . 9.41 -31.25 32.17
C19 PX4 Y . 8.28 -31.52 33.18
C20 PX4 Y . 8.61 -32.81 33.92
C21 PX4 Y . 7.93 -32.90 35.29
C22 PX4 Y . 8.15 -34.29 35.91
O7 PX4 Y . 6.57 -33.20 19.85
C23 PX4 Y . 5.31 -33.72 19.98
O8 PX4 Y . 4.99 -34.89 19.83
C24 PX4 Y . 4.26 -32.73 20.48
C25 PX4 Y . 4.60 -32.33 21.92
C26 PX4 Y . 3.55 -31.55 22.70
C27 PX4 Y . 4.09 -31.02 24.03
C28 PX4 Y . 3.00 -30.38 24.91
C29 PX4 Y . 3.85 -29.74 26.01
C30 PX4 Y . 3.07 -28.92 27.03
C31 PX4 Y . 3.89 -28.67 28.29
C32 PX4 Y . 3.45 -27.30 28.83
C33 PX4 Y . 3.47 -27.27 30.35
C34 PX4 Y . 4.76 -27.84 30.97
C35 PX4 Y . 4.52 -28.12 32.46
C36 PX4 Y . 5.64 -29.02 32.99
O1 PX4 Z . -1.31 -19.89 18.31
O2 PX4 Z . 0.65 -21.68 17.97
P1 PX4 Z . -0.55 -21.10 18.65
O3 PX4 Z . -1.59 -22.27 18.97
C1 PX4 Z . -2.86 -21.84 19.44
C2 PX4 Z . -4.01 -22.84 19.54
N1 PX4 Z . -3.93 -24.02 20.41
C3 PX4 Z . -3.23 -23.83 21.69
C4 PX4 Z . -5.32 -24.37 20.77
C5 PX4 Z . -3.41 -25.15 19.64
O4 PX4 Z . -0.23 -20.95 20.22
C6 PX4 Z . 0.56 -22.11 20.56
C7 PX4 Z . 1.14 -22.33 21.96
C8 PX4 Z . 0.53 -21.11 22.66
O5 PX4 Z . 1.47 -20.55 23.57
C9 PX4 Z . 0.89 -20.05 24.69
O6 PX4 Z . -0.35 -20.03 24.75
C10 PX4 Z . 1.77 -19.97 25.94
C11 PX4 Z . 1.08 -19.01 26.91
C12 PX4 Z . 1.83 -19.03 28.24
C13 PX4 Z . 3.30 -18.61 28.25
C14 PX4 Z . 3.75 -18.57 29.72
C15 PX4 Z . 5.16 -18.01 29.94
C16 PX4 Z . 5.47 -17.71 31.41
C17 PX4 Z . 5.49 -19.03 32.18
C18 PX4 Z . 5.55 -18.69 33.67
C19 PX4 Z . 5.15 -19.87 34.55
C20 PX4 Z . 5.50 -19.53 36.01
C21 PX4 Z . 5.58 -20.76 36.89
C22 PX4 Z . 4.33 -21.63 36.71
O7 PX4 Z . 0.70 -23.58 22.46
C23 PX4 Z . 1.62 -24.08 23.34
O8 PX4 Z . 2.85 -24.01 23.24
C24 PX4 Z . 1.07 -25.00 24.42
C25 PX4 Z . 1.53 -24.79 25.87
C26 PX4 Z . 0.95 -23.50 26.45
C27 PX4 Z . 1.25 -23.35 27.93
C28 PX4 Z . 2.76 -23.33 28.24
C29 PX4 Z . 3.06 -23.55 29.72
C30 PX4 Z . 3.60 -22.31 30.42
C31 PX4 Z . 4.18 -22.69 31.78
C32 PX4 Z . 5.25 -23.75 31.60
C33 PX4 Z . 5.84 -24.35 32.87
C34 PX4 Z . 7.15 -25.14 32.64
C35 PX4 Z . 7.52 -25.78 33.98
C36 PX4 Z . 8.82 -26.57 33.94
O1 PX4 AA . 3.43 -21.43 20.23
O2 PX4 AA . 3.80 -19.10 19.12
P1 PX4 AA . 4.02 -20.06 20.23
O3 PX4 AA . 5.61 -20.24 20.37
C1 PX4 AA . 6.10 -21.59 20.40
C2 PX4 AA . 7.52 -21.60 20.95
N1 PX4 AA . 7.73 -21.75 22.39
C3 PX4 AA . 6.93 -22.86 22.96
C4 PX4 AA . 9.14 -22.10 22.61
C5 PX4 AA . 7.53 -20.48 23.10
O4 PX4 AA . 3.89 -19.40 21.68
C6 PX4 AA . 4.62 -18.18 21.54
C7 PX4 AA . 4.80 -17.28 22.75
C8 PX4 AA . 3.74 -17.75 23.76
O5 PX4 AA . 3.04 -16.61 24.26
C9 PX4 AA . 1.88 -16.29 23.61
O6 PX4 AA . 1.43 -17.09 22.82
C10 PX4 AA . 1.05 -15.15 24.20
C11 PX4 AA . 0.25 -15.69 25.38
C12 PX4 AA . 0.04 -14.67 26.50
C13 PX4 AA . -0.84 -15.12 27.66
C14 PX4 AA . -1.12 -13.83 28.45
C15 PX4 AA . 0.14 -13.05 28.78
C16 PX4 AA . 0.05 -11.83 29.70
C17 PX4 AA . -0.78 -10.61 29.30
C18 PX4 AA . -0.59 -9.55 30.39
C19 PX4 AA . 0.86 -9.37 30.80
C20 PX4 AA . 1.14 -8.23 31.79
C21 PX4 AA . 0.89 -6.85 31.17
C22 PX4 AA . 1.30 -5.74 32.15
O7 PX4 AA . 6.16 -17.42 23.23
C23 PX4 AA . 6.88 -16.29 23.45
O8 PX4 AA . 6.69 -15.41 22.62
C24 PX4 AA . 8.21 -16.45 24.18
C25 PX4 AA . 7.97 -17.32 25.41
C26 PX4 AA . 9.28 -17.54 26.16
C27 PX4 AA . 9.16 -18.85 26.93
C28 PX4 AA . 10.50 -19.03 27.67
C29 PX4 AA . 10.58 -17.99 28.78
C30 PX4 AA . 11.68 -18.29 29.80
C31 PX4 AA . 11.65 -17.12 30.78
C32 PX4 AA . 10.33 -17.15 31.56
C33 PX4 AA . 10.62 -16.57 32.94
C34 PX4 AA . 9.37 -16.46 33.80
C35 PX4 AA . 9.72 -15.99 35.22
C36 PX4 AA . 10.69 -17.01 35.83
O1 PX4 BA . -2.04 35.99 15.82
O2 PX4 BA . -3.50 38.05 15.35
P1 PX4 BA . -2.92 37.07 16.30
O3 PX4 BA . -2.11 38.06 17.25
C1 PX4 BA . -0.85 38.15 16.58
C2 PX4 BA . 0.17 38.90 17.44
N1 PX4 BA . 0.85 38.24 18.57
C3 PX4 BA . -0.08 37.69 19.56
C4 PX4 BA . 1.83 37.20 18.26
C5 PX4 BA . 1.52 39.27 19.37
O4 PX4 BA . -3.99 36.53 17.38
C6 PX4 BA . -4.94 37.57 17.56
C7 PX4 BA . -5.63 37.62 18.93
C8 PX4 BA . -4.50 37.43 19.93
O5 PX4 BA . -4.82 36.90 21.23
C9 PX4 BA . -3.91 37.14 22.21
O6 PX4 BA . -2.76 37.49 21.99
C10 PX4 BA . -4.39 36.64 23.58
C11 PX4 BA . -3.38 36.83 24.70
C12 PX4 BA . -3.97 36.25 25.99
C13 PX4 BA . -3.01 36.51 27.17
C14 PX4 BA . -3.45 35.58 28.30
C15 PX4 BA . -2.54 35.28 29.50
C16 PX4 BA . -1.10 35.06 29.02
C17 PX4 BA . -0.19 35.19 30.24
C18 PX4 BA . 1.16 34.82 29.62
C19 PX4 BA . 2.34 34.96 30.57
C20 PX4 BA . 3.53 34.48 29.73
C21 PX4 BA . 4.84 34.64 30.50
C22 PX4 BA . 6.00 34.25 29.60
O7 PX4 BA . -6.48 38.75 19.14
C23 PX4 BA . -7.69 39.03 18.58
O8 PX4 BA . -8.07 38.25 17.72
C24 PX4 BA . -8.20 40.48 18.73
C25 PX4 BA . -9.62 40.82 18.26
C26 PX4 BA . -10.11 42.22 18.64
C27 PX4 BA . -9.98 42.42 20.15
C28 PX4 BA . -10.48 43.72 20.79
C29 PX4 BA . -9.99 43.88 22.22
C30 PX4 BA . -10.35 42.49 22.75
C31 PX4 BA . -10.42 42.39 24.27
C32 PX4 BA . -10.67 40.93 24.63
C33 PX4 BA . -10.65 40.63 26.13
C34 PX4 BA . -11.83 41.40 26.74
C35 PX4 BA . -11.54 42.06 28.09
C36 PX4 BA . -12.69 42.99 28.45
O1 PX4 CA . 0.10 24.96 18.79
O2 PX4 CA . 2.15 24.00 20.16
P1 PX4 CA . 0.73 24.38 19.99
O3 PX4 CA . -0.15 23.18 20.61
C1 PX4 CA . 0.69 22.18 21.20
C2 PX4 CA . -0.07 21.30 22.18
N1 PX4 CA . -1.02 21.88 23.15
C3 PX4 CA . -0.27 22.82 23.99
C4 PX4 CA . -2.22 22.59 22.68
C5 PX4 CA . -1.48 20.80 24.04
O4 PX4 CA . 0.21 25.30 21.21
C6 PX4 CA . 0.66 26.65 21.18
C7 PX4 CA . 0.25 27.47 22.40
C8 PX4 CA . -0.64 26.52 23.22
O5 PX4 CA . -1.84 27.16 23.66
C9 PX4 CA . -2.61 26.38 24.45
O6 PX4 CA . -2.16 25.26 24.72
C10 PX4 CA . -3.92 26.98 24.97
C11 PX4 CA . -3.73 27.49 26.39
C12 PX4 CA . -3.82 26.38 27.43
C13 PX4 CA . -3.72 26.98 28.83
C14 PX4 CA . -3.76 26.04 30.04
C15 PX4 CA . -3.49 26.83 31.33
C16 PX4 CA . -3.58 25.95 32.57
C17 PX4 CA . -3.68 26.72 33.89
C18 PX4 CA . -3.72 25.79 35.11
C19 PX4 CA . -3.75 26.66 36.37
C20 PX4 CA . -2.45 26.65 37.17
C21 PX4 CA . -2.50 27.63 38.36
C22 PX4 CA . -1.46 27.13 39.35
O7 PX4 CA . 1.34 28.01 23.15
C23 PX4 CA . 1.89 29.16 22.67
O8 PX4 CA . 1.47 29.66 21.64
C24 PX4 CA . 2.76 29.99 23.62
C25 PX4 CA . 2.18 29.94 25.03
C26 PX4 CA . 3.21 30.42 26.07
C27 PX4 CA . 4.60 29.82 25.82
C28 PX4 CA . 5.73 30.22 26.77
C29 PX4 CA . 7.03 29.86 26.05
C30 PX4 CA . 8.36 30.11 26.77
C31 PX4 CA . 8.58 31.62 26.98
C32 PX4 CA . 8.66 32.39 25.67
C33 PX4 CA . 8.81 33.86 26.06
C34 PX4 CA . 9.53 34.75 25.05
C35 PX4 CA . 10.08 36.01 25.72
C36 PX4 CA . 11.04 36.80 24.83
O1 PX4 DA . 7.42 27.20 21.63
O2 PX4 DA . 8.91 26.82 19.52
P1 PX4 DA . 8.67 27.39 20.85
O3 PX4 DA . 9.84 26.92 21.85
C1 PX4 DA . 10.80 26.17 21.11
C2 PX4 DA . 11.95 25.50 21.88
N1 PX4 DA . 11.73 24.82 23.16
C3 PX4 DA . 10.47 24.08 23.35
C4 PX4 DA . 12.85 23.89 23.05
C5 PX4 DA . 11.89 25.70 24.33
O4 PX4 DA . 9.10 28.93 20.67
C6 PX4 DA . 9.09 29.47 21.99
C7 PX4 DA . 9.94 30.74 22.02
C8 PX4 DA . 9.06 31.83 21.42
O5 PX4 DA . 7.73 31.74 21.92
C9 PX4 DA . 6.91 32.69 21.42
O6 PX4 DA . 7.24 33.33 20.41
C10 PX4 DA . 5.54 32.96 22.05
C11 PX4 DA . 5.64 33.29 23.55
C12 PX4 DA . 4.22 33.50 24.07
C13 PX4 DA . 4.20 33.94 25.54
C14 PX4 DA . 2.76 34.16 26.02
C15 PX4 DA . 2.18 35.35 25.26
C16 PX4 DA . 1.03 36.04 26.00
C17 PX4 DA . 0.34 37.16 25.21
C18 PX4 DA . 1.24 38.33 24.83
C19 PX4 DA . 0.39 39.12 23.86
C20 PX4 DA . 1.02 40.49 23.56
C21 PX4 DA . 0.07 41.59 23.10
C22 PX4 DA . -0.61 41.15 21.81
O7 PX4 DA . 10.46 31.00 23.33
C23 PX4 DA . 11.64 30.43 23.67
O8 PX4 DA . 12.16 29.70 22.83
C24 PX4 DA . 12.00 30.44 25.15
C25 PX4 DA . 13.49 30.45 25.54
C26 PX4 DA . 13.54 30.46 27.06
C27 PX4 DA . 14.93 30.26 27.64
C28 PX4 DA . 15.00 30.38 29.16
C29 PX4 DA . 16.39 29.95 29.62
C30 PX4 DA . 16.58 30.13 31.13
C31 PX4 DA . 17.94 29.71 31.73
C32 PX4 DA . 18.12 28.18 31.63
C33 PX4 DA . 17.05 27.42 32.42
C34 PX4 DA . 17.35 25.92 32.47
C35 PX4 DA . 18.84 25.77 32.82
C36 PX4 DA . 19.41 24.37 33.07
O1 PX4 EA . -25.17 -4.12 16.38
O2 PX4 EA . -23.18 -2.81 17.36
P1 PX4 EA . -24.43 -3.58 17.54
O3 PX4 EA . -24.12 -4.79 18.57
C1 PX4 EA . -23.15 -5.69 18.05
C2 PX4 EA . -23.17 -7.00 18.84
N1 PX4 EA . -24.37 -7.84 18.67
C3 PX4 EA . -25.51 -7.33 19.46
C4 PX4 EA . -24.93 -7.79 17.32
C5 PX4 EA . -24.10 -9.24 19.00
O4 PX4 EA . -25.34 -2.75 18.58
C6 PX4 EA . -24.59 -2.19 19.67
C7 PX4 EA . -25.39 -2.08 20.96
C8 PX4 EA . -25.35 -3.48 21.59
O5 PX4 EA . -26.61 -4.01 22.01
C9 PX4 EA . -26.56 -5.28 22.50
O6 PX4 EA . -25.53 -5.90 22.25
C10 PX4 EA . -27.85 -5.81 23.13
C11 PX4 EA . -27.74 -6.54 24.47
C12 PX4 EA . -29.07 -7.04 25.08
C13 PX4 EA . -28.71 -8.15 26.07
C14 PX4 EA . -29.94 -8.54 26.90
C15 PX4 EA . -29.79 -9.69 27.90
C16 PX4 EA . -28.90 -9.59 29.14
C17 PX4 EA . -29.17 -8.44 30.12
C18 PX4 EA . -28.17 -8.46 31.28
C19 PX4 EA . -28.23 -7.15 32.06
C20 PX4 EA . -27.64 -7.19 33.46
C21 PX4 EA . -28.11 -6.01 34.32
C22 PX4 EA . -27.30 -6.03 35.62
O7 PX4 EA . -24.94 -1.01 21.80
C23 PX4 EA . -25.11 0.31 21.50
O8 PX4 EA . -25.88 0.73 20.62
C24 PX4 EA . -24.36 1.29 22.40
C25 PX4 EA . -25.08 1.53 23.73
C26 PX4 EA . -24.38 2.59 24.58
C27 PX4 EA . -25.20 3.00 25.79
C28 PX4 EA . -24.45 4.08 26.58
C29 PX4 EA . -25.05 4.23 27.98
C30 PX4 EA . -24.01 3.89 29.05
C31 PX4 EA . -24.69 3.78 30.41
C32 PX4 EA . -23.66 3.37 31.46
C33 PX4 EA . -24.05 3.68 32.91
C34 PX4 EA . -23.09 3.01 33.89
C35 PX4 EA . -23.21 3.70 35.26
C36 PX4 EA . -22.47 3.05 36.43
O1 PX4 FA . -10.15 -8.92 22.30
O2 PX4 FA . -8.24 -9.66 20.65
P1 PX4 FA . -9.49 -9.89 21.41
O3 PX4 FA . -10.51 -10.21 20.22
C1 PX4 FA . -11.30 -9.03 20.09
C2 PX4 FA . -12.20 -8.99 18.85
N1 PX4 FA . -12.61 -7.65 18.40
C3 PX4 FA . -13.73 -7.72 17.45
C4 PX4 FA . -13.05 -6.67 19.40
C5 PX4 FA . -11.46 -6.97 17.79
O4 PX4 FA . -9.31 -11.42 21.90
C6 PX4 FA . -10.00 -11.55 23.15
C7 PX4 FA . -11.14 -12.58 23.14
C8 PX4 FA . -10.40 -13.92 23.03
O5 PX4 FA . -10.80 -15.16 23.63
C9 PX4 FA . -9.83 -16.10 23.59
O6 PX4 FA . -8.71 -15.92 23.11
C10 PX4 FA . -10.22 -17.34 24.40
C11 PX4 FA . -9.79 -17.24 25.86
C12 PX4 FA . -10.13 -18.57 26.54
C13 PX4 FA . -9.53 -18.60 27.95
C14 PX4 FA . -9.71 -19.79 28.89
C15 PX4 FA . -9.21 -19.52 30.31
C16 PX4 FA . -9.98 -18.41 31.02
C17 PX4 FA . -9.82 -18.32 32.54
C18 PX4 FA . -10.32 -16.98 33.07
C19 PX4 FA . -10.43 -16.91 34.59
C20 PX4 FA . -10.94 -15.52 34.98
C21 PX4 FA . -10.72 -15.26 36.48
C22 PX4 FA . -11.32 -13.88 36.76
O7 PX4 FA . -12.08 -12.34 24.20
C23 PX4 FA . -13.23 -13.06 24.09
O8 PX4 FA . -13.76 -13.32 23.01
C24 PX4 FA . -14.00 -13.01 25.41
C25 PX4 FA . -13.28 -13.99 26.35
C26 PX4 FA . -14.11 -14.35 27.57
C27 PX4 FA . -13.61 -15.46 28.50
C28 PX4 FA . -14.33 -15.36 29.86
C29 PX4 FA . -14.13 -16.59 30.75
C30 PX4 FA . -14.76 -16.59 32.13
C31 PX4 FA . -14.30 -17.82 32.91
C32 PX4 FA . -15.19 -17.96 34.14
C33 PX4 FA . -14.88 -19.27 34.85
C34 PX4 FA . -13.74 -19.05 35.83
C35 PX4 FA . -14.12 -17.95 36.82
C36 PX4 FA . -13.32 -17.98 38.12
O1 PX4 GA . -3.37 -8.38 24.55
O2 PX4 GA . -3.60 -10.01 22.53
P1 PX4 GA . -3.85 -9.65 23.95
O3 PX4 GA . -5.45 -9.64 24.07
C1 PX4 GA . -5.95 -8.61 23.20
C2 PX4 GA . -7.34 -8.04 23.54
N1 PX4 GA . -7.78 -7.45 24.80
C3 PX4 GA . -8.94 -6.64 24.41
C4 PX4 GA . -8.22 -8.46 25.78
C5 PX4 GA . -6.75 -6.58 25.38
O4 PX4 GA . -3.63 -10.74 25.13
C6 PX4 GA . -4.21 -10.15 26.30
C7 PX4 GA . -5.24 -11.04 27.00
C8 PX4 GA . -5.25 -12.39 26.27
O5 PX4 GA . -6.45 -13.15 26.49
C9 PX4 GA . -7.70 -12.71 26.16
O6 PX4 GA . -7.80 -11.80 25.33
C10 PX4 GA . -8.87 -13.58 26.62
C11 PX4 GA . -9.34 -13.09 27.99
C12 PX4 GA . -10.03 -14.16 28.85
C13 PX4 GA . -10.69 -13.60 30.10
C14 PX4 GA . -9.65 -12.96 31.03
C15 PX4 GA . -10.28 -12.72 32.40
C16 PX4 GA . -9.22 -12.38 33.47
C17 PX4 GA . -8.10 -13.42 33.39
C18 PX4 GA . -7.00 -13.10 34.41
C19 PX4 GA . -7.42 -13.62 35.78
C20 PX4 GA . -6.50 -13.18 36.92
C21 PX4 GA . -6.93 -14.03 38.13
C22 PX4 GA . -6.11 -13.75 39.39
O7 PX4 GA . -5.21 -10.96 28.43
C23 PX4 GA . -5.86 -9.85 28.87
O8 PX4 GA . -6.37 -9.04 28.11
C24 PX4 GA . -5.76 -9.57 30.37
C25 PX4 GA . -4.56 -8.66 30.56
C26 PX4 GA . -4.35 -8.51 32.07
C27 PX4 GA . -3.42 -7.33 32.39
C28 PX4 GA . -3.36 -7.30 33.92
C29 PX4 GA . -2.33 -6.34 34.49
C30 PX4 GA . -2.30 -6.53 36.00
C31 PX4 GA . -1.18 -5.81 36.76
C32 PX4 GA . -1.26 -5.79 38.28
C33 PX4 GA . -0.05 -5.09 38.90
C34 PX4 GA . -0.24 -4.95 40.41
C35 PX4 GA . -1.42 -4.00 40.64
C36 PX4 GA . -1.79 -3.70 42.09
O1 PX4 HA . 19.73 29.17 13.72
O2 PX4 HA . 20.62 26.77 14.06
P1 PX4 HA . 19.85 27.93 14.54
O3 PX4 HA . 18.34 27.48 14.87
C1 PX4 HA . 17.68 28.55 15.56
C2 PX4 HA . 16.16 28.38 15.56
N1 PX4 HA . 15.29 29.53 15.90
C3 PX4 HA . 15.44 29.94 17.30
C4 PX4 HA . 15.74 30.74 15.21
C5 PX4 HA . 13.86 29.19 15.75
O4 PX4 HA . 20.29 28.27 16.05
C6 PX4 HA . 21.20 27.39 16.69
C7 PX4 HA . 21.54 27.66 18.17
C8 PX4 HA . 20.20 28.06 18.81
O5 PX4 HA . 20.37 29.25 19.58
C9 PX4 HA . 19.71 29.37 20.77
O6 PX4 HA . 18.66 28.79 21.01
C10 PX4 HA . 20.16 30.55 21.64
C11 PX4 HA . 19.29 30.57 22.91
C12 PX4 HA . 19.94 31.40 24.01
C13 PX4 HA . 20.36 30.49 25.17
C14 PX4 HA . 19.08 29.67 25.42
C15 PX4 HA . 19.33 28.48 26.35
C16 PX4 HA . 17.99 27.93 26.83
C17 PX4 HA . 18.28 26.70 27.67
C18 PX4 HA . 16.99 26.12 28.26
C19 PX4 HA . 16.12 25.49 27.17
C20 PX4 HA . 14.77 25.13 27.82
C21 PX4 HA . 13.88 26.35 27.97
C22 PX4 HA . 12.50 26.05 28.54
O7 PX4 HA . 21.95 26.52 18.92
C23 PX4 HA . 23.07 25.78 18.65
O8 PX4 HA . 23.85 26.02 17.72
C24 PX4 HA . 23.54 24.89 19.80
C25 PX4 HA . 24.34 23.63 19.44
C26 PX4 HA . 24.80 23.06 20.80
C27 PX4 HA . 25.94 22.06 20.82
C28 PX4 HA . 26.52 21.84 22.22
C29 PX4 HA . 27.89 22.54 22.25
C30 PX4 HA . 28.37 22.03 23.62
C31 PX4 HA . 29.56 22.88 24.10
C32 PX4 HA . 29.77 22.53 25.58
C33 PX4 HA . 30.54 23.52 26.46
C34 PX4 HA . 30.88 22.88 27.81
C35 PX4 HA . 32.00 23.66 28.49
C36 PX4 HA . 32.46 23.03 29.81
O1 PX4 IA . 0.89 -12.57 17.22
O2 PX4 IA . 2.68 -14.10 18.29
P1 PX4 IA . 1.57 -13.14 18.42
O3 PX4 IA . 0.35 -13.90 19.16
C1 PX4 IA . 0.80 -14.74 20.23
C2 PX4 IA . -0.28 -15.76 20.61
N1 PX4 IA . -0.62 -16.87 19.73
C3 PX4 IA . 0.56 -17.66 19.31
C4 PX4 IA . -1.35 -17.76 20.66
C5 PX4 IA . -1.60 -16.57 18.69
O4 PX4 IA . 1.78 -11.97 19.51
C6 PX4 IA . 1.33 -10.69 19.11
C7 PX4 IA . 1.35 -9.72 20.28
C8 PX4 IA . 1.11 -10.51 21.56
O5 PX4 IA . 1.00 -9.63 22.68
C9 PX4 IA . 0.69 -10.16 23.89
O6 PX4 IA . 0.15 -11.26 23.91
C10 PX4 IA . 0.89 -9.25 25.10
C11 PX4 IA . -0.35 -8.39 25.35
C12 PX4 IA . -0.08 -7.43 26.51
C13 PX4 IA . -1.36 -6.63 26.73
C14 PX4 IA . -1.22 -5.65 27.89
C15 PX4 IA . -2.53 -4.98 28.29
C16 PX4 IA . -2.55 -4.24 29.62
C17 PX4 IA . -3.98 -3.68 29.63
C18 PX4 IA . -5.08 -4.74 29.58
C19 PX4 IA . -6.40 -4.12 29.11
C20 PX4 IA . -7.62 -5.01 28.94
C21 PX4 IA . -8.88 -4.33 28.38
C22 PX4 IA . -10.00 -5.35 28.14
O7 PX4 IA . 2.54 -8.92 20.16
C23 PX4 IA . 2.28 -7.58 20.07
O8 PX4 IA . 1.19 -7.22 19.65
C24 PX4 IA . 3.33 -6.56 20.52
C25 PX4 IA . 4.18 -6.99 21.72
C26 PX4 IA . 3.48 -6.68 23.05
C27 PX4 IA . 4.55 -7.10 24.04
C28 PX4 IA . 4.19 -7.04 25.52
C29 PX4 IA . 3.60 -5.69 25.95
C30 PX4 IA . 3.19 -5.64 27.43
C31 PX4 IA . 2.49 -4.28 27.59
C32 PX4 IA . 2.53 -3.80 29.04
C33 PX4 IA . 1.75 -2.49 29.21
C34 PX4 IA . 2.25 -1.77 30.46
C35 PX4 IA . 1.64 -0.38 30.68
C36 PX4 IA . 2.07 0.43 31.91
O1 PX4 JA . -31.07 -6.27 16.02
O2 PX4 JA . -32.85 -8.17 16.39
P1 PX4 JA . -32.20 -6.89 16.76
O3 PX4 JA . -33.37 -5.80 16.64
C1 PX4 JA . -33.68 -5.61 15.27
C2 PX4 JA . -35.17 -5.53 14.97
N1 PX4 JA . -36.16 -4.99 15.91
C3 PX4 JA . -35.73 -3.78 16.63
C4 PX4 JA . -37.36 -4.48 15.22
C5 PX4 JA . -36.62 -5.90 16.97
O4 PX4 JA . -32.00 -6.65 18.35
C6 PX4 JA . -32.87 -7.43 19.17
C7 PX4 JA . -33.25 -6.89 20.55
C8 PX4 JA . -32.12 -5.92 20.92
O5 PX4 JA . -32.05 -5.32 22.22
C9 PX4 JA . -31.40 -4.14 22.11
O6 PX4 JA . -30.64 -3.94 21.17
C10 PX4 JA . -31.37 -3.36 23.43
C11 PX4 JA . -32.44 -3.88 24.42
C12 PX4 JA . -32.48 -2.92 25.61
C13 PX4 JA . -31.37 -3.24 26.62
C14 PX4 JA . -31.41 -2.17 27.70
C15 PX4 JA . -30.59 -2.69 28.90
C16 PX4 JA . -30.74 -1.84 30.15
C17 PX4 JA . -30.66 -2.57 31.50
C18 PX4 JA . -30.77 -1.64 32.70
C19 PX4 JA . -30.61 -2.47 33.98
C20 PX4 JA . -30.53 -1.47 35.15
C21 PX4 JA . -30.76 -2.19 36.48
C22 PX4 JA . -32.20 -2.65 36.70
O7 PX4 JA . -34.59 -6.42 20.49
C23 PX4 JA . -35.61 -7.32 20.47
O8 PX4 JA . -35.49 -8.55 20.47
C24 PX4 JA . -36.99 -6.66 20.46
C25 PX4 JA . -37.33 -6.15 21.86
C26 PX4 JA . -38.87 -6.19 21.98
C27 PX4 JA . -39.20 -5.72 23.40
C28 PX4 JA . -40.72 -5.59 23.47
C29 PX4 JA . -41.02 -5.26 24.93
C30 PX4 JA . -40.15 -6.19 25.78
C31 PX4 JA . -40.60 -5.93 27.23
C32 PX4 JA . -39.73 -6.69 28.23
C33 PX4 JA . -40.15 -6.62 29.71
C34 PX4 JA . -39.24 -7.18 30.80
C35 PX4 JA . -38.36 -6.10 31.45
C36 PX4 JA . -37.14 -6.70 32.13
O1 PX4 KA . -26.23 -13.90 23.73
O2 PX4 KA . -23.72 -14.34 23.42
P1 PX4 KA . -25.10 -14.84 23.59
O3 PX4 KA . -25.51 -15.89 22.44
C1 PX4 KA . -26.74 -16.48 22.87
C2 PX4 KA . -26.97 -17.82 22.19
N1 PX4 KA . -25.98 -18.89 22.36
C3 PX4 KA . -26.50 -20.22 22.01
C4 PX4 KA . -24.84 -18.56 21.47
C5 PX4 KA . -25.55 -19.05 23.75
O4 PX4 KA . -25.12 -15.89 24.83
C6 PX4 KA . -25.08 -14.99 25.95
C7 PX4 KA . -25.35 -15.53 27.34
C8 PX4 KA . -24.10 -16.31 27.74
O5 PX4 KA . -22.86 -15.79 27.26
C9 PX4 KA . -21.71 -16.39 27.63
O6 PX4 KA . -21.82 -17.46 28.25
C10 PX4 KA . -20.38 -15.81 27.19
C11 PX4 KA . -19.74 -15.15 28.43
C12 PX4 KA . -18.23 -15.00 28.51
C13 PX4 KA . -17.81 -13.94 29.54
C14 PX4 KA . -18.51 -14.41 30.83
C15 PX4 KA . -18.44 -13.48 32.04
C16 PX4 KA . -19.29 -13.91 33.25
C17 PX4 KA . -19.25 -12.84 34.34
C18 PX4 KA . -20.20 -13.11 35.51
C19 PX4 KA . -21.58 -13.11 34.88
C20 PX4 KA . -22.60 -13.48 35.97
C21 PX4 KA . -24.04 -13.48 35.50
C22 PX4 KA . -24.95 -14.21 36.49
O7 PX4 KA . -25.67 -14.48 28.27
C23 PX4 KA . -26.99 -14.34 28.56
O8 PX4 KA . -27.84 -14.82 27.81
C24 PX4 KA . -27.33 -13.37 29.70
C25 PX4 KA . -27.33 -14.12 31.04
C26 PX4 KA . -28.34 -13.66 32.08
C27 PX4 KA . -28.07 -14.27 33.45
C28 PX4 KA . -29.03 -13.88 34.57
C29 PX4 KA . -28.63 -12.49 35.07
C30 PX4 KA . -29.35 -12.09 36.37
C31 PX4 KA . -30.85 -11.85 36.17
C32 PX4 KA . -31.14 -10.87 35.05
C33 PX4 KA . -32.45 -11.29 34.36
C34 PX4 KA . -33.64 -11.59 35.26
C35 PX4 KA . -34.91 -11.40 34.45
C36 PX4 KA . -35.19 -9.99 33.92
O1 PX4 LA . -21.50 5.59 17.94
O2 PX4 LA . -21.94 3.18 18.52
P1 PX4 LA . -22.36 4.59 18.60
O3 PX4 LA . -23.84 4.64 17.99
C1 PX4 LA . -24.53 3.53 18.59
C2 PX4 LA . -26.05 3.62 18.44
N1 PX4 LA . -26.96 4.35 19.33
C3 PX4 LA . -28.26 4.54 18.65
C4 PX4 LA . -27.29 3.45 20.45
C5 PX4 LA . -26.49 5.64 19.84
O4 PX4 LA . -22.62 4.85 20.17
C6 PX4 LA . -21.33 5.16 20.72
C7 PX4 LA . -21.47 6.00 21.99
C8 PX4 LA . -22.72 5.57 22.76
O5 PX4 LA . -23.57 6.73 22.73
C9 PX4 LA . -24.78 6.30 23.15
O6 PX4 LA . -25.23 5.20 22.83
C10 PX4 LA . -25.80 7.39 23.49
C11 PX4 LA . -26.44 7.14 24.85
C12 PX4 LA . -27.30 8.33 25.29
C13 PX4 LA . -27.69 8.26 26.76
C14 PX4 LA . -28.47 6.96 26.91
C15 PX4 LA . -29.01 6.86 28.32
C16 PX4 LA . -27.87 6.80 29.35
C17 PX4 LA . -28.21 6.70 30.84
C18 PX4 LA . -26.99 6.85 31.73
C19 PX4 LA . -27.17 6.59 33.23
C20 PX4 LA . -25.77 6.84 33.80
C21 PX4 LA . -25.25 8.28 33.72
C22 PX4 LA . -23.92 8.17 34.47
O7 PX4 LA . -20.35 5.97 22.86
C23 PX4 LA . -19.36 6.90 22.79
O8 PX4 LA . -19.31 7.59 21.76
C24 PX4 LA . -18.33 6.75 23.92
C25 PX4 LA . -18.80 7.54 25.13
C26 PX4 LA . -17.67 7.48 26.17
C27 PX4 LA . -17.81 8.54 27.28
C28 PX4 LA . -16.81 8.32 28.42
C29 PX4 LA . -16.87 9.37 29.53
C30 PX4 LA . -15.68 9.11 30.45
C31 PX4 LA . -15.70 10.08 31.65
C32 PX4 LA . -17.06 10.11 32.33
C33 PX4 LA . -17.20 11.29 33.31
C34 PX4 LA . -18.40 11.11 34.23
C35 PX4 LA . -18.46 12.27 35.22
C36 PX4 LA . -18.96 13.57 34.54
O1 PX4 MA . -15.63 2.07 14.65
O2 PX4 MA . -16.93 0.28 16.06
P1 PX4 MA . -16.62 1.68 15.68
O3 PX4 MA . -17.95 2.49 15.25
C1 PX4 MA . -18.91 2.22 16.28
C2 PX4 MA . -20.31 2.49 15.74
N1 PX4 MA . -20.97 1.57 14.82
C3 PX4 MA . -20.25 1.73 13.53
C4 PX4 MA . -20.99 0.23 15.38
C5 PX4 MA . -22.32 2.09 14.54
O4 PX4 MA . -16.07 2.37 17.01
C6 PX4 MA . -15.58 1.36 17.90
C7 PX4 MA . -14.90 1.93 19.15
C8 PX4 MA . -16.04 2.73 19.77
O5 PX4 MA . -17.19 1.91 19.97
C9 PX4 MA . -18.32 2.59 20.28
O6 PX4 MA . -18.46 3.82 20.23
C10 PX4 MA . -19.49 1.81 20.88
C11 PX4 MA . -19.48 2.11 22.38
C12 PX4 MA . -20.31 1.12 23.19
C13 PX4 MA . -20.88 1.54 24.55
C14 PX4 MA . -19.85 2.10 25.54
C15 PX4 MA . -20.32 2.36 26.97
C16 PX4 MA . -19.40 3.25 27.79
C17 PX4 MA . -19.95 3.20 29.22
C18 PX4 MA . -19.48 4.55 29.77
C19 PX4 MA . -19.97 4.65 31.22
C20 PX4 MA . -19.54 5.98 31.84
C21 PX4 MA . -20.04 5.98 33.29
C22 PX4 MA . -18.91 6.68 34.04
O7 PX4 MA . -14.21 0.97 19.96
C23 PX4 MA . -13.12 1.49 20.61
O8 PX4 MA . -12.53 2.48 20.18
C24 PX4 MA . -12.56 0.62 21.72
C25 PX4 MA . -12.70 1.20 23.13
C26 PX4 MA . -11.47 1.96 23.61
C27 PX4 MA . -11.72 2.43 25.04
C28 PX4 MA . -10.36 2.69 25.66
C29 PX4 MA . -10.61 3.25 27.06
C30 PX4 MA . -9.31 3.85 27.62
C31 PX4 MA . -9.39 4.38 29.05
C32 PX4 MA . -8.07 4.85 29.68
C33 PX4 MA . -8.31 5.33 31.11
C34 PX4 MA . -9.48 6.31 31.19
C35 PX4 MA . -9.65 6.88 32.61
C36 PX4 MA . -10.76 7.94 32.67
O1 PX4 NA . -17.90 -13.93 19.49
O2 PX4 NA . -16.06 -12.19 19.87
P1 PX4 NA . -17.04 -13.16 20.42
O3 PX4 NA . -15.94 -14.31 20.63
C1 PX4 NA . -15.59 -14.89 19.37
C2 PX4 NA . -14.28 -15.67 19.57
N1 PX4 NA . -14.15 -16.67 20.64
C3 PX4 NA . -13.12 -17.59 20.14
C4 PX4 NA . -13.66 -16.14 21.93
C5 PX4 NA . -15.35 -17.48 20.88
O4 PX4 NA . -17.72 -13.05 21.88
C6 PX4 NA . -16.81 -13.69 22.78
C7 PX4 NA . -17.52 -14.15 24.07
C8 PX4 NA . -18.73 -13.24 24.23
O5 PX4 NA . -18.45 -12.16 25.13
C9 PX4 NA . -19.11 -11.01 24.87
O6 PX4 NA . -20.01 -11.11 24.04
C10 PX4 NA . -18.92 -9.76 25.76
C11 PX4 NA . -18.86 -10.34 27.17
C12 PX4 NA . -19.02 -9.19 28.17
C13 PX4 NA . -18.32 -9.61 29.45
C14 PX4 NA . -16.80 -9.78 29.27
C15 PX4 NA . -16.19 -10.60 30.41
C16 PX4 NA . -14.67 -10.79 30.32
C17 PX4 NA . -14.35 -11.99 31.20
C18 PX4 NA . -14.88 -11.97 32.63
C19 PX4 NA . -14.56 -13.25 33.40
C20 PX4 NA . -15.14 -13.07 34.81
C21 PX4 NA . -14.94 -14.30 35.70
C22 PX4 NA . -15.23 -14.23 37.21
O7 PX4 NA . -17.90 -15.53 24.05
C23 PX4 NA . -16.98 -16.52 24.18
O8 PX4 NA . -15.79 -16.33 24.36
C24 PX4 NA . -17.52 -17.96 24.01
C25 PX4 NA . -17.98 -18.58 25.32
C26 PX4 NA . -16.82 -19.18 26.13
C27 PX4 NA . -17.15 -19.77 27.49
C28 PX4 NA . -17.80 -18.71 28.38
C29 PX4 NA . -18.04 -19.25 29.80
C30 PX4 NA . -18.97 -18.25 30.47
C31 PX4 NA . -18.60 -18.25 31.95
C32 PX4 NA . -19.70 -17.67 32.84
C33 PX4 NA . -19.24 -17.48 34.29
C34 PX4 NA . -20.34 -16.92 35.20
C35 PX4 NA . -21.56 -17.84 35.04
C36 PX4 NA . -22.81 -17.27 35.72
O1 PX4 OA . -5.35 -18.51 18.59
O2 PX4 OA . -7.70 -18.04 19.55
P1 PX4 OA . -6.27 -17.68 19.42
O3 PX4 OA . -6.05 -16.10 19.39
C1 PX4 OA . -7.11 -15.62 20.22
C2 PX4 OA . -7.13 -14.11 20.43
N1 PX4 OA . -6.08 -13.40 21.19
C3 PX4 OA . -4.81 -14.11 21.41
C4 PX4 OA . -5.57 -12.20 20.53
C5 PX4 OA . -6.51 -13.05 22.55
O4 PX4 OA . -5.79 -17.78 20.95
C6 PX4 OA . -5.66 -19.13 21.41
C7 PX4 OA . -6.04 -19.21 22.89
C8 PX4 OA . -6.29 -17.78 23.36
O5 PX4 OA . -5.96 -17.63 24.75
C9 PX4 OA . -5.60 -16.41 25.14
O6 PX4 OA . -5.14 -15.63 24.30
C10 PX4 OA . -5.09 -16.36 26.59
C11 PX4 OA . -6.36 -16.57 27.42
C12 PX4 OA . -6.05 -16.42 28.91
C13 PX4 OA . -5.57 -15.01 29.26
C14 PX4 OA . -4.96 -14.96 30.66
C15 PX4 OA . -4.21 -13.67 30.95
C16 PX4 OA . -3.68 -13.56 32.39
C17 PX4 OA . -2.89 -12.25 32.55
C18 PX4 OA . -1.78 -12.42 33.59
C19 PX4 OA . -2.38 -12.88 34.91
C20 PX4 OA . -1.24 -13.17 35.88
C21 PX4 OA . -1.73 -13.64 37.25
C22 PX4 OA . -0.47 -13.82 38.11
O7 PX4 OA . -7.13 -20.12 23.12
C23 PX4 OA . -6.73 -21.42 23.26
O8 PX4 OA . -5.60 -21.75 22.93
C24 PX4 OA . -7.82 -22.46 23.52
C25 PX4 OA . -7.74 -23.12 24.90
C26 PX4 OA . -8.18 -22.13 25.98
C27 PX4 OA . -8.33 -22.76 27.37
C28 PX4 OA . -7.14 -23.62 27.82
C29 PX4 OA . -7.54 -24.31 29.13
C30 PX4 OA . -6.34 -25.23 29.33
C31 PX4 OA . -5.27 -24.20 29.72
C32 PX4 OA . -5.48 -23.69 31.14
C33 PX4 OA . -4.29 -22.78 31.44
C34 PX4 OA . -4.27 -22.00 32.76
C35 PX4 OA . -5.46 -21.04 32.76
C36 PX4 OA . -5.27 -20.06 31.60
O1 PX4 PA . -6.00 -29.31 24.12
O2 PX4 PA . -5.98 -27.24 22.52
P1 PX4 PA . -5.34 -28.18 23.46
O3 PX4 PA . -4.11 -28.76 22.59
C1 PX4 PA . -3.75 -30.08 22.97
C2 PX4 PA . -2.30 -30.35 22.59
N1 PX4 PA . -1.96 -30.40 21.16
C3 PX4 PA . -2.84 -31.29 20.40
C4 PX4 PA . -1.83 -29.04 20.62
C5 PX4 PA . -0.59 -30.88 20.97
O4 PX4 PA . -4.32 -27.41 24.46
C6 PX4 PA . -5.15 -26.58 25.26
C7 PX4 PA . -4.50 -25.82 26.42
C8 PX4 PA . -3.26 -26.61 26.84
O5 PX4 PA . -2.75 -26.34 28.16
C9 PX4 PA . -1.50 -26.83 28.37
O6 PX4 PA . -0.87 -27.35 27.45
C10 PX4 PA . -0.85 -26.70 29.75
C11 PX4 PA . -1.06 -25.29 30.31
C12 PX4 PA . -0.85 -25.35 31.82
C13 PX4 PA . -0.65 -23.92 32.29
C14 PX4 PA . -0.46 -23.84 33.81
C15 PX4 PA . -0.19 -22.45 34.38
C16 PX4 PA . -0.22 -22.48 35.91
C17 PX4 PA . 0.07 -21.04 36.33
C18 PX4 PA . 0.10 -21.13 37.85
C19 PX4 PA . -1.23 -21.59 38.45
C20 PX4 PA . -1.60 -21.03 39.83
C21 PX4 PA . -0.36 -21.05 40.73
C22 PX4 PA . -0.57 -20.53 42.16
O7 PX4 PA . -4.17 -24.44 26.22
C23 PX4 PA . -3.10 -23.90 25.57
O8 PX4 PA . -2.40 -24.55 24.80
C24 PX4 PA . -2.61 -22.53 26.03
C25 PX4 PA . -3.76 -21.59 26.35
C26 PX4 PA . -3.13 -20.32 26.93
C27 PX4 PA . -2.22 -20.49 28.15
C28 PX4 PA . -2.07 -19.11 28.78
C29 PX4 PA . -1.18 -19.25 30.02
C30 PX4 PA . -0.76 -17.94 30.68
C31 PX4 PA . 0.14 -18.22 31.87
C32 PX4 PA . 0.30 -16.99 32.79
C33 PX4 PA . 1.14 -15.84 32.24
C34 PX4 PA . 1.31 -14.79 33.34
C35 PX4 PA . 2.20 -13.70 32.73
C36 PX4 PA . 1.97 -12.45 33.59
O1 PX4 QA . 13.59 -23.50 18.56
O2 PX4 QA . 15.25 -25.65 18.54
P1 PX4 QA . 13.95 -24.93 18.64
O3 PX4 QA . 13.15 -25.52 17.38
C1 PX4 QA . 11.79 -25.06 17.43
C2 PX4 QA . 10.88 -25.85 16.48
N1 PX4 QA . 10.26 -27.14 16.86
C3 PX4 QA . 11.32 -28.16 16.85
C4 PX4 QA . 9.54 -27.24 18.13
C5 PX4 QA . 9.31 -27.30 15.75
O4 PX4 QA . 13.09 -25.64 19.81
C6 PX4 QA . 13.72 -26.79 20.37
C7 PX4 QA . 13.87 -26.71 21.89
C8 PX4 QA . 12.56 -26.35 22.59
O5 PX4 QA . 12.87 -25.44 23.64
C9 PX4 QA . 11.72 -24.95 24.22
O6 PX4 QA . 10.62 -25.30 23.80
C10 PX4 QA . 11.84 -24.04 25.43
C11 PX4 QA . 11.72 -24.92 26.68
C12 PX4 QA . 11.89 -24.22 28.04
C13 PX4 QA . 12.22 -25.24 29.12
C14 PX4 QA . 12.91 -24.73 30.38
C15 PX4 QA . 13.03 -25.89 31.38
C16 PX4 QA . 13.94 -25.40 32.51
C17 PX4 QA . 14.25 -26.44 33.59
C18 PX4 QA . 15.27 -25.89 34.60
C19 PX4 QA . 15.23 -26.78 35.85
C20 PX4 QA . 16.41 -26.46 36.76
C21 PX4 QA . 16.65 -27.39 37.95
C22 PX4 QA . 17.06 -28.84 37.65
O7 PX4 QA . 14.43 -27.82 22.60
C23 PX4 QA . 15.75 -27.88 22.89
O8 PX4 QA . 16.56 -27.66 21.99
C24 PX4 QA . 16.09 -28.88 23.97
C25 PX4 QA . 17.60 -28.76 24.23
C26 PX4 QA . 18.04 -29.66 25.39
C27 PX4 QA . 17.33 -29.36 26.72
C28 PX4 QA . 17.96 -30.45 27.57
C29 PX4 QA . 17.70 -30.54 29.08
C30 PX4 QA . 18.05 -31.88 29.71
C31 PX4 QA . 17.67 -31.68 31.18
C32 PX4 QA . 17.94 -33.03 31.84
C33 PX4 QA . 17.47 -32.82 33.28
C34 PX4 QA . 17.57 -34.06 34.17
C35 PX4 QA . 17.19 -33.67 35.60
C36 PX4 QA . 17.35 -34.96 36.39
O1 PX4 RA . -33.38 -2.39 18.78
O2 PX4 RA . -33.18 -0.41 17.12
P1 PX4 RA . -32.74 -1.14 18.33
O3 PX4 RA . -31.21 -1.60 18.24
C1 PX4 RA . -31.23 -2.84 17.50
C2 PX4 RA . -30.17 -3.78 18.07
N1 PX4 RA . -28.78 -3.33 18.30
C3 PX4 RA . -28.51 -2.39 19.39
C4 PX4 RA . -28.04 -4.56 18.59
C5 PX4 RA . -28.19 -2.70 17.10
O4 PX4 RA . -32.63 -0.12 19.57
C6 PX4 RA . -32.70 -0.87 20.78
C7 PX4 RA . -32.17 0.02 21.91
C8 PX4 RA . -33.39 0.28 22.80
O5 PX4 RA . -34.31 -0.80 22.82
C9 PX4 RA . -35.63 -0.50 22.75
O6 PX4 RA . -36.01 0.67 22.68
C10 PX4 RA . -36.56 -1.71 22.74
C11 PX4 RA . -37.61 -1.58 23.85
C12 PX4 RA . -36.96 -1.94 25.19
C13 PX4 RA . -37.68 -1.41 26.43
C14 PX4 RA . -36.96 -1.95 27.67
C15 PX4 RA . -37.76 -1.72 28.94
C16 PX4 RA . -39.19 -2.19 28.63
C17 PX4 RA . -39.94 -1.75 29.88
C18 PX4 RA . -39.48 -2.28 31.24
C19 PX4 RA . -40.08 -1.42 32.36
C20 PX4 RA . -39.49 -1.54 33.77
C21 PX4 RA . -40.46 -1.55 34.95
C22 PX4 RA . -39.76 -1.49 36.32
O7 PX4 RA . -30.96 -0.31 22.57
C23 PX4 RA . -29.81 0.34 22.27
O8 PX4 RA . -29.90 1.48 21.79
C24 PX4 RA . -28.56 -0.32 22.86
C25 PX4 RA . -28.72 -1.01 24.22
C26 PX4 RA . -27.33 -1.45 24.70
C27 PX4 RA . -27.42 -2.28 25.99
C28 PX4 RA . -26.19 -2.95 26.62
C29 PX4 RA . -26.45 -3.10 28.12
C30 PX4 RA . -26.64 -1.80 28.91
C31 PX4 RA . -26.79 -2.13 30.40
C32 PX4 RA . -26.51 -0.83 31.13
C33 PX4 RA . -26.96 -0.90 32.58
C34 PX4 RA . -26.64 0.39 33.33
C35 PX4 RA . -26.54 0.14 34.84
C36 PX4 RA . -25.93 1.37 35.51
O1 PX4 SA . -30.61 -12.80 18.62
O2 PX4 SA . -31.91 -14.31 20.18
P1 PX4 SA . -31.48 -12.95 19.82
O3 PX4 SA . -32.76 -12.01 19.51
C1 PX4 SA . -33.42 -12.55 18.37
C2 PX4 SA . -34.94 -12.44 18.20
N1 PX4 SA . -35.65 -13.39 17.33
C3 PX4 SA . -35.03 -13.47 15.99
C4 PX4 SA . -35.50 -14.74 17.86
C5 PX4 SA . -37.03 -13.01 17.07
O4 PX4 SA . -30.86 -12.17 21.08
C6 PX4 SA . -30.31 -10.94 20.62
C7 PX4 SA . -29.63 -10.08 21.68
C8 PX4 SA . -30.73 -10.02 22.76
O5 PX4 SA . -31.82 -9.14 22.56
C9 PX4 SA . -32.57 -9.22 23.69
O6 PX4 SA . -32.21 -9.84 24.70
C10 PX4 SA . -33.88 -8.44 23.56
C11 PX4 SA . -34.07 -7.67 24.87
C12 PX4 SA . -35.12 -6.57 24.61
C13 PX4 SA . -35.34 -5.82 25.93
C14 PX4 SA . -35.81 -6.67 27.11
C15 PX4 SA . -35.95 -5.92 28.43
C16 PX4 SA . -34.59 -5.48 28.99
C17 PX4 SA . -33.63 -6.67 29.18
C18 PX4 SA . -32.58 -6.27 30.21
C19 PX4 SA . -33.34 -6.13 31.53
C20 PX4 SA . -32.49 -5.68 32.71
C21 PX4 SA . -32.99 -6.23 34.04
C22 PX4 SA . -31.83 -6.01 35.02
O7 PX4 SA . -28.37 -10.48 22.23
C23 PX4 SA . -27.22 -10.08 21.63
O8 PX4 SA . -27.20 -9.61 20.50
C24 PX4 SA . -25.95 -10.50 22.38
C25 PX4 SA . -25.91 -9.87 23.76
C26 PX4 SA . -24.89 -10.72 24.52
C27 PX4 SA . -24.84 -10.20 25.95
C28 PX4 SA . -24.07 -11.20 26.82
C29 PX4 SA . -23.96 -10.66 28.26
C30 PX4 SA . -23.25 -11.71 29.10
C31 PX4 SA . -23.26 -11.24 30.56
C32 PX4 SA . -22.28 -10.10 30.81
C33 PX4 SA . -22.15 -9.97 32.33
C34 PX4 SA . -23.54 -10.09 32.99
C35 PX4 SA . -23.25 -9.92 34.48
C36 PX4 SA . -24.57 -9.81 35.25
O1 PX4 TA . -10.66 12.62 14.19
O2 PX4 TA . -9.97 10.37 13.44
P1 PX4 TA . -10.90 11.15 14.28
O3 PX4 TA . -12.41 10.79 13.86
C1 PX4 TA . -13.20 11.83 14.44
C2 PX4 TA . -14.67 11.47 14.65
N1 PX4 TA . -15.73 11.53 13.64
C3 PX4 TA . -15.85 12.88 13.09
C4 PX4 TA . -15.59 10.50 12.60
C5 PX4 TA . -16.99 11.16 14.28
O4 PX4 TA . -10.96 10.62 15.79
C6 PX4 TA . -11.09 9.21 15.97
C7 PX4 TA . -11.74 8.65 17.24
C8 PX4 TA . -12.31 9.80 18.05
O5 PX4 TA . -11.98 9.60 19.43
C9 PX4 TA . -12.57 10.50 20.27
O6 PX4 TA . -12.98 11.58 19.82
C10 PX4 TA . -12.37 10.17 21.73
C11 PX4 TA . -13.71 10.14 22.45
C12 PX4 TA . -13.38 9.99 23.94
C13 PX4 TA . -14.75 10.16 24.62
C14 PX4 TA . -14.48 10.47 26.09
C15 PX4 TA . -13.67 11.74 26.42
C16 PX4 TA . -14.54 12.92 25.96
C17 PX4 TA . -13.73 14.19 26.13
C18 PX4 TA . -13.41 14.25 27.63
C19 PX4 TA . -12.01 14.85 27.72
C20 PX4 TA . -11.61 15.15 29.16
C21 PX4 TA . -10.21 15.75 29.10
C22 PX4 TA . -9.64 16.16 30.46
O7 PX4 TA . -12.65 7.58 16.94
C23 PX4 TA . -12.18 6.33 16.74
O8 PX4 TA . -11.06 6.18 16.24
C24 PX4 TA . -13.22 5.24 16.96
C25 PX4 TA . -14.23 5.79 17.97
C26 PX4 TA . -13.60 5.86 19.36
C27 PX4 TA . -14.61 5.93 20.51
C28 PX4 TA . -14.10 5.19 21.75
C29 PX4 TA . -15.25 5.12 22.75
C30 PX4 TA . -14.82 4.41 24.03
C31 PX4 TA . -15.97 4.12 25.01
C32 PX4 TA . -15.45 3.45 26.29
C33 PX4 TA . -14.58 4.39 27.12
C34 PX4 TA . -14.37 3.93 28.57
C35 PX4 TA . -13.56 4.89 29.45
C36 PX4 TA . -13.45 4.36 30.87
O1 PX4 UA . -8.03 12.95 15.78
O2 PX4 UA . -10.09 13.23 17.31
P1 PX4 UA . -8.64 13.41 17.05
O3 PX4 UA . -8.26 14.95 17.23
C1 PX4 UA . -8.50 15.38 18.58
C2 PX4 UA . -8.53 16.91 18.62
N1 PX4 UA . -8.62 17.47 19.97
C3 PX4 UA . -8.91 18.92 19.92
C4 PX4 UA . -9.51 16.86 20.98
C5 PX4 UA . -7.30 17.49 20.63
O4 PX4 UA . -7.86 12.74 18.28
C6 PX4 UA . -8.39 11.48 18.71
C7 PX4 UA . -7.38 10.57 19.38
C8 PX4 UA . -6.50 11.38 20.34
O5 PX4 UA . -5.18 11.40 19.81
C9 PX4 UA . -4.24 12.02 20.57
O6 PX4 UA . -4.62 12.72 21.52
C10 PX4 UA . -2.80 11.97 20.03
C11 PX4 UA . -1.94 11.46 21.18
C12 PX4 UA . -0.53 11.00 20.78
C13 PX4 UA . 0.22 10.52 22.02
C14 PX4 UA . -0.53 9.40 22.73
C15 PX4 UA . 0.37 8.77 23.79
C16 PX4 UA . -0.35 7.55 24.34
C17 PX4 UA . 0.26 6.78 25.52
C18 PX4 UA . 0.72 7.48 26.78
C19 PX4 UA . 1.58 6.56 27.65
C20 PX4 UA . 1.97 7.47 28.84
C21 PX4 UA . 3.04 8.43 28.32
C22 PX4 UA . 3.09 9.36 29.54
O7 PX4 UA . -7.93 9.38 19.96
C23 PX4 UA . -8.39 8.29 19.29
O8 PX4 UA . -8.23 8.30 18.07
C24 PX4 UA . -8.72 6.99 20.02
C25 PX4 UA . -9.38 7.17 21.38
C26 PX4 UA . -9.32 5.82 22.10
C27 PX4 UA . -10.00 5.87 23.45
C28 PX4 UA . -9.64 7.07 24.33
C29 PX4 UA . -10.54 7.20 25.55
C30 PX4 UA . -9.84 8.27 26.39
C31 PX4 UA . -10.89 8.71 27.42
C32 PX4 UA . -10.19 9.65 28.42
C33 PX4 UA . -11.21 10.42 29.27
C34 PX4 UA . -10.45 11.34 30.21
C35 PX4 UA . -11.43 11.92 31.23
C36 PX4 UA . -10.58 12.92 32.00
O1 PX4 VA . -20.61 -11.30 17.93
O2 PX4 VA . -21.33 -9.17 16.78
P1 PX4 VA . -20.36 -9.87 17.65
O3 PX4 VA . -18.90 -9.73 16.97
C1 PX4 VA . -18.81 -8.51 16.26
C2 PX4 VA . -17.58 -8.41 15.36
N1 PX4 VA . -17.76 -9.16 14.11
C3 PX4 VA . -19.10 -9.11 13.52
C4 PX4 VA . -16.73 -8.56 13.26
C5 PX4 VA . -17.38 -10.60 14.20
O4 PX4 VA . -20.10 -9.11 19.05
C6 PX4 VA . -18.85 -9.54 19.59
C7 PX4 VA . -18.52 -8.98 20.98
C8 PX4 VA . -19.87 -9.14 21.67
O5 PX4 VA . -20.47 -8.17 22.53
C9 PX4 VA . -21.78 -8.45 22.81
O6 PX4 VA . -22.44 -9.13 22.03
C10 PX4 VA . -22.53 -7.83 23.99
C11 PX4 VA . -21.67 -7.63 25.23
C12 PX4 VA . -22.66 -6.99 26.19
C13 PX4 VA . -22.23 -6.80 27.64
C14 PX4 VA . -23.36 -6.32 28.55
C15 PX4 VA . -22.86 -5.89 29.93
C16 PX4 VA . -24.03 -5.12 30.57
C17 PX4 VA . -23.61 -4.63 31.94
C18 PX4 VA . -23.22 -5.89 32.71
C19 PX4 VA . -22.65 -5.44 34.06
C20 PX4 VA . -21.36 -4.66 33.86
C21 PX4 VA . -20.95 -3.90 35.12
C22 PX4 VA . -19.67 -3.20 34.68
O7 PX4 VA . -17.35 -9.35 21.73
C23 PX4 VA . -16.14 -9.17 21.13
O8 PX4 VA . -16.13 -8.59 20.04
C24 PX4 VA . -14.87 -9.46 21.93
C25 PX4 VA . -14.33 -8.09 22.32
C26 PX4 VA . -13.09 -7.98 23.21
C27 PX4 VA . -13.28 -8.80 24.49
C28 PX4 VA . -12.11 -8.75 25.48
C29 PX4 VA . -12.36 -9.97 26.37
C30 PX4 VA . -11.27 -10.06 27.44
C31 PX4 VA . -11.39 -8.93 28.44
C32 PX4 VA . -10.22 -9.20 29.37
C33 PX4 VA . -10.22 -8.17 30.50
C34 PX4 VA . -9.10 -8.54 31.47
C35 PX4 VA . -8.98 -7.58 32.67
C36 PX4 VA . -7.82 -7.85 33.64
O1 PX4 WA . -12.52 -3.60 18.51
O2 PX4 WA . -14.67 -3.46 17.15
P1 PX4 WA . -13.74 -2.86 18.14
O3 PX4 WA . -13.34 -1.45 17.47
C1 PX4 WA . -12.08 -1.07 18.02
C2 PX4 WA . -11.50 0.28 17.59
N1 PX4 WA . -11.41 0.69 16.18
C3 PX4 WA . -10.95 2.08 16.06
C4 PX4 WA . -10.50 -0.27 15.55
C5 PX4 WA . -12.70 0.57 15.47
O4 PX4 WA . -14.61 -2.58 19.46
C6 PX4 WA . -15.93 -2.13 19.17
C7 PX4 WA . -16.85 -2.10 20.38
C8 PX4 WA . -16.46 -0.90 21.24
O5 PX4 WA . -16.80 -1.15 22.61
C9 PX4 WA . -16.43 -0.16 23.46
O6 PX4 WA . -15.96 0.90 23.04
C10 PX4 WA . -16.43 -0.40 24.97
C11 PX4 WA . -17.49 -1.42 25.43
C12 PX4 WA . -17.06 -1.90 26.82
C13 PX4 WA . -17.92 -3.11 27.18
C14 PX4 WA . -17.72 -3.27 28.68
C15 PX4 WA . -18.18 -4.64 29.20
C16 PX4 WA . -17.92 -4.90 30.69
C17 PX4 WA . -18.66 -6.09 31.29
C18 PX4 WA . -18.01 -6.51 32.62
C19 PX4 WA . -18.21 -7.96 33.07
C20 PX4 WA . -17.14 -8.25 34.12
C21 PX4 WA . -17.15 -9.60 34.83
C22 PX4 WA . -16.09 -9.60 35.92
O7 PX4 WA . -18.24 -2.00 20.04
C23 PX4 WA . -19.15 -2.82 20.64
O8 PX4 WA . -18.69 -3.92 21.00
C24 PX4 WA . -20.61 -2.49 20.34
C25 PX4 WA . -21.45 -2.09 21.55
C26 PX4 WA . -21.85 -3.33 22.34
C27 PX4 WA . -22.72 -2.87 23.52
C28 PX4 WA . -21.82 -2.46 24.69
C29 PX4 WA . -22.51 -1.62 25.76
C30 PX4 WA . -21.39 -1.48 26.79
C31 PX4 WA . -22.02 -1.00 28.11
C32 PX4 WA . -20.85 -0.77 29.07
C33 PX4 WA . -21.32 -0.26 30.44
C34 PX4 WA . -21.28 -1.40 31.47
C35 PX4 WA . -21.80 -0.88 32.81
C36 PX4 WA . -23.26 -0.44 32.67
O1 PX4 XA . 5.22 -4.83 17.89
O2 PX4 XA . 4.23 -2.56 17.06
P1 PX4 XA . 5.32 -3.36 17.67
O3 PX4 XA . 6.74 -2.92 17.05
C1 PX4 XA . 7.76 -3.21 18.01
C2 PX4 XA . 9.20 -3.13 17.47
N1 PX4 XA . 10.24 -3.38 18.47
C3 PX4 XA . 10.47 -2.17 19.27
C4 PX4 XA . 10.02 -4.53 19.37
C5 PX4 XA . 11.42 -3.59 17.62
O4 PX4 XA . 5.35 -2.78 19.16
C6 PX4 XA . 4.11 -2.98 19.86
C7 PX4 XA . 4.19 -2.97 21.40
C8 PX4 XA . 5.60 -2.52 21.78
O5 PX4 XA . 6.15 -3.54 22.61
C9 PX4 XA . 7.48 -3.67 22.39
O6 PX4 XA . 8.17 -3.04 21.59
C10 PX4 XA . 8.23 -4.76 23.13
C11 PX4 XA . 8.81 -4.12 24.39
C12 PX4 XA . 8.31 -4.82 25.64
C13 PX4 XA . 8.82 -4.04 26.86
C14 PX4 XA . 10.33 -4.15 27.00
C15 PX4 XA . 10.58 -5.39 27.86
C16 PX4 XA . 12.06 -5.79 27.92
C17 PX4 XA . 12.24 -7.27 28.26
C18 PX4 XA . 13.08 -7.43 29.53
C19 PX4 XA . 12.48 -6.75 30.76
C20 PX4 XA . 13.42 -6.81 31.95
C21 PX4 XA . 12.68 -6.58 33.27
C22 PX4 XA . 12.11 -5.17 33.40
O7 PX4 XA . 3.11 -2.34 22.06
C23 PX4 XA . 1.78 -2.56 21.82
O8 PX4 XA . 1.43 -3.37 20.96
C24 PX4 XA . 0.69 -1.79 22.54
C25 PX4 XA . 0.72 -2.10 24.04
C26 PX4 XA . -0.59 -1.55 24.62
C27 PX4 XA . -0.60 -2.24 25.99
C28 PX4 XA . -1.76 -1.56 26.73
C29 PX4 XA . -1.34 -0.11 26.96
C30 PX4 XA . -2.14 0.64 28.03
C31 PX4 XA . -1.86 -0.07 29.35
C32 PX4 XA . -2.64 0.56 30.51
C33 PX4 XA . -4.11 0.28 30.13
C34 PX4 XA . -5.06 0.85 31.18
C35 PX4 XA . -6.53 0.81 30.76
C36 PX4 XA . -7.39 1.66 31.71
O1 PX4 YA . 4.72 -12.29 15.59
O2 PX4 YA . 5.67 -9.97 16.22
P1 PX4 YA . 5.31 -11.36 16.58
O3 PX4 YA . 6.77 -12.04 16.76
C1 PX4 YA . 7.52 -12.01 15.55
C2 PX4 YA . 9.03 -12.30 15.62
N1 PX4 YA . 9.94 -11.60 16.53
C3 PX4 YA . 9.89 -10.14 16.40
C4 PX4 YA . 9.86 -11.94 17.95
C5 PX4 YA . 11.28 -11.89 15.99
O4 PX4 YA . 4.85 -11.65 18.10
C6 PX4 YA . 5.33 -10.63 18.98
C7 PX4 YA . 5.83 -10.95 20.39
C8 PX4 YA . 5.05 -12.18 20.85
O5 PX4 YA . 4.94 -12.16 22.27
C9 PX4 YA . 3.83 -12.79 22.75
O6 PX4 YA . 3.11 -13.51 22.07
C10 PX4 YA . 3.64 -12.76 24.26
C11 PX4 YA . 4.49 -11.75 25.02
C12 PX4 YA . 4.19 -11.71 26.52
C13 PX4 YA . 4.91 -10.55 27.22
C14 PX4 YA . 4.66 -10.55 28.73
C15 PX4 YA . 5.50 -9.39 29.26
C16 PX4 YA . 5.33 -9.21 30.76
C17 PX4 YA . 5.88 -7.92 31.37
C18 PX4 YA . 5.24 -6.67 30.75
C19 PX4 YA . 6.05 -5.42 31.13
C20 PX4 YA . 7.52 -5.65 30.74
C21 PX4 YA . 8.30 -4.37 31.07
C22 PX4 YA . 8.39 -3.87 32.51
O7 PX4 YA . 7.25 -10.85 20.51
C23 PX4 YA . 7.85 -9.63 20.64
O8 PX4 YA . 7.13 -8.67 20.36
C24 PX4 YA . 9.36 -9.57 20.82
C25 PX4 YA . 9.79 -9.21 22.25
C26 PX4 YA . 8.96 -9.85 23.37
C27 PX4 YA . 9.48 -9.41 24.74
C28 PX4 YA . 8.64 -10.05 25.84
C29 PX4 YA . 9.10 -9.27 27.10
C30 PX4 YA . 8.75 -9.98 28.40
C31 PX4 YA . 9.45 -9.29 29.56
C32 PX4 YA . 9.35 -10.13 30.83
C33 PX4 YA . 9.99 -9.42 32.03
C34 PX4 YA . 9.36 -9.66 33.41
C35 PX4 YA . 9.95 -8.88 34.56
C36 PX4 YA . 8.92 -8.97 35.69
O1 PX4 ZA . 17.81 -18.76 19.66
O2 PX4 ZA . 16.81 -16.45 19.36
P1 PX4 ZA . 17.17 -17.57 20.26
O3 PX4 ZA . 17.97 -17.09 21.58
C1 PX4 ZA . 17.45 -15.82 21.97
C2 PX4 ZA . 18.33 -15.02 22.91
N1 PX4 ZA . 17.78 -13.85 23.59
C3 PX4 ZA . 16.75 -14.19 24.59
C4 PX4 ZA . 18.83 -13.25 24.43
C5 PX4 ZA . 17.17 -12.78 22.78
O4 PX4 ZA . 15.82 -17.92 21.04
C6 PX4 ZA . 15.91 -19.10 21.83
C7 PX4 ZA . 14.58 -19.47 22.50
C8 PX4 ZA . 14.54 -20.99 22.35
O5 PX4 ZA . 15.73 -21.77 22.16
C9 PX4 ZA . 15.58 -23.03 21.72
O6 PX4 ZA . 14.47 -23.39 21.30
C10 PX4 ZA . 16.69 -24.02 22.08
C11 PX4 ZA . 16.93 -24.02 23.59
C12 PX4 ZA . 18.04 -24.94 24.07
C13 PX4 ZA . 18.37 -24.73 25.56
C14 PX4 ZA . 17.13 -25.00 26.42
C15 PX4 ZA . 17.51 -25.52 27.82
C16 PX4 ZA . 16.55 -25.50 29.00
C17 PX4 ZA . 17.40 -25.72 30.25
C18 PX4 ZA . 18.31 -26.94 30.15
C19 PX4 ZA . 18.84 -27.35 31.53
C20 PX4 ZA . 19.80 -26.31 32.11
C21 PX4 ZA . 20.34 -26.92 33.41
C22 PX4 ZA . 19.30 -26.90 34.53
O7 PX4 ZA . 14.52 -19.05 23.87
C23 PX4 ZA . 13.87 -17.89 24.21
O8 PX4 ZA . 13.06 -17.33 23.49
C24 PX4 ZA . 13.86 -17.65 25.71
C25 PX4 ZA . 15.31 -17.36 26.06
C26 PX4 ZA . 15.33 -16.92 27.54
C27 PX4 ZA . 16.78 -16.58 27.93
C28 PX4 ZA . 16.64 -16.13 29.38
C29 PX4 ZA . 16.96 -17.28 30.33
C30 PX4 ZA . 16.85 -16.85 31.80
C31 PX4 ZA . 15.46 -16.79 32.42
C32 PX4 ZA . 15.47 -15.82 33.61
C33 PX4 ZA . 14.10 -15.70 34.27
C34 PX4 ZA . 14.37 -14.63 35.33
C35 PX4 ZA . 13.11 -14.19 36.07
C36 PX4 ZA . 12.22 -13.42 35.09
O1 PX4 AB . -31.52 7.44 15.40
O2 PX4 AB . -29.14 7.29 16.40
P1 PX4 AB . -30.61 7.29 16.55
O3 PX4 AB . -31.11 6.06 17.47
C1 PX4 AB . -32.49 6.21 17.83
C2 PX4 AB . -33.08 4.90 18.40
N1 PX4 AB . -32.96 3.68 17.62
C3 PX4 AB . -31.67 3.01 17.76
C4 PX4 AB . -33.93 2.83 18.34
C5 PX4 AB . -33.34 3.79 16.19
O4 PX4 AB . -30.82 8.51 17.61
C6 PX4 AB . -29.83 8.48 18.63
C7 PX4 AB . -30.41 8.95 19.96
C8 PX4 AB . -31.52 9.94 19.59
O5 PX4 AB . -31.58 11.08 20.46
C9 PX4 AB . -32.57 11.93 20.11
O6 PX4 AB . -33.26 11.62 19.14
C10 PX4 AB . -32.96 13.06 21.08
C11 PX4 AB . -33.38 12.54 22.45
C12 PX4 AB . -33.37 13.75 23.38
C13 PX4 AB . -33.87 13.48 24.79
C14 PX4 AB . -35.29 12.93 24.78
C15 PX4 AB . -35.72 12.46 26.15
C16 PX4 AB . -37.18 11.97 26.18
C17 PX4 AB . -37.57 11.57 27.60
C18 PX4 AB . -38.35 12.63 28.38
C19 PX4 AB . -38.62 12.20 29.82
C20 PX4 AB . -37.25 12.07 30.49
C21 PX4 AB . -37.48 11.77 31.99
C22 PX4 AB . -38.51 12.80 32.44
O7 PX4 AB . -30.87 7.87 20.79
C23 PX4 AB . -29.97 7.19 21.54
O8 PX4 AB . -28.77 7.23 21.26
C24 PX4 AB . -30.55 6.35 22.66
C25 PX4 AB . -29.50 5.31 23.10
C26 PX4 AB . -30.03 4.37 24.19
C27 PX4 AB . -28.87 3.39 24.44
C28 PX4 AB . -29.04 2.69 25.79
C29 PX4 AB . -30.45 2.13 25.97
C30 PX4 AB . -30.57 1.44 27.32
C31 PX4 AB . -30.43 2.48 28.44
C32 PX4 AB . -30.32 1.81 29.81
C33 PX4 AB . -30.29 2.90 30.88
C34 PX4 AB . -30.35 2.19 32.23
C35 PX4 AB . -30.81 3.24 33.26
C36 PX4 AB . -30.85 2.79 34.72
O1 PX4 BB . -15.26 13.22 17.65
O2 PX4 BB . -15.65 10.66 17.99
P1 PX4 BB . -15.86 12.08 18.38
O3 PX4 BB . -17.42 12.07 17.96
C1 PX4 BB . -18.11 10.98 18.55
C2 PX4 BB . -19.49 10.73 17.95
N1 PX4 BB . -19.91 9.33 17.82
C3 PX4 BB . -20.16 8.71 19.13
C4 PX4 BB . -21.18 9.22 17.08
C5 PX4 BB . -18.94 8.59 17.00
O4 PX4 BB . -16.17 12.40 19.93
C6 PX4 BB . -15.49 13.64 20.16
C7 PX4 BB . -15.57 14.13 21.61
C8 PX4 BB . -16.65 13.24 22.24
O5 PX4 BB . -17.67 14.00 22.90
C9 PX4 BB . -18.68 13.16 23.25
O6 PX4 BB . -18.81 12.02 22.81
C10 PX4 BB . -19.82 13.81 24.03
C11 PX4 BB . -19.81 13.48 25.53
C12 PX4 BB . -18.50 13.96 26.12
C13 PX4 BB . -18.56 13.80 27.64
C14 PX4 BB . -17.26 14.25 28.30
C15 PX4 BB . -17.35 14.21 29.83
C16 PX4 BB . -16.18 14.84 30.60
C17 PX4 BB . -16.10 16.31 30.22
C18 PX4 BB . -14.86 16.87 30.92
C19 PX4 BB . -14.31 18.14 30.27
C20 PX4 BB . -13.14 18.59 31.14
C21 PX4 BB . -12.47 19.81 30.50
C22 PX4 BB . -11.46 20.37 31.50
O7 PX4 BB . -14.36 14.02 22.35
C23 PX4 BB . -13.30 14.86 22.23
O8 PX4 BB . -13.28 15.84 21.46
C24 PX4 BB . -12.13 14.77 23.21
C25 PX4 BB . -11.22 13.61 22.83
C26 PX4 BB . -10.19 13.42 23.95
C27 PX4 BB . -9.52 12.04 23.95
C28 PX4 BB . -8.14 12.17 24.60
C29 PX4 BB . -8.20 12.81 26.00
C30 PX4 BB . -6.78 13.05 26.51
C31 PX4 BB . -6.87 13.17 28.04
C32 PX4 BB . -5.46 13.45 28.53
C33 PX4 BB . -5.70 13.52 30.04
C34 PX4 BB . -4.45 14.05 30.74
C35 PX4 BB . -4.67 14.28 32.24
C36 PX4 BB . -5.72 15.40 32.28
O1 PX4 CB . -4.24 13.97 17.17
O2 PX4 CB . -5.60 14.90 19.24
P1 PX4 CB . -4.56 15.00 18.20
O3 PX4 CB . -4.80 16.43 17.50
C1 PX4 CB . -5.37 16.30 16.19
C2 PX4 CB . -5.59 17.70 15.60
N1 PX4 CB . -6.08 17.76 14.22
C3 PX4 CB . -7.50 17.43 14.21
C4 PX4 CB . -6.05 19.15 13.75
C5 PX4 CB . -5.41 16.98 13.16
O4 PX4 CB . -3.19 15.45 18.91
C6 PX4 CB . -3.46 16.54 19.77
C7 PX4 CB . -3.31 16.11 21.24
C8 PX4 CB . -1.80 15.94 21.43
O5 PX4 CB . -1.49 14.85 22.31
C9 PX4 CB . -1.53 15.15 23.64
O6 PX4 CB . -1.51 16.28 24.09
C10 PX4 CB . -1.53 13.97 24.62
C11 PX4 CB . -2.86 13.22 24.78
C12 PX4 CB . -2.86 11.90 25.56
C13 PX4 CB . -2.16 12.14 26.90
C14 PX4 CB . -2.27 10.83 27.68
C15 PX4 CB . -1.46 10.79 28.97
C16 PX4 CB . -1.67 9.49 29.75
C17 PX4 CB . -0.81 9.37 31.00
C18 PX4 CB . -1.21 10.35 32.09
C19 PX4 CB . -0.47 9.88 33.35
C20 PX4 CB . 0.96 10.38 33.48
C21 PX4 CB . 1.57 10.14 34.86
C22 PX4 CB . 2.95 10.77 34.99
O7 PX4 CB . -4.07 16.84 22.21
C23 PX4 CB . -3.86 18.09 22.68
O8 PX4 CB . -3.28 18.84 21.88
C24 PX4 CB . -4.53 18.52 23.98
C25 PX4 CB . -5.87 17.90 24.36
C26 PX4 CB . -6.42 18.34 25.71
C27 PX4 CB . -7.67 17.59 26.18
C28 PX4 CB . -8.87 17.81 25.26
C29 PX4 CB . -9.17 19.29 24.97
C30 PX4 CB . -10.38 19.49 24.04
C31 PX4 CB . -11.53 18.97 24.89
C32 PX4 CB . -12.64 18.21 24.15
C33 PX4 CB . -13.80 18.20 25.15
C34 PX4 CB . -14.98 17.50 24.48
C35 PX4 CB . -16.25 17.69 25.32
C36 PX4 CB . -17.32 16.99 24.47
O1 PX4 DB . -6.22 -1.72 17.92
O2 PX4 DB . -8.82 -1.92 18.32
P1 PX4 DB . -7.50 -1.31 18.56
O3 PX4 DB . -7.81 0.22 18.22
C1 PX4 DB . -6.63 0.92 17.81
C2 PX4 DB . -6.88 2.42 17.59
N1 PX4 DB . -5.84 3.45 17.81
C3 PX4 DB . -5.53 4.17 16.57
C4 PX4 DB . -6.44 4.52 18.62
C5 PX4 DB . -4.58 2.98 18.39
O4 PX4 DB . -7.32 -1.17 20.16
C6 PX4 DB . -8.56 -0.51 20.45
C7 PX4 DB . -8.68 0.05 21.87
C8 PX4 DB . -8.94 -1.29 22.58
O5 PX4 DB . -10.14 -1.92 22.14
C9 PX4 DB . -10.53 -2.99 22.86
O6 PX4 DB . -9.71 -3.55 23.57
C10 PX4 DB . -11.96 -3.42 22.50
C11 PX4 DB . -12.94 -2.96 23.58
C12 PX4 DB . -13.16 -4.14 24.55
C13 PX4 DB . -14.50 -4.11 25.30
C14 PX4 DB . -14.77 -5.35 26.14
C15 PX4 DB . -13.95 -5.27 27.44
C16 PX4 DB . -14.27 -6.45 28.34
C17 PX4 DB . -13.63 -6.24 29.72
C18 PX4 DB . -14.21 -5.03 30.45
C19 PX4 DB . -13.44 -4.91 31.76
C20 PX4 DB . -13.95 -3.71 32.55
C21 PX4 DB . -13.46 -3.76 34.00
C22 PX4 DB . -14.14 -2.85 35.02
O7 PX4 DB . -7.55 0.79 22.32
C23 PX4 DB . -7.33 1.99 21.73
O8 PX4 DB . -7.90 2.39 20.72
C24 PX4 DB . -6.33 2.88 22.46
C25 PX4 DB . -6.46 2.92 23.99
C26 PX4 DB . -5.25 3.66 24.58
C27 PX4 DB . -5.29 3.70 26.11
C28 PX4 DB . -3.90 4.13 26.60
C29 PX4 DB . -3.75 4.46 28.09
C30 PX4 DB . -2.27 4.58 28.39
C31 PX4 DB . -2.16 5.01 29.87
C32 PX4 DB . -0.69 5.24 30.21
C33 PX4 DB . -0.56 5.49 31.71
C34 PX4 DB . 0.88 5.75 32.15
C35 PX4 DB . 1.29 5.85 33.62
C36 PX4 DB . 2.64 6.40 34.11
O1 PX4 EB . -7.16 -5.26 21.56
O2 PX4 EB . -6.23 -6.23 19.41
P1 PX4 EB . -6.03 -5.40 20.62
O3 PX4 EB . -4.91 -6.23 21.45
C1 PX4 EB . -3.81 -6.47 20.57
C2 PX4 EB . -2.48 -6.76 21.26
N1 PX4 EB . -1.81 -5.77 22.14
C3 PX4 EB . -2.37 -5.76 23.49
C4 PX4 EB . -0.39 -6.04 22.31
C5 PX4 EB . -1.88 -4.41 21.56
O4 PX4 EB . -5.15 -4.07 20.52
C6 PX4 EB . -5.62 -3.18 21.55
C7 PX4 EB . -4.59 -2.20 22.09
C8 PX4 EB . -4.24 -1.20 20.99
O5 PX4 EB . -2.98 -1.47 20.38
C9 PX4 EB . -2.62 -0.71 19.31
O6 PX4 EB . -3.45 0.08 18.88
C10 PX4 EB . -1.36 -1.07 18.51
C11 PX4 EB . -0.22 -0.04 18.73
C12 PX4 EB . 1.14 -0.42 18.16
C13 PX4 EB . 2.17 0.70 18.34
C14 PX4 EB . 2.37 0.99 19.83
C15 PX4 EB . 3.42 2.08 20.00
C16 PX4 EB . 3.49 2.47 21.48
C17 PX4 EB . 4.01 1.35 22.39
C18 PX4 EB . 4.02 1.77 23.86
C19 PX4 EB . 2.61 1.99 24.38
C20 PX4 EB . 2.75 2.48 25.83
C21 PX4 EB . 1.39 2.97 26.32
C22 PX4 EB . 1.34 2.98 27.85
O7 PX4 EB . -5.00 -1.64 23.35
C23 PX4 EB . -5.01 -2.39 24.48
O8 PX4 EB . -4.41 -3.47 24.50
C24 PX4 EB . -5.89 -1.86 25.61
C25 PX4 EB . -5.96 -0.33 25.54
C26 PX4 EB . -6.89 -0.01 26.72
C27 PX4 EB . -8.27 -0.52 26.33
C28 PX4 EB . -9.18 -0.57 27.55
C29 PX4 EB . -10.65 -0.88 27.20
C30 PX4 EB . -11.54 -0.94 28.44
C31 PX4 EB . -13.05 -0.84 28.15
C32 PX4 EB . -13.71 -0.83 29.53
C33 PX4 EB . -15.22 -0.56 29.46
C34 PX4 EB . -15.66 -0.64 30.92
C35 PX4 EB . -17.18 -0.42 31.06
C36 PX4 EB . -17.68 -0.44 32.50
O1 PX4 FB . -24.41 14.76 15.22
O2 PX4 FB . -22.34 13.44 16.02
P1 PX4 FB . -23.78 13.78 16.14
O3 PX4 FB . -24.64 12.44 15.90
C1 PX4 FB . -25.99 12.88 16.08
C2 PX4 FB . -27.14 11.89 15.82
N1 PX4 FB . -27.15 10.87 14.78
C3 PX4 FB . -26.76 11.38 13.45
C4 PX4 FB . -26.28 9.74 15.16
C5 PX4 FB . -28.49 10.32 14.56
O4 PX4 FB . -24.11 13.91 17.70
C6 PX4 FB . -23.44 12.78 18.27
C7 PX4 FB . -23.45 12.91 19.80
C8 PX4 FB . -24.95 13.16 20.05
O5 PX4 FB . -25.35 13.75 21.30
C9 PX4 FB . -25.21 15.11 21.40
O6 PX4 FB . -25.46 15.80 20.42
C10 PX4 FB . -24.90 15.64 22.80
C11 PX4 FB . -24.51 14.52 23.76
C12 PX4 FB . -24.30 14.96 25.21
C13 PX4 FB . -24.45 13.71 26.07
C14 PX4 FB . -25.89 13.21 25.95
C15 PX4 FB . -26.05 11.99 26.86
C16 PX4 FB . -26.07 12.35 28.35
C17 PX4 FB . -26.58 11.14 29.13
C18 PX4 FB . -26.76 11.46 30.62
C19 PX4 FB . -28.06 10.87 31.19
C20 PX4 FB . -28.26 11.46 32.58
C21 PX4 FB . -29.72 11.32 33.00
C22 PX4 FB . -29.81 11.50 34.53
O7 PX4 FB . -22.95 11.72 20.39
C23 PX4 FB . -21.85 11.98 21.16
O8 PX4 FB . -20.92 12.72 20.86
C24 PX4 FB . -21.47 10.80 22.06
C25 PX4 FB . -22.29 10.79 23.35
C26 PX4 FB . -21.83 9.65 24.27
C27 PX4 FB . -22.75 9.55 25.50
C28 PX4 FB . -22.39 8.45 26.50
C29 PX4 FB . -22.86 8.96 27.86
C30 PX4 FB . -22.72 8.04 29.07
C31 PX4 FB . -23.32 8.64 30.34
C32 PX4 FB . -22.30 9.72 30.72
C33 PX4 FB . -22.80 10.57 31.91
C34 PX4 FB . -21.85 11.72 32.25
C35 PX4 FB . -22.56 12.64 33.24
C36 PX4 FB . -23.63 13.44 32.51
O1 PX4 GB . 23.89 -21.16 20.95
O2 PX4 GB . 21.89 -19.50 20.55
P1 PX4 GB . 23.27 -19.81 20.98
O3 PX4 GB . 24.16 -18.66 20.29
C1 PX4 GB . 23.28 -17.56 20.02
C2 PX4 GB . 23.83 -16.58 18.98
N1 PX4 GB . 24.93 -15.71 19.44
C3 PX4 GB . 25.13 -14.74 18.36
C4 PX4 GB . 24.62 -14.94 20.65
C5 PX4 GB . 26.20 -16.43 19.60
O4 PX4 GB . 23.34 -19.18 22.44
C6 PX4 GB . 23.13 -20.27 23.35
C7 PX4 GB . 23.52 -20.01 24.80
C8 PX4 GB . 23.38 -18.48 24.91
O5 PX4 GB . 24.31 -17.93 25.84
C9 PX4 GB . 23.87 -16.77 26.38
O6 PX4 GB . 22.76 -16.32 26.10
C10 PX4 GB . 24.79 -16.07 27.37
C11 PX4 GB . 24.47 -16.66 28.74
C12 PX4 GB . 23.07 -16.21 29.13
C13 PX4 GB . 22.63 -16.98 30.38
C14 PX4 GB . 21.29 -16.48 30.93
C15 PX4 GB . 21.23 -14.96 31.17
C16 PX4 GB . 19.96 -14.64 31.96
C17 PX4 GB . 19.79 -13.12 31.85
C18 PX4 GB . 18.59 -12.80 32.75
C19 PX4 GB . 18.72 -11.39 33.30
C20 PX4 GB . 17.53 -11.21 34.24
C21 PX4 GB . 17.44 -9.71 34.59
C22 PX4 GB . 17.32 -8.93 33.29
O7 PX4 GB . 22.62 -20.65 25.70
C23 PX4 GB . 22.91 -21.93 26.05
O8 PX4 GB . 23.82 -22.61 25.62
C24 PX4 GB . 21.89 -22.54 27.02
C25 PX4 GB . 22.36 -22.24 28.45
C26 PX4 GB . 21.15 -22.52 29.35
C27 PX4 GB . 21.33 -21.87 30.71
C28 PX4 GB . 20.08 -21.06 31.10
C29 PX4 GB . 20.16 -20.56 32.54
C30 PX4 GB . 18.85 -20.05 33.14
C31 PX4 GB . 18.95 -19.60 34.61
C32 PX4 GB . 17.56 -19.64 35.22
C33 PX4 GB . 17.55 -18.86 36.55
C34 PX4 GB . 16.25 -19.12 37.29
C35 PX4 GB . 15.57 -17.83 37.78
C36 PX4 GB . 16.60 -17.16 38.71
O1 PX4 HB . -9.31 32.45 14.94
O2 PX4 HB . -7.58 30.72 15.78
P1 PX4 HB . -8.86 31.45 15.93
O3 PX4 HB . -10.06 30.41 16.15
C1 PX4 HB . -9.64 29.14 16.65
C2 PX4 HB . -10.88 28.27 16.86
N1 PX4 HB . -11.93 28.60 17.82
C3 PX4 HB . -12.93 29.44 17.12
C4 PX4 HB . -12.62 27.36 18.12
C5 PX4 HB . -11.48 29.10 19.12
O4 PX4 HB . -8.89 32.07 17.41
C6 PX4 HB . -10.15 32.70 17.62
C7 PX4 HB . -10.38 33.24 19.04
C8 PX4 HB . -9.07 33.98 19.27
O5 PX4 HB . -8.54 33.63 20.54
C9 PX4 HB . -7.24 33.95 20.79
O6 PX4 HB . -6.55 34.56 19.97
C10 PX4 HB . -6.96 33.82 22.30
C11 PX4 HB . -5.96 32.75 22.75
C12 PX4 HB . -5.79 32.67 24.27
C13 PX4 HB . -7.09 32.47 25.05
C14 PX4 HB . -6.79 32.39 26.54
C15 PX4 HB . -5.85 31.18 26.56
C16 PX4 HB . -5.43 30.93 27.98
C17 PX4 HB . -6.35 30.31 29.04
C18 PX4 HB . -5.53 30.44 30.33
C19 PX4 HB . -6.48 30.49 31.54
C20 PX4 HB . -7.28 29.22 31.77
C21 PX4 HB . -8.02 29.06 33.09
C22 PX4 HB . -8.37 27.57 33.21
O7 PX4 HB . -11.59 33.98 19.32
C23 PX4 HB . -12.81 33.43 19.11
O8 PX4 HB . -12.94 32.30 18.65
C24 PX4 HB . -13.98 34.32 19.51
C25 PX4 HB . -15.34 33.96 18.92
C26 PX4 HB . -16.43 34.79 19.58
C27 PX4 HB . -16.56 34.13 20.96
C28 PX4 HB . -17.29 35.09 21.91
C29 PX4 HB . -16.43 36.28 22.33
C30 PX4 HB . -15.24 35.82 23.19
C31 PX4 HB . -14.41 37.02 23.64
C32 PX4 HB . -13.29 36.71 24.64
C33 PX4 HB . -13.85 36.26 26.00
C34 PX4 HB . -14.86 37.29 26.54
C35 PX4 HB . -15.69 36.80 27.72
C36 PX4 HB . -14.51 36.57 28.66
O1 PX4 IB . -8.40 24.56 16.71
O2 PX4 IB . -8.94 26.46 18.49
P1 PX4 IB . -8.66 25.07 18.07
O3 PX4 IB . -7.31 24.46 18.68
C1 PX4 IB . -6.17 25.15 18.13
C2 PX4 IB . -4.98 24.33 18.62
N1 PX4 IB . -3.57 24.72 18.45
C3 PX4 IB . -3.23 25.42 17.22
C4 PX4 IB . -3.17 25.62 19.53
C5 PX4 IB . -2.67 23.56 18.36
O4 PX4 IB . -9.84 24.22 18.77
C6 PX4 IB . -9.68 24.45 20.16
C7 PX4 IB . -10.28 23.33 21.00
C8 PX4 IB . -9.25 22.26 21.39
O5 PX4 IB . -8.21 22.64 22.30
C9 PX4 IB . -7.51 21.61 22.85
O6 PX4 IB . -7.61 20.53 22.27
C10 PX4 IB . -6.37 21.95 23.82
C11 PX4 IB . -6.90 22.79 24.99
C12 PX4 IB . -5.71 23.24 25.83
C13 PX4 IB . -4.75 22.14 26.27
C14 PX4 IB . -3.70 22.77 27.18
C15 PX4 IB . -2.48 21.90 27.44
C16 PX4 IB . -1.45 22.59 28.35
C17 PX4 IB . -1.02 23.90 27.69
C18 PX4 IB . 0.12 24.56 28.46
C19 PX4 IB . 0.64 25.77 27.66
C20 PX4 IB . 1.61 25.22 26.62
C21 PX4 IB . 2.13 26.47 25.89
C22 PX4 IB . 3.43 26.26 25.10
O7 PX4 IB . -11.11 23.78 22.07
C23 PX4 IB . -12.22 23.09 22.45
O8 PX4 IB . -12.67 22.09 21.90
C24 PX4 IB . -12.96 23.69 23.65
C25 PX4 IB . -12.23 23.18 24.89
C26 PX4 IB . -12.58 23.98 26.15
C27 PX4 IB . -11.61 23.46 27.21
C28 PX4 IB . -11.84 24.14 28.56
C29 PX4 IB . -11.79 25.67 28.58
C30 PX4 IB . -11.58 26.35 29.95
C31 PX4 IB . -12.78 26.15 30.89
C32 PX4 IB . -12.36 26.59 32.29
C33 PX4 IB . -13.43 26.18 33.28
C34 PX4 IB . -13.47 24.66 33.33
C35 PX4 IB . -14.67 24.19 34.18
C36 PX4 IB . -14.59 24.78 35.58
O1 PX4 JB . 13.18 12.63 19.75
O2 PX4 JB . 11.42 13.87 18.34
P1 PX4 JB . 11.78 13.09 19.55
O3 PX4 JB . 12.23 14.40 20.38
C1 PX4 JB . 13.28 15.14 19.75
C2 PX4 JB . 14.00 15.82 20.91
N1 PX4 JB . 15.31 15.34 21.37
C3 PX4 JB . 15.28 13.92 21.73
C4 PX4 JB . 16.38 15.33 20.34
C5 PX4 JB . 15.66 15.94 22.66
O4 PX4 JB . 10.72 12.66 20.68
C6 PX4 JB . 11.45 12.38 21.88
C7 PX4 JB . 10.42 12.45 23.01
C8 PX4 JB . 9.47 11.25 22.87
O5 PX4 JB . 10.04 9.94 22.80
C9 PX4 JB . 9.18 8.92 22.50
O6 PX4 JB . 8.03 9.21 22.19
C10 PX4 JB . 9.76 7.53 22.76
C11 PX4 JB . 9.86 7.44 24.27
C12 PX4 JB . 9.97 5.94 24.58
C13 PX4 JB . 9.85 5.59 26.06
C14 PX4 JB . 10.17 4.11 26.33
C15 PX4 JB . 10.18 3.86 27.84
C16 PX4 JB . 10.11 2.38 28.18
C17 PX4 JB . 8.84 1.82 27.54
C18 PX4 JB . 8.99 0.30 27.48
C19 PX4 JB . 7.67 -0.42 27.26
C20 PX4 JB . 7.05 -0.27 25.87
C21 PX4 JB . 5.58 -0.71 26.03
C22 PX4 JB . 5.55 -2.11 26.67
O7 PX4 JB . 10.97 12.73 24.30
C23 PX4 JB . 10.10 13.02 25.31
O8 PX4 JB . 9.00 13.48 25.01
C24 PX4 JB . 10.65 13.05 26.74
C25 PX4 JB . 9.89 14.10 27.55
C26 PX4 JB . 10.67 14.58 28.77
C27 PX4 JB . 9.74 15.45 29.61
C28 PX4 JB . 10.51 16.10 30.78
C29 PX4 JB . 10.41 15.12 31.95
C30 PX4 JB . 11.08 15.77 33.18
C31 PX4 JB . 12.51 16.14 32.81
C32 PX4 JB . 13.25 16.70 34.03
C33 PX4 JB . 14.77 16.69 33.88
C34 PX4 JB . 15.53 17.11 35.14
C35 PX4 JB . 16.91 16.48 35.26
C36 PX4 JB . 17.69 17.01 36.46
O1 PX4 KB . -0.52 10.62 17.15
O2 PX4 KB . -1.21 10.90 14.76
P1 PX4 KB . -1.20 10.03 15.96
O3 PX4 KB . -2.76 9.74 16.26
C1 PX4 KB . -3.61 10.85 16.02
C2 PX4 KB . -5.10 10.57 16.22
N1 PX4 KB . -5.82 9.60 15.37
C3 PX4 KB . -5.32 9.53 14.00
C4 PX4 KB . -5.71 8.22 15.89
C5 PX4 KB . -7.20 10.07 15.27
O4 PX4 KB . -0.51 8.59 15.89
C6 PX4 KB . -1.21 7.58 16.61
C7 PX4 KB . -1.08 7.43 18.13
C8 PX4 KB . 0.30 7.94 18.56
O5 PX4 KB . 1.26 7.02 19.11
C9 PX4 KB . 2.30 7.68 19.69
O6 PX4 KB . 2.30 8.89 19.88
C10 PX4 KB . 3.43 6.74 20.11
C11 PX4 KB . 3.51 6.71 21.63
C12 PX4 KB . 4.61 5.84 22.25
C13 PX4 KB . 4.68 6.10 23.75
C14 PX4 KB . 5.59 5.11 24.47
C15 PX4 KB . 5.54 5.51 25.95
C16 PX4 KB . 6.58 4.81 26.83
C17 PX4 KB . 6.40 4.89 28.34
C18 PX4 KB . 5.04 4.32 28.78
C19 PX4 KB . 4.97 4.25 30.31
C20 PX4 KB . 5.87 3.06 30.64
C21 PX4 KB . 5.09 1.77 30.91
C22 PX4 KB . 6.11 0.69 31.27
O7 PX4 KB . -2.19 8.01 18.81
C23 PX4 KB . -3.41 7.41 18.91
O8 PX4 KB . -3.76 6.42 18.28
C24 PX4 KB . -4.42 8.03 19.89
C25 PX4 KB . -4.17 7.62 21.34
C26 PX4 KB . -4.95 8.52 22.31
C27 PX4 KB . -5.17 7.64 23.55
C28 PX4 KB . -5.52 8.62 24.68
C29 PX4 KB . -5.41 7.99 26.06
C30 PX4 KB . -5.94 9.06 27.02
C31 PX4 KB . -5.82 8.64 28.47
C32 PX4 KB . -6.18 9.72 29.50
C33 PX4 KB . -5.79 9.37 30.94
C34 PX4 KB . -6.41 10.24 32.03
C35 PX4 KB . -5.71 10.19 33.39
C36 PX4 KB . -5.81 11.50 34.16
O1 PX4 LB . 13.42 -9.96 21.58
O2 PX4 LB . 14.48 -7.64 21.13
P1 PX4 LB . 14.43 -8.92 21.88
O3 PX4 LB . 15.80 -9.75 21.69
C1 PX4 LB . 16.08 -9.87 20.28
C2 PX4 LB . 17.40 -10.52 19.85
N1 PX4 LB . 18.71 -9.85 20.02
C3 PX4 LB . 19.68 -10.63 19.24
C4 PX4 LB . 18.61 -8.44 19.66
C5 PX4 LB . 19.19 -10.03 21.40
O4 PX4 LB . 14.54 -8.86 23.49
C6 PX4 LB . 14.41 -10.18 24.02
C7 PX4 LB . 14.53 -10.17 25.54
C8 PX4 LB . 14.81 -8.75 26.03
O5 PX4 LB . 15.93 -8.59 26.90
C9 PX4 LB . 16.19 -7.34 27.39
O6 PX4 LB . 15.51 -6.35 27.15
C10 PX4 LB . 17.55 -7.14 28.06
C11 PX4 LB . 18.58 -6.62 27.07
C12 PX4 LB . 19.92 -6.77 27.77
C13 PX4 LB . 19.99 -6.13 29.16
C14 PX4 LB . 21.45 -5.88 29.57
C15 PX4 LB . 22.35 -7.10 29.41
C16 PX4 LB . 23.80 -6.68 29.64
C17 PX4 LB . 24.68 -7.92 29.44
C18 PX4 LB . 26.11 -7.40 29.45
C19 PX4 LB . 26.29 -6.74 30.82
C20 PX4 LB . 27.76 -6.33 30.95
C21 PX4 LB . 27.97 -5.48 32.20
C22 PX4 LB . 29.28 -4.69 32.17
O7 PX4 LB . 13.38 -10.72 26.22
C23 PX4 LB . 13.01 -11.99 25.92
O8 PX4 LB . 13.79 -12.77 25.39
C24 PX4 LB . 11.56 -12.40 26.16
C25 PX4 LB . 11.57 -13.62 27.09
C26 PX4 LB . 10.12 -13.99 27.37
C27 PX4 LB . 9.86 -13.81 28.88
C28 PX4 LB . 8.38 -14.08 29.16
C29 PX4 LB . 7.95 -14.22 30.61
C30 PX4 LB . 6.42 -14.08 30.74
C31 PX4 LB . 6.20 -14.29 32.24
C32 PX4 LB . 6.71 -12.99 32.88
C33 PX4 LB . 6.32 -13.00 34.36
C34 PX4 LB . 6.42 -11.68 35.12
C35 PX4 LB . 5.17 -10.89 34.78
C36 PX4 LB . 5.35 -9.45 35.27
O1 PX4 MB . 21.05 3.00 19.27
O2 PX4 MB . 20.58 1.63 17.20
P1 PX4 MB . 20.13 2.64 18.17
O3 PX4 MB . 19.72 3.99 17.40
C1 PX4 MB . 18.41 3.86 16.82
C2 PX4 MB . 17.79 5.21 16.45
N1 PX4 MB . 16.34 5.29 16.33
C3 PX4 MB . 15.57 4.15 16.81
C4 PX4 MB . 15.83 6.40 17.17
C5 PX4 MB . 15.81 5.50 14.97
O4 PX4 MB . 18.72 2.14 18.76
C6 PX4 MB . 18.55 2.45 20.15
C7 PX4 MB . 17.08 2.49 20.56
C8 PX4 MB . 16.77 1.18 21.30
O5 PX4 MB . 17.44 0.88 22.52
C9 PX4 MB . 17.00 -0.24 23.15
O6 PX4 MB . 16.09 -0.89 22.64
C10 PX4 MB . 17.64 -0.62 24.50
C11 PX4 MB . 16.69 -1.33 25.44
C12 PX4 MB . 17.33 -1.91 26.71
C13 PX4 MB . 16.33 -2.70 27.54
C14 PX4 MB . 16.99 -2.98 28.91
C15 PX4 MB . 16.09 -3.70 29.89
C16 PX4 MB . 16.76 -3.43 31.25
C17 PX4 MB . 15.95 -4.01 32.42
C18 PX4 MB . 16.92 -4.03 33.60
C19 PX4 MB . 16.07 -4.16 34.86
C20 PX4 MB . 15.21 -2.90 35.00
C21 PX4 MB . 14.09 -3.20 36.01
C22 PX4 MB . 12.97 -2.19 36.07
O7 PX4 MB . 16.77 3.67 21.30
C23 PX4 MB . 16.87 4.87 20.67
O8 PX4 MB . 17.29 4.99 19.52
C24 PX4 MB . 16.43 6.14 21.40
C25 PX4 MB . 17.51 6.63 22.37
C26 PX4 MB . 16.86 7.52 23.45
C27 PX4 MB . 17.93 7.84 24.50
C28 PX4 MB . 17.46 8.45 25.82
C29 PX4 MB . 18.63 8.36 26.80
C30 PX4 MB . 18.21 9.25 27.98
C31 PX4 MB . 19.33 9.37 29.02
C32 PX4 MB . 19.08 8.21 29.98
C33 PX4 MB . 17.73 8.36 30.70
C34 PX4 MB . 17.45 7.30 31.76
C35 PX4 MB . 17.12 6.04 30.95
C36 PX4 MB . 16.97 4.78 31.79
O1 PX4 NB . -22.02 16.51 18.36
O2 PX4 NB . -22.75 18.30 16.51
P1 PX4 NB . -22.26 17.87 17.85
O3 PX4 NB . -20.91 18.72 18.02
C1 PX4 NB . -19.73 17.94 18.20
C2 PX4 NB . -18.65 18.90 17.71
N1 PX4 NB . -17.27 18.63 18.12
C3 PX4 NB . -16.96 18.85 19.54
C4 PX4 NB . -16.75 17.35 17.60
C5 PX4 NB . -16.42 19.69 17.55
O4 PX4 NB . -23.19 18.61 18.92
C6 PX4 NB . -22.64 18.49 20.24
C7 PX4 NB . -23.39 19.34 21.27
C8 PX4 NB . -24.82 18.84 21.25
O5 PX4 NB . -25.82 19.75 21.72
C9 PX4 NB . -27.12 19.36 21.81
O6 PX4 NB . -27.54 18.23 21.55
C10 PX4 NB . -28.06 20.48 22.23
C11 PX4 NB . -28.00 20.80 23.73
C12 PX4 NB . -29.21 21.60 24.23
C13 PX4 NB . -29.18 22.12 25.66
C14 PX4 NB . -30.55 22.69 26.03
C15 PX4 NB . -31.78 21.77 25.99
C16 PX4 NB . -32.98 22.61 26.39
C17 PX4 NB . -34.17 21.64 26.51
C18 PX4 NB . -35.45 22.35 26.93
C19 PX4 NB . -36.63 21.40 27.07
C20 PX4 NB . -37.90 22.07 27.59
C21 PX4 NB . -39.09 21.11 27.73
C22 PX4 NB . -39.00 20.21 28.96
O7 PX4 NB . -22.76 19.31 22.57
C23 PX4 NB . -21.52 19.85 22.61
O8 PX4 NB . -21.30 20.70 21.74
C24 PX4 NB . -20.60 19.52 23.78
C25 PX4 NB . -21.39 19.08 25.02
C26 PX4 NB . -20.47 18.70 26.18
C27 PX4 NB . -20.95 17.39 26.81
C28 PX4 NB . -22.01 17.63 27.90
C29 PX4 NB . -22.26 16.21 28.43
C30 PX4 NB . -23.38 16.17 29.46
C31 PX4 NB . -24.69 16.40 28.72
C32 PX4 NB . -25.66 16.87 29.82
C33 PX4 NB . -25.95 15.70 30.76
C34 PX4 NB . -26.99 16.08 31.82
C35 PX4 NB . -26.50 17.36 32.51
C36 PX4 NB . -25.34 16.97 33.41
O1 PX4 OB . -18.50 27.96 18.22
O2 PX4 OB . -18.30 26.19 16.34
P1 PX4 OB . -18.21 26.58 17.76
O3 PX4 OB . -19.09 25.47 18.53
C1 PX4 OB . -20.45 25.89 18.38
C2 PX4 OB . -21.54 24.96 18.92
N1 PX4 OB . -21.64 24.68 20.35
C3 PX4 OB . -20.50 24.06 21.06
C4 PX4 OB . -22.00 25.88 21.12
C5 PX4 OB . -22.74 23.75 20.62
O4 PX4 OB . -16.69 26.20 18.16
C6 PX4 OB . -16.68 26.01 19.57
C7 PX4 OB . -15.98 24.77 20.12
C8 PX4 OB . -14.65 25.30 20.63
O5 PX4 OB . -14.57 26.30 21.65
C9 PX4 OB . -13.30 26.74 21.86
O6 PX4 OB . -12.37 26.47 21.10
C10 PX4 OB . -13.22 27.83 22.93
C11 PX4 OB . -13.70 27.20 24.25
C12 PX4 OB . -13.65 28.25 25.34
C13 PX4 OB . -14.25 27.60 26.60
C14 PX4 OB . -14.09 28.66 27.70
C15 PX4 OB . -12.62 29.04 27.78
C16 PX4 OB . -12.39 30.17 28.79
C17 PX4 OB . -10.91 30.40 29.01
C18 PX4 OB . -10.83 31.63 29.92
C19 PX4 OB . -11.43 31.36 31.29
C20 PX4 OB . -11.26 32.54 32.25
C21 PX4 OB . -9.80 32.68 32.70
C22 PX4 OB . -9.48 33.79 33.70
O7 PX4 OB . -16.85 24.04 21.00
C23 PX4 OB . -16.69 22.72 21.26
O8 PX4 OB . -16.05 21.99 20.50
C24 PX4 OB . -17.67 22.13 22.28
C25 PX4 OB . -17.00 21.00 23.05
C26 PX4 OB . -16.25 21.67 24.21
C27 PX4 OB . -17.08 22.64 25.05
C28 PX4 OB . -16.21 23.43 26.03
C29 PX4 OB . -17.08 23.96 27.17
C30 PX4 OB . -16.33 24.53 28.36
C31 PX4 OB . -17.30 25.44 29.10
C32 PX4 OB . -16.63 25.76 30.44
C33 PX4 OB . -17.52 26.58 31.37
C34 PX4 OB . -18.73 25.70 31.70
C35 PX4 OB . -19.82 26.38 32.52
C36 PX4 OB . -20.87 25.32 32.81
O1 PX4 PB . 3.74 26.53 50.82
O2 PX4 PB . 1.80 25.27 49.58
P1 PX4 PB . 3.23 25.58 49.81
O3 PX4 PB . 3.61 24.12 50.40
C1 PX4 PB . 5.01 24.19 50.60
C2 PX4 PB . 5.65 22.83 50.88
N1 PX4 PB . 5.93 22.02 49.68
C3 PX4 PB . 6.74 20.86 50.10
C4 PX4 PB . 4.74 21.52 48.95
C5 PX4 PB . 6.72 22.90 48.82
O4 PX4 PB . 4.11 25.45 48.47
C6 PX4 PB . 3.53 26.54 47.73
C7 PX4 PB . 3.69 26.44 46.20
C8 PX4 PB . 4.50 25.16 45.93
O5 PX4 PB . 5.45 25.20 44.87
C9 PX4 PB . 6.12 24.05 44.59
O6 PX4 PB . 5.96 23.08 45.33
C10 PX4 PB . 7.17 24.06 43.49
C11 PX4 PB . 6.57 24.45 42.15
C12 PX4 PB . 7.55 24.96 41.07
C13 PX4 PB . 6.73 25.24 39.81
C14 PX4 PB . 7.61 25.50 38.59
C15 PX4 PB . 8.56 26.67 38.89
C16 PX4 PB . 9.36 27.06 37.64
C17 PX4 PB . 9.89 28.48 37.84
C18 PX4 PB . 10.98 28.47 38.92
C19 PX4 PB . 12.31 27.90 38.43
C20 PX4 PB . 13.01 28.75 37.37
C21 PX4 PB . 14.38 28.28 36.90
C22 PX4 PB . 15.04 29.27 35.92
O7 PX4 PB . 2.42 26.39 45.56
C23 PX4 PB . 1.70 27.54 45.51
O8 PX4 PB . 2.00 28.57 46.09
C24 PX4 PB . 0.36 27.38 44.77
C25 PX4 PB . -0.15 25.94 44.75
C26 PX4 PB . -1.56 25.91 44.15
C27 PX4 PB . -2.18 24.52 44.29
C28 PX4 PB . -3.51 24.40 43.56
C29 PX4 PB . -3.28 24.66 42.07
C30 PX4 PB . -3.14 23.43 41.16
C31 PX4 PB . -2.90 23.63 39.67
C32 PX4 PB . -2.61 22.27 39.03
C33 PX4 PB . -2.27 22.46 37.56
C34 PX4 PB . -2.14 21.02 37.04
C35 PX4 PB . -1.73 21.04 35.57
C36 PX4 PB . -0.64 20.02 35.28
O1 PX4 QB . 23.14 22.16 49.48
O2 PX4 QB . 20.56 22.25 50.07
P1 PX4 QB . 21.71 22.13 49.15
O3 PX4 QB . 21.47 20.71 48.44
C1 PX4 QB . 22.67 20.27 47.82
C2 PX4 QB . 22.64 18.97 47.01
N1 PX4 QB . 22.05 19.10 45.67
C3 PX4 QB . 22.57 20.13 44.75
C4 PX4 QB . 22.05 17.78 45.03
C5 PX4 QB . 20.65 19.53 45.75
O4 PX4 QB . 21.39 22.91 47.78
C6 PX4 QB . 19.99 23.25 47.74
C7 PX4 QB . 19.50 23.57 46.33
C8 PX4 QB . 20.76 23.77 45.51
O5 PX4 QB . 20.71 24.94 44.68
C9 PX4 QB . 21.89 25.24 44.09
O6 PX4 QB . 22.97 25.00 44.63
C10 PX4 QB . 21.80 26.21 42.91
C11 PX4 QB . 22.46 25.80 41.59
C12 PX4 QB . 21.79 24.62 40.86
C13 PX4 QB . 22.57 24.14 39.63
C14 PX4 QB . 21.72 23.51 38.52
C15 PX4 QB . 22.57 23.37 37.25
C16 PX4 QB . 21.94 22.42 36.23
C17 PX4 QB . 22.11 20.90 36.42
C18 PX4 QB . 21.59 20.02 35.29
C19 PX4 QB . 21.73 18.51 35.46
C20 PX4 QB . 21.30 17.75 34.22
C21 PX4 QB . 22.06 16.42 34.27
C22 PX4 QB . 22.42 15.89 32.89
O7 PX4 QB . 18.77 22.48 45.77
C23 PX4 QB . 17.43 22.49 45.92
O8 PX4 QB . 16.98 23.22 46.81
C24 PX4 QB . 16.78 21.28 45.26
C25 PX4 QB . 16.16 21.85 43.99
C26 PX4 QB . 15.66 20.86 42.95
C27 PX4 QB . 14.40 20.17 43.45
C28 PX4 QB . 13.68 19.38 42.35
C29 PX4 QB . 12.15 19.49 42.37
C30 PX4 QB . 11.60 18.89 41.07
C31 PX4 QB . 10.10 18.62 41.09
C32 PX4 QB . 9.63 18.01 39.76
C33 PX4 QB . 8.10 17.90 39.77
C34 PX4 QB . 7.50 17.59 38.41
C35 PX4 QB . 7.75 16.14 37.96
C36 PX4 QB . 7.31 15.89 36.51
O1 PX4 RB . 16.92 16.69 49.33
O2 PX4 RB . 19.34 17.33 48.46
P1 PX4 RB . 17.87 17.22 48.32
O3 PX4 RB . 17.48 18.78 48.18
C1 PX4 RB . 17.69 19.34 49.48
C2 PX4 RB . 17.27 20.81 49.54
N1 PX4 RB . 17.11 21.45 50.87
C3 PX4 RB . 15.72 21.25 51.27
C4 PX4 RB . 18.03 21.02 51.94
C5 PX4 RB . 17.20 22.90 50.61
O4 PX4 RB . 17.34 16.78 46.87
C6 PX4 RB . 16.10 17.35 46.49
C7 PX4 RB . 15.60 16.96 45.10
C8 PX4 RB . 16.93 16.65 44.39
O5 PX4 RB . 17.26 17.39 43.21
C9 PX4 RB . 18.52 17.17 42.74
O6 PX4 RB . 19.45 17.09 43.53
C10 PX4 RB . 18.76 17.72 41.34
C11 PX4 RB . 18.68 19.25 41.43
C12 PX4 RB . 18.70 19.90 40.04
C13 PX4 RB . 17.39 19.60 39.29
C14 PX4 RB . 17.28 20.75 38.29
C15 PX4 RB . 16.16 20.56 37.25
C16 PX4 RB . 14.82 20.27 37.93
C17 PX4 RB . 13.76 20.01 36.85
C18 PX4 RB . 12.40 19.77 37.49
C19 PX4 RB . 11.46 19.16 36.43
C20 PX4 RB . 11.25 20.25 35.38
C21 PX4 RB . 10.23 19.71 34.37
C22 PX4 RB . 8.94 19.52 35.18
O7 PX4 RB . 14.54 16.01 45.05
C23 PX4 RB . 13.29 16.37 45.45
O8 PX4 RB . 12.96 17.53 45.66
C24 PX4 RB . 12.18 15.32 45.22
C25 PX4 RB . 11.85 15.20 43.74
C26 PX4 RB . 10.73 14.21 43.43
C27 PX4 RB . 10.48 14.18 41.93
C28 PX4 RB . 9.69 13.02 41.35
C29 PX4 RB . 9.28 13.16 39.88
C30 PX4 RB . 8.30 12.06 39.47
C31 PX4 RB . 7.87 12.11 38.01
C32 PX4 RB . 7.26 10.78 37.59
C33 PX4 RB . 6.09 10.40 38.50
C34 PX4 RB . 5.27 9.29 37.86
C35 PX4 RB . 3.96 8.96 38.59
C36 PX4 RB . 3.22 7.81 37.92
O1 PX4 SB . -24.48 25.86 57.47
O2 PX4 SB . -26.65 26.52 56.15
P1 PX4 SB . -25.45 25.69 56.35
O3 PX4 SB . -25.76 24.11 56.42
C1 PX4 SB . -26.78 23.92 57.41
C2 PX4 SB . -26.89 22.41 57.65
N1 PX4 SB . -27.57 21.91 58.86
C3 PX4 SB . -29.00 22.23 58.86
C4 PX4 SB . -27.44 20.46 58.99
C5 PX4 SB . -27.02 22.44 60.11
O4 PX4 SB . -24.69 25.66 54.94
C6 PX4 SB . -25.64 25.36 53.90
C7 PX4 SB . -25.04 25.06 52.51
C8 PX4 SB . -23.75 25.85 52.29
O5 PX4 SB . -23.23 26.06 50.98
C9 PX4 SB . -23.86 26.90 50.11
O6 PX4 SB . -24.74 27.63 50.56
C10 PX4 SB . -23.22 26.98 48.73
C11 PX4 SB . -22.98 25.62 48.09
C12 PX4 SB . -22.44 25.87 46.67
C13 PX4 SB . -21.80 24.68 45.98
C14 PX4 SB . -22.95 23.82 45.41
C15 PX4 SB . -22.47 22.65 44.57
C16 PX4 SB . -23.50 22.50 43.44
C17 PX4 SB . -23.05 21.44 42.44
C18 PX4 SB . -24.09 21.42 41.31
C19 PX4 SB . -23.44 20.60 40.19
C20 PX4 SB . -24.39 20.36 39.01
C21 PX4 SB . -24.05 19.18 38.09
C22 PX4 SB . -25.09 19.09 36.98
O7 PX4 SB . -24.81 23.70 52.15
C23 PX4 SB . -25.39 23.22 51.02
O8 PX4 SB . -26.31 23.81 50.47
C24 PX4 SB . -24.89 21.79 50.75
C25 PX4 SB . -24.61 21.67 49.26
C26 PX4 SB . -24.06 20.28 48.93
C27 PX4 SB . -24.31 20.00 47.45
C28 PX4 SB . -23.96 18.60 46.92
C29 PX4 SB . -24.81 18.28 45.68
C30 PX4 SB . -24.16 17.16 44.84
C31 PX4 SB . -22.77 17.56 44.37
C32 PX4 SB . -22.11 16.47 43.52
C33 PX4 SB . -22.76 16.40 42.15
C34 PX4 SB . -22.04 15.39 41.25
C35 PX4 SB . -22.64 15.40 39.83
C36 PX4 SB . -21.78 14.38 39.09
O1 PX4 TB . 39.88 14.29 49.72
O2 PX4 TB . 42.30 13.90 49.00
P1 PX4 TB . 41.07 14.72 48.97
O3 PX4 TB . 41.30 16.20 49.56
C1 PX4 TB . 41.43 17.22 48.56
C2 PX4 TB . 41.69 18.58 49.19
N1 PX4 TB . 41.76 19.69 48.23
C3 PX4 TB . 42.83 19.49 47.25
C4 PX4 TB . 40.56 19.96 47.44
C5 PX4 TB . 41.99 20.92 48.99
O4 PX4 TB . 40.69 14.86 47.41
C6 PX4 TB . 40.80 13.70 46.57
C7 PX4 TB . 39.91 13.74 45.33
C8 PX4 TB . 40.01 15.23 44.96
O5 PX4 TB . 41.19 15.46 44.19
C9 PX4 TB . 41.29 16.76 43.86
O6 PX4 TB . 40.83 17.62 44.62
C10 PX4 TB . 42.33 16.80 42.74
C11 PX4 TB . 41.77 17.35 41.43
C12 PX4 TB . 41.73 18.89 41.49
C13 PX4 TB . 41.14 19.47 40.21
C14 PX4 TB . 39.81 18.91 39.74
C15 PX4 TB . 39.51 19.31 38.29
C16 PX4 TB . 38.38 18.53 37.62
C17 PX4 TB . 38.20 18.87 36.14
C18 PX4 TB . 37.89 20.32 35.76
C19 PX4 TB . 37.65 20.32 34.24
C20 PX4 TB . 37.16 21.59 33.53
C21 PX4 TB . 37.30 21.32 32.04
C22 PX4 TB . 37.19 22.62 31.24
O7 PX4 TB . 40.19 12.80 44.29
C23 PX4 TB . 39.72 11.54 44.36
O8 PX4 TB . 38.90 11.12 45.17
C24 PX4 TB . 40.23 10.59 43.28
C25 PX4 TB . 41.11 9.41 43.72
C26 PX4 TB . 41.37 8.50 42.51
C27 PX4 TB . 42.07 7.24 43.04
C28 PX4 TB . 42.64 6.49 41.83
C29 PX4 TB . 41.46 6.14 40.93
C30 PX4 TB . 41.52 4.78 40.23
C31 PX4 TB . 41.22 3.68 41.24
C32 PX4 TB . 41.10 2.35 40.50
C33 PX4 TB . 40.69 1.22 41.44
C34 PX4 TB . 40.55 -0.02 40.54
C35 PX4 TB . 40.53 -1.25 41.44
C36 PX4 TB . 39.18 -1.28 42.14
O1 PX4 UB . -41.82 1.30 55.49
O2 PX4 UB . -40.72 -0.51 56.96
P1 PX4 UB . -40.70 0.38 55.77
O3 PX4 UB . -39.28 1.10 55.65
C1 PX4 UB . -39.40 2.37 55.00
C2 PX4 UB . -38.18 3.27 55.18
N1 PX4 UB . -37.96 3.95 56.48
C3 PX4 UB . -39.16 4.63 56.99
C4 PX4 UB . -37.43 2.99 57.46
C5 PX4 UB . -36.89 4.93 56.23
O4 PX4 UB . -40.54 -0.59 54.49
C6 PX4 UB . -39.37 -1.42 54.58
C7 PX4 UB . -38.59 -1.54 53.27
C8 PX4 UB . -39.57 -1.47 52.11
O5 PX4 UB . -39.89 -2.76 51.59
C9 PX4 UB . -40.94 -2.78 50.73
O6 PX4 UB . -41.63 -1.80 50.48
C10 PX4 UB . -41.44 -4.16 50.27
C11 PX4 UB . -41.50 -4.37 48.75
C12 PX4 UB . -41.91 -5.78 48.39
C13 PX4 UB . -41.39 -6.02 46.98
C14 PX4 UB . -41.88 -4.91 46.04
C15 PX4 UB . -41.74 -5.40 44.59
C16 PX4 UB . -42.77 -6.53 44.46
C17 PX4 UB . -42.92 -6.99 43.00
C18 PX4 UB . -43.80 -8.24 42.95
C19 PX4 UB . -44.36 -8.47 41.54
C20 PX4 UB . -43.32 -8.88 40.49
C21 PX4 UB . -43.86 -9.12 39.08
C22 PX4 UB . -42.66 -9.28 38.13
O7 PX4 UB . -37.32 -0.87 53.20
C23 PX4 UB . -36.28 -1.41 53.90
O8 PX4 UB . -36.48 -2.42 54.57
C24 PX4 UB . -34.86 -0.92 53.65
C25 PX4 UB . -34.19 -1.66 52.49
C26 PX4 UB . -34.72 -1.31 51.10
C27 PX4 UB . -34.09 -2.06 49.93
C28 PX4 UB . -34.99 -2.03 48.69
C29 PX4 UB . -34.22 -2.74 47.57
C30 PX4 UB . -34.96 -2.53 46.26
C31 PX4 UB . -34.02 -2.98 45.15
C32 PX4 UB . -34.77 -2.93 43.81
C33 PX4 UB . -33.97 -3.33 42.57
C34 PX4 UB . -35.05 -3.56 41.52
C35 PX4 UB . -34.66 -3.92 40.09
C36 PX4 UB . -35.95 -4.45 39.44
O1 PX4 VB . -28.74 -5.98 59.45
O2 PX4 VB . -30.37 -4.48 58.13
P1 PX4 VB . -29.50 -5.68 58.21
O3 PX4 VB . -30.44 -6.97 58.05
C1 PX4 VB . -31.24 -7.24 59.20
C2 PX4 VB . -32.43 -8.12 58.82
N1 PX4 VB . -33.49 -7.78 57.86
C3 PX4 VB . -32.92 -8.03 56.53
C4 PX4 VB . -34.65 -8.65 58.07
C5 PX4 VB . -33.93 -6.38 58.00
O4 PX4 VB . -28.66 -5.91 56.86
C6 PX4 VB . -29.67 -5.84 55.85
C7 PX4 VB . -29.22 -5.48 54.44
C8 PX4 VB . -27.87 -4.77 54.53
O5 PX4 VB . -27.60 -3.75 53.57
C9 PX4 VB . -26.35 -3.24 53.69
O6 PX4 VB . -25.77 -3.46 54.75
C10 PX4 VB . -25.83 -2.33 52.57
C11 PX4 VB . -24.51 -2.84 51.99
C12 PX4 VB . -23.82 -1.78 51.12
C13 PX4 VB . -24.86 -1.41 50.06
C14 PX4 VB . -24.29 -0.51 48.96
C15 PX4 VB . -25.25 -0.34 47.77
C16 PX4 VB . -24.78 0.72 46.78
C17 PX4 VB . -25.62 0.62 45.52
C18 PX4 VB . -24.96 1.63 44.58
C19 PX4 VB . -25.63 1.60 43.21
C20 PX4 VB . -24.82 2.68 42.49
C21 PX4 VB . -23.38 2.57 42.96
C22 PX4 VB . -22.60 3.74 42.36
O7 PX4 VB . -29.21 -6.59 53.53
C23 PX4 VB . -30.31 -6.93 52.79
O8 PX4 VB . -31.43 -6.44 52.98
C24 PX4 VB . -30.05 -7.92 51.65
C25 PX4 VB . -31.44 -8.47 51.25
C26 PX4 VB . -31.47 -9.19 49.89
C27 PX4 VB . -32.89 -9.75 49.70
C28 PX4 VB . -33.04 -10.61 48.45
C29 PX4 VB . -34.53 -10.90 48.29
C30 PX4 VB . -34.73 -11.93 47.17
C31 PX4 VB . -36.21 -12.21 46.90
C32 PX4 VB . -36.42 -13.48 46.07
C33 PX4 VB . -35.85 -13.43 44.65
C34 PX4 VB . -35.62 -14.86 44.16
C35 PX4 VB . -35.04 -14.80 42.74
C36 PX4 VB . -34.82 -16.16 42.08
O1 PX4 WB . -7.23 42.70 49.40
O2 PX4 WB . -7.60 43.15 46.92
P1 PX4 WB . -6.73 42.64 48.01
O3 PX4 WB . -6.34 41.10 47.79
C1 PX4 WB . -7.53 40.30 47.92
C2 PX4 WB . -7.57 38.90 47.36
N1 PX4 WB . -7.33 37.74 48.22
C3 PX4 WB . -7.27 36.49 47.44
C4 PX4 WB . -6.13 37.94 49.05
C5 PX4 WB . -8.55 37.62 49.04
O4 PX4 WB . -5.20 43.11 47.81
C6 PX4 WB . -4.88 42.76 46.46
C7 PX4 WB . -3.39 42.86 46.11
C8 PX4 WB . -2.73 41.50 46.29
O5 PX4 WB . -3.45 40.50 45.56
C9 PX4 WB . -3.11 39.22 45.92
O6 PX4 WB . -2.18 39.06 46.70
C10 PX4 WB . -3.97 38.08 45.37
C11 PX4 WB . -3.41 37.46 44.09
C12 PX4 WB . -4.39 36.49 43.40
C13 PX4 WB . -3.50 35.71 42.43
C14 PX4 WB . -4.36 34.63 41.76
C15 PX4 WB . -4.74 33.64 42.86
C16 PX4 WB . -5.75 32.58 42.40
C17 PX4 WB . -7.07 33.21 41.97
C18 PX4 WB . -8.01 32.26 41.22
C19 PX4 WB . -8.68 31.43 42.31
C20 PX4 WB . -9.55 30.32 41.72
C21 PX4 WB . -10.54 29.85 42.78
C22 PX4 WB . -11.54 30.97 43.03
O7 PX4 WB . -3.12 43.48 44.85
C23 PX4 WB . -3.22 44.81 44.62
O8 PX4 WB . -3.32 45.57 45.59
C24 PX4 WB . -2.65 45.37 43.31
C25 PX4 WB . -3.70 45.90 42.34
C26 PX4 WB . -3.06 45.93 40.95
C27 PX4 WB . -4.15 46.40 39.98
C28 PX4 WB . -3.58 46.20 38.57
C29 PX4 WB . -3.22 44.74 38.34
C30 PX4 WB . -2.39 44.53 37.07
C31 PX4 WB . -1.87 43.11 36.83
C32 PX4 WB . -1.09 43.13 35.50
C33 PX4 WB . -2.03 43.49 34.34
C34 PX4 WB . -1.25 43.74 33.04
C35 PX4 WB . -2.19 44.29 31.97
C36 PX4 WB . -1.56 44.50 30.59
O1 PX4 XB . 9.85 42.34 49.63
O2 PX4 XB . 8.08 42.03 51.51
P1 PX4 XB . 8.91 41.50 50.41
O3 PX4 XB . 9.96 40.51 51.13
C1 PX4 XB . 10.86 41.32 51.91
C2 PX4 XB . 12.21 40.65 52.17
N1 PX4 XB . 13.09 41.19 53.20
C3 PX4 XB . 13.39 42.63 53.04
C4 PX4 XB . 12.57 40.85 54.54
C5 PX4 XB . 14.25 40.30 53.09
O4 PX4 XB . 8.11 40.36 49.61
C6 PX4 XB . 8.94 40.13 48.47
C7 PX4 XB . 8.77 38.67 48.05
C8 PX4 XB . 7.35 38.58 47.51
O5 PX4 XB . 6.99 39.47 46.46
C9 PX4 XB . 5.72 39.53 45.97
O6 PX4 XB . 4.83 39.08 46.66
C10 PX4 XB . 5.54 40.45 44.73
C11 PX4 XB . 5.05 39.60 43.55
C12 PX4 XB . 4.81 40.37 42.26
C13 PX4 XB . 4.08 39.43 41.30
C14 PX4 XB . 3.75 40.08 39.95
C15 PX4 XB . 2.87 39.10 39.17
C16 PX4 XB . 3.73 37.88 38.80
C17 PX4 XB . 2.96 36.87 37.95
C18 PX4 XB . 3.81 35.64 37.57
C19 PX4 XB . 3.05 34.67 36.67
C20 PX4 XB . 3.75 33.33 36.42
C21 PX4 XB . 2.92 32.47 35.46
C22 PX4 XB . 2.90 33.05 34.04
O7 PX4 XB . 9.79 38.17 47.20
C23 PX4 XB . 10.99 37.72 47.65
O8 PX4 XB . 11.29 37.76 48.83
C24 PX4 XB . 11.98 37.03 46.70
C25 PX4 XB . 11.25 36.56 45.44
C26 PX4 XB . 12.43 36.30 44.50
C27 PX4 XB . 12.01 35.73 43.14
C28 PX4 XB . 11.03 36.70 42.48
C29 PX4 XB . 10.64 36.08 41.12
C30 PX4 XB . 9.63 36.97 40.40
C31 PX4 XB . 9.08 36.28 39.15
C32 PX4 XB . 8.10 37.10 38.30
C33 PX4 XB . 7.77 36.31 37.02
C34 PX4 XB . 6.71 36.93 36.12
C35 PX4 XB . 6.53 36.19 34.79
C36 PX4 XB . 5.85 36.92 33.63
O1 PX4 YB . 30.87 20.51 47.73
O2 PX4 YB . 30.64 17.90 47.72
P1 PX4 YB . 31.45 19.15 47.71
O3 PX4 YB . 32.55 18.96 48.87
C1 PX4 YB . 31.88 19.44 50.05
C2 PX4 YB . 32.87 19.66 51.21
N1 PX4 YB . 33.46 20.98 51.36
C3 PX4 YB . 34.50 21.11 50.33
C4 PX4 YB . 32.58 22.15 51.38
C5 PX4 YB . 34.21 20.94 52.61
O4 PX4 YB . 32.40 19.03 46.40
C6 PX4 YB . 33.55 19.83 46.66
C7 PX4 YB . 34.28 20.28 45.39
C8 PX4 YB . 33.47 19.78 44.20
O5 PX4 YB . 34.34 19.17 43.23
C9 PX4 YB . 33.65 18.80 42.12
O6 PX4 YB . 32.43 18.74 42.18
C10 PX4 YB . 34.51 18.18 41.00
C11 PX4 YB . 34.37 19.26 39.93
C12 PX4 YB . 35.02 18.96 38.58
C13 PX4 YB . 34.32 17.77 37.91
C14 PX4 YB . 35.04 17.17 36.70
C15 PX4 YB . 34.61 15.71 36.50
C16 PX4 YB . 35.18 15.17 35.19
C17 PX4 YB . 36.71 15.14 35.08
C18 PX4 YB . 37.36 14.15 34.14
C19 PX4 YB . 37.47 14.48 32.65
C20 PX4 YB . 38.24 13.46 31.81
C21 PX4 YB . 38.42 13.70 30.30
C22 PX4 YB . 39.23 14.92 29.87
O7 PX4 YB . 34.41 21.69 45.31
C23 PX4 YB . 35.54 22.25 45.85
O8 PX4 YB . 36.34 21.74 46.64
C24 PX4 YB . 35.60 23.77 45.68
C25 PX4 YB . 36.13 24.04 44.28
C26 PX4 YB . 36.60 25.46 43.95
C27 PX4 YB . 37.52 25.50 42.73
C28 PX4 YB . 37.74 26.97 42.37
C29 PX4 YB . 38.50 27.05 41.05
C30 PX4 YB . 38.79 28.53 40.74
C31 PX4 YB . 40.02 28.92 41.56
C32 PX4 YB . 41.27 28.28 40.95
C33 PX4 YB . 41.66 28.99 39.66
C34 PX4 YB . 43.00 28.48 39.17
C35 PX4 YB . 43.54 29.14 37.90
C36 PX4 YB . 43.63 30.61 38.30
O1 PX4 ZB . 38.03 17.86 48.01
O2 PX4 ZB . 35.70 17.45 46.94
P1 PX4 ZB . 37.17 17.37 46.91
O3 PX4 ZB . 37.36 15.80 46.66
C1 PX4 ZB . 36.84 15.06 47.77
C2 PX4 ZB . 36.79 13.52 47.61
N1 PX4 ZB . 35.94 13.01 46.54
C3 PX4 ZB . 34.50 13.28 46.77
C4 PX4 ZB . 36.26 13.31 45.15
C5 PX4 ZB . 36.04 11.55 46.69
O4 PX4 ZB . 37.58 17.92 45.45
C6 PX4 ZB . 36.80 17.28 44.44
C7 PX4 ZB . 37.32 17.58 43.03
C8 PX4 ZB . 38.04 18.92 43.17
O5 PX4 ZB . 37.59 19.86 42.20
C9 PX4 ZB . 38.02 21.15 42.19
O6 PX4 ZB . 38.84 21.60 43.00
C10 PX4 ZB . 37.08 21.99 41.32
C11 PX4 ZB . 37.65 22.23 39.93
C12 PX4 ZB . 36.74 23.08 39.02
C13 PX4 ZB . 37.49 23.77 37.86
C14 PX4 ZB . 36.72 25.02 37.43
C15 PX4 ZB . 37.26 25.67 36.16
C16 PX4 ZB . 36.67 27.02 35.76
C17 PX4 ZB . 37.18 27.57 34.41
C18 PX4 ZB . 36.48 26.74 33.34
C19 PX4 ZB . 36.96 27.20 31.95
C20 PX4 ZB . 36.38 26.27 30.89
C21 PX4 ZB . 36.89 26.58 29.49
C22 PX4 ZB . 36.09 25.87 28.39
O7 PX4 ZB . 38.24 16.59 42.56
C23 PX4 ZB . 37.63 15.50 42.03
O8 PX4 ZB . 36.43 15.23 42.07
C24 PX4 ZB . 38.65 14.63 41.27
C25 PX4 ZB . 38.75 15.00 39.80
C26 PX4 ZB . 39.51 13.92 39.03
C27 PX4 ZB . 39.68 14.38 37.58
C28 PX4 ZB . 40.83 15.36 37.33
C29 PX4 ZB . 41.10 15.55 35.84
C30 PX4 ZB . 41.35 14.25 35.09
C31 PX4 ZB . 41.93 14.40 33.67
C32 PX4 ZB . 42.17 13.01 33.08
C33 PX4 ZB . 42.68 13.05 31.64
C34 PX4 ZB . 44.09 13.61 31.48
C35 PX4 ZB . 45.24 12.97 32.27
C36 PX4 ZB . 46.58 13.73 32.34
O1 PX4 AC . 31.98 12.54 45.01
O2 PX4 AC . 30.66 10.36 44.44
P1 PX4 AC . 31.90 11.08 44.77
O3 PX4 AC . 32.97 10.30 45.68
C1 PX4 AC . 33.10 8.92 45.35
C2 PX4 AC . 33.79 7.92 46.28
N1 PX4 AC . 33.41 6.51 46.18
C3 PX4 AC . 34.32 5.55 46.83
C4 PX4 AC . 32.13 6.42 46.90
C5 PX4 AC . 33.09 6.01 44.84
O4 PX4 AC . 32.75 11.13 43.40
C6 PX4 AC . 31.84 11.76 42.49
C7 PX4 AC . 32.27 11.52 41.04
C8 PX4 AC . 33.58 10.74 41.01
O5 PX4 AC . 34.70 11.32 40.34
C9 PX4 AC . 35.81 10.52 40.35
O6 PX4 AC . 35.86 9.42 40.89
C10 PX4 AC . 36.88 10.98 39.36
C11 PX4 AC . 36.61 10.59 37.92
C12 PX4 AC . 37.64 11.13 36.93
C13 PX4 AC . 37.34 10.63 35.52
C14 PX4 AC . 37.61 9.13 35.37
C15 PX4 AC . 37.19 8.77 33.95
C16 PX4 AC . 37.01 7.25 33.84
C17 PX4 AC . 36.87 6.95 32.35
C18 PX4 AC . 35.61 7.69 31.90
C19 PX4 AC . 35.16 7.22 30.52
C20 PX4 AC . 34.52 8.40 29.79
C21 PX4 AC . 35.56 9.50 29.64
C22 PX4 AC . 34.94 10.73 28.95
O7 PX4 AC . 31.28 11.04 40.14
C23 PX4 AC . 30.58 12.04 39.55
O8 PX4 AC . 30.65 13.15 40.07
C24 PX4 AC . 29.56 11.73 38.43
C25 PX4 AC . 29.61 10.26 37.97
C26 PX4 AC . 28.82 10.20 36.66
C27 PX4 AC . 29.06 8.88 35.93
C28 PX4 AC . 28.40 8.87 34.54
C29 PX4 AC . 26.88 8.80 34.75
C30 PX4 AC . 26.15 8.98 33.41
C31 PX4 AC . 26.56 7.88 32.44
C32 PX4 AC . 26.21 8.14 30.97
C33 PX4 AC . 26.17 6.75 30.33
C34 PX4 AC . 25.42 5.60 31.00
C35 PX4 AC . 25.63 4.23 30.36
C36 PX4 AC . 25.23 3.18 31.40
O1 PX4 BC . 12.69 -24.86 57.47
O2 PX4 BC . 13.29 -24.73 54.96
P1 PX4 BC . 12.87 -25.51 56.15
O3 PX4 BC . 11.34 -25.60 55.65
C1 PX4 BC . 10.81 -24.29 55.76
C2 PX4 BC . 9.28 -24.29 55.55
N1 PX4 BC . 8.69 -23.21 54.76
C3 PX4 BC . 9.10 -23.28 53.35
C4 PX4 BC . 7.23 -23.24 54.93
C5 PX4 BC . 9.01 -21.97 55.47
O4 PX4 BC . 12.83 -27.10 56.01
C6 PX4 BC . 12.96 -27.49 54.64
C7 PX4 BC . 12.43 -28.86 54.20
C8 PX4 BC . 11.03 -28.45 53.77
O5 PX4 BC . 10.95 -27.94 52.44
C9 PX4 BC . 10.33 -28.73 51.53
O6 PX4 BC . 10.02 -29.90 51.73
C10 PX4 BC . 10.33 -28.10 50.13
C11 PX4 BC . 9.03 -28.27 49.33
C12 PX4 BC . 8.99 -27.44 48.06
C13 PX4 BC . 7.83 -27.96 47.21
C14 PX4 BC . 7.95 -27.41 45.79
C15 PX4 BC . 9.17 -28.10 45.18
C16 PX4 BC . 9.41 -27.53 43.78
C17 PX4 BC . 8.09 -27.51 43.02
C18 PX4 BC . 8.30 -27.22 41.53
C19 PX4 BC . 6.99 -27.19 40.73
C20 PX4 BC . 7.06 -26.71 39.27
C21 PX4 BC . 7.51 -25.26 39.19
C22 PX4 BC . 7.44 -24.77 37.74
O7 PX4 BC . 13.17 -29.55 53.20
C23 PX4 BC . 13.11 -30.91 53.32
O8 PX4 BC . 12.59 -31.45 54.29
C24 PX4 BC . 13.79 -31.76 52.25
C25 PX4 BC . 13.44 -31.32 50.83
C26 PX4 BC . 13.87 -32.48 49.94
C27 PX4 BC . 13.05 -33.70 50.41
C28 PX4 BC . 13.45 -34.91 49.55
C29 PX4 BC . 12.84 -34.86 48.15
C30 PX4 BC . 13.48 -35.80 47.12
C31 PX4 BC . 12.88 -35.59 45.73
C32 PX4 BC . 13.38 -36.58 44.69
C33 PX4 BC . 12.34 -37.50 44.04
C34 PX4 BC . 12.99 -38.55 43.13
C35 PX4 BC . 11.95 -39.57 42.67
C36 PX4 BC . 12.63 -40.77 42.01
O1 PX4 CC . -27.81 8.72 56.26
O2 PX4 CC . -25.24 8.08 56.15
P1 PX4 CC . -26.55 8.42 55.56
O3 PX4 CC . -26.14 9.82 54.84
C1 PX4 CC . -25.89 10.92 55.70
C2 PX4 CC . -25.44 12.20 54.98
N1 PX4 CC . -24.37 12.04 53.97
C3 PX4 CC . -23.31 11.14 54.43
C4 PX4 CC . -24.91 11.54 52.70
C5 PX4 CC . -23.73 13.31 53.60
O4 PX4 CC . -26.83 7.41 54.34
C6 PX4 CC . -25.95 7.81 53.29
C7 PX4 CC . -26.31 7.25 51.92
C8 PX4 CC . -27.63 6.51 52.11
O5 PX4 CC . -27.86 5.74 50.92
C9 PX4 CC . -29.11 5.75 50.40
O6 PX4 CC . -30.12 6.27 50.87
C10 PX4 CC . -29.26 4.71 49.28
C11 PX4 CC . -28.77 5.27 47.94
C12 PX4 CC . -28.94 4.20 46.85
C13 PX4 CC . -28.71 4.51 45.38
C14 PX4 CC . -29.27 3.39 44.48
C15 PX4 CC . -29.22 3.97 43.06
C16 PX4 CC . -29.95 5.30 42.91
C17 PX4 CC . -29.95 5.83 41.46
C18 PX4 CC . -30.73 7.10 41.17
C19 PX4 CC . -30.65 7.36 39.67
C20 PX4 CC . -31.43 8.62 39.27
C21 PX4 CC . -31.53 8.70 37.75
C22 PX4 CC . -30.11 8.73 37.16
O7 PX4 CC . -26.35 8.31 50.95
C23 PX4 CC . -25.24 8.71 50.26
O8 PX4 CC . -24.15 8.60 50.79
C24 PX4 CC . -25.46 9.77 49.18
C25 PX4 CC . -26.09 9.25 47.89
C26 PX4 CC . -27.58 8.98 47.91
C27 PX4 CC . -28.30 8.75 46.58
C28 PX4 CC . -28.11 9.96 45.66
C29 PX4 CC . -28.75 9.69 44.31
C30 PX4 CC . -28.41 10.79 43.30
C31 PX4 CC . -29.12 10.70 41.94
C32 PX4 CC . -28.43 11.69 41.02
C33 PX4 CC . -29.13 11.86 39.67
C34 PX4 CC . -30.41 12.66 39.91
C35 PX4 CC . -31.04 13.04 38.58
C36 PX4 CC . -32.01 14.21 38.86
O1 PX4 DC . -26.29 4.32 55.27
O2 PX4 DC . -28.67 5.06 55.73
P1 PX4 DC . -27.75 4.08 55.12
O3 PX4 DC . -28.11 2.76 55.96
C1 PX4 DC . -29.52 2.62 56.14
C2 PX4 DC . -29.97 1.43 57.00
N1 PX4 DC . -31.41 1.17 57.16
C3 PX4 DC . -31.94 0.67 55.89
C4 PX4 DC . -31.59 0.10 58.15
C5 PX4 DC . -32.22 2.29 57.66
O4 PX4 DC . -28.19 3.54 53.66
C6 PX4 DC . -27.11 2.71 53.23
C7 PX4 DC . -27.44 1.87 51.98
C8 PX4 DC . -28.90 1.44 52.06
O5 PX4 DC . -29.17 0.05 51.78
C9 PX4 DC . -29.74 -0.66 52.78
O6 PX4 DC . -29.51 -0.29 53.93
C10 PX4 DC . -30.26 -2.04 52.37
C11 PX4 DC . -29.77 -2.48 50.99
C12 PX4 DC . -30.67 -3.58 50.44
C13 PX4 DC . -30.35 -4.08 49.04
C14 PX4 DC . -31.50 -4.93 48.51
C15 PX4 DC . -31.02 -5.66 47.25
C16 PX4 DC . -32.21 -6.35 46.59
C17 PX4 DC . -31.90 -7.53 45.68
C18 PX4 DC . -31.07 -7.09 44.47
C19 PX4 DC . -31.77 -6.25 43.40
C20 PX4 DC . -30.80 -6.20 42.21
C21 PX4 DC . -31.56 -5.75 40.96
C22 PX4 DC . -31.08 -6.43 39.68
O7 PX4 DC . -27.09 2.47 50.73
C23 PX4 DC . -25.78 2.70 50.40
O8 PX4 DC . -24.83 2.21 51.01
C24 PX4 DC . -25.56 3.19 48.97
C25 PX4 DC . -24.73 4.46 48.80
C26 PX4 DC . -24.70 4.88 47.33
C27 PX4 DC . -23.84 6.08 46.97
C28 PX4 DC . -23.53 6.25 45.48
C29 PX4 DC . -24.70 6.84 44.69
C30 PX4 DC . -24.69 6.57 43.18
C31 PX4 DC . -25.94 7.29 42.67
C32 PX4 DC . -26.12 7.12 41.16
C33 PX4 DC . -26.15 5.69 40.65
C34 PX4 DC . -26.05 5.77 39.13
C35 PX4 DC . -26.17 4.34 38.58
C36 PX4 DC . -27.45 3.68 39.09
O1 PX4 EC . 5.73 38.29 50.64
O2 PX4 EC . 6.56 39.33 52.82
P1 PX4 EC . 5.72 39.42 51.61
O3 PX4 EC . 4.34 39.01 52.34
C1 PX4 EC . 4.36 37.65 52.79
C2 PX4 EC . 3.75 37.47 54.19
N1 PX4 EC . 4.18 38.27 55.35
C3 PX4 EC . 4.19 39.73 55.12
C4 PX4 EC . 3.35 38.00 56.52
C5 PX4 EC . 5.57 37.97 55.71
O4 PX4 EC . 5.23 40.85 51.06
C6 PX4 EC . 5.02 40.69 49.64
C7 PX4 EC . 4.09 41.76 49.05
C8 PX4 EC . 5.07 42.87 48.67
O5 PX4 EC . 6.03 42.51 47.67
C9 PX4 EC . 7.09 43.33 47.43
O6 PX4 EC . 7.38 44.08 48.37
C10 PX4 EC . 7.89 43.01 46.18
C11 PX4 EC . 7.50 43.87 44.98
C12 PX4 EC . 7.81 45.35 45.04
C13 PX4 EC . 7.14 45.96 43.81
C14 PX4 EC . 7.63 45.34 42.50
C15 PX4 EC . 7.19 46.29 41.38
C16 PX4 EC . 7.27 45.56 40.04
C17 PX4 EC . 7.03 46.45 38.82
C18 PX4 EC . 7.11 45.64 37.51
C19 PX4 EC . 6.68 46.31 36.20
C20 PX4 EC . 6.97 45.40 35.01
C21 PX4 EC . 6.93 46.09 33.65
C22 PX4 EC . 7.53 45.19 32.58
O7 PX4 EC . 3.16 41.31 48.08
C23 PX4 EC . 2.11 40.47 48.35
O8 PX4 EC . 1.93 40.15 49.52
C24 PX4 EC . 1.16 40.29 47.17
C25 PX4 EC . 1.55 39.04 46.38
C26 PX4 EC . 0.64 38.76 45.17
C27 PX4 EC . 1.11 37.45 44.52
C28 PX4 EC . 0.49 37.26 43.14
C29 PX4 EC . 1.45 36.45 42.25
C30 PX4 EC . 1.64 35.05 42.83
C31 PX4 EC . 2.92 34.38 42.32
C32 PX4 EC . 4.18 35.05 42.91
C33 PX4 EC . 5.34 34.25 42.33
C34 PX4 EC . 6.57 34.63 43.18
C35 PX4 EC . 6.67 36.15 43.19
C36 PX4 EC . 7.79 36.61 44.13
O1 PX4 FC . -0.61 -25.43 54.21
O2 PX4 FC . 1.49 -24.10 53.62
P1 PX4 FC . 0.02 -24.16 53.79
O3 PX4 FC . -0.35 -22.84 54.64
C1 PX4 FC . 0.55 -21.76 54.31
C2 PX4 FC . 0.63 -20.83 55.51
N1 PX4 FC . 1.19 -21.40 56.74
C3 PX4 FC . 0.23 -21.75 57.79
C4 PX4 FC . 2.22 -22.44 56.59
C5 PX4 FC . 2.05 -20.34 57.31
O4 PX4 FC . -0.50 -23.56 52.39
C6 PX4 FC . -0.67 -24.77 51.66
C7 PX4 FC . -1.38 -24.65 50.30
C8 PX4 FC . -1.37 -23.14 50.03
O5 PX4 FC . -2.65 -22.51 50.16
C9 PX4 FC . -2.70 -21.16 49.96
O6 PX4 FC . -1.75 -20.45 50.30
C10 PX4 FC . -4.09 -20.63 49.62
C11 PX4 FC . -4.29 -20.46 48.11
C12 PX4 FC . -5.72 -19.97 47.90
C13 PX4 FC . -5.86 -19.49 46.45
C14 PX4 FC . -7.15 -18.65 46.45
C15 PX4 FC . -7.53 -18.26 45.01
C16 PX4 FC . -8.89 -17.58 44.82
C17 PX4 FC . -10.02 -18.60 45.01
C18 PX4 FC . -11.38 -18.11 44.53
C19 PX4 FC . -12.57 -19.06 44.75
C20 PX4 FC . -13.92 -18.54 44.26
C21 PX4 FC . -14.97 -19.52 44.79
C22 PX4 FC . -16.38 -19.11 44.33
O7 PX4 FC . -0.67 -25.28 49.24
C23 PX4 FC . -1.04 -26.58 49.00
O8 PX4 FC . -1.51 -27.28 49.88
C24 PX4 FC . -0.28 -27.06 47.76
C25 PX4 FC . -1.05 -28.12 46.98
C26 PX4 FC . -0.39 -28.37 45.62
C27 PX4 FC . -1.07 -29.39 44.71
C28 PX4 FC . -0.26 -29.42 43.42
C29 PX4 FC . -0.59 -30.77 42.78
C30 PX4 FC . 0.43 -30.98 41.66
C31 PX4 FC . 0.35 -32.37 41.02
C32 PX4 FC . -1.08 -32.69 40.58
C33 PX4 FC . -0.97 -33.92 39.67
C34 PX4 FC . -2.25 -34.12 38.84
C35 PX4 FC . -1.95 -35.08 37.67
C36 PX4 FC . -1.29 -36.35 38.23
O1 PX4 GC . -36.08 7.56 54.05
O2 PX4 GC . -33.88 6.30 53.69
P1 PX4 GC . -35.05 7.01 53.15
O3 PX4 GC . -34.66 8.06 51.98
C1 PX4 GC . -35.69 9.06 52.01
C2 PX4 GC . -35.54 9.96 50.78
N1 PX4 GC . -36.51 11.02 50.45
C3 PX4 GC . -36.22 11.50 49.09
C4 PX4 GC . -37.88 10.48 50.42
C5 PX4 GC . -36.46 12.07 51.47
O4 PX4 GC . -35.87 6.10 52.11
C6 PX4 GC . -34.94 5.42 51.27
C7 PX4 GC . -35.58 4.54 50.19
C8 PX4 GC . -36.69 5.42 49.61
O5 PX4 GC . -36.67 5.74 48.23
C9 PX4 GC . -37.52 6.71 47.82
O6 PX4 GC . -38.15 7.42 48.60
C10 PX4 GC . -37.47 6.96 46.31
C11 PX4 GC . -37.48 5.82 45.29
C12 PX4 GC . -38.82 5.07 45.37
C13 PX4 GC . -38.79 4.01 44.28
C14 PX4 GC . -40.01 3.09 44.22
C15 PX4 GC . -39.94 2.56 42.78
C16 PX4 GC . -40.84 1.35 42.54
C17 PX4 GC . -40.49 0.88 41.14
C18 PX4 GC . -41.49 -0.26 40.94
C19 PX4 GC . -41.50 -0.54 39.42
C20 PX4 GC . -42.01 0.71 38.69
C21 PX4 GC . -43.52 0.83 38.71
C22 PX4 GC . -44.19 1.84 37.79
O7 PX4 GC . -34.66 3.85 49.35
C23 PX4 GC . -34.32 2.62 49.81
O8 PX4 GC . -34.72 2.27 50.92
C24 PX4 GC . -33.65 1.68 48.81
C25 PX4 GC . -32.13 1.80 48.75
C26 PX4 GC . -31.66 0.53 48.03
C27 PX4 GC . -30.15 0.51 47.82
C28 PX4 GC . -29.78 -0.48 46.73
C29 PX4 GC . -30.31 0.05 45.39
C30 PX4 GC . -30.15 -1.01 44.31
C31 PX4 GC . -30.46 -0.39 42.95
C32 PX4 GC . -30.50 -1.42 41.81
C33 PX4 GC . -31.03 -0.74 40.56
C34 PX4 GC . -29.87 -0.01 39.87
C35 PX4 GC . -30.30 0.85 38.68
C36 PX4 GC . -31.40 1.86 38.95
O1 PX4 HC . 11.61 -21.17 54.30
O2 PX4 HC . 12.84 -19.62 52.73
P1 PX4 HC . 11.55 -20.12 53.25
O3 PX4 HC . 10.72 -18.89 53.88
C1 PX4 HC . 11.65 -18.04 54.56
C2 PX4 HC . 10.96 -17.38 55.74
N1 PX4 HC . 9.54 -16.97 55.72
C3 PX4 HC . 9.04 -16.44 54.45
C4 PX4 HC . 8.64 -18.01 56.24
C5 PX4 HC . 9.42 -15.88 56.71
O4 PX4 HC . 10.47 -20.54 52.14
C6 PX4 HC . 10.27 -19.42 51.29
C7 PX4 HC . 9.61 -19.62 49.92
C8 PX4 HC . 9.99 -21.03 49.51
O5 PX4 HC . 11.41 -21.21 49.33
C9 PX4 HC . 11.86 -22.47 49.07
O6 PX4 HC . 11.13 -23.45 49.09
C10 PX4 HC . 13.34 -22.57 48.76
C11 PX4 HC . 13.62 -21.85 47.42
C12 PX4 HC . 14.93 -22.38 46.84
C13 PX4 HC . 15.22 -21.78 45.47
C14 PX4 HC . 14.12 -21.97 44.43
C15 PX4 HC . 14.14 -23.41 43.92
C16 PX4 HC . 13.14 -23.77 42.81
C17 PX4 HC . 13.35 -25.25 42.54
C18 PX4 HC . 12.45 -25.90 41.47
C19 PX4 HC . 13.05 -27.24 41.07
C20 PX4 HC . 12.33 -27.63 39.76
C21 PX4 HC . 13.05 -28.85 39.18
C22 PX4 HC . 12.42 -29.28 37.85
O7 PX4 HC . 8.22 -19.36 49.84
C23 PX4 HC . 7.80 -18.06 49.88
O8 PX4 HC . 8.42 -17.17 50.47
C24 PX4 HC . 6.35 -17.83 49.49
C25 PX4 HC . 6.02 -17.47 48.04
C26 PX4 HC . 4.61 -17.81 47.55
C27 PX4 HC . 4.49 -17.34 46.09
C28 PX4 HC . 5.18 -18.27 45.10
C29 PX4 HC . 4.53 -19.66 45.09
C30 PX4 HC . 4.73 -20.36 43.76
C31 PX4 HC . 4.13 -19.70 42.52
C32 PX4 HC . 4.20 -20.33 41.13
C33 PX4 HC . 3.34 -19.48 40.18
C34 PX4 HC . 3.86 -18.09 39.82
C35 PX4 HC . 2.88 -17.51 38.78
C36 PX4 HC . 1.42 -17.33 39.20
O1 PX4 IC . -31.05 12.44 52.72
O2 PX4 IC . -33.40 13.37 52.25
P1 PX4 IC . -32.36 12.33 52.05
O3 PX4 IC . -33.15 11.12 52.74
C1 PX4 IC . -32.59 11.05 54.07
C2 PX4 IC . -32.26 9.62 54.48
N1 PX4 IC . -31.04 9.01 53.92
C3 PX4 IC . -31.18 8.50 52.55
C4 PX4 IC . -29.81 9.80 53.97
C5 PX4 IC . -30.78 7.87 54.80
O4 PX4 IC . -32.30 11.60 50.61
C6 PX4 IC . -30.91 11.58 50.27
C7 PX4 IC . -30.51 10.93 48.94
C8 PX4 IC . -31.81 10.38 48.35
O5 PX4 IC . -31.78 8.95 48.25
C9 PX4 IC . -33.00 8.35 48.26
O6 PX4 IC . -33.96 9.11 48.32
C10 PX4 IC . -32.94 6.83 48.13
C11 PX4 IC . -32.78 6.49 46.65
C12 PX4 IC . -32.93 4.96 46.59
C13 PX4 IC . -33.51 4.42 45.29
C14 PX4 IC . -33.65 2.90 45.29
C15 PX4 IC . -34.38 2.48 44.01
C16 PX4 IC . -34.84 1.02 44.13
C17 PX4 IC . -35.64 0.57 42.90
C18 PX4 IC . -34.88 0.89 41.63
C19 PX4 IC . -35.73 0.47 40.43
C20 PX4 IC . -35.00 0.87 39.16
C21 PX4 IC . -35.82 0.43 37.95
C22 PX4 IC . -35.90 -1.11 37.81
O7 PX4 IC . -29.87 11.89 48.09
C23 PX4 IC . -28.67 12.43 48.44
O8 PX4 IC . -28.02 12.18 49.44
C24 PX4 IC . -27.96 13.20 47.32
C25 PX4 IC . -28.16 14.71 47.30
C26 PX4 IC . -27.42 15.43 46.16
C27 PX4 IC . -27.88 14.80 44.86
C28 PX4 IC . -27.55 15.81 43.76
C29 PX4 IC . -28.39 15.57 42.51
C30 PX4 IC . -28.28 16.77 41.57
C31 PX4 IC . -26.83 16.87 41.10
C32 PX4 IC . -26.55 15.62 40.26
C33 PX4 IC . -27.07 15.62 38.81
C34 PX4 IC . -26.29 14.57 38.05
C35 PX4 IC . -26.85 14.56 36.63
C36 PX4 IC . -26.13 13.50 35.79
O1 PX4 JC . -29.50 17.17 54.96
O2 PX4 JC . -31.71 18.41 54.81
P1 PX4 JC . -30.87 17.28 54.40
O3 PX4 JC . -31.65 16.09 55.14
C1 PX4 JC . -31.86 16.49 56.50
C2 PX4 JC . -32.56 15.52 57.44
N1 PX4 JC . -31.70 14.51 58.08
C3 PX4 JC . -32.36 13.63 59.05
C4 PX4 JC . -31.32 13.52 57.06
C5 PX4 JC . -30.39 14.92 58.59
O4 PX4 JC . -30.95 16.73 52.87
C6 PX4 JC . -29.99 15.68 52.99
C7 PX4 JC . -29.36 15.29 51.64
C8 PX4 JC . -30.28 15.78 50.51
O5 PX4 JC . -31.11 14.81 49.89
C9 PX4 JC . -32.07 15.26 49.03
O6 PX4 JC . -32.42 16.44 49.09
C10 PX4 JC . -32.84 14.24 48.20
C11 PX4 JC . -32.44 14.06 46.72
C12 PX4 JC . -33.32 13.10 45.93
C13 PX4 JC . -32.45 13.01 44.66
C14 PX4 JC . -32.73 11.81 43.77
C15 PX4 JC . -32.50 10.57 44.62
C16 PX4 JC . -32.93 9.34 43.82
C17 PX4 JC . -34.38 9.33 43.30
C18 PX4 JC . -34.70 8.24 42.29
C19 PX4 JC . -34.28 6.81 42.67
C20 PX4 JC . -34.51 5.88 41.49
C21 PX4 JC . -36.02 5.70 41.28
C22 PX4 JC . -36.39 4.33 40.72
O7 PX4 JC . -28.08 15.86 51.44
C23 PX4 JC . -26.92 15.33 51.90
O8 PX4 JC . -26.97 14.37 52.68
C24 PX4 JC . -25.61 16.03 51.51
C25 PX4 JC . -25.31 15.86 50.02
C26 PX4 JC . -24.75 14.46 49.74
C27 PX4 JC . -24.38 14.38 48.25
C28 PX4 JC . -23.72 13.03 47.92
C29 PX4 JC . -23.32 12.91 46.46
C30 PX4 JC . -24.39 13.03 45.38
C31 PX4 JC . -23.87 12.76 43.97
C32 PX4 JC . -24.84 12.11 42.98
C33 PX4 JC . -23.95 11.66 41.81
C34 PX4 JC . -24.87 10.96 40.80
C35 PX4 JC . -24.25 10.63 39.44
C36 PX4 JC . -25.27 10.27 38.36
O1 PX4 KC . -14.24 6.04 54.35
O2 PX4 KC . -14.29 8.65 54.25
P1 PX4 KC . -14.75 7.31 53.81
O3 PX4 KC . -16.34 7.38 54.10
C1 PX4 KC . -16.93 6.31 53.33
C2 PX4 KC . -18.45 6.23 53.48
N1 PX4 KC . -19.02 5.37 54.53
C3 PX4 KC . -18.06 5.03 55.60
C4 PX4 KC . -20.28 5.89 55.04
C5 PX4 KC . -19.38 4.03 54.06
O4 PX4 KC . -14.76 7.26 52.20
C6 PX4 KC . -14.32 8.44 51.51
C7 PX4 KC . -14.48 8.47 50.00
C8 PX4 KC . -14.76 7.03 49.52
O5 PX4 KC . -14.07 6.57 48.36
C9 PX4 KC . -14.77 5.56 47.79
O6 PX4 KC . -15.98 5.44 48.04
C10 PX4 KC . -14.23 4.80 46.58
C11 PX4 KC . -14.31 3.28 46.75
C12 PX4 KC . -14.11 2.57 45.41
C13 PX4 KC . -12.65 2.71 45.00
C14 PX4 KC . -12.34 1.71 43.88
C15 PX4 KC . -13.33 2.15 42.81
C16 PX4 KC . -13.41 1.17 41.62
C17 PX4 KC . -13.98 -0.14 42.18
C18 PX4 KC . -14.43 -1.08 41.06
C19 PX4 KC . -15.57 -0.44 40.25
C20 PX4 KC . -16.13 -1.47 39.27
C21 PX4 KC . -17.39 -0.77 38.77
C22 PX4 KC . -18.03 -1.57 37.61
O7 PX4 KC . -15.45 9.37 49.49
C23 PX4 KC . -15.10 10.68 49.31
O8 PX4 KC . -14.37 11.27 50.12
C24 PX4 KC . -16.12 11.54 48.58
C25 PX4 KC . -15.63 12.10 47.24
C26 PX4 KC . -15.57 10.98 46.22
C27 PX4 KC . -15.29 11.43 44.77
C28 PX4 KC . -15.33 10.13 43.97
C29 PX4 KC . -15.01 10.40 42.51
C30 PX4 KC . -15.69 9.39 41.57
C31 PX4 KC . -15.14 9.82 40.20
C32 PX4 KC . -15.57 8.77 39.17
C33 PX4 KC . -17.08 8.53 39.12
C34 PX4 KC . -17.41 7.60 37.96
C35 PX4 KC . -18.93 7.54 37.80
C36 PX4 KC . -19.59 8.91 37.72
O1 PX4 LC . -16.89 -10.06 57.94
O2 PX4 LC . -15.65 -8.98 56.08
P1 PX4 LC . -16.97 -9.27 56.68
O3 PX4 LC . -17.79 -7.97 57.18
C1 PX4 LC . -16.88 -6.87 57.29
C2 PX4 LC . -17.56 -5.52 57.55
N1 PX4 LC . -18.43 -4.84 56.58
C3 PX4 LC . -19.82 -5.19 56.94
C4 PX4 LC . -18.22 -3.40 56.83
C5 PX4 LC . -18.09 -5.20 55.20
O4 PX4 LC . -18.05 -9.88 55.66
C6 PX4 LC . -17.65 -11.19 55.28
C7 PX4 LC . -18.27 -11.88 54.05
C8 PX4 LC . -19.21 -10.77 53.54
O5 PX4 LC . -20.43 -11.23 52.97
C9 PX4 LC . -21.47 -10.37 52.78
O6 PX4 LC . -21.35 -9.24 53.24
C10 PX4 LC . -22.71 -10.84 52.03
C11 PX4 LC . -22.77 -10.21 50.64
C12 PX4 LC . -23.88 -10.72 49.71
C13 PX4 LC . -23.84 -9.97 48.37
C14 PX4 LC . -24.97 -10.51 47.51
C15 PX4 LC . -24.93 -9.91 46.11
C16 PX4 LC . -26.02 -10.63 45.30
C17 PX4 LC . -26.02 -10.20 43.83
C18 PX4 LC . -27.09 -10.89 42.96
C19 PX4 LC . -27.10 -10.40 41.50
C20 PX4 LC . -28.33 -10.94 40.77
C21 PX4 LC . -29.71 -10.39 41.13
C22 PX4 LC . -30.86 -10.75 40.19
O7 PX4 LC . -17.34 -12.31 53.05
C23 PX4 LC . -17.48 -13.58 52.63
O8 PX4 LC . -18.08 -14.42 53.32
C24 PX4 LC . -16.65 -13.90 51.38
C25 PX4 LC . -17.46 -14.64 50.31
C26 PX4 LC . -16.88 -14.98 48.93
C27 PX4 LC . -17.67 -15.96 48.09
C28 PX4 LC . -17.19 -15.94 46.63
C29 PX4 LC . -17.27 -14.51 46.12
C30 PX4 LC . -16.46 -14.30 44.84
C31 PX4 LC . -17.11 -15.29 43.87
C32 PX4 LC . -16.36 -15.54 42.55
C33 PX4 LC . -17.17 -16.55 41.73
C34 PX4 LC . -16.47 -17.08 40.48
C35 PX4 LC . -17.31 -18.10 39.71
C36 PX4 LC . -18.31 -17.31 38.86
O1 PX4 MC . -11.77 -18.28 54.99
O2 PX4 MC . -9.60 -17.02 55.92
P1 PX4 MC . -10.32 -18.02 55.09
O3 PX4 MC . -9.99 -17.51 53.60
C1 PX4 MC . -10.65 -16.25 53.51
C2 PX4 MC . -10.35 -15.49 52.21
N1 PX4 MC . -11.26 -14.40 51.86
C3 PX4 MC . -11.04 -13.40 52.94
C4 PX4 MC . -10.82 -13.70 50.65
C5 PX4 MC . -12.70 -14.66 51.80
O4 PX4 MC . -9.48 -19.38 55.06
C6 PX4 MC . -10.12 -20.35 54.22
C7 PX4 MC . -9.37 -21.67 54.05
C8 PX4 MC . -10.24 -22.81 54.61
O5 PX4 MC . -11.62 -22.72 54.27
C9 PX4 MC . -12.29 -23.81 53.83
O6 PX4 MC . -11.81 -24.91 54.09
C10 PX4 MC . -13.52 -23.53 52.96
C11 PX4 MC . -13.41 -22.14 52.34
C12 PX4 MC . -14.59 -21.79 51.42
C13 PX4 MC . -14.41 -20.40 50.84
C14 PX4 MC . -15.45 -19.98 49.80
C15 PX4 MC . -14.89 -19.09 48.68
C16 PX4 MC . -13.93 -17.95 49.04
C17 PX4 MC . -13.55 -17.13 47.82
C18 PX4 MC . -13.23 -15.63 47.95
C19 PX4 MC . -12.86 -15.00 46.61
C20 PX4 MC . -11.36 -14.81 46.38
C21 PX4 MC . -10.99 -14.26 45.00
C22 PX4 MC . -11.37 -12.78 44.90
O7 PX4 MC . -8.90 -21.85 52.71
C23 PX4 MC . -8.24 -22.95 52.27
O8 PX4 MC . -7.65 -23.66 53.08
C24 PX4 MC . -7.82 -23.03 50.80
C25 PX4 MC . -7.99 -24.46 50.28
C26 PX4 MC . -7.59 -24.51 48.80
C27 PX4 MC . -6.21 -24.00 48.40
C28 PX4 MC . -5.67 -24.57 47.07
C29 PX4 MC . -4.23 -24.15 46.80
C30 PX4 MC . -3.74 -24.60 45.43
C31 PX4 MC . -4.72 -24.04 44.39
C32 PX4 MC . -4.85 -22.52 44.48
C33 PX4 MC . -5.58 -21.94 43.26
C34 PX4 MC . -5.12 -22.40 41.88
C35 PX4 MC . -6.01 -21.81 40.77
C36 PX4 MC . -5.31 -21.81 39.42
O1 PX4 NC . 2.43 -3.76 53.48
O2 PX4 NC . 1.39 -5.90 54.53
P1 PX4 NC . 2.36 -5.23 53.63
O3 PX4 NC . 3.81 -5.85 53.98
C1 PX4 NC . 4.05 -5.73 55.38
C2 PX4 NC . 5.49 -5.92 55.88
N1 PX4 NC . 6.51 -4.88 55.61
C3 PX4 NC . 7.82 -5.25 56.17
C4 PX4 NC . 6.79 -4.82 54.16
C5 PX4 NC . 6.08 -3.53 56.02
O4 PX4 NC . 2.19 -5.88 52.17
C6 PX4 NC . 3.16 -5.33 51.28
C7 PX4 NC . 3.08 -6.14 49.97
C8 PX4 NC . 1.90 -5.47 49.26
O5 PX4 NC . 1.13 -6.41 48.52
C9 PX4 NC . 0.61 -5.91 47.36
O6 PX4 NC . 0.89 -4.78 46.94
C10 PX4 NC . -0.20 -6.86 46.49
C11 PX4 NC . -1.41 -6.16 45.88
C12 PX4 NC . -2.01 -7.00 44.74
C13 PX4 NC . -3.20 -6.33 44.04
C14 PX4 NC . -3.80 -7.24 42.98
C15 PX4 NC . -5.25 -6.87 42.65
C16 PX4 NC . -5.40 -5.94 41.45
C17 PX4 NC . -6.85 -5.63 41.08
C18 PX4 NC . -7.74 -6.86 41.17
C19 PX4 NC . -9.21 -6.42 41.14
C20 PX4 NC . -9.62 -5.54 39.96
C21 PX4 NC . -11.11 -5.22 40.02
C22 PX4 NC . -11.27 -4.02 39.07
O7 PX4 NC . 4.27 -6.10 49.16
C23 PX4 NC . 4.99 -7.26 49.10
O8 PX4 NC . 4.76 -8.22 49.82
C24 PX4 NC . 6.19 -7.19 48.16
C25 PX4 NC . 5.85 -7.15 46.67
C26 PX4 NC . 7.11 -7.38 45.85
C27 PX4 NC . 6.62 -7.38 44.39
C28 PX4 NC . 7.68 -7.49 43.30
C29 PX4 NC . 6.92 -7.67 41.98
C30 PX4 NC . 6.18 -6.42 41.50
C31 PX4 NC . 5.62 -6.56 40.09
C32 PX4 NC . 4.81 -5.31 39.74
C33 PX4 NC . 4.15 -5.28 38.36
C34 PX4 NC . 5.14 -5.00 37.24
C35 PX4 NC . 4.46 -4.85 35.88
C36 PX4 NC . 5.55 -4.36 34.91
O1 PX4 OC . 1.13 -14.23 55.90
O2 PX4 OC . 3.52 -13.89 54.92
P1 PX4 OC . 2.07 -14.11 54.76
O3 PX4 OC . 1.55 -12.82 53.97
C1 PX4 OC . 1.61 -11.59 54.72
C2 PX4 OC . 1.37 -10.32 53.91
N1 PX4 OC . 0.25 -10.04 53.00
C3 PX4 OC . 0.25 -11.02 51.90
C4 PX4 OC . -1.07 -9.88 53.60
C5 PX4 OC . 0.52 -8.74 52.37
O4 PX4 OC . 1.82 -15.23 53.63
C6 PX4 OC . 2.36 -14.72 52.40
C7 PX4 OC . 2.05 -15.55 51.16
C8 PX4 OC . 1.62 -16.94 51.65
O5 PX4 OC . 2.23 -17.89 50.78
C9 PX4 OC . 2.24 -19.13 51.34
O6 PX4 OC . 1.93 -19.28 52.51
C10 PX4 OC . 2.61 -20.37 50.51
C11 PX4 OC . 1.52 -20.51 49.46
C12 PX4 OC . 1.84 -21.63 48.48
C13 PX4 OC . 0.72 -21.88 47.46
C14 PX4 OC . 1.03 -22.93 46.41
C15 PX4 OC . -0.18 -23.38 45.58
C16 PX4 OC . 0.28 -23.80 44.19
C17 PX4 OC . -0.86 -24.42 43.38
C18 PX4 OC . -0.41 -24.68 41.94
C19 PX4 OC . -1.33 -25.66 41.20
C20 PX4 OC . -2.54 -24.78 40.93
C21 PX4 OC . -3.41 -25.58 39.95
C22 PX4 OC . -3.84 -26.94 40.50
O7 PX4 OC . 1.01 -15.04 50.32
C23 PX4 OC . 1.51 -14.48 49.19
O8 PX4 OC . 2.57 -13.83 49.26
C24 PX4 OC . 0.46 -14.07 48.16
C25 PX4 OC . -0.46 -13.01 48.73
C26 PX4 OC . -1.57 -12.65 47.76
C27 PX4 OC . -0.89 -12.00 46.55
C28 PX4 OC . -2.06 -11.82 45.58
C29 PX4 OC . -1.73 -11.25 44.21
C30 PX4 OC . -2.96 -10.98 43.33
C31 PX4 OC . -2.47 -10.61 41.93
C32 PX4 OC . -3.69 -10.27 41.08
C33 PX4 OC . -3.38 -9.72 39.69
C34 PX4 OC . -4.71 -9.48 38.97
C35 PX4 OC . -4.68 -9.48 37.44
C36 PX4 OC . -6.06 -9.44 36.79
O1 PX4 PC . 9.50 -13.07 52.41
O2 PX4 PC . 11.39 -14.94 52.71
P1 PX4 PC . 10.58 -13.97 51.94
O3 PX4 PC . 11.65 -12.77 51.79
C1 PX4 PC . 11.93 -12.20 53.08
C2 PX4 PC . 12.85 -10.97 53.03
N1 PX4 PC . 12.25 -9.74 52.52
C3 PX4 PC . 12.99 -8.54 52.94
C4 PX4 PC . 12.30 -9.55 51.06
C5 PX4 PC . 10.86 -9.55 52.99
O4 PX4 PC . 10.50 -14.43 50.41
C6 PX4 PC . 9.73 -13.49 49.65
C7 PX4 PC . 9.26 -13.90 48.25
C8 PX4 PC . 10.13 -15.13 47.97
O5 PX4 PC . 11.28 -14.81 47.21
C9 PX4 PC . 12.10 -15.83 46.87
O6 PX4 PC . 11.95 -16.96 47.35
C10 PX4 PC . 13.40 -15.52 46.11
C11 PX4 PC . 13.15 -15.56 44.60
C12 PX4 PC . 12.82 -16.89 43.90
C13 PX4 PC . 12.72 -16.72 42.38
C14 PX4 PC . 12.52 -18.10 41.76
C15 PX4 PC . 12.16 -17.95 40.28
C16 PX4 PC . 11.69 -19.33 39.85
C17 PX4 PC . 12.74 -20.41 39.58
C18 PX4 PC . 12.17 -21.73 39.05
C19 PX4 PC . 13.23 -22.58 38.35
C20 PX4 PC . 12.84 -24.03 38.03
C21 PX4 PC . 11.80 -24.10 36.92
C22 PX4 PC . 11.25 -25.53 36.84
O7 PX4 PC . 7.87 -14.15 48.11
C23 PX4 PC . 7.05 -13.11 47.83
O8 PX4 PC . 7.45 -11.95 47.95
C24 PX4 PC . 5.61 -13.54 47.50
C25 PX4 PC . 5.06 -12.42 46.62
C26 PX4 PC . 4.37 -13.01 45.40
C27 PX4 PC . 3.92 -11.70 44.76
C28 PX4 PC . 2.98 -10.88 45.63
C29 PX4 PC . 2.52 -9.52 45.13
C30 PX4 PC . 1.87 -9.73 43.76
C31 PX4 PC . 1.38 -8.34 43.32
C32 PX4 PC . 0.63 -8.43 41.99
C33 PX4 PC . 1.61 -8.77 40.85
C34 PX4 PC . 0.93 -8.73 39.48
C35 PX4 PC . 1.94 -9.48 38.62
C36 PX4 PC . 1.81 -9.37 37.10
O1 PX4 QC . 17.70 -10.91 51.05
O2 PX4 QC . 15.92 -9.35 52.17
P1 PX4 QC . 16.32 -10.57 51.46
O3 PX4 QC . 15.95 -11.80 52.42
C1 PX4 QC . 17.06 -11.85 53.32
C2 PX4 QC . 16.89 -13.04 54.26
N1 PX4 QC . 18.05 -13.80 54.76
C3 PX4 QC . 19.02 -12.85 55.32
C4 PX4 QC . 17.68 -14.78 55.79
C5 PX4 QC . 18.57 -14.68 53.72
O4 PX4 QC . 15.30 -11.11 50.34
C6 PX4 QC . 15.79 -12.35 49.81
C7 PX4 QC . 14.70 -13.39 49.59
C8 PX4 QC . 13.46 -12.68 49.05
O5 PX4 QC . 13.68 -11.97 47.82
C9 PX4 QC . 12.59 -11.32 47.30
O6 PX4 QC . 11.62 -11.05 47.99
C10 PX4 QC . 12.79 -10.98 45.82
C11 PX4 QC . 11.63 -10.94 44.80
C12 PX4 QC . 10.60 -12.07 44.93
C13 PX4 QC . 9.25 -11.81 44.24
C14 PX4 QC . 8.44 -13.09 44.47
C15 PX4 QC . 8.98 -14.27 43.66
C16 PX4 QC . 8.00 -15.45 43.68
C17 PX4 QC . 8.36 -16.62 42.76
C18 PX4 QC . 7.63 -16.61 41.42
C19 PX4 QC . 8.15 -17.78 40.59
C20 PX4 QC . 8.07 -19.18 41.22
C21 PX4 QC . 7.96 -20.23 40.11
C22 PX4 QC . 7.79 -21.61 40.74
O7 PX4 QC . 15.06 -14.50 48.77
C23 PX4 QC . 15.67 -15.59 49.31
O8 PX4 QC . 16.19 -15.60 50.42
C24 PX4 QC . 15.59 -16.89 48.49
C25 PX4 QC . 16.40 -16.75 47.20
C26 PX4 QC . 16.05 -17.99 46.37
C27 PX4 QC . 16.53 -17.65 44.94
C28 PX4 QC . 16.23 -18.87 44.07
C29 PX4 QC . 16.48 -18.59 42.59
C30 PX4 QC . 16.12 -19.82 41.75
C31 PX4 QC . 16.88 -21.05 42.24
C32 PX4 QC . 16.84 -22.22 41.26
C33 PX4 QC . 17.18 -21.85 39.81
C34 PX4 QC . 16.99 -23.00 38.82
C35 PX4 QC . 17.26 -22.74 37.33
C36 PX4 QC . 18.75 -22.46 37.14
O1 PX4 RC . -11.50 7.20 53.19
O2 PX4 RC . -9.21 7.90 52.28
P1 PX4 RC . -10.69 7.82 52.14
O3 PX4 RC . -11.38 9.26 51.89
C1 PX4 RC . -11.54 9.88 53.16
C2 PX4 RC . -11.97 11.34 53.27
N1 PX4 RC . -11.21 12.34 52.49
C3 PX4 RC . -11.51 13.68 53.01
C4 PX4 RC . -9.74 12.25 52.43
C5 PX4 RC . -11.80 12.27 51.15
O4 PX4 RC . -10.86 7.09 50.71
C6 PX4 RC . -10.44 8.14 49.83
C7 PX4 RC . -10.48 8.02 48.30
C8 PX4 RC . -10.98 6.62 48.02
O5 PX4 RC . -10.13 5.70 47.33
C9 PX4 RC . -10.52 4.40 47.40
O6 PX4 RC . -11.54 4.10 48.01
C10 PX4 RC . -9.49 3.42 46.87
C11 PX4 RC . -8.92 3.68 45.48
C12 PX4 RC . -7.84 2.65 45.10
C13 PX4 RC . -7.23 3.24 43.84
C14 PX4 RC . -8.36 3.26 42.83
C15 PX4 RC . -8.00 3.94 41.51
C16 PX4 RC . -9.14 3.93 40.50
C17 PX4 RC . -9.56 2.48 40.25
C18 PX4 RC . -10.64 2.29 39.19
C19 PX4 RC . -10.72 0.86 38.68
C20 PX4 RC . -11.72 0.85 37.53
C21 PX4 RC . -13.05 1.58 37.79
C22 PX4 RC . -14.08 1.20 36.72
O7 PX4 RC . -11.18 9.14 47.74
C23 PX4 RC . -10.67 10.39 47.85
O8 PX4 RC . -9.56 10.52 48.35
C24 PX4 RC . -11.40 11.53 47.13
C25 PX4 RC . -11.05 11.74 45.66
C26 PX4 RC . -9.70 12.43 45.53
C27 PX4 RC . -9.51 12.75 44.04
C28 PX4 RC . -9.35 11.43 43.26
C29 PX4 RC . -9.71 11.50 41.79
C30 PX4 RC . -11.19 11.66 41.43
C31 PX4 RC . -11.34 11.85 39.92
C32 PX4 RC . -10.43 10.84 39.20
C33 PX4 RC . -10.57 11.04 37.68
C34 PX4 RC . -12.06 10.85 37.36
C35 PX4 RC . -12.23 10.91 35.85
C36 PX4 RC . -13.66 10.56 35.42
O1 PX4 SC . -17.33 3.51 51.01
O2 PX4 SC . -15.93 2.98 53.15
P1 PX4 SC . -16.26 2.79 51.72
O3 PX4 SC . -14.83 2.90 51.02
C1 PX4 SC . -14.27 4.12 51.52
C2 PX4 SC . -12.78 4.33 51.32
N1 PX4 SC . -11.70 3.38 51.60
C3 PX4 SC . -11.76 2.95 53.00
C4 PX4 SC . -11.58 2.17 50.76
C5 PX4 SC . -10.38 4.03 51.53
O4 PX4 SC . -16.29 1.19 51.45
C6 PX4 SC . -16.67 1.06 50.08
C7 PX4 SC . -16.26 -0.28 49.46
C8 PX4 SC . -17.16 -1.45 49.92
O5 PX4 SC . -18.59 -1.30 49.88
C9 PX4 SC . -19.26 -2.23 49.15
O6 PX4 SC . -18.77 -3.29 48.78
C10 PX4 SC . -20.72 -1.93 48.78
C11 PX4 SC . -21.10 -1.33 47.42
C12 PX4 SC . -20.70 -2.33 46.35
C13 PX4 SC . -20.69 -1.72 44.95
C14 PX4 SC . -21.69 -2.35 43.98
C15 PX4 SC . -23.13 -2.30 44.48
C16 PX4 SC . -24.10 -2.94 43.49
C17 PX4 SC . -24.00 -2.28 42.12
C18 PX4 SC . -25.32 -2.48 41.35
C19 PX4 SC . -25.28 -1.74 40.01
C20 PX4 SC . -26.53 -2.18 39.27
C21 PX4 SC . -26.41 -2.06 37.74
C22 PX4 SC . -25.15 -2.76 37.23
O7 PX4 SC . -16.00 -0.24 48.06
C23 PX4 SC . -14.83 -0.82 47.68
O8 PX4 SC . -14.16 -1.48 48.46
C24 PX4 SC . -14.67 -0.82 46.15
C25 PX4 SC . -15.80 -1.40 45.30
C26 PX4 SC . -16.07 -2.89 45.59
C27 PX4 SC . -17.38 -3.39 44.99
C28 PX4 SC . -17.50 -3.16 43.48
C29 PX4 SC . -18.68 -4.03 43.07
C30 PX4 SC . -19.00 -3.83 41.58
C31 PX4 SC . -20.05 -4.79 41.05
C32 PX4 SC . -20.09 -4.65 39.54
C33 PX4 SC . -21.27 -5.35 38.87
C34 PX4 SC . -20.71 -6.73 38.51
C35 PX4 SC . -21.76 -7.62 37.84
C36 PX4 SC . -21.18 -9.02 37.68
O1 PX4 TC . -21.10 -1.76 58.04
O2 PX4 TC . -22.98 -0.82 56.63
P1 PX4 TC . -22.00 -1.90 56.88
O3 PX4 TC . -22.77 -3.28 57.22
C1 PX4 TC . -24.19 -3.13 57.30
C2 PX4 TC . -24.82 -4.42 57.80
N1 PX4 TC . -24.36 -5.80 57.55
C3 PX4 TC . -25.45 -6.73 57.85
C4 PX4 TC . -23.86 -5.99 56.18
C5 PX4 TC . -23.33 -6.09 58.56
O4 PX4 TC . -21.42 -2.45 55.49
C6 PX4 TC . -21.89 -1.71 54.35
C7 PX4 TC . -20.67 -1.19 53.57
C8 PX4 TC . -19.99 -2.42 53.00
O5 PX4 TC . -20.96 -3.47 52.87
C9 PX4 TC . -20.55 -4.68 52.37
O6 PX4 TC . -19.39 -4.99 52.10
C10 PX4 TC . -21.76 -5.57 52.09
C11 PX4 TC . -22.08 -5.33 50.62
C12 PX4 TC . -21.57 -6.41 49.67
C13 PX4 TC . -21.69 -5.71 48.32
C14 PX4 TC . -21.82 -6.89 47.36
C15 PX4 TC . -21.81 -6.31 45.95
C16 PX4 TC . -22.06 -7.41 44.91
C17 PX4 TC . -22.07 -6.88 43.47
C18 PX4 TC . -21.92 -8.02 42.45
C19 PX4 TC . -22.89 -9.20 42.47
C20 PX4 TC . -22.88 -9.94 41.13
C21 PX4 TC . -23.79 -11.16 40.98
C22 PX4 TC . -23.32 -11.82 39.68
O7 PX4 TC . -21.11 -0.15 52.69
C23 PX4 TC . -20.18 0.84 52.47
O8 PX4 TC . -19.32 0.86 53.34
C24 PX4 TC . -20.33 1.85 51.32
C25 PX4 TC . -21.52 1.57 50.41
C26 PX4 TC . -21.67 2.67 49.35
C27 PX4 TC . -20.51 2.72 48.36
C28 PX4 TC . -20.54 3.79 47.26
C29 PX4 TC . -19.34 3.72 46.30
C30 PX4 TC . -19.26 2.41 45.54
C31 PX4 TC . -18.01 2.38 44.66
C32 PX4 TC . -18.07 1.14 43.77
C33 PX4 TC . -19.11 1.50 42.71
C34 PX4 TC . -19.27 0.35 41.71
C35 PX4 TC . -20.58 0.63 40.97
C36 PX4 TC . -21.06 -0.46 40.00
O1 PX4 UC . -15.10 -12.83 55.76
O2 PX4 UC . -13.26 -14.29 54.71
P1 PX4 UC . -13.89 -12.96 54.92
O3 PX4 UC . -12.72 -12.19 55.70
C1 PX4 UC . -12.42 -12.95 56.87
C2 PX4 UC . -11.24 -12.39 57.65
N1 PX4 UC . -10.92 -13.12 58.89
C3 PX4 UC . -11.12 -14.58 58.82
C4 PX4 UC . -9.53 -12.92 59.32
C5 PX4 UC . -11.69 -12.70 60.08
O4 PX4 UC . -14.00 -12.06 53.58
C6 PX4 UC . -14.25 -10.67 53.77
C7 PX4 UC . -14.71 -9.94 52.50
C8 PX4 UC . -14.48 -10.99 51.42
O5 PX4 UC . -14.01 -10.53 50.15
C9 PX4 UC . -13.86 -11.47 49.19
O6 PX4 UC . -14.00 -12.63 49.59
C10 PX4 UC . -13.76 -10.98 47.75
C11 PX4 UC . -15.08 -11.29 47.02
C12 PX4 UC . -14.89 -10.46 45.76
C13 PX4 UC . -14.67 -8.99 46.12
C14 PX4 UC . -15.95 -8.27 45.65
C15 PX4 UC . -16.21 -8.64 44.20
C16 PX4 UC . -17.40 -7.85 43.63
C17 PX4 UC . -17.68 -8.18 42.16
C18 PX4 UC . -18.25 -9.57 41.89
C19 PX4 UC . -18.23 -10.12 40.46
C20 PX4 UC . -18.70 -11.57 40.51
C21 PX4 UC . -18.60 -12.46 39.27
C22 PX4 UC . -19.25 -13.78 39.66
O7 PX4 UC . -16.02 -9.40 52.59
C23 PX4 UC . -16.18 -8.29 51.79
O8 PX4 UC . -15.56 -7.25 52.00
C24 PX4 UC . -17.61 -8.33 51.25
C25 PX4 UC . -17.69 -9.41 50.17
C26 PX4 UC . -18.97 -9.55 49.33
C27 PX4 UC . -18.65 -10.64 48.29
C28 PX4 UC . -19.93 -11.01 47.53
C29 PX4 UC . -19.38 -11.65 46.25
C30 PX4 UC . -20.60 -12.18 45.50
C31 PX4 UC . -20.23 -13.06 44.31
C32 PX4 UC . -21.42 -13.83 43.73
C33 PX4 UC . -20.91 -14.82 42.68
C34 PX4 UC . -22.15 -15.36 41.97
C35 PX4 UC . -21.69 -16.31 40.87
C36 PX4 UC . -22.93 -16.61 40.03
O1 PX4 VC . -5.54 -13.51 52.62
O2 PX4 VC . -7.69 -14.33 53.82
P1 PX4 VC . -6.63 -14.50 52.79
O3 PX4 VC . -5.91 -15.89 53.13
C1 PX4 VC . -6.89 -16.68 53.81
C2 PX4 VC . -6.35 -17.76 54.76
N1 PX4 VC . -5.52 -18.86 54.22
C3 PX4 VC . -5.40 -19.85 55.30
C4 PX4 VC . -6.06 -19.47 53.00
C5 PX4 VC . -4.17 -18.31 54.03
O4 PX4 VC . -7.12 -14.88 51.30
C6 PX4 VC . -5.94 -14.90 50.50
C7 PX4 VC . -5.97 -16.23 49.74
C8 PX4 VC . -7.40 -16.43 49.22
O5 PX4 VC . -7.96 -17.65 49.72
C9 PX4 VC . -9.33 -17.74 49.63
O6 PX4 VC . -9.94 -16.77 49.17
C10 PX4 VC . -9.98 -19.05 50.05
C11 PX4 VC . -10.63 -19.78 48.88
C12 PX4 VC . -10.56 -21.28 49.21
C13 PX4 VC . -10.67 -22.12 47.94
C14 PX4 VC . -9.49 -21.65 47.08
C15 PX4 VC . -9.28 -22.72 46.00
C16 PX4 VC . -10.50 -23.09 45.14
C17 PX4 VC . -10.01 -24.36 44.44
C18 PX4 VC . -8.88 -24.15 43.42
C19 PX4 VC . -8.54 -25.50 42.79
C20 PX4 VC . -7.89 -26.45 43.79
C21 PX4 VC . -7.53 -27.79 43.13
C22 PX4 VC . -6.65 -28.64 44.03
O7 PX4 VC . -4.95 -16.50 48.78
C23 PX4 VC . -3.65 -16.47 49.17
O8 PX4 VC . -3.41 -16.60 50.37
C24 PX4 VC . -2.63 -16.50 48.03
C25 PX4 VC . -1.66 -17.63 48.36
C26 PX4 VC . -0.38 -17.69 47.52
C27 PX4 VC . -0.64 -17.63 46.02
C28 PX4 VC . 0.73 -17.72 45.35
C29 PX4 VC . 0.85 -17.43 43.85
C30 PX4 VC . 0.21 -16.13 43.37
C31 PX4 VC . 0.90 -15.47 42.18
C32 PX4 VC . 2.33 -15.08 42.59
C33 PX4 VC . 3.17 -14.31 41.58
C34 PX4 VC . 2.47 -13.02 41.16
C35 PX4 VC . 3.35 -12.26 40.20
C36 PX4 VC . 4.70 -11.86 40.79
O1 PX4 WC . 18.44 -2.97 49.34
O2 PX4 WC . 18.01 -1.68 47.06
P1 PX4 WC . 18.64 -2.74 47.89
O3 PX4 WC . 18.10 -4.08 47.21
C1 PX4 WC . 16.85 -4.51 47.79
C2 PX4 WC . 15.85 -5.30 46.97
N1 PX4 WC . 15.99 -6.74 46.76
C3 PX4 WC . 15.19 -7.34 45.69
C4 PX4 WC . 17.39 -7.06 46.37
C5 PX4 WC . 15.53 -7.58 47.88
O4 PX4 WC . 20.24 -2.75 47.68
C6 PX4 WC . 20.50 -2.47 46.30
C7 PX4 WC . 21.93 -2.06 45.91
C8 PX4 WC . 22.84 -3.30 45.94
O5 PX4 WC . 22.24 -4.60 45.87
C9 PX4 WC . 22.79 -5.56 46.67
O6 PX4 WC . 23.77 -5.36 47.40
C10 PX4 WC . 22.12 -6.93 46.51
C11 PX4 WC . 21.93 -7.30 45.04
C12 PX4 WC . 23.22 -7.46 44.25
C13 PX4 WC . 22.89 -7.83 42.81
C14 PX4 WC . 24.18 -8.13 42.05
C15 PX4 WC . 23.80 -8.71 40.68
C16 PX4 WC . 25.00 -9.09 39.84
C17 PX4 WC . 24.61 -9.66 38.47
C18 PX4 WC . 25.75 -10.47 37.87
C19 PX4 WC . 25.40 -11.22 36.57
C20 PX4 WC . 26.57 -11.75 35.75
C21 PX4 WC . 27.48 -10.59 35.33
C22 PX4 WC . 28.50 -11.19 34.35
O7 PX4 WC . 22.12 -1.24 44.75
C23 PX4 WC . 21.96 0.11 44.83
O8 PX4 WC . 21.62 0.58 45.93
C24 PX4 WC . 22.28 0.96 43.61
C25 PX4 WC . 21.51 0.41 42.41
C26 PX4 WC . 21.73 1.20 41.11
C27 PX4 WC . 20.98 0.57 39.93
C28 PX4 WC . 21.50 -0.80 39.51
C29 PX4 WC . 22.97 -0.67 39.05
C30 PX4 WC . 23.49 -2.01 38.52
C31 PX4 WC . 24.95 -1.89 38.10
C32 PX4 WC . 25.40 -3.29 37.66
C33 PX4 WC . 25.33 -4.22 38.87
C34 PX4 WC . 25.73 -5.64 38.46
C35 PX4 WC . 27.25 -5.77 38.39
C36 PX4 WC . 27.71 -6.97 37.56
O1 PX4 XC . 18.10 -6.46 50.04
O2 PX4 XC . 19.34 -8.02 51.67
P1 PX4 XC . 19.20 -7.41 50.34
O3 PX4 XC . 20.57 -6.60 50.03
C1 PX4 XC . 20.35 -5.25 50.45
C2 PX4 XC . 21.45 -4.31 49.99
N1 PX4 XC . 22.63 -4.12 50.84
C3 PX4 XC . 22.21 -4.11 52.26
C4 PX4 XC . 23.54 -5.25 50.59
C5 PX4 XC . 23.07 -2.78 50.45
O4 PX4 XC . 19.22 -8.48 49.14
C6 PX4 XC . 20.10 -9.59 49.41
C7 PX4 XC . 20.28 -10.48 48.19
C8 PX4 XC . 19.08 -10.29 47.26
O5 PX4 XC . 18.40 -11.48 46.82
C9 PX4 XC . 17.16 -11.32 46.24
O6 PX4 XC . 16.73 -10.22 45.98
C10 PX4 XC . 16.69 -12.64 45.64
C11 PX4 XC . 16.50 -12.78 44.13
C12 PX4 XC . 15.05 -12.59 43.70
C13 PX4 XC . 14.96 -12.55 42.17
C14 PX4 XC . 13.53 -12.75 41.68
C15 PX4 XC . 13.39 -12.65 40.16
C16 PX4 XC . 11.91 -12.70 39.80
C17 PX4 XC . 11.38 -14.13 39.92
C18 PX4 XC . 9.87 -14.33 39.72
C19 PX4 XC . 9.45 -13.74 38.38
C20 PX4 XC . 7.94 -13.74 38.14
C21 PX4 XC . 7.34 -15.16 38.12
C22 PX4 XC . 5.83 -15.18 37.86
O7 PX4 XC . 21.53 -10.32 47.50
C23 PX4 XC . 22.69 -10.68 48.11
O8 PX4 XC . 22.84 -10.48 49.32
C24 PX4 XC . 23.94 -11.04 47.31
C25 PX4 XC . 23.65 -11.09 45.81
C26 PX4 XC . 24.94 -11.35 45.04
C27 PX4 XC . 24.73 -11.62 43.54
C28 PX4 XC . 24.03 -12.95 43.29
C29 PX4 XC . 24.03 -13.08 41.76
C30 PX4 XC . 23.20 -14.21 41.17
C31 PX4 XC . 23.39 -14.14 39.65
C32 PX4 XC . 22.70 -15.35 39.03
C33 PX4 XC . 22.60 -15.42 37.49
C34 PX4 XC . 22.10 -16.79 37.07
C35 PX4 XC . 21.33 -16.62 35.77
C36 PX4 XC . 20.28 -15.54 36.03
O1 PX4 YC . -21.73 14.06 55.95
O2 PX4 YC . -19.71 12.53 55.77
P1 PX4 YC . -20.37 13.79 55.41
O3 PX4 YC . -19.35 14.97 55.80
C1 PX4 YC . -18.89 14.83 57.14
C2 PX4 YC . -17.95 15.93 57.64
N1 PX4 YC . -16.65 15.96 56.96
C3 PX4 YC . -15.74 16.75 57.79
C4 PX4 YC . -16.12 14.59 56.78
C5 PX4 YC . -16.71 16.70 55.68
O4 PX4 YC . -20.43 13.78 53.81
C6 PX4 YC . -19.12 13.37 53.40
C7 PX4 YC . -18.99 13.60 51.90
C8 PX4 YC . -20.31 13.08 51.34
O5 PX4 YC . -20.21 11.96 50.45
C9 PX4 YC . -21.37 11.26 50.34
O6 PX4 YC . -22.37 11.69 50.94
C10 PX4 YC . -21.56 10.27 49.19
C11 PX4 YC . -20.22 9.81 48.62
C12 PX4 YC . -20.39 9.09 47.27
C13 PX4 YC . -19.07 8.66 46.64
C14 PX4 YC . -19.48 8.02 45.31
C15 PX4 YC . -18.17 7.32 44.93
C16 PX4 YC . -18.30 6.73 43.53
C17 PX4 YC . -17.08 5.90 43.09
C18 PX4 YC . -17.12 5.63 41.59
C19 PX4 YC . -16.01 4.62 41.29
C20 PX4 YC . -16.17 4.18 39.84
C21 PX4 YC . -17.40 3.27 39.74
C22 PX4 YC . -18.08 3.47 38.37
O7 PX4 YC . -18.70 14.93 51.44
C23 PX4 YC . -17.40 15.30 51.55
O8 PX4 YC . -16.60 14.61 52.18
C24 PX4 YC . -17.09 16.73 51.15
C25 PX4 YC . -16.63 16.70 49.69
C26 PX4 YC . -16.41 18.11 49.11
C27 PX4 YC . -15.60 18.06 47.83
C28 PX4 YC . -16.36 17.31 46.73
C29 PX4 YC . -15.64 17.28 45.38
C30 PX4 YC . -16.40 16.37 44.42
C31 PX4 YC . -16.08 16.54 42.94
C32 PX4 YC . -16.87 15.58 42.04
C33 PX4 YC . -16.38 15.73 40.61
C34 PX4 YC . -17.23 14.84 39.70
C35 PX4 YC . -17.08 13.32 39.94
C36 PX4 YC . -18.07 12.56 39.04
O1 PX4 ZC . -18.59 27.80 52.71
O2 PX4 ZC . -21.21 27.55 52.98
P1 PX4 ZC . -19.86 27.06 52.62
O3 PX4 ZC . -19.56 25.92 53.71
C1 PX4 ZC . -20.71 25.09 53.97
C2 PX4 ZC . -20.68 23.74 54.70
N1 PX4 ZC . -20.56 22.61 53.79
C3 PX4 ZC . -20.68 21.35 54.56
C4 PX4 ZC . -21.69 22.52 52.85
C5 PX4 ZC . -19.25 22.60 53.12
O4 PX4 ZC . -19.92 25.87 51.52
C6 PX4 ZC . -18.86 26.27 50.66
C7 PX4 ZC . -18.70 25.59 49.30
C8 PX4 ZC . -19.73 24.47 49.40
O5 PX4 ZC . -19.62 23.34 48.51
C9 PX4 ZC . -20.45 22.30 48.75
O6 PX4 ZC . -20.74 22.02 49.93
C10 PX4 ZC . -20.59 21.27 47.64
C11 PX4 ZC . -19.23 20.69 47.33
C12 PX4 ZC . -19.08 20.37 45.84
C13 PX4 ZC . -19.22 21.59 44.93
C14 PX4 ZC . -18.64 21.24 43.56
C15 PX4 ZC . -19.30 19.97 43.02
C16 PX4 ZC . -18.96 20.04 41.52
C17 PX4 ZC . -19.83 19.04 40.75
C18 PX4 ZC . -19.29 18.88 39.33
C19 PX4 ZC . -20.15 17.90 38.52
C20 PX4 ZC . -19.94 17.80 37.02
C21 PX4 ZC . -20.61 16.70 36.19
C22 PX4 ZC . -20.36 16.97 34.72
O7 PX4 ZC . -18.89 26.40 48.13
C23 PX4 ZC . -18.21 27.52 47.76
O8 PX4 ZC . -17.34 27.93 48.50
C24 PX4 ZC . -18.74 28.23 46.50
C25 PX4 ZC . -19.84 29.23 46.80
C26 PX4 ZC . -20.21 29.90 45.45
C27 PX4 ZC . -20.71 29.03 44.30
C28 PX4 ZC . -20.72 29.89 43.04
C29 PX4 ZC . -21.06 29.21 41.70
C30 PX4 ZC . -21.17 30.24 40.58
C31 PX4 ZC . -22.42 31.06 40.84
C32 PX4 ZC . -23.60 30.46 40.07
C33 PX4 ZC . -24.86 31.22 40.47
C34 PX4 ZC . -26.11 30.58 39.84
C35 PX4 ZC . -27.40 31.11 40.49
C36 PX4 ZC . -28.61 30.43 39.85
O1 PX4 AD . -12.72 24.04 52.89
O2 PX4 AD . -11.84 24.07 55.29
P1 PX4 AD . -11.78 23.55 53.91
O3 PX4 AD . -10.28 23.42 53.33
C1 PX4 AD . -10.18 24.54 52.44
C2 PX4 AD . -8.83 24.54 51.72
N1 PX4 AD . -7.63 24.42 52.57
C3 PX4 AD . -7.39 22.99 52.88
C4 PX4 AD . -6.54 24.81 51.68
C5 PX4 AD . -7.59 25.30 53.74
O4 PX4 AD . -12.19 22.00 54.00
C6 PX4 AD . -12.14 21.42 52.68
C7 PX4 AD . -12.87 20.07 52.61
C8 PX4 AD . -14.35 20.30 52.31
O5 PX4 AD . -14.58 21.47 51.52
C9 PX4 AD . -15.87 21.62 51.18
O6 PX4 AD . -16.73 20.92 51.72
C10 PX4 AD . -16.27 22.78 50.25
C11 PX4 AD . -15.89 22.46 48.81
C12 PX4 AD . -16.41 23.38 47.69
C13 PX4 AD . -15.62 23.22 46.40
C14 PX4 AD . -16.37 24.00 45.31
C15 PX4 AD . -15.91 23.67 43.90
C16 PX4 AD . -16.76 24.40 42.85
C17 PX4 AD . -16.28 24.03 41.45
C18 PX4 AD . -17.41 24.04 40.42
C19 PX4 AD . -17.04 24.19 38.94
C20 PX4 AD . -18.00 23.46 38.02
C21 PX4 AD . -17.95 24.06 36.61
C22 PX4 AD . -18.56 25.47 36.61
O7 PX4 AD . -12.23 19.28 51.61
C23 PX4 AD . -12.63 18.01 51.34
O8 PX4 AD . -13.22 17.34 52.18
C24 PX4 AD . -12.47 17.47 49.90
C25 PX4 AD . -11.87 16.10 49.58
C26 PX4 AD . -11.92 15.83 48.07
C27 PX4 AD . -11.15 16.95 47.36
C28 PX4 AD . -10.88 16.34 45.99
C29 PX4 AD . -11.94 16.43 44.90
C30 PX4 AD . -11.50 15.76 43.59
C31 PX4 AD . -12.24 16.46 42.44
C32 PX4 AD . -12.17 15.64 41.15
C33 PX4 AD . -12.86 16.33 39.99
C34 PX4 AD . -13.05 15.25 38.90
C35 PX4 AD . -13.75 16.03 37.78
C36 PX4 AD . -13.96 15.14 36.56
O1 PX4 BD . -3.58 1.68 51.03
O2 PX4 BD . -4.84 -0.52 51.49
P1 PX4 BD . -3.86 0.25 50.69
O3 PX4 BD . -2.45 -0.50 50.71
C1 PX4 BD . -1.72 -0.32 49.49
C2 PX4 BD . -0.51 -1.17 49.09
N1 PX4 BD . 0.09 -0.82 47.79
C3 PX4 BD . 0.62 0.54 47.70
C4 PX4 BD . 1.20 -1.77 47.64
C5 PX4 BD . -0.82 -1.13 46.67
O4 PX4 BD . -4.28 -0.08 49.16
C6 PX4 BD . -5.57 0.52 49.12
C7 PX4 BD . -6.19 0.80 47.75
C8 PX4 BD . -4.99 0.92 46.80
O5 PX4 BD . -4.56 2.28 46.64
C9 PX4 BD . -3.29 2.37 46.17
O6 PX4 BD . -2.60 1.35 46.08
C10 PX4 BD . -2.83 3.67 45.51
C11 PX4 BD . -3.46 3.95 44.16
C12 PX4 BD . -3.20 5.37 43.64
C13 PX4 BD . -4.05 5.63 42.40
C14 PX4 BD . -3.58 4.60 41.36
C15 PX4 BD . -4.13 4.85 39.96
C16 PX4 BD . -3.88 3.61 39.11
C17 PX4 BD . -4.68 3.70 37.81
C18 PX4 BD . -4.73 2.30 37.22
C19 PX4 BD . -5.69 2.11 36.04
C20 PX4 BD . -7.10 2.56 36.44
C21 PX4 BD . -8.10 2.49 35.29
C22 PX4 BD . -9.35 3.32 35.60
O7 PX4 BD . -7.21 -0.10 47.33
C23 PX4 BD . -8.40 -0.29 47.98
O8 PX4 BD . -8.64 0.25 49.06
C24 PX4 BD . -9.36 -1.20 47.22
C25 PX4 BD . -9.95 -0.60 45.94
C26 PX4 BD . -10.97 -1.63 45.43
C27 PX4 BD . -10.31 -2.98 45.17
C28 PX4 BD . -11.36 -4.03 44.76
C29 PX4 BD . -12.36 -3.47 43.76
C30 PX4 BD . -13.32 -4.59 43.40
C31 PX4 BD . -14.23 -4.19 42.24
C32 PX4 BD . -15.25 -5.25 41.79
C33 PX4 BD . -15.59 -4.89 40.34
C34 PX4 BD . -16.44 -5.86 39.52
C35 PX4 BD . -16.26 -5.56 38.03
C36 PX4 BD . -17.13 -6.29 37.01
O1 PX4 CD . -3.20 6.70 51.92
O2 PX4 CD . -1.02 5.29 52.13
P1 PX4 CD . -1.90 6.24 51.41
O3 PX4 CD . -0.93 7.47 51.79
C1 PX4 CD . -1.11 7.81 53.17
C2 PX4 CD . 0.08 8.64 53.62
N1 PX4 CD . 0.18 9.53 54.78
C3 PX4 CD . -1.08 10.27 54.89
C4 PX4 CD . 0.58 8.88 56.03
C5 PX4 CD . 1.21 10.56 54.53
O4 PX4 CD . -1.68 6.40 49.83
C6 PX4 CD . -2.61 7.39 49.39
C7 PX4 CD . -2.43 7.76 47.91
C8 PX4 CD . -0.97 7.46 47.58
O5 PX4 CD . -0.32 8.70 47.27
C9 PX4 CD . 0.85 8.51 46.63
O6 PX4 CD . 1.38 7.39 46.63
C10 PX4 CD . 1.44 9.74 45.93
C11 PX4 CD . 1.15 9.82 44.43
C12 PX4 CD . -0.33 10.15 44.17
C13 PX4 CD . -0.77 10.38 42.72
C14 PX4 CD . -1.72 9.32 42.17
C15 PX4 CD . -2.05 9.62 40.71
C16 PX4 CD . -2.65 8.54 39.82
C17 PX4 CD . -2.71 8.79 38.30
C18 PX4 CD . -3.28 7.55 37.60
C19 PX4 CD . -3.37 7.62 36.07
C20 PX4 CD . -4.08 6.41 35.48
C21 PX4 CD . -4.15 6.61 33.96
C22 PX4 CD . -4.74 5.45 33.13
O7 PX4 CD . -3.42 7.24 47.03
C23 PX4 CD . -4.47 8.06 46.78
O8 PX4 CD . -4.74 8.83 47.70
C24 PX4 CD . -5.46 7.51 45.75
C25 PX4 CD . -6.82 8.21 45.71
C26 PX4 CD . -7.60 7.31 44.75
C27 PX4 CD . -9.06 7.77 44.58
C28 PX4 CD . -9.83 7.04 43.49
C29 PX4 CD . -11.29 7.48 43.66
C30 PX4 CD . -12.10 6.69 42.63
C31 PX4 CD . -11.68 6.86 41.17
C32 PX4 CD . -12.61 5.98 40.35
C33 PX4 CD . -12.24 6.20 38.88
C34 PX4 CD . -13.11 5.36 37.94
C35 PX4 CD . -12.95 5.87 36.50
C36 PX4 CD . -14.17 5.56 35.63
O1 PX4 DD . -11.24 -10.35 52.05
O2 PX4 DD . -9.54 -8.60 51.20
P1 PX4 DD . -10.75 -9.44 51.00
O3 PX4 DD . -11.95 -8.43 50.62
C1 PX4 DD . -11.75 -7.28 51.44
C2 PX4 DD . -12.64 -6.07 51.10
N1 PX4 DD . -12.86 -5.61 49.72
C3 PX4 DD . -11.62 -5.46 48.92
C4 PX4 DD . -13.84 -6.46 49.04
C5 PX4 DD . -13.50 -4.30 49.90
O4 PX4 DD . -10.66 -10.17 49.56
C6 PX4 DD . -10.38 -9.17 48.59
C7 PX4 DD . -9.93 -9.68 47.21
C8 PX4 DD . -9.55 -11.15 47.46
O5 PX4 DD . -8.19 -11.42 47.09
C9 PX4 DD . -7.67 -12.53 47.68
O6 PX4 DD . -8.16 -13.06 48.69
C10 PX4 DD . -6.32 -12.99 47.14
C11 PX4 DD . -6.53 -13.99 46.00
C12 PX4 DD . -5.29 -14.19 45.11
C13 PX4 DD . -5.57 -15.15 43.97
C14 PX4 DD . -4.18 -15.54 43.46
C15 PX4 DD . -4.43 -16.44 42.25
C16 PX4 DD . -3.10 -16.63 41.52
C17 PX4 DD . -3.15 -17.70 40.43
C18 PX4 DD . -4.17 -17.24 39.37
C19 PX4 DD . -4.43 -18.43 38.45
C20 PX4 DD . -5.09 -17.90 37.18
C21 PX4 DD . -4.09 -17.16 36.29
C22 PX4 DD . -4.89 -16.38 35.25
O7 PX4 DD . -10.80 -9.23 46.17
C23 PX4 DD . -10.45 -8.07 45.59
O8 PX4 DD . -9.90 -7.24 46.33
C24 PX4 DD . -10.81 -7.78 44.13
C25 PX4 DD . -11.85 -8.73 43.57
C26 PX4 DD . -12.46 -8.29 42.23
C27 PX4 DD . -13.62 -9.23 41.87
C28 PX4 DD . -13.28 -10.73 41.86
C29 PX4 DD . -14.35 -11.62 41.22
C30 PX4 DD . -14.03 -13.11 41.38
C31 PX4 DD . -12.62 -13.38 40.88
C32 PX4 DD . -12.24 -14.80 41.29
C33 PX4 DD . -11.02 -15.27 40.50
C34 PX4 DD . -10.56 -16.68 40.87
C35 PX4 DD . -9.54 -17.10 39.81
C36 PX4 DD . -9.00 -18.51 40.11
O1 PX4 ED . 8.20 -1.63 52.05
O2 PX4 ED . 9.31 -3.94 51.90
P1 PX4 ED . 9.08 -2.59 51.34
O3 PX4 ED . 10.46 -1.75 51.33
C1 PX4 ED . 11.49 -2.67 51.69
C2 PX4 ED . 12.82 -1.95 51.95
N1 PX4 ED . 13.02 -1.33 53.27
C3 PX4 ED . 12.82 -2.33 54.33
C4 PX4 ED . 14.36 -0.77 53.48
C5 PX4 ED . 12.08 -0.23 53.53
O4 PX4 ED . 8.80 -2.73 49.76
C6 PX4 ED . 9.05 -4.00 49.17
C7 PX4 ED . 8.60 -4.05 47.70
C8 PX4 ED . 7.40 -3.11 47.54
O5 PX4 ED . 6.37 -3.85 46.86
C9 PX4 ED . 5.18 -3.21 46.74
O6 PX4 ED . 4.82 -2.46 47.66
C10 PX4 ED . 4.10 -4.01 46.03
C11 PX4 ED . 3.83 -3.27 44.71
C12 PX4 ED . 2.34 -3.06 44.37
C13 PX4 ED . 2.18 -2.11 43.19
C14 PX4 ED . 2.86 -2.76 41.99
C15 PX4 ED . 2.47 -2.23 40.61
C16 PX4 ED . 3.07 -0.83 40.46
C17 PX4 ED . 3.88 -0.63 39.18
C18 PX4 ED . 2.97 -0.85 37.98
C19 PX4 ED . 3.75 -0.78 36.67
C20 PX4 ED . 2.75 -0.93 35.53
C21 PX4 ED . 1.76 -2.07 35.73
C22 PX4 ED . 0.97 -2.44 34.48
O7 PX4 ED . 9.58 -3.75 46.71
C23 PX4 ED . 10.48 -4.72 46.42
O8 PX4 ED . 10.46 -5.81 47.01
C24 PX4 ED . 11.61 -4.38 45.47
C25 PX4 ED . 11.79 -5.46 44.39
C26 PX4 ED . 12.84 -4.95 43.39
C27 PX4 ED . 13.05 -5.97 42.27
C28 PX4 ED . 14.33 -5.52 41.60
C29 PX4 ED . 14.57 -6.37 40.36
C30 PX4 ED . 15.20 -7.66 40.91
C31 PX4 ED . 16.65 -7.39 41.30
C32 PX4 ED . 17.30 -8.56 42.05
C33 PX4 ED . 18.67 -8.00 42.46
C34 PX4 ED . 19.47 -8.88 43.42
C35 PX4 ED . 19.92 -10.20 42.81
C36 PX4 ED . 20.44 -11.16 43.88
O1 PX4 FD . 12.78 -3.40 48.63
O2 PX4 FD . 14.73 -1.71 49.18
P1 PX4 FD . 13.56 -2.16 48.39
O3 PX4 FD . 12.63 -0.86 48.25
C1 PX4 FD . 11.27 -1.29 48.30
C2 PX4 FD . 10.17 -0.24 48.11
N1 PX4 FD . 10.19 0.67 46.96
C3 PX4 FD . 10.19 -0.09 45.69
C4 PX4 FD . 8.99 1.50 47.11
C5 PX4 FD . 11.24 1.69 47.03
O4 PX4 FD . 14.23 -2.43 46.94
C6 PX4 FD . 14.63 -1.16 46.43
C7 PX4 FD . 15.10 -1.15 44.99
C8 PX4 FD . 15.83 -2.48 44.76
O5 PX4 FD . 17.03 -2.37 44.00
C9 PX4 FD . 17.55 -3.61 43.74
O6 PX4 FD . 16.92 -4.66 43.83
C10 PX4 FD . 19.01 -3.60 43.29
C11 PX4 FD . 19.33 -4.39 42.02
C12 PX4 FD . 20.55 -3.81 41.31
C13 PX4 FD . 20.97 -4.59 40.06
C14 PX4 FD . 19.83 -4.78 39.07
C15 PX4 FD . 20.06 -5.93 38.10
C16 PX4 FD . 20.14 -7.23 38.92
C17 PX4 FD . 19.84 -8.54 38.18
C18 PX4 FD . 19.24 -9.69 38.97
C19 PX4 FD . 19.16 -11.01 38.21
C20 PX4 FD . 18.31 -11.96 39.07
C21 PX4 FD . 17.46 -12.98 38.33
C22 PX4 FD . 16.17 -12.39 37.78
O7 PX4 FD . 14.12 -0.98 43.97
C23 PX4 FD . 13.73 0.27 43.60
O8 PX4 FD . 13.57 1.10 44.50
C24 PX4 FD . 12.73 0.26 42.44
C25 PX4 FD . 13.12 1.31 41.41
C26 PX4 FD . 12.15 1.33 40.21
C27 PX4 FD . 12.78 1.98 38.98
C28 PX4 FD . 11.72 2.37 37.93
C29 PX4 FD . 12.46 3.09 36.81
C30 PX4 FD . 11.48 3.51 35.69
C31 PX4 FD . 11.40 2.28 34.79
C32 PX4 FD . 10.31 2.51 33.75
C33 PX4 FD . 10.06 1.17 33.06
C34 PX4 FD . 9.95 0.08 34.10
C35 PX4 FD . 8.46 -0.15 34.43
C36 PX4 FD . 8.46 -1.36 35.37
O1 PX4 GD . 27.16 11.73 48.32
O2 PX4 GD . 29.47 11.51 47.30
P1 PX4 GD . 28.11 12.10 47.24
O3 PX4 GD . 28.16 13.65 46.82
C1 PX4 GD . 29.26 13.81 45.92
C2 PX4 GD . 29.32 15.26 45.44
N1 PX4 GD . 30.45 15.78 44.65
C3 PX4 GD . 30.58 15.22 43.30
C4 PX4 GD . 29.94 17.16 44.52
C5 PX4 GD . 31.76 15.78 45.31
O4 PX4 GD . 27.54 11.54 45.85
C6 PX4 GD . 27.46 10.11 45.90
C7 PX4 GD . 27.00 9.40 44.63
C8 PX4 GD . 27.86 10.09 43.56
O5 PX4 GD . 27.08 10.74 42.54
C9 PX4 GD . 27.06 10.05 41.38
O6 PX4 GD . 27.87 9.12 41.25
C10 PX4 GD . 26.08 10.46 40.30
C11 PX4 GD . 25.27 9.32 39.70
C12 PX4 GD . 24.94 9.51 38.22
C13 PX4 GD . 23.95 8.44 37.78
C14 PX4 GD . 23.54 8.49 36.31
C15 PX4 GD . 22.72 9.74 36.01
C16 PX4 GD . 22.44 9.77 34.50
C17 PX4 GD . 21.79 8.41 34.18
C18 PX4 GD . 21.65 7.84 32.77
C19 PX4 GD . 21.23 6.38 32.87
C20 PX4 GD . 22.14 5.60 33.81
C21 PX4 GD . 21.49 4.24 34.09
C22 PX4 GD . 21.32 3.47 32.78
O7 PX4 GD . 27.25 8.00 44.76
C23 PX4 GD . 26.53 7.24 43.89
O8 PX4 GD . 25.52 7.70 43.36
C24 PX4 GD . 26.88 5.76 43.80
C25 PX4 GD . 27.86 5.49 42.66
C26 PX4 GD . 27.24 5.62 41.25
C27 PX4 GD . 28.19 5.27 40.10
C28 PX4 GD . 27.82 5.65 38.66
C29 PX4 GD . 28.78 5.15 37.57
C30 PX4 GD . 28.16 5.26 36.18
C31 PX4 GD . 28.96 4.36 35.23
C32 PX4 GD . 28.23 4.12 33.90
C33 PX4 GD . 29.16 4.28 32.70
C34 PX4 GD . 29.68 5.72 32.63
C35 PX4 GD . 30.83 6.05 31.68
C36 PX4 GD . 31.04 7.56 31.71
O1 PX4 HD . -21.89 17.13 58.71
O2 PX4 HD . -19.73 18.48 58.39
P1 PX4 HD . -21.11 18.13 57.97
O3 PX4 HD . -21.84 19.51 58.39
C1 PX4 HD . -21.68 19.69 59.81
C2 PX4 HD . -21.93 21.12 60.29
N1 PX4 HD . -21.34 22.38 59.80
C3 PX4 HD . -22.27 22.86 58.77
C4 PX4 HD . -21.29 23.29 60.94
C5 PX4 HD . -19.99 22.26 59.23
O4 PX4 HD . -21.50 18.19 56.40
C6 PX4 HD . -22.84 17.76 56.16
C7 PX4 HD . -23.22 18.10 54.72
C8 PX4 HD . -22.47 16.98 53.95
O5 PX4 HD . -22.50 17.15 52.53
C9 PX4 HD . -21.64 18.08 52.02
O6 PX4 HD . -20.85 18.75 52.68
C10 PX4 HD . -21.59 18.06 50.50
C11 PX4 HD . -20.68 17.05 49.81
C12 PX4 HD . -20.72 17.25 48.28
C13 PX4 HD . -19.74 16.22 47.70
C14 PX4 HD . -20.15 14.78 47.99
C15 PX4 HD . -19.22 13.69 47.46
C16 PX4 HD . -19.24 13.76 45.93
C17 PX4 HD . -19.65 12.48 45.19
C18 PX4 HD . -19.21 12.79 43.75
C19 PX4 HD . -19.04 11.50 42.93
C20 PX4 HD . -20.30 10.67 42.75
C21 PX4 HD . -20.13 9.51 41.76
C22 PX4 HD . -21.40 8.84 41.21
O7 PX4 HD . -24.61 18.18 54.38
C23 PX4 HD . -25.11 19.45 54.36
O8 PX4 HD . -24.36 20.42 54.46
C24 PX4 HD . -26.60 19.49 54.05
C25 PX4 HD . -26.70 19.31 52.53
C26 PX4 HD . -28.10 19.41 51.91
C27 PX4 HD . -28.07 18.90 50.46
C28 PX4 HD . -29.37 18.98 49.67
C29 PX4 HD . -29.02 18.74 48.19
C30 PX4 HD . -30.23 19.05 47.31
C31 PX4 HD . -30.13 18.50 45.87
C32 PX4 HD . -31.28 18.76 44.91
C33 PX4 HD . -31.34 17.83 43.70
C34 PX4 HD . -32.51 18.09 42.75
C35 PX4 HD . -32.41 17.41 41.38
C36 PX4 HD . -33.59 17.83 40.50
O1 PX4 ID . -4.96 29.85 50.65
O2 PX4 ID . -2.56 30.33 51.59
P1 PX4 ID . -3.52 30.11 50.47
O3 PX4 ID . -3.54 31.39 49.50
C1 PX4 ID . -2.13 31.59 49.28
C2 PX4 ID . -1.79 32.99 48.78
N1 PX4 ID . -0.35 33.17 48.53
C3 PX4 ID . 0.14 32.17 47.57
C4 PX4 ID . -0.23 34.53 47.98
C5 PX4 ID . 0.39 33.31 49.80
O4 PX4 ID . -2.93 29.05 49.42
C6 PX4 ID . -3.99 28.73 48.50
C7 PX4 ID . -3.36 27.98 47.33
C8 PX4 ID . -3.93 26.56 47.51
O5 PX4 ID . -5.26 26.61 48.04
C9 PX4 ID . -6.05 25.55 47.76
O6 PX4 ID . -5.59 24.53 47.27
C10 PX4 ID . -7.52 25.77 48.16
C11 PX4 ID . -8.51 24.94 47.35
C12 PX4 ID . -9.86 25.60 47.66
C13 PX4 ID . -10.95 24.99 46.78
C14 PX4 ID . -10.96 25.51 45.35
C15 PX4 ID . -12.37 25.85 44.86
C16 PX4 ID . -12.15 26.47 43.49
C17 PX4 ID . -11.24 25.47 42.76
C18 PX4 ID . -12.06 25.19 41.49
C19 PX4 ID . -11.29 24.22 40.58
C20 PX4 ID . -11.81 23.93 39.17
C21 PX4 ID . -10.94 22.99 38.35
C22 PX4 ID . -11.69 22.74 37.03
O7 PX4 ID . -3.74 28.59 46.09
C23 PX4 ID . -3.01 29.60 45.52
O8 PX4 ID . -2.17 30.27 46.13
C24 PX4 ID . -3.47 29.92 44.11
C25 PX4 ID . -2.48 29.78 42.97
C26 PX4 ID . -3.22 29.83 41.61
C27 PX4 ID . -4.21 28.67 41.54
C28 PX4 ID . -5.21 29.11 40.47
C29 PX4 ID . -6.09 27.87 40.27
C30 PX4 ID . -7.15 28.38 39.29
C31 PX4 ID . -8.46 27.59 39.19
C32 PX4 ID . -9.22 27.91 37.89
C33 PX4 ID . -10.42 26.99 37.75
C34 PX4 ID . -11.30 27.59 36.64
C35 PX4 ID . -11.75 29.04 36.86
C36 PX4 ID . -12.60 29.44 35.65
O1 PX4 JD . -8.89 20.80 55.48
O2 PX4 JD . -10.46 18.98 54.51
P1 PX4 JD . -9.14 19.64 54.58
O3 PX4 JD . -7.94 18.62 54.87
C1 PX4 JD . -7.95 18.38 56.28
C2 PX4 JD . -7.17 17.14 56.72
N1 PX4 JD . -5.72 17.05 56.57
C3 PX4 JD . -5.24 16.00 57.47
C4 PX4 JD . -5.29 16.76 55.20
C5 PX4 JD . -5.02 18.27 57.00
O4 PX4 JD . -8.80 20.04 53.06
C6 PX4 JD . -8.84 18.73 52.47
C7 PX4 JD . -8.57 18.75 50.98
C8 PX4 JD . -9.32 20.01 50.51
O5 PX4 JD . -10.22 19.82 49.42
C9 PX4 JD . -10.90 20.92 49.00
O6 PX4 JD . -10.55 22.03 49.37
C10 PX4 JD . -12.04 20.67 48.00
C11 PX4 JD . -11.65 21.10 46.57
C12 PX4 JD . -12.69 20.44 45.65
C13 PX4 JD . -12.61 20.74 44.16
C14 PX4 JD . -13.78 20.23 43.32
C15 PX4 JD . -13.59 20.54 41.83
C16 PX4 JD . -14.66 19.84 40.99
C17 PX4 JD . -14.45 20.14 39.51
C18 PX4 JD . -15.66 19.74 38.65
C19 PX4 JD . -15.42 19.88 37.15
C20 PX4 JD . -16.50 19.31 36.23
C21 PX4 JD . -15.96 19.13 34.81
C22 PX4 JD . -16.45 17.86 34.15
O7 PX4 JD . -7.19 18.57 50.67
C23 PX4 JD . -6.93 17.32 50.22
O8 PX4 JD . -7.57 16.39 50.71
C24 PX4 JD . -5.50 17.03 49.74
C25 PX4 JD . -5.55 16.18 48.46
C26 PX4 JD . -6.26 16.68 47.21
C27 PX4 JD . -6.07 15.68 46.05
C28 PX4 JD . -6.66 16.19 44.74
C29 PX4 JD . -6.45 15.17 43.61
C30 PX4 JD . -7.22 15.70 42.41
C31 PX4 JD . -7.13 14.71 41.24
C32 PX4 JD . -7.91 15.32 40.07
C33 PX4 JD . -7.71 14.39 38.88
C34 PX4 JD . -8.63 14.68 37.69
C35 PX4 JD . -8.35 13.79 36.48
C36 PX4 JD . -9.13 14.34 35.28
O1 PX4 KD . -1.12 -6.45 50.66
O2 PX4 KD . -0.60 -3.85 50.71
P1 PX4 KD . -1.51 -5.03 50.80
O3 PX4 KD . -2.00 -4.80 52.32
C1 PX4 KD . -2.72 -3.56 52.38
C2 PX4 KD . -2.93 -2.95 53.77
N1 PX4 KD . -1.86 -2.50 54.67
C3 PX4 KD . -0.71 -3.38 54.95
C4 PX4 KD . -1.30 -1.19 54.29
C5 PX4 KD . -2.44 -2.28 56.00
O4 PX4 KD . -2.77 -4.62 49.89
C6 PX4 KD . -3.65 -5.73 49.67
C7 PX4 KD . -4.71 -5.49 48.61
C8 PX4 KD . -4.26 -4.28 47.80
O5 PX4 KD . -5.29 -3.54 47.13
C9 PX4 KD . -4.76 -2.75 46.16
O6 PX4 KD . -3.58 -2.44 46.10
C10 PX4 KD . -5.76 -2.24 45.11
C11 PX4 KD . -5.15 -1.34 44.04
C12 PX4 KD . -6.09 -1.02 42.88
C13 PX4 KD . -5.59 0.11 41.95
C14 PX4 KD . -6.47 0.08 40.69
C15 PX4 KD . -6.48 -1.28 39.97
C16 PX4 KD . -7.38 -1.29 38.74
C17 PX4 KD . -7.34 -2.54 37.88
C18 PX4 KD . -8.43 -2.73 36.81
C19 PX4 KD . -8.53 -1.44 35.98
C20 PX4 KD . -9.52 -1.57 34.81
C21 PX4 KD . -9.82 -0.29 34.03
C22 PX4 KD . -11.32 -0.10 34.16
O7 PX4 KD . -4.69 -6.60 47.71
C23 PX4 KD . -5.73 -7.47 47.57
O8 PX4 KD . -6.64 -7.38 48.38
C24 PX4 KD . -5.64 -8.63 46.58
C25 PX4 KD . -6.75 -8.63 45.52
C26 PX4 KD . -6.51 -9.81 44.58
C27 PX4 KD . -7.52 -10.03 43.44
C28 PX4 KD . -7.34 -11.41 42.82
C29 PX4 KD . -8.47 -11.74 41.83
C30 PX4 KD . -8.44 -10.55 40.86
C31 PX4 KD . -9.11 -10.94 39.54
C32 PX4 KD . -9.57 -9.62 38.93
C33 PX4 KD . -10.23 -9.94 37.59
C34 PX4 KD . -11.12 -8.80 37.12
C35 PX4 KD . -11.89 -9.23 35.88
C36 PX4 KD . -12.51 -7.99 35.22
O1 PX4 LD . 3.65 0.56 49.56
O2 PX4 LD . 5.67 2.09 49.13
P1 PX4 LD . 4.39 1.48 48.68
O3 PX4 LD . 3.35 2.69 48.83
C1 PX4 LD . 3.39 3.09 50.21
C2 PX4 LD . 2.61 4.38 50.49
N1 PX4 LD . 2.98 5.69 49.93
C3 PX4 LD . 3.21 5.68 48.48
C4 PX4 LD . 1.97 6.72 50.19
C5 PX4 LD . 4.14 6.20 50.67
O4 PX4 LD . 4.15 1.07 47.15
C6 PX4 LD . 3.73 2.06 46.21
C7 PX4 LD . 3.44 1.41 44.86
C8 PX4 LD . 4.50 0.32 44.72
O5 PX4 LD . 5.59 0.71 43.88
C9 PX4 LD . 6.55 -0.21 43.59
O6 PX4 LD . 6.82 -1.10 44.40
C10 PX4 LD . 7.66 0.19 42.61
C11 PX4 LD . 7.84 -1.05 41.74
C12 PX4 LD . 8.75 -0.75 40.54
C13 PX4 LD . 9.21 -1.99 39.76
C14 PX4 LD . 10.36 -2.83 40.30
C15 PX4 LD . 10.88 -3.92 39.36
C16 PX4 LD . 9.82 -4.95 38.96
C17 PX4 LD . 10.56 -6.01 38.15
C18 PX4 LD . 11.05 -7.11 39.10
C19 PX4 LD . 10.00 -7.90 39.89
C20 PX4 LD . 10.69 -9.07 40.58
C21 PX4 LD . 9.56 -10.06 40.84
C22 PX4 LD . 8.57 -10.34 39.72
O7 PX4 LD . 2.08 1.01 44.61
C23 PX4 LD . 1.17 1.93 44.20
O8 PX4 LD . 1.24 3.06 44.64
C24 PX4 LD . -0.16 1.41 43.64
C25 PX4 LD . 0.00 1.02 42.16
C26 PX4 LD . -1.31 0.56 41.51
C27 PX4 LD . -1.15 0.24 40.03
C28 PX4 LD . -2.23 -0.62 39.38
C29 PX4 LD . -2.17 -0.85 37.87
C30 PX4 LD . -3.37 -1.57 37.29
C31 PX4 LD . -3.61 -1.31 35.80
C32 PX4 LD . -4.66 -2.21 35.14
C33 PX4 LD . -4.73 -1.91 33.66
C34 PX4 LD . -6.15 -2.22 33.16
C35 PX4 LD . -6.21 -3.74 33.24
C36 PX4 LD . -7.58 -4.05 32.63
O1 PX4 MD . 20.20 8.82 48.27
O2 PX4 MD . 17.81 7.74 47.81
P1 PX4 MD . 19.20 8.08 47.46
O3 PX4 MD . 19.69 6.57 47.78
C1 PX4 MD . 19.73 6.22 49.16
C2 PX4 MD . 20.10 4.74 49.29
N1 PX4 MD . 19.36 3.64 48.66
C3 PX4 MD . 17.95 3.62 49.05
C4 PX4 MD . 19.34 3.48 47.19
C5 PX4 MD . 19.90 2.42 49.26
O4 PX4 MD . 19.39 8.07 45.86
C6 PX4 MD . 18.53 7.05 45.37
C7 PX4 MD . 18.39 6.87 43.85
C8 PX4 MD . 19.55 7.76 43.43
O5 PX4 MD . 19.11 8.67 42.40
C9 PX4 MD . 19.81 9.83 42.26
O6 PX4 MD . 20.88 10.00 42.86
C10 PX4 MD . 19.46 10.57 40.98
C11 PX4 MD . 17.94 10.76 40.90
C12 PX4 MD . 17.58 11.50 39.60
C13 PX4 MD . 16.09 11.40 39.25
C14 PX4 MD . 15.60 9.97 38.97
C15 PX4 MD . 14.09 10.06 38.67
C16 PX4 MD . 13.52 8.77 38.10
C17 PX4 MD . 12.04 8.63 37.70
C18 PX4 MD . 11.60 7.45 36.83
C19 PX4 MD . 10.08 7.31 36.87
C20 PX4 MD . 9.76 6.77 35.48
C21 PX4 MD . 8.25 6.61 35.49
C22 PX4 MD . 7.74 5.79 34.30
O7 PX4 MD . 18.46 5.54 43.31
C23 PX4 MD . 17.66 4.49 43.65
O8 PX4 MD . 16.78 4.72 44.48
C24 PX4 MD . 17.99 3.08 43.16
C25 PX4 MD . 17.14 2.30 42.16
C26 PX4 MD . 17.59 0.84 42.02
C27 PX4 MD . 16.92 0.17 40.84
C28 PX4 MD . 17.57 -1.19 40.67
C29 PX4 MD . 16.85 -2.07 39.63
C30 PX4 MD . 16.87 -1.51 38.21
C31 PX4 MD . 18.34 -1.22 37.92
C32 PX4 MD . 18.55 -0.59 36.54
C33 PX4 MD . 17.85 0.75 36.42
C34 PX4 MD . 17.81 1.30 34.99
C35 PX4 MD . 17.20 2.71 34.88
C36 PX4 MD . 15.69 2.54 35.07
O1 PX4 ND . 30.61 2.24 49.92
O2 PX4 ND . 29.48 0.86 51.84
P1 PX4 ND . 29.75 1.14 50.41
O3 PX4 ND . 31.08 0.26 50.23
C1 PX4 ND . 31.94 0.60 51.31
C2 PX4 ND . 33.32 0.02 50.93
N1 PX4 ND . 34.15 0.62 49.88
C3 PX4 ND . 35.55 0.30 50.14
C4 PX4 ND . 34.02 0.00 48.55
C5 PX4 ND . 34.03 2.07 49.61
O4 PX4 ND . 29.13 0.08 49.38
C6 PX4 ND . 29.72 0.35 48.11
C7 PX4 ND . 29.83 -0.67 46.98
C8 PX4 ND . 28.54 -1.49 47.06
O5 PX4 ND . 28.66 -2.87 46.71
C9 PX4 ND . 27.51 -3.59 46.72
O6 PX4 ND . 26.49 -3.17 47.28
C10 PX4 ND . 27.74 -5.05 46.31
C11 PX4 ND . 26.70 -5.33 45.22
C12 PX4 ND . 26.89 -6.75 44.68
C13 PX4 ND . 28.26 -6.85 44.00
C14 PX4 ND . 28.59 -8.06 43.12
C15 PX4 ND . 29.98 -7.61 42.63
C16 PX4 ND . 30.60 -8.74 41.82
C17 PX4 ND . 29.69 -8.99 40.62
C18 PX4 ND . 30.39 -10.14 39.92
C19 PX4 ND . 29.56 -10.67 38.76
C20 PX4 ND . 30.24 -11.84 38.05
C21 PX4 ND . 31.46 -11.45 37.19
C22 PX4 ND . 32.23 -12.67 36.67
O7 PX4 ND . 30.06 -0.02 45.72
C23 PX4 ND . 31.18 0.66 45.37
O8 PX4 ND . 32.01 1.04 46.19
C24 PX4 ND . 31.15 1.21 43.94
C25 PX4 ND . 31.64 2.65 43.81
C26 PX4 ND . 31.17 3.45 42.60
C27 PX4 ND . 31.91 2.72 41.47
C28 PX4 ND . 31.76 3.45 40.13
C29 PX4 ND . 32.46 4.79 40.29
C30 PX4 ND . 32.21 5.74 39.12
C31 PX4 ND . 32.66 7.19 39.32
C32 PX4 ND . 32.67 8.02 38.03
C33 PX4 ND . 33.60 7.48 36.93
C34 PX4 ND . 33.18 7.99 35.55
C35 PX4 ND . 33.32 9.52 35.56
C36 PX4 ND . 33.20 10.27 34.23
O1 PX4 OD . 26.43 18.68 46.21
O2 PX4 OD . 27.70 20.62 45.14
P1 PX4 OD . 26.42 19.91 45.39
O3 PX4 OD . 25.35 21.03 45.83
C1 PX4 OD . 25.99 22.05 46.58
C2 PX4 OD . 25.00 23.19 46.83
N1 PX4 OD . 25.47 24.48 47.35
C3 PX4 OD . 26.21 24.31 48.62
C4 PX4 OD . 26.40 25.05 46.37
C5 PX4 OD . 24.27 25.30 47.62
O4 PX4 OD . 25.83 19.43 43.98
C6 PX4 OD . 26.81 18.67 43.26
C7 PX4 OD . 26.59 18.59 41.74
C8 PX4 OD . 25.29 19.36 41.51
O5 PX4 OD . 24.17 18.46 41.39
C9 PX4 OD . 23.24 18.67 40.42
O6 PX4 OD . 23.23 19.77 39.86
C10 PX4 OD . 22.17 17.58 40.29
C11 PX4 OD . 22.77 16.28 39.78
C12 PX4 OD . 21.64 15.40 39.28
C13 PX4 OD . 22.08 14.04 38.72
C14 PX4 OD . 20.91 13.38 37.99
C15 PX4 OD . 20.87 13.76 36.51
C16 PX4 OD . 20.11 12.67 35.76
C17 PX4 OD . 19.77 13.07 34.33
C18 PX4 OD . 18.35 12.65 33.91
C19 PX4 OD . 18.04 12.85 32.42
C20 PX4 OD . 18.17 14.33 32.07
C21 PX4 OD . 17.90 14.54 30.58
C22 PX4 OD . 18.95 13.74 29.81
O7 PX4 OD . 27.68 19.03 40.93
C23 PX4 OD . 28.83 18.32 40.95
O8 PX4 OD . 28.91 17.18 41.39
C24 PX4 OD . 29.93 18.95 40.09
C25 PX4 OD . 29.63 18.49 38.66
C26 PX4 OD . 30.17 17.11 38.29
C27 PX4 OD . 29.56 16.65 36.96
C28 PX4 OD . 30.30 15.33 36.68
C29 PX4 OD . 29.47 14.64 35.59
C30 PX4 OD . 30.24 13.56 34.87
C31 PX4 OD . 29.49 13.20 33.58
C32 PX4 OD . 30.27 12.13 32.80
C33 PX4 OD . 29.77 12.13 31.35
C34 PX4 OD . 30.60 11.03 30.67
C35 PX4 OD . 30.35 10.99 29.16
C36 PX4 OD . 31.27 9.87 28.69
O1 PX4 PD . -10.82 27.55 50.30
O2 PX4 PD . -8.95 29.32 50.26
P1 PX4 PD . -10.34 28.92 50.58
O3 PX4 PD . -10.85 29.37 52.04
C1 PX4 PD . -12.24 29.14 52.24
C2 PX4 PD . -12.88 29.72 53.51
N1 PX4 PD . -14.31 29.48 53.73
C3 PX4 PD . -15.24 29.79 52.63
C4 PX4 PD . -14.56 28.08 54.12
C5 PX4 PD . -14.71 30.36 54.84
O4 PX4 PD . -11.40 29.77 49.72
C6 PX4 PD . -11.30 29.53 48.31
C7 PX4 PD . -11.55 30.69 47.34
C8 PX4 PD . -10.17 31.15 46.91
O5 PX4 PD . -9.35 30.06 46.49
C9 PX4 PD . -8.03 30.24 46.23
O6 PX4 PD . -7.45 31.30 46.41
C10 PX4 PD . -7.27 28.92 46.02
C11 PX4 PD . -7.45 28.57 44.55
C12 PX4 PD . -7.09 27.09 44.40
C13 PX4 PD . -7.43 26.35 43.10
C14 PX4 PD . -7.24 24.83 43.22
C15 PX4 PD . -7.26 24.19 41.84
C16 PX4 PD . -6.99 22.68 41.78
C17 PX4 PD . -6.49 22.14 40.43
C18 PX4 PD . -7.45 22.48 39.30
C19 PX4 PD . -6.84 22.39 37.90
C20 PX4 PD . -7.48 23.34 36.88
C21 PX4 PD . -6.83 23.12 35.51
C22 PX4 PD . -7.93 23.59 34.58
O7 PX4 PD . -12.52 30.48 46.31
C23 PX4 PD . -13.84 30.62 46.59
O8 PX4 PD . -14.21 31.11 47.66
C24 PX4 PD . -14.81 30.14 45.52
C25 PX4 PD . -14.43 28.73 45.08
C26 PX4 PD . -15.44 28.24 44.03
C27 PX4 PD . -15.27 28.93 42.67
C28 PX4 PD . -16.37 28.34 41.78
C29 PX4 PD . -16.00 28.72 40.35
C30 PX4 PD . -17.10 28.21 39.42
C31 PX4 PD . -16.59 28.47 38.00
C32 PX4 PD . -16.22 29.95 37.81
C33 PX4 PD . -16.22 30.27 36.32
C34 PX4 PD . -17.67 30.40 35.88
C35 PX4 PD . -17.53 30.65 34.38
C36 PX4 PD . -18.91 30.65 33.70
O1 PX4 QD . -12.80 40.01 49.47
O2 PX4 QD . -10.29 40.36 49.96
P1 PX4 QD . -11.48 40.59 49.13
O3 PX4 QD . -11.91 42.14 49.27
C1 PX4 QD . -10.60 42.69 49.26
C2 PX4 QD . -10.69 44.22 49.39
N1 PX4 QD . -11.38 44.88 50.50
C3 PX4 QD . -10.55 44.78 51.71
C4 PX4 QD . -11.32 46.31 50.13
C5 PX4 QD . -12.80 44.67 50.80
O4 PX4 QD . -11.02 40.66 47.58
C6 PX4 QD . -12.08 40.71 46.61
C7 PX4 QD . -11.59 40.32 45.21
C8 PX4 QD . -10.07 40.28 45.10
O5 PX4 QD . -9.57 41.41 44.39
C9 PX4 QD . -8.24 41.39 44.09
O6 PX4 QD . -7.64 40.39 44.51
C10 PX4 QD . -7.64 42.50 43.23
C11 PX4 QD . -6.12 42.51 43.05
C12 PX4 QD . -5.72 41.85 41.73
C13 PX4 QD . -6.32 42.56 40.51
C14 PX4 QD . -5.82 41.86 39.25
C15 PX4 QD . -6.70 42.18 38.04
C16 PX4 QD . -6.20 41.47 36.78
C17 PX4 QD . -7.00 41.54 35.49
C18 PX4 QD . -6.81 40.49 34.39
C19 PX4 QD . -5.38 40.73 33.87
C20 PX4 QD . -4.67 39.72 32.96
C21 PX4 QD . -3.29 40.25 32.59
C22 PX4 QD . -2.58 39.05 31.98
O7 PX4 QD . -12.26 39.19 44.65
C23 PX4 QD . -13.42 39.36 43.95
O8 PX4 QD . -14.24 40.19 44.36
C24 PX4 QD . -13.79 38.10 43.18
C25 PX4 QD . -14.76 38.47 42.05
C26 PX4 QD . -14.91 37.25 41.16
C27 PX4 QD . -15.92 37.53 40.05
C28 PX4 QD . -15.27 38.64 39.21
C29 PX4 QD . -16.11 39.16 38.03
C30 PX4 QD . -15.34 40.00 37.03
C31 PX4 QD . -14.40 39.17 36.14
C32 PX4 QD . -13.14 39.84 35.58
C33 PX4 QD . -12.70 39.08 34.33
C34 PX4 QD . -11.24 39.47 34.05
C35 PX4 QD . -10.72 38.63 32.89
C36 PX4 QD . -11.06 37.16 33.19
O1 PX4 RD . 3.38 16.43 51.23
O2 PX4 RD . 1.67 14.84 52.23
P1 PX4 RD . 2.19 15.56 51.05
O3 PX4 RD . 2.69 14.38 50.07
C1 PX4 RD . 4.07 14.14 50.37
C2 PX4 RD . 4.57 12.89 49.63
N1 PX4 RD . 4.32 11.67 50.41
C3 PX4 RD . 4.70 11.70 51.83
C4 PX4 RD . 2.93 11.23 50.21
C5 PX4 RD . 5.19 10.68 49.75
O4 PX4 RD . 0.94 16.07 50.17
C6 PX4 RD . -0.32 15.43 50.48
C7 PX4 RD . -1.26 15.23 49.29
C8 PX4 RD . -0.75 16.32 48.35
O5 PX4 RD . -1.75 17.28 47.96
C9 PX4 RD . -1.35 18.34 47.22
O6 PX4 RD . -0.15 18.53 47.07
C10 PX4 RD . -2.57 19.06 46.62
C11 PX4 RD . -2.36 19.41 45.14
C12 PX4 RD . -3.50 20.22 44.54
C13 PX4 RD . -3.12 20.41 43.08
C14 PX4 RD . -2.61 19.02 42.77
C15 PX4 RD . -2.47 18.74 41.27
C16 PX4 RD . -3.86 18.92 40.65
C17 PX4 RD . -3.89 18.53 39.19
C18 PX4 RD . -5.18 18.88 38.42
C19 PX4 RD . -5.41 18.10 37.12
C20 PX4 RD . -6.69 18.57 36.43
C21 PX4 RD . -6.55 18.31 34.93
C22 PX4 RD . -7.71 18.98 34.18
O7 PX4 RD . -1.26 13.92 48.73
C23 PX4 RD . -2.25 13.06 49.04
O8 PX4 RD . -3.02 13.49 49.90
C24 PX4 RD . -2.36 11.65 48.45
C25 PX4 RD . -2.80 11.58 46.97
C26 PX4 RD . -4.00 12.46 46.65
C27 PX4 RD . -4.29 12.56 45.15
C28 PX4 RD . -4.76 11.20 44.64
C29 PX4 RD . -5.19 11.28 43.17
C30 PX4 RD . -5.81 9.97 42.68
C31 PX4 RD . -5.79 10.15 41.16
C32 PX4 RD . -6.30 8.98 40.31
C33 PX4 RD . -6.56 9.09 38.81
C34 PX4 RD . -6.94 7.74 38.20
C35 PX4 RD . -7.19 7.93 36.71
C36 PX4 RD . -8.04 6.79 36.13
O1 PX4 SD . 9.73 10.43 48.13
O2 PX4 SD . 8.27 8.56 49.16
P1 PX4 SD . 9.37 9.00 48.28
O3 PX4 SD . 10.72 8.51 49.03
C1 PX4 SD . 11.87 8.89 48.28
C2 PX4 SD . 13.18 9.10 49.03
N1 PX4 SD . 14.28 9.76 48.31
C3 PX4 SD . 15.48 9.63 49.17
C4 PX4 SD . 14.62 9.08 47.04
C5 PX4 SD . 14.13 11.20 48.09
O4 PX4 SD . 9.54 8.08 46.96
C6 PX4 SD . 9.24 6.72 47.31
C7 PX4 SD . 9.08 5.79 46.10
C8 PX4 SD . 8.33 6.63 45.08
O5 PX4 SD . 7.02 6.15 44.70
C9 PX4 SD . 6.11 7.16 44.74
O6 PX4 SD . 6.47 8.34 44.68
C10 PX4 SD . 4.64 6.73 44.74
C11 PX4 SD . 3.78 7.04 43.52
C12 PX4 SD . 2.43 6.33 43.50
C13 PX4 SD . 1.74 6.54 42.16
C14 PX4 SD . 1.07 5.35 41.50
C15 PX4 SD . 0.59 5.74 40.10
C16 PX4 SD . 0.15 4.61 39.17
C17 PX4 SD . 1.26 3.56 39.04
C18 PX4 SD . 0.97 2.42 38.07
C19 PX4 SD . 0.89 2.81 36.59
C20 PX4 SD . 0.26 1.61 35.89
C21 PX4 SD . -0.57 2.25 34.78
C22 PX4 SD . -1.27 1.18 33.94
O7 PX4 SD . 10.35 5.27 45.68
C23 PX4 SD . 10.19 4.31 44.72
O8 PX4 SD . 9.11 3.80 44.46
C24 PX4 SD . 11.46 4.15 43.89
C25 PX4 SD . 11.78 5.42 43.08
C26 PX4 SD . 13.14 5.32 42.37
C27 PX4 SD . 13.44 6.36 41.30
C28 PX4 SD . 14.88 6.02 40.91
C29 PX4 SD . 14.83 4.82 39.95
C30 PX4 SD . 16.16 4.24 39.47
C31 PX4 SD . 16.98 5.27 38.70
C32 PX4 SD . 18.43 4.77 38.48
C33 PX4 SD . 19.10 5.86 37.63
C34 PX4 SD . 18.95 7.19 38.36
C35 PX4 SD . 19.49 8.30 37.45
C36 PX4 SD . 18.65 8.50 36.18
O1 PX4 TD . 8.00 12.06 51.93
O2 PX4 TD . 9.50 14.07 51.74
P1 PX4 TD . 8.25 13.38 51.32
O3 PX4 TD . 6.96 14.24 51.73
C1 PX4 TD . 7.11 14.27 53.16
C2 PX4 TD . 6.21 15.28 53.87
N1 PX4 TD . 6.52 16.71 53.76
C3 PX4 TD . 6.37 17.34 52.43
C4 PX4 TD . 5.64 17.45 54.69
C5 PX4 TD . 7.90 16.85 54.24
O4 PX4 TD . 8.03 13.38 49.72
C6 PX4 TD . 8.39 14.70 49.36
C7 PX4 TD . 7.95 15.15 47.98
C8 PX4 TD . 8.05 13.93 47.07
O5 PX4 TD . 7.66 14.01 45.69
C9 PX4 TD . 6.34 13.68 45.57
O6 PX4 TD . 5.71 12.96 46.36
C10 PX4 TD . 5.85 13.86 44.13
C11 PX4 TD . 5.58 12.54 43.40
C12 PX4 TD . 5.05 12.67 41.97
C13 PX4 TD . 3.62 13.24 41.96
C14 PX4 TD . 2.95 12.96 40.63
C15 PX4 TD . 3.80 13.55 39.51
C16 PX4 TD . 3.22 13.38 38.11
C17 PX4 TD . 3.97 14.33 37.17
C18 PX4 TD . 3.25 14.23 35.84
C19 PX4 TD . 3.89 15.24 34.87
C20 PX4 TD . 3.27 15.08 33.47
C21 PX4 TD . 3.69 16.34 32.73
C22 PX4 TD . 5.21 16.30 32.51
O7 PX4 TD . 6.63 15.72 47.97
C23 PX4 TD . 6.45 17.00 48.38
O8 PX4 TD . 7.36 17.57 48.99
C24 PX4 TD . 5.04 17.57 48.24
C25 PX4 TD . 4.40 16.55 47.29
C26 PX4 TD . 3.01 16.92 46.76
C27 PX4 TD . 2.46 15.89 45.77
C28 PX4 TD . 1.09 16.11 45.13
C29 PX4 TD . 0.62 14.95 44.27
C30 PX4 TD . -0.71 15.18 43.53
C31 PX4 TD . -1.12 13.97 42.70
C32 PX4 TD . -2.04 14.52 41.61
C33 PX4 TD . -1.97 13.55 40.44
C34 PX4 TD . -0.53 13.40 39.97
C35 PX4 TD . -0.36 12.28 38.93
C36 PX4 TD . -1.45 12.37 37.85
O1 PX4 UD . 8.98 23.07 50.91
O2 PX4 UD . 11.46 22.32 50.98
P1 PX4 UD . 10.24 22.72 50.24
O3 PX4 UD . 10.85 24.05 49.59
C1 PX4 UD . 10.15 25.30 49.59
C2 PX4 UD . 10.67 26.38 48.63
N1 PX4 UD . 11.95 27.07 48.87
C3 PX4 UD . 12.23 27.46 50.27
C4 PX4 UD . 12.97 26.30 48.15
C5 PX4 UD . 11.84 28.38 48.20
O4 PX4 UD . 9.84 21.81 48.97
C6 PX4 UD . 10.99 21.68 48.15
C7 PX4 UD . 10.67 21.38 46.68
C8 PX4 UD . 9.16 21.16 46.65
O5 PX4 UD . 8.63 20.33 45.61
C9 PX4 UD . 7.31 20.04 45.80
O6 PX4 UD . 6.80 19.87 46.91
C10 PX4 UD . 6.70 19.56 44.48
C11 PX4 UD . 7.07 18.09 44.30
C12 PX4 UD . 6.34 17.68 43.03
C13 PX4 UD . 4.87 18.08 43.21
C14 PX4 UD . 3.89 18.04 42.03
C15 PX4 UD . 2.45 18.07 42.55
C16 PX4 UD . 1.48 18.48 41.44
C17 PX4 UD . 1.54 17.43 40.33
C18 PX4 UD . 0.50 17.65 39.24
C19 PX4 UD . 0.62 16.45 38.29
C20 PX4 UD . -0.40 16.53 37.15
C21 PX4 UD . -0.22 15.49 36.05
C22 PX4 UD . -1.47 15.59 35.18
O7 PX4 UD . 11.04 22.47 45.81
C23 PX4 UD . 12.35 22.72 45.56
O8 PX4 UD . 13.19 22.34 46.38
C24 PX4 UD . 12.48 24.01 44.75
C25 PX4 UD . 11.59 24.12 43.50
C26 PX4 UD . 12.09 23.23 42.36
C27 PX4 UD . 11.02 23.32 41.29
C28 PX4 UD . 11.57 22.92 39.92
C29 PX4 UD . 12.41 24.04 39.28
C30 PX4 UD . 12.78 23.62 37.86
C31 PX4 UD . 13.95 24.51 37.42
C32 PX4 UD . 14.29 24.22 35.95
C33 PX4 UD . 13.31 24.93 35.02
C34 PX4 UD . 13.99 25.26 33.69
C35 PX4 UD . 13.04 25.90 32.68
C36 PX4 UD . 12.51 27.31 33.00
O1 PX4 VD . 17.25 12.73 46.95
O2 PX4 VD . 17.53 10.66 45.47
P1 PX4 VD . 17.47 12.14 45.61
O3 PX4 VD . 18.93 12.55 45.10
C1 PX4 VD . 19.89 11.92 45.96
C2 PX4 VD . 21.33 12.36 45.75
N1 PX4 VD . 22.40 11.69 46.51
C3 PX4 VD . 23.68 12.26 46.10
C4 PX4 VD . 22.27 11.98 47.96
C5 PX4 VD . 22.54 10.24 46.37
O4 PX4 VD . 16.56 12.70 44.40
C6 PX4 VD . 15.20 12.80 44.81
C7 PX4 VD . 14.27 12.67 43.60
C8 PX4 VD . 14.99 13.11 42.32
O5 PX4 VD . 14.89 14.46 41.88
C9 PX4 VD . 15.85 14.98 41.05
O6 PX4 VD . 17.01 14.56 41.20
C10 PX4 VD . 15.51 16.22 40.26
C11 PX4 VD . 14.11 16.05 39.65
C12 PX4 VD . 13.96 14.84 38.72
C13 PX4 VD . 12.58 14.66 38.08
C14 PX4 VD . 12.55 13.58 36.98
C15 PX4 VD . 11.15 13.21 36.51
C16 PX4 VD . 11.35 12.12 35.44
C17 PX4 VD . 10.00 11.92 34.75
C18 PX4 VD . 9.92 10.74 33.78
C19 PX4 VD . 8.53 10.57 33.17
C20 PX4 VD . 8.29 11.90 32.44
C21 PX4 VD . 7.21 11.81 31.36
C22 PX4 VD . 5.89 11.44 32.04
O7 PX4 VD . 13.86 11.30 43.53
C23 PX4 VD . 12.87 10.92 44.38
O8 PX4 VD . 12.63 11.50 45.44
C24 PX4 VD . 12.24 9.58 43.94
C25 PX4 VD . 11.31 10.09 42.84
C26 PX4 VD . 10.82 8.78 42.19
C27 PX4 VD . 10.09 9.24 40.92
C28 PX4 VD . 9.34 8.02 40.38
C29 PX4 VD . 8.27 7.48 41.32
C30 PX4 VD . 7.68 6.13 40.90
C31 PX4 VD . 6.19 5.89 41.11
C32 PX4 VD . 5.89 4.59 40.35
C33 PX4 VD . 6.31 4.86 38.91
C34 PX4 VD . 5.67 3.69 38.16
C35 PX4 VD . 6.26 3.68 36.76
C36 PX4 VD . 5.62 2.61 35.88
O1 PX4 WD . 29.03 4.49 52.92
O2 PX4 WD . 29.43 5.54 50.54
P1 PX4 WD . 28.62 4.77 51.52
O3 PX4 WD . 27.29 5.64 51.72
C1 PX4 WD . 27.42 6.76 52.60
C2 PX4 WD . 26.08 7.45 52.80
N1 PX4 WD . 26.15 8.80 53.38
C3 PX4 WD . 24.79 9.37 53.32
C4 PX4 WD . 26.48 8.72 54.82
C5 PX4 WD . 26.92 9.78 52.63
O4 PX4 WD . 27.85 3.54 50.83
C6 PX4 WD . 27.53 4.13 49.55
C7 PX4 WD . 26.70 3.20 48.66
C8 PX4 WD . 25.28 3.76 48.69
O5 PX4 WD . 25.08 4.89 47.85
C9 PX4 WD . 23.99 5.70 47.93
O6 PX4 WD . 23.45 5.64 49.04
C10 PX4 WD . 23.73 6.68 46.79
C11 PX4 WD . 22.62 6.19 45.87
C12 PX4 WD . 23.19 5.61 44.56
C13 PX4 WD . 22.02 5.07 43.74
C14 PX4 WD . 22.48 4.76 42.31
C15 PX4 WD . 23.08 5.98 41.63
C16 PX4 WD . 23.64 5.70 40.24
C17 PX4 WD . 22.46 5.30 39.37
C18 PX4 WD . 22.93 4.71 38.03
C19 PX4 WD . 23.53 3.32 38.21
C20 PX4 WD . 23.92 2.86 36.80
C21 PX4 WD . 24.94 1.72 36.76
C22 PX4 WD . 25.14 1.15 35.35
O7 PX4 WD . 27.28 2.99 47.37
C23 PX4 WD . 26.79 1.92 46.68
O8 PX4 WD . 26.26 0.97 47.26
C24 PX4 WD . 27.26 1.82 45.23
C25 PX4 WD . 26.11 1.71 44.22
C26 PX4 WD . 26.66 1.65 42.80
C27 PX4 WD . 25.74 1.98 41.63
C28 PX4 WD . 26.53 2.03 40.32
C29 PX4 WD . 27.40 0.83 39.94
C30 PX4 WD . 28.10 1.01 38.60
C31 PX4 WD . 29.08 -0.14 38.33
C32 PX4 WD . 30.07 -0.43 39.46
C33 PX4 WD . 30.79 -1.70 38.98
C34 PX4 WD . 29.75 -2.82 38.79
C35 PX4 WD . 30.35 -4.18 38.44
C36 PX4 WD . 31.30 -4.82 39.46
O1 PX4 XD . -13.61 34.36 49.13
O2 PX4 XD . -11.08 33.70 48.92
P1 PX4 XD . -12.21 34.61 48.70
O3 PX4 XD . -11.92 36.04 49.37
C1 PX4 XD . -12.47 36.10 50.70
C2 PX4 XD . -12.03 37.32 51.52
N1 PX4 XD . -12.73 37.66 52.76
C3 PX4 XD . -14.15 38.04 52.67
C4 PX4 XD . -12.51 36.56 53.71
C5 PX4 XD . -12.16 38.82 53.45
O4 PX4 XD . -12.05 35.11 47.18
C6 PX4 XD . -13.19 34.63 46.45
C7 PX4 XD . -13.12 34.56 44.92
C8 PX4 XD . -11.64 34.68 44.53
O5 PX4 XD . -11.25 35.76 43.67
C9 PX4 XD . -9.89 35.80 43.63
O6 PX4 XD . -9.20 34.95 44.18
C10 PX4 XD . -9.28 37.06 43.00
C11 PX4 XD . -8.34 36.77 41.83
C12 PX4 XD . -7.36 37.92 41.64
C13 PX4 XD . -6.38 37.50 40.55
C14 PX4 XD . -7.14 37.44 39.21
C15 PX4 XD . -6.29 36.99 38.02
C16 PX4 XD . -6.81 37.21 36.61
C17 PX4 XD . -5.92 36.45 35.62
C18 PX4 XD . -6.55 36.50 34.24
C19 PX4 XD . -5.81 35.64 33.21
C20 PX4 XD . -6.73 35.46 31.98
C21 PX4 XD . -6.19 34.36 31.05
C22 PX4 XD . -6.99 34.31 29.74
O7 PX4 XD . -13.74 33.42 44.33
C23 PX4 XD . -15.03 33.65 43.99
O8 PX4 XD . -15.68 34.56 44.49
C24 PX4 XD . -15.63 32.90 42.80
C25 PX4 XD . -17.12 32.52 42.81
C26 PX4 XD . -17.50 32.19 41.36
C27 PX4 XD . -17.41 33.50 40.58
C28 PX4 XD . -17.60 33.23 39.09
C29 PX4 XD . -17.20 34.53 38.40
C30 PX4 XD . -17.33 34.41 36.88
C31 PX4 XD . -16.80 35.64 36.13
C32 PX4 XD . -16.95 35.33 34.64
C33 PX4 XD . -16.49 36.50 33.76
C34 PX4 XD . -17.17 36.39 32.40
C35 PX4 XD . -18.27 37.44 32.20
C36 PX4 XD . -18.80 37.29 30.78
O1 PX4 YD . 5.30 29.35 48.65
O2 PX4 YD . 6.96 29.28 50.60
P1 PX4 YD . 6.67 29.57 49.19
O3 PX4 YD . 7.26 31.02 48.83
C1 PX4 YD . 7.26 31.85 50.00
C2 PX4 YD . 7.37 33.31 49.59
N1 PX4 YD . 7.58 34.36 50.60
C3 PX4 YD . 7.92 35.46 49.68
C4 PX4 YD . 6.30 34.59 51.29
C5 PX4 YD . 8.73 34.18 51.49
O4 PX4 YD . 7.58 28.65 48.22
C6 PX4 YD . 7.55 29.29 46.94
C7 PX4 YD . 7.94 28.37 45.77
C8 PX4 YD . 6.91 28.16 44.68
O5 PX4 YD . 5.91 29.18 44.63
C9 PX4 YD . 4.95 28.98 43.69
O6 PX4 YD . 5.09 28.30 42.67
C10 PX4 YD . 3.84 30.04 43.73
C11 PX4 YD . 2.85 29.82 42.61
C12 PX4 YD . 1.62 30.73 42.41
C13 PX4 YD . 1.02 30.47 41.03
C14 PX4 YD . 0.65 31.72 40.22
C15 PX4 YD . -0.38 32.57 40.97
C16 PX4 YD . -0.82 33.67 39.99
C17 PX4 YD . -1.43 33.14 38.70
C18 PX4 YD . -2.81 32.55 38.99
C19 PX4 YD . -3.61 32.97 37.75
C20 PX4 YD . -5.07 32.52 37.74
C21 PX4 YD . -5.70 32.68 36.35
C22 PX4 YD . -7.21 32.47 36.44
O7 PX4 YD . 9.17 28.76 45.16
C23 PX4 YD . 10.11 27.84 44.82
O8 PX4 YD . 10.01 26.65 45.17
C24 PX4 YD . 11.40 28.45 44.31
C25 PX4 YD . 11.82 28.06 42.90
C26 PX4 YD . 13.15 28.70 42.56
C27 PX4 YD . 12.91 29.93 41.68
C28 PX4 YD . 14.24 30.66 41.41
C29 PX4 YD . 14.23 32.05 40.77
C30 PX4 YD . 13.47 31.99 39.44
C31 PX4 YD . 13.34 33.32 38.69
C32 PX4 YD . 12.51 33.05 37.43
C33 PX4 YD . 11.08 32.57 37.72
C34 PX4 YD . 10.36 32.59 36.37
C35 PX4 YD . 8.95 32.02 36.52
C36 PX4 YD . 8.03 31.97 35.30
O1 PX4 ZD . 13.72 30.77 49.24
O2 PX4 ZD . 15.82 29.39 49.99
P1 PX4 ZD . 15.14 30.66 49.68
O3 PX4 ZD . 15.61 31.77 50.75
C1 PX4 ZD . 15.23 33.04 50.23
C2 PX4 ZD . 15.04 34.00 51.40
N1 PX4 ZD . 16.17 34.52 52.19
C3 PX4 ZD . 17.38 34.79 51.39
C4 PX4 ZD . 15.81 35.78 52.88
C5 PX4 ZD . 16.56 33.58 53.25
O4 PX4 ZD . 16.04 31.21 48.47
C6 PX4 ZD . 16.21 30.29 47.38
C7 PX4 ZD . 15.10 30.14 46.34
C8 PX4 ZD . 14.53 31.56 46.20
O5 PX4 ZD . 13.11 31.58 46.11
C9 PX4 ZD . 12.50 32.76 46.44
O6 PX4 ZD . 13.00 33.53 47.28
C10 PX4 ZD . 11.01 32.60 46.17
C11 PX4 ZD . 10.76 32.38 44.66
C12 PX4 ZD . 9.29 32.34 44.28
C13 PX4 ZD . 9.19 31.51 43.01
C14 PX4 ZD . 7.82 31.24 42.36
C15 PX4 ZD . 8.05 30.65 40.96
C16 PX4 ZD . 6.64 30.30 40.45
C17 PX4 ZD . 6.47 30.37 38.93
C18 PX4 ZD . 5.01 30.06 38.61
C19 PX4 ZD . 4.63 28.67 39.14
C20 PX4 ZD . 3.44 28.11 38.35
C21 PX4 ZD . 3.27 26.62 38.71
C22 PX4 ZD . 3.18 26.49 40.21
O7 PX4 ZD . 15.64 29.63 45.12
C23 PX4 ZD . 15.80 28.27 45.08
O8 PX4 ZD . 15.60 27.54 46.04
C24 PX4 ZD . 16.44 27.76 43.80
C25 PX4 ZD . 15.76 26.43 43.44
C26 PX4 ZD . 16.44 25.59 42.36
C27 PX4 ZD . 16.34 26.31 41.01
C28 PX4 ZD . 17.25 25.57 40.04
C29 PX4 ZD . 17.43 26.36 38.74
C30 PX4 ZD . 18.19 27.65 39.05
C31 PX4 ZD . 18.52 28.50 37.82
C32 PX4 ZD . 19.36 27.59 36.93
C33 PX4 ZD . 19.55 28.06 35.49
C34 PX4 ZD . 20.43 29.32 35.59
C35 PX4 ZD . 20.64 30.06 34.27
C36 PX4 ZD . 21.30 31.41 34.52
O1 PX4 AE . -4.05 22.75 53.76
O2 PX4 AE . -2.15 21.05 53.21
P1 PX4 AE . -2.98 22.23 52.90
O3 PX4 AE . -1.87 23.36 53.25
C1 PX4 AE . -1.58 23.18 54.63
C2 PX4 AE . -0.83 24.41 55.16
N1 PX4 AE . 0.47 24.76 54.58
C3 PX4 AE . 0.87 25.93 55.37
C4 PX4 AE . 1.52 23.75 54.74
C5 PX4 AE . 0.35 25.30 53.21
O4 PX4 AE . -3.14 22.83 51.40
C6 PX4 AE . -2.23 22.01 50.67
C7 PX4 AE . -2.49 22.02 49.15
C8 PX4 AE . -3.96 22.41 48.99
O5 PX4 AE . -4.79 21.38 48.46
C9 PX4 AE . -6.13 21.61 48.35
O6 PX4 AE . -6.72 22.37 49.13
C10 PX4 AE . -6.96 20.52 47.70
C11 PX4 AE . -7.40 20.98 46.30
C12 PX4 AE . -8.43 20.01 45.70
C13 PX4 AE . -8.86 20.73 44.43
C14 PX4 AE . -9.06 19.63 43.40
C15 PX4 AE . -9.58 20.14 42.04
C16 PX4 AE . -9.43 19.09 40.95
C17 PX4 AE . -10.13 19.56 39.67
C18 PX4 AE . -9.89 18.52 38.56
C19 PX4 AE . -10.94 18.78 37.48
C20 PX4 AE . -10.54 17.96 36.24
C21 PX4 AE . -11.55 18.20 35.11
C22 PX4 AE . -11.51 17.08 34.07
O7 PX4 AE . -1.49 22.67 48.38
C23 PX4 AE . -0.21 22.19 48.36
O8 PX4 AE . 0.30 21.63 49.32
C24 PX4 AE . 0.69 22.82 47.30
C25 PX4 AE . 1.36 21.75 46.43
C26 PX4 AE . 1.98 22.36 45.17
C27 PX4 AE . 2.76 21.20 44.55
C28 PX4 AE . 3.15 21.69 43.14
C29 PX4 AE . 1.96 22.17 42.32
C30 PX4 AE . 2.41 22.39 40.87
C31 PX4 AE . 1.18 22.64 40.00
C32 PX4 AE . 1.73 22.78 38.58
C33 PX4 AE . 2.37 21.49 38.06
C34 PX4 AE . 3.18 21.70 36.79
C35 PX4 AE . 3.81 20.40 36.31
C36 PX4 AE . 3.02 19.71 35.20
#